data_2WY2
#
_entry.id   2WY2
#
_cell.length_a   1.000
_cell.length_b   1.000
_cell.length_c   1.000
_cell.angle_alpha   90.00
_cell.angle_beta   90.00
_cell.angle_gamma   90.00
#
_symmetry.space_group_name_H-M   'P 1'
#
loop_
_entity.id
_entity.type
_entity.pdbx_description
1 polymer "N\,N'-DIACETYLCHITOBIOSE-SPECIFIC PHOSPHOTRANSFERASE ENZYME IIA COMPONENT"
2 polymer "N\,N'-DIACETYLCHITOBIOSE-SPECIFIC PHOSPHOTRANSFERASE ENZYME IIB COMPONENT"
3 non-polymer 'PHOSPHITE ION'
#
loop_
_entity_poly.entity_id
_entity_poly.type
_entity_poly.pdbx_seq_one_letter_code
_entity_poly.pdbx_strand_id
1 'polypeptide(L)'
;AEELEEVVMGLIINSGQARSLAYAALKQAKQGDFAAAKAMMDQSRMALNEAHLVQTKLIEGDAGEGKMKVSLVLVHAQLH
LMTSMLARELITELIELHEKLKA
;
A,B,C
2 'polypeptide(L)'
;KKHIYLFCSAGMSTSLLVSKMRAQAEKYEVPVIIEAFPETLAGEKGQNADVVLLGPQIAYMLPEIQRLLPNKPVEVIDSL
LYGKVDGLGVLKAAVAAIKKAAA
;
D
#
loop_
_chem_comp.id
_chem_comp.type
_chem_comp.name
_chem_comp.formula
PO3 non-polymer 'PHOSPHITE ION' 'O3 P -3'
#
# COMPACT_ATOMS: atom_id res chain seq x y z
N ALA A 1 0.74 7.29 -18.60
CA ALA A 1 0.24 7.59 -19.96
C ALA A 1 -1.09 6.86 -20.17
N GLU A 2 -1.77 7.18 -21.26
CA GLU A 2 -3.08 6.58 -21.60
C GLU A 2 -3.28 5.20 -20.95
N GLU A 3 -2.80 4.17 -21.63
CA GLU A 3 -2.95 2.80 -21.13
C GLU A 3 -2.16 2.60 -19.84
N LEU A 4 -0.84 2.78 -19.91
CA LEU A 4 0.01 2.60 -18.74
C LEU A 4 -0.63 3.20 -17.48
N GLU A 5 -1.21 4.38 -17.61
CA GLU A 5 -1.84 5.05 -16.47
C GLU A 5 -3.12 4.34 -16.08
N GLU A 6 -3.94 4.01 -17.07
CA GLU A 6 -5.19 3.30 -16.82
C GLU A 6 -4.88 1.88 -16.34
N VAL A 7 -3.80 1.31 -16.88
CA VAL A 7 -3.37 -0.03 -16.50
C VAL A 7 -2.93 -0.05 -15.03
N VAL A 8 -2.20 0.99 -14.63
CA VAL A 8 -1.73 1.10 -13.25
C VAL A 8 -2.95 1.16 -12.33
N MET A 9 -3.95 1.96 -12.70
CA MET A 9 -5.17 2.06 -11.90
C MET A 9 -5.77 0.67 -11.73
N GLY A 10 -5.81 -0.09 -12.82
CA GLY A 10 -6.34 -1.45 -12.77
C GLY A 10 -5.49 -2.31 -11.83
N LEU A 11 -4.17 -2.17 -11.95
CA LEU A 11 -3.26 -2.93 -11.10
C LEU A 11 -3.45 -2.56 -9.64
N ILE A 12 -3.57 -1.27 -9.37
CA ILE A 12 -3.76 -0.80 -8.00
C ILE A 12 -5.06 -1.36 -7.46
N ILE A 13 -6.11 -1.29 -8.26
CA ILE A 13 -7.40 -1.82 -7.85
C ILE A 13 -7.30 -3.33 -7.65
N ASN A 14 -6.65 -4.01 -8.60
CA ASN A 14 -6.47 -5.45 -8.53
C ASN A 14 -5.71 -5.82 -7.26
N SER A 15 -4.61 -5.11 -7.03
CA SER A 15 -3.81 -5.35 -5.83
C SER A 15 -4.65 -5.14 -4.57
N GLY A 16 -5.44 -4.06 -4.60
CA GLY A 16 -6.32 -3.75 -3.47
C GLY A 16 -7.35 -4.86 -3.26
N GLN A 17 -7.95 -5.32 -4.36
CA GLN A 17 -8.94 -6.40 -4.27
C GLN A 17 -8.27 -7.65 -3.72
N ALA A 18 -7.05 -7.92 -4.18
CA ALA A 18 -6.31 -9.09 -3.72
C ALA A 18 -6.15 -9.04 -2.21
N ARG A 19 -5.70 -7.91 -1.69
CA ARG A 19 -5.55 -7.77 -0.25
C ARG A 19 -6.90 -7.95 0.43
N SER A 20 -7.91 -7.28 -0.11
CA SER A 20 -9.25 -7.36 0.44
C SER A 20 -9.68 -8.83 0.57
N LEU A 21 -9.47 -9.59 -0.49
CA LEU A 21 -9.81 -11.01 -0.48
C LEU A 21 -8.97 -11.74 0.58
N ALA A 22 -7.69 -11.40 0.63
CA ALA A 22 -6.79 -12.03 1.60
C ALA A 22 -7.30 -11.80 3.03
N TYR A 23 -7.59 -10.55 3.38
CA TYR A 23 -8.10 -10.25 4.72
C TYR A 23 -9.41 -11.00 4.93
N ALA A 24 -10.25 -11.03 3.90
CA ALA A 24 -11.51 -11.73 3.99
C ALA A 24 -11.24 -13.22 4.25
N ALA A 25 -10.23 -13.75 3.56
CA ALA A 25 -9.84 -15.14 3.75
C ALA A 25 -9.48 -15.38 5.21
N LEU A 26 -8.72 -14.46 5.78
CA LEU A 26 -8.32 -14.57 7.18
C LEU A 26 -9.56 -14.55 8.07
N LYS A 27 -10.48 -13.64 7.77
CA LYS A 27 -11.71 -13.53 8.54
C LYS A 27 -12.45 -14.87 8.56
N GLN A 28 -12.48 -15.54 7.41
CA GLN A 28 -13.15 -16.84 7.31
C GLN A 28 -12.48 -17.81 8.28
N ALA A 29 -11.15 -17.75 8.35
CA ALA A 29 -10.39 -18.62 9.24
C ALA A 29 -10.80 -18.38 10.69
N LYS A 30 -10.95 -17.12 11.05
CA LYS A 30 -11.36 -16.77 12.41
C LYS A 30 -12.72 -17.37 12.73
N GLN A 31 -13.58 -17.50 11.72
CA GLN A 31 -14.89 -18.08 11.93
C GLN A 31 -14.80 -19.60 11.96
N GLY A 32 -13.60 -20.12 11.77
CA GLY A 32 -13.37 -21.56 11.81
C GLY A 32 -13.71 -22.21 10.47
N ASP A 33 -13.83 -21.40 9.43
CA ASP A 33 -14.15 -21.90 8.09
C ASP A 33 -12.88 -22.06 7.26
N PHE A 34 -12.18 -23.18 7.47
CA PHE A 34 -10.93 -23.42 6.73
C PHE A 34 -11.18 -23.60 5.24
N ALA A 35 -12.31 -24.21 4.89
CA ALA A 35 -12.63 -24.46 3.49
C ALA A 35 -12.77 -23.14 2.72
N ALA A 36 -13.56 -22.23 3.26
CA ALA A 36 -13.76 -20.95 2.60
C ALA A 36 -12.46 -20.14 2.60
N ALA A 37 -11.70 -20.23 3.68
CA ALA A 37 -10.43 -19.52 3.75
C ALA A 37 -9.52 -19.99 2.60
N LYS A 38 -9.36 -21.30 2.49
CA LYS A 38 -8.53 -21.90 1.45
C LYS A 38 -8.96 -21.42 0.06
N ALA A 39 -10.26 -21.45 -0.21
CA ALA A 39 -10.77 -21.03 -1.51
C ALA A 39 -10.47 -19.57 -1.79
N MET A 40 -10.61 -18.74 -0.76
CA MET A 40 -10.36 -17.30 -0.90
C MET A 40 -8.88 -17.03 -1.18
N MET A 41 -7.98 -17.76 -0.50
CA MET A 41 -6.55 -17.56 -0.72
C MET A 41 -6.19 -17.92 -2.15
N ASP A 42 -6.77 -19.01 -2.65
CA ASP A 42 -6.47 -19.48 -3.99
C ASP A 42 -6.83 -18.42 -5.02
N GLN A 43 -8.03 -17.87 -4.88
CA GLN A 43 -8.48 -16.82 -5.80
C GLN A 43 -7.61 -15.59 -5.67
N SER A 44 -7.25 -15.24 -4.44
CA SER A 44 -6.40 -14.08 -4.20
C SER A 44 -5.06 -14.28 -4.91
N ARG A 45 -4.49 -15.47 -4.78
CA ARG A 45 -3.22 -15.82 -5.43
C ARG A 45 -3.32 -15.66 -6.95
N MET A 46 -4.40 -16.18 -7.51
CA MET A 46 -4.63 -16.11 -8.95
C MET A 46 -4.72 -14.65 -9.40
N ALA A 47 -5.41 -13.83 -8.62
CA ALA A 47 -5.56 -12.41 -8.94
C ALA A 47 -4.19 -11.74 -9.00
N LEU A 48 -3.35 -12.05 -8.02
CA LEU A 48 -2.00 -11.49 -7.95
C LEU A 48 -1.15 -11.98 -9.12
N ASN A 49 -1.29 -13.26 -9.41
CA ASN A 49 -0.51 -13.87 -10.48
C ASN A 49 -0.77 -13.15 -11.80
N GLU A 50 -2.04 -12.89 -12.07
CA GLU A 50 -2.41 -12.17 -13.29
C GLU A 50 -1.86 -10.75 -13.23
N ALA A 51 -1.97 -10.13 -12.05
CA ALA A 51 -1.47 -8.77 -11.87
C ALA A 51 0.06 -8.75 -12.05
N HIS A 52 0.73 -9.71 -11.44
CA HIS A 52 2.19 -9.81 -11.54
C HIS A 52 2.61 -10.01 -13.00
N LEU A 53 1.86 -10.83 -13.72
CA LEU A 53 2.16 -11.11 -15.12
C LEU A 53 2.11 -9.82 -15.93
N VAL A 54 1.08 -9.02 -15.68
CA VAL A 54 0.94 -7.75 -16.38
C VAL A 54 2.11 -6.84 -16.04
N GLN A 55 2.46 -6.79 -14.76
CA GLN A 55 3.59 -5.96 -14.34
C GLN A 55 4.88 -6.45 -15.01
N THR A 56 5.08 -7.76 -15.08
CA THR A 56 6.28 -8.32 -15.72
C THR A 56 6.46 -7.71 -17.11
N LYS A 57 5.37 -7.66 -17.88
CA LYS A 57 5.43 -7.06 -19.22
C LYS A 57 5.76 -5.59 -19.10
N LEU A 58 5.18 -4.94 -18.10
CA LEU A 58 5.43 -3.52 -17.90
C LEU A 58 6.87 -3.24 -17.48
N ILE A 59 7.58 -4.25 -16.98
CA ILE A 59 8.99 -4.06 -16.60
C ILE A 59 9.93 -4.47 -17.76
N GLU A 60 9.55 -5.49 -18.53
CA GLU A 60 10.37 -5.95 -19.66
C GLU A 60 10.46 -4.88 -20.74
N GLY A 61 9.34 -4.20 -21.01
CA GLY A 61 9.31 -3.17 -22.03
C GLY A 61 9.20 -1.78 -21.42
N ASP A 62 9.80 -1.60 -20.24
CA ASP A 62 9.75 -0.32 -19.54
C ASP A 62 10.49 0.78 -20.32
N ALA A 63 11.17 0.39 -21.40
CA ALA A 63 11.90 1.36 -22.21
C ALA A 63 10.97 2.06 -23.19
N GLY A 64 11.49 3.07 -23.89
CA GLY A 64 10.68 3.81 -24.86
C GLY A 64 10.81 5.32 -24.66
N GLU A 65 10.45 5.80 -23.47
CA GLU A 65 10.53 7.23 -23.19
C GLU A 65 11.97 7.72 -23.18
N GLY A 66 12.86 6.90 -22.64
CA GLY A 66 14.28 7.27 -22.58
C GLY A 66 15.15 6.04 -22.36
N LYS A 67 16.47 6.25 -22.44
CA LYS A 67 17.41 5.15 -22.27
C LYS A 67 17.39 4.63 -20.82
N MET A 68 18.11 5.32 -19.94
CA MET A 68 18.20 4.93 -18.54
C MET A 68 16.88 5.05 -17.79
N LYS A 69 16.13 6.12 -18.08
CA LYS A 69 14.87 6.35 -17.37
C LYS A 69 13.76 5.39 -17.80
N VAL A 70 12.84 5.14 -16.87
CA VAL A 70 11.71 4.23 -17.10
C VAL A 70 10.41 4.88 -16.65
N SER A 71 9.28 4.23 -16.95
CA SER A 71 7.98 4.77 -16.55
C SER A 71 7.94 4.91 -15.03
N LEU A 72 7.54 6.10 -14.57
CA LEU A 72 7.48 6.40 -13.14
C LEU A 72 6.43 5.55 -12.41
N VAL A 73 5.30 5.39 -13.07
CA VAL A 73 4.18 4.62 -12.52
C VAL A 73 4.55 3.16 -12.22
N LEU A 74 5.61 2.68 -12.87
CA LEU A 74 6.04 1.32 -12.67
C LEU A 74 6.12 1.07 -11.17
N VAL A 75 6.56 2.08 -10.44
CA VAL A 75 6.68 2.00 -8.99
C VAL A 75 5.29 1.95 -8.30
N HIS A 76 4.29 2.78 -8.73
CA HIS A 76 2.93 2.77 -8.11
C HIS A 76 2.37 1.36 -8.18
N ALA A 77 2.64 0.67 -9.29
CA ALA A 77 2.17 -0.69 -9.47
C ALA A 77 3.03 -1.69 -8.68
N GLN A 78 4.35 -1.50 -8.73
CA GLN A 78 5.26 -2.40 -8.02
C GLN A 78 5.03 -2.31 -6.51
N LEU A 79 4.96 -1.09 -6.01
CA LEU A 79 4.72 -0.86 -4.59
C LEU A 79 3.44 -1.54 -4.13
N HIS A 80 2.35 -1.32 -4.85
CA HIS A 80 1.08 -1.91 -4.47
C HIS A 80 1.12 -3.44 -4.62
N LEU A 81 1.65 -3.90 -5.74
CA LEU A 81 1.74 -5.34 -5.99
C LEU A 81 2.64 -6.04 -4.98
N MET A 82 3.80 -5.45 -4.70
CA MET A 82 4.74 -6.05 -3.75
C MET A 82 4.11 -6.14 -2.37
N THR A 83 3.46 -5.05 -1.96
CA THR A 83 2.81 -5.00 -0.65
C THR A 83 1.69 -6.04 -0.56
N SER A 84 0.84 -6.07 -1.58
CA SER A 84 -0.29 -7.01 -1.61
C SER A 84 0.20 -8.46 -1.60
N MET A 85 1.16 -8.78 -2.45
CA MET A 85 1.69 -10.14 -2.51
C MET A 85 2.26 -10.57 -1.18
N LEU A 86 3.07 -9.70 -0.59
CA LEU A 86 3.68 -10.00 0.70
C LEU A 86 2.61 -10.19 1.78
N ALA A 87 1.64 -9.28 1.79
CA ALA A 87 0.56 -9.36 2.76
C ALA A 87 -0.15 -10.70 2.67
N ARG A 88 -0.49 -11.10 1.47
CA ARG A 88 -1.18 -12.37 1.27
C ARG A 88 -0.35 -13.55 1.78
N GLU A 89 0.93 -13.57 1.45
CA GLU A 89 1.77 -14.67 1.88
C GLU A 89 1.79 -14.78 3.39
N LEU A 90 1.95 -13.65 4.06
CA LEU A 90 1.96 -13.64 5.51
C LEU A 90 0.58 -14.03 6.05
N ILE A 91 -0.46 -13.51 5.42
CA ILE A 91 -1.82 -13.85 5.84
C ILE A 91 -2.03 -15.35 5.69
N THR A 92 -1.50 -15.92 4.61
CA THR A 92 -1.60 -17.37 4.40
C THR A 92 -0.98 -18.10 5.59
N GLU A 93 0.20 -17.64 6.01
CA GLU A 93 0.88 -18.23 7.16
C GLU A 93 0.02 -18.08 8.40
N LEU A 94 -0.57 -16.89 8.56
CA LEU A 94 -1.43 -16.62 9.72
C LEU A 94 -2.62 -17.59 9.71
N ILE A 95 -3.20 -17.80 8.55
CA ILE A 95 -4.34 -18.73 8.44
C ILE A 95 -3.90 -20.14 8.83
N GLU A 96 -2.72 -20.56 8.36
CA GLU A 96 -2.22 -21.88 8.71
C GLU A 96 -2.08 -22.00 10.22
N LEU A 97 -1.64 -20.91 10.87
CA LEU A 97 -1.51 -20.92 12.32
C LEU A 97 -2.88 -21.12 12.98
N HIS A 98 -3.89 -20.46 12.44
CA HIS A 98 -5.25 -20.62 12.98
C HIS A 98 -5.63 -22.08 12.92
N GLU A 99 -5.25 -22.75 11.84
CA GLU A 99 -5.55 -24.17 11.68
C GLU A 99 -4.81 -24.98 12.74
N LYS A 100 -3.56 -24.62 13.01
CA LYS A 100 -2.79 -25.32 14.02
C LYS A 100 -3.39 -25.06 15.41
N LEU A 101 -3.92 -23.84 15.61
CA LEU A 101 -4.56 -23.49 16.88
C LEU A 101 -5.80 -24.37 17.09
N LYS A 102 -6.02 -25.30 16.15
CA LYS A 102 -7.18 -26.20 16.21
C LYS A 102 -8.43 -25.52 15.71
N ALA A 103 -8.82 -24.42 16.39
CA ALA A 103 -10.03 -23.67 16.04
C ALA A 103 -10.30 -23.65 14.53
N ALA B 1 22.66 3.11 -13.51
CA ALA B 1 23.97 3.34 -14.19
C ALA B 1 24.86 2.13 -13.94
N GLU B 2 26.00 2.08 -14.64
CA GLU B 2 26.95 0.97 -14.53
C GLU B 2 26.86 0.24 -13.18
N GLU B 3 27.57 0.74 -12.19
CA GLU B 3 27.58 0.13 -10.87
C GLU B 3 26.22 0.21 -10.20
N LEU B 4 25.72 1.44 -10.02
CA LEU B 4 24.42 1.61 -9.38
C LEU B 4 23.38 0.61 -9.91
N GLU B 5 23.37 0.41 -11.22
CA GLU B 5 22.42 -0.52 -11.83
C GLU B 5 22.76 -1.95 -11.47
N GLU B 6 24.03 -2.30 -11.57
CA GLU B 6 24.50 -3.63 -11.23
C GLU B 6 24.38 -3.85 -9.73
N VAL B 7 24.60 -2.79 -8.97
CA VAL B 7 24.51 -2.85 -7.52
C VAL B 7 23.05 -3.11 -7.10
N VAL B 8 22.12 -2.44 -7.77
CA VAL B 8 20.69 -2.63 -7.49
C VAL B 8 20.33 -4.08 -7.74
N MET B 9 20.80 -4.63 -8.86
CA MET B 9 20.52 -6.03 -9.18
C MET B 9 21.01 -6.91 -8.03
N GLY B 10 22.21 -6.62 -7.53
CA GLY B 10 22.75 -7.37 -6.41
C GLY B 10 21.86 -7.21 -5.19
N LEU B 11 21.44 -5.98 -4.93
CA LEU B 11 20.56 -5.70 -3.79
C LEU B 11 19.24 -6.44 -3.93
N ILE B 12 18.67 -6.41 -5.13
CA ILE B 12 17.40 -7.09 -5.38
C ILE B 12 17.57 -8.58 -5.14
N ILE B 13 18.66 -9.12 -5.68
CA ILE B 13 18.94 -10.54 -5.50
C ILE B 13 19.17 -10.83 -4.02
N ASN B 14 19.95 -9.98 -3.36
CA ASN B 14 20.24 -10.16 -1.94
C ASN B 14 18.94 -10.10 -1.13
N SER B 15 18.11 -9.11 -1.42
CA SER B 15 16.83 -8.99 -0.74
C SER B 15 15.98 -10.23 -0.97
N GLY B 16 15.99 -10.71 -2.22
CA GLY B 16 15.23 -11.91 -2.57
C GLY B 16 15.76 -13.12 -1.81
N GLN B 17 17.08 -13.25 -1.75
CA GLN B 17 17.68 -14.37 -1.03
C GLN B 17 17.31 -14.28 0.45
N ALA B 18 17.35 -13.06 0.98
CA ALA B 18 17.00 -12.84 2.37
C ALA B 18 15.60 -13.36 2.66
N ARG B 19 14.64 -12.97 1.84
CA ARG B 19 13.27 -13.44 2.02
C ARG B 19 13.24 -14.96 1.90
N SER B 20 13.90 -15.47 0.86
CA SER B 20 13.94 -16.91 0.64
C SER B 20 14.41 -17.63 1.89
N LEU B 21 15.50 -17.13 2.48
CA LEU B 21 16.04 -17.73 3.71
C LEU B 21 15.01 -17.60 4.83
N ALA B 22 14.37 -16.44 4.93
CA ALA B 22 13.37 -16.20 5.97
C ALA B 22 12.24 -17.23 5.85
N TYR B 23 11.67 -17.38 4.65
CA TYR B 23 10.60 -18.36 4.46
C TYR B 23 11.12 -19.75 4.79
N ALA B 24 12.36 -20.04 4.38
CA ALA B 24 12.95 -21.33 4.67
C ALA B 24 13.06 -21.49 6.19
N ALA B 25 13.43 -20.41 6.87
CA ALA B 25 13.53 -20.43 8.33
C ALA B 25 12.18 -20.80 8.92
N LEU B 26 11.12 -20.21 8.39
CA LEU B 26 9.78 -20.50 8.86
C LEU B 26 9.45 -21.97 8.62
N LYS B 27 9.80 -22.46 7.44
CA LYS B 27 9.55 -23.86 7.11
C LYS B 27 10.21 -24.78 8.14
N GLN B 28 11.43 -24.43 8.54
CA GLN B 28 12.13 -25.23 9.56
C GLN B 28 11.31 -25.26 10.84
N ALA B 29 10.74 -24.11 11.19
CA ALA B 29 9.91 -24.02 12.40
C ALA B 29 8.73 -24.97 12.31
N LYS B 30 8.09 -25.01 11.14
CA LYS B 30 6.95 -25.90 10.94
C LYS B 30 7.36 -27.35 11.16
N GLN B 31 8.62 -27.67 10.83
CA GLN B 31 9.10 -29.04 11.01
C GLN B 31 9.46 -29.28 12.48
N GLY B 32 9.32 -28.24 13.29
CA GLY B 32 9.63 -28.35 14.72
C GLY B 32 11.13 -28.18 14.99
N ASP B 33 11.86 -27.66 14.00
CA ASP B 33 13.29 -27.46 14.14
C ASP B 33 13.60 -26.02 14.53
N PHE B 34 13.47 -25.71 15.81
CA PHE B 34 13.73 -24.34 16.29
C PHE B 34 15.18 -23.94 16.10
N ALA B 35 16.09 -24.90 16.27
CA ALA B 35 17.52 -24.60 16.15
C ALA B 35 17.86 -24.12 14.74
N ALA B 36 17.43 -24.87 13.74
CA ALA B 36 17.71 -24.50 12.36
C ALA B 36 16.98 -23.20 12.01
N ALA B 37 15.77 -23.03 12.51
CA ALA B 37 15.03 -21.80 12.24
C ALA B 37 15.82 -20.61 12.74
N LYS B 38 16.23 -20.68 14.02
CA LYS B 38 17.01 -19.60 14.63
C LYS B 38 18.27 -19.27 13.81
N ALA B 39 18.99 -20.29 13.40
CA ALA B 39 20.21 -20.10 12.61
C ALA B 39 19.91 -19.41 11.28
N MET B 40 18.83 -19.82 10.64
CA MET B 40 18.44 -19.26 9.36
C MET B 40 18.05 -17.78 9.51
N MET B 41 17.32 -17.45 10.57
CA MET B 41 16.92 -16.06 10.78
C MET B 41 18.15 -15.17 10.97
N ASP B 42 19.12 -15.68 11.73
CA ASP B 42 20.33 -14.93 12.01
C ASP B 42 21.06 -14.57 10.73
N GLN B 43 21.21 -15.58 9.86
CA GLN B 43 21.88 -15.36 8.59
C GLN B 43 21.08 -14.40 7.72
N SER B 44 19.76 -14.54 7.73
CA SER B 44 18.91 -13.65 6.95
C SER B 44 19.13 -12.20 7.41
N ARG B 45 19.14 -12.00 8.73
CA ARG B 45 19.35 -10.68 9.30
C ARG B 45 20.69 -10.09 8.83
N MET B 46 21.74 -10.90 8.89
CA MET B 46 23.07 -10.45 8.49
C MET B 46 23.05 -10.04 7.02
N ALA B 47 22.37 -10.84 6.20
CA ALA B 47 22.27 -10.53 4.77
C ALA B 47 21.58 -9.19 4.56
N LEU B 48 20.50 -8.97 5.31
CA LEU B 48 19.75 -7.72 5.21
C LEU B 48 20.59 -6.55 5.72
N ASN B 49 21.30 -6.78 6.81
CA ASN B 49 22.13 -5.75 7.40
C ASN B 49 23.18 -5.26 6.40
N GLU B 50 23.83 -6.19 5.73
CA GLU B 50 24.82 -5.83 4.72
C GLU B 50 24.17 -5.10 3.57
N ALA B 51 23.00 -5.58 3.17
CA ALA B 51 22.25 -4.96 2.08
C ALA B 51 21.83 -3.54 2.48
N HIS B 52 21.32 -3.41 3.70
CA HIS B 52 20.88 -2.11 4.21
C HIS B 52 22.06 -1.13 4.27
N LEU B 53 23.22 -1.64 4.69
CA LEU B 53 24.42 -0.80 4.79
C LEU B 53 24.77 -0.23 3.41
N VAL B 54 24.71 -1.09 2.40
CA VAL B 54 25.03 -0.66 1.04
C VAL B 54 24.01 0.40 0.61
N GLN B 55 22.73 0.16 0.90
CA GLN B 55 21.70 1.13 0.53
C GLN B 55 21.96 2.45 1.25
N THR B 56 22.32 2.39 2.54
CA THR B 56 22.60 3.61 3.30
C THR B 56 23.57 4.50 2.53
N LYS B 57 24.65 3.90 2.04
CA LYS B 57 25.62 4.66 1.25
C LYS B 57 24.97 5.20 -0.01
N LEU B 58 24.12 4.39 -0.61
CA LEU B 58 23.44 4.78 -1.84
C LEU B 58 22.45 5.93 -1.59
N ILE B 59 22.02 6.12 -0.32
CA ILE B 59 21.11 7.23 -0.01
C ILE B 59 21.88 8.48 0.45
N GLU B 60 23.00 8.27 1.16
CA GLU B 60 23.81 9.39 1.64
C GLU B 60 24.42 10.17 0.46
N GLY B 61 24.86 9.43 -0.55
CA GLY B 61 25.49 10.05 -1.72
C GLY B 61 24.59 9.96 -2.95
N ASP B 62 23.28 10.02 -2.73
CA ASP B 62 22.32 9.93 -3.82
C ASP B 62 22.41 11.14 -4.77
N ALA B 63 23.21 12.12 -4.40
CA ALA B 63 23.36 13.32 -5.23
C ALA B 63 24.37 13.07 -6.34
N GLY B 64 24.50 14.03 -7.26
CA GLY B 64 25.44 13.90 -8.37
C GLY B 64 24.78 14.23 -9.71
N GLU B 65 23.73 13.48 -10.05
CA GLU B 65 23.03 13.70 -11.32
C GLU B 65 22.34 15.07 -11.33
N GLY B 66 21.76 15.45 -10.20
CA GLY B 66 21.07 16.73 -10.11
C GLY B 66 20.91 17.16 -8.66
N LYS B 67 20.42 18.38 -8.47
CA LYS B 67 20.23 18.92 -7.13
C LYS B 67 19.13 18.16 -6.38
N MET B 68 17.88 18.54 -6.66
CA MET B 68 16.72 17.93 -6.01
C MET B 68 16.52 16.47 -6.40
N LYS B 69 16.75 16.13 -7.66
CA LYS B 69 16.54 14.76 -8.14
C LYS B 69 17.62 13.80 -7.64
N VAL B 70 17.22 12.52 -7.52
CA VAL B 70 18.11 11.47 -7.05
C VAL B 70 18.02 10.24 -7.98
N SER B 71 18.89 9.26 -7.76
CA SER B 71 18.88 8.05 -8.59
C SER B 71 17.52 7.37 -8.49
N LEU B 72 16.93 7.04 -9.64
CA LEU B 72 15.60 6.45 -9.66
C LEU B 72 15.59 5.04 -9.04
N VAL B 73 16.65 4.30 -9.35
CA VAL B 73 16.80 2.93 -8.88
C VAL B 73 16.83 2.84 -7.34
N LEU B 74 17.12 3.96 -6.69
CA LEU B 74 17.19 3.98 -5.24
C LEU B 74 15.90 3.38 -4.68
N VAL B 75 14.79 3.72 -5.31
CA VAL B 75 13.50 3.22 -4.90
C VAL B 75 13.39 1.73 -5.10
N HIS B 76 13.86 1.29 -6.25
CA HIS B 76 13.81 -0.12 -6.59
C HIS B 76 14.49 -0.94 -5.49
N ALA B 77 15.67 -0.50 -5.07
CA ALA B 77 16.40 -1.18 -4.00
C ALA B 77 15.69 -1.00 -2.65
N GLN B 78 15.17 0.21 -2.42
CA GLN B 78 14.47 0.51 -1.16
C GLN B 78 13.21 -0.34 -1.04
N LEU B 79 12.44 -0.39 -2.12
CA LEU B 79 11.22 -1.18 -2.14
C LEU B 79 11.49 -2.65 -1.82
N HIS B 80 12.48 -3.23 -2.48
CA HIS B 80 12.80 -4.62 -2.24
C HIS B 80 13.36 -4.83 -0.84
N LEU B 81 14.27 -3.95 -0.44
CA LEU B 81 14.88 -4.06 0.89
C LEU B 81 13.85 -3.85 2.00
N MET B 82 13.00 -2.85 1.86
CA MET B 82 11.98 -2.57 2.87
C MET B 82 11.02 -3.75 3.01
N THR B 83 10.59 -4.28 1.87
CA THR B 83 9.67 -5.41 1.87
C THR B 83 10.32 -6.64 2.50
N SER B 84 11.55 -6.94 2.10
CA SER B 84 12.26 -8.09 2.64
C SER B 84 12.50 -7.97 4.14
N MET B 85 12.97 -6.81 4.58
CA MET B 85 13.24 -6.60 6.01
C MET B 85 11.96 -6.76 6.83
N LEU B 86 10.89 -6.14 6.36
CA LEU B 86 9.61 -6.21 7.06
C LEU B 86 9.11 -7.65 7.12
N ALA B 87 9.17 -8.33 5.98
CA ALA B 87 8.72 -9.71 5.90
C ALA B 87 9.49 -10.58 6.88
N ARG B 88 10.79 -10.44 6.86
CA ARG B 88 11.65 -11.22 7.75
C ARG B 88 11.28 -10.97 9.21
N GLU B 89 11.08 -9.70 9.59
CA GLU B 89 10.75 -9.38 10.97
C GLU B 89 9.43 -10.05 11.37
N LEU B 90 8.44 -9.96 10.50
CA LEU B 90 7.14 -10.56 10.78
C LEU B 90 7.28 -12.08 10.84
N ILE B 91 8.06 -12.63 9.92
CA ILE B 91 8.30 -14.07 9.91
C ILE B 91 8.95 -14.49 11.23
N THR B 92 9.86 -13.66 11.73
CA THR B 92 10.50 -13.96 13.02
C THR B 92 9.43 -14.07 14.09
N GLU B 93 8.49 -13.13 14.09
CA GLU B 93 7.40 -13.15 15.06
C GLU B 93 6.58 -14.43 14.88
N LEU B 94 6.30 -14.77 13.62
CA LEU B 94 5.54 -15.99 13.33
C LEU B 94 6.27 -17.21 13.87
N ILE B 95 7.59 -17.26 13.68
CA ILE B 95 8.36 -18.38 14.19
C ILE B 95 8.28 -18.46 15.71
N GLU B 96 8.36 -17.30 16.37
CA GLU B 96 8.25 -17.27 17.83
C GLU B 96 6.90 -17.85 18.25
N LEU B 97 5.86 -17.54 17.49
CA LEU B 97 4.52 -18.05 17.79
C LEU B 97 4.52 -19.58 17.69
N HIS B 98 5.19 -20.10 16.66
CA HIS B 98 5.27 -21.55 16.50
C HIS B 98 5.89 -22.17 17.75
N GLU B 99 6.90 -21.48 18.28
CA GLU B 99 7.55 -21.95 19.50
C GLU B 99 6.58 -21.94 20.66
N LYS B 100 5.77 -20.88 20.77
CA LYS B 100 4.79 -20.80 21.84
C LYS B 100 3.72 -21.88 21.65
N LEU B 101 3.39 -22.19 20.39
CA LEU B 101 2.42 -23.25 20.11
C LEU B 101 2.96 -24.60 20.58
N LYS B 102 4.13 -24.57 21.21
CA LYS B 102 4.77 -25.78 21.72
C LYS B 102 5.49 -26.51 20.59
N ALA B 103 4.71 -26.92 19.58
CA ALA B 103 5.25 -27.67 18.43
C ALA B 103 6.64 -27.19 18.04
N ALA C 1 11.12 19.25 -2.05
CA ALA C 1 11.16 20.74 -1.98
C ALA C 1 10.96 21.17 -0.54
N GLU C 2 11.18 22.45 -0.27
CA GLU C 2 11.04 23.02 1.08
C GLU C 2 10.10 22.22 1.98
N GLU C 3 8.81 22.51 1.89
CA GLU C 3 7.83 21.81 2.71
C GLU C 3 7.73 20.34 2.34
N LEU C 4 7.37 20.07 1.08
CA LEU C 4 7.24 18.68 0.63
C LEU C 4 8.38 17.80 1.16
N GLU C 5 9.60 18.32 1.11
CA GLU C 5 10.76 17.57 1.58
C GLU C 5 10.74 17.43 3.10
N GLU C 6 10.47 18.53 3.78
CA GLU C 6 10.41 18.52 5.24
C GLU C 6 9.19 17.70 5.68
N VAL C 7 8.12 17.78 4.89
CA VAL C 7 6.90 17.04 5.17
C VAL C 7 7.17 15.53 5.06
N VAL C 8 7.92 15.14 4.03
CA VAL C 8 8.27 13.74 3.83
C VAL C 8 9.06 13.24 5.04
N MET C 9 10.02 14.04 5.50
CA MET C 9 10.80 13.67 6.66
C MET C 9 9.87 13.40 7.84
N GLY C 10 8.88 14.29 8.01
CA GLY C 10 7.91 14.13 9.08
C GLY C 10 7.12 12.84 8.88
N LEU C 11 6.71 12.59 7.65
CA LEU C 11 5.94 11.37 7.33
C LEU C 11 6.79 10.14 7.59
N ILE C 12 8.05 10.18 7.18
CA ILE C 12 8.94 9.04 7.37
C ILE C 12 9.11 8.78 8.87
N ILE C 13 9.32 9.87 9.61
CA ILE C 13 9.47 9.76 11.06
C ILE C 13 8.16 9.23 11.66
N ASN C 14 7.05 9.81 11.22
CA ASN C 14 5.73 9.40 11.72
C ASN C 14 5.50 7.92 11.43
N SER C 15 5.79 7.51 10.19
CA SER C 15 5.63 6.11 9.81
C SER C 15 6.52 5.24 10.68
N GLY C 16 7.76 5.70 10.90
CA GLY C 16 8.70 4.95 11.73
C GLY C 16 8.18 4.84 13.16
N GLN C 17 7.67 5.95 13.70
CA GLN C 17 7.13 5.92 15.06
C GLN C 17 5.95 4.97 15.12
N ALA C 18 5.12 5.01 14.08
CA ALA C 18 3.96 4.14 14.02
C ALA C 18 4.38 2.67 14.15
N ARG C 19 5.36 2.27 13.33
CA ARG C 19 5.84 0.91 13.40
C ARG C 19 6.41 0.63 14.79
N SER C 20 7.21 1.57 15.28
CA SER C 20 7.81 1.41 16.60
C SER C 20 6.73 1.13 17.65
N LEU C 21 5.66 1.92 17.61
CA LEU C 21 4.56 1.74 18.54
C LEU C 21 3.92 0.37 18.33
N ALA C 22 3.73 0.00 17.06
CA ALA C 22 3.13 -1.29 16.73
C ALA C 22 3.96 -2.44 17.33
N TYR C 23 5.27 -2.43 17.07
CA TYR C 23 6.14 -3.47 17.64
C TYR C 23 6.05 -3.45 19.16
N ALA C 24 6.03 -2.24 19.72
CA ALA C 24 5.92 -2.11 21.17
C ALA C 24 4.59 -2.72 21.62
N ALA C 25 3.54 -2.47 20.85
CA ALA C 25 2.23 -3.03 21.16
C ALA C 25 2.31 -4.55 21.21
N LEU C 26 3.01 -5.12 20.24
CA LEU C 26 3.19 -6.57 20.18
C LEU C 26 3.95 -7.05 21.42
N LYS C 27 4.99 -6.31 21.77
CA LYS C 27 5.79 -6.66 22.94
C LYS C 27 4.90 -6.72 24.19
N GLN C 28 3.99 -5.77 24.31
CA GLN C 28 3.06 -5.75 25.44
C GLN C 28 2.26 -7.04 25.47
N ALA C 29 1.82 -7.47 24.27
CA ALA C 29 1.05 -8.70 24.16
C ALA C 29 1.85 -9.89 24.67
N LYS C 30 3.13 -9.94 24.30
CA LYS C 30 3.99 -11.02 24.76
C LYS C 30 4.07 -11.06 26.28
N GLN C 31 3.98 -9.88 26.90
CA GLN C 31 4.04 -9.80 28.36
C GLN C 31 2.67 -10.17 28.96
N GLY C 32 1.71 -10.44 28.08
CA GLY C 32 0.36 -10.83 28.53
C GLY C 32 -0.47 -9.60 28.89
N ASP C 33 -0.04 -8.43 28.44
CA ASP C 33 -0.76 -7.18 28.70
C ASP C 33 -1.63 -6.80 27.51
N PHE C 34 -2.80 -7.41 27.42
CA PHE C 34 -3.71 -7.14 26.31
C PHE C 34 -4.22 -5.70 26.34
N ALA C 35 -4.43 -5.17 27.54
CA ALA C 35 -4.94 -3.81 27.68
C ALA C 35 -3.97 -2.79 27.08
N ALA C 36 -2.71 -2.89 27.47
CA ALA C 36 -1.71 -1.96 26.96
C ALA C 36 -1.50 -2.17 25.47
N ALA C 37 -1.55 -3.42 25.02
CA ALA C 37 -1.38 -3.71 23.60
C ALA C 37 -2.48 -3.00 22.81
N LYS C 38 -3.72 -3.21 23.22
CA LYS C 38 -4.87 -2.59 22.57
C LYS C 38 -4.72 -1.07 22.49
N ALA C 39 -4.32 -0.45 23.61
CA ALA C 39 -4.16 1.00 23.65
C ALA C 39 -3.06 1.46 22.68
N MET C 40 -1.96 0.72 22.64
CA MET C 40 -0.85 1.06 21.77
C MET C 40 -1.25 0.92 20.30
N MET C 41 -2.03 -0.11 19.99
CA MET C 41 -2.48 -0.31 18.61
C MET C 41 -3.35 0.85 18.16
N ASP C 42 -4.25 1.28 19.04
CA ASP C 42 -5.17 2.36 18.72
C ASP C 42 -4.41 3.63 18.38
N GLN C 43 -3.42 3.97 19.21
CA GLN C 43 -2.61 5.16 18.97
C GLN C 43 -1.83 5.03 17.67
N SER C 44 -1.30 3.85 17.42
CA SER C 44 -0.55 3.60 16.19
C SER C 44 -1.44 3.87 14.98
N ARG C 45 -2.67 3.32 15.03
CA ARG C 45 -3.64 3.50 13.96
C ARG C 45 -3.93 4.99 13.72
N MET C 46 -4.14 5.72 14.81
CA MET C 46 -4.43 7.15 14.72
C MET C 46 -3.26 7.89 14.08
N ALA C 47 -2.04 7.51 14.47
CA ALA C 47 -0.84 8.14 13.91
C ALA C 47 -0.78 7.91 12.40
N LEU C 48 -1.08 6.68 11.98
CA LEU C 48 -1.07 6.33 10.57
C LEU C 48 -2.17 7.06 9.82
N ASN C 49 -3.34 7.15 10.45
CA ASN C 49 -4.48 7.81 9.84
C ASN C 49 -4.14 9.27 9.52
N GLU C 50 -3.51 9.95 10.47
CA GLU C 50 -3.11 11.33 10.26
C GLU C 50 -2.06 11.41 9.16
N ALA C 51 -1.13 10.47 9.19
CA ALA C 51 -0.07 10.43 8.18
C ALA C 51 -0.67 10.15 6.80
N HIS C 52 -1.58 9.19 6.74
CA HIS C 52 -2.25 8.85 5.48
C HIS C 52 -3.02 10.05 4.94
N LEU C 53 -3.69 10.78 5.83
CA LEU C 53 -4.47 11.95 5.43
C LEU C 53 -3.56 12.98 4.76
N VAL C 54 -2.39 13.20 5.35
CA VAL C 54 -1.45 14.16 4.80
C VAL C 54 -0.99 13.67 3.43
N GLN C 55 -0.69 12.38 3.32
CA GLN C 55 -0.26 11.82 2.04
C GLN C 55 -1.38 11.99 1.00
N THR C 56 -2.62 11.74 1.41
CA THR C 56 -3.76 11.88 0.48
C THR C 56 -3.70 13.25 -0.19
N LYS C 57 -3.50 14.29 0.60
CA LYS C 57 -3.40 15.64 0.05
C LYS C 57 -2.20 15.73 -0.88
N LEU C 58 -1.11 15.09 -0.49
CA LEU C 58 0.10 15.11 -1.29
C LEU C 58 -0.08 14.35 -2.61
N ILE C 59 -1.09 13.47 -2.70
CA ILE C 59 -1.33 12.76 -3.95
C ILE C 59 -2.40 13.48 -4.79
N GLU C 60 -3.38 14.10 -4.14
CA GLU C 60 -4.43 14.83 -4.87
C GLU C 60 -3.85 16.03 -5.60
N GLY C 61 -2.89 16.71 -4.98
CA GLY C 61 -2.28 17.89 -5.57
C GLY C 61 -0.83 17.62 -5.97
N ASP C 62 -0.56 16.41 -6.41
CA ASP C 62 0.79 16.03 -6.80
C ASP C 62 1.22 16.75 -8.06
N ALA C 63 0.31 17.49 -8.68
CA ALA C 63 0.63 18.24 -9.90
C ALA C 63 1.30 19.56 -9.56
N GLY C 64 1.78 20.26 -10.59
CA GLY C 64 2.43 21.56 -10.39
C GLY C 64 3.77 21.63 -11.13
N GLU C 65 4.69 20.71 -10.81
CA GLU C 65 5.99 20.70 -11.45
C GLU C 65 5.87 20.38 -12.94
N GLY C 66 4.99 19.45 -13.27
CA GLY C 66 4.80 19.05 -14.66
C GLY C 66 3.45 18.36 -14.86
N LYS C 67 3.12 18.09 -16.11
CA LYS C 67 1.85 17.44 -16.43
C LYS C 67 1.83 16.00 -15.92
N MET C 68 2.44 15.10 -16.70
CA MET C 68 2.48 13.68 -16.36
C MET C 68 3.31 13.38 -15.12
N LYS C 69 4.45 14.07 -14.97
CA LYS C 69 5.34 13.83 -13.84
C LYS C 69 4.79 14.36 -12.52
N VAL C 70 5.20 13.71 -11.43
CA VAL C 70 4.76 14.07 -10.08
C VAL C 70 5.96 14.16 -9.13
N SER C 71 5.72 14.64 -7.91
CA SER C 71 6.80 14.75 -6.93
C SER C 71 7.42 13.38 -6.68
N LEU C 72 8.74 13.30 -6.77
CA LEU C 72 9.45 12.03 -6.61
C LEU C 72 9.31 11.48 -5.19
N VAL C 73 9.40 12.39 -4.22
CA VAL C 73 9.33 12.04 -2.80
C VAL C 73 8.00 11.37 -2.44
N LEU C 74 6.99 11.57 -3.27
CA LEU C 74 5.68 10.98 -3.02
C LEU C 74 5.85 9.50 -2.75
N VAL C 75 6.73 8.88 -3.50
CA VAL C 75 7.00 7.46 -3.36
C VAL C 75 7.64 7.15 -2.02
N HIS C 76 8.61 7.96 -1.64
CA HIS C 76 9.30 7.73 -0.39
C HIS C 76 8.31 7.70 0.75
N ALA C 77 7.39 8.67 0.76
CA ALA C 77 6.37 8.72 1.80
C ALA C 77 5.40 7.54 1.65
N GLN C 78 5.05 7.22 0.40
CA GLN C 78 4.12 6.12 0.13
C GLN C 78 4.74 4.80 0.57
N LEU C 79 5.99 4.58 0.19
CA LEU C 79 6.71 3.36 0.55
C LEU C 79 6.75 3.17 2.06
N HIS C 80 7.13 4.21 2.79
CA HIS C 80 7.20 4.12 4.24
C HIS C 80 5.81 3.94 4.85
N LEU C 81 4.87 4.73 4.38
CA LEU C 81 3.50 4.67 4.89
C LEU C 81 2.85 3.31 4.59
N MET C 82 3.01 2.84 3.37
CA MET C 82 2.42 1.55 2.98
C MET C 82 3.01 0.42 3.82
N THR C 83 4.32 0.45 3.99
CA THR C 83 5.00 -0.58 4.76
C THR C 83 4.54 -0.55 6.22
N SER C 84 4.53 0.64 6.80
CA SER C 84 4.12 0.80 8.20
C SER C 84 2.67 0.37 8.42
N MET C 85 1.76 0.84 7.56
CA MET C 85 0.35 0.48 7.70
C MET C 85 0.16 -1.04 7.61
N LEU C 86 0.80 -1.65 6.63
CA LEU C 86 0.70 -3.09 6.43
C LEU C 86 1.24 -3.83 7.65
N ALA C 87 2.42 -3.42 8.10
CA ALA C 87 3.05 -4.04 9.25
C ALA C 87 2.13 -3.96 10.47
N ARG C 88 1.61 -2.77 10.71
CA ARG C 88 0.74 -2.55 11.84
C ARG C 88 -0.50 -3.47 11.77
N GLU C 89 -1.11 -3.56 10.59
CA GLU C 89 -2.29 -4.42 10.44
C GLU C 89 -1.95 -5.88 10.74
N LEU C 90 -0.82 -6.35 10.20
CA LEU C 90 -0.40 -7.72 10.44
C LEU C 90 -0.07 -7.92 11.91
N ILE C 91 0.60 -6.95 12.49
CA ILE C 91 0.95 -7.02 13.90
C ILE C 91 -0.33 -7.12 14.73
N THR C 92 -1.36 -6.39 14.32
CA THR C 92 -2.64 -6.46 15.02
C THR C 92 -3.15 -7.89 14.99
N GLU C 93 -3.06 -8.53 13.83
CA GLU C 93 -3.50 -9.92 13.70
C GLU C 93 -2.66 -10.82 14.62
N LEU C 94 -1.36 -10.56 14.63
CA LEU C 94 -0.45 -11.34 15.47
C LEU C 94 -0.84 -11.20 16.94
N ILE C 95 -1.16 -9.98 17.35
CA ILE C 95 -1.57 -9.73 18.73
C ILE C 95 -2.86 -10.51 19.05
N GLU C 96 -3.80 -10.48 18.12
CA GLU C 96 -5.05 -11.21 18.31
C GLU C 96 -4.75 -12.70 18.53
N LEU C 97 -3.78 -13.21 17.77
CA LEU C 97 -3.39 -14.61 17.91
C LEU C 97 -2.85 -14.87 19.32
N HIS C 98 -2.05 -13.94 19.83
CA HIS C 98 -1.52 -14.09 21.18
C HIS C 98 -2.68 -14.22 22.16
N GLU C 99 -3.73 -13.44 21.92
CA GLU C 99 -4.90 -13.49 22.78
C GLU C 99 -5.57 -14.87 22.68
N LYS C 100 -5.65 -15.41 21.46
CA LYS C 100 -6.25 -16.72 21.29
C LYS C 100 -5.38 -17.78 21.95
N LEU C 101 -4.05 -17.58 21.91
CA LEU C 101 -3.12 -18.52 22.55
C LEU C 101 -3.37 -18.53 24.06
N LYS C 102 -4.36 -17.76 24.51
CA LYS C 102 -4.70 -17.67 25.93
C LYS C 102 -3.78 -16.68 26.63
N ALA C 103 -2.48 -16.99 26.61
CA ALA C 103 -1.45 -16.16 27.26
C ALA C 103 -1.80 -14.67 27.21
N LYS D 1 -19.97 26.95 -1.17
CA LYS D 1 -19.08 26.05 -1.96
C LYS D 1 -19.44 24.59 -1.78
N LYS D 2 -19.77 23.94 -2.87
CA LYS D 2 -20.15 22.54 -2.84
C LYS D 2 -18.93 21.62 -2.88
N HIS D 3 -19.02 20.49 -2.19
CA HIS D 3 -17.93 19.52 -2.13
C HIS D 3 -18.12 18.37 -3.08
N ILE D 4 -17.20 18.26 -4.03
CA ILE D 4 -17.22 17.18 -4.99
C ILE D 4 -16.07 16.24 -4.61
N TYR D 5 -16.39 15.03 -4.18
CA TYR D 5 -15.38 14.06 -3.78
C TYR D 5 -15.33 12.90 -4.76
N LEU D 6 -14.13 12.60 -5.26
CA LEU D 6 -13.90 11.48 -6.19
C LEU D 6 -13.25 10.35 -5.40
N PHE D 7 -13.58 9.08 -5.74
CA PHE D 7 -12.90 7.92 -5.13
C PHE D 7 -12.19 6.98 -6.18
N CYS D 8 -11.05 6.36 -5.74
CA CYS D 8 -10.26 5.34 -6.53
C CYS D 8 -9.54 4.51 -5.47
N SER D 9 -8.61 3.61 -5.81
CA SER D 9 -7.99 2.83 -4.73
C SER D 9 -7.06 3.65 -3.82
N ALA D 10 -6.10 4.37 -4.40
CA ALA D 10 -5.13 5.13 -3.59
C ALA D 10 -5.38 6.65 -3.68
N GLY D 11 -6.00 7.11 -4.77
CA GLY D 11 -6.28 8.55 -4.94
C GLY D 11 -5.24 9.25 -5.80
N MET D 12 -4.59 8.56 -6.73
CA MET D 12 -3.56 9.18 -7.56
C MET D 12 -4.01 9.38 -9.00
N SER D 13 -4.10 8.31 -9.74
CA SER D 13 -4.47 8.44 -11.13
C SER D 13 -5.68 9.37 -11.29
N THR D 14 -6.50 9.49 -10.24
CA THR D 14 -7.65 10.37 -10.29
C THR D 14 -7.23 11.78 -9.88
N SER D 15 -6.09 11.83 -9.22
CA SER D 15 -5.48 13.09 -8.76
C SER D 15 -5.20 14.03 -9.93
N LEU D 16 -4.82 13.46 -11.06
CA LEU D 16 -4.55 14.26 -12.24
C LEU D 16 -5.88 14.86 -12.76
N LEU D 17 -6.96 14.07 -12.72
CA LEU D 17 -8.28 14.55 -13.14
C LEU D 17 -8.75 15.68 -12.19
N VAL D 18 -8.54 15.48 -10.88
CA VAL D 18 -8.91 16.50 -9.89
C VAL D 18 -8.18 17.83 -10.15
N SER D 19 -6.89 17.79 -10.47
CA SER D 19 -6.17 19.03 -10.74
C SER D 19 -6.73 19.77 -11.98
N LYS D 20 -7.12 19.03 -13.02
CA LYS D 20 -7.71 19.66 -14.20
C LYS D 20 -9.12 20.20 -13.91
N MET D 21 -9.87 19.50 -13.07
CA MET D 21 -11.22 20.00 -12.73
C MET D 21 -11.08 21.31 -11.94
N ARG D 22 -10.13 21.39 -11.02
CA ARG D 22 -9.91 22.60 -10.21
C ARG D 22 -9.56 23.79 -11.12
N ALA D 23 -8.79 23.54 -12.18
CA ALA D 23 -8.39 24.59 -13.11
C ALA D 23 -9.63 25.14 -13.81
N GLN D 24 -10.50 24.24 -14.24
CA GLN D 24 -11.72 24.61 -14.91
C GLN D 24 -12.67 25.35 -14.00
N ALA D 25 -12.80 24.88 -12.77
CA ALA D 25 -13.69 25.53 -11.80
C ALA D 25 -13.24 26.96 -11.55
N GLU D 26 -11.93 27.20 -11.60
CA GLU D 26 -11.39 28.54 -11.36
C GLU D 26 -11.65 29.43 -12.57
N LYS D 27 -11.43 28.88 -13.76
CA LYS D 27 -11.63 29.59 -14.99
C LYS D 27 -13.07 30.10 -15.12
N TYR D 28 -14.05 29.29 -14.72
CA TYR D 28 -15.48 29.69 -14.80
C TYR D 28 -16.13 30.10 -13.49
N GLU D 29 -15.33 30.35 -12.46
CA GLU D 29 -15.81 30.78 -11.15
C GLU D 29 -16.89 29.89 -10.51
N VAL D 30 -16.76 28.58 -10.66
CA VAL D 30 -17.70 27.63 -10.08
C VAL D 30 -17.27 27.48 -8.62
N PRO D 31 -18.19 27.73 -7.67
CA PRO D 31 -17.91 27.64 -6.23
C PRO D 31 -17.93 26.21 -5.68
N VAL D 32 -16.88 25.46 -6.01
CA VAL D 32 -16.75 24.08 -5.57
C VAL D 32 -15.38 23.76 -5.01
N ILE D 33 -15.35 22.75 -4.14
CA ILE D 33 -14.13 22.22 -3.55
C ILE D 33 -14.09 20.77 -4.09
N ILE D 34 -12.98 20.40 -4.71
CA ILE D 34 -12.79 19.07 -5.32
C ILE D 34 -11.61 18.31 -4.66
N GLU D 35 -11.86 17.09 -4.18
CA GLU D 35 -10.83 16.27 -3.52
C GLU D 35 -10.93 14.82 -4.00
N ALA D 36 -9.78 14.14 -4.09
CA ALA D 36 -9.71 12.73 -4.50
C ALA D 36 -9.34 11.92 -3.25
N PHE D 37 -9.93 10.74 -3.09
CA PHE D 37 -9.64 9.87 -1.95
C PHE D 37 -9.66 8.44 -2.43
N PRO D 38 -9.08 7.53 -1.64
CA PRO D 38 -9.07 6.11 -2.02
C PRO D 38 -10.49 5.61 -1.70
N GLU D 39 -10.91 4.54 -2.35
CA GLU D 39 -12.24 3.96 -2.13
C GLU D 39 -12.51 3.54 -0.69
N THR D 40 -11.46 3.29 0.09
CA THR D 40 -11.63 2.88 1.48
C THR D 40 -12.26 3.95 2.37
N LEU D 41 -12.19 5.21 1.94
CA LEU D 41 -12.77 6.32 2.70
C LEU D 41 -14.15 6.77 2.20
N ALA D 42 -14.74 6.07 1.21
CA ALA D 42 -16.05 6.45 0.63
C ALA D 42 -17.14 6.64 1.68
N GLY D 43 -17.12 5.80 2.71
CA GLY D 43 -18.13 5.91 3.75
C GLY D 43 -17.81 6.98 4.77
N GLU D 44 -16.53 7.16 5.08
CA GLU D 44 -16.15 8.15 6.07
C GLU D 44 -16.16 9.59 5.49
N LYS D 45 -15.52 9.77 4.34
CA LYS D 45 -15.46 11.08 3.70
C LYS D 45 -16.73 11.45 2.92
N GLY D 46 -17.38 10.46 2.32
CA GLY D 46 -18.60 10.70 1.55
C GLY D 46 -19.69 11.43 2.29
N GLN D 47 -19.77 11.23 3.60
CA GLN D 47 -20.79 11.89 4.43
C GLN D 47 -20.74 13.42 4.34
N ASN D 48 -19.59 13.97 3.95
CA ASN D 48 -19.43 15.41 3.87
C ASN D 48 -19.45 15.95 2.45
N ALA D 49 -19.66 15.08 1.48
CA ALA D 49 -19.67 15.54 0.10
C ALA D 49 -21.06 15.97 -0.30
N ASP D 50 -21.11 16.82 -1.31
CA ASP D 50 -22.38 17.25 -1.83
C ASP D 50 -22.73 16.32 -2.99
N VAL D 51 -21.69 15.73 -3.60
CA VAL D 51 -21.88 14.75 -4.67
C VAL D 51 -20.68 13.78 -4.61
N VAL D 52 -20.98 12.49 -4.70
CA VAL D 52 -19.97 11.44 -4.66
C VAL D 52 -19.78 10.85 -6.06
N LEU D 53 -18.55 10.92 -6.57
CA LEU D 53 -18.24 10.38 -7.88
C LEU D 53 -17.30 9.18 -7.73
N LEU D 54 -17.60 8.08 -8.42
CA LEU D 54 -16.75 6.88 -8.36
C LEU D 54 -15.96 6.73 -9.63
N GLY D 55 -14.69 6.35 -9.51
CA GLY D 55 -13.84 6.18 -10.68
C GLY D 55 -14.39 5.02 -11.49
N PRO D 56 -14.13 4.94 -12.76
CA PRO D 56 -14.66 3.84 -13.62
C PRO D 56 -14.24 2.42 -13.18
N GLN D 57 -13.07 2.31 -12.54
CA GLN D 57 -12.57 1.02 -12.08
C GLN D 57 -13.39 0.49 -10.90
N ILE D 58 -14.04 1.38 -10.15
CA ILE D 58 -14.82 0.94 -9.01
C ILE D 58 -16.34 1.02 -9.23
N ALA D 59 -16.75 0.99 -10.49
CA ALA D 59 -18.17 1.04 -10.83
C ALA D 59 -18.94 -0.11 -10.19
N TYR D 60 -18.34 -1.30 -10.13
CA TYR D 60 -19.04 -2.44 -9.55
C TYR D 60 -19.46 -2.21 -8.09
N MET D 61 -18.84 -1.23 -7.44
CA MET D 61 -19.15 -0.89 -6.05
C MET D 61 -20.33 0.08 -5.87
N LEU D 62 -20.89 0.58 -6.97
CA LEU D 62 -21.99 1.54 -6.90
C LEU D 62 -23.13 1.19 -5.93
N PRO D 63 -23.73 -0.02 -6.05
CA PRO D 63 -24.82 -0.37 -5.12
C PRO D 63 -24.43 -0.30 -3.65
N GLU D 64 -23.22 -0.72 -3.30
CA GLU D 64 -22.77 -0.68 -1.91
C GLU D 64 -22.60 0.74 -1.42
N ILE D 65 -22.02 1.59 -2.25
CA ILE D 65 -21.83 2.99 -1.85
C ILE D 65 -23.16 3.74 -1.71
N GLN D 66 -24.12 3.42 -2.59
CA GLN D 66 -25.46 4.00 -2.52
C GLN D 66 -26.13 3.64 -1.18
N ARG D 67 -26.00 2.39 -0.73
CA ARG D 67 -26.60 1.98 0.55
C ARG D 67 -25.89 2.63 1.74
N LEU D 68 -24.60 2.88 1.59
CA LEU D 68 -23.77 3.49 2.64
C LEU D 68 -24.11 4.97 2.82
N LEU D 69 -24.39 5.65 1.70
CA LEU D 69 -24.73 7.09 1.68
C LEU D 69 -26.11 7.27 1.01
N PRO D 70 -27.20 6.87 1.69
CA PRO D 70 -28.55 6.99 1.13
C PRO D 70 -29.03 8.44 0.93
N ASN D 71 -28.35 9.38 1.56
CA ASN D 71 -28.75 10.79 1.44
C ASN D 71 -27.82 11.63 0.57
N LYS D 72 -27.08 10.99 -0.33
CA LYS D 72 -26.14 11.69 -1.21
C LYS D 72 -26.26 11.20 -2.63
N PRO D 73 -26.13 12.10 -3.63
CA PRO D 73 -26.21 11.62 -5.02
C PRO D 73 -24.85 10.97 -5.27
N VAL D 74 -24.87 9.73 -5.75
CA VAL D 74 -23.64 8.96 -6.02
C VAL D 74 -23.64 8.48 -7.46
N GLU D 75 -22.58 8.72 -8.19
CA GLU D 75 -22.53 8.22 -9.55
C GLU D 75 -21.13 7.95 -10.07
N VAL D 76 -21.06 7.12 -11.10
CA VAL D 76 -19.80 6.72 -11.71
C VAL D 76 -19.40 7.72 -12.78
N ILE D 77 -18.11 8.03 -12.84
CA ILE D 77 -17.58 8.96 -13.83
C ILE D 77 -17.54 8.27 -15.17
N ASP D 78 -17.96 8.97 -16.21
CA ASP D 78 -17.94 8.40 -17.55
C ASP D 78 -16.51 7.95 -17.89
N SER D 79 -16.33 6.69 -18.28
CA SER D 79 -14.99 6.17 -18.58
C SER D 79 -14.18 6.90 -19.65
N LEU D 80 -14.87 7.44 -20.65
CA LEU D 80 -14.19 8.17 -21.73
C LEU D 80 -13.73 9.53 -21.23
N LEU D 81 -14.58 10.18 -20.45
CA LEU D 81 -14.26 11.49 -19.90
C LEU D 81 -13.10 11.33 -18.94
N TYR D 82 -13.10 10.21 -18.22
CA TYR D 82 -12.04 9.90 -17.25
C TYR D 82 -10.71 9.58 -17.95
N GLY D 83 -10.75 8.68 -18.92
CA GLY D 83 -9.54 8.32 -19.64
C GLY D 83 -8.87 9.50 -20.31
N LYS D 84 -9.68 10.37 -20.87
CA LYS D 84 -9.22 11.56 -21.59
C LYS D 84 -8.79 12.70 -20.65
N VAL D 85 -9.07 12.52 -19.35
CA VAL D 85 -8.77 13.52 -18.31
C VAL D 85 -9.47 14.86 -18.61
N ASP D 86 -10.76 14.77 -18.94
CA ASP D 86 -11.57 15.95 -19.28
C ASP D 86 -12.09 16.63 -18.03
N GLY D 87 -11.29 17.56 -17.51
CA GLY D 87 -11.64 18.31 -16.31
C GLY D 87 -12.94 19.07 -16.45
N LEU D 88 -13.16 19.73 -17.60
CA LEU D 88 -14.39 20.49 -17.80
C LEU D 88 -15.63 19.58 -17.87
N GLY D 89 -15.50 18.50 -18.64
CA GLY D 89 -16.59 17.56 -18.81
C GLY D 89 -17.07 16.91 -17.53
N VAL D 90 -16.12 16.49 -16.69
CA VAL D 90 -16.48 15.84 -15.42
C VAL D 90 -17.04 16.88 -14.45
N LEU D 91 -16.47 18.08 -14.49
CA LEU D 91 -16.97 19.15 -13.63
C LEU D 91 -18.46 19.39 -14.00
N LYS D 92 -18.76 19.42 -15.30
CA LYS D 92 -20.15 19.61 -15.75
C LYS D 92 -21.09 18.52 -15.24
N ALA D 93 -20.64 17.27 -15.30
CA ALA D 93 -21.47 16.14 -14.85
C ALA D 93 -21.76 16.21 -13.35
N ALA D 94 -20.78 16.72 -12.60
CA ALA D 94 -20.90 16.82 -11.15
C ALA D 94 -21.90 17.90 -10.75
N VAL D 95 -21.80 19.06 -11.40
CA VAL D 95 -22.72 20.17 -11.13
C VAL D 95 -24.13 19.69 -11.49
N ALA D 96 -24.25 18.98 -12.61
CA ALA D 96 -25.54 18.45 -13.04
C ALA D 96 -26.13 17.51 -11.99
N ALA D 97 -25.33 16.57 -11.49
CA ALA D 97 -25.85 15.64 -10.49
C ALA D 97 -26.36 16.40 -9.26
N ILE D 98 -25.70 17.51 -8.93
CA ILE D 98 -26.12 18.32 -7.78
C ILE D 98 -27.46 19.01 -8.03
N LYS D 99 -27.63 19.58 -9.24
CA LYS D 99 -28.87 20.26 -9.62
C LYS D 99 -30.01 19.26 -9.71
N LYS D 100 -29.80 18.19 -10.45
CA LYS D 100 -30.83 17.18 -10.59
C LYS D 100 -31.20 16.60 -9.22
N ALA D 101 -30.34 16.79 -8.23
CA ALA D 101 -30.58 16.28 -6.88
C ALA D 101 -31.37 17.24 -6.00
N ALA D 102 -31.14 18.54 -6.18
CA ALA D 102 -31.83 19.57 -5.43
C ALA D 102 -33.22 19.88 -6.02
N ALA D 103 -33.60 19.13 -7.06
CA ALA D 103 -34.88 19.29 -7.72
C ALA D 103 -35.05 18.26 -8.85
P PO3 E . -4.81 5.44 -7.21
O1 PO3 E . -5.28 4.02 -6.97
O2 PO3 E . -4.76 5.99 -8.62
O3 PO3 E . -4.21 6.24 -6.08
N ALA A 1 0.74 7.29 -18.60
CA ALA A 1 0.24 7.59 -19.96
C ALA A 1 -1.09 6.86 -20.17
N GLU A 2 -1.77 7.18 -21.26
CA GLU A 2 -3.08 6.58 -21.60
C GLU A 2 -3.28 5.20 -20.95
N GLU A 3 -2.80 4.17 -21.63
CA GLU A 3 -2.95 2.80 -21.13
C GLU A 3 -2.16 2.60 -19.84
N LEU A 4 -0.84 2.78 -19.91
CA LEU A 4 0.01 2.60 -18.74
C LEU A 4 -0.63 3.20 -17.48
N GLU A 5 -1.21 4.38 -17.61
CA GLU A 5 -1.84 5.05 -16.47
C GLU A 5 -3.12 4.34 -16.08
N GLU A 6 -3.94 4.01 -17.07
CA GLU A 6 -5.19 3.30 -16.82
C GLU A 6 -4.88 1.88 -16.34
N VAL A 7 -3.80 1.31 -16.88
CA VAL A 7 -3.37 -0.03 -16.50
C VAL A 7 -2.93 -0.05 -15.03
N VAL A 8 -2.20 0.99 -14.63
CA VAL A 8 -1.73 1.10 -13.25
C VAL A 8 -2.95 1.16 -12.33
N MET A 9 -3.95 1.96 -12.70
CA MET A 9 -5.17 2.06 -11.90
C MET A 9 -5.77 0.67 -11.73
N GLY A 10 -5.81 -0.09 -12.82
CA GLY A 10 -6.34 -1.45 -12.77
C GLY A 10 -5.49 -2.31 -11.83
N LEU A 11 -4.17 -2.17 -11.95
CA LEU A 11 -3.26 -2.93 -11.10
C LEU A 11 -3.45 -2.56 -9.64
N ILE A 12 -3.57 -1.27 -9.37
CA ILE A 12 -3.76 -0.80 -8.00
C ILE A 12 -5.06 -1.36 -7.46
N ILE A 13 -6.11 -1.29 -8.26
CA ILE A 13 -7.40 -1.82 -7.85
C ILE A 13 -7.30 -3.33 -7.65
N ASN A 14 -6.65 -4.01 -8.60
CA ASN A 14 -6.47 -5.45 -8.53
C ASN A 14 -5.71 -5.82 -7.26
N SER A 15 -4.61 -5.11 -7.03
CA SER A 15 -3.81 -5.35 -5.83
C SER A 15 -4.65 -5.14 -4.57
N GLY A 16 -5.44 -4.06 -4.60
CA GLY A 16 -6.32 -3.75 -3.47
C GLY A 16 -7.35 -4.86 -3.26
N GLN A 17 -7.95 -5.32 -4.36
CA GLN A 17 -8.94 -6.40 -4.27
C GLN A 17 -8.27 -7.65 -3.72
N ALA A 18 -7.05 -7.92 -4.18
CA ALA A 18 -6.31 -9.09 -3.72
C ALA A 18 -6.15 -9.04 -2.21
N ARG A 19 -5.70 -7.91 -1.69
CA ARG A 19 -5.55 -7.77 -0.25
C ARG A 19 -6.90 -7.95 0.43
N SER A 20 -7.91 -7.28 -0.11
CA SER A 20 -9.25 -7.36 0.44
C SER A 20 -9.68 -8.83 0.57
N LEU A 21 -9.47 -9.59 -0.49
CA LEU A 21 -9.81 -11.01 -0.48
C LEU A 21 -8.97 -11.74 0.58
N ALA A 22 -7.69 -11.40 0.63
CA ALA A 22 -6.79 -12.03 1.60
C ALA A 22 -7.30 -11.80 3.03
N TYR A 23 -7.59 -10.55 3.38
CA TYR A 23 -8.10 -10.25 4.72
C TYR A 23 -9.41 -11.00 4.93
N ALA A 24 -10.25 -11.03 3.90
CA ALA A 24 -11.51 -11.73 3.99
C ALA A 24 -11.24 -13.22 4.25
N ALA A 25 -10.23 -13.75 3.56
CA ALA A 25 -9.84 -15.14 3.75
C ALA A 25 -9.48 -15.38 5.21
N LEU A 26 -8.72 -14.46 5.78
CA LEU A 26 -8.32 -14.57 7.18
C LEU A 26 -9.56 -14.55 8.07
N LYS A 27 -10.48 -13.64 7.77
CA LYS A 27 -11.71 -13.53 8.54
C LYS A 27 -12.45 -14.87 8.56
N GLN A 28 -12.48 -15.54 7.41
CA GLN A 28 -13.15 -16.84 7.31
C GLN A 28 -12.48 -17.81 8.28
N ALA A 29 -11.15 -17.75 8.35
CA ALA A 29 -10.39 -18.62 9.24
C ALA A 29 -10.80 -18.38 10.69
N LYS A 30 -10.95 -17.12 11.05
CA LYS A 30 -11.36 -16.77 12.41
C LYS A 30 -12.72 -17.37 12.73
N GLN A 31 -13.58 -17.50 11.72
CA GLN A 31 -14.89 -18.08 11.93
C GLN A 31 -14.80 -19.60 11.96
N GLY A 32 -13.60 -20.12 11.77
CA GLY A 32 -13.37 -21.56 11.81
C GLY A 32 -13.71 -22.21 10.47
N ASP A 33 -13.83 -21.40 9.43
CA ASP A 33 -14.15 -21.90 8.09
C ASP A 33 -12.88 -22.06 7.26
N PHE A 34 -12.18 -23.18 7.47
CA PHE A 34 -10.93 -23.42 6.73
C PHE A 34 -11.18 -23.60 5.24
N ALA A 35 -12.31 -24.21 4.89
CA ALA A 35 -12.63 -24.46 3.49
C ALA A 35 -12.77 -23.14 2.72
N ALA A 36 -13.56 -22.23 3.26
CA ALA A 36 -13.76 -20.95 2.60
C ALA A 36 -12.46 -20.14 2.60
N ALA A 37 -11.70 -20.23 3.68
CA ALA A 37 -10.43 -19.52 3.75
C ALA A 37 -9.52 -19.99 2.60
N LYS A 38 -9.36 -21.30 2.49
CA LYS A 38 -8.53 -21.90 1.45
C LYS A 38 -8.96 -21.42 0.06
N ALA A 39 -10.26 -21.45 -0.21
CA ALA A 39 -10.77 -21.03 -1.51
C ALA A 39 -10.47 -19.57 -1.79
N MET A 40 -10.61 -18.74 -0.76
CA MET A 40 -10.36 -17.30 -0.90
C MET A 40 -8.88 -17.03 -1.18
N MET A 41 -7.98 -17.76 -0.50
CA MET A 41 -6.55 -17.56 -0.72
C MET A 41 -6.19 -17.92 -2.15
N ASP A 42 -6.77 -19.01 -2.65
CA ASP A 42 -6.47 -19.48 -3.99
C ASP A 42 -6.83 -18.42 -5.02
N GLN A 43 -8.03 -17.87 -4.88
CA GLN A 43 -8.48 -16.82 -5.80
C GLN A 43 -7.61 -15.59 -5.67
N SER A 44 -7.25 -15.24 -4.44
CA SER A 44 -6.40 -14.08 -4.20
C SER A 44 -5.06 -14.28 -4.91
N ARG A 45 -4.49 -15.47 -4.78
CA ARG A 45 -3.22 -15.82 -5.43
C ARG A 45 -3.32 -15.66 -6.95
N MET A 46 -4.40 -16.18 -7.51
CA MET A 46 -4.63 -16.11 -8.95
C MET A 46 -4.72 -14.65 -9.40
N ALA A 47 -5.41 -13.83 -8.62
CA ALA A 47 -5.56 -12.41 -8.94
C ALA A 47 -4.19 -11.74 -9.00
N LEU A 48 -3.35 -12.05 -8.02
CA LEU A 48 -2.00 -11.49 -7.95
C LEU A 48 -1.15 -11.98 -9.12
N ASN A 49 -1.29 -13.26 -9.41
CA ASN A 49 -0.51 -13.87 -10.48
C ASN A 49 -0.77 -13.15 -11.80
N GLU A 50 -2.04 -12.89 -12.07
CA GLU A 50 -2.41 -12.17 -13.29
C GLU A 50 -1.86 -10.75 -13.23
N ALA A 51 -1.97 -10.13 -12.05
CA ALA A 51 -1.47 -8.77 -11.87
C ALA A 51 0.06 -8.75 -12.05
N HIS A 52 0.73 -9.71 -11.44
CA HIS A 52 2.19 -9.81 -11.54
C HIS A 52 2.61 -10.01 -13.00
N LEU A 53 1.86 -10.83 -13.72
CA LEU A 53 2.16 -11.11 -15.12
C LEU A 53 2.11 -9.82 -15.93
N VAL A 54 1.08 -9.02 -15.68
CA VAL A 54 0.94 -7.75 -16.38
C VAL A 54 2.11 -6.84 -16.04
N GLN A 55 2.46 -6.79 -14.76
CA GLN A 55 3.59 -5.96 -14.34
C GLN A 55 4.88 -6.45 -15.01
N THR A 56 5.08 -7.76 -15.08
CA THR A 56 6.28 -8.32 -15.72
C THR A 56 6.46 -7.71 -17.11
N LYS A 57 5.37 -7.66 -17.88
CA LYS A 57 5.43 -7.06 -19.22
C LYS A 57 5.76 -5.59 -19.10
N LEU A 58 5.18 -4.94 -18.10
CA LEU A 58 5.43 -3.52 -17.90
C LEU A 58 6.87 -3.24 -17.48
N ILE A 59 7.58 -4.25 -16.98
CA ILE A 59 8.99 -4.06 -16.60
C ILE A 59 9.93 -4.47 -17.76
N GLU A 60 9.55 -5.49 -18.53
CA GLU A 60 10.37 -5.95 -19.66
C GLU A 60 10.46 -4.88 -20.74
N GLY A 61 9.34 -4.20 -21.01
CA GLY A 61 9.31 -3.17 -22.03
C GLY A 61 9.20 -1.78 -21.42
N ASP A 62 9.80 -1.60 -20.24
CA ASP A 62 9.75 -0.32 -19.54
C ASP A 62 10.49 0.78 -20.32
N ALA A 63 11.17 0.39 -21.40
CA ALA A 63 11.90 1.36 -22.21
C ALA A 63 10.97 2.06 -23.19
N GLY A 64 11.49 3.07 -23.89
CA GLY A 64 10.68 3.81 -24.86
C GLY A 64 10.81 5.32 -24.66
N GLU A 65 10.45 5.80 -23.47
CA GLU A 65 10.53 7.23 -23.19
C GLU A 65 11.97 7.72 -23.18
N GLY A 66 12.86 6.90 -22.64
CA GLY A 66 14.28 7.27 -22.58
C GLY A 66 15.15 6.04 -22.36
N LYS A 67 16.47 6.25 -22.44
CA LYS A 67 17.41 5.15 -22.27
C LYS A 67 17.39 4.63 -20.82
N MET A 68 18.11 5.32 -19.94
CA MET A 68 18.20 4.93 -18.54
C MET A 68 16.88 5.05 -17.79
N LYS A 69 16.13 6.12 -18.08
CA LYS A 69 14.87 6.35 -17.37
C LYS A 69 13.76 5.39 -17.80
N VAL A 70 12.84 5.14 -16.87
CA VAL A 70 11.71 4.23 -17.10
C VAL A 70 10.41 4.88 -16.65
N SER A 71 9.28 4.23 -16.95
CA SER A 71 7.98 4.77 -16.55
C SER A 71 7.94 4.91 -15.03
N LEU A 72 7.54 6.10 -14.57
CA LEU A 72 7.48 6.40 -13.14
C LEU A 72 6.43 5.55 -12.41
N VAL A 73 5.30 5.39 -13.07
CA VAL A 73 4.18 4.62 -12.52
C VAL A 73 4.55 3.16 -12.22
N LEU A 74 5.60 2.68 -12.85
CA LEU A 74 6.02 1.31 -12.64
C LEU A 74 6.17 1.00 -11.17
N VAL A 75 6.56 2.03 -10.42
CA VAL A 75 6.79 1.87 -8.98
C VAL A 75 5.43 1.79 -8.28
N HIS A 76 4.22 2.82 -8.66
CA HIS A 76 2.86 2.82 -8.06
C HIS A 76 2.27 1.42 -8.14
N ALA A 77 2.60 0.71 -9.22
CA ALA A 77 2.13 -0.66 -9.42
C ALA A 77 2.99 -1.64 -8.62
N GLN A 78 4.31 -1.50 -8.72
CA GLN A 78 5.22 -2.41 -8.02
C GLN A 78 5.00 -2.32 -6.51
N LEU A 79 4.96 -1.09 -6.01
CA LEU A 79 4.72 -0.86 -4.59
C LEU A 79 3.44 -1.54 -4.13
N HIS A 80 2.35 -1.32 -4.85
CA HIS A 80 1.08 -1.91 -4.47
C HIS A 80 1.12 -3.44 -4.62
N LEU A 81 1.65 -3.90 -5.74
CA LEU A 81 1.74 -5.34 -5.99
C LEU A 81 2.64 -6.04 -4.98
N MET A 82 3.80 -5.45 -4.70
CA MET A 82 4.74 -6.05 -3.75
C MET A 82 4.11 -6.14 -2.37
N THR A 83 3.46 -5.05 -1.96
CA THR A 83 2.81 -5.00 -0.65
C THR A 83 1.69 -6.04 -0.56
N SER A 84 0.84 -6.07 -1.58
CA SER A 84 -0.29 -7.01 -1.61
C SER A 84 0.20 -8.46 -1.60
N MET A 85 1.16 -8.78 -2.45
CA MET A 85 1.69 -10.14 -2.51
C MET A 85 2.26 -10.57 -1.18
N LEU A 86 3.07 -9.70 -0.59
CA LEU A 86 3.68 -10.00 0.70
C LEU A 86 2.61 -10.19 1.78
N ALA A 87 1.64 -9.28 1.79
CA ALA A 87 0.56 -9.36 2.76
C ALA A 87 -0.15 -10.70 2.67
N ARG A 88 -0.49 -11.10 1.47
CA ARG A 88 -1.18 -12.37 1.27
C ARG A 88 -0.35 -13.55 1.78
N GLU A 89 0.93 -13.57 1.45
CA GLU A 89 1.77 -14.67 1.88
C GLU A 89 1.79 -14.78 3.39
N LEU A 90 1.95 -13.65 4.06
CA LEU A 90 1.96 -13.64 5.51
C LEU A 90 0.58 -14.03 6.05
N ILE A 91 -0.46 -13.51 5.42
CA ILE A 91 -1.82 -13.85 5.84
C ILE A 91 -2.03 -15.35 5.69
N THR A 92 -1.50 -15.92 4.61
CA THR A 92 -1.60 -17.37 4.40
C THR A 92 -0.98 -18.10 5.59
N GLU A 93 0.20 -17.64 6.01
CA GLU A 93 0.88 -18.23 7.16
C GLU A 93 0.02 -18.08 8.40
N LEU A 94 -0.57 -16.89 8.56
CA LEU A 94 -1.43 -16.62 9.72
C LEU A 94 -2.62 -17.59 9.71
N ILE A 95 -3.20 -17.80 8.55
CA ILE A 95 -4.34 -18.73 8.44
C ILE A 95 -3.90 -20.14 8.83
N GLU A 96 -2.72 -20.56 8.36
CA GLU A 96 -2.22 -21.88 8.71
C GLU A 96 -2.08 -22.00 10.22
N LEU A 97 -1.64 -20.91 10.87
CA LEU A 97 -1.51 -20.92 12.32
C LEU A 97 -2.88 -21.12 12.98
N HIS A 98 -3.89 -20.46 12.44
CA HIS A 98 -5.25 -20.62 12.98
C HIS A 98 -5.63 -22.08 12.92
N GLU A 99 -5.25 -22.75 11.84
CA GLU A 99 -5.55 -24.17 11.68
C GLU A 99 -4.81 -24.98 12.74
N LYS A 100 -3.56 -24.62 13.01
CA LYS A 100 -2.79 -25.32 14.02
C LYS A 100 -3.39 -25.06 15.41
N LEU A 101 -3.92 -23.84 15.61
CA LEU A 101 -4.56 -23.49 16.88
C LEU A 101 -5.80 -24.37 17.09
N LYS A 102 -6.02 -25.30 16.15
CA LYS A 102 -7.18 -26.20 16.21
C LYS A 102 -8.43 -25.52 15.71
N ALA A 103 -8.82 -24.42 16.39
CA ALA A 103 -10.03 -23.67 16.04
C ALA A 103 -10.30 -23.65 14.53
N ALA B 1 22.66 3.11 -13.51
CA ALA B 1 23.97 3.34 -14.19
C ALA B 1 24.86 2.13 -13.94
N GLU B 2 26.00 2.08 -14.64
CA GLU B 2 26.95 0.97 -14.53
C GLU B 2 26.86 0.24 -13.18
N GLU B 3 27.57 0.74 -12.19
CA GLU B 3 27.58 0.13 -10.87
C GLU B 3 26.22 0.21 -10.20
N LEU B 4 25.72 1.44 -10.02
CA LEU B 4 24.42 1.61 -9.38
C LEU B 4 23.38 0.61 -9.91
N GLU B 5 23.37 0.41 -11.22
CA GLU B 5 22.42 -0.52 -11.83
C GLU B 5 22.76 -1.95 -11.47
N GLU B 6 24.03 -2.30 -11.57
CA GLU B 6 24.50 -3.63 -11.23
C GLU B 6 24.38 -3.85 -9.73
N VAL B 7 24.60 -2.79 -8.97
CA VAL B 7 24.51 -2.85 -7.52
C VAL B 7 23.05 -3.11 -7.10
N VAL B 8 22.12 -2.44 -7.77
CA VAL B 8 20.69 -2.63 -7.49
C VAL B 8 20.33 -4.08 -7.74
N MET B 9 20.80 -4.63 -8.86
CA MET B 9 20.52 -6.03 -9.18
C MET B 9 21.01 -6.91 -8.03
N GLY B 10 22.21 -6.62 -7.53
CA GLY B 10 22.75 -7.37 -6.41
C GLY B 10 21.86 -7.21 -5.19
N LEU B 11 21.44 -5.98 -4.93
CA LEU B 11 20.56 -5.70 -3.79
C LEU B 11 19.24 -6.44 -3.93
N ILE B 12 18.67 -6.41 -5.13
CA ILE B 12 17.40 -7.09 -5.38
C ILE B 12 17.57 -8.58 -5.14
N ILE B 13 18.66 -9.12 -5.68
CA ILE B 13 18.94 -10.54 -5.50
C ILE B 13 19.17 -10.83 -4.02
N ASN B 14 19.95 -9.98 -3.36
CA ASN B 14 20.24 -10.16 -1.94
C ASN B 14 18.94 -10.10 -1.13
N SER B 15 18.11 -9.11 -1.42
CA SER B 15 16.83 -8.99 -0.74
C SER B 15 15.98 -10.23 -0.97
N GLY B 16 15.99 -10.71 -2.22
CA GLY B 16 15.23 -11.91 -2.57
C GLY B 16 15.76 -13.12 -1.81
N GLN B 17 17.08 -13.25 -1.75
CA GLN B 17 17.68 -14.37 -1.03
C GLN B 17 17.31 -14.28 0.45
N ALA B 18 17.35 -13.06 0.98
CA ALA B 18 17.00 -12.84 2.37
C ALA B 18 15.60 -13.36 2.66
N ARG B 19 14.64 -12.97 1.84
CA ARG B 19 13.27 -13.44 2.02
C ARG B 19 13.24 -14.96 1.90
N SER B 20 13.90 -15.47 0.86
CA SER B 20 13.94 -16.91 0.64
C SER B 20 14.41 -17.63 1.89
N LEU B 21 15.50 -17.13 2.48
CA LEU B 21 16.04 -17.73 3.71
C LEU B 21 15.01 -17.60 4.83
N ALA B 22 14.37 -16.44 4.93
CA ALA B 22 13.37 -16.20 5.97
C ALA B 22 12.24 -17.23 5.85
N TYR B 23 11.67 -17.38 4.65
CA TYR B 23 10.60 -18.36 4.46
C TYR B 23 11.12 -19.75 4.79
N ALA B 24 12.36 -20.04 4.38
CA ALA B 24 12.95 -21.33 4.67
C ALA B 24 13.06 -21.49 6.19
N ALA B 25 13.43 -20.41 6.87
CA ALA B 25 13.53 -20.43 8.33
C ALA B 25 12.18 -20.80 8.92
N LEU B 26 11.12 -20.21 8.39
CA LEU B 26 9.78 -20.50 8.86
C LEU B 26 9.45 -21.97 8.62
N LYS B 27 9.80 -22.46 7.44
CA LYS B 27 9.55 -23.86 7.11
C LYS B 27 10.21 -24.78 8.14
N GLN B 28 11.43 -24.43 8.54
CA GLN B 28 12.13 -25.23 9.56
C GLN B 28 11.31 -25.26 10.84
N ALA B 29 10.74 -24.11 11.19
CA ALA B 29 9.91 -24.02 12.40
C ALA B 29 8.73 -24.97 12.31
N LYS B 30 8.09 -25.01 11.14
CA LYS B 30 6.95 -25.90 10.94
C LYS B 30 7.36 -27.35 11.16
N GLN B 31 8.62 -27.67 10.83
CA GLN B 31 9.10 -29.04 11.01
C GLN B 31 9.46 -29.28 12.48
N GLY B 32 9.32 -28.24 13.29
CA GLY B 32 9.63 -28.35 14.72
C GLY B 32 11.13 -28.18 14.99
N ASP B 33 11.86 -27.66 14.00
CA ASP B 33 13.29 -27.46 14.14
C ASP B 33 13.60 -26.02 14.53
N PHE B 34 13.47 -25.71 15.81
CA PHE B 34 13.73 -24.34 16.29
C PHE B 34 15.18 -23.94 16.10
N ALA B 35 16.09 -24.90 16.27
CA ALA B 35 17.52 -24.60 16.15
C ALA B 35 17.86 -24.12 14.74
N ALA B 36 17.43 -24.87 13.74
CA ALA B 36 17.71 -24.50 12.36
C ALA B 36 16.98 -23.20 12.01
N ALA B 37 15.77 -23.03 12.51
CA ALA B 37 15.03 -21.80 12.24
C ALA B 37 15.82 -20.61 12.74
N LYS B 38 16.23 -20.68 14.02
CA LYS B 38 17.01 -19.60 14.63
C LYS B 38 18.27 -19.27 13.81
N ALA B 39 18.99 -20.29 13.40
CA ALA B 39 20.21 -20.10 12.61
C ALA B 39 19.91 -19.41 11.28
N MET B 40 18.83 -19.82 10.64
CA MET B 40 18.44 -19.26 9.36
C MET B 40 18.05 -17.78 9.51
N MET B 41 17.32 -17.45 10.57
CA MET B 41 16.92 -16.06 10.78
C MET B 41 18.15 -15.17 10.97
N ASP B 42 19.12 -15.68 11.73
CA ASP B 42 20.33 -14.93 12.01
C ASP B 42 21.06 -14.57 10.73
N GLN B 43 21.21 -15.58 9.86
CA GLN B 43 21.88 -15.36 8.59
C GLN B 43 21.08 -14.40 7.72
N SER B 44 19.76 -14.54 7.73
CA SER B 44 18.91 -13.65 6.95
C SER B 44 19.13 -12.20 7.41
N ARG B 45 19.14 -12.00 8.73
CA ARG B 45 19.35 -10.68 9.30
C ARG B 45 20.69 -10.09 8.83
N MET B 46 21.74 -10.90 8.89
CA MET B 46 23.07 -10.45 8.49
C MET B 46 23.05 -10.04 7.02
N ALA B 47 22.37 -10.84 6.20
CA ALA B 47 22.27 -10.53 4.77
C ALA B 47 21.58 -9.19 4.56
N LEU B 48 20.50 -8.97 5.31
CA LEU B 48 19.75 -7.72 5.21
C LEU B 48 20.59 -6.55 5.72
N ASN B 49 21.30 -6.78 6.81
CA ASN B 49 22.13 -5.75 7.40
C ASN B 49 23.18 -5.26 6.40
N GLU B 50 23.83 -6.19 5.73
CA GLU B 50 24.82 -5.83 4.72
C GLU B 50 24.17 -5.10 3.57
N ALA B 51 23.00 -5.58 3.17
CA ALA B 51 22.25 -4.96 2.08
C ALA B 51 21.83 -3.54 2.48
N HIS B 52 21.32 -3.41 3.70
CA HIS B 52 20.88 -2.11 4.21
C HIS B 52 22.06 -1.13 4.27
N LEU B 53 23.22 -1.64 4.69
CA LEU B 53 24.42 -0.80 4.79
C LEU B 53 24.77 -0.23 3.41
N VAL B 54 24.71 -1.09 2.40
CA VAL B 54 25.03 -0.66 1.04
C VAL B 54 24.01 0.40 0.61
N GLN B 55 22.73 0.16 0.90
CA GLN B 55 21.70 1.13 0.53
C GLN B 55 21.96 2.45 1.25
N THR B 56 22.32 2.39 2.54
CA THR B 56 22.60 3.61 3.30
C THR B 56 23.57 4.50 2.53
N LYS B 57 24.65 3.90 2.04
CA LYS B 57 25.62 4.66 1.25
C LYS B 57 24.97 5.20 -0.01
N LEU B 58 24.12 4.39 -0.61
CA LEU B 58 23.44 4.78 -1.84
C LEU B 58 22.45 5.93 -1.59
N ILE B 59 22.02 6.12 -0.32
CA ILE B 59 21.11 7.23 -0.01
C ILE B 59 21.88 8.48 0.45
N GLU B 60 23.00 8.27 1.16
CA GLU B 60 23.81 9.39 1.64
C GLU B 60 24.42 10.17 0.46
N GLY B 61 24.86 9.43 -0.55
CA GLY B 61 25.49 10.05 -1.72
C GLY B 61 24.59 9.96 -2.95
N ASP B 62 23.28 10.02 -2.73
CA ASP B 62 22.32 9.93 -3.82
C ASP B 62 22.41 11.14 -4.77
N ALA B 63 23.21 12.12 -4.40
CA ALA B 63 23.36 13.32 -5.23
C ALA B 63 24.37 13.07 -6.34
N GLY B 64 24.50 14.03 -7.26
CA GLY B 64 25.44 13.90 -8.37
C GLY B 64 24.78 14.23 -9.71
N GLU B 65 23.73 13.48 -10.05
CA GLU B 65 23.03 13.70 -11.32
C GLU B 65 22.34 15.07 -11.33
N GLY B 66 21.76 15.45 -10.20
CA GLY B 66 21.07 16.73 -10.11
C GLY B 66 20.91 17.16 -8.66
N LYS B 67 20.42 18.38 -8.47
CA LYS B 67 20.23 18.92 -7.13
C LYS B 67 19.13 18.16 -6.38
N MET B 68 17.88 18.54 -6.66
CA MET B 68 16.72 17.93 -6.01
C MET B 68 16.52 16.47 -6.40
N LYS B 69 16.75 16.13 -7.66
CA LYS B 69 16.54 14.76 -8.14
C LYS B 69 17.62 13.80 -7.64
N VAL B 70 17.22 12.52 -7.52
CA VAL B 70 18.11 11.47 -7.05
C VAL B 70 18.02 10.24 -7.98
N SER B 71 18.89 9.26 -7.76
CA SER B 71 18.88 8.05 -8.59
C SER B 71 17.52 7.37 -8.49
N LEU B 72 16.93 7.04 -9.64
CA LEU B 72 15.60 6.45 -9.66
C LEU B 72 15.59 5.04 -9.04
N VAL B 73 16.65 4.30 -9.35
CA VAL B 73 16.80 2.93 -8.88
C VAL B 73 16.83 2.84 -7.34
N LEU B 74 17.12 3.95 -6.69
CA LEU B 74 17.18 3.96 -5.22
C LEU B 74 15.90 3.40 -4.63
N VAL B 75 14.79 3.73 -5.27
CA VAL B 75 13.48 3.27 -4.81
C VAL B 75 13.38 1.76 -5.02
N HIS B 76 13.84 1.21 -6.26
CA HIS B 76 13.79 -0.22 -6.54
C HIS B 76 14.49 -1.01 -5.43
N ALA B 77 15.67 -0.54 -5.03
CA ALA B 77 16.41 -1.20 -3.96
C ALA B 77 15.69 -1.02 -2.62
N GLN B 78 15.19 0.18 -2.39
CA GLN B 78 14.49 0.48 -1.14
C GLN B 78 13.22 -0.36 -1.03
N LEU B 79 12.44 -0.39 -2.12
CA LEU B 79 11.22 -1.18 -2.14
C LEU B 79 11.49 -2.65 -1.82
N HIS B 80 12.48 -3.23 -2.48
CA HIS B 80 12.80 -4.62 -2.24
C HIS B 80 13.36 -4.83 -0.84
N LEU B 81 14.27 -3.95 -0.44
CA LEU B 81 14.88 -4.06 0.89
C LEU B 81 13.85 -3.85 2.00
N MET B 82 13.00 -2.85 1.86
CA MET B 82 11.98 -2.57 2.87
C MET B 82 11.02 -3.75 3.01
N THR B 83 10.59 -4.28 1.87
CA THR B 83 9.67 -5.41 1.87
C THR B 83 10.32 -6.64 2.50
N SER B 84 11.55 -6.94 2.10
CA SER B 84 12.26 -8.09 2.64
C SER B 84 12.50 -7.97 4.14
N MET B 85 12.97 -6.81 4.58
CA MET B 85 13.24 -6.60 6.01
C MET B 85 11.96 -6.76 6.83
N LEU B 86 10.89 -6.14 6.36
CA LEU B 86 9.61 -6.21 7.06
C LEU B 86 9.11 -7.65 7.12
N ALA B 87 9.17 -8.33 5.98
CA ALA B 87 8.72 -9.71 5.90
C ALA B 87 9.49 -10.58 6.88
N ARG B 88 10.79 -10.44 6.86
CA ARG B 88 11.65 -11.22 7.75
C ARG B 88 11.28 -10.97 9.21
N GLU B 89 11.08 -9.70 9.59
CA GLU B 89 10.75 -9.38 10.97
C GLU B 89 9.43 -10.05 11.37
N LEU B 90 8.44 -9.96 10.50
CA LEU B 90 7.14 -10.56 10.78
C LEU B 90 7.28 -12.08 10.84
N ILE B 91 8.06 -12.63 9.92
CA ILE B 91 8.30 -14.07 9.91
C ILE B 91 8.95 -14.49 11.23
N THR B 92 9.86 -13.66 11.73
CA THR B 92 10.50 -13.96 13.02
C THR B 92 9.43 -14.07 14.09
N GLU B 93 8.49 -13.13 14.09
CA GLU B 93 7.40 -13.15 15.06
C GLU B 93 6.58 -14.43 14.88
N LEU B 94 6.30 -14.77 13.62
CA LEU B 94 5.54 -15.99 13.33
C LEU B 94 6.27 -17.21 13.87
N ILE B 95 7.59 -17.26 13.68
CA ILE B 95 8.36 -18.38 14.19
C ILE B 95 8.28 -18.46 15.71
N GLU B 96 8.36 -17.30 16.37
CA GLU B 96 8.25 -17.27 17.83
C GLU B 96 6.90 -17.85 18.25
N LEU B 97 5.86 -17.54 17.49
CA LEU B 97 4.52 -18.05 17.79
C LEU B 97 4.52 -19.58 17.69
N HIS B 98 5.19 -20.10 16.66
CA HIS B 98 5.27 -21.55 16.50
C HIS B 98 5.89 -22.17 17.75
N GLU B 99 6.90 -21.48 18.28
CA GLU B 99 7.55 -21.95 19.50
C GLU B 99 6.58 -21.94 20.66
N LYS B 100 5.77 -20.88 20.77
CA LYS B 100 4.79 -20.80 21.84
C LYS B 100 3.72 -21.88 21.65
N LEU B 101 3.39 -22.19 20.39
CA LEU B 101 2.42 -23.25 20.11
C LEU B 101 2.96 -24.60 20.58
N LYS B 102 4.13 -24.57 21.21
CA LYS B 102 4.77 -25.78 21.72
C LYS B 102 5.49 -26.51 20.59
N ALA B 103 4.71 -26.92 19.58
CA ALA B 103 5.25 -27.67 18.43
C ALA B 103 6.64 -27.19 18.04
N ALA C 1 11.12 19.25 -2.05
CA ALA C 1 11.16 20.74 -1.98
C ALA C 1 10.96 21.17 -0.54
N GLU C 2 11.18 22.45 -0.27
CA GLU C 2 11.04 23.02 1.08
C GLU C 2 10.10 22.22 1.98
N GLU C 3 8.81 22.51 1.89
CA GLU C 3 7.83 21.81 2.71
C GLU C 3 7.73 20.34 2.34
N LEU C 4 7.37 20.07 1.08
CA LEU C 4 7.24 18.68 0.63
C LEU C 4 8.38 17.80 1.16
N GLU C 5 9.60 18.32 1.11
CA GLU C 5 10.76 17.57 1.58
C GLU C 5 10.74 17.43 3.10
N GLU C 6 10.47 18.53 3.78
CA GLU C 6 10.41 18.52 5.24
C GLU C 6 9.19 17.70 5.68
N VAL C 7 8.12 17.78 4.89
CA VAL C 7 6.90 17.04 5.17
C VAL C 7 7.17 15.53 5.06
N VAL C 8 7.92 15.14 4.03
CA VAL C 8 8.27 13.74 3.83
C VAL C 8 9.06 13.24 5.04
N MET C 9 10.02 14.04 5.50
CA MET C 9 10.80 13.67 6.66
C MET C 9 9.87 13.40 7.84
N GLY C 10 8.88 14.29 8.01
CA GLY C 10 7.91 14.13 9.08
C GLY C 10 7.12 12.84 8.88
N LEU C 11 6.71 12.59 7.65
CA LEU C 11 5.94 11.37 7.33
C LEU C 11 6.79 10.14 7.59
N ILE C 12 8.05 10.18 7.18
CA ILE C 12 8.94 9.04 7.37
C ILE C 12 9.11 8.78 8.87
N ILE C 13 9.32 9.87 9.61
CA ILE C 13 9.47 9.76 11.06
C ILE C 13 8.16 9.23 11.66
N ASN C 14 7.05 9.81 11.22
CA ASN C 14 5.73 9.40 11.72
C ASN C 14 5.50 7.92 11.43
N SER C 15 5.79 7.51 10.19
CA SER C 15 5.63 6.11 9.81
C SER C 15 6.52 5.24 10.68
N GLY C 16 7.76 5.70 10.90
CA GLY C 16 8.70 4.95 11.73
C GLY C 16 8.18 4.84 13.16
N GLN C 17 7.67 5.95 13.70
CA GLN C 17 7.13 5.92 15.06
C GLN C 17 5.95 4.97 15.12
N ALA C 18 5.12 5.01 14.08
CA ALA C 18 3.96 4.14 14.02
C ALA C 18 4.38 2.67 14.15
N ARG C 19 5.36 2.27 13.33
CA ARG C 19 5.84 0.91 13.40
C ARG C 19 6.41 0.63 14.79
N SER C 20 7.21 1.57 15.28
CA SER C 20 7.81 1.41 16.60
C SER C 20 6.73 1.13 17.65
N LEU C 21 5.66 1.92 17.61
CA LEU C 21 4.56 1.74 18.54
C LEU C 21 3.92 0.37 18.33
N ALA C 22 3.73 0.00 17.06
CA ALA C 22 3.13 -1.29 16.73
C ALA C 22 3.96 -2.44 17.33
N TYR C 23 5.27 -2.43 17.07
CA TYR C 23 6.14 -3.47 17.64
C TYR C 23 6.05 -3.45 19.16
N ALA C 24 6.03 -2.24 19.72
CA ALA C 24 5.92 -2.11 21.17
C ALA C 24 4.59 -2.72 21.62
N ALA C 25 3.54 -2.47 20.85
CA ALA C 25 2.23 -3.03 21.16
C ALA C 25 2.31 -4.55 21.21
N LEU C 26 3.01 -5.12 20.24
CA LEU C 26 3.19 -6.57 20.18
C LEU C 26 3.95 -7.05 21.42
N LYS C 27 4.99 -6.31 21.77
CA LYS C 27 5.79 -6.66 22.94
C LYS C 27 4.90 -6.72 24.19
N GLN C 28 3.99 -5.77 24.31
CA GLN C 28 3.06 -5.75 25.44
C GLN C 28 2.26 -7.04 25.47
N ALA C 29 1.82 -7.47 24.27
CA ALA C 29 1.05 -8.70 24.16
C ALA C 29 1.85 -9.89 24.67
N LYS C 30 3.13 -9.94 24.30
CA LYS C 30 3.99 -11.02 24.76
C LYS C 30 4.07 -11.06 26.28
N GLN C 31 3.98 -9.88 26.90
CA GLN C 31 4.04 -9.80 28.36
C GLN C 31 2.67 -10.17 28.96
N GLY C 32 1.71 -10.44 28.08
CA GLY C 32 0.36 -10.83 28.53
C GLY C 32 -0.47 -9.60 28.89
N ASP C 33 -0.04 -8.43 28.44
CA ASP C 33 -0.76 -7.18 28.70
C ASP C 33 -1.63 -6.80 27.51
N PHE C 34 -2.80 -7.41 27.42
CA PHE C 34 -3.71 -7.14 26.31
C PHE C 34 -4.22 -5.70 26.34
N ALA C 35 -4.43 -5.17 27.54
CA ALA C 35 -4.94 -3.81 27.68
C ALA C 35 -3.97 -2.79 27.08
N ALA C 36 -2.71 -2.89 27.47
CA ALA C 36 -1.71 -1.96 26.96
C ALA C 36 -1.50 -2.17 25.47
N ALA C 37 -1.55 -3.42 25.02
CA ALA C 37 -1.38 -3.71 23.60
C ALA C 37 -2.48 -3.00 22.81
N LYS C 38 -3.72 -3.21 23.22
CA LYS C 38 -4.87 -2.59 22.57
C LYS C 38 -4.72 -1.07 22.49
N ALA C 39 -4.32 -0.45 23.61
CA ALA C 39 -4.16 1.00 23.65
C ALA C 39 -3.06 1.46 22.68
N MET C 40 -1.96 0.72 22.64
CA MET C 40 -0.85 1.06 21.77
C MET C 40 -1.25 0.92 20.30
N MET C 41 -2.03 -0.11 19.99
CA MET C 41 -2.48 -0.31 18.61
C MET C 41 -3.35 0.85 18.16
N ASP C 42 -4.25 1.28 19.04
CA ASP C 42 -5.17 2.36 18.72
C ASP C 42 -4.41 3.63 18.38
N GLN C 43 -3.42 3.97 19.21
CA GLN C 43 -2.61 5.16 18.97
C GLN C 43 -1.83 5.03 17.67
N SER C 44 -1.30 3.85 17.42
CA SER C 44 -0.55 3.60 16.19
C SER C 44 -1.44 3.87 14.98
N ARG C 45 -2.67 3.32 15.03
CA ARG C 45 -3.64 3.50 13.96
C ARG C 45 -3.93 4.99 13.72
N MET C 46 -4.14 5.72 14.81
CA MET C 46 -4.43 7.15 14.72
C MET C 46 -3.26 7.89 14.08
N ALA C 47 -2.04 7.51 14.47
CA ALA C 47 -0.84 8.14 13.91
C ALA C 47 -0.78 7.91 12.40
N LEU C 48 -1.08 6.68 11.98
CA LEU C 48 -1.07 6.33 10.57
C LEU C 48 -2.17 7.06 9.82
N ASN C 49 -3.34 7.15 10.45
CA ASN C 49 -4.48 7.81 9.84
C ASN C 49 -4.14 9.27 9.52
N GLU C 50 -3.51 9.95 10.47
CA GLU C 50 -3.11 11.33 10.26
C GLU C 50 -2.06 11.41 9.16
N ALA C 51 -1.13 10.47 9.19
CA ALA C 51 -0.07 10.43 8.18
C ALA C 51 -0.67 10.15 6.80
N HIS C 52 -1.58 9.19 6.74
CA HIS C 52 -2.25 8.85 5.48
C HIS C 52 -3.02 10.05 4.94
N LEU C 53 -3.69 10.78 5.83
CA LEU C 53 -4.47 11.95 5.43
C LEU C 53 -3.56 12.98 4.76
N VAL C 54 -2.39 13.20 5.35
CA VAL C 54 -1.45 14.16 4.80
C VAL C 54 -0.99 13.67 3.43
N GLN C 55 -0.69 12.38 3.32
CA GLN C 55 -0.26 11.82 2.04
C GLN C 55 -1.38 11.99 1.00
N THR C 56 -2.62 11.74 1.41
CA THR C 56 -3.76 11.88 0.48
C THR C 56 -3.70 13.25 -0.19
N LYS C 57 -3.50 14.29 0.60
CA LYS C 57 -3.40 15.64 0.05
C LYS C 57 -2.20 15.73 -0.88
N LEU C 58 -1.11 15.09 -0.49
CA LEU C 58 0.10 15.11 -1.29
C LEU C 58 -0.08 14.35 -2.61
N ILE C 59 -1.09 13.47 -2.70
CA ILE C 59 -1.33 12.76 -3.95
C ILE C 59 -2.40 13.48 -4.79
N GLU C 60 -3.38 14.10 -4.14
CA GLU C 60 -4.43 14.83 -4.87
C GLU C 60 -3.85 16.03 -5.60
N GLY C 61 -2.89 16.71 -4.98
CA GLY C 61 -2.28 17.89 -5.57
C GLY C 61 -0.83 17.62 -5.97
N ASP C 62 -0.56 16.41 -6.41
CA ASP C 62 0.79 16.03 -6.80
C ASP C 62 1.22 16.75 -8.06
N ALA C 63 0.31 17.49 -8.68
CA ALA C 63 0.63 18.24 -9.90
C ALA C 63 1.30 19.56 -9.56
N GLY C 64 1.78 20.26 -10.59
CA GLY C 64 2.43 21.56 -10.39
C GLY C 64 3.77 21.63 -11.13
N GLU C 65 4.69 20.71 -10.81
CA GLU C 65 5.99 20.70 -11.45
C GLU C 65 5.87 20.38 -12.94
N GLY C 66 4.99 19.45 -13.27
CA GLY C 66 4.80 19.05 -14.66
C GLY C 66 3.45 18.36 -14.86
N LYS C 67 3.12 18.09 -16.11
CA LYS C 67 1.85 17.44 -16.43
C LYS C 67 1.83 16.00 -15.92
N MET C 68 2.44 15.10 -16.70
CA MET C 68 2.48 13.68 -16.36
C MET C 68 3.31 13.38 -15.12
N LYS C 69 4.45 14.07 -14.97
CA LYS C 69 5.34 13.83 -13.84
C LYS C 69 4.79 14.36 -12.52
N VAL C 70 5.20 13.71 -11.43
CA VAL C 70 4.76 14.07 -10.08
C VAL C 70 5.96 14.16 -9.13
N SER C 71 5.72 14.64 -7.91
CA SER C 71 6.80 14.75 -6.93
C SER C 71 7.42 13.38 -6.68
N LEU C 72 8.74 13.30 -6.77
CA LEU C 72 9.45 12.03 -6.61
C LEU C 72 9.31 11.48 -5.19
N VAL C 73 9.40 12.39 -4.22
CA VAL C 73 9.33 12.04 -2.80
C VAL C 73 8.00 11.37 -2.44
N LEU C 74 6.99 11.57 -3.26
CA LEU C 74 5.68 10.98 -3.00
C LEU C 74 5.79 9.48 -2.74
N VAL C 75 6.67 8.86 -3.52
CA VAL C 75 6.90 7.42 -3.40
C VAL C 75 7.58 7.13 -2.05
N HIS C 76 8.64 7.97 -1.62
CA HIS C 76 9.32 7.75 -0.36
C HIS C 76 8.32 7.71 0.80
N ALA C 77 7.39 8.66 0.79
CA ALA C 77 6.36 8.69 1.82
C ALA C 77 5.39 7.53 1.68
N GLN C 78 5.04 7.21 0.43
CA GLN C 78 4.11 6.11 0.16
C GLN C 78 4.74 4.79 0.59
N LEU C 79 5.99 4.58 0.19
CA LEU C 79 6.71 3.36 0.55
C LEU C 79 6.75 3.17 2.06
N HIS C 80 7.13 4.21 2.79
CA HIS C 80 7.20 4.12 4.24
C HIS C 80 5.81 3.94 4.85
N LEU C 81 4.87 4.73 4.38
CA LEU C 81 3.50 4.67 4.89
C LEU C 81 2.85 3.31 4.59
N MET C 82 3.01 2.84 3.37
CA MET C 82 2.42 1.55 2.98
C MET C 82 3.01 0.42 3.82
N THR C 83 4.32 0.45 3.99
CA THR C 83 5.00 -0.58 4.76
C THR C 83 4.54 -0.55 6.22
N SER C 84 4.53 0.64 6.80
CA SER C 84 4.12 0.80 8.20
C SER C 84 2.67 0.37 8.42
N MET C 85 1.76 0.84 7.56
CA MET C 85 0.35 0.48 7.70
C MET C 85 0.16 -1.04 7.61
N LEU C 86 0.80 -1.65 6.63
CA LEU C 86 0.70 -3.09 6.43
C LEU C 86 1.24 -3.83 7.65
N ALA C 87 2.42 -3.42 8.10
CA ALA C 87 3.05 -4.04 9.25
C ALA C 87 2.13 -3.96 10.47
N ARG C 88 1.61 -2.77 10.71
CA ARG C 88 0.74 -2.55 11.84
C ARG C 88 -0.50 -3.47 11.77
N GLU C 89 -1.11 -3.56 10.59
CA GLU C 89 -2.29 -4.42 10.44
C GLU C 89 -1.95 -5.88 10.74
N LEU C 90 -0.82 -6.35 10.20
CA LEU C 90 -0.40 -7.72 10.44
C LEU C 90 -0.07 -7.92 11.91
N ILE C 91 0.60 -6.95 12.49
CA ILE C 91 0.95 -7.02 13.90
C ILE C 91 -0.33 -7.12 14.73
N THR C 92 -1.36 -6.39 14.32
CA THR C 92 -2.64 -6.46 15.02
C THR C 92 -3.15 -7.89 14.99
N GLU C 93 -3.06 -8.53 13.83
CA GLU C 93 -3.50 -9.92 13.70
C GLU C 93 -2.66 -10.82 14.62
N LEU C 94 -1.36 -10.56 14.63
CA LEU C 94 -0.45 -11.34 15.47
C LEU C 94 -0.84 -11.20 16.94
N ILE C 95 -1.16 -9.98 17.35
CA ILE C 95 -1.57 -9.73 18.73
C ILE C 95 -2.86 -10.51 19.05
N GLU C 96 -3.80 -10.48 18.12
CA GLU C 96 -5.05 -11.21 18.31
C GLU C 96 -4.75 -12.70 18.53
N LEU C 97 -3.78 -13.21 17.77
CA LEU C 97 -3.39 -14.61 17.91
C LEU C 97 -2.85 -14.87 19.32
N HIS C 98 -2.05 -13.94 19.83
CA HIS C 98 -1.52 -14.09 21.18
C HIS C 98 -2.68 -14.22 22.16
N GLU C 99 -3.73 -13.44 21.92
CA GLU C 99 -4.90 -13.49 22.78
C GLU C 99 -5.57 -14.87 22.68
N LYS C 100 -5.65 -15.41 21.46
CA LYS C 100 -6.25 -16.72 21.29
C LYS C 100 -5.38 -17.78 21.95
N LEU C 101 -4.05 -17.58 21.91
CA LEU C 101 -3.12 -18.52 22.55
C LEU C 101 -3.37 -18.53 24.06
N LYS C 102 -4.36 -17.76 24.51
CA LYS C 102 -4.70 -17.67 25.93
C LYS C 102 -3.78 -16.68 26.63
N ALA C 103 -2.48 -16.99 26.61
CA ALA C 103 -1.45 -16.16 27.26
C ALA C 103 -1.80 -14.67 27.21
N LYS D 1 -19.97 26.95 -1.17
CA LYS D 1 -19.08 26.05 -1.96
C LYS D 1 -19.44 24.59 -1.78
N LYS D 2 -19.77 23.94 -2.87
CA LYS D 2 -20.15 22.54 -2.84
C LYS D 2 -18.93 21.62 -2.88
N HIS D 3 -19.02 20.49 -2.19
CA HIS D 3 -17.93 19.52 -2.13
C HIS D 3 -18.12 18.37 -3.08
N ILE D 4 -17.20 18.26 -4.03
CA ILE D 4 -17.22 17.18 -4.99
C ILE D 4 -16.07 16.24 -4.61
N TYR D 5 -16.39 15.03 -4.18
CA TYR D 5 -15.38 14.06 -3.78
C TYR D 5 -15.33 12.90 -4.76
N LEU D 6 -14.13 12.60 -5.26
CA LEU D 6 -13.90 11.48 -6.19
C LEU D 6 -13.25 10.35 -5.40
N PHE D 7 -13.56 9.08 -5.75
CA PHE D 7 -12.86 7.96 -5.12
C PHE D 7 -12.20 7.06 -6.16
N CYS D 8 -11.06 6.44 -5.73
CA CYS D 8 -10.29 5.42 -6.46
C CYS D 8 -9.51 4.56 -5.48
N SER D 9 -8.65 3.65 -5.88
CA SER D 9 -8.05 2.81 -4.83
C SER D 9 -7.20 3.64 -3.89
N ALA D 10 -6.21 4.41 -4.40
CA ALA D 10 -5.32 5.15 -3.52
C ALA D 10 -5.63 6.63 -3.59
N GLY D 11 -5.96 7.13 -4.78
CA GLY D 11 -6.26 8.54 -4.96
C GLY D 11 -5.23 9.25 -5.83
N MET D 12 -4.55 8.52 -6.71
CA MET D 12 -3.52 9.14 -7.55
C MET D 12 -3.99 9.32 -9.00
N SER D 13 -4.08 8.26 -9.72
CA SER D 13 -4.51 8.36 -11.12
C SER D 13 -5.71 9.29 -11.27
N THR D 14 -6.46 9.50 -10.19
CA THR D 14 -7.62 10.37 -10.31
C THR D 14 -7.22 11.77 -9.88
N SER D 15 -6.09 11.83 -9.22
CA SER D 15 -5.48 13.09 -8.76
C SER D 15 -5.20 14.03 -9.93
N LEU D 16 -4.82 13.46 -11.06
CA LEU D 16 -4.55 14.26 -12.24
C LEU D 16 -5.88 14.86 -12.76
N LEU D 17 -6.96 14.07 -12.72
CA LEU D 17 -8.28 14.55 -13.14
C LEU D 17 -8.75 15.68 -12.19
N VAL D 18 -8.54 15.48 -10.88
CA VAL D 18 -8.91 16.50 -9.89
C VAL D 18 -8.18 17.83 -10.15
N SER D 19 -6.89 17.79 -10.47
CA SER D 19 -6.17 19.03 -10.74
C SER D 19 -6.73 19.77 -11.98
N LYS D 20 -7.12 19.03 -13.02
CA LYS D 20 -7.71 19.66 -14.20
C LYS D 20 -9.12 20.20 -13.91
N MET D 21 -9.87 19.50 -13.07
CA MET D 21 -11.22 20.00 -12.73
C MET D 21 -11.08 21.31 -11.94
N ARG D 22 -10.13 21.39 -11.02
CA ARG D 22 -9.91 22.60 -10.21
C ARG D 22 -9.56 23.79 -11.12
N ALA D 23 -8.79 23.54 -12.18
CA ALA D 23 -8.39 24.59 -13.11
C ALA D 23 -9.63 25.14 -13.81
N GLN D 24 -10.50 24.24 -14.24
CA GLN D 24 -11.72 24.61 -14.91
C GLN D 24 -12.67 25.35 -14.00
N ALA D 25 -12.80 24.88 -12.77
CA ALA D 25 -13.69 25.53 -11.80
C ALA D 25 -13.24 26.96 -11.55
N GLU D 26 -11.93 27.20 -11.60
CA GLU D 26 -11.39 28.54 -11.36
C GLU D 26 -11.65 29.43 -12.57
N LYS D 27 -11.43 28.88 -13.76
CA LYS D 27 -11.63 29.59 -14.99
C LYS D 27 -13.07 30.10 -15.12
N TYR D 28 -14.05 29.29 -14.72
CA TYR D 28 -15.48 29.69 -14.80
C TYR D 28 -16.13 30.10 -13.49
N GLU D 29 -15.33 30.35 -12.46
CA GLU D 29 -15.81 30.78 -11.15
C GLU D 29 -16.89 29.89 -10.51
N VAL D 30 -16.76 28.58 -10.66
CA VAL D 30 -17.70 27.63 -10.08
C VAL D 30 -17.27 27.48 -8.62
N PRO D 31 -18.19 27.73 -7.67
CA PRO D 31 -17.91 27.64 -6.23
C PRO D 31 -17.93 26.21 -5.68
N VAL D 32 -16.88 25.46 -6.01
CA VAL D 32 -16.75 24.08 -5.57
C VAL D 32 -15.38 23.76 -5.01
N ILE D 33 -15.35 22.75 -4.14
CA ILE D 33 -14.13 22.22 -3.55
C ILE D 33 -14.09 20.77 -4.09
N ILE D 34 -12.98 20.40 -4.71
CA ILE D 34 -12.79 19.07 -5.32
C ILE D 34 -11.61 18.31 -4.66
N GLU D 35 -11.86 17.09 -4.18
CA GLU D 35 -10.83 16.27 -3.52
C GLU D 35 -10.93 14.82 -4.00
N ALA D 36 -9.78 14.14 -4.09
CA ALA D 36 -9.71 12.73 -4.50
C ALA D 36 -9.34 11.92 -3.25
N PHE D 37 -9.93 10.74 -3.09
CA PHE D 37 -9.64 9.87 -1.95
C PHE D 37 -9.66 8.44 -2.43
N PRO D 38 -9.08 7.53 -1.64
CA PRO D 38 -9.07 6.11 -2.02
C PRO D 38 -10.49 5.61 -1.70
N GLU D 39 -10.91 4.54 -2.35
CA GLU D 39 -12.24 3.96 -2.13
C GLU D 39 -12.51 3.54 -0.69
N THR D 40 -11.46 3.29 0.09
CA THR D 40 -11.63 2.88 1.48
C THR D 40 -12.26 3.95 2.37
N LEU D 41 -12.19 5.21 1.94
CA LEU D 41 -12.77 6.32 2.70
C LEU D 41 -14.15 6.77 2.20
N ALA D 42 -14.74 6.07 1.21
CA ALA D 42 -16.05 6.45 0.63
C ALA D 42 -17.14 6.64 1.68
N GLY D 43 -17.12 5.80 2.71
CA GLY D 43 -18.13 5.91 3.75
C GLY D 43 -17.81 6.98 4.77
N GLU D 44 -16.53 7.16 5.08
CA GLU D 44 -16.15 8.15 6.07
C GLU D 44 -16.16 9.59 5.49
N LYS D 45 -15.52 9.77 4.34
CA LYS D 45 -15.46 11.08 3.70
C LYS D 45 -16.73 11.45 2.92
N GLY D 46 -17.38 10.46 2.32
CA GLY D 46 -18.60 10.70 1.55
C GLY D 46 -19.69 11.43 2.29
N GLN D 47 -19.77 11.23 3.60
CA GLN D 47 -20.79 11.89 4.43
C GLN D 47 -20.74 13.42 4.34
N ASN D 48 -19.59 13.97 3.95
CA ASN D 48 -19.43 15.41 3.87
C ASN D 48 -19.45 15.95 2.45
N ALA D 49 -19.66 15.08 1.48
CA ALA D 49 -19.67 15.54 0.10
C ALA D 49 -21.06 15.97 -0.30
N ASP D 50 -21.11 16.82 -1.31
CA ASP D 50 -22.38 17.25 -1.83
C ASP D 50 -22.73 16.32 -2.99
N VAL D 51 -21.69 15.73 -3.60
CA VAL D 51 -21.88 14.75 -4.67
C VAL D 51 -20.68 13.78 -4.61
N VAL D 52 -20.98 12.49 -4.70
CA VAL D 52 -19.97 11.44 -4.66
C VAL D 52 -19.78 10.85 -6.06
N LEU D 53 -18.55 10.92 -6.57
CA LEU D 53 -18.24 10.38 -7.88
C LEU D 53 -17.30 9.18 -7.73
N LEU D 54 -17.60 8.08 -8.42
CA LEU D 54 -16.75 6.88 -8.36
C LEU D 54 -15.96 6.73 -9.63
N GLY D 55 -14.69 6.35 -9.51
CA GLY D 55 -13.84 6.18 -10.68
C GLY D 55 -14.39 5.02 -11.49
N PRO D 56 -14.13 4.94 -12.76
CA PRO D 56 -14.65 3.83 -13.62
C PRO D 56 -14.23 2.43 -13.16
N GLN D 57 -13.07 2.31 -12.54
CA GLN D 57 -12.57 1.02 -12.08
C GLN D 57 -13.39 0.49 -10.90
N ILE D 58 -14.04 1.38 -10.15
CA ILE D 58 -14.82 0.94 -9.01
C ILE D 58 -16.34 1.02 -9.23
N ALA D 59 -16.75 0.99 -10.49
CA ALA D 59 -18.17 1.04 -10.83
C ALA D 59 -18.94 -0.11 -10.19
N TYR D 60 -18.34 -1.30 -10.13
CA TYR D 60 -19.04 -2.44 -9.55
C TYR D 60 -19.46 -2.21 -8.09
N MET D 61 -18.84 -1.23 -7.44
CA MET D 61 -19.15 -0.89 -6.05
C MET D 61 -20.33 0.08 -5.87
N LEU D 62 -20.89 0.58 -6.97
CA LEU D 62 -21.99 1.54 -6.90
C LEU D 62 -23.13 1.19 -5.93
N PRO D 63 -23.73 -0.02 -6.05
CA PRO D 63 -24.82 -0.37 -5.12
C PRO D 63 -24.43 -0.30 -3.65
N GLU D 64 -23.22 -0.72 -3.30
CA GLU D 64 -22.77 -0.68 -1.91
C GLU D 64 -22.60 0.74 -1.42
N ILE D 65 -22.02 1.59 -2.25
CA ILE D 65 -21.83 2.99 -1.85
C ILE D 65 -23.16 3.74 -1.71
N GLN D 66 -24.12 3.42 -2.59
CA GLN D 66 -25.46 4.00 -2.52
C GLN D 66 -26.13 3.64 -1.18
N ARG D 67 -26.00 2.39 -0.73
CA ARG D 67 -26.60 1.98 0.55
C ARG D 67 -25.89 2.63 1.74
N LEU D 68 -24.60 2.88 1.59
CA LEU D 68 -23.77 3.49 2.64
C LEU D 68 -24.11 4.97 2.82
N LEU D 69 -24.39 5.65 1.70
CA LEU D 69 -24.73 7.09 1.68
C LEU D 69 -26.11 7.27 1.01
N PRO D 70 -27.20 6.87 1.69
CA PRO D 70 -28.55 6.99 1.13
C PRO D 70 -29.03 8.44 0.93
N ASN D 71 -28.35 9.38 1.56
CA ASN D 71 -28.75 10.79 1.44
C ASN D 71 -27.82 11.63 0.57
N LYS D 72 -27.08 10.99 -0.33
CA LYS D 72 -26.14 11.69 -1.21
C LYS D 72 -26.26 11.20 -2.63
N PRO D 73 -26.13 12.10 -3.63
CA PRO D 73 -26.21 11.62 -5.02
C PRO D 73 -24.85 10.97 -5.27
N VAL D 74 -24.87 9.73 -5.75
CA VAL D 74 -23.64 8.96 -6.02
C VAL D 74 -23.64 8.48 -7.46
N GLU D 75 -22.58 8.72 -8.19
CA GLU D 75 -22.53 8.22 -9.55
C GLU D 75 -21.13 7.95 -10.07
N VAL D 76 -21.06 7.12 -11.10
CA VAL D 76 -19.80 6.72 -11.71
C VAL D 76 -19.40 7.72 -12.78
N ILE D 77 -18.11 8.03 -12.84
CA ILE D 77 -17.58 8.96 -13.83
C ILE D 77 -17.54 8.27 -15.17
N ASP D 78 -17.96 8.97 -16.21
CA ASP D 78 -17.94 8.40 -17.55
C ASP D 78 -16.51 7.95 -17.89
N SER D 79 -16.33 6.69 -18.28
CA SER D 79 -14.99 6.17 -18.58
C SER D 79 -14.18 6.90 -19.65
N LEU D 80 -14.87 7.44 -20.65
CA LEU D 80 -14.19 8.17 -21.73
C LEU D 80 -13.73 9.53 -21.23
N LEU D 81 -14.58 10.18 -20.45
CA LEU D 81 -14.26 11.49 -19.90
C LEU D 81 -13.10 11.33 -18.94
N TYR D 82 -13.10 10.21 -18.22
CA TYR D 82 -12.04 9.90 -17.25
C TYR D 82 -10.71 9.58 -17.95
N GLY D 83 -10.75 8.68 -18.92
CA GLY D 83 -9.54 8.32 -19.64
C GLY D 83 -8.87 9.50 -20.31
N LYS D 84 -9.68 10.37 -20.87
CA LYS D 84 -9.22 11.56 -21.59
C LYS D 84 -8.79 12.70 -20.65
N VAL D 85 -9.07 12.52 -19.35
CA VAL D 85 -8.77 13.52 -18.31
C VAL D 85 -9.47 14.86 -18.61
N ASP D 86 -10.76 14.77 -18.94
CA ASP D 86 -11.57 15.95 -19.28
C ASP D 86 -12.09 16.63 -18.03
N GLY D 87 -11.29 17.56 -17.51
CA GLY D 87 -11.64 18.31 -16.31
C GLY D 87 -12.94 19.07 -16.45
N LEU D 88 -13.16 19.73 -17.60
CA LEU D 88 -14.39 20.49 -17.80
C LEU D 88 -15.63 19.58 -17.87
N GLY D 89 -15.50 18.50 -18.64
CA GLY D 89 -16.59 17.56 -18.81
C GLY D 89 -17.07 16.91 -17.53
N VAL D 90 -16.12 16.49 -16.69
CA VAL D 90 -16.48 15.84 -15.42
C VAL D 90 -17.04 16.88 -14.45
N LEU D 91 -16.47 18.08 -14.49
CA LEU D 91 -16.97 19.15 -13.63
C LEU D 91 -18.46 19.39 -14.00
N LYS D 92 -18.76 19.42 -15.30
CA LYS D 92 -20.15 19.61 -15.75
C LYS D 92 -21.09 18.52 -15.24
N ALA D 93 -20.64 17.27 -15.30
CA ALA D 93 -21.47 16.14 -14.85
C ALA D 93 -21.76 16.21 -13.35
N ALA D 94 -20.78 16.72 -12.60
CA ALA D 94 -20.90 16.82 -11.15
C ALA D 94 -21.90 17.90 -10.75
N VAL D 95 -21.80 19.06 -11.40
CA VAL D 95 -22.72 20.17 -11.13
C VAL D 95 -24.13 19.69 -11.49
N ALA D 96 -24.25 18.98 -12.61
CA ALA D 96 -25.54 18.45 -13.04
C ALA D 96 -26.13 17.51 -11.99
N ALA D 97 -25.33 16.57 -11.49
CA ALA D 97 -25.85 15.64 -10.49
C ALA D 97 -26.36 16.40 -9.26
N ILE D 98 -25.70 17.51 -8.93
CA ILE D 98 -26.12 18.32 -7.78
C ILE D 98 -27.46 19.01 -8.03
N LYS D 99 -27.63 19.58 -9.24
CA LYS D 99 -28.87 20.26 -9.62
C LYS D 99 -30.01 19.26 -9.71
N LYS D 100 -29.80 18.19 -10.45
CA LYS D 100 -30.83 17.18 -10.59
C LYS D 100 -31.20 16.60 -9.22
N ALA D 101 -30.34 16.79 -8.23
CA ALA D 101 -30.58 16.28 -6.88
C ALA D 101 -31.37 17.24 -6.00
N ALA D 102 -31.14 18.54 -6.18
CA ALA D 102 -31.83 19.57 -5.43
C ALA D 102 -33.22 19.88 -6.02
N ALA D 103 -33.60 19.13 -7.06
CA ALA D 103 -34.88 19.29 -7.72
C ALA D 103 -35.05 18.26 -8.85
P PO3 E . -4.81 5.44 -7.21
O1 PO3 E . -5.28 4.02 -6.97
O2 PO3 E . -4.76 5.99 -8.62
O3 PO3 E . -4.21 6.24 -6.08
N ALA A 1 0.74 7.29 -18.60
CA ALA A 1 0.24 7.59 -19.96
C ALA A 1 -1.09 6.86 -20.17
N GLU A 2 -1.77 7.18 -21.26
CA GLU A 2 -3.08 6.58 -21.60
C GLU A 2 -3.28 5.20 -20.95
N GLU A 3 -2.80 4.17 -21.63
CA GLU A 3 -2.95 2.80 -21.13
C GLU A 3 -2.16 2.60 -19.84
N LEU A 4 -0.84 2.78 -19.91
CA LEU A 4 0.01 2.60 -18.74
C LEU A 4 -0.63 3.20 -17.48
N GLU A 5 -1.21 4.38 -17.61
CA GLU A 5 -1.84 5.05 -16.47
C GLU A 5 -3.12 4.34 -16.08
N GLU A 6 -3.94 4.01 -17.07
CA GLU A 6 -5.19 3.30 -16.82
C GLU A 6 -4.88 1.88 -16.34
N VAL A 7 -3.80 1.31 -16.88
CA VAL A 7 -3.37 -0.03 -16.50
C VAL A 7 -2.93 -0.05 -15.03
N VAL A 8 -2.20 0.99 -14.63
CA VAL A 8 -1.73 1.10 -13.25
C VAL A 8 -2.95 1.16 -12.33
N MET A 9 -3.95 1.96 -12.70
CA MET A 9 -5.17 2.06 -11.90
C MET A 9 -5.77 0.67 -11.73
N GLY A 10 -5.81 -0.09 -12.82
CA GLY A 10 -6.34 -1.45 -12.77
C GLY A 10 -5.49 -2.31 -11.83
N LEU A 11 -4.17 -2.17 -11.95
CA LEU A 11 -3.26 -2.93 -11.10
C LEU A 11 -3.45 -2.56 -9.64
N ILE A 12 -3.57 -1.27 -9.37
CA ILE A 12 -3.76 -0.80 -8.00
C ILE A 12 -5.06 -1.36 -7.46
N ILE A 13 -6.11 -1.29 -8.26
CA ILE A 13 -7.40 -1.82 -7.85
C ILE A 13 -7.30 -3.33 -7.65
N ASN A 14 -6.65 -4.01 -8.60
CA ASN A 14 -6.47 -5.45 -8.53
C ASN A 14 -5.71 -5.82 -7.26
N SER A 15 -4.61 -5.11 -7.03
CA SER A 15 -3.81 -5.35 -5.83
C SER A 15 -4.65 -5.14 -4.57
N GLY A 16 -5.44 -4.06 -4.60
CA GLY A 16 -6.32 -3.75 -3.47
C GLY A 16 -7.35 -4.86 -3.26
N GLN A 17 -7.95 -5.32 -4.36
CA GLN A 17 -8.94 -6.40 -4.27
C GLN A 17 -8.27 -7.65 -3.72
N ALA A 18 -7.05 -7.92 -4.18
CA ALA A 18 -6.31 -9.09 -3.72
C ALA A 18 -6.15 -9.04 -2.21
N ARG A 19 -5.70 -7.91 -1.69
CA ARG A 19 -5.55 -7.77 -0.25
C ARG A 19 -6.90 -7.95 0.43
N SER A 20 -7.91 -7.28 -0.11
CA SER A 20 -9.25 -7.36 0.44
C SER A 20 -9.68 -8.83 0.57
N LEU A 21 -9.47 -9.59 -0.49
CA LEU A 21 -9.81 -11.01 -0.48
C LEU A 21 -8.97 -11.74 0.58
N ALA A 22 -7.69 -11.40 0.63
CA ALA A 22 -6.79 -12.03 1.60
C ALA A 22 -7.30 -11.80 3.03
N TYR A 23 -7.59 -10.55 3.38
CA TYR A 23 -8.10 -10.25 4.72
C TYR A 23 -9.41 -11.00 4.93
N ALA A 24 -10.25 -11.03 3.90
CA ALA A 24 -11.51 -11.73 3.99
C ALA A 24 -11.24 -13.22 4.25
N ALA A 25 -10.23 -13.75 3.56
CA ALA A 25 -9.84 -15.14 3.75
C ALA A 25 -9.48 -15.38 5.21
N LEU A 26 -8.72 -14.46 5.78
CA LEU A 26 -8.32 -14.57 7.18
C LEU A 26 -9.56 -14.55 8.07
N LYS A 27 -10.48 -13.64 7.77
CA LYS A 27 -11.71 -13.53 8.54
C LYS A 27 -12.45 -14.87 8.56
N GLN A 28 -12.48 -15.54 7.41
CA GLN A 28 -13.15 -16.84 7.31
C GLN A 28 -12.48 -17.81 8.28
N ALA A 29 -11.15 -17.75 8.35
CA ALA A 29 -10.39 -18.62 9.24
C ALA A 29 -10.80 -18.38 10.69
N LYS A 30 -10.95 -17.12 11.05
CA LYS A 30 -11.36 -16.77 12.41
C LYS A 30 -12.72 -17.37 12.73
N GLN A 31 -13.58 -17.50 11.72
CA GLN A 31 -14.89 -18.08 11.93
C GLN A 31 -14.80 -19.60 11.96
N GLY A 32 -13.60 -20.12 11.77
CA GLY A 32 -13.37 -21.56 11.81
C GLY A 32 -13.71 -22.21 10.47
N ASP A 33 -13.83 -21.40 9.43
CA ASP A 33 -14.15 -21.90 8.09
C ASP A 33 -12.88 -22.06 7.26
N PHE A 34 -12.18 -23.18 7.47
CA PHE A 34 -10.93 -23.42 6.73
C PHE A 34 -11.18 -23.60 5.24
N ALA A 35 -12.31 -24.21 4.89
CA ALA A 35 -12.63 -24.46 3.49
C ALA A 35 -12.77 -23.14 2.72
N ALA A 36 -13.56 -22.23 3.26
CA ALA A 36 -13.76 -20.95 2.60
C ALA A 36 -12.46 -20.14 2.60
N ALA A 37 -11.70 -20.23 3.68
CA ALA A 37 -10.43 -19.52 3.75
C ALA A 37 -9.52 -19.99 2.60
N LYS A 38 -9.36 -21.30 2.49
CA LYS A 38 -8.53 -21.90 1.45
C LYS A 38 -8.96 -21.42 0.06
N ALA A 39 -10.26 -21.45 -0.21
CA ALA A 39 -10.77 -21.03 -1.51
C ALA A 39 -10.47 -19.57 -1.79
N MET A 40 -10.61 -18.74 -0.76
CA MET A 40 -10.36 -17.30 -0.90
C MET A 40 -8.88 -17.03 -1.18
N MET A 41 -7.98 -17.76 -0.50
CA MET A 41 -6.55 -17.56 -0.72
C MET A 41 -6.19 -17.92 -2.15
N ASP A 42 -6.77 -19.01 -2.65
CA ASP A 42 -6.47 -19.48 -3.99
C ASP A 42 -6.83 -18.42 -5.02
N GLN A 43 -8.03 -17.87 -4.88
CA GLN A 43 -8.48 -16.82 -5.80
C GLN A 43 -7.61 -15.59 -5.67
N SER A 44 -7.25 -15.24 -4.44
CA SER A 44 -6.40 -14.08 -4.20
C SER A 44 -5.06 -14.28 -4.91
N ARG A 45 -4.49 -15.47 -4.78
CA ARG A 45 -3.22 -15.82 -5.43
C ARG A 45 -3.32 -15.66 -6.95
N MET A 46 -4.40 -16.18 -7.51
CA MET A 46 -4.63 -16.11 -8.95
C MET A 46 -4.72 -14.65 -9.40
N ALA A 47 -5.41 -13.83 -8.62
CA ALA A 47 -5.56 -12.41 -8.94
C ALA A 47 -4.19 -11.74 -9.00
N LEU A 48 -3.35 -12.05 -8.02
CA LEU A 48 -2.00 -11.49 -7.95
C LEU A 48 -1.15 -11.98 -9.12
N ASN A 49 -1.29 -13.26 -9.41
CA ASN A 49 -0.51 -13.87 -10.48
C ASN A 49 -0.77 -13.15 -11.80
N GLU A 50 -2.04 -12.89 -12.07
CA GLU A 50 -2.41 -12.17 -13.29
C GLU A 50 -1.86 -10.75 -13.23
N ALA A 51 -1.97 -10.13 -12.05
CA ALA A 51 -1.47 -8.77 -11.87
C ALA A 51 0.06 -8.75 -12.05
N HIS A 52 0.73 -9.71 -11.44
CA HIS A 52 2.19 -9.81 -11.54
C HIS A 52 2.61 -10.01 -13.00
N LEU A 53 1.86 -10.83 -13.72
CA LEU A 53 2.16 -11.11 -15.12
C LEU A 53 2.11 -9.82 -15.93
N VAL A 54 1.08 -9.02 -15.68
CA VAL A 54 0.94 -7.75 -16.38
C VAL A 54 2.11 -6.84 -16.04
N GLN A 55 2.46 -6.79 -14.76
CA GLN A 55 3.59 -5.96 -14.34
C GLN A 55 4.88 -6.45 -15.01
N THR A 56 5.08 -7.76 -15.08
CA THR A 56 6.28 -8.32 -15.72
C THR A 56 6.46 -7.71 -17.11
N LYS A 57 5.37 -7.66 -17.88
CA LYS A 57 5.43 -7.06 -19.22
C LYS A 57 5.76 -5.59 -19.10
N LEU A 58 5.18 -4.94 -18.10
CA LEU A 58 5.43 -3.52 -17.90
C LEU A 58 6.87 -3.24 -17.48
N ILE A 59 7.58 -4.25 -16.98
CA ILE A 59 8.99 -4.06 -16.60
C ILE A 59 9.93 -4.47 -17.76
N GLU A 60 9.55 -5.49 -18.53
CA GLU A 60 10.37 -5.95 -19.66
C GLU A 60 10.46 -4.88 -20.74
N GLY A 61 9.34 -4.20 -21.01
CA GLY A 61 9.31 -3.17 -22.03
C GLY A 61 9.20 -1.78 -21.42
N ASP A 62 9.80 -1.60 -20.24
CA ASP A 62 9.75 -0.32 -19.54
C ASP A 62 10.49 0.78 -20.32
N ALA A 63 11.17 0.39 -21.40
CA ALA A 63 11.90 1.36 -22.21
C ALA A 63 10.97 2.06 -23.19
N GLY A 64 11.49 3.07 -23.89
CA GLY A 64 10.68 3.81 -24.86
C GLY A 64 10.81 5.32 -24.66
N GLU A 65 10.45 5.80 -23.47
CA GLU A 65 10.53 7.23 -23.19
C GLU A 65 11.97 7.72 -23.18
N GLY A 66 12.86 6.90 -22.64
CA GLY A 66 14.28 7.27 -22.58
C GLY A 66 15.15 6.04 -22.36
N LYS A 67 16.47 6.25 -22.44
CA LYS A 67 17.41 5.15 -22.27
C LYS A 67 17.39 4.63 -20.82
N MET A 68 18.11 5.32 -19.94
CA MET A 68 18.20 4.93 -18.54
C MET A 68 16.88 5.05 -17.79
N LYS A 69 16.13 6.12 -18.08
CA LYS A 69 14.87 6.35 -17.37
C LYS A 69 13.76 5.39 -17.80
N VAL A 70 12.84 5.14 -16.87
CA VAL A 70 11.71 4.23 -17.10
C VAL A 70 10.41 4.88 -16.65
N SER A 71 9.28 4.23 -16.95
CA SER A 71 7.98 4.77 -16.55
C SER A 71 7.94 4.91 -15.03
N LEU A 72 7.54 6.10 -14.57
CA LEU A 72 7.48 6.40 -13.14
C LEU A 72 6.43 5.55 -12.41
N VAL A 73 5.30 5.39 -13.07
CA VAL A 73 4.18 4.62 -12.52
C VAL A 73 4.55 3.16 -12.22
N LEU A 74 5.60 2.69 -12.86
CA LEU A 74 6.02 1.30 -12.64
C LEU A 74 6.18 0.99 -11.17
N VAL A 75 6.59 2.02 -10.43
CA VAL A 75 6.82 1.86 -9.00
C VAL A 75 5.47 1.79 -8.28
N HIS A 76 4.25 2.82 -8.68
CA HIS A 76 2.89 2.83 -8.08
C HIS A 76 2.30 1.43 -8.16
N ALA A 77 2.63 0.71 -9.23
CA ALA A 77 2.15 -0.65 -9.43
C ALA A 77 3.00 -1.64 -8.64
N GLN A 78 4.32 -1.50 -8.71
CA GLN A 78 5.22 -2.42 -8.02
C GLN A 78 5.00 -2.32 -6.51
N LEU A 79 4.96 -1.09 -6.01
CA LEU A 79 4.72 -0.86 -4.59
C LEU A 79 3.44 -1.54 -4.13
N HIS A 80 2.35 -1.32 -4.85
CA HIS A 80 1.08 -1.91 -4.47
C HIS A 80 1.12 -3.44 -4.62
N LEU A 81 1.65 -3.90 -5.74
CA LEU A 81 1.74 -5.34 -5.99
C LEU A 81 2.64 -6.04 -4.98
N MET A 82 3.80 -5.45 -4.70
CA MET A 82 4.74 -6.05 -3.75
C MET A 82 4.11 -6.14 -2.37
N THR A 83 3.46 -5.05 -1.96
CA THR A 83 2.81 -5.00 -0.65
C THR A 83 1.69 -6.04 -0.56
N SER A 84 0.84 -6.07 -1.58
CA SER A 84 -0.29 -7.01 -1.61
C SER A 84 0.20 -8.46 -1.60
N MET A 85 1.16 -8.78 -2.45
CA MET A 85 1.69 -10.14 -2.51
C MET A 85 2.26 -10.57 -1.18
N LEU A 86 3.07 -9.70 -0.59
CA LEU A 86 3.68 -10.00 0.70
C LEU A 86 2.61 -10.19 1.78
N ALA A 87 1.64 -9.28 1.79
CA ALA A 87 0.56 -9.36 2.76
C ALA A 87 -0.15 -10.70 2.67
N ARG A 88 -0.49 -11.10 1.47
CA ARG A 88 -1.18 -12.37 1.27
C ARG A 88 -0.35 -13.55 1.78
N GLU A 89 0.93 -13.57 1.45
CA GLU A 89 1.77 -14.67 1.88
C GLU A 89 1.79 -14.78 3.39
N LEU A 90 1.95 -13.65 4.06
CA LEU A 90 1.96 -13.64 5.51
C LEU A 90 0.58 -14.03 6.05
N ILE A 91 -0.46 -13.51 5.42
CA ILE A 91 -1.82 -13.85 5.84
C ILE A 91 -2.03 -15.35 5.69
N THR A 92 -1.50 -15.92 4.61
CA THR A 92 -1.60 -17.37 4.40
C THR A 92 -0.98 -18.10 5.59
N GLU A 93 0.20 -17.64 6.01
CA GLU A 93 0.88 -18.23 7.16
C GLU A 93 0.02 -18.08 8.40
N LEU A 94 -0.57 -16.89 8.56
CA LEU A 94 -1.43 -16.62 9.72
C LEU A 94 -2.62 -17.59 9.71
N ILE A 95 -3.20 -17.80 8.55
CA ILE A 95 -4.34 -18.73 8.44
C ILE A 95 -3.90 -20.14 8.83
N GLU A 96 -2.72 -20.56 8.36
CA GLU A 96 -2.22 -21.88 8.71
C GLU A 96 -2.08 -22.00 10.22
N LEU A 97 -1.64 -20.91 10.87
CA LEU A 97 -1.51 -20.92 12.32
C LEU A 97 -2.88 -21.12 12.98
N HIS A 98 -3.89 -20.46 12.44
CA HIS A 98 -5.25 -20.62 12.98
C HIS A 98 -5.63 -22.08 12.92
N GLU A 99 -5.25 -22.75 11.84
CA GLU A 99 -5.55 -24.17 11.68
C GLU A 99 -4.81 -24.98 12.74
N LYS A 100 -3.56 -24.62 13.01
CA LYS A 100 -2.79 -25.32 14.02
C LYS A 100 -3.39 -25.06 15.41
N LEU A 101 -3.92 -23.84 15.61
CA LEU A 101 -4.56 -23.49 16.88
C LEU A 101 -5.80 -24.37 17.09
N LYS A 102 -6.02 -25.30 16.15
CA LYS A 102 -7.18 -26.20 16.21
C LYS A 102 -8.43 -25.52 15.71
N ALA A 103 -8.82 -24.42 16.39
CA ALA A 103 -10.03 -23.67 16.04
C ALA A 103 -10.30 -23.65 14.53
N ALA B 1 22.66 3.11 -13.51
CA ALA B 1 23.97 3.34 -14.19
C ALA B 1 24.86 2.13 -13.94
N GLU B 2 26.00 2.08 -14.64
CA GLU B 2 26.95 0.97 -14.53
C GLU B 2 26.86 0.24 -13.18
N GLU B 3 27.57 0.74 -12.19
CA GLU B 3 27.58 0.13 -10.87
C GLU B 3 26.22 0.21 -10.20
N LEU B 4 25.72 1.44 -10.02
CA LEU B 4 24.42 1.61 -9.38
C LEU B 4 23.38 0.61 -9.91
N GLU B 5 23.37 0.41 -11.22
CA GLU B 5 22.42 -0.52 -11.83
C GLU B 5 22.76 -1.95 -11.47
N GLU B 6 24.03 -2.30 -11.57
CA GLU B 6 24.50 -3.63 -11.23
C GLU B 6 24.38 -3.85 -9.73
N VAL B 7 24.60 -2.79 -8.97
CA VAL B 7 24.51 -2.85 -7.52
C VAL B 7 23.05 -3.11 -7.10
N VAL B 8 22.12 -2.44 -7.77
CA VAL B 8 20.69 -2.63 -7.49
C VAL B 8 20.33 -4.08 -7.74
N MET B 9 20.80 -4.63 -8.86
CA MET B 9 20.52 -6.03 -9.18
C MET B 9 21.01 -6.91 -8.03
N GLY B 10 22.21 -6.62 -7.53
CA GLY B 10 22.75 -7.37 -6.41
C GLY B 10 21.86 -7.21 -5.19
N LEU B 11 21.44 -5.98 -4.93
CA LEU B 11 20.56 -5.70 -3.79
C LEU B 11 19.24 -6.44 -3.93
N ILE B 12 18.67 -6.41 -5.13
CA ILE B 12 17.40 -7.09 -5.38
C ILE B 12 17.57 -8.58 -5.14
N ILE B 13 18.66 -9.12 -5.68
CA ILE B 13 18.94 -10.54 -5.50
C ILE B 13 19.17 -10.83 -4.02
N ASN B 14 19.95 -9.98 -3.36
CA ASN B 14 20.24 -10.16 -1.94
C ASN B 14 18.94 -10.10 -1.13
N SER B 15 18.11 -9.11 -1.42
CA SER B 15 16.83 -8.99 -0.74
C SER B 15 15.98 -10.23 -0.97
N GLY B 16 15.99 -10.71 -2.22
CA GLY B 16 15.23 -11.91 -2.57
C GLY B 16 15.76 -13.12 -1.81
N GLN B 17 17.08 -13.25 -1.75
CA GLN B 17 17.68 -14.37 -1.03
C GLN B 17 17.31 -14.28 0.45
N ALA B 18 17.35 -13.06 0.98
CA ALA B 18 17.00 -12.84 2.37
C ALA B 18 15.60 -13.36 2.66
N ARG B 19 14.64 -12.97 1.84
CA ARG B 19 13.27 -13.44 2.02
C ARG B 19 13.24 -14.96 1.90
N SER B 20 13.90 -15.47 0.86
CA SER B 20 13.94 -16.91 0.64
C SER B 20 14.41 -17.63 1.89
N LEU B 21 15.50 -17.13 2.48
CA LEU B 21 16.04 -17.73 3.71
C LEU B 21 15.01 -17.60 4.83
N ALA B 22 14.37 -16.44 4.93
CA ALA B 22 13.37 -16.20 5.97
C ALA B 22 12.24 -17.23 5.85
N TYR B 23 11.67 -17.38 4.65
CA TYR B 23 10.60 -18.36 4.46
C TYR B 23 11.12 -19.75 4.79
N ALA B 24 12.36 -20.04 4.38
CA ALA B 24 12.95 -21.33 4.67
C ALA B 24 13.06 -21.49 6.19
N ALA B 25 13.43 -20.41 6.87
CA ALA B 25 13.53 -20.43 8.33
C ALA B 25 12.18 -20.80 8.92
N LEU B 26 11.12 -20.21 8.39
CA LEU B 26 9.78 -20.50 8.86
C LEU B 26 9.45 -21.97 8.62
N LYS B 27 9.80 -22.46 7.44
CA LYS B 27 9.55 -23.86 7.11
C LYS B 27 10.21 -24.78 8.14
N GLN B 28 11.43 -24.43 8.54
CA GLN B 28 12.13 -25.23 9.56
C GLN B 28 11.31 -25.26 10.84
N ALA B 29 10.74 -24.11 11.19
CA ALA B 29 9.91 -24.02 12.40
C ALA B 29 8.73 -24.97 12.31
N LYS B 30 8.09 -25.01 11.14
CA LYS B 30 6.95 -25.90 10.94
C LYS B 30 7.36 -27.35 11.16
N GLN B 31 8.62 -27.67 10.83
CA GLN B 31 9.10 -29.04 11.01
C GLN B 31 9.46 -29.28 12.48
N GLY B 32 9.32 -28.24 13.29
CA GLY B 32 9.63 -28.35 14.72
C GLY B 32 11.13 -28.18 14.99
N ASP B 33 11.86 -27.66 14.00
CA ASP B 33 13.29 -27.46 14.14
C ASP B 33 13.60 -26.02 14.53
N PHE B 34 13.47 -25.71 15.81
CA PHE B 34 13.73 -24.34 16.29
C PHE B 34 15.18 -23.94 16.10
N ALA B 35 16.09 -24.90 16.27
CA ALA B 35 17.52 -24.60 16.15
C ALA B 35 17.86 -24.12 14.74
N ALA B 36 17.43 -24.87 13.74
CA ALA B 36 17.71 -24.50 12.36
C ALA B 36 16.98 -23.20 12.01
N ALA B 37 15.77 -23.03 12.51
CA ALA B 37 15.03 -21.80 12.24
C ALA B 37 15.82 -20.61 12.74
N LYS B 38 16.23 -20.68 14.02
CA LYS B 38 17.01 -19.60 14.63
C LYS B 38 18.27 -19.27 13.81
N ALA B 39 18.99 -20.29 13.40
CA ALA B 39 20.21 -20.10 12.61
C ALA B 39 19.91 -19.41 11.28
N MET B 40 18.83 -19.82 10.64
CA MET B 40 18.44 -19.26 9.36
C MET B 40 18.05 -17.78 9.51
N MET B 41 17.32 -17.45 10.57
CA MET B 41 16.92 -16.06 10.78
C MET B 41 18.15 -15.17 10.97
N ASP B 42 19.12 -15.68 11.73
CA ASP B 42 20.33 -14.93 12.01
C ASP B 42 21.06 -14.57 10.73
N GLN B 43 21.21 -15.58 9.86
CA GLN B 43 21.88 -15.36 8.59
C GLN B 43 21.08 -14.40 7.72
N SER B 44 19.76 -14.54 7.73
CA SER B 44 18.91 -13.65 6.95
C SER B 44 19.13 -12.20 7.41
N ARG B 45 19.14 -12.00 8.73
CA ARG B 45 19.35 -10.68 9.30
C ARG B 45 20.69 -10.09 8.83
N MET B 46 21.74 -10.90 8.89
CA MET B 46 23.07 -10.45 8.49
C MET B 46 23.05 -10.04 7.02
N ALA B 47 22.37 -10.84 6.20
CA ALA B 47 22.27 -10.53 4.77
C ALA B 47 21.58 -9.19 4.56
N LEU B 48 20.50 -8.97 5.31
CA LEU B 48 19.75 -7.72 5.21
C LEU B 48 20.59 -6.55 5.72
N ASN B 49 21.30 -6.78 6.81
CA ASN B 49 22.13 -5.75 7.40
C ASN B 49 23.18 -5.26 6.40
N GLU B 50 23.83 -6.19 5.73
CA GLU B 50 24.82 -5.83 4.72
C GLU B 50 24.17 -5.10 3.57
N ALA B 51 23.00 -5.58 3.17
CA ALA B 51 22.25 -4.96 2.08
C ALA B 51 21.83 -3.54 2.48
N HIS B 52 21.32 -3.41 3.70
CA HIS B 52 20.88 -2.11 4.21
C HIS B 52 22.06 -1.13 4.27
N LEU B 53 23.22 -1.64 4.69
CA LEU B 53 24.42 -0.80 4.79
C LEU B 53 24.77 -0.23 3.41
N VAL B 54 24.71 -1.09 2.40
CA VAL B 54 25.03 -0.66 1.04
C VAL B 54 24.01 0.40 0.61
N GLN B 55 22.73 0.16 0.90
CA GLN B 55 21.70 1.13 0.53
C GLN B 55 21.96 2.45 1.25
N THR B 56 22.32 2.39 2.54
CA THR B 56 22.60 3.61 3.30
C THR B 56 23.57 4.50 2.53
N LYS B 57 24.65 3.90 2.04
CA LYS B 57 25.62 4.66 1.25
C LYS B 57 24.97 5.20 -0.01
N LEU B 58 24.12 4.39 -0.61
CA LEU B 58 23.44 4.78 -1.84
C LEU B 58 22.45 5.93 -1.59
N ILE B 59 22.02 6.12 -0.32
CA ILE B 59 21.11 7.23 -0.01
C ILE B 59 21.88 8.48 0.45
N GLU B 60 23.00 8.27 1.16
CA GLU B 60 23.81 9.39 1.64
C GLU B 60 24.42 10.17 0.46
N GLY B 61 24.86 9.43 -0.55
CA GLY B 61 25.49 10.05 -1.72
C GLY B 61 24.59 9.96 -2.95
N ASP B 62 23.28 10.02 -2.73
CA ASP B 62 22.32 9.93 -3.82
C ASP B 62 22.41 11.14 -4.77
N ALA B 63 23.21 12.12 -4.40
CA ALA B 63 23.36 13.32 -5.23
C ALA B 63 24.37 13.07 -6.34
N GLY B 64 24.50 14.03 -7.26
CA GLY B 64 25.44 13.90 -8.37
C GLY B 64 24.78 14.23 -9.71
N GLU B 65 23.73 13.48 -10.05
CA GLU B 65 23.03 13.70 -11.32
C GLU B 65 22.34 15.07 -11.33
N GLY B 66 21.76 15.45 -10.20
CA GLY B 66 21.07 16.73 -10.11
C GLY B 66 20.91 17.16 -8.66
N LYS B 67 20.42 18.38 -8.47
CA LYS B 67 20.23 18.92 -7.13
C LYS B 67 19.13 18.16 -6.38
N MET B 68 17.88 18.54 -6.66
CA MET B 68 16.72 17.93 -6.01
C MET B 68 16.52 16.47 -6.40
N LYS B 69 16.75 16.13 -7.66
CA LYS B 69 16.54 14.76 -8.14
C LYS B 69 17.62 13.80 -7.64
N VAL B 70 17.22 12.52 -7.52
CA VAL B 70 18.11 11.47 -7.05
C VAL B 70 18.02 10.24 -7.98
N SER B 71 18.89 9.26 -7.76
CA SER B 71 18.88 8.05 -8.59
C SER B 71 17.52 7.37 -8.49
N LEU B 72 16.93 7.04 -9.64
CA LEU B 72 15.60 6.45 -9.66
C LEU B 72 15.59 5.04 -9.04
N VAL B 73 16.65 4.30 -9.35
CA VAL B 73 16.80 2.93 -8.88
C VAL B 73 16.83 2.84 -7.34
N LEU B 74 17.13 3.95 -6.69
CA LEU B 74 17.18 3.96 -5.23
C LEU B 74 15.90 3.42 -4.63
N VAL B 75 14.79 3.77 -5.26
CA VAL B 75 13.49 3.33 -4.80
C VAL B 75 13.36 1.82 -5.01
N HIS B 76 13.81 1.25 -6.23
CA HIS B 76 13.74 -0.18 -6.51
C HIS B 76 14.45 -0.96 -5.41
N ALA B 77 15.63 -0.51 -5.04
CA ALA B 77 16.39 -1.17 -3.98
C ALA B 77 15.69 -1.00 -2.64
N GLN B 78 15.18 0.20 -2.39
CA GLN B 78 14.49 0.47 -1.13
C GLN B 78 13.22 -0.36 -1.03
N LEU B 79 12.44 -0.39 -2.12
CA LEU B 79 11.22 -1.18 -2.14
C LEU B 79 11.49 -2.65 -1.82
N HIS B 80 12.48 -3.23 -2.48
CA HIS B 80 12.80 -4.62 -2.24
C HIS B 80 13.36 -4.83 -0.84
N LEU B 81 14.27 -3.95 -0.44
CA LEU B 81 14.88 -4.06 0.89
C LEU B 81 13.85 -3.85 2.00
N MET B 82 13.00 -2.85 1.86
CA MET B 82 11.98 -2.57 2.87
C MET B 82 11.02 -3.75 3.01
N THR B 83 10.59 -4.28 1.87
CA THR B 83 9.67 -5.41 1.87
C THR B 83 10.32 -6.64 2.50
N SER B 84 11.55 -6.94 2.10
CA SER B 84 12.26 -8.09 2.64
C SER B 84 12.50 -7.97 4.14
N MET B 85 12.97 -6.81 4.58
CA MET B 85 13.24 -6.60 6.01
C MET B 85 11.96 -6.76 6.83
N LEU B 86 10.89 -6.14 6.36
CA LEU B 86 9.61 -6.21 7.06
C LEU B 86 9.11 -7.65 7.12
N ALA B 87 9.17 -8.33 5.98
CA ALA B 87 8.72 -9.71 5.90
C ALA B 87 9.49 -10.58 6.88
N ARG B 88 10.79 -10.44 6.86
CA ARG B 88 11.65 -11.22 7.75
C ARG B 88 11.28 -10.97 9.21
N GLU B 89 11.08 -9.70 9.59
CA GLU B 89 10.75 -9.38 10.97
C GLU B 89 9.43 -10.05 11.37
N LEU B 90 8.44 -9.96 10.50
CA LEU B 90 7.14 -10.56 10.78
C LEU B 90 7.28 -12.08 10.84
N ILE B 91 8.06 -12.63 9.92
CA ILE B 91 8.30 -14.07 9.91
C ILE B 91 8.95 -14.49 11.23
N THR B 92 9.86 -13.66 11.73
CA THR B 92 10.50 -13.96 13.02
C THR B 92 9.43 -14.07 14.09
N GLU B 93 8.49 -13.13 14.09
CA GLU B 93 7.40 -13.15 15.06
C GLU B 93 6.58 -14.43 14.88
N LEU B 94 6.30 -14.77 13.62
CA LEU B 94 5.54 -15.99 13.33
C LEU B 94 6.27 -17.21 13.87
N ILE B 95 7.59 -17.26 13.68
CA ILE B 95 8.36 -18.38 14.19
C ILE B 95 8.28 -18.46 15.71
N GLU B 96 8.36 -17.30 16.37
CA GLU B 96 8.25 -17.27 17.83
C GLU B 96 6.90 -17.85 18.25
N LEU B 97 5.86 -17.54 17.49
CA LEU B 97 4.52 -18.05 17.79
C LEU B 97 4.52 -19.58 17.69
N HIS B 98 5.19 -20.10 16.66
CA HIS B 98 5.27 -21.55 16.50
C HIS B 98 5.89 -22.17 17.75
N GLU B 99 6.90 -21.48 18.28
CA GLU B 99 7.55 -21.95 19.50
C GLU B 99 6.58 -21.94 20.66
N LYS B 100 5.77 -20.88 20.77
CA LYS B 100 4.79 -20.80 21.84
C LYS B 100 3.72 -21.88 21.65
N LEU B 101 3.39 -22.19 20.39
CA LEU B 101 2.42 -23.25 20.11
C LEU B 101 2.96 -24.60 20.58
N LYS B 102 4.13 -24.57 21.21
CA LYS B 102 4.77 -25.78 21.72
C LYS B 102 5.49 -26.51 20.59
N ALA B 103 4.71 -26.92 19.58
CA ALA B 103 5.25 -27.67 18.43
C ALA B 103 6.64 -27.19 18.04
N ALA C 1 11.12 19.25 -2.05
CA ALA C 1 11.16 20.74 -1.98
C ALA C 1 10.96 21.17 -0.54
N GLU C 2 11.18 22.45 -0.27
CA GLU C 2 11.04 23.02 1.08
C GLU C 2 10.10 22.22 1.98
N GLU C 3 8.81 22.51 1.89
CA GLU C 3 7.83 21.81 2.71
C GLU C 3 7.73 20.34 2.34
N LEU C 4 7.37 20.07 1.08
CA LEU C 4 7.24 18.68 0.63
C LEU C 4 8.38 17.80 1.16
N GLU C 5 9.60 18.32 1.11
CA GLU C 5 10.76 17.57 1.58
C GLU C 5 10.74 17.43 3.10
N GLU C 6 10.47 18.53 3.78
CA GLU C 6 10.41 18.52 5.24
C GLU C 6 9.19 17.70 5.68
N VAL C 7 8.12 17.78 4.89
CA VAL C 7 6.90 17.04 5.17
C VAL C 7 7.17 15.53 5.06
N VAL C 8 7.92 15.14 4.03
CA VAL C 8 8.27 13.74 3.83
C VAL C 8 9.06 13.24 5.04
N MET C 9 10.02 14.04 5.50
CA MET C 9 10.80 13.67 6.66
C MET C 9 9.87 13.40 7.84
N GLY C 10 8.88 14.29 8.01
CA GLY C 10 7.91 14.13 9.08
C GLY C 10 7.12 12.84 8.88
N LEU C 11 6.71 12.59 7.65
CA LEU C 11 5.94 11.37 7.33
C LEU C 11 6.79 10.14 7.59
N ILE C 12 8.05 10.18 7.18
CA ILE C 12 8.94 9.04 7.37
C ILE C 12 9.11 8.78 8.87
N ILE C 13 9.32 9.87 9.61
CA ILE C 13 9.47 9.76 11.06
C ILE C 13 8.16 9.23 11.66
N ASN C 14 7.05 9.81 11.22
CA ASN C 14 5.73 9.40 11.72
C ASN C 14 5.50 7.92 11.43
N SER C 15 5.79 7.51 10.19
CA SER C 15 5.63 6.11 9.81
C SER C 15 6.52 5.24 10.68
N GLY C 16 7.76 5.70 10.90
CA GLY C 16 8.70 4.95 11.73
C GLY C 16 8.18 4.84 13.16
N GLN C 17 7.67 5.95 13.70
CA GLN C 17 7.13 5.92 15.06
C GLN C 17 5.95 4.97 15.12
N ALA C 18 5.12 5.01 14.08
CA ALA C 18 3.96 4.14 14.02
C ALA C 18 4.38 2.67 14.15
N ARG C 19 5.36 2.27 13.33
CA ARG C 19 5.84 0.91 13.40
C ARG C 19 6.41 0.63 14.79
N SER C 20 7.21 1.57 15.28
CA SER C 20 7.81 1.41 16.60
C SER C 20 6.73 1.13 17.65
N LEU C 21 5.66 1.92 17.61
CA LEU C 21 4.56 1.74 18.54
C LEU C 21 3.92 0.37 18.33
N ALA C 22 3.73 0.00 17.06
CA ALA C 22 3.13 -1.29 16.73
C ALA C 22 3.96 -2.44 17.33
N TYR C 23 5.27 -2.43 17.07
CA TYR C 23 6.14 -3.47 17.64
C TYR C 23 6.05 -3.45 19.16
N ALA C 24 6.03 -2.24 19.72
CA ALA C 24 5.92 -2.11 21.17
C ALA C 24 4.59 -2.72 21.62
N ALA C 25 3.54 -2.47 20.85
CA ALA C 25 2.23 -3.03 21.16
C ALA C 25 2.31 -4.55 21.21
N LEU C 26 3.01 -5.12 20.24
CA LEU C 26 3.19 -6.57 20.18
C LEU C 26 3.95 -7.05 21.42
N LYS C 27 4.99 -6.31 21.77
CA LYS C 27 5.79 -6.66 22.94
C LYS C 27 4.90 -6.72 24.19
N GLN C 28 3.99 -5.77 24.31
CA GLN C 28 3.06 -5.75 25.44
C GLN C 28 2.26 -7.04 25.47
N ALA C 29 1.82 -7.47 24.27
CA ALA C 29 1.05 -8.70 24.16
C ALA C 29 1.85 -9.89 24.67
N LYS C 30 3.13 -9.94 24.30
CA LYS C 30 3.99 -11.02 24.76
C LYS C 30 4.07 -11.06 26.28
N GLN C 31 3.98 -9.88 26.90
CA GLN C 31 4.04 -9.80 28.36
C GLN C 31 2.67 -10.17 28.96
N GLY C 32 1.71 -10.44 28.08
CA GLY C 32 0.36 -10.83 28.53
C GLY C 32 -0.47 -9.60 28.89
N ASP C 33 -0.04 -8.43 28.44
CA ASP C 33 -0.76 -7.18 28.70
C ASP C 33 -1.63 -6.80 27.51
N PHE C 34 -2.80 -7.41 27.42
CA PHE C 34 -3.71 -7.14 26.31
C PHE C 34 -4.22 -5.70 26.34
N ALA C 35 -4.43 -5.17 27.54
CA ALA C 35 -4.94 -3.81 27.68
C ALA C 35 -3.97 -2.79 27.08
N ALA C 36 -2.71 -2.89 27.47
CA ALA C 36 -1.71 -1.96 26.96
C ALA C 36 -1.50 -2.17 25.47
N ALA C 37 -1.55 -3.42 25.02
CA ALA C 37 -1.38 -3.71 23.60
C ALA C 37 -2.48 -3.00 22.81
N LYS C 38 -3.72 -3.21 23.22
CA LYS C 38 -4.87 -2.59 22.57
C LYS C 38 -4.72 -1.07 22.49
N ALA C 39 -4.32 -0.45 23.61
CA ALA C 39 -4.16 1.00 23.65
C ALA C 39 -3.06 1.46 22.68
N MET C 40 -1.96 0.72 22.64
CA MET C 40 -0.85 1.06 21.77
C MET C 40 -1.25 0.92 20.30
N MET C 41 -2.03 -0.11 19.99
CA MET C 41 -2.48 -0.31 18.61
C MET C 41 -3.35 0.85 18.16
N ASP C 42 -4.25 1.28 19.04
CA ASP C 42 -5.17 2.36 18.72
C ASP C 42 -4.41 3.63 18.38
N GLN C 43 -3.42 3.97 19.21
CA GLN C 43 -2.61 5.16 18.97
C GLN C 43 -1.83 5.03 17.67
N SER C 44 -1.30 3.85 17.42
CA SER C 44 -0.55 3.60 16.19
C SER C 44 -1.44 3.87 14.98
N ARG C 45 -2.67 3.32 15.03
CA ARG C 45 -3.64 3.50 13.96
C ARG C 45 -3.93 4.99 13.72
N MET C 46 -4.14 5.72 14.81
CA MET C 46 -4.43 7.15 14.72
C MET C 46 -3.26 7.89 14.08
N ALA C 47 -2.04 7.51 14.47
CA ALA C 47 -0.84 8.14 13.91
C ALA C 47 -0.78 7.91 12.40
N LEU C 48 -1.08 6.68 11.98
CA LEU C 48 -1.07 6.33 10.57
C LEU C 48 -2.17 7.06 9.82
N ASN C 49 -3.34 7.15 10.45
CA ASN C 49 -4.48 7.81 9.84
C ASN C 49 -4.14 9.27 9.52
N GLU C 50 -3.51 9.95 10.47
CA GLU C 50 -3.11 11.33 10.26
C GLU C 50 -2.06 11.41 9.16
N ALA C 51 -1.13 10.47 9.19
CA ALA C 51 -0.07 10.43 8.18
C ALA C 51 -0.67 10.15 6.80
N HIS C 52 -1.58 9.19 6.74
CA HIS C 52 -2.25 8.85 5.48
C HIS C 52 -3.02 10.05 4.94
N LEU C 53 -3.69 10.78 5.83
CA LEU C 53 -4.47 11.95 5.43
C LEU C 53 -3.56 12.98 4.76
N VAL C 54 -2.39 13.20 5.35
CA VAL C 54 -1.45 14.16 4.80
C VAL C 54 -0.99 13.67 3.43
N GLN C 55 -0.69 12.38 3.32
CA GLN C 55 -0.26 11.82 2.04
C GLN C 55 -1.38 11.99 1.00
N THR C 56 -2.62 11.74 1.41
CA THR C 56 -3.76 11.88 0.48
C THR C 56 -3.70 13.25 -0.19
N LYS C 57 -3.50 14.29 0.60
CA LYS C 57 -3.40 15.64 0.05
C LYS C 57 -2.20 15.73 -0.88
N LEU C 58 -1.11 15.09 -0.49
CA LEU C 58 0.10 15.11 -1.29
C LEU C 58 -0.08 14.35 -2.61
N ILE C 59 -1.09 13.47 -2.70
CA ILE C 59 -1.33 12.76 -3.95
C ILE C 59 -2.40 13.48 -4.79
N GLU C 60 -3.38 14.10 -4.14
CA GLU C 60 -4.43 14.83 -4.87
C GLU C 60 -3.85 16.03 -5.60
N GLY C 61 -2.89 16.71 -4.98
CA GLY C 61 -2.28 17.89 -5.57
C GLY C 61 -0.83 17.62 -5.97
N ASP C 62 -0.56 16.41 -6.41
CA ASP C 62 0.79 16.03 -6.80
C ASP C 62 1.22 16.75 -8.06
N ALA C 63 0.31 17.49 -8.68
CA ALA C 63 0.63 18.24 -9.90
C ALA C 63 1.30 19.56 -9.56
N GLY C 64 1.78 20.26 -10.59
CA GLY C 64 2.43 21.56 -10.39
C GLY C 64 3.77 21.63 -11.13
N GLU C 65 4.69 20.71 -10.81
CA GLU C 65 5.99 20.70 -11.45
C GLU C 65 5.87 20.38 -12.94
N GLY C 66 4.99 19.45 -13.27
CA GLY C 66 4.80 19.05 -14.66
C GLY C 66 3.45 18.36 -14.86
N LYS C 67 3.12 18.09 -16.11
CA LYS C 67 1.85 17.44 -16.43
C LYS C 67 1.83 16.00 -15.92
N MET C 68 2.44 15.10 -16.70
CA MET C 68 2.48 13.68 -16.36
C MET C 68 3.31 13.38 -15.12
N LYS C 69 4.45 14.07 -14.97
CA LYS C 69 5.34 13.83 -13.84
C LYS C 69 4.79 14.36 -12.52
N VAL C 70 5.20 13.71 -11.43
CA VAL C 70 4.76 14.07 -10.08
C VAL C 70 5.96 14.16 -9.13
N SER C 71 5.72 14.64 -7.91
CA SER C 71 6.80 14.75 -6.93
C SER C 71 7.42 13.38 -6.68
N LEU C 72 8.74 13.30 -6.77
CA LEU C 72 9.45 12.03 -6.61
C LEU C 72 9.31 11.48 -5.19
N VAL C 73 9.40 12.39 -4.22
CA VAL C 73 9.33 12.04 -2.80
C VAL C 73 8.00 11.37 -2.44
N LEU C 74 6.99 11.57 -3.26
CA LEU C 74 5.67 10.99 -2.99
C LEU C 74 5.79 9.49 -2.76
N VAL C 75 6.65 8.87 -3.54
CA VAL C 75 6.88 7.43 -3.44
C VAL C 75 7.55 7.13 -2.10
N HIS C 76 8.61 7.93 -1.67
CA HIS C 76 9.30 7.71 -0.41
C HIS C 76 8.30 7.69 0.75
N ALA C 77 7.38 8.64 0.75
CA ALA C 77 6.37 8.70 1.79
C ALA C 77 5.39 7.53 1.66
N GLN C 78 5.03 7.21 0.41
CA GLN C 78 4.10 6.11 0.17
C GLN C 78 4.74 4.78 0.59
N LEU C 79 5.99 4.58 0.19
CA LEU C 79 6.71 3.36 0.55
C LEU C 79 6.75 3.17 2.06
N HIS C 80 7.13 4.21 2.79
CA HIS C 80 7.20 4.12 4.24
C HIS C 80 5.81 3.94 4.85
N LEU C 81 4.87 4.73 4.38
CA LEU C 81 3.50 4.67 4.89
C LEU C 81 2.85 3.31 4.59
N MET C 82 3.01 2.84 3.37
CA MET C 82 2.42 1.55 2.98
C MET C 82 3.01 0.42 3.82
N THR C 83 4.32 0.45 3.99
CA THR C 83 5.00 -0.58 4.76
C THR C 83 4.54 -0.55 6.22
N SER C 84 4.53 0.64 6.80
CA SER C 84 4.12 0.80 8.20
C SER C 84 2.67 0.37 8.42
N MET C 85 1.76 0.84 7.56
CA MET C 85 0.35 0.48 7.70
C MET C 85 0.16 -1.04 7.61
N LEU C 86 0.80 -1.65 6.63
CA LEU C 86 0.70 -3.09 6.43
C LEU C 86 1.24 -3.83 7.65
N ALA C 87 2.42 -3.42 8.10
CA ALA C 87 3.05 -4.04 9.25
C ALA C 87 2.13 -3.96 10.47
N ARG C 88 1.61 -2.77 10.71
CA ARG C 88 0.74 -2.55 11.84
C ARG C 88 -0.50 -3.47 11.77
N GLU C 89 -1.11 -3.56 10.59
CA GLU C 89 -2.29 -4.42 10.44
C GLU C 89 -1.95 -5.88 10.74
N LEU C 90 -0.82 -6.35 10.20
CA LEU C 90 -0.40 -7.72 10.44
C LEU C 90 -0.07 -7.92 11.91
N ILE C 91 0.60 -6.95 12.49
CA ILE C 91 0.95 -7.02 13.90
C ILE C 91 -0.33 -7.12 14.73
N THR C 92 -1.36 -6.39 14.32
CA THR C 92 -2.64 -6.46 15.02
C THR C 92 -3.15 -7.89 14.99
N GLU C 93 -3.06 -8.53 13.83
CA GLU C 93 -3.50 -9.92 13.70
C GLU C 93 -2.66 -10.82 14.62
N LEU C 94 -1.36 -10.56 14.63
CA LEU C 94 -0.45 -11.34 15.47
C LEU C 94 -0.84 -11.20 16.94
N ILE C 95 -1.16 -9.98 17.35
CA ILE C 95 -1.57 -9.73 18.73
C ILE C 95 -2.86 -10.51 19.05
N GLU C 96 -3.80 -10.48 18.12
CA GLU C 96 -5.05 -11.21 18.31
C GLU C 96 -4.75 -12.70 18.53
N LEU C 97 -3.78 -13.21 17.77
CA LEU C 97 -3.39 -14.61 17.91
C LEU C 97 -2.85 -14.87 19.32
N HIS C 98 -2.05 -13.94 19.83
CA HIS C 98 -1.52 -14.09 21.18
C HIS C 98 -2.68 -14.22 22.16
N GLU C 99 -3.73 -13.44 21.92
CA GLU C 99 -4.90 -13.49 22.78
C GLU C 99 -5.57 -14.87 22.68
N LYS C 100 -5.65 -15.41 21.46
CA LYS C 100 -6.25 -16.72 21.29
C LYS C 100 -5.38 -17.78 21.95
N LEU C 101 -4.05 -17.58 21.91
CA LEU C 101 -3.12 -18.52 22.55
C LEU C 101 -3.37 -18.53 24.06
N LYS C 102 -4.36 -17.76 24.51
CA LYS C 102 -4.70 -17.67 25.93
C LYS C 102 -3.78 -16.68 26.63
N ALA C 103 -2.48 -16.99 26.61
CA ALA C 103 -1.45 -16.16 27.26
C ALA C 103 -1.80 -14.67 27.21
N LYS D 1 -19.97 26.95 -1.17
CA LYS D 1 -19.08 26.05 -1.96
C LYS D 1 -19.44 24.59 -1.78
N LYS D 2 -19.77 23.94 -2.87
CA LYS D 2 -20.15 22.54 -2.84
C LYS D 2 -18.93 21.62 -2.88
N HIS D 3 -19.02 20.49 -2.19
CA HIS D 3 -17.93 19.52 -2.13
C HIS D 3 -18.12 18.37 -3.08
N ILE D 4 -17.20 18.26 -4.03
CA ILE D 4 -17.22 17.18 -4.99
C ILE D 4 -16.07 16.24 -4.61
N TYR D 5 -16.39 15.03 -4.18
CA TYR D 5 -15.38 14.06 -3.78
C TYR D 5 -15.33 12.90 -4.76
N LEU D 6 -14.13 12.60 -5.26
CA LEU D 6 -13.90 11.48 -6.19
C LEU D 6 -13.25 10.35 -5.40
N PHE D 7 -13.55 9.08 -5.75
CA PHE D 7 -12.86 7.96 -5.12
C PHE D 7 -12.19 7.05 -6.16
N CYS D 8 -11.04 6.46 -5.73
CA CYS D 8 -10.28 5.44 -6.47
C CYS D 8 -9.51 4.57 -5.49
N SER D 9 -8.65 3.65 -5.89
CA SER D 9 -8.06 2.82 -4.84
C SER D 9 -7.20 3.64 -3.90
N ALA D 10 -6.20 4.40 -4.40
CA ALA D 10 -5.32 5.12 -3.51
C ALA D 10 -5.63 6.60 -3.57
N GLY D 11 -5.91 7.12 -4.77
CA GLY D 11 -6.21 8.53 -4.94
C GLY D 11 -5.19 9.23 -5.82
N MET D 12 -4.51 8.52 -6.72
CA MET D 12 -3.49 9.15 -7.56
C MET D 12 -3.98 9.33 -9.01
N SER D 13 -4.07 8.26 -9.73
CA SER D 13 -4.51 8.36 -11.13
C SER D 13 -5.71 9.29 -11.27
N THR D 14 -6.46 9.50 -10.19
CA THR D 14 -7.62 10.37 -10.31
C THR D 14 -7.22 11.77 -9.88
N SER D 15 -6.09 11.83 -9.22
CA SER D 15 -5.48 13.09 -8.76
C SER D 15 -5.20 14.03 -9.93
N LEU D 16 -4.82 13.46 -11.06
CA LEU D 16 -4.55 14.26 -12.24
C LEU D 16 -5.88 14.86 -12.76
N LEU D 17 -6.96 14.07 -12.72
CA LEU D 17 -8.28 14.55 -13.14
C LEU D 17 -8.75 15.68 -12.19
N VAL D 18 -8.54 15.48 -10.88
CA VAL D 18 -8.91 16.50 -9.89
C VAL D 18 -8.18 17.83 -10.15
N SER D 19 -6.89 17.79 -10.47
CA SER D 19 -6.17 19.03 -10.74
C SER D 19 -6.73 19.77 -11.98
N LYS D 20 -7.12 19.03 -13.02
CA LYS D 20 -7.71 19.66 -14.20
C LYS D 20 -9.12 20.20 -13.91
N MET D 21 -9.87 19.50 -13.07
CA MET D 21 -11.22 20.00 -12.73
C MET D 21 -11.08 21.31 -11.94
N ARG D 22 -10.13 21.39 -11.02
CA ARG D 22 -9.91 22.60 -10.21
C ARG D 22 -9.56 23.79 -11.12
N ALA D 23 -8.79 23.54 -12.18
CA ALA D 23 -8.39 24.59 -13.11
C ALA D 23 -9.63 25.14 -13.81
N GLN D 24 -10.50 24.24 -14.24
CA GLN D 24 -11.72 24.61 -14.91
C GLN D 24 -12.67 25.35 -14.00
N ALA D 25 -12.80 24.88 -12.77
CA ALA D 25 -13.69 25.53 -11.80
C ALA D 25 -13.24 26.96 -11.55
N GLU D 26 -11.93 27.20 -11.60
CA GLU D 26 -11.39 28.54 -11.36
C GLU D 26 -11.65 29.43 -12.57
N LYS D 27 -11.43 28.88 -13.76
CA LYS D 27 -11.63 29.59 -14.99
C LYS D 27 -13.07 30.10 -15.12
N TYR D 28 -14.05 29.29 -14.72
CA TYR D 28 -15.48 29.69 -14.80
C TYR D 28 -16.13 30.10 -13.49
N GLU D 29 -15.33 30.35 -12.46
CA GLU D 29 -15.81 30.78 -11.15
C GLU D 29 -16.89 29.89 -10.51
N VAL D 30 -16.76 28.58 -10.66
CA VAL D 30 -17.70 27.63 -10.08
C VAL D 30 -17.27 27.48 -8.62
N PRO D 31 -18.19 27.73 -7.67
CA PRO D 31 -17.91 27.64 -6.23
C PRO D 31 -17.93 26.21 -5.68
N VAL D 32 -16.88 25.46 -6.01
CA VAL D 32 -16.75 24.08 -5.57
C VAL D 32 -15.38 23.76 -5.01
N ILE D 33 -15.35 22.75 -4.14
CA ILE D 33 -14.13 22.22 -3.55
C ILE D 33 -14.09 20.77 -4.09
N ILE D 34 -12.98 20.40 -4.71
CA ILE D 34 -12.79 19.07 -5.32
C ILE D 34 -11.61 18.31 -4.66
N GLU D 35 -11.86 17.09 -4.18
CA GLU D 35 -10.83 16.27 -3.52
C GLU D 35 -10.93 14.82 -4.00
N ALA D 36 -9.78 14.14 -4.09
CA ALA D 36 -9.71 12.73 -4.50
C ALA D 36 -9.34 11.92 -3.25
N PHE D 37 -9.93 10.74 -3.09
CA PHE D 37 -9.64 9.87 -1.95
C PHE D 37 -9.66 8.44 -2.43
N PRO D 38 -9.08 7.53 -1.64
CA PRO D 38 -9.07 6.11 -2.02
C PRO D 38 -10.49 5.61 -1.70
N GLU D 39 -10.91 4.54 -2.35
CA GLU D 39 -12.24 3.96 -2.13
C GLU D 39 -12.51 3.54 -0.69
N THR D 40 -11.46 3.29 0.09
CA THR D 40 -11.63 2.88 1.48
C THR D 40 -12.26 3.95 2.37
N LEU D 41 -12.19 5.21 1.94
CA LEU D 41 -12.77 6.32 2.70
C LEU D 41 -14.15 6.77 2.20
N ALA D 42 -14.74 6.07 1.21
CA ALA D 42 -16.05 6.45 0.63
C ALA D 42 -17.14 6.64 1.68
N GLY D 43 -17.12 5.80 2.71
CA GLY D 43 -18.13 5.91 3.75
C GLY D 43 -17.81 6.98 4.77
N GLU D 44 -16.53 7.16 5.08
CA GLU D 44 -16.15 8.15 6.07
C GLU D 44 -16.16 9.59 5.49
N LYS D 45 -15.52 9.77 4.34
CA LYS D 45 -15.46 11.08 3.70
C LYS D 45 -16.73 11.45 2.92
N GLY D 46 -17.38 10.46 2.32
CA GLY D 46 -18.60 10.70 1.55
C GLY D 46 -19.69 11.43 2.29
N GLN D 47 -19.77 11.23 3.60
CA GLN D 47 -20.79 11.89 4.43
C GLN D 47 -20.74 13.42 4.34
N ASN D 48 -19.59 13.97 3.95
CA ASN D 48 -19.43 15.41 3.87
C ASN D 48 -19.45 15.95 2.45
N ALA D 49 -19.66 15.08 1.48
CA ALA D 49 -19.67 15.54 0.10
C ALA D 49 -21.06 15.97 -0.30
N ASP D 50 -21.11 16.82 -1.31
CA ASP D 50 -22.38 17.25 -1.83
C ASP D 50 -22.73 16.32 -2.99
N VAL D 51 -21.69 15.73 -3.60
CA VAL D 51 -21.88 14.75 -4.67
C VAL D 51 -20.68 13.78 -4.61
N VAL D 52 -20.98 12.49 -4.70
CA VAL D 52 -19.97 11.44 -4.66
C VAL D 52 -19.78 10.85 -6.06
N LEU D 53 -18.55 10.92 -6.57
CA LEU D 53 -18.24 10.38 -7.88
C LEU D 53 -17.30 9.18 -7.73
N LEU D 54 -17.60 8.08 -8.42
CA LEU D 54 -16.75 6.88 -8.36
C LEU D 54 -15.96 6.73 -9.63
N GLY D 55 -14.69 6.35 -9.51
CA GLY D 55 -13.84 6.18 -10.68
C GLY D 55 -14.39 5.02 -11.49
N PRO D 56 -14.13 4.94 -12.76
CA PRO D 56 -14.66 3.84 -13.62
C PRO D 56 -14.24 2.42 -13.18
N GLN D 57 -13.07 2.31 -12.54
CA GLN D 57 -12.57 1.02 -12.08
C GLN D 57 -13.39 0.49 -10.90
N ILE D 58 -14.04 1.38 -10.15
CA ILE D 58 -14.82 0.94 -9.01
C ILE D 58 -16.34 1.02 -9.23
N ALA D 59 -16.75 0.99 -10.49
CA ALA D 59 -18.17 1.04 -10.83
C ALA D 59 -18.94 -0.11 -10.19
N TYR D 60 -18.34 -1.30 -10.13
CA TYR D 60 -19.04 -2.44 -9.55
C TYR D 60 -19.46 -2.21 -8.09
N MET D 61 -18.84 -1.23 -7.44
CA MET D 61 -19.15 -0.89 -6.05
C MET D 61 -20.33 0.08 -5.87
N LEU D 62 -20.89 0.58 -6.97
CA LEU D 62 -21.99 1.54 -6.90
C LEU D 62 -23.13 1.19 -5.93
N PRO D 63 -23.73 -0.02 -6.05
CA PRO D 63 -24.82 -0.37 -5.12
C PRO D 63 -24.43 -0.30 -3.65
N GLU D 64 -23.22 -0.72 -3.30
CA GLU D 64 -22.77 -0.68 -1.91
C GLU D 64 -22.60 0.74 -1.42
N ILE D 65 -22.02 1.59 -2.25
CA ILE D 65 -21.83 2.99 -1.85
C ILE D 65 -23.16 3.74 -1.71
N GLN D 66 -24.12 3.42 -2.59
CA GLN D 66 -25.46 4.00 -2.52
C GLN D 66 -26.13 3.64 -1.18
N ARG D 67 -26.00 2.39 -0.73
CA ARG D 67 -26.60 1.98 0.55
C ARG D 67 -25.89 2.63 1.74
N LEU D 68 -24.60 2.88 1.59
CA LEU D 68 -23.77 3.49 2.64
C LEU D 68 -24.11 4.97 2.82
N LEU D 69 -24.39 5.65 1.70
CA LEU D 69 -24.73 7.09 1.68
C LEU D 69 -26.11 7.27 1.01
N PRO D 70 -27.20 6.87 1.69
CA PRO D 70 -28.55 6.99 1.13
C PRO D 70 -29.03 8.44 0.93
N ASN D 71 -28.35 9.38 1.56
CA ASN D 71 -28.75 10.79 1.44
C ASN D 71 -27.82 11.63 0.57
N LYS D 72 -27.08 10.99 -0.33
CA LYS D 72 -26.14 11.69 -1.21
C LYS D 72 -26.26 11.20 -2.63
N PRO D 73 -26.13 12.10 -3.63
CA PRO D 73 -26.21 11.62 -5.02
C PRO D 73 -24.85 10.97 -5.27
N VAL D 74 -24.87 9.73 -5.75
CA VAL D 74 -23.64 8.96 -6.02
C VAL D 74 -23.64 8.48 -7.46
N GLU D 75 -22.58 8.72 -8.19
CA GLU D 75 -22.53 8.22 -9.55
C GLU D 75 -21.13 7.95 -10.07
N VAL D 76 -21.06 7.12 -11.10
CA VAL D 76 -19.80 6.72 -11.71
C VAL D 76 -19.40 7.72 -12.78
N ILE D 77 -18.11 8.03 -12.84
CA ILE D 77 -17.58 8.96 -13.83
C ILE D 77 -17.54 8.27 -15.17
N ASP D 78 -17.96 8.97 -16.21
CA ASP D 78 -17.94 8.40 -17.55
C ASP D 78 -16.51 7.95 -17.89
N SER D 79 -16.33 6.69 -18.28
CA SER D 79 -14.99 6.17 -18.58
C SER D 79 -14.18 6.90 -19.65
N LEU D 80 -14.87 7.44 -20.65
CA LEU D 80 -14.19 8.17 -21.73
C LEU D 80 -13.73 9.53 -21.23
N LEU D 81 -14.58 10.18 -20.45
CA LEU D 81 -14.26 11.49 -19.90
C LEU D 81 -13.10 11.33 -18.94
N TYR D 82 -13.10 10.21 -18.22
CA TYR D 82 -12.04 9.90 -17.25
C TYR D 82 -10.71 9.58 -17.95
N GLY D 83 -10.75 8.68 -18.92
CA GLY D 83 -9.54 8.32 -19.64
C GLY D 83 -8.87 9.50 -20.31
N LYS D 84 -9.68 10.37 -20.87
CA LYS D 84 -9.22 11.56 -21.59
C LYS D 84 -8.79 12.70 -20.65
N VAL D 85 -9.07 12.52 -19.35
CA VAL D 85 -8.77 13.52 -18.31
C VAL D 85 -9.47 14.86 -18.61
N ASP D 86 -10.76 14.77 -18.94
CA ASP D 86 -11.57 15.95 -19.28
C ASP D 86 -12.09 16.63 -18.03
N GLY D 87 -11.29 17.56 -17.51
CA GLY D 87 -11.64 18.31 -16.31
C GLY D 87 -12.94 19.07 -16.45
N LEU D 88 -13.16 19.73 -17.60
CA LEU D 88 -14.39 20.49 -17.80
C LEU D 88 -15.63 19.58 -17.87
N GLY D 89 -15.50 18.50 -18.64
CA GLY D 89 -16.59 17.56 -18.81
C GLY D 89 -17.07 16.91 -17.53
N VAL D 90 -16.12 16.49 -16.69
CA VAL D 90 -16.48 15.84 -15.42
C VAL D 90 -17.04 16.88 -14.45
N LEU D 91 -16.47 18.08 -14.49
CA LEU D 91 -16.97 19.15 -13.63
C LEU D 91 -18.46 19.39 -14.00
N LYS D 92 -18.76 19.42 -15.30
CA LYS D 92 -20.15 19.61 -15.75
C LYS D 92 -21.09 18.52 -15.24
N ALA D 93 -20.64 17.27 -15.30
CA ALA D 93 -21.47 16.14 -14.85
C ALA D 93 -21.76 16.21 -13.35
N ALA D 94 -20.78 16.72 -12.60
CA ALA D 94 -20.90 16.82 -11.15
C ALA D 94 -21.90 17.90 -10.75
N VAL D 95 -21.80 19.06 -11.40
CA VAL D 95 -22.72 20.17 -11.13
C VAL D 95 -24.13 19.69 -11.49
N ALA D 96 -24.25 18.98 -12.61
CA ALA D 96 -25.54 18.45 -13.04
C ALA D 96 -26.13 17.51 -11.99
N ALA D 97 -25.33 16.57 -11.49
CA ALA D 97 -25.85 15.64 -10.49
C ALA D 97 -26.36 16.40 -9.26
N ILE D 98 -25.70 17.51 -8.93
CA ILE D 98 -26.12 18.32 -7.78
C ILE D 98 -27.46 19.01 -8.03
N LYS D 99 -27.63 19.58 -9.24
CA LYS D 99 -28.87 20.26 -9.62
C LYS D 99 -30.01 19.26 -9.71
N LYS D 100 -29.80 18.19 -10.45
CA LYS D 100 -30.83 17.18 -10.59
C LYS D 100 -31.20 16.60 -9.22
N ALA D 101 -30.34 16.79 -8.23
CA ALA D 101 -30.58 16.28 -6.88
C ALA D 101 -31.37 17.24 -6.00
N ALA D 102 -31.14 18.54 -6.18
CA ALA D 102 -31.83 19.57 -5.43
C ALA D 102 -33.22 19.88 -6.02
N ALA D 103 -33.60 19.13 -7.06
CA ALA D 103 -34.88 19.29 -7.72
C ALA D 103 -35.05 18.26 -8.85
P PO3 E . -4.77 5.44 -7.22
O1 PO3 E . -5.25 4.02 -6.98
O2 PO3 E . -4.74 6.00 -8.62
O3 PO3 E . -4.16 6.24 -6.08
N ALA A 1 0.74 7.29 -18.60
CA ALA A 1 0.24 7.59 -19.96
C ALA A 1 -1.09 6.86 -20.17
N GLU A 2 -1.77 7.18 -21.26
CA GLU A 2 -3.08 6.58 -21.60
C GLU A 2 -3.28 5.20 -20.95
N GLU A 3 -2.80 4.17 -21.63
CA GLU A 3 -2.95 2.80 -21.13
C GLU A 3 -2.16 2.60 -19.84
N LEU A 4 -0.84 2.78 -19.91
CA LEU A 4 0.01 2.60 -18.74
C LEU A 4 -0.63 3.20 -17.48
N GLU A 5 -1.21 4.38 -17.61
CA GLU A 5 -1.84 5.05 -16.47
C GLU A 5 -3.12 4.34 -16.08
N GLU A 6 -3.94 4.01 -17.07
CA GLU A 6 -5.19 3.30 -16.82
C GLU A 6 -4.88 1.88 -16.34
N VAL A 7 -3.80 1.31 -16.88
CA VAL A 7 -3.37 -0.03 -16.50
C VAL A 7 -2.93 -0.05 -15.03
N VAL A 8 -2.20 0.99 -14.63
CA VAL A 8 -1.73 1.10 -13.25
C VAL A 8 -2.95 1.16 -12.33
N MET A 9 -3.95 1.96 -12.70
CA MET A 9 -5.17 2.06 -11.90
C MET A 9 -5.77 0.67 -11.73
N GLY A 10 -5.81 -0.09 -12.82
CA GLY A 10 -6.34 -1.45 -12.77
C GLY A 10 -5.49 -2.31 -11.83
N LEU A 11 -4.17 -2.17 -11.95
CA LEU A 11 -3.26 -2.93 -11.10
C LEU A 11 -3.45 -2.56 -9.64
N ILE A 12 -3.57 -1.27 -9.37
CA ILE A 12 -3.76 -0.80 -8.00
C ILE A 12 -5.06 -1.36 -7.46
N ILE A 13 -6.11 -1.29 -8.26
CA ILE A 13 -7.40 -1.82 -7.85
C ILE A 13 -7.30 -3.33 -7.65
N ASN A 14 -6.65 -4.01 -8.60
CA ASN A 14 -6.47 -5.45 -8.53
C ASN A 14 -5.71 -5.82 -7.26
N SER A 15 -4.61 -5.11 -7.03
CA SER A 15 -3.81 -5.35 -5.83
C SER A 15 -4.65 -5.14 -4.57
N GLY A 16 -5.44 -4.06 -4.60
CA GLY A 16 -6.32 -3.75 -3.47
C GLY A 16 -7.35 -4.86 -3.26
N GLN A 17 -7.95 -5.32 -4.36
CA GLN A 17 -8.94 -6.40 -4.27
C GLN A 17 -8.27 -7.65 -3.72
N ALA A 18 -7.05 -7.92 -4.18
CA ALA A 18 -6.31 -9.09 -3.72
C ALA A 18 -6.15 -9.04 -2.21
N ARG A 19 -5.70 -7.91 -1.69
CA ARG A 19 -5.55 -7.77 -0.25
C ARG A 19 -6.90 -7.95 0.43
N SER A 20 -7.91 -7.28 -0.11
CA SER A 20 -9.25 -7.36 0.44
C SER A 20 -9.68 -8.83 0.57
N LEU A 21 -9.47 -9.59 -0.49
CA LEU A 21 -9.81 -11.01 -0.48
C LEU A 21 -8.97 -11.74 0.58
N ALA A 22 -7.69 -11.40 0.63
CA ALA A 22 -6.79 -12.03 1.60
C ALA A 22 -7.30 -11.80 3.03
N TYR A 23 -7.59 -10.55 3.38
CA TYR A 23 -8.10 -10.25 4.72
C TYR A 23 -9.41 -11.00 4.93
N ALA A 24 -10.25 -11.03 3.90
CA ALA A 24 -11.51 -11.73 3.99
C ALA A 24 -11.24 -13.22 4.25
N ALA A 25 -10.23 -13.75 3.56
CA ALA A 25 -9.84 -15.14 3.75
C ALA A 25 -9.48 -15.38 5.21
N LEU A 26 -8.72 -14.46 5.78
CA LEU A 26 -8.32 -14.57 7.18
C LEU A 26 -9.56 -14.55 8.07
N LYS A 27 -10.48 -13.64 7.77
CA LYS A 27 -11.71 -13.53 8.54
C LYS A 27 -12.45 -14.87 8.56
N GLN A 28 -12.48 -15.54 7.41
CA GLN A 28 -13.15 -16.84 7.31
C GLN A 28 -12.48 -17.81 8.28
N ALA A 29 -11.15 -17.75 8.35
CA ALA A 29 -10.39 -18.62 9.24
C ALA A 29 -10.80 -18.38 10.69
N LYS A 30 -10.95 -17.12 11.05
CA LYS A 30 -11.36 -16.77 12.41
C LYS A 30 -12.72 -17.37 12.73
N GLN A 31 -13.58 -17.50 11.72
CA GLN A 31 -14.89 -18.08 11.93
C GLN A 31 -14.80 -19.60 11.96
N GLY A 32 -13.60 -20.12 11.77
CA GLY A 32 -13.37 -21.56 11.81
C GLY A 32 -13.71 -22.21 10.47
N ASP A 33 -13.83 -21.40 9.43
CA ASP A 33 -14.15 -21.90 8.09
C ASP A 33 -12.88 -22.06 7.26
N PHE A 34 -12.18 -23.18 7.47
CA PHE A 34 -10.93 -23.42 6.73
C PHE A 34 -11.18 -23.60 5.24
N ALA A 35 -12.31 -24.21 4.89
CA ALA A 35 -12.63 -24.46 3.49
C ALA A 35 -12.77 -23.14 2.72
N ALA A 36 -13.56 -22.23 3.26
CA ALA A 36 -13.76 -20.95 2.60
C ALA A 36 -12.46 -20.14 2.60
N ALA A 37 -11.70 -20.23 3.68
CA ALA A 37 -10.43 -19.52 3.75
C ALA A 37 -9.52 -19.99 2.60
N LYS A 38 -9.36 -21.30 2.49
CA LYS A 38 -8.53 -21.90 1.45
C LYS A 38 -8.96 -21.42 0.06
N ALA A 39 -10.26 -21.45 -0.21
CA ALA A 39 -10.77 -21.03 -1.51
C ALA A 39 -10.47 -19.57 -1.79
N MET A 40 -10.61 -18.74 -0.76
CA MET A 40 -10.36 -17.30 -0.90
C MET A 40 -8.88 -17.03 -1.18
N MET A 41 -7.98 -17.76 -0.50
CA MET A 41 -6.55 -17.56 -0.72
C MET A 41 -6.19 -17.92 -2.15
N ASP A 42 -6.77 -19.01 -2.65
CA ASP A 42 -6.47 -19.48 -3.99
C ASP A 42 -6.83 -18.42 -5.02
N GLN A 43 -8.03 -17.87 -4.88
CA GLN A 43 -8.48 -16.82 -5.80
C GLN A 43 -7.61 -15.59 -5.67
N SER A 44 -7.25 -15.24 -4.44
CA SER A 44 -6.40 -14.08 -4.20
C SER A 44 -5.06 -14.28 -4.91
N ARG A 45 -4.49 -15.47 -4.78
CA ARG A 45 -3.22 -15.82 -5.43
C ARG A 45 -3.32 -15.66 -6.95
N MET A 46 -4.40 -16.18 -7.51
CA MET A 46 -4.63 -16.11 -8.95
C MET A 46 -4.72 -14.65 -9.40
N ALA A 47 -5.41 -13.83 -8.62
CA ALA A 47 -5.56 -12.41 -8.94
C ALA A 47 -4.19 -11.74 -9.00
N LEU A 48 -3.35 -12.05 -8.02
CA LEU A 48 -2.00 -11.49 -7.95
C LEU A 48 -1.15 -11.98 -9.12
N ASN A 49 -1.29 -13.26 -9.41
CA ASN A 49 -0.51 -13.87 -10.48
C ASN A 49 -0.77 -13.15 -11.80
N GLU A 50 -2.04 -12.89 -12.07
CA GLU A 50 -2.41 -12.17 -13.29
C GLU A 50 -1.86 -10.75 -13.23
N ALA A 51 -1.97 -10.13 -12.05
CA ALA A 51 -1.47 -8.77 -11.87
C ALA A 51 0.06 -8.75 -12.05
N HIS A 52 0.73 -9.71 -11.44
CA HIS A 52 2.19 -9.81 -11.54
C HIS A 52 2.61 -10.01 -13.00
N LEU A 53 1.86 -10.83 -13.72
CA LEU A 53 2.16 -11.11 -15.12
C LEU A 53 2.11 -9.82 -15.93
N VAL A 54 1.08 -9.02 -15.68
CA VAL A 54 0.94 -7.75 -16.38
C VAL A 54 2.11 -6.84 -16.04
N GLN A 55 2.46 -6.79 -14.76
CA GLN A 55 3.59 -5.96 -14.34
C GLN A 55 4.88 -6.45 -15.01
N THR A 56 5.08 -7.76 -15.08
CA THR A 56 6.28 -8.32 -15.72
C THR A 56 6.46 -7.71 -17.11
N LYS A 57 5.37 -7.66 -17.88
CA LYS A 57 5.43 -7.06 -19.22
C LYS A 57 5.76 -5.59 -19.10
N LEU A 58 5.18 -4.94 -18.10
CA LEU A 58 5.43 -3.52 -17.90
C LEU A 58 6.87 -3.24 -17.48
N ILE A 59 7.58 -4.25 -16.98
CA ILE A 59 8.99 -4.06 -16.60
C ILE A 59 9.93 -4.47 -17.76
N GLU A 60 9.55 -5.49 -18.53
CA GLU A 60 10.37 -5.95 -19.66
C GLU A 60 10.46 -4.88 -20.74
N GLY A 61 9.34 -4.20 -21.01
CA GLY A 61 9.31 -3.17 -22.03
C GLY A 61 9.20 -1.78 -21.42
N ASP A 62 9.80 -1.60 -20.24
CA ASP A 62 9.75 -0.32 -19.54
C ASP A 62 10.49 0.78 -20.32
N ALA A 63 11.17 0.39 -21.40
CA ALA A 63 11.90 1.36 -22.21
C ALA A 63 10.97 2.06 -23.19
N GLY A 64 11.49 3.07 -23.89
CA GLY A 64 10.68 3.81 -24.86
C GLY A 64 10.81 5.32 -24.66
N GLU A 65 10.45 5.80 -23.47
CA GLU A 65 10.53 7.23 -23.19
C GLU A 65 11.97 7.72 -23.18
N GLY A 66 12.86 6.90 -22.64
CA GLY A 66 14.28 7.27 -22.58
C GLY A 66 15.15 6.04 -22.36
N LYS A 67 16.47 6.25 -22.44
CA LYS A 67 17.41 5.15 -22.27
C LYS A 67 17.39 4.63 -20.82
N MET A 68 18.11 5.32 -19.94
CA MET A 68 18.20 4.93 -18.54
C MET A 68 16.88 5.05 -17.79
N LYS A 69 16.13 6.12 -18.08
CA LYS A 69 14.87 6.35 -17.37
C LYS A 69 13.76 5.39 -17.80
N VAL A 70 12.84 5.14 -16.87
CA VAL A 70 11.71 4.23 -17.10
C VAL A 70 10.41 4.88 -16.65
N SER A 71 9.28 4.23 -16.95
CA SER A 71 7.98 4.77 -16.55
C SER A 71 7.94 4.91 -15.03
N LEU A 72 7.54 6.10 -14.57
CA LEU A 72 7.48 6.40 -13.14
C LEU A 72 6.43 5.55 -12.41
N VAL A 73 5.30 5.39 -13.07
CA VAL A 73 4.18 4.62 -12.52
C VAL A 73 4.55 3.16 -12.22
N LEU A 74 5.60 2.69 -12.85
CA LEU A 74 6.02 1.30 -12.64
C LEU A 74 6.18 0.99 -11.17
N VAL A 75 6.60 2.01 -10.44
CA VAL A 75 6.83 1.86 -9.00
C VAL A 75 5.48 1.78 -8.29
N HIS A 76 4.25 2.80 -8.68
CA HIS A 76 2.90 2.81 -8.09
C HIS A 76 2.31 1.41 -8.17
N ALA A 77 2.63 0.70 -9.25
CA ALA A 77 2.16 -0.67 -9.44
C ALA A 77 3.01 -1.66 -8.65
N GLN A 78 4.34 -1.50 -8.72
CA GLN A 78 5.24 -2.41 -8.02
C GLN A 78 5.01 -2.32 -6.51
N LEU A 79 4.96 -1.09 -6.01
CA LEU A 79 4.72 -0.86 -4.59
C LEU A 79 3.44 -1.54 -4.13
N HIS A 80 2.35 -1.32 -4.85
CA HIS A 80 1.08 -1.91 -4.47
C HIS A 80 1.12 -3.44 -4.62
N LEU A 81 1.65 -3.90 -5.74
CA LEU A 81 1.74 -5.34 -5.99
C LEU A 81 2.64 -6.04 -4.98
N MET A 82 3.80 -5.45 -4.70
CA MET A 82 4.74 -6.05 -3.75
C MET A 82 4.11 -6.14 -2.37
N THR A 83 3.46 -5.05 -1.96
CA THR A 83 2.81 -5.00 -0.65
C THR A 83 1.69 -6.04 -0.56
N SER A 84 0.84 -6.07 -1.58
CA SER A 84 -0.29 -7.01 -1.61
C SER A 84 0.20 -8.46 -1.60
N MET A 85 1.16 -8.78 -2.45
CA MET A 85 1.69 -10.14 -2.51
C MET A 85 2.26 -10.57 -1.18
N LEU A 86 3.07 -9.70 -0.59
CA LEU A 86 3.68 -10.00 0.70
C LEU A 86 2.61 -10.19 1.78
N ALA A 87 1.64 -9.28 1.79
CA ALA A 87 0.56 -9.36 2.76
C ALA A 87 -0.15 -10.70 2.67
N ARG A 88 -0.49 -11.10 1.47
CA ARG A 88 -1.18 -12.37 1.27
C ARG A 88 -0.35 -13.55 1.78
N GLU A 89 0.93 -13.57 1.45
CA GLU A 89 1.77 -14.67 1.88
C GLU A 89 1.79 -14.78 3.39
N LEU A 90 1.95 -13.65 4.06
CA LEU A 90 1.96 -13.64 5.51
C LEU A 90 0.58 -14.03 6.05
N ILE A 91 -0.46 -13.51 5.42
CA ILE A 91 -1.82 -13.85 5.84
C ILE A 91 -2.03 -15.35 5.69
N THR A 92 -1.50 -15.92 4.61
CA THR A 92 -1.60 -17.37 4.40
C THR A 92 -0.98 -18.10 5.59
N GLU A 93 0.20 -17.64 6.01
CA GLU A 93 0.88 -18.23 7.16
C GLU A 93 0.02 -18.08 8.40
N LEU A 94 -0.57 -16.89 8.56
CA LEU A 94 -1.43 -16.62 9.72
C LEU A 94 -2.62 -17.59 9.71
N ILE A 95 -3.20 -17.80 8.55
CA ILE A 95 -4.34 -18.73 8.44
C ILE A 95 -3.90 -20.14 8.83
N GLU A 96 -2.72 -20.56 8.36
CA GLU A 96 -2.22 -21.88 8.71
C GLU A 96 -2.08 -22.00 10.22
N LEU A 97 -1.64 -20.91 10.87
CA LEU A 97 -1.51 -20.92 12.32
C LEU A 97 -2.88 -21.12 12.98
N HIS A 98 -3.89 -20.46 12.44
CA HIS A 98 -5.25 -20.62 12.98
C HIS A 98 -5.63 -22.08 12.92
N GLU A 99 -5.25 -22.75 11.84
CA GLU A 99 -5.55 -24.17 11.68
C GLU A 99 -4.81 -24.98 12.74
N LYS A 100 -3.56 -24.62 13.01
CA LYS A 100 -2.79 -25.32 14.02
C LYS A 100 -3.39 -25.06 15.41
N LEU A 101 -3.92 -23.84 15.61
CA LEU A 101 -4.56 -23.49 16.88
C LEU A 101 -5.80 -24.37 17.09
N LYS A 102 -6.02 -25.30 16.15
CA LYS A 102 -7.18 -26.20 16.21
C LYS A 102 -8.43 -25.52 15.71
N ALA A 103 -8.82 -24.42 16.39
CA ALA A 103 -10.03 -23.67 16.04
C ALA A 103 -10.30 -23.65 14.53
N ALA B 1 22.66 3.11 -13.51
CA ALA B 1 23.97 3.34 -14.19
C ALA B 1 24.86 2.13 -13.94
N GLU B 2 26.00 2.08 -14.64
CA GLU B 2 26.95 0.97 -14.53
C GLU B 2 26.86 0.24 -13.18
N GLU B 3 27.57 0.74 -12.19
CA GLU B 3 27.58 0.13 -10.87
C GLU B 3 26.22 0.21 -10.20
N LEU B 4 25.72 1.44 -10.02
CA LEU B 4 24.42 1.61 -9.38
C LEU B 4 23.38 0.61 -9.91
N GLU B 5 23.37 0.41 -11.22
CA GLU B 5 22.42 -0.52 -11.83
C GLU B 5 22.76 -1.95 -11.47
N GLU B 6 24.03 -2.30 -11.57
CA GLU B 6 24.50 -3.63 -11.23
C GLU B 6 24.38 -3.85 -9.73
N VAL B 7 24.60 -2.79 -8.97
CA VAL B 7 24.51 -2.85 -7.52
C VAL B 7 23.05 -3.11 -7.10
N VAL B 8 22.12 -2.44 -7.77
CA VAL B 8 20.69 -2.63 -7.49
C VAL B 8 20.33 -4.08 -7.74
N MET B 9 20.80 -4.63 -8.86
CA MET B 9 20.52 -6.03 -9.18
C MET B 9 21.01 -6.91 -8.03
N GLY B 10 22.21 -6.62 -7.53
CA GLY B 10 22.75 -7.37 -6.41
C GLY B 10 21.86 -7.21 -5.19
N LEU B 11 21.44 -5.98 -4.93
CA LEU B 11 20.56 -5.70 -3.79
C LEU B 11 19.24 -6.44 -3.93
N ILE B 12 18.67 -6.41 -5.13
CA ILE B 12 17.40 -7.09 -5.38
C ILE B 12 17.57 -8.58 -5.14
N ILE B 13 18.66 -9.12 -5.68
CA ILE B 13 18.94 -10.54 -5.50
C ILE B 13 19.17 -10.83 -4.02
N ASN B 14 19.95 -9.98 -3.36
CA ASN B 14 20.24 -10.16 -1.94
C ASN B 14 18.94 -10.10 -1.13
N SER B 15 18.11 -9.11 -1.42
CA SER B 15 16.83 -8.99 -0.74
C SER B 15 15.98 -10.23 -0.97
N GLY B 16 15.99 -10.71 -2.22
CA GLY B 16 15.23 -11.91 -2.57
C GLY B 16 15.76 -13.12 -1.81
N GLN B 17 17.08 -13.25 -1.75
CA GLN B 17 17.68 -14.37 -1.03
C GLN B 17 17.31 -14.28 0.45
N ALA B 18 17.35 -13.06 0.98
CA ALA B 18 17.00 -12.84 2.37
C ALA B 18 15.60 -13.36 2.66
N ARG B 19 14.64 -12.97 1.84
CA ARG B 19 13.27 -13.44 2.02
C ARG B 19 13.24 -14.96 1.90
N SER B 20 13.90 -15.47 0.86
CA SER B 20 13.94 -16.91 0.64
C SER B 20 14.41 -17.63 1.89
N LEU B 21 15.50 -17.13 2.48
CA LEU B 21 16.04 -17.73 3.71
C LEU B 21 15.01 -17.60 4.83
N ALA B 22 14.37 -16.44 4.93
CA ALA B 22 13.37 -16.20 5.97
C ALA B 22 12.24 -17.23 5.85
N TYR B 23 11.67 -17.38 4.65
CA TYR B 23 10.60 -18.36 4.46
C TYR B 23 11.12 -19.75 4.79
N ALA B 24 12.36 -20.04 4.38
CA ALA B 24 12.95 -21.33 4.67
C ALA B 24 13.06 -21.49 6.19
N ALA B 25 13.43 -20.41 6.87
CA ALA B 25 13.53 -20.43 8.33
C ALA B 25 12.18 -20.80 8.92
N LEU B 26 11.12 -20.21 8.39
CA LEU B 26 9.78 -20.50 8.86
C LEU B 26 9.45 -21.97 8.62
N LYS B 27 9.80 -22.46 7.44
CA LYS B 27 9.55 -23.86 7.11
C LYS B 27 10.21 -24.78 8.14
N GLN B 28 11.43 -24.43 8.54
CA GLN B 28 12.13 -25.23 9.56
C GLN B 28 11.31 -25.26 10.84
N ALA B 29 10.74 -24.11 11.19
CA ALA B 29 9.91 -24.02 12.40
C ALA B 29 8.73 -24.97 12.31
N LYS B 30 8.09 -25.01 11.14
CA LYS B 30 6.95 -25.90 10.94
C LYS B 30 7.36 -27.35 11.16
N GLN B 31 8.62 -27.67 10.83
CA GLN B 31 9.10 -29.04 11.01
C GLN B 31 9.46 -29.28 12.48
N GLY B 32 9.32 -28.24 13.29
CA GLY B 32 9.63 -28.35 14.72
C GLY B 32 11.13 -28.18 14.99
N ASP B 33 11.86 -27.66 14.00
CA ASP B 33 13.29 -27.46 14.14
C ASP B 33 13.60 -26.02 14.53
N PHE B 34 13.47 -25.71 15.81
CA PHE B 34 13.73 -24.34 16.29
C PHE B 34 15.18 -23.94 16.10
N ALA B 35 16.09 -24.90 16.27
CA ALA B 35 17.52 -24.60 16.15
C ALA B 35 17.86 -24.12 14.74
N ALA B 36 17.43 -24.87 13.74
CA ALA B 36 17.71 -24.50 12.36
C ALA B 36 16.98 -23.20 12.01
N ALA B 37 15.77 -23.03 12.51
CA ALA B 37 15.03 -21.80 12.24
C ALA B 37 15.82 -20.61 12.74
N LYS B 38 16.23 -20.68 14.02
CA LYS B 38 17.01 -19.60 14.63
C LYS B 38 18.27 -19.27 13.81
N ALA B 39 18.99 -20.29 13.40
CA ALA B 39 20.21 -20.10 12.61
C ALA B 39 19.91 -19.41 11.28
N MET B 40 18.83 -19.82 10.64
CA MET B 40 18.44 -19.26 9.36
C MET B 40 18.05 -17.78 9.51
N MET B 41 17.32 -17.45 10.57
CA MET B 41 16.92 -16.06 10.78
C MET B 41 18.15 -15.17 10.97
N ASP B 42 19.12 -15.68 11.73
CA ASP B 42 20.33 -14.93 12.01
C ASP B 42 21.06 -14.57 10.73
N GLN B 43 21.21 -15.58 9.86
CA GLN B 43 21.88 -15.36 8.59
C GLN B 43 21.08 -14.40 7.72
N SER B 44 19.76 -14.54 7.73
CA SER B 44 18.91 -13.65 6.95
C SER B 44 19.13 -12.20 7.41
N ARG B 45 19.14 -12.00 8.73
CA ARG B 45 19.35 -10.68 9.30
C ARG B 45 20.69 -10.09 8.83
N MET B 46 21.74 -10.90 8.89
CA MET B 46 23.07 -10.45 8.49
C MET B 46 23.05 -10.04 7.02
N ALA B 47 22.37 -10.84 6.20
CA ALA B 47 22.27 -10.53 4.77
C ALA B 47 21.58 -9.19 4.56
N LEU B 48 20.50 -8.97 5.31
CA LEU B 48 19.75 -7.72 5.21
C LEU B 48 20.59 -6.55 5.72
N ASN B 49 21.30 -6.78 6.81
CA ASN B 49 22.13 -5.75 7.40
C ASN B 49 23.18 -5.26 6.40
N GLU B 50 23.83 -6.19 5.73
CA GLU B 50 24.82 -5.83 4.72
C GLU B 50 24.17 -5.10 3.57
N ALA B 51 23.00 -5.58 3.17
CA ALA B 51 22.25 -4.96 2.08
C ALA B 51 21.83 -3.54 2.48
N HIS B 52 21.32 -3.41 3.70
CA HIS B 52 20.88 -2.11 4.21
C HIS B 52 22.06 -1.13 4.27
N LEU B 53 23.22 -1.64 4.69
CA LEU B 53 24.42 -0.80 4.79
C LEU B 53 24.77 -0.23 3.41
N VAL B 54 24.71 -1.09 2.40
CA VAL B 54 25.03 -0.66 1.04
C VAL B 54 24.01 0.40 0.61
N GLN B 55 22.73 0.16 0.90
CA GLN B 55 21.70 1.13 0.53
C GLN B 55 21.96 2.45 1.25
N THR B 56 22.32 2.39 2.54
CA THR B 56 22.60 3.61 3.30
C THR B 56 23.57 4.50 2.53
N LYS B 57 24.65 3.90 2.04
CA LYS B 57 25.62 4.66 1.25
C LYS B 57 24.97 5.20 -0.01
N LEU B 58 24.12 4.39 -0.61
CA LEU B 58 23.44 4.78 -1.84
C LEU B 58 22.45 5.93 -1.59
N ILE B 59 22.02 6.12 -0.32
CA ILE B 59 21.11 7.23 -0.01
C ILE B 59 21.88 8.48 0.45
N GLU B 60 23.00 8.27 1.16
CA GLU B 60 23.81 9.39 1.64
C GLU B 60 24.42 10.17 0.46
N GLY B 61 24.86 9.43 -0.55
CA GLY B 61 25.49 10.05 -1.72
C GLY B 61 24.59 9.96 -2.95
N ASP B 62 23.28 10.02 -2.73
CA ASP B 62 22.32 9.93 -3.82
C ASP B 62 22.41 11.14 -4.77
N ALA B 63 23.21 12.12 -4.40
CA ALA B 63 23.36 13.32 -5.23
C ALA B 63 24.37 13.07 -6.34
N GLY B 64 24.50 14.03 -7.26
CA GLY B 64 25.44 13.90 -8.37
C GLY B 64 24.78 14.23 -9.71
N GLU B 65 23.73 13.48 -10.05
CA GLU B 65 23.03 13.70 -11.32
C GLU B 65 22.34 15.07 -11.33
N GLY B 66 21.76 15.45 -10.20
CA GLY B 66 21.07 16.73 -10.11
C GLY B 66 20.91 17.16 -8.66
N LYS B 67 20.42 18.38 -8.47
CA LYS B 67 20.23 18.92 -7.13
C LYS B 67 19.13 18.16 -6.38
N MET B 68 17.88 18.54 -6.66
CA MET B 68 16.72 17.93 -6.01
C MET B 68 16.52 16.47 -6.40
N LYS B 69 16.75 16.13 -7.66
CA LYS B 69 16.54 14.76 -8.14
C LYS B 69 17.62 13.80 -7.64
N VAL B 70 17.22 12.52 -7.52
CA VAL B 70 18.11 11.47 -7.05
C VAL B 70 18.02 10.24 -7.98
N SER B 71 18.89 9.26 -7.76
CA SER B 71 18.88 8.05 -8.59
C SER B 71 17.52 7.37 -8.49
N LEU B 72 16.93 7.04 -9.64
CA LEU B 72 15.60 6.45 -9.66
C LEU B 72 15.59 5.04 -9.04
N VAL B 73 16.65 4.30 -9.35
CA VAL B 73 16.80 2.93 -8.88
C VAL B 73 16.83 2.84 -7.34
N LEU B 74 17.13 3.95 -6.69
CA LEU B 74 17.18 3.96 -5.22
C LEU B 74 15.91 3.40 -4.63
N VAL B 75 14.80 3.75 -5.26
CA VAL B 75 13.49 3.30 -4.80
C VAL B 75 13.38 1.78 -5.02
N HIS B 76 13.84 1.22 -6.24
CA HIS B 76 13.79 -0.21 -6.52
C HIS B 76 14.49 -0.99 -5.40
N ALA B 77 15.67 -0.52 -5.01
CA ALA B 77 16.41 -1.18 -3.94
C ALA B 77 15.70 -1.00 -2.61
N GLN B 78 15.18 0.20 -2.38
CA GLN B 78 14.48 0.50 -1.13
C GLN B 78 13.22 -0.36 -1.03
N LEU B 79 12.44 -0.39 -2.12
CA LEU B 79 11.22 -1.18 -2.14
C LEU B 79 11.49 -2.65 -1.82
N HIS B 80 12.48 -3.23 -2.48
CA HIS B 80 12.80 -4.62 -2.24
C HIS B 80 13.36 -4.83 -0.84
N LEU B 81 14.27 -3.95 -0.44
CA LEU B 81 14.88 -4.06 0.89
C LEU B 81 13.85 -3.85 2.00
N MET B 82 13.00 -2.85 1.86
CA MET B 82 11.98 -2.57 2.87
C MET B 82 11.02 -3.75 3.01
N THR B 83 10.59 -4.28 1.87
CA THR B 83 9.67 -5.41 1.87
C THR B 83 10.32 -6.64 2.50
N SER B 84 11.55 -6.94 2.10
CA SER B 84 12.26 -8.09 2.64
C SER B 84 12.50 -7.97 4.14
N MET B 85 12.97 -6.81 4.58
CA MET B 85 13.24 -6.60 6.01
C MET B 85 11.96 -6.76 6.83
N LEU B 86 10.89 -6.14 6.36
CA LEU B 86 9.61 -6.21 7.06
C LEU B 86 9.11 -7.65 7.12
N ALA B 87 9.17 -8.33 5.98
CA ALA B 87 8.72 -9.71 5.90
C ALA B 87 9.49 -10.58 6.88
N ARG B 88 10.79 -10.44 6.86
CA ARG B 88 11.65 -11.22 7.75
C ARG B 88 11.28 -10.97 9.21
N GLU B 89 11.08 -9.70 9.59
CA GLU B 89 10.75 -9.38 10.97
C GLU B 89 9.43 -10.05 11.37
N LEU B 90 8.44 -9.96 10.50
CA LEU B 90 7.14 -10.56 10.78
C LEU B 90 7.28 -12.08 10.84
N ILE B 91 8.06 -12.63 9.92
CA ILE B 91 8.30 -14.07 9.91
C ILE B 91 8.95 -14.49 11.23
N THR B 92 9.86 -13.66 11.73
CA THR B 92 10.50 -13.96 13.02
C THR B 92 9.43 -14.07 14.09
N GLU B 93 8.49 -13.13 14.09
CA GLU B 93 7.40 -13.15 15.06
C GLU B 93 6.58 -14.43 14.88
N LEU B 94 6.30 -14.77 13.62
CA LEU B 94 5.54 -15.99 13.33
C LEU B 94 6.27 -17.21 13.87
N ILE B 95 7.59 -17.26 13.68
CA ILE B 95 8.36 -18.38 14.19
C ILE B 95 8.28 -18.46 15.71
N GLU B 96 8.36 -17.30 16.37
CA GLU B 96 8.25 -17.27 17.83
C GLU B 96 6.90 -17.85 18.25
N LEU B 97 5.86 -17.54 17.49
CA LEU B 97 4.52 -18.05 17.79
C LEU B 97 4.52 -19.58 17.69
N HIS B 98 5.19 -20.10 16.66
CA HIS B 98 5.27 -21.55 16.50
C HIS B 98 5.89 -22.17 17.75
N GLU B 99 6.90 -21.48 18.28
CA GLU B 99 7.55 -21.95 19.50
C GLU B 99 6.58 -21.94 20.66
N LYS B 100 5.77 -20.88 20.77
CA LYS B 100 4.79 -20.80 21.84
C LYS B 100 3.72 -21.88 21.65
N LEU B 101 3.39 -22.19 20.39
CA LEU B 101 2.42 -23.25 20.11
C LEU B 101 2.96 -24.60 20.58
N LYS B 102 4.13 -24.57 21.21
CA LYS B 102 4.77 -25.78 21.72
C LYS B 102 5.49 -26.51 20.59
N ALA B 103 4.71 -26.92 19.58
CA ALA B 103 5.25 -27.67 18.43
C ALA B 103 6.64 -27.19 18.04
N ALA C 1 11.12 19.25 -2.05
CA ALA C 1 11.16 20.74 -1.98
C ALA C 1 10.96 21.17 -0.54
N GLU C 2 11.18 22.45 -0.27
CA GLU C 2 11.04 23.02 1.08
C GLU C 2 10.10 22.22 1.98
N GLU C 3 8.81 22.51 1.89
CA GLU C 3 7.83 21.81 2.71
C GLU C 3 7.73 20.34 2.34
N LEU C 4 7.37 20.07 1.08
CA LEU C 4 7.24 18.68 0.63
C LEU C 4 8.38 17.80 1.16
N GLU C 5 9.60 18.32 1.11
CA GLU C 5 10.76 17.57 1.58
C GLU C 5 10.74 17.43 3.10
N GLU C 6 10.47 18.53 3.78
CA GLU C 6 10.41 18.52 5.24
C GLU C 6 9.19 17.70 5.68
N VAL C 7 8.12 17.78 4.89
CA VAL C 7 6.90 17.04 5.17
C VAL C 7 7.17 15.53 5.06
N VAL C 8 7.92 15.14 4.03
CA VAL C 8 8.27 13.74 3.83
C VAL C 8 9.06 13.24 5.04
N MET C 9 10.02 14.04 5.50
CA MET C 9 10.80 13.67 6.66
C MET C 9 9.87 13.40 7.84
N GLY C 10 8.88 14.29 8.01
CA GLY C 10 7.91 14.13 9.08
C GLY C 10 7.12 12.84 8.88
N LEU C 11 6.71 12.59 7.65
CA LEU C 11 5.94 11.37 7.33
C LEU C 11 6.79 10.14 7.59
N ILE C 12 8.05 10.18 7.18
CA ILE C 12 8.94 9.04 7.37
C ILE C 12 9.11 8.78 8.87
N ILE C 13 9.32 9.87 9.61
CA ILE C 13 9.47 9.76 11.06
C ILE C 13 8.16 9.23 11.66
N ASN C 14 7.05 9.81 11.22
CA ASN C 14 5.73 9.40 11.72
C ASN C 14 5.50 7.92 11.43
N SER C 15 5.79 7.51 10.19
CA SER C 15 5.63 6.11 9.81
C SER C 15 6.52 5.24 10.68
N GLY C 16 7.76 5.70 10.90
CA GLY C 16 8.70 4.95 11.73
C GLY C 16 8.18 4.84 13.16
N GLN C 17 7.67 5.95 13.70
CA GLN C 17 7.13 5.92 15.06
C GLN C 17 5.95 4.97 15.12
N ALA C 18 5.12 5.01 14.08
CA ALA C 18 3.96 4.14 14.02
C ALA C 18 4.38 2.67 14.15
N ARG C 19 5.36 2.27 13.33
CA ARG C 19 5.84 0.91 13.40
C ARG C 19 6.41 0.63 14.79
N SER C 20 7.21 1.57 15.28
CA SER C 20 7.81 1.41 16.60
C SER C 20 6.73 1.13 17.65
N LEU C 21 5.66 1.92 17.61
CA LEU C 21 4.56 1.74 18.54
C LEU C 21 3.92 0.37 18.33
N ALA C 22 3.73 0.00 17.06
CA ALA C 22 3.13 -1.29 16.73
C ALA C 22 3.96 -2.44 17.33
N TYR C 23 5.27 -2.43 17.07
CA TYR C 23 6.14 -3.47 17.64
C TYR C 23 6.05 -3.45 19.16
N ALA C 24 6.03 -2.24 19.72
CA ALA C 24 5.92 -2.11 21.17
C ALA C 24 4.59 -2.72 21.62
N ALA C 25 3.54 -2.47 20.85
CA ALA C 25 2.23 -3.03 21.16
C ALA C 25 2.31 -4.55 21.21
N LEU C 26 3.01 -5.12 20.24
CA LEU C 26 3.19 -6.57 20.18
C LEU C 26 3.95 -7.05 21.42
N LYS C 27 4.99 -6.31 21.77
CA LYS C 27 5.79 -6.66 22.94
C LYS C 27 4.90 -6.72 24.19
N GLN C 28 3.99 -5.77 24.31
CA GLN C 28 3.06 -5.75 25.44
C GLN C 28 2.26 -7.04 25.47
N ALA C 29 1.82 -7.47 24.27
CA ALA C 29 1.05 -8.70 24.16
C ALA C 29 1.85 -9.89 24.67
N LYS C 30 3.13 -9.94 24.30
CA LYS C 30 3.99 -11.02 24.76
C LYS C 30 4.07 -11.06 26.28
N GLN C 31 3.98 -9.88 26.90
CA GLN C 31 4.04 -9.80 28.36
C GLN C 31 2.67 -10.17 28.96
N GLY C 32 1.71 -10.44 28.08
CA GLY C 32 0.36 -10.83 28.53
C GLY C 32 -0.47 -9.60 28.89
N ASP C 33 -0.04 -8.43 28.44
CA ASP C 33 -0.76 -7.18 28.70
C ASP C 33 -1.63 -6.80 27.51
N PHE C 34 -2.80 -7.41 27.42
CA PHE C 34 -3.71 -7.14 26.31
C PHE C 34 -4.22 -5.70 26.34
N ALA C 35 -4.43 -5.17 27.54
CA ALA C 35 -4.94 -3.81 27.68
C ALA C 35 -3.97 -2.79 27.08
N ALA C 36 -2.71 -2.89 27.47
CA ALA C 36 -1.71 -1.96 26.96
C ALA C 36 -1.50 -2.17 25.47
N ALA C 37 -1.55 -3.42 25.02
CA ALA C 37 -1.38 -3.71 23.60
C ALA C 37 -2.48 -3.00 22.81
N LYS C 38 -3.72 -3.21 23.22
CA LYS C 38 -4.87 -2.59 22.57
C LYS C 38 -4.72 -1.07 22.49
N ALA C 39 -4.32 -0.45 23.61
CA ALA C 39 -4.16 1.00 23.65
C ALA C 39 -3.06 1.46 22.68
N MET C 40 -1.96 0.72 22.64
CA MET C 40 -0.85 1.06 21.77
C MET C 40 -1.25 0.92 20.30
N MET C 41 -2.03 -0.11 19.99
CA MET C 41 -2.48 -0.31 18.61
C MET C 41 -3.35 0.85 18.16
N ASP C 42 -4.25 1.28 19.04
CA ASP C 42 -5.17 2.36 18.72
C ASP C 42 -4.41 3.63 18.38
N GLN C 43 -3.42 3.97 19.21
CA GLN C 43 -2.61 5.16 18.97
C GLN C 43 -1.83 5.03 17.67
N SER C 44 -1.30 3.85 17.42
CA SER C 44 -0.55 3.60 16.19
C SER C 44 -1.44 3.87 14.98
N ARG C 45 -2.67 3.32 15.03
CA ARG C 45 -3.64 3.50 13.96
C ARG C 45 -3.93 4.99 13.72
N MET C 46 -4.14 5.72 14.81
CA MET C 46 -4.43 7.15 14.72
C MET C 46 -3.26 7.89 14.08
N ALA C 47 -2.04 7.51 14.47
CA ALA C 47 -0.84 8.14 13.91
C ALA C 47 -0.78 7.91 12.40
N LEU C 48 -1.08 6.68 11.98
CA LEU C 48 -1.07 6.33 10.57
C LEU C 48 -2.17 7.06 9.82
N ASN C 49 -3.34 7.15 10.45
CA ASN C 49 -4.48 7.81 9.84
C ASN C 49 -4.14 9.27 9.52
N GLU C 50 -3.51 9.95 10.47
CA GLU C 50 -3.11 11.33 10.26
C GLU C 50 -2.06 11.41 9.16
N ALA C 51 -1.13 10.47 9.19
CA ALA C 51 -0.07 10.43 8.18
C ALA C 51 -0.67 10.15 6.80
N HIS C 52 -1.58 9.19 6.74
CA HIS C 52 -2.25 8.85 5.48
C HIS C 52 -3.02 10.05 4.94
N LEU C 53 -3.69 10.78 5.83
CA LEU C 53 -4.47 11.95 5.43
C LEU C 53 -3.56 12.98 4.76
N VAL C 54 -2.39 13.20 5.35
CA VAL C 54 -1.45 14.16 4.80
C VAL C 54 -0.99 13.67 3.43
N GLN C 55 -0.69 12.38 3.32
CA GLN C 55 -0.26 11.82 2.04
C GLN C 55 -1.38 11.99 1.00
N THR C 56 -2.62 11.74 1.41
CA THR C 56 -3.76 11.88 0.48
C THR C 56 -3.70 13.25 -0.19
N LYS C 57 -3.50 14.29 0.60
CA LYS C 57 -3.40 15.64 0.05
C LYS C 57 -2.20 15.73 -0.88
N LEU C 58 -1.11 15.09 -0.49
CA LEU C 58 0.10 15.11 -1.29
C LEU C 58 -0.08 14.35 -2.61
N ILE C 59 -1.09 13.47 -2.70
CA ILE C 59 -1.33 12.76 -3.95
C ILE C 59 -2.40 13.48 -4.79
N GLU C 60 -3.38 14.10 -4.14
CA GLU C 60 -4.43 14.83 -4.87
C GLU C 60 -3.85 16.03 -5.60
N GLY C 61 -2.89 16.71 -4.98
CA GLY C 61 -2.28 17.89 -5.57
C GLY C 61 -0.83 17.62 -5.97
N ASP C 62 -0.56 16.41 -6.41
CA ASP C 62 0.79 16.03 -6.80
C ASP C 62 1.22 16.75 -8.06
N ALA C 63 0.31 17.49 -8.68
CA ALA C 63 0.63 18.24 -9.90
C ALA C 63 1.30 19.56 -9.56
N GLY C 64 1.78 20.26 -10.59
CA GLY C 64 2.43 21.56 -10.39
C GLY C 64 3.77 21.63 -11.13
N GLU C 65 4.69 20.71 -10.81
CA GLU C 65 5.99 20.70 -11.45
C GLU C 65 5.87 20.38 -12.94
N GLY C 66 4.99 19.45 -13.27
CA GLY C 66 4.80 19.05 -14.66
C GLY C 66 3.45 18.36 -14.86
N LYS C 67 3.12 18.09 -16.11
CA LYS C 67 1.85 17.44 -16.43
C LYS C 67 1.83 16.00 -15.92
N MET C 68 2.44 15.10 -16.70
CA MET C 68 2.48 13.68 -16.36
C MET C 68 3.31 13.38 -15.12
N LYS C 69 4.45 14.07 -14.97
CA LYS C 69 5.34 13.83 -13.84
C LYS C 69 4.79 14.36 -12.52
N VAL C 70 5.20 13.71 -11.43
CA VAL C 70 4.76 14.07 -10.08
C VAL C 70 5.96 14.16 -9.13
N SER C 71 5.72 14.64 -7.91
CA SER C 71 6.80 14.75 -6.93
C SER C 71 7.42 13.38 -6.68
N LEU C 72 8.74 13.30 -6.77
CA LEU C 72 9.45 12.03 -6.61
C LEU C 72 9.31 11.48 -5.19
N VAL C 73 9.40 12.39 -4.22
CA VAL C 73 9.33 12.04 -2.80
C VAL C 73 8.00 11.37 -2.44
N LEU C 74 6.99 11.57 -3.26
CA LEU C 74 5.68 10.98 -2.98
C LEU C 74 5.79 9.49 -2.74
N VAL C 75 6.65 8.87 -3.53
CA VAL C 75 6.89 7.43 -3.41
C VAL C 75 7.56 7.13 -2.07
N HIS C 76 8.61 7.97 -1.63
CA HIS C 76 9.30 7.74 -0.36
C HIS C 76 8.29 7.70 0.78
N ALA C 77 7.37 8.66 0.78
CA ALA C 77 6.33 8.70 1.81
C ALA C 77 5.37 7.53 1.65
N GLN C 78 5.02 7.21 0.41
CA GLN C 78 4.11 6.11 0.15
C GLN C 78 4.74 4.78 0.58
N LEU C 79 5.99 4.58 0.19
CA LEU C 79 6.71 3.36 0.55
C LEU C 79 6.75 3.17 2.06
N HIS C 80 7.13 4.21 2.79
CA HIS C 80 7.20 4.12 4.24
C HIS C 80 5.81 3.94 4.85
N LEU C 81 4.87 4.73 4.38
CA LEU C 81 3.50 4.67 4.89
C LEU C 81 2.85 3.31 4.59
N MET C 82 3.01 2.84 3.37
CA MET C 82 2.42 1.55 2.98
C MET C 82 3.01 0.42 3.82
N THR C 83 4.32 0.45 3.99
CA THR C 83 5.00 -0.58 4.76
C THR C 83 4.54 -0.55 6.22
N SER C 84 4.53 0.64 6.80
CA SER C 84 4.12 0.80 8.20
C SER C 84 2.67 0.37 8.42
N MET C 85 1.76 0.84 7.56
CA MET C 85 0.35 0.48 7.70
C MET C 85 0.16 -1.04 7.61
N LEU C 86 0.80 -1.65 6.63
CA LEU C 86 0.70 -3.09 6.43
C LEU C 86 1.24 -3.83 7.65
N ALA C 87 2.42 -3.42 8.10
CA ALA C 87 3.05 -4.04 9.25
C ALA C 87 2.13 -3.96 10.47
N ARG C 88 1.61 -2.77 10.71
CA ARG C 88 0.74 -2.55 11.84
C ARG C 88 -0.50 -3.47 11.77
N GLU C 89 -1.11 -3.56 10.59
CA GLU C 89 -2.29 -4.42 10.44
C GLU C 89 -1.95 -5.88 10.74
N LEU C 90 -0.82 -6.35 10.20
CA LEU C 90 -0.40 -7.72 10.44
C LEU C 90 -0.07 -7.92 11.91
N ILE C 91 0.60 -6.95 12.49
CA ILE C 91 0.95 -7.02 13.90
C ILE C 91 -0.33 -7.12 14.73
N THR C 92 -1.36 -6.39 14.32
CA THR C 92 -2.64 -6.46 15.02
C THR C 92 -3.15 -7.89 14.99
N GLU C 93 -3.06 -8.53 13.83
CA GLU C 93 -3.50 -9.92 13.70
C GLU C 93 -2.66 -10.82 14.62
N LEU C 94 -1.36 -10.56 14.63
CA LEU C 94 -0.45 -11.34 15.47
C LEU C 94 -0.84 -11.20 16.94
N ILE C 95 -1.16 -9.98 17.35
CA ILE C 95 -1.57 -9.73 18.73
C ILE C 95 -2.86 -10.51 19.05
N GLU C 96 -3.80 -10.48 18.12
CA GLU C 96 -5.05 -11.21 18.31
C GLU C 96 -4.75 -12.70 18.53
N LEU C 97 -3.78 -13.21 17.77
CA LEU C 97 -3.39 -14.61 17.91
C LEU C 97 -2.85 -14.87 19.32
N HIS C 98 -2.05 -13.94 19.83
CA HIS C 98 -1.52 -14.09 21.18
C HIS C 98 -2.68 -14.22 22.16
N GLU C 99 -3.73 -13.44 21.92
CA GLU C 99 -4.90 -13.49 22.78
C GLU C 99 -5.57 -14.87 22.68
N LYS C 100 -5.65 -15.41 21.46
CA LYS C 100 -6.25 -16.72 21.29
C LYS C 100 -5.38 -17.78 21.95
N LEU C 101 -4.05 -17.58 21.91
CA LEU C 101 -3.12 -18.52 22.55
C LEU C 101 -3.37 -18.53 24.06
N LYS C 102 -4.36 -17.76 24.51
CA LYS C 102 -4.70 -17.67 25.93
C LYS C 102 -3.78 -16.68 26.63
N ALA C 103 -2.48 -16.99 26.61
CA ALA C 103 -1.45 -16.16 27.26
C ALA C 103 -1.80 -14.67 27.21
N LYS D 1 -19.97 26.95 -1.17
CA LYS D 1 -19.08 26.05 -1.96
C LYS D 1 -19.44 24.59 -1.78
N LYS D 2 -19.77 23.94 -2.87
CA LYS D 2 -20.15 22.54 -2.84
C LYS D 2 -18.93 21.62 -2.88
N HIS D 3 -19.02 20.49 -2.19
CA HIS D 3 -17.93 19.52 -2.13
C HIS D 3 -18.12 18.37 -3.08
N ILE D 4 -17.20 18.26 -4.03
CA ILE D 4 -17.22 17.18 -4.99
C ILE D 4 -16.07 16.24 -4.61
N TYR D 5 -16.39 15.03 -4.18
CA TYR D 5 -15.38 14.06 -3.78
C TYR D 5 -15.33 12.90 -4.76
N LEU D 6 -14.13 12.60 -5.26
CA LEU D 6 -13.90 11.48 -6.19
C LEU D 6 -13.25 10.35 -5.40
N PHE D 7 -13.55 9.09 -5.75
CA PHE D 7 -12.85 7.97 -5.13
C PHE D 7 -12.17 7.07 -6.16
N CYS D 8 -11.03 6.48 -5.73
CA CYS D 8 -10.25 5.48 -6.47
C CYS D 8 -9.51 4.58 -5.48
N SER D 9 -8.61 3.69 -5.87
CA SER D 9 -8.05 2.85 -4.80
C SER D 9 -7.18 3.66 -3.87
N ALA D 10 -6.17 4.40 -4.37
CA ALA D 10 -5.28 5.12 -3.48
C ALA D 10 -5.58 6.61 -3.52
N GLY D 11 -5.83 7.14 -4.73
CA GLY D 11 -6.12 8.55 -4.91
C GLY D 11 -5.10 9.23 -5.80
N MET D 12 -4.47 8.51 -6.73
CA MET D 12 -3.46 9.13 -7.59
C MET D 12 -3.97 9.33 -9.04
N SER D 13 -4.07 8.26 -9.76
CA SER D 13 -4.50 8.37 -11.16
C SER D 13 -5.72 9.30 -11.30
N THR D 14 -6.45 9.50 -10.20
CA THR D 14 -7.61 10.38 -10.31
C THR D 14 -7.21 11.78 -9.89
N SER D 15 -6.09 11.83 -9.22
CA SER D 15 -5.48 13.09 -8.76
C SER D 15 -5.20 14.03 -9.93
N LEU D 16 -4.82 13.46 -11.06
CA LEU D 16 -4.55 14.26 -12.24
C LEU D 16 -5.88 14.86 -12.76
N LEU D 17 -6.96 14.07 -12.72
CA LEU D 17 -8.28 14.55 -13.14
C LEU D 17 -8.75 15.68 -12.19
N VAL D 18 -8.54 15.48 -10.88
CA VAL D 18 -8.91 16.50 -9.89
C VAL D 18 -8.18 17.83 -10.15
N SER D 19 -6.89 17.79 -10.47
CA SER D 19 -6.17 19.03 -10.74
C SER D 19 -6.73 19.77 -11.98
N LYS D 20 -7.12 19.03 -13.02
CA LYS D 20 -7.71 19.66 -14.20
C LYS D 20 -9.12 20.20 -13.91
N MET D 21 -9.87 19.50 -13.07
CA MET D 21 -11.22 20.00 -12.73
C MET D 21 -11.08 21.31 -11.94
N ARG D 22 -10.13 21.39 -11.02
CA ARG D 22 -9.91 22.60 -10.21
C ARG D 22 -9.56 23.79 -11.12
N ALA D 23 -8.79 23.54 -12.18
CA ALA D 23 -8.39 24.59 -13.11
C ALA D 23 -9.63 25.14 -13.81
N GLN D 24 -10.50 24.24 -14.24
CA GLN D 24 -11.72 24.61 -14.91
C GLN D 24 -12.67 25.35 -14.00
N ALA D 25 -12.80 24.88 -12.77
CA ALA D 25 -13.69 25.53 -11.80
C ALA D 25 -13.24 26.96 -11.55
N GLU D 26 -11.93 27.20 -11.60
CA GLU D 26 -11.39 28.54 -11.36
C GLU D 26 -11.65 29.43 -12.57
N LYS D 27 -11.43 28.88 -13.76
CA LYS D 27 -11.63 29.59 -14.99
C LYS D 27 -13.07 30.10 -15.12
N TYR D 28 -14.05 29.29 -14.72
CA TYR D 28 -15.48 29.69 -14.80
C TYR D 28 -16.13 30.10 -13.49
N GLU D 29 -15.33 30.35 -12.46
CA GLU D 29 -15.81 30.78 -11.15
C GLU D 29 -16.89 29.89 -10.51
N VAL D 30 -16.76 28.58 -10.66
CA VAL D 30 -17.70 27.63 -10.08
C VAL D 30 -17.27 27.48 -8.62
N PRO D 31 -18.19 27.73 -7.67
CA PRO D 31 -17.91 27.64 -6.23
C PRO D 31 -17.93 26.21 -5.68
N VAL D 32 -16.88 25.46 -6.01
CA VAL D 32 -16.75 24.08 -5.57
C VAL D 32 -15.38 23.76 -5.01
N ILE D 33 -15.35 22.75 -4.14
CA ILE D 33 -14.13 22.22 -3.55
C ILE D 33 -14.09 20.77 -4.09
N ILE D 34 -12.98 20.40 -4.71
CA ILE D 34 -12.79 19.07 -5.32
C ILE D 34 -11.61 18.31 -4.66
N GLU D 35 -11.86 17.09 -4.18
CA GLU D 35 -10.83 16.27 -3.52
C GLU D 35 -10.93 14.82 -4.00
N ALA D 36 -9.78 14.14 -4.09
CA ALA D 36 -9.71 12.73 -4.50
C ALA D 36 -9.34 11.92 -3.25
N PHE D 37 -9.93 10.74 -3.09
CA PHE D 37 -9.64 9.87 -1.95
C PHE D 37 -9.66 8.44 -2.43
N PRO D 38 -9.08 7.53 -1.64
CA PRO D 38 -9.07 6.11 -2.02
C PRO D 38 -10.49 5.61 -1.70
N GLU D 39 -10.91 4.54 -2.35
CA GLU D 39 -12.24 3.96 -2.13
C GLU D 39 -12.51 3.54 -0.69
N THR D 40 -11.46 3.29 0.09
CA THR D 40 -11.63 2.88 1.48
C THR D 40 -12.26 3.95 2.37
N LEU D 41 -12.19 5.21 1.94
CA LEU D 41 -12.77 6.32 2.70
C LEU D 41 -14.15 6.77 2.20
N ALA D 42 -14.74 6.07 1.21
CA ALA D 42 -16.05 6.45 0.63
C ALA D 42 -17.14 6.64 1.68
N GLY D 43 -17.12 5.80 2.71
CA GLY D 43 -18.13 5.91 3.75
C GLY D 43 -17.81 6.98 4.77
N GLU D 44 -16.53 7.16 5.08
CA GLU D 44 -16.15 8.15 6.07
C GLU D 44 -16.16 9.59 5.49
N LYS D 45 -15.52 9.77 4.34
CA LYS D 45 -15.46 11.08 3.70
C LYS D 45 -16.73 11.45 2.92
N GLY D 46 -17.38 10.46 2.32
CA GLY D 46 -18.60 10.70 1.55
C GLY D 46 -19.69 11.43 2.29
N GLN D 47 -19.77 11.23 3.60
CA GLN D 47 -20.79 11.89 4.43
C GLN D 47 -20.74 13.42 4.34
N ASN D 48 -19.59 13.97 3.95
CA ASN D 48 -19.43 15.41 3.87
C ASN D 48 -19.45 15.95 2.45
N ALA D 49 -19.66 15.08 1.48
CA ALA D 49 -19.67 15.54 0.10
C ALA D 49 -21.06 15.97 -0.30
N ASP D 50 -21.11 16.82 -1.31
CA ASP D 50 -22.38 17.25 -1.83
C ASP D 50 -22.73 16.32 -2.99
N VAL D 51 -21.69 15.73 -3.60
CA VAL D 51 -21.88 14.75 -4.67
C VAL D 51 -20.68 13.78 -4.61
N VAL D 52 -20.98 12.49 -4.70
CA VAL D 52 -19.97 11.44 -4.66
C VAL D 52 -19.78 10.85 -6.06
N LEU D 53 -18.55 10.92 -6.57
CA LEU D 53 -18.24 10.38 -7.88
C LEU D 53 -17.30 9.18 -7.73
N LEU D 54 -17.60 8.08 -8.42
CA LEU D 54 -16.75 6.88 -8.36
C LEU D 54 -15.96 6.73 -9.63
N GLY D 55 -14.69 6.35 -9.51
CA GLY D 55 -13.84 6.18 -10.68
C GLY D 55 -14.39 5.02 -11.49
N PRO D 56 -14.13 4.94 -12.76
CA PRO D 56 -14.66 3.84 -13.62
C PRO D 56 -14.24 2.42 -13.18
N GLN D 57 -13.07 2.31 -12.54
CA GLN D 57 -12.57 1.02 -12.08
C GLN D 57 -13.39 0.49 -10.90
N ILE D 58 -14.04 1.38 -10.15
CA ILE D 58 -14.82 0.94 -9.01
C ILE D 58 -16.34 1.02 -9.23
N ALA D 59 -16.75 0.99 -10.49
CA ALA D 59 -18.17 1.04 -10.83
C ALA D 59 -18.94 -0.11 -10.19
N TYR D 60 -18.34 -1.30 -10.13
CA TYR D 60 -19.04 -2.44 -9.55
C TYR D 60 -19.46 -2.21 -8.09
N MET D 61 -18.84 -1.23 -7.44
CA MET D 61 -19.15 -0.89 -6.05
C MET D 61 -20.33 0.08 -5.87
N LEU D 62 -20.89 0.58 -6.97
CA LEU D 62 -21.99 1.54 -6.90
C LEU D 62 -23.13 1.19 -5.93
N PRO D 63 -23.73 -0.02 -6.05
CA PRO D 63 -24.82 -0.37 -5.12
C PRO D 63 -24.43 -0.30 -3.65
N GLU D 64 -23.22 -0.72 -3.30
CA GLU D 64 -22.77 -0.68 -1.91
C GLU D 64 -22.60 0.74 -1.42
N ILE D 65 -22.02 1.59 -2.25
CA ILE D 65 -21.83 2.99 -1.85
C ILE D 65 -23.16 3.74 -1.71
N GLN D 66 -24.12 3.42 -2.59
CA GLN D 66 -25.46 4.00 -2.52
C GLN D 66 -26.13 3.64 -1.18
N ARG D 67 -26.00 2.39 -0.73
CA ARG D 67 -26.60 1.98 0.55
C ARG D 67 -25.89 2.63 1.74
N LEU D 68 -24.60 2.88 1.59
CA LEU D 68 -23.77 3.49 2.64
C LEU D 68 -24.11 4.97 2.82
N LEU D 69 -24.39 5.65 1.70
CA LEU D 69 -24.73 7.09 1.68
C LEU D 69 -26.11 7.27 1.01
N PRO D 70 -27.20 6.87 1.69
CA PRO D 70 -28.55 6.99 1.13
C PRO D 70 -29.03 8.44 0.93
N ASN D 71 -28.35 9.38 1.56
CA ASN D 71 -28.75 10.79 1.44
C ASN D 71 -27.82 11.63 0.57
N LYS D 72 -27.08 10.99 -0.33
CA LYS D 72 -26.14 11.69 -1.21
C LYS D 72 -26.26 11.20 -2.63
N PRO D 73 -26.13 12.10 -3.63
CA PRO D 73 -26.21 11.62 -5.02
C PRO D 73 -24.85 10.97 -5.27
N VAL D 74 -24.87 9.73 -5.75
CA VAL D 74 -23.64 8.96 -6.02
C VAL D 74 -23.64 8.48 -7.46
N GLU D 75 -22.58 8.72 -8.19
CA GLU D 75 -22.53 8.22 -9.55
C GLU D 75 -21.13 7.95 -10.07
N VAL D 76 -21.06 7.12 -11.10
CA VAL D 76 -19.80 6.72 -11.71
C VAL D 76 -19.40 7.72 -12.78
N ILE D 77 -18.11 8.03 -12.84
CA ILE D 77 -17.58 8.96 -13.83
C ILE D 77 -17.54 8.27 -15.17
N ASP D 78 -17.96 8.97 -16.21
CA ASP D 78 -17.94 8.40 -17.55
C ASP D 78 -16.51 7.95 -17.89
N SER D 79 -16.33 6.69 -18.28
CA SER D 79 -14.99 6.17 -18.58
C SER D 79 -14.18 6.90 -19.65
N LEU D 80 -14.87 7.44 -20.65
CA LEU D 80 -14.19 8.17 -21.73
C LEU D 80 -13.73 9.53 -21.23
N LEU D 81 -14.58 10.18 -20.45
CA LEU D 81 -14.26 11.49 -19.90
C LEU D 81 -13.10 11.33 -18.94
N TYR D 82 -13.10 10.21 -18.22
CA TYR D 82 -12.04 9.90 -17.25
C TYR D 82 -10.71 9.58 -17.95
N GLY D 83 -10.75 8.68 -18.92
CA GLY D 83 -9.54 8.32 -19.64
C GLY D 83 -8.87 9.50 -20.31
N LYS D 84 -9.68 10.37 -20.87
CA LYS D 84 -9.22 11.56 -21.59
C LYS D 84 -8.79 12.70 -20.65
N VAL D 85 -9.07 12.52 -19.35
CA VAL D 85 -8.77 13.52 -18.31
C VAL D 85 -9.47 14.86 -18.61
N ASP D 86 -10.76 14.77 -18.94
CA ASP D 86 -11.57 15.95 -19.28
C ASP D 86 -12.09 16.63 -18.03
N GLY D 87 -11.29 17.56 -17.51
CA GLY D 87 -11.64 18.31 -16.31
C GLY D 87 -12.94 19.07 -16.45
N LEU D 88 -13.16 19.73 -17.60
CA LEU D 88 -14.39 20.49 -17.80
C LEU D 88 -15.63 19.58 -17.87
N GLY D 89 -15.50 18.50 -18.64
CA GLY D 89 -16.59 17.56 -18.81
C GLY D 89 -17.07 16.91 -17.53
N VAL D 90 -16.12 16.49 -16.69
CA VAL D 90 -16.48 15.84 -15.42
C VAL D 90 -17.04 16.88 -14.45
N LEU D 91 -16.47 18.08 -14.49
CA LEU D 91 -16.97 19.15 -13.63
C LEU D 91 -18.46 19.39 -14.00
N LYS D 92 -18.76 19.42 -15.30
CA LYS D 92 -20.15 19.61 -15.75
C LYS D 92 -21.09 18.52 -15.24
N ALA D 93 -20.64 17.27 -15.30
CA ALA D 93 -21.47 16.14 -14.85
C ALA D 93 -21.76 16.21 -13.35
N ALA D 94 -20.78 16.72 -12.60
CA ALA D 94 -20.90 16.82 -11.15
C ALA D 94 -21.90 17.90 -10.75
N VAL D 95 -21.80 19.06 -11.40
CA VAL D 95 -22.72 20.17 -11.13
C VAL D 95 -24.13 19.69 -11.49
N ALA D 96 -24.25 18.98 -12.61
CA ALA D 96 -25.54 18.45 -13.04
C ALA D 96 -26.13 17.51 -11.99
N ALA D 97 -25.33 16.57 -11.49
CA ALA D 97 -25.85 15.64 -10.49
C ALA D 97 -26.36 16.40 -9.26
N ILE D 98 -25.70 17.51 -8.93
CA ILE D 98 -26.12 18.32 -7.78
C ILE D 98 -27.46 19.01 -8.03
N LYS D 99 -27.63 19.58 -9.24
CA LYS D 99 -28.87 20.26 -9.62
C LYS D 99 -30.01 19.26 -9.71
N LYS D 100 -29.80 18.19 -10.45
CA LYS D 100 -30.83 17.18 -10.59
C LYS D 100 -31.20 16.60 -9.22
N ALA D 101 -30.34 16.79 -8.23
CA ALA D 101 -30.58 16.28 -6.88
C ALA D 101 -31.37 17.24 -6.00
N ALA D 102 -31.14 18.54 -6.18
CA ALA D 102 -31.83 19.57 -5.43
C ALA D 102 -33.22 19.88 -6.02
N ALA D 103 -33.60 19.13 -7.06
CA ALA D 103 -34.88 19.29 -7.72
C ALA D 103 -35.05 18.26 -8.85
P PO3 E . -4.75 5.45 -7.18
O1 PO3 E . -4.11 6.25 -6.07
O2 PO3 E . -5.22 4.03 -6.93
O3 PO3 E . -4.73 5.98 -8.59
N ALA A 1 0.74 7.29 -18.60
CA ALA A 1 0.24 7.59 -19.96
C ALA A 1 -1.09 6.86 -20.17
N GLU A 2 -1.77 7.18 -21.26
CA GLU A 2 -3.08 6.58 -21.60
C GLU A 2 -3.28 5.20 -20.95
N GLU A 3 -2.80 4.17 -21.63
CA GLU A 3 -2.95 2.80 -21.13
C GLU A 3 -2.16 2.60 -19.84
N LEU A 4 -0.84 2.78 -19.91
CA LEU A 4 0.01 2.60 -18.74
C LEU A 4 -0.63 3.20 -17.48
N GLU A 5 -1.21 4.38 -17.61
CA GLU A 5 -1.84 5.05 -16.47
C GLU A 5 -3.12 4.34 -16.08
N GLU A 6 -3.94 4.01 -17.07
CA GLU A 6 -5.19 3.30 -16.82
C GLU A 6 -4.88 1.88 -16.34
N VAL A 7 -3.80 1.31 -16.88
CA VAL A 7 -3.37 -0.03 -16.50
C VAL A 7 -2.93 -0.05 -15.03
N VAL A 8 -2.20 0.99 -14.63
CA VAL A 8 -1.73 1.10 -13.25
C VAL A 8 -2.95 1.16 -12.33
N MET A 9 -3.95 1.96 -12.70
CA MET A 9 -5.17 2.06 -11.90
C MET A 9 -5.77 0.67 -11.73
N GLY A 10 -5.81 -0.09 -12.82
CA GLY A 10 -6.34 -1.45 -12.77
C GLY A 10 -5.49 -2.31 -11.83
N LEU A 11 -4.17 -2.17 -11.95
CA LEU A 11 -3.26 -2.93 -11.10
C LEU A 11 -3.45 -2.56 -9.64
N ILE A 12 -3.57 -1.27 -9.37
CA ILE A 12 -3.76 -0.80 -8.00
C ILE A 12 -5.06 -1.36 -7.46
N ILE A 13 -6.11 -1.29 -8.26
CA ILE A 13 -7.40 -1.82 -7.85
C ILE A 13 -7.30 -3.33 -7.65
N ASN A 14 -6.65 -4.01 -8.60
CA ASN A 14 -6.47 -5.45 -8.53
C ASN A 14 -5.71 -5.82 -7.26
N SER A 15 -4.61 -5.11 -7.03
CA SER A 15 -3.81 -5.35 -5.83
C SER A 15 -4.65 -5.14 -4.57
N GLY A 16 -5.44 -4.06 -4.60
CA GLY A 16 -6.32 -3.75 -3.47
C GLY A 16 -7.35 -4.86 -3.26
N GLN A 17 -7.95 -5.32 -4.36
CA GLN A 17 -8.94 -6.40 -4.27
C GLN A 17 -8.27 -7.65 -3.72
N ALA A 18 -7.05 -7.92 -4.18
CA ALA A 18 -6.31 -9.09 -3.72
C ALA A 18 -6.15 -9.04 -2.21
N ARG A 19 -5.70 -7.91 -1.69
CA ARG A 19 -5.55 -7.77 -0.25
C ARG A 19 -6.90 -7.95 0.43
N SER A 20 -7.91 -7.28 -0.11
CA SER A 20 -9.25 -7.36 0.44
C SER A 20 -9.68 -8.83 0.57
N LEU A 21 -9.47 -9.59 -0.49
CA LEU A 21 -9.81 -11.01 -0.48
C LEU A 21 -8.97 -11.74 0.58
N ALA A 22 -7.69 -11.40 0.63
CA ALA A 22 -6.79 -12.03 1.60
C ALA A 22 -7.30 -11.80 3.03
N TYR A 23 -7.59 -10.55 3.38
CA TYR A 23 -8.10 -10.25 4.72
C TYR A 23 -9.41 -11.00 4.93
N ALA A 24 -10.25 -11.03 3.90
CA ALA A 24 -11.51 -11.73 3.99
C ALA A 24 -11.24 -13.22 4.25
N ALA A 25 -10.23 -13.75 3.56
CA ALA A 25 -9.84 -15.14 3.75
C ALA A 25 -9.48 -15.38 5.21
N LEU A 26 -8.72 -14.46 5.78
CA LEU A 26 -8.32 -14.57 7.18
C LEU A 26 -9.56 -14.55 8.07
N LYS A 27 -10.48 -13.64 7.77
CA LYS A 27 -11.71 -13.53 8.54
C LYS A 27 -12.45 -14.87 8.56
N GLN A 28 -12.48 -15.54 7.41
CA GLN A 28 -13.15 -16.84 7.31
C GLN A 28 -12.48 -17.81 8.28
N ALA A 29 -11.15 -17.75 8.35
CA ALA A 29 -10.39 -18.62 9.24
C ALA A 29 -10.80 -18.38 10.69
N LYS A 30 -10.95 -17.12 11.05
CA LYS A 30 -11.36 -16.77 12.41
C LYS A 30 -12.72 -17.37 12.73
N GLN A 31 -13.58 -17.50 11.72
CA GLN A 31 -14.89 -18.08 11.93
C GLN A 31 -14.80 -19.60 11.96
N GLY A 32 -13.60 -20.12 11.77
CA GLY A 32 -13.37 -21.56 11.81
C GLY A 32 -13.71 -22.21 10.47
N ASP A 33 -13.83 -21.40 9.43
CA ASP A 33 -14.15 -21.90 8.09
C ASP A 33 -12.88 -22.06 7.26
N PHE A 34 -12.18 -23.18 7.47
CA PHE A 34 -10.93 -23.42 6.73
C PHE A 34 -11.18 -23.60 5.24
N ALA A 35 -12.31 -24.21 4.89
CA ALA A 35 -12.63 -24.46 3.49
C ALA A 35 -12.77 -23.14 2.72
N ALA A 36 -13.56 -22.23 3.26
CA ALA A 36 -13.76 -20.95 2.60
C ALA A 36 -12.46 -20.14 2.60
N ALA A 37 -11.70 -20.23 3.68
CA ALA A 37 -10.43 -19.52 3.75
C ALA A 37 -9.52 -19.99 2.60
N LYS A 38 -9.36 -21.30 2.49
CA LYS A 38 -8.53 -21.90 1.45
C LYS A 38 -8.96 -21.42 0.06
N ALA A 39 -10.26 -21.45 -0.21
CA ALA A 39 -10.77 -21.03 -1.51
C ALA A 39 -10.47 -19.57 -1.79
N MET A 40 -10.61 -18.74 -0.76
CA MET A 40 -10.36 -17.30 -0.90
C MET A 40 -8.88 -17.03 -1.18
N MET A 41 -7.98 -17.76 -0.50
CA MET A 41 -6.55 -17.56 -0.72
C MET A 41 -6.19 -17.92 -2.15
N ASP A 42 -6.77 -19.01 -2.65
CA ASP A 42 -6.47 -19.48 -3.99
C ASP A 42 -6.83 -18.42 -5.02
N GLN A 43 -8.03 -17.87 -4.88
CA GLN A 43 -8.48 -16.82 -5.80
C GLN A 43 -7.61 -15.59 -5.67
N SER A 44 -7.25 -15.24 -4.44
CA SER A 44 -6.40 -14.08 -4.20
C SER A 44 -5.06 -14.28 -4.91
N ARG A 45 -4.49 -15.47 -4.78
CA ARG A 45 -3.22 -15.82 -5.43
C ARG A 45 -3.32 -15.66 -6.95
N MET A 46 -4.40 -16.18 -7.51
CA MET A 46 -4.63 -16.11 -8.95
C MET A 46 -4.72 -14.65 -9.40
N ALA A 47 -5.41 -13.83 -8.62
CA ALA A 47 -5.56 -12.41 -8.94
C ALA A 47 -4.19 -11.74 -9.00
N LEU A 48 -3.35 -12.05 -8.02
CA LEU A 48 -2.00 -11.49 -7.95
C LEU A 48 -1.15 -11.98 -9.12
N ASN A 49 -1.29 -13.26 -9.41
CA ASN A 49 -0.51 -13.87 -10.48
C ASN A 49 -0.77 -13.15 -11.80
N GLU A 50 -2.04 -12.89 -12.07
CA GLU A 50 -2.41 -12.17 -13.29
C GLU A 50 -1.86 -10.75 -13.23
N ALA A 51 -1.97 -10.13 -12.05
CA ALA A 51 -1.47 -8.77 -11.87
C ALA A 51 0.06 -8.75 -12.05
N HIS A 52 0.73 -9.71 -11.44
CA HIS A 52 2.19 -9.81 -11.54
C HIS A 52 2.61 -10.01 -13.00
N LEU A 53 1.86 -10.83 -13.72
CA LEU A 53 2.16 -11.11 -15.12
C LEU A 53 2.11 -9.82 -15.93
N VAL A 54 1.08 -9.02 -15.68
CA VAL A 54 0.94 -7.75 -16.38
C VAL A 54 2.11 -6.84 -16.04
N GLN A 55 2.46 -6.79 -14.76
CA GLN A 55 3.59 -5.96 -14.34
C GLN A 55 4.88 -6.45 -15.01
N THR A 56 5.08 -7.76 -15.08
CA THR A 56 6.28 -8.32 -15.72
C THR A 56 6.46 -7.71 -17.11
N LYS A 57 5.37 -7.66 -17.88
CA LYS A 57 5.43 -7.06 -19.22
C LYS A 57 5.76 -5.59 -19.10
N LEU A 58 5.18 -4.94 -18.10
CA LEU A 58 5.43 -3.52 -17.90
C LEU A 58 6.87 -3.24 -17.48
N ILE A 59 7.58 -4.25 -16.98
CA ILE A 59 8.99 -4.06 -16.60
C ILE A 59 9.93 -4.47 -17.76
N GLU A 60 9.55 -5.49 -18.53
CA GLU A 60 10.37 -5.95 -19.66
C GLU A 60 10.46 -4.88 -20.74
N GLY A 61 9.34 -4.20 -21.01
CA GLY A 61 9.31 -3.17 -22.03
C GLY A 61 9.20 -1.78 -21.42
N ASP A 62 9.80 -1.60 -20.24
CA ASP A 62 9.75 -0.32 -19.54
C ASP A 62 10.49 0.78 -20.32
N ALA A 63 11.17 0.39 -21.40
CA ALA A 63 11.90 1.36 -22.21
C ALA A 63 10.97 2.06 -23.19
N GLY A 64 11.49 3.07 -23.89
CA GLY A 64 10.68 3.81 -24.86
C GLY A 64 10.81 5.32 -24.66
N GLU A 65 10.45 5.80 -23.47
CA GLU A 65 10.53 7.23 -23.19
C GLU A 65 11.97 7.72 -23.18
N GLY A 66 12.86 6.90 -22.64
CA GLY A 66 14.28 7.27 -22.58
C GLY A 66 15.15 6.04 -22.36
N LYS A 67 16.47 6.25 -22.44
CA LYS A 67 17.41 5.15 -22.27
C LYS A 67 17.39 4.63 -20.82
N MET A 68 18.11 5.32 -19.94
CA MET A 68 18.20 4.93 -18.54
C MET A 68 16.88 5.05 -17.79
N LYS A 69 16.13 6.12 -18.08
CA LYS A 69 14.87 6.35 -17.37
C LYS A 69 13.76 5.39 -17.80
N VAL A 70 12.84 5.14 -16.87
CA VAL A 70 11.71 4.23 -17.10
C VAL A 70 10.41 4.88 -16.65
N SER A 71 9.28 4.23 -16.95
CA SER A 71 7.98 4.77 -16.55
C SER A 71 7.94 4.91 -15.03
N LEU A 72 7.54 6.10 -14.57
CA LEU A 72 7.48 6.40 -13.14
C LEU A 72 6.43 5.55 -12.41
N VAL A 73 5.30 5.39 -13.07
CA VAL A 73 4.18 4.62 -12.52
C VAL A 73 4.55 3.16 -12.22
N LEU A 74 5.61 2.69 -12.84
CA LEU A 74 6.05 1.31 -12.61
C LEU A 74 6.22 1.03 -11.13
N VAL A 75 6.64 2.07 -10.41
CA VAL A 75 6.87 1.94 -8.98
C VAL A 75 5.52 1.86 -8.25
N HIS A 76 4.28 2.84 -8.67
CA HIS A 76 2.93 2.84 -8.07
C HIS A 76 2.34 1.44 -8.15
N ALA A 77 2.67 0.74 -9.23
CA ALA A 77 2.18 -0.62 -9.43
C ALA A 77 3.03 -1.62 -8.65
N GLN A 78 4.35 -1.49 -8.72
CA GLN A 78 5.24 -2.40 -8.02
C GLN A 78 5.01 -2.32 -6.51
N LEU A 79 4.96 -1.09 -6.01
CA LEU A 79 4.72 -0.86 -4.59
C LEU A 79 3.44 -1.54 -4.13
N HIS A 80 2.35 -1.32 -4.85
CA HIS A 80 1.08 -1.91 -4.47
C HIS A 80 1.12 -3.44 -4.62
N LEU A 81 1.65 -3.90 -5.74
CA LEU A 81 1.74 -5.34 -5.99
C LEU A 81 2.64 -6.04 -4.98
N MET A 82 3.80 -5.45 -4.70
CA MET A 82 4.74 -6.05 -3.75
C MET A 82 4.11 -6.14 -2.37
N THR A 83 3.46 -5.05 -1.96
CA THR A 83 2.81 -5.00 -0.65
C THR A 83 1.69 -6.04 -0.56
N SER A 84 0.84 -6.07 -1.58
CA SER A 84 -0.29 -7.01 -1.61
C SER A 84 0.20 -8.46 -1.60
N MET A 85 1.16 -8.78 -2.45
CA MET A 85 1.69 -10.14 -2.51
C MET A 85 2.26 -10.57 -1.18
N LEU A 86 3.07 -9.70 -0.59
CA LEU A 86 3.68 -10.00 0.70
C LEU A 86 2.61 -10.19 1.78
N ALA A 87 1.64 -9.28 1.79
CA ALA A 87 0.56 -9.36 2.76
C ALA A 87 -0.15 -10.70 2.67
N ARG A 88 -0.49 -11.10 1.47
CA ARG A 88 -1.18 -12.37 1.27
C ARG A 88 -0.35 -13.55 1.78
N GLU A 89 0.93 -13.57 1.45
CA GLU A 89 1.77 -14.67 1.88
C GLU A 89 1.79 -14.78 3.39
N LEU A 90 1.95 -13.65 4.06
CA LEU A 90 1.96 -13.64 5.51
C LEU A 90 0.58 -14.03 6.05
N ILE A 91 -0.46 -13.51 5.42
CA ILE A 91 -1.82 -13.85 5.84
C ILE A 91 -2.03 -15.35 5.69
N THR A 92 -1.50 -15.92 4.61
CA THR A 92 -1.60 -17.37 4.40
C THR A 92 -0.98 -18.10 5.59
N GLU A 93 0.20 -17.64 6.01
CA GLU A 93 0.88 -18.23 7.16
C GLU A 93 0.02 -18.08 8.40
N LEU A 94 -0.57 -16.89 8.56
CA LEU A 94 -1.43 -16.62 9.72
C LEU A 94 -2.62 -17.59 9.71
N ILE A 95 -3.20 -17.80 8.55
CA ILE A 95 -4.34 -18.73 8.44
C ILE A 95 -3.90 -20.14 8.83
N GLU A 96 -2.72 -20.56 8.36
CA GLU A 96 -2.22 -21.88 8.71
C GLU A 96 -2.08 -22.00 10.22
N LEU A 97 -1.64 -20.91 10.87
CA LEU A 97 -1.51 -20.92 12.32
C LEU A 97 -2.88 -21.12 12.98
N HIS A 98 -3.89 -20.46 12.44
CA HIS A 98 -5.25 -20.62 12.98
C HIS A 98 -5.63 -22.08 12.92
N GLU A 99 -5.25 -22.75 11.84
CA GLU A 99 -5.55 -24.17 11.68
C GLU A 99 -4.81 -24.98 12.74
N LYS A 100 -3.56 -24.62 13.01
CA LYS A 100 -2.79 -25.32 14.02
C LYS A 100 -3.39 -25.06 15.41
N LEU A 101 -3.92 -23.84 15.61
CA LEU A 101 -4.56 -23.49 16.88
C LEU A 101 -5.80 -24.37 17.09
N LYS A 102 -6.02 -25.30 16.15
CA LYS A 102 -7.18 -26.20 16.21
C LYS A 102 -8.43 -25.52 15.71
N ALA A 103 -8.82 -24.42 16.39
CA ALA A 103 -10.03 -23.67 16.04
C ALA A 103 -10.30 -23.65 14.53
N ALA B 1 22.66 3.11 -13.51
CA ALA B 1 23.97 3.34 -14.19
C ALA B 1 24.86 2.13 -13.94
N GLU B 2 26.00 2.08 -14.64
CA GLU B 2 26.95 0.97 -14.53
C GLU B 2 26.86 0.24 -13.18
N GLU B 3 27.57 0.74 -12.19
CA GLU B 3 27.58 0.13 -10.87
C GLU B 3 26.22 0.21 -10.20
N LEU B 4 25.72 1.44 -10.02
CA LEU B 4 24.42 1.61 -9.38
C LEU B 4 23.38 0.61 -9.91
N GLU B 5 23.37 0.41 -11.22
CA GLU B 5 22.42 -0.52 -11.83
C GLU B 5 22.76 -1.95 -11.47
N GLU B 6 24.03 -2.30 -11.57
CA GLU B 6 24.50 -3.63 -11.23
C GLU B 6 24.38 -3.85 -9.73
N VAL B 7 24.60 -2.79 -8.97
CA VAL B 7 24.51 -2.85 -7.52
C VAL B 7 23.05 -3.11 -7.10
N VAL B 8 22.12 -2.44 -7.77
CA VAL B 8 20.69 -2.63 -7.49
C VAL B 8 20.33 -4.08 -7.74
N MET B 9 20.80 -4.63 -8.86
CA MET B 9 20.52 -6.03 -9.18
C MET B 9 21.01 -6.91 -8.03
N GLY B 10 22.21 -6.62 -7.53
CA GLY B 10 22.75 -7.37 -6.41
C GLY B 10 21.86 -7.21 -5.19
N LEU B 11 21.44 -5.98 -4.93
CA LEU B 11 20.56 -5.70 -3.79
C LEU B 11 19.24 -6.44 -3.93
N ILE B 12 18.67 -6.41 -5.13
CA ILE B 12 17.40 -7.09 -5.38
C ILE B 12 17.57 -8.58 -5.14
N ILE B 13 18.66 -9.12 -5.68
CA ILE B 13 18.94 -10.54 -5.50
C ILE B 13 19.17 -10.83 -4.02
N ASN B 14 19.95 -9.98 -3.36
CA ASN B 14 20.24 -10.16 -1.94
C ASN B 14 18.94 -10.10 -1.13
N SER B 15 18.11 -9.11 -1.42
CA SER B 15 16.83 -8.99 -0.74
C SER B 15 15.98 -10.23 -0.97
N GLY B 16 15.99 -10.71 -2.22
CA GLY B 16 15.23 -11.91 -2.57
C GLY B 16 15.76 -13.12 -1.81
N GLN B 17 17.08 -13.25 -1.75
CA GLN B 17 17.68 -14.37 -1.03
C GLN B 17 17.31 -14.28 0.45
N ALA B 18 17.35 -13.06 0.98
CA ALA B 18 17.00 -12.84 2.37
C ALA B 18 15.60 -13.36 2.66
N ARG B 19 14.64 -12.97 1.84
CA ARG B 19 13.27 -13.44 2.02
C ARG B 19 13.24 -14.96 1.90
N SER B 20 13.90 -15.47 0.86
CA SER B 20 13.94 -16.91 0.64
C SER B 20 14.41 -17.63 1.89
N LEU B 21 15.50 -17.13 2.48
CA LEU B 21 16.04 -17.73 3.71
C LEU B 21 15.01 -17.60 4.83
N ALA B 22 14.37 -16.44 4.93
CA ALA B 22 13.37 -16.20 5.97
C ALA B 22 12.24 -17.23 5.85
N TYR B 23 11.67 -17.38 4.65
CA TYR B 23 10.60 -18.36 4.46
C TYR B 23 11.12 -19.75 4.79
N ALA B 24 12.36 -20.04 4.38
CA ALA B 24 12.95 -21.33 4.67
C ALA B 24 13.06 -21.49 6.19
N ALA B 25 13.43 -20.41 6.87
CA ALA B 25 13.53 -20.43 8.33
C ALA B 25 12.18 -20.80 8.92
N LEU B 26 11.12 -20.21 8.39
CA LEU B 26 9.78 -20.50 8.86
C LEU B 26 9.45 -21.97 8.62
N LYS B 27 9.80 -22.46 7.44
CA LYS B 27 9.55 -23.86 7.11
C LYS B 27 10.21 -24.78 8.14
N GLN B 28 11.43 -24.43 8.54
CA GLN B 28 12.13 -25.23 9.56
C GLN B 28 11.31 -25.26 10.84
N ALA B 29 10.74 -24.11 11.19
CA ALA B 29 9.91 -24.02 12.40
C ALA B 29 8.73 -24.97 12.31
N LYS B 30 8.09 -25.01 11.14
CA LYS B 30 6.95 -25.90 10.94
C LYS B 30 7.36 -27.35 11.16
N GLN B 31 8.62 -27.67 10.83
CA GLN B 31 9.10 -29.04 11.01
C GLN B 31 9.46 -29.28 12.48
N GLY B 32 9.32 -28.24 13.29
CA GLY B 32 9.63 -28.35 14.72
C GLY B 32 11.13 -28.18 14.99
N ASP B 33 11.86 -27.66 14.00
CA ASP B 33 13.29 -27.46 14.14
C ASP B 33 13.60 -26.02 14.53
N PHE B 34 13.47 -25.71 15.81
CA PHE B 34 13.73 -24.34 16.29
C PHE B 34 15.18 -23.94 16.10
N ALA B 35 16.09 -24.90 16.27
CA ALA B 35 17.52 -24.60 16.15
C ALA B 35 17.86 -24.12 14.74
N ALA B 36 17.43 -24.87 13.74
CA ALA B 36 17.71 -24.50 12.36
C ALA B 36 16.98 -23.20 12.01
N ALA B 37 15.77 -23.03 12.51
CA ALA B 37 15.03 -21.80 12.24
C ALA B 37 15.82 -20.61 12.74
N LYS B 38 16.23 -20.68 14.02
CA LYS B 38 17.01 -19.60 14.63
C LYS B 38 18.27 -19.27 13.81
N ALA B 39 18.99 -20.29 13.40
CA ALA B 39 20.21 -20.10 12.61
C ALA B 39 19.91 -19.41 11.28
N MET B 40 18.83 -19.82 10.64
CA MET B 40 18.44 -19.26 9.36
C MET B 40 18.05 -17.78 9.51
N MET B 41 17.32 -17.45 10.57
CA MET B 41 16.92 -16.06 10.78
C MET B 41 18.15 -15.17 10.97
N ASP B 42 19.12 -15.68 11.73
CA ASP B 42 20.33 -14.93 12.01
C ASP B 42 21.06 -14.57 10.73
N GLN B 43 21.21 -15.58 9.86
CA GLN B 43 21.88 -15.36 8.59
C GLN B 43 21.08 -14.40 7.72
N SER B 44 19.76 -14.54 7.73
CA SER B 44 18.91 -13.65 6.95
C SER B 44 19.13 -12.20 7.41
N ARG B 45 19.14 -12.00 8.73
CA ARG B 45 19.35 -10.68 9.30
C ARG B 45 20.69 -10.09 8.83
N MET B 46 21.74 -10.90 8.89
CA MET B 46 23.07 -10.45 8.49
C MET B 46 23.05 -10.04 7.02
N ALA B 47 22.37 -10.84 6.20
CA ALA B 47 22.27 -10.53 4.77
C ALA B 47 21.58 -9.19 4.56
N LEU B 48 20.50 -8.97 5.31
CA LEU B 48 19.75 -7.72 5.21
C LEU B 48 20.59 -6.55 5.72
N ASN B 49 21.30 -6.78 6.81
CA ASN B 49 22.13 -5.75 7.40
C ASN B 49 23.18 -5.26 6.40
N GLU B 50 23.83 -6.19 5.73
CA GLU B 50 24.82 -5.83 4.72
C GLU B 50 24.17 -5.10 3.57
N ALA B 51 23.00 -5.58 3.17
CA ALA B 51 22.25 -4.96 2.08
C ALA B 51 21.83 -3.54 2.48
N HIS B 52 21.32 -3.41 3.70
CA HIS B 52 20.88 -2.11 4.21
C HIS B 52 22.06 -1.13 4.27
N LEU B 53 23.22 -1.64 4.69
CA LEU B 53 24.42 -0.80 4.79
C LEU B 53 24.77 -0.23 3.41
N VAL B 54 24.71 -1.09 2.40
CA VAL B 54 25.03 -0.66 1.04
C VAL B 54 24.01 0.40 0.61
N GLN B 55 22.73 0.16 0.90
CA GLN B 55 21.70 1.13 0.53
C GLN B 55 21.96 2.45 1.25
N THR B 56 22.32 2.39 2.54
CA THR B 56 22.60 3.61 3.30
C THR B 56 23.57 4.50 2.53
N LYS B 57 24.65 3.90 2.04
CA LYS B 57 25.62 4.66 1.25
C LYS B 57 24.97 5.20 -0.01
N LEU B 58 24.12 4.39 -0.61
CA LEU B 58 23.44 4.78 -1.84
C LEU B 58 22.45 5.93 -1.59
N ILE B 59 22.02 6.12 -0.32
CA ILE B 59 21.11 7.23 -0.01
C ILE B 59 21.88 8.48 0.45
N GLU B 60 23.00 8.27 1.16
CA GLU B 60 23.81 9.39 1.64
C GLU B 60 24.42 10.17 0.46
N GLY B 61 24.86 9.43 -0.55
CA GLY B 61 25.49 10.05 -1.72
C GLY B 61 24.59 9.96 -2.95
N ASP B 62 23.28 10.02 -2.73
CA ASP B 62 22.32 9.93 -3.82
C ASP B 62 22.41 11.14 -4.77
N ALA B 63 23.21 12.12 -4.40
CA ALA B 63 23.36 13.32 -5.23
C ALA B 63 24.37 13.07 -6.34
N GLY B 64 24.50 14.03 -7.26
CA GLY B 64 25.44 13.90 -8.37
C GLY B 64 24.78 14.23 -9.71
N GLU B 65 23.73 13.48 -10.05
CA GLU B 65 23.03 13.70 -11.32
C GLU B 65 22.34 15.07 -11.33
N GLY B 66 21.76 15.45 -10.20
CA GLY B 66 21.07 16.73 -10.11
C GLY B 66 20.91 17.16 -8.66
N LYS B 67 20.42 18.38 -8.47
CA LYS B 67 20.23 18.92 -7.13
C LYS B 67 19.13 18.16 -6.38
N MET B 68 17.88 18.54 -6.66
CA MET B 68 16.72 17.93 -6.01
C MET B 68 16.52 16.47 -6.40
N LYS B 69 16.75 16.13 -7.66
CA LYS B 69 16.54 14.76 -8.14
C LYS B 69 17.62 13.80 -7.64
N VAL B 70 17.22 12.52 -7.52
CA VAL B 70 18.11 11.47 -7.05
C VAL B 70 18.02 10.24 -7.98
N SER B 71 18.89 9.26 -7.76
CA SER B 71 18.88 8.05 -8.59
C SER B 71 17.52 7.37 -8.49
N LEU B 72 16.93 7.04 -9.64
CA LEU B 72 15.60 6.45 -9.66
C LEU B 72 15.59 5.04 -9.04
N VAL B 73 16.65 4.30 -9.35
CA VAL B 73 16.80 2.93 -8.88
C VAL B 73 16.83 2.84 -7.34
N LEU B 74 17.10 3.95 -6.69
CA LEU B 74 17.13 3.96 -5.22
C LEU B 74 15.85 3.43 -4.64
N VAL B 75 14.74 3.79 -5.28
CA VAL B 75 13.42 3.37 -4.84
C VAL B 75 13.30 1.85 -5.03
N HIS B 76 13.77 1.27 -6.24
CA HIS B 76 13.69 -0.16 -6.51
C HIS B 76 14.42 -0.94 -5.41
N ALA B 77 15.61 -0.48 -5.05
CA ALA B 77 16.38 -1.14 -4.00
C ALA B 77 15.69 -0.98 -2.64
N GLN B 78 15.16 0.23 -2.40
CA GLN B 78 14.48 0.50 -1.13
C GLN B 78 13.22 -0.36 -1.03
N LEU B 79 12.44 -0.39 -2.12
CA LEU B 79 11.22 -1.18 -2.14
C LEU B 79 11.49 -2.65 -1.82
N HIS B 80 12.48 -3.23 -2.48
CA HIS B 80 12.80 -4.62 -2.24
C HIS B 80 13.36 -4.83 -0.84
N LEU B 81 14.27 -3.95 -0.44
CA LEU B 81 14.88 -4.06 0.89
C LEU B 81 13.85 -3.85 2.00
N MET B 82 13.00 -2.85 1.86
CA MET B 82 11.98 -2.57 2.87
C MET B 82 11.02 -3.75 3.01
N THR B 83 10.59 -4.28 1.87
CA THR B 83 9.67 -5.41 1.87
C THR B 83 10.32 -6.64 2.50
N SER B 84 11.55 -6.94 2.10
CA SER B 84 12.26 -8.09 2.64
C SER B 84 12.50 -7.97 4.14
N MET B 85 12.97 -6.81 4.58
CA MET B 85 13.24 -6.60 6.01
C MET B 85 11.96 -6.76 6.83
N LEU B 86 10.89 -6.14 6.36
CA LEU B 86 9.61 -6.21 7.06
C LEU B 86 9.11 -7.65 7.12
N ALA B 87 9.17 -8.33 5.98
CA ALA B 87 8.72 -9.71 5.90
C ALA B 87 9.49 -10.58 6.88
N ARG B 88 10.79 -10.44 6.86
CA ARG B 88 11.65 -11.22 7.75
C ARG B 88 11.28 -10.97 9.21
N GLU B 89 11.08 -9.70 9.59
CA GLU B 89 10.75 -9.38 10.97
C GLU B 89 9.43 -10.05 11.37
N LEU B 90 8.44 -9.96 10.50
CA LEU B 90 7.14 -10.56 10.78
C LEU B 90 7.28 -12.08 10.84
N ILE B 91 8.06 -12.63 9.92
CA ILE B 91 8.30 -14.07 9.91
C ILE B 91 8.95 -14.49 11.23
N THR B 92 9.86 -13.66 11.73
CA THR B 92 10.50 -13.96 13.02
C THR B 92 9.43 -14.07 14.09
N GLU B 93 8.49 -13.13 14.09
CA GLU B 93 7.40 -13.15 15.06
C GLU B 93 6.58 -14.43 14.88
N LEU B 94 6.30 -14.77 13.62
CA LEU B 94 5.54 -15.99 13.33
C LEU B 94 6.27 -17.21 13.87
N ILE B 95 7.59 -17.26 13.68
CA ILE B 95 8.36 -18.38 14.19
C ILE B 95 8.28 -18.46 15.71
N GLU B 96 8.36 -17.30 16.37
CA GLU B 96 8.25 -17.27 17.83
C GLU B 96 6.90 -17.85 18.25
N LEU B 97 5.86 -17.54 17.49
CA LEU B 97 4.52 -18.05 17.79
C LEU B 97 4.52 -19.58 17.69
N HIS B 98 5.19 -20.10 16.66
CA HIS B 98 5.27 -21.55 16.50
C HIS B 98 5.89 -22.17 17.75
N GLU B 99 6.90 -21.48 18.28
CA GLU B 99 7.55 -21.95 19.50
C GLU B 99 6.58 -21.94 20.66
N LYS B 100 5.77 -20.88 20.77
CA LYS B 100 4.79 -20.80 21.84
C LYS B 100 3.72 -21.88 21.65
N LEU B 101 3.39 -22.19 20.39
CA LEU B 101 2.42 -23.25 20.11
C LEU B 101 2.96 -24.60 20.58
N LYS B 102 4.13 -24.57 21.21
CA LYS B 102 4.77 -25.78 21.72
C LYS B 102 5.49 -26.51 20.59
N ALA B 103 4.71 -26.92 19.58
CA ALA B 103 5.25 -27.67 18.43
C ALA B 103 6.64 -27.19 18.04
N ALA C 1 11.12 19.25 -2.05
CA ALA C 1 11.16 20.74 -1.98
C ALA C 1 10.96 21.17 -0.54
N GLU C 2 11.18 22.45 -0.27
CA GLU C 2 11.04 23.02 1.08
C GLU C 2 10.10 22.22 1.98
N GLU C 3 8.81 22.51 1.89
CA GLU C 3 7.83 21.81 2.71
C GLU C 3 7.73 20.34 2.34
N LEU C 4 7.37 20.07 1.08
CA LEU C 4 7.24 18.68 0.63
C LEU C 4 8.38 17.80 1.16
N GLU C 5 9.60 18.32 1.11
CA GLU C 5 10.76 17.57 1.58
C GLU C 5 10.74 17.43 3.10
N GLU C 6 10.47 18.53 3.78
CA GLU C 6 10.41 18.52 5.24
C GLU C 6 9.19 17.70 5.68
N VAL C 7 8.12 17.78 4.89
CA VAL C 7 6.90 17.04 5.17
C VAL C 7 7.17 15.53 5.06
N VAL C 8 7.92 15.14 4.03
CA VAL C 8 8.27 13.74 3.83
C VAL C 8 9.06 13.24 5.04
N MET C 9 10.02 14.04 5.50
CA MET C 9 10.80 13.67 6.66
C MET C 9 9.87 13.40 7.84
N GLY C 10 8.88 14.29 8.01
CA GLY C 10 7.91 14.13 9.08
C GLY C 10 7.12 12.84 8.88
N LEU C 11 6.71 12.59 7.65
CA LEU C 11 5.94 11.37 7.33
C LEU C 11 6.79 10.14 7.59
N ILE C 12 8.05 10.18 7.18
CA ILE C 12 8.94 9.04 7.37
C ILE C 12 9.11 8.78 8.87
N ILE C 13 9.32 9.87 9.61
CA ILE C 13 9.47 9.76 11.06
C ILE C 13 8.16 9.23 11.66
N ASN C 14 7.05 9.81 11.22
CA ASN C 14 5.73 9.40 11.72
C ASN C 14 5.50 7.92 11.43
N SER C 15 5.79 7.51 10.19
CA SER C 15 5.63 6.11 9.81
C SER C 15 6.52 5.24 10.68
N GLY C 16 7.76 5.70 10.90
CA GLY C 16 8.70 4.95 11.73
C GLY C 16 8.18 4.84 13.16
N GLN C 17 7.67 5.95 13.70
CA GLN C 17 7.13 5.92 15.06
C GLN C 17 5.95 4.97 15.12
N ALA C 18 5.12 5.01 14.08
CA ALA C 18 3.96 4.14 14.02
C ALA C 18 4.38 2.67 14.15
N ARG C 19 5.36 2.27 13.33
CA ARG C 19 5.84 0.91 13.40
C ARG C 19 6.41 0.63 14.79
N SER C 20 7.21 1.57 15.28
CA SER C 20 7.81 1.41 16.60
C SER C 20 6.73 1.13 17.65
N LEU C 21 5.66 1.92 17.61
CA LEU C 21 4.56 1.74 18.54
C LEU C 21 3.92 0.37 18.33
N ALA C 22 3.73 0.00 17.06
CA ALA C 22 3.13 -1.29 16.73
C ALA C 22 3.96 -2.44 17.33
N TYR C 23 5.27 -2.43 17.07
CA TYR C 23 6.14 -3.47 17.64
C TYR C 23 6.05 -3.45 19.16
N ALA C 24 6.03 -2.24 19.72
CA ALA C 24 5.92 -2.11 21.17
C ALA C 24 4.59 -2.72 21.62
N ALA C 25 3.54 -2.47 20.85
CA ALA C 25 2.23 -3.03 21.16
C ALA C 25 2.31 -4.55 21.21
N LEU C 26 3.01 -5.12 20.24
CA LEU C 26 3.19 -6.57 20.18
C LEU C 26 3.95 -7.05 21.42
N LYS C 27 4.99 -6.31 21.77
CA LYS C 27 5.79 -6.66 22.94
C LYS C 27 4.90 -6.72 24.19
N GLN C 28 3.99 -5.77 24.31
CA GLN C 28 3.06 -5.75 25.44
C GLN C 28 2.26 -7.04 25.47
N ALA C 29 1.82 -7.47 24.27
CA ALA C 29 1.05 -8.70 24.16
C ALA C 29 1.85 -9.89 24.67
N LYS C 30 3.13 -9.94 24.30
CA LYS C 30 3.99 -11.02 24.76
C LYS C 30 4.07 -11.06 26.28
N GLN C 31 3.98 -9.88 26.90
CA GLN C 31 4.04 -9.80 28.36
C GLN C 31 2.67 -10.17 28.96
N GLY C 32 1.71 -10.44 28.08
CA GLY C 32 0.36 -10.83 28.53
C GLY C 32 -0.47 -9.60 28.89
N ASP C 33 -0.04 -8.43 28.44
CA ASP C 33 -0.76 -7.18 28.70
C ASP C 33 -1.63 -6.80 27.51
N PHE C 34 -2.80 -7.41 27.42
CA PHE C 34 -3.71 -7.14 26.31
C PHE C 34 -4.22 -5.70 26.34
N ALA C 35 -4.43 -5.17 27.54
CA ALA C 35 -4.94 -3.81 27.68
C ALA C 35 -3.97 -2.79 27.08
N ALA C 36 -2.71 -2.89 27.47
CA ALA C 36 -1.71 -1.96 26.96
C ALA C 36 -1.50 -2.17 25.47
N ALA C 37 -1.55 -3.42 25.02
CA ALA C 37 -1.38 -3.71 23.60
C ALA C 37 -2.48 -3.00 22.81
N LYS C 38 -3.72 -3.21 23.22
CA LYS C 38 -4.87 -2.59 22.57
C LYS C 38 -4.72 -1.07 22.49
N ALA C 39 -4.32 -0.45 23.61
CA ALA C 39 -4.16 1.00 23.65
C ALA C 39 -3.06 1.46 22.68
N MET C 40 -1.96 0.72 22.64
CA MET C 40 -0.85 1.06 21.77
C MET C 40 -1.25 0.92 20.30
N MET C 41 -2.03 -0.11 19.99
CA MET C 41 -2.48 -0.31 18.61
C MET C 41 -3.35 0.85 18.16
N ASP C 42 -4.25 1.28 19.04
CA ASP C 42 -5.17 2.36 18.72
C ASP C 42 -4.41 3.63 18.38
N GLN C 43 -3.42 3.97 19.21
CA GLN C 43 -2.61 5.16 18.97
C GLN C 43 -1.83 5.03 17.67
N SER C 44 -1.30 3.85 17.42
CA SER C 44 -0.55 3.60 16.19
C SER C 44 -1.44 3.87 14.98
N ARG C 45 -2.67 3.32 15.03
CA ARG C 45 -3.64 3.50 13.96
C ARG C 45 -3.93 4.99 13.72
N MET C 46 -4.14 5.72 14.81
CA MET C 46 -4.43 7.15 14.72
C MET C 46 -3.26 7.89 14.08
N ALA C 47 -2.04 7.51 14.47
CA ALA C 47 -0.84 8.14 13.91
C ALA C 47 -0.78 7.91 12.40
N LEU C 48 -1.08 6.68 11.98
CA LEU C 48 -1.07 6.33 10.57
C LEU C 48 -2.17 7.06 9.82
N ASN C 49 -3.34 7.15 10.45
CA ASN C 49 -4.48 7.81 9.84
C ASN C 49 -4.14 9.27 9.52
N GLU C 50 -3.51 9.95 10.47
CA GLU C 50 -3.11 11.33 10.26
C GLU C 50 -2.06 11.41 9.16
N ALA C 51 -1.13 10.47 9.19
CA ALA C 51 -0.07 10.43 8.18
C ALA C 51 -0.67 10.15 6.80
N HIS C 52 -1.58 9.19 6.74
CA HIS C 52 -2.25 8.85 5.48
C HIS C 52 -3.02 10.05 4.94
N LEU C 53 -3.69 10.78 5.83
CA LEU C 53 -4.47 11.95 5.43
C LEU C 53 -3.56 12.98 4.76
N VAL C 54 -2.39 13.20 5.35
CA VAL C 54 -1.45 14.16 4.80
C VAL C 54 -0.99 13.67 3.43
N GLN C 55 -0.69 12.38 3.32
CA GLN C 55 -0.26 11.82 2.04
C GLN C 55 -1.38 11.99 1.00
N THR C 56 -2.62 11.74 1.41
CA THR C 56 -3.76 11.88 0.48
C THR C 56 -3.70 13.25 -0.19
N LYS C 57 -3.50 14.29 0.60
CA LYS C 57 -3.40 15.64 0.05
C LYS C 57 -2.20 15.73 -0.88
N LEU C 58 -1.11 15.09 -0.49
CA LEU C 58 0.10 15.11 -1.29
C LEU C 58 -0.08 14.35 -2.61
N ILE C 59 -1.09 13.47 -2.70
CA ILE C 59 -1.33 12.76 -3.95
C ILE C 59 -2.40 13.48 -4.79
N GLU C 60 -3.38 14.10 -4.14
CA GLU C 60 -4.43 14.83 -4.87
C GLU C 60 -3.85 16.03 -5.60
N GLY C 61 -2.89 16.71 -4.98
CA GLY C 61 -2.28 17.89 -5.57
C GLY C 61 -0.83 17.62 -5.97
N ASP C 62 -0.56 16.41 -6.41
CA ASP C 62 0.79 16.03 -6.80
C ASP C 62 1.22 16.75 -8.06
N ALA C 63 0.31 17.49 -8.68
CA ALA C 63 0.63 18.24 -9.90
C ALA C 63 1.30 19.56 -9.56
N GLY C 64 1.78 20.26 -10.59
CA GLY C 64 2.43 21.56 -10.39
C GLY C 64 3.77 21.63 -11.13
N GLU C 65 4.69 20.71 -10.81
CA GLU C 65 5.99 20.70 -11.45
C GLU C 65 5.87 20.38 -12.94
N GLY C 66 4.99 19.45 -13.27
CA GLY C 66 4.80 19.05 -14.66
C GLY C 66 3.45 18.36 -14.86
N LYS C 67 3.12 18.09 -16.11
CA LYS C 67 1.85 17.44 -16.43
C LYS C 67 1.83 16.00 -15.92
N MET C 68 2.44 15.10 -16.70
CA MET C 68 2.48 13.68 -16.36
C MET C 68 3.31 13.38 -15.12
N LYS C 69 4.45 14.07 -14.97
CA LYS C 69 5.34 13.83 -13.84
C LYS C 69 4.79 14.36 -12.52
N VAL C 70 5.20 13.71 -11.43
CA VAL C 70 4.76 14.07 -10.08
C VAL C 70 5.96 14.16 -9.13
N SER C 71 5.72 14.64 -7.91
CA SER C 71 6.80 14.75 -6.93
C SER C 71 7.42 13.38 -6.68
N LEU C 72 8.74 13.30 -6.77
CA LEU C 72 9.45 12.03 -6.61
C LEU C 72 9.31 11.48 -5.19
N VAL C 73 9.40 12.39 -4.22
CA VAL C 73 9.33 12.04 -2.80
C VAL C 73 8.00 11.37 -2.44
N LEU C 74 6.99 11.54 -3.28
CA LEU C 74 5.69 10.94 -3.01
C LEU C 74 5.81 9.45 -2.79
N VAL C 75 6.69 8.84 -3.59
CA VAL C 75 6.93 7.41 -3.51
C VAL C 75 7.58 7.08 -2.17
N HIS C 76 8.63 7.89 -1.70
CA HIS C 76 9.30 7.65 -0.43
C HIS C 76 8.29 7.65 0.72
N ALA C 77 7.40 8.63 0.71
CA ALA C 77 6.37 8.70 1.75
C ALA C 77 5.40 7.54 1.63
N GLN C 78 5.04 7.20 0.39
CA GLN C 78 4.11 6.11 0.15
C GLN C 78 4.74 4.78 0.58
N LEU C 79 5.99 4.58 0.19
CA LEU C 79 6.71 3.36 0.55
C LEU C 79 6.75 3.17 2.06
N HIS C 80 7.13 4.21 2.79
CA HIS C 80 7.20 4.12 4.24
C HIS C 80 5.81 3.94 4.85
N LEU C 81 4.87 4.73 4.38
CA LEU C 81 3.50 4.67 4.89
C LEU C 81 2.85 3.31 4.59
N MET C 82 3.01 2.84 3.37
CA MET C 82 2.42 1.55 2.98
C MET C 82 3.01 0.42 3.82
N THR C 83 4.32 0.45 3.99
CA THR C 83 5.00 -0.58 4.76
C THR C 83 4.54 -0.55 6.22
N SER C 84 4.53 0.64 6.80
CA SER C 84 4.12 0.80 8.20
C SER C 84 2.67 0.37 8.42
N MET C 85 1.76 0.84 7.56
CA MET C 85 0.35 0.48 7.70
C MET C 85 0.16 -1.04 7.61
N LEU C 86 0.80 -1.65 6.63
CA LEU C 86 0.70 -3.09 6.43
C LEU C 86 1.24 -3.83 7.65
N ALA C 87 2.42 -3.42 8.10
CA ALA C 87 3.05 -4.04 9.25
C ALA C 87 2.13 -3.96 10.47
N ARG C 88 1.61 -2.77 10.71
CA ARG C 88 0.74 -2.55 11.84
C ARG C 88 -0.50 -3.47 11.77
N GLU C 89 -1.11 -3.56 10.59
CA GLU C 89 -2.29 -4.42 10.44
C GLU C 89 -1.95 -5.88 10.74
N LEU C 90 -0.82 -6.35 10.20
CA LEU C 90 -0.40 -7.72 10.44
C LEU C 90 -0.07 -7.92 11.91
N ILE C 91 0.60 -6.95 12.49
CA ILE C 91 0.95 -7.02 13.90
C ILE C 91 -0.33 -7.12 14.73
N THR C 92 -1.36 -6.39 14.32
CA THR C 92 -2.64 -6.46 15.02
C THR C 92 -3.15 -7.89 14.99
N GLU C 93 -3.06 -8.53 13.83
CA GLU C 93 -3.50 -9.92 13.70
C GLU C 93 -2.66 -10.82 14.62
N LEU C 94 -1.36 -10.56 14.63
CA LEU C 94 -0.45 -11.34 15.47
C LEU C 94 -0.84 -11.20 16.94
N ILE C 95 -1.16 -9.98 17.35
CA ILE C 95 -1.57 -9.73 18.73
C ILE C 95 -2.86 -10.51 19.05
N GLU C 96 -3.80 -10.48 18.12
CA GLU C 96 -5.05 -11.21 18.31
C GLU C 96 -4.75 -12.70 18.53
N LEU C 97 -3.78 -13.21 17.77
CA LEU C 97 -3.39 -14.61 17.91
C LEU C 97 -2.85 -14.87 19.32
N HIS C 98 -2.05 -13.94 19.83
CA HIS C 98 -1.52 -14.09 21.18
C HIS C 98 -2.68 -14.22 22.16
N GLU C 99 -3.73 -13.44 21.92
CA GLU C 99 -4.90 -13.49 22.78
C GLU C 99 -5.57 -14.87 22.68
N LYS C 100 -5.65 -15.41 21.46
CA LYS C 100 -6.25 -16.72 21.29
C LYS C 100 -5.38 -17.78 21.95
N LEU C 101 -4.05 -17.58 21.91
CA LEU C 101 -3.12 -18.52 22.55
C LEU C 101 -3.37 -18.53 24.06
N LYS C 102 -4.36 -17.76 24.51
CA LYS C 102 -4.70 -17.67 25.93
C LYS C 102 -3.78 -16.68 26.63
N ALA C 103 -2.48 -16.99 26.61
CA ALA C 103 -1.45 -16.16 27.26
C ALA C 103 -1.80 -14.67 27.21
N LYS D 1 -19.97 26.95 -1.17
CA LYS D 1 -19.08 26.05 -1.96
C LYS D 1 -19.44 24.59 -1.78
N LYS D 2 -19.77 23.94 -2.87
CA LYS D 2 -20.15 22.54 -2.84
C LYS D 2 -18.93 21.62 -2.88
N HIS D 3 -19.02 20.49 -2.19
CA HIS D 3 -17.93 19.52 -2.13
C HIS D 3 -18.12 18.37 -3.08
N ILE D 4 -17.20 18.26 -4.03
CA ILE D 4 -17.22 17.18 -4.99
C ILE D 4 -16.07 16.24 -4.61
N TYR D 5 -16.39 15.03 -4.18
CA TYR D 5 -15.38 14.06 -3.78
C TYR D 5 -15.33 12.90 -4.76
N LEU D 6 -14.13 12.60 -5.26
CA LEU D 6 -13.90 11.48 -6.19
C LEU D 6 -13.25 10.35 -5.40
N PHE D 7 -13.55 9.09 -5.75
CA PHE D 7 -12.84 7.96 -5.12
C PHE D 7 -12.17 7.07 -6.16
N CYS D 8 -11.01 6.47 -5.74
CA CYS D 8 -10.24 5.47 -6.47
C CYS D 8 -9.48 4.59 -5.48
N SER D 9 -8.59 3.69 -5.88
CA SER D 9 -8.02 2.84 -4.82
C SER D 9 -7.17 3.65 -3.87
N ALA D 10 -6.16 4.41 -4.37
CA ALA D 10 -5.28 5.13 -3.47
C ALA D 10 -5.57 6.62 -3.54
N GLY D 11 -5.84 7.13 -4.73
CA GLY D 11 -6.13 8.54 -4.92
C GLY D 11 -5.12 9.23 -5.82
N MET D 12 -4.45 8.51 -6.73
CA MET D 12 -3.46 9.14 -7.59
C MET D 12 -3.97 9.33 -9.03
N SER D 13 -4.05 8.27 -9.75
CA SER D 13 -4.50 8.36 -11.15
C SER D 13 -5.71 9.29 -11.29
N THR D 14 -6.46 9.50 -10.19
CA THR D 14 -7.62 10.37 -10.31
C THR D 14 -7.22 11.77 -9.88
N SER D 15 -6.09 11.83 -9.22
CA SER D 15 -5.48 13.09 -8.76
C SER D 15 -5.20 14.03 -9.93
N LEU D 16 -4.82 13.46 -11.06
CA LEU D 16 -4.55 14.26 -12.24
C LEU D 16 -5.88 14.86 -12.76
N LEU D 17 -6.96 14.07 -12.72
CA LEU D 17 -8.28 14.55 -13.14
C LEU D 17 -8.75 15.68 -12.19
N VAL D 18 -8.54 15.48 -10.88
CA VAL D 18 -8.91 16.50 -9.89
C VAL D 18 -8.18 17.83 -10.15
N SER D 19 -6.89 17.79 -10.47
CA SER D 19 -6.17 19.03 -10.74
C SER D 19 -6.73 19.77 -11.98
N LYS D 20 -7.12 19.03 -13.02
CA LYS D 20 -7.71 19.66 -14.20
C LYS D 20 -9.12 20.20 -13.91
N MET D 21 -9.87 19.50 -13.07
CA MET D 21 -11.22 20.00 -12.73
C MET D 21 -11.08 21.31 -11.94
N ARG D 22 -10.13 21.39 -11.02
CA ARG D 22 -9.91 22.60 -10.21
C ARG D 22 -9.56 23.79 -11.12
N ALA D 23 -8.79 23.54 -12.18
CA ALA D 23 -8.39 24.59 -13.11
C ALA D 23 -9.63 25.14 -13.81
N GLN D 24 -10.50 24.24 -14.24
CA GLN D 24 -11.72 24.61 -14.91
C GLN D 24 -12.67 25.35 -14.00
N ALA D 25 -12.80 24.88 -12.77
CA ALA D 25 -13.69 25.53 -11.80
C ALA D 25 -13.24 26.96 -11.55
N GLU D 26 -11.93 27.20 -11.60
CA GLU D 26 -11.39 28.54 -11.36
C GLU D 26 -11.65 29.43 -12.57
N LYS D 27 -11.43 28.88 -13.76
CA LYS D 27 -11.63 29.59 -14.99
C LYS D 27 -13.07 30.10 -15.12
N TYR D 28 -14.05 29.29 -14.72
CA TYR D 28 -15.48 29.69 -14.80
C TYR D 28 -16.13 30.10 -13.49
N GLU D 29 -15.33 30.35 -12.46
CA GLU D 29 -15.81 30.78 -11.15
C GLU D 29 -16.89 29.89 -10.51
N VAL D 30 -16.76 28.58 -10.66
CA VAL D 30 -17.70 27.63 -10.08
C VAL D 30 -17.27 27.48 -8.62
N PRO D 31 -18.19 27.73 -7.67
CA PRO D 31 -17.91 27.64 -6.23
C PRO D 31 -17.93 26.21 -5.68
N VAL D 32 -16.88 25.46 -6.01
CA VAL D 32 -16.75 24.08 -5.57
C VAL D 32 -15.38 23.76 -5.01
N ILE D 33 -15.35 22.75 -4.14
CA ILE D 33 -14.13 22.22 -3.55
C ILE D 33 -14.09 20.77 -4.09
N ILE D 34 -12.98 20.40 -4.71
CA ILE D 34 -12.79 19.07 -5.32
C ILE D 34 -11.61 18.31 -4.66
N GLU D 35 -11.86 17.09 -4.18
CA GLU D 35 -10.83 16.27 -3.52
C GLU D 35 -10.93 14.82 -4.00
N ALA D 36 -9.78 14.14 -4.09
CA ALA D 36 -9.71 12.73 -4.50
C ALA D 36 -9.34 11.92 -3.25
N PHE D 37 -9.93 10.74 -3.09
CA PHE D 37 -9.64 9.87 -1.95
C PHE D 37 -9.66 8.44 -2.43
N PRO D 38 -9.08 7.53 -1.64
CA PRO D 38 -9.07 6.11 -2.02
C PRO D 38 -10.49 5.61 -1.70
N GLU D 39 -10.91 4.54 -2.35
CA GLU D 39 -12.24 3.96 -2.13
C GLU D 39 -12.51 3.54 -0.69
N THR D 40 -11.46 3.29 0.09
CA THR D 40 -11.63 2.88 1.48
C THR D 40 -12.26 3.95 2.37
N LEU D 41 -12.19 5.21 1.94
CA LEU D 41 -12.77 6.32 2.70
C LEU D 41 -14.15 6.77 2.20
N ALA D 42 -14.74 6.07 1.21
CA ALA D 42 -16.05 6.45 0.63
C ALA D 42 -17.14 6.64 1.68
N GLY D 43 -17.12 5.80 2.71
CA GLY D 43 -18.13 5.91 3.75
C GLY D 43 -17.81 6.98 4.77
N GLU D 44 -16.53 7.16 5.08
CA GLU D 44 -16.15 8.15 6.07
C GLU D 44 -16.16 9.59 5.49
N LYS D 45 -15.52 9.77 4.34
CA LYS D 45 -15.46 11.08 3.70
C LYS D 45 -16.73 11.45 2.92
N GLY D 46 -17.38 10.46 2.32
CA GLY D 46 -18.60 10.70 1.55
C GLY D 46 -19.69 11.43 2.29
N GLN D 47 -19.77 11.23 3.60
CA GLN D 47 -20.79 11.89 4.43
C GLN D 47 -20.74 13.42 4.34
N ASN D 48 -19.59 13.97 3.95
CA ASN D 48 -19.43 15.41 3.87
C ASN D 48 -19.45 15.95 2.45
N ALA D 49 -19.66 15.08 1.48
CA ALA D 49 -19.67 15.54 0.10
C ALA D 49 -21.06 15.97 -0.30
N ASP D 50 -21.11 16.82 -1.31
CA ASP D 50 -22.38 17.25 -1.83
C ASP D 50 -22.73 16.32 -2.99
N VAL D 51 -21.69 15.73 -3.60
CA VAL D 51 -21.88 14.75 -4.67
C VAL D 51 -20.68 13.78 -4.61
N VAL D 52 -20.98 12.49 -4.70
CA VAL D 52 -19.97 11.44 -4.66
C VAL D 52 -19.78 10.85 -6.06
N LEU D 53 -18.55 10.92 -6.57
CA LEU D 53 -18.24 10.38 -7.88
C LEU D 53 -17.30 9.18 -7.73
N LEU D 54 -17.60 8.08 -8.42
CA LEU D 54 -16.75 6.88 -8.36
C LEU D 54 -15.96 6.73 -9.63
N GLY D 55 -14.69 6.35 -9.51
CA GLY D 55 -13.84 6.18 -10.68
C GLY D 55 -14.39 5.02 -11.49
N PRO D 56 -14.13 4.94 -12.76
CA PRO D 56 -14.66 3.84 -13.62
C PRO D 56 -14.24 2.42 -13.18
N GLN D 57 -13.07 2.31 -12.54
CA GLN D 57 -12.57 1.02 -12.08
C GLN D 57 -13.39 0.49 -10.90
N ILE D 58 -14.04 1.38 -10.15
CA ILE D 58 -14.82 0.94 -9.01
C ILE D 58 -16.34 1.02 -9.23
N ALA D 59 -16.75 0.99 -10.49
CA ALA D 59 -18.17 1.04 -10.83
C ALA D 59 -18.94 -0.11 -10.19
N TYR D 60 -18.34 -1.30 -10.13
CA TYR D 60 -19.04 -2.44 -9.55
C TYR D 60 -19.46 -2.21 -8.09
N MET D 61 -18.84 -1.23 -7.44
CA MET D 61 -19.15 -0.89 -6.05
C MET D 61 -20.33 0.08 -5.87
N LEU D 62 -20.89 0.58 -6.97
CA LEU D 62 -21.99 1.54 -6.90
C LEU D 62 -23.13 1.19 -5.93
N PRO D 63 -23.73 -0.02 -6.05
CA PRO D 63 -24.82 -0.37 -5.12
C PRO D 63 -24.43 -0.30 -3.65
N GLU D 64 -23.22 -0.72 -3.30
CA GLU D 64 -22.77 -0.68 -1.91
C GLU D 64 -22.60 0.74 -1.42
N ILE D 65 -22.02 1.59 -2.25
CA ILE D 65 -21.83 2.99 -1.85
C ILE D 65 -23.16 3.74 -1.71
N GLN D 66 -24.12 3.42 -2.59
CA GLN D 66 -25.46 4.00 -2.52
C GLN D 66 -26.13 3.64 -1.18
N ARG D 67 -26.00 2.39 -0.73
CA ARG D 67 -26.60 1.98 0.55
C ARG D 67 -25.89 2.63 1.74
N LEU D 68 -24.60 2.88 1.59
CA LEU D 68 -23.77 3.49 2.64
C LEU D 68 -24.11 4.97 2.82
N LEU D 69 -24.39 5.65 1.70
CA LEU D 69 -24.73 7.09 1.68
C LEU D 69 -26.11 7.27 1.01
N PRO D 70 -27.20 6.87 1.69
CA PRO D 70 -28.55 6.99 1.13
C PRO D 70 -29.03 8.44 0.93
N ASN D 71 -28.35 9.38 1.56
CA ASN D 71 -28.75 10.79 1.44
C ASN D 71 -27.82 11.63 0.57
N LYS D 72 -27.08 10.99 -0.33
CA LYS D 72 -26.14 11.69 -1.21
C LYS D 72 -26.26 11.20 -2.63
N PRO D 73 -26.13 12.10 -3.63
CA PRO D 73 -26.21 11.62 -5.02
C PRO D 73 -24.85 10.97 -5.27
N VAL D 74 -24.87 9.73 -5.75
CA VAL D 74 -23.64 8.96 -6.02
C VAL D 74 -23.64 8.48 -7.46
N GLU D 75 -22.58 8.72 -8.19
CA GLU D 75 -22.53 8.22 -9.55
C GLU D 75 -21.13 7.95 -10.07
N VAL D 76 -21.06 7.12 -11.10
CA VAL D 76 -19.80 6.72 -11.71
C VAL D 76 -19.40 7.72 -12.78
N ILE D 77 -18.11 8.03 -12.84
CA ILE D 77 -17.58 8.96 -13.83
C ILE D 77 -17.54 8.27 -15.17
N ASP D 78 -17.96 8.97 -16.21
CA ASP D 78 -17.94 8.40 -17.55
C ASP D 78 -16.51 7.95 -17.89
N SER D 79 -16.33 6.69 -18.28
CA SER D 79 -14.99 6.17 -18.58
C SER D 79 -14.18 6.90 -19.65
N LEU D 80 -14.87 7.44 -20.65
CA LEU D 80 -14.19 8.17 -21.73
C LEU D 80 -13.73 9.53 -21.23
N LEU D 81 -14.58 10.18 -20.45
CA LEU D 81 -14.26 11.49 -19.90
C LEU D 81 -13.10 11.33 -18.94
N TYR D 82 -13.10 10.21 -18.22
CA TYR D 82 -12.04 9.90 -17.25
C TYR D 82 -10.71 9.58 -17.95
N GLY D 83 -10.75 8.68 -18.92
CA GLY D 83 -9.54 8.32 -19.64
C GLY D 83 -8.87 9.50 -20.31
N LYS D 84 -9.68 10.37 -20.87
CA LYS D 84 -9.22 11.56 -21.59
C LYS D 84 -8.79 12.70 -20.65
N VAL D 85 -9.07 12.52 -19.35
CA VAL D 85 -8.77 13.52 -18.31
C VAL D 85 -9.47 14.86 -18.61
N ASP D 86 -10.76 14.77 -18.94
CA ASP D 86 -11.57 15.95 -19.28
C ASP D 86 -12.09 16.63 -18.03
N GLY D 87 -11.29 17.56 -17.51
CA GLY D 87 -11.64 18.31 -16.31
C GLY D 87 -12.94 19.07 -16.45
N LEU D 88 -13.16 19.73 -17.60
CA LEU D 88 -14.39 20.49 -17.80
C LEU D 88 -15.63 19.58 -17.87
N GLY D 89 -15.50 18.50 -18.64
CA GLY D 89 -16.59 17.56 -18.81
C GLY D 89 -17.07 16.91 -17.53
N VAL D 90 -16.12 16.49 -16.69
CA VAL D 90 -16.48 15.84 -15.42
C VAL D 90 -17.04 16.88 -14.45
N LEU D 91 -16.47 18.08 -14.49
CA LEU D 91 -16.97 19.15 -13.63
C LEU D 91 -18.46 19.39 -14.00
N LYS D 92 -18.76 19.42 -15.30
CA LYS D 92 -20.15 19.61 -15.75
C LYS D 92 -21.09 18.52 -15.24
N ALA D 93 -20.64 17.27 -15.30
CA ALA D 93 -21.47 16.14 -14.85
C ALA D 93 -21.76 16.21 -13.35
N ALA D 94 -20.78 16.72 -12.60
CA ALA D 94 -20.90 16.82 -11.15
C ALA D 94 -21.90 17.90 -10.75
N VAL D 95 -21.80 19.06 -11.40
CA VAL D 95 -22.72 20.17 -11.13
C VAL D 95 -24.13 19.69 -11.49
N ALA D 96 -24.25 18.98 -12.61
CA ALA D 96 -25.54 18.45 -13.04
C ALA D 96 -26.13 17.51 -11.99
N ALA D 97 -25.33 16.57 -11.49
CA ALA D 97 -25.85 15.64 -10.49
C ALA D 97 -26.36 16.40 -9.26
N ILE D 98 -25.70 17.51 -8.93
CA ILE D 98 -26.12 18.32 -7.78
C ILE D 98 -27.46 19.01 -8.03
N LYS D 99 -27.63 19.58 -9.24
CA LYS D 99 -28.87 20.26 -9.62
C LYS D 99 -30.01 19.26 -9.71
N LYS D 100 -29.80 18.19 -10.45
CA LYS D 100 -30.83 17.18 -10.59
C LYS D 100 -31.20 16.60 -9.22
N ALA D 101 -30.34 16.79 -8.23
CA ALA D 101 -30.58 16.28 -6.88
C ALA D 101 -31.37 17.24 -6.00
N ALA D 102 -31.14 18.54 -6.18
CA ALA D 102 -31.83 19.57 -5.43
C ALA D 102 -33.22 19.88 -6.02
N ALA D 103 -33.60 19.13 -7.06
CA ALA D 103 -34.88 19.29 -7.72
C ALA D 103 -35.05 18.26 -8.85
P PO3 E . -4.74 5.44 -7.18
O1 PO3 E . -4.71 5.98 -8.59
O2 PO3 E . -4.12 6.24 -6.05
O3 PO3 E . -5.21 4.02 -6.92
N ALA A 1 0.74 7.29 -18.60
CA ALA A 1 0.24 7.59 -19.96
C ALA A 1 -1.09 6.86 -20.17
N GLU A 2 -1.77 7.18 -21.26
CA GLU A 2 -3.08 6.58 -21.60
C GLU A 2 -3.28 5.20 -20.95
N GLU A 3 -2.80 4.17 -21.63
CA GLU A 3 -2.95 2.80 -21.13
C GLU A 3 -2.16 2.60 -19.84
N LEU A 4 -0.84 2.78 -19.91
CA LEU A 4 0.01 2.60 -18.74
C LEU A 4 -0.63 3.20 -17.48
N GLU A 5 -1.21 4.38 -17.61
CA GLU A 5 -1.84 5.05 -16.47
C GLU A 5 -3.12 4.34 -16.08
N GLU A 6 -3.94 4.01 -17.07
CA GLU A 6 -5.19 3.30 -16.82
C GLU A 6 -4.88 1.88 -16.34
N VAL A 7 -3.80 1.31 -16.88
CA VAL A 7 -3.37 -0.03 -16.50
C VAL A 7 -2.93 -0.05 -15.03
N VAL A 8 -2.20 0.99 -14.63
CA VAL A 8 -1.73 1.10 -13.25
C VAL A 8 -2.95 1.16 -12.33
N MET A 9 -3.95 1.96 -12.70
CA MET A 9 -5.17 2.06 -11.90
C MET A 9 -5.77 0.67 -11.73
N GLY A 10 -5.81 -0.09 -12.82
CA GLY A 10 -6.34 -1.45 -12.77
C GLY A 10 -5.49 -2.31 -11.83
N LEU A 11 -4.17 -2.17 -11.95
CA LEU A 11 -3.26 -2.93 -11.10
C LEU A 11 -3.45 -2.56 -9.64
N ILE A 12 -3.57 -1.27 -9.37
CA ILE A 12 -3.76 -0.80 -8.00
C ILE A 12 -5.06 -1.36 -7.46
N ILE A 13 -6.11 -1.29 -8.26
CA ILE A 13 -7.40 -1.82 -7.85
C ILE A 13 -7.30 -3.33 -7.65
N ASN A 14 -6.65 -4.01 -8.60
CA ASN A 14 -6.47 -5.45 -8.53
C ASN A 14 -5.71 -5.82 -7.26
N SER A 15 -4.61 -5.11 -7.03
CA SER A 15 -3.81 -5.35 -5.83
C SER A 15 -4.65 -5.14 -4.57
N GLY A 16 -5.44 -4.06 -4.60
CA GLY A 16 -6.32 -3.75 -3.47
C GLY A 16 -7.35 -4.86 -3.26
N GLN A 17 -7.95 -5.32 -4.36
CA GLN A 17 -8.94 -6.40 -4.27
C GLN A 17 -8.27 -7.65 -3.72
N ALA A 18 -7.05 -7.92 -4.18
CA ALA A 18 -6.31 -9.09 -3.72
C ALA A 18 -6.15 -9.04 -2.21
N ARG A 19 -5.70 -7.91 -1.69
CA ARG A 19 -5.55 -7.77 -0.25
C ARG A 19 -6.90 -7.95 0.43
N SER A 20 -7.91 -7.28 -0.11
CA SER A 20 -9.25 -7.36 0.44
C SER A 20 -9.68 -8.83 0.57
N LEU A 21 -9.47 -9.59 -0.49
CA LEU A 21 -9.81 -11.01 -0.48
C LEU A 21 -8.97 -11.74 0.58
N ALA A 22 -7.69 -11.40 0.63
CA ALA A 22 -6.79 -12.03 1.60
C ALA A 22 -7.30 -11.80 3.03
N TYR A 23 -7.59 -10.55 3.38
CA TYR A 23 -8.10 -10.25 4.72
C TYR A 23 -9.41 -11.00 4.93
N ALA A 24 -10.25 -11.03 3.90
CA ALA A 24 -11.51 -11.73 3.99
C ALA A 24 -11.24 -13.22 4.25
N ALA A 25 -10.23 -13.75 3.56
CA ALA A 25 -9.84 -15.14 3.75
C ALA A 25 -9.48 -15.38 5.21
N LEU A 26 -8.72 -14.46 5.78
CA LEU A 26 -8.32 -14.57 7.18
C LEU A 26 -9.56 -14.55 8.07
N LYS A 27 -10.48 -13.64 7.77
CA LYS A 27 -11.71 -13.53 8.54
C LYS A 27 -12.45 -14.87 8.56
N GLN A 28 -12.48 -15.54 7.41
CA GLN A 28 -13.15 -16.84 7.31
C GLN A 28 -12.48 -17.81 8.28
N ALA A 29 -11.15 -17.75 8.35
CA ALA A 29 -10.39 -18.62 9.24
C ALA A 29 -10.80 -18.38 10.69
N LYS A 30 -10.95 -17.12 11.05
CA LYS A 30 -11.36 -16.77 12.41
C LYS A 30 -12.72 -17.37 12.73
N GLN A 31 -13.58 -17.50 11.72
CA GLN A 31 -14.89 -18.08 11.93
C GLN A 31 -14.80 -19.60 11.96
N GLY A 32 -13.60 -20.12 11.77
CA GLY A 32 -13.37 -21.56 11.81
C GLY A 32 -13.71 -22.21 10.47
N ASP A 33 -13.83 -21.40 9.43
CA ASP A 33 -14.15 -21.90 8.09
C ASP A 33 -12.88 -22.06 7.26
N PHE A 34 -12.18 -23.18 7.47
CA PHE A 34 -10.93 -23.42 6.73
C PHE A 34 -11.18 -23.60 5.24
N ALA A 35 -12.31 -24.21 4.89
CA ALA A 35 -12.63 -24.46 3.49
C ALA A 35 -12.77 -23.14 2.72
N ALA A 36 -13.56 -22.23 3.26
CA ALA A 36 -13.76 -20.95 2.60
C ALA A 36 -12.46 -20.14 2.60
N ALA A 37 -11.70 -20.23 3.68
CA ALA A 37 -10.43 -19.52 3.75
C ALA A 37 -9.52 -19.99 2.60
N LYS A 38 -9.36 -21.30 2.49
CA LYS A 38 -8.53 -21.90 1.45
C LYS A 38 -8.96 -21.42 0.06
N ALA A 39 -10.26 -21.45 -0.21
CA ALA A 39 -10.77 -21.03 -1.51
C ALA A 39 -10.47 -19.57 -1.79
N MET A 40 -10.61 -18.74 -0.76
CA MET A 40 -10.36 -17.30 -0.90
C MET A 40 -8.88 -17.03 -1.18
N MET A 41 -7.98 -17.76 -0.50
CA MET A 41 -6.55 -17.56 -0.72
C MET A 41 -6.19 -17.92 -2.15
N ASP A 42 -6.77 -19.01 -2.65
CA ASP A 42 -6.47 -19.48 -3.99
C ASP A 42 -6.83 -18.42 -5.02
N GLN A 43 -8.03 -17.87 -4.88
CA GLN A 43 -8.48 -16.82 -5.80
C GLN A 43 -7.61 -15.59 -5.67
N SER A 44 -7.25 -15.24 -4.44
CA SER A 44 -6.40 -14.08 -4.20
C SER A 44 -5.06 -14.28 -4.91
N ARG A 45 -4.49 -15.47 -4.78
CA ARG A 45 -3.22 -15.82 -5.43
C ARG A 45 -3.32 -15.66 -6.95
N MET A 46 -4.40 -16.18 -7.51
CA MET A 46 -4.63 -16.11 -8.95
C MET A 46 -4.72 -14.65 -9.40
N ALA A 47 -5.41 -13.83 -8.62
CA ALA A 47 -5.56 -12.41 -8.94
C ALA A 47 -4.19 -11.74 -9.00
N LEU A 48 -3.35 -12.05 -8.02
CA LEU A 48 -2.00 -11.49 -7.95
C LEU A 48 -1.15 -11.98 -9.12
N ASN A 49 -1.29 -13.26 -9.41
CA ASN A 49 -0.51 -13.87 -10.48
C ASN A 49 -0.77 -13.15 -11.80
N GLU A 50 -2.04 -12.89 -12.07
CA GLU A 50 -2.41 -12.17 -13.29
C GLU A 50 -1.86 -10.75 -13.23
N ALA A 51 -1.97 -10.13 -12.05
CA ALA A 51 -1.47 -8.77 -11.87
C ALA A 51 0.06 -8.75 -12.05
N HIS A 52 0.73 -9.71 -11.44
CA HIS A 52 2.19 -9.81 -11.54
C HIS A 52 2.61 -10.01 -13.00
N LEU A 53 1.86 -10.83 -13.72
CA LEU A 53 2.16 -11.11 -15.12
C LEU A 53 2.11 -9.82 -15.93
N VAL A 54 1.08 -9.02 -15.68
CA VAL A 54 0.94 -7.75 -16.38
C VAL A 54 2.11 -6.84 -16.04
N GLN A 55 2.46 -6.79 -14.76
CA GLN A 55 3.59 -5.96 -14.34
C GLN A 55 4.88 -6.45 -15.01
N THR A 56 5.08 -7.76 -15.08
CA THR A 56 6.28 -8.32 -15.72
C THR A 56 6.46 -7.71 -17.11
N LYS A 57 5.37 -7.66 -17.88
CA LYS A 57 5.43 -7.06 -19.22
C LYS A 57 5.76 -5.59 -19.10
N LEU A 58 5.18 -4.94 -18.10
CA LEU A 58 5.43 -3.52 -17.90
C LEU A 58 6.87 -3.24 -17.48
N ILE A 59 7.58 -4.25 -16.98
CA ILE A 59 8.99 -4.06 -16.60
C ILE A 59 9.93 -4.47 -17.76
N GLU A 60 9.55 -5.49 -18.53
CA GLU A 60 10.37 -5.95 -19.66
C GLU A 60 10.46 -4.88 -20.74
N GLY A 61 9.34 -4.20 -21.01
CA GLY A 61 9.31 -3.17 -22.03
C GLY A 61 9.20 -1.78 -21.42
N ASP A 62 9.80 -1.60 -20.24
CA ASP A 62 9.75 -0.32 -19.54
C ASP A 62 10.49 0.78 -20.32
N ALA A 63 11.17 0.39 -21.40
CA ALA A 63 11.90 1.36 -22.21
C ALA A 63 10.97 2.06 -23.19
N GLY A 64 11.49 3.07 -23.89
CA GLY A 64 10.68 3.81 -24.86
C GLY A 64 10.81 5.32 -24.66
N GLU A 65 10.45 5.80 -23.47
CA GLU A 65 10.53 7.23 -23.19
C GLU A 65 11.97 7.72 -23.18
N GLY A 66 12.86 6.90 -22.64
CA GLY A 66 14.28 7.27 -22.58
C GLY A 66 15.15 6.04 -22.36
N LYS A 67 16.47 6.25 -22.44
CA LYS A 67 17.41 5.15 -22.27
C LYS A 67 17.39 4.63 -20.82
N MET A 68 18.11 5.32 -19.94
CA MET A 68 18.20 4.93 -18.54
C MET A 68 16.88 5.05 -17.79
N LYS A 69 16.13 6.12 -18.08
CA LYS A 69 14.87 6.35 -17.37
C LYS A 69 13.76 5.39 -17.80
N VAL A 70 12.84 5.14 -16.87
CA VAL A 70 11.71 4.23 -17.10
C VAL A 70 10.41 4.88 -16.65
N SER A 71 9.28 4.23 -16.95
CA SER A 71 7.98 4.77 -16.55
C SER A 71 7.94 4.91 -15.03
N LEU A 72 7.54 6.10 -14.57
CA LEU A 72 7.48 6.40 -13.14
C LEU A 72 6.43 5.55 -12.41
N VAL A 73 5.30 5.39 -13.07
CA VAL A 73 4.18 4.62 -12.52
C VAL A 73 4.55 3.16 -12.22
N LEU A 74 5.60 2.69 -12.86
CA LEU A 74 6.02 1.30 -12.65
C LEU A 74 6.18 0.99 -11.17
N VAL A 75 6.61 2.01 -10.43
CA VAL A 75 6.84 1.86 -9.00
C VAL A 75 5.49 1.78 -8.28
N HIS A 76 4.27 2.81 -8.68
CA HIS A 76 2.91 2.81 -8.09
C HIS A 76 2.31 1.42 -8.15
N ALA A 77 2.63 0.70 -9.24
CA ALA A 77 2.15 -0.65 -9.43
C ALA A 77 2.99 -1.64 -8.65
N GLN A 78 4.32 -1.50 -8.71
CA GLN A 78 5.22 -2.42 -8.02
C GLN A 78 5.00 -2.32 -6.51
N LEU A 79 4.96 -1.09 -6.01
CA LEU A 79 4.72 -0.86 -4.59
C LEU A 79 3.44 -1.54 -4.13
N HIS A 80 2.35 -1.32 -4.85
CA HIS A 80 1.08 -1.91 -4.47
C HIS A 80 1.12 -3.44 -4.62
N LEU A 81 1.65 -3.90 -5.74
CA LEU A 81 1.74 -5.34 -5.99
C LEU A 81 2.64 -6.04 -4.98
N MET A 82 3.80 -5.45 -4.70
CA MET A 82 4.74 -6.05 -3.75
C MET A 82 4.11 -6.14 -2.37
N THR A 83 3.46 -5.05 -1.96
CA THR A 83 2.81 -5.00 -0.65
C THR A 83 1.69 -6.04 -0.56
N SER A 84 0.84 -6.07 -1.58
CA SER A 84 -0.29 -7.01 -1.61
C SER A 84 0.20 -8.46 -1.60
N MET A 85 1.16 -8.78 -2.45
CA MET A 85 1.69 -10.14 -2.51
C MET A 85 2.26 -10.57 -1.18
N LEU A 86 3.07 -9.70 -0.59
CA LEU A 86 3.68 -10.00 0.70
C LEU A 86 2.61 -10.19 1.78
N ALA A 87 1.64 -9.28 1.79
CA ALA A 87 0.56 -9.36 2.76
C ALA A 87 -0.15 -10.70 2.67
N ARG A 88 -0.49 -11.10 1.47
CA ARG A 88 -1.18 -12.37 1.27
C ARG A 88 -0.35 -13.55 1.78
N GLU A 89 0.93 -13.57 1.45
CA GLU A 89 1.77 -14.67 1.88
C GLU A 89 1.79 -14.78 3.39
N LEU A 90 1.95 -13.65 4.06
CA LEU A 90 1.96 -13.64 5.51
C LEU A 90 0.58 -14.03 6.05
N ILE A 91 -0.46 -13.51 5.42
CA ILE A 91 -1.82 -13.85 5.84
C ILE A 91 -2.03 -15.35 5.69
N THR A 92 -1.50 -15.92 4.61
CA THR A 92 -1.60 -17.37 4.40
C THR A 92 -0.98 -18.10 5.59
N GLU A 93 0.20 -17.64 6.01
CA GLU A 93 0.88 -18.23 7.16
C GLU A 93 0.02 -18.08 8.40
N LEU A 94 -0.57 -16.89 8.56
CA LEU A 94 -1.43 -16.62 9.72
C LEU A 94 -2.62 -17.59 9.71
N ILE A 95 -3.20 -17.80 8.55
CA ILE A 95 -4.34 -18.73 8.44
C ILE A 95 -3.90 -20.14 8.83
N GLU A 96 -2.72 -20.56 8.36
CA GLU A 96 -2.22 -21.88 8.71
C GLU A 96 -2.08 -22.00 10.22
N LEU A 97 -1.64 -20.91 10.87
CA LEU A 97 -1.51 -20.92 12.32
C LEU A 97 -2.88 -21.12 12.98
N HIS A 98 -3.89 -20.46 12.44
CA HIS A 98 -5.25 -20.62 12.98
C HIS A 98 -5.63 -22.08 12.92
N GLU A 99 -5.25 -22.75 11.84
CA GLU A 99 -5.55 -24.17 11.68
C GLU A 99 -4.81 -24.98 12.74
N LYS A 100 -3.56 -24.62 13.01
CA LYS A 100 -2.79 -25.32 14.02
C LYS A 100 -3.39 -25.06 15.41
N LEU A 101 -3.92 -23.84 15.61
CA LEU A 101 -4.56 -23.49 16.88
C LEU A 101 -5.80 -24.37 17.09
N LYS A 102 -6.02 -25.30 16.15
CA LYS A 102 -7.18 -26.20 16.21
C LYS A 102 -8.43 -25.52 15.71
N ALA A 103 -8.82 -24.42 16.39
CA ALA A 103 -10.03 -23.67 16.04
C ALA A 103 -10.30 -23.65 14.53
N ALA B 1 22.66 3.11 -13.51
CA ALA B 1 23.97 3.34 -14.19
C ALA B 1 24.86 2.13 -13.94
N GLU B 2 26.00 2.08 -14.64
CA GLU B 2 26.95 0.97 -14.53
C GLU B 2 26.86 0.24 -13.18
N GLU B 3 27.57 0.74 -12.19
CA GLU B 3 27.58 0.13 -10.87
C GLU B 3 26.22 0.21 -10.20
N LEU B 4 25.72 1.44 -10.02
CA LEU B 4 24.42 1.61 -9.38
C LEU B 4 23.38 0.61 -9.91
N GLU B 5 23.37 0.41 -11.22
CA GLU B 5 22.42 -0.52 -11.83
C GLU B 5 22.76 -1.95 -11.47
N GLU B 6 24.03 -2.30 -11.57
CA GLU B 6 24.50 -3.63 -11.23
C GLU B 6 24.38 -3.85 -9.73
N VAL B 7 24.60 -2.79 -8.97
CA VAL B 7 24.51 -2.85 -7.52
C VAL B 7 23.05 -3.11 -7.10
N VAL B 8 22.12 -2.44 -7.77
CA VAL B 8 20.69 -2.63 -7.49
C VAL B 8 20.33 -4.08 -7.74
N MET B 9 20.80 -4.63 -8.86
CA MET B 9 20.52 -6.03 -9.18
C MET B 9 21.01 -6.91 -8.03
N GLY B 10 22.21 -6.62 -7.53
CA GLY B 10 22.75 -7.37 -6.41
C GLY B 10 21.86 -7.21 -5.19
N LEU B 11 21.44 -5.98 -4.93
CA LEU B 11 20.56 -5.70 -3.79
C LEU B 11 19.24 -6.44 -3.93
N ILE B 12 18.67 -6.41 -5.13
CA ILE B 12 17.40 -7.09 -5.38
C ILE B 12 17.57 -8.58 -5.14
N ILE B 13 18.66 -9.12 -5.68
CA ILE B 13 18.94 -10.54 -5.50
C ILE B 13 19.17 -10.83 -4.02
N ASN B 14 19.95 -9.98 -3.36
CA ASN B 14 20.24 -10.16 -1.94
C ASN B 14 18.94 -10.10 -1.13
N SER B 15 18.11 -9.11 -1.42
CA SER B 15 16.83 -8.99 -0.74
C SER B 15 15.98 -10.23 -0.97
N GLY B 16 15.99 -10.71 -2.22
CA GLY B 16 15.23 -11.91 -2.57
C GLY B 16 15.76 -13.12 -1.81
N GLN B 17 17.08 -13.25 -1.75
CA GLN B 17 17.68 -14.37 -1.03
C GLN B 17 17.31 -14.28 0.45
N ALA B 18 17.35 -13.06 0.98
CA ALA B 18 17.00 -12.84 2.37
C ALA B 18 15.60 -13.36 2.66
N ARG B 19 14.64 -12.97 1.84
CA ARG B 19 13.27 -13.44 2.02
C ARG B 19 13.24 -14.96 1.90
N SER B 20 13.90 -15.47 0.86
CA SER B 20 13.94 -16.91 0.64
C SER B 20 14.41 -17.63 1.89
N LEU B 21 15.50 -17.13 2.48
CA LEU B 21 16.04 -17.73 3.71
C LEU B 21 15.01 -17.60 4.83
N ALA B 22 14.37 -16.44 4.93
CA ALA B 22 13.37 -16.20 5.97
C ALA B 22 12.24 -17.23 5.85
N TYR B 23 11.67 -17.38 4.65
CA TYR B 23 10.60 -18.36 4.46
C TYR B 23 11.12 -19.75 4.79
N ALA B 24 12.36 -20.04 4.38
CA ALA B 24 12.95 -21.33 4.67
C ALA B 24 13.06 -21.49 6.19
N ALA B 25 13.43 -20.41 6.87
CA ALA B 25 13.53 -20.43 8.33
C ALA B 25 12.18 -20.80 8.92
N LEU B 26 11.12 -20.21 8.39
CA LEU B 26 9.78 -20.50 8.86
C LEU B 26 9.45 -21.97 8.62
N LYS B 27 9.80 -22.46 7.44
CA LYS B 27 9.55 -23.86 7.11
C LYS B 27 10.21 -24.78 8.14
N GLN B 28 11.43 -24.43 8.54
CA GLN B 28 12.13 -25.23 9.56
C GLN B 28 11.31 -25.26 10.84
N ALA B 29 10.74 -24.11 11.19
CA ALA B 29 9.91 -24.02 12.40
C ALA B 29 8.73 -24.97 12.31
N LYS B 30 8.09 -25.01 11.14
CA LYS B 30 6.95 -25.90 10.94
C LYS B 30 7.36 -27.35 11.16
N GLN B 31 8.62 -27.67 10.83
CA GLN B 31 9.10 -29.04 11.01
C GLN B 31 9.46 -29.28 12.48
N GLY B 32 9.32 -28.24 13.29
CA GLY B 32 9.63 -28.35 14.72
C GLY B 32 11.13 -28.18 14.99
N ASP B 33 11.86 -27.66 14.00
CA ASP B 33 13.29 -27.46 14.14
C ASP B 33 13.60 -26.02 14.53
N PHE B 34 13.47 -25.71 15.81
CA PHE B 34 13.73 -24.34 16.29
C PHE B 34 15.18 -23.94 16.10
N ALA B 35 16.09 -24.90 16.27
CA ALA B 35 17.52 -24.60 16.15
C ALA B 35 17.86 -24.12 14.74
N ALA B 36 17.43 -24.87 13.74
CA ALA B 36 17.71 -24.50 12.36
C ALA B 36 16.98 -23.20 12.01
N ALA B 37 15.77 -23.03 12.51
CA ALA B 37 15.03 -21.80 12.24
C ALA B 37 15.82 -20.61 12.74
N LYS B 38 16.23 -20.68 14.02
CA LYS B 38 17.01 -19.60 14.63
C LYS B 38 18.27 -19.27 13.81
N ALA B 39 18.99 -20.29 13.40
CA ALA B 39 20.21 -20.10 12.61
C ALA B 39 19.91 -19.41 11.28
N MET B 40 18.83 -19.82 10.64
CA MET B 40 18.44 -19.26 9.36
C MET B 40 18.05 -17.78 9.51
N MET B 41 17.32 -17.45 10.57
CA MET B 41 16.92 -16.06 10.78
C MET B 41 18.15 -15.17 10.97
N ASP B 42 19.12 -15.68 11.73
CA ASP B 42 20.33 -14.93 12.01
C ASP B 42 21.06 -14.57 10.73
N GLN B 43 21.21 -15.58 9.86
CA GLN B 43 21.88 -15.36 8.59
C GLN B 43 21.08 -14.40 7.72
N SER B 44 19.76 -14.54 7.73
CA SER B 44 18.91 -13.65 6.95
C SER B 44 19.13 -12.20 7.41
N ARG B 45 19.14 -12.00 8.73
CA ARG B 45 19.35 -10.68 9.30
C ARG B 45 20.69 -10.09 8.83
N MET B 46 21.74 -10.90 8.89
CA MET B 46 23.07 -10.45 8.49
C MET B 46 23.05 -10.04 7.02
N ALA B 47 22.37 -10.84 6.20
CA ALA B 47 22.27 -10.53 4.77
C ALA B 47 21.58 -9.19 4.56
N LEU B 48 20.50 -8.97 5.31
CA LEU B 48 19.75 -7.72 5.21
C LEU B 48 20.59 -6.55 5.72
N ASN B 49 21.30 -6.78 6.81
CA ASN B 49 22.13 -5.75 7.40
C ASN B 49 23.18 -5.26 6.40
N GLU B 50 23.83 -6.19 5.73
CA GLU B 50 24.82 -5.83 4.72
C GLU B 50 24.17 -5.10 3.57
N ALA B 51 23.00 -5.58 3.17
CA ALA B 51 22.25 -4.96 2.08
C ALA B 51 21.83 -3.54 2.48
N HIS B 52 21.32 -3.41 3.70
CA HIS B 52 20.88 -2.11 4.21
C HIS B 52 22.06 -1.13 4.27
N LEU B 53 23.22 -1.64 4.69
CA LEU B 53 24.42 -0.80 4.79
C LEU B 53 24.77 -0.23 3.41
N VAL B 54 24.71 -1.09 2.40
CA VAL B 54 25.03 -0.66 1.04
C VAL B 54 24.01 0.40 0.61
N GLN B 55 22.73 0.16 0.90
CA GLN B 55 21.70 1.13 0.53
C GLN B 55 21.96 2.45 1.25
N THR B 56 22.32 2.39 2.54
CA THR B 56 22.60 3.61 3.30
C THR B 56 23.57 4.50 2.53
N LYS B 57 24.65 3.90 2.04
CA LYS B 57 25.62 4.66 1.25
C LYS B 57 24.97 5.20 -0.01
N LEU B 58 24.12 4.39 -0.61
CA LEU B 58 23.44 4.78 -1.84
C LEU B 58 22.45 5.93 -1.59
N ILE B 59 22.02 6.12 -0.32
CA ILE B 59 21.11 7.23 -0.01
C ILE B 59 21.88 8.48 0.45
N GLU B 60 23.00 8.27 1.16
CA GLU B 60 23.81 9.39 1.64
C GLU B 60 24.42 10.17 0.46
N GLY B 61 24.86 9.43 -0.55
CA GLY B 61 25.49 10.05 -1.72
C GLY B 61 24.59 9.96 -2.95
N ASP B 62 23.28 10.02 -2.73
CA ASP B 62 22.32 9.93 -3.82
C ASP B 62 22.41 11.14 -4.77
N ALA B 63 23.21 12.12 -4.40
CA ALA B 63 23.36 13.32 -5.23
C ALA B 63 24.37 13.07 -6.34
N GLY B 64 24.50 14.03 -7.26
CA GLY B 64 25.44 13.90 -8.37
C GLY B 64 24.78 14.23 -9.71
N GLU B 65 23.73 13.48 -10.05
CA GLU B 65 23.03 13.70 -11.32
C GLU B 65 22.34 15.07 -11.33
N GLY B 66 21.76 15.45 -10.20
CA GLY B 66 21.07 16.73 -10.11
C GLY B 66 20.91 17.16 -8.66
N LYS B 67 20.42 18.38 -8.47
CA LYS B 67 20.23 18.92 -7.13
C LYS B 67 19.13 18.16 -6.38
N MET B 68 17.88 18.54 -6.66
CA MET B 68 16.72 17.93 -6.01
C MET B 68 16.52 16.47 -6.40
N LYS B 69 16.75 16.13 -7.66
CA LYS B 69 16.54 14.76 -8.14
C LYS B 69 17.62 13.80 -7.64
N VAL B 70 17.22 12.52 -7.52
CA VAL B 70 18.11 11.47 -7.05
C VAL B 70 18.02 10.24 -7.98
N SER B 71 18.89 9.26 -7.76
CA SER B 71 18.88 8.05 -8.59
C SER B 71 17.52 7.37 -8.49
N LEU B 72 16.93 7.04 -9.64
CA LEU B 72 15.60 6.45 -9.66
C LEU B 72 15.59 5.04 -9.04
N VAL B 73 16.65 4.30 -9.35
CA VAL B 73 16.80 2.93 -8.88
C VAL B 73 16.83 2.84 -7.34
N LEU B 74 17.13 3.95 -6.69
CA LEU B 74 17.19 3.97 -5.23
C LEU B 74 15.91 3.41 -4.62
N VAL B 75 14.80 3.78 -5.24
CA VAL B 75 13.49 3.31 -4.79
C VAL B 75 13.38 1.81 -5.03
N HIS B 76 13.85 1.27 -6.26
CA HIS B 76 13.79 -0.16 -6.56
C HIS B 76 14.47 -0.97 -5.45
N ALA B 77 15.65 -0.51 -5.04
CA ALA B 77 16.39 -1.18 -3.99
C ALA B 77 15.68 -1.01 -2.64
N GLN B 78 15.18 0.20 -2.39
CA GLN B 78 14.49 0.47 -1.13
C GLN B 78 13.22 -0.37 -1.03
N LEU B 79 12.44 -0.39 -2.12
CA LEU B 79 11.22 -1.18 -2.14
C LEU B 79 11.49 -2.65 -1.82
N HIS B 80 12.48 -3.23 -2.48
CA HIS B 80 12.80 -4.62 -2.24
C HIS B 80 13.36 -4.83 -0.84
N LEU B 81 14.27 -3.95 -0.44
CA LEU B 81 14.88 -4.06 0.89
C LEU B 81 13.85 -3.85 2.00
N MET B 82 13.00 -2.85 1.86
CA MET B 82 11.98 -2.57 2.87
C MET B 82 11.02 -3.75 3.01
N THR B 83 10.59 -4.28 1.87
CA THR B 83 9.67 -5.41 1.87
C THR B 83 10.32 -6.64 2.50
N SER B 84 11.55 -6.94 2.10
CA SER B 84 12.26 -8.09 2.64
C SER B 84 12.50 -7.97 4.14
N MET B 85 12.97 -6.81 4.58
CA MET B 85 13.24 -6.60 6.01
C MET B 85 11.96 -6.76 6.83
N LEU B 86 10.89 -6.14 6.36
CA LEU B 86 9.61 -6.21 7.06
C LEU B 86 9.11 -7.65 7.12
N ALA B 87 9.17 -8.33 5.98
CA ALA B 87 8.72 -9.71 5.90
C ALA B 87 9.49 -10.58 6.88
N ARG B 88 10.79 -10.44 6.86
CA ARG B 88 11.65 -11.22 7.75
C ARG B 88 11.28 -10.97 9.21
N GLU B 89 11.08 -9.70 9.59
CA GLU B 89 10.75 -9.38 10.97
C GLU B 89 9.43 -10.05 11.37
N LEU B 90 8.44 -9.96 10.50
CA LEU B 90 7.14 -10.56 10.78
C LEU B 90 7.28 -12.08 10.84
N ILE B 91 8.06 -12.63 9.92
CA ILE B 91 8.30 -14.07 9.91
C ILE B 91 8.95 -14.49 11.23
N THR B 92 9.86 -13.66 11.73
CA THR B 92 10.50 -13.96 13.02
C THR B 92 9.43 -14.07 14.09
N GLU B 93 8.49 -13.13 14.09
CA GLU B 93 7.40 -13.15 15.06
C GLU B 93 6.58 -14.43 14.88
N LEU B 94 6.30 -14.77 13.62
CA LEU B 94 5.54 -15.99 13.33
C LEU B 94 6.27 -17.21 13.87
N ILE B 95 7.59 -17.26 13.68
CA ILE B 95 8.36 -18.38 14.19
C ILE B 95 8.28 -18.46 15.71
N GLU B 96 8.36 -17.30 16.37
CA GLU B 96 8.25 -17.27 17.83
C GLU B 96 6.90 -17.85 18.25
N LEU B 97 5.86 -17.54 17.49
CA LEU B 97 4.52 -18.05 17.79
C LEU B 97 4.52 -19.58 17.69
N HIS B 98 5.19 -20.10 16.66
CA HIS B 98 5.27 -21.55 16.50
C HIS B 98 5.89 -22.17 17.75
N GLU B 99 6.90 -21.48 18.28
CA GLU B 99 7.55 -21.95 19.50
C GLU B 99 6.58 -21.94 20.66
N LYS B 100 5.77 -20.88 20.77
CA LYS B 100 4.79 -20.80 21.84
C LYS B 100 3.72 -21.88 21.65
N LEU B 101 3.39 -22.19 20.39
CA LEU B 101 2.42 -23.25 20.11
C LEU B 101 2.96 -24.60 20.58
N LYS B 102 4.13 -24.57 21.21
CA LYS B 102 4.77 -25.78 21.72
C LYS B 102 5.49 -26.51 20.59
N ALA B 103 4.71 -26.92 19.58
CA ALA B 103 5.25 -27.67 18.43
C ALA B 103 6.64 -27.19 18.04
N ALA C 1 11.12 19.25 -2.05
CA ALA C 1 11.16 20.74 -1.98
C ALA C 1 10.96 21.17 -0.54
N GLU C 2 11.18 22.45 -0.27
CA GLU C 2 11.04 23.02 1.08
C GLU C 2 10.10 22.22 1.98
N GLU C 3 8.81 22.51 1.89
CA GLU C 3 7.83 21.81 2.71
C GLU C 3 7.73 20.34 2.34
N LEU C 4 7.37 20.07 1.08
CA LEU C 4 7.24 18.68 0.63
C LEU C 4 8.38 17.80 1.16
N GLU C 5 9.60 18.32 1.11
CA GLU C 5 10.76 17.57 1.58
C GLU C 5 10.74 17.43 3.10
N GLU C 6 10.47 18.53 3.78
CA GLU C 6 10.41 18.52 5.24
C GLU C 6 9.19 17.70 5.68
N VAL C 7 8.12 17.78 4.89
CA VAL C 7 6.90 17.04 5.17
C VAL C 7 7.17 15.53 5.06
N VAL C 8 7.92 15.14 4.03
CA VAL C 8 8.27 13.74 3.83
C VAL C 8 9.06 13.24 5.04
N MET C 9 10.02 14.04 5.50
CA MET C 9 10.80 13.67 6.66
C MET C 9 9.87 13.40 7.84
N GLY C 10 8.88 14.29 8.01
CA GLY C 10 7.91 14.13 9.08
C GLY C 10 7.12 12.84 8.88
N LEU C 11 6.71 12.59 7.65
CA LEU C 11 5.94 11.37 7.33
C LEU C 11 6.79 10.14 7.59
N ILE C 12 8.05 10.18 7.18
CA ILE C 12 8.94 9.04 7.37
C ILE C 12 9.11 8.78 8.87
N ILE C 13 9.32 9.87 9.61
CA ILE C 13 9.47 9.76 11.06
C ILE C 13 8.16 9.23 11.66
N ASN C 14 7.05 9.81 11.22
CA ASN C 14 5.73 9.40 11.72
C ASN C 14 5.50 7.92 11.43
N SER C 15 5.79 7.51 10.19
CA SER C 15 5.63 6.11 9.81
C SER C 15 6.52 5.24 10.68
N GLY C 16 7.76 5.70 10.90
CA GLY C 16 8.70 4.95 11.73
C GLY C 16 8.18 4.84 13.16
N GLN C 17 7.67 5.95 13.70
CA GLN C 17 7.13 5.92 15.06
C GLN C 17 5.95 4.97 15.12
N ALA C 18 5.12 5.01 14.08
CA ALA C 18 3.96 4.14 14.02
C ALA C 18 4.38 2.67 14.15
N ARG C 19 5.36 2.27 13.33
CA ARG C 19 5.84 0.91 13.40
C ARG C 19 6.41 0.63 14.79
N SER C 20 7.21 1.57 15.28
CA SER C 20 7.81 1.41 16.60
C SER C 20 6.73 1.13 17.65
N LEU C 21 5.66 1.92 17.61
CA LEU C 21 4.56 1.74 18.54
C LEU C 21 3.92 0.37 18.33
N ALA C 22 3.73 0.00 17.06
CA ALA C 22 3.13 -1.29 16.73
C ALA C 22 3.96 -2.44 17.33
N TYR C 23 5.27 -2.43 17.07
CA TYR C 23 6.14 -3.47 17.64
C TYR C 23 6.05 -3.45 19.16
N ALA C 24 6.03 -2.24 19.72
CA ALA C 24 5.92 -2.11 21.17
C ALA C 24 4.59 -2.72 21.62
N ALA C 25 3.54 -2.47 20.85
CA ALA C 25 2.23 -3.03 21.16
C ALA C 25 2.31 -4.55 21.21
N LEU C 26 3.01 -5.12 20.24
CA LEU C 26 3.19 -6.57 20.18
C LEU C 26 3.95 -7.05 21.42
N LYS C 27 4.99 -6.31 21.77
CA LYS C 27 5.79 -6.66 22.94
C LYS C 27 4.90 -6.72 24.19
N GLN C 28 3.99 -5.77 24.31
CA GLN C 28 3.06 -5.75 25.44
C GLN C 28 2.26 -7.04 25.47
N ALA C 29 1.82 -7.47 24.27
CA ALA C 29 1.05 -8.70 24.16
C ALA C 29 1.85 -9.89 24.67
N LYS C 30 3.13 -9.94 24.30
CA LYS C 30 3.99 -11.02 24.76
C LYS C 30 4.07 -11.06 26.28
N GLN C 31 3.98 -9.88 26.90
CA GLN C 31 4.04 -9.80 28.36
C GLN C 31 2.67 -10.17 28.96
N GLY C 32 1.71 -10.44 28.08
CA GLY C 32 0.36 -10.83 28.53
C GLY C 32 -0.47 -9.60 28.89
N ASP C 33 -0.04 -8.43 28.44
CA ASP C 33 -0.76 -7.18 28.70
C ASP C 33 -1.63 -6.80 27.51
N PHE C 34 -2.80 -7.41 27.42
CA PHE C 34 -3.71 -7.14 26.31
C PHE C 34 -4.22 -5.70 26.34
N ALA C 35 -4.43 -5.17 27.54
CA ALA C 35 -4.94 -3.81 27.68
C ALA C 35 -3.97 -2.79 27.08
N ALA C 36 -2.71 -2.89 27.47
CA ALA C 36 -1.71 -1.96 26.96
C ALA C 36 -1.50 -2.17 25.47
N ALA C 37 -1.55 -3.42 25.02
CA ALA C 37 -1.38 -3.71 23.60
C ALA C 37 -2.48 -3.00 22.81
N LYS C 38 -3.72 -3.21 23.22
CA LYS C 38 -4.87 -2.59 22.57
C LYS C 38 -4.72 -1.07 22.49
N ALA C 39 -4.32 -0.45 23.61
CA ALA C 39 -4.16 1.00 23.65
C ALA C 39 -3.06 1.46 22.68
N MET C 40 -1.96 0.72 22.64
CA MET C 40 -0.85 1.06 21.77
C MET C 40 -1.25 0.92 20.30
N MET C 41 -2.03 -0.11 19.99
CA MET C 41 -2.48 -0.31 18.61
C MET C 41 -3.35 0.85 18.16
N ASP C 42 -4.25 1.28 19.04
CA ASP C 42 -5.17 2.36 18.72
C ASP C 42 -4.41 3.63 18.38
N GLN C 43 -3.42 3.97 19.21
CA GLN C 43 -2.61 5.16 18.97
C GLN C 43 -1.83 5.03 17.67
N SER C 44 -1.30 3.85 17.42
CA SER C 44 -0.55 3.60 16.19
C SER C 44 -1.44 3.87 14.98
N ARG C 45 -2.67 3.32 15.03
CA ARG C 45 -3.64 3.50 13.96
C ARG C 45 -3.93 4.99 13.72
N MET C 46 -4.14 5.72 14.81
CA MET C 46 -4.43 7.15 14.72
C MET C 46 -3.26 7.89 14.08
N ALA C 47 -2.04 7.51 14.47
CA ALA C 47 -0.84 8.14 13.91
C ALA C 47 -0.78 7.91 12.40
N LEU C 48 -1.08 6.68 11.98
CA LEU C 48 -1.07 6.33 10.57
C LEU C 48 -2.17 7.06 9.82
N ASN C 49 -3.34 7.15 10.45
CA ASN C 49 -4.48 7.81 9.84
C ASN C 49 -4.14 9.27 9.52
N GLU C 50 -3.51 9.95 10.47
CA GLU C 50 -3.11 11.33 10.26
C GLU C 50 -2.06 11.41 9.16
N ALA C 51 -1.13 10.47 9.19
CA ALA C 51 -0.07 10.43 8.18
C ALA C 51 -0.67 10.15 6.80
N HIS C 52 -1.58 9.19 6.74
CA HIS C 52 -2.25 8.85 5.48
C HIS C 52 -3.02 10.05 4.94
N LEU C 53 -3.69 10.78 5.83
CA LEU C 53 -4.47 11.95 5.43
C LEU C 53 -3.56 12.98 4.76
N VAL C 54 -2.39 13.20 5.35
CA VAL C 54 -1.45 14.16 4.80
C VAL C 54 -0.99 13.67 3.43
N GLN C 55 -0.69 12.38 3.32
CA GLN C 55 -0.26 11.82 2.04
C GLN C 55 -1.38 11.99 1.00
N THR C 56 -2.62 11.74 1.41
CA THR C 56 -3.76 11.88 0.48
C THR C 56 -3.70 13.25 -0.19
N LYS C 57 -3.50 14.29 0.60
CA LYS C 57 -3.40 15.64 0.05
C LYS C 57 -2.20 15.73 -0.88
N LEU C 58 -1.11 15.09 -0.49
CA LEU C 58 0.10 15.11 -1.29
C LEU C 58 -0.08 14.35 -2.61
N ILE C 59 -1.09 13.47 -2.70
CA ILE C 59 -1.33 12.76 -3.95
C ILE C 59 -2.40 13.48 -4.79
N GLU C 60 -3.38 14.10 -4.14
CA GLU C 60 -4.43 14.83 -4.87
C GLU C 60 -3.85 16.03 -5.60
N GLY C 61 -2.89 16.71 -4.98
CA GLY C 61 -2.28 17.89 -5.57
C GLY C 61 -0.83 17.62 -5.97
N ASP C 62 -0.56 16.41 -6.41
CA ASP C 62 0.79 16.03 -6.80
C ASP C 62 1.22 16.75 -8.06
N ALA C 63 0.31 17.49 -8.68
CA ALA C 63 0.63 18.24 -9.90
C ALA C 63 1.30 19.56 -9.56
N GLY C 64 1.78 20.26 -10.59
CA GLY C 64 2.43 21.56 -10.39
C GLY C 64 3.77 21.63 -11.13
N GLU C 65 4.69 20.71 -10.81
CA GLU C 65 5.99 20.70 -11.45
C GLU C 65 5.87 20.38 -12.94
N GLY C 66 4.99 19.45 -13.27
CA GLY C 66 4.80 19.05 -14.66
C GLY C 66 3.45 18.36 -14.86
N LYS C 67 3.12 18.09 -16.11
CA LYS C 67 1.85 17.44 -16.43
C LYS C 67 1.83 16.00 -15.92
N MET C 68 2.44 15.10 -16.70
CA MET C 68 2.48 13.68 -16.36
C MET C 68 3.31 13.38 -15.12
N LYS C 69 4.45 14.07 -14.97
CA LYS C 69 5.34 13.83 -13.84
C LYS C 69 4.79 14.36 -12.52
N VAL C 70 5.20 13.71 -11.43
CA VAL C 70 4.76 14.07 -10.08
C VAL C 70 5.96 14.16 -9.13
N SER C 71 5.72 14.64 -7.91
CA SER C 71 6.80 14.75 -6.93
C SER C 71 7.42 13.38 -6.68
N LEU C 72 8.74 13.30 -6.77
CA LEU C 72 9.45 12.03 -6.61
C LEU C 72 9.31 11.48 -5.19
N VAL C 73 9.40 12.39 -4.22
CA VAL C 73 9.33 12.04 -2.80
C VAL C 73 8.00 11.37 -2.44
N LEU C 74 6.99 11.57 -3.26
CA LEU C 74 5.67 10.99 -3.00
C LEU C 74 5.78 9.49 -2.76
N VAL C 75 6.65 8.87 -3.54
CA VAL C 75 6.86 7.43 -3.44
C VAL C 75 7.55 7.13 -2.10
N HIS C 76 8.61 7.94 -1.68
CA HIS C 76 9.30 7.71 -0.41
C HIS C 76 8.31 7.69 0.74
N ALA C 77 7.39 8.65 0.75
CA ALA C 77 6.37 8.70 1.79
C ALA C 77 5.40 7.53 1.66
N GLN C 78 5.03 7.22 0.42
CA GLN C 78 4.10 6.11 0.17
C GLN C 78 4.74 4.79 0.59
N LEU C 79 5.99 4.58 0.19
CA LEU C 79 6.71 3.36 0.55
C LEU C 79 6.75 3.17 2.06
N HIS C 80 7.13 4.21 2.79
CA HIS C 80 7.20 4.12 4.24
C HIS C 80 5.81 3.94 4.85
N LEU C 81 4.87 4.73 4.38
CA LEU C 81 3.50 4.67 4.89
C LEU C 81 2.85 3.31 4.59
N MET C 82 3.01 2.84 3.37
CA MET C 82 2.42 1.55 2.98
C MET C 82 3.01 0.42 3.82
N THR C 83 4.32 0.45 3.99
CA THR C 83 5.00 -0.58 4.76
C THR C 83 4.54 -0.55 6.22
N SER C 84 4.53 0.64 6.80
CA SER C 84 4.12 0.80 8.20
C SER C 84 2.67 0.37 8.42
N MET C 85 1.76 0.84 7.56
CA MET C 85 0.35 0.48 7.70
C MET C 85 0.16 -1.04 7.61
N LEU C 86 0.80 -1.65 6.63
CA LEU C 86 0.70 -3.09 6.43
C LEU C 86 1.24 -3.83 7.65
N ALA C 87 2.42 -3.42 8.10
CA ALA C 87 3.05 -4.04 9.25
C ALA C 87 2.13 -3.96 10.47
N ARG C 88 1.61 -2.77 10.71
CA ARG C 88 0.74 -2.55 11.84
C ARG C 88 -0.50 -3.47 11.77
N GLU C 89 -1.11 -3.56 10.59
CA GLU C 89 -2.29 -4.42 10.44
C GLU C 89 -1.95 -5.88 10.74
N LEU C 90 -0.82 -6.35 10.20
CA LEU C 90 -0.40 -7.72 10.44
C LEU C 90 -0.07 -7.92 11.91
N ILE C 91 0.60 -6.95 12.49
CA ILE C 91 0.95 -7.02 13.90
C ILE C 91 -0.33 -7.12 14.73
N THR C 92 -1.36 -6.39 14.32
CA THR C 92 -2.64 -6.46 15.02
C THR C 92 -3.15 -7.89 14.99
N GLU C 93 -3.06 -8.53 13.83
CA GLU C 93 -3.50 -9.92 13.70
C GLU C 93 -2.66 -10.82 14.62
N LEU C 94 -1.36 -10.56 14.63
CA LEU C 94 -0.45 -11.34 15.47
C LEU C 94 -0.84 -11.20 16.94
N ILE C 95 -1.16 -9.98 17.35
CA ILE C 95 -1.57 -9.73 18.73
C ILE C 95 -2.86 -10.51 19.05
N GLU C 96 -3.80 -10.48 18.12
CA GLU C 96 -5.05 -11.21 18.31
C GLU C 96 -4.75 -12.70 18.53
N LEU C 97 -3.78 -13.21 17.77
CA LEU C 97 -3.39 -14.61 17.91
C LEU C 97 -2.85 -14.87 19.32
N HIS C 98 -2.05 -13.94 19.83
CA HIS C 98 -1.52 -14.09 21.18
C HIS C 98 -2.68 -14.22 22.16
N GLU C 99 -3.73 -13.44 21.92
CA GLU C 99 -4.90 -13.49 22.78
C GLU C 99 -5.57 -14.87 22.68
N LYS C 100 -5.65 -15.41 21.46
CA LYS C 100 -6.25 -16.72 21.29
C LYS C 100 -5.38 -17.78 21.95
N LEU C 101 -4.05 -17.58 21.91
CA LEU C 101 -3.12 -18.52 22.55
C LEU C 101 -3.37 -18.53 24.06
N LYS C 102 -4.36 -17.76 24.51
CA LYS C 102 -4.70 -17.67 25.93
C LYS C 102 -3.78 -16.68 26.63
N ALA C 103 -2.48 -16.99 26.61
CA ALA C 103 -1.45 -16.16 27.26
C ALA C 103 -1.80 -14.67 27.21
N LYS D 1 -19.97 26.95 -1.17
CA LYS D 1 -19.08 26.05 -1.96
C LYS D 1 -19.44 24.59 -1.78
N LYS D 2 -19.77 23.94 -2.87
CA LYS D 2 -20.15 22.54 -2.84
C LYS D 2 -18.93 21.62 -2.88
N HIS D 3 -19.02 20.49 -2.19
CA HIS D 3 -17.93 19.52 -2.13
C HIS D 3 -18.12 18.37 -3.08
N ILE D 4 -17.20 18.26 -4.03
CA ILE D 4 -17.22 17.18 -4.99
C ILE D 4 -16.07 16.24 -4.61
N TYR D 5 -16.39 15.03 -4.18
CA TYR D 5 -15.38 14.06 -3.78
C TYR D 5 -15.33 12.90 -4.76
N LEU D 6 -14.13 12.60 -5.26
CA LEU D 6 -13.90 11.48 -6.19
C LEU D 6 -13.25 10.35 -5.40
N PHE D 7 -13.55 9.09 -5.75
CA PHE D 7 -12.85 7.96 -5.13
C PHE D 7 -12.18 7.06 -6.17
N CYS D 8 -11.03 6.47 -5.74
CA CYS D 8 -10.27 5.45 -6.47
C CYS D 8 -9.52 4.56 -5.48
N SER D 9 -8.64 3.67 -5.87
CA SER D 9 -8.07 2.81 -4.82
C SER D 9 -7.20 3.62 -3.88
N ALA D 10 -6.19 4.37 -4.38
CA ALA D 10 -5.29 5.10 -3.50
C ALA D 10 -5.60 6.58 -3.56
N GLY D 11 -5.86 7.10 -4.75
CA GLY D 11 -6.17 8.51 -4.93
C GLY D 11 -5.14 9.21 -5.83
N MET D 12 -4.48 8.48 -6.72
CA MET D 12 -3.46 9.11 -7.58
C MET D 12 -3.97 9.31 -9.02
N SER D 13 -4.07 8.26 -9.74
CA SER D 13 -4.50 8.36 -11.14
C SER D 13 -5.72 9.29 -11.28
N THR D 14 -6.46 9.49 -10.18
CA THR D 14 -7.62 10.37 -10.31
C THR D 14 -7.22 11.77 -9.88
N SER D 15 -6.09 11.83 -9.22
CA SER D 15 -5.48 13.09 -8.76
C SER D 15 -5.20 14.03 -9.93
N LEU D 16 -4.82 13.46 -11.06
CA LEU D 16 -4.55 14.26 -12.24
C LEU D 16 -5.88 14.86 -12.76
N LEU D 17 -6.96 14.07 -12.72
CA LEU D 17 -8.28 14.55 -13.14
C LEU D 17 -8.75 15.68 -12.19
N VAL D 18 -8.54 15.48 -10.88
CA VAL D 18 -8.91 16.50 -9.89
C VAL D 18 -8.18 17.83 -10.15
N SER D 19 -6.89 17.79 -10.47
CA SER D 19 -6.17 19.03 -10.74
C SER D 19 -6.73 19.77 -11.98
N LYS D 20 -7.12 19.03 -13.02
CA LYS D 20 -7.71 19.66 -14.20
C LYS D 20 -9.12 20.20 -13.91
N MET D 21 -9.87 19.50 -13.07
CA MET D 21 -11.22 20.00 -12.73
C MET D 21 -11.08 21.31 -11.94
N ARG D 22 -10.13 21.39 -11.02
CA ARG D 22 -9.91 22.60 -10.21
C ARG D 22 -9.56 23.79 -11.12
N ALA D 23 -8.79 23.54 -12.18
CA ALA D 23 -8.39 24.59 -13.11
C ALA D 23 -9.63 25.14 -13.81
N GLN D 24 -10.50 24.24 -14.24
CA GLN D 24 -11.72 24.61 -14.91
C GLN D 24 -12.67 25.35 -14.00
N ALA D 25 -12.80 24.88 -12.77
CA ALA D 25 -13.69 25.53 -11.80
C ALA D 25 -13.24 26.96 -11.55
N GLU D 26 -11.93 27.20 -11.60
CA GLU D 26 -11.39 28.54 -11.36
C GLU D 26 -11.65 29.43 -12.57
N LYS D 27 -11.43 28.88 -13.76
CA LYS D 27 -11.63 29.59 -14.99
C LYS D 27 -13.07 30.10 -15.12
N TYR D 28 -14.05 29.29 -14.72
CA TYR D 28 -15.48 29.69 -14.80
C TYR D 28 -16.13 30.10 -13.49
N GLU D 29 -15.33 30.35 -12.46
CA GLU D 29 -15.81 30.78 -11.15
C GLU D 29 -16.89 29.89 -10.51
N VAL D 30 -16.76 28.58 -10.66
CA VAL D 30 -17.70 27.63 -10.08
C VAL D 30 -17.27 27.48 -8.62
N PRO D 31 -18.19 27.73 -7.67
CA PRO D 31 -17.91 27.64 -6.23
C PRO D 31 -17.93 26.21 -5.68
N VAL D 32 -16.88 25.46 -6.01
CA VAL D 32 -16.75 24.08 -5.57
C VAL D 32 -15.38 23.76 -5.01
N ILE D 33 -15.35 22.75 -4.14
CA ILE D 33 -14.13 22.22 -3.55
C ILE D 33 -14.09 20.77 -4.09
N ILE D 34 -12.98 20.40 -4.71
CA ILE D 34 -12.79 19.07 -5.32
C ILE D 34 -11.61 18.31 -4.66
N GLU D 35 -11.86 17.09 -4.18
CA GLU D 35 -10.83 16.27 -3.52
C GLU D 35 -10.93 14.82 -4.00
N ALA D 36 -9.78 14.14 -4.09
CA ALA D 36 -9.71 12.73 -4.50
C ALA D 36 -9.34 11.92 -3.25
N PHE D 37 -9.93 10.74 -3.09
CA PHE D 37 -9.64 9.87 -1.95
C PHE D 37 -9.66 8.44 -2.43
N PRO D 38 -9.08 7.53 -1.64
CA PRO D 38 -9.07 6.11 -2.02
C PRO D 38 -10.49 5.61 -1.70
N GLU D 39 -10.91 4.54 -2.35
CA GLU D 39 -12.24 3.96 -2.13
C GLU D 39 -12.51 3.54 -0.69
N THR D 40 -11.46 3.29 0.09
CA THR D 40 -11.63 2.88 1.48
C THR D 40 -12.26 3.95 2.37
N LEU D 41 -12.19 5.21 1.94
CA LEU D 41 -12.77 6.32 2.70
C LEU D 41 -14.15 6.77 2.20
N ALA D 42 -14.74 6.07 1.21
CA ALA D 42 -16.05 6.45 0.63
C ALA D 42 -17.14 6.64 1.68
N GLY D 43 -17.12 5.80 2.71
CA GLY D 43 -18.13 5.91 3.75
C GLY D 43 -17.81 6.98 4.77
N GLU D 44 -16.53 7.16 5.08
CA GLU D 44 -16.15 8.15 6.07
C GLU D 44 -16.16 9.59 5.49
N LYS D 45 -15.52 9.77 4.34
CA LYS D 45 -15.46 11.08 3.70
C LYS D 45 -16.73 11.45 2.92
N GLY D 46 -17.38 10.46 2.32
CA GLY D 46 -18.60 10.70 1.55
C GLY D 46 -19.69 11.43 2.29
N GLN D 47 -19.77 11.23 3.60
CA GLN D 47 -20.79 11.89 4.43
C GLN D 47 -20.74 13.42 4.34
N ASN D 48 -19.59 13.97 3.95
CA ASN D 48 -19.43 15.41 3.87
C ASN D 48 -19.45 15.95 2.45
N ALA D 49 -19.66 15.08 1.48
CA ALA D 49 -19.67 15.54 0.10
C ALA D 49 -21.06 15.97 -0.30
N ASP D 50 -21.11 16.82 -1.31
CA ASP D 50 -22.38 17.25 -1.83
C ASP D 50 -22.73 16.32 -2.99
N VAL D 51 -21.69 15.73 -3.60
CA VAL D 51 -21.88 14.75 -4.67
C VAL D 51 -20.68 13.78 -4.61
N VAL D 52 -20.98 12.49 -4.70
CA VAL D 52 -19.97 11.44 -4.66
C VAL D 52 -19.78 10.85 -6.06
N LEU D 53 -18.55 10.92 -6.57
CA LEU D 53 -18.24 10.38 -7.88
C LEU D 53 -17.30 9.18 -7.73
N LEU D 54 -17.60 8.08 -8.42
CA LEU D 54 -16.75 6.88 -8.36
C LEU D 54 -15.96 6.73 -9.63
N GLY D 55 -14.69 6.35 -9.51
CA GLY D 55 -13.84 6.18 -10.68
C GLY D 55 -14.39 5.02 -11.49
N PRO D 56 -14.13 4.94 -12.76
CA PRO D 56 -14.66 3.84 -13.62
C PRO D 56 -14.24 2.42 -13.18
N GLN D 57 -13.07 2.31 -12.54
CA GLN D 57 -12.57 1.02 -12.08
C GLN D 57 -13.39 0.49 -10.90
N ILE D 58 -14.04 1.38 -10.15
CA ILE D 58 -14.82 0.94 -9.01
C ILE D 58 -16.34 1.02 -9.23
N ALA D 59 -16.75 0.99 -10.49
CA ALA D 59 -18.17 1.04 -10.83
C ALA D 59 -18.94 -0.11 -10.19
N TYR D 60 -18.34 -1.30 -10.13
CA TYR D 60 -19.04 -2.44 -9.55
C TYR D 60 -19.46 -2.21 -8.09
N MET D 61 -18.84 -1.23 -7.44
CA MET D 61 -19.15 -0.89 -6.05
C MET D 61 -20.33 0.08 -5.87
N LEU D 62 -20.89 0.58 -6.97
CA LEU D 62 -21.99 1.54 -6.90
C LEU D 62 -23.13 1.19 -5.93
N PRO D 63 -23.73 -0.02 -6.05
CA PRO D 63 -24.82 -0.37 -5.12
C PRO D 63 -24.43 -0.30 -3.65
N GLU D 64 -23.22 -0.72 -3.30
CA GLU D 64 -22.77 -0.68 -1.91
C GLU D 64 -22.60 0.74 -1.42
N ILE D 65 -22.02 1.59 -2.25
CA ILE D 65 -21.83 2.99 -1.85
C ILE D 65 -23.16 3.74 -1.71
N GLN D 66 -24.12 3.42 -2.59
CA GLN D 66 -25.46 4.00 -2.52
C GLN D 66 -26.13 3.64 -1.18
N ARG D 67 -26.00 2.39 -0.73
CA ARG D 67 -26.60 1.98 0.55
C ARG D 67 -25.89 2.63 1.74
N LEU D 68 -24.60 2.88 1.59
CA LEU D 68 -23.77 3.49 2.64
C LEU D 68 -24.11 4.97 2.82
N LEU D 69 -24.39 5.65 1.70
CA LEU D 69 -24.73 7.09 1.68
C LEU D 69 -26.11 7.27 1.01
N PRO D 70 -27.20 6.87 1.69
CA PRO D 70 -28.55 6.99 1.13
C PRO D 70 -29.03 8.44 0.93
N ASN D 71 -28.35 9.38 1.56
CA ASN D 71 -28.75 10.79 1.44
C ASN D 71 -27.82 11.63 0.57
N LYS D 72 -27.08 10.99 -0.33
CA LYS D 72 -26.14 11.69 -1.21
C LYS D 72 -26.26 11.20 -2.63
N PRO D 73 -26.13 12.10 -3.63
CA PRO D 73 -26.21 11.62 -5.02
C PRO D 73 -24.85 10.97 -5.27
N VAL D 74 -24.87 9.73 -5.75
CA VAL D 74 -23.64 8.96 -6.02
C VAL D 74 -23.64 8.48 -7.46
N GLU D 75 -22.58 8.72 -8.19
CA GLU D 75 -22.53 8.22 -9.55
C GLU D 75 -21.13 7.95 -10.07
N VAL D 76 -21.06 7.12 -11.10
CA VAL D 76 -19.80 6.72 -11.71
C VAL D 76 -19.40 7.72 -12.78
N ILE D 77 -18.11 8.03 -12.84
CA ILE D 77 -17.58 8.96 -13.83
C ILE D 77 -17.54 8.27 -15.17
N ASP D 78 -17.96 8.97 -16.21
CA ASP D 78 -17.94 8.40 -17.55
C ASP D 78 -16.51 7.95 -17.89
N SER D 79 -16.33 6.69 -18.28
CA SER D 79 -14.99 6.17 -18.58
C SER D 79 -14.18 6.90 -19.65
N LEU D 80 -14.87 7.44 -20.65
CA LEU D 80 -14.19 8.17 -21.73
C LEU D 80 -13.73 9.53 -21.23
N LEU D 81 -14.58 10.18 -20.45
CA LEU D 81 -14.26 11.49 -19.90
C LEU D 81 -13.10 11.33 -18.94
N TYR D 82 -13.10 10.21 -18.22
CA TYR D 82 -12.04 9.90 -17.25
C TYR D 82 -10.71 9.58 -17.95
N GLY D 83 -10.75 8.68 -18.92
CA GLY D 83 -9.54 8.32 -19.64
C GLY D 83 -8.87 9.50 -20.31
N LYS D 84 -9.68 10.37 -20.87
CA LYS D 84 -9.22 11.56 -21.59
C LYS D 84 -8.79 12.70 -20.65
N VAL D 85 -9.07 12.52 -19.35
CA VAL D 85 -8.77 13.52 -18.31
C VAL D 85 -9.47 14.86 -18.61
N ASP D 86 -10.76 14.77 -18.94
CA ASP D 86 -11.57 15.95 -19.28
C ASP D 86 -12.09 16.63 -18.03
N GLY D 87 -11.29 17.56 -17.51
CA GLY D 87 -11.64 18.31 -16.31
C GLY D 87 -12.94 19.07 -16.45
N LEU D 88 -13.16 19.73 -17.60
CA LEU D 88 -14.39 20.49 -17.80
C LEU D 88 -15.63 19.58 -17.87
N GLY D 89 -15.50 18.50 -18.64
CA GLY D 89 -16.59 17.56 -18.81
C GLY D 89 -17.07 16.91 -17.53
N VAL D 90 -16.12 16.49 -16.69
CA VAL D 90 -16.48 15.84 -15.42
C VAL D 90 -17.04 16.88 -14.45
N LEU D 91 -16.47 18.08 -14.49
CA LEU D 91 -16.97 19.15 -13.63
C LEU D 91 -18.46 19.39 -14.00
N LYS D 92 -18.76 19.42 -15.30
CA LYS D 92 -20.15 19.61 -15.75
C LYS D 92 -21.09 18.52 -15.24
N ALA D 93 -20.64 17.27 -15.30
CA ALA D 93 -21.47 16.14 -14.85
C ALA D 93 -21.76 16.21 -13.35
N ALA D 94 -20.78 16.72 -12.60
CA ALA D 94 -20.90 16.82 -11.15
C ALA D 94 -21.90 17.90 -10.75
N VAL D 95 -21.80 19.06 -11.40
CA VAL D 95 -22.72 20.17 -11.13
C VAL D 95 -24.13 19.69 -11.49
N ALA D 96 -24.25 18.98 -12.61
CA ALA D 96 -25.54 18.45 -13.04
C ALA D 96 -26.13 17.51 -11.99
N ALA D 97 -25.33 16.57 -11.49
CA ALA D 97 -25.85 15.64 -10.49
C ALA D 97 -26.36 16.40 -9.26
N ILE D 98 -25.70 17.51 -8.93
CA ILE D 98 -26.12 18.32 -7.78
C ILE D 98 -27.46 19.01 -8.03
N LYS D 99 -27.63 19.58 -9.24
CA LYS D 99 -28.87 20.26 -9.62
C LYS D 99 -30.01 19.26 -9.71
N LYS D 100 -29.80 18.19 -10.45
CA LYS D 100 -30.83 17.18 -10.59
C LYS D 100 -31.20 16.60 -9.22
N ALA D 101 -30.34 16.79 -8.23
CA ALA D 101 -30.58 16.28 -6.88
C ALA D 101 -31.37 17.24 -6.00
N ALA D 102 -31.14 18.54 -6.18
CA ALA D 102 -31.83 19.57 -5.43
C ALA D 102 -33.22 19.88 -6.02
N ALA D 103 -33.60 19.13 -7.06
CA ALA D 103 -34.88 19.29 -7.72
C ALA D 103 -35.05 18.26 -8.85
P PO3 E . -4.75 5.43 -7.20
O1 PO3 E . -4.14 6.20 -6.05
O2 PO3 E . -5.22 4.01 -6.99
O3 PO3 E . -4.71 6.00 -8.60
N ALA A 1 0.74 7.29 -18.60
CA ALA A 1 0.24 7.59 -19.96
C ALA A 1 -1.09 6.86 -20.17
N GLU A 2 -1.77 7.18 -21.26
CA GLU A 2 -3.08 6.58 -21.60
C GLU A 2 -3.28 5.20 -20.95
N GLU A 3 -2.80 4.17 -21.63
CA GLU A 3 -2.95 2.80 -21.13
C GLU A 3 -2.16 2.60 -19.84
N LEU A 4 -0.84 2.78 -19.91
CA LEU A 4 0.01 2.60 -18.74
C LEU A 4 -0.63 3.20 -17.48
N GLU A 5 -1.21 4.38 -17.61
CA GLU A 5 -1.84 5.05 -16.47
C GLU A 5 -3.12 4.34 -16.08
N GLU A 6 -3.94 4.01 -17.07
CA GLU A 6 -5.19 3.30 -16.82
C GLU A 6 -4.88 1.88 -16.34
N VAL A 7 -3.80 1.31 -16.88
CA VAL A 7 -3.37 -0.03 -16.50
C VAL A 7 -2.93 -0.05 -15.03
N VAL A 8 -2.20 0.99 -14.63
CA VAL A 8 -1.73 1.10 -13.25
C VAL A 8 -2.95 1.16 -12.33
N MET A 9 -3.95 1.96 -12.70
CA MET A 9 -5.17 2.06 -11.90
C MET A 9 -5.77 0.67 -11.73
N GLY A 10 -5.81 -0.09 -12.82
CA GLY A 10 -6.34 -1.45 -12.77
C GLY A 10 -5.49 -2.31 -11.83
N LEU A 11 -4.17 -2.17 -11.95
CA LEU A 11 -3.26 -2.93 -11.10
C LEU A 11 -3.45 -2.56 -9.64
N ILE A 12 -3.57 -1.27 -9.37
CA ILE A 12 -3.76 -0.80 -8.00
C ILE A 12 -5.06 -1.36 -7.46
N ILE A 13 -6.11 -1.29 -8.26
CA ILE A 13 -7.40 -1.82 -7.85
C ILE A 13 -7.30 -3.33 -7.65
N ASN A 14 -6.65 -4.01 -8.60
CA ASN A 14 -6.47 -5.45 -8.53
C ASN A 14 -5.71 -5.82 -7.26
N SER A 15 -4.61 -5.11 -7.03
CA SER A 15 -3.81 -5.35 -5.83
C SER A 15 -4.65 -5.14 -4.57
N GLY A 16 -5.44 -4.06 -4.60
CA GLY A 16 -6.32 -3.75 -3.47
C GLY A 16 -7.35 -4.86 -3.26
N GLN A 17 -7.95 -5.32 -4.36
CA GLN A 17 -8.94 -6.40 -4.27
C GLN A 17 -8.27 -7.65 -3.72
N ALA A 18 -7.05 -7.92 -4.18
CA ALA A 18 -6.31 -9.09 -3.72
C ALA A 18 -6.15 -9.04 -2.21
N ARG A 19 -5.70 -7.91 -1.69
CA ARG A 19 -5.55 -7.77 -0.25
C ARG A 19 -6.90 -7.95 0.43
N SER A 20 -7.91 -7.28 -0.11
CA SER A 20 -9.25 -7.36 0.44
C SER A 20 -9.68 -8.83 0.57
N LEU A 21 -9.47 -9.59 -0.49
CA LEU A 21 -9.81 -11.01 -0.48
C LEU A 21 -8.97 -11.74 0.58
N ALA A 22 -7.69 -11.40 0.63
CA ALA A 22 -6.79 -12.03 1.60
C ALA A 22 -7.30 -11.80 3.03
N TYR A 23 -7.59 -10.55 3.38
CA TYR A 23 -8.10 -10.25 4.72
C TYR A 23 -9.41 -11.00 4.93
N ALA A 24 -10.25 -11.03 3.90
CA ALA A 24 -11.51 -11.73 3.99
C ALA A 24 -11.24 -13.22 4.25
N ALA A 25 -10.23 -13.75 3.56
CA ALA A 25 -9.84 -15.14 3.75
C ALA A 25 -9.48 -15.38 5.21
N LEU A 26 -8.72 -14.46 5.78
CA LEU A 26 -8.32 -14.57 7.18
C LEU A 26 -9.56 -14.55 8.07
N LYS A 27 -10.48 -13.64 7.77
CA LYS A 27 -11.71 -13.53 8.54
C LYS A 27 -12.45 -14.87 8.56
N GLN A 28 -12.48 -15.54 7.41
CA GLN A 28 -13.15 -16.84 7.31
C GLN A 28 -12.48 -17.81 8.28
N ALA A 29 -11.15 -17.75 8.35
CA ALA A 29 -10.39 -18.62 9.24
C ALA A 29 -10.80 -18.38 10.69
N LYS A 30 -10.95 -17.12 11.05
CA LYS A 30 -11.36 -16.77 12.41
C LYS A 30 -12.72 -17.37 12.73
N GLN A 31 -13.58 -17.50 11.72
CA GLN A 31 -14.89 -18.08 11.93
C GLN A 31 -14.80 -19.60 11.96
N GLY A 32 -13.60 -20.12 11.77
CA GLY A 32 -13.37 -21.56 11.81
C GLY A 32 -13.71 -22.21 10.47
N ASP A 33 -13.83 -21.40 9.43
CA ASP A 33 -14.15 -21.90 8.09
C ASP A 33 -12.88 -22.06 7.26
N PHE A 34 -12.18 -23.18 7.47
CA PHE A 34 -10.93 -23.42 6.73
C PHE A 34 -11.18 -23.60 5.24
N ALA A 35 -12.31 -24.21 4.89
CA ALA A 35 -12.63 -24.46 3.49
C ALA A 35 -12.77 -23.14 2.72
N ALA A 36 -13.56 -22.23 3.26
CA ALA A 36 -13.76 -20.95 2.60
C ALA A 36 -12.46 -20.14 2.60
N ALA A 37 -11.70 -20.23 3.68
CA ALA A 37 -10.43 -19.52 3.75
C ALA A 37 -9.52 -19.99 2.60
N LYS A 38 -9.36 -21.30 2.49
CA LYS A 38 -8.53 -21.90 1.45
C LYS A 38 -8.96 -21.42 0.06
N ALA A 39 -10.26 -21.45 -0.21
CA ALA A 39 -10.77 -21.03 -1.51
C ALA A 39 -10.47 -19.57 -1.79
N MET A 40 -10.61 -18.74 -0.76
CA MET A 40 -10.36 -17.30 -0.90
C MET A 40 -8.88 -17.03 -1.18
N MET A 41 -7.98 -17.76 -0.50
CA MET A 41 -6.55 -17.56 -0.72
C MET A 41 -6.19 -17.92 -2.15
N ASP A 42 -6.77 -19.01 -2.65
CA ASP A 42 -6.47 -19.48 -3.99
C ASP A 42 -6.83 -18.42 -5.02
N GLN A 43 -8.03 -17.87 -4.88
CA GLN A 43 -8.48 -16.82 -5.80
C GLN A 43 -7.61 -15.59 -5.67
N SER A 44 -7.25 -15.24 -4.44
CA SER A 44 -6.40 -14.08 -4.20
C SER A 44 -5.06 -14.28 -4.91
N ARG A 45 -4.49 -15.47 -4.78
CA ARG A 45 -3.22 -15.82 -5.43
C ARG A 45 -3.32 -15.66 -6.95
N MET A 46 -4.40 -16.18 -7.51
CA MET A 46 -4.63 -16.11 -8.95
C MET A 46 -4.72 -14.65 -9.40
N ALA A 47 -5.41 -13.83 -8.62
CA ALA A 47 -5.56 -12.41 -8.94
C ALA A 47 -4.19 -11.74 -9.00
N LEU A 48 -3.35 -12.05 -8.02
CA LEU A 48 -2.00 -11.49 -7.95
C LEU A 48 -1.15 -11.98 -9.12
N ASN A 49 -1.29 -13.26 -9.41
CA ASN A 49 -0.51 -13.87 -10.48
C ASN A 49 -0.77 -13.15 -11.80
N GLU A 50 -2.04 -12.89 -12.07
CA GLU A 50 -2.41 -12.17 -13.29
C GLU A 50 -1.86 -10.75 -13.23
N ALA A 51 -1.97 -10.13 -12.05
CA ALA A 51 -1.47 -8.77 -11.87
C ALA A 51 0.06 -8.75 -12.05
N HIS A 52 0.73 -9.71 -11.44
CA HIS A 52 2.19 -9.81 -11.54
C HIS A 52 2.61 -10.01 -13.00
N LEU A 53 1.86 -10.83 -13.72
CA LEU A 53 2.16 -11.11 -15.12
C LEU A 53 2.11 -9.82 -15.93
N VAL A 54 1.08 -9.02 -15.68
CA VAL A 54 0.94 -7.75 -16.38
C VAL A 54 2.11 -6.84 -16.04
N GLN A 55 2.46 -6.79 -14.76
CA GLN A 55 3.59 -5.96 -14.34
C GLN A 55 4.88 -6.45 -15.01
N THR A 56 5.08 -7.76 -15.08
CA THR A 56 6.28 -8.32 -15.72
C THR A 56 6.46 -7.71 -17.11
N LYS A 57 5.37 -7.66 -17.88
CA LYS A 57 5.43 -7.06 -19.22
C LYS A 57 5.76 -5.59 -19.10
N LEU A 58 5.18 -4.94 -18.10
CA LEU A 58 5.43 -3.52 -17.90
C LEU A 58 6.87 -3.24 -17.48
N ILE A 59 7.58 -4.25 -16.98
CA ILE A 59 8.99 -4.06 -16.60
C ILE A 59 9.93 -4.47 -17.76
N GLU A 60 9.55 -5.49 -18.53
CA GLU A 60 10.37 -5.95 -19.66
C GLU A 60 10.46 -4.88 -20.74
N GLY A 61 9.34 -4.20 -21.01
CA GLY A 61 9.31 -3.17 -22.03
C GLY A 61 9.20 -1.78 -21.42
N ASP A 62 9.80 -1.60 -20.24
CA ASP A 62 9.75 -0.32 -19.54
C ASP A 62 10.49 0.78 -20.32
N ALA A 63 11.17 0.39 -21.40
CA ALA A 63 11.90 1.36 -22.21
C ALA A 63 10.97 2.06 -23.19
N GLY A 64 11.49 3.07 -23.89
CA GLY A 64 10.68 3.81 -24.86
C GLY A 64 10.81 5.32 -24.66
N GLU A 65 10.45 5.80 -23.47
CA GLU A 65 10.53 7.23 -23.19
C GLU A 65 11.97 7.72 -23.18
N GLY A 66 12.86 6.90 -22.64
CA GLY A 66 14.28 7.27 -22.58
C GLY A 66 15.15 6.04 -22.36
N LYS A 67 16.47 6.25 -22.44
CA LYS A 67 17.41 5.15 -22.27
C LYS A 67 17.39 4.63 -20.82
N MET A 68 18.11 5.32 -19.94
CA MET A 68 18.20 4.93 -18.54
C MET A 68 16.88 5.05 -17.79
N LYS A 69 16.13 6.12 -18.08
CA LYS A 69 14.87 6.35 -17.37
C LYS A 69 13.76 5.39 -17.80
N VAL A 70 12.84 5.14 -16.87
CA VAL A 70 11.71 4.23 -17.10
C VAL A 70 10.41 4.88 -16.65
N SER A 71 9.28 4.23 -16.95
CA SER A 71 7.98 4.77 -16.55
C SER A 71 7.94 4.91 -15.03
N LEU A 72 7.54 6.10 -14.57
CA LEU A 72 7.48 6.40 -13.14
C LEU A 72 6.43 5.55 -12.41
N VAL A 73 5.30 5.39 -13.07
CA VAL A 73 4.18 4.62 -12.52
C VAL A 73 4.55 3.16 -12.22
N LEU A 74 5.60 2.69 -12.86
CA LEU A 74 6.02 1.30 -12.65
C LEU A 74 6.19 0.99 -11.18
N VAL A 75 6.62 2.01 -10.44
CA VAL A 75 6.85 1.85 -9.01
C VAL A 75 5.50 1.77 -8.29
N HIS A 76 4.27 2.78 -8.68
CA HIS A 76 2.92 2.78 -8.10
C HIS A 76 2.31 1.39 -8.18
N ALA A 77 2.65 0.68 -9.26
CA ALA A 77 2.17 -0.68 -9.45
C ALA A 77 3.01 -1.67 -8.66
N GLN A 78 4.34 -1.51 -8.72
CA GLN A 78 5.22 -2.43 -8.01
C GLN A 78 5.01 -2.32 -6.50
N LEU A 79 4.96 -1.09 -6.01
CA LEU A 79 4.72 -0.86 -4.59
C LEU A 79 3.44 -1.54 -4.13
N HIS A 80 2.35 -1.32 -4.85
CA HIS A 80 1.08 -1.91 -4.47
C HIS A 80 1.12 -3.44 -4.62
N LEU A 81 1.65 -3.90 -5.74
CA LEU A 81 1.74 -5.34 -5.99
C LEU A 81 2.64 -6.04 -4.98
N MET A 82 3.80 -5.45 -4.70
CA MET A 82 4.74 -6.05 -3.75
C MET A 82 4.11 -6.14 -2.37
N THR A 83 3.46 -5.05 -1.96
CA THR A 83 2.81 -5.00 -0.65
C THR A 83 1.69 -6.04 -0.56
N SER A 84 0.84 -6.07 -1.58
CA SER A 84 -0.29 -7.01 -1.61
C SER A 84 0.20 -8.46 -1.60
N MET A 85 1.16 -8.78 -2.45
CA MET A 85 1.69 -10.14 -2.51
C MET A 85 2.26 -10.57 -1.18
N LEU A 86 3.07 -9.70 -0.59
CA LEU A 86 3.68 -10.00 0.70
C LEU A 86 2.61 -10.19 1.78
N ALA A 87 1.64 -9.28 1.79
CA ALA A 87 0.56 -9.36 2.76
C ALA A 87 -0.15 -10.70 2.67
N ARG A 88 -0.49 -11.10 1.47
CA ARG A 88 -1.18 -12.37 1.27
C ARG A 88 -0.35 -13.55 1.78
N GLU A 89 0.93 -13.57 1.45
CA GLU A 89 1.77 -14.67 1.88
C GLU A 89 1.79 -14.78 3.39
N LEU A 90 1.95 -13.65 4.06
CA LEU A 90 1.96 -13.64 5.51
C LEU A 90 0.58 -14.03 6.05
N ILE A 91 -0.46 -13.51 5.42
CA ILE A 91 -1.82 -13.85 5.84
C ILE A 91 -2.03 -15.35 5.69
N THR A 92 -1.50 -15.92 4.61
CA THR A 92 -1.60 -17.37 4.40
C THR A 92 -0.98 -18.10 5.59
N GLU A 93 0.20 -17.64 6.01
CA GLU A 93 0.88 -18.23 7.16
C GLU A 93 0.02 -18.08 8.40
N LEU A 94 -0.57 -16.89 8.56
CA LEU A 94 -1.43 -16.62 9.72
C LEU A 94 -2.62 -17.59 9.71
N ILE A 95 -3.20 -17.80 8.55
CA ILE A 95 -4.34 -18.73 8.44
C ILE A 95 -3.90 -20.14 8.83
N GLU A 96 -2.72 -20.56 8.36
CA GLU A 96 -2.22 -21.88 8.71
C GLU A 96 -2.08 -22.00 10.22
N LEU A 97 -1.64 -20.91 10.87
CA LEU A 97 -1.51 -20.92 12.32
C LEU A 97 -2.88 -21.12 12.98
N HIS A 98 -3.89 -20.46 12.44
CA HIS A 98 -5.25 -20.62 12.98
C HIS A 98 -5.63 -22.08 12.92
N GLU A 99 -5.25 -22.75 11.84
CA GLU A 99 -5.55 -24.17 11.68
C GLU A 99 -4.81 -24.98 12.74
N LYS A 100 -3.56 -24.62 13.01
CA LYS A 100 -2.79 -25.32 14.02
C LYS A 100 -3.39 -25.06 15.41
N LEU A 101 -3.92 -23.84 15.61
CA LEU A 101 -4.56 -23.49 16.88
C LEU A 101 -5.80 -24.37 17.09
N LYS A 102 -6.02 -25.30 16.15
CA LYS A 102 -7.18 -26.20 16.21
C LYS A 102 -8.43 -25.52 15.71
N ALA A 103 -8.82 -24.42 16.39
CA ALA A 103 -10.03 -23.67 16.04
C ALA A 103 -10.30 -23.65 14.53
N ALA B 1 22.66 3.11 -13.51
CA ALA B 1 23.97 3.34 -14.19
C ALA B 1 24.86 2.13 -13.94
N GLU B 2 26.00 2.08 -14.64
CA GLU B 2 26.95 0.97 -14.53
C GLU B 2 26.86 0.24 -13.18
N GLU B 3 27.57 0.74 -12.19
CA GLU B 3 27.58 0.13 -10.87
C GLU B 3 26.22 0.21 -10.20
N LEU B 4 25.72 1.44 -10.02
CA LEU B 4 24.42 1.61 -9.38
C LEU B 4 23.38 0.61 -9.91
N GLU B 5 23.37 0.41 -11.22
CA GLU B 5 22.42 -0.52 -11.83
C GLU B 5 22.76 -1.95 -11.47
N GLU B 6 24.03 -2.30 -11.57
CA GLU B 6 24.50 -3.63 -11.23
C GLU B 6 24.38 -3.85 -9.73
N VAL B 7 24.60 -2.79 -8.97
CA VAL B 7 24.51 -2.85 -7.52
C VAL B 7 23.05 -3.11 -7.10
N VAL B 8 22.12 -2.44 -7.77
CA VAL B 8 20.69 -2.63 -7.49
C VAL B 8 20.33 -4.08 -7.74
N MET B 9 20.80 -4.63 -8.86
CA MET B 9 20.52 -6.03 -9.18
C MET B 9 21.01 -6.91 -8.03
N GLY B 10 22.21 -6.62 -7.53
CA GLY B 10 22.75 -7.37 -6.41
C GLY B 10 21.86 -7.21 -5.19
N LEU B 11 21.44 -5.98 -4.93
CA LEU B 11 20.56 -5.70 -3.79
C LEU B 11 19.24 -6.44 -3.93
N ILE B 12 18.67 -6.41 -5.13
CA ILE B 12 17.40 -7.09 -5.38
C ILE B 12 17.57 -8.58 -5.14
N ILE B 13 18.66 -9.12 -5.68
CA ILE B 13 18.94 -10.54 -5.50
C ILE B 13 19.17 -10.83 -4.02
N ASN B 14 19.95 -9.98 -3.36
CA ASN B 14 20.24 -10.16 -1.94
C ASN B 14 18.94 -10.10 -1.13
N SER B 15 18.11 -9.11 -1.42
CA SER B 15 16.83 -8.99 -0.74
C SER B 15 15.98 -10.23 -0.97
N GLY B 16 15.99 -10.71 -2.22
CA GLY B 16 15.23 -11.91 -2.57
C GLY B 16 15.76 -13.12 -1.81
N GLN B 17 17.08 -13.25 -1.75
CA GLN B 17 17.68 -14.37 -1.03
C GLN B 17 17.31 -14.28 0.45
N ALA B 18 17.35 -13.06 0.98
CA ALA B 18 17.00 -12.84 2.37
C ALA B 18 15.60 -13.36 2.66
N ARG B 19 14.64 -12.97 1.84
CA ARG B 19 13.27 -13.44 2.02
C ARG B 19 13.24 -14.96 1.90
N SER B 20 13.90 -15.47 0.86
CA SER B 20 13.94 -16.91 0.64
C SER B 20 14.41 -17.63 1.89
N LEU B 21 15.50 -17.13 2.48
CA LEU B 21 16.04 -17.73 3.71
C LEU B 21 15.01 -17.60 4.83
N ALA B 22 14.37 -16.44 4.93
CA ALA B 22 13.37 -16.20 5.97
C ALA B 22 12.24 -17.23 5.85
N TYR B 23 11.67 -17.38 4.65
CA TYR B 23 10.60 -18.36 4.46
C TYR B 23 11.12 -19.75 4.79
N ALA B 24 12.36 -20.04 4.38
CA ALA B 24 12.95 -21.33 4.67
C ALA B 24 13.06 -21.49 6.19
N ALA B 25 13.43 -20.41 6.87
CA ALA B 25 13.53 -20.43 8.33
C ALA B 25 12.18 -20.80 8.92
N LEU B 26 11.12 -20.21 8.39
CA LEU B 26 9.78 -20.50 8.86
C LEU B 26 9.45 -21.97 8.62
N LYS B 27 9.80 -22.46 7.44
CA LYS B 27 9.55 -23.86 7.11
C LYS B 27 10.21 -24.78 8.14
N GLN B 28 11.43 -24.43 8.54
CA GLN B 28 12.13 -25.23 9.56
C GLN B 28 11.31 -25.26 10.84
N ALA B 29 10.74 -24.11 11.19
CA ALA B 29 9.91 -24.02 12.40
C ALA B 29 8.73 -24.97 12.31
N LYS B 30 8.09 -25.01 11.14
CA LYS B 30 6.95 -25.90 10.94
C LYS B 30 7.36 -27.35 11.16
N GLN B 31 8.62 -27.67 10.83
CA GLN B 31 9.10 -29.04 11.01
C GLN B 31 9.46 -29.28 12.48
N GLY B 32 9.32 -28.24 13.29
CA GLY B 32 9.63 -28.35 14.72
C GLY B 32 11.13 -28.18 14.99
N ASP B 33 11.86 -27.66 14.00
CA ASP B 33 13.29 -27.46 14.14
C ASP B 33 13.60 -26.02 14.53
N PHE B 34 13.47 -25.71 15.81
CA PHE B 34 13.73 -24.34 16.29
C PHE B 34 15.18 -23.94 16.10
N ALA B 35 16.09 -24.90 16.27
CA ALA B 35 17.52 -24.60 16.15
C ALA B 35 17.86 -24.12 14.74
N ALA B 36 17.43 -24.87 13.74
CA ALA B 36 17.71 -24.50 12.36
C ALA B 36 16.98 -23.20 12.01
N ALA B 37 15.77 -23.03 12.51
CA ALA B 37 15.03 -21.80 12.24
C ALA B 37 15.82 -20.61 12.74
N LYS B 38 16.23 -20.68 14.02
CA LYS B 38 17.01 -19.60 14.63
C LYS B 38 18.27 -19.27 13.81
N ALA B 39 18.99 -20.29 13.40
CA ALA B 39 20.21 -20.10 12.61
C ALA B 39 19.91 -19.41 11.28
N MET B 40 18.83 -19.82 10.64
CA MET B 40 18.44 -19.26 9.36
C MET B 40 18.05 -17.78 9.51
N MET B 41 17.32 -17.45 10.57
CA MET B 41 16.92 -16.06 10.78
C MET B 41 18.15 -15.17 10.97
N ASP B 42 19.12 -15.68 11.73
CA ASP B 42 20.33 -14.93 12.01
C ASP B 42 21.06 -14.57 10.73
N GLN B 43 21.21 -15.58 9.86
CA GLN B 43 21.88 -15.36 8.59
C GLN B 43 21.08 -14.40 7.72
N SER B 44 19.76 -14.54 7.73
CA SER B 44 18.91 -13.65 6.95
C SER B 44 19.13 -12.20 7.41
N ARG B 45 19.14 -12.00 8.73
CA ARG B 45 19.35 -10.68 9.30
C ARG B 45 20.69 -10.09 8.83
N MET B 46 21.74 -10.90 8.89
CA MET B 46 23.07 -10.45 8.49
C MET B 46 23.05 -10.04 7.02
N ALA B 47 22.37 -10.84 6.20
CA ALA B 47 22.27 -10.53 4.77
C ALA B 47 21.58 -9.19 4.56
N LEU B 48 20.50 -8.97 5.31
CA LEU B 48 19.75 -7.72 5.21
C LEU B 48 20.59 -6.55 5.72
N ASN B 49 21.30 -6.78 6.81
CA ASN B 49 22.13 -5.75 7.40
C ASN B 49 23.18 -5.26 6.40
N GLU B 50 23.83 -6.19 5.73
CA GLU B 50 24.82 -5.83 4.72
C GLU B 50 24.17 -5.10 3.57
N ALA B 51 23.00 -5.58 3.17
CA ALA B 51 22.25 -4.96 2.08
C ALA B 51 21.83 -3.54 2.48
N HIS B 52 21.32 -3.41 3.70
CA HIS B 52 20.88 -2.11 4.21
C HIS B 52 22.06 -1.13 4.27
N LEU B 53 23.22 -1.64 4.69
CA LEU B 53 24.42 -0.80 4.79
C LEU B 53 24.77 -0.23 3.41
N VAL B 54 24.71 -1.09 2.40
CA VAL B 54 25.03 -0.66 1.04
C VAL B 54 24.01 0.40 0.61
N GLN B 55 22.73 0.16 0.90
CA GLN B 55 21.70 1.13 0.53
C GLN B 55 21.96 2.45 1.25
N THR B 56 22.32 2.39 2.54
CA THR B 56 22.60 3.61 3.30
C THR B 56 23.57 4.50 2.53
N LYS B 57 24.65 3.90 2.04
CA LYS B 57 25.62 4.66 1.25
C LYS B 57 24.97 5.20 -0.01
N LEU B 58 24.12 4.39 -0.61
CA LEU B 58 23.44 4.78 -1.84
C LEU B 58 22.45 5.93 -1.59
N ILE B 59 22.02 6.12 -0.32
CA ILE B 59 21.11 7.23 -0.01
C ILE B 59 21.88 8.48 0.45
N GLU B 60 23.00 8.27 1.16
CA GLU B 60 23.81 9.39 1.64
C GLU B 60 24.42 10.17 0.46
N GLY B 61 24.86 9.43 -0.55
CA GLY B 61 25.49 10.05 -1.72
C GLY B 61 24.59 9.96 -2.95
N ASP B 62 23.28 10.02 -2.73
CA ASP B 62 22.32 9.93 -3.82
C ASP B 62 22.41 11.14 -4.77
N ALA B 63 23.21 12.12 -4.40
CA ALA B 63 23.36 13.32 -5.23
C ALA B 63 24.37 13.07 -6.34
N GLY B 64 24.50 14.03 -7.26
CA GLY B 64 25.44 13.90 -8.37
C GLY B 64 24.78 14.23 -9.71
N GLU B 65 23.73 13.48 -10.05
CA GLU B 65 23.03 13.70 -11.32
C GLU B 65 22.34 15.07 -11.33
N GLY B 66 21.76 15.45 -10.20
CA GLY B 66 21.07 16.73 -10.11
C GLY B 66 20.91 17.16 -8.66
N LYS B 67 20.42 18.38 -8.47
CA LYS B 67 20.23 18.92 -7.13
C LYS B 67 19.13 18.16 -6.38
N MET B 68 17.88 18.54 -6.66
CA MET B 68 16.72 17.93 -6.01
C MET B 68 16.52 16.47 -6.40
N LYS B 69 16.75 16.13 -7.66
CA LYS B 69 16.54 14.76 -8.14
C LYS B 69 17.62 13.80 -7.64
N VAL B 70 17.22 12.52 -7.52
CA VAL B 70 18.11 11.47 -7.05
C VAL B 70 18.02 10.24 -7.98
N SER B 71 18.89 9.26 -7.76
CA SER B 71 18.88 8.05 -8.59
C SER B 71 17.52 7.37 -8.49
N LEU B 72 16.93 7.04 -9.64
CA LEU B 72 15.60 6.45 -9.66
C LEU B 72 15.59 5.04 -9.04
N VAL B 73 16.65 4.30 -9.35
CA VAL B 73 16.80 2.93 -8.88
C VAL B 73 16.83 2.84 -7.34
N LEU B 74 17.12 3.95 -6.69
CA LEU B 74 17.19 3.97 -5.23
C LEU B 74 15.90 3.42 -4.63
N VAL B 75 14.79 3.78 -5.25
CA VAL B 75 13.49 3.31 -4.79
C VAL B 75 13.38 1.81 -5.01
N HIS B 76 13.84 1.26 -6.24
CA HIS B 76 13.79 -0.17 -6.53
C HIS B 76 14.48 -0.97 -5.42
N ALA B 77 15.66 -0.50 -5.02
CA ALA B 77 16.40 -1.17 -3.97
C ALA B 77 15.69 -1.01 -2.63
N GLN B 78 15.18 0.20 -2.38
CA GLN B 78 14.49 0.47 -1.12
C GLN B 78 13.22 -0.36 -1.03
N LEU B 79 12.44 -0.39 -2.12
CA LEU B 79 11.22 -1.18 -2.14
C LEU B 79 11.49 -2.65 -1.82
N HIS B 80 12.48 -3.23 -2.48
CA HIS B 80 12.80 -4.62 -2.24
C HIS B 80 13.36 -4.83 -0.84
N LEU B 81 14.27 -3.95 -0.44
CA LEU B 81 14.88 -4.06 0.89
C LEU B 81 13.85 -3.85 2.00
N MET B 82 13.00 -2.85 1.86
CA MET B 82 11.98 -2.57 2.87
C MET B 82 11.02 -3.75 3.01
N THR B 83 10.59 -4.28 1.87
CA THR B 83 9.67 -5.41 1.87
C THR B 83 10.32 -6.64 2.50
N SER B 84 11.55 -6.94 2.10
CA SER B 84 12.26 -8.09 2.64
C SER B 84 12.50 -7.97 4.14
N MET B 85 12.97 -6.81 4.58
CA MET B 85 13.24 -6.60 6.01
C MET B 85 11.96 -6.76 6.83
N LEU B 86 10.89 -6.14 6.36
CA LEU B 86 9.61 -6.21 7.06
C LEU B 86 9.11 -7.65 7.12
N ALA B 87 9.17 -8.33 5.98
CA ALA B 87 8.72 -9.71 5.90
C ALA B 87 9.49 -10.58 6.88
N ARG B 88 10.79 -10.44 6.86
CA ARG B 88 11.65 -11.22 7.75
C ARG B 88 11.28 -10.97 9.21
N GLU B 89 11.08 -9.70 9.59
CA GLU B 89 10.75 -9.38 10.97
C GLU B 89 9.43 -10.05 11.37
N LEU B 90 8.44 -9.96 10.50
CA LEU B 90 7.14 -10.56 10.78
C LEU B 90 7.28 -12.08 10.84
N ILE B 91 8.06 -12.63 9.92
CA ILE B 91 8.30 -14.07 9.91
C ILE B 91 8.95 -14.49 11.23
N THR B 92 9.86 -13.66 11.73
CA THR B 92 10.50 -13.96 13.02
C THR B 92 9.43 -14.07 14.09
N GLU B 93 8.49 -13.13 14.09
CA GLU B 93 7.40 -13.15 15.06
C GLU B 93 6.58 -14.43 14.88
N LEU B 94 6.30 -14.77 13.62
CA LEU B 94 5.54 -15.99 13.33
C LEU B 94 6.27 -17.21 13.87
N ILE B 95 7.59 -17.26 13.68
CA ILE B 95 8.36 -18.38 14.19
C ILE B 95 8.28 -18.46 15.71
N GLU B 96 8.36 -17.30 16.37
CA GLU B 96 8.25 -17.27 17.83
C GLU B 96 6.90 -17.85 18.25
N LEU B 97 5.86 -17.54 17.49
CA LEU B 97 4.52 -18.05 17.79
C LEU B 97 4.52 -19.58 17.69
N HIS B 98 5.19 -20.10 16.66
CA HIS B 98 5.27 -21.55 16.50
C HIS B 98 5.89 -22.17 17.75
N GLU B 99 6.90 -21.48 18.28
CA GLU B 99 7.55 -21.95 19.50
C GLU B 99 6.58 -21.94 20.66
N LYS B 100 5.77 -20.88 20.77
CA LYS B 100 4.79 -20.80 21.84
C LYS B 100 3.72 -21.88 21.65
N LEU B 101 3.39 -22.19 20.39
CA LEU B 101 2.42 -23.25 20.11
C LEU B 101 2.96 -24.60 20.58
N LYS B 102 4.13 -24.57 21.21
CA LYS B 102 4.77 -25.78 21.72
C LYS B 102 5.49 -26.51 20.59
N ALA B 103 4.71 -26.92 19.58
CA ALA B 103 5.25 -27.67 18.43
C ALA B 103 6.64 -27.19 18.04
N ALA C 1 11.12 19.25 -2.05
CA ALA C 1 11.16 20.74 -1.98
C ALA C 1 10.96 21.17 -0.54
N GLU C 2 11.18 22.45 -0.27
CA GLU C 2 11.04 23.02 1.08
C GLU C 2 10.10 22.22 1.98
N GLU C 3 8.81 22.51 1.89
CA GLU C 3 7.83 21.81 2.71
C GLU C 3 7.73 20.34 2.34
N LEU C 4 7.37 20.07 1.08
CA LEU C 4 7.24 18.68 0.63
C LEU C 4 8.38 17.80 1.16
N GLU C 5 9.60 18.32 1.11
CA GLU C 5 10.76 17.57 1.58
C GLU C 5 10.74 17.43 3.10
N GLU C 6 10.47 18.53 3.78
CA GLU C 6 10.41 18.52 5.24
C GLU C 6 9.19 17.70 5.68
N VAL C 7 8.12 17.78 4.89
CA VAL C 7 6.90 17.04 5.17
C VAL C 7 7.17 15.53 5.06
N VAL C 8 7.92 15.14 4.03
CA VAL C 8 8.27 13.74 3.83
C VAL C 8 9.06 13.24 5.04
N MET C 9 10.02 14.04 5.50
CA MET C 9 10.80 13.67 6.66
C MET C 9 9.87 13.40 7.84
N GLY C 10 8.88 14.29 8.01
CA GLY C 10 7.91 14.13 9.08
C GLY C 10 7.12 12.84 8.88
N LEU C 11 6.71 12.59 7.65
CA LEU C 11 5.94 11.37 7.33
C LEU C 11 6.79 10.14 7.59
N ILE C 12 8.05 10.18 7.18
CA ILE C 12 8.94 9.04 7.37
C ILE C 12 9.11 8.78 8.87
N ILE C 13 9.32 9.87 9.61
CA ILE C 13 9.47 9.76 11.06
C ILE C 13 8.16 9.23 11.66
N ASN C 14 7.05 9.81 11.22
CA ASN C 14 5.73 9.40 11.72
C ASN C 14 5.50 7.92 11.43
N SER C 15 5.79 7.51 10.19
CA SER C 15 5.63 6.11 9.81
C SER C 15 6.52 5.24 10.68
N GLY C 16 7.76 5.70 10.90
CA GLY C 16 8.70 4.95 11.73
C GLY C 16 8.18 4.84 13.16
N GLN C 17 7.67 5.95 13.70
CA GLN C 17 7.13 5.92 15.06
C GLN C 17 5.95 4.97 15.12
N ALA C 18 5.12 5.01 14.08
CA ALA C 18 3.96 4.14 14.02
C ALA C 18 4.38 2.67 14.15
N ARG C 19 5.36 2.27 13.33
CA ARG C 19 5.84 0.91 13.40
C ARG C 19 6.41 0.63 14.79
N SER C 20 7.21 1.57 15.28
CA SER C 20 7.81 1.41 16.60
C SER C 20 6.73 1.13 17.65
N LEU C 21 5.66 1.92 17.61
CA LEU C 21 4.56 1.74 18.54
C LEU C 21 3.92 0.37 18.33
N ALA C 22 3.73 0.00 17.06
CA ALA C 22 3.13 -1.29 16.73
C ALA C 22 3.96 -2.44 17.33
N TYR C 23 5.27 -2.43 17.07
CA TYR C 23 6.14 -3.47 17.64
C TYR C 23 6.05 -3.45 19.16
N ALA C 24 6.03 -2.24 19.72
CA ALA C 24 5.92 -2.11 21.17
C ALA C 24 4.59 -2.72 21.62
N ALA C 25 3.54 -2.47 20.85
CA ALA C 25 2.23 -3.03 21.16
C ALA C 25 2.31 -4.55 21.21
N LEU C 26 3.01 -5.12 20.24
CA LEU C 26 3.19 -6.57 20.18
C LEU C 26 3.95 -7.05 21.42
N LYS C 27 4.99 -6.31 21.77
CA LYS C 27 5.79 -6.66 22.94
C LYS C 27 4.90 -6.72 24.19
N GLN C 28 3.99 -5.77 24.31
CA GLN C 28 3.06 -5.75 25.44
C GLN C 28 2.26 -7.04 25.47
N ALA C 29 1.82 -7.47 24.27
CA ALA C 29 1.05 -8.70 24.16
C ALA C 29 1.85 -9.89 24.67
N LYS C 30 3.13 -9.94 24.30
CA LYS C 30 3.99 -11.02 24.76
C LYS C 30 4.07 -11.06 26.28
N GLN C 31 3.98 -9.88 26.90
CA GLN C 31 4.04 -9.80 28.36
C GLN C 31 2.67 -10.17 28.96
N GLY C 32 1.71 -10.44 28.08
CA GLY C 32 0.36 -10.83 28.53
C GLY C 32 -0.47 -9.60 28.89
N ASP C 33 -0.04 -8.43 28.44
CA ASP C 33 -0.76 -7.18 28.70
C ASP C 33 -1.63 -6.80 27.51
N PHE C 34 -2.80 -7.41 27.42
CA PHE C 34 -3.71 -7.14 26.31
C PHE C 34 -4.22 -5.70 26.34
N ALA C 35 -4.43 -5.17 27.54
CA ALA C 35 -4.94 -3.81 27.68
C ALA C 35 -3.97 -2.79 27.08
N ALA C 36 -2.71 -2.89 27.47
CA ALA C 36 -1.71 -1.96 26.96
C ALA C 36 -1.50 -2.17 25.47
N ALA C 37 -1.55 -3.42 25.02
CA ALA C 37 -1.38 -3.71 23.60
C ALA C 37 -2.48 -3.00 22.81
N LYS C 38 -3.72 -3.21 23.22
CA LYS C 38 -4.87 -2.59 22.57
C LYS C 38 -4.72 -1.07 22.49
N ALA C 39 -4.32 -0.45 23.61
CA ALA C 39 -4.16 1.00 23.65
C ALA C 39 -3.06 1.46 22.68
N MET C 40 -1.96 0.72 22.64
CA MET C 40 -0.85 1.06 21.77
C MET C 40 -1.25 0.92 20.30
N MET C 41 -2.03 -0.11 19.99
CA MET C 41 -2.48 -0.31 18.61
C MET C 41 -3.35 0.85 18.16
N ASP C 42 -4.25 1.28 19.04
CA ASP C 42 -5.17 2.36 18.72
C ASP C 42 -4.41 3.63 18.38
N GLN C 43 -3.42 3.97 19.21
CA GLN C 43 -2.61 5.16 18.97
C GLN C 43 -1.83 5.03 17.67
N SER C 44 -1.30 3.85 17.42
CA SER C 44 -0.55 3.60 16.19
C SER C 44 -1.44 3.87 14.98
N ARG C 45 -2.67 3.32 15.03
CA ARG C 45 -3.64 3.50 13.96
C ARG C 45 -3.93 4.99 13.72
N MET C 46 -4.14 5.72 14.81
CA MET C 46 -4.43 7.15 14.72
C MET C 46 -3.26 7.89 14.08
N ALA C 47 -2.04 7.51 14.47
CA ALA C 47 -0.84 8.14 13.91
C ALA C 47 -0.78 7.91 12.40
N LEU C 48 -1.08 6.68 11.98
CA LEU C 48 -1.07 6.33 10.57
C LEU C 48 -2.17 7.06 9.82
N ASN C 49 -3.34 7.15 10.45
CA ASN C 49 -4.48 7.81 9.84
C ASN C 49 -4.14 9.27 9.52
N GLU C 50 -3.51 9.95 10.47
CA GLU C 50 -3.11 11.33 10.26
C GLU C 50 -2.06 11.41 9.16
N ALA C 51 -1.13 10.47 9.19
CA ALA C 51 -0.07 10.43 8.18
C ALA C 51 -0.67 10.15 6.80
N HIS C 52 -1.58 9.19 6.74
CA HIS C 52 -2.25 8.85 5.48
C HIS C 52 -3.02 10.05 4.94
N LEU C 53 -3.69 10.78 5.83
CA LEU C 53 -4.47 11.95 5.43
C LEU C 53 -3.56 12.98 4.76
N VAL C 54 -2.39 13.20 5.35
CA VAL C 54 -1.45 14.16 4.80
C VAL C 54 -0.99 13.67 3.43
N GLN C 55 -0.69 12.38 3.32
CA GLN C 55 -0.26 11.82 2.04
C GLN C 55 -1.38 11.99 1.00
N THR C 56 -2.62 11.74 1.41
CA THR C 56 -3.76 11.88 0.48
C THR C 56 -3.70 13.25 -0.19
N LYS C 57 -3.50 14.29 0.60
CA LYS C 57 -3.40 15.64 0.05
C LYS C 57 -2.20 15.73 -0.88
N LEU C 58 -1.11 15.09 -0.49
CA LEU C 58 0.10 15.11 -1.29
C LEU C 58 -0.08 14.35 -2.61
N ILE C 59 -1.09 13.47 -2.70
CA ILE C 59 -1.33 12.76 -3.95
C ILE C 59 -2.40 13.48 -4.79
N GLU C 60 -3.38 14.10 -4.14
CA GLU C 60 -4.43 14.83 -4.87
C GLU C 60 -3.85 16.03 -5.60
N GLY C 61 -2.89 16.71 -4.98
CA GLY C 61 -2.28 17.89 -5.57
C GLY C 61 -0.83 17.62 -5.97
N ASP C 62 -0.56 16.41 -6.41
CA ASP C 62 0.79 16.03 -6.80
C ASP C 62 1.22 16.75 -8.06
N ALA C 63 0.31 17.49 -8.68
CA ALA C 63 0.63 18.24 -9.90
C ALA C 63 1.30 19.56 -9.56
N GLY C 64 1.78 20.26 -10.59
CA GLY C 64 2.43 21.56 -10.39
C GLY C 64 3.77 21.63 -11.13
N GLU C 65 4.69 20.71 -10.81
CA GLU C 65 5.99 20.70 -11.45
C GLU C 65 5.87 20.38 -12.94
N GLY C 66 4.99 19.45 -13.27
CA GLY C 66 4.80 19.05 -14.66
C GLY C 66 3.45 18.36 -14.86
N LYS C 67 3.12 18.09 -16.11
CA LYS C 67 1.85 17.44 -16.43
C LYS C 67 1.83 16.00 -15.92
N MET C 68 2.44 15.10 -16.70
CA MET C 68 2.48 13.68 -16.36
C MET C 68 3.31 13.38 -15.12
N LYS C 69 4.45 14.07 -14.97
CA LYS C 69 5.34 13.83 -13.84
C LYS C 69 4.79 14.36 -12.52
N VAL C 70 5.20 13.71 -11.43
CA VAL C 70 4.76 14.07 -10.08
C VAL C 70 5.96 14.16 -9.13
N SER C 71 5.72 14.64 -7.91
CA SER C 71 6.80 14.75 -6.93
C SER C 71 7.42 13.38 -6.68
N LEU C 72 8.74 13.30 -6.77
CA LEU C 72 9.45 12.03 -6.61
C LEU C 72 9.31 11.48 -5.19
N VAL C 73 9.40 12.39 -4.22
CA VAL C 73 9.33 12.04 -2.80
C VAL C 73 8.00 11.37 -2.44
N LEU C 74 6.99 11.57 -3.26
CA LEU C 74 5.67 10.98 -3.00
C LEU C 74 5.79 9.49 -2.76
N VAL C 75 6.65 8.86 -3.55
CA VAL C 75 6.87 7.43 -3.43
C VAL C 75 7.54 7.12 -2.09
N HIS C 76 8.61 7.94 -1.66
CA HIS C 76 9.29 7.73 -0.39
C HIS C 76 8.29 7.69 0.76
N ALA C 77 7.37 8.65 0.76
CA ALA C 77 6.35 8.70 1.79
C ALA C 77 5.39 7.53 1.66
N GLN C 78 5.02 7.21 0.42
CA GLN C 78 4.10 6.10 0.17
C GLN C 78 4.74 4.78 0.59
N LEU C 79 5.99 4.58 0.19
CA LEU C 79 6.71 3.36 0.55
C LEU C 79 6.75 3.17 2.06
N HIS C 80 7.13 4.21 2.79
CA HIS C 80 7.20 4.12 4.24
C HIS C 80 5.81 3.94 4.85
N LEU C 81 4.87 4.73 4.38
CA LEU C 81 3.50 4.67 4.89
C LEU C 81 2.85 3.31 4.59
N MET C 82 3.01 2.84 3.37
CA MET C 82 2.42 1.55 2.98
C MET C 82 3.01 0.42 3.82
N THR C 83 4.32 0.45 3.99
CA THR C 83 5.00 -0.58 4.76
C THR C 83 4.54 -0.55 6.22
N SER C 84 4.53 0.64 6.80
CA SER C 84 4.12 0.80 8.20
C SER C 84 2.67 0.37 8.42
N MET C 85 1.76 0.84 7.56
CA MET C 85 0.35 0.48 7.70
C MET C 85 0.16 -1.04 7.61
N LEU C 86 0.80 -1.65 6.63
CA LEU C 86 0.70 -3.09 6.43
C LEU C 86 1.24 -3.83 7.65
N ALA C 87 2.42 -3.42 8.10
CA ALA C 87 3.05 -4.04 9.25
C ALA C 87 2.13 -3.96 10.47
N ARG C 88 1.61 -2.77 10.71
CA ARG C 88 0.74 -2.55 11.84
C ARG C 88 -0.50 -3.47 11.77
N GLU C 89 -1.11 -3.56 10.59
CA GLU C 89 -2.29 -4.42 10.44
C GLU C 89 -1.95 -5.88 10.74
N LEU C 90 -0.82 -6.35 10.20
CA LEU C 90 -0.40 -7.72 10.44
C LEU C 90 -0.07 -7.92 11.91
N ILE C 91 0.60 -6.95 12.49
CA ILE C 91 0.95 -7.02 13.90
C ILE C 91 -0.33 -7.12 14.73
N THR C 92 -1.36 -6.39 14.32
CA THR C 92 -2.64 -6.46 15.02
C THR C 92 -3.15 -7.89 14.99
N GLU C 93 -3.06 -8.53 13.83
CA GLU C 93 -3.50 -9.92 13.70
C GLU C 93 -2.66 -10.82 14.62
N LEU C 94 -1.36 -10.56 14.63
CA LEU C 94 -0.45 -11.34 15.47
C LEU C 94 -0.84 -11.20 16.94
N ILE C 95 -1.16 -9.98 17.35
CA ILE C 95 -1.57 -9.73 18.73
C ILE C 95 -2.86 -10.51 19.05
N GLU C 96 -3.80 -10.48 18.12
CA GLU C 96 -5.05 -11.21 18.31
C GLU C 96 -4.75 -12.70 18.53
N LEU C 97 -3.78 -13.21 17.77
CA LEU C 97 -3.39 -14.61 17.91
C LEU C 97 -2.85 -14.87 19.32
N HIS C 98 -2.05 -13.94 19.83
CA HIS C 98 -1.52 -14.09 21.18
C HIS C 98 -2.68 -14.22 22.16
N GLU C 99 -3.73 -13.44 21.92
CA GLU C 99 -4.90 -13.49 22.78
C GLU C 99 -5.57 -14.87 22.68
N LYS C 100 -5.65 -15.41 21.46
CA LYS C 100 -6.25 -16.72 21.29
C LYS C 100 -5.38 -17.78 21.95
N LEU C 101 -4.05 -17.58 21.91
CA LEU C 101 -3.12 -18.52 22.55
C LEU C 101 -3.37 -18.53 24.06
N LYS C 102 -4.36 -17.76 24.51
CA LYS C 102 -4.70 -17.67 25.93
C LYS C 102 -3.78 -16.68 26.63
N ALA C 103 -2.48 -16.99 26.61
CA ALA C 103 -1.45 -16.16 27.26
C ALA C 103 -1.80 -14.67 27.21
N LYS D 1 -19.97 26.95 -1.17
CA LYS D 1 -19.08 26.05 -1.96
C LYS D 1 -19.44 24.59 -1.78
N LYS D 2 -19.77 23.94 -2.87
CA LYS D 2 -20.15 22.54 -2.84
C LYS D 2 -18.93 21.62 -2.88
N HIS D 3 -19.02 20.49 -2.19
CA HIS D 3 -17.93 19.52 -2.13
C HIS D 3 -18.12 18.37 -3.08
N ILE D 4 -17.20 18.26 -4.03
CA ILE D 4 -17.22 17.18 -4.99
C ILE D 4 -16.07 16.24 -4.61
N TYR D 5 -16.39 15.03 -4.18
CA TYR D 5 -15.38 14.06 -3.78
C TYR D 5 -15.33 12.90 -4.76
N LEU D 6 -14.13 12.60 -5.26
CA LEU D 6 -13.90 11.48 -6.19
C LEU D 6 -13.25 10.35 -5.40
N PHE D 7 -13.55 9.09 -5.75
CA PHE D 7 -12.84 7.97 -5.13
C PHE D 7 -12.16 7.08 -6.18
N CYS D 8 -11.00 6.51 -5.77
CA CYS D 8 -10.21 5.52 -6.51
C CYS D 8 -9.56 4.55 -5.54
N SER D 9 -8.49 3.83 -5.87
CA SER D 9 -7.98 2.94 -4.82
C SER D 9 -7.12 3.70 -3.83
N ALA D 10 -6.09 4.43 -4.31
CA ALA D 10 -5.19 5.15 -3.41
C ALA D 10 -5.47 6.64 -3.47
N GLY D 11 -5.73 7.16 -4.67
CA GLY D 11 -6.01 8.57 -4.86
C GLY D 11 -5.01 9.24 -5.79
N MET D 12 -4.40 8.50 -6.72
CA MET D 12 -3.41 9.13 -7.61
C MET D 12 -3.95 9.32 -9.03
N SER D 13 -4.04 8.26 -9.76
CA SER D 13 -4.50 8.36 -11.15
C SER D 13 -5.72 9.29 -11.28
N THR D 14 -6.46 9.49 -10.18
CA THR D 14 -7.62 10.37 -10.31
C THR D 14 -7.22 11.77 -9.88
N SER D 15 -6.09 11.83 -9.22
CA SER D 15 -5.48 13.09 -8.76
C SER D 15 -5.20 14.03 -9.93
N LEU D 16 -4.82 13.46 -11.06
CA LEU D 16 -4.55 14.26 -12.24
C LEU D 16 -5.88 14.86 -12.76
N LEU D 17 -6.96 14.07 -12.72
CA LEU D 17 -8.28 14.55 -13.14
C LEU D 17 -8.75 15.68 -12.19
N VAL D 18 -8.54 15.48 -10.88
CA VAL D 18 -8.91 16.50 -9.89
C VAL D 18 -8.18 17.83 -10.15
N SER D 19 -6.89 17.79 -10.47
CA SER D 19 -6.17 19.03 -10.74
C SER D 19 -6.73 19.77 -11.98
N LYS D 20 -7.12 19.03 -13.02
CA LYS D 20 -7.71 19.66 -14.20
C LYS D 20 -9.12 20.20 -13.91
N MET D 21 -9.87 19.50 -13.07
CA MET D 21 -11.22 20.00 -12.73
C MET D 21 -11.08 21.31 -11.94
N ARG D 22 -10.13 21.39 -11.02
CA ARG D 22 -9.91 22.60 -10.21
C ARG D 22 -9.56 23.79 -11.12
N ALA D 23 -8.79 23.54 -12.18
CA ALA D 23 -8.39 24.59 -13.11
C ALA D 23 -9.63 25.14 -13.81
N GLN D 24 -10.50 24.24 -14.24
CA GLN D 24 -11.72 24.61 -14.91
C GLN D 24 -12.67 25.35 -14.00
N ALA D 25 -12.80 24.88 -12.77
CA ALA D 25 -13.69 25.53 -11.80
C ALA D 25 -13.24 26.96 -11.55
N GLU D 26 -11.93 27.20 -11.60
CA GLU D 26 -11.39 28.54 -11.36
C GLU D 26 -11.65 29.43 -12.57
N LYS D 27 -11.43 28.88 -13.76
CA LYS D 27 -11.63 29.59 -14.99
C LYS D 27 -13.07 30.10 -15.12
N TYR D 28 -14.05 29.29 -14.72
CA TYR D 28 -15.48 29.69 -14.80
C TYR D 28 -16.13 30.10 -13.49
N GLU D 29 -15.33 30.35 -12.46
CA GLU D 29 -15.81 30.78 -11.15
C GLU D 29 -16.89 29.89 -10.51
N VAL D 30 -16.76 28.58 -10.66
CA VAL D 30 -17.70 27.63 -10.08
C VAL D 30 -17.27 27.48 -8.62
N PRO D 31 -18.19 27.73 -7.67
CA PRO D 31 -17.91 27.64 -6.23
C PRO D 31 -17.93 26.21 -5.68
N VAL D 32 -16.88 25.46 -6.01
CA VAL D 32 -16.75 24.08 -5.57
C VAL D 32 -15.38 23.76 -5.01
N ILE D 33 -15.35 22.75 -4.14
CA ILE D 33 -14.13 22.22 -3.55
C ILE D 33 -14.09 20.77 -4.09
N ILE D 34 -12.98 20.40 -4.71
CA ILE D 34 -12.79 19.07 -5.32
C ILE D 34 -11.61 18.31 -4.66
N GLU D 35 -11.86 17.09 -4.18
CA GLU D 35 -10.83 16.27 -3.52
C GLU D 35 -10.93 14.82 -4.00
N ALA D 36 -9.78 14.14 -4.09
CA ALA D 36 -9.71 12.73 -4.50
C ALA D 36 -9.34 11.92 -3.25
N PHE D 37 -9.93 10.74 -3.09
CA PHE D 37 -9.64 9.87 -1.95
C PHE D 37 -9.66 8.44 -2.43
N PRO D 38 -9.08 7.53 -1.64
CA PRO D 38 -9.07 6.11 -2.02
C PRO D 38 -10.49 5.61 -1.70
N GLU D 39 -10.91 4.54 -2.35
CA GLU D 39 -12.24 3.96 -2.13
C GLU D 39 -12.51 3.54 -0.69
N THR D 40 -11.46 3.29 0.09
CA THR D 40 -11.63 2.88 1.48
C THR D 40 -12.26 3.95 2.37
N LEU D 41 -12.19 5.21 1.94
CA LEU D 41 -12.77 6.32 2.70
C LEU D 41 -14.15 6.77 2.20
N ALA D 42 -14.74 6.07 1.21
CA ALA D 42 -16.05 6.45 0.63
C ALA D 42 -17.14 6.64 1.68
N GLY D 43 -17.12 5.80 2.71
CA GLY D 43 -18.13 5.91 3.75
C GLY D 43 -17.81 6.98 4.77
N GLU D 44 -16.53 7.16 5.08
CA GLU D 44 -16.15 8.15 6.07
C GLU D 44 -16.16 9.59 5.49
N LYS D 45 -15.52 9.77 4.34
CA LYS D 45 -15.46 11.08 3.70
C LYS D 45 -16.73 11.45 2.92
N GLY D 46 -17.38 10.46 2.32
CA GLY D 46 -18.60 10.70 1.55
C GLY D 46 -19.69 11.43 2.29
N GLN D 47 -19.77 11.23 3.60
CA GLN D 47 -20.79 11.89 4.43
C GLN D 47 -20.74 13.42 4.34
N ASN D 48 -19.59 13.97 3.95
CA ASN D 48 -19.43 15.41 3.87
C ASN D 48 -19.45 15.95 2.45
N ALA D 49 -19.66 15.08 1.48
CA ALA D 49 -19.67 15.54 0.10
C ALA D 49 -21.06 15.97 -0.30
N ASP D 50 -21.11 16.82 -1.31
CA ASP D 50 -22.38 17.25 -1.83
C ASP D 50 -22.73 16.32 -2.99
N VAL D 51 -21.69 15.73 -3.60
CA VAL D 51 -21.88 14.75 -4.67
C VAL D 51 -20.68 13.78 -4.61
N VAL D 52 -20.98 12.49 -4.70
CA VAL D 52 -19.97 11.44 -4.66
C VAL D 52 -19.78 10.85 -6.06
N LEU D 53 -18.55 10.92 -6.57
CA LEU D 53 -18.24 10.38 -7.88
C LEU D 53 -17.30 9.18 -7.73
N LEU D 54 -17.60 8.08 -8.42
CA LEU D 54 -16.75 6.88 -8.36
C LEU D 54 -15.96 6.73 -9.63
N GLY D 55 -14.69 6.35 -9.51
CA GLY D 55 -13.84 6.18 -10.68
C GLY D 55 -14.39 5.02 -11.49
N PRO D 56 -14.13 4.94 -12.76
CA PRO D 56 -14.66 3.84 -13.62
C PRO D 56 -14.24 2.42 -13.18
N GLN D 57 -13.07 2.31 -12.54
CA GLN D 57 -12.57 1.02 -12.08
C GLN D 57 -13.39 0.49 -10.90
N ILE D 58 -14.04 1.38 -10.15
CA ILE D 58 -14.82 0.94 -9.01
C ILE D 58 -16.34 1.02 -9.23
N ALA D 59 -16.75 0.99 -10.49
CA ALA D 59 -18.17 1.04 -10.83
C ALA D 59 -18.94 -0.11 -10.19
N TYR D 60 -18.34 -1.30 -10.13
CA TYR D 60 -19.04 -2.44 -9.55
C TYR D 60 -19.46 -2.21 -8.09
N MET D 61 -18.84 -1.23 -7.44
CA MET D 61 -19.15 -0.89 -6.05
C MET D 61 -20.33 0.08 -5.87
N LEU D 62 -20.89 0.58 -6.97
CA LEU D 62 -21.99 1.54 -6.90
C LEU D 62 -23.13 1.19 -5.93
N PRO D 63 -23.73 -0.02 -6.05
CA PRO D 63 -24.82 -0.37 -5.12
C PRO D 63 -24.43 -0.30 -3.65
N GLU D 64 -23.22 -0.72 -3.30
CA GLU D 64 -22.77 -0.68 -1.91
C GLU D 64 -22.60 0.74 -1.42
N ILE D 65 -22.02 1.59 -2.25
CA ILE D 65 -21.83 2.99 -1.85
C ILE D 65 -23.16 3.74 -1.71
N GLN D 66 -24.12 3.42 -2.59
CA GLN D 66 -25.46 4.00 -2.52
C GLN D 66 -26.13 3.64 -1.18
N ARG D 67 -26.00 2.39 -0.73
CA ARG D 67 -26.60 1.98 0.55
C ARG D 67 -25.89 2.63 1.74
N LEU D 68 -24.60 2.88 1.59
CA LEU D 68 -23.77 3.49 2.64
C LEU D 68 -24.11 4.97 2.82
N LEU D 69 -24.39 5.65 1.70
CA LEU D 69 -24.73 7.09 1.68
C LEU D 69 -26.11 7.27 1.01
N PRO D 70 -27.20 6.87 1.69
CA PRO D 70 -28.55 6.99 1.13
C PRO D 70 -29.03 8.44 0.93
N ASN D 71 -28.35 9.38 1.56
CA ASN D 71 -28.75 10.79 1.44
C ASN D 71 -27.82 11.63 0.57
N LYS D 72 -27.08 10.99 -0.33
CA LYS D 72 -26.14 11.69 -1.21
C LYS D 72 -26.26 11.20 -2.63
N PRO D 73 -26.13 12.10 -3.63
CA PRO D 73 -26.21 11.62 -5.02
C PRO D 73 -24.85 10.97 -5.27
N VAL D 74 -24.87 9.73 -5.75
CA VAL D 74 -23.64 8.96 -6.02
C VAL D 74 -23.64 8.48 -7.46
N GLU D 75 -22.58 8.72 -8.19
CA GLU D 75 -22.53 8.22 -9.55
C GLU D 75 -21.13 7.95 -10.07
N VAL D 76 -21.06 7.12 -11.10
CA VAL D 76 -19.80 6.72 -11.71
C VAL D 76 -19.40 7.72 -12.78
N ILE D 77 -18.11 8.03 -12.84
CA ILE D 77 -17.58 8.96 -13.83
C ILE D 77 -17.54 8.27 -15.17
N ASP D 78 -17.96 8.97 -16.21
CA ASP D 78 -17.94 8.40 -17.55
C ASP D 78 -16.51 7.95 -17.89
N SER D 79 -16.33 6.69 -18.28
CA SER D 79 -14.99 6.17 -18.58
C SER D 79 -14.18 6.90 -19.65
N LEU D 80 -14.87 7.44 -20.65
CA LEU D 80 -14.19 8.17 -21.73
C LEU D 80 -13.73 9.53 -21.23
N LEU D 81 -14.58 10.18 -20.45
CA LEU D 81 -14.26 11.49 -19.90
C LEU D 81 -13.10 11.33 -18.94
N TYR D 82 -13.10 10.21 -18.22
CA TYR D 82 -12.04 9.90 -17.25
C TYR D 82 -10.71 9.58 -17.95
N GLY D 83 -10.75 8.68 -18.92
CA GLY D 83 -9.54 8.32 -19.64
C GLY D 83 -8.87 9.50 -20.31
N LYS D 84 -9.68 10.37 -20.87
CA LYS D 84 -9.22 11.56 -21.59
C LYS D 84 -8.79 12.70 -20.65
N VAL D 85 -9.07 12.52 -19.35
CA VAL D 85 -8.77 13.52 -18.31
C VAL D 85 -9.47 14.86 -18.61
N ASP D 86 -10.76 14.77 -18.94
CA ASP D 86 -11.57 15.95 -19.28
C ASP D 86 -12.09 16.63 -18.03
N GLY D 87 -11.29 17.56 -17.51
CA GLY D 87 -11.64 18.31 -16.31
C GLY D 87 -12.94 19.07 -16.45
N LEU D 88 -13.16 19.73 -17.60
CA LEU D 88 -14.39 20.49 -17.80
C LEU D 88 -15.63 19.58 -17.87
N GLY D 89 -15.50 18.50 -18.64
CA GLY D 89 -16.59 17.56 -18.81
C GLY D 89 -17.07 16.91 -17.53
N VAL D 90 -16.12 16.49 -16.69
CA VAL D 90 -16.48 15.84 -15.42
C VAL D 90 -17.04 16.88 -14.45
N LEU D 91 -16.47 18.08 -14.49
CA LEU D 91 -16.97 19.15 -13.63
C LEU D 91 -18.46 19.39 -14.00
N LYS D 92 -18.76 19.42 -15.30
CA LYS D 92 -20.15 19.61 -15.75
C LYS D 92 -21.09 18.52 -15.24
N ALA D 93 -20.64 17.27 -15.30
CA ALA D 93 -21.47 16.14 -14.85
C ALA D 93 -21.76 16.21 -13.35
N ALA D 94 -20.78 16.72 -12.60
CA ALA D 94 -20.90 16.82 -11.15
C ALA D 94 -21.90 17.90 -10.75
N VAL D 95 -21.80 19.06 -11.40
CA VAL D 95 -22.72 20.17 -11.13
C VAL D 95 -24.13 19.69 -11.49
N ALA D 96 -24.25 18.98 -12.61
CA ALA D 96 -25.54 18.45 -13.04
C ALA D 96 -26.13 17.51 -11.99
N ALA D 97 -25.33 16.57 -11.49
CA ALA D 97 -25.85 15.64 -10.49
C ALA D 97 -26.36 16.40 -9.26
N ILE D 98 -25.70 17.51 -8.93
CA ILE D 98 -26.12 18.32 -7.78
C ILE D 98 -27.46 19.01 -8.03
N LYS D 99 -27.63 19.58 -9.24
CA LYS D 99 -28.87 20.26 -9.62
C LYS D 99 -30.01 19.26 -9.71
N LYS D 100 -29.80 18.19 -10.45
CA LYS D 100 -30.83 17.18 -10.59
C LYS D 100 -31.20 16.60 -9.22
N ALA D 101 -30.34 16.79 -8.23
CA ALA D 101 -30.58 16.28 -6.88
C ALA D 101 -31.37 17.24 -6.00
N ALA D 102 -31.14 18.54 -6.18
CA ALA D 102 -31.83 19.57 -5.43
C ALA D 102 -33.22 19.88 -6.02
N ALA D 103 -33.60 19.13 -7.06
CA ALA D 103 -34.88 19.29 -7.72
C ALA D 103 -35.05 18.26 -8.85
P PO3 E . -4.71 5.41 -7.11
O1 PO3 E . -5.18 3.98 -6.85
O2 PO3 E . -4.72 5.97 -8.51
O3 PO3 E . -4.05 6.20 -6.00
N ALA A 1 0.74 7.29 -18.60
CA ALA A 1 0.24 7.59 -19.96
C ALA A 1 -1.09 6.86 -20.17
N GLU A 2 -1.77 7.18 -21.26
CA GLU A 2 -3.08 6.58 -21.60
C GLU A 2 -3.28 5.20 -20.95
N GLU A 3 -2.80 4.17 -21.63
CA GLU A 3 -2.95 2.80 -21.13
C GLU A 3 -2.16 2.60 -19.84
N LEU A 4 -0.84 2.78 -19.91
CA LEU A 4 0.01 2.60 -18.74
C LEU A 4 -0.63 3.20 -17.48
N GLU A 5 -1.21 4.38 -17.61
CA GLU A 5 -1.84 5.05 -16.47
C GLU A 5 -3.12 4.34 -16.08
N GLU A 6 -3.94 4.01 -17.07
CA GLU A 6 -5.19 3.30 -16.82
C GLU A 6 -4.88 1.88 -16.34
N VAL A 7 -3.80 1.31 -16.88
CA VAL A 7 -3.37 -0.03 -16.50
C VAL A 7 -2.93 -0.05 -15.03
N VAL A 8 -2.20 0.99 -14.63
CA VAL A 8 -1.73 1.10 -13.25
C VAL A 8 -2.95 1.16 -12.33
N MET A 9 -3.95 1.96 -12.70
CA MET A 9 -5.17 2.06 -11.90
C MET A 9 -5.77 0.67 -11.73
N GLY A 10 -5.81 -0.09 -12.82
CA GLY A 10 -6.34 -1.45 -12.77
C GLY A 10 -5.49 -2.31 -11.83
N LEU A 11 -4.17 -2.17 -11.95
CA LEU A 11 -3.26 -2.93 -11.10
C LEU A 11 -3.45 -2.56 -9.64
N ILE A 12 -3.57 -1.27 -9.37
CA ILE A 12 -3.76 -0.80 -8.00
C ILE A 12 -5.06 -1.36 -7.46
N ILE A 13 -6.11 -1.29 -8.26
CA ILE A 13 -7.40 -1.82 -7.85
C ILE A 13 -7.30 -3.33 -7.65
N ASN A 14 -6.65 -4.01 -8.60
CA ASN A 14 -6.47 -5.45 -8.53
C ASN A 14 -5.71 -5.82 -7.26
N SER A 15 -4.61 -5.11 -7.03
CA SER A 15 -3.81 -5.35 -5.83
C SER A 15 -4.65 -5.14 -4.57
N GLY A 16 -5.44 -4.06 -4.60
CA GLY A 16 -6.32 -3.75 -3.47
C GLY A 16 -7.35 -4.86 -3.26
N GLN A 17 -7.95 -5.32 -4.36
CA GLN A 17 -8.94 -6.40 -4.27
C GLN A 17 -8.27 -7.65 -3.72
N ALA A 18 -7.05 -7.92 -4.18
CA ALA A 18 -6.31 -9.09 -3.72
C ALA A 18 -6.15 -9.04 -2.21
N ARG A 19 -5.70 -7.91 -1.69
CA ARG A 19 -5.55 -7.77 -0.25
C ARG A 19 -6.90 -7.95 0.43
N SER A 20 -7.91 -7.28 -0.11
CA SER A 20 -9.25 -7.36 0.44
C SER A 20 -9.68 -8.83 0.57
N LEU A 21 -9.47 -9.59 -0.49
CA LEU A 21 -9.81 -11.01 -0.48
C LEU A 21 -8.97 -11.74 0.58
N ALA A 22 -7.69 -11.40 0.63
CA ALA A 22 -6.79 -12.03 1.60
C ALA A 22 -7.30 -11.80 3.03
N TYR A 23 -7.59 -10.55 3.38
CA TYR A 23 -8.10 -10.25 4.72
C TYR A 23 -9.41 -11.00 4.93
N ALA A 24 -10.25 -11.03 3.90
CA ALA A 24 -11.51 -11.73 3.99
C ALA A 24 -11.24 -13.22 4.25
N ALA A 25 -10.23 -13.75 3.56
CA ALA A 25 -9.84 -15.14 3.75
C ALA A 25 -9.48 -15.38 5.21
N LEU A 26 -8.72 -14.46 5.78
CA LEU A 26 -8.32 -14.57 7.18
C LEU A 26 -9.56 -14.55 8.07
N LYS A 27 -10.48 -13.64 7.77
CA LYS A 27 -11.71 -13.53 8.54
C LYS A 27 -12.45 -14.87 8.56
N GLN A 28 -12.48 -15.54 7.41
CA GLN A 28 -13.15 -16.84 7.31
C GLN A 28 -12.48 -17.81 8.28
N ALA A 29 -11.15 -17.75 8.35
CA ALA A 29 -10.39 -18.62 9.24
C ALA A 29 -10.80 -18.38 10.69
N LYS A 30 -10.95 -17.12 11.05
CA LYS A 30 -11.36 -16.77 12.41
C LYS A 30 -12.72 -17.37 12.73
N GLN A 31 -13.58 -17.50 11.72
CA GLN A 31 -14.89 -18.08 11.93
C GLN A 31 -14.80 -19.60 11.96
N GLY A 32 -13.60 -20.12 11.77
CA GLY A 32 -13.37 -21.56 11.81
C GLY A 32 -13.71 -22.21 10.47
N ASP A 33 -13.83 -21.40 9.43
CA ASP A 33 -14.15 -21.90 8.09
C ASP A 33 -12.88 -22.06 7.26
N PHE A 34 -12.18 -23.18 7.47
CA PHE A 34 -10.93 -23.42 6.73
C PHE A 34 -11.18 -23.60 5.24
N ALA A 35 -12.31 -24.21 4.89
CA ALA A 35 -12.63 -24.46 3.49
C ALA A 35 -12.77 -23.14 2.72
N ALA A 36 -13.56 -22.23 3.26
CA ALA A 36 -13.76 -20.95 2.60
C ALA A 36 -12.46 -20.14 2.60
N ALA A 37 -11.70 -20.23 3.68
CA ALA A 37 -10.43 -19.52 3.75
C ALA A 37 -9.52 -19.99 2.60
N LYS A 38 -9.36 -21.30 2.49
CA LYS A 38 -8.53 -21.90 1.45
C LYS A 38 -8.96 -21.42 0.06
N ALA A 39 -10.26 -21.45 -0.21
CA ALA A 39 -10.77 -21.03 -1.51
C ALA A 39 -10.47 -19.57 -1.79
N MET A 40 -10.61 -18.74 -0.76
CA MET A 40 -10.36 -17.30 -0.90
C MET A 40 -8.88 -17.03 -1.18
N MET A 41 -7.98 -17.76 -0.50
CA MET A 41 -6.55 -17.56 -0.72
C MET A 41 -6.19 -17.92 -2.15
N ASP A 42 -6.77 -19.01 -2.65
CA ASP A 42 -6.47 -19.48 -3.99
C ASP A 42 -6.83 -18.42 -5.02
N GLN A 43 -8.03 -17.87 -4.88
CA GLN A 43 -8.48 -16.82 -5.80
C GLN A 43 -7.61 -15.59 -5.67
N SER A 44 -7.25 -15.24 -4.44
CA SER A 44 -6.40 -14.08 -4.20
C SER A 44 -5.06 -14.28 -4.91
N ARG A 45 -4.49 -15.47 -4.78
CA ARG A 45 -3.22 -15.82 -5.43
C ARG A 45 -3.32 -15.66 -6.95
N MET A 46 -4.40 -16.18 -7.51
CA MET A 46 -4.63 -16.11 -8.95
C MET A 46 -4.72 -14.65 -9.40
N ALA A 47 -5.41 -13.83 -8.62
CA ALA A 47 -5.56 -12.41 -8.94
C ALA A 47 -4.19 -11.74 -9.00
N LEU A 48 -3.35 -12.05 -8.02
CA LEU A 48 -2.00 -11.49 -7.95
C LEU A 48 -1.15 -11.98 -9.12
N ASN A 49 -1.29 -13.26 -9.41
CA ASN A 49 -0.51 -13.87 -10.48
C ASN A 49 -0.77 -13.15 -11.80
N GLU A 50 -2.04 -12.89 -12.07
CA GLU A 50 -2.41 -12.17 -13.29
C GLU A 50 -1.86 -10.75 -13.23
N ALA A 51 -1.97 -10.13 -12.05
CA ALA A 51 -1.47 -8.77 -11.87
C ALA A 51 0.06 -8.75 -12.05
N HIS A 52 0.73 -9.71 -11.44
CA HIS A 52 2.19 -9.81 -11.54
C HIS A 52 2.61 -10.01 -13.00
N LEU A 53 1.86 -10.83 -13.72
CA LEU A 53 2.16 -11.11 -15.12
C LEU A 53 2.11 -9.82 -15.93
N VAL A 54 1.08 -9.02 -15.68
CA VAL A 54 0.94 -7.75 -16.38
C VAL A 54 2.11 -6.84 -16.04
N GLN A 55 2.46 -6.79 -14.76
CA GLN A 55 3.59 -5.96 -14.34
C GLN A 55 4.88 -6.45 -15.01
N THR A 56 5.08 -7.76 -15.08
CA THR A 56 6.28 -8.32 -15.72
C THR A 56 6.46 -7.71 -17.11
N LYS A 57 5.37 -7.66 -17.88
CA LYS A 57 5.43 -7.06 -19.22
C LYS A 57 5.76 -5.59 -19.10
N LEU A 58 5.18 -4.94 -18.10
CA LEU A 58 5.43 -3.52 -17.90
C LEU A 58 6.87 -3.24 -17.48
N ILE A 59 7.58 -4.25 -16.98
CA ILE A 59 8.99 -4.06 -16.60
C ILE A 59 9.93 -4.47 -17.76
N GLU A 60 9.55 -5.49 -18.53
CA GLU A 60 10.37 -5.95 -19.66
C GLU A 60 10.46 -4.88 -20.74
N GLY A 61 9.34 -4.20 -21.01
CA GLY A 61 9.31 -3.17 -22.03
C GLY A 61 9.20 -1.78 -21.42
N ASP A 62 9.80 -1.60 -20.24
CA ASP A 62 9.75 -0.32 -19.54
C ASP A 62 10.49 0.78 -20.32
N ALA A 63 11.17 0.39 -21.40
CA ALA A 63 11.90 1.36 -22.21
C ALA A 63 10.97 2.06 -23.19
N GLY A 64 11.49 3.07 -23.89
CA GLY A 64 10.68 3.81 -24.86
C GLY A 64 10.81 5.32 -24.66
N GLU A 65 10.45 5.80 -23.47
CA GLU A 65 10.53 7.23 -23.19
C GLU A 65 11.97 7.72 -23.18
N GLY A 66 12.86 6.90 -22.64
CA GLY A 66 14.28 7.27 -22.58
C GLY A 66 15.15 6.04 -22.36
N LYS A 67 16.47 6.25 -22.44
CA LYS A 67 17.41 5.15 -22.27
C LYS A 67 17.39 4.63 -20.82
N MET A 68 18.11 5.32 -19.94
CA MET A 68 18.20 4.93 -18.54
C MET A 68 16.88 5.05 -17.79
N LYS A 69 16.13 6.12 -18.08
CA LYS A 69 14.87 6.35 -17.37
C LYS A 69 13.76 5.39 -17.80
N VAL A 70 12.84 5.14 -16.87
CA VAL A 70 11.71 4.23 -17.10
C VAL A 70 10.41 4.88 -16.65
N SER A 71 9.28 4.23 -16.95
CA SER A 71 7.98 4.77 -16.55
C SER A 71 7.94 4.91 -15.03
N LEU A 72 7.54 6.10 -14.57
CA LEU A 72 7.48 6.40 -13.14
C LEU A 72 6.43 5.55 -12.41
N VAL A 73 5.30 5.39 -13.07
CA VAL A 73 4.18 4.62 -12.52
C VAL A 73 4.55 3.16 -12.22
N LEU A 74 5.63 2.69 -12.79
CA LEU A 74 6.06 1.32 -12.51
C LEU A 74 6.21 1.09 -11.02
N VAL A 75 6.58 2.17 -10.32
CA VAL A 75 6.78 2.11 -8.88
C VAL A 75 5.42 1.96 -8.19
N HIS A 76 4.16 2.92 -8.60
CA HIS A 76 2.79 2.85 -8.04
C HIS A 76 2.26 1.44 -8.14
N ALA A 77 2.63 0.74 -9.23
CA ALA A 77 2.19 -0.63 -9.44
C ALA A 77 3.04 -1.61 -8.64
N GLN A 78 4.37 -1.47 -8.72
CA GLN A 78 5.26 -2.39 -8.03
C GLN A 78 5.02 -2.31 -6.51
N LEU A 79 4.96 -1.09 -6.01
CA LEU A 79 4.72 -0.86 -4.59
C LEU A 79 3.44 -1.54 -4.13
N HIS A 80 2.35 -1.32 -4.85
CA HIS A 80 1.08 -1.91 -4.47
C HIS A 80 1.12 -3.44 -4.62
N LEU A 81 1.65 -3.90 -5.74
CA LEU A 81 1.74 -5.34 -5.99
C LEU A 81 2.64 -6.04 -4.98
N MET A 82 3.80 -5.45 -4.70
CA MET A 82 4.74 -6.05 -3.75
C MET A 82 4.11 -6.14 -2.37
N THR A 83 3.46 -5.05 -1.96
CA THR A 83 2.81 -5.00 -0.65
C THR A 83 1.69 -6.04 -0.56
N SER A 84 0.84 -6.07 -1.58
CA SER A 84 -0.29 -7.01 -1.61
C SER A 84 0.20 -8.46 -1.60
N MET A 85 1.16 -8.78 -2.45
CA MET A 85 1.69 -10.14 -2.51
C MET A 85 2.26 -10.57 -1.18
N LEU A 86 3.07 -9.70 -0.59
CA LEU A 86 3.68 -10.00 0.70
C LEU A 86 2.61 -10.19 1.78
N ALA A 87 1.64 -9.28 1.79
CA ALA A 87 0.56 -9.36 2.76
C ALA A 87 -0.15 -10.70 2.67
N ARG A 88 -0.49 -11.10 1.47
CA ARG A 88 -1.18 -12.37 1.27
C ARG A 88 -0.35 -13.55 1.78
N GLU A 89 0.93 -13.57 1.45
CA GLU A 89 1.77 -14.67 1.88
C GLU A 89 1.79 -14.78 3.39
N LEU A 90 1.95 -13.65 4.06
CA LEU A 90 1.96 -13.64 5.51
C LEU A 90 0.58 -14.03 6.05
N ILE A 91 -0.46 -13.51 5.42
CA ILE A 91 -1.82 -13.85 5.84
C ILE A 91 -2.03 -15.35 5.69
N THR A 92 -1.50 -15.92 4.61
CA THR A 92 -1.60 -17.37 4.40
C THR A 92 -0.98 -18.10 5.59
N GLU A 93 0.20 -17.64 6.01
CA GLU A 93 0.88 -18.23 7.16
C GLU A 93 0.02 -18.08 8.40
N LEU A 94 -0.57 -16.89 8.56
CA LEU A 94 -1.43 -16.62 9.72
C LEU A 94 -2.62 -17.59 9.71
N ILE A 95 -3.20 -17.80 8.55
CA ILE A 95 -4.34 -18.73 8.44
C ILE A 95 -3.90 -20.14 8.83
N GLU A 96 -2.72 -20.56 8.36
CA GLU A 96 -2.22 -21.88 8.71
C GLU A 96 -2.08 -22.00 10.22
N LEU A 97 -1.64 -20.91 10.87
CA LEU A 97 -1.51 -20.92 12.32
C LEU A 97 -2.88 -21.12 12.98
N HIS A 98 -3.89 -20.46 12.44
CA HIS A 98 -5.25 -20.62 12.98
C HIS A 98 -5.63 -22.08 12.92
N GLU A 99 -5.25 -22.75 11.84
CA GLU A 99 -5.55 -24.17 11.68
C GLU A 99 -4.81 -24.98 12.74
N LYS A 100 -3.56 -24.62 13.01
CA LYS A 100 -2.79 -25.32 14.02
C LYS A 100 -3.39 -25.06 15.41
N LEU A 101 -3.92 -23.84 15.61
CA LEU A 101 -4.56 -23.49 16.88
C LEU A 101 -5.80 -24.37 17.09
N LYS A 102 -6.02 -25.30 16.15
CA LYS A 102 -7.18 -26.20 16.21
C LYS A 102 -8.43 -25.52 15.71
N ALA A 103 -8.82 -24.42 16.39
CA ALA A 103 -10.03 -23.67 16.04
C ALA A 103 -10.30 -23.65 14.53
N ALA B 1 22.66 3.11 -13.51
CA ALA B 1 23.97 3.34 -14.19
C ALA B 1 24.86 2.13 -13.94
N GLU B 2 26.00 2.08 -14.64
CA GLU B 2 26.95 0.97 -14.53
C GLU B 2 26.86 0.24 -13.18
N GLU B 3 27.57 0.74 -12.19
CA GLU B 3 27.58 0.13 -10.87
C GLU B 3 26.22 0.21 -10.20
N LEU B 4 25.72 1.44 -10.02
CA LEU B 4 24.42 1.61 -9.38
C LEU B 4 23.38 0.61 -9.91
N GLU B 5 23.37 0.41 -11.22
CA GLU B 5 22.42 -0.52 -11.83
C GLU B 5 22.76 -1.95 -11.47
N GLU B 6 24.03 -2.30 -11.57
CA GLU B 6 24.50 -3.63 -11.23
C GLU B 6 24.38 -3.85 -9.73
N VAL B 7 24.60 -2.79 -8.97
CA VAL B 7 24.51 -2.85 -7.52
C VAL B 7 23.05 -3.11 -7.10
N VAL B 8 22.12 -2.44 -7.77
CA VAL B 8 20.69 -2.63 -7.49
C VAL B 8 20.33 -4.08 -7.74
N MET B 9 20.80 -4.63 -8.86
CA MET B 9 20.52 -6.03 -9.18
C MET B 9 21.01 -6.91 -8.03
N GLY B 10 22.21 -6.62 -7.53
CA GLY B 10 22.75 -7.37 -6.41
C GLY B 10 21.86 -7.21 -5.19
N LEU B 11 21.44 -5.98 -4.93
CA LEU B 11 20.56 -5.70 -3.79
C LEU B 11 19.24 -6.44 -3.93
N ILE B 12 18.67 -6.41 -5.13
CA ILE B 12 17.40 -7.09 -5.38
C ILE B 12 17.57 -8.58 -5.14
N ILE B 13 18.66 -9.12 -5.68
CA ILE B 13 18.94 -10.54 -5.50
C ILE B 13 19.17 -10.83 -4.02
N ASN B 14 19.95 -9.98 -3.36
CA ASN B 14 20.24 -10.16 -1.94
C ASN B 14 18.94 -10.10 -1.13
N SER B 15 18.11 -9.11 -1.42
CA SER B 15 16.83 -8.99 -0.74
C SER B 15 15.98 -10.23 -0.97
N GLY B 16 15.99 -10.71 -2.22
CA GLY B 16 15.23 -11.91 -2.57
C GLY B 16 15.76 -13.12 -1.81
N GLN B 17 17.08 -13.25 -1.75
CA GLN B 17 17.68 -14.37 -1.03
C GLN B 17 17.31 -14.28 0.45
N ALA B 18 17.35 -13.06 0.98
CA ALA B 18 17.00 -12.84 2.37
C ALA B 18 15.60 -13.36 2.66
N ARG B 19 14.64 -12.97 1.84
CA ARG B 19 13.27 -13.44 2.02
C ARG B 19 13.24 -14.96 1.90
N SER B 20 13.90 -15.47 0.86
CA SER B 20 13.94 -16.91 0.64
C SER B 20 14.41 -17.63 1.89
N LEU B 21 15.50 -17.13 2.48
CA LEU B 21 16.04 -17.73 3.71
C LEU B 21 15.01 -17.60 4.83
N ALA B 22 14.37 -16.44 4.93
CA ALA B 22 13.37 -16.20 5.97
C ALA B 22 12.24 -17.23 5.85
N TYR B 23 11.67 -17.38 4.65
CA TYR B 23 10.60 -18.36 4.46
C TYR B 23 11.12 -19.75 4.79
N ALA B 24 12.36 -20.04 4.38
CA ALA B 24 12.95 -21.33 4.67
C ALA B 24 13.06 -21.49 6.19
N ALA B 25 13.43 -20.41 6.87
CA ALA B 25 13.53 -20.43 8.33
C ALA B 25 12.18 -20.80 8.92
N LEU B 26 11.12 -20.21 8.39
CA LEU B 26 9.78 -20.50 8.86
C LEU B 26 9.45 -21.97 8.62
N LYS B 27 9.80 -22.46 7.44
CA LYS B 27 9.55 -23.86 7.11
C LYS B 27 10.21 -24.78 8.14
N GLN B 28 11.43 -24.43 8.54
CA GLN B 28 12.13 -25.23 9.56
C GLN B 28 11.31 -25.26 10.84
N ALA B 29 10.74 -24.11 11.19
CA ALA B 29 9.91 -24.02 12.40
C ALA B 29 8.73 -24.97 12.31
N LYS B 30 8.09 -25.01 11.14
CA LYS B 30 6.95 -25.90 10.94
C LYS B 30 7.36 -27.35 11.16
N GLN B 31 8.62 -27.67 10.83
CA GLN B 31 9.10 -29.04 11.01
C GLN B 31 9.46 -29.28 12.48
N GLY B 32 9.32 -28.24 13.29
CA GLY B 32 9.63 -28.35 14.72
C GLY B 32 11.13 -28.18 14.99
N ASP B 33 11.86 -27.66 14.00
CA ASP B 33 13.29 -27.46 14.14
C ASP B 33 13.60 -26.02 14.53
N PHE B 34 13.47 -25.71 15.81
CA PHE B 34 13.73 -24.34 16.29
C PHE B 34 15.18 -23.94 16.10
N ALA B 35 16.09 -24.90 16.27
CA ALA B 35 17.52 -24.60 16.15
C ALA B 35 17.86 -24.12 14.74
N ALA B 36 17.43 -24.87 13.74
CA ALA B 36 17.71 -24.50 12.36
C ALA B 36 16.98 -23.20 12.01
N ALA B 37 15.77 -23.03 12.51
CA ALA B 37 15.03 -21.80 12.24
C ALA B 37 15.82 -20.61 12.74
N LYS B 38 16.23 -20.68 14.02
CA LYS B 38 17.01 -19.60 14.63
C LYS B 38 18.27 -19.27 13.81
N ALA B 39 18.99 -20.29 13.40
CA ALA B 39 20.21 -20.10 12.61
C ALA B 39 19.91 -19.41 11.28
N MET B 40 18.83 -19.82 10.64
CA MET B 40 18.44 -19.26 9.36
C MET B 40 18.05 -17.78 9.51
N MET B 41 17.32 -17.45 10.57
CA MET B 41 16.92 -16.06 10.78
C MET B 41 18.15 -15.17 10.97
N ASP B 42 19.12 -15.68 11.73
CA ASP B 42 20.33 -14.93 12.01
C ASP B 42 21.06 -14.57 10.73
N GLN B 43 21.21 -15.58 9.86
CA GLN B 43 21.88 -15.36 8.59
C GLN B 43 21.08 -14.40 7.72
N SER B 44 19.76 -14.54 7.73
CA SER B 44 18.91 -13.65 6.95
C SER B 44 19.13 -12.20 7.41
N ARG B 45 19.14 -12.00 8.73
CA ARG B 45 19.35 -10.68 9.30
C ARG B 45 20.69 -10.09 8.83
N MET B 46 21.74 -10.90 8.89
CA MET B 46 23.07 -10.45 8.49
C MET B 46 23.05 -10.04 7.02
N ALA B 47 22.37 -10.84 6.20
CA ALA B 47 22.27 -10.53 4.77
C ALA B 47 21.58 -9.19 4.56
N LEU B 48 20.50 -8.97 5.31
CA LEU B 48 19.75 -7.72 5.21
C LEU B 48 20.59 -6.55 5.72
N ASN B 49 21.30 -6.78 6.81
CA ASN B 49 22.13 -5.75 7.40
C ASN B 49 23.18 -5.26 6.40
N GLU B 50 23.83 -6.19 5.73
CA GLU B 50 24.82 -5.83 4.72
C GLU B 50 24.17 -5.10 3.57
N ALA B 51 23.00 -5.58 3.17
CA ALA B 51 22.25 -4.96 2.08
C ALA B 51 21.83 -3.54 2.48
N HIS B 52 21.32 -3.41 3.70
CA HIS B 52 20.88 -2.11 4.21
C HIS B 52 22.06 -1.13 4.27
N LEU B 53 23.22 -1.64 4.69
CA LEU B 53 24.42 -0.80 4.79
C LEU B 53 24.77 -0.23 3.41
N VAL B 54 24.71 -1.09 2.40
CA VAL B 54 25.03 -0.66 1.04
C VAL B 54 24.01 0.40 0.61
N GLN B 55 22.73 0.16 0.90
CA GLN B 55 21.70 1.13 0.53
C GLN B 55 21.96 2.45 1.25
N THR B 56 22.32 2.39 2.54
CA THR B 56 22.60 3.61 3.30
C THR B 56 23.57 4.50 2.53
N LYS B 57 24.65 3.90 2.04
CA LYS B 57 25.62 4.66 1.25
C LYS B 57 24.97 5.20 -0.01
N LEU B 58 24.12 4.39 -0.61
CA LEU B 58 23.44 4.78 -1.84
C LEU B 58 22.45 5.93 -1.59
N ILE B 59 22.02 6.12 -0.32
CA ILE B 59 21.11 7.23 -0.01
C ILE B 59 21.88 8.48 0.45
N GLU B 60 23.00 8.27 1.16
CA GLU B 60 23.81 9.39 1.64
C GLU B 60 24.42 10.17 0.46
N GLY B 61 24.86 9.43 -0.55
CA GLY B 61 25.49 10.05 -1.72
C GLY B 61 24.59 9.96 -2.95
N ASP B 62 23.28 10.02 -2.73
CA ASP B 62 22.32 9.93 -3.82
C ASP B 62 22.41 11.14 -4.77
N ALA B 63 23.21 12.12 -4.40
CA ALA B 63 23.36 13.32 -5.23
C ALA B 63 24.37 13.07 -6.34
N GLY B 64 24.50 14.03 -7.26
CA GLY B 64 25.44 13.90 -8.37
C GLY B 64 24.78 14.23 -9.71
N GLU B 65 23.73 13.48 -10.05
CA GLU B 65 23.03 13.70 -11.32
C GLU B 65 22.34 15.07 -11.33
N GLY B 66 21.76 15.45 -10.20
CA GLY B 66 21.07 16.73 -10.11
C GLY B 66 20.91 17.16 -8.66
N LYS B 67 20.42 18.38 -8.47
CA LYS B 67 20.23 18.92 -7.13
C LYS B 67 19.13 18.16 -6.38
N MET B 68 17.88 18.54 -6.66
CA MET B 68 16.72 17.93 -6.01
C MET B 68 16.52 16.47 -6.40
N LYS B 69 16.75 16.13 -7.66
CA LYS B 69 16.54 14.76 -8.14
C LYS B 69 17.62 13.80 -7.64
N VAL B 70 17.22 12.52 -7.52
CA VAL B 70 18.11 11.47 -7.05
C VAL B 70 18.02 10.24 -7.98
N SER B 71 18.89 9.26 -7.76
CA SER B 71 18.88 8.05 -8.59
C SER B 71 17.52 7.37 -8.49
N LEU B 72 16.93 7.04 -9.64
CA LEU B 72 15.60 6.45 -9.66
C LEU B 72 15.59 5.04 -9.04
N VAL B 73 16.65 4.30 -9.35
CA VAL B 73 16.80 2.93 -8.88
C VAL B 73 16.83 2.84 -7.34
N LEU B 74 17.06 3.95 -6.67
CA LEU B 74 17.05 3.94 -5.21
C LEU B 74 15.74 3.36 -4.68
N VAL B 75 14.66 3.69 -5.39
CA VAL B 75 13.34 3.22 -5.02
C VAL B 75 13.28 1.70 -5.17
N HIS B 76 13.81 1.09 -6.35
CA HIS B 76 13.80 -0.35 -6.56
C HIS B 76 14.52 -1.06 -5.41
N ALA B 77 15.67 -0.55 -5.02
CA ALA B 77 16.43 -1.15 -3.94
C ALA B 77 15.70 -0.97 -2.60
N GLN B 78 15.17 0.23 -2.38
CA GLN B 78 14.47 0.51 -1.13
C GLN B 78 13.21 -0.35 -1.04
N LEU B 79 12.44 -0.39 -2.12
CA LEU B 79 11.22 -1.18 -2.14
C LEU B 79 11.49 -2.65 -1.82
N HIS B 80 12.48 -3.23 -2.48
CA HIS B 80 12.80 -4.62 -2.24
C HIS B 80 13.36 -4.83 -0.84
N LEU B 81 14.27 -3.95 -0.44
CA LEU B 81 14.88 -4.06 0.89
C LEU B 81 13.85 -3.85 2.00
N MET B 82 13.00 -2.85 1.86
CA MET B 82 11.98 -2.57 2.87
C MET B 82 11.02 -3.75 3.01
N THR B 83 10.59 -4.28 1.87
CA THR B 83 9.67 -5.41 1.87
C THR B 83 10.32 -6.64 2.50
N SER B 84 11.55 -6.94 2.10
CA SER B 84 12.26 -8.09 2.64
C SER B 84 12.50 -7.97 4.14
N MET B 85 12.97 -6.81 4.58
CA MET B 85 13.24 -6.60 6.01
C MET B 85 11.96 -6.76 6.83
N LEU B 86 10.89 -6.14 6.36
CA LEU B 86 9.61 -6.21 7.06
C LEU B 86 9.11 -7.65 7.12
N ALA B 87 9.17 -8.33 5.98
CA ALA B 87 8.72 -9.71 5.90
C ALA B 87 9.49 -10.58 6.88
N ARG B 88 10.79 -10.44 6.86
CA ARG B 88 11.65 -11.22 7.75
C ARG B 88 11.28 -10.97 9.21
N GLU B 89 11.08 -9.70 9.59
CA GLU B 89 10.75 -9.38 10.97
C GLU B 89 9.43 -10.05 11.37
N LEU B 90 8.44 -9.96 10.50
CA LEU B 90 7.14 -10.56 10.78
C LEU B 90 7.28 -12.08 10.84
N ILE B 91 8.06 -12.63 9.92
CA ILE B 91 8.30 -14.07 9.91
C ILE B 91 8.95 -14.49 11.23
N THR B 92 9.86 -13.66 11.73
CA THR B 92 10.50 -13.96 13.02
C THR B 92 9.43 -14.07 14.09
N GLU B 93 8.49 -13.13 14.09
CA GLU B 93 7.40 -13.15 15.06
C GLU B 93 6.58 -14.43 14.88
N LEU B 94 6.30 -14.77 13.62
CA LEU B 94 5.54 -15.99 13.33
C LEU B 94 6.27 -17.21 13.87
N ILE B 95 7.59 -17.26 13.68
CA ILE B 95 8.36 -18.38 14.19
C ILE B 95 8.28 -18.46 15.71
N GLU B 96 8.36 -17.30 16.37
CA GLU B 96 8.25 -17.27 17.83
C GLU B 96 6.90 -17.85 18.25
N LEU B 97 5.86 -17.54 17.49
CA LEU B 97 4.52 -18.05 17.79
C LEU B 97 4.52 -19.58 17.69
N HIS B 98 5.19 -20.10 16.66
CA HIS B 98 5.27 -21.55 16.50
C HIS B 98 5.89 -22.17 17.75
N GLU B 99 6.90 -21.48 18.28
CA GLU B 99 7.55 -21.95 19.50
C GLU B 99 6.58 -21.94 20.66
N LYS B 100 5.77 -20.88 20.77
CA LYS B 100 4.79 -20.80 21.84
C LYS B 100 3.72 -21.88 21.65
N LEU B 101 3.39 -22.19 20.39
CA LEU B 101 2.42 -23.25 20.11
C LEU B 101 2.96 -24.60 20.58
N LYS B 102 4.13 -24.57 21.21
CA LYS B 102 4.77 -25.78 21.72
C LYS B 102 5.49 -26.51 20.59
N ALA B 103 4.71 -26.92 19.58
CA ALA B 103 5.25 -27.67 18.43
C ALA B 103 6.64 -27.19 18.04
N ALA C 1 11.12 19.25 -2.05
CA ALA C 1 11.16 20.74 -1.98
C ALA C 1 10.96 21.17 -0.54
N GLU C 2 11.18 22.45 -0.27
CA GLU C 2 11.04 23.02 1.08
C GLU C 2 10.10 22.22 1.98
N GLU C 3 8.81 22.51 1.89
CA GLU C 3 7.83 21.81 2.71
C GLU C 3 7.73 20.34 2.34
N LEU C 4 7.37 20.07 1.08
CA LEU C 4 7.24 18.68 0.63
C LEU C 4 8.38 17.80 1.16
N GLU C 5 9.60 18.32 1.11
CA GLU C 5 10.76 17.57 1.58
C GLU C 5 10.74 17.43 3.10
N GLU C 6 10.47 18.53 3.78
CA GLU C 6 10.41 18.52 5.24
C GLU C 6 9.19 17.70 5.68
N VAL C 7 8.12 17.78 4.89
CA VAL C 7 6.90 17.04 5.17
C VAL C 7 7.17 15.53 5.06
N VAL C 8 7.92 15.14 4.03
CA VAL C 8 8.27 13.74 3.83
C VAL C 8 9.06 13.24 5.04
N MET C 9 10.02 14.04 5.50
CA MET C 9 10.80 13.67 6.66
C MET C 9 9.87 13.40 7.84
N GLY C 10 8.88 14.29 8.01
CA GLY C 10 7.91 14.13 9.08
C GLY C 10 7.12 12.84 8.88
N LEU C 11 6.71 12.59 7.65
CA LEU C 11 5.94 11.37 7.33
C LEU C 11 6.79 10.14 7.59
N ILE C 12 8.05 10.18 7.18
CA ILE C 12 8.94 9.04 7.37
C ILE C 12 9.11 8.78 8.87
N ILE C 13 9.32 9.87 9.61
CA ILE C 13 9.47 9.76 11.06
C ILE C 13 8.16 9.23 11.66
N ASN C 14 7.05 9.81 11.22
CA ASN C 14 5.73 9.40 11.72
C ASN C 14 5.50 7.92 11.43
N SER C 15 5.79 7.51 10.19
CA SER C 15 5.63 6.11 9.81
C SER C 15 6.52 5.24 10.68
N GLY C 16 7.76 5.70 10.90
CA GLY C 16 8.70 4.95 11.73
C GLY C 16 8.18 4.84 13.16
N GLN C 17 7.67 5.95 13.70
CA GLN C 17 7.13 5.92 15.06
C GLN C 17 5.95 4.97 15.12
N ALA C 18 5.12 5.01 14.08
CA ALA C 18 3.96 4.14 14.02
C ALA C 18 4.38 2.67 14.15
N ARG C 19 5.36 2.27 13.33
CA ARG C 19 5.84 0.91 13.40
C ARG C 19 6.41 0.63 14.79
N SER C 20 7.21 1.57 15.28
CA SER C 20 7.81 1.41 16.60
C SER C 20 6.73 1.13 17.65
N LEU C 21 5.66 1.92 17.61
CA LEU C 21 4.56 1.74 18.54
C LEU C 21 3.92 0.37 18.33
N ALA C 22 3.73 0.00 17.06
CA ALA C 22 3.13 -1.29 16.73
C ALA C 22 3.96 -2.44 17.33
N TYR C 23 5.27 -2.43 17.07
CA TYR C 23 6.14 -3.47 17.64
C TYR C 23 6.05 -3.45 19.16
N ALA C 24 6.03 -2.24 19.72
CA ALA C 24 5.92 -2.11 21.17
C ALA C 24 4.59 -2.72 21.62
N ALA C 25 3.54 -2.47 20.85
CA ALA C 25 2.23 -3.03 21.16
C ALA C 25 2.31 -4.55 21.21
N LEU C 26 3.01 -5.12 20.24
CA LEU C 26 3.19 -6.57 20.18
C LEU C 26 3.95 -7.05 21.42
N LYS C 27 4.99 -6.31 21.77
CA LYS C 27 5.79 -6.66 22.94
C LYS C 27 4.90 -6.72 24.19
N GLN C 28 3.99 -5.77 24.31
CA GLN C 28 3.06 -5.75 25.44
C GLN C 28 2.26 -7.04 25.47
N ALA C 29 1.82 -7.47 24.27
CA ALA C 29 1.05 -8.70 24.16
C ALA C 29 1.85 -9.89 24.67
N LYS C 30 3.13 -9.94 24.30
CA LYS C 30 3.99 -11.02 24.76
C LYS C 30 4.07 -11.06 26.28
N GLN C 31 3.98 -9.88 26.90
CA GLN C 31 4.04 -9.80 28.36
C GLN C 31 2.67 -10.17 28.96
N GLY C 32 1.71 -10.44 28.08
CA GLY C 32 0.36 -10.83 28.53
C GLY C 32 -0.47 -9.60 28.89
N ASP C 33 -0.04 -8.43 28.44
CA ASP C 33 -0.76 -7.18 28.70
C ASP C 33 -1.63 -6.80 27.51
N PHE C 34 -2.80 -7.41 27.42
CA PHE C 34 -3.71 -7.14 26.31
C PHE C 34 -4.22 -5.70 26.34
N ALA C 35 -4.43 -5.17 27.54
CA ALA C 35 -4.94 -3.81 27.68
C ALA C 35 -3.97 -2.79 27.08
N ALA C 36 -2.71 -2.89 27.47
CA ALA C 36 -1.71 -1.96 26.96
C ALA C 36 -1.50 -2.17 25.47
N ALA C 37 -1.55 -3.42 25.02
CA ALA C 37 -1.38 -3.71 23.60
C ALA C 37 -2.48 -3.00 22.81
N LYS C 38 -3.72 -3.21 23.22
CA LYS C 38 -4.87 -2.59 22.57
C LYS C 38 -4.72 -1.07 22.49
N ALA C 39 -4.32 -0.45 23.61
CA ALA C 39 -4.16 1.00 23.65
C ALA C 39 -3.06 1.46 22.68
N MET C 40 -1.96 0.72 22.64
CA MET C 40 -0.85 1.06 21.77
C MET C 40 -1.25 0.92 20.30
N MET C 41 -2.03 -0.11 19.99
CA MET C 41 -2.48 -0.31 18.61
C MET C 41 -3.35 0.85 18.16
N ASP C 42 -4.25 1.28 19.04
CA ASP C 42 -5.17 2.36 18.72
C ASP C 42 -4.41 3.63 18.38
N GLN C 43 -3.42 3.97 19.21
CA GLN C 43 -2.61 5.16 18.97
C GLN C 43 -1.83 5.03 17.67
N SER C 44 -1.30 3.85 17.42
CA SER C 44 -0.55 3.60 16.19
C SER C 44 -1.44 3.87 14.98
N ARG C 45 -2.67 3.32 15.03
CA ARG C 45 -3.64 3.50 13.96
C ARG C 45 -3.93 4.99 13.72
N MET C 46 -4.14 5.72 14.81
CA MET C 46 -4.43 7.15 14.72
C MET C 46 -3.26 7.89 14.08
N ALA C 47 -2.04 7.51 14.47
CA ALA C 47 -0.84 8.14 13.91
C ALA C 47 -0.78 7.91 12.40
N LEU C 48 -1.08 6.68 11.98
CA LEU C 48 -1.07 6.33 10.57
C LEU C 48 -2.17 7.06 9.82
N ASN C 49 -3.34 7.15 10.45
CA ASN C 49 -4.48 7.81 9.84
C ASN C 49 -4.14 9.27 9.52
N GLU C 50 -3.51 9.95 10.47
CA GLU C 50 -3.11 11.33 10.26
C GLU C 50 -2.06 11.41 9.16
N ALA C 51 -1.13 10.47 9.19
CA ALA C 51 -0.07 10.43 8.18
C ALA C 51 -0.67 10.15 6.80
N HIS C 52 -1.58 9.19 6.74
CA HIS C 52 -2.25 8.85 5.48
C HIS C 52 -3.02 10.05 4.94
N LEU C 53 -3.69 10.78 5.83
CA LEU C 53 -4.47 11.95 5.43
C LEU C 53 -3.56 12.98 4.76
N VAL C 54 -2.39 13.20 5.35
CA VAL C 54 -1.45 14.16 4.80
C VAL C 54 -0.99 13.67 3.43
N GLN C 55 -0.69 12.38 3.32
CA GLN C 55 -0.26 11.82 2.04
C GLN C 55 -1.38 11.99 1.00
N THR C 56 -2.62 11.74 1.41
CA THR C 56 -3.76 11.88 0.48
C THR C 56 -3.70 13.25 -0.19
N LYS C 57 -3.50 14.29 0.60
CA LYS C 57 -3.40 15.64 0.05
C LYS C 57 -2.20 15.73 -0.88
N LEU C 58 -1.11 15.09 -0.49
CA LEU C 58 0.10 15.11 -1.29
C LEU C 58 -0.08 14.35 -2.61
N ILE C 59 -1.09 13.47 -2.70
CA ILE C 59 -1.33 12.76 -3.95
C ILE C 59 -2.40 13.48 -4.79
N GLU C 60 -3.38 14.10 -4.14
CA GLU C 60 -4.43 14.83 -4.87
C GLU C 60 -3.85 16.03 -5.60
N GLY C 61 -2.89 16.71 -4.98
CA GLY C 61 -2.28 17.89 -5.57
C GLY C 61 -0.83 17.62 -5.97
N ASP C 62 -0.56 16.41 -6.41
CA ASP C 62 0.79 16.03 -6.80
C ASP C 62 1.22 16.75 -8.06
N ALA C 63 0.31 17.49 -8.68
CA ALA C 63 0.63 18.24 -9.90
C ALA C 63 1.30 19.56 -9.56
N GLY C 64 1.78 20.26 -10.59
CA GLY C 64 2.43 21.56 -10.39
C GLY C 64 3.77 21.63 -11.13
N GLU C 65 4.69 20.71 -10.81
CA GLU C 65 5.99 20.70 -11.45
C GLU C 65 5.87 20.38 -12.94
N GLY C 66 4.99 19.45 -13.27
CA GLY C 66 4.80 19.05 -14.66
C GLY C 66 3.45 18.36 -14.86
N LYS C 67 3.12 18.09 -16.11
CA LYS C 67 1.85 17.44 -16.43
C LYS C 67 1.83 16.00 -15.92
N MET C 68 2.44 15.10 -16.70
CA MET C 68 2.48 13.68 -16.36
C MET C 68 3.31 13.38 -15.12
N LYS C 69 4.45 14.07 -14.97
CA LYS C 69 5.34 13.83 -13.84
C LYS C 69 4.79 14.36 -12.52
N VAL C 70 5.20 13.71 -11.43
CA VAL C 70 4.76 14.07 -10.08
C VAL C 70 5.96 14.16 -9.13
N SER C 71 5.72 14.64 -7.91
CA SER C 71 6.80 14.75 -6.93
C SER C 71 7.42 13.38 -6.68
N LEU C 72 8.74 13.30 -6.77
CA LEU C 72 9.45 12.03 -6.61
C LEU C 72 9.31 11.48 -5.19
N VAL C 73 9.40 12.39 -4.22
CA VAL C 73 9.33 12.04 -2.80
C VAL C 73 8.00 11.37 -2.44
N LEU C 74 6.99 11.51 -3.28
CA LEU C 74 5.71 10.85 -3.01
C LEU C 74 5.91 9.36 -2.78
N VAL C 75 6.84 8.79 -3.54
CA VAL C 75 7.16 7.38 -3.43
C VAL C 75 7.76 7.10 -2.06
N HIS C 76 8.76 7.96 -1.55
CA HIS C 76 9.37 7.77 -0.24
C HIS C 76 8.30 7.72 0.85
N ALA C 77 7.37 8.66 0.79
CA ALA C 77 6.31 8.72 1.79
C ALA C 77 5.37 7.54 1.63
N GLN C 78 5.02 7.21 0.39
CA GLN C 78 4.11 6.10 0.12
C GLN C 78 4.74 4.79 0.57
N LEU C 79 5.99 4.58 0.19
CA LEU C 79 6.71 3.36 0.55
C LEU C 79 6.75 3.17 2.06
N HIS C 80 7.13 4.21 2.79
CA HIS C 80 7.20 4.12 4.24
C HIS C 80 5.81 3.94 4.85
N LEU C 81 4.87 4.73 4.38
CA LEU C 81 3.50 4.67 4.89
C LEU C 81 2.85 3.31 4.59
N MET C 82 3.01 2.84 3.37
CA MET C 82 2.42 1.55 2.98
C MET C 82 3.01 0.42 3.82
N THR C 83 4.32 0.45 3.99
CA THR C 83 5.00 -0.58 4.76
C THR C 83 4.54 -0.55 6.22
N SER C 84 4.53 0.64 6.80
CA SER C 84 4.12 0.80 8.20
C SER C 84 2.67 0.37 8.42
N MET C 85 1.76 0.84 7.56
CA MET C 85 0.35 0.48 7.70
C MET C 85 0.16 -1.04 7.61
N LEU C 86 0.80 -1.65 6.63
CA LEU C 86 0.70 -3.09 6.43
C LEU C 86 1.24 -3.83 7.65
N ALA C 87 2.42 -3.42 8.10
CA ALA C 87 3.05 -4.04 9.25
C ALA C 87 2.13 -3.96 10.47
N ARG C 88 1.61 -2.77 10.71
CA ARG C 88 0.74 -2.55 11.84
C ARG C 88 -0.50 -3.47 11.77
N GLU C 89 -1.11 -3.56 10.59
CA GLU C 89 -2.29 -4.42 10.44
C GLU C 89 -1.95 -5.88 10.74
N LEU C 90 -0.82 -6.35 10.20
CA LEU C 90 -0.40 -7.72 10.44
C LEU C 90 -0.07 -7.92 11.91
N ILE C 91 0.60 -6.95 12.49
CA ILE C 91 0.95 -7.02 13.90
C ILE C 91 -0.33 -7.12 14.73
N THR C 92 -1.36 -6.39 14.32
CA THR C 92 -2.64 -6.46 15.02
C THR C 92 -3.15 -7.89 14.99
N GLU C 93 -3.06 -8.53 13.83
CA GLU C 93 -3.50 -9.92 13.70
C GLU C 93 -2.66 -10.82 14.62
N LEU C 94 -1.36 -10.56 14.63
CA LEU C 94 -0.45 -11.34 15.47
C LEU C 94 -0.84 -11.20 16.94
N ILE C 95 -1.16 -9.98 17.35
CA ILE C 95 -1.57 -9.73 18.73
C ILE C 95 -2.86 -10.51 19.05
N GLU C 96 -3.80 -10.48 18.12
CA GLU C 96 -5.05 -11.21 18.31
C GLU C 96 -4.75 -12.70 18.53
N LEU C 97 -3.78 -13.21 17.77
CA LEU C 97 -3.39 -14.61 17.91
C LEU C 97 -2.85 -14.87 19.32
N HIS C 98 -2.05 -13.94 19.83
CA HIS C 98 -1.52 -14.09 21.18
C HIS C 98 -2.68 -14.22 22.16
N GLU C 99 -3.73 -13.44 21.92
CA GLU C 99 -4.90 -13.49 22.78
C GLU C 99 -5.57 -14.87 22.68
N LYS C 100 -5.65 -15.41 21.46
CA LYS C 100 -6.25 -16.72 21.29
C LYS C 100 -5.38 -17.78 21.95
N LEU C 101 -4.05 -17.58 21.91
CA LEU C 101 -3.12 -18.52 22.55
C LEU C 101 -3.37 -18.53 24.06
N LYS C 102 -4.36 -17.76 24.51
CA LYS C 102 -4.70 -17.67 25.93
C LYS C 102 -3.78 -16.68 26.63
N ALA C 103 -2.48 -16.99 26.61
CA ALA C 103 -1.45 -16.16 27.26
C ALA C 103 -1.80 -14.67 27.21
N LYS D 1 -19.97 26.95 -1.17
CA LYS D 1 -19.08 26.05 -1.96
C LYS D 1 -19.44 24.59 -1.78
N LYS D 2 -19.77 23.94 -2.87
CA LYS D 2 -20.15 22.54 -2.84
C LYS D 2 -18.93 21.62 -2.88
N HIS D 3 -19.02 20.49 -2.19
CA HIS D 3 -17.93 19.52 -2.13
C HIS D 3 -18.12 18.37 -3.08
N ILE D 4 -17.20 18.26 -4.03
CA ILE D 4 -17.22 17.18 -4.99
C ILE D 4 -16.07 16.24 -4.61
N TYR D 5 -16.39 15.03 -4.18
CA TYR D 5 -15.38 14.06 -3.78
C TYR D 5 -15.33 12.90 -4.76
N LEU D 6 -14.13 12.60 -5.26
CA LEU D 6 -13.90 11.48 -6.19
C LEU D 6 -13.25 10.35 -5.40
N PHE D 7 -13.57 9.08 -5.75
CA PHE D 7 -12.88 7.95 -5.12
C PHE D 7 -12.23 7.04 -6.16
N CYS D 8 -11.07 6.45 -5.74
CA CYS D 8 -10.33 5.43 -6.47
C CYS D 8 -9.54 4.56 -5.48
N SER D 9 -8.58 3.74 -5.86
CA SER D 9 -8.01 2.90 -4.81
C SER D 9 -7.10 3.71 -3.89
N ALA D 10 -6.10 4.44 -4.42
CA ALA D 10 -5.16 5.13 -3.56
C ALA D 10 -5.35 6.63 -3.68
N GLY D 11 -6.04 7.08 -4.73
CA GLY D 11 -6.31 8.49 -4.91
C GLY D 11 -5.27 9.16 -5.79
N MET D 12 -4.56 8.41 -6.65
CA MET D 12 -3.53 9.02 -7.50
C MET D 12 -4.02 9.26 -8.93
N SER D 13 -4.09 8.22 -9.70
CA SER D 13 -4.50 8.36 -11.10
C SER D 13 -5.71 9.30 -11.24
N THR D 14 -6.46 9.50 -10.16
CA THR D 14 -7.62 10.36 -10.28
C THR D 14 -7.22 11.77 -9.88
N SER D 15 -6.09 11.83 -9.22
CA SER D 15 -5.48 13.09 -8.76
C SER D 15 -5.20 14.03 -9.93
N LEU D 16 -4.82 13.46 -11.06
CA LEU D 16 -4.55 14.26 -12.24
C LEU D 16 -5.88 14.86 -12.76
N LEU D 17 -6.96 14.07 -12.72
CA LEU D 17 -8.28 14.55 -13.14
C LEU D 17 -8.75 15.68 -12.19
N VAL D 18 -8.54 15.48 -10.88
CA VAL D 18 -8.91 16.50 -9.89
C VAL D 18 -8.18 17.83 -10.15
N SER D 19 -6.89 17.79 -10.47
CA SER D 19 -6.17 19.03 -10.74
C SER D 19 -6.73 19.77 -11.98
N LYS D 20 -7.12 19.03 -13.02
CA LYS D 20 -7.71 19.66 -14.20
C LYS D 20 -9.12 20.20 -13.91
N MET D 21 -9.87 19.50 -13.07
CA MET D 21 -11.22 20.00 -12.73
C MET D 21 -11.08 21.31 -11.94
N ARG D 22 -10.13 21.39 -11.02
CA ARG D 22 -9.91 22.60 -10.21
C ARG D 22 -9.56 23.79 -11.12
N ALA D 23 -8.79 23.54 -12.18
CA ALA D 23 -8.39 24.59 -13.11
C ALA D 23 -9.63 25.14 -13.81
N GLN D 24 -10.50 24.24 -14.24
CA GLN D 24 -11.72 24.61 -14.91
C GLN D 24 -12.67 25.35 -14.00
N ALA D 25 -12.80 24.88 -12.77
CA ALA D 25 -13.69 25.53 -11.80
C ALA D 25 -13.24 26.96 -11.55
N GLU D 26 -11.93 27.20 -11.60
CA GLU D 26 -11.39 28.54 -11.36
C GLU D 26 -11.65 29.43 -12.57
N LYS D 27 -11.43 28.88 -13.76
CA LYS D 27 -11.63 29.59 -14.99
C LYS D 27 -13.07 30.10 -15.12
N TYR D 28 -14.05 29.29 -14.72
CA TYR D 28 -15.48 29.69 -14.80
C TYR D 28 -16.13 30.10 -13.49
N GLU D 29 -15.33 30.35 -12.46
CA GLU D 29 -15.81 30.78 -11.15
C GLU D 29 -16.89 29.89 -10.51
N VAL D 30 -16.76 28.58 -10.66
CA VAL D 30 -17.70 27.63 -10.08
C VAL D 30 -17.27 27.48 -8.62
N PRO D 31 -18.19 27.73 -7.67
CA PRO D 31 -17.91 27.64 -6.23
C PRO D 31 -17.93 26.21 -5.68
N VAL D 32 -16.88 25.46 -6.01
CA VAL D 32 -16.75 24.08 -5.57
C VAL D 32 -15.38 23.76 -5.01
N ILE D 33 -15.35 22.75 -4.14
CA ILE D 33 -14.13 22.22 -3.55
C ILE D 33 -14.09 20.77 -4.09
N ILE D 34 -12.98 20.40 -4.71
CA ILE D 34 -12.79 19.07 -5.32
C ILE D 34 -11.61 18.31 -4.66
N GLU D 35 -11.86 17.09 -4.18
CA GLU D 35 -10.83 16.27 -3.52
C GLU D 35 -10.93 14.82 -4.00
N ALA D 36 -9.78 14.14 -4.09
CA ALA D 36 -9.71 12.73 -4.50
C ALA D 36 -9.34 11.92 -3.25
N PHE D 37 -9.93 10.74 -3.09
CA PHE D 37 -9.64 9.87 -1.95
C PHE D 37 -9.66 8.44 -2.43
N PRO D 38 -9.08 7.53 -1.64
CA PRO D 38 -9.07 6.11 -2.02
C PRO D 38 -10.49 5.61 -1.70
N GLU D 39 -10.91 4.54 -2.35
CA GLU D 39 -12.24 3.96 -2.13
C GLU D 39 -12.51 3.54 -0.69
N THR D 40 -11.46 3.29 0.09
CA THR D 40 -11.63 2.88 1.48
C THR D 40 -12.26 3.95 2.37
N LEU D 41 -12.19 5.21 1.94
CA LEU D 41 -12.77 6.32 2.70
C LEU D 41 -14.15 6.77 2.20
N ALA D 42 -14.74 6.07 1.21
CA ALA D 42 -16.05 6.45 0.63
C ALA D 42 -17.14 6.64 1.68
N GLY D 43 -17.12 5.80 2.71
CA GLY D 43 -18.13 5.91 3.75
C GLY D 43 -17.81 6.98 4.77
N GLU D 44 -16.53 7.16 5.08
CA GLU D 44 -16.15 8.15 6.07
C GLU D 44 -16.16 9.59 5.49
N LYS D 45 -15.52 9.77 4.34
CA LYS D 45 -15.46 11.08 3.70
C LYS D 45 -16.73 11.45 2.92
N GLY D 46 -17.38 10.46 2.32
CA GLY D 46 -18.60 10.70 1.55
C GLY D 46 -19.69 11.43 2.29
N GLN D 47 -19.77 11.23 3.60
CA GLN D 47 -20.79 11.89 4.43
C GLN D 47 -20.74 13.42 4.34
N ASN D 48 -19.59 13.97 3.95
CA ASN D 48 -19.43 15.41 3.87
C ASN D 48 -19.45 15.95 2.45
N ALA D 49 -19.66 15.08 1.48
CA ALA D 49 -19.67 15.54 0.10
C ALA D 49 -21.06 15.97 -0.30
N ASP D 50 -21.11 16.82 -1.31
CA ASP D 50 -22.38 17.25 -1.83
C ASP D 50 -22.73 16.32 -2.99
N VAL D 51 -21.69 15.73 -3.60
CA VAL D 51 -21.88 14.75 -4.67
C VAL D 51 -20.68 13.78 -4.61
N VAL D 52 -20.98 12.49 -4.70
CA VAL D 52 -19.97 11.44 -4.66
C VAL D 52 -19.78 10.85 -6.06
N LEU D 53 -18.55 10.92 -6.57
CA LEU D 53 -18.24 10.38 -7.88
C LEU D 53 -17.30 9.18 -7.73
N LEU D 54 -17.60 8.08 -8.42
CA LEU D 54 -16.75 6.88 -8.36
C LEU D 54 -15.96 6.73 -9.63
N GLY D 55 -14.69 6.35 -9.51
CA GLY D 55 -13.84 6.18 -10.68
C GLY D 55 -14.39 5.02 -11.49
N PRO D 56 -14.13 4.94 -12.76
CA PRO D 56 -14.66 3.84 -13.62
C PRO D 56 -14.24 2.42 -13.18
N GLN D 57 -13.07 2.31 -12.54
CA GLN D 57 -12.57 1.02 -12.08
C GLN D 57 -13.39 0.49 -10.90
N ILE D 58 -14.04 1.38 -10.15
CA ILE D 58 -14.82 0.94 -9.01
C ILE D 58 -16.34 1.02 -9.23
N ALA D 59 -16.75 0.99 -10.49
CA ALA D 59 -18.17 1.04 -10.83
C ALA D 59 -18.94 -0.11 -10.19
N TYR D 60 -18.34 -1.30 -10.13
CA TYR D 60 -19.04 -2.44 -9.55
C TYR D 60 -19.46 -2.21 -8.09
N MET D 61 -18.84 -1.23 -7.44
CA MET D 61 -19.15 -0.89 -6.05
C MET D 61 -20.33 0.08 -5.87
N LEU D 62 -20.89 0.58 -6.97
CA LEU D 62 -21.99 1.54 -6.90
C LEU D 62 -23.13 1.19 -5.93
N PRO D 63 -23.73 -0.02 -6.05
CA PRO D 63 -24.82 -0.37 -5.12
C PRO D 63 -24.43 -0.30 -3.65
N GLU D 64 -23.22 -0.72 -3.30
CA GLU D 64 -22.77 -0.68 -1.91
C GLU D 64 -22.60 0.74 -1.42
N ILE D 65 -22.02 1.59 -2.25
CA ILE D 65 -21.83 2.99 -1.85
C ILE D 65 -23.16 3.74 -1.71
N GLN D 66 -24.12 3.42 -2.59
CA GLN D 66 -25.46 4.00 -2.52
C GLN D 66 -26.13 3.64 -1.18
N ARG D 67 -26.00 2.39 -0.73
CA ARG D 67 -26.60 1.98 0.55
C ARG D 67 -25.89 2.63 1.74
N LEU D 68 -24.60 2.88 1.59
CA LEU D 68 -23.77 3.49 2.64
C LEU D 68 -24.11 4.97 2.82
N LEU D 69 -24.39 5.65 1.70
CA LEU D 69 -24.73 7.09 1.68
C LEU D 69 -26.11 7.27 1.01
N PRO D 70 -27.20 6.87 1.69
CA PRO D 70 -28.55 6.99 1.13
C PRO D 70 -29.03 8.44 0.93
N ASN D 71 -28.35 9.38 1.56
CA ASN D 71 -28.75 10.79 1.44
C ASN D 71 -27.82 11.63 0.57
N LYS D 72 -27.08 10.99 -0.33
CA LYS D 72 -26.14 11.69 -1.21
C LYS D 72 -26.26 11.20 -2.63
N PRO D 73 -26.13 12.10 -3.63
CA PRO D 73 -26.21 11.62 -5.02
C PRO D 73 -24.85 10.97 -5.27
N VAL D 74 -24.87 9.73 -5.75
CA VAL D 74 -23.64 8.96 -6.02
C VAL D 74 -23.64 8.48 -7.46
N GLU D 75 -22.58 8.72 -8.19
CA GLU D 75 -22.53 8.22 -9.55
C GLU D 75 -21.13 7.95 -10.07
N VAL D 76 -21.06 7.12 -11.10
CA VAL D 76 -19.80 6.72 -11.71
C VAL D 76 -19.40 7.72 -12.78
N ILE D 77 -18.11 8.03 -12.84
CA ILE D 77 -17.58 8.96 -13.83
C ILE D 77 -17.54 8.27 -15.17
N ASP D 78 -17.96 8.97 -16.21
CA ASP D 78 -17.94 8.40 -17.55
C ASP D 78 -16.51 7.95 -17.89
N SER D 79 -16.33 6.69 -18.28
CA SER D 79 -14.99 6.17 -18.58
C SER D 79 -14.18 6.90 -19.65
N LEU D 80 -14.87 7.44 -20.65
CA LEU D 80 -14.19 8.17 -21.73
C LEU D 80 -13.73 9.53 -21.23
N LEU D 81 -14.58 10.18 -20.45
CA LEU D 81 -14.26 11.49 -19.90
C LEU D 81 -13.10 11.33 -18.94
N TYR D 82 -13.10 10.21 -18.22
CA TYR D 82 -12.04 9.90 -17.25
C TYR D 82 -10.71 9.58 -17.95
N GLY D 83 -10.75 8.68 -18.92
CA GLY D 83 -9.54 8.32 -19.64
C GLY D 83 -8.87 9.50 -20.31
N LYS D 84 -9.68 10.37 -20.87
CA LYS D 84 -9.22 11.56 -21.59
C LYS D 84 -8.79 12.70 -20.65
N VAL D 85 -9.07 12.52 -19.35
CA VAL D 85 -8.77 13.52 -18.31
C VAL D 85 -9.47 14.86 -18.61
N ASP D 86 -10.76 14.77 -18.94
CA ASP D 86 -11.57 15.95 -19.28
C ASP D 86 -12.09 16.63 -18.03
N GLY D 87 -11.29 17.56 -17.51
CA GLY D 87 -11.64 18.31 -16.31
C GLY D 87 -12.94 19.07 -16.45
N LEU D 88 -13.16 19.73 -17.60
CA LEU D 88 -14.39 20.49 -17.80
C LEU D 88 -15.63 19.58 -17.87
N GLY D 89 -15.50 18.50 -18.64
CA GLY D 89 -16.59 17.56 -18.81
C GLY D 89 -17.07 16.91 -17.53
N VAL D 90 -16.12 16.49 -16.69
CA VAL D 90 -16.48 15.84 -15.42
C VAL D 90 -17.04 16.88 -14.45
N LEU D 91 -16.47 18.08 -14.49
CA LEU D 91 -16.97 19.15 -13.63
C LEU D 91 -18.46 19.39 -14.00
N LYS D 92 -18.76 19.42 -15.30
CA LYS D 92 -20.15 19.61 -15.75
C LYS D 92 -21.09 18.52 -15.24
N ALA D 93 -20.64 17.27 -15.30
CA ALA D 93 -21.47 16.14 -14.85
C ALA D 93 -21.76 16.21 -13.35
N ALA D 94 -20.78 16.72 -12.60
CA ALA D 94 -20.90 16.82 -11.15
C ALA D 94 -21.90 17.90 -10.75
N VAL D 95 -21.80 19.06 -11.40
CA VAL D 95 -22.72 20.17 -11.13
C VAL D 95 -24.13 19.69 -11.49
N ALA D 96 -24.25 18.98 -12.61
CA ALA D 96 -25.54 18.45 -13.04
C ALA D 96 -26.13 17.51 -11.99
N ALA D 97 -25.33 16.57 -11.49
CA ALA D 97 -25.85 15.64 -10.49
C ALA D 97 -26.36 16.40 -9.26
N ILE D 98 -25.70 17.51 -8.93
CA ILE D 98 -26.12 18.32 -7.78
C ILE D 98 -27.46 19.01 -8.03
N LYS D 99 -27.63 19.58 -9.24
CA LYS D 99 -28.87 20.26 -9.62
C LYS D 99 -30.01 19.26 -9.71
N LYS D 100 -29.80 18.19 -10.45
CA LYS D 100 -30.83 17.18 -10.59
C LYS D 100 -31.20 16.60 -9.22
N ALA D 101 -30.34 16.79 -8.23
CA ALA D 101 -30.58 16.28 -6.88
C ALA D 101 -31.37 17.24 -6.00
N ALA D 102 -31.14 18.54 -6.18
CA ALA D 102 -31.83 19.57 -5.43
C ALA D 102 -33.22 19.88 -6.02
N ALA D 103 -33.60 19.13 -7.06
CA ALA D 103 -34.88 19.29 -7.72
C ALA D 103 -35.05 18.26 -8.85
P PO3 E . -4.87 5.41 -7.17
O1 PO3 E . -4.77 6.04 -8.55
O2 PO3 E . -4.30 6.13 -5.96
O3 PO3 E . -5.38 4.00 -7.01
N ALA A 1 0.74 7.29 -18.60
CA ALA A 1 0.24 7.59 -19.96
C ALA A 1 -1.09 6.86 -20.17
N GLU A 2 -1.77 7.18 -21.26
CA GLU A 2 -3.08 6.58 -21.60
C GLU A 2 -3.28 5.20 -20.95
N GLU A 3 -2.80 4.17 -21.63
CA GLU A 3 -2.95 2.80 -21.13
C GLU A 3 -2.16 2.60 -19.84
N LEU A 4 -0.84 2.78 -19.91
CA LEU A 4 0.01 2.60 -18.74
C LEU A 4 -0.63 3.20 -17.48
N GLU A 5 -1.21 4.38 -17.61
CA GLU A 5 -1.84 5.05 -16.47
C GLU A 5 -3.12 4.34 -16.08
N GLU A 6 -3.94 4.01 -17.07
CA GLU A 6 -5.19 3.30 -16.82
C GLU A 6 -4.88 1.88 -16.34
N VAL A 7 -3.80 1.31 -16.88
CA VAL A 7 -3.37 -0.03 -16.50
C VAL A 7 -2.93 -0.05 -15.03
N VAL A 8 -2.20 0.99 -14.63
CA VAL A 8 -1.73 1.10 -13.25
C VAL A 8 -2.95 1.16 -12.33
N MET A 9 -3.95 1.96 -12.70
CA MET A 9 -5.17 2.06 -11.90
C MET A 9 -5.77 0.67 -11.73
N GLY A 10 -5.81 -0.09 -12.82
CA GLY A 10 -6.34 -1.45 -12.77
C GLY A 10 -5.49 -2.31 -11.83
N LEU A 11 -4.17 -2.17 -11.95
CA LEU A 11 -3.26 -2.93 -11.10
C LEU A 11 -3.45 -2.56 -9.64
N ILE A 12 -3.57 -1.27 -9.37
CA ILE A 12 -3.76 -0.80 -8.00
C ILE A 12 -5.06 -1.36 -7.46
N ILE A 13 -6.11 -1.29 -8.26
CA ILE A 13 -7.40 -1.82 -7.85
C ILE A 13 -7.30 -3.33 -7.65
N ASN A 14 -6.65 -4.01 -8.60
CA ASN A 14 -6.47 -5.45 -8.53
C ASN A 14 -5.71 -5.82 -7.26
N SER A 15 -4.61 -5.11 -7.03
CA SER A 15 -3.81 -5.35 -5.83
C SER A 15 -4.65 -5.14 -4.57
N GLY A 16 -5.44 -4.06 -4.60
CA GLY A 16 -6.32 -3.75 -3.47
C GLY A 16 -7.35 -4.86 -3.26
N GLN A 17 -7.95 -5.32 -4.36
CA GLN A 17 -8.94 -6.40 -4.27
C GLN A 17 -8.27 -7.65 -3.72
N ALA A 18 -7.05 -7.92 -4.18
CA ALA A 18 -6.31 -9.09 -3.72
C ALA A 18 -6.15 -9.04 -2.21
N ARG A 19 -5.70 -7.91 -1.69
CA ARG A 19 -5.55 -7.77 -0.25
C ARG A 19 -6.90 -7.95 0.43
N SER A 20 -7.91 -7.28 -0.11
CA SER A 20 -9.25 -7.36 0.44
C SER A 20 -9.68 -8.83 0.57
N LEU A 21 -9.47 -9.59 -0.49
CA LEU A 21 -9.81 -11.01 -0.48
C LEU A 21 -8.97 -11.74 0.58
N ALA A 22 -7.69 -11.40 0.63
CA ALA A 22 -6.79 -12.03 1.60
C ALA A 22 -7.30 -11.80 3.03
N TYR A 23 -7.59 -10.55 3.38
CA TYR A 23 -8.10 -10.25 4.72
C TYR A 23 -9.41 -11.00 4.93
N ALA A 24 -10.25 -11.03 3.90
CA ALA A 24 -11.51 -11.73 3.99
C ALA A 24 -11.24 -13.22 4.25
N ALA A 25 -10.23 -13.75 3.56
CA ALA A 25 -9.84 -15.14 3.75
C ALA A 25 -9.48 -15.38 5.21
N LEU A 26 -8.72 -14.46 5.78
CA LEU A 26 -8.32 -14.57 7.18
C LEU A 26 -9.56 -14.55 8.07
N LYS A 27 -10.48 -13.64 7.77
CA LYS A 27 -11.71 -13.53 8.54
C LYS A 27 -12.45 -14.87 8.56
N GLN A 28 -12.48 -15.54 7.41
CA GLN A 28 -13.15 -16.84 7.31
C GLN A 28 -12.48 -17.81 8.28
N ALA A 29 -11.15 -17.75 8.35
CA ALA A 29 -10.39 -18.62 9.24
C ALA A 29 -10.80 -18.38 10.69
N LYS A 30 -10.95 -17.12 11.05
CA LYS A 30 -11.36 -16.77 12.41
C LYS A 30 -12.72 -17.37 12.73
N GLN A 31 -13.58 -17.50 11.72
CA GLN A 31 -14.89 -18.08 11.93
C GLN A 31 -14.80 -19.60 11.96
N GLY A 32 -13.60 -20.12 11.77
CA GLY A 32 -13.37 -21.56 11.81
C GLY A 32 -13.71 -22.21 10.47
N ASP A 33 -13.83 -21.40 9.43
CA ASP A 33 -14.15 -21.90 8.09
C ASP A 33 -12.88 -22.06 7.26
N PHE A 34 -12.18 -23.18 7.47
CA PHE A 34 -10.93 -23.42 6.73
C PHE A 34 -11.18 -23.60 5.24
N ALA A 35 -12.31 -24.21 4.89
CA ALA A 35 -12.63 -24.46 3.49
C ALA A 35 -12.77 -23.14 2.72
N ALA A 36 -13.56 -22.23 3.26
CA ALA A 36 -13.76 -20.95 2.60
C ALA A 36 -12.46 -20.14 2.60
N ALA A 37 -11.70 -20.23 3.68
CA ALA A 37 -10.43 -19.52 3.75
C ALA A 37 -9.52 -19.99 2.60
N LYS A 38 -9.36 -21.30 2.49
CA LYS A 38 -8.53 -21.90 1.45
C LYS A 38 -8.96 -21.42 0.06
N ALA A 39 -10.26 -21.45 -0.21
CA ALA A 39 -10.77 -21.03 -1.51
C ALA A 39 -10.47 -19.57 -1.79
N MET A 40 -10.61 -18.74 -0.76
CA MET A 40 -10.36 -17.30 -0.90
C MET A 40 -8.88 -17.03 -1.18
N MET A 41 -7.98 -17.76 -0.50
CA MET A 41 -6.55 -17.56 -0.72
C MET A 41 -6.19 -17.92 -2.15
N ASP A 42 -6.77 -19.01 -2.65
CA ASP A 42 -6.47 -19.48 -3.99
C ASP A 42 -6.83 -18.42 -5.02
N GLN A 43 -8.03 -17.87 -4.88
CA GLN A 43 -8.48 -16.82 -5.80
C GLN A 43 -7.61 -15.59 -5.67
N SER A 44 -7.25 -15.24 -4.44
CA SER A 44 -6.40 -14.08 -4.20
C SER A 44 -5.06 -14.28 -4.91
N ARG A 45 -4.49 -15.47 -4.78
CA ARG A 45 -3.22 -15.82 -5.43
C ARG A 45 -3.32 -15.66 -6.95
N MET A 46 -4.40 -16.18 -7.51
CA MET A 46 -4.63 -16.11 -8.95
C MET A 46 -4.72 -14.65 -9.40
N ALA A 47 -5.41 -13.83 -8.62
CA ALA A 47 -5.56 -12.41 -8.94
C ALA A 47 -4.19 -11.74 -9.00
N LEU A 48 -3.35 -12.05 -8.02
CA LEU A 48 -2.00 -11.49 -7.95
C LEU A 48 -1.15 -11.98 -9.12
N ASN A 49 -1.29 -13.26 -9.41
CA ASN A 49 -0.51 -13.87 -10.48
C ASN A 49 -0.77 -13.15 -11.80
N GLU A 50 -2.04 -12.89 -12.07
CA GLU A 50 -2.41 -12.17 -13.29
C GLU A 50 -1.86 -10.75 -13.23
N ALA A 51 -1.97 -10.13 -12.05
CA ALA A 51 -1.47 -8.77 -11.87
C ALA A 51 0.06 -8.75 -12.05
N HIS A 52 0.73 -9.71 -11.44
CA HIS A 52 2.19 -9.81 -11.54
C HIS A 52 2.61 -10.01 -13.00
N LEU A 53 1.86 -10.83 -13.72
CA LEU A 53 2.16 -11.11 -15.12
C LEU A 53 2.11 -9.82 -15.93
N VAL A 54 1.08 -9.02 -15.68
CA VAL A 54 0.94 -7.75 -16.38
C VAL A 54 2.11 -6.84 -16.04
N GLN A 55 2.46 -6.79 -14.76
CA GLN A 55 3.59 -5.96 -14.34
C GLN A 55 4.88 -6.45 -15.01
N THR A 56 5.08 -7.76 -15.08
CA THR A 56 6.28 -8.32 -15.72
C THR A 56 6.46 -7.71 -17.11
N LYS A 57 5.37 -7.66 -17.88
CA LYS A 57 5.43 -7.06 -19.22
C LYS A 57 5.76 -5.59 -19.10
N LEU A 58 5.18 -4.94 -18.10
CA LEU A 58 5.43 -3.52 -17.90
C LEU A 58 6.87 -3.24 -17.48
N ILE A 59 7.58 -4.25 -16.98
CA ILE A 59 8.99 -4.06 -16.60
C ILE A 59 9.93 -4.47 -17.76
N GLU A 60 9.55 -5.49 -18.53
CA GLU A 60 10.37 -5.95 -19.66
C GLU A 60 10.46 -4.88 -20.74
N GLY A 61 9.34 -4.20 -21.01
CA GLY A 61 9.31 -3.17 -22.03
C GLY A 61 9.20 -1.78 -21.42
N ASP A 62 9.80 -1.60 -20.24
CA ASP A 62 9.75 -0.32 -19.54
C ASP A 62 10.49 0.78 -20.32
N ALA A 63 11.17 0.39 -21.40
CA ALA A 63 11.90 1.36 -22.21
C ALA A 63 10.97 2.06 -23.19
N GLY A 64 11.49 3.07 -23.89
CA GLY A 64 10.68 3.81 -24.86
C GLY A 64 10.81 5.32 -24.66
N GLU A 65 10.45 5.80 -23.47
CA GLU A 65 10.53 7.23 -23.19
C GLU A 65 11.97 7.72 -23.18
N GLY A 66 12.86 6.90 -22.64
CA GLY A 66 14.28 7.27 -22.58
C GLY A 66 15.15 6.04 -22.36
N LYS A 67 16.47 6.25 -22.44
CA LYS A 67 17.41 5.15 -22.27
C LYS A 67 17.39 4.63 -20.82
N MET A 68 18.11 5.32 -19.94
CA MET A 68 18.20 4.93 -18.54
C MET A 68 16.88 5.05 -17.79
N LYS A 69 16.13 6.12 -18.08
CA LYS A 69 14.87 6.35 -17.37
C LYS A 69 13.76 5.39 -17.80
N VAL A 70 12.84 5.14 -16.87
CA VAL A 70 11.71 4.23 -17.10
C VAL A 70 10.41 4.88 -16.65
N SER A 71 9.28 4.23 -16.95
CA SER A 71 7.98 4.77 -16.55
C SER A 71 7.94 4.91 -15.03
N LEU A 72 7.54 6.10 -14.57
CA LEU A 72 7.48 6.40 -13.14
C LEU A 72 6.43 5.55 -12.41
N VAL A 73 5.30 5.39 -13.07
CA VAL A 73 4.18 4.62 -12.52
C VAL A 73 4.55 3.16 -12.22
N LEU A 74 5.61 2.69 -12.84
CA LEU A 74 6.05 1.31 -12.62
C LEU A 74 6.21 1.02 -11.13
N VAL A 75 6.63 2.06 -10.41
CA VAL A 75 6.87 1.92 -8.97
C VAL A 75 5.52 1.83 -8.26
N HIS A 76 4.28 2.82 -8.66
CA HIS A 76 2.92 2.82 -8.07
C HIS A 76 2.33 1.42 -8.15
N ALA A 77 2.66 0.71 -9.24
CA ALA A 77 2.18 -0.64 -9.45
C ALA A 77 3.02 -1.65 -8.66
N GLN A 78 4.35 -1.50 -8.71
CA GLN A 78 5.23 -2.42 -8.01
C GLN A 78 5.00 -2.32 -6.51
N LEU A 79 4.96 -1.09 -6.01
CA LEU A 79 4.72 -0.86 -4.59
C LEU A 79 3.44 -1.54 -4.13
N HIS A 80 2.35 -1.32 -4.85
CA HIS A 80 1.08 -1.91 -4.47
C HIS A 80 1.12 -3.44 -4.62
N LEU A 81 1.65 -3.90 -5.74
CA LEU A 81 1.74 -5.34 -5.99
C LEU A 81 2.64 -6.04 -4.98
N MET A 82 3.80 -5.45 -4.70
CA MET A 82 4.74 -6.05 -3.75
C MET A 82 4.11 -6.14 -2.37
N THR A 83 3.46 -5.05 -1.96
CA THR A 83 2.81 -5.00 -0.65
C THR A 83 1.69 -6.04 -0.56
N SER A 84 0.84 -6.07 -1.58
CA SER A 84 -0.29 -7.01 -1.61
C SER A 84 0.20 -8.46 -1.60
N MET A 85 1.16 -8.78 -2.45
CA MET A 85 1.69 -10.14 -2.51
C MET A 85 2.26 -10.57 -1.18
N LEU A 86 3.07 -9.70 -0.59
CA LEU A 86 3.68 -10.00 0.70
C LEU A 86 2.61 -10.19 1.78
N ALA A 87 1.64 -9.28 1.79
CA ALA A 87 0.56 -9.36 2.76
C ALA A 87 -0.15 -10.70 2.67
N ARG A 88 -0.49 -11.10 1.47
CA ARG A 88 -1.18 -12.37 1.27
C ARG A 88 -0.35 -13.55 1.78
N GLU A 89 0.93 -13.57 1.45
CA GLU A 89 1.77 -14.67 1.88
C GLU A 89 1.79 -14.78 3.39
N LEU A 90 1.95 -13.65 4.06
CA LEU A 90 1.96 -13.64 5.51
C LEU A 90 0.58 -14.03 6.05
N ILE A 91 -0.46 -13.51 5.42
CA ILE A 91 -1.82 -13.85 5.84
C ILE A 91 -2.03 -15.35 5.69
N THR A 92 -1.50 -15.92 4.61
CA THR A 92 -1.60 -17.37 4.40
C THR A 92 -0.98 -18.10 5.59
N GLU A 93 0.20 -17.64 6.01
CA GLU A 93 0.88 -18.23 7.16
C GLU A 93 0.02 -18.08 8.40
N LEU A 94 -0.57 -16.89 8.56
CA LEU A 94 -1.43 -16.62 9.72
C LEU A 94 -2.62 -17.59 9.71
N ILE A 95 -3.20 -17.80 8.55
CA ILE A 95 -4.34 -18.73 8.44
C ILE A 95 -3.90 -20.14 8.83
N GLU A 96 -2.72 -20.56 8.36
CA GLU A 96 -2.22 -21.88 8.71
C GLU A 96 -2.08 -22.00 10.22
N LEU A 97 -1.64 -20.91 10.87
CA LEU A 97 -1.51 -20.92 12.32
C LEU A 97 -2.88 -21.12 12.98
N HIS A 98 -3.89 -20.46 12.44
CA HIS A 98 -5.25 -20.62 12.98
C HIS A 98 -5.63 -22.08 12.92
N GLU A 99 -5.25 -22.75 11.84
CA GLU A 99 -5.55 -24.17 11.68
C GLU A 99 -4.81 -24.98 12.74
N LYS A 100 -3.56 -24.62 13.01
CA LYS A 100 -2.79 -25.32 14.02
C LYS A 100 -3.39 -25.06 15.41
N LEU A 101 -3.92 -23.84 15.61
CA LEU A 101 -4.56 -23.49 16.88
C LEU A 101 -5.80 -24.37 17.09
N LYS A 102 -6.02 -25.30 16.15
CA LYS A 102 -7.18 -26.20 16.21
C LYS A 102 -8.43 -25.52 15.71
N ALA A 103 -8.82 -24.42 16.39
CA ALA A 103 -10.03 -23.67 16.04
C ALA A 103 -10.30 -23.65 14.53
N ALA B 1 22.66 3.11 -13.51
CA ALA B 1 23.97 3.34 -14.19
C ALA B 1 24.86 2.13 -13.94
N GLU B 2 26.00 2.08 -14.64
CA GLU B 2 26.95 0.97 -14.53
C GLU B 2 26.86 0.24 -13.18
N GLU B 3 27.57 0.74 -12.19
CA GLU B 3 27.58 0.13 -10.87
C GLU B 3 26.22 0.21 -10.20
N LEU B 4 25.72 1.44 -10.02
CA LEU B 4 24.42 1.61 -9.38
C LEU B 4 23.38 0.61 -9.91
N GLU B 5 23.37 0.41 -11.22
CA GLU B 5 22.42 -0.52 -11.83
C GLU B 5 22.76 -1.95 -11.47
N GLU B 6 24.03 -2.30 -11.57
CA GLU B 6 24.50 -3.63 -11.23
C GLU B 6 24.38 -3.85 -9.73
N VAL B 7 24.60 -2.79 -8.97
CA VAL B 7 24.51 -2.85 -7.52
C VAL B 7 23.05 -3.11 -7.10
N VAL B 8 22.12 -2.44 -7.77
CA VAL B 8 20.69 -2.63 -7.49
C VAL B 8 20.33 -4.08 -7.74
N MET B 9 20.80 -4.63 -8.86
CA MET B 9 20.52 -6.03 -9.18
C MET B 9 21.01 -6.91 -8.03
N GLY B 10 22.21 -6.62 -7.53
CA GLY B 10 22.75 -7.37 -6.41
C GLY B 10 21.86 -7.21 -5.19
N LEU B 11 21.44 -5.98 -4.93
CA LEU B 11 20.56 -5.70 -3.79
C LEU B 11 19.24 -6.44 -3.93
N ILE B 12 18.67 -6.41 -5.13
CA ILE B 12 17.40 -7.09 -5.38
C ILE B 12 17.57 -8.58 -5.14
N ILE B 13 18.66 -9.12 -5.68
CA ILE B 13 18.94 -10.54 -5.50
C ILE B 13 19.17 -10.83 -4.02
N ASN B 14 19.95 -9.98 -3.36
CA ASN B 14 20.24 -10.16 -1.94
C ASN B 14 18.94 -10.10 -1.13
N SER B 15 18.11 -9.11 -1.42
CA SER B 15 16.83 -8.99 -0.74
C SER B 15 15.98 -10.23 -0.97
N GLY B 16 15.99 -10.71 -2.22
CA GLY B 16 15.23 -11.91 -2.57
C GLY B 16 15.76 -13.12 -1.81
N GLN B 17 17.08 -13.25 -1.75
CA GLN B 17 17.68 -14.37 -1.03
C GLN B 17 17.31 -14.28 0.45
N ALA B 18 17.35 -13.06 0.98
CA ALA B 18 17.00 -12.84 2.37
C ALA B 18 15.60 -13.36 2.66
N ARG B 19 14.64 -12.97 1.84
CA ARG B 19 13.27 -13.44 2.02
C ARG B 19 13.24 -14.96 1.90
N SER B 20 13.90 -15.47 0.86
CA SER B 20 13.94 -16.91 0.64
C SER B 20 14.41 -17.63 1.89
N LEU B 21 15.50 -17.13 2.48
CA LEU B 21 16.04 -17.73 3.71
C LEU B 21 15.01 -17.60 4.83
N ALA B 22 14.37 -16.44 4.93
CA ALA B 22 13.37 -16.20 5.97
C ALA B 22 12.24 -17.23 5.85
N TYR B 23 11.67 -17.38 4.65
CA TYR B 23 10.60 -18.36 4.46
C TYR B 23 11.12 -19.75 4.79
N ALA B 24 12.36 -20.04 4.38
CA ALA B 24 12.95 -21.33 4.67
C ALA B 24 13.06 -21.49 6.19
N ALA B 25 13.43 -20.41 6.87
CA ALA B 25 13.53 -20.43 8.33
C ALA B 25 12.18 -20.80 8.92
N LEU B 26 11.12 -20.21 8.39
CA LEU B 26 9.78 -20.50 8.86
C LEU B 26 9.45 -21.97 8.62
N LYS B 27 9.80 -22.46 7.44
CA LYS B 27 9.55 -23.86 7.11
C LYS B 27 10.21 -24.78 8.14
N GLN B 28 11.43 -24.43 8.54
CA GLN B 28 12.13 -25.23 9.56
C GLN B 28 11.31 -25.26 10.84
N ALA B 29 10.74 -24.11 11.19
CA ALA B 29 9.91 -24.02 12.40
C ALA B 29 8.73 -24.97 12.31
N LYS B 30 8.09 -25.01 11.14
CA LYS B 30 6.95 -25.90 10.94
C LYS B 30 7.36 -27.35 11.16
N GLN B 31 8.62 -27.67 10.83
CA GLN B 31 9.10 -29.04 11.01
C GLN B 31 9.46 -29.28 12.48
N GLY B 32 9.32 -28.24 13.29
CA GLY B 32 9.63 -28.35 14.72
C GLY B 32 11.13 -28.18 14.99
N ASP B 33 11.86 -27.66 14.00
CA ASP B 33 13.29 -27.46 14.14
C ASP B 33 13.60 -26.02 14.53
N PHE B 34 13.47 -25.71 15.81
CA PHE B 34 13.73 -24.34 16.29
C PHE B 34 15.18 -23.94 16.10
N ALA B 35 16.09 -24.90 16.27
CA ALA B 35 17.52 -24.60 16.15
C ALA B 35 17.86 -24.12 14.74
N ALA B 36 17.43 -24.87 13.74
CA ALA B 36 17.71 -24.50 12.36
C ALA B 36 16.98 -23.20 12.01
N ALA B 37 15.77 -23.03 12.51
CA ALA B 37 15.03 -21.80 12.24
C ALA B 37 15.82 -20.61 12.74
N LYS B 38 16.23 -20.68 14.02
CA LYS B 38 17.01 -19.60 14.63
C LYS B 38 18.27 -19.27 13.81
N ALA B 39 18.99 -20.29 13.40
CA ALA B 39 20.21 -20.10 12.61
C ALA B 39 19.91 -19.41 11.28
N MET B 40 18.83 -19.82 10.64
CA MET B 40 18.44 -19.26 9.36
C MET B 40 18.05 -17.78 9.51
N MET B 41 17.32 -17.45 10.57
CA MET B 41 16.92 -16.06 10.78
C MET B 41 18.15 -15.17 10.97
N ASP B 42 19.12 -15.68 11.73
CA ASP B 42 20.33 -14.93 12.01
C ASP B 42 21.06 -14.57 10.73
N GLN B 43 21.21 -15.58 9.86
CA GLN B 43 21.88 -15.36 8.59
C GLN B 43 21.08 -14.40 7.72
N SER B 44 19.76 -14.54 7.73
CA SER B 44 18.91 -13.65 6.95
C SER B 44 19.13 -12.20 7.41
N ARG B 45 19.14 -12.00 8.73
CA ARG B 45 19.35 -10.68 9.30
C ARG B 45 20.69 -10.09 8.83
N MET B 46 21.74 -10.90 8.89
CA MET B 46 23.07 -10.45 8.49
C MET B 46 23.05 -10.04 7.02
N ALA B 47 22.37 -10.84 6.20
CA ALA B 47 22.27 -10.53 4.77
C ALA B 47 21.58 -9.19 4.56
N LEU B 48 20.50 -8.97 5.31
CA LEU B 48 19.75 -7.72 5.21
C LEU B 48 20.59 -6.55 5.72
N ASN B 49 21.30 -6.78 6.81
CA ASN B 49 22.13 -5.75 7.40
C ASN B 49 23.18 -5.26 6.40
N GLU B 50 23.83 -6.19 5.73
CA GLU B 50 24.82 -5.83 4.72
C GLU B 50 24.17 -5.10 3.57
N ALA B 51 23.00 -5.58 3.17
CA ALA B 51 22.25 -4.96 2.08
C ALA B 51 21.83 -3.54 2.48
N HIS B 52 21.32 -3.41 3.70
CA HIS B 52 20.88 -2.11 4.21
C HIS B 52 22.06 -1.13 4.27
N LEU B 53 23.22 -1.64 4.69
CA LEU B 53 24.42 -0.80 4.79
C LEU B 53 24.77 -0.23 3.41
N VAL B 54 24.71 -1.09 2.40
CA VAL B 54 25.03 -0.66 1.04
C VAL B 54 24.01 0.40 0.61
N GLN B 55 22.73 0.16 0.90
CA GLN B 55 21.70 1.13 0.53
C GLN B 55 21.96 2.45 1.25
N THR B 56 22.32 2.39 2.54
CA THR B 56 22.60 3.61 3.30
C THR B 56 23.57 4.50 2.53
N LYS B 57 24.65 3.90 2.04
CA LYS B 57 25.62 4.66 1.25
C LYS B 57 24.97 5.20 -0.01
N LEU B 58 24.12 4.39 -0.61
CA LEU B 58 23.44 4.78 -1.84
C LEU B 58 22.45 5.93 -1.59
N ILE B 59 22.02 6.12 -0.32
CA ILE B 59 21.11 7.23 -0.01
C ILE B 59 21.88 8.48 0.45
N GLU B 60 23.00 8.27 1.16
CA GLU B 60 23.81 9.39 1.64
C GLU B 60 24.42 10.17 0.46
N GLY B 61 24.86 9.43 -0.55
CA GLY B 61 25.49 10.05 -1.72
C GLY B 61 24.59 9.96 -2.95
N ASP B 62 23.28 10.02 -2.73
CA ASP B 62 22.32 9.93 -3.82
C ASP B 62 22.41 11.14 -4.77
N ALA B 63 23.21 12.12 -4.40
CA ALA B 63 23.36 13.32 -5.23
C ALA B 63 24.37 13.07 -6.34
N GLY B 64 24.50 14.03 -7.26
CA GLY B 64 25.44 13.90 -8.37
C GLY B 64 24.78 14.23 -9.71
N GLU B 65 23.73 13.48 -10.05
CA GLU B 65 23.03 13.70 -11.32
C GLU B 65 22.34 15.07 -11.33
N GLY B 66 21.76 15.45 -10.20
CA GLY B 66 21.07 16.73 -10.11
C GLY B 66 20.91 17.16 -8.66
N LYS B 67 20.42 18.38 -8.47
CA LYS B 67 20.23 18.92 -7.13
C LYS B 67 19.13 18.16 -6.38
N MET B 68 17.88 18.54 -6.66
CA MET B 68 16.72 17.93 -6.01
C MET B 68 16.52 16.47 -6.40
N LYS B 69 16.75 16.13 -7.66
CA LYS B 69 16.54 14.76 -8.14
C LYS B 69 17.62 13.80 -7.64
N VAL B 70 17.22 12.52 -7.52
CA VAL B 70 18.11 11.47 -7.05
C VAL B 70 18.02 10.24 -7.98
N SER B 71 18.89 9.26 -7.76
CA SER B 71 18.88 8.05 -8.59
C SER B 71 17.52 7.37 -8.49
N LEU B 72 16.93 7.04 -9.64
CA LEU B 72 15.60 6.45 -9.66
C LEU B 72 15.59 5.04 -9.04
N VAL B 73 16.65 4.30 -9.35
CA VAL B 73 16.80 2.93 -8.88
C VAL B 73 16.83 2.84 -7.34
N LEU B 74 17.10 3.95 -6.69
CA LEU B 74 17.14 3.97 -5.22
C LEU B 74 15.85 3.43 -4.64
N VAL B 75 14.74 3.79 -5.27
CA VAL B 75 13.43 3.34 -4.84
C VAL B 75 13.32 1.83 -5.04
N HIS B 76 13.80 1.27 -6.26
CA HIS B 76 13.74 -0.17 -6.53
C HIS B 76 14.44 -0.95 -5.42
N ALA B 77 15.63 -0.49 -5.03
CA ALA B 77 16.39 -1.15 -3.98
C ALA B 77 15.69 -0.98 -2.64
N GLN B 78 15.17 0.21 -2.40
CA GLN B 78 14.48 0.49 -1.13
C GLN B 78 13.22 -0.36 -1.03
N LEU B 79 12.44 -0.39 -2.12
CA LEU B 79 11.22 -1.18 -2.14
C LEU B 79 11.49 -2.65 -1.82
N HIS B 80 12.48 -3.23 -2.48
CA HIS B 80 12.80 -4.62 -2.24
C HIS B 80 13.36 -4.83 -0.84
N LEU B 81 14.27 -3.95 -0.44
CA LEU B 81 14.88 -4.06 0.89
C LEU B 81 13.85 -3.85 2.00
N MET B 82 13.00 -2.85 1.86
CA MET B 82 11.98 -2.57 2.87
C MET B 82 11.02 -3.75 3.01
N THR B 83 10.59 -4.28 1.87
CA THR B 83 9.67 -5.41 1.87
C THR B 83 10.32 -6.64 2.50
N SER B 84 11.55 -6.94 2.10
CA SER B 84 12.26 -8.09 2.64
C SER B 84 12.50 -7.97 4.14
N MET B 85 12.97 -6.81 4.58
CA MET B 85 13.24 -6.60 6.01
C MET B 85 11.96 -6.76 6.83
N LEU B 86 10.89 -6.14 6.36
CA LEU B 86 9.61 -6.21 7.06
C LEU B 86 9.11 -7.65 7.12
N ALA B 87 9.17 -8.33 5.98
CA ALA B 87 8.72 -9.71 5.90
C ALA B 87 9.49 -10.58 6.88
N ARG B 88 10.79 -10.44 6.86
CA ARG B 88 11.65 -11.22 7.75
C ARG B 88 11.28 -10.97 9.21
N GLU B 89 11.08 -9.70 9.59
CA GLU B 89 10.75 -9.38 10.97
C GLU B 89 9.43 -10.05 11.37
N LEU B 90 8.44 -9.96 10.50
CA LEU B 90 7.14 -10.56 10.78
C LEU B 90 7.28 -12.08 10.84
N ILE B 91 8.06 -12.63 9.92
CA ILE B 91 8.30 -14.07 9.91
C ILE B 91 8.95 -14.49 11.23
N THR B 92 9.86 -13.66 11.73
CA THR B 92 10.50 -13.96 13.02
C THR B 92 9.43 -14.07 14.09
N GLU B 93 8.49 -13.13 14.09
CA GLU B 93 7.40 -13.15 15.06
C GLU B 93 6.58 -14.43 14.88
N LEU B 94 6.30 -14.77 13.62
CA LEU B 94 5.54 -15.99 13.33
C LEU B 94 6.27 -17.21 13.87
N ILE B 95 7.59 -17.26 13.68
CA ILE B 95 8.36 -18.38 14.19
C ILE B 95 8.28 -18.46 15.71
N GLU B 96 8.36 -17.30 16.37
CA GLU B 96 8.25 -17.27 17.83
C GLU B 96 6.90 -17.85 18.25
N LEU B 97 5.86 -17.54 17.49
CA LEU B 97 4.52 -18.05 17.79
C LEU B 97 4.52 -19.58 17.69
N HIS B 98 5.19 -20.10 16.66
CA HIS B 98 5.27 -21.55 16.50
C HIS B 98 5.89 -22.17 17.75
N GLU B 99 6.90 -21.48 18.28
CA GLU B 99 7.55 -21.95 19.50
C GLU B 99 6.58 -21.94 20.66
N LYS B 100 5.77 -20.88 20.77
CA LYS B 100 4.79 -20.80 21.84
C LYS B 100 3.72 -21.88 21.65
N LEU B 101 3.39 -22.19 20.39
CA LEU B 101 2.42 -23.25 20.11
C LEU B 101 2.96 -24.60 20.58
N LYS B 102 4.13 -24.57 21.21
CA LYS B 102 4.77 -25.78 21.72
C LYS B 102 5.49 -26.51 20.59
N ALA B 103 4.71 -26.92 19.58
CA ALA B 103 5.25 -27.67 18.43
C ALA B 103 6.64 -27.19 18.04
N ALA C 1 11.12 19.25 -2.05
CA ALA C 1 11.16 20.74 -1.98
C ALA C 1 10.96 21.17 -0.54
N GLU C 2 11.18 22.45 -0.27
CA GLU C 2 11.04 23.02 1.08
C GLU C 2 10.10 22.22 1.98
N GLU C 3 8.81 22.51 1.89
CA GLU C 3 7.83 21.81 2.71
C GLU C 3 7.73 20.34 2.34
N LEU C 4 7.37 20.07 1.08
CA LEU C 4 7.24 18.68 0.63
C LEU C 4 8.38 17.80 1.16
N GLU C 5 9.60 18.32 1.11
CA GLU C 5 10.76 17.57 1.58
C GLU C 5 10.74 17.43 3.10
N GLU C 6 10.47 18.53 3.78
CA GLU C 6 10.41 18.52 5.24
C GLU C 6 9.19 17.70 5.68
N VAL C 7 8.12 17.78 4.89
CA VAL C 7 6.90 17.04 5.17
C VAL C 7 7.17 15.53 5.06
N VAL C 8 7.92 15.14 4.03
CA VAL C 8 8.27 13.74 3.83
C VAL C 8 9.06 13.24 5.04
N MET C 9 10.02 14.04 5.50
CA MET C 9 10.80 13.67 6.66
C MET C 9 9.87 13.40 7.84
N GLY C 10 8.88 14.29 8.01
CA GLY C 10 7.91 14.13 9.08
C GLY C 10 7.12 12.84 8.88
N LEU C 11 6.71 12.59 7.65
CA LEU C 11 5.94 11.37 7.33
C LEU C 11 6.79 10.14 7.59
N ILE C 12 8.05 10.18 7.18
CA ILE C 12 8.94 9.04 7.37
C ILE C 12 9.11 8.78 8.87
N ILE C 13 9.32 9.87 9.61
CA ILE C 13 9.47 9.76 11.06
C ILE C 13 8.16 9.23 11.66
N ASN C 14 7.05 9.81 11.22
CA ASN C 14 5.73 9.40 11.72
C ASN C 14 5.50 7.92 11.43
N SER C 15 5.79 7.51 10.19
CA SER C 15 5.63 6.11 9.81
C SER C 15 6.52 5.24 10.68
N GLY C 16 7.76 5.70 10.90
CA GLY C 16 8.70 4.95 11.73
C GLY C 16 8.18 4.84 13.16
N GLN C 17 7.67 5.95 13.70
CA GLN C 17 7.13 5.92 15.06
C GLN C 17 5.95 4.97 15.12
N ALA C 18 5.12 5.01 14.08
CA ALA C 18 3.96 4.14 14.02
C ALA C 18 4.38 2.67 14.15
N ARG C 19 5.36 2.27 13.33
CA ARG C 19 5.84 0.91 13.40
C ARG C 19 6.41 0.63 14.79
N SER C 20 7.21 1.57 15.28
CA SER C 20 7.81 1.41 16.60
C SER C 20 6.73 1.13 17.65
N LEU C 21 5.66 1.92 17.61
CA LEU C 21 4.56 1.74 18.54
C LEU C 21 3.92 0.37 18.33
N ALA C 22 3.73 0.00 17.06
CA ALA C 22 3.13 -1.29 16.73
C ALA C 22 3.96 -2.44 17.33
N TYR C 23 5.27 -2.43 17.07
CA TYR C 23 6.14 -3.47 17.64
C TYR C 23 6.05 -3.45 19.16
N ALA C 24 6.03 -2.24 19.72
CA ALA C 24 5.92 -2.11 21.17
C ALA C 24 4.59 -2.72 21.62
N ALA C 25 3.54 -2.47 20.85
CA ALA C 25 2.23 -3.03 21.16
C ALA C 25 2.31 -4.55 21.21
N LEU C 26 3.01 -5.12 20.24
CA LEU C 26 3.19 -6.57 20.18
C LEU C 26 3.95 -7.05 21.42
N LYS C 27 4.99 -6.31 21.77
CA LYS C 27 5.79 -6.66 22.94
C LYS C 27 4.90 -6.72 24.19
N GLN C 28 3.99 -5.77 24.31
CA GLN C 28 3.06 -5.75 25.44
C GLN C 28 2.26 -7.04 25.47
N ALA C 29 1.82 -7.47 24.27
CA ALA C 29 1.05 -8.70 24.16
C ALA C 29 1.85 -9.89 24.67
N LYS C 30 3.13 -9.94 24.30
CA LYS C 30 3.99 -11.02 24.76
C LYS C 30 4.07 -11.06 26.28
N GLN C 31 3.98 -9.88 26.90
CA GLN C 31 4.04 -9.80 28.36
C GLN C 31 2.67 -10.17 28.96
N GLY C 32 1.71 -10.44 28.08
CA GLY C 32 0.36 -10.83 28.53
C GLY C 32 -0.47 -9.60 28.89
N ASP C 33 -0.04 -8.43 28.44
CA ASP C 33 -0.76 -7.18 28.70
C ASP C 33 -1.63 -6.80 27.51
N PHE C 34 -2.80 -7.41 27.42
CA PHE C 34 -3.71 -7.14 26.31
C PHE C 34 -4.22 -5.70 26.34
N ALA C 35 -4.43 -5.17 27.54
CA ALA C 35 -4.94 -3.81 27.68
C ALA C 35 -3.97 -2.79 27.08
N ALA C 36 -2.71 -2.89 27.47
CA ALA C 36 -1.71 -1.96 26.96
C ALA C 36 -1.50 -2.17 25.47
N ALA C 37 -1.55 -3.42 25.02
CA ALA C 37 -1.38 -3.71 23.60
C ALA C 37 -2.48 -3.00 22.81
N LYS C 38 -3.72 -3.21 23.22
CA LYS C 38 -4.87 -2.59 22.57
C LYS C 38 -4.72 -1.07 22.49
N ALA C 39 -4.32 -0.45 23.61
CA ALA C 39 -4.16 1.00 23.65
C ALA C 39 -3.06 1.46 22.68
N MET C 40 -1.96 0.72 22.64
CA MET C 40 -0.85 1.06 21.77
C MET C 40 -1.25 0.92 20.30
N MET C 41 -2.03 -0.11 19.99
CA MET C 41 -2.48 -0.31 18.61
C MET C 41 -3.35 0.85 18.16
N ASP C 42 -4.25 1.28 19.04
CA ASP C 42 -5.17 2.36 18.72
C ASP C 42 -4.41 3.63 18.38
N GLN C 43 -3.42 3.97 19.21
CA GLN C 43 -2.61 5.16 18.97
C GLN C 43 -1.83 5.03 17.67
N SER C 44 -1.30 3.85 17.42
CA SER C 44 -0.55 3.60 16.19
C SER C 44 -1.44 3.87 14.98
N ARG C 45 -2.67 3.32 15.03
CA ARG C 45 -3.64 3.50 13.96
C ARG C 45 -3.93 4.99 13.72
N MET C 46 -4.14 5.72 14.81
CA MET C 46 -4.43 7.15 14.72
C MET C 46 -3.26 7.89 14.08
N ALA C 47 -2.04 7.51 14.47
CA ALA C 47 -0.84 8.14 13.91
C ALA C 47 -0.78 7.91 12.40
N LEU C 48 -1.08 6.68 11.98
CA LEU C 48 -1.07 6.33 10.57
C LEU C 48 -2.17 7.06 9.82
N ASN C 49 -3.34 7.15 10.45
CA ASN C 49 -4.48 7.81 9.84
C ASN C 49 -4.14 9.27 9.52
N GLU C 50 -3.51 9.95 10.47
CA GLU C 50 -3.11 11.33 10.26
C GLU C 50 -2.06 11.41 9.16
N ALA C 51 -1.13 10.47 9.19
CA ALA C 51 -0.07 10.43 8.18
C ALA C 51 -0.67 10.15 6.80
N HIS C 52 -1.58 9.19 6.74
CA HIS C 52 -2.25 8.85 5.48
C HIS C 52 -3.02 10.05 4.94
N LEU C 53 -3.69 10.78 5.83
CA LEU C 53 -4.47 11.95 5.43
C LEU C 53 -3.56 12.98 4.76
N VAL C 54 -2.39 13.20 5.35
CA VAL C 54 -1.45 14.16 4.80
C VAL C 54 -0.99 13.67 3.43
N GLN C 55 -0.69 12.38 3.32
CA GLN C 55 -0.26 11.82 2.04
C GLN C 55 -1.38 11.99 1.00
N THR C 56 -2.62 11.74 1.41
CA THR C 56 -3.76 11.88 0.48
C THR C 56 -3.70 13.25 -0.19
N LYS C 57 -3.50 14.29 0.60
CA LYS C 57 -3.40 15.64 0.05
C LYS C 57 -2.20 15.73 -0.88
N LEU C 58 -1.11 15.09 -0.49
CA LEU C 58 0.10 15.11 -1.29
C LEU C 58 -0.08 14.35 -2.61
N ILE C 59 -1.09 13.47 -2.70
CA ILE C 59 -1.33 12.76 -3.95
C ILE C 59 -2.40 13.48 -4.79
N GLU C 60 -3.38 14.10 -4.14
CA GLU C 60 -4.43 14.83 -4.87
C GLU C 60 -3.85 16.03 -5.60
N GLY C 61 -2.89 16.71 -4.98
CA GLY C 61 -2.28 17.89 -5.57
C GLY C 61 -0.83 17.62 -5.97
N ASP C 62 -0.56 16.41 -6.41
CA ASP C 62 0.79 16.03 -6.80
C ASP C 62 1.22 16.75 -8.06
N ALA C 63 0.31 17.49 -8.68
CA ALA C 63 0.63 18.24 -9.90
C ALA C 63 1.30 19.56 -9.56
N GLY C 64 1.78 20.26 -10.59
CA GLY C 64 2.43 21.56 -10.39
C GLY C 64 3.77 21.63 -11.13
N GLU C 65 4.69 20.71 -10.81
CA GLU C 65 5.99 20.70 -11.45
C GLU C 65 5.87 20.38 -12.94
N GLY C 66 4.99 19.45 -13.27
CA GLY C 66 4.80 19.05 -14.66
C GLY C 66 3.45 18.36 -14.86
N LYS C 67 3.12 18.09 -16.11
CA LYS C 67 1.85 17.44 -16.43
C LYS C 67 1.83 16.00 -15.92
N MET C 68 2.44 15.10 -16.70
CA MET C 68 2.48 13.68 -16.36
C MET C 68 3.31 13.38 -15.12
N LYS C 69 4.45 14.07 -14.97
CA LYS C 69 5.34 13.83 -13.84
C LYS C 69 4.79 14.36 -12.52
N VAL C 70 5.20 13.71 -11.43
CA VAL C 70 4.76 14.07 -10.08
C VAL C 70 5.96 14.16 -9.13
N SER C 71 5.72 14.64 -7.91
CA SER C 71 6.80 14.75 -6.93
C SER C 71 7.42 13.38 -6.68
N LEU C 72 8.74 13.30 -6.77
CA LEU C 72 9.45 12.03 -6.61
C LEU C 72 9.31 11.48 -5.19
N VAL C 73 9.40 12.39 -4.22
CA VAL C 73 9.33 12.04 -2.80
C VAL C 73 8.00 11.37 -2.44
N LEU C 74 6.99 11.55 -3.28
CA LEU C 74 5.68 10.94 -3.01
C LEU C 74 5.82 9.44 -2.79
N VAL C 75 6.68 8.83 -3.58
CA VAL C 75 6.93 7.41 -3.48
C VAL C 75 7.60 7.11 -2.14
N HIS C 76 8.65 7.95 -1.69
CA HIS C 76 9.33 7.74 -0.42
C HIS C 76 8.33 7.71 0.73
N ALA C 77 7.40 8.65 0.72
CA ALA C 77 6.38 8.71 1.76
C ALA C 77 5.42 7.53 1.63
N GLN C 78 5.04 7.21 0.40
CA GLN C 78 4.11 6.11 0.16
C GLN C 78 4.75 4.79 0.59
N LEU C 79 5.99 4.58 0.19
CA LEU C 79 6.71 3.36 0.55
C LEU C 79 6.75 3.17 2.06
N HIS C 80 7.13 4.21 2.79
CA HIS C 80 7.20 4.12 4.24
C HIS C 80 5.81 3.94 4.85
N LEU C 81 4.87 4.73 4.38
CA LEU C 81 3.50 4.67 4.89
C LEU C 81 2.85 3.31 4.59
N MET C 82 3.01 2.84 3.37
CA MET C 82 2.42 1.55 2.98
C MET C 82 3.01 0.42 3.82
N THR C 83 4.32 0.45 3.99
CA THR C 83 5.00 -0.58 4.76
C THR C 83 4.54 -0.55 6.22
N SER C 84 4.53 0.64 6.80
CA SER C 84 4.12 0.80 8.20
C SER C 84 2.67 0.37 8.42
N MET C 85 1.76 0.84 7.56
CA MET C 85 0.35 0.48 7.70
C MET C 85 0.16 -1.04 7.61
N LEU C 86 0.80 -1.65 6.63
CA LEU C 86 0.70 -3.09 6.43
C LEU C 86 1.24 -3.83 7.65
N ALA C 87 2.42 -3.42 8.10
CA ALA C 87 3.05 -4.04 9.25
C ALA C 87 2.13 -3.96 10.47
N ARG C 88 1.61 -2.77 10.71
CA ARG C 88 0.74 -2.55 11.84
C ARG C 88 -0.50 -3.47 11.77
N GLU C 89 -1.11 -3.56 10.59
CA GLU C 89 -2.29 -4.42 10.44
C GLU C 89 -1.95 -5.88 10.74
N LEU C 90 -0.82 -6.35 10.20
CA LEU C 90 -0.40 -7.72 10.44
C LEU C 90 -0.07 -7.92 11.91
N ILE C 91 0.60 -6.95 12.49
CA ILE C 91 0.95 -7.02 13.90
C ILE C 91 -0.33 -7.12 14.73
N THR C 92 -1.36 -6.39 14.32
CA THR C 92 -2.64 -6.46 15.02
C THR C 92 -3.15 -7.89 14.99
N GLU C 93 -3.06 -8.53 13.83
CA GLU C 93 -3.50 -9.92 13.70
C GLU C 93 -2.66 -10.82 14.62
N LEU C 94 -1.36 -10.56 14.63
CA LEU C 94 -0.45 -11.34 15.47
C LEU C 94 -0.84 -11.20 16.94
N ILE C 95 -1.16 -9.98 17.35
CA ILE C 95 -1.57 -9.73 18.73
C ILE C 95 -2.86 -10.51 19.05
N GLU C 96 -3.80 -10.48 18.12
CA GLU C 96 -5.05 -11.21 18.31
C GLU C 96 -4.75 -12.70 18.53
N LEU C 97 -3.78 -13.21 17.77
CA LEU C 97 -3.39 -14.61 17.91
C LEU C 97 -2.85 -14.87 19.32
N HIS C 98 -2.05 -13.94 19.83
CA HIS C 98 -1.52 -14.09 21.18
C HIS C 98 -2.68 -14.22 22.16
N GLU C 99 -3.73 -13.44 21.92
CA GLU C 99 -4.90 -13.49 22.78
C GLU C 99 -5.57 -14.87 22.68
N LYS C 100 -5.65 -15.41 21.46
CA LYS C 100 -6.25 -16.72 21.29
C LYS C 100 -5.38 -17.78 21.95
N LEU C 101 -4.05 -17.58 21.91
CA LEU C 101 -3.12 -18.52 22.55
C LEU C 101 -3.37 -18.53 24.06
N LYS C 102 -4.36 -17.76 24.51
CA LYS C 102 -4.70 -17.67 25.93
C LYS C 102 -3.78 -16.68 26.63
N ALA C 103 -2.48 -16.99 26.61
CA ALA C 103 -1.45 -16.16 27.26
C ALA C 103 -1.80 -14.67 27.21
N LYS D 1 -19.97 26.95 -1.17
CA LYS D 1 -19.08 26.05 -1.96
C LYS D 1 -19.44 24.59 -1.78
N LYS D 2 -19.77 23.94 -2.87
CA LYS D 2 -20.15 22.54 -2.84
C LYS D 2 -18.93 21.62 -2.88
N HIS D 3 -19.02 20.49 -2.19
CA HIS D 3 -17.93 19.52 -2.13
C HIS D 3 -18.12 18.37 -3.08
N ILE D 4 -17.20 18.26 -4.03
CA ILE D 4 -17.22 17.18 -4.99
C ILE D 4 -16.07 16.24 -4.61
N TYR D 5 -16.39 15.03 -4.18
CA TYR D 5 -15.38 14.06 -3.78
C TYR D 5 -15.33 12.90 -4.76
N LEU D 6 -14.13 12.60 -5.26
CA LEU D 6 -13.90 11.48 -6.19
C LEU D 6 -13.25 10.35 -5.40
N PHE D 7 -13.56 9.09 -5.76
CA PHE D 7 -12.86 7.96 -5.13
C PHE D 7 -12.18 7.08 -6.18
N CYS D 8 -11.02 6.49 -5.76
CA CYS D 8 -10.26 5.50 -6.51
C CYS D 8 -9.60 4.53 -5.55
N SER D 9 -8.54 3.80 -5.88
CA SER D 9 -8.03 2.91 -4.82
C SER D 9 -7.17 3.67 -3.83
N ALA D 10 -6.12 4.39 -4.32
CA ALA D 10 -5.22 5.09 -3.42
C ALA D 10 -5.48 6.58 -3.48
N GLY D 11 -5.77 7.10 -4.67
CA GLY D 11 -6.07 8.50 -4.86
C GLY D 11 -5.05 9.17 -5.79
N MET D 12 -4.41 8.44 -6.70
CA MET D 12 -3.42 9.08 -7.58
C MET D 12 -3.96 9.30 -9.00
N SER D 13 -4.06 8.25 -9.75
CA SER D 13 -4.50 8.36 -11.14
C SER D 13 -5.71 9.30 -11.26
N THR D 14 -6.46 9.49 -10.17
CA THR D 14 -7.62 10.37 -10.29
C THR D 14 -7.22 11.77 -9.88
N SER D 15 -6.09 11.83 -9.22
CA SER D 15 -5.48 13.09 -8.76
C SER D 15 -5.20 14.03 -9.93
N LEU D 16 -4.82 13.46 -11.06
CA LEU D 16 -4.55 14.26 -12.24
C LEU D 16 -5.88 14.86 -12.76
N LEU D 17 -6.96 14.07 -12.72
CA LEU D 17 -8.28 14.55 -13.14
C LEU D 17 -8.75 15.68 -12.19
N VAL D 18 -8.54 15.48 -10.88
CA VAL D 18 -8.91 16.50 -9.89
C VAL D 18 -8.18 17.83 -10.15
N SER D 19 -6.89 17.79 -10.47
CA SER D 19 -6.17 19.03 -10.74
C SER D 19 -6.73 19.77 -11.98
N LYS D 20 -7.12 19.03 -13.02
CA LYS D 20 -7.71 19.66 -14.20
C LYS D 20 -9.12 20.20 -13.91
N MET D 21 -9.87 19.50 -13.07
CA MET D 21 -11.22 20.00 -12.73
C MET D 21 -11.08 21.31 -11.94
N ARG D 22 -10.13 21.39 -11.02
CA ARG D 22 -9.91 22.60 -10.21
C ARG D 22 -9.56 23.79 -11.12
N ALA D 23 -8.79 23.54 -12.18
CA ALA D 23 -8.39 24.59 -13.11
C ALA D 23 -9.63 25.14 -13.81
N GLN D 24 -10.50 24.24 -14.24
CA GLN D 24 -11.72 24.61 -14.91
C GLN D 24 -12.67 25.35 -14.00
N ALA D 25 -12.80 24.88 -12.77
CA ALA D 25 -13.69 25.53 -11.80
C ALA D 25 -13.24 26.96 -11.55
N GLU D 26 -11.93 27.20 -11.60
CA GLU D 26 -11.39 28.54 -11.36
C GLU D 26 -11.65 29.43 -12.57
N LYS D 27 -11.43 28.88 -13.76
CA LYS D 27 -11.63 29.59 -14.99
C LYS D 27 -13.07 30.10 -15.12
N TYR D 28 -14.05 29.29 -14.72
CA TYR D 28 -15.48 29.69 -14.80
C TYR D 28 -16.13 30.10 -13.49
N GLU D 29 -15.33 30.35 -12.46
CA GLU D 29 -15.81 30.78 -11.15
C GLU D 29 -16.89 29.89 -10.51
N VAL D 30 -16.76 28.58 -10.66
CA VAL D 30 -17.70 27.63 -10.08
C VAL D 30 -17.27 27.48 -8.62
N PRO D 31 -18.19 27.73 -7.67
CA PRO D 31 -17.91 27.64 -6.23
C PRO D 31 -17.93 26.21 -5.68
N VAL D 32 -16.88 25.46 -6.01
CA VAL D 32 -16.75 24.08 -5.57
C VAL D 32 -15.38 23.76 -5.01
N ILE D 33 -15.35 22.75 -4.14
CA ILE D 33 -14.13 22.22 -3.55
C ILE D 33 -14.09 20.77 -4.09
N ILE D 34 -12.98 20.40 -4.71
CA ILE D 34 -12.79 19.07 -5.32
C ILE D 34 -11.61 18.31 -4.66
N GLU D 35 -11.86 17.09 -4.18
CA GLU D 35 -10.83 16.27 -3.52
C GLU D 35 -10.93 14.82 -4.00
N ALA D 36 -9.78 14.14 -4.09
CA ALA D 36 -9.71 12.73 -4.50
C ALA D 36 -9.34 11.92 -3.25
N PHE D 37 -9.93 10.74 -3.09
CA PHE D 37 -9.64 9.87 -1.95
C PHE D 37 -9.66 8.44 -2.43
N PRO D 38 -9.08 7.53 -1.64
CA PRO D 38 -9.07 6.11 -2.02
C PRO D 38 -10.49 5.61 -1.70
N GLU D 39 -10.91 4.54 -2.35
CA GLU D 39 -12.24 3.96 -2.13
C GLU D 39 -12.51 3.54 -0.69
N THR D 40 -11.46 3.29 0.09
CA THR D 40 -11.63 2.88 1.48
C THR D 40 -12.26 3.95 2.37
N LEU D 41 -12.19 5.21 1.94
CA LEU D 41 -12.77 6.32 2.70
C LEU D 41 -14.15 6.77 2.20
N ALA D 42 -14.74 6.07 1.21
CA ALA D 42 -16.05 6.45 0.63
C ALA D 42 -17.14 6.64 1.68
N GLY D 43 -17.12 5.80 2.71
CA GLY D 43 -18.13 5.91 3.75
C GLY D 43 -17.81 6.98 4.77
N GLU D 44 -16.53 7.16 5.08
CA GLU D 44 -16.15 8.15 6.07
C GLU D 44 -16.16 9.59 5.49
N LYS D 45 -15.52 9.77 4.34
CA LYS D 45 -15.46 11.08 3.70
C LYS D 45 -16.73 11.45 2.92
N GLY D 46 -17.38 10.46 2.32
CA GLY D 46 -18.60 10.70 1.55
C GLY D 46 -19.69 11.43 2.29
N GLN D 47 -19.77 11.23 3.60
CA GLN D 47 -20.79 11.89 4.43
C GLN D 47 -20.74 13.42 4.34
N ASN D 48 -19.59 13.97 3.95
CA ASN D 48 -19.43 15.41 3.87
C ASN D 48 -19.45 15.95 2.45
N ALA D 49 -19.66 15.08 1.48
CA ALA D 49 -19.67 15.54 0.10
C ALA D 49 -21.06 15.97 -0.30
N ASP D 50 -21.11 16.82 -1.31
CA ASP D 50 -22.38 17.25 -1.83
C ASP D 50 -22.73 16.32 -2.99
N VAL D 51 -21.69 15.73 -3.60
CA VAL D 51 -21.88 14.75 -4.67
C VAL D 51 -20.68 13.78 -4.61
N VAL D 52 -20.98 12.49 -4.70
CA VAL D 52 -19.97 11.44 -4.66
C VAL D 52 -19.78 10.85 -6.06
N LEU D 53 -18.55 10.92 -6.57
CA LEU D 53 -18.24 10.38 -7.88
C LEU D 53 -17.30 9.18 -7.73
N LEU D 54 -17.60 8.08 -8.42
CA LEU D 54 -16.75 6.88 -8.36
C LEU D 54 -15.96 6.73 -9.63
N GLY D 55 -14.69 6.35 -9.51
CA GLY D 55 -13.84 6.18 -10.68
C GLY D 55 -14.39 5.02 -11.49
N PRO D 56 -14.13 4.94 -12.76
CA PRO D 56 -14.66 3.84 -13.62
C PRO D 56 -14.24 2.42 -13.18
N GLN D 57 -13.07 2.31 -12.54
CA GLN D 57 -12.57 1.02 -12.08
C GLN D 57 -13.39 0.49 -10.90
N ILE D 58 -14.04 1.38 -10.15
CA ILE D 58 -14.82 0.94 -9.01
C ILE D 58 -16.34 1.02 -9.23
N ALA D 59 -16.75 0.99 -10.49
CA ALA D 59 -18.17 1.04 -10.83
C ALA D 59 -18.94 -0.11 -10.19
N TYR D 60 -18.34 -1.30 -10.13
CA TYR D 60 -19.04 -2.44 -9.55
C TYR D 60 -19.46 -2.21 -8.09
N MET D 61 -18.84 -1.23 -7.44
CA MET D 61 -19.15 -0.89 -6.05
C MET D 61 -20.33 0.08 -5.87
N LEU D 62 -20.89 0.58 -6.97
CA LEU D 62 -21.99 1.54 -6.90
C LEU D 62 -23.13 1.19 -5.93
N PRO D 63 -23.73 -0.02 -6.05
CA PRO D 63 -24.82 -0.37 -5.12
C PRO D 63 -24.43 -0.30 -3.65
N GLU D 64 -23.22 -0.72 -3.30
CA GLU D 64 -22.77 -0.68 -1.91
C GLU D 64 -22.60 0.74 -1.42
N ILE D 65 -22.02 1.59 -2.25
CA ILE D 65 -21.83 2.99 -1.85
C ILE D 65 -23.16 3.74 -1.71
N GLN D 66 -24.12 3.42 -2.59
CA GLN D 66 -25.46 4.00 -2.52
C GLN D 66 -26.13 3.64 -1.18
N ARG D 67 -26.00 2.39 -0.73
CA ARG D 67 -26.60 1.98 0.55
C ARG D 67 -25.89 2.63 1.74
N LEU D 68 -24.60 2.88 1.59
CA LEU D 68 -23.77 3.49 2.64
C LEU D 68 -24.11 4.97 2.82
N LEU D 69 -24.39 5.65 1.70
CA LEU D 69 -24.73 7.09 1.68
C LEU D 69 -26.11 7.27 1.01
N PRO D 70 -27.20 6.87 1.69
CA PRO D 70 -28.55 6.99 1.13
C PRO D 70 -29.03 8.44 0.93
N ASN D 71 -28.35 9.38 1.56
CA ASN D 71 -28.75 10.79 1.44
C ASN D 71 -27.82 11.63 0.57
N LYS D 72 -27.08 10.99 -0.33
CA LYS D 72 -26.14 11.69 -1.21
C LYS D 72 -26.26 11.20 -2.63
N PRO D 73 -26.13 12.10 -3.63
CA PRO D 73 -26.21 11.62 -5.02
C PRO D 73 -24.85 10.97 -5.27
N VAL D 74 -24.87 9.73 -5.75
CA VAL D 74 -23.64 8.96 -6.02
C VAL D 74 -23.64 8.48 -7.46
N GLU D 75 -22.58 8.72 -8.19
CA GLU D 75 -22.53 8.22 -9.55
C GLU D 75 -21.13 7.95 -10.07
N VAL D 76 -21.06 7.12 -11.10
CA VAL D 76 -19.80 6.72 -11.71
C VAL D 76 -19.40 7.72 -12.78
N ILE D 77 -18.11 8.03 -12.84
CA ILE D 77 -17.58 8.96 -13.83
C ILE D 77 -17.54 8.27 -15.17
N ASP D 78 -17.96 8.97 -16.21
CA ASP D 78 -17.94 8.40 -17.55
C ASP D 78 -16.51 7.95 -17.89
N SER D 79 -16.33 6.69 -18.28
CA SER D 79 -14.99 6.17 -18.58
C SER D 79 -14.18 6.90 -19.65
N LEU D 80 -14.87 7.44 -20.65
CA LEU D 80 -14.19 8.17 -21.73
C LEU D 80 -13.73 9.53 -21.23
N LEU D 81 -14.58 10.18 -20.45
CA LEU D 81 -14.26 11.49 -19.90
C LEU D 81 -13.10 11.33 -18.94
N TYR D 82 -13.10 10.21 -18.22
CA TYR D 82 -12.04 9.90 -17.25
C TYR D 82 -10.71 9.58 -17.95
N GLY D 83 -10.75 8.68 -18.92
CA GLY D 83 -9.54 8.32 -19.64
C GLY D 83 -8.87 9.50 -20.31
N LYS D 84 -9.68 10.37 -20.87
CA LYS D 84 -9.22 11.56 -21.59
C LYS D 84 -8.79 12.70 -20.65
N VAL D 85 -9.07 12.52 -19.35
CA VAL D 85 -8.77 13.52 -18.31
C VAL D 85 -9.47 14.86 -18.61
N ASP D 86 -10.76 14.77 -18.94
CA ASP D 86 -11.57 15.95 -19.28
C ASP D 86 -12.09 16.63 -18.03
N GLY D 87 -11.29 17.56 -17.51
CA GLY D 87 -11.64 18.31 -16.31
C GLY D 87 -12.94 19.07 -16.45
N LEU D 88 -13.16 19.73 -17.60
CA LEU D 88 -14.39 20.49 -17.80
C LEU D 88 -15.63 19.58 -17.87
N GLY D 89 -15.50 18.50 -18.64
CA GLY D 89 -16.59 17.56 -18.81
C GLY D 89 -17.07 16.91 -17.53
N VAL D 90 -16.12 16.49 -16.69
CA VAL D 90 -16.48 15.84 -15.42
C VAL D 90 -17.04 16.88 -14.45
N LEU D 91 -16.47 18.08 -14.49
CA LEU D 91 -16.97 19.15 -13.63
C LEU D 91 -18.46 19.39 -14.00
N LYS D 92 -18.76 19.42 -15.30
CA LYS D 92 -20.15 19.61 -15.75
C LYS D 92 -21.09 18.52 -15.24
N ALA D 93 -20.64 17.27 -15.30
CA ALA D 93 -21.47 16.14 -14.85
C ALA D 93 -21.76 16.21 -13.35
N ALA D 94 -20.78 16.72 -12.60
CA ALA D 94 -20.90 16.82 -11.15
C ALA D 94 -21.90 17.90 -10.75
N VAL D 95 -21.80 19.06 -11.40
CA VAL D 95 -22.72 20.17 -11.13
C VAL D 95 -24.13 19.69 -11.49
N ALA D 96 -24.25 18.98 -12.61
CA ALA D 96 -25.54 18.45 -13.04
C ALA D 96 -26.13 17.51 -11.99
N ALA D 97 -25.33 16.57 -11.49
CA ALA D 97 -25.85 15.64 -10.49
C ALA D 97 -26.36 16.40 -9.26
N ILE D 98 -25.70 17.51 -8.93
CA ILE D 98 -26.12 18.32 -7.78
C ILE D 98 -27.46 19.01 -8.03
N LYS D 99 -27.63 19.58 -9.24
CA LYS D 99 -28.87 20.26 -9.62
C LYS D 99 -30.01 19.26 -9.71
N LYS D 100 -29.80 18.19 -10.45
CA LYS D 100 -30.83 17.18 -10.59
C LYS D 100 -31.20 16.60 -9.22
N ALA D 101 -30.34 16.79 -8.23
CA ALA D 101 -30.58 16.28 -6.88
C ALA D 101 -31.37 17.24 -6.00
N ALA D 102 -31.14 18.54 -6.18
CA ALA D 102 -31.83 19.57 -5.43
C ALA D 102 -33.22 19.88 -6.02
N ALA D 103 -33.60 19.13 -7.06
CA ALA D 103 -34.88 19.29 -7.72
C ALA D 103 -35.05 18.26 -8.85
P PO3 E . -4.72 5.38 -7.11
O1 PO3 E . -4.08 6.16 -5.98
O2 PO3 E . -5.20 3.96 -6.87
O3 PO3 E . -4.73 5.95 -8.51
N ALA A 1 0.74 7.29 -18.60
CA ALA A 1 0.24 7.59 -19.96
C ALA A 1 -1.09 6.86 -20.17
N GLU A 2 -1.77 7.18 -21.26
CA GLU A 2 -3.08 6.58 -21.60
C GLU A 2 -3.28 5.20 -20.95
N GLU A 3 -2.80 4.17 -21.63
CA GLU A 3 -2.95 2.80 -21.13
C GLU A 3 -2.16 2.60 -19.84
N LEU A 4 -0.84 2.78 -19.91
CA LEU A 4 0.01 2.60 -18.74
C LEU A 4 -0.63 3.20 -17.48
N GLU A 5 -1.21 4.38 -17.61
CA GLU A 5 -1.84 5.05 -16.47
C GLU A 5 -3.12 4.34 -16.08
N GLU A 6 -3.94 4.01 -17.07
CA GLU A 6 -5.19 3.30 -16.82
C GLU A 6 -4.88 1.88 -16.34
N VAL A 7 -3.80 1.31 -16.88
CA VAL A 7 -3.37 -0.03 -16.50
C VAL A 7 -2.93 -0.05 -15.03
N VAL A 8 -2.20 0.99 -14.63
CA VAL A 8 -1.73 1.10 -13.25
C VAL A 8 -2.95 1.16 -12.33
N MET A 9 -3.95 1.96 -12.70
CA MET A 9 -5.17 2.06 -11.90
C MET A 9 -5.77 0.67 -11.73
N GLY A 10 -5.81 -0.09 -12.82
CA GLY A 10 -6.34 -1.45 -12.77
C GLY A 10 -5.49 -2.31 -11.83
N LEU A 11 -4.17 -2.17 -11.95
CA LEU A 11 -3.26 -2.93 -11.10
C LEU A 11 -3.45 -2.56 -9.64
N ILE A 12 -3.57 -1.27 -9.37
CA ILE A 12 -3.76 -0.80 -8.00
C ILE A 12 -5.06 -1.36 -7.46
N ILE A 13 -6.11 -1.29 -8.26
CA ILE A 13 -7.40 -1.82 -7.85
C ILE A 13 -7.30 -3.33 -7.65
N ASN A 14 -6.65 -4.01 -8.60
CA ASN A 14 -6.47 -5.45 -8.53
C ASN A 14 -5.71 -5.82 -7.26
N SER A 15 -4.61 -5.11 -7.03
CA SER A 15 -3.81 -5.35 -5.83
C SER A 15 -4.65 -5.14 -4.57
N GLY A 16 -5.44 -4.06 -4.60
CA GLY A 16 -6.32 -3.75 -3.47
C GLY A 16 -7.35 -4.86 -3.26
N GLN A 17 -7.95 -5.32 -4.36
CA GLN A 17 -8.94 -6.40 -4.27
C GLN A 17 -8.27 -7.65 -3.72
N ALA A 18 -7.05 -7.92 -4.18
CA ALA A 18 -6.31 -9.09 -3.72
C ALA A 18 -6.15 -9.04 -2.21
N ARG A 19 -5.70 -7.91 -1.69
CA ARG A 19 -5.55 -7.77 -0.25
C ARG A 19 -6.90 -7.95 0.43
N SER A 20 -7.91 -7.28 -0.11
CA SER A 20 -9.25 -7.36 0.44
C SER A 20 -9.68 -8.83 0.57
N LEU A 21 -9.47 -9.59 -0.49
CA LEU A 21 -9.81 -11.01 -0.48
C LEU A 21 -8.97 -11.74 0.58
N ALA A 22 -7.69 -11.40 0.63
CA ALA A 22 -6.79 -12.03 1.60
C ALA A 22 -7.30 -11.80 3.03
N TYR A 23 -7.59 -10.55 3.38
CA TYR A 23 -8.10 -10.25 4.72
C TYR A 23 -9.41 -11.00 4.93
N ALA A 24 -10.25 -11.03 3.90
CA ALA A 24 -11.51 -11.73 3.99
C ALA A 24 -11.24 -13.22 4.25
N ALA A 25 -10.23 -13.75 3.56
CA ALA A 25 -9.84 -15.14 3.75
C ALA A 25 -9.48 -15.38 5.21
N LEU A 26 -8.72 -14.46 5.78
CA LEU A 26 -8.32 -14.57 7.18
C LEU A 26 -9.56 -14.55 8.07
N LYS A 27 -10.48 -13.64 7.77
CA LYS A 27 -11.71 -13.53 8.54
C LYS A 27 -12.45 -14.87 8.56
N GLN A 28 -12.48 -15.54 7.41
CA GLN A 28 -13.15 -16.84 7.31
C GLN A 28 -12.48 -17.81 8.28
N ALA A 29 -11.15 -17.75 8.35
CA ALA A 29 -10.39 -18.62 9.24
C ALA A 29 -10.80 -18.38 10.69
N LYS A 30 -10.95 -17.12 11.05
CA LYS A 30 -11.36 -16.77 12.41
C LYS A 30 -12.72 -17.37 12.73
N GLN A 31 -13.58 -17.50 11.72
CA GLN A 31 -14.89 -18.08 11.93
C GLN A 31 -14.80 -19.60 11.96
N GLY A 32 -13.60 -20.12 11.77
CA GLY A 32 -13.37 -21.56 11.81
C GLY A 32 -13.71 -22.21 10.47
N ASP A 33 -13.83 -21.40 9.43
CA ASP A 33 -14.15 -21.90 8.09
C ASP A 33 -12.88 -22.06 7.26
N PHE A 34 -12.18 -23.18 7.47
CA PHE A 34 -10.93 -23.42 6.73
C PHE A 34 -11.18 -23.60 5.24
N ALA A 35 -12.31 -24.21 4.89
CA ALA A 35 -12.63 -24.46 3.49
C ALA A 35 -12.77 -23.14 2.72
N ALA A 36 -13.56 -22.23 3.26
CA ALA A 36 -13.76 -20.95 2.60
C ALA A 36 -12.46 -20.14 2.60
N ALA A 37 -11.70 -20.23 3.68
CA ALA A 37 -10.43 -19.52 3.75
C ALA A 37 -9.52 -19.99 2.60
N LYS A 38 -9.36 -21.30 2.49
CA LYS A 38 -8.53 -21.90 1.45
C LYS A 38 -8.96 -21.42 0.06
N ALA A 39 -10.26 -21.45 -0.21
CA ALA A 39 -10.77 -21.03 -1.51
C ALA A 39 -10.47 -19.57 -1.79
N MET A 40 -10.61 -18.74 -0.76
CA MET A 40 -10.36 -17.30 -0.90
C MET A 40 -8.88 -17.03 -1.18
N MET A 41 -7.98 -17.76 -0.50
CA MET A 41 -6.55 -17.56 -0.72
C MET A 41 -6.19 -17.92 -2.15
N ASP A 42 -6.77 -19.01 -2.65
CA ASP A 42 -6.47 -19.48 -3.99
C ASP A 42 -6.83 -18.42 -5.02
N GLN A 43 -8.03 -17.87 -4.88
CA GLN A 43 -8.48 -16.82 -5.80
C GLN A 43 -7.61 -15.59 -5.67
N SER A 44 -7.25 -15.24 -4.44
CA SER A 44 -6.40 -14.08 -4.20
C SER A 44 -5.06 -14.28 -4.91
N ARG A 45 -4.49 -15.47 -4.78
CA ARG A 45 -3.22 -15.82 -5.43
C ARG A 45 -3.32 -15.66 -6.95
N MET A 46 -4.40 -16.18 -7.51
CA MET A 46 -4.63 -16.11 -8.95
C MET A 46 -4.72 -14.65 -9.40
N ALA A 47 -5.41 -13.83 -8.62
CA ALA A 47 -5.56 -12.41 -8.94
C ALA A 47 -4.19 -11.74 -9.00
N LEU A 48 -3.35 -12.05 -8.02
CA LEU A 48 -2.00 -11.49 -7.95
C LEU A 48 -1.15 -11.98 -9.12
N ASN A 49 -1.29 -13.26 -9.41
CA ASN A 49 -0.51 -13.87 -10.48
C ASN A 49 -0.77 -13.15 -11.80
N GLU A 50 -2.04 -12.89 -12.07
CA GLU A 50 -2.41 -12.17 -13.29
C GLU A 50 -1.86 -10.75 -13.23
N ALA A 51 -1.97 -10.13 -12.05
CA ALA A 51 -1.47 -8.77 -11.87
C ALA A 51 0.06 -8.75 -12.05
N HIS A 52 0.73 -9.71 -11.44
CA HIS A 52 2.19 -9.81 -11.54
C HIS A 52 2.61 -10.01 -13.00
N LEU A 53 1.86 -10.83 -13.72
CA LEU A 53 2.16 -11.11 -15.12
C LEU A 53 2.11 -9.82 -15.93
N VAL A 54 1.08 -9.02 -15.68
CA VAL A 54 0.94 -7.75 -16.38
C VAL A 54 2.11 -6.84 -16.04
N GLN A 55 2.46 -6.79 -14.76
CA GLN A 55 3.59 -5.96 -14.34
C GLN A 55 4.88 -6.45 -15.01
N THR A 56 5.08 -7.76 -15.08
CA THR A 56 6.28 -8.32 -15.72
C THR A 56 6.46 -7.71 -17.11
N LYS A 57 5.37 -7.66 -17.88
CA LYS A 57 5.43 -7.06 -19.22
C LYS A 57 5.76 -5.59 -19.10
N LEU A 58 5.18 -4.94 -18.10
CA LEU A 58 5.43 -3.52 -17.90
C LEU A 58 6.87 -3.24 -17.48
N ILE A 59 7.58 -4.25 -16.98
CA ILE A 59 8.99 -4.06 -16.60
C ILE A 59 9.93 -4.47 -17.76
N GLU A 60 9.55 -5.49 -18.53
CA GLU A 60 10.37 -5.95 -19.66
C GLU A 60 10.46 -4.88 -20.74
N GLY A 61 9.34 -4.20 -21.01
CA GLY A 61 9.31 -3.17 -22.03
C GLY A 61 9.20 -1.78 -21.42
N ASP A 62 9.80 -1.60 -20.24
CA ASP A 62 9.75 -0.32 -19.54
C ASP A 62 10.49 0.78 -20.32
N ALA A 63 11.17 0.39 -21.40
CA ALA A 63 11.90 1.36 -22.21
C ALA A 63 10.97 2.06 -23.19
N GLY A 64 11.49 3.07 -23.89
CA GLY A 64 10.68 3.81 -24.86
C GLY A 64 10.81 5.32 -24.66
N GLU A 65 10.45 5.80 -23.47
CA GLU A 65 10.53 7.23 -23.19
C GLU A 65 11.97 7.72 -23.18
N GLY A 66 12.86 6.90 -22.64
CA GLY A 66 14.28 7.27 -22.58
C GLY A 66 15.15 6.04 -22.36
N LYS A 67 16.47 6.25 -22.44
CA LYS A 67 17.41 5.15 -22.27
C LYS A 67 17.39 4.63 -20.82
N MET A 68 18.11 5.32 -19.94
CA MET A 68 18.20 4.93 -18.54
C MET A 68 16.88 5.05 -17.79
N LYS A 69 16.13 6.12 -18.08
CA LYS A 69 14.87 6.35 -17.37
C LYS A 69 13.76 5.39 -17.80
N VAL A 70 12.84 5.14 -16.87
CA VAL A 70 11.71 4.23 -17.10
C VAL A 70 10.41 4.88 -16.65
N SER A 71 9.28 4.23 -16.95
CA SER A 71 7.98 4.77 -16.55
C SER A 71 7.94 4.91 -15.03
N LEU A 72 7.54 6.10 -14.57
CA LEU A 72 7.48 6.40 -13.14
C LEU A 72 6.43 5.55 -12.41
N VAL A 73 5.30 5.39 -13.07
CA VAL A 73 4.18 4.62 -12.52
C VAL A 73 4.55 3.16 -12.22
N LEU A 74 5.61 2.69 -12.85
CA LEU A 74 6.03 1.30 -12.64
C LEU A 74 6.17 1.00 -11.16
N VAL A 75 6.56 2.02 -10.40
CA VAL A 75 6.76 1.86 -8.97
C VAL A 75 5.40 1.78 -8.27
N HIS A 76 4.20 2.85 -8.64
CA HIS A 76 2.84 2.85 -8.07
C HIS A 76 2.24 1.45 -8.14
N ALA A 77 2.59 0.73 -9.21
CA ALA A 77 2.12 -0.63 -9.39
C ALA A 77 2.98 -1.61 -8.60
N GLN A 78 4.32 -1.49 -8.72
CA GLN A 78 5.22 -2.41 -8.02
C GLN A 78 5.00 -2.31 -6.51
N LEU A 79 4.96 -1.09 -6.01
CA LEU A 79 4.72 -0.86 -4.59
C LEU A 79 3.44 -1.54 -4.13
N HIS A 80 2.35 -1.32 -4.85
CA HIS A 80 1.08 -1.91 -4.47
C HIS A 80 1.12 -3.44 -4.62
N LEU A 81 1.65 -3.90 -5.74
CA LEU A 81 1.74 -5.34 -5.99
C LEU A 81 2.64 -6.04 -4.98
N MET A 82 3.80 -5.45 -4.70
CA MET A 82 4.74 -6.05 -3.75
C MET A 82 4.11 -6.14 -2.37
N THR A 83 3.46 -5.05 -1.96
CA THR A 83 2.81 -5.00 -0.65
C THR A 83 1.69 -6.04 -0.56
N SER A 84 0.84 -6.07 -1.58
CA SER A 84 -0.29 -7.01 -1.61
C SER A 84 0.20 -8.46 -1.60
N MET A 85 1.16 -8.78 -2.45
CA MET A 85 1.69 -10.14 -2.51
C MET A 85 2.26 -10.57 -1.18
N LEU A 86 3.07 -9.70 -0.59
CA LEU A 86 3.68 -10.00 0.70
C LEU A 86 2.61 -10.19 1.78
N ALA A 87 1.64 -9.28 1.79
CA ALA A 87 0.56 -9.36 2.76
C ALA A 87 -0.15 -10.70 2.67
N ARG A 88 -0.49 -11.10 1.47
CA ARG A 88 -1.18 -12.37 1.27
C ARG A 88 -0.35 -13.55 1.78
N GLU A 89 0.93 -13.57 1.45
CA GLU A 89 1.77 -14.67 1.88
C GLU A 89 1.79 -14.78 3.39
N LEU A 90 1.95 -13.65 4.06
CA LEU A 90 1.96 -13.64 5.51
C LEU A 90 0.58 -14.03 6.05
N ILE A 91 -0.46 -13.51 5.42
CA ILE A 91 -1.82 -13.85 5.84
C ILE A 91 -2.03 -15.35 5.69
N THR A 92 -1.50 -15.92 4.61
CA THR A 92 -1.60 -17.37 4.40
C THR A 92 -0.98 -18.10 5.59
N GLU A 93 0.20 -17.64 6.01
CA GLU A 93 0.88 -18.23 7.16
C GLU A 93 0.02 -18.08 8.40
N LEU A 94 -0.57 -16.89 8.56
CA LEU A 94 -1.43 -16.62 9.72
C LEU A 94 -2.62 -17.59 9.71
N ILE A 95 -3.20 -17.80 8.55
CA ILE A 95 -4.34 -18.73 8.44
C ILE A 95 -3.90 -20.14 8.83
N GLU A 96 -2.72 -20.56 8.36
CA GLU A 96 -2.22 -21.88 8.71
C GLU A 96 -2.08 -22.00 10.22
N LEU A 97 -1.64 -20.91 10.87
CA LEU A 97 -1.51 -20.92 12.32
C LEU A 97 -2.88 -21.12 12.98
N HIS A 98 -3.89 -20.46 12.44
CA HIS A 98 -5.25 -20.62 12.98
C HIS A 98 -5.63 -22.08 12.92
N GLU A 99 -5.25 -22.75 11.84
CA GLU A 99 -5.55 -24.17 11.68
C GLU A 99 -4.81 -24.98 12.74
N LYS A 100 -3.56 -24.62 13.01
CA LYS A 100 -2.79 -25.32 14.02
C LYS A 100 -3.39 -25.06 15.41
N LEU A 101 -3.92 -23.84 15.61
CA LEU A 101 -4.56 -23.49 16.88
C LEU A 101 -5.80 -24.37 17.09
N LYS A 102 -6.02 -25.30 16.15
CA LYS A 102 -7.18 -26.20 16.21
C LYS A 102 -8.43 -25.52 15.71
N ALA A 103 -8.82 -24.42 16.39
CA ALA A 103 -10.03 -23.67 16.04
C ALA A 103 -10.30 -23.65 14.53
N ALA B 1 22.66 3.11 -13.51
CA ALA B 1 23.97 3.34 -14.19
C ALA B 1 24.86 2.13 -13.94
N GLU B 2 26.00 2.08 -14.64
CA GLU B 2 26.95 0.97 -14.53
C GLU B 2 26.86 0.24 -13.18
N GLU B 3 27.57 0.74 -12.19
CA GLU B 3 27.58 0.13 -10.87
C GLU B 3 26.22 0.21 -10.20
N LEU B 4 25.72 1.44 -10.02
CA LEU B 4 24.42 1.61 -9.38
C LEU B 4 23.38 0.61 -9.91
N GLU B 5 23.37 0.41 -11.22
CA GLU B 5 22.42 -0.52 -11.83
C GLU B 5 22.76 -1.95 -11.47
N GLU B 6 24.03 -2.30 -11.57
CA GLU B 6 24.50 -3.63 -11.23
C GLU B 6 24.38 -3.85 -9.73
N VAL B 7 24.60 -2.79 -8.97
CA VAL B 7 24.51 -2.85 -7.52
C VAL B 7 23.05 -3.11 -7.10
N VAL B 8 22.12 -2.44 -7.77
CA VAL B 8 20.69 -2.63 -7.49
C VAL B 8 20.33 -4.08 -7.74
N MET B 9 20.80 -4.63 -8.86
CA MET B 9 20.52 -6.03 -9.18
C MET B 9 21.01 -6.91 -8.03
N GLY B 10 22.21 -6.62 -7.53
CA GLY B 10 22.75 -7.37 -6.41
C GLY B 10 21.86 -7.21 -5.19
N LEU B 11 21.44 -5.98 -4.93
CA LEU B 11 20.56 -5.70 -3.79
C LEU B 11 19.24 -6.44 -3.93
N ILE B 12 18.67 -6.41 -5.13
CA ILE B 12 17.40 -7.09 -5.38
C ILE B 12 17.57 -8.58 -5.14
N ILE B 13 18.66 -9.12 -5.68
CA ILE B 13 18.94 -10.54 -5.50
C ILE B 13 19.17 -10.83 -4.02
N ASN B 14 19.95 -9.98 -3.36
CA ASN B 14 20.24 -10.16 -1.94
C ASN B 14 18.94 -10.10 -1.13
N SER B 15 18.11 -9.11 -1.42
CA SER B 15 16.83 -8.99 -0.74
C SER B 15 15.98 -10.23 -0.97
N GLY B 16 15.99 -10.71 -2.22
CA GLY B 16 15.23 -11.91 -2.57
C GLY B 16 15.76 -13.12 -1.81
N GLN B 17 17.08 -13.25 -1.75
CA GLN B 17 17.68 -14.37 -1.03
C GLN B 17 17.31 -14.28 0.45
N ALA B 18 17.35 -13.06 0.98
CA ALA B 18 17.00 -12.84 2.37
C ALA B 18 15.60 -13.36 2.66
N ARG B 19 14.64 -12.97 1.84
CA ARG B 19 13.27 -13.44 2.02
C ARG B 19 13.24 -14.96 1.90
N SER B 20 13.90 -15.47 0.86
CA SER B 20 13.94 -16.91 0.64
C SER B 20 14.41 -17.63 1.89
N LEU B 21 15.50 -17.13 2.48
CA LEU B 21 16.04 -17.73 3.71
C LEU B 21 15.01 -17.60 4.83
N ALA B 22 14.37 -16.44 4.93
CA ALA B 22 13.37 -16.20 5.97
C ALA B 22 12.24 -17.23 5.85
N TYR B 23 11.67 -17.38 4.65
CA TYR B 23 10.60 -18.36 4.46
C TYR B 23 11.12 -19.75 4.79
N ALA B 24 12.36 -20.04 4.38
CA ALA B 24 12.95 -21.33 4.67
C ALA B 24 13.06 -21.49 6.19
N ALA B 25 13.43 -20.41 6.87
CA ALA B 25 13.53 -20.43 8.33
C ALA B 25 12.18 -20.80 8.92
N LEU B 26 11.12 -20.21 8.39
CA LEU B 26 9.78 -20.50 8.86
C LEU B 26 9.45 -21.97 8.62
N LYS B 27 9.80 -22.46 7.44
CA LYS B 27 9.55 -23.86 7.11
C LYS B 27 10.21 -24.78 8.14
N GLN B 28 11.43 -24.43 8.54
CA GLN B 28 12.13 -25.23 9.56
C GLN B 28 11.31 -25.26 10.84
N ALA B 29 10.74 -24.11 11.19
CA ALA B 29 9.91 -24.02 12.40
C ALA B 29 8.73 -24.97 12.31
N LYS B 30 8.09 -25.01 11.14
CA LYS B 30 6.95 -25.90 10.94
C LYS B 30 7.36 -27.35 11.16
N GLN B 31 8.62 -27.67 10.83
CA GLN B 31 9.10 -29.04 11.01
C GLN B 31 9.46 -29.28 12.48
N GLY B 32 9.32 -28.24 13.29
CA GLY B 32 9.63 -28.35 14.72
C GLY B 32 11.13 -28.18 14.99
N ASP B 33 11.86 -27.66 14.00
CA ASP B 33 13.29 -27.46 14.14
C ASP B 33 13.60 -26.02 14.53
N PHE B 34 13.47 -25.71 15.81
CA PHE B 34 13.73 -24.34 16.29
C PHE B 34 15.18 -23.94 16.10
N ALA B 35 16.09 -24.90 16.27
CA ALA B 35 17.52 -24.60 16.15
C ALA B 35 17.86 -24.12 14.74
N ALA B 36 17.43 -24.87 13.74
CA ALA B 36 17.71 -24.50 12.36
C ALA B 36 16.98 -23.20 12.01
N ALA B 37 15.77 -23.03 12.51
CA ALA B 37 15.03 -21.80 12.24
C ALA B 37 15.82 -20.61 12.74
N LYS B 38 16.23 -20.68 14.02
CA LYS B 38 17.01 -19.60 14.63
C LYS B 38 18.27 -19.27 13.81
N ALA B 39 18.99 -20.29 13.40
CA ALA B 39 20.21 -20.10 12.61
C ALA B 39 19.91 -19.41 11.28
N MET B 40 18.83 -19.82 10.64
CA MET B 40 18.44 -19.26 9.36
C MET B 40 18.05 -17.78 9.51
N MET B 41 17.32 -17.45 10.57
CA MET B 41 16.92 -16.06 10.78
C MET B 41 18.15 -15.17 10.97
N ASP B 42 19.12 -15.68 11.73
CA ASP B 42 20.33 -14.93 12.01
C ASP B 42 21.06 -14.57 10.73
N GLN B 43 21.21 -15.58 9.86
CA GLN B 43 21.88 -15.36 8.59
C GLN B 43 21.08 -14.40 7.72
N SER B 44 19.76 -14.54 7.73
CA SER B 44 18.91 -13.65 6.95
C SER B 44 19.13 -12.20 7.41
N ARG B 45 19.14 -12.00 8.73
CA ARG B 45 19.35 -10.68 9.30
C ARG B 45 20.69 -10.09 8.83
N MET B 46 21.74 -10.90 8.89
CA MET B 46 23.07 -10.45 8.49
C MET B 46 23.05 -10.04 7.02
N ALA B 47 22.37 -10.84 6.20
CA ALA B 47 22.27 -10.53 4.77
C ALA B 47 21.58 -9.19 4.56
N LEU B 48 20.50 -8.97 5.31
CA LEU B 48 19.75 -7.72 5.21
C LEU B 48 20.59 -6.55 5.72
N ASN B 49 21.30 -6.78 6.81
CA ASN B 49 22.13 -5.75 7.40
C ASN B 49 23.18 -5.26 6.40
N GLU B 50 23.83 -6.19 5.73
CA GLU B 50 24.82 -5.83 4.72
C GLU B 50 24.17 -5.10 3.57
N ALA B 51 23.00 -5.58 3.17
CA ALA B 51 22.25 -4.96 2.08
C ALA B 51 21.83 -3.54 2.48
N HIS B 52 21.32 -3.41 3.70
CA HIS B 52 20.88 -2.11 4.21
C HIS B 52 22.06 -1.13 4.27
N LEU B 53 23.22 -1.64 4.69
CA LEU B 53 24.42 -0.80 4.79
C LEU B 53 24.77 -0.23 3.41
N VAL B 54 24.71 -1.09 2.40
CA VAL B 54 25.03 -0.66 1.04
C VAL B 54 24.01 0.40 0.61
N GLN B 55 22.73 0.16 0.90
CA GLN B 55 21.70 1.13 0.53
C GLN B 55 21.96 2.45 1.25
N THR B 56 22.32 2.39 2.54
CA THR B 56 22.60 3.61 3.30
C THR B 56 23.57 4.50 2.53
N LYS B 57 24.65 3.90 2.04
CA LYS B 57 25.62 4.66 1.25
C LYS B 57 24.97 5.20 -0.01
N LEU B 58 24.12 4.39 -0.61
CA LEU B 58 23.44 4.78 -1.84
C LEU B 58 22.45 5.93 -1.59
N ILE B 59 22.02 6.12 -0.32
CA ILE B 59 21.11 7.23 -0.01
C ILE B 59 21.88 8.48 0.45
N GLU B 60 23.00 8.27 1.16
CA GLU B 60 23.81 9.39 1.64
C GLU B 60 24.42 10.17 0.46
N GLY B 61 24.86 9.43 -0.55
CA GLY B 61 25.49 10.05 -1.72
C GLY B 61 24.59 9.96 -2.95
N ASP B 62 23.28 10.02 -2.73
CA ASP B 62 22.32 9.93 -3.82
C ASP B 62 22.41 11.14 -4.77
N ALA B 63 23.21 12.12 -4.40
CA ALA B 63 23.36 13.32 -5.23
C ALA B 63 24.37 13.07 -6.34
N GLY B 64 24.50 14.03 -7.26
CA GLY B 64 25.44 13.90 -8.37
C GLY B 64 24.78 14.23 -9.71
N GLU B 65 23.73 13.48 -10.05
CA GLU B 65 23.03 13.70 -11.32
C GLU B 65 22.34 15.07 -11.33
N GLY B 66 21.76 15.45 -10.20
CA GLY B 66 21.07 16.73 -10.11
C GLY B 66 20.91 17.16 -8.66
N LYS B 67 20.42 18.38 -8.47
CA LYS B 67 20.23 18.92 -7.13
C LYS B 67 19.13 18.16 -6.38
N MET B 68 17.88 18.54 -6.66
CA MET B 68 16.72 17.93 -6.01
C MET B 68 16.52 16.47 -6.40
N LYS B 69 16.75 16.13 -7.66
CA LYS B 69 16.54 14.76 -8.14
C LYS B 69 17.62 13.80 -7.64
N VAL B 70 17.22 12.52 -7.52
CA VAL B 70 18.11 11.47 -7.05
C VAL B 70 18.02 10.24 -7.98
N SER B 71 18.89 9.26 -7.76
CA SER B 71 18.88 8.05 -8.59
C SER B 71 17.52 7.37 -8.49
N LEU B 72 16.93 7.04 -9.64
CA LEU B 72 15.60 6.45 -9.66
C LEU B 72 15.59 5.04 -9.04
N VAL B 73 16.65 4.30 -9.35
CA VAL B 73 16.80 2.93 -8.88
C VAL B 73 16.83 2.84 -7.34
N LEU B 74 17.12 3.95 -6.69
CA LEU B 74 17.17 3.96 -5.22
C LEU B 74 15.90 3.39 -4.63
N VAL B 75 14.78 3.72 -5.26
CA VAL B 75 13.48 3.26 -4.81
C VAL B 75 13.39 1.74 -5.04
N HIS B 76 13.86 1.21 -6.27
CA HIS B 76 13.81 -0.22 -6.57
C HIS B 76 14.50 -1.02 -5.46
N ALA B 77 15.66 -0.54 -5.03
CA ALA B 77 16.39 -1.21 -3.97
C ALA B 77 15.68 -1.02 -2.63
N GLN B 78 15.19 0.18 -2.39
CA GLN B 78 14.49 0.48 -1.14
C GLN B 78 13.22 -0.36 -1.03
N LEU B 79 12.44 -0.39 -2.12
CA LEU B 79 11.22 -1.18 -2.14
C LEU B 79 11.49 -2.65 -1.82
N HIS B 80 12.48 -3.23 -2.48
CA HIS B 80 12.80 -4.62 -2.24
C HIS B 80 13.36 -4.83 -0.84
N LEU B 81 14.27 -3.95 -0.44
CA LEU B 81 14.88 -4.06 0.89
C LEU B 81 13.85 -3.85 2.00
N MET B 82 13.00 -2.85 1.86
CA MET B 82 11.98 -2.57 2.87
C MET B 82 11.02 -3.75 3.01
N THR B 83 10.59 -4.28 1.87
CA THR B 83 9.67 -5.41 1.87
C THR B 83 10.32 -6.64 2.50
N SER B 84 11.55 -6.94 2.10
CA SER B 84 12.26 -8.09 2.64
C SER B 84 12.50 -7.97 4.14
N MET B 85 12.97 -6.81 4.58
CA MET B 85 13.24 -6.60 6.01
C MET B 85 11.96 -6.76 6.83
N LEU B 86 10.89 -6.14 6.36
CA LEU B 86 9.61 -6.21 7.06
C LEU B 86 9.11 -7.65 7.12
N ALA B 87 9.17 -8.33 5.98
CA ALA B 87 8.72 -9.71 5.90
C ALA B 87 9.49 -10.58 6.88
N ARG B 88 10.79 -10.44 6.86
CA ARG B 88 11.65 -11.22 7.75
C ARG B 88 11.28 -10.97 9.21
N GLU B 89 11.08 -9.70 9.59
CA GLU B 89 10.75 -9.38 10.97
C GLU B 89 9.43 -10.05 11.37
N LEU B 90 8.44 -9.96 10.50
CA LEU B 90 7.14 -10.56 10.78
C LEU B 90 7.28 -12.08 10.84
N ILE B 91 8.06 -12.63 9.92
CA ILE B 91 8.30 -14.07 9.91
C ILE B 91 8.95 -14.49 11.23
N THR B 92 9.86 -13.66 11.73
CA THR B 92 10.50 -13.96 13.02
C THR B 92 9.43 -14.07 14.09
N GLU B 93 8.49 -13.13 14.09
CA GLU B 93 7.40 -13.15 15.06
C GLU B 93 6.58 -14.43 14.88
N LEU B 94 6.30 -14.77 13.62
CA LEU B 94 5.54 -15.99 13.33
C LEU B 94 6.27 -17.21 13.87
N ILE B 95 7.59 -17.26 13.68
CA ILE B 95 8.36 -18.38 14.19
C ILE B 95 8.28 -18.46 15.71
N GLU B 96 8.36 -17.30 16.37
CA GLU B 96 8.25 -17.27 17.83
C GLU B 96 6.90 -17.85 18.25
N LEU B 97 5.86 -17.54 17.49
CA LEU B 97 4.52 -18.05 17.79
C LEU B 97 4.52 -19.58 17.69
N HIS B 98 5.19 -20.10 16.66
CA HIS B 98 5.27 -21.55 16.50
C HIS B 98 5.89 -22.17 17.75
N GLU B 99 6.90 -21.48 18.28
CA GLU B 99 7.55 -21.95 19.50
C GLU B 99 6.58 -21.94 20.66
N LYS B 100 5.77 -20.88 20.77
CA LYS B 100 4.79 -20.80 21.84
C LYS B 100 3.72 -21.88 21.65
N LEU B 101 3.39 -22.19 20.39
CA LEU B 101 2.42 -23.25 20.11
C LEU B 101 2.96 -24.60 20.58
N LYS B 102 4.13 -24.57 21.21
CA LYS B 102 4.77 -25.78 21.72
C LYS B 102 5.49 -26.51 20.59
N ALA B 103 4.71 -26.92 19.58
CA ALA B 103 5.25 -27.67 18.43
C ALA B 103 6.64 -27.19 18.04
N ALA C 1 11.12 19.25 -2.05
CA ALA C 1 11.16 20.74 -1.98
C ALA C 1 10.96 21.17 -0.54
N GLU C 2 11.18 22.45 -0.27
CA GLU C 2 11.04 23.02 1.08
C GLU C 2 10.10 22.22 1.98
N GLU C 3 8.81 22.51 1.89
CA GLU C 3 7.83 21.81 2.71
C GLU C 3 7.73 20.34 2.34
N LEU C 4 7.37 20.07 1.08
CA LEU C 4 7.24 18.68 0.63
C LEU C 4 8.38 17.80 1.16
N GLU C 5 9.60 18.32 1.11
CA GLU C 5 10.76 17.57 1.58
C GLU C 5 10.74 17.43 3.10
N GLU C 6 10.47 18.53 3.78
CA GLU C 6 10.41 18.52 5.24
C GLU C 6 9.19 17.70 5.68
N VAL C 7 8.12 17.78 4.89
CA VAL C 7 6.90 17.04 5.17
C VAL C 7 7.17 15.53 5.06
N VAL C 8 7.92 15.14 4.03
CA VAL C 8 8.27 13.74 3.83
C VAL C 8 9.06 13.24 5.04
N MET C 9 10.02 14.04 5.50
CA MET C 9 10.80 13.67 6.66
C MET C 9 9.87 13.40 7.84
N GLY C 10 8.88 14.29 8.01
CA GLY C 10 7.91 14.13 9.08
C GLY C 10 7.12 12.84 8.88
N LEU C 11 6.71 12.59 7.65
CA LEU C 11 5.94 11.37 7.33
C LEU C 11 6.79 10.14 7.59
N ILE C 12 8.05 10.18 7.18
CA ILE C 12 8.94 9.04 7.37
C ILE C 12 9.11 8.78 8.87
N ILE C 13 9.32 9.87 9.61
CA ILE C 13 9.47 9.76 11.06
C ILE C 13 8.16 9.23 11.66
N ASN C 14 7.05 9.81 11.22
CA ASN C 14 5.73 9.40 11.72
C ASN C 14 5.50 7.92 11.43
N SER C 15 5.79 7.51 10.19
CA SER C 15 5.63 6.11 9.81
C SER C 15 6.52 5.24 10.68
N GLY C 16 7.76 5.70 10.90
CA GLY C 16 8.70 4.95 11.73
C GLY C 16 8.18 4.84 13.16
N GLN C 17 7.67 5.95 13.70
CA GLN C 17 7.13 5.92 15.06
C GLN C 17 5.95 4.97 15.12
N ALA C 18 5.12 5.01 14.08
CA ALA C 18 3.96 4.14 14.02
C ALA C 18 4.38 2.67 14.15
N ARG C 19 5.36 2.27 13.33
CA ARG C 19 5.84 0.91 13.40
C ARG C 19 6.41 0.63 14.79
N SER C 20 7.21 1.57 15.28
CA SER C 20 7.81 1.41 16.60
C SER C 20 6.73 1.13 17.65
N LEU C 21 5.66 1.92 17.61
CA LEU C 21 4.56 1.74 18.54
C LEU C 21 3.92 0.37 18.33
N ALA C 22 3.73 0.00 17.06
CA ALA C 22 3.13 -1.29 16.73
C ALA C 22 3.96 -2.44 17.33
N TYR C 23 5.27 -2.43 17.07
CA TYR C 23 6.14 -3.47 17.64
C TYR C 23 6.05 -3.45 19.16
N ALA C 24 6.03 -2.24 19.72
CA ALA C 24 5.92 -2.11 21.17
C ALA C 24 4.59 -2.72 21.62
N ALA C 25 3.54 -2.47 20.85
CA ALA C 25 2.23 -3.03 21.16
C ALA C 25 2.31 -4.55 21.21
N LEU C 26 3.01 -5.12 20.24
CA LEU C 26 3.19 -6.57 20.18
C LEU C 26 3.95 -7.05 21.42
N LYS C 27 4.99 -6.31 21.77
CA LYS C 27 5.79 -6.66 22.94
C LYS C 27 4.90 -6.72 24.19
N GLN C 28 3.99 -5.77 24.31
CA GLN C 28 3.06 -5.75 25.44
C GLN C 28 2.26 -7.04 25.47
N ALA C 29 1.82 -7.47 24.27
CA ALA C 29 1.05 -8.70 24.16
C ALA C 29 1.85 -9.89 24.67
N LYS C 30 3.13 -9.94 24.30
CA LYS C 30 3.99 -11.02 24.76
C LYS C 30 4.07 -11.06 26.28
N GLN C 31 3.98 -9.88 26.90
CA GLN C 31 4.04 -9.80 28.36
C GLN C 31 2.67 -10.17 28.96
N GLY C 32 1.71 -10.44 28.08
CA GLY C 32 0.36 -10.83 28.53
C GLY C 32 -0.47 -9.60 28.89
N ASP C 33 -0.04 -8.43 28.44
CA ASP C 33 -0.76 -7.18 28.70
C ASP C 33 -1.63 -6.80 27.51
N PHE C 34 -2.80 -7.41 27.42
CA PHE C 34 -3.71 -7.14 26.31
C PHE C 34 -4.22 -5.70 26.34
N ALA C 35 -4.43 -5.17 27.54
CA ALA C 35 -4.94 -3.81 27.68
C ALA C 35 -3.97 -2.79 27.08
N ALA C 36 -2.71 -2.89 27.47
CA ALA C 36 -1.71 -1.96 26.96
C ALA C 36 -1.50 -2.17 25.47
N ALA C 37 -1.55 -3.42 25.02
CA ALA C 37 -1.38 -3.71 23.60
C ALA C 37 -2.48 -3.00 22.81
N LYS C 38 -3.72 -3.21 23.22
CA LYS C 38 -4.87 -2.59 22.57
C LYS C 38 -4.72 -1.07 22.49
N ALA C 39 -4.32 -0.45 23.61
CA ALA C 39 -4.16 1.00 23.65
C ALA C 39 -3.06 1.46 22.68
N MET C 40 -1.96 0.72 22.64
CA MET C 40 -0.85 1.06 21.77
C MET C 40 -1.25 0.92 20.30
N MET C 41 -2.03 -0.11 19.99
CA MET C 41 -2.48 -0.31 18.61
C MET C 41 -3.35 0.85 18.16
N ASP C 42 -4.25 1.28 19.04
CA ASP C 42 -5.17 2.36 18.72
C ASP C 42 -4.41 3.63 18.38
N GLN C 43 -3.42 3.97 19.21
CA GLN C 43 -2.61 5.16 18.97
C GLN C 43 -1.83 5.03 17.67
N SER C 44 -1.30 3.85 17.42
CA SER C 44 -0.55 3.60 16.19
C SER C 44 -1.44 3.87 14.98
N ARG C 45 -2.67 3.32 15.03
CA ARG C 45 -3.64 3.50 13.96
C ARG C 45 -3.93 4.99 13.72
N MET C 46 -4.14 5.72 14.81
CA MET C 46 -4.43 7.15 14.72
C MET C 46 -3.26 7.89 14.08
N ALA C 47 -2.04 7.51 14.47
CA ALA C 47 -0.84 8.14 13.91
C ALA C 47 -0.78 7.91 12.40
N LEU C 48 -1.08 6.68 11.98
CA LEU C 48 -1.07 6.33 10.57
C LEU C 48 -2.17 7.06 9.82
N ASN C 49 -3.34 7.15 10.45
CA ASN C 49 -4.48 7.81 9.84
C ASN C 49 -4.14 9.27 9.52
N GLU C 50 -3.51 9.95 10.47
CA GLU C 50 -3.11 11.33 10.26
C GLU C 50 -2.06 11.41 9.16
N ALA C 51 -1.13 10.47 9.19
CA ALA C 51 -0.07 10.43 8.18
C ALA C 51 -0.67 10.15 6.80
N HIS C 52 -1.58 9.19 6.74
CA HIS C 52 -2.25 8.85 5.48
C HIS C 52 -3.02 10.05 4.94
N LEU C 53 -3.69 10.78 5.83
CA LEU C 53 -4.47 11.95 5.43
C LEU C 53 -3.56 12.98 4.76
N VAL C 54 -2.39 13.20 5.35
CA VAL C 54 -1.45 14.16 4.80
C VAL C 54 -0.99 13.67 3.43
N GLN C 55 -0.69 12.38 3.32
CA GLN C 55 -0.26 11.82 2.04
C GLN C 55 -1.38 11.99 1.00
N THR C 56 -2.62 11.74 1.41
CA THR C 56 -3.76 11.88 0.48
C THR C 56 -3.70 13.25 -0.19
N LYS C 57 -3.50 14.29 0.60
CA LYS C 57 -3.40 15.64 0.05
C LYS C 57 -2.20 15.73 -0.88
N LEU C 58 -1.11 15.09 -0.49
CA LEU C 58 0.10 15.11 -1.29
C LEU C 58 -0.08 14.35 -2.61
N ILE C 59 -1.09 13.47 -2.70
CA ILE C 59 -1.33 12.76 -3.95
C ILE C 59 -2.40 13.48 -4.79
N GLU C 60 -3.38 14.10 -4.14
CA GLU C 60 -4.43 14.83 -4.87
C GLU C 60 -3.85 16.03 -5.60
N GLY C 61 -2.89 16.71 -4.98
CA GLY C 61 -2.28 17.89 -5.57
C GLY C 61 -0.83 17.62 -5.97
N ASP C 62 -0.56 16.41 -6.41
CA ASP C 62 0.79 16.03 -6.80
C ASP C 62 1.22 16.75 -8.06
N ALA C 63 0.31 17.49 -8.68
CA ALA C 63 0.63 18.24 -9.90
C ALA C 63 1.30 19.56 -9.56
N GLY C 64 1.78 20.26 -10.59
CA GLY C 64 2.43 21.56 -10.39
C GLY C 64 3.77 21.63 -11.13
N GLU C 65 4.69 20.71 -10.81
CA GLU C 65 5.99 20.70 -11.45
C GLU C 65 5.87 20.38 -12.94
N GLY C 66 4.99 19.45 -13.27
CA GLY C 66 4.80 19.05 -14.66
C GLY C 66 3.45 18.36 -14.86
N LYS C 67 3.12 18.09 -16.11
CA LYS C 67 1.85 17.44 -16.43
C LYS C 67 1.83 16.00 -15.92
N MET C 68 2.44 15.10 -16.70
CA MET C 68 2.48 13.68 -16.36
C MET C 68 3.31 13.38 -15.12
N LYS C 69 4.45 14.07 -14.97
CA LYS C 69 5.34 13.83 -13.84
C LYS C 69 4.79 14.36 -12.52
N VAL C 70 5.20 13.71 -11.43
CA VAL C 70 4.76 14.07 -10.08
C VAL C 70 5.96 14.16 -9.13
N SER C 71 5.72 14.64 -7.91
CA SER C 71 6.80 14.75 -6.93
C SER C 71 7.42 13.38 -6.68
N LEU C 72 8.74 13.30 -6.77
CA LEU C 72 9.45 12.03 -6.61
C LEU C 72 9.31 11.48 -5.19
N VAL C 73 9.40 12.39 -4.22
CA VAL C 73 9.33 12.04 -2.80
C VAL C 73 8.00 11.37 -2.44
N LEU C 74 6.99 11.56 -3.26
CA LEU C 74 5.68 10.97 -3.00
C LEU C 74 5.80 9.48 -2.74
N VAL C 75 6.68 8.85 -3.51
CA VAL C 75 6.90 7.42 -3.38
C VAL C 75 7.58 7.13 -2.05
N HIS C 76 8.64 7.97 -1.62
CA HIS C 76 9.34 7.76 -0.36
C HIS C 76 8.33 7.72 0.79
N ALA C 77 7.39 8.65 0.79
CA ALA C 77 6.37 8.69 1.82
C ALA C 77 5.42 7.52 1.68
N GLN C 78 5.04 7.21 0.43
CA GLN C 78 4.12 6.12 0.17
C GLN C 78 4.74 4.79 0.59
N LEU C 79 5.99 4.58 0.19
CA LEU C 79 6.71 3.36 0.55
C LEU C 79 6.75 3.17 2.06
N HIS C 80 7.13 4.21 2.79
CA HIS C 80 7.20 4.12 4.24
C HIS C 80 5.81 3.94 4.85
N LEU C 81 4.87 4.73 4.38
CA LEU C 81 3.50 4.67 4.89
C LEU C 81 2.85 3.31 4.59
N MET C 82 3.01 2.84 3.37
CA MET C 82 2.42 1.55 2.98
C MET C 82 3.01 0.42 3.82
N THR C 83 4.32 0.45 3.99
CA THR C 83 5.00 -0.58 4.76
C THR C 83 4.54 -0.55 6.22
N SER C 84 4.53 0.64 6.80
CA SER C 84 4.12 0.80 8.20
C SER C 84 2.67 0.37 8.42
N MET C 85 1.76 0.84 7.56
CA MET C 85 0.35 0.48 7.70
C MET C 85 0.16 -1.04 7.61
N LEU C 86 0.80 -1.65 6.63
CA LEU C 86 0.70 -3.09 6.43
C LEU C 86 1.24 -3.83 7.65
N ALA C 87 2.42 -3.42 8.10
CA ALA C 87 3.05 -4.04 9.25
C ALA C 87 2.13 -3.96 10.47
N ARG C 88 1.61 -2.77 10.71
CA ARG C 88 0.74 -2.55 11.84
C ARG C 88 -0.50 -3.47 11.77
N GLU C 89 -1.11 -3.56 10.59
CA GLU C 89 -2.29 -4.42 10.44
C GLU C 89 -1.95 -5.88 10.74
N LEU C 90 -0.82 -6.35 10.20
CA LEU C 90 -0.40 -7.72 10.44
C LEU C 90 -0.07 -7.92 11.91
N ILE C 91 0.60 -6.95 12.49
CA ILE C 91 0.95 -7.02 13.90
C ILE C 91 -0.33 -7.12 14.73
N THR C 92 -1.36 -6.39 14.32
CA THR C 92 -2.64 -6.46 15.02
C THR C 92 -3.15 -7.89 14.99
N GLU C 93 -3.06 -8.53 13.83
CA GLU C 93 -3.50 -9.92 13.70
C GLU C 93 -2.66 -10.82 14.62
N LEU C 94 -1.36 -10.56 14.63
CA LEU C 94 -0.45 -11.34 15.47
C LEU C 94 -0.84 -11.20 16.94
N ILE C 95 -1.16 -9.98 17.35
CA ILE C 95 -1.57 -9.73 18.73
C ILE C 95 -2.86 -10.51 19.05
N GLU C 96 -3.80 -10.48 18.12
CA GLU C 96 -5.05 -11.21 18.31
C GLU C 96 -4.75 -12.70 18.53
N LEU C 97 -3.78 -13.21 17.77
CA LEU C 97 -3.39 -14.61 17.91
C LEU C 97 -2.85 -14.87 19.32
N HIS C 98 -2.05 -13.94 19.83
CA HIS C 98 -1.52 -14.09 21.18
C HIS C 98 -2.68 -14.22 22.16
N GLU C 99 -3.73 -13.44 21.92
CA GLU C 99 -4.90 -13.49 22.78
C GLU C 99 -5.57 -14.87 22.68
N LYS C 100 -5.65 -15.41 21.46
CA LYS C 100 -6.25 -16.72 21.29
C LYS C 100 -5.38 -17.78 21.95
N LEU C 101 -4.05 -17.58 21.91
CA LEU C 101 -3.12 -18.52 22.55
C LEU C 101 -3.37 -18.53 24.06
N LYS C 102 -4.36 -17.76 24.51
CA LYS C 102 -4.70 -17.67 25.93
C LYS C 102 -3.78 -16.68 26.63
N ALA C 103 -2.48 -16.99 26.61
CA ALA C 103 -1.45 -16.16 27.26
C ALA C 103 -1.80 -14.67 27.21
N LYS D 1 -19.97 26.95 -1.17
CA LYS D 1 -19.08 26.05 -1.96
C LYS D 1 -19.44 24.59 -1.78
N LYS D 2 -19.77 23.94 -2.87
CA LYS D 2 -20.15 22.54 -2.84
C LYS D 2 -18.93 21.62 -2.88
N HIS D 3 -19.02 20.49 -2.19
CA HIS D 3 -17.93 19.52 -2.13
C HIS D 3 -18.12 18.37 -3.08
N ILE D 4 -17.20 18.26 -4.03
CA ILE D 4 -17.22 17.18 -4.99
C ILE D 4 -16.07 16.24 -4.61
N TYR D 5 -16.39 15.03 -4.18
CA TYR D 5 -15.38 14.06 -3.78
C TYR D 5 -15.33 12.90 -4.76
N LEU D 6 -14.13 12.60 -5.26
CA LEU D 6 -13.90 11.48 -6.19
C LEU D 6 -13.25 10.35 -5.40
N PHE D 7 -13.56 9.06 -5.74
CA PHE D 7 -12.86 7.95 -5.10
C PHE D 7 -12.18 7.04 -6.12
N CYS D 8 -11.04 6.39 -5.68
CA CYS D 8 -10.31 5.37 -6.41
C CYS D 8 -9.49 4.52 -5.45
N SER D 9 -8.74 3.52 -5.89
CA SER D 9 -8.10 2.64 -4.90
C SER D 9 -7.13 3.42 -4.04
N ALA D 10 -6.46 4.49 -4.49
CA ALA D 10 -5.53 5.17 -3.61
C ALA D 10 -5.77 6.67 -3.66
N GLY D 11 -6.03 7.18 -4.85
CA GLY D 11 -6.32 8.60 -5.05
C GLY D 11 -5.26 9.29 -5.90
N MET D 12 -4.55 8.55 -6.76
CA MET D 12 -3.52 9.18 -7.58
C MET D 12 -3.97 9.35 -9.04
N SER D 13 -4.06 8.28 -9.74
CA SER D 13 -4.50 8.36 -11.15
C SER D 13 -5.70 9.30 -11.31
N THR D 14 -6.45 9.50 -10.21
CA THR D 14 -7.61 10.37 -10.32
C THR D 14 -7.21 11.78 -9.89
N SER D 15 -6.09 11.83 -9.22
CA SER D 15 -5.48 13.09 -8.76
C SER D 15 -5.20 14.03 -9.93
N LEU D 16 -4.82 13.46 -11.06
CA LEU D 16 -4.55 14.26 -12.24
C LEU D 16 -5.88 14.86 -12.76
N LEU D 17 -6.96 14.07 -12.72
CA LEU D 17 -8.28 14.55 -13.14
C LEU D 17 -8.75 15.68 -12.19
N VAL D 18 -8.54 15.48 -10.88
CA VAL D 18 -8.91 16.50 -9.89
C VAL D 18 -8.18 17.83 -10.15
N SER D 19 -6.89 17.79 -10.47
CA SER D 19 -6.17 19.03 -10.74
C SER D 19 -6.73 19.77 -11.98
N LYS D 20 -7.12 19.03 -13.02
CA LYS D 20 -7.71 19.66 -14.20
C LYS D 20 -9.12 20.20 -13.91
N MET D 21 -9.87 19.50 -13.07
CA MET D 21 -11.22 20.00 -12.73
C MET D 21 -11.08 21.31 -11.94
N ARG D 22 -10.13 21.39 -11.02
CA ARG D 22 -9.91 22.60 -10.21
C ARG D 22 -9.56 23.79 -11.12
N ALA D 23 -8.79 23.54 -12.18
CA ALA D 23 -8.39 24.59 -13.11
C ALA D 23 -9.63 25.14 -13.81
N GLN D 24 -10.50 24.24 -14.24
CA GLN D 24 -11.72 24.61 -14.91
C GLN D 24 -12.67 25.35 -14.00
N ALA D 25 -12.80 24.88 -12.77
CA ALA D 25 -13.69 25.53 -11.80
C ALA D 25 -13.24 26.96 -11.55
N GLU D 26 -11.93 27.20 -11.60
CA GLU D 26 -11.39 28.54 -11.36
C GLU D 26 -11.65 29.43 -12.57
N LYS D 27 -11.43 28.88 -13.76
CA LYS D 27 -11.63 29.59 -14.99
C LYS D 27 -13.07 30.10 -15.12
N TYR D 28 -14.05 29.29 -14.72
CA TYR D 28 -15.48 29.69 -14.80
C TYR D 28 -16.13 30.10 -13.49
N GLU D 29 -15.33 30.35 -12.46
CA GLU D 29 -15.81 30.78 -11.15
C GLU D 29 -16.89 29.89 -10.51
N VAL D 30 -16.76 28.58 -10.66
CA VAL D 30 -17.70 27.63 -10.08
C VAL D 30 -17.27 27.48 -8.62
N PRO D 31 -18.19 27.73 -7.67
CA PRO D 31 -17.91 27.64 -6.23
C PRO D 31 -17.93 26.21 -5.68
N VAL D 32 -16.88 25.46 -6.01
CA VAL D 32 -16.75 24.08 -5.57
C VAL D 32 -15.38 23.76 -5.01
N ILE D 33 -15.35 22.75 -4.14
CA ILE D 33 -14.13 22.22 -3.55
C ILE D 33 -14.09 20.77 -4.09
N ILE D 34 -12.98 20.40 -4.71
CA ILE D 34 -12.79 19.07 -5.32
C ILE D 34 -11.61 18.31 -4.66
N GLU D 35 -11.86 17.09 -4.18
CA GLU D 35 -10.83 16.27 -3.52
C GLU D 35 -10.93 14.82 -4.00
N ALA D 36 -9.78 14.14 -4.09
CA ALA D 36 -9.71 12.73 -4.50
C ALA D 36 -9.34 11.92 -3.25
N PHE D 37 -9.93 10.74 -3.09
CA PHE D 37 -9.64 9.87 -1.95
C PHE D 37 -9.66 8.44 -2.43
N PRO D 38 -9.08 7.53 -1.64
CA PRO D 38 -9.07 6.11 -2.02
C PRO D 38 -10.49 5.61 -1.70
N GLU D 39 -10.91 4.54 -2.35
CA GLU D 39 -12.24 3.96 -2.13
C GLU D 39 -12.51 3.54 -0.69
N THR D 40 -11.46 3.29 0.09
CA THR D 40 -11.63 2.88 1.48
C THR D 40 -12.26 3.95 2.37
N LEU D 41 -12.19 5.21 1.94
CA LEU D 41 -12.77 6.32 2.70
C LEU D 41 -14.15 6.77 2.20
N ALA D 42 -14.74 6.07 1.21
CA ALA D 42 -16.05 6.45 0.63
C ALA D 42 -17.14 6.64 1.68
N GLY D 43 -17.12 5.80 2.71
CA GLY D 43 -18.13 5.91 3.75
C GLY D 43 -17.81 6.98 4.77
N GLU D 44 -16.53 7.16 5.08
CA GLU D 44 -16.15 8.15 6.07
C GLU D 44 -16.16 9.59 5.49
N LYS D 45 -15.52 9.77 4.34
CA LYS D 45 -15.46 11.08 3.70
C LYS D 45 -16.73 11.45 2.92
N GLY D 46 -17.38 10.46 2.32
CA GLY D 46 -18.60 10.70 1.55
C GLY D 46 -19.69 11.43 2.29
N GLN D 47 -19.77 11.23 3.60
CA GLN D 47 -20.79 11.89 4.43
C GLN D 47 -20.74 13.42 4.34
N ASN D 48 -19.59 13.97 3.95
CA ASN D 48 -19.43 15.41 3.87
C ASN D 48 -19.45 15.95 2.45
N ALA D 49 -19.66 15.08 1.48
CA ALA D 49 -19.67 15.54 0.10
C ALA D 49 -21.06 15.97 -0.30
N ASP D 50 -21.11 16.82 -1.31
CA ASP D 50 -22.38 17.25 -1.83
C ASP D 50 -22.73 16.32 -2.99
N VAL D 51 -21.69 15.73 -3.60
CA VAL D 51 -21.88 14.75 -4.67
C VAL D 51 -20.68 13.78 -4.61
N VAL D 52 -20.98 12.49 -4.70
CA VAL D 52 -19.97 11.44 -4.66
C VAL D 52 -19.78 10.85 -6.06
N LEU D 53 -18.55 10.92 -6.57
CA LEU D 53 -18.24 10.38 -7.88
C LEU D 53 -17.30 9.18 -7.73
N LEU D 54 -17.60 8.08 -8.42
CA LEU D 54 -16.75 6.88 -8.36
C LEU D 54 -15.96 6.73 -9.63
N GLY D 55 -14.69 6.35 -9.51
CA GLY D 55 -13.84 6.18 -10.68
C GLY D 55 -14.39 5.02 -11.49
N PRO D 56 -14.13 4.94 -12.76
CA PRO D 56 -14.66 3.84 -13.62
C PRO D 56 -14.24 2.42 -13.18
N GLN D 57 -13.07 2.31 -12.54
CA GLN D 57 -12.57 1.02 -12.08
C GLN D 57 -13.39 0.49 -10.90
N ILE D 58 -14.04 1.38 -10.15
CA ILE D 58 -14.82 0.94 -9.01
C ILE D 58 -16.34 1.02 -9.23
N ALA D 59 -16.75 0.99 -10.49
CA ALA D 59 -18.17 1.04 -10.83
C ALA D 59 -18.94 -0.11 -10.19
N TYR D 60 -18.34 -1.30 -10.13
CA TYR D 60 -19.04 -2.44 -9.55
C TYR D 60 -19.46 -2.21 -8.09
N MET D 61 -18.84 -1.23 -7.44
CA MET D 61 -19.15 -0.89 -6.05
C MET D 61 -20.33 0.08 -5.87
N LEU D 62 -20.89 0.58 -6.97
CA LEU D 62 -21.99 1.54 -6.90
C LEU D 62 -23.13 1.19 -5.93
N PRO D 63 -23.73 -0.02 -6.05
CA PRO D 63 -24.82 -0.37 -5.12
C PRO D 63 -24.43 -0.30 -3.65
N GLU D 64 -23.22 -0.72 -3.30
CA GLU D 64 -22.77 -0.68 -1.91
C GLU D 64 -22.60 0.74 -1.42
N ILE D 65 -22.02 1.59 -2.25
CA ILE D 65 -21.83 2.99 -1.85
C ILE D 65 -23.16 3.74 -1.71
N GLN D 66 -24.12 3.42 -2.59
CA GLN D 66 -25.46 4.00 -2.52
C GLN D 66 -26.13 3.64 -1.18
N ARG D 67 -26.00 2.39 -0.73
CA ARG D 67 -26.60 1.98 0.55
C ARG D 67 -25.89 2.63 1.74
N LEU D 68 -24.60 2.88 1.59
CA LEU D 68 -23.77 3.49 2.64
C LEU D 68 -24.11 4.97 2.82
N LEU D 69 -24.39 5.65 1.70
CA LEU D 69 -24.73 7.09 1.68
C LEU D 69 -26.11 7.27 1.01
N PRO D 70 -27.20 6.87 1.69
CA PRO D 70 -28.55 6.99 1.13
C PRO D 70 -29.03 8.44 0.93
N ASN D 71 -28.35 9.38 1.56
CA ASN D 71 -28.75 10.79 1.44
C ASN D 71 -27.82 11.63 0.57
N LYS D 72 -27.08 10.99 -0.33
CA LYS D 72 -26.14 11.69 -1.21
C LYS D 72 -26.26 11.20 -2.63
N PRO D 73 -26.13 12.10 -3.63
CA PRO D 73 -26.21 11.62 -5.02
C PRO D 73 -24.85 10.97 -5.27
N VAL D 74 -24.87 9.73 -5.75
CA VAL D 74 -23.64 8.96 -6.02
C VAL D 74 -23.64 8.48 -7.46
N GLU D 75 -22.58 8.72 -8.19
CA GLU D 75 -22.53 8.22 -9.55
C GLU D 75 -21.13 7.95 -10.07
N VAL D 76 -21.06 7.12 -11.10
CA VAL D 76 -19.80 6.72 -11.71
C VAL D 76 -19.40 7.72 -12.78
N ILE D 77 -18.11 8.03 -12.84
CA ILE D 77 -17.58 8.96 -13.83
C ILE D 77 -17.54 8.27 -15.17
N ASP D 78 -17.96 8.97 -16.21
CA ASP D 78 -17.94 8.40 -17.55
C ASP D 78 -16.51 7.95 -17.89
N SER D 79 -16.33 6.69 -18.28
CA SER D 79 -14.99 6.17 -18.58
C SER D 79 -14.18 6.90 -19.65
N LEU D 80 -14.87 7.44 -20.65
CA LEU D 80 -14.19 8.17 -21.73
C LEU D 80 -13.73 9.53 -21.23
N LEU D 81 -14.58 10.18 -20.45
CA LEU D 81 -14.26 11.49 -19.90
C LEU D 81 -13.10 11.33 -18.94
N TYR D 82 -13.10 10.21 -18.22
CA TYR D 82 -12.04 9.90 -17.25
C TYR D 82 -10.71 9.58 -17.95
N GLY D 83 -10.75 8.68 -18.92
CA GLY D 83 -9.54 8.32 -19.64
C GLY D 83 -8.87 9.50 -20.31
N LYS D 84 -9.68 10.37 -20.87
CA LYS D 84 -9.22 11.56 -21.59
C LYS D 84 -8.79 12.70 -20.65
N VAL D 85 -9.07 12.52 -19.35
CA VAL D 85 -8.77 13.52 -18.31
C VAL D 85 -9.47 14.86 -18.61
N ASP D 86 -10.76 14.77 -18.94
CA ASP D 86 -11.57 15.95 -19.28
C ASP D 86 -12.09 16.63 -18.03
N GLY D 87 -11.29 17.56 -17.51
CA GLY D 87 -11.64 18.31 -16.31
C GLY D 87 -12.94 19.07 -16.45
N LEU D 88 -13.16 19.73 -17.60
CA LEU D 88 -14.39 20.49 -17.80
C LEU D 88 -15.63 19.58 -17.87
N GLY D 89 -15.50 18.50 -18.64
CA GLY D 89 -16.59 17.56 -18.81
C GLY D 89 -17.07 16.91 -17.53
N VAL D 90 -16.12 16.49 -16.69
CA VAL D 90 -16.48 15.84 -15.42
C VAL D 90 -17.04 16.88 -14.45
N LEU D 91 -16.47 18.08 -14.49
CA LEU D 91 -16.97 19.15 -13.63
C LEU D 91 -18.46 19.39 -14.00
N LYS D 92 -18.76 19.42 -15.30
CA LYS D 92 -20.15 19.61 -15.75
C LYS D 92 -21.09 18.52 -15.24
N ALA D 93 -20.64 17.27 -15.30
CA ALA D 93 -21.47 16.14 -14.85
C ALA D 93 -21.76 16.21 -13.35
N ALA D 94 -20.78 16.72 -12.60
CA ALA D 94 -20.90 16.82 -11.15
C ALA D 94 -21.90 17.90 -10.75
N VAL D 95 -21.80 19.06 -11.40
CA VAL D 95 -22.72 20.17 -11.13
C VAL D 95 -24.13 19.69 -11.49
N ALA D 96 -24.25 18.98 -12.61
CA ALA D 96 -25.54 18.45 -13.04
C ALA D 96 -26.13 17.51 -11.99
N ALA D 97 -25.33 16.57 -11.49
CA ALA D 97 -25.85 15.64 -10.49
C ALA D 97 -26.36 16.40 -9.26
N ILE D 98 -25.70 17.51 -8.93
CA ILE D 98 -26.12 18.32 -7.78
C ILE D 98 -27.46 19.01 -8.03
N LYS D 99 -27.63 19.58 -9.24
CA LYS D 99 -28.87 20.26 -9.62
C LYS D 99 -30.01 19.26 -9.71
N LYS D 100 -29.80 18.19 -10.45
CA LYS D 100 -30.83 17.18 -10.59
C LYS D 100 -31.20 16.60 -9.22
N ALA D 101 -30.34 16.79 -8.23
CA ALA D 101 -30.58 16.28 -6.88
C ALA D 101 -31.37 17.24 -6.00
N ALA D 102 -31.14 18.54 -6.18
CA ALA D 102 -31.83 19.57 -5.43
C ALA D 102 -33.22 19.88 -6.02
N ALA D 103 -33.60 19.13 -7.06
CA ALA D 103 -34.88 19.29 -7.72
C ALA D 103 -35.05 18.26 -8.85
P PO3 E . -4.85 5.47 -7.30
O1 PO3 E . -5.31 4.04 -7.04
O2 PO3 E . -4.82 6.00 -8.71
O3 PO3 E . -4.24 6.28 -6.17
N ALA A 1 0.74 7.29 -18.60
CA ALA A 1 0.24 7.59 -19.96
C ALA A 1 -1.09 6.86 -20.17
N GLU A 2 -1.77 7.18 -21.26
CA GLU A 2 -3.08 6.58 -21.60
C GLU A 2 -3.28 5.20 -20.95
N GLU A 3 -2.80 4.17 -21.63
CA GLU A 3 -2.95 2.80 -21.13
C GLU A 3 -2.16 2.60 -19.84
N LEU A 4 -0.84 2.78 -19.91
CA LEU A 4 0.01 2.60 -18.74
C LEU A 4 -0.63 3.20 -17.48
N GLU A 5 -1.21 4.38 -17.61
CA GLU A 5 -1.84 5.05 -16.47
C GLU A 5 -3.12 4.34 -16.08
N GLU A 6 -3.94 4.01 -17.07
CA GLU A 6 -5.19 3.30 -16.82
C GLU A 6 -4.88 1.88 -16.34
N VAL A 7 -3.80 1.31 -16.88
CA VAL A 7 -3.37 -0.03 -16.50
C VAL A 7 -2.93 -0.05 -15.03
N VAL A 8 -2.20 0.99 -14.63
CA VAL A 8 -1.73 1.10 -13.25
C VAL A 8 -2.95 1.16 -12.33
N MET A 9 -3.95 1.96 -12.70
CA MET A 9 -5.17 2.06 -11.90
C MET A 9 -5.77 0.67 -11.73
N GLY A 10 -5.81 -0.09 -12.82
CA GLY A 10 -6.34 -1.45 -12.77
C GLY A 10 -5.49 -2.31 -11.83
N LEU A 11 -4.17 -2.17 -11.95
CA LEU A 11 -3.26 -2.93 -11.10
C LEU A 11 -3.45 -2.56 -9.64
N ILE A 12 -3.57 -1.27 -9.37
CA ILE A 12 -3.76 -0.80 -8.00
C ILE A 12 -5.06 -1.36 -7.46
N ILE A 13 -6.11 -1.29 -8.26
CA ILE A 13 -7.40 -1.82 -7.85
C ILE A 13 -7.30 -3.33 -7.65
N ASN A 14 -6.65 -4.01 -8.60
CA ASN A 14 -6.47 -5.45 -8.53
C ASN A 14 -5.71 -5.82 -7.26
N SER A 15 -4.61 -5.11 -7.03
CA SER A 15 -3.81 -5.35 -5.83
C SER A 15 -4.65 -5.14 -4.57
N GLY A 16 -5.44 -4.06 -4.60
CA GLY A 16 -6.32 -3.75 -3.47
C GLY A 16 -7.35 -4.86 -3.26
N GLN A 17 -7.95 -5.32 -4.36
CA GLN A 17 -8.94 -6.40 -4.27
C GLN A 17 -8.27 -7.65 -3.72
N ALA A 18 -7.05 -7.92 -4.18
CA ALA A 18 -6.31 -9.09 -3.72
C ALA A 18 -6.15 -9.04 -2.21
N ARG A 19 -5.70 -7.91 -1.69
CA ARG A 19 -5.55 -7.77 -0.25
C ARG A 19 -6.90 -7.95 0.43
N SER A 20 -7.91 -7.28 -0.11
CA SER A 20 -9.25 -7.36 0.44
C SER A 20 -9.68 -8.83 0.57
N LEU A 21 -9.47 -9.59 -0.49
CA LEU A 21 -9.81 -11.01 -0.48
C LEU A 21 -8.97 -11.74 0.58
N ALA A 22 -7.69 -11.40 0.63
CA ALA A 22 -6.79 -12.03 1.60
C ALA A 22 -7.30 -11.80 3.03
N TYR A 23 -7.59 -10.55 3.38
CA TYR A 23 -8.10 -10.25 4.72
C TYR A 23 -9.41 -11.00 4.93
N ALA A 24 -10.25 -11.03 3.90
CA ALA A 24 -11.51 -11.73 3.99
C ALA A 24 -11.24 -13.22 4.25
N ALA A 25 -10.23 -13.75 3.56
CA ALA A 25 -9.84 -15.14 3.75
C ALA A 25 -9.48 -15.38 5.21
N LEU A 26 -8.72 -14.46 5.78
CA LEU A 26 -8.32 -14.57 7.18
C LEU A 26 -9.56 -14.55 8.07
N LYS A 27 -10.48 -13.64 7.77
CA LYS A 27 -11.71 -13.53 8.54
C LYS A 27 -12.45 -14.87 8.56
N GLN A 28 -12.48 -15.54 7.41
CA GLN A 28 -13.15 -16.84 7.31
C GLN A 28 -12.48 -17.81 8.28
N ALA A 29 -11.15 -17.75 8.35
CA ALA A 29 -10.39 -18.62 9.24
C ALA A 29 -10.80 -18.38 10.69
N LYS A 30 -10.95 -17.12 11.05
CA LYS A 30 -11.36 -16.77 12.41
C LYS A 30 -12.72 -17.37 12.73
N GLN A 31 -13.58 -17.50 11.72
CA GLN A 31 -14.89 -18.08 11.93
C GLN A 31 -14.80 -19.60 11.96
N GLY A 32 -13.60 -20.12 11.77
CA GLY A 32 -13.37 -21.56 11.81
C GLY A 32 -13.71 -22.21 10.47
N ASP A 33 -13.83 -21.40 9.43
CA ASP A 33 -14.15 -21.90 8.09
C ASP A 33 -12.88 -22.06 7.26
N PHE A 34 -12.18 -23.18 7.47
CA PHE A 34 -10.93 -23.42 6.73
C PHE A 34 -11.18 -23.60 5.24
N ALA A 35 -12.31 -24.21 4.89
CA ALA A 35 -12.63 -24.46 3.49
C ALA A 35 -12.77 -23.14 2.72
N ALA A 36 -13.56 -22.23 3.26
CA ALA A 36 -13.76 -20.95 2.60
C ALA A 36 -12.46 -20.14 2.60
N ALA A 37 -11.70 -20.23 3.68
CA ALA A 37 -10.43 -19.52 3.75
C ALA A 37 -9.52 -19.99 2.60
N LYS A 38 -9.36 -21.30 2.49
CA LYS A 38 -8.53 -21.90 1.45
C LYS A 38 -8.96 -21.42 0.06
N ALA A 39 -10.26 -21.45 -0.21
CA ALA A 39 -10.77 -21.03 -1.51
C ALA A 39 -10.47 -19.57 -1.79
N MET A 40 -10.61 -18.74 -0.76
CA MET A 40 -10.36 -17.30 -0.90
C MET A 40 -8.88 -17.03 -1.18
N MET A 41 -7.98 -17.76 -0.50
CA MET A 41 -6.55 -17.56 -0.72
C MET A 41 -6.19 -17.92 -2.15
N ASP A 42 -6.77 -19.01 -2.65
CA ASP A 42 -6.47 -19.48 -3.99
C ASP A 42 -6.83 -18.42 -5.02
N GLN A 43 -8.03 -17.87 -4.88
CA GLN A 43 -8.48 -16.82 -5.80
C GLN A 43 -7.61 -15.59 -5.67
N SER A 44 -7.25 -15.24 -4.44
CA SER A 44 -6.40 -14.08 -4.20
C SER A 44 -5.06 -14.28 -4.91
N ARG A 45 -4.49 -15.47 -4.78
CA ARG A 45 -3.22 -15.82 -5.43
C ARG A 45 -3.32 -15.66 -6.95
N MET A 46 -4.40 -16.18 -7.51
CA MET A 46 -4.63 -16.11 -8.95
C MET A 46 -4.72 -14.65 -9.40
N ALA A 47 -5.41 -13.83 -8.62
CA ALA A 47 -5.56 -12.41 -8.94
C ALA A 47 -4.19 -11.74 -9.00
N LEU A 48 -3.35 -12.05 -8.02
CA LEU A 48 -2.00 -11.49 -7.95
C LEU A 48 -1.15 -11.98 -9.12
N ASN A 49 -1.29 -13.26 -9.41
CA ASN A 49 -0.51 -13.87 -10.48
C ASN A 49 -0.77 -13.15 -11.80
N GLU A 50 -2.04 -12.89 -12.07
CA GLU A 50 -2.41 -12.17 -13.29
C GLU A 50 -1.86 -10.75 -13.23
N ALA A 51 -1.97 -10.13 -12.05
CA ALA A 51 -1.47 -8.77 -11.87
C ALA A 51 0.06 -8.75 -12.05
N HIS A 52 0.73 -9.71 -11.44
CA HIS A 52 2.19 -9.81 -11.54
C HIS A 52 2.61 -10.01 -13.00
N LEU A 53 1.86 -10.83 -13.72
CA LEU A 53 2.16 -11.11 -15.12
C LEU A 53 2.11 -9.82 -15.93
N VAL A 54 1.08 -9.02 -15.68
CA VAL A 54 0.94 -7.75 -16.38
C VAL A 54 2.11 -6.84 -16.04
N GLN A 55 2.46 -6.79 -14.76
CA GLN A 55 3.59 -5.96 -14.34
C GLN A 55 4.88 -6.45 -15.01
N THR A 56 5.08 -7.76 -15.08
CA THR A 56 6.28 -8.32 -15.72
C THR A 56 6.46 -7.71 -17.11
N LYS A 57 5.37 -7.66 -17.88
CA LYS A 57 5.43 -7.06 -19.22
C LYS A 57 5.76 -5.59 -19.10
N LEU A 58 5.18 -4.94 -18.10
CA LEU A 58 5.43 -3.52 -17.90
C LEU A 58 6.87 -3.24 -17.48
N ILE A 59 7.58 -4.25 -16.98
CA ILE A 59 8.99 -4.06 -16.60
C ILE A 59 9.93 -4.47 -17.76
N GLU A 60 9.55 -5.49 -18.53
CA GLU A 60 10.37 -5.95 -19.66
C GLU A 60 10.46 -4.88 -20.74
N GLY A 61 9.34 -4.20 -21.01
CA GLY A 61 9.31 -3.17 -22.03
C GLY A 61 9.20 -1.78 -21.42
N ASP A 62 9.80 -1.60 -20.24
CA ASP A 62 9.75 -0.32 -19.54
C ASP A 62 10.49 0.78 -20.32
N ALA A 63 11.17 0.39 -21.40
CA ALA A 63 11.90 1.36 -22.21
C ALA A 63 10.97 2.06 -23.19
N GLY A 64 11.49 3.07 -23.89
CA GLY A 64 10.68 3.81 -24.86
C GLY A 64 10.81 5.32 -24.66
N GLU A 65 10.45 5.80 -23.47
CA GLU A 65 10.53 7.23 -23.19
C GLU A 65 11.97 7.72 -23.18
N GLY A 66 12.86 6.90 -22.64
CA GLY A 66 14.28 7.27 -22.58
C GLY A 66 15.15 6.04 -22.36
N LYS A 67 16.47 6.25 -22.44
CA LYS A 67 17.41 5.15 -22.27
C LYS A 67 17.39 4.63 -20.82
N MET A 68 18.11 5.32 -19.94
CA MET A 68 18.20 4.93 -18.54
C MET A 68 16.88 5.05 -17.79
N LYS A 69 16.13 6.12 -18.08
CA LYS A 69 14.87 6.35 -17.37
C LYS A 69 13.76 5.39 -17.80
N VAL A 70 12.84 5.14 -16.87
CA VAL A 70 11.71 4.23 -17.10
C VAL A 70 10.41 4.88 -16.65
N SER A 71 9.28 4.23 -16.95
CA SER A 71 7.98 4.77 -16.55
C SER A 71 7.94 4.91 -15.03
N LEU A 72 7.54 6.10 -14.57
CA LEU A 72 7.48 6.40 -13.14
C LEU A 72 6.43 5.55 -12.41
N VAL A 73 5.30 5.39 -13.07
CA VAL A 73 4.18 4.62 -12.52
C VAL A 73 4.55 3.16 -12.22
N LEU A 74 5.60 2.68 -12.85
CA LEU A 74 6.03 1.30 -12.64
C LEU A 74 6.18 1.00 -11.16
N VAL A 75 6.59 2.02 -10.42
CA VAL A 75 6.81 1.87 -8.98
C VAL A 75 5.46 1.79 -8.27
N HIS A 76 4.23 2.81 -8.68
CA HIS A 76 2.87 2.82 -8.09
C HIS A 76 2.28 1.42 -8.17
N ALA A 77 2.62 0.71 -9.25
CA ALA A 77 2.15 -0.66 -9.44
C ALA A 77 3.00 -1.65 -8.64
N GLN A 78 4.34 -1.49 -8.72
CA GLN A 78 5.24 -2.41 -8.02
C GLN A 78 5.00 -2.32 -6.51
N LEU A 79 4.96 -1.09 -6.01
CA LEU A 79 4.72 -0.86 -4.59
C LEU A 79 3.44 -1.54 -4.13
N HIS A 80 2.35 -1.32 -4.85
CA HIS A 80 1.08 -1.91 -4.47
C HIS A 80 1.12 -3.44 -4.62
N LEU A 81 1.65 -3.90 -5.74
CA LEU A 81 1.74 -5.34 -5.99
C LEU A 81 2.64 -6.04 -4.98
N MET A 82 3.80 -5.45 -4.70
CA MET A 82 4.74 -6.05 -3.75
C MET A 82 4.11 -6.14 -2.37
N THR A 83 3.46 -5.05 -1.96
CA THR A 83 2.81 -5.00 -0.65
C THR A 83 1.69 -6.04 -0.56
N SER A 84 0.84 -6.07 -1.58
CA SER A 84 -0.29 -7.01 -1.61
C SER A 84 0.20 -8.46 -1.60
N MET A 85 1.16 -8.78 -2.45
CA MET A 85 1.69 -10.14 -2.51
C MET A 85 2.26 -10.57 -1.18
N LEU A 86 3.07 -9.70 -0.59
CA LEU A 86 3.68 -10.00 0.70
C LEU A 86 2.61 -10.19 1.78
N ALA A 87 1.64 -9.28 1.79
CA ALA A 87 0.56 -9.36 2.76
C ALA A 87 -0.15 -10.70 2.67
N ARG A 88 -0.49 -11.10 1.47
CA ARG A 88 -1.18 -12.37 1.27
C ARG A 88 -0.35 -13.55 1.78
N GLU A 89 0.93 -13.57 1.45
CA GLU A 89 1.77 -14.67 1.88
C GLU A 89 1.79 -14.78 3.39
N LEU A 90 1.95 -13.65 4.06
CA LEU A 90 1.96 -13.64 5.51
C LEU A 90 0.58 -14.03 6.05
N ILE A 91 -0.46 -13.51 5.42
CA ILE A 91 -1.82 -13.85 5.84
C ILE A 91 -2.03 -15.35 5.69
N THR A 92 -1.50 -15.92 4.61
CA THR A 92 -1.60 -17.37 4.40
C THR A 92 -0.98 -18.10 5.59
N GLU A 93 0.20 -17.64 6.01
CA GLU A 93 0.88 -18.23 7.16
C GLU A 93 0.02 -18.08 8.40
N LEU A 94 -0.57 -16.89 8.56
CA LEU A 94 -1.43 -16.62 9.72
C LEU A 94 -2.62 -17.59 9.71
N ILE A 95 -3.20 -17.80 8.55
CA ILE A 95 -4.34 -18.73 8.44
C ILE A 95 -3.90 -20.14 8.83
N GLU A 96 -2.72 -20.56 8.36
CA GLU A 96 -2.22 -21.88 8.71
C GLU A 96 -2.08 -22.00 10.22
N LEU A 97 -1.64 -20.91 10.87
CA LEU A 97 -1.51 -20.92 12.32
C LEU A 97 -2.88 -21.12 12.98
N HIS A 98 -3.89 -20.46 12.44
CA HIS A 98 -5.25 -20.62 12.98
C HIS A 98 -5.63 -22.08 12.92
N GLU A 99 -5.25 -22.75 11.84
CA GLU A 99 -5.55 -24.17 11.68
C GLU A 99 -4.81 -24.98 12.74
N LYS A 100 -3.56 -24.62 13.01
CA LYS A 100 -2.79 -25.32 14.02
C LYS A 100 -3.39 -25.06 15.41
N LEU A 101 -3.92 -23.84 15.61
CA LEU A 101 -4.56 -23.49 16.88
C LEU A 101 -5.80 -24.37 17.09
N LYS A 102 -6.02 -25.30 16.15
CA LYS A 102 -7.18 -26.20 16.21
C LYS A 102 -8.43 -25.52 15.71
N ALA A 103 -8.82 -24.42 16.39
CA ALA A 103 -10.03 -23.67 16.04
C ALA A 103 -10.30 -23.65 14.53
N ALA B 1 22.66 3.11 -13.51
CA ALA B 1 23.97 3.34 -14.19
C ALA B 1 24.86 2.13 -13.94
N GLU B 2 26.00 2.08 -14.64
CA GLU B 2 26.95 0.97 -14.53
C GLU B 2 26.86 0.24 -13.18
N GLU B 3 27.57 0.74 -12.19
CA GLU B 3 27.58 0.13 -10.87
C GLU B 3 26.22 0.21 -10.20
N LEU B 4 25.72 1.44 -10.02
CA LEU B 4 24.42 1.61 -9.38
C LEU B 4 23.38 0.61 -9.91
N GLU B 5 23.37 0.41 -11.22
CA GLU B 5 22.42 -0.52 -11.83
C GLU B 5 22.76 -1.95 -11.47
N GLU B 6 24.03 -2.30 -11.57
CA GLU B 6 24.50 -3.63 -11.23
C GLU B 6 24.38 -3.85 -9.73
N VAL B 7 24.60 -2.79 -8.97
CA VAL B 7 24.51 -2.85 -7.52
C VAL B 7 23.05 -3.11 -7.10
N VAL B 8 22.12 -2.44 -7.77
CA VAL B 8 20.69 -2.63 -7.49
C VAL B 8 20.33 -4.08 -7.74
N MET B 9 20.80 -4.63 -8.86
CA MET B 9 20.52 -6.03 -9.18
C MET B 9 21.01 -6.91 -8.03
N GLY B 10 22.21 -6.62 -7.53
CA GLY B 10 22.75 -7.37 -6.41
C GLY B 10 21.86 -7.21 -5.19
N LEU B 11 21.44 -5.98 -4.93
CA LEU B 11 20.56 -5.70 -3.79
C LEU B 11 19.24 -6.44 -3.93
N ILE B 12 18.67 -6.41 -5.13
CA ILE B 12 17.40 -7.09 -5.38
C ILE B 12 17.57 -8.58 -5.14
N ILE B 13 18.66 -9.12 -5.68
CA ILE B 13 18.94 -10.54 -5.50
C ILE B 13 19.17 -10.83 -4.02
N ASN B 14 19.95 -9.98 -3.36
CA ASN B 14 20.24 -10.16 -1.94
C ASN B 14 18.94 -10.10 -1.13
N SER B 15 18.11 -9.11 -1.42
CA SER B 15 16.83 -8.99 -0.74
C SER B 15 15.98 -10.23 -0.97
N GLY B 16 15.99 -10.71 -2.22
CA GLY B 16 15.23 -11.91 -2.57
C GLY B 16 15.76 -13.12 -1.81
N GLN B 17 17.08 -13.25 -1.75
CA GLN B 17 17.68 -14.37 -1.03
C GLN B 17 17.31 -14.28 0.45
N ALA B 18 17.35 -13.06 0.98
CA ALA B 18 17.00 -12.84 2.37
C ALA B 18 15.60 -13.36 2.66
N ARG B 19 14.64 -12.97 1.84
CA ARG B 19 13.27 -13.44 2.02
C ARG B 19 13.24 -14.96 1.90
N SER B 20 13.90 -15.47 0.86
CA SER B 20 13.94 -16.91 0.64
C SER B 20 14.41 -17.63 1.89
N LEU B 21 15.50 -17.13 2.48
CA LEU B 21 16.04 -17.73 3.71
C LEU B 21 15.01 -17.60 4.83
N ALA B 22 14.37 -16.44 4.93
CA ALA B 22 13.37 -16.20 5.97
C ALA B 22 12.24 -17.23 5.85
N TYR B 23 11.67 -17.38 4.65
CA TYR B 23 10.60 -18.36 4.46
C TYR B 23 11.12 -19.75 4.79
N ALA B 24 12.36 -20.04 4.38
CA ALA B 24 12.95 -21.33 4.67
C ALA B 24 13.06 -21.49 6.19
N ALA B 25 13.43 -20.41 6.87
CA ALA B 25 13.53 -20.43 8.33
C ALA B 25 12.18 -20.80 8.92
N LEU B 26 11.12 -20.21 8.39
CA LEU B 26 9.78 -20.50 8.86
C LEU B 26 9.45 -21.97 8.62
N LYS B 27 9.80 -22.46 7.44
CA LYS B 27 9.55 -23.86 7.11
C LYS B 27 10.21 -24.78 8.14
N GLN B 28 11.43 -24.43 8.54
CA GLN B 28 12.13 -25.23 9.56
C GLN B 28 11.31 -25.26 10.84
N ALA B 29 10.74 -24.11 11.19
CA ALA B 29 9.91 -24.02 12.40
C ALA B 29 8.73 -24.97 12.31
N LYS B 30 8.09 -25.01 11.14
CA LYS B 30 6.95 -25.90 10.94
C LYS B 30 7.36 -27.35 11.16
N GLN B 31 8.62 -27.67 10.83
CA GLN B 31 9.10 -29.04 11.01
C GLN B 31 9.46 -29.28 12.48
N GLY B 32 9.32 -28.24 13.29
CA GLY B 32 9.63 -28.35 14.72
C GLY B 32 11.13 -28.18 14.99
N ASP B 33 11.86 -27.66 14.00
CA ASP B 33 13.29 -27.46 14.14
C ASP B 33 13.60 -26.02 14.53
N PHE B 34 13.47 -25.71 15.81
CA PHE B 34 13.73 -24.34 16.29
C PHE B 34 15.18 -23.94 16.10
N ALA B 35 16.09 -24.90 16.27
CA ALA B 35 17.52 -24.60 16.15
C ALA B 35 17.86 -24.12 14.74
N ALA B 36 17.43 -24.87 13.74
CA ALA B 36 17.71 -24.50 12.36
C ALA B 36 16.98 -23.20 12.01
N ALA B 37 15.77 -23.03 12.51
CA ALA B 37 15.03 -21.80 12.24
C ALA B 37 15.82 -20.61 12.74
N LYS B 38 16.23 -20.68 14.02
CA LYS B 38 17.01 -19.60 14.63
C LYS B 38 18.27 -19.27 13.81
N ALA B 39 18.99 -20.29 13.40
CA ALA B 39 20.21 -20.10 12.61
C ALA B 39 19.91 -19.41 11.28
N MET B 40 18.83 -19.82 10.64
CA MET B 40 18.44 -19.26 9.36
C MET B 40 18.05 -17.78 9.51
N MET B 41 17.32 -17.45 10.57
CA MET B 41 16.92 -16.06 10.78
C MET B 41 18.15 -15.17 10.97
N ASP B 42 19.12 -15.68 11.73
CA ASP B 42 20.33 -14.93 12.01
C ASP B 42 21.06 -14.57 10.73
N GLN B 43 21.21 -15.58 9.86
CA GLN B 43 21.88 -15.36 8.59
C GLN B 43 21.08 -14.40 7.72
N SER B 44 19.76 -14.54 7.73
CA SER B 44 18.91 -13.65 6.95
C SER B 44 19.13 -12.20 7.41
N ARG B 45 19.14 -12.00 8.73
CA ARG B 45 19.35 -10.68 9.30
C ARG B 45 20.69 -10.09 8.83
N MET B 46 21.74 -10.90 8.89
CA MET B 46 23.07 -10.45 8.49
C MET B 46 23.05 -10.04 7.02
N ALA B 47 22.37 -10.84 6.20
CA ALA B 47 22.27 -10.53 4.77
C ALA B 47 21.58 -9.19 4.56
N LEU B 48 20.50 -8.97 5.31
CA LEU B 48 19.75 -7.72 5.21
C LEU B 48 20.59 -6.55 5.72
N ASN B 49 21.30 -6.78 6.81
CA ASN B 49 22.13 -5.75 7.40
C ASN B 49 23.18 -5.26 6.40
N GLU B 50 23.83 -6.19 5.73
CA GLU B 50 24.82 -5.83 4.72
C GLU B 50 24.17 -5.10 3.57
N ALA B 51 23.00 -5.58 3.17
CA ALA B 51 22.25 -4.96 2.08
C ALA B 51 21.83 -3.54 2.48
N HIS B 52 21.32 -3.41 3.70
CA HIS B 52 20.88 -2.11 4.21
C HIS B 52 22.06 -1.13 4.27
N LEU B 53 23.22 -1.64 4.69
CA LEU B 53 24.42 -0.80 4.79
C LEU B 53 24.77 -0.23 3.41
N VAL B 54 24.71 -1.09 2.40
CA VAL B 54 25.03 -0.66 1.04
C VAL B 54 24.01 0.40 0.61
N GLN B 55 22.73 0.16 0.90
CA GLN B 55 21.70 1.13 0.53
C GLN B 55 21.96 2.45 1.25
N THR B 56 22.32 2.39 2.54
CA THR B 56 22.60 3.61 3.30
C THR B 56 23.57 4.50 2.53
N LYS B 57 24.65 3.90 2.04
CA LYS B 57 25.62 4.66 1.25
C LYS B 57 24.97 5.20 -0.01
N LEU B 58 24.12 4.39 -0.61
CA LEU B 58 23.44 4.78 -1.84
C LEU B 58 22.45 5.93 -1.59
N ILE B 59 22.02 6.12 -0.32
CA ILE B 59 21.11 7.23 -0.01
C ILE B 59 21.88 8.48 0.45
N GLU B 60 23.00 8.27 1.16
CA GLU B 60 23.81 9.39 1.64
C GLU B 60 24.42 10.17 0.46
N GLY B 61 24.86 9.43 -0.55
CA GLY B 61 25.49 10.05 -1.72
C GLY B 61 24.59 9.96 -2.95
N ASP B 62 23.28 10.02 -2.73
CA ASP B 62 22.32 9.93 -3.82
C ASP B 62 22.41 11.14 -4.77
N ALA B 63 23.21 12.12 -4.40
CA ALA B 63 23.36 13.32 -5.23
C ALA B 63 24.37 13.07 -6.34
N GLY B 64 24.50 14.03 -7.26
CA GLY B 64 25.44 13.90 -8.37
C GLY B 64 24.78 14.23 -9.71
N GLU B 65 23.73 13.48 -10.05
CA GLU B 65 23.03 13.70 -11.32
C GLU B 65 22.34 15.07 -11.33
N GLY B 66 21.76 15.45 -10.20
CA GLY B 66 21.07 16.73 -10.11
C GLY B 66 20.91 17.16 -8.66
N LYS B 67 20.42 18.38 -8.47
CA LYS B 67 20.23 18.92 -7.13
C LYS B 67 19.13 18.16 -6.38
N MET B 68 17.88 18.54 -6.66
CA MET B 68 16.72 17.93 -6.01
C MET B 68 16.52 16.47 -6.40
N LYS B 69 16.75 16.13 -7.66
CA LYS B 69 16.54 14.76 -8.14
C LYS B 69 17.62 13.80 -7.64
N VAL B 70 17.22 12.52 -7.52
CA VAL B 70 18.11 11.47 -7.05
C VAL B 70 18.02 10.24 -7.98
N SER B 71 18.89 9.26 -7.76
CA SER B 71 18.88 8.05 -8.59
C SER B 71 17.52 7.37 -8.49
N LEU B 72 16.93 7.04 -9.64
CA LEU B 72 15.60 6.45 -9.66
C LEU B 72 15.59 5.04 -9.04
N VAL B 73 16.65 4.30 -9.35
CA VAL B 73 16.80 2.93 -8.88
C VAL B 73 16.83 2.84 -7.34
N LEU B 74 17.12 3.95 -6.69
CA LEU B 74 17.18 3.96 -5.22
C LEU B 74 15.91 3.40 -4.63
N VAL B 75 14.79 3.74 -5.25
CA VAL B 75 13.49 3.29 -4.81
C VAL B 75 13.39 1.77 -5.02
N HIS B 76 13.85 1.22 -6.24
CA HIS B 76 13.80 -0.21 -6.52
C HIS B 76 14.50 -1.00 -5.41
N ALA B 77 15.67 -0.53 -5.01
CA ALA B 77 16.42 -1.18 -3.94
C ALA B 77 15.70 -1.00 -2.61
N GLN B 78 15.18 0.20 -2.38
CA GLN B 78 14.49 0.50 -1.13
C GLN B 78 13.22 -0.36 -1.03
N LEU B 79 12.44 -0.39 -2.12
CA LEU B 79 11.22 -1.18 -2.14
C LEU B 79 11.49 -2.65 -1.82
N HIS B 80 12.48 -3.23 -2.48
CA HIS B 80 12.80 -4.62 -2.24
C HIS B 80 13.36 -4.83 -0.84
N LEU B 81 14.27 -3.95 -0.44
CA LEU B 81 14.88 -4.06 0.89
C LEU B 81 13.85 -3.85 2.00
N MET B 82 13.00 -2.85 1.86
CA MET B 82 11.98 -2.57 2.87
C MET B 82 11.02 -3.75 3.01
N THR B 83 10.59 -4.28 1.87
CA THR B 83 9.67 -5.41 1.87
C THR B 83 10.32 -6.64 2.50
N SER B 84 11.55 -6.94 2.10
CA SER B 84 12.26 -8.09 2.64
C SER B 84 12.50 -7.97 4.14
N MET B 85 12.97 -6.81 4.58
CA MET B 85 13.24 -6.60 6.01
C MET B 85 11.96 -6.76 6.83
N LEU B 86 10.89 -6.14 6.36
CA LEU B 86 9.61 -6.21 7.06
C LEU B 86 9.11 -7.65 7.12
N ALA B 87 9.17 -8.33 5.98
CA ALA B 87 8.72 -9.71 5.90
C ALA B 87 9.49 -10.58 6.88
N ARG B 88 10.79 -10.44 6.86
CA ARG B 88 11.65 -11.22 7.75
C ARG B 88 11.28 -10.97 9.21
N GLU B 89 11.08 -9.70 9.59
CA GLU B 89 10.75 -9.38 10.97
C GLU B 89 9.43 -10.05 11.37
N LEU B 90 8.44 -9.96 10.50
CA LEU B 90 7.14 -10.56 10.78
C LEU B 90 7.28 -12.08 10.84
N ILE B 91 8.06 -12.63 9.92
CA ILE B 91 8.30 -14.07 9.91
C ILE B 91 8.95 -14.49 11.23
N THR B 92 9.86 -13.66 11.73
CA THR B 92 10.50 -13.96 13.02
C THR B 92 9.43 -14.07 14.09
N GLU B 93 8.49 -13.13 14.09
CA GLU B 93 7.40 -13.15 15.06
C GLU B 93 6.58 -14.43 14.88
N LEU B 94 6.30 -14.77 13.62
CA LEU B 94 5.54 -15.99 13.33
C LEU B 94 6.27 -17.21 13.87
N ILE B 95 7.59 -17.26 13.68
CA ILE B 95 8.36 -18.38 14.19
C ILE B 95 8.28 -18.46 15.71
N GLU B 96 8.36 -17.30 16.37
CA GLU B 96 8.25 -17.27 17.83
C GLU B 96 6.90 -17.85 18.25
N LEU B 97 5.86 -17.54 17.49
CA LEU B 97 4.52 -18.05 17.79
C LEU B 97 4.52 -19.58 17.69
N HIS B 98 5.19 -20.10 16.66
CA HIS B 98 5.27 -21.55 16.50
C HIS B 98 5.89 -22.17 17.75
N GLU B 99 6.90 -21.48 18.28
CA GLU B 99 7.55 -21.95 19.50
C GLU B 99 6.58 -21.94 20.66
N LYS B 100 5.77 -20.88 20.77
CA LYS B 100 4.79 -20.80 21.84
C LYS B 100 3.72 -21.88 21.65
N LEU B 101 3.39 -22.19 20.39
CA LEU B 101 2.42 -23.25 20.11
C LEU B 101 2.96 -24.60 20.58
N LYS B 102 4.13 -24.57 21.21
CA LYS B 102 4.77 -25.78 21.72
C LYS B 102 5.49 -26.51 20.59
N ALA B 103 4.71 -26.92 19.58
CA ALA B 103 5.25 -27.67 18.43
C ALA B 103 6.64 -27.19 18.04
N ALA C 1 11.12 19.25 -2.05
CA ALA C 1 11.16 20.74 -1.98
C ALA C 1 10.96 21.17 -0.54
N GLU C 2 11.18 22.45 -0.27
CA GLU C 2 11.04 23.02 1.08
C GLU C 2 10.10 22.22 1.98
N GLU C 3 8.81 22.51 1.89
CA GLU C 3 7.83 21.81 2.71
C GLU C 3 7.73 20.34 2.34
N LEU C 4 7.37 20.07 1.08
CA LEU C 4 7.24 18.68 0.63
C LEU C 4 8.38 17.80 1.16
N GLU C 5 9.60 18.32 1.11
CA GLU C 5 10.76 17.57 1.58
C GLU C 5 10.74 17.43 3.10
N GLU C 6 10.47 18.53 3.78
CA GLU C 6 10.41 18.52 5.24
C GLU C 6 9.19 17.70 5.68
N VAL C 7 8.12 17.78 4.89
CA VAL C 7 6.90 17.04 5.17
C VAL C 7 7.17 15.53 5.06
N VAL C 8 7.92 15.14 4.03
CA VAL C 8 8.27 13.74 3.83
C VAL C 8 9.06 13.24 5.04
N MET C 9 10.02 14.04 5.50
CA MET C 9 10.80 13.67 6.66
C MET C 9 9.87 13.40 7.84
N GLY C 10 8.88 14.29 8.01
CA GLY C 10 7.91 14.13 9.08
C GLY C 10 7.12 12.84 8.88
N LEU C 11 6.71 12.59 7.65
CA LEU C 11 5.94 11.37 7.33
C LEU C 11 6.79 10.14 7.59
N ILE C 12 8.05 10.18 7.18
CA ILE C 12 8.94 9.04 7.37
C ILE C 12 9.11 8.78 8.87
N ILE C 13 9.32 9.87 9.61
CA ILE C 13 9.47 9.76 11.06
C ILE C 13 8.16 9.23 11.66
N ASN C 14 7.05 9.81 11.22
CA ASN C 14 5.73 9.40 11.72
C ASN C 14 5.50 7.92 11.43
N SER C 15 5.79 7.51 10.19
CA SER C 15 5.63 6.11 9.81
C SER C 15 6.52 5.24 10.68
N GLY C 16 7.76 5.70 10.90
CA GLY C 16 8.70 4.95 11.73
C GLY C 16 8.18 4.84 13.16
N GLN C 17 7.67 5.95 13.70
CA GLN C 17 7.13 5.92 15.06
C GLN C 17 5.95 4.97 15.12
N ALA C 18 5.12 5.01 14.08
CA ALA C 18 3.96 4.14 14.02
C ALA C 18 4.38 2.67 14.15
N ARG C 19 5.36 2.27 13.33
CA ARG C 19 5.84 0.91 13.40
C ARG C 19 6.41 0.63 14.79
N SER C 20 7.21 1.57 15.28
CA SER C 20 7.81 1.41 16.60
C SER C 20 6.73 1.13 17.65
N LEU C 21 5.66 1.92 17.61
CA LEU C 21 4.56 1.74 18.54
C LEU C 21 3.92 0.37 18.33
N ALA C 22 3.73 0.00 17.06
CA ALA C 22 3.13 -1.29 16.73
C ALA C 22 3.96 -2.44 17.33
N TYR C 23 5.27 -2.43 17.07
CA TYR C 23 6.14 -3.47 17.64
C TYR C 23 6.05 -3.45 19.16
N ALA C 24 6.03 -2.24 19.72
CA ALA C 24 5.92 -2.11 21.17
C ALA C 24 4.59 -2.72 21.62
N ALA C 25 3.54 -2.47 20.85
CA ALA C 25 2.23 -3.03 21.16
C ALA C 25 2.31 -4.55 21.21
N LEU C 26 3.01 -5.12 20.24
CA LEU C 26 3.19 -6.57 20.18
C LEU C 26 3.95 -7.05 21.42
N LYS C 27 4.99 -6.31 21.77
CA LYS C 27 5.79 -6.66 22.94
C LYS C 27 4.90 -6.72 24.19
N GLN C 28 3.99 -5.77 24.31
CA GLN C 28 3.06 -5.75 25.44
C GLN C 28 2.26 -7.04 25.47
N ALA C 29 1.82 -7.47 24.27
CA ALA C 29 1.05 -8.70 24.16
C ALA C 29 1.85 -9.89 24.67
N LYS C 30 3.13 -9.94 24.30
CA LYS C 30 3.99 -11.02 24.76
C LYS C 30 4.07 -11.06 26.28
N GLN C 31 3.98 -9.88 26.90
CA GLN C 31 4.04 -9.80 28.36
C GLN C 31 2.67 -10.17 28.96
N GLY C 32 1.71 -10.44 28.08
CA GLY C 32 0.36 -10.83 28.53
C GLY C 32 -0.47 -9.60 28.89
N ASP C 33 -0.04 -8.43 28.44
CA ASP C 33 -0.76 -7.18 28.70
C ASP C 33 -1.63 -6.80 27.51
N PHE C 34 -2.80 -7.41 27.42
CA PHE C 34 -3.71 -7.14 26.31
C PHE C 34 -4.22 -5.70 26.34
N ALA C 35 -4.43 -5.17 27.54
CA ALA C 35 -4.94 -3.81 27.68
C ALA C 35 -3.97 -2.79 27.08
N ALA C 36 -2.71 -2.89 27.47
CA ALA C 36 -1.71 -1.96 26.96
C ALA C 36 -1.50 -2.17 25.47
N ALA C 37 -1.55 -3.42 25.02
CA ALA C 37 -1.38 -3.71 23.60
C ALA C 37 -2.48 -3.00 22.81
N LYS C 38 -3.72 -3.21 23.22
CA LYS C 38 -4.87 -2.59 22.57
C LYS C 38 -4.72 -1.07 22.49
N ALA C 39 -4.32 -0.45 23.61
CA ALA C 39 -4.16 1.00 23.65
C ALA C 39 -3.06 1.46 22.68
N MET C 40 -1.96 0.72 22.64
CA MET C 40 -0.85 1.06 21.77
C MET C 40 -1.25 0.92 20.30
N MET C 41 -2.03 -0.11 19.99
CA MET C 41 -2.48 -0.31 18.61
C MET C 41 -3.35 0.85 18.16
N ASP C 42 -4.25 1.28 19.04
CA ASP C 42 -5.17 2.36 18.72
C ASP C 42 -4.41 3.63 18.38
N GLN C 43 -3.42 3.97 19.21
CA GLN C 43 -2.61 5.16 18.97
C GLN C 43 -1.83 5.03 17.67
N SER C 44 -1.30 3.85 17.42
CA SER C 44 -0.55 3.60 16.19
C SER C 44 -1.44 3.87 14.98
N ARG C 45 -2.67 3.32 15.03
CA ARG C 45 -3.64 3.50 13.96
C ARG C 45 -3.93 4.99 13.72
N MET C 46 -4.14 5.72 14.81
CA MET C 46 -4.43 7.15 14.72
C MET C 46 -3.26 7.89 14.08
N ALA C 47 -2.04 7.51 14.47
CA ALA C 47 -0.84 8.14 13.91
C ALA C 47 -0.78 7.91 12.40
N LEU C 48 -1.08 6.68 11.98
CA LEU C 48 -1.07 6.33 10.57
C LEU C 48 -2.17 7.06 9.82
N ASN C 49 -3.34 7.15 10.45
CA ASN C 49 -4.48 7.81 9.84
C ASN C 49 -4.14 9.27 9.52
N GLU C 50 -3.51 9.95 10.47
CA GLU C 50 -3.11 11.33 10.26
C GLU C 50 -2.06 11.41 9.16
N ALA C 51 -1.13 10.47 9.19
CA ALA C 51 -0.07 10.43 8.18
C ALA C 51 -0.67 10.15 6.80
N HIS C 52 -1.58 9.19 6.74
CA HIS C 52 -2.25 8.85 5.48
C HIS C 52 -3.02 10.05 4.94
N LEU C 53 -3.69 10.78 5.83
CA LEU C 53 -4.47 11.95 5.43
C LEU C 53 -3.56 12.98 4.76
N VAL C 54 -2.39 13.20 5.35
CA VAL C 54 -1.45 14.16 4.80
C VAL C 54 -0.99 13.67 3.43
N GLN C 55 -0.69 12.38 3.32
CA GLN C 55 -0.26 11.82 2.04
C GLN C 55 -1.38 11.99 1.00
N THR C 56 -2.62 11.74 1.41
CA THR C 56 -3.76 11.88 0.48
C THR C 56 -3.70 13.25 -0.19
N LYS C 57 -3.50 14.29 0.60
CA LYS C 57 -3.40 15.64 0.05
C LYS C 57 -2.20 15.73 -0.88
N LEU C 58 -1.11 15.09 -0.49
CA LEU C 58 0.10 15.11 -1.29
C LEU C 58 -0.08 14.35 -2.61
N ILE C 59 -1.09 13.47 -2.70
CA ILE C 59 -1.33 12.76 -3.95
C ILE C 59 -2.40 13.48 -4.79
N GLU C 60 -3.38 14.10 -4.14
CA GLU C 60 -4.43 14.83 -4.87
C GLU C 60 -3.85 16.03 -5.60
N GLY C 61 -2.89 16.71 -4.98
CA GLY C 61 -2.28 17.89 -5.57
C GLY C 61 -0.83 17.62 -5.97
N ASP C 62 -0.56 16.41 -6.41
CA ASP C 62 0.79 16.03 -6.80
C ASP C 62 1.22 16.75 -8.06
N ALA C 63 0.31 17.49 -8.68
CA ALA C 63 0.63 18.24 -9.90
C ALA C 63 1.30 19.56 -9.56
N GLY C 64 1.78 20.26 -10.59
CA GLY C 64 2.43 21.56 -10.39
C GLY C 64 3.77 21.63 -11.13
N GLU C 65 4.69 20.71 -10.81
CA GLU C 65 5.99 20.70 -11.45
C GLU C 65 5.87 20.38 -12.94
N GLY C 66 4.99 19.45 -13.27
CA GLY C 66 4.80 19.05 -14.66
C GLY C 66 3.45 18.36 -14.86
N LYS C 67 3.12 18.09 -16.11
CA LYS C 67 1.85 17.44 -16.43
C LYS C 67 1.83 16.00 -15.92
N MET C 68 2.44 15.10 -16.70
CA MET C 68 2.48 13.68 -16.36
C MET C 68 3.31 13.38 -15.12
N LYS C 69 4.45 14.07 -14.97
CA LYS C 69 5.34 13.83 -13.84
C LYS C 69 4.79 14.36 -12.52
N VAL C 70 5.20 13.71 -11.43
CA VAL C 70 4.76 14.07 -10.08
C VAL C 70 5.96 14.16 -9.13
N SER C 71 5.72 14.64 -7.91
CA SER C 71 6.80 14.75 -6.93
C SER C 71 7.42 13.38 -6.68
N LEU C 72 8.74 13.30 -6.77
CA LEU C 72 9.45 12.03 -6.61
C LEU C 72 9.31 11.48 -5.19
N VAL C 73 9.40 12.39 -4.22
CA VAL C 73 9.33 12.04 -2.80
C VAL C 73 8.00 11.37 -2.44
N LEU C 74 6.99 11.57 -3.26
CA LEU C 74 5.67 10.97 -2.99
C LEU C 74 5.80 9.48 -2.75
N VAL C 75 6.67 8.86 -3.52
CA VAL C 75 6.89 7.43 -3.41
C VAL C 75 7.57 7.14 -2.06
N HIS C 76 8.62 7.96 -1.63
CA HIS C 76 9.30 7.75 -0.36
C HIS C 76 8.29 7.72 0.80
N ALA C 77 7.36 8.66 0.78
CA ALA C 77 6.34 8.70 1.81
C ALA C 77 5.38 7.53 1.66
N GLN C 78 5.02 7.21 0.42
CA GLN C 78 4.11 6.11 0.16
C GLN C 78 4.74 4.78 0.58
N LEU C 79 5.99 4.58 0.19
CA LEU C 79 6.71 3.36 0.55
C LEU C 79 6.75 3.17 2.06
N HIS C 80 7.13 4.21 2.79
CA HIS C 80 7.20 4.12 4.24
C HIS C 80 5.81 3.94 4.85
N LEU C 81 4.87 4.73 4.38
CA LEU C 81 3.50 4.67 4.89
C LEU C 81 2.85 3.31 4.59
N MET C 82 3.01 2.84 3.37
CA MET C 82 2.42 1.55 2.98
C MET C 82 3.01 0.42 3.82
N THR C 83 4.32 0.45 3.99
CA THR C 83 5.00 -0.58 4.76
C THR C 83 4.54 -0.55 6.22
N SER C 84 4.53 0.64 6.80
CA SER C 84 4.12 0.80 8.20
C SER C 84 2.67 0.37 8.42
N MET C 85 1.76 0.84 7.56
CA MET C 85 0.35 0.48 7.70
C MET C 85 0.16 -1.04 7.61
N LEU C 86 0.80 -1.65 6.63
CA LEU C 86 0.70 -3.09 6.43
C LEU C 86 1.24 -3.83 7.65
N ALA C 87 2.42 -3.42 8.10
CA ALA C 87 3.05 -4.04 9.25
C ALA C 87 2.13 -3.96 10.47
N ARG C 88 1.61 -2.77 10.71
CA ARG C 88 0.74 -2.55 11.84
C ARG C 88 -0.50 -3.47 11.77
N GLU C 89 -1.11 -3.56 10.59
CA GLU C 89 -2.29 -4.42 10.44
C GLU C 89 -1.95 -5.88 10.74
N LEU C 90 -0.82 -6.35 10.20
CA LEU C 90 -0.40 -7.72 10.44
C LEU C 90 -0.07 -7.92 11.91
N ILE C 91 0.60 -6.95 12.49
CA ILE C 91 0.95 -7.02 13.90
C ILE C 91 -0.33 -7.12 14.73
N THR C 92 -1.36 -6.39 14.32
CA THR C 92 -2.64 -6.46 15.02
C THR C 92 -3.15 -7.89 14.99
N GLU C 93 -3.06 -8.53 13.83
CA GLU C 93 -3.50 -9.92 13.70
C GLU C 93 -2.66 -10.82 14.62
N LEU C 94 -1.36 -10.56 14.63
CA LEU C 94 -0.45 -11.34 15.47
C LEU C 94 -0.84 -11.20 16.94
N ILE C 95 -1.16 -9.98 17.35
CA ILE C 95 -1.57 -9.73 18.73
C ILE C 95 -2.86 -10.51 19.05
N GLU C 96 -3.80 -10.48 18.12
CA GLU C 96 -5.05 -11.21 18.31
C GLU C 96 -4.75 -12.70 18.53
N LEU C 97 -3.78 -13.21 17.77
CA LEU C 97 -3.39 -14.61 17.91
C LEU C 97 -2.85 -14.87 19.32
N HIS C 98 -2.05 -13.94 19.83
CA HIS C 98 -1.52 -14.09 21.18
C HIS C 98 -2.68 -14.22 22.16
N GLU C 99 -3.73 -13.44 21.92
CA GLU C 99 -4.90 -13.49 22.78
C GLU C 99 -5.57 -14.87 22.68
N LYS C 100 -5.65 -15.41 21.46
CA LYS C 100 -6.25 -16.72 21.29
C LYS C 100 -5.38 -17.78 21.95
N LEU C 101 -4.05 -17.58 21.91
CA LEU C 101 -3.12 -18.52 22.55
C LEU C 101 -3.37 -18.53 24.06
N LYS C 102 -4.36 -17.76 24.51
CA LYS C 102 -4.70 -17.67 25.93
C LYS C 102 -3.78 -16.68 26.63
N ALA C 103 -2.48 -16.99 26.61
CA ALA C 103 -1.45 -16.16 27.26
C ALA C 103 -1.80 -14.67 27.21
N LYS D 1 -19.97 26.95 -1.17
CA LYS D 1 -19.08 26.05 -1.96
C LYS D 1 -19.44 24.59 -1.78
N LYS D 2 -19.77 23.94 -2.87
CA LYS D 2 -20.15 22.54 -2.84
C LYS D 2 -18.93 21.62 -2.88
N HIS D 3 -19.02 20.49 -2.19
CA HIS D 3 -17.93 19.52 -2.13
C HIS D 3 -18.12 18.37 -3.08
N ILE D 4 -17.20 18.26 -4.03
CA ILE D 4 -17.22 17.18 -4.99
C ILE D 4 -16.07 16.24 -4.61
N TYR D 5 -16.39 15.03 -4.18
CA TYR D 5 -15.38 14.06 -3.78
C TYR D 5 -15.33 12.90 -4.76
N LEU D 6 -14.13 12.60 -5.26
CA LEU D 6 -13.90 11.48 -6.19
C LEU D 6 -13.25 10.35 -5.40
N PHE D 7 -13.55 9.08 -5.74
CA PHE D 7 -12.83 7.96 -5.10
C PHE D 7 -12.14 7.06 -6.13
N CYS D 8 -10.98 6.46 -5.69
CA CYS D 8 -10.22 5.46 -6.42
C CYS D 8 -9.46 4.58 -5.44
N SER D 9 -8.58 3.66 -5.83
CA SER D 9 -8.04 2.79 -4.80
C SER D 9 -7.03 3.52 -3.92
N ALA D 10 -6.34 4.58 -4.40
CA ALA D 10 -5.38 5.25 -3.53
C ALA D 10 -5.60 6.76 -3.59
N GLY D 11 -5.85 7.27 -4.78
CA GLY D 11 -6.12 8.68 -4.97
C GLY D 11 -5.08 9.34 -5.86
N MET D 12 -4.45 8.61 -6.79
CA MET D 12 -3.44 9.23 -7.66
C MET D 12 -3.94 9.39 -9.10
N SER D 13 -4.05 8.30 -9.79
CA SER D 13 -4.50 8.39 -11.19
C SER D 13 -5.71 9.31 -11.33
N THR D 14 -6.45 9.51 -10.23
CA THR D 14 -7.61 10.39 -10.33
C THR D 14 -7.22 11.78 -9.91
N SER D 15 -6.09 11.83 -9.22
CA SER D 15 -5.48 13.09 -8.76
C SER D 15 -5.20 14.03 -9.93
N LEU D 16 -4.82 13.46 -11.06
CA LEU D 16 -4.55 14.26 -12.24
C LEU D 16 -5.88 14.86 -12.76
N LEU D 17 -6.96 14.07 -12.72
CA LEU D 17 -8.28 14.55 -13.14
C LEU D 17 -8.75 15.68 -12.19
N VAL D 18 -8.54 15.48 -10.88
CA VAL D 18 -8.91 16.50 -9.89
C VAL D 18 -8.18 17.83 -10.15
N SER D 19 -6.89 17.79 -10.47
CA SER D 19 -6.17 19.03 -10.74
C SER D 19 -6.73 19.77 -11.98
N LYS D 20 -7.12 19.03 -13.02
CA LYS D 20 -7.71 19.66 -14.20
C LYS D 20 -9.12 20.20 -13.91
N MET D 21 -9.87 19.50 -13.07
CA MET D 21 -11.22 20.00 -12.73
C MET D 21 -11.08 21.31 -11.94
N ARG D 22 -10.13 21.39 -11.02
CA ARG D 22 -9.91 22.60 -10.21
C ARG D 22 -9.56 23.79 -11.12
N ALA D 23 -8.79 23.54 -12.18
CA ALA D 23 -8.39 24.59 -13.11
C ALA D 23 -9.63 25.14 -13.81
N GLN D 24 -10.50 24.24 -14.24
CA GLN D 24 -11.72 24.61 -14.91
C GLN D 24 -12.67 25.35 -14.00
N ALA D 25 -12.80 24.88 -12.77
CA ALA D 25 -13.69 25.53 -11.80
C ALA D 25 -13.24 26.96 -11.55
N GLU D 26 -11.93 27.20 -11.60
CA GLU D 26 -11.39 28.54 -11.36
C GLU D 26 -11.65 29.43 -12.57
N LYS D 27 -11.43 28.88 -13.76
CA LYS D 27 -11.63 29.59 -14.99
C LYS D 27 -13.07 30.10 -15.12
N TYR D 28 -14.05 29.29 -14.72
CA TYR D 28 -15.48 29.69 -14.80
C TYR D 28 -16.13 30.10 -13.49
N GLU D 29 -15.33 30.35 -12.46
CA GLU D 29 -15.81 30.78 -11.15
C GLU D 29 -16.89 29.89 -10.51
N VAL D 30 -16.76 28.58 -10.66
CA VAL D 30 -17.70 27.63 -10.08
C VAL D 30 -17.27 27.48 -8.62
N PRO D 31 -18.19 27.73 -7.67
CA PRO D 31 -17.91 27.64 -6.23
C PRO D 31 -17.93 26.21 -5.68
N VAL D 32 -16.88 25.46 -6.01
CA VAL D 32 -16.75 24.08 -5.57
C VAL D 32 -15.38 23.76 -5.01
N ILE D 33 -15.35 22.75 -4.14
CA ILE D 33 -14.13 22.22 -3.55
C ILE D 33 -14.09 20.77 -4.09
N ILE D 34 -12.98 20.40 -4.71
CA ILE D 34 -12.79 19.07 -5.32
C ILE D 34 -11.61 18.31 -4.66
N GLU D 35 -11.86 17.09 -4.18
CA GLU D 35 -10.83 16.27 -3.52
C GLU D 35 -10.93 14.82 -4.00
N ALA D 36 -9.78 14.14 -4.09
CA ALA D 36 -9.71 12.73 -4.50
C ALA D 36 -9.34 11.92 -3.25
N PHE D 37 -9.93 10.74 -3.09
CA PHE D 37 -9.64 9.87 -1.95
C PHE D 37 -9.66 8.44 -2.43
N PRO D 38 -9.08 7.53 -1.64
CA PRO D 38 -9.07 6.11 -2.02
C PRO D 38 -10.49 5.61 -1.70
N GLU D 39 -10.91 4.54 -2.35
CA GLU D 39 -12.24 3.96 -2.13
C GLU D 39 -12.51 3.54 -0.69
N THR D 40 -11.46 3.29 0.09
CA THR D 40 -11.63 2.88 1.48
C THR D 40 -12.26 3.95 2.37
N LEU D 41 -12.19 5.21 1.94
CA LEU D 41 -12.77 6.32 2.70
C LEU D 41 -14.15 6.77 2.20
N ALA D 42 -14.74 6.07 1.21
CA ALA D 42 -16.05 6.45 0.63
C ALA D 42 -17.14 6.64 1.68
N GLY D 43 -17.12 5.80 2.71
CA GLY D 43 -18.13 5.91 3.75
C GLY D 43 -17.81 6.98 4.77
N GLU D 44 -16.53 7.16 5.08
CA GLU D 44 -16.15 8.15 6.07
C GLU D 44 -16.16 9.59 5.49
N LYS D 45 -15.52 9.77 4.34
CA LYS D 45 -15.46 11.08 3.70
C LYS D 45 -16.73 11.45 2.92
N GLY D 46 -17.38 10.46 2.32
CA GLY D 46 -18.60 10.70 1.55
C GLY D 46 -19.69 11.43 2.29
N GLN D 47 -19.77 11.23 3.60
CA GLN D 47 -20.79 11.89 4.43
C GLN D 47 -20.74 13.42 4.34
N ASN D 48 -19.59 13.97 3.95
CA ASN D 48 -19.43 15.41 3.87
C ASN D 48 -19.45 15.95 2.45
N ALA D 49 -19.66 15.08 1.48
CA ALA D 49 -19.67 15.54 0.10
C ALA D 49 -21.06 15.97 -0.30
N ASP D 50 -21.11 16.82 -1.31
CA ASP D 50 -22.38 17.25 -1.83
C ASP D 50 -22.73 16.32 -2.99
N VAL D 51 -21.69 15.73 -3.60
CA VAL D 51 -21.88 14.75 -4.67
C VAL D 51 -20.68 13.78 -4.61
N VAL D 52 -20.98 12.49 -4.70
CA VAL D 52 -19.97 11.44 -4.66
C VAL D 52 -19.78 10.85 -6.06
N LEU D 53 -18.55 10.92 -6.57
CA LEU D 53 -18.24 10.38 -7.88
C LEU D 53 -17.30 9.18 -7.73
N LEU D 54 -17.60 8.08 -8.42
CA LEU D 54 -16.75 6.88 -8.36
C LEU D 54 -15.96 6.73 -9.63
N GLY D 55 -14.69 6.35 -9.51
CA GLY D 55 -13.84 6.18 -10.68
C GLY D 55 -14.39 5.02 -11.49
N PRO D 56 -14.13 4.94 -12.76
CA PRO D 56 -14.66 3.84 -13.62
C PRO D 56 -14.24 2.42 -13.18
N GLN D 57 -13.07 2.31 -12.54
CA GLN D 57 -12.57 1.02 -12.08
C GLN D 57 -13.39 0.49 -10.90
N ILE D 58 -14.04 1.38 -10.15
CA ILE D 58 -14.82 0.94 -9.01
C ILE D 58 -16.34 1.02 -9.23
N ALA D 59 -16.75 0.99 -10.49
CA ALA D 59 -18.17 1.04 -10.83
C ALA D 59 -18.94 -0.11 -10.19
N TYR D 60 -18.34 -1.30 -10.13
CA TYR D 60 -19.04 -2.44 -9.55
C TYR D 60 -19.46 -2.21 -8.09
N MET D 61 -18.84 -1.23 -7.44
CA MET D 61 -19.15 -0.89 -6.05
C MET D 61 -20.33 0.08 -5.87
N LEU D 62 -20.89 0.58 -6.97
CA LEU D 62 -21.99 1.54 -6.90
C LEU D 62 -23.13 1.19 -5.93
N PRO D 63 -23.73 -0.02 -6.05
CA PRO D 63 -24.82 -0.37 -5.12
C PRO D 63 -24.43 -0.30 -3.65
N GLU D 64 -23.22 -0.72 -3.30
CA GLU D 64 -22.77 -0.68 -1.91
C GLU D 64 -22.60 0.74 -1.42
N ILE D 65 -22.02 1.59 -2.25
CA ILE D 65 -21.83 2.99 -1.85
C ILE D 65 -23.16 3.74 -1.71
N GLN D 66 -24.12 3.42 -2.59
CA GLN D 66 -25.46 4.00 -2.52
C GLN D 66 -26.13 3.64 -1.18
N ARG D 67 -26.00 2.39 -0.73
CA ARG D 67 -26.60 1.98 0.55
C ARG D 67 -25.89 2.63 1.74
N LEU D 68 -24.60 2.88 1.59
CA LEU D 68 -23.77 3.49 2.64
C LEU D 68 -24.11 4.97 2.82
N LEU D 69 -24.39 5.65 1.70
CA LEU D 69 -24.73 7.09 1.68
C LEU D 69 -26.11 7.27 1.01
N PRO D 70 -27.20 6.87 1.69
CA PRO D 70 -28.55 6.99 1.13
C PRO D 70 -29.03 8.44 0.93
N ASN D 71 -28.35 9.38 1.56
CA ASN D 71 -28.75 10.79 1.44
C ASN D 71 -27.82 11.63 0.57
N LYS D 72 -27.08 10.99 -0.33
CA LYS D 72 -26.14 11.69 -1.21
C LYS D 72 -26.26 11.20 -2.63
N PRO D 73 -26.13 12.10 -3.63
CA PRO D 73 -26.21 11.62 -5.02
C PRO D 73 -24.85 10.97 -5.27
N VAL D 74 -24.87 9.73 -5.75
CA VAL D 74 -23.64 8.96 -6.02
C VAL D 74 -23.64 8.48 -7.46
N GLU D 75 -22.58 8.72 -8.19
CA GLU D 75 -22.53 8.22 -9.55
C GLU D 75 -21.13 7.95 -10.07
N VAL D 76 -21.06 7.12 -11.10
CA VAL D 76 -19.80 6.72 -11.71
C VAL D 76 -19.40 7.72 -12.78
N ILE D 77 -18.11 8.03 -12.84
CA ILE D 77 -17.58 8.96 -13.83
C ILE D 77 -17.54 8.27 -15.17
N ASP D 78 -17.96 8.97 -16.21
CA ASP D 78 -17.94 8.40 -17.55
C ASP D 78 -16.51 7.95 -17.89
N SER D 79 -16.33 6.69 -18.28
CA SER D 79 -14.99 6.17 -18.58
C SER D 79 -14.18 6.90 -19.65
N LEU D 80 -14.87 7.44 -20.65
CA LEU D 80 -14.19 8.17 -21.73
C LEU D 80 -13.73 9.53 -21.23
N LEU D 81 -14.58 10.18 -20.45
CA LEU D 81 -14.26 11.49 -19.90
C LEU D 81 -13.10 11.33 -18.94
N TYR D 82 -13.10 10.21 -18.22
CA TYR D 82 -12.04 9.90 -17.25
C TYR D 82 -10.71 9.58 -17.95
N GLY D 83 -10.75 8.68 -18.92
CA GLY D 83 -9.54 8.32 -19.64
C GLY D 83 -8.87 9.50 -20.31
N LYS D 84 -9.68 10.37 -20.87
CA LYS D 84 -9.22 11.56 -21.59
C LYS D 84 -8.79 12.70 -20.65
N VAL D 85 -9.07 12.52 -19.35
CA VAL D 85 -8.77 13.52 -18.31
C VAL D 85 -9.47 14.86 -18.61
N ASP D 86 -10.76 14.77 -18.94
CA ASP D 86 -11.57 15.95 -19.28
C ASP D 86 -12.09 16.63 -18.03
N GLY D 87 -11.29 17.56 -17.51
CA GLY D 87 -11.64 18.31 -16.31
C GLY D 87 -12.94 19.07 -16.45
N LEU D 88 -13.16 19.73 -17.60
CA LEU D 88 -14.39 20.49 -17.80
C LEU D 88 -15.63 19.58 -17.87
N GLY D 89 -15.50 18.50 -18.64
CA GLY D 89 -16.59 17.56 -18.81
C GLY D 89 -17.07 16.91 -17.53
N VAL D 90 -16.12 16.49 -16.69
CA VAL D 90 -16.48 15.84 -15.42
C VAL D 90 -17.04 16.88 -14.45
N LEU D 91 -16.47 18.08 -14.49
CA LEU D 91 -16.97 19.15 -13.63
C LEU D 91 -18.46 19.39 -14.00
N LYS D 92 -18.76 19.42 -15.30
CA LYS D 92 -20.15 19.61 -15.75
C LYS D 92 -21.09 18.52 -15.24
N ALA D 93 -20.64 17.27 -15.30
CA ALA D 93 -21.47 16.14 -14.85
C ALA D 93 -21.76 16.21 -13.35
N ALA D 94 -20.78 16.72 -12.60
CA ALA D 94 -20.90 16.82 -11.15
C ALA D 94 -21.90 17.90 -10.75
N VAL D 95 -21.80 19.06 -11.40
CA VAL D 95 -22.72 20.17 -11.13
C VAL D 95 -24.13 19.69 -11.49
N ALA D 96 -24.25 18.98 -12.61
CA ALA D 96 -25.54 18.45 -13.04
C ALA D 96 -26.13 17.51 -11.99
N ALA D 97 -25.33 16.57 -11.49
CA ALA D 97 -25.85 15.64 -10.49
C ALA D 97 -26.36 16.40 -9.26
N ILE D 98 -25.70 17.51 -8.93
CA ILE D 98 -26.12 18.32 -7.78
C ILE D 98 -27.46 19.01 -8.03
N LYS D 99 -27.63 19.58 -9.24
CA LYS D 99 -28.87 20.26 -9.62
C LYS D 99 -30.01 19.26 -9.71
N LYS D 100 -29.80 18.19 -10.45
CA LYS D 100 -30.83 17.18 -10.59
C LYS D 100 -31.20 16.60 -9.22
N ALA D 101 -30.34 16.79 -8.23
CA ALA D 101 -30.58 16.28 -6.88
C ALA D 101 -31.37 17.24 -6.00
N ALA D 102 -31.14 18.54 -6.18
CA ALA D 102 -31.83 19.57 -5.43
C ALA D 102 -33.22 19.88 -6.02
N ALA D 103 -33.60 19.13 -7.06
CA ALA D 103 -34.88 19.29 -7.72
C ALA D 103 -35.05 18.26 -8.85
P PO3 E . -4.77 5.50 -7.19
O1 PO3 E . -4.78 5.97 -8.64
O2 PO3 E . -4.12 6.35 -6.12
O3 PO3 E . -5.22 4.09 -6.85
N ALA A 1 0.74 7.29 -18.60
CA ALA A 1 0.24 7.59 -19.96
C ALA A 1 -1.09 6.86 -20.17
N GLU A 2 -1.77 7.18 -21.26
CA GLU A 2 -3.08 6.58 -21.60
C GLU A 2 -3.28 5.20 -20.95
N GLU A 3 -2.80 4.17 -21.63
CA GLU A 3 -2.95 2.80 -21.13
C GLU A 3 -2.16 2.60 -19.84
N LEU A 4 -0.84 2.78 -19.91
CA LEU A 4 0.01 2.60 -18.74
C LEU A 4 -0.63 3.20 -17.48
N GLU A 5 -1.21 4.38 -17.61
CA GLU A 5 -1.84 5.05 -16.47
C GLU A 5 -3.12 4.34 -16.08
N GLU A 6 -3.94 4.01 -17.07
CA GLU A 6 -5.19 3.30 -16.82
C GLU A 6 -4.88 1.88 -16.34
N VAL A 7 -3.80 1.31 -16.88
CA VAL A 7 -3.37 -0.03 -16.50
C VAL A 7 -2.93 -0.05 -15.03
N VAL A 8 -2.20 0.99 -14.63
CA VAL A 8 -1.73 1.10 -13.25
C VAL A 8 -2.95 1.16 -12.33
N MET A 9 -3.95 1.96 -12.70
CA MET A 9 -5.17 2.06 -11.90
C MET A 9 -5.77 0.67 -11.73
N GLY A 10 -5.81 -0.09 -12.82
CA GLY A 10 -6.34 -1.45 -12.77
C GLY A 10 -5.49 -2.31 -11.83
N LEU A 11 -4.17 -2.17 -11.95
CA LEU A 11 -3.26 -2.93 -11.10
C LEU A 11 -3.45 -2.56 -9.64
N ILE A 12 -3.57 -1.27 -9.37
CA ILE A 12 -3.76 -0.80 -8.00
C ILE A 12 -5.06 -1.36 -7.46
N ILE A 13 -6.11 -1.29 -8.26
CA ILE A 13 -7.40 -1.82 -7.85
C ILE A 13 -7.30 -3.33 -7.65
N ASN A 14 -6.65 -4.01 -8.60
CA ASN A 14 -6.47 -5.45 -8.53
C ASN A 14 -5.71 -5.82 -7.26
N SER A 15 -4.61 -5.11 -7.03
CA SER A 15 -3.81 -5.35 -5.83
C SER A 15 -4.65 -5.14 -4.57
N GLY A 16 -5.44 -4.06 -4.60
CA GLY A 16 -6.32 -3.75 -3.47
C GLY A 16 -7.35 -4.86 -3.26
N GLN A 17 -7.95 -5.32 -4.36
CA GLN A 17 -8.94 -6.40 -4.27
C GLN A 17 -8.27 -7.65 -3.72
N ALA A 18 -7.05 -7.92 -4.18
CA ALA A 18 -6.31 -9.09 -3.72
C ALA A 18 -6.15 -9.04 -2.21
N ARG A 19 -5.70 -7.91 -1.69
CA ARG A 19 -5.55 -7.77 -0.25
C ARG A 19 -6.90 -7.95 0.43
N SER A 20 -7.91 -7.28 -0.11
CA SER A 20 -9.25 -7.36 0.44
C SER A 20 -9.68 -8.83 0.57
N LEU A 21 -9.47 -9.59 -0.49
CA LEU A 21 -9.81 -11.01 -0.48
C LEU A 21 -8.97 -11.74 0.58
N ALA A 22 -7.69 -11.40 0.63
CA ALA A 22 -6.79 -12.03 1.60
C ALA A 22 -7.30 -11.80 3.03
N TYR A 23 -7.59 -10.55 3.38
CA TYR A 23 -8.10 -10.25 4.72
C TYR A 23 -9.41 -11.00 4.93
N ALA A 24 -10.25 -11.03 3.90
CA ALA A 24 -11.51 -11.73 3.99
C ALA A 24 -11.24 -13.22 4.25
N ALA A 25 -10.23 -13.75 3.56
CA ALA A 25 -9.84 -15.14 3.75
C ALA A 25 -9.48 -15.38 5.21
N LEU A 26 -8.72 -14.46 5.78
CA LEU A 26 -8.32 -14.57 7.18
C LEU A 26 -9.56 -14.55 8.07
N LYS A 27 -10.48 -13.64 7.77
CA LYS A 27 -11.71 -13.53 8.54
C LYS A 27 -12.45 -14.87 8.56
N GLN A 28 -12.48 -15.54 7.41
CA GLN A 28 -13.15 -16.84 7.31
C GLN A 28 -12.48 -17.81 8.28
N ALA A 29 -11.15 -17.75 8.35
CA ALA A 29 -10.39 -18.62 9.24
C ALA A 29 -10.80 -18.38 10.69
N LYS A 30 -10.95 -17.12 11.05
CA LYS A 30 -11.36 -16.77 12.41
C LYS A 30 -12.72 -17.37 12.73
N GLN A 31 -13.58 -17.50 11.72
CA GLN A 31 -14.89 -18.08 11.93
C GLN A 31 -14.80 -19.60 11.96
N GLY A 32 -13.60 -20.12 11.77
CA GLY A 32 -13.37 -21.56 11.81
C GLY A 32 -13.71 -22.21 10.47
N ASP A 33 -13.83 -21.40 9.43
CA ASP A 33 -14.15 -21.90 8.09
C ASP A 33 -12.88 -22.06 7.26
N PHE A 34 -12.18 -23.18 7.47
CA PHE A 34 -10.93 -23.42 6.73
C PHE A 34 -11.18 -23.60 5.24
N ALA A 35 -12.31 -24.21 4.89
CA ALA A 35 -12.63 -24.46 3.49
C ALA A 35 -12.77 -23.14 2.72
N ALA A 36 -13.56 -22.23 3.26
CA ALA A 36 -13.76 -20.95 2.60
C ALA A 36 -12.46 -20.14 2.60
N ALA A 37 -11.70 -20.23 3.68
CA ALA A 37 -10.43 -19.52 3.75
C ALA A 37 -9.52 -19.99 2.60
N LYS A 38 -9.36 -21.30 2.49
CA LYS A 38 -8.53 -21.90 1.45
C LYS A 38 -8.96 -21.42 0.06
N ALA A 39 -10.26 -21.45 -0.21
CA ALA A 39 -10.77 -21.03 -1.51
C ALA A 39 -10.47 -19.57 -1.79
N MET A 40 -10.61 -18.74 -0.76
CA MET A 40 -10.36 -17.30 -0.90
C MET A 40 -8.88 -17.03 -1.18
N MET A 41 -7.98 -17.76 -0.50
CA MET A 41 -6.55 -17.56 -0.72
C MET A 41 -6.19 -17.92 -2.15
N ASP A 42 -6.77 -19.01 -2.65
CA ASP A 42 -6.47 -19.48 -3.99
C ASP A 42 -6.83 -18.42 -5.02
N GLN A 43 -8.03 -17.87 -4.88
CA GLN A 43 -8.48 -16.82 -5.80
C GLN A 43 -7.61 -15.59 -5.67
N SER A 44 -7.25 -15.24 -4.44
CA SER A 44 -6.40 -14.08 -4.20
C SER A 44 -5.06 -14.28 -4.91
N ARG A 45 -4.49 -15.47 -4.78
CA ARG A 45 -3.22 -15.82 -5.43
C ARG A 45 -3.32 -15.66 -6.95
N MET A 46 -4.40 -16.18 -7.51
CA MET A 46 -4.63 -16.11 -8.95
C MET A 46 -4.72 -14.65 -9.40
N ALA A 47 -5.41 -13.83 -8.62
CA ALA A 47 -5.56 -12.41 -8.94
C ALA A 47 -4.19 -11.74 -9.00
N LEU A 48 -3.35 -12.05 -8.02
CA LEU A 48 -2.00 -11.49 -7.95
C LEU A 48 -1.15 -11.98 -9.12
N ASN A 49 -1.29 -13.26 -9.41
CA ASN A 49 -0.51 -13.87 -10.48
C ASN A 49 -0.77 -13.15 -11.80
N GLU A 50 -2.04 -12.89 -12.07
CA GLU A 50 -2.41 -12.17 -13.29
C GLU A 50 -1.86 -10.75 -13.23
N ALA A 51 -1.97 -10.13 -12.05
CA ALA A 51 -1.47 -8.77 -11.87
C ALA A 51 0.06 -8.75 -12.05
N HIS A 52 0.73 -9.71 -11.44
CA HIS A 52 2.19 -9.81 -11.54
C HIS A 52 2.61 -10.01 -13.00
N LEU A 53 1.86 -10.83 -13.72
CA LEU A 53 2.16 -11.11 -15.12
C LEU A 53 2.11 -9.82 -15.93
N VAL A 54 1.08 -9.02 -15.68
CA VAL A 54 0.94 -7.75 -16.38
C VAL A 54 2.11 -6.84 -16.04
N GLN A 55 2.46 -6.79 -14.76
CA GLN A 55 3.59 -5.96 -14.34
C GLN A 55 4.88 -6.45 -15.01
N THR A 56 5.08 -7.76 -15.08
CA THR A 56 6.28 -8.32 -15.72
C THR A 56 6.46 -7.71 -17.11
N LYS A 57 5.37 -7.66 -17.88
CA LYS A 57 5.43 -7.06 -19.22
C LYS A 57 5.76 -5.59 -19.10
N LEU A 58 5.18 -4.94 -18.10
CA LEU A 58 5.43 -3.52 -17.90
C LEU A 58 6.87 -3.24 -17.48
N ILE A 59 7.58 -4.25 -16.98
CA ILE A 59 8.99 -4.06 -16.60
C ILE A 59 9.93 -4.47 -17.76
N GLU A 60 9.55 -5.49 -18.53
CA GLU A 60 10.37 -5.95 -19.66
C GLU A 60 10.46 -4.88 -20.74
N GLY A 61 9.34 -4.20 -21.01
CA GLY A 61 9.31 -3.17 -22.03
C GLY A 61 9.20 -1.78 -21.42
N ASP A 62 9.80 -1.60 -20.24
CA ASP A 62 9.75 -0.32 -19.54
C ASP A 62 10.49 0.78 -20.32
N ALA A 63 11.17 0.39 -21.40
CA ALA A 63 11.90 1.36 -22.21
C ALA A 63 10.97 2.06 -23.19
N GLY A 64 11.49 3.07 -23.89
CA GLY A 64 10.68 3.81 -24.86
C GLY A 64 10.81 5.32 -24.66
N GLU A 65 10.45 5.80 -23.47
CA GLU A 65 10.53 7.23 -23.19
C GLU A 65 11.97 7.72 -23.18
N GLY A 66 12.86 6.90 -22.64
CA GLY A 66 14.28 7.27 -22.58
C GLY A 66 15.15 6.04 -22.36
N LYS A 67 16.47 6.25 -22.44
CA LYS A 67 17.41 5.15 -22.27
C LYS A 67 17.39 4.63 -20.82
N MET A 68 18.11 5.32 -19.94
CA MET A 68 18.20 4.93 -18.54
C MET A 68 16.88 5.05 -17.79
N LYS A 69 16.13 6.12 -18.08
CA LYS A 69 14.87 6.35 -17.37
C LYS A 69 13.76 5.39 -17.80
N VAL A 70 12.84 5.14 -16.87
CA VAL A 70 11.71 4.23 -17.10
C VAL A 70 10.41 4.88 -16.65
N SER A 71 9.28 4.23 -16.95
CA SER A 71 7.98 4.77 -16.55
C SER A 71 7.94 4.91 -15.03
N LEU A 72 7.54 6.10 -14.57
CA LEU A 72 7.48 6.40 -13.14
C LEU A 72 6.43 5.55 -12.41
N VAL A 73 5.30 5.39 -13.07
CA VAL A 73 4.18 4.62 -12.52
C VAL A 73 4.55 3.16 -12.22
N LEU A 74 5.60 2.69 -12.86
CA LEU A 74 6.02 1.30 -12.64
C LEU A 74 6.18 0.99 -11.17
N VAL A 75 6.57 2.03 -10.43
CA VAL A 75 6.80 1.88 -9.00
C VAL A 75 5.46 1.80 -8.27
N HIS A 76 4.23 2.82 -8.66
CA HIS A 76 2.88 2.83 -8.08
C HIS A 76 2.29 1.43 -8.15
N ALA A 77 2.62 0.71 -9.23
CA ALA A 77 2.14 -0.64 -9.42
C ALA A 77 3.00 -1.63 -8.63
N GLN A 78 4.32 -1.49 -8.71
CA GLN A 78 5.22 -2.41 -8.02
C GLN A 78 5.00 -2.32 -6.51
N LEU A 79 4.96 -1.09 -6.01
CA LEU A 79 4.72 -0.86 -4.59
C LEU A 79 3.44 -1.54 -4.13
N HIS A 80 2.35 -1.32 -4.85
CA HIS A 80 1.08 -1.91 -4.47
C HIS A 80 1.12 -3.44 -4.62
N LEU A 81 1.65 -3.90 -5.74
CA LEU A 81 1.74 -5.34 -5.99
C LEU A 81 2.64 -6.04 -4.98
N MET A 82 3.80 -5.45 -4.70
CA MET A 82 4.74 -6.05 -3.75
C MET A 82 4.11 -6.14 -2.37
N THR A 83 3.46 -5.05 -1.96
CA THR A 83 2.81 -5.00 -0.65
C THR A 83 1.69 -6.04 -0.56
N SER A 84 0.84 -6.07 -1.58
CA SER A 84 -0.29 -7.01 -1.61
C SER A 84 0.20 -8.46 -1.60
N MET A 85 1.16 -8.78 -2.45
CA MET A 85 1.69 -10.14 -2.51
C MET A 85 2.26 -10.57 -1.18
N LEU A 86 3.07 -9.70 -0.59
CA LEU A 86 3.68 -10.00 0.70
C LEU A 86 2.61 -10.19 1.78
N ALA A 87 1.64 -9.28 1.79
CA ALA A 87 0.56 -9.36 2.76
C ALA A 87 -0.15 -10.70 2.67
N ARG A 88 -0.49 -11.10 1.47
CA ARG A 88 -1.18 -12.37 1.27
C ARG A 88 -0.35 -13.55 1.78
N GLU A 89 0.93 -13.57 1.45
CA GLU A 89 1.77 -14.67 1.88
C GLU A 89 1.79 -14.78 3.39
N LEU A 90 1.95 -13.65 4.06
CA LEU A 90 1.96 -13.64 5.51
C LEU A 90 0.58 -14.03 6.05
N ILE A 91 -0.46 -13.51 5.42
CA ILE A 91 -1.82 -13.85 5.84
C ILE A 91 -2.03 -15.35 5.69
N THR A 92 -1.50 -15.92 4.61
CA THR A 92 -1.60 -17.37 4.40
C THR A 92 -0.98 -18.10 5.59
N GLU A 93 0.20 -17.64 6.01
CA GLU A 93 0.88 -18.23 7.16
C GLU A 93 0.02 -18.08 8.40
N LEU A 94 -0.57 -16.89 8.56
CA LEU A 94 -1.43 -16.62 9.72
C LEU A 94 -2.62 -17.59 9.71
N ILE A 95 -3.20 -17.80 8.55
CA ILE A 95 -4.34 -18.73 8.44
C ILE A 95 -3.90 -20.14 8.83
N GLU A 96 -2.72 -20.56 8.36
CA GLU A 96 -2.22 -21.88 8.71
C GLU A 96 -2.08 -22.00 10.22
N LEU A 97 -1.64 -20.91 10.87
CA LEU A 97 -1.51 -20.92 12.32
C LEU A 97 -2.88 -21.12 12.98
N HIS A 98 -3.89 -20.46 12.44
CA HIS A 98 -5.25 -20.62 12.98
C HIS A 98 -5.63 -22.08 12.92
N GLU A 99 -5.25 -22.75 11.84
CA GLU A 99 -5.55 -24.17 11.68
C GLU A 99 -4.81 -24.98 12.74
N LYS A 100 -3.56 -24.62 13.01
CA LYS A 100 -2.79 -25.32 14.02
C LYS A 100 -3.39 -25.06 15.41
N LEU A 101 -3.92 -23.84 15.61
CA LEU A 101 -4.56 -23.49 16.88
C LEU A 101 -5.80 -24.37 17.09
N LYS A 102 -6.02 -25.30 16.15
CA LYS A 102 -7.18 -26.20 16.21
C LYS A 102 -8.43 -25.52 15.71
N ALA A 103 -8.82 -24.42 16.39
CA ALA A 103 -10.03 -23.67 16.04
C ALA A 103 -10.30 -23.65 14.53
N ALA B 1 22.66 3.11 -13.51
CA ALA B 1 23.97 3.34 -14.19
C ALA B 1 24.86 2.13 -13.94
N GLU B 2 26.00 2.08 -14.64
CA GLU B 2 26.95 0.97 -14.53
C GLU B 2 26.86 0.24 -13.18
N GLU B 3 27.57 0.74 -12.19
CA GLU B 3 27.58 0.13 -10.87
C GLU B 3 26.22 0.21 -10.20
N LEU B 4 25.72 1.44 -10.02
CA LEU B 4 24.42 1.61 -9.38
C LEU B 4 23.38 0.61 -9.91
N GLU B 5 23.37 0.41 -11.22
CA GLU B 5 22.42 -0.52 -11.83
C GLU B 5 22.76 -1.95 -11.47
N GLU B 6 24.03 -2.30 -11.57
CA GLU B 6 24.50 -3.63 -11.23
C GLU B 6 24.38 -3.85 -9.73
N VAL B 7 24.60 -2.79 -8.97
CA VAL B 7 24.51 -2.85 -7.52
C VAL B 7 23.05 -3.11 -7.10
N VAL B 8 22.12 -2.44 -7.77
CA VAL B 8 20.69 -2.63 -7.49
C VAL B 8 20.33 -4.08 -7.74
N MET B 9 20.80 -4.63 -8.86
CA MET B 9 20.52 -6.03 -9.18
C MET B 9 21.01 -6.91 -8.03
N GLY B 10 22.21 -6.62 -7.53
CA GLY B 10 22.75 -7.37 -6.41
C GLY B 10 21.86 -7.21 -5.19
N LEU B 11 21.44 -5.98 -4.93
CA LEU B 11 20.56 -5.70 -3.79
C LEU B 11 19.24 -6.44 -3.93
N ILE B 12 18.67 -6.41 -5.13
CA ILE B 12 17.40 -7.09 -5.38
C ILE B 12 17.57 -8.58 -5.14
N ILE B 13 18.66 -9.12 -5.68
CA ILE B 13 18.94 -10.54 -5.50
C ILE B 13 19.17 -10.83 -4.02
N ASN B 14 19.95 -9.98 -3.36
CA ASN B 14 20.24 -10.16 -1.94
C ASN B 14 18.94 -10.10 -1.13
N SER B 15 18.11 -9.11 -1.42
CA SER B 15 16.83 -8.99 -0.74
C SER B 15 15.98 -10.23 -0.97
N GLY B 16 15.99 -10.71 -2.22
CA GLY B 16 15.23 -11.91 -2.57
C GLY B 16 15.76 -13.12 -1.81
N GLN B 17 17.08 -13.25 -1.75
CA GLN B 17 17.68 -14.37 -1.03
C GLN B 17 17.31 -14.28 0.45
N ALA B 18 17.35 -13.06 0.98
CA ALA B 18 17.00 -12.84 2.37
C ALA B 18 15.60 -13.36 2.66
N ARG B 19 14.64 -12.97 1.84
CA ARG B 19 13.27 -13.44 2.02
C ARG B 19 13.24 -14.96 1.90
N SER B 20 13.90 -15.47 0.86
CA SER B 20 13.94 -16.91 0.64
C SER B 20 14.41 -17.63 1.89
N LEU B 21 15.50 -17.13 2.48
CA LEU B 21 16.04 -17.73 3.71
C LEU B 21 15.01 -17.60 4.83
N ALA B 22 14.37 -16.44 4.93
CA ALA B 22 13.37 -16.20 5.97
C ALA B 22 12.24 -17.23 5.85
N TYR B 23 11.67 -17.38 4.65
CA TYR B 23 10.60 -18.36 4.46
C TYR B 23 11.12 -19.75 4.79
N ALA B 24 12.36 -20.04 4.38
CA ALA B 24 12.95 -21.33 4.67
C ALA B 24 13.06 -21.49 6.19
N ALA B 25 13.43 -20.41 6.87
CA ALA B 25 13.53 -20.43 8.33
C ALA B 25 12.18 -20.80 8.92
N LEU B 26 11.12 -20.21 8.39
CA LEU B 26 9.78 -20.50 8.86
C LEU B 26 9.45 -21.97 8.62
N LYS B 27 9.80 -22.46 7.44
CA LYS B 27 9.55 -23.86 7.11
C LYS B 27 10.21 -24.78 8.14
N GLN B 28 11.43 -24.43 8.54
CA GLN B 28 12.13 -25.23 9.56
C GLN B 28 11.31 -25.26 10.84
N ALA B 29 10.74 -24.11 11.19
CA ALA B 29 9.91 -24.02 12.40
C ALA B 29 8.73 -24.97 12.31
N LYS B 30 8.09 -25.01 11.14
CA LYS B 30 6.95 -25.90 10.94
C LYS B 30 7.36 -27.35 11.16
N GLN B 31 8.62 -27.67 10.83
CA GLN B 31 9.10 -29.04 11.01
C GLN B 31 9.46 -29.28 12.48
N GLY B 32 9.32 -28.24 13.29
CA GLY B 32 9.63 -28.35 14.72
C GLY B 32 11.13 -28.18 14.99
N ASP B 33 11.86 -27.66 14.00
CA ASP B 33 13.29 -27.46 14.14
C ASP B 33 13.60 -26.02 14.53
N PHE B 34 13.47 -25.71 15.81
CA PHE B 34 13.73 -24.34 16.29
C PHE B 34 15.18 -23.94 16.10
N ALA B 35 16.09 -24.90 16.27
CA ALA B 35 17.52 -24.60 16.15
C ALA B 35 17.86 -24.12 14.74
N ALA B 36 17.43 -24.87 13.74
CA ALA B 36 17.71 -24.50 12.36
C ALA B 36 16.98 -23.20 12.01
N ALA B 37 15.77 -23.03 12.51
CA ALA B 37 15.03 -21.80 12.24
C ALA B 37 15.82 -20.61 12.74
N LYS B 38 16.23 -20.68 14.02
CA LYS B 38 17.01 -19.60 14.63
C LYS B 38 18.27 -19.27 13.81
N ALA B 39 18.99 -20.29 13.40
CA ALA B 39 20.21 -20.10 12.61
C ALA B 39 19.91 -19.41 11.28
N MET B 40 18.83 -19.82 10.64
CA MET B 40 18.44 -19.26 9.36
C MET B 40 18.05 -17.78 9.51
N MET B 41 17.32 -17.45 10.57
CA MET B 41 16.92 -16.06 10.78
C MET B 41 18.15 -15.17 10.97
N ASP B 42 19.12 -15.68 11.73
CA ASP B 42 20.33 -14.93 12.01
C ASP B 42 21.06 -14.57 10.73
N GLN B 43 21.21 -15.58 9.86
CA GLN B 43 21.88 -15.36 8.59
C GLN B 43 21.08 -14.40 7.72
N SER B 44 19.76 -14.54 7.73
CA SER B 44 18.91 -13.65 6.95
C SER B 44 19.13 -12.20 7.41
N ARG B 45 19.14 -12.00 8.73
CA ARG B 45 19.35 -10.68 9.30
C ARG B 45 20.69 -10.09 8.83
N MET B 46 21.74 -10.90 8.89
CA MET B 46 23.07 -10.45 8.49
C MET B 46 23.05 -10.04 7.02
N ALA B 47 22.37 -10.84 6.20
CA ALA B 47 22.27 -10.53 4.77
C ALA B 47 21.58 -9.19 4.56
N LEU B 48 20.50 -8.97 5.31
CA LEU B 48 19.75 -7.72 5.21
C LEU B 48 20.59 -6.55 5.72
N ASN B 49 21.30 -6.78 6.81
CA ASN B 49 22.13 -5.75 7.40
C ASN B 49 23.18 -5.26 6.40
N GLU B 50 23.83 -6.19 5.73
CA GLU B 50 24.82 -5.83 4.72
C GLU B 50 24.17 -5.10 3.57
N ALA B 51 23.00 -5.58 3.17
CA ALA B 51 22.25 -4.96 2.08
C ALA B 51 21.83 -3.54 2.48
N HIS B 52 21.32 -3.41 3.70
CA HIS B 52 20.88 -2.11 4.21
C HIS B 52 22.06 -1.13 4.27
N LEU B 53 23.22 -1.64 4.69
CA LEU B 53 24.42 -0.80 4.79
C LEU B 53 24.77 -0.23 3.41
N VAL B 54 24.71 -1.09 2.40
CA VAL B 54 25.03 -0.66 1.04
C VAL B 54 24.01 0.40 0.61
N GLN B 55 22.73 0.16 0.90
CA GLN B 55 21.70 1.13 0.53
C GLN B 55 21.96 2.45 1.25
N THR B 56 22.32 2.39 2.54
CA THR B 56 22.60 3.61 3.30
C THR B 56 23.57 4.50 2.53
N LYS B 57 24.65 3.90 2.04
CA LYS B 57 25.62 4.66 1.25
C LYS B 57 24.97 5.20 -0.01
N LEU B 58 24.12 4.39 -0.61
CA LEU B 58 23.44 4.78 -1.84
C LEU B 58 22.45 5.93 -1.59
N ILE B 59 22.02 6.12 -0.32
CA ILE B 59 21.11 7.23 -0.01
C ILE B 59 21.88 8.48 0.45
N GLU B 60 23.00 8.27 1.16
CA GLU B 60 23.81 9.39 1.64
C GLU B 60 24.42 10.17 0.46
N GLY B 61 24.86 9.43 -0.55
CA GLY B 61 25.49 10.05 -1.72
C GLY B 61 24.59 9.96 -2.95
N ASP B 62 23.28 10.02 -2.73
CA ASP B 62 22.32 9.93 -3.82
C ASP B 62 22.41 11.14 -4.77
N ALA B 63 23.21 12.12 -4.40
CA ALA B 63 23.36 13.32 -5.23
C ALA B 63 24.37 13.07 -6.34
N GLY B 64 24.50 14.03 -7.26
CA GLY B 64 25.44 13.90 -8.37
C GLY B 64 24.78 14.23 -9.71
N GLU B 65 23.73 13.48 -10.05
CA GLU B 65 23.03 13.70 -11.32
C GLU B 65 22.34 15.07 -11.33
N GLY B 66 21.76 15.45 -10.20
CA GLY B 66 21.07 16.73 -10.11
C GLY B 66 20.91 17.16 -8.66
N LYS B 67 20.42 18.38 -8.47
CA LYS B 67 20.23 18.92 -7.13
C LYS B 67 19.13 18.16 -6.38
N MET B 68 17.88 18.54 -6.66
CA MET B 68 16.72 17.93 -6.01
C MET B 68 16.52 16.47 -6.40
N LYS B 69 16.75 16.13 -7.66
CA LYS B 69 16.54 14.76 -8.14
C LYS B 69 17.62 13.80 -7.64
N VAL B 70 17.22 12.52 -7.52
CA VAL B 70 18.11 11.47 -7.05
C VAL B 70 18.02 10.24 -7.98
N SER B 71 18.89 9.26 -7.76
CA SER B 71 18.88 8.05 -8.59
C SER B 71 17.52 7.37 -8.49
N LEU B 72 16.93 7.04 -9.64
CA LEU B 72 15.60 6.45 -9.66
C LEU B 72 15.59 5.04 -9.04
N VAL B 73 16.65 4.30 -9.35
CA VAL B 73 16.80 2.93 -8.88
C VAL B 73 16.83 2.84 -7.34
N LEU B 74 17.12 3.95 -6.69
CA LEU B 74 17.18 3.96 -5.23
C LEU B 74 15.90 3.41 -4.63
N VAL B 75 14.80 3.76 -5.26
CA VAL B 75 13.49 3.32 -4.81
C VAL B 75 13.37 1.81 -5.02
N HIS B 76 13.83 1.24 -6.25
CA HIS B 76 13.75 -0.19 -6.53
C HIS B 76 14.45 -0.98 -5.42
N ALA B 77 15.65 -0.54 -5.03
CA ALA B 77 16.40 -1.19 -3.96
C ALA B 77 15.69 -1.01 -2.63
N GLN B 78 15.18 0.20 -2.39
CA GLN B 78 14.49 0.48 -1.13
C GLN B 78 13.22 -0.36 -1.03
N LEU B 79 12.44 -0.39 -2.12
CA LEU B 79 11.22 -1.18 -2.14
C LEU B 79 11.49 -2.65 -1.82
N HIS B 80 12.48 -3.23 -2.48
CA HIS B 80 12.80 -4.62 -2.24
C HIS B 80 13.36 -4.83 -0.84
N LEU B 81 14.27 -3.95 -0.44
CA LEU B 81 14.88 -4.06 0.89
C LEU B 81 13.85 -3.85 2.00
N MET B 82 13.00 -2.85 1.86
CA MET B 82 11.98 -2.57 2.87
C MET B 82 11.02 -3.75 3.01
N THR B 83 10.59 -4.28 1.87
CA THR B 83 9.67 -5.41 1.87
C THR B 83 10.32 -6.64 2.50
N SER B 84 11.55 -6.94 2.10
CA SER B 84 12.26 -8.09 2.64
C SER B 84 12.50 -7.97 4.14
N MET B 85 12.97 -6.81 4.58
CA MET B 85 13.24 -6.60 6.01
C MET B 85 11.96 -6.76 6.83
N LEU B 86 10.89 -6.14 6.36
CA LEU B 86 9.61 -6.21 7.06
C LEU B 86 9.11 -7.65 7.12
N ALA B 87 9.17 -8.33 5.98
CA ALA B 87 8.72 -9.71 5.90
C ALA B 87 9.49 -10.58 6.88
N ARG B 88 10.79 -10.44 6.86
CA ARG B 88 11.65 -11.22 7.75
C ARG B 88 11.28 -10.97 9.21
N GLU B 89 11.08 -9.70 9.59
CA GLU B 89 10.75 -9.38 10.97
C GLU B 89 9.43 -10.05 11.37
N LEU B 90 8.44 -9.96 10.50
CA LEU B 90 7.14 -10.56 10.78
C LEU B 90 7.28 -12.08 10.84
N ILE B 91 8.06 -12.63 9.92
CA ILE B 91 8.30 -14.07 9.91
C ILE B 91 8.95 -14.49 11.23
N THR B 92 9.86 -13.66 11.73
CA THR B 92 10.50 -13.96 13.02
C THR B 92 9.43 -14.07 14.09
N GLU B 93 8.49 -13.13 14.09
CA GLU B 93 7.40 -13.15 15.06
C GLU B 93 6.58 -14.43 14.88
N LEU B 94 6.30 -14.77 13.62
CA LEU B 94 5.54 -15.99 13.33
C LEU B 94 6.27 -17.21 13.87
N ILE B 95 7.59 -17.26 13.68
CA ILE B 95 8.36 -18.38 14.19
C ILE B 95 8.28 -18.46 15.71
N GLU B 96 8.36 -17.30 16.37
CA GLU B 96 8.25 -17.27 17.83
C GLU B 96 6.90 -17.85 18.25
N LEU B 97 5.86 -17.54 17.49
CA LEU B 97 4.52 -18.05 17.79
C LEU B 97 4.52 -19.58 17.69
N HIS B 98 5.19 -20.10 16.66
CA HIS B 98 5.27 -21.55 16.50
C HIS B 98 5.89 -22.17 17.75
N GLU B 99 6.90 -21.48 18.28
CA GLU B 99 7.55 -21.95 19.50
C GLU B 99 6.58 -21.94 20.66
N LYS B 100 5.77 -20.88 20.77
CA LYS B 100 4.79 -20.80 21.84
C LYS B 100 3.72 -21.88 21.65
N LEU B 101 3.39 -22.19 20.39
CA LEU B 101 2.42 -23.25 20.11
C LEU B 101 2.96 -24.60 20.58
N LYS B 102 4.13 -24.57 21.21
CA LYS B 102 4.77 -25.78 21.72
C LYS B 102 5.49 -26.51 20.59
N ALA B 103 4.71 -26.92 19.58
CA ALA B 103 5.25 -27.67 18.43
C ALA B 103 6.64 -27.19 18.04
N ALA C 1 11.12 19.25 -2.05
CA ALA C 1 11.16 20.74 -1.98
C ALA C 1 10.96 21.17 -0.54
N GLU C 2 11.18 22.45 -0.27
CA GLU C 2 11.04 23.02 1.08
C GLU C 2 10.10 22.22 1.98
N GLU C 3 8.81 22.51 1.89
CA GLU C 3 7.83 21.81 2.71
C GLU C 3 7.73 20.34 2.34
N LEU C 4 7.37 20.07 1.08
CA LEU C 4 7.24 18.68 0.63
C LEU C 4 8.38 17.80 1.16
N GLU C 5 9.60 18.32 1.11
CA GLU C 5 10.76 17.57 1.58
C GLU C 5 10.74 17.43 3.10
N GLU C 6 10.47 18.53 3.78
CA GLU C 6 10.41 18.52 5.24
C GLU C 6 9.19 17.70 5.68
N VAL C 7 8.12 17.78 4.89
CA VAL C 7 6.90 17.04 5.17
C VAL C 7 7.17 15.53 5.06
N VAL C 8 7.92 15.14 4.03
CA VAL C 8 8.27 13.74 3.83
C VAL C 8 9.06 13.24 5.04
N MET C 9 10.02 14.04 5.50
CA MET C 9 10.80 13.67 6.66
C MET C 9 9.87 13.40 7.84
N GLY C 10 8.88 14.29 8.01
CA GLY C 10 7.91 14.13 9.08
C GLY C 10 7.12 12.84 8.88
N LEU C 11 6.71 12.59 7.65
CA LEU C 11 5.94 11.37 7.33
C LEU C 11 6.79 10.14 7.59
N ILE C 12 8.05 10.18 7.18
CA ILE C 12 8.94 9.04 7.37
C ILE C 12 9.11 8.78 8.87
N ILE C 13 9.32 9.87 9.61
CA ILE C 13 9.47 9.76 11.06
C ILE C 13 8.16 9.23 11.66
N ASN C 14 7.05 9.81 11.22
CA ASN C 14 5.73 9.40 11.72
C ASN C 14 5.50 7.92 11.43
N SER C 15 5.79 7.51 10.19
CA SER C 15 5.63 6.11 9.81
C SER C 15 6.52 5.24 10.68
N GLY C 16 7.76 5.70 10.90
CA GLY C 16 8.70 4.95 11.73
C GLY C 16 8.18 4.84 13.16
N GLN C 17 7.67 5.95 13.70
CA GLN C 17 7.13 5.92 15.06
C GLN C 17 5.95 4.97 15.12
N ALA C 18 5.12 5.01 14.08
CA ALA C 18 3.96 4.14 14.02
C ALA C 18 4.38 2.67 14.15
N ARG C 19 5.36 2.27 13.33
CA ARG C 19 5.84 0.91 13.40
C ARG C 19 6.41 0.63 14.79
N SER C 20 7.21 1.57 15.28
CA SER C 20 7.81 1.41 16.60
C SER C 20 6.73 1.13 17.65
N LEU C 21 5.66 1.92 17.61
CA LEU C 21 4.56 1.74 18.54
C LEU C 21 3.92 0.37 18.33
N ALA C 22 3.73 0.00 17.06
CA ALA C 22 3.13 -1.29 16.73
C ALA C 22 3.96 -2.44 17.33
N TYR C 23 5.27 -2.43 17.07
CA TYR C 23 6.14 -3.47 17.64
C TYR C 23 6.05 -3.45 19.16
N ALA C 24 6.03 -2.24 19.72
CA ALA C 24 5.92 -2.11 21.17
C ALA C 24 4.59 -2.72 21.62
N ALA C 25 3.54 -2.47 20.85
CA ALA C 25 2.23 -3.03 21.16
C ALA C 25 2.31 -4.55 21.21
N LEU C 26 3.01 -5.12 20.24
CA LEU C 26 3.19 -6.57 20.18
C LEU C 26 3.95 -7.05 21.42
N LYS C 27 4.99 -6.31 21.77
CA LYS C 27 5.79 -6.66 22.94
C LYS C 27 4.90 -6.72 24.19
N GLN C 28 3.99 -5.77 24.31
CA GLN C 28 3.06 -5.75 25.44
C GLN C 28 2.26 -7.04 25.47
N ALA C 29 1.82 -7.47 24.27
CA ALA C 29 1.05 -8.70 24.16
C ALA C 29 1.85 -9.89 24.67
N LYS C 30 3.13 -9.94 24.30
CA LYS C 30 3.99 -11.02 24.76
C LYS C 30 4.07 -11.06 26.28
N GLN C 31 3.98 -9.88 26.90
CA GLN C 31 4.04 -9.80 28.36
C GLN C 31 2.67 -10.17 28.96
N GLY C 32 1.71 -10.44 28.08
CA GLY C 32 0.36 -10.83 28.53
C GLY C 32 -0.47 -9.60 28.89
N ASP C 33 -0.04 -8.43 28.44
CA ASP C 33 -0.76 -7.18 28.70
C ASP C 33 -1.63 -6.80 27.51
N PHE C 34 -2.80 -7.41 27.42
CA PHE C 34 -3.71 -7.14 26.31
C PHE C 34 -4.22 -5.70 26.34
N ALA C 35 -4.43 -5.17 27.54
CA ALA C 35 -4.94 -3.81 27.68
C ALA C 35 -3.97 -2.79 27.08
N ALA C 36 -2.71 -2.89 27.47
CA ALA C 36 -1.71 -1.96 26.96
C ALA C 36 -1.50 -2.17 25.47
N ALA C 37 -1.55 -3.42 25.02
CA ALA C 37 -1.38 -3.71 23.60
C ALA C 37 -2.48 -3.00 22.81
N LYS C 38 -3.72 -3.21 23.22
CA LYS C 38 -4.87 -2.59 22.57
C LYS C 38 -4.72 -1.07 22.49
N ALA C 39 -4.32 -0.45 23.61
CA ALA C 39 -4.16 1.00 23.65
C ALA C 39 -3.06 1.46 22.68
N MET C 40 -1.96 0.72 22.64
CA MET C 40 -0.85 1.06 21.77
C MET C 40 -1.25 0.92 20.30
N MET C 41 -2.03 -0.11 19.99
CA MET C 41 -2.48 -0.31 18.61
C MET C 41 -3.35 0.85 18.16
N ASP C 42 -4.25 1.28 19.04
CA ASP C 42 -5.17 2.36 18.72
C ASP C 42 -4.41 3.63 18.38
N GLN C 43 -3.42 3.97 19.21
CA GLN C 43 -2.61 5.16 18.97
C GLN C 43 -1.83 5.03 17.67
N SER C 44 -1.30 3.85 17.42
CA SER C 44 -0.55 3.60 16.19
C SER C 44 -1.44 3.87 14.98
N ARG C 45 -2.67 3.32 15.03
CA ARG C 45 -3.64 3.50 13.96
C ARG C 45 -3.93 4.99 13.72
N MET C 46 -4.14 5.72 14.81
CA MET C 46 -4.43 7.15 14.72
C MET C 46 -3.26 7.89 14.08
N ALA C 47 -2.04 7.51 14.47
CA ALA C 47 -0.84 8.14 13.91
C ALA C 47 -0.78 7.91 12.40
N LEU C 48 -1.08 6.68 11.98
CA LEU C 48 -1.07 6.33 10.57
C LEU C 48 -2.17 7.06 9.82
N ASN C 49 -3.34 7.15 10.45
CA ASN C 49 -4.48 7.81 9.84
C ASN C 49 -4.14 9.27 9.52
N GLU C 50 -3.51 9.95 10.47
CA GLU C 50 -3.11 11.33 10.26
C GLU C 50 -2.06 11.41 9.16
N ALA C 51 -1.13 10.47 9.19
CA ALA C 51 -0.07 10.43 8.18
C ALA C 51 -0.67 10.15 6.80
N HIS C 52 -1.58 9.19 6.74
CA HIS C 52 -2.25 8.85 5.48
C HIS C 52 -3.02 10.05 4.94
N LEU C 53 -3.69 10.78 5.83
CA LEU C 53 -4.47 11.95 5.43
C LEU C 53 -3.56 12.98 4.76
N VAL C 54 -2.39 13.20 5.35
CA VAL C 54 -1.45 14.16 4.80
C VAL C 54 -0.99 13.67 3.43
N GLN C 55 -0.69 12.38 3.32
CA GLN C 55 -0.26 11.82 2.04
C GLN C 55 -1.38 11.99 1.00
N THR C 56 -2.62 11.74 1.41
CA THR C 56 -3.76 11.88 0.48
C THR C 56 -3.70 13.25 -0.19
N LYS C 57 -3.50 14.29 0.60
CA LYS C 57 -3.40 15.64 0.05
C LYS C 57 -2.20 15.73 -0.88
N LEU C 58 -1.11 15.09 -0.49
CA LEU C 58 0.10 15.11 -1.29
C LEU C 58 -0.08 14.35 -2.61
N ILE C 59 -1.09 13.47 -2.70
CA ILE C 59 -1.33 12.76 -3.95
C ILE C 59 -2.40 13.48 -4.79
N GLU C 60 -3.38 14.10 -4.14
CA GLU C 60 -4.43 14.83 -4.87
C GLU C 60 -3.85 16.03 -5.60
N GLY C 61 -2.89 16.71 -4.98
CA GLY C 61 -2.28 17.89 -5.57
C GLY C 61 -0.83 17.62 -5.97
N ASP C 62 -0.56 16.41 -6.41
CA ASP C 62 0.79 16.03 -6.80
C ASP C 62 1.22 16.75 -8.06
N ALA C 63 0.31 17.49 -8.68
CA ALA C 63 0.63 18.24 -9.90
C ALA C 63 1.30 19.56 -9.56
N GLY C 64 1.78 20.26 -10.59
CA GLY C 64 2.43 21.56 -10.39
C GLY C 64 3.77 21.63 -11.13
N GLU C 65 4.69 20.71 -10.81
CA GLU C 65 5.99 20.70 -11.45
C GLU C 65 5.87 20.38 -12.94
N GLY C 66 4.99 19.45 -13.27
CA GLY C 66 4.80 19.05 -14.66
C GLY C 66 3.45 18.36 -14.86
N LYS C 67 3.12 18.09 -16.11
CA LYS C 67 1.85 17.44 -16.43
C LYS C 67 1.83 16.00 -15.92
N MET C 68 2.44 15.10 -16.70
CA MET C 68 2.48 13.68 -16.36
C MET C 68 3.31 13.38 -15.12
N LYS C 69 4.45 14.07 -14.97
CA LYS C 69 5.34 13.83 -13.84
C LYS C 69 4.79 14.36 -12.52
N VAL C 70 5.20 13.71 -11.43
CA VAL C 70 4.76 14.07 -10.08
C VAL C 70 5.96 14.16 -9.13
N SER C 71 5.72 14.64 -7.91
CA SER C 71 6.80 14.75 -6.93
C SER C 71 7.42 13.38 -6.68
N LEU C 72 8.74 13.30 -6.77
CA LEU C 72 9.45 12.03 -6.61
C LEU C 72 9.31 11.48 -5.19
N VAL C 73 9.40 12.39 -4.22
CA VAL C 73 9.33 12.04 -2.80
C VAL C 73 8.00 11.37 -2.44
N LEU C 74 6.99 11.57 -3.26
CA LEU C 74 5.68 10.98 -2.98
C LEU C 74 5.79 9.49 -2.75
N VAL C 75 6.66 8.88 -3.54
CA VAL C 75 6.89 7.44 -3.43
C VAL C 75 7.56 7.13 -2.10
N HIS C 76 8.62 7.96 -1.66
CA HIS C 76 9.31 7.72 -0.39
C HIS C 76 8.31 7.69 0.76
N ALA C 77 7.39 8.64 0.77
CA ALA C 77 6.37 8.70 1.81
C ALA C 77 5.40 7.53 1.67
N GLN C 78 5.03 7.21 0.42
CA GLN C 78 4.10 6.11 0.17
C GLN C 78 4.74 4.79 0.59
N LEU C 79 5.99 4.58 0.19
CA LEU C 79 6.71 3.36 0.55
C LEU C 79 6.75 3.17 2.06
N HIS C 80 7.13 4.21 2.79
CA HIS C 80 7.20 4.12 4.24
C HIS C 80 5.81 3.94 4.85
N LEU C 81 4.87 4.73 4.38
CA LEU C 81 3.50 4.67 4.89
C LEU C 81 2.85 3.31 4.59
N MET C 82 3.01 2.84 3.37
CA MET C 82 2.42 1.55 2.98
C MET C 82 3.01 0.42 3.82
N THR C 83 4.32 0.45 3.99
CA THR C 83 5.00 -0.58 4.76
C THR C 83 4.54 -0.55 6.22
N SER C 84 4.53 0.64 6.80
CA SER C 84 4.12 0.80 8.20
C SER C 84 2.67 0.37 8.42
N MET C 85 1.76 0.84 7.56
CA MET C 85 0.35 0.48 7.70
C MET C 85 0.16 -1.04 7.61
N LEU C 86 0.80 -1.65 6.63
CA LEU C 86 0.70 -3.09 6.43
C LEU C 86 1.24 -3.83 7.65
N ALA C 87 2.42 -3.42 8.10
CA ALA C 87 3.05 -4.04 9.25
C ALA C 87 2.13 -3.96 10.47
N ARG C 88 1.61 -2.77 10.71
CA ARG C 88 0.74 -2.55 11.84
C ARG C 88 -0.50 -3.47 11.77
N GLU C 89 -1.11 -3.56 10.59
CA GLU C 89 -2.29 -4.42 10.44
C GLU C 89 -1.95 -5.88 10.74
N LEU C 90 -0.82 -6.35 10.20
CA LEU C 90 -0.40 -7.72 10.44
C LEU C 90 -0.07 -7.92 11.91
N ILE C 91 0.60 -6.95 12.49
CA ILE C 91 0.95 -7.02 13.90
C ILE C 91 -0.33 -7.12 14.73
N THR C 92 -1.36 -6.39 14.32
CA THR C 92 -2.64 -6.46 15.02
C THR C 92 -3.15 -7.89 14.99
N GLU C 93 -3.06 -8.53 13.83
CA GLU C 93 -3.50 -9.92 13.70
C GLU C 93 -2.66 -10.82 14.62
N LEU C 94 -1.36 -10.56 14.63
CA LEU C 94 -0.45 -11.34 15.47
C LEU C 94 -0.84 -11.20 16.94
N ILE C 95 -1.16 -9.98 17.35
CA ILE C 95 -1.57 -9.73 18.73
C ILE C 95 -2.86 -10.51 19.05
N GLU C 96 -3.80 -10.48 18.12
CA GLU C 96 -5.05 -11.21 18.31
C GLU C 96 -4.75 -12.70 18.53
N LEU C 97 -3.78 -13.21 17.77
CA LEU C 97 -3.39 -14.61 17.91
C LEU C 97 -2.85 -14.87 19.32
N HIS C 98 -2.05 -13.94 19.83
CA HIS C 98 -1.52 -14.09 21.18
C HIS C 98 -2.68 -14.22 22.16
N GLU C 99 -3.73 -13.44 21.92
CA GLU C 99 -4.90 -13.49 22.78
C GLU C 99 -5.57 -14.87 22.68
N LYS C 100 -5.65 -15.41 21.46
CA LYS C 100 -6.25 -16.72 21.29
C LYS C 100 -5.38 -17.78 21.95
N LEU C 101 -4.05 -17.58 21.91
CA LEU C 101 -3.12 -18.52 22.55
C LEU C 101 -3.37 -18.53 24.06
N LYS C 102 -4.36 -17.76 24.51
CA LYS C 102 -4.70 -17.67 25.93
C LYS C 102 -3.78 -16.68 26.63
N ALA C 103 -2.48 -16.99 26.61
CA ALA C 103 -1.45 -16.16 27.26
C ALA C 103 -1.80 -14.67 27.21
N LYS D 1 -19.97 26.95 -1.17
CA LYS D 1 -19.08 26.05 -1.96
C LYS D 1 -19.44 24.59 -1.78
N LYS D 2 -19.77 23.94 -2.87
CA LYS D 2 -20.15 22.54 -2.84
C LYS D 2 -18.93 21.62 -2.88
N HIS D 3 -19.02 20.49 -2.19
CA HIS D 3 -17.93 19.52 -2.13
C HIS D 3 -18.12 18.37 -3.08
N ILE D 4 -17.20 18.26 -4.03
CA ILE D 4 -17.22 17.18 -4.99
C ILE D 4 -16.07 16.24 -4.61
N TYR D 5 -16.39 15.03 -4.18
CA TYR D 5 -15.38 14.06 -3.78
C TYR D 5 -15.33 12.90 -4.76
N LEU D 6 -14.13 12.60 -5.26
CA LEU D 6 -13.90 11.48 -6.19
C LEU D 6 -13.25 10.35 -5.40
N PHE D 7 -13.55 9.08 -5.75
CA PHE D 7 -12.86 7.96 -5.12
C PHE D 7 -12.19 7.06 -6.17
N CYS D 8 -11.05 6.44 -5.74
CA CYS D 8 -10.30 5.43 -6.47
C CYS D 8 -9.52 4.56 -5.48
N SER D 9 -8.66 3.64 -5.88
CA SER D 9 -8.05 2.82 -4.84
C SER D 9 -7.19 3.64 -3.91
N ALA D 10 -6.21 4.42 -4.42
CA ALA D 10 -5.32 5.14 -3.53
C ALA D 10 -5.61 6.63 -3.59
N GLY D 11 -5.95 7.13 -4.78
CA GLY D 11 -6.27 8.52 -4.97
C GLY D 11 -5.24 9.23 -5.85
N MET D 12 -4.53 8.50 -6.72
CA MET D 12 -3.51 9.14 -7.56
C MET D 12 -3.98 9.33 -9.01
N SER D 13 -4.07 8.26 -9.73
CA SER D 13 -4.50 8.36 -11.14
C SER D 13 -5.70 9.29 -11.28
N THR D 14 -6.46 9.50 -10.19
CA THR D 14 -7.62 10.38 -10.30
C THR D 14 -7.22 11.77 -9.88
N SER D 15 -6.09 11.83 -9.22
CA SER D 15 -5.48 13.09 -8.76
C SER D 15 -5.20 14.03 -9.93
N LEU D 16 -4.82 13.46 -11.06
CA LEU D 16 -4.55 14.26 -12.24
C LEU D 16 -5.88 14.86 -12.76
N LEU D 17 -6.96 14.07 -12.72
CA LEU D 17 -8.28 14.55 -13.14
C LEU D 17 -8.75 15.68 -12.19
N VAL D 18 -8.54 15.48 -10.88
CA VAL D 18 -8.91 16.50 -9.89
C VAL D 18 -8.18 17.83 -10.15
N SER D 19 -6.89 17.79 -10.47
CA SER D 19 -6.17 19.03 -10.74
C SER D 19 -6.73 19.77 -11.98
N LYS D 20 -7.12 19.03 -13.02
CA LYS D 20 -7.71 19.66 -14.20
C LYS D 20 -9.12 20.20 -13.91
N MET D 21 -9.87 19.50 -13.07
CA MET D 21 -11.22 20.00 -12.73
C MET D 21 -11.08 21.31 -11.94
N ARG D 22 -10.13 21.39 -11.02
CA ARG D 22 -9.91 22.60 -10.21
C ARG D 22 -9.56 23.79 -11.12
N ALA D 23 -8.79 23.54 -12.18
CA ALA D 23 -8.39 24.59 -13.11
C ALA D 23 -9.63 25.14 -13.81
N GLN D 24 -10.50 24.24 -14.24
CA GLN D 24 -11.72 24.61 -14.91
C GLN D 24 -12.67 25.35 -14.00
N ALA D 25 -12.80 24.88 -12.77
CA ALA D 25 -13.69 25.53 -11.80
C ALA D 25 -13.24 26.96 -11.55
N GLU D 26 -11.93 27.20 -11.60
CA GLU D 26 -11.39 28.54 -11.36
C GLU D 26 -11.65 29.43 -12.57
N LYS D 27 -11.43 28.88 -13.76
CA LYS D 27 -11.63 29.59 -14.99
C LYS D 27 -13.07 30.10 -15.12
N TYR D 28 -14.05 29.29 -14.72
CA TYR D 28 -15.48 29.69 -14.80
C TYR D 28 -16.13 30.10 -13.49
N GLU D 29 -15.33 30.35 -12.46
CA GLU D 29 -15.81 30.78 -11.15
C GLU D 29 -16.89 29.89 -10.51
N VAL D 30 -16.76 28.58 -10.66
CA VAL D 30 -17.70 27.63 -10.08
C VAL D 30 -17.27 27.48 -8.62
N PRO D 31 -18.19 27.73 -7.67
CA PRO D 31 -17.91 27.64 -6.23
C PRO D 31 -17.93 26.21 -5.68
N VAL D 32 -16.88 25.46 -6.01
CA VAL D 32 -16.75 24.08 -5.57
C VAL D 32 -15.38 23.76 -5.01
N ILE D 33 -15.35 22.75 -4.14
CA ILE D 33 -14.13 22.22 -3.55
C ILE D 33 -14.09 20.77 -4.09
N ILE D 34 -12.98 20.40 -4.71
CA ILE D 34 -12.79 19.07 -5.32
C ILE D 34 -11.61 18.31 -4.66
N GLU D 35 -11.86 17.09 -4.18
CA GLU D 35 -10.83 16.27 -3.52
C GLU D 35 -10.93 14.82 -4.00
N ALA D 36 -9.78 14.14 -4.09
CA ALA D 36 -9.71 12.73 -4.50
C ALA D 36 -9.34 11.92 -3.25
N PHE D 37 -9.93 10.74 -3.09
CA PHE D 37 -9.64 9.87 -1.95
C PHE D 37 -9.66 8.44 -2.43
N PRO D 38 -9.08 7.53 -1.64
CA PRO D 38 -9.07 6.11 -2.02
C PRO D 38 -10.49 5.61 -1.70
N GLU D 39 -10.91 4.54 -2.35
CA GLU D 39 -12.24 3.96 -2.13
C GLU D 39 -12.51 3.54 -0.69
N THR D 40 -11.46 3.29 0.09
CA THR D 40 -11.63 2.88 1.48
C THR D 40 -12.26 3.95 2.37
N LEU D 41 -12.19 5.21 1.94
CA LEU D 41 -12.77 6.32 2.70
C LEU D 41 -14.15 6.77 2.20
N ALA D 42 -14.74 6.07 1.21
CA ALA D 42 -16.05 6.45 0.63
C ALA D 42 -17.14 6.64 1.68
N GLY D 43 -17.12 5.80 2.71
CA GLY D 43 -18.13 5.91 3.75
C GLY D 43 -17.81 6.98 4.77
N GLU D 44 -16.53 7.16 5.08
CA GLU D 44 -16.15 8.15 6.07
C GLU D 44 -16.16 9.59 5.49
N LYS D 45 -15.52 9.77 4.34
CA LYS D 45 -15.46 11.08 3.70
C LYS D 45 -16.73 11.45 2.92
N GLY D 46 -17.38 10.46 2.32
CA GLY D 46 -18.60 10.70 1.55
C GLY D 46 -19.69 11.43 2.29
N GLN D 47 -19.77 11.23 3.60
CA GLN D 47 -20.79 11.89 4.43
C GLN D 47 -20.74 13.42 4.34
N ASN D 48 -19.59 13.97 3.95
CA ASN D 48 -19.43 15.41 3.87
C ASN D 48 -19.45 15.95 2.45
N ALA D 49 -19.66 15.08 1.48
CA ALA D 49 -19.67 15.54 0.10
C ALA D 49 -21.06 15.97 -0.30
N ASP D 50 -21.11 16.82 -1.31
CA ASP D 50 -22.38 17.25 -1.83
C ASP D 50 -22.73 16.32 -2.99
N VAL D 51 -21.69 15.73 -3.60
CA VAL D 51 -21.88 14.75 -4.67
C VAL D 51 -20.68 13.78 -4.61
N VAL D 52 -20.98 12.49 -4.70
CA VAL D 52 -19.97 11.44 -4.66
C VAL D 52 -19.78 10.85 -6.06
N LEU D 53 -18.55 10.92 -6.57
CA LEU D 53 -18.24 10.38 -7.88
C LEU D 53 -17.30 9.18 -7.73
N LEU D 54 -17.60 8.08 -8.42
CA LEU D 54 -16.75 6.88 -8.36
C LEU D 54 -15.96 6.73 -9.63
N GLY D 55 -14.69 6.35 -9.51
CA GLY D 55 -13.84 6.18 -10.68
C GLY D 55 -14.39 5.02 -11.49
N PRO D 56 -14.13 4.94 -12.76
CA PRO D 56 -14.66 3.84 -13.62
C PRO D 56 -14.24 2.42 -13.18
N GLN D 57 -13.07 2.31 -12.54
CA GLN D 57 -12.57 1.02 -12.08
C GLN D 57 -13.39 0.49 -10.90
N ILE D 58 -14.04 1.38 -10.15
CA ILE D 58 -14.82 0.94 -9.01
C ILE D 58 -16.34 1.02 -9.23
N ALA D 59 -16.75 0.99 -10.49
CA ALA D 59 -18.17 1.04 -10.83
C ALA D 59 -18.94 -0.11 -10.19
N TYR D 60 -18.34 -1.30 -10.13
CA TYR D 60 -19.04 -2.44 -9.55
C TYR D 60 -19.46 -2.21 -8.09
N MET D 61 -18.84 -1.23 -7.44
CA MET D 61 -19.15 -0.89 -6.05
C MET D 61 -20.33 0.08 -5.87
N LEU D 62 -20.89 0.58 -6.97
CA LEU D 62 -21.99 1.54 -6.90
C LEU D 62 -23.13 1.19 -5.93
N PRO D 63 -23.73 -0.02 -6.05
CA PRO D 63 -24.82 -0.37 -5.12
C PRO D 63 -24.43 -0.30 -3.65
N GLU D 64 -23.22 -0.72 -3.30
CA GLU D 64 -22.77 -0.68 -1.91
C GLU D 64 -22.60 0.74 -1.42
N ILE D 65 -22.02 1.59 -2.25
CA ILE D 65 -21.83 2.99 -1.85
C ILE D 65 -23.16 3.74 -1.71
N GLN D 66 -24.12 3.42 -2.59
CA GLN D 66 -25.46 4.00 -2.52
C GLN D 66 -26.13 3.64 -1.18
N ARG D 67 -26.00 2.39 -0.73
CA ARG D 67 -26.60 1.98 0.55
C ARG D 67 -25.89 2.63 1.74
N LEU D 68 -24.60 2.88 1.59
CA LEU D 68 -23.77 3.49 2.64
C LEU D 68 -24.11 4.97 2.82
N LEU D 69 -24.39 5.65 1.70
CA LEU D 69 -24.73 7.09 1.68
C LEU D 69 -26.11 7.27 1.01
N PRO D 70 -27.20 6.87 1.69
CA PRO D 70 -28.55 6.99 1.13
C PRO D 70 -29.03 8.44 0.93
N ASN D 71 -28.35 9.38 1.56
CA ASN D 71 -28.75 10.79 1.44
C ASN D 71 -27.82 11.63 0.57
N LYS D 72 -27.08 10.99 -0.33
CA LYS D 72 -26.14 11.69 -1.21
C LYS D 72 -26.26 11.20 -2.63
N PRO D 73 -26.13 12.10 -3.63
CA PRO D 73 -26.21 11.62 -5.02
C PRO D 73 -24.85 10.97 -5.27
N VAL D 74 -24.87 9.73 -5.75
CA VAL D 74 -23.64 8.96 -6.02
C VAL D 74 -23.64 8.48 -7.46
N GLU D 75 -22.58 8.72 -8.19
CA GLU D 75 -22.53 8.22 -9.55
C GLU D 75 -21.13 7.95 -10.07
N VAL D 76 -21.06 7.12 -11.10
CA VAL D 76 -19.80 6.72 -11.71
C VAL D 76 -19.40 7.72 -12.78
N ILE D 77 -18.11 8.03 -12.84
CA ILE D 77 -17.58 8.96 -13.83
C ILE D 77 -17.54 8.27 -15.17
N ASP D 78 -17.96 8.97 -16.21
CA ASP D 78 -17.94 8.40 -17.55
C ASP D 78 -16.51 7.95 -17.89
N SER D 79 -16.33 6.69 -18.28
CA SER D 79 -14.99 6.17 -18.58
C SER D 79 -14.18 6.90 -19.65
N LEU D 80 -14.87 7.44 -20.65
CA LEU D 80 -14.19 8.17 -21.73
C LEU D 80 -13.73 9.53 -21.23
N LEU D 81 -14.58 10.18 -20.45
CA LEU D 81 -14.26 11.49 -19.90
C LEU D 81 -13.10 11.33 -18.94
N TYR D 82 -13.10 10.21 -18.22
CA TYR D 82 -12.04 9.90 -17.25
C TYR D 82 -10.71 9.58 -17.95
N GLY D 83 -10.75 8.68 -18.92
CA GLY D 83 -9.54 8.32 -19.64
C GLY D 83 -8.87 9.50 -20.31
N LYS D 84 -9.68 10.37 -20.87
CA LYS D 84 -9.22 11.56 -21.59
C LYS D 84 -8.79 12.70 -20.65
N VAL D 85 -9.07 12.52 -19.35
CA VAL D 85 -8.77 13.52 -18.31
C VAL D 85 -9.47 14.86 -18.61
N ASP D 86 -10.76 14.77 -18.94
CA ASP D 86 -11.57 15.95 -19.28
C ASP D 86 -12.09 16.63 -18.03
N GLY D 87 -11.29 17.56 -17.51
CA GLY D 87 -11.64 18.31 -16.31
C GLY D 87 -12.94 19.07 -16.45
N LEU D 88 -13.16 19.73 -17.60
CA LEU D 88 -14.39 20.49 -17.80
C LEU D 88 -15.63 19.58 -17.87
N GLY D 89 -15.50 18.50 -18.64
CA GLY D 89 -16.59 17.56 -18.81
C GLY D 89 -17.07 16.91 -17.53
N VAL D 90 -16.12 16.49 -16.69
CA VAL D 90 -16.48 15.84 -15.42
C VAL D 90 -17.04 16.88 -14.45
N LEU D 91 -16.47 18.08 -14.49
CA LEU D 91 -16.97 19.15 -13.63
C LEU D 91 -18.46 19.39 -14.00
N LYS D 92 -18.76 19.42 -15.30
CA LYS D 92 -20.15 19.61 -15.75
C LYS D 92 -21.09 18.52 -15.24
N ALA D 93 -20.64 17.27 -15.30
CA ALA D 93 -21.47 16.14 -14.85
C ALA D 93 -21.76 16.21 -13.35
N ALA D 94 -20.78 16.72 -12.60
CA ALA D 94 -20.90 16.82 -11.15
C ALA D 94 -21.90 17.90 -10.75
N VAL D 95 -21.80 19.06 -11.40
CA VAL D 95 -22.72 20.17 -11.13
C VAL D 95 -24.13 19.69 -11.49
N ALA D 96 -24.25 18.98 -12.61
CA ALA D 96 -25.54 18.45 -13.04
C ALA D 96 -26.13 17.51 -11.99
N ALA D 97 -25.33 16.57 -11.49
CA ALA D 97 -25.85 15.64 -10.49
C ALA D 97 -26.36 16.40 -9.26
N ILE D 98 -25.70 17.51 -8.93
CA ILE D 98 -26.12 18.32 -7.78
C ILE D 98 -27.46 19.01 -8.03
N LYS D 99 -27.63 19.58 -9.24
CA LYS D 99 -28.87 20.26 -9.62
C LYS D 99 -30.01 19.26 -9.71
N LYS D 100 -29.80 18.19 -10.45
CA LYS D 100 -30.83 17.18 -10.59
C LYS D 100 -31.20 16.60 -9.22
N ALA D 101 -30.34 16.79 -8.23
CA ALA D 101 -30.58 16.28 -6.88
C ALA D 101 -31.37 17.24 -6.00
N ALA D 102 -31.14 18.54 -6.18
CA ALA D 102 -31.83 19.57 -5.43
C ALA D 102 -33.22 19.88 -6.02
N ALA D 103 -33.60 19.13 -7.06
CA ALA D 103 -34.88 19.29 -7.72
C ALA D 103 -35.05 18.26 -8.85
P PO3 E . -4.80 5.44 -7.22
O1 PO3 E . -5.28 4.01 -6.98
O2 PO3 E . -4.76 6.00 -8.63
O3 PO3 E . -4.20 6.23 -6.09
N ALA A 1 0.74 7.29 -18.60
CA ALA A 1 0.24 7.59 -19.96
C ALA A 1 -1.09 6.86 -20.17
N GLU A 2 -1.77 7.18 -21.26
CA GLU A 2 -3.08 6.58 -21.60
C GLU A 2 -3.28 5.20 -20.95
N GLU A 3 -2.80 4.17 -21.63
CA GLU A 3 -2.95 2.80 -21.13
C GLU A 3 -2.16 2.60 -19.84
N LEU A 4 -0.84 2.78 -19.91
CA LEU A 4 0.01 2.60 -18.74
C LEU A 4 -0.63 3.20 -17.48
N GLU A 5 -1.21 4.38 -17.61
CA GLU A 5 -1.84 5.05 -16.47
C GLU A 5 -3.12 4.34 -16.08
N GLU A 6 -3.94 4.01 -17.07
CA GLU A 6 -5.19 3.30 -16.82
C GLU A 6 -4.88 1.88 -16.34
N VAL A 7 -3.80 1.31 -16.88
CA VAL A 7 -3.37 -0.03 -16.50
C VAL A 7 -2.93 -0.05 -15.03
N VAL A 8 -2.20 0.99 -14.63
CA VAL A 8 -1.73 1.10 -13.25
C VAL A 8 -2.95 1.16 -12.33
N MET A 9 -3.95 1.96 -12.70
CA MET A 9 -5.17 2.06 -11.90
C MET A 9 -5.77 0.67 -11.73
N GLY A 10 -5.81 -0.09 -12.82
CA GLY A 10 -6.34 -1.45 -12.77
C GLY A 10 -5.49 -2.31 -11.83
N LEU A 11 -4.17 -2.17 -11.95
CA LEU A 11 -3.26 -2.93 -11.10
C LEU A 11 -3.45 -2.56 -9.64
N ILE A 12 -3.57 -1.27 -9.37
CA ILE A 12 -3.76 -0.80 -8.00
C ILE A 12 -5.06 -1.36 -7.46
N ILE A 13 -6.11 -1.29 -8.26
CA ILE A 13 -7.40 -1.82 -7.85
C ILE A 13 -7.30 -3.33 -7.65
N ASN A 14 -6.65 -4.01 -8.60
CA ASN A 14 -6.47 -5.45 -8.53
C ASN A 14 -5.71 -5.82 -7.26
N SER A 15 -4.61 -5.11 -7.03
CA SER A 15 -3.81 -5.35 -5.83
C SER A 15 -4.65 -5.14 -4.57
N GLY A 16 -5.44 -4.06 -4.60
CA GLY A 16 -6.32 -3.75 -3.47
C GLY A 16 -7.35 -4.86 -3.26
N GLN A 17 -7.95 -5.32 -4.36
CA GLN A 17 -8.94 -6.40 -4.27
C GLN A 17 -8.27 -7.65 -3.72
N ALA A 18 -7.05 -7.92 -4.18
CA ALA A 18 -6.31 -9.09 -3.72
C ALA A 18 -6.15 -9.04 -2.21
N ARG A 19 -5.70 -7.91 -1.69
CA ARG A 19 -5.55 -7.77 -0.25
C ARG A 19 -6.90 -7.95 0.43
N SER A 20 -7.91 -7.28 -0.11
CA SER A 20 -9.25 -7.36 0.44
C SER A 20 -9.68 -8.83 0.57
N LEU A 21 -9.47 -9.59 -0.49
CA LEU A 21 -9.81 -11.01 -0.48
C LEU A 21 -8.97 -11.74 0.58
N ALA A 22 -7.69 -11.40 0.63
CA ALA A 22 -6.79 -12.03 1.60
C ALA A 22 -7.30 -11.80 3.03
N TYR A 23 -7.59 -10.55 3.38
CA TYR A 23 -8.10 -10.25 4.72
C TYR A 23 -9.41 -11.00 4.93
N ALA A 24 -10.25 -11.03 3.90
CA ALA A 24 -11.51 -11.73 3.99
C ALA A 24 -11.24 -13.22 4.25
N ALA A 25 -10.23 -13.75 3.56
CA ALA A 25 -9.84 -15.14 3.75
C ALA A 25 -9.48 -15.38 5.21
N LEU A 26 -8.72 -14.46 5.78
CA LEU A 26 -8.32 -14.57 7.18
C LEU A 26 -9.56 -14.55 8.07
N LYS A 27 -10.48 -13.64 7.77
CA LYS A 27 -11.71 -13.53 8.54
C LYS A 27 -12.45 -14.87 8.56
N GLN A 28 -12.48 -15.54 7.41
CA GLN A 28 -13.15 -16.84 7.31
C GLN A 28 -12.48 -17.81 8.28
N ALA A 29 -11.15 -17.75 8.35
CA ALA A 29 -10.39 -18.62 9.24
C ALA A 29 -10.80 -18.38 10.69
N LYS A 30 -10.95 -17.12 11.05
CA LYS A 30 -11.36 -16.77 12.41
C LYS A 30 -12.72 -17.37 12.73
N GLN A 31 -13.58 -17.50 11.72
CA GLN A 31 -14.89 -18.08 11.93
C GLN A 31 -14.80 -19.60 11.96
N GLY A 32 -13.60 -20.12 11.77
CA GLY A 32 -13.37 -21.56 11.81
C GLY A 32 -13.71 -22.21 10.47
N ASP A 33 -13.83 -21.40 9.43
CA ASP A 33 -14.15 -21.90 8.09
C ASP A 33 -12.88 -22.06 7.26
N PHE A 34 -12.18 -23.18 7.47
CA PHE A 34 -10.93 -23.42 6.73
C PHE A 34 -11.18 -23.60 5.24
N ALA A 35 -12.31 -24.21 4.89
CA ALA A 35 -12.63 -24.46 3.49
C ALA A 35 -12.77 -23.14 2.72
N ALA A 36 -13.56 -22.23 3.26
CA ALA A 36 -13.76 -20.95 2.60
C ALA A 36 -12.46 -20.14 2.60
N ALA A 37 -11.70 -20.23 3.68
CA ALA A 37 -10.43 -19.52 3.75
C ALA A 37 -9.52 -19.99 2.60
N LYS A 38 -9.36 -21.30 2.49
CA LYS A 38 -8.53 -21.90 1.45
C LYS A 38 -8.96 -21.42 0.06
N ALA A 39 -10.26 -21.45 -0.21
CA ALA A 39 -10.77 -21.03 -1.51
C ALA A 39 -10.47 -19.57 -1.79
N MET A 40 -10.61 -18.74 -0.76
CA MET A 40 -10.36 -17.30 -0.90
C MET A 40 -8.88 -17.03 -1.18
N MET A 41 -7.98 -17.76 -0.50
CA MET A 41 -6.55 -17.56 -0.72
C MET A 41 -6.19 -17.92 -2.15
N ASP A 42 -6.77 -19.01 -2.65
CA ASP A 42 -6.47 -19.48 -3.99
C ASP A 42 -6.83 -18.42 -5.02
N GLN A 43 -8.03 -17.87 -4.88
CA GLN A 43 -8.48 -16.82 -5.80
C GLN A 43 -7.61 -15.59 -5.67
N SER A 44 -7.25 -15.24 -4.44
CA SER A 44 -6.40 -14.08 -4.20
C SER A 44 -5.06 -14.28 -4.91
N ARG A 45 -4.49 -15.47 -4.78
CA ARG A 45 -3.22 -15.82 -5.43
C ARG A 45 -3.32 -15.66 -6.95
N MET A 46 -4.40 -16.18 -7.51
CA MET A 46 -4.63 -16.11 -8.95
C MET A 46 -4.72 -14.65 -9.40
N ALA A 47 -5.41 -13.83 -8.62
CA ALA A 47 -5.56 -12.41 -8.94
C ALA A 47 -4.19 -11.74 -9.00
N LEU A 48 -3.35 -12.05 -8.02
CA LEU A 48 -2.00 -11.49 -7.95
C LEU A 48 -1.15 -11.98 -9.12
N ASN A 49 -1.29 -13.26 -9.41
CA ASN A 49 -0.51 -13.87 -10.48
C ASN A 49 -0.77 -13.15 -11.80
N GLU A 50 -2.04 -12.89 -12.07
CA GLU A 50 -2.41 -12.17 -13.29
C GLU A 50 -1.86 -10.75 -13.23
N ALA A 51 -1.97 -10.13 -12.05
CA ALA A 51 -1.47 -8.77 -11.87
C ALA A 51 0.06 -8.75 -12.05
N HIS A 52 0.73 -9.71 -11.44
CA HIS A 52 2.19 -9.81 -11.54
C HIS A 52 2.61 -10.01 -13.00
N LEU A 53 1.86 -10.83 -13.72
CA LEU A 53 2.16 -11.11 -15.12
C LEU A 53 2.11 -9.82 -15.93
N VAL A 54 1.08 -9.02 -15.68
CA VAL A 54 0.94 -7.75 -16.38
C VAL A 54 2.11 -6.84 -16.04
N GLN A 55 2.46 -6.79 -14.76
CA GLN A 55 3.59 -5.96 -14.34
C GLN A 55 4.88 -6.45 -15.01
N THR A 56 5.08 -7.76 -15.08
CA THR A 56 6.28 -8.32 -15.72
C THR A 56 6.46 -7.71 -17.11
N LYS A 57 5.37 -7.66 -17.88
CA LYS A 57 5.43 -7.06 -19.22
C LYS A 57 5.76 -5.59 -19.10
N LEU A 58 5.18 -4.94 -18.10
CA LEU A 58 5.43 -3.52 -17.90
C LEU A 58 6.87 -3.24 -17.48
N ILE A 59 7.58 -4.25 -16.98
CA ILE A 59 8.99 -4.06 -16.60
C ILE A 59 9.93 -4.47 -17.76
N GLU A 60 9.55 -5.49 -18.53
CA GLU A 60 10.37 -5.95 -19.66
C GLU A 60 10.46 -4.88 -20.74
N GLY A 61 9.34 -4.20 -21.01
CA GLY A 61 9.31 -3.17 -22.03
C GLY A 61 9.20 -1.78 -21.42
N ASP A 62 9.80 -1.60 -20.24
CA ASP A 62 9.75 -0.32 -19.54
C ASP A 62 10.49 0.78 -20.32
N ALA A 63 11.17 0.39 -21.40
CA ALA A 63 11.90 1.36 -22.21
C ALA A 63 10.97 2.06 -23.19
N GLY A 64 11.49 3.07 -23.89
CA GLY A 64 10.68 3.81 -24.86
C GLY A 64 10.81 5.32 -24.66
N GLU A 65 10.45 5.80 -23.47
CA GLU A 65 10.53 7.23 -23.19
C GLU A 65 11.97 7.72 -23.18
N GLY A 66 12.86 6.90 -22.64
CA GLY A 66 14.28 7.27 -22.58
C GLY A 66 15.15 6.04 -22.36
N LYS A 67 16.47 6.25 -22.44
CA LYS A 67 17.41 5.15 -22.27
C LYS A 67 17.39 4.63 -20.82
N MET A 68 18.11 5.32 -19.94
CA MET A 68 18.20 4.93 -18.54
C MET A 68 16.88 5.05 -17.79
N LYS A 69 16.13 6.12 -18.08
CA LYS A 69 14.87 6.35 -17.37
C LYS A 69 13.76 5.39 -17.80
N VAL A 70 12.84 5.14 -16.87
CA VAL A 70 11.71 4.23 -17.10
C VAL A 70 10.41 4.88 -16.65
N SER A 71 9.28 4.23 -16.95
CA SER A 71 7.98 4.77 -16.55
C SER A 71 7.94 4.91 -15.03
N LEU A 72 7.54 6.10 -14.57
CA LEU A 72 7.48 6.40 -13.14
C LEU A 72 6.43 5.55 -12.41
N VAL A 73 5.30 5.39 -13.07
CA VAL A 73 4.18 4.62 -12.52
C VAL A 73 4.55 3.16 -12.22
N LEU A 74 5.60 2.70 -12.86
CA LEU A 74 6.04 1.31 -12.66
C LEU A 74 6.20 1.00 -11.18
N VAL A 75 6.61 2.02 -10.43
CA VAL A 75 6.84 1.86 -9.00
C VAL A 75 5.50 1.78 -8.28
N HIS A 76 4.27 2.80 -8.67
CA HIS A 76 2.92 2.80 -8.07
C HIS A 76 2.32 1.40 -8.15
N ALA A 77 2.64 0.70 -9.24
CA ALA A 77 2.16 -0.65 -9.44
C ALA A 77 3.01 -1.65 -8.65
N GLN A 78 4.34 -1.50 -8.72
CA GLN A 78 5.22 -2.42 -8.02
C GLN A 78 5.00 -2.32 -6.51
N LEU A 79 4.96 -1.09 -6.01
CA LEU A 79 4.72 -0.86 -4.59
C LEU A 79 3.44 -1.54 -4.13
N HIS A 80 2.35 -1.32 -4.85
CA HIS A 80 1.08 -1.91 -4.47
C HIS A 80 1.12 -3.44 -4.62
N LEU A 81 1.65 -3.90 -5.74
CA LEU A 81 1.74 -5.34 -5.99
C LEU A 81 2.64 -6.04 -4.98
N MET A 82 3.80 -5.45 -4.70
CA MET A 82 4.74 -6.05 -3.75
C MET A 82 4.11 -6.14 -2.37
N THR A 83 3.46 -5.05 -1.96
CA THR A 83 2.81 -5.00 -0.65
C THR A 83 1.69 -6.04 -0.56
N SER A 84 0.84 -6.07 -1.58
CA SER A 84 -0.29 -7.01 -1.61
C SER A 84 0.20 -8.46 -1.60
N MET A 85 1.16 -8.78 -2.45
CA MET A 85 1.69 -10.14 -2.51
C MET A 85 2.26 -10.57 -1.18
N LEU A 86 3.07 -9.70 -0.59
CA LEU A 86 3.68 -10.00 0.70
C LEU A 86 2.61 -10.19 1.78
N ALA A 87 1.64 -9.28 1.79
CA ALA A 87 0.56 -9.36 2.76
C ALA A 87 -0.15 -10.70 2.67
N ARG A 88 -0.49 -11.10 1.47
CA ARG A 88 -1.18 -12.37 1.27
C ARG A 88 -0.35 -13.55 1.78
N GLU A 89 0.93 -13.57 1.45
CA GLU A 89 1.77 -14.67 1.88
C GLU A 89 1.79 -14.78 3.39
N LEU A 90 1.95 -13.65 4.06
CA LEU A 90 1.96 -13.64 5.51
C LEU A 90 0.58 -14.03 6.05
N ILE A 91 -0.46 -13.51 5.42
CA ILE A 91 -1.82 -13.85 5.84
C ILE A 91 -2.03 -15.35 5.69
N THR A 92 -1.50 -15.92 4.61
CA THR A 92 -1.60 -17.37 4.40
C THR A 92 -0.98 -18.10 5.59
N GLU A 93 0.20 -17.64 6.01
CA GLU A 93 0.88 -18.23 7.16
C GLU A 93 0.02 -18.08 8.40
N LEU A 94 -0.57 -16.89 8.56
CA LEU A 94 -1.43 -16.62 9.72
C LEU A 94 -2.62 -17.59 9.71
N ILE A 95 -3.20 -17.80 8.55
CA ILE A 95 -4.34 -18.73 8.44
C ILE A 95 -3.90 -20.14 8.83
N GLU A 96 -2.72 -20.56 8.36
CA GLU A 96 -2.22 -21.88 8.71
C GLU A 96 -2.08 -22.00 10.22
N LEU A 97 -1.64 -20.91 10.87
CA LEU A 97 -1.51 -20.92 12.32
C LEU A 97 -2.88 -21.12 12.98
N HIS A 98 -3.89 -20.46 12.44
CA HIS A 98 -5.25 -20.62 12.98
C HIS A 98 -5.63 -22.08 12.92
N GLU A 99 -5.25 -22.75 11.84
CA GLU A 99 -5.55 -24.17 11.68
C GLU A 99 -4.81 -24.98 12.74
N LYS A 100 -3.56 -24.62 13.01
CA LYS A 100 -2.79 -25.32 14.02
C LYS A 100 -3.39 -25.06 15.41
N LEU A 101 -3.92 -23.84 15.61
CA LEU A 101 -4.56 -23.49 16.88
C LEU A 101 -5.80 -24.37 17.09
N LYS A 102 -6.02 -25.30 16.15
CA LYS A 102 -7.18 -26.20 16.21
C LYS A 102 -8.43 -25.52 15.71
N ALA A 103 -8.82 -24.42 16.39
CA ALA A 103 -10.03 -23.67 16.04
C ALA A 103 -10.30 -23.65 14.53
N ALA B 1 22.66 3.11 -13.51
CA ALA B 1 23.97 3.34 -14.19
C ALA B 1 24.86 2.13 -13.94
N GLU B 2 26.00 2.08 -14.64
CA GLU B 2 26.95 0.97 -14.53
C GLU B 2 26.86 0.24 -13.18
N GLU B 3 27.57 0.74 -12.19
CA GLU B 3 27.58 0.13 -10.87
C GLU B 3 26.22 0.21 -10.20
N LEU B 4 25.72 1.44 -10.02
CA LEU B 4 24.42 1.61 -9.38
C LEU B 4 23.38 0.61 -9.91
N GLU B 5 23.37 0.41 -11.22
CA GLU B 5 22.42 -0.52 -11.83
C GLU B 5 22.76 -1.95 -11.47
N GLU B 6 24.03 -2.30 -11.57
CA GLU B 6 24.50 -3.63 -11.23
C GLU B 6 24.38 -3.85 -9.73
N VAL B 7 24.60 -2.79 -8.97
CA VAL B 7 24.51 -2.85 -7.52
C VAL B 7 23.05 -3.11 -7.10
N VAL B 8 22.12 -2.44 -7.77
CA VAL B 8 20.69 -2.63 -7.49
C VAL B 8 20.33 -4.08 -7.74
N MET B 9 20.80 -4.63 -8.86
CA MET B 9 20.52 -6.03 -9.18
C MET B 9 21.01 -6.91 -8.03
N GLY B 10 22.21 -6.62 -7.53
CA GLY B 10 22.75 -7.37 -6.41
C GLY B 10 21.86 -7.21 -5.19
N LEU B 11 21.44 -5.98 -4.93
CA LEU B 11 20.56 -5.70 -3.79
C LEU B 11 19.24 -6.44 -3.93
N ILE B 12 18.67 -6.41 -5.13
CA ILE B 12 17.40 -7.09 -5.38
C ILE B 12 17.57 -8.58 -5.14
N ILE B 13 18.66 -9.12 -5.68
CA ILE B 13 18.94 -10.54 -5.50
C ILE B 13 19.17 -10.83 -4.02
N ASN B 14 19.95 -9.98 -3.36
CA ASN B 14 20.24 -10.16 -1.94
C ASN B 14 18.94 -10.10 -1.13
N SER B 15 18.11 -9.11 -1.42
CA SER B 15 16.83 -8.99 -0.74
C SER B 15 15.98 -10.23 -0.97
N GLY B 16 15.99 -10.71 -2.22
CA GLY B 16 15.23 -11.91 -2.57
C GLY B 16 15.76 -13.12 -1.81
N GLN B 17 17.08 -13.25 -1.75
CA GLN B 17 17.68 -14.37 -1.03
C GLN B 17 17.31 -14.28 0.45
N ALA B 18 17.35 -13.06 0.98
CA ALA B 18 17.00 -12.84 2.37
C ALA B 18 15.60 -13.36 2.66
N ARG B 19 14.64 -12.97 1.84
CA ARG B 19 13.27 -13.44 2.02
C ARG B 19 13.24 -14.96 1.90
N SER B 20 13.90 -15.47 0.86
CA SER B 20 13.94 -16.91 0.64
C SER B 20 14.41 -17.63 1.89
N LEU B 21 15.50 -17.13 2.48
CA LEU B 21 16.04 -17.73 3.71
C LEU B 21 15.01 -17.60 4.83
N ALA B 22 14.37 -16.44 4.93
CA ALA B 22 13.37 -16.20 5.97
C ALA B 22 12.24 -17.23 5.85
N TYR B 23 11.67 -17.38 4.65
CA TYR B 23 10.60 -18.36 4.46
C TYR B 23 11.12 -19.75 4.79
N ALA B 24 12.36 -20.04 4.38
CA ALA B 24 12.95 -21.33 4.67
C ALA B 24 13.06 -21.49 6.19
N ALA B 25 13.43 -20.41 6.87
CA ALA B 25 13.53 -20.43 8.33
C ALA B 25 12.18 -20.80 8.92
N LEU B 26 11.12 -20.21 8.39
CA LEU B 26 9.78 -20.50 8.86
C LEU B 26 9.45 -21.97 8.62
N LYS B 27 9.80 -22.46 7.44
CA LYS B 27 9.55 -23.86 7.11
C LYS B 27 10.21 -24.78 8.14
N GLN B 28 11.43 -24.43 8.54
CA GLN B 28 12.13 -25.23 9.56
C GLN B 28 11.31 -25.26 10.84
N ALA B 29 10.74 -24.11 11.19
CA ALA B 29 9.91 -24.02 12.40
C ALA B 29 8.73 -24.97 12.31
N LYS B 30 8.09 -25.01 11.14
CA LYS B 30 6.95 -25.90 10.94
C LYS B 30 7.36 -27.35 11.16
N GLN B 31 8.62 -27.67 10.83
CA GLN B 31 9.10 -29.04 11.01
C GLN B 31 9.46 -29.28 12.48
N GLY B 32 9.32 -28.24 13.29
CA GLY B 32 9.63 -28.35 14.72
C GLY B 32 11.13 -28.18 14.99
N ASP B 33 11.86 -27.66 14.00
CA ASP B 33 13.29 -27.46 14.14
C ASP B 33 13.60 -26.02 14.53
N PHE B 34 13.47 -25.71 15.81
CA PHE B 34 13.73 -24.34 16.29
C PHE B 34 15.18 -23.94 16.10
N ALA B 35 16.09 -24.90 16.27
CA ALA B 35 17.52 -24.60 16.15
C ALA B 35 17.86 -24.12 14.74
N ALA B 36 17.43 -24.87 13.74
CA ALA B 36 17.71 -24.50 12.36
C ALA B 36 16.98 -23.20 12.01
N ALA B 37 15.77 -23.03 12.51
CA ALA B 37 15.03 -21.80 12.24
C ALA B 37 15.82 -20.61 12.74
N LYS B 38 16.23 -20.68 14.02
CA LYS B 38 17.01 -19.60 14.63
C LYS B 38 18.27 -19.27 13.81
N ALA B 39 18.99 -20.29 13.40
CA ALA B 39 20.21 -20.10 12.61
C ALA B 39 19.91 -19.41 11.28
N MET B 40 18.83 -19.82 10.64
CA MET B 40 18.44 -19.26 9.36
C MET B 40 18.05 -17.78 9.51
N MET B 41 17.32 -17.45 10.57
CA MET B 41 16.92 -16.06 10.78
C MET B 41 18.15 -15.17 10.97
N ASP B 42 19.12 -15.68 11.73
CA ASP B 42 20.33 -14.93 12.01
C ASP B 42 21.06 -14.57 10.73
N GLN B 43 21.21 -15.58 9.86
CA GLN B 43 21.88 -15.36 8.59
C GLN B 43 21.08 -14.40 7.72
N SER B 44 19.76 -14.54 7.73
CA SER B 44 18.91 -13.65 6.95
C SER B 44 19.13 -12.20 7.41
N ARG B 45 19.14 -12.00 8.73
CA ARG B 45 19.35 -10.68 9.30
C ARG B 45 20.69 -10.09 8.83
N MET B 46 21.74 -10.90 8.89
CA MET B 46 23.07 -10.45 8.49
C MET B 46 23.05 -10.04 7.02
N ALA B 47 22.37 -10.84 6.20
CA ALA B 47 22.27 -10.53 4.77
C ALA B 47 21.58 -9.19 4.56
N LEU B 48 20.50 -8.97 5.31
CA LEU B 48 19.75 -7.72 5.21
C LEU B 48 20.59 -6.55 5.72
N ASN B 49 21.30 -6.78 6.81
CA ASN B 49 22.13 -5.75 7.40
C ASN B 49 23.18 -5.26 6.40
N GLU B 50 23.83 -6.19 5.73
CA GLU B 50 24.82 -5.83 4.72
C GLU B 50 24.17 -5.10 3.57
N ALA B 51 23.00 -5.58 3.17
CA ALA B 51 22.25 -4.96 2.08
C ALA B 51 21.83 -3.54 2.48
N HIS B 52 21.32 -3.41 3.70
CA HIS B 52 20.88 -2.11 4.21
C HIS B 52 22.06 -1.13 4.27
N LEU B 53 23.22 -1.64 4.69
CA LEU B 53 24.42 -0.80 4.79
C LEU B 53 24.77 -0.23 3.41
N VAL B 54 24.71 -1.09 2.40
CA VAL B 54 25.03 -0.66 1.04
C VAL B 54 24.01 0.40 0.61
N GLN B 55 22.73 0.16 0.90
CA GLN B 55 21.70 1.13 0.53
C GLN B 55 21.96 2.45 1.25
N THR B 56 22.32 2.39 2.54
CA THR B 56 22.60 3.61 3.30
C THR B 56 23.57 4.50 2.53
N LYS B 57 24.65 3.90 2.04
CA LYS B 57 25.62 4.66 1.25
C LYS B 57 24.97 5.20 -0.01
N LEU B 58 24.12 4.39 -0.61
CA LEU B 58 23.44 4.78 -1.84
C LEU B 58 22.45 5.93 -1.59
N ILE B 59 22.02 6.12 -0.32
CA ILE B 59 21.11 7.23 -0.01
C ILE B 59 21.88 8.48 0.45
N GLU B 60 23.00 8.27 1.16
CA GLU B 60 23.81 9.39 1.64
C GLU B 60 24.42 10.17 0.46
N GLY B 61 24.86 9.43 -0.55
CA GLY B 61 25.49 10.05 -1.72
C GLY B 61 24.59 9.96 -2.95
N ASP B 62 23.28 10.02 -2.73
CA ASP B 62 22.32 9.93 -3.82
C ASP B 62 22.41 11.14 -4.77
N ALA B 63 23.21 12.12 -4.40
CA ALA B 63 23.36 13.32 -5.23
C ALA B 63 24.37 13.07 -6.34
N GLY B 64 24.50 14.03 -7.26
CA GLY B 64 25.44 13.90 -8.37
C GLY B 64 24.78 14.23 -9.71
N GLU B 65 23.73 13.48 -10.05
CA GLU B 65 23.03 13.70 -11.32
C GLU B 65 22.34 15.07 -11.33
N GLY B 66 21.76 15.45 -10.20
CA GLY B 66 21.07 16.73 -10.11
C GLY B 66 20.91 17.16 -8.66
N LYS B 67 20.42 18.38 -8.47
CA LYS B 67 20.23 18.92 -7.13
C LYS B 67 19.13 18.16 -6.38
N MET B 68 17.88 18.54 -6.66
CA MET B 68 16.72 17.93 -6.01
C MET B 68 16.52 16.47 -6.40
N LYS B 69 16.75 16.13 -7.66
CA LYS B 69 16.54 14.76 -8.14
C LYS B 69 17.62 13.80 -7.64
N VAL B 70 17.22 12.52 -7.52
CA VAL B 70 18.11 11.47 -7.05
C VAL B 70 18.02 10.24 -7.98
N SER B 71 18.89 9.26 -7.76
CA SER B 71 18.88 8.05 -8.59
C SER B 71 17.52 7.37 -8.49
N LEU B 72 16.93 7.04 -9.64
CA LEU B 72 15.60 6.45 -9.66
C LEU B 72 15.59 5.04 -9.04
N VAL B 73 16.65 4.30 -9.35
CA VAL B 73 16.80 2.93 -8.88
C VAL B 73 16.83 2.84 -7.34
N LEU B 74 17.12 3.96 -6.69
CA LEU B 74 17.18 3.98 -5.23
C LEU B 74 15.90 3.43 -4.63
N VAL B 75 14.80 3.79 -5.24
CA VAL B 75 13.49 3.33 -4.79
C VAL B 75 13.37 1.83 -5.02
N HIS B 76 13.82 1.28 -6.25
CA HIS B 76 13.75 -0.15 -6.54
C HIS B 76 14.45 -0.95 -5.44
N ALA B 77 15.64 -0.49 -5.04
CA ALA B 77 16.39 -1.17 -3.99
C ALA B 77 15.69 -1.00 -2.65
N GLN B 78 15.17 0.20 -2.40
CA GLN B 78 14.49 0.47 -1.13
C GLN B 78 13.22 -0.36 -1.03
N LEU B 79 12.44 -0.39 -2.12
CA LEU B 79 11.22 -1.18 -2.14
C LEU B 79 11.49 -2.65 -1.82
N HIS B 80 12.48 -3.23 -2.48
CA HIS B 80 12.80 -4.62 -2.24
C HIS B 80 13.36 -4.83 -0.84
N LEU B 81 14.27 -3.95 -0.44
CA LEU B 81 14.88 -4.06 0.89
C LEU B 81 13.85 -3.85 2.00
N MET B 82 13.00 -2.85 1.86
CA MET B 82 11.98 -2.57 2.87
C MET B 82 11.02 -3.75 3.01
N THR B 83 10.59 -4.28 1.87
CA THR B 83 9.67 -5.41 1.87
C THR B 83 10.32 -6.64 2.50
N SER B 84 11.55 -6.94 2.10
CA SER B 84 12.26 -8.09 2.64
C SER B 84 12.50 -7.97 4.14
N MET B 85 12.97 -6.81 4.58
CA MET B 85 13.24 -6.60 6.01
C MET B 85 11.96 -6.76 6.83
N LEU B 86 10.89 -6.14 6.36
CA LEU B 86 9.61 -6.21 7.06
C LEU B 86 9.11 -7.65 7.12
N ALA B 87 9.17 -8.33 5.98
CA ALA B 87 8.72 -9.71 5.90
C ALA B 87 9.49 -10.58 6.88
N ARG B 88 10.79 -10.44 6.86
CA ARG B 88 11.65 -11.22 7.75
C ARG B 88 11.28 -10.97 9.21
N GLU B 89 11.08 -9.70 9.59
CA GLU B 89 10.75 -9.38 10.97
C GLU B 89 9.43 -10.05 11.37
N LEU B 90 8.44 -9.96 10.50
CA LEU B 90 7.14 -10.56 10.78
C LEU B 90 7.28 -12.08 10.84
N ILE B 91 8.06 -12.63 9.92
CA ILE B 91 8.30 -14.07 9.91
C ILE B 91 8.95 -14.49 11.23
N THR B 92 9.86 -13.66 11.73
CA THR B 92 10.50 -13.96 13.02
C THR B 92 9.43 -14.07 14.09
N GLU B 93 8.49 -13.13 14.09
CA GLU B 93 7.40 -13.15 15.06
C GLU B 93 6.58 -14.43 14.88
N LEU B 94 6.30 -14.77 13.62
CA LEU B 94 5.54 -15.99 13.33
C LEU B 94 6.27 -17.21 13.87
N ILE B 95 7.59 -17.26 13.68
CA ILE B 95 8.36 -18.38 14.19
C ILE B 95 8.28 -18.46 15.71
N GLU B 96 8.36 -17.30 16.37
CA GLU B 96 8.25 -17.27 17.83
C GLU B 96 6.90 -17.85 18.25
N LEU B 97 5.86 -17.54 17.49
CA LEU B 97 4.52 -18.05 17.79
C LEU B 97 4.52 -19.58 17.69
N HIS B 98 5.19 -20.10 16.66
CA HIS B 98 5.27 -21.55 16.50
C HIS B 98 5.89 -22.17 17.75
N GLU B 99 6.90 -21.48 18.28
CA GLU B 99 7.55 -21.95 19.50
C GLU B 99 6.58 -21.94 20.66
N LYS B 100 5.77 -20.88 20.77
CA LYS B 100 4.79 -20.80 21.84
C LYS B 100 3.72 -21.88 21.65
N LEU B 101 3.39 -22.19 20.39
CA LEU B 101 2.42 -23.25 20.11
C LEU B 101 2.96 -24.60 20.58
N LYS B 102 4.13 -24.57 21.21
CA LYS B 102 4.77 -25.78 21.72
C LYS B 102 5.49 -26.51 20.59
N ALA B 103 4.71 -26.92 19.58
CA ALA B 103 5.25 -27.67 18.43
C ALA B 103 6.64 -27.19 18.04
N ALA C 1 11.12 19.25 -2.05
CA ALA C 1 11.16 20.74 -1.98
C ALA C 1 10.96 21.17 -0.54
N GLU C 2 11.18 22.45 -0.27
CA GLU C 2 11.04 23.02 1.08
C GLU C 2 10.10 22.22 1.98
N GLU C 3 8.81 22.51 1.89
CA GLU C 3 7.83 21.81 2.71
C GLU C 3 7.73 20.34 2.34
N LEU C 4 7.37 20.07 1.08
CA LEU C 4 7.24 18.68 0.63
C LEU C 4 8.38 17.80 1.16
N GLU C 5 9.60 18.32 1.11
CA GLU C 5 10.76 17.57 1.58
C GLU C 5 10.74 17.43 3.10
N GLU C 6 10.47 18.53 3.78
CA GLU C 6 10.41 18.52 5.24
C GLU C 6 9.19 17.70 5.68
N VAL C 7 8.12 17.78 4.89
CA VAL C 7 6.90 17.04 5.17
C VAL C 7 7.17 15.53 5.06
N VAL C 8 7.92 15.14 4.03
CA VAL C 8 8.27 13.74 3.83
C VAL C 8 9.06 13.24 5.04
N MET C 9 10.02 14.04 5.50
CA MET C 9 10.80 13.67 6.66
C MET C 9 9.87 13.40 7.84
N GLY C 10 8.88 14.29 8.01
CA GLY C 10 7.91 14.13 9.08
C GLY C 10 7.12 12.84 8.88
N LEU C 11 6.71 12.59 7.65
CA LEU C 11 5.94 11.37 7.33
C LEU C 11 6.79 10.14 7.59
N ILE C 12 8.05 10.18 7.18
CA ILE C 12 8.94 9.04 7.37
C ILE C 12 9.11 8.78 8.87
N ILE C 13 9.32 9.87 9.61
CA ILE C 13 9.47 9.76 11.06
C ILE C 13 8.16 9.23 11.66
N ASN C 14 7.05 9.81 11.22
CA ASN C 14 5.73 9.40 11.72
C ASN C 14 5.50 7.92 11.43
N SER C 15 5.79 7.51 10.19
CA SER C 15 5.63 6.11 9.81
C SER C 15 6.52 5.24 10.68
N GLY C 16 7.76 5.70 10.90
CA GLY C 16 8.70 4.95 11.73
C GLY C 16 8.18 4.84 13.16
N GLN C 17 7.67 5.95 13.70
CA GLN C 17 7.13 5.92 15.06
C GLN C 17 5.95 4.97 15.12
N ALA C 18 5.12 5.01 14.08
CA ALA C 18 3.96 4.14 14.02
C ALA C 18 4.38 2.67 14.15
N ARG C 19 5.36 2.27 13.33
CA ARG C 19 5.84 0.91 13.40
C ARG C 19 6.41 0.63 14.79
N SER C 20 7.21 1.57 15.28
CA SER C 20 7.81 1.41 16.60
C SER C 20 6.73 1.13 17.65
N LEU C 21 5.66 1.92 17.61
CA LEU C 21 4.56 1.74 18.54
C LEU C 21 3.92 0.37 18.33
N ALA C 22 3.73 0.00 17.06
CA ALA C 22 3.13 -1.29 16.73
C ALA C 22 3.96 -2.44 17.33
N TYR C 23 5.27 -2.43 17.07
CA TYR C 23 6.14 -3.47 17.64
C TYR C 23 6.05 -3.45 19.16
N ALA C 24 6.03 -2.24 19.72
CA ALA C 24 5.92 -2.11 21.17
C ALA C 24 4.59 -2.72 21.62
N ALA C 25 3.54 -2.47 20.85
CA ALA C 25 2.23 -3.03 21.16
C ALA C 25 2.31 -4.55 21.21
N LEU C 26 3.01 -5.12 20.24
CA LEU C 26 3.19 -6.57 20.18
C LEU C 26 3.95 -7.05 21.42
N LYS C 27 4.99 -6.31 21.77
CA LYS C 27 5.79 -6.66 22.94
C LYS C 27 4.90 -6.72 24.19
N GLN C 28 3.99 -5.77 24.31
CA GLN C 28 3.06 -5.75 25.44
C GLN C 28 2.26 -7.04 25.47
N ALA C 29 1.82 -7.47 24.27
CA ALA C 29 1.05 -8.70 24.16
C ALA C 29 1.85 -9.89 24.67
N LYS C 30 3.13 -9.94 24.30
CA LYS C 30 3.99 -11.02 24.76
C LYS C 30 4.07 -11.06 26.28
N GLN C 31 3.98 -9.88 26.90
CA GLN C 31 4.04 -9.80 28.36
C GLN C 31 2.67 -10.17 28.96
N GLY C 32 1.71 -10.44 28.08
CA GLY C 32 0.36 -10.83 28.53
C GLY C 32 -0.47 -9.60 28.89
N ASP C 33 -0.04 -8.43 28.44
CA ASP C 33 -0.76 -7.18 28.70
C ASP C 33 -1.63 -6.80 27.51
N PHE C 34 -2.80 -7.41 27.42
CA PHE C 34 -3.71 -7.14 26.31
C PHE C 34 -4.22 -5.70 26.34
N ALA C 35 -4.43 -5.17 27.54
CA ALA C 35 -4.94 -3.81 27.68
C ALA C 35 -3.97 -2.79 27.08
N ALA C 36 -2.71 -2.89 27.47
CA ALA C 36 -1.71 -1.96 26.96
C ALA C 36 -1.50 -2.17 25.47
N ALA C 37 -1.55 -3.42 25.02
CA ALA C 37 -1.38 -3.71 23.60
C ALA C 37 -2.48 -3.00 22.81
N LYS C 38 -3.72 -3.21 23.22
CA LYS C 38 -4.87 -2.59 22.57
C LYS C 38 -4.72 -1.07 22.49
N ALA C 39 -4.32 -0.45 23.61
CA ALA C 39 -4.16 1.00 23.65
C ALA C 39 -3.06 1.46 22.68
N MET C 40 -1.96 0.72 22.64
CA MET C 40 -0.85 1.06 21.77
C MET C 40 -1.25 0.92 20.30
N MET C 41 -2.03 -0.11 19.99
CA MET C 41 -2.48 -0.31 18.61
C MET C 41 -3.35 0.85 18.16
N ASP C 42 -4.25 1.28 19.04
CA ASP C 42 -5.17 2.36 18.72
C ASP C 42 -4.41 3.63 18.38
N GLN C 43 -3.42 3.97 19.21
CA GLN C 43 -2.61 5.16 18.97
C GLN C 43 -1.83 5.03 17.67
N SER C 44 -1.30 3.85 17.42
CA SER C 44 -0.55 3.60 16.19
C SER C 44 -1.44 3.87 14.98
N ARG C 45 -2.67 3.32 15.03
CA ARG C 45 -3.64 3.50 13.96
C ARG C 45 -3.93 4.99 13.72
N MET C 46 -4.14 5.72 14.81
CA MET C 46 -4.43 7.15 14.72
C MET C 46 -3.26 7.89 14.08
N ALA C 47 -2.04 7.51 14.47
CA ALA C 47 -0.84 8.14 13.91
C ALA C 47 -0.78 7.91 12.40
N LEU C 48 -1.08 6.68 11.98
CA LEU C 48 -1.07 6.33 10.57
C LEU C 48 -2.17 7.06 9.82
N ASN C 49 -3.34 7.15 10.45
CA ASN C 49 -4.48 7.81 9.84
C ASN C 49 -4.14 9.27 9.52
N GLU C 50 -3.51 9.95 10.47
CA GLU C 50 -3.11 11.33 10.26
C GLU C 50 -2.06 11.41 9.16
N ALA C 51 -1.13 10.47 9.19
CA ALA C 51 -0.07 10.43 8.18
C ALA C 51 -0.67 10.15 6.80
N HIS C 52 -1.58 9.19 6.74
CA HIS C 52 -2.25 8.85 5.48
C HIS C 52 -3.02 10.05 4.94
N LEU C 53 -3.69 10.78 5.83
CA LEU C 53 -4.47 11.95 5.43
C LEU C 53 -3.56 12.98 4.76
N VAL C 54 -2.39 13.20 5.35
CA VAL C 54 -1.45 14.16 4.80
C VAL C 54 -0.99 13.67 3.43
N GLN C 55 -0.69 12.38 3.32
CA GLN C 55 -0.26 11.82 2.04
C GLN C 55 -1.38 11.99 1.00
N THR C 56 -2.62 11.74 1.41
CA THR C 56 -3.76 11.88 0.48
C THR C 56 -3.70 13.25 -0.19
N LYS C 57 -3.50 14.29 0.60
CA LYS C 57 -3.40 15.64 0.05
C LYS C 57 -2.20 15.73 -0.88
N LEU C 58 -1.11 15.09 -0.49
CA LEU C 58 0.10 15.11 -1.29
C LEU C 58 -0.08 14.35 -2.61
N ILE C 59 -1.09 13.47 -2.70
CA ILE C 59 -1.33 12.76 -3.95
C ILE C 59 -2.40 13.48 -4.79
N GLU C 60 -3.38 14.10 -4.14
CA GLU C 60 -4.43 14.83 -4.87
C GLU C 60 -3.85 16.03 -5.60
N GLY C 61 -2.89 16.71 -4.98
CA GLY C 61 -2.28 17.89 -5.57
C GLY C 61 -0.83 17.62 -5.97
N ASP C 62 -0.56 16.41 -6.41
CA ASP C 62 0.79 16.03 -6.80
C ASP C 62 1.22 16.75 -8.06
N ALA C 63 0.31 17.49 -8.68
CA ALA C 63 0.63 18.24 -9.90
C ALA C 63 1.30 19.56 -9.56
N GLY C 64 1.78 20.26 -10.59
CA GLY C 64 2.43 21.56 -10.39
C GLY C 64 3.77 21.63 -11.13
N GLU C 65 4.69 20.71 -10.81
CA GLU C 65 5.99 20.70 -11.45
C GLU C 65 5.87 20.38 -12.94
N GLY C 66 4.99 19.45 -13.27
CA GLY C 66 4.80 19.05 -14.66
C GLY C 66 3.45 18.36 -14.86
N LYS C 67 3.12 18.09 -16.11
CA LYS C 67 1.85 17.44 -16.43
C LYS C 67 1.83 16.00 -15.92
N MET C 68 2.44 15.10 -16.70
CA MET C 68 2.48 13.68 -16.36
C MET C 68 3.31 13.38 -15.12
N LYS C 69 4.45 14.07 -14.97
CA LYS C 69 5.34 13.83 -13.84
C LYS C 69 4.79 14.36 -12.52
N VAL C 70 5.20 13.71 -11.43
CA VAL C 70 4.76 14.07 -10.08
C VAL C 70 5.96 14.16 -9.13
N SER C 71 5.72 14.64 -7.91
CA SER C 71 6.80 14.75 -6.93
C SER C 71 7.42 13.38 -6.68
N LEU C 72 8.74 13.30 -6.77
CA LEU C 72 9.45 12.03 -6.61
C LEU C 72 9.31 11.48 -5.19
N VAL C 73 9.40 12.39 -4.22
CA VAL C 73 9.33 12.04 -2.80
C VAL C 73 8.00 11.37 -2.44
N LEU C 74 6.99 11.57 -3.27
CA LEU C 74 5.67 10.98 -3.01
C LEU C 74 5.78 9.50 -2.78
N VAL C 75 6.65 8.86 -3.56
CA VAL C 75 6.86 7.43 -3.45
C VAL C 75 7.54 7.12 -2.12
N HIS C 76 8.60 7.93 -1.68
CA HIS C 76 9.29 7.70 -0.42
C HIS C 76 8.30 7.68 0.74
N ALA C 77 7.38 8.64 0.73
CA ALA C 77 6.37 8.70 1.78
C ALA C 77 5.40 7.53 1.65
N GLN C 78 5.03 7.21 0.41
CA GLN C 78 4.10 6.11 0.17
C GLN C 78 4.74 4.78 0.59
N LEU C 79 5.99 4.58 0.19
CA LEU C 79 6.71 3.36 0.55
C LEU C 79 6.75 3.17 2.06
N HIS C 80 7.13 4.21 2.79
CA HIS C 80 7.20 4.12 4.24
C HIS C 80 5.81 3.94 4.85
N LEU C 81 4.87 4.73 4.38
CA LEU C 81 3.50 4.67 4.89
C LEU C 81 2.85 3.31 4.59
N MET C 82 3.01 2.84 3.37
CA MET C 82 2.42 1.55 2.98
C MET C 82 3.01 0.42 3.82
N THR C 83 4.32 0.45 3.99
CA THR C 83 5.00 -0.58 4.76
C THR C 83 4.54 -0.55 6.22
N SER C 84 4.53 0.64 6.80
CA SER C 84 4.12 0.80 8.20
C SER C 84 2.67 0.37 8.42
N MET C 85 1.76 0.84 7.56
CA MET C 85 0.35 0.48 7.70
C MET C 85 0.16 -1.04 7.61
N LEU C 86 0.80 -1.65 6.63
CA LEU C 86 0.70 -3.09 6.43
C LEU C 86 1.24 -3.83 7.65
N ALA C 87 2.42 -3.42 8.10
CA ALA C 87 3.05 -4.04 9.25
C ALA C 87 2.13 -3.96 10.47
N ARG C 88 1.61 -2.77 10.71
CA ARG C 88 0.74 -2.55 11.84
C ARG C 88 -0.50 -3.47 11.77
N GLU C 89 -1.11 -3.56 10.59
CA GLU C 89 -2.29 -4.42 10.44
C GLU C 89 -1.95 -5.88 10.74
N LEU C 90 -0.82 -6.35 10.20
CA LEU C 90 -0.40 -7.72 10.44
C LEU C 90 -0.07 -7.92 11.91
N ILE C 91 0.60 -6.95 12.49
CA ILE C 91 0.95 -7.02 13.90
C ILE C 91 -0.33 -7.12 14.73
N THR C 92 -1.36 -6.39 14.32
CA THR C 92 -2.64 -6.46 15.02
C THR C 92 -3.15 -7.89 14.99
N GLU C 93 -3.06 -8.53 13.83
CA GLU C 93 -3.50 -9.92 13.70
C GLU C 93 -2.66 -10.82 14.62
N LEU C 94 -1.36 -10.56 14.63
CA LEU C 94 -0.45 -11.34 15.47
C LEU C 94 -0.84 -11.20 16.94
N ILE C 95 -1.16 -9.98 17.35
CA ILE C 95 -1.57 -9.73 18.73
C ILE C 95 -2.86 -10.51 19.05
N GLU C 96 -3.80 -10.48 18.12
CA GLU C 96 -5.05 -11.21 18.31
C GLU C 96 -4.75 -12.70 18.53
N LEU C 97 -3.78 -13.21 17.77
CA LEU C 97 -3.39 -14.61 17.91
C LEU C 97 -2.85 -14.87 19.32
N HIS C 98 -2.05 -13.94 19.83
CA HIS C 98 -1.52 -14.09 21.18
C HIS C 98 -2.68 -14.22 22.16
N GLU C 99 -3.73 -13.44 21.92
CA GLU C 99 -4.90 -13.49 22.78
C GLU C 99 -5.57 -14.87 22.68
N LYS C 100 -5.65 -15.41 21.46
CA LYS C 100 -6.25 -16.72 21.29
C LYS C 100 -5.38 -17.78 21.95
N LEU C 101 -4.05 -17.58 21.91
CA LEU C 101 -3.12 -18.52 22.55
C LEU C 101 -3.37 -18.53 24.06
N LYS C 102 -4.36 -17.76 24.51
CA LYS C 102 -4.70 -17.67 25.93
C LYS C 102 -3.78 -16.68 26.63
N ALA C 103 -2.48 -16.99 26.61
CA ALA C 103 -1.45 -16.16 27.26
C ALA C 103 -1.80 -14.67 27.21
N LYS D 1 -19.97 26.95 -1.17
CA LYS D 1 -19.08 26.05 -1.96
C LYS D 1 -19.44 24.59 -1.78
N LYS D 2 -19.77 23.94 -2.87
CA LYS D 2 -20.15 22.54 -2.84
C LYS D 2 -18.93 21.62 -2.88
N HIS D 3 -19.02 20.49 -2.19
CA HIS D 3 -17.93 19.52 -2.13
C HIS D 3 -18.12 18.37 -3.08
N ILE D 4 -17.20 18.26 -4.03
CA ILE D 4 -17.22 17.18 -4.99
C ILE D 4 -16.07 16.24 -4.61
N TYR D 5 -16.39 15.03 -4.18
CA TYR D 5 -15.38 14.06 -3.78
C TYR D 5 -15.33 12.90 -4.76
N LEU D 6 -14.13 12.60 -5.26
CA LEU D 6 -13.90 11.48 -6.19
C LEU D 6 -13.25 10.35 -5.40
N PHE D 7 -13.55 9.09 -5.75
CA PHE D 7 -12.84 7.97 -5.12
C PHE D 7 -12.16 7.09 -6.16
N CYS D 8 -11.00 6.52 -5.74
CA CYS D 8 -10.22 5.53 -6.47
C CYS D 8 -9.53 4.58 -5.49
N SER D 9 -8.49 3.84 -5.81
CA SER D 9 -7.97 2.97 -4.74
C SER D 9 -7.12 3.75 -3.75
N ALA D 10 -6.10 4.51 -4.25
CA ALA D 10 -5.20 5.22 -3.37
C ALA D 10 -5.48 6.70 -3.44
N GLY D 11 -5.79 7.21 -4.63
CA GLY D 11 -6.08 8.62 -4.82
C GLY D 11 -5.08 9.29 -5.75
N MET D 12 -4.45 8.58 -6.68
CA MET D 12 -3.47 9.21 -7.56
C MET D 12 -3.98 9.36 -9.00
N SER D 13 -4.07 8.27 -9.69
CA SER D 13 -4.51 8.34 -11.09
C SER D 13 -5.72 9.28 -11.26
N THR D 14 -6.47 9.49 -10.17
CA THR D 14 -7.63 10.37 -10.30
C THR D 14 -7.22 11.77 -9.88
N SER D 15 -6.09 11.83 -9.22
CA SER D 15 -5.48 13.09 -8.76
C SER D 15 -5.20 14.03 -9.93
N LEU D 16 -4.82 13.46 -11.06
CA LEU D 16 -4.55 14.26 -12.24
C LEU D 16 -5.88 14.86 -12.76
N LEU D 17 -6.96 14.07 -12.72
CA LEU D 17 -8.28 14.55 -13.14
C LEU D 17 -8.75 15.68 -12.19
N VAL D 18 -8.54 15.48 -10.88
CA VAL D 18 -8.91 16.50 -9.89
C VAL D 18 -8.18 17.83 -10.15
N SER D 19 -6.89 17.79 -10.47
CA SER D 19 -6.17 19.03 -10.74
C SER D 19 -6.73 19.77 -11.98
N LYS D 20 -7.12 19.03 -13.02
CA LYS D 20 -7.71 19.66 -14.20
C LYS D 20 -9.12 20.20 -13.91
N MET D 21 -9.87 19.50 -13.07
CA MET D 21 -11.22 20.00 -12.73
C MET D 21 -11.08 21.31 -11.94
N ARG D 22 -10.13 21.39 -11.02
CA ARG D 22 -9.91 22.60 -10.21
C ARG D 22 -9.56 23.79 -11.12
N ALA D 23 -8.79 23.54 -12.18
CA ALA D 23 -8.39 24.59 -13.11
C ALA D 23 -9.63 25.14 -13.81
N GLN D 24 -10.50 24.24 -14.24
CA GLN D 24 -11.72 24.61 -14.91
C GLN D 24 -12.67 25.35 -14.00
N ALA D 25 -12.80 24.88 -12.77
CA ALA D 25 -13.69 25.53 -11.80
C ALA D 25 -13.24 26.96 -11.55
N GLU D 26 -11.93 27.20 -11.60
CA GLU D 26 -11.39 28.54 -11.36
C GLU D 26 -11.65 29.43 -12.57
N LYS D 27 -11.43 28.88 -13.76
CA LYS D 27 -11.63 29.59 -14.99
C LYS D 27 -13.07 30.10 -15.12
N TYR D 28 -14.05 29.29 -14.72
CA TYR D 28 -15.48 29.69 -14.80
C TYR D 28 -16.13 30.10 -13.49
N GLU D 29 -15.33 30.35 -12.46
CA GLU D 29 -15.81 30.78 -11.15
C GLU D 29 -16.89 29.89 -10.51
N VAL D 30 -16.76 28.58 -10.66
CA VAL D 30 -17.70 27.63 -10.08
C VAL D 30 -17.27 27.48 -8.62
N PRO D 31 -18.19 27.73 -7.67
CA PRO D 31 -17.91 27.64 -6.23
C PRO D 31 -17.93 26.21 -5.68
N VAL D 32 -16.88 25.46 -6.01
CA VAL D 32 -16.75 24.08 -5.57
C VAL D 32 -15.38 23.76 -5.01
N ILE D 33 -15.35 22.75 -4.14
CA ILE D 33 -14.13 22.22 -3.55
C ILE D 33 -14.09 20.77 -4.09
N ILE D 34 -12.98 20.40 -4.71
CA ILE D 34 -12.79 19.07 -5.32
C ILE D 34 -11.61 18.31 -4.66
N GLU D 35 -11.86 17.09 -4.18
CA GLU D 35 -10.83 16.27 -3.52
C GLU D 35 -10.93 14.82 -4.00
N ALA D 36 -9.78 14.14 -4.09
CA ALA D 36 -9.71 12.73 -4.50
C ALA D 36 -9.34 11.92 -3.25
N PHE D 37 -9.93 10.74 -3.09
CA PHE D 37 -9.64 9.87 -1.95
C PHE D 37 -9.66 8.44 -2.43
N PRO D 38 -9.08 7.53 -1.64
CA PRO D 38 -9.07 6.11 -2.02
C PRO D 38 -10.49 5.61 -1.70
N GLU D 39 -10.91 4.54 -2.35
CA GLU D 39 -12.24 3.96 -2.13
C GLU D 39 -12.51 3.54 -0.69
N THR D 40 -11.46 3.29 0.09
CA THR D 40 -11.63 2.88 1.48
C THR D 40 -12.26 3.95 2.37
N LEU D 41 -12.19 5.21 1.94
CA LEU D 41 -12.77 6.32 2.70
C LEU D 41 -14.15 6.77 2.20
N ALA D 42 -14.74 6.07 1.21
CA ALA D 42 -16.05 6.45 0.63
C ALA D 42 -17.14 6.64 1.68
N GLY D 43 -17.12 5.80 2.71
CA GLY D 43 -18.13 5.91 3.75
C GLY D 43 -17.81 6.98 4.77
N GLU D 44 -16.53 7.16 5.08
CA GLU D 44 -16.15 8.15 6.07
C GLU D 44 -16.16 9.59 5.49
N LYS D 45 -15.52 9.77 4.34
CA LYS D 45 -15.46 11.08 3.70
C LYS D 45 -16.73 11.45 2.92
N GLY D 46 -17.38 10.46 2.32
CA GLY D 46 -18.60 10.70 1.55
C GLY D 46 -19.69 11.43 2.29
N GLN D 47 -19.77 11.23 3.60
CA GLN D 47 -20.79 11.89 4.43
C GLN D 47 -20.74 13.42 4.34
N ASN D 48 -19.59 13.97 3.95
CA ASN D 48 -19.43 15.41 3.87
C ASN D 48 -19.45 15.95 2.45
N ALA D 49 -19.66 15.08 1.48
CA ALA D 49 -19.67 15.54 0.10
C ALA D 49 -21.06 15.97 -0.30
N ASP D 50 -21.11 16.82 -1.31
CA ASP D 50 -22.38 17.25 -1.83
C ASP D 50 -22.73 16.32 -2.99
N VAL D 51 -21.69 15.73 -3.60
CA VAL D 51 -21.88 14.75 -4.67
C VAL D 51 -20.68 13.78 -4.61
N VAL D 52 -20.98 12.49 -4.70
CA VAL D 52 -19.97 11.44 -4.66
C VAL D 52 -19.78 10.85 -6.06
N LEU D 53 -18.55 10.92 -6.57
CA LEU D 53 -18.24 10.38 -7.88
C LEU D 53 -17.30 9.18 -7.73
N LEU D 54 -17.60 8.08 -8.42
CA LEU D 54 -16.75 6.88 -8.36
C LEU D 54 -15.96 6.73 -9.63
N GLY D 55 -14.69 6.35 -9.51
CA GLY D 55 -13.84 6.18 -10.68
C GLY D 55 -14.39 5.02 -11.49
N PRO D 56 -14.13 4.94 -12.76
CA PRO D 56 -14.66 3.84 -13.62
C PRO D 56 -14.24 2.42 -13.18
N GLN D 57 -13.07 2.31 -12.54
CA GLN D 57 -12.57 1.02 -12.08
C GLN D 57 -13.39 0.49 -10.90
N ILE D 58 -14.04 1.38 -10.15
CA ILE D 58 -14.82 0.94 -9.01
C ILE D 58 -16.34 1.02 -9.23
N ALA D 59 -16.75 0.99 -10.49
CA ALA D 59 -18.17 1.04 -10.83
C ALA D 59 -18.94 -0.11 -10.19
N TYR D 60 -18.34 -1.30 -10.13
CA TYR D 60 -19.04 -2.44 -9.55
C TYR D 60 -19.46 -2.21 -8.09
N MET D 61 -18.84 -1.23 -7.44
CA MET D 61 -19.15 -0.89 -6.05
C MET D 61 -20.33 0.08 -5.87
N LEU D 62 -20.89 0.58 -6.97
CA LEU D 62 -21.99 1.54 -6.90
C LEU D 62 -23.13 1.19 -5.93
N PRO D 63 -23.73 -0.02 -6.05
CA PRO D 63 -24.82 -0.37 -5.12
C PRO D 63 -24.43 -0.30 -3.65
N GLU D 64 -23.22 -0.72 -3.30
CA GLU D 64 -22.77 -0.68 -1.91
C GLU D 64 -22.60 0.74 -1.42
N ILE D 65 -22.02 1.59 -2.25
CA ILE D 65 -21.83 2.99 -1.85
C ILE D 65 -23.16 3.74 -1.71
N GLN D 66 -24.12 3.42 -2.59
CA GLN D 66 -25.46 4.00 -2.52
C GLN D 66 -26.13 3.64 -1.18
N ARG D 67 -26.00 2.39 -0.73
CA ARG D 67 -26.60 1.98 0.55
C ARG D 67 -25.89 2.63 1.74
N LEU D 68 -24.60 2.88 1.59
CA LEU D 68 -23.77 3.49 2.64
C LEU D 68 -24.11 4.97 2.82
N LEU D 69 -24.39 5.65 1.70
CA LEU D 69 -24.73 7.09 1.68
C LEU D 69 -26.11 7.27 1.01
N PRO D 70 -27.20 6.87 1.69
CA PRO D 70 -28.55 6.99 1.13
C PRO D 70 -29.03 8.44 0.93
N ASN D 71 -28.35 9.38 1.56
CA ASN D 71 -28.75 10.79 1.44
C ASN D 71 -27.82 11.63 0.57
N LYS D 72 -27.08 10.99 -0.33
CA LYS D 72 -26.14 11.69 -1.21
C LYS D 72 -26.26 11.20 -2.63
N PRO D 73 -26.13 12.10 -3.63
CA PRO D 73 -26.21 11.62 -5.02
C PRO D 73 -24.85 10.97 -5.27
N VAL D 74 -24.87 9.73 -5.75
CA VAL D 74 -23.64 8.96 -6.02
C VAL D 74 -23.64 8.48 -7.46
N GLU D 75 -22.58 8.72 -8.19
CA GLU D 75 -22.53 8.22 -9.55
C GLU D 75 -21.13 7.95 -10.07
N VAL D 76 -21.06 7.12 -11.10
CA VAL D 76 -19.80 6.72 -11.71
C VAL D 76 -19.40 7.72 -12.78
N ILE D 77 -18.11 8.03 -12.84
CA ILE D 77 -17.58 8.96 -13.83
C ILE D 77 -17.54 8.27 -15.17
N ASP D 78 -17.96 8.97 -16.21
CA ASP D 78 -17.94 8.40 -17.55
C ASP D 78 -16.51 7.95 -17.89
N SER D 79 -16.33 6.69 -18.28
CA SER D 79 -14.99 6.17 -18.58
C SER D 79 -14.18 6.90 -19.65
N LEU D 80 -14.87 7.44 -20.65
CA LEU D 80 -14.19 8.17 -21.73
C LEU D 80 -13.73 9.53 -21.23
N LEU D 81 -14.58 10.18 -20.45
CA LEU D 81 -14.26 11.49 -19.90
C LEU D 81 -13.10 11.33 -18.94
N TYR D 82 -13.10 10.21 -18.22
CA TYR D 82 -12.04 9.90 -17.25
C TYR D 82 -10.71 9.58 -17.95
N GLY D 83 -10.75 8.68 -18.92
CA GLY D 83 -9.54 8.32 -19.64
C GLY D 83 -8.87 9.50 -20.31
N LYS D 84 -9.68 10.37 -20.87
CA LYS D 84 -9.22 11.56 -21.59
C LYS D 84 -8.79 12.70 -20.65
N VAL D 85 -9.07 12.52 -19.35
CA VAL D 85 -8.77 13.52 -18.31
C VAL D 85 -9.47 14.86 -18.61
N ASP D 86 -10.76 14.77 -18.94
CA ASP D 86 -11.57 15.95 -19.28
C ASP D 86 -12.09 16.63 -18.03
N GLY D 87 -11.29 17.56 -17.51
CA GLY D 87 -11.64 18.31 -16.31
C GLY D 87 -12.94 19.07 -16.45
N LEU D 88 -13.16 19.73 -17.60
CA LEU D 88 -14.39 20.49 -17.80
C LEU D 88 -15.63 19.58 -17.87
N GLY D 89 -15.50 18.50 -18.64
CA GLY D 89 -16.59 17.56 -18.81
C GLY D 89 -17.07 16.91 -17.53
N VAL D 90 -16.12 16.49 -16.69
CA VAL D 90 -16.48 15.84 -15.42
C VAL D 90 -17.04 16.88 -14.45
N LEU D 91 -16.47 18.08 -14.49
CA LEU D 91 -16.97 19.15 -13.63
C LEU D 91 -18.46 19.39 -14.00
N LYS D 92 -18.76 19.42 -15.30
CA LYS D 92 -20.15 19.61 -15.75
C LYS D 92 -21.09 18.52 -15.24
N ALA D 93 -20.64 17.27 -15.30
CA ALA D 93 -21.47 16.14 -14.85
C ALA D 93 -21.76 16.21 -13.35
N ALA D 94 -20.78 16.72 -12.60
CA ALA D 94 -20.90 16.82 -11.15
C ALA D 94 -21.90 17.90 -10.75
N VAL D 95 -21.80 19.06 -11.40
CA VAL D 95 -22.72 20.17 -11.13
C VAL D 95 -24.13 19.69 -11.49
N ALA D 96 -24.25 18.98 -12.61
CA ALA D 96 -25.54 18.45 -13.04
C ALA D 96 -26.13 17.51 -11.99
N ALA D 97 -25.33 16.57 -11.49
CA ALA D 97 -25.85 15.64 -10.49
C ALA D 97 -26.36 16.40 -9.26
N ILE D 98 -25.70 17.51 -8.93
CA ILE D 98 -26.12 18.32 -7.78
C ILE D 98 -27.46 19.01 -8.03
N LYS D 99 -27.63 19.58 -9.24
CA LYS D 99 -28.87 20.26 -9.62
C LYS D 99 -30.01 19.26 -9.71
N LYS D 100 -29.80 18.19 -10.45
CA LYS D 100 -30.83 17.18 -10.59
C LYS D 100 -31.20 16.60 -9.22
N ALA D 101 -30.34 16.79 -8.23
CA ALA D 101 -30.58 16.28 -6.88
C ALA D 101 -31.37 17.24 -6.00
N ALA D 102 -31.14 18.54 -6.18
CA ALA D 102 -31.83 19.57 -5.43
C ALA D 102 -33.22 19.88 -6.02
N ALA D 103 -33.60 19.13 -7.06
CA ALA D 103 -34.88 19.29 -7.72
C ALA D 103 -35.05 18.26 -8.85
P PO3 E . -4.70 5.48 -7.05
O1 PO3 E . -5.16 4.06 -6.77
O2 PO3 E . -4.70 6.01 -8.46
O3 PO3 E . -4.06 6.30 -5.94
N ALA A 1 0.74 7.29 -18.60
CA ALA A 1 0.24 7.59 -19.96
C ALA A 1 -1.09 6.86 -20.17
N GLU A 2 -1.77 7.18 -21.26
CA GLU A 2 -3.08 6.58 -21.60
C GLU A 2 -3.28 5.20 -20.95
N GLU A 3 -2.80 4.17 -21.63
CA GLU A 3 -2.95 2.80 -21.13
C GLU A 3 -2.16 2.60 -19.84
N LEU A 4 -0.84 2.78 -19.91
CA LEU A 4 0.01 2.60 -18.74
C LEU A 4 -0.63 3.20 -17.48
N GLU A 5 -1.21 4.38 -17.61
CA GLU A 5 -1.84 5.05 -16.47
C GLU A 5 -3.12 4.34 -16.08
N GLU A 6 -3.94 4.01 -17.07
CA GLU A 6 -5.19 3.30 -16.82
C GLU A 6 -4.88 1.88 -16.34
N VAL A 7 -3.80 1.31 -16.88
CA VAL A 7 -3.37 -0.03 -16.50
C VAL A 7 -2.93 -0.05 -15.03
N VAL A 8 -2.20 0.99 -14.63
CA VAL A 8 -1.73 1.10 -13.25
C VAL A 8 -2.95 1.16 -12.33
N MET A 9 -3.95 1.96 -12.70
CA MET A 9 -5.17 2.06 -11.90
C MET A 9 -5.77 0.67 -11.73
N GLY A 10 -5.81 -0.09 -12.82
CA GLY A 10 -6.34 -1.45 -12.77
C GLY A 10 -5.49 -2.31 -11.83
N LEU A 11 -4.17 -2.17 -11.95
CA LEU A 11 -3.26 -2.93 -11.10
C LEU A 11 -3.45 -2.56 -9.64
N ILE A 12 -3.57 -1.27 -9.37
CA ILE A 12 -3.76 -0.80 -8.00
C ILE A 12 -5.06 -1.36 -7.46
N ILE A 13 -6.11 -1.29 -8.26
CA ILE A 13 -7.40 -1.82 -7.85
C ILE A 13 -7.30 -3.33 -7.65
N ASN A 14 -6.65 -4.01 -8.60
CA ASN A 14 -6.47 -5.45 -8.53
C ASN A 14 -5.71 -5.82 -7.26
N SER A 15 -4.61 -5.11 -7.03
CA SER A 15 -3.81 -5.35 -5.83
C SER A 15 -4.65 -5.14 -4.57
N GLY A 16 -5.44 -4.06 -4.60
CA GLY A 16 -6.32 -3.75 -3.47
C GLY A 16 -7.35 -4.86 -3.26
N GLN A 17 -7.95 -5.32 -4.36
CA GLN A 17 -8.94 -6.40 -4.27
C GLN A 17 -8.27 -7.65 -3.72
N ALA A 18 -7.05 -7.92 -4.18
CA ALA A 18 -6.31 -9.09 -3.72
C ALA A 18 -6.15 -9.04 -2.21
N ARG A 19 -5.70 -7.91 -1.69
CA ARG A 19 -5.55 -7.77 -0.25
C ARG A 19 -6.90 -7.95 0.43
N SER A 20 -7.91 -7.28 -0.11
CA SER A 20 -9.25 -7.36 0.44
C SER A 20 -9.68 -8.83 0.57
N LEU A 21 -9.47 -9.59 -0.49
CA LEU A 21 -9.81 -11.01 -0.48
C LEU A 21 -8.97 -11.74 0.58
N ALA A 22 -7.69 -11.40 0.63
CA ALA A 22 -6.79 -12.03 1.60
C ALA A 22 -7.30 -11.80 3.03
N TYR A 23 -7.59 -10.55 3.38
CA TYR A 23 -8.10 -10.25 4.72
C TYR A 23 -9.41 -11.00 4.93
N ALA A 24 -10.25 -11.03 3.90
CA ALA A 24 -11.51 -11.73 3.99
C ALA A 24 -11.24 -13.22 4.25
N ALA A 25 -10.23 -13.75 3.56
CA ALA A 25 -9.84 -15.14 3.75
C ALA A 25 -9.48 -15.38 5.21
N LEU A 26 -8.72 -14.46 5.78
CA LEU A 26 -8.32 -14.57 7.18
C LEU A 26 -9.56 -14.55 8.07
N LYS A 27 -10.48 -13.64 7.77
CA LYS A 27 -11.71 -13.53 8.54
C LYS A 27 -12.45 -14.87 8.56
N GLN A 28 -12.48 -15.54 7.41
CA GLN A 28 -13.15 -16.84 7.31
C GLN A 28 -12.48 -17.81 8.28
N ALA A 29 -11.15 -17.75 8.35
CA ALA A 29 -10.39 -18.62 9.24
C ALA A 29 -10.80 -18.38 10.69
N LYS A 30 -10.95 -17.12 11.05
CA LYS A 30 -11.36 -16.77 12.41
C LYS A 30 -12.72 -17.37 12.73
N GLN A 31 -13.58 -17.50 11.72
CA GLN A 31 -14.89 -18.08 11.93
C GLN A 31 -14.80 -19.60 11.96
N GLY A 32 -13.60 -20.12 11.77
CA GLY A 32 -13.37 -21.56 11.81
C GLY A 32 -13.71 -22.21 10.47
N ASP A 33 -13.83 -21.40 9.43
CA ASP A 33 -14.15 -21.90 8.09
C ASP A 33 -12.88 -22.06 7.26
N PHE A 34 -12.18 -23.18 7.47
CA PHE A 34 -10.93 -23.42 6.73
C PHE A 34 -11.18 -23.60 5.24
N ALA A 35 -12.31 -24.21 4.89
CA ALA A 35 -12.63 -24.46 3.49
C ALA A 35 -12.77 -23.14 2.72
N ALA A 36 -13.56 -22.23 3.26
CA ALA A 36 -13.76 -20.95 2.60
C ALA A 36 -12.46 -20.14 2.60
N ALA A 37 -11.70 -20.23 3.68
CA ALA A 37 -10.43 -19.52 3.75
C ALA A 37 -9.52 -19.99 2.60
N LYS A 38 -9.36 -21.30 2.49
CA LYS A 38 -8.53 -21.90 1.45
C LYS A 38 -8.96 -21.42 0.06
N ALA A 39 -10.26 -21.45 -0.21
CA ALA A 39 -10.77 -21.03 -1.51
C ALA A 39 -10.47 -19.57 -1.79
N MET A 40 -10.61 -18.74 -0.76
CA MET A 40 -10.36 -17.30 -0.90
C MET A 40 -8.88 -17.03 -1.18
N MET A 41 -7.98 -17.76 -0.50
CA MET A 41 -6.55 -17.56 -0.72
C MET A 41 -6.19 -17.92 -2.15
N ASP A 42 -6.77 -19.01 -2.65
CA ASP A 42 -6.47 -19.48 -3.99
C ASP A 42 -6.83 -18.42 -5.02
N GLN A 43 -8.03 -17.87 -4.88
CA GLN A 43 -8.48 -16.82 -5.80
C GLN A 43 -7.61 -15.59 -5.67
N SER A 44 -7.25 -15.24 -4.44
CA SER A 44 -6.40 -14.08 -4.20
C SER A 44 -5.06 -14.28 -4.91
N ARG A 45 -4.49 -15.47 -4.78
CA ARG A 45 -3.22 -15.82 -5.43
C ARG A 45 -3.32 -15.66 -6.95
N MET A 46 -4.40 -16.18 -7.51
CA MET A 46 -4.63 -16.11 -8.95
C MET A 46 -4.72 -14.65 -9.40
N ALA A 47 -5.41 -13.83 -8.62
CA ALA A 47 -5.56 -12.41 -8.94
C ALA A 47 -4.19 -11.74 -9.00
N LEU A 48 -3.35 -12.05 -8.02
CA LEU A 48 -2.00 -11.49 -7.95
C LEU A 48 -1.15 -11.98 -9.12
N ASN A 49 -1.29 -13.26 -9.41
CA ASN A 49 -0.51 -13.87 -10.48
C ASN A 49 -0.77 -13.15 -11.80
N GLU A 50 -2.04 -12.89 -12.07
CA GLU A 50 -2.41 -12.17 -13.29
C GLU A 50 -1.86 -10.75 -13.23
N ALA A 51 -1.97 -10.13 -12.05
CA ALA A 51 -1.47 -8.77 -11.87
C ALA A 51 0.06 -8.75 -12.05
N HIS A 52 0.73 -9.71 -11.44
CA HIS A 52 2.19 -9.81 -11.54
C HIS A 52 2.61 -10.01 -13.00
N LEU A 53 1.86 -10.83 -13.72
CA LEU A 53 2.16 -11.11 -15.12
C LEU A 53 2.11 -9.82 -15.93
N VAL A 54 1.08 -9.02 -15.68
CA VAL A 54 0.94 -7.75 -16.38
C VAL A 54 2.11 -6.84 -16.04
N GLN A 55 2.46 -6.79 -14.76
CA GLN A 55 3.59 -5.96 -14.34
C GLN A 55 4.88 -6.45 -15.01
N THR A 56 5.08 -7.76 -15.08
CA THR A 56 6.28 -8.32 -15.72
C THR A 56 6.46 -7.71 -17.11
N LYS A 57 5.37 -7.66 -17.88
CA LYS A 57 5.43 -7.06 -19.22
C LYS A 57 5.76 -5.59 -19.10
N LEU A 58 5.18 -4.94 -18.10
CA LEU A 58 5.43 -3.52 -17.90
C LEU A 58 6.87 -3.24 -17.48
N ILE A 59 7.58 -4.25 -16.98
CA ILE A 59 8.99 -4.06 -16.60
C ILE A 59 9.93 -4.47 -17.76
N GLU A 60 9.55 -5.49 -18.53
CA GLU A 60 10.37 -5.95 -19.66
C GLU A 60 10.46 -4.88 -20.74
N GLY A 61 9.34 -4.20 -21.01
CA GLY A 61 9.31 -3.17 -22.03
C GLY A 61 9.20 -1.78 -21.42
N ASP A 62 9.80 -1.60 -20.24
CA ASP A 62 9.75 -0.32 -19.54
C ASP A 62 10.49 0.78 -20.32
N ALA A 63 11.17 0.39 -21.40
CA ALA A 63 11.90 1.36 -22.21
C ALA A 63 10.97 2.06 -23.19
N GLY A 64 11.49 3.07 -23.89
CA GLY A 64 10.68 3.81 -24.86
C GLY A 64 10.81 5.32 -24.66
N GLU A 65 10.45 5.80 -23.47
CA GLU A 65 10.53 7.23 -23.19
C GLU A 65 11.97 7.72 -23.18
N GLY A 66 12.86 6.90 -22.64
CA GLY A 66 14.28 7.27 -22.58
C GLY A 66 15.15 6.04 -22.36
N LYS A 67 16.47 6.25 -22.44
CA LYS A 67 17.41 5.15 -22.27
C LYS A 67 17.39 4.63 -20.82
N MET A 68 18.11 5.32 -19.94
CA MET A 68 18.20 4.93 -18.54
C MET A 68 16.88 5.05 -17.79
N LYS A 69 16.13 6.12 -18.08
CA LYS A 69 14.87 6.35 -17.37
C LYS A 69 13.76 5.39 -17.80
N VAL A 70 12.84 5.14 -16.87
CA VAL A 70 11.71 4.23 -17.10
C VAL A 70 10.41 4.88 -16.65
N SER A 71 9.28 4.23 -16.95
CA SER A 71 7.98 4.77 -16.55
C SER A 71 7.94 4.91 -15.03
N LEU A 72 7.54 6.10 -14.57
CA LEU A 72 7.48 6.40 -13.14
C LEU A 72 6.43 5.55 -12.41
N VAL A 73 5.30 5.39 -13.07
CA VAL A 73 4.18 4.62 -12.52
C VAL A 73 4.55 3.16 -12.22
N LEU A 74 5.60 2.68 -12.85
CA LEU A 74 6.02 1.30 -12.64
C LEU A 74 6.16 0.99 -11.15
N VAL A 75 6.60 2.00 -10.41
CA VAL A 75 6.80 1.84 -8.98
C VAL A 75 5.45 1.76 -8.27
N HIS A 76 4.23 2.79 -8.67
CA HIS A 76 2.87 2.79 -8.09
C HIS A 76 2.28 1.39 -8.16
N ALA A 77 2.61 0.69 -9.24
CA ALA A 77 2.14 -0.68 -9.43
C ALA A 77 3.00 -1.66 -8.64
N GLN A 78 4.33 -1.50 -8.71
CA GLN A 78 5.24 -2.41 -8.02
C GLN A 78 5.00 -2.32 -6.51
N LEU A 79 4.96 -1.09 -6.01
CA LEU A 79 4.72 -0.86 -4.59
C LEU A 79 3.44 -1.54 -4.13
N HIS A 80 2.35 -1.32 -4.85
CA HIS A 80 1.08 -1.91 -4.47
C HIS A 80 1.12 -3.44 -4.62
N LEU A 81 1.65 -3.90 -5.74
CA LEU A 81 1.74 -5.34 -5.99
C LEU A 81 2.64 -6.04 -4.98
N MET A 82 3.80 -5.45 -4.70
CA MET A 82 4.74 -6.05 -3.75
C MET A 82 4.11 -6.14 -2.37
N THR A 83 3.46 -5.05 -1.96
CA THR A 83 2.81 -5.00 -0.65
C THR A 83 1.69 -6.04 -0.56
N SER A 84 0.84 -6.07 -1.58
CA SER A 84 -0.29 -7.01 -1.61
C SER A 84 0.20 -8.46 -1.60
N MET A 85 1.16 -8.78 -2.45
CA MET A 85 1.69 -10.14 -2.51
C MET A 85 2.26 -10.57 -1.18
N LEU A 86 3.07 -9.70 -0.59
CA LEU A 86 3.68 -10.00 0.70
C LEU A 86 2.61 -10.19 1.78
N ALA A 87 1.64 -9.28 1.79
CA ALA A 87 0.56 -9.36 2.76
C ALA A 87 -0.15 -10.70 2.67
N ARG A 88 -0.49 -11.10 1.47
CA ARG A 88 -1.18 -12.37 1.27
C ARG A 88 -0.35 -13.55 1.78
N GLU A 89 0.93 -13.57 1.45
CA GLU A 89 1.77 -14.67 1.88
C GLU A 89 1.79 -14.78 3.39
N LEU A 90 1.95 -13.65 4.06
CA LEU A 90 1.96 -13.64 5.51
C LEU A 90 0.58 -14.03 6.05
N ILE A 91 -0.46 -13.51 5.42
CA ILE A 91 -1.82 -13.85 5.84
C ILE A 91 -2.03 -15.35 5.69
N THR A 92 -1.50 -15.92 4.61
CA THR A 92 -1.60 -17.37 4.40
C THR A 92 -0.98 -18.10 5.59
N GLU A 93 0.20 -17.64 6.01
CA GLU A 93 0.88 -18.23 7.16
C GLU A 93 0.02 -18.08 8.40
N LEU A 94 -0.57 -16.89 8.56
CA LEU A 94 -1.43 -16.62 9.72
C LEU A 94 -2.62 -17.59 9.71
N ILE A 95 -3.20 -17.80 8.55
CA ILE A 95 -4.34 -18.73 8.44
C ILE A 95 -3.90 -20.14 8.83
N GLU A 96 -2.72 -20.56 8.36
CA GLU A 96 -2.22 -21.88 8.71
C GLU A 96 -2.08 -22.00 10.22
N LEU A 97 -1.64 -20.91 10.87
CA LEU A 97 -1.51 -20.92 12.32
C LEU A 97 -2.88 -21.12 12.98
N HIS A 98 -3.89 -20.46 12.44
CA HIS A 98 -5.25 -20.62 12.98
C HIS A 98 -5.63 -22.08 12.92
N GLU A 99 -5.25 -22.75 11.84
CA GLU A 99 -5.55 -24.17 11.68
C GLU A 99 -4.81 -24.98 12.74
N LYS A 100 -3.56 -24.62 13.01
CA LYS A 100 -2.79 -25.32 14.02
C LYS A 100 -3.39 -25.06 15.41
N LEU A 101 -3.92 -23.84 15.61
CA LEU A 101 -4.56 -23.49 16.88
C LEU A 101 -5.80 -24.37 17.09
N LYS A 102 -6.02 -25.30 16.15
CA LYS A 102 -7.18 -26.20 16.21
C LYS A 102 -8.43 -25.52 15.71
N ALA A 103 -8.82 -24.42 16.39
CA ALA A 103 -10.03 -23.67 16.04
C ALA A 103 -10.30 -23.65 14.53
N ALA B 1 22.66 3.11 -13.51
CA ALA B 1 23.97 3.34 -14.19
C ALA B 1 24.86 2.13 -13.94
N GLU B 2 26.00 2.08 -14.64
CA GLU B 2 26.95 0.97 -14.53
C GLU B 2 26.86 0.24 -13.18
N GLU B 3 27.57 0.74 -12.19
CA GLU B 3 27.58 0.13 -10.87
C GLU B 3 26.22 0.21 -10.20
N LEU B 4 25.72 1.44 -10.02
CA LEU B 4 24.42 1.61 -9.38
C LEU B 4 23.38 0.61 -9.91
N GLU B 5 23.37 0.41 -11.22
CA GLU B 5 22.42 -0.52 -11.83
C GLU B 5 22.76 -1.95 -11.47
N GLU B 6 24.03 -2.30 -11.57
CA GLU B 6 24.50 -3.63 -11.23
C GLU B 6 24.38 -3.85 -9.73
N VAL B 7 24.60 -2.79 -8.97
CA VAL B 7 24.51 -2.85 -7.52
C VAL B 7 23.05 -3.11 -7.10
N VAL B 8 22.12 -2.44 -7.77
CA VAL B 8 20.69 -2.63 -7.49
C VAL B 8 20.33 -4.08 -7.74
N MET B 9 20.80 -4.63 -8.86
CA MET B 9 20.52 -6.03 -9.18
C MET B 9 21.01 -6.91 -8.03
N GLY B 10 22.21 -6.62 -7.53
CA GLY B 10 22.75 -7.37 -6.41
C GLY B 10 21.86 -7.21 -5.19
N LEU B 11 21.44 -5.98 -4.93
CA LEU B 11 20.56 -5.70 -3.79
C LEU B 11 19.24 -6.44 -3.93
N ILE B 12 18.67 -6.41 -5.13
CA ILE B 12 17.40 -7.09 -5.38
C ILE B 12 17.57 -8.58 -5.14
N ILE B 13 18.66 -9.12 -5.68
CA ILE B 13 18.94 -10.54 -5.50
C ILE B 13 19.17 -10.83 -4.02
N ASN B 14 19.95 -9.98 -3.36
CA ASN B 14 20.24 -10.16 -1.94
C ASN B 14 18.94 -10.10 -1.13
N SER B 15 18.11 -9.11 -1.42
CA SER B 15 16.83 -8.99 -0.74
C SER B 15 15.98 -10.23 -0.97
N GLY B 16 15.99 -10.71 -2.22
CA GLY B 16 15.23 -11.91 -2.57
C GLY B 16 15.76 -13.12 -1.81
N GLN B 17 17.08 -13.25 -1.75
CA GLN B 17 17.68 -14.37 -1.03
C GLN B 17 17.31 -14.28 0.45
N ALA B 18 17.35 -13.06 0.98
CA ALA B 18 17.00 -12.84 2.37
C ALA B 18 15.60 -13.36 2.66
N ARG B 19 14.64 -12.97 1.84
CA ARG B 19 13.27 -13.44 2.02
C ARG B 19 13.24 -14.96 1.90
N SER B 20 13.90 -15.47 0.86
CA SER B 20 13.94 -16.91 0.64
C SER B 20 14.41 -17.63 1.89
N LEU B 21 15.50 -17.13 2.48
CA LEU B 21 16.04 -17.73 3.71
C LEU B 21 15.01 -17.60 4.83
N ALA B 22 14.37 -16.44 4.93
CA ALA B 22 13.37 -16.20 5.97
C ALA B 22 12.24 -17.23 5.85
N TYR B 23 11.67 -17.38 4.65
CA TYR B 23 10.60 -18.36 4.46
C TYR B 23 11.12 -19.75 4.79
N ALA B 24 12.36 -20.04 4.38
CA ALA B 24 12.95 -21.33 4.67
C ALA B 24 13.06 -21.49 6.19
N ALA B 25 13.43 -20.41 6.87
CA ALA B 25 13.53 -20.43 8.33
C ALA B 25 12.18 -20.80 8.92
N LEU B 26 11.12 -20.21 8.39
CA LEU B 26 9.78 -20.50 8.86
C LEU B 26 9.45 -21.97 8.62
N LYS B 27 9.80 -22.46 7.44
CA LYS B 27 9.55 -23.86 7.11
C LYS B 27 10.21 -24.78 8.14
N GLN B 28 11.43 -24.43 8.54
CA GLN B 28 12.13 -25.23 9.56
C GLN B 28 11.31 -25.26 10.84
N ALA B 29 10.74 -24.11 11.19
CA ALA B 29 9.91 -24.02 12.40
C ALA B 29 8.73 -24.97 12.31
N LYS B 30 8.09 -25.01 11.14
CA LYS B 30 6.95 -25.90 10.94
C LYS B 30 7.36 -27.35 11.16
N GLN B 31 8.62 -27.67 10.83
CA GLN B 31 9.10 -29.04 11.01
C GLN B 31 9.46 -29.28 12.48
N GLY B 32 9.32 -28.24 13.29
CA GLY B 32 9.63 -28.35 14.72
C GLY B 32 11.13 -28.18 14.99
N ASP B 33 11.86 -27.66 14.00
CA ASP B 33 13.29 -27.46 14.14
C ASP B 33 13.60 -26.02 14.53
N PHE B 34 13.47 -25.71 15.81
CA PHE B 34 13.73 -24.34 16.29
C PHE B 34 15.18 -23.94 16.10
N ALA B 35 16.09 -24.90 16.27
CA ALA B 35 17.52 -24.60 16.15
C ALA B 35 17.86 -24.12 14.74
N ALA B 36 17.43 -24.87 13.74
CA ALA B 36 17.71 -24.50 12.36
C ALA B 36 16.98 -23.20 12.01
N ALA B 37 15.77 -23.03 12.51
CA ALA B 37 15.03 -21.80 12.24
C ALA B 37 15.82 -20.61 12.74
N LYS B 38 16.23 -20.68 14.02
CA LYS B 38 17.01 -19.60 14.63
C LYS B 38 18.27 -19.27 13.81
N ALA B 39 18.99 -20.29 13.40
CA ALA B 39 20.21 -20.10 12.61
C ALA B 39 19.91 -19.41 11.28
N MET B 40 18.83 -19.82 10.64
CA MET B 40 18.44 -19.26 9.36
C MET B 40 18.05 -17.78 9.51
N MET B 41 17.32 -17.45 10.57
CA MET B 41 16.92 -16.06 10.78
C MET B 41 18.15 -15.17 10.97
N ASP B 42 19.12 -15.68 11.73
CA ASP B 42 20.33 -14.93 12.01
C ASP B 42 21.06 -14.57 10.73
N GLN B 43 21.21 -15.58 9.86
CA GLN B 43 21.88 -15.36 8.59
C GLN B 43 21.08 -14.40 7.72
N SER B 44 19.76 -14.54 7.73
CA SER B 44 18.91 -13.65 6.95
C SER B 44 19.13 -12.20 7.41
N ARG B 45 19.14 -12.00 8.73
CA ARG B 45 19.35 -10.68 9.30
C ARG B 45 20.69 -10.09 8.83
N MET B 46 21.74 -10.90 8.89
CA MET B 46 23.07 -10.45 8.49
C MET B 46 23.05 -10.04 7.02
N ALA B 47 22.37 -10.84 6.20
CA ALA B 47 22.27 -10.53 4.77
C ALA B 47 21.58 -9.19 4.56
N LEU B 48 20.50 -8.97 5.31
CA LEU B 48 19.75 -7.72 5.21
C LEU B 48 20.59 -6.55 5.72
N ASN B 49 21.30 -6.78 6.81
CA ASN B 49 22.13 -5.75 7.40
C ASN B 49 23.18 -5.26 6.40
N GLU B 50 23.83 -6.19 5.73
CA GLU B 50 24.82 -5.83 4.72
C GLU B 50 24.17 -5.10 3.57
N ALA B 51 23.00 -5.58 3.17
CA ALA B 51 22.25 -4.96 2.08
C ALA B 51 21.83 -3.54 2.48
N HIS B 52 21.32 -3.41 3.70
CA HIS B 52 20.88 -2.11 4.21
C HIS B 52 22.06 -1.13 4.27
N LEU B 53 23.22 -1.64 4.69
CA LEU B 53 24.42 -0.80 4.79
C LEU B 53 24.77 -0.23 3.41
N VAL B 54 24.71 -1.09 2.40
CA VAL B 54 25.03 -0.66 1.04
C VAL B 54 24.01 0.40 0.61
N GLN B 55 22.73 0.16 0.90
CA GLN B 55 21.70 1.13 0.53
C GLN B 55 21.96 2.45 1.25
N THR B 56 22.32 2.39 2.54
CA THR B 56 22.60 3.61 3.30
C THR B 56 23.57 4.50 2.53
N LYS B 57 24.65 3.90 2.04
CA LYS B 57 25.62 4.66 1.25
C LYS B 57 24.97 5.20 -0.01
N LEU B 58 24.12 4.39 -0.61
CA LEU B 58 23.44 4.78 -1.84
C LEU B 58 22.45 5.93 -1.59
N ILE B 59 22.02 6.12 -0.32
CA ILE B 59 21.11 7.23 -0.01
C ILE B 59 21.88 8.48 0.45
N GLU B 60 23.00 8.27 1.16
CA GLU B 60 23.81 9.39 1.64
C GLU B 60 24.42 10.17 0.46
N GLY B 61 24.86 9.43 -0.55
CA GLY B 61 25.49 10.05 -1.72
C GLY B 61 24.59 9.96 -2.95
N ASP B 62 23.28 10.02 -2.73
CA ASP B 62 22.32 9.93 -3.82
C ASP B 62 22.41 11.14 -4.77
N ALA B 63 23.21 12.12 -4.40
CA ALA B 63 23.36 13.32 -5.23
C ALA B 63 24.37 13.07 -6.34
N GLY B 64 24.50 14.03 -7.26
CA GLY B 64 25.44 13.90 -8.37
C GLY B 64 24.78 14.23 -9.71
N GLU B 65 23.73 13.48 -10.05
CA GLU B 65 23.03 13.70 -11.32
C GLU B 65 22.34 15.07 -11.33
N GLY B 66 21.76 15.45 -10.20
CA GLY B 66 21.07 16.73 -10.11
C GLY B 66 20.91 17.16 -8.66
N LYS B 67 20.42 18.38 -8.47
CA LYS B 67 20.23 18.92 -7.13
C LYS B 67 19.13 18.16 -6.38
N MET B 68 17.88 18.54 -6.66
CA MET B 68 16.72 17.93 -6.01
C MET B 68 16.52 16.47 -6.40
N LYS B 69 16.75 16.13 -7.66
CA LYS B 69 16.54 14.76 -8.14
C LYS B 69 17.62 13.80 -7.64
N VAL B 70 17.22 12.52 -7.52
CA VAL B 70 18.11 11.47 -7.05
C VAL B 70 18.02 10.24 -7.98
N SER B 71 18.89 9.26 -7.76
CA SER B 71 18.88 8.05 -8.59
C SER B 71 17.52 7.37 -8.49
N LEU B 72 16.93 7.04 -9.64
CA LEU B 72 15.60 6.45 -9.66
C LEU B 72 15.59 5.04 -9.04
N VAL B 73 16.65 4.30 -9.35
CA VAL B 73 16.80 2.93 -8.88
C VAL B 73 16.83 2.84 -7.34
N LEU B 74 17.11 3.95 -6.68
CA LEU B 74 17.18 3.95 -5.22
C LEU B 74 15.91 3.37 -4.63
N VAL B 75 14.79 3.72 -5.24
CA VAL B 75 13.50 3.24 -4.80
C VAL B 75 13.41 1.73 -5.02
N HIS B 76 13.90 1.19 -6.26
CA HIS B 76 13.86 -0.23 -6.56
C HIS B 76 14.54 -1.02 -5.44
N ALA B 77 15.70 -0.54 -5.01
CA ALA B 77 16.42 -1.20 -3.93
C ALA B 77 15.69 -1.01 -2.60
N GLN B 78 15.18 0.19 -2.38
CA GLN B 78 14.48 0.49 -1.13
C GLN B 78 13.22 -0.36 -1.03
N LEU B 79 12.44 -0.39 -2.12
CA LEU B 79 11.22 -1.18 -2.14
C LEU B 79 11.49 -2.65 -1.82
N HIS B 80 12.48 -3.23 -2.48
CA HIS B 80 12.80 -4.62 -2.24
C HIS B 80 13.36 -4.83 -0.84
N LEU B 81 14.27 -3.95 -0.44
CA LEU B 81 14.88 -4.06 0.89
C LEU B 81 13.85 -3.85 2.00
N MET B 82 13.00 -2.85 1.86
CA MET B 82 11.98 -2.57 2.87
C MET B 82 11.02 -3.75 3.01
N THR B 83 10.59 -4.28 1.87
CA THR B 83 9.67 -5.41 1.87
C THR B 83 10.32 -6.64 2.50
N SER B 84 11.55 -6.94 2.10
CA SER B 84 12.26 -8.09 2.64
C SER B 84 12.50 -7.97 4.14
N MET B 85 12.97 -6.81 4.58
CA MET B 85 13.24 -6.60 6.01
C MET B 85 11.96 -6.76 6.83
N LEU B 86 10.89 -6.14 6.36
CA LEU B 86 9.61 -6.21 7.06
C LEU B 86 9.11 -7.65 7.12
N ALA B 87 9.17 -8.33 5.98
CA ALA B 87 8.72 -9.71 5.90
C ALA B 87 9.49 -10.58 6.88
N ARG B 88 10.79 -10.44 6.86
CA ARG B 88 11.65 -11.22 7.75
C ARG B 88 11.28 -10.97 9.21
N GLU B 89 11.08 -9.70 9.59
CA GLU B 89 10.75 -9.38 10.97
C GLU B 89 9.43 -10.05 11.37
N LEU B 90 8.44 -9.96 10.50
CA LEU B 90 7.14 -10.56 10.78
C LEU B 90 7.28 -12.08 10.84
N ILE B 91 8.06 -12.63 9.92
CA ILE B 91 8.30 -14.07 9.91
C ILE B 91 8.95 -14.49 11.23
N THR B 92 9.86 -13.66 11.73
CA THR B 92 10.50 -13.96 13.02
C THR B 92 9.43 -14.07 14.09
N GLU B 93 8.49 -13.13 14.09
CA GLU B 93 7.40 -13.15 15.06
C GLU B 93 6.58 -14.43 14.88
N LEU B 94 6.30 -14.77 13.62
CA LEU B 94 5.54 -15.99 13.33
C LEU B 94 6.27 -17.21 13.87
N ILE B 95 7.59 -17.26 13.68
CA ILE B 95 8.36 -18.38 14.19
C ILE B 95 8.28 -18.46 15.71
N GLU B 96 8.36 -17.30 16.37
CA GLU B 96 8.25 -17.27 17.83
C GLU B 96 6.90 -17.85 18.25
N LEU B 97 5.86 -17.54 17.49
CA LEU B 97 4.52 -18.05 17.79
C LEU B 97 4.52 -19.58 17.69
N HIS B 98 5.19 -20.10 16.66
CA HIS B 98 5.27 -21.55 16.50
C HIS B 98 5.89 -22.17 17.75
N GLU B 99 6.90 -21.48 18.28
CA GLU B 99 7.55 -21.95 19.50
C GLU B 99 6.58 -21.94 20.66
N LYS B 100 5.77 -20.88 20.77
CA LYS B 100 4.79 -20.80 21.84
C LYS B 100 3.72 -21.88 21.65
N LEU B 101 3.39 -22.19 20.39
CA LEU B 101 2.42 -23.25 20.11
C LEU B 101 2.96 -24.60 20.58
N LYS B 102 4.13 -24.57 21.21
CA LYS B 102 4.77 -25.78 21.72
C LYS B 102 5.49 -26.51 20.59
N ALA B 103 4.71 -26.92 19.58
CA ALA B 103 5.25 -27.67 18.43
C ALA B 103 6.64 -27.19 18.04
N ALA C 1 11.12 19.25 -2.05
CA ALA C 1 11.16 20.74 -1.98
C ALA C 1 10.96 21.17 -0.54
N GLU C 2 11.18 22.45 -0.27
CA GLU C 2 11.04 23.02 1.08
C GLU C 2 10.10 22.22 1.98
N GLU C 3 8.81 22.51 1.89
CA GLU C 3 7.83 21.81 2.71
C GLU C 3 7.73 20.34 2.34
N LEU C 4 7.37 20.07 1.08
CA LEU C 4 7.24 18.68 0.63
C LEU C 4 8.38 17.80 1.16
N GLU C 5 9.60 18.32 1.11
CA GLU C 5 10.76 17.57 1.58
C GLU C 5 10.74 17.43 3.10
N GLU C 6 10.47 18.53 3.78
CA GLU C 6 10.41 18.52 5.24
C GLU C 6 9.19 17.70 5.68
N VAL C 7 8.12 17.78 4.89
CA VAL C 7 6.90 17.04 5.17
C VAL C 7 7.17 15.53 5.06
N VAL C 8 7.92 15.14 4.03
CA VAL C 8 8.27 13.74 3.83
C VAL C 8 9.06 13.24 5.04
N MET C 9 10.02 14.04 5.50
CA MET C 9 10.80 13.67 6.66
C MET C 9 9.87 13.40 7.84
N GLY C 10 8.88 14.29 8.01
CA GLY C 10 7.91 14.13 9.08
C GLY C 10 7.12 12.84 8.88
N LEU C 11 6.71 12.59 7.65
CA LEU C 11 5.94 11.37 7.33
C LEU C 11 6.79 10.14 7.59
N ILE C 12 8.05 10.18 7.18
CA ILE C 12 8.94 9.04 7.37
C ILE C 12 9.11 8.78 8.87
N ILE C 13 9.32 9.87 9.61
CA ILE C 13 9.47 9.76 11.06
C ILE C 13 8.16 9.23 11.66
N ASN C 14 7.05 9.81 11.22
CA ASN C 14 5.73 9.40 11.72
C ASN C 14 5.50 7.92 11.43
N SER C 15 5.79 7.51 10.19
CA SER C 15 5.63 6.11 9.81
C SER C 15 6.52 5.24 10.68
N GLY C 16 7.76 5.70 10.90
CA GLY C 16 8.70 4.95 11.73
C GLY C 16 8.18 4.84 13.16
N GLN C 17 7.67 5.95 13.70
CA GLN C 17 7.13 5.92 15.06
C GLN C 17 5.95 4.97 15.12
N ALA C 18 5.12 5.01 14.08
CA ALA C 18 3.96 4.14 14.02
C ALA C 18 4.38 2.67 14.15
N ARG C 19 5.36 2.27 13.33
CA ARG C 19 5.84 0.91 13.40
C ARG C 19 6.41 0.63 14.79
N SER C 20 7.21 1.57 15.28
CA SER C 20 7.81 1.41 16.60
C SER C 20 6.73 1.13 17.65
N LEU C 21 5.66 1.92 17.61
CA LEU C 21 4.56 1.74 18.54
C LEU C 21 3.92 0.37 18.33
N ALA C 22 3.73 0.00 17.06
CA ALA C 22 3.13 -1.29 16.73
C ALA C 22 3.96 -2.44 17.33
N TYR C 23 5.27 -2.43 17.07
CA TYR C 23 6.14 -3.47 17.64
C TYR C 23 6.05 -3.45 19.16
N ALA C 24 6.03 -2.24 19.72
CA ALA C 24 5.92 -2.11 21.17
C ALA C 24 4.59 -2.72 21.62
N ALA C 25 3.54 -2.47 20.85
CA ALA C 25 2.23 -3.03 21.16
C ALA C 25 2.31 -4.55 21.21
N LEU C 26 3.01 -5.12 20.24
CA LEU C 26 3.19 -6.57 20.18
C LEU C 26 3.95 -7.05 21.42
N LYS C 27 4.99 -6.31 21.77
CA LYS C 27 5.79 -6.66 22.94
C LYS C 27 4.90 -6.72 24.19
N GLN C 28 3.99 -5.77 24.31
CA GLN C 28 3.06 -5.75 25.44
C GLN C 28 2.26 -7.04 25.47
N ALA C 29 1.82 -7.47 24.27
CA ALA C 29 1.05 -8.70 24.16
C ALA C 29 1.85 -9.89 24.67
N LYS C 30 3.13 -9.94 24.30
CA LYS C 30 3.99 -11.02 24.76
C LYS C 30 4.07 -11.06 26.28
N GLN C 31 3.98 -9.88 26.90
CA GLN C 31 4.04 -9.80 28.36
C GLN C 31 2.67 -10.17 28.96
N GLY C 32 1.71 -10.44 28.08
CA GLY C 32 0.36 -10.83 28.53
C GLY C 32 -0.47 -9.60 28.89
N ASP C 33 -0.04 -8.43 28.44
CA ASP C 33 -0.76 -7.18 28.70
C ASP C 33 -1.63 -6.80 27.51
N PHE C 34 -2.80 -7.41 27.42
CA PHE C 34 -3.71 -7.14 26.31
C PHE C 34 -4.22 -5.70 26.34
N ALA C 35 -4.43 -5.17 27.54
CA ALA C 35 -4.94 -3.81 27.68
C ALA C 35 -3.97 -2.79 27.08
N ALA C 36 -2.71 -2.89 27.47
CA ALA C 36 -1.71 -1.96 26.96
C ALA C 36 -1.50 -2.17 25.47
N ALA C 37 -1.55 -3.42 25.02
CA ALA C 37 -1.38 -3.71 23.60
C ALA C 37 -2.48 -3.00 22.81
N LYS C 38 -3.72 -3.21 23.22
CA LYS C 38 -4.87 -2.59 22.57
C LYS C 38 -4.72 -1.07 22.49
N ALA C 39 -4.32 -0.45 23.61
CA ALA C 39 -4.16 1.00 23.65
C ALA C 39 -3.06 1.46 22.68
N MET C 40 -1.96 0.72 22.64
CA MET C 40 -0.85 1.06 21.77
C MET C 40 -1.25 0.92 20.30
N MET C 41 -2.03 -0.11 19.99
CA MET C 41 -2.48 -0.31 18.61
C MET C 41 -3.35 0.85 18.16
N ASP C 42 -4.25 1.28 19.04
CA ASP C 42 -5.17 2.36 18.72
C ASP C 42 -4.41 3.63 18.38
N GLN C 43 -3.42 3.97 19.21
CA GLN C 43 -2.61 5.16 18.97
C GLN C 43 -1.83 5.03 17.67
N SER C 44 -1.30 3.85 17.42
CA SER C 44 -0.55 3.60 16.19
C SER C 44 -1.44 3.87 14.98
N ARG C 45 -2.67 3.32 15.03
CA ARG C 45 -3.64 3.50 13.96
C ARG C 45 -3.93 4.99 13.72
N MET C 46 -4.14 5.72 14.81
CA MET C 46 -4.43 7.15 14.72
C MET C 46 -3.26 7.89 14.08
N ALA C 47 -2.04 7.51 14.47
CA ALA C 47 -0.84 8.14 13.91
C ALA C 47 -0.78 7.91 12.40
N LEU C 48 -1.08 6.68 11.98
CA LEU C 48 -1.07 6.33 10.57
C LEU C 48 -2.17 7.06 9.82
N ASN C 49 -3.34 7.15 10.45
CA ASN C 49 -4.48 7.81 9.84
C ASN C 49 -4.14 9.27 9.52
N GLU C 50 -3.51 9.95 10.47
CA GLU C 50 -3.11 11.33 10.26
C GLU C 50 -2.06 11.41 9.16
N ALA C 51 -1.13 10.47 9.19
CA ALA C 51 -0.07 10.43 8.18
C ALA C 51 -0.67 10.15 6.80
N HIS C 52 -1.58 9.19 6.74
CA HIS C 52 -2.25 8.85 5.48
C HIS C 52 -3.02 10.05 4.94
N LEU C 53 -3.69 10.78 5.83
CA LEU C 53 -4.47 11.95 5.43
C LEU C 53 -3.56 12.98 4.76
N VAL C 54 -2.39 13.20 5.35
CA VAL C 54 -1.45 14.16 4.80
C VAL C 54 -0.99 13.67 3.43
N GLN C 55 -0.69 12.38 3.32
CA GLN C 55 -0.26 11.82 2.04
C GLN C 55 -1.38 11.99 1.00
N THR C 56 -2.62 11.74 1.41
CA THR C 56 -3.76 11.88 0.48
C THR C 56 -3.70 13.25 -0.19
N LYS C 57 -3.50 14.29 0.60
CA LYS C 57 -3.40 15.64 0.05
C LYS C 57 -2.20 15.73 -0.88
N LEU C 58 -1.11 15.09 -0.49
CA LEU C 58 0.10 15.11 -1.29
C LEU C 58 -0.08 14.35 -2.61
N ILE C 59 -1.09 13.47 -2.70
CA ILE C 59 -1.33 12.76 -3.95
C ILE C 59 -2.40 13.48 -4.79
N GLU C 60 -3.38 14.10 -4.14
CA GLU C 60 -4.43 14.83 -4.87
C GLU C 60 -3.85 16.03 -5.60
N GLY C 61 -2.89 16.71 -4.98
CA GLY C 61 -2.28 17.89 -5.57
C GLY C 61 -0.83 17.62 -5.97
N ASP C 62 -0.56 16.41 -6.41
CA ASP C 62 0.79 16.03 -6.80
C ASP C 62 1.22 16.75 -8.06
N ALA C 63 0.31 17.49 -8.68
CA ALA C 63 0.63 18.24 -9.90
C ALA C 63 1.30 19.56 -9.56
N GLY C 64 1.78 20.26 -10.59
CA GLY C 64 2.43 21.56 -10.39
C GLY C 64 3.77 21.63 -11.13
N GLU C 65 4.69 20.71 -10.81
CA GLU C 65 5.99 20.70 -11.45
C GLU C 65 5.87 20.38 -12.94
N GLY C 66 4.99 19.45 -13.27
CA GLY C 66 4.80 19.05 -14.66
C GLY C 66 3.45 18.36 -14.86
N LYS C 67 3.12 18.09 -16.11
CA LYS C 67 1.85 17.44 -16.43
C LYS C 67 1.83 16.00 -15.92
N MET C 68 2.44 15.10 -16.70
CA MET C 68 2.48 13.68 -16.36
C MET C 68 3.31 13.38 -15.12
N LYS C 69 4.45 14.07 -14.97
CA LYS C 69 5.34 13.83 -13.84
C LYS C 69 4.79 14.36 -12.52
N VAL C 70 5.20 13.71 -11.43
CA VAL C 70 4.76 14.07 -10.08
C VAL C 70 5.96 14.16 -9.13
N SER C 71 5.72 14.64 -7.91
CA SER C 71 6.80 14.75 -6.93
C SER C 71 7.42 13.38 -6.68
N LEU C 72 8.74 13.30 -6.77
CA LEU C 72 9.45 12.03 -6.61
C LEU C 72 9.31 11.48 -5.19
N VAL C 73 9.40 12.39 -4.22
CA VAL C 73 9.33 12.04 -2.80
C VAL C 73 8.00 11.37 -2.44
N LEU C 74 6.99 11.56 -3.26
CA LEU C 74 5.68 10.97 -2.98
C LEU C 74 5.81 9.48 -2.72
N VAL C 75 6.67 8.84 -3.51
CA VAL C 75 6.91 7.42 -3.36
C VAL C 75 7.58 7.15 -2.01
N HIS C 76 8.63 8.00 -1.59
CA HIS C 76 9.32 7.82 -0.32
C HIS C 76 8.31 7.76 0.83
N ALA C 77 7.36 8.68 0.80
CA ALA C 77 6.32 8.70 1.84
C ALA C 77 5.37 7.52 1.67
N GLN C 78 5.02 7.22 0.43
CA GLN C 78 4.11 6.11 0.16
C GLN C 78 4.74 4.78 0.58
N LEU C 79 5.99 4.58 0.19
CA LEU C 79 6.71 3.36 0.55
C LEU C 79 6.75 3.17 2.06
N HIS C 80 7.13 4.21 2.79
CA HIS C 80 7.20 4.12 4.24
C HIS C 80 5.81 3.94 4.85
N LEU C 81 4.87 4.73 4.38
CA LEU C 81 3.50 4.67 4.89
C LEU C 81 2.85 3.31 4.59
N MET C 82 3.01 2.84 3.37
CA MET C 82 2.42 1.55 2.98
C MET C 82 3.01 0.42 3.82
N THR C 83 4.32 0.45 3.99
CA THR C 83 5.00 -0.58 4.76
C THR C 83 4.54 -0.55 6.22
N SER C 84 4.53 0.64 6.80
CA SER C 84 4.12 0.80 8.20
C SER C 84 2.67 0.37 8.42
N MET C 85 1.76 0.84 7.56
CA MET C 85 0.35 0.48 7.70
C MET C 85 0.16 -1.04 7.61
N LEU C 86 0.80 -1.65 6.63
CA LEU C 86 0.70 -3.09 6.43
C LEU C 86 1.24 -3.83 7.65
N ALA C 87 2.42 -3.42 8.10
CA ALA C 87 3.05 -4.04 9.25
C ALA C 87 2.13 -3.96 10.47
N ARG C 88 1.61 -2.77 10.71
CA ARG C 88 0.74 -2.55 11.84
C ARG C 88 -0.50 -3.47 11.77
N GLU C 89 -1.11 -3.56 10.59
CA GLU C 89 -2.29 -4.42 10.44
C GLU C 89 -1.95 -5.88 10.74
N LEU C 90 -0.82 -6.35 10.20
CA LEU C 90 -0.40 -7.72 10.44
C LEU C 90 -0.07 -7.92 11.91
N ILE C 91 0.60 -6.95 12.49
CA ILE C 91 0.95 -7.02 13.90
C ILE C 91 -0.33 -7.12 14.73
N THR C 92 -1.36 -6.39 14.32
CA THR C 92 -2.64 -6.46 15.02
C THR C 92 -3.15 -7.89 14.99
N GLU C 93 -3.06 -8.53 13.83
CA GLU C 93 -3.50 -9.92 13.70
C GLU C 93 -2.66 -10.82 14.62
N LEU C 94 -1.36 -10.56 14.63
CA LEU C 94 -0.45 -11.34 15.47
C LEU C 94 -0.84 -11.20 16.94
N ILE C 95 -1.16 -9.98 17.35
CA ILE C 95 -1.57 -9.73 18.73
C ILE C 95 -2.86 -10.51 19.05
N GLU C 96 -3.80 -10.48 18.12
CA GLU C 96 -5.05 -11.21 18.31
C GLU C 96 -4.75 -12.70 18.53
N LEU C 97 -3.78 -13.21 17.77
CA LEU C 97 -3.39 -14.61 17.91
C LEU C 97 -2.85 -14.87 19.32
N HIS C 98 -2.05 -13.94 19.83
CA HIS C 98 -1.52 -14.09 21.18
C HIS C 98 -2.68 -14.22 22.16
N GLU C 99 -3.73 -13.44 21.92
CA GLU C 99 -4.90 -13.49 22.78
C GLU C 99 -5.57 -14.87 22.68
N LYS C 100 -5.65 -15.41 21.46
CA LYS C 100 -6.25 -16.72 21.29
C LYS C 100 -5.38 -17.78 21.95
N LEU C 101 -4.05 -17.58 21.91
CA LEU C 101 -3.12 -18.52 22.55
C LEU C 101 -3.37 -18.53 24.06
N LYS C 102 -4.36 -17.76 24.51
CA LYS C 102 -4.70 -17.67 25.93
C LYS C 102 -3.78 -16.68 26.63
N ALA C 103 -2.48 -16.99 26.61
CA ALA C 103 -1.45 -16.16 27.26
C ALA C 103 -1.80 -14.67 27.21
N LYS D 1 -19.97 26.95 -1.17
CA LYS D 1 -19.08 26.05 -1.96
C LYS D 1 -19.44 24.59 -1.78
N LYS D 2 -19.77 23.94 -2.87
CA LYS D 2 -20.15 22.54 -2.84
C LYS D 2 -18.93 21.62 -2.88
N HIS D 3 -19.02 20.49 -2.19
CA HIS D 3 -17.93 19.52 -2.13
C HIS D 3 -18.12 18.37 -3.08
N ILE D 4 -17.20 18.26 -4.03
CA ILE D 4 -17.22 17.18 -4.99
C ILE D 4 -16.07 16.24 -4.61
N TYR D 5 -16.39 15.03 -4.18
CA TYR D 5 -15.38 14.06 -3.78
C TYR D 5 -15.33 12.90 -4.76
N LEU D 6 -14.13 12.60 -5.26
CA LEU D 6 -13.90 11.48 -6.19
C LEU D 6 -13.25 10.35 -5.40
N PHE D 7 -13.56 9.09 -5.75
CA PHE D 7 -12.85 7.97 -5.12
C PHE D 7 -12.19 7.06 -6.15
N CYS D 8 -11.04 6.48 -5.73
CA CYS D 8 -10.27 5.47 -6.46
C CYS D 8 -9.52 4.58 -5.47
N SER D 9 -8.63 3.70 -5.85
CA SER D 9 -8.06 2.86 -4.79
C SER D 9 -7.18 3.67 -3.86
N ALA D 10 -6.17 4.42 -4.37
CA ALA D 10 -5.26 5.14 -3.49
C ALA D 10 -5.56 6.63 -3.54
N GLY D 11 -5.82 7.15 -4.74
CA GLY D 11 -6.13 8.56 -4.93
C GLY D 11 -5.11 9.26 -5.81
N MET D 12 -4.46 8.55 -6.75
CA MET D 12 -3.47 9.19 -7.61
C MET D 12 -3.97 9.36 -9.05
N SER D 13 -4.06 8.28 -9.76
CA SER D 13 -4.50 8.37 -11.16
C SER D 13 -5.72 9.30 -11.30
N THR D 14 -6.45 9.50 -10.20
CA THR D 14 -7.62 10.38 -10.32
C THR D 14 -7.22 11.78 -9.90
N SER D 15 -6.09 11.83 -9.22
CA SER D 15 -5.48 13.09 -8.76
C SER D 15 -5.20 14.03 -9.93
N LEU D 16 -4.82 13.46 -11.06
CA LEU D 16 -4.55 14.26 -12.24
C LEU D 16 -5.88 14.86 -12.76
N LEU D 17 -6.96 14.07 -12.72
CA LEU D 17 -8.28 14.55 -13.14
C LEU D 17 -8.75 15.68 -12.19
N VAL D 18 -8.54 15.48 -10.88
CA VAL D 18 -8.91 16.50 -9.89
C VAL D 18 -8.18 17.83 -10.15
N SER D 19 -6.89 17.79 -10.47
CA SER D 19 -6.17 19.03 -10.74
C SER D 19 -6.73 19.77 -11.98
N LYS D 20 -7.12 19.03 -13.02
CA LYS D 20 -7.71 19.66 -14.20
C LYS D 20 -9.12 20.20 -13.91
N MET D 21 -9.87 19.50 -13.07
CA MET D 21 -11.22 20.00 -12.73
C MET D 21 -11.08 21.31 -11.94
N ARG D 22 -10.13 21.39 -11.02
CA ARG D 22 -9.91 22.60 -10.21
C ARG D 22 -9.56 23.79 -11.12
N ALA D 23 -8.79 23.54 -12.18
CA ALA D 23 -8.39 24.59 -13.11
C ALA D 23 -9.63 25.14 -13.81
N GLN D 24 -10.50 24.24 -14.24
CA GLN D 24 -11.72 24.61 -14.91
C GLN D 24 -12.67 25.35 -14.00
N ALA D 25 -12.80 24.88 -12.77
CA ALA D 25 -13.69 25.53 -11.80
C ALA D 25 -13.24 26.96 -11.55
N GLU D 26 -11.93 27.20 -11.60
CA GLU D 26 -11.39 28.54 -11.36
C GLU D 26 -11.65 29.43 -12.57
N LYS D 27 -11.43 28.88 -13.76
CA LYS D 27 -11.63 29.59 -14.99
C LYS D 27 -13.07 30.10 -15.12
N TYR D 28 -14.05 29.29 -14.72
CA TYR D 28 -15.48 29.69 -14.80
C TYR D 28 -16.13 30.10 -13.49
N GLU D 29 -15.33 30.35 -12.46
CA GLU D 29 -15.81 30.78 -11.15
C GLU D 29 -16.89 29.89 -10.51
N VAL D 30 -16.76 28.58 -10.66
CA VAL D 30 -17.70 27.63 -10.08
C VAL D 30 -17.27 27.48 -8.62
N PRO D 31 -18.19 27.73 -7.67
CA PRO D 31 -17.91 27.64 -6.23
C PRO D 31 -17.93 26.21 -5.68
N VAL D 32 -16.88 25.46 -6.01
CA VAL D 32 -16.75 24.08 -5.57
C VAL D 32 -15.38 23.76 -5.01
N ILE D 33 -15.35 22.75 -4.14
CA ILE D 33 -14.13 22.22 -3.55
C ILE D 33 -14.09 20.77 -4.09
N ILE D 34 -12.98 20.40 -4.71
CA ILE D 34 -12.79 19.07 -5.32
C ILE D 34 -11.61 18.31 -4.66
N GLU D 35 -11.86 17.09 -4.18
CA GLU D 35 -10.83 16.27 -3.52
C GLU D 35 -10.93 14.82 -4.00
N ALA D 36 -9.78 14.14 -4.09
CA ALA D 36 -9.71 12.73 -4.50
C ALA D 36 -9.34 11.92 -3.25
N PHE D 37 -9.93 10.74 -3.09
CA PHE D 37 -9.64 9.87 -1.95
C PHE D 37 -9.66 8.44 -2.43
N PRO D 38 -9.08 7.53 -1.64
CA PRO D 38 -9.07 6.11 -2.02
C PRO D 38 -10.49 5.61 -1.70
N GLU D 39 -10.91 4.54 -2.35
CA GLU D 39 -12.24 3.96 -2.13
C GLU D 39 -12.51 3.54 -0.69
N THR D 40 -11.46 3.29 0.09
CA THR D 40 -11.63 2.88 1.48
C THR D 40 -12.26 3.95 2.37
N LEU D 41 -12.19 5.21 1.94
CA LEU D 41 -12.77 6.32 2.70
C LEU D 41 -14.15 6.77 2.20
N ALA D 42 -14.74 6.07 1.21
CA ALA D 42 -16.05 6.45 0.63
C ALA D 42 -17.14 6.64 1.68
N GLY D 43 -17.12 5.80 2.71
CA GLY D 43 -18.13 5.91 3.75
C GLY D 43 -17.81 6.98 4.77
N GLU D 44 -16.53 7.16 5.08
CA GLU D 44 -16.15 8.15 6.07
C GLU D 44 -16.16 9.59 5.49
N LYS D 45 -15.52 9.77 4.34
CA LYS D 45 -15.46 11.08 3.70
C LYS D 45 -16.73 11.45 2.92
N GLY D 46 -17.38 10.46 2.32
CA GLY D 46 -18.60 10.70 1.55
C GLY D 46 -19.69 11.43 2.29
N GLN D 47 -19.77 11.23 3.60
CA GLN D 47 -20.79 11.89 4.43
C GLN D 47 -20.74 13.42 4.34
N ASN D 48 -19.59 13.97 3.95
CA ASN D 48 -19.43 15.41 3.87
C ASN D 48 -19.45 15.95 2.45
N ALA D 49 -19.66 15.08 1.48
CA ALA D 49 -19.67 15.54 0.10
C ALA D 49 -21.06 15.97 -0.30
N ASP D 50 -21.11 16.82 -1.31
CA ASP D 50 -22.38 17.25 -1.83
C ASP D 50 -22.73 16.32 -2.99
N VAL D 51 -21.69 15.73 -3.60
CA VAL D 51 -21.88 14.75 -4.67
C VAL D 51 -20.68 13.78 -4.61
N VAL D 52 -20.98 12.49 -4.70
CA VAL D 52 -19.97 11.44 -4.66
C VAL D 52 -19.78 10.85 -6.06
N LEU D 53 -18.55 10.92 -6.57
CA LEU D 53 -18.24 10.38 -7.88
C LEU D 53 -17.30 9.18 -7.73
N LEU D 54 -17.60 8.08 -8.42
CA LEU D 54 -16.75 6.88 -8.36
C LEU D 54 -15.96 6.73 -9.63
N GLY D 55 -14.69 6.35 -9.51
CA GLY D 55 -13.84 6.18 -10.68
C GLY D 55 -14.39 5.02 -11.49
N PRO D 56 -14.13 4.94 -12.76
CA PRO D 56 -14.66 3.84 -13.62
C PRO D 56 -14.24 2.42 -13.18
N GLN D 57 -13.07 2.31 -12.54
CA GLN D 57 -12.57 1.02 -12.08
C GLN D 57 -13.39 0.49 -10.90
N ILE D 58 -14.04 1.38 -10.15
CA ILE D 58 -14.82 0.94 -9.01
C ILE D 58 -16.34 1.02 -9.23
N ALA D 59 -16.75 0.99 -10.49
CA ALA D 59 -18.17 1.04 -10.83
C ALA D 59 -18.94 -0.11 -10.19
N TYR D 60 -18.34 -1.30 -10.13
CA TYR D 60 -19.04 -2.44 -9.55
C TYR D 60 -19.46 -2.21 -8.09
N MET D 61 -18.84 -1.23 -7.44
CA MET D 61 -19.15 -0.89 -6.05
C MET D 61 -20.33 0.08 -5.87
N LEU D 62 -20.89 0.58 -6.97
CA LEU D 62 -21.99 1.54 -6.90
C LEU D 62 -23.13 1.19 -5.93
N PRO D 63 -23.73 -0.02 -6.05
CA PRO D 63 -24.82 -0.37 -5.12
C PRO D 63 -24.43 -0.30 -3.65
N GLU D 64 -23.22 -0.72 -3.30
CA GLU D 64 -22.77 -0.68 -1.91
C GLU D 64 -22.60 0.74 -1.42
N ILE D 65 -22.02 1.59 -2.25
CA ILE D 65 -21.83 2.99 -1.85
C ILE D 65 -23.16 3.74 -1.71
N GLN D 66 -24.12 3.42 -2.59
CA GLN D 66 -25.46 4.00 -2.52
C GLN D 66 -26.13 3.64 -1.18
N ARG D 67 -26.00 2.39 -0.73
CA ARG D 67 -26.60 1.98 0.55
C ARG D 67 -25.89 2.63 1.74
N LEU D 68 -24.60 2.88 1.59
CA LEU D 68 -23.77 3.49 2.64
C LEU D 68 -24.11 4.97 2.82
N LEU D 69 -24.39 5.65 1.70
CA LEU D 69 -24.73 7.09 1.68
C LEU D 69 -26.11 7.27 1.01
N PRO D 70 -27.20 6.87 1.69
CA PRO D 70 -28.55 6.99 1.13
C PRO D 70 -29.03 8.44 0.93
N ASN D 71 -28.35 9.38 1.56
CA ASN D 71 -28.75 10.79 1.44
C ASN D 71 -27.82 11.63 0.57
N LYS D 72 -27.08 10.99 -0.33
CA LYS D 72 -26.14 11.69 -1.21
C LYS D 72 -26.26 11.20 -2.63
N PRO D 73 -26.13 12.10 -3.63
CA PRO D 73 -26.21 11.62 -5.02
C PRO D 73 -24.85 10.97 -5.27
N VAL D 74 -24.87 9.73 -5.75
CA VAL D 74 -23.64 8.96 -6.02
C VAL D 74 -23.64 8.48 -7.46
N GLU D 75 -22.58 8.72 -8.19
CA GLU D 75 -22.53 8.22 -9.55
C GLU D 75 -21.13 7.95 -10.07
N VAL D 76 -21.06 7.12 -11.10
CA VAL D 76 -19.80 6.72 -11.71
C VAL D 76 -19.40 7.72 -12.78
N ILE D 77 -18.11 8.03 -12.84
CA ILE D 77 -17.58 8.96 -13.83
C ILE D 77 -17.54 8.27 -15.17
N ASP D 78 -17.96 8.97 -16.21
CA ASP D 78 -17.94 8.40 -17.55
C ASP D 78 -16.51 7.95 -17.89
N SER D 79 -16.33 6.69 -18.28
CA SER D 79 -14.99 6.17 -18.58
C SER D 79 -14.18 6.90 -19.65
N LEU D 80 -14.87 7.44 -20.65
CA LEU D 80 -14.19 8.17 -21.73
C LEU D 80 -13.73 9.53 -21.23
N LEU D 81 -14.58 10.18 -20.45
CA LEU D 81 -14.26 11.49 -19.90
C LEU D 81 -13.10 11.33 -18.94
N TYR D 82 -13.10 10.21 -18.22
CA TYR D 82 -12.04 9.90 -17.25
C TYR D 82 -10.71 9.58 -17.95
N GLY D 83 -10.75 8.68 -18.92
CA GLY D 83 -9.54 8.32 -19.64
C GLY D 83 -8.87 9.50 -20.31
N LYS D 84 -9.68 10.37 -20.87
CA LYS D 84 -9.22 11.56 -21.59
C LYS D 84 -8.79 12.70 -20.65
N VAL D 85 -9.07 12.52 -19.35
CA VAL D 85 -8.77 13.52 -18.31
C VAL D 85 -9.47 14.86 -18.61
N ASP D 86 -10.76 14.77 -18.94
CA ASP D 86 -11.57 15.95 -19.28
C ASP D 86 -12.09 16.63 -18.03
N GLY D 87 -11.29 17.56 -17.51
CA GLY D 87 -11.64 18.31 -16.31
C GLY D 87 -12.94 19.07 -16.45
N LEU D 88 -13.16 19.73 -17.60
CA LEU D 88 -14.39 20.49 -17.80
C LEU D 88 -15.63 19.58 -17.87
N GLY D 89 -15.50 18.50 -18.64
CA GLY D 89 -16.59 17.56 -18.81
C GLY D 89 -17.07 16.91 -17.53
N VAL D 90 -16.12 16.49 -16.69
CA VAL D 90 -16.48 15.84 -15.42
C VAL D 90 -17.04 16.88 -14.45
N LEU D 91 -16.47 18.08 -14.49
CA LEU D 91 -16.97 19.15 -13.63
C LEU D 91 -18.46 19.39 -14.00
N LYS D 92 -18.76 19.42 -15.30
CA LYS D 92 -20.15 19.61 -15.75
C LYS D 92 -21.09 18.52 -15.24
N ALA D 93 -20.64 17.27 -15.30
CA ALA D 93 -21.47 16.14 -14.85
C ALA D 93 -21.76 16.21 -13.35
N ALA D 94 -20.78 16.72 -12.60
CA ALA D 94 -20.90 16.82 -11.15
C ALA D 94 -21.90 17.90 -10.75
N VAL D 95 -21.80 19.06 -11.40
CA VAL D 95 -22.72 20.17 -11.13
C VAL D 95 -24.13 19.69 -11.49
N ALA D 96 -24.25 18.98 -12.61
CA ALA D 96 -25.54 18.45 -13.04
C ALA D 96 -26.13 17.51 -11.99
N ALA D 97 -25.33 16.57 -11.49
CA ALA D 97 -25.85 15.64 -10.49
C ALA D 97 -26.36 16.40 -9.26
N ILE D 98 -25.70 17.51 -8.93
CA ILE D 98 -26.12 18.32 -7.78
C ILE D 98 -27.46 19.01 -8.03
N LYS D 99 -27.63 19.58 -9.24
CA LYS D 99 -28.87 20.26 -9.62
C LYS D 99 -30.01 19.26 -9.71
N LYS D 100 -29.80 18.19 -10.45
CA LYS D 100 -30.83 17.18 -10.59
C LYS D 100 -31.20 16.60 -9.22
N ALA D 101 -30.34 16.79 -8.23
CA ALA D 101 -30.58 16.28 -6.88
C ALA D 101 -31.37 17.24 -6.00
N ALA D 102 -31.14 18.54 -6.18
CA ALA D 102 -31.83 19.57 -5.43
C ALA D 102 -33.22 19.88 -6.02
N ALA D 103 -33.60 19.13 -7.06
CA ALA D 103 -34.88 19.29 -7.72
C ALA D 103 -35.05 18.26 -8.85
P PO3 E . -4.77 5.44 -7.19
O1 PO3 E . -4.76 5.98 -8.62
O2 PO3 E . -4.13 6.25 -6.08
O3 PO3 E . -5.23 4.04 -6.91
N ALA A 1 0.74 7.29 -18.60
CA ALA A 1 0.24 7.59 -19.96
C ALA A 1 -1.09 6.86 -20.17
N GLU A 2 -1.77 7.18 -21.26
CA GLU A 2 -3.08 6.58 -21.60
C GLU A 2 -3.28 5.20 -20.95
N GLU A 3 -2.80 4.17 -21.63
CA GLU A 3 -2.95 2.80 -21.13
C GLU A 3 -2.16 2.60 -19.84
N LEU A 4 -0.84 2.78 -19.91
CA LEU A 4 0.01 2.60 -18.74
C LEU A 4 -0.63 3.20 -17.48
N GLU A 5 -1.21 4.38 -17.61
CA GLU A 5 -1.84 5.05 -16.47
C GLU A 5 -3.12 4.34 -16.08
N GLU A 6 -3.94 4.01 -17.07
CA GLU A 6 -5.19 3.30 -16.82
C GLU A 6 -4.88 1.88 -16.34
N VAL A 7 -3.80 1.31 -16.88
CA VAL A 7 -3.37 -0.03 -16.50
C VAL A 7 -2.93 -0.05 -15.03
N VAL A 8 -2.20 0.99 -14.63
CA VAL A 8 -1.73 1.10 -13.25
C VAL A 8 -2.95 1.16 -12.33
N MET A 9 -3.95 1.96 -12.70
CA MET A 9 -5.17 2.06 -11.90
C MET A 9 -5.77 0.67 -11.73
N GLY A 10 -5.81 -0.09 -12.82
CA GLY A 10 -6.34 -1.45 -12.77
C GLY A 10 -5.49 -2.31 -11.83
N LEU A 11 -4.17 -2.17 -11.95
CA LEU A 11 -3.26 -2.93 -11.10
C LEU A 11 -3.45 -2.56 -9.64
N ILE A 12 -3.57 -1.27 -9.37
CA ILE A 12 -3.76 -0.80 -8.00
C ILE A 12 -5.06 -1.36 -7.46
N ILE A 13 -6.11 -1.29 -8.26
CA ILE A 13 -7.40 -1.82 -7.85
C ILE A 13 -7.30 -3.33 -7.65
N ASN A 14 -6.65 -4.01 -8.60
CA ASN A 14 -6.47 -5.45 -8.53
C ASN A 14 -5.71 -5.82 -7.26
N SER A 15 -4.61 -5.11 -7.03
CA SER A 15 -3.81 -5.35 -5.83
C SER A 15 -4.65 -5.14 -4.57
N GLY A 16 -5.44 -4.06 -4.60
CA GLY A 16 -6.32 -3.75 -3.47
C GLY A 16 -7.35 -4.86 -3.26
N GLN A 17 -7.95 -5.32 -4.36
CA GLN A 17 -8.94 -6.40 -4.27
C GLN A 17 -8.27 -7.65 -3.72
N ALA A 18 -7.05 -7.92 -4.18
CA ALA A 18 -6.31 -9.09 -3.72
C ALA A 18 -6.15 -9.04 -2.21
N ARG A 19 -5.70 -7.91 -1.69
CA ARG A 19 -5.55 -7.77 -0.25
C ARG A 19 -6.90 -7.95 0.43
N SER A 20 -7.91 -7.28 -0.11
CA SER A 20 -9.25 -7.36 0.44
C SER A 20 -9.68 -8.83 0.57
N LEU A 21 -9.47 -9.59 -0.49
CA LEU A 21 -9.81 -11.01 -0.48
C LEU A 21 -8.97 -11.74 0.58
N ALA A 22 -7.69 -11.40 0.63
CA ALA A 22 -6.79 -12.03 1.60
C ALA A 22 -7.30 -11.80 3.03
N TYR A 23 -7.59 -10.55 3.38
CA TYR A 23 -8.10 -10.25 4.72
C TYR A 23 -9.41 -11.00 4.93
N ALA A 24 -10.25 -11.03 3.90
CA ALA A 24 -11.51 -11.73 3.99
C ALA A 24 -11.24 -13.22 4.25
N ALA A 25 -10.23 -13.75 3.56
CA ALA A 25 -9.84 -15.14 3.75
C ALA A 25 -9.48 -15.38 5.21
N LEU A 26 -8.72 -14.46 5.78
CA LEU A 26 -8.32 -14.57 7.18
C LEU A 26 -9.56 -14.55 8.07
N LYS A 27 -10.48 -13.64 7.77
CA LYS A 27 -11.71 -13.53 8.54
C LYS A 27 -12.45 -14.87 8.56
N GLN A 28 -12.48 -15.54 7.41
CA GLN A 28 -13.15 -16.84 7.31
C GLN A 28 -12.48 -17.81 8.28
N ALA A 29 -11.15 -17.75 8.35
CA ALA A 29 -10.39 -18.62 9.24
C ALA A 29 -10.80 -18.38 10.69
N LYS A 30 -10.95 -17.12 11.05
CA LYS A 30 -11.36 -16.77 12.41
C LYS A 30 -12.72 -17.37 12.73
N GLN A 31 -13.58 -17.50 11.72
CA GLN A 31 -14.89 -18.08 11.93
C GLN A 31 -14.80 -19.60 11.96
N GLY A 32 -13.60 -20.12 11.77
CA GLY A 32 -13.37 -21.56 11.81
C GLY A 32 -13.71 -22.21 10.47
N ASP A 33 -13.83 -21.40 9.43
CA ASP A 33 -14.15 -21.90 8.09
C ASP A 33 -12.88 -22.06 7.26
N PHE A 34 -12.18 -23.18 7.47
CA PHE A 34 -10.93 -23.42 6.73
C PHE A 34 -11.18 -23.60 5.24
N ALA A 35 -12.31 -24.21 4.89
CA ALA A 35 -12.63 -24.46 3.49
C ALA A 35 -12.77 -23.14 2.72
N ALA A 36 -13.56 -22.23 3.26
CA ALA A 36 -13.76 -20.95 2.60
C ALA A 36 -12.46 -20.14 2.60
N ALA A 37 -11.70 -20.23 3.68
CA ALA A 37 -10.43 -19.52 3.75
C ALA A 37 -9.52 -19.99 2.60
N LYS A 38 -9.36 -21.30 2.49
CA LYS A 38 -8.53 -21.90 1.45
C LYS A 38 -8.96 -21.42 0.06
N ALA A 39 -10.26 -21.45 -0.21
CA ALA A 39 -10.77 -21.03 -1.51
C ALA A 39 -10.47 -19.57 -1.79
N MET A 40 -10.61 -18.74 -0.76
CA MET A 40 -10.36 -17.30 -0.90
C MET A 40 -8.88 -17.03 -1.18
N MET A 41 -7.98 -17.76 -0.50
CA MET A 41 -6.55 -17.56 -0.72
C MET A 41 -6.19 -17.92 -2.15
N ASP A 42 -6.77 -19.01 -2.65
CA ASP A 42 -6.47 -19.48 -3.99
C ASP A 42 -6.83 -18.42 -5.02
N GLN A 43 -8.03 -17.87 -4.88
CA GLN A 43 -8.48 -16.82 -5.80
C GLN A 43 -7.61 -15.59 -5.67
N SER A 44 -7.25 -15.24 -4.44
CA SER A 44 -6.40 -14.08 -4.20
C SER A 44 -5.06 -14.28 -4.91
N ARG A 45 -4.49 -15.47 -4.78
CA ARG A 45 -3.22 -15.82 -5.43
C ARG A 45 -3.32 -15.66 -6.95
N MET A 46 -4.40 -16.18 -7.51
CA MET A 46 -4.63 -16.11 -8.95
C MET A 46 -4.72 -14.65 -9.40
N ALA A 47 -5.41 -13.83 -8.62
CA ALA A 47 -5.56 -12.41 -8.94
C ALA A 47 -4.19 -11.74 -9.00
N LEU A 48 -3.35 -12.05 -8.02
CA LEU A 48 -2.00 -11.49 -7.95
C LEU A 48 -1.15 -11.98 -9.12
N ASN A 49 -1.29 -13.26 -9.41
CA ASN A 49 -0.51 -13.87 -10.48
C ASN A 49 -0.77 -13.15 -11.80
N GLU A 50 -2.04 -12.89 -12.07
CA GLU A 50 -2.41 -12.17 -13.29
C GLU A 50 -1.86 -10.75 -13.23
N ALA A 51 -1.97 -10.13 -12.05
CA ALA A 51 -1.47 -8.77 -11.87
C ALA A 51 0.06 -8.75 -12.05
N HIS A 52 0.73 -9.71 -11.44
CA HIS A 52 2.19 -9.81 -11.54
C HIS A 52 2.61 -10.01 -13.00
N LEU A 53 1.86 -10.83 -13.72
CA LEU A 53 2.16 -11.11 -15.12
C LEU A 53 2.11 -9.82 -15.93
N VAL A 54 1.08 -9.02 -15.68
CA VAL A 54 0.94 -7.75 -16.38
C VAL A 54 2.11 -6.84 -16.04
N GLN A 55 2.46 -6.79 -14.76
CA GLN A 55 3.59 -5.96 -14.34
C GLN A 55 4.88 -6.45 -15.01
N THR A 56 5.08 -7.76 -15.08
CA THR A 56 6.28 -8.32 -15.72
C THR A 56 6.46 -7.71 -17.11
N LYS A 57 5.37 -7.66 -17.88
CA LYS A 57 5.43 -7.06 -19.22
C LYS A 57 5.76 -5.59 -19.10
N LEU A 58 5.18 -4.94 -18.10
CA LEU A 58 5.43 -3.52 -17.90
C LEU A 58 6.87 -3.24 -17.48
N ILE A 59 7.58 -4.25 -16.98
CA ILE A 59 8.99 -4.06 -16.60
C ILE A 59 9.93 -4.47 -17.76
N GLU A 60 9.55 -5.49 -18.53
CA GLU A 60 10.37 -5.95 -19.66
C GLU A 60 10.46 -4.88 -20.74
N GLY A 61 9.34 -4.20 -21.01
CA GLY A 61 9.31 -3.17 -22.03
C GLY A 61 9.20 -1.78 -21.42
N ASP A 62 9.80 -1.60 -20.24
CA ASP A 62 9.75 -0.32 -19.54
C ASP A 62 10.49 0.78 -20.32
N ALA A 63 11.17 0.39 -21.40
CA ALA A 63 11.90 1.36 -22.21
C ALA A 63 10.97 2.06 -23.19
N GLY A 64 11.49 3.07 -23.89
CA GLY A 64 10.68 3.81 -24.86
C GLY A 64 10.81 5.32 -24.66
N GLU A 65 10.45 5.80 -23.47
CA GLU A 65 10.53 7.23 -23.19
C GLU A 65 11.97 7.72 -23.18
N GLY A 66 12.86 6.90 -22.64
CA GLY A 66 14.28 7.27 -22.58
C GLY A 66 15.15 6.04 -22.36
N LYS A 67 16.47 6.25 -22.44
CA LYS A 67 17.41 5.15 -22.27
C LYS A 67 17.39 4.63 -20.82
N MET A 68 18.11 5.32 -19.94
CA MET A 68 18.20 4.93 -18.54
C MET A 68 16.88 5.05 -17.79
N LYS A 69 16.13 6.12 -18.08
CA LYS A 69 14.87 6.35 -17.37
C LYS A 69 13.76 5.39 -17.80
N VAL A 70 12.84 5.14 -16.87
CA VAL A 70 11.71 4.23 -17.10
C VAL A 70 10.41 4.88 -16.65
N SER A 71 9.28 4.23 -16.95
CA SER A 71 7.98 4.77 -16.55
C SER A 71 7.94 4.91 -15.03
N LEU A 72 7.54 6.10 -14.57
CA LEU A 72 7.48 6.40 -13.14
C LEU A 72 6.43 5.55 -12.41
N VAL A 73 5.30 5.39 -13.07
CA VAL A 73 4.18 4.62 -12.52
C VAL A 73 4.55 3.16 -12.22
N LEU A 74 5.60 2.69 -12.86
CA LEU A 74 6.02 1.30 -12.65
C LEU A 74 6.18 1.00 -11.17
N VAL A 75 6.61 2.02 -10.43
CA VAL A 75 6.84 1.85 -9.00
C VAL A 75 5.49 1.77 -8.28
N HIS A 76 4.26 2.79 -8.66
CA HIS A 76 2.91 2.80 -8.07
C HIS A 76 2.31 1.40 -8.15
N ALA A 77 2.63 0.69 -9.23
CA ALA A 77 2.16 -0.67 -9.44
C ALA A 77 3.00 -1.66 -8.65
N GLN A 78 4.34 -1.50 -8.72
CA GLN A 78 5.23 -2.42 -8.01
C GLN A 78 5.00 -2.32 -6.51
N LEU A 79 4.96 -1.09 -6.01
CA LEU A 79 4.72 -0.86 -4.59
C LEU A 79 3.44 -1.54 -4.13
N HIS A 80 2.35 -1.32 -4.85
CA HIS A 80 1.08 -1.91 -4.47
C HIS A 80 1.12 -3.44 -4.62
N LEU A 81 1.65 -3.90 -5.74
CA LEU A 81 1.74 -5.34 -5.99
C LEU A 81 2.64 -6.04 -4.98
N MET A 82 3.80 -5.45 -4.70
CA MET A 82 4.74 -6.05 -3.75
C MET A 82 4.11 -6.14 -2.37
N THR A 83 3.46 -5.05 -1.96
CA THR A 83 2.81 -5.00 -0.65
C THR A 83 1.69 -6.04 -0.56
N SER A 84 0.84 -6.07 -1.58
CA SER A 84 -0.29 -7.01 -1.61
C SER A 84 0.20 -8.46 -1.60
N MET A 85 1.16 -8.78 -2.45
CA MET A 85 1.69 -10.14 -2.51
C MET A 85 2.26 -10.57 -1.18
N LEU A 86 3.07 -9.70 -0.59
CA LEU A 86 3.68 -10.00 0.70
C LEU A 86 2.61 -10.19 1.78
N ALA A 87 1.64 -9.28 1.79
CA ALA A 87 0.56 -9.36 2.76
C ALA A 87 -0.15 -10.70 2.67
N ARG A 88 -0.49 -11.10 1.47
CA ARG A 88 -1.18 -12.37 1.27
C ARG A 88 -0.35 -13.55 1.78
N GLU A 89 0.93 -13.57 1.45
CA GLU A 89 1.77 -14.67 1.88
C GLU A 89 1.79 -14.78 3.39
N LEU A 90 1.95 -13.65 4.06
CA LEU A 90 1.96 -13.64 5.51
C LEU A 90 0.58 -14.03 6.05
N ILE A 91 -0.46 -13.51 5.42
CA ILE A 91 -1.82 -13.85 5.84
C ILE A 91 -2.03 -15.35 5.69
N THR A 92 -1.50 -15.92 4.61
CA THR A 92 -1.60 -17.37 4.40
C THR A 92 -0.98 -18.10 5.59
N GLU A 93 0.20 -17.64 6.01
CA GLU A 93 0.88 -18.23 7.16
C GLU A 93 0.02 -18.08 8.40
N LEU A 94 -0.57 -16.89 8.56
CA LEU A 94 -1.43 -16.62 9.72
C LEU A 94 -2.62 -17.59 9.71
N ILE A 95 -3.20 -17.80 8.55
CA ILE A 95 -4.34 -18.73 8.44
C ILE A 95 -3.90 -20.14 8.83
N GLU A 96 -2.72 -20.56 8.36
CA GLU A 96 -2.22 -21.88 8.71
C GLU A 96 -2.08 -22.00 10.22
N LEU A 97 -1.64 -20.91 10.87
CA LEU A 97 -1.51 -20.92 12.32
C LEU A 97 -2.88 -21.12 12.98
N HIS A 98 -3.89 -20.46 12.44
CA HIS A 98 -5.25 -20.62 12.98
C HIS A 98 -5.63 -22.08 12.92
N GLU A 99 -5.25 -22.75 11.84
CA GLU A 99 -5.55 -24.17 11.68
C GLU A 99 -4.81 -24.98 12.74
N LYS A 100 -3.56 -24.62 13.01
CA LYS A 100 -2.79 -25.32 14.02
C LYS A 100 -3.39 -25.06 15.41
N LEU A 101 -3.92 -23.84 15.61
CA LEU A 101 -4.56 -23.49 16.88
C LEU A 101 -5.80 -24.37 17.09
N LYS A 102 -6.02 -25.30 16.15
CA LYS A 102 -7.18 -26.20 16.21
C LYS A 102 -8.43 -25.52 15.71
N ALA A 103 -8.82 -24.42 16.39
CA ALA A 103 -10.03 -23.67 16.04
C ALA A 103 -10.30 -23.65 14.53
N ALA B 1 22.66 3.11 -13.51
CA ALA B 1 23.97 3.34 -14.19
C ALA B 1 24.86 2.13 -13.94
N GLU B 2 26.00 2.08 -14.64
CA GLU B 2 26.95 0.97 -14.53
C GLU B 2 26.86 0.24 -13.18
N GLU B 3 27.57 0.74 -12.19
CA GLU B 3 27.58 0.13 -10.87
C GLU B 3 26.22 0.21 -10.20
N LEU B 4 25.72 1.44 -10.02
CA LEU B 4 24.42 1.61 -9.38
C LEU B 4 23.38 0.61 -9.91
N GLU B 5 23.37 0.41 -11.22
CA GLU B 5 22.42 -0.52 -11.83
C GLU B 5 22.76 -1.95 -11.47
N GLU B 6 24.03 -2.30 -11.57
CA GLU B 6 24.50 -3.63 -11.23
C GLU B 6 24.38 -3.85 -9.73
N VAL B 7 24.60 -2.79 -8.97
CA VAL B 7 24.51 -2.85 -7.52
C VAL B 7 23.05 -3.11 -7.10
N VAL B 8 22.12 -2.44 -7.77
CA VAL B 8 20.69 -2.63 -7.49
C VAL B 8 20.33 -4.08 -7.74
N MET B 9 20.80 -4.63 -8.86
CA MET B 9 20.52 -6.03 -9.18
C MET B 9 21.01 -6.91 -8.03
N GLY B 10 22.21 -6.62 -7.53
CA GLY B 10 22.75 -7.37 -6.41
C GLY B 10 21.86 -7.21 -5.19
N LEU B 11 21.44 -5.98 -4.93
CA LEU B 11 20.56 -5.70 -3.79
C LEU B 11 19.24 -6.44 -3.93
N ILE B 12 18.67 -6.41 -5.13
CA ILE B 12 17.40 -7.09 -5.38
C ILE B 12 17.57 -8.58 -5.14
N ILE B 13 18.66 -9.12 -5.68
CA ILE B 13 18.94 -10.54 -5.50
C ILE B 13 19.17 -10.83 -4.02
N ASN B 14 19.95 -9.98 -3.36
CA ASN B 14 20.24 -10.16 -1.94
C ASN B 14 18.94 -10.10 -1.13
N SER B 15 18.11 -9.11 -1.42
CA SER B 15 16.83 -8.99 -0.74
C SER B 15 15.98 -10.23 -0.97
N GLY B 16 15.99 -10.71 -2.22
CA GLY B 16 15.23 -11.91 -2.57
C GLY B 16 15.76 -13.12 -1.81
N GLN B 17 17.08 -13.25 -1.75
CA GLN B 17 17.68 -14.37 -1.03
C GLN B 17 17.31 -14.28 0.45
N ALA B 18 17.35 -13.06 0.98
CA ALA B 18 17.00 -12.84 2.37
C ALA B 18 15.60 -13.36 2.66
N ARG B 19 14.64 -12.97 1.84
CA ARG B 19 13.27 -13.44 2.02
C ARG B 19 13.24 -14.96 1.90
N SER B 20 13.90 -15.47 0.86
CA SER B 20 13.94 -16.91 0.64
C SER B 20 14.41 -17.63 1.89
N LEU B 21 15.50 -17.13 2.48
CA LEU B 21 16.04 -17.73 3.71
C LEU B 21 15.01 -17.60 4.83
N ALA B 22 14.37 -16.44 4.93
CA ALA B 22 13.37 -16.20 5.97
C ALA B 22 12.24 -17.23 5.85
N TYR B 23 11.67 -17.38 4.65
CA TYR B 23 10.60 -18.36 4.46
C TYR B 23 11.12 -19.75 4.79
N ALA B 24 12.36 -20.04 4.38
CA ALA B 24 12.95 -21.33 4.67
C ALA B 24 13.06 -21.49 6.19
N ALA B 25 13.43 -20.41 6.87
CA ALA B 25 13.53 -20.43 8.33
C ALA B 25 12.18 -20.80 8.92
N LEU B 26 11.12 -20.21 8.39
CA LEU B 26 9.78 -20.50 8.86
C LEU B 26 9.45 -21.97 8.62
N LYS B 27 9.80 -22.46 7.44
CA LYS B 27 9.55 -23.86 7.11
C LYS B 27 10.21 -24.78 8.14
N GLN B 28 11.43 -24.43 8.54
CA GLN B 28 12.13 -25.23 9.56
C GLN B 28 11.31 -25.26 10.84
N ALA B 29 10.74 -24.11 11.19
CA ALA B 29 9.91 -24.02 12.40
C ALA B 29 8.73 -24.97 12.31
N LYS B 30 8.09 -25.01 11.14
CA LYS B 30 6.95 -25.90 10.94
C LYS B 30 7.36 -27.35 11.16
N GLN B 31 8.62 -27.67 10.83
CA GLN B 31 9.10 -29.04 11.01
C GLN B 31 9.46 -29.28 12.48
N GLY B 32 9.32 -28.24 13.29
CA GLY B 32 9.63 -28.35 14.72
C GLY B 32 11.13 -28.18 14.99
N ASP B 33 11.86 -27.66 14.00
CA ASP B 33 13.29 -27.46 14.14
C ASP B 33 13.60 -26.02 14.53
N PHE B 34 13.47 -25.71 15.81
CA PHE B 34 13.73 -24.34 16.29
C PHE B 34 15.18 -23.94 16.10
N ALA B 35 16.09 -24.90 16.27
CA ALA B 35 17.52 -24.60 16.15
C ALA B 35 17.86 -24.12 14.74
N ALA B 36 17.43 -24.87 13.74
CA ALA B 36 17.71 -24.50 12.36
C ALA B 36 16.98 -23.20 12.01
N ALA B 37 15.77 -23.03 12.51
CA ALA B 37 15.03 -21.80 12.24
C ALA B 37 15.82 -20.61 12.74
N LYS B 38 16.23 -20.68 14.02
CA LYS B 38 17.01 -19.60 14.63
C LYS B 38 18.27 -19.27 13.81
N ALA B 39 18.99 -20.29 13.40
CA ALA B 39 20.21 -20.10 12.61
C ALA B 39 19.91 -19.41 11.28
N MET B 40 18.83 -19.82 10.64
CA MET B 40 18.44 -19.26 9.36
C MET B 40 18.05 -17.78 9.51
N MET B 41 17.32 -17.45 10.57
CA MET B 41 16.92 -16.06 10.78
C MET B 41 18.15 -15.17 10.97
N ASP B 42 19.12 -15.68 11.73
CA ASP B 42 20.33 -14.93 12.01
C ASP B 42 21.06 -14.57 10.73
N GLN B 43 21.21 -15.58 9.86
CA GLN B 43 21.88 -15.36 8.59
C GLN B 43 21.08 -14.40 7.72
N SER B 44 19.76 -14.54 7.73
CA SER B 44 18.91 -13.65 6.95
C SER B 44 19.13 -12.20 7.41
N ARG B 45 19.14 -12.00 8.73
CA ARG B 45 19.35 -10.68 9.30
C ARG B 45 20.69 -10.09 8.83
N MET B 46 21.74 -10.90 8.89
CA MET B 46 23.07 -10.45 8.49
C MET B 46 23.05 -10.04 7.02
N ALA B 47 22.37 -10.84 6.20
CA ALA B 47 22.27 -10.53 4.77
C ALA B 47 21.58 -9.19 4.56
N LEU B 48 20.50 -8.97 5.31
CA LEU B 48 19.75 -7.72 5.21
C LEU B 48 20.59 -6.55 5.72
N ASN B 49 21.30 -6.78 6.81
CA ASN B 49 22.13 -5.75 7.40
C ASN B 49 23.18 -5.26 6.40
N GLU B 50 23.83 -6.19 5.73
CA GLU B 50 24.82 -5.83 4.72
C GLU B 50 24.17 -5.10 3.57
N ALA B 51 23.00 -5.58 3.17
CA ALA B 51 22.25 -4.96 2.08
C ALA B 51 21.83 -3.54 2.48
N HIS B 52 21.32 -3.41 3.70
CA HIS B 52 20.88 -2.11 4.21
C HIS B 52 22.06 -1.13 4.27
N LEU B 53 23.22 -1.64 4.69
CA LEU B 53 24.42 -0.80 4.79
C LEU B 53 24.77 -0.23 3.41
N VAL B 54 24.71 -1.09 2.40
CA VAL B 54 25.03 -0.66 1.04
C VAL B 54 24.01 0.40 0.61
N GLN B 55 22.73 0.16 0.90
CA GLN B 55 21.70 1.13 0.53
C GLN B 55 21.96 2.45 1.25
N THR B 56 22.32 2.39 2.54
CA THR B 56 22.60 3.61 3.30
C THR B 56 23.57 4.50 2.53
N LYS B 57 24.65 3.90 2.04
CA LYS B 57 25.62 4.66 1.25
C LYS B 57 24.97 5.20 -0.01
N LEU B 58 24.12 4.39 -0.61
CA LEU B 58 23.44 4.78 -1.84
C LEU B 58 22.45 5.93 -1.59
N ILE B 59 22.02 6.12 -0.32
CA ILE B 59 21.11 7.23 -0.01
C ILE B 59 21.88 8.48 0.45
N GLU B 60 23.00 8.27 1.16
CA GLU B 60 23.81 9.39 1.64
C GLU B 60 24.42 10.17 0.46
N GLY B 61 24.86 9.43 -0.55
CA GLY B 61 25.49 10.05 -1.72
C GLY B 61 24.59 9.96 -2.95
N ASP B 62 23.28 10.02 -2.73
CA ASP B 62 22.32 9.93 -3.82
C ASP B 62 22.41 11.14 -4.77
N ALA B 63 23.21 12.12 -4.40
CA ALA B 63 23.36 13.32 -5.23
C ALA B 63 24.37 13.07 -6.34
N GLY B 64 24.50 14.03 -7.26
CA GLY B 64 25.44 13.90 -8.37
C GLY B 64 24.78 14.23 -9.71
N GLU B 65 23.73 13.48 -10.05
CA GLU B 65 23.03 13.70 -11.32
C GLU B 65 22.34 15.07 -11.33
N GLY B 66 21.76 15.45 -10.20
CA GLY B 66 21.07 16.73 -10.11
C GLY B 66 20.91 17.16 -8.66
N LYS B 67 20.42 18.38 -8.47
CA LYS B 67 20.23 18.92 -7.13
C LYS B 67 19.13 18.16 -6.38
N MET B 68 17.88 18.54 -6.66
CA MET B 68 16.72 17.93 -6.01
C MET B 68 16.52 16.47 -6.40
N LYS B 69 16.75 16.13 -7.66
CA LYS B 69 16.54 14.76 -8.14
C LYS B 69 17.62 13.80 -7.64
N VAL B 70 17.22 12.52 -7.52
CA VAL B 70 18.11 11.47 -7.05
C VAL B 70 18.02 10.24 -7.98
N SER B 71 18.89 9.26 -7.76
CA SER B 71 18.88 8.05 -8.59
C SER B 71 17.52 7.37 -8.49
N LEU B 72 16.93 7.04 -9.64
CA LEU B 72 15.60 6.45 -9.66
C LEU B 72 15.59 5.04 -9.04
N VAL B 73 16.65 4.30 -9.35
CA VAL B 73 16.80 2.93 -8.88
C VAL B 73 16.83 2.84 -7.34
N LEU B 74 17.12 3.96 -6.69
CA LEU B 74 17.19 3.97 -5.23
C LEU B 74 15.91 3.41 -4.62
N VAL B 75 14.79 3.77 -5.25
CA VAL B 75 13.49 3.30 -4.79
C VAL B 75 13.38 1.80 -5.02
N HIS B 76 13.85 1.25 -6.25
CA HIS B 76 13.78 -0.18 -6.53
C HIS B 76 14.48 -0.98 -5.43
N ALA B 77 15.66 -0.51 -5.03
CA ALA B 77 16.39 -1.18 -3.96
C ALA B 77 15.69 -1.00 -2.63
N GLN B 78 15.18 0.20 -2.38
CA GLN B 78 14.48 0.49 -1.13
C GLN B 78 13.22 -0.36 -1.03
N LEU B 79 12.44 -0.39 -2.12
CA LEU B 79 11.22 -1.18 -2.14
C LEU B 79 11.49 -2.65 -1.82
N HIS B 80 12.48 -3.23 -2.48
CA HIS B 80 12.80 -4.62 -2.24
C HIS B 80 13.36 -4.83 -0.84
N LEU B 81 14.27 -3.95 -0.44
CA LEU B 81 14.88 -4.06 0.89
C LEU B 81 13.85 -3.85 2.00
N MET B 82 13.00 -2.85 1.86
CA MET B 82 11.98 -2.57 2.87
C MET B 82 11.02 -3.75 3.01
N THR B 83 10.59 -4.28 1.87
CA THR B 83 9.67 -5.41 1.87
C THR B 83 10.32 -6.64 2.50
N SER B 84 11.55 -6.94 2.10
CA SER B 84 12.26 -8.09 2.64
C SER B 84 12.50 -7.97 4.14
N MET B 85 12.97 -6.81 4.58
CA MET B 85 13.24 -6.60 6.01
C MET B 85 11.96 -6.76 6.83
N LEU B 86 10.89 -6.14 6.36
CA LEU B 86 9.61 -6.21 7.06
C LEU B 86 9.11 -7.65 7.12
N ALA B 87 9.17 -8.33 5.98
CA ALA B 87 8.72 -9.71 5.90
C ALA B 87 9.49 -10.58 6.88
N ARG B 88 10.79 -10.44 6.86
CA ARG B 88 11.65 -11.22 7.75
C ARG B 88 11.28 -10.97 9.21
N GLU B 89 11.08 -9.70 9.59
CA GLU B 89 10.75 -9.38 10.97
C GLU B 89 9.43 -10.05 11.37
N LEU B 90 8.44 -9.96 10.50
CA LEU B 90 7.14 -10.56 10.78
C LEU B 90 7.28 -12.08 10.84
N ILE B 91 8.06 -12.63 9.92
CA ILE B 91 8.30 -14.07 9.91
C ILE B 91 8.95 -14.49 11.23
N THR B 92 9.86 -13.66 11.73
CA THR B 92 10.50 -13.96 13.02
C THR B 92 9.43 -14.07 14.09
N GLU B 93 8.49 -13.13 14.09
CA GLU B 93 7.40 -13.15 15.06
C GLU B 93 6.58 -14.43 14.88
N LEU B 94 6.30 -14.77 13.62
CA LEU B 94 5.54 -15.99 13.33
C LEU B 94 6.27 -17.21 13.87
N ILE B 95 7.59 -17.26 13.68
CA ILE B 95 8.36 -18.38 14.19
C ILE B 95 8.28 -18.46 15.71
N GLU B 96 8.36 -17.30 16.37
CA GLU B 96 8.25 -17.27 17.83
C GLU B 96 6.90 -17.85 18.25
N LEU B 97 5.86 -17.54 17.49
CA LEU B 97 4.52 -18.05 17.79
C LEU B 97 4.52 -19.58 17.69
N HIS B 98 5.19 -20.10 16.66
CA HIS B 98 5.27 -21.55 16.50
C HIS B 98 5.89 -22.17 17.75
N GLU B 99 6.90 -21.48 18.28
CA GLU B 99 7.55 -21.95 19.50
C GLU B 99 6.58 -21.94 20.66
N LYS B 100 5.77 -20.88 20.77
CA LYS B 100 4.79 -20.80 21.84
C LYS B 100 3.72 -21.88 21.65
N LEU B 101 3.39 -22.19 20.39
CA LEU B 101 2.42 -23.25 20.11
C LEU B 101 2.96 -24.60 20.58
N LYS B 102 4.13 -24.57 21.21
CA LYS B 102 4.77 -25.78 21.72
C LYS B 102 5.49 -26.51 20.59
N ALA B 103 4.71 -26.92 19.58
CA ALA B 103 5.25 -27.67 18.43
C ALA B 103 6.64 -27.19 18.04
N ALA C 1 11.12 19.25 -2.05
CA ALA C 1 11.16 20.74 -1.98
C ALA C 1 10.96 21.17 -0.54
N GLU C 2 11.18 22.45 -0.27
CA GLU C 2 11.04 23.02 1.08
C GLU C 2 10.10 22.22 1.98
N GLU C 3 8.81 22.51 1.89
CA GLU C 3 7.83 21.81 2.71
C GLU C 3 7.73 20.34 2.34
N LEU C 4 7.37 20.07 1.08
CA LEU C 4 7.24 18.68 0.63
C LEU C 4 8.38 17.80 1.16
N GLU C 5 9.60 18.32 1.11
CA GLU C 5 10.76 17.57 1.58
C GLU C 5 10.74 17.43 3.10
N GLU C 6 10.47 18.53 3.78
CA GLU C 6 10.41 18.52 5.24
C GLU C 6 9.19 17.70 5.68
N VAL C 7 8.12 17.78 4.89
CA VAL C 7 6.90 17.04 5.17
C VAL C 7 7.17 15.53 5.06
N VAL C 8 7.92 15.14 4.03
CA VAL C 8 8.27 13.74 3.83
C VAL C 8 9.06 13.24 5.04
N MET C 9 10.02 14.04 5.50
CA MET C 9 10.80 13.67 6.66
C MET C 9 9.87 13.40 7.84
N GLY C 10 8.88 14.29 8.01
CA GLY C 10 7.91 14.13 9.08
C GLY C 10 7.12 12.84 8.88
N LEU C 11 6.71 12.59 7.65
CA LEU C 11 5.94 11.37 7.33
C LEU C 11 6.79 10.14 7.59
N ILE C 12 8.05 10.18 7.18
CA ILE C 12 8.94 9.04 7.37
C ILE C 12 9.11 8.78 8.87
N ILE C 13 9.32 9.87 9.61
CA ILE C 13 9.47 9.76 11.06
C ILE C 13 8.16 9.23 11.66
N ASN C 14 7.05 9.81 11.22
CA ASN C 14 5.73 9.40 11.72
C ASN C 14 5.50 7.92 11.43
N SER C 15 5.79 7.51 10.19
CA SER C 15 5.63 6.11 9.81
C SER C 15 6.52 5.24 10.68
N GLY C 16 7.76 5.70 10.90
CA GLY C 16 8.70 4.95 11.73
C GLY C 16 8.18 4.84 13.16
N GLN C 17 7.67 5.95 13.70
CA GLN C 17 7.13 5.92 15.06
C GLN C 17 5.95 4.97 15.12
N ALA C 18 5.12 5.01 14.08
CA ALA C 18 3.96 4.14 14.02
C ALA C 18 4.38 2.67 14.15
N ARG C 19 5.36 2.27 13.33
CA ARG C 19 5.84 0.91 13.40
C ARG C 19 6.41 0.63 14.79
N SER C 20 7.21 1.57 15.28
CA SER C 20 7.81 1.41 16.60
C SER C 20 6.73 1.13 17.65
N LEU C 21 5.66 1.92 17.61
CA LEU C 21 4.56 1.74 18.54
C LEU C 21 3.92 0.37 18.33
N ALA C 22 3.73 0.00 17.06
CA ALA C 22 3.13 -1.29 16.73
C ALA C 22 3.96 -2.44 17.33
N TYR C 23 5.27 -2.43 17.07
CA TYR C 23 6.14 -3.47 17.64
C TYR C 23 6.05 -3.45 19.16
N ALA C 24 6.03 -2.24 19.72
CA ALA C 24 5.92 -2.11 21.17
C ALA C 24 4.59 -2.72 21.62
N ALA C 25 3.54 -2.47 20.85
CA ALA C 25 2.23 -3.03 21.16
C ALA C 25 2.31 -4.55 21.21
N LEU C 26 3.01 -5.12 20.24
CA LEU C 26 3.19 -6.57 20.18
C LEU C 26 3.95 -7.05 21.42
N LYS C 27 4.99 -6.31 21.77
CA LYS C 27 5.79 -6.66 22.94
C LYS C 27 4.90 -6.72 24.19
N GLN C 28 3.99 -5.77 24.31
CA GLN C 28 3.06 -5.75 25.44
C GLN C 28 2.26 -7.04 25.47
N ALA C 29 1.82 -7.47 24.27
CA ALA C 29 1.05 -8.70 24.16
C ALA C 29 1.85 -9.89 24.67
N LYS C 30 3.13 -9.94 24.30
CA LYS C 30 3.99 -11.02 24.76
C LYS C 30 4.07 -11.06 26.28
N GLN C 31 3.98 -9.88 26.90
CA GLN C 31 4.04 -9.80 28.36
C GLN C 31 2.67 -10.17 28.96
N GLY C 32 1.71 -10.44 28.08
CA GLY C 32 0.36 -10.83 28.53
C GLY C 32 -0.47 -9.60 28.89
N ASP C 33 -0.04 -8.43 28.44
CA ASP C 33 -0.76 -7.18 28.70
C ASP C 33 -1.63 -6.80 27.51
N PHE C 34 -2.80 -7.41 27.42
CA PHE C 34 -3.71 -7.14 26.31
C PHE C 34 -4.22 -5.70 26.34
N ALA C 35 -4.43 -5.17 27.54
CA ALA C 35 -4.94 -3.81 27.68
C ALA C 35 -3.97 -2.79 27.08
N ALA C 36 -2.71 -2.89 27.47
CA ALA C 36 -1.71 -1.96 26.96
C ALA C 36 -1.50 -2.17 25.47
N ALA C 37 -1.55 -3.42 25.02
CA ALA C 37 -1.38 -3.71 23.60
C ALA C 37 -2.48 -3.00 22.81
N LYS C 38 -3.72 -3.21 23.22
CA LYS C 38 -4.87 -2.59 22.57
C LYS C 38 -4.72 -1.07 22.49
N ALA C 39 -4.32 -0.45 23.61
CA ALA C 39 -4.16 1.00 23.65
C ALA C 39 -3.06 1.46 22.68
N MET C 40 -1.96 0.72 22.64
CA MET C 40 -0.85 1.06 21.77
C MET C 40 -1.25 0.92 20.30
N MET C 41 -2.03 -0.11 19.99
CA MET C 41 -2.48 -0.31 18.61
C MET C 41 -3.35 0.85 18.16
N ASP C 42 -4.25 1.28 19.04
CA ASP C 42 -5.17 2.36 18.72
C ASP C 42 -4.41 3.63 18.38
N GLN C 43 -3.42 3.97 19.21
CA GLN C 43 -2.61 5.16 18.97
C GLN C 43 -1.83 5.03 17.67
N SER C 44 -1.30 3.85 17.42
CA SER C 44 -0.55 3.60 16.19
C SER C 44 -1.44 3.87 14.98
N ARG C 45 -2.67 3.32 15.03
CA ARG C 45 -3.64 3.50 13.96
C ARG C 45 -3.93 4.99 13.72
N MET C 46 -4.14 5.72 14.81
CA MET C 46 -4.43 7.15 14.72
C MET C 46 -3.26 7.89 14.08
N ALA C 47 -2.04 7.51 14.47
CA ALA C 47 -0.84 8.14 13.91
C ALA C 47 -0.78 7.91 12.40
N LEU C 48 -1.08 6.68 11.98
CA LEU C 48 -1.07 6.33 10.57
C LEU C 48 -2.17 7.06 9.82
N ASN C 49 -3.34 7.15 10.45
CA ASN C 49 -4.48 7.81 9.84
C ASN C 49 -4.14 9.27 9.52
N GLU C 50 -3.51 9.95 10.47
CA GLU C 50 -3.11 11.33 10.26
C GLU C 50 -2.06 11.41 9.16
N ALA C 51 -1.13 10.47 9.19
CA ALA C 51 -0.07 10.43 8.18
C ALA C 51 -0.67 10.15 6.80
N HIS C 52 -1.58 9.19 6.74
CA HIS C 52 -2.25 8.85 5.48
C HIS C 52 -3.02 10.05 4.94
N LEU C 53 -3.69 10.78 5.83
CA LEU C 53 -4.47 11.95 5.43
C LEU C 53 -3.56 12.98 4.76
N VAL C 54 -2.39 13.20 5.35
CA VAL C 54 -1.45 14.16 4.80
C VAL C 54 -0.99 13.67 3.43
N GLN C 55 -0.69 12.38 3.32
CA GLN C 55 -0.26 11.82 2.04
C GLN C 55 -1.38 11.99 1.00
N THR C 56 -2.62 11.74 1.41
CA THR C 56 -3.76 11.88 0.48
C THR C 56 -3.70 13.25 -0.19
N LYS C 57 -3.50 14.29 0.60
CA LYS C 57 -3.40 15.64 0.05
C LYS C 57 -2.20 15.73 -0.88
N LEU C 58 -1.11 15.09 -0.49
CA LEU C 58 0.10 15.11 -1.29
C LEU C 58 -0.08 14.35 -2.61
N ILE C 59 -1.09 13.47 -2.70
CA ILE C 59 -1.33 12.76 -3.95
C ILE C 59 -2.40 13.48 -4.79
N GLU C 60 -3.38 14.10 -4.14
CA GLU C 60 -4.43 14.83 -4.87
C GLU C 60 -3.85 16.03 -5.60
N GLY C 61 -2.89 16.71 -4.98
CA GLY C 61 -2.28 17.89 -5.57
C GLY C 61 -0.83 17.62 -5.97
N ASP C 62 -0.56 16.41 -6.41
CA ASP C 62 0.79 16.03 -6.80
C ASP C 62 1.22 16.75 -8.06
N ALA C 63 0.31 17.49 -8.68
CA ALA C 63 0.63 18.24 -9.90
C ALA C 63 1.30 19.56 -9.56
N GLY C 64 1.78 20.26 -10.59
CA GLY C 64 2.43 21.56 -10.39
C GLY C 64 3.77 21.63 -11.13
N GLU C 65 4.69 20.71 -10.81
CA GLU C 65 5.99 20.70 -11.45
C GLU C 65 5.87 20.38 -12.94
N GLY C 66 4.99 19.45 -13.27
CA GLY C 66 4.80 19.05 -14.66
C GLY C 66 3.45 18.36 -14.86
N LYS C 67 3.12 18.09 -16.11
CA LYS C 67 1.85 17.44 -16.43
C LYS C 67 1.83 16.00 -15.92
N MET C 68 2.44 15.10 -16.70
CA MET C 68 2.48 13.68 -16.36
C MET C 68 3.31 13.38 -15.12
N LYS C 69 4.45 14.07 -14.97
CA LYS C 69 5.34 13.83 -13.84
C LYS C 69 4.79 14.36 -12.52
N VAL C 70 5.20 13.71 -11.43
CA VAL C 70 4.76 14.07 -10.08
C VAL C 70 5.96 14.16 -9.13
N SER C 71 5.72 14.64 -7.91
CA SER C 71 6.80 14.75 -6.93
C SER C 71 7.42 13.38 -6.68
N LEU C 72 8.74 13.30 -6.77
CA LEU C 72 9.45 12.03 -6.61
C LEU C 72 9.31 11.48 -5.19
N VAL C 73 9.40 12.39 -4.22
CA VAL C 73 9.33 12.04 -2.80
C VAL C 73 8.00 11.37 -2.44
N LEU C 74 6.99 11.57 -3.26
CA LEU C 74 5.67 10.98 -3.00
C LEU C 74 5.79 9.49 -2.75
N VAL C 75 6.65 8.86 -3.53
CA VAL C 75 6.87 7.43 -3.42
C VAL C 75 7.55 7.13 -2.08
N HIS C 76 8.61 7.95 -1.65
CA HIS C 76 9.31 7.74 -0.39
C HIS C 76 8.31 7.71 0.76
N ALA C 77 7.38 8.65 0.76
CA ALA C 77 6.36 8.70 1.80
C ALA C 77 5.39 7.53 1.66
N GLN C 78 5.03 7.21 0.41
CA GLN C 78 4.11 6.11 0.16
C GLN C 78 4.74 4.78 0.59
N LEU C 79 5.99 4.58 0.19
CA LEU C 79 6.71 3.36 0.55
C LEU C 79 6.75 3.17 2.06
N HIS C 80 7.13 4.21 2.79
CA HIS C 80 7.20 4.12 4.24
C HIS C 80 5.81 3.94 4.85
N LEU C 81 4.87 4.73 4.38
CA LEU C 81 3.50 4.67 4.89
C LEU C 81 2.85 3.31 4.59
N MET C 82 3.01 2.84 3.37
CA MET C 82 2.42 1.55 2.98
C MET C 82 3.01 0.42 3.82
N THR C 83 4.32 0.45 3.99
CA THR C 83 5.00 -0.58 4.76
C THR C 83 4.54 -0.55 6.22
N SER C 84 4.53 0.64 6.80
CA SER C 84 4.12 0.80 8.20
C SER C 84 2.67 0.37 8.42
N MET C 85 1.76 0.84 7.56
CA MET C 85 0.35 0.48 7.70
C MET C 85 0.16 -1.04 7.61
N LEU C 86 0.80 -1.65 6.63
CA LEU C 86 0.70 -3.09 6.43
C LEU C 86 1.24 -3.83 7.65
N ALA C 87 2.42 -3.42 8.10
CA ALA C 87 3.05 -4.04 9.25
C ALA C 87 2.13 -3.96 10.47
N ARG C 88 1.61 -2.77 10.71
CA ARG C 88 0.74 -2.55 11.84
C ARG C 88 -0.50 -3.47 11.77
N GLU C 89 -1.11 -3.56 10.59
CA GLU C 89 -2.29 -4.42 10.44
C GLU C 89 -1.95 -5.88 10.74
N LEU C 90 -0.82 -6.35 10.20
CA LEU C 90 -0.40 -7.72 10.44
C LEU C 90 -0.07 -7.92 11.91
N ILE C 91 0.60 -6.95 12.49
CA ILE C 91 0.95 -7.02 13.90
C ILE C 91 -0.33 -7.12 14.73
N THR C 92 -1.36 -6.39 14.32
CA THR C 92 -2.64 -6.46 15.02
C THR C 92 -3.15 -7.89 14.99
N GLU C 93 -3.06 -8.53 13.83
CA GLU C 93 -3.50 -9.92 13.70
C GLU C 93 -2.66 -10.82 14.62
N LEU C 94 -1.36 -10.56 14.63
CA LEU C 94 -0.45 -11.34 15.47
C LEU C 94 -0.84 -11.20 16.94
N ILE C 95 -1.16 -9.98 17.35
CA ILE C 95 -1.57 -9.73 18.73
C ILE C 95 -2.86 -10.51 19.05
N GLU C 96 -3.80 -10.48 18.12
CA GLU C 96 -5.05 -11.21 18.31
C GLU C 96 -4.75 -12.70 18.53
N LEU C 97 -3.78 -13.21 17.77
CA LEU C 97 -3.39 -14.61 17.91
C LEU C 97 -2.85 -14.87 19.32
N HIS C 98 -2.05 -13.94 19.83
CA HIS C 98 -1.52 -14.09 21.18
C HIS C 98 -2.68 -14.22 22.16
N GLU C 99 -3.73 -13.44 21.92
CA GLU C 99 -4.90 -13.49 22.78
C GLU C 99 -5.57 -14.87 22.68
N LYS C 100 -5.65 -15.41 21.46
CA LYS C 100 -6.25 -16.72 21.29
C LYS C 100 -5.38 -17.78 21.95
N LEU C 101 -4.05 -17.58 21.91
CA LEU C 101 -3.12 -18.52 22.55
C LEU C 101 -3.37 -18.53 24.06
N LYS C 102 -4.36 -17.76 24.51
CA LYS C 102 -4.70 -17.67 25.93
C LYS C 102 -3.78 -16.68 26.63
N ALA C 103 -2.48 -16.99 26.61
CA ALA C 103 -1.45 -16.16 27.26
C ALA C 103 -1.80 -14.67 27.21
N LYS D 1 -19.97 26.95 -1.17
CA LYS D 1 -19.08 26.05 -1.96
C LYS D 1 -19.44 24.59 -1.78
N LYS D 2 -19.77 23.94 -2.87
CA LYS D 2 -20.15 22.54 -2.84
C LYS D 2 -18.93 21.62 -2.88
N HIS D 3 -19.02 20.49 -2.19
CA HIS D 3 -17.93 19.52 -2.13
C HIS D 3 -18.12 18.37 -3.08
N ILE D 4 -17.20 18.26 -4.03
CA ILE D 4 -17.22 17.18 -4.99
C ILE D 4 -16.07 16.24 -4.61
N TYR D 5 -16.39 15.03 -4.18
CA TYR D 5 -15.38 14.06 -3.78
C TYR D 5 -15.33 12.90 -4.76
N LEU D 6 -14.13 12.60 -5.26
CA LEU D 6 -13.90 11.48 -6.19
C LEU D 6 -13.25 10.35 -5.40
N PHE D 7 -13.56 9.09 -5.76
CA PHE D 7 -12.86 7.96 -5.13
C PHE D 7 -12.19 7.07 -6.17
N CYS D 8 -11.03 6.50 -5.77
CA CYS D 8 -10.28 5.49 -6.50
C CYS D 8 -9.59 4.53 -5.52
N SER D 9 -8.55 3.79 -5.86
CA SER D 9 -8.04 2.91 -4.80
C SER D 9 -7.15 3.67 -3.83
N ALA D 10 -6.13 4.40 -4.33
CA ALA D 10 -5.22 5.10 -3.43
C ALA D 10 -5.47 6.59 -3.49
N GLY D 11 -5.83 7.09 -4.68
CA GLY D 11 -6.13 8.49 -4.87
C GLY D 11 -5.11 9.18 -5.78
N MET D 12 -4.46 8.44 -6.70
CA MET D 12 -3.46 9.07 -7.56
C MET D 12 -3.98 9.29 -8.98
N SER D 13 -4.06 8.24 -9.73
CA SER D 13 -4.50 8.36 -11.13
C SER D 13 -5.71 9.30 -11.26
N THR D 14 -6.46 9.49 -10.17
CA THR D 14 -7.63 10.37 -10.29
C THR D 14 -7.22 11.77 -9.88
N SER D 15 -6.09 11.83 -9.22
CA SER D 15 -5.48 13.09 -8.76
C SER D 15 -5.20 14.03 -9.93
N LEU D 16 -4.82 13.46 -11.06
CA LEU D 16 -4.55 14.26 -12.24
C LEU D 16 -5.88 14.86 -12.76
N LEU D 17 -6.96 14.07 -12.72
CA LEU D 17 -8.28 14.55 -13.14
C LEU D 17 -8.75 15.68 -12.19
N VAL D 18 -8.54 15.48 -10.88
CA VAL D 18 -8.91 16.50 -9.89
C VAL D 18 -8.18 17.83 -10.15
N SER D 19 -6.89 17.79 -10.47
CA SER D 19 -6.17 19.03 -10.74
C SER D 19 -6.73 19.77 -11.98
N LYS D 20 -7.12 19.03 -13.02
CA LYS D 20 -7.71 19.66 -14.20
C LYS D 20 -9.12 20.20 -13.91
N MET D 21 -9.87 19.50 -13.07
CA MET D 21 -11.22 20.00 -12.73
C MET D 21 -11.08 21.31 -11.94
N ARG D 22 -10.13 21.39 -11.02
CA ARG D 22 -9.91 22.60 -10.21
C ARG D 22 -9.56 23.79 -11.12
N ALA D 23 -8.79 23.54 -12.18
CA ALA D 23 -8.39 24.59 -13.11
C ALA D 23 -9.63 25.14 -13.81
N GLN D 24 -10.50 24.24 -14.24
CA GLN D 24 -11.72 24.61 -14.91
C GLN D 24 -12.67 25.35 -14.00
N ALA D 25 -12.80 24.88 -12.77
CA ALA D 25 -13.69 25.53 -11.80
C ALA D 25 -13.24 26.96 -11.55
N GLU D 26 -11.93 27.20 -11.60
CA GLU D 26 -11.39 28.54 -11.36
C GLU D 26 -11.65 29.43 -12.57
N LYS D 27 -11.43 28.88 -13.76
CA LYS D 27 -11.63 29.59 -14.99
C LYS D 27 -13.07 30.10 -15.12
N TYR D 28 -14.05 29.29 -14.72
CA TYR D 28 -15.48 29.69 -14.80
C TYR D 28 -16.13 30.10 -13.49
N GLU D 29 -15.33 30.35 -12.46
CA GLU D 29 -15.81 30.78 -11.15
C GLU D 29 -16.89 29.89 -10.51
N VAL D 30 -16.76 28.58 -10.66
CA VAL D 30 -17.70 27.63 -10.08
C VAL D 30 -17.27 27.48 -8.62
N PRO D 31 -18.19 27.73 -7.67
CA PRO D 31 -17.91 27.64 -6.23
C PRO D 31 -17.93 26.21 -5.68
N VAL D 32 -16.88 25.46 -6.01
CA VAL D 32 -16.75 24.08 -5.57
C VAL D 32 -15.38 23.76 -5.01
N ILE D 33 -15.35 22.75 -4.14
CA ILE D 33 -14.13 22.22 -3.55
C ILE D 33 -14.09 20.77 -4.09
N ILE D 34 -12.98 20.40 -4.71
CA ILE D 34 -12.79 19.07 -5.32
C ILE D 34 -11.61 18.31 -4.66
N GLU D 35 -11.86 17.09 -4.18
CA GLU D 35 -10.83 16.27 -3.52
C GLU D 35 -10.93 14.82 -4.00
N ALA D 36 -9.78 14.14 -4.09
CA ALA D 36 -9.71 12.73 -4.50
C ALA D 36 -9.34 11.92 -3.25
N PHE D 37 -9.93 10.74 -3.09
CA PHE D 37 -9.64 9.87 -1.95
C PHE D 37 -9.66 8.44 -2.43
N PRO D 38 -9.08 7.53 -1.64
CA PRO D 38 -9.07 6.11 -2.02
C PRO D 38 -10.49 5.61 -1.70
N GLU D 39 -10.91 4.54 -2.35
CA GLU D 39 -12.24 3.96 -2.13
C GLU D 39 -12.51 3.54 -0.69
N THR D 40 -11.46 3.29 0.09
CA THR D 40 -11.63 2.88 1.48
C THR D 40 -12.26 3.95 2.37
N LEU D 41 -12.19 5.21 1.94
CA LEU D 41 -12.77 6.32 2.70
C LEU D 41 -14.15 6.77 2.20
N ALA D 42 -14.74 6.07 1.21
CA ALA D 42 -16.05 6.45 0.63
C ALA D 42 -17.14 6.64 1.68
N GLY D 43 -17.12 5.80 2.71
CA GLY D 43 -18.13 5.91 3.75
C GLY D 43 -17.81 6.98 4.77
N GLU D 44 -16.53 7.16 5.08
CA GLU D 44 -16.15 8.15 6.07
C GLU D 44 -16.16 9.59 5.49
N LYS D 45 -15.52 9.77 4.34
CA LYS D 45 -15.46 11.08 3.70
C LYS D 45 -16.73 11.45 2.92
N GLY D 46 -17.38 10.46 2.32
CA GLY D 46 -18.60 10.70 1.55
C GLY D 46 -19.69 11.43 2.29
N GLN D 47 -19.77 11.23 3.60
CA GLN D 47 -20.79 11.89 4.43
C GLN D 47 -20.74 13.42 4.34
N ASN D 48 -19.59 13.97 3.95
CA ASN D 48 -19.43 15.41 3.87
C ASN D 48 -19.45 15.95 2.45
N ALA D 49 -19.66 15.08 1.48
CA ALA D 49 -19.67 15.54 0.10
C ALA D 49 -21.06 15.97 -0.30
N ASP D 50 -21.11 16.82 -1.31
CA ASP D 50 -22.38 17.25 -1.83
C ASP D 50 -22.73 16.32 -2.99
N VAL D 51 -21.69 15.73 -3.60
CA VAL D 51 -21.88 14.75 -4.67
C VAL D 51 -20.68 13.78 -4.61
N VAL D 52 -20.98 12.49 -4.70
CA VAL D 52 -19.97 11.44 -4.66
C VAL D 52 -19.78 10.85 -6.06
N LEU D 53 -18.55 10.92 -6.57
CA LEU D 53 -18.24 10.38 -7.88
C LEU D 53 -17.30 9.18 -7.73
N LEU D 54 -17.60 8.08 -8.42
CA LEU D 54 -16.75 6.88 -8.36
C LEU D 54 -15.96 6.73 -9.63
N GLY D 55 -14.69 6.35 -9.51
CA GLY D 55 -13.84 6.18 -10.68
C GLY D 55 -14.39 5.02 -11.49
N PRO D 56 -14.13 4.94 -12.76
CA PRO D 56 -14.66 3.84 -13.62
C PRO D 56 -14.24 2.42 -13.18
N GLN D 57 -13.07 2.31 -12.54
CA GLN D 57 -12.57 1.02 -12.08
C GLN D 57 -13.39 0.49 -10.90
N ILE D 58 -14.04 1.38 -10.15
CA ILE D 58 -14.82 0.94 -9.01
C ILE D 58 -16.34 1.02 -9.23
N ALA D 59 -16.75 0.99 -10.49
CA ALA D 59 -18.17 1.04 -10.83
C ALA D 59 -18.94 -0.11 -10.19
N TYR D 60 -18.34 -1.30 -10.13
CA TYR D 60 -19.04 -2.44 -9.55
C TYR D 60 -19.46 -2.21 -8.09
N MET D 61 -18.84 -1.23 -7.44
CA MET D 61 -19.15 -0.89 -6.05
C MET D 61 -20.33 0.08 -5.87
N LEU D 62 -20.89 0.58 -6.97
CA LEU D 62 -21.99 1.54 -6.90
C LEU D 62 -23.13 1.19 -5.93
N PRO D 63 -23.73 -0.02 -6.05
CA PRO D 63 -24.82 -0.37 -5.12
C PRO D 63 -24.43 -0.30 -3.65
N GLU D 64 -23.22 -0.72 -3.30
CA GLU D 64 -22.77 -0.68 -1.91
C GLU D 64 -22.60 0.74 -1.42
N ILE D 65 -22.02 1.59 -2.25
CA ILE D 65 -21.83 2.99 -1.85
C ILE D 65 -23.16 3.74 -1.71
N GLN D 66 -24.12 3.42 -2.59
CA GLN D 66 -25.46 4.00 -2.52
C GLN D 66 -26.13 3.64 -1.18
N ARG D 67 -26.00 2.39 -0.73
CA ARG D 67 -26.60 1.98 0.55
C ARG D 67 -25.89 2.63 1.74
N LEU D 68 -24.60 2.88 1.59
CA LEU D 68 -23.77 3.49 2.64
C LEU D 68 -24.11 4.97 2.82
N LEU D 69 -24.39 5.65 1.70
CA LEU D 69 -24.73 7.09 1.68
C LEU D 69 -26.11 7.27 1.01
N PRO D 70 -27.20 6.87 1.69
CA PRO D 70 -28.55 6.99 1.13
C PRO D 70 -29.03 8.44 0.93
N ASN D 71 -28.35 9.38 1.56
CA ASN D 71 -28.75 10.79 1.44
C ASN D 71 -27.82 11.63 0.57
N LYS D 72 -27.08 10.99 -0.33
CA LYS D 72 -26.14 11.69 -1.21
C LYS D 72 -26.26 11.20 -2.63
N PRO D 73 -26.13 12.10 -3.63
CA PRO D 73 -26.21 11.62 -5.02
C PRO D 73 -24.85 10.97 -5.27
N VAL D 74 -24.87 9.73 -5.75
CA VAL D 74 -23.64 8.96 -6.02
C VAL D 74 -23.64 8.48 -7.46
N GLU D 75 -22.58 8.72 -8.19
CA GLU D 75 -22.53 8.22 -9.55
C GLU D 75 -21.13 7.95 -10.07
N VAL D 76 -21.06 7.12 -11.10
CA VAL D 76 -19.80 6.72 -11.71
C VAL D 76 -19.40 7.72 -12.78
N ILE D 77 -18.11 8.03 -12.84
CA ILE D 77 -17.58 8.96 -13.83
C ILE D 77 -17.54 8.27 -15.17
N ASP D 78 -17.96 8.97 -16.21
CA ASP D 78 -17.94 8.40 -17.55
C ASP D 78 -16.51 7.95 -17.89
N SER D 79 -16.33 6.69 -18.28
CA SER D 79 -14.99 6.17 -18.58
C SER D 79 -14.18 6.90 -19.65
N LEU D 80 -14.87 7.44 -20.65
CA LEU D 80 -14.19 8.17 -21.73
C LEU D 80 -13.73 9.53 -21.23
N LEU D 81 -14.58 10.18 -20.45
CA LEU D 81 -14.26 11.49 -19.90
C LEU D 81 -13.10 11.33 -18.94
N TYR D 82 -13.10 10.21 -18.22
CA TYR D 82 -12.04 9.90 -17.25
C TYR D 82 -10.71 9.58 -17.95
N GLY D 83 -10.75 8.68 -18.92
CA GLY D 83 -9.54 8.32 -19.64
C GLY D 83 -8.87 9.50 -20.31
N LYS D 84 -9.68 10.37 -20.87
CA LYS D 84 -9.22 11.56 -21.59
C LYS D 84 -8.79 12.70 -20.65
N VAL D 85 -9.07 12.52 -19.35
CA VAL D 85 -8.77 13.52 -18.31
C VAL D 85 -9.47 14.86 -18.61
N ASP D 86 -10.76 14.77 -18.94
CA ASP D 86 -11.57 15.95 -19.28
C ASP D 86 -12.09 16.63 -18.03
N GLY D 87 -11.29 17.56 -17.51
CA GLY D 87 -11.64 18.31 -16.31
C GLY D 87 -12.94 19.07 -16.45
N LEU D 88 -13.16 19.73 -17.60
CA LEU D 88 -14.39 20.49 -17.80
C LEU D 88 -15.63 19.58 -17.87
N GLY D 89 -15.50 18.50 -18.64
CA GLY D 89 -16.59 17.56 -18.81
C GLY D 89 -17.07 16.91 -17.53
N VAL D 90 -16.12 16.49 -16.69
CA VAL D 90 -16.48 15.84 -15.42
C VAL D 90 -17.04 16.88 -14.45
N LEU D 91 -16.47 18.08 -14.49
CA LEU D 91 -16.97 19.15 -13.63
C LEU D 91 -18.46 19.39 -14.00
N LYS D 92 -18.76 19.42 -15.30
CA LYS D 92 -20.15 19.61 -15.75
C LYS D 92 -21.09 18.52 -15.24
N ALA D 93 -20.64 17.27 -15.30
CA ALA D 93 -21.47 16.14 -14.85
C ALA D 93 -21.76 16.21 -13.35
N ALA D 94 -20.78 16.72 -12.60
CA ALA D 94 -20.90 16.82 -11.15
C ALA D 94 -21.90 17.90 -10.75
N VAL D 95 -21.80 19.06 -11.40
CA VAL D 95 -22.72 20.17 -11.13
C VAL D 95 -24.13 19.69 -11.49
N ALA D 96 -24.25 18.98 -12.61
CA ALA D 96 -25.54 18.45 -13.04
C ALA D 96 -26.13 17.51 -11.99
N ALA D 97 -25.33 16.57 -11.49
CA ALA D 97 -25.85 15.64 -10.49
C ALA D 97 -26.36 16.40 -9.26
N ILE D 98 -25.70 17.51 -8.93
CA ILE D 98 -26.12 18.32 -7.78
C ILE D 98 -27.46 19.01 -8.03
N LYS D 99 -27.63 19.58 -9.24
CA LYS D 99 -28.87 20.26 -9.62
C LYS D 99 -30.01 19.26 -9.71
N LYS D 100 -29.80 18.19 -10.45
CA LYS D 100 -30.83 17.18 -10.59
C LYS D 100 -31.20 16.60 -9.22
N ALA D 101 -30.34 16.79 -8.23
CA ALA D 101 -30.58 16.28 -6.88
C ALA D 101 -31.37 17.24 -6.00
N ALA D 102 -31.14 18.54 -6.18
CA ALA D 102 -31.83 19.57 -5.43
C ALA D 102 -33.22 19.88 -6.02
N ALA D 103 -33.60 19.13 -7.06
CA ALA D 103 -34.88 19.29 -7.72
C ALA D 103 -35.05 18.26 -8.85
P PO3 E . -4.74 5.42 -7.10
O1 PO3 E . -4.11 6.18 -5.95
O2 PO3 E . -5.21 4.00 -6.91
O3 PO3 E . -4.71 6.00 -8.50
N ALA A 1 0.74 7.29 -18.60
CA ALA A 1 0.24 7.59 -19.96
C ALA A 1 -1.09 6.86 -20.17
N GLU A 2 -1.77 7.18 -21.26
CA GLU A 2 -3.08 6.58 -21.60
C GLU A 2 -3.28 5.20 -20.95
N GLU A 3 -2.80 4.17 -21.63
CA GLU A 3 -2.95 2.80 -21.13
C GLU A 3 -2.16 2.60 -19.84
N LEU A 4 -0.84 2.78 -19.91
CA LEU A 4 0.01 2.60 -18.74
C LEU A 4 -0.63 3.20 -17.48
N GLU A 5 -1.21 4.38 -17.61
CA GLU A 5 -1.84 5.05 -16.47
C GLU A 5 -3.12 4.34 -16.08
N GLU A 6 -3.94 4.01 -17.07
CA GLU A 6 -5.19 3.30 -16.82
C GLU A 6 -4.88 1.88 -16.34
N VAL A 7 -3.80 1.31 -16.88
CA VAL A 7 -3.37 -0.03 -16.50
C VAL A 7 -2.93 -0.05 -15.03
N VAL A 8 -2.20 0.99 -14.63
CA VAL A 8 -1.73 1.10 -13.25
C VAL A 8 -2.95 1.16 -12.33
N MET A 9 -3.95 1.96 -12.70
CA MET A 9 -5.17 2.06 -11.90
C MET A 9 -5.77 0.67 -11.73
N GLY A 10 -5.81 -0.09 -12.82
CA GLY A 10 -6.34 -1.45 -12.77
C GLY A 10 -5.49 -2.31 -11.83
N LEU A 11 -4.17 -2.17 -11.95
CA LEU A 11 -3.26 -2.93 -11.10
C LEU A 11 -3.45 -2.56 -9.64
N ILE A 12 -3.57 -1.27 -9.37
CA ILE A 12 -3.76 -0.80 -8.00
C ILE A 12 -5.06 -1.36 -7.46
N ILE A 13 -6.11 -1.29 -8.26
CA ILE A 13 -7.40 -1.82 -7.85
C ILE A 13 -7.30 -3.33 -7.65
N ASN A 14 -6.65 -4.01 -8.60
CA ASN A 14 -6.47 -5.45 -8.53
C ASN A 14 -5.71 -5.82 -7.26
N SER A 15 -4.61 -5.11 -7.03
CA SER A 15 -3.81 -5.35 -5.83
C SER A 15 -4.65 -5.14 -4.57
N GLY A 16 -5.44 -4.06 -4.60
CA GLY A 16 -6.32 -3.75 -3.47
C GLY A 16 -7.35 -4.86 -3.26
N GLN A 17 -7.95 -5.32 -4.36
CA GLN A 17 -8.94 -6.40 -4.27
C GLN A 17 -8.27 -7.65 -3.72
N ALA A 18 -7.05 -7.92 -4.18
CA ALA A 18 -6.31 -9.09 -3.72
C ALA A 18 -6.15 -9.04 -2.21
N ARG A 19 -5.70 -7.91 -1.69
CA ARG A 19 -5.55 -7.77 -0.25
C ARG A 19 -6.90 -7.95 0.43
N SER A 20 -7.91 -7.28 -0.11
CA SER A 20 -9.25 -7.36 0.44
C SER A 20 -9.68 -8.83 0.57
N LEU A 21 -9.47 -9.59 -0.49
CA LEU A 21 -9.81 -11.01 -0.48
C LEU A 21 -8.97 -11.74 0.58
N ALA A 22 -7.69 -11.40 0.63
CA ALA A 22 -6.79 -12.03 1.60
C ALA A 22 -7.30 -11.80 3.03
N TYR A 23 -7.59 -10.55 3.38
CA TYR A 23 -8.10 -10.25 4.72
C TYR A 23 -9.41 -11.00 4.93
N ALA A 24 -10.25 -11.03 3.90
CA ALA A 24 -11.51 -11.73 3.99
C ALA A 24 -11.24 -13.22 4.25
N ALA A 25 -10.23 -13.75 3.56
CA ALA A 25 -9.84 -15.14 3.75
C ALA A 25 -9.48 -15.38 5.21
N LEU A 26 -8.72 -14.46 5.78
CA LEU A 26 -8.32 -14.57 7.18
C LEU A 26 -9.56 -14.55 8.07
N LYS A 27 -10.48 -13.64 7.77
CA LYS A 27 -11.71 -13.53 8.54
C LYS A 27 -12.45 -14.87 8.56
N GLN A 28 -12.48 -15.54 7.41
CA GLN A 28 -13.15 -16.84 7.31
C GLN A 28 -12.48 -17.81 8.28
N ALA A 29 -11.15 -17.75 8.35
CA ALA A 29 -10.39 -18.62 9.24
C ALA A 29 -10.80 -18.38 10.69
N LYS A 30 -10.95 -17.12 11.05
CA LYS A 30 -11.36 -16.77 12.41
C LYS A 30 -12.72 -17.37 12.73
N GLN A 31 -13.58 -17.50 11.72
CA GLN A 31 -14.89 -18.08 11.93
C GLN A 31 -14.80 -19.60 11.96
N GLY A 32 -13.60 -20.12 11.77
CA GLY A 32 -13.37 -21.56 11.81
C GLY A 32 -13.71 -22.21 10.47
N ASP A 33 -13.83 -21.40 9.43
CA ASP A 33 -14.15 -21.90 8.09
C ASP A 33 -12.88 -22.06 7.26
N PHE A 34 -12.18 -23.18 7.47
CA PHE A 34 -10.93 -23.42 6.73
C PHE A 34 -11.18 -23.60 5.24
N ALA A 35 -12.31 -24.21 4.89
CA ALA A 35 -12.63 -24.46 3.49
C ALA A 35 -12.77 -23.14 2.72
N ALA A 36 -13.56 -22.23 3.26
CA ALA A 36 -13.76 -20.95 2.60
C ALA A 36 -12.46 -20.14 2.60
N ALA A 37 -11.70 -20.23 3.68
CA ALA A 37 -10.43 -19.52 3.75
C ALA A 37 -9.52 -19.99 2.60
N LYS A 38 -9.36 -21.30 2.49
CA LYS A 38 -8.53 -21.90 1.45
C LYS A 38 -8.96 -21.42 0.06
N ALA A 39 -10.26 -21.45 -0.21
CA ALA A 39 -10.77 -21.03 -1.51
C ALA A 39 -10.47 -19.57 -1.79
N MET A 40 -10.61 -18.74 -0.76
CA MET A 40 -10.36 -17.30 -0.90
C MET A 40 -8.88 -17.03 -1.18
N MET A 41 -7.98 -17.76 -0.50
CA MET A 41 -6.55 -17.56 -0.72
C MET A 41 -6.19 -17.92 -2.15
N ASP A 42 -6.77 -19.01 -2.65
CA ASP A 42 -6.47 -19.48 -3.99
C ASP A 42 -6.83 -18.42 -5.02
N GLN A 43 -8.03 -17.87 -4.88
CA GLN A 43 -8.48 -16.82 -5.80
C GLN A 43 -7.61 -15.59 -5.67
N SER A 44 -7.25 -15.24 -4.44
CA SER A 44 -6.40 -14.08 -4.20
C SER A 44 -5.06 -14.28 -4.91
N ARG A 45 -4.49 -15.47 -4.78
CA ARG A 45 -3.22 -15.82 -5.43
C ARG A 45 -3.32 -15.66 -6.95
N MET A 46 -4.40 -16.18 -7.51
CA MET A 46 -4.63 -16.11 -8.95
C MET A 46 -4.72 -14.65 -9.40
N ALA A 47 -5.41 -13.83 -8.62
CA ALA A 47 -5.56 -12.41 -8.94
C ALA A 47 -4.19 -11.74 -9.00
N LEU A 48 -3.35 -12.05 -8.02
CA LEU A 48 -2.00 -11.49 -7.95
C LEU A 48 -1.15 -11.98 -9.12
N ASN A 49 -1.29 -13.26 -9.41
CA ASN A 49 -0.51 -13.87 -10.48
C ASN A 49 -0.77 -13.15 -11.80
N GLU A 50 -2.04 -12.89 -12.07
CA GLU A 50 -2.41 -12.17 -13.29
C GLU A 50 -1.86 -10.75 -13.23
N ALA A 51 -1.97 -10.13 -12.05
CA ALA A 51 -1.47 -8.77 -11.87
C ALA A 51 0.06 -8.75 -12.05
N HIS A 52 0.73 -9.71 -11.44
CA HIS A 52 2.19 -9.81 -11.54
C HIS A 52 2.61 -10.01 -13.00
N LEU A 53 1.86 -10.83 -13.72
CA LEU A 53 2.16 -11.11 -15.12
C LEU A 53 2.11 -9.82 -15.93
N VAL A 54 1.08 -9.02 -15.68
CA VAL A 54 0.94 -7.75 -16.38
C VAL A 54 2.11 -6.84 -16.04
N GLN A 55 2.46 -6.79 -14.76
CA GLN A 55 3.59 -5.96 -14.34
C GLN A 55 4.88 -6.45 -15.01
N THR A 56 5.08 -7.76 -15.08
CA THR A 56 6.28 -8.32 -15.72
C THR A 56 6.46 -7.71 -17.11
N LYS A 57 5.37 -7.66 -17.88
CA LYS A 57 5.43 -7.06 -19.22
C LYS A 57 5.76 -5.59 -19.10
N LEU A 58 5.18 -4.94 -18.10
CA LEU A 58 5.43 -3.52 -17.90
C LEU A 58 6.87 -3.24 -17.48
N ILE A 59 7.58 -4.25 -16.98
CA ILE A 59 8.99 -4.06 -16.60
C ILE A 59 9.93 -4.47 -17.76
N GLU A 60 9.55 -5.49 -18.53
CA GLU A 60 10.37 -5.95 -19.66
C GLU A 60 10.46 -4.88 -20.74
N GLY A 61 9.34 -4.20 -21.01
CA GLY A 61 9.31 -3.17 -22.03
C GLY A 61 9.20 -1.78 -21.42
N ASP A 62 9.80 -1.60 -20.24
CA ASP A 62 9.75 -0.32 -19.54
C ASP A 62 10.49 0.78 -20.32
N ALA A 63 11.17 0.39 -21.40
CA ALA A 63 11.90 1.36 -22.21
C ALA A 63 10.97 2.06 -23.19
N GLY A 64 11.49 3.07 -23.89
CA GLY A 64 10.68 3.81 -24.86
C GLY A 64 10.81 5.32 -24.66
N GLU A 65 10.45 5.80 -23.47
CA GLU A 65 10.53 7.23 -23.19
C GLU A 65 11.97 7.72 -23.18
N GLY A 66 12.86 6.90 -22.64
CA GLY A 66 14.28 7.27 -22.58
C GLY A 66 15.15 6.04 -22.36
N LYS A 67 16.47 6.25 -22.44
CA LYS A 67 17.41 5.15 -22.27
C LYS A 67 17.39 4.63 -20.82
N MET A 68 18.11 5.32 -19.94
CA MET A 68 18.20 4.93 -18.54
C MET A 68 16.88 5.05 -17.79
N LYS A 69 16.13 6.12 -18.08
CA LYS A 69 14.87 6.35 -17.37
C LYS A 69 13.76 5.39 -17.80
N VAL A 70 12.84 5.14 -16.87
CA VAL A 70 11.71 4.23 -17.10
C VAL A 70 10.41 4.88 -16.65
N SER A 71 9.28 4.23 -16.95
CA SER A 71 7.98 4.77 -16.55
C SER A 71 7.94 4.91 -15.03
N LEU A 72 7.54 6.10 -14.57
CA LEU A 72 7.48 6.40 -13.14
C LEU A 72 6.43 5.55 -12.41
N VAL A 73 5.30 5.39 -13.07
CA VAL A 73 4.18 4.62 -12.52
C VAL A 73 4.55 3.16 -12.22
N LEU A 74 5.61 2.68 -12.86
CA LEU A 74 6.03 1.31 -12.65
C LEU A 74 6.17 1.00 -11.17
N VAL A 75 6.60 2.01 -10.43
CA VAL A 75 6.82 1.86 -8.99
C VAL A 75 5.46 1.77 -8.29
N HIS A 76 4.23 2.78 -8.68
CA HIS A 76 2.88 2.78 -8.09
C HIS A 76 2.29 1.38 -8.18
N ALA A 77 2.64 0.68 -9.26
CA ALA A 77 2.16 -0.69 -9.45
C ALA A 77 3.01 -1.67 -8.65
N GLN A 78 4.34 -1.51 -8.72
CA GLN A 78 5.23 -2.43 -8.02
C GLN A 78 5.01 -2.32 -6.50
N LEU A 79 4.96 -1.09 -6.01
CA LEU A 79 4.72 -0.86 -4.59
C LEU A 79 3.44 -1.54 -4.13
N HIS A 80 2.35 -1.32 -4.85
CA HIS A 80 1.08 -1.91 -4.47
C HIS A 80 1.12 -3.44 -4.62
N LEU A 81 1.65 -3.90 -5.74
CA LEU A 81 1.74 -5.34 -5.99
C LEU A 81 2.64 -6.04 -4.98
N MET A 82 3.80 -5.45 -4.70
CA MET A 82 4.74 -6.05 -3.75
C MET A 82 4.11 -6.14 -2.37
N THR A 83 3.46 -5.05 -1.96
CA THR A 83 2.81 -5.00 -0.65
C THR A 83 1.69 -6.04 -0.56
N SER A 84 0.84 -6.07 -1.58
CA SER A 84 -0.29 -7.01 -1.61
C SER A 84 0.20 -8.46 -1.60
N MET A 85 1.16 -8.78 -2.45
CA MET A 85 1.69 -10.14 -2.51
C MET A 85 2.26 -10.57 -1.18
N LEU A 86 3.07 -9.70 -0.59
CA LEU A 86 3.68 -10.00 0.70
C LEU A 86 2.61 -10.19 1.78
N ALA A 87 1.64 -9.28 1.79
CA ALA A 87 0.56 -9.36 2.76
C ALA A 87 -0.15 -10.70 2.67
N ARG A 88 -0.49 -11.10 1.47
CA ARG A 88 -1.18 -12.37 1.27
C ARG A 88 -0.35 -13.55 1.78
N GLU A 89 0.93 -13.57 1.45
CA GLU A 89 1.77 -14.67 1.88
C GLU A 89 1.79 -14.78 3.39
N LEU A 90 1.95 -13.65 4.06
CA LEU A 90 1.96 -13.64 5.51
C LEU A 90 0.58 -14.03 6.05
N ILE A 91 -0.46 -13.51 5.42
CA ILE A 91 -1.82 -13.85 5.84
C ILE A 91 -2.03 -15.35 5.69
N THR A 92 -1.50 -15.92 4.61
CA THR A 92 -1.60 -17.37 4.40
C THR A 92 -0.98 -18.10 5.59
N GLU A 93 0.20 -17.64 6.01
CA GLU A 93 0.88 -18.23 7.16
C GLU A 93 0.02 -18.08 8.40
N LEU A 94 -0.57 -16.89 8.56
CA LEU A 94 -1.43 -16.62 9.72
C LEU A 94 -2.62 -17.59 9.71
N ILE A 95 -3.20 -17.80 8.55
CA ILE A 95 -4.34 -18.73 8.44
C ILE A 95 -3.90 -20.14 8.83
N GLU A 96 -2.72 -20.56 8.36
CA GLU A 96 -2.22 -21.88 8.71
C GLU A 96 -2.08 -22.00 10.22
N LEU A 97 -1.64 -20.91 10.87
CA LEU A 97 -1.51 -20.92 12.32
C LEU A 97 -2.88 -21.12 12.98
N HIS A 98 -3.89 -20.46 12.44
CA HIS A 98 -5.25 -20.62 12.98
C HIS A 98 -5.63 -22.08 12.92
N GLU A 99 -5.25 -22.75 11.84
CA GLU A 99 -5.55 -24.17 11.68
C GLU A 99 -4.81 -24.98 12.74
N LYS A 100 -3.56 -24.62 13.01
CA LYS A 100 -2.79 -25.32 14.02
C LYS A 100 -3.39 -25.06 15.41
N LEU A 101 -3.92 -23.84 15.61
CA LEU A 101 -4.56 -23.49 16.88
C LEU A 101 -5.80 -24.37 17.09
N LYS A 102 -6.02 -25.30 16.15
CA LYS A 102 -7.18 -26.20 16.21
C LYS A 102 -8.43 -25.52 15.71
N ALA A 103 -8.82 -24.42 16.39
CA ALA A 103 -10.03 -23.67 16.04
C ALA A 103 -10.30 -23.65 14.53
N ALA B 1 22.66 3.11 -13.51
CA ALA B 1 23.97 3.34 -14.19
C ALA B 1 24.86 2.13 -13.94
N GLU B 2 26.00 2.08 -14.64
CA GLU B 2 26.95 0.97 -14.53
C GLU B 2 26.86 0.24 -13.18
N GLU B 3 27.57 0.74 -12.19
CA GLU B 3 27.58 0.13 -10.87
C GLU B 3 26.22 0.21 -10.20
N LEU B 4 25.72 1.44 -10.02
CA LEU B 4 24.42 1.61 -9.38
C LEU B 4 23.38 0.61 -9.91
N GLU B 5 23.37 0.41 -11.22
CA GLU B 5 22.42 -0.52 -11.83
C GLU B 5 22.76 -1.95 -11.47
N GLU B 6 24.03 -2.30 -11.57
CA GLU B 6 24.50 -3.63 -11.23
C GLU B 6 24.38 -3.85 -9.73
N VAL B 7 24.60 -2.79 -8.97
CA VAL B 7 24.51 -2.85 -7.52
C VAL B 7 23.05 -3.11 -7.10
N VAL B 8 22.12 -2.44 -7.77
CA VAL B 8 20.69 -2.63 -7.49
C VAL B 8 20.33 -4.08 -7.74
N MET B 9 20.80 -4.63 -8.86
CA MET B 9 20.52 -6.03 -9.18
C MET B 9 21.01 -6.91 -8.03
N GLY B 10 22.21 -6.62 -7.53
CA GLY B 10 22.75 -7.37 -6.41
C GLY B 10 21.86 -7.21 -5.19
N LEU B 11 21.44 -5.98 -4.93
CA LEU B 11 20.56 -5.70 -3.79
C LEU B 11 19.24 -6.44 -3.93
N ILE B 12 18.67 -6.41 -5.13
CA ILE B 12 17.40 -7.09 -5.38
C ILE B 12 17.57 -8.58 -5.14
N ILE B 13 18.66 -9.12 -5.68
CA ILE B 13 18.94 -10.54 -5.50
C ILE B 13 19.17 -10.83 -4.02
N ASN B 14 19.95 -9.98 -3.36
CA ASN B 14 20.24 -10.16 -1.94
C ASN B 14 18.94 -10.10 -1.13
N SER B 15 18.11 -9.11 -1.42
CA SER B 15 16.83 -8.99 -0.74
C SER B 15 15.98 -10.23 -0.97
N GLY B 16 15.99 -10.71 -2.22
CA GLY B 16 15.23 -11.91 -2.57
C GLY B 16 15.76 -13.12 -1.81
N GLN B 17 17.08 -13.25 -1.75
CA GLN B 17 17.68 -14.37 -1.03
C GLN B 17 17.31 -14.28 0.45
N ALA B 18 17.35 -13.06 0.98
CA ALA B 18 17.00 -12.84 2.37
C ALA B 18 15.60 -13.36 2.66
N ARG B 19 14.64 -12.97 1.84
CA ARG B 19 13.27 -13.44 2.02
C ARG B 19 13.24 -14.96 1.90
N SER B 20 13.90 -15.47 0.86
CA SER B 20 13.94 -16.91 0.64
C SER B 20 14.41 -17.63 1.89
N LEU B 21 15.50 -17.13 2.48
CA LEU B 21 16.04 -17.73 3.71
C LEU B 21 15.01 -17.60 4.83
N ALA B 22 14.37 -16.44 4.93
CA ALA B 22 13.37 -16.20 5.97
C ALA B 22 12.24 -17.23 5.85
N TYR B 23 11.67 -17.38 4.65
CA TYR B 23 10.60 -18.36 4.46
C TYR B 23 11.12 -19.75 4.79
N ALA B 24 12.36 -20.04 4.38
CA ALA B 24 12.95 -21.33 4.67
C ALA B 24 13.06 -21.49 6.19
N ALA B 25 13.43 -20.41 6.87
CA ALA B 25 13.53 -20.43 8.33
C ALA B 25 12.18 -20.80 8.92
N LEU B 26 11.12 -20.21 8.39
CA LEU B 26 9.78 -20.50 8.86
C LEU B 26 9.45 -21.97 8.62
N LYS B 27 9.80 -22.46 7.44
CA LYS B 27 9.55 -23.86 7.11
C LYS B 27 10.21 -24.78 8.14
N GLN B 28 11.43 -24.43 8.54
CA GLN B 28 12.13 -25.23 9.56
C GLN B 28 11.31 -25.26 10.84
N ALA B 29 10.74 -24.11 11.19
CA ALA B 29 9.91 -24.02 12.40
C ALA B 29 8.73 -24.97 12.31
N LYS B 30 8.09 -25.01 11.14
CA LYS B 30 6.95 -25.90 10.94
C LYS B 30 7.36 -27.35 11.16
N GLN B 31 8.62 -27.67 10.83
CA GLN B 31 9.10 -29.04 11.01
C GLN B 31 9.46 -29.28 12.48
N GLY B 32 9.32 -28.24 13.29
CA GLY B 32 9.63 -28.35 14.72
C GLY B 32 11.13 -28.18 14.99
N ASP B 33 11.86 -27.66 14.00
CA ASP B 33 13.29 -27.46 14.14
C ASP B 33 13.60 -26.02 14.53
N PHE B 34 13.47 -25.71 15.81
CA PHE B 34 13.73 -24.34 16.29
C PHE B 34 15.18 -23.94 16.10
N ALA B 35 16.09 -24.90 16.27
CA ALA B 35 17.52 -24.60 16.15
C ALA B 35 17.86 -24.12 14.74
N ALA B 36 17.43 -24.87 13.74
CA ALA B 36 17.71 -24.50 12.36
C ALA B 36 16.98 -23.20 12.01
N ALA B 37 15.77 -23.03 12.51
CA ALA B 37 15.03 -21.80 12.24
C ALA B 37 15.82 -20.61 12.74
N LYS B 38 16.23 -20.68 14.02
CA LYS B 38 17.01 -19.60 14.63
C LYS B 38 18.27 -19.27 13.81
N ALA B 39 18.99 -20.29 13.40
CA ALA B 39 20.21 -20.10 12.61
C ALA B 39 19.91 -19.41 11.28
N MET B 40 18.83 -19.82 10.64
CA MET B 40 18.44 -19.26 9.36
C MET B 40 18.05 -17.78 9.51
N MET B 41 17.32 -17.45 10.57
CA MET B 41 16.92 -16.06 10.78
C MET B 41 18.15 -15.17 10.97
N ASP B 42 19.12 -15.68 11.73
CA ASP B 42 20.33 -14.93 12.01
C ASP B 42 21.06 -14.57 10.73
N GLN B 43 21.21 -15.58 9.86
CA GLN B 43 21.88 -15.36 8.59
C GLN B 43 21.08 -14.40 7.72
N SER B 44 19.76 -14.54 7.73
CA SER B 44 18.91 -13.65 6.95
C SER B 44 19.13 -12.20 7.41
N ARG B 45 19.14 -12.00 8.73
CA ARG B 45 19.35 -10.68 9.30
C ARG B 45 20.69 -10.09 8.83
N MET B 46 21.74 -10.90 8.89
CA MET B 46 23.07 -10.45 8.49
C MET B 46 23.05 -10.04 7.02
N ALA B 47 22.37 -10.84 6.20
CA ALA B 47 22.27 -10.53 4.77
C ALA B 47 21.58 -9.19 4.56
N LEU B 48 20.50 -8.97 5.31
CA LEU B 48 19.75 -7.72 5.21
C LEU B 48 20.59 -6.55 5.72
N ASN B 49 21.30 -6.78 6.81
CA ASN B 49 22.13 -5.75 7.40
C ASN B 49 23.18 -5.26 6.40
N GLU B 50 23.83 -6.19 5.73
CA GLU B 50 24.82 -5.83 4.72
C GLU B 50 24.17 -5.10 3.57
N ALA B 51 23.00 -5.58 3.17
CA ALA B 51 22.25 -4.96 2.08
C ALA B 51 21.83 -3.54 2.48
N HIS B 52 21.32 -3.41 3.70
CA HIS B 52 20.88 -2.11 4.21
C HIS B 52 22.06 -1.13 4.27
N LEU B 53 23.22 -1.64 4.69
CA LEU B 53 24.42 -0.80 4.79
C LEU B 53 24.77 -0.23 3.41
N VAL B 54 24.71 -1.09 2.40
CA VAL B 54 25.03 -0.66 1.04
C VAL B 54 24.01 0.40 0.61
N GLN B 55 22.73 0.16 0.90
CA GLN B 55 21.70 1.13 0.53
C GLN B 55 21.96 2.45 1.25
N THR B 56 22.32 2.39 2.54
CA THR B 56 22.60 3.61 3.30
C THR B 56 23.57 4.50 2.53
N LYS B 57 24.65 3.90 2.04
CA LYS B 57 25.62 4.66 1.25
C LYS B 57 24.97 5.20 -0.01
N LEU B 58 24.12 4.39 -0.61
CA LEU B 58 23.44 4.78 -1.84
C LEU B 58 22.45 5.93 -1.59
N ILE B 59 22.02 6.12 -0.32
CA ILE B 59 21.11 7.23 -0.01
C ILE B 59 21.88 8.48 0.45
N GLU B 60 23.00 8.27 1.16
CA GLU B 60 23.81 9.39 1.64
C GLU B 60 24.42 10.17 0.46
N GLY B 61 24.86 9.43 -0.55
CA GLY B 61 25.49 10.05 -1.72
C GLY B 61 24.59 9.96 -2.95
N ASP B 62 23.28 10.02 -2.73
CA ASP B 62 22.32 9.93 -3.82
C ASP B 62 22.41 11.14 -4.77
N ALA B 63 23.21 12.12 -4.40
CA ALA B 63 23.36 13.32 -5.23
C ALA B 63 24.37 13.07 -6.34
N GLY B 64 24.50 14.03 -7.26
CA GLY B 64 25.44 13.90 -8.37
C GLY B 64 24.78 14.23 -9.71
N GLU B 65 23.73 13.48 -10.05
CA GLU B 65 23.03 13.70 -11.32
C GLU B 65 22.34 15.07 -11.33
N GLY B 66 21.76 15.45 -10.20
CA GLY B 66 21.07 16.73 -10.11
C GLY B 66 20.91 17.16 -8.66
N LYS B 67 20.42 18.38 -8.47
CA LYS B 67 20.23 18.92 -7.13
C LYS B 67 19.13 18.16 -6.38
N MET B 68 17.88 18.54 -6.66
CA MET B 68 16.72 17.93 -6.01
C MET B 68 16.52 16.47 -6.40
N LYS B 69 16.75 16.13 -7.66
CA LYS B 69 16.54 14.76 -8.14
C LYS B 69 17.62 13.80 -7.64
N VAL B 70 17.22 12.52 -7.52
CA VAL B 70 18.11 11.47 -7.05
C VAL B 70 18.02 10.24 -7.98
N SER B 71 18.89 9.26 -7.76
CA SER B 71 18.88 8.05 -8.59
C SER B 71 17.52 7.37 -8.49
N LEU B 72 16.93 7.04 -9.64
CA LEU B 72 15.60 6.45 -9.66
C LEU B 72 15.59 5.04 -9.04
N VAL B 73 16.65 4.30 -9.35
CA VAL B 73 16.80 2.93 -8.88
C VAL B 73 16.83 2.84 -7.34
N LEU B 74 17.12 3.96 -6.69
CA LEU B 74 17.18 3.96 -5.23
C LEU B 74 15.90 3.41 -4.63
N VAL B 75 14.79 3.76 -5.26
CA VAL B 75 13.49 3.30 -4.80
C VAL B 75 13.39 1.79 -5.02
N HIS B 76 13.86 1.23 -6.24
CA HIS B 76 13.80 -0.20 -6.51
C HIS B 76 14.49 -0.99 -5.41
N ALA B 77 15.67 -0.52 -5.01
CA ALA B 77 16.41 -1.18 -3.94
C ALA B 77 15.70 -0.99 -2.61
N GLN B 78 15.18 0.20 -2.37
CA GLN B 78 14.49 0.48 -1.12
C GLN B 78 13.21 -0.36 -1.03
N LEU B 79 12.44 -0.39 -2.12
CA LEU B 79 11.22 -1.18 -2.14
C LEU B 79 11.49 -2.65 -1.82
N HIS B 80 12.48 -3.23 -2.48
CA HIS B 80 12.80 -4.62 -2.24
C HIS B 80 13.36 -4.83 -0.84
N LEU B 81 14.27 -3.95 -0.44
CA LEU B 81 14.88 -4.06 0.89
C LEU B 81 13.85 -3.85 2.00
N MET B 82 13.00 -2.85 1.86
CA MET B 82 11.98 -2.57 2.87
C MET B 82 11.02 -3.75 3.01
N THR B 83 10.59 -4.28 1.87
CA THR B 83 9.67 -5.41 1.87
C THR B 83 10.32 -6.64 2.50
N SER B 84 11.55 -6.94 2.10
CA SER B 84 12.26 -8.09 2.64
C SER B 84 12.50 -7.97 4.14
N MET B 85 12.97 -6.81 4.58
CA MET B 85 13.24 -6.60 6.01
C MET B 85 11.96 -6.76 6.83
N LEU B 86 10.89 -6.14 6.36
CA LEU B 86 9.61 -6.21 7.06
C LEU B 86 9.11 -7.65 7.12
N ALA B 87 9.17 -8.33 5.98
CA ALA B 87 8.72 -9.71 5.90
C ALA B 87 9.49 -10.58 6.88
N ARG B 88 10.79 -10.44 6.86
CA ARG B 88 11.65 -11.22 7.75
C ARG B 88 11.28 -10.97 9.21
N GLU B 89 11.08 -9.70 9.59
CA GLU B 89 10.75 -9.38 10.97
C GLU B 89 9.43 -10.05 11.37
N LEU B 90 8.44 -9.96 10.50
CA LEU B 90 7.14 -10.56 10.78
C LEU B 90 7.28 -12.08 10.84
N ILE B 91 8.06 -12.63 9.92
CA ILE B 91 8.30 -14.07 9.91
C ILE B 91 8.95 -14.49 11.23
N THR B 92 9.86 -13.66 11.73
CA THR B 92 10.50 -13.96 13.02
C THR B 92 9.43 -14.07 14.09
N GLU B 93 8.49 -13.13 14.09
CA GLU B 93 7.40 -13.15 15.06
C GLU B 93 6.58 -14.43 14.88
N LEU B 94 6.30 -14.77 13.62
CA LEU B 94 5.54 -15.99 13.33
C LEU B 94 6.27 -17.21 13.87
N ILE B 95 7.59 -17.26 13.68
CA ILE B 95 8.36 -18.38 14.19
C ILE B 95 8.28 -18.46 15.71
N GLU B 96 8.36 -17.30 16.37
CA GLU B 96 8.25 -17.27 17.83
C GLU B 96 6.90 -17.85 18.25
N LEU B 97 5.86 -17.54 17.49
CA LEU B 97 4.52 -18.05 17.79
C LEU B 97 4.52 -19.58 17.69
N HIS B 98 5.19 -20.10 16.66
CA HIS B 98 5.27 -21.55 16.50
C HIS B 98 5.89 -22.17 17.75
N GLU B 99 6.90 -21.48 18.28
CA GLU B 99 7.55 -21.95 19.50
C GLU B 99 6.58 -21.94 20.66
N LYS B 100 5.77 -20.88 20.77
CA LYS B 100 4.79 -20.80 21.84
C LYS B 100 3.72 -21.88 21.65
N LEU B 101 3.39 -22.19 20.39
CA LEU B 101 2.42 -23.25 20.11
C LEU B 101 2.96 -24.60 20.58
N LYS B 102 4.13 -24.57 21.21
CA LYS B 102 4.77 -25.78 21.72
C LYS B 102 5.49 -26.51 20.59
N ALA B 103 4.71 -26.92 19.58
CA ALA B 103 5.25 -27.67 18.43
C ALA B 103 6.64 -27.19 18.04
N ALA C 1 11.12 19.25 -2.05
CA ALA C 1 11.16 20.74 -1.98
C ALA C 1 10.96 21.17 -0.54
N GLU C 2 11.18 22.45 -0.27
CA GLU C 2 11.04 23.02 1.08
C GLU C 2 10.10 22.22 1.98
N GLU C 3 8.81 22.51 1.89
CA GLU C 3 7.83 21.81 2.71
C GLU C 3 7.73 20.34 2.34
N LEU C 4 7.37 20.07 1.08
CA LEU C 4 7.24 18.68 0.63
C LEU C 4 8.38 17.80 1.16
N GLU C 5 9.60 18.32 1.11
CA GLU C 5 10.76 17.57 1.58
C GLU C 5 10.74 17.43 3.10
N GLU C 6 10.47 18.53 3.78
CA GLU C 6 10.41 18.52 5.24
C GLU C 6 9.19 17.70 5.68
N VAL C 7 8.12 17.78 4.89
CA VAL C 7 6.90 17.04 5.17
C VAL C 7 7.17 15.53 5.06
N VAL C 8 7.92 15.14 4.03
CA VAL C 8 8.27 13.74 3.83
C VAL C 8 9.06 13.24 5.04
N MET C 9 10.02 14.04 5.50
CA MET C 9 10.80 13.67 6.66
C MET C 9 9.87 13.40 7.84
N GLY C 10 8.88 14.29 8.01
CA GLY C 10 7.91 14.13 9.08
C GLY C 10 7.12 12.84 8.88
N LEU C 11 6.71 12.59 7.65
CA LEU C 11 5.94 11.37 7.33
C LEU C 11 6.79 10.14 7.59
N ILE C 12 8.05 10.18 7.18
CA ILE C 12 8.94 9.04 7.37
C ILE C 12 9.11 8.78 8.87
N ILE C 13 9.32 9.87 9.61
CA ILE C 13 9.47 9.76 11.06
C ILE C 13 8.16 9.23 11.66
N ASN C 14 7.05 9.81 11.22
CA ASN C 14 5.73 9.40 11.72
C ASN C 14 5.50 7.92 11.43
N SER C 15 5.79 7.51 10.19
CA SER C 15 5.63 6.11 9.81
C SER C 15 6.52 5.24 10.68
N GLY C 16 7.76 5.70 10.90
CA GLY C 16 8.70 4.95 11.73
C GLY C 16 8.18 4.84 13.16
N GLN C 17 7.67 5.95 13.70
CA GLN C 17 7.13 5.92 15.06
C GLN C 17 5.95 4.97 15.12
N ALA C 18 5.12 5.01 14.08
CA ALA C 18 3.96 4.14 14.02
C ALA C 18 4.38 2.67 14.15
N ARG C 19 5.36 2.27 13.33
CA ARG C 19 5.84 0.91 13.40
C ARG C 19 6.41 0.63 14.79
N SER C 20 7.21 1.57 15.28
CA SER C 20 7.81 1.41 16.60
C SER C 20 6.73 1.13 17.65
N LEU C 21 5.66 1.92 17.61
CA LEU C 21 4.56 1.74 18.54
C LEU C 21 3.92 0.37 18.33
N ALA C 22 3.73 0.00 17.06
CA ALA C 22 3.13 -1.29 16.73
C ALA C 22 3.96 -2.44 17.33
N TYR C 23 5.27 -2.43 17.07
CA TYR C 23 6.14 -3.47 17.64
C TYR C 23 6.05 -3.45 19.16
N ALA C 24 6.03 -2.24 19.72
CA ALA C 24 5.92 -2.11 21.17
C ALA C 24 4.59 -2.72 21.62
N ALA C 25 3.54 -2.47 20.85
CA ALA C 25 2.23 -3.03 21.16
C ALA C 25 2.31 -4.55 21.21
N LEU C 26 3.01 -5.12 20.24
CA LEU C 26 3.19 -6.57 20.18
C LEU C 26 3.95 -7.05 21.42
N LYS C 27 4.99 -6.31 21.77
CA LYS C 27 5.79 -6.66 22.94
C LYS C 27 4.90 -6.72 24.19
N GLN C 28 3.99 -5.77 24.31
CA GLN C 28 3.06 -5.75 25.44
C GLN C 28 2.26 -7.04 25.47
N ALA C 29 1.82 -7.47 24.27
CA ALA C 29 1.05 -8.70 24.16
C ALA C 29 1.85 -9.89 24.67
N LYS C 30 3.13 -9.94 24.30
CA LYS C 30 3.99 -11.02 24.76
C LYS C 30 4.07 -11.06 26.28
N GLN C 31 3.98 -9.88 26.90
CA GLN C 31 4.04 -9.80 28.36
C GLN C 31 2.67 -10.17 28.96
N GLY C 32 1.71 -10.44 28.08
CA GLY C 32 0.36 -10.83 28.53
C GLY C 32 -0.47 -9.60 28.89
N ASP C 33 -0.04 -8.43 28.44
CA ASP C 33 -0.76 -7.18 28.70
C ASP C 33 -1.63 -6.80 27.51
N PHE C 34 -2.80 -7.41 27.42
CA PHE C 34 -3.71 -7.14 26.31
C PHE C 34 -4.22 -5.70 26.34
N ALA C 35 -4.43 -5.17 27.54
CA ALA C 35 -4.94 -3.81 27.68
C ALA C 35 -3.97 -2.79 27.08
N ALA C 36 -2.71 -2.89 27.47
CA ALA C 36 -1.71 -1.96 26.96
C ALA C 36 -1.50 -2.17 25.47
N ALA C 37 -1.55 -3.42 25.02
CA ALA C 37 -1.38 -3.71 23.60
C ALA C 37 -2.48 -3.00 22.81
N LYS C 38 -3.72 -3.21 23.22
CA LYS C 38 -4.87 -2.59 22.57
C LYS C 38 -4.72 -1.07 22.49
N ALA C 39 -4.32 -0.45 23.61
CA ALA C 39 -4.16 1.00 23.65
C ALA C 39 -3.06 1.46 22.68
N MET C 40 -1.96 0.72 22.64
CA MET C 40 -0.85 1.06 21.77
C MET C 40 -1.25 0.92 20.30
N MET C 41 -2.03 -0.11 19.99
CA MET C 41 -2.48 -0.31 18.61
C MET C 41 -3.35 0.85 18.16
N ASP C 42 -4.25 1.28 19.04
CA ASP C 42 -5.17 2.36 18.72
C ASP C 42 -4.41 3.63 18.38
N GLN C 43 -3.42 3.97 19.21
CA GLN C 43 -2.61 5.16 18.97
C GLN C 43 -1.83 5.03 17.67
N SER C 44 -1.30 3.85 17.42
CA SER C 44 -0.55 3.60 16.19
C SER C 44 -1.44 3.87 14.98
N ARG C 45 -2.67 3.32 15.03
CA ARG C 45 -3.64 3.50 13.96
C ARG C 45 -3.93 4.99 13.72
N MET C 46 -4.14 5.72 14.81
CA MET C 46 -4.43 7.15 14.72
C MET C 46 -3.26 7.89 14.08
N ALA C 47 -2.04 7.51 14.47
CA ALA C 47 -0.84 8.14 13.91
C ALA C 47 -0.78 7.91 12.40
N LEU C 48 -1.08 6.68 11.98
CA LEU C 48 -1.07 6.33 10.57
C LEU C 48 -2.17 7.06 9.82
N ASN C 49 -3.34 7.15 10.45
CA ASN C 49 -4.48 7.81 9.84
C ASN C 49 -4.14 9.27 9.52
N GLU C 50 -3.51 9.95 10.47
CA GLU C 50 -3.11 11.33 10.26
C GLU C 50 -2.06 11.41 9.16
N ALA C 51 -1.13 10.47 9.19
CA ALA C 51 -0.07 10.43 8.18
C ALA C 51 -0.67 10.15 6.80
N HIS C 52 -1.58 9.19 6.74
CA HIS C 52 -2.25 8.85 5.48
C HIS C 52 -3.02 10.05 4.94
N LEU C 53 -3.69 10.78 5.83
CA LEU C 53 -4.47 11.95 5.43
C LEU C 53 -3.56 12.98 4.76
N VAL C 54 -2.39 13.20 5.35
CA VAL C 54 -1.45 14.16 4.80
C VAL C 54 -0.99 13.67 3.43
N GLN C 55 -0.69 12.38 3.32
CA GLN C 55 -0.26 11.82 2.04
C GLN C 55 -1.38 11.99 1.00
N THR C 56 -2.62 11.74 1.41
CA THR C 56 -3.76 11.88 0.48
C THR C 56 -3.70 13.25 -0.19
N LYS C 57 -3.50 14.29 0.60
CA LYS C 57 -3.40 15.64 0.05
C LYS C 57 -2.20 15.73 -0.88
N LEU C 58 -1.11 15.09 -0.49
CA LEU C 58 0.10 15.11 -1.29
C LEU C 58 -0.08 14.35 -2.61
N ILE C 59 -1.09 13.47 -2.70
CA ILE C 59 -1.33 12.76 -3.95
C ILE C 59 -2.40 13.48 -4.79
N GLU C 60 -3.38 14.10 -4.14
CA GLU C 60 -4.43 14.83 -4.87
C GLU C 60 -3.85 16.03 -5.60
N GLY C 61 -2.89 16.71 -4.98
CA GLY C 61 -2.28 17.89 -5.57
C GLY C 61 -0.83 17.62 -5.97
N ASP C 62 -0.56 16.41 -6.41
CA ASP C 62 0.79 16.03 -6.80
C ASP C 62 1.22 16.75 -8.06
N ALA C 63 0.31 17.49 -8.68
CA ALA C 63 0.63 18.24 -9.90
C ALA C 63 1.30 19.56 -9.56
N GLY C 64 1.78 20.26 -10.59
CA GLY C 64 2.43 21.56 -10.39
C GLY C 64 3.77 21.63 -11.13
N GLU C 65 4.69 20.71 -10.81
CA GLU C 65 5.99 20.70 -11.45
C GLU C 65 5.87 20.38 -12.94
N GLY C 66 4.99 19.45 -13.27
CA GLY C 66 4.80 19.05 -14.66
C GLY C 66 3.45 18.36 -14.86
N LYS C 67 3.12 18.09 -16.11
CA LYS C 67 1.85 17.44 -16.43
C LYS C 67 1.83 16.00 -15.92
N MET C 68 2.44 15.10 -16.70
CA MET C 68 2.48 13.68 -16.36
C MET C 68 3.31 13.38 -15.12
N LYS C 69 4.45 14.07 -14.97
CA LYS C 69 5.34 13.83 -13.84
C LYS C 69 4.79 14.36 -12.52
N VAL C 70 5.20 13.71 -11.43
CA VAL C 70 4.76 14.07 -10.08
C VAL C 70 5.96 14.16 -9.13
N SER C 71 5.72 14.64 -7.91
CA SER C 71 6.80 14.75 -6.93
C SER C 71 7.42 13.38 -6.68
N LEU C 72 8.74 13.30 -6.77
CA LEU C 72 9.45 12.03 -6.61
C LEU C 72 9.31 11.48 -5.19
N VAL C 73 9.40 12.39 -4.22
CA VAL C 73 9.33 12.04 -2.80
C VAL C 73 8.00 11.37 -2.44
N LEU C 74 6.99 11.57 -3.27
CA LEU C 74 5.67 10.98 -3.00
C LEU C 74 5.79 9.50 -2.75
N VAL C 75 6.66 8.86 -3.53
CA VAL C 75 6.89 7.43 -3.41
C VAL C 75 7.57 7.15 -2.06
N HIS C 76 8.62 7.99 -1.63
CA HIS C 76 9.31 7.78 -0.36
C HIS C 76 8.31 7.73 0.78
N ALA C 77 7.36 8.67 0.78
CA ALA C 77 6.34 8.71 1.80
C ALA C 77 5.38 7.53 1.66
N GLN C 78 5.02 7.21 0.42
CA GLN C 78 4.10 6.10 0.16
C GLN C 78 4.74 4.78 0.59
N LEU C 79 5.99 4.58 0.19
CA LEU C 79 6.71 3.36 0.55
C LEU C 79 6.75 3.17 2.06
N HIS C 80 7.13 4.21 2.79
CA HIS C 80 7.20 4.12 4.24
C HIS C 80 5.81 3.94 4.85
N LEU C 81 4.87 4.73 4.38
CA LEU C 81 3.50 4.67 4.89
C LEU C 81 2.85 3.31 4.59
N MET C 82 3.01 2.84 3.37
CA MET C 82 2.42 1.55 2.98
C MET C 82 3.01 0.42 3.82
N THR C 83 4.32 0.45 3.99
CA THR C 83 5.00 -0.58 4.76
C THR C 83 4.54 -0.55 6.22
N SER C 84 4.53 0.64 6.80
CA SER C 84 4.12 0.80 8.20
C SER C 84 2.67 0.37 8.42
N MET C 85 1.76 0.84 7.56
CA MET C 85 0.35 0.48 7.70
C MET C 85 0.16 -1.04 7.61
N LEU C 86 0.80 -1.65 6.63
CA LEU C 86 0.70 -3.09 6.43
C LEU C 86 1.24 -3.83 7.65
N ALA C 87 2.42 -3.42 8.10
CA ALA C 87 3.05 -4.04 9.25
C ALA C 87 2.13 -3.96 10.47
N ARG C 88 1.61 -2.77 10.71
CA ARG C 88 0.74 -2.55 11.84
C ARG C 88 -0.50 -3.47 11.77
N GLU C 89 -1.11 -3.56 10.59
CA GLU C 89 -2.29 -4.42 10.44
C GLU C 89 -1.95 -5.88 10.74
N LEU C 90 -0.82 -6.35 10.20
CA LEU C 90 -0.40 -7.72 10.44
C LEU C 90 -0.07 -7.92 11.91
N ILE C 91 0.60 -6.95 12.49
CA ILE C 91 0.95 -7.02 13.90
C ILE C 91 -0.33 -7.12 14.73
N THR C 92 -1.36 -6.39 14.32
CA THR C 92 -2.64 -6.46 15.02
C THR C 92 -3.15 -7.89 14.99
N GLU C 93 -3.06 -8.53 13.83
CA GLU C 93 -3.50 -9.92 13.70
C GLU C 93 -2.66 -10.82 14.62
N LEU C 94 -1.36 -10.56 14.63
CA LEU C 94 -0.45 -11.34 15.47
C LEU C 94 -0.84 -11.20 16.94
N ILE C 95 -1.16 -9.98 17.35
CA ILE C 95 -1.57 -9.73 18.73
C ILE C 95 -2.86 -10.51 19.05
N GLU C 96 -3.80 -10.48 18.12
CA GLU C 96 -5.05 -11.21 18.31
C GLU C 96 -4.75 -12.70 18.53
N LEU C 97 -3.78 -13.21 17.77
CA LEU C 97 -3.39 -14.61 17.91
C LEU C 97 -2.85 -14.87 19.32
N HIS C 98 -2.05 -13.94 19.83
CA HIS C 98 -1.52 -14.09 21.18
C HIS C 98 -2.68 -14.22 22.16
N GLU C 99 -3.73 -13.44 21.92
CA GLU C 99 -4.90 -13.49 22.78
C GLU C 99 -5.57 -14.87 22.68
N LYS C 100 -5.65 -15.41 21.46
CA LYS C 100 -6.25 -16.72 21.29
C LYS C 100 -5.38 -17.78 21.95
N LEU C 101 -4.05 -17.58 21.91
CA LEU C 101 -3.12 -18.52 22.55
C LEU C 101 -3.37 -18.53 24.06
N LYS C 102 -4.36 -17.76 24.51
CA LYS C 102 -4.70 -17.67 25.93
C LYS C 102 -3.78 -16.68 26.63
N ALA C 103 -2.48 -16.99 26.61
CA ALA C 103 -1.45 -16.16 27.26
C ALA C 103 -1.80 -14.67 27.21
N LYS D 1 -19.97 26.95 -1.17
CA LYS D 1 -19.08 26.05 -1.96
C LYS D 1 -19.44 24.59 -1.78
N LYS D 2 -19.77 23.94 -2.87
CA LYS D 2 -20.15 22.54 -2.84
C LYS D 2 -18.93 21.62 -2.88
N HIS D 3 -19.02 20.49 -2.19
CA HIS D 3 -17.93 19.52 -2.13
C HIS D 3 -18.12 18.37 -3.08
N ILE D 4 -17.20 18.26 -4.03
CA ILE D 4 -17.22 17.18 -4.99
C ILE D 4 -16.07 16.24 -4.61
N TYR D 5 -16.39 15.03 -4.18
CA TYR D 5 -15.38 14.06 -3.78
C TYR D 5 -15.33 12.90 -4.76
N LEU D 6 -14.13 12.60 -5.26
CA LEU D 6 -13.90 11.48 -6.19
C LEU D 6 -13.25 10.35 -5.40
N PHE D 7 -13.55 9.08 -5.75
CA PHE D 7 -12.84 7.96 -5.11
C PHE D 7 -12.18 7.06 -6.16
N CYS D 8 -11.02 6.46 -5.72
CA CYS D 8 -10.25 5.45 -6.46
C CYS D 8 -9.49 4.57 -5.48
N SER D 9 -8.62 3.66 -5.88
CA SER D 9 -8.03 2.83 -4.83
C SER D 9 -7.17 3.65 -3.89
N ALA D 10 -6.18 4.41 -4.39
CA ALA D 10 -5.29 5.14 -3.49
C ALA D 10 -5.60 6.62 -3.55
N GLY D 11 -5.85 7.14 -4.75
CA GLY D 11 -6.15 8.55 -4.93
C GLY D 11 -5.11 9.24 -5.82
N MET D 12 -4.48 8.52 -6.75
CA MET D 12 -3.47 9.14 -7.59
C MET D 12 -3.97 9.34 -9.03
N SER D 13 -4.05 8.27 -9.76
CA SER D 13 -4.49 8.37 -11.15
C SER D 13 -5.71 9.29 -11.30
N THR D 14 -6.45 9.50 -10.20
CA THR D 14 -7.62 10.37 -10.31
C THR D 14 -7.21 11.78 -9.89
N SER D 15 -6.09 11.83 -9.22
CA SER D 15 -5.48 13.09 -8.76
C SER D 15 -5.20 14.03 -9.93
N LEU D 16 -4.82 13.46 -11.06
CA LEU D 16 -4.55 14.26 -12.24
C LEU D 16 -5.88 14.86 -12.76
N LEU D 17 -6.96 14.07 -12.72
CA LEU D 17 -8.28 14.55 -13.14
C LEU D 17 -8.75 15.68 -12.19
N VAL D 18 -8.54 15.48 -10.88
CA VAL D 18 -8.91 16.50 -9.89
C VAL D 18 -8.18 17.83 -10.15
N SER D 19 -6.89 17.79 -10.47
CA SER D 19 -6.17 19.03 -10.74
C SER D 19 -6.73 19.77 -11.98
N LYS D 20 -7.12 19.03 -13.02
CA LYS D 20 -7.71 19.66 -14.20
C LYS D 20 -9.12 20.20 -13.91
N MET D 21 -9.87 19.50 -13.07
CA MET D 21 -11.22 20.00 -12.73
C MET D 21 -11.08 21.31 -11.94
N ARG D 22 -10.13 21.39 -11.02
CA ARG D 22 -9.91 22.60 -10.21
C ARG D 22 -9.56 23.79 -11.12
N ALA D 23 -8.79 23.54 -12.18
CA ALA D 23 -8.39 24.59 -13.11
C ALA D 23 -9.63 25.14 -13.81
N GLN D 24 -10.50 24.24 -14.24
CA GLN D 24 -11.72 24.61 -14.91
C GLN D 24 -12.67 25.35 -14.00
N ALA D 25 -12.80 24.88 -12.77
CA ALA D 25 -13.69 25.53 -11.80
C ALA D 25 -13.24 26.96 -11.55
N GLU D 26 -11.93 27.20 -11.60
CA GLU D 26 -11.39 28.54 -11.36
C GLU D 26 -11.65 29.43 -12.57
N LYS D 27 -11.43 28.88 -13.76
CA LYS D 27 -11.63 29.59 -14.99
C LYS D 27 -13.07 30.10 -15.12
N TYR D 28 -14.05 29.29 -14.72
CA TYR D 28 -15.48 29.69 -14.80
C TYR D 28 -16.13 30.10 -13.49
N GLU D 29 -15.33 30.35 -12.46
CA GLU D 29 -15.81 30.78 -11.15
C GLU D 29 -16.89 29.89 -10.51
N VAL D 30 -16.76 28.58 -10.66
CA VAL D 30 -17.70 27.63 -10.08
C VAL D 30 -17.27 27.48 -8.62
N PRO D 31 -18.19 27.73 -7.67
CA PRO D 31 -17.91 27.64 -6.23
C PRO D 31 -17.93 26.21 -5.68
N VAL D 32 -16.88 25.46 -6.01
CA VAL D 32 -16.75 24.08 -5.57
C VAL D 32 -15.38 23.76 -5.01
N ILE D 33 -15.35 22.75 -4.14
CA ILE D 33 -14.13 22.22 -3.55
C ILE D 33 -14.09 20.77 -4.09
N ILE D 34 -12.98 20.40 -4.71
CA ILE D 34 -12.79 19.07 -5.32
C ILE D 34 -11.61 18.31 -4.66
N GLU D 35 -11.86 17.09 -4.18
CA GLU D 35 -10.83 16.27 -3.52
C GLU D 35 -10.93 14.82 -4.00
N ALA D 36 -9.78 14.14 -4.09
CA ALA D 36 -9.71 12.73 -4.50
C ALA D 36 -9.34 11.92 -3.25
N PHE D 37 -9.93 10.74 -3.09
CA PHE D 37 -9.64 9.87 -1.95
C PHE D 37 -9.66 8.44 -2.43
N PRO D 38 -9.08 7.53 -1.64
CA PRO D 38 -9.07 6.11 -2.02
C PRO D 38 -10.49 5.61 -1.70
N GLU D 39 -10.91 4.54 -2.35
CA GLU D 39 -12.24 3.96 -2.13
C GLU D 39 -12.51 3.54 -0.69
N THR D 40 -11.46 3.29 0.09
CA THR D 40 -11.63 2.88 1.48
C THR D 40 -12.26 3.95 2.37
N LEU D 41 -12.19 5.21 1.94
CA LEU D 41 -12.77 6.32 2.70
C LEU D 41 -14.15 6.77 2.20
N ALA D 42 -14.74 6.07 1.21
CA ALA D 42 -16.05 6.45 0.63
C ALA D 42 -17.14 6.64 1.68
N GLY D 43 -17.12 5.80 2.71
CA GLY D 43 -18.13 5.91 3.75
C GLY D 43 -17.81 6.98 4.77
N GLU D 44 -16.53 7.16 5.08
CA GLU D 44 -16.15 8.15 6.07
C GLU D 44 -16.16 9.59 5.49
N LYS D 45 -15.52 9.77 4.34
CA LYS D 45 -15.46 11.08 3.70
C LYS D 45 -16.73 11.45 2.92
N GLY D 46 -17.38 10.46 2.32
CA GLY D 46 -18.60 10.70 1.55
C GLY D 46 -19.69 11.43 2.29
N GLN D 47 -19.77 11.23 3.60
CA GLN D 47 -20.79 11.89 4.43
C GLN D 47 -20.74 13.42 4.34
N ASN D 48 -19.59 13.97 3.95
CA ASN D 48 -19.43 15.41 3.87
C ASN D 48 -19.45 15.95 2.45
N ALA D 49 -19.66 15.08 1.48
CA ALA D 49 -19.67 15.54 0.10
C ALA D 49 -21.06 15.97 -0.30
N ASP D 50 -21.11 16.82 -1.31
CA ASP D 50 -22.38 17.25 -1.83
C ASP D 50 -22.73 16.32 -2.99
N VAL D 51 -21.69 15.73 -3.60
CA VAL D 51 -21.88 14.75 -4.67
C VAL D 51 -20.68 13.78 -4.61
N VAL D 52 -20.98 12.49 -4.70
CA VAL D 52 -19.97 11.44 -4.66
C VAL D 52 -19.78 10.85 -6.06
N LEU D 53 -18.55 10.92 -6.57
CA LEU D 53 -18.24 10.38 -7.88
C LEU D 53 -17.30 9.18 -7.73
N LEU D 54 -17.60 8.08 -8.42
CA LEU D 54 -16.75 6.88 -8.36
C LEU D 54 -15.96 6.73 -9.63
N GLY D 55 -14.69 6.35 -9.51
CA GLY D 55 -13.84 6.18 -10.68
C GLY D 55 -14.39 5.02 -11.49
N PRO D 56 -14.13 4.94 -12.76
CA PRO D 56 -14.66 3.84 -13.62
C PRO D 56 -14.24 2.42 -13.18
N GLN D 57 -13.07 2.31 -12.54
CA GLN D 57 -12.57 1.02 -12.08
C GLN D 57 -13.39 0.49 -10.90
N ILE D 58 -14.04 1.38 -10.15
CA ILE D 58 -14.82 0.94 -9.01
C ILE D 58 -16.34 1.02 -9.23
N ALA D 59 -16.75 0.99 -10.49
CA ALA D 59 -18.17 1.04 -10.83
C ALA D 59 -18.94 -0.11 -10.19
N TYR D 60 -18.34 -1.30 -10.13
CA TYR D 60 -19.04 -2.44 -9.55
C TYR D 60 -19.46 -2.21 -8.09
N MET D 61 -18.84 -1.23 -7.44
CA MET D 61 -19.15 -0.89 -6.05
C MET D 61 -20.33 0.08 -5.87
N LEU D 62 -20.89 0.58 -6.97
CA LEU D 62 -21.99 1.54 -6.90
C LEU D 62 -23.13 1.19 -5.93
N PRO D 63 -23.73 -0.02 -6.05
CA PRO D 63 -24.82 -0.37 -5.12
C PRO D 63 -24.43 -0.30 -3.65
N GLU D 64 -23.22 -0.72 -3.30
CA GLU D 64 -22.77 -0.68 -1.91
C GLU D 64 -22.60 0.74 -1.42
N ILE D 65 -22.02 1.59 -2.25
CA ILE D 65 -21.83 2.99 -1.85
C ILE D 65 -23.16 3.74 -1.71
N GLN D 66 -24.12 3.42 -2.59
CA GLN D 66 -25.46 4.00 -2.52
C GLN D 66 -26.13 3.64 -1.18
N ARG D 67 -26.00 2.39 -0.73
CA ARG D 67 -26.60 1.98 0.55
C ARG D 67 -25.89 2.63 1.74
N LEU D 68 -24.60 2.88 1.59
CA LEU D 68 -23.77 3.49 2.64
C LEU D 68 -24.11 4.97 2.82
N LEU D 69 -24.39 5.65 1.70
CA LEU D 69 -24.73 7.09 1.68
C LEU D 69 -26.11 7.27 1.01
N PRO D 70 -27.20 6.87 1.69
CA PRO D 70 -28.55 6.99 1.13
C PRO D 70 -29.03 8.44 0.93
N ASN D 71 -28.35 9.38 1.56
CA ASN D 71 -28.75 10.79 1.44
C ASN D 71 -27.82 11.63 0.57
N LYS D 72 -27.08 10.99 -0.33
CA LYS D 72 -26.14 11.69 -1.21
C LYS D 72 -26.26 11.20 -2.63
N PRO D 73 -26.13 12.10 -3.63
CA PRO D 73 -26.21 11.62 -5.02
C PRO D 73 -24.85 10.97 -5.27
N VAL D 74 -24.87 9.73 -5.75
CA VAL D 74 -23.64 8.96 -6.02
C VAL D 74 -23.64 8.48 -7.46
N GLU D 75 -22.58 8.72 -8.19
CA GLU D 75 -22.53 8.22 -9.55
C GLU D 75 -21.13 7.95 -10.07
N VAL D 76 -21.06 7.12 -11.10
CA VAL D 76 -19.80 6.72 -11.71
C VAL D 76 -19.40 7.72 -12.78
N ILE D 77 -18.11 8.03 -12.84
CA ILE D 77 -17.58 8.96 -13.83
C ILE D 77 -17.54 8.27 -15.17
N ASP D 78 -17.96 8.97 -16.21
CA ASP D 78 -17.94 8.40 -17.55
C ASP D 78 -16.51 7.95 -17.89
N SER D 79 -16.33 6.69 -18.28
CA SER D 79 -14.99 6.17 -18.58
C SER D 79 -14.18 6.90 -19.65
N LEU D 80 -14.87 7.44 -20.65
CA LEU D 80 -14.19 8.17 -21.73
C LEU D 80 -13.73 9.53 -21.23
N LEU D 81 -14.58 10.18 -20.45
CA LEU D 81 -14.26 11.49 -19.90
C LEU D 81 -13.10 11.33 -18.94
N TYR D 82 -13.10 10.21 -18.22
CA TYR D 82 -12.04 9.90 -17.25
C TYR D 82 -10.71 9.58 -17.95
N GLY D 83 -10.75 8.68 -18.92
CA GLY D 83 -9.54 8.32 -19.64
C GLY D 83 -8.87 9.50 -20.31
N LYS D 84 -9.68 10.37 -20.87
CA LYS D 84 -9.22 11.56 -21.59
C LYS D 84 -8.79 12.70 -20.65
N VAL D 85 -9.07 12.52 -19.35
CA VAL D 85 -8.77 13.52 -18.31
C VAL D 85 -9.47 14.86 -18.61
N ASP D 86 -10.76 14.77 -18.94
CA ASP D 86 -11.57 15.95 -19.28
C ASP D 86 -12.09 16.63 -18.03
N GLY D 87 -11.29 17.56 -17.51
CA GLY D 87 -11.64 18.31 -16.31
C GLY D 87 -12.94 19.07 -16.45
N LEU D 88 -13.16 19.73 -17.60
CA LEU D 88 -14.39 20.49 -17.80
C LEU D 88 -15.63 19.58 -17.87
N GLY D 89 -15.50 18.50 -18.64
CA GLY D 89 -16.59 17.56 -18.81
C GLY D 89 -17.07 16.91 -17.53
N VAL D 90 -16.12 16.49 -16.69
CA VAL D 90 -16.48 15.84 -15.42
C VAL D 90 -17.04 16.88 -14.45
N LEU D 91 -16.47 18.08 -14.49
CA LEU D 91 -16.97 19.15 -13.63
C LEU D 91 -18.46 19.39 -14.00
N LYS D 92 -18.76 19.42 -15.30
CA LYS D 92 -20.15 19.61 -15.75
C LYS D 92 -21.09 18.52 -15.24
N ALA D 93 -20.64 17.27 -15.30
CA ALA D 93 -21.47 16.14 -14.85
C ALA D 93 -21.76 16.21 -13.35
N ALA D 94 -20.78 16.72 -12.60
CA ALA D 94 -20.90 16.82 -11.15
C ALA D 94 -21.90 17.90 -10.75
N VAL D 95 -21.80 19.06 -11.40
CA VAL D 95 -22.72 20.17 -11.13
C VAL D 95 -24.13 19.69 -11.49
N ALA D 96 -24.25 18.98 -12.61
CA ALA D 96 -25.54 18.45 -13.04
C ALA D 96 -26.13 17.51 -11.99
N ALA D 97 -25.33 16.57 -11.49
CA ALA D 97 -25.85 15.64 -10.49
C ALA D 97 -26.36 16.40 -9.26
N ILE D 98 -25.70 17.51 -8.93
CA ILE D 98 -26.12 18.32 -7.78
C ILE D 98 -27.46 19.01 -8.03
N LYS D 99 -27.63 19.58 -9.24
CA LYS D 99 -28.87 20.26 -9.62
C LYS D 99 -30.01 19.26 -9.71
N LYS D 100 -29.80 18.19 -10.45
CA LYS D 100 -30.83 17.18 -10.59
C LYS D 100 -31.20 16.60 -9.22
N ALA D 101 -30.34 16.79 -8.23
CA ALA D 101 -30.58 16.28 -6.88
C ALA D 101 -31.37 17.24 -6.00
N ALA D 102 -31.14 18.54 -6.18
CA ALA D 102 -31.83 19.57 -5.43
C ALA D 102 -33.22 19.88 -6.02
N ALA D 103 -33.60 19.13 -7.06
CA ALA D 103 -34.88 19.29 -7.72
C ALA D 103 -35.05 18.26 -8.85
P PO3 E . -4.78 5.42 -7.20
O1 PO3 E . -5.25 4.00 -6.94
O2 PO3 E . -4.76 5.95 -8.61
O3 PO3 E . -4.14 6.22 -6.09
N ALA A 1 0.74 7.29 -18.60
CA ALA A 1 0.24 7.59 -19.96
C ALA A 1 -1.09 6.86 -20.17
N GLU A 2 -1.77 7.18 -21.26
CA GLU A 2 -3.08 6.58 -21.60
C GLU A 2 -3.28 5.20 -20.95
N GLU A 3 -2.80 4.17 -21.63
CA GLU A 3 -2.95 2.80 -21.13
C GLU A 3 -2.16 2.60 -19.84
N LEU A 4 -0.84 2.78 -19.91
CA LEU A 4 0.01 2.60 -18.74
C LEU A 4 -0.63 3.20 -17.48
N GLU A 5 -1.21 4.38 -17.61
CA GLU A 5 -1.84 5.05 -16.47
C GLU A 5 -3.12 4.34 -16.08
N GLU A 6 -3.94 4.01 -17.07
CA GLU A 6 -5.19 3.30 -16.82
C GLU A 6 -4.88 1.88 -16.34
N VAL A 7 -3.80 1.31 -16.88
CA VAL A 7 -3.37 -0.03 -16.50
C VAL A 7 -2.93 -0.05 -15.03
N VAL A 8 -2.20 0.99 -14.63
CA VAL A 8 -1.73 1.10 -13.25
C VAL A 8 -2.95 1.16 -12.33
N MET A 9 -3.95 1.96 -12.70
CA MET A 9 -5.17 2.06 -11.90
C MET A 9 -5.77 0.67 -11.73
N GLY A 10 -5.81 -0.09 -12.82
CA GLY A 10 -6.34 -1.45 -12.77
C GLY A 10 -5.49 -2.31 -11.83
N LEU A 11 -4.17 -2.17 -11.95
CA LEU A 11 -3.26 -2.93 -11.10
C LEU A 11 -3.45 -2.56 -9.64
N ILE A 12 -3.57 -1.27 -9.37
CA ILE A 12 -3.76 -0.80 -8.00
C ILE A 12 -5.06 -1.36 -7.46
N ILE A 13 -6.11 -1.29 -8.26
CA ILE A 13 -7.40 -1.82 -7.85
C ILE A 13 -7.30 -3.33 -7.65
N ASN A 14 -6.65 -4.01 -8.60
CA ASN A 14 -6.47 -5.45 -8.53
C ASN A 14 -5.71 -5.82 -7.26
N SER A 15 -4.61 -5.11 -7.03
CA SER A 15 -3.81 -5.35 -5.83
C SER A 15 -4.65 -5.14 -4.57
N GLY A 16 -5.44 -4.06 -4.60
CA GLY A 16 -6.32 -3.75 -3.47
C GLY A 16 -7.35 -4.86 -3.26
N GLN A 17 -7.95 -5.32 -4.36
CA GLN A 17 -8.94 -6.40 -4.27
C GLN A 17 -8.27 -7.65 -3.72
N ALA A 18 -7.05 -7.92 -4.18
CA ALA A 18 -6.31 -9.09 -3.72
C ALA A 18 -6.15 -9.04 -2.21
N ARG A 19 -5.70 -7.91 -1.69
CA ARG A 19 -5.55 -7.77 -0.25
C ARG A 19 -6.90 -7.95 0.43
N SER A 20 -7.91 -7.28 -0.11
CA SER A 20 -9.25 -7.36 0.44
C SER A 20 -9.68 -8.83 0.57
N LEU A 21 -9.47 -9.59 -0.49
CA LEU A 21 -9.81 -11.01 -0.48
C LEU A 21 -8.97 -11.74 0.58
N ALA A 22 -7.69 -11.40 0.63
CA ALA A 22 -6.79 -12.03 1.60
C ALA A 22 -7.30 -11.80 3.03
N TYR A 23 -7.59 -10.55 3.38
CA TYR A 23 -8.10 -10.25 4.72
C TYR A 23 -9.41 -11.00 4.93
N ALA A 24 -10.25 -11.03 3.90
CA ALA A 24 -11.51 -11.73 3.99
C ALA A 24 -11.24 -13.22 4.25
N ALA A 25 -10.23 -13.75 3.56
CA ALA A 25 -9.84 -15.14 3.75
C ALA A 25 -9.48 -15.38 5.21
N LEU A 26 -8.72 -14.46 5.78
CA LEU A 26 -8.32 -14.57 7.18
C LEU A 26 -9.56 -14.55 8.07
N LYS A 27 -10.48 -13.64 7.77
CA LYS A 27 -11.71 -13.53 8.54
C LYS A 27 -12.45 -14.87 8.56
N GLN A 28 -12.48 -15.54 7.41
CA GLN A 28 -13.15 -16.84 7.31
C GLN A 28 -12.48 -17.81 8.28
N ALA A 29 -11.15 -17.75 8.35
CA ALA A 29 -10.39 -18.62 9.24
C ALA A 29 -10.80 -18.38 10.69
N LYS A 30 -10.95 -17.12 11.05
CA LYS A 30 -11.36 -16.77 12.41
C LYS A 30 -12.72 -17.37 12.73
N GLN A 31 -13.58 -17.50 11.72
CA GLN A 31 -14.89 -18.08 11.93
C GLN A 31 -14.80 -19.60 11.96
N GLY A 32 -13.60 -20.12 11.77
CA GLY A 32 -13.37 -21.56 11.81
C GLY A 32 -13.71 -22.21 10.47
N ASP A 33 -13.83 -21.40 9.43
CA ASP A 33 -14.15 -21.90 8.09
C ASP A 33 -12.88 -22.06 7.26
N PHE A 34 -12.18 -23.18 7.47
CA PHE A 34 -10.93 -23.42 6.73
C PHE A 34 -11.18 -23.60 5.24
N ALA A 35 -12.31 -24.21 4.89
CA ALA A 35 -12.63 -24.46 3.49
C ALA A 35 -12.77 -23.14 2.72
N ALA A 36 -13.56 -22.23 3.26
CA ALA A 36 -13.76 -20.95 2.60
C ALA A 36 -12.46 -20.14 2.60
N ALA A 37 -11.70 -20.23 3.68
CA ALA A 37 -10.43 -19.52 3.75
C ALA A 37 -9.52 -19.99 2.60
N LYS A 38 -9.36 -21.30 2.49
CA LYS A 38 -8.53 -21.90 1.45
C LYS A 38 -8.96 -21.42 0.06
N ALA A 39 -10.26 -21.45 -0.21
CA ALA A 39 -10.77 -21.03 -1.51
C ALA A 39 -10.47 -19.57 -1.79
N MET A 40 -10.61 -18.74 -0.76
CA MET A 40 -10.36 -17.30 -0.90
C MET A 40 -8.88 -17.03 -1.18
N MET A 41 -7.98 -17.76 -0.50
CA MET A 41 -6.55 -17.56 -0.72
C MET A 41 -6.19 -17.92 -2.15
N ASP A 42 -6.77 -19.01 -2.65
CA ASP A 42 -6.47 -19.48 -3.99
C ASP A 42 -6.83 -18.42 -5.02
N GLN A 43 -8.03 -17.87 -4.88
CA GLN A 43 -8.48 -16.82 -5.80
C GLN A 43 -7.61 -15.59 -5.67
N SER A 44 -7.25 -15.24 -4.44
CA SER A 44 -6.40 -14.08 -4.20
C SER A 44 -5.06 -14.28 -4.91
N ARG A 45 -4.49 -15.47 -4.78
CA ARG A 45 -3.22 -15.82 -5.43
C ARG A 45 -3.32 -15.66 -6.95
N MET A 46 -4.40 -16.18 -7.51
CA MET A 46 -4.63 -16.11 -8.95
C MET A 46 -4.72 -14.65 -9.40
N ALA A 47 -5.41 -13.83 -8.62
CA ALA A 47 -5.56 -12.41 -8.94
C ALA A 47 -4.19 -11.74 -9.00
N LEU A 48 -3.35 -12.05 -8.02
CA LEU A 48 -2.00 -11.49 -7.95
C LEU A 48 -1.15 -11.98 -9.12
N ASN A 49 -1.29 -13.26 -9.41
CA ASN A 49 -0.51 -13.87 -10.48
C ASN A 49 -0.77 -13.15 -11.80
N GLU A 50 -2.04 -12.89 -12.07
CA GLU A 50 -2.41 -12.17 -13.29
C GLU A 50 -1.86 -10.75 -13.23
N ALA A 51 -1.97 -10.13 -12.05
CA ALA A 51 -1.47 -8.77 -11.87
C ALA A 51 0.06 -8.75 -12.05
N HIS A 52 0.73 -9.71 -11.44
CA HIS A 52 2.19 -9.81 -11.54
C HIS A 52 2.61 -10.01 -13.00
N LEU A 53 1.86 -10.83 -13.72
CA LEU A 53 2.16 -11.11 -15.12
C LEU A 53 2.11 -9.82 -15.93
N VAL A 54 1.08 -9.02 -15.68
CA VAL A 54 0.94 -7.75 -16.38
C VAL A 54 2.11 -6.84 -16.04
N GLN A 55 2.46 -6.79 -14.76
CA GLN A 55 3.59 -5.96 -14.34
C GLN A 55 4.88 -6.45 -15.01
N THR A 56 5.08 -7.76 -15.08
CA THR A 56 6.28 -8.32 -15.72
C THR A 56 6.46 -7.71 -17.11
N LYS A 57 5.37 -7.66 -17.88
CA LYS A 57 5.43 -7.06 -19.22
C LYS A 57 5.76 -5.59 -19.10
N LEU A 58 5.18 -4.94 -18.10
CA LEU A 58 5.43 -3.52 -17.90
C LEU A 58 6.87 -3.24 -17.48
N ILE A 59 7.58 -4.25 -16.98
CA ILE A 59 8.99 -4.06 -16.60
C ILE A 59 9.93 -4.47 -17.76
N GLU A 60 9.55 -5.49 -18.53
CA GLU A 60 10.37 -5.95 -19.66
C GLU A 60 10.46 -4.88 -20.74
N GLY A 61 9.34 -4.20 -21.01
CA GLY A 61 9.31 -3.17 -22.03
C GLY A 61 9.20 -1.78 -21.42
N ASP A 62 9.80 -1.60 -20.24
CA ASP A 62 9.75 -0.32 -19.54
C ASP A 62 10.49 0.78 -20.32
N ALA A 63 11.17 0.39 -21.40
CA ALA A 63 11.90 1.36 -22.21
C ALA A 63 10.97 2.06 -23.19
N GLY A 64 11.49 3.07 -23.89
CA GLY A 64 10.68 3.81 -24.86
C GLY A 64 10.81 5.32 -24.66
N GLU A 65 10.45 5.80 -23.47
CA GLU A 65 10.53 7.23 -23.19
C GLU A 65 11.97 7.72 -23.18
N GLY A 66 12.86 6.90 -22.64
CA GLY A 66 14.28 7.27 -22.58
C GLY A 66 15.15 6.04 -22.36
N LYS A 67 16.47 6.25 -22.44
CA LYS A 67 17.41 5.15 -22.27
C LYS A 67 17.39 4.63 -20.82
N MET A 68 18.11 5.32 -19.94
CA MET A 68 18.20 4.93 -18.54
C MET A 68 16.88 5.05 -17.79
N LYS A 69 16.13 6.12 -18.08
CA LYS A 69 14.87 6.35 -17.37
C LYS A 69 13.76 5.39 -17.80
N VAL A 70 12.84 5.14 -16.87
CA VAL A 70 11.71 4.23 -17.10
C VAL A 70 10.41 4.88 -16.65
N SER A 71 9.28 4.23 -16.95
CA SER A 71 7.98 4.77 -16.55
C SER A 71 7.94 4.91 -15.03
N LEU A 72 7.54 6.10 -14.57
CA LEU A 72 7.48 6.40 -13.14
C LEU A 72 6.43 5.55 -12.41
N VAL A 73 5.30 5.39 -13.07
CA VAL A 73 4.18 4.62 -12.52
C VAL A 73 4.55 3.16 -12.22
N LEU A 74 5.60 2.68 -12.85
CA LEU A 74 6.03 1.30 -12.63
C LEU A 74 6.18 1.01 -11.15
N VAL A 75 6.58 2.03 -10.41
CA VAL A 75 6.80 1.90 -8.98
C VAL A 75 5.45 1.81 -8.26
N HIS A 76 4.22 2.83 -8.66
CA HIS A 76 2.87 2.83 -8.07
C HIS A 76 2.27 1.43 -8.15
N ALA A 77 2.61 0.73 -9.23
CA ALA A 77 2.14 -0.64 -9.42
C ALA A 77 3.00 -1.63 -8.63
N GLN A 78 4.32 -1.49 -8.71
CA GLN A 78 5.21 -2.42 -8.02
C GLN A 78 5.00 -2.31 -6.51
N LEU A 79 4.96 -1.09 -6.01
CA LEU A 79 4.72 -0.86 -4.59
C LEU A 79 3.44 -1.54 -4.13
N HIS A 80 2.35 -1.32 -4.85
CA HIS A 80 1.08 -1.91 -4.47
C HIS A 80 1.12 -3.44 -4.62
N LEU A 81 1.65 -3.90 -5.74
CA LEU A 81 1.74 -5.34 -5.99
C LEU A 81 2.64 -6.04 -4.98
N MET A 82 3.80 -5.45 -4.70
CA MET A 82 4.74 -6.05 -3.75
C MET A 82 4.11 -6.14 -2.37
N THR A 83 3.46 -5.05 -1.96
CA THR A 83 2.81 -5.00 -0.65
C THR A 83 1.69 -6.04 -0.56
N SER A 84 0.84 -6.07 -1.58
CA SER A 84 -0.29 -7.01 -1.61
C SER A 84 0.20 -8.46 -1.60
N MET A 85 1.16 -8.78 -2.45
CA MET A 85 1.69 -10.14 -2.51
C MET A 85 2.26 -10.57 -1.18
N LEU A 86 3.07 -9.70 -0.59
CA LEU A 86 3.68 -10.00 0.70
C LEU A 86 2.61 -10.19 1.78
N ALA A 87 1.64 -9.28 1.79
CA ALA A 87 0.56 -9.36 2.76
C ALA A 87 -0.15 -10.70 2.67
N ARG A 88 -0.49 -11.10 1.47
CA ARG A 88 -1.18 -12.37 1.27
C ARG A 88 -0.35 -13.55 1.78
N GLU A 89 0.93 -13.57 1.45
CA GLU A 89 1.77 -14.67 1.88
C GLU A 89 1.79 -14.78 3.39
N LEU A 90 1.95 -13.65 4.06
CA LEU A 90 1.96 -13.64 5.51
C LEU A 90 0.58 -14.03 6.05
N ILE A 91 -0.46 -13.51 5.42
CA ILE A 91 -1.82 -13.85 5.84
C ILE A 91 -2.03 -15.35 5.69
N THR A 92 -1.50 -15.92 4.61
CA THR A 92 -1.60 -17.37 4.40
C THR A 92 -0.98 -18.10 5.59
N GLU A 93 0.20 -17.64 6.01
CA GLU A 93 0.88 -18.23 7.16
C GLU A 93 0.02 -18.08 8.40
N LEU A 94 -0.57 -16.89 8.56
CA LEU A 94 -1.43 -16.62 9.72
C LEU A 94 -2.62 -17.59 9.71
N ILE A 95 -3.20 -17.80 8.55
CA ILE A 95 -4.34 -18.73 8.44
C ILE A 95 -3.90 -20.14 8.83
N GLU A 96 -2.72 -20.56 8.36
CA GLU A 96 -2.22 -21.88 8.71
C GLU A 96 -2.08 -22.00 10.22
N LEU A 97 -1.64 -20.91 10.87
CA LEU A 97 -1.51 -20.92 12.32
C LEU A 97 -2.88 -21.12 12.98
N HIS A 98 -3.89 -20.46 12.44
CA HIS A 98 -5.25 -20.62 12.98
C HIS A 98 -5.63 -22.08 12.92
N GLU A 99 -5.25 -22.75 11.84
CA GLU A 99 -5.55 -24.17 11.68
C GLU A 99 -4.81 -24.98 12.74
N LYS A 100 -3.56 -24.62 13.01
CA LYS A 100 -2.79 -25.32 14.02
C LYS A 100 -3.39 -25.06 15.41
N LEU A 101 -3.92 -23.84 15.61
CA LEU A 101 -4.56 -23.49 16.88
C LEU A 101 -5.80 -24.37 17.09
N LYS A 102 -6.02 -25.30 16.15
CA LYS A 102 -7.18 -26.20 16.21
C LYS A 102 -8.43 -25.52 15.71
N ALA A 103 -8.82 -24.42 16.39
CA ALA A 103 -10.03 -23.67 16.04
C ALA A 103 -10.30 -23.65 14.53
N ALA B 1 22.66 3.11 -13.51
CA ALA B 1 23.97 3.34 -14.19
C ALA B 1 24.86 2.13 -13.94
N GLU B 2 26.00 2.08 -14.64
CA GLU B 2 26.95 0.97 -14.53
C GLU B 2 26.86 0.24 -13.18
N GLU B 3 27.57 0.74 -12.19
CA GLU B 3 27.58 0.13 -10.87
C GLU B 3 26.22 0.21 -10.20
N LEU B 4 25.72 1.44 -10.02
CA LEU B 4 24.42 1.61 -9.38
C LEU B 4 23.38 0.61 -9.91
N GLU B 5 23.37 0.41 -11.22
CA GLU B 5 22.42 -0.52 -11.83
C GLU B 5 22.76 -1.95 -11.47
N GLU B 6 24.03 -2.30 -11.57
CA GLU B 6 24.50 -3.63 -11.23
C GLU B 6 24.38 -3.85 -9.73
N VAL B 7 24.60 -2.79 -8.97
CA VAL B 7 24.51 -2.85 -7.52
C VAL B 7 23.05 -3.11 -7.10
N VAL B 8 22.12 -2.44 -7.77
CA VAL B 8 20.69 -2.63 -7.49
C VAL B 8 20.33 -4.08 -7.74
N MET B 9 20.80 -4.63 -8.86
CA MET B 9 20.52 -6.03 -9.18
C MET B 9 21.01 -6.91 -8.03
N GLY B 10 22.21 -6.62 -7.53
CA GLY B 10 22.75 -7.37 -6.41
C GLY B 10 21.86 -7.21 -5.19
N LEU B 11 21.44 -5.98 -4.93
CA LEU B 11 20.56 -5.70 -3.79
C LEU B 11 19.24 -6.44 -3.93
N ILE B 12 18.67 -6.41 -5.13
CA ILE B 12 17.40 -7.09 -5.38
C ILE B 12 17.57 -8.58 -5.14
N ILE B 13 18.66 -9.12 -5.68
CA ILE B 13 18.94 -10.54 -5.50
C ILE B 13 19.17 -10.83 -4.02
N ASN B 14 19.95 -9.98 -3.36
CA ASN B 14 20.24 -10.16 -1.94
C ASN B 14 18.94 -10.10 -1.13
N SER B 15 18.11 -9.11 -1.42
CA SER B 15 16.83 -8.99 -0.74
C SER B 15 15.98 -10.23 -0.97
N GLY B 16 15.99 -10.71 -2.22
CA GLY B 16 15.23 -11.91 -2.57
C GLY B 16 15.76 -13.12 -1.81
N GLN B 17 17.08 -13.25 -1.75
CA GLN B 17 17.68 -14.37 -1.03
C GLN B 17 17.31 -14.28 0.45
N ALA B 18 17.35 -13.06 0.98
CA ALA B 18 17.00 -12.84 2.37
C ALA B 18 15.60 -13.36 2.66
N ARG B 19 14.64 -12.97 1.84
CA ARG B 19 13.27 -13.44 2.02
C ARG B 19 13.24 -14.96 1.90
N SER B 20 13.90 -15.47 0.86
CA SER B 20 13.94 -16.91 0.64
C SER B 20 14.41 -17.63 1.89
N LEU B 21 15.50 -17.13 2.48
CA LEU B 21 16.04 -17.73 3.71
C LEU B 21 15.01 -17.60 4.83
N ALA B 22 14.37 -16.44 4.93
CA ALA B 22 13.37 -16.20 5.97
C ALA B 22 12.24 -17.23 5.85
N TYR B 23 11.67 -17.38 4.65
CA TYR B 23 10.60 -18.36 4.46
C TYR B 23 11.12 -19.75 4.79
N ALA B 24 12.36 -20.04 4.38
CA ALA B 24 12.95 -21.33 4.67
C ALA B 24 13.06 -21.49 6.19
N ALA B 25 13.43 -20.41 6.87
CA ALA B 25 13.53 -20.43 8.33
C ALA B 25 12.18 -20.80 8.92
N LEU B 26 11.12 -20.21 8.39
CA LEU B 26 9.78 -20.50 8.86
C LEU B 26 9.45 -21.97 8.62
N LYS B 27 9.80 -22.46 7.44
CA LYS B 27 9.55 -23.86 7.11
C LYS B 27 10.21 -24.78 8.14
N GLN B 28 11.43 -24.43 8.54
CA GLN B 28 12.13 -25.23 9.56
C GLN B 28 11.31 -25.26 10.84
N ALA B 29 10.74 -24.11 11.19
CA ALA B 29 9.91 -24.02 12.40
C ALA B 29 8.73 -24.97 12.31
N LYS B 30 8.09 -25.01 11.14
CA LYS B 30 6.95 -25.90 10.94
C LYS B 30 7.36 -27.35 11.16
N GLN B 31 8.62 -27.67 10.83
CA GLN B 31 9.10 -29.04 11.01
C GLN B 31 9.46 -29.28 12.48
N GLY B 32 9.32 -28.24 13.29
CA GLY B 32 9.63 -28.35 14.72
C GLY B 32 11.13 -28.18 14.99
N ASP B 33 11.86 -27.66 14.00
CA ASP B 33 13.29 -27.46 14.14
C ASP B 33 13.60 -26.02 14.53
N PHE B 34 13.47 -25.71 15.81
CA PHE B 34 13.73 -24.34 16.29
C PHE B 34 15.18 -23.94 16.10
N ALA B 35 16.09 -24.90 16.27
CA ALA B 35 17.52 -24.60 16.15
C ALA B 35 17.86 -24.12 14.74
N ALA B 36 17.43 -24.87 13.74
CA ALA B 36 17.71 -24.50 12.36
C ALA B 36 16.98 -23.20 12.01
N ALA B 37 15.77 -23.03 12.51
CA ALA B 37 15.03 -21.80 12.24
C ALA B 37 15.82 -20.61 12.74
N LYS B 38 16.23 -20.68 14.02
CA LYS B 38 17.01 -19.60 14.63
C LYS B 38 18.27 -19.27 13.81
N ALA B 39 18.99 -20.29 13.40
CA ALA B 39 20.21 -20.10 12.61
C ALA B 39 19.91 -19.41 11.28
N MET B 40 18.83 -19.82 10.64
CA MET B 40 18.44 -19.26 9.36
C MET B 40 18.05 -17.78 9.51
N MET B 41 17.32 -17.45 10.57
CA MET B 41 16.92 -16.06 10.78
C MET B 41 18.15 -15.17 10.97
N ASP B 42 19.12 -15.68 11.73
CA ASP B 42 20.33 -14.93 12.01
C ASP B 42 21.06 -14.57 10.73
N GLN B 43 21.21 -15.58 9.86
CA GLN B 43 21.88 -15.36 8.59
C GLN B 43 21.08 -14.40 7.72
N SER B 44 19.76 -14.54 7.73
CA SER B 44 18.91 -13.65 6.95
C SER B 44 19.13 -12.20 7.41
N ARG B 45 19.14 -12.00 8.73
CA ARG B 45 19.35 -10.68 9.30
C ARG B 45 20.69 -10.09 8.83
N MET B 46 21.74 -10.90 8.89
CA MET B 46 23.07 -10.45 8.49
C MET B 46 23.05 -10.04 7.02
N ALA B 47 22.37 -10.84 6.20
CA ALA B 47 22.27 -10.53 4.77
C ALA B 47 21.58 -9.19 4.56
N LEU B 48 20.50 -8.97 5.31
CA LEU B 48 19.75 -7.72 5.21
C LEU B 48 20.59 -6.55 5.72
N ASN B 49 21.30 -6.78 6.81
CA ASN B 49 22.13 -5.75 7.40
C ASN B 49 23.18 -5.26 6.40
N GLU B 50 23.83 -6.19 5.73
CA GLU B 50 24.82 -5.83 4.72
C GLU B 50 24.17 -5.10 3.57
N ALA B 51 23.00 -5.58 3.17
CA ALA B 51 22.25 -4.96 2.08
C ALA B 51 21.83 -3.54 2.48
N HIS B 52 21.32 -3.41 3.70
CA HIS B 52 20.88 -2.11 4.21
C HIS B 52 22.06 -1.13 4.27
N LEU B 53 23.22 -1.64 4.69
CA LEU B 53 24.42 -0.80 4.79
C LEU B 53 24.77 -0.23 3.41
N VAL B 54 24.71 -1.09 2.40
CA VAL B 54 25.03 -0.66 1.04
C VAL B 54 24.01 0.40 0.61
N GLN B 55 22.73 0.16 0.90
CA GLN B 55 21.70 1.13 0.53
C GLN B 55 21.96 2.45 1.25
N THR B 56 22.32 2.39 2.54
CA THR B 56 22.60 3.61 3.30
C THR B 56 23.57 4.50 2.53
N LYS B 57 24.65 3.90 2.04
CA LYS B 57 25.62 4.66 1.25
C LYS B 57 24.97 5.20 -0.01
N LEU B 58 24.12 4.39 -0.61
CA LEU B 58 23.44 4.78 -1.84
C LEU B 58 22.45 5.93 -1.59
N ILE B 59 22.02 6.12 -0.32
CA ILE B 59 21.11 7.23 -0.01
C ILE B 59 21.88 8.48 0.45
N GLU B 60 23.00 8.27 1.16
CA GLU B 60 23.81 9.39 1.64
C GLU B 60 24.42 10.17 0.46
N GLY B 61 24.86 9.43 -0.55
CA GLY B 61 25.49 10.05 -1.72
C GLY B 61 24.59 9.96 -2.95
N ASP B 62 23.28 10.02 -2.73
CA ASP B 62 22.32 9.93 -3.82
C ASP B 62 22.41 11.14 -4.77
N ALA B 63 23.21 12.12 -4.40
CA ALA B 63 23.36 13.32 -5.23
C ALA B 63 24.37 13.07 -6.34
N GLY B 64 24.50 14.03 -7.26
CA GLY B 64 25.44 13.90 -8.37
C GLY B 64 24.78 14.23 -9.71
N GLU B 65 23.73 13.48 -10.05
CA GLU B 65 23.03 13.70 -11.32
C GLU B 65 22.34 15.07 -11.33
N GLY B 66 21.76 15.45 -10.20
CA GLY B 66 21.07 16.73 -10.11
C GLY B 66 20.91 17.16 -8.66
N LYS B 67 20.42 18.38 -8.47
CA LYS B 67 20.23 18.92 -7.13
C LYS B 67 19.13 18.16 -6.38
N MET B 68 17.88 18.54 -6.66
CA MET B 68 16.72 17.93 -6.01
C MET B 68 16.52 16.47 -6.40
N LYS B 69 16.75 16.13 -7.66
CA LYS B 69 16.54 14.76 -8.14
C LYS B 69 17.62 13.80 -7.64
N VAL B 70 17.22 12.52 -7.52
CA VAL B 70 18.11 11.47 -7.05
C VAL B 70 18.02 10.24 -7.98
N SER B 71 18.89 9.26 -7.76
CA SER B 71 18.88 8.05 -8.59
C SER B 71 17.52 7.37 -8.49
N LEU B 72 16.93 7.04 -9.64
CA LEU B 72 15.60 6.45 -9.66
C LEU B 72 15.59 5.04 -9.04
N VAL B 73 16.65 4.30 -9.35
CA VAL B 73 16.80 2.93 -8.88
C VAL B 73 16.83 2.84 -7.34
N LEU B 74 17.12 3.95 -6.69
CA LEU B 74 17.17 3.95 -5.23
C LEU B 74 15.89 3.39 -4.64
N VAL B 75 14.78 3.76 -5.27
CA VAL B 75 13.47 3.30 -4.82
C VAL B 75 13.37 1.79 -5.03
N HIS B 76 13.84 1.23 -6.25
CA HIS B 76 13.79 -0.20 -6.53
C HIS B 76 14.48 -0.98 -5.42
N ALA B 77 15.65 -0.52 -5.03
CA ALA B 77 16.40 -1.18 -3.96
C ALA B 77 15.69 -1.01 -2.63
N GLN B 78 15.18 0.20 -2.38
CA GLN B 78 14.49 0.47 -1.13
C GLN B 78 13.22 -0.36 -1.03
N LEU B 79 12.44 -0.39 -2.12
CA LEU B 79 11.22 -1.18 -2.14
C LEU B 79 11.49 -2.65 -1.82
N HIS B 80 12.48 -3.23 -2.48
CA HIS B 80 12.80 -4.62 -2.24
C HIS B 80 13.36 -4.83 -0.84
N LEU B 81 14.27 -3.95 -0.44
CA LEU B 81 14.88 -4.06 0.89
C LEU B 81 13.85 -3.85 2.00
N MET B 82 13.00 -2.85 1.86
CA MET B 82 11.98 -2.57 2.87
C MET B 82 11.02 -3.75 3.01
N THR B 83 10.59 -4.28 1.87
CA THR B 83 9.67 -5.41 1.87
C THR B 83 10.32 -6.64 2.50
N SER B 84 11.55 -6.94 2.10
CA SER B 84 12.26 -8.09 2.64
C SER B 84 12.50 -7.97 4.14
N MET B 85 12.97 -6.81 4.58
CA MET B 85 13.24 -6.60 6.01
C MET B 85 11.96 -6.76 6.83
N LEU B 86 10.89 -6.14 6.36
CA LEU B 86 9.61 -6.21 7.06
C LEU B 86 9.11 -7.65 7.12
N ALA B 87 9.17 -8.33 5.98
CA ALA B 87 8.72 -9.71 5.90
C ALA B 87 9.49 -10.58 6.88
N ARG B 88 10.79 -10.44 6.86
CA ARG B 88 11.65 -11.22 7.75
C ARG B 88 11.28 -10.97 9.21
N GLU B 89 11.08 -9.70 9.59
CA GLU B 89 10.75 -9.38 10.97
C GLU B 89 9.43 -10.05 11.37
N LEU B 90 8.44 -9.96 10.50
CA LEU B 90 7.14 -10.56 10.78
C LEU B 90 7.28 -12.08 10.84
N ILE B 91 8.06 -12.63 9.92
CA ILE B 91 8.30 -14.07 9.91
C ILE B 91 8.95 -14.49 11.23
N THR B 92 9.86 -13.66 11.73
CA THR B 92 10.50 -13.96 13.02
C THR B 92 9.43 -14.07 14.09
N GLU B 93 8.49 -13.13 14.09
CA GLU B 93 7.40 -13.15 15.06
C GLU B 93 6.58 -14.43 14.88
N LEU B 94 6.30 -14.77 13.62
CA LEU B 94 5.54 -15.99 13.33
C LEU B 94 6.27 -17.21 13.87
N ILE B 95 7.59 -17.26 13.68
CA ILE B 95 8.36 -18.38 14.19
C ILE B 95 8.28 -18.46 15.71
N GLU B 96 8.36 -17.30 16.37
CA GLU B 96 8.25 -17.27 17.83
C GLU B 96 6.90 -17.85 18.25
N LEU B 97 5.86 -17.54 17.49
CA LEU B 97 4.52 -18.05 17.79
C LEU B 97 4.52 -19.58 17.69
N HIS B 98 5.19 -20.10 16.66
CA HIS B 98 5.27 -21.55 16.50
C HIS B 98 5.89 -22.17 17.75
N GLU B 99 6.90 -21.48 18.28
CA GLU B 99 7.55 -21.95 19.50
C GLU B 99 6.58 -21.94 20.66
N LYS B 100 5.77 -20.88 20.77
CA LYS B 100 4.79 -20.80 21.84
C LYS B 100 3.72 -21.88 21.65
N LEU B 101 3.39 -22.19 20.39
CA LEU B 101 2.42 -23.25 20.11
C LEU B 101 2.96 -24.60 20.58
N LYS B 102 4.13 -24.57 21.21
CA LYS B 102 4.77 -25.78 21.72
C LYS B 102 5.49 -26.51 20.59
N ALA B 103 4.71 -26.92 19.58
CA ALA B 103 5.25 -27.67 18.43
C ALA B 103 6.64 -27.19 18.04
N ALA C 1 11.12 19.25 -2.05
CA ALA C 1 11.16 20.74 -1.98
C ALA C 1 10.96 21.17 -0.54
N GLU C 2 11.18 22.45 -0.27
CA GLU C 2 11.04 23.02 1.08
C GLU C 2 10.10 22.22 1.98
N GLU C 3 8.81 22.51 1.89
CA GLU C 3 7.83 21.81 2.71
C GLU C 3 7.73 20.34 2.34
N LEU C 4 7.37 20.07 1.08
CA LEU C 4 7.24 18.68 0.63
C LEU C 4 8.38 17.80 1.16
N GLU C 5 9.60 18.32 1.11
CA GLU C 5 10.76 17.57 1.58
C GLU C 5 10.74 17.43 3.10
N GLU C 6 10.47 18.53 3.78
CA GLU C 6 10.41 18.52 5.24
C GLU C 6 9.19 17.70 5.68
N VAL C 7 8.12 17.78 4.89
CA VAL C 7 6.90 17.04 5.17
C VAL C 7 7.17 15.53 5.06
N VAL C 8 7.92 15.14 4.03
CA VAL C 8 8.27 13.74 3.83
C VAL C 8 9.06 13.24 5.04
N MET C 9 10.02 14.04 5.50
CA MET C 9 10.80 13.67 6.66
C MET C 9 9.87 13.40 7.84
N GLY C 10 8.88 14.29 8.01
CA GLY C 10 7.91 14.13 9.08
C GLY C 10 7.12 12.84 8.88
N LEU C 11 6.71 12.59 7.65
CA LEU C 11 5.94 11.37 7.33
C LEU C 11 6.79 10.14 7.59
N ILE C 12 8.05 10.18 7.18
CA ILE C 12 8.94 9.04 7.37
C ILE C 12 9.11 8.78 8.87
N ILE C 13 9.32 9.87 9.61
CA ILE C 13 9.47 9.76 11.06
C ILE C 13 8.16 9.23 11.66
N ASN C 14 7.05 9.81 11.22
CA ASN C 14 5.73 9.40 11.72
C ASN C 14 5.50 7.92 11.43
N SER C 15 5.79 7.51 10.19
CA SER C 15 5.63 6.11 9.81
C SER C 15 6.52 5.24 10.68
N GLY C 16 7.76 5.70 10.90
CA GLY C 16 8.70 4.95 11.73
C GLY C 16 8.18 4.84 13.16
N GLN C 17 7.67 5.95 13.70
CA GLN C 17 7.13 5.92 15.06
C GLN C 17 5.95 4.97 15.12
N ALA C 18 5.12 5.01 14.08
CA ALA C 18 3.96 4.14 14.02
C ALA C 18 4.38 2.67 14.15
N ARG C 19 5.36 2.27 13.33
CA ARG C 19 5.84 0.91 13.40
C ARG C 19 6.41 0.63 14.79
N SER C 20 7.21 1.57 15.28
CA SER C 20 7.81 1.41 16.60
C SER C 20 6.73 1.13 17.65
N LEU C 21 5.66 1.92 17.61
CA LEU C 21 4.56 1.74 18.54
C LEU C 21 3.92 0.37 18.33
N ALA C 22 3.73 0.00 17.06
CA ALA C 22 3.13 -1.29 16.73
C ALA C 22 3.96 -2.44 17.33
N TYR C 23 5.27 -2.43 17.07
CA TYR C 23 6.14 -3.47 17.64
C TYR C 23 6.05 -3.45 19.16
N ALA C 24 6.03 -2.24 19.72
CA ALA C 24 5.92 -2.11 21.17
C ALA C 24 4.59 -2.72 21.62
N ALA C 25 3.54 -2.47 20.85
CA ALA C 25 2.23 -3.03 21.16
C ALA C 25 2.31 -4.55 21.21
N LEU C 26 3.01 -5.12 20.24
CA LEU C 26 3.19 -6.57 20.18
C LEU C 26 3.95 -7.05 21.42
N LYS C 27 4.99 -6.31 21.77
CA LYS C 27 5.79 -6.66 22.94
C LYS C 27 4.90 -6.72 24.19
N GLN C 28 3.99 -5.77 24.31
CA GLN C 28 3.06 -5.75 25.44
C GLN C 28 2.26 -7.04 25.47
N ALA C 29 1.82 -7.47 24.27
CA ALA C 29 1.05 -8.70 24.16
C ALA C 29 1.85 -9.89 24.67
N LYS C 30 3.13 -9.94 24.30
CA LYS C 30 3.99 -11.02 24.76
C LYS C 30 4.07 -11.06 26.28
N GLN C 31 3.98 -9.88 26.90
CA GLN C 31 4.04 -9.80 28.36
C GLN C 31 2.67 -10.17 28.96
N GLY C 32 1.71 -10.44 28.08
CA GLY C 32 0.36 -10.83 28.53
C GLY C 32 -0.47 -9.60 28.89
N ASP C 33 -0.04 -8.43 28.44
CA ASP C 33 -0.76 -7.18 28.70
C ASP C 33 -1.63 -6.80 27.51
N PHE C 34 -2.80 -7.41 27.42
CA PHE C 34 -3.71 -7.14 26.31
C PHE C 34 -4.22 -5.70 26.34
N ALA C 35 -4.43 -5.17 27.54
CA ALA C 35 -4.94 -3.81 27.68
C ALA C 35 -3.97 -2.79 27.08
N ALA C 36 -2.71 -2.89 27.47
CA ALA C 36 -1.71 -1.96 26.96
C ALA C 36 -1.50 -2.17 25.47
N ALA C 37 -1.55 -3.42 25.02
CA ALA C 37 -1.38 -3.71 23.60
C ALA C 37 -2.48 -3.00 22.81
N LYS C 38 -3.72 -3.21 23.22
CA LYS C 38 -4.87 -2.59 22.57
C LYS C 38 -4.72 -1.07 22.49
N ALA C 39 -4.32 -0.45 23.61
CA ALA C 39 -4.16 1.00 23.65
C ALA C 39 -3.06 1.46 22.68
N MET C 40 -1.96 0.72 22.64
CA MET C 40 -0.85 1.06 21.77
C MET C 40 -1.25 0.92 20.30
N MET C 41 -2.03 -0.11 19.99
CA MET C 41 -2.48 -0.31 18.61
C MET C 41 -3.35 0.85 18.16
N ASP C 42 -4.25 1.28 19.04
CA ASP C 42 -5.17 2.36 18.72
C ASP C 42 -4.41 3.63 18.38
N GLN C 43 -3.42 3.97 19.21
CA GLN C 43 -2.61 5.16 18.97
C GLN C 43 -1.83 5.03 17.67
N SER C 44 -1.30 3.85 17.42
CA SER C 44 -0.55 3.60 16.19
C SER C 44 -1.44 3.87 14.98
N ARG C 45 -2.67 3.32 15.03
CA ARG C 45 -3.64 3.50 13.96
C ARG C 45 -3.93 4.99 13.72
N MET C 46 -4.14 5.72 14.81
CA MET C 46 -4.43 7.15 14.72
C MET C 46 -3.26 7.89 14.08
N ALA C 47 -2.04 7.51 14.47
CA ALA C 47 -0.84 8.14 13.91
C ALA C 47 -0.78 7.91 12.40
N LEU C 48 -1.08 6.68 11.98
CA LEU C 48 -1.07 6.33 10.57
C LEU C 48 -2.17 7.06 9.82
N ASN C 49 -3.34 7.15 10.45
CA ASN C 49 -4.48 7.81 9.84
C ASN C 49 -4.14 9.27 9.52
N GLU C 50 -3.51 9.95 10.47
CA GLU C 50 -3.11 11.33 10.26
C GLU C 50 -2.06 11.41 9.16
N ALA C 51 -1.13 10.47 9.19
CA ALA C 51 -0.07 10.43 8.18
C ALA C 51 -0.67 10.15 6.80
N HIS C 52 -1.58 9.19 6.74
CA HIS C 52 -2.25 8.85 5.48
C HIS C 52 -3.02 10.05 4.94
N LEU C 53 -3.69 10.78 5.83
CA LEU C 53 -4.47 11.95 5.43
C LEU C 53 -3.56 12.98 4.76
N VAL C 54 -2.39 13.20 5.35
CA VAL C 54 -1.45 14.16 4.80
C VAL C 54 -0.99 13.67 3.43
N GLN C 55 -0.69 12.38 3.32
CA GLN C 55 -0.26 11.82 2.04
C GLN C 55 -1.38 11.99 1.00
N THR C 56 -2.62 11.74 1.41
CA THR C 56 -3.76 11.88 0.48
C THR C 56 -3.70 13.25 -0.19
N LYS C 57 -3.50 14.29 0.60
CA LYS C 57 -3.40 15.64 0.05
C LYS C 57 -2.20 15.73 -0.88
N LEU C 58 -1.11 15.09 -0.49
CA LEU C 58 0.10 15.11 -1.29
C LEU C 58 -0.08 14.35 -2.61
N ILE C 59 -1.09 13.47 -2.70
CA ILE C 59 -1.33 12.76 -3.95
C ILE C 59 -2.40 13.48 -4.79
N GLU C 60 -3.38 14.10 -4.14
CA GLU C 60 -4.43 14.83 -4.87
C GLU C 60 -3.85 16.03 -5.60
N GLY C 61 -2.89 16.71 -4.98
CA GLY C 61 -2.28 17.89 -5.57
C GLY C 61 -0.83 17.62 -5.97
N ASP C 62 -0.56 16.41 -6.41
CA ASP C 62 0.79 16.03 -6.80
C ASP C 62 1.22 16.75 -8.06
N ALA C 63 0.31 17.49 -8.68
CA ALA C 63 0.63 18.24 -9.90
C ALA C 63 1.30 19.56 -9.56
N GLY C 64 1.78 20.26 -10.59
CA GLY C 64 2.43 21.56 -10.39
C GLY C 64 3.77 21.63 -11.13
N GLU C 65 4.69 20.71 -10.81
CA GLU C 65 5.99 20.70 -11.45
C GLU C 65 5.87 20.38 -12.94
N GLY C 66 4.99 19.45 -13.27
CA GLY C 66 4.80 19.05 -14.66
C GLY C 66 3.45 18.36 -14.86
N LYS C 67 3.12 18.09 -16.11
CA LYS C 67 1.85 17.44 -16.43
C LYS C 67 1.83 16.00 -15.92
N MET C 68 2.44 15.10 -16.70
CA MET C 68 2.48 13.68 -16.36
C MET C 68 3.31 13.38 -15.12
N LYS C 69 4.45 14.07 -14.97
CA LYS C 69 5.34 13.83 -13.84
C LYS C 69 4.79 14.36 -12.52
N VAL C 70 5.20 13.71 -11.43
CA VAL C 70 4.76 14.07 -10.08
C VAL C 70 5.96 14.16 -9.13
N SER C 71 5.72 14.64 -7.91
CA SER C 71 6.80 14.75 -6.93
C SER C 71 7.42 13.38 -6.68
N LEU C 72 8.74 13.30 -6.77
CA LEU C 72 9.45 12.03 -6.61
C LEU C 72 9.31 11.48 -5.19
N VAL C 73 9.40 12.39 -4.22
CA VAL C 73 9.33 12.04 -2.80
C VAL C 73 8.00 11.37 -2.44
N LEU C 74 6.99 11.56 -3.26
CA LEU C 74 5.68 10.96 -2.99
C LEU C 74 5.80 9.47 -2.75
N VAL C 75 6.68 8.86 -3.53
CA VAL C 75 6.92 7.42 -3.42
C VAL C 75 7.58 7.13 -2.07
N HIS C 76 8.64 7.96 -1.64
CA HIS C 76 9.32 7.75 -0.37
C HIS C 76 8.32 7.71 0.77
N ALA C 77 7.38 8.66 0.76
CA ALA C 77 6.36 8.70 1.80
C ALA C 77 5.40 7.53 1.66
N GLN C 78 5.04 7.21 0.42
CA GLN C 78 4.10 6.11 0.17
C GLN C 78 4.74 4.79 0.59
N LEU C 79 5.99 4.58 0.19
CA LEU C 79 6.71 3.36 0.55
C LEU C 79 6.75 3.17 2.06
N HIS C 80 7.13 4.21 2.79
CA HIS C 80 7.20 4.12 4.24
C HIS C 80 5.81 3.94 4.85
N LEU C 81 4.87 4.73 4.38
CA LEU C 81 3.50 4.67 4.89
C LEU C 81 2.85 3.31 4.59
N MET C 82 3.01 2.84 3.37
CA MET C 82 2.42 1.55 2.98
C MET C 82 3.01 0.42 3.82
N THR C 83 4.32 0.45 3.99
CA THR C 83 5.00 -0.58 4.76
C THR C 83 4.54 -0.55 6.22
N SER C 84 4.53 0.64 6.80
CA SER C 84 4.12 0.80 8.20
C SER C 84 2.67 0.37 8.42
N MET C 85 1.76 0.84 7.56
CA MET C 85 0.35 0.48 7.70
C MET C 85 0.16 -1.04 7.61
N LEU C 86 0.80 -1.65 6.63
CA LEU C 86 0.70 -3.09 6.43
C LEU C 86 1.24 -3.83 7.65
N ALA C 87 2.42 -3.42 8.10
CA ALA C 87 3.05 -4.04 9.25
C ALA C 87 2.13 -3.96 10.47
N ARG C 88 1.61 -2.77 10.71
CA ARG C 88 0.74 -2.55 11.84
C ARG C 88 -0.50 -3.47 11.77
N GLU C 89 -1.11 -3.56 10.59
CA GLU C 89 -2.29 -4.42 10.44
C GLU C 89 -1.95 -5.88 10.74
N LEU C 90 -0.82 -6.35 10.20
CA LEU C 90 -0.40 -7.72 10.44
C LEU C 90 -0.07 -7.92 11.91
N ILE C 91 0.60 -6.95 12.49
CA ILE C 91 0.95 -7.02 13.90
C ILE C 91 -0.33 -7.12 14.73
N THR C 92 -1.36 -6.39 14.32
CA THR C 92 -2.64 -6.46 15.02
C THR C 92 -3.15 -7.89 14.99
N GLU C 93 -3.06 -8.53 13.83
CA GLU C 93 -3.50 -9.92 13.70
C GLU C 93 -2.66 -10.82 14.62
N LEU C 94 -1.36 -10.56 14.63
CA LEU C 94 -0.45 -11.34 15.47
C LEU C 94 -0.84 -11.20 16.94
N ILE C 95 -1.16 -9.98 17.35
CA ILE C 95 -1.57 -9.73 18.73
C ILE C 95 -2.86 -10.51 19.05
N GLU C 96 -3.80 -10.48 18.12
CA GLU C 96 -5.05 -11.21 18.31
C GLU C 96 -4.75 -12.70 18.53
N LEU C 97 -3.78 -13.21 17.77
CA LEU C 97 -3.39 -14.61 17.91
C LEU C 97 -2.85 -14.87 19.32
N HIS C 98 -2.05 -13.94 19.83
CA HIS C 98 -1.52 -14.09 21.18
C HIS C 98 -2.68 -14.22 22.16
N GLU C 99 -3.73 -13.44 21.92
CA GLU C 99 -4.90 -13.49 22.78
C GLU C 99 -5.57 -14.87 22.68
N LYS C 100 -5.65 -15.41 21.46
CA LYS C 100 -6.25 -16.72 21.29
C LYS C 100 -5.38 -17.78 21.95
N LEU C 101 -4.05 -17.58 21.91
CA LEU C 101 -3.12 -18.52 22.55
C LEU C 101 -3.37 -18.53 24.06
N LYS C 102 -4.36 -17.76 24.51
CA LYS C 102 -4.70 -17.67 25.93
C LYS C 102 -3.78 -16.68 26.63
N ALA C 103 -2.48 -16.99 26.61
CA ALA C 103 -1.45 -16.16 27.26
C ALA C 103 -1.80 -14.67 27.21
N LYS D 1 -19.97 26.95 -1.17
CA LYS D 1 -19.08 26.05 -1.96
C LYS D 1 -19.44 24.59 -1.78
N LYS D 2 -19.77 23.94 -2.87
CA LYS D 2 -20.15 22.54 -2.84
C LYS D 2 -18.93 21.62 -2.88
N HIS D 3 -19.02 20.49 -2.19
CA HIS D 3 -17.93 19.52 -2.13
C HIS D 3 -18.12 18.37 -3.08
N ILE D 4 -17.20 18.26 -4.03
CA ILE D 4 -17.22 17.18 -4.99
C ILE D 4 -16.07 16.24 -4.61
N TYR D 5 -16.39 15.03 -4.18
CA TYR D 5 -15.38 14.06 -3.78
C TYR D 5 -15.33 12.90 -4.76
N LEU D 6 -14.13 12.60 -5.26
CA LEU D 6 -13.90 11.48 -6.19
C LEU D 6 -13.25 10.35 -5.40
N PHE D 7 -13.56 9.08 -5.75
CA PHE D 7 -12.86 7.96 -5.12
C PHE D 7 -12.20 7.06 -6.16
N CYS D 8 -11.06 6.44 -5.73
CA CYS D 8 -10.30 5.42 -6.46
C CYS D 8 -9.53 4.55 -5.47
N SER D 9 -8.67 3.64 -5.87
CA SER D 9 -8.07 2.81 -4.81
C SER D 9 -7.19 3.63 -3.89
N ALA D 10 -6.20 4.40 -4.40
CA ALA D 10 -5.31 5.12 -3.52
C ALA D 10 -5.60 6.61 -3.59
N GLY D 11 -5.94 7.11 -4.78
CA GLY D 11 -6.26 8.52 -4.97
C GLY D 11 -5.22 9.22 -5.83
N MET D 12 -4.54 8.51 -6.71
CA MET D 12 -3.52 9.15 -7.55
C MET D 12 -3.98 9.33 -9.00
N SER D 13 -4.07 8.25 -9.72
CA SER D 13 -4.50 8.36 -11.13
C SER D 13 -5.71 9.29 -11.27
N THR D 14 -6.46 9.50 -10.19
CA THR D 14 -7.62 10.37 -10.31
C THR D 14 -7.22 11.77 -9.88
N SER D 15 -6.09 11.83 -9.22
CA SER D 15 -5.48 13.09 -8.76
C SER D 15 -5.20 14.03 -9.93
N LEU D 16 -4.82 13.46 -11.06
CA LEU D 16 -4.55 14.26 -12.24
C LEU D 16 -5.88 14.86 -12.76
N LEU D 17 -6.96 14.07 -12.72
CA LEU D 17 -8.28 14.55 -13.14
C LEU D 17 -8.75 15.68 -12.19
N VAL D 18 -8.54 15.48 -10.88
CA VAL D 18 -8.91 16.50 -9.89
C VAL D 18 -8.18 17.83 -10.15
N SER D 19 -6.89 17.79 -10.47
CA SER D 19 -6.17 19.03 -10.74
C SER D 19 -6.73 19.77 -11.98
N LYS D 20 -7.12 19.03 -13.02
CA LYS D 20 -7.71 19.66 -14.20
C LYS D 20 -9.12 20.20 -13.91
N MET D 21 -9.87 19.50 -13.07
CA MET D 21 -11.22 20.00 -12.73
C MET D 21 -11.08 21.31 -11.94
N ARG D 22 -10.13 21.39 -11.02
CA ARG D 22 -9.91 22.60 -10.21
C ARG D 22 -9.56 23.79 -11.12
N ALA D 23 -8.79 23.54 -12.18
CA ALA D 23 -8.39 24.59 -13.11
C ALA D 23 -9.63 25.14 -13.81
N GLN D 24 -10.50 24.24 -14.24
CA GLN D 24 -11.72 24.61 -14.91
C GLN D 24 -12.67 25.35 -14.00
N ALA D 25 -12.80 24.88 -12.77
CA ALA D 25 -13.69 25.53 -11.80
C ALA D 25 -13.24 26.96 -11.55
N GLU D 26 -11.93 27.20 -11.60
CA GLU D 26 -11.39 28.54 -11.36
C GLU D 26 -11.65 29.43 -12.57
N LYS D 27 -11.43 28.88 -13.76
CA LYS D 27 -11.63 29.59 -14.99
C LYS D 27 -13.07 30.10 -15.12
N TYR D 28 -14.05 29.29 -14.72
CA TYR D 28 -15.48 29.69 -14.80
C TYR D 28 -16.13 30.10 -13.49
N GLU D 29 -15.33 30.35 -12.46
CA GLU D 29 -15.81 30.78 -11.15
C GLU D 29 -16.89 29.89 -10.51
N VAL D 30 -16.76 28.58 -10.66
CA VAL D 30 -17.70 27.63 -10.08
C VAL D 30 -17.27 27.48 -8.62
N PRO D 31 -18.19 27.73 -7.67
CA PRO D 31 -17.91 27.64 -6.23
C PRO D 31 -17.93 26.21 -5.68
N VAL D 32 -16.88 25.46 -6.01
CA VAL D 32 -16.75 24.08 -5.57
C VAL D 32 -15.38 23.76 -5.01
N ILE D 33 -15.35 22.75 -4.14
CA ILE D 33 -14.13 22.22 -3.55
C ILE D 33 -14.09 20.77 -4.09
N ILE D 34 -12.98 20.40 -4.71
CA ILE D 34 -12.79 19.07 -5.32
C ILE D 34 -11.61 18.31 -4.66
N GLU D 35 -11.86 17.09 -4.18
CA GLU D 35 -10.83 16.27 -3.52
C GLU D 35 -10.93 14.82 -4.00
N ALA D 36 -9.78 14.14 -4.09
CA ALA D 36 -9.71 12.73 -4.50
C ALA D 36 -9.34 11.92 -3.25
N PHE D 37 -9.93 10.74 -3.09
CA PHE D 37 -9.64 9.87 -1.95
C PHE D 37 -9.66 8.44 -2.43
N PRO D 38 -9.08 7.53 -1.64
CA PRO D 38 -9.07 6.11 -2.02
C PRO D 38 -10.49 5.61 -1.70
N GLU D 39 -10.91 4.54 -2.35
CA GLU D 39 -12.24 3.96 -2.13
C GLU D 39 -12.51 3.54 -0.69
N THR D 40 -11.46 3.29 0.09
CA THR D 40 -11.63 2.88 1.48
C THR D 40 -12.26 3.95 2.37
N LEU D 41 -12.19 5.21 1.94
CA LEU D 41 -12.77 6.32 2.70
C LEU D 41 -14.15 6.77 2.20
N ALA D 42 -14.74 6.07 1.21
CA ALA D 42 -16.05 6.45 0.63
C ALA D 42 -17.14 6.64 1.68
N GLY D 43 -17.12 5.80 2.71
CA GLY D 43 -18.13 5.91 3.75
C GLY D 43 -17.81 6.98 4.77
N GLU D 44 -16.53 7.16 5.08
CA GLU D 44 -16.15 8.15 6.07
C GLU D 44 -16.16 9.59 5.49
N LYS D 45 -15.52 9.77 4.34
CA LYS D 45 -15.46 11.08 3.70
C LYS D 45 -16.73 11.45 2.92
N GLY D 46 -17.38 10.46 2.32
CA GLY D 46 -18.60 10.70 1.55
C GLY D 46 -19.69 11.43 2.29
N GLN D 47 -19.77 11.23 3.60
CA GLN D 47 -20.79 11.89 4.43
C GLN D 47 -20.74 13.42 4.34
N ASN D 48 -19.59 13.97 3.95
CA ASN D 48 -19.43 15.41 3.87
C ASN D 48 -19.45 15.95 2.45
N ALA D 49 -19.66 15.08 1.48
CA ALA D 49 -19.67 15.54 0.10
C ALA D 49 -21.06 15.97 -0.30
N ASP D 50 -21.11 16.82 -1.31
CA ASP D 50 -22.38 17.25 -1.83
C ASP D 50 -22.73 16.32 -2.99
N VAL D 51 -21.69 15.73 -3.60
CA VAL D 51 -21.88 14.75 -4.67
C VAL D 51 -20.68 13.78 -4.61
N VAL D 52 -20.98 12.49 -4.70
CA VAL D 52 -19.97 11.44 -4.66
C VAL D 52 -19.78 10.85 -6.06
N LEU D 53 -18.55 10.92 -6.57
CA LEU D 53 -18.24 10.38 -7.88
C LEU D 53 -17.30 9.18 -7.73
N LEU D 54 -17.60 8.08 -8.42
CA LEU D 54 -16.75 6.88 -8.36
C LEU D 54 -15.96 6.73 -9.63
N GLY D 55 -14.69 6.35 -9.51
CA GLY D 55 -13.84 6.18 -10.68
C GLY D 55 -14.39 5.02 -11.49
N PRO D 56 -14.13 4.94 -12.76
CA PRO D 56 -14.66 3.84 -13.62
C PRO D 56 -14.24 2.42 -13.18
N GLN D 57 -13.07 2.31 -12.54
CA GLN D 57 -12.57 1.02 -12.08
C GLN D 57 -13.39 0.49 -10.90
N ILE D 58 -14.04 1.38 -10.15
CA ILE D 58 -14.82 0.94 -9.01
C ILE D 58 -16.34 1.02 -9.23
N ALA D 59 -16.75 0.99 -10.49
CA ALA D 59 -18.17 1.04 -10.83
C ALA D 59 -18.94 -0.11 -10.19
N TYR D 60 -18.34 -1.30 -10.13
CA TYR D 60 -19.04 -2.44 -9.55
C TYR D 60 -19.46 -2.21 -8.09
N MET D 61 -18.84 -1.23 -7.44
CA MET D 61 -19.15 -0.89 -6.05
C MET D 61 -20.33 0.08 -5.87
N LEU D 62 -20.89 0.58 -6.97
CA LEU D 62 -21.99 1.54 -6.90
C LEU D 62 -23.13 1.19 -5.93
N PRO D 63 -23.73 -0.02 -6.05
CA PRO D 63 -24.82 -0.37 -5.12
C PRO D 63 -24.43 -0.30 -3.65
N GLU D 64 -23.22 -0.72 -3.30
CA GLU D 64 -22.77 -0.68 -1.91
C GLU D 64 -22.60 0.74 -1.42
N ILE D 65 -22.02 1.59 -2.25
CA ILE D 65 -21.83 2.99 -1.85
C ILE D 65 -23.16 3.74 -1.71
N GLN D 66 -24.12 3.42 -2.59
CA GLN D 66 -25.46 4.00 -2.52
C GLN D 66 -26.13 3.64 -1.18
N ARG D 67 -26.00 2.39 -0.73
CA ARG D 67 -26.60 1.98 0.55
C ARG D 67 -25.89 2.63 1.74
N LEU D 68 -24.60 2.88 1.59
CA LEU D 68 -23.77 3.49 2.64
C LEU D 68 -24.11 4.97 2.82
N LEU D 69 -24.39 5.65 1.70
CA LEU D 69 -24.73 7.09 1.68
C LEU D 69 -26.11 7.27 1.01
N PRO D 70 -27.20 6.87 1.69
CA PRO D 70 -28.55 6.99 1.13
C PRO D 70 -29.03 8.44 0.93
N ASN D 71 -28.35 9.38 1.56
CA ASN D 71 -28.75 10.79 1.44
C ASN D 71 -27.82 11.63 0.57
N LYS D 72 -27.08 10.99 -0.33
CA LYS D 72 -26.14 11.69 -1.21
C LYS D 72 -26.26 11.20 -2.63
N PRO D 73 -26.13 12.10 -3.63
CA PRO D 73 -26.21 11.62 -5.02
C PRO D 73 -24.85 10.97 -5.27
N VAL D 74 -24.87 9.73 -5.75
CA VAL D 74 -23.64 8.96 -6.02
C VAL D 74 -23.64 8.48 -7.46
N GLU D 75 -22.58 8.72 -8.19
CA GLU D 75 -22.53 8.22 -9.55
C GLU D 75 -21.13 7.95 -10.07
N VAL D 76 -21.06 7.12 -11.10
CA VAL D 76 -19.80 6.72 -11.71
C VAL D 76 -19.40 7.72 -12.78
N ILE D 77 -18.11 8.03 -12.84
CA ILE D 77 -17.58 8.96 -13.83
C ILE D 77 -17.54 8.27 -15.17
N ASP D 78 -17.96 8.97 -16.21
CA ASP D 78 -17.94 8.40 -17.55
C ASP D 78 -16.51 7.95 -17.89
N SER D 79 -16.33 6.69 -18.28
CA SER D 79 -14.99 6.17 -18.58
C SER D 79 -14.18 6.90 -19.65
N LEU D 80 -14.87 7.44 -20.65
CA LEU D 80 -14.19 8.17 -21.73
C LEU D 80 -13.73 9.53 -21.23
N LEU D 81 -14.58 10.18 -20.45
CA LEU D 81 -14.26 11.49 -19.90
C LEU D 81 -13.10 11.33 -18.94
N TYR D 82 -13.10 10.21 -18.22
CA TYR D 82 -12.04 9.90 -17.25
C TYR D 82 -10.71 9.58 -17.95
N GLY D 83 -10.75 8.68 -18.92
CA GLY D 83 -9.54 8.32 -19.64
C GLY D 83 -8.87 9.50 -20.31
N LYS D 84 -9.68 10.37 -20.87
CA LYS D 84 -9.22 11.56 -21.59
C LYS D 84 -8.79 12.70 -20.65
N VAL D 85 -9.07 12.52 -19.35
CA VAL D 85 -8.77 13.52 -18.31
C VAL D 85 -9.47 14.86 -18.61
N ASP D 86 -10.76 14.77 -18.94
CA ASP D 86 -11.57 15.95 -19.28
C ASP D 86 -12.09 16.63 -18.03
N GLY D 87 -11.29 17.56 -17.51
CA GLY D 87 -11.64 18.31 -16.31
C GLY D 87 -12.94 19.07 -16.45
N LEU D 88 -13.16 19.73 -17.60
CA LEU D 88 -14.39 20.49 -17.80
C LEU D 88 -15.63 19.58 -17.87
N GLY D 89 -15.50 18.50 -18.64
CA GLY D 89 -16.59 17.56 -18.81
C GLY D 89 -17.07 16.91 -17.53
N VAL D 90 -16.12 16.49 -16.69
CA VAL D 90 -16.48 15.84 -15.42
C VAL D 90 -17.04 16.88 -14.45
N LEU D 91 -16.47 18.08 -14.49
CA LEU D 91 -16.97 19.15 -13.63
C LEU D 91 -18.46 19.39 -14.00
N LYS D 92 -18.76 19.42 -15.30
CA LYS D 92 -20.15 19.61 -15.75
C LYS D 92 -21.09 18.52 -15.24
N ALA D 93 -20.64 17.27 -15.30
CA ALA D 93 -21.47 16.14 -14.85
C ALA D 93 -21.76 16.21 -13.35
N ALA D 94 -20.78 16.72 -12.60
CA ALA D 94 -20.90 16.82 -11.15
C ALA D 94 -21.90 17.90 -10.75
N VAL D 95 -21.80 19.06 -11.40
CA VAL D 95 -22.72 20.17 -11.13
C VAL D 95 -24.13 19.69 -11.49
N ALA D 96 -24.25 18.98 -12.61
CA ALA D 96 -25.54 18.45 -13.04
C ALA D 96 -26.13 17.51 -11.99
N ALA D 97 -25.33 16.57 -11.49
CA ALA D 97 -25.85 15.64 -10.49
C ALA D 97 -26.36 16.40 -9.26
N ILE D 98 -25.70 17.51 -8.93
CA ILE D 98 -26.12 18.32 -7.78
C ILE D 98 -27.46 19.01 -8.03
N LYS D 99 -27.63 19.58 -9.24
CA LYS D 99 -28.87 20.26 -9.62
C LYS D 99 -30.01 19.26 -9.71
N LYS D 100 -29.80 18.19 -10.45
CA LYS D 100 -30.83 17.18 -10.59
C LYS D 100 -31.20 16.60 -9.22
N ALA D 101 -30.34 16.79 -8.23
CA ALA D 101 -30.58 16.28 -6.88
C ALA D 101 -31.37 17.24 -6.00
N ALA D 102 -31.14 18.54 -6.18
CA ALA D 102 -31.83 19.57 -5.43
C ALA D 102 -33.22 19.88 -6.02
N ALA D 103 -33.60 19.13 -7.06
CA ALA D 103 -34.88 19.29 -7.72
C ALA D 103 -35.05 18.26 -8.85
P PO3 E . -4.80 5.44 -7.21
O1 PO3 E . -4.76 5.99 -8.62
O2 PO3 E . -4.20 6.24 -6.07
O3 PO3 E . -5.27 4.02 -6.96
N ALA A 1 0.74 7.29 -18.60
CA ALA A 1 0.24 7.59 -19.96
C ALA A 1 -1.09 6.86 -20.17
N GLU A 2 -1.77 7.18 -21.26
CA GLU A 2 -3.08 6.58 -21.60
C GLU A 2 -3.28 5.20 -20.95
N GLU A 3 -2.80 4.17 -21.63
CA GLU A 3 -2.95 2.80 -21.13
C GLU A 3 -2.16 2.60 -19.84
N LEU A 4 -0.84 2.78 -19.91
CA LEU A 4 0.01 2.60 -18.74
C LEU A 4 -0.63 3.20 -17.48
N GLU A 5 -1.21 4.38 -17.61
CA GLU A 5 -1.84 5.05 -16.47
C GLU A 5 -3.12 4.34 -16.08
N GLU A 6 -3.94 4.01 -17.07
CA GLU A 6 -5.19 3.30 -16.82
C GLU A 6 -4.88 1.88 -16.34
N VAL A 7 -3.80 1.31 -16.88
CA VAL A 7 -3.37 -0.03 -16.50
C VAL A 7 -2.93 -0.05 -15.03
N VAL A 8 -2.20 0.99 -14.63
CA VAL A 8 -1.73 1.10 -13.25
C VAL A 8 -2.95 1.16 -12.33
N MET A 9 -3.95 1.96 -12.70
CA MET A 9 -5.17 2.06 -11.90
C MET A 9 -5.77 0.67 -11.73
N GLY A 10 -5.81 -0.09 -12.82
CA GLY A 10 -6.34 -1.45 -12.77
C GLY A 10 -5.49 -2.31 -11.83
N LEU A 11 -4.17 -2.17 -11.95
CA LEU A 11 -3.26 -2.93 -11.10
C LEU A 11 -3.45 -2.56 -9.64
N ILE A 12 -3.57 -1.27 -9.37
CA ILE A 12 -3.76 -0.80 -8.00
C ILE A 12 -5.06 -1.36 -7.46
N ILE A 13 -6.11 -1.29 -8.26
CA ILE A 13 -7.40 -1.82 -7.85
C ILE A 13 -7.30 -3.33 -7.65
N ASN A 14 -6.65 -4.01 -8.60
CA ASN A 14 -6.47 -5.45 -8.53
C ASN A 14 -5.71 -5.82 -7.26
N SER A 15 -4.61 -5.11 -7.03
CA SER A 15 -3.81 -5.35 -5.83
C SER A 15 -4.65 -5.14 -4.57
N GLY A 16 -5.44 -4.06 -4.60
CA GLY A 16 -6.32 -3.75 -3.47
C GLY A 16 -7.35 -4.86 -3.26
N GLN A 17 -7.95 -5.32 -4.36
CA GLN A 17 -8.94 -6.40 -4.27
C GLN A 17 -8.27 -7.65 -3.72
N ALA A 18 -7.05 -7.92 -4.18
CA ALA A 18 -6.31 -9.09 -3.72
C ALA A 18 -6.15 -9.04 -2.21
N ARG A 19 -5.70 -7.91 -1.69
CA ARG A 19 -5.55 -7.77 -0.25
C ARG A 19 -6.90 -7.95 0.43
N SER A 20 -7.91 -7.28 -0.11
CA SER A 20 -9.25 -7.36 0.44
C SER A 20 -9.68 -8.83 0.57
N LEU A 21 -9.47 -9.59 -0.49
CA LEU A 21 -9.81 -11.01 -0.48
C LEU A 21 -8.97 -11.74 0.58
N ALA A 22 -7.69 -11.40 0.63
CA ALA A 22 -6.79 -12.03 1.60
C ALA A 22 -7.30 -11.80 3.03
N TYR A 23 -7.59 -10.55 3.38
CA TYR A 23 -8.10 -10.25 4.72
C TYR A 23 -9.41 -11.00 4.93
N ALA A 24 -10.25 -11.03 3.90
CA ALA A 24 -11.51 -11.73 3.99
C ALA A 24 -11.24 -13.22 4.25
N ALA A 25 -10.23 -13.75 3.56
CA ALA A 25 -9.84 -15.14 3.75
C ALA A 25 -9.48 -15.38 5.21
N LEU A 26 -8.72 -14.46 5.78
CA LEU A 26 -8.32 -14.57 7.18
C LEU A 26 -9.56 -14.55 8.07
N LYS A 27 -10.48 -13.64 7.77
CA LYS A 27 -11.71 -13.53 8.54
C LYS A 27 -12.45 -14.87 8.56
N GLN A 28 -12.48 -15.54 7.41
CA GLN A 28 -13.15 -16.84 7.31
C GLN A 28 -12.48 -17.81 8.28
N ALA A 29 -11.15 -17.75 8.35
CA ALA A 29 -10.39 -18.62 9.24
C ALA A 29 -10.80 -18.38 10.69
N LYS A 30 -10.95 -17.12 11.05
CA LYS A 30 -11.36 -16.77 12.41
C LYS A 30 -12.72 -17.37 12.73
N GLN A 31 -13.58 -17.50 11.72
CA GLN A 31 -14.89 -18.08 11.93
C GLN A 31 -14.80 -19.60 11.96
N GLY A 32 -13.60 -20.12 11.77
CA GLY A 32 -13.37 -21.56 11.81
C GLY A 32 -13.71 -22.21 10.47
N ASP A 33 -13.83 -21.40 9.43
CA ASP A 33 -14.15 -21.90 8.09
C ASP A 33 -12.88 -22.06 7.26
N PHE A 34 -12.18 -23.18 7.47
CA PHE A 34 -10.93 -23.42 6.73
C PHE A 34 -11.18 -23.60 5.24
N ALA A 35 -12.31 -24.21 4.89
CA ALA A 35 -12.63 -24.46 3.49
C ALA A 35 -12.77 -23.14 2.72
N ALA A 36 -13.56 -22.23 3.26
CA ALA A 36 -13.76 -20.95 2.60
C ALA A 36 -12.46 -20.14 2.60
N ALA A 37 -11.70 -20.23 3.68
CA ALA A 37 -10.43 -19.52 3.75
C ALA A 37 -9.52 -19.99 2.60
N LYS A 38 -9.36 -21.30 2.49
CA LYS A 38 -8.53 -21.90 1.45
C LYS A 38 -8.96 -21.42 0.06
N ALA A 39 -10.26 -21.45 -0.21
CA ALA A 39 -10.77 -21.03 -1.51
C ALA A 39 -10.47 -19.57 -1.79
N MET A 40 -10.61 -18.74 -0.76
CA MET A 40 -10.36 -17.30 -0.90
C MET A 40 -8.88 -17.03 -1.18
N MET A 41 -7.98 -17.76 -0.50
CA MET A 41 -6.55 -17.56 -0.72
C MET A 41 -6.19 -17.92 -2.15
N ASP A 42 -6.77 -19.01 -2.65
CA ASP A 42 -6.47 -19.48 -3.99
C ASP A 42 -6.83 -18.42 -5.02
N GLN A 43 -8.03 -17.87 -4.88
CA GLN A 43 -8.48 -16.82 -5.80
C GLN A 43 -7.61 -15.59 -5.67
N SER A 44 -7.25 -15.24 -4.44
CA SER A 44 -6.40 -14.08 -4.20
C SER A 44 -5.06 -14.28 -4.91
N ARG A 45 -4.49 -15.47 -4.78
CA ARG A 45 -3.22 -15.82 -5.43
C ARG A 45 -3.32 -15.66 -6.95
N MET A 46 -4.40 -16.18 -7.51
CA MET A 46 -4.63 -16.11 -8.95
C MET A 46 -4.72 -14.65 -9.40
N ALA A 47 -5.41 -13.83 -8.62
CA ALA A 47 -5.56 -12.41 -8.94
C ALA A 47 -4.19 -11.74 -9.00
N LEU A 48 -3.35 -12.05 -8.02
CA LEU A 48 -2.00 -11.49 -7.95
C LEU A 48 -1.15 -11.98 -9.12
N ASN A 49 -1.29 -13.26 -9.41
CA ASN A 49 -0.51 -13.87 -10.48
C ASN A 49 -0.77 -13.15 -11.80
N GLU A 50 -2.04 -12.89 -12.07
CA GLU A 50 -2.41 -12.17 -13.29
C GLU A 50 -1.86 -10.75 -13.23
N ALA A 51 -1.97 -10.13 -12.05
CA ALA A 51 -1.47 -8.77 -11.87
C ALA A 51 0.06 -8.75 -12.05
N HIS A 52 0.73 -9.71 -11.44
CA HIS A 52 2.19 -9.81 -11.54
C HIS A 52 2.61 -10.01 -13.00
N LEU A 53 1.86 -10.83 -13.72
CA LEU A 53 2.16 -11.11 -15.12
C LEU A 53 2.11 -9.82 -15.93
N VAL A 54 1.08 -9.02 -15.68
CA VAL A 54 0.94 -7.75 -16.38
C VAL A 54 2.11 -6.84 -16.04
N GLN A 55 2.46 -6.79 -14.76
CA GLN A 55 3.59 -5.96 -14.34
C GLN A 55 4.88 -6.45 -15.01
N THR A 56 5.08 -7.76 -15.08
CA THR A 56 6.28 -8.32 -15.72
C THR A 56 6.46 -7.71 -17.11
N LYS A 57 5.37 -7.66 -17.88
CA LYS A 57 5.43 -7.06 -19.22
C LYS A 57 5.76 -5.59 -19.10
N LEU A 58 5.18 -4.94 -18.10
CA LEU A 58 5.43 -3.52 -17.90
C LEU A 58 6.87 -3.24 -17.48
N ILE A 59 7.58 -4.25 -16.98
CA ILE A 59 8.99 -4.06 -16.60
C ILE A 59 9.93 -4.47 -17.76
N GLU A 60 9.55 -5.49 -18.53
CA GLU A 60 10.37 -5.95 -19.66
C GLU A 60 10.46 -4.88 -20.74
N GLY A 61 9.34 -4.20 -21.01
CA GLY A 61 9.31 -3.17 -22.03
C GLY A 61 9.20 -1.78 -21.42
N ASP A 62 9.80 -1.60 -20.24
CA ASP A 62 9.75 -0.32 -19.54
C ASP A 62 10.49 0.78 -20.32
N ALA A 63 11.17 0.39 -21.40
CA ALA A 63 11.90 1.36 -22.21
C ALA A 63 10.97 2.06 -23.19
N GLY A 64 11.49 3.07 -23.89
CA GLY A 64 10.68 3.81 -24.86
C GLY A 64 10.81 5.32 -24.66
N GLU A 65 10.45 5.80 -23.47
CA GLU A 65 10.53 7.23 -23.19
C GLU A 65 11.97 7.72 -23.18
N GLY A 66 12.86 6.90 -22.64
CA GLY A 66 14.28 7.27 -22.58
C GLY A 66 15.15 6.04 -22.36
N LYS A 67 16.47 6.25 -22.44
CA LYS A 67 17.41 5.15 -22.27
C LYS A 67 17.39 4.63 -20.82
N MET A 68 18.11 5.32 -19.94
CA MET A 68 18.20 4.93 -18.54
C MET A 68 16.88 5.05 -17.79
N LYS A 69 16.13 6.12 -18.08
CA LYS A 69 14.87 6.35 -17.37
C LYS A 69 13.76 5.39 -17.80
N VAL A 70 12.84 5.14 -16.87
CA VAL A 70 11.71 4.23 -17.10
C VAL A 70 10.41 4.88 -16.65
N SER A 71 9.28 4.23 -16.95
CA SER A 71 7.98 4.77 -16.55
C SER A 71 7.94 4.91 -15.03
N LEU A 72 7.54 6.10 -14.57
CA LEU A 72 7.48 6.40 -13.14
C LEU A 72 6.43 5.55 -12.41
N VAL A 73 5.30 5.39 -13.07
CA VAL A 73 4.18 4.62 -12.52
C VAL A 73 4.55 3.16 -12.22
N LEU A 74 5.64 2.69 -12.79
CA LEU A 74 6.06 1.32 -12.51
C LEU A 74 6.19 1.09 -11.02
N VAL A 75 6.61 2.15 -10.32
CA VAL A 75 6.80 2.10 -8.87
C VAL A 75 5.44 1.95 -8.19
N HIS A 76 4.18 2.91 -8.61
CA HIS A 76 2.80 2.85 -8.04
C HIS A 76 2.27 1.43 -8.15
N ALA A 77 2.63 0.74 -9.24
CA ALA A 77 2.18 -0.63 -9.44
C ALA A 77 3.04 -1.60 -8.65
N GLN A 78 4.36 -1.47 -8.72
CA GLN A 78 5.25 -2.39 -8.03
C GLN A 78 5.02 -2.31 -6.52
N LEU A 79 4.96 -1.09 -6.01
CA LEU A 79 4.72 -0.86 -4.59
C LEU A 79 3.44 -1.54 -4.13
N HIS A 80 2.35 -1.32 -4.85
CA HIS A 80 1.08 -1.91 -4.47
C HIS A 80 1.12 -3.44 -4.62
N LEU A 81 1.65 -3.90 -5.74
CA LEU A 81 1.74 -5.34 -5.99
C LEU A 81 2.64 -6.04 -4.98
N MET A 82 3.80 -5.45 -4.70
CA MET A 82 4.74 -6.05 -3.75
C MET A 82 4.11 -6.14 -2.37
N THR A 83 3.46 -5.05 -1.96
CA THR A 83 2.81 -5.00 -0.65
C THR A 83 1.69 -6.04 -0.56
N SER A 84 0.84 -6.07 -1.58
CA SER A 84 -0.29 -7.01 -1.61
C SER A 84 0.20 -8.46 -1.60
N MET A 85 1.16 -8.78 -2.45
CA MET A 85 1.69 -10.14 -2.51
C MET A 85 2.26 -10.57 -1.18
N LEU A 86 3.07 -9.70 -0.59
CA LEU A 86 3.68 -10.00 0.70
C LEU A 86 2.61 -10.19 1.78
N ALA A 87 1.64 -9.28 1.79
CA ALA A 87 0.56 -9.36 2.76
C ALA A 87 -0.15 -10.70 2.67
N ARG A 88 -0.49 -11.10 1.47
CA ARG A 88 -1.18 -12.37 1.27
C ARG A 88 -0.35 -13.55 1.78
N GLU A 89 0.93 -13.57 1.45
CA GLU A 89 1.77 -14.67 1.88
C GLU A 89 1.79 -14.78 3.39
N LEU A 90 1.95 -13.65 4.06
CA LEU A 90 1.96 -13.64 5.51
C LEU A 90 0.58 -14.03 6.05
N ILE A 91 -0.46 -13.51 5.42
CA ILE A 91 -1.82 -13.85 5.84
C ILE A 91 -2.03 -15.35 5.69
N THR A 92 -1.50 -15.92 4.61
CA THR A 92 -1.60 -17.37 4.40
C THR A 92 -0.98 -18.10 5.59
N GLU A 93 0.20 -17.64 6.01
CA GLU A 93 0.88 -18.23 7.16
C GLU A 93 0.02 -18.08 8.40
N LEU A 94 -0.57 -16.89 8.56
CA LEU A 94 -1.43 -16.62 9.72
C LEU A 94 -2.62 -17.59 9.71
N ILE A 95 -3.20 -17.80 8.55
CA ILE A 95 -4.34 -18.73 8.44
C ILE A 95 -3.90 -20.14 8.83
N GLU A 96 -2.72 -20.56 8.36
CA GLU A 96 -2.22 -21.88 8.71
C GLU A 96 -2.08 -22.00 10.22
N LEU A 97 -1.64 -20.91 10.87
CA LEU A 97 -1.51 -20.92 12.32
C LEU A 97 -2.88 -21.12 12.98
N HIS A 98 -3.89 -20.46 12.44
CA HIS A 98 -5.25 -20.62 12.98
C HIS A 98 -5.63 -22.08 12.92
N GLU A 99 -5.25 -22.75 11.84
CA GLU A 99 -5.55 -24.17 11.68
C GLU A 99 -4.81 -24.98 12.74
N LYS A 100 -3.56 -24.62 13.01
CA LYS A 100 -2.79 -25.32 14.02
C LYS A 100 -3.39 -25.06 15.41
N LEU A 101 -3.92 -23.84 15.61
CA LEU A 101 -4.56 -23.49 16.88
C LEU A 101 -5.80 -24.37 17.09
N LYS A 102 -6.02 -25.30 16.15
CA LYS A 102 -7.18 -26.20 16.21
C LYS A 102 -8.43 -25.52 15.71
N ALA A 103 -8.82 -24.42 16.39
CA ALA A 103 -10.03 -23.67 16.04
C ALA A 103 -10.30 -23.65 14.53
N ALA B 1 22.66 3.11 -13.51
CA ALA B 1 23.97 3.34 -14.19
C ALA B 1 24.86 2.13 -13.94
N GLU B 2 26.00 2.08 -14.64
CA GLU B 2 26.95 0.97 -14.53
C GLU B 2 26.86 0.24 -13.18
N GLU B 3 27.57 0.74 -12.19
CA GLU B 3 27.58 0.13 -10.87
C GLU B 3 26.22 0.21 -10.20
N LEU B 4 25.72 1.44 -10.02
CA LEU B 4 24.42 1.61 -9.38
C LEU B 4 23.38 0.61 -9.91
N GLU B 5 23.37 0.41 -11.22
CA GLU B 5 22.42 -0.52 -11.83
C GLU B 5 22.76 -1.95 -11.47
N GLU B 6 24.03 -2.30 -11.57
CA GLU B 6 24.50 -3.63 -11.23
C GLU B 6 24.38 -3.85 -9.73
N VAL B 7 24.60 -2.79 -8.97
CA VAL B 7 24.51 -2.85 -7.52
C VAL B 7 23.05 -3.11 -7.10
N VAL B 8 22.12 -2.44 -7.77
CA VAL B 8 20.69 -2.63 -7.49
C VAL B 8 20.33 -4.08 -7.74
N MET B 9 20.80 -4.63 -8.86
CA MET B 9 20.52 -6.03 -9.18
C MET B 9 21.01 -6.91 -8.03
N GLY B 10 22.21 -6.62 -7.53
CA GLY B 10 22.75 -7.37 -6.41
C GLY B 10 21.86 -7.21 -5.19
N LEU B 11 21.44 -5.98 -4.93
CA LEU B 11 20.56 -5.70 -3.79
C LEU B 11 19.24 -6.44 -3.93
N ILE B 12 18.67 -6.41 -5.13
CA ILE B 12 17.40 -7.09 -5.38
C ILE B 12 17.57 -8.58 -5.14
N ILE B 13 18.66 -9.12 -5.68
CA ILE B 13 18.94 -10.54 -5.50
C ILE B 13 19.17 -10.83 -4.02
N ASN B 14 19.95 -9.98 -3.36
CA ASN B 14 20.24 -10.16 -1.94
C ASN B 14 18.94 -10.10 -1.13
N SER B 15 18.11 -9.11 -1.42
CA SER B 15 16.83 -8.99 -0.74
C SER B 15 15.98 -10.23 -0.97
N GLY B 16 15.99 -10.71 -2.22
CA GLY B 16 15.23 -11.91 -2.57
C GLY B 16 15.76 -13.12 -1.81
N GLN B 17 17.08 -13.25 -1.75
CA GLN B 17 17.68 -14.37 -1.03
C GLN B 17 17.31 -14.28 0.45
N ALA B 18 17.35 -13.06 0.98
CA ALA B 18 17.00 -12.84 2.37
C ALA B 18 15.60 -13.36 2.66
N ARG B 19 14.64 -12.97 1.84
CA ARG B 19 13.27 -13.44 2.02
C ARG B 19 13.24 -14.96 1.90
N SER B 20 13.90 -15.47 0.86
CA SER B 20 13.94 -16.91 0.64
C SER B 20 14.41 -17.63 1.89
N LEU B 21 15.50 -17.13 2.48
CA LEU B 21 16.04 -17.73 3.71
C LEU B 21 15.01 -17.60 4.83
N ALA B 22 14.37 -16.44 4.93
CA ALA B 22 13.37 -16.20 5.97
C ALA B 22 12.24 -17.23 5.85
N TYR B 23 11.67 -17.38 4.65
CA TYR B 23 10.60 -18.36 4.46
C TYR B 23 11.12 -19.75 4.79
N ALA B 24 12.36 -20.04 4.38
CA ALA B 24 12.95 -21.33 4.67
C ALA B 24 13.06 -21.49 6.19
N ALA B 25 13.43 -20.41 6.87
CA ALA B 25 13.53 -20.43 8.33
C ALA B 25 12.18 -20.80 8.92
N LEU B 26 11.12 -20.21 8.39
CA LEU B 26 9.78 -20.50 8.86
C LEU B 26 9.45 -21.97 8.62
N LYS B 27 9.80 -22.46 7.44
CA LYS B 27 9.55 -23.86 7.11
C LYS B 27 10.21 -24.78 8.14
N GLN B 28 11.43 -24.43 8.54
CA GLN B 28 12.13 -25.23 9.56
C GLN B 28 11.31 -25.26 10.84
N ALA B 29 10.74 -24.11 11.19
CA ALA B 29 9.91 -24.02 12.40
C ALA B 29 8.73 -24.97 12.31
N LYS B 30 8.09 -25.01 11.14
CA LYS B 30 6.95 -25.90 10.94
C LYS B 30 7.36 -27.35 11.16
N GLN B 31 8.62 -27.67 10.83
CA GLN B 31 9.10 -29.04 11.01
C GLN B 31 9.46 -29.28 12.48
N GLY B 32 9.32 -28.24 13.29
CA GLY B 32 9.63 -28.35 14.72
C GLY B 32 11.13 -28.18 14.99
N ASP B 33 11.86 -27.66 14.00
CA ASP B 33 13.29 -27.46 14.14
C ASP B 33 13.60 -26.02 14.53
N PHE B 34 13.47 -25.71 15.81
CA PHE B 34 13.73 -24.34 16.29
C PHE B 34 15.18 -23.94 16.10
N ALA B 35 16.09 -24.90 16.27
CA ALA B 35 17.52 -24.60 16.15
C ALA B 35 17.86 -24.12 14.74
N ALA B 36 17.43 -24.87 13.74
CA ALA B 36 17.71 -24.50 12.36
C ALA B 36 16.98 -23.20 12.01
N ALA B 37 15.77 -23.03 12.51
CA ALA B 37 15.03 -21.80 12.24
C ALA B 37 15.82 -20.61 12.74
N LYS B 38 16.23 -20.68 14.02
CA LYS B 38 17.01 -19.60 14.63
C LYS B 38 18.27 -19.27 13.81
N ALA B 39 18.99 -20.29 13.40
CA ALA B 39 20.21 -20.10 12.61
C ALA B 39 19.91 -19.41 11.28
N MET B 40 18.83 -19.82 10.64
CA MET B 40 18.44 -19.26 9.36
C MET B 40 18.05 -17.78 9.51
N MET B 41 17.32 -17.45 10.57
CA MET B 41 16.92 -16.06 10.78
C MET B 41 18.15 -15.17 10.97
N ASP B 42 19.12 -15.68 11.73
CA ASP B 42 20.33 -14.93 12.01
C ASP B 42 21.06 -14.57 10.73
N GLN B 43 21.21 -15.58 9.86
CA GLN B 43 21.88 -15.36 8.59
C GLN B 43 21.08 -14.40 7.72
N SER B 44 19.76 -14.54 7.73
CA SER B 44 18.91 -13.65 6.95
C SER B 44 19.13 -12.20 7.41
N ARG B 45 19.14 -12.00 8.73
CA ARG B 45 19.35 -10.68 9.30
C ARG B 45 20.69 -10.09 8.83
N MET B 46 21.74 -10.90 8.89
CA MET B 46 23.07 -10.45 8.49
C MET B 46 23.05 -10.04 7.02
N ALA B 47 22.37 -10.84 6.20
CA ALA B 47 22.27 -10.53 4.77
C ALA B 47 21.58 -9.19 4.56
N LEU B 48 20.50 -8.97 5.31
CA LEU B 48 19.75 -7.72 5.21
C LEU B 48 20.59 -6.55 5.72
N ASN B 49 21.30 -6.78 6.81
CA ASN B 49 22.13 -5.75 7.40
C ASN B 49 23.18 -5.26 6.40
N GLU B 50 23.83 -6.19 5.73
CA GLU B 50 24.82 -5.83 4.72
C GLU B 50 24.17 -5.10 3.57
N ALA B 51 23.00 -5.58 3.17
CA ALA B 51 22.25 -4.96 2.08
C ALA B 51 21.83 -3.54 2.48
N HIS B 52 21.32 -3.41 3.70
CA HIS B 52 20.88 -2.11 4.21
C HIS B 52 22.06 -1.13 4.27
N LEU B 53 23.22 -1.64 4.69
CA LEU B 53 24.42 -0.80 4.79
C LEU B 53 24.77 -0.23 3.41
N VAL B 54 24.71 -1.09 2.40
CA VAL B 54 25.03 -0.66 1.04
C VAL B 54 24.01 0.40 0.61
N GLN B 55 22.73 0.16 0.90
CA GLN B 55 21.70 1.13 0.53
C GLN B 55 21.96 2.45 1.25
N THR B 56 22.32 2.39 2.54
CA THR B 56 22.60 3.61 3.30
C THR B 56 23.57 4.50 2.53
N LYS B 57 24.65 3.90 2.04
CA LYS B 57 25.62 4.66 1.25
C LYS B 57 24.97 5.20 -0.01
N LEU B 58 24.12 4.39 -0.61
CA LEU B 58 23.44 4.78 -1.84
C LEU B 58 22.45 5.93 -1.59
N ILE B 59 22.02 6.12 -0.32
CA ILE B 59 21.11 7.23 -0.01
C ILE B 59 21.88 8.48 0.45
N GLU B 60 23.00 8.27 1.16
CA GLU B 60 23.81 9.39 1.64
C GLU B 60 24.42 10.17 0.46
N GLY B 61 24.86 9.43 -0.55
CA GLY B 61 25.49 10.05 -1.72
C GLY B 61 24.59 9.96 -2.95
N ASP B 62 23.28 10.02 -2.73
CA ASP B 62 22.32 9.93 -3.82
C ASP B 62 22.41 11.14 -4.77
N ALA B 63 23.21 12.12 -4.40
CA ALA B 63 23.36 13.32 -5.23
C ALA B 63 24.37 13.07 -6.34
N GLY B 64 24.50 14.03 -7.26
CA GLY B 64 25.44 13.90 -8.37
C GLY B 64 24.78 14.23 -9.71
N GLU B 65 23.73 13.48 -10.05
CA GLU B 65 23.03 13.70 -11.32
C GLU B 65 22.34 15.07 -11.33
N GLY B 66 21.76 15.45 -10.20
CA GLY B 66 21.07 16.73 -10.11
C GLY B 66 20.91 17.16 -8.66
N LYS B 67 20.42 18.38 -8.47
CA LYS B 67 20.23 18.92 -7.13
C LYS B 67 19.13 18.16 -6.38
N MET B 68 17.88 18.54 -6.66
CA MET B 68 16.72 17.93 -6.01
C MET B 68 16.52 16.47 -6.40
N LYS B 69 16.75 16.13 -7.66
CA LYS B 69 16.54 14.76 -8.14
C LYS B 69 17.62 13.80 -7.64
N VAL B 70 17.22 12.52 -7.52
CA VAL B 70 18.11 11.47 -7.05
C VAL B 70 18.02 10.24 -7.98
N SER B 71 18.89 9.26 -7.76
CA SER B 71 18.88 8.05 -8.59
C SER B 71 17.52 7.37 -8.49
N LEU B 72 16.93 7.04 -9.64
CA LEU B 72 15.60 6.45 -9.66
C LEU B 72 15.59 5.04 -9.04
N VAL B 73 16.65 4.30 -9.35
CA VAL B 73 16.80 2.93 -8.88
C VAL B 73 16.83 2.84 -7.34
N LEU B 74 17.06 3.95 -6.67
CA LEU B 74 17.05 3.93 -5.21
C LEU B 74 15.75 3.36 -4.68
N VAL B 75 14.67 3.68 -5.38
CA VAL B 75 13.34 3.21 -5.03
C VAL B 75 13.28 1.70 -5.17
N HIS B 76 13.83 1.10 -6.35
CA HIS B 76 13.82 -0.35 -6.56
C HIS B 76 14.52 -1.06 -5.40
N ALA B 77 15.68 -0.55 -5.02
CA ALA B 77 16.43 -1.16 -3.93
C ALA B 77 15.71 -0.98 -2.60
N GLN B 78 15.17 0.22 -2.38
CA GLN B 78 14.47 0.51 -1.13
C GLN B 78 13.21 -0.35 -1.04
N LEU B 79 12.44 -0.39 -2.12
CA LEU B 79 11.22 -1.18 -2.14
C LEU B 79 11.49 -2.65 -1.82
N HIS B 80 12.48 -3.23 -2.48
CA HIS B 80 12.80 -4.62 -2.24
C HIS B 80 13.36 -4.83 -0.84
N LEU B 81 14.27 -3.95 -0.44
CA LEU B 81 14.88 -4.06 0.89
C LEU B 81 13.85 -3.85 2.00
N MET B 82 13.00 -2.85 1.86
CA MET B 82 11.98 -2.57 2.87
C MET B 82 11.02 -3.75 3.01
N THR B 83 10.59 -4.28 1.87
CA THR B 83 9.67 -5.41 1.87
C THR B 83 10.32 -6.64 2.50
N SER B 84 11.55 -6.94 2.10
CA SER B 84 12.26 -8.09 2.64
C SER B 84 12.50 -7.97 4.14
N MET B 85 12.97 -6.81 4.58
CA MET B 85 13.24 -6.60 6.01
C MET B 85 11.96 -6.76 6.83
N LEU B 86 10.89 -6.14 6.36
CA LEU B 86 9.61 -6.21 7.06
C LEU B 86 9.11 -7.65 7.12
N ALA B 87 9.17 -8.33 5.98
CA ALA B 87 8.72 -9.71 5.90
C ALA B 87 9.49 -10.58 6.88
N ARG B 88 10.79 -10.44 6.86
CA ARG B 88 11.65 -11.22 7.75
C ARG B 88 11.28 -10.97 9.21
N GLU B 89 11.08 -9.70 9.59
CA GLU B 89 10.75 -9.38 10.97
C GLU B 89 9.43 -10.05 11.37
N LEU B 90 8.44 -9.96 10.50
CA LEU B 90 7.14 -10.56 10.78
C LEU B 90 7.28 -12.08 10.84
N ILE B 91 8.06 -12.63 9.92
CA ILE B 91 8.30 -14.07 9.91
C ILE B 91 8.95 -14.49 11.23
N THR B 92 9.86 -13.66 11.73
CA THR B 92 10.50 -13.96 13.02
C THR B 92 9.43 -14.07 14.09
N GLU B 93 8.49 -13.13 14.09
CA GLU B 93 7.40 -13.15 15.06
C GLU B 93 6.58 -14.43 14.88
N LEU B 94 6.30 -14.77 13.62
CA LEU B 94 5.54 -15.99 13.33
C LEU B 94 6.27 -17.21 13.87
N ILE B 95 7.59 -17.26 13.68
CA ILE B 95 8.36 -18.38 14.19
C ILE B 95 8.28 -18.46 15.71
N GLU B 96 8.36 -17.30 16.37
CA GLU B 96 8.25 -17.27 17.83
C GLU B 96 6.90 -17.85 18.25
N LEU B 97 5.86 -17.54 17.49
CA LEU B 97 4.52 -18.05 17.79
C LEU B 97 4.52 -19.58 17.69
N HIS B 98 5.19 -20.10 16.66
CA HIS B 98 5.27 -21.55 16.50
C HIS B 98 5.89 -22.17 17.75
N GLU B 99 6.90 -21.48 18.28
CA GLU B 99 7.55 -21.95 19.50
C GLU B 99 6.58 -21.94 20.66
N LYS B 100 5.77 -20.88 20.77
CA LYS B 100 4.79 -20.80 21.84
C LYS B 100 3.72 -21.88 21.65
N LEU B 101 3.39 -22.19 20.39
CA LEU B 101 2.42 -23.25 20.11
C LEU B 101 2.96 -24.60 20.58
N LYS B 102 4.13 -24.57 21.21
CA LYS B 102 4.77 -25.78 21.72
C LYS B 102 5.49 -26.51 20.59
N ALA B 103 4.71 -26.92 19.58
CA ALA B 103 5.25 -27.67 18.43
C ALA B 103 6.64 -27.19 18.04
N ALA C 1 11.12 19.25 -2.05
CA ALA C 1 11.16 20.74 -1.98
C ALA C 1 10.96 21.17 -0.54
N GLU C 2 11.18 22.45 -0.27
CA GLU C 2 11.04 23.02 1.08
C GLU C 2 10.10 22.22 1.98
N GLU C 3 8.81 22.51 1.89
CA GLU C 3 7.83 21.81 2.71
C GLU C 3 7.73 20.34 2.34
N LEU C 4 7.37 20.07 1.08
CA LEU C 4 7.24 18.68 0.63
C LEU C 4 8.38 17.80 1.16
N GLU C 5 9.60 18.32 1.11
CA GLU C 5 10.76 17.57 1.58
C GLU C 5 10.74 17.43 3.10
N GLU C 6 10.47 18.53 3.78
CA GLU C 6 10.41 18.52 5.24
C GLU C 6 9.19 17.70 5.68
N VAL C 7 8.12 17.78 4.89
CA VAL C 7 6.90 17.04 5.17
C VAL C 7 7.17 15.53 5.06
N VAL C 8 7.92 15.14 4.03
CA VAL C 8 8.27 13.74 3.83
C VAL C 8 9.06 13.24 5.04
N MET C 9 10.02 14.04 5.50
CA MET C 9 10.80 13.67 6.66
C MET C 9 9.87 13.40 7.84
N GLY C 10 8.88 14.29 8.01
CA GLY C 10 7.91 14.13 9.08
C GLY C 10 7.12 12.84 8.88
N LEU C 11 6.71 12.59 7.65
CA LEU C 11 5.94 11.37 7.33
C LEU C 11 6.79 10.14 7.59
N ILE C 12 8.05 10.18 7.18
CA ILE C 12 8.94 9.04 7.37
C ILE C 12 9.11 8.78 8.87
N ILE C 13 9.32 9.87 9.61
CA ILE C 13 9.47 9.76 11.06
C ILE C 13 8.16 9.23 11.66
N ASN C 14 7.05 9.81 11.22
CA ASN C 14 5.73 9.40 11.72
C ASN C 14 5.50 7.92 11.43
N SER C 15 5.79 7.51 10.19
CA SER C 15 5.63 6.11 9.81
C SER C 15 6.52 5.24 10.68
N GLY C 16 7.76 5.70 10.90
CA GLY C 16 8.70 4.95 11.73
C GLY C 16 8.18 4.84 13.16
N GLN C 17 7.67 5.95 13.70
CA GLN C 17 7.13 5.92 15.06
C GLN C 17 5.95 4.97 15.12
N ALA C 18 5.12 5.01 14.08
CA ALA C 18 3.96 4.14 14.02
C ALA C 18 4.38 2.67 14.15
N ARG C 19 5.36 2.27 13.33
CA ARG C 19 5.84 0.91 13.40
C ARG C 19 6.41 0.63 14.79
N SER C 20 7.21 1.57 15.28
CA SER C 20 7.81 1.41 16.60
C SER C 20 6.73 1.13 17.65
N LEU C 21 5.66 1.92 17.61
CA LEU C 21 4.56 1.74 18.54
C LEU C 21 3.92 0.37 18.33
N ALA C 22 3.73 0.00 17.06
CA ALA C 22 3.13 -1.29 16.73
C ALA C 22 3.96 -2.44 17.33
N TYR C 23 5.27 -2.43 17.07
CA TYR C 23 6.14 -3.47 17.64
C TYR C 23 6.05 -3.45 19.16
N ALA C 24 6.03 -2.24 19.72
CA ALA C 24 5.92 -2.11 21.17
C ALA C 24 4.59 -2.72 21.62
N ALA C 25 3.54 -2.47 20.85
CA ALA C 25 2.23 -3.03 21.16
C ALA C 25 2.31 -4.55 21.21
N LEU C 26 3.01 -5.12 20.24
CA LEU C 26 3.19 -6.57 20.18
C LEU C 26 3.95 -7.05 21.42
N LYS C 27 4.99 -6.31 21.77
CA LYS C 27 5.79 -6.66 22.94
C LYS C 27 4.90 -6.72 24.19
N GLN C 28 3.99 -5.77 24.31
CA GLN C 28 3.06 -5.75 25.44
C GLN C 28 2.26 -7.04 25.47
N ALA C 29 1.82 -7.47 24.27
CA ALA C 29 1.05 -8.70 24.16
C ALA C 29 1.85 -9.89 24.67
N LYS C 30 3.13 -9.94 24.30
CA LYS C 30 3.99 -11.02 24.76
C LYS C 30 4.07 -11.06 26.28
N GLN C 31 3.98 -9.88 26.90
CA GLN C 31 4.04 -9.80 28.36
C GLN C 31 2.67 -10.17 28.96
N GLY C 32 1.71 -10.44 28.08
CA GLY C 32 0.36 -10.83 28.53
C GLY C 32 -0.47 -9.60 28.89
N ASP C 33 -0.04 -8.43 28.44
CA ASP C 33 -0.76 -7.18 28.70
C ASP C 33 -1.63 -6.80 27.51
N PHE C 34 -2.80 -7.41 27.42
CA PHE C 34 -3.71 -7.14 26.31
C PHE C 34 -4.22 -5.70 26.34
N ALA C 35 -4.43 -5.17 27.54
CA ALA C 35 -4.94 -3.81 27.68
C ALA C 35 -3.97 -2.79 27.08
N ALA C 36 -2.71 -2.89 27.47
CA ALA C 36 -1.71 -1.96 26.96
C ALA C 36 -1.50 -2.17 25.47
N ALA C 37 -1.55 -3.42 25.02
CA ALA C 37 -1.38 -3.71 23.60
C ALA C 37 -2.48 -3.00 22.81
N LYS C 38 -3.72 -3.21 23.22
CA LYS C 38 -4.87 -2.59 22.57
C LYS C 38 -4.72 -1.07 22.49
N ALA C 39 -4.32 -0.45 23.61
CA ALA C 39 -4.16 1.00 23.65
C ALA C 39 -3.06 1.46 22.68
N MET C 40 -1.96 0.72 22.64
CA MET C 40 -0.85 1.06 21.77
C MET C 40 -1.25 0.92 20.30
N MET C 41 -2.03 -0.11 19.99
CA MET C 41 -2.48 -0.31 18.61
C MET C 41 -3.35 0.85 18.16
N ASP C 42 -4.25 1.28 19.04
CA ASP C 42 -5.17 2.36 18.72
C ASP C 42 -4.41 3.63 18.38
N GLN C 43 -3.42 3.97 19.21
CA GLN C 43 -2.61 5.16 18.97
C GLN C 43 -1.83 5.03 17.67
N SER C 44 -1.30 3.85 17.42
CA SER C 44 -0.55 3.60 16.19
C SER C 44 -1.44 3.87 14.98
N ARG C 45 -2.67 3.32 15.03
CA ARG C 45 -3.64 3.50 13.96
C ARG C 45 -3.93 4.99 13.72
N MET C 46 -4.14 5.72 14.81
CA MET C 46 -4.43 7.15 14.72
C MET C 46 -3.26 7.89 14.08
N ALA C 47 -2.04 7.51 14.47
CA ALA C 47 -0.84 8.14 13.91
C ALA C 47 -0.78 7.91 12.40
N LEU C 48 -1.08 6.68 11.98
CA LEU C 48 -1.07 6.33 10.57
C LEU C 48 -2.17 7.06 9.82
N ASN C 49 -3.34 7.15 10.45
CA ASN C 49 -4.48 7.81 9.84
C ASN C 49 -4.14 9.27 9.52
N GLU C 50 -3.51 9.95 10.47
CA GLU C 50 -3.11 11.33 10.26
C GLU C 50 -2.06 11.41 9.16
N ALA C 51 -1.13 10.47 9.19
CA ALA C 51 -0.07 10.43 8.18
C ALA C 51 -0.67 10.15 6.80
N HIS C 52 -1.58 9.19 6.74
CA HIS C 52 -2.25 8.85 5.48
C HIS C 52 -3.02 10.05 4.94
N LEU C 53 -3.69 10.78 5.83
CA LEU C 53 -4.47 11.95 5.43
C LEU C 53 -3.56 12.98 4.76
N VAL C 54 -2.39 13.20 5.35
CA VAL C 54 -1.45 14.16 4.80
C VAL C 54 -0.99 13.67 3.43
N GLN C 55 -0.69 12.38 3.32
CA GLN C 55 -0.26 11.82 2.04
C GLN C 55 -1.38 11.99 1.00
N THR C 56 -2.62 11.74 1.41
CA THR C 56 -3.76 11.88 0.48
C THR C 56 -3.70 13.25 -0.19
N LYS C 57 -3.50 14.29 0.60
CA LYS C 57 -3.40 15.64 0.05
C LYS C 57 -2.20 15.73 -0.88
N LEU C 58 -1.11 15.09 -0.49
CA LEU C 58 0.10 15.11 -1.29
C LEU C 58 -0.08 14.35 -2.61
N ILE C 59 -1.09 13.47 -2.70
CA ILE C 59 -1.33 12.76 -3.95
C ILE C 59 -2.40 13.48 -4.79
N GLU C 60 -3.38 14.10 -4.14
CA GLU C 60 -4.43 14.83 -4.87
C GLU C 60 -3.85 16.03 -5.60
N GLY C 61 -2.89 16.71 -4.98
CA GLY C 61 -2.28 17.89 -5.57
C GLY C 61 -0.83 17.62 -5.97
N ASP C 62 -0.56 16.41 -6.41
CA ASP C 62 0.79 16.03 -6.80
C ASP C 62 1.22 16.75 -8.06
N ALA C 63 0.31 17.49 -8.68
CA ALA C 63 0.63 18.24 -9.90
C ALA C 63 1.30 19.56 -9.56
N GLY C 64 1.78 20.26 -10.59
CA GLY C 64 2.43 21.56 -10.39
C GLY C 64 3.77 21.63 -11.13
N GLU C 65 4.69 20.71 -10.81
CA GLU C 65 5.99 20.70 -11.45
C GLU C 65 5.87 20.38 -12.94
N GLY C 66 4.99 19.45 -13.27
CA GLY C 66 4.80 19.05 -14.66
C GLY C 66 3.45 18.36 -14.86
N LYS C 67 3.12 18.09 -16.11
CA LYS C 67 1.85 17.44 -16.43
C LYS C 67 1.83 16.00 -15.92
N MET C 68 2.44 15.10 -16.70
CA MET C 68 2.48 13.68 -16.36
C MET C 68 3.31 13.38 -15.12
N LYS C 69 4.45 14.07 -14.97
CA LYS C 69 5.34 13.83 -13.84
C LYS C 69 4.79 14.36 -12.52
N VAL C 70 5.20 13.71 -11.43
CA VAL C 70 4.76 14.07 -10.08
C VAL C 70 5.96 14.16 -9.13
N SER C 71 5.72 14.64 -7.91
CA SER C 71 6.80 14.75 -6.93
C SER C 71 7.42 13.38 -6.68
N LEU C 72 8.74 13.30 -6.77
CA LEU C 72 9.45 12.03 -6.61
C LEU C 72 9.31 11.48 -5.19
N VAL C 73 9.40 12.39 -4.22
CA VAL C 73 9.33 12.04 -2.80
C VAL C 73 8.00 11.37 -2.44
N LEU C 74 6.99 11.51 -3.28
CA LEU C 74 5.72 10.84 -3.02
C LEU C 74 5.93 9.35 -2.77
N VAL C 75 6.86 8.80 -3.54
CA VAL C 75 7.19 7.38 -3.43
C VAL C 75 7.77 7.10 -2.05
N HIS C 76 8.77 7.97 -1.55
CA HIS C 76 9.38 7.77 -0.23
C HIS C 76 8.31 7.73 0.85
N ALA C 77 7.38 8.67 0.79
CA ALA C 77 6.31 8.73 1.79
C ALA C 77 5.36 7.55 1.63
N GLN C 78 5.03 7.21 0.39
CA GLN C 78 4.11 6.11 0.13
C GLN C 78 4.74 4.79 0.57
N LEU C 79 5.99 4.58 0.19
CA LEU C 79 6.71 3.36 0.55
C LEU C 79 6.75 3.17 2.06
N HIS C 80 7.13 4.21 2.79
CA HIS C 80 7.20 4.12 4.24
C HIS C 80 5.81 3.94 4.85
N LEU C 81 4.87 4.73 4.38
CA LEU C 81 3.50 4.67 4.89
C LEU C 81 2.85 3.31 4.59
N MET C 82 3.01 2.84 3.37
CA MET C 82 2.42 1.55 2.98
C MET C 82 3.01 0.42 3.82
N THR C 83 4.32 0.45 3.99
CA THR C 83 5.00 -0.58 4.76
C THR C 83 4.54 -0.55 6.22
N SER C 84 4.53 0.64 6.80
CA SER C 84 4.12 0.80 8.20
C SER C 84 2.67 0.37 8.42
N MET C 85 1.76 0.84 7.56
CA MET C 85 0.35 0.48 7.70
C MET C 85 0.16 -1.04 7.61
N LEU C 86 0.80 -1.65 6.63
CA LEU C 86 0.70 -3.09 6.43
C LEU C 86 1.24 -3.83 7.65
N ALA C 87 2.42 -3.42 8.10
CA ALA C 87 3.05 -4.04 9.25
C ALA C 87 2.13 -3.96 10.47
N ARG C 88 1.61 -2.77 10.71
CA ARG C 88 0.74 -2.55 11.84
C ARG C 88 -0.50 -3.47 11.77
N GLU C 89 -1.11 -3.56 10.59
CA GLU C 89 -2.29 -4.42 10.44
C GLU C 89 -1.95 -5.88 10.74
N LEU C 90 -0.82 -6.35 10.20
CA LEU C 90 -0.40 -7.72 10.44
C LEU C 90 -0.07 -7.92 11.91
N ILE C 91 0.60 -6.95 12.49
CA ILE C 91 0.95 -7.02 13.90
C ILE C 91 -0.33 -7.12 14.73
N THR C 92 -1.36 -6.39 14.32
CA THR C 92 -2.64 -6.46 15.02
C THR C 92 -3.15 -7.89 14.99
N GLU C 93 -3.06 -8.53 13.83
CA GLU C 93 -3.50 -9.92 13.70
C GLU C 93 -2.66 -10.82 14.62
N LEU C 94 -1.36 -10.56 14.63
CA LEU C 94 -0.45 -11.34 15.47
C LEU C 94 -0.84 -11.20 16.94
N ILE C 95 -1.16 -9.98 17.35
CA ILE C 95 -1.57 -9.73 18.73
C ILE C 95 -2.86 -10.51 19.05
N GLU C 96 -3.80 -10.48 18.12
CA GLU C 96 -5.05 -11.21 18.31
C GLU C 96 -4.75 -12.70 18.53
N LEU C 97 -3.78 -13.21 17.77
CA LEU C 97 -3.39 -14.61 17.91
C LEU C 97 -2.85 -14.87 19.32
N HIS C 98 -2.05 -13.94 19.83
CA HIS C 98 -1.52 -14.09 21.18
C HIS C 98 -2.68 -14.22 22.16
N GLU C 99 -3.73 -13.44 21.92
CA GLU C 99 -4.90 -13.49 22.78
C GLU C 99 -5.57 -14.87 22.68
N LYS C 100 -5.65 -15.41 21.46
CA LYS C 100 -6.25 -16.72 21.29
C LYS C 100 -5.38 -17.78 21.95
N LEU C 101 -4.05 -17.58 21.91
CA LEU C 101 -3.12 -18.52 22.55
C LEU C 101 -3.37 -18.53 24.06
N LYS C 102 -4.36 -17.76 24.51
CA LYS C 102 -4.70 -17.67 25.93
C LYS C 102 -3.78 -16.68 26.63
N ALA C 103 -2.48 -16.99 26.61
CA ALA C 103 -1.45 -16.16 27.26
C ALA C 103 -1.80 -14.67 27.21
N LYS D 1 -19.97 26.95 -1.17
CA LYS D 1 -19.08 26.05 -1.96
C LYS D 1 -19.44 24.59 -1.78
N LYS D 2 -19.77 23.94 -2.87
CA LYS D 2 -20.15 22.54 -2.84
C LYS D 2 -18.93 21.62 -2.88
N HIS D 3 -19.02 20.49 -2.19
CA HIS D 3 -17.93 19.52 -2.13
C HIS D 3 -18.12 18.37 -3.08
N ILE D 4 -17.20 18.26 -4.03
CA ILE D 4 -17.22 17.18 -4.99
C ILE D 4 -16.07 16.24 -4.61
N TYR D 5 -16.39 15.03 -4.18
CA TYR D 5 -15.38 14.06 -3.78
C TYR D 5 -15.33 12.90 -4.76
N LEU D 6 -14.13 12.60 -5.26
CA LEU D 6 -13.90 11.48 -6.19
C LEU D 6 -13.25 10.35 -5.40
N PHE D 7 -13.55 9.07 -5.73
CA PHE D 7 -12.86 7.96 -5.09
C PHE D 7 -12.18 7.04 -6.11
N CYS D 8 -11.05 6.42 -5.65
CA CYS D 8 -10.29 5.40 -6.37
C CYS D 8 -9.55 4.53 -5.37
N SER D 9 -8.60 3.65 -5.73
CA SER D 9 -8.08 2.77 -4.67
C SER D 9 -7.04 3.50 -3.83
N ALA D 10 -6.34 4.54 -4.33
CA ALA D 10 -5.37 5.21 -3.49
C ALA D 10 -5.57 6.70 -3.56
N GLY D 11 -5.89 7.20 -4.75
CA GLY D 11 -6.18 8.61 -4.96
C GLY D 11 -5.14 9.27 -5.85
N MET D 12 -4.46 8.54 -6.73
CA MET D 12 -3.45 9.16 -7.58
C MET D 12 -3.96 9.34 -9.03
N SER D 13 -4.05 8.26 -9.74
CA SER D 13 -4.51 8.35 -11.14
C SER D 13 -5.71 9.29 -11.27
N THR D 14 -6.46 9.50 -10.19
CA THR D 14 -7.62 10.37 -10.31
C THR D 14 -7.22 11.77 -9.88
N SER D 15 -6.09 11.83 -9.22
CA SER D 15 -5.48 13.09 -8.76
C SER D 15 -5.20 14.03 -9.93
N LEU D 16 -4.82 13.46 -11.06
CA LEU D 16 -4.55 14.26 -12.24
C LEU D 16 -5.88 14.86 -12.76
N LEU D 17 -6.96 14.07 -12.72
CA LEU D 17 -8.28 14.55 -13.14
C LEU D 17 -8.75 15.68 -12.19
N VAL D 18 -8.54 15.48 -10.88
CA VAL D 18 -8.91 16.50 -9.89
C VAL D 18 -8.18 17.83 -10.15
N SER D 19 -6.89 17.79 -10.47
CA SER D 19 -6.17 19.03 -10.74
C SER D 19 -6.73 19.77 -11.98
N LYS D 20 -7.12 19.03 -13.02
CA LYS D 20 -7.71 19.66 -14.20
C LYS D 20 -9.12 20.20 -13.91
N MET D 21 -9.87 19.50 -13.07
CA MET D 21 -11.22 20.00 -12.73
C MET D 21 -11.08 21.31 -11.94
N ARG D 22 -10.13 21.39 -11.02
CA ARG D 22 -9.91 22.60 -10.21
C ARG D 22 -9.56 23.79 -11.12
N ALA D 23 -8.79 23.54 -12.18
CA ALA D 23 -8.39 24.59 -13.11
C ALA D 23 -9.63 25.14 -13.81
N GLN D 24 -10.50 24.24 -14.24
CA GLN D 24 -11.72 24.61 -14.91
C GLN D 24 -12.67 25.35 -14.00
N ALA D 25 -12.80 24.88 -12.77
CA ALA D 25 -13.69 25.53 -11.80
C ALA D 25 -13.24 26.96 -11.55
N GLU D 26 -11.93 27.20 -11.60
CA GLU D 26 -11.39 28.54 -11.36
C GLU D 26 -11.65 29.43 -12.57
N LYS D 27 -11.43 28.88 -13.76
CA LYS D 27 -11.63 29.59 -14.99
C LYS D 27 -13.07 30.10 -15.12
N TYR D 28 -14.05 29.29 -14.72
CA TYR D 28 -15.48 29.69 -14.80
C TYR D 28 -16.13 30.10 -13.49
N GLU D 29 -15.33 30.35 -12.46
CA GLU D 29 -15.81 30.78 -11.15
C GLU D 29 -16.89 29.89 -10.51
N VAL D 30 -16.76 28.58 -10.66
CA VAL D 30 -17.70 27.63 -10.08
C VAL D 30 -17.27 27.48 -8.62
N PRO D 31 -18.19 27.73 -7.67
CA PRO D 31 -17.91 27.64 -6.23
C PRO D 31 -17.93 26.21 -5.68
N VAL D 32 -16.88 25.46 -6.01
CA VAL D 32 -16.75 24.08 -5.57
C VAL D 32 -15.38 23.76 -5.01
N ILE D 33 -15.35 22.75 -4.14
CA ILE D 33 -14.13 22.22 -3.55
C ILE D 33 -14.09 20.77 -4.09
N ILE D 34 -12.98 20.40 -4.71
CA ILE D 34 -12.79 19.07 -5.32
C ILE D 34 -11.61 18.31 -4.66
N GLU D 35 -11.86 17.09 -4.18
CA GLU D 35 -10.83 16.27 -3.52
C GLU D 35 -10.93 14.82 -4.00
N ALA D 36 -9.78 14.14 -4.09
CA ALA D 36 -9.71 12.73 -4.50
C ALA D 36 -9.34 11.92 -3.25
N PHE D 37 -9.93 10.74 -3.09
CA PHE D 37 -9.64 9.87 -1.95
C PHE D 37 -9.66 8.44 -2.43
N PRO D 38 -9.08 7.53 -1.64
CA PRO D 38 -9.07 6.11 -2.02
C PRO D 38 -10.49 5.61 -1.70
N GLU D 39 -10.91 4.54 -2.35
CA GLU D 39 -12.24 3.96 -2.13
C GLU D 39 -12.51 3.54 -0.69
N THR D 40 -11.46 3.29 0.09
CA THR D 40 -11.63 2.88 1.48
C THR D 40 -12.26 3.95 2.37
N LEU D 41 -12.19 5.21 1.94
CA LEU D 41 -12.77 6.32 2.70
C LEU D 41 -14.15 6.77 2.20
N ALA D 42 -14.74 6.07 1.21
CA ALA D 42 -16.05 6.45 0.63
C ALA D 42 -17.14 6.64 1.68
N GLY D 43 -17.12 5.80 2.71
CA GLY D 43 -18.13 5.91 3.75
C GLY D 43 -17.81 6.98 4.77
N GLU D 44 -16.53 7.16 5.08
CA GLU D 44 -16.15 8.15 6.07
C GLU D 44 -16.16 9.59 5.49
N LYS D 45 -15.52 9.77 4.34
CA LYS D 45 -15.46 11.08 3.70
C LYS D 45 -16.73 11.45 2.92
N GLY D 46 -17.38 10.46 2.32
CA GLY D 46 -18.60 10.70 1.55
C GLY D 46 -19.69 11.43 2.29
N GLN D 47 -19.77 11.23 3.60
CA GLN D 47 -20.79 11.89 4.43
C GLN D 47 -20.74 13.42 4.34
N ASN D 48 -19.59 13.97 3.95
CA ASN D 48 -19.43 15.41 3.87
C ASN D 48 -19.45 15.95 2.45
N ALA D 49 -19.66 15.08 1.48
CA ALA D 49 -19.67 15.54 0.10
C ALA D 49 -21.06 15.97 -0.30
N ASP D 50 -21.11 16.82 -1.31
CA ASP D 50 -22.38 17.25 -1.83
C ASP D 50 -22.73 16.32 -2.99
N VAL D 51 -21.69 15.73 -3.60
CA VAL D 51 -21.88 14.75 -4.67
C VAL D 51 -20.68 13.78 -4.61
N VAL D 52 -20.98 12.49 -4.70
CA VAL D 52 -19.97 11.44 -4.66
C VAL D 52 -19.78 10.85 -6.06
N LEU D 53 -18.55 10.92 -6.57
CA LEU D 53 -18.24 10.38 -7.88
C LEU D 53 -17.30 9.18 -7.73
N LEU D 54 -17.60 8.08 -8.42
CA LEU D 54 -16.75 6.88 -8.36
C LEU D 54 -15.96 6.73 -9.63
N GLY D 55 -14.69 6.35 -9.51
CA GLY D 55 -13.84 6.18 -10.68
C GLY D 55 -14.39 5.02 -11.49
N PRO D 56 -14.13 4.94 -12.76
CA PRO D 56 -14.66 3.84 -13.62
C PRO D 56 -14.24 2.42 -13.18
N GLN D 57 -13.07 2.31 -12.54
CA GLN D 57 -12.57 1.02 -12.08
C GLN D 57 -13.39 0.49 -10.90
N ILE D 58 -14.04 1.38 -10.15
CA ILE D 58 -14.82 0.94 -9.01
C ILE D 58 -16.34 1.02 -9.23
N ALA D 59 -16.75 0.99 -10.49
CA ALA D 59 -18.17 1.04 -10.83
C ALA D 59 -18.94 -0.11 -10.19
N TYR D 60 -18.34 -1.30 -10.13
CA TYR D 60 -19.04 -2.44 -9.55
C TYR D 60 -19.46 -2.21 -8.09
N MET D 61 -18.84 -1.23 -7.44
CA MET D 61 -19.15 -0.89 -6.05
C MET D 61 -20.33 0.08 -5.87
N LEU D 62 -20.89 0.58 -6.97
CA LEU D 62 -21.99 1.54 -6.90
C LEU D 62 -23.13 1.19 -5.93
N PRO D 63 -23.73 -0.02 -6.05
CA PRO D 63 -24.82 -0.37 -5.12
C PRO D 63 -24.43 -0.30 -3.65
N GLU D 64 -23.22 -0.72 -3.30
CA GLU D 64 -22.77 -0.68 -1.91
C GLU D 64 -22.60 0.74 -1.42
N ILE D 65 -22.02 1.59 -2.25
CA ILE D 65 -21.83 2.99 -1.85
C ILE D 65 -23.16 3.74 -1.71
N GLN D 66 -24.12 3.42 -2.59
CA GLN D 66 -25.46 4.00 -2.52
C GLN D 66 -26.13 3.64 -1.18
N ARG D 67 -26.00 2.39 -0.73
CA ARG D 67 -26.60 1.98 0.55
C ARG D 67 -25.89 2.63 1.74
N LEU D 68 -24.60 2.88 1.59
CA LEU D 68 -23.77 3.49 2.64
C LEU D 68 -24.11 4.97 2.82
N LEU D 69 -24.39 5.65 1.70
CA LEU D 69 -24.73 7.09 1.68
C LEU D 69 -26.11 7.27 1.01
N PRO D 70 -27.20 6.87 1.69
CA PRO D 70 -28.55 6.99 1.13
C PRO D 70 -29.03 8.44 0.93
N ASN D 71 -28.35 9.38 1.56
CA ASN D 71 -28.75 10.79 1.44
C ASN D 71 -27.82 11.63 0.57
N LYS D 72 -27.08 10.99 -0.33
CA LYS D 72 -26.14 11.69 -1.21
C LYS D 72 -26.26 11.20 -2.63
N PRO D 73 -26.13 12.10 -3.63
CA PRO D 73 -26.21 11.62 -5.02
C PRO D 73 -24.85 10.97 -5.27
N VAL D 74 -24.87 9.73 -5.75
CA VAL D 74 -23.64 8.96 -6.02
C VAL D 74 -23.64 8.48 -7.46
N GLU D 75 -22.58 8.72 -8.19
CA GLU D 75 -22.53 8.22 -9.55
C GLU D 75 -21.13 7.95 -10.07
N VAL D 76 -21.06 7.12 -11.10
CA VAL D 76 -19.80 6.72 -11.71
C VAL D 76 -19.40 7.72 -12.78
N ILE D 77 -18.11 8.03 -12.84
CA ILE D 77 -17.58 8.96 -13.83
C ILE D 77 -17.54 8.27 -15.17
N ASP D 78 -17.96 8.97 -16.21
CA ASP D 78 -17.94 8.40 -17.55
C ASP D 78 -16.51 7.95 -17.89
N SER D 79 -16.33 6.69 -18.28
CA SER D 79 -14.99 6.17 -18.58
C SER D 79 -14.18 6.90 -19.65
N LEU D 80 -14.87 7.44 -20.65
CA LEU D 80 -14.19 8.17 -21.73
C LEU D 80 -13.73 9.53 -21.23
N LEU D 81 -14.58 10.18 -20.45
CA LEU D 81 -14.26 11.49 -19.90
C LEU D 81 -13.10 11.33 -18.94
N TYR D 82 -13.10 10.21 -18.22
CA TYR D 82 -12.04 9.90 -17.25
C TYR D 82 -10.71 9.58 -17.95
N GLY D 83 -10.75 8.68 -18.92
CA GLY D 83 -9.54 8.32 -19.64
C GLY D 83 -8.87 9.50 -20.31
N LYS D 84 -9.68 10.37 -20.87
CA LYS D 84 -9.22 11.56 -21.59
C LYS D 84 -8.79 12.70 -20.65
N VAL D 85 -9.07 12.52 -19.35
CA VAL D 85 -8.77 13.52 -18.31
C VAL D 85 -9.47 14.86 -18.61
N ASP D 86 -10.76 14.77 -18.94
CA ASP D 86 -11.57 15.95 -19.28
C ASP D 86 -12.09 16.63 -18.03
N GLY D 87 -11.29 17.56 -17.51
CA GLY D 87 -11.64 18.31 -16.31
C GLY D 87 -12.94 19.07 -16.45
N LEU D 88 -13.16 19.73 -17.60
CA LEU D 88 -14.39 20.49 -17.80
C LEU D 88 -15.63 19.58 -17.87
N GLY D 89 -15.50 18.50 -18.64
CA GLY D 89 -16.59 17.56 -18.81
C GLY D 89 -17.07 16.91 -17.53
N VAL D 90 -16.12 16.49 -16.69
CA VAL D 90 -16.48 15.84 -15.42
C VAL D 90 -17.04 16.88 -14.45
N LEU D 91 -16.47 18.08 -14.49
CA LEU D 91 -16.97 19.15 -13.63
C LEU D 91 -18.46 19.39 -14.00
N LYS D 92 -18.76 19.42 -15.30
CA LYS D 92 -20.15 19.61 -15.75
C LYS D 92 -21.09 18.52 -15.24
N ALA D 93 -20.64 17.27 -15.30
CA ALA D 93 -21.47 16.14 -14.85
C ALA D 93 -21.76 16.21 -13.35
N ALA D 94 -20.78 16.72 -12.60
CA ALA D 94 -20.90 16.82 -11.15
C ALA D 94 -21.90 17.90 -10.75
N VAL D 95 -21.80 19.06 -11.40
CA VAL D 95 -22.72 20.17 -11.13
C VAL D 95 -24.13 19.69 -11.49
N ALA D 96 -24.25 18.98 -12.61
CA ALA D 96 -25.54 18.45 -13.04
C ALA D 96 -26.13 17.51 -11.99
N ALA D 97 -25.33 16.57 -11.49
CA ALA D 97 -25.85 15.64 -10.49
C ALA D 97 -26.36 16.40 -9.26
N ILE D 98 -25.70 17.51 -8.93
CA ILE D 98 -26.12 18.32 -7.78
C ILE D 98 -27.46 19.01 -8.03
N LYS D 99 -27.63 19.58 -9.24
CA LYS D 99 -28.87 20.26 -9.62
C LYS D 99 -30.01 19.26 -9.71
N LYS D 100 -29.80 18.19 -10.45
CA LYS D 100 -30.83 17.18 -10.59
C LYS D 100 -31.20 16.60 -9.22
N ALA D 101 -30.34 16.79 -8.23
CA ALA D 101 -30.58 16.28 -6.88
C ALA D 101 -31.37 17.24 -6.00
N ALA D 102 -31.14 18.54 -6.18
CA ALA D 102 -31.83 19.57 -5.43
C ALA D 102 -33.22 19.88 -6.02
N ALA D 103 -33.60 19.13 -7.06
CA ALA D 103 -34.88 19.29 -7.72
C ALA D 103 -35.05 18.26 -8.85
P PO3 E . -4.84 5.41 -7.11
O1 PO3 E . -4.86 5.86 -8.57
O2 PO3 E . -4.20 6.28 -6.06
O3 PO3 E . -5.29 4.02 -6.74
N ALA A 1 0.74 7.29 -18.60
CA ALA A 1 0.24 7.59 -19.96
C ALA A 1 -1.09 6.86 -20.17
N GLU A 2 -1.77 7.18 -21.26
CA GLU A 2 -3.08 6.58 -21.60
C GLU A 2 -3.28 5.20 -20.95
N GLU A 3 -2.80 4.17 -21.63
CA GLU A 3 -2.95 2.80 -21.13
C GLU A 3 -2.16 2.60 -19.84
N LEU A 4 -0.84 2.78 -19.91
CA LEU A 4 0.01 2.60 -18.74
C LEU A 4 -0.63 3.20 -17.48
N GLU A 5 -1.21 4.38 -17.61
CA GLU A 5 -1.84 5.05 -16.47
C GLU A 5 -3.12 4.34 -16.08
N GLU A 6 -3.94 4.01 -17.07
CA GLU A 6 -5.19 3.30 -16.82
C GLU A 6 -4.88 1.88 -16.34
N VAL A 7 -3.80 1.31 -16.88
CA VAL A 7 -3.37 -0.03 -16.50
C VAL A 7 -2.93 -0.05 -15.03
N VAL A 8 -2.20 0.99 -14.63
CA VAL A 8 -1.73 1.10 -13.25
C VAL A 8 -2.95 1.16 -12.33
N MET A 9 -3.95 1.96 -12.70
CA MET A 9 -5.17 2.06 -11.90
C MET A 9 -5.77 0.67 -11.73
N GLY A 10 -5.81 -0.09 -12.82
CA GLY A 10 -6.34 -1.45 -12.77
C GLY A 10 -5.49 -2.31 -11.83
N LEU A 11 -4.17 -2.17 -11.95
CA LEU A 11 -3.26 -2.93 -11.10
C LEU A 11 -3.45 -2.56 -9.64
N ILE A 12 -3.57 -1.27 -9.37
CA ILE A 12 -3.76 -0.80 -8.00
C ILE A 12 -5.06 -1.36 -7.46
N ILE A 13 -6.11 -1.29 -8.26
CA ILE A 13 -7.40 -1.82 -7.85
C ILE A 13 -7.30 -3.33 -7.65
N ASN A 14 -6.65 -4.01 -8.60
CA ASN A 14 -6.47 -5.45 -8.53
C ASN A 14 -5.71 -5.82 -7.26
N SER A 15 -4.61 -5.11 -7.03
CA SER A 15 -3.81 -5.35 -5.83
C SER A 15 -4.65 -5.14 -4.57
N GLY A 16 -5.44 -4.06 -4.60
CA GLY A 16 -6.32 -3.75 -3.47
C GLY A 16 -7.35 -4.86 -3.26
N GLN A 17 -7.95 -5.32 -4.36
CA GLN A 17 -8.94 -6.40 -4.27
C GLN A 17 -8.27 -7.65 -3.72
N ALA A 18 -7.05 -7.92 -4.18
CA ALA A 18 -6.31 -9.09 -3.72
C ALA A 18 -6.15 -9.04 -2.21
N ARG A 19 -5.70 -7.91 -1.69
CA ARG A 19 -5.55 -7.77 -0.25
C ARG A 19 -6.90 -7.95 0.43
N SER A 20 -7.91 -7.28 -0.11
CA SER A 20 -9.25 -7.36 0.44
C SER A 20 -9.68 -8.83 0.57
N LEU A 21 -9.47 -9.59 -0.49
CA LEU A 21 -9.81 -11.01 -0.48
C LEU A 21 -8.97 -11.74 0.58
N ALA A 22 -7.69 -11.40 0.63
CA ALA A 22 -6.79 -12.03 1.60
C ALA A 22 -7.30 -11.80 3.03
N TYR A 23 -7.59 -10.55 3.38
CA TYR A 23 -8.10 -10.25 4.72
C TYR A 23 -9.41 -11.00 4.93
N ALA A 24 -10.25 -11.03 3.90
CA ALA A 24 -11.51 -11.73 3.99
C ALA A 24 -11.24 -13.22 4.25
N ALA A 25 -10.23 -13.75 3.56
CA ALA A 25 -9.84 -15.14 3.75
C ALA A 25 -9.48 -15.38 5.21
N LEU A 26 -8.72 -14.46 5.78
CA LEU A 26 -8.32 -14.57 7.18
C LEU A 26 -9.56 -14.55 8.07
N LYS A 27 -10.48 -13.64 7.77
CA LYS A 27 -11.71 -13.53 8.54
C LYS A 27 -12.45 -14.87 8.56
N GLN A 28 -12.48 -15.54 7.41
CA GLN A 28 -13.15 -16.84 7.31
C GLN A 28 -12.48 -17.81 8.28
N ALA A 29 -11.15 -17.75 8.35
CA ALA A 29 -10.39 -18.62 9.24
C ALA A 29 -10.80 -18.38 10.69
N LYS A 30 -10.95 -17.12 11.05
CA LYS A 30 -11.36 -16.77 12.41
C LYS A 30 -12.72 -17.37 12.73
N GLN A 31 -13.58 -17.50 11.72
CA GLN A 31 -14.89 -18.08 11.93
C GLN A 31 -14.80 -19.60 11.96
N GLY A 32 -13.60 -20.12 11.77
CA GLY A 32 -13.37 -21.56 11.81
C GLY A 32 -13.71 -22.21 10.47
N ASP A 33 -13.83 -21.40 9.43
CA ASP A 33 -14.15 -21.90 8.09
C ASP A 33 -12.88 -22.06 7.26
N PHE A 34 -12.18 -23.18 7.47
CA PHE A 34 -10.93 -23.42 6.73
C PHE A 34 -11.18 -23.60 5.24
N ALA A 35 -12.31 -24.21 4.89
CA ALA A 35 -12.63 -24.46 3.49
C ALA A 35 -12.77 -23.14 2.72
N ALA A 36 -13.56 -22.23 3.26
CA ALA A 36 -13.76 -20.95 2.60
C ALA A 36 -12.46 -20.14 2.60
N ALA A 37 -11.70 -20.23 3.68
CA ALA A 37 -10.43 -19.52 3.75
C ALA A 37 -9.52 -19.99 2.60
N LYS A 38 -9.36 -21.30 2.49
CA LYS A 38 -8.53 -21.90 1.45
C LYS A 38 -8.96 -21.42 0.06
N ALA A 39 -10.26 -21.45 -0.21
CA ALA A 39 -10.77 -21.03 -1.51
C ALA A 39 -10.47 -19.57 -1.79
N MET A 40 -10.61 -18.74 -0.76
CA MET A 40 -10.36 -17.30 -0.90
C MET A 40 -8.88 -17.03 -1.18
N MET A 41 -7.98 -17.76 -0.50
CA MET A 41 -6.55 -17.56 -0.72
C MET A 41 -6.19 -17.92 -2.15
N ASP A 42 -6.77 -19.01 -2.65
CA ASP A 42 -6.47 -19.48 -3.99
C ASP A 42 -6.83 -18.42 -5.02
N GLN A 43 -8.03 -17.87 -4.88
CA GLN A 43 -8.48 -16.82 -5.80
C GLN A 43 -7.61 -15.59 -5.67
N SER A 44 -7.25 -15.24 -4.44
CA SER A 44 -6.40 -14.08 -4.20
C SER A 44 -5.06 -14.28 -4.91
N ARG A 45 -4.49 -15.47 -4.78
CA ARG A 45 -3.22 -15.82 -5.43
C ARG A 45 -3.32 -15.66 -6.95
N MET A 46 -4.40 -16.18 -7.51
CA MET A 46 -4.63 -16.11 -8.95
C MET A 46 -4.72 -14.65 -9.40
N ALA A 47 -5.41 -13.83 -8.62
CA ALA A 47 -5.56 -12.41 -8.94
C ALA A 47 -4.19 -11.74 -9.00
N LEU A 48 -3.35 -12.05 -8.02
CA LEU A 48 -2.00 -11.49 -7.95
C LEU A 48 -1.15 -11.98 -9.12
N ASN A 49 -1.29 -13.26 -9.41
CA ASN A 49 -0.51 -13.87 -10.48
C ASN A 49 -0.77 -13.15 -11.80
N GLU A 50 -2.04 -12.89 -12.07
CA GLU A 50 -2.41 -12.17 -13.29
C GLU A 50 -1.86 -10.75 -13.23
N ALA A 51 -1.97 -10.13 -12.05
CA ALA A 51 -1.47 -8.77 -11.87
C ALA A 51 0.06 -8.75 -12.05
N HIS A 52 0.73 -9.71 -11.44
CA HIS A 52 2.19 -9.81 -11.54
C HIS A 52 2.61 -10.01 -13.00
N LEU A 53 1.86 -10.83 -13.72
CA LEU A 53 2.16 -11.11 -15.12
C LEU A 53 2.11 -9.82 -15.93
N VAL A 54 1.08 -9.02 -15.68
CA VAL A 54 0.94 -7.75 -16.38
C VAL A 54 2.11 -6.84 -16.04
N GLN A 55 2.46 -6.79 -14.76
CA GLN A 55 3.59 -5.96 -14.34
C GLN A 55 4.88 -6.45 -15.01
N THR A 56 5.08 -7.76 -15.08
CA THR A 56 6.28 -8.32 -15.72
C THR A 56 6.46 -7.71 -17.11
N LYS A 57 5.37 -7.66 -17.88
CA LYS A 57 5.43 -7.06 -19.22
C LYS A 57 5.76 -5.59 -19.10
N LEU A 58 5.18 -4.94 -18.10
CA LEU A 58 5.43 -3.52 -17.90
C LEU A 58 6.87 -3.24 -17.48
N ILE A 59 7.58 -4.25 -16.98
CA ILE A 59 8.99 -4.06 -16.60
C ILE A 59 9.93 -4.47 -17.76
N GLU A 60 9.55 -5.49 -18.53
CA GLU A 60 10.37 -5.95 -19.66
C GLU A 60 10.46 -4.88 -20.74
N GLY A 61 9.34 -4.20 -21.01
CA GLY A 61 9.31 -3.17 -22.03
C GLY A 61 9.20 -1.78 -21.42
N ASP A 62 9.80 -1.60 -20.24
CA ASP A 62 9.75 -0.32 -19.54
C ASP A 62 10.49 0.78 -20.32
N ALA A 63 11.17 0.39 -21.40
CA ALA A 63 11.90 1.36 -22.21
C ALA A 63 10.97 2.06 -23.19
N GLY A 64 11.49 3.07 -23.89
CA GLY A 64 10.68 3.81 -24.86
C GLY A 64 10.81 5.32 -24.66
N GLU A 65 10.45 5.80 -23.47
CA GLU A 65 10.53 7.23 -23.19
C GLU A 65 11.97 7.72 -23.18
N GLY A 66 12.86 6.90 -22.64
CA GLY A 66 14.28 7.27 -22.58
C GLY A 66 15.15 6.04 -22.36
N LYS A 67 16.47 6.25 -22.44
CA LYS A 67 17.41 5.15 -22.27
C LYS A 67 17.39 4.63 -20.82
N MET A 68 18.11 5.32 -19.94
CA MET A 68 18.20 4.93 -18.54
C MET A 68 16.88 5.05 -17.79
N LYS A 69 16.13 6.12 -18.08
CA LYS A 69 14.87 6.35 -17.37
C LYS A 69 13.76 5.39 -17.80
N VAL A 70 12.84 5.14 -16.87
CA VAL A 70 11.71 4.23 -17.10
C VAL A 70 10.41 4.88 -16.65
N SER A 71 9.28 4.23 -16.95
CA SER A 71 7.98 4.77 -16.55
C SER A 71 7.94 4.91 -15.03
N LEU A 72 7.54 6.10 -14.57
CA LEU A 72 7.48 6.40 -13.14
C LEU A 72 6.43 5.55 -12.41
N VAL A 73 5.30 5.39 -13.07
CA VAL A 73 4.18 4.62 -12.52
C VAL A 73 4.55 3.16 -12.22
N LEU A 74 5.63 2.69 -12.80
CA LEU A 74 6.06 1.31 -12.52
C LEU A 74 6.21 1.08 -11.03
N VAL A 75 6.59 2.15 -10.33
CA VAL A 75 6.79 2.09 -8.88
C VAL A 75 5.43 1.93 -8.21
N HIS A 76 4.15 2.88 -8.64
CA HIS A 76 2.79 2.81 -8.07
C HIS A 76 2.26 1.38 -8.18
N ALA A 77 2.65 0.70 -9.26
CA ALA A 77 2.21 -0.67 -9.49
C ALA A 77 3.05 -1.64 -8.67
N GLN A 78 4.39 -1.49 -8.73
CA GLN A 78 5.27 -2.40 -8.01
C GLN A 78 5.03 -2.31 -6.51
N LEU A 79 4.96 -1.09 -6.01
CA LEU A 79 4.72 -0.86 -4.59
C LEU A 79 3.44 -1.54 -4.13
N HIS A 80 2.35 -1.32 -4.85
CA HIS A 80 1.08 -1.91 -4.47
C HIS A 80 1.12 -3.44 -4.62
N LEU A 81 1.65 -3.90 -5.74
CA LEU A 81 1.74 -5.34 -5.99
C LEU A 81 2.64 -6.04 -4.98
N MET A 82 3.80 -5.45 -4.70
CA MET A 82 4.74 -6.05 -3.75
C MET A 82 4.11 -6.14 -2.37
N THR A 83 3.46 -5.05 -1.96
CA THR A 83 2.81 -5.00 -0.65
C THR A 83 1.69 -6.04 -0.56
N SER A 84 0.84 -6.07 -1.58
CA SER A 84 -0.29 -7.01 -1.61
C SER A 84 0.20 -8.46 -1.60
N MET A 85 1.16 -8.78 -2.45
CA MET A 85 1.69 -10.14 -2.51
C MET A 85 2.26 -10.57 -1.18
N LEU A 86 3.07 -9.70 -0.59
CA LEU A 86 3.68 -10.00 0.70
C LEU A 86 2.61 -10.19 1.78
N ALA A 87 1.64 -9.28 1.79
CA ALA A 87 0.56 -9.36 2.76
C ALA A 87 -0.15 -10.70 2.67
N ARG A 88 -0.49 -11.10 1.47
CA ARG A 88 -1.18 -12.37 1.27
C ARG A 88 -0.35 -13.55 1.78
N GLU A 89 0.93 -13.57 1.45
CA GLU A 89 1.77 -14.67 1.88
C GLU A 89 1.79 -14.78 3.39
N LEU A 90 1.95 -13.65 4.06
CA LEU A 90 1.96 -13.64 5.51
C LEU A 90 0.58 -14.03 6.05
N ILE A 91 -0.46 -13.51 5.42
CA ILE A 91 -1.82 -13.85 5.84
C ILE A 91 -2.03 -15.35 5.69
N THR A 92 -1.50 -15.92 4.61
CA THR A 92 -1.60 -17.37 4.40
C THR A 92 -0.98 -18.10 5.59
N GLU A 93 0.20 -17.64 6.01
CA GLU A 93 0.88 -18.23 7.16
C GLU A 93 0.02 -18.08 8.40
N LEU A 94 -0.57 -16.89 8.56
CA LEU A 94 -1.43 -16.62 9.72
C LEU A 94 -2.62 -17.59 9.71
N ILE A 95 -3.20 -17.80 8.55
CA ILE A 95 -4.34 -18.73 8.44
C ILE A 95 -3.90 -20.14 8.83
N GLU A 96 -2.72 -20.56 8.36
CA GLU A 96 -2.22 -21.88 8.71
C GLU A 96 -2.08 -22.00 10.22
N LEU A 97 -1.64 -20.91 10.87
CA LEU A 97 -1.51 -20.92 12.32
C LEU A 97 -2.88 -21.12 12.98
N HIS A 98 -3.89 -20.46 12.44
CA HIS A 98 -5.25 -20.62 12.98
C HIS A 98 -5.63 -22.08 12.92
N GLU A 99 -5.25 -22.75 11.84
CA GLU A 99 -5.55 -24.17 11.68
C GLU A 99 -4.81 -24.98 12.74
N LYS A 100 -3.56 -24.62 13.01
CA LYS A 100 -2.79 -25.32 14.02
C LYS A 100 -3.39 -25.06 15.41
N LEU A 101 -3.92 -23.84 15.61
CA LEU A 101 -4.56 -23.49 16.88
C LEU A 101 -5.80 -24.37 17.09
N LYS A 102 -6.02 -25.30 16.15
CA LYS A 102 -7.18 -26.20 16.21
C LYS A 102 -8.43 -25.52 15.71
N ALA A 103 -8.82 -24.42 16.39
CA ALA A 103 -10.03 -23.67 16.04
C ALA A 103 -10.30 -23.65 14.53
N ALA B 1 22.66 3.11 -13.51
CA ALA B 1 23.97 3.34 -14.19
C ALA B 1 24.86 2.13 -13.94
N GLU B 2 26.00 2.08 -14.64
CA GLU B 2 26.95 0.97 -14.53
C GLU B 2 26.86 0.24 -13.18
N GLU B 3 27.57 0.74 -12.19
CA GLU B 3 27.58 0.13 -10.87
C GLU B 3 26.22 0.21 -10.20
N LEU B 4 25.72 1.44 -10.02
CA LEU B 4 24.42 1.61 -9.38
C LEU B 4 23.38 0.61 -9.91
N GLU B 5 23.37 0.41 -11.22
CA GLU B 5 22.42 -0.52 -11.83
C GLU B 5 22.76 -1.95 -11.47
N GLU B 6 24.03 -2.30 -11.57
CA GLU B 6 24.50 -3.63 -11.23
C GLU B 6 24.38 -3.85 -9.73
N VAL B 7 24.60 -2.79 -8.97
CA VAL B 7 24.51 -2.85 -7.52
C VAL B 7 23.05 -3.11 -7.10
N VAL B 8 22.12 -2.44 -7.77
CA VAL B 8 20.69 -2.63 -7.49
C VAL B 8 20.33 -4.08 -7.74
N MET B 9 20.80 -4.63 -8.86
CA MET B 9 20.52 -6.03 -9.18
C MET B 9 21.01 -6.91 -8.03
N GLY B 10 22.21 -6.62 -7.53
CA GLY B 10 22.75 -7.37 -6.41
C GLY B 10 21.86 -7.21 -5.19
N LEU B 11 21.44 -5.98 -4.93
CA LEU B 11 20.56 -5.70 -3.79
C LEU B 11 19.24 -6.44 -3.93
N ILE B 12 18.67 -6.41 -5.13
CA ILE B 12 17.40 -7.09 -5.38
C ILE B 12 17.57 -8.58 -5.14
N ILE B 13 18.66 -9.12 -5.68
CA ILE B 13 18.94 -10.54 -5.50
C ILE B 13 19.17 -10.83 -4.02
N ASN B 14 19.95 -9.98 -3.36
CA ASN B 14 20.24 -10.16 -1.94
C ASN B 14 18.94 -10.10 -1.13
N SER B 15 18.11 -9.11 -1.42
CA SER B 15 16.83 -8.99 -0.74
C SER B 15 15.98 -10.23 -0.97
N GLY B 16 15.99 -10.71 -2.22
CA GLY B 16 15.23 -11.91 -2.57
C GLY B 16 15.76 -13.12 -1.81
N GLN B 17 17.08 -13.25 -1.75
CA GLN B 17 17.68 -14.37 -1.03
C GLN B 17 17.31 -14.28 0.45
N ALA B 18 17.35 -13.06 0.98
CA ALA B 18 17.00 -12.84 2.37
C ALA B 18 15.60 -13.36 2.66
N ARG B 19 14.64 -12.97 1.84
CA ARG B 19 13.27 -13.44 2.02
C ARG B 19 13.24 -14.96 1.90
N SER B 20 13.90 -15.47 0.86
CA SER B 20 13.94 -16.91 0.64
C SER B 20 14.41 -17.63 1.89
N LEU B 21 15.50 -17.13 2.48
CA LEU B 21 16.04 -17.73 3.71
C LEU B 21 15.01 -17.60 4.83
N ALA B 22 14.37 -16.44 4.93
CA ALA B 22 13.37 -16.20 5.97
C ALA B 22 12.24 -17.23 5.85
N TYR B 23 11.67 -17.38 4.65
CA TYR B 23 10.60 -18.36 4.46
C TYR B 23 11.12 -19.75 4.79
N ALA B 24 12.36 -20.04 4.38
CA ALA B 24 12.95 -21.33 4.67
C ALA B 24 13.06 -21.49 6.19
N ALA B 25 13.43 -20.41 6.87
CA ALA B 25 13.53 -20.43 8.33
C ALA B 25 12.18 -20.80 8.92
N LEU B 26 11.12 -20.21 8.39
CA LEU B 26 9.78 -20.50 8.86
C LEU B 26 9.45 -21.97 8.62
N LYS B 27 9.80 -22.46 7.44
CA LYS B 27 9.55 -23.86 7.11
C LYS B 27 10.21 -24.78 8.14
N GLN B 28 11.43 -24.43 8.54
CA GLN B 28 12.13 -25.23 9.56
C GLN B 28 11.31 -25.26 10.84
N ALA B 29 10.74 -24.11 11.19
CA ALA B 29 9.91 -24.02 12.40
C ALA B 29 8.73 -24.97 12.31
N LYS B 30 8.09 -25.01 11.14
CA LYS B 30 6.95 -25.90 10.94
C LYS B 30 7.36 -27.35 11.16
N GLN B 31 8.62 -27.67 10.83
CA GLN B 31 9.10 -29.04 11.01
C GLN B 31 9.46 -29.28 12.48
N GLY B 32 9.32 -28.24 13.29
CA GLY B 32 9.63 -28.35 14.72
C GLY B 32 11.13 -28.18 14.99
N ASP B 33 11.86 -27.66 14.00
CA ASP B 33 13.29 -27.46 14.14
C ASP B 33 13.60 -26.02 14.53
N PHE B 34 13.47 -25.71 15.81
CA PHE B 34 13.73 -24.34 16.29
C PHE B 34 15.18 -23.94 16.10
N ALA B 35 16.09 -24.90 16.27
CA ALA B 35 17.52 -24.60 16.15
C ALA B 35 17.86 -24.12 14.74
N ALA B 36 17.43 -24.87 13.74
CA ALA B 36 17.71 -24.50 12.36
C ALA B 36 16.98 -23.20 12.01
N ALA B 37 15.77 -23.03 12.51
CA ALA B 37 15.03 -21.80 12.24
C ALA B 37 15.82 -20.61 12.74
N LYS B 38 16.23 -20.68 14.02
CA LYS B 38 17.01 -19.60 14.63
C LYS B 38 18.27 -19.27 13.81
N ALA B 39 18.99 -20.29 13.40
CA ALA B 39 20.21 -20.10 12.61
C ALA B 39 19.91 -19.41 11.28
N MET B 40 18.83 -19.82 10.64
CA MET B 40 18.44 -19.26 9.36
C MET B 40 18.05 -17.78 9.51
N MET B 41 17.32 -17.45 10.57
CA MET B 41 16.92 -16.06 10.78
C MET B 41 18.15 -15.17 10.97
N ASP B 42 19.12 -15.68 11.73
CA ASP B 42 20.33 -14.93 12.01
C ASP B 42 21.06 -14.57 10.73
N GLN B 43 21.21 -15.58 9.86
CA GLN B 43 21.88 -15.36 8.59
C GLN B 43 21.08 -14.40 7.72
N SER B 44 19.76 -14.54 7.73
CA SER B 44 18.91 -13.65 6.95
C SER B 44 19.13 -12.20 7.41
N ARG B 45 19.14 -12.00 8.73
CA ARG B 45 19.35 -10.68 9.30
C ARG B 45 20.69 -10.09 8.83
N MET B 46 21.74 -10.90 8.89
CA MET B 46 23.07 -10.45 8.49
C MET B 46 23.05 -10.04 7.02
N ALA B 47 22.37 -10.84 6.20
CA ALA B 47 22.27 -10.53 4.77
C ALA B 47 21.58 -9.19 4.56
N LEU B 48 20.50 -8.97 5.31
CA LEU B 48 19.75 -7.72 5.21
C LEU B 48 20.59 -6.55 5.72
N ASN B 49 21.30 -6.78 6.81
CA ASN B 49 22.13 -5.75 7.40
C ASN B 49 23.18 -5.26 6.40
N GLU B 50 23.83 -6.19 5.73
CA GLU B 50 24.82 -5.83 4.72
C GLU B 50 24.17 -5.10 3.57
N ALA B 51 23.00 -5.58 3.17
CA ALA B 51 22.25 -4.96 2.08
C ALA B 51 21.83 -3.54 2.48
N HIS B 52 21.32 -3.41 3.70
CA HIS B 52 20.88 -2.11 4.21
C HIS B 52 22.06 -1.13 4.27
N LEU B 53 23.22 -1.64 4.69
CA LEU B 53 24.42 -0.80 4.79
C LEU B 53 24.77 -0.23 3.41
N VAL B 54 24.71 -1.09 2.40
CA VAL B 54 25.03 -0.66 1.04
C VAL B 54 24.01 0.40 0.61
N GLN B 55 22.73 0.16 0.90
CA GLN B 55 21.70 1.13 0.53
C GLN B 55 21.96 2.45 1.25
N THR B 56 22.32 2.39 2.54
CA THR B 56 22.60 3.61 3.30
C THR B 56 23.57 4.50 2.53
N LYS B 57 24.65 3.90 2.04
CA LYS B 57 25.62 4.66 1.25
C LYS B 57 24.97 5.20 -0.01
N LEU B 58 24.12 4.39 -0.61
CA LEU B 58 23.44 4.78 -1.84
C LEU B 58 22.45 5.93 -1.59
N ILE B 59 22.02 6.12 -0.32
CA ILE B 59 21.11 7.23 -0.01
C ILE B 59 21.88 8.48 0.45
N GLU B 60 23.00 8.27 1.16
CA GLU B 60 23.81 9.39 1.64
C GLU B 60 24.42 10.17 0.46
N GLY B 61 24.86 9.43 -0.55
CA GLY B 61 25.49 10.05 -1.72
C GLY B 61 24.59 9.96 -2.95
N ASP B 62 23.28 10.02 -2.73
CA ASP B 62 22.32 9.93 -3.82
C ASP B 62 22.41 11.14 -4.77
N ALA B 63 23.21 12.12 -4.40
CA ALA B 63 23.36 13.32 -5.23
C ALA B 63 24.37 13.07 -6.34
N GLY B 64 24.50 14.03 -7.26
CA GLY B 64 25.44 13.90 -8.37
C GLY B 64 24.78 14.23 -9.71
N GLU B 65 23.73 13.48 -10.05
CA GLU B 65 23.03 13.70 -11.32
C GLU B 65 22.34 15.07 -11.33
N GLY B 66 21.76 15.45 -10.20
CA GLY B 66 21.07 16.73 -10.11
C GLY B 66 20.91 17.16 -8.66
N LYS B 67 20.42 18.38 -8.47
CA LYS B 67 20.23 18.92 -7.13
C LYS B 67 19.13 18.16 -6.38
N MET B 68 17.88 18.54 -6.66
CA MET B 68 16.72 17.93 -6.01
C MET B 68 16.52 16.47 -6.40
N LYS B 69 16.75 16.13 -7.66
CA LYS B 69 16.54 14.76 -8.14
C LYS B 69 17.62 13.80 -7.64
N VAL B 70 17.22 12.52 -7.52
CA VAL B 70 18.11 11.47 -7.05
C VAL B 70 18.02 10.24 -7.98
N SER B 71 18.89 9.26 -7.76
CA SER B 71 18.88 8.05 -8.59
C SER B 71 17.52 7.37 -8.49
N LEU B 72 16.93 7.04 -9.64
CA LEU B 72 15.60 6.45 -9.66
C LEU B 72 15.59 5.04 -9.04
N VAL B 73 16.65 4.30 -9.35
CA VAL B 73 16.80 2.93 -8.88
C VAL B 73 16.83 2.84 -7.34
N LEU B 74 17.06 3.95 -6.67
CA LEU B 74 17.05 3.94 -5.21
C LEU B 74 15.75 3.38 -4.68
N VAL B 75 14.67 3.70 -5.39
CA VAL B 75 13.34 3.23 -5.02
C VAL B 75 13.29 1.72 -5.13
N HIS B 76 13.80 1.09 -6.31
CA HIS B 76 13.79 -0.36 -6.50
C HIS B 76 14.52 -1.05 -5.35
N ALA B 77 15.68 -0.53 -4.99
CA ALA B 77 16.46 -1.11 -3.91
C ALA B 77 15.72 -0.94 -2.58
N GLN B 78 15.18 0.24 -2.36
CA GLN B 78 14.46 0.52 -1.12
C GLN B 78 13.21 -0.35 -1.03
N LEU B 79 12.44 -0.39 -2.12
CA LEU B 79 11.22 -1.18 -2.14
C LEU B 79 11.49 -2.65 -1.82
N HIS B 80 12.48 -3.23 -2.48
CA HIS B 80 12.80 -4.62 -2.24
C HIS B 80 13.36 -4.83 -0.84
N LEU B 81 14.27 -3.95 -0.44
CA LEU B 81 14.88 -4.06 0.89
C LEU B 81 13.85 -3.85 2.00
N MET B 82 13.00 -2.85 1.86
CA MET B 82 11.98 -2.57 2.87
C MET B 82 11.02 -3.75 3.01
N THR B 83 10.59 -4.28 1.87
CA THR B 83 9.67 -5.41 1.87
C THR B 83 10.32 -6.64 2.50
N SER B 84 11.55 -6.94 2.10
CA SER B 84 12.26 -8.09 2.64
C SER B 84 12.50 -7.97 4.14
N MET B 85 12.97 -6.81 4.58
CA MET B 85 13.24 -6.60 6.01
C MET B 85 11.96 -6.76 6.83
N LEU B 86 10.89 -6.14 6.36
CA LEU B 86 9.61 -6.21 7.06
C LEU B 86 9.11 -7.65 7.12
N ALA B 87 9.17 -8.33 5.98
CA ALA B 87 8.72 -9.71 5.90
C ALA B 87 9.49 -10.58 6.88
N ARG B 88 10.79 -10.44 6.86
CA ARG B 88 11.65 -11.22 7.75
C ARG B 88 11.28 -10.97 9.21
N GLU B 89 11.08 -9.70 9.59
CA GLU B 89 10.75 -9.38 10.97
C GLU B 89 9.43 -10.05 11.37
N LEU B 90 8.44 -9.96 10.50
CA LEU B 90 7.14 -10.56 10.78
C LEU B 90 7.28 -12.08 10.84
N ILE B 91 8.06 -12.63 9.92
CA ILE B 91 8.30 -14.07 9.91
C ILE B 91 8.95 -14.49 11.23
N THR B 92 9.86 -13.66 11.73
CA THR B 92 10.50 -13.96 13.02
C THR B 92 9.43 -14.07 14.09
N GLU B 93 8.49 -13.13 14.09
CA GLU B 93 7.40 -13.15 15.06
C GLU B 93 6.58 -14.43 14.88
N LEU B 94 6.30 -14.77 13.62
CA LEU B 94 5.54 -15.99 13.33
C LEU B 94 6.27 -17.21 13.87
N ILE B 95 7.59 -17.26 13.68
CA ILE B 95 8.36 -18.38 14.19
C ILE B 95 8.28 -18.46 15.71
N GLU B 96 8.36 -17.30 16.37
CA GLU B 96 8.25 -17.27 17.83
C GLU B 96 6.90 -17.85 18.25
N LEU B 97 5.86 -17.54 17.49
CA LEU B 97 4.52 -18.05 17.79
C LEU B 97 4.52 -19.58 17.69
N HIS B 98 5.19 -20.10 16.66
CA HIS B 98 5.27 -21.55 16.50
C HIS B 98 5.89 -22.17 17.75
N GLU B 99 6.90 -21.48 18.28
CA GLU B 99 7.55 -21.95 19.50
C GLU B 99 6.58 -21.94 20.66
N LYS B 100 5.77 -20.88 20.77
CA LYS B 100 4.79 -20.80 21.84
C LYS B 100 3.72 -21.88 21.65
N LEU B 101 3.39 -22.19 20.39
CA LEU B 101 2.42 -23.25 20.11
C LEU B 101 2.96 -24.60 20.58
N LYS B 102 4.13 -24.57 21.21
CA LYS B 102 4.77 -25.78 21.72
C LYS B 102 5.49 -26.51 20.59
N ALA B 103 4.71 -26.92 19.58
CA ALA B 103 5.25 -27.67 18.43
C ALA B 103 6.64 -27.19 18.04
N ALA C 1 11.12 19.25 -2.05
CA ALA C 1 11.16 20.74 -1.98
C ALA C 1 10.96 21.17 -0.54
N GLU C 2 11.18 22.45 -0.27
CA GLU C 2 11.04 23.02 1.08
C GLU C 2 10.10 22.22 1.98
N GLU C 3 8.81 22.51 1.89
CA GLU C 3 7.83 21.81 2.71
C GLU C 3 7.73 20.34 2.34
N LEU C 4 7.37 20.07 1.08
CA LEU C 4 7.24 18.68 0.63
C LEU C 4 8.38 17.80 1.16
N GLU C 5 9.60 18.32 1.11
CA GLU C 5 10.76 17.57 1.58
C GLU C 5 10.74 17.43 3.10
N GLU C 6 10.47 18.53 3.78
CA GLU C 6 10.41 18.52 5.24
C GLU C 6 9.19 17.70 5.68
N VAL C 7 8.12 17.78 4.89
CA VAL C 7 6.90 17.04 5.17
C VAL C 7 7.17 15.53 5.06
N VAL C 8 7.92 15.14 4.03
CA VAL C 8 8.27 13.74 3.83
C VAL C 8 9.06 13.24 5.04
N MET C 9 10.02 14.04 5.50
CA MET C 9 10.80 13.67 6.66
C MET C 9 9.87 13.40 7.84
N GLY C 10 8.88 14.29 8.01
CA GLY C 10 7.91 14.13 9.08
C GLY C 10 7.12 12.84 8.88
N LEU C 11 6.71 12.59 7.65
CA LEU C 11 5.94 11.37 7.33
C LEU C 11 6.79 10.14 7.59
N ILE C 12 8.05 10.18 7.18
CA ILE C 12 8.94 9.04 7.37
C ILE C 12 9.11 8.78 8.87
N ILE C 13 9.32 9.87 9.61
CA ILE C 13 9.47 9.76 11.06
C ILE C 13 8.16 9.23 11.66
N ASN C 14 7.05 9.81 11.22
CA ASN C 14 5.73 9.40 11.72
C ASN C 14 5.50 7.92 11.43
N SER C 15 5.79 7.51 10.19
CA SER C 15 5.63 6.11 9.81
C SER C 15 6.52 5.24 10.68
N GLY C 16 7.76 5.70 10.90
CA GLY C 16 8.70 4.95 11.73
C GLY C 16 8.18 4.84 13.16
N GLN C 17 7.67 5.95 13.70
CA GLN C 17 7.13 5.92 15.06
C GLN C 17 5.95 4.97 15.12
N ALA C 18 5.12 5.01 14.08
CA ALA C 18 3.96 4.14 14.02
C ALA C 18 4.38 2.67 14.15
N ARG C 19 5.36 2.27 13.33
CA ARG C 19 5.84 0.91 13.40
C ARG C 19 6.41 0.63 14.79
N SER C 20 7.21 1.57 15.28
CA SER C 20 7.81 1.41 16.60
C SER C 20 6.73 1.13 17.65
N LEU C 21 5.66 1.92 17.61
CA LEU C 21 4.56 1.74 18.54
C LEU C 21 3.92 0.37 18.33
N ALA C 22 3.73 0.00 17.06
CA ALA C 22 3.13 -1.29 16.73
C ALA C 22 3.96 -2.44 17.33
N TYR C 23 5.27 -2.43 17.07
CA TYR C 23 6.14 -3.47 17.64
C TYR C 23 6.05 -3.45 19.16
N ALA C 24 6.03 -2.24 19.72
CA ALA C 24 5.92 -2.11 21.17
C ALA C 24 4.59 -2.72 21.62
N ALA C 25 3.54 -2.47 20.85
CA ALA C 25 2.23 -3.03 21.16
C ALA C 25 2.31 -4.55 21.21
N LEU C 26 3.01 -5.12 20.24
CA LEU C 26 3.19 -6.57 20.18
C LEU C 26 3.95 -7.05 21.42
N LYS C 27 4.99 -6.31 21.77
CA LYS C 27 5.79 -6.66 22.94
C LYS C 27 4.90 -6.72 24.19
N GLN C 28 3.99 -5.77 24.31
CA GLN C 28 3.06 -5.75 25.44
C GLN C 28 2.26 -7.04 25.47
N ALA C 29 1.82 -7.47 24.27
CA ALA C 29 1.05 -8.70 24.16
C ALA C 29 1.85 -9.89 24.67
N LYS C 30 3.13 -9.94 24.30
CA LYS C 30 3.99 -11.02 24.76
C LYS C 30 4.07 -11.06 26.28
N GLN C 31 3.98 -9.88 26.90
CA GLN C 31 4.04 -9.80 28.36
C GLN C 31 2.67 -10.17 28.96
N GLY C 32 1.71 -10.44 28.08
CA GLY C 32 0.36 -10.83 28.53
C GLY C 32 -0.47 -9.60 28.89
N ASP C 33 -0.04 -8.43 28.44
CA ASP C 33 -0.76 -7.18 28.70
C ASP C 33 -1.63 -6.80 27.51
N PHE C 34 -2.80 -7.41 27.42
CA PHE C 34 -3.71 -7.14 26.31
C PHE C 34 -4.22 -5.70 26.34
N ALA C 35 -4.43 -5.17 27.54
CA ALA C 35 -4.94 -3.81 27.68
C ALA C 35 -3.97 -2.79 27.08
N ALA C 36 -2.71 -2.89 27.47
CA ALA C 36 -1.71 -1.96 26.96
C ALA C 36 -1.50 -2.17 25.47
N ALA C 37 -1.55 -3.42 25.02
CA ALA C 37 -1.38 -3.71 23.60
C ALA C 37 -2.48 -3.00 22.81
N LYS C 38 -3.72 -3.21 23.22
CA LYS C 38 -4.87 -2.59 22.57
C LYS C 38 -4.72 -1.07 22.49
N ALA C 39 -4.32 -0.45 23.61
CA ALA C 39 -4.16 1.00 23.65
C ALA C 39 -3.06 1.46 22.68
N MET C 40 -1.96 0.72 22.64
CA MET C 40 -0.85 1.06 21.77
C MET C 40 -1.25 0.92 20.30
N MET C 41 -2.03 -0.11 19.99
CA MET C 41 -2.48 -0.31 18.61
C MET C 41 -3.35 0.85 18.16
N ASP C 42 -4.25 1.28 19.04
CA ASP C 42 -5.17 2.36 18.72
C ASP C 42 -4.41 3.63 18.38
N GLN C 43 -3.42 3.97 19.21
CA GLN C 43 -2.61 5.16 18.97
C GLN C 43 -1.83 5.03 17.67
N SER C 44 -1.30 3.85 17.42
CA SER C 44 -0.55 3.60 16.19
C SER C 44 -1.44 3.87 14.98
N ARG C 45 -2.67 3.32 15.03
CA ARG C 45 -3.64 3.50 13.96
C ARG C 45 -3.93 4.99 13.72
N MET C 46 -4.14 5.72 14.81
CA MET C 46 -4.43 7.15 14.72
C MET C 46 -3.26 7.89 14.08
N ALA C 47 -2.04 7.51 14.47
CA ALA C 47 -0.84 8.14 13.91
C ALA C 47 -0.78 7.91 12.40
N LEU C 48 -1.08 6.68 11.98
CA LEU C 48 -1.07 6.33 10.57
C LEU C 48 -2.17 7.06 9.82
N ASN C 49 -3.34 7.15 10.45
CA ASN C 49 -4.48 7.81 9.84
C ASN C 49 -4.14 9.27 9.52
N GLU C 50 -3.51 9.95 10.47
CA GLU C 50 -3.11 11.33 10.26
C GLU C 50 -2.06 11.41 9.16
N ALA C 51 -1.13 10.47 9.19
CA ALA C 51 -0.07 10.43 8.18
C ALA C 51 -0.67 10.15 6.80
N HIS C 52 -1.58 9.19 6.74
CA HIS C 52 -2.25 8.85 5.48
C HIS C 52 -3.02 10.05 4.94
N LEU C 53 -3.69 10.78 5.83
CA LEU C 53 -4.47 11.95 5.43
C LEU C 53 -3.56 12.98 4.76
N VAL C 54 -2.39 13.20 5.35
CA VAL C 54 -1.45 14.16 4.80
C VAL C 54 -0.99 13.67 3.43
N GLN C 55 -0.69 12.38 3.32
CA GLN C 55 -0.26 11.82 2.04
C GLN C 55 -1.38 11.99 1.00
N THR C 56 -2.62 11.74 1.41
CA THR C 56 -3.76 11.88 0.48
C THR C 56 -3.70 13.25 -0.19
N LYS C 57 -3.50 14.29 0.60
CA LYS C 57 -3.40 15.64 0.05
C LYS C 57 -2.20 15.73 -0.88
N LEU C 58 -1.11 15.09 -0.49
CA LEU C 58 0.10 15.11 -1.29
C LEU C 58 -0.08 14.35 -2.61
N ILE C 59 -1.09 13.47 -2.70
CA ILE C 59 -1.33 12.76 -3.95
C ILE C 59 -2.40 13.48 -4.79
N GLU C 60 -3.38 14.10 -4.14
CA GLU C 60 -4.43 14.83 -4.87
C GLU C 60 -3.85 16.03 -5.60
N GLY C 61 -2.89 16.71 -4.98
CA GLY C 61 -2.28 17.89 -5.57
C GLY C 61 -0.83 17.62 -5.97
N ASP C 62 -0.56 16.41 -6.41
CA ASP C 62 0.79 16.03 -6.80
C ASP C 62 1.22 16.75 -8.06
N ALA C 63 0.31 17.49 -8.68
CA ALA C 63 0.63 18.24 -9.90
C ALA C 63 1.30 19.56 -9.56
N GLY C 64 1.78 20.26 -10.59
CA GLY C 64 2.43 21.56 -10.39
C GLY C 64 3.77 21.63 -11.13
N GLU C 65 4.69 20.71 -10.81
CA GLU C 65 5.99 20.70 -11.45
C GLU C 65 5.87 20.38 -12.94
N GLY C 66 4.99 19.45 -13.27
CA GLY C 66 4.80 19.05 -14.66
C GLY C 66 3.45 18.36 -14.86
N LYS C 67 3.12 18.09 -16.11
CA LYS C 67 1.85 17.44 -16.43
C LYS C 67 1.83 16.00 -15.92
N MET C 68 2.44 15.10 -16.70
CA MET C 68 2.48 13.68 -16.36
C MET C 68 3.31 13.38 -15.12
N LYS C 69 4.45 14.07 -14.97
CA LYS C 69 5.34 13.83 -13.84
C LYS C 69 4.79 14.36 -12.52
N VAL C 70 5.20 13.71 -11.43
CA VAL C 70 4.76 14.07 -10.08
C VAL C 70 5.96 14.16 -9.13
N SER C 71 5.72 14.64 -7.91
CA SER C 71 6.80 14.75 -6.93
C SER C 71 7.42 13.38 -6.68
N LEU C 72 8.74 13.30 -6.77
CA LEU C 72 9.45 12.03 -6.61
C LEU C 72 9.31 11.48 -5.19
N VAL C 73 9.40 12.39 -4.22
CA VAL C 73 9.33 12.04 -2.80
C VAL C 73 8.00 11.37 -2.44
N LEU C 74 6.99 11.51 -3.28
CA LEU C 74 5.72 10.86 -3.01
C LEU C 74 5.90 9.37 -2.78
N VAL C 75 6.83 8.81 -3.54
CA VAL C 75 7.15 7.38 -3.44
C VAL C 75 7.74 7.11 -2.06
N HIS C 76 8.74 7.96 -1.54
CA HIS C 76 9.34 7.76 -0.23
C HIS C 76 8.27 7.73 0.85
N ALA C 77 7.35 8.67 0.78
CA ALA C 77 6.27 8.74 1.77
C ALA C 77 5.34 7.55 1.62
N GLN C 78 5.00 7.21 0.38
CA GLN C 78 4.09 6.09 0.12
C GLN C 78 4.74 4.78 0.57
N LEU C 79 5.99 4.58 0.19
CA LEU C 79 6.71 3.36 0.55
C LEU C 79 6.75 3.17 2.06
N HIS C 80 7.13 4.21 2.79
CA HIS C 80 7.20 4.12 4.24
C HIS C 80 5.81 3.94 4.85
N LEU C 81 4.87 4.73 4.38
CA LEU C 81 3.50 4.67 4.89
C LEU C 81 2.85 3.31 4.59
N MET C 82 3.01 2.84 3.37
CA MET C 82 2.42 1.55 2.98
C MET C 82 3.01 0.42 3.82
N THR C 83 4.32 0.45 3.99
CA THR C 83 5.00 -0.58 4.76
C THR C 83 4.54 -0.55 6.22
N SER C 84 4.53 0.64 6.80
CA SER C 84 4.12 0.80 8.20
C SER C 84 2.67 0.37 8.42
N MET C 85 1.76 0.84 7.56
CA MET C 85 0.35 0.48 7.70
C MET C 85 0.16 -1.04 7.61
N LEU C 86 0.80 -1.65 6.63
CA LEU C 86 0.70 -3.09 6.43
C LEU C 86 1.24 -3.83 7.65
N ALA C 87 2.42 -3.42 8.10
CA ALA C 87 3.05 -4.04 9.25
C ALA C 87 2.13 -3.96 10.47
N ARG C 88 1.61 -2.77 10.71
CA ARG C 88 0.74 -2.55 11.84
C ARG C 88 -0.50 -3.47 11.77
N GLU C 89 -1.11 -3.56 10.59
CA GLU C 89 -2.29 -4.42 10.44
C GLU C 89 -1.95 -5.88 10.74
N LEU C 90 -0.82 -6.35 10.20
CA LEU C 90 -0.40 -7.72 10.44
C LEU C 90 -0.07 -7.92 11.91
N ILE C 91 0.60 -6.95 12.49
CA ILE C 91 0.95 -7.02 13.90
C ILE C 91 -0.33 -7.12 14.73
N THR C 92 -1.36 -6.39 14.32
CA THR C 92 -2.64 -6.46 15.02
C THR C 92 -3.15 -7.89 14.99
N GLU C 93 -3.06 -8.53 13.83
CA GLU C 93 -3.50 -9.92 13.70
C GLU C 93 -2.66 -10.82 14.62
N LEU C 94 -1.36 -10.56 14.63
CA LEU C 94 -0.45 -11.34 15.47
C LEU C 94 -0.84 -11.20 16.94
N ILE C 95 -1.16 -9.98 17.35
CA ILE C 95 -1.57 -9.73 18.73
C ILE C 95 -2.86 -10.51 19.05
N GLU C 96 -3.80 -10.48 18.12
CA GLU C 96 -5.05 -11.21 18.31
C GLU C 96 -4.75 -12.70 18.53
N LEU C 97 -3.78 -13.21 17.77
CA LEU C 97 -3.39 -14.61 17.91
C LEU C 97 -2.85 -14.87 19.32
N HIS C 98 -2.05 -13.94 19.83
CA HIS C 98 -1.52 -14.09 21.18
C HIS C 98 -2.68 -14.22 22.16
N GLU C 99 -3.73 -13.44 21.92
CA GLU C 99 -4.90 -13.49 22.78
C GLU C 99 -5.57 -14.87 22.68
N LYS C 100 -5.65 -15.41 21.46
CA LYS C 100 -6.25 -16.72 21.29
C LYS C 100 -5.38 -17.78 21.95
N LEU C 101 -4.05 -17.58 21.91
CA LEU C 101 -3.12 -18.52 22.55
C LEU C 101 -3.37 -18.53 24.06
N LYS C 102 -4.36 -17.76 24.51
CA LYS C 102 -4.70 -17.67 25.93
C LYS C 102 -3.78 -16.68 26.63
N ALA C 103 -2.48 -16.99 26.61
CA ALA C 103 -1.45 -16.16 27.26
C ALA C 103 -1.80 -14.67 27.21
N LYS D 1 -19.97 26.95 -1.17
CA LYS D 1 -19.08 26.05 -1.96
C LYS D 1 -19.44 24.59 -1.78
N LYS D 2 -19.77 23.94 -2.87
CA LYS D 2 -20.15 22.54 -2.84
C LYS D 2 -18.93 21.62 -2.88
N HIS D 3 -19.02 20.49 -2.19
CA HIS D 3 -17.93 19.52 -2.13
C HIS D 3 -18.12 18.37 -3.08
N ILE D 4 -17.20 18.26 -4.03
CA ILE D 4 -17.22 17.18 -4.99
C ILE D 4 -16.07 16.24 -4.61
N TYR D 5 -16.39 15.03 -4.18
CA TYR D 5 -15.38 14.06 -3.78
C TYR D 5 -15.33 12.90 -4.76
N LEU D 6 -14.13 12.60 -5.26
CA LEU D 6 -13.90 11.48 -6.19
C LEU D 6 -13.25 10.35 -5.40
N PHE D 7 -13.56 9.08 -5.75
CA PHE D 7 -12.86 7.96 -5.11
C PHE D 7 -12.21 7.05 -6.15
N CYS D 8 -11.07 6.42 -5.71
CA CYS D 8 -10.31 5.40 -6.43
C CYS D 8 -9.53 4.53 -5.45
N SER D 9 -8.65 3.63 -5.85
CA SER D 9 -8.05 2.80 -4.80
C SER D 9 -7.19 3.63 -3.87
N ALA D 10 -6.20 4.39 -4.39
CA ALA D 10 -5.29 5.11 -3.52
C ALA D 10 -5.57 6.60 -3.60
N GLY D 11 -5.95 7.09 -4.79
CA GLY D 11 -6.23 8.49 -4.98
C GLY D 11 -5.19 9.18 -5.85
N MET D 12 -4.50 8.44 -6.72
CA MET D 12 -3.48 9.06 -7.57
C MET D 12 -3.97 9.30 -9.01
N SER D 13 -4.06 8.24 -9.76
CA SER D 13 -4.49 8.37 -11.15
C SER D 13 -5.71 9.30 -11.28
N THR D 14 -6.46 9.50 -10.19
CA THR D 14 -7.62 10.38 -10.30
C THR D 14 -7.22 11.77 -9.88
N SER D 15 -6.09 11.83 -9.22
CA SER D 15 -5.48 13.09 -8.76
C SER D 15 -5.20 14.03 -9.93
N LEU D 16 -4.82 13.46 -11.06
CA LEU D 16 -4.55 14.26 -12.24
C LEU D 16 -5.88 14.86 -12.76
N LEU D 17 -6.96 14.07 -12.72
CA LEU D 17 -8.28 14.55 -13.14
C LEU D 17 -8.75 15.68 -12.19
N VAL D 18 -8.54 15.48 -10.88
CA VAL D 18 -8.91 16.50 -9.89
C VAL D 18 -8.18 17.83 -10.15
N SER D 19 -6.89 17.79 -10.47
CA SER D 19 -6.17 19.03 -10.74
C SER D 19 -6.73 19.77 -11.98
N LYS D 20 -7.12 19.03 -13.02
CA LYS D 20 -7.71 19.66 -14.20
C LYS D 20 -9.12 20.20 -13.91
N MET D 21 -9.87 19.50 -13.07
CA MET D 21 -11.22 20.00 -12.73
C MET D 21 -11.08 21.31 -11.94
N ARG D 22 -10.13 21.39 -11.02
CA ARG D 22 -9.91 22.60 -10.21
C ARG D 22 -9.56 23.79 -11.12
N ALA D 23 -8.79 23.54 -12.18
CA ALA D 23 -8.39 24.59 -13.11
C ALA D 23 -9.63 25.14 -13.81
N GLN D 24 -10.50 24.24 -14.24
CA GLN D 24 -11.72 24.61 -14.91
C GLN D 24 -12.67 25.35 -14.00
N ALA D 25 -12.80 24.88 -12.77
CA ALA D 25 -13.69 25.53 -11.80
C ALA D 25 -13.24 26.96 -11.55
N GLU D 26 -11.93 27.20 -11.60
CA GLU D 26 -11.39 28.54 -11.36
C GLU D 26 -11.65 29.43 -12.57
N LYS D 27 -11.43 28.88 -13.76
CA LYS D 27 -11.63 29.59 -14.99
C LYS D 27 -13.07 30.10 -15.12
N TYR D 28 -14.05 29.29 -14.72
CA TYR D 28 -15.48 29.69 -14.80
C TYR D 28 -16.13 30.10 -13.49
N GLU D 29 -15.33 30.35 -12.46
CA GLU D 29 -15.81 30.78 -11.15
C GLU D 29 -16.89 29.89 -10.51
N VAL D 30 -16.76 28.58 -10.66
CA VAL D 30 -17.70 27.63 -10.08
C VAL D 30 -17.27 27.48 -8.62
N PRO D 31 -18.19 27.73 -7.67
CA PRO D 31 -17.91 27.64 -6.23
C PRO D 31 -17.93 26.21 -5.68
N VAL D 32 -16.88 25.46 -6.01
CA VAL D 32 -16.75 24.08 -5.57
C VAL D 32 -15.38 23.76 -5.01
N ILE D 33 -15.35 22.75 -4.14
CA ILE D 33 -14.13 22.22 -3.55
C ILE D 33 -14.09 20.77 -4.09
N ILE D 34 -12.98 20.40 -4.71
CA ILE D 34 -12.79 19.07 -5.32
C ILE D 34 -11.61 18.31 -4.66
N GLU D 35 -11.86 17.09 -4.18
CA GLU D 35 -10.83 16.27 -3.52
C GLU D 35 -10.93 14.82 -4.00
N ALA D 36 -9.78 14.14 -4.09
CA ALA D 36 -9.71 12.73 -4.50
C ALA D 36 -9.34 11.92 -3.25
N PHE D 37 -9.93 10.74 -3.09
CA PHE D 37 -9.64 9.87 -1.95
C PHE D 37 -9.66 8.44 -2.43
N PRO D 38 -9.08 7.53 -1.64
CA PRO D 38 -9.07 6.11 -2.02
C PRO D 38 -10.49 5.61 -1.70
N GLU D 39 -10.91 4.54 -2.35
CA GLU D 39 -12.24 3.96 -2.13
C GLU D 39 -12.51 3.54 -0.69
N THR D 40 -11.46 3.29 0.09
CA THR D 40 -11.63 2.88 1.48
C THR D 40 -12.26 3.95 2.37
N LEU D 41 -12.19 5.21 1.94
CA LEU D 41 -12.77 6.32 2.70
C LEU D 41 -14.15 6.77 2.20
N ALA D 42 -14.74 6.07 1.21
CA ALA D 42 -16.05 6.45 0.63
C ALA D 42 -17.14 6.64 1.68
N GLY D 43 -17.12 5.80 2.71
CA GLY D 43 -18.13 5.91 3.75
C GLY D 43 -17.81 6.98 4.77
N GLU D 44 -16.53 7.16 5.08
CA GLU D 44 -16.15 8.15 6.07
C GLU D 44 -16.16 9.59 5.49
N LYS D 45 -15.52 9.77 4.34
CA LYS D 45 -15.46 11.08 3.70
C LYS D 45 -16.73 11.45 2.92
N GLY D 46 -17.38 10.46 2.32
CA GLY D 46 -18.60 10.70 1.55
C GLY D 46 -19.69 11.43 2.29
N GLN D 47 -19.77 11.23 3.60
CA GLN D 47 -20.79 11.89 4.43
C GLN D 47 -20.74 13.42 4.34
N ASN D 48 -19.59 13.97 3.95
CA ASN D 48 -19.43 15.41 3.87
C ASN D 48 -19.45 15.95 2.45
N ALA D 49 -19.66 15.08 1.48
CA ALA D 49 -19.67 15.54 0.10
C ALA D 49 -21.06 15.97 -0.30
N ASP D 50 -21.11 16.82 -1.31
CA ASP D 50 -22.38 17.25 -1.83
C ASP D 50 -22.73 16.32 -2.99
N VAL D 51 -21.69 15.73 -3.60
CA VAL D 51 -21.88 14.75 -4.67
C VAL D 51 -20.68 13.78 -4.61
N VAL D 52 -20.98 12.49 -4.70
CA VAL D 52 -19.97 11.44 -4.66
C VAL D 52 -19.78 10.85 -6.06
N LEU D 53 -18.55 10.92 -6.57
CA LEU D 53 -18.24 10.38 -7.88
C LEU D 53 -17.30 9.18 -7.73
N LEU D 54 -17.60 8.08 -8.42
CA LEU D 54 -16.75 6.88 -8.36
C LEU D 54 -15.96 6.73 -9.63
N GLY D 55 -14.69 6.35 -9.51
CA GLY D 55 -13.84 6.18 -10.68
C GLY D 55 -14.39 5.02 -11.49
N PRO D 56 -14.13 4.94 -12.76
CA PRO D 56 -14.66 3.84 -13.62
C PRO D 56 -14.24 2.42 -13.18
N GLN D 57 -13.07 2.31 -12.54
CA GLN D 57 -12.57 1.02 -12.08
C GLN D 57 -13.39 0.49 -10.90
N ILE D 58 -14.04 1.38 -10.15
CA ILE D 58 -14.82 0.94 -9.01
C ILE D 58 -16.34 1.02 -9.23
N ALA D 59 -16.75 0.99 -10.49
CA ALA D 59 -18.17 1.04 -10.83
C ALA D 59 -18.94 -0.11 -10.19
N TYR D 60 -18.34 -1.30 -10.13
CA TYR D 60 -19.04 -2.44 -9.55
C TYR D 60 -19.46 -2.21 -8.09
N MET D 61 -18.84 -1.23 -7.44
CA MET D 61 -19.15 -0.89 -6.05
C MET D 61 -20.33 0.08 -5.87
N LEU D 62 -20.89 0.58 -6.97
CA LEU D 62 -21.99 1.54 -6.90
C LEU D 62 -23.13 1.19 -5.93
N PRO D 63 -23.73 -0.02 -6.05
CA PRO D 63 -24.82 -0.37 -5.12
C PRO D 63 -24.43 -0.30 -3.65
N GLU D 64 -23.22 -0.72 -3.30
CA GLU D 64 -22.77 -0.68 -1.91
C GLU D 64 -22.60 0.74 -1.42
N ILE D 65 -22.02 1.59 -2.25
CA ILE D 65 -21.83 2.99 -1.85
C ILE D 65 -23.16 3.74 -1.71
N GLN D 66 -24.12 3.42 -2.59
CA GLN D 66 -25.46 4.00 -2.52
C GLN D 66 -26.13 3.64 -1.18
N ARG D 67 -26.00 2.39 -0.73
CA ARG D 67 -26.60 1.98 0.55
C ARG D 67 -25.89 2.63 1.74
N LEU D 68 -24.60 2.88 1.59
CA LEU D 68 -23.77 3.49 2.64
C LEU D 68 -24.11 4.97 2.82
N LEU D 69 -24.39 5.65 1.70
CA LEU D 69 -24.73 7.09 1.68
C LEU D 69 -26.11 7.27 1.01
N PRO D 70 -27.20 6.87 1.69
CA PRO D 70 -28.55 6.99 1.13
C PRO D 70 -29.03 8.44 0.93
N ASN D 71 -28.35 9.38 1.56
CA ASN D 71 -28.75 10.79 1.44
C ASN D 71 -27.82 11.63 0.57
N LYS D 72 -27.08 10.99 -0.33
CA LYS D 72 -26.14 11.69 -1.21
C LYS D 72 -26.26 11.20 -2.63
N PRO D 73 -26.13 12.10 -3.63
CA PRO D 73 -26.21 11.62 -5.02
C PRO D 73 -24.85 10.97 -5.27
N VAL D 74 -24.87 9.73 -5.75
CA VAL D 74 -23.64 8.96 -6.02
C VAL D 74 -23.64 8.48 -7.46
N GLU D 75 -22.58 8.72 -8.19
CA GLU D 75 -22.53 8.22 -9.55
C GLU D 75 -21.13 7.95 -10.07
N VAL D 76 -21.06 7.12 -11.10
CA VAL D 76 -19.80 6.72 -11.71
C VAL D 76 -19.40 7.72 -12.78
N ILE D 77 -18.11 8.03 -12.84
CA ILE D 77 -17.58 8.96 -13.83
C ILE D 77 -17.54 8.27 -15.17
N ASP D 78 -17.96 8.97 -16.21
CA ASP D 78 -17.94 8.40 -17.55
C ASP D 78 -16.51 7.95 -17.89
N SER D 79 -16.33 6.69 -18.28
CA SER D 79 -14.99 6.17 -18.58
C SER D 79 -14.18 6.90 -19.65
N LEU D 80 -14.87 7.44 -20.65
CA LEU D 80 -14.19 8.17 -21.73
C LEU D 80 -13.73 9.53 -21.23
N LEU D 81 -14.58 10.18 -20.45
CA LEU D 81 -14.26 11.49 -19.90
C LEU D 81 -13.10 11.33 -18.94
N TYR D 82 -13.10 10.21 -18.22
CA TYR D 82 -12.04 9.90 -17.25
C TYR D 82 -10.71 9.58 -17.95
N GLY D 83 -10.75 8.68 -18.92
CA GLY D 83 -9.54 8.32 -19.64
C GLY D 83 -8.87 9.50 -20.31
N LYS D 84 -9.68 10.37 -20.87
CA LYS D 84 -9.22 11.56 -21.59
C LYS D 84 -8.79 12.70 -20.65
N VAL D 85 -9.07 12.52 -19.35
CA VAL D 85 -8.77 13.52 -18.31
C VAL D 85 -9.47 14.86 -18.61
N ASP D 86 -10.76 14.77 -18.94
CA ASP D 86 -11.57 15.95 -19.28
C ASP D 86 -12.09 16.63 -18.03
N GLY D 87 -11.29 17.56 -17.51
CA GLY D 87 -11.64 18.31 -16.31
C GLY D 87 -12.94 19.07 -16.45
N LEU D 88 -13.16 19.73 -17.60
CA LEU D 88 -14.39 20.49 -17.80
C LEU D 88 -15.63 19.58 -17.87
N GLY D 89 -15.50 18.50 -18.64
CA GLY D 89 -16.59 17.56 -18.81
C GLY D 89 -17.07 16.91 -17.53
N VAL D 90 -16.12 16.49 -16.69
CA VAL D 90 -16.48 15.84 -15.42
C VAL D 90 -17.04 16.88 -14.45
N LEU D 91 -16.47 18.08 -14.49
CA LEU D 91 -16.97 19.15 -13.63
C LEU D 91 -18.46 19.39 -14.00
N LYS D 92 -18.76 19.42 -15.30
CA LYS D 92 -20.15 19.61 -15.75
C LYS D 92 -21.09 18.52 -15.24
N ALA D 93 -20.64 17.27 -15.30
CA ALA D 93 -21.47 16.14 -14.85
C ALA D 93 -21.76 16.21 -13.35
N ALA D 94 -20.78 16.72 -12.60
CA ALA D 94 -20.90 16.82 -11.15
C ALA D 94 -21.90 17.90 -10.75
N VAL D 95 -21.80 19.06 -11.40
CA VAL D 95 -22.72 20.17 -11.13
C VAL D 95 -24.13 19.69 -11.49
N ALA D 96 -24.25 18.98 -12.61
CA ALA D 96 -25.54 18.45 -13.04
C ALA D 96 -26.13 17.51 -11.99
N ALA D 97 -25.33 16.57 -11.49
CA ALA D 97 -25.85 15.64 -10.49
C ALA D 97 -26.36 16.40 -9.26
N ILE D 98 -25.70 17.51 -8.93
CA ILE D 98 -26.12 18.32 -7.78
C ILE D 98 -27.46 19.01 -8.03
N LYS D 99 -27.63 19.58 -9.24
CA LYS D 99 -28.87 20.26 -9.62
C LYS D 99 -30.01 19.26 -9.71
N LYS D 100 -29.80 18.19 -10.45
CA LYS D 100 -30.83 17.18 -10.59
C LYS D 100 -31.20 16.60 -9.22
N ALA D 101 -30.34 16.79 -8.23
CA ALA D 101 -30.58 16.28 -6.88
C ALA D 101 -31.37 17.24 -6.00
N ALA D 102 -31.14 18.54 -6.18
CA ALA D 102 -31.83 19.57 -5.43
C ALA D 102 -33.22 19.88 -6.02
N ALA D 103 -33.60 19.13 -7.06
CA ALA D 103 -34.88 19.29 -7.72
C ALA D 103 -35.05 18.26 -8.85
P PO3 E . -4.88 5.35 -7.19
O1 PO3 E . -4.83 5.88 -8.62
O2 PO3 E . -4.25 6.14 -6.07
O3 PO3 E . -5.36 3.94 -6.92
N ALA A 1 0.74 7.29 -18.60
CA ALA A 1 0.24 7.59 -19.96
C ALA A 1 -1.09 6.86 -20.17
N GLU A 2 -1.77 7.18 -21.26
CA GLU A 2 -3.08 6.58 -21.60
C GLU A 2 -3.28 5.20 -20.95
N GLU A 3 -2.80 4.17 -21.63
CA GLU A 3 -2.95 2.80 -21.13
C GLU A 3 -2.16 2.60 -19.84
N LEU A 4 -0.84 2.78 -19.91
CA LEU A 4 0.01 2.60 -18.74
C LEU A 4 -0.63 3.20 -17.48
N GLU A 5 -1.21 4.38 -17.61
CA GLU A 5 -1.84 5.05 -16.47
C GLU A 5 -3.12 4.34 -16.08
N GLU A 6 -3.94 4.01 -17.07
CA GLU A 6 -5.19 3.30 -16.82
C GLU A 6 -4.88 1.88 -16.34
N VAL A 7 -3.80 1.31 -16.88
CA VAL A 7 -3.37 -0.03 -16.50
C VAL A 7 -2.93 -0.05 -15.03
N VAL A 8 -2.20 0.99 -14.63
CA VAL A 8 -1.73 1.10 -13.25
C VAL A 8 -2.95 1.16 -12.33
N MET A 9 -3.95 1.96 -12.70
CA MET A 9 -5.17 2.06 -11.90
C MET A 9 -5.77 0.67 -11.73
N GLY A 10 -5.81 -0.09 -12.82
CA GLY A 10 -6.34 -1.45 -12.77
C GLY A 10 -5.49 -2.31 -11.83
N LEU A 11 -4.17 -2.17 -11.95
CA LEU A 11 -3.26 -2.93 -11.10
C LEU A 11 -3.45 -2.56 -9.64
N ILE A 12 -3.57 -1.27 -9.37
CA ILE A 12 -3.76 -0.80 -8.00
C ILE A 12 -5.06 -1.36 -7.46
N ILE A 13 -6.11 -1.29 -8.26
CA ILE A 13 -7.40 -1.82 -7.85
C ILE A 13 -7.30 -3.33 -7.65
N ASN A 14 -6.65 -4.01 -8.60
CA ASN A 14 -6.47 -5.45 -8.53
C ASN A 14 -5.71 -5.82 -7.26
N SER A 15 -4.61 -5.11 -7.03
CA SER A 15 -3.81 -5.35 -5.83
C SER A 15 -4.65 -5.14 -4.57
N GLY A 16 -5.44 -4.06 -4.60
CA GLY A 16 -6.32 -3.75 -3.47
C GLY A 16 -7.35 -4.86 -3.26
N GLN A 17 -7.95 -5.32 -4.36
CA GLN A 17 -8.94 -6.40 -4.27
C GLN A 17 -8.27 -7.65 -3.72
N ALA A 18 -7.05 -7.92 -4.18
CA ALA A 18 -6.31 -9.09 -3.72
C ALA A 18 -6.15 -9.04 -2.21
N ARG A 19 -5.70 -7.91 -1.69
CA ARG A 19 -5.55 -7.77 -0.25
C ARG A 19 -6.90 -7.95 0.43
N SER A 20 -7.91 -7.28 -0.11
CA SER A 20 -9.25 -7.36 0.44
C SER A 20 -9.68 -8.83 0.57
N LEU A 21 -9.47 -9.59 -0.49
CA LEU A 21 -9.81 -11.01 -0.48
C LEU A 21 -8.97 -11.74 0.58
N ALA A 22 -7.69 -11.40 0.63
CA ALA A 22 -6.79 -12.03 1.60
C ALA A 22 -7.30 -11.80 3.03
N TYR A 23 -7.59 -10.55 3.38
CA TYR A 23 -8.10 -10.25 4.72
C TYR A 23 -9.41 -11.00 4.93
N ALA A 24 -10.25 -11.03 3.90
CA ALA A 24 -11.51 -11.73 3.99
C ALA A 24 -11.24 -13.22 4.25
N ALA A 25 -10.23 -13.75 3.56
CA ALA A 25 -9.84 -15.14 3.75
C ALA A 25 -9.48 -15.38 5.21
N LEU A 26 -8.72 -14.46 5.78
CA LEU A 26 -8.32 -14.57 7.18
C LEU A 26 -9.56 -14.55 8.07
N LYS A 27 -10.48 -13.64 7.77
CA LYS A 27 -11.71 -13.53 8.54
C LYS A 27 -12.45 -14.87 8.56
N GLN A 28 -12.48 -15.54 7.41
CA GLN A 28 -13.15 -16.84 7.31
C GLN A 28 -12.48 -17.81 8.28
N ALA A 29 -11.15 -17.75 8.35
CA ALA A 29 -10.39 -18.62 9.24
C ALA A 29 -10.80 -18.38 10.69
N LYS A 30 -10.95 -17.12 11.05
CA LYS A 30 -11.36 -16.77 12.41
C LYS A 30 -12.72 -17.37 12.73
N GLN A 31 -13.58 -17.50 11.72
CA GLN A 31 -14.89 -18.08 11.93
C GLN A 31 -14.80 -19.60 11.96
N GLY A 32 -13.60 -20.12 11.77
CA GLY A 32 -13.37 -21.56 11.81
C GLY A 32 -13.71 -22.21 10.47
N ASP A 33 -13.83 -21.40 9.43
CA ASP A 33 -14.15 -21.90 8.09
C ASP A 33 -12.88 -22.06 7.26
N PHE A 34 -12.18 -23.18 7.47
CA PHE A 34 -10.93 -23.42 6.73
C PHE A 34 -11.18 -23.60 5.24
N ALA A 35 -12.31 -24.21 4.89
CA ALA A 35 -12.63 -24.46 3.49
C ALA A 35 -12.77 -23.14 2.72
N ALA A 36 -13.56 -22.23 3.26
CA ALA A 36 -13.76 -20.95 2.60
C ALA A 36 -12.46 -20.14 2.60
N ALA A 37 -11.70 -20.23 3.68
CA ALA A 37 -10.43 -19.52 3.75
C ALA A 37 -9.52 -19.99 2.60
N LYS A 38 -9.36 -21.30 2.49
CA LYS A 38 -8.53 -21.90 1.45
C LYS A 38 -8.96 -21.42 0.06
N ALA A 39 -10.26 -21.45 -0.21
CA ALA A 39 -10.77 -21.03 -1.51
C ALA A 39 -10.47 -19.57 -1.79
N MET A 40 -10.61 -18.74 -0.76
CA MET A 40 -10.36 -17.30 -0.90
C MET A 40 -8.88 -17.03 -1.18
N MET A 41 -7.98 -17.76 -0.50
CA MET A 41 -6.55 -17.56 -0.72
C MET A 41 -6.19 -17.92 -2.15
N ASP A 42 -6.77 -19.01 -2.65
CA ASP A 42 -6.47 -19.48 -3.99
C ASP A 42 -6.83 -18.42 -5.02
N GLN A 43 -8.03 -17.87 -4.88
CA GLN A 43 -8.48 -16.82 -5.80
C GLN A 43 -7.61 -15.59 -5.67
N SER A 44 -7.25 -15.24 -4.44
CA SER A 44 -6.40 -14.08 -4.20
C SER A 44 -5.06 -14.28 -4.91
N ARG A 45 -4.49 -15.47 -4.78
CA ARG A 45 -3.22 -15.82 -5.43
C ARG A 45 -3.32 -15.66 -6.95
N MET A 46 -4.40 -16.18 -7.51
CA MET A 46 -4.63 -16.11 -8.95
C MET A 46 -4.72 -14.65 -9.40
N ALA A 47 -5.41 -13.83 -8.62
CA ALA A 47 -5.56 -12.41 -8.94
C ALA A 47 -4.19 -11.74 -9.00
N LEU A 48 -3.35 -12.05 -8.02
CA LEU A 48 -2.00 -11.49 -7.95
C LEU A 48 -1.15 -11.98 -9.12
N ASN A 49 -1.29 -13.26 -9.41
CA ASN A 49 -0.51 -13.87 -10.48
C ASN A 49 -0.77 -13.15 -11.80
N GLU A 50 -2.04 -12.89 -12.07
CA GLU A 50 -2.41 -12.17 -13.29
C GLU A 50 -1.86 -10.75 -13.23
N ALA A 51 -1.97 -10.13 -12.05
CA ALA A 51 -1.47 -8.77 -11.87
C ALA A 51 0.06 -8.75 -12.05
N HIS A 52 0.73 -9.71 -11.44
CA HIS A 52 2.19 -9.81 -11.54
C HIS A 52 2.61 -10.01 -13.00
N LEU A 53 1.86 -10.83 -13.72
CA LEU A 53 2.16 -11.11 -15.12
C LEU A 53 2.11 -9.82 -15.93
N VAL A 54 1.08 -9.02 -15.68
CA VAL A 54 0.94 -7.75 -16.38
C VAL A 54 2.11 -6.84 -16.04
N GLN A 55 2.46 -6.79 -14.76
CA GLN A 55 3.59 -5.96 -14.34
C GLN A 55 4.88 -6.45 -15.01
N THR A 56 5.08 -7.76 -15.08
CA THR A 56 6.28 -8.32 -15.72
C THR A 56 6.46 -7.71 -17.11
N LYS A 57 5.37 -7.66 -17.88
CA LYS A 57 5.43 -7.06 -19.22
C LYS A 57 5.76 -5.59 -19.10
N LEU A 58 5.18 -4.94 -18.10
CA LEU A 58 5.43 -3.52 -17.90
C LEU A 58 6.87 -3.24 -17.48
N ILE A 59 7.58 -4.25 -16.98
CA ILE A 59 8.99 -4.06 -16.60
C ILE A 59 9.93 -4.47 -17.76
N GLU A 60 9.55 -5.49 -18.53
CA GLU A 60 10.37 -5.95 -19.66
C GLU A 60 10.46 -4.88 -20.74
N GLY A 61 9.34 -4.20 -21.01
CA GLY A 61 9.31 -3.17 -22.03
C GLY A 61 9.20 -1.78 -21.42
N ASP A 62 9.80 -1.60 -20.24
CA ASP A 62 9.75 -0.32 -19.54
C ASP A 62 10.49 0.78 -20.32
N ALA A 63 11.17 0.39 -21.40
CA ALA A 63 11.90 1.36 -22.21
C ALA A 63 10.97 2.06 -23.19
N GLY A 64 11.49 3.07 -23.89
CA GLY A 64 10.68 3.81 -24.86
C GLY A 64 10.81 5.32 -24.66
N GLU A 65 10.45 5.80 -23.47
CA GLU A 65 10.53 7.23 -23.19
C GLU A 65 11.97 7.72 -23.18
N GLY A 66 12.86 6.90 -22.64
CA GLY A 66 14.28 7.27 -22.58
C GLY A 66 15.15 6.04 -22.36
N LYS A 67 16.47 6.25 -22.44
CA LYS A 67 17.41 5.15 -22.27
C LYS A 67 17.39 4.63 -20.82
N MET A 68 18.11 5.32 -19.94
CA MET A 68 18.20 4.93 -18.54
C MET A 68 16.88 5.05 -17.79
N LYS A 69 16.13 6.12 -18.08
CA LYS A 69 14.87 6.35 -17.37
C LYS A 69 13.76 5.39 -17.80
N VAL A 70 12.84 5.14 -16.87
CA VAL A 70 11.71 4.23 -17.10
C VAL A 70 10.41 4.88 -16.65
N SER A 71 9.28 4.23 -16.95
CA SER A 71 7.98 4.77 -16.55
C SER A 71 7.94 4.91 -15.03
N LEU A 72 7.54 6.10 -14.57
CA LEU A 72 7.48 6.40 -13.14
C LEU A 72 6.43 5.55 -12.41
N VAL A 73 5.30 5.39 -13.07
CA VAL A 73 4.18 4.62 -12.52
C VAL A 73 4.55 3.16 -12.22
N LEU A 74 5.64 2.69 -12.79
CA LEU A 74 6.05 1.31 -12.51
C LEU A 74 6.19 1.08 -11.02
N VAL A 75 6.60 2.13 -10.33
CA VAL A 75 6.79 2.08 -8.88
C VAL A 75 5.43 1.94 -8.20
N HIS A 76 4.18 2.91 -8.61
CA HIS A 76 2.81 2.85 -8.05
C HIS A 76 2.26 1.44 -8.16
N ALA A 77 2.64 0.75 -9.24
CA ALA A 77 2.19 -0.62 -9.46
C ALA A 77 3.04 -1.60 -8.65
N GLN A 78 4.36 -1.47 -8.72
CA GLN A 78 5.24 -2.40 -8.03
C GLN A 78 5.02 -2.31 -6.51
N LEU A 79 4.96 -1.09 -6.01
CA LEU A 79 4.72 -0.86 -4.59
C LEU A 79 3.44 -1.54 -4.13
N HIS A 80 2.35 -1.32 -4.85
CA HIS A 80 1.08 -1.91 -4.47
C HIS A 80 1.12 -3.44 -4.62
N LEU A 81 1.65 -3.90 -5.74
CA LEU A 81 1.74 -5.34 -5.99
C LEU A 81 2.64 -6.04 -4.98
N MET A 82 3.80 -5.45 -4.70
CA MET A 82 4.74 -6.05 -3.75
C MET A 82 4.11 -6.14 -2.37
N THR A 83 3.46 -5.05 -1.96
CA THR A 83 2.81 -5.00 -0.65
C THR A 83 1.69 -6.04 -0.56
N SER A 84 0.84 -6.07 -1.58
CA SER A 84 -0.29 -7.01 -1.61
C SER A 84 0.20 -8.46 -1.60
N MET A 85 1.16 -8.78 -2.45
CA MET A 85 1.69 -10.14 -2.51
C MET A 85 2.26 -10.57 -1.18
N LEU A 86 3.07 -9.70 -0.59
CA LEU A 86 3.68 -10.00 0.70
C LEU A 86 2.61 -10.19 1.78
N ALA A 87 1.64 -9.28 1.79
CA ALA A 87 0.56 -9.36 2.76
C ALA A 87 -0.15 -10.70 2.67
N ARG A 88 -0.49 -11.10 1.47
CA ARG A 88 -1.18 -12.37 1.27
C ARG A 88 -0.35 -13.55 1.78
N GLU A 89 0.93 -13.57 1.45
CA GLU A 89 1.77 -14.67 1.88
C GLU A 89 1.79 -14.78 3.39
N LEU A 90 1.95 -13.65 4.06
CA LEU A 90 1.96 -13.64 5.51
C LEU A 90 0.58 -14.03 6.05
N ILE A 91 -0.46 -13.51 5.42
CA ILE A 91 -1.82 -13.85 5.84
C ILE A 91 -2.03 -15.35 5.69
N THR A 92 -1.50 -15.92 4.61
CA THR A 92 -1.60 -17.37 4.40
C THR A 92 -0.98 -18.10 5.59
N GLU A 93 0.20 -17.64 6.01
CA GLU A 93 0.88 -18.23 7.16
C GLU A 93 0.02 -18.08 8.40
N LEU A 94 -0.57 -16.89 8.56
CA LEU A 94 -1.43 -16.62 9.72
C LEU A 94 -2.62 -17.59 9.71
N ILE A 95 -3.20 -17.80 8.55
CA ILE A 95 -4.34 -18.73 8.44
C ILE A 95 -3.90 -20.14 8.83
N GLU A 96 -2.72 -20.56 8.36
CA GLU A 96 -2.22 -21.88 8.71
C GLU A 96 -2.08 -22.00 10.22
N LEU A 97 -1.64 -20.91 10.87
CA LEU A 97 -1.51 -20.92 12.32
C LEU A 97 -2.88 -21.12 12.98
N HIS A 98 -3.89 -20.46 12.44
CA HIS A 98 -5.25 -20.62 12.98
C HIS A 98 -5.63 -22.08 12.92
N GLU A 99 -5.25 -22.75 11.84
CA GLU A 99 -5.55 -24.17 11.68
C GLU A 99 -4.81 -24.98 12.74
N LYS A 100 -3.56 -24.62 13.01
CA LYS A 100 -2.79 -25.32 14.02
C LYS A 100 -3.39 -25.06 15.41
N LEU A 101 -3.92 -23.84 15.61
CA LEU A 101 -4.56 -23.49 16.88
C LEU A 101 -5.80 -24.37 17.09
N LYS A 102 -6.02 -25.30 16.15
CA LYS A 102 -7.18 -26.20 16.21
C LYS A 102 -8.43 -25.52 15.71
N ALA A 103 -8.82 -24.42 16.39
CA ALA A 103 -10.03 -23.67 16.04
C ALA A 103 -10.30 -23.65 14.53
N ALA B 1 22.66 3.11 -13.51
CA ALA B 1 23.97 3.34 -14.19
C ALA B 1 24.86 2.13 -13.94
N GLU B 2 26.00 2.08 -14.64
CA GLU B 2 26.95 0.97 -14.53
C GLU B 2 26.86 0.24 -13.18
N GLU B 3 27.57 0.74 -12.19
CA GLU B 3 27.58 0.13 -10.87
C GLU B 3 26.22 0.21 -10.20
N LEU B 4 25.72 1.44 -10.02
CA LEU B 4 24.42 1.61 -9.38
C LEU B 4 23.38 0.61 -9.91
N GLU B 5 23.37 0.41 -11.22
CA GLU B 5 22.42 -0.52 -11.83
C GLU B 5 22.76 -1.95 -11.47
N GLU B 6 24.03 -2.30 -11.57
CA GLU B 6 24.50 -3.63 -11.23
C GLU B 6 24.38 -3.85 -9.73
N VAL B 7 24.60 -2.79 -8.97
CA VAL B 7 24.51 -2.85 -7.52
C VAL B 7 23.05 -3.11 -7.10
N VAL B 8 22.12 -2.44 -7.77
CA VAL B 8 20.69 -2.63 -7.49
C VAL B 8 20.33 -4.08 -7.74
N MET B 9 20.80 -4.63 -8.86
CA MET B 9 20.52 -6.03 -9.18
C MET B 9 21.01 -6.91 -8.03
N GLY B 10 22.21 -6.62 -7.53
CA GLY B 10 22.75 -7.37 -6.41
C GLY B 10 21.86 -7.21 -5.19
N LEU B 11 21.44 -5.98 -4.93
CA LEU B 11 20.56 -5.70 -3.79
C LEU B 11 19.24 -6.44 -3.93
N ILE B 12 18.67 -6.41 -5.13
CA ILE B 12 17.40 -7.09 -5.38
C ILE B 12 17.57 -8.58 -5.14
N ILE B 13 18.66 -9.12 -5.68
CA ILE B 13 18.94 -10.54 -5.50
C ILE B 13 19.17 -10.83 -4.02
N ASN B 14 19.95 -9.98 -3.36
CA ASN B 14 20.24 -10.16 -1.94
C ASN B 14 18.94 -10.10 -1.13
N SER B 15 18.11 -9.11 -1.42
CA SER B 15 16.83 -8.99 -0.74
C SER B 15 15.98 -10.23 -0.97
N GLY B 16 15.99 -10.71 -2.22
CA GLY B 16 15.23 -11.91 -2.57
C GLY B 16 15.76 -13.12 -1.81
N GLN B 17 17.08 -13.25 -1.75
CA GLN B 17 17.68 -14.37 -1.03
C GLN B 17 17.31 -14.28 0.45
N ALA B 18 17.35 -13.06 0.98
CA ALA B 18 17.00 -12.84 2.37
C ALA B 18 15.60 -13.36 2.66
N ARG B 19 14.64 -12.97 1.84
CA ARG B 19 13.27 -13.44 2.02
C ARG B 19 13.24 -14.96 1.90
N SER B 20 13.90 -15.47 0.86
CA SER B 20 13.94 -16.91 0.64
C SER B 20 14.41 -17.63 1.89
N LEU B 21 15.50 -17.13 2.48
CA LEU B 21 16.04 -17.73 3.71
C LEU B 21 15.01 -17.60 4.83
N ALA B 22 14.37 -16.44 4.93
CA ALA B 22 13.37 -16.20 5.97
C ALA B 22 12.24 -17.23 5.85
N TYR B 23 11.67 -17.38 4.65
CA TYR B 23 10.60 -18.36 4.46
C TYR B 23 11.12 -19.75 4.79
N ALA B 24 12.36 -20.04 4.38
CA ALA B 24 12.95 -21.33 4.67
C ALA B 24 13.06 -21.49 6.19
N ALA B 25 13.43 -20.41 6.87
CA ALA B 25 13.53 -20.43 8.33
C ALA B 25 12.18 -20.80 8.92
N LEU B 26 11.12 -20.21 8.39
CA LEU B 26 9.78 -20.50 8.86
C LEU B 26 9.45 -21.97 8.62
N LYS B 27 9.80 -22.46 7.44
CA LYS B 27 9.55 -23.86 7.11
C LYS B 27 10.21 -24.78 8.14
N GLN B 28 11.43 -24.43 8.54
CA GLN B 28 12.13 -25.23 9.56
C GLN B 28 11.31 -25.26 10.84
N ALA B 29 10.74 -24.11 11.19
CA ALA B 29 9.91 -24.02 12.40
C ALA B 29 8.73 -24.97 12.31
N LYS B 30 8.09 -25.01 11.14
CA LYS B 30 6.95 -25.90 10.94
C LYS B 30 7.36 -27.35 11.16
N GLN B 31 8.62 -27.67 10.83
CA GLN B 31 9.10 -29.04 11.01
C GLN B 31 9.46 -29.28 12.48
N GLY B 32 9.32 -28.24 13.29
CA GLY B 32 9.63 -28.35 14.72
C GLY B 32 11.13 -28.18 14.99
N ASP B 33 11.86 -27.66 14.00
CA ASP B 33 13.29 -27.46 14.14
C ASP B 33 13.60 -26.02 14.53
N PHE B 34 13.47 -25.71 15.81
CA PHE B 34 13.73 -24.34 16.29
C PHE B 34 15.18 -23.94 16.10
N ALA B 35 16.09 -24.90 16.27
CA ALA B 35 17.52 -24.60 16.15
C ALA B 35 17.86 -24.12 14.74
N ALA B 36 17.43 -24.87 13.74
CA ALA B 36 17.71 -24.50 12.36
C ALA B 36 16.98 -23.20 12.01
N ALA B 37 15.77 -23.03 12.51
CA ALA B 37 15.03 -21.80 12.24
C ALA B 37 15.82 -20.61 12.74
N LYS B 38 16.23 -20.68 14.02
CA LYS B 38 17.01 -19.60 14.63
C LYS B 38 18.27 -19.27 13.81
N ALA B 39 18.99 -20.29 13.40
CA ALA B 39 20.21 -20.10 12.61
C ALA B 39 19.91 -19.41 11.28
N MET B 40 18.83 -19.82 10.64
CA MET B 40 18.44 -19.26 9.36
C MET B 40 18.05 -17.78 9.51
N MET B 41 17.32 -17.45 10.57
CA MET B 41 16.92 -16.06 10.78
C MET B 41 18.15 -15.17 10.97
N ASP B 42 19.12 -15.68 11.73
CA ASP B 42 20.33 -14.93 12.01
C ASP B 42 21.06 -14.57 10.73
N GLN B 43 21.21 -15.58 9.86
CA GLN B 43 21.88 -15.36 8.59
C GLN B 43 21.08 -14.40 7.72
N SER B 44 19.76 -14.54 7.73
CA SER B 44 18.91 -13.65 6.95
C SER B 44 19.13 -12.20 7.41
N ARG B 45 19.14 -12.00 8.73
CA ARG B 45 19.35 -10.68 9.30
C ARG B 45 20.69 -10.09 8.83
N MET B 46 21.74 -10.90 8.89
CA MET B 46 23.07 -10.45 8.49
C MET B 46 23.05 -10.04 7.02
N ALA B 47 22.37 -10.84 6.20
CA ALA B 47 22.27 -10.53 4.77
C ALA B 47 21.58 -9.19 4.56
N LEU B 48 20.50 -8.97 5.31
CA LEU B 48 19.75 -7.72 5.21
C LEU B 48 20.59 -6.55 5.72
N ASN B 49 21.30 -6.78 6.81
CA ASN B 49 22.13 -5.75 7.40
C ASN B 49 23.18 -5.26 6.40
N GLU B 50 23.83 -6.19 5.73
CA GLU B 50 24.82 -5.83 4.72
C GLU B 50 24.17 -5.10 3.57
N ALA B 51 23.00 -5.58 3.17
CA ALA B 51 22.25 -4.96 2.08
C ALA B 51 21.83 -3.54 2.48
N HIS B 52 21.32 -3.41 3.70
CA HIS B 52 20.88 -2.11 4.21
C HIS B 52 22.06 -1.13 4.27
N LEU B 53 23.22 -1.64 4.69
CA LEU B 53 24.42 -0.80 4.79
C LEU B 53 24.77 -0.23 3.41
N VAL B 54 24.71 -1.09 2.40
CA VAL B 54 25.03 -0.66 1.04
C VAL B 54 24.01 0.40 0.61
N GLN B 55 22.73 0.16 0.90
CA GLN B 55 21.70 1.13 0.53
C GLN B 55 21.96 2.45 1.25
N THR B 56 22.32 2.39 2.54
CA THR B 56 22.60 3.61 3.30
C THR B 56 23.57 4.50 2.53
N LYS B 57 24.65 3.90 2.04
CA LYS B 57 25.62 4.66 1.25
C LYS B 57 24.97 5.20 -0.01
N LEU B 58 24.12 4.39 -0.61
CA LEU B 58 23.44 4.78 -1.84
C LEU B 58 22.45 5.93 -1.59
N ILE B 59 22.02 6.12 -0.32
CA ILE B 59 21.11 7.23 -0.01
C ILE B 59 21.88 8.48 0.45
N GLU B 60 23.00 8.27 1.16
CA GLU B 60 23.81 9.39 1.64
C GLU B 60 24.42 10.17 0.46
N GLY B 61 24.86 9.43 -0.55
CA GLY B 61 25.49 10.05 -1.72
C GLY B 61 24.59 9.96 -2.95
N ASP B 62 23.28 10.02 -2.73
CA ASP B 62 22.32 9.93 -3.82
C ASP B 62 22.41 11.14 -4.77
N ALA B 63 23.21 12.12 -4.40
CA ALA B 63 23.36 13.32 -5.23
C ALA B 63 24.37 13.07 -6.34
N GLY B 64 24.50 14.03 -7.26
CA GLY B 64 25.44 13.90 -8.37
C GLY B 64 24.78 14.23 -9.71
N GLU B 65 23.73 13.48 -10.05
CA GLU B 65 23.03 13.70 -11.32
C GLU B 65 22.34 15.07 -11.33
N GLY B 66 21.76 15.45 -10.20
CA GLY B 66 21.07 16.73 -10.11
C GLY B 66 20.91 17.16 -8.66
N LYS B 67 20.42 18.38 -8.47
CA LYS B 67 20.23 18.92 -7.13
C LYS B 67 19.13 18.16 -6.38
N MET B 68 17.88 18.54 -6.66
CA MET B 68 16.72 17.93 -6.01
C MET B 68 16.52 16.47 -6.40
N LYS B 69 16.75 16.13 -7.66
CA LYS B 69 16.54 14.76 -8.14
C LYS B 69 17.62 13.80 -7.64
N VAL B 70 17.22 12.52 -7.52
CA VAL B 70 18.11 11.47 -7.05
C VAL B 70 18.02 10.24 -7.98
N SER B 71 18.89 9.26 -7.76
CA SER B 71 18.88 8.05 -8.59
C SER B 71 17.52 7.37 -8.49
N LEU B 72 16.93 7.04 -9.64
CA LEU B 72 15.60 6.45 -9.66
C LEU B 72 15.59 5.04 -9.04
N VAL B 73 16.65 4.30 -9.35
CA VAL B 73 16.80 2.93 -8.88
C VAL B 73 16.83 2.84 -7.34
N LEU B 74 17.06 3.95 -6.67
CA LEU B 74 17.05 3.94 -5.21
C LEU B 74 15.75 3.36 -4.69
N VAL B 75 14.66 3.70 -5.38
CA VAL B 75 13.34 3.22 -5.01
C VAL B 75 13.30 1.70 -5.17
N HIS B 76 13.83 1.11 -6.36
CA HIS B 76 13.83 -0.33 -6.58
C HIS B 76 14.53 -1.05 -5.43
N ALA B 77 15.68 -0.52 -5.03
CA ALA B 77 16.44 -1.14 -3.95
C ALA B 77 15.71 -0.96 -2.62
N GLN B 78 15.17 0.23 -2.38
CA GLN B 78 14.48 0.51 -1.13
C GLN B 78 13.22 -0.35 -1.03
N LEU B 79 12.44 -0.39 -2.12
CA LEU B 79 11.22 -1.18 -2.14
C LEU B 79 11.49 -2.65 -1.82
N HIS B 80 12.48 -3.23 -2.48
CA HIS B 80 12.80 -4.62 -2.24
C HIS B 80 13.36 -4.83 -0.84
N LEU B 81 14.27 -3.95 -0.44
CA LEU B 81 14.88 -4.06 0.89
C LEU B 81 13.85 -3.85 2.00
N MET B 82 13.00 -2.85 1.86
CA MET B 82 11.98 -2.57 2.87
C MET B 82 11.02 -3.75 3.01
N THR B 83 10.59 -4.28 1.87
CA THR B 83 9.67 -5.41 1.87
C THR B 83 10.32 -6.64 2.50
N SER B 84 11.55 -6.94 2.10
CA SER B 84 12.26 -8.09 2.64
C SER B 84 12.50 -7.97 4.14
N MET B 85 12.97 -6.81 4.58
CA MET B 85 13.24 -6.60 6.01
C MET B 85 11.96 -6.76 6.83
N LEU B 86 10.89 -6.14 6.36
CA LEU B 86 9.61 -6.21 7.06
C LEU B 86 9.11 -7.65 7.12
N ALA B 87 9.17 -8.33 5.98
CA ALA B 87 8.72 -9.71 5.90
C ALA B 87 9.49 -10.58 6.88
N ARG B 88 10.79 -10.44 6.86
CA ARG B 88 11.65 -11.22 7.75
C ARG B 88 11.28 -10.97 9.21
N GLU B 89 11.08 -9.70 9.59
CA GLU B 89 10.75 -9.38 10.97
C GLU B 89 9.43 -10.05 11.37
N LEU B 90 8.44 -9.96 10.50
CA LEU B 90 7.14 -10.56 10.78
C LEU B 90 7.28 -12.08 10.84
N ILE B 91 8.06 -12.63 9.92
CA ILE B 91 8.30 -14.07 9.91
C ILE B 91 8.95 -14.49 11.23
N THR B 92 9.86 -13.66 11.73
CA THR B 92 10.50 -13.96 13.02
C THR B 92 9.43 -14.07 14.09
N GLU B 93 8.49 -13.13 14.09
CA GLU B 93 7.40 -13.15 15.06
C GLU B 93 6.58 -14.43 14.88
N LEU B 94 6.30 -14.77 13.62
CA LEU B 94 5.54 -15.99 13.33
C LEU B 94 6.27 -17.21 13.87
N ILE B 95 7.59 -17.26 13.68
CA ILE B 95 8.36 -18.38 14.19
C ILE B 95 8.28 -18.46 15.71
N GLU B 96 8.36 -17.30 16.37
CA GLU B 96 8.25 -17.27 17.83
C GLU B 96 6.90 -17.85 18.25
N LEU B 97 5.86 -17.54 17.49
CA LEU B 97 4.52 -18.05 17.79
C LEU B 97 4.52 -19.58 17.69
N HIS B 98 5.19 -20.10 16.66
CA HIS B 98 5.27 -21.55 16.50
C HIS B 98 5.89 -22.17 17.75
N GLU B 99 6.90 -21.48 18.28
CA GLU B 99 7.55 -21.95 19.50
C GLU B 99 6.58 -21.94 20.66
N LYS B 100 5.77 -20.88 20.77
CA LYS B 100 4.79 -20.80 21.84
C LYS B 100 3.72 -21.88 21.65
N LEU B 101 3.39 -22.19 20.39
CA LEU B 101 2.42 -23.25 20.11
C LEU B 101 2.96 -24.60 20.58
N LYS B 102 4.13 -24.57 21.21
CA LYS B 102 4.77 -25.78 21.72
C LYS B 102 5.49 -26.51 20.59
N ALA B 103 4.71 -26.92 19.58
CA ALA B 103 5.25 -27.67 18.43
C ALA B 103 6.64 -27.19 18.04
N ALA C 1 11.12 19.25 -2.05
CA ALA C 1 11.16 20.74 -1.98
C ALA C 1 10.96 21.17 -0.54
N GLU C 2 11.18 22.45 -0.27
CA GLU C 2 11.04 23.02 1.08
C GLU C 2 10.10 22.22 1.98
N GLU C 3 8.81 22.51 1.89
CA GLU C 3 7.83 21.81 2.71
C GLU C 3 7.73 20.34 2.34
N LEU C 4 7.37 20.07 1.08
CA LEU C 4 7.24 18.68 0.63
C LEU C 4 8.38 17.80 1.16
N GLU C 5 9.60 18.32 1.11
CA GLU C 5 10.76 17.57 1.58
C GLU C 5 10.74 17.43 3.10
N GLU C 6 10.47 18.53 3.78
CA GLU C 6 10.41 18.52 5.24
C GLU C 6 9.19 17.70 5.68
N VAL C 7 8.12 17.78 4.89
CA VAL C 7 6.90 17.04 5.17
C VAL C 7 7.17 15.53 5.06
N VAL C 8 7.92 15.14 4.03
CA VAL C 8 8.27 13.74 3.83
C VAL C 8 9.06 13.24 5.04
N MET C 9 10.02 14.04 5.50
CA MET C 9 10.80 13.67 6.66
C MET C 9 9.87 13.40 7.84
N GLY C 10 8.88 14.29 8.01
CA GLY C 10 7.91 14.13 9.08
C GLY C 10 7.12 12.84 8.88
N LEU C 11 6.71 12.59 7.65
CA LEU C 11 5.94 11.37 7.33
C LEU C 11 6.79 10.14 7.59
N ILE C 12 8.05 10.18 7.18
CA ILE C 12 8.94 9.04 7.37
C ILE C 12 9.11 8.78 8.87
N ILE C 13 9.32 9.87 9.61
CA ILE C 13 9.47 9.76 11.06
C ILE C 13 8.16 9.23 11.66
N ASN C 14 7.05 9.81 11.22
CA ASN C 14 5.73 9.40 11.72
C ASN C 14 5.50 7.92 11.43
N SER C 15 5.79 7.51 10.19
CA SER C 15 5.63 6.11 9.81
C SER C 15 6.52 5.24 10.68
N GLY C 16 7.76 5.70 10.90
CA GLY C 16 8.70 4.95 11.73
C GLY C 16 8.18 4.84 13.16
N GLN C 17 7.67 5.95 13.70
CA GLN C 17 7.13 5.92 15.06
C GLN C 17 5.95 4.97 15.12
N ALA C 18 5.12 5.01 14.08
CA ALA C 18 3.96 4.14 14.02
C ALA C 18 4.38 2.67 14.15
N ARG C 19 5.36 2.27 13.33
CA ARG C 19 5.84 0.91 13.40
C ARG C 19 6.41 0.63 14.79
N SER C 20 7.21 1.57 15.28
CA SER C 20 7.81 1.41 16.60
C SER C 20 6.73 1.13 17.65
N LEU C 21 5.66 1.92 17.61
CA LEU C 21 4.56 1.74 18.54
C LEU C 21 3.92 0.37 18.33
N ALA C 22 3.73 0.00 17.06
CA ALA C 22 3.13 -1.29 16.73
C ALA C 22 3.96 -2.44 17.33
N TYR C 23 5.27 -2.43 17.07
CA TYR C 23 6.14 -3.47 17.64
C TYR C 23 6.05 -3.45 19.16
N ALA C 24 6.03 -2.24 19.72
CA ALA C 24 5.92 -2.11 21.17
C ALA C 24 4.59 -2.72 21.62
N ALA C 25 3.54 -2.47 20.85
CA ALA C 25 2.23 -3.03 21.16
C ALA C 25 2.31 -4.55 21.21
N LEU C 26 3.01 -5.12 20.24
CA LEU C 26 3.19 -6.57 20.18
C LEU C 26 3.95 -7.05 21.42
N LYS C 27 4.99 -6.31 21.77
CA LYS C 27 5.79 -6.66 22.94
C LYS C 27 4.90 -6.72 24.19
N GLN C 28 3.99 -5.77 24.31
CA GLN C 28 3.06 -5.75 25.44
C GLN C 28 2.26 -7.04 25.47
N ALA C 29 1.82 -7.47 24.27
CA ALA C 29 1.05 -8.70 24.16
C ALA C 29 1.85 -9.89 24.67
N LYS C 30 3.13 -9.94 24.30
CA LYS C 30 3.99 -11.02 24.76
C LYS C 30 4.07 -11.06 26.28
N GLN C 31 3.98 -9.88 26.90
CA GLN C 31 4.04 -9.80 28.36
C GLN C 31 2.67 -10.17 28.96
N GLY C 32 1.71 -10.44 28.08
CA GLY C 32 0.36 -10.83 28.53
C GLY C 32 -0.47 -9.60 28.89
N ASP C 33 -0.04 -8.43 28.44
CA ASP C 33 -0.76 -7.18 28.70
C ASP C 33 -1.63 -6.80 27.51
N PHE C 34 -2.80 -7.41 27.42
CA PHE C 34 -3.71 -7.14 26.31
C PHE C 34 -4.22 -5.70 26.34
N ALA C 35 -4.43 -5.17 27.54
CA ALA C 35 -4.94 -3.81 27.68
C ALA C 35 -3.97 -2.79 27.08
N ALA C 36 -2.71 -2.89 27.47
CA ALA C 36 -1.71 -1.96 26.96
C ALA C 36 -1.50 -2.17 25.47
N ALA C 37 -1.55 -3.42 25.02
CA ALA C 37 -1.38 -3.71 23.60
C ALA C 37 -2.48 -3.00 22.81
N LYS C 38 -3.72 -3.21 23.22
CA LYS C 38 -4.87 -2.59 22.57
C LYS C 38 -4.72 -1.07 22.49
N ALA C 39 -4.32 -0.45 23.61
CA ALA C 39 -4.16 1.00 23.65
C ALA C 39 -3.06 1.46 22.68
N MET C 40 -1.96 0.72 22.64
CA MET C 40 -0.85 1.06 21.77
C MET C 40 -1.25 0.92 20.30
N MET C 41 -2.03 -0.11 19.99
CA MET C 41 -2.48 -0.31 18.61
C MET C 41 -3.35 0.85 18.16
N ASP C 42 -4.25 1.28 19.04
CA ASP C 42 -5.17 2.36 18.72
C ASP C 42 -4.41 3.63 18.38
N GLN C 43 -3.42 3.97 19.21
CA GLN C 43 -2.61 5.16 18.97
C GLN C 43 -1.83 5.03 17.67
N SER C 44 -1.30 3.85 17.42
CA SER C 44 -0.55 3.60 16.19
C SER C 44 -1.44 3.87 14.98
N ARG C 45 -2.67 3.32 15.03
CA ARG C 45 -3.64 3.50 13.96
C ARG C 45 -3.93 4.99 13.72
N MET C 46 -4.14 5.72 14.81
CA MET C 46 -4.43 7.15 14.72
C MET C 46 -3.26 7.89 14.08
N ALA C 47 -2.04 7.51 14.47
CA ALA C 47 -0.84 8.14 13.91
C ALA C 47 -0.78 7.91 12.40
N LEU C 48 -1.08 6.68 11.98
CA LEU C 48 -1.07 6.33 10.57
C LEU C 48 -2.17 7.06 9.82
N ASN C 49 -3.34 7.15 10.45
CA ASN C 49 -4.48 7.81 9.84
C ASN C 49 -4.14 9.27 9.52
N GLU C 50 -3.51 9.95 10.47
CA GLU C 50 -3.11 11.33 10.26
C GLU C 50 -2.06 11.41 9.16
N ALA C 51 -1.13 10.47 9.19
CA ALA C 51 -0.07 10.43 8.18
C ALA C 51 -0.67 10.15 6.80
N HIS C 52 -1.58 9.19 6.74
CA HIS C 52 -2.25 8.85 5.48
C HIS C 52 -3.02 10.05 4.94
N LEU C 53 -3.69 10.78 5.83
CA LEU C 53 -4.47 11.95 5.43
C LEU C 53 -3.56 12.98 4.76
N VAL C 54 -2.39 13.20 5.35
CA VAL C 54 -1.45 14.16 4.80
C VAL C 54 -0.99 13.67 3.43
N GLN C 55 -0.69 12.38 3.32
CA GLN C 55 -0.26 11.82 2.04
C GLN C 55 -1.38 11.99 1.00
N THR C 56 -2.62 11.74 1.41
CA THR C 56 -3.76 11.88 0.48
C THR C 56 -3.70 13.25 -0.19
N LYS C 57 -3.50 14.29 0.60
CA LYS C 57 -3.40 15.64 0.05
C LYS C 57 -2.20 15.73 -0.88
N LEU C 58 -1.11 15.09 -0.49
CA LEU C 58 0.10 15.11 -1.29
C LEU C 58 -0.08 14.35 -2.61
N ILE C 59 -1.09 13.47 -2.70
CA ILE C 59 -1.33 12.76 -3.95
C ILE C 59 -2.40 13.48 -4.79
N GLU C 60 -3.38 14.10 -4.14
CA GLU C 60 -4.43 14.83 -4.87
C GLU C 60 -3.85 16.03 -5.60
N GLY C 61 -2.89 16.71 -4.98
CA GLY C 61 -2.28 17.89 -5.57
C GLY C 61 -0.83 17.62 -5.97
N ASP C 62 -0.56 16.41 -6.41
CA ASP C 62 0.79 16.03 -6.80
C ASP C 62 1.22 16.75 -8.06
N ALA C 63 0.31 17.49 -8.68
CA ALA C 63 0.63 18.24 -9.90
C ALA C 63 1.30 19.56 -9.56
N GLY C 64 1.78 20.26 -10.59
CA GLY C 64 2.43 21.56 -10.39
C GLY C 64 3.77 21.63 -11.13
N GLU C 65 4.69 20.71 -10.81
CA GLU C 65 5.99 20.70 -11.45
C GLU C 65 5.87 20.38 -12.94
N GLY C 66 4.99 19.45 -13.27
CA GLY C 66 4.80 19.05 -14.66
C GLY C 66 3.45 18.36 -14.86
N LYS C 67 3.12 18.09 -16.11
CA LYS C 67 1.85 17.44 -16.43
C LYS C 67 1.83 16.00 -15.92
N MET C 68 2.44 15.10 -16.70
CA MET C 68 2.48 13.68 -16.36
C MET C 68 3.31 13.38 -15.12
N LYS C 69 4.45 14.07 -14.97
CA LYS C 69 5.34 13.83 -13.84
C LYS C 69 4.79 14.36 -12.52
N VAL C 70 5.20 13.71 -11.43
CA VAL C 70 4.76 14.07 -10.08
C VAL C 70 5.96 14.16 -9.13
N SER C 71 5.72 14.64 -7.91
CA SER C 71 6.80 14.75 -6.93
C SER C 71 7.42 13.38 -6.68
N LEU C 72 8.74 13.30 -6.77
CA LEU C 72 9.45 12.03 -6.61
C LEU C 72 9.31 11.48 -5.19
N VAL C 73 9.40 12.39 -4.22
CA VAL C 73 9.33 12.04 -2.80
C VAL C 73 8.00 11.37 -2.44
N LEU C 74 6.99 11.51 -3.28
CA LEU C 74 5.72 10.85 -3.01
C LEU C 74 5.91 9.37 -2.78
N VAL C 75 6.84 8.79 -3.54
CA VAL C 75 7.16 7.37 -3.45
C VAL C 75 7.75 7.09 -2.07
N HIS C 76 8.76 7.94 -1.56
CA HIS C 76 9.38 7.73 -0.26
C HIS C 76 8.31 7.71 0.84
N ALA C 77 7.38 8.65 0.77
CA ALA C 77 6.32 8.73 1.76
C ALA C 77 5.37 7.55 1.62
N GLN C 78 5.02 7.21 0.39
CA GLN C 78 4.10 6.11 0.14
C GLN C 78 4.74 4.78 0.58
N LEU C 79 5.99 4.58 0.19
CA LEU C 79 6.71 3.36 0.55
C LEU C 79 6.75 3.17 2.06
N HIS C 80 7.13 4.21 2.79
CA HIS C 80 7.20 4.12 4.24
C HIS C 80 5.81 3.94 4.85
N LEU C 81 4.87 4.73 4.38
CA LEU C 81 3.50 4.67 4.89
C LEU C 81 2.85 3.31 4.59
N MET C 82 3.01 2.84 3.37
CA MET C 82 2.42 1.55 2.98
C MET C 82 3.01 0.42 3.82
N THR C 83 4.32 0.45 3.99
CA THR C 83 5.00 -0.58 4.76
C THR C 83 4.54 -0.55 6.22
N SER C 84 4.53 0.64 6.80
CA SER C 84 4.12 0.80 8.20
C SER C 84 2.67 0.37 8.42
N MET C 85 1.76 0.84 7.56
CA MET C 85 0.35 0.48 7.70
C MET C 85 0.16 -1.04 7.61
N LEU C 86 0.80 -1.65 6.63
CA LEU C 86 0.70 -3.09 6.43
C LEU C 86 1.24 -3.83 7.65
N ALA C 87 2.42 -3.42 8.10
CA ALA C 87 3.05 -4.04 9.25
C ALA C 87 2.13 -3.96 10.47
N ARG C 88 1.61 -2.77 10.71
CA ARG C 88 0.74 -2.55 11.84
C ARG C 88 -0.50 -3.47 11.77
N GLU C 89 -1.11 -3.56 10.59
CA GLU C 89 -2.29 -4.42 10.44
C GLU C 89 -1.95 -5.88 10.74
N LEU C 90 -0.82 -6.35 10.20
CA LEU C 90 -0.40 -7.72 10.44
C LEU C 90 -0.07 -7.92 11.91
N ILE C 91 0.60 -6.95 12.49
CA ILE C 91 0.95 -7.02 13.90
C ILE C 91 -0.33 -7.12 14.73
N THR C 92 -1.36 -6.39 14.32
CA THR C 92 -2.64 -6.46 15.02
C THR C 92 -3.15 -7.89 14.99
N GLU C 93 -3.06 -8.53 13.83
CA GLU C 93 -3.50 -9.92 13.70
C GLU C 93 -2.66 -10.82 14.62
N LEU C 94 -1.36 -10.56 14.63
CA LEU C 94 -0.45 -11.34 15.47
C LEU C 94 -0.84 -11.20 16.94
N ILE C 95 -1.16 -9.98 17.35
CA ILE C 95 -1.57 -9.73 18.73
C ILE C 95 -2.86 -10.51 19.05
N GLU C 96 -3.80 -10.48 18.12
CA GLU C 96 -5.05 -11.21 18.31
C GLU C 96 -4.75 -12.70 18.53
N LEU C 97 -3.78 -13.21 17.77
CA LEU C 97 -3.39 -14.61 17.91
C LEU C 97 -2.85 -14.87 19.32
N HIS C 98 -2.05 -13.94 19.83
CA HIS C 98 -1.52 -14.09 21.18
C HIS C 98 -2.68 -14.22 22.16
N GLU C 99 -3.73 -13.44 21.92
CA GLU C 99 -4.90 -13.49 22.78
C GLU C 99 -5.57 -14.87 22.68
N LYS C 100 -5.65 -15.41 21.46
CA LYS C 100 -6.25 -16.72 21.29
C LYS C 100 -5.38 -17.78 21.95
N LEU C 101 -4.05 -17.58 21.91
CA LEU C 101 -3.12 -18.52 22.55
C LEU C 101 -3.37 -18.53 24.06
N LYS C 102 -4.36 -17.76 24.51
CA LYS C 102 -4.70 -17.67 25.93
C LYS C 102 -3.78 -16.68 26.63
N ALA C 103 -2.48 -16.99 26.61
CA ALA C 103 -1.45 -16.16 27.26
C ALA C 103 -1.80 -14.67 27.21
N LYS D 1 -19.97 26.95 -1.17
CA LYS D 1 -19.08 26.05 -1.96
C LYS D 1 -19.44 24.59 -1.78
N LYS D 2 -19.77 23.94 -2.87
CA LYS D 2 -20.15 22.54 -2.84
C LYS D 2 -18.93 21.62 -2.88
N HIS D 3 -19.02 20.49 -2.19
CA HIS D 3 -17.93 19.52 -2.13
C HIS D 3 -18.12 18.37 -3.08
N ILE D 4 -17.20 18.26 -4.03
CA ILE D 4 -17.22 17.18 -4.99
C ILE D 4 -16.07 16.24 -4.61
N TYR D 5 -16.39 15.03 -4.18
CA TYR D 5 -15.38 14.06 -3.78
C TYR D 5 -15.33 12.90 -4.76
N LEU D 6 -14.13 12.60 -5.26
CA LEU D 6 -13.90 11.48 -6.19
C LEU D 6 -13.25 10.35 -5.40
N PHE D 7 -13.57 9.09 -5.74
CA PHE D 7 -12.88 7.95 -5.11
C PHE D 7 -12.23 7.04 -6.14
N CYS D 8 -11.10 6.41 -5.70
CA CYS D 8 -10.35 5.40 -6.43
C CYS D 8 -9.56 4.54 -5.44
N SER D 9 -8.68 3.65 -5.84
CA SER D 9 -8.08 2.82 -4.77
C SER D 9 -7.19 3.65 -3.87
N ALA D 10 -6.19 4.40 -4.40
CA ALA D 10 -5.26 5.11 -3.53
C ALA D 10 -5.51 6.60 -3.63
N GLY D 11 -5.99 7.07 -4.77
CA GLY D 11 -6.29 8.48 -4.97
C GLY D 11 -5.24 9.17 -5.84
N MET D 12 -4.54 8.44 -6.70
CA MET D 12 -3.52 9.06 -7.53
C MET D 12 -3.99 9.29 -8.97
N SER D 13 -4.08 8.23 -9.72
CA SER D 13 -4.51 8.36 -11.12
C SER D 13 -5.71 9.30 -11.26
N THR D 14 -6.45 9.49 -10.18
CA THR D 14 -7.63 10.37 -10.30
C THR D 14 -7.22 11.77 -9.88
N SER D 15 -6.09 11.83 -9.22
CA SER D 15 -5.48 13.09 -8.76
C SER D 15 -5.20 14.03 -9.93
N LEU D 16 -4.82 13.46 -11.06
CA LEU D 16 -4.55 14.26 -12.24
C LEU D 16 -5.88 14.86 -12.76
N LEU D 17 -6.96 14.07 -12.72
CA LEU D 17 -8.28 14.55 -13.14
C LEU D 17 -8.75 15.68 -12.19
N VAL D 18 -8.54 15.48 -10.88
CA VAL D 18 -8.91 16.50 -9.89
C VAL D 18 -8.18 17.83 -10.15
N SER D 19 -6.89 17.79 -10.47
CA SER D 19 -6.17 19.03 -10.74
C SER D 19 -6.73 19.77 -11.98
N LYS D 20 -7.12 19.03 -13.02
CA LYS D 20 -7.71 19.66 -14.20
C LYS D 20 -9.12 20.20 -13.91
N MET D 21 -9.87 19.50 -13.07
CA MET D 21 -11.22 20.00 -12.73
C MET D 21 -11.08 21.31 -11.94
N ARG D 22 -10.13 21.39 -11.02
CA ARG D 22 -9.91 22.60 -10.21
C ARG D 22 -9.56 23.79 -11.12
N ALA D 23 -8.79 23.54 -12.18
CA ALA D 23 -8.39 24.59 -13.11
C ALA D 23 -9.63 25.14 -13.81
N GLN D 24 -10.50 24.24 -14.24
CA GLN D 24 -11.72 24.61 -14.91
C GLN D 24 -12.67 25.35 -14.00
N ALA D 25 -12.80 24.88 -12.77
CA ALA D 25 -13.69 25.53 -11.80
C ALA D 25 -13.24 26.96 -11.55
N GLU D 26 -11.93 27.20 -11.60
CA GLU D 26 -11.39 28.54 -11.36
C GLU D 26 -11.65 29.43 -12.57
N LYS D 27 -11.43 28.88 -13.76
CA LYS D 27 -11.63 29.59 -14.99
C LYS D 27 -13.07 30.10 -15.12
N TYR D 28 -14.05 29.29 -14.72
CA TYR D 28 -15.48 29.69 -14.80
C TYR D 28 -16.13 30.10 -13.49
N GLU D 29 -15.33 30.35 -12.46
CA GLU D 29 -15.81 30.78 -11.15
C GLU D 29 -16.89 29.89 -10.51
N VAL D 30 -16.76 28.58 -10.66
CA VAL D 30 -17.70 27.63 -10.08
C VAL D 30 -17.27 27.48 -8.62
N PRO D 31 -18.19 27.73 -7.67
CA PRO D 31 -17.91 27.64 -6.23
C PRO D 31 -17.93 26.21 -5.68
N VAL D 32 -16.88 25.46 -6.01
CA VAL D 32 -16.75 24.08 -5.57
C VAL D 32 -15.38 23.76 -5.01
N ILE D 33 -15.35 22.75 -4.14
CA ILE D 33 -14.13 22.22 -3.55
C ILE D 33 -14.09 20.77 -4.09
N ILE D 34 -12.98 20.40 -4.71
CA ILE D 34 -12.79 19.07 -5.32
C ILE D 34 -11.61 18.31 -4.66
N GLU D 35 -11.86 17.09 -4.18
CA GLU D 35 -10.83 16.27 -3.52
C GLU D 35 -10.93 14.82 -4.00
N ALA D 36 -9.78 14.14 -4.09
CA ALA D 36 -9.71 12.73 -4.50
C ALA D 36 -9.34 11.92 -3.25
N PHE D 37 -9.93 10.74 -3.09
CA PHE D 37 -9.64 9.87 -1.95
C PHE D 37 -9.66 8.44 -2.43
N PRO D 38 -9.08 7.53 -1.64
CA PRO D 38 -9.07 6.11 -2.02
C PRO D 38 -10.49 5.61 -1.70
N GLU D 39 -10.91 4.54 -2.35
CA GLU D 39 -12.24 3.96 -2.13
C GLU D 39 -12.51 3.54 -0.69
N THR D 40 -11.46 3.29 0.09
CA THR D 40 -11.63 2.88 1.48
C THR D 40 -12.26 3.95 2.37
N LEU D 41 -12.19 5.21 1.94
CA LEU D 41 -12.77 6.32 2.70
C LEU D 41 -14.15 6.77 2.20
N ALA D 42 -14.74 6.07 1.21
CA ALA D 42 -16.05 6.45 0.63
C ALA D 42 -17.14 6.64 1.68
N GLY D 43 -17.12 5.80 2.71
CA GLY D 43 -18.13 5.91 3.75
C GLY D 43 -17.81 6.98 4.77
N GLU D 44 -16.53 7.16 5.08
CA GLU D 44 -16.15 8.15 6.07
C GLU D 44 -16.16 9.59 5.49
N LYS D 45 -15.52 9.77 4.34
CA LYS D 45 -15.46 11.08 3.70
C LYS D 45 -16.73 11.45 2.92
N GLY D 46 -17.38 10.46 2.32
CA GLY D 46 -18.60 10.70 1.55
C GLY D 46 -19.69 11.43 2.29
N GLN D 47 -19.77 11.23 3.60
CA GLN D 47 -20.79 11.89 4.43
C GLN D 47 -20.74 13.42 4.34
N ASN D 48 -19.59 13.97 3.95
CA ASN D 48 -19.43 15.41 3.87
C ASN D 48 -19.45 15.95 2.45
N ALA D 49 -19.66 15.08 1.48
CA ALA D 49 -19.67 15.54 0.10
C ALA D 49 -21.06 15.97 -0.30
N ASP D 50 -21.11 16.82 -1.31
CA ASP D 50 -22.38 17.25 -1.83
C ASP D 50 -22.73 16.32 -2.99
N VAL D 51 -21.69 15.73 -3.60
CA VAL D 51 -21.88 14.75 -4.67
C VAL D 51 -20.68 13.78 -4.61
N VAL D 52 -20.98 12.49 -4.70
CA VAL D 52 -19.97 11.44 -4.66
C VAL D 52 -19.78 10.85 -6.06
N LEU D 53 -18.55 10.92 -6.57
CA LEU D 53 -18.24 10.38 -7.88
C LEU D 53 -17.30 9.18 -7.73
N LEU D 54 -17.60 8.08 -8.42
CA LEU D 54 -16.75 6.88 -8.36
C LEU D 54 -15.96 6.73 -9.63
N GLY D 55 -14.69 6.35 -9.51
CA GLY D 55 -13.84 6.18 -10.68
C GLY D 55 -14.39 5.02 -11.49
N PRO D 56 -14.13 4.94 -12.76
CA PRO D 56 -14.66 3.84 -13.62
C PRO D 56 -14.24 2.42 -13.18
N GLN D 57 -13.07 2.31 -12.54
CA GLN D 57 -12.57 1.02 -12.08
C GLN D 57 -13.39 0.49 -10.90
N ILE D 58 -14.04 1.38 -10.15
CA ILE D 58 -14.82 0.94 -9.01
C ILE D 58 -16.34 1.02 -9.23
N ALA D 59 -16.75 0.99 -10.49
CA ALA D 59 -18.17 1.04 -10.83
C ALA D 59 -18.94 -0.11 -10.19
N TYR D 60 -18.34 -1.30 -10.13
CA TYR D 60 -19.04 -2.44 -9.55
C TYR D 60 -19.46 -2.21 -8.09
N MET D 61 -18.84 -1.23 -7.44
CA MET D 61 -19.15 -0.89 -6.05
C MET D 61 -20.33 0.08 -5.87
N LEU D 62 -20.89 0.58 -6.97
CA LEU D 62 -21.99 1.54 -6.90
C LEU D 62 -23.13 1.19 -5.93
N PRO D 63 -23.73 -0.02 -6.05
CA PRO D 63 -24.82 -0.37 -5.12
C PRO D 63 -24.43 -0.30 -3.65
N GLU D 64 -23.22 -0.72 -3.30
CA GLU D 64 -22.77 -0.68 -1.91
C GLU D 64 -22.60 0.74 -1.42
N ILE D 65 -22.02 1.59 -2.25
CA ILE D 65 -21.83 2.99 -1.85
C ILE D 65 -23.16 3.74 -1.71
N GLN D 66 -24.12 3.42 -2.59
CA GLN D 66 -25.46 4.00 -2.52
C GLN D 66 -26.13 3.64 -1.18
N ARG D 67 -26.00 2.39 -0.73
CA ARG D 67 -26.60 1.98 0.55
C ARG D 67 -25.89 2.63 1.74
N LEU D 68 -24.60 2.88 1.59
CA LEU D 68 -23.77 3.49 2.64
C LEU D 68 -24.11 4.97 2.82
N LEU D 69 -24.39 5.65 1.70
CA LEU D 69 -24.73 7.09 1.68
C LEU D 69 -26.11 7.27 1.01
N PRO D 70 -27.20 6.87 1.69
CA PRO D 70 -28.55 6.99 1.13
C PRO D 70 -29.03 8.44 0.93
N ASN D 71 -28.35 9.38 1.56
CA ASN D 71 -28.75 10.79 1.44
C ASN D 71 -27.82 11.63 0.57
N LYS D 72 -27.08 10.99 -0.33
CA LYS D 72 -26.14 11.69 -1.21
C LYS D 72 -26.26 11.20 -2.63
N PRO D 73 -26.13 12.10 -3.63
CA PRO D 73 -26.21 11.62 -5.02
C PRO D 73 -24.85 10.97 -5.27
N VAL D 74 -24.87 9.73 -5.75
CA VAL D 74 -23.64 8.96 -6.02
C VAL D 74 -23.64 8.48 -7.46
N GLU D 75 -22.58 8.72 -8.19
CA GLU D 75 -22.53 8.22 -9.55
C GLU D 75 -21.13 7.95 -10.07
N VAL D 76 -21.06 7.12 -11.10
CA VAL D 76 -19.80 6.72 -11.71
C VAL D 76 -19.40 7.72 -12.78
N ILE D 77 -18.11 8.03 -12.84
CA ILE D 77 -17.58 8.96 -13.83
C ILE D 77 -17.54 8.27 -15.17
N ASP D 78 -17.96 8.97 -16.21
CA ASP D 78 -17.94 8.40 -17.55
C ASP D 78 -16.51 7.95 -17.89
N SER D 79 -16.33 6.69 -18.28
CA SER D 79 -14.99 6.17 -18.58
C SER D 79 -14.18 6.90 -19.65
N LEU D 80 -14.87 7.44 -20.65
CA LEU D 80 -14.19 8.17 -21.73
C LEU D 80 -13.73 9.53 -21.23
N LEU D 81 -14.58 10.18 -20.45
CA LEU D 81 -14.26 11.49 -19.90
C LEU D 81 -13.10 11.33 -18.94
N TYR D 82 -13.10 10.21 -18.22
CA TYR D 82 -12.04 9.90 -17.25
C TYR D 82 -10.71 9.58 -17.95
N GLY D 83 -10.75 8.68 -18.92
CA GLY D 83 -9.54 8.32 -19.64
C GLY D 83 -8.87 9.50 -20.31
N LYS D 84 -9.68 10.37 -20.87
CA LYS D 84 -9.22 11.56 -21.59
C LYS D 84 -8.79 12.70 -20.65
N VAL D 85 -9.07 12.52 -19.35
CA VAL D 85 -8.77 13.52 -18.31
C VAL D 85 -9.47 14.86 -18.61
N ASP D 86 -10.76 14.77 -18.94
CA ASP D 86 -11.57 15.95 -19.28
C ASP D 86 -12.09 16.63 -18.03
N GLY D 87 -11.29 17.56 -17.51
CA GLY D 87 -11.64 18.31 -16.31
C GLY D 87 -12.94 19.07 -16.45
N LEU D 88 -13.16 19.73 -17.60
CA LEU D 88 -14.39 20.49 -17.80
C LEU D 88 -15.63 19.58 -17.87
N GLY D 89 -15.50 18.50 -18.64
CA GLY D 89 -16.59 17.56 -18.81
C GLY D 89 -17.07 16.91 -17.53
N VAL D 90 -16.12 16.49 -16.69
CA VAL D 90 -16.48 15.84 -15.42
C VAL D 90 -17.04 16.88 -14.45
N LEU D 91 -16.47 18.08 -14.49
CA LEU D 91 -16.97 19.15 -13.63
C LEU D 91 -18.46 19.39 -14.00
N LYS D 92 -18.76 19.42 -15.30
CA LYS D 92 -20.15 19.61 -15.75
C LYS D 92 -21.09 18.52 -15.24
N ALA D 93 -20.64 17.27 -15.30
CA ALA D 93 -21.47 16.14 -14.85
C ALA D 93 -21.76 16.21 -13.35
N ALA D 94 -20.78 16.72 -12.60
CA ALA D 94 -20.90 16.82 -11.15
C ALA D 94 -21.90 17.90 -10.75
N VAL D 95 -21.80 19.06 -11.40
CA VAL D 95 -22.72 20.17 -11.13
C VAL D 95 -24.13 19.69 -11.49
N ALA D 96 -24.25 18.98 -12.61
CA ALA D 96 -25.54 18.45 -13.04
C ALA D 96 -26.13 17.51 -11.99
N ALA D 97 -25.33 16.57 -11.49
CA ALA D 97 -25.85 15.64 -10.49
C ALA D 97 -26.36 16.40 -9.26
N ILE D 98 -25.70 17.51 -8.93
CA ILE D 98 -26.12 18.32 -7.78
C ILE D 98 -27.46 19.01 -8.03
N LYS D 99 -27.63 19.58 -9.24
CA LYS D 99 -28.87 20.26 -9.62
C LYS D 99 -30.01 19.26 -9.71
N LYS D 100 -29.80 18.19 -10.45
CA LYS D 100 -30.83 17.18 -10.59
C LYS D 100 -31.20 16.60 -9.22
N ALA D 101 -30.34 16.79 -8.23
CA ALA D 101 -30.58 16.28 -6.88
C ALA D 101 -31.37 17.24 -6.00
N ALA D 102 -31.14 18.54 -6.18
CA ALA D 102 -31.83 19.57 -5.43
C ALA D 102 -33.22 19.88 -6.02
N ALA D 103 -33.60 19.13 -7.06
CA ALA D 103 -34.88 19.29 -7.72
C ALA D 103 -35.05 18.26 -8.85
P PO3 E . -4.87 5.41 -7.19
O1 PO3 E . -4.80 5.99 -8.59
O2 PO3 E . -4.27 6.17 -6.02
O3 PO3 E . -5.35 3.99 -6.99
N ALA A 1 0.74 7.29 -18.60
CA ALA A 1 0.24 7.59 -19.96
C ALA A 1 -1.09 6.86 -20.17
N GLU A 2 -1.77 7.18 -21.26
CA GLU A 2 -3.08 6.58 -21.60
C GLU A 2 -3.28 5.20 -20.95
N GLU A 3 -2.80 4.17 -21.63
CA GLU A 3 -2.95 2.80 -21.13
C GLU A 3 -2.16 2.60 -19.84
N LEU A 4 -0.84 2.78 -19.91
CA LEU A 4 0.01 2.60 -18.74
C LEU A 4 -0.63 3.20 -17.48
N GLU A 5 -1.21 4.38 -17.61
CA GLU A 5 -1.84 5.05 -16.47
C GLU A 5 -3.12 4.34 -16.08
N GLU A 6 -3.94 4.01 -17.07
CA GLU A 6 -5.19 3.30 -16.82
C GLU A 6 -4.88 1.88 -16.34
N VAL A 7 -3.80 1.31 -16.88
CA VAL A 7 -3.37 -0.03 -16.50
C VAL A 7 -2.93 -0.05 -15.03
N VAL A 8 -2.20 0.99 -14.63
CA VAL A 8 -1.73 1.10 -13.25
C VAL A 8 -2.95 1.16 -12.33
N MET A 9 -3.95 1.96 -12.70
CA MET A 9 -5.17 2.06 -11.90
C MET A 9 -5.77 0.67 -11.73
N GLY A 10 -5.81 -0.09 -12.82
CA GLY A 10 -6.34 -1.45 -12.77
C GLY A 10 -5.49 -2.31 -11.83
N LEU A 11 -4.17 -2.17 -11.95
CA LEU A 11 -3.26 -2.93 -11.10
C LEU A 11 -3.45 -2.56 -9.64
N ILE A 12 -3.57 -1.27 -9.37
CA ILE A 12 -3.76 -0.80 -8.00
C ILE A 12 -5.06 -1.36 -7.46
N ILE A 13 -6.11 -1.29 -8.26
CA ILE A 13 -7.40 -1.82 -7.85
C ILE A 13 -7.30 -3.33 -7.65
N ASN A 14 -6.65 -4.01 -8.60
CA ASN A 14 -6.47 -5.45 -8.53
C ASN A 14 -5.71 -5.82 -7.26
N SER A 15 -4.61 -5.11 -7.03
CA SER A 15 -3.81 -5.35 -5.83
C SER A 15 -4.65 -5.14 -4.57
N GLY A 16 -5.44 -4.06 -4.60
CA GLY A 16 -6.32 -3.75 -3.47
C GLY A 16 -7.35 -4.86 -3.26
N GLN A 17 -7.95 -5.32 -4.36
CA GLN A 17 -8.94 -6.40 -4.27
C GLN A 17 -8.27 -7.65 -3.72
N ALA A 18 -7.05 -7.92 -4.18
CA ALA A 18 -6.31 -9.09 -3.72
C ALA A 18 -6.15 -9.04 -2.21
N ARG A 19 -5.70 -7.91 -1.69
CA ARG A 19 -5.55 -7.77 -0.25
C ARG A 19 -6.90 -7.95 0.43
N SER A 20 -7.91 -7.28 -0.11
CA SER A 20 -9.25 -7.36 0.44
C SER A 20 -9.68 -8.83 0.57
N LEU A 21 -9.47 -9.59 -0.49
CA LEU A 21 -9.81 -11.01 -0.48
C LEU A 21 -8.97 -11.74 0.58
N ALA A 22 -7.69 -11.40 0.63
CA ALA A 22 -6.79 -12.03 1.60
C ALA A 22 -7.30 -11.80 3.03
N TYR A 23 -7.59 -10.55 3.38
CA TYR A 23 -8.10 -10.25 4.72
C TYR A 23 -9.41 -11.00 4.93
N ALA A 24 -10.25 -11.03 3.90
CA ALA A 24 -11.51 -11.73 3.99
C ALA A 24 -11.24 -13.22 4.25
N ALA A 25 -10.23 -13.75 3.56
CA ALA A 25 -9.84 -15.14 3.75
C ALA A 25 -9.48 -15.38 5.21
N LEU A 26 -8.72 -14.46 5.78
CA LEU A 26 -8.32 -14.57 7.18
C LEU A 26 -9.56 -14.55 8.07
N LYS A 27 -10.48 -13.64 7.77
CA LYS A 27 -11.71 -13.53 8.54
C LYS A 27 -12.45 -14.87 8.56
N GLN A 28 -12.48 -15.54 7.41
CA GLN A 28 -13.15 -16.84 7.31
C GLN A 28 -12.48 -17.81 8.28
N ALA A 29 -11.15 -17.75 8.35
CA ALA A 29 -10.39 -18.62 9.24
C ALA A 29 -10.80 -18.38 10.69
N LYS A 30 -10.95 -17.12 11.05
CA LYS A 30 -11.36 -16.77 12.41
C LYS A 30 -12.72 -17.37 12.73
N GLN A 31 -13.58 -17.50 11.72
CA GLN A 31 -14.89 -18.08 11.93
C GLN A 31 -14.80 -19.60 11.96
N GLY A 32 -13.60 -20.12 11.77
CA GLY A 32 -13.37 -21.56 11.81
C GLY A 32 -13.71 -22.21 10.47
N ASP A 33 -13.83 -21.40 9.43
CA ASP A 33 -14.15 -21.90 8.09
C ASP A 33 -12.88 -22.06 7.26
N PHE A 34 -12.18 -23.18 7.47
CA PHE A 34 -10.93 -23.42 6.73
C PHE A 34 -11.18 -23.60 5.24
N ALA A 35 -12.31 -24.21 4.89
CA ALA A 35 -12.63 -24.46 3.49
C ALA A 35 -12.77 -23.14 2.72
N ALA A 36 -13.56 -22.23 3.26
CA ALA A 36 -13.76 -20.95 2.60
C ALA A 36 -12.46 -20.14 2.60
N ALA A 37 -11.70 -20.23 3.68
CA ALA A 37 -10.43 -19.52 3.75
C ALA A 37 -9.52 -19.99 2.60
N LYS A 38 -9.36 -21.30 2.49
CA LYS A 38 -8.53 -21.90 1.45
C LYS A 38 -8.96 -21.42 0.06
N ALA A 39 -10.26 -21.45 -0.21
CA ALA A 39 -10.77 -21.03 -1.51
C ALA A 39 -10.47 -19.57 -1.79
N MET A 40 -10.61 -18.74 -0.76
CA MET A 40 -10.36 -17.30 -0.90
C MET A 40 -8.88 -17.03 -1.18
N MET A 41 -7.98 -17.76 -0.50
CA MET A 41 -6.55 -17.56 -0.72
C MET A 41 -6.19 -17.92 -2.15
N ASP A 42 -6.77 -19.01 -2.65
CA ASP A 42 -6.47 -19.48 -3.99
C ASP A 42 -6.83 -18.42 -5.02
N GLN A 43 -8.03 -17.87 -4.88
CA GLN A 43 -8.48 -16.82 -5.80
C GLN A 43 -7.61 -15.59 -5.67
N SER A 44 -7.25 -15.24 -4.44
CA SER A 44 -6.40 -14.08 -4.20
C SER A 44 -5.06 -14.28 -4.91
N ARG A 45 -4.49 -15.47 -4.78
CA ARG A 45 -3.22 -15.82 -5.43
C ARG A 45 -3.32 -15.66 -6.95
N MET A 46 -4.40 -16.18 -7.51
CA MET A 46 -4.63 -16.11 -8.95
C MET A 46 -4.72 -14.65 -9.40
N ALA A 47 -5.41 -13.83 -8.62
CA ALA A 47 -5.56 -12.41 -8.94
C ALA A 47 -4.19 -11.74 -9.00
N LEU A 48 -3.35 -12.05 -8.02
CA LEU A 48 -2.00 -11.49 -7.95
C LEU A 48 -1.15 -11.98 -9.12
N ASN A 49 -1.29 -13.26 -9.41
CA ASN A 49 -0.51 -13.87 -10.48
C ASN A 49 -0.77 -13.15 -11.80
N GLU A 50 -2.04 -12.89 -12.07
CA GLU A 50 -2.41 -12.17 -13.29
C GLU A 50 -1.86 -10.75 -13.23
N ALA A 51 -1.97 -10.13 -12.05
CA ALA A 51 -1.47 -8.77 -11.87
C ALA A 51 0.06 -8.75 -12.05
N HIS A 52 0.73 -9.71 -11.44
CA HIS A 52 2.19 -9.81 -11.54
C HIS A 52 2.61 -10.01 -13.00
N LEU A 53 1.86 -10.83 -13.72
CA LEU A 53 2.16 -11.11 -15.12
C LEU A 53 2.11 -9.82 -15.93
N VAL A 54 1.08 -9.02 -15.68
CA VAL A 54 0.94 -7.75 -16.38
C VAL A 54 2.11 -6.84 -16.04
N GLN A 55 2.46 -6.79 -14.76
CA GLN A 55 3.59 -5.96 -14.34
C GLN A 55 4.88 -6.45 -15.01
N THR A 56 5.08 -7.76 -15.08
CA THR A 56 6.28 -8.32 -15.72
C THR A 56 6.46 -7.71 -17.11
N LYS A 57 5.37 -7.66 -17.88
CA LYS A 57 5.43 -7.06 -19.22
C LYS A 57 5.76 -5.59 -19.10
N LEU A 58 5.18 -4.94 -18.10
CA LEU A 58 5.43 -3.52 -17.90
C LEU A 58 6.87 -3.24 -17.48
N ILE A 59 7.58 -4.25 -16.98
CA ILE A 59 8.99 -4.06 -16.60
C ILE A 59 9.93 -4.47 -17.76
N GLU A 60 9.55 -5.49 -18.53
CA GLU A 60 10.37 -5.95 -19.66
C GLU A 60 10.46 -4.88 -20.74
N GLY A 61 9.34 -4.20 -21.01
CA GLY A 61 9.31 -3.17 -22.03
C GLY A 61 9.20 -1.78 -21.42
N ASP A 62 9.80 -1.60 -20.24
CA ASP A 62 9.75 -0.32 -19.54
C ASP A 62 10.49 0.78 -20.32
N ALA A 63 11.17 0.39 -21.40
CA ALA A 63 11.90 1.36 -22.21
C ALA A 63 10.97 2.06 -23.19
N GLY A 64 11.49 3.07 -23.89
CA GLY A 64 10.68 3.81 -24.86
C GLY A 64 10.81 5.32 -24.66
N GLU A 65 10.45 5.80 -23.47
CA GLU A 65 10.53 7.23 -23.19
C GLU A 65 11.97 7.72 -23.18
N GLY A 66 12.86 6.90 -22.64
CA GLY A 66 14.28 7.27 -22.58
C GLY A 66 15.15 6.04 -22.36
N LYS A 67 16.47 6.25 -22.44
CA LYS A 67 17.41 5.15 -22.27
C LYS A 67 17.39 4.63 -20.82
N MET A 68 18.11 5.32 -19.94
CA MET A 68 18.20 4.93 -18.54
C MET A 68 16.88 5.05 -17.79
N LYS A 69 16.13 6.12 -18.08
CA LYS A 69 14.87 6.35 -17.37
C LYS A 69 13.76 5.39 -17.80
N VAL A 70 12.84 5.14 -16.87
CA VAL A 70 11.71 4.23 -17.10
C VAL A 70 10.41 4.88 -16.65
N SER A 71 9.28 4.23 -16.95
CA SER A 71 7.98 4.77 -16.55
C SER A 71 7.94 4.91 -15.03
N LEU A 72 7.54 6.10 -14.57
CA LEU A 72 7.48 6.40 -13.14
C LEU A 72 6.43 5.55 -12.41
N VAL A 73 5.30 5.39 -13.07
CA VAL A 73 4.18 4.62 -12.52
C VAL A 73 4.55 3.16 -12.22
N LEU A 74 5.63 2.69 -12.79
CA LEU A 74 6.07 1.32 -12.52
C LEU A 74 6.21 1.09 -11.02
N VAL A 75 6.57 2.17 -10.31
CA VAL A 75 6.77 2.11 -8.87
C VAL A 75 5.41 1.95 -8.19
N HIS A 76 4.14 2.92 -8.60
CA HIS A 76 2.78 2.85 -8.04
C HIS A 76 2.24 1.43 -8.15
N ALA A 77 2.62 0.74 -9.23
CA ALA A 77 2.18 -0.63 -9.44
C ALA A 77 3.03 -1.60 -8.64
N GLN A 78 4.36 -1.48 -8.73
CA GLN A 78 5.24 -2.40 -8.03
C GLN A 78 5.01 -2.31 -6.52
N LEU A 79 4.96 -1.09 -6.01
CA LEU A 79 4.72 -0.86 -4.59
C LEU A 79 3.44 -1.54 -4.13
N HIS A 80 2.35 -1.32 -4.85
CA HIS A 80 1.08 -1.91 -4.47
C HIS A 80 1.12 -3.44 -4.62
N LEU A 81 1.65 -3.90 -5.74
CA LEU A 81 1.74 -5.34 -5.99
C LEU A 81 2.64 -6.04 -4.98
N MET A 82 3.80 -5.45 -4.70
CA MET A 82 4.74 -6.05 -3.75
C MET A 82 4.11 -6.14 -2.37
N THR A 83 3.46 -5.05 -1.96
CA THR A 83 2.81 -5.00 -0.65
C THR A 83 1.69 -6.04 -0.56
N SER A 84 0.84 -6.07 -1.58
CA SER A 84 -0.29 -7.01 -1.61
C SER A 84 0.20 -8.46 -1.60
N MET A 85 1.16 -8.78 -2.45
CA MET A 85 1.69 -10.14 -2.51
C MET A 85 2.26 -10.57 -1.18
N LEU A 86 3.07 -9.70 -0.59
CA LEU A 86 3.68 -10.00 0.70
C LEU A 86 2.61 -10.19 1.78
N ALA A 87 1.64 -9.28 1.79
CA ALA A 87 0.56 -9.36 2.76
C ALA A 87 -0.15 -10.70 2.67
N ARG A 88 -0.49 -11.10 1.47
CA ARG A 88 -1.18 -12.37 1.27
C ARG A 88 -0.35 -13.55 1.78
N GLU A 89 0.93 -13.57 1.45
CA GLU A 89 1.77 -14.67 1.88
C GLU A 89 1.79 -14.78 3.39
N LEU A 90 1.95 -13.65 4.06
CA LEU A 90 1.96 -13.64 5.51
C LEU A 90 0.58 -14.03 6.05
N ILE A 91 -0.46 -13.51 5.42
CA ILE A 91 -1.82 -13.85 5.84
C ILE A 91 -2.03 -15.35 5.69
N THR A 92 -1.50 -15.92 4.61
CA THR A 92 -1.60 -17.37 4.40
C THR A 92 -0.98 -18.10 5.59
N GLU A 93 0.20 -17.64 6.01
CA GLU A 93 0.88 -18.23 7.16
C GLU A 93 0.02 -18.08 8.40
N LEU A 94 -0.57 -16.89 8.56
CA LEU A 94 -1.43 -16.62 9.72
C LEU A 94 -2.62 -17.59 9.71
N ILE A 95 -3.20 -17.80 8.55
CA ILE A 95 -4.34 -18.73 8.44
C ILE A 95 -3.90 -20.14 8.83
N GLU A 96 -2.72 -20.56 8.36
CA GLU A 96 -2.22 -21.88 8.71
C GLU A 96 -2.08 -22.00 10.22
N LEU A 97 -1.64 -20.91 10.87
CA LEU A 97 -1.51 -20.92 12.32
C LEU A 97 -2.88 -21.12 12.98
N HIS A 98 -3.89 -20.46 12.44
CA HIS A 98 -5.25 -20.62 12.98
C HIS A 98 -5.63 -22.08 12.92
N GLU A 99 -5.25 -22.75 11.84
CA GLU A 99 -5.55 -24.17 11.68
C GLU A 99 -4.81 -24.98 12.74
N LYS A 100 -3.56 -24.62 13.01
CA LYS A 100 -2.79 -25.32 14.02
C LYS A 100 -3.39 -25.06 15.41
N LEU A 101 -3.92 -23.84 15.61
CA LEU A 101 -4.56 -23.49 16.88
C LEU A 101 -5.80 -24.37 17.09
N LYS A 102 -6.02 -25.30 16.15
CA LYS A 102 -7.18 -26.20 16.21
C LYS A 102 -8.43 -25.52 15.71
N ALA A 103 -8.82 -24.42 16.39
CA ALA A 103 -10.03 -23.67 16.04
C ALA A 103 -10.30 -23.65 14.53
N ALA B 1 22.66 3.11 -13.51
CA ALA B 1 23.97 3.34 -14.19
C ALA B 1 24.86 2.13 -13.94
N GLU B 2 26.00 2.08 -14.64
CA GLU B 2 26.95 0.97 -14.53
C GLU B 2 26.86 0.24 -13.18
N GLU B 3 27.57 0.74 -12.19
CA GLU B 3 27.58 0.13 -10.87
C GLU B 3 26.22 0.21 -10.20
N LEU B 4 25.72 1.44 -10.02
CA LEU B 4 24.42 1.61 -9.38
C LEU B 4 23.38 0.61 -9.91
N GLU B 5 23.37 0.41 -11.22
CA GLU B 5 22.42 -0.52 -11.83
C GLU B 5 22.76 -1.95 -11.47
N GLU B 6 24.03 -2.30 -11.57
CA GLU B 6 24.50 -3.63 -11.23
C GLU B 6 24.38 -3.85 -9.73
N VAL B 7 24.60 -2.79 -8.97
CA VAL B 7 24.51 -2.85 -7.52
C VAL B 7 23.05 -3.11 -7.10
N VAL B 8 22.12 -2.44 -7.77
CA VAL B 8 20.69 -2.63 -7.49
C VAL B 8 20.33 -4.08 -7.74
N MET B 9 20.80 -4.63 -8.86
CA MET B 9 20.52 -6.03 -9.18
C MET B 9 21.01 -6.91 -8.03
N GLY B 10 22.21 -6.62 -7.53
CA GLY B 10 22.75 -7.37 -6.41
C GLY B 10 21.86 -7.21 -5.19
N LEU B 11 21.44 -5.98 -4.93
CA LEU B 11 20.56 -5.70 -3.79
C LEU B 11 19.24 -6.44 -3.93
N ILE B 12 18.67 -6.41 -5.13
CA ILE B 12 17.40 -7.09 -5.38
C ILE B 12 17.57 -8.58 -5.14
N ILE B 13 18.66 -9.12 -5.68
CA ILE B 13 18.94 -10.54 -5.50
C ILE B 13 19.17 -10.83 -4.02
N ASN B 14 19.95 -9.98 -3.36
CA ASN B 14 20.24 -10.16 -1.94
C ASN B 14 18.94 -10.10 -1.13
N SER B 15 18.11 -9.11 -1.42
CA SER B 15 16.83 -8.99 -0.74
C SER B 15 15.98 -10.23 -0.97
N GLY B 16 15.99 -10.71 -2.22
CA GLY B 16 15.23 -11.91 -2.57
C GLY B 16 15.76 -13.12 -1.81
N GLN B 17 17.08 -13.25 -1.75
CA GLN B 17 17.68 -14.37 -1.03
C GLN B 17 17.31 -14.28 0.45
N ALA B 18 17.35 -13.06 0.98
CA ALA B 18 17.00 -12.84 2.37
C ALA B 18 15.60 -13.36 2.66
N ARG B 19 14.64 -12.97 1.84
CA ARG B 19 13.27 -13.44 2.02
C ARG B 19 13.24 -14.96 1.90
N SER B 20 13.90 -15.47 0.86
CA SER B 20 13.94 -16.91 0.64
C SER B 20 14.41 -17.63 1.89
N LEU B 21 15.50 -17.13 2.48
CA LEU B 21 16.04 -17.73 3.71
C LEU B 21 15.01 -17.60 4.83
N ALA B 22 14.37 -16.44 4.93
CA ALA B 22 13.37 -16.20 5.97
C ALA B 22 12.24 -17.23 5.85
N TYR B 23 11.67 -17.38 4.65
CA TYR B 23 10.60 -18.36 4.46
C TYR B 23 11.12 -19.75 4.79
N ALA B 24 12.36 -20.04 4.38
CA ALA B 24 12.95 -21.33 4.67
C ALA B 24 13.06 -21.49 6.19
N ALA B 25 13.43 -20.41 6.87
CA ALA B 25 13.53 -20.43 8.33
C ALA B 25 12.18 -20.80 8.92
N LEU B 26 11.12 -20.21 8.39
CA LEU B 26 9.78 -20.50 8.86
C LEU B 26 9.45 -21.97 8.62
N LYS B 27 9.80 -22.46 7.44
CA LYS B 27 9.55 -23.86 7.11
C LYS B 27 10.21 -24.78 8.14
N GLN B 28 11.43 -24.43 8.54
CA GLN B 28 12.13 -25.23 9.56
C GLN B 28 11.31 -25.26 10.84
N ALA B 29 10.74 -24.11 11.19
CA ALA B 29 9.91 -24.02 12.40
C ALA B 29 8.73 -24.97 12.31
N LYS B 30 8.09 -25.01 11.14
CA LYS B 30 6.95 -25.90 10.94
C LYS B 30 7.36 -27.35 11.16
N GLN B 31 8.62 -27.67 10.83
CA GLN B 31 9.10 -29.04 11.01
C GLN B 31 9.46 -29.28 12.48
N GLY B 32 9.32 -28.24 13.29
CA GLY B 32 9.63 -28.35 14.72
C GLY B 32 11.13 -28.18 14.99
N ASP B 33 11.86 -27.66 14.00
CA ASP B 33 13.29 -27.46 14.14
C ASP B 33 13.60 -26.02 14.53
N PHE B 34 13.47 -25.71 15.81
CA PHE B 34 13.73 -24.34 16.29
C PHE B 34 15.18 -23.94 16.10
N ALA B 35 16.09 -24.90 16.27
CA ALA B 35 17.52 -24.60 16.15
C ALA B 35 17.86 -24.12 14.74
N ALA B 36 17.43 -24.87 13.74
CA ALA B 36 17.71 -24.50 12.36
C ALA B 36 16.98 -23.20 12.01
N ALA B 37 15.77 -23.03 12.51
CA ALA B 37 15.03 -21.80 12.24
C ALA B 37 15.82 -20.61 12.74
N LYS B 38 16.23 -20.68 14.02
CA LYS B 38 17.01 -19.60 14.63
C LYS B 38 18.27 -19.27 13.81
N ALA B 39 18.99 -20.29 13.40
CA ALA B 39 20.21 -20.10 12.61
C ALA B 39 19.91 -19.41 11.28
N MET B 40 18.83 -19.82 10.64
CA MET B 40 18.44 -19.26 9.36
C MET B 40 18.05 -17.78 9.51
N MET B 41 17.32 -17.45 10.57
CA MET B 41 16.92 -16.06 10.78
C MET B 41 18.15 -15.17 10.97
N ASP B 42 19.12 -15.68 11.73
CA ASP B 42 20.33 -14.93 12.01
C ASP B 42 21.06 -14.57 10.73
N GLN B 43 21.21 -15.58 9.86
CA GLN B 43 21.88 -15.36 8.59
C GLN B 43 21.08 -14.40 7.72
N SER B 44 19.76 -14.54 7.73
CA SER B 44 18.91 -13.65 6.95
C SER B 44 19.13 -12.20 7.41
N ARG B 45 19.14 -12.00 8.73
CA ARG B 45 19.35 -10.68 9.30
C ARG B 45 20.69 -10.09 8.83
N MET B 46 21.74 -10.90 8.89
CA MET B 46 23.07 -10.45 8.49
C MET B 46 23.05 -10.04 7.02
N ALA B 47 22.37 -10.84 6.20
CA ALA B 47 22.27 -10.53 4.77
C ALA B 47 21.58 -9.19 4.56
N LEU B 48 20.50 -8.97 5.31
CA LEU B 48 19.75 -7.72 5.21
C LEU B 48 20.59 -6.55 5.72
N ASN B 49 21.30 -6.78 6.81
CA ASN B 49 22.13 -5.75 7.40
C ASN B 49 23.18 -5.26 6.40
N GLU B 50 23.83 -6.19 5.73
CA GLU B 50 24.82 -5.83 4.72
C GLU B 50 24.17 -5.10 3.57
N ALA B 51 23.00 -5.58 3.17
CA ALA B 51 22.25 -4.96 2.08
C ALA B 51 21.83 -3.54 2.48
N HIS B 52 21.32 -3.41 3.70
CA HIS B 52 20.88 -2.11 4.21
C HIS B 52 22.06 -1.13 4.27
N LEU B 53 23.22 -1.64 4.69
CA LEU B 53 24.42 -0.80 4.79
C LEU B 53 24.77 -0.23 3.41
N VAL B 54 24.71 -1.09 2.40
CA VAL B 54 25.03 -0.66 1.04
C VAL B 54 24.01 0.40 0.61
N GLN B 55 22.73 0.16 0.90
CA GLN B 55 21.70 1.13 0.53
C GLN B 55 21.96 2.45 1.25
N THR B 56 22.32 2.39 2.54
CA THR B 56 22.60 3.61 3.30
C THR B 56 23.57 4.50 2.53
N LYS B 57 24.65 3.90 2.04
CA LYS B 57 25.62 4.66 1.25
C LYS B 57 24.97 5.20 -0.01
N LEU B 58 24.12 4.39 -0.61
CA LEU B 58 23.44 4.78 -1.84
C LEU B 58 22.45 5.93 -1.59
N ILE B 59 22.02 6.12 -0.32
CA ILE B 59 21.11 7.23 -0.01
C ILE B 59 21.88 8.48 0.45
N GLU B 60 23.00 8.27 1.16
CA GLU B 60 23.81 9.39 1.64
C GLU B 60 24.42 10.17 0.46
N GLY B 61 24.86 9.43 -0.55
CA GLY B 61 25.49 10.05 -1.72
C GLY B 61 24.59 9.96 -2.95
N ASP B 62 23.28 10.02 -2.73
CA ASP B 62 22.32 9.93 -3.82
C ASP B 62 22.41 11.14 -4.77
N ALA B 63 23.21 12.12 -4.40
CA ALA B 63 23.36 13.32 -5.23
C ALA B 63 24.37 13.07 -6.34
N GLY B 64 24.50 14.03 -7.26
CA GLY B 64 25.44 13.90 -8.37
C GLY B 64 24.78 14.23 -9.71
N GLU B 65 23.73 13.48 -10.05
CA GLU B 65 23.03 13.70 -11.32
C GLU B 65 22.34 15.07 -11.33
N GLY B 66 21.76 15.45 -10.20
CA GLY B 66 21.07 16.73 -10.11
C GLY B 66 20.91 17.16 -8.66
N LYS B 67 20.42 18.38 -8.47
CA LYS B 67 20.23 18.92 -7.13
C LYS B 67 19.13 18.16 -6.38
N MET B 68 17.88 18.54 -6.66
CA MET B 68 16.72 17.93 -6.01
C MET B 68 16.52 16.47 -6.40
N LYS B 69 16.75 16.13 -7.66
CA LYS B 69 16.54 14.76 -8.14
C LYS B 69 17.62 13.80 -7.64
N VAL B 70 17.22 12.52 -7.52
CA VAL B 70 18.11 11.47 -7.05
C VAL B 70 18.02 10.24 -7.98
N SER B 71 18.89 9.26 -7.76
CA SER B 71 18.88 8.05 -8.59
C SER B 71 17.52 7.37 -8.49
N LEU B 72 16.93 7.04 -9.64
CA LEU B 72 15.60 6.45 -9.66
C LEU B 72 15.59 5.04 -9.04
N VAL B 73 16.65 4.30 -9.35
CA VAL B 73 16.80 2.93 -8.88
C VAL B 73 16.83 2.84 -7.34
N LEU B 74 17.06 3.95 -6.67
CA LEU B 74 17.04 3.95 -5.21
C LEU B 74 15.75 3.37 -4.69
N VAL B 75 14.66 3.68 -5.40
CA VAL B 75 13.34 3.21 -5.04
C VAL B 75 13.29 1.68 -5.18
N HIS B 76 13.82 1.08 -6.36
CA HIS B 76 13.81 -0.36 -6.57
C HIS B 76 14.53 -1.06 -5.42
N ALA B 77 15.67 -0.55 -5.02
CA ALA B 77 16.44 -1.15 -3.94
C ALA B 77 15.71 -0.97 -2.61
N GLN B 78 15.18 0.23 -2.38
CA GLN B 78 14.48 0.50 -1.13
C GLN B 78 13.22 -0.35 -1.03
N LEU B 79 12.44 -0.39 -2.12
CA LEU B 79 11.22 -1.18 -2.14
C LEU B 79 11.49 -2.65 -1.82
N HIS B 80 12.48 -3.23 -2.48
CA HIS B 80 12.80 -4.62 -2.24
C HIS B 80 13.36 -4.83 -0.84
N LEU B 81 14.27 -3.95 -0.44
CA LEU B 81 14.88 -4.06 0.89
C LEU B 81 13.85 -3.85 2.00
N MET B 82 13.00 -2.85 1.86
CA MET B 82 11.98 -2.57 2.87
C MET B 82 11.02 -3.75 3.01
N THR B 83 10.59 -4.28 1.87
CA THR B 83 9.67 -5.41 1.87
C THR B 83 10.32 -6.64 2.50
N SER B 84 11.55 -6.94 2.10
CA SER B 84 12.26 -8.09 2.64
C SER B 84 12.50 -7.97 4.14
N MET B 85 12.97 -6.81 4.58
CA MET B 85 13.24 -6.60 6.01
C MET B 85 11.96 -6.76 6.83
N LEU B 86 10.89 -6.14 6.36
CA LEU B 86 9.61 -6.21 7.06
C LEU B 86 9.11 -7.65 7.12
N ALA B 87 9.17 -8.33 5.98
CA ALA B 87 8.72 -9.71 5.90
C ALA B 87 9.49 -10.58 6.88
N ARG B 88 10.79 -10.44 6.86
CA ARG B 88 11.65 -11.22 7.75
C ARG B 88 11.28 -10.97 9.21
N GLU B 89 11.08 -9.70 9.59
CA GLU B 89 10.75 -9.38 10.97
C GLU B 89 9.43 -10.05 11.37
N LEU B 90 8.44 -9.96 10.50
CA LEU B 90 7.14 -10.56 10.78
C LEU B 90 7.28 -12.08 10.84
N ILE B 91 8.06 -12.63 9.92
CA ILE B 91 8.30 -14.07 9.91
C ILE B 91 8.95 -14.49 11.23
N THR B 92 9.86 -13.66 11.73
CA THR B 92 10.50 -13.96 13.02
C THR B 92 9.43 -14.07 14.09
N GLU B 93 8.49 -13.13 14.09
CA GLU B 93 7.40 -13.15 15.06
C GLU B 93 6.58 -14.43 14.88
N LEU B 94 6.30 -14.77 13.62
CA LEU B 94 5.54 -15.99 13.33
C LEU B 94 6.27 -17.21 13.87
N ILE B 95 7.59 -17.26 13.68
CA ILE B 95 8.36 -18.38 14.19
C ILE B 95 8.28 -18.46 15.71
N GLU B 96 8.36 -17.30 16.37
CA GLU B 96 8.25 -17.27 17.83
C GLU B 96 6.90 -17.85 18.25
N LEU B 97 5.86 -17.54 17.49
CA LEU B 97 4.52 -18.05 17.79
C LEU B 97 4.52 -19.58 17.69
N HIS B 98 5.19 -20.10 16.66
CA HIS B 98 5.27 -21.55 16.50
C HIS B 98 5.89 -22.17 17.75
N GLU B 99 6.90 -21.48 18.28
CA GLU B 99 7.55 -21.95 19.50
C GLU B 99 6.58 -21.94 20.66
N LYS B 100 5.77 -20.88 20.77
CA LYS B 100 4.79 -20.80 21.84
C LYS B 100 3.72 -21.88 21.65
N LEU B 101 3.39 -22.19 20.39
CA LEU B 101 2.42 -23.25 20.11
C LEU B 101 2.96 -24.60 20.58
N LYS B 102 4.13 -24.57 21.21
CA LYS B 102 4.77 -25.78 21.72
C LYS B 102 5.49 -26.51 20.59
N ALA B 103 4.71 -26.92 19.58
CA ALA B 103 5.25 -27.67 18.43
C ALA B 103 6.64 -27.19 18.04
N ALA C 1 11.12 19.25 -2.05
CA ALA C 1 11.16 20.74 -1.98
C ALA C 1 10.96 21.17 -0.54
N GLU C 2 11.18 22.45 -0.27
CA GLU C 2 11.04 23.02 1.08
C GLU C 2 10.10 22.22 1.98
N GLU C 3 8.81 22.51 1.89
CA GLU C 3 7.83 21.81 2.71
C GLU C 3 7.73 20.34 2.34
N LEU C 4 7.37 20.07 1.08
CA LEU C 4 7.24 18.68 0.63
C LEU C 4 8.38 17.80 1.16
N GLU C 5 9.60 18.32 1.11
CA GLU C 5 10.76 17.57 1.58
C GLU C 5 10.74 17.43 3.10
N GLU C 6 10.47 18.53 3.78
CA GLU C 6 10.41 18.52 5.24
C GLU C 6 9.19 17.70 5.68
N VAL C 7 8.12 17.78 4.89
CA VAL C 7 6.90 17.04 5.17
C VAL C 7 7.17 15.53 5.06
N VAL C 8 7.92 15.14 4.03
CA VAL C 8 8.27 13.74 3.83
C VAL C 8 9.06 13.24 5.04
N MET C 9 10.02 14.04 5.50
CA MET C 9 10.80 13.67 6.66
C MET C 9 9.87 13.40 7.84
N GLY C 10 8.88 14.29 8.01
CA GLY C 10 7.91 14.13 9.08
C GLY C 10 7.12 12.84 8.88
N LEU C 11 6.71 12.59 7.65
CA LEU C 11 5.94 11.37 7.33
C LEU C 11 6.79 10.14 7.59
N ILE C 12 8.05 10.18 7.18
CA ILE C 12 8.94 9.04 7.37
C ILE C 12 9.11 8.78 8.87
N ILE C 13 9.32 9.87 9.61
CA ILE C 13 9.47 9.76 11.06
C ILE C 13 8.16 9.23 11.66
N ASN C 14 7.05 9.81 11.22
CA ASN C 14 5.73 9.40 11.72
C ASN C 14 5.50 7.92 11.43
N SER C 15 5.79 7.51 10.19
CA SER C 15 5.63 6.11 9.81
C SER C 15 6.52 5.24 10.68
N GLY C 16 7.76 5.70 10.90
CA GLY C 16 8.70 4.95 11.73
C GLY C 16 8.18 4.84 13.16
N GLN C 17 7.67 5.95 13.70
CA GLN C 17 7.13 5.92 15.06
C GLN C 17 5.95 4.97 15.12
N ALA C 18 5.12 5.01 14.08
CA ALA C 18 3.96 4.14 14.02
C ALA C 18 4.38 2.67 14.15
N ARG C 19 5.36 2.27 13.33
CA ARG C 19 5.84 0.91 13.40
C ARG C 19 6.41 0.63 14.79
N SER C 20 7.21 1.57 15.28
CA SER C 20 7.81 1.41 16.60
C SER C 20 6.73 1.13 17.65
N LEU C 21 5.66 1.92 17.61
CA LEU C 21 4.56 1.74 18.54
C LEU C 21 3.92 0.37 18.33
N ALA C 22 3.73 0.00 17.06
CA ALA C 22 3.13 -1.29 16.73
C ALA C 22 3.96 -2.44 17.33
N TYR C 23 5.27 -2.43 17.07
CA TYR C 23 6.14 -3.47 17.64
C TYR C 23 6.05 -3.45 19.16
N ALA C 24 6.03 -2.24 19.72
CA ALA C 24 5.92 -2.11 21.17
C ALA C 24 4.59 -2.72 21.62
N ALA C 25 3.54 -2.47 20.85
CA ALA C 25 2.23 -3.03 21.16
C ALA C 25 2.31 -4.55 21.21
N LEU C 26 3.01 -5.12 20.24
CA LEU C 26 3.19 -6.57 20.18
C LEU C 26 3.95 -7.05 21.42
N LYS C 27 4.99 -6.31 21.77
CA LYS C 27 5.79 -6.66 22.94
C LYS C 27 4.90 -6.72 24.19
N GLN C 28 3.99 -5.77 24.31
CA GLN C 28 3.06 -5.75 25.44
C GLN C 28 2.26 -7.04 25.47
N ALA C 29 1.82 -7.47 24.27
CA ALA C 29 1.05 -8.70 24.16
C ALA C 29 1.85 -9.89 24.67
N LYS C 30 3.13 -9.94 24.30
CA LYS C 30 3.99 -11.02 24.76
C LYS C 30 4.07 -11.06 26.28
N GLN C 31 3.98 -9.88 26.90
CA GLN C 31 4.04 -9.80 28.36
C GLN C 31 2.67 -10.17 28.96
N GLY C 32 1.71 -10.44 28.08
CA GLY C 32 0.36 -10.83 28.53
C GLY C 32 -0.47 -9.60 28.89
N ASP C 33 -0.04 -8.43 28.44
CA ASP C 33 -0.76 -7.18 28.70
C ASP C 33 -1.63 -6.80 27.51
N PHE C 34 -2.80 -7.41 27.42
CA PHE C 34 -3.71 -7.14 26.31
C PHE C 34 -4.22 -5.70 26.34
N ALA C 35 -4.43 -5.17 27.54
CA ALA C 35 -4.94 -3.81 27.68
C ALA C 35 -3.97 -2.79 27.08
N ALA C 36 -2.71 -2.89 27.47
CA ALA C 36 -1.71 -1.96 26.96
C ALA C 36 -1.50 -2.17 25.47
N ALA C 37 -1.55 -3.42 25.02
CA ALA C 37 -1.38 -3.71 23.60
C ALA C 37 -2.48 -3.00 22.81
N LYS C 38 -3.72 -3.21 23.22
CA LYS C 38 -4.87 -2.59 22.57
C LYS C 38 -4.72 -1.07 22.49
N ALA C 39 -4.32 -0.45 23.61
CA ALA C 39 -4.16 1.00 23.65
C ALA C 39 -3.06 1.46 22.68
N MET C 40 -1.96 0.72 22.64
CA MET C 40 -0.85 1.06 21.77
C MET C 40 -1.25 0.92 20.30
N MET C 41 -2.03 -0.11 19.99
CA MET C 41 -2.48 -0.31 18.61
C MET C 41 -3.35 0.85 18.16
N ASP C 42 -4.25 1.28 19.04
CA ASP C 42 -5.17 2.36 18.72
C ASP C 42 -4.41 3.63 18.38
N GLN C 43 -3.42 3.97 19.21
CA GLN C 43 -2.61 5.16 18.97
C GLN C 43 -1.83 5.03 17.67
N SER C 44 -1.30 3.85 17.42
CA SER C 44 -0.55 3.60 16.19
C SER C 44 -1.44 3.87 14.98
N ARG C 45 -2.67 3.32 15.03
CA ARG C 45 -3.64 3.50 13.96
C ARG C 45 -3.93 4.99 13.72
N MET C 46 -4.14 5.72 14.81
CA MET C 46 -4.43 7.15 14.72
C MET C 46 -3.26 7.89 14.08
N ALA C 47 -2.04 7.51 14.47
CA ALA C 47 -0.84 8.14 13.91
C ALA C 47 -0.78 7.91 12.40
N LEU C 48 -1.08 6.68 11.98
CA LEU C 48 -1.07 6.33 10.57
C LEU C 48 -2.17 7.06 9.82
N ASN C 49 -3.34 7.15 10.45
CA ASN C 49 -4.48 7.81 9.84
C ASN C 49 -4.14 9.27 9.52
N GLU C 50 -3.51 9.95 10.47
CA GLU C 50 -3.11 11.33 10.26
C GLU C 50 -2.06 11.41 9.16
N ALA C 51 -1.13 10.47 9.19
CA ALA C 51 -0.07 10.43 8.18
C ALA C 51 -0.67 10.15 6.80
N HIS C 52 -1.58 9.19 6.74
CA HIS C 52 -2.25 8.85 5.48
C HIS C 52 -3.02 10.05 4.94
N LEU C 53 -3.69 10.78 5.83
CA LEU C 53 -4.47 11.95 5.43
C LEU C 53 -3.56 12.98 4.76
N VAL C 54 -2.39 13.20 5.35
CA VAL C 54 -1.45 14.16 4.80
C VAL C 54 -0.99 13.67 3.43
N GLN C 55 -0.69 12.38 3.32
CA GLN C 55 -0.26 11.82 2.04
C GLN C 55 -1.38 11.99 1.00
N THR C 56 -2.62 11.74 1.41
CA THR C 56 -3.76 11.88 0.48
C THR C 56 -3.70 13.25 -0.19
N LYS C 57 -3.50 14.29 0.60
CA LYS C 57 -3.40 15.64 0.05
C LYS C 57 -2.20 15.73 -0.88
N LEU C 58 -1.11 15.09 -0.49
CA LEU C 58 0.10 15.11 -1.29
C LEU C 58 -0.08 14.35 -2.61
N ILE C 59 -1.09 13.47 -2.70
CA ILE C 59 -1.33 12.76 -3.95
C ILE C 59 -2.40 13.48 -4.79
N GLU C 60 -3.38 14.10 -4.14
CA GLU C 60 -4.43 14.83 -4.87
C GLU C 60 -3.85 16.03 -5.60
N GLY C 61 -2.89 16.71 -4.98
CA GLY C 61 -2.28 17.89 -5.57
C GLY C 61 -0.83 17.62 -5.97
N ASP C 62 -0.56 16.41 -6.41
CA ASP C 62 0.79 16.03 -6.80
C ASP C 62 1.22 16.75 -8.06
N ALA C 63 0.31 17.49 -8.68
CA ALA C 63 0.63 18.24 -9.90
C ALA C 63 1.30 19.56 -9.56
N GLY C 64 1.78 20.26 -10.59
CA GLY C 64 2.43 21.56 -10.39
C GLY C 64 3.77 21.63 -11.13
N GLU C 65 4.69 20.71 -10.81
CA GLU C 65 5.99 20.70 -11.45
C GLU C 65 5.87 20.38 -12.94
N GLY C 66 4.99 19.45 -13.27
CA GLY C 66 4.80 19.05 -14.66
C GLY C 66 3.45 18.36 -14.86
N LYS C 67 3.12 18.09 -16.11
CA LYS C 67 1.85 17.44 -16.43
C LYS C 67 1.83 16.00 -15.92
N MET C 68 2.44 15.10 -16.70
CA MET C 68 2.48 13.68 -16.36
C MET C 68 3.31 13.38 -15.12
N LYS C 69 4.45 14.07 -14.97
CA LYS C 69 5.34 13.83 -13.84
C LYS C 69 4.79 14.36 -12.52
N VAL C 70 5.20 13.71 -11.43
CA VAL C 70 4.76 14.07 -10.08
C VAL C 70 5.96 14.16 -9.13
N SER C 71 5.72 14.64 -7.91
CA SER C 71 6.80 14.75 -6.93
C SER C 71 7.42 13.38 -6.68
N LEU C 72 8.74 13.30 -6.77
CA LEU C 72 9.45 12.03 -6.61
C LEU C 72 9.31 11.48 -5.19
N VAL C 73 9.40 12.39 -4.22
CA VAL C 73 9.33 12.04 -2.80
C VAL C 73 8.00 11.37 -2.44
N LEU C 74 6.99 11.51 -3.28
CA LEU C 74 5.72 10.85 -3.02
C LEU C 74 5.91 9.36 -2.78
N VAL C 75 6.85 8.79 -3.52
CA VAL C 75 7.18 7.38 -3.41
C VAL C 75 7.76 7.10 -2.03
N HIS C 76 8.77 7.95 -1.53
CA HIS C 76 9.39 7.76 -0.22
C HIS C 76 8.31 7.73 0.86
N ALA C 77 7.39 8.67 0.80
CA ALA C 77 6.31 8.73 1.79
C ALA C 77 5.36 7.55 1.63
N GLN C 78 5.03 7.21 0.39
CA GLN C 78 4.11 6.11 0.15
C GLN C 78 4.74 4.78 0.58
N LEU C 79 5.99 4.58 0.19
CA LEU C 79 6.71 3.36 0.55
C LEU C 79 6.75 3.17 2.06
N HIS C 80 7.13 4.21 2.79
CA HIS C 80 7.20 4.12 4.24
C HIS C 80 5.81 3.94 4.85
N LEU C 81 4.87 4.73 4.38
CA LEU C 81 3.50 4.67 4.89
C LEU C 81 2.85 3.31 4.59
N MET C 82 3.01 2.84 3.37
CA MET C 82 2.42 1.55 2.98
C MET C 82 3.01 0.42 3.82
N THR C 83 4.32 0.45 3.99
CA THR C 83 5.00 -0.58 4.76
C THR C 83 4.54 -0.55 6.22
N SER C 84 4.53 0.64 6.80
CA SER C 84 4.12 0.80 8.20
C SER C 84 2.67 0.37 8.42
N MET C 85 1.76 0.84 7.56
CA MET C 85 0.35 0.48 7.70
C MET C 85 0.16 -1.04 7.61
N LEU C 86 0.80 -1.65 6.63
CA LEU C 86 0.70 -3.09 6.43
C LEU C 86 1.24 -3.83 7.65
N ALA C 87 2.42 -3.42 8.10
CA ALA C 87 3.05 -4.04 9.25
C ALA C 87 2.13 -3.96 10.47
N ARG C 88 1.61 -2.77 10.71
CA ARG C 88 0.74 -2.55 11.84
C ARG C 88 -0.50 -3.47 11.77
N GLU C 89 -1.11 -3.56 10.59
CA GLU C 89 -2.29 -4.42 10.44
C GLU C 89 -1.95 -5.88 10.74
N LEU C 90 -0.82 -6.35 10.20
CA LEU C 90 -0.40 -7.72 10.44
C LEU C 90 -0.07 -7.92 11.91
N ILE C 91 0.60 -6.95 12.49
CA ILE C 91 0.95 -7.02 13.90
C ILE C 91 -0.33 -7.12 14.73
N THR C 92 -1.36 -6.39 14.32
CA THR C 92 -2.64 -6.46 15.02
C THR C 92 -3.15 -7.89 14.99
N GLU C 93 -3.06 -8.53 13.83
CA GLU C 93 -3.50 -9.92 13.70
C GLU C 93 -2.66 -10.82 14.62
N LEU C 94 -1.36 -10.56 14.63
CA LEU C 94 -0.45 -11.34 15.47
C LEU C 94 -0.84 -11.20 16.94
N ILE C 95 -1.16 -9.98 17.35
CA ILE C 95 -1.57 -9.73 18.73
C ILE C 95 -2.86 -10.51 19.05
N GLU C 96 -3.80 -10.48 18.12
CA GLU C 96 -5.05 -11.21 18.31
C GLU C 96 -4.75 -12.70 18.53
N LEU C 97 -3.78 -13.21 17.77
CA LEU C 97 -3.39 -14.61 17.91
C LEU C 97 -2.85 -14.87 19.32
N HIS C 98 -2.05 -13.94 19.83
CA HIS C 98 -1.52 -14.09 21.18
C HIS C 98 -2.68 -14.22 22.16
N GLU C 99 -3.73 -13.44 21.92
CA GLU C 99 -4.90 -13.49 22.78
C GLU C 99 -5.57 -14.87 22.68
N LYS C 100 -5.65 -15.41 21.46
CA LYS C 100 -6.25 -16.72 21.29
C LYS C 100 -5.38 -17.78 21.95
N LEU C 101 -4.05 -17.58 21.91
CA LEU C 101 -3.12 -18.52 22.55
C LEU C 101 -3.37 -18.53 24.06
N LYS C 102 -4.36 -17.76 24.51
CA LYS C 102 -4.70 -17.67 25.93
C LYS C 102 -3.78 -16.68 26.63
N ALA C 103 -2.48 -16.99 26.61
CA ALA C 103 -1.45 -16.16 27.26
C ALA C 103 -1.80 -14.67 27.21
N LYS D 1 -19.97 26.95 -1.17
CA LYS D 1 -19.08 26.05 -1.96
C LYS D 1 -19.44 24.59 -1.78
N LYS D 2 -19.77 23.94 -2.87
CA LYS D 2 -20.15 22.54 -2.84
C LYS D 2 -18.93 21.62 -2.88
N HIS D 3 -19.02 20.49 -2.19
CA HIS D 3 -17.93 19.52 -2.13
C HIS D 3 -18.12 18.37 -3.08
N ILE D 4 -17.20 18.26 -4.03
CA ILE D 4 -17.22 17.18 -4.99
C ILE D 4 -16.07 16.24 -4.61
N TYR D 5 -16.39 15.03 -4.18
CA TYR D 5 -15.38 14.06 -3.78
C TYR D 5 -15.33 12.90 -4.76
N LEU D 6 -14.13 12.60 -5.26
CA LEU D 6 -13.90 11.48 -6.19
C LEU D 6 -13.25 10.35 -5.40
N PHE D 7 -13.57 9.08 -5.74
CA PHE D 7 -12.88 7.95 -5.11
C PHE D 7 -12.21 7.03 -6.15
N CYS D 8 -11.09 6.40 -5.71
CA CYS D 8 -10.34 5.39 -6.44
C CYS D 8 -9.54 4.54 -5.46
N SER D 9 -8.66 3.65 -5.86
CA SER D 9 -8.04 2.81 -4.81
C SER D 9 -7.17 3.65 -3.89
N ALA D 10 -6.18 4.41 -4.42
CA ALA D 10 -5.27 5.13 -3.55
C ALA D 10 -5.53 6.62 -3.64
N GLY D 11 -6.03 7.09 -4.78
CA GLY D 11 -6.32 8.50 -4.98
C GLY D 11 -5.27 9.19 -5.84
N MET D 12 -4.56 8.45 -6.70
CA MET D 12 -3.53 9.07 -7.53
C MET D 12 -4.00 9.29 -8.98
N SER D 13 -4.08 8.24 -9.73
CA SER D 13 -4.50 8.36 -11.13
C SER D 13 -5.71 9.29 -11.27
N THR D 14 -6.45 9.50 -10.18
CA THR D 14 -7.62 10.38 -10.30
C THR D 14 -7.22 11.77 -9.88
N SER D 15 -6.09 11.83 -9.22
CA SER D 15 -5.48 13.09 -8.76
C SER D 15 -5.20 14.03 -9.93
N LEU D 16 -4.82 13.46 -11.06
CA LEU D 16 -4.55 14.26 -12.24
C LEU D 16 -5.88 14.86 -12.76
N LEU D 17 -6.96 14.07 -12.72
CA LEU D 17 -8.28 14.55 -13.14
C LEU D 17 -8.75 15.68 -12.19
N VAL D 18 -8.54 15.48 -10.88
CA VAL D 18 -8.91 16.50 -9.89
C VAL D 18 -8.18 17.83 -10.15
N SER D 19 -6.89 17.79 -10.47
CA SER D 19 -6.17 19.03 -10.74
C SER D 19 -6.73 19.77 -11.98
N LYS D 20 -7.12 19.03 -13.02
CA LYS D 20 -7.71 19.66 -14.20
C LYS D 20 -9.12 20.20 -13.91
N MET D 21 -9.87 19.50 -13.07
CA MET D 21 -11.22 20.00 -12.73
C MET D 21 -11.08 21.31 -11.94
N ARG D 22 -10.13 21.39 -11.02
CA ARG D 22 -9.91 22.60 -10.21
C ARG D 22 -9.56 23.79 -11.12
N ALA D 23 -8.79 23.54 -12.18
CA ALA D 23 -8.39 24.59 -13.11
C ALA D 23 -9.63 25.14 -13.81
N GLN D 24 -10.50 24.24 -14.24
CA GLN D 24 -11.72 24.61 -14.91
C GLN D 24 -12.67 25.35 -14.00
N ALA D 25 -12.80 24.88 -12.77
CA ALA D 25 -13.69 25.53 -11.80
C ALA D 25 -13.24 26.96 -11.55
N GLU D 26 -11.93 27.20 -11.60
CA GLU D 26 -11.39 28.54 -11.36
C GLU D 26 -11.65 29.43 -12.57
N LYS D 27 -11.43 28.88 -13.76
CA LYS D 27 -11.63 29.59 -14.99
C LYS D 27 -13.07 30.10 -15.12
N TYR D 28 -14.05 29.29 -14.72
CA TYR D 28 -15.48 29.69 -14.80
C TYR D 28 -16.13 30.10 -13.49
N GLU D 29 -15.33 30.35 -12.46
CA GLU D 29 -15.81 30.78 -11.15
C GLU D 29 -16.89 29.89 -10.51
N VAL D 30 -16.76 28.58 -10.66
CA VAL D 30 -17.70 27.63 -10.08
C VAL D 30 -17.27 27.48 -8.62
N PRO D 31 -18.19 27.73 -7.67
CA PRO D 31 -17.91 27.64 -6.23
C PRO D 31 -17.93 26.21 -5.68
N VAL D 32 -16.88 25.46 -6.01
CA VAL D 32 -16.75 24.08 -5.57
C VAL D 32 -15.38 23.76 -5.01
N ILE D 33 -15.35 22.75 -4.14
CA ILE D 33 -14.13 22.22 -3.55
C ILE D 33 -14.09 20.77 -4.09
N ILE D 34 -12.98 20.40 -4.71
CA ILE D 34 -12.79 19.07 -5.32
C ILE D 34 -11.61 18.31 -4.66
N GLU D 35 -11.86 17.09 -4.18
CA GLU D 35 -10.83 16.27 -3.52
C GLU D 35 -10.93 14.82 -4.00
N ALA D 36 -9.78 14.14 -4.09
CA ALA D 36 -9.71 12.73 -4.50
C ALA D 36 -9.34 11.92 -3.25
N PHE D 37 -9.93 10.74 -3.09
CA PHE D 37 -9.64 9.87 -1.95
C PHE D 37 -9.66 8.44 -2.43
N PRO D 38 -9.08 7.53 -1.64
CA PRO D 38 -9.07 6.11 -2.02
C PRO D 38 -10.49 5.61 -1.70
N GLU D 39 -10.91 4.54 -2.35
CA GLU D 39 -12.24 3.96 -2.13
C GLU D 39 -12.51 3.54 -0.69
N THR D 40 -11.46 3.29 0.09
CA THR D 40 -11.63 2.88 1.48
C THR D 40 -12.26 3.95 2.37
N LEU D 41 -12.19 5.21 1.94
CA LEU D 41 -12.77 6.32 2.70
C LEU D 41 -14.15 6.77 2.20
N ALA D 42 -14.74 6.07 1.21
CA ALA D 42 -16.05 6.45 0.63
C ALA D 42 -17.14 6.64 1.68
N GLY D 43 -17.12 5.80 2.71
CA GLY D 43 -18.13 5.91 3.75
C GLY D 43 -17.81 6.98 4.77
N GLU D 44 -16.53 7.16 5.08
CA GLU D 44 -16.15 8.15 6.07
C GLU D 44 -16.16 9.59 5.49
N LYS D 45 -15.52 9.77 4.34
CA LYS D 45 -15.46 11.08 3.70
C LYS D 45 -16.73 11.45 2.92
N GLY D 46 -17.38 10.46 2.32
CA GLY D 46 -18.60 10.70 1.55
C GLY D 46 -19.69 11.43 2.29
N GLN D 47 -19.77 11.23 3.60
CA GLN D 47 -20.79 11.89 4.43
C GLN D 47 -20.74 13.42 4.34
N ASN D 48 -19.59 13.97 3.95
CA ASN D 48 -19.43 15.41 3.87
C ASN D 48 -19.45 15.95 2.45
N ALA D 49 -19.66 15.08 1.48
CA ALA D 49 -19.67 15.54 0.10
C ALA D 49 -21.06 15.97 -0.30
N ASP D 50 -21.11 16.82 -1.31
CA ASP D 50 -22.38 17.25 -1.83
C ASP D 50 -22.73 16.32 -2.99
N VAL D 51 -21.69 15.73 -3.60
CA VAL D 51 -21.88 14.75 -4.67
C VAL D 51 -20.68 13.78 -4.61
N VAL D 52 -20.98 12.49 -4.70
CA VAL D 52 -19.97 11.44 -4.66
C VAL D 52 -19.78 10.85 -6.06
N LEU D 53 -18.55 10.92 -6.57
CA LEU D 53 -18.24 10.38 -7.88
C LEU D 53 -17.30 9.18 -7.73
N LEU D 54 -17.60 8.08 -8.42
CA LEU D 54 -16.75 6.88 -8.36
C LEU D 54 -15.96 6.73 -9.63
N GLY D 55 -14.69 6.35 -9.51
CA GLY D 55 -13.84 6.18 -10.68
C GLY D 55 -14.39 5.02 -11.49
N PRO D 56 -14.13 4.94 -12.76
CA PRO D 56 -14.66 3.84 -13.62
C PRO D 56 -14.24 2.42 -13.18
N GLN D 57 -13.07 2.31 -12.54
CA GLN D 57 -12.57 1.02 -12.08
C GLN D 57 -13.39 0.49 -10.90
N ILE D 58 -14.04 1.38 -10.15
CA ILE D 58 -14.82 0.94 -9.01
C ILE D 58 -16.34 1.02 -9.23
N ALA D 59 -16.75 0.99 -10.49
CA ALA D 59 -18.17 1.04 -10.83
C ALA D 59 -18.94 -0.11 -10.19
N TYR D 60 -18.34 -1.30 -10.13
CA TYR D 60 -19.04 -2.44 -9.55
C TYR D 60 -19.46 -2.21 -8.09
N MET D 61 -18.84 -1.23 -7.44
CA MET D 61 -19.15 -0.89 -6.05
C MET D 61 -20.33 0.08 -5.87
N LEU D 62 -20.89 0.58 -6.97
CA LEU D 62 -21.99 1.54 -6.90
C LEU D 62 -23.13 1.19 -5.93
N PRO D 63 -23.73 -0.02 -6.05
CA PRO D 63 -24.82 -0.37 -5.12
C PRO D 63 -24.43 -0.30 -3.65
N GLU D 64 -23.22 -0.72 -3.30
CA GLU D 64 -22.77 -0.68 -1.91
C GLU D 64 -22.60 0.74 -1.42
N ILE D 65 -22.02 1.59 -2.25
CA ILE D 65 -21.83 2.99 -1.85
C ILE D 65 -23.16 3.74 -1.71
N GLN D 66 -24.12 3.42 -2.59
CA GLN D 66 -25.46 4.00 -2.52
C GLN D 66 -26.13 3.64 -1.18
N ARG D 67 -26.00 2.39 -0.73
CA ARG D 67 -26.60 1.98 0.55
C ARG D 67 -25.89 2.63 1.74
N LEU D 68 -24.60 2.88 1.59
CA LEU D 68 -23.77 3.49 2.64
C LEU D 68 -24.11 4.97 2.82
N LEU D 69 -24.39 5.65 1.70
CA LEU D 69 -24.73 7.09 1.68
C LEU D 69 -26.11 7.27 1.01
N PRO D 70 -27.20 6.87 1.69
CA PRO D 70 -28.55 6.99 1.13
C PRO D 70 -29.03 8.44 0.93
N ASN D 71 -28.35 9.38 1.56
CA ASN D 71 -28.75 10.79 1.44
C ASN D 71 -27.82 11.63 0.57
N LYS D 72 -27.08 10.99 -0.33
CA LYS D 72 -26.14 11.69 -1.21
C LYS D 72 -26.26 11.20 -2.63
N PRO D 73 -26.13 12.10 -3.63
CA PRO D 73 -26.21 11.62 -5.02
C PRO D 73 -24.85 10.97 -5.27
N VAL D 74 -24.87 9.73 -5.75
CA VAL D 74 -23.64 8.96 -6.02
C VAL D 74 -23.64 8.48 -7.46
N GLU D 75 -22.58 8.72 -8.19
CA GLU D 75 -22.53 8.22 -9.55
C GLU D 75 -21.13 7.95 -10.07
N VAL D 76 -21.06 7.12 -11.10
CA VAL D 76 -19.80 6.72 -11.71
C VAL D 76 -19.40 7.72 -12.78
N ILE D 77 -18.11 8.03 -12.84
CA ILE D 77 -17.58 8.96 -13.83
C ILE D 77 -17.54 8.27 -15.17
N ASP D 78 -17.96 8.97 -16.21
CA ASP D 78 -17.94 8.40 -17.55
C ASP D 78 -16.51 7.95 -17.89
N SER D 79 -16.33 6.69 -18.28
CA SER D 79 -14.99 6.17 -18.58
C SER D 79 -14.18 6.90 -19.65
N LEU D 80 -14.87 7.44 -20.65
CA LEU D 80 -14.19 8.17 -21.73
C LEU D 80 -13.73 9.53 -21.23
N LEU D 81 -14.58 10.18 -20.45
CA LEU D 81 -14.26 11.49 -19.90
C LEU D 81 -13.10 11.33 -18.94
N TYR D 82 -13.10 10.21 -18.22
CA TYR D 82 -12.04 9.90 -17.25
C TYR D 82 -10.71 9.58 -17.95
N GLY D 83 -10.75 8.68 -18.92
CA GLY D 83 -9.54 8.32 -19.64
C GLY D 83 -8.87 9.50 -20.31
N LYS D 84 -9.68 10.37 -20.87
CA LYS D 84 -9.22 11.56 -21.59
C LYS D 84 -8.79 12.70 -20.65
N VAL D 85 -9.07 12.52 -19.35
CA VAL D 85 -8.77 13.52 -18.31
C VAL D 85 -9.47 14.86 -18.61
N ASP D 86 -10.76 14.77 -18.94
CA ASP D 86 -11.57 15.95 -19.28
C ASP D 86 -12.09 16.63 -18.03
N GLY D 87 -11.29 17.56 -17.51
CA GLY D 87 -11.64 18.31 -16.31
C GLY D 87 -12.94 19.07 -16.45
N LEU D 88 -13.16 19.73 -17.60
CA LEU D 88 -14.39 20.49 -17.80
C LEU D 88 -15.63 19.58 -17.87
N GLY D 89 -15.50 18.50 -18.64
CA GLY D 89 -16.59 17.56 -18.81
C GLY D 89 -17.07 16.91 -17.53
N VAL D 90 -16.12 16.49 -16.69
CA VAL D 90 -16.48 15.84 -15.42
C VAL D 90 -17.04 16.88 -14.45
N LEU D 91 -16.47 18.08 -14.49
CA LEU D 91 -16.97 19.15 -13.63
C LEU D 91 -18.46 19.39 -14.00
N LYS D 92 -18.76 19.42 -15.30
CA LYS D 92 -20.15 19.61 -15.75
C LYS D 92 -21.09 18.52 -15.24
N ALA D 93 -20.64 17.27 -15.30
CA ALA D 93 -21.47 16.14 -14.85
C ALA D 93 -21.76 16.21 -13.35
N ALA D 94 -20.78 16.72 -12.60
CA ALA D 94 -20.90 16.82 -11.15
C ALA D 94 -21.90 17.90 -10.75
N VAL D 95 -21.80 19.06 -11.40
CA VAL D 95 -22.72 20.17 -11.13
C VAL D 95 -24.13 19.69 -11.49
N ALA D 96 -24.25 18.98 -12.61
CA ALA D 96 -25.54 18.45 -13.04
C ALA D 96 -26.13 17.51 -11.99
N ALA D 97 -25.33 16.57 -11.49
CA ALA D 97 -25.85 15.64 -10.49
C ALA D 97 -26.36 16.40 -9.26
N ILE D 98 -25.70 17.51 -8.93
CA ILE D 98 -26.12 18.32 -7.78
C ILE D 98 -27.46 19.01 -8.03
N LYS D 99 -27.63 19.58 -9.24
CA LYS D 99 -28.87 20.26 -9.62
C LYS D 99 -30.01 19.26 -9.71
N LYS D 100 -29.80 18.19 -10.45
CA LYS D 100 -30.83 17.18 -10.59
C LYS D 100 -31.20 16.60 -9.22
N ALA D 101 -30.34 16.79 -8.23
CA ALA D 101 -30.58 16.28 -6.88
C ALA D 101 -31.37 17.24 -6.00
N ALA D 102 -31.14 18.54 -6.18
CA ALA D 102 -31.83 19.57 -5.43
C ALA D 102 -33.22 19.88 -6.02
N ALA D 103 -33.60 19.13 -7.06
CA ALA D 103 -34.88 19.29 -7.72
C ALA D 103 -35.05 18.26 -8.85
P PO3 E . -4.91 5.39 -7.20
O1 PO3 E . -4.31 6.17 -6.04
O2 PO3 E . -5.39 3.98 -6.98
O3 PO3 E . -4.83 5.94 -8.60
N ALA A 1 0.74 7.29 -18.60
CA ALA A 1 0.24 7.59 -19.96
C ALA A 1 -1.09 6.86 -20.17
N GLU A 2 -1.77 7.18 -21.26
CA GLU A 2 -3.08 6.58 -21.60
C GLU A 2 -3.28 5.20 -20.95
N GLU A 3 -2.80 4.17 -21.63
CA GLU A 3 -2.95 2.80 -21.13
C GLU A 3 -2.16 2.60 -19.84
N LEU A 4 -0.84 2.78 -19.91
CA LEU A 4 0.01 2.60 -18.74
C LEU A 4 -0.63 3.20 -17.48
N GLU A 5 -1.21 4.38 -17.61
CA GLU A 5 -1.84 5.05 -16.47
C GLU A 5 -3.12 4.34 -16.08
N GLU A 6 -3.94 4.01 -17.07
CA GLU A 6 -5.19 3.30 -16.82
C GLU A 6 -4.88 1.88 -16.34
N VAL A 7 -3.80 1.31 -16.88
CA VAL A 7 -3.37 -0.03 -16.50
C VAL A 7 -2.93 -0.05 -15.03
N VAL A 8 -2.20 0.99 -14.63
CA VAL A 8 -1.73 1.10 -13.25
C VAL A 8 -2.95 1.16 -12.33
N MET A 9 -3.95 1.96 -12.70
CA MET A 9 -5.17 2.06 -11.90
C MET A 9 -5.77 0.67 -11.73
N GLY A 10 -5.81 -0.09 -12.82
CA GLY A 10 -6.34 -1.45 -12.77
C GLY A 10 -5.49 -2.31 -11.83
N LEU A 11 -4.17 -2.17 -11.95
CA LEU A 11 -3.26 -2.93 -11.10
C LEU A 11 -3.45 -2.56 -9.64
N ILE A 12 -3.57 -1.27 -9.37
CA ILE A 12 -3.76 -0.80 -8.00
C ILE A 12 -5.06 -1.36 -7.46
N ILE A 13 -6.11 -1.29 -8.26
CA ILE A 13 -7.40 -1.82 -7.85
C ILE A 13 -7.30 -3.33 -7.65
N ASN A 14 -6.65 -4.01 -8.60
CA ASN A 14 -6.47 -5.45 -8.53
C ASN A 14 -5.71 -5.82 -7.26
N SER A 15 -4.61 -5.11 -7.03
CA SER A 15 -3.81 -5.35 -5.83
C SER A 15 -4.65 -5.14 -4.57
N GLY A 16 -5.44 -4.06 -4.60
CA GLY A 16 -6.32 -3.75 -3.47
C GLY A 16 -7.35 -4.86 -3.26
N GLN A 17 -7.95 -5.32 -4.36
CA GLN A 17 -8.94 -6.40 -4.27
C GLN A 17 -8.27 -7.65 -3.72
N ALA A 18 -7.05 -7.92 -4.18
CA ALA A 18 -6.31 -9.09 -3.72
C ALA A 18 -6.15 -9.04 -2.21
N ARG A 19 -5.70 -7.91 -1.69
CA ARG A 19 -5.55 -7.77 -0.25
C ARG A 19 -6.90 -7.95 0.43
N SER A 20 -7.91 -7.28 -0.11
CA SER A 20 -9.25 -7.36 0.44
C SER A 20 -9.68 -8.83 0.57
N LEU A 21 -9.47 -9.59 -0.49
CA LEU A 21 -9.81 -11.01 -0.48
C LEU A 21 -8.97 -11.74 0.58
N ALA A 22 -7.69 -11.40 0.63
CA ALA A 22 -6.79 -12.03 1.60
C ALA A 22 -7.30 -11.80 3.03
N TYR A 23 -7.59 -10.55 3.38
CA TYR A 23 -8.10 -10.25 4.72
C TYR A 23 -9.41 -11.00 4.93
N ALA A 24 -10.25 -11.03 3.90
CA ALA A 24 -11.51 -11.73 3.99
C ALA A 24 -11.24 -13.22 4.25
N ALA A 25 -10.23 -13.75 3.56
CA ALA A 25 -9.84 -15.14 3.75
C ALA A 25 -9.48 -15.38 5.21
N LEU A 26 -8.72 -14.46 5.78
CA LEU A 26 -8.32 -14.57 7.18
C LEU A 26 -9.56 -14.55 8.07
N LYS A 27 -10.48 -13.64 7.77
CA LYS A 27 -11.71 -13.53 8.54
C LYS A 27 -12.45 -14.87 8.56
N GLN A 28 -12.48 -15.54 7.41
CA GLN A 28 -13.15 -16.84 7.31
C GLN A 28 -12.48 -17.81 8.28
N ALA A 29 -11.15 -17.75 8.35
CA ALA A 29 -10.39 -18.62 9.24
C ALA A 29 -10.80 -18.38 10.69
N LYS A 30 -10.95 -17.12 11.05
CA LYS A 30 -11.36 -16.77 12.41
C LYS A 30 -12.72 -17.37 12.73
N GLN A 31 -13.58 -17.50 11.72
CA GLN A 31 -14.89 -18.08 11.93
C GLN A 31 -14.80 -19.60 11.96
N GLY A 32 -13.60 -20.12 11.77
CA GLY A 32 -13.37 -21.56 11.81
C GLY A 32 -13.71 -22.21 10.47
N ASP A 33 -13.83 -21.40 9.43
CA ASP A 33 -14.15 -21.90 8.09
C ASP A 33 -12.88 -22.06 7.26
N PHE A 34 -12.18 -23.18 7.47
CA PHE A 34 -10.93 -23.42 6.73
C PHE A 34 -11.18 -23.60 5.24
N ALA A 35 -12.31 -24.21 4.89
CA ALA A 35 -12.63 -24.46 3.49
C ALA A 35 -12.77 -23.14 2.72
N ALA A 36 -13.56 -22.23 3.26
CA ALA A 36 -13.76 -20.95 2.60
C ALA A 36 -12.46 -20.14 2.60
N ALA A 37 -11.70 -20.23 3.68
CA ALA A 37 -10.43 -19.52 3.75
C ALA A 37 -9.52 -19.99 2.60
N LYS A 38 -9.36 -21.30 2.49
CA LYS A 38 -8.53 -21.90 1.45
C LYS A 38 -8.96 -21.42 0.06
N ALA A 39 -10.26 -21.45 -0.21
CA ALA A 39 -10.77 -21.03 -1.51
C ALA A 39 -10.47 -19.57 -1.79
N MET A 40 -10.61 -18.74 -0.76
CA MET A 40 -10.36 -17.30 -0.90
C MET A 40 -8.88 -17.03 -1.18
N MET A 41 -7.98 -17.76 -0.50
CA MET A 41 -6.55 -17.56 -0.72
C MET A 41 -6.19 -17.92 -2.15
N ASP A 42 -6.77 -19.01 -2.65
CA ASP A 42 -6.47 -19.48 -3.99
C ASP A 42 -6.83 -18.42 -5.02
N GLN A 43 -8.03 -17.87 -4.88
CA GLN A 43 -8.48 -16.82 -5.80
C GLN A 43 -7.61 -15.59 -5.67
N SER A 44 -7.25 -15.24 -4.44
CA SER A 44 -6.40 -14.08 -4.20
C SER A 44 -5.06 -14.28 -4.91
N ARG A 45 -4.49 -15.47 -4.78
CA ARG A 45 -3.22 -15.82 -5.43
C ARG A 45 -3.32 -15.66 -6.95
N MET A 46 -4.40 -16.18 -7.51
CA MET A 46 -4.63 -16.11 -8.95
C MET A 46 -4.72 -14.65 -9.40
N ALA A 47 -5.41 -13.83 -8.62
CA ALA A 47 -5.56 -12.41 -8.94
C ALA A 47 -4.19 -11.74 -9.00
N LEU A 48 -3.35 -12.05 -8.02
CA LEU A 48 -2.00 -11.49 -7.95
C LEU A 48 -1.15 -11.98 -9.12
N ASN A 49 -1.29 -13.26 -9.41
CA ASN A 49 -0.51 -13.87 -10.48
C ASN A 49 -0.77 -13.15 -11.80
N GLU A 50 -2.04 -12.89 -12.07
CA GLU A 50 -2.41 -12.17 -13.29
C GLU A 50 -1.86 -10.75 -13.23
N ALA A 51 -1.97 -10.13 -12.05
CA ALA A 51 -1.47 -8.77 -11.87
C ALA A 51 0.06 -8.75 -12.05
N HIS A 52 0.73 -9.71 -11.44
CA HIS A 52 2.19 -9.81 -11.54
C HIS A 52 2.61 -10.01 -13.00
N LEU A 53 1.86 -10.83 -13.72
CA LEU A 53 2.16 -11.11 -15.12
C LEU A 53 2.11 -9.82 -15.93
N VAL A 54 1.08 -9.02 -15.68
CA VAL A 54 0.94 -7.75 -16.38
C VAL A 54 2.11 -6.84 -16.04
N GLN A 55 2.46 -6.79 -14.76
CA GLN A 55 3.59 -5.96 -14.34
C GLN A 55 4.88 -6.45 -15.01
N THR A 56 5.08 -7.76 -15.08
CA THR A 56 6.28 -8.32 -15.72
C THR A 56 6.46 -7.71 -17.11
N LYS A 57 5.37 -7.66 -17.88
CA LYS A 57 5.43 -7.06 -19.22
C LYS A 57 5.76 -5.59 -19.10
N LEU A 58 5.18 -4.94 -18.10
CA LEU A 58 5.43 -3.52 -17.90
C LEU A 58 6.87 -3.24 -17.48
N ILE A 59 7.58 -4.25 -16.98
CA ILE A 59 8.99 -4.06 -16.60
C ILE A 59 9.93 -4.47 -17.76
N GLU A 60 9.55 -5.49 -18.53
CA GLU A 60 10.37 -5.95 -19.66
C GLU A 60 10.46 -4.88 -20.74
N GLY A 61 9.34 -4.20 -21.01
CA GLY A 61 9.31 -3.17 -22.03
C GLY A 61 9.20 -1.78 -21.42
N ASP A 62 9.80 -1.60 -20.24
CA ASP A 62 9.75 -0.32 -19.54
C ASP A 62 10.49 0.78 -20.32
N ALA A 63 11.17 0.39 -21.40
CA ALA A 63 11.90 1.36 -22.21
C ALA A 63 10.97 2.06 -23.19
N GLY A 64 11.49 3.07 -23.89
CA GLY A 64 10.68 3.81 -24.86
C GLY A 64 10.81 5.32 -24.66
N GLU A 65 10.45 5.80 -23.47
CA GLU A 65 10.53 7.23 -23.19
C GLU A 65 11.97 7.72 -23.18
N GLY A 66 12.86 6.90 -22.64
CA GLY A 66 14.28 7.27 -22.58
C GLY A 66 15.15 6.04 -22.36
N LYS A 67 16.47 6.25 -22.44
CA LYS A 67 17.41 5.15 -22.27
C LYS A 67 17.39 4.63 -20.82
N MET A 68 18.11 5.32 -19.94
CA MET A 68 18.20 4.93 -18.54
C MET A 68 16.88 5.05 -17.79
N LYS A 69 16.13 6.12 -18.08
CA LYS A 69 14.87 6.35 -17.37
C LYS A 69 13.76 5.39 -17.80
N VAL A 70 12.84 5.14 -16.87
CA VAL A 70 11.71 4.23 -17.10
C VAL A 70 10.41 4.88 -16.65
N SER A 71 9.28 4.23 -16.95
CA SER A 71 7.98 4.77 -16.55
C SER A 71 7.94 4.91 -15.03
N LEU A 72 7.54 6.10 -14.57
CA LEU A 72 7.48 6.40 -13.14
C LEU A 72 6.43 5.55 -12.41
N VAL A 73 5.30 5.39 -13.07
CA VAL A 73 4.18 4.62 -12.52
C VAL A 73 4.55 3.16 -12.22
N LEU A 74 5.60 2.69 -12.86
CA LEU A 74 6.02 1.30 -12.65
C LEU A 74 6.18 0.99 -11.17
N VAL A 75 6.62 2.01 -10.44
CA VAL A 75 6.86 1.86 -9.01
C VAL A 75 5.50 1.77 -8.29
N HIS A 76 4.27 2.79 -8.68
CA HIS A 76 2.93 2.80 -8.08
C HIS A 76 2.32 1.40 -8.16
N ALA A 77 2.64 0.69 -9.25
CA ALA A 77 2.16 -0.66 -9.44
C ALA A 77 3.00 -1.66 -8.65
N GLN A 78 4.33 -1.51 -8.72
CA GLN A 78 5.21 -2.43 -8.01
C GLN A 78 5.00 -2.32 -6.50
N LEU A 79 4.96 -1.09 -6.01
CA LEU A 79 4.72 -0.86 -4.59
C LEU A 79 3.44 -1.54 -4.13
N HIS A 80 2.35 -1.32 -4.85
CA HIS A 80 1.08 -1.91 -4.47
C HIS A 80 1.12 -3.44 -4.62
N LEU A 81 1.65 -3.90 -5.74
CA LEU A 81 1.74 -5.34 -5.99
C LEU A 81 2.64 -6.04 -4.98
N MET A 82 3.80 -5.45 -4.70
CA MET A 82 4.74 -6.05 -3.75
C MET A 82 4.11 -6.14 -2.37
N THR A 83 3.46 -5.05 -1.96
CA THR A 83 2.81 -5.00 -0.65
C THR A 83 1.69 -6.04 -0.56
N SER A 84 0.84 -6.07 -1.58
CA SER A 84 -0.29 -7.01 -1.61
C SER A 84 0.20 -8.46 -1.60
N MET A 85 1.16 -8.78 -2.45
CA MET A 85 1.69 -10.14 -2.51
C MET A 85 2.26 -10.57 -1.18
N LEU A 86 3.07 -9.70 -0.59
CA LEU A 86 3.68 -10.00 0.70
C LEU A 86 2.61 -10.19 1.78
N ALA A 87 1.64 -9.28 1.79
CA ALA A 87 0.56 -9.36 2.76
C ALA A 87 -0.15 -10.70 2.67
N ARG A 88 -0.49 -11.10 1.47
CA ARG A 88 -1.18 -12.37 1.27
C ARG A 88 -0.35 -13.55 1.78
N GLU A 89 0.93 -13.57 1.45
CA GLU A 89 1.77 -14.67 1.88
C GLU A 89 1.79 -14.78 3.39
N LEU A 90 1.95 -13.65 4.06
CA LEU A 90 1.96 -13.64 5.51
C LEU A 90 0.58 -14.03 6.05
N ILE A 91 -0.46 -13.51 5.42
CA ILE A 91 -1.82 -13.85 5.84
C ILE A 91 -2.03 -15.35 5.69
N THR A 92 -1.50 -15.92 4.61
CA THR A 92 -1.60 -17.37 4.40
C THR A 92 -0.98 -18.10 5.59
N GLU A 93 0.20 -17.64 6.01
CA GLU A 93 0.88 -18.23 7.16
C GLU A 93 0.02 -18.08 8.40
N LEU A 94 -0.57 -16.89 8.56
CA LEU A 94 -1.43 -16.62 9.72
C LEU A 94 -2.62 -17.59 9.71
N ILE A 95 -3.20 -17.80 8.55
CA ILE A 95 -4.34 -18.73 8.44
C ILE A 95 -3.90 -20.14 8.83
N GLU A 96 -2.72 -20.56 8.36
CA GLU A 96 -2.22 -21.88 8.71
C GLU A 96 -2.08 -22.00 10.22
N LEU A 97 -1.64 -20.91 10.87
CA LEU A 97 -1.51 -20.92 12.32
C LEU A 97 -2.88 -21.12 12.98
N HIS A 98 -3.89 -20.46 12.44
CA HIS A 98 -5.25 -20.62 12.98
C HIS A 98 -5.63 -22.08 12.92
N GLU A 99 -5.25 -22.75 11.84
CA GLU A 99 -5.55 -24.17 11.68
C GLU A 99 -4.81 -24.98 12.74
N LYS A 100 -3.56 -24.62 13.01
CA LYS A 100 -2.79 -25.32 14.02
C LYS A 100 -3.39 -25.06 15.41
N LEU A 101 -3.92 -23.84 15.61
CA LEU A 101 -4.56 -23.49 16.88
C LEU A 101 -5.80 -24.37 17.09
N LYS A 102 -6.02 -25.30 16.15
CA LYS A 102 -7.18 -26.20 16.21
C LYS A 102 -8.43 -25.52 15.71
N ALA A 103 -8.82 -24.42 16.39
CA ALA A 103 -10.03 -23.67 16.04
C ALA A 103 -10.30 -23.65 14.53
N ALA B 1 22.66 3.11 -13.51
CA ALA B 1 23.97 3.34 -14.19
C ALA B 1 24.86 2.13 -13.94
N GLU B 2 26.00 2.08 -14.64
CA GLU B 2 26.95 0.97 -14.53
C GLU B 2 26.86 0.24 -13.18
N GLU B 3 27.57 0.74 -12.19
CA GLU B 3 27.58 0.13 -10.87
C GLU B 3 26.22 0.21 -10.20
N LEU B 4 25.72 1.44 -10.02
CA LEU B 4 24.42 1.61 -9.38
C LEU B 4 23.38 0.61 -9.91
N GLU B 5 23.37 0.41 -11.22
CA GLU B 5 22.42 -0.52 -11.83
C GLU B 5 22.76 -1.95 -11.47
N GLU B 6 24.03 -2.30 -11.57
CA GLU B 6 24.50 -3.63 -11.23
C GLU B 6 24.38 -3.85 -9.73
N VAL B 7 24.60 -2.79 -8.97
CA VAL B 7 24.51 -2.85 -7.52
C VAL B 7 23.05 -3.11 -7.10
N VAL B 8 22.12 -2.44 -7.77
CA VAL B 8 20.69 -2.63 -7.49
C VAL B 8 20.33 -4.08 -7.74
N MET B 9 20.80 -4.63 -8.86
CA MET B 9 20.52 -6.03 -9.18
C MET B 9 21.01 -6.91 -8.03
N GLY B 10 22.21 -6.62 -7.53
CA GLY B 10 22.75 -7.37 -6.41
C GLY B 10 21.86 -7.21 -5.19
N LEU B 11 21.44 -5.98 -4.93
CA LEU B 11 20.56 -5.70 -3.79
C LEU B 11 19.24 -6.44 -3.93
N ILE B 12 18.67 -6.41 -5.13
CA ILE B 12 17.40 -7.09 -5.38
C ILE B 12 17.57 -8.58 -5.14
N ILE B 13 18.66 -9.12 -5.68
CA ILE B 13 18.94 -10.54 -5.50
C ILE B 13 19.17 -10.83 -4.02
N ASN B 14 19.95 -9.98 -3.36
CA ASN B 14 20.24 -10.16 -1.94
C ASN B 14 18.94 -10.10 -1.13
N SER B 15 18.11 -9.11 -1.42
CA SER B 15 16.83 -8.99 -0.74
C SER B 15 15.98 -10.23 -0.97
N GLY B 16 15.99 -10.71 -2.22
CA GLY B 16 15.23 -11.91 -2.57
C GLY B 16 15.76 -13.12 -1.81
N GLN B 17 17.08 -13.25 -1.75
CA GLN B 17 17.68 -14.37 -1.03
C GLN B 17 17.31 -14.28 0.45
N ALA B 18 17.35 -13.06 0.98
CA ALA B 18 17.00 -12.84 2.37
C ALA B 18 15.60 -13.36 2.66
N ARG B 19 14.64 -12.97 1.84
CA ARG B 19 13.27 -13.44 2.02
C ARG B 19 13.24 -14.96 1.90
N SER B 20 13.90 -15.47 0.86
CA SER B 20 13.94 -16.91 0.64
C SER B 20 14.41 -17.63 1.89
N LEU B 21 15.50 -17.13 2.48
CA LEU B 21 16.04 -17.73 3.71
C LEU B 21 15.01 -17.60 4.83
N ALA B 22 14.37 -16.44 4.93
CA ALA B 22 13.37 -16.20 5.97
C ALA B 22 12.24 -17.23 5.85
N TYR B 23 11.67 -17.38 4.65
CA TYR B 23 10.60 -18.36 4.46
C TYR B 23 11.12 -19.75 4.79
N ALA B 24 12.36 -20.04 4.38
CA ALA B 24 12.95 -21.33 4.67
C ALA B 24 13.06 -21.49 6.19
N ALA B 25 13.43 -20.41 6.87
CA ALA B 25 13.53 -20.43 8.33
C ALA B 25 12.18 -20.80 8.92
N LEU B 26 11.12 -20.21 8.39
CA LEU B 26 9.78 -20.50 8.86
C LEU B 26 9.45 -21.97 8.62
N LYS B 27 9.80 -22.46 7.44
CA LYS B 27 9.55 -23.86 7.11
C LYS B 27 10.21 -24.78 8.14
N GLN B 28 11.43 -24.43 8.54
CA GLN B 28 12.13 -25.23 9.56
C GLN B 28 11.31 -25.26 10.84
N ALA B 29 10.74 -24.11 11.19
CA ALA B 29 9.91 -24.02 12.40
C ALA B 29 8.73 -24.97 12.31
N LYS B 30 8.09 -25.01 11.14
CA LYS B 30 6.95 -25.90 10.94
C LYS B 30 7.36 -27.35 11.16
N GLN B 31 8.62 -27.67 10.83
CA GLN B 31 9.10 -29.04 11.01
C GLN B 31 9.46 -29.28 12.48
N GLY B 32 9.32 -28.24 13.29
CA GLY B 32 9.63 -28.35 14.72
C GLY B 32 11.13 -28.18 14.99
N ASP B 33 11.86 -27.66 14.00
CA ASP B 33 13.29 -27.46 14.14
C ASP B 33 13.60 -26.02 14.53
N PHE B 34 13.47 -25.71 15.81
CA PHE B 34 13.73 -24.34 16.29
C PHE B 34 15.18 -23.94 16.10
N ALA B 35 16.09 -24.90 16.27
CA ALA B 35 17.52 -24.60 16.15
C ALA B 35 17.86 -24.12 14.74
N ALA B 36 17.43 -24.87 13.74
CA ALA B 36 17.71 -24.50 12.36
C ALA B 36 16.98 -23.20 12.01
N ALA B 37 15.77 -23.03 12.51
CA ALA B 37 15.03 -21.80 12.24
C ALA B 37 15.82 -20.61 12.74
N LYS B 38 16.23 -20.68 14.02
CA LYS B 38 17.01 -19.60 14.63
C LYS B 38 18.27 -19.27 13.81
N ALA B 39 18.99 -20.29 13.40
CA ALA B 39 20.21 -20.10 12.61
C ALA B 39 19.91 -19.41 11.28
N MET B 40 18.83 -19.82 10.64
CA MET B 40 18.44 -19.26 9.36
C MET B 40 18.05 -17.78 9.51
N MET B 41 17.32 -17.45 10.57
CA MET B 41 16.92 -16.06 10.78
C MET B 41 18.15 -15.17 10.97
N ASP B 42 19.12 -15.68 11.73
CA ASP B 42 20.33 -14.93 12.01
C ASP B 42 21.06 -14.57 10.73
N GLN B 43 21.21 -15.58 9.86
CA GLN B 43 21.88 -15.36 8.59
C GLN B 43 21.08 -14.40 7.72
N SER B 44 19.76 -14.54 7.73
CA SER B 44 18.91 -13.65 6.95
C SER B 44 19.13 -12.20 7.41
N ARG B 45 19.14 -12.00 8.73
CA ARG B 45 19.35 -10.68 9.30
C ARG B 45 20.69 -10.09 8.83
N MET B 46 21.74 -10.90 8.89
CA MET B 46 23.07 -10.45 8.49
C MET B 46 23.05 -10.04 7.02
N ALA B 47 22.37 -10.84 6.20
CA ALA B 47 22.27 -10.53 4.77
C ALA B 47 21.58 -9.19 4.56
N LEU B 48 20.50 -8.97 5.31
CA LEU B 48 19.75 -7.72 5.21
C LEU B 48 20.59 -6.55 5.72
N ASN B 49 21.30 -6.78 6.81
CA ASN B 49 22.13 -5.75 7.40
C ASN B 49 23.18 -5.26 6.40
N GLU B 50 23.83 -6.19 5.73
CA GLU B 50 24.82 -5.83 4.72
C GLU B 50 24.17 -5.10 3.57
N ALA B 51 23.00 -5.58 3.17
CA ALA B 51 22.25 -4.96 2.08
C ALA B 51 21.83 -3.54 2.48
N HIS B 52 21.32 -3.41 3.70
CA HIS B 52 20.88 -2.11 4.21
C HIS B 52 22.06 -1.13 4.27
N LEU B 53 23.22 -1.64 4.69
CA LEU B 53 24.42 -0.80 4.79
C LEU B 53 24.77 -0.23 3.41
N VAL B 54 24.71 -1.09 2.40
CA VAL B 54 25.03 -0.66 1.04
C VAL B 54 24.01 0.40 0.61
N GLN B 55 22.73 0.16 0.90
CA GLN B 55 21.70 1.13 0.53
C GLN B 55 21.96 2.45 1.25
N THR B 56 22.32 2.39 2.54
CA THR B 56 22.60 3.61 3.30
C THR B 56 23.57 4.50 2.53
N LYS B 57 24.65 3.90 2.04
CA LYS B 57 25.62 4.66 1.25
C LYS B 57 24.97 5.20 -0.01
N LEU B 58 24.12 4.39 -0.61
CA LEU B 58 23.44 4.78 -1.84
C LEU B 58 22.45 5.93 -1.59
N ILE B 59 22.02 6.12 -0.32
CA ILE B 59 21.11 7.23 -0.01
C ILE B 59 21.88 8.48 0.45
N GLU B 60 23.00 8.27 1.16
CA GLU B 60 23.81 9.39 1.64
C GLU B 60 24.42 10.17 0.46
N GLY B 61 24.86 9.43 -0.55
CA GLY B 61 25.49 10.05 -1.72
C GLY B 61 24.59 9.96 -2.95
N ASP B 62 23.28 10.02 -2.73
CA ASP B 62 22.32 9.93 -3.82
C ASP B 62 22.41 11.14 -4.77
N ALA B 63 23.21 12.12 -4.40
CA ALA B 63 23.36 13.32 -5.23
C ALA B 63 24.37 13.07 -6.34
N GLY B 64 24.50 14.03 -7.26
CA GLY B 64 25.44 13.90 -8.37
C GLY B 64 24.78 14.23 -9.71
N GLU B 65 23.73 13.48 -10.05
CA GLU B 65 23.03 13.70 -11.32
C GLU B 65 22.34 15.07 -11.33
N GLY B 66 21.76 15.45 -10.20
CA GLY B 66 21.07 16.73 -10.11
C GLY B 66 20.91 17.16 -8.66
N LYS B 67 20.42 18.38 -8.47
CA LYS B 67 20.23 18.92 -7.13
C LYS B 67 19.13 18.16 -6.38
N MET B 68 17.88 18.54 -6.66
CA MET B 68 16.72 17.93 -6.01
C MET B 68 16.52 16.47 -6.40
N LYS B 69 16.75 16.13 -7.66
CA LYS B 69 16.54 14.76 -8.14
C LYS B 69 17.62 13.80 -7.64
N VAL B 70 17.22 12.52 -7.52
CA VAL B 70 18.11 11.47 -7.05
C VAL B 70 18.02 10.24 -7.98
N SER B 71 18.89 9.26 -7.76
CA SER B 71 18.88 8.05 -8.59
C SER B 71 17.52 7.37 -8.49
N LEU B 72 16.93 7.04 -9.64
CA LEU B 72 15.60 6.45 -9.66
C LEU B 72 15.59 5.04 -9.04
N VAL B 73 16.65 4.30 -9.35
CA VAL B 73 16.80 2.93 -8.88
C VAL B 73 16.83 2.84 -7.34
N LEU B 74 17.13 3.95 -6.69
CA LEU B 74 17.19 3.97 -5.23
C LEU B 74 15.91 3.41 -4.62
N VAL B 75 14.80 3.77 -5.25
CA VAL B 75 13.49 3.30 -4.80
C VAL B 75 13.39 1.80 -5.01
N HIS B 76 13.85 1.24 -6.25
CA HIS B 76 13.80 -0.18 -6.54
C HIS B 76 14.49 -0.98 -5.44
N ALA B 77 15.66 -0.51 -5.03
CA ALA B 77 16.41 -1.17 -3.97
C ALA B 77 15.69 -1.01 -2.63
N GLN B 78 15.18 0.20 -2.38
CA GLN B 78 14.49 0.47 -1.12
C GLN B 78 13.21 -0.37 -1.04
N LEU B 79 12.44 -0.39 -2.12
CA LEU B 79 11.22 -1.18 -2.14
C LEU B 79 11.49 -2.65 -1.82
N HIS B 80 12.48 -3.23 -2.48
CA HIS B 80 12.80 -4.62 -2.24
C HIS B 80 13.36 -4.83 -0.84
N LEU B 81 14.27 -3.95 -0.44
CA LEU B 81 14.88 -4.06 0.89
C LEU B 81 13.85 -3.85 2.00
N MET B 82 13.00 -2.85 1.86
CA MET B 82 11.98 -2.57 2.87
C MET B 82 11.02 -3.75 3.01
N THR B 83 10.59 -4.28 1.87
CA THR B 83 9.67 -5.41 1.87
C THR B 83 10.32 -6.64 2.50
N SER B 84 11.55 -6.94 2.10
CA SER B 84 12.26 -8.09 2.64
C SER B 84 12.50 -7.97 4.14
N MET B 85 12.97 -6.81 4.58
CA MET B 85 13.24 -6.60 6.01
C MET B 85 11.96 -6.76 6.83
N LEU B 86 10.89 -6.14 6.36
CA LEU B 86 9.61 -6.21 7.06
C LEU B 86 9.11 -7.65 7.12
N ALA B 87 9.17 -8.33 5.98
CA ALA B 87 8.72 -9.71 5.90
C ALA B 87 9.49 -10.58 6.88
N ARG B 88 10.79 -10.44 6.86
CA ARG B 88 11.65 -11.22 7.75
C ARG B 88 11.28 -10.97 9.21
N GLU B 89 11.08 -9.70 9.59
CA GLU B 89 10.75 -9.38 10.97
C GLU B 89 9.43 -10.05 11.37
N LEU B 90 8.44 -9.96 10.50
CA LEU B 90 7.14 -10.56 10.78
C LEU B 90 7.28 -12.08 10.84
N ILE B 91 8.06 -12.63 9.92
CA ILE B 91 8.30 -14.07 9.91
C ILE B 91 8.95 -14.49 11.23
N THR B 92 9.86 -13.66 11.73
CA THR B 92 10.50 -13.96 13.02
C THR B 92 9.43 -14.07 14.09
N GLU B 93 8.49 -13.13 14.09
CA GLU B 93 7.40 -13.15 15.06
C GLU B 93 6.58 -14.43 14.88
N LEU B 94 6.30 -14.77 13.62
CA LEU B 94 5.54 -15.99 13.33
C LEU B 94 6.27 -17.21 13.87
N ILE B 95 7.59 -17.26 13.68
CA ILE B 95 8.36 -18.38 14.19
C ILE B 95 8.28 -18.46 15.71
N GLU B 96 8.36 -17.30 16.37
CA GLU B 96 8.25 -17.27 17.83
C GLU B 96 6.90 -17.85 18.25
N LEU B 97 5.86 -17.54 17.49
CA LEU B 97 4.52 -18.05 17.79
C LEU B 97 4.52 -19.58 17.69
N HIS B 98 5.19 -20.10 16.66
CA HIS B 98 5.27 -21.55 16.50
C HIS B 98 5.89 -22.17 17.75
N GLU B 99 6.90 -21.48 18.28
CA GLU B 99 7.55 -21.95 19.50
C GLU B 99 6.58 -21.94 20.66
N LYS B 100 5.77 -20.88 20.77
CA LYS B 100 4.79 -20.80 21.84
C LYS B 100 3.72 -21.88 21.65
N LEU B 101 3.39 -22.19 20.39
CA LEU B 101 2.42 -23.25 20.11
C LEU B 101 2.96 -24.60 20.58
N LYS B 102 4.13 -24.57 21.21
CA LYS B 102 4.77 -25.78 21.72
C LYS B 102 5.49 -26.51 20.59
N ALA B 103 4.71 -26.92 19.58
CA ALA B 103 5.25 -27.67 18.43
C ALA B 103 6.64 -27.19 18.04
N ALA C 1 11.12 19.25 -2.05
CA ALA C 1 11.16 20.74 -1.98
C ALA C 1 10.96 21.17 -0.54
N GLU C 2 11.18 22.45 -0.27
CA GLU C 2 11.04 23.02 1.08
C GLU C 2 10.10 22.22 1.98
N GLU C 3 8.81 22.51 1.89
CA GLU C 3 7.83 21.81 2.71
C GLU C 3 7.73 20.34 2.34
N LEU C 4 7.37 20.07 1.08
CA LEU C 4 7.24 18.68 0.63
C LEU C 4 8.38 17.80 1.16
N GLU C 5 9.60 18.32 1.11
CA GLU C 5 10.76 17.57 1.58
C GLU C 5 10.74 17.43 3.10
N GLU C 6 10.47 18.53 3.78
CA GLU C 6 10.41 18.52 5.24
C GLU C 6 9.19 17.70 5.68
N VAL C 7 8.12 17.78 4.89
CA VAL C 7 6.90 17.04 5.17
C VAL C 7 7.17 15.53 5.06
N VAL C 8 7.92 15.14 4.03
CA VAL C 8 8.27 13.74 3.83
C VAL C 8 9.06 13.24 5.04
N MET C 9 10.02 14.04 5.50
CA MET C 9 10.80 13.67 6.66
C MET C 9 9.87 13.40 7.84
N GLY C 10 8.88 14.29 8.01
CA GLY C 10 7.91 14.13 9.08
C GLY C 10 7.12 12.84 8.88
N LEU C 11 6.71 12.59 7.65
CA LEU C 11 5.94 11.37 7.33
C LEU C 11 6.79 10.14 7.59
N ILE C 12 8.05 10.18 7.18
CA ILE C 12 8.94 9.04 7.37
C ILE C 12 9.11 8.78 8.87
N ILE C 13 9.32 9.87 9.61
CA ILE C 13 9.47 9.76 11.06
C ILE C 13 8.16 9.23 11.66
N ASN C 14 7.05 9.81 11.22
CA ASN C 14 5.73 9.40 11.72
C ASN C 14 5.50 7.92 11.43
N SER C 15 5.79 7.51 10.19
CA SER C 15 5.63 6.11 9.81
C SER C 15 6.52 5.24 10.68
N GLY C 16 7.76 5.70 10.90
CA GLY C 16 8.70 4.95 11.73
C GLY C 16 8.18 4.84 13.16
N GLN C 17 7.67 5.95 13.70
CA GLN C 17 7.13 5.92 15.06
C GLN C 17 5.95 4.97 15.12
N ALA C 18 5.12 5.01 14.08
CA ALA C 18 3.96 4.14 14.02
C ALA C 18 4.38 2.67 14.15
N ARG C 19 5.36 2.27 13.33
CA ARG C 19 5.84 0.91 13.40
C ARG C 19 6.41 0.63 14.79
N SER C 20 7.21 1.57 15.28
CA SER C 20 7.81 1.41 16.60
C SER C 20 6.73 1.13 17.65
N LEU C 21 5.66 1.92 17.61
CA LEU C 21 4.56 1.74 18.54
C LEU C 21 3.92 0.37 18.33
N ALA C 22 3.73 0.00 17.06
CA ALA C 22 3.13 -1.29 16.73
C ALA C 22 3.96 -2.44 17.33
N TYR C 23 5.27 -2.43 17.07
CA TYR C 23 6.14 -3.47 17.64
C TYR C 23 6.05 -3.45 19.16
N ALA C 24 6.03 -2.24 19.72
CA ALA C 24 5.92 -2.11 21.17
C ALA C 24 4.59 -2.72 21.62
N ALA C 25 3.54 -2.47 20.85
CA ALA C 25 2.23 -3.03 21.16
C ALA C 25 2.31 -4.55 21.21
N LEU C 26 3.01 -5.12 20.24
CA LEU C 26 3.19 -6.57 20.18
C LEU C 26 3.95 -7.05 21.42
N LYS C 27 4.99 -6.31 21.77
CA LYS C 27 5.79 -6.66 22.94
C LYS C 27 4.90 -6.72 24.19
N GLN C 28 3.99 -5.77 24.31
CA GLN C 28 3.06 -5.75 25.44
C GLN C 28 2.26 -7.04 25.47
N ALA C 29 1.82 -7.47 24.27
CA ALA C 29 1.05 -8.70 24.16
C ALA C 29 1.85 -9.89 24.67
N LYS C 30 3.13 -9.94 24.30
CA LYS C 30 3.99 -11.02 24.76
C LYS C 30 4.07 -11.06 26.28
N GLN C 31 3.98 -9.88 26.90
CA GLN C 31 4.04 -9.80 28.36
C GLN C 31 2.67 -10.17 28.96
N GLY C 32 1.71 -10.44 28.08
CA GLY C 32 0.36 -10.83 28.53
C GLY C 32 -0.47 -9.60 28.89
N ASP C 33 -0.04 -8.43 28.44
CA ASP C 33 -0.76 -7.18 28.70
C ASP C 33 -1.63 -6.80 27.51
N PHE C 34 -2.80 -7.41 27.42
CA PHE C 34 -3.71 -7.14 26.31
C PHE C 34 -4.22 -5.70 26.34
N ALA C 35 -4.43 -5.17 27.54
CA ALA C 35 -4.94 -3.81 27.68
C ALA C 35 -3.97 -2.79 27.08
N ALA C 36 -2.71 -2.89 27.47
CA ALA C 36 -1.71 -1.96 26.96
C ALA C 36 -1.50 -2.17 25.47
N ALA C 37 -1.55 -3.42 25.02
CA ALA C 37 -1.38 -3.71 23.60
C ALA C 37 -2.48 -3.00 22.81
N LYS C 38 -3.72 -3.21 23.22
CA LYS C 38 -4.87 -2.59 22.57
C LYS C 38 -4.72 -1.07 22.49
N ALA C 39 -4.32 -0.45 23.61
CA ALA C 39 -4.16 1.00 23.65
C ALA C 39 -3.06 1.46 22.68
N MET C 40 -1.96 0.72 22.64
CA MET C 40 -0.85 1.06 21.77
C MET C 40 -1.25 0.92 20.30
N MET C 41 -2.03 -0.11 19.99
CA MET C 41 -2.48 -0.31 18.61
C MET C 41 -3.35 0.85 18.16
N ASP C 42 -4.25 1.28 19.04
CA ASP C 42 -5.17 2.36 18.72
C ASP C 42 -4.41 3.63 18.38
N GLN C 43 -3.42 3.97 19.21
CA GLN C 43 -2.61 5.16 18.97
C GLN C 43 -1.83 5.03 17.67
N SER C 44 -1.30 3.85 17.42
CA SER C 44 -0.55 3.60 16.19
C SER C 44 -1.44 3.87 14.98
N ARG C 45 -2.67 3.32 15.03
CA ARG C 45 -3.64 3.50 13.96
C ARG C 45 -3.93 4.99 13.72
N MET C 46 -4.14 5.72 14.81
CA MET C 46 -4.43 7.15 14.72
C MET C 46 -3.26 7.89 14.08
N ALA C 47 -2.04 7.51 14.47
CA ALA C 47 -0.84 8.14 13.91
C ALA C 47 -0.78 7.91 12.40
N LEU C 48 -1.08 6.68 11.98
CA LEU C 48 -1.07 6.33 10.57
C LEU C 48 -2.17 7.06 9.82
N ASN C 49 -3.34 7.15 10.45
CA ASN C 49 -4.48 7.81 9.84
C ASN C 49 -4.14 9.27 9.52
N GLU C 50 -3.51 9.95 10.47
CA GLU C 50 -3.11 11.33 10.26
C GLU C 50 -2.06 11.41 9.16
N ALA C 51 -1.13 10.47 9.19
CA ALA C 51 -0.07 10.43 8.18
C ALA C 51 -0.67 10.15 6.80
N HIS C 52 -1.58 9.19 6.74
CA HIS C 52 -2.25 8.85 5.48
C HIS C 52 -3.02 10.05 4.94
N LEU C 53 -3.69 10.78 5.83
CA LEU C 53 -4.47 11.95 5.43
C LEU C 53 -3.56 12.98 4.76
N VAL C 54 -2.39 13.20 5.35
CA VAL C 54 -1.45 14.16 4.80
C VAL C 54 -0.99 13.67 3.43
N GLN C 55 -0.69 12.38 3.32
CA GLN C 55 -0.26 11.82 2.04
C GLN C 55 -1.38 11.99 1.00
N THR C 56 -2.62 11.74 1.41
CA THR C 56 -3.76 11.88 0.48
C THR C 56 -3.70 13.25 -0.19
N LYS C 57 -3.50 14.29 0.60
CA LYS C 57 -3.40 15.64 0.05
C LYS C 57 -2.20 15.73 -0.88
N LEU C 58 -1.11 15.09 -0.49
CA LEU C 58 0.10 15.11 -1.29
C LEU C 58 -0.08 14.35 -2.61
N ILE C 59 -1.09 13.47 -2.70
CA ILE C 59 -1.33 12.76 -3.95
C ILE C 59 -2.40 13.48 -4.79
N GLU C 60 -3.38 14.10 -4.14
CA GLU C 60 -4.43 14.83 -4.87
C GLU C 60 -3.85 16.03 -5.60
N GLY C 61 -2.89 16.71 -4.98
CA GLY C 61 -2.28 17.89 -5.57
C GLY C 61 -0.83 17.62 -5.97
N ASP C 62 -0.56 16.41 -6.41
CA ASP C 62 0.79 16.03 -6.80
C ASP C 62 1.22 16.75 -8.06
N ALA C 63 0.31 17.49 -8.68
CA ALA C 63 0.63 18.24 -9.90
C ALA C 63 1.30 19.56 -9.56
N GLY C 64 1.78 20.26 -10.59
CA GLY C 64 2.43 21.56 -10.39
C GLY C 64 3.77 21.63 -11.13
N GLU C 65 4.69 20.71 -10.81
CA GLU C 65 5.99 20.70 -11.45
C GLU C 65 5.87 20.38 -12.94
N GLY C 66 4.99 19.45 -13.27
CA GLY C 66 4.80 19.05 -14.66
C GLY C 66 3.45 18.36 -14.86
N LYS C 67 3.12 18.09 -16.11
CA LYS C 67 1.85 17.44 -16.43
C LYS C 67 1.83 16.00 -15.92
N MET C 68 2.44 15.10 -16.70
CA MET C 68 2.48 13.68 -16.36
C MET C 68 3.31 13.38 -15.12
N LYS C 69 4.45 14.07 -14.97
CA LYS C 69 5.34 13.83 -13.84
C LYS C 69 4.79 14.36 -12.52
N VAL C 70 5.20 13.71 -11.43
CA VAL C 70 4.76 14.07 -10.08
C VAL C 70 5.96 14.16 -9.13
N SER C 71 5.72 14.64 -7.91
CA SER C 71 6.80 14.75 -6.93
C SER C 71 7.42 13.38 -6.68
N LEU C 72 8.74 13.30 -6.77
CA LEU C 72 9.45 12.03 -6.61
C LEU C 72 9.31 11.48 -5.19
N VAL C 73 9.40 12.39 -4.22
CA VAL C 73 9.33 12.04 -2.80
C VAL C 73 8.00 11.37 -2.44
N LEU C 74 6.99 11.57 -3.26
CA LEU C 74 5.67 10.99 -3.00
C LEU C 74 5.79 9.49 -2.75
N VAL C 75 6.65 8.87 -3.54
CA VAL C 75 6.87 7.43 -3.42
C VAL C 75 7.55 7.13 -2.09
N HIS C 76 8.61 7.96 -1.65
CA HIS C 76 9.30 7.75 -0.39
C HIS C 76 8.30 7.71 0.76
N ALA C 77 7.37 8.65 0.76
CA ALA C 77 6.35 8.70 1.79
C ALA C 77 5.39 7.53 1.66
N GLN C 78 5.02 7.21 0.42
CA GLN C 78 4.10 6.10 0.17
C GLN C 78 4.74 4.78 0.59
N LEU C 79 5.99 4.58 0.19
CA LEU C 79 6.71 3.36 0.55
C LEU C 79 6.75 3.17 2.06
N HIS C 80 7.13 4.21 2.79
CA HIS C 80 7.20 4.12 4.24
C HIS C 80 5.81 3.94 4.85
N LEU C 81 4.87 4.73 4.38
CA LEU C 81 3.50 4.67 4.89
C LEU C 81 2.85 3.31 4.59
N MET C 82 3.01 2.84 3.37
CA MET C 82 2.42 1.55 2.98
C MET C 82 3.01 0.42 3.82
N THR C 83 4.32 0.45 3.99
CA THR C 83 5.00 -0.58 4.76
C THR C 83 4.54 -0.55 6.22
N SER C 84 4.53 0.64 6.80
CA SER C 84 4.12 0.80 8.20
C SER C 84 2.67 0.37 8.42
N MET C 85 1.76 0.84 7.56
CA MET C 85 0.35 0.48 7.70
C MET C 85 0.16 -1.04 7.61
N LEU C 86 0.80 -1.65 6.63
CA LEU C 86 0.70 -3.09 6.43
C LEU C 86 1.24 -3.83 7.65
N ALA C 87 2.42 -3.42 8.10
CA ALA C 87 3.05 -4.04 9.25
C ALA C 87 2.13 -3.96 10.47
N ARG C 88 1.61 -2.77 10.71
CA ARG C 88 0.74 -2.55 11.84
C ARG C 88 -0.50 -3.47 11.77
N GLU C 89 -1.11 -3.56 10.59
CA GLU C 89 -2.29 -4.42 10.44
C GLU C 89 -1.95 -5.88 10.74
N LEU C 90 -0.82 -6.35 10.20
CA LEU C 90 -0.40 -7.72 10.44
C LEU C 90 -0.07 -7.92 11.91
N ILE C 91 0.60 -6.95 12.49
CA ILE C 91 0.95 -7.02 13.90
C ILE C 91 -0.33 -7.12 14.73
N THR C 92 -1.36 -6.39 14.32
CA THR C 92 -2.64 -6.46 15.02
C THR C 92 -3.15 -7.89 14.99
N GLU C 93 -3.06 -8.53 13.83
CA GLU C 93 -3.50 -9.92 13.70
C GLU C 93 -2.66 -10.82 14.62
N LEU C 94 -1.36 -10.56 14.63
CA LEU C 94 -0.45 -11.34 15.47
C LEU C 94 -0.84 -11.20 16.94
N ILE C 95 -1.16 -9.98 17.35
CA ILE C 95 -1.57 -9.73 18.73
C ILE C 95 -2.86 -10.51 19.05
N GLU C 96 -3.80 -10.48 18.12
CA GLU C 96 -5.05 -11.21 18.31
C GLU C 96 -4.75 -12.70 18.53
N LEU C 97 -3.78 -13.21 17.77
CA LEU C 97 -3.39 -14.61 17.91
C LEU C 97 -2.85 -14.87 19.32
N HIS C 98 -2.05 -13.94 19.83
CA HIS C 98 -1.52 -14.09 21.18
C HIS C 98 -2.68 -14.22 22.16
N GLU C 99 -3.73 -13.44 21.92
CA GLU C 99 -4.90 -13.49 22.78
C GLU C 99 -5.57 -14.87 22.68
N LYS C 100 -5.65 -15.41 21.46
CA LYS C 100 -6.25 -16.72 21.29
C LYS C 100 -5.38 -17.78 21.95
N LEU C 101 -4.05 -17.58 21.91
CA LEU C 101 -3.12 -18.52 22.55
C LEU C 101 -3.37 -18.53 24.06
N LYS C 102 -4.36 -17.76 24.51
CA LYS C 102 -4.70 -17.67 25.93
C LYS C 102 -3.78 -16.68 26.63
N ALA C 103 -2.48 -16.99 26.61
CA ALA C 103 -1.45 -16.16 27.26
C ALA C 103 -1.80 -14.67 27.21
N LYS D 1 -19.97 26.95 -1.17
CA LYS D 1 -19.08 26.05 -1.96
C LYS D 1 -19.44 24.59 -1.78
N LYS D 2 -19.77 23.94 -2.87
CA LYS D 2 -20.15 22.54 -2.84
C LYS D 2 -18.93 21.62 -2.88
N HIS D 3 -19.02 20.49 -2.19
CA HIS D 3 -17.93 19.52 -2.13
C HIS D 3 -18.12 18.37 -3.08
N ILE D 4 -17.20 18.26 -4.03
CA ILE D 4 -17.22 17.18 -4.99
C ILE D 4 -16.07 16.24 -4.61
N TYR D 5 -16.39 15.03 -4.18
CA TYR D 5 -15.38 14.06 -3.78
C TYR D 5 -15.33 12.90 -4.76
N LEU D 6 -14.13 12.60 -5.26
CA LEU D 6 -13.90 11.48 -6.19
C LEU D 6 -13.25 10.35 -5.40
N PHE D 7 -13.55 9.08 -5.74
CA PHE D 7 -12.84 7.97 -5.10
C PHE D 7 -12.15 7.06 -6.12
N CYS D 8 -11.01 6.45 -5.67
CA CYS D 8 -10.23 5.44 -6.39
C CYS D 8 -9.54 4.53 -5.39
N SER D 9 -8.60 3.64 -5.75
CA SER D 9 -8.10 2.75 -4.69
C SER D 9 -7.05 3.45 -3.84
N ALA D 10 -6.33 4.48 -4.32
CA ALA D 10 -5.36 5.14 -3.47
C ALA D 10 -5.55 6.64 -3.53
N GLY D 11 -5.80 7.16 -4.73
CA GLY D 11 -6.06 8.58 -4.92
C GLY D 11 -5.03 9.22 -5.84
N MET D 12 -4.39 8.49 -6.75
CA MET D 12 -3.40 9.13 -7.62
C MET D 12 -3.93 9.33 -9.05
N SER D 13 -4.03 8.27 -9.78
CA SER D 13 -4.50 8.37 -11.17
C SER D 13 -5.71 9.29 -11.29
N THR D 14 -6.46 9.50 -10.19
CA THR D 14 -7.62 10.37 -10.31
C THR D 14 -7.22 11.77 -9.88
N SER D 15 -6.09 11.83 -9.22
CA SER D 15 -5.48 13.09 -8.76
C SER D 15 -5.20 14.03 -9.93
N LEU D 16 -4.82 13.46 -11.06
CA LEU D 16 -4.55 14.26 -12.24
C LEU D 16 -5.88 14.86 -12.76
N LEU D 17 -6.96 14.07 -12.72
CA LEU D 17 -8.28 14.55 -13.14
C LEU D 17 -8.75 15.68 -12.19
N VAL D 18 -8.54 15.48 -10.88
CA VAL D 18 -8.91 16.50 -9.89
C VAL D 18 -8.18 17.83 -10.15
N SER D 19 -6.89 17.79 -10.47
CA SER D 19 -6.17 19.03 -10.74
C SER D 19 -6.73 19.77 -11.98
N LYS D 20 -7.12 19.03 -13.02
CA LYS D 20 -7.71 19.66 -14.20
C LYS D 20 -9.12 20.20 -13.91
N MET D 21 -9.87 19.50 -13.07
CA MET D 21 -11.22 20.00 -12.73
C MET D 21 -11.08 21.31 -11.94
N ARG D 22 -10.13 21.39 -11.02
CA ARG D 22 -9.91 22.60 -10.21
C ARG D 22 -9.56 23.79 -11.12
N ALA D 23 -8.79 23.54 -12.18
CA ALA D 23 -8.39 24.59 -13.11
C ALA D 23 -9.63 25.14 -13.81
N GLN D 24 -10.50 24.24 -14.24
CA GLN D 24 -11.72 24.61 -14.91
C GLN D 24 -12.67 25.35 -14.00
N ALA D 25 -12.80 24.88 -12.77
CA ALA D 25 -13.69 25.53 -11.80
C ALA D 25 -13.24 26.96 -11.55
N GLU D 26 -11.93 27.20 -11.60
CA GLU D 26 -11.39 28.54 -11.36
C GLU D 26 -11.65 29.43 -12.57
N LYS D 27 -11.43 28.88 -13.76
CA LYS D 27 -11.63 29.59 -14.99
C LYS D 27 -13.07 30.10 -15.12
N TYR D 28 -14.05 29.29 -14.72
CA TYR D 28 -15.48 29.69 -14.80
C TYR D 28 -16.13 30.10 -13.49
N GLU D 29 -15.33 30.35 -12.46
CA GLU D 29 -15.81 30.78 -11.15
C GLU D 29 -16.89 29.89 -10.51
N VAL D 30 -16.76 28.58 -10.66
CA VAL D 30 -17.70 27.63 -10.08
C VAL D 30 -17.27 27.48 -8.62
N PRO D 31 -18.19 27.73 -7.67
CA PRO D 31 -17.91 27.64 -6.23
C PRO D 31 -17.93 26.21 -5.68
N VAL D 32 -16.88 25.46 -6.01
CA VAL D 32 -16.75 24.08 -5.57
C VAL D 32 -15.38 23.76 -5.01
N ILE D 33 -15.35 22.75 -4.14
CA ILE D 33 -14.13 22.22 -3.55
C ILE D 33 -14.09 20.77 -4.09
N ILE D 34 -12.98 20.40 -4.71
CA ILE D 34 -12.79 19.07 -5.32
C ILE D 34 -11.61 18.31 -4.66
N GLU D 35 -11.86 17.09 -4.18
CA GLU D 35 -10.83 16.27 -3.52
C GLU D 35 -10.93 14.82 -4.00
N ALA D 36 -9.78 14.14 -4.09
CA ALA D 36 -9.71 12.73 -4.50
C ALA D 36 -9.34 11.92 -3.25
N PHE D 37 -9.93 10.74 -3.09
CA PHE D 37 -9.64 9.87 -1.95
C PHE D 37 -9.66 8.44 -2.43
N PRO D 38 -9.08 7.53 -1.64
CA PRO D 38 -9.07 6.11 -2.02
C PRO D 38 -10.49 5.61 -1.70
N GLU D 39 -10.91 4.54 -2.35
CA GLU D 39 -12.24 3.96 -2.13
C GLU D 39 -12.51 3.54 -0.69
N THR D 40 -11.46 3.29 0.09
CA THR D 40 -11.63 2.88 1.48
C THR D 40 -12.26 3.95 2.37
N LEU D 41 -12.19 5.21 1.94
CA LEU D 41 -12.77 6.32 2.70
C LEU D 41 -14.15 6.77 2.20
N ALA D 42 -14.74 6.07 1.21
CA ALA D 42 -16.05 6.45 0.63
C ALA D 42 -17.14 6.64 1.68
N GLY D 43 -17.12 5.80 2.71
CA GLY D 43 -18.13 5.91 3.75
C GLY D 43 -17.81 6.98 4.77
N GLU D 44 -16.53 7.16 5.08
CA GLU D 44 -16.15 8.15 6.07
C GLU D 44 -16.16 9.59 5.49
N LYS D 45 -15.52 9.77 4.34
CA LYS D 45 -15.46 11.08 3.70
C LYS D 45 -16.73 11.45 2.92
N GLY D 46 -17.38 10.46 2.32
CA GLY D 46 -18.60 10.70 1.55
C GLY D 46 -19.69 11.43 2.29
N GLN D 47 -19.77 11.23 3.60
CA GLN D 47 -20.79 11.89 4.43
C GLN D 47 -20.74 13.42 4.34
N ASN D 48 -19.59 13.97 3.95
CA ASN D 48 -19.43 15.41 3.87
C ASN D 48 -19.45 15.95 2.45
N ALA D 49 -19.66 15.08 1.48
CA ALA D 49 -19.67 15.54 0.10
C ALA D 49 -21.06 15.97 -0.30
N ASP D 50 -21.11 16.82 -1.31
CA ASP D 50 -22.38 17.25 -1.83
C ASP D 50 -22.73 16.32 -2.99
N VAL D 51 -21.69 15.73 -3.60
CA VAL D 51 -21.88 14.75 -4.67
C VAL D 51 -20.68 13.78 -4.61
N VAL D 52 -20.98 12.49 -4.70
CA VAL D 52 -19.97 11.44 -4.66
C VAL D 52 -19.78 10.85 -6.06
N LEU D 53 -18.55 10.92 -6.57
CA LEU D 53 -18.24 10.38 -7.88
C LEU D 53 -17.30 9.18 -7.73
N LEU D 54 -17.60 8.08 -8.42
CA LEU D 54 -16.75 6.88 -8.36
C LEU D 54 -15.96 6.73 -9.63
N GLY D 55 -14.69 6.35 -9.51
CA GLY D 55 -13.84 6.18 -10.68
C GLY D 55 -14.39 5.02 -11.49
N PRO D 56 -14.13 4.94 -12.76
CA PRO D 56 -14.66 3.84 -13.62
C PRO D 56 -14.24 2.42 -13.18
N GLN D 57 -13.07 2.31 -12.54
CA GLN D 57 -12.57 1.02 -12.08
C GLN D 57 -13.39 0.49 -10.90
N ILE D 58 -14.04 1.38 -10.15
CA ILE D 58 -14.82 0.94 -9.01
C ILE D 58 -16.34 1.02 -9.23
N ALA D 59 -16.75 0.99 -10.49
CA ALA D 59 -18.17 1.04 -10.83
C ALA D 59 -18.94 -0.11 -10.19
N TYR D 60 -18.34 -1.30 -10.13
CA TYR D 60 -19.04 -2.44 -9.55
C TYR D 60 -19.46 -2.21 -8.09
N MET D 61 -18.84 -1.23 -7.44
CA MET D 61 -19.15 -0.89 -6.05
C MET D 61 -20.33 0.08 -5.87
N LEU D 62 -20.89 0.58 -6.97
CA LEU D 62 -21.99 1.54 -6.90
C LEU D 62 -23.13 1.19 -5.93
N PRO D 63 -23.73 -0.02 -6.05
CA PRO D 63 -24.82 -0.37 -5.12
C PRO D 63 -24.43 -0.30 -3.65
N GLU D 64 -23.22 -0.72 -3.30
CA GLU D 64 -22.77 -0.68 -1.91
C GLU D 64 -22.60 0.74 -1.42
N ILE D 65 -22.02 1.59 -2.25
CA ILE D 65 -21.83 2.99 -1.85
C ILE D 65 -23.16 3.74 -1.71
N GLN D 66 -24.12 3.42 -2.59
CA GLN D 66 -25.46 4.00 -2.52
C GLN D 66 -26.13 3.64 -1.18
N ARG D 67 -26.00 2.39 -0.73
CA ARG D 67 -26.60 1.98 0.55
C ARG D 67 -25.89 2.63 1.74
N LEU D 68 -24.60 2.88 1.59
CA LEU D 68 -23.77 3.49 2.64
C LEU D 68 -24.11 4.97 2.82
N LEU D 69 -24.39 5.65 1.70
CA LEU D 69 -24.73 7.09 1.68
C LEU D 69 -26.11 7.27 1.01
N PRO D 70 -27.20 6.87 1.69
CA PRO D 70 -28.55 6.99 1.13
C PRO D 70 -29.03 8.44 0.93
N ASN D 71 -28.35 9.38 1.56
CA ASN D 71 -28.75 10.79 1.44
C ASN D 71 -27.82 11.63 0.57
N LYS D 72 -27.08 10.99 -0.33
CA LYS D 72 -26.14 11.69 -1.21
C LYS D 72 -26.26 11.20 -2.63
N PRO D 73 -26.13 12.10 -3.63
CA PRO D 73 -26.21 11.62 -5.02
C PRO D 73 -24.85 10.97 -5.27
N VAL D 74 -24.87 9.73 -5.75
CA VAL D 74 -23.64 8.96 -6.02
C VAL D 74 -23.64 8.48 -7.46
N GLU D 75 -22.58 8.72 -8.19
CA GLU D 75 -22.53 8.22 -9.55
C GLU D 75 -21.13 7.95 -10.07
N VAL D 76 -21.06 7.12 -11.10
CA VAL D 76 -19.80 6.72 -11.71
C VAL D 76 -19.40 7.72 -12.78
N ILE D 77 -18.11 8.03 -12.84
CA ILE D 77 -17.58 8.96 -13.83
C ILE D 77 -17.54 8.27 -15.17
N ASP D 78 -17.96 8.97 -16.21
CA ASP D 78 -17.94 8.40 -17.55
C ASP D 78 -16.51 7.95 -17.89
N SER D 79 -16.33 6.69 -18.28
CA SER D 79 -14.99 6.17 -18.58
C SER D 79 -14.18 6.90 -19.65
N LEU D 80 -14.87 7.44 -20.65
CA LEU D 80 -14.19 8.17 -21.73
C LEU D 80 -13.73 9.53 -21.23
N LEU D 81 -14.58 10.18 -20.45
CA LEU D 81 -14.26 11.49 -19.90
C LEU D 81 -13.10 11.33 -18.94
N TYR D 82 -13.10 10.21 -18.22
CA TYR D 82 -12.04 9.90 -17.25
C TYR D 82 -10.71 9.58 -17.95
N GLY D 83 -10.75 8.68 -18.92
CA GLY D 83 -9.54 8.32 -19.64
C GLY D 83 -8.87 9.50 -20.31
N LYS D 84 -9.68 10.37 -20.87
CA LYS D 84 -9.22 11.56 -21.59
C LYS D 84 -8.79 12.70 -20.65
N VAL D 85 -9.07 12.52 -19.35
CA VAL D 85 -8.77 13.52 -18.31
C VAL D 85 -9.47 14.86 -18.61
N ASP D 86 -10.76 14.77 -18.94
CA ASP D 86 -11.57 15.95 -19.28
C ASP D 86 -12.09 16.63 -18.03
N GLY D 87 -11.29 17.56 -17.51
CA GLY D 87 -11.64 18.31 -16.31
C GLY D 87 -12.94 19.07 -16.45
N LEU D 88 -13.16 19.73 -17.60
CA LEU D 88 -14.39 20.49 -17.80
C LEU D 88 -15.63 19.58 -17.87
N GLY D 89 -15.50 18.50 -18.64
CA GLY D 89 -16.59 17.56 -18.81
C GLY D 89 -17.07 16.91 -17.53
N VAL D 90 -16.12 16.49 -16.69
CA VAL D 90 -16.48 15.84 -15.42
C VAL D 90 -17.04 16.88 -14.45
N LEU D 91 -16.47 18.08 -14.49
CA LEU D 91 -16.97 19.15 -13.63
C LEU D 91 -18.46 19.39 -14.00
N LYS D 92 -18.76 19.42 -15.30
CA LYS D 92 -20.15 19.61 -15.75
C LYS D 92 -21.09 18.52 -15.24
N ALA D 93 -20.64 17.27 -15.30
CA ALA D 93 -21.47 16.14 -14.85
C ALA D 93 -21.76 16.21 -13.35
N ALA D 94 -20.78 16.72 -12.60
CA ALA D 94 -20.90 16.82 -11.15
C ALA D 94 -21.90 17.90 -10.75
N VAL D 95 -21.80 19.06 -11.40
CA VAL D 95 -22.72 20.17 -11.13
C VAL D 95 -24.13 19.69 -11.49
N ALA D 96 -24.25 18.98 -12.61
CA ALA D 96 -25.54 18.45 -13.04
C ALA D 96 -26.13 17.51 -11.99
N ALA D 97 -25.33 16.57 -11.49
CA ALA D 97 -25.85 15.64 -10.49
C ALA D 97 -26.36 16.40 -9.26
N ILE D 98 -25.70 17.51 -8.93
CA ILE D 98 -26.12 18.32 -7.78
C ILE D 98 -27.46 19.01 -8.03
N LYS D 99 -27.63 19.58 -9.24
CA LYS D 99 -28.87 20.26 -9.62
C LYS D 99 -30.01 19.26 -9.71
N LYS D 100 -29.80 18.19 -10.45
CA LYS D 100 -30.83 17.18 -10.59
C LYS D 100 -31.20 16.60 -9.22
N ALA D 101 -30.34 16.79 -8.23
CA ALA D 101 -30.58 16.28 -6.88
C ALA D 101 -31.37 17.24 -6.00
N ALA D 102 -31.14 18.54 -6.18
CA ALA D 102 -31.83 19.57 -5.43
C ALA D 102 -33.22 19.88 -6.02
N ALA D 103 -33.60 19.13 -7.06
CA ALA D 103 -34.88 19.29 -7.72
C ALA D 103 -35.05 18.26 -8.85
P PO3 E . -4.72 5.38 -7.12
O1 PO3 E . -4.08 6.24 -6.04
O2 PO3 E . -5.14 3.96 -6.81
O3 PO3 E . -4.77 5.86 -8.55
N ALA A 1 0.74 7.29 -18.60
CA ALA A 1 0.24 7.59 -19.96
C ALA A 1 -1.09 6.86 -20.17
N GLU A 2 -1.77 7.18 -21.26
CA GLU A 2 -3.08 6.58 -21.60
C GLU A 2 -3.28 5.20 -20.95
N GLU A 3 -2.80 4.17 -21.63
CA GLU A 3 -2.95 2.80 -21.13
C GLU A 3 -2.16 2.60 -19.84
N LEU A 4 -0.84 2.78 -19.91
CA LEU A 4 0.01 2.60 -18.74
C LEU A 4 -0.63 3.20 -17.48
N GLU A 5 -1.21 4.38 -17.61
CA GLU A 5 -1.84 5.05 -16.47
C GLU A 5 -3.12 4.34 -16.08
N GLU A 6 -3.94 4.01 -17.07
CA GLU A 6 -5.19 3.30 -16.82
C GLU A 6 -4.88 1.88 -16.34
N VAL A 7 -3.80 1.31 -16.88
CA VAL A 7 -3.37 -0.03 -16.50
C VAL A 7 -2.93 -0.05 -15.03
N VAL A 8 -2.20 0.99 -14.63
CA VAL A 8 -1.73 1.10 -13.25
C VAL A 8 -2.95 1.16 -12.33
N MET A 9 -3.95 1.96 -12.70
CA MET A 9 -5.17 2.06 -11.90
C MET A 9 -5.77 0.67 -11.73
N GLY A 10 -5.81 -0.09 -12.82
CA GLY A 10 -6.34 -1.45 -12.77
C GLY A 10 -5.49 -2.31 -11.83
N LEU A 11 -4.17 -2.17 -11.95
CA LEU A 11 -3.26 -2.93 -11.10
C LEU A 11 -3.45 -2.56 -9.64
N ILE A 12 -3.57 -1.27 -9.37
CA ILE A 12 -3.76 -0.80 -8.00
C ILE A 12 -5.06 -1.36 -7.46
N ILE A 13 -6.11 -1.29 -8.26
CA ILE A 13 -7.40 -1.82 -7.85
C ILE A 13 -7.30 -3.33 -7.65
N ASN A 14 -6.65 -4.01 -8.60
CA ASN A 14 -6.47 -5.45 -8.53
C ASN A 14 -5.71 -5.82 -7.26
N SER A 15 -4.61 -5.11 -7.03
CA SER A 15 -3.81 -5.35 -5.83
C SER A 15 -4.65 -5.14 -4.57
N GLY A 16 -5.44 -4.06 -4.60
CA GLY A 16 -6.32 -3.75 -3.47
C GLY A 16 -7.35 -4.86 -3.26
N GLN A 17 -7.95 -5.32 -4.36
CA GLN A 17 -8.94 -6.40 -4.27
C GLN A 17 -8.27 -7.65 -3.72
N ALA A 18 -7.05 -7.92 -4.18
CA ALA A 18 -6.31 -9.09 -3.72
C ALA A 18 -6.15 -9.04 -2.21
N ARG A 19 -5.70 -7.91 -1.69
CA ARG A 19 -5.55 -7.77 -0.25
C ARG A 19 -6.90 -7.95 0.43
N SER A 20 -7.91 -7.28 -0.11
CA SER A 20 -9.25 -7.36 0.44
C SER A 20 -9.68 -8.83 0.57
N LEU A 21 -9.47 -9.59 -0.49
CA LEU A 21 -9.81 -11.01 -0.48
C LEU A 21 -8.97 -11.74 0.58
N ALA A 22 -7.69 -11.40 0.63
CA ALA A 22 -6.79 -12.03 1.60
C ALA A 22 -7.30 -11.80 3.03
N TYR A 23 -7.59 -10.55 3.38
CA TYR A 23 -8.10 -10.25 4.72
C TYR A 23 -9.41 -11.00 4.93
N ALA A 24 -10.25 -11.03 3.90
CA ALA A 24 -11.51 -11.73 3.99
C ALA A 24 -11.24 -13.22 4.25
N ALA A 25 -10.23 -13.75 3.56
CA ALA A 25 -9.84 -15.14 3.75
C ALA A 25 -9.48 -15.38 5.21
N LEU A 26 -8.72 -14.46 5.78
CA LEU A 26 -8.32 -14.57 7.18
C LEU A 26 -9.56 -14.55 8.07
N LYS A 27 -10.48 -13.64 7.77
CA LYS A 27 -11.71 -13.53 8.54
C LYS A 27 -12.45 -14.87 8.56
N GLN A 28 -12.48 -15.54 7.41
CA GLN A 28 -13.15 -16.84 7.31
C GLN A 28 -12.48 -17.81 8.28
N ALA A 29 -11.15 -17.75 8.35
CA ALA A 29 -10.39 -18.62 9.24
C ALA A 29 -10.80 -18.38 10.69
N LYS A 30 -10.95 -17.12 11.05
CA LYS A 30 -11.36 -16.77 12.41
C LYS A 30 -12.72 -17.37 12.73
N GLN A 31 -13.58 -17.50 11.72
CA GLN A 31 -14.89 -18.08 11.93
C GLN A 31 -14.80 -19.60 11.96
N GLY A 32 -13.60 -20.12 11.77
CA GLY A 32 -13.37 -21.56 11.81
C GLY A 32 -13.71 -22.21 10.47
N ASP A 33 -13.83 -21.40 9.43
CA ASP A 33 -14.15 -21.90 8.09
C ASP A 33 -12.88 -22.06 7.26
N PHE A 34 -12.18 -23.18 7.47
CA PHE A 34 -10.93 -23.42 6.73
C PHE A 34 -11.18 -23.60 5.24
N ALA A 35 -12.31 -24.21 4.89
CA ALA A 35 -12.63 -24.46 3.49
C ALA A 35 -12.77 -23.14 2.72
N ALA A 36 -13.56 -22.23 3.26
CA ALA A 36 -13.76 -20.95 2.60
C ALA A 36 -12.46 -20.14 2.60
N ALA A 37 -11.70 -20.23 3.68
CA ALA A 37 -10.43 -19.52 3.75
C ALA A 37 -9.52 -19.99 2.60
N LYS A 38 -9.36 -21.30 2.49
CA LYS A 38 -8.53 -21.90 1.45
C LYS A 38 -8.96 -21.42 0.06
N ALA A 39 -10.26 -21.45 -0.21
CA ALA A 39 -10.77 -21.03 -1.51
C ALA A 39 -10.47 -19.57 -1.79
N MET A 40 -10.61 -18.74 -0.76
CA MET A 40 -10.36 -17.30 -0.90
C MET A 40 -8.88 -17.03 -1.18
N MET A 41 -7.98 -17.76 -0.50
CA MET A 41 -6.55 -17.56 -0.72
C MET A 41 -6.19 -17.92 -2.15
N ASP A 42 -6.77 -19.01 -2.65
CA ASP A 42 -6.47 -19.48 -3.99
C ASP A 42 -6.83 -18.42 -5.02
N GLN A 43 -8.03 -17.87 -4.88
CA GLN A 43 -8.48 -16.82 -5.80
C GLN A 43 -7.61 -15.59 -5.67
N SER A 44 -7.25 -15.24 -4.44
CA SER A 44 -6.40 -14.08 -4.20
C SER A 44 -5.06 -14.28 -4.91
N ARG A 45 -4.49 -15.47 -4.78
CA ARG A 45 -3.22 -15.82 -5.43
C ARG A 45 -3.32 -15.66 -6.95
N MET A 46 -4.40 -16.18 -7.51
CA MET A 46 -4.63 -16.11 -8.95
C MET A 46 -4.72 -14.65 -9.40
N ALA A 47 -5.41 -13.83 -8.62
CA ALA A 47 -5.56 -12.41 -8.94
C ALA A 47 -4.19 -11.74 -9.00
N LEU A 48 -3.35 -12.05 -8.02
CA LEU A 48 -2.00 -11.49 -7.95
C LEU A 48 -1.15 -11.98 -9.12
N ASN A 49 -1.29 -13.26 -9.41
CA ASN A 49 -0.51 -13.87 -10.48
C ASN A 49 -0.77 -13.15 -11.80
N GLU A 50 -2.04 -12.89 -12.07
CA GLU A 50 -2.41 -12.17 -13.29
C GLU A 50 -1.86 -10.75 -13.23
N ALA A 51 -1.97 -10.13 -12.05
CA ALA A 51 -1.47 -8.77 -11.87
C ALA A 51 0.06 -8.75 -12.05
N HIS A 52 0.73 -9.71 -11.44
CA HIS A 52 2.19 -9.81 -11.54
C HIS A 52 2.61 -10.01 -13.00
N LEU A 53 1.86 -10.83 -13.72
CA LEU A 53 2.16 -11.11 -15.12
C LEU A 53 2.11 -9.82 -15.93
N VAL A 54 1.08 -9.02 -15.68
CA VAL A 54 0.94 -7.75 -16.38
C VAL A 54 2.11 -6.84 -16.04
N GLN A 55 2.46 -6.79 -14.76
CA GLN A 55 3.59 -5.96 -14.34
C GLN A 55 4.88 -6.45 -15.01
N THR A 56 5.08 -7.76 -15.08
CA THR A 56 6.28 -8.32 -15.72
C THR A 56 6.46 -7.71 -17.11
N LYS A 57 5.37 -7.66 -17.88
CA LYS A 57 5.43 -7.06 -19.22
C LYS A 57 5.76 -5.59 -19.10
N LEU A 58 5.18 -4.94 -18.10
CA LEU A 58 5.43 -3.52 -17.90
C LEU A 58 6.87 -3.24 -17.48
N ILE A 59 7.58 -4.25 -16.98
CA ILE A 59 8.99 -4.06 -16.60
C ILE A 59 9.93 -4.47 -17.76
N GLU A 60 9.55 -5.49 -18.53
CA GLU A 60 10.37 -5.95 -19.66
C GLU A 60 10.46 -4.88 -20.74
N GLY A 61 9.34 -4.20 -21.01
CA GLY A 61 9.31 -3.17 -22.03
C GLY A 61 9.20 -1.78 -21.42
N ASP A 62 9.80 -1.60 -20.24
CA ASP A 62 9.75 -0.32 -19.54
C ASP A 62 10.49 0.78 -20.32
N ALA A 63 11.17 0.39 -21.40
CA ALA A 63 11.90 1.36 -22.21
C ALA A 63 10.97 2.06 -23.19
N GLY A 64 11.49 3.07 -23.89
CA GLY A 64 10.68 3.81 -24.86
C GLY A 64 10.81 5.32 -24.66
N GLU A 65 10.45 5.80 -23.47
CA GLU A 65 10.53 7.23 -23.19
C GLU A 65 11.97 7.72 -23.18
N GLY A 66 12.86 6.90 -22.64
CA GLY A 66 14.28 7.27 -22.58
C GLY A 66 15.15 6.04 -22.36
N LYS A 67 16.47 6.25 -22.44
CA LYS A 67 17.41 5.15 -22.27
C LYS A 67 17.39 4.63 -20.82
N MET A 68 18.11 5.32 -19.94
CA MET A 68 18.20 4.93 -18.54
C MET A 68 16.88 5.05 -17.79
N LYS A 69 16.13 6.12 -18.08
CA LYS A 69 14.87 6.35 -17.37
C LYS A 69 13.76 5.39 -17.80
N VAL A 70 12.84 5.14 -16.87
CA VAL A 70 11.71 4.23 -17.10
C VAL A 70 10.41 4.88 -16.65
N SER A 71 9.28 4.23 -16.95
CA SER A 71 7.98 4.77 -16.55
C SER A 71 7.94 4.91 -15.03
N LEU A 72 7.54 6.10 -14.57
CA LEU A 72 7.48 6.40 -13.14
C LEU A 72 6.43 5.55 -12.41
N VAL A 73 5.30 5.39 -13.07
CA VAL A 73 4.18 4.62 -12.52
C VAL A 73 4.55 3.16 -12.22
N LEU A 74 5.63 2.69 -12.80
CA LEU A 74 6.06 1.32 -12.51
C LEU A 74 6.22 1.10 -11.02
N VAL A 75 6.62 2.17 -10.33
CA VAL A 75 6.82 2.13 -8.88
C VAL A 75 5.46 1.98 -8.20
N HIS A 76 4.19 2.93 -8.62
CA HIS A 76 2.83 2.87 -8.05
C HIS A 76 2.29 1.45 -8.17
N ALA A 77 2.67 0.76 -9.25
CA ALA A 77 2.22 -0.61 -9.48
C ALA A 77 3.06 -1.59 -8.66
N GLN A 78 4.39 -1.46 -8.72
CA GLN A 78 5.25 -2.41 -8.02
C GLN A 78 5.02 -2.31 -6.51
N LEU A 79 4.96 -1.09 -6.01
CA LEU A 79 4.72 -0.86 -4.59
C LEU A 79 3.44 -1.54 -4.13
N HIS A 80 2.35 -1.32 -4.85
CA HIS A 80 1.08 -1.91 -4.47
C HIS A 80 1.12 -3.44 -4.62
N LEU A 81 1.65 -3.90 -5.74
CA LEU A 81 1.74 -5.34 -5.99
C LEU A 81 2.64 -6.04 -4.98
N MET A 82 3.80 -5.45 -4.70
CA MET A 82 4.74 -6.05 -3.75
C MET A 82 4.11 -6.14 -2.37
N THR A 83 3.46 -5.05 -1.96
CA THR A 83 2.81 -5.00 -0.65
C THR A 83 1.69 -6.04 -0.56
N SER A 84 0.84 -6.07 -1.58
CA SER A 84 -0.29 -7.01 -1.61
C SER A 84 0.20 -8.46 -1.60
N MET A 85 1.16 -8.78 -2.45
CA MET A 85 1.69 -10.14 -2.51
C MET A 85 2.26 -10.57 -1.18
N LEU A 86 3.07 -9.70 -0.59
CA LEU A 86 3.68 -10.00 0.70
C LEU A 86 2.61 -10.19 1.78
N ALA A 87 1.64 -9.28 1.79
CA ALA A 87 0.56 -9.36 2.76
C ALA A 87 -0.15 -10.70 2.67
N ARG A 88 -0.49 -11.10 1.47
CA ARG A 88 -1.18 -12.37 1.27
C ARG A 88 -0.35 -13.55 1.78
N GLU A 89 0.93 -13.57 1.45
CA GLU A 89 1.77 -14.67 1.88
C GLU A 89 1.79 -14.78 3.39
N LEU A 90 1.95 -13.65 4.06
CA LEU A 90 1.96 -13.64 5.51
C LEU A 90 0.58 -14.03 6.05
N ILE A 91 -0.46 -13.51 5.42
CA ILE A 91 -1.82 -13.85 5.84
C ILE A 91 -2.03 -15.35 5.69
N THR A 92 -1.50 -15.92 4.61
CA THR A 92 -1.60 -17.37 4.40
C THR A 92 -0.98 -18.10 5.59
N GLU A 93 0.20 -17.64 6.01
CA GLU A 93 0.88 -18.23 7.16
C GLU A 93 0.02 -18.08 8.40
N LEU A 94 -0.57 -16.89 8.56
CA LEU A 94 -1.43 -16.62 9.72
C LEU A 94 -2.62 -17.59 9.71
N ILE A 95 -3.20 -17.80 8.55
CA ILE A 95 -4.34 -18.73 8.44
C ILE A 95 -3.90 -20.14 8.83
N GLU A 96 -2.72 -20.56 8.36
CA GLU A 96 -2.22 -21.88 8.71
C GLU A 96 -2.08 -22.00 10.22
N LEU A 97 -1.64 -20.91 10.87
CA LEU A 97 -1.51 -20.92 12.32
C LEU A 97 -2.88 -21.12 12.98
N HIS A 98 -3.89 -20.46 12.44
CA HIS A 98 -5.25 -20.62 12.98
C HIS A 98 -5.63 -22.08 12.92
N GLU A 99 -5.25 -22.75 11.84
CA GLU A 99 -5.55 -24.17 11.68
C GLU A 99 -4.81 -24.98 12.74
N LYS A 100 -3.56 -24.62 13.01
CA LYS A 100 -2.79 -25.32 14.02
C LYS A 100 -3.39 -25.06 15.41
N LEU A 101 -3.92 -23.84 15.61
CA LEU A 101 -4.56 -23.49 16.88
C LEU A 101 -5.80 -24.37 17.09
N LYS A 102 -6.02 -25.30 16.15
CA LYS A 102 -7.18 -26.20 16.21
C LYS A 102 -8.43 -25.52 15.71
N ALA A 103 -8.82 -24.42 16.39
CA ALA A 103 -10.03 -23.67 16.04
C ALA A 103 -10.30 -23.65 14.53
N ALA B 1 22.66 3.11 -13.51
CA ALA B 1 23.97 3.34 -14.19
C ALA B 1 24.86 2.13 -13.94
N GLU B 2 26.00 2.08 -14.64
CA GLU B 2 26.95 0.97 -14.53
C GLU B 2 26.86 0.24 -13.18
N GLU B 3 27.57 0.74 -12.19
CA GLU B 3 27.58 0.13 -10.87
C GLU B 3 26.22 0.21 -10.20
N LEU B 4 25.72 1.44 -10.02
CA LEU B 4 24.42 1.61 -9.38
C LEU B 4 23.38 0.61 -9.91
N GLU B 5 23.37 0.41 -11.22
CA GLU B 5 22.42 -0.52 -11.83
C GLU B 5 22.76 -1.95 -11.47
N GLU B 6 24.03 -2.30 -11.57
CA GLU B 6 24.50 -3.63 -11.23
C GLU B 6 24.38 -3.85 -9.73
N VAL B 7 24.60 -2.79 -8.97
CA VAL B 7 24.51 -2.85 -7.52
C VAL B 7 23.05 -3.11 -7.10
N VAL B 8 22.12 -2.44 -7.77
CA VAL B 8 20.69 -2.63 -7.49
C VAL B 8 20.33 -4.08 -7.74
N MET B 9 20.80 -4.63 -8.86
CA MET B 9 20.52 -6.03 -9.18
C MET B 9 21.01 -6.91 -8.03
N GLY B 10 22.21 -6.62 -7.53
CA GLY B 10 22.75 -7.37 -6.41
C GLY B 10 21.86 -7.21 -5.19
N LEU B 11 21.44 -5.98 -4.93
CA LEU B 11 20.56 -5.70 -3.79
C LEU B 11 19.24 -6.44 -3.93
N ILE B 12 18.67 -6.41 -5.13
CA ILE B 12 17.40 -7.09 -5.38
C ILE B 12 17.57 -8.58 -5.14
N ILE B 13 18.66 -9.12 -5.68
CA ILE B 13 18.94 -10.54 -5.50
C ILE B 13 19.17 -10.83 -4.02
N ASN B 14 19.95 -9.98 -3.36
CA ASN B 14 20.24 -10.16 -1.94
C ASN B 14 18.94 -10.10 -1.13
N SER B 15 18.11 -9.11 -1.42
CA SER B 15 16.83 -8.99 -0.74
C SER B 15 15.98 -10.23 -0.97
N GLY B 16 15.99 -10.71 -2.22
CA GLY B 16 15.23 -11.91 -2.57
C GLY B 16 15.76 -13.12 -1.81
N GLN B 17 17.08 -13.25 -1.75
CA GLN B 17 17.68 -14.37 -1.03
C GLN B 17 17.31 -14.28 0.45
N ALA B 18 17.35 -13.06 0.98
CA ALA B 18 17.00 -12.84 2.37
C ALA B 18 15.60 -13.36 2.66
N ARG B 19 14.64 -12.97 1.84
CA ARG B 19 13.27 -13.44 2.02
C ARG B 19 13.24 -14.96 1.90
N SER B 20 13.90 -15.47 0.86
CA SER B 20 13.94 -16.91 0.64
C SER B 20 14.41 -17.63 1.89
N LEU B 21 15.50 -17.13 2.48
CA LEU B 21 16.04 -17.73 3.71
C LEU B 21 15.01 -17.60 4.83
N ALA B 22 14.37 -16.44 4.93
CA ALA B 22 13.37 -16.20 5.97
C ALA B 22 12.24 -17.23 5.85
N TYR B 23 11.67 -17.38 4.65
CA TYR B 23 10.60 -18.36 4.46
C TYR B 23 11.12 -19.75 4.79
N ALA B 24 12.36 -20.04 4.38
CA ALA B 24 12.95 -21.33 4.67
C ALA B 24 13.06 -21.49 6.19
N ALA B 25 13.43 -20.41 6.87
CA ALA B 25 13.53 -20.43 8.33
C ALA B 25 12.18 -20.80 8.92
N LEU B 26 11.12 -20.21 8.39
CA LEU B 26 9.78 -20.50 8.86
C LEU B 26 9.45 -21.97 8.62
N LYS B 27 9.80 -22.46 7.44
CA LYS B 27 9.55 -23.86 7.11
C LYS B 27 10.21 -24.78 8.14
N GLN B 28 11.43 -24.43 8.54
CA GLN B 28 12.13 -25.23 9.56
C GLN B 28 11.31 -25.26 10.84
N ALA B 29 10.74 -24.11 11.19
CA ALA B 29 9.91 -24.02 12.40
C ALA B 29 8.73 -24.97 12.31
N LYS B 30 8.09 -25.01 11.14
CA LYS B 30 6.95 -25.90 10.94
C LYS B 30 7.36 -27.35 11.16
N GLN B 31 8.62 -27.67 10.83
CA GLN B 31 9.10 -29.04 11.01
C GLN B 31 9.46 -29.28 12.48
N GLY B 32 9.32 -28.24 13.29
CA GLY B 32 9.63 -28.35 14.72
C GLY B 32 11.13 -28.18 14.99
N ASP B 33 11.86 -27.66 14.00
CA ASP B 33 13.29 -27.46 14.14
C ASP B 33 13.60 -26.02 14.53
N PHE B 34 13.47 -25.71 15.81
CA PHE B 34 13.73 -24.34 16.29
C PHE B 34 15.18 -23.94 16.10
N ALA B 35 16.09 -24.90 16.27
CA ALA B 35 17.52 -24.60 16.15
C ALA B 35 17.86 -24.12 14.74
N ALA B 36 17.43 -24.87 13.74
CA ALA B 36 17.71 -24.50 12.36
C ALA B 36 16.98 -23.20 12.01
N ALA B 37 15.77 -23.03 12.51
CA ALA B 37 15.03 -21.80 12.24
C ALA B 37 15.82 -20.61 12.74
N LYS B 38 16.23 -20.68 14.02
CA LYS B 38 17.01 -19.60 14.63
C LYS B 38 18.27 -19.27 13.81
N ALA B 39 18.99 -20.29 13.40
CA ALA B 39 20.21 -20.10 12.61
C ALA B 39 19.91 -19.41 11.28
N MET B 40 18.83 -19.82 10.64
CA MET B 40 18.44 -19.26 9.36
C MET B 40 18.05 -17.78 9.51
N MET B 41 17.32 -17.45 10.57
CA MET B 41 16.92 -16.06 10.78
C MET B 41 18.15 -15.17 10.97
N ASP B 42 19.12 -15.68 11.73
CA ASP B 42 20.33 -14.93 12.01
C ASP B 42 21.06 -14.57 10.73
N GLN B 43 21.21 -15.58 9.86
CA GLN B 43 21.88 -15.36 8.59
C GLN B 43 21.08 -14.40 7.72
N SER B 44 19.76 -14.54 7.73
CA SER B 44 18.91 -13.65 6.95
C SER B 44 19.13 -12.20 7.41
N ARG B 45 19.14 -12.00 8.73
CA ARG B 45 19.35 -10.68 9.30
C ARG B 45 20.69 -10.09 8.83
N MET B 46 21.74 -10.90 8.89
CA MET B 46 23.07 -10.45 8.49
C MET B 46 23.05 -10.04 7.02
N ALA B 47 22.37 -10.84 6.20
CA ALA B 47 22.27 -10.53 4.77
C ALA B 47 21.58 -9.19 4.56
N LEU B 48 20.50 -8.97 5.31
CA LEU B 48 19.75 -7.72 5.21
C LEU B 48 20.59 -6.55 5.72
N ASN B 49 21.30 -6.78 6.81
CA ASN B 49 22.13 -5.75 7.40
C ASN B 49 23.18 -5.26 6.40
N GLU B 50 23.83 -6.19 5.73
CA GLU B 50 24.82 -5.83 4.72
C GLU B 50 24.17 -5.10 3.57
N ALA B 51 23.00 -5.58 3.17
CA ALA B 51 22.25 -4.96 2.08
C ALA B 51 21.83 -3.54 2.48
N HIS B 52 21.32 -3.41 3.70
CA HIS B 52 20.88 -2.11 4.21
C HIS B 52 22.06 -1.13 4.27
N LEU B 53 23.22 -1.64 4.69
CA LEU B 53 24.42 -0.80 4.79
C LEU B 53 24.77 -0.23 3.41
N VAL B 54 24.71 -1.09 2.40
CA VAL B 54 25.03 -0.66 1.04
C VAL B 54 24.01 0.40 0.61
N GLN B 55 22.73 0.16 0.90
CA GLN B 55 21.70 1.13 0.53
C GLN B 55 21.96 2.45 1.25
N THR B 56 22.32 2.39 2.54
CA THR B 56 22.60 3.61 3.30
C THR B 56 23.57 4.50 2.53
N LYS B 57 24.65 3.90 2.04
CA LYS B 57 25.62 4.66 1.25
C LYS B 57 24.97 5.20 -0.01
N LEU B 58 24.12 4.39 -0.61
CA LEU B 58 23.44 4.78 -1.84
C LEU B 58 22.45 5.93 -1.59
N ILE B 59 22.02 6.12 -0.32
CA ILE B 59 21.11 7.23 -0.01
C ILE B 59 21.88 8.48 0.45
N GLU B 60 23.00 8.27 1.16
CA GLU B 60 23.81 9.39 1.64
C GLU B 60 24.42 10.17 0.46
N GLY B 61 24.86 9.43 -0.55
CA GLY B 61 25.49 10.05 -1.72
C GLY B 61 24.59 9.96 -2.95
N ASP B 62 23.28 10.02 -2.73
CA ASP B 62 22.32 9.93 -3.82
C ASP B 62 22.41 11.14 -4.77
N ALA B 63 23.21 12.12 -4.40
CA ALA B 63 23.36 13.32 -5.23
C ALA B 63 24.37 13.07 -6.34
N GLY B 64 24.50 14.03 -7.26
CA GLY B 64 25.44 13.90 -8.37
C GLY B 64 24.78 14.23 -9.71
N GLU B 65 23.73 13.48 -10.05
CA GLU B 65 23.03 13.70 -11.32
C GLU B 65 22.34 15.07 -11.33
N GLY B 66 21.76 15.45 -10.20
CA GLY B 66 21.07 16.73 -10.11
C GLY B 66 20.91 17.16 -8.66
N LYS B 67 20.42 18.38 -8.47
CA LYS B 67 20.23 18.92 -7.13
C LYS B 67 19.13 18.16 -6.38
N MET B 68 17.88 18.54 -6.66
CA MET B 68 16.72 17.93 -6.01
C MET B 68 16.52 16.47 -6.40
N LYS B 69 16.75 16.13 -7.66
CA LYS B 69 16.54 14.76 -8.14
C LYS B 69 17.62 13.80 -7.64
N VAL B 70 17.22 12.52 -7.52
CA VAL B 70 18.11 11.47 -7.05
C VAL B 70 18.02 10.24 -7.98
N SER B 71 18.89 9.26 -7.76
CA SER B 71 18.88 8.05 -8.59
C SER B 71 17.52 7.37 -8.49
N LEU B 72 16.93 7.04 -9.64
CA LEU B 72 15.60 6.45 -9.66
C LEU B 72 15.59 5.04 -9.04
N VAL B 73 16.65 4.30 -9.35
CA VAL B 73 16.80 2.93 -8.88
C VAL B 73 16.83 2.84 -7.34
N LEU B 74 17.06 3.95 -6.66
CA LEU B 74 17.06 3.93 -5.21
C LEU B 74 15.74 3.37 -4.68
N VAL B 75 14.67 3.71 -5.39
CA VAL B 75 13.33 3.26 -5.03
C VAL B 75 13.27 1.74 -5.16
N HIS B 76 13.79 1.12 -6.33
CA HIS B 76 13.76 -0.32 -6.53
C HIS B 76 14.49 -1.04 -5.40
N ALA B 77 15.65 -0.51 -5.03
CA ALA B 77 16.43 -1.10 -3.95
C ALA B 77 15.72 -0.94 -2.62
N GLN B 78 15.16 0.24 -2.38
CA GLN B 78 14.48 0.51 -1.12
C GLN B 78 13.21 -0.35 -1.03
N LEU B 79 12.44 -0.39 -2.12
CA LEU B 79 11.22 -1.18 -2.14
C LEU B 79 11.49 -2.65 -1.82
N HIS B 80 12.48 -3.23 -2.48
CA HIS B 80 12.80 -4.62 -2.24
C HIS B 80 13.36 -4.83 -0.84
N LEU B 81 14.27 -3.95 -0.44
CA LEU B 81 14.88 -4.06 0.89
C LEU B 81 13.85 -3.85 2.00
N MET B 82 13.00 -2.85 1.86
CA MET B 82 11.98 -2.57 2.87
C MET B 82 11.02 -3.75 3.01
N THR B 83 10.59 -4.28 1.87
CA THR B 83 9.67 -5.41 1.87
C THR B 83 10.32 -6.64 2.50
N SER B 84 11.55 -6.94 2.10
CA SER B 84 12.26 -8.09 2.64
C SER B 84 12.50 -7.97 4.14
N MET B 85 12.97 -6.81 4.58
CA MET B 85 13.24 -6.60 6.01
C MET B 85 11.96 -6.76 6.83
N LEU B 86 10.89 -6.14 6.36
CA LEU B 86 9.61 -6.21 7.06
C LEU B 86 9.11 -7.65 7.12
N ALA B 87 9.17 -8.33 5.98
CA ALA B 87 8.72 -9.71 5.90
C ALA B 87 9.49 -10.58 6.88
N ARG B 88 10.79 -10.44 6.86
CA ARG B 88 11.65 -11.22 7.75
C ARG B 88 11.28 -10.97 9.21
N GLU B 89 11.08 -9.70 9.59
CA GLU B 89 10.75 -9.38 10.97
C GLU B 89 9.43 -10.05 11.37
N LEU B 90 8.44 -9.96 10.50
CA LEU B 90 7.14 -10.56 10.78
C LEU B 90 7.28 -12.08 10.84
N ILE B 91 8.06 -12.63 9.92
CA ILE B 91 8.30 -14.07 9.91
C ILE B 91 8.95 -14.49 11.23
N THR B 92 9.86 -13.66 11.73
CA THR B 92 10.50 -13.96 13.02
C THR B 92 9.43 -14.07 14.09
N GLU B 93 8.49 -13.13 14.09
CA GLU B 93 7.40 -13.15 15.06
C GLU B 93 6.58 -14.43 14.88
N LEU B 94 6.30 -14.77 13.62
CA LEU B 94 5.54 -15.99 13.33
C LEU B 94 6.27 -17.21 13.87
N ILE B 95 7.59 -17.26 13.68
CA ILE B 95 8.36 -18.38 14.19
C ILE B 95 8.28 -18.46 15.71
N GLU B 96 8.36 -17.30 16.37
CA GLU B 96 8.25 -17.27 17.83
C GLU B 96 6.90 -17.85 18.25
N LEU B 97 5.86 -17.54 17.49
CA LEU B 97 4.52 -18.05 17.79
C LEU B 97 4.52 -19.58 17.69
N HIS B 98 5.19 -20.10 16.66
CA HIS B 98 5.27 -21.55 16.50
C HIS B 98 5.89 -22.17 17.75
N GLU B 99 6.90 -21.48 18.28
CA GLU B 99 7.55 -21.95 19.50
C GLU B 99 6.58 -21.94 20.66
N LYS B 100 5.77 -20.88 20.77
CA LYS B 100 4.79 -20.80 21.84
C LYS B 100 3.72 -21.88 21.65
N LEU B 101 3.39 -22.19 20.39
CA LEU B 101 2.42 -23.25 20.11
C LEU B 101 2.96 -24.60 20.58
N LYS B 102 4.13 -24.57 21.21
CA LYS B 102 4.77 -25.78 21.72
C LYS B 102 5.49 -26.51 20.59
N ALA B 103 4.71 -26.92 19.58
CA ALA B 103 5.25 -27.67 18.43
C ALA B 103 6.64 -27.19 18.04
N ALA C 1 11.12 19.25 -2.05
CA ALA C 1 11.16 20.74 -1.98
C ALA C 1 10.96 21.17 -0.54
N GLU C 2 11.18 22.45 -0.27
CA GLU C 2 11.04 23.02 1.08
C GLU C 2 10.10 22.22 1.98
N GLU C 3 8.81 22.51 1.89
CA GLU C 3 7.83 21.81 2.71
C GLU C 3 7.73 20.34 2.34
N LEU C 4 7.37 20.07 1.08
CA LEU C 4 7.24 18.68 0.63
C LEU C 4 8.38 17.80 1.16
N GLU C 5 9.60 18.32 1.11
CA GLU C 5 10.76 17.57 1.58
C GLU C 5 10.74 17.43 3.10
N GLU C 6 10.47 18.53 3.78
CA GLU C 6 10.41 18.52 5.24
C GLU C 6 9.19 17.70 5.68
N VAL C 7 8.12 17.78 4.89
CA VAL C 7 6.90 17.04 5.17
C VAL C 7 7.17 15.53 5.06
N VAL C 8 7.92 15.14 4.03
CA VAL C 8 8.27 13.74 3.83
C VAL C 8 9.06 13.24 5.04
N MET C 9 10.02 14.04 5.50
CA MET C 9 10.80 13.67 6.66
C MET C 9 9.87 13.40 7.84
N GLY C 10 8.88 14.29 8.01
CA GLY C 10 7.91 14.13 9.08
C GLY C 10 7.12 12.84 8.88
N LEU C 11 6.71 12.59 7.65
CA LEU C 11 5.94 11.37 7.33
C LEU C 11 6.79 10.14 7.59
N ILE C 12 8.05 10.18 7.18
CA ILE C 12 8.94 9.04 7.37
C ILE C 12 9.11 8.78 8.87
N ILE C 13 9.32 9.87 9.61
CA ILE C 13 9.47 9.76 11.06
C ILE C 13 8.16 9.23 11.66
N ASN C 14 7.05 9.81 11.22
CA ASN C 14 5.73 9.40 11.72
C ASN C 14 5.50 7.92 11.43
N SER C 15 5.79 7.51 10.19
CA SER C 15 5.63 6.11 9.81
C SER C 15 6.52 5.24 10.68
N GLY C 16 7.76 5.70 10.90
CA GLY C 16 8.70 4.95 11.73
C GLY C 16 8.18 4.84 13.16
N GLN C 17 7.67 5.95 13.70
CA GLN C 17 7.13 5.92 15.06
C GLN C 17 5.95 4.97 15.12
N ALA C 18 5.12 5.01 14.08
CA ALA C 18 3.96 4.14 14.02
C ALA C 18 4.38 2.67 14.15
N ARG C 19 5.36 2.27 13.33
CA ARG C 19 5.84 0.91 13.40
C ARG C 19 6.41 0.63 14.79
N SER C 20 7.21 1.57 15.28
CA SER C 20 7.81 1.41 16.60
C SER C 20 6.73 1.13 17.65
N LEU C 21 5.66 1.92 17.61
CA LEU C 21 4.56 1.74 18.54
C LEU C 21 3.92 0.37 18.33
N ALA C 22 3.73 0.00 17.06
CA ALA C 22 3.13 -1.29 16.73
C ALA C 22 3.96 -2.44 17.33
N TYR C 23 5.27 -2.43 17.07
CA TYR C 23 6.14 -3.47 17.64
C TYR C 23 6.05 -3.45 19.16
N ALA C 24 6.03 -2.24 19.72
CA ALA C 24 5.92 -2.11 21.17
C ALA C 24 4.59 -2.72 21.62
N ALA C 25 3.54 -2.47 20.85
CA ALA C 25 2.23 -3.03 21.16
C ALA C 25 2.31 -4.55 21.21
N LEU C 26 3.01 -5.12 20.24
CA LEU C 26 3.19 -6.57 20.18
C LEU C 26 3.95 -7.05 21.42
N LYS C 27 4.99 -6.31 21.77
CA LYS C 27 5.79 -6.66 22.94
C LYS C 27 4.90 -6.72 24.19
N GLN C 28 3.99 -5.77 24.31
CA GLN C 28 3.06 -5.75 25.44
C GLN C 28 2.26 -7.04 25.47
N ALA C 29 1.82 -7.47 24.27
CA ALA C 29 1.05 -8.70 24.16
C ALA C 29 1.85 -9.89 24.67
N LYS C 30 3.13 -9.94 24.30
CA LYS C 30 3.99 -11.02 24.76
C LYS C 30 4.07 -11.06 26.28
N GLN C 31 3.98 -9.88 26.90
CA GLN C 31 4.04 -9.80 28.36
C GLN C 31 2.67 -10.17 28.96
N GLY C 32 1.71 -10.44 28.08
CA GLY C 32 0.36 -10.83 28.53
C GLY C 32 -0.47 -9.60 28.89
N ASP C 33 -0.04 -8.43 28.44
CA ASP C 33 -0.76 -7.18 28.70
C ASP C 33 -1.63 -6.80 27.51
N PHE C 34 -2.80 -7.41 27.42
CA PHE C 34 -3.71 -7.14 26.31
C PHE C 34 -4.22 -5.70 26.34
N ALA C 35 -4.43 -5.17 27.54
CA ALA C 35 -4.94 -3.81 27.68
C ALA C 35 -3.97 -2.79 27.08
N ALA C 36 -2.71 -2.89 27.47
CA ALA C 36 -1.71 -1.96 26.96
C ALA C 36 -1.50 -2.17 25.47
N ALA C 37 -1.55 -3.42 25.02
CA ALA C 37 -1.38 -3.71 23.60
C ALA C 37 -2.48 -3.00 22.81
N LYS C 38 -3.72 -3.21 23.22
CA LYS C 38 -4.87 -2.59 22.57
C LYS C 38 -4.72 -1.07 22.49
N ALA C 39 -4.32 -0.45 23.61
CA ALA C 39 -4.16 1.00 23.65
C ALA C 39 -3.06 1.46 22.68
N MET C 40 -1.96 0.72 22.64
CA MET C 40 -0.85 1.06 21.77
C MET C 40 -1.25 0.92 20.30
N MET C 41 -2.03 -0.11 19.99
CA MET C 41 -2.48 -0.31 18.61
C MET C 41 -3.35 0.85 18.16
N ASP C 42 -4.25 1.28 19.04
CA ASP C 42 -5.17 2.36 18.72
C ASP C 42 -4.41 3.63 18.38
N GLN C 43 -3.42 3.97 19.21
CA GLN C 43 -2.61 5.16 18.97
C GLN C 43 -1.83 5.03 17.67
N SER C 44 -1.30 3.85 17.42
CA SER C 44 -0.55 3.60 16.19
C SER C 44 -1.44 3.87 14.98
N ARG C 45 -2.67 3.32 15.03
CA ARG C 45 -3.64 3.50 13.96
C ARG C 45 -3.93 4.99 13.72
N MET C 46 -4.14 5.72 14.81
CA MET C 46 -4.43 7.15 14.72
C MET C 46 -3.26 7.89 14.08
N ALA C 47 -2.04 7.51 14.47
CA ALA C 47 -0.84 8.14 13.91
C ALA C 47 -0.78 7.91 12.40
N LEU C 48 -1.08 6.68 11.98
CA LEU C 48 -1.07 6.33 10.57
C LEU C 48 -2.17 7.06 9.82
N ASN C 49 -3.34 7.15 10.45
CA ASN C 49 -4.48 7.81 9.84
C ASN C 49 -4.14 9.27 9.52
N GLU C 50 -3.51 9.95 10.47
CA GLU C 50 -3.11 11.33 10.26
C GLU C 50 -2.06 11.41 9.16
N ALA C 51 -1.13 10.47 9.19
CA ALA C 51 -0.07 10.43 8.18
C ALA C 51 -0.67 10.15 6.80
N HIS C 52 -1.58 9.19 6.74
CA HIS C 52 -2.25 8.85 5.48
C HIS C 52 -3.02 10.05 4.94
N LEU C 53 -3.69 10.78 5.83
CA LEU C 53 -4.47 11.95 5.43
C LEU C 53 -3.56 12.98 4.76
N VAL C 54 -2.39 13.20 5.35
CA VAL C 54 -1.45 14.16 4.80
C VAL C 54 -0.99 13.67 3.43
N GLN C 55 -0.69 12.38 3.32
CA GLN C 55 -0.26 11.82 2.04
C GLN C 55 -1.38 11.99 1.00
N THR C 56 -2.62 11.74 1.41
CA THR C 56 -3.76 11.88 0.48
C THR C 56 -3.70 13.25 -0.19
N LYS C 57 -3.50 14.29 0.60
CA LYS C 57 -3.40 15.64 0.05
C LYS C 57 -2.20 15.73 -0.88
N LEU C 58 -1.11 15.09 -0.49
CA LEU C 58 0.10 15.11 -1.29
C LEU C 58 -0.08 14.35 -2.61
N ILE C 59 -1.09 13.47 -2.70
CA ILE C 59 -1.33 12.76 -3.95
C ILE C 59 -2.40 13.48 -4.79
N GLU C 60 -3.38 14.10 -4.14
CA GLU C 60 -4.43 14.83 -4.87
C GLU C 60 -3.85 16.03 -5.60
N GLY C 61 -2.89 16.71 -4.98
CA GLY C 61 -2.28 17.89 -5.57
C GLY C 61 -0.83 17.62 -5.97
N ASP C 62 -0.56 16.41 -6.41
CA ASP C 62 0.79 16.03 -6.80
C ASP C 62 1.22 16.75 -8.06
N ALA C 63 0.31 17.49 -8.68
CA ALA C 63 0.63 18.24 -9.90
C ALA C 63 1.30 19.56 -9.56
N GLY C 64 1.78 20.26 -10.59
CA GLY C 64 2.43 21.56 -10.39
C GLY C 64 3.77 21.63 -11.13
N GLU C 65 4.69 20.71 -10.81
CA GLU C 65 5.99 20.70 -11.45
C GLU C 65 5.87 20.38 -12.94
N GLY C 66 4.99 19.45 -13.27
CA GLY C 66 4.80 19.05 -14.66
C GLY C 66 3.45 18.36 -14.86
N LYS C 67 3.12 18.09 -16.11
CA LYS C 67 1.85 17.44 -16.43
C LYS C 67 1.83 16.00 -15.92
N MET C 68 2.44 15.10 -16.70
CA MET C 68 2.48 13.68 -16.36
C MET C 68 3.31 13.38 -15.12
N LYS C 69 4.45 14.07 -14.97
CA LYS C 69 5.34 13.83 -13.84
C LYS C 69 4.79 14.36 -12.52
N VAL C 70 5.20 13.71 -11.43
CA VAL C 70 4.76 14.07 -10.08
C VAL C 70 5.96 14.16 -9.13
N SER C 71 5.72 14.64 -7.91
CA SER C 71 6.80 14.75 -6.93
C SER C 71 7.42 13.38 -6.68
N LEU C 72 8.74 13.30 -6.77
CA LEU C 72 9.45 12.03 -6.61
C LEU C 72 9.31 11.48 -5.19
N VAL C 73 9.40 12.39 -4.22
CA VAL C 73 9.33 12.04 -2.80
C VAL C 73 8.00 11.37 -2.44
N LEU C 74 6.99 11.51 -3.28
CA LEU C 74 5.72 10.85 -3.01
C LEU C 74 5.91 9.36 -2.79
N VAL C 75 6.85 8.80 -3.55
CA VAL C 75 7.17 7.39 -3.47
C VAL C 75 7.75 7.08 -2.09
N HIS C 76 8.76 7.92 -1.57
CA HIS C 76 9.36 7.69 -0.26
C HIS C 76 8.29 7.69 0.82
N ALA C 77 7.39 8.65 0.75
CA ALA C 77 6.31 8.74 1.74
C ALA C 77 5.36 7.57 1.61
N GLN C 78 5.02 7.20 0.37
CA GLN C 78 4.10 6.10 0.14
C GLN C 78 4.74 4.78 0.58
N LEU C 79 5.99 4.58 0.19
CA LEU C 79 6.71 3.36 0.55
C LEU C 79 6.75 3.17 2.06
N HIS C 80 7.13 4.21 2.79
CA HIS C 80 7.20 4.12 4.24
C HIS C 80 5.81 3.94 4.85
N LEU C 81 4.87 4.73 4.38
CA LEU C 81 3.50 4.67 4.89
C LEU C 81 2.85 3.31 4.59
N MET C 82 3.01 2.84 3.37
CA MET C 82 2.42 1.55 2.98
C MET C 82 3.01 0.42 3.82
N THR C 83 4.32 0.45 3.99
CA THR C 83 5.00 -0.58 4.76
C THR C 83 4.54 -0.55 6.22
N SER C 84 4.53 0.64 6.80
CA SER C 84 4.12 0.80 8.20
C SER C 84 2.67 0.37 8.42
N MET C 85 1.76 0.84 7.56
CA MET C 85 0.35 0.48 7.70
C MET C 85 0.16 -1.04 7.61
N LEU C 86 0.80 -1.65 6.63
CA LEU C 86 0.70 -3.09 6.43
C LEU C 86 1.24 -3.83 7.65
N ALA C 87 2.42 -3.42 8.10
CA ALA C 87 3.05 -4.04 9.25
C ALA C 87 2.13 -3.96 10.47
N ARG C 88 1.61 -2.77 10.71
CA ARG C 88 0.74 -2.55 11.84
C ARG C 88 -0.50 -3.47 11.77
N GLU C 89 -1.11 -3.56 10.59
CA GLU C 89 -2.29 -4.42 10.44
C GLU C 89 -1.95 -5.88 10.74
N LEU C 90 -0.82 -6.35 10.20
CA LEU C 90 -0.40 -7.72 10.44
C LEU C 90 -0.07 -7.92 11.91
N ILE C 91 0.60 -6.95 12.49
CA ILE C 91 0.95 -7.02 13.90
C ILE C 91 -0.33 -7.12 14.73
N THR C 92 -1.36 -6.39 14.32
CA THR C 92 -2.64 -6.46 15.02
C THR C 92 -3.15 -7.89 14.99
N GLU C 93 -3.06 -8.53 13.83
CA GLU C 93 -3.50 -9.92 13.70
C GLU C 93 -2.66 -10.82 14.62
N LEU C 94 -1.36 -10.56 14.63
CA LEU C 94 -0.45 -11.34 15.47
C LEU C 94 -0.84 -11.20 16.94
N ILE C 95 -1.16 -9.98 17.35
CA ILE C 95 -1.57 -9.73 18.73
C ILE C 95 -2.86 -10.51 19.05
N GLU C 96 -3.80 -10.48 18.12
CA GLU C 96 -5.05 -11.21 18.31
C GLU C 96 -4.75 -12.70 18.53
N LEU C 97 -3.78 -13.21 17.77
CA LEU C 97 -3.39 -14.61 17.91
C LEU C 97 -2.85 -14.87 19.32
N HIS C 98 -2.05 -13.94 19.83
CA HIS C 98 -1.52 -14.09 21.18
C HIS C 98 -2.68 -14.22 22.16
N GLU C 99 -3.73 -13.44 21.92
CA GLU C 99 -4.90 -13.49 22.78
C GLU C 99 -5.57 -14.87 22.68
N LYS C 100 -5.65 -15.41 21.46
CA LYS C 100 -6.25 -16.72 21.29
C LYS C 100 -5.38 -17.78 21.95
N LEU C 101 -4.05 -17.58 21.91
CA LEU C 101 -3.12 -18.52 22.55
C LEU C 101 -3.37 -18.53 24.06
N LYS C 102 -4.36 -17.76 24.51
CA LYS C 102 -4.70 -17.67 25.93
C LYS C 102 -3.78 -16.68 26.63
N ALA C 103 -2.48 -16.99 26.61
CA ALA C 103 -1.45 -16.16 27.26
C ALA C 103 -1.80 -14.67 27.21
N LYS D 1 -19.97 26.95 -1.17
CA LYS D 1 -19.08 26.05 -1.96
C LYS D 1 -19.44 24.59 -1.78
N LYS D 2 -19.77 23.94 -2.87
CA LYS D 2 -20.15 22.54 -2.84
C LYS D 2 -18.93 21.62 -2.88
N HIS D 3 -19.02 20.49 -2.19
CA HIS D 3 -17.93 19.52 -2.13
C HIS D 3 -18.12 18.37 -3.08
N ILE D 4 -17.20 18.26 -4.03
CA ILE D 4 -17.22 17.18 -4.99
C ILE D 4 -16.07 16.24 -4.61
N TYR D 5 -16.39 15.03 -4.18
CA TYR D 5 -15.38 14.06 -3.78
C TYR D 5 -15.33 12.90 -4.76
N LEU D 6 -14.13 12.60 -5.26
CA LEU D 6 -13.90 11.48 -6.19
C LEU D 6 -13.25 10.35 -5.40
N PHE D 7 -13.55 9.07 -5.73
CA PHE D 7 -12.85 7.96 -5.10
C PHE D 7 -12.18 7.05 -6.11
N CYS D 8 -11.03 6.42 -5.67
CA CYS D 8 -10.28 5.41 -6.38
C CYS D 8 -9.54 4.52 -5.40
N SER D 9 -8.61 3.64 -5.76
CA SER D 9 -8.08 2.77 -4.71
C SER D 9 -7.06 3.50 -3.85
N ALA D 10 -6.35 4.53 -4.34
CA ALA D 10 -5.38 5.21 -3.49
C ALA D 10 -5.59 6.71 -3.56
N GLY D 11 -5.89 7.21 -4.76
CA GLY D 11 -6.16 8.62 -4.96
C GLY D 11 -5.12 9.28 -5.86
N MET D 12 -4.45 8.54 -6.75
CA MET D 12 -3.45 9.17 -7.61
C MET D 12 -3.96 9.35 -9.05
N SER D 13 -4.05 8.28 -9.76
CA SER D 13 -4.51 8.37 -11.15
C SER D 13 -5.71 9.29 -11.30
N THR D 14 -6.45 9.50 -10.20
CA THR D 14 -7.62 10.37 -10.31
C THR D 14 -7.21 11.78 -9.89
N SER D 15 -6.09 11.83 -9.22
CA SER D 15 -5.48 13.09 -8.76
C SER D 15 -5.20 14.03 -9.93
N LEU D 16 -4.82 13.46 -11.06
CA LEU D 16 -4.55 14.26 -12.24
C LEU D 16 -5.88 14.86 -12.76
N LEU D 17 -6.96 14.07 -12.72
CA LEU D 17 -8.28 14.55 -13.14
C LEU D 17 -8.75 15.68 -12.19
N VAL D 18 -8.54 15.48 -10.88
CA VAL D 18 -8.91 16.50 -9.89
C VAL D 18 -8.18 17.83 -10.15
N SER D 19 -6.89 17.79 -10.47
CA SER D 19 -6.17 19.03 -10.74
C SER D 19 -6.73 19.77 -11.98
N LYS D 20 -7.12 19.03 -13.02
CA LYS D 20 -7.71 19.66 -14.20
C LYS D 20 -9.12 20.20 -13.91
N MET D 21 -9.87 19.50 -13.07
CA MET D 21 -11.22 20.00 -12.73
C MET D 21 -11.08 21.31 -11.94
N ARG D 22 -10.13 21.39 -11.02
CA ARG D 22 -9.91 22.60 -10.21
C ARG D 22 -9.56 23.79 -11.12
N ALA D 23 -8.79 23.54 -12.18
CA ALA D 23 -8.39 24.59 -13.11
C ALA D 23 -9.63 25.14 -13.81
N GLN D 24 -10.50 24.24 -14.24
CA GLN D 24 -11.72 24.61 -14.91
C GLN D 24 -12.67 25.35 -14.00
N ALA D 25 -12.80 24.88 -12.77
CA ALA D 25 -13.69 25.53 -11.80
C ALA D 25 -13.24 26.96 -11.55
N GLU D 26 -11.93 27.20 -11.60
CA GLU D 26 -11.39 28.54 -11.36
C GLU D 26 -11.65 29.43 -12.57
N LYS D 27 -11.43 28.88 -13.76
CA LYS D 27 -11.63 29.59 -14.99
C LYS D 27 -13.07 30.10 -15.12
N TYR D 28 -14.05 29.29 -14.72
CA TYR D 28 -15.48 29.69 -14.80
C TYR D 28 -16.13 30.10 -13.49
N GLU D 29 -15.33 30.35 -12.46
CA GLU D 29 -15.81 30.78 -11.15
C GLU D 29 -16.89 29.89 -10.51
N VAL D 30 -16.76 28.58 -10.66
CA VAL D 30 -17.70 27.63 -10.08
C VAL D 30 -17.27 27.48 -8.62
N PRO D 31 -18.19 27.73 -7.67
CA PRO D 31 -17.91 27.64 -6.23
C PRO D 31 -17.93 26.21 -5.68
N VAL D 32 -16.88 25.46 -6.01
CA VAL D 32 -16.75 24.08 -5.57
C VAL D 32 -15.38 23.76 -5.01
N ILE D 33 -15.35 22.75 -4.14
CA ILE D 33 -14.13 22.22 -3.55
C ILE D 33 -14.09 20.77 -4.09
N ILE D 34 -12.98 20.40 -4.71
CA ILE D 34 -12.79 19.07 -5.32
C ILE D 34 -11.61 18.31 -4.66
N GLU D 35 -11.86 17.09 -4.18
CA GLU D 35 -10.83 16.27 -3.52
C GLU D 35 -10.93 14.82 -4.00
N ALA D 36 -9.78 14.14 -4.09
CA ALA D 36 -9.71 12.73 -4.50
C ALA D 36 -9.34 11.92 -3.25
N PHE D 37 -9.93 10.74 -3.09
CA PHE D 37 -9.64 9.87 -1.95
C PHE D 37 -9.66 8.44 -2.43
N PRO D 38 -9.08 7.53 -1.64
CA PRO D 38 -9.07 6.11 -2.02
C PRO D 38 -10.49 5.61 -1.70
N GLU D 39 -10.91 4.54 -2.35
CA GLU D 39 -12.24 3.96 -2.13
C GLU D 39 -12.51 3.54 -0.69
N THR D 40 -11.46 3.29 0.09
CA THR D 40 -11.63 2.88 1.48
C THR D 40 -12.26 3.95 2.37
N LEU D 41 -12.19 5.21 1.94
CA LEU D 41 -12.77 6.32 2.70
C LEU D 41 -14.15 6.77 2.20
N ALA D 42 -14.74 6.07 1.21
CA ALA D 42 -16.05 6.45 0.63
C ALA D 42 -17.14 6.64 1.68
N GLY D 43 -17.12 5.80 2.71
CA GLY D 43 -18.13 5.91 3.75
C GLY D 43 -17.81 6.98 4.77
N GLU D 44 -16.53 7.16 5.08
CA GLU D 44 -16.15 8.15 6.07
C GLU D 44 -16.16 9.59 5.49
N LYS D 45 -15.52 9.77 4.34
CA LYS D 45 -15.46 11.08 3.70
C LYS D 45 -16.73 11.45 2.92
N GLY D 46 -17.38 10.46 2.32
CA GLY D 46 -18.60 10.70 1.55
C GLY D 46 -19.69 11.43 2.29
N GLN D 47 -19.77 11.23 3.60
CA GLN D 47 -20.79 11.89 4.43
C GLN D 47 -20.74 13.42 4.34
N ASN D 48 -19.59 13.97 3.95
CA ASN D 48 -19.43 15.41 3.87
C ASN D 48 -19.45 15.95 2.45
N ALA D 49 -19.66 15.08 1.48
CA ALA D 49 -19.67 15.54 0.10
C ALA D 49 -21.06 15.97 -0.30
N ASP D 50 -21.11 16.82 -1.31
CA ASP D 50 -22.38 17.25 -1.83
C ASP D 50 -22.73 16.32 -2.99
N VAL D 51 -21.69 15.73 -3.60
CA VAL D 51 -21.88 14.75 -4.67
C VAL D 51 -20.68 13.78 -4.61
N VAL D 52 -20.98 12.49 -4.70
CA VAL D 52 -19.97 11.44 -4.66
C VAL D 52 -19.78 10.85 -6.06
N LEU D 53 -18.55 10.92 -6.57
CA LEU D 53 -18.24 10.38 -7.88
C LEU D 53 -17.30 9.18 -7.73
N LEU D 54 -17.60 8.08 -8.42
CA LEU D 54 -16.75 6.88 -8.36
C LEU D 54 -15.96 6.73 -9.63
N GLY D 55 -14.69 6.35 -9.51
CA GLY D 55 -13.84 6.18 -10.68
C GLY D 55 -14.39 5.02 -11.49
N PRO D 56 -14.13 4.94 -12.76
CA PRO D 56 -14.66 3.84 -13.62
C PRO D 56 -14.24 2.42 -13.18
N GLN D 57 -13.07 2.31 -12.54
CA GLN D 57 -12.57 1.02 -12.08
C GLN D 57 -13.39 0.49 -10.90
N ILE D 58 -14.04 1.38 -10.15
CA ILE D 58 -14.82 0.94 -9.01
C ILE D 58 -16.34 1.02 -9.23
N ALA D 59 -16.75 0.99 -10.49
CA ALA D 59 -18.17 1.04 -10.83
C ALA D 59 -18.94 -0.11 -10.19
N TYR D 60 -18.34 -1.30 -10.13
CA TYR D 60 -19.04 -2.44 -9.55
C TYR D 60 -19.46 -2.21 -8.09
N MET D 61 -18.84 -1.23 -7.44
CA MET D 61 -19.15 -0.89 -6.05
C MET D 61 -20.33 0.08 -5.87
N LEU D 62 -20.89 0.58 -6.97
CA LEU D 62 -21.99 1.54 -6.90
C LEU D 62 -23.13 1.19 -5.93
N PRO D 63 -23.73 -0.02 -6.05
CA PRO D 63 -24.82 -0.37 -5.12
C PRO D 63 -24.43 -0.30 -3.65
N GLU D 64 -23.22 -0.72 -3.30
CA GLU D 64 -22.77 -0.68 -1.91
C GLU D 64 -22.60 0.74 -1.42
N ILE D 65 -22.02 1.59 -2.25
CA ILE D 65 -21.83 2.99 -1.85
C ILE D 65 -23.16 3.74 -1.71
N GLN D 66 -24.12 3.42 -2.59
CA GLN D 66 -25.46 4.00 -2.52
C GLN D 66 -26.13 3.64 -1.18
N ARG D 67 -26.00 2.39 -0.73
CA ARG D 67 -26.60 1.98 0.55
C ARG D 67 -25.89 2.63 1.74
N LEU D 68 -24.60 2.88 1.59
CA LEU D 68 -23.77 3.49 2.64
C LEU D 68 -24.11 4.97 2.82
N LEU D 69 -24.39 5.65 1.70
CA LEU D 69 -24.73 7.09 1.68
C LEU D 69 -26.11 7.27 1.01
N PRO D 70 -27.20 6.87 1.69
CA PRO D 70 -28.55 6.99 1.13
C PRO D 70 -29.03 8.44 0.93
N ASN D 71 -28.35 9.38 1.56
CA ASN D 71 -28.75 10.79 1.44
C ASN D 71 -27.82 11.63 0.57
N LYS D 72 -27.08 10.99 -0.33
CA LYS D 72 -26.14 11.69 -1.21
C LYS D 72 -26.26 11.20 -2.63
N PRO D 73 -26.13 12.10 -3.63
CA PRO D 73 -26.21 11.62 -5.02
C PRO D 73 -24.85 10.97 -5.27
N VAL D 74 -24.87 9.73 -5.75
CA VAL D 74 -23.64 8.96 -6.02
C VAL D 74 -23.64 8.48 -7.46
N GLU D 75 -22.58 8.72 -8.19
CA GLU D 75 -22.53 8.22 -9.55
C GLU D 75 -21.13 7.95 -10.07
N VAL D 76 -21.06 7.12 -11.10
CA VAL D 76 -19.80 6.72 -11.71
C VAL D 76 -19.40 7.72 -12.78
N ILE D 77 -18.11 8.03 -12.84
CA ILE D 77 -17.58 8.96 -13.83
C ILE D 77 -17.54 8.27 -15.17
N ASP D 78 -17.96 8.97 -16.21
CA ASP D 78 -17.94 8.40 -17.55
C ASP D 78 -16.51 7.95 -17.89
N SER D 79 -16.33 6.69 -18.28
CA SER D 79 -14.99 6.17 -18.58
C SER D 79 -14.18 6.90 -19.65
N LEU D 80 -14.87 7.44 -20.65
CA LEU D 80 -14.19 8.17 -21.73
C LEU D 80 -13.73 9.53 -21.23
N LEU D 81 -14.58 10.18 -20.45
CA LEU D 81 -14.26 11.49 -19.90
C LEU D 81 -13.10 11.33 -18.94
N TYR D 82 -13.10 10.21 -18.22
CA TYR D 82 -12.04 9.90 -17.25
C TYR D 82 -10.71 9.58 -17.95
N GLY D 83 -10.75 8.68 -18.92
CA GLY D 83 -9.54 8.32 -19.64
C GLY D 83 -8.87 9.50 -20.31
N LYS D 84 -9.68 10.37 -20.87
CA LYS D 84 -9.22 11.56 -21.59
C LYS D 84 -8.79 12.70 -20.65
N VAL D 85 -9.07 12.52 -19.35
CA VAL D 85 -8.77 13.52 -18.31
C VAL D 85 -9.47 14.86 -18.61
N ASP D 86 -10.76 14.77 -18.94
CA ASP D 86 -11.57 15.95 -19.28
C ASP D 86 -12.09 16.63 -18.03
N GLY D 87 -11.29 17.56 -17.51
CA GLY D 87 -11.64 18.31 -16.31
C GLY D 87 -12.94 19.07 -16.45
N LEU D 88 -13.16 19.73 -17.60
CA LEU D 88 -14.39 20.49 -17.80
C LEU D 88 -15.63 19.58 -17.87
N GLY D 89 -15.50 18.50 -18.64
CA GLY D 89 -16.59 17.56 -18.81
C GLY D 89 -17.07 16.91 -17.53
N VAL D 90 -16.12 16.49 -16.69
CA VAL D 90 -16.48 15.84 -15.42
C VAL D 90 -17.04 16.88 -14.45
N LEU D 91 -16.47 18.08 -14.49
CA LEU D 91 -16.97 19.15 -13.63
C LEU D 91 -18.46 19.39 -14.00
N LYS D 92 -18.76 19.42 -15.30
CA LYS D 92 -20.15 19.61 -15.75
C LYS D 92 -21.09 18.52 -15.24
N ALA D 93 -20.64 17.27 -15.30
CA ALA D 93 -21.47 16.14 -14.85
C ALA D 93 -21.76 16.21 -13.35
N ALA D 94 -20.78 16.72 -12.60
CA ALA D 94 -20.90 16.82 -11.15
C ALA D 94 -21.90 17.90 -10.75
N VAL D 95 -21.80 19.06 -11.40
CA VAL D 95 -22.72 20.17 -11.13
C VAL D 95 -24.13 19.69 -11.49
N ALA D 96 -24.25 18.98 -12.61
CA ALA D 96 -25.54 18.45 -13.04
C ALA D 96 -26.13 17.51 -11.99
N ALA D 97 -25.33 16.57 -11.49
CA ALA D 97 -25.85 15.64 -10.49
C ALA D 97 -26.36 16.40 -9.26
N ILE D 98 -25.70 17.51 -8.93
CA ILE D 98 -26.12 18.32 -7.78
C ILE D 98 -27.46 19.01 -8.03
N LYS D 99 -27.63 19.58 -9.24
CA LYS D 99 -28.87 20.26 -9.62
C LYS D 99 -30.01 19.26 -9.71
N LYS D 100 -29.80 18.19 -10.45
CA LYS D 100 -30.83 17.18 -10.59
C LYS D 100 -31.20 16.60 -9.22
N ALA D 101 -30.34 16.79 -8.23
CA ALA D 101 -30.58 16.28 -6.88
C ALA D 101 -31.37 17.24 -6.00
N ALA D 102 -31.14 18.54 -6.18
CA ALA D 102 -31.83 19.57 -5.43
C ALA D 102 -33.22 19.88 -6.02
N ALA D 103 -33.60 19.13 -7.06
CA ALA D 103 -34.88 19.29 -7.72
C ALA D 103 -35.05 18.26 -8.85
P PO3 E . -4.83 5.43 -7.11
O1 PO3 E . -4.85 5.88 -8.57
O2 PO3 E . -4.19 6.30 -6.06
O3 PO3 E . -5.28 4.03 -6.76
N ALA A 1 0.74 7.29 -18.60
CA ALA A 1 0.24 7.59 -19.96
C ALA A 1 -1.09 6.86 -20.17
N GLU A 2 -1.77 7.18 -21.26
CA GLU A 2 -3.08 6.58 -21.60
C GLU A 2 -3.28 5.20 -20.95
N GLU A 3 -2.80 4.17 -21.63
CA GLU A 3 -2.95 2.80 -21.13
C GLU A 3 -2.16 2.60 -19.84
N LEU A 4 -0.84 2.78 -19.91
CA LEU A 4 0.01 2.60 -18.74
C LEU A 4 -0.63 3.20 -17.48
N GLU A 5 -1.21 4.38 -17.61
CA GLU A 5 -1.84 5.05 -16.47
C GLU A 5 -3.12 4.34 -16.08
N GLU A 6 -3.94 4.01 -17.07
CA GLU A 6 -5.19 3.30 -16.82
C GLU A 6 -4.88 1.88 -16.34
N VAL A 7 -3.80 1.31 -16.88
CA VAL A 7 -3.37 -0.03 -16.50
C VAL A 7 -2.93 -0.05 -15.03
N VAL A 8 -2.20 0.99 -14.63
CA VAL A 8 -1.73 1.10 -13.25
C VAL A 8 -2.95 1.16 -12.33
N MET A 9 -3.95 1.96 -12.70
CA MET A 9 -5.17 2.06 -11.90
C MET A 9 -5.77 0.67 -11.73
N GLY A 10 -5.81 -0.09 -12.82
CA GLY A 10 -6.34 -1.45 -12.77
C GLY A 10 -5.49 -2.31 -11.83
N LEU A 11 -4.17 -2.17 -11.95
CA LEU A 11 -3.26 -2.93 -11.10
C LEU A 11 -3.45 -2.56 -9.64
N ILE A 12 -3.57 -1.27 -9.37
CA ILE A 12 -3.76 -0.80 -8.00
C ILE A 12 -5.06 -1.36 -7.46
N ILE A 13 -6.11 -1.29 -8.26
CA ILE A 13 -7.40 -1.82 -7.85
C ILE A 13 -7.30 -3.33 -7.65
N ASN A 14 -6.65 -4.01 -8.60
CA ASN A 14 -6.47 -5.45 -8.53
C ASN A 14 -5.71 -5.82 -7.26
N SER A 15 -4.61 -5.11 -7.03
CA SER A 15 -3.81 -5.35 -5.83
C SER A 15 -4.65 -5.14 -4.57
N GLY A 16 -5.44 -4.06 -4.60
CA GLY A 16 -6.32 -3.75 -3.47
C GLY A 16 -7.35 -4.86 -3.26
N GLN A 17 -7.95 -5.32 -4.36
CA GLN A 17 -8.94 -6.40 -4.27
C GLN A 17 -8.27 -7.65 -3.72
N ALA A 18 -7.05 -7.92 -4.18
CA ALA A 18 -6.31 -9.09 -3.72
C ALA A 18 -6.15 -9.04 -2.21
N ARG A 19 -5.70 -7.91 -1.69
CA ARG A 19 -5.55 -7.77 -0.25
C ARG A 19 -6.90 -7.95 0.43
N SER A 20 -7.91 -7.28 -0.11
CA SER A 20 -9.25 -7.36 0.44
C SER A 20 -9.68 -8.83 0.57
N LEU A 21 -9.47 -9.59 -0.49
CA LEU A 21 -9.81 -11.01 -0.48
C LEU A 21 -8.97 -11.74 0.58
N ALA A 22 -7.69 -11.40 0.63
CA ALA A 22 -6.79 -12.03 1.60
C ALA A 22 -7.30 -11.80 3.03
N TYR A 23 -7.59 -10.55 3.38
CA TYR A 23 -8.10 -10.25 4.72
C TYR A 23 -9.41 -11.00 4.93
N ALA A 24 -10.25 -11.03 3.90
CA ALA A 24 -11.51 -11.73 3.99
C ALA A 24 -11.24 -13.22 4.25
N ALA A 25 -10.23 -13.75 3.56
CA ALA A 25 -9.84 -15.14 3.75
C ALA A 25 -9.48 -15.38 5.21
N LEU A 26 -8.72 -14.46 5.78
CA LEU A 26 -8.32 -14.57 7.18
C LEU A 26 -9.56 -14.55 8.07
N LYS A 27 -10.48 -13.64 7.77
CA LYS A 27 -11.71 -13.53 8.54
C LYS A 27 -12.45 -14.87 8.56
N GLN A 28 -12.48 -15.54 7.41
CA GLN A 28 -13.15 -16.84 7.31
C GLN A 28 -12.48 -17.81 8.28
N ALA A 29 -11.15 -17.75 8.35
CA ALA A 29 -10.39 -18.62 9.24
C ALA A 29 -10.80 -18.38 10.69
N LYS A 30 -10.95 -17.12 11.05
CA LYS A 30 -11.36 -16.77 12.41
C LYS A 30 -12.72 -17.37 12.73
N GLN A 31 -13.58 -17.50 11.72
CA GLN A 31 -14.89 -18.08 11.93
C GLN A 31 -14.80 -19.60 11.96
N GLY A 32 -13.60 -20.12 11.77
CA GLY A 32 -13.37 -21.56 11.81
C GLY A 32 -13.71 -22.21 10.47
N ASP A 33 -13.83 -21.40 9.43
CA ASP A 33 -14.15 -21.90 8.09
C ASP A 33 -12.88 -22.06 7.26
N PHE A 34 -12.18 -23.18 7.47
CA PHE A 34 -10.93 -23.42 6.73
C PHE A 34 -11.18 -23.60 5.24
N ALA A 35 -12.31 -24.21 4.89
CA ALA A 35 -12.63 -24.46 3.49
C ALA A 35 -12.77 -23.14 2.72
N ALA A 36 -13.56 -22.23 3.26
CA ALA A 36 -13.76 -20.95 2.60
C ALA A 36 -12.46 -20.14 2.60
N ALA A 37 -11.70 -20.23 3.68
CA ALA A 37 -10.43 -19.52 3.75
C ALA A 37 -9.52 -19.99 2.60
N LYS A 38 -9.36 -21.30 2.49
CA LYS A 38 -8.53 -21.90 1.45
C LYS A 38 -8.96 -21.42 0.06
N ALA A 39 -10.26 -21.45 -0.21
CA ALA A 39 -10.77 -21.03 -1.51
C ALA A 39 -10.47 -19.57 -1.79
N MET A 40 -10.61 -18.74 -0.76
CA MET A 40 -10.36 -17.30 -0.90
C MET A 40 -8.88 -17.03 -1.18
N MET A 41 -7.98 -17.76 -0.50
CA MET A 41 -6.55 -17.56 -0.72
C MET A 41 -6.19 -17.92 -2.15
N ASP A 42 -6.77 -19.01 -2.65
CA ASP A 42 -6.47 -19.48 -3.99
C ASP A 42 -6.83 -18.42 -5.02
N GLN A 43 -8.03 -17.87 -4.88
CA GLN A 43 -8.48 -16.82 -5.80
C GLN A 43 -7.61 -15.59 -5.67
N SER A 44 -7.25 -15.24 -4.44
CA SER A 44 -6.40 -14.08 -4.20
C SER A 44 -5.06 -14.28 -4.91
N ARG A 45 -4.49 -15.47 -4.78
CA ARG A 45 -3.22 -15.82 -5.43
C ARG A 45 -3.32 -15.66 -6.95
N MET A 46 -4.40 -16.18 -7.51
CA MET A 46 -4.63 -16.11 -8.95
C MET A 46 -4.72 -14.65 -9.40
N ALA A 47 -5.41 -13.83 -8.62
CA ALA A 47 -5.56 -12.41 -8.94
C ALA A 47 -4.19 -11.74 -9.00
N LEU A 48 -3.35 -12.05 -8.02
CA LEU A 48 -2.00 -11.49 -7.95
C LEU A 48 -1.15 -11.98 -9.12
N ASN A 49 -1.29 -13.26 -9.41
CA ASN A 49 -0.51 -13.87 -10.48
C ASN A 49 -0.77 -13.15 -11.80
N GLU A 50 -2.04 -12.89 -12.07
CA GLU A 50 -2.41 -12.17 -13.29
C GLU A 50 -1.86 -10.75 -13.23
N ALA A 51 -1.97 -10.13 -12.05
CA ALA A 51 -1.47 -8.77 -11.87
C ALA A 51 0.06 -8.75 -12.05
N HIS A 52 0.73 -9.71 -11.44
CA HIS A 52 2.19 -9.81 -11.54
C HIS A 52 2.61 -10.01 -13.00
N LEU A 53 1.86 -10.83 -13.72
CA LEU A 53 2.16 -11.11 -15.12
C LEU A 53 2.11 -9.82 -15.93
N VAL A 54 1.08 -9.02 -15.68
CA VAL A 54 0.94 -7.75 -16.38
C VAL A 54 2.11 -6.84 -16.04
N GLN A 55 2.46 -6.79 -14.76
CA GLN A 55 3.59 -5.96 -14.34
C GLN A 55 4.88 -6.45 -15.01
N THR A 56 5.08 -7.76 -15.08
CA THR A 56 6.28 -8.32 -15.72
C THR A 56 6.46 -7.71 -17.11
N LYS A 57 5.37 -7.66 -17.88
CA LYS A 57 5.43 -7.06 -19.22
C LYS A 57 5.76 -5.59 -19.10
N LEU A 58 5.18 -4.94 -18.10
CA LEU A 58 5.43 -3.52 -17.90
C LEU A 58 6.87 -3.24 -17.48
N ILE A 59 7.58 -4.25 -16.98
CA ILE A 59 8.99 -4.06 -16.60
C ILE A 59 9.93 -4.47 -17.76
N GLU A 60 9.55 -5.49 -18.53
CA GLU A 60 10.37 -5.95 -19.66
C GLU A 60 10.46 -4.88 -20.74
N GLY A 61 9.34 -4.20 -21.01
CA GLY A 61 9.31 -3.17 -22.03
C GLY A 61 9.20 -1.78 -21.42
N ASP A 62 9.80 -1.60 -20.24
CA ASP A 62 9.75 -0.32 -19.54
C ASP A 62 10.49 0.78 -20.32
N ALA A 63 11.17 0.39 -21.40
CA ALA A 63 11.90 1.36 -22.21
C ALA A 63 10.97 2.06 -23.19
N GLY A 64 11.49 3.07 -23.89
CA GLY A 64 10.68 3.81 -24.86
C GLY A 64 10.81 5.32 -24.66
N GLU A 65 10.45 5.80 -23.47
CA GLU A 65 10.53 7.23 -23.19
C GLU A 65 11.97 7.72 -23.18
N GLY A 66 12.86 6.90 -22.64
CA GLY A 66 14.28 7.27 -22.58
C GLY A 66 15.15 6.04 -22.36
N LYS A 67 16.47 6.25 -22.44
CA LYS A 67 17.41 5.15 -22.27
C LYS A 67 17.39 4.63 -20.82
N MET A 68 18.11 5.32 -19.94
CA MET A 68 18.20 4.93 -18.54
C MET A 68 16.88 5.05 -17.79
N LYS A 69 16.13 6.12 -18.08
CA LYS A 69 14.87 6.35 -17.37
C LYS A 69 13.76 5.39 -17.80
N VAL A 70 12.84 5.14 -16.87
CA VAL A 70 11.71 4.23 -17.10
C VAL A 70 10.41 4.88 -16.65
N SER A 71 9.28 4.23 -16.95
CA SER A 71 7.98 4.77 -16.55
C SER A 71 7.94 4.91 -15.03
N LEU A 72 7.54 6.10 -14.57
CA LEU A 72 7.48 6.40 -13.14
C LEU A 72 6.43 5.55 -12.41
N VAL A 73 5.30 5.39 -13.07
CA VAL A 73 4.18 4.62 -12.52
C VAL A 73 4.55 3.16 -12.22
N LEU A 74 5.63 2.69 -12.80
CA LEU A 74 6.07 1.32 -12.52
C LEU A 74 6.22 1.09 -11.03
N VAL A 75 6.58 2.17 -10.33
CA VAL A 75 6.78 2.11 -8.88
C VAL A 75 5.43 1.96 -8.20
N HIS A 76 4.16 2.92 -8.60
CA HIS A 76 2.79 2.86 -8.03
C HIS A 76 2.26 1.44 -8.14
N ALA A 77 2.63 0.75 -9.22
CA ALA A 77 2.18 -0.61 -9.44
C ALA A 77 3.03 -1.60 -8.63
N GLN A 78 4.36 -1.47 -8.72
CA GLN A 78 5.25 -2.39 -8.02
C GLN A 78 5.02 -2.31 -6.51
N LEU A 79 4.96 -1.09 -6.01
CA LEU A 79 4.72 -0.86 -4.59
C LEU A 79 3.44 -1.54 -4.13
N HIS A 80 2.35 -1.32 -4.85
CA HIS A 80 1.08 -1.91 -4.47
C HIS A 80 1.12 -3.44 -4.62
N LEU A 81 1.65 -3.90 -5.74
CA LEU A 81 1.74 -5.34 -5.99
C LEU A 81 2.64 -6.04 -4.98
N MET A 82 3.80 -5.45 -4.70
CA MET A 82 4.74 -6.05 -3.75
C MET A 82 4.11 -6.14 -2.37
N THR A 83 3.46 -5.05 -1.96
CA THR A 83 2.81 -5.00 -0.65
C THR A 83 1.69 -6.04 -0.56
N SER A 84 0.84 -6.07 -1.58
CA SER A 84 -0.29 -7.01 -1.61
C SER A 84 0.20 -8.46 -1.60
N MET A 85 1.16 -8.78 -2.45
CA MET A 85 1.69 -10.14 -2.51
C MET A 85 2.26 -10.57 -1.18
N LEU A 86 3.07 -9.70 -0.59
CA LEU A 86 3.68 -10.00 0.70
C LEU A 86 2.61 -10.19 1.78
N ALA A 87 1.64 -9.28 1.79
CA ALA A 87 0.56 -9.36 2.76
C ALA A 87 -0.15 -10.70 2.67
N ARG A 88 -0.49 -11.10 1.47
CA ARG A 88 -1.18 -12.37 1.27
C ARG A 88 -0.35 -13.55 1.78
N GLU A 89 0.93 -13.57 1.45
CA GLU A 89 1.77 -14.67 1.88
C GLU A 89 1.79 -14.78 3.39
N LEU A 90 1.95 -13.65 4.06
CA LEU A 90 1.96 -13.64 5.51
C LEU A 90 0.58 -14.03 6.05
N ILE A 91 -0.46 -13.51 5.42
CA ILE A 91 -1.82 -13.85 5.84
C ILE A 91 -2.03 -15.35 5.69
N THR A 92 -1.50 -15.92 4.61
CA THR A 92 -1.60 -17.37 4.40
C THR A 92 -0.98 -18.10 5.59
N GLU A 93 0.20 -17.64 6.01
CA GLU A 93 0.88 -18.23 7.16
C GLU A 93 0.02 -18.08 8.40
N LEU A 94 -0.57 -16.89 8.56
CA LEU A 94 -1.43 -16.62 9.72
C LEU A 94 -2.62 -17.59 9.71
N ILE A 95 -3.20 -17.80 8.55
CA ILE A 95 -4.34 -18.73 8.44
C ILE A 95 -3.90 -20.14 8.83
N GLU A 96 -2.72 -20.56 8.36
CA GLU A 96 -2.22 -21.88 8.71
C GLU A 96 -2.08 -22.00 10.22
N LEU A 97 -1.64 -20.91 10.87
CA LEU A 97 -1.51 -20.92 12.32
C LEU A 97 -2.88 -21.12 12.98
N HIS A 98 -3.89 -20.46 12.44
CA HIS A 98 -5.25 -20.62 12.98
C HIS A 98 -5.63 -22.08 12.92
N GLU A 99 -5.25 -22.75 11.84
CA GLU A 99 -5.55 -24.17 11.68
C GLU A 99 -4.81 -24.98 12.74
N LYS A 100 -3.56 -24.62 13.01
CA LYS A 100 -2.79 -25.32 14.02
C LYS A 100 -3.39 -25.06 15.41
N LEU A 101 -3.92 -23.84 15.61
CA LEU A 101 -4.56 -23.49 16.88
C LEU A 101 -5.80 -24.37 17.09
N LYS A 102 -6.02 -25.30 16.15
CA LYS A 102 -7.18 -26.20 16.21
C LYS A 102 -8.43 -25.52 15.71
N ALA A 103 -8.82 -24.42 16.39
CA ALA A 103 -10.03 -23.67 16.04
C ALA A 103 -10.30 -23.65 14.53
N ALA B 1 22.66 3.11 -13.51
CA ALA B 1 23.97 3.34 -14.19
C ALA B 1 24.86 2.13 -13.94
N GLU B 2 26.00 2.08 -14.64
CA GLU B 2 26.95 0.97 -14.53
C GLU B 2 26.86 0.24 -13.18
N GLU B 3 27.57 0.74 -12.19
CA GLU B 3 27.58 0.13 -10.87
C GLU B 3 26.22 0.21 -10.20
N LEU B 4 25.72 1.44 -10.02
CA LEU B 4 24.42 1.61 -9.38
C LEU B 4 23.38 0.61 -9.91
N GLU B 5 23.37 0.41 -11.22
CA GLU B 5 22.42 -0.52 -11.83
C GLU B 5 22.76 -1.95 -11.47
N GLU B 6 24.03 -2.30 -11.57
CA GLU B 6 24.50 -3.63 -11.23
C GLU B 6 24.38 -3.85 -9.73
N VAL B 7 24.60 -2.79 -8.97
CA VAL B 7 24.51 -2.85 -7.52
C VAL B 7 23.05 -3.11 -7.10
N VAL B 8 22.12 -2.44 -7.77
CA VAL B 8 20.69 -2.63 -7.49
C VAL B 8 20.33 -4.08 -7.74
N MET B 9 20.80 -4.63 -8.86
CA MET B 9 20.52 -6.03 -9.18
C MET B 9 21.01 -6.91 -8.03
N GLY B 10 22.21 -6.62 -7.53
CA GLY B 10 22.75 -7.37 -6.41
C GLY B 10 21.86 -7.21 -5.19
N LEU B 11 21.44 -5.98 -4.93
CA LEU B 11 20.56 -5.70 -3.79
C LEU B 11 19.24 -6.44 -3.93
N ILE B 12 18.67 -6.41 -5.13
CA ILE B 12 17.40 -7.09 -5.38
C ILE B 12 17.57 -8.58 -5.14
N ILE B 13 18.66 -9.12 -5.68
CA ILE B 13 18.94 -10.54 -5.50
C ILE B 13 19.17 -10.83 -4.02
N ASN B 14 19.95 -9.98 -3.36
CA ASN B 14 20.24 -10.16 -1.94
C ASN B 14 18.94 -10.10 -1.13
N SER B 15 18.11 -9.11 -1.42
CA SER B 15 16.83 -8.99 -0.74
C SER B 15 15.98 -10.23 -0.97
N GLY B 16 15.99 -10.71 -2.22
CA GLY B 16 15.23 -11.91 -2.57
C GLY B 16 15.76 -13.12 -1.81
N GLN B 17 17.08 -13.25 -1.75
CA GLN B 17 17.68 -14.37 -1.03
C GLN B 17 17.31 -14.28 0.45
N ALA B 18 17.35 -13.06 0.98
CA ALA B 18 17.00 -12.84 2.37
C ALA B 18 15.60 -13.36 2.66
N ARG B 19 14.64 -12.97 1.84
CA ARG B 19 13.27 -13.44 2.02
C ARG B 19 13.24 -14.96 1.90
N SER B 20 13.90 -15.47 0.86
CA SER B 20 13.94 -16.91 0.64
C SER B 20 14.41 -17.63 1.89
N LEU B 21 15.50 -17.13 2.48
CA LEU B 21 16.04 -17.73 3.71
C LEU B 21 15.01 -17.60 4.83
N ALA B 22 14.37 -16.44 4.93
CA ALA B 22 13.37 -16.20 5.97
C ALA B 22 12.24 -17.23 5.85
N TYR B 23 11.67 -17.38 4.65
CA TYR B 23 10.60 -18.36 4.46
C TYR B 23 11.12 -19.75 4.79
N ALA B 24 12.36 -20.04 4.38
CA ALA B 24 12.95 -21.33 4.67
C ALA B 24 13.06 -21.49 6.19
N ALA B 25 13.43 -20.41 6.87
CA ALA B 25 13.53 -20.43 8.33
C ALA B 25 12.18 -20.80 8.92
N LEU B 26 11.12 -20.21 8.39
CA LEU B 26 9.78 -20.50 8.86
C LEU B 26 9.45 -21.97 8.62
N LYS B 27 9.80 -22.46 7.44
CA LYS B 27 9.55 -23.86 7.11
C LYS B 27 10.21 -24.78 8.14
N GLN B 28 11.43 -24.43 8.54
CA GLN B 28 12.13 -25.23 9.56
C GLN B 28 11.31 -25.26 10.84
N ALA B 29 10.74 -24.11 11.19
CA ALA B 29 9.91 -24.02 12.40
C ALA B 29 8.73 -24.97 12.31
N LYS B 30 8.09 -25.01 11.14
CA LYS B 30 6.95 -25.90 10.94
C LYS B 30 7.36 -27.35 11.16
N GLN B 31 8.62 -27.67 10.83
CA GLN B 31 9.10 -29.04 11.01
C GLN B 31 9.46 -29.28 12.48
N GLY B 32 9.32 -28.24 13.29
CA GLY B 32 9.63 -28.35 14.72
C GLY B 32 11.13 -28.18 14.99
N ASP B 33 11.86 -27.66 14.00
CA ASP B 33 13.29 -27.46 14.14
C ASP B 33 13.60 -26.02 14.53
N PHE B 34 13.47 -25.71 15.81
CA PHE B 34 13.73 -24.34 16.29
C PHE B 34 15.18 -23.94 16.10
N ALA B 35 16.09 -24.90 16.27
CA ALA B 35 17.52 -24.60 16.15
C ALA B 35 17.86 -24.12 14.74
N ALA B 36 17.43 -24.87 13.74
CA ALA B 36 17.71 -24.50 12.36
C ALA B 36 16.98 -23.20 12.01
N ALA B 37 15.77 -23.03 12.51
CA ALA B 37 15.03 -21.80 12.24
C ALA B 37 15.82 -20.61 12.74
N LYS B 38 16.23 -20.68 14.02
CA LYS B 38 17.01 -19.60 14.63
C LYS B 38 18.27 -19.27 13.81
N ALA B 39 18.99 -20.29 13.40
CA ALA B 39 20.21 -20.10 12.61
C ALA B 39 19.91 -19.41 11.28
N MET B 40 18.83 -19.82 10.64
CA MET B 40 18.44 -19.26 9.36
C MET B 40 18.05 -17.78 9.51
N MET B 41 17.32 -17.45 10.57
CA MET B 41 16.92 -16.06 10.78
C MET B 41 18.15 -15.17 10.97
N ASP B 42 19.12 -15.68 11.73
CA ASP B 42 20.33 -14.93 12.01
C ASP B 42 21.06 -14.57 10.73
N GLN B 43 21.21 -15.58 9.86
CA GLN B 43 21.88 -15.36 8.59
C GLN B 43 21.08 -14.40 7.72
N SER B 44 19.76 -14.54 7.73
CA SER B 44 18.91 -13.65 6.95
C SER B 44 19.13 -12.20 7.41
N ARG B 45 19.14 -12.00 8.73
CA ARG B 45 19.35 -10.68 9.30
C ARG B 45 20.69 -10.09 8.83
N MET B 46 21.74 -10.90 8.89
CA MET B 46 23.07 -10.45 8.49
C MET B 46 23.05 -10.04 7.02
N ALA B 47 22.37 -10.84 6.20
CA ALA B 47 22.27 -10.53 4.77
C ALA B 47 21.58 -9.19 4.56
N LEU B 48 20.50 -8.97 5.31
CA LEU B 48 19.75 -7.72 5.21
C LEU B 48 20.59 -6.55 5.72
N ASN B 49 21.30 -6.78 6.81
CA ASN B 49 22.13 -5.75 7.40
C ASN B 49 23.18 -5.26 6.40
N GLU B 50 23.83 -6.19 5.73
CA GLU B 50 24.82 -5.83 4.72
C GLU B 50 24.17 -5.10 3.57
N ALA B 51 23.00 -5.58 3.17
CA ALA B 51 22.25 -4.96 2.08
C ALA B 51 21.83 -3.54 2.48
N HIS B 52 21.32 -3.41 3.70
CA HIS B 52 20.88 -2.11 4.21
C HIS B 52 22.06 -1.13 4.27
N LEU B 53 23.22 -1.64 4.69
CA LEU B 53 24.42 -0.80 4.79
C LEU B 53 24.77 -0.23 3.41
N VAL B 54 24.71 -1.09 2.40
CA VAL B 54 25.03 -0.66 1.04
C VAL B 54 24.01 0.40 0.61
N GLN B 55 22.73 0.16 0.90
CA GLN B 55 21.70 1.13 0.53
C GLN B 55 21.96 2.45 1.25
N THR B 56 22.32 2.39 2.54
CA THR B 56 22.60 3.61 3.30
C THR B 56 23.57 4.50 2.53
N LYS B 57 24.65 3.90 2.04
CA LYS B 57 25.62 4.66 1.25
C LYS B 57 24.97 5.20 -0.01
N LEU B 58 24.12 4.39 -0.61
CA LEU B 58 23.44 4.78 -1.84
C LEU B 58 22.45 5.93 -1.59
N ILE B 59 22.02 6.12 -0.32
CA ILE B 59 21.11 7.23 -0.01
C ILE B 59 21.88 8.48 0.45
N GLU B 60 23.00 8.27 1.16
CA GLU B 60 23.81 9.39 1.64
C GLU B 60 24.42 10.17 0.46
N GLY B 61 24.86 9.43 -0.55
CA GLY B 61 25.49 10.05 -1.72
C GLY B 61 24.59 9.96 -2.95
N ASP B 62 23.28 10.02 -2.73
CA ASP B 62 22.32 9.93 -3.82
C ASP B 62 22.41 11.14 -4.77
N ALA B 63 23.21 12.12 -4.40
CA ALA B 63 23.36 13.32 -5.23
C ALA B 63 24.37 13.07 -6.34
N GLY B 64 24.50 14.03 -7.26
CA GLY B 64 25.44 13.90 -8.37
C GLY B 64 24.78 14.23 -9.71
N GLU B 65 23.73 13.48 -10.05
CA GLU B 65 23.03 13.70 -11.32
C GLU B 65 22.34 15.07 -11.33
N GLY B 66 21.76 15.45 -10.20
CA GLY B 66 21.07 16.73 -10.11
C GLY B 66 20.91 17.16 -8.66
N LYS B 67 20.42 18.38 -8.47
CA LYS B 67 20.23 18.92 -7.13
C LYS B 67 19.13 18.16 -6.38
N MET B 68 17.88 18.54 -6.66
CA MET B 68 16.72 17.93 -6.01
C MET B 68 16.52 16.47 -6.40
N LYS B 69 16.75 16.13 -7.66
CA LYS B 69 16.54 14.76 -8.14
C LYS B 69 17.62 13.80 -7.64
N VAL B 70 17.22 12.52 -7.52
CA VAL B 70 18.11 11.47 -7.05
C VAL B 70 18.02 10.24 -7.98
N SER B 71 18.89 9.26 -7.76
CA SER B 71 18.88 8.05 -8.59
C SER B 71 17.52 7.37 -8.49
N LEU B 72 16.93 7.04 -9.64
CA LEU B 72 15.60 6.45 -9.66
C LEU B 72 15.59 5.04 -9.04
N VAL B 73 16.65 4.30 -9.35
CA VAL B 73 16.80 2.93 -8.88
C VAL B 73 16.83 2.84 -7.34
N LEU B 74 17.06 3.95 -6.67
CA LEU B 74 17.06 3.94 -5.21
C LEU B 74 15.76 3.38 -4.68
N VAL B 75 14.68 3.69 -5.40
CA VAL B 75 13.34 3.22 -5.03
C VAL B 75 13.29 1.70 -5.18
N HIS B 76 13.83 1.10 -6.35
CA HIS B 76 13.81 -0.34 -6.57
C HIS B 76 14.52 -1.06 -5.42
N ALA B 77 15.67 -0.54 -5.02
CA ALA B 77 16.43 -1.15 -3.94
C ALA B 77 15.71 -0.97 -2.61
N GLN B 78 15.17 0.23 -2.38
CA GLN B 78 14.47 0.51 -1.13
C GLN B 78 13.21 -0.35 -1.04
N LEU B 79 12.44 -0.39 -2.12
CA LEU B 79 11.22 -1.18 -2.14
C LEU B 79 11.49 -2.65 -1.82
N HIS B 80 12.48 -3.23 -2.48
CA HIS B 80 12.80 -4.62 -2.24
C HIS B 80 13.36 -4.83 -0.84
N LEU B 81 14.27 -3.95 -0.44
CA LEU B 81 14.88 -4.06 0.89
C LEU B 81 13.85 -3.85 2.00
N MET B 82 13.00 -2.85 1.86
CA MET B 82 11.98 -2.57 2.87
C MET B 82 11.02 -3.75 3.01
N THR B 83 10.59 -4.28 1.87
CA THR B 83 9.67 -5.41 1.87
C THR B 83 10.32 -6.64 2.50
N SER B 84 11.55 -6.94 2.10
CA SER B 84 12.26 -8.09 2.64
C SER B 84 12.50 -7.97 4.14
N MET B 85 12.97 -6.81 4.58
CA MET B 85 13.24 -6.60 6.01
C MET B 85 11.96 -6.76 6.83
N LEU B 86 10.89 -6.14 6.36
CA LEU B 86 9.61 -6.21 7.06
C LEU B 86 9.11 -7.65 7.12
N ALA B 87 9.17 -8.33 5.98
CA ALA B 87 8.72 -9.71 5.90
C ALA B 87 9.49 -10.58 6.88
N ARG B 88 10.79 -10.44 6.86
CA ARG B 88 11.65 -11.22 7.75
C ARG B 88 11.28 -10.97 9.21
N GLU B 89 11.08 -9.70 9.59
CA GLU B 89 10.75 -9.38 10.97
C GLU B 89 9.43 -10.05 11.37
N LEU B 90 8.44 -9.96 10.50
CA LEU B 90 7.14 -10.56 10.78
C LEU B 90 7.28 -12.08 10.84
N ILE B 91 8.06 -12.63 9.92
CA ILE B 91 8.30 -14.07 9.91
C ILE B 91 8.95 -14.49 11.23
N THR B 92 9.86 -13.66 11.73
CA THR B 92 10.50 -13.96 13.02
C THR B 92 9.43 -14.07 14.09
N GLU B 93 8.49 -13.13 14.09
CA GLU B 93 7.40 -13.15 15.06
C GLU B 93 6.58 -14.43 14.88
N LEU B 94 6.30 -14.77 13.62
CA LEU B 94 5.54 -15.99 13.33
C LEU B 94 6.27 -17.21 13.87
N ILE B 95 7.59 -17.26 13.68
CA ILE B 95 8.36 -18.38 14.19
C ILE B 95 8.28 -18.46 15.71
N GLU B 96 8.36 -17.30 16.37
CA GLU B 96 8.25 -17.27 17.83
C GLU B 96 6.90 -17.85 18.25
N LEU B 97 5.86 -17.54 17.49
CA LEU B 97 4.52 -18.05 17.79
C LEU B 97 4.52 -19.58 17.69
N HIS B 98 5.19 -20.10 16.66
CA HIS B 98 5.27 -21.55 16.50
C HIS B 98 5.89 -22.17 17.75
N GLU B 99 6.90 -21.48 18.28
CA GLU B 99 7.55 -21.95 19.50
C GLU B 99 6.58 -21.94 20.66
N LYS B 100 5.77 -20.88 20.77
CA LYS B 100 4.79 -20.80 21.84
C LYS B 100 3.72 -21.88 21.65
N LEU B 101 3.39 -22.19 20.39
CA LEU B 101 2.42 -23.25 20.11
C LEU B 101 2.96 -24.60 20.58
N LYS B 102 4.13 -24.57 21.21
CA LYS B 102 4.77 -25.78 21.72
C LYS B 102 5.49 -26.51 20.59
N ALA B 103 4.71 -26.92 19.58
CA ALA B 103 5.25 -27.67 18.43
C ALA B 103 6.64 -27.19 18.04
N ALA C 1 11.12 19.25 -2.05
CA ALA C 1 11.16 20.74 -1.98
C ALA C 1 10.96 21.17 -0.54
N GLU C 2 11.18 22.45 -0.27
CA GLU C 2 11.04 23.02 1.08
C GLU C 2 10.10 22.22 1.98
N GLU C 3 8.81 22.51 1.89
CA GLU C 3 7.83 21.81 2.71
C GLU C 3 7.73 20.34 2.34
N LEU C 4 7.37 20.07 1.08
CA LEU C 4 7.24 18.68 0.63
C LEU C 4 8.38 17.80 1.16
N GLU C 5 9.60 18.32 1.11
CA GLU C 5 10.76 17.57 1.58
C GLU C 5 10.74 17.43 3.10
N GLU C 6 10.47 18.53 3.78
CA GLU C 6 10.41 18.52 5.24
C GLU C 6 9.19 17.70 5.68
N VAL C 7 8.12 17.78 4.89
CA VAL C 7 6.90 17.04 5.17
C VAL C 7 7.17 15.53 5.06
N VAL C 8 7.92 15.14 4.03
CA VAL C 8 8.27 13.74 3.83
C VAL C 8 9.06 13.24 5.04
N MET C 9 10.02 14.04 5.50
CA MET C 9 10.80 13.67 6.66
C MET C 9 9.87 13.40 7.84
N GLY C 10 8.88 14.29 8.01
CA GLY C 10 7.91 14.13 9.08
C GLY C 10 7.12 12.84 8.88
N LEU C 11 6.71 12.59 7.65
CA LEU C 11 5.94 11.37 7.33
C LEU C 11 6.79 10.14 7.59
N ILE C 12 8.05 10.18 7.18
CA ILE C 12 8.94 9.04 7.37
C ILE C 12 9.11 8.78 8.87
N ILE C 13 9.32 9.87 9.61
CA ILE C 13 9.47 9.76 11.06
C ILE C 13 8.16 9.23 11.66
N ASN C 14 7.05 9.81 11.22
CA ASN C 14 5.73 9.40 11.72
C ASN C 14 5.50 7.92 11.43
N SER C 15 5.79 7.51 10.19
CA SER C 15 5.63 6.11 9.81
C SER C 15 6.52 5.24 10.68
N GLY C 16 7.76 5.70 10.90
CA GLY C 16 8.70 4.95 11.73
C GLY C 16 8.18 4.84 13.16
N GLN C 17 7.67 5.95 13.70
CA GLN C 17 7.13 5.92 15.06
C GLN C 17 5.95 4.97 15.12
N ALA C 18 5.12 5.01 14.08
CA ALA C 18 3.96 4.14 14.02
C ALA C 18 4.38 2.67 14.15
N ARG C 19 5.36 2.27 13.33
CA ARG C 19 5.84 0.91 13.40
C ARG C 19 6.41 0.63 14.79
N SER C 20 7.21 1.57 15.28
CA SER C 20 7.81 1.41 16.60
C SER C 20 6.73 1.13 17.65
N LEU C 21 5.66 1.92 17.61
CA LEU C 21 4.56 1.74 18.54
C LEU C 21 3.92 0.37 18.33
N ALA C 22 3.73 0.00 17.06
CA ALA C 22 3.13 -1.29 16.73
C ALA C 22 3.96 -2.44 17.33
N TYR C 23 5.27 -2.43 17.07
CA TYR C 23 6.14 -3.47 17.64
C TYR C 23 6.05 -3.45 19.16
N ALA C 24 6.03 -2.24 19.72
CA ALA C 24 5.92 -2.11 21.17
C ALA C 24 4.59 -2.72 21.62
N ALA C 25 3.54 -2.47 20.85
CA ALA C 25 2.23 -3.03 21.16
C ALA C 25 2.31 -4.55 21.21
N LEU C 26 3.01 -5.12 20.24
CA LEU C 26 3.19 -6.57 20.18
C LEU C 26 3.95 -7.05 21.42
N LYS C 27 4.99 -6.31 21.77
CA LYS C 27 5.79 -6.66 22.94
C LYS C 27 4.90 -6.72 24.19
N GLN C 28 3.99 -5.77 24.31
CA GLN C 28 3.06 -5.75 25.44
C GLN C 28 2.26 -7.04 25.47
N ALA C 29 1.82 -7.47 24.27
CA ALA C 29 1.05 -8.70 24.16
C ALA C 29 1.85 -9.89 24.67
N LYS C 30 3.13 -9.94 24.30
CA LYS C 30 3.99 -11.02 24.76
C LYS C 30 4.07 -11.06 26.28
N GLN C 31 3.98 -9.88 26.90
CA GLN C 31 4.04 -9.80 28.36
C GLN C 31 2.67 -10.17 28.96
N GLY C 32 1.71 -10.44 28.08
CA GLY C 32 0.36 -10.83 28.53
C GLY C 32 -0.47 -9.60 28.89
N ASP C 33 -0.04 -8.43 28.44
CA ASP C 33 -0.76 -7.18 28.70
C ASP C 33 -1.63 -6.80 27.51
N PHE C 34 -2.80 -7.41 27.42
CA PHE C 34 -3.71 -7.14 26.31
C PHE C 34 -4.22 -5.70 26.34
N ALA C 35 -4.43 -5.17 27.54
CA ALA C 35 -4.94 -3.81 27.68
C ALA C 35 -3.97 -2.79 27.08
N ALA C 36 -2.71 -2.89 27.47
CA ALA C 36 -1.71 -1.96 26.96
C ALA C 36 -1.50 -2.17 25.47
N ALA C 37 -1.55 -3.42 25.02
CA ALA C 37 -1.38 -3.71 23.60
C ALA C 37 -2.48 -3.00 22.81
N LYS C 38 -3.72 -3.21 23.22
CA LYS C 38 -4.87 -2.59 22.57
C LYS C 38 -4.72 -1.07 22.49
N ALA C 39 -4.32 -0.45 23.61
CA ALA C 39 -4.16 1.00 23.65
C ALA C 39 -3.06 1.46 22.68
N MET C 40 -1.96 0.72 22.64
CA MET C 40 -0.85 1.06 21.77
C MET C 40 -1.25 0.92 20.30
N MET C 41 -2.03 -0.11 19.99
CA MET C 41 -2.48 -0.31 18.61
C MET C 41 -3.35 0.85 18.16
N ASP C 42 -4.25 1.28 19.04
CA ASP C 42 -5.17 2.36 18.72
C ASP C 42 -4.41 3.63 18.38
N GLN C 43 -3.42 3.97 19.21
CA GLN C 43 -2.61 5.16 18.97
C GLN C 43 -1.83 5.03 17.67
N SER C 44 -1.30 3.85 17.42
CA SER C 44 -0.55 3.60 16.19
C SER C 44 -1.44 3.87 14.98
N ARG C 45 -2.67 3.32 15.03
CA ARG C 45 -3.64 3.50 13.96
C ARG C 45 -3.93 4.99 13.72
N MET C 46 -4.14 5.72 14.81
CA MET C 46 -4.43 7.15 14.72
C MET C 46 -3.26 7.89 14.08
N ALA C 47 -2.04 7.51 14.47
CA ALA C 47 -0.84 8.14 13.91
C ALA C 47 -0.78 7.91 12.40
N LEU C 48 -1.08 6.68 11.98
CA LEU C 48 -1.07 6.33 10.57
C LEU C 48 -2.17 7.06 9.82
N ASN C 49 -3.34 7.15 10.45
CA ASN C 49 -4.48 7.81 9.84
C ASN C 49 -4.14 9.27 9.52
N GLU C 50 -3.51 9.95 10.47
CA GLU C 50 -3.11 11.33 10.26
C GLU C 50 -2.06 11.41 9.16
N ALA C 51 -1.13 10.47 9.19
CA ALA C 51 -0.07 10.43 8.18
C ALA C 51 -0.67 10.15 6.80
N HIS C 52 -1.58 9.19 6.74
CA HIS C 52 -2.25 8.85 5.48
C HIS C 52 -3.02 10.05 4.94
N LEU C 53 -3.69 10.78 5.83
CA LEU C 53 -4.47 11.95 5.43
C LEU C 53 -3.56 12.98 4.76
N VAL C 54 -2.39 13.20 5.35
CA VAL C 54 -1.45 14.16 4.80
C VAL C 54 -0.99 13.67 3.43
N GLN C 55 -0.69 12.38 3.32
CA GLN C 55 -0.26 11.82 2.04
C GLN C 55 -1.38 11.99 1.00
N THR C 56 -2.62 11.74 1.41
CA THR C 56 -3.76 11.88 0.48
C THR C 56 -3.70 13.25 -0.19
N LYS C 57 -3.50 14.29 0.60
CA LYS C 57 -3.40 15.64 0.05
C LYS C 57 -2.20 15.73 -0.88
N LEU C 58 -1.11 15.09 -0.49
CA LEU C 58 0.10 15.11 -1.29
C LEU C 58 -0.08 14.35 -2.61
N ILE C 59 -1.09 13.47 -2.70
CA ILE C 59 -1.33 12.76 -3.95
C ILE C 59 -2.40 13.48 -4.79
N GLU C 60 -3.38 14.10 -4.14
CA GLU C 60 -4.43 14.83 -4.87
C GLU C 60 -3.85 16.03 -5.60
N GLY C 61 -2.89 16.71 -4.98
CA GLY C 61 -2.28 17.89 -5.57
C GLY C 61 -0.83 17.62 -5.97
N ASP C 62 -0.56 16.41 -6.41
CA ASP C 62 0.79 16.03 -6.80
C ASP C 62 1.22 16.75 -8.06
N ALA C 63 0.31 17.49 -8.68
CA ALA C 63 0.63 18.24 -9.90
C ALA C 63 1.30 19.56 -9.56
N GLY C 64 1.78 20.26 -10.59
CA GLY C 64 2.43 21.56 -10.39
C GLY C 64 3.77 21.63 -11.13
N GLU C 65 4.69 20.71 -10.81
CA GLU C 65 5.99 20.70 -11.45
C GLU C 65 5.87 20.38 -12.94
N GLY C 66 4.99 19.45 -13.27
CA GLY C 66 4.80 19.05 -14.66
C GLY C 66 3.45 18.36 -14.86
N LYS C 67 3.12 18.09 -16.11
CA LYS C 67 1.85 17.44 -16.43
C LYS C 67 1.83 16.00 -15.92
N MET C 68 2.44 15.10 -16.70
CA MET C 68 2.48 13.68 -16.36
C MET C 68 3.31 13.38 -15.12
N LYS C 69 4.45 14.07 -14.97
CA LYS C 69 5.34 13.83 -13.84
C LYS C 69 4.79 14.36 -12.52
N VAL C 70 5.20 13.71 -11.43
CA VAL C 70 4.76 14.07 -10.08
C VAL C 70 5.96 14.16 -9.13
N SER C 71 5.72 14.64 -7.91
CA SER C 71 6.80 14.75 -6.93
C SER C 71 7.42 13.38 -6.68
N LEU C 72 8.74 13.30 -6.77
CA LEU C 72 9.45 12.03 -6.61
C LEU C 72 9.31 11.48 -5.19
N VAL C 73 9.40 12.39 -4.22
CA VAL C 73 9.33 12.04 -2.80
C VAL C 73 8.00 11.37 -2.44
N LEU C 74 6.99 11.51 -3.28
CA LEU C 74 5.71 10.85 -3.01
C LEU C 74 5.90 9.36 -2.79
N VAL C 75 6.85 8.81 -3.53
CA VAL C 75 7.17 7.39 -3.44
C VAL C 75 7.76 7.09 -2.06
N HIS C 76 8.76 7.94 -1.55
CA HIS C 76 9.38 7.72 -0.25
C HIS C 76 8.32 7.71 0.85
N ALA C 77 7.38 8.65 0.78
CA ALA C 77 6.32 8.72 1.77
C ALA C 77 5.37 7.54 1.64
N GLN C 78 5.03 7.20 0.39
CA GLN C 78 4.11 6.11 0.13
C GLN C 78 4.74 4.78 0.58
N LEU C 79 5.99 4.58 0.19
CA LEU C 79 6.71 3.36 0.55
C LEU C 79 6.75 3.17 2.06
N HIS C 80 7.13 4.21 2.79
CA HIS C 80 7.20 4.12 4.24
C HIS C 80 5.81 3.94 4.85
N LEU C 81 4.87 4.73 4.38
CA LEU C 81 3.50 4.67 4.89
C LEU C 81 2.85 3.31 4.59
N MET C 82 3.01 2.84 3.37
CA MET C 82 2.42 1.55 2.98
C MET C 82 3.01 0.42 3.82
N THR C 83 4.32 0.45 3.99
CA THR C 83 5.00 -0.58 4.76
C THR C 83 4.54 -0.55 6.22
N SER C 84 4.53 0.64 6.80
CA SER C 84 4.12 0.80 8.20
C SER C 84 2.67 0.37 8.42
N MET C 85 1.76 0.84 7.56
CA MET C 85 0.35 0.48 7.70
C MET C 85 0.16 -1.04 7.61
N LEU C 86 0.80 -1.65 6.63
CA LEU C 86 0.70 -3.09 6.43
C LEU C 86 1.24 -3.83 7.65
N ALA C 87 2.42 -3.42 8.10
CA ALA C 87 3.05 -4.04 9.25
C ALA C 87 2.13 -3.96 10.47
N ARG C 88 1.61 -2.77 10.71
CA ARG C 88 0.74 -2.55 11.84
C ARG C 88 -0.50 -3.47 11.77
N GLU C 89 -1.11 -3.56 10.59
CA GLU C 89 -2.29 -4.42 10.44
C GLU C 89 -1.95 -5.88 10.74
N LEU C 90 -0.82 -6.35 10.20
CA LEU C 90 -0.40 -7.72 10.44
C LEU C 90 -0.07 -7.92 11.91
N ILE C 91 0.60 -6.95 12.49
CA ILE C 91 0.95 -7.02 13.90
C ILE C 91 -0.33 -7.12 14.73
N THR C 92 -1.36 -6.39 14.32
CA THR C 92 -2.64 -6.46 15.02
C THR C 92 -3.15 -7.89 14.99
N GLU C 93 -3.06 -8.53 13.83
CA GLU C 93 -3.50 -9.92 13.70
C GLU C 93 -2.66 -10.82 14.62
N LEU C 94 -1.36 -10.56 14.63
CA LEU C 94 -0.45 -11.34 15.47
C LEU C 94 -0.84 -11.20 16.94
N ILE C 95 -1.16 -9.98 17.35
CA ILE C 95 -1.57 -9.73 18.73
C ILE C 95 -2.86 -10.51 19.05
N GLU C 96 -3.80 -10.48 18.12
CA GLU C 96 -5.05 -11.21 18.31
C GLU C 96 -4.75 -12.70 18.53
N LEU C 97 -3.78 -13.21 17.77
CA LEU C 97 -3.39 -14.61 17.91
C LEU C 97 -2.85 -14.87 19.32
N HIS C 98 -2.05 -13.94 19.83
CA HIS C 98 -1.52 -14.09 21.18
C HIS C 98 -2.68 -14.22 22.16
N GLU C 99 -3.73 -13.44 21.92
CA GLU C 99 -4.90 -13.49 22.78
C GLU C 99 -5.57 -14.87 22.68
N LYS C 100 -5.65 -15.41 21.46
CA LYS C 100 -6.25 -16.72 21.29
C LYS C 100 -5.38 -17.78 21.95
N LEU C 101 -4.05 -17.58 21.91
CA LEU C 101 -3.12 -18.52 22.55
C LEU C 101 -3.37 -18.53 24.06
N LYS C 102 -4.36 -17.76 24.51
CA LYS C 102 -4.70 -17.67 25.93
C LYS C 102 -3.78 -16.68 26.63
N ALA C 103 -2.48 -16.99 26.61
CA ALA C 103 -1.45 -16.16 27.26
C ALA C 103 -1.80 -14.67 27.21
N LYS D 1 -19.97 26.95 -1.17
CA LYS D 1 -19.08 26.05 -1.96
C LYS D 1 -19.44 24.59 -1.78
N LYS D 2 -19.77 23.94 -2.87
CA LYS D 2 -20.15 22.54 -2.84
C LYS D 2 -18.93 21.62 -2.88
N HIS D 3 -19.02 20.49 -2.19
CA HIS D 3 -17.93 19.52 -2.13
C HIS D 3 -18.12 18.37 -3.08
N ILE D 4 -17.20 18.26 -4.03
CA ILE D 4 -17.22 17.18 -4.99
C ILE D 4 -16.07 16.24 -4.61
N TYR D 5 -16.39 15.03 -4.18
CA TYR D 5 -15.38 14.06 -3.78
C TYR D 5 -15.33 12.90 -4.76
N LEU D 6 -14.13 12.60 -5.26
CA LEU D 6 -13.90 11.48 -6.19
C LEU D 6 -13.25 10.35 -5.40
N PHE D 7 -13.57 9.08 -5.75
CA PHE D 7 -12.87 7.96 -5.11
C PHE D 7 -12.22 7.05 -6.15
N CYS D 8 -11.09 6.42 -5.71
CA CYS D 8 -10.34 5.39 -6.44
C CYS D 8 -9.56 4.54 -5.44
N SER D 9 -8.67 3.64 -5.83
CA SER D 9 -8.08 2.81 -4.78
C SER D 9 -7.19 3.64 -3.85
N ALA D 10 -6.20 4.39 -4.38
CA ALA D 10 -5.29 5.11 -3.51
C ALA D 10 -5.57 6.61 -3.60
N GLY D 11 -5.98 7.09 -4.77
CA GLY D 11 -6.26 8.50 -4.96
C GLY D 11 -5.23 9.19 -5.83
N MET D 12 -4.52 8.45 -6.70
CA MET D 12 -3.50 9.08 -7.54
C MET D 12 -4.00 9.30 -8.98
N SER D 13 -4.09 8.25 -9.72
CA SER D 13 -4.51 8.36 -11.12
C SER D 13 -5.72 9.29 -11.27
N THR D 14 -6.46 9.49 -10.18
CA THR D 14 -7.63 10.37 -10.30
C THR D 14 -7.22 11.77 -9.88
N SER D 15 -6.09 11.83 -9.22
CA SER D 15 -5.48 13.09 -8.76
C SER D 15 -5.20 14.03 -9.93
N LEU D 16 -4.82 13.46 -11.06
CA LEU D 16 -4.55 14.26 -12.24
C LEU D 16 -5.88 14.86 -12.76
N LEU D 17 -6.96 14.07 -12.72
CA LEU D 17 -8.28 14.55 -13.14
C LEU D 17 -8.75 15.68 -12.19
N VAL D 18 -8.54 15.48 -10.88
CA VAL D 18 -8.91 16.50 -9.89
C VAL D 18 -8.18 17.83 -10.15
N SER D 19 -6.89 17.79 -10.47
CA SER D 19 -6.17 19.03 -10.74
C SER D 19 -6.73 19.77 -11.98
N LYS D 20 -7.12 19.03 -13.02
CA LYS D 20 -7.71 19.66 -14.20
C LYS D 20 -9.12 20.20 -13.91
N MET D 21 -9.87 19.50 -13.07
CA MET D 21 -11.22 20.00 -12.73
C MET D 21 -11.08 21.31 -11.94
N ARG D 22 -10.13 21.39 -11.02
CA ARG D 22 -9.91 22.60 -10.21
C ARG D 22 -9.56 23.79 -11.12
N ALA D 23 -8.79 23.54 -12.18
CA ALA D 23 -8.39 24.59 -13.11
C ALA D 23 -9.63 25.14 -13.81
N GLN D 24 -10.50 24.24 -14.24
CA GLN D 24 -11.72 24.61 -14.91
C GLN D 24 -12.67 25.35 -14.00
N ALA D 25 -12.80 24.88 -12.77
CA ALA D 25 -13.69 25.53 -11.80
C ALA D 25 -13.24 26.96 -11.55
N GLU D 26 -11.93 27.20 -11.60
CA GLU D 26 -11.39 28.54 -11.36
C GLU D 26 -11.65 29.43 -12.57
N LYS D 27 -11.43 28.88 -13.76
CA LYS D 27 -11.63 29.59 -14.99
C LYS D 27 -13.07 30.10 -15.12
N TYR D 28 -14.05 29.29 -14.72
CA TYR D 28 -15.48 29.69 -14.80
C TYR D 28 -16.13 30.10 -13.49
N GLU D 29 -15.33 30.35 -12.46
CA GLU D 29 -15.81 30.78 -11.15
C GLU D 29 -16.89 29.89 -10.51
N VAL D 30 -16.76 28.58 -10.66
CA VAL D 30 -17.70 27.63 -10.08
C VAL D 30 -17.27 27.48 -8.62
N PRO D 31 -18.19 27.73 -7.67
CA PRO D 31 -17.91 27.64 -6.23
C PRO D 31 -17.93 26.21 -5.68
N VAL D 32 -16.88 25.46 -6.01
CA VAL D 32 -16.75 24.08 -5.57
C VAL D 32 -15.38 23.76 -5.01
N ILE D 33 -15.35 22.75 -4.14
CA ILE D 33 -14.13 22.22 -3.55
C ILE D 33 -14.09 20.77 -4.09
N ILE D 34 -12.98 20.40 -4.71
CA ILE D 34 -12.79 19.07 -5.32
C ILE D 34 -11.61 18.31 -4.66
N GLU D 35 -11.86 17.09 -4.18
CA GLU D 35 -10.83 16.27 -3.52
C GLU D 35 -10.93 14.82 -4.00
N ALA D 36 -9.78 14.14 -4.09
CA ALA D 36 -9.71 12.73 -4.50
C ALA D 36 -9.34 11.92 -3.25
N PHE D 37 -9.93 10.74 -3.09
CA PHE D 37 -9.64 9.87 -1.95
C PHE D 37 -9.66 8.44 -2.43
N PRO D 38 -9.08 7.53 -1.64
CA PRO D 38 -9.07 6.11 -2.02
C PRO D 38 -10.49 5.61 -1.70
N GLU D 39 -10.91 4.54 -2.35
CA GLU D 39 -12.24 3.96 -2.13
C GLU D 39 -12.51 3.54 -0.69
N THR D 40 -11.46 3.29 0.09
CA THR D 40 -11.63 2.88 1.48
C THR D 40 -12.26 3.95 2.37
N LEU D 41 -12.19 5.21 1.94
CA LEU D 41 -12.77 6.32 2.70
C LEU D 41 -14.15 6.77 2.20
N ALA D 42 -14.74 6.07 1.21
CA ALA D 42 -16.05 6.45 0.63
C ALA D 42 -17.14 6.64 1.68
N GLY D 43 -17.12 5.80 2.71
CA GLY D 43 -18.13 5.91 3.75
C GLY D 43 -17.81 6.98 4.77
N GLU D 44 -16.53 7.16 5.08
CA GLU D 44 -16.15 8.15 6.07
C GLU D 44 -16.16 9.59 5.49
N LYS D 45 -15.52 9.77 4.34
CA LYS D 45 -15.46 11.08 3.70
C LYS D 45 -16.73 11.45 2.92
N GLY D 46 -17.38 10.46 2.32
CA GLY D 46 -18.60 10.70 1.55
C GLY D 46 -19.69 11.43 2.29
N GLN D 47 -19.77 11.23 3.60
CA GLN D 47 -20.79 11.89 4.43
C GLN D 47 -20.74 13.42 4.34
N ASN D 48 -19.59 13.97 3.95
CA ASN D 48 -19.43 15.41 3.87
C ASN D 48 -19.45 15.95 2.45
N ALA D 49 -19.66 15.08 1.48
CA ALA D 49 -19.67 15.54 0.10
C ALA D 49 -21.06 15.97 -0.30
N ASP D 50 -21.11 16.82 -1.31
CA ASP D 50 -22.38 17.25 -1.83
C ASP D 50 -22.73 16.32 -2.99
N VAL D 51 -21.69 15.73 -3.60
CA VAL D 51 -21.88 14.75 -4.67
C VAL D 51 -20.68 13.78 -4.61
N VAL D 52 -20.98 12.49 -4.70
CA VAL D 52 -19.97 11.44 -4.66
C VAL D 52 -19.78 10.85 -6.06
N LEU D 53 -18.55 10.92 -6.57
CA LEU D 53 -18.24 10.38 -7.88
C LEU D 53 -17.30 9.18 -7.73
N LEU D 54 -17.60 8.08 -8.42
CA LEU D 54 -16.75 6.88 -8.36
C LEU D 54 -15.96 6.73 -9.63
N GLY D 55 -14.69 6.35 -9.51
CA GLY D 55 -13.84 6.18 -10.68
C GLY D 55 -14.39 5.02 -11.49
N PRO D 56 -14.13 4.94 -12.76
CA PRO D 56 -14.66 3.84 -13.62
C PRO D 56 -14.24 2.42 -13.18
N GLN D 57 -13.07 2.31 -12.54
CA GLN D 57 -12.57 1.02 -12.08
C GLN D 57 -13.39 0.49 -10.90
N ILE D 58 -14.04 1.38 -10.15
CA ILE D 58 -14.82 0.94 -9.01
C ILE D 58 -16.34 1.02 -9.23
N ALA D 59 -16.75 0.99 -10.49
CA ALA D 59 -18.17 1.04 -10.83
C ALA D 59 -18.94 -0.11 -10.19
N TYR D 60 -18.34 -1.30 -10.13
CA TYR D 60 -19.04 -2.44 -9.55
C TYR D 60 -19.46 -2.21 -8.09
N MET D 61 -18.84 -1.23 -7.44
CA MET D 61 -19.15 -0.89 -6.05
C MET D 61 -20.33 0.08 -5.87
N LEU D 62 -20.89 0.58 -6.97
CA LEU D 62 -21.99 1.54 -6.90
C LEU D 62 -23.13 1.19 -5.93
N PRO D 63 -23.73 -0.02 -6.05
CA PRO D 63 -24.82 -0.37 -5.12
C PRO D 63 -24.43 -0.30 -3.65
N GLU D 64 -23.22 -0.72 -3.30
CA GLU D 64 -22.77 -0.68 -1.91
C GLU D 64 -22.60 0.74 -1.42
N ILE D 65 -22.02 1.59 -2.25
CA ILE D 65 -21.83 2.99 -1.85
C ILE D 65 -23.16 3.74 -1.71
N GLN D 66 -24.12 3.42 -2.59
CA GLN D 66 -25.46 4.00 -2.52
C GLN D 66 -26.13 3.64 -1.18
N ARG D 67 -26.00 2.39 -0.73
CA ARG D 67 -26.60 1.98 0.55
C ARG D 67 -25.89 2.63 1.74
N LEU D 68 -24.60 2.88 1.59
CA LEU D 68 -23.77 3.49 2.64
C LEU D 68 -24.11 4.97 2.82
N LEU D 69 -24.39 5.65 1.70
CA LEU D 69 -24.73 7.09 1.68
C LEU D 69 -26.11 7.27 1.01
N PRO D 70 -27.20 6.87 1.69
CA PRO D 70 -28.55 6.99 1.13
C PRO D 70 -29.03 8.44 0.93
N ASN D 71 -28.35 9.38 1.56
CA ASN D 71 -28.75 10.79 1.44
C ASN D 71 -27.82 11.63 0.57
N LYS D 72 -27.08 10.99 -0.33
CA LYS D 72 -26.14 11.69 -1.21
C LYS D 72 -26.26 11.20 -2.63
N PRO D 73 -26.13 12.10 -3.63
CA PRO D 73 -26.21 11.62 -5.02
C PRO D 73 -24.85 10.97 -5.27
N VAL D 74 -24.87 9.73 -5.75
CA VAL D 74 -23.64 8.96 -6.02
C VAL D 74 -23.64 8.48 -7.46
N GLU D 75 -22.58 8.72 -8.19
CA GLU D 75 -22.53 8.22 -9.55
C GLU D 75 -21.13 7.95 -10.07
N VAL D 76 -21.06 7.12 -11.10
CA VAL D 76 -19.80 6.72 -11.71
C VAL D 76 -19.40 7.72 -12.78
N ILE D 77 -18.11 8.03 -12.84
CA ILE D 77 -17.58 8.96 -13.83
C ILE D 77 -17.54 8.27 -15.17
N ASP D 78 -17.96 8.97 -16.21
CA ASP D 78 -17.94 8.40 -17.55
C ASP D 78 -16.51 7.95 -17.89
N SER D 79 -16.33 6.69 -18.28
CA SER D 79 -14.99 6.17 -18.58
C SER D 79 -14.18 6.90 -19.65
N LEU D 80 -14.87 7.44 -20.65
CA LEU D 80 -14.19 8.17 -21.73
C LEU D 80 -13.73 9.53 -21.23
N LEU D 81 -14.58 10.18 -20.45
CA LEU D 81 -14.26 11.49 -19.90
C LEU D 81 -13.10 11.33 -18.94
N TYR D 82 -13.10 10.21 -18.22
CA TYR D 82 -12.04 9.90 -17.25
C TYR D 82 -10.71 9.58 -17.95
N GLY D 83 -10.75 8.68 -18.92
CA GLY D 83 -9.54 8.32 -19.64
C GLY D 83 -8.87 9.50 -20.31
N LYS D 84 -9.68 10.37 -20.87
CA LYS D 84 -9.22 11.56 -21.59
C LYS D 84 -8.79 12.70 -20.65
N VAL D 85 -9.07 12.52 -19.35
CA VAL D 85 -8.77 13.52 -18.31
C VAL D 85 -9.47 14.86 -18.61
N ASP D 86 -10.76 14.77 -18.94
CA ASP D 86 -11.57 15.95 -19.28
C ASP D 86 -12.09 16.63 -18.03
N GLY D 87 -11.29 17.56 -17.51
CA GLY D 87 -11.64 18.31 -16.31
C GLY D 87 -12.94 19.07 -16.45
N LEU D 88 -13.16 19.73 -17.60
CA LEU D 88 -14.39 20.49 -17.80
C LEU D 88 -15.63 19.58 -17.87
N GLY D 89 -15.50 18.50 -18.64
CA GLY D 89 -16.59 17.56 -18.81
C GLY D 89 -17.07 16.91 -17.53
N VAL D 90 -16.12 16.49 -16.69
CA VAL D 90 -16.48 15.84 -15.42
C VAL D 90 -17.04 16.88 -14.45
N LEU D 91 -16.47 18.08 -14.49
CA LEU D 91 -16.97 19.15 -13.63
C LEU D 91 -18.46 19.39 -14.00
N LYS D 92 -18.76 19.42 -15.30
CA LYS D 92 -20.15 19.61 -15.75
C LYS D 92 -21.09 18.52 -15.24
N ALA D 93 -20.64 17.27 -15.30
CA ALA D 93 -21.47 16.14 -14.85
C ALA D 93 -21.76 16.21 -13.35
N ALA D 94 -20.78 16.72 -12.60
CA ALA D 94 -20.90 16.82 -11.15
C ALA D 94 -21.90 17.90 -10.75
N VAL D 95 -21.80 19.06 -11.40
CA VAL D 95 -22.72 20.17 -11.13
C VAL D 95 -24.13 19.69 -11.49
N ALA D 96 -24.25 18.98 -12.61
CA ALA D 96 -25.54 18.45 -13.04
C ALA D 96 -26.13 17.51 -11.99
N ALA D 97 -25.33 16.57 -11.49
CA ALA D 97 -25.85 15.64 -10.49
C ALA D 97 -26.36 16.40 -9.26
N ILE D 98 -25.70 17.51 -8.93
CA ILE D 98 -26.12 18.32 -7.78
C ILE D 98 -27.46 19.01 -8.03
N LYS D 99 -27.63 19.58 -9.24
CA LYS D 99 -28.87 20.26 -9.62
C LYS D 99 -30.01 19.26 -9.71
N LYS D 100 -29.80 18.19 -10.45
CA LYS D 100 -30.83 17.18 -10.59
C LYS D 100 -31.20 16.60 -9.22
N ALA D 101 -30.34 16.79 -8.23
CA ALA D 101 -30.58 16.28 -6.88
C ALA D 101 -31.37 17.24 -6.00
N ALA D 102 -31.14 18.54 -6.18
CA ALA D 102 -31.83 19.57 -5.43
C ALA D 102 -33.22 19.88 -6.02
N ALA D 103 -33.60 19.13 -7.06
CA ALA D 103 -34.88 19.29 -7.72
C ALA D 103 -35.05 18.26 -8.85
P PO3 E . -4.87 5.40 -7.16
O1 PO3 E . -5.36 3.98 -6.94
O2 PO3 E . -4.80 5.96 -8.56
O3 PO3 E . -4.27 6.18 -6.01
N ALA A 1 0.74 7.29 -18.60
CA ALA A 1 0.24 7.59 -19.96
C ALA A 1 -1.09 6.86 -20.17
N GLU A 2 -1.77 7.18 -21.26
CA GLU A 2 -3.08 6.58 -21.60
C GLU A 2 -3.28 5.20 -20.95
N GLU A 3 -2.80 4.17 -21.63
CA GLU A 3 -2.95 2.80 -21.13
C GLU A 3 -2.16 2.60 -19.84
N LEU A 4 -0.84 2.78 -19.91
CA LEU A 4 0.01 2.60 -18.74
C LEU A 4 -0.63 3.20 -17.48
N GLU A 5 -1.21 4.38 -17.61
CA GLU A 5 -1.84 5.05 -16.47
C GLU A 5 -3.12 4.34 -16.08
N GLU A 6 -3.94 4.01 -17.07
CA GLU A 6 -5.19 3.30 -16.82
C GLU A 6 -4.88 1.88 -16.34
N VAL A 7 -3.80 1.31 -16.88
CA VAL A 7 -3.37 -0.03 -16.50
C VAL A 7 -2.93 -0.05 -15.03
N VAL A 8 -2.20 0.99 -14.63
CA VAL A 8 -1.73 1.10 -13.25
C VAL A 8 -2.95 1.16 -12.33
N MET A 9 -3.95 1.96 -12.70
CA MET A 9 -5.17 2.06 -11.90
C MET A 9 -5.77 0.67 -11.73
N GLY A 10 -5.81 -0.09 -12.82
CA GLY A 10 -6.34 -1.45 -12.77
C GLY A 10 -5.49 -2.31 -11.83
N LEU A 11 -4.17 -2.17 -11.95
CA LEU A 11 -3.26 -2.93 -11.10
C LEU A 11 -3.45 -2.56 -9.64
N ILE A 12 -3.57 -1.27 -9.37
CA ILE A 12 -3.76 -0.80 -8.00
C ILE A 12 -5.06 -1.36 -7.46
N ILE A 13 -6.11 -1.29 -8.26
CA ILE A 13 -7.40 -1.82 -7.85
C ILE A 13 -7.30 -3.33 -7.65
N ASN A 14 -6.65 -4.01 -8.60
CA ASN A 14 -6.47 -5.45 -8.53
C ASN A 14 -5.71 -5.82 -7.26
N SER A 15 -4.61 -5.11 -7.03
CA SER A 15 -3.81 -5.35 -5.83
C SER A 15 -4.65 -5.14 -4.57
N GLY A 16 -5.44 -4.06 -4.60
CA GLY A 16 -6.32 -3.75 -3.47
C GLY A 16 -7.35 -4.86 -3.26
N GLN A 17 -7.95 -5.32 -4.36
CA GLN A 17 -8.94 -6.40 -4.27
C GLN A 17 -8.27 -7.65 -3.72
N ALA A 18 -7.05 -7.92 -4.18
CA ALA A 18 -6.31 -9.09 -3.72
C ALA A 18 -6.15 -9.04 -2.21
N ARG A 19 -5.70 -7.91 -1.69
CA ARG A 19 -5.55 -7.77 -0.25
C ARG A 19 -6.90 -7.95 0.43
N SER A 20 -7.91 -7.28 -0.11
CA SER A 20 -9.25 -7.36 0.44
C SER A 20 -9.68 -8.83 0.57
N LEU A 21 -9.47 -9.59 -0.49
CA LEU A 21 -9.81 -11.01 -0.48
C LEU A 21 -8.97 -11.74 0.58
N ALA A 22 -7.69 -11.40 0.63
CA ALA A 22 -6.79 -12.03 1.60
C ALA A 22 -7.30 -11.80 3.03
N TYR A 23 -7.59 -10.55 3.38
CA TYR A 23 -8.10 -10.25 4.72
C TYR A 23 -9.41 -11.00 4.93
N ALA A 24 -10.25 -11.03 3.90
CA ALA A 24 -11.51 -11.73 3.99
C ALA A 24 -11.24 -13.22 4.25
N ALA A 25 -10.23 -13.75 3.56
CA ALA A 25 -9.84 -15.14 3.75
C ALA A 25 -9.48 -15.38 5.21
N LEU A 26 -8.72 -14.46 5.78
CA LEU A 26 -8.32 -14.57 7.18
C LEU A 26 -9.56 -14.55 8.07
N LYS A 27 -10.48 -13.64 7.77
CA LYS A 27 -11.71 -13.53 8.54
C LYS A 27 -12.45 -14.87 8.56
N GLN A 28 -12.48 -15.54 7.41
CA GLN A 28 -13.15 -16.84 7.31
C GLN A 28 -12.48 -17.81 8.28
N ALA A 29 -11.15 -17.75 8.35
CA ALA A 29 -10.39 -18.62 9.24
C ALA A 29 -10.80 -18.38 10.69
N LYS A 30 -10.95 -17.12 11.05
CA LYS A 30 -11.36 -16.77 12.41
C LYS A 30 -12.72 -17.37 12.73
N GLN A 31 -13.58 -17.50 11.72
CA GLN A 31 -14.89 -18.08 11.93
C GLN A 31 -14.80 -19.60 11.96
N GLY A 32 -13.60 -20.12 11.77
CA GLY A 32 -13.37 -21.56 11.81
C GLY A 32 -13.71 -22.21 10.47
N ASP A 33 -13.83 -21.40 9.43
CA ASP A 33 -14.15 -21.90 8.09
C ASP A 33 -12.88 -22.06 7.26
N PHE A 34 -12.18 -23.18 7.47
CA PHE A 34 -10.93 -23.42 6.73
C PHE A 34 -11.18 -23.60 5.24
N ALA A 35 -12.31 -24.21 4.89
CA ALA A 35 -12.63 -24.46 3.49
C ALA A 35 -12.77 -23.14 2.72
N ALA A 36 -13.56 -22.23 3.26
CA ALA A 36 -13.76 -20.95 2.60
C ALA A 36 -12.46 -20.14 2.60
N ALA A 37 -11.70 -20.23 3.68
CA ALA A 37 -10.43 -19.52 3.75
C ALA A 37 -9.52 -19.99 2.60
N LYS A 38 -9.36 -21.30 2.49
CA LYS A 38 -8.53 -21.90 1.45
C LYS A 38 -8.96 -21.42 0.06
N ALA A 39 -10.26 -21.45 -0.21
CA ALA A 39 -10.77 -21.03 -1.51
C ALA A 39 -10.47 -19.57 -1.79
N MET A 40 -10.61 -18.74 -0.76
CA MET A 40 -10.36 -17.30 -0.90
C MET A 40 -8.88 -17.03 -1.18
N MET A 41 -7.98 -17.76 -0.50
CA MET A 41 -6.55 -17.56 -0.72
C MET A 41 -6.19 -17.92 -2.15
N ASP A 42 -6.77 -19.01 -2.65
CA ASP A 42 -6.47 -19.48 -3.99
C ASP A 42 -6.83 -18.42 -5.02
N GLN A 43 -8.03 -17.87 -4.88
CA GLN A 43 -8.48 -16.82 -5.80
C GLN A 43 -7.61 -15.59 -5.67
N SER A 44 -7.25 -15.24 -4.44
CA SER A 44 -6.40 -14.08 -4.20
C SER A 44 -5.06 -14.28 -4.91
N ARG A 45 -4.49 -15.47 -4.78
CA ARG A 45 -3.22 -15.82 -5.43
C ARG A 45 -3.32 -15.66 -6.95
N MET A 46 -4.40 -16.18 -7.51
CA MET A 46 -4.63 -16.11 -8.95
C MET A 46 -4.72 -14.65 -9.40
N ALA A 47 -5.41 -13.83 -8.62
CA ALA A 47 -5.56 -12.41 -8.94
C ALA A 47 -4.19 -11.74 -9.00
N LEU A 48 -3.35 -12.05 -8.02
CA LEU A 48 -2.00 -11.49 -7.95
C LEU A 48 -1.15 -11.98 -9.12
N ASN A 49 -1.29 -13.26 -9.41
CA ASN A 49 -0.51 -13.87 -10.48
C ASN A 49 -0.77 -13.15 -11.80
N GLU A 50 -2.04 -12.89 -12.07
CA GLU A 50 -2.41 -12.17 -13.29
C GLU A 50 -1.86 -10.75 -13.23
N ALA A 51 -1.97 -10.13 -12.05
CA ALA A 51 -1.47 -8.77 -11.87
C ALA A 51 0.06 -8.75 -12.05
N HIS A 52 0.73 -9.71 -11.44
CA HIS A 52 2.19 -9.81 -11.54
C HIS A 52 2.61 -10.01 -13.00
N LEU A 53 1.86 -10.83 -13.72
CA LEU A 53 2.16 -11.11 -15.12
C LEU A 53 2.11 -9.82 -15.93
N VAL A 54 1.08 -9.02 -15.68
CA VAL A 54 0.94 -7.75 -16.38
C VAL A 54 2.11 -6.84 -16.04
N GLN A 55 2.46 -6.79 -14.76
CA GLN A 55 3.59 -5.96 -14.34
C GLN A 55 4.88 -6.45 -15.01
N THR A 56 5.08 -7.76 -15.08
CA THR A 56 6.28 -8.32 -15.72
C THR A 56 6.46 -7.71 -17.11
N LYS A 57 5.37 -7.66 -17.88
CA LYS A 57 5.43 -7.06 -19.22
C LYS A 57 5.76 -5.59 -19.10
N LEU A 58 5.18 -4.94 -18.10
CA LEU A 58 5.43 -3.52 -17.90
C LEU A 58 6.87 -3.24 -17.48
N ILE A 59 7.58 -4.25 -16.98
CA ILE A 59 8.99 -4.06 -16.60
C ILE A 59 9.93 -4.47 -17.76
N GLU A 60 9.55 -5.49 -18.53
CA GLU A 60 10.37 -5.95 -19.66
C GLU A 60 10.46 -4.88 -20.74
N GLY A 61 9.34 -4.20 -21.01
CA GLY A 61 9.31 -3.17 -22.03
C GLY A 61 9.20 -1.78 -21.42
N ASP A 62 9.80 -1.60 -20.24
CA ASP A 62 9.75 -0.32 -19.54
C ASP A 62 10.49 0.78 -20.32
N ALA A 63 11.17 0.39 -21.40
CA ALA A 63 11.90 1.36 -22.21
C ALA A 63 10.97 2.06 -23.19
N GLY A 64 11.49 3.07 -23.89
CA GLY A 64 10.68 3.81 -24.86
C GLY A 64 10.81 5.32 -24.66
N GLU A 65 10.45 5.80 -23.47
CA GLU A 65 10.53 7.23 -23.19
C GLU A 65 11.97 7.72 -23.18
N GLY A 66 12.86 6.90 -22.64
CA GLY A 66 14.28 7.27 -22.58
C GLY A 66 15.15 6.04 -22.36
N LYS A 67 16.47 6.25 -22.44
CA LYS A 67 17.41 5.15 -22.27
C LYS A 67 17.39 4.63 -20.82
N MET A 68 18.11 5.32 -19.94
CA MET A 68 18.20 4.93 -18.54
C MET A 68 16.88 5.05 -17.79
N LYS A 69 16.13 6.12 -18.08
CA LYS A 69 14.87 6.35 -17.37
C LYS A 69 13.76 5.39 -17.80
N VAL A 70 12.84 5.14 -16.87
CA VAL A 70 11.71 4.23 -17.10
C VAL A 70 10.41 4.88 -16.65
N SER A 71 9.28 4.23 -16.95
CA SER A 71 7.98 4.77 -16.55
C SER A 71 7.94 4.91 -15.03
N LEU A 72 7.54 6.10 -14.57
CA LEU A 72 7.48 6.40 -13.14
C LEU A 72 6.43 5.55 -12.41
N VAL A 73 5.30 5.39 -13.07
CA VAL A 73 4.18 4.62 -12.52
C VAL A 73 4.55 3.16 -12.22
N LEU A 74 5.60 2.68 -12.85
CA LEU A 74 6.03 1.30 -12.64
C LEU A 74 6.18 1.00 -11.16
N VAL A 75 6.59 2.02 -10.42
CA VAL A 75 6.80 1.86 -8.99
C VAL A 75 5.45 1.76 -8.28
N HIS A 76 4.22 2.78 -8.68
CA HIS A 76 2.86 2.77 -8.08
C HIS A 76 2.27 1.37 -8.18
N ALA A 77 2.62 0.67 -9.26
CA ALA A 77 2.16 -0.70 -9.45
C ALA A 77 3.02 -1.68 -8.65
N GLN A 78 4.34 -1.51 -8.72
CA GLN A 78 5.24 -2.43 -8.01
C GLN A 78 5.01 -2.32 -6.51
N LEU A 79 4.96 -1.09 -6.01
CA LEU A 79 4.72 -0.86 -4.59
C LEU A 79 3.44 -1.54 -4.13
N HIS A 80 2.35 -1.32 -4.85
CA HIS A 80 1.08 -1.91 -4.47
C HIS A 80 1.12 -3.44 -4.62
N LEU A 81 1.65 -3.90 -5.74
CA LEU A 81 1.74 -5.34 -5.99
C LEU A 81 2.64 -6.04 -4.98
N MET A 82 3.80 -5.45 -4.70
CA MET A 82 4.74 -6.05 -3.75
C MET A 82 4.11 -6.14 -2.37
N THR A 83 3.46 -5.05 -1.96
CA THR A 83 2.81 -5.00 -0.65
C THR A 83 1.69 -6.04 -0.56
N SER A 84 0.84 -6.07 -1.58
CA SER A 84 -0.29 -7.01 -1.61
C SER A 84 0.20 -8.46 -1.60
N MET A 85 1.16 -8.78 -2.45
CA MET A 85 1.69 -10.14 -2.51
C MET A 85 2.26 -10.57 -1.18
N LEU A 86 3.07 -9.70 -0.59
CA LEU A 86 3.68 -10.00 0.70
C LEU A 86 2.61 -10.19 1.78
N ALA A 87 1.64 -9.28 1.79
CA ALA A 87 0.56 -9.36 2.76
C ALA A 87 -0.15 -10.70 2.67
N ARG A 88 -0.49 -11.10 1.47
CA ARG A 88 -1.18 -12.37 1.27
C ARG A 88 -0.35 -13.55 1.78
N GLU A 89 0.93 -13.57 1.45
CA GLU A 89 1.77 -14.67 1.88
C GLU A 89 1.79 -14.78 3.39
N LEU A 90 1.95 -13.65 4.06
CA LEU A 90 1.96 -13.64 5.51
C LEU A 90 0.58 -14.03 6.05
N ILE A 91 -0.46 -13.51 5.42
CA ILE A 91 -1.82 -13.85 5.84
C ILE A 91 -2.03 -15.35 5.69
N THR A 92 -1.50 -15.92 4.61
CA THR A 92 -1.60 -17.37 4.40
C THR A 92 -0.98 -18.10 5.59
N GLU A 93 0.20 -17.64 6.01
CA GLU A 93 0.88 -18.23 7.16
C GLU A 93 0.02 -18.08 8.40
N LEU A 94 -0.57 -16.89 8.56
CA LEU A 94 -1.43 -16.62 9.72
C LEU A 94 -2.62 -17.59 9.71
N ILE A 95 -3.20 -17.80 8.55
CA ILE A 95 -4.34 -18.73 8.44
C ILE A 95 -3.90 -20.14 8.83
N GLU A 96 -2.72 -20.56 8.36
CA GLU A 96 -2.22 -21.88 8.71
C GLU A 96 -2.08 -22.00 10.22
N LEU A 97 -1.64 -20.91 10.87
CA LEU A 97 -1.51 -20.92 12.32
C LEU A 97 -2.88 -21.12 12.98
N HIS A 98 -3.89 -20.46 12.44
CA HIS A 98 -5.25 -20.62 12.98
C HIS A 98 -5.63 -22.08 12.92
N GLU A 99 -5.25 -22.75 11.84
CA GLU A 99 -5.55 -24.17 11.68
C GLU A 99 -4.81 -24.98 12.74
N LYS A 100 -3.56 -24.62 13.01
CA LYS A 100 -2.79 -25.32 14.02
C LYS A 100 -3.39 -25.06 15.41
N LEU A 101 -3.92 -23.84 15.61
CA LEU A 101 -4.56 -23.49 16.88
C LEU A 101 -5.80 -24.37 17.09
N LYS A 102 -6.02 -25.30 16.15
CA LYS A 102 -7.18 -26.20 16.21
C LYS A 102 -8.43 -25.52 15.71
N ALA A 103 -8.82 -24.42 16.39
CA ALA A 103 -10.03 -23.67 16.04
C ALA A 103 -10.30 -23.65 14.53
N ALA B 1 22.66 3.11 -13.51
CA ALA B 1 23.97 3.34 -14.19
C ALA B 1 24.86 2.13 -13.94
N GLU B 2 26.00 2.08 -14.64
CA GLU B 2 26.95 0.97 -14.53
C GLU B 2 26.86 0.24 -13.18
N GLU B 3 27.57 0.74 -12.19
CA GLU B 3 27.58 0.13 -10.87
C GLU B 3 26.22 0.21 -10.20
N LEU B 4 25.72 1.44 -10.02
CA LEU B 4 24.42 1.61 -9.38
C LEU B 4 23.38 0.61 -9.91
N GLU B 5 23.37 0.41 -11.22
CA GLU B 5 22.42 -0.52 -11.83
C GLU B 5 22.76 -1.95 -11.47
N GLU B 6 24.03 -2.30 -11.57
CA GLU B 6 24.50 -3.63 -11.23
C GLU B 6 24.38 -3.85 -9.73
N VAL B 7 24.60 -2.79 -8.97
CA VAL B 7 24.51 -2.85 -7.52
C VAL B 7 23.05 -3.11 -7.10
N VAL B 8 22.12 -2.44 -7.77
CA VAL B 8 20.69 -2.63 -7.49
C VAL B 8 20.33 -4.08 -7.74
N MET B 9 20.80 -4.63 -8.86
CA MET B 9 20.52 -6.03 -9.18
C MET B 9 21.01 -6.91 -8.03
N GLY B 10 22.21 -6.62 -7.53
CA GLY B 10 22.75 -7.37 -6.41
C GLY B 10 21.86 -7.21 -5.19
N LEU B 11 21.44 -5.98 -4.93
CA LEU B 11 20.56 -5.70 -3.79
C LEU B 11 19.24 -6.44 -3.93
N ILE B 12 18.67 -6.41 -5.13
CA ILE B 12 17.40 -7.09 -5.38
C ILE B 12 17.57 -8.58 -5.14
N ILE B 13 18.66 -9.12 -5.68
CA ILE B 13 18.94 -10.54 -5.50
C ILE B 13 19.17 -10.83 -4.02
N ASN B 14 19.95 -9.98 -3.36
CA ASN B 14 20.24 -10.16 -1.94
C ASN B 14 18.94 -10.10 -1.13
N SER B 15 18.11 -9.11 -1.42
CA SER B 15 16.83 -8.99 -0.74
C SER B 15 15.98 -10.23 -0.97
N GLY B 16 15.99 -10.71 -2.22
CA GLY B 16 15.23 -11.91 -2.57
C GLY B 16 15.76 -13.12 -1.81
N GLN B 17 17.08 -13.25 -1.75
CA GLN B 17 17.68 -14.37 -1.03
C GLN B 17 17.31 -14.28 0.45
N ALA B 18 17.35 -13.06 0.98
CA ALA B 18 17.00 -12.84 2.37
C ALA B 18 15.60 -13.36 2.66
N ARG B 19 14.64 -12.97 1.84
CA ARG B 19 13.27 -13.44 2.02
C ARG B 19 13.24 -14.96 1.90
N SER B 20 13.90 -15.47 0.86
CA SER B 20 13.94 -16.91 0.64
C SER B 20 14.41 -17.63 1.89
N LEU B 21 15.50 -17.13 2.48
CA LEU B 21 16.04 -17.73 3.71
C LEU B 21 15.01 -17.60 4.83
N ALA B 22 14.37 -16.44 4.93
CA ALA B 22 13.37 -16.20 5.97
C ALA B 22 12.24 -17.23 5.85
N TYR B 23 11.67 -17.38 4.65
CA TYR B 23 10.60 -18.36 4.46
C TYR B 23 11.12 -19.75 4.79
N ALA B 24 12.36 -20.04 4.38
CA ALA B 24 12.95 -21.33 4.67
C ALA B 24 13.06 -21.49 6.19
N ALA B 25 13.43 -20.41 6.87
CA ALA B 25 13.53 -20.43 8.33
C ALA B 25 12.18 -20.80 8.92
N LEU B 26 11.12 -20.21 8.39
CA LEU B 26 9.78 -20.50 8.86
C LEU B 26 9.45 -21.97 8.62
N LYS B 27 9.80 -22.46 7.44
CA LYS B 27 9.55 -23.86 7.11
C LYS B 27 10.21 -24.78 8.14
N GLN B 28 11.43 -24.43 8.54
CA GLN B 28 12.13 -25.23 9.56
C GLN B 28 11.31 -25.26 10.84
N ALA B 29 10.74 -24.11 11.19
CA ALA B 29 9.91 -24.02 12.40
C ALA B 29 8.73 -24.97 12.31
N LYS B 30 8.09 -25.01 11.14
CA LYS B 30 6.95 -25.90 10.94
C LYS B 30 7.36 -27.35 11.16
N GLN B 31 8.62 -27.67 10.83
CA GLN B 31 9.10 -29.04 11.01
C GLN B 31 9.46 -29.28 12.48
N GLY B 32 9.32 -28.24 13.29
CA GLY B 32 9.63 -28.35 14.72
C GLY B 32 11.13 -28.18 14.99
N ASP B 33 11.86 -27.66 14.00
CA ASP B 33 13.29 -27.46 14.14
C ASP B 33 13.60 -26.02 14.53
N PHE B 34 13.47 -25.71 15.81
CA PHE B 34 13.73 -24.34 16.29
C PHE B 34 15.18 -23.94 16.10
N ALA B 35 16.09 -24.90 16.27
CA ALA B 35 17.52 -24.60 16.15
C ALA B 35 17.86 -24.12 14.74
N ALA B 36 17.43 -24.87 13.74
CA ALA B 36 17.71 -24.50 12.36
C ALA B 36 16.98 -23.20 12.01
N ALA B 37 15.77 -23.03 12.51
CA ALA B 37 15.03 -21.80 12.24
C ALA B 37 15.82 -20.61 12.74
N LYS B 38 16.23 -20.68 14.02
CA LYS B 38 17.01 -19.60 14.63
C LYS B 38 18.27 -19.27 13.81
N ALA B 39 18.99 -20.29 13.40
CA ALA B 39 20.21 -20.10 12.61
C ALA B 39 19.91 -19.41 11.28
N MET B 40 18.83 -19.82 10.64
CA MET B 40 18.44 -19.26 9.36
C MET B 40 18.05 -17.78 9.51
N MET B 41 17.32 -17.45 10.57
CA MET B 41 16.92 -16.06 10.78
C MET B 41 18.15 -15.17 10.97
N ASP B 42 19.12 -15.68 11.73
CA ASP B 42 20.33 -14.93 12.01
C ASP B 42 21.06 -14.57 10.73
N GLN B 43 21.21 -15.58 9.86
CA GLN B 43 21.88 -15.36 8.59
C GLN B 43 21.08 -14.40 7.72
N SER B 44 19.76 -14.54 7.73
CA SER B 44 18.91 -13.65 6.95
C SER B 44 19.13 -12.20 7.41
N ARG B 45 19.14 -12.00 8.73
CA ARG B 45 19.35 -10.68 9.30
C ARG B 45 20.69 -10.09 8.83
N MET B 46 21.74 -10.90 8.89
CA MET B 46 23.07 -10.45 8.49
C MET B 46 23.05 -10.04 7.02
N ALA B 47 22.37 -10.84 6.20
CA ALA B 47 22.27 -10.53 4.77
C ALA B 47 21.58 -9.19 4.56
N LEU B 48 20.50 -8.97 5.31
CA LEU B 48 19.75 -7.72 5.21
C LEU B 48 20.59 -6.55 5.72
N ASN B 49 21.30 -6.78 6.81
CA ASN B 49 22.13 -5.75 7.40
C ASN B 49 23.18 -5.26 6.40
N GLU B 50 23.83 -6.19 5.73
CA GLU B 50 24.82 -5.83 4.72
C GLU B 50 24.17 -5.10 3.57
N ALA B 51 23.00 -5.58 3.17
CA ALA B 51 22.25 -4.96 2.08
C ALA B 51 21.83 -3.54 2.48
N HIS B 52 21.32 -3.41 3.70
CA HIS B 52 20.88 -2.11 4.21
C HIS B 52 22.06 -1.13 4.27
N LEU B 53 23.22 -1.64 4.69
CA LEU B 53 24.42 -0.80 4.79
C LEU B 53 24.77 -0.23 3.41
N VAL B 54 24.71 -1.09 2.40
CA VAL B 54 25.03 -0.66 1.04
C VAL B 54 24.01 0.40 0.61
N GLN B 55 22.73 0.16 0.90
CA GLN B 55 21.70 1.13 0.53
C GLN B 55 21.96 2.45 1.25
N THR B 56 22.32 2.39 2.54
CA THR B 56 22.60 3.61 3.30
C THR B 56 23.57 4.50 2.53
N LYS B 57 24.65 3.90 2.04
CA LYS B 57 25.62 4.66 1.25
C LYS B 57 24.97 5.20 -0.01
N LEU B 58 24.12 4.39 -0.61
CA LEU B 58 23.44 4.78 -1.84
C LEU B 58 22.45 5.93 -1.59
N ILE B 59 22.02 6.12 -0.32
CA ILE B 59 21.11 7.23 -0.01
C ILE B 59 21.88 8.48 0.45
N GLU B 60 23.00 8.27 1.16
CA GLU B 60 23.81 9.39 1.64
C GLU B 60 24.42 10.17 0.46
N GLY B 61 24.86 9.43 -0.55
CA GLY B 61 25.49 10.05 -1.72
C GLY B 61 24.59 9.96 -2.95
N ASP B 62 23.28 10.02 -2.73
CA ASP B 62 22.32 9.93 -3.82
C ASP B 62 22.41 11.14 -4.77
N ALA B 63 23.21 12.12 -4.40
CA ALA B 63 23.36 13.32 -5.23
C ALA B 63 24.37 13.07 -6.34
N GLY B 64 24.50 14.03 -7.26
CA GLY B 64 25.44 13.90 -8.37
C GLY B 64 24.78 14.23 -9.71
N GLU B 65 23.73 13.48 -10.05
CA GLU B 65 23.03 13.70 -11.32
C GLU B 65 22.34 15.07 -11.33
N GLY B 66 21.76 15.45 -10.20
CA GLY B 66 21.07 16.73 -10.11
C GLY B 66 20.91 17.16 -8.66
N LYS B 67 20.42 18.38 -8.47
CA LYS B 67 20.23 18.92 -7.13
C LYS B 67 19.13 18.16 -6.38
N MET B 68 17.88 18.54 -6.66
CA MET B 68 16.72 17.93 -6.01
C MET B 68 16.52 16.47 -6.40
N LYS B 69 16.75 16.13 -7.66
CA LYS B 69 16.54 14.76 -8.14
C LYS B 69 17.62 13.80 -7.64
N VAL B 70 17.22 12.52 -7.52
CA VAL B 70 18.11 11.47 -7.05
C VAL B 70 18.02 10.24 -7.98
N SER B 71 18.89 9.26 -7.76
CA SER B 71 18.88 8.05 -8.59
C SER B 71 17.52 7.37 -8.49
N LEU B 72 16.93 7.04 -9.64
CA LEU B 72 15.60 6.45 -9.66
C LEU B 72 15.59 5.04 -9.04
N VAL B 73 16.65 4.30 -9.35
CA VAL B 73 16.80 2.93 -8.88
C VAL B 73 16.83 2.84 -7.34
N LEU B 74 17.12 3.96 -6.69
CA LEU B 74 17.18 3.97 -5.23
C LEU B 74 15.90 3.41 -4.63
N VAL B 75 14.79 3.74 -5.27
CA VAL B 75 13.48 3.28 -4.81
C VAL B 75 13.39 1.77 -5.02
N HIS B 76 13.86 1.21 -6.24
CA HIS B 76 13.81 -0.23 -6.51
C HIS B 76 14.51 -1.00 -5.41
N ALA B 77 15.69 -0.53 -5.00
CA ALA B 77 16.42 -1.18 -3.93
C ALA B 77 15.71 -1.00 -2.59
N GLN B 78 15.18 0.20 -2.37
CA GLN B 78 14.48 0.49 -1.12
C GLN B 78 13.21 -0.36 -1.03
N LEU B 79 12.44 -0.39 -2.12
CA LEU B 79 11.22 -1.18 -2.14
C LEU B 79 11.49 -2.65 -1.82
N HIS B 80 12.48 -3.23 -2.48
CA HIS B 80 12.80 -4.62 -2.24
C HIS B 80 13.36 -4.83 -0.84
N LEU B 81 14.27 -3.95 -0.44
CA LEU B 81 14.88 -4.06 0.89
C LEU B 81 13.85 -3.85 2.00
N MET B 82 13.00 -2.85 1.86
CA MET B 82 11.98 -2.57 2.87
C MET B 82 11.02 -3.75 3.01
N THR B 83 10.59 -4.28 1.87
CA THR B 83 9.67 -5.41 1.87
C THR B 83 10.32 -6.64 2.50
N SER B 84 11.55 -6.94 2.10
CA SER B 84 12.26 -8.09 2.64
C SER B 84 12.50 -7.97 4.14
N MET B 85 12.97 -6.81 4.58
CA MET B 85 13.24 -6.60 6.01
C MET B 85 11.96 -6.76 6.83
N LEU B 86 10.89 -6.14 6.36
CA LEU B 86 9.61 -6.21 7.06
C LEU B 86 9.11 -7.65 7.12
N ALA B 87 9.17 -8.33 5.98
CA ALA B 87 8.72 -9.71 5.90
C ALA B 87 9.49 -10.58 6.88
N ARG B 88 10.79 -10.44 6.86
CA ARG B 88 11.65 -11.22 7.75
C ARG B 88 11.28 -10.97 9.21
N GLU B 89 11.08 -9.70 9.59
CA GLU B 89 10.75 -9.38 10.97
C GLU B 89 9.43 -10.05 11.37
N LEU B 90 8.44 -9.96 10.50
CA LEU B 90 7.14 -10.56 10.78
C LEU B 90 7.28 -12.08 10.84
N ILE B 91 8.06 -12.63 9.92
CA ILE B 91 8.30 -14.07 9.91
C ILE B 91 8.95 -14.49 11.23
N THR B 92 9.86 -13.66 11.73
CA THR B 92 10.50 -13.96 13.02
C THR B 92 9.43 -14.07 14.09
N GLU B 93 8.49 -13.13 14.09
CA GLU B 93 7.40 -13.15 15.06
C GLU B 93 6.58 -14.43 14.88
N LEU B 94 6.30 -14.77 13.62
CA LEU B 94 5.54 -15.99 13.33
C LEU B 94 6.27 -17.21 13.87
N ILE B 95 7.59 -17.26 13.68
CA ILE B 95 8.36 -18.38 14.19
C ILE B 95 8.28 -18.46 15.71
N GLU B 96 8.36 -17.30 16.37
CA GLU B 96 8.25 -17.27 17.83
C GLU B 96 6.90 -17.85 18.25
N LEU B 97 5.86 -17.54 17.49
CA LEU B 97 4.52 -18.05 17.79
C LEU B 97 4.52 -19.58 17.69
N HIS B 98 5.19 -20.10 16.66
CA HIS B 98 5.27 -21.55 16.50
C HIS B 98 5.89 -22.17 17.75
N GLU B 99 6.90 -21.48 18.28
CA GLU B 99 7.55 -21.95 19.50
C GLU B 99 6.58 -21.94 20.66
N LYS B 100 5.77 -20.88 20.77
CA LYS B 100 4.79 -20.80 21.84
C LYS B 100 3.72 -21.88 21.65
N LEU B 101 3.39 -22.19 20.39
CA LEU B 101 2.42 -23.25 20.11
C LEU B 101 2.96 -24.60 20.58
N LYS B 102 4.13 -24.57 21.21
CA LYS B 102 4.77 -25.78 21.72
C LYS B 102 5.49 -26.51 20.59
N ALA B 103 4.71 -26.92 19.58
CA ALA B 103 5.25 -27.67 18.43
C ALA B 103 6.64 -27.19 18.04
N ALA C 1 11.12 19.25 -2.05
CA ALA C 1 11.16 20.74 -1.98
C ALA C 1 10.96 21.17 -0.54
N GLU C 2 11.18 22.45 -0.27
CA GLU C 2 11.04 23.02 1.08
C GLU C 2 10.10 22.22 1.98
N GLU C 3 8.81 22.51 1.89
CA GLU C 3 7.83 21.81 2.71
C GLU C 3 7.73 20.34 2.34
N LEU C 4 7.37 20.07 1.08
CA LEU C 4 7.24 18.68 0.63
C LEU C 4 8.38 17.80 1.16
N GLU C 5 9.60 18.32 1.11
CA GLU C 5 10.76 17.57 1.58
C GLU C 5 10.74 17.43 3.10
N GLU C 6 10.47 18.53 3.78
CA GLU C 6 10.41 18.52 5.24
C GLU C 6 9.19 17.70 5.68
N VAL C 7 8.12 17.78 4.89
CA VAL C 7 6.90 17.04 5.17
C VAL C 7 7.17 15.53 5.06
N VAL C 8 7.92 15.14 4.03
CA VAL C 8 8.27 13.74 3.83
C VAL C 8 9.06 13.24 5.04
N MET C 9 10.02 14.04 5.50
CA MET C 9 10.80 13.67 6.66
C MET C 9 9.87 13.40 7.84
N GLY C 10 8.88 14.29 8.01
CA GLY C 10 7.91 14.13 9.08
C GLY C 10 7.12 12.84 8.88
N LEU C 11 6.71 12.59 7.65
CA LEU C 11 5.94 11.37 7.33
C LEU C 11 6.79 10.14 7.59
N ILE C 12 8.05 10.18 7.18
CA ILE C 12 8.94 9.04 7.37
C ILE C 12 9.11 8.78 8.87
N ILE C 13 9.32 9.87 9.61
CA ILE C 13 9.47 9.76 11.06
C ILE C 13 8.16 9.23 11.66
N ASN C 14 7.05 9.81 11.22
CA ASN C 14 5.73 9.40 11.72
C ASN C 14 5.50 7.92 11.43
N SER C 15 5.79 7.51 10.19
CA SER C 15 5.63 6.11 9.81
C SER C 15 6.52 5.24 10.68
N GLY C 16 7.76 5.70 10.90
CA GLY C 16 8.70 4.95 11.73
C GLY C 16 8.18 4.84 13.16
N GLN C 17 7.67 5.95 13.70
CA GLN C 17 7.13 5.92 15.06
C GLN C 17 5.95 4.97 15.12
N ALA C 18 5.12 5.01 14.08
CA ALA C 18 3.96 4.14 14.02
C ALA C 18 4.38 2.67 14.15
N ARG C 19 5.36 2.27 13.33
CA ARG C 19 5.84 0.91 13.40
C ARG C 19 6.41 0.63 14.79
N SER C 20 7.21 1.57 15.28
CA SER C 20 7.81 1.41 16.60
C SER C 20 6.73 1.13 17.65
N LEU C 21 5.66 1.92 17.61
CA LEU C 21 4.56 1.74 18.54
C LEU C 21 3.92 0.37 18.33
N ALA C 22 3.73 0.00 17.06
CA ALA C 22 3.13 -1.29 16.73
C ALA C 22 3.96 -2.44 17.33
N TYR C 23 5.27 -2.43 17.07
CA TYR C 23 6.14 -3.47 17.64
C TYR C 23 6.05 -3.45 19.16
N ALA C 24 6.03 -2.24 19.72
CA ALA C 24 5.92 -2.11 21.17
C ALA C 24 4.59 -2.72 21.62
N ALA C 25 3.54 -2.47 20.85
CA ALA C 25 2.23 -3.03 21.16
C ALA C 25 2.31 -4.55 21.21
N LEU C 26 3.01 -5.12 20.24
CA LEU C 26 3.19 -6.57 20.18
C LEU C 26 3.95 -7.05 21.42
N LYS C 27 4.99 -6.31 21.77
CA LYS C 27 5.79 -6.66 22.94
C LYS C 27 4.90 -6.72 24.19
N GLN C 28 3.99 -5.77 24.31
CA GLN C 28 3.06 -5.75 25.44
C GLN C 28 2.26 -7.04 25.47
N ALA C 29 1.82 -7.47 24.27
CA ALA C 29 1.05 -8.70 24.16
C ALA C 29 1.85 -9.89 24.67
N LYS C 30 3.13 -9.94 24.30
CA LYS C 30 3.99 -11.02 24.76
C LYS C 30 4.07 -11.06 26.28
N GLN C 31 3.98 -9.88 26.90
CA GLN C 31 4.04 -9.80 28.36
C GLN C 31 2.67 -10.17 28.96
N GLY C 32 1.71 -10.44 28.08
CA GLY C 32 0.36 -10.83 28.53
C GLY C 32 -0.47 -9.60 28.89
N ASP C 33 -0.04 -8.43 28.44
CA ASP C 33 -0.76 -7.18 28.70
C ASP C 33 -1.63 -6.80 27.51
N PHE C 34 -2.80 -7.41 27.42
CA PHE C 34 -3.71 -7.14 26.31
C PHE C 34 -4.22 -5.70 26.34
N ALA C 35 -4.43 -5.17 27.54
CA ALA C 35 -4.94 -3.81 27.68
C ALA C 35 -3.97 -2.79 27.08
N ALA C 36 -2.71 -2.89 27.47
CA ALA C 36 -1.71 -1.96 26.96
C ALA C 36 -1.50 -2.17 25.47
N ALA C 37 -1.55 -3.42 25.02
CA ALA C 37 -1.38 -3.71 23.60
C ALA C 37 -2.48 -3.00 22.81
N LYS C 38 -3.72 -3.21 23.22
CA LYS C 38 -4.87 -2.59 22.57
C LYS C 38 -4.72 -1.07 22.49
N ALA C 39 -4.32 -0.45 23.61
CA ALA C 39 -4.16 1.00 23.65
C ALA C 39 -3.06 1.46 22.68
N MET C 40 -1.96 0.72 22.64
CA MET C 40 -0.85 1.06 21.77
C MET C 40 -1.25 0.92 20.30
N MET C 41 -2.03 -0.11 19.99
CA MET C 41 -2.48 -0.31 18.61
C MET C 41 -3.35 0.85 18.16
N ASP C 42 -4.25 1.28 19.04
CA ASP C 42 -5.17 2.36 18.72
C ASP C 42 -4.41 3.63 18.38
N GLN C 43 -3.42 3.97 19.21
CA GLN C 43 -2.61 5.16 18.97
C GLN C 43 -1.83 5.03 17.67
N SER C 44 -1.30 3.85 17.42
CA SER C 44 -0.55 3.60 16.19
C SER C 44 -1.44 3.87 14.98
N ARG C 45 -2.67 3.32 15.03
CA ARG C 45 -3.64 3.50 13.96
C ARG C 45 -3.93 4.99 13.72
N MET C 46 -4.14 5.72 14.81
CA MET C 46 -4.43 7.15 14.72
C MET C 46 -3.26 7.89 14.08
N ALA C 47 -2.04 7.51 14.47
CA ALA C 47 -0.84 8.14 13.91
C ALA C 47 -0.78 7.91 12.40
N LEU C 48 -1.08 6.68 11.98
CA LEU C 48 -1.07 6.33 10.57
C LEU C 48 -2.17 7.06 9.82
N ASN C 49 -3.34 7.15 10.45
CA ASN C 49 -4.48 7.81 9.84
C ASN C 49 -4.14 9.27 9.52
N GLU C 50 -3.51 9.95 10.47
CA GLU C 50 -3.11 11.33 10.26
C GLU C 50 -2.06 11.41 9.16
N ALA C 51 -1.13 10.47 9.19
CA ALA C 51 -0.07 10.43 8.18
C ALA C 51 -0.67 10.15 6.80
N HIS C 52 -1.58 9.19 6.74
CA HIS C 52 -2.25 8.85 5.48
C HIS C 52 -3.02 10.05 4.94
N LEU C 53 -3.69 10.78 5.83
CA LEU C 53 -4.47 11.95 5.43
C LEU C 53 -3.56 12.98 4.76
N VAL C 54 -2.39 13.20 5.35
CA VAL C 54 -1.45 14.16 4.80
C VAL C 54 -0.99 13.67 3.43
N GLN C 55 -0.69 12.38 3.32
CA GLN C 55 -0.26 11.82 2.04
C GLN C 55 -1.38 11.99 1.00
N THR C 56 -2.62 11.74 1.41
CA THR C 56 -3.76 11.88 0.48
C THR C 56 -3.70 13.25 -0.19
N LYS C 57 -3.50 14.29 0.60
CA LYS C 57 -3.40 15.64 0.05
C LYS C 57 -2.20 15.73 -0.88
N LEU C 58 -1.11 15.09 -0.49
CA LEU C 58 0.10 15.11 -1.29
C LEU C 58 -0.08 14.35 -2.61
N ILE C 59 -1.09 13.47 -2.70
CA ILE C 59 -1.33 12.76 -3.95
C ILE C 59 -2.40 13.48 -4.79
N GLU C 60 -3.38 14.10 -4.14
CA GLU C 60 -4.43 14.83 -4.87
C GLU C 60 -3.85 16.03 -5.60
N GLY C 61 -2.89 16.71 -4.98
CA GLY C 61 -2.28 17.89 -5.57
C GLY C 61 -0.83 17.62 -5.97
N ASP C 62 -0.56 16.41 -6.41
CA ASP C 62 0.79 16.03 -6.80
C ASP C 62 1.22 16.75 -8.06
N ALA C 63 0.31 17.49 -8.68
CA ALA C 63 0.63 18.24 -9.90
C ALA C 63 1.30 19.56 -9.56
N GLY C 64 1.78 20.26 -10.59
CA GLY C 64 2.43 21.56 -10.39
C GLY C 64 3.77 21.63 -11.13
N GLU C 65 4.69 20.71 -10.81
CA GLU C 65 5.99 20.70 -11.45
C GLU C 65 5.87 20.38 -12.94
N GLY C 66 4.99 19.45 -13.27
CA GLY C 66 4.80 19.05 -14.66
C GLY C 66 3.45 18.36 -14.86
N LYS C 67 3.12 18.09 -16.11
CA LYS C 67 1.85 17.44 -16.43
C LYS C 67 1.83 16.00 -15.92
N MET C 68 2.44 15.10 -16.70
CA MET C 68 2.48 13.68 -16.36
C MET C 68 3.31 13.38 -15.12
N LYS C 69 4.45 14.07 -14.97
CA LYS C 69 5.34 13.83 -13.84
C LYS C 69 4.79 14.36 -12.52
N VAL C 70 5.20 13.71 -11.43
CA VAL C 70 4.76 14.07 -10.08
C VAL C 70 5.96 14.16 -9.13
N SER C 71 5.72 14.64 -7.91
CA SER C 71 6.80 14.75 -6.93
C SER C 71 7.42 13.38 -6.68
N LEU C 72 8.74 13.30 -6.77
CA LEU C 72 9.45 12.03 -6.61
C LEU C 72 9.31 11.48 -5.19
N VAL C 73 9.40 12.39 -4.22
CA VAL C 73 9.33 12.04 -2.80
C VAL C 73 8.00 11.37 -2.44
N LEU C 74 6.99 11.57 -3.26
CA LEU C 74 5.67 10.98 -3.00
C LEU C 74 5.79 9.49 -2.75
N VAL C 75 6.67 8.86 -3.52
CA VAL C 75 6.90 7.43 -3.39
C VAL C 75 7.58 7.15 -2.04
N HIS C 76 8.62 7.99 -1.61
CA HIS C 76 9.30 7.80 -0.34
C HIS C 76 8.29 7.74 0.80
N ALA C 77 7.34 8.67 0.79
CA ALA C 77 6.31 8.71 1.81
C ALA C 77 5.37 7.53 1.66
N GLN C 78 5.01 7.21 0.41
CA GLN C 78 4.11 6.11 0.16
C GLN C 78 4.74 4.78 0.58
N LEU C 79 5.99 4.58 0.19
CA LEU C 79 6.71 3.36 0.55
C LEU C 79 6.75 3.17 2.06
N HIS C 80 7.13 4.21 2.79
CA HIS C 80 7.20 4.12 4.24
C HIS C 80 5.81 3.94 4.85
N LEU C 81 4.87 4.73 4.38
CA LEU C 81 3.50 4.67 4.89
C LEU C 81 2.85 3.31 4.59
N MET C 82 3.01 2.84 3.37
CA MET C 82 2.42 1.55 2.98
C MET C 82 3.01 0.42 3.82
N THR C 83 4.32 0.45 3.99
CA THR C 83 5.00 -0.58 4.76
C THR C 83 4.54 -0.55 6.22
N SER C 84 4.53 0.64 6.80
CA SER C 84 4.12 0.80 8.20
C SER C 84 2.67 0.37 8.42
N MET C 85 1.76 0.84 7.56
CA MET C 85 0.35 0.48 7.70
C MET C 85 0.16 -1.04 7.61
N LEU C 86 0.80 -1.65 6.63
CA LEU C 86 0.70 -3.09 6.43
C LEU C 86 1.24 -3.83 7.65
N ALA C 87 2.42 -3.42 8.10
CA ALA C 87 3.05 -4.04 9.25
C ALA C 87 2.13 -3.96 10.47
N ARG C 88 1.61 -2.77 10.71
CA ARG C 88 0.74 -2.55 11.84
C ARG C 88 -0.50 -3.47 11.77
N GLU C 89 -1.11 -3.56 10.59
CA GLU C 89 -2.29 -4.42 10.44
C GLU C 89 -1.95 -5.88 10.74
N LEU C 90 -0.82 -6.35 10.20
CA LEU C 90 -0.40 -7.72 10.44
C LEU C 90 -0.07 -7.92 11.91
N ILE C 91 0.60 -6.95 12.49
CA ILE C 91 0.95 -7.02 13.90
C ILE C 91 -0.33 -7.12 14.73
N THR C 92 -1.36 -6.39 14.32
CA THR C 92 -2.64 -6.46 15.02
C THR C 92 -3.15 -7.89 14.99
N GLU C 93 -3.06 -8.53 13.83
CA GLU C 93 -3.50 -9.92 13.70
C GLU C 93 -2.66 -10.82 14.62
N LEU C 94 -1.36 -10.56 14.63
CA LEU C 94 -0.45 -11.34 15.47
C LEU C 94 -0.84 -11.20 16.94
N ILE C 95 -1.16 -9.98 17.35
CA ILE C 95 -1.57 -9.73 18.73
C ILE C 95 -2.86 -10.51 19.05
N GLU C 96 -3.80 -10.48 18.12
CA GLU C 96 -5.05 -11.21 18.31
C GLU C 96 -4.75 -12.70 18.53
N LEU C 97 -3.78 -13.21 17.77
CA LEU C 97 -3.39 -14.61 17.91
C LEU C 97 -2.85 -14.87 19.32
N HIS C 98 -2.05 -13.94 19.83
CA HIS C 98 -1.52 -14.09 21.18
C HIS C 98 -2.68 -14.22 22.16
N GLU C 99 -3.73 -13.44 21.92
CA GLU C 99 -4.90 -13.49 22.78
C GLU C 99 -5.57 -14.87 22.68
N LYS C 100 -5.65 -15.41 21.46
CA LYS C 100 -6.25 -16.72 21.29
C LYS C 100 -5.38 -17.78 21.95
N LEU C 101 -4.05 -17.58 21.91
CA LEU C 101 -3.12 -18.52 22.55
C LEU C 101 -3.37 -18.53 24.06
N LYS C 102 -4.36 -17.76 24.51
CA LYS C 102 -4.70 -17.67 25.93
C LYS C 102 -3.78 -16.68 26.63
N ALA C 103 -2.48 -16.99 26.61
CA ALA C 103 -1.45 -16.16 27.26
C ALA C 103 -1.80 -14.67 27.21
N LYS D 1 -19.97 26.95 -1.17
CA LYS D 1 -19.08 26.05 -1.96
C LYS D 1 -19.44 24.59 -1.78
N LYS D 2 -19.77 23.94 -2.87
CA LYS D 2 -20.15 22.54 -2.84
C LYS D 2 -18.93 21.62 -2.88
N HIS D 3 -19.02 20.49 -2.19
CA HIS D 3 -17.93 19.52 -2.13
C HIS D 3 -18.12 18.37 -3.08
N ILE D 4 -17.20 18.26 -4.03
CA ILE D 4 -17.22 17.18 -4.99
C ILE D 4 -16.07 16.24 -4.61
N TYR D 5 -16.39 15.03 -4.18
CA TYR D 5 -15.38 14.06 -3.78
C TYR D 5 -15.33 12.90 -4.76
N LEU D 6 -14.13 12.60 -5.26
CA LEU D 6 -13.90 11.48 -6.19
C LEU D 6 -13.25 10.35 -5.40
N PHE D 7 -13.56 9.08 -5.75
CA PHE D 7 -12.86 7.96 -5.12
C PHE D 7 -12.19 7.05 -6.16
N CYS D 8 -11.04 6.43 -5.72
CA CYS D 8 -10.29 5.43 -6.46
C CYS D 8 -9.52 4.55 -5.47
N SER D 9 -8.66 3.63 -5.87
CA SER D 9 -8.07 2.78 -4.83
C SER D 9 -7.20 3.61 -3.89
N ALA D 10 -6.21 4.36 -4.39
CA ALA D 10 -5.31 5.09 -3.51
C ALA D 10 -5.61 6.57 -3.58
N GLY D 11 -5.88 7.08 -4.78
CA GLY D 11 -6.18 8.49 -4.96
C GLY D 11 -5.15 9.18 -5.85
N MET D 12 -4.47 8.45 -6.74
CA MET D 12 -3.46 9.08 -7.58
C MET D 12 -3.97 9.30 -9.02
N SER D 13 -4.06 8.25 -9.76
CA SER D 13 -4.50 8.36 -11.16
C SER D 13 -5.71 9.29 -11.29
N THR D 14 -6.46 9.50 -10.19
CA THR D 14 -7.62 10.37 -10.31
C THR D 14 -7.22 11.77 -9.88
N SER D 15 -6.09 11.83 -9.22
CA SER D 15 -5.48 13.09 -8.76
C SER D 15 -5.20 14.03 -9.93
N LEU D 16 -4.82 13.46 -11.06
CA LEU D 16 -4.55 14.26 -12.24
C LEU D 16 -5.88 14.86 -12.76
N LEU D 17 -6.96 14.07 -12.72
CA LEU D 17 -8.28 14.55 -13.14
C LEU D 17 -8.75 15.68 -12.19
N VAL D 18 -8.54 15.48 -10.88
CA VAL D 18 -8.91 16.50 -9.89
C VAL D 18 -8.18 17.83 -10.15
N SER D 19 -6.89 17.79 -10.47
CA SER D 19 -6.17 19.03 -10.74
C SER D 19 -6.73 19.77 -11.98
N LYS D 20 -7.12 19.03 -13.02
CA LYS D 20 -7.71 19.66 -14.20
C LYS D 20 -9.12 20.20 -13.91
N MET D 21 -9.87 19.50 -13.07
CA MET D 21 -11.22 20.00 -12.73
C MET D 21 -11.08 21.31 -11.94
N ARG D 22 -10.13 21.39 -11.02
CA ARG D 22 -9.91 22.60 -10.21
C ARG D 22 -9.56 23.79 -11.12
N ALA D 23 -8.79 23.54 -12.18
CA ALA D 23 -8.39 24.59 -13.11
C ALA D 23 -9.63 25.14 -13.81
N GLN D 24 -10.50 24.24 -14.24
CA GLN D 24 -11.72 24.61 -14.91
C GLN D 24 -12.67 25.35 -14.00
N ALA D 25 -12.80 24.88 -12.77
CA ALA D 25 -13.69 25.53 -11.80
C ALA D 25 -13.24 26.96 -11.55
N GLU D 26 -11.93 27.20 -11.60
CA GLU D 26 -11.39 28.54 -11.36
C GLU D 26 -11.65 29.43 -12.57
N LYS D 27 -11.43 28.88 -13.76
CA LYS D 27 -11.63 29.59 -14.99
C LYS D 27 -13.07 30.10 -15.12
N TYR D 28 -14.05 29.29 -14.72
CA TYR D 28 -15.48 29.69 -14.80
C TYR D 28 -16.13 30.10 -13.49
N GLU D 29 -15.33 30.35 -12.46
CA GLU D 29 -15.81 30.78 -11.15
C GLU D 29 -16.89 29.89 -10.51
N VAL D 30 -16.76 28.58 -10.66
CA VAL D 30 -17.70 27.63 -10.08
C VAL D 30 -17.27 27.48 -8.62
N PRO D 31 -18.19 27.73 -7.67
CA PRO D 31 -17.91 27.64 -6.23
C PRO D 31 -17.93 26.21 -5.68
N VAL D 32 -16.88 25.46 -6.01
CA VAL D 32 -16.75 24.08 -5.57
C VAL D 32 -15.38 23.76 -5.01
N ILE D 33 -15.35 22.75 -4.14
CA ILE D 33 -14.13 22.22 -3.55
C ILE D 33 -14.09 20.77 -4.09
N ILE D 34 -12.98 20.40 -4.71
CA ILE D 34 -12.79 19.07 -5.32
C ILE D 34 -11.61 18.31 -4.66
N GLU D 35 -11.86 17.09 -4.18
CA GLU D 35 -10.83 16.27 -3.52
C GLU D 35 -10.93 14.82 -4.00
N ALA D 36 -9.78 14.14 -4.09
CA ALA D 36 -9.71 12.73 -4.50
C ALA D 36 -9.34 11.92 -3.25
N PHE D 37 -9.93 10.74 -3.09
CA PHE D 37 -9.64 9.87 -1.95
C PHE D 37 -9.66 8.44 -2.43
N PRO D 38 -9.08 7.53 -1.64
CA PRO D 38 -9.07 6.11 -2.02
C PRO D 38 -10.49 5.61 -1.70
N GLU D 39 -10.91 4.54 -2.35
CA GLU D 39 -12.24 3.96 -2.13
C GLU D 39 -12.51 3.54 -0.69
N THR D 40 -11.46 3.29 0.09
CA THR D 40 -11.63 2.88 1.48
C THR D 40 -12.26 3.95 2.37
N LEU D 41 -12.19 5.21 1.94
CA LEU D 41 -12.77 6.32 2.70
C LEU D 41 -14.15 6.77 2.20
N ALA D 42 -14.74 6.07 1.21
CA ALA D 42 -16.05 6.45 0.63
C ALA D 42 -17.14 6.64 1.68
N GLY D 43 -17.12 5.80 2.71
CA GLY D 43 -18.13 5.91 3.75
C GLY D 43 -17.81 6.98 4.77
N GLU D 44 -16.53 7.16 5.08
CA GLU D 44 -16.15 8.15 6.07
C GLU D 44 -16.16 9.59 5.49
N LYS D 45 -15.52 9.77 4.34
CA LYS D 45 -15.46 11.08 3.70
C LYS D 45 -16.73 11.45 2.92
N GLY D 46 -17.38 10.46 2.32
CA GLY D 46 -18.60 10.70 1.55
C GLY D 46 -19.69 11.43 2.29
N GLN D 47 -19.77 11.23 3.60
CA GLN D 47 -20.79 11.89 4.43
C GLN D 47 -20.74 13.42 4.34
N ASN D 48 -19.59 13.97 3.95
CA ASN D 48 -19.43 15.41 3.87
C ASN D 48 -19.45 15.95 2.45
N ALA D 49 -19.66 15.08 1.48
CA ALA D 49 -19.67 15.54 0.10
C ALA D 49 -21.06 15.97 -0.30
N ASP D 50 -21.11 16.82 -1.31
CA ASP D 50 -22.38 17.25 -1.83
C ASP D 50 -22.73 16.32 -2.99
N VAL D 51 -21.69 15.73 -3.60
CA VAL D 51 -21.88 14.75 -4.67
C VAL D 51 -20.68 13.78 -4.61
N VAL D 52 -20.98 12.49 -4.70
CA VAL D 52 -19.97 11.44 -4.66
C VAL D 52 -19.78 10.85 -6.06
N LEU D 53 -18.55 10.92 -6.57
CA LEU D 53 -18.24 10.38 -7.88
C LEU D 53 -17.30 9.18 -7.73
N LEU D 54 -17.60 8.08 -8.42
CA LEU D 54 -16.75 6.88 -8.36
C LEU D 54 -15.96 6.73 -9.63
N GLY D 55 -14.69 6.35 -9.51
CA GLY D 55 -13.84 6.18 -10.68
C GLY D 55 -14.39 5.02 -11.49
N PRO D 56 -14.13 4.94 -12.76
CA PRO D 56 -14.66 3.84 -13.62
C PRO D 56 -14.24 2.42 -13.18
N GLN D 57 -13.07 2.31 -12.54
CA GLN D 57 -12.57 1.02 -12.08
C GLN D 57 -13.39 0.49 -10.90
N ILE D 58 -14.04 1.38 -10.15
CA ILE D 58 -14.82 0.94 -9.01
C ILE D 58 -16.34 1.02 -9.23
N ALA D 59 -16.75 0.99 -10.49
CA ALA D 59 -18.17 1.04 -10.83
C ALA D 59 -18.94 -0.11 -10.19
N TYR D 60 -18.34 -1.30 -10.13
CA TYR D 60 -19.04 -2.44 -9.55
C TYR D 60 -19.46 -2.21 -8.09
N MET D 61 -18.84 -1.23 -7.44
CA MET D 61 -19.15 -0.89 -6.05
C MET D 61 -20.33 0.08 -5.87
N LEU D 62 -20.89 0.58 -6.97
CA LEU D 62 -21.99 1.54 -6.90
C LEU D 62 -23.13 1.19 -5.93
N PRO D 63 -23.73 -0.02 -6.05
CA PRO D 63 -24.82 -0.37 -5.12
C PRO D 63 -24.43 -0.30 -3.65
N GLU D 64 -23.22 -0.72 -3.30
CA GLU D 64 -22.77 -0.68 -1.91
C GLU D 64 -22.60 0.74 -1.42
N ILE D 65 -22.02 1.59 -2.25
CA ILE D 65 -21.83 2.99 -1.85
C ILE D 65 -23.16 3.74 -1.71
N GLN D 66 -24.12 3.42 -2.59
CA GLN D 66 -25.46 4.00 -2.52
C GLN D 66 -26.13 3.64 -1.18
N ARG D 67 -26.00 2.39 -0.73
CA ARG D 67 -26.60 1.98 0.55
C ARG D 67 -25.89 2.63 1.74
N LEU D 68 -24.60 2.88 1.59
CA LEU D 68 -23.77 3.49 2.64
C LEU D 68 -24.11 4.97 2.82
N LEU D 69 -24.39 5.65 1.70
CA LEU D 69 -24.73 7.09 1.68
C LEU D 69 -26.11 7.27 1.01
N PRO D 70 -27.20 6.87 1.69
CA PRO D 70 -28.55 6.99 1.13
C PRO D 70 -29.03 8.44 0.93
N ASN D 71 -28.35 9.38 1.56
CA ASN D 71 -28.75 10.79 1.44
C ASN D 71 -27.82 11.63 0.57
N LYS D 72 -27.08 10.99 -0.33
CA LYS D 72 -26.14 11.69 -1.21
C LYS D 72 -26.26 11.20 -2.63
N PRO D 73 -26.13 12.10 -3.63
CA PRO D 73 -26.21 11.62 -5.02
C PRO D 73 -24.85 10.97 -5.27
N VAL D 74 -24.87 9.73 -5.75
CA VAL D 74 -23.64 8.96 -6.02
C VAL D 74 -23.64 8.48 -7.46
N GLU D 75 -22.58 8.72 -8.19
CA GLU D 75 -22.53 8.22 -9.55
C GLU D 75 -21.13 7.95 -10.07
N VAL D 76 -21.06 7.12 -11.10
CA VAL D 76 -19.80 6.72 -11.71
C VAL D 76 -19.40 7.72 -12.78
N ILE D 77 -18.11 8.03 -12.84
CA ILE D 77 -17.58 8.96 -13.83
C ILE D 77 -17.54 8.27 -15.17
N ASP D 78 -17.96 8.97 -16.21
CA ASP D 78 -17.94 8.40 -17.55
C ASP D 78 -16.51 7.95 -17.89
N SER D 79 -16.33 6.69 -18.28
CA SER D 79 -14.99 6.17 -18.58
C SER D 79 -14.18 6.90 -19.65
N LEU D 80 -14.87 7.44 -20.65
CA LEU D 80 -14.19 8.17 -21.73
C LEU D 80 -13.73 9.53 -21.23
N LEU D 81 -14.58 10.18 -20.45
CA LEU D 81 -14.26 11.49 -19.90
C LEU D 81 -13.10 11.33 -18.94
N TYR D 82 -13.10 10.21 -18.22
CA TYR D 82 -12.04 9.90 -17.25
C TYR D 82 -10.71 9.58 -17.95
N GLY D 83 -10.75 8.68 -18.92
CA GLY D 83 -9.54 8.32 -19.64
C GLY D 83 -8.87 9.50 -20.31
N LYS D 84 -9.68 10.37 -20.87
CA LYS D 84 -9.22 11.56 -21.59
C LYS D 84 -8.79 12.70 -20.65
N VAL D 85 -9.07 12.52 -19.35
CA VAL D 85 -8.77 13.52 -18.31
C VAL D 85 -9.47 14.86 -18.61
N ASP D 86 -10.76 14.77 -18.94
CA ASP D 86 -11.57 15.95 -19.28
C ASP D 86 -12.09 16.63 -18.03
N GLY D 87 -11.29 17.56 -17.51
CA GLY D 87 -11.64 18.31 -16.31
C GLY D 87 -12.94 19.07 -16.45
N LEU D 88 -13.16 19.73 -17.60
CA LEU D 88 -14.39 20.49 -17.80
C LEU D 88 -15.63 19.58 -17.87
N GLY D 89 -15.50 18.50 -18.64
CA GLY D 89 -16.59 17.56 -18.81
C GLY D 89 -17.07 16.91 -17.53
N VAL D 90 -16.12 16.49 -16.69
CA VAL D 90 -16.48 15.84 -15.42
C VAL D 90 -17.04 16.88 -14.45
N LEU D 91 -16.47 18.08 -14.49
CA LEU D 91 -16.97 19.15 -13.63
C LEU D 91 -18.46 19.39 -14.00
N LYS D 92 -18.76 19.42 -15.30
CA LYS D 92 -20.15 19.61 -15.75
C LYS D 92 -21.09 18.52 -15.24
N ALA D 93 -20.64 17.27 -15.30
CA ALA D 93 -21.47 16.14 -14.85
C ALA D 93 -21.76 16.21 -13.35
N ALA D 94 -20.78 16.72 -12.60
CA ALA D 94 -20.90 16.82 -11.15
C ALA D 94 -21.90 17.90 -10.75
N VAL D 95 -21.80 19.06 -11.40
CA VAL D 95 -22.72 20.17 -11.13
C VAL D 95 -24.13 19.69 -11.49
N ALA D 96 -24.25 18.98 -12.61
CA ALA D 96 -25.54 18.45 -13.04
C ALA D 96 -26.13 17.51 -11.99
N ALA D 97 -25.33 16.57 -11.49
CA ALA D 97 -25.85 15.64 -10.49
C ALA D 97 -26.36 16.40 -9.26
N ILE D 98 -25.70 17.51 -8.93
CA ILE D 98 -26.12 18.32 -7.78
C ILE D 98 -27.46 19.01 -8.03
N LYS D 99 -27.63 19.58 -9.24
CA LYS D 99 -28.87 20.26 -9.62
C LYS D 99 -30.01 19.26 -9.71
N LYS D 100 -29.80 18.19 -10.45
CA LYS D 100 -30.83 17.18 -10.59
C LYS D 100 -31.20 16.60 -9.22
N ALA D 101 -30.34 16.79 -8.23
CA ALA D 101 -30.58 16.28 -6.88
C ALA D 101 -31.37 17.24 -6.00
N ALA D 102 -31.14 18.54 -6.18
CA ALA D 102 -31.83 19.57 -5.43
C ALA D 102 -33.22 19.88 -6.02
N ALA D 103 -33.60 19.13 -7.06
CA ALA D 103 -34.88 19.29 -7.72
C ALA D 103 -35.05 18.26 -8.85
P PO3 E . -4.81 5.36 -7.21
O1 PO3 E . -4.78 5.90 -8.64
O2 PO3 E . -4.17 6.15 -6.09
O3 PO3 E . -5.29 3.95 -6.95
N ALA A 1 0.74 7.29 -18.60
CA ALA A 1 0.24 7.59 -19.96
C ALA A 1 -1.09 6.86 -20.17
N GLU A 2 -1.77 7.18 -21.26
CA GLU A 2 -3.08 6.58 -21.60
C GLU A 2 -3.28 5.20 -20.95
N GLU A 3 -2.80 4.17 -21.63
CA GLU A 3 -2.95 2.80 -21.13
C GLU A 3 -2.16 2.60 -19.84
N LEU A 4 -0.84 2.78 -19.91
CA LEU A 4 0.01 2.60 -18.74
C LEU A 4 -0.63 3.20 -17.48
N GLU A 5 -1.21 4.38 -17.61
CA GLU A 5 -1.84 5.05 -16.47
C GLU A 5 -3.12 4.34 -16.08
N GLU A 6 -3.94 4.01 -17.07
CA GLU A 6 -5.19 3.30 -16.82
C GLU A 6 -4.88 1.88 -16.34
N VAL A 7 -3.80 1.31 -16.88
CA VAL A 7 -3.37 -0.03 -16.50
C VAL A 7 -2.93 -0.05 -15.03
N VAL A 8 -2.20 0.99 -14.63
CA VAL A 8 -1.73 1.10 -13.25
C VAL A 8 -2.95 1.16 -12.33
N MET A 9 -3.95 1.96 -12.70
CA MET A 9 -5.17 2.06 -11.90
C MET A 9 -5.77 0.67 -11.73
N GLY A 10 -5.81 -0.09 -12.82
CA GLY A 10 -6.34 -1.45 -12.77
C GLY A 10 -5.49 -2.31 -11.83
N LEU A 11 -4.17 -2.17 -11.95
CA LEU A 11 -3.26 -2.93 -11.10
C LEU A 11 -3.45 -2.56 -9.64
N ILE A 12 -3.57 -1.27 -9.37
CA ILE A 12 -3.76 -0.80 -8.00
C ILE A 12 -5.06 -1.36 -7.46
N ILE A 13 -6.11 -1.29 -8.26
CA ILE A 13 -7.40 -1.82 -7.85
C ILE A 13 -7.30 -3.33 -7.65
N ASN A 14 -6.65 -4.01 -8.60
CA ASN A 14 -6.47 -5.45 -8.53
C ASN A 14 -5.71 -5.82 -7.26
N SER A 15 -4.61 -5.11 -7.03
CA SER A 15 -3.81 -5.35 -5.83
C SER A 15 -4.65 -5.14 -4.57
N GLY A 16 -5.44 -4.06 -4.60
CA GLY A 16 -6.32 -3.75 -3.47
C GLY A 16 -7.35 -4.86 -3.26
N GLN A 17 -7.95 -5.32 -4.36
CA GLN A 17 -8.94 -6.40 -4.27
C GLN A 17 -8.27 -7.65 -3.72
N ALA A 18 -7.05 -7.92 -4.18
CA ALA A 18 -6.31 -9.09 -3.72
C ALA A 18 -6.15 -9.04 -2.21
N ARG A 19 -5.70 -7.91 -1.69
CA ARG A 19 -5.55 -7.77 -0.25
C ARG A 19 -6.90 -7.95 0.43
N SER A 20 -7.91 -7.28 -0.11
CA SER A 20 -9.25 -7.36 0.44
C SER A 20 -9.68 -8.83 0.57
N LEU A 21 -9.47 -9.59 -0.49
CA LEU A 21 -9.81 -11.01 -0.48
C LEU A 21 -8.97 -11.74 0.58
N ALA A 22 -7.69 -11.40 0.63
CA ALA A 22 -6.79 -12.03 1.60
C ALA A 22 -7.30 -11.80 3.03
N TYR A 23 -7.59 -10.55 3.38
CA TYR A 23 -8.10 -10.25 4.72
C TYR A 23 -9.41 -11.00 4.93
N ALA A 24 -10.25 -11.03 3.90
CA ALA A 24 -11.51 -11.73 3.99
C ALA A 24 -11.24 -13.22 4.25
N ALA A 25 -10.23 -13.75 3.56
CA ALA A 25 -9.84 -15.14 3.75
C ALA A 25 -9.48 -15.38 5.21
N LEU A 26 -8.72 -14.46 5.78
CA LEU A 26 -8.32 -14.57 7.18
C LEU A 26 -9.56 -14.55 8.07
N LYS A 27 -10.48 -13.64 7.77
CA LYS A 27 -11.71 -13.53 8.54
C LYS A 27 -12.45 -14.87 8.56
N GLN A 28 -12.48 -15.54 7.41
CA GLN A 28 -13.15 -16.84 7.31
C GLN A 28 -12.48 -17.81 8.28
N ALA A 29 -11.15 -17.75 8.35
CA ALA A 29 -10.39 -18.62 9.24
C ALA A 29 -10.80 -18.38 10.69
N LYS A 30 -10.95 -17.12 11.05
CA LYS A 30 -11.36 -16.77 12.41
C LYS A 30 -12.72 -17.37 12.73
N GLN A 31 -13.58 -17.50 11.72
CA GLN A 31 -14.89 -18.08 11.93
C GLN A 31 -14.80 -19.60 11.96
N GLY A 32 -13.60 -20.12 11.77
CA GLY A 32 -13.37 -21.56 11.81
C GLY A 32 -13.71 -22.21 10.47
N ASP A 33 -13.83 -21.40 9.43
CA ASP A 33 -14.15 -21.90 8.09
C ASP A 33 -12.88 -22.06 7.26
N PHE A 34 -12.18 -23.18 7.47
CA PHE A 34 -10.93 -23.42 6.73
C PHE A 34 -11.18 -23.60 5.24
N ALA A 35 -12.31 -24.21 4.89
CA ALA A 35 -12.63 -24.46 3.49
C ALA A 35 -12.77 -23.14 2.72
N ALA A 36 -13.56 -22.23 3.26
CA ALA A 36 -13.76 -20.95 2.60
C ALA A 36 -12.46 -20.14 2.60
N ALA A 37 -11.70 -20.23 3.68
CA ALA A 37 -10.43 -19.52 3.75
C ALA A 37 -9.52 -19.99 2.60
N LYS A 38 -9.36 -21.30 2.49
CA LYS A 38 -8.53 -21.90 1.45
C LYS A 38 -8.96 -21.42 0.06
N ALA A 39 -10.26 -21.45 -0.21
CA ALA A 39 -10.77 -21.03 -1.51
C ALA A 39 -10.47 -19.57 -1.79
N MET A 40 -10.61 -18.74 -0.76
CA MET A 40 -10.36 -17.30 -0.90
C MET A 40 -8.88 -17.03 -1.18
N MET A 41 -7.98 -17.76 -0.50
CA MET A 41 -6.55 -17.56 -0.72
C MET A 41 -6.19 -17.92 -2.15
N ASP A 42 -6.77 -19.01 -2.65
CA ASP A 42 -6.47 -19.48 -3.99
C ASP A 42 -6.83 -18.42 -5.02
N GLN A 43 -8.03 -17.87 -4.88
CA GLN A 43 -8.48 -16.82 -5.80
C GLN A 43 -7.61 -15.59 -5.67
N SER A 44 -7.25 -15.24 -4.44
CA SER A 44 -6.40 -14.08 -4.20
C SER A 44 -5.06 -14.28 -4.91
N ARG A 45 -4.49 -15.47 -4.78
CA ARG A 45 -3.22 -15.82 -5.43
C ARG A 45 -3.32 -15.66 -6.95
N MET A 46 -4.40 -16.18 -7.51
CA MET A 46 -4.63 -16.11 -8.95
C MET A 46 -4.72 -14.65 -9.40
N ALA A 47 -5.41 -13.83 -8.62
CA ALA A 47 -5.56 -12.41 -8.94
C ALA A 47 -4.19 -11.74 -9.00
N LEU A 48 -3.35 -12.05 -8.02
CA LEU A 48 -2.00 -11.49 -7.95
C LEU A 48 -1.15 -11.98 -9.12
N ASN A 49 -1.29 -13.26 -9.41
CA ASN A 49 -0.51 -13.87 -10.48
C ASN A 49 -0.77 -13.15 -11.80
N GLU A 50 -2.04 -12.89 -12.07
CA GLU A 50 -2.41 -12.17 -13.29
C GLU A 50 -1.86 -10.75 -13.23
N ALA A 51 -1.97 -10.13 -12.05
CA ALA A 51 -1.47 -8.77 -11.87
C ALA A 51 0.06 -8.75 -12.05
N HIS A 52 0.73 -9.71 -11.44
CA HIS A 52 2.19 -9.81 -11.54
C HIS A 52 2.61 -10.01 -13.00
N LEU A 53 1.86 -10.83 -13.72
CA LEU A 53 2.16 -11.11 -15.12
C LEU A 53 2.11 -9.82 -15.93
N VAL A 54 1.08 -9.02 -15.68
CA VAL A 54 0.94 -7.75 -16.38
C VAL A 54 2.11 -6.84 -16.04
N GLN A 55 2.46 -6.79 -14.76
CA GLN A 55 3.59 -5.96 -14.34
C GLN A 55 4.88 -6.45 -15.01
N THR A 56 5.08 -7.76 -15.08
CA THR A 56 6.28 -8.32 -15.72
C THR A 56 6.46 -7.71 -17.11
N LYS A 57 5.37 -7.66 -17.88
CA LYS A 57 5.43 -7.06 -19.22
C LYS A 57 5.76 -5.59 -19.10
N LEU A 58 5.18 -4.94 -18.10
CA LEU A 58 5.43 -3.52 -17.90
C LEU A 58 6.87 -3.24 -17.48
N ILE A 59 7.58 -4.25 -16.98
CA ILE A 59 8.99 -4.06 -16.60
C ILE A 59 9.93 -4.47 -17.76
N GLU A 60 9.55 -5.49 -18.53
CA GLU A 60 10.37 -5.95 -19.66
C GLU A 60 10.46 -4.88 -20.74
N GLY A 61 9.34 -4.20 -21.01
CA GLY A 61 9.31 -3.17 -22.03
C GLY A 61 9.20 -1.78 -21.42
N ASP A 62 9.80 -1.60 -20.24
CA ASP A 62 9.75 -0.32 -19.54
C ASP A 62 10.49 0.78 -20.32
N ALA A 63 11.17 0.39 -21.40
CA ALA A 63 11.90 1.36 -22.21
C ALA A 63 10.97 2.06 -23.19
N GLY A 64 11.49 3.07 -23.89
CA GLY A 64 10.68 3.81 -24.86
C GLY A 64 10.81 5.32 -24.66
N GLU A 65 10.45 5.80 -23.47
CA GLU A 65 10.53 7.23 -23.19
C GLU A 65 11.97 7.72 -23.18
N GLY A 66 12.86 6.90 -22.64
CA GLY A 66 14.28 7.27 -22.58
C GLY A 66 15.15 6.04 -22.36
N LYS A 67 16.47 6.25 -22.44
CA LYS A 67 17.41 5.15 -22.27
C LYS A 67 17.39 4.63 -20.82
N MET A 68 18.11 5.32 -19.94
CA MET A 68 18.20 4.93 -18.54
C MET A 68 16.88 5.05 -17.79
N LYS A 69 16.13 6.12 -18.08
CA LYS A 69 14.87 6.35 -17.37
C LYS A 69 13.76 5.39 -17.80
N VAL A 70 12.84 5.14 -16.87
CA VAL A 70 11.71 4.23 -17.10
C VAL A 70 10.41 4.88 -16.65
N SER A 71 9.28 4.23 -16.95
CA SER A 71 7.98 4.77 -16.55
C SER A 71 7.94 4.91 -15.03
N LEU A 72 7.54 6.10 -14.57
CA LEU A 72 7.48 6.40 -13.14
C LEU A 72 6.43 5.55 -12.41
N VAL A 73 5.30 5.39 -13.07
CA VAL A 73 4.18 4.62 -12.52
C VAL A 73 4.55 3.16 -12.22
N LEU A 74 5.61 2.69 -12.84
CA LEU A 74 6.05 1.31 -12.61
C LEU A 74 6.21 1.02 -11.13
N VAL A 75 6.62 2.06 -10.41
CA VAL A 75 6.86 1.93 -8.96
C VAL A 75 5.51 1.84 -8.25
N HIS A 76 4.27 2.83 -8.67
CA HIS A 76 2.91 2.83 -8.07
C HIS A 76 2.32 1.42 -8.16
N ALA A 77 2.66 0.73 -9.24
CA ALA A 77 2.18 -0.63 -9.44
C ALA A 77 3.02 -1.63 -8.65
N GLN A 78 4.35 -1.50 -8.71
CA GLN A 78 5.23 -2.42 -8.01
C GLN A 78 5.00 -2.32 -6.51
N LEU A 79 4.96 -1.09 -6.01
CA LEU A 79 4.72 -0.86 -4.59
C LEU A 79 3.44 -1.54 -4.13
N HIS A 80 2.35 -1.32 -4.85
CA HIS A 80 1.08 -1.91 -4.47
C HIS A 80 1.12 -3.44 -4.62
N LEU A 81 1.65 -3.90 -5.74
CA LEU A 81 1.74 -5.34 -5.99
C LEU A 81 2.64 -6.04 -4.98
N MET A 82 3.80 -5.45 -4.70
CA MET A 82 4.74 -6.05 -3.75
C MET A 82 4.11 -6.14 -2.37
N THR A 83 3.46 -5.05 -1.96
CA THR A 83 2.81 -5.00 -0.65
C THR A 83 1.69 -6.04 -0.56
N SER A 84 0.84 -6.07 -1.58
CA SER A 84 -0.29 -7.01 -1.61
C SER A 84 0.20 -8.46 -1.60
N MET A 85 1.16 -8.78 -2.45
CA MET A 85 1.69 -10.14 -2.51
C MET A 85 2.26 -10.57 -1.18
N LEU A 86 3.07 -9.70 -0.59
CA LEU A 86 3.68 -10.00 0.70
C LEU A 86 2.61 -10.19 1.78
N ALA A 87 1.64 -9.28 1.79
CA ALA A 87 0.56 -9.36 2.76
C ALA A 87 -0.15 -10.70 2.67
N ARG A 88 -0.49 -11.10 1.47
CA ARG A 88 -1.18 -12.37 1.27
C ARG A 88 -0.35 -13.55 1.78
N GLU A 89 0.93 -13.57 1.45
CA GLU A 89 1.77 -14.67 1.88
C GLU A 89 1.79 -14.78 3.39
N LEU A 90 1.95 -13.65 4.06
CA LEU A 90 1.96 -13.64 5.51
C LEU A 90 0.58 -14.03 6.05
N ILE A 91 -0.46 -13.51 5.42
CA ILE A 91 -1.82 -13.85 5.84
C ILE A 91 -2.03 -15.35 5.69
N THR A 92 -1.50 -15.92 4.61
CA THR A 92 -1.60 -17.37 4.40
C THR A 92 -0.98 -18.10 5.59
N GLU A 93 0.20 -17.64 6.01
CA GLU A 93 0.88 -18.23 7.16
C GLU A 93 0.02 -18.08 8.40
N LEU A 94 -0.57 -16.89 8.56
CA LEU A 94 -1.43 -16.62 9.72
C LEU A 94 -2.62 -17.59 9.71
N ILE A 95 -3.20 -17.80 8.55
CA ILE A 95 -4.34 -18.73 8.44
C ILE A 95 -3.90 -20.14 8.83
N GLU A 96 -2.72 -20.56 8.36
CA GLU A 96 -2.22 -21.88 8.71
C GLU A 96 -2.08 -22.00 10.22
N LEU A 97 -1.64 -20.91 10.87
CA LEU A 97 -1.51 -20.92 12.32
C LEU A 97 -2.88 -21.12 12.98
N HIS A 98 -3.89 -20.46 12.44
CA HIS A 98 -5.25 -20.62 12.98
C HIS A 98 -5.63 -22.08 12.92
N GLU A 99 -5.25 -22.75 11.84
CA GLU A 99 -5.55 -24.17 11.68
C GLU A 99 -4.81 -24.98 12.74
N LYS A 100 -3.56 -24.62 13.01
CA LYS A 100 -2.79 -25.32 14.02
C LYS A 100 -3.39 -25.06 15.41
N LEU A 101 -3.92 -23.84 15.61
CA LEU A 101 -4.56 -23.49 16.88
C LEU A 101 -5.80 -24.37 17.09
N LYS A 102 -6.02 -25.30 16.15
CA LYS A 102 -7.18 -26.20 16.21
C LYS A 102 -8.43 -25.52 15.71
N ALA A 103 -8.82 -24.42 16.39
CA ALA A 103 -10.03 -23.67 16.04
C ALA A 103 -10.30 -23.65 14.53
N ALA B 1 22.66 3.11 -13.51
CA ALA B 1 23.97 3.34 -14.19
C ALA B 1 24.86 2.13 -13.94
N GLU B 2 26.00 2.08 -14.64
CA GLU B 2 26.95 0.97 -14.53
C GLU B 2 26.86 0.24 -13.18
N GLU B 3 27.57 0.74 -12.19
CA GLU B 3 27.58 0.13 -10.87
C GLU B 3 26.22 0.21 -10.20
N LEU B 4 25.72 1.44 -10.02
CA LEU B 4 24.42 1.61 -9.38
C LEU B 4 23.38 0.61 -9.91
N GLU B 5 23.37 0.41 -11.22
CA GLU B 5 22.42 -0.52 -11.83
C GLU B 5 22.76 -1.95 -11.47
N GLU B 6 24.03 -2.30 -11.57
CA GLU B 6 24.50 -3.63 -11.23
C GLU B 6 24.38 -3.85 -9.73
N VAL B 7 24.60 -2.79 -8.97
CA VAL B 7 24.51 -2.85 -7.52
C VAL B 7 23.05 -3.11 -7.10
N VAL B 8 22.12 -2.44 -7.77
CA VAL B 8 20.69 -2.63 -7.49
C VAL B 8 20.33 -4.08 -7.74
N MET B 9 20.80 -4.63 -8.86
CA MET B 9 20.52 -6.03 -9.18
C MET B 9 21.01 -6.91 -8.03
N GLY B 10 22.21 -6.62 -7.53
CA GLY B 10 22.75 -7.37 -6.41
C GLY B 10 21.86 -7.21 -5.19
N LEU B 11 21.44 -5.98 -4.93
CA LEU B 11 20.56 -5.70 -3.79
C LEU B 11 19.24 -6.44 -3.93
N ILE B 12 18.67 -6.41 -5.13
CA ILE B 12 17.40 -7.09 -5.38
C ILE B 12 17.57 -8.58 -5.14
N ILE B 13 18.66 -9.12 -5.68
CA ILE B 13 18.94 -10.54 -5.50
C ILE B 13 19.17 -10.83 -4.02
N ASN B 14 19.95 -9.98 -3.36
CA ASN B 14 20.24 -10.16 -1.94
C ASN B 14 18.94 -10.10 -1.13
N SER B 15 18.11 -9.11 -1.42
CA SER B 15 16.83 -8.99 -0.74
C SER B 15 15.98 -10.23 -0.97
N GLY B 16 15.99 -10.71 -2.22
CA GLY B 16 15.23 -11.91 -2.57
C GLY B 16 15.76 -13.12 -1.81
N GLN B 17 17.08 -13.25 -1.75
CA GLN B 17 17.68 -14.37 -1.03
C GLN B 17 17.31 -14.28 0.45
N ALA B 18 17.35 -13.06 0.98
CA ALA B 18 17.00 -12.84 2.37
C ALA B 18 15.60 -13.36 2.66
N ARG B 19 14.64 -12.97 1.84
CA ARG B 19 13.27 -13.44 2.02
C ARG B 19 13.24 -14.96 1.90
N SER B 20 13.90 -15.47 0.86
CA SER B 20 13.94 -16.91 0.64
C SER B 20 14.41 -17.63 1.89
N LEU B 21 15.50 -17.13 2.48
CA LEU B 21 16.04 -17.73 3.71
C LEU B 21 15.01 -17.60 4.83
N ALA B 22 14.37 -16.44 4.93
CA ALA B 22 13.37 -16.20 5.97
C ALA B 22 12.24 -17.23 5.85
N TYR B 23 11.67 -17.38 4.65
CA TYR B 23 10.60 -18.36 4.46
C TYR B 23 11.12 -19.75 4.79
N ALA B 24 12.36 -20.04 4.38
CA ALA B 24 12.95 -21.33 4.67
C ALA B 24 13.06 -21.49 6.19
N ALA B 25 13.43 -20.41 6.87
CA ALA B 25 13.53 -20.43 8.33
C ALA B 25 12.18 -20.80 8.92
N LEU B 26 11.12 -20.21 8.39
CA LEU B 26 9.78 -20.50 8.86
C LEU B 26 9.45 -21.97 8.62
N LYS B 27 9.80 -22.46 7.44
CA LYS B 27 9.55 -23.86 7.11
C LYS B 27 10.21 -24.78 8.14
N GLN B 28 11.43 -24.43 8.54
CA GLN B 28 12.13 -25.23 9.56
C GLN B 28 11.31 -25.26 10.84
N ALA B 29 10.74 -24.11 11.19
CA ALA B 29 9.91 -24.02 12.40
C ALA B 29 8.73 -24.97 12.31
N LYS B 30 8.09 -25.01 11.14
CA LYS B 30 6.95 -25.90 10.94
C LYS B 30 7.36 -27.35 11.16
N GLN B 31 8.62 -27.67 10.83
CA GLN B 31 9.10 -29.04 11.01
C GLN B 31 9.46 -29.28 12.48
N GLY B 32 9.32 -28.24 13.29
CA GLY B 32 9.63 -28.35 14.72
C GLY B 32 11.13 -28.18 14.99
N ASP B 33 11.86 -27.66 14.00
CA ASP B 33 13.29 -27.46 14.14
C ASP B 33 13.60 -26.02 14.53
N PHE B 34 13.47 -25.71 15.81
CA PHE B 34 13.73 -24.34 16.29
C PHE B 34 15.18 -23.94 16.10
N ALA B 35 16.09 -24.90 16.27
CA ALA B 35 17.52 -24.60 16.15
C ALA B 35 17.86 -24.12 14.74
N ALA B 36 17.43 -24.87 13.74
CA ALA B 36 17.71 -24.50 12.36
C ALA B 36 16.98 -23.20 12.01
N ALA B 37 15.77 -23.03 12.51
CA ALA B 37 15.03 -21.80 12.24
C ALA B 37 15.82 -20.61 12.74
N LYS B 38 16.23 -20.68 14.02
CA LYS B 38 17.01 -19.60 14.63
C LYS B 38 18.27 -19.27 13.81
N ALA B 39 18.99 -20.29 13.40
CA ALA B 39 20.21 -20.10 12.61
C ALA B 39 19.91 -19.41 11.28
N MET B 40 18.83 -19.82 10.64
CA MET B 40 18.44 -19.26 9.36
C MET B 40 18.05 -17.78 9.51
N MET B 41 17.32 -17.45 10.57
CA MET B 41 16.92 -16.06 10.78
C MET B 41 18.15 -15.17 10.97
N ASP B 42 19.12 -15.68 11.73
CA ASP B 42 20.33 -14.93 12.01
C ASP B 42 21.06 -14.57 10.73
N GLN B 43 21.21 -15.58 9.86
CA GLN B 43 21.88 -15.36 8.59
C GLN B 43 21.08 -14.40 7.72
N SER B 44 19.76 -14.54 7.73
CA SER B 44 18.91 -13.65 6.95
C SER B 44 19.13 -12.20 7.41
N ARG B 45 19.14 -12.00 8.73
CA ARG B 45 19.35 -10.68 9.30
C ARG B 45 20.69 -10.09 8.83
N MET B 46 21.74 -10.90 8.89
CA MET B 46 23.07 -10.45 8.49
C MET B 46 23.05 -10.04 7.02
N ALA B 47 22.37 -10.84 6.20
CA ALA B 47 22.27 -10.53 4.77
C ALA B 47 21.58 -9.19 4.56
N LEU B 48 20.50 -8.97 5.31
CA LEU B 48 19.75 -7.72 5.21
C LEU B 48 20.59 -6.55 5.72
N ASN B 49 21.30 -6.78 6.81
CA ASN B 49 22.13 -5.75 7.40
C ASN B 49 23.18 -5.26 6.40
N GLU B 50 23.83 -6.19 5.73
CA GLU B 50 24.82 -5.83 4.72
C GLU B 50 24.17 -5.10 3.57
N ALA B 51 23.00 -5.58 3.17
CA ALA B 51 22.25 -4.96 2.08
C ALA B 51 21.83 -3.54 2.48
N HIS B 52 21.32 -3.41 3.70
CA HIS B 52 20.88 -2.11 4.21
C HIS B 52 22.06 -1.13 4.27
N LEU B 53 23.22 -1.64 4.69
CA LEU B 53 24.42 -0.80 4.79
C LEU B 53 24.77 -0.23 3.41
N VAL B 54 24.71 -1.09 2.40
CA VAL B 54 25.03 -0.66 1.04
C VAL B 54 24.01 0.40 0.61
N GLN B 55 22.73 0.16 0.90
CA GLN B 55 21.70 1.13 0.53
C GLN B 55 21.96 2.45 1.25
N THR B 56 22.32 2.39 2.54
CA THR B 56 22.60 3.61 3.30
C THR B 56 23.57 4.50 2.53
N LYS B 57 24.65 3.90 2.04
CA LYS B 57 25.62 4.66 1.25
C LYS B 57 24.97 5.20 -0.01
N LEU B 58 24.12 4.39 -0.61
CA LEU B 58 23.44 4.78 -1.84
C LEU B 58 22.45 5.93 -1.59
N ILE B 59 22.02 6.12 -0.32
CA ILE B 59 21.11 7.23 -0.01
C ILE B 59 21.88 8.48 0.45
N GLU B 60 23.00 8.27 1.16
CA GLU B 60 23.81 9.39 1.64
C GLU B 60 24.42 10.17 0.46
N GLY B 61 24.86 9.43 -0.55
CA GLY B 61 25.49 10.05 -1.72
C GLY B 61 24.59 9.96 -2.95
N ASP B 62 23.28 10.02 -2.73
CA ASP B 62 22.32 9.93 -3.82
C ASP B 62 22.41 11.14 -4.77
N ALA B 63 23.21 12.12 -4.40
CA ALA B 63 23.36 13.32 -5.23
C ALA B 63 24.37 13.07 -6.34
N GLY B 64 24.50 14.03 -7.26
CA GLY B 64 25.44 13.90 -8.37
C GLY B 64 24.78 14.23 -9.71
N GLU B 65 23.73 13.48 -10.05
CA GLU B 65 23.03 13.70 -11.32
C GLU B 65 22.34 15.07 -11.33
N GLY B 66 21.76 15.45 -10.20
CA GLY B 66 21.07 16.73 -10.11
C GLY B 66 20.91 17.16 -8.66
N LYS B 67 20.42 18.38 -8.47
CA LYS B 67 20.23 18.92 -7.13
C LYS B 67 19.13 18.16 -6.38
N MET B 68 17.88 18.54 -6.66
CA MET B 68 16.72 17.93 -6.01
C MET B 68 16.52 16.47 -6.40
N LYS B 69 16.75 16.13 -7.66
CA LYS B 69 16.54 14.76 -8.14
C LYS B 69 17.62 13.80 -7.64
N VAL B 70 17.22 12.52 -7.52
CA VAL B 70 18.11 11.47 -7.05
C VAL B 70 18.02 10.24 -7.98
N SER B 71 18.89 9.26 -7.76
CA SER B 71 18.88 8.05 -8.59
C SER B 71 17.52 7.37 -8.49
N LEU B 72 16.93 7.04 -9.64
CA LEU B 72 15.60 6.45 -9.66
C LEU B 72 15.59 5.04 -9.04
N VAL B 73 16.65 4.30 -9.35
CA VAL B 73 16.80 2.93 -8.88
C VAL B 73 16.83 2.84 -7.34
N LEU B 74 17.10 3.95 -6.69
CA LEU B 74 17.13 3.96 -5.22
C LEU B 74 15.84 3.42 -4.64
N VAL B 75 14.74 3.78 -5.28
CA VAL B 75 13.43 3.34 -4.84
C VAL B 75 13.32 1.83 -5.04
N HIS B 76 13.80 1.26 -6.26
CA HIS B 76 13.74 -0.18 -6.53
C HIS B 76 14.45 -0.95 -5.43
N ALA B 77 15.63 -0.48 -5.05
CA ALA B 77 16.39 -1.13 -3.99
C ALA B 77 15.69 -0.98 -2.64
N GLN B 78 15.17 0.22 -2.39
CA GLN B 78 14.49 0.48 -1.13
C GLN B 78 13.22 -0.36 -1.03
N LEU B 79 12.44 -0.39 -2.12
CA LEU B 79 11.22 -1.18 -2.14
C LEU B 79 11.49 -2.65 -1.82
N HIS B 80 12.48 -3.23 -2.48
CA HIS B 80 12.80 -4.62 -2.24
C HIS B 80 13.36 -4.83 -0.84
N LEU B 81 14.27 -3.95 -0.44
CA LEU B 81 14.88 -4.06 0.89
C LEU B 81 13.85 -3.85 2.00
N MET B 82 13.00 -2.85 1.86
CA MET B 82 11.98 -2.57 2.87
C MET B 82 11.02 -3.75 3.01
N THR B 83 10.59 -4.28 1.87
CA THR B 83 9.67 -5.41 1.87
C THR B 83 10.32 -6.64 2.50
N SER B 84 11.55 -6.94 2.10
CA SER B 84 12.26 -8.09 2.64
C SER B 84 12.50 -7.97 4.14
N MET B 85 12.97 -6.81 4.58
CA MET B 85 13.24 -6.60 6.01
C MET B 85 11.96 -6.76 6.83
N LEU B 86 10.89 -6.14 6.36
CA LEU B 86 9.61 -6.21 7.06
C LEU B 86 9.11 -7.65 7.12
N ALA B 87 9.17 -8.33 5.98
CA ALA B 87 8.72 -9.71 5.90
C ALA B 87 9.49 -10.58 6.88
N ARG B 88 10.79 -10.44 6.86
CA ARG B 88 11.65 -11.22 7.75
C ARG B 88 11.28 -10.97 9.21
N GLU B 89 11.08 -9.70 9.59
CA GLU B 89 10.75 -9.38 10.97
C GLU B 89 9.43 -10.05 11.37
N LEU B 90 8.44 -9.96 10.50
CA LEU B 90 7.14 -10.56 10.78
C LEU B 90 7.28 -12.08 10.84
N ILE B 91 8.06 -12.63 9.92
CA ILE B 91 8.30 -14.07 9.91
C ILE B 91 8.95 -14.49 11.23
N THR B 92 9.86 -13.66 11.73
CA THR B 92 10.50 -13.96 13.02
C THR B 92 9.43 -14.07 14.09
N GLU B 93 8.49 -13.13 14.09
CA GLU B 93 7.40 -13.15 15.06
C GLU B 93 6.58 -14.43 14.88
N LEU B 94 6.30 -14.77 13.62
CA LEU B 94 5.54 -15.99 13.33
C LEU B 94 6.27 -17.21 13.87
N ILE B 95 7.59 -17.26 13.68
CA ILE B 95 8.36 -18.38 14.19
C ILE B 95 8.28 -18.46 15.71
N GLU B 96 8.36 -17.30 16.37
CA GLU B 96 8.25 -17.27 17.83
C GLU B 96 6.90 -17.85 18.25
N LEU B 97 5.86 -17.54 17.49
CA LEU B 97 4.52 -18.05 17.79
C LEU B 97 4.52 -19.58 17.69
N HIS B 98 5.19 -20.10 16.66
CA HIS B 98 5.27 -21.55 16.50
C HIS B 98 5.89 -22.17 17.75
N GLU B 99 6.90 -21.48 18.28
CA GLU B 99 7.55 -21.95 19.50
C GLU B 99 6.58 -21.94 20.66
N LYS B 100 5.77 -20.88 20.77
CA LYS B 100 4.79 -20.80 21.84
C LYS B 100 3.72 -21.88 21.65
N LEU B 101 3.39 -22.19 20.39
CA LEU B 101 2.42 -23.25 20.11
C LEU B 101 2.96 -24.60 20.58
N LYS B 102 4.13 -24.57 21.21
CA LYS B 102 4.77 -25.78 21.72
C LYS B 102 5.49 -26.51 20.59
N ALA B 103 4.71 -26.92 19.58
CA ALA B 103 5.25 -27.67 18.43
C ALA B 103 6.64 -27.19 18.04
N ALA C 1 11.12 19.25 -2.05
CA ALA C 1 11.16 20.74 -1.98
C ALA C 1 10.96 21.17 -0.54
N GLU C 2 11.18 22.45 -0.27
CA GLU C 2 11.04 23.02 1.08
C GLU C 2 10.10 22.22 1.98
N GLU C 3 8.81 22.51 1.89
CA GLU C 3 7.83 21.81 2.71
C GLU C 3 7.73 20.34 2.34
N LEU C 4 7.37 20.07 1.08
CA LEU C 4 7.24 18.68 0.63
C LEU C 4 8.38 17.80 1.16
N GLU C 5 9.60 18.32 1.11
CA GLU C 5 10.76 17.57 1.58
C GLU C 5 10.74 17.43 3.10
N GLU C 6 10.47 18.53 3.78
CA GLU C 6 10.41 18.52 5.24
C GLU C 6 9.19 17.70 5.68
N VAL C 7 8.12 17.78 4.89
CA VAL C 7 6.90 17.04 5.17
C VAL C 7 7.17 15.53 5.06
N VAL C 8 7.92 15.14 4.03
CA VAL C 8 8.27 13.74 3.83
C VAL C 8 9.06 13.24 5.04
N MET C 9 10.02 14.04 5.50
CA MET C 9 10.80 13.67 6.66
C MET C 9 9.87 13.40 7.84
N GLY C 10 8.88 14.29 8.01
CA GLY C 10 7.91 14.13 9.08
C GLY C 10 7.12 12.84 8.88
N LEU C 11 6.71 12.59 7.65
CA LEU C 11 5.94 11.37 7.33
C LEU C 11 6.79 10.14 7.59
N ILE C 12 8.05 10.18 7.18
CA ILE C 12 8.94 9.04 7.37
C ILE C 12 9.11 8.78 8.87
N ILE C 13 9.32 9.87 9.61
CA ILE C 13 9.47 9.76 11.06
C ILE C 13 8.16 9.23 11.66
N ASN C 14 7.05 9.81 11.22
CA ASN C 14 5.73 9.40 11.72
C ASN C 14 5.50 7.92 11.43
N SER C 15 5.79 7.51 10.19
CA SER C 15 5.63 6.11 9.81
C SER C 15 6.52 5.24 10.68
N GLY C 16 7.76 5.70 10.90
CA GLY C 16 8.70 4.95 11.73
C GLY C 16 8.18 4.84 13.16
N GLN C 17 7.67 5.95 13.70
CA GLN C 17 7.13 5.92 15.06
C GLN C 17 5.95 4.97 15.12
N ALA C 18 5.12 5.01 14.08
CA ALA C 18 3.96 4.14 14.02
C ALA C 18 4.38 2.67 14.15
N ARG C 19 5.36 2.27 13.33
CA ARG C 19 5.84 0.91 13.40
C ARG C 19 6.41 0.63 14.79
N SER C 20 7.21 1.57 15.28
CA SER C 20 7.81 1.41 16.60
C SER C 20 6.73 1.13 17.65
N LEU C 21 5.66 1.92 17.61
CA LEU C 21 4.56 1.74 18.54
C LEU C 21 3.92 0.37 18.33
N ALA C 22 3.73 0.00 17.06
CA ALA C 22 3.13 -1.29 16.73
C ALA C 22 3.96 -2.44 17.33
N TYR C 23 5.27 -2.43 17.07
CA TYR C 23 6.14 -3.47 17.64
C TYR C 23 6.05 -3.45 19.16
N ALA C 24 6.03 -2.24 19.72
CA ALA C 24 5.92 -2.11 21.17
C ALA C 24 4.59 -2.72 21.62
N ALA C 25 3.54 -2.47 20.85
CA ALA C 25 2.23 -3.03 21.16
C ALA C 25 2.31 -4.55 21.21
N LEU C 26 3.01 -5.12 20.24
CA LEU C 26 3.19 -6.57 20.18
C LEU C 26 3.95 -7.05 21.42
N LYS C 27 4.99 -6.31 21.77
CA LYS C 27 5.79 -6.66 22.94
C LYS C 27 4.90 -6.72 24.19
N GLN C 28 3.99 -5.77 24.31
CA GLN C 28 3.06 -5.75 25.44
C GLN C 28 2.26 -7.04 25.47
N ALA C 29 1.82 -7.47 24.27
CA ALA C 29 1.05 -8.70 24.16
C ALA C 29 1.85 -9.89 24.67
N LYS C 30 3.13 -9.94 24.30
CA LYS C 30 3.99 -11.02 24.76
C LYS C 30 4.07 -11.06 26.28
N GLN C 31 3.98 -9.88 26.90
CA GLN C 31 4.04 -9.80 28.36
C GLN C 31 2.67 -10.17 28.96
N GLY C 32 1.71 -10.44 28.08
CA GLY C 32 0.36 -10.83 28.53
C GLY C 32 -0.47 -9.60 28.89
N ASP C 33 -0.04 -8.43 28.44
CA ASP C 33 -0.76 -7.18 28.70
C ASP C 33 -1.63 -6.80 27.51
N PHE C 34 -2.80 -7.41 27.42
CA PHE C 34 -3.71 -7.14 26.31
C PHE C 34 -4.22 -5.70 26.34
N ALA C 35 -4.43 -5.17 27.54
CA ALA C 35 -4.94 -3.81 27.68
C ALA C 35 -3.97 -2.79 27.08
N ALA C 36 -2.71 -2.89 27.47
CA ALA C 36 -1.71 -1.96 26.96
C ALA C 36 -1.50 -2.17 25.47
N ALA C 37 -1.55 -3.42 25.02
CA ALA C 37 -1.38 -3.71 23.60
C ALA C 37 -2.48 -3.00 22.81
N LYS C 38 -3.72 -3.21 23.22
CA LYS C 38 -4.87 -2.59 22.57
C LYS C 38 -4.72 -1.07 22.49
N ALA C 39 -4.32 -0.45 23.61
CA ALA C 39 -4.16 1.00 23.65
C ALA C 39 -3.06 1.46 22.68
N MET C 40 -1.96 0.72 22.64
CA MET C 40 -0.85 1.06 21.77
C MET C 40 -1.25 0.92 20.30
N MET C 41 -2.03 -0.11 19.99
CA MET C 41 -2.48 -0.31 18.61
C MET C 41 -3.35 0.85 18.16
N ASP C 42 -4.25 1.28 19.04
CA ASP C 42 -5.17 2.36 18.72
C ASP C 42 -4.41 3.63 18.38
N GLN C 43 -3.42 3.97 19.21
CA GLN C 43 -2.61 5.16 18.97
C GLN C 43 -1.83 5.03 17.67
N SER C 44 -1.30 3.85 17.42
CA SER C 44 -0.55 3.60 16.19
C SER C 44 -1.44 3.87 14.98
N ARG C 45 -2.67 3.32 15.03
CA ARG C 45 -3.64 3.50 13.96
C ARG C 45 -3.93 4.99 13.72
N MET C 46 -4.14 5.72 14.81
CA MET C 46 -4.43 7.15 14.72
C MET C 46 -3.26 7.89 14.08
N ALA C 47 -2.04 7.51 14.47
CA ALA C 47 -0.84 8.14 13.91
C ALA C 47 -0.78 7.91 12.40
N LEU C 48 -1.08 6.68 11.98
CA LEU C 48 -1.07 6.33 10.57
C LEU C 48 -2.17 7.06 9.82
N ASN C 49 -3.34 7.15 10.45
CA ASN C 49 -4.48 7.81 9.84
C ASN C 49 -4.14 9.27 9.52
N GLU C 50 -3.51 9.95 10.47
CA GLU C 50 -3.11 11.33 10.26
C GLU C 50 -2.06 11.41 9.16
N ALA C 51 -1.13 10.47 9.19
CA ALA C 51 -0.07 10.43 8.18
C ALA C 51 -0.67 10.15 6.80
N HIS C 52 -1.58 9.19 6.74
CA HIS C 52 -2.25 8.85 5.48
C HIS C 52 -3.02 10.05 4.94
N LEU C 53 -3.69 10.78 5.83
CA LEU C 53 -4.47 11.95 5.43
C LEU C 53 -3.56 12.98 4.76
N VAL C 54 -2.39 13.20 5.35
CA VAL C 54 -1.45 14.16 4.80
C VAL C 54 -0.99 13.67 3.43
N GLN C 55 -0.69 12.38 3.32
CA GLN C 55 -0.26 11.82 2.04
C GLN C 55 -1.38 11.99 1.00
N THR C 56 -2.62 11.74 1.41
CA THR C 56 -3.76 11.88 0.48
C THR C 56 -3.70 13.25 -0.19
N LYS C 57 -3.50 14.29 0.60
CA LYS C 57 -3.40 15.64 0.05
C LYS C 57 -2.20 15.73 -0.88
N LEU C 58 -1.11 15.09 -0.49
CA LEU C 58 0.10 15.11 -1.29
C LEU C 58 -0.08 14.35 -2.61
N ILE C 59 -1.09 13.47 -2.70
CA ILE C 59 -1.33 12.76 -3.95
C ILE C 59 -2.40 13.48 -4.79
N GLU C 60 -3.38 14.10 -4.14
CA GLU C 60 -4.43 14.83 -4.87
C GLU C 60 -3.85 16.03 -5.60
N GLY C 61 -2.89 16.71 -4.98
CA GLY C 61 -2.28 17.89 -5.57
C GLY C 61 -0.83 17.62 -5.97
N ASP C 62 -0.56 16.41 -6.41
CA ASP C 62 0.79 16.03 -6.80
C ASP C 62 1.22 16.75 -8.06
N ALA C 63 0.31 17.49 -8.68
CA ALA C 63 0.63 18.24 -9.90
C ALA C 63 1.30 19.56 -9.56
N GLY C 64 1.78 20.26 -10.59
CA GLY C 64 2.43 21.56 -10.39
C GLY C 64 3.77 21.63 -11.13
N GLU C 65 4.69 20.71 -10.81
CA GLU C 65 5.99 20.70 -11.45
C GLU C 65 5.87 20.38 -12.94
N GLY C 66 4.99 19.45 -13.27
CA GLY C 66 4.80 19.05 -14.66
C GLY C 66 3.45 18.36 -14.86
N LYS C 67 3.12 18.09 -16.11
CA LYS C 67 1.85 17.44 -16.43
C LYS C 67 1.83 16.00 -15.92
N MET C 68 2.44 15.10 -16.70
CA MET C 68 2.48 13.68 -16.36
C MET C 68 3.31 13.38 -15.12
N LYS C 69 4.45 14.07 -14.97
CA LYS C 69 5.34 13.83 -13.84
C LYS C 69 4.79 14.36 -12.52
N VAL C 70 5.20 13.71 -11.43
CA VAL C 70 4.76 14.07 -10.08
C VAL C 70 5.96 14.16 -9.13
N SER C 71 5.72 14.64 -7.91
CA SER C 71 6.80 14.75 -6.93
C SER C 71 7.42 13.38 -6.68
N LEU C 72 8.74 13.30 -6.77
CA LEU C 72 9.45 12.03 -6.61
C LEU C 72 9.31 11.48 -5.19
N VAL C 73 9.40 12.39 -4.22
CA VAL C 73 9.33 12.04 -2.80
C VAL C 73 8.00 11.37 -2.44
N LEU C 74 6.99 11.54 -3.28
CA LEU C 74 5.69 10.94 -3.00
C LEU C 74 5.82 9.44 -2.78
N VAL C 75 6.69 8.84 -3.58
CA VAL C 75 6.93 7.41 -3.48
C VAL C 75 7.60 7.10 -2.14
N HIS C 76 8.64 7.94 -1.68
CA HIS C 76 9.32 7.72 -0.41
C HIS C 76 8.30 7.69 0.73
N ALA C 77 7.38 8.65 0.73
CA ALA C 77 6.37 8.71 1.76
C ALA C 77 5.39 7.54 1.63
N GLN C 78 5.03 7.21 0.40
CA GLN C 78 4.10 6.10 0.16
C GLN C 78 4.74 4.78 0.59
N LEU C 79 5.99 4.58 0.19
CA LEU C 79 6.71 3.36 0.55
C LEU C 79 6.75 3.17 2.06
N HIS C 80 7.13 4.21 2.79
CA HIS C 80 7.20 4.12 4.24
C HIS C 80 5.81 3.94 4.85
N LEU C 81 4.87 4.73 4.38
CA LEU C 81 3.50 4.67 4.89
C LEU C 81 2.85 3.31 4.59
N MET C 82 3.01 2.84 3.37
CA MET C 82 2.42 1.55 2.98
C MET C 82 3.01 0.42 3.82
N THR C 83 4.32 0.45 3.99
CA THR C 83 5.00 -0.58 4.76
C THR C 83 4.54 -0.55 6.22
N SER C 84 4.53 0.64 6.80
CA SER C 84 4.12 0.80 8.20
C SER C 84 2.67 0.37 8.42
N MET C 85 1.76 0.84 7.56
CA MET C 85 0.35 0.48 7.70
C MET C 85 0.16 -1.04 7.61
N LEU C 86 0.80 -1.65 6.63
CA LEU C 86 0.70 -3.09 6.43
C LEU C 86 1.24 -3.83 7.65
N ALA C 87 2.42 -3.42 8.10
CA ALA C 87 3.05 -4.04 9.25
C ALA C 87 2.13 -3.96 10.47
N ARG C 88 1.61 -2.77 10.71
CA ARG C 88 0.74 -2.55 11.84
C ARG C 88 -0.50 -3.47 11.77
N GLU C 89 -1.11 -3.56 10.59
CA GLU C 89 -2.29 -4.42 10.44
C GLU C 89 -1.95 -5.88 10.74
N LEU C 90 -0.82 -6.35 10.20
CA LEU C 90 -0.40 -7.72 10.44
C LEU C 90 -0.07 -7.92 11.91
N ILE C 91 0.60 -6.95 12.49
CA ILE C 91 0.95 -7.02 13.90
C ILE C 91 -0.33 -7.12 14.73
N THR C 92 -1.36 -6.39 14.32
CA THR C 92 -2.64 -6.46 15.02
C THR C 92 -3.15 -7.89 14.99
N GLU C 93 -3.06 -8.53 13.83
CA GLU C 93 -3.50 -9.92 13.70
C GLU C 93 -2.66 -10.82 14.62
N LEU C 94 -1.36 -10.56 14.63
CA LEU C 94 -0.45 -11.34 15.47
C LEU C 94 -0.84 -11.20 16.94
N ILE C 95 -1.16 -9.98 17.35
CA ILE C 95 -1.57 -9.73 18.73
C ILE C 95 -2.86 -10.51 19.05
N GLU C 96 -3.80 -10.48 18.12
CA GLU C 96 -5.05 -11.21 18.31
C GLU C 96 -4.75 -12.70 18.53
N LEU C 97 -3.78 -13.21 17.77
CA LEU C 97 -3.39 -14.61 17.91
C LEU C 97 -2.85 -14.87 19.32
N HIS C 98 -2.05 -13.94 19.83
CA HIS C 98 -1.52 -14.09 21.18
C HIS C 98 -2.68 -14.22 22.16
N GLU C 99 -3.73 -13.44 21.92
CA GLU C 99 -4.90 -13.49 22.78
C GLU C 99 -5.57 -14.87 22.68
N LYS C 100 -5.65 -15.41 21.46
CA LYS C 100 -6.25 -16.72 21.29
C LYS C 100 -5.38 -17.78 21.95
N LEU C 101 -4.05 -17.58 21.91
CA LEU C 101 -3.12 -18.52 22.55
C LEU C 101 -3.37 -18.53 24.06
N LYS C 102 -4.36 -17.76 24.51
CA LYS C 102 -4.70 -17.67 25.93
C LYS C 102 -3.78 -16.68 26.63
N ALA C 103 -2.48 -16.99 26.61
CA ALA C 103 -1.45 -16.16 27.26
C ALA C 103 -1.80 -14.67 27.21
N LYS D 1 -19.97 26.95 -1.17
CA LYS D 1 -19.08 26.05 -1.96
C LYS D 1 -19.44 24.59 -1.78
N LYS D 2 -19.77 23.94 -2.87
CA LYS D 2 -20.15 22.54 -2.84
C LYS D 2 -18.93 21.62 -2.88
N HIS D 3 -19.02 20.49 -2.19
CA HIS D 3 -17.93 19.52 -2.13
C HIS D 3 -18.12 18.37 -3.08
N ILE D 4 -17.20 18.26 -4.03
CA ILE D 4 -17.22 17.18 -4.99
C ILE D 4 -16.07 16.24 -4.61
N TYR D 5 -16.39 15.03 -4.18
CA TYR D 5 -15.38 14.06 -3.78
C TYR D 5 -15.33 12.90 -4.76
N LEU D 6 -14.13 12.60 -5.26
CA LEU D 6 -13.90 11.48 -6.19
C LEU D 6 -13.25 10.35 -5.40
N PHE D 7 -13.55 9.09 -5.75
CA PHE D 7 -12.84 7.96 -5.12
C PHE D 7 -12.17 7.07 -6.16
N CYS D 8 -11.02 6.47 -5.73
CA CYS D 8 -10.25 5.48 -6.47
C CYS D 8 -9.50 4.58 -5.49
N SER D 9 -8.60 3.69 -5.88
CA SER D 9 -8.03 2.85 -4.83
C SER D 9 -7.17 3.66 -3.88
N ALA D 10 -6.17 4.42 -4.39
CA ALA D 10 -5.27 5.12 -3.48
C ALA D 10 -5.55 6.61 -3.54
N GLY D 11 -5.85 7.13 -4.73
CA GLY D 11 -6.15 8.53 -4.92
C GLY D 11 -5.13 9.21 -5.82
N MET D 12 -4.46 8.48 -6.71
CA MET D 12 -3.46 9.11 -7.57
C MET D 12 -3.97 9.32 -9.00
N SER D 13 -4.05 8.25 -9.74
CA SER D 13 -4.50 8.36 -11.14
C SER D 13 -5.71 9.29 -11.27
N THR D 14 -6.45 9.50 -10.18
CA THR D 14 -7.61 10.37 -10.30
C THR D 14 -7.22 11.77 -9.88
N SER D 15 -6.09 11.83 -9.22
CA SER D 15 -5.48 13.09 -8.76
C SER D 15 -5.20 14.03 -9.93
N LEU D 16 -4.82 13.46 -11.06
CA LEU D 16 -4.55 14.26 -12.24
C LEU D 16 -5.88 14.86 -12.76
N LEU D 17 -6.96 14.07 -12.72
CA LEU D 17 -8.28 14.55 -13.14
C LEU D 17 -8.75 15.68 -12.19
N VAL D 18 -8.54 15.48 -10.88
CA VAL D 18 -8.91 16.50 -9.89
C VAL D 18 -8.18 17.83 -10.15
N SER D 19 -6.89 17.79 -10.47
CA SER D 19 -6.17 19.03 -10.74
C SER D 19 -6.73 19.77 -11.98
N LYS D 20 -7.12 19.03 -13.02
CA LYS D 20 -7.71 19.66 -14.20
C LYS D 20 -9.12 20.20 -13.91
N MET D 21 -9.87 19.50 -13.07
CA MET D 21 -11.22 20.00 -12.73
C MET D 21 -11.08 21.31 -11.94
N ARG D 22 -10.13 21.39 -11.02
CA ARG D 22 -9.91 22.60 -10.21
C ARG D 22 -9.56 23.79 -11.12
N ALA D 23 -8.79 23.54 -12.18
CA ALA D 23 -8.39 24.59 -13.11
C ALA D 23 -9.63 25.14 -13.81
N GLN D 24 -10.50 24.24 -14.24
CA GLN D 24 -11.72 24.61 -14.91
C GLN D 24 -12.67 25.35 -14.00
N ALA D 25 -12.80 24.88 -12.77
CA ALA D 25 -13.69 25.53 -11.80
C ALA D 25 -13.24 26.96 -11.55
N GLU D 26 -11.93 27.20 -11.60
CA GLU D 26 -11.39 28.54 -11.36
C GLU D 26 -11.65 29.43 -12.57
N LYS D 27 -11.43 28.88 -13.76
CA LYS D 27 -11.63 29.59 -14.99
C LYS D 27 -13.07 30.10 -15.12
N TYR D 28 -14.05 29.29 -14.72
CA TYR D 28 -15.48 29.69 -14.80
C TYR D 28 -16.13 30.10 -13.49
N GLU D 29 -15.33 30.35 -12.46
CA GLU D 29 -15.81 30.78 -11.15
C GLU D 29 -16.89 29.89 -10.51
N VAL D 30 -16.76 28.58 -10.66
CA VAL D 30 -17.70 27.63 -10.08
C VAL D 30 -17.27 27.48 -8.62
N PRO D 31 -18.19 27.73 -7.67
CA PRO D 31 -17.91 27.64 -6.23
C PRO D 31 -17.93 26.21 -5.68
N VAL D 32 -16.88 25.46 -6.01
CA VAL D 32 -16.75 24.08 -5.57
C VAL D 32 -15.38 23.76 -5.01
N ILE D 33 -15.35 22.75 -4.14
CA ILE D 33 -14.13 22.22 -3.55
C ILE D 33 -14.09 20.77 -4.09
N ILE D 34 -12.98 20.40 -4.71
CA ILE D 34 -12.79 19.07 -5.32
C ILE D 34 -11.61 18.31 -4.66
N GLU D 35 -11.86 17.09 -4.18
CA GLU D 35 -10.83 16.27 -3.52
C GLU D 35 -10.93 14.82 -4.00
N ALA D 36 -9.78 14.14 -4.09
CA ALA D 36 -9.71 12.73 -4.50
C ALA D 36 -9.34 11.92 -3.25
N PHE D 37 -9.93 10.74 -3.09
CA PHE D 37 -9.64 9.87 -1.95
C PHE D 37 -9.66 8.44 -2.43
N PRO D 38 -9.08 7.53 -1.64
CA PRO D 38 -9.07 6.11 -2.02
C PRO D 38 -10.49 5.61 -1.70
N GLU D 39 -10.91 4.54 -2.35
CA GLU D 39 -12.24 3.96 -2.13
C GLU D 39 -12.51 3.54 -0.69
N THR D 40 -11.46 3.29 0.09
CA THR D 40 -11.63 2.88 1.48
C THR D 40 -12.26 3.95 2.37
N LEU D 41 -12.19 5.21 1.94
CA LEU D 41 -12.77 6.32 2.70
C LEU D 41 -14.15 6.77 2.20
N ALA D 42 -14.74 6.07 1.21
CA ALA D 42 -16.05 6.45 0.63
C ALA D 42 -17.14 6.64 1.68
N GLY D 43 -17.12 5.80 2.71
CA GLY D 43 -18.13 5.91 3.75
C GLY D 43 -17.81 6.98 4.77
N GLU D 44 -16.53 7.16 5.08
CA GLU D 44 -16.15 8.15 6.07
C GLU D 44 -16.16 9.59 5.49
N LYS D 45 -15.52 9.77 4.34
CA LYS D 45 -15.46 11.08 3.70
C LYS D 45 -16.73 11.45 2.92
N GLY D 46 -17.38 10.46 2.32
CA GLY D 46 -18.60 10.70 1.55
C GLY D 46 -19.69 11.43 2.29
N GLN D 47 -19.77 11.23 3.60
CA GLN D 47 -20.79 11.89 4.43
C GLN D 47 -20.74 13.42 4.34
N ASN D 48 -19.59 13.97 3.95
CA ASN D 48 -19.43 15.41 3.87
C ASN D 48 -19.45 15.95 2.45
N ALA D 49 -19.66 15.08 1.48
CA ALA D 49 -19.67 15.54 0.10
C ALA D 49 -21.06 15.97 -0.30
N ASP D 50 -21.11 16.82 -1.31
CA ASP D 50 -22.38 17.25 -1.83
C ASP D 50 -22.73 16.32 -2.99
N VAL D 51 -21.69 15.73 -3.60
CA VAL D 51 -21.88 14.75 -4.67
C VAL D 51 -20.68 13.78 -4.61
N VAL D 52 -20.98 12.49 -4.70
CA VAL D 52 -19.97 11.44 -4.66
C VAL D 52 -19.78 10.85 -6.06
N LEU D 53 -18.55 10.92 -6.57
CA LEU D 53 -18.24 10.38 -7.88
C LEU D 53 -17.30 9.18 -7.73
N LEU D 54 -17.60 8.08 -8.42
CA LEU D 54 -16.75 6.88 -8.36
C LEU D 54 -15.96 6.73 -9.63
N GLY D 55 -14.69 6.35 -9.51
CA GLY D 55 -13.84 6.18 -10.68
C GLY D 55 -14.39 5.02 -11.49
N PRO D 56 -14.13 4.94 -12.76
CA PRO D 56 -14.66 3.84 -13.62
C PRO D 56 -14.24 2.42 -13.18
N GLN D 57 -13.07 2.31 -12.54
CA GLN D 57 -12.57 1.02 -12.08
C GLN D 57 -13.39 0.49 -10.90
N ILE D 58 -14.04 1.38 -10.15
CA ILE D 58 -14.82 0.94 -9.01
C ILE D 58 -16.34 1.02 -9.23
N ALA D 59 -16.75 0.99 -10.49
CA ALA D 59 -18.17 1.04 -10.83
C ALA D 59 -18.94 -0.11 -10.19
N TYR D 60 -18.34 -1.30 -10.13
CA TYR D 60 -19.04 -2.44 -9.55
C TYR D 60 -19.46 -2.21 -8.09
N MET D 61 -18.84 -1.23 -7.44
CA MET D 61 -19.15 -0.89 -6.05
C MET D 61 -20.33 0.08 -5.87
N LEU D 62 -20.89 0.58 -6.97
CA LEU D 62 -21.99 1.54 -6.90
C LEU D 62 -23.13 1.19 -5.93
N PRO D 63 -23.73 -0.02 -6.05
CA PRO D 63 -24.82 -0.37 -5.12
C PRO D 63 -24.43 -0.30 -3.65
N GLU D 64 -23.22 -0.72 -3.30
CA GLU D 64 -22.77 -0.68 -1.91
C GLU D 64 -22.60 0.74 -1.42
N ILE D 65 -22.02 1.59 -2.25
CA ILE D 65 -21.83 2.99 -1.85
C ILE D 65 -23.16 3.74 -1.71
N GLN D 66 -24.12 3.42 -2.59
CA GLN D 66 -25.46 4.00 -2.52
C GLN D 66 -26.13 3.64 -1.18
N ARG D 67 -26.00 2.39 -0.73
CA ARG D 67 -26.60 1.98 0.55
C ARG D 67 -25.89 2.63 1.74
N LEU D 68 -24.60 2.88 1.59
CA LEU D 68 -23.77 3.49 2.64
C LEU D 68 -24.11 4.97 2.82
N LEU D 69 -24.39 5.65 1.70
CA LEU D 69 -24.73 7.09 1.68
C LEU D 69 -26.11 7.27 1.01
N PRO D 70 -27.20 6.87 1.69
CA PRO D 70 -28.55 6.99 1.13
C PRO D 70 -29.03 8.44 0.93
N ASN D 71 -28.35 9.38 1.56
CA ASN D 71 -28.75 10.79 1.44
C ASN D 71 -27.82 11.63 0.57
N LYS D 72 -27.08 10.99 -0.33
CA LYS D 72 -26.14 11.69 -1.21
C LYS D 72 -26.26 11.20 -2.63
N PRO D 73 -26.13 12.10 -3.63
CA PRO D 73 -26.21 11.62 -5.02
C PRO D 73 -24.85 10.97 -5.27
N VAL D 74 -24.87 9.73 -5.75
CA VAL D 74 -23.64 8.96 -6.02
C VAL D 74 -23.64 8.48 -7.46
N GLU D 75 -22.58 8.72 -8.19
CA GLU D 75 -22.53 8.22 -9.55
C GLU D 75 -21.13 7.95 -10.07
N VAL D 76 -21.06 7.12 -11.10
CA VAL D 76 -19.80 6.72 -11.71
C VAL D 76 -19.40 7.72 -12.78
N ILE D 77 -18.11 8.03 -12.84
CA ILE D 77 -17.58 8.96 -13.83
C ILE D 77 -17.54 8.27 -15.17
N ASP D 78 -17.96 8.97 -16.21
CA ASP D 78 -17.94 8.40 -17.55
C ASP D 78 -16.51 7.95 -17.89
N SER D 79 -16.33 6.69 -18.28
CA SER D 79 -14.99 6.17 -18.58
C SER D 79 -14.18 6.90 -19.65
N LEU D 80 -14.87 7.44 -20.65
CA LEU D 80 -14.19 8.17 -21.73
C LEU D 80 -13.73 9.53 -21.23
N LEU D 81 -14.58 10.18 -20.45
CA LEU D 81 -14.26 11.49 -19.90
C LEU D 81 -13.10 11.33 -18.94
N TYR D 82 -13.10 10.21 -18.22
CA TYR D 82 -12.04 9.90 -17.25
C TYR D 82 -10.71 9.58 -17.95
N GLY D 83 -10.75 8.68 -18.92
CA GLY D 83 -9.54 8.32 -19.64
C GLY D 83 -8.87 9.50 -20.31
N LYS D 84 -9.68 10.37 -20.87
CA LYS D 84 -9.22 11.56 -21.59
C LYS D 84 -8.79 12.70 -20.65
N VAL D 85 -9.07 12.52 -19.35
CA VAL D 85 -8.77 13.52 -18.31
C VAL D 85 -9.47 14.86 -18.61
N ASP D 86 -10.76 14.77 -18.94
CA ASP D 86 -11.57 15.95 -19.28
C ASP D 86 -12.09 16.63 -18.03
N GLY D 87 -11.29 17.56 -17.51
CA GLY D 87 -11.64 18.31 -16.31
C GLY D 87 -12.94 19.07 -16.45
N LEU D 88 -13.16 19.73 -17.60
CA LEU D 88 -14.39 20.49 -17.80
C LEU D 88 -15.63 19.58 -17.87
N GLY D 89 -15.50 18.50 -18.64
CA GLY D 89 -16.59 17.56 -18.81
C GLY D 89 -17.07 16.91 -17.53
N VAL D 90 -16.12 16.49 -16.69
CA VAL D 90 -16.48 15.84 -15.42
C VAL D 90 -17.04 16.88 -14.45
N LEU D 91 -16.47 18.08 -14.49
CA LEU D 91 -16.97 19.15 -13.63
C LEU D 91 -18.46 19.39 -14.00
N LYS D 92 -18.76 19.42 -15.30
CA LYS D 92 -20.15 19.61 -15.75
C LYS D 92 -21.09 18.52 -15.24
N ALA D 93 -20.64 17.27 -15.30
CA ALA D 93 -21.47 16.14 -14.85
C ALA D 93 -21.76 16.21 -13.35
N ALA D 94 -20.78 16.72 -12.60
CA ALA D 94 -20.90 16.82 -11.15
C ALA D 94 -21.90 17.90 -10.75
N VAL D 95 -21.80 19.06 -11.40
CA VAL D 95 -22.72 20.17 -11.13
C VAL D 95 -24.13 19.69 -11.49
N ALA D 96 -24.25 18.98 -12.61
CA ALA D 96 -25.54 18.45 -13.04
C ALA D 96 -26.13 17.51 -11.99
N ALA D 97 -25.33 16.57 -11.49
CA ALA D 97 -25.85 15.64 -10.49
C ALA D 97 -26.36 16.40 -9.26
N ILE D 98 -25.70 17.51 -8.93
CA ILE D 98 -26.12 18.32 -7.78
C ILE D 98 -27.46 19.01 -8.03
N LYS D 99 -27.63 19.58 -9.24
CA LYS D 99 -28.87 20.26 -9.62
C LYS D 99 -30.01 19.26 -9.71
N LYS D 100 -29.80 18.19 -10.45
CA LYS D 100 -30.83 17.18 -10.59
C LYS D 100 -31.20 16.60 -9.22
N ALA D 101 -30.34 16.79 -8.23
CA ALA D 101 -30.58 16.28 -6.88
C ALA D 101 -31.37 17.24 -6.00
N ALA D 102 -31.14 18.54 -6.18
CA ALA D 102 -31.83 19.57 -5.43
C ALA D 102 -33.22 19.88 -6.02
N ALA D 103 -33.60 19.13 -7.06
CA ALA D 103 -34.88 19.29 -7.72
C ALA D 103 -35.05 18.26 -8.85
P PO3 E . -4.75 5.43 -7.17
O1 PO3 E . -5.24 4.01 -6.95
O2 PO3 E . -4.71 6.01 -8.57
O3 PO3 E . -4.13 6.20 -6.03
N ALA A 1 0.74 7.29 -18.60
CA ALA A 1 0.24 7.59 -19.96
C ALA A 1 -1.09 6.86 -20.17
N GLU A 2 -1.77 7.18 -21.26
CA GLU A 2 -3.08 6.58 -21.60
C GLU A 2 -3.28 5.20 -20.95
N GLU A 3 -2.80 4.17 -21.63
CA GLU A 3 -2.95 2.80 -21.13
C GLU A 3 -2.16 2.60 -19.84
N LEU A 4 -0.84 2.78 -19.91
CA LEU A 4 0.01 2.60 -18.74
C LEU A 4 -0.63 3.20 -17.48
N GLU A 5 -1.21 4.38 -17.61
CA GLU A 5 -1.84 5.05 -16.47
C GLU A 5 -3.12 4.34 -16.08
N GLU A 6 -3.94 4.01 -17.07
CA GLU A 6 -5.19 3.30 -16.82
C GLU A 6 -4.88 1.88 -16.34
N VAL A 7 -3.80 1.31 -16.88
CA VAL A 7 -3.37 -0.03 -16.50
C VAL A 7 -2.93 -0.05 -15.03
N VAL A 8 -2.20 0.99 -14.63
CA VAL A 8 -1.73 1.10 -13.25
C VAL A 8 -2.95 1.16 -12.33
N MET A 9 -3.95 1.96 -12.70
CA MET A 9 -5.17 2.06 -11.90
C MET A 9 -5.77 0.67 -11.73
N GLY A 10 -5.81 -0.09 -12.82
CA GLY A 10 -6.34 -1.45 -12.77
C GLY A 10 -5.49 -2.31 -11.83
N LEU A 11 -4.17 -2.17 -11.95
CA LEU A 11 -3.26 -2.93 -11.10
C LEU A 11 -3.45 -2.56 -9.64
N ILE A 12 -3.57 -1.27 -9.37
CA ILE A 12 -3.76 -0.80 -8.00
C ILE A 12 -5.06 -1.36 -7.46
N ILE A 13 -6.11 -1.29 -8.26
CA ILE A 13 -7.40 -1.82 -7.85
C ILE A 13 -7.30 -3.33 -7.65
N ASN A 14 -6.65 -4.01 -8.60
CA ASN A 14 -6.47 -5.45 -8.53
C ASN A 14 -5.71 -5.82 -7.26
N SER A 15 -4.61 -5.11 -7.03
CA SER A 15 -3.81 -5.35 -5.83
C SER A 15 -4.65 -5.14 -4.57
N GLY A 16 -5.44 -4.06 -4.60
CA GLY A 16 -6.32 -3.75 -3.47
C GLY A 16 -7.35 -4.86 -3.26
N GLN A 17 -7.95 -5.32 -4.36
CA GLN A 17 -8.94 -6.40 -4.27
C GLN A 17 -8.27 -7.65 -3.72
N ALA A 18 -7.05 -7.92 -4.18
CA ALA A 18 -6.31 -9.09 -3.72
C ALA A 18 -6.15 -9.04 -2.21
N ARG A 19 -5.70 -7.91 -1.69
CA ARG A 19 -5.55 -7.77 -0.25
C ARG A 19 -6.90 -7.95 0.43
N SER A 20 -7.91 -7.28 -0.11
CA SER A 20 -9.25 -7.36 0.44
C SER A 20 -9.68 -8.83 0.57
N LEU A 21 -9.47 -9.59 -0.49
CA LEU A 21 -9.81 -11.01 -0.48
C LEU A 21 -8.97 -11.74 0.58
N ALA A 22 -7.69 -11.40 0.63
CA ALA A 22 -6.79 -12.03 1.60
C ALA A 22 -7.30 -11.80 3.03
N TYR A 23 -7.59 -10.55 3.38
CA TYR A 23 -8.10 -10.25 4.72
C TYR A 23 -9.41 -11.00 4.93
N ALA A 24 -10.25 -11.03 3.90
CA ALA A 24 -11.51 -11.73 3.99
C ALA A 24 -11.24 -13.22 4.25
N ALA A 25 -10.23 -13.75 3.56
CA ALA A 25 -9.84 -15.14 3.75
C ALA A 25 -9.48 -15.38 5.21
N LEU A 26 -8.72 -14.46 5.78
CA LEU A 26 -8.32 -14.57 7.18
C LEU A 26 -9.56 -14.55 8.07
N LYS A 27 -10.48 -13.64 7.77
CA LYS A 27 -11.71 -13.53 8.54
C LYS A 27 -12.45 -14.87 8.56
N GLN A 28 -12.48 -15.54 7.41
CA GLN A 28 -13.15 -16.84 7.31
C GLN A 28 -12.48 -17.81 8.28
N ALA A 29 -11.15 -17.75 8.35
CA ALA A 29 -10.39 -18.62 9.24
C ALA A 29 -10.80 -18.38 10.69
N LYS A 30 -10.95 -17.12 11.05
CA LYS A 30 -11.36 -16.77 12.41
C LYS A 30 -12.72 -17.37 12.73
N GLN A 31 -13.58 -17.50 11.72
CA GLN A 31 -14.89 -18.08 11.93
C GLN A 31 -14.80 -19.60 11.96
N GLY A 32 -13.60 -20.12 11.77
CA GLY A 32 -13.37 -21.56 11.81
C GLY A 32 -13.71 -22.21 10.47
N ASP A 33 -13.83 -21.40 9.43
CA ASP A 33 -14.15 -21.90 8.09
C ASP A 33 -12.88 -22.06 7.26
N PHE A 34 -12.18 -23.18 7.47
CA PHE A 34 -10.93 -23.42 6.73
C PHE A 34 -11.18 -23.60 5.24
N ALA A 35 -12.31 -24.21 4.89
CA ALA A 35 -12.63 -24.46 3.49
C ALA A 35 -12.77 -23.14 2.72
N ALA A 36 -13.56 -22.23 3.26
CA ALA A 36 -13.76 -20.95 2.60
C ALA A 36 -12.46 -20.14 2.60
N ALA A 37 -11.70 -20.23 3.68
CA ALA A 37 -10.43 -19.52 3.75
C ALA A 37 -9.52 -19.99 2.60
N LYS A 38 -9.36 -21.30 2.49
CA LYS A 38 -8.53 -21.90 1.45
C LYS A 38 -8.96 -21.42 0.06
N ALA A 39 -10.26 -21.45 -0.21
CA ALA A 39 -10.77 -21.03 -1.51
C ALA A 39 -10.47 -19.57 -1.79
N MET A 40 -10.61 -18.74 -0.76
CA MET A 40 -10.36 -17.30 -0.90
C MET A 40 -8.88 -17.03 -1.18
N MET A 41 -7.98 -17.76 -0.50
CA MET A 41 -6.55 -17.56 -0.72
C MET A 41 -6.19 -17.92 -2.15
N ASP A 42 -6.77 -19.01 -2.65
CA ASP A 42 -6.47 -19.48 -3.99
C ASP A 42 -6.83 -18.42 -5.02
N GLN A 43 -8.03 -17.87 -4.88
CA GLN A 43 -8.48 -16.82 -5.80
C GLN A 43 -7.61 -15.59 -5.67
N SER A 44 -7.25 -15.24 -4.44
CA SER A 44 -6.40 -14.08 -4.20
C SER A 44 -5.06 -14.28 -4.91
N ARG A 45 -4.49 -15.47 -4.78
CA ARG A 45 -3.22 -15.82 -5.43
C ARG A 45 -3.32 -15.66 -6.95
N MET A 46 -4.40 -16.18 -7.51
CA MET A 46 -4.63 -16.11 -8.95
C MET A 46 -4.72 -14.65 -9.40
N ALA A 47 -5.41 -13.83 -8.62
CA ALA A 47 -5.56 -12.41 -8.94
C ALA A 47 -4.19 -11.74 -9.00
N LEU A 48 -3.35 -12.05 -8.02
CA LEU A 48 -2.00 -11.49 -7.95
C LEU A 48 -1.15 -11.98 -9.12
N ASN A 49 -1.29 -13.26 -9.41
CA ASN A 49 -0.51 -13.87 -10.48
C ASN A 49 -0.77 -13.15 -11.80
N GLU A 50 -2.04 -12.89 -12.07
CA GLU A 50 -2.41 -12.17 -13.29
C GLU A 50 -1.86 -10.75 -13.23
N ALA A 51 -1.97 -10.13 -12.05
CA ALA A 51 -1.47 -8.77 -11.87
C ALA A 51 0.06 -8.75 -12.05
N HIS A 52 0.73 -9.71 -11.44
CA HIS A 52 2.19 -9.81 -11.54
C HIS A 52 2.61 -10.01 -13.00
N LEU A 53 1.86 -10.83 -13.72
CA LEU A 53 2.16 -11.11 -15.12
C LEU A 53 2.11 -9.82 -15.93
N VAL A 54 1.08 -9.02 -15.68
CA VAL A 54 0.94 -7.75 -16.38
C VAL A 54 2.11 -6.84 -16.04
N GLN A 55 2.46 -6.79 -14.76
CA GLN A 55 3.59 -5.96 -14.34
C GLN A 55 4.88 -6.45 -15.01
N THR A 56 5.08 -7.76 -15.08
CA THR A 56 6.28 -8.32 -15.72
C THR A 56 6.46 -7.71 -17.11
N LYS A 57 5.37 -7.66 -17.88
CA LYS A 57 5.43 -7.06 -19.22
C LYS A 57 5.76 -5.59 -19.10
N LEU A 58 5.18 -4.94 -18.10
CA LEU A 58 5.43 -3.52 -17.90
C LEU A 58 6.87 -3.24 -17.48
N ILE A 59 7.58 -4.25 -16.98
CA ILE A 59 8.99 -4.06 -16.60
C ILE A 59 9.93 -4.47 -17.76
N GLU A 60 9.55 -5.49 -18.53
CA GLU A 60 10.37 -5.95 -19.66
C GLU A 60 10.46 -4.88 -20.74
N GLY A 61 9.34 -4.20 -21.01
CA GLY A 61 9.31 -3.17 -22.03
C GLY A 61 9.20 -1.78 -21.42
N ASP A 62 9.80 -1.60 -20.24
CA ASP A 62 9.75 -0.32 -19.54
C ASP A 62 10.49 0.78 -20.32
N ALA A 63 11.17 0.39 -21.40
CA ALA A 63 11.90 1.36 -22.21
C ALA A 63 10.97 2.06 -23.19
N GLY A 64 11.49 3.07 -23.89
CA GLY A 64 10.68 3.81 -24.86
C GLY A 64 10.81 5.32 -24.66
N GLU A 65 10.45 5.80 -23.47
CA GLU A 65 10.53 7.23 -23.19
C GLU A 65 11.97 7.72 -23.18
N GLY A 66 12.86 6.90 -22.64
CA GLY A 66 14.28 7.27 -22.58
C GLY A 66 15.15 6.04 -22.36
N LYS A 67 16.47 6.25 -22.44
CA LYS A 67 17.41 5.15 -22.27
C LYS A 67 17.39 4.63 -20.82
N MET A 68 18.11 5.32 -19.94
CA MET A 68 18.20 4.93 -18.54
C MET A 68 16.88 5.05 -17.79
N LYS A 69 16.13 6.12 -18.08
CA LYS A 69 14.87 6.35 -17.37
C LYS A 69 13.76 5.39 -17.80
N VAL A 70 12.84 5.14 -16.87
CA VAL A 70 11.71 4.23 -17.10
C VAL A 70 10.41 4.88 -16.65
N SER A 71 9.28 4.23 -16.95
CA SER A 71 7.98 4.77 -16.55
C SER A 71 7.94 4.91 -15.03
N LEU A 72 7.54 6.10 -14.57
CA LEU A 72 7.48 6.40 -13.14
C LEU A 72 6.43 5.55 -12.41
N VAL A 73 5.30 5.39 -13.07
CA VAL A 73 4.18 4.62 -12.52
C VAL A 73 4.55 3.16 -12.22
N LEU A 74 5.64 2.69 -12.79
CA LEU A 74 6.06 1.31 -12.51
C LEU A 74 6.19 1.08 -11.02
N VAL A 75 6.61 2.15 -10.32
CA VAL A 75 6.80 2.10 -8.88
C VAL A 75 5.45 1.95 -8.20
N HIS A 76 4.18 2.92 -8.62
CA HIS A 76 2.82 2.86 -8.06
C HIS A 76 2.27 1.45 -8.15
N ALA A 77 2.64 0.75 -9.24
CA ALA A 77 2.19 -0.62 -9.45
C ALA A 77 3.03 -1.60 -8.64
N GLN A 78 4.36 -1.47 -8.72
CA GLN A 78 5.25 -2.39 -8.02
C GLN A 78 5.01 -2.31 -6.52
N LEU A 79 4.96 -1.09 -6.01
CA LEU A 79 4.72 -0.86 -4.59
C LEU A 79 3.44 -1.54 -4.13
N HIS A 80 2.35 -1.32 -4.85
CA HIS A 80 1.08 -1.91 -4.47
C HIS A 80 1.12 -3.44 -4.62
N LEU A 81 1.65 -3.90 -5.74
CA LEU A 81 1.74 -5.34 -5.99
C LEU A 81 2.64 -6.04 -4.98
N MET A 82 3.80 -5.45 -4.70
CA MET A 82 4.74 -6.05 -3.75
C MET A 82 4.11 -6.14 -2.37
N THR A 83 3.46 -5.05 -1.96
CA THR A 83 2.81 -5.00 -0.65
C THR A 83 1.69 -6.04 -0.56
N SER A 84 0.84 -6.07 -1.58
CA SER A 84 -0.29 -7.01 -1.61
C SER A 84 0.20 -8.46 -1.60
N MET A 85 1.16 -8.78 -2.45
CA MET A 85 1.69 -10.14 -2.51
C MET A 85 2.26 -10.57 -1.18
N LEU A 86 3.07 -9.70 -0.59
CA LEU A 86 3.68 -10.00 0.70
C LEU A 86 2.61 -10.19 1.78
N ALA A 87 1.64 -9.28 1.79
CA ALA A 87 0.56 -9.36 2.76
C ALA A 87 -0.15 -10.70 2.67
N ARG A 88 -0.49 -11.10 1.47
CA ARG A 88 -1.18 -12.37 1.27
C ARG A 88 -0.35 -13.55 1.78
N GLU A 89 0.93 -13.57 1.45
CA GLU A 89 1.77 -14.67 1.88
C GLU A 89 1.79 -14.78 3.39
N LEU A 90 1.95 -13.65 4.06
CA LEU A 90 1.96 -13.64 5.51
C LEU A 90 0.58 -14.03 6.05
N ILE A 91 -0.46 -13.51 5.42
CA ILE A 91 -1.82 -13.85 5.84
C ILE A 91 -2.03 -15.35 5.69
N THR A 92 -1.50 -15.92 4.61
CA THR A 92 -1.60 -17.37 4.40
C THR A 92 -0.98 -18.10 5.59
N GLU A 93 0.20 -17.64 6.01
CA GLU A 93 0.88 -18.23 7.16
C GLU A 93 0.02 -18.08 8.40
N LEU A 94 -0.57 -16.89 8.56
CA LEU A 94 -1.43 -16.62 9.72
C LEU A 94 -2.62 -17.59 9.71
N ILE A 95 -3.20 -17.80 8.55
CA ILE A 95 -4.34 -18.73 8.44
C ILE A 95 -3.90 -20.14 8.83
N GLU A 96 -2.72 -20.56 8.36
CA GLU A 96 -2.22 -21.88 8.71
C GLU A 96 -2.08 -22.00 10.22
N LEU A 97 -1.64 -20.91 10.87
CA LEU A 97 -1.51 -20.92 12.32
C LEU A 97 -2.88 -21.12 12.98
N HIS A 98 -3.89 -20.46 12.44
CA HIS A 98 -5.25 -20.62 12.98
C HIS A 98 -5.63 -22.08 12.92
N GLU A 99 -5.25 -22.75 11.84
CA GLU A 99 -5.55 -24.17 11.68
C GLU A 99 -4.81 -24.98 12.74
N LYS A 100 -3.56 -24.62 13.01
CA LYS A 100 -2.79 -25.32 14.02
C LYS A 100 -3.39 -25.06 15.41
N LEU A 101 -3.92 -23.84 15.61
CA LEU A 101 -4.56 -23.49 16.88
C LEU A 101 -5.80 -24.37 17.09
N LYS A 102 -6.02 -25.30 16.15
CA LYS A 102 -7.18 -26.20 16.21
C LYS A 102 -8.43 -25.52 15.71
N ALA A 103 -8.82 -24.42 16.39
CA ALA A 103 -10.03 -23.67 16.04
C ALA A 103 -10.30 -23.65 14.53
N ALA B 1 22.66 3.11 -13.51
CA ALA B 1 23.97 3.34 -14.19
C ALA B 1 24.86 2.13 -13.94
N GLU B 2 26.00 2.08 -14.64
CA GLU B 2 26.95 0.97 -14.53
C GLU B 2 26.86 0.24 -13.18
N GLU B 3 27.57 0.74 -12.19
CA GLU B 3 27.58 0.13 -10.87
C GLU B 3 26.22 0.21 -10.20
N LEU B 4 25.72 1.44 -10.02
CA LEU B 4 24.42 1.61 -9.38
C LEU B 4 23.38 0.61 -9.91
N GLU B 5 23.37 0.41 -11.22
CA GLU B 5 22.42 -0.52 -11.83
C GLU B 5 22.76 -1.95 -11.47
N GLU B 6 24.03 -2.30 -11.57
CA GLU B 6 24.50 -3.63 -11.23
C GLU B 6 24.38 -3.85 -9.73
N VAL B 7 24.60 -2.79 -8.97
CA VAL B 7 24.51 -2.85 -7.52
C VAL B 7 23.05 -3.11 -7.10
N VAL B 8 22.12 -2.44 -7.77
CA VAL B 8 20.69 -2.63 -7.49
C VAL B 8 20.33 -4.08 -7.74
N MET B 9 20.80 -4.63 -8.86
CA MET B 9 20.52 -6.03 -9.18
C MET B 9 21.01 -6.91 -8.03
N GLY B 10 22.21 -6.62 -7.53
CA GLY B 10 22.75 -7.37 -6.41
C GLY B 10 21.86 -7.21 -5.19
N LEU B 11 21.44 -5.98 -4.93
CA LEU B 11 20.56 -5.70 -3.79
C LEU B 11 19.24 -6.44 -3.93
N ILE B 12 18.67 -6.41 -5.13
CA ILE B 12 17.40 -7.09 -5.38
C ILE B 12 17.57 -8.58 -5.14
N ILE B 13 18.66 -9.12 -5.68
CA ILE B 13 18.94 -10.54 -5.50
C ILE B 13 19.17 -10.83 -4.02
N ASN B 14 19.95 -9.98 -3.36
CA ASN B 14 20.24 -10.16 -1.94
C ASN B 14 18.94 -10.10 -1.13
N SER B 15 18.11 -9.11 -1.42
CA SER B 15 16.83 -8.99 -0.74
C SER B 15 15.98 -10.23 -0.97
N GLY B 16 15.99 -10.71 -2.22
CA GLY B 16 15.23 -11.91 -2.57
C GLY B 16 15.76 -13.12 -1.81
N GLN B 17 17.08 -13.25 -1.75
CA GLN B 17 17.68 -14.37 -1.03
C GLN B 17 17.31 -14.28 0.45
N ALA B 18 17.35 -13.06 0.98
CA ALA B 18 17.00 -12.84 2.37
C ALA B 18 15.60 -13.36 2.66
N ARG B 19 14.64 -12.97 1.84
CA ARG B 19 13.27 -13.44 2.02
C ARG B 19 13.24 -14.96 1.90
N SER B 20 13.90 -15.47 0.86
CA SER B 20 13.94 -16.91 0.64
C SER B 20 14.41 -17.63 1.89
N LEU B 21 15.50 -17.13 2.48
CA LEU B 21 16.04 -17.73 3.71
C LEU B 21 15.01 -17.60 4.83
N ALA B 22 14.37 -16.44 4.93
CA ALA B 22 13.37 -16.20 5.97
C ALA B 22 12.24 -17.23 5.85
N TYR B 23 11.67 -17.38 4.65
CA TYR B 23 10.60 -18.36 4.46
C TYR B 23 11.12 -19.75 4.79
N ALA B 24 12.36 -20.04 4.38
CA ALA B 24 12.95 -21.33 4.67
C ALA B 24 13.06 -21.49 6.19
N ALA B 25 13.43 -20.41 6.87
CA ALA B 25 13.53 -20.43 8.33
C ALA B 25 12.18 -20.80 8.92
N LEU B 26 11.12 -20.21 8.39
CA LEU B 26 9.78 -20.50 8.86
C LEU B 26 9.45 -21.97 8.62
N LYS B 27 9.80 -22.46 7.44
CA LYS B 27 9.55 -23.86 7.11
C LYS B 27 10.21 -24.78 8.14
N GLN B 28 11.43 -24.43 8.54
CA GLN B 28 12.13 -25.23 9.56
C GLN B 28 11.31 -25.26 10.84
N ALA B 29 10.74 -24.11 11.19
CA ALA B 29 9.91 -24.02 12.40
C ALA B 29 8.73 -24.97 12.31
N LYS B 30 8.09 -25.01 11.14
CA LYS B 30 6.95 -25.90 10.94
C LYS B 30 7.36 -27.35 11.16
N GLN B 31 8.62 -27.67 10.83
CA GLN B 31 9.10 -29.04 11.01
C GLN B 31 9.46 -29.28 12.48
N GLY B 32 9.32 -28.24 13.29
CA GLY B 32 9.63 -28.35 14.72
C GLY B 32 11.13 -28.18 14.99
N ASP B 33 11.86 -27.66 14.00
CA ASP B 33 13.29 -27.46 14.14
C ASP B 33 13.60 -26.02 14.53
N PHE B 34 13.47 -25.71 15.81
CA PHE B 34 13.73 -24.34 16.29
C PHE B 34 15.18 -23.94 16.10
N ALA B 35 16.09 -24.90 16.27
CA ALA B 35 17.52 -24.60 16.15
C ALA B 35 17.86 -24.12 14.74
N ALA B 36 17.43 -24.87 13.74
CA ALA B 36 17.71 -24.50 12.36
C ALA B 36 16.98 -23.20 12.01
N ALA B 37 15.77 -23.03 12.51
CA ALA B 37 15.03 -21.80 12.24
C ALA B 37 15.82 -20.61 12.74
N LYS B 38 16.23 -20.68 14.02
CA LYS B 38 17.01 -19.60 14.63
C LYS B 38 18.27 -19.27 13.81
N ALA B 39 18.99 -20.29 13.40
CA ALA B 39 20.21 -20.10 12.61
C ALA B 39 19.91 -19.41 11.28
N MET B 40 18.83 -19.82 10.64
CA MET B 40 18.44 -19.26 9.36
C MET B 40 18.05 -17.78 9.51
N MET B 41 17.32 -17.45 10.57
CA MET B 41 16.92 -16.06 10.78
C MET B 41 18.15 -15.17 10.97
N ASP B 42 19.12 -15.68 11.73
CA ASP B 42 20.33 -14.93 12.01
C ASP B 42 21.06 -14.57 10.73
N GLN B 43 21.21 -15.58 9.86
CA GLN B 43 21.88 -15.36 8.59
C GLN B 43 21.08 -14.40 7.72
N SER B 44 19.76 -14.54 7.73
CA SER B 44 18.91 -13.65 6.95
C SER B 44 19.13 -12.20 7.41
N ARG B 45 19.14 -12.00 8.73
CA ARG B 45 19.35 -10.68 9.30
C ARG B 45 20.69 -10.09 8.83
N MET B 46 21.74 -10.90 8.89
CA MET B 46 23.07 -10.45 8.49
C MET B 46 23.05 -10.04 7.02
N ALA B 47 22.37 -10.84 6.20
CA ALA B 47 22.27 -10.53 4.77
C ALA B 47 21.58 -9.19 4.56
N LEU B 48 20.50 -8.97 5.31
CA LEU B 48 19.75 -7.72 5.21
C LEU B 48 20.59 -6.55 5.72
N ASN B 49 21.30 -6.78 6.81
CA ASN B 49 22.13 -5.75 7.40
C ASN B 49 23.18 -5.26 6.40
N GLU B 50 23.83 -6.19 5.73
CA GLU B 50 24.82 -5.83 4.72
C GLU B 50 24.17 -5.10 3.57
N ALA B 51 23.00 -5.58 3.17
CA ALA B 51 22.25 -4.96 2.08
C ALA B 51 21.83 -3.54 2.48
N HIS B 52 21.32 -3.41 3.70
CA HIS B 52 20.88 -2.11 4.21
C HIS B 52 22.06 -1.13 4.27
N LEU B 53 23.22 -1.64 4.69
CA LEU B 53 24.42 -0.80 4.79
C LEU B 53 24.77 -0.23 3.41
N VAL B 54 24.71 -1.09 2.40
CA VAL B 54 25.03 -0.66 1.04
C VAL B 54 24.01 0.40 0.61
N GLN B 55 22.73 0.16 0.90
CA GLN B 55 21.70 1.13 0.53
C GLN B 55 21.96 2.45 1.25
N THR B 56 22.32 2.39 2.54
CA THR B 56 22.60 3.61 3.30
C THR B 56 23.57 4.50 2.53
N LYS B 57 24.65 3.90 2.04
CA LYS B 57 25.62 4.66 1.25
C LYS B 57 24.97 5.20 -0.01
N LEU B 58 24.12 4.39 -0.61
CA LEU B 58 23.44 4.78 -1.84
C LEU B 58 22.45 5.93 -1.59
N ILE B 59 22.02 6.12 -0.32
CA ILE B 59 21.11 7.23 -0.01
C ILE B 59 21.88 8.48 0.45
N GLU B 60 23.00 8.27 1.16
CA GLU B 60 23.81 9.39 1.64
C GLU B 60 24.42 10.17 0.46
N GLY B 61 24.86 9.43 -0.55
CA GLY B 61 25.49 10.05 -1.72
C GLY B 61 24.59 9.96 -2.95
N ASP B 62 23.28 10.02 -2.73
CA ASP B 62 22.32 9.93 -3.82
C ASP B 62 22.41 11.14 -4.77
N ALA B 63 23.21 12.12 -4.40
CA ALA B 63 23.36 13.32 -5.23
C ALA B 63 24.37 13.07 -6.34
N GLY B 64 24.50 14.03 -7.26
CA GLY B 64 25.44 13.90 -8.37
C GLY B 64 24.78 14.23 -9.71
N GLU B 65 23.73 13.48 -10.05
CA GLU B 65 23.03 13.70 -11.32
C GLU B 65 22.34 15.07 -11.33
N GLY B 66 21.76 15.45 -10.20
CA GLY B 66 21.07 16.73 -10.11
C GLY B 66 20.91 17.16 -8.66
N LYS B 67 20.42 18.38 -8.47
CA LYS B 67 20.23 18.92 -7.13
C LYS B 67 19.13 18.16 -6.38
N MET B 68 17.88 18.54 -6.66
CA MET B 68 16.72 17.93 -6.01
C MET B 68 16.52 16.47 -6.40
N LYS B 69 16.75 16.13 -7.66
CA LYS B 69 16.54 14.76 -8.14
C LYS B 69 17.62 13.80 -7.64
N VAL B 70 17.22 12.52 -7.52
CA VAL B 70 18.11 11.47 -7.05
C VAL B 70 18.02 10.24 -7.98
N SER B 71 18.89 9.26 -7.76
CA SER B 71 18.88 8.05 -8.59
C SER B 71 17.52 7.37 -8.49
N LEU B 72 16.93 7.04 -9.64
CA LEU B 72 15.60 6.45 -9.66
C LEU B 72 15.59 5.04 -9.04
N VAL B 73 16.65 4.30 -9.35
CA VAL B 73 16.80 2.93 -8.88
C VAL B 73 16.83 2.84 -7.34
N LEU B 74 17.06 3.95 -6.66
CA LEU B 74 17.06 3.93 -5.21
C LEU B 74 15.75 3.36 -4.68
N VAL B 75 14.66 3.70 -5.38
CA VAL B 75 13.34 3.23 -5.01
C VAL B 75 13.28 1.70 -5.16
N HIS B 76 13.82 1.11 -6.34
CA HIS B 76 13.79 -0.34 -6.56
C HIS B 76 14.50 -1.05 -5.42
N ALA B 77 15.67 -0.54 -5.02
CA ALA B 77 16.43 -1.15 -3.95
C ALA B 77 15.71 -0.97 -2.62
N GLN B 78 15.17 0.23 -2.39
CA GLN B 78 14.48 0.50 -1.13
C GLN B 78 13.21 -0.35 -1.04
N LEU B 79 12.44 -0.39 -2.12
CA LEU B 79 11.22 -1.18 -2.14
C LEU B 79 11.49 -2.65 -1.82
N HIS B 80 12.48 -3.23 -2.48
CA HIS B 80 12.80 -4.62 -2.24
C HIS B 80 13.36 -4.83 -0.84
N LEU B 81 14.27 -3.95 -0.44
CA LEU B 81 14.88 -4.06 0.89
C LEU B 81 13.85 -3.85 2.00
N MET B 82 13.00 -2.85 1.86
CA MET B 82 11.98 -2.57 2.87
C MET B 82 11.02 -3.75 3.01
N THR B 83 10.59 -4.28 1.87
CA THR B 83 9.67 -5.41 1.87
C THR B 83 10.32 -6.64 2.50
N SER B 84 11.55 -6.94 2.10
CA SER B 84 12.26 -8.09 2.64
C SER B 84 12.50 -7.97 4.14
N MET B 85 12.97 -6.81 4.58
CA MET B 85 13.24 -6.60 6.01
C MET B 85 11.96 -6.76 6.83
N LEU B 86 10.89 -6.14 6.36
CA LEU B 86 9.61 -6.21 7.06
C LEU B 86 9.11 -7.65 7.12
N ALA B 87 9.17 -8.33 5.98
CA ALA B 87 8.72 -9.71 5.90
C ALA B 87 9.49 -10.58 6.88
N ARG B 88 10.79 -10.44 6.86
CA ARG B 88 11.65 -11.22 7.75
C ARG B 88 11.28 -10.97 9.21
N GLU B 89 11.08 -9.70 9.59
CA GLU B 89 10.75 -9.38 10.97
C GLU B 89 9.43 -10.05 11.37
N LEU B 90 8.44 -9.96 10.50
CA LEU B 90 7.14 -10.56 10.78
C LEU B 90 7.28 -12.08 10.84
N ILE B 91 8.06 -12.63 9.92
CA ILE B 91 8.30 -14.07 9.91
C ILE B 91 8.95 -14.49 11.23
N THR B 92 9.86 -13.66 11.73
CA THR B 92 10.50 -13.96 13.02
C THR B 92 9.43 -14.07 14.09
N GLU B 93 8.49 -13.13 14.09
CA GLU B 93 7.40 -13.15 15.06
C GLU B 93 6.58 -14.43 14.88
N LEU B 94 6.30 -14.77 13.62
CA LEU B 94 5.54 -15.99 13.33
C LEU B 94 6.27 -17.21 13.87
N ILE B 95 7.59 -17.26 13.68
CA ILE B 95 8.36 -18.38 14.19
C ILE B 95 8.28 -18.46 15.71
N GLU B 96 8.36 -17.30 16.37
CA GLU B 96 8.25 -17.27 17.83
C GLU B 96 6.90 -17.85 18.25
N LEU B 97 5.86 -17.54 17.49
CA LEU B 97 4.52 -18.05 17.79
C LEU B 97 4.52 -19.58 17.69
N HIS B 98 5.19 -20.10 16.66
CA HIS B 98 5.27 -21.55 16.50
C HIS B 98 5.89 -22.17 17.75
N GLU B 99 6.90 -21.48 18.28
CA GLU B 99 7.55 -21.95 19.50
C GLU B 99 6.58 -21.94 20.66
N LYS B 100 5.77 -20.88 20.77
CA LYS B 100 4.79 -20.80 21.84
C LYS B 100 3.72 -21.88 21.65
N LEU B 101 3.39 -22.19 20.39
CA LEU B 101 2.42 -23.25 20.11
C LEU B 101 2.96 -24.60 20.58
N LYS B 102 4.13 -24.57 21.21
CA LYS B 102 4.77 -25.78 21.72
C LYS B 102 5.49 -26.51 20.59
N ALA B 103 4.71 -26.92 19.58
CA ALA B 103 5.25 -27.67 18.43
C ALA B 103 6.64 -27.19 18.04
N ALA C 1 11.12 19.25 -2.05
CA ALA C 1 11.16 20.74 -1.98
C ALA C 1 10.96 21.17 -0.54
N GLU C 2 11.18 22.45 -0.27
CA GLU C 2 11.04 23.02 1.08
C GLU C 2 10.10 22.22 1.98
N GLU C 3 8.81 22.51 1.89
CA GLU C 3 7.83 21.81 2.71
C GLU C 3 7.73 20.34 2.34
N LEU C 4 7.37 20.07 1.08
CA LEU C 4 7.24 18.68 0.63
C LEU C 4 8.38 17.80 1.16
N GLU C 5 9.60 18.32 1.11
CA GLU C 5 10.76 17.57 1.58
C GLU C 5 10.74 17.43 3.10
N GLU C 6 10.47 18.53 3.78
CA GLU C 6 10.41 18.52 5.24
C GLU C 6 9.19 17.70 5.68
N VAL C 7 8.12 17.78 4.89
CA VAL C 7 6.90 17.04 5.17
C VAL C 7 7.17 15.53 5.06
N VAL C 8 7.92 15.14 4.03
CA VAL C 8 8.27 13.74 3.83
C VAL C 8 9.06 13.24 5.04
N MET C 9 10.02 14.04 5.50
CA MET C 9 10.80 13.67 6.66
C MET C 9 9.87 13.40 7.84
N GLY C 10 8.88 14.29 8.01
CA GLY C 10 7.91 14.13 9.08
C GLY C 10 7.12 12.84 8.88
N LEU C 11 6.71 12.59 7.65
CA LEU C 11 5.94 11.37 7.33
C LEU C 11 6.79 10.14 7.59
N ILE C 12 8.05 10.18 7.18
CA ILE C 12 8.94 9.04 7.37
C ILE C 12 9.11 8.78 8.87
N ILE C 13 9.32 9.87 9.61
CA ILE C 13 9.47 9.76 11.06
C ILE C 13 8.16 9.23 11.66
N ASN C 14 7.05 9.81 11.22
CA ASN C 14 5.73 9.40 11.72
C ASN C 14 5.50 7.92 11.43
N SER C 15 5.79 7.51 10.19
CA SER C 15 5.63 6.11 9.81
C SER C 15 6.52 5.24 10.68
N GLY C 16 7.76 5.70 10.90
CA GLY C 16 8.70 4.95 11.73
C GLY C 16 8.18 4.84 13.16
N GLN C 17 7.67 5.95 13.70
CA GLN C 17 7.13 5.92 15.06
C GLN C 17 5.95 4.97 15.12
N ALA C 18 5.12 5.01 14.08
CA ALA C 18 3.96 4.14 14.02
C ALA C 18 4.38 2.67 14.15
N ARG C 19 5.36 2.27 13.33
CA ARG C 19 5.84 0.91 13.40
C ARG C 19 6.41 0.63 14.79
N SER C 20 7.21 1.57 15.28
CA SER C 20 7.81 1.41 16.60
C SER C 20 6.73 1.13 17.65
N LEU C 21 5.66 1.92 17.61
CA LEU C 21 4.56 1.74 18.54
C LEU C 21 3.92 0.37 18.33
N ALA C 22 3.73 0.00 17.06
CA ALA C 22 3.13 -1.29 16.73
C ALA C 22 3.96 -2.44 17.33
N TYR C 23 5.27 -2.43 17.07
CA TYR C 23 6.14 -3.47 17.64
C TYR C 23 6.05 -3.45 19.16
N ALA C 24 6.03 -2.24 19.72
CA ALA C 24 5.92 -2.11 21.17
C ALA C 24 4.59 -2.72 21.62
N ALA C 25 3.54 -2.47 20.85
CA ALA C 25 2.23 -3.03 21.16
C ALA C 25 2.31 -4.55 21.21
N LEU C 26 3.01 -5.12 20.24
CA LEU C 26 3.19 -6.57 20.18
C LEU C 26 3.95 -7.05 21.42
N LYS C 27 4.99 -6.31 21.77
CA LYS C 27 5.79 -6.66 22.94
C LYS C 27 4.90 -6.72 24.19
N GLN C 28 3.99 -5.77 24.31
CA GLN C 28 3.06 -5.75 25.44
C GLN C 28 2.26 -7.04 25.47
N ALA C 29 1.82 -7.47 24.27
CA ALA C 29 1.05 -8.70 24.16
C ALA C 29 1.85 -9.89 24.67
N LYS C 30 3.13 -9.94 24.30
CA LYS C 30 3.99 -11.02 24.76
C LYS C 30 4.07 -11.06 26.28
N GLN C 31 3.98 -9.88 26.90
CA GLN C 31 4.04 -9.80 28.36
C GLN C 31 2.67 -10.17 28.96
N GLY C 32 1.71 -10.44 28.08
CA GLY C 32 0.36 -10.83 28.53
C GLY C 32 -0.47 -9.60 28.89
N ASP C 33 -0.04 -8.43 28.44
CA ASP C 33 -0.76 -7.18 28.70
C ASP C 33 -1.63 -6.80 27.51
N PHE C 34 -2.80 -7.41 27.42
CA PHE C 34 -3.71 -7.14 26.31
C PHE C 34 -4.22 -5.70 26.34
N ALA C 35 -4.43 -5.17 27.54
CA ALA C 35 -4.94 -3.81 27.68
C ALA C 35 -3.97 -2.79 27.08
N ALA C 36 -2.71 -2.89 27.47
CA ALA C 36 -1.71 -1.96 26.96
C ALA C 36 -1.50 -2.17 25.47
N ALA C 37 -1.55 -3.42 25.02
CA ALA C 37 -1.38 -3.71 23.60
C ALA C 37 -2.48 -3.00 22.81
N LYS C 38 -3.72 -3.21 23.22
CA LYS C 38 -4.87 -2.59 22.57
C LYS C 38 -4.72 -1.07 22.49
N ALA C 39 -4.32 -0.45 23.61
CA ALA C 39 -4.16 1.00 23.65
C ALA C 39 -3.06 1.46 22.68
N MET C 40 -1.96 0.72 22.64
CA MET C 40 -0.85 1.06 21.77
C MET C 40 -1.25 0.92 20.30
N MET C 41 -2.03 -0.11 19.99
CA MET C 41 -2.48 -0.31 18.61
C MET C 41 -3.35 0.85 18.16
N ASP C 42 -4.25 1.28 19.04
CA ASP C 42 -5.17 2.36 18.72
C ASP C 42 -4.41 3.63 18.38
N GLN C 43 -3.42 3.97 19.21
CA GLN C 43 -2.61 5.16 18.97
C GLN C 43 -1.83 5.03 17.67
N SER C 44 -1.30 3.85 17.42
CA SER C 44 -0.55 3.60 16.19
C SER C 44 -1.44 3.87 14.98
N ARG C 45 -2.67 3.32 15.03
CA ARG C 45 -3.64 3.50 13.96
C ARG C 45 -3.93 4.99 13.72
N MET C 46 -4.14 5.72 14.81
CA MET C 46 -4.43 7.15 14.72
C MET C 46 -3.26 7.89 14.08
N ALA C 47 -2.04 7.51 14.47
CA ALA C 47 -0.84 8.14 13.91
C ALA C 47 -0.78 7.91 12.40
N LEU C 48 -1.08 6.68 11.98
CA LEU C 48 -1.07 6.33 10.57
C LEU C 48 -2.17 7.06 9.82
N ASN C 49 -3.34 7.15 10.45
CA ASN C 49 -4.48 7.81 9.84
C ASN C 49 -4.14 9.27 9.52
N GLU C 50 -3.51 9.95 10.47
CA GLU C 50 -3.11 11.33 10.26
C GLU C 50 -2.06 11.41 9.16
N ALA C 51 -1.13 10.47 9.19
CA ALA C 51 -0.07 10.43 8.18
C ALA C 51 -0.67 10.15 6.80
N HIS C 52 -1.58 9.19 6.74
CA HIS C 52 -2.25 8.85 5.48
C HIS C 52 -3.02 10.05 4.94
N LEU C 53 -3.69 10.78 5.83
CA LEU C 53 -4.47 11.95 5.43
C LEU C 53 -3.56 12.98 4.76
N VAL C 54 -2.39 13.20 5.35
CA VAL C 54 -1.45 14.16 4.80
C VAL C 54 -0.99 13.67 3.43
N GLN C 55 -0.69 12.38 3.32
CA GLN C 55 -0.26 11.82 2.04
C GLN C 55 -1.38 11.99 1.00
N THR C 56 -2.62 11.74 1.41
CA THR C 56 -3.76 11.88 0.48
C THR C 56 -3.70 13.25 -0.19
N LYS C 57 -3.50 14.29 0.60
CA LYS C 57 -3.40 15.64 0.05
C LYS C 57 -2.20 15.73 -0.88
N LEU C 58 -1.11 15.09 -0.49
CA LEU C 58 0.10 15.11 -1.29
C LEU C 58 -0.08 14.35 -2.61
N ILE C 59 -1.09 13.47 -2.70
CA ILE C 59 -1.33 12.76 -3.95
C ILE C 59 -2.40 13.48 -4.79
N GLU C 60 -3.38 14.10 -4.14
CA GLU C 60 -4.43 14.83 -4.87
C GLU C 60 -3.85 16.03 -5.60
N GLY C 61 -2.89 16.71 -4.98
CA GLY C 61 -2.28 17.89 -5.57
C GLY C 61 -0.83 17.62 -5.97
N ASP C 62 -0.56 16.41 -6.41
CA ASP C 62 0.79 16.03 -6.80
C ASP C 62 1.22 16.75 -8.06
N ALA C 63 0.31 17.49 -8.68
CA ALA C 63 0.63 18.24 -9.90
C ALA C 63 1.30 19.56 -9.56
N GLY C 64 1.78 20.26 -10.59
CA GLY C 64 2.43 21.56 -10.39
C GLY C 64 3.77 21.63 -11.13
N GLU C 65 4.69 20.71 -10.81
CA GLU C 65 5.99 20.70 -11.45
C GLU C 65 5.87 20.38 -12.94
N GLY C 66 4.99 19.45 -13.27
CA GLY C 66 4.80 19.05 -14.66
C GLY C 66 3.45 18.36 -14.86
N LYS C 67 3.12 18.09 -16.11
CA LYS C 67 1.85 17.44 -16.43
C LYS C 67 1.83 16.00 -15.92
N MET C 68 2.44 15.10 -16.70
CA MET C 68 2.48 13.68 -16.36
C MET C 68 3.31 13.38 -15.12
N LYS C 69 4.45 14.07 -14.97
CA LYS C 69 5.34 13.83 -13.84
C LYS C 69 4.79 14.36 -12.52
N VAL C 70 5.20 13.71 -11.43
CA VAL C 70 4.76 14.07 -10.08
C VAL C 70 5.96 14.16 -9.13
N SER C 71 5.72 14.64 -7.91
CA SER C 71 6.80 14.75 -6.93
C SER C 71 7.42 13.38 -6.68
N LEU C 72 8.74 13.30 -6.77
CA LEU C 72 9.45 12.03 -6.61
C LEU C 72 9.31 11.48 -5.19
N VAL C 73 9.40 12.39 -4.22
CA VAL C 73 9.33 12.04 -2.80
C VAL C 73 8.00 11.37 -2.44
N LEU C 74 6.99 11.50 -3.27
CA LEU C 74 5.72 10.85 -3.00
C LEU C 74 5.92 9.36 -2.77
N VAL C 75 6.83 8.79 -3.53
CA VAL C 75 7.16 7.38 -3.43
C VAL C 75 7.76 7.10 -2.06
N HIS C 76 8.76 7.96 -1.55
CA HIS C 76 9.38 7.77 -0.25
C HIS C 76 8.31 7.73 0.84
N ALA C 77 7.38 8.67 0.79
CA ALA C 77 6.31 8.73 1.78
C ALA C 77 5.37 7.54 1.64
N GLN C 78 5.03 7.21 0.39
CA GLN C 78 4.11 6.11 0.13
C GLN C 78 4.74 4.78 0.58
N LEU C 79 5.99 4.58 0.19
CA LEU C 79 6.71 3.36 0.55
C LEU C 79 6.75 3.17 2.06
N HIS C 80 7.13 4.21 2.79
CA HIS C 80 7.20 4.12 4.24
C HIS C 80 5.81 3.94 4.85
N LEU C 81 4.87 4.73 4.38
CA LEU C 81 3.50 4.67 4.89
C LEU C 81 2.85 3.31 4.59
N MET C 82 3.01 2.84 3.37
CA MET C 82 2.42 1.55 2.98
C MET C 82 3.01 0.42 3.82
N THR C 83 4.32 0.45 3.99
CA THR C 83 5.00 -0.58 4.76
C THR C 83 4.54 -0.55 6.22
N SER C 84 4.53 0.64 6.80
CA SER C 84 4.12 0.80 8.20
C SER C 84 2.67 0.37 8.42
N MET C 85 1.76 0.84 7.56
CA MET C 85 0.35 0.48 7.70
C MET C 85 0.16 -1.04 7.61
N LEU C 86 0.80 -1.65 6.63
CA LEU C 86 0.70 -3.09 6.43
C LEU C 86 1.24 -3.83 7.65
N ALA C 87 2.42 -3.42 8.10
CA ALA C 87 3.05 -4.04 9.25
C ALA C 87 2.13 -3.96 10.47
N ARG C 88 1.61 -2.77 10.71
CA ARG C 88 0.74 -2.55 11.84
C ARG C 88 -0.50 -3.47 11.77
N GLU C 89 -1.11 -3.56 10.59
CA GLU C 89 -2.29 -4.42 10.44
C GLU C 89 -1.95 -5.88 10.74
N LEU C 90 -0.82 -6.35 10.20
CA LEU C 90 -0.40 -7.72 10.44
C LEU C 90 -0.07 -7.92 11.91
N ILE C 91 0.60 -6.95 12.49
CA ILE C 91 0.95 -7.02 13.90
C ILE C 91 -0.33 -7.12 14.73
N THR C 92 -1.36 -6.39 14.32
CA THR C 92 -2.64 -6.46 15.02
C THR C 92 -3.15 -7.89 14.99
N GLU C 93 -3.06 -8.53 13.83
CA GLU C 93 -3.50 -9.92 13.70
C GLU C 93 -2.66 -10.82 14.62
N LEU C 94 -1.36 -10.56 14.63
CA LEU C 94 -0.45 -11.34 15.47
C LEU C 94 -0.84 -11.20 16.94
N ILE C 95 -1.16 -9.98 17.35
CA ILE C 95 -1.57 -9.73 18.73
C ILE C 95 -2.86 -10.51 19.05
N GLU C 96 -3.80 -10.48 18.12
CA GLU C 96 -5.05 -11.21 18.31
C GLU C 96 -4.75 -12.70 18.53
N LEU C 97 -3.78 -13.21 17.77
CA LEU C 97 -3.39 -14.61 17.91
C LEU C 97 -2.85 -14.87 19.32
N HIS C 98 -2.05 -13.94 19.83
CA HIS C 98 -1.52 -14.09 21.18
C HIS C 98 -2.68 -14.22 22.16
N GLU C 99 -3.73 -13.44 21.92
CA GLU C 99 -4.90 -13.49 22.78
C GLU C 99 -5.57 -14.87 22.68
N LYS C 100 -5.65 -15.41 21.46
CA LYS C 100 -6.25 -16.72 21.29
C LYS C 100 -5.38 -17.78 21.95
N LEU C 101 -4.05 -17.58 21.91
CA LEU C 101 -3.12 -18.52 22.55
C LEU C 101 -3.37 -18.53 24.06
N LYS C 102 -4.36 -17.76 24.51
CA LYS C 102 -4.70 -17.67 25.93
C LYS C 102 -3.78 -16.68 26.63
N ALA C 103 -2.48 -16.99 26.61
CA ALA C 103 -1.45 -16.16 27.26
C ALA C 103 -1.80 -14.67 27.21
N LYS D 1 -19.97 26.95 -1.17
CA LYS D 1 -19.08 26.05 -1.96
C LYS D 1 -19.44 24.59 -1.78
N LYS D 2 -19.77 23.94 -2.87
CA LYS D 2 -20.15 22.54 -2.84
C LYS D 2 -18.93 21.62 -2.88
N HIS D 3 -19.02 20.49 -2.19
CA HIS D 3 -17.93 19.52 -2.13
C HIS D 3 -18.12 18.37 -3.08
N ILE D 4 -17.20 18.26 -4.03
CA ILE D 4 -17.22 17.18 -4.99
C ILE D 4 -16.07 16.24 -4.61
N TYR D 5 -16.39 15.03 -4.18
CA TYR D 5 -15.38 14.06 -3.78
C TYR D 5 -15.33 12.90 -4.76
N LEU D 6 -14.13 12.60 -5.26
CA LEU D 6 -13.90 11.48 -6.19
C LEU D 6 -13.25 10.35 -5.40
N PHE D 7 -13.56 9.09 -5.75
CA PHE D 7 -12.87 7.96 -5.12
C PHE D 7 -12.20 7.06 -6.16
N CYS D 8 -11.05 6.46 -5.73
CA CYS D 8 -10.29 5.45 -6.46
C CYS D 8 -9.52 4.58 -5.47
N SER D 9 -8.64 3.68 -5.87
CA SER D 9 -8.05 2.84 -4.83
C SER D 9 -7.19 3.67 -3.88
N ALA D 10 -6.21 4.45 -4.38
CA ALA D 10 -5.32 5.18 -3.49
C ALA D 10 -5.63 6.66 -3.54
N GLY D 11 -5.90 7.17 -4.73
CA GLY D 11 -6.20 8.59 -4.93
C GLY D 11 -5.18 9.29 -5.80
N MET D 12 -4.52 8.57 -6.74
CA MET D 12 -3.52 9.22 -7.58
C MET D 12 -4.01 9.37 -9.04
N SER D 13 -4.09 8.29 -9.74
CA SER D 13 -4.51 8.37 -11.14
C SER D 13 -5.71 9.29 -11.31
N THR D 14 -6.46 9.50 -10.21
CA THR D 14 -7.62 10.39 -10.32
C THR D 14 -7.21 11.78 -9.89
N SER D 15 -6.09 11.83 -9.22
CA SER D 15 -5.48 13.09 -8.76
C SER D 15 -5.20 14.03 -9.93
N LEU D 16 -4.82 13.46 -11.06
CA LEU D 16 -4.55 14.26 -12.24
C LEU D 16 -5.88 14.86 -12.76
N LEU D 17 -6.96 14.07 -12.72
CA LEU D 17 -8.28 14.55 -13.14
C LEU D 17 -8.75 15.68 -12.19
N VAL D 18 -8.54 15.48 -10.88
CA VAL D 18 -8.91 16.50 -9.89
C VAL D 18 -8.18 17.83 -10.15
N SER D 19 -6.89 17.79 -10.47
CA SER D 19 -6.17 19.03 -10.74
C SER D 19 -6.73 19.77 -11.98
N LYS D 20 -7.12 19.03 -13.02
CA LYS D 20 -7.71 19.66 -14.20
C LYS D 20 -9.12 20.20 -13.91
N MET D 21 -9.87 19.50 -13.07
CA MET D 21 -11.22 20.00 -12.73
C MET D 21 -11.08 21.31 -11.94
N ARG D 22 -10.13 21.39 -11.02
CA ARG D 22 -9.91 22.60 -10.21
C ARG D 22 -9.56 23.79 -11.12
N ALA D 23 -8.79 23.54 -12.18
CA ALA D 23 -8.39 24.59 -13.11
C ALA D 23 -9.63 25.14 -13.81
N GLN D 24 -10.50 24.24 -14.24
CA GLN D 24 -11.72 24.61 -14.91
C GLN D 24 -12.67 25.35 -14.00
N ALA D 25 -12.80 24.88 -12.77
CA ALA D 25 -13.69 25.53 -11.80
C ALA D 25 -13.24 26.96 -11.55
N GLU D 26 -11.93 27.20 -11.60
CA GLU D 26 -11.39 28.54 -11.36
C GLU D 26 -11.65 29.43 -12.57
N LYS D 27 -11.43 28.88 -13.76
CA LYS D 27 -11.63 29.59 -14.99
C LYS D 27 -13.07 30.10 -15.12
N TYR D 28 -14.05 29.29 -14.72
CA TYR D 28 -15.48 29.69 -14.80
C TYR D 28 -16.13 30.10 -13.49
N GLU D 29 -15.33 30.35 -12.46
CA GLU D 29 -15.81 30.78 -11.15
C GLU D 29 -16.89 29.89 -10.51
N VAL D 30 -16.76 28.58 -10.66
CA VAL D 30 -17.70 27.63 -10.08
C VAL D 30 -17.27 27.48 -8.62
N PRO D 31 -18.19 27.73 -7.67
CA PRO D 31 -17.91 27.64 -6.23
C PRO D 31 -17.93 26.21 -5.68
N VAL D 32 -16.88 25.46 -6.01
CA VAL D 32 -16.75 24.08 -5.57
C VAL D 32 -15.38 23.76 -5.01
N ILE D 33 -15.35 22.75 -4.14
CA ILE D 33 -14.13 22.22 -3.55
C ILE D 33 -14.09 20.77 -4.09
N ILE D 34 -12.98 20.40 -4.71
CA ILE D 34 -12.79 19.07 -5.32
C ILE D 34 -11.61 18.31 -4.66
N GLU D 35 -11.86 17.09 -4.18
CA GLU D 35 -10.83 16.27 -3.52
C GLU D 35 -10.93 14.82 -4.00
N ALA D 36 -9.78 14.14 -4.09
CA ALA D 36 -9.71 12.73 -4.50
C ALA D 36 -9.34 11.92 -3.25
N PHE D 37 -9.93 10.74 -3.09
CA PHE D 37 -9.64 9.87 -1.95
C PHE D 37 -9.66 8.44 -2.43
N PRO D 38 -9.08 7.53 -1.64
CA PRO D 38 -9.07 6.11 -2.02
C PRO D 38 -10.49 5.61 -1.70
N GLU D 39 -10.91 4.54 -2.35
CA GLU D 39 -12.24 3.96 -2.13
C GLU D 39 -12.51 3.54 -0.69
N THR D 40 -11.46 3.29 0.09
CA THR D 40 -11.63 2.88 1.48
C THR D 40 -12.26 3.95 2.37
N LEU D 41 -12.19 5.21 1.94
CA LEU D 41 -12.77 6.32 2.70
C LEU D 41 -14.15 6.77 2.20
N ALA D 42 -14.74 6.07 1.21
CA ALA D 42 -16.05 6.45 0.63
C ALA D 42 -17.14 6.64 1.68
N GLY D 43 -17.12 5.80 2.71
CA GLY D 43 -18.13 5.91 3.75
C GLY D 43 -17.81 6.98 4.77
N GLU D 44 -16.53 7.16 5.08
CA GLU D 44 -16.15 8.15 6.07
C GLU D 44 -16.16 9.59 5.49
N LYS D 45 -15.52 9.77 4.34
CA LYS D 45 -15.46 11.08 3.70
C LYS D 45 -16.73 11.45 2.92
N GLY D 46 -17.38 10.46 2.32
CA GLY D 46 -18.60 10.70 1.55
C GLY D 46 -19.69 11.43 2.29
N GLN D 47 -19.77 11.23 3.60
CA GLN D 47 -20.79 11.89 4.43
C GLN D 47 -20.74 13.42 4.34
N ASN D 48 -19.59 13.97 3.95
CA ASN D 48 -19.43 15.41 3.87
C ASN D 48 -19.45 15.95 2.45
N ALA D 49 -19.66 15.08 1.48
CA ALA D 49 -19.67 15.54 0.10
C ALA D 49 -21.06 15.97 -0.30
N ASP D 50 -21.11 16.82 -1.31
CA ASP D 50 -22.38 17.25 -1.83
C ASP D 50 -22.73 16.32 -2.99
N VAL D 51 -21.69 15.73 -3.60
CA VAL D 51 -21.88 14.75 -4.67
C VAL D 51 -20.68 13.78 -4.61
N VAL D 52 -20.98 12.49 -4.70
CA VAL D 52 -19.97 11.44 -4.66
C VAL D 52 -19.78 10.85 -6.06
N LEU D 53 -18.55 10.92 -6.57
CA LEU D 53 -18.24 10.38 -7.88
C LEU D 53 -17.30 9.18 -7.73
N LEU D 54 -17.60 8.08 -8.42
CA LEU D 54 -16.75 6.88 -8.36
C LEU D 54 -15.96 6.73 -9.63
N GLY D 55 -14.69 6.35 -9.51
CA GLY D 55 -13.84 6.18 -10.68
C GLY D 55 -14.39 5.02 -11.49
N PRO D 56 -14.13 4.94 -12.76
CA PRO D 56 -14.66 3.84 -13.62
C PRO D 56 -14.24 2.42 -13.18
N GLN D 57 -13.07 2.31 -12.54
CA GLN D 57 -12.57 1.02 -12.08
C GLN D 57 -13.39 0.49 -10.90
N ILE D 58 -14.04 1.38 -10.15
CA ILE D 58 -14.82 0.94 -9.01
C ILE D 58 -16.34 1.02 -9.23
N ALA D 59 -16.75 0.99 -10.49
CA ALA D 59 -18.17 1.04 -10.83
C ALA D 59 -18.94 -0.11 -10.19
N TYR D 60 -18.34 -1.30 -10.13
CA TYR D 60 -19.04 -2.44 -9.55
C TYR D 60 -19.46 -2.21 -8.09
N MET D 61 -18.84 -1.23 -7.44
CA MET D 61 -19.15 -0.89 -6.05
C MET D 61 -20.33 0.08 -5.87
N LEU D 62 -20.89 0.58 -6.97
CA LEU D 62 -21.99 1.54 -6.90
C LEU D 62 -23.13 1.19 -5.93
N PRO D 63 -23.73 -0.02 -6.05
CA PRO D 63 -24.82 -0.37 -5.12
C PRO D 63 -24.43 -0.30 -3.65
N GLU D 64 -23.22 -0.72 -3.30
CA GLU D 64 -22.77 -0.68 -1.91
C GLU D 64 -22.60 0.74 -1.42
N ILE D 65 -22.02 1.59 -2.25
CA ILE D 65 -21.83 2.99 -1.85
C ILE D 65 -23.16 3.74 -1.71
N GLN D 66 -24.12 3.42 -2.59
CA GLN D 66 -25.46 4.00 -2.52
C GLN D 66 -26.13 3.64 -1.18
N ARG D 67 -26.00 2.39 -0.73
CA ARG D 67 -26.60 1.98 0.55
C ARG D 67 -25.89 2.63 1.74
N LEU D 68 -24.60 2.88 1.59
CA LEU D 68 -23.77 3.49 2.64
C LEU D 68 -24.11 4.97 2.82
N LEU D 69 -24.39 5.65 1.70
CA LEU D 69 -24.73 7.09 1.68
C LEU D 69 -26.11 7.27 1.01
N PRO D 70 -27.20 6.87 1.69
CA PRO D 70 -28.55 6.99 1.13
C PRO D 70 -29.03 8.44 0.93
N ASN D 71 -28.35 9.38 1.56
CA ASN D 71 -28.75 10.79 1.44
C ASN D 71 -27.82 11.63 0.57
N LYS D 72 -27.08 10.99 -0.33
CA LYS D 72 -26.14 11.69 -1.21
C LYS D 72 -26.26 11.20 -2.63
N PRO D 73 -26.13 12.10 -3.63
CA PRO D 73 -26.21 11.62 -5.02
C PRO D 73 -24.85 10.97 -5.27
N VAL D 74 -24.87 9.73 -5.75
CA VAL D 74 -23.64 8.96 -6.02
C VAL D 74 -23.64 8.48 -7.46
N GLU D 75 -22.58 8.72 -8.19
CA GLU D 75 -22.53 8.22 -9.55
C GLU D 75 -21.13 7.95 -10.07
N VAL D 76 -21.06 7.12 -11.10
CA VAL D 76 -19.80 6.72 -11.71
C VAL D 76 -19.40 7.72 -12.78
N ILE D 77 -18.11 8.03 -12.84
CA ILE D 77 -17.58 8.96 -13.83
C ILE D 77 -17.54 8.27 -15.17
N ASP D 78 -17.96 8.97 -16.21
CA ASP D 78 -17.94 8.40 -17.55
C ASP D 78 -16.51 7.95 -17.89
N SER D 79 -16.33 6.69 -18.28
CA SER D 79 -14.99 6.17 -18.58
C SER D 79 -14.18 6.90 -19.65
N LEU D 80 -14.87 7.44 -20.65
CA LEU D 80 -14.19 8.17 -21.73
C LEU D 80 -13.73 9.53 -21.23
N LEU D 81 -14.58 10.18 -20.45
CA LEU D 81 -14.26 11.49 -19.90
C LEU D 81 -13.10 11.33 -18.94
N TYR D 82 -13.10 10.21 -18.22
CA TYR D 82 -12.04 9.90 -17.25
C TYR D 82 -10.71 9.58 -17.95
N GLY D 83 -10.75 8.68 -18.92
CA GLY D 83 -9.54 8.32 -19.64
C GLY D 83 -8.87 9.50 -20.31
N LYS D 84 -9.68 10.37 -20.87
CA LYS D 84 -9.22 11.56 -21.59
C LYS D 84 -8.79 12.70 -20.65
N VAL D 85 -9.07 12.52 -19.35
CA VAL D 85 -8.77 13.52 -18.31
C VAL D 85 -9.47 14.86 -18.61
N ASP D 86 -10.76 14.77 -18.94
CA ASP D 86 -11.57 15.95 -19.28
C ASP D 86 -12.09 16.63 -18.03
N GLY D 87 -11.29 17.56 -17.51
CA GLY D 87 -11.64 18.31 -16.31
C GLY D 87 -12.94 19.07 -16.45
N LEU D 88 -13.16 19.73 -17.60
CA LEU D 88 -14.39 20.49 -17.80
C LEU D 88 -15.63 19.58 -17.87
N GLY D 89 -15.50 18.50 -18.64
CA GLY D 89 -16.59 17.56 -18.81
C GLY D 89 -17.07 16.91 -17.53
N VAL D 90 -16.12 16.49 -16.69
CA VAL D 90 -16.48 15.84 -15.42
C VAL D 90 -17.04 16.88 -14.45
N LEU D 91 -16.47 18.08 -14.49
CA LEU D 91 -16.97 19.15 -13.63
C LEU D 91 -18.46 19.39 -14.00
N LYS D 92 -18.76 19.42 -15.30
CA LYS D 92 -20.15 19.61 -15.75
C LYS D 92 -21.09 18.52 -15.24
N ALA D 93 -20.64 17.27 -15.30
CA ALA D 93 -21.47 16.14 -14.85
C ALA D 93 -21.76 16.21 -13.35
N ALA D 94 -20.78 16.72 -12.60
CA ALA D 94 -20.90 16.82 -11.15
C ALA D 94 -21.90 17.90 -10.75
N VAL D 95 -21.80 19.06 -11.40
CA VAL D 95 -22.72 20.17 -11.13
C VAL D 95 -24.13 19.69 -11.49
N ALA D 96 -24.25 18.98 -12.61
CA ALA D 96 -25.54 18.45 -13.04
C ALA D 96 -26.13 17.51 -11.99
N ALA D 97 -25.33 16.57 -11.49
CA ALA D 97 -25.85 15.64 -10.49
C ALA D 97 -26.36 16.40 -9.26
N ILE D 98 -25.70 17.51 -8.93
CA ILE D 98 -26.12 18.32 -7.78
C ILE D 98 -27.46 19.01 -8.03
N LYS D 99 -27.63 19.58 -9.24
CA LYS D 99 -28.87 20.26 -9.62
C LYS D 99 -30.01 19.26 -9.71
N LYS D 100 -29.80 18.19 -10.45
CA LYS D 100 -30.83 17.18 -10.59
C LYS D 100 -31.20 16.60 -9.22
N ALA D 101 -30.34 16.79 -8.23
CA ALA D 101 -30.58 16.28 -6.88
C ALA D 101 -31.37 17.24 -6.00
N ALA D 102 -31.14 18.54 -6.18
CA ALA D 102 -31.83 19.57 -5.43
C ALA D 102 -33.22 19.88 -6.02
N ALA D 103 -33.60 19.13 -7.06
CA ALA D 103 -34.88 19.29 -7.72
C ALA D 103 -35.05 18.26 -8.85
P PO3 E . -4.83 5.47 -7.17
O1 PO3 E . -4.80 5.98 -8.60
O2 PO3 E . -4.20 6.29 -6.06
O3 PO3 E . -5.31 4.06 -6.88
N ALA A 1 0.74 7.29 -18.60
CA ALA A 1 0.24 7.59 -19.96
C ALA A 1 -1.09 6.86 -20.17
N GLU A 2 -1.77 7.18 -21.26
CA GLU A 2 -3.08 6.58 -21.60
C GLU A 2 -3.28 5.20 -20.95
N GLU A 3 -2.80 4.17 -21.63
CA GLU A 3 -2.95 2.80 -21.13
C GLU A 3 -2.16 2.60 -19.84
N LEU A 4 -0.84 2.78 -19.91
CA LEU A 4 0.01 2.60 -18.74
C LEU A 4 -0.63 3.20 -17.48
N GLU A 5 -1.21 4.38 -17.61
CA GLU A 5 -1.84 5.05 -16.47
C GLU A 5 -3.12 4.34 -16.08
N GLU A 6 -3.94 4.01 -17.07
CA GLU A 6 -5.19 3.30 -16.82
C GLU A 6 -4.88 1.88 -16.34
N VAL A 7 -3.80 1.31 -16.88
CA VAL A 7 -3.37 -0.03 -16.50
C VAL A 7 -2.93 -0.05 -15.03
N VAL A 8 -2.20 0.99 -14.63
CA VAL A 8 -1.73 1.10 -13.25
C VAL A 8 -2.95 1.16 -12.33
N MET A 9 -3.95 1.96 -12.70
CA MET A 9 -5.17 2.06 -11.90
C MET A 9 -5.77 0.67 -11.73
N GLY A 10 -5.81 -0.09 -12.82
CA GLY A 10 -6.34 -1.45 -12.77
C GLY A 10 -5.49 -2.31 -11.83
N LEU A 11 -4.17 -2.17 -11.95
CA LEU A 11 -3.26 -2.93 -11.10
C LEU A 11 -3.45 -2.56 -9.64
N ILE A 12 -3.57 -1.27 -9.37
CA ILE A 12 -3.76 -0.80 -8.00
C ILE A 12 -5.06 -1.36 -7.46
N ILE A 13 -6.11 -1.29 -8.26
CA ILE A 13 -7.40 -1.82 -7.85
C ILE A 13 -7.30 -3.33 -7.65
N ASN A 14 -6.65 -4.01 -8.60
CA ASN A 14 -6.47 -5.45 -8.53
C ASN A 14 -5.71 -5.82 -7.26
N SER A 15 -4.61 -5.11 -7.03
CA SER A 15 -3.81 -5.35 -5.83
C SER A 15 -4.65 -5.14 -4.57
N GLY A 16 -5.44 -4.06 -4.60
CA GLY A 16 -6.32 -3.75 -3.47
C GLY A 16 -7.35 -4.86 -3.26
N GLN A 17 -7.95 -5.32 -4.36
CA GLN A 17 -8.94 -6.40 -4.27
C GLN A 17 -8.27 -7.65 -3.72
N ALA A 18 -7.05 -7.92 -4.18
CA ALA A 18 -6.31 -9.09 -3.72
C ALA A 18 -6.15 -9.04 -2.21
N ARG A 19 -5.70 -7.91 -1.69
CA ARG A 19 -5.55 -7.77 -0.25
C ARG A 19 -6.90 -7.95 0.43
N SER A 20 -7.91 -7.28 -0.11
CA SER A 20 -9.25 -7.36 0.44
C SER A 20 -9.68 -8.83 0.57
N LEU A 21 -9.47 -9.59 -0.49
CA LEU A 21 -9.81 -11.01 -0.48
C LEU A 21 -8.97 -11.74 0.58
N ALA A 22 -7.69 -11.40 0.63
CA ALA A 22 -6.79 -12.03 1.60
C ALA A 22 -7.30 -11.80 3.03
N TYR A 23 -7.59 -10.55 3.38
CA TYR A 23 -8.10 -10.25 4.72
C TYR A 23 -9.41 -11.00 4.93
N ALA A 24 -10.25 -11.03 3.90
CA ALA A 24 -11.51 -11.73 3.99
C ALA A 24 -11.24 -13.22 4.25
N ALA A 25 -10.23 -13.75 3.56
CA ALA A 25 -9.84 -15.14 3.75
C ALA A 25 -9.48 -15.38 5.21
N LEU A 26 -8.72 -14.46 5.78
CA LEU A 26 -8.32 -14.57 7.18
C LEU A 26 -9.56 -14.55 8.07
N LYS A 27 -10.48 -13.64 7.77
CA LYS A 27 -11.71 -13.53 8.54
C LYS A 27 -12.45 -14.87 8.56
N GLN A 28 -12.48 -15.54 7.41
CA GLN A 28 -13.15 -16.84 7.31
C GLN A 28 -12.48 -17.81 8.28
N ALA A 29 -11.15 -17.75 8.35
CA ALA A 29 -10.39 -18.62 9.24
C ALA A 29 -10.80 -18.38 10.69
N LYS A 30 -10.95 -17.12 11.05
CA LYS A 30 -11.36 -16.77 12.41
C LYS A 30 -12.72 -17.37 12.73
N GLN A 31 -13.58 -17.50 11.72
CA GLN A 31 -14.89 -18.08 11.93
C GLN A 31 -14.80 -19.60 11.96
N GLY A 32 -13.60 -20.12 11.77
CA GLY A 32 -13.37 -21.56 11.81
C GLY A 32 -13.71 -22.21 10.47
N ASP A 33 -13.83 -21.40 9.43
CA ASP A 33 -14.15 -21.90 8.09
C ASP A 33 -12.88 -22.06 7.26
N PHE A 34 -12.18 -23.18 7.47
CA PHE A 34 -10.93 -23.42 6.73
C PHE A 34 -11.18 -23.60 5.24
N ALA A 35 -12.31 -24.21 4.89
CA ALA A 35 -12.63 -24.46 3.49
C ALA A 35 -12.77 -23.14 2.72
N ALA A 36 -13.56 -22.23 3.26
CA ALA A 36 -13.76 -20.95 2.60
C ALA A 36 -12.46 -20.14 2.60
N ALA A 37 -11.70 -20.23 3.68
CA ALA A 37 -10.43 -19.52 3.75
C ALA A 37 -9.52 -19.99 2.60
N LYS A 38 -9.36 -21.30 2.49
CA LYS A 38 -8.53 -21.90 1.45
C LYS A 38 -8.96 -21.42 0.06
N ALA A 39 -10.26 -21.45 -0.21
CA ALA A 39 -10.77 -21.03 -1.51
C ALA A 39 -10.47 -19.57 -1.79
N MET A 40 -10.61 -18.74 -0.76
CA MET A 40 -10.36 -17.30 -0.90
C MET A 40 -8.88 -17.03 -1.18
N MET A 41 -7.98 -17.76 -0.50
CA MET A 41 -6.55 -17.56 -0.72
C MET A 41 -6.19 -17.92 -2.15
N ASP A 42 -6.77 -19.01 -2.65
CA ASP A 42 -6.47 -19.48 -3.99
C ASP A 42 -6.83 -18.42 -5.02
N GLN A 43 -8.03 -17.87 -4.88
CA GLN A 43 -8.48 -16.82 -5.80
C GLN A 43 -7.61 -15.59 -5.67
N SER A 44 -7.25 -15.24 -4.44
CA SER A 44 -6.40 -14.08 -4.20
C SER A 44 -5.06 -14.28 -4.91
N ARG A 45 -4.49 -15.47 -4.78
CA ARG A 45 -3.22 -15.82 -5.43
C ARG A 45 -3.32 -15.66 -6.95
N MET A 46 -4.40 -16.18 -7.51
CA MET A 46 -4.63 -16.11 -8.95
C MET A 46 -4.72 -14.65 -9.40
N ALA A 47 -5.41 -13.83 -8.62
CA ALA A 47 -5.56 -12.41 -8.94
C ALA A 47 -4.19 -11.74 -9.00
N LEU A 48 -3.35 -12.05 -8.02
CA LEU A 48 -2.00 -11.49 -7.95
C LEU A 48 -1.15 -11.98 -9.12
N ASN A 49 -1.29 -13.26 -9.41
CA ASN A 49 -0.51 -13.87 -10.48
C ASN A 49 -0.77 -13.15 -11.80
N GLU A 50 -2.04 -12.89 -12.07
CA GLU A 50 -2.41 -12.17 -13.29
C GLU A 50 -1.86 -10.75 -13.23
N ALA A 51 -1.97 -10.13 -12.05
CA ALA A 51 -1.47 -8.77 -11.87
C ALA A 51 0.06 -8.75 -12.05
N HIS A 52 0.73 -9.71 -11.44
CA HIS A 52 2.19 -9.81 -11.54
C HIS A 52 2.61 -10.01 -13.00
N LEU A 53 1.86 -10.83 -13.72
CA LEU A 53 2.16 -11.11 -15.12
C LEU A 53 2.11 -9.82 -15.93
N VAL A 54 1.08 -9.02 -15.68
CA VAL A 54 0.94 -7.75 -16.38
C VAL A 54 2.11 -6.84 -16.04
N GLN A 55 2.46 -6.79 -14.76
CA GLN A 55 3.59 -5.96 -14.34
C GLN A 55 4.88 -6.45 -15.01
N THR A 56 5.08 -7.76 -15.08
CA THR A 56 6.28 -8.32 -15.72
C THR A 56 6.46 -7.71 -17.11
N LYS A 57 5.37 -7.66 -17.88
CA LYS A 57 5.43 -7.06 -19.22
C LYS A 57 5.76 -5.59 -19.10
N LEU A 58 5.18 -4.94 -18.10
CA LEU A 58 5.43 -3.52 -17.90
C LEU A 58 6.87 -3.24 -17.48
N ILE A 59 7.58 -4.25 -16.98
CA ILE A 59 8.99 -4.06 -16.60
C ILE A 59 9.93 -4.47 -17.76
N GLU A 60 9.55 -5.49 -18.53
CA GLU A 60 10.37 -5.95 -19.66
C GLU A 60 10.46 -4.88 -20.74
N GLY A 61 9.34 -4.20 -21.01
CA GLY A 61 9.31 -3.17 -22.03
C GLY A 61 9.20 -1.78 -21.42
N ASP A 62 9.80 -1.60 -20.24
CA ASP A 62 9.75 -0.32 -19.54
C ASP A 62 10.49 0.78 -20.32
N ALA A 63 11.17 0.39 -21.40
CA ALA A 63 11.90 1.36 -22.21
C ALA A 63 10.97 2.06 -23.19
N GLY A 64 11.49 3.07 -23.89
CA GLY A 64 10.68 3.81 -24.86
C GLY A 64 10.81 5.32 -24.66
N GLU A 65 10.45 5.80 -23.47
CA GLU A 65 10.53 7.23 -23.19
C GLU A 65 11.97 7.72 -23.18
N GLY A 66 12.86 6.90 -22.64
CA GLY A 66 14.28 7.27 -22.58
C GLY A 66 15.15 6.04 -22.36
N LYS A 67 16.47 6.25 -22.44
CA LYS A 67 17.41 5.15 -22.27
C LYS A 67 17.39 4.63 -20.82
N MET A 68 18.11 5.32 -19.94
CA MET A 68 18.20 4.93 -18.54
C MET A 68 16.88 5.05 -17.79
N LYS A 69 16.13 6.12 -18.08
CA LYS A 69 14.87 6.35 -17.37
C LYS A 69 13.76 5.39 -17.80
N VAL A 70 12.84 5.14 -16.87
CA VAL A 70 11.71 4.23 -17.10
C VAL A 70 10.41 4.88 -16.65
N SER A 71 9.28 4.23 -16.95
CA SER A 71 7.98 4.77 -16.55
C SER A 71 7.94 4.91 -15.03
N LEU A 72 7.54 6.10 -14.57
CA LEU A 72 7.48 6.40 -13.14
C LEU A 72 6.43 5.55 -12.41
N VAL A 73 5.30 5.39 -13.07
CA VAL A 73 4.18 4.62 -12.52
C VAL A 73 4.55 3.16 -12.22
N LEU A 74 5.60 2.68 -12.85
CA LEU A 74 6.03 1.30 -12.64
C LEU A 74 6.18 1.00 -11.16
N VAL A 75 6.56 2.03 -10.42
CA VAL A 75 6.78 1.88 -8.98
C VAL A 75 5.43 1.79 -8.28
N HIS A 76 4.21 2.81 -8.65
CA HIS A 76 2.85 2.82 -8.07
C HIS A 76 2.27 1.41 -8.15
N ALA A 77 2.61 0.70 -9.23
CA ALA A 77 2.15 -0.67 -9.43
C ALA A 77 3.01 -1.65 -8.64
N GLN A 78 4.34 -1.50 -8.72
CA GLN A 78 5.24 -2.41 -8.02
C GLN A 78 5.01 -2.31 -6.51
N LEU A 79 4.96 -1.09 -6.01
CA LEU A 79 4.72 -0.86 -4.59
C LEU A 79 3.44 -1.54 -4.13
N HIS A 80 2.35 -1.32 -4.85
CA HIS A 80 1.08 -1.91 -4.47
C HIS A 80 1.12 -3.44 -4.62
N LEU A 81 1.65 -3.90 -5.74
CA LEU A 81 1.74 -5.34 -5.99
C LEU A 81 2.64 -6.04 -4.98
N MET A 82 3.80 -5.45 -4.70
CA MET A 82 4.74 -6.05 -3.75
C MET A 82 4.11 -6.14 -2.37
N THR A 83 3.46 -5.05 -1.96
CA THR A 83 2.81 -5.00 -0.65
C THR A 83 1.69 -6.04 -0.56
N SER A 84 0.84 -6.07 -1.58
CA SER A 84 -0.29 -7.01 -1.61
C SER A 84 0.20 -8.46 -1.60
N MET A 85 1.16 -8.78 -2.45
CA MET A 85 1.69 -10.14 -2.51
C MET A 85 2.26 -10.57 -1.18
N LEU A 86 3.07 -9.70 -0.59
CA LEU A 86 3.68 -10.00 0.70
C LEU A 86 2.61 -10.19 1.78
N ALA A 87 1.64 -9.28 1.79
CA ALA A 87 0.56 -9.36 2.76
C ALA A 87 -0.15 -10.70 2.67
N ARG A 88 -0.49 -11.10 1.47
CA ARG A 88 -1.18 -12.37 1.27
C ARG A 88 -0.35 -13.55 1.78
N GLU A 89 0.93 -13.57 1.45
CA GLU A 89 1.77 -14.67 1.88
C GLU A 89 1.79 -14.78 3.39
N LEU A 90 1.95 -13.65 4.06
CA LEU A 90 1.96 -13.64 5.51
C LEU A 90 0.58 -14.03 6.05
N ILE A 91 -0.46 -13.51 5.42
CA ILE A 91 -1.82 -13.85 5.84
C ILE A 91 -2.03 -15.35 5.69
N THR A 92 -1.50 -15.92 4.61
CA THR A 92 -1.60 -17.37 4.40
C THR A 92 -0.98 -18.10 5.59
N GLU A 93 0.20 -17.64 6.01
CA GLU A 93 0.88 -18.23 7.16
C GLU A 93 0.02 -18.08 8.40
N LEU A 94 -0.57 -16.89 8.56
CA LEU A 94 -1.43 -16.62 9.72
C LEU A 94 -2.62 -17.59 9.71
N ILE A 95 -3.20 -17.80 8.55
CA ILE A 95 -4.34 -18.73 8.44
C ILE A 95 -3.90 -20.14 8.83
N GLU A 96 -2.72 -20.56 8.36
CA GLU A 96 -2.22 -21.88 8.71
C GLU A 96 -2.08 -22.00 10.22
N LEU A 97 -1.64 -20.91 10.87
CA LEU A 97 -1.51 -20.92 12.32
C LEU A 97 -2.88 -21.12 12.98
N HIS A 98 -3.89 -20.46 12.44
CA HIS A 98 -5.25 -20.62 12.98
C HIS A 98 -5.63 -22.08 12.92
N GLU A 99 -5.25 -22.75 11.84
CA GLU A 99 -5.55 -24.17 11.68
C GLU A 99 -4.81 -24.98 12.74
N LYS A 100 -3.56 -24.62 13.01
CA LYS A 100 -2.79 -25.32 14.02
C LYS A 100 -3.39 -25.06 15.41
N LEU A 101 -3.92 -23.84 15.61
CA LEU A 101 -4.56 -23.49 16.88
C LEU A 101 -5.80 -24.37 17.09
N LYS A 102 -6.02 -25.30 16.15
CA LYS A 102 -7.18 -26.20 16.21
C LYS A 102 -8.43 -25.52 15.71
N ALA A 103 -8.82 -24.42 16.39
CA ALA A 103 -10.03 -23.67 16.04
C ALA A 103 -10.30 -23.65 14.53
N ALA B 1 22.66 3.11 -13.51
CA ALA B 1 23.97 3.34 -14.19
C ALA B 1 24.86 2.13 -13.94
N GLU B 2 26.00 2.08 -14.64
CA GLU B 2 26.95 0.97 -14.53
C GLU B 2 26.86 0.24 -13.18
N GLU B 3 27.57 0.74 -12.19
CA GLU B 3 27.58 0.13 -10.87
C GLU B 3 26.22 0.21 -10.20
N LEU B 4 25.72 1.44 -10.02
CA LEU B 4 24.42 1.61 -9.38
C LEU B 4 23.38 0.61 -9.91
N GLU B 5 23.37 0.41 -11.22
CA GLU B 5 22.42 -0.52 -11.83
C GLU B 5 22.76 -1.95 -11.47
N GLU B 6 24.03 -2.30 -11.57
CA GLU B 6 24.50 -3.63 -11.23
C GLU B 6 24.38 -3.85 -9.73
N VAL B 7 24.60 -2.79 -8.97
CA VAL B 7 24.51 -2.85 -7.52
C VAL B 7 23.05 -3.11 -7.10
N VAL B 8 22.12 -2.44 -7.77
CA VAL B 8 20.69 -2.63 -7.49
C VAL B 8 20.33 -4.08 -7.74
N MET B 9 20.80 -4.63 -8.86
CA MET B 9 20.52 -6.03 -9.18
C MET B 9 21.01 -6.91 -8.03
N GLY B 10 22.21 -6.62 -7.53
CA GLY B 10 22.75 -7.37 -6.41
C GLY B 10 21.86 -7.21 -5.19
N LEU B 11 21.44 -5.98 -4.93
CA LEU B 11 20.56 -5.70 -3.79
C LEU B 11 19.24 -6.44 -3.93
N ILE B 12 18.67 -6.41 -5.13
CA ILE B 12 17.40 -7.09 -5.38
C ILE B 12 17.57 -8.58 -5.14
N ILE B 13 18.66 -9.12 -5.68
CA ILE B 13 18.94 -10.54 -5.50
C ILE B 13 19.17 -10.83 -4.02
N ASN B 14 19.95 -9.98 -3.36
CA ASN B 14 20.24 -10.16 -1.94
C ASN B 14 18.94 -10.10 -1.13
N SER B 15 18.11 -9.11 -1.42
CA SER B 15 16.83 -8.99 -0.74
C SER B 15 15.98 -10.23 -0.97
N GLY B 16 15.99 -10.71 -2.22
CA GLY B 16 15.23 -11.91 -2.57
C GLY B 16 15.76 -13.12 -1.81
N GLN B 17 17.08 -13.25 -1.75
CA GLN B 17 17.68 -14.37 -1.03
C GLN B 17 17.31 -14.28 0.45
N ALA B 18 17.35 -13.06 0.98
CA ALA B 18 17.00 -12.84 2.37
C ALA B 18 15.60 -13.36 2.66
N ARG B 19 14.64 -12.97 1.84
CA ARG B 19 13.27 -13.44 2.02
C ARG B 19 13.24 -14.96 1.90
N SER B 20 13.90 -15.47 0.86
CA SER B 20 13.94 -16.91 0.64
C SER B 20 14.41 -17.63 1.89
N LEU B 21 15.50 -17.13 2.48
CA LEU B 21 16.04 -17.73 3.71
C LEU B 21 15.01 -17.60 4.83
N ALA B 22 14.37 -16.44 4.93
CA ALA B 22 13.37 -16.20 5.97
C ALA B 22 12.24 -17.23 5.85
N TYR B 23 11.67 -17.38 4.65
CA TYR B 23 10.60 -18.36 4.46
C TYR B 23 11.12 -19.75 4.79
N ALA B 24 12.36 -20.04 4.38
CA ALA B 24 12.95 -21.33 4.67
C ALA B 24 13.06 -21.49 6.19
N ALA B 25 13.43 -20.41 6.87
CA ALA B 25 13.53 -20.43 8.33
C ALA B 25 12.18 -20.80 8.92
N LEU B 26 11.12 -20.21 8.39
CA LEU B 26 9.78 -20.50 8.86
C LEU B 26 9.45 -21.97 8.62
N LYS B 27 9.80 -22.46 7.44
CA LYS B 27 9.55 -23.86 7.11
C LYS B 27 10.21 -24.78 8.14
N GLN B 28 11.43 -24.43 8.54
CA GLN B 28 12.13 -25.23 9.56
C GLN B 28 11.31 -25.26 10.84
N ALA B 29 10.74 -24.11 11.19
CA ALA B 29 9.91 -24.02 12.40
C ALA B 29 8.73 -24.97 12.31
N LYS B 30 8.09 -25.01 11.14
CA LYS B 30 6.95 -25.90 10.94
C LYS B 30 7.36 -27.35 11.16
N GLN B 31 8.62 -27.67 10.83
CA GLN B 31 9.10 -29.04 11.01
C GLN B 31 9.46 -29.28 12.48
N GLY B 32 9.32 -28.24 13.29
CA GLY B 32 9.63 -28.35 14.72
C GLY B 32 11.13 -28.18 14.99
N ASP B 33 11.86 -27.66 14.00
CA ASP B 33 13.29 -27.46 14.14
C ASP B 33 13.60 -26.02 14.53
N PHE B 34 13.47 -25.71 15.81
CA PHE B 34 13.73 -24.34 16.29
C PHE B 34 15.18 -23.94 16.10
N ALA B 35 16.09 -24.90 16.27
CA ALA B 35 17.52 -24.60 16.15
C ALA B 35 17.86 -24.12 14.74
N ALA B 36 17.43 -24.87 13.74
CA ALA B 36 17.71 -24.50 12.36
C ALA B 36 16.98 -23.20 12.01
N ALA B 37 15.77 -23.03 12.51
CA ALA B 37 15.03 -21.80 12.24
C ALA B 37 15.82 -20.61 12.74
N LYS B 38 16.23 -20.68 14.02
CA LYS B 38 17.01 -19.60 14.63
C LYS B 38 18.27 -19.27 13.81
N ALA B 39 18.99 -20.29 13.40
CA ALA B 39 20.21 -20.10 12.61
C ALA B 39 19.91 -19.41 11.28
N MET B 40 18.83 -19.82 10.64
CA MET B 40 18.44 -19.26 9.36
C MET B 40 18.05 -17.78 9.51
N MET B 41 17.32 -17.45 10.57
CA MET B 41 16.92 -16.06 10.78
C MET B 41 18.15 -15.17 10.97
N ASP B 42 19.12 -15.68 11.73
CA ASP B 42 20.33 -14.93 12.01
C ASP B 42 21.06 -14.57 10.73
N GLN B 43 21.21 -15.58 9.86
CA GLN B 43 21.88 -15.36 8.59
C GLN B 43 21.08 -14.40 7.72
N SER B 44 19.76 -14.54 7.73
CA SER B 44 18.91 -13.65 6.95
C SER B 44 19.13 -12.20 7.41
N ARG B 45 19.14 -12.00 8.73
CA ARG B 45 19.35 -10.68 9.30
C ARG B 45 20.69 -10.09 8.83
N MET B 46 21.74 -10.90 8.89
CA MET B 46 23.07 -10.45 8.49
C MET B 46 23.05 -10.04 7.02
N ALA B 47 22.37 -10.84 6.20
CA ALA B 47 22.27 -10.53 4.77
C ALA B 47 21.58 -9.19 4.56
N LEU B 48 20.50 -8.97 5.31
CA LEU B 48 19.75 -7.72 5.21
C LEU B 48 20.59 -6.55 5.72
N ASN B 49 21.30 -6.78 6.81
CA ASN B 49 22.13 -5.75 7.40
C ASN B 49 23.18 -5.26 6.40
N GLU B 50 23.83 -6.19 5.73
CA GLU B 50 24.82 -5.83 4.72
C GLU B 50 24.17 -5.10 3.57
N ALA B 51 23.00 -5.58 3.17
CA ALA B 51 22.25 -4.96 2.08
C ALA B 51 21.83 -3.54 2.48
N HIS B 52 21.32 -3.41 3.70
CA HIS B 52 20.88 -2.11 4.21
C HIS B 52 22.06 -1.13 4.27
N LEU B 53 23.22 -1.64 4.69
CA LEU B 53 24.42 -0.80 4.79
C LEU B 53 24.77 -0.23 3.41
N VAL B 54 24.71 -1.09 2.40
CA VAL B 54 25.03 -0.66 1.04
C VAL B 54 24.01 0.40 0.61
N GLN B 55 22.73 0.16 0.90
CA GLN B 55 21.70 1.13 0.53
C GLN B 55 21.96 2.45 1.25
N THR B 56 22.32 2.39 2.54
CA THR B 56 22.60 3.61 3.30
C THR B 56 23.57 4.50 2.53
N LYS B 57 24.65 3.90 2.04
CA LYS B 57 25.62 4.66 1.25
C LYS B 57 24.97 5.20 -0.01
N LEU B 58 24.12 4.39 -0.61
CA LEU B 58 23.44 4.78 -1.84
C LEU B 58 22.45 5.93 -1.59
N ILE B 59 22.02 6.12 -0.32
CA ILE B 59 21.11 7.23 -0.01
C ILE B 59 21.88 8.48 0.45
N GLU B 60 23.00 8.27 1.16
CA GLU B 60 23.81 9.39 1.64
C GLU B 60 24.42 10.17 0.46
N GLY B 61 24.86 9.43 -0.55
CA GLY B 61 25.49 10.05 -1.72
C GLY B 61 24.59 9.96 -2.95
N ASP B 62 23.28 10.02 -2.73
CA ASP B 62 22.32 9.93 -3.82
C ASP B 62 22.41 11.14 -4.77
N ALA B 63 23.21 12.12 -4.40
CA ALA B 63 23.36 13.32 -5.23
C ALA B 63 24.37 13.07 -6.34
N GLY B 64 24.50 14.03 -7.26
CA GLY B 64 25.44 13.90 -8.37
C GLY B 64 24.78 14.23 -9.71
N GLU B 65 23.73 13.48 -10.05
CA GLU B 65 23.03 13.70 -11.32
C GLU B 65 22.34 15.07 -11.33
N GLY B 66 21.76 15.45 -10.20
CA GLY B 66 21.07 16.73 -10.11
C GLY B 66 20.91 17.16 -8.66
N LYS B 67 20.42 18.38 -8.47
CA LYS B 67 20.23 18.92 -7.13
C LYS B 67 19.13 18.16 -6.38
N MET B 68 17.88 18.54 -6.66
CA MET B 68 16.72 17.93 -6.01
C MET B 68 16.52 16.47 -6.40
N LYS B 69 16.75 16.13 -7.66
CA LYS B 69 16.54 14.76 -8.14
C LYS B 69 17.62 13.80 -7.64
N VAL B 70 17.22 12.52 -7.52
CA VAL B 70 18.11 11.47 -7.05
C VAL B 70 18.02 10.24 -7.98
N SER B 71 18.89 9.26 -7.76
CA SER B 71 18.88 8.05 -8.59
C SER B 71 17.52 7.37 -8.49
N LEU B 72 16.93 7.04 -9.64
CA LEU B 72 15.60 6.45 -9.66
C LEU B 72 15.59 5.04 -9.04
N VAL B 73 16.65 4.30 -9.35
CA VAL B 73 16.80 2.93 -8.88
C VAL B 73 16.83 2.84 -7.34
N LEU B 74 17.12 3.95 -6.69
CA LEU B 74 17.17 3.96 -5.22
C LEU B 74 15.90 3.40 -4.63
N VAL B 75 14.79 3.72 -5.27
CA VAL B 75 13.48 3.26 -4.82
C VAL B 75 13.39 1.75 -5.03
N HIS B 76 13.86 1.19 -6.25
CA HIS B 76 13.81 -0.25 -6.53
C HIS B 76 14.51 -1.01 -5.41
N ALA B 77 15.68 -0.54 -5.01
CA ALA B 77 16.42 -1.19 -3.93
C ALA B 77 15.70 -1.00 -2.60
N GLN B 78 15.19 0.20 -2.38
CA GLN B 78 14.48 0.50 -1.13
C GLN B 78 13.22 -0.36 -1.03
N LEU B 79 12.44 -0.39 -2.12
CA LEU B 79 11.22 -1.18 -2.14
C LEU B 79 11.49 -2.65 -1.82
N HIS B 80 12.48 -3.23 -2.48
CA HIS B 80 12.80 -4.62 -2.24
C HIS B 80 13.36 -4.83 -0.84
N LEU B 81 14.27 -3.95 -0.44
CA LEU B 81 14.88 -4.06 0.89
C LEU B 81 13.85 -3.85 2.00
N MET B 82 13.00 -2.85 1.86
CA MET B 82 11.98 -2.57 2.87
C MET B 82 11.02 -3.75 3.01
N THR B 83 10.59 -4.28 1.87
CA THR B 83 9.67 -5.41 1.87
C THR B 83 10.32 -6.64 2.50
N SER B 84 11.55 -6.94 2.10
CA SER B 84 12.26 -8.09 2.64
C SER B 84 12.50 -7.97 4.14
N MET B 85 12.97 -6.81 4.58
CA MET B 85 13.24 -6.60 6.01
C MET B 85 11.96 -6.76 6.83
N LEU B 86 10.89 -6.14 6.36
CA LEU B 86 9.61 -6.21 7.06
C LEU B 86 9.11 -7.65 7.12
N ALA B 87 9.17 -8.33 5.98
CA ALA B 87 8.72 -9.71 5.90
C ALA B 87 9.49 -10.58 6.88
N ARG B 88 10.79 -10.44 6.86
CA ARG B 88 11.65 -11.22 7.75
C ARG B 88 11.28 -10.97 9.21
N GLU B 89 11.08 -9.70 9.59
CA GLU B 89 10.75 -9.38 10.97
C GLU B 89 9.43 -10.05 11.37
N LEU B 90 8.44 -9.96 10.50
CA LEU B 90 7.14 -10.56 10.78
C LEU B 90 7.28 -12.08 10.84
N ILE B 91 8.06 -12.63 9.92
CA ILE B 91 8.30 -14.07 9.91
C ILE B 91 8.95 -14.49 11.23
N THR B 92 9.86 -13.66 11.73
CA THR B 92 10.50 -13.96 13.02
C THR B 92 9.43 -14.07 14.09
N GLU B 93 8.49 -13.13 14.09
CA GLU B 93 7.40 -13.15 15.06
C GLU B 93 6.58 -14.43 14.88
N LEU B 94 6.30 -14.77 13.62
CA LEU B 94 5.54 -15.99 13.33
C LEU B 94 6.27 -17.21 13.87
N ILE B 95 7.59 -17.26 13.68
CA ILE B 95 8.36 -18.38 14.19
C ILE B 95 8.28 -18.46 15.71
N GLU B 96 8.36 -17.30 16.37
CA GLU B 96 8.25 -17.27 17.83
C GLU B 96 6.90 -17.85 18.25
N LEU B 97 5.86 -17.54 17.49
CA LEU B 97 4.52 -18.05 17.79
C LEU B 97 4.52 -19.58 17.69
N HIS B 98 5.19 -20.10 16.66
CA HIS B 98 5.27 -21.55 16.50
C HIS B 98 5.89 -22.17 17.75
N GLU B 99 6.90 -21.48 18.28
CA GLU B 99 7.55 -21.95 19.50
C GLU B 99 6.58 -21.94 20.66
N LYS B 100 5.77 -20.88 20.77
CA LYS B 100 4.79 -20.80 21.84
C LYS B 100 3.72 -21.88 21.65
N LEU B 101 3.39 -22.19 20.39
CA LEU B 101 2.42 -23.25 20.11
C LEU B 101 2.96 -24.60 20.58
N LYS B 102 4.13 -24.57 21.21
CA LYS B 102 4.77 -25.78 21.72
C LYS B 102 5.49 -26.51 20.59
N ALA B 103 4.71 -26.92 19.58
CA ALA B 103 5.25 -27.67 18.43
C ALA B 103 6.64 -27.19 18.04
N ALA C 1 11.12 19.25 -2.05
CA ALA C 1 11.16 20.74 -1.98
C ALA C 1 10.96 21.17 -0.54
N GLU C 2 11.18 22.45 -0.27
CA GLU C 2 11.04 23.02 1.08
C GLU C 2 10.10 22.22 1.98
N GLU C 3 8.81 22.51 1.89
CA GLU C 3 7.83 21.81 2.71
C GLU C 3 7.73 20.34 2.34
N LEU C 4 7.37 20.07 1.08
CA LEU C 4 7.24 18.68 0.63
C LEU C 4 8.38 17.80 1.16
N GLU C 5 9.60 18.32 1.11
CA GLU C 5 10.76 17.57 1.58
C GLU C 5 10.74 17.43 3.10
N GLU C 6 10.47 18.53 3.78
CA GLU C 6 10.41 18.52 5.24
C GLU C 6 9.19 17.70 5.68
N VAL C 7 8.12 17.78 4.89
CA VAL C 7 6.90 17.04 5.17
C VAL C 7 7.17 15.53 5.06
N VAL C 8 7.92 15.14 4.03
CA VAL C 8 8.27 13.74 3.83
C VAL C 8 9.06 13.24 5.04
N MET C 9 10.02 14.04 5.50
CA MET C 9 10.80 13.67 6.66
C MET C 9 9.87 13.40 7.84
N GLY C 10 8.88 14.29 8.01
CA GLY C 10 7.91 14.13 9.08
C GLY C 10 7.12 12.84 8.88
N LEU C 11 6.71 12.59 7.65
CA LEU C 11 5.94 11.37 7.33
C LEU C 11 6.79 10.14 7.59
N ILE C 12 8.05 10.18 7.18
CA ILE C 12 8.94 9.04 7.37
C ILE C 12 9.11 8.78 8.87
N ILE C 13 9.32 9.87 9.61
CA ILE C 13 9.47 9.76 11.06
C ILE C 13 8.16 9.23 11.66
N ASN C 14 7.05 9.81 11.22
CA ASN C 14 5.73 9.40 11.72
C ASN C 14 5.50 7.92 11.43
N SER C 15 5.79 7.51 10.19
CA SER C 15 5.63 6.11 9.81
C SER C 15 6.52 5.24 10.68
N GLY C 16 7.76 5.70 10.90
CA GLY C 16 8.70 4.95 11.73
C GLY C 16 8.18 4.84 13.16
N GLN C 17 7.67 5.95 13.70
CA GLN C 17 7.13 5.92 15.06
C GLN C 17 5.95 4.97 15.12
N ALA C 18 5.12 5.01 14.08
CA ALA C 18 3.96 4.14 14.02
C ALA C 18 4.38 2.67 14.15
N ARG C 19 5.36 2.27 13.33
CA ARG C 19 5.84 0.91 13.40
C ARG C 19 6.41 0.63 14.79
N SER C 20 7.21 1.57 15.28
CA SER C 20 7.81 1.41 16.60
C SER C 20 6.73 1.13 17.65
N LEU C 21 5.66 1.92 17.61
CA LEU C 21 4.56 1.74 18.54
C LEU C 21 3.92 0.37 18.33
N ALA C 22 3.73 0.00 17.06
CA ALA C 22 3.13 -1.29 16.73
C ALA C 22 3.96 -2.44 17.33
N TYR C 23 5.27 -2.43 17.07
CA TYR C 23 6.14 -3.47 17.64
C TYR C 23 6.05 -3.45 19.16
N ALA C 24 6.03 -2.24 19.72
CA ALA C 24 5.92 -2.11 21.17
C ALA C 24 4.59 -2.72 21.62
N ALA C 25 3.54 -2.47 20.85
CA ALA C 25 2.23 -3.03 21.16
C ALA C 25 2.31 -4.55 21.21
N LEU C 26 3.01 -5.12 20.24
CA LEU C 26 3.19 -6.57 20.18
C LEU C 26 3.95 -7.05 21.42
N LYS C 27 4.99 -6.31 21.77
CA LYS C 27 5.79 -6.66 22.94
C LYS C 27 4.90 -6.72 24.19
N GLN C 28 3.99 -5.77 24.31
CA GLN C 28 3.06 -5.75 25.44
C GLN C 28 2.26 -7.04 25.47
N ALA C 29 1.82 -7.47 24.27
CA ALA C 29 1.05 -8.70 24.16
C ALA C 29 1.85 -9.89 24.67
N LYS C 30 3.13 -9.94 24.30
CA LYS C 30 3.99 -11.02 24.76
C LYS C 30 4.07 -11.06 26.28
N GLN C 31 3.98 -9.88 26.90
CA GLN C 31 4.04 -9.80 28.36
C GLN C 31 2.67 -10.17 28.96
N GLY C 32 1.71 -10.44 28.08
CA GLY C 32 0.36 -10.83 28.53
C GLY C 32 -0.47 -9.60 28.89
N ASP C 33 -0.04 -8.43 28.44
CA ASP C 33 -0.76 -7.18 28.70
C ASP C 33 -1.63 -6.80 27.51
N PHE C 34 -2.80 -7.41 27.42
CA PHE C 34 -3.71 -7.14 26.31
C PHE C 34 -4.22 -5.70 26.34
N ALA C 35 -4.43 -5.17 27.54
CA ALA C 35 -4.94 -3.81 27.68
C ALA C 35 -3.97 -2.79 27.08
N ALA C 36 -2.71 -2.89 27.47
CA ALA C 36 -1.71 -1.96 26.96
C ALA C 36 -1.50 -2.17 25.47
N ALA C 37 -1.55 -3.42 25.02
CA ALA C 37 -1.38 -3.71 23.60
C ALA C 37 -2.48 -3.00 22.81
N LYS C 38 -3.72 -3.21 23.22
CA LYS C 38 -4.87 -2.59 22.57
C LYS C 38 -4.72 -1.07 22.49
N ALA C 39 -4.32 -0.45 23.61
CA ALA C 39 -4.16 1.00 23.65
C ALA C 39 -3.06 1.46 22.68
N MET C 40 -1.96 0.72 22.64
CA MET C 40 -0.85 1.06 21.77
C MET C 40 -1.25 0.92 20.30
N MET C 41 -2.03 -0.11 19.99
CA MET C 41 -2.48 -0.31 18.61
C MET C 41 -3.35 0.85 18.16
N ASP C 42 -4.25 1.28 19.04
CA ASP C 42 -5.17 2.36 18.72
C ASP C 42 -4.41 3.63 18.38
N GLN C 43 -3.42 3.97 19.21
CA GLN C 43 -2.61 5.16 18.97
C GLN C 43 -1.83 5.03 17.67
N SER C 44 -1.30 3.85 17.42
CA SER C 44 -0.55 3.60 16.19
C SER C 44 -1.44 3.87 14.98
N ARG C 45 -2.67 3.32 15.03
CA ARG C 45 -3.64 3.50 13.96
C ARG C 45 -3.93 4.99 13.72
N MET C 46 -4.14 5.72 14.81
CA MET C 46 -4.43 7.15 14.72
C MET C 46 -3.26 7.89 14.08
N ALA C 47 -2.04 7.51 14.47
CA ALA C 47 -0.84 8.14 13.91
C ALA C 47 -0.78 7.91 12.40
N LEU C 48 -1.08 6.68 11.98
CA LEU C 48 -1.07 6.33 10.57
C LEU C 48 -2.17 7.06 9.82
N ASN C 49 -3.34 7.15 10.45
CA ASN C 49 -4.48 7.81 9.84
C ASN C 49 -4.14 9.27 9.52
N GLU C 50 -3.51 9.95 10.47
CA GLU C 50 -3.11 11.33 10.26
C GLU C 50 -2.06 11.41 9.16
N ALA C 51 -1.13 10.47 9.19
CA ALA C 51 -0.07 10.43 8.18
C ALA C 51 -0.67 10.15 6.80
N HIS C 52 -1.58 9.19 6.74
CA HIS C 52 -2.25 8.85 5.48
C HIS C 52 -3.02 10.05 4.94
N LEU C 53 -3.69 10.78 5.83
CA LEU C 53 -4.47 11.95 5.43
C LEU C 53 -3.56 12.98 4.76
N VAL C 54 -2.39 13.20 5.35
CA VAL C 54 -1.45 14.16 4.80
C VAL C 54 -0.99 13.67 3.43
N GLN C 55 -0.69 12.38 3.32
CA GLN C 55 -0.26 11.82 2.04
C GLN C 55 -1.38 11.99 1.00
N THR C 56 -2.62 11.74 1.41
CA THR C 56 -3.76 11.88 0.48
C THR C 56 -3.70 13.25 -0.19
N LYS C 57 -3.50 14.29 0.60
CA LYS C 57 -3.40 15.64 0.05
C LYS C 57 -2.20 15.73 -0.88
N LEU C 58 -1.11 15.09 -0.49
CA LEU C 58 0.10 15.11 -1.29
C LEU C 58 -0.08 14.35 -2.61
N ILE C 59 -1.09 13.47 -2.70
CA ILE C 59 -1.33 12.76 -3.95
C ILE C 59 -2.40 13.48 -4.79
N GLU C 60 -3.38 14.10 -4.14
CA GLU C 60 -4.43 14.83 -4.87
C GLU C 60 -3.85 16.03 -5.60
N GLY C 61 -2.89 16.71 -4.98
CA GLY C 61 -2.28 17.89 -5.57
C GLY C 61 -0.83 17.62 -5.97
N ASP C 62 -0.56 16.41 -6.41
CA ASP C 62 0.79 16.03 -6.80
C ASP C 62 1.22 16.75 -8.06
N ALA C 63 0.31 17.49 -8.68
CA ALA C 63 0.63 18.24 -9.90
C ALA C 63 1.30 19.56 -9.56
N GLY C 64 1.78 20.26 -10.59
CA GLY C 64 2.43 21.56 -10.39
C GLY C 64 3.77 21.63 -11.13
N GLU C 65 4.69 20.71 -10.81
CA GLU C 65 5.99 20.70 -11.45
C GLU C 65 5.87 20.38 -12.94
N GLY C 66 4.99 19.45 -13.27
CA GLY C 66 4.80 19.05 -14.66
C GLY C 66 3.45 18.36 -14.86
N LYS C 67 3.12 18.09 -16.11
CA LYS C 67 1.85 17.44 -16.43
C LYS C 67 1.83 16.00 -15.92
N MET C 68 2.44 15.10 -16.70
CA MET C 68 2.48 13.68 -16.36
C MET C 68 3.31 13.38 -15.12
N LYS C 69 4.45 14.07 -14.97
CA LYS C 69 5.34 13.83 -13.84
C LYS C 69 4.79 14.36 -12.52
N VAL C 70 5.20 13.71 -11.43
CA VAL C 70 4.76 14.07 -10.08
C VAL C 70 5.96 14.16 -9.13
N SER C 71 5.72 14.64 -7.91
CA SER C 71 6.80 14.75 -6.93
C SER C 71 7.42 13.38 -6.68
N LEU C 72 8.74 13.30 -6.77
CA LEU C 72 9.45 12.03 -6.61
C LEU C 72 9.31 11.48 -5.19
N VAL C 73 9.40 12.39 -4.22
CA VAL C 73 9.33 12.04 -2.80
C VAL C 73 8.00 11.37 -2.44
N LEU C 74 6.99 11.56 -3.27
CA LEU C 74 5.67 10.97 -2.99
C LEU C 74 5.79 9.49 -2.73
N VAL C 75 6.67 8.86 -3.50
CA VAL C 75 6.91 7.43 -3.38
C VAL C 75 7.57 7.14 -2.04
N HIS C 76 8.62 7.98 -1.60
CA HIS C 76 9.30 7.77 -0.32
C HIS C 76 8.28 7.73 0.82
N ALA C 77 7.36 8.66 0.80
CA ALA C 77 6.32 8.71 1.82
C ALA C 77 5.36 7.53 1.67
N GLN C 78 5.02 7.21 0.42
CA GLN C 78 4.11 6.11 0.16
C GLN C 78 4.74 4.78 0.58
N LEU C 79 5.99 4.58 0.19
CA LEU C 79 6.71 3.36 0.55
C LEU C 79 6.75 3.17 2.06
N HIS C 80 7.13 4.21 2.79
CA HIS C 80 7.20 4.12 4.24
C HIS C 80 5.81 3.94 4.85
N LEU C 81 4.87 4.73 4.38
CA LEU C 81 3.50 4.67 4.89
C LEU C 81 2.85 3.31 4.59
N MET C 82 3.01 2.84 3.37
CA MET C 82 2.42 1.55 2.98
C MET C 82 3.01 0.42 3.82
N THR C 83 4.32 0.45 3.99
CA THR C 83 5.00 -0.58 4.76
C THR C 83 4.54 -0.55 6.22
N SER C 84 4.53 0.64 6.80
CA SER C 84 4.12 0.80 8.20
C SER C 84 2.67 0.37 8.42
N MET C 85 1.76 0.84 7.56
CA MET C 85 0.35 0.48 7.70
C MET C 85 0.16 -1.04 7.61
N LEU C 86 0.80 -1.65 6.63
CA LEU C 86 0.70 -3.09 6.43
C LEU C 86 1.24 -3.83 7.65
N ALA C 87 2.42 -3.42 8.10
CA ALA C 87 3.05 -4.04 9.25
C ALA C 87 2.13 -3.96 10.47
N ARG C 88 1.61 -2.77 10.71
CA ARG C 88 0.74 -2.55 11.84
C ARG C 88 -0.50 -3.47 11.77
N GLU C 89 -1.11 -3.56 10.59
CA GLU C 89 -2.29 -4.42 10.44
C GLU C 89 -1.95 -5.88 10.74
N LEU C 90 -0.82 -6.35 10.20
CA LEU C 90 -0.40 -7.72 10.44
C LEU C 90 -0.07 -7.92 11.91
N ILE C 91 0.60 -6.95 12.49
CA ILE C 91 0.95 -7.02 13.90
C ILE C 91 -0.33 -7.12 14.73
N THR C 92 -1.36 -6.39 14.32
CA THR C 92 -2.64 -6.46 15.02
C THR C 92 -3.15 -7.89 14.99
N GLU C 93 -3.06 -8.53 13.83
CA GLU C 93 -3.50 -9.92 13.70
C GLU C 93 -2.66 -10.82 14.62
N LEU C 94 -1.36 -10.56 14.63
CA LEU C 94 -0.45 -11.34 15.47
C LEU C 94 -0.84 -11.20 16.94
N ILE C 95 -1.16 -9.98 17.35
CA ILE C 95 -1.57 -9.73 18.73
C ILE C 95 -2.86 -10.51 19.05
N GLU C 96 -3.80 -10.48 18.12
CA GLU C 96 -5.05 -11.21 18.31
C GLU C 96 -4.75 -12.70 18.53
N LEU C 97 -3.78 -13.21 17.77
CA LEU C 97 -3.39 -14.61 17.91
C LEU C 97 -2.85 -14.87 19.32
N HIS C 98 -2.05 -13.94 19.83
CA HIS C 98 -1.52 -14.09 21.18
C HIS C 98 -2.68 -14.22 22.16
N GLU C 99 -3.73 -13.44 21.92
CA GLU C 99 -4.90 -13.49 22.78
C GLU C 99 -5.57 -14.87 22.68
N LYS C 100 -5.65 -15.41 21.46
CA LYS C 100 -6.25 -16.72 21.29
C LYS C 100 -5.38 -17.78 21.95
N LEU C 101 -4.05 -17.58 21.91
CA LEU C 101 -3.12 -18.52 22.55
C LEU C 101 -3.37 -18.53 24.06
N LYS C 102 -4.36 -17.76 24.51
CA LYS C 102 -4.70 -17.67 25.93
C LYS C 102 -3.78 -16.68 26.63
N ALA C 103 -2.48 -16.99 26.61
CA ALA C 103 -1.45 -16.16 27.26
C ALA C 103 -1.80 -14.67 27.21
N LYS D 1 -19.97 26.95 -1.17
CA LYS D 1 -19.08 26.05 -1.96
C LYS D 1 -19.44 24.59 -1.78
N LYS D 2 -19.77 23.94 -2.87
CA LYS D 2 -20.15 22.54 -2.84
C LYS D 2 -18.93 21.62 -2.88
N HIS D 3 -19.02 20.49 -2.19
CA HIS D 3 -17.93 19.52 -2.13
C HIS D 3 -18.12 18.37 -3.08
N ILE D 4 -17.20 18.26 -4.03
CA ILE D 4 -17.22 17.18 -4.99
C ILE D 4 -16.07 16.24 -4.61
N TYR D 5 -16.39 15.03 -4.18
CA TYR D 5 -15.38 14.06 -3.78
C TYR D 5 -15.33 12.90 -4.76
N LEU D 6 -14.13 12.60 -5.26
CA LEU D 6 -13.90 11.48 -6.19
C LEU D 6 -13.25 10.35 -5.40
N PHE D 7 -13.57 9.08 -5.75
CA PHE D 7 -12.87 7.95 -5.13
C PHE D 7 -12.21 7.05 -6.17
N CYS D 8 -11.07 6.43 -5.73
CA CYS D 8 -10.32 5.42 -6.46
C CYS D 8 -9.54 4.55 -5.47
N SER D 9 -8.66 3.65 -5.86
CA SER D 9 -8.07 2.82 -4.80
C SER D 9 -7.19 3.64 -3.87
N ALA D 10 -6.21 4.40 -4.40
CA ALA D 10 -5.31 5.13 -3.51
C ALA D 10 -5.61 6.61 -3.59
N GLY D 11 -5.97 7.11 -4.77
CA GLY D 11 -6.29 8.51 -4.96
C GLY D 11 -5.24 9.21 -5.82
N MET D 12 -4.56 8.50 -6.70
CA MET D 12 -3.53 9.13 -7.54
C MET D 12 -4.00 9.32 -8.98
N SER D 13 -4.08 8.25 -9.71
CA SER D 13 -4.50 8.35 -11.11
C SER D 13 -5.71 9.29 -11.27
N THR D 14 -6.45 9.49 -10.19
CA THR D 14 -7.62 10.37 -10.31
C THR D 14 -7.22 11.77 -9.88
N SER D 15 -6.09 11.83 -9.22
CA SER D 15 -5.48 13.09 -8.76
C SER D 15 -5.20 14.03 -9.93
N LEU D 16 -4.82 13.46 -11.06
CA LEU D 16 -4.55 14.26 -12.24
C LEU D 16 -5.88 14.86 -12.76
N LEU D 17 -6.96 14.07 -12.72
CA LEU D 17 -8.28 14.55 -13.14
C LEU D 17 -8.75 15.68 -12.19
N VAL D 18 -8.54 15.48 -10.88
CA VAL D 18 -8.91 16.50 -9.89
C VAL D 18 -8.18 17.83 -10.15
N SER D 19 -6.89 17.79 -10.47
CA SER D 19 -6.17 19.03 -10.74
C SER D 19 -6.73 19.77 -11.98
N LYS D 20 -7.12 19.03 -13.02
CA LYS D 20 -7.71 19.66 -14.20
C LYS D 20 -9.12 20.20 -13.91
N MET D 21 -9.87 19.50 -13.07
CA MET D 21 -11.22 20.00 -12.73
C MET D 21 -11.08 21.31 -11.94
N ARG D 22 -10.13 21.39 -11.02
CA ARG D 22 -9.91 22.60 -10.21
C ARG D 22 -9.56 23.79 -11.12
N ALA D 23 -8.79 23.54 -12.18
CA ALA D 23 -8.39 24.59 -13.11
C ALA D 23 -9.63 25.14 -13.81
N GLN D 24 -10.50 24.24 -14.24
CA GLN D 24 -11.72 24.61 -14.91
C GLN D 24 -12.67 25.35 -14.00
N ALA D 25 -12.80 24.88 -12.77
CA ALA D 25 -13.69 25.53 -11.80
C ALA D 25 -13.24 26.96 -11.55
N GLU D 26 -11.93 27.20 -11.60
CA GLU D 26 -11.39 28.54 -11.36
C GLU D 26 -11.65 29.43 -12.57
N LYS D 27 -11.43 28.88 -13.76
CA LYS D 27 -11.63 29.59 -14.99
C LYS D 27 -13.07 30.10 -15.12
N TYR D 28 -14.05 29.29 -14.72
CA TYR D 28 -15.48 29.69 -14.80
C TYR D 28 -16.13 30.10 -13.49
N GLU D 29 -15.33 30.35 -12.46
CA GLU D 29 -15.81 30.78 -11.15
C GLU D 29 -16.89 29.89 -10.51
N VAL D 30 -16.76 28.58 -10.66
CA VAL D 30 -17.70 27.63 -10.08
C VAL D 30 -17.27 27.48 -8.62
N PRO D 31 -18.19 27.73 -7.67
CA PRO D 31 -17.91 27.64 -6.23
C PRO D 31 -17.93 26.21 -5.68
N VAL D 32 -16.88 25.46 -6.01
CA VAL D 32 -16.75 24.08 -5.57
C VAL D 32 -15.38 23.76 -5.01
N ILE D 33 -15.35 22.75 -4.14
CA ILE D 33 -14.13 22.22 -3.55
C ILE D 33 -14.09 20.77 -4.09
N ILE D 34 -12.98 20.40 -4.71
CA ILE D 34 -12.79 19.07 -5.32
C ILE D 34 -11.61 18.31 -4.66
N GLU D 35 -11.86 17.09 -4.18
CA GLU D 35 -10.83 16.27 -3.52
C GLU D 35 -10.93 14.82 -4.00
N ALA D 36 -9.78 14.14 -4.09
CA ALA D 36 -9.71 12.73 -4.50
C ALA D 36 -9.34 11.92 -3.25
N PHE D 37 -9.93 10.74 -3.09
CA PHE D 37 -9.64 9.87 -1.95
C PHE D 37 -9.66 8.44 -2.43
N PRO D 38 -9.08 7.53 -1.64
CA PRO D 38 -9.07 6.11 -2.02
C PRO D 38 -10.49 5.61 -1.70
N GLU D 39 -10.91 4.54 -2.35
CA GLU D 39 -12.24 3.96 -2.13
C GLU D 39 -12.51 3.54 -0.69
N THR D 40 -11.46 3.29 0.09
CA THR D 40 -11.63 2.88 1.48
C THR D 40 -12.26 3.95 2.37
N LEU D 41 -12.19 5.21 1.94
CA LEU D 41 -12.77 6.32 2.70
C LEU D 41 -14.15 6.77 2.20
N ALA D 42 -14.74 6.07 1.21
CA ALA D 42 -16.05 6.45 0.63
C ALA D 42 -17.14 6.64 1.68
N GLY D 43 -17.12 5.80 2.71
CA GLY D 43 -18.13 5.91 3.75
C GLY D 43 -17.81 6.98 4.77
N GLU D 44 -16.53 7.16 5.08
CA GLU D 44 -16.15 8.15 6.07
C GLU D 44 -16.16 9.59 5.49
N LYS D 45 -15.52 9.77 4.34
CA LYS D 45 -15.46 11.08 3.70
C LYS D 45 -16.73 11.45 2.92
N GLY D 46 -17.38 10.46 2.32
CA GLY D 46 -18.60 10.70 1.55
C GLY D 46 -19.69 11.43 2.29
N GLN D 47 -19.77 11.23 3.60
CA GLN D 47 -20.79 11.89 4.43
C GLN D 47 -20.74 13.42 4.34
N ASN D 48 -19.59 13.97 3.95
CA ASN D 48 -19.43 15.41 3.87
C ASN D 48 -19.45 15.95 2.45
N ALA D 49 -19.66 15.08 1.48
CA ALA D 49 -19.67 15.54 0.10
C ALA D 49 -21.06 15.97 -0.30
N ASP D 50 -21.11 16.82 -1.31
CA ASP D 50 -22.38 17.25 -1.83
C ASP D 50 -22.73 16.32 -2.99
N VAL D 51 -21.69 15.73 -3.60
CA VAL D 51 -21.88 14.75 -4.67
C VAL D 51 -20.68 13.78 -4.61
N VAL D 52 -20.98 12.49 -4.70
CA VAL D 52 -19.97 11.44 -4.66
C VAL D 52 -19.78 10.85 -6.06
N LEU D 53 -18.55 10.92 -6.57
CA LEU D 53 -18.24 10.38 -7.88
C LEU D 53 -17.30 9.18 -7.73
N LEU D 54 -17.60 8.08 -8.42
CA LEU D 54 -16.75 6.88 -8.36
C LEU D 54 -15.96 6.73 -9.63
N GLY D 55 -14.69 6.35 -9.51
CA GLY D 55 -13.84 6.18 -10.68
C GLY D 55 -14.39 5.02 -11.49
N PRO D 56 -14.13 4.94 -12.76
CA PRO D 56 -14.66 3.84 -13.62
C PRO D 56 -14.24 2.42 -13.18
N GLN D 57 -13.07 2.31 -12.54
CA GLN D 57 -12.57 1.02 -12.08
C GLN D 57 -13.39 0.49 -10.90
N ILE D 58 -14.04 1.38 -10.15
CA ILE D 58 -14.82 0.94 -9.01
C ILE D 58 -16.34 1.02 -9.23
N ALA D 59 -16.75 0.99 -10.49
CA ALA D 59 -18.17 1.04 -10.83
C ALA D 59 -18.94 -0.11 -10.19
N TYR D 60 -18.34 -1.30 -10.13
CA TYR D 60 -19.04 -2.44 -9.55
C TYR D 60 -19.46 -2.21 -8.09
N MET D 61 -18.84 -1.23 -7.44
CA MET D 61 -19.15 -0.89 -6.05
C MET D 61 -20.33 0.08 -5.87
N LEU D 62 -20.89 0.58 -6.97
CA LEU D 62 -21.99 1.54 -6.90
C LEU D 62 -23.13 1.19 -5.93
N PRO D 63 -23.73 -0.02 -6.05
CA PRO D 63 -24.82 -0.37 -5.12
C PRO D 63 -24.43 -0.30 -3.65
N GLU D 64 -23.22 -0.72 -3.30
CA GLU D 64 -22.77 -0.68 -1.91
C GLU D 64 -22.60 0.74 -1.42
N ILE D 65 -22.02 1.59 -2.25
CA ILE D 65 -21.83 2.99 -1.85
C ILE D 65 -23.16 3.74 -1.71
N GLN D 66 -24.12 3.42 -2.59
CA GLN D 66 -25.46 4.00 -2.52
C GLN D 66 -26.13 3.64 -1.18
N ARG D 67 -26.00 2.39 -0.73
CA ARG D 67 -26.60 1.98 0.55
C ARG D 67 -25.89 2.63 1.74
N LEU D 68 -24.60 2.88 1.59
CA LEU D 68 -23.77 3.49 2.64
C LEU D 68 -24.11 4.97 2.82
N LEU D 69 -24.39 5.65 1.70
CA LEU D 69 -24.73 7.09 1.68
C LEU D 69 -26.11 7.27 1.01
N PRO D 70 -27.20 6.87 1.69
CA PRO D 70 -28.55 6.99 1.13
C PRO D 70 -29.03 8.44 0.93
N ASN D 71 -28.35 9.38 1.56
CA ASN D 71 -28.75 10.79 1.44
C ASN D 71 -27.82 11.63 0.57
N LYS D 72 -27.08 10.99 -0.33
CA LYS D 72 -26.14 11.69 -1.21
C LYS D 72 -26.26 11.20 -2.63
N PRO D 73 -26.13 12.10 -3.63
CA PRO D 73 -26.21 11.62 -5.02
C PRO D 73 -24.85 10.97 -5.27
N VAL D 74 -24.87 9.73 -5.75
CA VAL D 74 -23.64 8.96 -6.02
C VAL D 74 -23.64 8.48 -7.46
N GLU D 75 -22.58 8.72 -8.19
CA GLU D 75 -22.53 8.22 -9.55
C GLU D 75 -21.13 7.95 -10.07
N VAL D 76 -21.06 7.12 -11.10
CA VAL D 76 -19.80 6.72 -11.71
C VAL D 76 -19.40 7.72 -12.78
N ILE D 77 -18.11 8.03 -12.84
CA ILE D 77 -17.58 8.96 -13.83
C ILE D 77 -17.54 8.27 -15.17
N ASP D 78 -17.96 8.97 -16.21
CA ASP D 78 -17.94 8.40 -17.55
C ASP D 78 -16.51 7.95 -17.89
N SER D 79 -16.33 6.69 -18.28
CA SER D 79 -14.99 6.17 -18.58
C SER D 79 -14.18 6.90 -19.65
N LEU D 80 -14.87 7.44 -20.65
CA LEU D 80 -14.19 8.17 -21.73
C LEU D 80 -13.73 9.53 -21.23
N LEU D 81 -14.58 10.18 -20.45
CA LEU D 81 -14.26 11.49 -19.90
C LEU D 81 -13.10 11.33 -18.94
N TYR D 82 -13.10 10.21 -18.22
CA TYR D 82 -12.04 9.90 -17.25
C TYR D 82 -10.71 9.58 -17.95
N GLY D 83 -10.75 8.68 -18.92
CA GLY D 83 -9.54 8.32 -19.64
C GLY D 83 -8.87 9.50 -20.31
N LYS D 84 -9.68 10.37 -20.87
CA LYS D 84 -9.22 11.56 -21.59
C LYS D 84 -8.79 12.70 -20.65
N VAL D 85 -9.07 12.52 -19.35
CA VAL D 85 -8.77 13.52 -18.31
C VAL D 85 -9.47 14.86 -18.61
N ASP D 86 -10.76 14.77 -18.94
CA ASP D 86 -11.57 15.95 -19.28
C ASP D 86 -12.09 16.63 -18.03
N GLY D 87 -11.29 17.56 -17.51
CA GLY D 87 -11.64 18.31 -16.31
C GLY D 87 -12.94 19.07 -16.45
N LEU D 88 -13.16 19.73 -17.60
CA LEU D 88 -14.39 20.49 -17.80
C LEU D 88 -15.63 19.58 -17.87
N GLY D 89 -15.50 18.50 -18.64
CA GLY D 89 -16.59 17.56 -18.81
C GLY D 89 -17.07 16.91 -17.53
N VAL D 90 -16.12 16.49 -16.69
CA VAL D 90 -16.48 15.84 -15.42
C VAL D 90 -17.04 16.88 -14.45
N LEU D 91 -16.47 18.08 -14.49
CA LEU D 91 -16.97 19.15 -13.63
C LEU D 91 -18.46 19.39 -14.00
N LYS D 92 -18.76 19.42 -15.30
CA LYS D 92 -20.15 19.61 -15.75
C LYS D 92 -21.09 18.52 -15.24
N ALA D 93 -20.64 17.27 -15.30
CA ALA D 93 -21.47 16.14 -14.85
C ALA D 93 -21.76 16.21 -13.35
N ALA D 94 -20.78 16.72 -12.60
CA ALA D 94 -20.90 16.82 -11.15
C ALA D 94 -21.90 17.90 -10.75
N VAL D 95 -21.80 19.06 -11.40
CA VAL D 95 -22.72 20.17 -11.13
C VAL D 95 -24.13 19.69 -11.49
N ALA D 96 -24.25 18.98 -12.61
CA ALA D 96 -25.54 18.45 -13.04
C ALA D 96 -26.13 17.51 -11.99
N ALA D 97 -25.33 16.57 -11.49
CA ALA D 97 -25.85 15.64 -10.49
C ALA D 97 -26.36 16.40 -9.26
N ILE D 98 -25.70 17.51 -8.93
CA ILE D 98 -26.12 18.32 -7.78
C ILE D 98 -27.46 19.01 -8.03
N LYS D 99 -27.63 19.58 -9.24
CA LYS D 99 -28.87 20.26 -9.62
C LYS D 99 -30.01 19.26 -9.71
N LYS D 100 -29.80 18.19 -10.45
CA LYS D 100 -30.83 17.18 -10.59
C LYS D 100 -31.20 16.60 -9.22
N ALA D 101 -30.34 16.79 -8.23
CA ALA D 101 -30.58 16.28 -6.88
C ALA D 101 -31.37 17.24 -6.00
N ALA D 102 -31.14 18.54 -6.18
CA ALA D 102 -31.83 19.57 -5.43
C ALA D 102 -33.22 19.88 -6.02
N ALA D 103 -33.60 19.13 -7.06
CA ALA D 103 -34.88 19.29 -7.72
C ALA D 103 -35.05 18.26 -8.85
P PO3 E . -4.81 5.44 -7.20
O1 PO3 E . -4.76 5.99 -8.62
O2 PO3 E . -4.22 6.23 -6.06
O3 PO3 E . -5.28 4.02 -6.96
N ALA A 1 0.74 7.29 -18.60
CA ALA A 1 0.24 7.59 -19.96
C ALA A 1 -1.09 6.86 -20.17
N GLU A 2 -1.77 7.18 -21.26
CA GLU A 2 -3.08 6.58 -21.60
C GLU A 2 -3.28 5.20 -20.95
N GLU A 3 -2.80 4.17 -21.63
CA GLU A 3 -2.95 2.80 -21.13
C GLU A 3 -2.16 2.60 -19.84
N LEU A 4 -0.84 2.78 -19.91
CA LEU A 4 0.01 2.60 -18.74
C LEU A 4 -0.63 3.20 -17.48
N GLU A 5 -1.21 4.38 -17.61
CA GLU A 5 -1.84 5.05 -16.47
C GLU A 5 -3.12 4.34 -16.08
N GLU A 6 -3.94 4.01 -17.07
CA GLU A 6 -5.19 3.30 -16.82
C GLU A 6 -4.88 1.88 -16.34
N VAL A 7 -3.80 1.31 -16.88
CA VAL A 7 -3.37 -0.03 -16.50
C VAL A 7 -2.93 -0.05 -15.03
N VAL A 8 -2.20 0.99 -14.63
CA VAL A 8 -1.73 1.10 -13.25
C VAL A 8 -2.95 1.16 -12.33
N MET A 9 -3.95 1.96 -12.70
CA MET A 9 -5.17 2.06 -11.90
C MET A 9 -5.77 0.67 -11.73
N GLY A 10 -5.81 -0.09 -12.82
CA GLY A 10 -6.34 -1.45 -12.77
C GLY A 10 -5.49 -2.31 -11.83
N LEU A 11 -4.17 -2.17 -11.95
CA LEU A 11 -3.26 -2.93 -11.10
C LEU A 11 -3.45 -2.56 -9.64
N ILE A 12 -3.57 -1.27 -9.37
CA ILE A 12 -3.76 -0.80 -8.00
C ILE A 12 -5.06 -1.36 -7.46
N ILE A 13 -6.11 -1.29 -8.26
CA ILE A 13 -7.40 -1.82 -7.85
C ILE A 13 -7.30 -3.33 -7.65
N ASN A 14 -6.65 -4.01 -8.60
CA ASN A 14 -6.47 -5.45 -8.53
C ASN A 14 -5.71 -5.82 -7.26
N SER A 15 -4.61 -5.11 -7.03
CA SER A 15 -3.81 -5.35 -5.83
C SER A 15 -4.65 -5.14 -4.57
N GLY A 16 -5.44 -4.06 -4.60
CA GLY A 16 -6.32 -3.75 -3.47
C GLY A 16 -7.35 -4.86 -3.26
N GLN A 17 -7.95 -5.32 -4.36
CA GLN A 17 -8.94 -6.40 -4.27
C GLN A 17 -8.27 -7.65 -3.72
N ALA A 18 -7.05 -7.92 -4.18
CA ALA A 18 -6.31 -9.09 -3.72
C ALA A 18 -6.15 -9.04 -2.21
N ARG A 19 -5.70 -7.91 -1.69
CA ARG A 19 -5.55 -7.77 -0.25
C ARG A 19 -6.90 -7.95 0.43
N SER A 20 -7.91 -7.28 -0.11
CA SER A 20 -9.25 -7.36 0.44
C SER A 20 -9.68 -8.83 0.57
N LEU A 21 -9.47 -9.59 -0.49
CA LEU A 21 -9.81 -11.01 -0.48
C LEU A 21 -8.97 -11.74 0.58
N ALA A 22 -7.69 -11.40 0.63
CA ALA A 22 -6.79 -12.03 1.60
C ALA A 22 -7.30 -11.80 3.03
N TYR A 23 -7.59 -10.55 3.38
CA TYR A 23 -8.10 -10.25 4.72
C TYR A 23 -9.41 -11.00 4.93
N ALA A 24 -10.25 -11.03 3.90
CA ALA A 24 -11.51 -11.73 3.99
C ALA A 24 -11.24 -13.22 4.25
N ALA A 25 -10.23 -13.75 3.56
CA ALA A 25 -9.84 -15.14 3.75
C ALA A 25 -9.48 -15.38 5.21
N LEU A 26 -8.72 -14.46 5.78
CA LEU A 26 -8.32 -14.57 7.18
C LEU A 26 -9.56 -14.55 8.07
N LYS A 27 -10.48 -13.64 7.77
CA LYS A 27 -11.71 -13.53 8.54
C LYS A 27 -12.45 -14.87 8.56
N GLN A 28 -12.48 -15.54 7.41
CA GLN A 28 -13.15 -16.84 7.31
C GLN A 28 -12.48 -17.81 8.28
N ALA A 29 -11.15 -17.75 8.35
CA ALA A 29 -10.39 -18.62 9.24
C ALA A 29 -10.80 -18.38 10.69
N LYS A 30 -10.95 -17.12 11.05
CA LYS A 30 -11.36 -16.77 12.41
C LYS A 30 -12.72 -17.37 12.73
N GLN A 31 -13.58 -17.50 11.72
CA GLN A 31 -14.89 -18.08 11.93
C GLN A 31 -14.80 -19.60 11.96
N GLY A 32 -13.60 -20.12 11.77
CA GLY A 32 -13.37 -21.56 11.81
C GLY A 32 -13.71 -22.21 10.47
N ASP A 33 -13.83 -21.40 9.43
CA ASP A 33 -14.15 -21.90 8.09
C ASP A 33 -12.88 -22.06 7.26
N PHE A 34 -12.18 -23.18 7.47
CA PHE A 34 -10.93 -23.42 6.73
C PHE A 34 -11.18 -23.60 5.24
N ALA A 35 -12.31 -24.21 4.89
CA ALA A 35 -12.63 -24.46 3.49
C ALA A 35 -12.77 -23.14 2.72
N ALA A 36 -13.56 -22.23 3.26
CA ALA A 36 -13.76 -20.95 2.60
C ALA A 36 -12.46 -20.14 2.60
N ALA A 37 -11.70 -20.23 3.68
CA ALA A 37 -10.43 -19.52 3.75
C ALA A 37 -9.52 -19.99 2.60
N LYS A 38 -9.36 -21.30 2.49
CA LYS A 38 -8.53 -21.90 1.45
C LYS A 38 -8.96 -21.42 0.06
N ALA A 39 -10.26 -21.45 -0.21
CA ALA A 39 -10.77 -21.03 -1.51
C ALA A 39 -10.47 -19.57 -1.79
N MET A 40 -10.61 -18.74 -0.76
CA MET A 40 -10.36 -17.30 -0.90
C MET A 40 -8.88 -17.03 -1.18
N MET A 41 -7.98 -17.76 -0.50
CA MET A 41 -6.55 -17.56 -0.72
C MET A 41 -6.19 -17.92 -2.15
N ASP A 42 -6.77 -19.01 -2.65
CA ASP A 42 -6.47 -19.48 -3.99
C ASP A 42 -6.83 -18.42 -5.02
N GLN A 43 -8.03 -17.87 -4.88
CA GLN A 43 -8.48 -16.82 -5.80
C GLN A 43 -7.61 -15.59 -5.67
N SER A 44 -7.25 -15.24 -4.44
CA SER A 44 -6.40 -14.08 -4.20
C SER A 44 -5.06 -14.28 -4.91
N ARG A 45 -4.49 -15.47 -4.78
CA ARG A 45 -3.22 -15.82 -5.43
C ARG A 45 -3.32 -15.66 -6.95
N MET A 46 -4.40 -16.18 -7.51
CA MET A 46 -4.63 -16.11 -8.95
C MET A 46 -4.72 -14.65 -9.40
N ALA A 47 -5.41 -13.83 -8.62
CA ALA A 47 -5.56 -12.41 -8.94
C ALA A 47 -4.19 -11.74 -9.00
N LEU A 48 -3.35 -12.05 -8.02
CA LEU A 48 -2.00 -11.49 -7.95
C LEU A 48 -1.15 -11.98 -9.12
N ASN A 49 -1.29 -13.26 -9.41
CA ASN A 49 -0.51 -13.87 -10.48
C ASN A 49 -0.77 -13.15 -11.80
N GLU A 50 -2.04 -12.89 -12.07
CA GLU A 50 -2.41 -12.17 -13.29
C GLU A 50 -1.86 -10.75 -13.23
N ALA A 51 -1.97 -10.13 -12.05
CA ALA A 51 -1.47 -8.77 -11.87
C ALA A 51 0.06 -8.75 -12.05
N HIS A 52 0.73 -9.71 -11.44
CA HIS A 52 2.19 -9.81 -11.54
C HIS A 52 2.61 -10.01 -13.00
N LEU A 53 1.86 -10.83 -13.72
CA LEU A 53 2.16 -11.11 -15.12
C LEU A 53 2.11 -9.82 -15.93
N VAL A 54 1.08 -9.02 -15.68
CA VAL A 54 0.94 -7.75 -16.38
C VAL A 54 2.11 -6.84 -16.04
N GLN A 55 2.46 -6.79 -14.76
CA GLN A 55 3.59 -5.96 -14.34
C GLN A 55 4.88 -6.45 -15.01
N THR A 56 5.08 -7.76 -15.08
CA THR A 56 6.28 -8.32 -15.72
C THR A 56 6.46 -7.71 -17.11
N LYS A 57 5.37 -7.66 -17.88
CA LYS A 57 5.43 -7.06 -19.22
C LYS A 57 5.76 -5.59 -19.10
N LEU A 58 5.18 -4.94 -18.10
CA LEU A 58 5.43 -3.52 -17.90
C LEU A 58 6.87 -3.24 -17.48
N ILE A 59 7.58 -4.25 -16.98
CA ILE A 59 8.99 -4.06 -16.60
C ILE A 59 9.93 -4.47 -17.76
N GLU A 60 9.55 -5.49 -18.53
CA GLU A 60 10.37 -5.95 -19.66
C GLU A 60 10.46 -4.88 -20.74
N GLY A 61 9.34 -4.20 -21.01
CA GLY A 61 9.31 -3.17 -22.03
C GLY A 61 9.20 -1.78 -21.42
N ASP A 62 9.80 -1.60 -20.24
CA ASP A 62 9.75 -0.32 -19.54
C ASP A 62 10.49 0.78 -20.32
N ALA A 63 11.17 0.39 -21.40
CA ALA A 63 11.90 1.36 -22.21
C ALA A 63 10.97 2.06 -23.19
N GLY A 64 11.49 3.07 -23.89
CA GLY A 64 10.68 3.81 -24.86
C GLY A 64 10.81 5.32 -24.66
N GLU A 65 10.45 5.80 -23.47
CA GLU A 65 10.53 7.23 -23.19
C GLU A 65 11.97 7.72 -23.18
N GLY A 66 12.86 6.90 -22.64
CA GLY A 66 14.28 7.27 -22.58
C GLY A 66 15.15 6.04 -22.36
N LYS A 67 16.47 6.25 -22.44
CA LYS A 67 17.41 5.15 -22.27
C LYS A 67 17.39 4.63 -20.82
N MET A 68 18.11 5.32 -19.94
CA MET A 68 18.20 4.93 -18.54
C MET A 68 16.88 5.05 -17.79
N LYS A 69 16.13 6.12 -18.08
CA LYS A 69 14.87 6.35 -17.37
C LYS A 69 13.76 5.39 -17.80
N VAL A 70 12.84 5.14 -16.87
CA VAL A 70 11.71 4.23 -17.10
C VAL A 70 10.41 4.88 -16.65
N SER A 71 9.28 4.23 -16.95
CA SER A 71 7.98 4.77 -16.55
C SER A 71 7.94 4.91 -15.03
N LEU A 72 7.54 6.10 -14.57
CA LEU A 72 7.48 6.40 -13.14
C LEU A 72 6.43 5.55 -12.41
N VAL A 73 5.30 5.39 -13.07
CA VAL A 73 4.18 4.62 -12.52
C VAL A 73 4.55 3.16 -12.22
N LEU A 74 5.63 2.69 -12.80
CA LEU A 74 6.07 1.32 -12.52
C LEU A 74 6.21 1.09 -11.02
N VAL A 75 6.60 2.16 -10.32
CA VAL A 75 6.79 2.11 -8.89
C VAL A 75 5.43 1.96 -8.20
N HIS A 76 4.17 2.93 -8.61
CA HIS A 76 2.80 2.87 -8.04
C HIS A 76 2.26 1.45 -8.16
N ALA A 77 2.64 0.75 -9.23
CA ALA A 77 2.19 -0.61 -9.46
C ALA A 77 3.03 -1.59 -8.65
N GLN A 78 4.37 -1.48 -8.72
CA GLN A 78 5.24 -2.41 -8.02
C GLN A 78 5.00 -2.32 -6.51
N LEU A 79 4.96 -1.09 -6.01
CA LEU A 79 4.72 -0.86 -4.59
C LEU A 79 3.44 -1.54 -4.13
N HIS A 80 2.35 -1.32 -4.85
CA HIS A 80 1.08 -1.91 -4.47
C HIS A 80 1.12 -3.44 -4.62
N LEU A 81 1.65 -3.90 -5.74
CA LEU A 81 1.74 -5.34 -5.99
C LEU A 81 2.64 -6.04 -4.98
N MET A 82 3.80 -5.45 -4.70
CA MET A 82 4.74 -6.05 -3.75
C MET A 82 4.11 -6.14 -2.37
N THR A 83 3.46 -5.05 -1.96
CA THR A 83 2.81 -5.00 -0.65
C THR A 83 1.69 -6.04 -0.56
N SER A 84 0.84 -6.07 -1.58
CA SER A 84 -0.29 -7.01 -1.61
C SER A 84 0.20 -8.46 -1.60
N MET A 85 1.16 -8.78 -2.45
CA MET A 85 1.69 -10.14 -2.51
C MET A 85 2.26 -10.57 -1.18
N LEU A 86 3.07 -9.70 -0.59
CA LEU A 86 3.68 -10.00 0.70
C LEU A 86 2.61 -10.19 1.78
N ALA A 87 1.64 -9.28 1.79
CA ALA A 87 0.56 -9.36 2.76
C ALA A 87 -0.15 -10.70 2.67
N ARG A 88 -0.49 -11.10 1.47
CA ARG A 88 -1.18 -12.37 1.27
C ARG A 88 -0.35 -13.55 1.78
N GLU A 89 0.93 -13.57 1.45
CA GLU A 89 1.77 -14.67 1.88
C GLU A 89 1.79 -14.78 3.39
N LEU A 90 1.95 -13.65 4.06
CA LEU A 90 1.96 -13.64 5.51
C LEU A 90 0.58 -14.03 6.05
N ILE A 91 -0.46 -13.51 5.42
CA ILE A 91 -1.82 -13.85 5.84
C ILE A 91 -2.03 -15.35 5.69
N THR A 92 -1.50 -15.92 4.61
CA THR A 92 -1.60 -17.37 4.40
C THR A 92 -0.98 -18.10 5.59
N GLU A 93 0.20 -17.64 6.01
CA GLU A 93 0.88 -18.23 7.16
C GLU A 93 0.02 -18.08 8.40
N LEU A 94 -0.57 -16.89 8.56
CA LEU A 94 -1.43 -16.62 9.72
C LEU A 94 -2.62 -17.59 9.71
N ILE A 95 -3.20 -17.80 8.55
CA ILE A 95 -4.34 -18.73 8.44
C ILE A 95 -3.90 -20.14 8.83
N GLU A 96 -2.72 -20.56 8.36
CA GLU A 96 -2.22 -21.88 8.71
C GLU A 96 -2.08 -22.00 10.22
N LEU A 97 -1.64 -20.91 10.87
CA LEU A 97 -1.51 -20.92 12.32
C LEU A 97 -2.88 -21.12 12.98
N HIS A 98 -3.89 -20.46 12.44
CA HIS A 98 -5.25 -20.62 12.98
C HIS A 98 -5.63 -22.08 12.92
N GLU A 99 -5.25 -22.75 11.84
CA GLU A 99 -5.55 -24.17 11.68
C GLU A 99 -4.81 -24.98 12.74
N LYS A 100 -3.56 -24.62 13.01
CA LYS A 100 -2.79 -25.32 14.02
C LYS A 100 -3.39 -25.06 15.41
N LEU A 101 -3.92 -23.84 15.61
CA LEU A 101 -4.56 -23.49 16.88
C LEU A 101 -5.80 -24.37 17.09
N LYS A 102 -6.02 -25.30 16.15
CA LYS A 102 -7.18 -26.20 16.21
C LYS A 102 -8.43 -25.52 15.71
N ALA A 103 -8.82 -24.42 16.39
CA ALA A 103 -10.03 -23.67 16.04
C ALA A 103 -10.30 -23.65 14.53
N ALA B 1 22.66 3.11 -13.51
CA ALA B 1 23.97 3.34 -14.19
C ALA B 1 24.86 2.13 -13.94
N GLU B 2 26.00 2.08 -14.64
CA GLU B 2 26.95 0.97 -14.53
C GLU B 2 26.86 0.24 -13.18
N GLU B 3 27.57 0.74 -12.19
CA GLU B 3 27.58 0.13 -10.87
C GLU B 3 26.22 0.21 -10.20
N LEU B 4 25.72 1.44 -10.02
CA LEU B 4 24.42 1.61 -9.38
C LEU B 4 23.38 0.61 -9.91
N GLU B 5 23.37 0.41 -11.22
CA GLU B 5 22.42 -0.52 -11.83
C GLU B 5 22.76 -1.95 -11.47
N GLU B 6 24.03 -2.30 -11.57
CA GLU B 6 24.50 -3.63 -11.23
C GLU B 6 24.38 -3.85 -9.73
N VAL B 7 24.60 -2.79 -8.97
CA VAL B 7 24.51 -2.85 -7.52
C VAL B 7 23.05 -3.11 -7.10
N VAL B 8 22.12 -2.44 -7.77
CA VAL B 8 20.69 -2.63 -7.49
C VAL B 8 20.33 -4.08 -7.74
N MET B 9 20.80 -4.63 -8.86
CA MET B 9 20.52 -6.03 -9.18
C MET B 9 21.01 -6.91 -8.03
N GLY B 10 22.21 -6.62 -7.53
CA GLY B 10 22.75 -7.37 -6.41
C GLY B 10 21.86 -7.21 -5.19
N LEU B 11 21.44 -5.98 -4.93
CA LEU B 11 20.56 -5.70 -3.79
C LEU B 11 19.24 -6.44 -3.93
N ILE B 12 18.67 -6.41 -5.13
CA ILE B 12 17.40 -7.09 -5.38
C ILE B 12 17.57 -8.58 -5.14
N ILE B 13 18.66 -9.12 -5.68
CA ILE B 13 18.94 -10.54 -5.50
C ILE B 13 19.17 -10.83 -4.02
N ASN B 14 19.95 -9.98 -3.36
CA ASN B 14 20.24 -10.16 -1.94
C ASN B 14 18.94 -10.10 -1.13
N SER B 15 18.11 -9.11 -1.42
CA SER B 15 16.83 -8.99 -0.74
C SER B 15 15.98 -10.23 -0.97
N GLY B 16 15.99 -10.71 -2.22
CA GLY B 16 15.23 -11.91 -2.57
C GLY B 16 15.76 -13.12 -1.81
N GLN B 17 17.08 -13.25 -1.75
CA GLN B 17 17.68 -14.37 -1.03
C GLN B 17 17.31 -14.28 0.45
N ALA B 18 17.35 -13.06 0.98
CA ALA B 18 17.00 -12.84 2.37
C ALA B 18 15.60 -13.36 2.66
N ARG B 19 14.64 -12.97 1.84
CA ARG B 19 13.27 -13.44 2.02
C ARG B 19 13.24 -14.96 1.90
N SER B 20 13.90 -15.47 0.86
CA SER B 20 13.94 -16.91 0.64
C SER B 20 14.41 -17.63 1.89
N LEU B 21 15.50 -17.13 2.48
CA LEU B 21 16.04 -17.73 3.71
C LEU B 21 15.01 -17.60 4.83
N ALA B 22 14.37 -16.44 4.93
CA ALA B 22 13.37 -16.20 5.97
C ALA B 22 12.24 -17.23 5.85
N TYR B 23 11.67 -17.38 4.65
CA TYR B 23 10.60 -18.36 4.46
C TYR B 23 11.12 -19.75 4.79
N ALA B 24 12.36 -20.04 4.38
CA ALA B 24 12.95 -21.33 4.67
C ALA B 24 13.06 -21.49 6.19
N ALA B 25 13.43 -20.41 6.87
CA ALA B 25 13.53 -20.43 8.33
C ALA B 25 12.18 -20.80 8.92
N LEU B 26 11.12 -20.21 8.39
CA LEU B 26 9.78 -20.50 8.86
C LEU B 26 9.45 -21.97 8.62
N LYS B 27 9.80 -22.46 7.44
CA LYS B 27 9.55 -23.86 7.11
C LYS B 27 10.21 -24.78 8.14
N GLN B 28 11.43 -24.43 8.54
CA GLN B 28 12.13 -25.23 9.56
C GLN B 28 11.31 -25.26 10.84
N ALA B 29 10.74 -24.11 11.19
CA ALA B 29 9.91 -24.02 12.40
C ALA B 29 8.73 -24.97 12.31
N LYS B 30 8.09 -25.01 11.14
CA LYS B 30 6.95 -25.90 10.94
C LYS B 30 7.36 -27.35 11.16
N GLN B 31 8.62 -27.67 10.83
CA GLN B 31 9.10 -29.04 11.01
C GLN B 31 9.46 -29.28 12.48
N GLY B 32 9.32 -28.24 13.29
CA GLY B 32 9.63 -28.35 14.72
C GLY B 32 11.13 -28.18 14.99
N ASP B 33 11.86 -27.66 14.00
CA ASP B 33 13.29 -27.46 14.14
C ASP B 33 13.60 -26.02 14.53
N PHE B 34 13.47 -25.71 15.81
CA PHE B 34 13.73 -24.34 16.29
C PHE B 34 15.18 -23.94 16.10
N ALA B 35 16.09 -24.90 16.27
CA ALA B 35 17.52 -24.60 16.15
C ALA B 35 17.86 -24.12 14.74
N ALA B 36 17.43 -24.87 13.74
CA ALA B 36 17.71 -24.50 12.36
C ALA B 36 16.98 -23.20 12.01
N ALA B 37 15.77 -23.03 12.51
CA ALA B 37 15.03 -21.80 12.24
C ALA B 37 15.82 -20.61 12.74
N LYS B 38 16.23 -20.68 14.02
CA LYS B 38 17.01 -19.60 14.63
C LYS B 38 18.27 -19.27 13.81
N ALA B 39 18.99 -20.29 13.40
CA ALA B 39 20.21 -20.10 12.61
C ALA B 39 19.91 -19.41 11.28
N MET B 40 18.83 -19.82 10.64
CA MET B 40 18.44 -19.26 9.36
C MET B 40 18.05 -17.78 9.51
N MET B 41 17.32 -17.45 10.57
CA MET B 41 16.92 -16.06 10.78
C MET B 41 18.15 -15.17 10.97
N ASP B 42 19.12 -15.68 11.73
CA ASP B 42 20.33 -14.93 12.01
C ASP B 42 21.06 -14.57 10.73
N GLN B 43 21.21 -15.58 9.86
CA GLN B 43 21.88 -15.36 8.59
C GLN B 43 21.08 -14.40 7.72
N SER B 44 19.76 -14.54 7.73
CA SER B 44 18.91 -13.65 6.95
C SER B 44 19.13 -12.20 7.41
N ARG B 45 19.14 -12.00 8.73
CA ARG B 45 19.35 -10.68 9.30
C ARG B 45 20.69 -10.09 8.83
N MET B 46 21.74 -10.90 8.89
CA MET B 46 23.07 -10.45 8.49
C MET B 46 23.05 -10.04 7.02
N ALA B 47 22.37 -10.84 6.20
CA ALA B 47 22.27 -10.53 4.77
C ALA B 47 21.58 -9.19 4.56
N LEU B 48 20.50 -8.97 5.31
CA LEU B 48 19.75 -7.72 5.21
C LEU B 48 20.59 -6.55 5.72
N ASN B 49 21.30 -6.78 6.81
CA ASN B 49 22.13 -5.75 7.40
C ASN B 49 23.18 -5.26 6.40
N GLU B 50 23.83 -6.19 5.73
CA GLU B 50 24.82 -5.83 4.72
C GLU B 50 24.17 -5.10 3.57
N ALA B 51 23.00 -5.58 3.17
CA ALA B 51 22.25 -4.96 2.08
C ALA B 51 21.83 -3.54 2.48
N HIS B 52 21.32 -3.41 3.70
CA HIS B 52 20.88 -2.11 4.21
C HIS B 52 22.06 -1.13 4.27
N LEU B 53 23.22 -1.64 4.69
CA LEU B 53 24.42 -0.80 4.79
C LEU B 53 24.77 -0.23 3.41
N VAL B 54 24.71 -1.09 2.40
CA VAL B 54 25.03 -0.66 1.04
C VAL B 54 24.01 0.40 0.61
N GLN B 55 22.73 0.16 0.90
CA GLN B 55 21.70 1.13 0.53
C GLN B 55 21.96 2.45 1.25
N THR B 56 22.32 2.39 2.54
CA THR B 56 22.60 3.61 3.30
C THR B 56 23.57 4.50 2.53
N LYS B 57 24.65 3.90 2.04
CA LYS B 57 25.62 4.66 1.25
C LYS B 57 24.97 5.20 -0.01
N LEU B 58 24.12 4.39 -0.61
CA LEU B 58 23.44 4.78 -1.84
C LEU B 58 22.45 5.93 -1.59
N ILE B 59 22.02 6.12 -0.32
CA ILE B 59 21.11 7.23 -0.01
C ILE B 59 21.88 8.48 0.45
N GLU B 60 23.00 8.27 1.16
CA GLU B 60 23.81 9.39 1.64
C GLU B 60 24.42 10.17 0.46
N GLY B 61 24.86 9.43 -0.55
CA GLY B 61 25.49 10.05 -1.72
C GLY B 61 24.59 9.96 -2.95
N ASP B 62 23.28 10.02 -2.73
CA ASP B 62 22.32 9.93 -3.82
C ASP B 62 22.41 11.14 -4.77
N ALA B 63 23.21 12.12 -4.40
CA ALA B 63 23.36 13.32 -5.23
C ALA B 63 24.37 13.07 -6.34
N GLY B 64 24.50 14.03 -7.26
CA GLY B 64 25.44 13.90 -8.37
C GLY B 64 24.78 14.23 -9.71
N GLU B 65 23.73 13.48 -10.05
CA GLU B 65 23.03 13.70 -11.32
C GLU B 65 22.34 15.07 -11.33
N GLY B 66 21.76 15.45 -10.20
CA GLY B 66 21.07 16.73 -10.11
C GLY B 66 20.91 17.16 -8.66
N LYS B 67 20.42 18.38 -8.47
CA LYS B 67 20.23 18.92 -7.13
C LYS B 67 19.13 18.16 -6.38
N MET B 68 17.88 18.54 -6.66
CA MET B 68 16.72 17.93 -6.01
C MET B 68 16.52 16.47 -6.40
N LYS B 69 16.75 16.13 -7.66
CA LYS B 69 16.54 14.76 -8.14
C LYS B 69 17.62 13.80 -7.64
N VAL B 70 17.22 12.52 -7.52
CA VAL B 70 18.11 11.47 -7.05
C VAL B 70 18.02 10.24 -7.98
N SER B 71 18.89 9.26 -7.76
CA SER B 71 18.88 8.05 -8.59
C SER B 71 17.52 7.37 -8.49
N LEU B 72 16.93 7.04 -9.64
CA LEU B 72 15.60 6.45 -9.66
C LEU B 72 15.59 5.04 -9.04
N VAL B 73 16.65 4.30 -9.35
CA VAL B 73 16.80 2.93 -8.88
C VAL B 73 16.83 2.84 -7.34
N LEU B 74 17.06 3.95 -6.67
CA LEU B 74 17.05 3.94 -5.21
C LEU B 74 15.74 3.37 -4.68
N VAL B 75 14.67 3.71 -5.39
CA VAL B 75 13.34 3.24 -5.02
C VAL B 75 13.28 1.72 -5.17
N HIS B 76 13.81 1.13 -6.35
CA HIS B 76 13.80 -0.32 -6.57
C HIS B 76 14.51 -1.03 -5.42
N ALA B 77 15.66 -0.52 -5.04
CA ALA B 77 16.44 -1.13 -3.96
C ALA B 77 15.71 -0.97 -2.62
N GLN B 78 15.17 0.23 -2.38
CA GLN B 78 14.48 0.49 -1.12
C GLN B 78 13.22 -0.36 -1.03
N LEU B 79 12.44 -0.39 -2.12
CA LEU B 79 11.22 -1.18 -2.14
C LEU B 79 11.49 -2.65 -1.82
N HIS B 80 12.48 -3.23 -2.48
CA HIS B 80 12.80 -4.62 -2.24
C HIS B 80 13.36 -4.83 -0.84
N LEU B 81 14.27 -3.95 -0.44
CA LEU B 81 14.88 -4.06 0.89
C LEU B 81 13.85 -3.85 2.00
N MET B 82 13.00 -2.85 1.86
CA MET B 82 11.98 -2.57 2.87
C MET B 82 11.02 -3.75 3.01
N THR B 83 10.59 -4.28 1.87
CA THR B 83 9.67 -5.41 1.87
C THR B 83 10.32 -6.64 2.50
N SER B 84 11.55 -6.94 2.10
CA SER B 84 12.26 -8.09 2.64
C SER B 84 12.50 -7.97 4.14
N MET B 85 12.97 -6.81 4.58
CA MET B 85 13.24 -6.60 6.01
C MET B 85 11.96 -6.76 6.83
N LEU B 86 10.89 -6.14 6.36
CA LEU B 86 9.61 -6.21 7.06
C LEU B 86 9.11 -7.65 7.12
N ALA B 87 9.17 -8.33 5.98
CA ALA B 87 8.72 -9.71 5.90
C ALA B 87 9.49 -10.58 6.88
N ARG B 88 10.79 -10.44 6.86
CA ARG B 88 11.65 -11.22 7.75
C ARG B 88 11.28 -10.97 9.21
N GLU B 89 11.08 -9.70 9.59
CA GLU B 89 10.75 -9.38 10.97
C GLU B 89 9.43 -10.05 11.37
N LEU B 90 8.44 -9.96 10.50
CA LEU B 90 7.14 -10.56 10.78
C LEU B 90 7.28 -12.08 10.84
N ILE B 91 8.06 -12.63 9.92
CA ILE B 91 8.30 -14.07 9.91
C ILE B 91 8.95 -14.49 11.23
N THR B 92 9.86 -13.66 11.73
CA THR B 92 10.50 -13.96 13.02
C THR B 92 9.43 -14.07 14.09
N GLU B 93 8.49 -13.13 14.09
CA GLU B 93 7.40 -13.15 15.06
C GLU B 93 6.58 -14.43 14.88
N LEU B 94 6.30 -14.77 13.62
CA LEU B 94 5.54 -15.99 13.33
C LEU B 94 6.27 -17.21 13.87
N ILE B 95 7.59 -17.26 13.68
CA ILE B 95 8.36 -18.38 14.19
C ILE B 95 8.28 -18.46 15.71
N GLU B 96 8.36 -17.30 16.37
CA GLU B 96 8.25 -17.27 17.83
C GLU B 96 6.90 -17.85 18.25
N LEU B 97 5.86 -17.54 17.49
CA LEU B 97 4.52 -18.05 17.79
C LEU B 97 4.52 -19.58 17.69
N HIS B 98 5.19 -20.10 16.66
CA HIS B 98 5.27 -21.55 16.50
C HIS B 98 5.89 -22.17 17.75
N GLU B 99 6.90 -21.48 18.28
CA GLU B 99 7.55 -21.95 19.50
C GLU B 99 6.58 -21.94 20.66
N LYS B 100 5.77 -20.88 20.77
CA LYS B 100 4.79 -20.80 21.84
C LYS B 100 3.72 -21.88 21.65
N LEU B 101 3.39 -22.19 20.39
CA LEU B 101 2.42 -23.25 20.11
C LEU B 101 2.96 -24.60 20.58
N LYS B 102 4.13 -24.57 21.21
CA LYS B 102 4.77 -25.78 21.72
C LYS B 102 5.49 -26.51 20.59
N ALA B 103 4.71 -26.92 19.58
CA ALA B 103 5.25 -27.67 18.43
C ALA B 103 6.64 -27.19 18.04
N ALA C 1 11.12 19.25 -2.05
CA ALA C 1 11.16 20.74 -1.98
C ALA C 1 10.96 21.17 -0.54
N GLU C 2 11.18 22.45 -0.27
CA GLU C 2 11.04 23.02 1.08
C GLU C 2 10.10 22.22 1.98
N GLU C 3 8.81 22.51 1.89
CA GLU C 3 7.83 21.81 2.71
C GLU C 3 7.73 20.34 2.34
N LEU C 4 7.37 20.07 1.08
CA LEU C 4 7.24 18.68 0.63
C LEU C 4 8.38 17.80 1.16
N GLU C 5 9.60 18.32 1.11
CA GLU C 5 10.76 17.57 1.58
C GLU C 5 10.74 17.43 3.10
N GLU C 6 10.47 18.53 3.78
CA GLU C 6 10.41 18.52 5.24
C GLU C 6 9.19 17.70 5.68
N VAL C 7 8.12 17.78 4.89
CA VAL C 7 6.90 17.04 5.17
C VAL C 7 7.17 15.53 5.06
N VAL C 8 7.92 15.14 4.03
CA VAL C 8 8.27 13.74 3.83
C VAL C 8 9.06 13.24 5.04
N MET C 9 10.02 14.04 5.50
CA MET C 9 10.80 13.67 6.66
C MET C 9 9.87 13.40 7.84
N GLY C 10 8.88 14.29 8.01
CA GLY C 10 7.91 14.13 9.08
C GLY C 10 7.12 12.84 8.88
N LEU C 11 6.71 12.59 7.65
CA LEU C 11 5.94 11.37 7.33
C LEU C 11 6.79 10.14 7.59
N ILE C 12 8.05 10.18 7.18
CA ILE C 12 8.94 9.04 7.37
C ILE C 12 9.11 8.78 8.87
N ILE C 13 9.32 9.87 9.61
CA ILE C 13 9.47 9.76 11.06
C ILE C 13 8.16 9.23 11.66
N ASN C 14 7.05 9.81 11.22
CA ASN C 14 5.73 9.40 11.72
C ASN C 14 5.50 7.92 11.43
N SER C 15 5.79 7.51 10.19
CA SER C 15 5.63 6.11 9.81
C SER C 15 6.52 5.24 10.68
N GLY C 16 7.76 5.70 10.90
CA GLY C 16 8.70 4.95 11.73
C GLY C 16 8.18 4.84 13.16
N GLN C 17 7.67 5.95 13.70
CA GLN C 17 7.13 5.92 15.06
C GLN C 17 5.95 4.97 15.12
N ALA C 18 5.12 5.01 14.08
CA ALA C 18 3.96 4.14 14.02
C ALA C 18 4.38 2.67 14.15
N ARG C 19 5.36 2.27 13.33
CA ARG C 19 5.84 0.91 13.40
C ARG C 19 6.41 0.63 14.79
N SER C 20 7.21 1.57 15.28
CA SER C 20 7.81 1.41 16.60
C SER C 20 6.73 1.13 17.65
N LEU C 21 5.66 1.92 17.61
CA LEU C 21 4.56 1.74 18.54
C LEU C 21 3.92 0.37 18.33
N ALA C 22 3.73 0.00 17.06
CA ALA C 22 3.13 -1.29 16.73
C ALA C 22 3.96 -2.44 17.33
N TYR C 23 5.27 -2.43 17.07
CA TYR C 23 6.14 -3.47 17.64
C TYR C 23 6.05 -3.45 19.16
N ALA C 24 6.03 -2.24 19.72
CA ALA C 24 5.92 -2.11 21.17
C ALA C 24 4.59 -2.72 21.62
N ALA C 25 3.54 -2.47 20.85
CA ALA C 25 2.23 -3.03 21.16
C ALA C 25 2.31 -4.55 21.21
N LEU C 26 3.01 -5.12 20.24
CA LEU C 26 3.19 -6.57 20.18
C LEU C 26 3.95 -7.05 21.42
N LYS C 27 4.99 -6.31 21.77
CA LYS C 27 5.79 -6.66 22.94
C LYS C 27 4.90 -6.72 24.19
N GLN C 28 3.99 -5.77 24.31
CA GLN C 28 3.06 -5.75 25.44
C GLN C 28 2.26 -7.04 25.47
N ALA C 29 1.82 -7.47 24.27
CA ALA C 29 1.05 -8.70 24.16
C ALA C 29 1.85 -9.89 24.67
N LYS C 30 3.13 -9.94 24.30
CA LYS C 30 3.99 -11.02 24.76
C LYS C 30 4.07 -11.06 26.28
N GLN C 31 3.98 -9.88 26.90
CA GLN C 31 4.04 -9.80 28.36
C GLN C 31 2.67 -10.17 28.96
N GLY C 32 1.71 -10.44 28.08
CA GLY C 32 0.36 -10.83 28.53
C GLY C 32 -0.47 -9.60 28.89
N ASP C 33 -0.04 -8.43 28.44
CA ASP C 33 -0.76 -7.18 28.70
C ASP C 33 -1.63 -6.80 27.51
N PHE C 34 -2.80 -7.41 27.42
CA PHE C 34 -3.71 -7.14 26.31
C PHE C 34 -4.22 -5.70 26.34
N ALA C 35 -4.43 -5.17 27.54
CA ALA C 35 -4.94 -3.81 27.68
C ALA C 35 -3.97 -2.79 27.08
N ALA C 36 -2.71 -2.89 27.47
CA ALA C 36 -1.71 -1.96 26.96
C ALA C 36 -1.50 -2.17 25.47
N ALA C 37 -1.55 -3.42 25.02
CA ALA C 37 -1.38 -3.71 23.60
C ALA C 37 -2.48 -3.00 22.81
N LYS C 38 -3.72 -3.21 23.22
CA LYS C 38 -4.87 -2.59 22.57
C LYS C 38 -4.72 -1.07 22.49
N ALA C 39 -4.32 -0.45 23.61
CA ALA C 39 -4.16 1.00 23.65
C ALA C 39 -3.06 1.46 22.68
N MET C 40 -1.96 0.72 22.64
CA MET C 40 -0.85 1.06 21.77
C MET C 40 -1.25 0.92 20.30
N MET C 41 -2.03 -0.11 19.99
CA MET C 41 -2.48 -0.31 18.61
C MET C 41 -3.35 0.85 18.16
N ASP C 42 -4.25 1.28 19.04
CA ASP C 42 -5.17 2.36 18.72
C ASP C 42 -4.41 3.63 18.38
N GLN C 43 -3.42 3.97 19.21
CA GLN C 43 -2.61 5.16 18.97
C GLN C 43 -1.83 5.03 17.67
N SER C 44 -1.30 3.85 17.42
CA SER C 44 -0.55 3.60 16.19
C SER C 44 -1.44 3.87 14.98
N ARG C 45 -2.67 3.32 15.03
CA ARG C 45 -3.64 3.50 13.96
C ARG C 45 -3.93 4.99 13.72
N MET C 46 -4.14 5.72 14.81
CA MET C 46 -4.43 7.15 14.72
C MET C 46 -3.26 7.89 14.08
N ALA C 47 -2.04 7.51 14.47
CA ALA C 47 -0.84 8.14 13.91
C ALA C 47 -0.78 7.91 12.40
N LEU C 48 -1.08 6.68 11.98
CA LEU C 48 -1.07 6.33 10.57
C LEU C 48 -2.17 7.06 9.82
N ASN C 49 -3.34 7.15 10.45
CA ASN C 49 -4.48 7.81 9.84
C ASN C 49 -4.14 9.27 9.52
N GLU C 50 -3.51 9.95 10.47
CA GLU C 50 -3.11 11.33 10.26
C GLU C 50 -2.06 11.41 9.16
N ALA C 51 -1.13 10.47 9.19
CA ALA C 51 -0.07 10.43 8.18
C ALA C 51 -0.67 10.15 6.80
N HIS C 52 -1.58 9.19 6.74
CA HIS C 52 -2.25 8.85 5.48
C HIS C 52 -3.02 10.05 4.94
N LEU C 53 -3.69 10.78 5.83
CA LEU C 53 -4.47 11.95 5.43
C LEU C 53 -3.56 12.98 4.76
N VAL C 54 -2.39 13.20 5.35
CA VAL C 54 -1.45 14.16 4.80
C VAL C 54 -0.99 13.67 3.43
N GLN C 55 -0.69 12.38 3.32
CA GLN C 55 -0.26 11.82 2.04
C GLN C 55 -1.38 11.99 1.00
N THR C 56 -2.62 11.74 1.41
CA THR C 56 -3.76 11.88 0.48
C THR C 56 -3.70 13.25 -0.19
N LYS C 57 -3.50 14.29 0.60
CA LYS C 57 -3.40 15.64 0.05
C LYS C 57 -2.20 15.73 -0.88
N LEU C 58 -1.11 15.09 -0.49
CA LEU C 58 0.10 15.11 -1.29
C LEU C 58 -0.08 14.35 -2.61
N ILE C 59 -1.09 13.47 -2.70
CA ILE C 59 -1.33 12.76 -3.95
C ILE C 59 -2.40 13.48 -4.79
N GLU C 60 -3.38 14.10 -4.14
CA GLU C 60 -4.43 14.83 -4.87
C GLU C 60 -3.85 16.03 -5.60
N GLY C 61 -2.89 16.71 -4.98
CA GLY C 61 -2.28 17.89 -5.57
C GLY C 61 -0.83 17.62 -5.97
N ASP C 62 -0.56 16.41 -6.41
CA ASP C 62 0.79 16.03 -6.80
C ASP C 62 1.22 16.75 -8.06
N ALA C 63 0.31 17.49 -8.68
CA ALA C 63 0.63 18.24 -9.90
C ALA C 63 1.30 19.56 -9.56
N GLY C 64 1.78 20.26 -10.59
CA GLY C 64 2.43 21.56 -10.39
C GLY C 64 3.77 21.63 -11.13
N GLU C 65 4.69 20.71 -10.81
CA GLU C 65 5.99 20.70 -11.45
C GLU C 65 5.87 20.38 -12.94
N GLY C 66 4.99 19.45 -13.27
CA GLY C 66 4.80 19.05 -14.66
C GLY C 66 3.45 18.36 -14.86
N LYS C 67 3.12 18.09 -16.11
CA LYS C 67 1.85 17.44 -16.43
C LYS C 67 1.83 16.00 -15.92
N MET C 68 2.44 15.10 -16.70
CA MET C 68 2.48 13.68 -16.36
C MET C 68 3.31 13.38 -15.12
N LYS C 69 4.45 14.07 -14.97
CA LYS C 69 5.34 13.83 -13.84
C LYS C 69 4.79 14.36 -12.52
N VAL C 70 5.20 13.71 -11.43
CA VAL C 70 4.76 14.07 -10.08
C VAL C 70 5.96 14.16 -9.13
N SER C 71 5.72 14.64 -7.91
CA SER C 71 6.80 14.75 -6.93
C SER C 71 7.42 13.38 -6.68
N LEU C 72 8.74 13.30 -6.77
CA LEU C 72 9.45 12.03 -6.61
C LEU C 72 9.31 11.48 -5.19
N VAL C 73 9.40 12.39 -4.22
CA VAL C 73 9.33 12.04 -2.80
C VAL C 73 8.00 11.37 -2.44
N LEU C 74 6.99 11.51 -3.28
CA LEU C 74 5.71 10.85 -3.01
C LEU C 74 5.91 9.37 -2.78
N VAL C 75 6.83 8.80 -3.55
CA VAL C 75 7.16 7.38 -3.44
C VAL C 75 7.75 7.10 -2.06
N HIS C 76 8.75 7.96 -1.56
CA HIS C 76 9.37 7.76 -0.25
C HIS C 76 8.31 7.72 0.84
N ALA C 77 7.37 8.67 0.77
CA ALA C 77 6.31 8.74 1.77
C ALA C 77 5.36 7.55 1.63
N GLN C 78 5.01 7.21 0.39
CA GLN C 78 4.09 6.10 0.15
C GLN C 78 4.74 4.78 0.58
N LEU C 79 5.99 4.58 0.19
CA LEU C 79 6.71 3.36 0.55
C LEU C 79 6.75 3.17 2.06
N HIS C 80 7.13 4.21 2.79
CA HIS C 80 7.20 4.12 4.24
C HIS C 80 5.81 3.94 4.85
N LEU C 81 4.87 4.73 4.38
CA LEU C 81 3.50 4.67 4.89
C LEU C 81 2.85 3.31 4.59
N MET C 82 3.01 2.84 3.37
CA MET C 82 2.42 1.55 2.98
C MET C 82 3.01 0.42 3.82
N THR C 83 4.32 0.45 3.99
CA THR C 83 5.00 -0.58 4.76
C THR C 83 4.54 -0.55 6.22
N SER C 84 4.53 0.64 6.80
CA SER C 84 4.12 0.80 8.20
C SER C 84 2.67 0.37 8.42
N MET C 85 1.76 0.84 7.56
CA MET C 85 0.35 0.48 7.70
C MET C 85 0.16 -1.04 7.61
N LEU C 86 0.80 -1.65 6.63
CA LEU C 86 0.70 -3.09 6.43
C LEU C 86 1.24 -3.83 7.65
N ALA C 87 2.42 -3.42 8.10
CA ALA C 87 3.05 -4.04 9.25
C ALA C 87 2.13 -3.96 10.47
N ARG C 88 1.61 -2.77 10.71
CA ARG C 88 0.74 -2.55 11.84
C ARG C 88 -0.50 -3.47 11.77
N GLU C 89 -1.11 -3.56 10.59
CA GLU C 89 -2.29 -4.42 10.44
C GLU C 89 -1.95 -5.88 10.74
N LEU C 90 -0.82 -6.35 10.20
CA LEU C 90 -0.40 -7.72 10.44
C LEU C 90 -0.07 -7.92 11.91
N ILE C 91 0.60 -6.95 12.49
CA ILE C 91 0.95 -7.02 13.90
C ILE C 91 -0.33 -7.12 14.73
N THR C 92 -1.36 -6.39 14.32
CA THR C 92 -2.64 -6.46 15.02
C THR C 92 -3.15 -7.89 14.99
N GLU C 93 -3.06 -8.53 13.83
CA GLU C 93 -3.50 -9.92 13.70
C GLU C 93 -2.66 -10.82 14.62
N LEU C 94 -1.36 -10.56 14.63
CA LEU C 94 -0.45 -11.34 15.47
C LEU C 94 -0.84 -11.20 16.94
N ILE C 95 -1.16 -9.98 17.35
CA ILE C 95 -1.57 -9.73 18.73
C ILE C 95 -2.86 -10.51 19.05
N GLU C 96 -3.80 -10.48 18.12
CA GLU C 96 -5.05 -11.21 18.31
C GLU C 96 -4.75 -12.70 18.53
N LEU C 97 -3.78 -13.21 17.77
CA LEU C 97 -3.39 -14.61 17.91
C LEU C 97 -2.85 -14.87 19.32
N HIS C 98 -2.05 -13.94 19.83
CA HIS C 98 -1.52 -14.09 21.18
C HIS C 98 -2.68 -14.22 22.16
N GLU C 99 -3.73 -13.44 21.92
CA GLU C 99 -4.90 -13.49 22.78
C GLU C 99 -5.57 -14.87 22.68
N LYS C 100 -5.65 -15.41 21.46
CA LYS C 100 -6.25 -16.72 21.29
C LYS C 100 -5.38 -17.78 21.95
N LEU C 101 -4.05 -17.58 21.91
CA LEU C 101 -3.12 -18.52 22.55
C LEU C 101 -3.37 -18.53 24.06
N LYS C 102 -4.36 -17.76 24.51
CA LYS C 102 -4.70 -17.67 25.93
C LYS C 102 -3.78 -16.68 26.63
N ALA C 103 -2.48 -16.99 26.61
CA ALA C 103 -1.45 -16.16 27.26
C ALA C 103 -1.80 -14.67 27.21
N LYS D 1 -19.97 26.95 -1.17
CA LYS D 1 -19.08 26.05 -1.96
C LYS D 1 -19.44 24.59 -1.78
N LYS D 2 -19.77 23.94 -2.87
CA LYS D 2 -20.15 22.54 -2.84
C LYS D 2 -18.93 21.62 -2.88
N HIS D 3 -19.02 20.49 -2.19
CA HIS D 3 -17.93 19.52 -2.13
C HIS D 3 -18.12 18.37 -3.08
N ILE D 4 -17.20 18.26 -4.03
CA ILE D 4 -17.22 17.18 -4.99
C ILE D 4 -16.07 16.24 -4.61
N TYR D 5 -16.39 15.03 -4.18
CA TYR D 5 -15.38 14.06 -3.78
C TYR D 5 -15.33 12.90 -4.76
N LEU D 6 -14.13 12.60 -5.26
CA LEU D 6 -13.90 11.48 -6.19
C LEU D 6 -13.25 10.35 -5.40
N PHE D 7 -13.57 9.08 -5.75
CA PHE D 7 -12.88 7.95 -5.11
C PHE D 7 -12.21 7.04 -6.14
N CYS D 8 -11.08 6.41 -5.70
CA CYS D 8 -10.32 5.40 -6.43
C CYS D 8 -9.53 4.54 -5.45
N SER D 9 -8.66 3.64 -5.84
CA SER D 9 -8.05 2.81 -4.79
C SER D 9 -7.18 3.65 -3.87
N ALA D 10 -6.20 4.40 -4.39
CA ALA D 10 -5.28 5.13 -3.51
C ALA D 10 -5.55 6.61 -3.61
N GLY D 11 -5.97 7.10 -4.78
CA GLY D 11 -6.26 8.50 -4.98
C GLY D 11 -5.22 9.18 -5.85
N MET D 12 -4.52 8.45 -6.71
CA MET D 12 -3.49 9.07 -7.55
C MET D 12 -3.98 9.30 -8.99
N SER D 13 -4.07 8.24 -9.74
CA SER D 13 -4.50 8.37 -11.14
C SER D 13 -5.71 9.30 -11.28
N THR D 14 -6.46 9.50 -10.19
CA THR D 14 -7.62 10.38 -10.30
C THR D 14 -7.22 11.77 -9.88
N SER D 15 -6.09 11.83 -9.22
CA SER D 15 -5.48 13.09 -8.76
C SER D 15 -5.20 14.03 -9.93
N LEU D 16 -4.82 13.46 -11.06
CA LEU D 16 -4.55 14.26 -12.24
C LEU D 16 -5.88 14.86 -12.76
N LEU D 17 -6.96 14.07 -12.72
CA LEU D 17 -8.28 14.55 -13.14
C LEU D 17 -8.75 15.68 -12.19
N VAL D 18 -8.54 15.48 -10.88
CA VAL D 18 -8.91 16.50 -9.89
C VAL D 18 -8.18 17.83 -10.15
N SER D 19 -6.89 17.79 -10.47
CA SER D 19 -6.17 19.03 -10.74
C SER D 19 -6.73 19.77 -11.98
N LYS D 20 -7.12 19.03 -13.02
CA LYS D 20 -7.71 19.66 -14.20
C LYS D 20 -9.12 20.20 -13.91
N MET D 21 -9.87 19.50 -13.07
CA MET D 21 -11.22 20.00 -12.73
C MET D 21 -11.08 21.31 -11.94
N ARG D 22 -10.13 21.39 -11.02
CA ARG D 22 -9.91 22.60 -10.21
C ARG D 22 -9.56 23.79 -11.12
N ALA D 23 -8.79 23.54 -12.18
CA ALA D 23 -8.39 24.59 -13.11
C ALA D 23 -9.63 25.14 -13.81
N GLN D 24 -10.50 24.24 -14.24
CA GLN D 24 -11.72 24.61 -14.91
C GLN D 24 -12.67 25.35 -14.00
N ALA D 25 -12.80 24.88 -12.77
CA ALA D 25 -13.69 25.53 -11.80
C ALA D 25 -13.24 26.96 -11.55
N GLU D 26 -11.93 27.20 -11.60
CA GLU D 26 -11.39 28.54 -11.36
C GLU D 26 -11.65 29.43 -12.57
N LYS D 27 -11.43 28.88 -13.76
CA LYS D 27 -11.63 29.59 -14.99
C LYS D 27 -13.07 30.10 -15.12
N TYR D 28 -14.05 29.29 -14.72
CA TYR D 28 -15.48 29.69 -14.80
C TYR D 28 -16.13 30.10 -13.49
N GLU D 29 -15.33 30.35 -12.46
CA GLU D 29 -15.81 30.78 -11.15
C GLU D 29 -16.89 29.89 -10.51
N VAL D 30 -16.76 28.58 -10.66
CA VAL D 30 -17.70 27.63 -10.08
C VAL D 30 -17.27 27.48 -8.62
N PRO D 31 -18.19 27.73 -7.67
CA PRO D 31 -17.91 27.64 -6.23
C PRO D 31 -17.93 26.21 -5.68
N VAL D 32 -16.88 25.46 -6.01
CA VAL D 32 -16.75 24.08 -5.57
C VAL D 32 -15.38 23.76 -5.01
N ILE D 33 -15.35 22.75 -4.14
CA ILE D 33 -14.13 22.22 -3.55
C ILE D 33 -14.09 20.77 -4.09
N ILE D 34 -12.98 20.40 -4.71
CA ILE D 34 -12.79 19.07 -5.32
C ILE D 34 -11.61 18.31 -4.66
N GLU D 35 -11.86 17.09 -4.18
CA GLU D 35 -10.83 16.27 -3.52
C GLU D 35 -10.93 14.82 -4.00
N ALA D 36 -9.78 14.14 -4.09
CA ALA D 36 -9.71 12.73 -4.50
C ALA D 36 -9.34 11.92 -3.25
N PHE D 37 -9.93 10.74 -3.09
CA PHE D 37 -9.64 9.87 -1.95
C PHE D 37 -9.66 8.44 -2.43
N PRO D 38 -9.08 7.53 -1.64
CA PRO D 38 -9.07 6.11 -2.02
C PRO D 38 -10.49 5.61 -1.70
N GLU D 39 -10.91 4.54 -2.35
CA GLU D 39 -12.24 3.96 -2.13
C GLU D 39 -12.51 3.54 -0.69
N THR D 40 -11.46 3.29 0.09
CA THR D 40 -11.63 2.88 1.48
C THR D 40 -12.26 3.95 2.37
N LEU D 41 -12.19 5.21 1.94
CA LEU D 41 -12.77 6.32 2.70
C LEU D 41 -14.15 6.77 2.20
N ALA D 42 -14.74 6.07 1.21
CA ALA D 42 -16.05 6.45 0.63
C ALA D 42 -17.14 6.64 1.68
N GLY D 43 -17.12 5.80 2.71
CA GLY D 43 -18.13 5.91 3.75
C GLY D 43 -17.81 6.98 4.77
N GLU D 44 -16.53 7.16 5.08
CA GLU D 44 -16.15 8.15 6.07
C GLU D 44 -16.16 9.59 5.49
N LYS D 45 -15.52 9.77 4.34
CA LYS D 45 -15.46 11.08 3.70
C LYS D 45 -16.73 11.45 2.92
N GLY D 46 -17.38 10.46 2.32
CA GLY D 46 -18.60 10.70 1.55
C GLY D 46 -19.69 11.43 2.29
N GLN D 47 -19.77 11.23 3.60
CA GLN D 47 -20.79 11.89 4.43
C GLN D 47 -20.74 13.42 4.34
N ASN D 48 -19.59 13.97 3.95
CA ASN D 48 -19.43 15.41 3.87
C ASN D 48 -19.45 15.95 2.45
N ALA D 49 -19.66 15.08 1.48
CA ALA D 49 -19.67 15.54 0.10
C ALA D 49 -21.06 15.97 -0.30
N ASP D 50 -21.11 16.82 -1.31
CA ASP D 50 -22.38 17.25 -1.83
C ASP D 50 -22.73 16.32 -2.99
N VAL D 51 -21.69 15.73 -3.60
CA VAL D 51 -21.88 14.75 -4.67
C VAL D 51 -20.68 13.78 -4.61
N VAL D 52 -20.98 12.49 -4.70
CA VAL D 52 -19.97 11.44 -4.66
C VAL D 52 -19.78 10.85 -6.06
N LEU D 53 -18.55 10.92 -6.57
CA LEU D 53 -18.24 10.38 -7.88
C LEU D 53 -17.30 9.18 -7.73
N LEU D 54 -17.60 8.08 -8.42
CA LEU D 54 -16.75 6.88 -8.36
C LEU D 54 -15.96 6.73 -9.63
N GLY D 55 -14.69 6.35 -9.51
CA GLY D 55 -13.84 6.18 -10.68
C GLY D 55 -14.39 5.02 -11.49
N PRO D 56 -14.13 4.94 -12.76
CA PRO D 56 -14.65 3.83 -13.62
C PRO D 56 -14.23 2.43 -13.16
N GLN D 57 -13.07 2.31 -12.54
CA GLN D 57 -12.57 1.02 -12.08
C GLN D 57 -13.39 0.49 -10.90
N ILE D 58 -14.04 1.38 -10.15
CA ILE D 58 -14.82 0.94 -9.01
C ILE D 58 -16.34 1.02 -9.23
N ALA D 59 -16.75 0.99 -10.49
CA ALA D 59 -18.17 1.04 -10.83
C ALA D 59 -18.94 -0.11 -10.19
N TYR D 60 -18.34 -1.30 -10.13
CA TYR D 60 -19.04 -2.44 -9.55
C TYR D 60 -19.46 -2.21 -8.09
N MET D 61 -18.84 -1.23 -7.44
CA MET D 61 -19.15 -0.89 -6.05
C MET D 61 -20.33 0.08 -5.87
N LEU D 62 -20.89 0.58 -6.97
CA LEU D 62 -21.99 1.54 -6.90
C LEU D 62 -23.13 1.19 -5.93
N PRO D 63 -23.73 -0.02 -6.05
CA PRO D 63 -24.82 -0.37 -5.12
C PRO D 63 -24.43 -0.30 -3.65
N GLU D 64 -23.22 -0.72 -3.30
CA GLU D 64 -22.77 -0.68 -1.91
C GLU D 64 -22.60 0.74 -1.42
N ILE D 65 -22.02 1.59 -2.25
CA ILE D 65 -21.83 2.99 -1.85
C ILE D 65 -23.16 3.74 -1.71
N GLN D 66 -24.12 3.42 -2.59
CA GLN D 66 -25.46 4.00 -2.52
C GLN D 66 -26.13 3.64 -1.18
N ARG D 67 -26.00 2.39 -0.73
CA ARG D 67 -26.60 1.98 0.55
C ARG D 67 -25.89 2.63 1.74
N LEU D 68 -24.60 2.88 1.59
CA LEU D 68 -23.77 3.49 2.64
C LEU D 68 -24.11 4.97 2.82
N LEU D 69 -24.39 5.65 1.70
CA LEU D 69 -24.73 7.09 1.68
C LEU D 69 -26.11 7.27 1.01
N PRO D 70 -27.20 6.87 1.69
CA PRO D 70 -28.55 6.99 1.13
C PRO D 70 -29.03 8.44 0.93
N ASN D 71 -28.35 9.38 1.56
CA ASN D 71 -28.75 10.79 1.44
C ASN D 71 -27.82 11.63 0.57
N LYS D 72 -27.08 10.99 -0.33
CA LYS D 72 -26.14 11.69 -1.21
C LYS D 72 -26.26 11.20 -2.63
N PRO D 73 -26.13 12.10 -3.63
CA PRO D 73 -26.21 11.62 -5.02
C PRO D 73 -24.85 10.97 -5.27
N VAL D 74 -24.87 9.73 -5.75
CA VAL D 74 -23.64 8.96 -6.02
C VAL D 74 -23.64 8.48 -7.46
N GLU D 75 -22.58 8.72 -8.19
CA GLU D 75 -22.53 8.22 -9.55
C GLU D 75 -21.13 7.95 -10.07
N VAL D 76 -21.06 7.12 -11.10
CA VAL D 76 -19.80 6.72 -11.71
C VAL D 76 -19.40 7.72 -12.78
N ILE D 77 -18.11 8.03 -12.84
CA ILE D 77 -17.58 8.96 -13.83
C ILE D 77 -17.54 8.27 -15.17
N ASP D 78 -17.96 8.97 -16.21
CA ASP D 78 -17.94 8.40 -17.55
C ASP D 78 -16.51 7.95 -17.89
N SER D 79 -16.33 6.69 -18.28
CA SER D 79 -14.99 6.17 -18.58
C SER D 79 -14.18 6.90 -19.65
N LEU D 80 -14.87 7.44 -20.65
CA LEU D 80 -14.19 8.17 -21.73
C LEU D 80 -13.73 9.53 -21.23
N LEU D 81 -14.58 10.18 -20.45
CA LEU D 81 -14.26 11.49 -19.90
C LEU D 81 -13.10 11.33 -18.94
N TYR D 82 -13.10 10.21 -18.22
CA TYR D 82 -12.04 9.90 -17.25
C TYR D 82 -10.71 9.58 -17.95
N GLY D 83 -10.75 8.68 -18.92
CA GLY D 83 -9.54 8.32 -19.64
C GLY D 83 -8.87 9.50 -20.31
N LYS D 84 -9.68 10.37 -20.87
CA LYS D 84 -9.22 11.56 -21.59
C LYS D 84 -8.79 12.70 -20.65
N VAL D 85 -9.07 12.52 -19.35
CA VAL D 85 -8.77 13.52 -18.31
C VAL D 85 -9.47 14.86 -18.61
N ASP D 86 -10.76 14.77 -18.94
CA ASP D 86 -11.57 15.95 -19.28
C ASP D 86 -12.09 16.63 -18.03
N GLY D 87 -11.29 17.56 -17.51
CA GLY D 87 -11.64 18.31 -16.31
C GLY D 87 -12.94 19.07 -16.45
N LEU D 88 -13.16 19.73 -17.60
CA LEU D 88 -14.39 20.49 -17.80
C LEU D 88 -15.63 19.58 -17.87
N GLY D 89 -15.50 18.50 -18.64
CA GLY D 89 -16.59 17.56 -18.81
C GLY D 89 -17.07 16.91 -17.53
N VAL D 90 -16.12 16.49 -16.69
CA VAL D 90 -16.48 15.84 -15.42
C VAL D 90 -17.04 16.88 -14.45
N LEU D 91 -16.47 18.08 -14.49
CA LEU D 91 -16.97 19.15 -13.63
C LEU D 91 -18.46 19.39 -14.00
N LYS D 92 -18.76 19.42 -15.30
CA LYS D 92 -20.15 19.61 -15.75
C LYS D 92 -21.09 18.52 -15.24
N ALA D 93 -20.64 17.27 -15.30
CA ALA D 93 -21.47 16.14 -14.85
C ALA D 93 -21.76 16.21 -13.35
N ALA D 94 -20.78 16.72 -12.60
CA ALA D 94 -20.90 16.82 -11.15
C ALA D 94 -21.90 17.90 -10.75
N VAL D 95 -21.80 19.06 -11.40
CA VAL D 95 -22.72 20.17 -11.13
C VAL D 95 -24.13 19.69 -11.49
N ALA D 96 -24.25 18.98 -12.61
CA ALA D 96 -25.54 18.45 -13.04
C ALA D 96 -26.13 17.51 -11.99
N ALA D 97 -25.33 16.57 -11.49
CA ALA D 97 -25.85 15.64 -10.49
C ALA D 97 -26.36 16.40 -9.26
N ILE D 98 -25.70 17.51 -8.93
CA ILE D 98 -26.12 18.32 -7.78
C ILE D 98 -27.46 19.01 -8.03
N LYS D 99 -27.63 19.58 -9.24
CA LYS D 99 -28.87 20.26 -9.62
C LYS D 99 -30.01 19.26 -9.71
N LYS D 100 -29.80 18.19 -10.45
CA LYS D 100 -30.83 17.18 -10.59
C LYS D 100 -31.20 16.60 -9.22
N ALA D 101 -30.34 16.79 -8.23
CA ALA D 101 -30.58 16.28 -6.88
C ALA D 101 -31.37 17.24 -6.00
N ALA D 102 -31.14 18.54 -6.18
CA ALA D 102 -31.83 19.57 -5.43
C ALA D 102 -33.22 19.88 -6.02
N ALA D 103 -33.60 19.13 -7.06
CA ALA D 103 -34.88 19.29 -7.72
C ALA D 103 -35.05 18.26 -8.85
P PO3 E . -4.87 5.40 -7.18
O1 PO3 E . -4.81 5.96 -8.59
O2 PO3 E . -4.27 6.18 -6.02
O3 PO3 E . -5.36 3.99 -6.95
N ALA A 1 0.74 7.29 -18.60
CA ALA A 1 0.24 7.59 -19.96
C ALA A 1 -1.09 6.86 -20.17
N GLU A 2 -1.77 7.18 -21.26
CA GLU A 2 -3.08 6.58 -21.60
C GLU A 2 -3.28 5.20 -20.95
N GLU A 3 -2.80 4.17 -21.63
CA GLU A 3 -2.95 2.80 -21.13
C GLU A 3 -2.16 2.60 -19.84
N LEU A 4 -0.84 2.78 -19.91
CA LEU A 4 0.01 2.60 -18.74
C LEU A 4 -0.63 3.20 -17.48
N GLU A 5 -1.21 4.38 -17.61
CA GLU A 5 -1.84 5.05 -16.47
C GLU A 5 -3.12 4.34 -16.08
N GLU A 6 -3.94 4.01 -17.07
CA GLU A 6 -5.19 3.30 -16.82
C GLU A 6 -4.88 1.88 -16.34
N VAL A 7 -3.80 1.31 -16.88
CA VAL A 7 -3.37 -0.03 -16.50
C VAL A 7 -2.93 -0.05 -15.03
N VAL A 8 -2.20 0.99 -14.63
CA VAL A 8 -1.73 1.10 -13.25
C VAL A 8 -2.95 1.16 -12.33
N MET A 9 -3.95 1.96 -12.70
CA MET A 9 -5.17 2.06 -11.90
C MET A 9 -5.77 0.67 -11.73
N GLY A 10 -5.81 -0.09 -12.82
CA GLY A 10 -6.34 -1.45 -12.77
C GLY A 10 -5.49 -2.31 -11.83
N LEU A 11 -4.17 -2.17 -11.95
CA LEU A 11 -3.26 -2.93 -11.10
C LEU A 11 -3.45 -2.56 -9.64
N ILE A 12 -3.57 -1.27 -9.37
CA ILE A 12 -3.76 -0.80 -8.00
C ILE A 12 -5.06 -1.36 -7.46
N ILE A 13 -6.11 -1.29 -8.26
CA ILE A 13 -7.40 -1.82 -7.85
C ILE A 13 -7.30 -3.33 -7.65
N ASN A 14 -6.65 -4.01 -8.60
CA ASN A 14 -6.47 -5.45 -8.53
C ASN A 14 -5.71 -5.82 -7.26
N SER A 15 -4.61 -5.11 -7.03
CA SER A 15 -3.81 -5.35 -5.83
C SER A 15 -4.65 -5.14 -4.57
N GLY A 16 -5.44 -4.06 -4.60
CA GLY A 16 -6.32 -3.75 -3.47
C GLY A 16 -7.35 -4.86 -3.26
N GLN A 17 -7.95 -5.32 -4.36
CA GLN A 17 -8.94 -6.40 -4.27
C GLN A 17 -8.27 -7.65 -3.72
N ALA A 18 -7.05 -7.92 -4.18
CA ALA A 18 -6.31 -9.09 -3.72
C ALA A 18 -6.15 -9.04 -2.21
N ARG A 19 -5.70 -7.91 -1.69
CA ARG A 19 -5.55 -7.77 -0.25
C ARG A 19 -6.90 -7.95 0.43
N SER A 20 -7.91 -7.28 -0.11
CA SER A 20 -9.25 -7.36 0.44
C SER A 20 -9.68 -8.83 0.57
N LEU A 21 -9.47 -9.59 -0.49
CA LEU A 21 -9.81 -11.01 -0.48
C LEU A 21 -8.97 -11.74 0.58
N ALA A 22 -7.69 -11.40 0.63
CA ALA A 22 -6.79 -12.03 1.60
C ALA A 22 -7.30 -11.80 3.03
N TYR A 23 -7.59 -10.55 3.38
CA TYR A 23 -8.10 -10.25 4.72
C TYR A 23 -9.41 -11.00 4.93
N ALA A 24 -10.25 -11.03 3.90
CA ALA A 24 -11.51 -11.73 3.99
C ALA A 24 -11.24 -13.22 4.25
N ALA A 25 -10.23 -13.75 3.56
CA ALA A 25 -9.84 -15.14 3.75
C ALA A 25 -9.48 -15.38 5.21
N LEU A 26 -8.72 -14.46 5.78
CA LEU A 26 -8.32 -14.57 7.18
C LEU A 26 -9.56 -14.55 8.07
N LYS A 27 -10.48 -13.64 7.77
CA LYS A 27 -11.71 -13.53 8.54
C LYS A 27 -12.45 -14.87 8.56
N GLN A 28 -12.48 -15.54 7.41
CA GLN A 28 -13.15 -16.84 7.31
C GLN A 28 -12.48 -17.81 8.28
N ALA A 29 -11.15 -17.75 8.35
CA ALA A 29 -10.39 -18.62 9.24
C ALA A 29 -10.80 -18.38 10.69
N LYS A 30 -10.95 -17.12 11.05
CA LYS A 30 -11.36 -16.77 12.41
C LYS A 30 -12.72 -17.37 12.73
N GLN A 31 -13.58 -17.50 11.72
CA GLN A 31 -14.89 -18.08 11.93
C GLN A 31 -14.80 -19.60 11.96
N GLY A 32 -13.60 -20.12 11.77
CA GLY A 32 -13.37 -21.56 11.81
C GLY A 32 -13.71 -22.21 10.47
N ASP A 33 -13.83 -21.40 9.43
CA ASP A 33 -14.15 -21.90 8.09
C ASP A 33 -12.88 -22.06 7.26
N PHE A 34 -12.18 -23.18 7.47
CA PHE A 34 -10.93 -23.42 6.73
C PHE A 34 -11.18 -23.60 5.24
N ALA A 35 -12.31 -24.21 4.89
CA ALA A 35 -12.63 -24.46 3.49
C ALA A 35 -12.77 -23.14 2.72
N ALA A 36 -13.56 -22.23 3.26
CA ALA A 36 -13.76 -20.95 2.60
C ALA A 36 -12.46 -20.14 2.60
N ALA A 37 -11.70 -20.23 3.68
CA ALA A 37 -10.43 -19.52 3.75
C ALA A 37 -9.52 -19.99 2.60
N LYS A 38 -9.36 -21.30 2.49
CA LYS A 38 -8.53 -21.90 1.45
C LYS A 38 -8.96 -21.42 0.06
N ALA A 39 -10.26 -21.45 -0.21
CA ALA A 39 -10.77 -21.03 -1.51
C ALA A 39 -10.47 -19.57 -1.79
N MET A 40 -10.61 -18.74 -0.76
CA MET A 40 -10.36 -17.30 -0.90
C MET A 40 -8.88 -17.03 -1.18
N MET A 41 -7.98 -17.76 -0.50
CA MET A 41 -6.55 -17.56 -0.72
C MET A 41 -6.19 -17.92 -2.15
N ASP A 42 -6.77 -19.01 -2.65
CA ASP A 42 -6.47 -19.48 -3.99
C ASP A 42 -6.83 -18.42 -5.02
N GLN A 43 -8.03 -17.87 -4.88
CA GLN A 43 -8.48 -16.82 -5.80
C GLN A 43 -7.61 -15.59 -5.67
N SER A 44 -7.25 -15.24 -4.44
CA SER A 44 -6.40 -14.08 -4.20
C SER A 44 -5.06 -14.28 -4.91
N ARG A 45 -4.49 -15.47 -4.78
CA ARG A 45 -3.22 -15.82 -5.43
C ARG A 45 -3.32 -15.66 -6.95
N MET A 46 -4.40 -16.18 -7.51
CA MET A 46 -4.63 -16.11 -8.95
C MET A 46 -4.72 -14.65 -9.40
N ALA A 47 -5.41 -13.83 -8.62
CA ALA A 47 -5.56 -12.41 -8.94
C ALA A 47 -4.19 -11.74 -9.00
N LEU A 48 -3.35 -12.05 -8.02
CA LEU A 48 -2.00 -11.49 -7.95
C LEU A 48 -1.15 -11.98 -9.12
N ASN A 49 -1.29 -13.26 -9.41
CA ASN A 49 -0.51 -13.87 -10.48
C ASN A 49 -0.77 -13.15 -11.80
N GLU A 50 -2.04 -12.89 -12.07
CA GLU A 50 -2.41 -12.17 -13.29
C GLU A 50 -1.86 -10.75 -13.23
N ALA A 51 -1.97 -10.13 -12.05
CA ALA A 51 -1.47 -8.77 -11.87
C ALA A 51 0.06 -8.75 -12.05
N HIS A 52 0.73 -9.71 -11.44
CA HIS A 52 2.19 -9.81 -11.54
C HIS A 52 2.61 -10.01 -13.00
N LEU A 53 1.86 -10.83 -13.72
CA LEU A 53 2.16 -11.11 -15.12
C LEU A 53 2.11 -9.82 -15.93
N VAL A 54 1.08 -9.02 -15.68
CA VAL A 54 0.94 -7.75 -16.38
C VAL A 54 2.11 -6.84 -16.04
N GLN A 55 2.46 -6.79 -14.76
CA GLN A 55 3.59 -5.96 -14.34
C GLN A 55 4.88 -6.45 -15.01
N THR A 56 5.08 -7.76 -15.08
CA THR A 56 6.28 -8.32 -15.72
C THR A 56 6.46 -7.71 -17.11
N LYS A 57 5.37 -7.66 -17.88
CA LYS A 57 5.43 -7.06 -19.22
C LYS A 57 5.76 -5.59 -19.10
N LEU A 58 5.18 -4.94 -18.10
CA LEU A 58 5.43 -3.52 -17.90
C LEU A 58 6.87 -3.24 -17.48
N ILE A 59 7.58 -4.25 -16.98
CA ILE A 59 8.99 -4.06 -16.60
C ILE A 59 9.93 -4.47 -17.76
N GLU A 60 9.55 -5.49 -18.53
CA GLU A 60 10.37 -5.95 -19.66
C GLU A 60 10.46 -4.88 -20.74
N GLY A 61 9.34 -4.20 -21.01
CA GLY A 61 9.31 -3.17 -22.03
C GLY A 61 9.20 -1.78 -21.42
N ASP A 62 9.80 -1.60 -20.24
CA ASP A 62 9.75 -0.32 -19.54
C ASP A 62 10.49 0.78 -20.32
N ALA A 63 11.17 0.39 -21.40
CA ALA A 63 11.90 1.36 -22.21
C ALA A 63 10.97 2.06 -23.19
N GLY A 64 11.49 3.07 -23.89
CA GLY A 64 10.68 3.81 -24.86
C GLY A 64 10.81 5.32 -24.66
N GLU A 65 10.45 5.80 -23.47
CA GLU A 65 10.53 7.23 -23.19
C GLU A 65 11.97 7.72 -23.18
N GLY A 66 12.86 6.90 -22.64
CA GLY A 66 14.28 7.27 -22.58
C GLY A 66 15.15 6.04 -22.36
N LYS A 67 16.47 6.25 -22.44
CA LYS A 67 17.41 5.15 -22.27
C LYS A 67 17.39 4.63 -20.82
N MET A 68 18.11 5.32 -19.94
CA MET A 68 18.20 4.93 -18.54
C MET A 68 16.88 5.05 -17.79
N LYS A 69 16.13 6.12 -18.08
CA LYS A 69 14.87 6.35 -17.37
C LYS A 69 13.76 5.39 -17.80
N VAL A 70 12.84 5.14 -16.87
CA VAL A 70 11.71 4.23 -17.10
C VAL A 70 10.41 4.88 -16.65
N SER A 71 9.28 4.23 -16.95
CA SER A 71 7.98 4.77 -16.55
C SER A 71 7.94 4.91 -15.03
N LEU A 72 7.54 6.10 -14.57
CA LEU A 72 7.48 6.40 -13.14
C LEU A 72 6.43 5.55 -12.41
N VAL A 73 5.30 5.39 -13.07
CA VAL A 73 4.18 4.62 -12.52
C VAL A 73 4.55 3.16 -12.22
N LEU A 74 5.60 2.69 -12.85
CA LEU A 74 6.02 1.30 -12.65
C LEU A 74 6.18 0.99 -11.17
N VAL A 75 6.61 2.00 -10.44
CA VAL A 75 6.84 1.85 -9.01
C VAL A 75 5.50 1.75 -8.30
N HIS A 76 4.26 2.76 -8.68
CA HIS A 76 2.90 2.76 -8.09
C HIS A 76 2.31 1.36 -8.19
N ALA A 77 2.66 0.66 -9.26
CA ALA A 77 2.18 -0.70 -9.47
C ALA A 77 3.03 -1.69 -8.67
N GLN A 78 4.35 -1.53 -8.73
CA GLN A 78 5.25 -2.43 -8.01
C GLN A 78 5.02 -2.32 -6.50
N LEU A 79 4.96 -1.09 -6.01
CA LEU A 79 4.72 -0.86 -4.59
C LEU A 79 3.44 -1.54 -4.13
N HIS A 80 2.35 -1.32 -4.85
CA HIS A 80 1.08 -1.91 -4.47
C HIS A 80 1.12 -3.44 -4.62
N LEU A 81 1.65 -3.90 -5.74
CA LEU A 81 1.74 -5.34 -5.99
C LEU A 81 2.64 -6.04 -4.98
N MET A 82 3.80 -5.45 -4.70
CA MET A 82 4.74 -6.05 -3.75
C MET A 82 4.11 -6.14 -2.37
N THR A 83 3.46 -5.05 -1.96
CA THR A 83 2.81 -5.00 -0.65
C THR A 83 1.69 -6.04 -0.56
N SER A 84 0.84 -6.07 -1.58
CA SER A 84 -0.29 -7.01 -1.61
C SER A 84 0.20 -8.46 -1.60
N MET A 85 1.16 -8.78 -2.45
CA MET A 85 1.69 -10.14 -2.51
C MET A 85 2.26 -10.57 -1.18
N LEU A 86 3.07 -9.70 -0.59
CA LEU A 86 3.68 -10.00 0.70
C LEU A 86 2.61 -10.19 1.78
N ALA A 87 1.64 -9.28 1.79
CA ALA A 87 0.56 -9.36 2.76
C ALA A 87 -0.15 -10.70 2.67
N ARG A 88 -0.49 -11.10 1.47
CA ARG A 88 -1.18 -12.37 1.27
C ARG A 88 -0.35 -13.55 1.78
N GLU A 89 0.93 -13.57 1.45
CA GLU A 89 1.77 -14.67 1.88
C GLU A 89 1.79 -14.78 3.39
N LEU A 90 1.95 -13.65 4.06
CA LEU A 90 1.96 -13.64 5.51
C LEU A 90 0.58 -14.03 6.05
N ILE A 91 -0.46 -13.51 5.42
CA ILE A 91 -1.82 -13.85 5.84
C ILE A 91 -2.03 -15.35 5.69
N THR A 92 -1.50 -15.92 4.61
CA THR A 92 -1.60 -17.37 4.40
C THR A 92 -0.98 -18.10 5.59
N GLU A 93 0.20 -17.64 6.01
CA GLU A 93 0.88 -18.23 7.16
C GLU A 93 0.02 -18.08 8.40
N LEU A 94 -0.57 -16.89 8.56
CA LEU A 94 -1.43 -16.62 9.72
C LEU A 94 -2.62 -17.59 9.71
N ILE A 95 -3.20 -17.80 8.55
CA ILE A 95 -4.34 -18.73 8.44
C ILE A 95 -3.90 -20.14 8.83
N GLU A 96 -2.72 -20.56 8.36
CA GLU A 96 -2.22 -21.88 8.71
C GLU A 96 -2.08 -22.00 10.22
N LEU A 97 -1.64 -20.91 10.87
CA LEU A 97 -1.51 -20.92 12.32
C LEU A 97 -2.88 -21.12 12.98
N HIS A 98 -3.89 -20.46 12.44
CA HIS A 98 -5.25 -20.62 12.98
C HIS A 98 -5.63 -22.08 12.92
N GLU A 99 -5.25 -22.75 11.84
CA GLU A 99 -5.55 -24.17 11.68
C GLU A 99 -4.81 -24.98 12.74
N LYS A 100 -3.56 -24.62 13.01
CA LYS A 100 -2.79 -25.32 14.02
C LYS A 100 -3.39 -25.06 15.41
N LEU A 101 -3.92 -23.84 15.61
CA LEU A 101 -4.56 -23.49 16.88
C LEU A 101 -5.80 -24.37 17.09
N LYS A 102 -6.02 -25.30 16.15
CA LYS A 102 -7.18 -26.20 16.21
C LYS A 102 -8.43 -25.52 15.71
N ALA A 103 -8.82 -24.42 16.39
CA ALA A 103 -10.03 -23.67 16.04
C ALA A 103 -10.30 -23.65 14.53
N ALA B 1 22.66 3.11 -13.51
CA ALA B 1 23.97 3.34 -14.19
C ALA B 1 24.86 2.13 -13.94
N GLU B 2 26.00 2.08 -14.64
CA GLU B 2 26.95 0.97 -14.53
C GLU B 2 26.86 0.24 -13.18
N GLU B 3 27.57 0.74 -12.19
CA GLU B 3 27.58 0.13 -10.87
C GLU B 3 26.22 0.21 -10.20
N LEU B 4 25.72 1.44 -10.02
CA LEU B 4 24.42 1.61 -9.38
C LEU B 4 23.38 0.61 -9.91
N GLU B 5 23.37 0.41 -11.22
CA GLU B 5 22.42 -0.52 -11.83
C GLU B 5 22.76 -1.95 -11.47
N GLU B 6 24.03 -2.30 -11.57
CA GLU B 6 24.50 -3.63 -11.23
C GLU B 6 24.38 -3.85 -9.73
N VAL B 7 24.60 -2.79 -8.97
CA VAL B 7 24.51 -2.85 -7.52
C VAL B 7 23.05 -3.11 -7.10
N VAL B 8 22.12 -2.44 -7.77
CA VAL B 8 20.69 -2.63 -7.49
C VAL B 8 20.33 -4.08 -7.74
N MET B 9 20.80 -4.63 -8.86
CA MET B 9 20.52 -6.03 -9.18
C MET B 9 21.01 -6.91 -8.03
N GLY B 10 22.21 -6.62 -7.53
CA GLY B 10 22.75 -7.37 -6.41
C GLY B 10 21.86 -7.21 -5.19
N LEU B 11 21.44 -5.98 -4.93
CA LEU B 11 20.56 -5.70 -3.79
C LEU B 11 19.24 -6.44 -3.93
N ILE B 12 18.67 -6.41 -5.13
CA ILE B 12 17.40 -7.09 -5.38
C ILE B 12 17.57 -8.58 -5.14
N ILE B 13 18.66 -9.12 -5.68
CA ILE B 13 18.94 -10.54 -5.50
C ILE B 13 19.17 -10.83 -4.02
N ASN B 14 19.95 -9.98 -3.36
CA ASN B 14 20.24 -10.16 -1.94
C ASN B 14 18.94 -10.10 -1.13
N SER B 15 18.11 -9.11 -1.42
CA SER B 15 16.83 -8.99 -0.74
C SER B 15 15.98 -10.23 -0.97
N GLY B 16 15.99 -10.71 -2.22
CA GLY B 16 15.23 -11.91 -2.57
C GLY B 16 15.76 -13.12 -1.81
N GLN B 17 17.08 -13.25 -1.75
CA GLN B 17 17.68 -14.37 -1.03
C GLN B 17 17.31 -14.28 0.45
N ALA B 18 17.35 -13.06 0.98
CA ALA B 18 17.00 -12.84 2.37
C ALA B 18 15.60 -13.36 2.66
N ARG B 19 14.64 -12.97 1.84
CA ARG B 19 13.27 -13.44 2.02
C ARG B 19 13.24 -14.96 1.90
N SER B 20 13.90 -15.47 0.86
CA SER B 20 13.94 -16.91 0.64
C SER B 20 14.41 -17.63 1.89
N LEU B 21 15.50 -17.13 2.48
CA LEU B 21 16.04 -17.73 3.71
C LEU B 21 15.01 -17.60 4.83
N ALA B 22 14.37 -16.44 4.93
CA ALA B 22 13.37 -16.20 5.97
C ALA B 22 12.24 -17.23 5.85
N TYR B 23 11.67 -17.38 4.65
CA TYR B 23 10.60 -18.36 4.46
C TYR B 23 11.12 -19.75 4.79
N ALA B 24 12.36 -20.04 4.38
CA ALA B 24 12.95 -21.33 4.67
C ALA B 24 13.06 -21.49 6.19
N ALA B 25 13.43 -20.41 6.87
CA ALA B 25 13.53 -20.43 8.33
C ALA B 25 12.18 -20.80 8.92
N LEU B 26 11.12 -20.21 8.39
CA LEU B 26 9.78 -20.50 8.86
C LEU B 26 9.45 -21.97 8.62
N LYS B 27 9.80 -22.46 7.44
CA LYS B 27 9.55 -23.86 7.11
C LYS B 27 10.21 -24.78 8.14
N GLN B 28 11.43 -24.43 8.54
CA GLN B 28 12.13 -25.23 9.56
C GLN B 28 11.31 -25.26 10.84
N ALA B 29 10.74 -24.11 11.19
CA ALA B 29 9.91 -24.02 12.40
C ALA B 29 8.73 -24.97 12.31
N LYS B 30 8.09 -25.01 11.14
CA LYS B 30 6.95 -25.90 10.94
C LYS B 30 7.36 -27.35 11.16
N GLN B 31 8.62 -27.67 10.83
CA GLN B 31 9.10 -29.04 11.01
C GLN B 31 9.46 -29.28 12.48
N GLY B 32 9.32 -28.24 13.29
CA GLY B 32 9.63 -28.35 14.72
C GLY B 32 11.13 -28.18 14.99
N ASP B 33 11.86 -27.66 14.00
CA ASP B 33 13.29 -27.46 14.14
C ASP B 33 13.60 -26.02 14.53
N PHE B 34 13.47 -25.71 15.81
CA PHE B 34 13.73 -24.34 16.29
C PHE B 34 15.18 -23.94 16.10
N ALA B 35 16.09 -24.90 16.27
CA ALA B 35 17.52 -24.60 16.15
C ALA B 35 17.86 -24.12 14.74
N ALA B 36 17.43 -24.87 13.74
CA ALA B 36 17.71 -24.50 12.36
C ALA B 36 16.98 -23.20 12.01
N ALA B 37 15.77 -23.03 12.51
CA ALA B 37 15.03 -21.80 12.24
C ALA B 37 15.82 -20.61 12.74
N LYS B 38 16.23 -20.68 14.02
CA LYS B 38 17.01 -19.60 14.63
C LYS B 38 18.27 -19.27 13.81
N ALA B 39 18.99 -20.29 13.40
CA ALA B 39 20.21 -20.10 12.61
C ALA B 39 19.91 -19.41 11.28
N MET B 40 18.83 -19.82 10.64
CA MET B 40 18.44 -19.26 9.36
C MET B 40 18.05 -17.78 9.51
N MET B 41 17.32 -17.45 10.57
CA MET B 41 16.92 -16.06 10.78
C MET B 41 18.15 -15.17 10.97
N ASP B 42 19.12 -15.68 11.73
CA ASP B 42 20.33 -14.93 12.01
C ASP B 42 21.06 -14.57 10.73
N GLN B 43 21.21 -15.58 9.86
CA GLN B 43 21.88 -15.36 8.59
C GLN B 43 21.08 -14.40 7.72
N SER B 44 19.76 -14.54 7.73
CA SER B 44 18.91 -13.65 6.95
C SER B 44 19.13 -12.20 7.41
N ARG B 45 19.14 -12.00 8.73
CA ARG B 45 19.35 -10.68 9.30
C ARG B 45 20.69 -10.09 8.83
N MET B 46 21.74 -10.90 8.89
CA MET B 46 23.07 -10.45 8.49
C MET B 46 23.05 -10.04 7.02
N ALA B 47 22.37 -10.84 6.20
CA ALA B 47 22.27 -10.53 4.77
C ALA B 47 21.58 -9.19 4.56
N LEU B 48 20.50 -8.97 5.31
CA LEU B 48 19.75 -7.72 5.21
C LEU B 48 20.59 -6.55 5.72
N ASN B 49 21.30 -6.78 6.81
CA ASN B 49 22.13 -5.75 7.40
C ASN B 49 23.18 -5.26 6.40
N GLU B 50 23.83 -6.19 5.73
CA GLU B 50 24.82 -5.83 4.72
C GLU B 50 24.17 -5.10 3.57
N ALA B 51 23.00 -5.58 3.17
CA ALA B 51 22.25 -4.96 2.08
C ALA B 51 21.83 -3.54 2.48
N HIS B 52 21.32 -3.41 3.70
CA HIS B 52 20.88 -2.11 4.21
C HIS B 52 22.06 -1.13 4.27
N LEU B 53 23.22 -1.64 4.69
CA LEU B 53 24.42 -0.80 4.79
C LEU B 53 24.77 -0.23 3.41
N VAL B 54 24.71 -1.09 2.40
CA VAL B 54 25.03 -0.66 1.04
C VAL B 54 24.01 0.40 0.61
N GLN B 55 22.73 0.16 0.90
CA GLN B 55 21.70 1.13 0.53
C GLN B 55 21.96 2.45 1.25
N THR B 56 22.32 2.39 2.54
CA THR B 56 22.60 3.61 3.30
C THR B 56 23.57 4.50 2.53
N LYS B 57 24.65 3.90 2.04
CA LYS B 57 25.62 4.66 1.25
C LYS B 57 24.97 5.20 -0.01
N LEU B 58 24.12 4.39 -0.61
CA LEU B 58 23.44 4.78 -1.84
C LEU B 58 22.45 5.93 -1.59
N ILE B 59 22.02 6.12 -0.32
CA ILE B 59 21.11 7.23 -0.01
C ILE B 59 21.88 8.48 0.45
N GLU B 60 23.00 8.27 1.16
CA GLU B 60 23.81 9.39 1.64
C GLU B 60 24.42 10.17 0.46
N GLY B 61 24.86 9.43 -0.55
CA GLY B 61 25.49 10.05 -1.72
C GLY B 61 24.59 9.96 -2.95
N ASP B 62 23.28 10.02 -2.73
CA ASP B 62 22.32 9.93 -3.82
C ASP B 62 22.41 11.14 -4.77
N ALA B 63 23.21 12.12 -4.40
CA ALA B 63 23.36 13.32 -5.23
C ALA B 63 24.37 13.07 -6.34
N GLY B 64 24.50 14.03 -7.26
CA GLY B 64 25.44 13.90 -8.37
C GLY B 64 24.78 14.23 -9.71
N GLU B 65 23.73 13.48 -10.05
CA GLU B 65 23.03 13.70 -11.32
C GLU B 65 22.34 15.07 -11.33
N GLY B 66 21.76 15.45 -10.20
CA GLY B 66 21.07 16.73 -10.11
C GLY B 66 20.91 17.16 -8.66
N LYS B 67 20.42 18.38 -8.47
CA LYS B 67 20.23 18.92 -7.13
C LYS B 67 19.13 18.16 -6.38
N MET B 68 17.88 18.54 -6.66
CA MET B 68 16.72 17.93 -6.01
C MET B 68 16.52 16.47 -6.40
N LYS B 69 16.75 16.13 -7.66
CA LYS B 69 16.54 14.76 -8.14
C LYS B 69 17.62 13.80 -7.64
N VAL B 70 17.22 12.52 -7.52
CA VAL B 70 18.11 11.47 -7.05
C VAL B 70 18.02 10.24 -7.98
N SER B 71 18.89 9.26 -7.76
CA SER B 71 18.88 8.05 -8.59
C SER B 71 17.52 7.37 -8.49
N LEU B 72 16.93 7.04 -9.64
CA LEU B 72 15.60 6.45 -9.66
C LEU B 72 15.59 5.04 -9.04
N VAL B 73 16.65 4.30 -9.35
CA VAL B 73 16.80 2.93 -8.88
C VAL B 73 16.83 2.84 -7.34
N LEU B 74 17.12 3.96 -6.69
CA LEU B 74 17.18 3.97 -5.23
C LEU B 74 15.90 3.42 -4.63
N VAL B 75 14.79 3.77 -5.26
CA VAL B 75 13.49 3.30 -4.80
C VAL B 75 13.39 1.80 -5.01
N HIS B 76 13.85 1.23 -6.24
CA HIS B 76 13.80 -0.19 -6.52
C HIS B 76 14.50 -0.97 -5.40
N ALA B 77 15.67 -0.51 -5.01
CA ALA B 77 16.41 -1.16 -3.94
C ALA B 77 15.71 -0.99 -2.60
N GLN B 78 15.18 0.21 -2.37
CA GLN B 78 14.48 0.49 -1.12
C GLN B 78 13.21 -0.36 -1.03
N LEU B 79 12.44 -0.39 -2.12
CA LEU B 79 11.22 -1.18 -2.14
C LEU B 79 11.49 -2.65 -1.82
N HIS B 80 12.48 -3.23 -2.48
CA HIS B 80 12.80 -4.62 -2.24
C HIS B 80 13.36 -4.83 -0.84
N LEU B 81 14.27 -3.95 -0.44
CA LEU B 81 14.88 -4.06 0.89
C LEU B 81 13.85 -3.85 2.00
N MET B 82 13.00 -2.85 1.86
CA MET B 82 11.98 -2.57 2.87
C MET B 82 11.02 -3.75 3.01
N THR B 83 10.59 -4.28 1.87
CA THR B 83 9.67 -5.41 1.87
C THR B 83 10.32 -6.64 2.50
N SER B 84 11.55 -6.94 2.10
CA SER B 84 12.26 -8.09 2.64
C SER B 84 12.50 -7.97 4.14
N MET B 85 12.97 -6.81 4.58
CA MET B 85 13.24 -6.60 6.01
C MET B 85 11.96 -6.76 6.83
N LEU B 86 10.89 -6.14 6.36
CA LEU B 86 9.61 -6.21 7.06
C LEU B 86 9.11 -7.65 7.12
N ALA B 87 9.17 -8.33 5.98
CA ALA B 87 8.72 -9.71 5.90
C ALA B 87 9.49 -10.58 6.88
N ARG B 88 10.79 -10.44 6.86
CA ARG B 88 11.65 -11.22 7.75
C ARG B 88 11.28 -10.97 9.21
N GLU B 89 11.08 -9.70 9.59
CA GLU B 89 10.75 -9.38 10.97
C GLU B 89 9.43 -10.05 11.37
N LEU B 90 8.44 -9.96 10.50
CA LEU B 90 7.14 -10.56 10.78
C LEU B 90 7.28 -12.08 10.84
N ILE B 91 8.06 -12.63 9.92
CA ILE B 91 8.30 -14.07 9.91
C ILE B 91 8.95 -14.49 11.23
N THR B 92 9.86 -13.66 11.73
CA THR B 92 10.50 -13.96 13.02
C THR B 92 9.43 -14.07 14.09
N GLU B 93 8.49 -13.13 14.09
CA GLU B 93 7.40 -13.15 15.06
C GLU B 93 6.58 -14.43 14.88
N LEU B 94 6.30 -14.77 13.62
CA LEU B 94 5.54 -15.99 13.33
C LEU B 94 6.27 -17.21 13.87
N ILE B 95 7.59 -17.26 13.68
CA ILE B 95 8.36 -18.38 14.19
C ILE B 95 8.28 -18.46 15.71
N GLU B 96 8.36 -17.30 16.37
CA GLU B 96 8.25 -17.27 17.83
C GLU B 96 6.90 -17.85 18.25
N LEU B 97 5.86 -17.54 17.49
CA LEU B 97 4.52 -18.05 17.79
C LEU B 97 4.52 -19.58 17.69
N HIS B 98 5.19 -20.10 16.66
CA HIS B 98 5.27 -21.55 16.50
C HIS B 98 5.89 -22.17 17.75
N GLU B 99 6.90 -21.48 18.28
CA GLU B 99 7.55 -21.95 19.50
C GLU B 99 6.58 -21.94 20.66
N LYS B 100 5.77 -20.88 20.77
CA LYS B 100 4.79 -20.80 21.84
C LYS B 100 3.72 -21.88 21.65
N LEU B 101 3.39 -22.19 20.39
CA LEU B 101 2.42 -23.25 20.11
C LEU B 101 2.96 -24.60 20.58
N LYS B 102 4.13 -24.57 21.21
CA LYS B 102 4.77 -25.78 21.72
C LYS B 102 5.49 -26.51 20.59
N ALA B 103 4.71 -26.92 19.58
CA ALA B 103 5.25 -27.67 18.43
C ALA B 103 6.64 -27.19 18.04
N ALA C 1 11.12 19.25 -2.05
CA ALA C 1 11.16 20.74 -1.98
C ALA C 1 10.96 21.17 -0.54
N GLU C 2 11.18 22.45 -0.27
CA GLU C 2 11.04 23.02 1.08
C GLU C 2 10.10 22.22 1.98
N GLU C 3 8.81 22.51 1.89
CA GLU C 3 7.83 21.81 2.71
C GLU C 3 7.73 20.34 2.34
N LEU C 4 7.37 20.07 1.08
CA LEU C 4 7.24 18.68 0.63
C LEU C 4 8.38 17.80 1.16
N GLU C 5 9.60 18.32 1.11
CA GLU C 5 10.76 17.57 1.58
C GLU C 5 10.74 17.43 3.10
N GLU C 6 10.47 18.53 3.78
CA GLU C 6 10.41 18.52 5.24
C GLU C 6 9.19 17.70 5.68
N VAL C 7 8.12 17.78 4.89
CA VAL C 7 6.90 17.04 5.17
C VAL C 7 7.17 15.53 5.06
N VAL C 8 7.92 15.14 4.03
CA VAL C 8 8.27 13.74 3.83
C VAL C 8 9.06 13.24 5.04
N MET C 9 10.02 14.04 5.50
CA MET C 9 10.80 13.67 6.66
C MET C 9 9.87 13.40 7.84
N GLY C 10 8.88 14.29 8.01
CA GLY C 10 7.91 14.13 9.08
C GLY C 10 7.12 12.84 8.88
N LEU C 11 6.71 12.59 7.65
CA LEU C 11 5.94 11.37 7.33
C LEU C 11 6.79 10.14 7.59
N ILE C 12 8.05 10.18 7.18
CA ILE C 12 8.94 9.04 7.37
C ILE C 12 9.11 8.78 8.87
N ILE C 13 9.32 9.87 9.61
CA ILE C 13 9.47 9.76 11.06
C ILE C 13 8.16 9.23 11.66
N ASN C 14 7.05 9.81 11.22
CA ASN C 14 5.73 9.40 11.72
C ASN C 14 5.50 7.92 11.43
N SER C 15 5.79 7.51 10.19
CA SER C 15 5.63 6.11 9.81
C SER C 15 6.52 5.24 10.68
N GLY C 16 7.76 5.70 10.90
CA GLY C 16 8.70 4.95 11.73
C GLY C 16 8.18 4.84 13.16
N GLN C 17 7.67 5.95 13.70
CA GLN C 17 7.13 5.92 15.06
C GLN C 17 5.95 4.97 15.12
N ALA C 18 5.12 5.01 14.08
CA ALA C 18 3.96 4.14 14.02
C ALA C 18 4.38 2.67 14.15
N ARG C 19 5.36 2.27 13.33
CA ARG C 19 5.84 0.91 13.40
C ARG C 19 6.41 0.63 14.79
N SER C 20 7.21 1.57 15.28
CA SER C 20 7.81 1.41 16.60
C SER C 20 6.73 1.13 17.65
N LEU C 21 5.66 1.92 17.61
CA LEU C 21 4.56 1.74 18.54
C LEU C 21 3.92 0.37 18.33
N ALA C 22 3.73 0.00 17.06
CA ALA C 22 3.13 -1.29 16.73
C ALA C 22 3.96 -2.44 17.33
N TYR C 23 5.27 -2.43 17.07
CA TYR C 23 6.14 -3.47 17.64
C TYR C 23 6.05 -3.45 19.16
N ALA C 24 6.03 -2.24 19.72
CA ALA C 24 5.92 -2.11 21.17
C ALA C 24 4.59 -2.72 21.62
N ALA C 25 3.54 -2.47 20.85
CA ALA C 25 2.23 -3.03 21.16
C ALA C 25 2.31 -4.55 21.21
N LEU C 26 3.01 -5.12 20.24
CA LEU C 26 3.19 -6.57 20.18
C LEU C 26 3.95 -7.05 21.42
N LYS C 27 4.99 -6.31 21.77
CA LYS C 27 5.79 -6.66 22.94
C LYS C 27 4.90 -6.72 24.19
N GLN C 28 3.99 -5.77 24.31
CA GLN C 28 3.06 -5.75 25.44
C GLN C 28 2.26 -7.04 25.47
N ALA C 29 1.82 -7.47 24.27
CA ALA C 29 1.05 -8.70 24.16
C ALA C 29 1.85 -9.89 24.67
N LYS C 30 3.13 -9.94 24.30
CA LYS C 30 3.99 -11.02 24.76
C LYS C 30 4.07 -11.06 26.28
N GLN C 31 3.98 -9.88 26.90
CA GLN C 31 4.04 -9.80 28.36
C GLN C 31 2.67 -10.17 28.96
N GLY C 32 1.71 -10.44 28.08
CA GLY C 32 0.36 -10.83 28.53
C GLY C 32 -0.47 -9.60 28.89
N ASP C 33 -0.04 -8.43 28.44
CA ASP C 33 -0.76 -7.18 28.70
C ASP C 33 -1.63 -6.80 27.51
N PHE C 34 -2.80 -7.41 27.42
CA PHE C 34 -3.71 -7.14 26.31
C PHE C 34 -4.22 -5.70 26.34
N ALA C 35 -4.43 -5.17 27.54
CA ALA C 35 -4.94 -3.81 27.68
C ALA C 35 -3.97 -2.79 27.08
N ALA C 36 -2.71 -2.89 27.47
CA ALA C 36 -1.71 -1.96 26.96
C ALA C 36 -1.50 -2.17 25.47
N ALA C 37 -1.55 -3.42 25.02
CA ALA C 37 -1.38 -3.71 23.60
C ALA C 37 -2.48 -3.00 22.81
N LYS C 38 -3.72 -3.21 23.22
CA LYS C 38 -4.87 -2.59 22.57
C LYS C 38 -4.72 -1.07 22.49
N ALA C 39 -4.32 -0.45 23.61
CA ALA C 39 -4.16 1.00 23.65
C ALA C 39 -3.06 1.46 22.68
N MET C 40 -1.96 0.72 22.64
CA MET C 40 -0.85 1.06 21.77
C MET C 40 -1.25 0.92 20.30
N MET C 41 -2.03 -0.11 19.99
CA MET C 41 -2.48 -0.31 18.61
C MET C 41 -3.35 0.85 18.16
N ASP C 42 -4.25 1.28 19.04
CA ASP C 42 -5.17 2.36 18.72
C ASP C 42 -4.41 3.63 18.38
N GLN C 43 -3.42 3.97 19.21
CA GLN C 43 -2.61 5.16 18.97
C GLN C 43 -1.83 5.03 17.67
N SER C 44 -1.30 3.85 17.42
CA SER C 44 -0.55 3.60 16.19
C SER C 44 -1.44 3.87 14.98
N ARG C 45 -2.67 3.32 15.03
CA ARG C 45 -3.64 3.50 13.96
C ARG C 45 -3.93 4.99 13.72
N MET C 46 -4.14 5.72 14.81
CA MET C 46 -4.43 7.15 14.72
C MET C 46 -3.26 7.89 14.08
N ALA C 47 -2.04 7.51 14.47
CA ALA C 47 -0.84 8.14 13.91
C ALA C 47 -0.78 7.91 12.40
N LEU C 48 -1.08 6.68 11.98
CA LEU C 48 -1.07 6.33 10.57
C LEU C 48 -2.17 7.06 9.82
N ASN C 49 -3.34 7.15 10.45
CA ASN C 49 -4.48 7.81 9.84
C ASN C 49 -4.14 9.27 9.52
N GLU C 50 -3.51 9.95 10.47
CA GLU C 50 -3.11 11.33 10.26
C GLU C 50 -2.06 11.41 9.16
N ALA C 51 -1.13 10.47 9.19
CA ALA C 51 -0.07 10.43 8.18
C ALA C 51 -0.67 10.15 6.80
N HIS C 52 -1.58 9.19 6.74
CA HIS C 52 -2.25 8.85 5.48
C HIS C 52 -3.02 10.05 4.94
N LEU C 53 -3.69 10.78 5.83
CA LEU C 53 -4.47 11.95 5.43
C LEU C 53 -3.56 12.98 4.76
N VAL C 54 -2.39 13.20 5.35
CA VAL C 54 -1.45 14.16 4.80
C VAL C 54 -0.99 13.67 3.43
N GLN C 55 -0.69 12.38 3.32
CA GLN C 55 -0.26 11.82 2.04
C GLN C 55 -1.38 11.99 1.00
N THR C 56 -2.62 11.74 1.41
CA THR C 56 -3.76 11.88 0.48
C THR C 56 -3.70 13.25 -0.19
N LYS C 57 -3.50 14.29 0.60
CA LYS C 57 -3.40 15.64 0.05
C LYS C 57 -2.20 15.73 -0.88
N LEU C 58 -1.11 15.09 -0.49
CA LEU C 58 0.10 15.11 -1.29
C LEU C 58 -0.08 14.35 -2.61
N ILE C 59 -1.09 13.47 -2.70
CA ILE C 59 -1.33 12.76 -3.95
C ILE C 59 -2.40 13.48 -4.79
N GLU C 60 -3.38 14.10 -4.14
CA GLU C 60 -4.43 14.83 -4.87
C GLU C 60 -3.85 16.03 -5.60
N GLY C 61 -2.89 16.71 -4.98
CA GLY C 61 -2.28 17.89 -5.57
C GLY C 61 -0.83 17.62 -5.97
N ASP C 62 -0.56 16.41 -6.41
CA ASP C 62 0.79 16.03 -6.80
C ASP C 62 1.22 16.75 -8.06
N ALA C 63 0.31 17.49 -8.68
CA ALA C 63 0.63 18.24 -9.90
C ALA C 63 1.30 19.56 -9.56
N GLY C 64 1.78 20.26 -10.59
CA GLY C 64 2.43 21.56 -10.39
C GLY C 64 3.77 21.63 -11.13
N GLU C 65 4.69 20.71 -10.81
CA GLU C 65 5.99 20.70 -11.45
C GLU C 65 5.87 20.38 -12.94
N GLY C 66 4.99 19.45 -13.27
CA GLY C 66 4.80 19.05 -14.66
C GLY C 66 3.45 18.36 -14.86
N LYS C 67 3.12 18.09 -16.11
CA LYS C 67 1.85 17.44 -16.43
C LYS C 67 1.83 16.00 -15.92
N MET C 68 2.44 15.10 -16.70
CA MET C 68 2.48 13.68 -16.36
C MET C 68 3.31 13.38 -15.12
N LYS C 69 4.45 14.07 -14.97
CA LYS C 69 5.34 13.83 -13.84
C LYS C 69 4.79 14.36 -12.52
N VAL C 70 5.20 13.71 -11.43
CA VAL C 70 4.76 14.07 -10.08
C VAL C 70 5.96 14.16 -9.13
N SER C 71 5.72 14.64 -7.91
CA SER C 71 6.80 14.75 -6.93
C SER C 71 7.42 13.38 -6.68
N LEU C 72 8.74 13.30 -6.77
CA LEU C 72 9.45 12.03 -6.61
C LEU C 72 9.31 11.48 -5.19
N VAL C 73 9.40 12.39 -4.22
CA VAL C 73 9.33 12.04 -2.80
C VAL C 73 8.00 11.37 -2.44
N LEU C 74 6.99 11.57 -3.26
CA LEU C 74 5.67 10.98 -3.00
C LEU C 74 5.79 9.49 -2.76
N VAL C 75 6.66 8.87 -3.54
CA VAL C 75 6.87 7.43 -3.42
C VAL C 75 7.54 7.13 -2.08
N HIS C 76 8.61 7.95 -1.64
CA HIS C 76 9.28 7.74 -0.37
C HIS C 76 8.28 7.71 0.78
N ALA C 77 7.35 8.66 0.76
CA ALA C 77 6.32 8.70 1.79
C ALA C 77 5.36 7.53 1.65
N GLN C 78 5.01 7.21 0.40
CA GLN C 78 4.09 6.10 0.16
C GLN C 78 4.74 4.78 0.58
N LEU C 79 5.99 4.58 0.19
CA LEU C 79 6.71 3.36 0.55
C LEU C 79 6.75 3.17 2.06
N HIS C 80 7.13 4.21 2.79
CA HIS C 80 7.20 4.12 4.24
C HIS C 80 5.81 3.94 4.85
N LEU C 81 4.87 4.73 4.38
CA LEU C 81 3.50 4.67 4.89
C LEU C 81 2.85 3.31 4.59
N MET C 82 3.01 2.84 3.37
CA MET C 82 2.42 1.55 2.98
C MET C 82 3.01 0.42 3.82
N THR C 83 4.32 0.45 3.99
CA THR C 83 5.00 -0.58 4.76
C THR C 83 4.54 -0.55 6.22
N SER C 84 4.53 0.64 6.80
CA SER C 84 4.12 0.80 8.20
C SER C 84 2.67 0.37 8.42
N MET C 85 1.76 0.84 7.56
CA MET C 85 0.35 0.48 7.70
C MET C 85 0.16 -1.04 7.61
N LEU C 86 0.80 -1.65 6.63
CA LEU C 86 0.70 -3.09 6.43
C LEU C 86 1.24 -3.83 7.65
N ALA C 87 2.42 -3.42 8.10
CA ALA C 87 3.05 -4.04 9.25
C ALA C 87 2.13 -3.96 10.47
N ARG C 88 1.61 -2.77 10.71
CA ARG C 88 0.74 -2.55 11.84
C ARG C 88 -0.50 -3.47 11.77
N GLU C 89 -1.11 -3.56 10.59
CA GLU C 89 -2.29 -4.42 10.44
C GLU C 89 -1.95 -5.88 10.74
N LEU C 90 -0.82 -6.35 10.20
CA LEU C 90 -0.40 -7.72 10.44
C LEU C 90 -0.07 -7.92 11.91
N ILE C 91 0.60 -6.95 12.49
CA ILE C 91 0.95 -7.02 13.90
C ILE C 91 -0.33 -7.12 14.73
N THR C 92 -1.36 -6.39 14.32
CA THR C 92 -2.64 -6.46 15.02
C THR C 92 -3.15 -7.89 14.99
N GLU C 93 -3.06 -8.53 13.83
CA GLU C 93 -3.50 -9.92 13.70
C GLU C 93 -2.66 -10.82 14.62
N LEU C 94 -1.36 -10.56 14.63
CA LEU C 94 -0.45 -11.34 15.47
C LEU C 94 -0.84 -11.20 16.94
N ILE C 95 -1.16 -9.98 17.35
CA ILE C 95 -1.57 -9.73 18.73
C ILE C 95 -2.86 -10.51 19.05
N GLU C 96 -3.80 -10.48 18.12
CA GLU C 96 -5.05 -11.21 18.31
C GLU C 96 -4.75 -12.70 18.53
N LEU C 97 -3.78 -13.21 17.77
CA LEU C 97 -3.39 -14.61 17.91
C LEU C 97 -2.85 -14.87 19.32
N HIS C 98 -2.05 -13.94 19.83
CA HIS C 98 -1.52 -14.09 21.18
C HIS C 98 -2.68 -14.22 22.16
N GLU C 99 -3.73 -13.44 21.92
CA GLU C 99 -4.90 -13.49 22.78
C GLU C 99 -5.57 -14.87 22.68
N LYS C 100 -5.65 -15.41 21.46
CA LYS C 100 -6.25 -16.72 21.29
C LYS C 100 -5.38 -17.78 21.95
N LEU C 101 -4.05 -17.58 21.91
CA LEU C 101 -3.12 -18.52 22.55
C LEU C 101 -3.37 -18.53 24.06
N LYS C 102 -4.36 -17.76 24.51
CA LYS C 102 -4.70 -17.67 25.93
C LYS C 102 -3.78 -16.68 26.63
N ALA C 103 -2.48 -16.99 26.61
CA ALA C 103 -1.45 -16.16 27.26
C ALA C 103 -1.80 -14.67 27.21
N LYS D 1 -19.97 26.95 -1.17
CA LYS D 1 -19.08 26.05 -1.96
C LYS D 1 -19.44 24.59 -1.78
N LYS D 2 -19.77 23.94 -2.87
CA LYS D 2 -20.15 22.54 -2.84
C LYS D 2 -18.93 21.62 -2.88
N HIS D 3 -19.02 20.49 -2.19
CA HIS D 3 -17.93 19.52 -2.13
C HIS D 3 -18.12 18.37 -3.08
N ILE D 4 -17.20 18.26 -4.03
CA ILE D 4 -17.22 17.18 -4.99
C ILE D 4 -16.07 16.24 -4.61
N TYR D 5 -16.39 15.03 -4.18
CA TYR D 5 -15.38 14.06 -3.78
C TYR D 5 -15.33 12.90 -4.76
N LEU D 6 -14.13 12.60 -5.26
CA LEU D 6 -13.90 11.48 -6.19
C LEU D 6 -13.25 10.35 -5.40
N PHE D 7 -13.56 9.09 -5.76
CA PHE D 7 -12.85 7.96 -5.13
C PHE D 7 -12.19 7.07 -6.17
N CYS D 8 -11.03 6.48 -5.75
CA CYS D 8 -10.27 5.48 -6.49
C CYS D 8 -9.61 4.52 -5.51
N SER D 9 -8.55 3.76 -5.85
CA SER D 9 -8.05 2.88 -4.78
C SER D 9 -7.16 3.64 -3.82
N ALA D 10 -6.14 4.36 -4.31
CA ALA D 10 -5.22 5.07 -3.42
C ALA D 10 -5.49 6.56 -3.48
N GLY D 11 -5.79 7.06 -4.69
CA GLY D 11 -6.09 8.47 -4.88
C GLY D 11 -5.07 9.15 -5.79
N MET D 12 -4.42 8.43 -6.71
CA MET D 12 -3.43 9.06 -7.58
C MET D 12 -3.96 9.28 -9.00
N SER D 13 -4.06 8.24 -9.75
CA SER D 13 -4.50 8.36 -11.14
C SER D 13 -5.71 9.30 -11.26
N THR D 14 -6.46 9.49 -10.17
CA THR D 14 -7.62 10.37 -10.29
C THR D 14 -7.22 11.77 -9.88
N SER D 15 -6.09 11.83 -9.22
CA SER D 15 -5.48 13.09 -8.76
C SER D 15 -5.20 14.03 -9.93
N LEU D 16 -4.82 13.46 -11.06
CA LEU D 16 -4.55 14.26 -12.24
C LEU D 16 -5.88 14.86 -12.76
N LEU D 17 -6.96 14.07 -12.72
CA LEU D 17 -8.28 14.55 -13.14
C LEU D 17 -8.75 15.68 -12.19
N VAL D 18 -8.54 15.48 -10.88
CA VAL D 18 -8.91 16.50 -9.89
C VAL D 18 -8.18 17.83 -10.15
N SER D 19 -6.89 17.79 -10.47
CA SER D 19 -6.17 19.03 -10.74
C SER D 19 -6.73 19.77 -11.98
N LYS D 20 -7.12 19.03 -13.02
CA LYS D 20 -7.71 19.66 -14.20
C LYS D 20 -9.12 20.20 -13.91
N MET D 21 -9.87 19.50 -13.07
CA MET D 21 -11.22 20.00 -12.73
C MET D 21 -11.08 21.31 -11.94
N ARG D 22 -10.13 21.39 -11.02
CA ARG D 22 -9.91 22.60 -10.21
C ARG D 22 -9.56 23.79 -11.12
N ALA D 23 -8.79 23.54 -12.18
CA ALA D 23 -8.39 24.59 -13.11
C ALA D 23 -9.63 25.14 -13.81
N GLN D 24 -10.50 24.24 -14.24
CA GLN D 24 -11.72 24.61 -14.91
C GLN D 24 -12.67 25.35 -14.00
N ALA D 25 -12.80 24.88 -12.77
CA ALA D 25 -13.69 25.53 -11.80
C ALA D 25 -13.24 26.96 -11.55
N GLU D 26 -11.93 27.20 -11.60
CA GLU D 26 -11.39 28.54 -11.36
C GLU D 26 -11.65 29.43 -12.57
N LYS D 27 -11.43 28.88 -13.76
CA LYS D 27 -11.63 29.59 -14.99
C LYS D 27 -13.07 30.10 -15.12
N TYR D 28 -14.05 29.29 -14.72
CA TYR D 28 -15.48 29.69 -14.80
C TYR D 28 -16.13 30.10 -13.49
N GLU D 29 -15.33 30.35 -12.46
CA GLU D 29 -15.81 30.78 -11.15
C GLU D 29 -16.89 29.89 -10.51
N VAL D 30 -16.76 28.58 -10.66
CA VAL D 30 -17.70 27.63 -10.08
C VAL D 30 -17.27 27.48 -8.62
N PRO D 31 -18.19 27.73 -7.67
CA PRO D 31 -17.91 27.64 -6.23
C PRO D 31 -17.93 26.21 -5.68
N VAL D 32 -16.88 25.46 -6.01
CA VAL D 32 -16.75 24.08 -5.57
C VAL D 32 -15.38 23.76 -5.01
N ILE D 33 -15.35 22.75 -4.14
CA ILE D 33 -14.13 22.22 -3.55
C ILE D 33 -14.09 20.77 -4.09
N ILE D 34 -12.98 20.40 -4.71
CA ILE D 34 -12.79 19.07 -5.32
C ILE D 34 -11.61 18.31 -4.66
N GLU D 35 -11.86 17.09 -4.18
CA GLU D 35 -10.83 16.27 -3.52
C GLU D 35 -10.93 14.82 -4.00
N ALA D 36 -9.78 14.14 -4.09
CA ALA D 36 -9.71 12.73 -4.50
C ALA D 36 -9.34 11.92 -3.25
N PHE D 37 -9.93 10.74 -3.09
CA PHE D 37 -9.64 9.87 -1.95
C PHE D 37 -9.66 8.44 -2.43
N PRO D 38 -9.08 7.53 -1.64
CA PRO D 38 -9.07 6.11 -2.02
C PRO D 38 -10.49 5.61 -1.70
N GLU D 39 -10.91 4.54 -2.35
CA GLU D 39 -12.24 3.96 -2.13
C GLU D 39 -12.51 3.54 -0.69
N THR D 40 -11.46 3.29 0.09
CA THR D 40 -11.63 2.88 1.48
C THR D 40 -12.26 3.95 2.37
N LEU D 41 -12.19 5.21 1.94
CA LEU D 41 -12.77 6.32 2.70
C LEU D 41 -14.15 6.77 2.20
N ALA D 42 -14.74 6.07 1.21
CA ALA D 42 -16.05 6.45 0.63
C ALA D 42 -17.14 6.64 1.68
N GLY D 43 -17.12 5.80 2.71
CA GLY D 43 -18.13 5.91 3.75
C GLY D 43 -17.81 6.98 4.77
N GLU D 44 -16.53 7.16 5.08
CA GLU D 44 -16.15 8.15 6.07
C GLU D 44 -16.16 9.59 5.49
N LYS D 45 -15.52 9.77 4.34
CA LYS D 45 -15.46 11.08 3.70
C LYS D 45 -16.73 11.45 2.92
N GLY D 46 -17.38 10.46 2.32
CA GLY D 46 -18.60 10.70 1.55
C GLY D 46 -19.69 11.43 2.29
N GLN D 47 -19.77 11.23 3.60
CA GLN D 47 -20.79 11.89 4.43
C GLN D 47 -20.74 13.42 4.34
N ASN D 48 -19.59 13.97 3.95
CA ASN D 48 -19.43 15.41 3.87
C ASN D 48 -19.45 15.95 2.45
N ALA D 49 -19.66 15.08 1.48
CA ALA D 49 -19.67 15.54 0.10
C ALA D 49 -21.06 15.97 -0.30
N ASP D 50 -21.11 16.82 -1.31
CA ASP D 50 -22.38 17.25 -1.83
C ASP D 50 -22.73 16.32 -2.99
N VAL D 51 -21.69 15.73 -3.60
CA VAL D 51 -21.88 14.75 -4.67
C VAL D 51 -20.68 13.78 -4.61
N VAL D 52 -20.98 12.49 -4.70
CA VAL D 52 -19.97 11.44 -4.66
C VAL D 52 -19.78 10.85 -6.06
N LEU D 53 -18.55 10.92 -6.57
CA LEU D 53 -18.24 10.38 -7.88
C LEU D 53 -17.30 9.18 -7.73
N LEU D 54 -17.60 8.08 -8.42
CA LEU D 54 -16.75 6.88 -8.36
C LEU D 54 -15.96 6.73 -9.63
N GLY D 55 -14.69 6.35 -9.51
CA GLY D 55 -13.84 6.18 -10.68
C GLY D 55 -14.39 5.02 -11.49
N PRO D 56 -14.13 4.94 -12.76
CA PRO D 56 -14.66 3.84 -13.62
C PRO D 56 -14.24 2.42 -13.18
N GLN D 57 -13.07 2.31 -12.54
CA GLN D 57 -12.57 1.02 -12.08
C GLN D 57 -13.39 0.49 -10.90
N ILE D 58 -14.04 1.38 -10.15
CA ILE D 58 -14.82 0.94 -9.01
C ILE D 58 -16.34 1.02 -9.23
N ALA D 59 -16.75 0.99 -10.49
CA ALA D 59 -18.17 1.04 -10.83
C ALA D 59 -18.94 -0.11 -10.19
N TYR D 60 -18.34 -1.30 -10.13
CA TYR D 60 -19.04 -2.44 -9.55
C TYR D 60 -19.46 -2.21 -8.09
N MET D 61 -18.84 -1.23 -7.44
CA MET D 61 -19.15 -0.89 -6.05
C MET D 61 -20.33 0.08 -5.87
N LEU D 62 -20.89 0.58 -6.97
CA LEU D 62 -21.99 1.54 -6.90
C LEU D 62 -23.13 1.19 -5.93
N PRO D 63 -23.73 -0.02 -6.05
CA PRO D 63 -24.82 -0.37 -5.12
C PRO D 63 -24.43 -0.30 -3.65
N GLU D 64 -23.22 -0.72 -3.30
CA GLU D 64 -22.77 -0.68 -1.91
C GLU D 64 -22.60 0.74 -1.42
N ILE D 65 -22.02 1.59 -2.25
CA ILE D 65 -21.83 2.99 -1.85
C ILE D 65 -23.16 3.74 -1.71
N GLN D 66 -24.12 3.42 -2.59
CA GLN D 66 -25.46 4.00 -2.52
C GLN D 66 -26.13 3.64 -1.18
N ARG D 67 -26.00 2.39 -0.73
CA ARG D 67 -26.60 1.98 0.55
C ARG D 67 -25.89 2.63 1.74
N LEU D 68 -24.60 2.88 1.59
CA LEU D 68 -23.77 3.49 2.64
C LEU D 68 -24.11 4.97 2.82
N LEU D 69 -24.39 5.65 1.70
CA LEU D 69 -24.73 7.09 1.68
C LEU D 69 -26.11 7.27 1.01
N PRO D 70 -27.20 6.87 1.69
CA PRO D 70 -28.55 6.99 1.13
C PRO D 70 -29.03 8.44 0.93
N ASN D 71 -28.35 9.38 1.56
CA ASN D 71 -28.75 10.79 1.44
C ASN D 71 -27.82 11.63 0.57
N LYS D 72 -27.08 10.99 -0.33
CA LYS D 72 -26.14 11.69 -1.21
C LYS D 72 -26.26 11.20 -2.63
N PRO D 73 -26.13 12.10 -3.63
CA PRO D 73 -26.21 11.62 -5.02
C PRO D 73 -24.85 10.97 -5.27
N VAL D 74 -24.87 9.73 -5.75
CA VAL D 74 -23.64 8.96 -6.02
C VAL D 74 -23.64 8.48 -7.46
N GLU D 75 -22.58 8.72 -8.19
CA GLU D 75 -22.53 8.22 -9.55
C GLU D 75 -21.13 7.95 -10.07
N VAL D 76 -21.06 7.12 -11.10
CA VAL D 76 -19.80 6.72 -11.71
C VAL D 76 -19.40 7.72 -12.78
N ILE D 77 -18.11 8.03 -12.84
CA ILE D 77 -17.58 8.96 -13.83
C ILE D 77 -17.54 8.27 -15.17
N ASP D 78 -17.96 8.97 -16.21
CA ASP D 78 -17.94 8.40 -17.55
C ASP D 78 -16.51 7.95 -17.89
N SER D 79 -16.33 6.69 -18.28
CA SER D 79 -14.99 6.17 -18.58
C SER D 79 -14.18 6.90 -19.65
N LEU D 80 -14.87 7.44 -20.65
CA LEU D 80 -14.19 8.17 -21.73
C LEU D 80 -13.73 9.53 -21.23
N LEU D 81 -14.58 10.18 -20.45
CA LEU D 81 -14.26 11.49 -19.90
C LEU D 81 -13.10 11.33 -18.94
N TYR D 82 -13.10 10.21 -18.22
CA TYR D 82 -12.04 9.90 -17.25
C TYR D 82 -10.71 9.58 -17.95
N GLY D 83 -10.75 8.68 -18.92
CA GLY D 83 -9.54 8.32 -19.64
C GLY D 83 -8.87 9.50 -20.31
N LYS D 84 -9.68 10.37 -20.87
CA LYS D 84 -9.22 11.56 -21.59
C LYS D 84 -8.79 12.70 -20.65
N VAL D 85 -9.07 12.52 -19.35
CA VAL D 85 -8.77 13.52 -18.31
C VAL D 85 -9.47 14.86 -18.61
N ASP D 86 -10.76 14.77 -18.94
CA ASP D 86 -11.57 15.95 -19.28
C ASP D 86 -12.09 16.63 -18.03
N GLY D 87 -11.29 17.56 -17.51
CA GLY D 87 -11.64 18.31 -16.31
C GLY D 87 -12.94 19.07 -16.45
N LEU D 88 -13.16 19.73 -17.60
CA LEU D 88 -14.39 20.49 -17.80
C LEU D 88 -15.63 19.58 -17.87
N GLY D 89 -15.50 18.50 -18.64
CA GLY D 89 -16.59 17.56 -18.81
C GLY D 89 -17.07 16.91 -17.53
N VAL D 90 -16.12 16.49 -16.69
CA VAL D 90 -16.48 15.84 -15.42
C VAL D 90 -17.04 16.88 -14.45
N LEU D 91 -16.47 18.08 -14.49
CA LEU D 91 -16.97 19.15 -13.63
C LEU D 91 -18.46 19.39 -14.00
N LYS D 92 -18.76 19.42 -15.30
CA LYS D 92 -20.15 19.61 -15.75
C LYS D 92 -21.09 18.52 -15.24
N ALA D 93 -20.64 17.27 -15.30
CA ALA D 93 -21.47 16.14 -14.85
C ALA D 93 -21.76 16.21 -13.35
N ALA D 94 -20.78 16.72 -12.60
CA ALA D 94 -20.90 16.82 -11.15
C ALA D 94 -21.90 17.90 -10.75
N VAL D 95 -21.80 19.06 -11.40
CA VAL D 95 -22.72 20.17 -11.13
C VAL D 95 -24.13 19.69 -11.49
N ALA D 96 -24.25 18.98 -12.61
CA ALA D 96 -25.54 18.45 -13.04
C ALA D 96 -26.13 17.51 -11.99
N ALA D 97 -25.33 16.57 -11.49
CA ALA D 97 -25.85 15.64 -10.49
C ALA D 97 -26.36 16.40 -9.26
N ILE D 98 -25.70 17.51 -8.93
CA ILE D 98 -26.12 18.32 -7.78
C ILE D 98 -27.46 19.01 -8.03
N LYS D 99 -27.63 19.58 -9.24
CA LYS D 99 -28.87 20.26 -9.62
C LYS D 99 -30.01 19.26 -9.71
N LYS D 100 -29.80 18.19 -10.45
CA LYS D 100 -30.83 17.18 -10.59
C LYS D 100 -31.20 16.60 -9.22
N ALA D 101 -30.34 16.79 -8.23
CA ALA D 101 -30.58 16.28 -6.88
C ALA D 101 -31.37 17.24 -6.00
N ALA D 102 -31.14 18.54 -6.18
CA ALA D 102 -31.83 19.57 -5.43
C ALA D 102 -33.22 19.88 -6.02
N ALA D 103 -33.60 19.13 -7.06
CA ALA D 103 -34.88 19.29 -7.72
C ALA D 103 -35.05 18.26 -8.85
P PO3 E . -4.74 5.35 -7.11
O1 PO3 E . -5.20 3.93 -6.86
O2 PO3 E . -4.74 5.91 -8.52
O3 PO3 E . -4.08 6.14 -6.00
N ALA A 1 0.74 7.29 -18.60
CA ALA A 1 0.24 7.59 -19.96
C ALA A 1 -1.09 6.86 -20.17
N GLU A 2 -1.77 7.18 -21.26
CA GLU A 2 -3.08 6.58 -21.60
C GLU A 2 -3.28 5.20 -20.95
N GLU A 3 -2.80 4.17 -21.63
CA GLU A 3 -2.95 2.80 -21.13
C GLU A 3 -2.16 2.60 -19.84
N LEU A 4 -0.84 2.78 -19.91
CA LEU A 4 0.01 2.60 -18.74
C LEU A 4 -0.63 3.20 -17.48
N GLU A 5 -1.21 4.38 -17.61
CA GLU A 5 -1.84 5.05 -16.47
C GLU A 5 -3.12 4.34 -16.08
N GLU A 6 -3.94 4.01 -17.07
CA GLU A 6 -5.19 3.30 -16.82
C GLU A 6 -4.88 1.88 -16.34
N VAL A 7 -3.80 1.31 -16.88
CA VAL A 7 -3.37 -0.03 -16.50
C VAL A 7 -2.93 -0.05 -15.03
N VAL A 8 -2.20 0.99 -14.63
CA VAL A 8 -1.73 1.10 -13.25
C VAL A 8 -2.95 1.16 -12.33
N MET A 9 -3.95 1.96 -12.70
CA MET A 9 -5.17 2.06 -11.90
C MET A 9 -5.77 0.67 -11.73
N GLY A 10 -5.81 -0.09 -12.82
CA GLY A 10 -6.34 -1.45 -12.77
C GLY A 10 -5.49 -2.31 -11.83
N LEU A 11 -4.17 -2.17 -11.95
CA LEU A 11 -3.26 -2.93 -11.10
C LEU A 11 -3.45 -2.56 -9.64
N ILE A 12 -3.57 -1.27 -9.37
CA ILE A 12 -3.76 -0.80 -8.00
C ILE A 12 -5.06 -1.36 -7.46
N ILE A 13 -6.11 -1.29 -8.26
CA ILE A 13 -7.40 -1.82 -7.85
C ILE A 13 -7.30 -3.33 -7.65
N ASN A 14 -6.65 -4.01 -8.60
CA ASN A 14 -6.47 -5.45 -8.53
C ASN A 14 -5.71 -5.82 -7.26
N SER A 15 -4.61 -5.11 -7.03
CA SER A 15 -3.81 -5.35 -5.83
C SER A 15 -4.65 -5.14 -4.57
N GLY A 16 -5.44 -4.06 -4.60
CA GLY A 16 -6.32 -3.75 -3.47
C GLY A 16 -7.35 -4.86 -3.26
N GLN A 17 -7.95 -5.32 -4.36
CA GLN A 17 -8.94 -6.40 -4.27
C GLN A 17 -8.27 -7.65 -3.72
N ALA A 18 -7.05 -7.92 -4.18
CA ALA A 18 -6.31 -9.09 -3.72
C ALA A 18 -6.15 -9.04 -2.21
N ARG A 19 -5.70 -7.91 -1.69
CA ARG A 19 -5.55 -7.77 -0.25
C ARG A 19 -6.90 -7.95 0.43
N SER A 20 -7.91 -7.28 -0.11
CA SER A 20 -9.25 -7.36 0.44
C SER A 20 -9.68 -8.83 0.57
N LEU A 21 -9.47 -9.59 -0.49
CA LEU A 21 -9.81 -11.01 -0.48
C LEU A 21 -8.97 -11.74 0.58
N ALA A 22 -7.69 -11.40 0.63
CA ALA A 22 -6.79 -12.03 1.60
C ALA A 22 -7.30 -11.80 3.03
N TYR A 23 -7.59 -10.55 3.38
CA TYR A 23 -8.10 -10.25 4.72
C TYR A 23 -9.41 -11.00 4.93
N ALA A 24 -10.25 -11.03 3.90
CA ALA A 24 -11.51 -11.73 3.99
C ALA A 24 -11.24 -13.22 4.25
N ALA A 25 -10.23 -13.75 3.56
CA ALA A 25 -9.84 -15.14 3.75
C ALA A 25 -9.48 -15.38 5.21
N LEU A 26 -8.72 -14.46 5.78
CA LEU A 26 -8.32 -14.57 7.18
C LEU A 26 -9.56 -14.55 8.07
N LYS A 27 -10.48 -13.64 7.77
CA LYS A 27 -11.71 -13.53 8.54
C LYS A 27 -12.45 -14.87 8.56
N GLN A 28 -12.48 -15.54 7.41
CA GLN A 28 -13.15 -16.84 7.31
C GLN A 28 -12.48 -17.81 8.28
N ALA A 29 -11.15 -17.75 8.35
CA ALA A 29 -10.39 -18.62 9.24
C ALA A 29 -10.80 -18.38 10.69
N LYS A 30 -10.95 -17.12 11.05
CA LYS A 30 -11.36 -16.77 12.41
C LYS A 30 -12.72 -17.37 12.73
N GLN A 31 -13.58 -17.50 11.72
CA GLN A 31 -14.89 -18.08 11.93
C GLN A 31 -14.80 -19.60 11.96
N GLY A 32 -13.60 -20.12 11.77
CA GLY A 32 -13.37 -21.56 11.81
C GLY A 32 -13.71 -22.21 10.47
N ASP A 33 -13.83 -21.40 9.43
CA ASP A 33 -14.15 -21.90 8.09
C ASP A 33 -12.88 -22.06 7.26
N PHE A 34 -12.18 -23.18 7.47
CA PHE A 34 -10.93 -23.42 6.73
C PHE A 34 -11.18 -23.60 5.24
N ALA A 35 -12.31 -24.21 4.89
CA ALA A 35 -12.63 -24.46 3.49
C ALA A 35 -12.77 -23.14 2.72
N ALA A 36 -13.56 -22.23 3.26
CA ALA A 36 -13.76 -20.95 2.60
C ALA A 36 -12.46 -20.14 2.60
N ALA A 37 -11.70 -20.23 3.68
CA ALA A 37 -10.43 -19.52 3.75
C ALA A 37 -9.52 -19.99 2.60
N LYS A 38 -9.36 -21.30 2.49
CA LYS A 38 -8.53 -21.90 1.45
C LYS A 38 -8.96 -21.42 0.06
N ALA A 39 -10.26 -21.45 -0.21
CA ALA A 39 -10.77 -21.03 -1.51
C ALA A 39 -10.47 -19.57 -1.79
N MET A 40 -10.61 -18.74 -0.76
CA MET A 40 -10.36 -17.30 -0.90
C MET A 40 -8.88 -17.03 -1.18
N MET A 41 -7.98 -17.76 -0.50
CA MET A 41 -6.55 -17.56 -0.72
C MET A 41 -6.19 -17.92 -2.15
N ASP A 42 -6.77 -19.01 -2.65
CA ASP A 42 -6.47 -19.48 -3.99
C ASP A 42 -6.83 -18.42 -5.02
N GLN A 43 -8.03 -17.87 -4.88
CA GLN A 43 -8.48 -16.82 -5.80
C GLN A 43 -7.61 -15.59 -5.67
N SER A 44 -7.25 -15.24 -4.44
CA SER A 44 -6.40 -14.08 -4.20
C SER A 44 -5.06 -14.28 -4.91
N ARG A 45 -4.49 -15.47 -4.78
CA ARG A 45 -3.22 -15.82 -5.43
C ARG A 45 -3.32 -15.66 -6.95
N MET A 46 -4.40 -16.18 -7.51
CA MET A 46 -4.63 -16.11 -8.95
C MET A 46 -4.72 -14.65 -9.40
N ALA A 47 -5.41 -13.83 -8.62
CA ALA A 47 -5.56 -12.41 -8.94
C ALA A 47 -4.19 -11.74 -9.00
N LEU A 48 -3.35 -12.05 -8.02
CA LEU A 48 -2.00 -11.49 -7.95
C LEU A 48 -1.15 -11.98 -9.12
N ASN A 49 -1.29 -13.26 -9.41
CA ASN A 49 -0.51 -13.87 -10.48
C ASN A 49 -0.77 -13.15 -11.80
N GLU A 50 -2.04 -12.89 -12.07
CA GLU A 50 -2.41 -12.17 -13.29
C GLU A 50 -1.86 -10.75 -13.23
N ALA A 51 -1.97 -10.13 -12.05
CA ALA A 51 -1.47 -8.77 -11.87
C ALA A 51 0.06 -8.75 -12.05
N HIS A 52 0.73 -9.71 -11.44
CA HIS A 52 2.19 -9.81 -11.54
C HIS A 52 2.61 -10.01 -13.00
N LEU A 53 1.86 -10.83 -13.72
CA LEU A 53 2.16 -11.11 -15.12
C LEU A 53 2.11 -9.82 -15.93
N VAL A 54 1.08 -9.02 -15.68
CA VAL A 54 0.94 -7.75 -16.38
C VAL A 54 2.11 -6.84 -16.04
N GLN A 55 2.46 -6.79 -14.76
CA GLN A 55 3.59 -5.96 -14.34
C GLN A 55 4.88 -6.45 -15.01
N THR A 56 5.08 -7.76 -15.08
CA THR A 56 6.28 -8.32 -15.72
C THR A 56 6.46 -7.71 -17.11
N LYS A 57 5.37 -7.66 -17.88
CA LYS A 57 5.43 -7.06 -19.22
C LYS A 57 5.76 -5.59 -19.10
N LEU A 58 5.18 -4.94 -18.10
CA LEU A 58 5.43 -3.52 -17.90
C LEU A 58 6.87 -3.24 -17.48
N ILE A 59 7.58 -4.25 -16.98
CA ILE A 59 8.99 -4.06 -16.60
C ILE A 59 9.93 -4.47 -17.76
N GLU A 60 9.55 -5.49 -18.53
CA GLU A 60 10.37 -5.95 -19.66
C GLU A 60 10.46 -4.88 -20.74
N GLY A 61 9.34 -4.20 -21.01
CA GLY A 61 9.31 -3.17 -22.03
C GLY A 61 9.20 -1.78 -21.42
N ASP A 62 9.80 -1.60 -20.24
CA ASP A 62 9.75 -0.32 -19.54
C ASP A 62 10.49 0.78 -20.32
N ALA A 63 11.17 0.39 -21.40
CA ALA A 63 11.90 1.36 -22.21
C ALA A 63 10.97 2.06 -23.19
N GLY A 64 11.49 3.07 -23.89
CA GLY A 64 10.68 3.81 -24.86
C GLY A 64 10.81 5.32 -24.66
N GLU A 65 10.45 5.80 -23.47
CA GLU A 65 10.53 7.23 -23.19
C GLU A 65 11.97 7.72 -23.18
N GLY A 66 12.86 6.90 -22.64
CA GLY A 66 14.28 7.27 -22.58
C GLY A 66 15.15 6.04 -22.36
N LYS A 67 16.47 6.25 -22.44
CA LYS A 67 17.41 5.15 -22.27
C LYS A 67 17.39 4.63 -20.82
N MET A 68 18.11 5.32 -19.94
CA MET A 68 18.20 4.93 -18.54
C MET A 68 16.88 5.05 -17.79
N LYS A 69 16.13 6.12 -18.08
CA LYS A 69 14.87 6.35 -17.37
C LYS A 69 13.76 5.39 -17.80
N VAL A 70 12.84 5.14 -16.87
CA VAL A 70 11.71 4.23 -17.10
C VAL A 70 10.41 4.88 -16.65
N SER A 71 9.28 4.23 -16.95
CA SER A 71 7.98 4.77 -16.55
C SER A 71 7.94 4.91 -15.03
N LEU A 72 7.54 6.10 -14.57
CA LEU A 72 7.48 6.40 -13.14
C LEU A 72 6.43 5.55 -12.41
N VAL A 73 5.30 5.39 -13.07
CA VAL A 73 4.18 4.62 -12.52
C VAL A 73 4.55 3.16 -12.22
N LEU A 74 5.63 2.69 -12.79
CA LEU A 74 6.06 1.32 -12.51
C LEU A 74 6.19 1.09 -11.02
N VAL A 75 6.59 2.16 -10.31
CA VAL A 75 6.78 2.11 -8.87
C VAL A 75 5.42 1.97 -8.20
N HIS A 76 4.16 2.95 -8.61
CA HIS A 76 2.79 2.89 -8.05
C HIS A 76 2.25 1.48 -8.16
N ALA A 77 2.63 0.77 -9.23
CA ALA A 77 2.19 -0.60 -9.46
C ALA A 77 3.03 -1.58 -8.64
N GLN A 78 4.36 -1.48 -8.73
CA GLN A 78 5.22 -2.41 -8.01
C GLN A 78 5.00 -2.31 -6.51
N LEU A 79 4.96 -1.09 -6.01
CA LEU A 79 4.72 -0.86 -4.59
C LEU A 79 3.44 -1.54 -4.13
N HIS A 80 2.35 -1.32 -4.85
CA HIS A 80 1.08 -1.91 -4.47
C HIS A 80 1.12 -3.44 -4.62
N LEU A 81 1.65 -3.90 -5.74
CA LEU A 81 1.74 -5.34 -5.99
C LEU A 81 2.64 -6.04 -4.98
N MET A 82 3.80 -5.45 -4.70
CA MET A 82 4.74 -6.05 -3.75
C MET A 82 4.11 -6.14 -2.37
N THR A 83 3.46 -5.05 -1.96
CA THR A 83 2.81 -5.00 -0.65
C THR A 83 1.69 -6.04 -0.56
N SER A 84 0.84 -6.07 -1.58
CA SER A 84 -0.29 -7.01 -1.61
C SER A 84 0.20 -8.46 -1.60
N MET A 85 1.16 -8.78 -2.45
CA MET A 85 1.69 -10.14 -2.51
C MET A 85 2.26 -10.57 -1.18
N LEU A 86 3.07 -9.70 -0.59
CA LEU A 86 3.68 -10.00 0.70
C LEU A 86 2.61 -10.19 1.78
N ALA A 87 1.64 -9.28 1.79
CA ALA A 87 0.56 -9.36 2.76
C ALA A 87 -0.15 -10.70 2.67
N ARG A 88 -0.49 -11.10 1.47
CA ARG A 88 -1.18 -12.37 1.27
C ARG A 88 -0.35 -13.55 1.78
N GLU A 89 0.93 -13.57 1.45
CA GLU A 89 1.77 -14.67 1.88
C GLU A 89 1.79 -14.78 3.39
N LEU A 90 1.95 -13.65 4.06
CA LEU A 90 1.96 -13.64 5.51
C LEU A 90 0.58 -14.03 6.05
N ILE A 91 -0.46 -13.51 5.42
CA ILE A 91 -1.82 -13.85 5.84
C ILE A 91 -2.03 -15.35 5.69
N THR A 92 -1.50 -15.92 4.61
CA THR A 92 -1.60 -17.37 4.40
C THR A 92 -0.98 -18.10 5.59
N GLU A 93 0.20 -17.64 6.01
CA GLU A 93 0.88 -18.23 7.16
C GLU A 93 0.02 -18.08 8.40
N LEU A 94 -0.57 -16.89 8.56
CA LEU A 94 -1.43 -16.62 9.72
C LEU A 94 -2.62 -17.59 9.71
N ILE A 95 -3.20 -17.80 8.55
CA ILE A 95 -4.34 -18.73 8.44
C ILE A 95 -3.90 -20.14 8.83
N GLU A 96 -2.72 -20.56 8.36
CA GLU A 96 -2.22 -21.88 8.71
C GLU A 96 -2.08 -22.00 10.22
N LEU A 97 -1.64 -20.91 10.87
CA LEU A 97 -1.51 -20.92 12.32
C LEU A 97 -2.88 -21.12 12.98
N HIS A 98 -3.89 -20.46 12.44
CA HIS A 98 -5.25 -20.62 12.98
C HIS A 98 -5.63 -22.08 12.92
N GLU A 99 -5.25 -22.75 11.84
CA GLU A 99 -5.55 -24.17 11.68
C GLU A 99 -4.81 -24.98 12.74
N LYS A 100 -3.56 -24.62 13.01
CA LYS A 100 -2.79 -25.32 14.02
C LYS A 100 -3.39 -25.06 15.41
N LEU A 101 -3.92 -23.84 15.61
CA LEU A 101 -4.56 -23.49 16.88
C LEU A 101 -5.80 -24.37 17.09
N LYS A 102 -6.02 -25.30 16.15
CA LYS A 102 -7.18 -26.20 16.21
C LYS A 102 -8.43 -25.52 15.71
N ALA A 103 -8.82 -24.42 16.39
CA ALA A 103 -10.03 -23.67 16.04
C ALA A 103 -10.30 -23.65 14.53
N ALA B 1 22.66 3.11 -13.51
CA ALA B 1 23.97 3.34 -14.19
C ALA B 1 24.86 2.13 -13.94
N GLU B 2 26.00 2.08 -14.64
CA GLU B 2 26.95 0.97 -14.53
C GLU B 2 26.86 0.24 -13.18
N GLU B 3 27.57 0.74 -12.19
CA GLU B 3 27.58 0.13 -10.87
C GLU B 3 26.22 0.21 -10.20
N LEU B 4 25.72 1.44 -10.02
CA LEU B 4 24.42 1.61 -9.38
C LEU B 4 23.38 0.61 -9.91
N GLU B 5 23.37 0.41 -11.22
CA GLU B 5 22.42 -0.52 -11.83
C GLU B 5 22.76 -1.95 -11.47
N GLU B 6 24.03 -2.30 -11.57
CA GLU B 6 24.50 -3.63 -11.23
C GLU B 6 24.38 -3.85 -9.73
N VAL B 7 24.60 -2.79 -8.97
CA VAL B 7 24.51 -2.85 -7.52
C VAL B 7 23.05 -3.11 -7.10
N VAL B 8 22.12 -2.44 -7.77
CA VAL B 8 20.69 -2.63 -7.49
C VAL B 8 20.33 -4.08 -7.74
N MET B 9 20.80 -4.63 -8.86
CA MET B 9 20.52 -6.03 -9.18
C MET B 9 21.01 -6.91 -8.03
N GLY B 10 22.21 -6.62 -7.53
CA GLY B 10 22.75 -7.37 -6.41
C GLY B 10 21.86 -7.21 -5.19
N LEU B 11 21.44 -5.98 -4.93
CA LEU B 11 20.56 -5.70 -3.79
C LEU B 11 19.24 -6.44 -3.93
N ILE B 12 18.67 -6.41 -5.13
CA ILE B 12 17.40 -7.09 -5.38
C ILE B 12 17.57 -8.58 -5.14
N ILE B 13 18.66 -9.12 -5.68
CA ILE B 13 18.94 -10.54 -5.50
C ILE B 13 19.17 -10.83 -4.02
N ASN B 14 19.95 -9.98 -3.36
CA ASN B 14 20.24 -10.16 -1.94
C ASN B 14 18.94 -10.10 -1.13
N SER B 15 18.11 -9.11 -1.42
CA SER B 15 16.83 -8.99 -0.74
C SER B 15 15.98 -10.23 -0.97
N GLY B 16 15.99 -10.71 -2.22
CA GLY B 16 15.23 -11.91 -2.57
C GLY B 16 15.76 -13.12 -1.81
N GLN B 17 17.08 -13.25 -1.75
CA GLN B 17 17.68 -14.37 -1.03
C GLN B 17 17.31 -14.28 0.45
N ALA B 18 17.35 -13.06 0.98
CA ALA B 18 17.00 -12.84 2.37
C ALA B 18 15.60 -13.36 2.66
N ARG B 19 14.64 -12.97 1.84
CA ARG B 19 13.27 -13.44 2.02
C ARG B 19 13.24 -14.96 1.90
N SER B 20 13.90 -15.47 0.86
CA SER B 20 13.94 -16.91 0.64
C SER B 20 14.41 -17.63 1.89
N LEU B 21 15.50 -17.13 2.48
CA LEU B 21 16.04 -17.73 3.71
C LEU B 21 15.01 -17.60 4.83
N ALA B 22 14.37 -16.44 4.93
CA ALA B 22 13.37 -16.20 5.97
C ALA B 22 12.24 -17.23 5.85
N TYR B 23 11.67 -17.38 4.65
CA TYR B 23 10.60 -18.36 4.46
C TYR B 23 11.12 -19.75 4.79
N ALA B 24 12.36 -20.04 4.38
CA ALA B 24 12.95 -21.33 4.67
C ALA B 24 13.06 -21.49 6.19
N ALA B 25 13.43 -20.41 6.87
CA ALA B 25 13.53 -20.43 8.33
C ALA B 25 12.18 -20.80 8.92
N LEU B 26 11.12 -20.21 8.39
CA LEU B 26 9.78 -20.50 8.86
C LEU B 26 9.45 -21.97 8.62
N LYS B 27 9.80 -22.46 7.44
CA LYS B 27 9.55 -23.86 7.11
C LYS B 27 10.21 -24.78 8.14
N GLN B 28 11.43 -24.43 8.54
CA GLN B 28 12.13 -25.23 9.56
C GLN B 28 11.31 -25.26 10.84
N ALA B 29 10.74 -24.11 11.19
CA ALA B 29 9.91 -24.02 12.40
C ALA B 29 8.73 -24.97 12.31
N LYS B 30 8.09 -25.01 11.14
CA LYS B 30 6.95 -25.90 10.94
C LYS B 30 7.36 -27.35 11.16
N GLN B 31 8.62 -27.67 10.83
CA GLN B 31 9.10 -29.04 11.01
C GLN B 31 9.46 -29.28 12.48
N GLY B 32 9.32 -28.24 13.29
CA GLY B 32 9.63 -28.35 14.72
C GLY B 32 11.13 -28.18 14.99
N ASP B 33 11.86 -27.66 14.00
CA ASP B 33 13.29 -27.46 14.14
C ASP B 33 13.60 -26.02 14.53
N PHE B 34 13.47 -25.71 15.81
CA PHE B 34 13.73 -24.34 16.29
C PHE B 34 15.18 -23.94 16.10
N ALA B 35 16.09 -24.90 16.27
CA ALA B 35 17.52 -24.60 16.15
C ALA B 35 17.86 -24.12 14.74
N ALA B 36 17.43 -24.87 13.74
CA ALA B 36 17.71 -24.50 12.36
C ALA B 36 16.98 -23.20 12.01
N ALA B 37 15.77 -23.03 12.51
CA ALA B 37 15.03 -21.80 12.24
C ALA B 37 15.82 -20.61 12.74
N LYS B 38 16.23 -20.68 14.02
CA LYS B 38 17.01 -19.60 14.63
C LYS B 38 18.27 -19.27 13.81
N ALA B 39 18.99 -20.29 13.40
CA ALA B 39 20.21 -20.10 12.61
C ALA B 39 19.91 -19.41 11.28
N MET B 40 18.83 -19.82 10.64
CA MET B 40 18.44 -19.26 9.36
C MET B 40 18.05 -17.78 9.51
N MET B 41 17.32 -17.45 10.57
CA MET B 41 16.92 -16.06 10.78
C MET B 41 18.15 -15.17 10.97
N ASP B 42 19.12 -15.68 11.73
CA ASP B 42 20.33 -14.93 12.01
C ASP B 42 21.06 -14.57 10.73
N GLN B 43 21.21 -15.58 9.86
CA GLN B 43 21.88 -15.36 8.59
C GLN B 43 21.08 -14.40 7.72
N SER B 44 19.76 -14.54 7.73
CA SER B 44 18.91 -13.65 6.95
C SER B 44 19.13 -12.20 7.41
N ARG B 45 19.14 -12.00 8.73
CA ARG B 45 19.35 -10.68 9.30
C ARG B 45 20.69 -10.09 8.83
N MET B 46 21.74 -10.90 8.89
CA MET B 46 23.07 -10.45 8.49
C MET B 46 23.05 -10.04 7.02
N ALA B 47 22.37 -10.84 6.20
CA ALA B 47 22.27 -10.53 4.77
C ALA B 47 21.58 -9.19 4.56
N LEU B 48 20.50 -8.97 5.31
CA LEU B 48 19.75 -7.72 5.21
C LEU B 48 20.59 -6.55 5.72
N ASN B 49 21.30 -6.78 6.81
CA ASN B 49 22.13 -5.75 7.40
C ASN B 49 23.18 -5.26 6.40
N GLU B 50 23.83 -6.19 5.73
CA GLU B 50 24.82 -5.83 4.72
C GLU B 50 24.17 -5.10 3.57
N ALA B 51 23.00 -5.58 3.17
CA ALA B 51 22.25 -4.96 2.08
C ALA B 51 21.83 -3.54 2.48
N HIS B 52 21.32 -3.41 3.70
CA HIS B 52 20.88 -2.11 4.21
C HIS B 52 22.06 -1.13 4.27
N LEU B 53 23.22 -1.64 4.69
CA LEU B 53 24.42 -0.80 4.79
C LEU B 53 24.77 -0.23 3.41
N VAL B 54 24.71 -1.09 2.40
CA VAL B 54 25.03 -0.66 1.04
C VAL B 54 24.01 0.40 0.61
N GLN B 55 22.73 0.16 0.90
CA GLN B 55 21.70 1.13 0.53
C GLN B 55 21.96 2.45 1.25
N THR B 56 22.32 2.39 2.54
CA THR B 56 22.60 3.61 3.30
C THR B 56 23.57 4.50 2.53
N LYS B 57 24.65 3.90 2.04
CA LYS B 57 25.62 4.66 1.25
C LYS B 57 24.97 5.20 -0.01
N LEU B 58 24.12 4.39 -0.61
CA LEU B 58 23.44 4.78 -1.84
C LEU B 58 22.45 5.93 -1.59
N ILE B 59 22.02 6.12 -0.32
CA ILE B 59 21.11 7.23 -0.01
C ILE B 59 21.88 8.48 0.45
N GLU B 60 23.00 8.27 1.16
CA GLU B 60 23.81 9.39 1.64
C GLU B 60 24.42 10.17 0.46
N GLY B 61 24.86 9.43 -0.55
CA GLY B 61 25.49 10.05 -1.72
C GLY B 61 24.59 9.96 -2.95
N ASP B 62 23.28 10.02 -2.73
CA ASP B 62 22.32 9.93 -3.82
C ASP B 62 22.41 11.14 -4.77
N ALA B 63 23.21 12.12 -4.40
CA ALA B 63 23.36 13.32 -5.23
C ALA B 63 24.37 13.07 -6.34
N GLY B 64 24.50 14.03 -7.26
CA GLY B 64 25.44 13.90 -8.37
C GLY B 64 24.78 14.23 -9.71
N GLU B 65 23.73 13.48 -10.05
CA GLU B 65 23.03 13.70 -11.32
C GLU B 65 22.34 15.07 -11.33
N GLY B 66 21.76 15.45 -10.20
CA GLY B 66 21.07 16.73 -10.11
C GLY B 66 20.91 17.16 -8.66
N LYS B 67 20.42 18.38 -8.47
CA LYS B 67 20.23 18.92 -7.13
C LYS B 67 19.13 18.16 -6.38
N MET B 68 17.88 18.54 -6.66
CA MET B 68 16.72 17.93 -6.01
C MET B 68 16.52 16.47 -6.40
N LYS B 69 16.75 16.13 -7.66
CA LYS B 69 16.54 14.76 -8.14
C LYS B 69 17.62 13.80 -7.64
N VAL B 70 17.22 12.52 -7.52
CA VAL B 70 18.11 11.47 -7.05
C VAL B 70 18.02 10.24 -7.98
N SER B 71 18.89 9.26 -7.76
CA SER B 71 18.88 8.05 -8.59
C SER B 71 17.52 7.37 -8.49
N LEU B 72 16.93 7.04 -9.64
CA LEU B 72 15.60 6.45 -9.66
C LEU B 72 15.59 5.04 -9.04
N VAL B 73 16.65 4.30 -9.35
CA VAL B 73 16.80 2.93 -8.88
C VAL B 73 16.83 2.84 -7.34
N LEU B 74 17.06 3.95 -6.67
CA LEU B 74 17.05 3.94 -5.21
C LEU B 74 15.74 3.36 -4.68
N VAL B 75 14.67 3.70 -5.39
CA VAL B 75 13.33 3.23 -5.03
C VAL B 75 13.29 1.71 -5.18
N HIS B 76 13.82 1.12 -6.36
CA HIS B 76 13.80 -0.32 -6.59
C HIS B 76 14.52 -1.05 -5.45
N ALA B 77 15.66 -0.52 -5.04
CA ALA B 77 16.42 -1.13 -3.96
C ALA B 77 15.70 -0.97 -2.64
N GLN B 78 15.18 0.23 -2.38
CA GLN B 78 14.49 0.48 -1.12
C GLN B 78 13.22 -0.36 -1.03
N LEU B 79 12.44 -0.39 -2.12
CA LEU B 79 11.22 -1.18 -2.14
C LEU B 79 11.49 -2.65 -1.82
N HIS B 80 12.48 -3.23 -2.48
CA HIS B 80 12.80 -4.62 -2.24
C HIS B 80 13.36 -4.83 -0.84
N LEU B 81 14.27 -3.95 -0.44
CA LEU B 81 14.88 -4.06 0.89
C LEU B 81 13.85 -3.85 2.00
N MET B 82 13.00 -2.85 1.86
CA MET B 82 11.98 -2.57 2.87
C MET B 82 11.02 -3.75 3.01
N THR B 83 10.59 -4.28 1.87
CA THR B 83 9.67 -5.41 1.87
C THR B 83 10.32 -6.64 2.50
N SER B 84 11.55 -6.94 2.10
CA SER B 84 12.26 -8.09 2.64
C SER B 84 12.50 -7.97 4.14
N MET B 85 12.97 -6.81 4.58
CA MET B 85 13.24 -6.60 6.01
C MET B 85 11.96 -6.76 6.83
N LEU B 86 10.89 -6.14 6.36
CA LEU B 86 9.61 -6.21 7.06
C LEU B 86 9.11 -7.65 7.12
N ALA B 87 9.17 -8.33 5.98
CA ALA B 87 8.72 -9.71 5.90
C ALA B 87 9.49 -10.58 6.88
N ARG B 88 10.79 -10.44 6.86
CA ARG B 88 11.65 -11.22 7.75
C ARG B 88 11.28 -10.97 9.21
N GLU B 89 11.08 -9.70 9.59
CA GLU B 89 10.75 -9.38 10.97
C GLU B 89 9.43 -10.05 11.37
N LEU B 90 8.44 -9.96 10.50
CA LEU B 90 7.14 -10.56 10.78
C LEU B 90 7.28 -12.08 10.84
N ILE B 91 8.06 -12.63 9.92
CA ILE B 91 8.30 -14.07 9.91
C ILE B 91 8.95 -14.49 11.23
N THR B 92 9.86 -13.66 11.73
CA THR B 92 10.50 -13.96 13.02
C THR B 92 9.43 -14.07 14.09
N GLU B 93 8.49 -13.13 14.09
CA GLU B 93 7.40 -13.15 15.06
C GLU B 93 6.58 -14.43 14.88
N LEU B 94 6.30 -14.77 13.62
CA LEU B 94 5.54 -15.99 13.33
C LEU B 94 6.27 -17.21 13.87
N ILE B 95 7.59 -17.26 13.68
CA ILE B 95 8.36 -18.38 14.19
C ILE B 95 8.28 -18.46 15.71
N GLU B 96 8.36 -17.30 16.37
CA GLU B 96 8.25 -17.27 17.83
C GLU B 96 6.90 -17.85 18.25
N LEU B 97 5.86 -17.54 17.49
CA LEU B 97 4.52 -18.05 17.79
C LEU B 97 4.52 -19.58 17.69
N HIS B 98 5.19 -20.10 16.66
CA HIS B 98 5.27 -21.55 16.50
C HIS B 98 5.89 -22.17 17.75
N GLU B 99 6.90 -21.48 18.28
CA GLU B 99 7.55 -21.95 19.50
C GLU B 99 6.58 -21.94 20.66
N LYS B 100 5.77 -20.88 20.77
CA LYS B 100 4.79 -20.80 21.84
C LYS B 100 3.72 -21.88 21.65
N LEU B 101 3.39 -22.19 20.39
CA LEU B 101 2.42 -23.25 20.11
C LEU B 101 2.96 -24.60 20.58
N LYS B 102 4.13 -24.57 21.21
CA LYS B 102 4.77 -25.78 21.72
C LYS B 102 5.49 -26.51 20.59
N ALA B 103 4.71 -26.92 19.58
CA ALA B 103 5.25 -27.67 18.43
C ALA B 103 6.64 -27.19 18.04
N ALA C 1 11.12 19.25 -2.05
CA ALA C 1 11.16 20.74 -1.98
C ALA C 1 10.96 21.17 -0.54
N GLU C 2 11.18 22.45 -0.27
CA GLU C 2 11.04 23.02 1.08
C GLU C 2 10.10 22.22 1.98
N GLU C 3 8.81 22.51 1.89
CA GLU C 3 7.83 21.81 2.71
C GLU C 3 7.73 20.34 2.34
N LEU C 4 7.37 20.07 1.08
CA LEU C 4 7.24 18.68 0.63
C LEU C 4 8.38 17.80 1.16
N GLU C 5 9.60 18.32 1.11
CA GLU C 5 10.76 17.57 1.58
C GLU C 5 10.74 17.43 3.10
N GLU C 6 10.47 18.53 3.78
CA GLU C 6 10.41 18.52 5.24
C GLU C 6 9.19 17.70 5.68
N VAL C 7 8.12 17.78 4.89
CA VAL C 7 6.90 17.04 5.17
C VAL C 7 7.17 15.53 5.06
N VAL C 8 7.92 15.14 4.03
CA VAL C 8 8.27 13.74 3.83
C VAL C 8 9.06 13.24 5.04
N MET C 9 10.02 14.04 5.50
CA MET C 9 10.80 13.67 6.66
C MET C 9 9.87 13.40 7.84
N GLY C 10 8.88 14.29 8.01
CA GLY C 10 7.91 14.13 9.08
C GLY C 10 7.12 12.84 8.88
N LEU C 11 6.71 12.59 7.65
CA LEU C 11 5.94 11.37 7.33
C LEU C 11 6.79 10.14 7.59
N ILE C 12 8.05 10.18 7.18
CA ILE C 12 8.94 9.04 7.37
C ILE C 12 9.11 8.78 8.87
N ILE C 13 9.32 9.87 9.61
CA ILE C 13 9.47 9.76 11.06
C ILE C 13 8.16 9.23 11.66
N ASN C 14 7.05 9.81 11.22
CA ASN C 14 5.73 9.40 11.72
C ASN C 14 5.50 7.92 11.43
N SER C 15 5.79 7.51 10.19
CA SER C 15 5.63 6.11 9.81
C SER C 15 6.52 5.24 10.68
N GLY C 16 7.76 5.70 10.90
CA GLY C 16 8.70 4.95 11.73
C GLY C 16 8.18 4.84 13.16
N GLN C 17 7.67 5.95 13.70
CA GLN C 17 7.13 5.92 15.06
C GLN C 17 5.95 4.97 15.12
N ALA C 18 5.12 5.01 14.08
CA ALA C 18 3.96 4.14 14.02
C ALA C 18 4.38 2.67 14.15
N ARG C 19 5.36 2.27 13.33
CA ARG C 19 5.84 0.91 13.40
C ARG C 19 6.41 0.63 14.79
N SER C 20 7.21 1.57 15.28
CA SER C 20 7.81 1.41 16.60
C SER C 20 6.73 1.13 17.65
N LEU C 21 5.66 1.92 17.61
CA LEU C 21 4.56 1.74 18.54
C LEU C 21 3.92 0.37 18.33
N ALA C 22 3.73 0.00 17.06
CA ALA C 22 3.13 -1.29 16.73
C ALA C 22 3.96 -2.44 17.33
N TYR C 23 5.27 -2.43 17.07
CA TYR C 23 6.14 -3.47 17.64
C TYR C 23 6.05 -3.45 19.16
N ALA C 24 6.03 -2.24 19.72
CA ALA C 24 5.92 -2.11 21.17
C ALA C 24 4.59 -2.72 21.62
N ALA C 25 3.54 -2.47 20.85
CA ALA C 25 2.23 -3.03 21.16
C ALA C 25 2.31 -4.55 21.21
N LEU C 26 3.01 -5.12 20.24
CA LEU C 26 3.19 -6.57 20.18
C LEU C 26 3.95 -7.05 21.42
N LYS C 27 4.99 -6.31 21.77
CA LYS C 27 5.79 -6.66 22.94
C LYS C 27 4.90 -6.72 24.19
N GLN C 28 3.99 -5.77 24.31
CA GLN C 28 3.06 -5.75 25.44
C GLN C 28 2.26 -7.04 25.47
N ALA C 29 1.82 -7.47 24.27
CA ALA C 29 1.05 -8.70 24.16
C ALA C 29 1.85 -9.89 24.67
N LYS C 30 3.13 -9.94 24.30
CA LYS C 30 3.99 -11.02 24.76
C LYS C 30 4.07 -11.06 26.28
N GLN C 31 3.98 -9.88 26.90
CA GLN C 31 4.04 -9.80 28.36
C GLN C 31 2.67 -10.17 28.96
N GLY C 32 1.71 -10.44 28.08
CA GLY C 32 0.36 -10.83 28.53
C GLY C 32 -0.47 -9.60 28.89
N ASP C 33 -0.04 -8.43 28.44
CA ASP C 33 -0.76 -7.18 28.70
C ASP C 33 -1.63 -6.80 27.51
N PHE C 34 -2.80 -7.41 27.42
CA PHE C 34 -3.71 -7.14 26.31
C PHE C 34 -4.22 -5.70 26.34
N ALA C 35 -4.43 -5.17 27.54
CA ALA C 35 -4.94 -3.81 27.68
C ALA C 35 -3.97 -2.79 27.08
N ALA C 36 -2.71 -2.89 27.47
CA ALA C 36 -1.71 -1.96 26.96
C ALA C 36 -1.50 -2.17 25.47
N ALA C 37 -1.55 -3.42 25.02
CA ALA C 37 -1.38 -3.71 23.60
C ALA C 37 -2.48 -3.00 22.81
N LYS C 38 -3.72 -3.21 23.22
CA LYS C 38 -4.87 -2.59 22.57
C LYS C 38 -4.72 -1.07 22.49
N ALA C 39 -4.32 -0.45 23.61
CA ALA C 39 -4.16 1.00 23.65
C ALA C 39 -3.06 1.46 22.68
N MET C 40 -1.96 0.72 22.64
CA MET C 40 -0.85 1.06 21.77
C MET C 40 -1.25 0.92 20.30
N MET C 41 -2.03 -0.11 19.99
CA MET C 41 -2.48 -0.31 18.61
C MET C 41 -3.35 0.85 18.16
N ASP C 42 -4.25 1.28 19.04
CA ASP C 42 -5.17 2.36 18.72
C ASP C 42 -4.41 3.63 18.38
N GLN C 43 -3.42 3.97 19.21
CA GLN C 43 -2.61 5.16 18.97
C GLN C 43 -1.83 5.03 17.67
N SER C 44 -1.30 3.85 17.42
CA SER C 44 -0.55 3.60 16.19
C SER C 44 -1.44 3.87 14.98
N ARG C 45 -2.67 3.32 15.03
CA ARG C 45 -3.64 3.50 13.96
C ARG C 45 -3.93 4.99 13.72
N MET C 46 -4.14 5.72 14.81
CA MET C 46 -4.43 7.15 14.72
C MET C 46 -3.26 7.89 14.08
N ALA C 47 -2.04 7.51 14.47
CA ALA C 47 -0.84 8.14 13.91
C ALA C 47 -0.78 7.91 12.40
N LEU C 48 -1.08 6.68 11.98
CA LEU C 48 -1.07 6.33 10.57
C LEU C 48 -2.17 7.06 9.82
N ASN C 49 -3.34 7.15 10.45
CA ASN C 49 -4.48 7.81 9.84
C ASN C 49 -4.14 9.27 9.52
N GLU C 50 -3.51 9.95 10.47
CA GLU C 50 -3.11 11.33 10.26
C GLU C 50 -2.06 11.41 9.16
N ALA C 51 -1.13 10.47 9.19
CA ALA C 51 -0.07 10.43 8.18
C ALA C 51 -0.67 10.15 6.80
N HIS C 52 -1.58 9.19 6.74
CA HIS C 52 -2.25 8.85 5.48
C HIS C 52 -3.02 10.05 4.94
N LEU C 53 -3.69 10.78 5.83
CA LEU C 53 -4.47 11.95 5.43
C LEU C 53 -3.56 12.98 4.76
N VAL C 54 -2.39 13.20 5.35
CA VAL C 54 -1.45 14.16 4.80
C VAL C 54 -0.99 13.67 3.43
N GLN C 55 -0.69 12.38 3.32
CA GLN C 55 -0.26 11.82 2.04
C GLN C 55 -1.38 11.99 1.00
N THR C 56 -2.62 11.74 1.41
CA THR C 56 -3.76 11.88 0.48
C THR C 56 -3.70 13.25 -0.19
N LYS C 57 -3.50 14.29 0.60
CA LYS C 57 -3.40 15.64 0.05
C LYS C 57 -2.20 15.73 -0.88
N LEU C 58 -1.11 15.09 -0.49
CA LEU C 58 0.10 15.11 -1.29
C LEU C 58 -0.08 14.35 -2.61
N ILE C 59 -1.09 13.47 -2.70
CA ILE C 59 -1.33 12.76 -3.95
C ILE C 59 -2.40 13.48 -4.79
N GLU C 60 -3.38 14.10 -4.14
CA GLU C 60 -4.43 14.83 -4.87
C GLU C 60 -3.85 16.03 -5.60
N GLY C 61 -2.89 16.71 -4.98
CA GLY C 61 -2.28 17.89 -5.57
C GLY C 61 -0.83 17.62 -5.97
N ASP C 62 -0.56 16.41 -6.41
CA ASP C 62 0.79 16.03 -6.80
C ASP C 62 1.22 16.75 -8.06
N ALA C 63 0.31 17.49 -8.68
CA ALA C 63 0.63 18.24 -9.90
C ALA C 63 1.30 19.56 -9.56
N GLY C 64 1.78 20.26 -10.59
CA GLY C 64 2.43 21.56 -10.39
C GLY C 64 3.77 21.63 -11.13
N GLU C 65 4.69 20.71 -10.81
CA GLU C 65 5.99 20.70 -11.45
C GLU C 65 5.87 20.38 -12.94
N GLY C 66 4.99 19.45 -13.27
CA GLY C 66 4.80 19.05 -14.66
C GLY C 66 3.45 18.36 -14.86
N LYS C 67 3.12 18.09 -16.11
CA LYS C 67 1.85 17.44 -16.43
C LYS C 67 1.83 16.00 -15.92
N MET C 68 2.44 15.10 -16.70
CA MET C 68 2.48 13.68 -16.36
C MET C 68 3.31 13.38 -15.12
N LYS C 69 4.45 14.07 -14.97
CA LYS C 69 5.34 13.83 -13.84
C LYS C 69 4.79 14.36 -12.52
N VAL C 70 5.20 13.71 -11.43
CA VAL C 70 4.76 14.07 -10.08
C VAL C 70 5.96 14.16 -9.13
N SER C 71 5.72 14.64 -7.91
CA SER C 71 6.80 14.75 -6.93
C SER C 71 7.42 13.38 -6.68
N LEU C 72 8.74 13.30 -6.77
CA LEU C 72 9.45 12.03 -6.61
C LEU C 72 9.31 11.48 -5.19
N VAL C 73 9.40 12.39 -4.22
CA VAL C 73 9.33 12.04 -2.80
C VAL C 73 8.00 11.37 -2.44
N LEU C 74 7.00 11.50 -3.29
CA LEU C 74 5.72 10.85 -3.01
C LEU C 74 5.91 9.36 -2.78
N VAL C 75 6.84 8.79 -3.54
CA VAL C 75 7.17 7.38 -3.44
C VAL C 75 7.76 7.10 -2.06
N HIS C 76 8.77 7.96 -1.56
CA HIS C 76 9.39 7.77 -0.26
C HIS C 76 8.32 7.74 0.84
N ALA C 77 7.37 8.67 0.77
CA ALA C 77 6.32 8.73 1.76
C ALA C 77 5.38 7.55 1.63
N GLN C 78 5.01 7.21 0.39
CA GLN C 78 4.10 6.10 0.16
C GLN C 78 4.74 4.78 0.59
N LEU C 79 5.99 4.58 0.19
CA LEU C 79 6.71 3.36 0.55
C LEU C 79 6.75 3.17 2.06
N HIS C 80 7.13 4.21 2.79
CA HIS C 80 7.20 4.12 4.24
C HIS C 80 5.81 3.94 4.85
N LEU C 81 4.87 4.73 4.38
CA LEU C 81 3.50 4.67 4.89
C LEU C 81 2.85 3.31 4.59
N MET C 82 3.01 2.84 3.37
CA MET C 82 2.42 1.55 2.98
C MET C 82 3.01 0.42 3.82
N THR C 83 4.32 0.45 3.99
CA THR C 83 5.00 -0.58 4.76
C THR C 83 4.54 -0.55 6.22
N SER C 84 4.53 0.64 6.80
CA SER C 84 4.12 0.80 8.20
C SER C 84 2.67 0.37 8.42
N MET C 85 1.76 0.84 7.56
CA MET C 85 0.35 0.48 7.70
C MET C 85 0.16 -1.04 7.61
N LEU C 86 0.80 -1.65 6.63
CA LEU C 86 0.70 -3.09 6.43
C LEU C 86 1.24 -3.83 7.65
N ALA C 87 2.42 -3.42 8.10
CA ALA C 87 3.05 -4.04 9.25
C ALA C 87 2.13 -3.96 10.47
N ARG C 88 1.61 -2.77 10.71
CA ARG C 88 0.74 -2.55 11.84
C ARG C 88 -0.50 -3.47 11.77
N GLU C 89 -1.11 -3.56 10.59
CA GLU C 89 -2.29 -4.42 10.44
C GLU C 89 -1.95 -5.88 10.74
N LEU C 90 -0.82 -6.35 10.20
CA LEU C 90 -0.40 -7.72 10.44
C LEU C 90 -0.07 -7.92 11.91
N ILE C 91 0.60 -6.95 12.49
CA ILE C 91 0.95 -7.02 13.90
C ILE C 91 -0.33 -7.12 14.73
N THR C 92 -1.36 -6.39 14.32
CA THR C 92 -2.64 -6.46 15.02
C THR C 92 -3.15 -7.89 14.99
N GLU C 93 -3.06 -8.53 13.83
CA GLU C 93 -3.50 -9.92 13.70
C GLU C 93 -2.66 -10.82 14.62
N LEU C 94 -1.36 -10.56 14.63
CA LEU C 94 -0.45 -11.34 15.47
C LEU C 94 -0.84 -11.20 16.94
N ILE C 95 -1.16 -9.98 17.35
CA ILE C 95 -1.57 -9.73 18.73
C ILE C 95 -2.86 -10.51 19.05
N GLU C 96 -3.80 -10.48 18.12
CA GLU C 96 -5.05 -11.21 18.31
C GLU C 96 -4.75 -12.70 18.53
N LEU C 97 -3.78 -13.21 17.77
CA LEU C 97 -3.39 -14.61 17.91
C LEU C 97 -2.85 -14.87 19.32
N HIS C 98 -2.05 -13.94 19.83
CA HIS C 98 -1.52 -14.09 21.18
C HIS C 98 -2.68 -14.22 22.16
N GLU C 99 -3.73 -13.44 21.92
CA GLU C 99 -4.90 -13.49 22.78
C GLU C 99 -5.57 -14.87 22.68
N LYS C 100 -5.65 -15.41 21.46
CA LYS C 100 -6.25 -16.72 21.29
C LYS C 100 -5.38 -17.78 21.95
N LEU C 101 -4.05 -17.58 21.91
CA LEU C 101 -3.12 -18.52 22.55
C LEU C 101 -3.37 -18.53 24.06
N LYS C 102 -4.36 -17.76 24.51
CA LYS C 102 -4.70 -17.67 25.93
C LYS C 102 -3.78 -16.68 26.63
N ALA C 103 -2.48 -16.99 26.61
CA ALA C 103 -1.45 -16.16 27.26
C ALA C 103 -1.80 -14.67 27.21
N LYS D 1 -19.97 26.95 -1.17
CA LYS D 1 -19.08 26.05 -1.96
C LYS D 1 -19.44 24.59 -1.78
N LYS D 2 -19.77 23.94 -2.87
CA LYS D 2 -20.15 22.54 -2.84
C LYS D 2 -18.93 21.62 -2.88
N HIS D 3 -19.02 20.49 -2.19
CA HIS D 3 -17.93 19.52 -2.13
C HIS D 3 -18.12 18.37 -3.08
N ILE D 4 -17.20 18.26 -4.03
CA ILE D 4 -17.22 17.18 -4.99
C ILE D 4 -16.07 16.24 -4.61
N TYR D 5 -16.39 15.03 -4.18
CA TYR D 5 -15.38 14.06 -3.78
C TYR D 5 -15.33 12.90 -4.76
N LEU D 6 -14.13 12.60 -5.26
CA LEU D 6 -13.90 11.48 -6.19
C LEU D 6 -13.25 10.35 -5.40
N PHE D 7 -13.56 9.06 -5.74
CA PHE D 7 -12.86 7.95 -5.09
C PHE D 7 -12.18 7.04 -6.11
N CYS D 8 -11.06 6.39 -5.66
CA CYS D 8 -10.30 5.37 -6.40
C CYS D 8 -9.49 4.53 -5.42
N SER D 9 -8.73 3.55 -5.85
CA SER D 9 -8.09 2.67 -4.85
C SER D 9 -7.12 3.44 -3.99
N ALA D 10 -6.44 4.50 -4.46
CA ALA D 10 -5.50 5.19 -3.58
C ALA D 10 -5.74 6.68 -3.64
N GLY D 11 -6.01 7.20 -4.84
CA GLY D 11 -6.28 8.61 -5.03
C GLY D 11 -5.22 9.28 -5.89
N MET D 12 -4.52 8.54 -6.75
CA MET D 12 -3.49 9.17 -7.59
C MET D 12 -3.97 9.35 -9.04
N SER D 13 -4.07 8.27 -9.75
CA SER D 13 -4.51 8.37 -11.15
C SER D 13 -5.72 9.30 -11.30
N THR D 14 -6.46 9.50 -10.20
CA THR D 14 -7.62 10.38 -10.32
C THR D 14 -7.21 11.78 -9.89
N SER D 15 -6.09 11.83 -9.22
CA SER D 15 -5.48 13.09 -8.76
C SER D 15 -5.20 14.03 -9.93
N LEU D 16 -4.82 13.46 -11.06
CA LEU D 16 -4.55 14.26 -12.24
C LEU D 16 -5.88 14.86 -12.76
N LEU D 17 -6.96 14.07 -12.72
CA LEU D 17 -8.28 14.55 -13.14
C LEU D 17 -8.75 15.68 -12.19
N VAL D 18 -8.54 15.48 -10.88
CA VAL D 18 -8.91 16.50 -9.89
C VAL D 18 -8.18 17.83 -10.15
N SER D 19 -6.89 17.79 -10.47
CA SER D 19 -6.17 19.03 -10.74
C SER D 19 -6.73 19.77 -11.98
N LYS D 20 -7.12 19.03 -13.02
CA LYS D 20 -7.71 19.66 -14.20
C LYS D 20 -9.12 20.20 -13.91
N MET D 21 -9.87 19.50 -13.07
CA MET D 21 -11.22 20.00 -12.73
C MET D 21 -11.08 21.31 -11.94
N ARG D 22 -10.13 21.39 -11.02
CA ARG D 22 -9.91 22.60 -10.21
C ARG D 22 -9.56 23.79 -11.12
N ALA D 23 -8.79 23.54 -12.18
CA ALA D 23 -8.39 24.59 -13.11
C ALA D 23 -9.63 25.14 -13.81
N GLN D 24 -10.50 24.24 -14.24
CA GLN D 24 -11.72 24.61 -14.91
C GLN D 24 -12.67 25.35 -14.00
N ALA D 25 -12.80 24.88 -12.77
CA ALA D 25 -13.69 25.53 -11.80
C ALA D 25 -13.24 26.96 -11.55
N GLU D 26 -11.93 27.20 -11.60
CA GLU D 26 -11.39 28.54 -11.36
C GLU D 26 -11.65 29.43 -12.57
N LYS D 27 -11.43 28.88 -13.76
CA LYS D 27 -11.63 29.59 -14.99
C LYS D 27 -13.07 30.10 -15.12
N TYR D 28 -14.05 29.29 -14.72
CA TYR D 28 -15.48 29.69 -14.80
C TYR D 28 -16.13 30.10 -13.49
N GLU D 29 -15.33 30.35 -12.46
CA GLU D 29 -15.81 30.78 -11.15
C GLU D 29 -16.89 29.89 -10.51
N VAL D 30 -16.76 28.58 -10.66
CA VAL D 30 -17.70 27.63 -10.08
C VAL D 30 -17.27 27.48 -8.62
N PRO D 31 -18.19 27.73 -7.67
CA PRO D 31 -17.91 27.64 -6.23
C PRO D 31 -17.93 26.21 -5.68
N VAL D 32 -16.88 25.46 -6.01
CA VAL D 32 -16.75 24.08 -5.57
C VAL D 32 -15.38 23.76 -5.01
N ILE D 33 -15.35 22.75 -4.14
CA ILE D 33 -14.13 22.22 -3.55
C ILE D 33 -14.09 20.77 -4.09
N ILE D 34 -12.98 20.40 -4.71
CA ILE D 34 -12.79 19.07 -5.32
C ILE D 34 -11.61 18.31 -4.66
N GLU D 35 -11.86 17.09 -4.18
CA GLU D 35 -10.83 16.27 -3.52
C GLU D 35 -10.93 14.82 -4.00
N ALA D 36 -9.78 14.14 -4.09
CA ALA D 36 -9.71 12.73 -4.50
C ALA D 36 -9.34 11.92 -3.25
N PHE D 37 -9.93 10.74 -3.09
CA PHE D 37 -9.64 9.87 -1.95
C PHE D 37 -9.66 8.44 -2.43
N PRO D 38 -9.08 7.53 -1.64
CA PRO D 38 -9.07 6.11 -2.02
C PRO D 38 -10.49 5.61 -1.70
N GLU D 39 -10.91 4.54 -2.35
CA GLU D 39 -12.24 3.96 -2.13
C GLU D 39 -12.51 3.54 -0.69
N THR D 40 -11.46 3.29 0.09
CA THR D 40 -11.63 2.88 1.48
C THR D 40 -12.26 3.95 2.37
N LEU D 41 -12.19 5.21 1.94
CA LEU D 41 -12.77 6.32 2.70
C LEU D 41 -14.15 6.77 2.20
N ALA D 42 -14.74 6.07 1.21
CA ALA D 42 -16.05 6.45 0.63
C ALA D 42 -17.14 6.64 1.68
N GLY D 43 -17.12 5.80 2.71
CA GLY D 43 -18.13 5.91 3.75
C GLY D 43 -17.81 6.98 4.77
N GLU D 44 -16.53 7.16 5.08
CA GLU D 44 -16.15 8.15 6.07
C GLU D 44 -16.16 9.59 5.49
N LYS D 45 -15.52 9.77 4.34
CA LYS D 45 -15.46 11.08 3.70
C LYS D 45 -16.73 11.45 2.92
N GLY D 46 -17.38 10.46 2.32
CA GLY D 46 -18.60 10.70 1.55
C GLY D 46 -19.69 11.43 2.29
N GLN D 47 -19.77 11.23 3.60
CA GLN D 47 -20.79 11.89 4.43
C GLN D 47 -20.74 13.42 4.34
N ASN D 48 -19.59 13.97 3.95
CA ASN D 48 -19.43 15.41 3.87
C ASN D 48 -19.45 15.95 2.45
N ALA D 49 -19.66 15.08 1.48
CA ALA D 49 -19.67 15.54 0.10
C ALA D 49 -21.06 15.97 -0.30
N ASP D 50 -21.11 16.82 -1.31
CA ASP D 50 -22.38 17.25 -1.83
C ASP D 50 -22.73 16.32 -2.99
N VAL D 51 -21.69 15.73 -3.60
CA VAL D 51 -21.88 14.75 -4.67
C VAL D 51 -20.68 13.78 -4.61
N VAL D 52 -20.98 12.49 -4.70
CA VAL D 52 -19.97 11.44 -4.66
C VAL D 52 -19.78 10.85 -6.06
N LEU D 53 -18.55 10.92 -6.57
CA LEU D 53 -18.24 10.38 -7.88
C LEU D 53 -17.30 9.18 -7.73
N LEU D 54 -17.60 8.08 -8.42
CA LEU D 54 -16.75 6.88 -8.36
C LEU D 54 -15.96 6.73 -9.63
N GLY D 55 -14.69 6.35 -9.51
CA GLY D 55 -13.84 6.18 -10.68
C GLY D 55 -14.39 5.02 -11.49
N PRO D 56 -14.13 4.94 -12.76
CA PRO D 56 -14.65 3.83 -13.62
C PRO D 56 -14.23 2.43 -13.16
N GLN D 57 -13.07 2.31 -12.54
CA GLN D 57 -12.57 1.02 -12.08
C GLN D 57 -13.39 0.49 -10.90
N ILE D 58 -14.04 1.38 -10.15
CA ILE D 58 -14.82 0.94 -9.01
C ILE D 58 -16.34 1.02 -9.23
N ALA D 59 -16.75 0.99 -10.49
CA ALA D 59 -18.17 1.04 -10.83
C ALA D 59 -18.94 -0.11 -10.19
N TYR D 60 -18.34 -1.30 -10.13
CA TYR D 60 -19.04 -2.44 -9.55
C TYR D 60 -19.46 -2.21 -8.09
N MET D 61 -18.84 -1.23 -7.44
CA MET D 61 -19.15 -0.89 -6.05
C MET D 61 -20.33 0.08 -5.87
N LEU D 62 -20.89 0.58 -6.97
CA LEU D 62 -21.99 1.54 -6.90
C LEU D 62 -23.13 1.19 -5.93
N PRO D 63 -23.73 -0.02 -6.05
CA PRO D 63 -24.82 -0.37 -5.12
C PRO D 63 -24.43 -0.30 -3.65
N GLU D 64 -23.22 -0.72 -3.30
CA GLU D 64 -22.77 -0.68 -1.91
C GLU D 64 -22.60 0.74 -1.42
N ILE D 65 -22.02 1.59 -2.25
CA ILE D 65 -21.83 2.99 -1.85
C ILE D 65 -23.16 3.74 -1.71
N GLN D 66 -24.12 3.42 -2.59
CA GLN D 66 -25.46 4.00 -2.52
C GLN D 66 -26.13 3.64 -1.18
N ARG D 67 -26.00 2.39 -0.73
CA ARG D 67 -26.60 1.98 0.55
C ARG D 67 -25.89 2.63 1.74
N LEU D 68 -24.60 2.88 1.59
CA LEU D 68 -23.77 3.49 2.64
C LEU D 68 -24.11 4.97 2.82
N LEU D 69 -24.39 5.65 1.70
CA LEU D 69 -24.73 7.09 1.68
C LEU D 69 -26.11 7.27 1.01
N PRO D 70 -27.20 6.87 1.69
CA PRO D 70 -28.55 6.99 1.13
C PRO D 70 -29.03 8.44 0.93
N ASN D 71 -28.35 9.38 1.56
CA ASN D 71 -28.75 10.79 1.44
C ASN D 71 -27.82 11.63 0.57
N LYS D 72 -27.08 10.99 -0.33
CA LYS D 72 -26.14 11.69 -1.21
C LYS D 72 -26.26 11.20 -2.63
N PRO D 73 -26.13 12.10 -3.63
CA PRO D 73 -26.21 11.62 -5.02
C PRO D 73 -24.85 10.97 -5.27
N VAL D 74 -24.87 9.73 -5.75
CA VAL D 74 -23.64 8.96 -6.02
C VAL D 74 -23.64 8.48 -7.46
N GLU D 75 -22.58 8.72 -8.19
CA GLU D 75 -22.53 8.22 -9.55
C GLU D 75 -21.13 7.95 -10.07
N VAL D 76 -21.06 7.12 -11.10
CA VAL D 76 -19.80 6.72 -11.71
C VAL D 76 -19.40 7.72 -12.78
N ILE D 77 -18.11 8.03 -12.84
CA ILE D 77 -17.58 8.96 -13.83
C ILE D 77 -17.54 8.27 -15.17
N ASP D 78 -17.96 8.97 -16.21
CA ASP D 78 -17.94 8.40 -17.55
C ASP D 78 -16.51 7.95 -17.89
N SER D 79 -16.33 6.69 -18.28
CA SER D 79 -14.99 6.17 -18.58
C SER D 79 -14.18 6.90 -19.65
N LEU D 80 -14.87 7.44 -20.65
CA LEU D 80 -14.19 8.17 -21.73
C LEU D 80 -13.73 9.53 -21.23
N LEU D 81 -14.58 10.18 -20.45
CA LEU D 81 -14.26 11.49 -19.90
C LEU D 81 -13.10 11.33 -18.94
N TYR D 82 -13.10 10.21 -18.22
CA TYR D 82 -12.04 9.90 -17.25
C TYR D 82 -10.71 9.58 -17.95
N GLY D 83 -10.75 8.68 -18.92
CA GLY D 83 -9.54 8.32 -19.64
C GLY D 83 -8.87 9.50 -20.31
N LYS D 84 -9.68 10.37 -20.87
CA LYS D 84 -9.22 11.56 -21.59
C LYS D 84 -8.79 12.70 -20.65
N VAL D 85 -9.07 12.52 -19.35
CA VAL D 85 -8.77 13.52 -18.31
C VAL D 85 -9.47 14.86 -18.61
N ASP D 86 -10.76 14.77 -18.94
CA ASP D 86 -11.57 15.95 -19.28
C ASP D 86 -12.09 16.63 -18.03
N GLY D 87 -11.29 17.56 -17.51
CA GLY D 87 -11.64 18.31 -16.31
C GLY D 87 -12.94 19.07 -16.45
N LEU D 88 -13.16 19.73 -17.60
CA LEU D 88 -14.39 20.49 -17.80
C LEU D 88 -15.63 19.58 -17.87
N GLY D 89 -15.50 18.50 -18.64
CA GLY D 89 -16.59 17.56 -18.81
C GLY D 89 -17.07 16.91 -17.53
N VAL D 90 -16.12 16.49 -16.69
CA VAL D 90 -16.48 15.84 -15.42
C VAL D 90 -17.04 16.88 -14.45
N LEU D 91 -16.47 18.08 -14.49
CA LEU D 91 -16.97 19.15 -13.63
C LEU D 91 -18.46 19.39 -14.00
N LYS D 92 -18.76 19.42 -15.30
CA LYS D 92 -20.15 19.61 -15.75
C LYS D 92 -21.09 18.52 -15.24
N ALA D 93 -20.64 17.27 -15.30
CA ALA D 93 -21.47 16.14 -14.85
C ALA D 93 -21.76 16.21 -13.35
N ALA D 94 -20.78 16.72 -12.60
CA ALA D 94 -20.90 16.82 -11.15
C ALA D 94 -21.90 17.90 -10.75
N VAL D 95 -21.80 19.06 -11.40
CA VAL D 95 -22.72 20.17 -11.13
C VAL D 95 -24.13 19.69 -11.49
N ALA D 96 -24.25 18.98 -12.61
CA ALA D 96 -25.54 18.45 -13.04
C ALA D 96 -26.13 17.51 -11.99
N ALA D 97 -25.33 16.57 -11.49
CA ALA D 97 -25.85 15.64 -10.49
C ALA D 97 -26.36 16.40 -9.26
N ILE D 98 -25.70 17.51 -8.93
CA ILE D 98 -26.12 18.32 -7.78
C ILE D 98 -27.46 19.01 -8.03
N LYS D 99 -27.63 19.58 -9.24
CA LYS D 99 -28.87 20.26 -9.62
C LYS D 99 -30.01 19.26 -9.71
N LYS D 100 -29.80 18.19 -10.45
CA LYS D 100 -30.83 17.18 -10.59
C LYS D 100 -31.20 16.60 -9.22
N ALA D 101 -30.34 16.79 -8.23
CA ALA D 101 -30.58 16.28 -6.88
C ALA D 101 -31.37 17.24 -6.00
N ALA D 102 -31.14 18.54 -6.18
CA ALA D 102 -31.83 19.57 -5.43
C ALA D 102 -33.22 19.88 -6.02
N ALA D 103 -33.60 19.13 -7.06
CA ALA D 103 -34.88 19.29 -7.72
C ALA D 103 -35.05 18.26 -8.85
P PO3 E . -4.89 5.45 -7.23
O1 PO3 E . -5.36 4.03 -6.93
O2 PO3 E . -4.86 5.95 -8.66
O3 PO3 E . -4.27 6.29 -6.13
N ALA A 1 0.74 7.29 -18.60
CA ALA A 1 0.24 7.59 -19.96
C ALA A 1 -1.09 6.86 -20.17
N GLU A 2 -1.77 7.18 -21.26
CA GLU A 2 -3.08 6.58 -21.60
C GLU A 2 -3.28 5.20 -20.95
N GLU A 3 -2.80 4.17 -21.63
CA GLU A 3 -2.95 2.80 -21.13
C GLU A 3 -2.16 2.60 -19.84
N LEU A 4 -0.84 2.78 -19.91
CA LEU A 4 0.01 2.60 -18.74
C LEU A 4 -0.63 3.20 -17.48
N GLU A 5 -1.21 4.38 -17.61
CA GLU A 5 -1.84 5.05 -16.47
C GLU A 5 -3.12 4.34 -16.08
N GLU A 6 -3.94 4.01 -17.07
CA GLU A 6 -5.19 3.30 -16.82
C GLU A 6 -4.88 1.88 -16.34
N VAL A 7 -3.80 1.31 -16.88
CA VAL A 7 -3.37 -0.03 -16.50
C VAL A 7 -2.93 -0.05 -15.03
N VAL A 8 -2.20 0.99 -14.63
CA VAL A 8 -1.73 1.10 -13.25
C VAL A 8 -2.95 1.16 -12.33
N MET A 9 -3.95 1.96 -12.70
CA MET A 9 -5.17 2.06 -11.90
C MET A 9 -5.77 0.67 -11.73
N GLY A 10 -5.81 -0.09 -12.82
CA GLY A 10 -6.34 -1.45 -12.77
C GLY A 10 -5.49 -2.31 -11.83
N LEU A 11 -4.17 -2.17 -11.95
CA LEU A 11 -3.26 -2.93 -11.10
C LEU A 11 -3.45 -2.56 -9.64
N ILE A 12 -3.57 -1.27 -9.37
CA ILE A 12 -3.76 -0.80 -8.00
C ILE A 12 -5.06 -1.36 -7.46
N ILE A 13 -6.11 -1.29 -8.26
CA ILE A 13 -7.40 -1.82 -7.85
C ILE A 13 -7.30 -3.33 -7.65
N ASN A 14 -6.65 -4.01 -8.60
CA ASN A 14 -6.47 -5.45 -8.53
C ASN A 14 -5.71 -5.82 -7.26
N SER A 15 -4.61 -5.11 -7.03
CA SER A 15 -3.81 -5.35 -5.83
C SER A 15 -4.65 -5.14 -4.57
N GLY A 16 -5.44 -4.06 -4.60
CA GLY A 16 -6.32 -3.75 -3.47
C GLY A 16 -7.35 -4.86 -3.26
N GLN A 17 -7.95 -5.32 -4.36
CA GLN A 17 -8.94 -6.40 -4.27
C GLN A 17 -8.27 -7.65 -3.72
N ALA A 18 -7.05 -7.92 -4.18
CA ALA A 18 -6.31 -9.09 -3.72
C ALA A 18 -6.15 -9.04 -2.21
N ARG A 19 -5.70 -7.91 -1.69
CA ARG A 19 -5.55 -7.77 -0.25
C ARG A 19 -6.90 -7.95 0.43
N SER A 20 -7.91 -7.28 -0.11
CA SER A 20 -9.25 -7.36 0.44
C SER A 20 -9.68 -8.83 0.57
N LEU A 21 -9.47 -9.59 -0.49
CA LEU A 21 -9.81 -11.01 -0.48
C LEU A 21 -8.97 -11.74 0.58
N ALA A 22 -7.69 -11.40 0.63
CA ALA A 22 -6.79 -12.03 1.60
C ALA A 22 -7.30 -11.80 3.03
N TYR A 23 -7.59 -10.55 3.38
CA TYR A 23 -8.10 -10.25 4.72
C TYR A 23 -9.41 -11.00 4.93
N ALA A 24 -10.25 -11.03 3.90
CA ALA A 24 -11.51 -11.73 3.99
C ALA A 24 -11.24 -13.22 4.25
N ALA A 25 -10.23 -13.75 3.56
CA ALA A 25 -9.84 -15.14 3.75
C ALA A 25 -9.48 -15.38 5.21
N LEU A 26 -8.72 -14.46 5.78
CA LEU A 26 -8.32 -14.57 7.18
C LEU A 26 -9.56 -14.55 8.07
N LYS A 27 -10.48 -13.64 7.77
CA LYS A 27 -11.71 -13.53 8.54
C LYS A 27 -12.45 -14.87 8.56
N GLN A 28 -12.48 -15.54 7.41
CA GLN A 28 -13.15 -16.84 7.31
C GLN A 28 -12.48 -17.81 8.28
N ALA A 29 -11.15 -17.75 8.35
CA ALA A 29 -10.39 -18.62 9.24
C ALA A 29 -10.80 -18.38 10.69
N LYS A 30 -10.95 -17.12 11.05
CA LYS A 30 -11.36 -16.77 12.41
C LYS A 30 -12.72 -17.37 12.73
N GLN A 31 -13.58 -17.50 11.72
CA GLN A 31 -14.89 -18.08 11.93
C GLN A 31 -14.80 -19.60 11.96
N GLY A 32 -13.60 -20.12 11.77
CA GLY A 32 -13.37 -21.56 11.81
C GLY A 32 -13.71 -22.21 10.47
N ASP A 33 -13.83 -21.40 9.43
CA ASP A 33 -14.15 -21.90 8.09
C ASP A 33 -12.88 -22.06 7.26
N PHE A 34 -12.18 -23.18 7.47
CA PHE A 34 -10.93 -23.42 6.73
C PHE A 34 -11.18 -23.60 5.24
N ALA A 35 -12.31 -24.21 4.89
CA ALA A 35 -12.63 -24.46 3.49
C ALA A 35 -12.77 -23.14 2.72
N ALA A 36 -13.56 -22.23 3.26
CA ALA A 36 -13.76 -20.95 2.60
C ALA A 36 -12.46 -20.14 2.60
N ALA A 37 -11.70 -20.23 3.68
CA ALA A 37 -10.43 -19.52 3.75
C ALA A 37 -9.52 -19.99 2.60
N LYS A 38 -9.36 -21.30 2.49
CA LYS A 38 -8.53 -21.90 1.45
C LYS A 38 -8.96 -21.42 0.06
N ALA A 39 -10.26 -21.45 -0.21
CA ALA A 39 -10.77 -21.03 -1.51
C ALA A 39 -10.47 -19.57 -1.79
N MET A 40 -10.61 -18.74 -0.76
CA MET A 40 -10.36 -17.30 -0.90
C MET A 40 -8.88 -17.03 -1.18
N MET A 41 -7.98 -17.76 -0.50
CA MET A 41 -6.55 -17.56 -0.72
C MET A 41 -6.19 -17.92 -2.15
N ASP A 42 -6.77 -19.01 -2.65
CA ASP A 42 -6.47 -19.48 -3.99
C ASP A 42 -6.83 -18.42 -5.02
N GLN A 43 -8.03 -17.87 -4.88
CA GLN A 43 -8.48 -16.82 -5.80
C GLN A 43 -7.61 -15.59 -5.67
N SER A 44 -7.25 -15.24 -4.44
CA SER A 44 -6.40 -14.08 -4.20
C SER A 44 -5.06 -14.28 -4.91
N ARG A 45 -4.49 -15.47 -4.78
CA ARG A 45 -3.22 -15.82 -5.43
C ARG A 45 -3.32 -15.66 -6.95
N MET A 46 -4.40 -16.18 -7.51
CA MET A 46 -4.63 -16.11 -8.95
C MET A 46 -4.72 -14.65 -9.40
N ALA A 47 -5.41 -13.83 -8.62
CA ALA A 47 -5.56 -12.41 -8.94
C ALA A 47 -4.19 -11.74 -9.00
N LEU A 48 -3.35 -12.05 -8.02
CA LEU A 48 -2.00 -11.49 -7.95
C LEU A 48 -1.15 -11.98 -9.12
N ASN A 49 -1.29 -13.26 -9.41
CA ASN A 49 -0.51 -13.87 -10.48
C ASN A 49 -0.77 -13.15 -11.80
N GLU A 50 -2.04 -12.89 -12.07
CA GLU A 50 -2.41 -12.17 -13.29
C GLU A 50 -1.86 -10.75 -13.23
N ALA A 51 -1.97 -10.13 -12.05
CA ALA A 51 -1.47 -8.77 -11.87
C ALA A 51 0.06 -8.75 -12.05
N HIS A 52 0.73 -9.71 -11.44
CA HIS A 52 2.19 -9.81 -11.54
C HIS A 52 2.61 -10.01 -13.00
N LEU A 53 1.86 -10.83 -13.72
CA LEU A 53 2.16 -11.11 -15.12
C LEU A 53 2.11 -9.82 -15.93
N VAL A 54 1.08 -9.02 -15.68
CA VAL A 54 0.94 -7.75 -16.38
C VAL A 54 2.11 -6.84 -16.04
N GLN A 55 2.46 -6.79 -14.76
CA GLN A 55 3.59 -5.96 -14.34
C GLN A 55 4.88 -6.45 -15.01
N THR A 56 5.08 -7.76 -15.08
CA THR A 56 6.28 -8.32 -15.72
C THR A 56 6.46 -7.71 -17.11
N LYS A 57 5.37 -7.66 -17.88
CA LYS A 57 5.43 -7.06 -19.22
C LYS A 57 5.76 -5.59 -19.10
N LEU A 58 5.18 -4.94 -18.10
CA LEU A 58 5.43 -3.52 -17.90
C LEU A 58 6.87 -3.24 -17.48
N ILE A 59 7.58 -4.25 -16.98
CA ILE A 59 8.99 -4.06 -16.60
C ILE A 59 9.93 -4.47 -17.76
N GLU A 60 9.55 -5.49 -18.53
CA GLU A 60 10.37 -5.95 -19.66
C GLU A 60 10.46 -4.88 -20.74
N GLY A 61 9.34 -4.20 -21.01
CA GLY A 61 9.31 -3.17 -22.03
C GLY A 61 9.20 -1.78 -21.42
N ASP A 62 9.80 -1.60 -20.24
CA ASP A 62 9.75 -0.32 -19.54
C ASP A 62 10.49 0.78 -20.32
N ALA A 63 11.17 0.39 -21.40
CA ALA A 63 11.90 1.36 -22.21
C ALA A 63 10.97 2.06 -23.19
N GLY A 64 11.49 3.07 -23.89
CA GLY A 64 10.68 3.81 -24.86
C GLY A 64 10.81 5.32 -24.66
N GLU A 65 10.45 5.80 -23.47
CA GLU A 65 10.53 7.23 -23.19
C GLU A 65 11.97 7.72 -23.18
N GLY A 66 12.86 6.90 -22.64
CA GLY A 66 14.28 7.27 -22.58
C GLY A 66 15.15 6.04 -22.36
N LYS A 67 16.47 6.25 -22.44
CA LYS A 67 17.41 5.15 -22.27
C LYS A 67 17.39 4.63 -20.82
N MET A 68 18.11 5.32 -19.94
CA MET A 68 18.20 4.93 -18.54
C MET A 68 16.88 5.05 -17.79
N LYS A 69 16.13 6.12 -18.08
CA LYS A 69 14.87 6.35 -17.37
C LYS A 69 13.76 5.39 -17.80
N VAL A 70 12.84 5.14 -16.87
CA VAL A 70 11.71 4.23 -17.10
C VAL A 70 10.41 4.88 -16.65
N SER A 71 9.28 4.23 -16.95
CA SER A 71 7.98 4.77 -16.55
C SER A 71 7.94 4.91 -15.03
N LEU A 72 7.54 6.10 -14.57
CA LEU A 72 7.48 6.40 -13.14
C LEU A 72 6.43 5.55 -12.41
N VAL A 73 5.30 5.39 -13.07
CA VAL A 73 4.18 4.62 -12.52
C VAL A 73 4.55 3.16 -12.22
N LEU A 74 5.61 2.69 -12.85
CA LEU A 74 6.02 1.30 -12.64
C LEU A 74 6.17 1.00 -11.17
N VAL A 75 6.58 2.01 -10.42
CA VAL A 75 6.80 1.86 -8.99
C VAL A 75 5.45 1.77 -8.28
N HIS A 76 4.23 2.82 -8.66
CA HIS A 76 2.88 2.82 -8.08
C HIS A 76 2.28 1.43 -8.16
N ALA A 77 2.62 0.71 -9.23
CA ALA A 77 2.14 -0.65 -9.42
C ALA A 77 2.99 -1.64 -8.63
N GLN A 78 4.32 -1.49 -8.71
CA GLN A 78 5.21 -2.42 -8.02
C GLN A 78 5.00 -2.32 -6.51
N LEU A 79 4.96 -1.09 -6.01
CA LEU A 79 4.72 -0.86 -4.59
C LEU A 79 3.44 -1.54 -4.13
N HIS A 80 2.35 -1.32 -4.85
CA HIS A 80 1.08 -1.91 -4.47
C HIS A 80 1.12 -3.44 -4.62
N LEU A 81 1.65 -3.90 -5.74
CA LEU A 81 1.74 -5.34 -5.99
C LEU A 81 2.64 -6.04 -4.98
N MET A 82 3.80 -5.45 -4.70
CA MET A 82 4.74 -6.05 -3.75
C MET A 82 4.11 -6.14 -2.37
N THR A 83 3.46 -5.05 -1.96
CA THR A 83 2.81 -5.00 -0.65
C THR A 83 1.69 -6.04 -0.56
N SER A 84 0.84 -6.07 -1.58
CA SER A 84 -0.29 -7.01 -1.61
C SER A 84 0.20 -8.46 -1.60
N MET A 85 1.16 -8.78 -2.45
CA MET A 85 1.69 -10.14 -2.51
C MET A 85 2.26 -10.57 -1.18
N LEU A 86 3.07 -9.70 -0.59
CA LEU A 86 3.68 -10.00 0.70
C LEU A 86 2.61 -10.19 1.78
N ALA A 87 1.64 -9.28 1.79
CA ALA A 87 0.56 -9.36 2.76
C ALA A 87 -0.15 -10.70 2.67
N ARG A 88 -0.49 -11.10 1.47
CA ARG A 88 -1.18 -12.37 1.27
C ARG A 88 -0.35 -13.55 1.78
N GLU A 89 0.93 -13.57 1.45
CA GLU A 89 1.77 -14.67 1.88
C GLU A 89 1.79 -14.78 3.39
N LEU A 90 1.95 -13.65 4.06
CA LEU A 90 1.96 -13.64 5.51
C LEU A 90 0.58 -14.03 6.05
N ILE A 91 -0.46 -13.51 5.42
CA ILE A 91 -1.82 -13.85 5.84
C ILE A 91 -2.03 -15.35 5.69
N THR A 92 -1.50 -15.92 4.61
CA THR A 92 -1.60 -17.37 4.40
C THR A 92 -0.98 -18.10 5.59
N GLU A 93 0.20 -17.64 6.01
CA GLU A 93 0.88 -18.23 7.16
C GLU A 93 0.02 -18.08 8.40
N LEU A 94 -0.57 -16.89 8.56
CA LEU A 94 -1.43 -16.62 9.72
C LEU A 94 -2.62 -17.59 9.71
N ILE A 95 -3.20 -17.80 8.55
CA ILE A 95 -4.34 -18.73 8.44
C ILE A 95 -3.90 -20.14 8.83
N GLU A 96 -2.72 -20.56 8.36
CA GLU A 96 -2.22 -21.88 8.71
C GLU A 96 -2.08 -22.00 10.22
N LEU A 97 -1.64 -20.91 10.87
CA LEU A 97 -1.51 -20.92 12.32
C LEU A 97 -2.88 -21.12 12.98
N HIS A 98 -3.89 -20.46 12.44
CA HIS A 98 -5.25 -20.62 12.98
C HIS A 98 -5.63 -22.08 12.92
N GLU A 99 -5.25 -22.75 11.84
CA GLU A 99 -5.55 -24.17 11.68
C GLU A 99 -4.81 -24.98 12.74
N LYS A 100 -3.56 -24.62 13.01
CA LYS A 100 -2.79 -25.32 14.02
C LYS A 100 -3.39 -25.06 15.41
N LEU A 101 -3.92 -23.84 15.61
CA LEU A 101 -4.56 -23.49 16.88
C LEU A 101 -5.80 -24.37 17.09
N LYS A 102 -6.02 -25.30 16.15
CA LYS A 102 -7.18 -26.20 16.21
C LYS A 102 -8.43 -25.52 15.71
N ALA A 103 -8.82 -24.42 16.39
CA ALA A 103 -10.03 -23.67 16.04
C ALA A 103 -10.30 -23.65 14.53
N ALA B 1 22.66 3.11 -13.51
CA ALA B 1 23.97 3.34 -14.19
C ALA B 1 24.86 2.13 -13.94
N GLU B 2 26.00 2.08 -14.64
CA GLU B 2 26.95 0.97 -14.53
C GLU B 2 26.86 0.24 -13.18
N GLU B 3 27.57 0.74 -12.19
CA GLU B 3 27.58 0.13 -10.87
C GLU B 3 26.22 0.21 -10.20
N LEU B 4 25.72 1.44 -10.02
CA LEU B 4 24.42 1.61 -9.38
C LEU B 4 23.38 0.61 -9.91
N GLU B 5 23.37 0.41 -11.22
CA GLU B 5 22.42 -0.52 -11.83
C GLU B 5 22.76 -1.95 -11.47
N GLU B 6 24.03 -2.30 -11.57
CA GLU B 6 24.50 -3.63 -11.23
C GLU B 6 24.38 -3.85 -9.73
N VAL B 7 24.60 -2.79 -8.97
CA VAL B 7 24.51 -2.85 -7.52
C VAL B 7 23.05 -3.11 -7.10
N VAL B 8 22.12 -2.44 -7.77
CA VAL B 8 20.69 -2.63 -7.49
C VAL B 8 20.33 -4.08 -7.74
N MET B 9 20.80 -4.63 -8.86
CA MET B 9 20.52 -6.03 -9.18
C MET B 9 21.01 -6.91 -8.03
N GLY B 10 22.21 -6.62 -7.53
CA GLY B 10 22.75 -7.37 -6.41
C GLY B 10 21.86 -7.21 -5.19
N LEU B 11 21.44 -5.98 -4.93
CA LEU B 11 20.56 -5.70 -3.79
C LEU B 11 19.24 -6.44 -3.93
N ILE B 12 18.67 -6.41 -5.13
CA ILE B 12 17.40 -7.09 -5.38
C ILE B 12 17.57 -8.58 -5.14
N ILE B 13 18.66 -9.12 -5.68
CA ILE B 13 18.94 -10.54 -5.50
C ILE B 13 19.17 -10.83 -4.02
N ASN B 14 19.95 -9.98 -3.36
CA ASN B 14 20.24 -10.16 -1.94
C ASN B 14 18.94 -10.10 -1.13
N SER B 15 18.11 -9.11 -1.42
CA SER B 15 16.83 -8.99 -0.74
C SER B 15 15.98 -10.23 -0.97
N GLY B 16 15.99 -10.71 -2.22
CA GLY B 16 15.23 -11.91 -2.57
C GLY B 16 15.76 -13.12 -1.81
N GLN B 17 17.08 -13.25 -1.75
CA GLN B 17 17.68 -14.37 -1.03
C GLN B 17 17.31 -14.28 0.45
N ALA B 18 17.35 -13.06 0.98
CA ALA B 18 17.00 -12.84 2.37
C ALA B 18 15.60 -13.36 2.66
N ARG B 19 14.64 -12.97 1.84
CA ARG B 19 13.27 -13.44 2.02
C ARG B 19 13.24 -14.96 1.90
N SER B 20 13.90 -15.47 0.86
CA SER B 20 13.94 -16.91 0.64
C SER B 20 14.41 -17.63 1.89
N LEU B 21 15.50 -17.13 2.48
CA LEU B 21 16.04 -17.73 3.71
C LEU B 21 15.01 -17.60 4.83
N ALA B 22 14.37 -16.44 4.93
CA ALA B 22 13.37 -16.20 5.97
C ALA B 22 12.24 -17.23 5.85
N TYR B 23 11.67 -17.38 4.65
CA TYR B 23 10.60 -18.36 4.46
C TYR B 23 11.12 -19.75 4.79
N ALA B 24 12.36 -20.04 4.38
CA ALA B 24 12.95 -21.33 4.67
C ALA B 24 13.06 -21.49 6.19
N ALA B 25 13.43 -20.41 6.87
CA ALA B 25 13.53 -20.43 8.33
C ALA B 25 12.18 -20.80 8.92
N LEU B 26 11.12 -20.21 8.39
CA LEU B 26 9.78 -20.50 8.86
C LEU B 26 9.45 -21.97 8.62
N LYS B 27 9.80 -22.46 7.44
CA LYS B 27 9.55 -23.86 7.11
C LYS B 27 10.21 -24.78 8.14
N GLN B 28 11.43 -24.43 8.54
CA GLN B 28 12.13 -25.23 9.56
C GLN B 28 11.31 -25.26 10.84
N ALA B 29 10.74 -24.11 11.19
CA ALA B 29 9.91 -24.02 12.40
C ALA B 29 8.73 -24.97 12.31
N LYS B 30 8.09 -25.01 11.14
CA LYS B 30 6.95 -25.90 10.94
C LYS B 30 7.36 -27.35 11.16
N GLN B 31 8.62 -27.67 10.83
CA GLN B 31 9.10 -29.04 11.01
C GLN B 31 9.46 -29.28 12.48
N GLY B 32 9.32 -28.24 13.29
CA GLY B 32 9.63 -28.35 14.72
C GLY B 32 11.13 -28.18 14.99
N ASP B 33 11.86 -27.66 14.00
CA ASP B 33 13.29 -27.46 14.14
C ASP B 33 13.60 -26.02 14.53
N PHE B 34 13.47 -25.71 15.81
CA PHE B 34 13.73 -24.34 16.29
C PHE B 34 15.18 -23.94 16.10
N ALA B 35 16.09 -24.90 16.27
CA ALA B 35 17.52 -24.60 16.15
C ALA B 35 17.86 -24.12 14.74
N ALA B 36 17.43 -24.87 13.74
CA ALA B 36 17.71 -24.50 12.36
C ALA B 36 16.98 -23.20 12.01
N ALA B 37 15.77 -23.03 12.51
CA ALA B 37 15.03 -21.80 12.24
C ALA B 37 15.82 -20.61 12.74
N LYS B 38 16.23 -20.68 14.02
CA LYS B 38 17.01 -19.60 14.63
C LYS B 38 18.27 -19.27 13.81
N ALA B 39 18.99 -20.29 13.40
CA ALA B 39 20.21 -20.10 12.61
C ALA B 39 19.91 -19.41 11.28
N MET B 40 18.83 -19.82 10.64
CA MET B 40 18.44 -19.26 9.36
C MET B 40 18.05 -17.78 9.51
N MET B 41 17.32 -17.45 10.57
CA MET B 41 16.92 -16.06 10.78
C MET B 41 18.15 -15.17 10.97
N ASP B 42 19.12 -15.68 11.73
CA ASP B 42 20.33 -14.93 12.01
C ASP B 42 21.06 -14.57 10.73
N GLN B 43 21.21 -15.58 9.86
CA GLN B 43 21.88 -15.36 8.59
C GLN B 43 21.08 -14.40 7.72
N SER B 44 19.76 -14.54 7.73
CA SER B 44 18.91 -13.65 6.95
C SER B 44 19.13 -12.20 7.41
N ARG B 45 19.14 -12.00 8.73
CA ARG B 45 19.35 -10.68 9.30
C ARG B 45 20.69 -10.09 8.83
N MET B 46 21.74 -10.90 8.89
CA MET B 46 23.07 -10.45 8.49
C MET B 46 23.05 -10.04 7.02
N ALA B 47 22.37 -10.84 6.20
CA ALA B 47 22.27 -10.53 4.77
C ALA B 47 21.58 -9.19 4.56
N LEU B 48 20.50 -8.97 5.31
CA LEU B 48 19.75 -7.72 5.21
C LEU B 48 20.59 -6.55 5.72
N ASN B 49 21.30 -6.78 6.81
CA ASN B 49 22.13 -5.75 7.40
C ASN B 49 23.18 -5.26 6.40
N GLU B 50 23.83 -6.19 5.73
CA GLU B 50 24.82 -5.83 4.72
C GLU B 50 24.17 -5.10 3.57
N ALA B 51 23.00 -5.58 3.17
CA ALA B 51 22.25 -4.96 2.08
C ALA B 51 21.83 -3.54 2.48
N HIS B 52 21.32 -3.41 3.70
CA HIS B 52 20.88 -2.11 4.21
C HIS B 52 22.06 -1.13 4.27
N LEU B 53 23.22 -1.64 4.69
CA LEU B 53 24.42 -0.80 4.79
C LEU B 53 24.77 -0.23 3.41
N VAL B 54 24.71 -1.09 2.40
CA VAL B 54 25.03 -0.66 1.04
C VAL B 54 24.01 0.40 0.61
N GLN B 55 22.73 0.16 0.90
CA GLN B 55 21.70 1.13 0.53
C GLN B 55 21.96 2.45 1.25
N THR B 56 22.32 2.39 2.54
CA THR B 56 22.60 3.61 3.30
C THR B 56 23.57 4.50 2.53
N LYS B 57 24.65 3.90 2.04
CA LYS B 57 25.62 4.66 1.25
C LYS B 57 24.97 5.20 -0.01
N LEU B 58 24.12 4.39 -0.61
CA LEU B 58 23.44 4.78 -1.84
C LEU B 58 22.45 5.93 -1.59
N ILE B 59 22.02 6.12 -0.32
CA ILE B 59 21.11 7.23 -0.01
C ILE B 59 21.88 8.48 0.45
N GLU B 60 23.00 8.27 1.16
CA GLU B 60 23.81 9.39 1.64
C GLU B 60 24.42 10.17 0.46
N GLY B 61 24.86 9.43 -0.55
CA GLY B 61 25.49 10.05 -1.72
C GLY B 61 24.59 9.96 -2.95
N ASP B 62 23.28 10.02 -2.73
CA ASP B 62 22.32 9.93 -3.82
C ASP B 62 22.41 11.14 -4.77
N ALA B 63 23.21 12.12 -4.40
CA ALA B 63 23.36 13.32 -5.23
C ALA B 63 24.37 13.07 -6.34
N GLY B 64 24.50 14.03 -7.26
CA GLY B 64 25.44 13.90 -8.37
C GLY B 64 24.78 14.23 -9.71
N GLU B 65 23.73 13.48 -10.05
CA GLU B 65 23.03 13.70 -11.32
C GLU B 65 22.34 15.07 -11.33
N GLY B 66 21.76 15.45 -10.20
CA GLY B 66 21.07 16.73 -10.11
C GLY B 66 20.91 17.16 -8.66
N LYS B 67 20.42 18.38 -8.47
CA LYS B 67 20.23 18.92 -7.13
C LYS B 67 19.13 18.16 -6.38
N MET B 68 17.88 18.54 -6.66
CA MET B 68 16.72 17.93 -6.01
C MET B 68 16.52 16.47 -6.40
N LYS B 69 16.75 16.13 -7.66
CA LYS B 69 16.54 14.76 -8.14
C LYS B 69 17.62 13.80 -7.64
N VAL B 70 17.22 12.52 -7.52
CA VAL B 70 18.11 11.47 -7.05
C VAL B 70 18.02 10.24 -7.98
N SER B 71 18.89 9.26 -7.76
CA SER B 71 18.88 8.05 -8.59
C SER B 71 17.52 7.37 -8.49
N LEU B 72 16.93 7.04 -9.64
CA LEU B 72 15.60 6.45 -9.66
C LEU B 72 15.59 5.04 -9.04
N VAL B 73 16.65 4.30 -9.35
CA VAL B 73 16.80 2.93 -8.88
C VAL B 73 16.83 2.84 -7.34
N LEU B 74 17.12 3.96 -6.69
CA LEU B 74 17.18 3.96 -5.22
C LEU B 74 15.90 3.39 -4.63
N VAL B 75 14.79 3.75 -5.25
CA VAL B 75 13.49 3.28 -4.79
C VAL B 75 13.39 1.77 -5.03
N HIS B 76 13.85 1.23 -6.26
CA HIS B 76 13.80 -0.20 -6.55
C HIS B 76 14.49 -1.00 -5.45
N ALA B 77 15.66 -0.53 -5.04
CA ALA B 77 16.40 -1.20 -3.97
C ALA B 77 15.70 -1.02 -2.64
N GLN B 78 15.18 0.19 -2.39
CA GLN B 78 14.49 0.47 -1.13
C GLN B 78 13.22 -0.36 -1.03
N LEU B 79 12.44 -0.39 -2.12
CA LEU B 79 11.22 -1.18 -2.14
C LEU B 79 11.49 -2.65 -1.82
N HIS B 80 12.48 -3.23 -2.48
CA HIS B 80 12.80 -4.62 -2.24
C HIS B 80 13.36 -4.83 -0.84
N LEU B 81 14.27 -3.95 -0.44
CA LEU B 81 14.88 -4.06 0.89
C LEU B 81 13.85 -3.85 2.00
N MET B 82 13.00 -2.85 1.86
CA MET B 82 11.98 -2.57 2.87
C MET B 82 11.02 -3.75 3.01
N THR B 83 10.59 -4.28 1.87
CA THR B 83 9.67 -5.41 1.87
C THR B 83 10.32 -6.64 2.50
N SER B 84 11.55 -6.94 2.10
CA SER B 84 12.26 -8.09 2.64
C SER B 84 12.50 -7.97 4.14
N MET B 85 12.97 -6.81 4.58
CA MET B 85 13.24 -6.60 6.01
C MET B 85 11.96 -6.76 6.83
N LEU B 86 10.89 -6.14 6.36
CA LEU B 86 9.61 -6.21 7.06
C LEU B 86 9.11 -7.65 7.12
N ALA B 87 9.17 -8.33 5.98
CA ALA B 87 8.72 -9.71 5.90
C ALA B 87 9.49 -10.58 6.88
N ARG B 88 10.79 -10.44 6.86
CA ARG B 88 11.65 -11.22 7.75
C ARG B 88 11.28 -10.97 9.21
N GLU B 89 11.08 -9.70 9.59
CA GLU B 89 10.75 -9.38 10.97
C GLU B 89 9.43 -10.05 11.37
N LEU B 90 8.44 -9.96 10.50
CA LEU B 90 7.14 -10.56 10.78
C LEU B 90 7.28 -12.08 10.84
N ILE B 91 8.06 -12.63 9.92
CA ILE B 91 8.30 -14.07 9.91
C ILE B 91 8.95 -14.49 11.23
N THR B 92 9.86 -13.66 11.73
CA THR B 92 10.50 -13.96 13.02
C THR B 92 9.43 -14.07 14.09
N GLU B 93 8.49 -13.13 14.09
CA GLU B 93 7.40 -13.15 15.06
C GLU B 93 6.58 -14.43 14.88
N LEU B 94 6.30 -14.77 13.62
CA LEU B 94 5.54 -15.99 13.33
C LEU B 94 6.27 -17.21 13.87
N ILE B 95 7.59 -17.26 13.68
CA ILE B 95 8.36 -18.38 14.19
C ILE B 95 8.28 -18.46 15.71
N GLU B 96 8.36 -17.30 16.37
CA GLU B 96 8.25 -17.27 17.83
C GLU B 96 6.90 -17.85 18.25
N LEU B 97 5.86 -17.54 17.49
CA LEU B 97 4.52 -18.05 17.79
C LEU B 97 4.52 -19.58 17.69
N HIS B 98 5.19 -20.10 16.66
CA HIS B 98 5.27 -21.55 16.50
C HIS B 98 5.89 -22.17 17.75
N GLU B 99 6.90 -21.48 18.28
CA GLU B 99 7.55 -21.95 19.50
C GLU B 99 6.58 -21.94 20.66
N LYS B 100 5.77 -20.88 20.77
CA LYS B 100 4.79 -20.80 21.84
C LYS B 100 3.72 -21.88 21.65
N LEU B 101 3.39 -22.19 20.39
CA LEU B 101 2.42 -23.25 20.11
C LEU B 101 2.96 -24.60 20.58
N LYS B 102 4.13 -24.57 21.21
CA LYS B 102 4.77 -25.78 21.72
C LYS B 102 5.49 -26.51 20.59
N ALA B 103 4.71 -26.92 19.58
CA ALA B 103 5.25 -27.67 18.43
C ALA B 103 6.64 -27.19 18.04
N ALA C 1 11.12 19.25 -2.05
CA ALA C 1 11.16 20.74 -1.98
C ALA C 1 10.96 21.17 -0.54
N GLU C 2 11.18 22.45 -0.27
CA GLU C 2 11.04 23.02 1.08
C GLU C 2 10.10 22.22 1.98
N GLU C 3 8.81 22.51 1.89
CA GLU C 3 7.83 21.81 2.71
C GLU C 3 7.73 20.34 2.34
N LEU C 4 7.37 20.07 1.08
CA LEU C 4 7.24 18.68 0.63
C LEU C 4 8.38 17.80 1.16
N GLU C 5 9.60 18.32 1.11
CA GLU C 5 10.76 17.57 1.58
C GLU C 5 10.74 17.43 3.10
N GLU C 6 10.47 18.53 3.78
CA GLU C 6 10.41 18.52 5.24
C GLU C 6 9.19 17.70 5.68
N VAL C 7 8.12 17.78 4.89
CA VAL C 7 6.90 17.04 5.17
C VAL C 7 7.17 15.53 5.06
N VAL C 8 7.92 15.14 4.03
CA VAL C 8 8.27 13.74 3.83
C VAL C 8 9.06 13.24 5.04
N MET C 9 10.02 14.04 5.50
CA MET C 9 10.80 13.67 6.66
C MET C 9 9.87 13.40 7.84
N GLY C 10 8.88 14.29 8.01
CA GLY C 10 7.91 14.13 9.08
C GLY C 10 7.12 12.84 8.88
N LEU C 11 6.71 12.59 7.65
CA LEU C 11 5.94 11.37 7.33
C LEU C 11 6.79 10.14 7.59
N ILE C 12 8.05 10.18 7.18
CA ILE C 12 8.94 9.04 7.37
C ILE C 12 9.11 8.78 8.87
N ILE C 13 9.32 9.87 9.61
CA ILE C 13 9.47 9.76 11.06
C ILE C 13 8.16 9.23 11.66
N ASN C 14 7.05 9.81 11.22
CA ASN C 14 5.73 9.40 11.72
C ASN C 14 5.50 7.92 11.43
N SER C 15 5.79 7.51 10.19
CA SER C 15 5.63 6.11 9.81
C SER C 15 6.52 5.24 10.68
N GLY C 16 7.76 5.70 10.90
CA GLY C 16 8.70 4.95 11.73
C GLY C 16 8.18 4.84 13.16
N GLN C 17 7.67 5.95 13.70
CA GLN C 17 7.13 5.92 15.06
C GLN C 17 5.95 4.97 15.12
N ALA C 18 5.12 5.01 14.08
CA ALA C 18 3.96 4.14 14.02
C ALA C 18 4.38 2.67 14.15
N ARG C 19 5.36 2.27 13.33
CA ARG C 19 5.84 0.91 13.40
C ARG C 19 6.41 0.63 14.79
N SER C 20 7.21 1.57 15.28
CA SER C 20 7.81 1.41 16.60
C SER C 20 6.73 1.13 17.65
N LEU C 21 5.66 1.92 17.61
CA LEU C 21 4.56 1.74 18.54
C LEU C 21 3.92 0.37 18.33
N ALA C 22 3.73 0.00 17.06
CA ALA C 22 3.13 -1.29 16.73
C ALA C 22 3.96 -2.44 17.33
N TYR C 23 5.27 -2.43 17.07
CA TYR C 23 6.14 -3.47 17.64
C TYR C 23 6.05 -3.45 19.16
N ALA C 24 6.03 -2.24 19.72
CA ALA C 24 5.92 -2.11 21.17
C ALA C 24 4.59 -2.72 21.62
N ALA C 25 3.54 -2.47 20.85
CA ALA C 25 2.23 -3.03 21.16
C ALA C 25 2.31 -4.55 21.21
N LEU C 26 3.01 -5.12 20.24
CA LEU C 26 3.19 -6.57 20.18
C LEU C 26 3.95 -7.05 21.42
N LYS C 27 4.99 -6.31 21.77
CA LYS C 27 5.79 -6.66 22.94
C LYS C 27 4.90 -6.72 24.19
N GLN C 28 3.99 -5.77 24.31
CA GLN C 28 3.06 -5.75 25.44
C GLN C 28 2.26 -7.04 25.47
N ALA C 29 1.82 -7.47 24.27
CA ALA C 29 1.05 -8.70 24.16
C ALA C 29 1.85 -9.89 24.67
N LYS C 30 3.13 -9.94 24.30
CA LYS C 30 3.99 -11.02 24.76
C LYS C 30 4.07 -11.06 26.28
N GLN C 31 3.98 -9.88 26.90
CA GLN C 31 4.04 -9.80 28.36
C GLN C 31 2.67 -10.17 28.96
N GLY C 32 1.71 -10.44 28.08
CA GLY C 32 0.36 -10.83 28.53
C GLY C 32 -0.47 -9.60 28.89
N ASP C 33 -0.04 -8.43 28.44
CA ASP C 33 -0.76 -7.18 28.70
C ASP C 33 -1.63 -6.80 27.51
N PHE C 34 -2.80 -7.41 27.42
CA PHE C 34 -3.71 -7.14 26.31
C PHE C 34 -4.22 -5.70 26.34
N ALA C 35 -4.43 -5.17 27.54
CA ALA C 35 -4.94 -3.81 27.68
C ALA C 35 -3.97 -2.79 27.08
N ALA C 36 -2.71 -2.89 27.47
CA ALA C 36 -1.71 -1.96 26.96
C ALA C 36 -1.50 -2.17 25.47
N ALA C 37 -1.55 -3.42 25.02
CA ALA C 37 -1.38 -3.71 23.60
C ALA C 37 -2.48 -3.00 22.81
N LYS C 38 -3.72 -3.21 23.22
CA LYS C 38 -4.87 -2.59 22.57
C LYS C 38 -4.72 -1.07 22.49
N ALA C 39 -4.32 -0.45 23.61
CA ALA C 39 -4.16 1.00 23.65
C ALA C 39 -3.06 1.46 22.68
N MET C 40 -1.96 0.72 22.64
CA MET C 40 -0.85 1.06 21.77
C MET C 40 -1.25 0.92 20.30
N MET C 41 -2.03 -0.11 19.99
CA MET C 41 -2.48 -0.31 18.61
C MET C 41 -3.35 0.85 18.16
N ASP C 42 -4.25 1.28 19.04
CA ASP C 42 -5.17 2.36 18.72
C ASP C 42 -4.41 3.63 18.38
N GLN C 43 -3.42 3.97 19.21
CA GLN C 43 -2.61 5.16 18.97
C GLN C 43 -1.83 5.03 17.67
N SER C 44 -1.30 3.85 17.42
CA SER C 44 -0.55 3.60 16.19
C SER C 44 -1.44 3.87 14.98
N ARG C 45 -2.67 3.32 15.03
CA ARG C 45 -3.64 3.50 13.96
C ARG C 45 -3.93 4.99 13.72
N MET C 46 -4.14 5.72 14.81
CA MET C 46 -4.43 7.15 14.72
C MET C 46 -3.26 7.89 14.08
N ALA C 47 -2.04 7.51 14.47
CA ALA C 47 -0.84 8.14 13.91
C ALA C 47 -0.78 7.91 12.40
N LEU C 48 -1.08 6.68 11.98
CA LEU C 48 -1.07 6.33 10.57
C LEU C 48 -2.17 7.06 9.82
N ASN C 49 -3.34 7.15 10.45
CA ASN C 49 -4.48 7.81 9.84
C ASN C 49 -4.14 9.27 9.52
N GLU C 50 -3.51 9.95 10.47
CA GLU C 50 -3.11 11.33 10.26
C GLU C 50 -2.06 11.41 9.16
N ALA C 51 -1.13 10.47 9.19
CA ALA C 51 -0.07 10.43 8.18
C ALA C 51 -0.67 10.15 6.80
N HIS C 52 -1.58 9.19 6.74
CA HIS C 52 -2.25 8.85 5.48
C HIS C 52 -3.02 10.05 4.94
N LEU C 53 -3.69 10.78 5.83
CA LEU C 53 -4.47 11.95 5.43
C LEU C 53 -3.56 12.98 4.76
N VAL C 54 -2.39 13.20 5.35
CA VAL C 54 -1.45 14.16 4.80
C VAL C 54 -0.99 13.67 3.43
N GLN C 55 -0.69 12.38 3.32
CA GLN C 55 -0.26 11.82 2.04
C GLN C 55 -1.38 11.99 1.00
N THR C 56 -2.62 11.74 1.41
CA THR C 56 -3.76 11.88 0.48
C THR C 56 -3.70 13.25 -0.19
N LYS C 57 -3.50 14.29 0.60
CA LYS C 57 -3.40 15.64 0.05
C LYS C 57 -2.20 15.73 -0.88
N LEU C 58 -1.11 15.09 -0.49
CA LEU C 58 0.10 15.11 -1.29
C LEU C 58 -0.08 14.35 -2.61
N ILE C 59 -1.09 13.47 -2.70
CA ILE C 59 -1.33 12.76 -3.95
C ILE C 59 -2.40 13.48 -4.79
N GLU C 60 -3.38 14.10 -4.14
CA GLU C 60 -4.43 14.83 -4.87
C GLU C 60 -3.85 16.03 -5.60
N GLY C 61 -2.89 16.71 -4.98
CA GLY C 61 -2.28 17.89 -5.57
C GLY C 61 -0.83 17.62 -5.97
N ASP C 62 -0.56 16.41 -6.41
CA ASP C 62 0.79 16.03 -6.80
C ASP C 62 1.22 16.75 -8.06
N ALA C 63 0.31 17.49 -8.68
CA ALA C 63 0.63 18.24 -9.90
C ALA C 63 1.30 19.56 -9.56
N GLY C 64 1.78 20.26 -10.59
CA GLY C 64 2.43 21.56 -10.39
C GLY C 64 3.77 21.63 -11.13
N GLU C 65 4.69 20.71 -10.81
CA GLU C 65 5.99 20.70 -11.45
C GLU C 65 5.87 20.38 -12.94
N GLY C 66 4.99 19.45 -13.27
CA GLY C 66 4.80 19.05 -14.66
C GLY C 66 3.45 18.36 -14.86
N LYS C 67 3.12 18.09 -16.11
CA LYS C 67 1.85 17.44 -16.43
C LYS C 67 1.83 16.00 -15.92
N MET C 68 2.44 15.10 -16.70
CA MET C 68 2.48 13.68 -16.36
C MET C 68 3.31 13.38 -15.12
N LYS C 69 4.45 14.07 -14.97
CA LYS C 69 5.34 13.83 -13.84
C LYS C 69 4.79 14.36 -12.52
N VAL C 70 5.20 13.71 -11.43
CA VAL C 70 4.76 14.07 -10.08
C VAL C 70 5.96 14.16 -9.13
N SER C 71 5.72 14.64 -7.91
CA SER C 71 6.80 14.75 -6.93
C SER C 71 7.42 13.38 -6.68
N LEU C 72 8.74 13.30 -6.77
CA LEU C 72 9.45 12.03 -6.61
C LEU C 72 9.31 11.48 -5.19
N VAL C 73 9.40 12.39 -4.22
CA VAL C 73 9.33 12.04 -2.80
C VAL C 73 8.00 11.37 -2.44
N LEU C 74 6.99 11.57 -3.26
CA LEU C 74 5.68 10.98 -3.00
C LEU C 74 5.80 9.49 -2.74
N VAL C 75 6.66 8.86 -3.52
CA VAL C 75 6.89 7.43 -3.39
C VAL C 75 7.57 7.15 -2.05
N HIS C 76 8.63 7.98 -1.63
CA HIS C 76 9.32 7.79 -0.37
C HIS C 76 8.32 7.74 0.79
N ALA C 77 7.38 8.66 0.78
CA ALA C 77 6.35 8.70 1.82
C ALA C 77 5.40 7.53 1.67
N GLN C 78 5.03 7.21 0.42
CA GLN C 78 4.11 6.11 0.18
C GLN C 78 4.74 4.79 0.59
N LEU C 79 5.99 4.58 0.19
CA LEU C 79 6.71 3.36 0.55
C LEU C 79 6.75 3.17 2.06
N HIS C 80 7.13 4.21 2.79
CA HIS C 80 7.20 4.12 4.24
C HIS C 80 5.81 3.94 4.85
N LEU C 81 4.87 4.73 4.38
CA LEU C 81 3.50 4.67 4.89
C LEU C 81 2.85 3.31 4.59
N MET C 82 3.01 2.84 3.37
CA MET C 82 2.42 1.55 2.98
C MET C 82 3.01 0.42 3.82
N THR C 83 4.32 0.45 3.99
CA THR C 83 5.00 -0.58 4.76
C THR C 83 4.54 -0.55 6.22
N SER C 84 4.53 0.64 6.80
CA SER C 84 4.12 0.80 8.20
C SER C 84 2.67 0.37 8.42
N MET C 85 1.76 0.84 7.56
CA MET C 85 0.35 0.48 7.70
C MET C 85 0.16 -1.04 7.61
N LEU C 86 0.80 -1.65 6.63
CA LEU C 86 0.70 -3.09 6.43
C LEU C 86 1.24 -3.83 7.65
N ALA C 87 2.42 -3.42 8.10
CA ALA C 87 3.05 -4.04 9.25
C ALA C 87 2.13 -3.96 10.47
N ARG C 88 1.61 -2.77 10.71
CA ARG C 88 0.74 -2.55 11.84
C ARG C 88 -0.50 -3.47 11.77
N GLU C 89 -1.11 -3.56 10.59
CA GLU C 89 -2.29 -4.42 10.44
C GLU C 89 -1.95 -5.88 10.74
N LEU C 90 -0.82 -6.35 10.20
CA LEU C 90 -0.40 -7.72 10.44
C LEU C 90 -0.07 -7.92 11.91
N ILE C 91 0.60 -6.95 12.49
CA ILE C 91 0.95 -7.02 13.90
C ILE C 91 -0.33 -7.12 14.73
N THR C 92 -1.36 -6.39 14.32
CA THR C 92 -2.64 -6.46 15.02
C THR C 92 -3.15 -7.89 14.99
N GLU C 93 -3.06 -8.53 13.83
CA GLU C 93 -3.50 -9.92 13.70
C GLU C 93 -2.66 -10.82 14.62
N LEU C 94 -1.36 -10.56 14.63
CA LEU C 94 -0.45 -11.34 15.47
C LEU C 94 -0.84 -11.20 16.94
N ILE C 95 -1.16 -9.98 17.35
CA ILE C 95 -1.57 -9.73 18.73
C ILE C 95 -2.86 -10.51 19.05
N GLU C 96 -3.80 -10.48 18.12
CA GLU C 96 -5.05 -11.21 18.31
C GLU C 96 -4.75 -12.70 18.53
N LEU C 97 -3.78 -13.21 17.77
CA LEU C 97 -3.39 -14.61 17.91
C LEU C 97 -2.85 -14.87 19.32
N HIS C 98 -2.05 -13.94 19.83
CA HIS C 98 -1.52 -14.09 21.18
C HIS C 98 -2.68 -14.22 22.16
N GLU C 99 -3.73 -13.44 21.92
CA GLU C 99 -4.90 -13.49 22.78
C GLU C 99 -5.57 -14.87 22.68
N LYS C 100 -5.65 -15.41 21.46
CA LYS C 100 -6.25 -16.72 21.29
C LYS C 100 -5.38 -17.78 21.95
N LEU C 101 -4.05 -17.58 21.91
CA LEU C 101 -3.12 -18.52 22.55
C LEU C 101 -3.37 -18.53 24.06
N LYS C 102 -4.36 -17.76 24.51
CA LYS C 102 -4.70 -17.67 25.93
C LYS C 102 -3.78 -16.68 26.63
N ALA C 103 -2.48 -16.99 26.61
CA ALA C 103 -1.45 -16.16 27.26
C ALA C 103 -1.80 -14.67 27.21
N LYS D 1 -19.97 26.95 -1.17
CA LYS D 1 -19.08 26.05 -1.96
C LYS D 1 -19.44 24.59 -1.78
N LYS D 2 -19.77 23.94 -2.87
CA LYS D 2 -20.15 22.54 -2.84
C LYS D 2 -18.93 21.62 -2.88
N HIS D 3 -19.02 20.49 -2.19
CA HIS D 3 -17.93 19.52 -2.13
C HIS D 3 -18.12 18.37 -3.08
N ILE D 4 -17.20 18.26 -4.03
CA ILE D 4 -17.22 17.18 -4.99
C ILE D 4 -16.07 16.24 -4.61
N TYR D 5 -16.39 15.03 -4.18
CA TYR D 5 -15.38 14.06 -3.78
C TYR D 5 -15.33 12.90 -4.76
N LEU D 6 -14.13 12.60 -5.26
CA LEU D 6 -13.90 11.48 -6.19
C LEU D 6 -13.25 10.35 -5.40
N PHE D 7 -13.55 9.08 -5.75
CA PHE D 7 -12.86 7.96 -5.12
C PHE D 7 -12.19 7.06 -6.17
N CYS D 8 -11.04 6.44 -5.74
CA CYS D 8 -10.28 5.43 -6.47
C CYS D 8 -9.52 4.56 -5.48
N SER D 9 -8.66 3.64 -5.88
CA SER D 9 -8.07 2.81 -4.84
C SER D 9 -7.20 3.63 -3.89
N ALA D 10 -6.22 4.39 -4.40
CA ALA D 10 -5.32 5.12 -3.51
C ALA D 10 -5.64 6.61 -3.56
N GLY D 11 -5.92 7.12 -4.76
CA GLY D 11 -6.23 8.52 -4.94
C GLY D 11 -5.21 9.24 -5.81
N MET D 12 -4.52 8.52 -6.70
CA MET D 12 -3.51 9.15 -7.55
C MET D 12 -3.99 9.32 -8.99
N SER D 13 -4.08 8.25 -9.71
CA SER D 13 -4.50 8.36 -11.11
C SER D 13 -5.71 9.29 -11.27
N THR D 14 -6.45 9.50 -10.18
CA THR D 14 -7.62 10.37 -10.31
C THR D 14 -7.22 11.77 -9.88
N SER D 15 -6.09 11.83 -9.22
CA SER D 15 -5.48 13.09 -8.76
C SER D 15 -5.20 14.03 -9.93
N LEU D 16 -4.82 13.46 -11.06
CA LEU D 16 -4.55 14.26 -12.24
C LEU D 16 -5.88 14.86 -12.76
N LEU D 17 -6.96 14.07 -12.72
CA LEU D 17 -8.28 14.55 -13.14
C LEU D 17 -8.75 15.68 -12.19
N VAL D 18 -8.54 15.48 -10.88
CA VAL D 18 -8.91 16.50 -9.89
C VAL D 18 -8.18 17.83 -10.15
N SER D 19 -6.89 17.79 -10.47
CA SER D 19 -6.17 19.03 -10.74
C SER D 19 -6.73 19.77 -11.98
N LYS D 20 -7.12 19.03 -13.02
CA LYS D 20 -7.71 19.66 -14.20
C LYS D 20 -9.12 20.20 -13.91
N MET D 21 -9.87 19.50 -13.07
CA MET D 21 -11.22 20.00 -12.73
C MET D 21 -11.08 21.31 -11.94
N ARG D 22 -10.13 21.39 -11.02
CA ARG D 22 -9.91 22.60 -10.21
C ARG D 22 -9.56 23.79 -11.12
N ALA D 23 -8.79 23.54 -12.18
CA ALA D 23 -8.39 24.59 -13.11
C ALA D 23 -9.63 25.14 -13.81
N GLN D 24 -10.50 24.24 -14.24
CA GLN D 24 -11.72 24.61 -14.91
C GLN D 24 -12.67 25.35 -14.00
N ALA D 25 -12.80 24.88 -12.77
CA ALA D 25 -13.69 25.53 -11.80
C ALA D 25 -13.24 26.96 -11.55
N GLU D 26 -11.93 27.20 -11.60
CA GLU D 26 -11.39 28.54 -11.36
C GLU D 26 -11.65 29.43 -12.57
N LYS D 27 -11.43 28.88 -13.76
CA LYS D 27 -11.63 29.59 -14.99
C LYS D 27 -13.07 30.10 -15.12
N TYR D 28 -14.05 29.29 -14.72
CA TYR D 28 -15.48 29.69 -14.80
C TYR D 28 -16.13 30.10 -13.49
N GLU D 29 -15.33 30.35 -12.46
CA GLU D 29 -15.81 30.78 -11.15
C GLU D 29 -16.89 29.89 -10.51
N VAL D 30 -16.76 28.58 -10.66
CA VAL D 30 -17.70 27.63 -10.08
C VAL D 30 -17.27 27.48 -8.62
N PRO D 31 -18.19 27.73 -7.67
CA PRO D 31 -17.91 27.64 -6.23
C PRO D 31 -17.93 26.21 -5.68
N VAL D 32 -16.88 25.46 -6.01
CA VAL D 32 -16.75 24.08 -5.57
C VAL D 32 -15.38 23.76 -5.01
N ILE D 33 -15.35 22.75 -4.14
CA ILE D 33 -14.13 22.22 -3.55
C ILE D 33 -14.09 20.77 -4.09
N ILE D 34 -12.98 20.40 -4.71
CA ILE D 34 -12.79 19.07 -5.32
C ILE D 34 -11.61 18.31 -4.66
N GLU D 35 -11.86 17.09 -4.18
CA GLU D 35 -10.83 16.27 -3.52
C GLU D 35 -10.93 14.82 -4.00
N ALA D 36 -9.78 14.14 -4.09
CA ALA D 36 -9.71 12.73 -4.50
C ALA D 36 -9.34 11.92 -3.25
N PHE D 37 -9.93 10.74 -3.09
CA PHE D 37 -9.64 9.87 -1.95
C PHE D 37 -9.66 8.44 -2.43
N PRO D 38 -9.08 7.53 -1.64
CA PRO D 38 -9.07 6.11 -2.02
C PRO D 38 -10.49 5.61 -1.70
N GLU D 39 -10.91 4.54 -2.35
CA GLU D 39 -12.24 3.96 -2.13
C GLU D 39 -12.51 3.54 -0.69
N THR D 40 -11.46 3.29 0.09
CA THR D 40 -11.63 2.88 1.48
C THR D 40 -12.26 3.95 2.37
N LEU D 41 -12.19 5.21 1.94
CA LEU D 41 -12.77 6.32 2.70
C LEU D 41 -14.15 6.77 2.20
N ALA D 42 -14.74 6.07 1.21
CA ALA D 42 -16.05 6.45 0.63
C ALA D 42 -17.14 6.64 1.68
N GLY D 43 -17.12 5.80 2.71
CA GLY D 43 -18.13 5.91 3.75
C GLY D 43 -17.81 6.98 4.77
N GLU D 44 -16.53 7.16 5.08
CA GLU D 44 -16.15 8.15 6.07
C GLU D 44 -16.16 9.59 5.49
N LYS D 45 -15.52 9.77 4.34
CA LYS D 45 -15.46 11.08 3.70
C LYS D 45 -16.73 11.45 2.92
N GLY D 46 -17.38 10.46 2.32
CA GLY D 46 -18.60 10.70 1.55
C GLY D 46 -19.69 11.43 2.29
N GLN D 47 -19.77 11.23 3.60
CA GLN D 47 -20.79 11.89 4.43
C GLN D 47 -20.74 13.42 4.34
N ASN D 48 -19.59 13.97 3.95
CA ASN D 48 -19.43 15.41 3.87
C ASN D 48 -19.45 15.95 2.45
N ALA D 49 -19.66 15.08 1.48
CA ALA D 49 -19.67 15.54 0.10
C ALA D 49 -21.06 15.97 -0.30
N ASP D 50 -21.11 16.82 -1.31
CA ASP D 50 -22.38 17.25 -1.83
C ASP D 50 -22.73 16.32 -2.99
N VAL D 51 -21.69 15.73 -3.60
CA VAL D 51 -21.88 14.75 -4.67
C VAL D 51 -20.68 13.78 -4.61
N VAL D 52 -20.98 12.49 -4.70
CA VAL D 52 -19.97 11.44 -4.66
C VAL D 52 -19.78 10.85 -6.06
N LEU D 53 -18.55 10.92 -6.57
CA LEU D 53 -18.24 10.38 -7.88
C LEU D 53 -17.30 9.18 -7.73
N LEU D 54 -17.60 8.08 -8.42
CA LEU D 54 -16.75 6.88 -8.36
C LEU D 54 -15.96 6.73 -9.63
N GLY D 55 -14.69 6.35 -9.51
CA GLY D 55 -13.84 6.18 -10.68
C GLY D 55 -14.39 5.02 -11.49
N PRO D 56 -14.13 4.94 -12.76
CA PRO D 56 -14.66 3.84 -13.62
C PRO D 56 -14.24 2.42 -13.18
N GLN D 57 -13.07 2.31 -12.54
CA GLN D 57 -12.57 1.02 -12.08
C GLN D 57 -13.39 0.49 -10.90
N ILE D 58 -14.04 1.38 -10.15
CA ILE D 58 -14.82 0.94 -9.01
C ILE D 58 -16.34 1.02 -9.23
N ALA D 59 -16.75 0.99 -10.49
CA ALA D 59 -18.17 1.04 -10.83
C ALA D 59 -18.94 -0.11 -10.19
N TYR D 60 -18.34 -1.30 -10.13
CA TYR D 60 -19.04 -2.44 -9.55
C TYR D 60 -19.46 -2.21 -8.09
N MET D 61 -18.84 -1.23 -7.44
CA MET D 61 -19.15 -0.89 -6.05
C MET D 61 -20.33 0.08 -5.87
N LEU D 62 -20.89 0.58 -6.97
CA LEU D 62 -21.99 1.54 -6.90
C LEU D 62 -23.13 1.19 -5.93
N PRO D 63 -23.73 -0.02 -6.05
CA PRO D 63 -24.82 -0.37 -5.12
C PRO D 63 -24.43 -0.30 -3.65
N GLU D 64 -23.22 -0.72 -3.30
CA GLU D 64 -22.77 -0.68 -1.91
C GLU D 64 -22.60 0.74 -1.42
N ILE D 65 -22.02 1.59 -2.25
CA ILE D 65 -21.83 2.99 -1.85
C ILE D 65 -23.16 3.74 -1.71
N GLN D 66 -24.12 3.42 -2.59
CA GLN D 66 -25.46 4.00 -2.52
C GLN D 66 -26.13 3.64 -1.18
N ARG D 67 -26.00 2.39 -0.73
CA ARG D 67 -26.60 1.98 0.55
C ARG D 67 -25.89 2.63 1.74
N LEU D 68 -24.60 2.88 1.59
CA LEU D 68 -23.77 3.49 2.64
C LEU D 68 -24.11 4.97 2.82
N LEU D 69 -24.39 5.65 1.70
CA LEU D 69 -24.73 7.09 1.68
C LEU D 69 -26.11 7.27 1.01
N PRO D 70 -27.20 6.87 1.69
CA PRO D 70 -28.55 6.99 1.13
C PRO D 70 -29.03 8.44 0.93
N ASN D 71 -28.35 9.38 1.56
CA ASN D 71 -28.75 10.79 1.44
C ASN D 71 -27.82 11.63 0.57
N LYS D 72 -27.08 10.99 -0.33
CA LYS D 72 -26.14 11.69 -1.21
C LYS D 72 -26.26 11.20 -2.63
N PRO D 73 -26.13 12.10 -3.63
CA PRO D 73 -26.21 11.62 -5.02
C PRO D 73 -24.85 10.97 -5.27
N VAL D 74 -24.87 9.73 -5.75
CA VAL D 74 -23.64 8.96 -6.02
C VAL D 74 -23.64 8.48 -7.46
N GLU D 75 -22.58 8.72 -8.19
CA GLU D 75 -22.53 8.22 -9.55
C GLU D 75 -21.13 7.95 -10.07
N VAL D 76 -21.06 7.12 -11.10
CA VAL D 76 -19.80 6.72 -11.71
C VAL D 76 -19.40 7.72 -12.78
N ILE D 77 -18.11 8.03 -12.84
CA ILE D 77 -17.58 8.96 -13.83
C ILE D 77 -17.54 8.27 -15.17
N ASP D 78 -17.96 8.97 -16.21
CA ASP D 78 -17.94 8.40 -17.55
C ASP D 78 -16.51 7.95 -17.89
N SER D 79 -16.33 6.69 -18.28
CA SER D 79 -14.99 6.17 -18.58
C SER D 79 -14.18 6.90 -19.65
N LEU D 80 -14.87 7.44 -20.65
CA LEU D 80 -14.19 8.17 -21.73
C LEU D 80 -13.73 9.53 -21.23
N LEU D 81 -14.58 10.18 -20.45
CA LEU D 81 -14.26 11.49 -19.90
C LEU D 81 -13.10 11.33 -18.94
N TYR D 82 -13.10 10.21 -18.22
CA TYR D 82 -12.04 9.90 -17.25
C TYR D 82 -10.71 9.58 -17.95
N GLY D 83 -10.75 8.68 -18.92
CA GLY D 83 -9.54 8.32 -19.64
C GLY D 83 -8.87 9.50 -20.31
N LYS D 84 -9.68 10.37 -20.87
CA LYS D 84 -9.22 11.56 -21.59
C LYS D 84 -8.79 12.70 -20.65
N VAL D 85 -9.07 12.52 -19.35
CA VAL D 85 -8.77 13.52 -18.31
C VAL D 85 -9.47 14.86 -18.61
N ASP D 86 -10.76 14.77 -18.94
CA ASP D 86 -11.57 15.95 -19.28
C ASP D 86 -12.09 16.63 -18.03
N GLY D 87 -11.29 17.56 -17.51
CA GLY D 87 -11.64 18.31 -16.31
C GLY D 87 -12.94 19.07 -16.45
N LEU D 88 -13.16 19.73 -17.60
CA LEU D 88 -14.39 20.49 -17.80
C LEU D 88 -15.63 19.58 -17.87
N GLY D 89 -15.50 18.50 -18.64
CA GLY D 89 -16.59 17.56 -18.81
C GLY D 89 -17.07 16.91 -17.53
N VAL D 90 -16.12 16.49 -16.69
CA VAL D 90 -16.48 15.84 -15.42
C VAL D 90 -17.04 16.88 -14.45
N LEU D 91 -16.47 18.08 -14.49
CA LEU D 91 -16.97 19.15 -13.63
C LEU D 91 -18.46 19.39 -14.00
N LYS D 92 -18.76 19.42 -15.30
CA LYS D 92 -20.15 19.61 -15.75
C LYS D 92 -21.09 18.52 -15.24
N ALA D 93 -20.64 17.27 -15.30
CA ALA D 93 -21.47 16.14 -14.85
C ALA D 93 -21.76 16.21 -13.35
N ALA D 94 -20.78 16.72 -12.60
CA ALA D 94 -20.90 16.82 -11.15
C ALA D 94 -21.90 17.90 -10.75
N VAL D 95 -21.80 19.06 -11.40
CA VAL D 95 -22.72 20.17 -11.13
C VAL D 95 -24.13 19.69 -11.49
N ALA D 96 -24.25 18.98 -12.61
CA ALA D 96 -25.54 18.45 -13.04
C ALA D 96 -26.13 17.51 -11.99
N ALA D 97 -25.33 16.57 -11.49
CA ALA D 97 -25.85 15.64 -10.49
C ALA D 97 -26.36 16.40 -9.26
N ILE D 98 -25.70 17.51 -8.93
CA ILE D 98 -26.12 18.32 -7.78
C ILE D 98 -27.46 19.01 -8.03
N LYS D 99 -27.63 19.58 -9.24
CA LYS D 99 -28.87 20.26 -9.62
C LYS D 99 -30.01 19.26 -9.71
N LYS D 100 -29.80 18.19 -10.45
CA LYS D 100 -30.83 17.18 -10.59
C LYS D 100 -31.20 16.60 -9.22
N ALA D 101 -30.34 16.79 -8.23
CA ALA D 101 -30.58 16.28 -6.88
C ALA D 101 -31.37 17.24 -6.00
N ALA D 102 -31.14 18.54 -6.18
CA ALA D 102 -31.83 19.57 -5.43
C ALA D 102 -33.22 19.88 -6.02
N ALA D 103 -33.60 19.13 -7.06
CA ALA D 103 -34.88 19.29 -7.72
C ALA D 103 -35.05 18.26 -8.85
P PO3 E . -4.79 5.44 -7.23
O1 PO3 E . -4.18 6.23 -6.08
O2 PO3 E . -5.27 4.02 -6.99
O3 PO3 E . -4.76 5.99 -8.63
N ALA A 1 0.74 7.29 -18.60
CA ALA A 1 0.24 7.59 -19.96
C ALA A 1 -1.09 6.86 -20.17
N GLU A 2 -1.77 7.18 -21.26
CA GLU A 2 -3.08 6.58 -21.60
C GLU A 2 -3.28 5.20 -20.95
N GLU A 3 -2.80 4.17 -21.63
CA GLU A 3 -2.95 2.80 -21.13
C GLU A 3 -2.16 2.60 -19.84
N LEU A 4 -0.84 2.78 -19.91
CA LEU A 4 0.01 2.60 -18.74
C LEU A 4 -0.63 3.20 -17.48
N GLU A 5 -1.21 4.38 -17.61
CA GLU A 5 -1.84 5.05 -16.47
C GLU A 5 -3.12 4.34 -16.08
N GLU A 6 -3.94 4.01 -17.07
CA GLU A 6 -5.19 3.30 -16.82
C GLU A 6 -4.88 1.88 -16.34
N VAL A 7 -3.80 1.31 -16.88
CA VAL A 7 -3.37 -0.03 -16.50
C VAL A 7 -2.93 -0.05 -15.03
N VAL A 8 -2.20 0.99 -14.63
CA VAL A 8 -1.73 1.10 -13.25
C VAL A 8 -2.95 1.16 -12.33
N MET A 9 -3.95 1.96 -12.70
CA MET A 9 -5.17 2.06 -11.90
C MET A 9 -5.77 0.67 -11.73
N GLY A 10 -5.81 -0.09 -12.82
CA GLY A 10 -6.34 -1.45 -12.77
C GLY A 10 -5.49 -2.31 -11.83
N LEU A 11 -4.17 -2.17 -11.95
CA LEU A 11 -3.26 -2.93 -11.10
C LEU A 11 -3.45 -2.56 -9.64
N ILE A 12 -3.57 -1.27 -9.37
CA ILE A 12 -3.76 -0.80 -8.00
C ILE A 12 -5.06 -1.36 -7.46
N ILE A 13 -6.11 -1.29 -8.26
CA ILE A 13 -7.40 -1.82 -7.85
C ILE A 13 -7.30 -3.33 -7.65
N ASN A 14 -6.65 -4.01 -8.60
CA ASN A 14 -6.47 -5.45 -8.53
C ASN A 14 -5.71 -5.82 -7.26
N SER A 15 -4.61 -5.11 -7.03
CA SER A 15 -3.81 -5.35 -5.83
C SER A 15 -4.65 -5.14 -4.57
N GLY A 16 -5.44 -4.06 -4.60
CA GLY A 16 -6.32 -3.75 -3.47
C GLY A 16 -7.35 -4.86 -3.26
N GLN A 17 -7.95 -5.32 -4.36
CA GLN A 17 -8.94 -6.40 -4.27
C GLN A 17 -8.27 -7.65 -3.72
N ALA A 18 -7.05 -7.92 -4.18
CA ALA A 18 -6.31 -9.09 -3.72
C ALA A 18 -6.15 -9.04 -2.21
N ARG A 19 -5.70 -7.91 -1.69
CA ARG A 19 -5.55 -7.77 -0.25
C ARG A 19 -6.90 -7.95 0.43
N SER A 20 -7.91 -7.28 -0.11
CA SER A 20 -9.25 -7.36 0.44
C SER A 20 -9.68 -8.83 0.57
N LEU A 21 -9.47 -9.59 -0.49
CA LEU A 21 -9.81 -11.01 -0.48
C LEU A 21 -8.97 -11.74 0.58
N ALA A 22 -7.69 -11.40 0.63
CA ALA A 22 -6.79 -12.03 1.60
C ALA A 22 -7.30 -11.80 3.03
N TYR A 23 -7.59 -10.55 3.38
CA TYR A 23 -8.10 -10.25 4.72
C TYR A 23 -9.41 -11.00 4.93
N ALA A 24 -10.25 -11.03 3.90
CA ALA A 24 -11.51 -11.73 3.99
C ALA A 24 -11.24 -13.22 4.25
N ALA A 25 -10.23 -13.75 3.56
CA ALA A 25 -9.84 -15.14 3.75
C ALA A 25 -9.48 -15.38 5.21
N LEU A 26 -8.72 -14.46 5.78
CA LEU A 26 -8.32 -14.57 7.18
C LEU A 26 -9.56 -14.55 8.07
N LYS A 27 -10.48 -13.64 7.77
CA LYS A 27 -11.71 -13.53 8.54
C LYS A 27 -12.45 -14.87 8.56
N GLN A 28 -12.48 -15.54 7.41
CA GLN A 28 -13.15 -16.84 7.31
C GLN A 28 -12.48 -17.81 8.28
N ALA A 29 -11.15 -17.75 8.35
CA ALA A 29 -10.39 -18.62 9.24
C ALA A 29 -10.80 -18.38 10.69
N LYS A 30 -10.95 -17.12 11.05
CA LYS A 30 -11.36 -16.77 12.41
C LYS A 30 -12.72 -17.37 12.73
N GLN A 31 -13.58 -17.50 11.72
CA GLN A 31 -14.89 -18.08 11.93
C GLN A 31 -14.80 -19.60 11.96
N GLY A 32 -13.60 -20.12 11.77
CA GLY A 32 -13.37 -21.56 11.81
C GLY A 32 -13.71 -22.21 10.47
N ASP A 33 -13.83 -21.40 9.43
CA ASP A 33 -14.15 -21.90 8.09
C ASP A 33 -12.88 -22.06 7.26
N PHE A 34 -12.18 -23.18 7.47
CA PHE A 34 -10.93 -23.42 6.73
C PHE A 34 -11.18 -23.60 5.24
N ALA A 35 -12.31 -24.21 4.89
CA ALA A 35 -12.63 -24.46 3.49
C ALA A 35 -12.77 -23.14 2.72
N ALA A 36 -13.56 -22.23 3.26
CA ALA A 36 -13.76 -20.95 2.60
C ALA A 36 -12.46 -20.14 2.60
N ALA A 37 -11.70 -20.23 3.68
CA ALA A 37 -10.43 -19.52 3.75
C ALA A 37 -9.52 -19.99 2.60
N LYS A 38 -9.36 -21.30 2.49
CA LYS A 38 -8.53 -21.90 1.45
C LYS A 38 -8.96 -21.42 0.06
N ALA A 39 -10.26 -21.45 -0.21
CA ALA A 39 -10.77 -21.03 -1.51
C ALA A 39 -10.47 -19.57 -1.79
N MET A 40 -10.61 -18.74 -0.76
CA MET A 40 -10.36 -17.30 -0.90
C MET A 40 -8.88 -17.03 -1.18
N MET A 41 -7.98 -17.76 -0.50
CA MET A 41 -6.55 -17.56 -0.72
C MET A 41 -6.19 -17.92 -2.15
N ASP A 42 -6.77 -19.01 -2.65
CA ASP A 42 -6.47 -19.48 -3.99
C ASP A 42 -6.83 -18.42 -5.02
N GLN A 43 -8.03 -17.87 -4.88
CA GLN A 43 -8.48 -16.82 -5.80
C GLN A 43 -7.61 -15.59 -5.67
N SER A 44 -7.25 -15.24 -4.44
CA SER A 44 -6.40 -14.08 -4.20
C SER A 44 -5.06 -14.28 -4.91
N ARG A 45 -4.49 -15.47 -4.78
CA ARG A 45 -3.22 -15.82 -5.43
C ARG A 45 -3.32 -15.66 -6.95
N MET A 46 -4.40 -16.18 -7.51
CA MET A 46 -4.63 -16.11 -8.95
C MET A 46 -4.72 -14.65 -9.40
N ALA A 47 -5.41 -13.83 -8.62
CA ALA A 47 -5.56 -12.41 -8.94
C ALA A 47 -4.19 -11.74 -9.00
N LEU A 48 -3.35 -12.05 -8.02
CA LEU A 48 -2.00 -11.49 -7.95
C LEU A 48 -1.15 -11.98 -9.12
N ASN A 49 -1.29 -13.26 -9.41
CA ASN A 49 -0.51 -13.87 -10.48
C ASN A 49 -0.77 -13.15 -11.80
N GLU A 50 -2.04 -12.89 -12.07
CA GLU A 50 -2.41 -12.17 -13.29
C GLU A 50 -1.86 -10.75 -13.23
N ALA A 51 -1.97 -10.13 -12.05
CA ALA A 51 -1.47 -8.77 -11.87
C ALA A 51 0.06 -8.75 -12.05
N HIS A 52 0.73 -9.71 -11.44
CA HIS A 52 2.19 -9.81 -11.54
C HIS A 52 2.61 -10.01 -13.00
N LEU A 53 1.86 -10.83 -13.72
CA LEU A 53 2.16 -11.11 -15.12
C LEU A 53 2.11 -9.82 -15.93
N VAL A 54 1.08 -9.02 -15.68
CA VAL A 54 0.94 -7.75 -16.38
C VAL A 54 2.11 -6.84 -16.04
N GLN A 55 2.46 -6.79 -14.76
CA GLN A 55 3.59 -5.96 -14.34
C GLN A 55 4.88 -6.45 -15.01
N THR A 56 5.08 -7.76 -15.08
CA THR A 56 6.28 -8.32 -15.72
C THR A 56 6.46 -7.71 -17.11
N LYS A 57 5.37 -7.66 -17.88
CA LYS A 57 5.43 -7.06 -19.22
C LYS A 57 5.76 -5.59 -19.10
N LEU A 58 5.18 -4.94 -18.10
CA LEU A 58 5.43 -3.52 -17.90
C LEU A 58 6.87 -3.24 -17.48
N ILE A 59 7.58 -4.25 -16.98
CA ILE A 59 8.99 -4.06 -16.60
C ILE A 59 9.93 -4.47 -17.76
N GLU A 60 9.55 -5.49 -18.53
CA GLU A 60 10.37 -5.95 -19.66
C GLU A 60 10.46 -4.88 -20.74
N GLY A 61 9.34 -4.20 -21.01
CA GLY A 61 9.31 -3.17 -22.03
C GLY A 61 9.20 -1.78 -21.42
N ASP A 62 9.80 -1.60 -20.24
CA ASP A 62 9.75 -0.32 -19.54
C ASP A 62 10.49 0.78 -20.32
N ALA A 63 11.17 0.39 -21.40
CA ALA A 63 11.90 1.36 -22.21
C ALA A 63 10.97 2.06 -23.19
N GLY A 64 11.49 3.07 -23.89
CA GLY A 64 10.68 3.81 -24.86
C GLY A 64 10.81 5.32 -24.66
N GLU A 65 10.45 5.80 -23.47
CA GLU A 65 10.53 7.23 -23.19
C GLU A 65 11.97 7.72 -23.18
N GLY A 66 12.86 6.90 -22.64
CA GLY A 66 14.28 7.27 -22.58
C GLY A 66 15.15 6.04 -22.36
N LYS A 67 16.47 6.25 -22.44
CA LYS A 67 17.41 5.15 -22.27
C LYS A 67 17.39 4.63 -20.82
N MET A 68 18.11 5.32 -19.94
CA MET A 68 18.20 4.93 -18.54
C MET A 68 16.88 5.05 -17.79
N LYS A 69 16.13 6.12 -18.08
CA LYS A 69 14.87 6.35 -17.37
C LYS A 69 13.76 5.39 -17.80
N VAL A 70 12.84 5.14 -16.87
CA VAL A 70 11.71 4.23 -17.10
C VAL A 70 10.41 4.88 -16.65
N SER A 71 9.28 4.23 -16.95
CA SER A 71 7.98 4.77 -16.55
C SER A 71 7.94 4.91 -15.03
N LEU A 72 7.54 6.10 -14.57
CA LEU A 72 7.48 6.40 -13.14
C LEU A 72 6.43 5.55 -12.41
N VAL A 73 5.30 5.39 -13.07
CA VAL A 73 4.18 4.62 -12.52
C VAL A 73 4.55 3.16 -12.22
N LEU A 74 5.61 2.70 -12.83
CA LEU A 74 6.05 1.31 -12.61
C LEU A 74 6.20 1.03 -11.13
N VAL A 75 6.60 2.06 -10.39
CA VAL A 75 6.83 1.93 -8.95
C VAL A 75 5.48 1.84 -8.25
N HIS A 76 4.25 2.85 -8.65
CA HIS A 76 2.89 2.84 -8.06
C HIS A 76 2.30 1.44 -8.14
N ALA A 77 2.64 0.73 -9.23
CA ALA A 77 2.16 -0.63 -9.42
C ALA A 77 3.00 -1.62 -8.64
N GLN A 78 4.34 -1.48 -8.71
CA GLN A 78 5.23 -2.41 -8.02
C GLN A 78 5.00 -2.32 -6.51
N LEU A 79 4.96 -1.09 -6.01
CA LEU A 79 4.72 -0.86 -4.59
C LEU A 79 3.44 -1.54 -4.13
N HIS A 80 2.35 -1.32 -4.85
CA HIS A 80 1.08 -1.91 -4.47
C HIS A 80 1.12 -3.44 -4.62
N LEU A 81 1.65 -3.90 -5.74
CA LEU A 81 1.74 -5.34 -5.99
C LEU A 81 2.64 -6.04 -4.98
N MET A 82 3.80 -5.45 -4.70
CA MET A 82 4.74 -6.05 -3.75
C MET A 82 4.11 -6.14 -2.37
N THR A 83 3.46 -5.05 -1.96
CA THR A 83 2.81 -5.00 -0.65
C THR A 83 1.69 -6.04 -0.56
N SER A 84 0.84 -6.07 -1.58
CA SER A 84 -0.29 -7.01 -1.61
C SER A 84 0.20 -8.46 -1.60
N MET A 85 1.16 -8.78 -2.45
CA MET A 85 1.69 -10.14 -2.51
C MET A 85 2.26 -10.57 -1.18
N LEU A 86 3.07 -9.70 -0.59
CA LEU A 86 3.68 -10.00 0.70
C LEU A 86 2.61 -10.19 1.78
N ALA A 87 1.64 -9.28 1.79
CA ALA A 87 0.56 -9.36 2.76
C ALA A 87 -0.15 -10.70 2.67
N ARG A 88 -0.49 -11.10 1.47
CA ARG A 88 -1.18 -12.37 1.27
C ARG A 88 -0.35 -13.55 1.78
N GLU A 89 0.93 -13.57 1.45
CA GLU A 89 1.77 -14.67 1.88
C GLU A 89 1.79 -14.78 3.39
N LEU A 90 1.95 -13.65 4.06
CA LEU A 90 1.96 -13.64 5.51
C LEU A 90 0.58 -14.03 6.05
N ILE A 91 -0.46 -13.51 5.42
CA ILE A 91 -1.82 -13.85 5.84
C ILE A 91 -2.03 -15.35 5.69
N THR A 92 -1.50 -15.92 4.61
CA THR A 92 -1.60 -17.37 4.40
C THR A 92 -0.98 -18.10 5.59
N GLU A 93 0.20 -17.64 6.01
CA GLU A 93 0.88 -18.23 7.16
C GLU A 93 0.02 -18.08 8.40
N LEU A 94 -0.57 -16.89 8.56
CA LEU A 94 -1.43 -16.62 9.72
C LEU A 94 -2.62 -17.59 9.71
N ILE A 95 -3.20 -17.80 8.55
CA ILE A 95 -4.34 -18.73 8.44
C ILE A 95 -3.90 -20.14 8.83
N GLU A 96 -2.72 -20.56 8.36
CA GLU A 96 -2.22 -21.88 8.71
C GLU A 96 -2.08 -22.00 10.22
N LEU A 97 -1.64 -20.91 10.87
CA LEU A 97 -1.51 -20.92 12.32
C LEU A 97 -2.88 -21.12 12.98
N HIS A 98 -3.89 -20.46 12.44
CA HIS A 98 -5.25 -20.62 12.98
C HIS A 98 -5.63 -22.08 12.92
N GLU A 99 -5.25 -22.75 11.84
CA GLU A 99 -5.55 -24.17 11.68
C GLU A 99 -4.81 -24.98 12.74
N LYS A 100 -3.56 -24.62 13.01
CA LYS A 100 -2.79 -25.32 14.02
C LYS A 100 -3.39 -25.06 15.41
N LEU A 101 -3.92 -23.84 15.61
CA LEU A 101 -4.56 -23.49 16.88
C LEU A 101 -5.80 -24.37 17.09
N LYS A 102 -6.02 -25.30 16.15
CA LYS A 102 -7.18 -26.20 16.21
C LYS A 102 -8.43 -25.52 15.71
N ALA A 103 -8.82 -24.42 16.39
CA ALA A 103 -10.03 -23.67 16.04
C ALA A 103 -10.30 -23.65 14.53
N ALA B 1 22.66 3.11 -13.51
CA ALA B 1 23.97 3.34 -14.19
C ALA B 1 24.86 2.13 -13.94
N GLU B 2 26.00 2.08 -14.64
CA GLU B 2 26.95 0.97 -14.53
C GLU B 2 26.86 0.24 -13.18
N GLU B 3 27.57 0.74 -12.19
CA GLU B 3 27.58 0.13 -10.87
C GLU B 3 26.22 0.21 -10.20
N LEU B 4 25.72 1.44 -10.02
CA LEU B 4 24.42 1.61 -9.38
C LEU B 4 23.38 0.61 -9.91
N GLU B 5 23.37 0.41 -11.22
CA GLU B 5 22.42 -0.52 -11.83
C GLU B 5 22.76 -1.95 -11.47
N GLU B 6 24.03 -2.30 -11.57
CA GLU B 6 24.50 -3.63 -11.23
C GLU B 6 24.38 -3.85 -9.73
N VAL B 7 24.60 -2.79 -8.97
CA VAL B 7 24.51 -2.85 -7.52
C VAL B 7 23.05 -3.11 -7.10
N VAL B 8 22.12 -2.44 -7.77
CA VAL B 8 20.69 -2.63 -7.49
C VAL B 8 20.33 -4.08 -7.74
N MET B 9 20.80 -4.63 -8.86
CA MET B 9 20.52 -6.03 -9.18
C MET B 9 21.01 -6.91 -8.03
N GLY B 10 22.21 -6.62 -7.53
CA GLY B 10 22.75 -7.37 -6.41
C GLY B 10 21.86 -7.21 -5.19
N LEU B 11 21.44 -5.98 -4.93
CA LEU B 11 20.56 -5.70 -3.79
C LEU B 11 19.24 -6.44 -3.93
N ILE B 12 18.67 -6.41 -5.13
CA ILE B 12 17.40 -7.09 -5.38
C ILE B 12 17.57 -8.58 -5.14
N ILE B 13 18.66 -9.12 -5.68
CA ILE B 13 18.94 -10.54 -5.50
C ILE B 13 19.17 -10.83 -4.02
N ASN B 14 19.95 -9.98 -3.36
CA ASN B 14 20.24 -10.16 -1.94
C ASN B 14 18.94 -10.10 -1.13
N SER B 15 18.11 -9.11 -1.42
CA SER B 15 16.83 -8.99 -0.74
C SER B 15 15.98 -10.23 -0.97
N GLY B 16 15.99 -10.71 -2.22
CA GLY B 16 15.23 -11.91 -2.57
C GLY B 16 15.76 -13.12 -1.81
N GLN B 17 17.08 -13.25 -1.75
CA GLN B 17 17.68 -14.37 -1.03
C GLN B 17 17.31 -14.28 0.45
N ALA B 18 17.35 -13.06 0.98
CA ALA B 18 17.00 -12.84 2.37
C ALA B 18 15.60 -13.36 2.66
N ARG B 19 14.64 -12.97 1.84
CA ARG B 19 13.27 -13.44 2.02
C ARG B 19 13.24 -14.96 1.90
N SER B 20 13.90 -15.47 0.86
CA SER B 20 13.94 -16.91 0.64
C SER B 20 14.41 -17.63 1.89
N LEU B 21 15.50 -17.13 2.48
CA LEU B 21 16.04 -17.73 3.71
C LEU B 21 15.01 -17.60 4.83
N ALA B 22 14.37 -16.44 4.93
CA ALA B 22 13.37 -16.20 5.97
C ALA B 22 12.24 -17.23 5.85
N TYR B 23 11.67 -17.38 4.65
CA TYR B 23 10.60 -18.36 4.46
C TYR B 23 11.12 -19.75 4.79
N ALA B 24 12.36 -20.04 4.38
CA ALA B 24 12.95 -21.33 4.67
C ALA B 24 13.06 -21.49 6.19
N ALA B 25 13.43 -20.41 6.87
CA ALA B 25 13.53 -20.43 8.33
C ALA B 25 12.18 -20.80 8.92
N LEU B 26 11.12 -20.21 8.39
CA LEU B 26 9.78 -20.50 8.86
C LEU B 26 9.45 -21.97 8.62
N LYS B 27 9.80 -22.46 7.44
CA LYS B 27 9.55 -23.86 7.11
C LYS B 27 10.21 -24.78 8.14
N GLN B 28 11.43 -24.43 8.54
CA GLN B 28 12.13 -25.23 9.56
C GLN B 28 11.31 -25.26 10.84
N ALA B 29 10.74 -24.11 11.19
CA ALA B 29 9.91 -24.02 12.40
C ALA B 29 8.73 -24.97 12.31
N LYS B 30 8.09 -25.01 11.14
CA LYS B 30 6.95 -25.90 10.94
C LYS B 30 7.36 -27.35 11.16
N GLN B 31 8.62 -27.67 10.83
CA GLN B 31 9.10 -29.04 11.01
C GLN B 31 9.46 -29.28 12.48
N GLY B 32 9.32 -28.24 13.29
CA GLY B 32 9.63 -28.35 14.72
C GLY B 32 11.13 -28.18 14.99
N ASP B 33 11.86 -27.66 14.00
CA ASP B 33 13.29 -27.46 14.14
C ASP B 33 13.60 -26.02 14.53
N PHE B 34 13.47 -25.71 15.81
CA PHE B 34 13.73 -24.34 16.29
C PHE B 34 15.18 -23.94 16.10
N ALA B 35 16.09 -24.90 16.27
CA ALA B 35 17.52 -24.60 16.15
C ALA B 35 17.86 -24.12 14.74
N ALA B 36 17.43 -24.87 13.74
CA ALA B 36 17.71 -24.50 12.36
C ALA B 36 16.98 -23.20 12.01
N ALA B 37 15.77 -23.03 12.51
CA ALA B 37 15.03 -21.80 12.24
C ALA B 37 15.82 -20.61 12.74
N LYS B 38 16.23 -20.68 14.02
CA LYS B 38 17.01 -19.60 14.63
C LYS B 38 18.27 -19.27 13.81
N ALA B 39 18.99 -20.29 13.40
CA ALA B 39 20.21 -20.10 12.61
C ALA B 39 19.91 -19.41 11.28
N MET B 40 18.83 -19.82 10.64
CA MET B 40 18.44 -19.26 9.36
C MET B 40 18.05 -17.78 9.51
N MET B 41 17.32 -17.45 10.57
CA MET B 41 16.92 -16.06 10.78
C MET B 41 18.15 -15.17 10.97
N ASP B 42 19.12 -15.68 11.73
CA ASP B 42 20.33 -14.93 12.01
C ASP B 42 21.06 -14.57 10.73
N GLN B 43 21.21 -15.58 9.86
CA GLN B 43 21.88 -15.36 8.59
C GLN B 43 21.08 -14.40 7.72
N SER B 44 19.76 -14.54 7.73
CA SER B 44 18.91 -13.65 6.95
C SER B 44 19.13 -12.20 7.41
N ARG B 45 19.14 -12.00 8.73
CA ARG B 45 19.35 -10.68 9.30
C ARG B 45 20.69 -10.09 8.83
N MET B 46 21.74 -10.90 8.89
CA MET B 46 23.07 -10.45 8.49
C MET B 46 23.05 -10.04 7.02
N ALA B 47 22.37 -10.84 6.20
CA ALA B 47 22.27 -10.53 4.77
C ALA B 47 21.58 -9.19 4.56
N LEU B 48 20.50 -8.97 5.31
CA LEU B 48 19.75 -7.72 5.21
C LEU B 48 20.59 -6.55 5.72
N ASN B 49 21.30 -6.78 6.81
CA ASN B 49 22.13 -5.75 7.40
C ASN B 49 23.18 -5.26 6.40
N GLU B 50 23.83 -6.19 5.73
CA GLU B 50 24.82 -5.83 4.72
C GLU B 50 24.17 -5.10 3.57
N ALA B 51 23.00 -5.58 3.17
CA ALA B 51 22.25 -4.96 2.08
C ALA B 51 21.83 -3.54 2.48
N HIS B 52 21.32 -3.41 3.70
CA HIS B 52 20.88 -2.11 4.21
C HIS B 52 22.06 -1.13 4.27
N LEU B 53 23.22 -1.64 4.69
CA LEU B 53 24.42 -0.80 4.79
C LEU B 53 24.77 -0.23 3.41
N VAL B 54 24.71 -1.09 2.40
CA VAL B 54 25.03 -0.66 1.04
C VAL B 54 24.01 0.40 0.61
N GLN B 55 22.73 0.16 0.90
CA GLN B 55 21.70 1.13 0.53
C GLN B 55 21.96 2.45 1.25
N THR B 56 22.32 2.39 2.54
CA THR B 56 22.60 3.61 3.30
C THR B 56 23.57 4.50 2.53
N LYS B 57 24.65 3.90 2.04
CA LYS B 57 25.62 4.66 1.25
C LYS B 57 24.97 5.20 -0.01
N LEU B 58 24.12 4.39 -0.61
CA LEU B 58 23.44 4.78 -1.84
C LEU B 58 22.45 5.93 -1.59
N ILE B 59 22.02 6.12 -0.32
CA ILE B 59 21.11 7.23 -0.01
C ILE B 59 21.88 8.48 0.45
N GLU B 60 23.00 8.27 1.16
CA GLU B 60 23.81 9.39 1.64
C GLU B 60 24.42 10.17 0.46
N GLY B 61 24.86 9.43 -0.55
CA GLY B 61 25.49 10.05 -1.72
C GLY B 61 24.59 9.96 -2.95
N ASP B 62 23.28 10.02 -2.73
CA ASP B 62 22.32 9.93 -3.82
C ASP B 62 22.41 11.14 -4.77
N ALA B 63 23.21 12.12 -4.40
CA ALA B 63 23.36 13.32 -5.23
C ALA B 63 24.37 13.07 -6.34
N GLY B 64 24.50 14.03 -7.26
CA GLY B 64 25.44 13.90 -8.37
C GLY B 64 24.78 14.23 -9.71
N GLU B 65 23.73 13.48 -10.05
CA GLU B 65 23.03 13.70 -11.32
C GLU B 65 22.34 15.07 -11.33
N GLY B 66 21.76 15.45 -10.20
CA GLY B 66 21.07 16.73 -10.11
C GLY B 66 20.91 17.16 -8.66
N LYS B 67 20.42 18.38 -8.47
CA LYS B 67 20.23 18.92 -7.13
C LYS B 67 19.13 18.16 -6.38
N MET B 68 17.88 18.54 -6.66
CA MET B 68 16.72 17.93 -6.01
C MET B 68 16.52 16.47 -6.40
N LYS B 69 16.75 16.13 -7.66
CA LYS B 69 16.54 14.76 -8.14
C LYS B 69 17.62 13.80 -7.64
N VAL B 70 17.22 12.52 -7.52
CA VAL B 70 18.11 11.47 -7.05
C VAL B 70 18.02 10.24 -7.98
N SER B 71 18.89 9.26 -7.76
CA SER B 71 18.88 8.05 -8.59
C SER B 71 17.52 7.37 -8.49
N LEU B 72 16.93 7.04 -9.64
CA LEU B 72 15.60 6.45 -9.66
C LEU B 72 15.59 5.04 -9.04
N VAL B 73 16.65 4.30 -9.35
CA VAL B 73 16.80 2.93 -8.88
C VAL B 73 16.83 2.84 -7.34
N LEU B 74 17.10 3.95 -6.68
CA LEU B 74 17.13 3.96 -5.22
C LEU B 74 15.84 3.41 -4.65
N VAL B 75 14.74 3.76 -5.28
CA VAL B 75 13.43 3.32 -4.85
C VAL B 75 13.32 1.81 -5.04
N HIS B 76 13.80 1.23 -6.26
CA HIS B 76 13.74 -0.20 -6.53
C HIS B 76 14.45 -0.97 -5.42
N ALA B 77 15.63 -0.51 -5.04
CA ALA B 77 16.39 -1.17 -3.99
C ALA B 77 15.68 -0.99 -2.64
N GLN B 78 15.17 0.21 -2.39
CA GLN B 78 14.49 0.49 -1.14
C GLN B 78 13.22 -0.36 -1.03
N LEU B 79 12.44 -0.39 -2.12
CA LEU B 79 11.22 -1.18 -2.14
C LEU B 79 11.49 -2.65 -1.82
N HIS B 80 12.48 -3.23 -2.48
CA HIS B 80 12.80 -4.62 -2.24
C HIS B 80 13.36 -4.83 -0.84
N LEU B 81 14.27 -3.95 -0.44
CA LEU B 81 14.88 -4.06 0.89
C LEU B 81 13.85 -3.85 2.00
N MET B 82 13.00 -2.85 1.86
CA MET B 82 11.98 -2.57 2.87
C MET B 82 11.02 -3.75 3.01
N THR B 83 10.59 -4.28 1.87
CA THR B 83 9.67 -5.41 1.87
C THR B 83 10.32 -6.64 2.50
N SER B 84 11.55 -6.94 2.10
CA SER B 84 12.26 -8.09 2.64
C SER B 84 12.50 -7.97 4.14
N MET B 85 12.97 -6.81 4.58
CA MET B 85 13.24 -6.60 6.01
C MET B 85 11.96 -6.76 6.83
N LEU B 86 10.89 -6.14 6.36
CA LEU B 86 9.61 -6.21 7.06
C LEU B 86 9.11 -7.65 7.12
N ALA B 87 9.17 -8.33 5.98
CA ALA B 87 8.72 -9.71 5.90
C ALA B 87 9.49 -10.58 6.88
N ARG B 88 10.79 -10.44 6.86
CA ARG B 88 11.65 -11.22 7.75
C ARG B 88 11.28 -10.97 9.21
N GLU B 89 11.08 -9.70 9.59
CA GLU B 89 10.75 -9.38 10.97
C GLU B 89 9.43 -10.05 11.37
N LEU B 90 8.44 -9.96 10.50
CA LEU B 90 7.14 -10.56 10.78
C LEU B 90 7.28 -12.08 10.84
N ILE B 91 8.06 -12.63 9.92
CA ILE B 91 8.30 -14.07 9.91
C ILE B 91 8.95 -14.49 11.23
N THR B 92 9.86 -13.66 11.73
CA THR B 92 10.50 -13.96 13.02
C THR B 92 9.43 -14.07 14.09
N GLU B 93 8.49 -13.13 14.09
CA GLU B 93 7.40 -13.15 15.06
C GLU B 93 6.58 -14.43 14.88
N LEU B 94 6.30 -14.77 13.62
CA LEU B 94 5.54 -15.99 13.33
C LEU B 94 6.27 -17.21 13.87
N ILE B 95 7.59 -17.26 13.68
CA ILE B 95 8.36 -18.38 14.19
C ILE B 95 8.28 -18.46 15.71
N GLU B 96 8.36 -17.30 16.37
CA GLU B 96 8.25 -17.27 17.83
C GLU B 96 6.90 -17.85 18.25
N LEU B 97 5.86 -17.54 17.49
CA LEU B 97 4.52 -18.05 17.79
C LEU B 97 4.52 -19.58 17.69
N HIS B 98 5.19 -20.10 16.66
CA HIS B 98 5.27 -21.55 16.50
C HIS B 98 5.89 -22.17 17.75
N GLU B 99 6.90 -21.48 18.28
CA GLU B 99 7.55 -21.95 19.50
C GLU B 99 6.58 -21.94 20.66
N LYS B 100 5.77 -20.88 20.77
CA LYS B 100 4.79 -20.80 21.84
C LYS B 100 3.72 -21.88 21.65
N LEU B 101 3.39 -22.19 20.39
CA LEU B 101 2.42 -23.25 20.11
C LEU B 101 2.96 -24.60 20.58
N LYS B 102 4.13 -24.57 21.21
CA LYS B 102 4.77 -25.78 21.72
C LYS B 102 5.49 -26.51 20.59
N ALA B 103 4.71 -26.92 19.58
CA ALA B 103 5.25 -27.67 18.43
C ALA B 103 6.64 -27.19 18.04
N ALA C 1 11.12 19.25 -2.05
CA ALA C 1 11.16 20.74 -1.98
C ALA C 1 10.96 21.17 -0.54
N GLU C 2 11.18 22.45 -0.27
CA GLU C 2 11.04 23.02 1.08
C GLU C 2 10.10 22.22 1.98
N GLU C 3 8.81 22.51 1.89
CA GLU C 3 7.83 21.81 2.71
C GLU C 3 7.73 20.34 2.34
N LEU C 4 7.37 20.07 1.08
CA LEU C 4 7.24 18.68 0.63
C LEU C 4 8.38 17.80 1.16
N GLU C 5 9.60 18.32 1.11
CA GLU C 5 10.76 17.57 1.58
C GLU C 5 10.74 17.43 3.10
N GLU C 6 10.47 18.53 3.78
CA GLU C 6 10.41 18.52 5.24
C GLU C 6 9.19 17.70 5.68
N VAL C 7 8.12 17.78 4.89
CA VAL C 7 6.90 17.04 5.17
C VAL C 7 7.17 15.53 5.06
N VAL C 8 7.92 15.14 4.03
CA VAL C 8 8.27 13.74 3.83
C VAL C 8 9.06 13.24 5.04
N MET C 9 10.02 14.04 5.50
CA MET C 9 10.80 13.67 6.66
C MET C 9 9.87 13.40 7.84
N GLY C 10 8.88 14.29 8.01
CA GLY C 10 7.91 14.13 9.08
C GLY C 10 7.12 12.84 8.88
N LEU C 11 6.71 12.59 7.65
CA LEU C 11 5.94 11.37 7.33
C LEU C 11 6.79 10.14 7.59
N ILE C 12 8.05 10.18 7.18
CA ILE C 12 8.94 9.04 7.37
C ILE C 12 9.11 8.78 8.87
N ILE C 13 9.32 9.87 9.61
CA ILE C 13 9.47 9.76 11.06
C ILE C 13 8.16 9.23 11.66
N ASN C 14 7.05 9.81 11.22
CA ASN C 14 5.73 9.40 11.72
C ASN C 14 5.50 7.92 11.43
N SER C 15 5.79 7.51 10.19
CA SER C 15 5.63 6.11 9.81
C SER C 15 6.52 5.24 10.68
N GLY C 16 7.76 5.70 10.90
CA GLY C 16 8.70 4.95 11.73
C GLY C 16 8.18 4.84 13.16
N GLN C 17 7.67 5.95 13.70
CA GLN C 17 7.13 5.92 15.06
C GLN C 17 5.95 4.97 15.12
N ALA C 18 5.12 5.01 14.08
CA ALA C 18 3.96 4.14 14.02
C ALA C 18 4.38 2.67 14.15
N ARG C 19 5.36 2.27 13.33
CA ARG C 19 5.84 0.91 13.40
C ARG C 19 6.41 0.63 14.79
N SER C 20 7.21 1.57 15.28
CA SER C 20 7.81 1.41 16.60
C SER C 20 6.73 1.13 17.65
N LEU C 21 5.66 1.92 17.61
CA LEU C 21 4.56 1.74 18.54
C LEU C 21 3.92 0.37 18.33
N ALA C 22 3.73 0.00 17.06
CA ALA C 22 3.13 -1.29 16.73
C ALA C 22 3.96 -2.44 17.33
N TYR C 23 5.27 -2.43 17.07
CA TYR C 23 6.14 -3.47 17.64
C TYR C 23 6.05 -3.45 19.16
N ALA C 24 6.03 -2.24 19.72
CA ALA C 24 5.92 -2.11 21.17
C ALA C 24 4.59 -2.72 21.62
N ALA C 25 3.54 -2.47 20.85
CA ALA C 25 2.23 -3.03 21.16
C ALA C 25 2.31 -4.55 21.21
N LEU C 26 3.01 -5.12 20.24
CA LEU C 26 3.19 -6.57 20.18
C LEU C 26 3.95 -7.05 21.42
N LYS C 27 4.99 -6.31 21.77
CA LYS C 27 5.79 -6.66 22.94
C LYS C 27 4.90 -6.72 24.19
N GLN C 28 3.99 -5.77 24.31
CA GLN C 28 3.06 -5.75 25.44
C GLN C 28 2.26 -7.04 25.47
N ALA C 29 1.82 -7.47 24.27
CA ALA C 29 1.05 -8.70 24.16
C ALA C 29 1.85 -9.89 24.67
N LYS C 30 3.13 -9.94 24.30
CA LYS C 30 3.99 -11.02 24.76
C LYS C 30 4.07 -11.06 26.28
N GLN C 31 3.98 -9.88 26.90
CA GLN C 31 4.04 -9.80 28.36
C GLN C 31 2.67 -10.17 28.96
N GLY C 32 1.71 -10.44 28.08
CA GLY C 32 0.36 -10.83 28.53
C GLY C 32 -0.47 -9.60 28.89
N ASP C 33 -0.04 -8.43 28.44
CA ASP C 33 -0.76 -7.18 28.70
C ASP C 33 -1.63 -6.80 27.51
N PHE C 34 -2.80 -7.41 27.42
CA PHE C 34 -3.71 -7.14 26.31
C PHE C 34 -4.22 -5.70 26.34
N ALA C 35 -4.43 -5.17 27.54
CA ALA C 35 -4.94 -3.81 27.68
C ALA C 35 -3.97 -2.79 27.08
N ALA C 36 -2.71 -2.89 27.47
CA ALA C 36 -1.71 -1.96 26.96
C ALA C 36 -1.50 -2.17 25.47
N ALA C 37 -1.55 -3.42 25.02
CA ALA C 37 -1.38 -3.71 23.60
C ALA C 37 -2.48 -3.00 22.81
N LYS C 38 -3.72 -3.21 23.22
CA LYS C 38 -4.87 -2.59 22.57
C LYS C 38 -4.72 -1.07 22.49
N ALA C 39 -4.32 -0.45 23.61
CA ALA C 39 -4.16 1.00 23.65
C ALA C 39 -3.06 1.46 22.68
N MET C 40 -1.96 0.72 22.64
CA MET C 40 -0.85 1.06 21.77
C MET C 40 -1.25 0.92 20.30
N MET C 41 -2.03 -0.11 19.99
CA MET C 41 -2.48 -0.31 18.61
C MET C 41 -3.35 0.85 18.16
N ASP C 42 -4.25 1.28 19.04
CA ASP C 42 -5.17 2.36 18.72
C ASP C 42 -4.41 3.63 18.38
N GLN C 43 -3.42 3.97 19.21
CA GLN C 43 -2.61 5.16 18.97
C GLN C 43 -1.83 5.03 17.67
N SER C 44 -1.30 3.85 17.42
CA SER C 44 -0.55 3.60 16.19
C SER C 44 -1.44 3.87 14.98
N ARG C 45 -2.67 3.32 15.03
CA ARG C 45 -3.64 3.50 13.96
C ARG C 45 -3.93 4.99 13.72
N MET C 46 -4.14 5.72 14.81
CA MET C 46 -4.43 7.15 14.72
C MET C 46 -3.26 7.89 14.08
N ALA C 47 -2.04 7.51 14.47
CA ALA C 47 -0.84 8.14 13.91
C ALA C 47 -0.78 7.91 12.40
N LEU C 48 -1.08 6.68 11.98
CA LEU C 48 -1.07 6.33 10.57
C LEU C 48 -2.17 7.06 9.82
N ASN C 49 -3.34 7.15 10.45
CA ASN C 49 -4.48 7.81 9.84
C ASN C 49 -4.14 9.27 9.52
N GLU C 50 -3.51 9.95 10.47
CA GLU C 50 -3.11 11.33 10.26
C GLU C 50 -2.06 11.41 9.16
N ALA C 51 -1.13 10.47 9.19
CA ALA C 51 -0.07 10.43 8.18
C ALA C 51 -0.67 10.15 6.80
N HIS C 52 -1.58 9.19 6.74
CA HIS C 52 -2.25 8.85 5.48
C HIS C 52 -3.02 10.05 4.94
N LEU C 53 -3.69 10.78 5.83
CA LEU C 53 -4.47 11.95 5.43
C LEU C 53 -3.56 12.98 4.76
N VAL C 54 -2.39 13.20 5.35
CA VAL C 54 -1.45 14.16 4.80
C VAL C 54 -0.99 13.67 3.43
N GLN C 55 -0.69 12.38 3.32
CA GLN C 55 -0.26 11.82 2.04
C GLN C 55 -1.38 11.99 1.00
N THR C 56 -2.62 11.74 1.41
CA THR C 56 -3.76 11.88 0.48
C THR C 56 -3.70 13.25 -0.19
N LYS C 57 -3.50 14.29 0.60
CA LYS C 57 -3.40 15.64 0.05
C LYS C 57 -2.20 15.73 -0.88
N LEU C 58 -1.11 15.09 -0.49
CA LEU C 58 0.10 15.11 -1.29
C LEU C 58 -0.08 14.35 -2.61
N ILE C 59 -1.09 13.47 -2.70
CA ILE C 59 -1.33 12.76 -3.95
C ILE C 59 -2.40 13.48 -4.79
N GLU C 60 -3.38 14.10 -4.14
CA GLU C 60 -4.43 14.83 -4.87
C GLU C 60 -3.85 16.03 -5.60
N GLY C 61 -2.89 16.71 -4.98
CA GLY C 61 -2.28 17.89 -5.57
C GLY C 61 -0.83 17.62 -5.97
N ASP C 62 -0.56 16.41 -6.41
CA ASP C 62 0.79 16.03 -6.80
C ASP C 62 1.22 16.75 -8.06
N ALA C 63 0.31 17.49 -8.68
CA ALA C 63 0.63 18.24 -9.90
C ALA C 63 1.30 19.56 -9.56
N GLY C 64 1.78 20.26 -10.59
CA GLY C 64 2.43 21.56 -10.39
C GLY C 64 3.77 21.63 -11.13
N GLU C 65 4.69 20.71 -10.81
CA GLU C 65 5.99 20.70 -11.45
C GLU C 65 5.87 20.38 -12.94
N GLY C 66 4.99 19.45 -13.27
CA GLY C 66 4.80 19.05 -14.66
C GLY C 66 3.45 18.36 -14.86
N LYS C 67 3.12 18.09 -16.11
CA LYS C 67 1.85 17.44 -16.43
C LYS C 67 1.83 16.00 -15.92
N MET C 68 2.44 15.10 -16.70
CA MET C 68 2.48 13.68 -16.36
C MET C 68 3.31 13.38 -15.12
N LYS C 69 4.45 14.07 -14.97
CA LYS C 69 5.34 13.83 -13.84
C LYS C 69 4.79 14.36 -12.52
N VAL C 70 5.20 13.71 -11.43
CA VAL C 70 4.76 14.07 -10.08
C VAL C 70 5.96 14.16 -9.13
N SER C 71 5.72 14.64 -7.91
CA SER C 71 6.80 14.75 -6.93
C SER C 71 7.42 13.38 -6.68
N LEU C 72 8.74 13.30 -6.77
CA LEU C 72 9.45 12.03 -6.61
C LEU C 72 9.31 11.48 -5.19
N VAL C 73 9.40 12.39 -4.22
CA VAL C 73 9.33 12.04 -2.80
C VAL C 73 8.00 11.37 -2.44
N LEU C 74 6.98 11.55 -3.27
CA LEU C 74 5.69 10.93 -3.00
C LEU C 74 5.83 9.44 -2.78
N VAL C 75 6.70 8.84 -3.56
CA VAL C 75 6.95 7.40 -3.45
C VAL C 75 7.61 7.10 -2.11
N HIS C 76 8.66 7.94 -1.67
CA HIS C 76 9.33 7.72 -0.39
C HIS C 76 8.32 7.69 0.75
N ALA C 77 7.40 8.65 0.74
CA ALA C 77 6.37 8.70 1.78
C ALA C 77 5.41 7.53 1.65
N GLN C 78 5.03 7.21 0.40
CA GLN C 78 4.11 6.11 0.16
C GLN C 78 4.74 4.79 0.58
N LEU C 79 5.99 4.58 0.19
CA LEU C 79 6.71 3.36 0.55
C LEU C 79 6.75 3.17 2.06
N HIS C 80 7.13 4.21 2.79
CA HIS C 80 7.20 4.12 4.24
C HIS C 80 5.81 3.94 4.85
N LEU C 81 4.87 4.73 4.38
CA LEU C 81 3.50 4.67 4.89
C LEU C 81 2.85 3.31 4.59
N MET C 82 3.01 2.84 3.37
CA MET C 82 2.42 1.55 2.98
C MET C 82 3.01 0.42 3.82
N THR C 83 4.32 0.45 3.99
CA THR C 83 5.00 -0.58 4.76
C THR C 83 4.54 -0.55 6.22
N SER C 84 4.53 0.64 6.80
CA SER C 84 4.12 0.80 8.20
C SER C 84 2.67 0.37 8.42
N MET C 85 1.76 0.84 7.56
CA MET C 85 0.35 0.48 7.70
C MET C 85 0.16 -1.04 7.61
N LEU C 86 0.80 -1.65 6.63
CA LEU C 86 0.70 -3.09 6.43
C LEU C 86 1.24 -3.83 7.65
N ALA C 87 2.42 -3.42 8.10
CA ALA C 87 3.05 -4.04 9.25
C ALA C 87 2.13 -3.96 10.47
N ARG C 88 1.61 -2.77 10.71
CA ARG C 88 0.74 -2.55 11.84
C ARG C 88 -0.50 -3.47 11.77
N GLU C 89 -1.11 -3.56 10.59
CA GLU C 89 -2.29 -4.42 10.44
C GLU C 89 -1.95 -5.88 10.74
N LEU C 90 -0.82 -6.35 10.20
CA LEU C 90 -0.40 -7.72 10.44
C LEU C 90 -0.07 -7.92 11.91
N ILE C 91 0.60 -6.95 12.49
CA ILE C 91 0.95 -7.02 13.90
C ILE C 91 -0.33 -7.12 14.73
N THR C 92 -1.36 -6.39 14.32
CA THR C 92 -2.64 -6.46 15.02
C THR C 92 -3.15 -7.89 14.99
N GLU C 93 -3.06 -8.53 13.83
CA GLU C 93 -3.50 -9.92 13.70
C GLU C 93 -2.66 -10.82 14.62
N LEU C 94 -1.36 -10.56 14.63
CA LEU C 94 -0.45 -11.34 15.47
C LEU C 94 -0.84 -11.20 16.94
N ILE C 95 -1.16 -9.98 17.35
CA ILE C 95 -1.57 -9.73 18.73
C ILE C 95 -2.86 -10.51 19.05
N GLU C 96 -3.80 -10.48 18.12
CA GLU C 96 -5.05 -11.21 18.31
C GLU C 96 -4.75 -12.70 18.53
N LEU C 97 -3.78 -13.21 17.77
CA LEU C 97 -3.39 -14.61 17.91
C LEU C 97 -2.85 -14.87 19.32
N HIS C 98 -2.05 -13.94 19.83
CA HIS C 98 -1.52 -14.09 21.18
C HIS C 98 -2.68 -14.22 22.16
N GLU C 99 -3.73 -13.44 21.92
CA GLU C 99 -4.90 -13.49 22.78
C GLU C 99 -5.57 -14.87 22.68
N LYS C 100 -5.65 -15.41 21.46
CA LYS C 100 -6.25 -16.72 21.29
C LYS C 100 -5.38 -17.78 21.95
N LEU C 101 -4.05 -17.58 21.91
CA LEU C 101 -3.12 -18.52 22.55
C LEU C 101 -3.37 -18.53 24.06
N LYS C 102 -4.36 -17.76 24.51
CA LYS C 102 -4.70 -17.67 25.93
C LYS C 102 -3.78 -16.68 26.63
N ALA C 103 -2.48 -16.99 26.61
CA ALA C 103 -1.45 -16.16 27.26
C ALA C 103 -1.80 -14.67 27.21
N LYS D 1 -19.97 26.95 -1.17
CA LYS D 1 -19.08 26.05 -1.96
C LYS D 1 -19.44 24.59 -1.78
N LYS D 2 -19.77 23.94 -2.87
CA LYS D 2 -20.15 22.54 -2.84
C LYS D 2 -18.93 21.62 -2.88
N HIS D 3 -19.02 20.49 -2.19
CA HIS D 3 -17.93 19.52 -2.13
C HIS D 3 -18.12 18.37 -3.08
N ILE D 4 -17.20 18.26 -4.03
CA ILE D 4 -17.22 17.18 -4.99
C ILE D 4 -16.07 16.24 -4.61
N TYR D 5 -16.39 15.03 -4.18
CA TYR D 5 -15.38 14.06 -3.78
C TYR D 5 -15.33 12.90 -4.76
N LEU D 6 -14.13 12.60 -5.26
CA LEU D 6 -13.90 11.48 -6.19
C LEU D 6 -13.25 10.35 -5.40
N PHE D 7 -13.55 9.08 -5.75
CA PHE D 7 -12.86 7.96 -5.12
C PHE D 7 -12.19 7.05 -6.16
N CYS D 8 -11.05 6.45 -5.73
CA CYS D 8 -10.29 5.43 -6.46
C CYS D 8 -9.52 4.56 -5.48
N SER D 9 -8.66 3.65 -5.88
CA SER D 9 -8.06 2.81 -4.83
C SER D 9 -7.20 3.64 -3.89
N ALA D 10 -6.21 4.41 -4.40
CA ALA D 10 -5.32 5.13 -3.51
C ALA D 10 -5.61 6.61 -3.58
N GLY D 11 -5.93 7.12 -4.77
CA GLY D 11 -6.25 8.52 -4.96
C GLY D 11 -5.21 9.22 -5.84
N MET D 12 -4.52 8.50 -6.72
CA MET D 12 -3.50 9.12 -7.56
C MET D 12 -3.99 9.31 -9.00
N SER D 13 -4.08 8.25 -9.74
CA SER D 13 -4.51 8.36 -11.13
C SER D 13 -5.72 9.29 -11.28
N THR D 14 -6.46 9.49 -10.18
CA THR D 14 -7.62 10.37 -10.31
C THR D 14 -7.22 11.77 -9.88
N SER D 15 -6.09 11.83 -9.22
CA SER D 15 -5.48 13.09 -8.76
C SER D 15 -5.20 14.03 -9.93
N LEU D 16 -4.82 13.46 -11.06
CA LEU D 16 -4.55 14.26 -12.24
C LEU D 16 -5.88 14.86 -12.76
N LEU D 17 -6.96 14.07 -12.72
CA LEU D 17 -8.28 14.55 -13.14
C LEU D 17 -8.75 15.68 -12.19
N VAL D 18 -8.54 15.48 -10.88
CA VAL D 18 -8.91 16.50 -9.89
C VAL D 18 -8.18 17.83 -10.15
N SER D 19 -6.89 17.79 -10.47
CA SER D 19 -6.17 19.03 -10.74
C SER D 19 -6.73 19.77 -11.98
N LYS D 20 -7.12 19.03 -13.02
CA LYS D 20 -7.71 19.66 -14.20
C LYS D 20 -9.12 20.20 -13.91
N MET D 21 -9.87 19.50 -13.07
CA MET D 21 -11.22 20.00 -12.73
C MET D 21 -11.08 21.31 -11.94
N ARG D 22 -10.13 21.39 -11.02
CA ARG D 22 -9.91 22.60 -10.21
C ARG D 22 -9.56 23.79 -11.12
N ALA D 23 -8.79 23.54 -12.18
CA ALA D 23 -8.39 24.59 -13.11
C ALA D 23 -9.63 25.14 -13.81
N GLN D 24 -10.50 24.24 -14.24
CA GLN D 24 -11.72 24.61 -14.91
C GLN D 24 -12.67 25.35 -14.00
N ALA D 25 -12.80 24.88 -12.77
CA ALA D 25 -13.69 25.53 -11.80
C ALA D 25 -13.24 26.96 -11.55
N GLU D 26 -11.93 27.20 -11.60
CA GLU D 26 -11.39 28.54 -11.36
C GLU D 26 -11.65 29.43 -12.57
N LYS D 27 -11.43 28.88 -13.76
CA LYS D 27 -11.63 29.59 -14.99
C LYS D 27 -13.07 30.10 -15.12
N TYR D 28 -14.05 29.29 -14.72
CA TYR D 28 -15.48 29.69 -14.80
C TYR D 28 -16.13 30.10 -13.49
N GLU D 29 -15.33 30.35 -12.46
CA GLU D 29 -15.81 30.78 -11.15
C GLU D 29 -16.89 29.89 -10.51
N VAL D 30 -16.76 28.58 -10.66
CA VAL D 30 -17.70 27.63 -10.08
C VAL D 30 -17.27 27.48 -8.62
N PRO D 31 -18.19 27.73 -7.67
CA PRO D 31 -17.91 27.64 -6.23
C PRO D 31 -17.93 26.21 -5.68
N VAL D 32 -16.88 25.46 -6.01
CA VAL D 32 -16.75 24.08 -5.57
C VAL D 32 -15.38 23.76 -5.01
N ILE D 33 -15.35 22.75 -4.14
CA ILE D 33 -14.13 22.22 -3.55
C ILE D 33 -14.09 20.77 -4.09
N ILE D 34 -12.98 20.40 -4.71
CA ILE D 34 -12.79 19.07 -5.32
C ILE D 34 -11.61 18.31 -4.66
N GLU D 35 -11.86 17.09 -4.18
CA GLU D 35 -10.83 16.27 -3.52
C GLU D 35 -10.93 14.82 -4.00
N ALA D 36 -9.78 14.14 -4.09
CA ALA D 36 -9.71 12.73 -4.50
C ALA D 36 -9.34 11.92 -3.25
N PHE D 37 -9.93 10.74 -3.09
CA PHE D 37 -9.64 9.87 -1.95
C PHE D 37 -9.66 8.44 -2.43
N PRO D 38 -9.08 7.53 -1.64
CA PRO D 38 -9.07 6.11 -2.02
C PRO D 38 -10.49 5.61 -1.70
N GLU D 39 -10.91 4.54 -2.35
CA GLU D 39 -12.24 3.96 -2.13
C GLU D 39 -12.51 3.54 -0.69
N THR D 40 -11.46 3.29 0.09
CA THR D 40 -11.63 2.88 1.48
C THR D 40 -12.26 3.95 2.37
N LEU D 41 -12.19 5.21 1.94
CA LEU D 41 -12.77 6.32 2.70
C LEU D 41 -14.15 6.77 2.20
N ALA D 42 -14.74 6.07 1.21
CA ALA D 42 -16.05 6.45 0.63
C ALA D 42 -17.14 6.64 1.68
N GLY D 43 -17.12 5.80 2.71
CA GLY D 43 -18.13 5.91 3.75
C GLY D 43 -17.81 6.98 4.77
N GLU D 44 -16.53 7.16 5.08
CA GLU D 44 -16.15 8.15 6.07
C GLU D 44 -16.16 9.59 5.49
N LYS D 45 -15.52 9.77 4.34
CA LYS D 45 -15.46 11.08 3.70
C LYS D 45 -16.73 11.45 2.92
N GLY D 46 -17.38 10.46 2.32
CA GLY D 46 -18.60 10.70 1.55
C GLY D 46 -19.69 11.43 2.29
N GLN D 47 -19.77 11.23 3.60
CA GLN D 47 -20.79 11.89 4.43
C GLN D 47 -20.74 13.42 4.34
N ASN D 48 -19.59 13.97 3.95
CA ASN D 48 -19.43 15.41 3.87
C ASN D 48 -19.45 15.95 2.45
N ALA D 49 -19.66 15.08 1.48
CA ALA D 49 -19.67 15.54 0.10
C ALA D 49 -21.06 15.97 -0.30
N ASP D 50 -21.11 16.82 -1.31
CA ASP D 50 -22.38 17.25 -1.83
C ASP D 50 -22.73 16.32 -2.99
N VAL D 51 -21.69 15.73 -3.60
CA VAL D 51 -21.88 14.75 -4.67
C VAL D 51 -20.68 13.78 -4.61
N VAL D 52 -20.98 12.49 -4.70
CA VAL D 52 -19.97 11.44 -4.66
C VAL D 52 -19.78 10.85 -6.06
N LEU D 53 -18.55 10.92 -6.57
CA LEU D 53 -18.24 10.38 -7.88
C LEU D 53 -17.30 9.18 -7.73
N LEU D 54 -17.60 8.08 -8.42
CA LEU D 54 -16.75 6.88 -8.36
C LEU D 54 -15.96 6.73 -9.63
N GLY D 55 -14.69 6.35 -9.51
CA GLY D 55 -13.84 6.18 -10.68
C GLY D 55 -14.39 5.02 -11.49
N PRO D 56 -14.13 4.94 -12.76
CA PRO D 56 -14.66 3.84 -13.62
C PRO D 56 -14.24 2.42 -13.18
N GLN D 57 -13.07 2.31 -12.54
CA GLN D 57 -12.57 1.02 -12.08
C GLN D 57 -13.39 0.49 -10.90
N ILE D 58 -14.04 1.38 -10.15
CA ILE D 58 -14.82 0.94 -9.01
C ILE D 58 -16.34 1.02 -9.23
N ALA D 59 -16.75 0.99 -10.49
CA ALA D 59 -18.17 1.04 -10.83
C ALA D 59 -18.94 -0.11 -10.19
N TYR D 60 -18.34 -1.30 -10.13
CA TYR D 60 -19.04 -2.44 -9.55
C TYR D 60 -19.46 -2.21 -8.09
N MET D 61 -18.84 -1.23 -7.44
CA MET D 61 -19.15 -0.89 -6.05
C MET D 61 -20.33 0.08 -5.87
N LEU D 62 -20.89 0.58 -6.97
CA LEU D 62 -21.99 1.54 -6.90
C LEU D 62 -23.13 1.19 -5.93
N PRO D 63 -23.73 -0.02 -6.05
CA PRO D 63 -24.82 -0.37 -5.12
C PRO D 63 -24.43 -0.30 -3.65
N GLU D 64 -23.22 -0.72 -3.30
CA GLU D 64 -22.77 -0.68 -1.91
C GLU D 64 -22.60 0.74 -1.42
N ILE D 65 -22.02 1.59 -2.25
CA ILE D 65 -21.83 2.99 -1.85
C ILE D 65 -23.16 3.74 -1.71
N GLN D 66 -24.12 3.42 -2.59
CA GLN D 66 -25.46 4.00 -2.52
C GLN D 66 -26.13 3.64 -1.18
N ARG D 67 -26.00 2.39 -0.73
CA ARG D 67 -26.60 1.98 0.55
C ARG D 67 -25.89 2.63 1.74
N LEU D 68 -24.60 2.88 1.59
CA LEU D 68 -23.77 3.49 2.64
C LEU D 68 -24.11 4.97 2.82
N LEU D 69 -24.39 5.65 1.70
CA LEU D 69 -24.73 7.09 1.68
C LEU D 69 -26.11 7.27 1.01
N PRO D 70 -27.20 6.87 1.69
CA PRO D 70 -28.55 6.99 1.13
C PRO D 70 -29.03 8.44 0.93
N ASN D 71 -28.35 9.38 1.56
CA ASN D 71 -28.75 10.79 1.44
C ASN D 71 -27.82 11.63 0.57
N LYS D 72 -27.08 10.99 -0.33
CA LYS D 72 -26.14 11.69 -1.21
C LYS D 72 -26.26 11.20 -2.63
N PRO D 73 -26.13 12.10 -3.63
CA PRO D 73 -26.21 11.62 -5.02
C PRO D 73 -24.85 10.97 -5.27
N VAL D 74 -24.87 9.73 -5.75
CA VAL D 74 -23.64 8.96 -6.02
C VAL D 74 -23.64 8.48 -7.46
N GLU D 75 -22.58 8.72 -8.19
CA GLU D 75 -22.53 8.22 -9.55
C GLU D 75 -21.13 7.95 -10.07
N VAL D 76 -21.06 7.12 -11.10
CA VAL D 76 -19.80 6.72 -11.71
C VAL D 76 -19.40 7.72 -12.78
N ILE D 77 -18.11 8.03 -12.84
CA ILE D 77 -17.58 8.96 -13.83
C ILE D 77 -17.54 8.27 -15.17
N ASP D 78 -17.96 8.97 -16.21
CA ASP D 78 -17.94 8.40 -17.55
C ASP D 78 -16.51 7.95 -17.89
N SER D 79 -16.33 6.69 -18.28
CA SER D 79 -14.99 6.17 -18.58
C SER D 79 -14.18 6.90 -19.65
N LEU D 80 -14.87 7.44 -20.65
CA LEU D 80 -14.19 8.17 -21.73
C LEU D 80 -13.73 9.53 -21.23
N LEU D 81 -14.58 10.18 -20.45
CA LEU D 81 -14.26 11.49 -19.90
C LEU D 81 -13.10 11.33 -18.94
N TYR D 82 -13.10 10.21 -18.22
CA TYR D 82 -12.04 9.90 -17.25
C TYR D 82 -10.71 9.58 -17.95
N GLY D 83 -10.75 8.68 -18.92
CA GLY D 83 -9.54 8.32 -19.64
C GLY D 83 -8.87 9.50 -20.31
N LYS D 84 -9.68 10.37 -20.87
CA LYS D 84 -9.22 11.56 -21.59
C LYS D 84 -8.79 12.70 -20.65
N VAL D 85 -9.07 12.52 -19.35
CA VAL D 85 -8.77 13.52 -18.31
C VAL D 85 -9.47 14.86 -18.61
N ASP D 86 -10.76 14.77 -18.94
CA ASP D 86 -11.57 15.95 -19.28
C ASP D 86 -12.09 16.63 -18.03
N GLY D 87 -11.29 17.56 -17.51
CA GLY D 87 -11.64 18.31 -16.31
C GLY D 87 -12.94 19.07 -16.45
N LEU D 88 -13.16 19.73 -17.60
CA LEU D 88 -14.39 20.49 -17.80
C LEU D 88 -15.63 19.58 -17.87
N GLY D 89 -15.50 18.50 -18.64
CA GLY D 89 -16.59 17.56 -18.81
C GLY D 89 -17.07 16.91 -17.53
N VAL D 90 -16.12 16.49 -16.69
CA VAL D 90 -16.48 15.84 -15.42
C VAL D 90 -17.04 16.88 -14.45
N LEU D 91 -16.47 18.08 -14.49
CA LEU D 91 -16.97 19.15 -13.63
C LEU D 91 -18.46 19.39 -14.00
N LYS D 92 -18.76 19.42 -15.30
CA LYS D 92 -20.15 19.61 -15.75
C LYS D 92 -21.09 18.52 -15.24
N ALA D 93 -20.64 17.27 -15.30
CA ALA D 93 -21.47 16.14 -14.85
C ALA D 93 -21.76 16.21 -13.35
N ALA D 94 -20.78 16.72 -12.60
CA ALA D 94 -20.90 16.82 -11.15
C ALA D 94 -21.90 17.90 -10.75
N VAL D 95 -21.80 19.06 -11.40
CA VAL D 95 -22.72 20.17 -11.13
C VAL D 95 -24.13 19.69 -11.49
N ALA D 96 -24.25 18.98 -12.61
CA ALA D 96 -25.54 18.45 -13.04
C ALA D 96 -26.13 17.51 -11.99
N ALA D 97 -25.33 16.57 -11.49
CA ALA D 97 -25.85 15.64 -10.49
C ALA D 97 -26.36 16.40 -9.26
N ILE D 98 -25.70 17.51 -8.93
CA ILE D 98 -26.12 18.32 -7.78
C ILE D 98 -27.46 19.01 -8.03
N LYS D 99 -27.63 19.58 -9.24
CA LYS D 99 -28.87 20.26 -9.62
C LYS D 99 -30.01 19.26 -9.71
N LYS D 100 -29.80 18.19 -10.45
CA LYS D 100 -30.83 17.18 -10.59
C LYS D 100 -31.20 16.60 -9.22
N ALA D 101 -30.34 16.79 -8.23
CA ALA D 101 -30.58 16.28 -6.88
C ALA D 101 -31.37 17.24 -6.00
N ALA D 102 -31.14 18.54 -6.18
CA ALA D 102 -31.83 19.57 -5.43
C ALA D 102 -33.22 19.88 -6.02
N ALA D 103 -33.60 19.13 -7.06
CA ALA D 103 -34.88 19.29 -7.72
C ALA D 103 -35.05 18.26 -8.85
P PO3 E . -4.80 5.43 -7.20
O1 PO3 E . -4.19 6.23 -6.05
O2 PO3 E . -5.26 4.01 -6.98
O3 PO3 E . -4.75 5.99 -8.60
N ALA A 1 0.74 7.29 -18.60
CA ALA A 1 0.24 7.59 -19.96
C ALA A 1 -1.09 6.86 -20.17
N GLU A 2 -1.77 7.18 -21.26
CA GLU A 2 -3.08 6.58 -21.60
C GLU A 2 -3.28 5.20 -20.95
N GLU A 3 -2.80 4.17 -21.63
CA GLU A 3 -2.95 2.80 -21.13
C GLU A 3 -2.16 2.60 -19.84
N LEU A 4 -0.84 2.78 -19.91
CA LEU A 4 0.01 2.60 -18.74
C LEU A 4 -0.63 3.20 -17.48
N GLU A 5 -1.21 4.38 -17.61
CA GLU A 5 -1.84 5.05 -16.47
C GLU A 5 -3.12 4.34 -16.08
N GLU A 6 -3.94 4.01 -17.07
CA GLU A 6 -5.19 3.30 -16.82
C GLU A 6 -4.88 1.88 -16.34
N VAL A 7 -3.80 1.31 -16.88
CA VAL A 7 -3.37 -0.03 -16.50
C VAL A 7 -2.93 -0.05 -15.03
N VAL A 8 -2.20 0.99 -14.63
CA VAL A 8 -1.73 1.10 -13.25
C VAL A 8 -2.95 1.16 -12.33
N MET A 9 -3.95 1.96 -12.70
CA MET A 9 -5.17 2.06 -11.90
C MET A 9 -5.77 0.67 -11.73
N GLY A 10 -5.81 -0.09 -12.82
CA GLY A 10 -6.34 -1.45 -12.77
C GLY A 10 -5.49 -2.31 -11.83
N LEU A 11 -4.17 -2.17 -11.95
CA LEU A 11 -3.26 -2.93 -11.10
C LEU A 11 -3.45 -2.56 -9.64
N ILE A 12 -3.57 -1.27 -9.37
CA ILE A 12 -3.76 -0.80 -8.00
C ILE A 12 -5.06 -1.36 -7.46
N ILE A 13 -6.11 -1.29 -8.26
CA ILE A 13 -7.40 -1.82 -7.85
C ILE A 13 -7.30 -3.33 -7.65
N ASN A 14 -6.65 -4.01 -8.60
CA ASN A 14 -6.47 -5.45 -8.53
C ASN A 14 -5.71 -5.82 -7.26
N SER A 15 -4.61 -5.11 -7.03
CA SER A 15 -3.81 -5.35 -5.83
C SER A 15 -4.65 -5.14 -4.57
N GLY A 16 -5.44 -4.06 -4.60
CA GLY A 16 -6.32 -3.75 -3.47
C GLY A 16 -7.35 -4.86 -3.26
N GLN A 17 -7.95 -5.32 -4.36
CA GLN A 17 -8.94 -6.40 -4.27
C GLN A 17 -8.27 -7.65 -3.72
N ALA A 18 -7.05 -7.92 -4.18
CA ALA A 18 -6.31 -9.09 -3.72
C ALA A 18 -6.15 -9.04 -2.21
N ARG A 19 -5.70 -7.91 -1.69
CA ARG A 19 -5.55 -7.77 -0.25
C ARG A 19 -6.90 -7.95 0.43
N SER A 20 -7.91 -7.28 -0.11
CA SER A 20 -9.25 -7.36 0.44
C SER A 20 -9.68 -8.83 0.57
N LEU A 21 -9.47 -9.59 -0.49
CA LEU A 21 -9.81 -11.01 -0.48
C LEU A 21 -8.97 -11.74 0.58
N ALA A 22 -7.69 -11.40 0.63
CA ALA A 22 -6.79 -12.03 1.60
C ALA A 22 -7.30 -11.80 3.03
N TYR A 23 -7.59 -10.55 3.38
CA TYR A 23 -8.10 -10.25 4.72
C TYR A 23 -9.41 -11.00 4.93
N ALA A 24 -10.25 -11.03 3.90
CA ALA A 24 -11.51 -11.73 3.99
C ALA A 24 -11.24 -13.22 4.25
N ALA A 25 -10.23 -13.75 3.56
CA ALA A 25 -9.84 -15.14 3.75
C ALA A 25 -9.48 -15.38 5.21
N LEU A 26 -8.72 -14.46 5.78
CA LEU A 26 -8.32 -14.57 7.18
C LEU A 26 -9.56 -14.55 8.07
N LYS A 27 -10.48 -13.64 7.77
CA LYS A 27 -11.71 -13.53 8.54
C LYS A 27 -12.45 -14.87 8.56
N GLN A 28 -12.48 -15.54 7.41
CA GLN A 28 -13.15 -16.84 7.31
C GLN A 28 -12.48 -17.81 8.28
N ALA A 29 -11.15 -17.75 8.35
CA ALA A 29 -10.39 -18.62 9.24
C ALA A 29 -10.80 -18.38 10.69
N LYS A 30 -10.95 -17.12 11.05
CA LYS A 30 -11.36 -16.77 12.41
C LYS A 30 -12.72 -17.37 12.73
N GLN A 31 -13.58 -17.50 11.72
CA GLN A 31 -14.89 -18.08 11.93
C GLN A 31 -14.80 -19.60 11.96
N GLY A 32 -13.60 -20.12 11.77
CA GLY A 32 -13.37 -21.56 11.81
C GLY A 32 -13.71 -22.21 10.47
N ASP A 33 -13.83 -21.40 9.43
CA ASP A 33 -14.15 -21.90 8.09
C ASP A 33 -12.88 -22.06 7.26
N PHE A 34 -12.18 -23.18 7.47
CA PHE A 34 -10.93 -23.42 6.73
C PHE A 34 -11.18 -23.60 5.24
N ALA A 35 -12.31 -24.21 4.89
CA ALA A 35 -12.63 -24.46 3.49
C ALA A 35 -12.77 -23.14 2.72
N ALA A 36 -13.56 -22.23 3.26
CA ALA A 36 -13.76 -20.95 2.60
C ALA A 36 -12.46 -20.14 2.60
N ALA A 37 -11.70 -20.23 3.68
CA ALA A 37 -10.43 -19.52 3.75
C ALA A 37 -9.52 -19.99 2.60
N LYS A 38 -9.36 -21.30 2.49
CA LYS A 38 -8.53 -21.90 1.45
C LYS A 38 -8.96 -21.42 0.06
N ALA A 39 -10.26 -21.45 -0.21
CA ALA A 39 -10.77 -21.03 -1.51
C ALA A 39 -10.47 -19.57 -1.79
N MET A 40 -10.61 -18.74 -0.76
CA MET A 40 -10.36 -17.30 -0.90
C MET A 40 -8.88 -17.03 -1.18
N MET A 41 -7.98 -17.76 -0.50
CA MET A 41 -6.55 -17.56 -0.72
C MET A 41 -6.19 -17.92 -2.15
N ASP A 42 -6.77 -19.01 -2.65
CA ASP A 42 -6.47 -19.48 -3.99
C ASP A 42 -6.83 -18.42 -5.02
N GLN A 43 -8.03 -17.87 -4.88
CA GLN A 43 -8.48 -16.82 -5.80
C GLN A 43 -7.61 -15.59 -5.67
N SER A 44 -7.25 -15.24 -4.44
CA SER A 44 -6.40 -14.08 -4.20
C SER A 44 -5.06 -14.28 -4.91
N ARG A 45 -4.49 -15.47 -4.78
CA ARG A 45 -3.22 -15.82 -5.43
C ARG A 45 -3.32 -15.66 -6.95
N MET A 46 -4.40 -16.18 -7.51
CA MET A 46 -4.63 -16.11 -8.95
C MET A 46 -4.72 -14.65 -9.40
N ALA A 47 -5.41 -13.83 -8.62
CA ALA A 47 -5.56 -12.41 -8.94
C ALA A 47 -4.19 -11.74 -9.00
N LEU A 48 -3.35 -12.05 -8.02
CA LEU A 48 -2.00 -11.49 -7.95
C LEU A 48 -1.15 -11.98 -9.12
N ASN A 49 -1.29 -13.26 -9.41
CA ASN A 49 -0.51 -13.87 -10.48
C ASN A 49 -0.77 -13.15 -11.80
N GLU A 50 -2.04 -12.89 -12.07
CA GLU A 50 -2.41 -12.17 -13.29
C GLU A 50 -1.86 -10.75 -13.23
N ALA A 51 -1.97 -10.13 -12.05
CA ALA A 51 -1.47 -8.77 -11.87
C ALA A 51 0.06 -8.75 -12.05
N HIS A 52 0.73 -9.71 -11.44
CA HIS A 52 2.19 -9.81 -11.54
C HIS A 52 2.61 -10.01 -13.00
N LEU A 53 1.86 -10.83 -13.72
CA LEU A 53 2.16 -11.11 -15.12
C LEU A 53 2.11 -9.82 -15.93
N VAL A 54 1.08 -9.02 -15.68
CA VAL A 54 0.94 -7.75 -16.38
C VAL A 54 2.11 -6.84 -16.04
N GLN A 55 2.46 -6.79 -14.76
CA GLN A 55 3.59 -5.96 -14.34
C GLN A 55 4.88 -6.45 -15.01
N THR A 56 5.08 -7.76 -15.08
CA THR A 56 6.28 -8.32 -15.72
C THR A 56 6.46 -7.71 -17.11
N LYS A 57 5.37 -7.66 -17.88
CA LYS A 57 5.43 -7.06 -19.22
C LYS A 57 5.76 -5.59 -19.10
N LEU A 58 5.18 -4.94 -18.10
CA LEU A 58 5.43 -3.52 -17.90
C LEU A 58 6.87 -3.24 -17.48
N ILE A 59 7.58 -4.25 -16.98
CA ILE A 59 8.99 -4.06 -16.60
C ILE A 59 9.93 -4.47 -17.76
N GLU A 60 9.55 -5.49 -18.53
CA GLU A 60 10.37 -5.95 -19.66
C GLU A 60 10.46 -4.88 -20.74
N GLY A 61 9.34 -4.20 -21.01
CA GLY A 61 9.31 -3.17 -22.03
C GLY A 61 9.20 -1.78 -21.42
N ASP A 62 9.80 -1.60 -20.24
CA ASP A 62 9.75 -0.32 -19.54
C ASP A 62 10.49 0.78 -20.32
N ALA A 63 11.17 0.39 -21.40
CA ALA A 63 11.90 1.36 -22.21
C ALA A 63 10.97 2.06 -23.19
N GLY A 64 11.49 3.07 -23.89
CA GLY A 64 10.68 3.81 -24.86
C GLY A 64 10.81 5.32 -24.66
N GLU A 65 10.45 5.80 -23.47
CA GLU A 65 10.53 7.23 -23.19
C GLU A 65 11.97 7.72 -23.18
N GLY A 66 12.86 6.90 -22.64
CA GLY A 66 14.28 7.27 -22.58
C GLY A 66 15.15 6.04 -22.36
N LYS A 67 16.47 6.25 -22.44
CA LYS A 67 17.41 5.15 -22.27
C LYS A 67 17.39 4.63 -20.82
N MET A 68 18.11 5.32 -19.94
CA MET A 68 18.20 4.93 -18.54
C MET A 68 16.88 5.05 -17.79
N LYS A 69 16.13 6.12 -18.08
CA LYS A 69 14.87 6.35 -17.37
C LYS A 69 13.76 5.39 -17.80
N VAL A 70 12.84 5.14 -16.87
CA VAL A 70 11.71 4.23 -17.10
C VAL A 70 10.41 4.88 -16.65
N SER A 71 9.28 4.23 -16.95
CA SER A 71 7.98 4.77 -16.55
C SER A 71 7.94 4.91 -15.03
N LEU A 72 7.54 6.10 -14.57
CA LEU A 72 7.48 6.40 -13.14
C LEU A 72 6.43 5.55 -12.41
N VAL A 73 5.30 5.39 -13.07
CA VAL A 73 4.18 4.62 -12.52
C VAL A 73 4.55 3.16 -12.22
N LEU A 74 5.60 2.69 -12.86
CA LEU A 74 6.02 1.30 -12.64
C LEU A 74 6.17 1.00 -11.18
N VAL A 75 6.60 2.01 -10.43
CA VAL A 75 6.82 1.86 -9.00
C VAL A 75 5.47 1.77 -8.29
N HIS A 76 4.24 2.79 -8.69
CA HIS A 76 2.88 2.78 -8.10
C HIS A 76 2.29 1.38 -8.18
N ALA A 77 2.64 0.68 -9.26
CA ALA A 77 2.16 -0.68 -9.45
C ALA A 77 3.01 -1.67 -8.66
N GLN A 78 4.34 -1.51 -8.72
CA GLN A 78 5.23 -2.42 -8.01
C GLN A 78 5.01 -2.32 -6.51
N LEU A 79 4.96 -1.09 -6.01
CA LEU A 79 4.72 -0.86 -4.59
C LEU A 79 3.44 -1.54 -4.13
N HIS A 80 2.35 -1.32 -4.85
CA HIS A 80 1.08 -1.91 -4.47
C HIS A 80 1.12 -3.44 -4.62
N LEU A 81 1.65 -3.90 -5.74
CA LEU A 81 1.74 -5.34 -5.99
C LEU A 81 2.64 -6.04 -4.98
N MET A 82 3.80 -5.45 -4.70
CA MET A 82 4.74 -6.05 -3.75
C MET A 82 4.11 -6.14 -2.37
N THR A 83 3.46 -5.05 -1.96
CA THR A 83 2.81 -5.00 -0.65
C THR A 83 1.69 -6.04 -0.56
N SER A 84 0.84 -6.07 -1.58
CA SER A 84 -0.29 -7.01 -1.61
C SER A 84 0.20 -8.46 -1.60
N MET A 85 1.16 -8.78 -2.45
CA MET A 85 1.69 -10.14 -2.51
C MET A 85 2.26 -10.57 -1.18
N LEU A 86 3.07 -9.70 -0.59
CA LEU A 86 3.68 -10.00 0.70
C LEU A 86 2.61 -10.19 1.78
N ALA A 87 1.64 -9.28 1.79
CA ALA A 87 0.56 -9.36 2.76
C ALA A 87 -0.15 -10.70 2.67
N ARG A 88 -0.49 -11.10 1.47
CA ARG A 88 -1.18 -12.37 1.27
C ARG A 88 -0.35 -13.55 1.78
N GLU A 89 0.93 -13.57 1.45
CA GLU A 89 1.77 -14.67 1.88
C GLU A 89 1.79 -14.78 3.39
N LEU A 90 1.95 -13.65 4.06
CA LEU A 90 1.96 -13.64 5.51
C LEU A 90 0.58 -14.03 6.05
N ILE A 91 -0.46 -13.51 5.42
CA ILE A 91 -1.82 -13.85 5.84
C ILE A 91 -2.03 -15.35 5.69
N THR A 92 -1.50 -15.92 4.61
CA THR A 92 -1.60 -17.37 4.40
C THR A 92 -0.98 -18.10 5.59
N GLU A 93 0.20 -17.64 6.01
CA GLU A 93 0.88 -18.23 7.16
C GLU A 93 0.02 -18.08 8.40
N LEU A 94 -0.57 -16.89 8.56
CA LEU A 94 -1.43 -16.62 9.72
C LEU A 94 -2.62 -17.59 9.71
N ILE A 95 -3.20 -17.80 8.55
CA ILE A 95 -4.34 -18.73 8.44
C ILE A 95 -3.90 -20.14 8.83
N GLU A 96 -2.72 -20.56 8.36
CA GLU A 96 -2.22 -21.88 8.71
C GLU A 96 -2.08 -22.00 10.22
N LEU A 97 -1.64 -20.91 10.87
CA LEU A 97 -1.51 -20.92 12.32
C LEU A 97 -2.88 -21.12 12.98
N HIS A 98 -3.89 -20.46 12.44
CA HIS A 98 -5.25 -20.62 12.98
C HIS A 98 -5.63 -22.08 12.92
N GLU A 99 -5.25 -22.75 11.84
CA GLU A 99 -5.55 -24.17 11.68
C GLU A 99 -4.81 -24.98 12.74
N LYS A 100 -3.56 -24.62 13.01
CA LYS A 100 -2.79 -25.32 14.02
C LYS A 100 -3.39 -25.06 15.41
N LEU A 101 -3.92 -23.84 15.61
CA LEU A 101 -4.56 -23.49 16.88
C LEU A 101 -5.80 -24.37 17.09
N LYS A 102 -6.02 -25.30 16.15
CA LYS A 102 -7.18 -26.20 16.21
C LYS A 102 -8.43 -25.52 15.71
N ALA A 103 -8.82 -24.42 16.39
CA ALA A 103 -10.03 -23.67 16.04
C ALA A 103 -10.30 -23.65 14.53
N ALA B 1 22.66 3.11 -13.51
CA ALA B 1 23.97 3.34 -14.19
C ALA B 1 24.86 2.13 -13.94
N GLU B 2 26.00 2.08 -14.64
CA GLU B 2 26.95 0.97 -14.53
C GLU B 2 26.86 0.24 -13.18
N GLU B 3 27.57 0.74 -12.19
CA GLU B 3 27.58 0.13 -10.87
C GLU B 3 26.22 0.21 -10.20
N LEU B 4 25.72 1.44 -10.02
CA LEU B 4 24.42 1.61 -9.38
C LEU B 4 23.38 0.61 -9.91
N GLU B 5 23.37 0.41 -11.22
CA GLU B 5 22.42 -0.52 -11.83
C GLU B 5 22.76 -1.95 -11.47
N GLU B 6 24.03 -2.30 -11.57
CA GLU B 6 24.50 -3.63 -11.23
C GLU B 6 24.38 -3.85 -9.73
N VAL B 7 24.60 -2.79 -8.97
CA VAL B 7 24.51 -2.85 -7.52
C VAL B 7 23.05 -3.11 -7.10
N VAL B 8 22.12 -2.44 -7.77
CA VAL B 8 20.69 -2.63 -7.49
C VAL B 8 20.33 -4.08 -7.74
N MET B 9 20.80 -4.63 -8.86
CA MET B 9 20.52 -6.03 -9.18
C MET B 9 21.01 -6.91 -8.03
N GLY B 10 22.21 -6.62 -7.53
CA GLY B 10 22.75 -7.37 -6.41
C GLY B 10 21.86 -7.21 -5.19
N LEU B 11 21.44 -5.98 -4.93
CA LEU B 11 20.56 -5.70 -3.79
C LEU B 11 19.24 -6.44 -3.93
N ILE B 12 18.67 -6.41 -5.13
CA ILE B 12 17.40 -7.09 -5.38
C ILE B 12 17.57 -8.58 -5.14
N ILE B 13 18.66 -9.12 -5.68
CA ILE B 13 18.94 -10.54 -5.50
C ILE B 13 19.17 -10.83 -4.02
N ASN B 14 19.95 -9.98 -3.36
CA ASN B 14 20.24 -10.16 -1.94
C ASN B 14 18.94 -10.10 -1.13
N SER B 15 18.11 -9.11 -1.42
CA SER B 15 16.83 -8.99 -0.74
C SER B 15 15.98 -10.23 -0.97
N GLY B 16 15.99 -10.71 -2.22
CA GLY B 16 15.23 -11.91 -2.57
C GLY B 16 15.76 -13.12 -1.81
N GLN B 17 17.08 -13.25 -1.75
CA GLN B 17 17.68 -14.37 -1.03
C GLN B 17 17.31 -14.28 0.45
N ALA B 18 17.35 -13.06 0.98
CA ALA B 18 17.00 -12.84 2.37
C ALA B 18 15.60 -13.36 2.66
N ARG B 19 14.64 -12.97 1.84
CA ARG B 19 13.27 -13.44 2.02
C ARG B 19 13.24 -14.96 1.90
N SER B 20 13.90 -15.47 0.86
CA SER B 20 13.94 -16.91 0.64
C SER B 20 14.41 -17.63 1.89
N LEU B 21 15.50 -17.13 2.48
CA LEU B 21 16.04 -17.73 3.71
C LEU B 21 15.01 -17.60 4.83
N ALA B 22 14.37 -16.44 4.93
CA ALA B 22 13.37 -16.20 5.97
C ALA B 22 12.24 -17.23 5.85
N TYR B 23 11.67 -17.38 4.65
CA TYR B 23 10.60 -18.36 4.46
C TYR B 23 11.12 -19.75 4.79
N ALA B 24 12.36 -20.04 4.38
CA ALA B 24 12.95 -21.33 4.67
C ALA B 24 13.06 -21.49 6.19
N ALA B 25 13.43 -20.41 6.87
CA ALA B 25 13.53 -20.43 8.33
C ALA B 25 12.18 -20.80 8.92
N LEU B 26 11.12 -20.21 8.39
CA LEU B 26 9.78 -20.50 8.86
C LEU B 26 9.45 -21.97 8.62
N LYS B 27 9.80 -22.46 7.44
CA LYS B 27 9.55 -23.86 7.11
C LYS B 27 10.21 -24.78 8.14
N GLN B 28 11.43 -24.43 8.54
CA GLN B 28 12.13 -25.23 9.56
C GLN B 28 11.31 -25.26 10.84
N ALA B 29 10.74 -24.11 11.19
CA ALA B 29 9.91 -24.02 12.40
C ALA B 29 8.73 -24.97 12.31
N LYS B 30 8.09 -25.01 11.14
CA LYS B 30 6.95 -25.90 10.94
C LYS B 30 7.36 -27.35 11.16
N GLN B 31 8.62 -27.67 10.83
CA GLN B 31 9.10 -29.04 11.01
C GLN B 31 9.46 -29.28 12.48
N GLY B 32 9.32 -28.24 13.29
CA GLY B 32 9.63 -28.35 14.72
C GLY B 32 11.13 -28.18 14.99
N ASP B 33 11.86 -27.66 14.00
CA ASP B 33 13.29 -27.46 14.14
C ASP B 33 13.60 -26.02 14.53
N PHE B 34 13.47 -25.71 15.81
CA PHE B 34 13.73 -24.34 16.29
C PHE B 34 15.18 -23.94 16.10
N ALA B 35 16.09 -24.90 16.27
CA ALA B 35 17.52 -24.60 16.15
C ALA B 35 17.86 -24.12 14.74
N ALA B 36 17.43 -24.87 13.74
CA ALA B 36 17.71 -24.50 12.36
C ALA B 36 16.98 -23.20 12.01
N ALA B 37 15.77 -23.03 12.51
CA ALA B 37 15.03 -21.80 12.24
C ALA B 37 15.82 -20.61 12.74
N LYS B 38 16.23 -20.68 14.02
CA LYS B 38 17.01 -19.60 14.63
C LYS B 38 18.27 -19.27 13.81
N ALA B 39 18.99 -20.29 13.40
CA ALA B 39 20.21 -20.10 12.61
C ALA B 39 19.91 -19.41 11.28
N MET B 40 18.83 -19.82 10.64
CA MET B 40 18.44 -19.26 9.36
C MET B 40 18.05 -17.78 9.51
N MET B 41 17.32 -17.45 10.57
CA MET B 41 16.92 -16.06 10.78
C MET B 41 18.15 -15.17 10.97
N ASP B 42 19.12 -15.68 11.73
CA ASP B 42 20.33 -14.93 12.01
C ASP B 42 21.06 -14.57 10.73
N GLN B 43 21.21 -15.58 9.86
CA GLN B 43 21.88 -15.36 8.59
C GLN B 43 21.08 -14.40 7.72
N SER B 44 19.76 -14.54 7.73
CA SER B 44 18.91 -13.65 6.95
C SER B 44 19.13 -12.20 7.41
N ARG B 45 19.14 -12.00 8.73
CA ARG B 45 19.35 -10.68 9.30
C ARG B 45 20.69 -10.09 8.83
N MET B 46 21.74 -10.90 8.89
CA MET B 46 23.07 -10.45 8.49
C MET B 46 23.05 -10.04 7.02
N ALA B 47 22.37 -10.84 6.20
CA ALA B 47 22.27 -10.53 4.77
C ALA B 47 21.58 -9.19 4.56
N LEU B 48 20.50 -8.97 5.31
CA LEU B 48 19.75 -7.72 5.21
C LEU B 48 20.59 -6.55 5.72
N ASN B 49 21.30 -6.78 6.81
CA ASN B 49 22.13 -5.75 7.40
C ASN B 49 23.18 -5.26 6.40
N GLU B 50 23.83 -6.19 5.73
CA GLU B 50 24.82 -5.83 4.72
C GLU B 50 24.17 -5.10 3.57
N ALA B 51 23.00 -5.58 3.17
CA ALA B 51 22.25 -4.96 2.08
C ALA B 51 21.83 -3.54 2.48
N HIS B 52 21.32 -3.41 3.70
CA HIS B 52 20.88 -2.11 4.21
C HIS B 52 22.06 -1.13 4.27
N LEU B 53 23.22 -1.64 4.69
CA LEU B 53 24.42 -0.80 4.79
C LEU B 53 24.77 -0.23 3.41
N VAL B 54 24.71 -1.09 2.40
CA VAL B 54 25.03 -0.66 1.04
C VAL B 54 24.01 0.40 0.61
N GLN B 55 22.73 0.16 0.90
CA GLN B 55 21.70 1.13 0.53
C GLN B 55 21.96 2.45 1.25
N THR B 56 22.32 2.39 2.54
CA THR B 56 22.60 3.61 3.30
C THR B 56 23.57 4.50 2.53
N LYS B 57 24.65 3.90 2.04
CA LYS B 57 25.62 4.66 1.25
C LYS B 57 24.97 5.20 -0.01
N LEU B 58 24.12 4.39 -0.61
CA LEU B 58 23.44 4.78 -1.84
C LEU B 58 22.45 5.93 -1.59
N ILE B 59 22.02 6.12 -0.32
CA ILE B 59 21.11 7.23 -0.01
C ILE B 59 21.88 8.48 0.45
N GLU B 60 23.00 8.27 1.16
CA GLU B 60 23.81 9.39 1.64
C GLU B 60 24.42 10.17 0.46
N GLY B 61 24.86 9.43 -0.55
CA GLY B 61 25.49 10.05 -1.72
C GLY B 61 24.59 9.96 -2.95
N ASP B 62 23.28 10.02 -2.73
CA ASP B 62 22.32 9.93 -3.82
C ASP B 62 22.41 11.14 -4.77
N ALA B 63 23.21 12.12 -4.40
CA ALA B 63 23.36 13.32 -5.23
C ALA B 63 24.37 13.07 -6.34
N GLY B 64 24.50 14.03 -7.26
CA GLY B 64 25.44 13.90 -8.37
C GLY B 64 24.78 14.23 -9.71
N GLU B 65 23.73 13.48 -10.05
CA GLU B 65 23.03 13.70 -11.32
C GLU B 65 22.34 15.07 -11.33
N GLY B 66 21.76 15.45 -10.20
CA GLY B 66 21.07 16.73 -10.11
C GLY B 66 20.91 17.16 -8.66
N LYS B 67 20.42 18.38 -8.47
CA LYS B 67 20.23 18.92 -7.13
C LYS B 67 19.13 18.16 -6.38
N MET B 68 17.88 18.54 -6.66
CA MET B 68 16.72 17.93 -6.01
C MET B 68 16.52 16.47 -6.40
N LYS B 69 16.75 16.13 -7.66
CA LYS B 69 16.54 14.76 -8.14
C LYS B 69 17.62 13.80 -7.64
N VAL B 70 17.22 12.52 -7.52
CA VAL B 70 18.11 11.47 -7.05
C VAL B 70 18.02 10.24 -7.98
N SER B 71 18.89 9.26 -7.76
CA SER B 71 18.88 8.05 -8.59
C SER B 71 17.52 7.37 -8.49
N LEU B 72 16.93 7.04 -9.64
CA LEU B 72 15.60 6.45 -9.66
C LEU B 72 15.59 5.04 -9.04
N VAL B 73 16.65 4.30 -9.35
CA VAL B 73 16.80 2.93 -8.88
C VAL B 73 16.83 2.84 -7.34
N LEU B 74 17.13 3.95 -6.69
CA LEU B 74 17.18 3.96 -5.23
C LEU B 74 15.90 3.41 -4.63
N VAL B 75 14.80 3.75 -5.26
CA VAL B 75 13.49 3.30 -4.80
C VAL B 75 13.38 1.79 -5.01
N HIS B 76 13.83 1.23 -6.23
CA HIS B 76 13.77 -0.21 -6.50
C HIS B 76 14.49 -0.99 -5.40
N ALA B 77 15.66 -0.51 -5.01
CA ALA B 77 16.42 -1.17 -3.95
C ALA B 77 15.70 -0.99 -2.61
N GLN B 78 15.18 0.20 -2.38
CA GLN B 78 14.48 0.49 -1.12
C GLN B 78 13.21 -0.36 -1.03
N LEU B 79 12.44 -0.39 -2.12
CA LEU B 79 11.22 -1.18 -2.14
C LEU B 79 11.49 -2.65 -1.82
N HIS B 80 12.48 -3.23 -2.48
CA HIS B 80 12.80 -4.62 -2.24
C HIS B 80 13.36 -4.83 -0.84
N LEU B 81 14.27 -3.95 -0.44
CA LEU B 81 14.88 -4.06 0.89
C LEU B 81 13.85 -3.85 2.00
N MET B 82 13.00 -2.85 1.86
CA MET B 82 11.98 -2.57 2.87
C MET B 82 11.02 -3.75 3.01
N THR B 83 10.59 -4.28 1.87
CA THR B 83 9.67 -5.41 1.87
C THR B 83 10.32 -6.64 2.50
N SER B 84 11.55 -6.94 2.10
CA SER B 84 12.26 -8.09 2.64
C SER B 84 12.50 -7.97 4.14
N MET B 85 12.97 -6.81 4.58
CA MET B 85 13.24 -6.60 6.01
C MET B 85 11.96 -6.76 6.83
N LEU B 86 10.89 -6.14 6.36
CA LEU B 86 9.61 -6.21 7.06
C LEU B 86 9.11 -7.65 7.12
N ALA B 87 9.17 -8.33 5.98
CA ALA B 87 8.72 -9.71 5.90
C ALA B 87 9.49 -10.58 6.88
N ARG B 88 10.79 -10.44 6.86
CA ARG B 88 11.65 -11.22 7.75
C ARG B 88 11.28 -10.97 9.21
N GLU B 89 11.08 -9.70 9.59
CA GLU B 89 10.75 -9.38 10.97
C GLU B 89 9.43 -10.05 11.37
N LEU B 90 8.44 -9.96 10.50
CA LEU B 90 7.14 -10.56 10.78
C LEU B 90 7.28 -12.08 10.84
N ILE B 91 8.06 -12.63 9.92
CA ILE B 91 8.30 -14.07 9.91
C ILE B 91 8.95 -14.49 11.23
N THR B 92 9.86 -13.66 11.73
CA THR B 92 10.50 -13.96 13.02
C THR B 92 9.43 -14.07 14.09
N GLU B 93 8.49 -13.13 14.09
CA GLU B 93 7.40 -13.15 15.06
C GLU B 93 6.58 -14.43 14.88
N LEU B 94 6.30 -14.77 13.62
CA LEU B 94 5.54 -15.99 13.33
C LEU B 94 6.27 -17.21 13.87
N ILE B 95 7.59 -17.26 13.68
CA ILE B 95 8.36 -18.38 14.19
C ILE B 95 8.28 -18.46 15.71
N GLU B 96 8.36 -17.30 16.37
CA GLU B 96 8.25 -17.27 17.83
C GLU B 96 6.90 -17.85 18.25
N LEU B 97 5.86 -17.54 17.49
CA LEU B 97 4.52 -18.05 17.79
C LEU B 97 4.52 -19.58 17.69
N HIS B 98 5.19 -20.10 16.66
CA HIS B 98 5.27 -21.55 16.50
C HIS B 98 5.89 -22.17 17.75
N GLU B 99 6.90 -21.48 18.28
CA GLU B 99 7.55 -21.95 19.50
C GLU B 99 6.58 -21.94 20.66
N LYS B 100 5.77 -20.88 20.77
CA LYS B 100 4.79 -20.80 21.84
C LYS B 100 3.72 -21.88 21.65
N LEU B 101 3.39 -22.19 20.39
CA LEU B 101 2.42 -23.25 20.11
C LEU B 101 2.96 -24.60 20.58
N LYS B 102 4.13 -24.57 21.21
CA LYS B 102 4.77 -25.78 21.72
C LYS B 102 5.49 -26.51 20.59
N ALA B 103 4.71 -26.92 19.58
CA ALA B 103 5.25 -27.67 18.43
C ALA B 103 6.64 -27.19 18.04
N ALA C 1 11.12 19.25 -2.05
CA ALA C 1 11.16 20.74 -1.98
C ALA C 1 10.96 21.17 -0.54
N GLU C 2 11.18 22.45 -0.27
CA GLU C 2 11.04 23.02 1.08
C GLU C 2 10.10 22.22 1.98
N GLU C 3 8.81 22.51 1.89
CA GLU C 3 7.83 21.81 2.71
C GLU C 3 7.73 20.34 2.34
N LEU C 4 7.37 20.07 1.08
CA LEU C 4 7.24 18.68 0.63
C LEU C 4 8.38 17.80 1.16
N GLU C 5 9.60 18.32 1.11
CA GLU C 5 10.76 17.57 1.58
C GLU C 5 10.74 17.43 3.10
N GLU C 6 10.47 18.53 3.78
CA GLU C 6 10.41 18.52 5.24
C GLU C 6 9.19 17.70 5.68
N VAL C 7 8.12 17.78 4.89
CA VAL C 7 6.90 17.04 5.17
C VAL C 7 7.17 15.53 5.06
N VAL C 8 7.92 15.14 4.03
CA VAL C 8 8.27 13.74 3.83
C VAL C 8 9.06 13.24 5.04
N MET C 9 10.02 14.04 5.50
CA MET C 9 10.80 13.67 6.66
C MET C 9 9.87 13.40 7.84
N GLY C 10 8.88 14.29 8.01
CA GLY C 10 7.91 14.13 9.08
C GLY C 10 7.12 12.84 8.88
N LEU C 11 6.71 12.59 7.65
CA LEU C 11 5.94 11.37 7.33
C LEU C 11 6.79 10.14 7.59
N ILE C 12 8.05 10.18 7.18
CA ILE C 12 8.94 9.04 7.37
C ILE C 12 9.11 8.78 8.87
N ILE C 13 9.32 9.87 9.61
CA ILE C 13 9.47 9.76 11.06
C ILE C 13 8.16 9.23 11.66
N ASN C 14 7.05 9.81 11.22
CA ASN C 14 5.73 9.40 11.72
C ASN C 14 5.50 7.92 11.43
N SER C 15 5.79 7.51 10.19
CA SER C 15 5.63 6.11 9.81
C SER C 15 6.52 5.24 10.68
N GLY C 16 7.76 5.70 10.90
CA GLY C 16 8.70 4.95 11.73
C GLY C 16 8.18 4.84 13.16
N GLN C 17 7.67 5.95 13.70
CA GLN C 17 7.13 5.92 15.06
C GLN C 17 5.95 4.97 15.12
N ALA C 18 5.12 5.01 14.08
CA ALA C 18 3.96 4.14 14.02
C ALA C 18 4.38 2.67 14.15
N ARG C 19 5.36 2.27 13.33
CA ARG C 19 5.84 0.91 13.40
C ARG C 19 6.41 0.63 14.79
N SER C 20 7.21 1.57 15.28
CA SER C 20 7.81 1.41 16.60
C SER C 20 6.73 1.13 17.65
N LEU C 21 5.66 1.92 17.61
CA LEU C 21 4.56 1.74 18.54
C LEU C 21 3.92 0.37 18.33
N ALA C 22 3.73 0.00 17.06
CA ALA C 22 3.13 -1.29 16.73
C ALA C 22 3.96 -2.44 17.33
N TYR C 23 5.27 -2.43 17.07
CA TYR C 23 6.14 -3.47 17.64
C TYR C 23 6.05 -3.45 19.16
N ALA C 24 6.03 -2.24 19.72
CA ALA C 24 5.92 -2.11 21.17
C ALA C 24 4.59 -2.72 21.62
N ALA C 25 3.54 -2.47 20.85
CA ALA C 25 2.23 -3.03 21.16
C ALA C 25 2.31 -4.55 21.21
N LEU C 26 3.01 -5.12 20.24
CA LEU C 26 3.19 -6.57 20.18
C LEU C 26 3.95 -7.05 21.42
N LYS C 27 4.99 -6.31 21.77
CA LYS C 27 5.79 -6.66 22.94
C LYS C 27 4.90 -6.72 24.19
N GLN C 28 3.99 -5.77 24.31
CA GLN C 28 3.06 -5.75 25.44
C GLN C 28 2.26 -7.04 25.47
N ALA C 29 1.82 -7.47 24.27
CA ALA C 29 1.05 -8.70 24.16
C ALA C 29 1.85 -9.89 24.67
N LYS C 30 3.13 -9.94 24.30
CA LYS C 30 3.99 -11.02 24.76
C LYS C 30 4.07 -11.06 26.28
N GLN C 31 3.98 -9.88 26.90
CA GLN C 31 4.04 -9.80 28.36
C GLN C 31 2.67 -10.17 28.96
N GLY C 32 1.71 -10.44 28.08
CA GLY C 32 0.36 -10.83 28.53
C GLY C 32 -0.47 -9.60 28.89
N ASP C 33 -0.04 -8.43 28.44
CA ASP C 33 -0.76 -7.18 28.70
C ASP C 33 -1.63 -6.80 27.51
N PHE C 34 -2.80 -7.41 27.42
CA PHE C 34 -3.71 -7.14 26.31
C PHE C 34 -4.22 -5.70 26.34
N ALA C 35 -4.43 -5.17 27.54
CA ALA C 35 -4.94 -3.81 27.68
C ALA C 35 -3.97 -2.79 27.08
N ALA C 36 -2.71 -2.89 27.47
CA ALA C 36 -1.71 -1.96 26.96
C ALA C 36 -1.50 -2.17 25.47
N ALA C 37 -1.55 -3.42 25.02
CA ALA C 37 -1.38 -3.71 23.60
C ALA C 37 -2.48 -3.00 22.81
N LYS C 38 -3.72 -3.21 23.22
CA LYS C 38 -4.87 -2.59 22.57
C LYS C 38 -4.72 -1.07 22.49
N ALA C 39 -4.32 -0.45 23.61
CA ALA C 39 -4.16 1.00 23.65
C ALA C 39 -3.06 1.46 22.68
N MET C 40 -1.96 0.72 22.64
CA MET C 40 -0.85 1.06 21.77
C MET C 40 -1.25 0.92 20.30
N MET C 41 -2.03 -0.11 19.99
CA MET C 41 -2.48 -0.31 18.61
C MET C 41 -3.35 0.85 18.16
N ASP C 42 -4.25 1.28 19.04
CA ASP C 42 -5.17 2.36 18.72
C ASP C 42 -4.41 3.63 18.38
N GLN C 43 -3.42 3.97 19.21
CA GLN C 43 -2.61 5.16 18.97
C GLN C 43 -1.83 5.03 17.67
N SER C 44 -1.30 3.85 17.42
CA SER C 44 -0.55 3.60 16.19
C SER C 44 -1.44 3.87 14.98
N ARG C 45 -2.67 3.32 15.03
CA ARG C 45 -3.64 3.50 13.96
C ARG C 45 -3.93 4.99 13.72
N MET C 46 -4.14 5.72 14.81
CA MET C 46 -4.43 7.15 14.72
C MET C 46 -3.26 7.89 14.08
N ALA C 47 -2.04 7.51 14.47
CA ALA C 47 -0.84 8.14 13.91
C ALA C 47 -0.78 7.91 12.40
N LEU C 48 -1.08 6.68 11.98
CA LEU C 48 -1.07 6.33 10.57
C LEU C 48 -2.17 7.06 9.82
N ASN C 49 -3.34 7.15 10.45
CA ASN C 49 -4.48 7.81 9.84
C ASN C 49 -4.14 9.27 9.52
N GLU C 50 -3.51 9.95 10.47
CA GLU C 50 -3.11 11.33 10.26
C GLU C 50 -2.06 11.41 9.16
N ALA C 51 -1.13 10.47 9.19
CA ALA C 51 -0.07 10.43 8.18
C ALA C 51 -0.67 10.15 6.80
N HIS C 52 -1.58 9.19 6.74
CA HIS C 52 -2.25 8.85 5.48
C HIS C 52 -3.02 10.05 4.94
N LEU C 53 -3.69 10.78 5.83
CA LEU C 53 -4.47 11.95 5.43
C LEU C 53 -3.56 12.98 4.76
N VAL C 54 -2.39 13.20 5.35
CA VAL C 54 -1.45 14.16 4.80
C VAL C 54 -0.99 13.67 3.43
N GLN C 55 -0.69 12.38 3.32
CA GLN C 55 -0.26 11.82 2.04
C GLN C 55 -1.38 11.99 1.00
N THR C 56 -2.62 11.74 1.41
CA THR C 56 -3.76 11.88 0.48
C THR C 56 -3.70 13.25 -0.19
N LYS C 57 -3.50 14.29 0.60
CA LYS C 57 -3.40 15.64 0.05
C LYS C 57 -2.20 15.73 -0.88
N LEU C 58 -1.11 15.09 -0.49
CA LEU C 58 0.10 15.11 -1.29
C LEU C 58 -0.08 14.35 -2.61
N ILE C 59 -1.09 13.47 -2.70
CA ILE C 59 -1.33 12.76 -3.95
C ILE C 59 -2.40 13.48 -4.79
N GLU C 60 -3.38 14.10 -4.14
CA GLU C 60 -4.43 14.83 -4.87
C GLU C 60 -3.85 16.03 -5.60
N GLY C 61 -2.89 16.71 -4.98
CA GLY C 61 -2.28 17.89 -5.57
C GLY C 61 -0.83 17.62 -5.97
N ASP C 62 -0.56 16.41 -6.41
CA ASP C 62 0.79 16.03 -6.80
C ASP C 62 1.22 16.75 -8.06
N ALA C 63 0.31 17.49 -8.68
CA ALA C 63 0.63 18.24 -9.90
C ALA C 63 1.30 19.56 -9.56
N GLY C 64 1.78 20.26 -10.59
CA GLY C 64 2.43 21.56 -10.39
C GLY C 64 3.77 21.63 -11.13
N GLU C 65 4.69 20.71 -10.81
CA GLU C 65 5.99 20.70 -11.45
C GLU C 65 5.87 20.38 -12.94
N GLY C 66 4.99 19.45 -13.27
CA GLY C 66 4.80 19.05 -14.66
C GLY C 66 3.45 18.36 -14.86
N LYS C 67 3.12 18.09 -16.11
CA LYS C 67 1.85 17.44 -16.43
C LYS C 67 1.83 16.00 -15.92
N MET C 68 2.44 15.10 -16.70
CA MET C 68 2.48 13.68 -16.36
C MET C 68 3.31 13.38 -15.12
N LYS C 69 4.45 14.07 -14.97
CA LYS C 69 5.34 13.83 -13.84
C LYS C 69 4.79 14.36 -12.52
N VAL C 70 5.20 13.71 -11.43
CA VAL C 70 4.76 14.07 -10.08
C VAL C 70 5.96 14.16 -9.13
N SER C 71 5.72 14.64 -7.91
CA SER C 71 6.80 14.75 -6.93
C SER C 71 7.42 13.38 -6.68
N LEU C 72 8.74 13.30 -6.77
CA LEU C 72 9.45 12.03 -6.61
C LEU C 72 9.31 11.48 -5.19
N VAL C 73 9.40 12.39 -4.22
CA VAL C 73 9.33 12.04 -2.80
C VAL C 73 8.00 11.37 -2.44
N LEU C 74 6.99 11.57 -3.26
CA LEU C 74 5.68 10.98 -2.99
C LEU C 74 5.79 9.49 -2.75
N VAL C 75 6.66 8.86 -3.53
CA VAL C 75 6.89 7.43 -3.41
C VAL C 75 7.55 7.13 -2.08
N HIS C 76 8.61 7.95 -1.63
CA HIS C 76 9.29 7.73 -0.36
C HIS C 76 8.28 7.70 0.79
N ALA C 77 7.36 8.65 0.77
CA ALA C 77 6.33 8.71 1.80
C ALA C 77 5.37 7.54 1.66
N GLN C 78 5.02 7.21 0.42
CA GLN C 78 4.10 6.10 0.16
C GLN C 78 4.74 4.78 0.59
N LEU C 79 5.99 4.58 0.19
CA LEU C 79 6.71 3.36 0.55
C LEU C 79 6.75 3.17 2.06
N HIS C 80 7.13 4.21 2.79
CA HIS C 80 7.20 4.12 4.24
C HIS C 80 5.81 3.94 4.85
N LEU C 81 4.87 4.73 4.38
CA LEU C 81 3.50 4.67 4.89
C LEU C 81 2.85 3.31 4.59
N MET C 82 3.01 2.84 3.37
CA MET C 82 2.42 1.55 2.98
C MET C 82 3.01 0.42 3.82
N THR C 83 4.32 0.45 3.99
CA THR C 83 5.00 -0.58 4.76
C THR C 83 4.54 -0.55 6.22
N SER C 84 4.53 0.64 6.80
CA SER C 84 4.12 0.80 8.20
C SER C 84 2.67 0.37 8.42
N MET C 85 1.76 0.84 7.56
CA MET C 85 0.35 0.48 7.70
C MET C 85 0.16 -1.04 7.61
N LEU C 86 0.80 -1.65 6.63
CA LEU C 86 0.70 -3.09 6.43
C LEU C 86 1.24 -3.83 7.65
N ALA C 87 2.42 -3.42 8.10
CA ALA C 87 3.05 -4.04 9.25
C ALA C 87 2.13 -3.96 10.47
N ARG C 88 1.61 -2.77 10.71
CA ARG C 88 0.74 -2.55 11.84
C ARG C 88 -0.50 -3.47 11.77
N GLU C 89 -1.11 -3.56 10.59
CA GLU C 89 -2.29 -4.42 10.44
C GLU C 89 -1.95 -5.88 10.74
N LEU C 90 -0.82 -6.35 10.20
CA LEU C 90 -0.40 -7.72 10.44
C LEU C 90 -0.07 -7.92 11.91
N ILE C 91 0.60 -6.95 12.49
CA ILE C 91 0.95 -7.02 13.90
C ILE C 91 -0.33 -7.12 14.73
N THR C 92 -1.36 -6.39 14.32
CA THR C 92 -2.64 -6.46 15.02
C THR C 92 -3.15 -7.89 14.99
N GLU C 93 -3.06 -8.53 13.83
CA GLU C 93 -3.50 -9.92 13.70
C GLU C 93 -2.66 -10.82 14.62
N LEU C 94 -1.36 -10.56 14.63
CA LEU C 94 -0.45 -11.34 15.47
C LEU C 94 -0.84 -11.20 16.94
N ILE C 95 -1.16 -9.98 17.35
CA ILE C 95 -1.57 -9.73 18.73
C ILE C 95 -2.86 -10.51 19.05
N GLU C 96 -3.80 -10.48 18.12
CA GLU C 96 -5.05 -11.21 18.31
C GLU C 96 -4.75 -12.70 18.53
N LEU C 97 -3.78 -13.21 17.77
CA LEU C 97 -3.39 -14.61 17.91
C LEU C 97 -2.85 -14.87 19.32
N HIS C 98 -2.05 -13.94 19.83
CA HIS C 98 -1.52 -14.09 21.18
C HIS C 98 -2.68 -14.22 22.16
N GLU C 99 -3.73 -13.44 21.92
CA GLU C 99 -4.90 -13.49 22.78
C GLU C 99 -5.57 -14.87 22.68
N LYS C 100 -5.65 -15.41 21.46
CA LYS C 100 -6.25 -16.72 21.29
C LYS C 100 -5.38 -17.78 21.95
N LEU C 101 -4.05 -17.58 21.91
CA LEU C 101 -3.12 -18.52 22.55
C LEU C 101 -3.37 -18.53 24.06
N LYS C 102 -4.36 -17.76 24.51
CA LYS C 102 -4.70 -17.67 25.93
C LYS C 102 -3.78 -16.68 26.63
N ALA C 103 -2.48 -16.99 26.61
CA ALA C 103 -1.45 -16.16 27.26
C ALA C 103 -1.80 -14.67 27.21
N LYS D 1 -19.97 26.95 -1.17
CA LYS D 1 -19.08 26.05 -1.96
C LYS D 1 -19.44 24.59 -1.78
N LYS D 2 -19.77 23.94 -2.87
CA LYS D 2 -20.15 22.54 -2.84
C LYS D 2 -18.93 21.62 -2.88
N HIS D 3 -19.02 20.49 -2.19
CA HIS D 3 -17.93 19.52 -2.13
C HIS D 3 -18.12 18.37 -3.08
N ILE D 4 -17.20 18.26 -4.03
CA ILE D 4 -17.22 17.18 -4.99
C ILE D 4 -16.07 16.24 -4.61
N TYR D 5 -16.39 15.03 -4.18
CA TYR D 5 -15.38 14.06 -3.78
C TYR D 5 -15.33 12.90 -4.76
N LEU D 6 -14.13 12.60 -5.26
CA LEU D 6 -13.90 11.48 -6.19
C LEU D 6 -13.25 10.35 -5.40
N PHE D 7 -13.55 9.09 -5.74
CA PHE D 7 -12.84 7.96 -5.12
C PHE D 7 -12.17 7.07 -6.15
N CYS D 8 -11.01 6.47 -5.73
CA CYS D 8 -10.25 5.47 -6.46
C CYS D 8 -9.49 4.58 -5.48
N SER D 9 -8.61 3.67 -5.88
CA SER D 9 -8.03 2.83 -4.83
C SER D 9 -7.17 3.65 -3.88
N ALA D 10 -6.18 4.41 -4.38
CA ALA D 10 -5.28 5.14 -3.49
C ALA D 10 -5.58 6.61 -3.54
N GLY D 11 -5.82 7.14 -4.75
CA GLY D 11 -6.12 8.55 -4.92
C GLY D 11 -5.09 9.24 -5.82
N MET D 12 -4.46 8.51 -6.74
CA MET D 12 -3.45 9.13 -7.60
C MET D 12 -3.96 9.34 -9.03
N SER D 13 -4.06 8.27 -9.76
CA SER D 13 -4.51 8.37 -11.15
C SER D 13 -5.72 9.30 -11.29
N THR D 14 -6.46 9.50 -10.19
CA THR D 14 -7.62 10.38 -10.30
C THR D 14 -7.22 11.77 -9.88
N SER D 15 -6.09 11.83 -9.22
CA SER D 15 -5.48 13.09 -8.76
C SER D 15 -5.20 14.03 -9.93
N LEU D 16 -4.82 13.46 -11.06
CA LEU D 16 -4.55 14.26 -12.24
C LEU D 16 -5.88 14.86 -12.76
N LEU D 17 -6.96 14.07 -12.72
CA LEU D 17 -8.28 14.55 -13.14
C LEU D 17 -8.75 15.68 -12.19
N VAL D 18 -8.54 15.48 -10.88
CA VAL D 18 -8.91 16.50 -9.89
C VAL D 18 -8.18 17.83 -10.15
N SER D 19 -6.89 17.79 -10.47
CA SER D 19 -6.17 19.03 -10.74
C SER D 19 -6.73 19.77 -11.98
N LYS D 20 -7.12 19.03 -13.02
CA LYS D 20 -7.71 19.66 -14.20
C LYS D 20 -9.12 20.20 -13.91
N MET D 21 -9.87 19.50 -13.07
CA MET D 21 -11.22 20.00 -12.73
C MET D 21 -11.08 21.31 -11.94
N ARG D 22 -10.13 21.39 -11.02
CA ARG D 22 -9.91 22.60 -10.21
C ARG D 22 -9.56 23.79 -11.12
N ALA D 23 -8.79 23.54 -12.18
CA ALA D 23 -8.39 24.59 -13.11
C ALA D 23 -9.63 25.14 -13.81
N GLN D 24 -10.50 24.24 -14.24
CA GLN D 24 -11.72 24.61 -14.91
C GLN D 24 -12.67 25.35 -14.00
N ALA D 25 -12.80 24.88 -12.77
CA ALA D 25 -13.69 25.53 -11.80
C ALA D 25 -13.24 26.96 -11.55
N GLU D 26 -11.93 27.20 -11.60
CA GLU D 26 -11.39 28.54 -11.36
C GLU D 26 -11.65 29.43 -12.57
N LYS D 27 -11.43 28.88 -13.76
CA LYS D 27 -11.63 29.59 -14.99
C LYS D 27 -13.07 30.10 -15.12
N TYR D 28 -14.05 29.29 -14.72
CA TYR D 28 -15.48 29.69 -14.80
C TYR D 28 -16.13 30.10 -13.49
N GLU D 29 -15.33 30.35 -12.46
CA GLU D 29 -15.81 30.78 -11.15
C GLU D 29 -16.89 29.89 -10.51
N VAL D 30 -16.76 28.58 -10.66
CA VAL D 30 -17.70 27.63 -10.08
C VAL D 30 -17.27 27.48 -8.62
N PRO D 31 -18.19 27.73 -7.67
CA PRO D 31 -17.91 27.64 -6.23
C PRO D 31 -17.93 26.21 -5.68
N VAL D 32 -16.88 25.46 -6.01
CA VAL D 32 -16.75 24.08 -5.57
C VAL D 32 -15.38 23.76 -5.01
N ILE D 33 -15.35 22.75 -4.14
CA ILE D 33 -14.13 22.22 -3.55
C ILE D 33 -14.09 20.77 -4.09
N ILE D 34 -12.98 20.40 -4.71
CA ILE D 34 -12.79 19.07 -5.32
C ILE D 34 -11.61 18.31 -4.66
N GLU D 35 -11.86 17.09 -4.18
CA GLU D 35 -10.83 16.27 -3.52
C GLU D 35 -10.93 14.82 -4.00
N ALA D 36 -9.78 14.14 -4.09
CA ALA D 36 -9.71 12.73 -4.50
C ALA D 36 -9.34 11.92 -3.25
N PHE D 37 -9.93 10.74 -3.09
CA PHE D 37 -9.64 9.87 -1.95
C PHE D 37 -9.66 8.44 -2.43
N PRO D 38 -9.08 7.53 -1.64
CA PRO D 38 -9.07 6.11 -2.02
C PRO D 38 -10.49 5.61 -1.70
N GLU D 39 -10.91 4.54 -2.35
CA GLU D 39 -12.24 3.96 -2.13
C GLU D 39 -12.51 3.54 -0.69
N THR D 40 -11.46 3.29 0.09
CA THR D 40 -11.63 2.88 1.48
C THR D 40 -12.26 3.95 2.37
N LEU D 41 -12.19 5.21 1.94
CA LEU D 41 -12.77 6.32 2.70
C LEU D 41 -14.15 6.77 2.20
N ALA D 42 -14.74 6.07 1.21
CA ALA D 42 -16.05 6.45 0.63
C ALA D 42 -17.14 6.64 1.68
N GLY D 43 -17.12 5.80 2.71
CA GLY D 43 -18.13 5.91 3.75
C GLY D 43 -17.81 6.98 4.77
N GLU D 44 -16.53 7.16 5.08
CA GLU D 44 -16.15 8.15 6.07
C GLU D 44 -16.16 9.59 5.49
N LYS D 45 -15.52 9.77 4.34
CA LYS D 45 -15.46 11.08 3.70
C LYS D 45 -16.73 11.45 2.92
N GLY D 46 -17.38 10.46 2.32
CA GLY D 46 -18.60 10.70 1.55
C GLY D 46 -19.69 11.43 2.29
N GLN D 47 -19.77 11.23 3.60
CA GLN D 47 -20.79 11.89 4.43
C GLN D 47 -20.74 13.42 4.34
N ASN D 48 -19.59 13.97 3.95
CA ASN D 48 -19.43 15.41 3.87
C ASN D 48 -19.45 15.95 2.45
N ALA D 49 -19.66 15.08 1.48
CA ALA D 49 -19.67 15.54 0.10
C ALA D 49 -21.06 15.97 -0.30
N ASP D 50 -21.11 16.82 -1.31
CA ASP D 50 -22.38 17.25 -1.83
C ASP D 50 -22.73 16.32 -2.99
N VAL D 51 -21.69 15.73 -3.60
CA VAL D 51 -21.88 14.75 -4.67
C VAL D 51 -20.68 13.78 -4.61
N VAL D 52 -20.98 12.49 -4.70
CA VAL D 52 -19.97 11.44 -4.66
C VAL D 52 -19.78 10.85 -6.06
N LEU D 53 -18.55 10.92 -6.57
CA LEU D 53 -18.24 10.38 -7.88
C LEU D 53 -17.30 9.18 -7.73
N LEU D 54 -17.60 8.08 -8.42
CA LEU D 54 -16.75 6.88 -8.36
C LEU D 54 -15.96 6.73 -9.63
N GLY D 55 -14.69 6.35 -9.51
CA GLY D 55 -13.84 6.18 -10.68
C GLY D 55 -14.39 5.02 -11.49
N PRO D 56 -14.13 4.94 -12.76
CA PRO D 56 -14.66 3.84 -13.62
C PRO D 56 -14.23 2.43 -13.18
N GLN D 57 -13.07 2.31 -12.54
CA GLN D 57 -12.57 1.02 -12.08
C GLN D 57 -13.39 0.49 -10.90
N ILE D 58 -14.04 1.38 -10.15
CA ILE D 58 -14.82 0.94 -9.01
C ILE D 58 -16.34 1.02 -9.23
N ALA D 59 -16.75 0.99 -10.49
CA ALA D 59 -18.17 1.04 -10.83
C ALA D 59 -18.94 -0.11 -10.19
N TYR D 60 -18.34 -1.30 -10.13
CA TYR D 60 -19.04 -2.44 -9.55
C TYR D 60 -19.46 -2.21 -8.09
N MET D 61 -18.84 -1.23 -7.44
CA MET D 61 -19.15 -0.89 -6.05
C MET D 61 -20.33 0.08 -5.87
N LEU D 62 -20.89 0.58 -6.97
CA LEU D 62 -21.99 1.54 -6.90
C LEU D 62 -23.13 1.19 -5.93
N PRO D 63 -23.73 -0.02 -6.05
CA PRO D 63 -24.82 -0.37 -5.12
C PRO D 63 -24.43 -0.30 -3.65
N GLU D 64 -23.22 -0.72 -3.30
CA GLU D 64 -22.77 -0.68 -1.91
C GLU D 64 -22.60 0.74 -1.42
N ILE D 65 -22.02 1.59 -2.25
CA ILE D 65 -21.83 2.99 -1.85
C ILE D 65 -23.16 3.74 -1.71
N GLN D 66 -24.12 3.42 -2.59
CA GLN D 66 -25.46 4.00 -2.52
C GLN D 66 -26.13 3.64 -1.18
N ARG D 67 -26.00 2.39 -0.73
CA ARG D 67 -26.60 1.98 0.55
C ARG D 67 -25.89 2.63 1.74
N LEU D 68 -24.60 2.88 1.59
CA LEU D 68 -23.77 3.49 2.64
C LEU D 68 -24.11 4.97 2.82
N LEU D 69 -24.39 5.65 1.70
CA LEU D 69 -24.73 7.09 1.68
C LEU D 69 -26.11 7.27 1.01
N PRO D 70 -27.20 6.87 1.69
CA PRO D 70 -28.55 6.99 1.13
C PRO D 70 -29.03 8.44 0.93
N ASN D 71 -28.35 9.38 1.56
CA ASN D 71 -28.75 10.79 1.44
C ASN D 71 -27.82 11.63 0.57
N LYS D 72 -27.08 10.99 -0.33
CA LYS D 72 -26.14 11.69 -1.21
C LYS D 72 -26.26 11.20 -2.63
N PRO D 73 -26.13 12.10 -3.63
CA PRO D 73 -26.21 11.62 -5.02
C PRO D 73 -24.85 10.97 -5.27
N VAL D 74 -24.87 9.73 -5.75
CA VAL D 74 -23.64 8.96 -6.02
C VAL D 74 -23.64 8.48 -7.46
N GLU D 75 -22.58 8.72 -8.19
CA GLU D 75 -22.53 8.22 -9.55
C GLU D 75 -21.13 7.95 -10.07
N VAL D 76 -21.06 7.12 -11.10
CA VAL D 76 -19.80 6.72 -11.71
C VAL D 76 -19.40 7.72 -12.78
N ILE D 77 -18.11 8.03 -12.84
CA ILE D 77 -17.58 8.96 -13.83
C ILE D 77 -17.54 8.27 -15.17
N ASP D 78 -17.96 8.97 -16.21
CA ASP D 78 -17.94 8.40 -17.55
C ASP D 78 -16.51 7.95 -17.89
N SER D 79 -16.33 6.69 -18.28
CA SER D 79 -14.99 6.17 -18.58
C SER D 79 -14.18 6.90 -19.65
N LEU D 80 -14.87 7.44 -20.65
CA LEU D 80 -14.19 8.17 -21.73
C LEU D 80 -13.73 9.53 -21.23
N LEU D 81 -14.58 10.18 -20.45
CA LEU D 81 -14.26 11.49 -19.90
C LEU D 81 -13.10 11.33 -18.94
N TYR D 82 -13.10 10.21 -18.22
CA TYR D 82 -12.04 9.90 -17.25
C TYR D 82 -10.71 9.58 -17.95
N GLY D 83 -10.75 8.68 -18.92
CA GLY D 83 -9.54 8.32 -19.64
C GLY D 83 -8.87 9.50 -20.31
N LYS D 84 -9.68 10.37 -20.87
CA LYS D 84 -9.22 11.56 -21.59
C LYS D 84 -8.79 12.70 -20.65
N VAL D 85 -9.07 12.52 -19.35
CA VAL D 85 -8.77 13.52 -18.31
C VAL D 85 -9.47 14.86 -18.61
N ASP D 86 -10.76 14.77 -18.94
CA ASP D 86 -11.57 15.95 -19.28
C ASP D 86 -12.09 16.63 -18.03
N GLY D 87 -11.29 17.56 -17.51
CA GLY D 87 -11.64 18.31 -16.31
C GLY D 87 -12.94 19.07 -16.45
N LEU D 88 -13.16 19.73 -17.60
CA LEU D 88 -14.39 20.49 -17.80
C LEU D 88 -15.63 19.58 -17.87
N GLY D 89 -15.50 18.50 -18.64
CA GLY D 89 -16.59 17.56 -18.81
C GLY D 89 -17.07 16.91 -17.53
N VAL D 90 -16.12 16.49 -16.69
CA VAL D 90 -16.48 15.84 -15.42
C VAL D 90 -17.04 16.88 -14.45
N LEU D 91 -16.47 18.08 -14.49
CA LEU D 91 -16.97 19.15 -13.63
C LEU D 91 -18.46 19.39 -14.00
N LYS D 92 -18.76 19.42 -15.30
CA LYS D 92 -20.15 19.61 -15.75
C LYS D 92 -21.09 18.52 -15.24
N ALA D 93 -20.64 17.27 -15.30
CA ALA D 93 -21.47 16.14 -14.85
C ALA D 93 -21.76 16.21 -13.35
N ALA D 94 -20.78 16.72 -12.60
CA ALA D 94 -20.90 16.82 -11.15
C ALA D 94 -21.90 17.90 -10.75
N VAL D 95 -21.80 19.06 -11.40
CA VAL D 95 -22.72 20.17 -11.13
C VAL D 95 -24.13 19.69 -11.49
N ALA D 96 -24.25 18.98 -12.61
CA ALA D 96 -25.54 18.45 -13.04
C ALA D 96 -26.13 17.51 -11.99
N ALA D 97 -25.33 16.57 -11.49
CA ALA D 97 -25.85 15.64 -10.49
C ALA D 97 -26.36 16.40 -9.26
N ILE D 98 -25.70 17.51 -8.93
CA ILE D 98 -26.12 18.32 -7.78
C ILE D 98 -27.46 19.01 -8.03
N LYS D 99 -27.63 19.58 -9.24
CA LYS D 99 -28.87 20.26 -9.62
C LYS D 99 -30.01 19.26 -9.71
N LYS D 100 -29.80 18.19 -10.45
CA LYS D 100 -30.83 17.18 -10.59
C LYS D 100 -31.20 16.60 -9.22
N ALA D 101 -30.34 16.79 -8.23
CA ALA D 101 -30.58 16.28 -6.88
C ALA D 101 -31.37 17.24 -6.00
N ALA D 102 -31.14 18.54 -6.18
CA ALA D 102 -31.83 19.57 -5.43
C ALA D 102 -33.22 19.88 -6.02
N ALA D 103 -33.60 19.13 -7.06
CA ALA D 103 -34.88 19.29 -7.72
C ALA D 103 -35.05 18.26 -8.85
P PO3 E . -4.77 5.41 -7.20
O1 PO3 E . -4.76 5.95 -8.62
O2 PO3 E . -4.13 6.21 -6.08
O3 PO3 E . -5.24 4.00 -6.92
N ALA A 1 0.74 7.29 -18.60
CA ALA A 1 0.24 7.59 -19.96
C ALA A 1 -1.09 6.86 -20.17
N GLU A 2 -1.77 7.18 -21.26
CA GLU A 2 -3.08 6.58 -21.60
C GLU A 2 -3.28 5.20 -20.95
N GLU A 3 -2.80 4.17 -21.63
CA GLU A 3 -2.95 2.80 -21.13
C GLU A 3 -2.16 2.60 -19.84
N LEU A 4 -0.84 2.78 -19.91
CA LEU A 4 0.01 2.60 -18.74
C LEU A 4 -0.63 3.20 -17.48
N GLU A 5 -1.21 4.38 -17.61
CA GLU A 5 -1.84 5.05 -16.47
C GLU A 5 -3.12 4.34 -16.08
N GLU A 6 -3.94 4.01 -17.07
CA GLU A 6 -5.19 3.30 -16.82
C GLU A 6 -4.88 1.88 -16.34
N VAL A 7 -3.80 1.31 -16.88
CA VAL A 7 -3.37 -0.03 -16.50
C VAL A 7 -2.93 -0.05 -15.03
N VAL A 8 -2.20 0.99 -14.63
CA VAL A 8 -1.73 1.10 -13.25
C VAL A 8 -2.95 1.16 -12.33
N MET A 9 -3.95 1.96 -12.70
CA MET A 9 -5.17 2.06 -11.90
C MET A 9 -5.77 0.67 -11.73
N GLY A 10 -5.81 -0.09 -12.82
CA GLY A 10 -6.34 -1.45 -12.77
C GLY A 10 -5.49 -2.31 -11.83
N LEU A 11 -4.17 -2.17 -11.95
CA LEU A 11 -3.26 -2.93 -11.10
C LEU A 11 -3.45 -2.56 -9.64
N ILE A 12 -3.57 -1.27 -9.37
CA ILE A 12 -3.76 -0.80 -8.00
C ILE A 12 -5.06 -1.36 -7.46
N ILE A 13 -6.11 -1.29 -8.26
CA ILE A 13 -7.40 -1.82 -7.85
C ILE A 13 -7.30 -3.33 -7.65
N ASN A 14 -6.65 -4.01 -8.60
CA ASN A 14 -6.47 -5.45 -8.53
C ASN A 14 -5.71 -5.82 -7.26
N SER A 15 -4.61 -5.11 -7.03
CA SER A 15 -3.81 -5.35 -5.83
C SER A 15 -4.65 -5.14 -4.57
N GLY A 16 -5.44 -4.06 -4.60
CA GLY A 16 -6.32 -3.75 -3.47
C GLY A 16 -7.35 -4.86 -3.26
N GLN A 17 -7.95 -5.32 -4.36
CA GLN A 17 -8.94 -6.40 -4.27
C GLN A 17 -8.27 -7.65 -3.72
N ALA A 18 -7.05 -7.92 -4.18
CA ALA A 18 -6.31 -9.09 -3.72
C ALA A 18 -6.15 -9.04 -2.21
N ARG A 19 -5.70 -7.91 -1.69
CA ARG A 19 -5.55 -7.77 -0.25
C ARG A 19 -6.90 -7.95 0.43
N SER A 20 -7.91 -7.28 -0.11
CA SER A 20 -9.25 -7.36 0.44
C SER A 20 -9.68 -8.83 0.57
N LEU A 21 -9.47 -9.59 -0.49
CA LEU A 21 -9.81 -11.01 -0.48
C LEU A 21 -8.97 -11.74 0.58
N ALA A 22 -7.69 -11.40 0.63
CA ALA A 22 -6.79 -12.03 1.60
C ALA A 22 -7.30 -11.80 3.03
N TYR A 23 -7.59 -10.55 3.38
CA TYR A 23 -8.10 -10.25 4.72
C TYR A 23 -9.41 -11.00 4.93
N ALA A 24 -10.25 -11.03 3.90
CA ALA A 24 -11.51 -11.73 3.99
C ALA A 24 -11.24 -13.22 4.25
N ALA A 25 -10.23 -13.75 3.56
CA ALA A 25 -9.84 -15.14 3.75
C ALA A 25 -9.48 -15.38 5.21
N LEU A 26 -8.72 -14.46 5.78
CA LEU A 26 -8.32 -14.57 7.18
C LEU A 26 -9.56 -14.55 8.07
N LYS A 27 -10.48 -13.64 7.77
CA LYS A 27 -11.71 -13.53 8.54
C LYS A 27 -12.45 -14.87 8.56
N GLN A 28 -12.48 -15.54 7.41
CA GLN A 28 -13.15 -16.84 7.31
C GLN A 28 -12.48 -17.81 8.28
N ALA A 29 -11.15 -17.75 8.35
CA ALA A 29 -10.39 -18.62 9.24
C ALA A 29 -10.80 -18.38 10.69
N LYS A 30 -10.95 -17.12 11.05
CA LYS A 30 -11.36 -16.77 12.41
C LYS A 30 -12.72 -17.37 12.73
N GLN A 31 -13.58 -17.50 11.72
CA GLN A 31 -14.89 -18.08 11.93
C GLN A 31 -14.80 -19.60 11.96
N GLY A 32 -13.60 -20.12 11.77
CA GLY A 32 -13.37 -21.56 11.81
C GLY A 32 -13.71 -22.21 10.47
N ASP A 33 -13.83 -21.40 9.43
CA ASP A 33 -14.15 -21.90 8.09
C ASP A 33 -12.88 -22.06 7.26
N PHE A 34 -12.18 -23.18 7.47
CA PHE A 34 -10.93 -23.42 6.73
C PHE A 34 -11.18 -23.60 5.24
N ALA A 35 -12.31 -24.21 4.89
CA ALA A 35 -12.63 -24.46 3.49
C ALA A 35 -12.77 -23.14 2.72
N ALA A 36 -13.56 -22.23 3.26
CA ALA A 36 -13.76 -20.95 2.60
C ALA A 36 -12.46 -20.14 2.60
N ALA A 37 -11.70 -20.23 3.68
CA ALA A 37 -10.43 -19.52 3.75
C ALA A 37 -9.52 -19.99 2.60
N LYS A 38 -9.36 -21.30 2.49
CA LYS A 38 -8.53 -21.90 1.45
C LYS A 38 -8.96 -21.42 0.06
N ALA A 39 -10.26 -21.45 -0.21
CA ALA A 39 -10.77 -21.03 -1.51
C ALA A 39 -10.47 -19.57 -1.79
N MET A 40 -10.61 -18.74 -0.76
CA MET A 40 -10.36 -17.30 -0.90
C MET A 40 -8.88 -17.03 -1.18
N MET A 41 -7.98 -17.76 -0.50
CA MET A 41 -6.55 -17.56 -0.72
C MET A 41 -6.19 -17.92 -2.15
N ASP A 42 -6.77 -19.01 -2.65
CA ASP A 42 -6.47 -19.48 -3.99
C ASP A 42 -6.83 -18.42 -5.02
N GLN A 43 -8.03 -17.87 -4.88
CA GLN A 43 -8.48 -16.82 -5.80
C GLN A 43 -7.61 -15.59 -5.67
N SER A 44 -7.25 -15.24 -4.44
CA SER A 44 -6.40 -14.08 -4.20
C SER A 44 -5.06 -14.28 -4.91
N ARG A 45 -4.49 -15.47 -4.78
CA ARG A 45 -3.22 -15.82 -5.43
C ARG A 45 -3.32 -15.66 -6.95
N MET A 46 -4.40 -16.18 -7.51
CA MET A 46 -4.63 -16.11 -8.95
C MET A 46 -4.72 -14.65 -9.40
N ALA A 47 -5.41 -13.83 -8.62
CA ALA A 47 -5.56 -12.41 -8.94
C ALA A 47 -4.19 -11.74 -9.00
N LEU A 48 -3.35 -12.05 -8.02
CA LEU A 48 -2.00 -11.49 -7.95
C LEU A 48 -1.15 -11.98 -9.12
N ASN A 49 -1.29 -13.26 -9.41
CA ASN A 49 -0.51 -13.87 -10.48
C ASN A 49 -0.77 -13.15 -11.80
N GLU A 50 -2.04 -12.89 -12.07
CA GLU A 50 -2.41 -12.17 -13.29
C GLU A 50 -1.86 -10.75 -13.23
N ALA A 51 -1.97 -10.13 -12.05
CA ALA A 51 -1.47 -8.77 -11.87
C ALA A 51 0.06 -8.75 -12.05
N HIS A 52 0.73 -9.71 -11.44
CA HIS A 52 2.19 -9.81 -11.54
C HIS A 52 2.61 -10.01 -13.00
N LEU A 53 1.86 -10.83 -13.72
CA LEU A 53 2.16 -11.11 -15.12
C LEU A 53 2.11 -9.82 -15.93
N VAL A 54 1.08 -9.02 -15.68
CA VAL A 54 0.94 -7.75 -16.38
C VAL A 54 2.11 -6.84 -16.04
N GLN A 55 2.46 -6.79 -14.76
CA GLN A 55 3.59 -5.96 -14.34
C GLN A 55 4.88 -6.45 -15.01
N THR A 56 5.08 -7.76 -15.08
CA THR A 56 6.28 -8.32 -15.72
C THR A 56 6.46 -7.71 -17.11
N LYS A 57 5.37 -7.66 -17.88
CA LYS A 57 5.43 -7.06 -19.22
C LYS A 57 5.76 -5.59 -19.10
N LEU A 58 5.18 -4.94 -18.10
CA LEU A 58 5.43 -3.52 -17.90
C LEU A 58 6.87 -3.24 -17.48
N ILE A 59 7.58 -4.25 -16.98
CA ILE A 59 8.99 -4.06 -16.60
C ILE A 59 9.93 -4.47 -17.76
N GLU A 60 9.55 -5.49 -18.53
CA GLU A 60 10.37 -5.95 -19.66
C GLU A 60 10.46 -4.88 -20.74
N GLY A 61 9.34 -4.20 -21.01
CA GLY A 61 9.31 -3.17 -22.03
C GLY A 61 9.20 -1.78 -21.42
N ASP A 62 9.80 -1.60 -20.24
CA ASP A 62 9.75 -0.32 -19.54
C ASP A 62 10.49 0.78 -20.32
N ALA A 63 11.17 0.39 -21.40
CA ALA A 63 11.90 1.36 -22.21
C ALA A 63 10.97 2.06 -23.19
N GLY A 64 11.49 3.07 -23.89
CA GLY A 64 10.68 3.81 -24.86
C GLY A 64 10.81 5.32 -24.66
N GLU A 65 10.45 5.80 -23.47
CA GLU A 65 10.53 7.23 -23.19
C GLU A 65 11.97 7.72 -23.18
N GLY A 66 12.86 6.90 -22.64
CA GLY A 66 14.28 7.27 -22.58
C GLY A 66 15.15 6.04 -22.36
N LYS A 67 16.47 6.25 -22.44
CA LYS A 67 17.41 5.15 -22.27
C LYS A 67 17.39 4.63 -20.82
N MET A 68 18.11 5.32 -19.94
CA MET A 68 18.20 4.93 -18.54
C MET A 68 16.88 5.05 -17.79
N LYS A 69 16.13 6.12 -18.08
CA LYS A 69 14.87 6.35 -17.37
C LYS A 69 13.76 5.39 -17.80
N VAL A 70 12.84 5.14 -16.87
CA VAL A 70 11.71 4.23 -17.10
C VAL A 70 10.41 4.88 -16.65
N SER A 71 9.28 4.23 -16.95
CA SER A 71 7.98 4.77 -16.55
C SER A 71 7.94 4.91 -15.03
N LEU A 72 7.54 6.10 -14.57
CA LEU A 72 7.48 6.40 -13.14
C LEU A 72 6.43 5.55 -12.41
N VAL A 73 5.30 5.39 -13.07
CA VAL A 73 4.18 4.62 -12.52
C VAL A 73 4.55 3.16 -12.22
N LEU A 74 5.61 2.69 -12.85
CA LEU A 74 6.02 1.31 -12.64
C LEU A 74 6.18 1.00 -11.16
N VAL A 75 6.59 2.02 -10.43
CA VAL A 75 6.82 1.86 -8.99
C VAL A 75 5.47 1.79 -8.28
N HIS A 76 4.24 2.81 -8.67
CA HIS A 76 2.88 2.81 -8.08
C HIS A 76 2.29 1.41 -8.15
N ALA A 77 2.63 0.70 -9.24
CA ALA A 77 2.15 -0.66 -9.44
C ALA A 77 3.00 -1.65 -8.64
N GLN A 78 4.33 -1.50 -8.71
CA GLN A 78 5.22 -2.42 -8.02
C GLN A 78 5.00 -2.32 -6.51
N LEU A 79 4.96 -1.09 -6.01
CA LEU A 79 4.72 -0.86 -4.59
C LEU A 79 3.44 -1.54 -4.13
N HIS A 80 2.35 -1.32 -4.85
CA HIS A 80 1.08 -1.91 -4.47
C HIS A 80 1.12 -3.44 -4.62
N LEU A 81 1.65 -3.90 -5.74
CA LEU A 81 1.74 -5.34 -5.99
C LEU A 81 2.64 -6.04 -4.98
N MET A 82 3.80 -5.45 -4.70
CA MET A 82 4.74 -6.05 -3.75
C MET A 82 4.11 -6.14 -2.37
N THR A 83 3.46 -5.05 -1.96
CA THR A 83 2.81 -5.00 -0.65
C THR A 83 1.69 -6.04 -0.56
N SER A 84 0.84 -6.07 -1.58
CA SER A 84 -0.29 -7.01 -1.61
C SER A 84 0.20 -8.46 -1.60
N MET A 85 1.16 -8.78 -2.45
CA MET A 85 1.69 -10.14 -2.51
C MET A 85 2.26 -10.57 -1.18
N LEU A 86 3.07 -9.70 -0.59
CA LEU A 86 3.68 -10.00 0.70
C LEU A 86 2.61 -10.19 1.78
N ALA A 87 1.64 -9.28 1.79
CA ALA A 87 0.56 -9.36 2.76
C ALA A 87 -0.15 -10.70 2.67
N ARG A 88 -0.49 -11.10 1.47
CA ARG A 88 -1.18 -12.37 1.27
C ARG A 88 -0.35 -13.55 1.78
N GLU A 89 0.93 -13.57 1.45
CA GLU A 89 1.77 -14.67 1.88
C GLU A 89 1.79 -14.78 3.39
N LEU A 90 1.95 -13.65 4.06
CA LEU A 90 1.96 -13.64 5.51
C LEU A 90 0.58 -14.03 6.05
N ILE A 91 -0.46 -13.51 5.42
CA ILE A 91 -1.82 -13.85 5.84
C ILE A 91 -2.03 -15.35 5.69
N THR A 92 -1.50 -15.92 4.61
CA THR A 92 -1.60 -17.37 4.40
C THR A 92 -0.98 -18.10 5.59
N GLU A 93 0.20 -17.64 6.01
CA GLU A 93 0.88 -18.23 7.16
C GLU A 93 0.02 -18.08 8.40
N LEU A 94 -0.57 -16.89 8.56
CA LEU A 94 -1.43 -16.62 9.72
C LEU A 94 -2.62 -17.59 9.71
N ILE A 95 -3.20 -17.80 8.55
CA ILE A 95 -4.34 -18.73 8.44
C ILE A 95 -3.90 -20.14 8.83
N GLU A 96 -2.72 -20.56 8.36
CA GLU A 96 -2.22 -21.88 8.71
C GLU A 96 -2.08 -22.00 10.22
N LEU A 97 -1.64 -20.91 10.87
CA LEU A 97 -1.51 -20.92 12.32
C LEU A 97 -2.88 -21.12 12.98
N HIS A 98 -3.89 -20.46 12.44
CA HIS A 98 -5.25 -20.62 12.98
C HIS A 98 -5.63 -22.08 12.92
N GLU A 99 -5.25 -22.75 11.84
CA GLU A 99 -5.55 -24.17 11.68
C GLU A 99 -4.81 -24.98 12.74
N LYS A 100 -3.56 -24.62 13.01
CA LYS A 100 -2.79 -25.32 14.02
C LYS A 100 -3.39 -25.06 15.41
N LEU A 101 -3.92 -23.84 15.61
CA LEU A 101 -4.56 -23.49 16.88
C LEU A 101 -5.80 -24.37 17.09
N LYS A 102 -6.02 -25.30 16.15
CA LYS A 102 -7.18 -26.20 16.21
C LYS A 102 -8.43 -25.52 15.71
N ALA A 103 -8.82 -24.42 16.39
CA ALA A 103 -10.03 -23.67 16.04
C ALA A 103 -10.30 -23.65 14.53
N ALA B 1 22.66 3.11 -13.51
CA ALA B 1 23.97 3.34 -14.19
C ALA B 1 24.86 2.13 -13.94
N GLU B 2 26.00 2.08 -14.64
CA GLU B 2 26.95 0.97 -14.53
C GLU B 2 26.86 0.24 -13.18
N GLU B 3 27.57 0.74 -12.19
CA GLU B 3 27.58 0.13 -10.87
C GLU B 3 26.22 0.21 -10.20
N LEU B 4 25.72 1.44 -10.02
CA LEU B 4 24.42 1.61 -9.38
C LEU B 4 23.38 0.61 -9.91
N GLU B 5 23.37 0.41 -11.22
CA GLU B 5 22.42 -0.52 -11.83
C GLU B 5 22.76 -1.95 -11.47
N GLU B 6 24.03 -2.30 -11.57
CA GLU B 6 24.50 -3.63 -11.23
C GLU B 6 24.38 -3.85 -9.73
N VAL B 7 24.60 -2.79 -8.97
CA VAL B 7 24.51 -2.85 -7.52
C VAL B 7 23.05 -3.11 -7.10
N VAL B 8 22.12 -2.44 -7.77
CA VAL B 8 20.69 -2.63 -7.49
C VAL B 8 20.33 -4.08 -7.74
N MET B 9 20.80 -4.63 -8.86
CA MET B 9 20.52 -6.03 -9.18
C MET B 9 21.01 -6.91 -8.03
N GLY B 10 22.21 -6.62 -7.53
CA GLY B 10 22.75 -7.37 -6.41
C GLY B 10 21.86 -7.21 -5.19
N LEU B 11 21.44 -5.98 -4.93
CA LEU B 11 20.56 -5.70 -3.79
C LEU B 11 19.24 -6.44 -3.93
N ILE B 12 18.67 -6.41 -5.13
CA ILE B 12 17.40 -7.09 -5.38
C ILE B 12 17.57 -8.58 -5.14
N ILE B 13 18.66 -9.12 -5.68
CA ILE B 13 18.94 -10.54 -5.50
C ILE B 13 19.17 -10.83 -4.02
N ASN B 14 19.95 -9.98 -3.36
CA ASN B 14 20.24 -10.16 -1.94
C ASN B 14 18.94 -10.10 -1.13
N SER B 15 18.11 -9.11 -1.42
CA SER B 15 16.83 -8.99 -0.74
C SER B 15 15.98 -10.23 -0.97
N GLY B 16 15.99 -10.71 -2.22
CA GLY B 16 15.23 -11.91 -2.57
C GLY B 16 15.76 -13.12 -1.81
N GLN B 17 17.08 -13.25 -1.75
CA GLN B 17 17.68 -14.37 -1.03
C GLN B 17 17.31 -14.28 0.45
N ALA B 18 17.35 -13.06 0.98
CA ALA B 18 17.00 -12.84 2.37
C ALA B 18 15.60 -13.36 2.66
N ARG B 19 14.64 -12.97 1.84
CA ARG B 19 13.27 -13.44 2.02
C ARG B 19 13.24 -14.96 1.90
N SER B 20 13.90 -15.47 0.86
CA SER B 20 13.94 -16.91 0.64
C SER B 20 14.41 -17.63 1.89
N LEU B 21 15.50 -17.13 2.48
CA LEU B 21 16.04 -17.73 3.71
C LEU B 21 15.01 -17.60 4.83
N ALA B 22 14.37 -16.44 4.93
CA ALA B 22 13.37 -16.20 5.97
C ALA B 22 12.24 -17.23 5.85
N TYR B 23 11.67 -17.38 4.65
CA TYR B 23 10.60 -18.36 4.46
C TYR B 23 11.12 -19.75 4.79
N ALA B 24 12.36 -20.04 4.38
CA ALA B 24 12.95 -21.33 4.67
C ALA B 24 13.06 -21.49 6.19
N ALA B 25 13.43 -20.41 6.87
CA ALA B 25 13.53 -20.43 8.33
C ALA B 25 12.18 -20.80 8.92
N LEU B 26 11.12 -20.21 8.39
CA LEU B 26 9.78 -20.50 8.86
C LEU B 26 9.45 -21.97 8.62
N LYS B 27 9.80 -22.46 7.44
CA LYS B 27 9.55 -23.86 7.11
C LYS B 27 10.21 -24.78 8.14
N GLN B 28 11.43 -24.43 8.54
CA GLN B 28 12.13 -25.23 9.56
C GLN B 28 11.31 -25.26 10.84
N ALA B 29 10.74 -24.11 11.19
CA ALA B 29 9.91 -24.02 12.40
C ALA B 29 8.73 -24.97 12.31
N LYS B 30 8.09 -25.01 11.14
CA LYS B 30 6.95 -25.90 10.94
C LYS B 30 7.36 -27.35 11.16
N GLN B 31 8.62 -27.67 10.83
CA GLN B 31 9.10 -29.04 11.01
C GLN B 31 9.46 -29.28 12.48
N GLY B 32 9.32 -28.24 13.29
CA GLY B 32 9.63 -28.35 14.72
C GLY B 32 11.13 -28.18 14.99
N ASP B 33 11.86 -27.66 14.00
CA ASP B 33 13.29 -27.46 14.14
C ASP B 33 13.60 -26.02 14.53
N PHE B 34 13.47 -25.71 15.81
CA PHE B 34 13.73 -24.34 16.29
C PHE B 34 15.18 -23.94 16.10
N ALA B 35 16.09 -24.90 16.27
CA ALA B 35 17.52 -24.60 16.15
C ALA B 35 17.86 -24.12 14.74
N ALA B 36 17.43 -24.87 13.74
CA ALA B 36 17.71 -24.50 12.36
C ALA B 36 16.98 -23.20 12.01
N ALA B 37 15.77 -23.03 12.51
CA ALA B 37 15.03 -21.80 12.24
C ALA B 37 15.82 -20.61 12.74
N LYS B 38 16.23 -20.68 14.02
CA LYS B 38 17.01 -19.60 14.63
C LYS B 38 18.27 -19.27 13.81
N ALA B 39 18.99 -20.29 13.40
CA ALA B 39 20.21 -20.10 12.61
C ALA B 39 19.91 -19.41 11.28
N MET B 40 18.83 -19.82 10.64
CA MET B 40 18.44 -19.26 9.36
C MET B 40 18.05 -17.78 9.51
N MET B 41 17.32 -17.45 10.57
CA MET B 41 16.92 -16.06 10.78
C MET B 41 18.15 -15.17 10.97
N ASP B 42 19.12 -15.68 11.73
CA ASP B 42 20.33 -14.93 12.01
C ASP B 42 21.06 -14.57 10.73
N GLN B 43 21.21 -15.58 9.86
CA GLN B 43 21.88 -15.36 8.59
C GLN B 43 21.08 -14.40 7.72
N SER B 44 19.76 -14.54 7.73
CA SER B 44 18.91 -13.65 6.95
C SER B 44 19.13 -12.20 7.41
N ARG B 45 19.14 -12.00 8.73
CA ARG B 45 19.35 -10.68 9.30
C ARG B 45 20.69 -10.09 8.83
N MET B 46 21.74 -10.90 8.89
CA MET B 46 23.07 -10.45 8.49
C MET B 46 23.05 -10.04 7.02
N ALA B 47 22.37 -10.84 6.20
CA ALA B 47 22.27 -10.53 4.77
C ALA B 47 21.58 -9.19 4.56
N LEU B 48 20.50 -8.97 5.31
CA LEU B 48 19.75 -7.72 5.21
C LEU B 48 20.59 -6.55 5.72
N ASN B 49 21.30 -6.78 6.81
CA ASN B 49 22.13 -5.75 7.40
C ASN B 49 23.18 -5.26 6.40
N GLU B 50 23.83 -6.19 5.73
CA GLU B 50 24.82 -5.83 4.72
C GLU B 50 24.17 -5.10 3.57
N ALA B 51 23.00 -5.58 3.17
CA ALA B 51 22.25 -4.96 2.08
C ALA B 51 21.83 -3.54 2.48
N HIS B 52 21.32 -3.41 3.70
CA HIS B 52 20.88 -2.11 4.21
C HIS B 52 22.06 -1.13 4.27
N LEU B 53 23.22 -1.64 4.69
CA LEU B 53 24.42 -0.80 4.79
C LEU B 53 24.77 -0.23 3.41
N VAL B 54 24.71 -1.09 2.40
CA VAL B 54 25.03 -0.66 1.04
C VAL B 54 24.01 0.40 0.61
N GLN B 55 22.73 0.16 0.90
CA GLN B 55 21.70 1.13 0.53
C GLN B 55 21.96 2.45 1.25
N THR B 56 22.32 2.39 2.54
CA THR B 56 22.60 3.61 3.30
C THR B 56 23.57 4.50 2.53
N LYS B 57 24.65 3.90 2.04
CA LYS B 57 25.62 4.66 1.25
C LYS B 57 24.97 5.20 -0.01
N LEU B 58 24.12 4.39 -0.61
CA LEU B 58 23.44 4.78 -1.84
C LEU B 58 22.45 5.93 -1.59
N ILE B 59 22.02 6.12 -0.32
CA ILE B 59 21.11 7.23 -0.01
C ILE B 59 21.88 8.48 0.45
N GLU B 60 23.00 8.27 1.16
CA GLU B 60 23.81 9.39 1.64
C GLU B 60 24.42 10.17 0.46
N GLY B 61 24.86 9.43 -0.55
CA GLY B 61 25.49 10.05 -1.72
C GLY B 61 24.59 9.96 -2.95
N ASP B 62 23.28 10.02 -2.73
CA ASP B 62 22.32 9.93 -3.82
C ASP B 62 22.41 11.14 -4.77
N ALA B 63 23.21 12.12 -4.40
CA ALA B 63 23.36 13.32 -5.23
C ALA B 63 24.37 13.07 -6.34
N GLY B 64 24.50 14.03 -7.26
CA GLY B 64 25.44 13.90 -8.37
C GLY B 64 24.78 14.23 -9.71
N GLU B 65 23.73 13.48 -10.05
CA GLU B 65 23.03 13.70 -11.32
C GLU B 65 22.34 15.07 -11.33
N GLY B 66 21.76 15.45 -10.20
CA GLY B 66 21.07 16.73 -10.11
C GLY B 66 20.91 17.16 -8.66
N LYS B 67 20.42 18.38 -8.47
CA LYS B 67 20.23 18.92 -7.13
C LYS B 67 19.13 18.16 -6.38
N MET B 68 17.88 18.54 -6.66
CA MET B 68 16.72 17.93 -6.01
C MET B 68 16.52 16.47 -6.40
N LYS B 69 16.75 16.13 -7.66
CA LYS B 69 16.54 14.76 -8.14
C LYS B 69 17.62 13.80 -7.64
N VAL B 70 17.22 12.52 -7.52
CA VAL B 70 18.11 11.47 -7.05
C VAL B 70 18.02 10.24 -7.98
N SER B 71 18.89 9.26 -7.76
CA SER B 71 18.88 8.05 -8.59
C SER B 71 17.52 7.37 -8.49
N LEU B 72 16.93 7.04 -9.64
CA LEU B 72 15.60 6.45 -9.66
C LEU B 72 15.59 5.04 -9.04
N VAL B 73 16.65 4.30 -9.35
CA VAL B 73 16.80 2.93 -8.88
C VAL B 73 16.83 2.84 -7.34
N LEU B 74 17.12 3.96 -6.69
CA LEU B 74 17.18 3.96 -5.23
C LEU B 74 15.91 3.41 -4.62
N VAL B 75 14.79 3.75 -5.25
CA VAL B 75 13.49 3.29 -4.81
C VAL B 75 13.39 1.78 -5.03
N HIS B 76 13.87 1.23 -6.25
CA HIS B 76 13.80 -0.21 -6.54
C HIS B 76 14.50 -1.00 -5.42
N ALA B 77 15.66 -0.52 -5.03
CA ALA B 77 16.41 -1.18 -3.96
C ALA B 77 15.69 -1.01 -2.63
N GLN B 78 15.18 0.20 -2.38
CA GLN B 78 14.49 0.47 -1.13
C GLN B 78 13.22 -0.36 -1.03
N LEU B 79 12.44 -0.39 -2.12
CA LEU B 79 11.22 -1.18 -2.14
C LEU B 79 11.49 -2.65 -1.82
N HIS B 80 12.48 -3.23 -2.48
CA HIS B 80 12.80 -4.62 -2.24
C HIS B 80 13.36 -4.83 -0.84
N LEU B 81 14.27 -3.95 -0.44
CA LEU B 81 14.88 -4.06 0.89
C LEU B 81 13.85 -3.85 2.00
N MET B 82 13.00 -2.85 1.86
CA MET B 82 11.98 -2.57 2.87
C MET B 82 11.02 -3.75 3.01
N THR B 83 10.59 -4.28 1.87
CA THR B 83 9.67 -5.41 1.87
C THR B 83 10.32 -6.64 2.50
N SER B 84 11.55 -6.94 2.10
CA SER B 84 12.26 -8.09 2.64
C SER B 84 12.50 -7.97 4.14
N MET B 85 12.97 -6.81 4.58
CA MET B 85 13.24 -6.60 6.01
C MET B 85 11.96 -6.76 6.83
N LEU B 86 10.89 -6.14 6.36
CA LEU B 86 9.61 -6.21 7.06
C LEU B 86 9.11 -7.65 7.12
N ALA B 87 9.17 -8.33 5.98
CA ALA B 87 8.72 -9.71 5.90
C ALA B 87 9.49 -10.58 6.88
N ARG B 88 10.79 -10.44 6.86
CA ARG B 88 11.65 -11.22 7.75
C ARG B 88 11.28 -10.97 9.21
N GLU B 89 11.08 -9.70 9.59
CA GLU B 89 10.75 -9.38 10.97
C GLU B 89 9.43 -10.05 11.37
N LEU B 90 8.44 -9.96 10.50
CA LEU B 90 7.14 -10.56 10.78
C LEU B 90 7.28 -12.08 10.84
N ILE B 91 8.06 -12.63 9.92
CA ILE B 91 8.30 -14.07 9.91
C ILE B 91 8.95 -14.49 11.23
N THR B 92 9.86 -13.66 11.73
CA THR B 92 10.50 -13.96 13.02
C THR B 92 9.43 -14.07 14.09
N GLU B 93 8.49 -13.13 14.09
CA GLU B 93 7.40 -13.15 15.06
C GLU B 93 6.58 -14.43 14.88
N LEU B 94 6.30 -14.77 13.62
CA LEU B 94 5.54 -15.99 13.33
C LEU B 94 6.27 -17.21 13.87
N ILE B 95 7.59 -17.26 13.68
CA ILE B 95 8.36 -18.38 14.19
C ILE B 95 8.28 -18.46 15.71
N GLU B 96 8.36 -17.30 16.37
CA GLU B 96 8.25 -17.27 17.83
C GLU B 96 6.90 -17.85 18.25
N LEU B 97 5.86 -17.54 17.49
CA LEU B 97 4.52 -18.05 17.79
C LEU B 97 4.52 -19.58 17.69
N HIS B 98 5.19 -20.10 16.66
CA HIS B 98 5.27 -21.55 16.50
C HIS B 98 5.89 -22.17 17.75
N GLU B 99 6.90 -21.48 18.28
CA GLU B 99 7.55 -21.95 19.50
C GLU B 99 6.58 -21.94 20.66
N LYS B 100 5.77 -20.88 20.77
CA LYS B 100 4.79 -20.80 21.84
C LYS B 100 3.72 -21.88 21.65
N LEU B 101 3.39 -22.19 20.39
CA LEU B 101 2.42 -23.25 20.11
C LEU B 101 2.96 -24.60 20.58
N LYS B 102 4.13 -24.57 21.21
CA LYS B 102 4.77 -25.78 21.72
C LYS B 102 5.49 -26.51 20.59
N ALA B 103 4.71 -26.92 19.58
CA ALA B 103 5.25 -27.67 18.43
C ALA B 103 6.64 -27.19 18.04
N ALA C 1 11.12 19.25 -2.05
CA ALA C 1 11.16 20.74 -1.98
C ALA C 1 10.96 21.17 -0.54
N GLU C 2 11.18 22.45 -0.27
CA GLU C 2 11.04 23.02 1.08
C GLU C 2 10.10 22.22 1.98
N GLU C 3 8.81 22.51 1.89
CA GLU C 3 7.83 21.81 2.71
C GLU C 3 7.73 20.34 2.34
N LEU C 4 7.37 20.07 1.08
CA LEU C 4 7.24 18.68 0.63
C LEU C 4 8.38 17.80 1.16
N GLU C 5 9.60 18.32 1.11
CA GLU C 5 10.76 17.57 1.58
C GLU C 5 10.74 17.43 3.10
N GLU C 6 10.47 18.53 3.78
CA GLU C 6 10.41 18.52 5.24
C GLU C 6 9.19 17.70 5.68
N VAL C 7 8.12 17.78 4.89
CA VAL C 7 6.90 17.04 5.17
C VAL C 7 7.17 15.53 5.06
N VAL C 8 7.92 15.14 4.03
CA VAL C 8 8.27 13.74 3.83
C VAL C 8 9.06 13.24 5.04
N MET C 9 10.02 14.04 5.50
CA MET C 9 10.80 13.67 6.66
C MET C 9 9.87 13.40 7.84
N GLY C 10 8.88 14.29 8.01
CA GLY C 10 7.91 14.13 9.08
C GLY C 10 7.12 12.84 8.88
N LEU C 11 6.71 12.59 7.65
CA LEU C 11 5.94 11.37 7.33
C LEU C 11 6.79 10.14 7.59
N ILE C 12 8.05 10.18 7.18
CA ILE C 12 8.94 9.04 7.37
C ILE C 12 9.11 8.78 8.87
N ILE C 13 9.32 9.87 9.61
CA ILE C 13 9.47 9.76 11.06
C ILE C 13 8.16 9.23 11.66
N ASN C 14 7.05 9.81 11.22
CA ASN C 14 5.73 9.40 11.72
C ASN C 14 5.50 7.92 11.43
N SER C 15 5.79 7.51 10.19
CA SER C 15 5.63 6.11 9.81
C SER C 15 6.52 5.24 10.68
N GLY C 16 7.76 5.70 10.90
CA GLY C 16 8.70 4.95 11.73
C GLY C 16 8.18 4.84 13.16
N GLN C 17 7.67 5.95 13.70
CA GLN C 17 7.13 5.92 15.06
C GLN C 17 5.95 4.97 15.12
N ALA C 18 5.12 5.01 14.08
CA ALA C 18 3.96 4.14 14.02
C ALA C 18 4.38 2.67 14.15
N ARG C 19 5.36 2.27 13.33
CA ARG C 19 5.84 0.91 13.40
C ARG C 19 6.41 0.63 14.79
N SER C 20 7.21 1.57 15.28
CA SER C 20 7.81 1.41 16.60
C SER C 20 6.73 1.13 17.65
N LEU C 21 5.66 1.92 17.61
CA LEU C 21 4.56 1.74 18.54
C LEU C 21 3.92 0.37 18.33
N ALA C 22 3.73 0.00 17.06
CA ALA C 22 3.13 -1.29 16.73
C ALA C 22 3.96 -2.44 17.33
N TYR C 23 5.27 -2.43 17.07
CA TYR C 23 6.14 -3.47 17.64
C TYR C 23 6.05 -3.45 19.16
N ALA C 24 6.03 -2.24 19.72
CA ALA C 24 5.92 -2.11 21.17
C ALA C 24 4.59 -2.72 21.62
N ALA C 25 3.54 -2.47 20.85
CA ALA C 25 2.23 -3.03 21.16
C ALA C 25 2.31 -4.55 21.21
N LEU C 26 3.01 -5.12 20.24
CA LEU C 26 3.19 -6.57 20.18
C LEU C 26 3.95 -7.05 21.42
N LYS C 27 4.99 -6.31 21.77
CA LYS C 27 5.79 -6.66 22.94
C LYS C 27 4.90 -6.72 24.19
N GLN C 28 3.99 -5.77 24.31
CA GLN C 28 3.06 -5.75 25.44
C GLN C 28 2.26 -7.04 25.47
N ALA C 29 1.82 -7.47 24.27
CA ALA C 29 1.05 -8.70 24.16
C ALA C 29 1.85 -9.89 24.67
N LYS C 30 3.13 -9.94 24.30
CA LYS C 30 3.99 -11.02 24.76
C LYS C 30 4.07 -11.06 26.28
N GLN C 31 3.98 -9.88 26.90
CA GLN C 31 4.04 -9.80 28.36
C GLN C 31 2.67 -10.17 28.96
N GLY C 32 1.71 -10.44 28.08
CA GLY C 32 0.36 -10.83 28.53
C GLY C 32 -0.47 -9.60 28.89
N ASP C 33 -0.04 -8.43 28.44
CA ASP C 33 -0.76 -7.18 28.70
C ASP C 33 -1.63 -6.80 27.51
N PHE C 34 -2.80 -7.41 27.42
CA PHE C 34 -3.71 -7.14 26.31
C PHE C 34 -4.22 -5.70 26.34
N ALA C 35 -4.43 -5.17 27.54
CA ALA C 35 -4.94 -3.81 27.68
C ALA C 35 -3.97 -2.79 27.08
N ALA C 36 -2.71 -2.89 27.47
CA ALA C 36 -1.71 -1.96 26.96
C ALA C 36 -1.50 -2.17 25.47
N ALA C 37 -1.55 -3.42 25.02
CA ALA C 37 -1.38 -3.71 23.60
C ALA C 37 -2.48 -3.00 22.81
N LYS C 38 -3.72 -3.21 23.22
CA LYS C 38 -4.87 -2.59 22.57
C LYS C 38 -4.72 -1.07 22.49
N ALA C 39 -4.32 -0.45 23.61
CA ALA C 39 -4.16 1.00 23.65
C ALA C 39 -3.06 1.46 22.68
N MET C 40 -1.96 0.72 22.64
CA MET C 40 -0.85 1.06 21.77
C MET C 40 -1.25 0.92 20.30
N MET C 41 -2.03 -0.11 19.99
CA MET C 41 -2.48 -0.31 18.61
C MET C 41 -3.35 0.85 18.16
N ASP C 42 -4.25 1.28 19.04
CA ASP C 42 -5.17 2.36 18.72
C ASP C 42 -4.41 3.63 18.38
N GLN C 43 -3.42 3.97 19.21
CA GLN C 43 -2.61 5.16 18.97
C GLN C 43 -1.83 5.03 17.67
N SER C 44 -1.30 3.85 17.42
CA SER C 44 -0.55 3.60 16.19
C SER C 44 -1.44 3.87 14.98
N ARG C 45 -2.67 3.32 15.03
CA ARG C 45 -3.64 3.50 13.96
C ARG C 45 -3.93 4.99 13.72
N MET C 46 -4.14 5.72 14.81
CA MET C 46 -4.43 7.15 14.72
C MET C 46 -3.26 7.89 14.08
N ALA C 47 -2.04 7.51 14.47
CA ALA C 47 -0.84 8.14 13.91
C ALA C 47 -0.78 7.91 12.40
N LEU C 48 -1.08 6.68 11.98
CA LEU C 48 -1.07 6.33 10.57
C LEU C 48 -2.17 7.06 9.82
N ASN C 49 -3.34 7.15 10.45
CA ASN C 49 -4.48 7.81 9.84
C ASN C 49 -4.14 9.27 9.52
N GLU C 50 -3.51 9.95 10.47
CA GLU C 50 -3.11 11.33 10.26
C GLU C 50 -2.06 11.41 9.16
N ALA C 51 -1.13 10.47 9.19
CA ALA C 51 -0.07 10.43 8.18
C ALA C 51 -0.67 10.15 6.80
N HIS C 52 -1.58 9.19 6.74
CA HIS C 52 -2.25 8.85 5.48
C HIS C 52 -3.02 10.05 4.94
N LEU C 53 -3.69 10.78 5.83
CA LEU C 53 -4.47 11.95 5.43
C LEU C 53 -3.56 12.98 4.76
N VAL C 54 -2.39 13.20 5.35
CA VAL C 54 -1.45 14.16 4.80
C VAL C 54 -0.99 13.67 3.43
N GLN C 55 -0.69 12.38 3.32
CA GLN C 55 -0.26 11.82 2.04
C GLN C 55 -1.38 11.99 1.00
N THR C 56 -2.62 11.74 1.41
CA THR C 56 -3.76 11.88 0.48
C THR C 56 -3.70 13.25 -0.19
N LYS C 57 -3.50 14.29 0.60
CA LYS C 57 -3.40 15.64 0.05
C LYS C 57 -2.20 15.73 -0.88
N LEU C 58 -1.11 15.09 -0.49
CA LEU C 58 0.10 15.11 -1.29
C LEU C 58 -0.08 14.35 -2.61
N ILE C 59 -1.09 13.47 -2.70
CA ILE C 59 -1.33 12.76 -3.95
C ILE C 59 -2.40 13.48 -4.79
N GLU C 60 -3.38 14.10 -4.14
CA GLU C 60 -4.43 14.83 -4.87
C GLU C 60 -3.85 16.03 -5.60
N GLY C 61 -2.89 16.71 -4.98
CA GLY C 61 -2.28 17.89 -5.57
C GLY C 61 -0.83 17.62 -5.97
N ASP C 62 -0.56 16.41 -6.41
CA ASP C 62 0.79 16.03 -6.80
C ASP C 62 1.22 16.75 -8.06
N ALA C 63 0.31 17.49 -8.68
CA ALA C 63 0.63 18.24 -9.90
C ALA C 63 1.30 19.56 -9.56
N GLY C 64 1.78 20.26 -10.59
CA GLY C 64 2.43 21.56 -10.39
C GLY C 64 3.77 21.63 -11.13
N GLU C 65 4.69 20.71 -10.81
CA GLU C 65 5.99 20.70 -11.45
C GLU C 65 5.87 20.38 -12.94
N GLY C 66 4.99 19.45 -13.27
CA GLY C 66 4.80 19.05 -14.66
C GLY C 66 3.45 18.36 -14.86
N LYS C 67 3.12 18.09 -16.11
CA LYS C 67 1.85 17.44 -16.43
C LYS C 67 1.83 16.00 -15.92
N MET C 68 2.44 15.10 -16.70
CA MET C 68 2.48 13.68 -16.36
C MET C 68 3.31 13.38 -15.12
N LYS C 69 4.45 14.07 -14.97
CA LYS C 69 5.34 13.83 -13.84
C LYS C 69 4.79 14.36 -12.52
N VAL C 70 5.20 13.71 -11.43
CA VAL C 70 4.76 14.07 -10.08
C VAL C 70 5.96 14.16 -9.13
N SER C 71 5.72 14.64 -7.91
CA SER C 71 6.80 14.75 -6.93
C SER C 71 7.42 13.38 -6.68
N LEU C 72 8.74 13.30 -6.77
CA LEU C 72 9.45 12.03 -6.61
C LEU C 72 9.31 11.48 -5.19
N VAL C 73 9.40 12.39 -4.22
CA VAL C 73 9.33 12.04 -2.80
C VAL C 73 8.00 11.37 -2.44
N LEU C 74 6.99 11.57 -3.26
CA LEU C 74 5.68 10.98 -3.00
C LEU C 74 5.80 9.48 -2.75
N VAL C 75 6.66 8.86 -3.53
CA VAL C 75 6.89 7.43 -3.41
C VAL C 75 7.56 7.13 -2.07
N HIS C 76 8.63 7.95 -1.64
CA HIS C 76 9.31 7.74 -0.38
C HIS C 76 8.30 7.70 0.78
N ALA C 77 7.38 8.65 0.77
CA ALA C 77 6.35 8.70 1.80
C ALA C 77 5.39 7.53 1.66
N GLN C 78 5.03 7.21 0.42
CA GLN C 78 4.10 6.11 0.17
C GLN C 78 4.74 4.78 0.59
N LEU C 79 5.99 4.58 0.19
CA LEU C 79 6.71 3.36 0.55
C LEU C 79 6.75 3.17 2.06
N HIS C 80 7.13 4.21 2.79
CA HIS C 80 7.20 4.12 4.24
C HIS C 80 5.81 3.94 4.85
N LEU C 81 4.87 4.73 4.38
CA LEU C 81 3.50 4.67 4.89
C LEU C 81 2.85 3.31 4.59
N MET C 82 3.01 2.84 3.37
CA MET C 82 2.42 1.55 2.98
C MET C 82 3.01 0.42 3.82
N THR C 83 4.32 0.45 3.99
CA THR C 83 5.00 -0.58 4.76
C THR C 83 4.54 -0.55 6.22
N SER C 84 4.53 0.64 6.80
CA SER C 84 4.12 0.80 8.20
C SER C 84 2.67 0.37 8.42
N MET C 85 1.76 0.84 7.56
CA MET C 85 0.35 0.48 7.70
C MET C 85 0.16 -1.04 7.61
N LEU C 86 0.80 -1.65 6.63
CA LEU C 86 0.70 -3.09 6.43
C LEU C 86 1.24 -3.83 7.65
N ALA C 87 2.42 -3.42 8.10
CA ALA C 87 3.05 -4.04 9.25
C ALA C 87 2.13 -3.96 10.47
N ARG C 88 1.61 -2.77 10.71
CA ARG C 88 0.74 -2.55 11.84
C ARG C 88 -0.50 -3.47 11.77
N GLU C 89 -1.11 -3.56 10.59
CA GLU C 89 -2.29 -4.42 10.44
C GLU C 89 -1.95 -5.88 10.74
N LEU C 90 -0.82 -6.35 10.20
CA LEU C 90 -0.40 -7.72 10.44
C LEU C 90 -0.07 -7.92 11.91
N ILE C 91 0.60 -6.95 12.49
CA ILE C 91 0.95 -7.02 13.90
C ILE C 91 -0.33 -7.12 14.73
N THR C 92 -1.36 -6.39 14.32
CA THR C 92 -2.64 -6.46 15.02
C THR C 92 -3.15 -7.89 14.99
N GLU C 93 -3.06 -8.53 13.83
CA GLU C 93 -3.50 -9.92 13.70
C GLU C 93 -2.66 -10.82 14.62
N LEU C 94 -1.36 -10.56 14.63
CA LEU C 94 -0.45 -11.34 15.47
C LEU C 94 -0.84 -11.20 16.94
N ILE C 95 -1.16 -9.98 17.35
CA ILE C 95 -1.57 -9.73 18.73
C ILE C 95 -2.86 -10.51 19.05
N GLU C 96 -3.80 -10.48 18.12
CA GLU C 96 -5.05 -11.21 18.31
C GLU C 96 -4.75 -12.70 18.53
N LEU C 97 -3.78 -13.21 17.77
CA LEU C 97 -3.39 -14.61 17.91
C LEU C 97 -2.85 -14.87 19.32
N HIS C 98 -2.05 -13.94 19.83
CA HIS C 98 -1.52 -14.09 21.18
C HIS C 98 -2.68 -14.22 22.16
N GLU C 99 -3.73 -13.44 21.92
CA GLU C 99 -4.90 -13.49 22.78
C GLU C 99 -5.57 -14.87 22.68
N LYS C 100 -5.65 -15.41 21.46
CA LYS C 100 -6.25 -16.72 21.29
C LYS C 100 -5.38 -17.78 21.95
N LEU C 101 -4.05 -17.58 21.91
CA LEU C 101 -3.12 -18.52 22.55
C LEU C 101 -3.37 -18.53 24.06
N LYS C 102 -4.36 -17.76 24.51
CA LYS C 102 -4.70 -17.67 25.93
C LYS C 102 -3.78 -16.68 26.63
N ALA C 103 -2.48 -16.99 26.61
CA ALA C 103 -1.45 -16.16 27.26
C ALA C 103 -1.80 -14.67 27.21
N LYS D 1 -19.97 26.95 -1.17
CA LYS D 1 -19.08 26.05 -1.96
C LYS D 1 -19.44 24.59 -1.78
N LYS D 2 -19.77 23.94 -2.87
CA LYS D 2 -20.15 22.54 -2.84
C LYS D 2 -18.93 21.62 -2.88
N HIS D 3 -19.02 20.49 -2.19
CA HIS D 3 -17.93 19.52 -2.13
C HIS D 3 -18.12 18.37 -3.08
N ILE D 4 -17.20 18.26 -4.03
CA ILE D 4 -17.22 17.18 -4.99
C ILE D 4 -16.07 16.24 -4.61
N TYR D 5 -16.39 15.03 -4.18
CA TYR D 5 -15.38 14.06 -3.78
C TYR D 5 -15.33 12.90 -4.76
N LEU D 6 -14.13 12.60 -5.26
CA LEU D 6 -13.90 11.48 -6.19
C LEU D 6 -13.25 10.35 -5.40
N PHE D 7 -13.55 9.08 -5.75
CA PHE D 7 -12.86 7.96 -5.12
C PHE D 7 -12.18 7.06 -6.16
N CYS D 8 -11.03 6.45 -5.73
CA CYS D 8 -10.27 5.45 -6.46
C CYS D 8 -9.51 4.57 -5.48
N SER D 9 -8.63 3.67 -5.87
CA SER D 9 -8.05 2.83 -4.82
C SER D 9 -7.18 3.65 -3.87
N ALA D 10 -6.19 4.41 -4.37
CA ALA D 10 -5.28 5.13 -3.49
C ALA D 10 -5.57 6.62 -3.56
N GLY D 11 -5.88 7.12 -4.76
CA GLY D 11 -6.17 8.53 -4.94
C GLY D 11 -5.14 9.21 -5.84
N MET D 12 -4.45 8.49 -6.72
CA MET D 12 -3.46 9.12 -7.58
C MET D 12 -3.97 9.32 -9.01
N SER D 13 -4.07 8.26 -9.74
CA SER D 13 -4.51 8.36 -11.13
C SER D 13 -5.72 9.29 -11.28
N THR D 14 -6.46 9.49 -10.18
CA THR D 14 -7.62 10.37 -10.31
C THR D 14 -7.22 11.77 -9.88
N SER D 15 -6.09 11.83 -9.22
CA SER D 15 -5.48 13.09 -8.76
C SER D 15 -5.20 14.03 -9.93
N LEU D 16 -4.82 13.46 -11.06
CA LEU D 16 -4.55 14.26 -12.24
C LEU D 16 -5.88 14.86 -12.76
N LEU D 17 -6.96 14.07 -12.72
CA LEU D 17 -8.28 14.55 -13.14
C LEU D 17 -8.75 15.68 -12.19
N VAL D 18 -8.54 15.48 -10.88
CA VAL D 18 -8.91 16.50 -9.89
C VAL D 18 -8.18 17.83 -10.15
N SER D 19 -6.89 17.79 -10.47
CA SER D 19 -6.17 19.03 -10.74
C SER D 19 -6.73 19.77 -11.98
N LYS D 20 -7.12 19.03 -13.02
CA LYS D 20 -7.71 19.66 -14.20
C LYS D 20 -9.12 20.20 -13.91
N MET D 21 -9.87 19.50 -13.07
CA MET D 21 -11.22 20.00 -12.73
C MET D 21 -11.08 21.31 -11.94
N ARG D 22 -10.13 21.39 -11.02
CA ARG D 22 -9.91 22.60 -10.21
C ARG D 22 -9.56 23.79 -11.12
N ALA D 23 -8.79 23.54 -12.18
CA ALA D 23 -8.39 24.59 -13.11
C ALA D 23 -9.63 25.14 -13.81
N GLN D 24 -10.50 24.24 -14.24
CA GLN D 24 -11.72 24.61 -14.91
C GLN D 24 -12.67 25.35 -14.00
N ALA D 25 -12.80 24.88 -12.77
CA ALA D 25 -13.69 25.53 -11.80
C ALA D 25 -13.24 26.96 -11.55
N GLU D 26 -11.93 27.20 -11.60
CA GLU D 26 -11.39 28.54 -11.36
C GLU D 26 -11.65 29.43 -12.57
N LYS D 27 -11.43 28.88 -13.76
CA LYS D 27 -11.63 29.59 -14.99
C LYS D 27 -13.07 30.10 -15.12
N TYR D 28 -14.05 29.29 -14.72
CA TYR D 28 -15.48 29.69 -14.80
C TYR D 28 -16.13 30.10 -13.49
N GLU D 29 -15.33 30.35 -12.46
CA GLU D 29 -15.81 30.78 -11.15
C GLU D 29 -16.89 29.89 -10.51
N VAL D 30 -16.76 28.58 -10.66
CA VAL D 30 -17.70 27.63 -10.08
C VAL D 30 -17.27 27.48 -8.62
N PRO D 31 -18.19 27.73 -7.67
CA PRO D 31 -17.91 27.64 -6.23
C PRO D 31 -17.93 26.21 -5.68
N VAL D 32 -16.88 25.46 -6.01
CA VAL D 32 -16.75 24.08 -5.57
C VAL D 32 -15.38 23.76 -5.01
N ILE D 33 -15.35 22.75 -4.14
CA ILE D 33 -14.13 22.22 -3.55
C ILE D 33 -14.09 20.77 -4.09
N ILE D 34 -12.98 20.40 -4.71
CA ILE D 34 -12.79 19.07 -5.32
C ILE D 34 -11.61 18.31 -4.66
N GLU D 35 -11.86 17.09 -4.18
CA GLU D 35 -10.83 16.27 -3.52
C GLU D 35 -10.93 14.82 -4.00
N ALA D 36 -9.78 14.14 -4.09
CA ALA D 36 -9.71 12.73 -4.50
C ALA D 36 -9.34 11.92 -3.25
N PHE D 37 -9.93 10.74 -3.09
CA PHE D 37 -9.64 9.87 -1.95
C PHE D 37 -9.66 8.44 -2.43
N PRO D 38 -9.08 7.53 -1.64
CA PRO D 38 -9.07 6.11 -2.02
C PRO D 38 -10.49 5.61 -1.70
N GLU D 39 -10.91 4.54 -2.35
CA GLU D 39 -12.24 3.96 -2.13
C GLU D 39 -12.51 3.54 -0.69
N THR D 40 -11.46 3.29 0.09
CA THR D 40 -11.63 2.88 1.48
C THR D 40 -12.26 3.95 2.37
N LEU D 41 -12.19 5.21 1.94
CA LEU D 41 -12.77 6.32 2.70
C LEU D 41 -14.15 6.77 2.20
N ALA D 42 -14.74 6.07 1.21
CA ALA D 42 -16.05 6.45 0.63
C ALA D 42 -17.14 6.64 1.68
N GLY D 43 -17.12 5.80 2.71
CA GLY D 43 -18.13 5.91 3.75
C GLY D 43 -17.81 6.98 4.77
N GLU D 44 -16.53 7.16 5.08
CA GLU D 44 -16.15 8.15 6.07
C GLU D 44 -16.16 9.59 5.49
N LYS D 45 -15.52 9.77 4.34
CA LYS D 45 -15.46 11.08 3.70
C LYS D 45 -16.73 11.45 2.92
N GLY D 46 -17.38 10.46 2.32
CA GLY D 46 -18.60 10.70 1.55
C GLY D 46 -19.69 11.43 2.29
N GLN D 47 -19.77 11.23 3.60
CA GLN D 47 -20.79 11.89 4.43
C GLN D 47 -20.74 13.42 4.34
N ASN D 48 -19.59 13.97 3.95
CA ASN D 48 -19.43 15.41 3.87
C ASN D 48 -19.45 15.95 2.45
N ALA D 49 -19.66 15.08 1.48
CA ALA D 49 -19.67 15.54 0.10
C ALA D 49 -21.06 15.97 -0.30
N ASP D 50 -21.11 16.82 -1.31
CA ASP D 50 -22.38 17.25 -1.83
C ASP D 50 -22.73 16.32 -2.99
N VAL D 51 -21.69 15.73 -3.60
CA VAL D 51 -21.88 14.75 -4.67
C VAL D 51 -20.68 13.78 -4.61
N VAL D 52 -20.98 12.49 -4.70
CA VAL D 52 -19.97 11.44 -4.66
C VAL D 52 -19.78 10.85 -6.06
N LEU D 53 -18.55 10.92 -6.57
CA LEU D 53 -18.24 10.38 -7.88
C LEU D 53 -17.30 9.18 -7.73
N LEU D 54 -17.60 8.08 -8.42
CA LEU D 54 -16.75 6.88 -8.36
C LEU D 54 -15.96 6.73 -9.63
N GLY D 55 -14.69 6.35 -9.51
CA GLY D 55 -13.84 6.18 -10.68
C GLY D 55 -14.39 5.02 -11.49
N PRO D 56 -14.13 4.94 -12.76
CA PRO D 56 -14.66 3.84 -13.62
C PRO D 56 -14.24 2.42 -13.18
N GLN D 57 -13.07 2.31 -12.54
CA GLN D 57 -12.57 1.02 -12.08
C GLN D 57 -13.39 0.49 -10.90
N ILE D 58 -14.04 1.38 -10.15
CA ILE D 58 -14.82 0.94 -9.01
C ILE D 58 -16.34 1.02 -9.23
N ALA D 59 -16.75 0.99 -10.49
CA ALA D 59 -18.17 1.04 -10.83
C ALA D 59 -18.94 -0.11 -10.19
N TYR D 60 -18.34 -1.30 -10.13
CA TYR D 60 -19.04 -2.44 -9.55
C TYR D 60 -19.46 -2.21 -8.09
N MET D 61 -18.84 -1.23 -7.44
CA MET D 61 -19.15 -0.89 -6.05
C MET D 61 -20.33 0.08 -5.87
N LEU D 62 -20.89 0.58 -6.97
CA LEU D 62 -21.99 1.54 -6.90
C LEU D 62 -23.13 1.19 -5.93
N PRO D 63 -23.73 -0.02 -6.05
CA PRO D 63 -24.82 -0.37 -5.12
C PRO D 63 -24.43 -0.30 -3.65
N GLU D 64 -23.22 -0.72 -3.30
CA GLU D 64 -22.77 -0.68 -1.91
C GLU D 64 -22.60 0.74 -1.42
N ILE D 65 -22.02 1.59 -2.25
CA ILE D 65 -21.83 2.99 -1.85
C ILE D 65 -23.16 3.74 -1.71
N GLN D 66 -24.12 3.42 -2.59
CA GLN D 66 -25.46 4.00 -2.52
C GLN D 66 -26.13 3.64 -1.18
N ARG D 67 -26.00 2.39 -0.73
CA ARG D 67 -26.60 1.98 0.55
C ARG D 67 -25.89 2.63 1.74
N LEU D 68 -24.60 2.88 1.59
CA LEU D 68 -23.77 3.49 2.64
C LEU D 68 -24.11 4.97 2.82
N LEU D 69 -24.39 5.65 1.70
CA LEU D 69 -24.73 7.09 1.68
C LEU D 69 -26.11 7.27 1.01
N PRO D 70 -27.20 6.87 1.69
CA PRO D 70 -28.55 6.99 1.13
C PRO D 70 -29.03 8.44 0.93
N ASN D 71 -28.35 9.38 1.56
CA ASN D 71 -28.75 10.79 1.44
C ASN D 71 -27.82 11.63 0.57
N LYS D 72 -27.08 10.99 -0.33
CA LYS D 72 -26.14 11.69 -1.21
C LYS D 72 -26.26 11.20 -2.63
N PRO D 73 -26.13 12.10 -3.63
CA PRO D 73 -26.21 11.62 -5.02
C PRO D 73 -24.85 10.97 -5.27
N VAL D 74 -24.87 9.73 -5.75
CA VAL D 74 -23.64 8.96 -6.02
C VAL D 74 -23.64 8.48 -7.46
N GLU D 75 -22.58 8.72 -8.19
CA GLU D 75 -22.53 8.22 -9.55
C GLU D 75 -21.13 7.95 -10.07
N VAL D 76 -21.06 7.12 -11.10
CA VAL D 76 -19.80 6.72 -11.71
C VAL D 76 -19.40 7.72 -12.78
N ILE D 77 -18.11 8.03 -12.84
CA ILE D 77 -17.58 8.96 -13.83
C ILE D 77 -17.54 8.27 -15.17
N ASP D 78 -17.96 8.97 -16.21
CA ASP D 78 -17.94 8.40 -17.55
C ASP D 78 -16.51 7.95 -17.89
N SER D 79 -16.33 6.69 -18.28
CA SER D 79 -14.99 6.17 -18.58
C SER D 79 -14.18 6.90 -19.65
N LEU D 80 -14.87 7.44 -20.65
CA LEU D 80 -14.19 8.17 -21.73
C LEU D 80 -13.73 9.53 -21.23
N LEU D 81 -14.58 10.18 -20.45
CA LEU D 81 -14.26 11.49 -19.90
C LEU D 81 -13.10 11.33 -18.94
N TYR D 82 -13.10 10.21 -18.22
CA TYR D 82 -12.04 9.90 -17.25
C TYR D 82 -10.71 9.58 -17.95
N GLY D 83 -10.75 8.68 -18.92
CA GLY D 83 -9.54 8.32 -19.64
C GLY D 83 -8.87 9.50 -20.31
N LYS D 84 -9.68 10.37 -20.87
CA LYS D 84 -9.22 11.56 -21.59
C LYS D 84 -8.79 12.70 -20.65
N VAL D 85 -9.07 12.52 -19.35
CA VAL D 85 -8.77 13.52 -18.31
C VAL D 85 -9.47 14.86 -18.61
N ASP D 86 -10.76 14.77 -18.94
CA ASP D 86 -11.57 15.95 -19.28
C ASP D 86 -12.09 16.63 -18.03
N GLY D 87 -11.29 17.56 -17.51
CA GLY D 87 -11.64 18.31 -16.31
C GLY D 87 -12.94 19.07 -16.45
N LEU D 88 -13.16 19.73 -17.60
CA LEU D 88 -14.39 20.49 -17.80
C LEU D 88 -15.63 19.58 -17.87
N GLY D 89 -15.50 18.50 -18.64
CA GLY D 89 -16.59 17.56 -18.81
C GLY D 89 -17.07 16.91 -17.53
N VAL D 90 -16.12 16.49 -16.69
CA VAL D 90 -16.48 15.84 -15.42
C VAL D 90 -17.04 16.88 -14.45
N LEU D 91 -16.47 18.08 -14.49
CA LEU D 91 -16.97 19.15 -13.63
C LEU D 91 -18.46 19.39 -14.00
N LYS D 92 -18.76 19.42 -15.30
CA LYS D 92 -20.15 19.61 -15.75
C LYS D 92 -21.09 18.52 -15.24
N ALA D 93 -20.64 17.27 -15.30
CA ALA D 93 -21.47 16.14 -14.85
C ALA D 93 -21.76 16.21 -13.35
N ALA D 94 -20.78 16.72 -12.60
CA ALA D 94 -20.90 16.82 -11.15
C ALA D 94 -21.90 17.90 -10.75
N VAL D 95 -21.80 19.06 -11.40
CA VAL D 95 -22.72 20.17 -11.13
C VAL D 95 -24.13 19.69 -11.49
N ALA D 96 -24.25 18.98 -12.61
CA ALA D 96 -25.54 18.45 -13.04
C ALA D 96 -26.13 17.51 -11.99
N ALA D 97 -25.33 16.57 -11.49
CA ALA D 97 -25.85 15.64 -10.49
C ALA D 97 -26.36 16.40 -9.26
N ILE D 98 -25.70 17.51 -8.93
CA ILE D 98 -26.12 18.32 -7.78
C ILE D 98 -27.46 19.01 -8.03
N LYS D 99 -27.63 19.58 -9.24
CA LYS D 99 -28.87 20.26 -9.62
C LYS D 99 -30.01 19.26 -9.71
N LYS D 100 -29.80 18.19 -10.45
CA LYS D 100 -30.83 17.18 -10.59
C LYS D 100 -31.20 16.60 -9.22
N ALA D 101 -30.34 16.79 -8.23
CA ALA D 101 -30.58 16.28 -6.88
C ALA D 101 -31.37 17.24 -6.00
N ALA D 102 -31.14 18.54 -6.18
CA ALA D 102 -31.83 19.57 -5.43
C ALA D 102 -33.22 19.88 -6.02
N ALA D 103 -33.60 19.13 -7.06
CA ALA D 103 -34.88 19.29 -7.72
C ALA D 103 -35.05 18.26 -8.85
P PO3 E . -4.78 5.42 -7.19
O1 PO3 E . -4.74 5.98 -8.61
O2 PO3 E . -4.16 6.21 -6.05
O3 PO3 E . -5.25 4.01 -6.95
N ALA A 1 0.74 7.29 -18.60
CA ALA A 1 0.24 7.59 -19.96
C ALA A 1 -1.09 6.86 -20.17
N GLU A 2 -1.77 7.18 -21.26
CA GLU A 2 -3.08 6.58 -21.60
C GLU A 2 -3.28 5.20 -20.95
N GLU A 3 -2.80 4.17 -21.63
CA GLU A 3 -2.95 2.80 -21.13
C GLU A 3 -2.16 2.60 -19.84
N LEU A 4 -0.84 2.78 -19.91
CA LEU A 4 0.01 2.60 -18.74
C LEU A 4 -0.63 3.20 -17.48
N GLU A 5 -1.21 4.38 -17.61
CA GLU A 5 -1.84 5.05 -16.47
C GLU A 5 -3.12 4.34 -16.08
N GLU A 6 -3.94 4.01 -17.07
CA GLU A 6 -5.19 3.30 -16.82
C GLU A 6 -4.88 1.88 -16.34
N VAL A 7 -3.80 1.31 -16.88
CA VAL A 7 -3.37 -0.03 -16.50
C VAL A 7 -2.93 -0.05 -15.03
N VAL A 8 -2.20 0.99 -14.63
CA VAL A 8 -1.73 1.10 -13.25
C VAL A 8 -2.95 1.16 -12.33
N MET A 9 -3.95 1.96 -12.70
CA MET A 9 -5.17 2.06 -11.90
C MET A 9 -5.77 0.67 -11.73
N GLY A 10 -5.81 -0.09 -12.82
CA GLY A 10 -6.34 -1.45 -12.77
C GLY A 10 -5.49 -2.31 -11.83
N LEU A 11 -4.17 -2.17 -11.95
CA LEU A 11 -3.26 -2.93 -11.10
C LEU A 11 -3.45 -2.56 -9.64
N ILE A 12 -3.57 -1.27 -9.37
CA ILE A 12 -3.76 -0.80 -8.00
C ILE A 12 -5.06 -1.36 -7.46
N ILE A 13 -6.11 -1.29 -8.26
CA ILE A 13 -7.40 -1.82 -7.85
C ILE A 13 -7.30 -3.33 -7.65
N ASN A 14 -6.65 -4.01 -8.60
CA ASN A 14 -6.47 -5.45 -8.53
C ASN A 14 -5.71 -5.82 -7.26
N SER A 15 -4.61 -5.11 -7.03
CA SER A 15 -3.81 -5.35 -5.83
C SER A 15 -4.65 -5.14 -4.57
N GLY A 16 -5.44 -4.06 -4.60
CA GLY A 16 -6.32 -3.75 -3.47
C GLY A 16 -7.35 -4.86 -3.26
N GLN A 17 -7.95 -5.32 -4.36
CA GLN A 17 -8.94 -6.40 -4.27
C GLN A 17 -8.27 -7.65 -3.72
N ALA A 18 -7.05 -7.92 -4.18
CA ALA A 18 -6.31 -9.09 -3.72
C ALA A 18 -6.15 -9.04 -2.21
N ARG A 19 -5.70 -7.91 -1.69
CA ARG A 19 -5.55 -7.77 -0.25
C ARG A 19 -6.90 -7.95 0.43
N SER A 20 -7.91 -7.28 -0.11
CA SER A 20 -9.25 -7.36 0.44
C SER A 20 -9.68 -8.83 0.57
N LEU A 21 -9.47 -9.59 -0.49
CA LEU A 21 -9.81 -11.01 -0.48
C LEU A 21 -8.97 -11.74 0.58
N ALA A 22 -7.69 -11.40 0.63
CA ALA A 22 -6.79 -12.03 1.60
C ALA A 22 -7.30 -11.80 3.03
N TYR A 23 -7.59 -10.55 3.38
CA TYR A 23 -8.10 -10.25 4.72
C TYR A 23 -9.41 -11.00 4.93
N ALA A 24 -10.25 -11.03 3.90
CA ALA A 24 -11.51 -11.73 3.99
C ALA A 24 -11.24 -13.22 4.25
N ALA A 25 -10.23 -13.75 3.56
CA ALA A 25 -9.84 -15.14 3.75
C ALA A 25 -9.48 -15.38 5.21
N LEU A 26 -8.72 -14.46 5.78
CA LEU A 26 -8.32 -14.57 7.18
C LEU A 26 -9.56 -14.55 8.07
N LYS A 27 -10.48 -13.64 7.77
CA LYS A 27 -11.71 -13.53 8.54
C LYS A 27 -12.45 -14.87 8.56
N GLN A 28 -12.48 -15.54 7.41
CA GLN A 28 -13.15 -16.84 7.31
C GLN A 28 -12.48 -17.81 8.28
N ALA A 29 -11.15 -17.75 8.35
CA ALA A 29 -10.39 -18.62 9.24
C ALA A 29 -10.80 -18.38 10.69
N LYS A 30 -10.95 -17.12 11.05
CA LYS A 30 -11.36 -16.77 12.41
C LYS A 30 -12.72 -17.37 12.73
N GLN A 31 -13.58 -17.50 11.72
CA GLN A 31 -14.89 -18.08 11.93
C GLN A 31 -14.80 -19.60 11.96
N GLY A 32 -13.60 -20.12 11.77
CA GLY A 32 -13.37 -21.56 11.81
C GLY A 32 -13.71 -22.21 10.47
N ASP A 33 -13.83 -21.40 9.43
CA ASP A 33 -14.15 -21.90 8.09
C ASP A 33 -12.88 -22.06 7.26
N PHE A 34 -12.18 -23.18 7.47
CA PHE A 34 -10.93 -23.42 6.73
C PHE A 34 -11.18 -23.60 5.24
N ALA A 35 -12.31 -24.21 4.89
CA ALA A 35 -12.63 -24.46 3.49
C ALA A 35 -12.77 -23.14 2.72
N ALA A 36 -13.56 -22.23 3.26
CA ALA A 36 -13.76 -20.95 2.60
C ALA A 36 -12.46 -20.14 2.60
N ALA A 37 -11.70 -20.23 3.68
CA ALA A 37 -10.43 -19.52 3.75
C ALA A 37 -9.52 -19.99 2.60
N LYS A 38 -9.36 -21.30 2.49
CA LYS A 38 -8.53 -21.90 1.45
C LYS A 38 -8.96 -21.42 0.06
N ALA A 39 -10.26 -21.45 -0.21
CA ALA A 39 -10.77 -21.03 -1.51
C ALA A 39 -10.47 -19.57 -1.79
N MET A 40 -10.61 -18.74 -0.76
CA MET A 40 -10.36 -17.30 -0.90
C MET A 40 -8.88 -17.03 -1.18
N MET A 41 -7.98 -17.76 -0.50
CA MET A 41 -6.55 -17.56 -0.72
C MET A 41 -6.19 -17.92 -2.15
N ASP A 42 -6.77 -19.01 -2.65
CA ASP A 42 -6.47 -19.48 -3.99
C ASP A 42 -6.83 -18.42 -5.02
N GLN A 43 -8.03 -17.87 -4.88
CA GLN A 43 -8.48 -16.82 -5.80
C GLN A 43 -7.61 -15.59 -5.67
N SER A 44 -7.25 -15.24 -4.44
CA SER A 44 -6.40 -14.08 -4.20
C SER A 44 -5.06 -14.28 -4.91
N ARG A 45 -4.49 -15.47 -4.78
CA ARG A 45 -3.22 -15.82 -5.43
C ARG A 45 -3.32 -15.66 -6.95
N MET A 46 -4.40 -16.18 -7.51
CA MET A 46 -4.63 -16.11 -8.95
C MET A 46 -4.72 -14.65 -9.40
N ALA A 47 -5.41 -13.83 -8.62
CA ALA A 47 -5.56 -12.41 -8.94
C ALA A 47 -4.19 -11.74 -9.00
N LEU A 48 -3.35 -12.05 -8.02
CA LEU A 48 -2.00 -11.49 -7.95
C LEU A 48 -1.15 -11.98 -9.12
N ASN A 49 -1.29 -13.26 -9.41
CA ASN A 49 -0.51 -13.87 -10.48
C ASN A 49 -0.77 -13.15 -11.80
N GLU A 50 -2.04 -12.89 -12.07
CA GLU A 50 -2.41 -12.17 -13.29
C GLU A 50 -1.86 -10.75 -13.23
N ALA A 51 -1.97 -10.13 -12.05
CA ALA A 51 -1.47 -8.77 -11.87
C ALA A 51 0.06 -8.75 -12.05
N HIS A 52 0.73 -9.71 -11.44
CA HIS A 52 2.19 -9.81 -11.54
C HIS A 52 2.61 -10.01 -13.00
N LEU A 53 1.86 -10.83 -13.72
CA LEU A 53 2.16 -11.11 -15.12
C LEU A 53 2.11 -9.82 -15.93
N VAL A 54 1.08 -9.02 -15.68
CA VAL A 54 0.94 -7.75 -16.38
C VAL A 54 2.11 -6.84 -16.04
N GLN A 55 2.46 -6.79 -14.76
CA GLN A 55 3.59 -5.96 -14.34
C GLN A 55 4.88 -6.45 -15.01
N THR A 56 5.08 -7.76 -15.08
CA THR A 56 6.28 -8.32 -15.72
C THR A 56 6.46 -7.71 -17.11
N LYS A 57 5.37 -7.66 -17.88
CA LYS A 57 5.43 -7.06 -19.22
C LYS A 57 5.76 -5.59 -19.10
N LEU A 58 5.18 -4.94 -18.10
CA LEU A 58 5.43 -3.52 -17.90
C LEU A 58 6.87 -3.24 -17.48
N ILE A 59 7.58 -4.25 -16.98
CA ILE A 59 8.99 -4.06 -16.60
C ILE A 59 9.93 -4.47 -17.76
N GLU A 60 9.55 -5.49 -18.53
CA GLU A 60 10.37 -5.95 -19.66
C GLU A 60 10.46 -4.88 -20.74
N GLY A 61 9.34 -4.20 -21.01
CA GLY A 61 9.31 -3.17 -22.03
C GLY A 61 9.20 -1.78 -21.42
N ASP A 62 9.80 -1.60 -20.24
CA ASP A 62 9.75 -0.32 -19.54
C ASP A 62 10.49 0.78 -20.32
N ALA A 63 11.17 0.39 -21.40
CA ALA A 63 11.90 1.36 -22.21
C ALA A 63 10.97 2.06 -23.19
N GLY A 64 11.49 3.07 -23.89
CA GLY A 64 10.68 3.81 -24.86
C GLY A 64 10.81 5.32 -24.66
N GLU A 65 10.45 5.80 -23.47
CA GLU A 65 10.53 7.23 -23.19
C GLU A 65 11.97 7.72 -23.18
N GLY A 66 12.86 6.90 -22.64
CA GLY A 66 14.28 7.27 -22.58
C GLY A 66 15.15 6.04 -22.36
N LYS A 67 16.47 6.25 -22.44
CA LYS A 67 17.41 5.15 -22.27
C LYS A 67 17.39 4.63 -20.82
N MET A 68 18.11 5.32 -19.94
CA MET A 68 18.20 4.93 -18.54
C MET A 68 16.88 5.05 -17.79
N LYS A 69 16.13 6.12 -18.08
CA LYS A 69 14.87 6.35 -17.37
C LYS A 69 13.76 5.39 -17.80
N VAL A 70 12.84 5.14 -16.87
CA VAL A 70 11.71 4.23 -17.10
C VAL A 70 10.41 4.88 -16.65
N SER A 71 9.28 4.23 -16.95
CA SER A 71 7.98 4.77 -16.55
C SER A 71 7.94 4.91 -15.03
N LEU A 72 7.54 6.10 -14.57
CA LEU A 72 7.48 6.40 -13.14
C LEU A 72 6.43 5.55 -12.41
N VAL A 73 5.30 5.39 -13.07
CA VAL A 73 4.18 4.62 -12.52
C VAL A 73 4.55 3.16 -12.22
N LEU A 74 5.63 2.69 -12.79
CA LEU A 74 6.05 1.31 -12.51
C LEU A 74 6.19 1.08 -11.02
N VAL A 75 6.60 2.14 -10.33
CA VAL A 75 6.79 2.08 -8.88
C VAL A 75 5.44 1.93 -8.19
N HIS A 76 4.16 2.88 -8.63
CA HIS A 76 2.80 2.81 -8.07
C HIS A 76 2.27 1.38 -8.18
N ALA A 77 2.64 0.70 -9.26
CA ALA A 77 2.20 -0.67 -9.48
C ALA A 77 3.04 -1.65 -8.68
N GLN A 78 4.37 -1.49 -8.72
CA GLN A 78 5.26 -2.41 -8.02
C GLN A 78 5.02 -2.31 -6.51
N LEU A 79 4.96 -1.09 -6.01
CA LEU A 79 4.72 -0.86 -4.59
C LEU A 79 3.44 -1.54 -4.13
N HIS A 80 2.35 -1.32 -4.85
CA HIS A 80 1.08 -1.91 -4.47
C HIS A 80 1.12 -3.44 -4.62
N LEU A 81 1.65 -3.90 -5.74
CA LEU A 81 1.74 -5.34 -5.99
C LEU A 81 2.64 -6.04 -4.98
N MET A 82 3.80 -5.45 -4.70
CA MET A 82 4.74 -6.05 -3.75
C MET A 82 4.11 -6.14 -2.37
N THR A 83 3.46 -5.05 -1.96
CA THR A 83 2.81 -5.00 -0.65
C THR A 83 1.69 -6.04 -0.56
N SER A 84 0.84 -6.07 -1.58
CA SER A 84 -0.29 -7.01 -1.61
C SER A 84 0.20 -8.46 -1.60
N MET A 85 1.16 -8.78 -2.45
CA MET A 85 1.69 -10.14 -2.51
C MET A 85 2.26 -10.57 -1.18
N LEU A 86 3.07 -9.70 -0.59
CA LEU A 86 3.68 -10.00 0.70
C LEU A 86 2.61 -10.19 1.78
N ALA A 87 1.64 -9.28 1.79
CA ALA A 87 0.56 -9.36 2.76
C ALA A 87 -0.15 -10.70 2.67
N ARG A 88 -0.49 -11.10 1.47
CA ARG A 88 -1.18 -12.37 1.27
C ARG A 88 -0.35 -13.55 1.78
N GLU A 89 0.93 -13.57 1.45
CA GLU A 89 1.77 -14.67 1.88
C GLU A 89 1.79 -14.78 3.39
N LEU A 90 1.95 -13.65 4.06
CA LEU A 90 1.96 -13.64 5.51
C LEU A 90 0.58 -14.03 6.05
N ILE A 91 -0.46 -13.51 5.42
CA ILE A 91 -1.82 -13.85 5.84
C ILE A 91 -2.03 -15.35 5.69
N THR A 92 -1.50 -15.92 4.61
CA THR A 92 -1.60 -17.37 4.40
C THR A 92 -0.98 -18.10 5.59
N GLU A 93 0.20 -17.64 6.01
CA GLU A 93 0.88 -18.23 7.16
C GLU A 93 0.02 -18.08 8.40
N LEU A 94 -0.57 -16.89 8.56
CA LEU A 94 -1.43 -16.62 9.72
C LEU A 94 -2.62 -17.59 9.71
N ILE A 95 -3.20 -17.80 8.55
CA ILE A 95 -4.34 -18.73 8.44
C ILE A 95 -3.90 -20.14 8.83
N GLU A 96 -2.72 -20.56 8.36
CA GLU A 96 -2.22 -21.88 8.71
C GLU A 96 -2.08 -22.00 10.22
N LEU A 97 -1.64 -20.91 10.87
CA LEU A 97 -1.51 -20.92 12.32
C LEU A 97 -2.88 -21.12 12.98
N HIS A 98 -3.89 -20.46 12.44
CA HIS A 98 -5.25 -20.62 12.98
C HIS A 98 -5.63 -22.08 12.92
N GLU A 99 -5.25 -22.75 11.84
CA GLU A 99 -5.55 -24.17 11.68
C GLU A 99 -4.81 -24.98 12.74
N LYS A 100 -3.56 -24.62 13.01
CA LYS A 100 -2.79 -25.32 14.02
C LYS A 100 -3.39 -25.06 15.41
N LEU A 101 -3.92 -23.84 15.61
CA LEU A 101 -4.56 -23.49 16.88
C LEU A 101 -5.80 -24.37 17.09
N LYS A 102 -6.02 -25.30 16.15
CA LYS A 102 -7.18 -26.20 16.21
C LYS A 102 -8.43 -25.52 15.71
N ALA A 103 -8.82 -24.42 16.39
CA ALA A 103 -10.03 -23.67 16.04
C ALA A 103 -10.30 -23.65 14.53
N ALA B 1 22.66 3.11 -13.51
CA ALA B 1 23.97 3.34 -14.19
C ALA B 1 24.86 2.13 -13.94
N GLU B 2 26.00 2.08 -14.64
CA GLU B 2 26.95 0.97 -14.53
C GLU B 2 26.86 0.24 -13.18
N GLU B 3 27.57 0.74 -12.19
CA GLU B 3 27.58 0.13 -10.87
C GLU B 3 26.22 0.21 -10.20
N LEU B 4 25.72 1.44 -10.02
CA LEU B 4 24.42 1.61 -9.38
C LEU B 4 23.38 0.61 -9.91
N GLU B 5 23.37 0.41 -11.22
CA GLU B 5 22.42 -0.52 -11.83
C GLU B 5 22.76 -1.95 -11.47
N GLU B 6 24.03 -2.30 -11.57
CA GLU B 6 24.50 -3.63 -11.23
C GLU B 6 24.38 -3.85 -9.73
N VAL B 7 24.60 -2.79 -8.97
CA VAL B 7 24.51 -2.85 -7.52
C VAL B 7 23.05 -3.11 -7.10
N VAL B 8 22.12 -2.44 -7.77
CA VAL B 8 20.69 -2.63 -7.49
C VAL B 8 20.33 -4.08 -7.74
N MET B 9 20.80 -4.63 -8.86
CA MET B 9 20.52 -6.03 -9.18
C MET B 9 21.01 -6.91 -8.03
N GLY B 10 22.21 -6.62 -7.53
CA GLY B 10 22.75 -7.37 -6.41
C GLY B 10 21.86 -7.21 -5.19
N LEU B 11 21.44 -5.98 -4.93
CA LEU B 11 20.56 -5.70 -3.79
C LEU B 11 19.24 -6.44 -3.93
N ILE B 12 18.67 -6.41 -5.13
CA ILE B 12 17.40 -7.09 -5.38
C ILE B 12 17.57 -8.58 -5.14
N ILE B 13 18.66 -9.12 -5.68
CA ILE B 13 18.94 -10.54 -5.50
C ILE B 13 19.17 -10.83 -4.02
N ASN B 14 19.95 -9.98 -3.36
CA ASN B 14 20.24 -10.16 -1.94
C ASN B 14 18.94 -10.10 -1.13
N SER B 15 18.11 -9.11 -1.42
CA SER B 15 16.83 -8.99 -0.74
C SER B 15 15.98 -10.23 -0.97
N GLY B 16 15.99 -10.71 -2.22
CA GLY B 16 15.23 -11.91 -2.57
C GLY B 16 15.76 -13.12 -1.81
N GLN B 17 17.08 -13.25 -1.75
CA GLN B 17 17.68 -14.37 -1.03
C GLN B 17 17.31 -14.28 0.45
N ALA B 18 17.35 -13.06 0.98
CA ALA B 18 17.00 -12.84 2.37
C ALA B 18 15.60 -13.36 2.66
N ARG B 19 14.64 -12.97 1.84
CA ARG B 19 13.27 -13.44 2.02
C ARG B 19 13.24 -14.96 1.90
N SER B 20 13.90 -15.47 0.86
CA SER B 20 13.94 -16.91 0.64
C SER B 20 14.41 -17.63 1.89
N LEU B 21 15.50 -17.13 2.48
CA LEU B 21 16.04 -17.73 3.71
C LEU B 21 15.01 -17.60 4.83
N ALA B 22 14.37 -16.44 4.93
CA ALA B 22 13.37 -16.20 5.97
C ALA B 22 12.24 -17.23 5.85
N TYR B 23 11.67 -17.38 4.65
CA TYR B 23 10.60 -18.36 4.46
C TYR B 23 11.12 -19.75 4.79
N ALA B 24 12.36 -20.04 4.38
CA ALA B 24 12.95 -21.33 4.67
C ALA B 24 13.06 -21.49 6.19
N ALA B 25 13.43 -20.41 6.87
CA ALA B 25 13.53 -20.43 8.33
C ALA B 25 12.18 -20.80 8.92
N LEU B 26 11.12 -20.21 8.39
CA LEU B 26 9.78 -20.50 8.86
C LEU B 26 9.45 -21.97 8.62
N LYS B 27 9.80 -22.46 7.44
CA LYS B 27 9.55 -23.86 7.11
C LYS B 27 10.21 -24.78 8.14
N GLN B 28 11.43 -24.43 8.54
CA GLN B 28 12.13 -25.23 9.56
C GLN B 28 11.31 -25.26 10.84
N ALA B 29 10.74 -24.11 11.19
CA ALA B 29 9.91 -24.02 12.40
C ALA B 29 8.73 -24.97 12.31
N LYS B 30 8.09 -25.01 11.14
CA LYS B 30 6.95 -25.90 10.94
C LYS B 30 7.36 -27.35 11.16
N GLN B 31 8.62 -27.67 10.83
CA GLN B 31 9.10 -29.04 11.01
C GLN B 31 9.46 -29.28 12.48
N GLY B 32 9.32 -28.24 13.29
CA GLY B 32 9.63 -28.35 14.72
C GLY B 32 11.13 -28.18 14.99
N ASP B 33 11.86 -27.66 14.00
CA ASP B 33 13.29 -27.46 14.14
C ASP B 33 13.60 -26.02 14.53
N PHE B 34 13.47 -25.71 15.81
CA PHE B 34 13.73 -24.34 16.29
C PHE B 34 15.18 -23.94 16.10
N ALA B 35 16.09 -24.90 16.27
CA ALA B 35 17.52 -24.60 16.15
C ALA B 35 17.86 -24.12 14.74
N ALA B 36 17.43 -24.87 13.74
CA ALA B 36 17.71 -24.50 12.36
C ALA B 36 16.98 -23.20 12.01
N ALA B 37 15.77 -23.03 12.51
CA ALA B 37 15.03 -21.80 12.24
C ALA B 37 15.82 -20.61 12.74
N LYS B 38 16.23 -20.68 14.02
CA LYS B 38 17.01 -19.60 14.63
C LYS B 38 18.27 -19.27 13.81
N ALA B 39 18.99 -20.29 13.40
CA ALA B 39 20.21 -20.10 12.61
C ALA B 39 19.91 -19.41 11.28
N MET B 40 18.83 -19.82 10.64
CA MET B 40 18.44 -19.26 9.36
C MET B 40 18.05 -17.78 9.51
N MET B 41 17.32 -17.45 10.57
CA MET B 41 16.92 -16.06 10.78
C MET B 41 18.15 -15.17 10.97
N ASP B 42 19.12 -15.68 11.73
CA ASP B 42 20.33 -14.93 12.01
C ASP B 42 21.06 -14.57 10.73
N GLN B 43 21.21 -15.58 9.86
CA GLN B 43 21.88 -15.36 8.59
C GLN B 43 21.08 -14.40 7.72
N SER B 44 19.76 -14.54 7.73
CA SER B 44 18.91 -13.65 6.95
C SER B 44 19.13 -12.20 7.41
N ARG B 45 19.14 -12.00 8.73
CA ARG B 45 19.35 -10.68 9.30
C ARG B 45 20.69 -10.09 8.83
N MET B 46 21.74 -10.90 8.89
CA MET B 46 23.07 -10.45 8.49
C MET B 46 23.05 -10.04 7.02
N ALA B 47 22.37 -10.84 6.20
CA ALA B 47 22.27 -10.53 4.77
C ALA B 47 21.58 -9.19 4.56
N LEU B 48 20.50 -8.97 5.31
CA LEU B 48 19.75 -7.72 5.21
C LEU B 48 20.59 -6.55 5.72
N ASN B 49 21.30 -6.78 6.81
CA ASN B 49 22.13 -5.75 7.40
C ASN B 49 23.18 -5.26 6.40
N GLU B 50 23.83 -6.19 5.73
CA GLU B 50 24.82 -5.83 4.72
C GLU B 50 24.17 -5.10 3.57
N ALA B 51 23.00 -5.58 3.17
CA ALA B 51 22.25 -4.96 2.08
C ALA B 51 21.83 -3.54 2.48
N HIS B 52 21.32 -3.41 3.70
CA HIS B 52 20.88 -2.11 4.21
C HIS B 52 22.06 -1.13 4.27
N LEU B 53 23.22 -1.64 4.69
CA LEU B 53 24.42 -0.80 4.79
C LEU B 53 24.77 -0.23 3.41
N VAL B 54 24.71 -1.09 2.40
CA VAL B 54 25.03 -0.66 1.04
C VAL B 54 24.01 0.40 0.61
N GLN B 55 22.73 0.16 0.90
CA GLN B 55 21.70 1.13 0.53
C GLN B 55 21.96 2.45 1.25
N THR B 56 22.32 2.39 2.54
CA THR B 56 22.60 3.61 3.30
C THR B 56 23.57 4.50 2.53
N LYS B 57 24.65 3.90 2.04
CA LYS B 57 25.62 4.66 1.25
C LYS B 57 24.97 5.20 -0.01
N LEU B 58 24.12 4.39 -0.61
CA LEU B 58 23.44 4.78 -1.84
C LEU B 58 22.45 5.93 -1.59
N ILE B 59 22.02 6.12 -0.32
CA ILE B 59 21.11 7.23 -0.01
C ILE B 59 21.88 8.48 0.45
N GLU B 60 23.00 8.27 1.16
CA GLU B 60 23.81 9.39 1.64
C GLU B 60 24.42 10.17 0.46
N GLY B 61 24.86 9.43 -0.55
CA GLY B 61 25.49 10.05 -1.72
C GLY B 61 24.59 9.96 -2.95
N ASP B 62 23.28 10.02 -2.73
CA ASP B 62 22.32 9.93 -3.82
C ASP B 62 22.41 11.14 -4.77
N ALA B 63 23.21 12.12 -4.40
CA ALA B 63 23.36 13.32 -5.23
C ALA B 63 24.37 13.07 -6.34
N GLY B 64 24.50 14.03 -7.26
CA GLY B 64 25.44 13.90 -8.37
C GLY B 64 24.78 14.23 -9.71
N GLU B 65 23.73 13.48 -10.05
CA GLU B 65 23.03 13.70 -11.32
C GLU B 65 22.34 15.07 -11.33
N GLY B 66 21.76 15.45 -10.20
CA GLY B 66 21.07 16.73 -10.11
C GLY B 66 20.91 17.16 -8.66
N LYS B 67 20.42 18.38 -8.47
CA LYS B 67 20.23 18.92 -7.13
C LYS B 67 19.13 18.16 -6.38
N MET B 68 17.88 18.54 -6.66
CA MET B 68 16.72 17.93 -6.01
C MET B 68 16.52 16.47 -6.40
N LYS B 69 16.75 16.13 -7.66
CA LYS B 69 16.54 14.76 -8.14
C LYS B 69 17.62 13.80 -7.64
N VAL B 70 17.22 12.52 -7.52
CA VAL B 70 18.11 11.47 -7.05
C VAL B 70 18.02 10.24 -7.98
N SER B 71 18.89 9.26 -7.76
CA SER B 71 18.88 8.05 -8.59
C SER B 71 17.52 7.37 -8.49
N LEU B 72 16.93 7.04 -9.64
CA LEU B 72 15.60 6.45 -9.66
C LEU B 72 15.59 5.04 -9.04
N VAL B 73 16.65 4.30 -9.35
CA VAL B 73 16.80 2.93 -8.88
C VAL B 73 16.83 2.84 -7.34
N LEU B 74 17.06 3.95 -6.67
CA LEU B 74 17.06 3.93 -5.20
C LEU B 74 15.75 3.36 -4.68
N VAL B 75 14.67 3.69 -5.38
CA VAL B 75 13.33 3.22 -5.01
C VAL B 75 13.29 1.70 -5.16
N HIS B 76 13.82 1.10 -6.33
CA HIS B 76 13.82 -0.34 -6.55
C HIS B 76 14.53 -1.05 -5.39
N ALA B 77 15.68 -0.53 -5.01
CA ALA B 77 16.44 -1.14 -3.92
C ALA B 77 15.72 -0.96 -2.60
N GLN B 78 15.18 0.24 -2.37
CA GLN B 78 14.47 0.51 -1.13
C GLN B 78 13.21 -0.35 -1.04
N LEU B 79 12.44 -0.39 -2.12
CA LEU B 79 11.22 -1.18 -2.14
C LEU B 79 11.49 -2.65 -1.82
N HIS B 80 12.48 -3.23 -2.48
CA HIS B 80 12.80 -4.62 -2.24
C HIS B 80 13.36 -4.83 -0.84
N LEU B 81 14.27 -3.95 -0.44
CA LEU B 81 14.88 -4.06 0.89
C LEU B 81 13.85 -3.85 2.00
N MET B 82 13.00 -2.85 1.86
CA MET B 82 11.98 -2.57 2.87
C MET B 82 11.02 -3.75 3.01
N THR B 83 10.59 -4.28 1.87
CA THR B 83 9.67 -5.41 1.87
C THR B 83 10.32 -6.64 2.50
N SER B 84 11.55 -6.94 2.10
CA SER B 84 12.26 -8.09 2.64
C SER B 84 12.50 -7.97 4.14
N MET B 85 12.97 -6.81 4.58
CA MET B 85 13.24 -6.60 6.01
C MET B 85 11.96 -6.76 6.83
N LEU B 86 10.89 -6.14 6.36
CA LEU B 86 9.61 -6.21 7.06
C LEU B 86 9.11 -7.65 7.12
N ALA B 87 9.17 -8.33 5.98
CA ALA B 87 8.72 -9.71 5.90
C ALA B 87 9.49 -10.58 6.88
N ARG B 88 10.79 -10.44 6.86
CA ARG B 88 11.65 -11.22 7.75
C ARG B 88 11.28 -10.97 9.21
N GLU B 89 11.08 -9.70 9.59
CA GLU B 89 10.75 -9.38 10.97
C GLU B 89 9.43 -10.05 11.37
N LEU B 90 8.44 -9.96 10.50
CA LEU B 90 7.14 -10.56 10.78
C LEU B 90 7.28 -12.08 10.84
N ILE B 91 8.06 -12.63 9.92
CA ILE B 91 8.30 -14.07 9.91
C ILE B 91 8.95 -14.49 11.23
N THR B 92 9.86 -13.66 11.73
CA THR B 92 10.50 -13.96 13.02
C THR B 92 9.43 -14.07 14.09
N GLU B 93 8.49 -13.13 14.09
CA GLU B 93 7.40 -13.15 15.06
C GLU B 93 6.58 -14.43 14.88
N LEU B 94 6.30 -14.77 13.62
CA LEU B 94 5.54 -15.99 13.33
C LEU B 94 6.27 -17.21 13.87
N ILE B 95 7.59 -17.26 13.68
CA ILE B 95 8.36 -18.38 14.19
C ILE B 95 8.28 -18.46 15.71
N GLU B 96 8.36 -17.30 16.37
CA GLU B 96 8.25 -17.27 17.83
C GLU B 96 6.90 -17.85 18.25
N LEU B 97 5.86 -17.54 17.49
CA LEU B 97 4.52 -18.05 17.79
C LEU B 97 4.52 -19.58 17.69
N HIS B 98 5.19 -20.10 16.66
CA HIS B 98 5.27 -21.55 16.50
C HIS B 98 5.89 -22.17 17.75
N GLU B 99 6.90 -21.48 18.28
CA GLU B 99 7.55 -21.95 19.50
C GLU B 99 6.58 -21.94 20.66
N LYS B 100 5.77 -20.88 20.77
CA LYS B 100 4.79 -20.80 21.84
C LYS B 100 3.72 -21.88 21.65
N LEU B 101 3.39 -22.19 20.39
CA LEU B 101 2.42 -23.25 20.11
C LEU B 101 2.96 -24.60 20.58
N LYS B 102 4.13 -24.57 21.21
CA LYS B 102 4.77 -25.78 21.72
C LYS B 102 5.49 -26.51 20.59
N ALA B 103 4.71 -26.92 19.58
CA ALA B 103 5.25 -27.67 18.43
C ALA B 103 6.64 -27.19 18.04
N ALA C 1 11.12 19.25 -2.05
CA ALA C 1 11.16 20.74 -1.98
C ALA C 1 10.96 21.17 -0.54
N GLU C 2 11.18 22.45 -0.27
CA GLU C 2 11.04 23.02 1.08
C GLU C 2 10.10 22.22 1.98
N GLU C 3 8.81 22.51 1.89
CA GLU C 3 7.83 21.81 2.71
C GLU C 3 7.73 20.34 2.34
N LEU C 4 7.37 20.07 1.08
CA LEU C 4 7.24 18.68 0.63
C LEU C 4 8.38 17.80 1.16
N GLU C 5 9.60 18.32 1.11
CA GLU C 5 10.76 17.57 1.58
C GLU C 5 10.74 17.43 3.10
N GLU C 6 10.47 18.53 3.78
CA GLU C 6 10.41 18.52 5.24
C GLU C 6 9.19 17.70 5.68
N VAL C 7 8.12 17.78 4.89
CA VAL C 7 6.90 17.04 5.17
C VAL C 7 7.17 15.53 5.06
N VAL C 8 7.92 15.14 4.03
CA VAL C 8 8.27 13.74 3.83
C VAL C 8 9.06 13.24 5.04
N MET C 9 10.02 14.04 5.50
CA MET C 9 10.80 13.67 6.66
C MET C 9 9.87 13.40 7.84
N GLY C 10 8.88 14.29 8.01
CA GLY C 10 7.91 14.13 9.08
C GLY C 10 7.12 12.84 8.88
N LEU C 11 6.71 12.59 7.65
CA LEU C 11 5.94 11.37 7.33
C LEU C 11 6.79 10.14 7.59
N ILE C 12 8.05 10.18 7.18
CA ILE C 12 8.94 9.04 7.37
C ILE C 12 9.11 8.78 8.87
N ILE C 13 9.32 9.87 9.61
CA ILE C 13 9.47 9.76 11.06
C ILE C 13 8.16 9.23 11.66
N ASN C 14 7.05 9.81 11.22
CA ASN C 14 5.73 9.40 11.72
C ASN C 14 5.50 7.92 11.43
N SER C 15 5.79 7.51 10.19
CA SER C 15 5.63 6.11 9.81
C SER C 15 6.52 5.24 10.68
N GLY C 16 7.76 5.70 10.90
CA GLY C 16 8.70 4.95 11.73
C GLY C 16 8.18 4.84 13.16
N GLN C 17 7.67 5.95 13.70
CA GLN C 17 7.13 5.92 15.06
C GLN C 17 5.95 4.97 15.12
N ALA C 18 5.12 5.01 14.08
CA ALA C 18 3.96 4.14 14.02
C ALA C 18 4.38 2.67 14.15
N ARG C 19 5.36 2.27 13.33
CA ARG C 19 5.84 0.91 13.40
C ARG C 19 6.41 0.63 14.79
N SER C 20 7.21 1.57 15.28
CA SER C 20 7.81 1.41 16.60
C SER C 20 6.73 1.13 17.65
N LEU C 21 5.66 1.92 17.61
CA LEU C 21 4.56 1.74 18.54
C LEU C 21 3.92 0.37 18.33
N ALA C 22 3.73 0.00 17.06
CA ALA C 22 3.13 -1.29 16.73
C ALA C 22 3.96 -2.44 17.33
N TYR C 23 5.27 -2.43 17.07
CA TYR C 23 6.14 -3.47 17.64
C TYR C 23 6.05 -3.45 19.16
N ALA C 24 6.03 -2.24 19.72
CA ALA C 24 5.92 -2.11 21.17
C ALA C 24 4.59 -2.72 21.62
N ALA C 25 3.54 -2.47 20.85
CA ALA C 25 2.23 -3.03 21.16
C ALA C 25 2.31 -4.55 21.21
N LEU C 26 3.01 -5.12 20.24
CA LEU C 26 3.19 -6.57 20.18
C LEU C 26 3.95 -7.05 21.42
N LYS C 27 4.99 -6.31 21.77
CA LYS C 27 5.79 -6.66 22.94
C LYS C 27 4.90 -6.72 24.19
N GLN C 28 3.99 -5.77 24.31
CA GLN C 28 3.06 -5.75 25.44
C GLN C 28 2.26 -7.04 25.47
N ALA C 29 1.82 -7.47 24.27
CA ALA C 29 1.05 -8.70 24.16
C ALA C 29 1.85 -9.89 24.67
N LYS C 30 3.13 -9.94 24.30
CA LYS C 30 3.99 -11.02 24.76
C LYS C 30 4.07 -11.06 26.28
N GLN C 31 3.98 -9.88 26.90
CA GLN C 31 4.04 -9.80 28.36
C GLN C 31 2.67 -10.17 28.96
N GLY C 32 1.71 -10.44 28.08
CA GLY C 32 0.36 -10.83 28.53
C GLY C 32 -0.47 -9.60 28.89
N ASP C 33 -0.04 -8.43 28.44
CA ASP C 33 -0.76 -7.18 28.70
C ASP C 33 -1.63 -6.80 27.51
N PHE C 34 -2.80 -7.41 27.42
CA PHE C 34 -3.71 -7.14 26.31
C PHE C 34 -4.22 -5.70 26.34
N ALA C 35 -4.43 -5.17 27.54
CA ALA C 35 -4.94 -3.81 27.68
C ALA C 35 -3.97 -2.79 27.08
N ALA C 36 -2.71 -2.89 27.47
CA ALA C 36 -1.71 -1.96 26.96
C ALA C 36 -1.50 -2.17 25.47
N ALA C 37 -1.55 -3.42 25.02
CA ALA C 37 -1.38 -3.71 23.60
C ALA C 37 -2.48 -3.00 22.81
N LYS C 38 -3.72 -3.21 23.22
CA LYS C 38 -4.87 -2.59 22.57
C LYS C 38 -4.72 -1.07 22.49
N ALA C 39 -4.32 -0.45 23.61
CA ALA C 39 -4.16 1.00 23.65
C ALA C 39 -3.06 1.46 22.68
N MET C 40 -1.96 0.72 22.64
CA MET C 40 -0.85 1.06 21.77
C MET C 40 -1.25 0.92 20.30
N MET C 41 -2.03 -0.11 19.99
CA MET C 41 -2.48 -0.31 18.61
C MET C 41 -3.35 0.85 18.16
N ASP C 42 -4.25 1.28 19.04
CA ASP C 42 -5.17 2.36 18.72
C ASP C 42 -4.41 3.63 18.38
N GLN C 43 -3.42 3.97 19.21
CA GLN C 43 -2.61 5.16 18.97
C GLN C 43 -1.83 5.03 17.67
N SER C 44 -1.30 3.85 17.42
CA SER C 44 -0.55 3.60 16.19
C SER C 44 -1.44 3.87 14.98
N ARG C 45 -2.67 3.32 15.03
CA ARG C 45 -3.64 3.50 13.96
C ARG C 45 -3.93 4.99 13.72
N MET C 46 -4.14 5.72 14.81
CA MET C 46 -4.43 7.15 14.72
C MET C 46 -3.26 7.89 14.08
N ALA C 47 -2.04 7.51 14.47
CA ALA C 47 -0.84 8.14 13.91
C ALA C 47 -0.78 7.91 12.40
N LEU C 48 -1.08 6.68 11.98
CA LEU C 48 -1.07 6.33 10.57
C LEU C 48 -2.17 7.06 9.82
N ASN C 49 -3.34 7.15 10.45
CA ASN C 49 -4.48 7.81 9.84
C ASN C 49 -4.14 9.27 9.52
N GLU C 50 -3.51 9.95 10.47
CA GLU C 50 -3.11 11.33 10.26
C GLU C 50 -2.06 11.41 9.16
N ALA C 51 -1.13 10.47 9.19
CA ALA C 51 -0.07 10.43 8.18
C ALA C 51 -0.67 10.15 6.80
N HIS C 52 -1.58 9.19 6.74
CA HIS C 52 -2.25 8.85 5.48
C HIS C 52 -3.02 10.05 4.94
N LEU C 53 -3.69 10.78 5.83
CA LEU C 53 -4.47 11.95 5.43
C LEU C 53 -3.56 12.98 4.76
N VAL C 54 -2.39 13.20 5.35
CA VAL C 54 -1.45 14.16 4.80
C VAL C 54 -0.99 13.67 3.43
N GLN C 55 -0.69 12.38 3.32
CA GLN C 55 -0.26 11.82 2.04
C GLN C 55 -1.38 11.99 1.00
N THR C 56 -2.62 11.74 1.41
CA THR C 56 -3.76 11.88 0.48
C THR C 56 -3.70 13.25 -0.19
N LYS C 57 -3.50 14.29 0.60
CA LYS C 57 -3.40 15.64 0.05
C LYS C 57 -2.20 15.73 -0.88
N LEU C 58 -1.11 15.09 -0.49
CA LEU C 58 0.10 15.11 -1.29
C LEU C 58 -0.08 14.35 -2.61
N ILE C 59 -1.09 13.47 -2.70
CA ILE C 59 -1.33 12.76 -3.95
C ILE C 59 -2.40 13.48 -4.79
N GLU C 60 -3.38 14.10 -4.14
CA GLU C 60 -4.43 14.83 -4.87
C GLU C 60 -3.85 16.03 -5.60
N GLY C 61 -2.89 16.71 -4.98
CA GLY C 61 -2.28 17.89 -5.57
C GLY C 61 -0.83 17.62 -5.97
N ASP C 62 -0.56 16.41 -6.41
CA ASP C 62 0.79 16.03 -6.80
C ASP C 62 1.22 16.75 -8.06
N ALA C 63 0.31 17.49 -8.68
CA ALA C 63 0.63 18.24 -9.90
C ALA C 63 1.30 19.56 -9.56
N GLY C 64 1.78 20.26 -10.59
CA GLY C 64 2.43 21.56 -10.39
C GLY C 64 3.77 21.63 -11.13
N GLU C 65 4.69 20.71 -10.81
CA GLU C 65 5.99 20.70 -11.45
C GLU C 65 5.87 20.38 -12.94
N GLY C 66 4.99 19.45 -13.27
CA GLY C 66 4.80 19.05 -14.66
C GLY C 66 3.45 18.36 -14.86
N LYS C 67 3.12 18.09 -16.11
CA LYS C 67 1.85 17.44 -16.43
C LYS C 67 1.83 16.00 -15.92
N MET C 68 2.44 15.10 -16.70
CA MET C 68 2.48 13.68 -16.36
C MET C 68 3.31 13.38 -15.12
N LYS C 69 4.45 14.07 -14.97
CA LYS C 69 5.34 13.83 -13.84
C LYS C 69 4.79 14.36 -12.52
N VAL C 70 5.20 13.71 -11.43
CA VAL C 70 4.76 14.07 -10.08
C VAL C 70 5.96 14.16 -9.13
N SER C 71 5.72 14.64 -7.91
CA SER C 71 6.80 14.75 -6.93
C SER C 71 7.42 13.38 -6.68
N LEU C 72 8.74 13.30 -6.77
CA LEU C 72 9.45 12.03 -6.61
C LEU C 72 9.31 11.48 -5.19
N VAL C 73 9.40 12.39 -4.22
CA VAL C 73 9.33 12.04 -2.80
C VAL C 73 8.00 11.37 -2.44
N LEU C 74 6.99 11.51 -3.28
CA LEU C 74 5.71 10.85 -3.00
C LEU C 74 5.91 9.37 -2.77
N VAL C 75 6.83 8.79 -3.54
CA VAL C 75 7.15 7.38 -3.43
C VAL C 75 7.75 7.10 -2.05
N HIS C 76 8.75 7.97 -1.56
CA HIS C 76 9.37 7.77 -0.25
C HIS C 76 8.30 7.73 0.85
N ALA C 77 7.37 8.67 0.79
CA ALA C 77 6.30 8.74 1.78
C ALA C 77 5.36 7.55 1.63
N GLN C 78 5.02 7.21 0.39
CA GLN C 78 4.10 6.10 0.13
C GLN C 78 4.74 4.78 0.58
N LEU C 79 5.99 4.58 0.19
CA LEU C 79 6.71 3.36 0.55
C LEU C 79 6.75 3.17 2.06
N HIS C 80 7.13 4.21 2.79
CA HIS C 80 7.20 4.12 4.24
C HIS C 80 5.81 3.94 4.85
N LEU C 81 4.87 4.73 4.38
CA LEU C 81 3.50 4.67 4.89
C LEU C 81 2.85 3.31 4.59
N MET C 82 3.01 2.84 3.37
CA MET C 82 2.42 1.55 2.98
C MET C 82 3.01 0.42 3.82
N THR C 83 4.32 0.45 3.99
CA THR C 83 5.00 -0.58 4.76
C THR C 83 4.54 -0.55 6.22
N SER C 84 4.53 0.64 6.80
CA SER C 84 4.12 0.80 8.20
C SER C 84 2.67 0.37 8.42
N MET C 85 1.76 0.84 7.56
CA MET C 85 0.35 0.48 7.70
C MET C 85 0.16 -1.04 7.61
N LEU C 86 0.80 -1.65 6.63
CA LEU C 86 0.70 -3.09 6.43
C LEU C 86 1.24 -3.83 7.65
N ALA C 87 2.42 -3.42 8.10
CA ALA C 87 3.05 -4.04 9.25
C ALA C 87 2.13 -3.96 10.47
N ARG C 88 1.61 -2.77 10.71
CA ARG C 88 0.74 -2.55 11.84
C ARG C 88 -0.50 -3.47 11.77
N GLU C 89 -1.11 -3.56 10.59
CA GLU C 89 -2.29 -4.42 10.44
C GLU C 89 -1.95 -5.88 10.74
N LEU C 90 -0.82 -6.35 10.20
CA LEU C 90 -0.40 -7.72 10.44
C LEU C 90 -0.07 -7.92 11.91
N ILE C 91 0.60 -6.95 12.49
CA ILE C 91 0.95 -7.02 13.90
C ILE C 91 -0.33 -7.12 14.73
N THR C 92 -1.36 -6.39 14.32
CA THR C 92 -2.64 -6.46 15.02
C THR C 92 -3.15 -7.89 14.99
N GLU C 93 -3.06 -8.53 13.83
CA GLU C 93 -3.50 -9.92 13.70
C GLU C 93 -2.66 -10.82 14.62
N LEU C 94 -1.36 -10.56 14.63
CA LEU C 94 -0.45 -11.34 15.47
C LEU C 94 -0.84 -11.20 16.94
N ILE C 95 -1.16 -9.98 17.35
CA ILE C 95 -1.57 -9.73 18.73
C ILE C 95 -2.86 -10.51 19.05
N GLU C 96 -3.80 -10.48 18.12
CA GLU C 96 -5.05 -11.21 18.31
C GLU C 96 -4.75 -12.70 18.53
N LEU C 97 -3.78 -13.21 17.77
CA LEU C 97 -3.39 -14.61 17.91
C LEU C 97 -2.85 -14.87 19.32
N HIS C 98 -2.05 -13.94 19.83
CA HIS C 98 -1.52 -14.09 21.18
C HIS C 98 -2.68 -14.22 22.16
N GLU C 99 -3.73 -13.44 21.92
CA GLU C 99 -4.90 -13.49 22.78
C GLU C 99 -5.57 -14.87 22.68
N LYS C 100 -5.65 -15.41 21.46
CA LYS C 100 -6.25 -16.72 21.29
C LYS C 100 -5.38 -17.78 21.95
N LEU C 101 -4.05 -17.58 21.91
CA LEU C 101 -3.12 -18.52 22.55
C LEU C 101 -3.37 -18.53 24.06
N LYS C 102 -4.36 -17.76 24.51
CA LYS C 102 -4.70 -17.67 25.93
C LYS C 102 -3.78 -16.68 26.63
N ALA C 103 -2.48 -16.99 26.61
CA ALA C 103 -1.45 -16.16 27.26
C ALA C 103 -1.80 -14.67 27.21
N LYS D 1 -19.97 26.95 -1.17
CA LYS D 1 -19.08 26.05 -1.96
C LYS D 1 -19.44 24.59 -1.78
N LYS D 2 -19.77 23.94 -2.87
CA LYS D 2 -20.15 22.54 -2.84
C LYS D 2 -18.93 21.62 -2.88
N HIS D 3 -19.02 20.49 -2.19
CA HIS D 3 -17.93 19.52 -2.13
C HIS D 3 -18.12 18.37 -3.08
N ILE D 4 -17.20 18.26 -4.03
CA ILE D 4 -17.22 17.18 -4.99
C ILE D 4 -16.07 16.24 -4.61
N TYR D 5 -16.39 15.03 -4.18
CA TYR D 5 -15.38 14.06 -3.78
C TYR D 5 -15.33 12.90 -4.76
N LEU D 6 -14.13 12.60 -5.26
CA LEU D 6 -13.90 11.48 -6.19
C LEU D 6 -13.25 10.35 -5.40
N PHE D 7 -13.57 9.08 -5.75
CA PHE D 7 -12.87 7.95 -5.12
C PHE D 7 -12.21 7.05 -6.15
N CYS D 8 -11.08 6.41 -5.71
CA CYS D 8 -10.32 5.39 -6.44
C CYS D 8 -9.55 4.53 -5.45
N SER D 9 -8.65 3.64 -5.83
CA SER D 9 -8.06 2.81 -4.77
C SER D 9 -7.18 3.62 -3.86
N ALA D 10 -6.18 4.37 -4.38
CA ALA D 10 -5.25 5.09 -3.51
C ALA D 10 -5.52 6.58 -3.60
N GLY D 11 -5.93 7.06 -4.77
CA GLY D 11 -6.23 8.47 -4.97
C GLY D 11 -5.18 9.15 -5.84
N MET D 12 -4.49 8.41 -6.70
CA MET D 12 -3.47 9.03 -7.56
C MET D 12 -3.97 9.28 -8.99
N SER D 13 -4.06 8.23 -9.74
CA SER D 13 -4.49 8.37 -11.14
C SER D 13 -5.70 9.29 -11.27
N THR D 14 -6.45 9.50 -10.18
CA THR D 14 -7.61 10.37 -10.30
C THR D 14 -7.22 11.77 -9.88
N SER D 15 -6.09 11.83 -9.22
CA SER D 15 -5.48 13.09 -8.76
C SER D 15 -5.20 14.03 -9.93
N LEU D 16 -4.82 13.46 -11.06
CA LEU D 16 -4.55 14.26 -12.24
C LEU D 16 -5.88 14.86 -12.76
N LEU D 17 -6.96 14.07 -12.72
CA LEU D 17 -8.28 14.55 -13.14
C LEU D 17 -8.75 15.68 -12.19
N VAL D 18 -8.54 15.48 -10.88
CA VAL D 18 -8.91 16.50 -9.89
C VAL D 18 -8.18 17.83 -10.15
N SER D 19 -6.89 17.79 -10.47
CA SER D 19 -6.17 19.03 -10.74
C SER D 19 -6.73 19.77 -11.98
N LYS D 20 -7.12 19.03 -13.02
CA LYS D 20 -7.71 19.66 -14.20
C LYS D 20 -9.12 20.20 -13.91
N MET D 21 -9.87 19.50 -13.07
CA MET D 21 -11.22 20.00 -12.73
C MET D 21 -11.08 21.31 -11.94
N ARG D 22 -10.13 21.39 -11.02
CA ARG D 22 -9.91 22.60 -10.21
C ARG D 22 -9.56 23.79 -11.12
N ALA D 23 -8.79 23.54 -12.18
CA ALA D 23 -8.39 24.59 -13.11
C ALA D 23 -9.63 25.14 -13.81
N GLN D 24 -10.50 24.24 -14.24
CA GLN D 24 -11.72 24.61 -14.91
C GLN D 24 -12.67 25.35 -14.00
N ALA D 25 -12.80 24.88 -12.77
CA ALA D 25 -13.69 25.53 -11.80
C ALA D 25 -13.24 26.96 -11.55
N GLU D 26 -11.93 27.20 -11.60
CA GLU D 26 -11.39 28.54 -11.36
C GLU D 26 -11.65 29.43 -12.57
N LYS D 27 -11.43 28.88 -13.76
CA LYS D 27 -11.63 29.59 -14.99
C LYS D 27 -13.07 30.10 -15.12
N TYR D 28 -14.05 29.29 -14.72
CA TYR D 28 -15.48 29.69 -14.80
C TYR D 28 -16.13 30.10 -13.49
N GLU D 29 -15.33 30.35 -12.46
CA GLU D 29 -15.81 30.78 -11.15
C GLU D 29 -16.89 29.89 -10.51
N VAL D 30 -16.76 28.58 -10.66
CA VAL D 30 -17.70 27.63 -10.08
C VAL D 30 -17.27 27.48 -8.62
N PRO D 31 -18.19 27.73 -7.67
CA PRO D 31 -17.91 27.64 -6.23
C PRO D 31 -17.93 26.21 -5.68
N VAL D 32 -16.88 25.46 -6.01
CA VAL D 32 -16.75 24.08 -5.57
C VAL D 32 -15.38 23.76 -5.01
N ILE D 33 -15.35 22.75 -4.14
CA ILE D 33 -14.13 22.22 -3.55
C ILE D 33 -14.09 20.77 -4.09
N ILE D 34 -12.98 20.40 -4.71
CA ILE D 34 -12.79 19.07 -5.32
C ILE D 34 -11.61 18.31 -4.66
N GLU D 35 -11.86 17.09 -4.18
CA GLU D 35 -10.83 16.27 -3.52
C GLU D 35 -10.93 14.82 -4.00
N ALA D 36 -9.78 14.14 -4.09
CA ALA D 36 -9.71 12.73 -4.50
C ALA D 36 -9.34 11.92 -3.25
N PHE D 37 -9.93 10.74 -3.09
CA PHE D 37 -9.64 9.87 -1.95
C PHE D 37 -9.66 8.44 -2.43
N PRO D 38 -9.08 7.53 -1.64
CA PRO D 38 -9.07 6.11 -2.02
C PRO D 38 -10.49 5.61 -1.70
N GLU D 39 -10.91 4.54 -2.35
CA GLU D 39 -12.24 3.96 -2.13
C GLU D 39 -12.51 3.54 -0.69
N THR D 40 -11.46 3.29 0.09
CA THR D 40 -11.63 2.88 1.48
C THR D 40 -12.26 3.95 2.37
N LEU D 41 -12.19 5.21 1.94
CA LEU D 41 -12.77 6.32 2.70
C LEU D 41 -14.15 6.77 2.20
N ALA D 42 -14.74 6.07 1.21
CA ALA D 42 -16.05 6.45 0.63
C ALA D 42 -17.14 6.64 1.68
N GLY D 43 -17.12 5.80 2.71
CA GLY D 43 -18.13 5.91 3.75
C GLY D 43 -17.81 6.98 4.77
N GLU D 44 -16.53 7.16 5.08
CA GLU D 44 -16.15 8.15 6.07
C GLU D 44 -16.16 9.59 5.49
N LYS D 45 -15.52 9.77 4.34
CA LYS D 45 -15.46 11.08 3.70
C LYS D 45 -16.73 11.45 2.92
N GLY D 46 -17.38 10.46 2.32
CA GLY D 46 -18.60 10.70 1.55
C GLY D 46 -19.69 11.43 2.29
N GLN D 47 -19.77 11.23 3.60
CA GLN D 47 -20.79 11.89 4.43
C GLN D 47 -20.74 13.42 4.34
N ASN D 48 -19.59 13.97 3.95
CA ASN D 48 -19.43 15.41 3.87
C ASN D 48 -19.45 15.95 2.45
N ALA D 49 -19.66 15.08 1.48
CA ALA D 49 -19.67 15.54 0.10
C ALA D 49 -21.06 15.97 -0.30
N ASP D 50 -21.11 16.82 -1.31
CA ASP D 50 -22.38 17.25 -1.83
C ASP D 50 -22.73 16.32 -2.99
N VAL D 51 -21.69 15.73 -3.60
CA VAL D 51 -21.88 14.75 -4.67
C VAL D 51 -20.68 13.78 -4.61
N VAL D 52 -20.98 12.49 -4.70
CA VAL D 52 -19.97 11.44 -4.66
C VAL D 52 -19.78 10.85 -6.06
N LEU D 53 -18.55 10.92 -6.57
CA LEU D 53 -18.24 10.38 -7.88
C LEU D 53 -17.30 9.18 -7.73
N LEU D 54 -17.60 8.08 -8.42
CA LEU D 54 -16.75 6.88 -8.36
C LEU D 54 -15.96 6.73 -9.63
N GLY D 55 -14.69 6.35 -9.51
CA GLY D 55 -13.84 6.18 -10.68
C GLY D 55 -14.39 5.02 -11.49
N PRO D 56 -14.13 4.94 -12.76
CA PRO D 56 -14.66 3.84 -13.62
C PRO D 56 -14.22 2.43 -13.18
N GLN D 57 -13.07 2.31 -12.54
CA GLN D 57 -12.57 1.02 -12.08
C GLN D 57 -13.39 0.49 -10.90
N ILE D 58 -14.04 1.38 -10.15
CA ILE D 58 -14.82 0.94 -9.01
C ILE D 58 -16.34 1.02 -9.23
N ALA D 59 -16.75 0.99 -10.49
CA ALA D 59 -18.17 1.04 -10.83
C ALA D 59 -18.94 -0.11 -10.19
N TYR D 60 -18.34 -1.30 -10.13
CA TYR D 60 -19.04 -2.44 -9.55
C TYR D 60 -19.46 -2.21 -8.09
N MET D 61 -18.84 -1.23 -7.44
CA MET D 61 -19.15 -0.89 -6.05
C MET D 61 -20.33 0.08 -5.87
N LEU D 62 -20.89 0.58 -6.97
CA LEU D 62 -21.99 1.54 -6.90
C LEU D 62 -23.13 1.19 -5.93
N PRO D 63 -23.73 -0.02 -6.05
CA PRO D 63 -24.82 -0.37 -5.12
C PRO D 63 -24.43 -0.30 -3.65
N GLU D 64 -23.22 -0.72 -3.30
CA GLU D 64 -22.77 -0.68 -1.91
C GLU D 64 -22.60 0.74 -1.42
N ILE D 65 -22.02 1.59 -2.25
CA ILE D 65 -21.83 2.99 -1.85
C ILE D 65 -23.16 3.74 -1.71
N GLN D 66 -24.12 3.42 -2.59
CA GLN D 66 -25.46 4.00 -2.52
C GLN D 66 -26.13 3.64 -1.18
N ARG D 67 -26.00 2.39 -0.73
CA ARG D 67 -26.60 1.98 0.55
C ARG D 67 -25.89 2.63 1.74
N LEU D 68 -24.60 2.88 1.59
CA LEU D 68 -23.77 3.49 2.64
C LEU D 68 -24.11 4.97 2.82
N LEU D 69 -24.39 5.65 1.70
CA LEU D 69 -24.73 7.09 1.68
C LEU D 69 -26.11 7.27 1.01
N PRO D 70 -27.20 6.87 1.69
CA PRO D 70 -28.55 6.99 1.13
C PRO D 70 -29.03 8.44 0.93
N ASN D 71 -28.35 9.38 1.56
CA ASN D 71 -28.75 10.79 1.44
C ASN D 71 -27.82 11.63 0.57
N LYS D 72 -27.08 10.99 -0.33
CA LYS D 72 -26.14 11.69 -1.21
C LYS D 72 -26.26 11.20 -2.63
N PRO D 73 -26.13 12.10 -3.63
CA PRO D 73 -26.21 11.62 -5.02
C PRO D 73 -24.85 10.97 -5.27
N VAL D 74 -24.87 9.73 -5.75
CA VAL D 74 -23.64 8.96 -6.02
C VAL D 74 -23.64 8.48 -7.46
N GLU D 75 -22.58 8.72 -8.19
CA GLU D 75 -22.53 8.22 -9.55
C GLU D 75 -21.13 7.95 -10.07
N VAL D 76 -21.06 7.12 -11.10
CA VAL D 76 -19.80 6.72 -11.71
C VAL D 76 -19.40 7.72 -12.78
N ILE D 77 -18.11 8.03 -12.84
CA ILE D 77 -17.58 8.96 -13.83
C ILE D 77 -17.54 8.27 -15.17
N ASP D 78 -17.96 8.97 -16.21
CA ASP D 78 -17.94 8.40 -17.55
C ASP D 78 -16.51 7.95 -17.89
N SER D 79 -16.33 6.69 -18.28
CA SER D 79 -14.99 6.17 -18.58
C SER D 79 -14.18 6.90 -19.65
N LEU D 80 -14.87 7.44 -20.65
CA LEU D 80 -14.19 8.17 -21.73
C LEU D 80 -13.73 9.53 -21.23
N LEU D 81 -14.58 10.18 -20.45
CA LEU D 81 -14.26 11.49 -19.90
C LEU D 81 -13.10 11.33 -18.94
N TYR D 82 -13.10 10.21 -18.22
CA TYR D 82 -12.04 9.90 -17.25
C TYR D 82 -10.71 9.58 -17.95
N GLY D 83 -10.75 8.68 -18.92
CA GLY D 83 -9.54 8.32 -19.64
C GLY D 83 -8.87 9.50 -20.31
N LYS D 84 -9.68 10.37 -20.87
CA LYS D 84 -9.22 11.56 -21.59
C LYS D 84 -8.79 12.70 -20.65
N VAL D 85 -9.07 12.52 -19.35
CA VAL D 85 -8.77 13.52 -18.31
C VAL D 85 -9.47 14.86 -18.61
N ASP D 86 -10.76 14.77 -18.94
CA ASP D 86 -11.57 15.95 -19.28
C ASP D 86 -12.09 16.63 -18.03
N GLY D 87 -11.29 17.56 -17.51
CA GLY D 87 -11.64 18.31 -16.31
C GLY D 87 -12.94 19.07 -16.45
N LEU D 88 -13.16 19.73 -17.60
CA LEU D 88 -14.39 20.49 -17.80
C LEU D 88 -15.63 19.58 -17.87
N GLY D 89 -15.50 18.50 -18.64
CA GLY D 89 -16.59 17.56 -18.81
C GLY D 89 -17.07 16.91 -17.53
N VAL D 90 -16.12 16.49 -16.69
CA VAL D 90 -16.48 15.84 -15.42
C VAL D 90 -17.04 16.88 -14.45
N LEU D 91 -16.47 18.08 -14.49
CA LEU D 91 -16.97 19.15 -13.63
C LEU D 91 -18.46 19.39 -14.00
N LYS D 92 -18.76 19.42 -15.30
CA LYS D 92 -20.15 19.61 -15.75
C LYS D 92 -21.09 18.52 -15.24
N ALA D 93 -20.64 17.27 -15.30
CA ALA D 93 -21.47 16.14 -14.85
C ALA D 93 -21.76 16.21 -13.35
N ALA D 94 -20.78 16.72 -12.60
CA ALA D 94 -20.90 16.82 -11.15
C ALA D 94 -21.90 17.90 -10.75
N VAL D 95 -21.80 19.06 -11.40
CA VAL D 95 -22.72 20.17 -11.13
C VAL D 95 -24.13 19.69 -11.49
N ALA D 96 -24.25 18.98 -12.61
CA ALA D 96 -25.54 18.45 -13.04
C ALA D 96 -26.13 17.51 -11.99
N ALA D 97 -25.33 16.57 -11.49
CA ALA D 97 -25.85 15.64 -10.49
C ALA D 97 -26.36 16.40 -9.26
N ILE D 98 -25.70 17.51 -8.93
CA ILE D 98 -26.12 18.32 -7.78
C ILE D 98 -27.46 19.01 -8.03
N LYS D 99 -27.63 19.58 -9.24
CA LYS D 99 -28.87 20.26 -9.62
C LYS D 99 -30.01 19.26 -9.71
N LYS D 100 -29.80 18.19 -10.45
CA LYS D 100 -30.83 17.18 -10.59
C LYS D 100 -31.20 16.60 -9.22
N ALA D 101 -30.34 16.79 -8.23
CA ALA D 101 -30.58 16.28 -6.88
C ALA D 101 -31.37 17.24 -6.00
N ALA D 102 -31.14 18.54 -6.18
CA ALA D 102 -31.83 19.57 -5.43
C ALA D 102 -33.22 19.88 -6.02
N ALA D 103 -33.60 19.13 -7.06
CA ALA D 103 -34.88 19.29 -7.72
C ALA D 103 -35.05 18.26 -8.85
P PO3 E . -4.86 5.35 -7.18
O1 PO3 E . -4.23 6.14 -6.04
O2 PO3 E . -5.35 3.94 -6.94
O3 PO3 E . -4.81 5.90 -8.59
N ALA A 1 0.74 7.29 -18.60
CA ALA A 1 0.24 7.59 -19.96
C ALA A 1 -1.09 6.86 -20.17
N GLU A 2 -1.77 7.18 -21.26
CA GLU A 2 -3.08 6.58 -21.60
C GLU A 2 -3.28 5.20 -20.95
N GLU A 3 -2.80 4.17 -21.63
CA GLU A 3 -2.95 2.80 -21.13
C GLU A 3 -2.16 2.60 -19.84
N LEU A 4 -0.84 2.78 -19.91
CA LEU A 4 0.01 2.60 -18.74
C LEU A 4 -0.63 3.20 -17.48
N GLU A 5 -1.21 4.38 -17.61
CA GLU A 5 -1.84 5.05 -16.47
C GLU A 5 -3.12 4.34 -16.08
N GLU A 6 -3.94 4.01 -17.07
CA GLU A 6 -5.19 3.30 -16.82
C GLU A 6 -4.88 1.88 -16.34
N VAL A 7 -3.80 1.31 -16.88
CA VAL A 7 -3.37 -0.03 -16.50
C VAL A 7 -2.93 -0.05 -15.03
N VAL A 8 -2.20 0.99 -14.63
CA VAL A 8 -1.73 1.10 -13.25
C VAL A 8 -2.95 1.16 -12.33
N MET A 9 -3.95 1.96 -12.70
CA MET A 9 -5.17 2.06 -11.90
C MET A 9 -5.77 0.67 -11.73
N GLY A 10 -5.81 -0.09 -12.82
CA GLY A 10 -6.34 -1.45 -12.77
C GLY A 10 -5.49 -2.31 -11.83
N LEU A 11 -4.17 -2.17 -11.95
CA LEU A 11 -3.26 -2.93 -11.10
C LEU A 11 -3.45 -2.56 -9.64
N ILE A 12 -3.57 -1.27 -9.37
CA ILE A 12 -3.76 -0.80 -8.00
C ILE A 12 -5.06 -1.36 -7.46
N ILE A 13 -6.11 -1.29 -8.26
CA ILE A 13 -7.40 -1.82 -7.85
C ILE A 13 -7.30 -3.33 -7.65
N ASN A 14 -6.65 -4.01 -8.60
CA ASN A 14 -6.47 -5.45 -8.53
C ASN A 14 -5.71 -5.82 -7.26
N SER A 15 -4.61 -5.11 -7.03
CA SER A 15 -3.81 -5.35 -5.83
C SER A 15 -4.65 -5.14 -4.57
N GLY A 16 -5.44 -4.06 -4.60
CA GLY A 16 -6.32 -3.75 -3.47
C GLY A 16 -7.35 -4.86 -3.26
N GLN A 17 -7.95 -5.32 -4.36
CA GLN A 17 -8.94 -6.40 -4.27
C GLN A 17 -8.27 -7.65 -3.72
N ALA A 18 -7.05 -7.92 -4.18
CA ALA A 18 -6.31 -9.09 -3.72
C ALA A 18 -6.15 -9.04 -2.21
N ARG A 19 -5.70 -7.91 -1.69
CA ARG A 19 -5.55 -7.77 -0.25
C ARG A 19 -6.90 -7.95 0.43
N SER A 20 -7.91 -7.28 -0.11
CA SER A 20 -9.25 -7.36 0.44
C SER A 20 -9.68 -8.83 0.57
N LEU A 21 -9.47 -9.59 -0.49
CA LEU A 21 -9.81 -11.01 -0.48
C LEU A 21 -8.97 -11.74 0.58
N ALA A 22 -7.69 -11.40 0.63
CA ALA A 22 -6.79 -12.03 1.60
C ALA A 22 -7.30 -11.80 3.03
N TYR A 23 -7.59 -10.55 3.38
CA TYR A 23 -8.10 -10.25 4.72
C TYR A 23 -9.41 -11.00 4.93
N ALA A 24 -10.25 -11.03 3.90
CA ALA A 24 -11.51 -11.73 3.99
C ALA A 24 -11.24 -13.22 4.25
N ALA A 25 -10.23 -13.75 3.56
CA ALA A 25 -9.84 -15.14 3.75
C ALA A 25 -9.48 -15.38 5.21
N LEU A 26 -8.72 -14.46 5.78
CA LEU A 26 -8.32 -14.57 7.18
C LEU A 26 -9.56 -14.55 8.07
N LYS A 27 -10.48 -13.64 7.77
CA LYS A 27 -11.71 -13.53 8.54
C LYS A 27 -12.45 -14.87 8.56
N GLN A 28 -12.48 -15.54 7.41
CA GLN A 28 -13.15 -16.84 7.31
C GLN A 28 -12.48 -17.81 8.28
N ALA A 29 -11.15 -17.75 8.35
CA ALA A 29 -10.39 -18.62 9.24
C ALA A 29 -10.80 -18.38 10.69
N LYS A 30 -10.95 -17.12 11.05
CA LYS A 30 -11.36 -16.77 12.41
C LYS A 30 -12.72 -17.37 12.73
N GLN A 31 -13.58 -17.50 11.72
CA GLN A 31 -14.89 -18.08 11.93
C GLN A 31 -14.80 -19.60 11.96
N GLY A 32 -13.60 -20.12 11.77
CA GLY A 32 -13.37 -21.56 11.81
C GLY A 32 -13.71 -22.21 10.47
N ASP A 33 -13.83 -21.40 9.43
CA ASP A 33 -14.15 -21.90 8.09
C ASP A 33 -12.88 -22.06 7.26
N PHE A 34 -12.18 -23.18 7.47
CA PHE A 34 -10.93 -23.42 6.73
C PHE A 34 -11.18 -23.60 5.24
N ALA A 35 -12.31 -24.21 4.89
CA ALA A 35 -12.63 -24.46 3.49
C ALA A 35 -12.77 -23.14 2.72
N ALA A 36 -13.56 -22.23 3.26
CA ALA A 36 -13.76 -20.95 2.60
C ALA A 36 -12.46 -20.14 2.60
N ALA A 37 -11.70 -20.23 3.68
CA ALA A 37 -10.43 -19.52 3.75
C ALA A 37 -9.52 -19.99 2.60
N LYS A 38 -9.36 -21.30 2.49
CA LYS A 38 -8.53 -21.90 1.45
C LYS A 38 -8.96 -21.42 0.06
N ALA A 39 -10.26 -21.45 -0.21
CA ALA A 39 -10.77 -21.03 -1.51
C ALA A 39 -10.47 -19.57 -1.79
N MET A 40 -10.61 -18.74 -0.76
CA MET A 40 -10.36 -17.30 -0.90
C MET A 40 -8.88 -17.03 -1.18
N MET A 41 -7.98 -17.76 -0.50
CA MET A 41 -6.55 -17.56 -0.72
C MET A 41 -6.19 -17.92 -2.15
N ASP A 42 -6.77 -19.01 -2.65
CA ASP A 42 -6.47 -19.48 -3.99
C ASP A 42 -6.83 -18.42 -5.02
N GLN A 43 -8.03 -17.87 -4.88
CA GLN A 43 -8.48 -16.82 -5.80
C GLN A 43 -7.61 -15.59 -5.67
N SER A 44 -7.25 -15.24 -4.44
CA SER A 44 -6.40 -14.08 -4.20
C SER A 44 -5.06 -14.28 -4.91
N ARG A 45 -4.49 -15.47 -4.78
CA ARG A 45 -3.22 -15.82 -5.43
C ARG A 45 -3.32 -15.66 -6.95
N MET A 46 -4.40 -16.18 -7.51
CA MET A 46 -4.63 -16.11 -8.95
C MET A 46 -4.72 -14.65 -9.40
N ALA A 47 -5.41 -13.83 -8.62
CA ALA A 47 -5.56 -12.41 -8.94
C ALA A 47 -4.19 -11.74 -9.00
N LEU A 48 -3.35 -12.05 -8.02
CA LEU A 48 -2.00 -11.49 -7.95
C LEU A 48 -1.15 -11.98 -9.12
N ASN A 49 -1.29 -13.26 -9.41
CA ASN A 49 -0.51 -13.87 -10.48
C ASN A 49 -0.77 -13.15 -11.80
N GLU A 50 -2.04 -12.89 -12.07
CA GLU A 50 -2.41 -12.17 -13.29
C GLU A 50 -1.86 -10.75 -13.23
N ALA A 51 -1.97 -10.13 -12.05
CA ALA A 51 -1.47 -8.77 -11.87
C ALA A 51 0.06 -8.75 -12.05
N HIS A 52 0.73 -9.71 -11.44
CA HIS A 52 2.19 -9.81 -11.54
C HIS A 52 2.61 -10.01 -13.00
N LEU A 53 1.86 -10.83 -13.72
CA LEU A 53 2.16 -11.11 -15.12
C LEU A 53 2.11 -9.82 -15.93
N VAL A 54 1.08 -9.02 -15.68
CA VAL A 54 0.94 -7.75 -16.38
C VAL A 54 2.11 -6.84 -16.04
N GLN A 55 2.46 -6.79 -14.76
CA GLN A 55 3.59 -5.96 -14.34
C GLN A 55 4.88 -6.45 -15.01
N THR A 56 5.08 -7.76 -15.08
CA THR A 56 6.28 -8.32 -15.72
C THR A 56 6.46 -7.71 -17.11
N LYS A 57 5.37 -7.66 -17.88
CA LYS A 57 5.43 -7.06 -19.22
C LYS A 57 5.76 -5.59 -19.10
N LEU A 58 5.18 -4.94 -18.10
CA LEU A 58 5.43 -3.52 -17.90
C LEU A 58 6.87 -3.24 -17.48
N ILE A 59 7.58 -4.25 -16.98
CA ILE A 59 8.99 -4.06 -16.60
C ILE A 59 9.93 -4.47 -17.76
N GLU A 60 9.55 -5.49 -18.53
CA GLU A 60 10.37 -5.95 -19.66
C GLU A 60 10.46 -4.88 -20.74
N GLY A 61 9.34 -4.20 -21.01
CA GLY A 61 9.31 -3.17 -22.03
C GLY A 61 9.20 -1.78 -21.42
N ASP A 62 9.80 -1.60 -20.24
CA ASP A 62 9.75 -0.32 -19.54
C ASP A 62 10.49 0.78 -20.32
N ALA A 63 11.17 0.39 -21.40
CA ALA A 63 11.90 1.36 -22.21
C ALA A 63 10.97 2.06 -23.19
N GLY A 64 11.49 3.07 -23.89
CA GLY A 64 10.68 3.81 -24.86
C GLY A 64 10.81 5.32 -24.66
N GLU A 65 10.45 5.80 -23.47
CA GLU A 65 10.53 7.23 -23.19
C GLU A 65 11.97 7.72 -23.18
N GLY A 66 12.86 6.90 -22.64
CA GLY A 66 14.28 7.27 -22.58
C GLY A 66 15.15 6.04 -22.36
N LYS A 67 16.47 6.25 -22.44
CA LYS A 67 17.41 5.15 -22.27
C LYS A 67 17.39 4.63 -20.82
N MET A 68 18.11 5.32 -19.94
CA MET A 68 18.20 4.93 -18.54
C MET A 68 16.88 5.05 -17.79
N LYS A 69 16.13 6.12 -18.08
CA LYS A 69 14.87 6.35 -17.37
C LYS A 69 13.76 5.39 -17.80
N VAL A 70 12.84 5.14 -16.87
CA VAL A 70 11.71 4.23 -17.10
C VAL A 70 10.41 4.88 -16.65
N SER A 71 9.28 4.23 -16.95
CA SER A 71 7.98 4.77 -16.55
C SER A 71 7.94 4.91 -15.03
N LEU A 72 7.54 6.10 -14.57
CA LEU A 72 7.48 6.40 -13.14
C LEU A 72 6.43 5.55 -12.41
N VAL A 73 5.30 5.39 -13.07
CA VAL A 73 4.18 4.62 -12.52
C VAL A 73 4.55 3.16 -12.22
N LEU A 74 5.60 2.68 -12.85
CA LEU A 74 6.03 1.30 -12.64
C LEU A 74 6.18 1.01 -11.16
N VAL A 75 6.58 2.03 -10.41
CA VAL A 75 6.79 1.88 -8.98
C VAL A 75 5.44 1.78 -8.27
N HIS A 76 4.22 2.81 -8.66
CA HIS A 76 2.87 2.81 -8.07
C HIS A 76 2.28 1.41 -8.15
N ALA A 77 2.61 0.70 -9.23
CA ALA A 77 2.14 -0.66 -9.42
C ALA A 77 3.00 -1.64 -8.63
N GLN A 78 4.34 -1.50 -8.72
CA GLN A 78 5.22 -2.41 -8.01
C GLN A 78 5.00 -2.32 -6.51
N LEU A 79 4.96 -1.09 -6.01
CA LEU A 79 4.72 -0.86 -4.59
C LEU A 79 3.44 -1.54 -4.13
N HIS A 80 2.35 -1.32 -4.85
CA HIS A 80 1.08 -1.91 -4.47
C HIS A 80 1.12 -3.44 -4.62
N LEU A 81 1.65 -3.90 -5.74
CA LEU A 81 1.74 -5.34 -5.99
C LEU A 81 2.64 -6.04 -4.98
N MET A 82 3.80 -5.45 -4.70
CA MET A 82 4.74 -6.05 -3.75
C MET A 82 4.11 -6.14 -2.37
N THR A 83 3.46 -5.05 -1.96
CA THR A 83 2.81 -5.00 -0.65
C THR A 83 1.69 -6.04 -0.56
N SER A 84 0.84 -6.07 -1.58
CA SER A 84 -0.29 -7.01 -1.61
C SER A 84 0.20 -8.46 -1.60
N MET A 85 1.16 -8.78 -2.45
CA MET A 85 1.69 -10.14 -2.51
C MET A 85 2.26 -10.57 -1.18
N LEU A 86 3.07 -9.70 -0.59
CA LEU A 86 3.68 -10.00 0.70
C LEU A 86 2.61 -10.19 1.78
N ALA A 87 1.64 -9.28 1.79
CA ALA A 87 0.56 -9.36 2.76
C ALA A 87 -0.15 -10.70 2.67
N ARG A 88 -0.49 -11.10 1.47
CA ARG A 88 -1.18 -12.37 1.27
C ARG A 88 -0.35 -13.55 1.78
N GLU A 89 0.93 -13.57 1.45
CA GLU A 89 1.77 -14.67 1.88
C GLU A 89 1.79 -14.78 3.39
N LEU A 90 1.95 -13.65 4.06
CA LEU A 90 1.96 -13.64 5.51
C LEU A 90 0.58 -14.03 6.05
N ILE A 91 -0.46 -13.51 5.42
CA ILE A 91 -1.82 -13.85 5.84
C ILE A 91 -2.03 -15.35 5.69
N THR A 92 -1.50 -15.92 4.61
CA THR A 92 -1.60 -17.37 4.40
C THR A 92 -0.98 -18.10 5.59
N GLU A 93 0.20 -17.64 6.01
CA GLU A 93 0.88 -18.23 7.16
C GLU A 93 0.02 -18.08 8.40
N LEU A 94 -0.57 -16.89 8.56
CA LEU A 94 -1.43 -16.62 9.72
C LEU A 94 -2.62 -17.59 9.71
N ILE A 95 -3.20 -17.80 8.55
CA ILE A 95 -4.34 -18.73 8.44
C ILE A 95 -3.90 -20.14 8.83
N GLU A 96 -2.72 -20.56 8.36
CA GLU A 96 -2.22 -21.88 8.71
C GLU A 96 -2.08 -22.00 10.22
N LEU A 97 -1.64 -20.91 10.87
CA LEU A 97 -1.51 -20.92 12.32
C LEU A 97 -2.88 -21.12 12.98
N HIS A 98 -3.89 -20.46 12.44
CA HIS A 98 -5.25 -20.62 12.98
C HIS A 98 -5.63 -22.08 12.92
N GLU A 99 -5.25 -22.75 11.84
CA GLU A 99 -5.55 -24.17 11.68
C GLU A 99 -4.81 -24.98 12.74
N LYS A 100 -3.56 -24.62 13.01
CA LYS A 100 -2.79 -25.32 14.02
C LYS A 100 -3.39 -25.06 15.41
N LEU A 101 -3.92 -23.84 15.61
CA LEU A 101 -4.56 -23.49 16.88
C LEU A 101 -5.80 -24.37 17.09
N LYS A 102 -6.02 -25.30 16.15
CA LYS A 102 -7.18 -26.20 16.21
C LYS A 102 -8.43 -25.52 15.71
N ALA A 103 -8.82 -24.42 16.39
CA ALA A 103 -10.03 -23.67 16.04
C ALA A 103 -10.30 -23.65 14.53
N ALA B 1 22.66 3.11 -13.51
CA ALA B 1 23.97 3.34 -14.19
C ALA B 1 24.86 2.13 -13.94
N GLU B 2 26.00 2.08 -14.64
CA GLU B 2 26.95 0.97 -14.53
C GLU B 2 26.86 0.24 -13.18
N GLU B 3 27.57 0.74 -12.19
CA GLU B 3 27.58 0.13 -10.87
C GLU B 3 26.22 0.21 -10.20
N LEU B 4 25.72 1.44 -10.02
CA LEU B 4 24.42 1.61 -9.38
C LEU B 4 23.38 0.61 -9.91
N GLU B 5 23.37 0.41 -11.22
CA GLU B 5 22.42 -0.52 -11.83
C GLU B 5 22.76 -1.95 -11.47
N GLU B 6 24.03 -2.30 -11.57
CA GLU B 6 24.50 -3.63 -11.23
C GLU B 6 24.38 -3.85 -9.73
N VAL B 7 24.60 -2.79 -8.97
CA VAL B 7 24.51 -2.85 -7.52
C VAL B 7 23.05 -3.11 -7.10
N VAL B 8 22.12 -2.44 -7.77
CA VAL B 8 20.69 -2.63 -7.49
C VAL B 8 20.33 -4.08 -7.74
N MET B 9 20.80 -4.63 -8.86
CA MET B 9 20.52 -6.03 -9.18
C MET B 9 21.01 -6.91 -8.03
N GLY B 10 22.21 -6.62 -7.53
CA GLY B 10 22.75 -7.37 -6.41
C GLY B 10 21.86 -7.21 -5.19
N LEU B 11 21.44 -5.98 -4.93
CA LEU B 11 20.56 -5.70 -3.79
C LEU B 11 19.24 -6.44 -3.93
N ILE B 12 18.67 -6.41 -5.13
CA ILE B 12 17.40 -7.09 -5.38
C ILE B 12 17.57 -8.58 -5.14
N ILE B 13 18.66 -9.12 -5.68
CA ILE B 13 18.94 -10.54 -5.50
C ILE B 13 19.17 -10.83 -4.02
N ASN B 14 19.95 -9.98 -3.36
CA ASN B 14 20.24 -10.16 -1.94
C ASN B 14 18.94 -10.10 -1.13
N SER B 15 18.11 -9.11 -1.42
CA SER B 15 16.83 -8.99 -0.74
C SER B 15 15.98 -10.23 -0.97
N GLY B 16 15.99 -10.71 -2.22
CA GLY B 16 15.23 -11.91 -2.57
C GLY B 16 15.76 -13.12 -1.81
N GLN B 17 17.08 -13.25 -1.75
CA GLN B 17 17.68 -14.37 -1.03
C GLN B 17 17.31 -14.28 0.45
N ALA B 18 17.35 -13.06 0.98
CA ALA B 18 17.00 -12.84 2.37
C ALA B 18 15.60 -13.36 2.66
N ARG B 19 14.64 -12.97 1.84
CA ARG B 19 13.27 -13.44 2.02
C ARG B 19 13.24 -14.96 1.90
N SER B 20 13.90 -15.47 0.86
CA SER B 20 13.94 -16.91 0.64
C SER B 20 14.41 -17.63 1.89
N LEU B 21 15.50 -17.13 2.48
CA LEU B 21 16.04 -17.73 3.71
C LEU B 21 15.01 -17.60 4.83
N ALA B 22 14.37 -16.44 4.93
CA ALA B 22 13.37 -16.20 5.97
C ALA B 22 12.24 -17.23 5.85
N TYR B 23 11.67 -17.38 4.65
CA TYR B 23 10.60 -18.36 4.46
C TYR B 23 11.12 -19.75 4.79
N ALA B 24 12.36 -20.04 4.38
CA ALA B 24 12.95 -21.33 4.67
C ALA B 24 13.06 -21.49 6.19
N ALA B 25 13.43 -20.41 6.87
CA ALA B 25 13.53 -20.43 8.33
C ALA B 25 12.18 -20.80 8.92
N LEU B 26 11.12 -20.21 8.39
CA LEU B 26 9.78 -20.50 8.86
C LEU B 26 9.45 -21.97 8.62
N LYS B 27 9.80 -22.46 7.44
CA LYS B 27 9.55 -23.86 7.11
C LYS B 27 10.21 -24.78 8.14
N GLN B 28 11.43 -24.43 8.54
CA GLN B 28 12.13 -25.23 9.56
C GLN B 28 11.31 -25.26 10.84
N ALA B 29 10.74 -24.11 11.19
CA ALA B 29 9.91 -24.02 12.40
C ALA B 29 8.73 -24.97 12.31
N LYS B 30 8.09 -25.01 11.14
CA LYS B 30 6.95 -25.90 10.94
C LYS B 30 7.36 -27.35 11.16
N GLN B 31 8.62 -27.67 10.83
CA GLN B 31 9.10 -29.04 11.01
C GLN B 31 9.46 -29.28 12.48
N GLY B 32 9.32 -28.24 13.29
CA GLY B 32 9.63 -28.35 14.72
C GLY B 32 11.13 -28.18 14.99
N ASP B 33 11.86 -27.66 14.00
CA ASP B 33 13.29 -27.46 14.14
C ASP B 33 13.60 -26.02 14.53
N PHE B 34 13.47 -25.71 15.81
CA PHE B 34 13.73 -24.34 16.29
C PHE B 34 15.18 -23.94 16.10
N ALA B 35 16.09 -24.90 16.27
CA ALA B 35 17.52 -24.60 16.15
C ALA B 35 17.86 -24.12 14.74
N ALA B 36 17.43 -24.87 13.74
CA ALA B 36 17.71 -24.50 12.36
C ALA B 36 16.98 -23.20 12.01
N ALA B 37 15.77 -23.03 12.51
CA ALA B 37 15.03 -21.80 12.24
C ALA B 37 15.82 -20.61 12.74
N LYS B 38 16.23 -20.68 14.02
CA LYS B 38 17.01 -19.60 14.63
C LYS B 38 18.27 -19.27 13.81
N ALA B 39 18.99 -20.29 13.40
CA ALA B 39 20.21 -20.10 12.61
C ALA B 39 19.91 -19.41 11.28
N MET B 40 18.83 -19.82 10.64
CA MET B 40 18.44 -19.26 9.36
C MET B 40 18.05 -17.78 9.51
N MET B 41 17.32 -17.45 10.57
CA MET B 41 16.92 -16.06 10.78
C MET B 41 18.15 -15.17 10.97
N ASP B 42 19.12 -15.68 11.73
CA ASP B 42 20.33 -14.93 12.01
C ASP B 42 21.06 -14.57 10.73
N GLN B 43 21.21 -15.58 9.86
CA GLN B 43 21.88 -15.36 8.59
C GLN B 43 21.08 -14.40 7.72
N SER B 44 19.76 -14.54 7.73
CA SER B 44 18.91 -13.65 6.95
C SER B 44 19.13 -12.20 7.41
N ARG B 45 19.14 -12.00 8.73
CA ARG B 45 19.35 -10.68 9.30
C ARG B 45 20.69 -10.09 8.83
N MET B 46 21.74 -10.90 8.89
CA MET B 46 23.07 -10.45 8.49
C MET B 46 23.05 -10.04 7.02
N ALA B 47 22.37 -10.84 6.20
CA ALA B 47 22.27 -10.53 4.77
C ALA B 47 21.58 -9.19 4.56
N LEU B 48 20.50 -8.97 5.31
CA LEU B 48 19.75 -7.72 5.21
C LEU B 48 20.59 -6.55 5.72
N ASN B 49 21.30 -6.78 6.81
CA ASN B 49 22.13 -5.75 7.40
C ASN B 49 23.18 -5.26 6.40
N GLU B 50 23.83 -6.19 5.73
CA GLU B 50 24.82 -5.83 4.72
C GLU B 50 24.17 -5.10 3.57
N ALA B 51 23.00 -5.58 3.17
CA ALA B 51 22.25 -4.96 2.08
C ALA B 51 21.83 -3.54 2.48
N HIS B 52 21.32 -3.41 3.70
CA HIS B 52 20.88 -2.11 4.21
C HIS B 52 22.06 -1.13 4.27
N LEU B 53 23.22 -1.64 4.69
CA LEU B 53 24.42 -0.80 4.79
C LEU B 53 24.77 -0.23 3.41
N VAL B 54 24.71 -1.09 2.40
CA VAL B 54 25.03 -0.66 1.04
C VAL B 54 24.01 0.40 0.61
N GLN B 55 22.73 0.16 0.90
CA GLN B 55 21.70 1.13 0.53
C GLN B 55 21.96 2.45 1.25
N THR B 56 22.32 2.39 2.54
CA THR B 56 22.60 3.61 3.30
C THR B 56 23.57 4.50 2.53
N LYS B 57 24.65 3.90 2.04
CA LYS B 57 25.62 4.66 1.25
C LYS B 57 24.97 5.20 -0.01
N LEU B 58 24.12 4.39 -0.61
CA LEU B 58 23.44 4.78 -1.84
C LEU B 58 22.45 5.93 -1.59
N ILE B 59 22.02 6.12 -0.32
CA ILE B 59 21.11 7.23 -0.01
C ILE B 59 21.88 8.48 0.45
N GLU B 60 23.00 8.27 1.16
CA GLU B 60 23.81 9.39 1.64
C GLU B 60 24.42 10.17 0.46
N GLY B 61 24.86 9.43 -0.55
CA GLY B 61 25.49 10.05 -1.72
C GLY B 61 24.59 9.96 -2.95
N ASP B 62 23.28 10.02 -2.73
CA ASP B 62 22.32 9.93 -3.82
C ASP B 62 22.41 11.14 -4.77
N ALA B 63 23.21 12.12 -4.40
CA ALA B 63 23.36 13.32 -5.23
C ALA B 63 24.37 13.07 -6.34
N GLY B 64 24.50 14.03 -7.26
CA GLY B 64 25.44 13.90 -8.37
C GLY B 64 24.78 14.23 -9.71
N GLU B 65 23.73 13.48 -10.05
CA GLU B 65 23.03 13.70 -11.32
C GLU B 65 22.34 15.07 -11.33
N GLY B 66 21.76 15.45 -10.20
CA GLY B 66 21.07 16.73 -10.11
C GLY B 66 20.91 17.16 -8.66
N LYS B 67 20.42 18.38 -8.47
CA LYS B 67 20.23 18.92 -7.13
C LYS B 67 19.13 18.16 -6.38
N MET B 68 17.88 18.54 -6.66
CA MET B 68 16.72 17.93 -6.01
C MET B 68 16.52 16.47 -6.40
N LYS B 69 16.75 16.13 -7.66
CA LYS B 69 16.54 14.76 -8.14
C LYS B 69 17.62 13.80 -7.64
N VAL B 70 17.22 12.52 -7.52
CA VAL B 70 18.11 11.47 -7.05
C VAL B 70 18.02 10.24 -7.98
N SER B 71 18.89 9.26 -7.76
CA SER B 71 18.88 8.05 -8.59
C SER B 71 17.52 7.37 -8.49
N LEU B 72 16.93 7.04 -9.64
CA LEU B 72 15.60 6.45 -9.66
C LEU B 72 15.59 5.04 -9.04
N VAL B 73 16.65 4.30 -9.35
CA VAL B 73 16.80 2.93 -8.88
C VAL B 73 16.83 2.84 -7.34
N LEU B 74 17.12 3.96 -6.69
CA LEU B 74 17.18 3.97 -5.23
C LEU B 74 15.90 3.41 -4.63
N VAL B 75 14.79 3.74 -5.27
CA VAL B 75 13.48 3.28 -4.81
C VAL B 75 13.40 1.76 -5.04
N HIS B 76 13.86 1.22 -6.27
CA HIS B 76 13.81 -0.22 -6.56
C HIS B 76 14.50 -1.00 -5.45
N ALA B 77 15.67 -0.53 -5.02
CA ALA B 77 16.40 -1.19 -3.95
C ALA B 77 15.69 -1.02 -2.62
N GLN B 78 15.18 0.20 -2.38
CA GLN B 78 14.48 0.49 -1.13
C GLN B 78 13.22 -0.36 -1.03
N LEU B 79 12.44 -0.39 -2.12
CA LEU B 79 11.22 -1.18 -2.14
C LEU B 79 11.49 -2.65 -1.82
N HIS B 80 12.48 -3.23 -2.48
CA HIS B 80 12.80 -4.62 -2.24
C HIS B 80 13.36 -4.83 -0.84
N LEU B 81 14.27 -3.95 -0.44
CA LEU B 81 14.88 -4.06 0.89
C LEU B 81 13.85 -3.85 2.00
N MET B 82 13.00 -2.85 1.86
CA MET B 82 11.98 -2.57 2.87
C MET B 82 11.02 -3.75 3.01
N THR B 83 10.59 -4.28 1.87
CA THR B 83 9.67 -5.41 1.87
C THR B 83 10.32 -6.64 2.50
N SER B 84 11.55 -6.94 2.10
CA SER B 84 12.26 -8.09 2.64
C SER B 84 12.50 -7.97 4.14
N MET B 85 12.97 -6.81 4.58
CA MET B 85 13.24 -6.60 6.01
C MET B 85 11.96 -6.76 6.83
N LEU B 86 10.89 -6.14 6.36
CA LEU B 86 9.61 -6.21 7.06
C LEU B 86 9.11 -7.65 7.12
N ALA B 87 9.17 -8.33 5.98
CA ALA B 87 8.72 -9.71 5.90
C ALA B 87 9.49 -10.58 6.88
N ARG B 88 10.79 -10.44 6.86
CA ARG B 88 11.65 -11.22 7.75
C ARG B 88 11.28 -10.97 9.21
N GLU B 89 11.08 -9.70 9.59
CA GLU B 89 10.75 -9.38 10.97
C GLU B 89 9.43 -10.05 11.37
N LEU B 90 8.44 -9.96 10.50
CA LEU B 90 7.14 -10.56 10.78
C LEU B 90 7.28 -12.08 10.84
N ILE B 91 8.06 -12.63 9.92
CA ILE B 91 8.30 -14.07 9.91
C ILE B 91 8.95 -14.49 11.23
N THR B 92 9.86 -13.66 11.73
CA THR B 92 10.50 -13.96 13.02
C THR B 92 9.43 -14.07 14.09
N GLU B 93 8.49 -13.13 14.09
CA GLU B 93 7.40 -13.15 15.06
C GLU B 93 6.58 -14.43 14.88
N LEU B 94 6.30 -14.77 13.62
CA LEU B 94 5.54 -15.99 13.33
C LEU B 94 6.27 -17.21 13.87
N ILE B 95 7.59 -17.26 13.68
CA ILE B 95 8.36 -18.38 14.19
C ILE B 95 8.28 -18.46 15.71
N GLU B 96 8.36 -17.30 16.37
CA GLU B 96 8.25 -17.27 17.83
C GLU B 96 6.90 -17.85 18.25
N LEU B 97 5.86 -17.54 17.49
CA LEU B 97 4.52 -18.05 17.79
C LEU B 97 4.52 -19.58 17.69
N HIS B 98 5.19 -20.10 16.66
CA HIS B 98 5.27 -21.55 16.50
C HIS B 98 5.89 -22.17 17.75
N GLU B 99 6.90 -21.48 18.28
CA GLU B 99 7.55 -21.95 19.50
C GLU B 99 6.58 -21.94 20.66
N LYS B 100 5.77 -20.88 20.77
CA LYS B 100 4.79 -20.80 21.84
C LYS B 100 3.72 -21.88 21.65
N LEU B 101 3.39 -22.19 20.39
CA LEU B 101 2.42 -23.25 20.11
C LEU B 101 2.96 -24.60 20.58
N LYS B 102 4.13 -24.57 21.21
CA LYS B 102 4.77 -25.78 21.72
C LYS B 102 5.49 -26.51 20.59
N ALA B 103 4.71 -26.92 19.58
CA ALA B 103 5.25 -27.67 18.43
C ALA B 103 6.64 -27.19 18.04
N ALA C 1 11.12 19.25 -2.05
CA ALA C 1 11.16 20.74 -1.98
C ALA C 1 10.96 21.17 -0.54
N GLU C 2 11.18 22.45 -0.27
CA GLU C 2 11.04 23.02 1.08
C GLU C 2 10.10 22.22 1.98
N GLU C 3 8.81 22.51 1.89
CA GLU C 3 7.83 21.81 2.71
C GLU C 3 7.73 20.34 2.34
N LEU C 4 7.37 20.07 1.08
CA LEU C 4 7.24 18.68 0.63
C LEU C 4 8.38 17.80 1.16
N GLU C 5 9.60 18.32 1.11
CA GLU C 5 10.76 17.57 1.58
C GLU C 5 10.74 17.43 3.10
N GLU C 6 10.47 18.53 3.78
CA GLU C 6 10.41 18.52 5.24
C GLU C 6 9.19 17.70 5.68
N VAL C 7 8.12 17.78 4.89
CA VAL C 7 6.90 17.04 5.17
C VAL C 7 7.17 15.53 5.06
N VAL C 8 7.92 15.14 4.03
CA VAL C 8 8.27 13.74 3.83
C VAL C 8 9.06 13.24 5.04
N MET C 9 10.02 14.04 5.50
CA MET C 9 10.80 13.67 6.66
C MET C 9 9.87 13.40 7.84
N GLY C 10 8.88 14.29 8.01
CA GLY C 10 7.91 14.13 9.08
C GLY C 10 7.12 12.84 8.88
N LEU C 11 6.71 12.59 7.65
CA LEU C 11 5.94 11.37 7.33
C LEU C 11 6.79 10.14 7.59
N ILE C 12 8.05 10.18 7.18
CA ILE C 12 8.94 9.04 7.37
C ILE C 12 9.11 8.78 8.87
N ILE C 13 9.32 9.87 9.61
CA ILE C 13 9.47 9.76 11.06
C ILE C 13 8.16 9.23 11.66
N ASN C 14 7.05 9.81 11.22
CA ASN C 14 5.73 9.40 11.72
C ASN C 14 5.50 7.92 11.43
N SER C 15 5.79 7.51 10.19
CA SER C 15 5.63 6.11 9.81
C SER C 15 6.52 5.24 10.68
N GLY C 16 7.76 5.70 10.90
CA GLY C 16 8.70 4.95 11.73
C GLY C 16 8.18 4.84 13.16
N GLN C 17 7.67 5.95 13.70
CA GLN C 17 7.13 5.92 15.06
C GLN C 17 5.95 4.97 15.12
N ALA C 18 5.12 5.01 14.08
CA ALA C 18 3.96 4.14 14.02
C ALA C 18 4.38 2.67 14.15
N ARG C 19 5.36 2.27 13.33
CA ARG C 19 5.84 0.91 13.40
C ARG C 19 6.41 0.63 14.79
N SER C 20 7.21 1.57 15.28
CA SER C 20 7.81 1.41 16.60
C SER C 20 6.73 1.13 17.65
N LEU C 21 5.66 1.92 17.61
CA LEU C 21 4.56 1.74 18.54
C LEU C 21 3.92 0.37 18.33
N ALA C 22 3.73 0.00 17.06
CA ALA C 22 3.13 -1.29 16.73
C ALA C 22 3.96 -2.44 17.33
N TYR C 23 5.27 -2.43 17.07
CA TYR C 23 6.14 -3.47 17.64
C TYR C 23 6.05 -3.45 19.16
N ALA C 24 6.03 -2.24 19.72
CA ALA C 24 5.92 -2.11 21.17
C ALA C 24 4.59 -2.72 21.62
N ALA C 25 3.54 -2.47 20.85
CA ALA C 25 2.23 -3.03 21.16
C ALA C 25 2.31 -4.55 21.21
N LEU C 26 3.01 -5.12 20.24
CA LEU C 26 3.19 -6.57 20.18
C LEU C 26 3.95 -7.05 21.42
N LYS C 27 4.99 -6.31 21.77
CA LYS C 27 5.79 -6.66 22.94
C LYS C 27 4.90 -6.72 24.19
N GLN C 28 3.99 -5.77 24.31
CA GLN C 28 3.06 -5.75 25.44
C GLN C 28 2.26 -7.04 25.47
N ALA C 29 1.82 -7.47 24.27
CA ALA C 29 1.05 -8.70 24.16
C ALA C 29 1.85 -9.89 24.67
N LYS C 30 3.13 -9.94 24.30
CA LYS C 30 3.99 -11.02 24.76
C LYS C 30 4.07 -11.06 26.28
N GLN C 31 3.98 -9.88 26.90
CA GLN C 31 4.04 -9.80 28.36
C GLN C 31 2.67 -10.17 28.96
N GLY C 32 1.71 -10.44 28.08
CA GLY C 32 0.36 -10.83 28.53
C GLY C 32 -0.47 -9.60 28.89
N ASP C 33 -0.04 -8.43 28.44
CA ASP C 33 -0.76 -7.18 28.70
C ASP C 33 -1.63 -6.80 27.51
N PHE C 34 -2.80 -7.41 27.42
CA PHE C 34 -3.71 -7.14 26.31
C PHE C 34 -4.22 -5.70 26.34
N ALA C 35 -4.43 -5.17 27.54
CA ALA C 35 -4.94 -3.81 27.68
C ALA C 35 -3.97 -2.79 27.08
N ALA C 36 -2.71 -2.89 27.47
CA ALA C 36 -1.71 -1.96 26.96
C ALA C 36 -1.50 -2.17 25.47
N ALA C 37 -1.55 -3.42 25.02
CA ALA C 37 -1.38 -3.71 23.60
C ALA C 37 -2.48 -3.00 22.81
N LYS C 38 -3.72 -3.21 23.22
CA LYS C 38 -4.87 -2.59 22.57
C LYS C 38 -4.72 -1.07 22.49
N ALA C 39 -4.32 -0.45 23.61
CA ALA C 39 -4.16 1.00 23.65
C ALA C 39 -3.06 1.46 22.68
N MET C 40 -1.96 0.72 22.64
CA MET C 40 -0.85 1.06 21.77
C MET C 40 -1.25 0.92 20.30
N MET C 41 -2.03 -0.11 19.99
CA MET C 41 -2.48 -0.31 18.61
C MET C 41 -3.35 0.85 18.16
N ASP C 42 -4.25 1.28 19.04
CA ASP C 42 -5.17 2.36 18.72
C ASP C 42 -4.41 3.63 18.38
N GLN C 43 -3.42 3.97 19.21
CA GLN C 43 -2.61 5.16 18.97
C GLN C 43 -1.83 5.03 17.67
N SER C 44 -1.30 3.85 17.42
CA SER C 44 -0.55 3.60 16.19
C SER C 44 -1.44 3.87 14.98
N ARG C 45 -2.67 3.32 15.03
CA ARG C 45 -3.64 3.50 13.96
C ARG C 45 -3.93 4.99 13.72
N MET C 46 -4.14 5.72 14.81
CA MET C 46 -4.43 7.15 14.72
C MET C 46 -3.26 7.89 14.08
N ALA C 47 -2.04 7.51 14.47
CA ALA C 47 -0.84 8.14 13.91
C ALA C 47 -0.78 7.91 12.40
N LEU C 48 -1.08 6.68 11.98
CA LEU C 48 -1.07 6.33 10.57
C LEU C 48 -2.17 7.06 9.82
N ASN C 49 -3.34 7.15 10.45
CA ASN C 49 -4.48 7.81 9.84
C ASN C 49 -4.14 9.27 9.52
N GLU C 50 -3.51 9.95 10.47
CA GLU C 50 -3.11 11.33 10.26
C GLU C 50 -2.06 11.41 9.16
N ALA C 51 -1.13 10.47 9.19
CA ALA C 51 -0.07 10.43 8.18
C ALA C 51 -0.67 10.15 6.80
N HIS C 52 -1.58 9.19 6.74
CA HIS C 52 -2.25 8.85 5.48
C HIS C 52 -3.02 10.05 4.94
N LEU C 53 -3.69 10.78 5.83
CA LEU C 53 -4.47 11.95 5.43
C LEU C 53 -3.56 12.98 4.76
N VAL C 54 -2.39 13.20 5.35
CA VAL C 54 -1.45 14.16 4.80
C VAL C 54 -0.99 13.67 3.43
N GLN C 55 -0.69 12.38 3.32
CA GLN C 55 -0.26 11.82 2.04
C GLN C 55 -1.38 11.99 1.00
N THR C 56 -2.62 11.74 1.41
CA THR C 56 -3.76 11.88 0.48
C THR C 56 -3.70 13.25 -0.19
N LYS C 57 -3.50 14.29 0.60
CA LYS C 57 -3.40 15.64 0.05
C LYS C 57 -2.20 15.73 -0.88
N LEU C 58 -1.11 15.09 -0.49
CA LEU C 58 0.10 15.11 -1.29
C LEU C 58 -0.08 14.35 -2.61
N ILE C 59 -1.09 13.47 -2.70
CA ILE C 59 -1.33 12.76 -3.95
C ILE C 59 -2.40 13.48 -4.79
N GLU C 60 -3.38 14.10 -4.14
CA GLU C 60 -4.43 14.83 -4.87
C GLU C 60 -3.85 16.03 -5.60
N GLY C 61 -2.89 16.71 -4.98
CA GLY C 61 -2.28 17.89 -5.57
C GLY C 61 -0.83 17.62 -5.97
N ASP C 62 -0.56 16.41 -6.41
CA ASP C 62 0.79 16.03 -6.80
C ASP C 62 1.22 16.75 -8.06
N ALA C 63 0.31 17.49 -8.68
CA ALA C 63 0.63 18.24 -9.90
C ALA C 63 1.30 19.56 -9.56
N GLY C 64 1.78 20.26 -10.59
CA GLY C 64 2.43 21.56 -10.39
C GLY C 64 3.77 21.63 -11.13
N GLU C 65 4.69 20.71 -10.81
CA GLU C 65 5.99 20.70 -11.45
C GLU C 65 5.87 20.38 -12.94
N GLY C 66 4.99 19.45 -13.27
CA GLY C 66 4.80 19.05 -14.66
C GLY C 66 3.45 18.36 -14.86
N LYS C 67 3.12 18.09 -16.11
CA LYS C 67 1.85 17.44 -16.43
C LYS C 67 1.83 16.00 -15.92
N MET C 68 2.44 15.10 -16.70
CA MET C 68 2.48 13.68 -16.36
C MET C 68 3.31 13.38 -15.12
N LYS C 69 4.45 14.07 -14.97
CA LYS C 69 5.34 13.83 -13.84
C LYS C 69 4.79 14.36 -12.52
N VAL C 70 5.20 13.71 -11.43
CA VAL C 70 4.76 14.07 -10.08
C VAL C 70 5.96 14.16 -9.13
N SER C 71 5.72 14.64 -7.91
CA SER C 71 6.80 14.75 -6.93
C SER C 71 7.42 13.38 -6.68
N LEU C 72 8.74 13.30 -6.77
CA LEU C 72 9.45 12.03 -6.61
C LEU C 72 9.31 11.48 -5.19
N VAL C 73 9.40 12.39 -4.22
CA VAL C 73 9.33 12.04 -2.80
C VAL C 73 8.00 11.37 -2.44
N LEU C 74 6.99 11.57 -3.26
CA LEU C 74 5.67 10.98 -3.01
C LEU C 74 5.79 9.49 -2.75
N VAL C 75 6.67 8.86 -3.52
CA VAL C 75 6.90 7.42 -3.40
C VAL C 75 7.57 7.14 -2.06
N HIS C 76 8.62 7.97 -1.62
CA HIS C 76 9.30 7.76 -0.35
C HIS C 76 8.29 7.71 0.80
N ALA C 77 7.36 8.65 0.79
CA ALA C 77 6.33 8.69 1.81
C ALA C 77 5.37 7.52 1.67
N GLN C 78 5.01 7.21 0.43
CA GLN C 78 4.11 6.11 0.16
C GLN C 78 4.75 4.78 0.58
N LEU C 79 5.99 4.58 0.19
CA LEU C 79 6.71 3.36 0.55
C LEU C 79 6.75 3.17 2.06
N HIS C 80 7.13 4.21 2.79
CA HIS C 80 7.20 4.12 4.24
C HIS C 80 5.81 3.94 4.85
N LEU C 81 4.87 4.73 4.38
CA LEU C 81 3.50 4.67 4.89
C LEU C 81 2.85 3.31 4.59
N MET C 82 3.01 2.84 3.37
CA MET C 82 2.42 1.55 2.98
C MET C 82 3.01 0.42 3.82
N THR C 83 4.32 0.45 3.99
CA THR C 83 5.00 -0.58 4.76
C THR C 83 4.54 -0.55 6.22
N SER C 84 4.53 0.64 6.80
CA SER C 84 4.12 0.80 8.20
C SER C 84 2.67 0.37 8.42
N MET C 85 1.76 0.84 7.56
CA MET C 85 0.35 0.48 7.70
C MET C 85 0.16 -1.04 7.61
N LEU C 86 0.80 -1.65 6.63
CA LEU C 86 0.70 -3.09 6.43
C LEU C 86 1.24 -3.83 7.65
N ALA C 87 2.42 -3.42 8.10
CA ALA C 87 3.05 -4.04 9.25
C ALA C 87 2.13 -3.96 10.47
N ARG C 88 1.61 -2.77 10.71
CA ARG C 88 0.74 -2.55 11.84
C ARG C 88 -0.50 -3.47 11.77
N GLU C 89 -1.11 -3.56 10.59
CA GLU C 89 -2.29 -4.42 10.44
C GLU C 89 -1.95 -5.88 10.74
N LEU C 90 -0.82 -6.35 10.20
CA LEU C 90 -0.40 -7.72 10.44
C LEU C 90 -0.07 -7.92 11.91
N ILE C 91 0.60 -6.95 12.49
CA ILE C 91 0.95 -7.02 13.90
C ILE C 91 -0.33 -7.12 14.73
N THR C 92 -1.36 -6.39 14.32
CA THR C 92 -2.64 -6.46 15.02
C THR C 92 -3.15 -7.89 14.99
N GLU C 93 -3.06 -8.53 13.83
CA GLU C 93 -3.50 -9.92 13.70
C GLU C 93 -2.66 -10.82 14.62
N LEU C 94 -1.36 -10.56 14.63
CA LEU C 94 -0.45 -11.34 15.47
C LEU C 94 -0.84 -11.20 16.94
N ILE C 95 -1.16 -9.98 17.35
CA ILE C 95 -1.57 -9.73 18.73
C ILE C 95 -2.86 -10.51 19.05
N GLU C 96 -3.80 -10.48 18.12
CA GLU C 96 -5.05 -11.21 18.31
C GLU C 96 -4.75 -12.70 18.53
N LEU C 97 -3.78 -13.21 17.77
CA LEU C 97 -3.39 -14.61 17.91
C LEU C 97 -2.85 -14.87 19.32
N HIS C 98 -2.05 -13.94 19.83
CA HIS C 98 -1.52 -14.09 21.18
C HIS C 98 -2.68 -14.22 22.16
N GLU C 99 -3.73 -13.44 21.92
CA GLU C 99 -4.90 -13.49 22.78
C GLU C 99 -5.57 -14.87 22.68
N LYS C 100 -5.65 -15.41 21.46
CA LYS C 100 -6.25 -16.72 21.29
C LYS C 100 -5.38 -17.78 21.95
N LEU C 101 -4.05 -17.58 21.91
CA LEU C 101 -3.12 -18.52 22.55
C LEU C 101 -3.37 -18.53 24.06
N LYS C 102 -4.36 -17.76 24.51
CA LYS C 102 -4.70 -17.67 25.93
C LYS C 102 -3.78 -16.68 26.63
N ALA C 103 -2.48 -16.99 26.61
CA ALA C 103 -1.45 -16.16 27.26
C ALA C 103 -1.80 -14.67 27.21
N LYS D 1 -19.97 26.95 -1.17
CA LYS D 1 -19.08 26.05 -1.96
C LYS D 1 -19.44 24.59 -1.78
N LYS D 2 -19.77 23.94 -2.87
CA LYS D 2 -20.15 22.54 -2.84
C LYS D 2 -18.93 21.62 -2.88
N HIS D 3 -19.02 20.49 -2.19
CA HIS D 3 -17.93 19.52 -2.13
C HIS D 3 -18.12 18.37 -3.08
N ILE D 4 -17.20 18.26 -4.03
CA ILE D 4 -17.22 17.18 -4.99
C ILE D 4 -16.07 16.24 -4.61
N TYR D 5 -16.39 15.03 -4.18
CA TYR D 5 -15.38 14.06 -3.78
C TYR D 5 -15.33 12.90 -4.76
N LEU D 6 -14.13 12.60 -5.26
CA LEU D 6 -13.90 11.48 -6.19
C LEU D 6 -13.25 10.35 -5.40
N PHE D 7 -13.57 9.08 -5.75
CA PHE D 7 -12.86 7.96 -5.12
C PHE D 7 -12.20 7.06 -6.16
N CYS D 8 -11.06 6.44 -5.73
CA CYS D 8 -10.30 5.43 -6.46
C CYS D 8 -9.52 4.56 -5.47
N SER D 9 -8.65 3.66 -5.87
CA SER D 9 -8.06 2.83 -4.80
C SER D 9 -7.19 3.65 -3.88
N ALA D 10 -6.20 4.42 -4.39
CA ALA D 10 -5.29 5.14 -3.50
C ALA D 10 -5.58 6.63 -3.58
N GLY D 11 -5.94 7.12 -4.76
CA GLY D 11 -6.26 8.53 -4.95
C GLY D 11 -5.22 9.23 -5.82
N MET D 12 -4.54 8.51 -6.71
CA MET D 12 -3.52 9.14 -7.54
C MET D 12 -3.99 9.32 -8.99
N SER D 13 -4.07 8.25 -9.72
CA SER D 13 -4.51 8.36 -11.12
C SER D 13 -5.71 9.29 -11.27
N THR D 14 -6.46 9.49 -10.18
CA THR D 14 -7.62 10.37 -10.31
C THR D 14 -7.22 11.77 -9.88
N SER D 15 -6.09 11.83 -9.22
CA SER D 15 -5.48 13.09 -8.76
C SER D 15 -5.20 14.03 -9.93
N LEU D 16 -4.82 13.46 -11.06
CA LEU D 16 -4.55 14.26 -12.24
C LEU D 16 -5.88 14.86 -12.76
N LEU D 17 -6.96 14.07 -12.72
CA LEU D 17 -8.28 14.55 -13.14
C LEU D 17 -8.75 15.68 -12.19
N VAL D 18 -8.54 15.48 -10.88
CA VAL D 18 -8.91 16.50 -9.89
C VAL D 18 -8.18 17.83 -10.15
N SER D 19 -6.89 17.79 -10.47
CA SER D 19 -6.17 19.03 -10.74
C SER D 19 -6.73 19.77 -11.98
N LYS D 20 -7.12 19.03 -13.02
CA LYS D 20 -7.71 19.66 -14.20
C LYS D 20 -9.12 20.20 -13.91
N MET D 21 -9.87 19.50 -13.07
CA MET D 21 -11.22 20.00 -12.73
C MET D 21 -11.08 21.31 -11.94
N ARG D 22 -10.13 21.39 -11.02
CA ARG D 22 -9.91 22.60 -10.21
C ARG D 22 -9.56 23.79 -11.12
N ALA D 23 -8.79 23.54 -12.18
CA ALA D 23 -8.39 24.59 -13.11
C ALA D 23 -9.63 25.14 -13.81
N GLN D 24 -10.50 24.24 -14.24
CA GLN D 24 -11.72 24.61 -14.91
C GLN D 24 -12.67 25.35 -14.00
N ALA D 25 -12.80 24.88 -12.77
CA ALA D 25 -13.69 25.53 -11.80
C ALA D 25 -13.24 26.96 -11.55
N GLU D 26 -11.93 27.20 -11.60
CA GLU D 26 -11.39 28.54 -11.36
C GLU D 26 -11.65 29.43 -12.57
N LYS D 27 -11.43 28.88 -13.76
CA LYS D 27 -11.63 29.59 -14.99
C LYS D 27 -13.07 30.10 -15.12
N TYR D 28 -14.05 29.29 -14.72
CA TYR D 28 -15.48 29.69 -14.80
C TYR D 28 -16.13 30.10 -13.49
N GLU D 29 -15.33 30.35 -12.46
CA GLU D 29 -15.81 30.78 -11.15
C GLU D 29 -16.89 29.89 -10.51
N VAL D 30 -16.76 28.58 -10.66
CA VAL D 30 -17.70 27.63 -10.08
C VAL D 30 -17.27 27.48 -8.62
N PRO D 31 -18.19 27.73 -7.67
CA PRO D 31 -17.91 27.64 -6.23
C PRO D 31 -17.93 26.21 -5.68
N VAL D 32 -16.88 25.46 -6.01
CA VAL D 32 -16.75 24.08 -5.57
C VAL D 32 -15.38 23.76 -5.01
N ILE D 33 -15.35 22.75 -4.14
CA ILE D 33 -14.13 22.22 -3.55
C ILE D 33 -14.09 20.77 -4.09
N ILE D 34 -12.98 20.40 -4.71
CA ILE D 34 -12.79 19.07 -5.32
C ILE D 34 -11.61 18.31 -4.66
N GLU D 35 -11.86 17.09 -4.18
CA GLU D 35 -10.83 16.27 -3.52
C GLU D 35 -10.93 14.82 -4.00
N ALA D 36 -9.78 14.14 -4.09
CA ALA D 36 -9.71 12.73 -4.50
C ALA D 36 -9.34 11.92 -3.25
N PHE D 37 -9.93 10.74 -3.09
CA PHE D 37 -9.64 9.87 -1.95
C PHE D 37 -9.66 8.44 -2.43
N PRO D 38 -9.08 7.53 -1.64
CA PRO D 38 -9.07 6.11 -2.02
C PRO D 38 -10.49 5.61 -1.70
N GLU D 39 -10.91 4.54 -2.35
CA GLU D 39 -12.24 3.96 -2.13
C GLU D 39 -12.51 3.54 -0.69
N THR D 40 -11.46 3.29 0.09
CA THR D 40 -11.63 2.88 1.48
C THR D 40 -12.26 3.95 2.37
N LEU D 41 -12.19 5.21 1.94
CA LEU D 41 -12.77 6.32 2.70
C LEU D 41 -14.15 6.77 2.20
N ALA D 42 -14.74 6.07 1.21
CA ALA D 42 -16.05 6.45 0.63
C ALA D 42 -17.14 6.64 1.68
N GLY D 43 -17.12 5.80 2.71
CA GLY D 43 -18.13 5.91 3.75
C GLY D 43 -17.81 6.98 4.77
N GLU D 44 -16.53 7.16 5.08
CA GLU D 44 -16.15 8.15 6.07
C GLU D 44 -16.16 9.59 5.49
N LYS D 45 -15.52 9.77 4.34
CA LYS D 45 -15.46 11.08 3.70
C LYS D 45 -16.73 11.45 2.92
N GLY D 46 -17.38 10.46 2.32
CA GLY D 46 -18.60 10.70 1.55
C GLY D 46 -19.69 11.43 2.29
N GLN D 47 -19.77 11.23 3.60
CA GLN D 47 -20.79 11.89 4.43
C GLN D 47 -20.74 13.42 4.34
N ASN D 48 -19.59 13.97 3.95
CA ASN D 48 -19.43 15.41 3.87
C ASN D 48 -19.45 15.95 2.45
N ALA D 49 -19.66 15.08 1.48
CA ALA D 49 -19.67 15.54 0.10
C ALA D 49 -21.06 15.97 -0.30
N ASP D 50 -21.11 16.82 -1.31
CA ASP D 50 -22.38 17.25 -1.83
C ASP D 50 -22.73 16.32 -2.99
N VAL D 51 -21.69 15.73 -3.60
CA VAL D 51 -21.88 14.75 -4.67
C VAL D 51 -20.68 13.78 -4.61
N VAL D 52 -20.98 12.49 -4.70
CA VAL D 52 -19.97 11.44 -4.66
C VAL D 52 -19.78 10.85 -6.06
N LEU D 53 -18.55 10.92 -6.57
CA LEU D 53 -18.24 10.38 -7.88
C LEU D 53 -17.30 9.18 -7.73
N LEU D 54 -17.60 8.08 -8.42
CA LEU D 54 -16.75 6.88 -8.36
C LEU D 54 -15.96 6.73 -9.63
N GLY D 55 -14.69 6.35 -9.51
CA GLY D 55 -13.84 6.18 -10.68
C GLY D 55 -14.39 5.02 -11.49
N PRO D 56 -14.13 4.94 -12.76
CA PRO D 56 -14.66 3.84 -13.62
C PRO D 56 -14.24 2.42 -13.18
N GLN D 57 -13.07 2.31 -12.54
CA GLN D 57 -12.57 1.02 -12.08
C GLN D 57 -13.39 0.49 -10.90
N ILE D 58 -14.04 1.38 -10.15
CA ILE D 58 -14.82 0.94 -9.01
C ILE D 58 -16.34 1.02 -9.23
N ALA D 59 -16.75 0.99 -10.49
CA ALA D 59 -18.17 1.04 -10.83
C ALA D 59 -18.94 -0.11 -10.19
N TYR D 60 -18.34 -1.30 -10.13
CA TYR D 60 -19.04 -2.44 -9.55
C TYR D 60 -19.46 -2.21 -8.09
N MET D 61 -18.84 -1.23 -7.44
CA MET D 61 -19.15 -0.89 -6.05
C MET D 61 -20.33 0.08 -5.87
N LEU D 62 -20.89 0.58 -6.97
CA LEU D 62 -21.99 1.54 -6.90
C LEU D 62 -23.13 1.19 -5.93
N PRO D 63 -23.73 -0.02 -6.05
CA PRO D 63 -24.82 -0.37 -5.12
C PRO D 63 -24.43 -0.30 -3.65
N GLU D 64 -23.22 -0.72 -3.30
CA GLU D 64 -22.77 -0.68 -1.91
C GLU D 64 -22.60 0.74 -1.42
N ILE D 65 -22.02 1.59 -2.25
CA ILE D 65 -21.83 2.99 -1.85
C ILE D 65 -23.16 3.74 -1.71
N GLN D 66 -24.12 3.42 -2.59
CA GLN D 66 -25.46 4.00 -2.52
C GLN D 66 -26.13 3.64 -1.18
N ARG D 67 -26.00 2.39 -0.73
CA ARG D 67 -26.60 1.98 0.55
C ARG D 67 -25.89 2.63 1.74
N LEU D 68 -24.60 2.88 1.59
CA LEU D 68 -23.77 3.49 2.64
C LEU D 68 -24.11 4.97 2.82
N LEU D 69 -24.39 5.65 1.70
CA LEU D 69 -24.73 7.09 1.68
C LEU D 69 -26.11 7.27 1.01
N PRO D 70 -27.20 6.87 1.69
CA PRO D 70 -28.55 6.99 1.13
C PRO D 70 -29.03 8.44 0.93
N ASN D 71 -28.35 9.38 1.56
CA ASN D 71 -28.75 10.79 1.44
C ASN D 71 -27.82 11.63 0.57
N LYS D 72 -27.08 10.99 -0.33
CA LYS D 72 -26.14 11.69 -1.21
C LYS D 72 -26.26 11.20 -2.63
N PRO D 73 -26.13 12.10 -3.63
CA PRO D 73 -26.21 11.62 -5.02
C PRO D 73 -24.85 10.97 -5.27
N VAL D 74 -24.87 9.73 -5.75
CA VAL D 74 -23.64 8.96 -6.02
C VAL D 74 -23.64 8.48 -7.46
N GLU D 75 -22.58 8.72 -8.19
CA GLU D 75 -22.53 8.22 -9.55
C GLU D 75 -21.13 7.95 -10.07
N VAL D 76 -21.06 7.12 -11.10
CA VAL D 76 -19.80 6.72 -11.71
C VAL D 76 -19.40 7.72 -12.78
N ILE D 77 -18.11 8.03 -12.84
CA ILE D 77 -17.58 8.96 -13.83
C ILE D 77 -17.54 8.27 -15.17
N ASP D 78 -17.96 8.97 -16.21
CA ASP D 78 -17.94 8.40 -17.55
C ASP D 78 -16.51 7.95 -17.89
N SER D 79 -16.33 6.69 -18.28
CA SER D 79 -14.99 6.17 -18.58
C SER D 79 -14.18 6.90 -19.65
N LEU D 80 -14.87 7.44 -20.65
CA LEU D 80 -14.19 8.17 -21.73
C LEU D 80 -13.73 9.53 -21.23
N LEU D 81 -14.58 10.18 -20.45
CA LEU D 81 -14.26 11.49 -19.90
C LEU D 81 -13.10 11.33 -18.94
N TYR D 82 -13.10 10.21 -18.22
CA TYR D 82 -12.04 9.90 -17.25
C TYR D 82 -10.71 9.58 -17.95
N GLY D 83 -10.75 8.68 -18.92
CA GLY D 83 -9.54 8.32 -19.64
C GLY D 83 -8.87 9.50 -20.31
N LYS D 84 -9.68 10.37 -20.87
CA LYS D 84 -9.22 11.56 -21.59
C LYS D 84 -8.79 12.70 -20.65
N VAL D 85 -9.07 12.52 -19.35
CA VAL D 85 -8.77 13.52 -18.31
C VAL D 85 -9.47 14.86 -18.61
N ASP D 86 -10.76 14.77 -18.94
CA ASP D 86 -11.57 15.95 -19.28
C ASP D 86 -12.09 16.63 -18.03
N GLY D 87 -11.29 17.56 -17.51
CA GLY D 87 -11.64 18.31 -16.31
C GLY D 87 -12.94 19.07 -16.45
N LEU D 88 -13.16 19.73 -17.60
CA LEU D 88 -14.39 20.49 -17.80
C LEU D 88 -15.63 19.58 -17.87
N GLY D 89 -15.50 18.50 -18.64
CA GLY D 89 -16.59 17.56 -18.81
C GLY D 89 -17.07 16.91 -17.53
N VAL D 90 -16.12 16.49 -16.69
CA VAL D 90 -16.48 15.84 -15.42
C VAL D 90 -17.04 16.88 -14.45
N LEU D 91 -16.47 18.08 -14.49
CA LEU D 91 -16.97 19.15 -13.63
C LEU D 91 -18.46 19.39 -14.00
N LYS D 92 -18.76 19.42 -15.30
CA LYS D 92 -20.15 19.61 -15.75
C LYS D 92 -21.09 18.52 -15.24
N ALA D 93 -20.64 17.27 -15.30
CA ALA D 93 -21.47 16.14 -14.85
C ALA D 93 -21.76 16.21 -13.35
N ALA D 94 -20.78 16.72 -12.60
CA ALA D 94 -20.90 16.82 -11.15
C ALA D 94 -21.90 17.90 -10.75
N VAL D 95 -21.80 19.06 -11.40
CA VAL D 95 -22.72 20.17 -11.13
C VAL D 95 -24.13 19.69 -11.49
N ALA D 96 -24.25 18.98 -12.61
CA ALA D 96 -25.54 18.45 -13.04
C ALA D 96 -26.13 17.51 -11.99
N ALA D 97 -25.33 16.57 -11.49
CA ALA D 97 -25.85 15.64 -10.49
C ALA D 97 -26.36 16.40 -9.26
N ILE D 98 -25.70 17.51 -8.93
CA ILE D 98 -26.12 18.32 -7.78
C ILE D 98 -27.46 19.01 -8.03
N LYS D 99 -27.63 19.58 -9.24
CA LYS D 99 -28.87 20.26 -9.62
C LYS D 99 -30.01 19.26 -9.71
N LYS D 100 -29.80 18.19 -10.45
CA LYS D 100 -30.83 17.18 -10.59
C LYS D 100 -31.20 16.60 -9.22
N ALA D 101 -30.34 16.79 -8.23
CA ALA D 101 -30.58 16.28 -6.88
C ALA D 101 -31.37 17.24 -6.00
N ALA D 102 -31.14 18.54 -6.18
CA ALA D 102 -31.83 19.57 -5.43
C ALA D 102 -33.22 19.88 -6.02
N ALA D 103 -33.60 19.13 -7.06
CA ALA D 103 -34.88 19.29 -7.72
C ALA D 103 -35.05 18.26 -8.85
P PO3 E . -4.80 5.45 -7.19
O1 PO3 E . -4.18 6.24 -6.05
O2 PO3 E . -5.26 4.03 -6.96
O3 PO3 E . -4.75 6.00 -8.60
N ALA A 1 0.74 7.29 -18.60
CA ALA A 1 0.24 7.59 -19.96
C ALA A 1 -1.09 6.86 -20.17
N GLU A 2 -1.77 7.18 -21.26
CA GLU A 2 -3.08 6.58 -21.60
C GLU A 2 -3.28 5.20 -20.95
N GLU A 3 -2.80 4.17 -21.63
CA GLU A 3 -2.95 2.80 -21.13
C GLU A 3 -2.16 2.60 -19.84
N LEU A 4 -0.84 2.78 -19.91
CA LEU A 4 0.01 2.60 -18.74
C LEU A 4 -0.63 3.20 -17.48
N GLU A 5 -1.21 4.38 -17.61
CA GLU A 5 -1.84 5.05 -16.47
C GLU A 5 -3.12 4.34 -16.08
N GLU A 6 -3.94 4.01 -17.07
CA GLU A 6 -5.19 3.30 -16.82
C GLU A 6 -4.88 1.88 -16.34
N VAL A 7 -3.80 1.31 -16.88
CA VAL A 7 -3.37 -0.03 -16.50
C VAL A 7 -2.93 -0.05 -15.03
N VAL A 8 -2.20 0.99 -14.63
CA VAL A 8 -1.73 1.10 -13.25
C VAL A 8 -2.95 1.16 -12.33
N MET A 9 -3.95 1.96 -12.70
CA MET A 9 -5.17 2.06 -11.90
C MET A 9 -5.77 0.67 -11.73
N GLY A 10 -5.81 -0.09 -12.82
CA GLY A 10 -6.34 -1.45 -12.77
C GLY A 10 -5.49 -2.31 -11.83
N LEU A 11 -4.17 -2.17 -11.95
CA LEU A 11 -3.26 -2.93 -11.10
C LEU A 11 -3.45 -2.56 -9.64
N ILE A 12 -3.57 -1.27 -9.37
CA ILE A 12 -3.76 -0.80 -8.00
C ILE A 12 -5.06 -1.36 -7.46
N ILE A 13 -6.11 -1.29 -8.26
CA ILE A 13 -7.40 -1.82 -7.85
C ILE A 13 -7.30 -3.33 -7.65
N ASN A 14 -6.65 -4.01 -8.60
CA ASN A 14 -6.47 -5.45 -8.53
C ASN A 14 -5.71 -5.82 -7.26
N SER A 15 -4.61 -5.11 -7.03
CA SER A 15 -3.81 -5.35 -5.83
C SER A 15 -4.65 -5.14 -4.57
N GLY A 16 -5.44 -4.06 -4.60
CA GLY A 16 -6.32 -3.75 -3.47
C GLY A 16 -7.35 -4.86 -3.26
N GLN A 17 -7.95 -5.32 -4.36
CA GLN A 17 -8.94 -6.40 -4.27
C GLN A 17 -8.27 -7.65 -3.72
N ALA A 18 -7.05 -7.92 -4.18
CA ALA A 18 -6.31 -9.09 -3.72
C ALA A 18 -6.15 -9.04 -2.21
N ARG A 19 -5.70 -7.91 -1.69
CA ARG A 19 -5.55 -7.77 -0.25
C ARG A 19 -6.90 -7.95 0.43
N SER A 20 -7.91 -7.28 -0.11
CA SER A 20 -9.25 -7.36 0.44
C SER A 20 -9.68 -8.83 0.57
N LEU A 21 -9.47 -9.59 -0.49
CA LEU A 21 -9.81 -11.01 -0.48
C LEU A 21 -8.97 -11.74 0.58
N ALA A 22 -7.69 -11.40 0.63
CA ALA A 22 -6.79 -12.03 1.60
C ALA A 22 -7.30 -11.80 3.03
N TYR A 23 -7.59 -10.55 3.38
CA TYR A 23 -8.10 -10.25 4.72
C TYR A 23 -9.41 -11.00 4.93
N ALA A 24 -10.25 -11.03 3.90
CA ALA A 24 -11.51 -11.73 3.99
C ALA A 24 -11.24 -13.22 4.25
N ALA A 25 -10.23 -13.75 3.56
CA ALA A 25 -9.84 -15.14 3.75
C ALA A 25 -9.48 -15.38 5.21
N LEU A 26 -8.72 -14.46 5.78
CA LEU A 26 -8.32 -14.57 7.18
C LEU A 26 -9.56 -14.55 8.07
N LYS A 27 -10.48 -13.64 7.77
CA LYS A 27 -11.71 -13.53 8.54
C LYS A 27 -12.45 -14.87 8.56
N GLN A 28 -12.48 -15.54 7.41
CA GLN A 28 -13.15 -16.84 7.31
C GLN A 28 -12.48 -17.81 8.28
N ALA A 29 -11.15 -17.75 8.35
CA ALA A 29 -10.39 -18.62 9.24
C ALA A 29 -10.80 -18.38 10.69
N LYS A 30 -10.95 -17.12 11.05
CA LYS A 30 -11.36 -16.77 12.41
C LYS A 30 -12.72 -17.37 12.73
N GLN A 31 -13.58 -17.50 11.72
CA GLN A 31 -14.89 -18.08 11.93
C GLN A 31 -14.80 -19.60 11.96
N GLY A 32 -13.60 -20.12 11.77
CA GLY A 32 -13.37 -21.56 11.81
C GLY A 32 -13.71 -22.21 10.47
N ASP A 33 -13.83 -21.40 9.43
CA ASP A 33 -14.15 -21.90 8.09
C ASP A 33 -12.88 -22.06 7.26
N PHE A 34 -12.18 -23.18 7.47
CA PHE A 34 -10.93 -23.42 6.73
C PHE A 34 -11.18 -23.60 5.24
N ALA A 35 -12.31 -24.21 4.89
CA ALA A 35 -12.63 -24.46 3.49
C ALA A 35 -12.77 -23.14 2.72
N ALA A 36 -13.56 -22.23 3.26
CA ALA A 36 -13.76 -20.95 2.60
C ALA A 36 -12.46 -20.14 2.60
N ALA A 37 -11.70 -20.23 3.68
CA ALA A 37 -10.43 -19.52 3.75
C ALA A 37 -9.52 -19.99 2.60
N LYS A 38 -9.36 -21.30 2.49
CA LYS A 38 -8.53 -21.90 1.45
C LYS A 38 -8.96 -21.42 0.06
N ALA A 39 -10.26 -21.45 -0.21
CA ALA A 39 -10.77 -21.03 -1.51
C ALA A 39 -10.47 -19.57 -1.79
N MET A 40 -10.61 -18.74 -0.76
CA MET A 40 -10.36 -17.30 -0.90
C MET A 40 -8.88 -17.03 -1.18
N MET A 41 -7.98 -17.76 -0.50
CA MET A 41 -6.55 -17.56 -0.72
C MET A 41 -6.19 -17.92 -2.15
N ASP A 42 -6.77 -19.01 -2.65
CA ASP A 42 -6.47 -19.48 -3.99
C ASP A 42 -6.83 -18.42 -5.02
N GLN A 43 -8.03 -17.87 -4.88
CA GLN A 43 -8.48 -16.82 -5.80
C GLN A 43 -7.61 -15.59 -5.67
N SER A 44 -7.25 -15.24 -4.44
CA SER A 44 -6.40 -14.08 -4.20
C SER A 44 -5.06 -14.28 -4.91
N ARG A 45 -4.49 -15.47 -4.78
CA ARG A 45 -3.22 -15.82 -5.43
C ARG A 45 -3.32 -15.66 -6.95
N MET A 46 -4.40 -16.18 -7.51
CA MET A 46 -4.63 -16.11 -8.95
C MET A 46 -4.72 -14.65 -9.40
N ALA A 47 -5.41 -13.83 -8.62
CA ALA A 47 -5.56 -12.41 -8.94
C ALA A 47 -4.19 -11.74 -9.00
N LEU A 48 -3.35 -12.05 -8.02
CA LEU A 48 -2.00 -11.49 -7.95
C LEU A 48 -1.15 -11.98 -9.12
N ASN A 49 -1.29 -13.26 -9.41
CA ASN A 49 -0.51 -13.87 -10.48
C ASN A 49 -0.77 -13.15 -11.80
N GLU A 50 -2.04 -12.89 -12.07
CA GLU A 50 -2.41 -12.17 -13.29
C GLU A 50 -1.86 -10.75 -13.23
N ALA A 51 -1.97 -10.13 -12.05
CA ALA A 51 -1.47 -8.77 -11.87
C ALA A 51 0.06 -8.75 -12.05
N HIS A 52 0.73 -9.71 -11.44
CA HIS A 52 2.19 -9.81 -11.54
C HIS A 52 2.61 -10.01 -13.00
N LEU A 53 1.86 -10.83 -13.72
CA LEU A 53 2.16 -11.11 -15.12
C LEU A 53 2.11 -9.82 -15.93
N VAL A 54 1.08 -9.02 -15.68
CA VAL A 54 0.94 -7.75 -16.38
C VAL A 54 2.11 -6.84 -16.04
N GLN A 55 2.46 -6.79 -14.76
CA GLN A 55 3.59 -5.96 -14.34
C GLN A 55 4.88 -6.45 -15.01
N THR A 56 5.08 -7.76 -15.08
CA THR A 56 6.28 -8.32 -15.72
C THR A 56 6.46 -7.71 -17.11
N LYS A 57 5.37 -7.66 -17.88
CA LYS A 57 5.43 -7.06 -19.22
C LYS A 57 5.76 -5.59 -19.10
N LEU A 58 5.18 -4.94 -18.10
CA LEU A 58 5.43 -3.52 -17.90
C LEU A 58 6.87 -3.24 -17.48
N ILE A 59 7.58 -4.25 -16.98
CA ILE A 59 8.99 -4.06 -16.60
C ILE A 59 9.93 -4.47 -17.76
N GLU A 60 9.55 -5.49 -18.53
CA GLU A 60 10.37 -5.95 -19.66
C GLU A 60 10.46 -4.88 -20.74
N GLY A 61 9.34 -4.20 -21.01
CA GLY A 61 9.31 -3.17 -22.03
C GLY A 61 9.20 -1.78 -21.42
N ASP A 62 9.80 -1.60 -20.24
CA ASP A 62 9.75 -0.32 -19.54
C ASP A 62 10.49 0.78 -20.32
N ALA A 63 11.17 0.39 -21.40
CA ALA A 63 11.90 1.36 -22.21
C ALA A 63 10.97 2.06 -23.19
N GLY A 64 11.49 3.07 -23.89
CA GLY A 64 10.68 3.81 -24.86
C GLY A 64 10.81 5.32 -24.66
N GLU A 65 10.45 5.80 -23.47
CA GLU A 65 10.53 7.23 -23.19
C GLU A 65 11.97 7.72 -23.18
N GLY A 66 12.86 6.90 -22.64
CA GLY A 66 14.28 7.27 -22.58
C GLY A 66 15.15 6.04 -22.36
N LYS A 67 16.47 6.25 -22.44
CA LYS A 67 17.41 5.15 -22.27
C LYS A 67 17.39 4.63 -20.82
N MET A 68 18.11 5.32 -19.94
CA MET A 68 18.20 4.93 -18.54
C MET A 68 16.88 5.05 -17.79
N LYS A 69 16.13 6.12 -18.08
CA LYS A 69 14.87 6.35 -17.37
C LYS A 69 13.76 5.39 -17.80
N VAL A 70 12.84 5.14 -16.87
CA VAL A 70 11.71 4.23 -17.10
C VAL A 70 10.41 4.88 -16.65
N SER A 71 9.28 4.23 -16.95
CA SER A 71 7.98 4.77 -16.55
C SER A 71 7.94 4.91 -15.03
N LEU A 72 7.54 6.10 -14.57
CA LEU A 72 7.48 6.40 -13.14
C LEU A 72 6.43 5.55 -12.41
N VAL A 73 5.30 5.39 -13.07
CA VAL A 73 4.18 4.62 -12.52
C VAL A 73 4.55 3.16 -12.22
N LEU A 74 5.60 2.69 -12.85
CA LEU A 74 6.02 1.30 -12.64
C LEU A 74 6.17 1.00 -11.17
N VAL A 75 6.60 2.01 -10.43
CA VAL A 75 6.82 1.85 -8.99
C VAL A 75 5.47 1.76 -8.28
N HIS A 76 4.25 2.78 -8.69
CA HIS A 76 2.88 2.78 -8.09
C HIS A 76 2.29 1.38 -8.18
N ALA A 77 2.63 0.66 -9.25
CA ALA A 77 2.16 -0.69 -9.44
C ALA A 77 3.02 -1.68 -8.65
N GLN A 78 4.34 -1.51 -8.72
CA GLN A 78 5.25 -2.42 -8.02
C GLN A 78 5.01 -2.32 -6.51
N LEU A 79 4.96 -1.09 -6.01
CA LEU A 79 4.72 -0.86 -4.59
C LEU A 79 3.44 -1.54 -4.13
N HIS A 80 2.35 -1.32 -4.85
CA HIS A 80 1.08 -1.91 -4.47
C HIS A 80 1.12 -3.44 -4.62
N LEU A 81 1.65 -3.90 -5.74
CA LEU A 81 1.74 -5.34 -5.99
C LEU A 81 2.64 -6.04 -4.98
N MET A 82 3.80 -5.45 -4.70
CA MET A 82 4.74 -6.05 -3.75
C MET A 82 4.11 -6.14 -2.37
N THR A 83 3.46 -5.05 -1.96
CA THR A 83 2.81 -5.00 -0.65
C THR A 83 1.69 -6.04 -0.56
N SER A 84 0.84 -6.07 -1.58
CA SER A 84 -0.29 -7.01 -1.61
C SER A 84 0.20 -8.46 -1.60
N MET A 85 1.16 -8.78 -2.45
CA MET A 85 1.69 -10.14 -2.51
C MET A 85 2.26 -10.57 -1.18
N LEU A 86 3.07 -9.70 -0.59
CA LEU A 86 3.68 -10.00 0.70
C LEU A 86 2.61 -10.19 1.78
N ALA A 87 1.64 -9.28 1.79
CA ALA A 87 0.56 -9.36 2.76
C ALA A 87 -0.15 -10.70 2.67
N ARG A 88 -0.49 -11.10 1.47
CA ARG A 88 -1.18 -12.37 1.27
C ARG A 88 -0.35 -13.55 1.78
N GLU A 89 0.93 -13.57 1.45
CA GLU A 89 1.77 -14.67 1.88
C GLU A 89 1.79 -14.78 3.39
N LEU A 90 1.95 -13.65 4.06
CA LEU A 90 1.96 -13.64 5.51
C LEU A 90 0.58 -14.03 6.05
N ILE A 91 -0.46 -13.51 5.42
CA ILE A 91 -1.82 -13.85 5.84
C ILE A 91 -2.03 -15.35 5.69
N THR A 92 -1.50 -15.92 4.61
CA THR A 92 -1.60 -17.37 4.40
C THR A 92 -0.98 -18.10 5.59
N GLU A 93 0.20 -17.64 6.01
CA GLU A 93 0.88 -18.23 7.16
C GLU A 93 0.02 -18.08 8.40
N LEU A 94 -0.57 -16.89 8.56
CA LEU A 94 -1.43 -16.62 9.72
C LEU A 94 -2.62 -17.59 9.71
N ILE A 95 -3.20 -17.80 8.55
CA ILE A 95 -4.34 -18.73 8.44
C ILE A 95 -3.90 -20.14 8.83
N GLU A 96 -2.72 -20.56 8.36
CA GLU A 96 -2.22 -21.88 8.71
C GLU A 96 -2.08 -22.00 10.22
N LEU A 97 -1.64 -20.91 10.87
CA LEU A 97 -1.51 -20.92 12.32
C LEU A 97 -2.88 -21.12 12.98
N HIS A 98 -3.89 -20.46 12.44
CA HIS A 98 -5.25 -20.62 12.98
C HIS A 98 -5.63 -22.08 12.92
N GLU A 99 -5.25 -22.75 11.84
CA GLU A 99 -5.55 -24.17 11.68
C GLU A 99 -4.81 -24.98 12.74
N LYS A 100 -3.56 -24.62 13.01
CA LYS A 100 -2.79 -25.32 14.02
C LYS A 100 -3.39 -25.06 15.41
N LEU A 101 -3.92 -23.84 15.61
CA LEU A 101 -4.56 -23.49 16.88
C LEU A 101 -5.80 -24.37 17.09
N LYS A 102 -6.02 -25.30 16.15
CA LYS A 102 -7.18 -26.20 16.21
C LYS A 102 -8.43 -25.52 15.71
N ALA A 103 -8.82 -24.42 16.39
CA ALA A 103 -10.03 -23.67 16.04
C ALA A 103 -10.30 -23.65 14.53
N ALA B 1 22.66 3.11 -13.51
CA ALA B 1 23.97 3.34 -14.19
C ALA B 1 24.86 2.13 -13.94
N GLU B 2 26.00 2.08 -14.64
CA GLU B 2 26.95 0.97 -14.53
C GLU B 2 26.86 0.24 -13.18
N GLU B 3 27.57 0.74 -12.19
CA GLU B 3 27.58 0.13 -10.87
C GLU B 3 26.22 0.21 -10.20
N LEU B 4 25.72 1.44 -10.02
CA LEU B 4 24.42 1.61 -9.38
C LEU B 4 23.38 0.61 -9.91
N GLU B 5 23.37 0.41 -11.22
CA GLU B 5 22.42 -0.52 -11.83
C GLU B 5 22.76 -1.95 -11.47
N GLU B 6 24.03 -2.30 -11.57
CA GLU B 6 24.50 -3.63 -11.23
C GLU B 6 24.38 -3.85 -9.73
N VAL B 7 24.60 -2.79 -8.97
CA VAL B 7 24.51 -2.85 -7.52
C VAL B 7 23.05 -3.11 -7.10
N VAL B 8 22.12 -2.44 -7.77
CA VAL B 8 20.69 -2.63 -7.49
C VAL B 8 20.33 -4.08 -7.74
N MET B 9 20.80 -4.63 -8.86
CA MET B 9 20.52 -6.03 -9.18
C MET B 9 21.01 -6.91 -8.03
N GLY B 10 22.21 -6.62 -7.53
CA GLY B 10 22.75 -7.37 -6.41
C GLY B 10 21.86 -7.21 -5.19
N LEU B 11 21.44 -5.98 -4.93
CA LEU B 11 20.56 -5.70 -3.79
C LEU B 11 19.24 -6.44 -3.93
N ILE B 12 18.67 -6.41 -5.13
CA ILE B 12 17.40 -7.09 -5.38
C ILE B 12 17.57 -8.58 -5.14
N ILE B 13 18.66 -9.12 -5.68
CA ILE B 13 18.94 -10.54 -5.50
C ILE B 13 19.17 -10.83 -4.02
N ASN B 14 19.95 -9.98 -3.36
CA ASN B 14 20.24 -10.16 -1.94
C ASN B 14 18.94 -10.10 -1.13
N SER B 15 18.11 -9.11 -1.42
CA SER B 15 16.83 -8.99 -0.74
C SER B 15 15.98 -10.23 -0.97
N GLY B 16 15.99 -10.71 -2.22
CA GLY B 16 15.23 -11.91 -2.57
C GLY B 16 15.76 -13.12 -1.81
N GLN B 17 17.08 -13.25 -1.75
CA GLN B 17 17.68 -14.37 -1.03
C GLN B 17 17.31 -14.28 0.45
N ALA B 18 17.35 -13.06 0.98
CA ALA B 18 17.00 -12.84 2.37
C ALA B 18 15.60 -13.36 2.66
N ARG B 19 14.64 -12.97 1.84
CA ARG B 19 13.27 -13.44 2.02
C ARG B 19 13.24 -14.96 1.90
N SER B 20 13.90 -15.47 0.86
CA SER B 20 13.94 -16.91 0.64
C SER B 20 14.41 -17.63 1.89
N LEU B 21 15.50 -17.13 2.48
CA LEU B 21 16.04 -17.73 3.71
C LEU B 21 15.01 -17.60 4.83
N ALA B 22 14.37 -16.44 4.93
CA ALA B 22 13.37 -16.20 5.97
C ALA B 22 12.24 -17.23 5.85
N TYR B 23 11.67 -17.38 4.65
CA TYR B 23 10.60 -18.36 4.46
C TYR B 23 11.12 -19.75 4.79
N ALA B 24 12.36 -20.04 4.38
CA ALA B 24 12.95 -21.33 4.67
C ALA B 24 13.06 -21.49 6.19
N ALA B 25 13.43 -20.41 6.87
CA ALA B 25 13.53 -20.43 8.33
C ALA B 25 12.18 -20.80 8.92
N LEU B 26 11.12 -20.21 8.39
CA LEU B 26 9.78 -20.50 8.86
C LEU B 26 9.45 -21.97 8.62
N LYS B 27 9.80 -22.46 7.44
CA LYS B 27 9.55 -23.86 7.11
C LYS B 27 10.21 -24.78 8.14
N GLN B 28 11.43 -24.43 8.54
CA GLN B 28 12.13 -25.23 9.56
C GLN B 28 11.31 -25.26 10.84
N ALA B 29 10.74 -24.11 11.19
CA ALA B 29 9.91 -24.02 12.40
C ALA B 29 8.73 -24.97 12.31
N LYS B 30 8.09 -25.01 11.14
CA LYS B 30 6.95 -25.90 10.94
C LYS B 30 7.36 -27.35 11.16
N GLN B 31 8.62 -27.67 10.83
CA GLN B 31 9.10 -29.04 11.01
C GLN B 31 9.46 -29.28 12.48
N GLY B 32 9.32 -28.24 13.29
CA GLY B 32 9.63 -28.35 14.72
C GLY B 32 11.13 -28.18 14.99
N ASP B 33 11.86 -27.66 14.00
CA ASP B 33 13.29 -27.46 14.14
C ASP B 33 13.60 -26.02 14.53
N PHE B 34 13.47 -25.71 15.81
CA PHE B 34 13.73 -24.34 16.29
C PHE B 34 15.18 -23.94 16.10
N ALA B 35 16.09 -24.90 16.27
CA ALA B 35 17.52 -24.60 16.15
C ALA B 35 17.86 -24.12 14.74
N ALA B 36 17.43 -24.87 13.74
CA ALA B 36 17.71 -24.50 12.36
C ALA B 36 16.98 -23.20 12.01
N ALA B 37 15.77 -23.03 12.51
CA ALA B 37 15.03 -21.80 12.24
C ALA B 37 15.82 -20.61 12.74
N LYS B 38 16.23 -20.68 14.02
CA LYS B 38 17.01 -19.60 14.63
C LYS B 38 18.27 -19.27 13.81
N ALA B 39 18.99 -20.29 13.40
CA ALA B 39 20.21 -20.10 12.61
C ALA B 39 19.91 -19.41 11.28
N MET B 40 18.83 -19.82 10.64
CA MET B 40 18.44 -19.26 9.36
C MET B 40 18.05 -17.78 9.51
N MET B 41 17.32 -17.45 10.57
CA MET B 41 16.92 -16.06 10.78
C MET B 41 18.15 -15.17 10.97
N ASP B 42 19.12 -15.68 11.73
CA ASP B 42 20.33 -14.93 12.01
C ASP B 42 21.06 -14.57 10.73
N GLN B 43 21.21 -15.58 9.86
CA GLN B 43 21.88 -15.36 8.59
C GLN B 43 21.08 -14.40 7.72
N SER B 44 19.76 -14.54 7.73
CA SER B 44 18.91 -13.65 6.95
C SER B 44 19.13 -12.20 7.41
N ARG B 45 19.14 -12.00 8.73
CA ARG B 45 19.35 -10.68 9.30
C ARG B 45 20.69 -10.09 8.83
N MET B 46 21.74 -10.90 8.89
CA MET B 46 23.07 -10.45 8.49
C MET B 46 23.05 -10.04 7.02
N ALA B 47 22.37 -10.84 6.20
CA ALA B 47 22.27 -10.53 4.77
C ALA B 47 21.58 -9.19 4.56
N LEU B 48 20.50 -8.97 5.31
CA LEU B 48 19.75 -7.72 5.21
C LEU B 48 20.59 -6.55 5.72
N ASN B 49 21.30 -6.78 6.81
CA ASN B 49 22.13 -5.75 7.40
C ASN B 49 23.18 -5.26 6.40
N GLU B 50 23.83 -6.19 5.73
CA GLU B 50 24.82 -5.83 4.72
C GLU B 50 24.17 -5.10 3.57
N ALA B 51 23.00 -5.58 3.17
CA ALA B 51 22.25 -4.96 2.08
C ALA B 51 21.83 -3.54 2.48
N HIS B 52 21.32 -3.41 3.70
CA HIS B 52 20.88 -2.11 4.21
C HIS B 52 22.06 -1.13 4.27
N LEU B 53 23.22 -1.64 4.69
CA LEU B 53 24.42 -0.80 4.79
C LEU B 53 24.77 -0.23 3.41
N VAL B 54 24.71 -1.09 2.40
CA VAL B 54 25.03 -0.66 1.04
C VAL B 54 24.01 0.40 0.61
N GLN B 55 22.73 0.16 0.90
CA GLN B 55 21.70 1.13 0.53
C GLN B 55 21.96 2.45 1.25
N THR B 56 22.32 2.39 2.54
CA THR B 56 22.60 3.61 3.30
C THR B 56 23.57 4.50 2.53
N LYS B 57 24.65 3.90 2.04
CA LYS B 57 25.62 4.66 1.25
C LYS B 57 24.97 5.20 -0.01
N LEU B 58 24.12 4.39 -0.61
CA LEU B 58 23.44 4.78 -1.84
C LEU B 58 22.45 5.93 -1.59
N ILE B 59 22.02 6.12 -0.32
CA ILE B 59 21.11 7.23 -0.01
C ILE B 59 21.88 8.48 0.45
N GLU B 60 23.00 8.27 1.16
CA GLU B 60 23.81 9.39 1.64
C GLU B 60 24.42 10.17 0.46
N GLY B 61 24.86 9.43 -0.55
CA GLY B 61 25.49 10.05 -1.72
C GLY B 61 24.59 9.96 -2.95
N ASP B 62 23.28 10.02 -2.73
CA ASP B 62 22.32 9.93 -3.82
C ASP B 62 22.41 11.14 -4.77
N ALA B 63 23.21 12.12 -4.40
CA ALA B 63 23.36 13.32 -5.23
C ALA B 63 24.37 13.07 -6.34
N GLY B 64 24.50 14.03 -7.26
CA GLY B 64 25.44 13.90 -8.37
C GLY B 64 24.78 14.23 -9.71
N GLU B 65 23.73 13.48 -10.05
CA GLU B 65 23.03 13.70 -11.32
C GLU B 65 22.34 15.07 -11.33
N GLY B 66 21.76 15.45 -10.20
CA GLY B 66 21.07 16.73 -10.11
C GLY B 66 20.91 17.16 -8.66
N LYS B 67 20.42 18.38 -8.47
CA LYS B 67 20.23 18.92 -7.13
C LYS B 67 19.13 18.16 -6.38
N MET B 68 17.88 18.54 -6.66
CA MET B 68 16.72 17.93 -6.01
C MET B 68 16.52 16.47 -6.40
N LYS B 69 16.75 16.13 -7.66
CA LYS B 69 16.54 14.76 -8.14
C LYS B 69 17.62 13.80 -7.64
N VAL B 70 17.22 12.52 -7.52
CA VAL B 70 18.11 11.47 -7.05
C VAL B 70 18.02 10.24 -7.98
N SER B 71 18.89 9.26 -7.76
CA SER B 71 18.88 8.05 -8.59
C SER B 71 17.52 7.37 -8.49
N LEU B 72 16.93 7.04 -9.64
CA LEU B 72 15.60 6.45 -9.66
C LEU B 72 15.59 5.04 -9.04
N VAL B 73 16.65 4.30 -9.35
CA VAL B 73 16.80 2.93 -8.88
C VAL B 73 16.83 2.84 -7.34
N LEU B 74 17.12 3.95 -6.69
CA LEU B 74 17.18 3.96 -5.23
C LEU B 74 15.91 3.41 -4.62
N VAL B 75 14.79 3.76 -5.24
CA VAL B 75 13.48 3.30 -4.78
C VAL B 75 13.39 1.80 -5.00
N HIS B 76 13.84 1.23 -6.23
CA HIS B 76 13.78 -0.20 -6.51
C HIS B 76 14.49 -0.98 -5.40
N ALA B 77 15.66 -0.51 -5.01
CA ALA B 77 16.41 -1.18 -3.94
C ALA B 77 15.70 -0.99 -2.61
N GLN B 78 15.18 0.20 -2.38
CA GLN B 78 14.48 0.50 -1.13
C GLN B 78 13.22 -0.36 -1.03
N LEU B 79 12.44 -0.39 -2.12
CA LEU B 79 11.22 -1.18 -2.14
C LEU B 79 11.49 -2.65 -1.82
N HIS B 80 12.48 -3.23 -2.48
CA HIS B 80 12.80 -4.62 -2.24
C HIS B 80 13.36 -4.83 -0.84
N LEU B 81 14.27 -3.95 -0.44
CA LEU B 81 14.88 -4.06 0.89
C LEU B 81 13.85 -3.85 2.00
N MET B 82 13.00 -2.85 1.86
CA MET B 82 11.98 -2.57 2.87
C MET B 82 11.02 -3.75 3.01
N THR B 83 10.59 -4.28 1.87
CA THR B 83 9.67 -5.41 1.87
C THR B 83 10.32 -6.64 2.50
N SER B 84 11.55 -6.94 2.10
CA SER B 84 12.26 -8.09 2.64
C SER B 84 12.50 -7.97 4.14
N MET B 85 12.97 -6.81 4.58
CA MET B 85 13.24 -6.60 6.01
C MET B 85 11.96 -6.76 6.83
N LEU B 86 10.89 -6.14 6.36
CA LEU B 86 9.61 -6.21 7.06
C LEU B 86 9.11 -7.65 7.12
N ALA B 87 9.17 -8.33 5.98
CA ALA B 87 8.72 -9.71 5.90
C ALA B 87 9.49 -10.58 6.88
N ARG B 88 10.79 -10.44 6.86
CA ARG B 88 11.65 -11.22 7.75
C ARG B 88 11.28 -10.97 9.21
N GLU B 89 11.08 -9.70 9.59
CA GLU B 89 10.75 -9.38 10.97
C GLU B 89 9.43 -10.05 11.37
N LEU B 90 8.44 -9.96 10.50
CA LEU B 90 7.14 -10.56 10.78
C LEU B 90 7.28 -12.08 10.84
N ILE B 91 8.06 -12.63 9.92
CA ILE B 91 8.30 -14.07 9.91
C ILE B 91 8.95 -14.49 11.23
N THR B 92 9.86 -13.66 11.73
CA THR B 92 10.50 -13.96 13.02
C THR B 92 9.43 -14.07 14.09
N GLU B 93 8.49 -13.13 14.09
CA GLU B 93 7.40 -13.15 15.06
C GLU B 93 6.58 -14.43 14.88
N LEU B 94 6.30 -14.77 13.62
CA LEU B 94 5.54 -15.99 13.33
C LEU B 94 6.27 -17.21 13.87
N ILE B 95 7.59 -17.26 13.68
CA ILE B 95 8.36 -18.38 14.19
C ILE B 95 8.28 -18.46 15.71
N GLU B 96 8.36 -17.30 16.37
CA GLU B 96 8.25 -17.27 17.83
C GLU B 96 6.90 -17.85 18.25
N LEU B 97 5.86 -17.54 17.49
CA LEU B 97 4.52 -18.05 17.79
C LEU B 97 4.52 -19.58 17.69
N HIS B 98 5.19 -20.10 16.66
CA HIS B 98 5.27 -21.55 16.50
C HIS B 98 5.89 -22.17 17.75
N GLU B 99 6.90 -21.48 18.28
CA GLU B 99 7.55 -21.95 19.50
C GLU B 99 6.58 -21.94 20.66
N LYS B 100 5.77 -20.88 20.77
CA LYS B 100 4.79 -20.80 21.84
C LYS B 100 3.72 -21.88 21.65
N LEU B 101 3.39 -22.19 20.39
CA LEU B 101 2.42 -23.25 20.11
C LEU B 101 2.96 -24.60 20.58
N LYS B 102 4.13 -24.57 21.21
CA LYS B 102 4.77 -25.78 21.72
C LYS B 102 5.49 -26.51 20.59
N ALA B 103 4.71 -26.92 19.58
CA ALA B 103 5.25 -27.67 18.43
C ALA B 103 6.64 -27.19 18.04
N ALA C 1 11.12 19.25 -2.05
CA ALA C 1 11.16 20.74 -1.98
C ALA C 1 10.96 21.17 -0.54
N GLU C 2 11.18 22.45 -0.27
CA GLU C 2 11.04 23.02 1.08
C GLU C 2 10.10 22.22 1.98
N GLU C 3 8.81 22.51 1.89
CA GLU C 3 7.83 21.81 2.71
C GLU C 3 7.73 20.34 2.34
N LEU C 4 7.37 20.07 1.08
CA LEU C 4 7.24 18.68 0.63
C LEU C 4 8.38 17.80 1.16
N GLU C 5 9.60 18.32 1.11
CA GLU C 5 10.76 17.57 1.58
C GLU C 5 10.74 17.43 3.10
N GLU C 6 10.47 18.53 3.78
CA GLU C 6 10.41 18.52 5.24
C GLU C 6 9.19 17.70 5.68
N VAL C 7 8.12 17.78 4.89
CA VAL C 7 6.90 17.04 5.17
C VAL C 7 7.17 15.53 5.06
N VAL C 8 7.92 15.14 4.03
CA VAL C 8 8.27 13.74 3.83
C VAL C 8 9.06 13.24 5.04
N MET C 9 10.02 14.04 5.50
CA MET C 9 10.80 13.67 6.66
C MET C 9 9.87 13.40 7.84
N GLY C 10 8.88 14.29 8.01
CA GLY C 10 7.91 14.13 9.08
C GLY C 10 7.12 12.84 8.88
N LEU C 11 6.71 12.59 7.65
CA LEU C 11 5.94 11.37 7.33
C LEU C 11 6.79 10.14 7.59
N ILE C 12 8.05 10.18 7.18
CA ILE C 12 8.94 9.04 7.37
C ILE C 12 9.11 8.78 8.87
N ILE C 13 9.32 9.87 9.61
CA ILE C 13 9.47 9.76 11.06
C ILE C 13 8.16 9.23 11.66
N ASN C 14 7.05 9.81 11.22
CA ASN C 14 5.73 9.40 11.72
C ASN C 14 5.50 7.92 11.43
N SER C 15 5.79 7.51 10.19
CA SER C 15 5.63 6.11 9.81
C SER C 15 6.52 5.24 10.68
N GLY C 16 7.76 5.70 10.90
CA GLY C 16 8.70 4.95 11.73
C GLY C 16 8.18 4.84 13.16
N GLN C 17 7.67 5.95 13.70
CA GLN C 17 7.13 5.92 15.06
C GLN C 17 5.95 4.97 15.12
N ALA C 18 5.12 5.01 14.08
CA ALA C 18 3.96 4.14 14.02
C ALA C 18 4.38 2.67 14.15
N ARG C 19 5.36 2.27 13.33
CA ARG C 19 5.84 0.91 13.40
C ARG C 19 6.41 0.63 14.79
N SER C 20 7.21 1.57 15.28
CA SER C 20 7.81 1.41 16.60
C SER C 20 6.73 1.13 17.65
N LEU C 21 5.66 1.92 17.61
CA LEU C 21 4.56 1.74 18.54
C LEU C 21 3.92 0.37 18.33
N ALA C 22 3.73 0.00 17.06
CA ALA C 22 3.13 -1.29 16.73
C ALA C 22 3.96 -2.44 17.33
N TYR C 23 5.27 -2.43 17.07
CA TYR C 23 6.14 -3.47 17.64
C TYR C 23 6.05 -3.45 19.16
N ALA C 24 6.03 -2.24 19.72
CA ALA C 24 5.92 -2.11 21.17
C ALA C 24 4.59 -2.72 21.62
N ALA C 25 3.54 -2.47 20.85
CA ALA C 25 2.23 -3.03 21.16
C ALA C 25 2.31 -4.55 21.21
N LEU C 26 3.01 -5.12 20.24
CA LEU C 26 3.19 -6.57 20.18
C LEU C 26 3.95 -7.05 21.42
N LYS C 27 4.99 -6.31 21.77
CA LYS C 27 5.79 -6.66 22.94
C LYS C 27 4.90 -6.72 24.19
N GLN C 28 3.99 -5.77 24.31
CA GLN C 28 3.06 -5.75 25.44
C GLN C 28 2.26 -7.04 25.47
N ALA C 29 1.82 -7.47 24.27
CA ALA C 29 1.05 -8.70 24.16
C ALA C 29 1.85 -9.89 24.67
N LYS C 30 3.13 -9.94 24.30
CA LYS C 30 3.99 -11.02 24.76
C LYS C 30 4.07 -11.06 26.28
N GLN C 31 3.98 -9.88 26.90
CA GLN C 31 4.04 -9.80 28.36
C GLN C 31 2.67 -10.17 28.96
N GLY C 32 1.71 -10.44 28.08
CA GLY C 32 0.36 -10.83 28.53
C GLY C 32 -0.47 -9.60 28.89
N ASP C 33 -0.04 -8.43 28.44
CA ASP C 33 -0.76 -7.18 28.70
C ASP C 33 -1.63 -6.80 27.51
N PHE C 34 -2.80 -7.41 27.42
CA PHE C 34 -3.71 -7.14 26.31
C PHE C 34 -4.22 -5.70 26.34
N ALA C 35 -4.43 -5.17 27.54
CA ALA C 35 -4.94 -3.81 27.68
C ALA C 35 -3.97 -2.79 27.08
N ALA C 36 -2.71 -2.89 27.47
CA ALA C 36 -1.71 -1.96 26.96
C ALA C 36 -1.50 -2.17 25.47
N ALA C 37 -1.55 -3.42 25.02
CA ALA C 37 -1.38 -3.71 23.60
C ALA C 37 -2.48 -3.00 22.81
N LYS C 38 -3.72 -3.21 23.22
CA LYS C 38 -4.87 -2.59 22.57
C LYS C 38 -4.72 -1.07 22.49
N ALA C 39 -4.32 -0.45 23.61
CA ALA C 39 -4.16 1.00 23.65
C ALA C 39 -3.06 1.46 22.68
N MET C 40 -1.96 0.72 22.64
CA MET C 40 -0.85 1.06 21.77
C MET C 40 -1.25 0.92 20.30
N MET C 41 -2.03 -0.11 19.99
CA MET C 41 -2.48 -0.31 18.61
C MET C 41 -3.35 0.85 18.16
N ASP C 42 -4.25 1.28 19.04
CA ASP C 42 -5.17 2.36 18.72
C ASP C 42 -4.41 3.63 18.38
N GLN C 43 -3.42 3.97 19.21
CA GLN C 43 -2.61 5.16 18.97
C GLN C 43 -1.83 5.03 17.67
N SER C 44 -1.30 3.85 17.42
CA SER C 44 -0.55 3.60 16.19
C SER C 44 -1.44 3.87 14.98
N ARG C 45 -2.67 3.32 15.03
CA ARG C 45 -3.64 3.50 13.96
C ARG C 45 -3.93 4.99 13.72
N MET C 46 -4.14 5.72 14.81
CA MET C 46 -4.43 7.15 14.72
C MET C 46 -3.26 7.89 14.08
N ALA C 47 -2.04 7.51 14.47
CA ALA C 47 -0.84 8.14 13.91
C ALA C 47 -0.78 7.91 12.40
N LEU C 48 -1.08 6.68 11.98
CA LEU C 48 -1.07 6.33 10.57
C LEU C 48 -2.17 7.06 9.82
N ASN C 49 -3.34 7.15 10.45
CA ASN C 49 -4.48 7.81 9.84
C ASN C 49 -4.14 9.27 9.52
N GLU C 50 -3.51 9.95 10.47
CA GLU C 50 -3.11 11.33 10.26
C GLU C 50 -2.06 11.41 9.16
N ALA C 51 -1.13 10.47 9.19
CA ALA C 51 -0.07 10.43 8.18
C ALA C 51 -0.67 10.15 6.80
N HIS C 52 -1.58 9.19 6.74
CA HIS C 52 -2.25 8.85 5.48
C HIS C 52 -3.02 10.05 4.94
N LEU C 53 -3.69 10.78 5.83
CA LEU C 53 -4.47 11.95 5.43
C LEU C 53 -3.56 12.98 4.76
N VAL C 54 -2.39 13.20 5.35
CA VAL C 54 -1.45 14.16 4.80
C VAL C 54 -0.99 13.67 3.43
N GLN C 55 -0.69 12.38 3.32
CA GLN C 55 -0.26 11.82 2.04
C GLN C 55 -1.38 11.99 1.00
N THR C 56 -2.62 11.74 1.41
CA THR C 56 -3.76 11.88 0.48
C THR C 56 -3.70 13.25 -0.19
N LYS C 57 -3.50 14.29 0.60
CA LYS C 57 -3.40 15.64 0.05
C LYS C 57 -2.20 15.73 -0.88
N LEU C 58 -1.11 15.09 -0.49
CA LEU C 58 0.10 15.11 -1.29
C LEU C 58 -0.08 14.35 -2.61
N ILE C 59 -1.09 13.47 -2.70
CA ILE C 59 -1.33 12.76 -3.95
C ILE C 59 -2.40 13.48 -4.79
N GLU C 60 -3.38 14.10 -4.14
CA GLU C 60 -4.43 14.83 -4.87
C GLU C 60 -3.85 16.03 -5.60
N GLY C 61 -2.89 16.71 -4.98
CA GLY C 61 -2.28 17.89 -5.57
C GLY C 61 -0.83 17.62 -5.97
N ASP C 62 -0.56 16.41 -6.41
CA ASP C 62 0.79 16.03 -6.80
C ASP C 62 1.22 16.75 -8.06
N ALA C 63 0.31 17.49 -8.68
CA ALA C 63 0.63 18.24 -9.90
C ALA C 63 1.30 19.56 -9.56
N GLY C 64 1.78 20.26 -10.59
CA GLY C 64 2.43 21.56 -10.39
C GLY C 64 3.77 21.63 -11.13
N GLU C 65 4.69 20.71 -10.81
CA GLU C 65 5.99 20.70 -11.45
C GLU C 65 5.87 20.38 -12.94
N GLY C 66 4.99 19.45 -13.27
CA GLY C 66 4.80 19.05 -14.66
C GLY C 66 3.45 18.36 -14.86
N LYS C 67 3.12 18.09 -16.11
CA LYS C 67 1.85 17.44 -16.43
C LYS C 67 1.83 16.00 -15.92
N MET C 68 2.44 15.10 -16.70
CA MET C 68 2.48 13.68 -16.36
C MET C 68 3.31 13.38 -15.12
N LYS C 69 4.45 14.07 -14.97
CA LYS C 69 5.34 13.83 -13.84
C LYS C 69 4.79 14.36 -12.52
N VAL C 70 5.20 13.71 -11.43
CA VAL C 70 4.76 14.07 -10.08
C VAL C 70 5.96 14.16 -9.13
N SER C 71 5.72 14.64 -7.91
CA SER C 71 6.80 14.75 -6.93
C SER C 71 7.42 13.38 -6.68
N LEU C 72 8.74 13.30 -6.77
CA LEU C 72 9.45 12.03 -6.61
C LEU C 72 9.31 11.48 -5.19
N VAL C 73 9.40 12.39 -4.22
CA VAL C 73 9.33 12.04 -2.80
C VAL C 73 8.00 11.37 -2.44
N LEU C 74 6.99 11.57 -3.26
CA LEU C 74 5.68 10.98 -3.00
C LEU C 74 5.79 9.50 -2.75
N VAL C 75 6.65 8.87 -3.53
CA VAL C 75 6.88 7.43 -3.40
C VAL C 75 7.56 7.14 -2.06
N HIS C 76 8.61 7.98 -1.64
CA HIS C 76 9.30 7.77 -0.37
C HIS C 76 8.29 7.72 0.79
N ALA C 77 7.36 8.66 0.77
CA ALA C 77 6.33 8.70 1.81
C ALA C 77 5.38 7.53 1.66
N GLN C 78 5.02 7.21 0.41
CA GLN C 78 4.11 6.11 0.15
C GLN C 78 4.74 4.78 0.58
N LEU C 79 5.99 4.58 0.19
CA LEU C 79 6.71 3.36 0.55
C LEU C 79 6.75 3.17 2.06
N HIS C 80 7.13 4.21 2.79
CA HIS C 80 7.20 4.12 4.24
C HIS C 80 5.81 3.94 4.85
N LEU C 81 4.87 4.73 4.38
CA LEU C 81 3.50 4.67 4.89
C LEU C 81 2.85 3.31 4.59
N MET C 82 3.01 2.84 3.37
CA MET C 82 2.42 1.55 2.98
C MET C 82 3.01 0.42 3.82
N THR C 83 4.32 0.45 3.99
CA THR C 83 5.00 -0.58 4.76
C THR C 83 4.54 -0.55 6.22
N SER C 84 4.53 0.64 6.80
CA SER C 84 4.12 0.80 8.20
C SER C 84 2.67 0.37 8.42
N MET C 85 1.76 0.84 7.56
CA MET C 85 0.35 0.48 7.70
C MET C 85 0.16 -1.04 7.61
N LEU C 86 0.80 -1.65 6.63
CA LEU C 86 0.70 -3.09 6.43
C LEU C 86 1.24 -3.83 7.65
N ALA C 87 2.42 -3.42 8.10
CA ALA C 87 3.05 -4.04 9.25
C ALA C 87 2.13 -3.96 10.47
N ARG C 88 1.61 -2.77 10.71
CA ARG C 88 0.74 -2.55 11.84
C ARG C 88 -0.50 -3.47 11.77
N GLU C 89 -1.11 -3.56 10.59
CA GLU C 89 -2.29 -4.42 10.44
C GLU C 89 -1.95 -5.88 10.74
N LEU C 90 -0.82 -6.35 10.20
CA LEU C 90 -0.40 -7.72 10.44
C LEU C 90 -0.07 -7.92 11.91
N ILE C 91 0.60 -6.95 12.49
CA ILE C 91 0.95 -7.02 13.90
C ILE C 91 -0.33 -7.12 14.73
N THR C 92 -1.36 -6.39 14.32
CA THR C 92 -2.64 -6.46 15.02
C THR C 92 -3.15 -7.89 14.99
N GLU C 93 -3.06 -8.53 13.83
CA GLU C 93 -3.50 -9.92 13.70
C GLU C 93 -2.66 -10.82 14.62
N LEU C 94 -1.36 -10.56 14.63
CA LEU C 94 -0.45 -11.34 15.47
C LEU C 94 -0.84 -11.20 16.94
N ILE C 95 -1.16 -9.98 17.35
CA ILE C 95 -1.57 -9.73 18.73
C ILE C 95 -2.86 -10.51 19.05
N GLU C 96 -3.80 -10.48 18.12
CA GLU C 96 -5.05 -11.21 18.31
C GLU C 96 -4.75 -12.70 18.53
N LEU C 97 -3.78 -13.21 17.77
CA LEU C 97 -3.39 -14.61 17.91
C LEU C 97 -2.85 -14.87 19.32
N HIS C 98 -2.05 -13.94 19.83
CA HIS C 98 -1.52 -14.09 21.18
C HIS C 98 -2.68 -14.22 22.16
N GLU C 99 -3.73 -13.44 21.92
CA GLU C 99 -4.90 -13.49 22.78
C GLU C 99 -5.57 -14.87 22.68
N LYS C 100 -5.65 -15.41 21.46
CA LYS C 100 -6.25 -16.72 21.29
C LYS C 100 -5.38 -17.78 21.95
N LEU C 101 -4.05 -17.58 21.91
CA LEU C 101 -3.12 -18.52 22.55
C LEU C 101 -3.37 -18.53 24.06
N LYS C 102 -4.36 -17.76 24.51
CA LYS C 102 -4.70 -17.67 25.93
C LYS C 102 -3.78 -16.68 26.63
N ALA C 103 -2.48 -16.99 26.61
CA ALA C 103 -1.45 -16.16 27.26
C ALA C 103 -1.80 -14.67 27.21
N LYS D 1 -19.97 26.95 -1.17
CA LYS D 1 -19.08 26.05 -1.96
C LYS D 1 -19.44 24.59 -1.78
N LYS D 2 -19.77 23.94 -2.87
CA LYS D 2 -20.15 22.54 -2.84
C LYS D 2 -18.93 21.62 -2.88
N HIS D 3 -19.02 20.49 -2.19
CA HIS D 3 -17.93 19.52 -2.13
C HIS D 3 -18.12 18.37 -3.08
N ILE D 4 -17.20 18.26 -4.03
CA ILE D 4 -17.22 17.18 -4.99
C ILE D 4 -16.07 16.24 -4.61
N TYR D 5 -16.39 15.03 -4.18
CA TYR D 5 -15.38 14.06 -3.78
C TYR D 5 -15.33 12.90 -4.76
N LEU D 6 -14.13 12.60 -5.26
CA LEU D 6 -13.90 11.48 -6.19
C LEU D 6 -13.25 10.35 -5.40
N PHE D 7 -13.55 9.08 -5.74
CA PHE D 7 -12.84 7.96 -5.11
C PHE D 7 -12.17 7.06 -6.14
N CYS D 8 -11.02 6.47 -5.72
CA CYS D 8 -10.25 5.46 -6.45
C CYS D 8 -9.50 4.56 -5.47
N SER D 9 -8.62 3.66 -5.87
CA SER D 9 -8.03 2.82 -4.82
C SER D 9 -7.17 3.65 -3.89
N ALA D 10 -6.18 4.41 -4.39
CA ALA D 10 -5.28 5.13 -3.49
C ALA D 10 -5.58 6.60 -3.55
N GLY D 11 -5.83 7.13 -4.74
CA GLY D 11 -6.13 8.53 -4.93
C GLY D 11 -5.10 9.22 -5.82
N MET D 12 -4.46 8.50 -6.74
CA MET D 12 -3.45 9.14 -7.60
C MET D 12 -3.97 9.33 -9.04
N SER D 13 -4.05 8.26 -9.76
CA SER D 13 -4.50 8.37 -11.16
C SER D 13 -5.72 9.30 -11.29
N THR D 14 -6.45 9.50 -10.20
CA THR D 14 -7.62 10.37 -10.31
C THR D 14 -7.21 11.78 -9.89
N SER D 15 -6.09 11.83 -9.22
CA SER D 15 -5.48 13.09 -8.76
C SER D 15 -5.20 14.03 -9.93
N LEU D 16 -4.82 13.46 -11.06
CA LEU D 16 -4.55 14.26 -12.24
C LEU D 16 -5.88 14.86 -12.76
N LEU D 17 -6.96 14.07 -12.72
CA LEU D 17 -8.28 14.55 -13.14
C LEU D 17 -8.75 15.68 -12.19
N VAL D 18 -8.54 15.48 -10.88
CA VAL D 18 -8.91 16.50 -9.89
C VAL D 18 -8.18 17.83 -10.15
N SER D 19 -6.89 17.79 -10.47
CA SER D 19 -6.17 19.03 -10.74
C SER D 19 -6.73 19.77 -11.98
N LYS D 20 -7.12 19.03 -13.02
CA LYS D 20 -7.71 19.66 -14.20
C LYS D 20 -9.12 20.20 -13.91
N MET D 21 -9.87 19.50 -13.07
CA MET D 21 -11.22 20.00 -12.73
C MET D 21 -11.08 21.31 -11.94
N ARG D 22 -10.13 21.39 -11.02
CA ARG D 22 -9.91 22.60 -10.21
C ARG D 22 -9.56 23.79 -11.12
N ALA D 23 -8.79 23.54 -12.18
CA ALA D 23 -8.39 24.59 -13.11
C ALA D 23 -9.63 25.14 -13.81
N GLN D 24 -10.50 24.24 -14.24
CA GLN D 24 -11.72 24.61 -14.91
C GLN D 24 -12.67 25.35 -14.00
N ALA D 25 -12.80 24.88 -12.77
CA ALA D 25 -13.69 25.53 -11.80
C ALA D 25 -13.24 26.96 -11.55
N GLU D 26 -11.93 27.20 -11.60
CA GLU D 26 -11.39 28.54 -11.36
C GLU D 26 -11.65 29.43 -12.57
N LYS D 27 -11.43 28.88 -13.76
CA LYS D 27 -11.63 29.59 -14.99
C LYS D 27 -13.07 30.10 -15.12
N TYR D 28 -14.05 29.29 -14.72
CA TYR D 28 -15.48 29.69 -14.80
C TYR D 28 -16.13 30.10 -13.49
N GLU D 29 -15.33 30.35 -12.46
CA GLU D 29 -15.81 30.78 -11.15
C GLU D 29 -16.89 29.89 -10.51
N VAL D 30 -16.76 28.58 -10.66
CA VAL D 30 -17.70 27.63 -10.08
C VAL D 30 -17.27 27.48 -8.62
N PRO D 31 -18.19 27.73 -7.67
CA PRO D 31 -17.91 27.64 -6.23
C PRO D 31 -17.93 26.21 -5.68
N VAL D 32 -16.88 25.46 -6.01
CA VAL D 32 -16.75 24.08 -5.57
C VAL D 32 -15.38 23.76 -5.01
N ILE D 33 -15.35 22.75 -4.14
CA ILE D 33 -14.13 22.22 -3.55
C ILE D 33 -14.09 20.77 -4.09
N ILE D 34 -12.98 20.40 -4.71
CA ILE D 34 -12.79 19.07 -5.32
C ILE D 34 -11.61 18.31 -4.66
N GLU D 35 -11.86 17.09 -4.18
CA GLU D 35 -10.83 16.27 -3.52
C GLU D 35 -10.93 14.82 -4.00
N ALA D 36 -9.78 14.14 -4.09
CA ALA D 36 -9.71 12.73 -4.50
C ALA D 36 -9.34 11.92 -3.25
N PHE D 37 -9.93 10.74 -3.09
CA PHE D 37 -9.64 9.87 -1.95
C PHE D 37 -9.66 8.44 -2.43
N PRO D 38 -9.08 7.53 -1.64
CA PRO D 38 -9.07 6.11 -2.02
C PRO D 38 -10.49 5.61 -1.70
N GLU D 39 -10.91 4.54 -2.35
CA GLU D 39 -12.24 3.96 -2.13
C GLU D 39 -12.51 3.54 -0.69
N THR D 40 -11.46 3.29 0.09
CA THR D 40 -11.63 2.88 1.48
C THR D 40 -12.26 3.95 2.37
N LEU D 41 -12.19 5.21 1.94
CA LEU D 41 -12.77 6.32 2.70
C LEU D 41 -14.15 6.77 2.20
N ALA D 42 -14.74 6.07 1.21
CA ALA D 42 -16.05 6.45 0.63
C ALA D 42 -17.14 6.64 1.68
N GLY D 43 -17.12 5.80 2.71
CA GLY D 43 -18.13 5.91 3.75
C GLY D 43 -17.81 6.98 4.77
N GLU D 44 -16.53 7.16 5.08
CA GLU D 44 -16.15 8.15 6.07
C GLU D 44 -16.16 9.59 5.49
N LYS D 45 -15.52 9.77 4.34
CA LYS D 45 -15.46 11.08 3.70
C LYS D 45 -16.73 11.45 2.92
N GLY D 46 -17.38 10.46 2.32
CA GLY D 46 -18.60 10.70 1.55
C GLY D 46 -19.69 11.43 2.29
N GLN D 47 -19.77 11.23 3.60
CA GLN D 47 -20.79 11.89 4.43
C GLN D 47 -20.74 13.42 4.34
N ASN D 48 -19.59 13.97 3.95
CA ASN D 48 -19.43 15.41 3.87
C ASN D 48 -19.45 15.95 2.45
N ALA D 49 -19.66 15.08 1.48
CA ALA D 49 -19.67 15.54 0.10
C ALA D 49 -21.06 15.97 -0.30
N ASP D 50 -21.11 16.82 -1.31
CA ASP D 50 -22.38 17.25 -1.83
C ASP D 50 -22.73 16.32 -2.99
N VAL D 51 -21.69 15.73 -3.60
CA VAL D 51 -21.88 14.75 -4.67
C VAL D 51 -20.68 13.78 -4.61
N VAL D 52 -20.98 12.49 -4.70
CA VAL D 52 -19.97 11.44 -4.66
C VAL D 52 -19.78 10.85 -6.06
N LEU D 53 -18.55 10.92 -6.57
CA LEU D 53 -18.24 10.38 -7.88
C LEU D 53 -17.30 9.18 -7.73
N LEU D 54 -17.60 8.08 -8.42
CA LEU D 54 -16.75 6.88 -8.36
C LEU D 54 -15.96 6.73 -9.63
N GLY D 55 -14.69 6.35 -9.51
CA GLY D 55 -13.84 6.18 -10.68
C GLY D 55 -14.39 5.02 -11.49
N PRO D 56 -14.13 4.94 -12.76
CA PRO D 56 -14.66 3.84 -13.62
C PRO D 56 -14.24 2.42 -13.18
N GLN D 57 -13.07 2.31 -12.54
CA GLN D 57 -12.57 1.02 -12.08
C GLN D 57 -13.39 0.49 -10.90
N ILE D 58 -14.04 1.38 -10.15
CA ILE D 58 -14.82 0.94 -9.01
C ILE D 58 -16.34 1.02 -9.23
N ALA D 59 -16.75 0.99 -10.49
CA ALA D 59 -18.17 1.04 -10.83
C ALA D 59 -18.94 -0.11 -10.19
N TYR D 60 -18.34 -1.30 -10.13
CA TYR D 60 -19.04 -2.44 -9.55
C TYR D 60 -19.46 -2.21 -8.09
N MET D 61 -18.84 -1.23 -7.44
CA MET D 61 -19.15 -0.89 -6.05
C MET D 61 -20.33 0.08 -5.87
N LEU D 62 -20.89 0.58 -6.97
CA LEU D 62 -21.99 1.54 -6.90
C LEU D 62 -23.13 1.19 -5.93
N PRO D 63 -23.73 -0.02 -6.05
CA PRO D 63 -24.82 -0.37 -5.12
C PRO D 63 -24.43 -0.30 -3.65
N GLU D 64 -23.22 -0.72 -3.30
CA GLU D 64 -22.77 -0.68 -1.91
C GLU D 64 -22.60 0.74 -1.42
N ILE D 65 -22.02 1.59 -2.25
CA ILE D 65 -21.83 2.99 -1.85
C ILE D 65 -23.16 3.74 -1.71
N GLN D 66 -24.12 3.42 -2.59
CA GLN D 66 -25.46 4.00 -2.52
C GLN D 66 -26.13 3.64 -1.18
N ARG D 67 -26.00 2.39 -0.73
CA ARG D 67 -26.60 1.98 0.55
C ARG D 67 -25.89 2.63 1.74
N LEU D 68 -24.60 2.88 1.59
CA LEU D 68 -23.77 3.49 2.64
C LEU D 68 -24.11 4.97 2.82
N LEU D 69 -24.39 5.65 1.70
CA LEU D 69 -24.73 7.09 1.68
C LEU D 69 -26.11 7.27 1.01
N PRO D 70 -27.20 6.87 1.69
CA PRO D 70 -28.55 6.99 1.13
C PRO D 70 -29.03 8.44 0.93
N ASN D 71 -28.35 9.38 1.56
CA ASN D 71 -28.75 10.79 1.44
C ASN D 71 -27.82 11.63 0.57
N LYS D 72 -27.08 10.99 -0.33
CA LYS D 72 -26.14 11.69 -1.21
C LYS D 72 -26.26 11.20 -2.63
N PRO D 73 -26.13 12.10 -3.63
CA PRO D 73 -26.21 11.62 -5.02
C PRO D 73 -24.85 10.97 -5.27
N VAL D 74 -24.87 9.73 -5.75
CA VAL D 74 -23.64 8.96 -6.02
C VAL D 74 -23.64 8.48 -7.46
N GLU D 75 -22.58 8.72 -8.19
CA GLU D 75 -22.53 8.22 -9.55
C GLU D 75 -21.13 7.95 -10.07
N VAL D 76 -21.06 7.12 -11.10
CA VAL D 76 -19.80 6.72 -11.71
C VAL D 76 -19.40 7.72 -12.78
N ILE D 77 -18.11 8.03 -12.84
CA ILE D 77 -17.58 8.96 -13.83
C ILE D 77 -17.54 8.27 -15.17
N ASP D 78 -17.96 8.97 -16.21
CA ASP D 78 -17.94 8.40 -17.55
C ASP D 78 -16.51 7.95 -17.89
N SER D 79 -16.33 6.69 -18.28
CA SER D 79 -14.99 6.17 -18.58
C SER D 79 -14.18 6.90 -19.65
N LEU D 80 -14.87 7.44 -20.65
CA LEU D 80 -14.19 8.17 -21.73
C LEU D 80 -13.73 9.53 -21.23
N LEU D 81 -14.58 10.18 -20.45
CA LEU D 81 -14.26 11.49 -19.90
C LEU D 81 -13.10 11.33 -18.94
N TYR D 82 -13.10 10.21 -18.22
CA TYR D 82 -12.04 9.90 -17.25
C TYR D 82 -10.71 9.58 -17.95
N GLY D 83 -10.75 8.68 -18.92
CA GLY D 83 -9.54 8.32 -19.64
C GLY D 83 -8.87 9.50 -20.31
N LYS D 84 -9.68 10.37 -20.87
CA LYS D 84 -9.22 11.56 -21.59
C LYS D 84 -8.79 12.70 -20.65
N VAL D 85 -9.07 12.52 -19.35
CA VAL D 85 -8.77 13.52 -18.31
C VAL D 85 -9.47 14.86 -18.61
N ASP D 86 -10.76 14.77 -18.94
CA ASP D 86 -11.57 15.95 -19.28
C ASP D 86 -12.09 16.63 -18.03
N GLY D 87 -11.29 17.56 -17.51
CA GLY D 87 -11.64 18.31 -16.31
C GLY D 87 -12.94 19.07 -16.45
N LEU D 88 -13.16 19.73 -17.60
CA LEU D 88 -14.39 20.49 -17.80
C LEU D 88 -15.63 19.58 -17.87
N GLY D 89 -15.50 18.50 -18.64
CA GLY D 89 -16.59 17.56 -18.81
C GLY D 89 -17.07 16.91 -17.53
N VAL D 90 -16.12 16.49 -16.69
CA VAL D 90 -16.48 15.84 -15.42
C VAL D 90 -17.04 16.88 -14.45
N LEU D 91 -16.47 18.08 -14.49
CA LEU D 91 -16.97 19.15 -13.63
C LEU D 91 -18.46 19.39 -14.00
N LYS D 92 -18.76 19.42 -15.30
CA LYS D 92 -20.15 19.61 -15.75
C LYS D 92 -21.09 18.52 -15.24
N ALA D 93 -20.64 17.27 -15.30
CA ALA D 93 -21.47 16.14 -14.85
C ALA D 93 -21.76 16.21 -13.35
N ALA D 94 -20.78 16.72 -12.60
CA ALA D 94 -20.90 16.82 -11.15
C ALA D 94 -21.90 17.90 -10.75
N VAL D 95 -21.80 19.06 -11.40
CA VAL D 95 -22.72 20.17 -11.13
C VAL D 95 -24.13 19.69 -11.49
N ALA D 96 -24.25 18.98 -12.61
CA ALA D 96 -25.54 18.45 -13.04
C ALA D 96 -26.13 17.51 -11.99
N ALA D 97 -25.33 16.57 -11.49
CA ALA D 97 -25.85 15.64 -10.49
C ALA D 97 -26.36 16.40 -9.26
N ILE D 98 -25.70 17.51 -8.93
CA ILE D 98 -26.12 18.32 -7.78
C ILE D 98 -27.46 19.01 -8.03
N LYS D 99 -27.63 19.58 -9.24
CA LYS D 99 -28.87 20.26 -9.62
C LYS D 99 -30.01 19.26 -9.71
N LYS D 100 -29.80 18.19 -10.45
CA LYS D 100 -30.83 17.18 -10.59
C LYS D 100 -31.20 16.60 -9.22
N ALA D 101 -30.34 16.79 -8.23
CA ALA D 101 -30.58 16.28 -6.88
C ALA D 101 -31.37 17.24 -6.00
N ALA D 102 -31.14 18.54 -6.18
CA ALA D 102 -31.83 19.57 -5.43
C ALA D 102 -33.22 19.88 -6.02
N ALA D 103 -33.60 19.13 -7.06
CA ALA D 103 -34.88 19.29 -7.72
C ALA D 103 -35.05 18.26 -8.85
P PO3 E . -4.77 5.41 -7.21
O1 PO3 E . -4.76 5.94 -8.63
O2 PO3 E . -4.12 6.21 -6.09
O3 PO3 E . -5.24 3.99 -6.92
N ALA A 1 0.74 7.29 -18.60
CA ALA A 1 0.24 7.59 -19.96
C ALA A 1 -1.09 6.86 -20.17
N GLU A 2 -1.77 7.18 -21.26
CA GLU A 2 -3.08 6.58 -21.60
C GLU A 2 -3.28 5.20 -20.95
N GLU A 3 -2.80 4.17 -21.63
CA GLU A 3 -2.95 2.80 -21.13
C GLU A 3 -2.16 2.60 -19.84
N LEU A 4 -0.84 2.78 -19.91
CA LEU A 4 0.01 2.60 -18.74
C LEU A 4 -0.63 3.20 -17.48
N GLU A 5 -1.21 4.38 -17.61
CA GLU A 5 -1.84 5.05 -16.47
C GLU A 5 -3.12 4.34 -16.08
N GLU A 6 -3.94 4.01 -17.07
CA GLU A 6 -5.19 3.30 -16.82
C GLU A 6 -4.88 1.88 -16.34
N VAL A 7 -3.80 1.31 -16.88
CA VAL A 7 -3.37 -0.03 -16.50
C VAL A 7 -2.93 -0.05 -15.03
N VAL A 8 -2.20 0.99 -14.63
CA VAL A 8 -1.73 1.10 -13.25
C VAL A 8 -2.95 1.16 -12.33
N MET A 9 -3.95 1.96 -12.70
CA MET A 9 -5.17 2.06 -11.90
C MET A 9 -5.77 0.67 -11.73
N GLY A 10 -5.81 -0.09 -12.82
CA GLY A 10 -6.34 -1.45 -12.77
C GLY A 10 -5.49 -2.31 -11.83
N LEU A 11 -4.17 -2.17 -11.95
CA LEU A 11 -3.26 -2.93 -11.10
C LEU A 11 -3.45 -2.56 -9.64
N ILE A 12 -3.57 -1.27 -9.37
CA ILE A 12 -3.76 -0.80 -8.00
C ILE A 12 -5.06 -1.36 -7.46
N ILE A 13 -6.11 -1.29 -8.26
CA ILE A 13 -7.40 -1.82 -7.85
C ILE A 13 -7.30 -3.33 -7.65
N ASN A 14 -6.65 -4.01 -8.60
CA ASN A 14 -6.47 -5.45 -8.53
C ASN A 14 -5.71 -5.82 -7.26
N SER A 15 -4.61 -5.11 -7.03
CA SER A 15 -3.81 -5.35 -5.83
C SER A 15 -4.65 -5.14 -4.57
N GLY A 16 -5.44 -4.06 -4.60
CA GLY A 16 -6.32 -3.75 -3.47
C GLY A 16 -7.35 -4.86 -3.26
N GLN A 17 -7.95 -5.32 -4.36
CA GLN A 17 -8.94 -6.40 -4.27
C GLN A 17 -8.27 -7.65 -3.72
N ALA A 18 -7.05 -7.92 -4.18
CA ALA A 18 -6.31 -9.09 -3.72
C ALA A 18 -6.15 -9.04 -2.21
N ARG A 19 -5.70 -7.91 -1.69
CA ARG A 19 -5.55 -7.77 -0.25
C ARG A 19 -6.90 -7.95 0.43
N SER A 20 -7.91 -7.28 -0.11
CA SER A 20 -9.25 -7.36 0.44
C SER A 20 -9.68 -8.83 0.57
N LEU A 21 -9.47 -9.59 -0.49
CA LEU A 21 -9.81 -11.01 -0.48
C LEU A 21 -8.97 -11.74 0.58
N ALA A 22 -7.69 -11.40 0.63
CA ALA A 22 -6.79 -12.03 1.60
C ALA A 22 -7.30 -11.80 3.03
N TYR A 23 -7.59 -10.55 3.38
CA TYR A 23 -8.10 -10.25 4.72
C TYR A 23 -9.41 -11.00 4.93
N ALA A 24 -10.25 -11.03 3.90
CA ALA A 24 -11.51 -11.73 3.99
C ALA A 24 -11.24 -13.22 4.25
N ALA A 25 -10.23 -13.75 3.56
CA ALA A 25 -9.84 -15.14 3.75
C ALA A 25 -9.48 -15.38 5.21
N LEU A 26 -8.72 -14.46 5.78
CA LEU A 26 -8.32 -14.57 7.18
C LEU A 26 -9.56 -14.55 8.07
N LYS A 27 -10.48 -13.64 7.77
CA LYS A 27 -11.71 -13.53 8.54
C LYS A 27 -12.45 -14.87 8.56
N GLN A 28 -12.48 -15.54 7.41
CA GLN A 28 -13.15 -16.84 7.31
C GLN A 28 -12.48 -17.81 8.28
N ALA A 29 -11.15 -17.75 8.35
CA ALA A 29 -10.39 -18.62 9.24
C ALA A 29 -10.80 -18.38 10.69
N LYS A 30 -10.95 -17.12 11.05
CA LYS A 30 -11.36 -16.77 12.41
C LYS A 30 -12.72 -17.37 12.73
N GLN A 31 -13.58 -17.50 11.72
CA GLN A 31 -14.89 -18.08 11.93
C GLN A 31 -14.80 -19.60 11.96
N GLY A 32 -13.60 -20.12 11.77
CA GLY A 32 -13.37 -21.56 11.81
C GLY A 32 -13.71 -22.21 10.47
N ASP A 33 -13.83 -21.40 9.43
CA ASP A 33 -14.15 -21.90 8.09
C ASP A 33 -12.88 -22.06 7.26
N PHE A 34 -12.18 -23.18 7.47
CA PHE A 34 -10.93 -23.42 6.73
C PHE A 34 -11.18 -23.60 5.24
N ALA A 35 -12.31 -24.21 4.89
CA ALA A 35 -12.63 -24.46 3.49
C ALA A 35 -12.77 -23.14 2.72
N ALA A 36 -13.56 -22.23 3.26
CA ALA A 36 -13.76 -20.95 2.60
C ALA A 36 -12.46 -20.14 2.60
N ALA A 37 -11.70 -20.23 3.68
CA ALA A 37 -10.43 -19.52 3.75
C ALA A 37 -9.52 -19.99 2.60
N LYS A 38 -9.36 -21.30 2.49
CA LYS A 38 -8.53 -21.90 1.45
C LYS A 38 -8.96 -21.42 0.06
N ALA A 39 -10.26 -21.45 -0.21
CA ALA A 39 -10.77 -21.03 -1.51
C ALA A 39 -10.47 -19.57 -1.79
N MET A 40 -10.61 -18.74 -0.76
CA MET A 40 -10.36 -17.30 -0.90
C MET A 40 -8.88 -17.03 -1.18
N MET A 41 -7.98 -17.76 -0.50
CA MET A 41 -6.55 -17.56 -0.72
C MET A 41 -6.19 -17.92 -2.15
N ASP A 42 -6.77 -19.01 -2.65
CA ASP A 42 -6.47 -19.48 -3.99
C ASP A 42 -6.83 -18.42 -5.02
N GLN A 43 -8.03 -17.87 -4.88
CA GLN A 43 -8.48 -16.82 -5.80
C GLN A 43 -7.61 -15.59 -5.67
N SER A 44 -7.25 -15.24 -4.44
CA SER A 44 -6.40 -14.08 -4.20
C SER A 44 -5.06 -14.28 -4.91
N ARG A 45 -4.49 -15.47 -4.78
CA ARG A 45 -3.22 -15.82 -5.43
C ARG A 45 -3.32 -15.66 -6.95
N MET A 46 -4.40 -16.18 -7.51
CA MET A 46 -4.63 -16.11 -8.95
C MET A 46 -4.72 -14.65 -9.40
N ALA A 47 -5.41 -13.83 -8.62
CA ALA A 47 -5.56 -12.41 -8.94
C ALA A 47 -4.19 -11.74 -9.00
N LEU A 48 -3.35 -12.05 -8.02
CA LEU A 48 -2.00 -11.49 -7.95
C LEU A 48 -1.15 -11.98 -9.12
N ASN A 49 -1.29 -13.26 -9.41
CA ASN A 49 -0.51 -13.87 -10.48
C ASN A 49 -0.77 -13.15 -11.80
N GLU A 50 -2.04 -12.89 -12.07
CA GLU A 50 -2.41 -12.17 -13.29
C GLU A 50 -1.86 -10.75 -13.23
N ALA A 51 -1.97 -10.13 -12.05
CA ALA A 51 -1.47 -8.77 -11.87
C ALA A 51 0.06 -8.75 -12.05
N HIS A 52 0.73 -9.71 -11.44
CA HIS A 52 2.19 -9.81 -11.54
C HIS A 52 2.61 -10.01 -13.00
N LEU A 53 1.86 -10.83 -13.72
CA LEU A 53 2.16 -11.11 -15.12
C LEU A 53 2.11 -9.82 -15.93
N VAL A 54 1.08 -9.02 -15.68
CA VAL A 54 0.94 -7.75 -16.38
C VAL A 54 2.11 -6.84 -16.04
N GLN A 55 2.46 -6.79 -14.76
CA GLN A 55 3.59 -5.96 -14.34
C GLN A 55 4.88 -6.45 -15.01
N THR A 56 5.08 -7.76 -15.08
CA THR A 56 6.28 -8.32 -15.72
C THR A 56 6.46 -7.71 -17.11
N LYS A 57 5.37 -7.66 -17.88
CA LYS A 57 5.43 -7.06 -19.22
C LYS A 57 5.76 -5.59 -19.10
N LEU A 58 5.18 -4.94 -18.10
CA LEU A 58 5.43 -3.52 -17.90
C LEU A 58 6.87 -3.24 -17.48
N ILE A 59 7.58 -4.25 -16.98
CA ILE A 59 8.99 -4.06 -16.60
C ILE A 59 9.93 -4.47 -17.76
N GLU A 60 9.55 -5.49 -18.53
CA GLU A 60 10.37 -5.95 -19.66
C GLU A 60 10.46 -4.88 -20.74
N GLY A 61 9.34 -4.20 -21.01
CA GLY A 61 9.31 -3.17 -22.03
C GLY A 61 9.20 -1.78 -21.42
N ASP A 62 9.80 -1.60 -20.24
CA ASP A 62 9.75 -0.32 -19.54
C ASP A 62 10.49 0.78 -20.32
N ALA A 63 11.17 0.39 -21.40
CA ALA A 63 11.90 1.36 -22.21
C ALA A 63 10.97 2.06 -23.19
N GLY A 64 11.49 3.07 -23.89
CA GLY A 64 10.68 3.81 -24.86
C GLY A 64 10.81 5.32 -24.66
N GLU A 65 10.45 5.80 -23.47
CA GLU A 65 10.53 7.23 -23.19
C GLU A 65 11.97 7.72 -23.18
N GLY A 66 12.86 6.90 -22.64
CA GLY A 66 14.28 7.27 -22.58
C GLY A 66 15.15 6.04 -22.36
N LYS A 67 16.47 6.25 -22.44
CA LYS A 67 17.41 5.15 -22.27
C LYS A 67 17.39 4.63 -20.82
N MET A 68 18.11 5.32 -19.94
CA MET A 68 18.20 4.93 -18.54
C MET A 68 16.88 5.05 -17.79
N LYS A 69 16.13 6.12 -18.08
CA LYS A 69 14.87 6.35 -17.37
C LYS A 69 13.76 5.39 -17.80
N VAL A 70 12.84 5.14 -16.87
CA VAL A 70 11.71 4.23 -17.10
C VAL A 70 10.41 4.88 -16.65
N SER A 71 9.28 4.23 -16.95
CA SER A 71 7.98 4.77 -16.55
C SER A 71 7.94 4.91 -15.03
N LEU A 72 7.54 6.10 -14.57
CA LEU A 72 7.48 6.40 -13.14
C LEU A 72 6.43 5.55 -12.41
N VAL A 73 5.30 5.39 -13.07
CA VAL A 73 4.18 4.62 -12.52
C VAL A 73 4.55 3.16 -12.22
N LEU A 74 5.63 2.69 -12.79
CA LEU A 74 6.06 1.32 -12.51
C LEU A 74 6.20 1.09 -11.01
N VAL A 75 6.58 2.17 -10.32
CA VAL A 75 6.78 2.11 -8.88
C VAL A 75 5.43 1.96 -8.20
N HIS A 76 4.16 2.92 -8.60
CA HIS A 76 2.80 2.87 -8.04
C HIS A 76 2.26 1.45 -8.15
N ALA A 77 2.63 0.74 -9.23
CA ALA A 77 2.19 -0.62 -9.45
C ALA A 77 3.04 -1.59 -8.64
N GLN A 78 4.37 -1.47 -8.72
CA GLN A 78 5.25 -2.40 -8.02
C GLN A 78 5.02 -2.31 -6.51
N LEU A 79 4.96 -1.09 -6.01
CA LEU A 79 4.72 -0.86 -4.59
C LEU A 79 3.44 -1.54 -4.13
N HIS A 80 2.35 -1.32 -4.85
CA HIS A 80 1.08 -1.91 -4.47
C HIS A 80 1.12 -3.44 -4.62
N LEU A 81 1.65 -3.90 -5.74
CA LEU A 81 1.74 -5.34 -5.99
C LEU A 81 2.64 -6.04 -4.98
N MET A 82 3.80 -5.45 -4.70
CA MET A 82 4.74 -6.05 -3.75
C MET A 82 4.11 -6.14 -2.37
N THR A 83 3.46 -5.05 -1.96
CA THR A 83 2.81 -5.00 -0.65
C THR A 83 1.69 -6.04 -0.56
N SER A 84 0.84 -6.07 -1.58
CA SER A 84 -0.29 -7.01 -1.61
C SER A 84 0.20 -8.46 -1.60
N MET A 85 1.16 -8.78 -2.45
CA MET A 85 1.69 -10.14 -2.51
C MET A 85 2.26 -10.57 -1.18
N LEU A 86 3.07 -9.70 -0.59
CA LEU A 86 3.68 -10.00 0.70
C LEU A 86 2.61 -10.19 1.78
N ALA A 87 1.64 -9.28 1.79
CA ALA A 87 0.56 -9.36 2.76
C ALA A 87 -0.15 -10.70 2.67
N ARG A 88 -0.49 -11.10 1.47
CA ARG A 88 -1.18 -12.37 1.27
C ARG A 88 -0.35 -13.55 1.78
N GLU A 89 0.93 -13.57 1.45
CA GLU A 89 1.77 -14.67 1.88
C GLU A 89 1.79 -14.78 3.39
N LEU A 90 1.95 -13.65 4.06
CA LEU A 90 1.96 -13.64 5.51
C LEU A 90 0.58 -14.03 6.05
N ILE A 91 -0.46 -13.51 5.42
CA ILE A 91 -1.82 -13.85 5.84
C ILE A 91 -2.03 -15.35 5.69
N THR A 92 -1.50 -15.92 4.61
CA THR A 92 -1.60 -17.37 4.40
C THR A 92 -0.98 -18.10 5.59
N GLU A 93 0.20 -17.64 6.01
CA GLU A 93 0.88 -18.23 7.16
C GLU A 93 0.02 -18.08 8.40
N LEU A 94 -0.57 -16.89 8.56
CA LEU A 94 -1.43 -16.62 9.72
C LEU A 94 -2.62 -17.59 9.71
N ILE A 95 -3.20 -17.80 8.55
CA ILE A 95 -4.34 -18.73 8.44
C ILE A 95 -3.90 -20.14 8.83
N GLU A 96 -2.72 -20.56 8.36
CA GLU A 96 -2.22 -21.88 8.71
C GLU A 96 -2.08 -22.00 10.22
N LEU A 97 -1.64 -20.91 10.87
CA LEU A 97 -1.51 -20.92 12.32
C LEU A 97 -2.88 -21.12 12.98
N HIS A 98 -3.89 -20.46 12.44
CA HIS A 98 -5.25 -20.62 12.98
C HIS A 98 -5.63 -22.08 12.92
N GLU A 99 -5.25 -22.75 11.84
CA GLU A 99 -5.55 -24.17 11.68
C GLU A 99 -4.81 -24.98 12.74
N LYS A 100 -3.56 -24.62 13.01
CA LYS A 100 -2.79 -25.32 14.02
C LYS A 100 -3.39 -25.06 15.41
N LEU A 101 -3.92 -23.84 15.61
CA LEU A 101 -4.56 -23.49 16.88
C LEU A 101 -5.80 -24.37 17.09
N LYS A 102 -6.02 -25.30 16.15
CA LYS A 102 -7.18 -26.20 16.21
C LYS A 102 -8.43 -25.52 15.71
N ALA A 103 -8.82 -24.42 16.39
CA ALA A 103 -10.03 -23.67 16.04
C ALA A 103 -10.30 -23.65 14.53
N ALA B 1 22.66 3.11 -13.51
CA ALA B 1 23.97 3.34 -14.19
C ALA B 1 24.86 2.13 -13.94
N GLU B 2 26.00 2.08 -14.64
CA GLU B 2 26.95 0.97 -14.53
C GLU B 2 26.86 0.24 -13.18
N GLU B 3 27.57 0.74 -12.19
CA GLU B 3 27.58 0.13 -10.87
C GLU B 3 26.22 0.21 -10.20
N LEU B 4 25.72 1.44 -10.02
CA LEU B 4 24.42 1.61 -9.38
C LEU B 4 23.38 0.61 -9.91
N GLU B 5 23.37 0.41 -11.22
CA GLU B 5 22.42 -0.52 -11.83
C GLU B 5 22.76 -1.95 -11.47
N GLU B 6 24.03 -2.30 -11.57
CA GLU B 6 24.50 -3.63 -11.23
C GLU B 6 24.38 -3.85 -9.73
N VAL B 7 24.60 -2.79 -8.97
CA VAL B 7 24.51 -2.85 -7.52
C VAL B 7 23.05 -3.11 -7.10
N VAL B 8 22.12 -2.44 -7.77
CA VAL B 8 20.69 -2.63 -7.49
C VAL B 8 20.33 -4.08 -7.74
N MET B 9 20.80 -4.63 -8.86
CA MET B 9 20.52 -6.03 -9.18
C MET B 9 21.01 -6.91 -8.03
N GLY B 10 22.21 -6.62 -7.53
CA GLY B 10 22.75 -7.37 -6.41
C GLY B 10 21.86 -7.21 -5.19
N LEU B 11 21.44 -5.98 -4.93
CA LEU B 11 20.56 -5.70 -3.79
C LEU B 11 19.24 -6.44 -3.93
N ILE B 12 18.67 -6.41 -5.13
CA ILE B 12 17.40 -7.09 -5.38
C ILE B 12 17.57 -8.58 -5.14
N ILE B 13 18.66 -9.12 -5.68
CA ILE B 13 18.94 -10.54 -5.50
C ILE B 13 19.17 -10.83 -4.02
N ASN B 14 19.95 -9.98 -3.36
CA ASN B 14 20.24 -10.16 -1.94
C ASN B 14 18.94 -10.10 -1.13
N SER B 15 18.11 -9.11 -1.42
CA SER B 15 16.83 -8.99 -0.74
C SER B 15 15.98 -10.23 -0.97
N GLY B 16 15.99 -10.71 -2.22
CA GLY B 16 15.23 -11.91 -2.57
C GLY B 16 15.76 -13.12 -1.81
N GLN B 17 17.08 -13.25 -1.75
CA GLN B 17 17.68 -14.37 -1.03
C GLN B 17 17.31 -14.28 0.45
N ALA B 18 17.35 -13.06 0.98
CA ALA B 18 17.00 -12.84 2.37
C ALA B 18 15.60 -13.36 2.66
N ARG B 19 14.64 -12.97 1.84
CA ARG B 19 13.27 -13.44 2.02
C ARG B 19 13.24 -14.96 1.90
N SER B 20 13.90 -15.47 0.86
CA SER B 20 13.94 -16.91 0.64
C SER B 20 14.41 -17.63 1.89
N LEU B 21 15.50 -17.13 2.48
CA LEU B 21 16.04 -17.73 3.71
C LEU B 21 15.01 -17.60 4.83
N ALA B 22 14.37 -16.44 4.93
CA ALA B 22 13.37 -16.20 5.97
C ALA B 22 12.24 -17.23 5.85
N TYR B 23 11.67 -17.38 4.65
CA TYR B 23 10.60 -18.36 4.46
C TYR B 23 11.12 -19.75 4.79
N ALA B 24 12.36 -20.04 4.38
CA ALA B 24 12.95 -21.33 4.67
C ALA B 24 13.06 -21.49 6.19
N ALA B 25 13.43 -20.41 6.87
CA ALA B 25 13.53 -20.43 8.33
C ALA B 25 12.18 -20.80 8.92
N LEU B 26 11.12 -20.21 8.39
CA LEU B 26 9.78 -20.50 8.86
C LEU B 26 9.45 -21.97 8.62
N LYS B 27 9.80 -22.46 7.44
CA LYS B 27 9.55 -23.86 7.11
C LYS B 27 10.21 -24.78 8.14
N GLN B 28 11.43 -24.43 8.54
CA GLN B 28 12.13 -25.23 9.56
C GLN B 28 11.31 -25.26 10.84
N ALA B 29 10.74 -24.11 11.19
CA ALA B 29 9.91 -24.02 12.40
C ALA B 29 8.73 -24.97 12.31
N LYS B 30 8.09 -25.01 11.14
CA LYS B 30 6.95 -25.90 10.94
C LYS B 30 7.36 -27.35 11.16
N GLN B 31 8.62 -27.67 10.83
CA GLN B 31 9.10 -29.04 11.01
C GLN B 31 9.46 -29.28 12.48
N GLY B 32 9.32 -28.24 13.29
CA GLY B 32 9.63 -28.35 14.72
C GLY B 32 11.13 -28.18 14.99
N ASP B 33 11.86 -27.66 14.00
CA ASP B 33 13.29 -27.46 14.14
C ASP B 33 13.60 -26.02 14.53
N PHE B 34 13.47 -25.71 15.81
CA PHE B 34 13.73 -24.34 16.29
C PHE B 34 15.18 -23.94 16.10
N ALA B 35 16.09 -24.90 16.27
CA ALA B 35 17.52 -24.60 16.15
C ALA B 35 17.86 -24.12 14.74
N ALA B 36 17.43 -24.87 13.74
CA ALA B 36 17.71 -24.50 12.36
C ALA B 36 16.98 -23.20 12.01
N ALA B 37 15.77 -23.03 12.51
CA ALA B 37 15.03 -21.80 12.24
C ALA B 37 15.82 -20.61 12.74
N LYS B 38 16.23 -20.68 14.02
CA LYS B 38 17.01 -19.60 14.63
C LYS B 38 18.27 -19.27 13.81
N ALA B 39 18.99 -20.29 13.40
CA ALA B 39 20.21 -20.10 12.61
C ALA B 39 19.91 -19.41 11.28
N MET B 40 18.83 -19.82 10.64
CA MET B 40 18.44 -19.26 9.36
C MET B 40 18.05 -17.78 9.51
N MET B 41 17.32 -17.45 10.57
CA MET B 41 16.92 -16.06 10.78
C MET B 41 18.15 -15.17 10.97
N ASP B 42 19.12 -15.68 11.73
CA ASP B 42 20.33 -14.93 12.01
C ASP B 42 21.06 -14.57 10.73
N GLN B 43 21.21 -15.58 9.86
CA GLN B 43 21.88 -15.36 8.59
C GLN B 43 21.08 -14.40 7.72
N SER B 44 19.76 -14.54 7.73
CA SER B 44 18.91 -13.65 6.95
C SER B 44 19.13 -12.20 7.41
N ARG B 45 19.14 -12.00 8.73
CA ARG B 45 19.35 -10.68 9.30
C ARG B 45 20.69 -10.09 8.83
N MET B 46 21.74 -10.90 8.89
CA MET B 46 23.07 -10.45 8.49
C MET B 46 23.05 -10.04 7.02
N ALA B 47 22.37 -10.84 6.20
CA ALA B 47 22.27 -10.53 4.77
C ALA B 47 21.58 -9.19 4.56
N LEU B 48 20.50 -8.97 5.31
CA LEU B 48 19.75 -7.72 5.21
C LEU B 48 20.59 -6.55 5.72
N ASN B 49 21.30 -6.78 6.81
CA ASN B 49 22.13 -5.75 7.40
C ASN B 49 23.18 -5.26 6.40
N GLU B 50 23.83 -6.19 5.73
CA GLU B 50 24.82 -5.83 4.72
C GLU B 50 24.17 -5.10 3.57
N ALA B 51 23.00 -5.58 3.17
CA ALA B 51 22.25 -4.96 2.08
C ALA B 51 21.83 -3.54 2.48
N HIS B 52 21.32 -3.41 3.70
CA HIS B 52 20.88 -2.11 4.21
C HIS B 52 22.06 -1.13 4.27
N LEU B 53 23.22 -1.64 4.69
CA LEU B 53 24.42 -0.80 4.79
C LEU B 53 24.77 -0.23 3.41
N VAL B 54 24.71 -1.09 2.40
CA VAL B 54 25.03 -0.66 1.04
C VAL B 54 24.01 0.40 0.61
N GLN B 55 22.73 0.16 0.90
CA GLN B 55 21.70 1.13 0.53
C GLN B 55 21.96 2.45 1.25
N THR B 56 22.32 2.39 2.54
CA THR B 56 22.60 3.61 3.30
C THR B 56 23.57 4.50 2.53
N LYS B 57 24.65 3.90 2.04
CA LYS B 57 25.62 4.66 1.25
C LYS B 57 24.97 5.20 -0.01
N LEU B 58 24.12 4.39 -0.61
CA LEU B 58 23.44 4.78 -1.84
C LEU B 58 22.45 5.93 -1.59
N ILE B 59 22.02 6.12 -0.32
CA ILE B 59 21.11 7.23 -0.01
C ILE B 59 21.88 8.48 0.45
N GLU B 60 23.00 8.27 1.16
CA GLU B 60 23.81 9.39 1.64
C GLU B 60 24.42 10.17 0.46
N GLY B 61 24.86 9.43 -0.55
CA GLY B 61 25.49 10.05 -1.72
C GLY B 61 24.59 9.96 -2.95
N ASP B 62 23.28 10.02 -2.73
CA ASP B 62 22.32 9.93 -3.82
C ASP B 62 22.41 11.14 -4.77
N ALA B 63 23.21 12.12 -4.40
CA ALA B 63 23.36 13.32 -5.23
C ALA B 63 24.37 13.07 -6.34
N GLY B 64 24.50 14.03 -7.26
CA GLY B 64 25.44 13.90 -8.37
C GLY B 64 24.78 14.23 -9.71
N GLU B 65 23.73 13.48 -10.05
CA GLU B 65 23.03 13.70 -11.32
C GLU B 65 22.34 15.07 -11.33
N GLY B 66 21.76 15.45 -10.20
CA GLY B 66 21.07 16.73 -10.11
C GLY B 66 20.91 17.16 -8.66
N LYS B 67 20.42 18.38 -8.47
CA LYS B 67 20.23 18.92 -7.13
C LYS B 67 19.13 18.16 -6.38
N MET B 68 17.88 18.54 -6.66
CA MET B 68 16.72 17.93 -6.01
C MET B 68 16.52 16.47 -6.40
N LYS B 69 16.75 16.13 -7.66
CA LYS B 69 16.54 14.76 -8.14
C LYS B 69 17.62 13.80 -7.64
N VAL B 70 17.22 12.52 -7.52
CA VAL B 70 18.11 11.47 -7.05
C VAL B 70 18.02 10.24 -7.98
N SER B 71 18.89 9.26 -7.76
CA SER B 71 18.88 8.05 -8.59
C SER B 71 17.52 7.37 -8.49
N LEU B 72 16.93 7.04 -9.64
CA LEU B 72 15.60 6.45 -9.66
C LEU B 72 15.59 5.04 -9.04
N VAL B 73 16.65 4.30 -9.35
CA VAL B 73 16.80 2.93 -8.88
C VAL B 73 16.83 2.84 -7.34
N LEU B 74 17.06 3.95 -6.67
CA LEU B 74 17.05 3.94 -5.21
C LEU B 74 15.75 3.36 -4.68
N VAL B 75 14.66 3.69 -5.39
CA VAL B 75 13.34 3.21 -5.03
C VAL B 75 13.30 1.69 -5.18
N HIS B 76 13.83 1.10 -6.36
CA HIS B 76 13.83 -0.34 -6.58
C HIS B 76 14.53 -1.06 -5.43
N ALA B 77 15.68 -0.54 -5.02
CA ALA B 77 16.43 -1.14 -3.94
C ALA B 77 15.71 -0.97 -2.61
N GLN B 78 15.17 0.23 -2.38
CA GLN B 78 14.47 0.51 -1.13
C GLN B 78 13.21 -0.35 -1.04
N LEU B 79 12.44 -0.39 -2.12
CA LEU B 79 11.22 -1.18 -2.14
C LEU B 79 11.49 -2.65 -1.82
N HIS B 80 12.48 -3.23 -2.48
CA HIS B 80 12.80 -4.62 -2.24
C HIS B 80 13.36 -4.83 -0.84
N LEU B 81 14.27 -3.95 -0.44
CA LEU B 81 14.88 -4.06 0.89
C LEU B 81 13.85 -3.85 2.00
N MET B 82 13.00 -2.85 1.86
CA MET B 82 11.98 -2.57 2.87
C MET B 82 11.02 -3.75 3.01
N THR B 83 10.59 -4.28 1.87
CA THR B 83 9.67 -5.41 1.87
C THR B 83 10.32 -6.64 2.50
N SER B 84 11.55 -6.94 2.10
CA SER B 84 12.26 -8.09 2.64
C SER B 84 12.50 -7.97 4.14
N MET B 85 12.97 -6.81 4.58
CA MET B 85 13.24 -6.60 6.01
C MET B 85 11.96 -6.76 6.83
N LEU B 86 10.89 -6.14 6.36
CA LEU B 86 9.61 -6.21 7.06
C LEU B 86 9.11 -7.65 7.12
N ALA B 87 9.17 -8.33 5.98
CA ALA B 87 8.72 -9.71 5.90
C ALA B 87 9.49 -10.58 6.88
N ARG B 88 10.79 -10.44 6.86
CA ARG B 88 11.65 -11.22 7.75
C ARG B 88 11.28 -10.97 9.21
N GLU B 89 11.08 -9.70 9.59
CA GLU B 89 10.75 -9.38 10.97
C GLU B 89 9.43 -10.05 11.37
N LEU B 90 8.44 -9.96 10.50
CA LEU B 90 7.14 -10.56 10.78
C LEU B 90 7.28 -12.08 10.84
N ILE B 91 8.06 -12.63 9.92
CA ILE B 91 8.30 -14.07 9.91
C ILE B 91 8.95 -14.49 11.23
N THR B 92 9.86 -13.66 11.73
CA THR B 92 10.50 -13.96 13.02
C THR B 92 9.43 -14.07 14.09
N GLU B 93 8.49 -13.13 14.09
CA GLU B 93 7.40 -13.15 15.06
C GLU B 93 6.58 -14.43 14.88
N LEU B 94 6.30 -14.77 13.62
CA LEU B 94 5.54 -15.99 13.33
C LEU B 94 6.27 -17.21 13.87
N ILE B 95 7.59 -17.26 13.68
CA ILE B 95 8.36 -18.38 14.19
C ILE B 95 8.28 -18.46 15.71
N GLU B 96 8.36 -17.30 16.37
CA GLU B 96 8.25 -17.27 17.83
C GLU B 96 6.90 -17.85 18.25
N LEU B 97 5.86 -17.54 17.49
CA LEU B 97 4.52 -18.05 17.79
C LEU B 97 4.52 -19.58 17.69
N HIS B 98 5.19 -20.10 16.66
CA HIS B 98 5.27 -21.55 16.50
C HIS B 98 5.89 -22.17 17.75
N GLU B 99 6.90 -21.48 18.28
CA GLU B 99 7.55 -21.95 19.50
C GLU B 99 6.58 -21.94 20.66
N LYS B 100 5.77 -20.88 20.77
CA LYS B 100 4.79 -20.80 21.84
C LYS B 100 3.72 -21.88 21.65
N LEU B 101 3.39 -22.19 20.39
CA LEU B 101 2.42 -23.25 20.11
C LEU B 101 2.96 -24.60 20.58
N LYS B 102 4.13 -24.57 21.21
CA LYS B 102 4.77 -25.78 21.72
C LYS B 102 5.49 -26.51 20.59
N ALA B 103 4.71 -26.92 19.58
CA ALA B 103 5.25 -27.67 18.43
C ALA B 103 6.64 -27.19 18.04
N ALA C 1 11.12 19.25 -2.05
CA ALA C 1 11.16 20.74 -1.98
C ALA C 1 10.96 21.17 -0.54
N GLU C 2 11.18 22.45 -0.27
CA GLU C 2 11.04 23.02 1.08
C GLU C 2 10.10 22.22 1.98
N GLU C 3 8.81 22.51 1.89
CA GLU C 3 7.83 21.81 2.71
C GLU C 3 7.73 20.34 2.34
N LEU C 4 7.37 20.07 1.08
CA LEU C 4 7.24 18.68 0.63
C LEU C 4 8.38 17.80 1.16
N GLU C 5 9.60 18.32 1.11
CA GLU C 5 10.76 17.57 1.58
C GLU C 5 10.74 17.43 3.10
N GLU C 6 10.47 18.53 3.78
CA GLU C 6 10.41 18.52 5.24
C GLU C 6 9.19 17.70 5.68
N VAL C 7 8.12 17.78 4.89
CA VAL C 7 6.90 17.04 5.17
C VAL C 7 7.17 15.53 5.06
N VAL C 8 7.92 15.14 4.03
CA VAL C 8 8.27 13.74 3.83
C VAL C 8 9.06 13.24 5.04
N MET C 9 10.02 14.04 5.50
CA MET C 9 10.80 13.67 6.66
C MET C 9 9.87 13.40 7.84
N GLY C 10 8.88 14.29 8.01
CA GLY C 10 7.91 14.13 9.08
C GLY C 10 7.12 12.84 8.88
N LEU C 11 6.71 12.59 7.65
CA LEU C 11 5.94 11.37 7.33
C LEU C 11 6.79 10.14 7.59
N ILE C 12 8.05 10.18 7.18
CA ILE C 12 8.94 9.04 7.37
C ILE C 12 9.11 8.78 8.87
N ILE C 13 9.32 9.87 9.61
CA ILE C 13 9.47 9.76 11.06
C ILE C 13 8.16 9.23 11.66
N ASN C 14 7.05 9.81 11.22
CA ASN C 14 5.73 9.40 11.72
C ASN C 14 5.50 7.92 11.43
N SER C 15 5.79 7.51 10.19
CA SER C 15 5.63 6.11 9.81
C SER C 15 6.52 5.24 10.68
N GLY C 16 7.76 5.70 10.90
CA GLY C 16 8.70 4.95 11.73
C GLY C 16 8.18 4.84 13.16
N GLN C 17 7.67 5.95 13.70
CA GLN C 17 7.13 5.92 15.06
C GLN C 17 5.95 4.97 15.12
N ALA C 18 5.12 5.01 14.08
CA ALA C 18 3.96 4.14 14.02
C ALA C 18 4.38 2.67 14.15
N ARG C 19 5.36 2.27 13.33
CA ARG C 19 5.84 0.91 13.40
C ARG C 19 6.41 0.63 14.79
N SER C 20 7.21 1.57 15.28
CA SER C 20 7.81 1.41 16.60
C SER C 20 6.73 1.13 17.65
N LEU C 21 5.66 1.92 17.61
CA LEU C 21 4.56 1.74 18.54
C LEU C 21 3.92 0.37 18.33
N ALA C 22 3.73 0.00 17.06
CA ALA C 22 3.13 -1.29 16.73
C ALA C 22 3.96 -2.44 17.33
N TYR C 23 5.27 -2.43 17.07
CA TYR C 23 6.14 -3.47 17.64
C TYR C 23 6.05 -3.45 19.16
N ALA C 24 6.03 -2.24 19.72
CA ALA C 24 5.92 -2.11 21.17
C ALA C 24 4.59 -2.72 21.62
N ALA C 25 3.54 -2.47 20.85
CA ALA C 25 2.23 -3.03 21.16
C ALA C 25 2.31 -4.55 21.21
N LEU C 26 3.01 -5.12 20.24
CA LEU C 26 3.19 -6.57 20.18
C LEU C 26 3.95 -7.05 21.42
N LYS C 27 4.99 -6.31 21.77
CA LYS C 27 5.79 -6.66 22.94
C LYS C 27 4.90 -6.72 24.19
N GLN C 28 3.99 -5.77 24.31
CA GLN C 28 3.06 -5.75 25.44
C GLN C 28 2.26 -7.04 25.47
N ALA C 29 1.82 -7.47 24.27
CA ALA C 29 1.05 -8.70 24.16
C ALA C 29 1.85 -9.89 24.67
N LYS C 30 3.13 -9.94 24.30
CA LYS C 30 3.99 -11.02 24.76
C LYS C 30 4.07 -11.06 26.28
N GLN C 31 3.98 -9.88 26.90
CA GLN C 31 4.04 -9.80 28.36
C GLN C 31 2.67 -10.17 28.96
N GLY C 32 1.71 -10.44 28.08
CA GLY C 32 0.36 -10.83 28.53
C GLY C 32 -0.47 -9.60 28.89
N ASP C 33 -0.04 -8.43 28.44
CA ASP C 33 -0.76 -7.18 28.70
C ASP C 33 -1.63 -6.80 27.51
N PHE C 34 -2.80 -7.41 27.42
CA PHE C 34 -3.71 -7.14 26.31
C PHE C 34 -4.22 -5.70 26.34
N ALA C 35 -4.43 -5.17 27.54
CA ALA C 35 -4.94 -3.81 27.68
C ALA C 35 -3.97 -2.79 27.08
N ALA C 36 -2.71 -2.89 27.47
CA ALA C 36 -1.71 -1.96 26.96
C ALA C 36 -1.50 -2.17 25.47
N ALA C 37 -1.55 -3.42 25.02
CA ALA C 37 -1.38 -3.71 23.60
C ALA C 37 -2.48 -3.00 22.81
N LYS C 38 -3.72 -3.21 23.22
CA LYS C 38 -4.87 -2.59 22.57
C LYS C 38 -4.72 -1.07 22.49
N ALA C 39 -4.32 -0.45 23.61
CA ALA C 39 -4.16 1.00 23.65
C ALA C 39 -3.06 1.46 22.68
N MET C 40 -1.96 0.72 22.64
CA MET C 40 -0.85 1.06 21.77
C MET C 40 -1.25 0.92 20.30
N MET C 41 -2.03 -0.11 19.99
CA MET C 41 -2.48 -0.31 18.61
C MET C 41 -3.35 0.85 18.16
N ASP C 42 -4.25 1.28 19.04
CA ASP C 42 -5.17 2.36 18.72
C ASP C 42 -4.41 3.63 18.38
N GLN C 43 -3.42 3.97 19.21
CA GLN C 43 -2.61 5.16 18.97
C GLN C 43 -1.83 5.03 17.67
N SER C 44 -1.30 3.85 17.42
CA SER C 44 -0.55 3.60 16.19
C SER C 44 -1.44 3.87 14.98
N ARG C 45 -2.67 3.32 15.03
CA ARG C 45 -3.64 3.50 13.96
C ARG C 45 -3.93 4.99 13.72
N MET C 46 -4.14 5.72 14.81
CA MET C 46 -4.43 7.15 14.72
C MET C 46 -3.26 7.89 14.08
N ALA C 47 -2.04 7.51 14.47
CA ALA C 47 -0.84 8.14 13.91
C ALA C 47 -0.78 7.91 12.40
N LEU C 48 -1.08 6.68 11.98
CA LEU C 48 -1.07 6.33 10.57
C LEU C 48 -2.17 7.06 9.82
N ASN C 49 -3.34 7.15 10.45
CA ASN C 49 -4.48 7.81 9.84
C ASN C 49 -4.14 9.27 9.52
N GLU C 50 -3.51 9.95 10.47
CA GLU C 50 -3.11 11.33 10.26
C GLU C 50 -2.06 11.41 9.16
N ALA C 51 -1.13 10.47 9.19
CA ALA C 51 -0.07 10.43 8.18
C ALA C 51 -0.67 10.15 6.80
N HIS C 52 -1.58 9.19 6.74
CA HIS C 52 -2.25 8.85 5.48
C HIS C 52 -3.02 10.05 4.94
N LEU C 53 -3.69 10.78 5.83
CA LEU C 53 -4.47 11.95 5.43
C LEU C 53 -3.56 12.98 4.76
N VAL C 54 -2.39 13.20 5.35
CA VAL C 54 -1.45 14.16 4.80
C VAL C 54 -0.99 13.67 3.43
N GLN C 55 -0.69 12.38 3.32
CA GLN C 55 -0.26 11.82 2.04
C GLN C 55 -1.38 11.99 1.00
N THR C 56 -2.62 11.74 1.41
CA THR C 56 -3.76 11.88 0.48
C THR C 56 -3.70 13.25 -0.19
N LYS C 57 -3.50 14.29 0.60
CA LYS C 57 -3.40 15.64 0.05
C LYS C 57 -2.20 15.73 -0.88
N LEU C 58 -1.11 15.09 -0.49
CA LEU C 58 0.10 15.11 -1.29
C LEU C 58 -0.08 14.35 -2.61
N ILE C 59 -1.09 13.47 -2.70
CA ILE C 59 -1.33 12.76 -3.95
C ILE C 59 -2.40 13.48 -4.79
N GLU C 60 -3.38 14.10 -4.14
CA GLU C 60 -4.43 14.83 -4.87
C GLU C 60 -3.85 16.03 -5.60
N GLY C 61 -2.89 16.71 -4.98
CA GLY C 61 -2.28 17.89 -5.57
C GLY C 61 -0.83 17.62 -5.97
N ASP C 62 -0.56 16.41 -6.41
CA ASP C 62 0.79 16.03 -6.80
C ASP C 62 1.22 16.75 -8.06
N ALA C 63 0.31 17.49 -8.68
CA ALA C 63 0.63 18.24 -9.90
C ALA C 63 1.30 19.56 -9.56
N GLY C 64 1.78 20.26 -10.59
CA GLY C 64 2.43 21.56 -10.39
C GLY C 64 3.77 21.63 -11.13
N GLU C 65 4.69 20.71 -10.81
CA GLU C 65 5.99 20.70 -11.45
C GLU C 65 5.87 20.38 -12.94
N GLY C 66 4.99 19.45 -13.27
CA GLY C 66 4.80 19.05 -14.66
C GLY C 66 3.45 18.36 -14.86
N LYS C 67 3.12 18.09 -16.11
CA LYS C 67 1.85 17.44 -16.43
C LYS C 67 1.83 16.00 -15.92
N MET C 68 2.44 15.10 -16.70
CA MET C 68 2.48 13.68 -16.36
C MET C 68 3.31 13.38 -15.12
N LYS C 69 4.45 14.07 -14.97
CA LYS C 69 5.34 13.83 -13.84
C LYS C 69 4.79 14.36 -12.52
N VAL C 70 5.20 13.71 -11.43
CA VAL C 70 4.76 14.07 -10.08
C VAL C 70 5.96 14.16 -9.13
N SER C 71 5.72 14.64 -7.91
CA SER C 71 6.80 14.75 -6.93
C SER C 71 7.42 13.38 -6.68
N LEU C 72 8.74 13.30 -6.77
CA LEU C 72 9.45 12.03 -6.61
C LEU C 72 9.31 11.48 -5.19
N VAL C 73 9.40 12.39 -4.22
CA VAL C 73 9.33 12.04 -2.80
C VAL C 73 8.00 11.37 -2.44
N LEU C 74 6.99 11.51 -3.28
CA LEU C 74 5.72 10.85 -3.01
C LEU C 74 5.92 9.36 -2.78
N VAL C 75 6.85 8.80 -3.54
CA VAL C 75 7.17 7.37 -3.43
C VAL C 75 7.76 7.09 -2.05
N HIS C 76 8.76 7.95 -1.55
CA HIS C 76 9.38 7.75 -0.24
C HIS C 76 8.31 7.72 0.85
N ALA C 77 7.38 8.66 0.78
CA ALA C 77 6.31 8.72 1.78
C ALA C 77 5.36 7.55 1.63
N GLN C 78 5.02 7.21 0.39
CA GLN C 78 4.10 6.10 0.13
C GLN C 78 4.74 4.78 0.58
N LEU C 79 5.99 4.58 0.19
CA LEU C 79 6.71 3.36 0.55
C LEU C 79 6.75 3.17 2.06
N HIS C 80 7.13 4.21 2.79
CA HIS C 80 7.20 4.12 4.24
C HIS C 80 5.81 3.94 4.85
N LEU C 81 4.87 4.73 4.38
CA LEU C 81 3.50 4.67 4.89
C LEU C 81 2.85 3.31 4.59
N MET C 82 3.01 2.84 3.37
CA MET C 82 2.42 1.55 2.98
C MET C 82 3.01 0.42 3.82
N THR C 83 4.32 0.45 3.99
CA THR C 83 5.00 -0.58 4.76
C THR C 83 4.54 -0.55 6.22
N SER C 84 4.53 0.64 6.80
CA SER C 84 4.12 0.80 8.20
C SER C 84 2.67 0.37 8.42
N MET C 85 1.76 0.84 7.56
CA MET C 85 0.35 0.48 7.70
C MET C 85 0.16 -1.04 7.61
N LEU C 86 0.80 -1.65 6.63
CA LEU C 86 0.70 -3.09 6.43
C LEU C 86 1.24 -3.83 7.65
N ALA C 87 2.42 -3.42 8.10
CA ALA C 87 3.05 -4.04 9.25
C ALA C 87 2.13 -3.96 10.47
N ARG C 88 1.61 -2.77 10.71
CA ARG C 88 0.74 -2.55 11.84
C ARG C 88 -0.50 -3.47 11.77
N GLU C 89 -1.11 -3.56 10.59
CA GLU C 89 -2.29 -4.42 10.44
C GLU C 89 -1.95 -5.88 10.74
N LEU C 90 -0.82 -6.35 10.20
CA LEU C 90 -0.40 -7.72 10.44
C LEU C 90 -0.07 -7.92 11.91
N ILE C 91 0.60 -6.95 12.49
CA ILE C 91 0.95 -7.02 13.90
C ILE C 91 -0.33 -7.12 14.73
N THR C 92 -1.36 -6.39 14.32
CA THR C 92 -2.64 -6.46 15.02
C THR C 92 -3.15 -7.89 14.99
N GLU C 93 -3.06 -8.53 13.83
CA GLU C 93 -3.50 -9.92 13.70
C GLU C 93 -2.66 -10.82 14.62
N LEU C 94 -1.36 -10.56 14.63
CA LEU C 94 -0.45 -11.34 15.47
C LEU C 94 -0.84 -11.20 16.94
N ILE C 95 -1.16 -9.98 17.35
CA ILE C 95 -1.57 -9.73 18.73
C ILE C 95 -2.86 -10.51 19.05
N GLU C 96 -3.80 -10.48 18.12
CA GLU C 96 -5.05 -11.21 18.31
C GLU C 96 -4.75 -12.70 18.53
N LEU C 97 -3.78 -13.21 17.77
CA LEU C 97 -3.39 -14.61 17.91
C LEU C 97 -2.85 -14.87 19.32
N HIS C 98 -2.05 -13.94 19.83
CA HIS C 98 -1.52 -14.09 21.18
C HIS C 98 -2.68 -14.22 22.16
N GLU C 99 -3.73 -13.44 21.92
CA GLU C 99 -4.90 -13.49 22.78
C GLU C 99 -5.57 -14.87 22.68
N LYS C 100 -5.65 -15.41 21.46
CA LYS C 100 -6.25 -16.72 21.29
C LYS C 100 -5.38 -17.78 21.95
N LEU C 101 -4.05 -17.58 21.91
CA LEU C 101 -3.12 -18.52 22.55
C LEU C 101 -3.37 -18.53 24.06
N LYS C 102 -4.36 -17.76 24.51
CA LYS C 102 -4.70 -17.67 25.93
C LYS C 102 -3.78 -16.68 26.63
N ALA C 103 -2.48 -16.99 26.61
CA ALA C 103 -1.45 -16.16 27.26
C ALA C 103 -1.80 -14.67 27.21
N LYS D 1 -19.97 26.95 -1.17
CA LYS D 1 -19.08 26.05 -1.96
C LYS D 1 -19.44 24.59 -1.78
N LYS D 2 -19.77 23.94 -2.87
CA LYS D 2 -20.15 22.54 -2.84
C LYS D 2 -18.93 21.62 -2.88
N HIS D 3 -19.02 20.49 -2.19
CA HIS D 3 -17.93 19.52 -2.13
C HIS D 3 -18.12 18.37 -3.08
N ILE D 4 -17.20 18.26 -4.03
CA ILE D 4 -17.22 17.18 -4.99
C ILE D 4 -16.07 16.24 -4.61
N TYR D 5 -16.39 15.03 -4.18
CA TYR D 5 -15.38 14.06 -3.78
C TYR D 5 -15.33 12.90 -4.76
N LEU D 6 -14.13 12.60 -5.26
CA LEU D 6 -13.90 11.48 -6.19
C LEU D 6 -13.25 10.35 -5.40
N PHE D 7 -13.57 9.08 -5.75
CA PHE D 7 -12.87 7.96 -5.11
C PHE D 7 -12.21 7.04 -6.14
N CYS D 8 -11.07 6.43 -5.71
CA CYS D 8 -10.32 5.41 -6.43
C CYS D 8 -9.52 4.55 -5.45
N SER D 9 -8.66 3.65 -5.86
CA SER D 9 -8.05 2.81 -4.81
C SER D 9 -7.19 3.65 -3.87
N ALA D 10 -6.21 4.43 -4.38
CA ALA D 10 -5.30 5.15 -3.51
C ALA D 10 -5.59 6.63 -3.59
N GLY D 11 -5.96 7.13 -4.77
CA GLY D 11 -6.27 8.52 -4.97
C GLY D 11 -5.23 9.23 -5.83
N MET D 12 -4.53 8.49 -6.71
CA MET D 12 -3.51 9.12 -7.55
C MET D 12 -3.99 9.31 -8.99
N SER D 13 -4.08 8.26 -9.72
CA SER D 13 -4.51 8.36 -11.13
C SER D 13 -5.72 9.29 -11.28
N THR D 14 -6.46 9.50 -10.19
CA THR D 14 -7.62 10.37 -10.31
C THR D 14 -7.22 11.77 -9.88
N SER D 15 -6.09 11.83 -9.22
CA SER D 15 -5.48 13.09 -8.76
C SER D 15 -5.20 14.03 -9.93
N LEU D 16 -4.82 13.46 -11.06
CA LEU D 16 -4.55 14.26 -12.24
C LEU D 16 -5.88 14.86 -12.76
N LEU D 17 -6.96 14.07 -12.72
CA LEU D 17 -8.28 14.55 -13.14
C LEU D 17 -8.75 15.68 -12.19
N VAL D 18 -8.54 15.48 -10.88
CA VAL D 18 -8.91 16.50 -9.89
C VAL D 18 -8.18 17.83 -10.15
N SER D 19 -6.89 17.79 -10.47
CA SER D 19 -6.17 19.03 -10.74
C SER D 19 -6.73 19.77 -11.98
N LYS D 20 -7.12 19.03 -13.02
CA LYS D 20 -7.71 19.66 -14.20
C LYS D 20 -9.12 20.20 -13.91
N MET D 21 -9.87 19.50 -13.07
CA MET D 21 -11.22 20.00 -12.73
C MET D 21 -11.08 21.31 -11.94
N ARG D 22 -10.13 21.39 -11.02
CA ARG D 22 -9.91 22.60 -10.21
C ARG D 22 -9.56 23.79 -11.12
N ALA D 23 -8.79 23.54 -12.18
CA ALA D 23 -8.39 24.59 -13.11
C ALA D 23 -9.63 25.14 -13.81
N GLN D 24 -10.50 24.24 -14.24
CA GLN D 24 -11.72 24.61 -14.91
C GLN D 24 -12.67 25.35 -14.00
N ALA D 25 -12.80 24.88 -12.77
CA ALA D 25 -13.69 25.53 -11.80
C ALA D 25 -13.24 26.96 -11.55
N GLU D 26 -11.93 27.20 -11.60
CA GLU D 26 -11.39 28.54 -11.36
C GLU D 26 -11.65 29.43 -12.57
N LYS D 27 -11.43 28.88 -13.76
CA LYS D 27 -11.63 29.59 -14.99
C LYS D 27 -13.07 30.10 -15.12
N TYR D 28 -14.05 29.29 -14.72
CA TYR D 28 -15.48 29.69 -14.80
C TYR D 28 -16.13 30.10 -13.49
N GLU D 29 -15.33 30.35 -12.46
CA GLU D 29 -15.81 30.78 -11.15
C GLU D 29 -16.89 29.89 -10.51
N VAL D 30 -16.76 28.58 -10.66
CA VAL D 30 -17.70 27.63 -10.08
C VAL D 30 -17.27 27.48 -8.62
N PRO D 31 -18.19 27.73 -7.67
CA PRO D 31 -17.91 27.64 -6.23
C PRO D 31 -17.93 26.21 -5.68
N VAL D 32 -16.88 25.46 -6.01
CA VAL D 32 -16.75 24.08 -5.57
C VAL D 32 -15.38 23.76 -5.01
N ILE D 33 -15.35 22.75 -4.14
CA ILE D 33 -14.13 22.22 -3.55
C ILE D 33 -14.09 20.77 -4.09
N ILE D 34 -12.98 20.40 -4.71
CA ILE D 34 -12.79 19.07 -5.32
C ILE D 34 -11.61 18.31 -4.66
N GLU D 35 -11.86 17.09 -4.18
CA GLU D 35 -10.83 16.27 -3.52
C GLU D 35 -10.93 14.82 -4.00
N ALA D 36 -9.78 14.14 -4.09
CA ALA D 36 -9.71 12.73 -4.50
C ALA D 36 -9.34 11.92 -3.25
N PHE D 37 -9.93 10.74 -3.09
CA PHE D 37 -9.64 9.87 -1.95
C PHE D 37 -9.66 8.44 -2.43
N PRO D 38 -9.08 7.53 -1.64
CA PRO D 38 -9.07 6.11 -2.02
C PRO D 38 -10.49 5.61 -1.70
N GLU D 39 -10.91 4.54 -2.35
CA GLU D 39 -12.24 3.96 -2.13
C GLU D 39 -12.51 3.54 -0.69
N THR D 40 -11.46 3.29 0.09
CA THR D 40 -11.63 2.88 1.48
C THR D 40 -12.26 3.95 2.37
N LEU D 41 -12.19 5.21 1.94
CA LEU D 41 -12.77 6.32 2.70
C LEU D 41 -14.15 6.77 2.20
N ALA D 42 -14.74 6.07 1.21
CA ALA D 42 -16.05 6.45 0.63
C ALA D 42 -17.14 6.64 1.68
N GLY D 43 -17.12 5.80 2.71
CA GLY D 43 -18.13 5.91 3.75
C GLY D 43 -17.81 6.98 4.77
N GLU D 44 -16.53 7.16 5.08
CA GLU D 44 -16.15 8.15 6.07
C GLU D 44 -16.16 9.59 5.49
N LYS D 45 -15.52 9.77 4.34
CA LYS D 45 -15.46 11.08 3.70
C LYS D 45 -16.73 11.45 2.92
N GLY D 46 -17.38 10.46 2.32
CA GLY D 46 -18.60 10.70 1.55
C GLY D 46 -19.69 11.43 2.29
N GLN D 47 -19.77 11.23 3.60
CA GLN D 47 -20.79 11.89 4.43
C GLN D 47 -20.74 13.42 4.34
N ASN D 48 -19.59 13.97 3.95
CA ASN D 48 -19.43 15.41 3.87
C ASN D 48 -19.45 15.95 2.45
N ALA D 49 -19.66 15.08 1.48
CA ALA D 49 -19.67 15.54 0.10
C ALA D 49 -21.06 15.97 -0.30
N ASP D 50 -21.11 16.82 -1.31
CA ASP D 50 -22.38 17.25 -1.83
C ASP D 50 -22.73 16.32 -2.99
N VAL D 51 -21.69 15.73 -3.60
CA VAL D 51 -21.88 14.75 -4.67
C VAL D 51 -20.68 13.78 -4.61
N VAL D 52 -20.98 12.49 -4.70
CA VAL D 52 -19.97 11.44 -4.66
C VAL D 52 -19.78 10.85 -6.06
N LEU D 53 -18.55 10.92 -6.57
CA LEU D 53 -18.24 10.38 -7.88
C LEU D 53 -17.30 9.18 -7.73
N LEU D 54 -17.60 8.08 -8.42
CA LEU D 54 -16.75 6.88 -8.36
C LEU D 54 -15.96 6.73 -9.63
N GLY D 55 -14.69 6.35 -9.51
CA GLY D 55 -13.84 6.18 -10.68
C GLY D 55 -14.39 5.02 -11.49
N PRO D 56 -14.13 4.94 -12.76
CA PRO D 56 -14.66 3.84 -13.62
C PRO D 56 -14.24 2.42 -13.18
N GLN D 57 -13.07 2.31 -12.54
CA GLN D 57 -12.57 1.02 -12.08
C GLN D 57 -13.39 0.49 -10.90
N ILE D 58 -14.04 1.38 -10.15
CA ILE D 58 -14.82 0.94 -9.01
C ILE D 58 -16.34 1.02 -9.23
N ALA D 59 -16.75 0.99 -10.49
CA ALA D 59 -18.17 1.04 -10.83
C ALA D 59 -18.94 -0.11 -10.19
N TYR D 60 -18.34 -1.30 -10.13
CA TYR D 60 -19.04 -2.44 -9.55
C TYR D 60 -19.46 -2.21 -8.09
N MET D 61 -18.84 -1.23 -7.44
CA MET D 61 -19.15 -0.89 -6.05
C MET D 61 -20.33 0.08 -5.87
N LEU D 62 -20.89 0.58 -6.97
CA LEU D 62 -21.99 1.54 -6.90
C LEU D 62 -23.13 1.19 -5.93
N PRO D 63 -23.73 -0.02 -6.05
CA PRO D 63 -24.82 -0.37 -5.12
C PRO D 63 -24.43 -0.30 -3.65
N GLU D 64 -23.22 -0.72 -3.30
CA GLU D 64 -22.77 -0.68 -1.91
C GLU D 64 -22.60 0.74 -1.42
N ILE D 65 -22.02 1.59 -2.25
CA ILE D 65 -21.83 2.99 -1.85
C ILE D 65 -23.16 3.74 -1.71
N GLN D 66 -24.12 3.42 -2.59
CA GLN D 66 -25.46 4.00 -2.52
C GLN D 66 -26.13 3.64 -1.18
N ARG D 67 -26.00 2.39 -0.73
CA ARG D 67 -26.60 1.98 0.55
C ARG D 67 -25.89 2.63 1.74
N LEU D 68 -24.60 2.88 1.59
CA LEU D 68 -23.77 3.49 2.64
C LEU D 68 -24.11 4.97 2.82
N LEU D 69 -24.39 5.65 1.70
CA LEU D 69 -24.73 7.09 1.68
C LEU D 69 -26.11 7.27 1.01
N PRO D 70 -27.20 6.87 1.69
CA PRO D 70 -28.55 6.99 1.13
C PRO D 70 -29.03 8.44 0.93
N ASN D 71 -28.35 9.38 1.56
CA ASN D 71 -28.75 10.79 1.44
C ASN D 71 -27.82 11.63 0.57
N LYS D 72 -27.08 10.99 -0.33
CA LYS D 72 -26.14 11.69 -1.21
C LYS D 72 -26.26 11.20 -2.63
N PRO D 73 -26.13 12.10 -3.63
CA PRO D 73 -26.21 11.62 -5.02
C PRO D 73 -24.85 10.97 -5.27
N VAL D 74 -24.87 9.73 -5.75
CA VAL D 74 -23.64 8.96 -6.02
C VAL D 74 -23.64 8.48 -7.46
N GLU D 75 -22.58 8.72 -8.19
CA GLU D 75 -22.53 8.22 -9.55
C GLU D 75 -21.13 7.95 -10.07
N VAL D 76 -21.06 7.12 -11.10
CA VAL D 76 -19.80 6.72 -11.71
C VAL D 76 -19.40 7.72 -12.78
N ILE D 77 -18.11 8.03 -12.84
CA ILE D 77 -17.58 8.96 -13.83
C ILE D 77 -17.54 8.27 -15.17
N ASP D 78 -17.96 8.97 -16.21
CA ASP D 78 -17.94 8.40 -17.55
C ASP D 78 -16.51 7.95 -17.89
N SER D 79 -16.33 6.69 -18.28
CA SER D 79 -14.99 6.17 -18.58
C SER D 79 -14.18 6.90 -19.65
N LEU D 80 -14.87 7.44 -20.65
CA LEU D 80 -14.19 8.17 -21.73
C LEU D 80 -13.73 9.53 -21.23
N LEU D 81 -14.58 10.18 -20.45
CA LEU D 81 -14.26 11.49 -19.90
C LEU D 81 -13.10 11.33 -18.94
N TYR D 82 -13.10 10.21 -18.22
CA TYR D 82 -12.04 9.90 -17.25
C TYR D 82 -10.71 9.58 -17.95
N GLY D 83 -10.75 8.68 -18.92
CA GLY D 83 -9.54 8.32 -19.64
C GLY D 83 -8.87 9.50 -20.31
N LYS D 84 -9.68 10.37 -20.87
CA LYS D 84 -9.22 11.56 -21.59
C LYS D 84 -8.79 12.70 -20.65
N VAL D 85 -9.07 12.52 -19.35
CA VAL D 85 -8.77 13.52 -18.31
C VAL D 85 -9.47 14.86 -18.61
N ASP D 86 -10.76 14.77 -18.94
CA ASP D 86 -11.57 15.95 -19.28
C ASP D 86 -12.09 16.63 -18.03
N GLY D 87 -11.29 17.56 -17.51
CA GLY D 87 -11.64 18.31 -16.31
C GLY D 87 -12.94 19.07 -16.45
N LEU D 88 -13.16 19.73 -17.60
CA LEU D 88 -14.39 20.49 -17.80
C LEU D 88 -15.63 19.58 -17.87
N GLY D 89 -15.50 18.50 -18.64
CA GLY D 89 -16.59 17.56 -18.81
C GLY D 89 -17.07 16.91 -17.53
N VAL D 90 -16.12 16.49 -16.69
CA VAL D 90 -16.48 15.84 -15.42
C VAL D 90 -17.04 16.88 -14.45
N LEU D 91 -16.47 18.08 -14.49
CA LEU D 91 -16.97 19.15 -13.63
C LEU D 91 -18.46 19.39 -14.00
N LYS D 92 -18.76 19.42 -15.30
CA LYS D 92 -20.15 19.61 -15.75
C LYS D 92 -21.09 18.52 -15.24
N ALA D 93 -20.64 17.27 -15.30
CA ALA D 93 -21.47 16.14 -14.85
C ALA D 93 -21.76 16.21 -13.35
N ALA D 94 -20.78 16.72 -12.60
CA ALA D 94 -20.90 16.82 -11.15
C ALA D 94 -21.90 17.90 -10.75
N VAL D 95 -21.80 19.06 -11.40
CA VAL D 95 -22.72 20.17 -11.13
C VAL D 95 -24.13 19.69 -11.49
N ALA D 96 -24.25 18.98 -12.61
CA ALA D 96 -25.54 18.45 -13.04
C ALA D 96 -26.13 17.51 -11.99
N ALA D 97 -25.33 16.57 -11.49
CA ALA D 97 -25.85 15.64 -10.49
C ALA D 97 -26.36 16.40 -9.26
N ILE D 98 -25.70 17.51 -8.93
CA ILE D 98 -26.12 18.32 -7.78
C ILE D 98 -27.46 19.01 -8.03
N LYS D 99 -27.63 19.58 -9.24
CA LYS D 99 -28.87 20.26 -9.62
C LYS D 99 -30.01 19.26 -9.71
N LYS D 100 -29.80 18.19 -10.45
CA LYS D 100 -30.83 17.18 -10.59
C LYS D 100 -31.20 16.60 -9.22
N ALA D 101 -30.34 16.79 -8.23
CA ALA D 101 -30.58 16.28 -6.88
C ALA D 101 -31.37 17.24 -6.00
N ALA D 102 -31.14 18.54 -6.18
CA ALA D 102 -31.83 19.57 -5.43
C ALA D 102 -33.22 19.88 -6.02
N ALA D 103 -33.60 19.13 -7.06
CA ALA D 103 -34.88 19.29 -7.72
C ALA D 103 -35.05 18.26 -8.85
P PO3 E . -4.87 5.43 -7.17
O1 PO3 E . -4.26 6.21 -6.03
O2 PO3 E . -5.36 4.01 -6.94
O3 PO3 E . -4.81 5.96 -8.58
N ALA A 1 0.74 7.29 -18.60
CA ALA A 1 0.24 7.59 -19.96
C ALA A 1 -1.09 6.86 -20.17
N GLU A 2 -1.77 7.18 -21.26
CA GLU A 2 -3.08 6.58 -21.60
C GLU A 2 -3.28 5.20 -20.95
N GLU A 3 -2.80 4.17 -21.63
CA GLU A 3 -2.95 2.80 -21.13
C GLU A 3 -2.16 2.60 -19.84
N LEU A 4 -0.84 2.78 -19.91
CA LEU A 4 0.01 2.60 -18.74
C LEU A 4 -0.63 3.20 -17.48
N GLU A 5 -1.21 4.38 -17.61
CA GLU A 5 -1.84 5.05 -16.47
C GLU A 5 -3.12 4.34 -16.08
N GLU A 6 -3.94 4.01 -17.07
CA GLU A 6 -5.19 3.30 -16.82
C GLU A 6 -4.88 1.88 -16.34
N VAL A 7 -3.80 1.31 -16.88
CA VAL A 7 -3.37 -0.03 -16.50
C VAL A 7 -2.93 -0.05 -15.03
N VAL A 8 -2.20 0.99 -14.63
CA VAL A 8 -1.73 1.10 -13.25
C VAL A 8 -2.95 1.16 -12.33
N MET A 9 -3.95 1.96 -12.70
CA MET A 9 -5.17 2.06 -11.90
C MET A 9 -5.77 0.67 -11.73
N GLY A 10 -5.81 -0.09 -12.82
CA GLY A 10 -6.34 -1.45 -12.77
C GLY A 10 -5.49 -2.31 -11.83
N LEU A 11 -4.17 -2.17 -11.95
CA LEU A 11 -3.26 -2.93 -11.10
C LEU A 11 -3.45 -2.56 -9.64
N ILE A 12 -3.57 -1.27 -9.37
CA ILE A 12 -3.76 -0.80 -8.00
C ILE A 12 -5.06 -1.36 -7.46
N ILE A 13 -6.11 -1.29 -8.26
CA ILE A 13 -7.40 -1.82 -7.85
C ILE A 13 -7.30 -3.33 -7.65
N ASN A 14 -6.65 -4.01 -8.60
CA ASN A 14 -6.47 -5.45 -8.53
C ASN A 14 -5.71 -5.82 -7.26
N SER A 15 -4.61 -5.11 -7.03
CA SER A 15 -3.81 -5.35 -5.83
C SER A 15 -4.65 -5.14 -4.57
N GLY A 16 -5.44 -4.06 -4.60
CA GLY A 16 -6.32 -3.75 -3.47
C GLY A 16 -7.35 -4.86 -3.26
N GLN A 17 -7.95 -5.32 -4.36
CA GLN A 17 -8.94 -6.40 -4.27
C GLN A 17 -8.27 -7.65 -3.72
N ALA A 18 -7.05 -7.92 -4.18
CA ALA A 18 -6.31 -9.09 -3.72
C ALA A 18 -6.15 -9.04 -2.21
N ARG A 19 -5.70 -7.91 -1.69
CA ARG A 19 -5.55 -7.77 -0.25
C ARG A 19 -6.90 -7.95 0.43
N SER A 20 -7.91 -7.28 -0.11
CA SER A 20 -9.25 -7.36 0.44
C SER A 20 -9.68 -8.83 0.57
N LEU A 21 -9.47 -9.59 -0.49
CA LEU A 21 -9.81 -11.01 -0.48
C LEU A 21 -8.97 -11.74 0.58
N ALA A 22 -7.69 -11.40 0.63
CA ALA A 22 -6.79 -12.03 1.60
C ALA A 22 -7.30 -11.80 3.03
N TYR A 23 -7.59 -10.55 3.38
CA TYR A 23 -8.10 -10.25 4.72
C TYR A 23 -9.41 -11.00 4.93
N ALA A 24 -10.25 -11.03 3.90
CA ALA A 24 -11.51 -11.73 3.99
C ALA A 24 -11.24 -13.22 4.25
N ALA A 25 -10.23 -13.75 3.56
CA ALA A 25 -9.84 -15.14 3.75
C ALA A 25 -9.48 -15.38 5.21
N LEU A 26 -8.72 -14.46 5.78
CA LEU A 26 -8.32 -14.57 7.18
C LEU A 26 -9.56 -14.55 8.07
N LYS A 27 -10.48 -13.64 7.77
CA LYS A 27 -11.71 -13.53 8.54
C LYS A 27 -12.45 -14.87 8.56
N GLN A 28 -12.48 -15.54 7.41
CA GLN A 28 -13.15 -16.84 7.31
C GLN A 28 -12.48 -17.81 8.28
N ALA A 29 -11.15 -17.75 8.35
CA ALA A 29 -10.39 -18.62 9.24
C ALA A 29 -10.80 -18.38 10.69
N LYS A 30 -10.95 -17.12 11.05
CA LYS A 30 -11.36 -16.77 12.41
C LYS A 30 -12.72 -17.37 12.73
N GLN A 31 -13.58 -17.50 11.72
CA GLN A 31 -14.89 -18.08 11.93
C GLN A 31 -14.80 -19.60 11.96
N GLY A 32 -13.60 -20.12 11.77
CA GLY A 32 -13.37 -21.56 11.81
C GLY A 32 -13.71 -22.21 10.47
N ASP A 33 -13.83 -21.40 9.43
CA ASP A 33 -14.15 -21.90 8.09
C ASP A 33 -12.88 -22.06 7.26
N PHE A 34 -12.18 -23.18 7.47
CA PHE A 34 -10.93 -23.42 6.73
C PHE A 34 -11.18 -23.60 5.24
N ALA A 35 -12.31 -24.21 4.89
CA ALA A 35 -12.63 -24.46 3.49
C ALA A 35 -12.77 -23.14 2.72
N ALA A 36 -13.56 -22.23 3.26
CA ALA A 36 -13.76 -20.95 2.60
C ALA A 36 -12.46 -20.14 2.60
N ALA A 37 -11.70 -20.23 3.68
CA ALA A 37 -10.43 -19.52 3.75
C ALA A 37 -9.52 -19.99 2.60
N LYS A 38 -9.36 -21.30 2.49
CA LYS A 38 -8.53 -21.90 1.45
C LYS A 38 -8.96 -21.42 0.06
N ALA A 39 -10.26 -21.45 -0.21
CA ALA A 39 -10.77 -21.03 -1.51
C ALA A 39 -10.47 -19.57 -1.79
N MET A 40 -10.61 -18.74 -0.76
CA MET A 40 -10.36 -17.30 -0.90
C MET A 40 -8.88 -17.03 -1.18
N MET A 41 -7.98 -17.76 -0.50
CA MET A 41 -6.55 -17.56 -0.72
C MET A 41 -6.19 -17.92 -2.15
N ASP A 42 -6.77 -19.01 -2.65
CA ASP A 42 -6.47 -19.48 -3.99
C ASP A 42 -6.83 -18.42 -5.02
N GLN A 43 -8.03 -17.87 -4.88
CA GLN A 43 -8.48 -16.82 -5.80
C GLN A 43 -7.61 -15.59 -5.67
N SER A 44 -7.25 -15.24 -4.44
CA SER A 44 -6.40 -14.08 -4.20
C SER A 44 -5.06 -14.28 -4.91
N ARG A 45 -4.49 -15.47 -4.78
CA ARG A 45 -3.22 -15.82 -5.43
C ARG A 45 -3.32 -15.66 -6.95
N MET A 46 -4.40 -16.18 -7.51
CA MET A 46 -4.63 -16.11 -8.95
C MET A 46 -4.72 -14.65 -9.40
N ALA A 47 -5.41 -13.83 -8.62
CA ALA A 47 -5.56 -12.41 -8.94
C ALA A 47 -4.19 -11.74 -9.00
N LEU A 48 -3.35 -12.05 -8.02
CA LEU A 48 -2.00 -11.49 -7.95
C LEU A 48 -1.15 -11.98 -9.12
N ASN A 49 -1.29 -13.26 -9.41
CA ASN A 49 -0.51 -13.87 -10.48
C ASN A 49 -0.77 -13.15 -11.80
N GLU A 50 -2.04 -12.89 -12.07
CA GLU A 50 -2.41 -12.17 -13.29
C GLU A 50 -1.86 -10.75 -13.23
N ALA A 51 -1.97 -10.13 -12.05
CA ALA A 51 -1.47 -8.77 -11.87
C ALA A 51 0.06 -8.75 -12.05
N HIS A 52 0.73 -9.71 -11.44
CA HIS A 52 2.19 -9.81 -11.54
C HIS A 52 2.61 -10.01 -13.00
N LEU A 53 1.86 -10.83 -13.72
CA LEU A 53 2.16 -11.11 -15.12
C LEU A 53 2.11 -9.82 -15.93
N VAL A 54 1.08 -9.02 -15.68
CA VAL A 54 0.94 -7.75 -16.38
C VAL A 54 2.11 -6.84 -16.04
N GLN A 55 2.46 -6.79 -14.76
CA GLN A 55 3.59 -5.96 -14.34
C GLN A 55 4.88 -6.45 -15.01
N THR A 56 5.08 -7.76 -15.08
CA THR A 56 6.28 -8.32 -15.72
C THR A 56 6.46 -7.71 -17.11
N LYS A 57 5.37 -7.66 -17.88
CA LYS A 57 5.43 -7.06 -19.22
C LYS A 57 5.76 -5.59 -19.10
N LEU A 58 5.18 -4.94 -18.10
CA LEU A 58 5.43 -3.52 -17.90
C LEU A 58 6.87 -3.24 -17.48
N ILE A 59 7.58 -4.25 -16.98
CA ILE A 59 8.99 -4.06 -16.60
C ILE A 59 9.93 -4.47 -17.76
N GLU A 60 9.55 -5.49 -18.53
CA GLU A 60 10.37 -5.95 -19.66
C GLU A 60 10.46 -4.88 -20.74
N GLY A 61 9.34 -4.20 -21.01
CA GLY A 61 9.31 -3.17 -22.03
C GLY A 61 9.20 -1.78 -21.42
N ASP A 62 9.80 -1.60 -20.24
CA ASP A 62 9.75 -0.32 -19.54
C ASP A 62 10.49 0.78 -20.32
N ALA A 63 11.17 0.39 -21.40
CA ALA A 63 11.90 1.36 -22.21
C ALA A 63 10.97 2.06 -23.19
N GLY A 64 11.49 3.07 -23.89
CA GLY A 64 10.68 3.81 -24.86
C GLY A 64 10.81 5.32 -24.66
N GLU A 65 10.45 5.80 -23.47
CA GLU A 65 10.53 7.23 -23.19
C GLU A 65 11.97 7.72 -23.18
N GLY A 66 12.86 6.90 -22.64
CA GLY A 66 14.28 7.27 -22.58
C GLY A 66 15.15 6.04 -22.36
N LYS A 67 16.47 6.25 -22.44
CA LYS A 67 17.41 5.15 -22.27
C LYS A 67 17.39 4.63 -20.82
N MET A 68 18.11 5.32 -19.94
CA MET A 68 18.20 4.93 -18.54
C MET A 68 16.88 5.05 -17.79
N LYS A 69 16.13 6.12 -18.08
CA LYS A 69 14.87 6.35 -17.37
C LYS A 69 13.76 5.39 -17.80
N VAL A 70 12.84 5.14 -16.87
CA VAL A 70 11.71 4.23 -17.10
C VAL A 70 10.41 4.88 -16.65
N SER A 71 9.28 4.23 -16.95
CA SER A 71 7.98 4.77 -16.55
C SER A 71 7.94 4.91 -15.03
N LEU A 72 7.54 6.10 -14.57
CA LEU A 72 7.48 6.40 -13.14
C LEU A 72 6.43 5.55 -12.41
N VAL A 73 5.30 5.39 -13.07
CA VAL A 73 4.18 4.62 -12.52
C VAL A 73 4.55 3.16 -12.22
N LEU A 74 5.60 2.69 -12.86
CA LEU A 74 6.02 1.30 -12.65
C LEU A 74 6.18 0.99 -11.17
N VAL A 75 6.61 2.01 -10.44
CA VAL A 75 6.84 1.85 -9.01
C VAL A 75 5.50 1.76 -8.29
N HIS A 76 4.27 2.77 -8.69
CA HIS A 76 2.91 2.76 -8.10
C HIS A 76 2.32 1.37 -8.18
N ALA A 77 2.66 0.66 -9.26
CA ALA A 77 2.18 -0.69 -9.46
C ALA A 77 3.02 -1.69 -8.67
N GLN A 78 4.35 -1.52 -8.72
CA GLN A 78 5.25 -2.43 -8.01
C GLN A 78 5.01 -2.32 -6.51
N LEU A 79 4.96 -1.09 -6.01
CA LEU A 79 4.72 -0.86 -4.59
C LEU A 79 3.44 -1.54 -4.13
N HIS A 80 2.35 -1.32 -4.85
CA HIS A 80 1.08 -1.91 -4.47
C HIS A 80 1.12 -3.44 -4.62
N LEU A 81 1.65 -3.90 -5.74
CA LEU A 81 1.74 -5.34 -5.99
C LEU A 81 2.64 -6.04 -4.98
N MET A 82 3.80 -5.45 -4.70
CA MET A 82 4.74 -6.05 -3.75
C MET A 82 4.11 -6.14 -2.37
N THR A 83 3.46 -5.05 -1.96
CA THR A 83 2.81 -5.00 -0.65
C THR A 83 1.69 -6.04 -0.56
N SER A 84 0.84 -6.07 -1.58
CA SER A 84 -0.29 -7.01 -1.61
C SER A 84 0.20 -8.46 -1.60
N MET A 85 1.16 -8.78 -2.45
CA MET A 85 1.69 -10.14 -2.51
C MET A 85 2.26 -10.57 -1.18
N LEU A 86 3.07 -9.70 -0.59
CA LEU A 86 3.68 -10.00 0.70
C LEU A 86 2.61 -10.19 1.78
N ALA A 87 1.64 -9.28 1.79
CA ALA A 87 0.56 -9.36 2.76
C ALA A 87 -0.15 -10.70 2.67
N ARG A 88 -0.49 -11.10 1.47
CA ARG A 88 -1.18 -12.37 1.27
C ARG A 88 -0.35 -13.55 1.78
N GLU A 89 0.93 -13.57 1.45
CA GLU A 89 1.77 -14.67 1.88
C GLU A 89 1.79 -14.78 3.39
N LEU A 90 1.95 -13.65 4.06
CA LEU A 90 1.96 -13.64 5.51
C LEU A 90 0.58 -14.03 6.05
N ILE A 91 -0.46 -13.51 5.42
CA ILE A 91 -1.82 -13.85 5.84
C ILE A 91 -2.03 -15.35 5.69
N THR A 92 -1.50 -15.92 4.61
CA THR A 92 -1.60 -17.37 4.40
C THR A 92 -0.98 -18.10 5.59
N GLU A 93 0.20 -17.64 6.01
CA GLU A 93 0.88 -18.23 7.16
C GLU A 93 0.02 -18.08 8.40
N LEU A 94 -0.57 -16.89 8.56
CA LEU A 94 -1.43 -16.62 9.72
C LEU A 94 -2.62 -17.59 9.71
N ILE A 95 -3.20 -17.80 8.55
CA ILE A 95 -4.34 -18.73 8.44
C ILE A 95 -3.90 -20.14 8.83
N GLU A 96 -2.72 -20.56 8.36
CA GLU A 96 -2.22 -21.88 8.71
C GLU A 96 -2.08 -22.00 10.22
N LEU A 97 -1.64 -20.91 10.87
CA LEU A 97 -1.51 -20.92 12.32
C LEU A 97 -2.88 -21.12 12.98
N HIS A 98 -3.89 -20.46 12.44
CA HIS A 98 -5.25 -20.62 12.98
C HIS A 98 -5.63 -22.08 12.92
N GLU A 99 -5.25 -22.75 11.84
CA GLU A 99 -5.55 -24.17 11.68
C GLU A 99 -4.81 -24.98 12.74
N LYS A 100 -3.56 -24.62 13.01
CA LYS A 100 -2.79 -25.32 14.02
C LYS A 100 -3.39 -25.06 15.41
N LEU A 101 -3.92 -23.84 15.61
CA LEU A 101 -4.56 -23.49 16.88
C LEU A 101 -5.80 -24.37 17.09
N LYS A 102 -6.02 -25.30 16.15
CA LYS A 102 -7.18 -26.20 16.21
C LYS A 102 -8.43 -25.52 15.71
N ALA A 103 -8.82 -24.42 16.39
CA ALA A 103 -10.03 -23.67 16.04
C ALA A 103 -10.30 -23.65 14.53
N ALA B 1 22.66 3.11 -13.51
CA ALA B 1 23.97 3.34 -14.19
C ALA B 1 24.86 2.13 -13.94
N GLU B 2 26.00 2.08 -14.64
CA GLU B 2 26.95 0.97 -14.53
C GLU B 2 26.86 0.24 -13.18
N GLU B 3 27.57 0.74 -12.19
CA GLU B 3 27.58 0.13 -10.87
C GLU B 3 26.22 0.21 -10.20
N LEU B 4 25.72 1.44 -10.02
CA LEU B 4 24.42 1.61 -9.38
C LEU B 4 23.38 0.61 -9.91
N GLU B 5 23.37 0.41 -11.22
CA GLU B 5 22.42 -0.52 -11.83
C GLU B 5 22.76 -1.95 -11.47
N GLU B 6 24.03 -2.30 -11.57
CA GLU B 6 24.50 -3.63 -11.23
C GLU B 6 24.38 -3.85 -9.73
N VAL B 7 24.60 -2.79 -8.97
CA VAL B 7 24.51 -2.85 -7.52
C VAL B 7 23.05 -3.11 -7.10
N VAL B 8 22.12 -2.44 -7.77
CA VAL B 8 20.69 -2.63 -7.49
C VAL B 8 20.33 -4.08 -7.74
N MET B 9 20.80 -4.63 -8.86
CA MET B 9 20.52 -6.03 -9.18
C MET B 9 21.01 -6.91 -8.03
N GLY B 10 22.21 -6.62 -7.53
CA GLY B 10 22.75 -7.37 -6.41
C GLY B 10 21.86 -7.21 -5.19
N LEU B 11 21.44 -5.98 -4.93
CA LEU B 11 20.56 -5.70 -3.79
C LEU B 11 19.24 -6.44 -3.93
N ILE B 12 18.67 -6.41 -5.13
CA ILE B 12 17.40 -7.09 -5.38
C ILE B 12 17.57 -8.58 -5.14
N ILE B 13 18.66 -9.12 -5.68
CA ILE B 13 18.94 -10.54 -5.50
C ILE B 13 19.17 -10.83 -4.02
N ASN B 14 19.95 -9.98 -3.36
CA ASN B 14 20.24 -10.16 -1.94
C ASN B 14 18.94 -10.10 -1.13
N SER B 15 18.11 -9.11 -1.42
CA SER B 15 16.83 -8.99 -0.74
C SER B 15 15.98 -10.23 -0.97
N GLY B 16 15.99 -10.71 -2.22
CA GLY B 16 15.23 -11.91 -2.57
C GLY B 16 15.76 -13.12 -1.81
N GLN B 17 17.08 -13.25 -1.75
CA GLN B 17 17.68 -14.37 -1.03
C GLN B 17 17.31 -14.28 0.45
N ALA B 18 17.35 -13.06 0.98
CA ALA B 18 17.00 -12.84 2.37
C ALA B 18 15.60 -13.36 2.66
N ARG B 19 14.64 -12.97 1.84
CA ARG B 19 13.27 -13.44 2.02
C ARG B 19 13.24 -14.96 1.90
N SER B 20 13.90 -15.47 0.86
CA SER B 20 13.94 -16.91 0.64
C SER B 20 14.41 -17.63 1.89
N LEU B 21 15.50 -17.13 2.48
CA LEU B 21 16.04 -17.73 3.71
C LEU B 21 15.01 -17.60 4.83
N ALA B 22 14.37 -16.44 4.93
CA ALA B 22 13.37 -16.20 5.97
C ALA B 22 12.24 -17.23 5.85
N TYR B 23 11.67 -17.38 4.65
CA TYR B 23 10.60 -18.36 4.46
C TYR B 23 11.12 -19.75 4.79
N ALA B 24 12.36 -20.04 4.38
CA ALA B 24 12.95 -21.33 4.67
C ALA B 24 13.06 -21.49 6.19
N ALA B 25 13.43 -20.41 6.87
CA ALA B 25 13.53 -20.43 8.33
C ALA B 25 12.18 -20.80 8.92
N LEU B 26 11.12 -20.21 8.39
CA LEU B 26 9.78 -20.50 8.86
C LEU B 26 9.45 -21.97 8.62
N LYS B 27 9.80 -22.46 7.44
CA LYS B 27 9.55 -23.86 7.11
C LYS B 27 10.21 -24.78 8.14
N GLN B 28 11.43 -24.43 8.54
CA GLN B 28 12.13 -25.23 9.56
C GLN B 28 11.31 -25.26 10.84
N ALA B 29 10.74 -24.11 11.19
CA ALA B 29 9.91 -24.02 12.40
C ALA B 29 8.73 -24.97 12.31
N LYS B 30 8.09 -25.01 11.14
CA LYS B 30 6.95 -25.90 10.94
C LYS B 30 7.36 -27.35 11.16
N GLN B 31 8.62 -27.67 10.83
CA GLN B 31 9.10 -29.04 11.01
C GLN B 31 9.46 -29.28 12.48
N GLY B 32 9.32 -28.24 13.29
CA GLY B 32 9.63 -28.35 14.72
C GLY B 32 11.13 -28.18 14.99
N ASP B 33 11.86 -27.66 14.00
CA ASP B 33 13.29 -27.46 14.14
C ASP B 33 13.60 -26.02 14.53
N PHE B 34 13.47 -25.71 15.81
CA PHE B 34 13.73 -24.34 16.29
C PHE B 34 15.18 -23.94 16.10
N ALA B 35 16.09 -24.90 16.27
CA ALA B 35 17.52 -24.60 16.15
C ALA B 35 17.86 -24.12 14.74
N ALA B 36 17.43 -24.87 13.74
CA ALA B 36 17.71 -24.50 12.36
C ALA B 36 16.98 -23.20 12.01
N ALA B 37 15.77 -23.03 12.51
CA ALA B 37 15.03 -21.80 12.24
C ALA B 37 15.82 -20.61 12.74
N LYS B 38 16.23 -20.68 14.02
CA LYS B 38 17.01 -19.60 14.63
C LYS B 38 18.27 -19.27 13.81
N ALA B 39 18.99 -20.29 13.40
CA ALA B 39 20.21 -20.10 12.61
C ALA B 39 19.91 -19.41 11.28
N MET B 40 18.83 -19.82 10.64
CA MET B 40 18.44 -19.26 9.36
C MET B 40 18.05 -17.78 9.51
N MET B 41 17.32 -17.45 10.57
CA MET B 41 16.92 -16.06 10.78
C MET B 41 18.15 -15.17 10.97
N ASP B 42 19.12 -15.68 11.73
CA ASP B 42 20.33 -14.93 12.01
C ASP B 42 21.06 -14.57 10.73
N GLN B 43 21.21 -15.58 9.86
CA GLN B 43 21.88 -15.36 8.59
C GLN B 43 21.08 -14.40 7.72
N SER B 44 19.76 -14.54 7.73
CA SER B 44 18.91 -13.65 6.95
C SER B 44 19.13 -12.20 7.41
N ARG B 45 19.14 -12.00 8.73
CA ARG B 45 19.35 -10.68 9.30
C ARG B 45 20.69 -10.09 8.83
N MET B 46 21.74 -10.90 8.89
CA MET B 46 23.07 -10.45 8.49
C MET B 46 23.05 -10.04 7.02
N ALA B 47 22.37 -10.84 6.20
CA ALA B 47 22.27 -10.53 4.77
C ALA B 47 21.58 -9.19 4.56
N LEU B 48 20.50 -8.97 5.31
CA LEU B 48 19.75 -7.72 5.21
C LEU B 48 20.59 -6.55 5.72
N ASN B 49 21.30 -6.78 6.81
CA ASN B 49 22.13 -5.75 7.40
C ASN B 49 23.18 -5.26 6.40
N GLU B 50 23.83 -6.19 5.73
CA GLU B 50 24.82 -5.83 4.72
C GLU B 50 24.17 -5.10 3.57
N ALA B 51 23.00 -5.58 3.17
CA ALA B 51 22.25 -4.96 2.08
C ALA B 51 21.83 -3.54 2.48
N HIS B 52 21.32 -3.41 3.70
CA HIS B 52 20.88 -2.11 4.21
C HIS B 52 22.06 -1.13 4.27
N LEU B 53 23.22 -1.64 4.69
CA LEU B 53 24.42 -0.80 4.79
C LEU B 53 24.77 -0.23 3.41
N VAL B 54 24.71 -1.09 2.40
CA VAL B 54 25.03 -0.66 1.04
C VAL B 54 24.01 0.40 0.61
N GLN B 55 22.73 0.16 0.90
CA GLN B 55 21.70 1.13 0.53
C GLN B 55 21.96 2.45 1.25
N THR B 56 22.32 2.39 2.54
CA THR B 56 22.60 3.61 3.30
C THR B 56 23.57 4.50 2.53
N LYS B 57 24.65 3.90 2.04
CA LYS B 57 25.62 4.66 1.25
C LYS B 57 24.97 5.20 -0.01
N LEU B 58 24.12 4.39 -0.61
CA LEU B 58 23.44 4.78 -1.84
C LEU B 58 22.45 5.93 -1.59
N ILE B 59 22.02 6.12 -0.32
CA ILE B 59 21.11 7.23 -0.01
C ILE B 59 21.88 8.48 0.45
N GLU B 60 23.00 8.27 1.16
CA GLU B 60 23.81 9.39 1.64
C GLU B 60 24.42 10.17 0.46
N GLY B 61 24.86 9.43 -0.55
CA GLY B 61 25.49 10.05 -1.72
C GLY B 61 24.59 9.96 -2.95
N ASP B 62 23.28 10.02 -2.73
CA ASP B 62 22.32 9.93 -3.82
C ASP B 62 22.41 11.14 -4.77
N ALA B 63 23.21 12.12 -4.40
CA ALA B 63 23.36 13.32 -5.23
C ALA B 63 24.37 13.07 -6.34
N GLY B 64 24.50 14.03 -7.26
CA GLY B 64 25.44 13.90 -8.37
C GLY B 64 24.78 14.23 -9.71
N GLU B 65 23.73 13.48 -10.05
CA GLU B 65 23.03 13.70 -11.32
C GLU B 65 22.34 15.07 -11.33
N GLY B 66 21.76 15.45 -10.20
CA GLY B 66 21.07 16.73 -10.11
C GLY B 66 20.91 17.16 -8.66
N LYS B 67 20.42 18.38 -8.47
CA LYS B 67 20.23 18.92 -7.13
C LYS B 67 19.13 18.16 -6.38
N MET B 68 17.88 18.54 -6.66
CA MET B 68 16.72 17.93 -6.01
C MET B 68 16.52 16.47 -6.40
N LYS B 69 16.75 16.13 -7.66
CA LYS B 69 16.54 14.76 -8.14
C LYS B 69 17.62 13.80 -7.64
N VAL B 70 17.22 12.52 -7.52
CA VAL B 70 18.11 11.47 -7.05
C VAL B 70 18.02 10.24 -7.98
N SER B 71 18.89 9.26 -7.76
CA SER B 71 18.88 8.05 -8.59
C SER B 71 17.52 7.37 -8.49
N LEU B 72 16.93 7.04 -9.64
CA LEU B 72 15.60 6.45 -9.66
C LEU B 72 15.59 5.04 -9.04
N VAL B 73 16.65 4.30 -9.35
CA VAL B 73 16.80 2.93 -8.88
C VAL B 73 16.83 2.84 -7.34
N LEU B 74 17.13 3.95 -6.69
CA LEU B 74 17.19 3.96 -5.23
C LEU B 74 15.91 3.41 -4.62
N VAL B 75 14.80 3.77 -5.25
CA VAL B 75 13.49 3.31 -4.80
C VAL B 75 13.38 1.80 -5.00
N HIS B 76 13.85 1.24 -6.23
CA HIS B 76 13.78 -0.19 -6.51
C HIS B 76 14.49 -0.98 -5.41
N ALA B 77 15.66 -0.51 -5.01
CA ALA B 77 16.41 -1.16 -3.95
C ALA B 77 15.70 -0.99 -2.61
N GLN B 78 15.18 0.21 -2.38
CA GLN B 78 14.48 0.49 -1.12
C GLN B 78 13.21 -0.36 -1.03
N LEU B 79 12.44 -0.39 -2.12
CA LEU B 79 11.22 -1.18 -2.14
C LEU B 79 11.49 -2.65 -1.82
N HIS B 80 12.48 -3.23 -2.48
CA HIS B 80 12.80 -4.62 -2.24
C HIS B 80 13.36 -4.83 -0.84
N LEU B 81 14.27 -3.95 -0.44
CA LEU B 81 14.88 -4.06 0.89
C LEU B 81 13.85 -3.85 2.00
N MET B 82 13.00 -2.85 1.86
CA MET B 82 11.98 -2.57 2.87
C MET B 82 11.02 -3.75 3.01
N THR B 83 10.59 -4.28 1.87
CA THR B 83 9.67 -5.41 1.87
C THR B 83 10.32 -6.64 2.50
N SER B 84 11.55 -6.94 2.10
CA SER B 84 12.26 -8.09 2.64
C SER B 84 12.50 -7.97 4.14
N MET B 85 12.97 -6.81 4.58
CA MET B 85 13.24 -6.60 6.01
C MET B 85 11.96 -6.76 6.83
N LEU B 86 10.89 -6.14 6.36
CA LEU B 86 9.61 -6.21 7.06
C LEU B 86 9.11 -7.65 7.12
N ALA B 87 9.17 -8.33 5.98
CA ALA B 87 8.72 -9.71 5.90
C ALA B 87 9.49 -10.58 6.88
N ARG B 88 10.79 -10.44 6.86
CA ARG B 88 11.65 -11.22 7.75
C ARG B 88 11.28 -10.97 9.21
N GLU B 89 11.08 -9.70 9.59
CA GLU B 89 10.75 -9.38 10.97
C GLU B 89 9.43 -10.05 11.37
N LEU B 90 8.44 -9.96 10.50
CA LEU B 90 7.14 -10.56 10.78
C LEU B 90 7.28 -12.08 10.84
N ILE B 91 8.06 -12.63 9.92
CA ILE B 91 8.30 -14.07 9.91
C ILE B 91 8.95 -14.49 11.23
N THR B 92 9.86 -13.66 11.73
CA THR B 92 10.50 -13.96 13.02
C THR B 92 9.43 -14.07 14.09
N GLU B 93 8.49 -13.13 14.09
CA GLU B 93 7.40 -13.15 15.06
C GLU B 93 6.58 -14.43 14.88
N LEU B 94 6.30 -14.77 13.62
CA LEU B 94 5.54 -15.99 13.33
C LEU B 94 6.27 -17.21 13.87
N ILE B 95 7.59 -17.26 13.68
CA ILE B 95 8.36 -18.38 14.19
C ILE B 95 8.28 -18.46 15.71
N GLU B 96 8.36 -17.30 16.37
CA GLU B 96 8.25 -17.27 17.83
C GLU B 96 6.90 -17.85 18.25
N LEU B 97 5.86 -17.54 17.49
CA LEU B 97 4.52 -18.05 17.79
C LEU B 97 4.52 -19.58 17.69
N HIS B 98 5.19 -20.10 16.66
CA HIS B 98 5.27 -21.55 16.50
C HIS B 98 5.89 -22.17 17.75
N GLU B 99 6.90 -21.48 18.28
CA GLU B 99 7.55 -21.95 19.50
C GLU B 99 6.58 -21.94 20.66
N LYS B 100 5.77 -20.88 20.77
CA LYS B 100 4.79 -20.80 21.84
C LYS B 100 3.72 -21.88 21.65
N LEU B 101 3.39 -22.19 20.39
CA LEU B 101 2.42 -23.25 20.11
C LEU B 101 2.96 -24.60 20.58
N LYS B 102 4.13 -24.57 21.21
CA LYS B 102 4.77 -25.78 21.72
C LYS B 102 5.49 -26.51 20.59
N ALA B 103 4.71 -26.92 19.58
CA ALA B 103 5.25 -27.67 18.43
C ALA B 103 6.64 -27.19 18.04
N ALA C 1 11.12 19.25 -2.05
CA ALA C 1 11.16 20.74 -1.98
C ALA C 1 10.96 21.17 -0.54
N GLU C 2 11.18 22.45 -0.27
CA GLU C 2 11.04 23.02 1.08
C GLU C 2 10.10 22.22 1.98
N GLU C 3 8.81 22.51 1.89
CA GLU C 3 7.83 21.81 2.71
C GLU C 3 7.73 20.34 2.34
N LEU C 4 7.37 20.07 1.08
CA LEU C 4 7.24 18.68 0.63
C LEU C 4 8.38 17.80 1.16
N GLU C 5 9.60 18.32 1.11
CA GLU C 5 10.76 17.57 1.58
C GLU C 5 10.74 17.43 3.10
N GLU C 6 10.47 18.53 3.78
CA GLU C 6 10.41 18.52 5.24
C GLU C 6 9.19 17.70 5.68
N VAL C 7 8.12 17.78 4.89
CA VAL C 7 6.90 17.04 5.17
C VAL C 7 7.17 15.53 5.06
N VAL C 8 7.92 15.14 4.03
CA VAL C 8 8.27 13.74 3.83
C VAL C 8 9.06 13.24 5.04
N MET C 9 10.02 14.04 5.50
CA MET C 9 10.80 13.67 6.66
C MET C 9 9.87 13.40 7.84
N GLY C 10 8.88 14.29 8.01
CA GLY C 10 7.91 14.13 9.08
C GLY C 10 7.12 12.84 8.88
N LEU C 11 6.71 12.59 7.65
CA LEU C 11 5.94 11.37 7.33
C LEU C 11 6.79 10.14 7.59
N ILE C 12 8.05 10.18 7.18
CA ILE C 12 8.94 9.04 7.37
C ILE C 12 9.11 8.78 8.87
N ILE C 13 9.32 9.87 9.61
CA ILE C 13 9.47 9.76 11.06
C ILE C 13 8.16 9.23 11.66
N ASN C 14 7.05 9.81 11.22
CA ASN C 14 5.73 9.40 11.72
C ASN C 14 5.50 7.92 11.43
N SER C 15 5.79 7.51 10.19
CA SER C 15 5.63 6.11 9.81
C SER C 15 6.52 5.24 10.68
N GLY C 16 7.76 5.70 10.90
CA GLY C 16 8.70 4.95 11.73
C GLY C 16 8.18 4.84 13.16
N GLN C 17 7.67 5.95 13.70
CA GLN C 17 7.13 5.92 15.06
C GLN C 17 5.95 4.97 15.12
N ALA C 18 5.12 5.01 14.08
CA ALA C 18 3.96 4.14 14.02
C ALA C 18 4.38 2.67 14.15
N ARG C 19 5.36 2.27 13.33
CA ARG C 19 5.84 0.91 13.40
C ARG C 19 6.41 0.63 14.79
N SER C 20 7.21 1.57 15.28
CA SER C 20 7.81 1.41 16.60
C SER C 20 6.73 1.13 17.65
N LEU C 21 5.66 1.92 17.61
CA LEU C 21 4.56 1.74 18.54
C LEU C 21 3.92 0.37 18.33
N ALA C 22 3.73 0.00 17.06
CA ALA C 22 3.13 -1.29 16.73
C ALA C 22 3.96 -2.44 17.33
N TYR C 23 5.27 -2.43 17.07
CA TYR C 23 6.14 -3.47 17.64
C TYR C 23 6.05 -3.45 19.16
N ALA C 24 6.03 -2.24 19.72
CA ALA C 24 5.92 -2.11 21.17
C ALA C 24 4.59 -2.72 21.62
N ALA C 25 3.54 -2.47 20.85
CA ALA C 25 2.23 -3.03 21.16
C ALA C 25 2.31 -4.55 21.21
N LEU C 26 3.01 -5.12 20.24
CA LEU C 26 3.19 -6.57 20.18
C LEU C 26 3.95 -7.05 21.42
N LYS C 27 4.99 -6.31 21.77
CA LYS C 27 5.79 -6.66 22.94
C LYS C 27 4.90 -6.72 24.19
N GLN C 28 3.99 -5.77 24.31
CA GLN C 28 3.06 -5.75 25.44
C GLN C 28 2.26 -7.04 25.47
N ALA C 29 1.82 -7.47 24.27
CA ALA C 29 1.05 -8.70 24.16
C ALA C 29 1.85 -9.89 24.67
N LYS C 30 3.13 -9.94 24.30
CA LYS C 30 3.99 -11.02 24.76
C LYS C 30 4.07 -11.06 26.28
N GLN C 31 3.98 -9.88 26.90
CA GLN C 31 4.04 -9.80 28.36
C GLN C 31 2.67 -10.17 28.96
N GLY C 32 1.71 -10.44 28.08
CA GLY C 32 0.36 -10.83 28.53
C GLY C 32 -0.47 -9.60 28.89
N ASP C 33 -0.04 -8.43 28.44
CA ASP C 33 -0.76 -7.18 28.70
C ASP C 33 -1.63 -6.80 27.51
N PHE C 34 -2.80 -7.41 27.42
CA PHE C 34 -3.71 -7.14 26.31
C PHE C 34 -4.22 -5.70 26.34
N ALA C 35 -4.43 -5.17 27.54
CA ALA C 35 -4.94 -3.81 27.68
C ALA C 35 -3.97 -2.79 27.08
N ALA C 36 -2.71 -2.89 27.47
CA ALA C 36 -1.71 -1.96 26.96
C ALA C 36 -1.50 -2.17 25.47
N ALA C 37 -1.55 -3.42 25.02
CA ALA C 37 -1.38 -3.71 23.60
C ALA C 37 -2.48 -3.00 22.81
N LYS C 38 -3.72 -3.21 23.22
CA LYS C 38 -4.87 -2.59 22.57
C LYS C 38 -4.72 -1.07 22.49
N ALA C 39 -4.32 -0.45 23.61
CA ALA C 39 -4.16 1.00 23.65
C ALA C 39 -3.06 1.46 22.68
N MET C 40 -1.96 0.72 22.64
CA MET C 40 -0.85 1.06 21.77
C MET C 40 -1.25 0.92 20.30
N MET C 41 -2.03 -0.11 19.99
CA MET C 41 -2.48 -0.31 18.61
C MET C 41 -3.35 0.85 18.16
N ASP C 42 -4.25 1.28 19.04
CA ASP C 42 -5.17 2.36 18.72
C ASP C 42 -4.41 3.63 18.38
N GLN C 43 -3.42 3.97 19.21
CA GLN C 43 -2.61 5.16 18.97
C GLN C 43 -1.83 5.03 17.67
N SER C 44 -1.30 3.85 17.42
CA SER C 44 -0.55 3.60 16.19
C SER C 44 -1.44 3.87 14.98
N ARG C 45 -2.67 3.32 15.03
CA ARG C 45 -3.64 3.50 13.96
C ARG C 45 -3.93 4.99 13.72
N MET C 46 -4.14 5.72 14.81
CA MET C 46 -4.43 7.15 14.72
C MET C 46 -3.26 7.89 14.08
N ALA C 47 -2.04 7.51 14.47
CA ALA C 47 -0.84 8.14 13.91
C ALA C 47 -0.78 7.91 12.40
N LEU C 48 -1.08 6.68 11.98
CA LEU C 48 -1.07 6.33 10.57
C LEU C 48 -2.17 7.06 9.82
N ASN C 49 -3.34 7.15 10.45
CA ASN C 49 -4.48 7.81 9.84
C ASN C 49 -4.14 9.27 9.52
N GLU C 50 -3.51 9.95 10.47
CA GLU C 50 -3.11 11.33 10.26
C GLU C 50 -2.06 11.41 9.16
N ALA C 51 -1.13 10.47 9.19
CA ALA C 51 -0.07 10.43 8.18
C ALA C 51 -0.67 10.15 6.80
N HIS C 52 -1.58 9.19 6.74
CA HIS C 52 -2.25 8.85 5.48
C HIS C 52 -3.02 10.05 4.94
N LEU C 53 -3.69 10.78 5.83
CA LEU C 53 -4.47 11.95 5.43
C LEU C 53 -3.56 12.98 4.76
N VAL C 54 -2.39 13.20 5.35
CA VAL C 54 -1.45 14.16 4.80
C VAL C 54 -0.99 13.67 3.43
N GLN C 55 -0.69 12.38 3.32
CA GLN C 55 -0.26 11.82 2.04
C GLN C 55 -1.38 11.99 1.00
N THR C 56 -2.62 11.74 1.41
CA THR C 56 -3.76 11.88 0.48
C THR C 56 -3.70 13.25 -0.19
N LYS C 57 -3.50 14.29 0.60
CA LYS C 57 -3.40 15.64 0.05
C LYS C 57 -2.20 15.73 -0.88
N LEU C 58 -1.11 15.09 -0.49
CA LEU C 58 0.10 15.11 -1.29
C LEU C 58 -0.08 14.35 -2.61
N ILE C 59 -1.09 13.47 -2.70
CA ILE C 59 -1.33 12.76 -3.95
C ILE C 59 -2.40 13.48 -4.79
N GLU C 60 -3.38 14.10 -4.14
CA GLU C 60 -4.43 14.83 -4.87
C GLU C 60 -3.85 16.03 -5.60
N GLY C 61 -2.89 16.71 -4.98
CA GLY C 61 -2.28 17.89 -5.57
C GLY C 61 -0.83 17.62 -5.97
N ASP C 62 -0.56 16.41 -6.41
CA ASP C 62 0.79 16.03 -6.80
C ASP C 62 1.22 16.75 -8.06
N ALA C 63 0.31 17.49 -8.68
CA ALA C 63 0.63 18.24 -9.90
C ALA C 63 1.30 19.56 -9.56
N GLY C 64 1.78 20.26 -10.59
CA GLY C 64 2.43 21.56 -10.39
C GLY C 64 3.77 21.63 -11.13
N GLU C 65 4.69 20.71 -10.81
CA GLU C 65 5.99 20.70 -11.45
C GLU C 65 5.87 20.38 -12.94
N GLY C 66 4.99 19.45 -13.27
CA GLY C 66 4.80 19.05 -14.66
C GLY C 66 3.45 18.36 -14.86
N LYS C 67 3.12 18.09 -16.11
CA LYS C 67 1.85 17.44 -16.43
C LYS C 67 1.83 16.00 -15.92
N MET C 68 2.44 15.10 -16.70
CA MET C 68 2.48 13.68 -16.36
C MET C 68 3.31 13.38 -15.12
N LYS C 69 4.45 14.07 -14.97
CA LYS C 69 5.34 13.83 -13.84
C LYS C 69 4.79 14.36 -12.52
N VAL C 70 5.20 13.71 -11.43
CA VAL C 70 4.76 14.07 -10.08
C VAL C 70 5.96 14.16 -9.13
N SER C 71 5.72 14.64 -7.91
CA SER C 71 6.80 14.75 -6.93
C SER C 71 7.42 13.38 -6.68
N LEU C 72 8.74 13.30 -6.77
CA LEU C 72 9.45 12.03 -6.61
C LEU C 72 9.31 11.48 -5.19
N VAL C 73 9.40 12.39 -4.22
CA VAL C 73 9.33 12.04 -2.80
C VAL C 73 8.00 11.37 -2.44
N LEU C 74 6.99 11.57 -3.26
CA LEU C 74 5.67 10.99 -2.99
C LEU C 74 5.79 9.50 -2.75
N VAL C 75 6.65 8.87 -3.53
CA VAL C 75 6.88 7.43 -3.43
C VAL C 75 7.54 7.13 -2.08
N HIS C 76 8.61 7.95 -1.64
CA HIS C 76 9.29 7.72 -0.38
C HIS C 76 8.28 7.70 0.77
N ALA C 77 7.36 8.65 0.76
CA ALA C 77 6.33 8.70 1.79
C ALA C 77 5.37 7.53 1.65
N GLN C 78 5.02 7.20 0.41
CA GLN C 78 4.11 6.11 0.16
C GLN C 78 4.74 4.78 0.58
N LEU C 79 5.99 4.58 0.19
CA LEU C 79 6.71 3.36 0.55
C LEU C 79 6.75 3.17 2.06
N HIS C 80 7.13 4.21 2.79
CA HIS C 80 7.20 4.12 4.24
C HIS C 80 5.81 3.94 4.85
N LEU C 81 4.87 4.73 4.38
CA LEU C 81 3.50 4.67 4.89
C LEU C 81 2.85 3.31 4.59
N MET C 82 3.01 2.84 3.37
CA MET C 82 2.42 1.55 2.98
C MET C 82 3.01 0.42 3.82
N THR C 83 4.32 0.45 3.99
CA THR C 83 5.00 -0.58 4.76
C THR C 83 4.54 -0.55 6.22
N SER C 84 4.53 0.64 6.80
CA SER C 84 4.12 0.80 8.20
C SER C 84 2.67 0.37 8.42
N MET C 85 1.76 0.84 7.56
CA MET C 85 0.35 0.48 7.70
C MET C 85 0.16 -1.04 7.61
N LEU C 86 0.80 -1.65 6.63
CA LEU C 86 0.70 -3.09 6.43
C LEU C 86 1.24 -3.83 7.65
N ALA C 87 2.42 -3.42 8.10
CA ALA C 87 3.05 -4.04 9.25
C ALA C 87 2.13 -3.96 10.47
N ARG C 88 1.61 -2.77 10.71
CA ARG C 88 0.74 -2.55 11.84
C ARG C 88 -0.50 -3.47 11.77
N GLU C 89 -1.11 -3.56 10.59
CA GLU C 89 -2.29 -4.42 10.44
C GLU C 89 -1.95 -5.88 10.74
N LEU C 90 -0.82 -6.35 10.20
CA LEU C 90 -0.40 -7.72 10.44
C LEU C 90 -0.07 -7.92 11.91
N ILE C 91 0.60 -6.95 12.49
CA ILE C 91 0.95 -7.02 13.90
C ILE C 91 -0.33 -7.12 14.73
N THR C 92 -1.36 -6.39 14.32
CA THR C 92 -2.64 -6.46 15.02
C THR C 92 -3.15 -7.89 14.99
N GLU C 93 -3.06 -8.53 13.83
CA GLU C 93 -3.50 -9.92 13.70
C GLU C 93 -2.66 -10.82 14.62
N LEU C 94 -1.36 -10.56 14.63
CA LEU C 94 -0.45 -11.34 15.47
C LEU C 94 -0.84 -11.20 16.94
N ILE C 95 -1.16 -9.98 17.35
CA ILE C 95 -1.57 -9.73 18.73
C ILE C 95 -2.86 -10.51 19.05
N GLU C 96 -3.80 -10.48 18.12
CA GLU C 96 -5.05 -11.21 18.31
C GLU C 96 -4.75 -12.70 18.53
N LEU C 97 -3.78 -13.21 17.77
CA LEU C 97 -3.39 -14.61 17.91
C LEU C 97 -2.85 -14.87 19.32
N HIS C 98 -2.05 -13.94 19.83
CA HIS C 98 -1.52 -14.09 21.18
C HIS C 98 -2.68 -14.22 22.16
N GLU C 99 -3.73 -13.44 21.92
CA GLU C 99 -4.90 -13.49 22.78
C GLU C 99 -5.57 -14.87 22.68
N LYS C 100 -5.65 -15.41 21.46
CA LYS C 100 -6.25 -16.72 21.29
C LYS C 100 -5.38 -17.78 21.95
N LEU C 101 -4.05 -17.58 21.91
CA LEU C 101 -3.12 -18.52 22.55
C LEU C 101 -3.37 -18.53 24.06
N LYS C 102 -4.36 -17.76 24.51
CA LYS C 102 -4.70 -17.67 25.93
C LYS C 102 -3.78 -16.68 26.63
N ALA C 103 -2.48 -16.99 26.61
CA ALA C 103 -1.45 -16.16 27.26
C ALA C 103 -1.80 -14.67 27.21
N LYS D 1 -19.97 26.95 -1.17
CA LYS D 1 -19.08 26.05 -1.96
C LYS D 1 -19.44 24.59 -1.78
N LYS D 2 -19.77 23.94 -2.87
CA LYS D 2 -20.15 22.54 -2.84
C LYS D 2 -18.93 21.62 -2.88
N HIS D 3 -19.02 20.49 -2.19
CA HIS D 3 -17.93 19.52 -2.13
C HIS D 3 -18.12 18.37 -3.08
N ILE D 4 -17.20 18.26 -4.03
CA ILE D 4 -17.22 17.18 -4.99
C ILE D 4 -16.07 16.24 -4.61
N TYR D 5 -16.39 15.03 -4.18
CA TYR D 5 -15.38 14.06 -3.78
C TYR D 5 -15.33 12.90 -4.76
N LEU D 6 -14.13 12.60 -5.26
CA LEU D 6 -13.90 11.48 -6.19
C LEU D 6 -13.25 10.35 -5.40
N PHE D 7 -13.55 9.09 -5.75
CA PHE D 7 -12.85 7.97 -5.13
C PHE D 7 -12.16 7.08 -6.17
N CYS D 8 -11.00 6.52 -5.76
CA CYS D 8 -10.22 5.53 -6.50
C CYS D 8 -9.57 4.55 -5.54
N SER D 9 -8.50 3.82 -5.87
CA SER D 9 -8.00 2.92 -4.82
C SER D 9 -7.13 3.67 -3.82
N ALA D 10 -6.10 4.40 -4.30
CA ALA D 10 -5.19 5.10 -3.39
C ALA D 10 -5.46 6.60 -3.45
N GLY D 11 -5.71 7.12 -4.65
CA GLY D 11 -5.99 8.53 -4.84
C GLY D 11 -4.99 9.20 -5.78
N MET D 12 -4.39 8.47 -6.72
CA MET D 12 -3.40 9.10 -7.61
C MET D 12 -3.96 9.31 -9.03
N SER D 13 -4.04 8.25 -9.77
CA SER D 13 -4.50 8.37 -11.16
C SER D 13 -5.72 9.29 -11.28
N THR D 14 -6.45 9.49 -10.18
CA THR D 14 -7.62 10.37 -10.29
C THR D 14 -7.22 11.77 -9.88
N SER D 15 -6.09 11.83 -9.22
CA SER D 15 -5.48 13.09 -8.76
C SER D 15 -5.20 14.03 -9.93
N LEU D 16 -4.82 13.46 -11.06
CA LEU D 16 -4.55 14.26 -12.24
C LEU D 16 -5.88 14.86 -12.76
N LEU D 17 -6.96 14.07 -12.72
CA LEU D 17 -8.28 14.55 -13.14
C LEU D 17 -8.75 15.68 -12.19
N VAL D 18 -8.54 15.48 -10.88
CA VAL D 18 -8.91 16.50 -9.89
C VAL D 18 -8.18 17.83 -10.15
N SER D 19 -6.89 17.79 -10.47
CA SER D 19 -6.17 19.03 -10.74
C SER D 19 -6.73 19.77 -11.98
N LYS D 20 -7.12 19.03 -13.02
CA LYS D 20 -7.71 19.66 -14.20
C LYS D 20 -9.12 20.20 -13.91
N MET D 21 -9.87 19.50 -13.07
CA MET D 21 -11.22 20.00 -12.73
C MET D 21 -11.08 21.31 -11.94
N ARG D 22 -10.13 21.39 -11.02
CA ARG D 22 -9.91 22.60 -10.21
C ARG D 22 -9.56 23.79 -11.12
N ALA D 23 -8.79 23.54 -12.18
CA ALA D 23 -8.39 24.59 -13.11
C ALA D 23 -9.63 25.14 -13.81
N GLN D 24 -10.50 24.24 -14.24
CA GLN D 24 -11.72 24.61 -14.91
C GLN D 24 -12.67 25.35 -14.00
N ALA D 25 -12.80 24.88 -12.77
CA ALA D 25 -13.69 25.53 -11.80
C ALA D 25 -13.24 26.96 -11.55
N GLU D 26 -11.93 27.20 -11.60
CA GLU D 26 -11.39 28.54 -11.36
C GLU D 26 -11.65 29.43 -12.57
N LYS D 27 -11.43 28.88 -13.76
CA LYS D 27 -11.63 29.59 -14.99
C LYS D 27 -13.07 30.10 -15.12
N TYR D 28 -14.05 29.29 -14.72
CA TYR D 28 -15.48 29.69 -14.80
C TYR D 28 -16.13 30.10 -13.49
N GLU D 29 -15.33 30.35 -12.46
CA GLU D 29 -15.81 30.78 -11.15
C GLU D 29 -16.89 29.89 -10.51
N VAL D 30 -16.76 28.58 -10.66
CA VAL D 30 -17.70 27.63 -10.08
C VAL D 30 -17.27 27.48 -8.62
N PRO D 31 -18.19 27.73 -7.67
CA PRO D 31 -17.91 27.64 -6.23
C PRO D 31 -17.93 26.21 -5.68
N VAL D 32 -16.88 25.46 -6.01
CA VAL D 32 -16.75 24.08 -5.57
C VAL D 32 -15.38 23.76 -5.01
N ILE D 33 -15.35 22.75 -4.14
CA ILE D 33 -14.13 22.22 -3.55
C ILE D 33 -14.09 20.77 -4.09
N ILE D 34 -12.98 20.40 -4.71
CA ILE D 34 -12.79 19.07 -5.32
C ILE D 34 -11.61 18.31 -4.66
N GLU D 35 -11.86 17.09 -4.18
CA GLU D 35 -10.83 16.27 -3.52
C GLU D 35 -10.93 14.82 -4.00
N ALA D 36 -9.78 14.14 -4.09
CA ALA D 36 -9.71 12.73 -4.50
C ALA D 36 -9.34 11.92 -3.25
N PHE D 37 -9.93 10.74 -3.09
CA PHE D 37 -9.64 9.87 -1.95
C PHE D 37 -9.66 8.44 -2.43
N PRO D 38 -9.08 7.53 -1.64
CA PRO D 38 -9.07 6.11 -2.02
C PRO D 38 -10.49 5.61 -1.70
N GLU D 39 -10.91 4.54 -2.35
CA GLU D 39 -12.24 3.96 -2.13
C GLU D 39 -12.51 3.54 -0.69
N THR D 40 -11.46 3.29 0.09
CA THR D 40 -11.63 2.88 1.48
C THR D 40 -12.26 3.95 2.37
N LEU D 41 -12.19 5.21 1.94
CA LEU D 41 -12.77 6.32 2.70
C LEU D 41 -14.15 6.77 2.20
N ALA D 42 -14.74 6.07 1.21
CA ALA D 42 -16.05 6.45 0.63
C ALA D 42 -17.14 6.64 1.68
N GLY D 43 -17.12 5.80 2.71
CA GLY D 43 -18.13 5.91 3.75
C GLY D 43 -17.81 6.98 4.77
N GLU D 44 -16.53 7.16 5.08
CA GLU D 44 -16.15 8.15 6.07
C GLU D 44 -16.16 9.59 5.49
N LYS D 45 -15.52 9.77 4.34
CA LYS D 45 -15.46 11.08 3.70
C LYS D 45 -16.73 11.45 2.92
N GLY D 46 -17.38 10.46 2.32
CA GLY D 46 -18.60 10.70 1.55
C GLY D 46 -19.69 11.43 2.29
N GLN D 47 -19.77 11.23 3.60
CA GLN D 47 -20.79 11.89 4.43
C GLN D 47 -20.74 13.42 4.34
N ASN D 48 -19.59 13.97 3.95
CA ASN D 48 -19.43 15.41 3.87
C ASN D 48 -19.45 15.95 2.45
N ALA D 49 -19.66 15.08 1.48
CA ALA D 49 -19.67 15.54 0.10
C ALA D 49 -21.06 15.97 -0.30
N ASP D 50 -21.11 16.82 -1.31
CA ASP D 50 -22.38 17.25 -1.83
C ASP D 50 -22.73 16.32 -2.99
N VAL D 51 -21.69 15.73 -3.60
CA VAL D 51 -21.88 14.75 -4.67
C VAL D 51 -20.68 13.78 -4.61
N VAL D 52 -20.98 12.49 -4.70
CA VAL D 52 -19.97 11.44 -4.66
C VAL D 52 -19.78 10.85 -6.06
N LEU D 53 -18.55 10.92 -6.57
CA LEU D 53 -18.24 10.38 -7.88
C LEU D 53 -17.30 9.18 -7.73
N LEU D 54 -17.60 8.08 -8.42
CA LEU D 54 -16.75 6.88 -8.36
C LEU D 54 -15.96 6.73 -9.63
N GLY D 55 -14.69 6.35 -9.51
CA GLY D 55 -13.84 6.18 -10.68
C GLY D 55 -14.39 5.02 -11.49
N PRO D 56 -14.13 4.94 -12.76
CA PRO D 56 -14.66 3.84 -13.62
C PRO D 56 -14.24 2.42 -13.18
N GLN D 57 -13.07 2.31 -12.54
CA GLN D 57 -12.57 1.02 -12.08
C GLN D 57 -13.39 0.49 -10.90
N ILE D 58 -14.04 1.38 -10.15
CA ILE D 58 -14.82 0.94 -9.01
C ILE D 58 -16.34 1.02 -9.23
N ALA D 59 -16.75 0.99 -10.49
CA ALA D 59 -18.17 1.04 -10.83
C ALA D 59 -18.94 -0.11 -10.19
N TYR D 60 -18.34 -1.30 -10.13
CA TYR D 60 -19.04 -2.44 -9.55
C TYR D 60 -19.46 -2.21 -8.09
N MET D 61 -18.84 -1.23 -7.44
CA MET D 61 -19.15 -0.89 -6.05
C MET D 61 -20.33 0.08 -5.87
N LEU D 62 -20.89 0.58 -6.97
CA LEU D 62 -21.99 1.54 -6.90
C LEU D 62 -23.13 1.19 -5.93
N PRO D 63 -23.73 -0.02 -6.05
CA PRO D 63 -24.82 -0.37 -5.12
C PRO D 63 -24.43 -0.30 -3.65
N GLU D 64 -23.22 -0.72 -3.30
CA GLU D 64 -22.77 -0.68 -1.91
C GLU D 64 -22.60 0.74 -1.42
N ILE D 65 -22.02 1.59 -2.25
CA ILE D 65 -21.83 2.99 -1.85
C ILE D 65 -23.16 3.74 -1.71
N GLN D 66 -24.12 3.42 -2.59
CA GLN D 66 -25.46 4.00 -2.52
C GLN D 66 -26.13 3.64 -1.18
N ARG D 67 -26.00 2.39 -0.73
CA ARG D 67 -26.60 1.98 0.55
C ARG D 67 -25.89 2.63 1.74
N LEU D 68 -24.60 2.88 1.59
CA LEU D 68 -23.77 3.49 2.64
C LEU D 68 -24.11 4.97 2.82
N LEU D 69 -24.39 5.65 1.70
CA LEU D 69 -24.73 7.09 1.68
C LEU D 69 -26.11 7.27 1.01
N PRO D 70 -27.20 6.87 1.69
CA PRO D 70 -28.55 6.99 1.13
C PRO D 70 -29.03 8.44 0.93
N ASN D 71 -28.35 9.38 1.56
CA ASN D 71 -28.75 10.79 1.44
C ASN D 71 -27.82 11.63 0.57
N LYS D 72 -27.08 10.99 -0.33
CA LYS D 72 -26.14 11.69 -1.21
C LYS D 72 -26.26 11.20 -2.63
N PRO D 73 -26.13 12.10 -3.63
CA PRO D 73 -26.21 11.62 -5.02
C PRO D 73 -24.85 10.97 -5.27
N VAL D 74 -24.87 9.73 -5.75
CA VAL D 74 -23.64 8.96 -6.02
C VAL D 74 -23.64 8.48 -7.46
N GLU D 75 -22.58 8.72 -8.19
CA GLU D 75 -22.53 8.22 -9.55
C GLU D 75 -21.13 7.95 -10.07
N VAL D 76 -21.06 7.12 -11.10
CA VAL D 76 -19.80 6.72 -11.71
C VAL D 76 -19.40 7.72 -12.78
N ILE D 77 -18.11 8.03 -12.84
CA ILE D 77 -17.58 8.96 -13.83
C ILE D 77 -17.54 8.27 -15.17
N ASP D 78 -17.96 8.97 -16.21
CA ASP D 78 -17.94 8.40 -17.55
C ASP D 78 -16.51 7.95 -17.89
N SER D 79 -16.33 6.69 -18.28
CA SER D 79 -14.99 6.17 -18.58
C SER D 79 -14.18 6.90 -19.65
N LEU D 80 -14.87 7.44 -20.65
CA LEU D 80 -14.19 8.17 -21.73
C LEU D 80 -13.73 9.53 -21.23
N LEU D 81 -14.58 10.18 -20.45
CA LEU D 81 -14.26 11.49 -19.90
C LEU D 81 -13.10 11.33 -18.94
N TYR D 82 -13.10 10.21 -18.22
CA TYR D 82 -12.04 9.90 -17.25
C TYR D 82 -10.71 9.58 -17.95
N GLY D 83 -10.75 8.68 -18.92
CA GLY D 83 -9.54 8.32 -19.64
C GLY D 83 -8.87 9.50 -20.31
N LYS D 84 -9.68 10.37 -20.87
CA LYS D 84 -9.22 11.56 -21.59
C LYS D 84 -8.79 12.70 -20.65
N VAL D 85 -9.07 12.52 -19.35
CA VAL D 85 -8.77 13.52 -18.31
C VAL D 85 -9.47 14.86 -18.61
N ASP D 86 -10.76 14.77 -18.94
CA ASP D 86 -11.57 15.95 -19.28
C ASP D 86 -12.09 16.63 -18.03
N GLY D 87 -11.29 17.56 -17.51
CA GLY D 87 -11.64 18.31 -16.31
C GLY D 87 -12.94 19.07 -16.45
N LEU D 88 -13.16 19.73 -17.60
CA LEU D 88 -14.39 20.49 -17.80
C LEU D 88 -15.63 19.58 -17.87
N GLY D 89 -15.50 18.50 -18.64
CA GLY D 89 -16.59 17.56 -18.81
C GLY D 89 -17.07 16.91 -17.53
N VAL D 90 -16.12 16.49 -16.69
CA VAL D 90 -16.48 15.84 -15.42
C VAL D 90 -17.04 16.88 -14.45
N LEU D 91 -16.47 18.08 -14.49
CA LEU D 91 -16.97 19.15 -13.63
C LEU D 91 -18.46 19.39 -14.00
N LYS D 92 -18.76 19.42 -15.30
CA LYS D 92 -20.15 19.61 -15.75
C LYS D 92 -21.09 18.52 -15.24
N ALA D 93 -20.64 17.27 -15.30
CA ALA D 93 -21.47 16.14 -14.85
C ALA D 93 -21.76 16.21 -13.35
N ALA D 94 -20.78 16.72 -12.60
CA ALA D 94 -20.90 16.82 -11.15
C ALA D 94 -21.90 17.90 -10.75
N VAL D 95 -21.80 19.06 -11.40
CA VAL D 95 -22.72 20.17 -11.13
C VAL D 95 -24.13 19.69 -11.49
N ALA D 96 -24.25 18.98 -12.61
CA ALA D 96 -25.54 18.45 -13.04
C ALA D 96 -26.13 17.51 -11.99
N ALA D 97 -25.33 16.57 -11.49
CA ALA D 97 -25.85 15.64 -10.49
C ALA D 97 -26.36 16.40 -9.26
N ILE D 98 -25.70 17.51 -8.93
CA ILE D 98 -26.12 18.32 -7.78
C ILE D 98 -27.46 19.01 -8.03
N LYS D 99 -27.63 19.58 -9.24
CA LYS D 99 -28.87 20.26 -9.62
C LYS D 99 -30.01 19.26 -9.71
N LYS D 100 -29.80 18.19 -10.45
CA LYS D 100 -30.83 17.18 -10.59
C LYS D 100 -31.20 16.60 -9.22
N ALA D 101 -30.34 16.79 -8.23
CA ALA D 101 -30.58 16.28 -6.88
C ALA D 101 -31.37 17.24 -6.00
N ALA D 102 -31.14 18.54 -6.18
CA ALA D 102 -31.83 19.57 -5.43
C ALA D 102 -33.22 19.88 -6.02
N ALA D 103 -33.60 19.13 -7.06
CA ALA D 103 -34.88 19.29 -7.72
C ALA D 103 -35.05 18.26 -8.85
P PO3 E . -4.72 5.37 -7.09
O1 PO3 E . -5.20 3.95 -6.84
O2 PO3 E . -4.73 5.93 -8.50
O3 PO3 E . -4.05 6.15 -5.98
N ALA A 1 0.74 7.29 -18.60
CA ALA A 1 0.24 7.59 -19.96
C ALA A 1 -1.09 6.86 -20.17
N GLU A 2 -1.77 7.18 -21.26
CA GLU A 2 -3.08 6.58 -21.60
C GLU A 2 -3.28 5.20 -20.95
N GLU A 3 -2.80 4.17 -21.63
CA GLU A 3 -2.95 2.80 -21.13
C GLU A 3 -2.16 2.60 -19.84
N LEU A 4 -0.84 2.78 -19.91
CA LEU A 4 0.01 2.60 -18.74
C LEU A 4 -0.63 3.20 -17.48
N GLU A 5 -1.21 4.38 -17.61
CA GLU A 5 -1.84 5.05 -16.47
C GLU A 5 -3.12 4.34 -16.08
N GLU A 6 -3.94 4.01 -17.07
CA GLU A 6 -5.19 3.30 -16.82
C GLU A 6 -4.88 1.88 -16.34
N VAL A 7 -3.80 1.31 -16.88
CA VAL A 7 -3.37 -0.03 -16.50
C VAL A 7 -2.93 -0.05 -15.03
N VAL A 8 -2.20 0.99 -14.63
CA VAL A 8 -1.73 1.10 -13.25
C VAL A 8 -2.95 1.16 -12.33
N MET A 9 -3.95 1.96 -12.70
CA MET A 9 -5.17 2.06 -11.90
C MET A 9 -5.77 0.67 -11.73
N GLY A 10 -5.81 -0.09 -12.82
CA GLY A 10 -6.34 -1.45 -12.77
C GLY A 10 -5.49 -2.31 -11.83
N LEU A 11 -4.17 -2.17 -11.95
CA LEU A 11 -3.26 -2.93 -11.10
C LEU A 11 -3.45 -2.56 -9.64
N ILE A 12 -3.57 -1.27 -9.37
CA ILE A 12 -3.76 -0.80 -8.00
C ILE A 12 -5.06 -1.36 -7.46
N ILE A 13 -6.11 -1.29 -8.26
CA ILE A 13 -7.40 -1.82 -7.85
C ILE A 13 -7.30 -3.33 -7.65
N ASN A 14 -6.65 -4.01 -8.60
CA ASN A 14 -6.47 -5.45 -8.53
C ASN A 14 -5.71 -5.82 -7.26
N SER A 15 -4.61 -5.11 -7.03
CA SER A 15 -3.81 -5.35 -5.83
C SER A 15 -4.65 -5.14 -4.57
N GLY A 16 -5.44 -4.06 -4.60
CA GLY A 16 -6.32 -3.75 -3.47
C GLY A 16 -7.35 -4.86 -3.26
N GLN A 17 -7.95 -5.32 -4.36
CA GLN A 17 -8.94 -6.40 -4.27
C GLN A 17 -8.27 -7.65 -3.72
N ALA A 18 -7.05 -7.92 -4.18
CA ALA A 18 -6.31 -9.09 -3.72
C ALA A 18 -6.15 -9.04 -2.21
N ARG A 19 -5.70 -7.91 -1.69
CA ARG A 19 -5.55 -7.77 -0.25
C ARG A 19 -6.90 -7.95 0.43
N SER A 20 -7.91 -7.28 -0.11
CA SER A 20 -9.25 -7.36 0.44
C SER A 20 -9.68 -8.83 0.57
N LEU A 21 -9.47 -9.59 -0.49
CA LEU A 21 -9.81 -11.01 -0.48
C LEU A 21 -8.97 -11.74 0.58
N ALA A 22 -7.69 -11.40 0.63
CA ALA A 22 -6.79 -12.03 1.60
C ALA A 22 -7.30 -11.80 3.03
N TYR A 23 -7.59 -10.55 3.38
CA TYR A 23 -8.10 -10.25 4.72
C TYR A 23 -9.41 -11.00 4.93
N ALA A 24 -10.25 -11.03 3.90
CA ALA A 24 -11.51 -11.73 3.99
C ALA A 24 -11.24 -13.22 4.25
N ALA A 25 -10.23 -13.75 3.56
CA ALA A 25 -9.84 -15.14 3.75
C ALA A 25 -9.48 -15.38 5.21
N LEU A 26 -8.72 -14.46 5.78
CA LEU A 26 -8.32 -14.57 7.18
C LEU A 26 -9.56 -14.55 8.07
N LYS A 27 -10.48 -13.64 7.77
CA LYS A 27 -11.71 -13.53 8.54
C LYS A 27 -12.45 -14.87 8.56
N GLN A 28 -12.48 -15.54 7.41
CA GLN A 28 -13.15 -16.84 7.31
C GLN A 28 -12.48 -17.81 8.28
N ALA A 29 -11.15 -17.75 8.35
CA ALA A 29 -10.39 -18.62 9.24
C ALA A 29 -10.80 -18.38 10.69
N LYS A 30 -10.95 -17.12 11.05
CA LYS A 30 -11.36 -16.77 12.41
C LYS A 30 -12.72 -17.37 12.73
N GLN A 31 -13.58 -17.50 11.72
CA GLN A 31 -14.89 -18.08 11.93
C GLN A 31 -14.80 -19.60 11.96
N GLY A 32 -13.60 -20.12 11.77
CA GLY A 32 -13.37 -21.56 11.81
C GLY A 32 -13.71 -22.21 10.47
N ASP A 33 -13.83 -21.40 9.43
CA ASP A 33 -14.15 -21.90 8.09
C ASP A 33 -12.88 -22.06 7.26
N PHE A 34 -12.18 -23.18 7.47
CA PHE A 34 -10.93 -23.42 6.73
C PHE A 34 -11.18 -23.60 5.24
N ALA A 35 -12.31 -24.21 4.89
CA ALA A 35 -12.63 -24.46 3.49
C ALA A 35 -12.77 -23.14 2.72
N ALA A 36 -13.56 -22.23 3.26
CA ALA A 36 -13.76 -20.95 2.60
C ALA A 36 -12.46 -20.14 2.60
N ALA A 37 -11.70 -20.23 3.68
CA ALA A 37 -10.43 -19.52 3.75
C ALA A 37 -9.52 -19.99 2.60
N LYS A 38 -9.36 -21.30 2.49
CA LYS A 38 -8.53 -21.90 1.45
C LYS A 38 -8.96 -21.42 0.06
N ALA A 39 -10.26 -21.45 -0.21
CA ALA A 39 -10.77 -21.03 -1.51
C ALA A 39 -10.47 -19.57 -1.79
N MET A 40 -10.61 -18.74 -0.76
CA MET A 40 -10.36 -17.30 -0.90
C MET A 40 -8.88 -17.03 -1.18
N MET A 41 -7.98 -17.76 -0.50
CA MET A 41 -6.55 -17.56 -0.72
C MET A 41 -6.19 -17.92 -2.15
N ASP A 42 -6.77 -19.01 -2.65
CA ASP A 42 -6.47 -19.48 -3.99
C ASP A 42 -6.83 -18.42 -5.02
N GLN A 43 -8.03 -17.87 -4.88
CA GLN A 43 -8.48 -16.82 -5.80
C GLN A 43 -7.61 -15.59 -5.67
N SER A 44 -7.25 -15.24 -4.44
CA SER A 44 -6.40 -14.08 -4.20
C SER A 44 -5.06 -14.28 -4.91
N ARG A 45 -4.49 -15.47 -4.78
CA ARG A 45 -3.22 -15.82 -5.43
C ARG A 45 -3.32 -15.66 -6.95
N MET A 46 -4.40 -16.18 -7.51
CA MET A 46 -4.63 -16.11 -8.95
C MET A 46 -4.72 -14.65 -9.40
N ALA A 47 -5.41 -13.83 -8.62
CA ALA A 47 -5.56 -12.41 -8.94
C ALA A 47 -4.19 -11.74 -9.00
N LEU A 48 -3.35 -12.05 -8.02
CA LEU A 48 -2.00 -11.49 -7.95
C LEU A 48 -1.15 -11.98 -9.12
N ASN A 49 -1.29 -13.26 -9.41
CA ASN A 49 -0.51 -13.87 -10.48
C ASN A 49 -0.77 -13.15 -11.80
N GLU A 50 -2.04 -12.89 -12.07
CA GLU A 50 -2.41 -12.17 -13.29
C GLU A 50 -1.86 -10.75 -13.23
N ALA A 51 -1.97 -10.13 -12.05
CA ALA A 51 -1.47 -8.77 -11.87
C ALA A 51 0.06 -8.75 -12.05
N HIS A 52 0.73 -9.71 -11.44
CA HIS A 52 2.19 -9.81 -11.54
C HIS A 52 2.61 -10.01 -13.00
N LEU A 53 1.86 -10.83 -13.72
CA LEU A 53 2.16 -11.11 -15.12
C LEU A 53 2.11 -9.82 -15.93
N VAL A 54 1.08 -9.02 -15.68
CA VAL A 54 0.94 -7.75 -16.38
C VAL A 54 2.11 -6.84 -16.04
N GLN A 55 2.46 -6.79 -14.76
CA GLN A 55 3.59 -5.96 -14.34
C GLN A 55 4.88 -6.45 -15.01
N THR A 56 5.08 -7.76 -15.08
CA THR A 56 6.28 -8.32 -15.72
C THR A 56 6.46 -7.71 -17.11
N LYS A 57 5.37 -7.66 -17.88
CA LYS A 57 5.43 -7.06 -19.22
C LYS A 57 5.76 -5.59 -19.10
N LEU A 58 5.18 -4.94 -18.10
CA LEU A 58 5.43 -3.52 -17.90
C LEU A 58 6.87 -3.24 -17.48
N ILE A 59 7.58 -4.25 -16.98
CA ILE A 59 8.99 -4.06 -16.60
C ILE A 59 9.93 -4.47 -17.76
N GLU A 60 9.55 -5.49 -18.53
CA GLU A 60 10.37 -5.95 -19.66
C GLU A 60 10.46 -4.88 -20.74
N GLY A 61 9.34 -4.20 -21.01
CA GLY A 61 9.31 -3.17 -22.03
C GLY A 61 9.20 -1.78 -21.42
N ASP A 62 9.80 -1.60 -20.24
CA ASP A 62 9.75 -0.32 -19.54
C ASP A 62 10.49 0.78 -20.32
N ALA A 63 11.17 0.39 -21.40
CA ALA A 63 11.90 1.36 -22.21
C ALA A 63 10.97 2.06 -23.19
N GLY A 64 11.49 3.07 -23.89
CA GLY A 64 10.68 3.81 -24.86
C GLY A 64 10.81 5.32 -24.66
N GLU A 65 10.45 5.80 -23.47
CA GLU A 65 10.53 7.23 -23.19
C GLU A 65 11.97 7.72 -23.18
N GLY A 66 12.86 6.90 -22.64
CA GLY A 66 14.28 7.27 -22.58
C GLY A 66 15.15 6.04 -22.36
N LYS A 67 16.47 6.25 -22.44
CA LYS A 67 17.41 5.15 -22.27
C LYS A 67 17.39 4.63 -20.82
N MET A 68 18.11 5.32 -19.94
CA MET A 68 18.20 4.93 -18.54
C MET A 68 16.88 5.05 -17.79
N LYS A 69 16.13 6.12 -18.08
CA LYS A 69 14.87 6.35 -17.37
C LYS A 69 13.76 5.39 -17.80
N VAL A 70 12.84 5.14 -16.87
CA VAL A 70 11.71 4.23 -17.10
C VAL A 70 10.41 4.88 -16.65
N SER A 71 9.28 4.23 -16.95
CA SER A 71 7.98 4.77 -16.55
C SER A 71 7.94 4.91 -15.03
N LEU A 72 7.54 6.10 -14.57
CA LEU A 72 7.48 6.40 -13.14
C LEU A 72 6.43 5.55 -12.41
N VAL A 73 5.30 5.39 -13.07
CA VAL A 73 4.18 4.62 -12.52
C VAL A 73 4.55 3.16 -12.22
N LEU A 74 5.61 2.68 -12.86
CA LEU A 74 6.04 1.30 -12.65
C LEU A 74 6.18 0.99 -11.17
N VAL A 75 6.60 2.01 -10.43
CA VAL A 75 6.81 1.85 -8.99
C VAL A 75 5.45 1.76 -8.29
N HIS A 76 4.23 2.79 -8.68
CA HIS A 76 2.87 2.79 -8.10
C HIS A 76 2.28 1.38 -8.19
N ALA A 77 2.63 0.66 -9.25
CA ALA A 77 2.16 -0.70 -9.45
C ALA A 77 3.01 -1.68 -8.66
N GLN A 78 4.34 -1.51 -8.72
CA GLN A 78 5.24 -2.43 -8.01
C GLN A 78 5.01 -2.32 -6.51
N LEU A 79 4.96 -1.09 -6.01
CA LEU A 79 4.72 -0.86 -4.59
C LEU A 79 3.44 -1.54 -4.13
N HIS A 80 2.35 -1.32 -4.85
CA HIS A 80 1.08 -1.91 -4.47
C HIS A 80 1.12 -3.44 -4.62
N LEU A 81 1.65 -3.90 -5.74
CA LEU A 81 1.74 -5.34 -5.99
C LEU A 81 2.64 -6.04 -4.98
N MET A 82 3.80 -5.45 -4.70
CA MET A 82 4.74 -6.05 -3.75
C MET A 82 4.11 -6.14 -2.37
N THR A 83 3.46 -5.05 -1.96
CA THR A 83 2.81 -5.00 -0.65
C THR A 83 1.69 -6.04 -0.56
N SER A 84 0.84 -6.07 -1.58
CA SER A 84 -0.29 -7.01 -1.61
C SER A 84 0.20 -8.46 -1.60
N MET A 85 1.16 -8.78 -2.45
CA MET A 85 1.69 -10.14 -2.51
C MET A 85 2.26 -10.57 -1.18
N LEU A 86 3.07 -9.70 -0.59
CA LEU A 86 3.68 -10.00 0.70
C LEU A 86 2.61 -10.19 1.78
N ALA A 87 1.64 -9.28 1.79
CA ALA A 87 0.56 -9.36 2.76
C ALA A 87 -0.15 -10.70 2.67
N ARG A 88 -0.49 -11.10 1.47
CA ARG A 88 -1.18 -12.37 1.27
C ARG A 88 -0.35 -13.55 1.78
N GLU A 89 0.93 -13.57 1.45
CA GLU A 89 1.77 -14.67 1.88
C GLU A 89 1.79 -14.78 3.39
N LEU A 90 1.95 -13.65 4.06
CA LEU A 90 1.96 -13.64 5.51
C LEU A 90 0.58 -14.03 6.05
N ILE A 91 -0.46 -13.51 5.42
CA ILE A 91 -1.82 -13.85 5.84
C ILE A 91 -2.03 -15.35 5.69
N THR A 92 -1.50 -15.92 4.61
CA THR A 92 -1.60 -17.37 4.40
C THR A 92 -0.98 -18.10 5.59
N GLU A 93 0.20 -17.64 6.01
CA GLU A 93 0.88 -18.23 7.16
C GLU A 93 0.02 -18.08 8.40
N LEU A 94 -0.57 -16.89 8.56
CA LEU A 94 -1.43 -16.62 9.72
C LEU A 94 -2.62 -17.59 9.71
N ILE A 95 -3.20 -17.80 8.55
CA ILE A 95 -4.34 -18.73 8.44
C ILE A 95 -3.90 -20.14 8.83
N GLU A 96 -2.72 -20.56 8.36
CA GLU A 96 -2.22 -21.88 8.71
C GLU A 96 -2.08 -22.00 10.22
N LEU A 97 -1.64 -20.91 10.87
CA LEU A 97 -1.51 -20.92 12.32
C LEU A 97 -2.88 -21.12 12.98
N HIS A 98 -3.89 -20.46 12.44
CA HIS A 98 -5.25 -20.62 12.98
C HIS A 98 -5.63 -22.08 12.92
N GLU A 99 -5.25 -22.75 11.84
CA GLU A 99 -5.55 -24.17 11.68
C GLU A 99 -4.81 -24.98 12.74
N LYS A 100 -3.56 -24.62 13.01
CA LYS A 100 -2.79 -25.32 14.02
C LYS A 100 -3.39 -25.06 15.41
N LEU A 101 -3.92 -23.84 15.61
CA LEU A 101 -4.56 -23.49 16.88
C LEU A 101 -5.80 -24.37 17.09
N LYS A 102 -6.02 -25.30 16.15
CA LYS A 102 -7.18 -26.20 16.21
C LYS A 102 -8.43 -25.52 15.71
N ALA A 103 -8.82 -24.42 16.39
CA ALA A 103 -10.03 -23.67 16.04
C ALA A 103 -10.30 -23.65 14.53
N ALA B 1 22.66 3.11 -13.51
CA ALA B 1 23.97 3.34 -14.19
C ALA B 1 24.86 2.13 -13.94
N GLU B 2 26.00 2.08 -14.64
CA GLU B 2 26.95 0.97 -14.53
C GLU B 2 26.86 0.24 -13.18
N GLU B 3 27.57 0.74 -12.19
CA GLU B 3 27.58 0.13 -10.87
C GLU B 3 26.22 0.21 -10.20
N LEU B 4 25.72 1.44 -10.02
CA LEU B 4 24.42 1.61 -9.38
C LEU B 4 23.38 0.61 -9.91
N GLU B 5 23.37 0.41 -11.22
CA GLU B 5 22.42 -0.52 -11.83
C GLU B 5 22.76 -1.95 -11.47
N GLU B 6 24.03 -2.30 -11.57
CA GLU B 6 24.50 -3.63 -11.23
C GLU B 6 24.38 -3.85 -9.73
N VAL B 7 24.60 -2.79 -8.97
CA VAL B 7 24.51 -2.85 -7.52
C VAL B 7 23.05 -3.11 -7.10
N VAL B 8 22.12 -2.44 -7.77
CA VAL B 8 20.69 -2.63 -7.49
C VAL B 8 20.33 -4.08 -7.74
N MET B 9 20.80 -4.63 -8.86
CA MET B 9 20.52 -6.03 -9.18
C MET B 9 21.01 -6.91 -8.03
N GLY B 10 22.21 -6.62 -7.53
CA GLY B 10 22.75 -7.37 -6.41
C GLY B 10 21.86 -7.21 -5.19
N LEU B 11 21.44 -5.98 -4.93
CA LEU B 11 20.56 -5.70 -3.79
C LEU B 11 19.24 -6.44 -3.93
N ILE B 12 18.67 -6.41 -5.13
CA ILE B 12 17.40 -7.09 -5.38
C ILE B 12 17.57 -8.58 -5.14
N ILE B 13 18.66 -9.12 -5.68
CA ILE B 13 18.94 -10.54 -5.50
C ILE B 13 19.17 -10.83 -4.02
N ASN B 14 19.95 -9.98 -3.36
CA ASN B 14 20.24 -10.16 -1.94
C ASN B 14 18.94 -10.10 -1.13
N SER B 15 18.11 -9.11 -1.42
CA SER B 15 16.83 -8.99 -0.74
C SER B 15 15.98 -10.23 -0.97
N GLY B 16 15.99 -10.71 -2.22
CA GLY B 16 15.23 -11.91 -2.57
C GLY B 16 15.76 -13.12 -1.81
N GLN B 17 17.08 -13.25 -1.75
CA GLN B 17 17.68 -14.37 -1.03
C GLN B 17 17.31 -14.28 0.45
N ALA B 18 17.35 -13.06 0.98
CA ALA B 18 17.00 -12.84 2.37
C ALA B 18 15.60 -13.36 2.66
N ARG B 19 14.64 -12.97 1.84
CA ARG B 19 13.27 -13.44 2.02
C ARG B 19 13.24 -14.96 1.90
N SER B 20 13.90 -15.47 0.86
CA SER B 20 13.94 -16.91 0.64
C SER B 20 14.41 -17.63 1.89
N LEU B 21 15.50 -17.13 2.48
CA LEU B 21 16.04 -17.73 3.71
C LEU B 21 15.01 -17.60 4.83
N ALA B 22 14.37 -16.44 4.93
CA ALA B 22 13.37 -16.20 5.97
C ALA B 22 12.24 -17.23 5.85
N TYR B 23 11.67 -17.38 4.65
CA TYR B 23 10.60 -18.36 4.46
C TYR B 23 11.12 -19.75 4.79
N ALA B 24 12.36 -20.04 4.38
CA ALA B 24 12.95 -21.33 4.67
C ALA B 24 13.06 -21.49 6.19
N ALA B 25 13.43 -20.41 6.87
CA ALA B 25 13.53 -20.43 8.33
C ALA B 25 12.18 -20.80 8.92
N LEU B 26 11.12 -20.21 8.39
CA LEU B 26 9.78 -20.50 8.86
C LEU B 26 9.45 -21.97 8.62
N LYS B 27 9.80 -22.46 7.44
CA LYS B 27 9.55 -23.86 7.11
C LYS B 27 10.21 -24.78 8.14
N GLN B 28 11.43 -24.43 8.54
CA GLN B 28 12.13 -25.23 9.56
C GLN B 28 11.31 -25.26 10.84
N ALA B 29 10.74 -24.11 11.19
CA ALA B 29 9.91 -24.02 12.40
C ALA B 29 8.73 -24.97 12.31
N LYS B 30 8.09 -25.01 11.14
CA LYS B 30 6.95 -25.90 10.94
C LYS B 30 7.36 -27.35 11.16
N GLN B 31 8.62 -27.67 10.83
CA GLN B 31 9.10 -29.04 11.01
C GLN B 31 9.46 -29.28 12.48
N GLY B 32 9.32 -28.24 13.29
CA GLY B 32 9.63 -28.35 14.72
C GLY B 32 11.13 -28.18 14.99
N ASP B 33 11.86 -27.66 14.00
CA ASP B 33 13.29 -27.46 14.14
C ASP B 33 13.60 -26.02 14.53
N PHE B 34 13.47 -25.71 15.81
CA PHE B 34 13.73 -24.34 16.29
C PHE B 34 15.18 -23.94 16.10
N ALA B 35 16.09 -24.90 16.27
CA ALA B 35 17.52 -24.60 16.15
C ALA B 35 17.86 -24.12 14.74
N ALA B 36 17.43 -24.87 13.74
CA ALA B 36 17.71 -24.50 12.36
C ALA B 36 16.98 -23.20 12.01
N ALA B 37 15.77 -23.03 12.51
CA ALA B 37 15.03 -21.80 12.24
C ALA B 37 15.82 -20.61 12.74
N LYS B 38 16.23 -20.68 14.02
CA LYS B 38 17.01 -19.60 14.63
C LYS B 38 18.27 -19.27 13.81
N ALA B 39 18.99 -20.29 13.40
CA ALA B 39 20.21 -20.10 12.61
C ALA B 39 19.91 -19.41 11.28
N MET B 40 18.83 -19.82 10.64
CA MET B 40 18.44 -19.26 9.36
C MET B 40 18.05 -17.78 9.51
N MET B 41 17.32 -17.45 10.57
CA MET B 41 16.92 -16.06 10.78
C MET B 41 18.15 -15.17 10.97
N ASP B 42 19.12 -15.68 11.73
CA ASP B 42 20.33 -14.93 12.01
C ASP B 42 21.06 -14.57 10.73
N GLN B 43 21.21 -15.58 9.86
CA GLN B 43 21.88 -15.36 8.59
C GLN B 43 21.08 -14.40 7.72
N SER B 44 19.76 -14.54 7.73
CA SER B 44 18.91 -13.65 6.95
C SER B 44 19.13 -12.20 7.41
N ARG B 45 19.14 -12.00 8.73
CA ARG B 45 19.35 -10.68 9.30
C ARG B 45 20.69 -10.09 8.83
N MET B 46 21.74 -10.90 8.89
CA MET B 46 23.07 -10.45 8.49
C MET B 46 23.05 -10.04 7.02
N ALA B 47 22.37 -10.84 6.20
CA ALA B 47 22.27 -10.53 4.77
C ALA B 47 21.58 -9.19 4.56
N LEU B 48 20.50 -8.97 5.31
CA LEU B 48 19.75 -7.72 5.21
C LEU B 48 20.59 -6.55 5.72
N ASN B 49 21.30 -6.78 6.81
CA ASN B 49 22.13 -5.75 7.40
C ASN B 49 23.18 -5.26 6.40
N GLU B 50 23.83 -6.19 5.73
CA GLU B 50 24.82 -5.83 4.72
C GLU B 50 24.17 -5.10 3.57
N ALA B 51 23.00 -5.58 3.17
CA ALA B 51 22.25 -4.96 2.08
C ALA B 51 21.83 -3.54 2.48
N HIS B 52 21.32 -3.41 3.70
CA HIS B 52 20.88 -2.11 4.21
C HIS B 52 22.06 -1.13 4.27
N LEU B 53 23.22 -1.64 4.69
CA LEU B 53 24.42 -0.80 4.79
C LEU B 53 24.77 -0.23 3.41
N VAL B 54 24.71 -1.09 2.40
CA VAL B 54 25.03 -0.66 1.04
C VAL B 54 24.01 0.40 0.61
N GLN B 55 22.73 0.16 0.90
CA GLN B 55 21.70 1.13 0.53
C GLN B 55 21.96 2.45 1.25
N THR B 56 22.32 2.39 2.54
CA THR B 56 22.60 3.61 3.30
C THR B 56 23.57 4.50 2.53
N LYS B 57 24.65 3.90 2.04
CA LYS B 57 25.62 4.66 1.25
C LYS B 57 24.97 5.20 -0.01
N LEU B 58 24.12 4.39 -0.61
CA LEU B 58 23.44 4.78 -1.84
C LEU B 58 22.45 5.93 -1.59
N ILE B 59 22.02 6.12 -0.32
CA ILE B 59 21.11 7.23 -0.01
C ILE B 59 21.88 8.48 0.45
N GLU B 60 23.00 8.27 1.16
CA GLU B 60 23.81 9.39 1.64
C GLU B 60 24.42 10.17 0.46
N GLY B 61 24.86 9.43 -0.55
CA GLY B 61 25.49 10.05 -1.72
C GLY B 61 24.59 9.96 -2.95
N ASP B 62 23.28 10.02 -2.73
CA ASP B 62 22.32 9.93 -3.82
C ASP B 62 22.41 11.14 -4.77
N ALA B 63 23.21 12.12 -4.40
CA ALA B 63 23.36 13.32 -5.23
C ALA B 63 24.37 13.07 -6.34
N GLY B 64 24.50 14.03 -7.26
CA GLY B 64 25.44 13.90 -8.37
C GLY B 64 24.78 14.23 -9.71
N GLU B 65 23.73 13.48 -10.05
CA GLU B 65 23.03 13.70 -11.32
C GLU B 65 22.34 15.07 -11.33
N GLY B 66 21.76 15.45 -10.20
CA GLY B 66 21.07 16.73 -10.11
C GLY B 66 20.91 17.16 -8.66
N LYS B 67 20.42 18.38 -8.47
CA LYS B 67 20.23 18.92 -7.13
C LYS B 67 19.13 18.16 -6.38
N MET B 68 17.88 18.54 -6.66
CA MET B 68 16.72 17.93 -6.01
C MET B 68 16.52 16.47 -6.40
N LYS B 69 16.75 16.13 -7.66
CA LYS B 69 16.54 14.76 -8.14
C LYS B 69 17.62 13.80 -7.64
N VAL B 70 17.22 12.52 -7.52
CA VAL B 70 18.11 11.47 -7.05
C VAL B 70 18.02 10.24 -7.98
N SER B 71 18.89 9.26 -7.76
CA SER B 71 18.88 8.05 -8.59
C SER B 71 17.52 7.37 -8.49
N LEU B 72 16.93 7.04 -9.64
CA LEU B 72 15.60 6.45 -9.66
C LEU B 72 15.59 5.04 -9.04
N VAL B 73 16.65 4.30 -9.35
CA VAL B 73 16.80 2.93 -8.88
C VAL B 73 16.83 2.84 -7.34
N LEU B 74 17.12 3.96 -6.69
CA LEU B 74 17.18 3.97 -5.23
C LEU B 74 15.91 3.41 -4.62
N VAL B 75 14.79 3.75 -5.25
CA VAL B 75 13.49 3.28 -4.80
C VAL B 75 13.39 1.77 -5.02
N HIS B 76 13.87 1.22 -6.24
CA HIS B 76 13.82 -0.21 -6.53
C HIS B 76 14.50 -0.99 -5.41
N ALA B 77 15.68 -0.53 -5.01
CA ALA B 77 16.41 -1.18 -3.93
C ALA B 77 15.70 -1.00 -2.60
N GLN B 78 15.18 0.20 -2.37
CA GLN B 78 14.48 0.49 -1.12
C GLN B 78 13.21 -0.36 -1.03
N LEU B 79 12.44 -0.39 -2.12
CA LEU B 79 11.22 -1.18 -2.14
C LEU B 79 11.49 -2.65 -1.82
N HIS B 80 12.48 -3.23 -2.48
CA HIS B 80 12.80 -4.62 -2.24
C HIS B 80 13.36 -4.83 -0.84
N LEU B 81 14.27 -3.95 -0.44
CA LEU B 81 14.88 -4.06 0.89
C LEU B 81 13.85 -3.85 2.00
N MET B 82 13.00 -2.85 1.86
CA MET B 82 11.98 -2.57 2.87
C MET B 82 11.02 -3.75 3.01
N THR B 83 10.59 -4.28 1.87
CA THR B 83 9.67 -5.41 1.87
C THR B 83 10.32 -6.64 2.50
N SER B 84 11.55 -6.94 2.10
CA SER B 84 12.26 -8.09 2.64
C SER B 84 12.50 -7.97 4.14
N MET B 85 12.97 -6.81 4.58
CA MET B 85 13.24 -6.60 6.01
C MET B 85 11.96 -6.76 6.83
N LEU B 86 10.89 -6.14 6.36
CA LEU B 86 9.61 -6.21 7.06
C LEU B 86 9.11 -7.65 7.12
N ALA B 87 9.17 -8.33 5.98
CA ALA B 87 8.72 -9.71 5.90
C ALA B 87 9.49 -10.58 6.88
N ARG B 88 10.79 -10.44 6.86
CA ARG B 88 11.65 -11.22 7.75
C ARG B 88 11.28 -10.97 9.21
N GLU B 89 11.08 -9.70 9.59
CA GLU B 89 10.75 -9.38 10.97
C GLU B 89 9.43 -10.05 11.37
N LEU B 90 8.44 -9.96 10.50
CA LEU B 90 7.14 -10.56 10.78
C LEU B 90 7.28 -12.08 10.84
N ILE B 91 8.06 -12.63 9.92
CA ILE B 91 8.30 -14.07 9.91
C ILE B 91 8.95 -14.49 11.23
N THR B 92 9.86 -13.66 11.73
CA THR B 92 10.50 -13.96 13.02
C THR B 92 9.43 -14.07 14.09
N GLU B 93 8.49 -13.13 14.09
CA GLU B 93 7.40 -13.15 15.06
C GLU B 93 6.58 -14.43 14.88
N LEU B 94 6.30 -14.77 13.62
CA LEU B 94 5.54 -15.99 13.33
C LEU B 94 6.27 -17.21 13.87
N ILE B 95 7.59 -17.26 13.68
CA ILE B 95 8.36 -18.38 14.19
C ILE B 95 8.28 -18.46 15.71
N GLU B 96 8.36 -17.30 16.37
CA GLU B 96 8.25 -17.27 17.83
C GLU B 96 6.90 -17.85 18.25
N LEU B 97 5.86 -17.54 17.49
CA LEU B 97 4.52 -18.05 17.79
C LEU B 97 4.52 -19.58 17.69
N HIS B 98 5.19 -20.10 16.66
CA HIS B 98 5.27 -21.55 16.50
C HIS B 98 5.89 -22.17 17.75
N GLU B 99 6.90 -21.48 18.28
CA GLU B 99 7.55 -21.95 19.50
C GLU B 99 6.58 -21.94 20.66
N LYS B 100 5.77 -20.88 20.77
CA LYS B 100 4.79 -20.80 21.84
C LYS B 100 3.72 -21.88 21.65
N LEU B 101 3.39 -22.19 20.39
CA LEU B 101 2.42 -23.25 20.11
C LEU B 101 2.96 -24.60 20.58
N LYS B 102 4.13 -24.57 21.21
CA LYS B 102 4.77 -25.78 21.72
C LYS B 102 5.49 -26.51 20.59
N ALA B 103 4.71 -26.92 19.58
CA ALA B 103 5.25 -27.67 18.43
C ALA B 103 6.64 -27.19 18.04
N ALA C 1 11.12 19.25 -2.05
CA ALA C 1 11.16 20.74 -1.98
C ALA C 1 10.96 21.17 -0.54
N GLU C 2 11.18 22.45 -0.27
CA GLU C 2 11.04 23.02 1.08
C GLU C 2 10.10 22.22 1.98
N GLU C 3 8.81 22.51 1.89
CA GLU C 3 7.83 21.81 2.71
C GLU C 3 7.73 20.34 2.34
N LEU C 4 7.37 20.07 1.08
CA LEU C 4 7.24 18.68 0.63
C LEU C 4 8.38 17.80 1.16
N GLU C 5 9.60 18.32 1.11
CA GLU C 5 10.76 17.57 1.58
C GLU C 5 10.74 17.43 3.10
N GLU C 6 10.47 18.53 3.78
CA GLU C 6 10.41 18.52 5.24
C GLU C 6 9.19 17.70 5.68
N VAL C 7 8.12 17.78 4.89
CA VAL C 7 6.90 17.04 5.17
C VAL C 7 7.17 15.53 5.06
N VAL C 8 7.92 15.14 4.03
CA VAL C 8 8.27 13.74 3.83
C VAL C 8 9.06 13.24 5.04
N MET C 9 10.02 14.04 5.50
CA MET C 9 10.80 13.67 6.66
C MET C 9 9.87 13.40 7.84
N GLY C 10 8.88 14.29 8.01
CA GLY C 10 7.91 14.13 9.08
C GLY C 10 7.12 12.84 8.88
N LEU C 11 6.71 12.59 7.65
CA LEU C 11 5.94 11.37 7.33
C LEU C 11 6.79 10.14 7.59
N ILE C 12 8.05 10.18 7.18
CA ILE C 12 8.94 9.04 7.37
C ILE C 12 9.11 8.78 8.87
N ILE C 13 9.32 9.87 9.61
CA ILE C 13 9.47 9.76 11.06
C ILE C 13 8.16 9.23 11.66
N ASN C 14 7.05 9.81 11.22
CA ASN C 14 5.73 9.40 11.72
C ASN C 14 5.50 7.92 11.43
N SER C 15 5.79 7.51 10.19
CA SER C 15 5.63 6.11 9.81
C SER C 15 6.52 5.24 10.68
N GLY C 16 7.76 5.70 10.90
CA GLY C 16 8.70 4.95 11.73
C GLY C 16 8.18 4.84 13.16
N GLN C 17 7.67 5.95 13.70
CA GLN C 17 7.13 5.92 15.06
C GLN C 17 5.95 4.97 15.12
N ALA C 18 5.12 5.01 14.08
CA ALA C 18 3.96 4.14 14.02
C ALA C 18 4.38 2.67 14.15
N ARG C 19 5.36 2.27 13.33
CA ARG C 19 5.84 0.91 13.40
C ARG C 19 6.41 0.63 14.79
N SER C 20 7.21 1.57 15.28
CA SER C 20 7.81 1.41 16.60
C SER C 20 6.73 1.13 17.65
N LEU C 21 5.66 1.92 17.61
CA LEU C 21 4.56 1.74 18.54
C LEU C 21 3.92 0.37 18.33
N ALA C 22 3.73 0.00 17.06
CA ALA C 22 3.13 -1.29 16.73
C ALA C 22 3.96 -2.44 17.33
N TYR C 23 5.27 -2.43 17.07
CA TYR C 23 6.14 -3.47 17.64
C TYR C 23 6.05 -3.45 19.16
N ALA C 24 6.03 -2.24 19.72
CA ALA C 24 5.92 -2.11 21.17
C ALA C 24 4.59 -2.72 21.62
N ALA C 25 3.54 -2.47 20.85
CA ALA C 25 2.23 -3.03 21.16
C ALA C 25 2.31 -4.55 21.21
N LEU C 26 3.01 -5.12 20.24
CA LEU C 26 3.19 -6.57 20.18
C LEU C 26 3.95 -7.05 21.42
N LYS C 27 4.99 -6.31 21.77
CA LYS C 27 5.79 -6.66 22.94
C LYS C 27 4.90 -6.72 24.19
N GLN C 28 3.99 -5.77 24.31
CA GLN C 28 3.06 -5.75 25.44
C GLN C 28 2.26 -7.04 25.47
N ALA C 29 1.82 -7.47 24.27
CA ALA C 29 1.05 -8.70 24.16
C ALA C 29 1.85 -9.89 24.67
N LYS C 30 3.13 -9.94 24.30
CA LYS C 30 3.99 -11.02 24.76
C LYS C 30 4.07 -11.06 26.28
N GLN C 31 3.98 -9.88 26.90
CA GLN C 31 4.04 -9.80 28.36
C GLN C 31 2.67 -10.17 28.96
N GLY C 32 1.71 -10.44 28.08
CA GLY C 32 0.36 -10.83 28.53
C GLY C 32 -0.47 -9.60 28.89
N ASP C 33 -0.04 -8.43 28.44
CA ASP C 33 -0.76 -7.18 28.70
C ASP C 33 -1.63 -6.80 27.51
N PHE C 34 -2.80 -7.41 27.42
CA PHE C 34 -3.71 -7.14 26.31
C PHE C 34 -4.22 -5.70 26.34
N ALA C 35 -4.43 -5.17 27.54
CA ALA C 35 -4.94 -3.81 27.68
C ALA C 35 -3.97 -2.79 27.08
N ALA C 36 -2.71 -2.89 27.47
CA ALA C 36 -1.71 -1.96 26.96
C ALA C 36 -1.50 -2.17 25.47
N ALA C 37 -1.55 -3.42 25.02
CA ALA C 37 -1.38 -3.71 23.60
C ALA C 37 -2.48 -3.00 22.81
N LYS C 38 -3.72 -3.21 23.22
CA LYS C 38 -4.87 -2.59 22.57
C LYS C 38 -4.72 -1.07 22.49
N ALA C 39 -4.32 -0.45 23.61
CA ALA C 39 -4.16 1.00 23.65
C ALA C 39 -3.06 1.46 22.68
N MET C 40 -1.96 0.72 22.64
CA MET C 40 -0.85 1.06 21.77
C MET C 40 -1.25 0.92 20.30
N MET C 41 -2.03 -0.11 19.99
CA MET C 41 -2.48 -0.31 18.61
C MET C 41 -3.35 0.85 18.16
N ASP C 42 -4.25 1.28 19.04
CA ASP C 42 -5.17 2.36 18.72
C ASP C 42 -4.41 3.63 18.38
N GLN C 43 -3.42 3.97 19.21
CA GLN C 43 -2.61 5.16 18.97
C GLN C 43 -1.83 5.03 17.67
N SER C 44 -1.30 3.85 17.42
CA SER C 44 -0.55 3.60 16.19
C SER C 44 -1.44 3.87 14.98
N ARG C 45 -2.67 3.32 15.03
CA ARG C 45 -3.64 3.50 13.96
C ARG C 45 -3.93 4.99 13.72
N MET C 46 -4.14 5.72 14.81
CA MET C 46 -4.43 7.15 14.72
C MET C 46 -3.26 7.89 14.08
N ALA C 47 -2.04 7.51 14.47
CA ALA C 47 -0.84 8.14 13.91
C ALA C 47 -0.78 7.91 12.40
N LEU C 48 -1.08 6.68 11.98
CA LEU C 48 -1.07 6.33 10.57
C LEU C 48 -2.17 7.06 9.82
N ASN C 49 -3.34 7.15 10.45
CA ASN C 49 -4.48 7.81 9.84
C ASN C 49 -4.14 9.27 9.52
N GLU C 50 -3.51 9.95 10.47
CA GLU C 50 -3.11 11.33 10.26
C GLU C 50 -2.06 11.41 9.16
N ALA C 51 -1.13 10.47 9.19
CA ALA C 51 -0.07 10.43 8.18
C ALA C 51 -0.67 10.15 6.80
N HIS C 52 -1.58 9.19 6.74
CA HIS C 52 -2.25 8.85 5.48
C HIS C 52 -3.02 10.05 4.94
N LEU C 53 -3.69 10.78 5.83
CA LEU C 53 -4.47 11.95 5.43
C LEU C 53 -3.56 12.98 4.76
N VAL C 54 -2.39 13.20 5.35
CA VAL C 54 -1.45 14.16 4.80
C VAL C 54 -0.99 13.67 3.43
N GLN C 55 -0.69 12.38 3.32
CA GLN C 55 -0.26 11.82 2.04
C GLN C 55 -1.38 11.99 1.00
N THR C 56 -2.62 11.74 1.41
CA THR C 56 -3.76 11.88 0.48
C THR C 56 -3.70 13.25 -0.19
N LYS C 57 -3.50 14.29 0.60
CA LYS C 57 -3.40 15.64 0.05
C LYS C 57 -2.20 15.73 -0.88
N LEU C 58 -1.11 15.09 -0.49
CA LEU C 58 0.10 15.11 -1.29
C LEU C 58 -0.08 14.35 -2.61
N ILE C 59 -1.09 13.47 -2.70
CA ILE C 59 -1.33 12.76 -3.95
C ILE C 59 -2.40 13.48 -4.79
N GLU C 60 -3.38 14.10 -4.14
CA GLU C 60 -4.43 14.83 -4.87
C GLU C 60 -3.85 16.03 -5.60
N GLY C 61 -2.89 16.71 -4.98
CA GLY C 61 -2.28 17.89 -5.57
C GLY C 61 -0.83 17.62 -5.97
N ASP C 62 -0.56 16.41 -6.41
CA ASP C 62 0.79 16.03 -6.80
C ASP C 62 1.22 16.75 -8.06
N ALA C 63 0.31 17.49 -8.68
CA ALA C 63 0.63 18.24 -9.90
C ALA C 63 1.30 19.56 -9.56
N GLY C 64 1.78 20.26 -10.59
CA GLY C 64 2.43 21.56 -10.39
C GLY C 64 3.77 21.63 -11.13
N GLU C 65 4.69 20.71 -10.81
CA GLU C 65 5.99 20.70 -11.45
C GLU C 65 5.87 20.38 -12.94
N GLY C 66 4.99 19.45 -13.27
CA GLY C 66 4.80 19.05 -14.66
C GLY C 66 3.45 18.36 -14.86
N LYS C 67 3.12 18.09 -16.11
CA LYS C 67 1.85 17.44 -16.43
C LYS C 67 1.83 16.00 -15.92
N MET C 68 2.44 15.10 -16.70
CA MET C 68 2.48 13.68 -16.36
C MET C 68 3.31 13.38 -15.12
N LYS C 69 4.45 14.07 -14.97
CA LYS C 69 5.34 13.83 -13.84
C LYS C 69 4.79 14.36 -12.52
N VAL C 70 5.20 13.71 -11.43
CA VAL C 70 4.76 14.07 -10.08
C VAL C 70 5.96 14.16 -9.13
N SER C 71 5.72 14.64 -7.91
CA SER C 71 6.80 14.75 -6.93
C SER C 71 7.42 13.38 -6.68
N LEU C 72 8.74 13.30 -6.77
CA LEU C 72 9.45 12.03 -6.61
C LEU C 72 9.31 11.48 -5.19
N VAL C 73 9.40 12.39 -4.22
CA VAL C 73 9.33 12.04 -2.80
C VAL C 73 8.00 11.37 -2.44
N LEU C 74 6.99 11.57 -3.27
CA LEU C 74 5.67 10.98 -3.01
C LEU C 74 5.79 9.49 -2.75
N VAL C 75 6.66 8.86 -3.53
CA VAL C 75 6.89 7.43 -3.40
C VAL C 75 7.56 7.14 -2.06
N HIS C 76 8.62 7.96 -1.63
CA HIS C 76 9.30 7.76 -0.36
C HIS C 76 8.29 7.72 0.79
N ALA C 77 7.36 8.66 0.77
CA ALA C 77 6.33 8.70 1.81
C ALA C 77 5.38 7.53 1.66
N GLN C 78 5.02 7.21 0.42
CA GLN C 78 4.11 6.11 0.16
C GLN C 78 4.74 4.78 0.58
N LEU C 79 5.99 4.58 0.19
CA LEU C 79 6.71 3.36 0.55
C LEU C 79 6.75 3.17 2.06
N HIS C 80 7.13 4.21 2.79
CA HIS C 80 7.20 4.12 4.24
C HIS C 80 5.81 3.94 4.85
N LEU C 81 4.87 4.73 4.38
CA LEU C 81 3.50 4.67 4.89
C LEU C 81 2.85 3.31 4.59
N MET C 82 3.01 2.84 3.37
CA MET C 82 2.42 1.55 2.98
C MET C 82 3.01 0.42 3.82
N THR C 83 4.32 0.45 3.99
CA THR C 83 5.00 -0.58 4.76
C THR C 83 4.54 -0.55 6.22
N SER C 84 4.53 0.64 6.80
CA SER C 84 4.12 0.80 8.20
C SER C 84 2.67 0.37 8.42
N MET C 85 1.76 0.84 7.56
CA MET C 85 0.35 0.48 7.70
C MET C 85 0.16 -1.04 7.61
N LEU C 86 0.80 -1.65 6.63
CA LEU C 86 0.70 -3.09 6.43
C LEU C 86 1.24 -3.83 7.65
N ALA C 87 2.42 -3.42 8.10
CA ALA C 87 3.05 -4.04 9.25
C ALA C 87 2.13 -3.96 10.47
N ARG C 88 1.61 -2.77 10.71
CA ARG C 88 0.74 -2.55 11.84
C ARG C 88 -0.50 -3.47 11.77
N GLU C 89 -1.11 -3.56 10.59
CA GLU C 89 -2.29 -4.42 10.44
C GLU C 89 -1.95 -5.88 10.74
N LEU C 90 -0.82 -6.35 10.20
CA LEU C 90 -0.40 -7.72 10.44
C LEU C 90 -0.07 -7.92 11.91
N ILE C 91 0.60 -6.95 12.49
CA ILE C 91 0.95 -7.02 13.90
C ILE C 91 -0.33 -7.12 14.73
N THR C 92 -1.36 -6.39 14.32
CA THR C 92 -2.64 -6.46 15.02
C THR C 92 -3.15 -7.89 14.99
N GLU C 93 -3.06 -8.53 13.83
CA GLU C 93 -3.50 -9.92 13.70
C GLU C 93 -2.66 -10.82 14.62
N LEU C 94 -1.36 -10.56 14.63
CA LEU C 94 -0.45 -11.34 15.47
C LEU C 94 -0.84 -11.20 16.94
N ILE C 95 -1.16 -9.98 17.35
CA ILE C 95 -1.57 -9.73 18.73
C ILE C 95 -2.86 -10.51 19.05
N GLU C 96 -3.80 -10.48 18.12
CA GLU C 96 -5.05 -11.21 18.31
C GLU C 96 -4.75 -12.70 18.53
N LEU C 97 -3.78 -13.21 17.77
CA LEU C 97 -3.39 -14.61 17.91
C LEU C 97 -2.85 -14.87 19.32
N HIS C 98 -2.05 -13.94 19.83
CA HIS C 98 -1.52 -14.09 21.18
C HIS C 98 -2.68 -14.22 22.16
N GLU C 99 -3.73 -13.44 21.92
CA GLU C 99 -4.90 -13.49 22.78
C GLU C 99 -5.57 -14.87 22.68
N LYS C 100 -5.65 -15.41 21.46
CA LYS C 100 -6.25 -16.72 21.29
C LYS C 100 -5.38 -17.78 21.95
N LEU C 101 -4.05 -17.58 21.91
CA LEU C 101 -3.12 -18.52 22.55
C LEU C 101 -3.37 -18.53 24.06
N LYS C 102 -4.36 -17.76 24.51
CA LYS C 102 -4.70 -17.67 25.93
C LYS C 102 -3.78 -16.68 26.63
N ALA C 103 -2.48 -16.99 26.61
CA ALA C 103 -1.45 -16.16 27.26
C ALA C 103 -1.80 -14.67 27.21
N LYS D 1 -19.97 26.95 -1.17
CA LYS D 1 -19.08 26.05 -1.96
C LYS D 1 -19.44 24.59 -1.78
N LYS D 2 -19.77 23.94 -2.87
CA LYS D 2 -20.15 22.54 -2.84
C LYS D 2 -18.93 21.62 -2.88
N HIS D 3 -19.02 20.49 -2.19
CA HIS D 3 -17.93 19.52 -2.13
C HIS D 3 -18.12 18.37 -3.08
N ILE D 4 -17.20 18.26 -4.03
CA ILE D 4 -17.22 17.18 -4.99
C ILE D 4 -16.07 16.24 -4.61
N TYR D 5 -16.39 15.03 -4.18
CA TYR D 5 -15.38 14.06 -3.78
C TYR D 5 -15.33 12.90 -4.76
N LEU D 6 -14.13 12.60 -5.26
CA LEU D 6 -13.90 11.48 -6.19
C LEU D 6 -13.25 10.35 -5.40
N PHE D 7 -13.56 9.08 -5.75
CA PHE D 7 -12.86 7.96 -5.12
C PHE D 7 -12.19 7.05 -6.16
N CYS D 8 -11.05 6.43 -5.72
CA CYS D 8 -10.30 5.42 -6.45
C CYS D 8 -9.54 4.54 -5.46
N SER D 9 -8.67 3.63 -5.86
CA SER D 9 -8.08 2.79 -4.80
C SER D 9 -7.20 3.60 -3.88
N ALA D 10 -6.20 4.34 -4.40
CA ALA D 10 -5.30 5.08 -3.52
C ALA D 10 -5.61 6.56 -3.58
N GLY D 11 -5.89 7.08 -4.78
CA GLY D 11 -6.19 8.48 -4.96
C GLY D 11 -5.16 9.18 -5.84
N MET D 12 -4.48 8.46 -6.72
CA MET D 12 -3.47 9.09 -7.57
C MET D 12 -3.97 9.30 -9.01
N SER D 13 -4.06 8.25 -9.75
CA SER D 13 -4.50 8.36 -11.15
C SER D 13 -5.71 9.29 -11.29
N THR D 14 -6.46 9.50 -10.19
CA THR D 14 -7.62 10.37 -10.31
C THR D 14 -7.22 11.77 -9.88
N SER D 15 -6.09 11.83 -9.22
CA SER D 15 -5.48 13.09 -8.76
C SER D 15 -5.20 14.03 -9.93
N LEU D 16 -4.82 13.46 -11.06
CA LEU D 16 -4.55 14.26 -12.24
C LEU D 16 -5.88 14.86 -12.76
N LEU D 17 -6.96 14.07 -12.72
CA LEU D 17 -8.28 14.55 -13.14
C LEU D 17 -8.75 15.68 -12.19
N VAL D 18 -8.54 15.48 -10.88
CA VAL D 18 -8.91 16.50 -9.89
C VAL D 18 -8.18 17.83 -10.15
N SER D 19 -6.89 17.79 -10.47
CA SER D 19 -6.17 19.03 -10.74
C SER D 19 -6.73 19.77 -11.98
N LYS D 20 -7.12 19.03 -13.02
CA LYS D 20 -7.71 19.66 -14.20
C LYS D 20 -9.12 20.20 -13.91
N MET D 21 -9.87 19.50 -13.07
CA MET D 21 -11.22 20.00 -12.73
C MET D 21 -11.08 21.31 -11.94
N ARG D 22 -10.13 21.39 -11.02
CA ARG D 22 -9.91 22.60 -10.21
C ARG D 22 -9.56 23.79 -11.12
N ALA D 23 -8.79 23.54 -12.18
CA ALA D 23 -8.39 24.59 -13.11
C ALA D 23 -9.63 25.14 -13.81
N GLN D 24 -10.50 24.24 -14.24
CA GLN D 24 -11.72 24.61 -14.91
C GLN D 24 -12.67 25.35 -14.00
N ALA D 25 -12.80 24.88 -12.77
CA ALA D 25 -13.69 25.53 -11.80
C ALA D 25 -13.24 26.96 -11.55
N GLU D 26 -11.93 27.20 -11.60
CA GLU D 26 -11.39 28.54 -11.36
C GLU D 26 -11.65 29.43 -12.57
N LYS D 27 -11.43 28.88 -13.76
CA LYS D 27 -11.63 29.59 -14.99
C LYS D 27 -13.07 30.10 -15.12
N TYR D 28 -14.05 29.29 -14.72
CA TYR D 28 -15.48 29.69 -14.80
C TYR D 28 -16.13 30.10 -13.49
N GLU D 29 -15.33 30.35 -12.46
CA GLU D 29 -15.81 30.78 -11.15
C GLU D 29 -16.89 29.89 -10.51
N VAL D 30 -16.76 28.58 -10.66
CA VAL D 30 -17.70 27.63 -10.08
C VAL D 30 -17.27 27.48 -8.62
N PRO D 31 -18.19 27.73 -7.67
CA PRO D 31 -17.91 27.64 -6.23
C PRO D 31 -17.93 26.21 -5.68
N VAL D 32 -16.88 25.46 -6.01
CA VAL D 32 -16.75 24.08 -5.57
C VAL D 32 -15.38 23.76 -5.01
N ILE D 33 -15.35 22.75 -4.14
CA ILE D 33 -14.13 22.22 -3.55
C ILE D 33 -14.09 20.77 -4.09
N ILE D 34 -12.98 20.40 -4.71
CA ILE D 34 -12.79 19.07 -5.32
C ILE D 34 -11.61 18.31 -4.66
N GLU D 35 -11.86 17.09 -4.18
CA GLU D 35 -10.83 16.27 -3.52
C GLU D 35 -10.93 14.82 -4.00
N ALA D 36 -9.78 14.14 -4.09
CA ALA D 36 -9.71 12.73 -4.50
C ALA D 36 -9.34 11.92 -3.25
N PHE D 37 -9.93 10.74 -3.09
CA PHE D 37 -9.64 9.87 -1.95
C PHE D 37 -9.66 8.44 -2.43
N PRO D 38 -9.08 7.53 -1.64
CA PRO D 38 -9.07 6.11 -2.02
C PRO D 38 -10.49 5.61 -1.70
N GLU D 39 -10.91 4.54 -2.35
CA GLU D 39 -12.24 3.96 -2.13
C GLU D 39 -12.51 3.54 -0.69
N THR D 40 -11.46 3.29 0.09
CA THR D 40 -11.63 2.88 1.48
C THR D 40 -12.26 3.95 2.37
N LEU D 41 -12.19 5.21 1.94
CA LEU D 41 -12.77 6.32 2.70
C LEU D 41 -14.15 6.77 2.20
N ALA D 42 -14.74 6.07 1.21
CA ALA D 42 -16.05 6.45 0.63
C ALA D 42 -17.14 6.64 1.68
N GLY D 43 -17.12 5.80 2.71
CA GLY D 43 -18.13 5.91 3.75
C GLY D 43 -17.81 6.98 4.77
N GLU D 44 -16.53 7.16 5.08
CA GLU D 44 -16.15 8.15 6.07
C GLU D 44 -16.16 9.59 5.49
N LYS D 45 -15.52 9.77 4.34
CA LYS D 45 -15.46 11.08 3.70
C LYS D 45 -16.73 11.45 2.92
N GLY D 46 -17.38 10.46 2.32
CA GLY D 46 -18.60 10.70 1.55
C GLY D 46 -19.69 11.43 2.29
N GLN D 47 -19.77 11.23 3.60
CA GLN D 47 -20.79 11.89 4.43
C GLN D 47 -20.74 13.42 4.34
N ASN D 48 -19.59 13.97 3.95
CA ASN D 48 -19.43 15.41 3.87
C ASN D 48 -19.45 15.95 2.45
N ALA D 49 -19.66 15.08 1.48
CA ALA D 49 -19.67 15.54 0.10
C ALA D 49 -21.06 15.97 -0.30
N ASP D 50 -21.11 16.82 -1.31
CA ASP D 50 -22.38 17.25 -1.83
C ASP D 50 -22.73 16.32 -2.99
N VAL D 51 -21.69 15.73 -3.60
CA VAL D 51 -21.88 14.75 -4.67
C VAL D 51 -20.68 13.78 -4.61
N VAL D 52 -20.98 12.49 -4.70
CA VAL D 52 -19.97 11.44 -4.66
C VAL D 52 -19.78 10.85 -6.06
N LEU D 53 -18.55 10.92 -6.57
CA LEU D 53 -18.24 10.38 -7.88
C LEU D 53 -17.30 9.18 -7.73
N LEU D 54 -17.60 8.08 -8.42
CA LEU D 54 -16.75 6.88 -8.36
C LEU D 54 -15.96 6.73 -9.63
N GLY D 55 -14.69 6.35 -9.51
CA GLY D 55 -13.84 6.18 -10.68
C GLY D 55 -14.39 5.02 -11.49
N PRO D 56 -14.13 4.94 -12.76
CA PRO D 56 -14.66 3.84 -13.62
C PRO D 56 -14.24 2.42 -13.18
N GLN D 57 -13.07 2.31 -12.54
CA GLN D 57 -12.57 1.02 -12.08
C GLN D 57 -13.39 0.49 -10.90
N ILE D 58 -14.04 1.38 -10.15
CA ILE D 58 -14.82 0.94 -9.01
C ILE D 58 -16.34 1.02 -9.23
N ALA D 59 -16.75 0.99 -10.49
CA ALA D 59 -18.17 1.04 -10.83
C ALA D 59 -18.94 -0.11 -10.19
N TYR D 60 -18.34 -1.30 -10.13
CA TYR D 60 -19.04 -2.44 -9.55
C TYR D 60 -19.46 -2.21 -8.09
N MET D 61 -18.84 -1.23 -7.44
CA MET D 61 -19.15 -0.89 -6.05
C MET D 61 -20.33 0.08 -5.87
N LEU D 62 -20.89 0.58 -6.97
CA LEU D 62 -21.99 1.54 -6.90
C LEU D 62 -23.13 1.19 -5.93
N PRO D 63 -23.73 -0.02 -6.05
CA PRO D 63 -24.82 -0.37 -5.12
C PRO D 63 -24.43 -0.30 -3.65
N GLU D 64 -23.22 -0.72 -3.30
CA GLU D 64 -22.77 -0.68 -1.91
C GLU D 64 -22.60 0.74 -1.42
N ILE D 65 -22.02 1.59 -2.25
CA ILE D 65 -21.83 2.99 -1.85
C ILE D 65 -23.16 3.74 -1.71
N GLN D 66 -24.12 3.42 -2.59
CA GLN D 66 -25.46 4.00 -2.52
C GLN D 66 -26.13 3.64 -1.18
N ARG D 67 -26.00 2.39 -0.73
CA ARG D 67 -26.60 1.98 0.55
C ARG D 67 -25.89 2.63 1.74
N LEU D 68 -24.60 2.88 1.59
CA LEU D 68 -23.77 3.49 2.64
C LEU D 68 -24.11 4.97 2.82
N LEU D 69 -24.39 5.65 1.70
CA LEU D 69 -24.73 7.09 1.68
C LEU D 69 -26.11 7.27 1.01
N PRO D 70 -27.20 6.87 1.69
CA PRO D 70 -28.55 6.99 1.13
C PRO D 70 -29.03 8.44 0.93
N ASN D 71 -28.35 9.38 1.56
CA ASN D 71 -28.75 10.79 1.44
C ASN D 71 -27.82 11.63 0.57
N LYS D 72 -27.08 10.99 -0.33
CA LYS D 72 -26.14 11.69 -1.21
C LYS D 72 -26.26 11.20 -2.63
N PRO D 73 -26.13 12.10 -3.63
CA PRO D 73 -26.21 11.62 -5.02
C PRO D 73 -24.85 10.97 -5.27
N VAL D 74 -24.87 9.73 -5.75
CA VAL D 74 -23.64 8.96 -6.02
C VAL D 74 -23.64 8.48 -7.46
N GLU D 75 -22.58 8.72 -8.19
CA GLU D 75 -22.53 8.22 -9.55
C GLU D 75 -21.13 7.95 -10.07
N VAL D 76 -21.06 7.12 -11.10
CA VAL D 76 -19.80 6.72 -11.71
C VAL D 76 -19.40 7.72 -12.78
N ILE D 77 -18.11 8.03 -12.84
CA ILE D 77 -17.58 8.96 -13.83
C ILE D 77 -17.54 8.27 -15.17
N ASP D 78 -17.96 8.97 -16.21
CA ASP D 78 -17.94 8.40 -17.55
C ASP D 78 -16.51 7.95 -17.89
N SER D 79 -16.33 6.69 -18.28
CA SER D 79 -14.99 6.17 -18.58
C SER D 79 -14.18 6.90 -19.65
N LEU D 80 -14.87 7.44 -20.65
CA LEU D 80 -14.19 8.17 -21.73
C LEU D 80 -13.73 9.53 -21.23
N LEU D 81 -14.58 10.18 -20.45
CA LEU D 81 -14.26 11.49 -19.90
C LEU D 81 -13.10 11.33 -18.94
N TYR D 82 -13.10 10.21 -18.22
CA TYR D 82 -12.04 9.90 -17.25
C TYR D 82 -10.71 9.58 -17.95
N GLY D 83 -10.75 8.68 -18.92
CA GLY D 83 -9.54 8.32 -19.64
C GLY D 83 -8.87 9.50 -20.31
N LYS D 84 -9.68 10.37 -20.87
CA LYS D 84 -9.22 11.56 -21.59
C LYS D 84 -8.79 12.70 -20.65
N VAL D 85 -9.07 12.52 -19.35
CA VAL D 85 -8.77 13.52 -18.31
C VAL D 85 -9.47 14.86 -18.61
N ASP D 86 -10.76 14.77 -18.94
CA ASP D 86 -11.57 15.95 -19.28
C ASP D 86 -12.09 16.63 -18.03
N GLY D 87 -11.29 17.56 -17.51
CA GLY D 87 -11.64 18.31 -16.31
C GLY D 87 -12.94 19.07 -16.45
N LEU D 88 -13.16 19.73 -17.60
CA LEU D 88 -14.39 20.49 -17.80
C LEU D 88 -15.63 19.58 -17.87
N GLY D 89 -15.50 18.50 -18.64
CA GLY D 89 -16.59 17.56 -18.81
C GLY D 89 -17.07 16.91 -17.53
N VAL D 90 -16.12 16.49 -16.69
CA VAL D 90 -16.48 15.84 -15.42
C VAL D 90 -17.04 16.88 -14.45
N LEU D 91 -16.47 18.08 -14.49
CA LEU D 91 -16.97 19.15 -13.63
C LEU D 91 -18.46 19.39 -14.00
N LYS D 92 -18.76 19.42 -15.30
CA LYS D 92 -20.15 19.61 -15.75
C LYS D 92 -21.09 18.52 -15.24
N ALA D 93 -20.64 17.27 -15.30
CA ALA D 93 -21.47 16.14 -14.85
C ALA D 93 -21.76 16.21 -13.35
N ALA D 94 -20.78 16.72 -12.60
CA ALA D 94 -20.90 16.82 -11.15
C ALA D 94 -21.90 17.90 -10.75
N VAL D 95 -21.80 19.06 -11.40
CA VAL D 95 -22.72 20.17 -11.13
C VAL D 95 -24.13 19.69 -11.49
N ALA D 96 -24.25 18.98 -12.61
CA ALA D 96 -25.54 18.45 -13.04
C ALA D 96 -26.13 17.51 -11.99
N ALA D 97 -25.33 16.57 -11.49
CA ALA D 97 -25.85 15.64 -10.49
C ALA D 97 -26.36 16.40 -9.26
N ILE D 98 -25.70 17.51 -8.93
CA ILE D 98 -26.12 18.32 -7.78
C ILE D 98 -27.46 19.01 -8.03
N LYS D 99 -27.63 19.58 -9.24
CA LYS D 99 -28.87 20.26 -9.62
C LYS D 99 -30.01 19.26 -9.71
N LYS D 100 -29.80 18.19 -10.45
CA LYS D 100 -30.83 17.18 -10.59
C LYS D 100 -31.20 16.60 -9.22
N ALA D 101 -30.34 16.79 -8.23
CA ALA D 101 -30.58 16.28 -6.88
C ALA D 101 -31.37 17.24 -6.00
N ALA D 102 -31.14 18.54 -6.18
CA ALA D 102 -31.83 19.57 -5.43
C ALA D 102 -33.22 19.88 -6.02
N ALA D 103 -33.60 19.13 -7.06
CA ALA D 103 -34.88 19.29 -7.72
C ALA D 103 -35.05 18.26 -8.85
P PO3 E . -4.80 5.38 -7.23
O1 PO3 E . -4.16 6.17 -6.10
O2 PO3 E . -5.26 3.96 -6.98
O3 PO3 E . -4.78 5.92 -8.64
N ALA A 1 0.74 7.29 -18.60
CA ALA A 1 0.24 7.59 -19.96
C ALA A 1 -1.09 6.86 -20.17
N GLU A 2 -1.77 7.18 -21.26
CA GLU A 2 -3.08 6.58 -21.60
C GLU A 2 -3.28 5.20 -20.95
N GLU A 3 -2.80 4.17 -21.63
CA GLU A 3 -2.95 2.80 -21.13
C GLU A 3 -2.16 2.60 -19.84
N LEU A 4 -0.84 2.78 -19.91
CA LEU A 4 0.01 2.60 -18.74
C LEU A 4 -0.63 3.20 -17.48
N GLU A 5 -1.21 4.38 -17.61
CA GLU A 5 -1.84 5.05 -16.47
C GLU A 5 -3.12 4.34 -16.08
N GLU A 6 -3.94 4.01 -17.07
CA GLU A 6 -5.19 3.30 -16.82
C GLU A 6 -4.88 1.88 -16.34
N VAL A 7 -3.80 1.31 -16.88
CA VAL A 7 -3.37 -0.03 -16.50
C VAL A 7 -2.93 -0.05 -15.03
N VAL A 8 -2.20 0.99 -14.63
CA VAL A 8 -1.73 1.10 -13.25
C VAL A 8 -2.95 1.16 -12.33
N MET A 9 -3.95 1.96 -12.70
CA MET A 9 -5.17 2.06 -11.90
C MET A 9 -5.77 0.67 -11.73
N GLY A 10 -5.81 -0.09 -12.82
CA GLY A 10 -6.34 -1.45 -12.77
C GLY A 10 -5.49 -2.31 -11.83
N LEU A 11 -4.17 -2.17 -11.95
CA LEU A 11 -3.26 -2.93 -11.10
C LEU A 11 -3.45 -2.56 -9.64
N ILE A 12 -3.57 -1.27 -9.37
CA ILE A 12 -3.76 -0.80 -8.00
C ILE A 12 -5.06 -1.36 -7.46
N ILE A 13 -6.11 -1.29 -8.26
CA ILE A 13 -7.40 -1.82 -7.85
C ILE A 13 -7.30 -3.33 -7.65
N ASN A 14 -6.65 -4.01 -8.60
CA ASN A 14 -6.47 -5.45 -8.53
C ASN A 14 -5.71 -5.82 -7.26
N SER A 15 -4.61 -5.11 -7.03
CA SER A 15 -3.81 -5.35 -5.83
C SER A 15 -4.65 -5.14 -4.57
N GLY A 16 -5.44 -4.06 -4.60
CA GLY A 16 -6.32 -3.75 -3.47
C GLY A 16 -7.35 -4.86 -3.26
N GLN A 17 -7.95 -5.32 -4.36
CA GLN A 17 -8.94 -6.40 -4.27
C GLN A 17 -8.27 -7.65 -3.72
N ALA A 18 -7.05 -7.92 -4.18
CA ALA A 18 -6.31 -9.09 -3.72
C ALA A 18 -6.15 -9.04 -2.21
N ARG A 19 -5.70 -7.91 -1.69
CA ARG A 19 -5.55 -7.77 -0.25
C ARG A 19 -6.90 -7.95 0.43
N SER A 20 -7.91 -7.28 -0.11
CA SER A 20 -9.25 -7.36 0.44
C SER A 20 -9.68 -8.83 0.57
N LEU A 21 -9.47 -9.59 -0.49
CA LEU A 21 -9.81 -11.01 -0.48
C LEU A 21 -8.97 -11.74 0.58
N ALA A 22 -7.69 -11.40 0.63
CA ALA A 22 -6.79 -12.03 1.60
C ALA A 22 -7.30 -11.80 3.03
N TYR A 23 -7.59 -10.55 3.38
CA TYR A 23 -8.10 -10.25 4.72
C TYR A 23 -9.41 -11.00 4.93
N ALA A 24 -10.25 -11.03 3.90
CA ALA A 24 -11.51 -11.73 3.99
C ALA A 24 -11.24 -13.22 4.25
N ALA A 25 -10.23 -13.75 3.56
CA ALA A 25 -9.84 -15.14 3.75
C ALA A 25 -9.48 -15.38 5.21
N LEU A 26 -8.72 -14.46 5.78
CA LEU A 26 -8.32 -14.57 7.18
C LEU A 26 -9.56 -14.55 8.07
N LYS A 27 -10.48 -13.64 7.77
CA LYS A 27 -11.71 -13.53 8.54
C LYS A 27 -12.45 -14.87 8.56
N GLN A 28 -12.48 -15.54 7.41
CA GLN A 28 -13.15 -16.84 7.31
C GLN A 28 -12.48 -17.81 8.28
N ALA A 29 -11.15 -17.75 8.35
CA ALA A 29 -10.39 -18.62 9.24
C ALA A 29 -10.80 -18.38 10.69
N LYS A 30 -10.95 -17.12 11.05
CA LYS A 30 -11.36 -16.77 12.41
C LYS A 30 -12.72 -17.37 12.73
N GLN A 31 -13.58 -17.50 11.72
CA GLN A 31 -14.89 -18.08 11.93
C GLN A 31 -14.80 -19.60 11.96
N GLY A 32 -13.60 -20.12 11.77
CA GLY A 32 -13.37 -21.56 11.81
C GLY A 32 -13.71 -22.21 10.47
N ASP A 33 -13.83 -21.40 9.43
CA ASP A 33 -14.15 -21.90 8.09
C ASP A 33 -12.88 -22.06 7.26
N PHE A 34 -12.18 -23.18 7.47
CA PHE A 34 -10.93 -23.42 6.73
C PHE A 34 -11.18 -23.60 5.24
N ALA A 35 -12.31 -24.21 4.89
CA ALA A 35 -12.63 -24.46 3.49
C ALA A 35 -12.77 -23.14 2.72
N ALA A 36 -13.56 -22.23 3.26
CA ALA A 36 -13.76 -20.95 2.60
C ALA A 36 -12.46 -20.14 2.60
N ALA A 37 -11.70 -20.23 3.68
CA ALA A 37 -10.43 -19.52 3.75
C ALA A 37 -9.52 -19.99 2.60
N LYS A 38 -9.36 -21.30 2.49
CA LYS A 38 -8.53 -21.90 1.45
C LYS A 38 -8.96 -21.42 0.06
N ALA A 39 -10.26 -21.45 -0.21
CA ALA A 39 -10.77 -21.03 -1.51
C ALA A 39 -10.47 -19.57 -1.79
N MET A 40 -10.61 -18.74 -0.76
CA MET A 40 -10.36 -17.30 -0.90
C MET A 40 -8.88 -17.03 -1.18
N MET A 41 -7.98 -17.76 -0.50
CA MET A 41 -6.55 -17.56 -0.72
C MET A 41 -6.19 -17.92 -2.15
N ASP A 42 -6.77 -19.01 -2.65
CA ASP A 42 -6.47 -19.48 -3.99
C ASP A 42 -6.83 -18.42 -5.02
N GLN A 43 -8.03 -17.87 -4.88
CA GLN A 43 -8.48 -16.82 -5.80
C GLN A 43 -7.61 -15.59 -5.67
N SER A 44 -7.25 -15.24 -4.44
CA SER A 44 -6.40 -14.08 -4.20
C SER A 44 -5.06 -14.28 -4.91
N ARG A 45 -4.49 -15.47 -4.78
CA ARG A 45 -3.22 -15.82 -5.43
C ARG A 45 -3.32 -15.66 -6.95
N MET A 46 -4.40 -16.18 -7.51
CA MET A 46 -4.63 -16.11 -8.95
C MET A 46 -4.72 -14.65 -9.40
N ALA A 47 -5.41 -13.83 -8.62
CA ALA A 47 -5.56 -12.41 -8.94
C ALA A 47 -4.19 -11.74 -9.00
N LEU A 48 -3.35 -12.05 -8.02
CA LEU A 48 -2.00 -11.49 -7.95
C LEU A 48 -1.15 -11.98 -9.12
N ASN A 49 -1.29 -13.26 -9.41
CA ASN A 49 -0.51 -13.87 -10.48
C ASN A 49 -0.77 -13.15 -11.80
N GLU A 50 -2.04 -12.89 -12.07
CA GLU A 50 -2.41 -12.17 -13.29
C GLU A 50 -1.86 -10.75 -13.23
N ALA A 51 -1.97 -10.13 -12.05
CA ALA A 51 -1.47 -8.77 -11.87
C ALA A 51 0.06 -8.75 -12.05
N HIS A 52 0.73 -9.71 -11.44
CA HIS A 52 2.19 -9.81 -11.54
C HIS A 52 2.61 -10.01 -13.00
N LEU A 53 1.86 -10.83 -13.72
CA LEU A 53 2.16 -11.11 -15.12
C LEU A 53 2.11 -9.82 -15.93
N VAL A 54 1.08 -9.02 -15.68
CA VAL A 54 0.94 -7.75 -16.38
C VAL A 54 2.11 -6.84 -16.04
N GLN A 55 2.46 -6.79 -14.76
CA GLN A 55 3.59 -5.96 -14.34
C GLN A 55 4.88 -6.45 -15.01
N THR A 56 5.08 -7.76 -15.08
CA THR A 56 6.28 -8.32 -15.72
C THR A 56 6.46 -7.71 -17.11
N LYS A 57 5.37 -7.66 -17.88
CA LYS A 57 5.43 -7.06 -19.22
C LYS A 57 5.76 -5.59 -19.10
N LEU A 58 5.18 -4.94 -18.10
CA LEU A 58 5.43 -3.52 -17.90
C LEU A 58 6.87 -3.24 -17.48
N ILE A 59 7.58 -4.25 -16.98
CA ILE A 59 8.99 -4.06 -16.60
C ILE A 59 9.93 -4.47 -17.76
N GLU A 60 9.55 -5.49 -18.53
CA GLU A 60 10.37 -5.95 -19.66
C GLU A 60 10.46 -4.88 -20.74
N GLY A 61 9.34 -4.20 -21.01
CA GLY A 61 9.31 -3.17 -22.03
C GLY A 61 9.20 -1.78 -21.42
N ASP A 62 9.80 -1.60 -20.24
CA ASP A 62 9.75 -0.32 -19.54
C ASP A 62 10.49 0.78 -20.32
N ALA A 63 11.17 0.39 -21.40
CA ALA A 63 11.90 1.36 -22.21
C ALA A 63 10.97 2.06 -23.19
N GLY A 64 11.49 3.07 -23.89
CA GLY A 64 10.68 3.81 -24.86
C GLY A 64 10.81 5.32 -24.66
N GLU A 65 10.45 5.80 -23.47
CA GLU A 65 10.53 7.23 -23.19
C GLU A 65 11.97 7.72 -23.18
N GLY A 66 12.86 6.90 -22.64
CA GLY A 66 14.28 7.27 -22.58
C GLY A 66 15.15 6.04 -22.36
N LYS A 67 16.47 6.25 -22.44
CA LYS A 67 17.41 5.15 -22.27
C LYS A 67 17.39 4.63 -20.82
N MET A 68 18.11 5.32 -19.94
CA MET A 68 18.20 4.93 -18.54
C MET A 68 16.88 5.05 -17.79
N LYS A 69 16.13 6.12 -18.08
CA LYS A 69 14.87 6.35 -17.37
C LYS A 69 13.76 5.39 -17.80
N VAL A 70 12.84 5.14 -16.87
CA VAL A 70 11.71 4.23 -17.10
C VAL A 70 10.41 4.88 -16.65
N SER A 71 9.28 4.23 -16.95
CA SER A 71 7.98 4.77 -16.55
C SER A 71 7.94 4.91 -15.03
N LEU A 72 7.54 6.10 -14.57
CA LEU A 72 7.48 6.40 -13.14
C LEU A 72 6.43 5.55 -12.41
N VAL A 73 5.30 5.39 -13.07
CA VAL A 73 4.18 4.62 -12.52
C VAL A 73 4.55 3.16 -12.22
N LEU A 74 5.60 2.68 -12.85
CA LEU A 74 6.02 1.30 -12.64
C LEU A 74 6.17 1.00 -11.17
N VAL A 75 6.59 2.01 -10.42
CA VAL A 75 6.81 1.85 -8.99
C VAL A 75 5.46 1.77 -8.28
N HIS A 76 4.25 2.80 -8.67
CA HIS A 76 2.89 2.80 -8.07
C HIS A 76 2.29 1.41 -8.15
N ALA A 77 2.62 0.70 -9.24
CA ALA A 77 2.14 -0.67 -9.42
C ALA A 77 2.99 -1.65 -8.64
N GLN A 78 4.32 -1.50 -8.71
CA GLN A 78 5.22 -2.42 -8.02
C GLN A 78 5.00 -2.32 -6.51
N LEU A 79 4.96 -1.09 -6.01
CA LEU A 79 4.72 -0.86 -4.59
C LEU A 79 3.44 -1.54 -4.13
N HIS A 80 2.35 -1.32 -4.85
CA HIS A 80 1.08 -1.91 -4.47
C HIS A 80 1.12 -3.44 -4.62
N LEU A 81 1.65 -3.90 -5.74
CA LEU A 81 1.74 -5.34 -5.99
C LEU A 81 2.64 -6.04 -4.98
N MET A 82 3.80 -5.45 -4.70
CA MET A 82 4.74 -6.05 -3.75
C MET A 82 4.11 -6.14 -2.37
N THR A 83 3.46 -5.05 -1.96
CA THR A 83 2.81 -5.00 -0.65
C THR A 83 1.69 -6.04 -0.56
N SER A 84 0.84 -6.07 -1.58
CA SER A 84 -0.29 -7.01 -1.61
C SER A 84 0.20 -8.46 -1.60
N MET A 85 1.16 -8.78 -2.45
CA MET A 85 1.69 -10.14 -2.51
C MET A 85 2.26 -10.57 -1.18
N LEU A 86 3.07 -9.70 -0.59
CA LEU A 86 3.68 -10.00 0.70
C LEU A 86 2.61 -10.19 1.78
N ALA A 87 1.64 -9.28 1.79
CA ALA A 87 0.56 -9.36 2.76
C ALA A 87 -0.15 -10.70 2.67
N ARG A 88 -0.49 -11.10 1.47
CA ARG A 88 -1.18 -12.37 1.27
C ARG A 88 -0.35 -13.55 1.78
N GLU A 89 0.93 -13.57 1.45
CA GLU A 89 1.77 -14.67 1.88
C GLU A 89 1.79 -14.78 3.39
N LEU A 90 1.95 -13.65 4.06
CA LEU A 90 1.96 -13.64 5.51
C LEU A 90 0.58 -14.03 6.05
N ILE A 91 -0.46 -13.51 5.42
CA ILE A 91 -1.82 -13.85 5.84
C ILE A 91 -2.03 -15.35 5.69
N THR A 92 -1.50 -15.92 4.61
CA THR A 92 -1.60 -17.37 4.40
C THR A 92 -0.98 -18.10 5.59
N GLU A 93 0.20 -17.64 6.01
CA GLU A 93 0.88 -18.23 7.16
C GLU A 93 0.02 -18.08 8.40
N LEU A 94 -0.57 -16.89 8.56
CA LEU A 94 -1.43 -16.62 9.72
C LEU A 94 -2.62 -17.59 9.71
N ILE A 95 -3.20 -17.80 8.55
CA ILE A 95 -4.34 -18.73 8.44
C ILE A 95 -3.90 -20.14 8.83
N GLU A 96 -2.72 -20.56 8.36
CA GLU A 96 -2.22 -21.88 8.71
C GLU A 96 -2.08 -22.00 10.22
N LEU A 97 -1.64 -20.91 10.87
CA LEU A 97 -1.51 -20.92 12.32
C LEU A 97 -2.88 -21.12 12.98
N HIS A 98 -3.89 -20.46 12.44
CA HIS A 98 -5.25 -20.62 12.98
C HIS A 98 -5.63 -22.08 12.92
N GLU A 99 -5.25 -22.75 11.84
CA GLU A 99 -5.55 -24.17 11.68
C GLU A 99 -4.81 -24.98 12.74
N LYS A 100 -3.56 -24.62 13.01
CA LYS A 100 -2.79 -25.32 14.02
C LYS A 100 -3.39 -25.06 15.41
N LEU A 101 -3.92 -23.84 15.61
CA LEU A 101 -4.56 -23.49 16.88
C LEU A 101 -5.80 -24.37 17.09
N LYS A 102 -6.02 -25.30 16.15
CA LYS A 102 -7.18 -26.20 16.21
C LYS A 102 -8.43 -25.52 15.71
N ALA A 103 -8.82 -24.42 16.39
CA ALA A 103 -10.03 -23.67 16.04
C ALA A 103 -10.30 -23.65 14.53
N ALA B 1 22.66 3.11 -13.51
CA ALA B 1 23.97 3.34 -14.19
C ALA B 1 24.86 2.13 -13.94
N GLU B 2 26.00 2.08 -14.64
CA GLU B 2 26.95 0.97 -14.53
C GLU B 2 26.86 0.24 -13.18
N GLU B 3 27.57 0.74 -12.19
CA GLU B 3 27.58 0.13 -10.87
C GLU B 3 26.22 0.21 -10.20
N LEU B 4 25.72 1.44 -10.02
CA LEU B 4 24.42 1.61 -9.38
C LEU B 4 23.38 0.61 -9.91
N GLU B 5 23.37 0.41 -11.22
CA GLU B 5 22.42 -0.52 -11.83
C GLU B 5 22.76 -1.95 -11.47
N GLU B 6 24.03 -2.30 -11.57
CA GLU B 6 24.50 -3.63 -11.23
C GLU B 6 24.38 -3.85 -9.73
N VAL B 7 24.60 -2.79 -8.97
CA VAL B 7 24.51 -2.85 -7.52
C VAL B 7 23.05 -3.11 -7.10
N VAL B 8 22.12 -2.44 -7.77
CA VAL B 8 20.69 -2.63 -7.49
C VAL B 8 20.33 -4.08 -7.74
N MET B 9 20.80 -4.63 -8.86
CA MET B 9 20.52 -6.03 -9.18
C MET B 9 21.01 -6.91 -8.03
N GLY B 10 22.21 -6.62 -7.53
CA GLY B 10 22.75 -7.37 -6.41
C GLY B 10 21.86 -7.21 -5.19
N LEU B 11 21.44 -5.98 -4.93
CA LEU B 11 20.56 -5.70 -3.79
C LEU B 11 19.24 -6.44 -3.93
N ILE B 12 18.67 -6.41 -5.13
CA ILE B 12 17.40 -7.09 -5.38
C ILE B 12 17.57 -8.58 -5.14
N ILE B 13 18.66 -9.12 -5.68
CA ILE B 13 18.94 -10.54 -5.50
C ILE B 13 19.17 -10.83 -4.02
N ASN B 14 19.95 -9.98 -3.36
CA ASN B 14 20.24 -10.16 -1.94
C ASN B 14 18.94 -10.10 -1.13
N SER B 15 18.11 -9.11 -1.42
CA SER B 15 16.83 -8.99 -0.74
C SER B 15 15.98 -10.23 -0.97
N GLY B 16 15.99 -10.71 -2.22
CA GLY B 16 15.23 -11.91 -2.57
C GLY B 16 15.76 -13.12 -1.81
N GLN B 17 17.08 -13.25 -1.75
CA GLN B 17 17.68 -14.37 -1.03
C GLN B 17 17.31 -14.28 0.45
N ALA B 18 17.35 -13.06 0.98
CA ALA B 18 17.00 -12.84 2.37
C ALA B 18 15.60 -13.36 2.66
N ARG B 19 14.64 -12.97 1.84
CA ARG B 19 13.27 -13.44 2.02
C ARG B 19 13.24 -14.96 1.90
N SER B 20 13.90 -15.47 0.86
CA SER B 20 13.94 -16.91 0.64
C SER B 20 14.41 -17.63 1.89
N LEU B 21 15.50 -17.13 2.48
CA LEU B 21 16.04 -17.73 3.71
C LEU B 21 15.01 -17.60 4.83
N ALA B 22 14.37 -16.44 4.93
CA ALA B 22 13.37 -16.20 5.97
C ALA B 22 12.24 -17.23 5.85
N TYR B 23 11.67 -17.38 4.65
CA TYR B 23 10.60 -18.36 4.46
C TYR B 23 11.12 -19.75 4.79
N ALA B 24 12.36 -20.04 4.38
CA ALA B 24 12.95 -21.33 4.67
C ALA B 24 13.06 -21.49 6.19
N ALA B 25 13.43 -20.41 6.87
CA ALA B 25 13.53 -20.43 8.33
C ALA B 25 12.18 -20.80 8.92
N LEU B 26 11.12 -20.21 8.39
CA LEU B 26 9.78 -20.50 8.86
C LEU B 26 9.45 -21.97 8.62
N LYS B 27 9.80 -22.46 7.44
CA LYS B 27 9.55 -23.86 7.11
C LYS B 27 10.21 -24.78 8.14
N GLN B 28 11.43 -24.43 8.54
CA GLN B 28 12.13 -25.23 9.56
C GLN B 28 11.31 -25.26 10.84
N ALA B 29 10.74 -24.11 11.19
CA ALA B 29 9.91 -24.02 12.40
C ALA B 29 8.73 -24.97 12.31
N LYS B 30 8.09 -25.01 11.14
CA LYS B 30 6.95 -25.90 10.94
C LYS B 30 7.36 -27.35 11.16
N GLN B 31 8.62 -27.67 10.83
CA GLN B 31 9.10 -29.04 11.01
C GLN B 31 9.46 -29.28 12.48
N GLY B 32 9.32 -28.24 13.29
CA GLY B 32 9.63 -28.35 14.72
C GLY B 32 11.13 -28.18 14.99
N ASP B 33 11.86 -27.66 14.00
CA ASP B 33 13.29 -27.46 14.14
C ASP B 33 13.60 -26.02 14.53
N PHE B 34 13.47 -25.71 15.81
CA PHE B 34 13.73 -24.34 16.29
C PHE B 34 15.18 -23.94 16.10
N ALA B 35 16.09 -24.90 16.27
CA ALA B 35 17.52 -24.60 16.15
C ALA B 35 17.86 -24.12 14.74
N ALA B 36 17.43 -24.87 13.74
CA ALA B 36 17.71 -24.50 12.36
C ALA B 36 16.98 -23.20 12.01
N ALA B 37 15.77 -23.03 12.51
CA ALA B 37 15.03 -21.80 12.24
C ALA B 37 15.82 -20.61 12.74
N LYS B 38 16.23 -20.68 14.02
CA LYS B 38 17.01 -19.60 14.63
C LYS B 38 18.27 -19.27 13.81
N ALA B 39 18.99 -20.29 13.40
CA ALA B 39 20.21 -20.10 12.61
C ALA B 39 19.91 -19.41 11.28
N MET B 40 18.83 -19.82 10.64
CA MET B 40 18.44 -19.26 9.36
C MET B 40 18.05 -17.78 9.51
N MET B 41 17.32 -17.45 10.57
CA MET B 41 16.92 -16.06 10.78
C MET B 41 18.15 -15.17 10.97
N ASP B 42 19.12 -15.68 11.73
CA ASP B 42 20.33 -14.93 12.01
C ASP B 42 21.06 -14.57 10.73
N GLN B 43 21.21 -15.58 9.86
CA GLN B 43 21.88 -15.36 8.59
C GLN B 43 21.08 -14.40 7.72
N SER B 44 19.76 -14.54 7.73
CA SER B 44 18.91 -13.65 6.95
C SER B 44 19.13 -12.20 7.41
N ARG B 45 19.14 -12.00 8.73
CA ARG B 45 19.35 -10.68 9.30
C ARG B 45 20.69 -10.09 8.83
N MET B 46 21.74 -10.90 8.89
CA MET B 46 23.07 -10.45 8.49
C MET B 46 23.05 -10.04 7.02
N ALA B 47 22.37 -10.84 6.20
CA ALA B 47 22.27 -10.53 4.77
C ALA B 47 21.58 -9.19 4.56
N LEU B 48 20.50 -8.97 5.31
CA LEU B 48 19.75 -7.72 5.21
C LEU B 48 20.59 -6.55 5.72
N ASN B 49 21.30 -6.78 6.81
CA ASN B 49 22.13 -5.75 7.40
C ASN B 49 23.18 -5.26 6.40
N GLU B 50 23.83 -6.19 5.73
CA GLU B 50 24.82 -5.83 4.72
C GLU B 50 24.17 -5.10 3.57
N ALA B 51 23.00 -5.58 3.17
CA ALA B 51 22.25 -4.96 2.08
C ALA B 51 21.83 -3.54 2.48
N HIS B 52 21.32 -3.41 3.70
CA HIS B 52 20.88 -2.11 4.21
C HIS B 52 22.06 -1.13 4.27
N LEU B 53 23.22 -1.64 4.69
CA LEU B 53 24.42 -0.80 4.79
C LEU B 53 24.77 -0.23 3.41
N VAL B 54 24.71 -1.09 2.40
CA VAL B 54 25.03 -0.66 1.04
C VAL B 54 24.01 0.40 0.61
N GLN B 55 22.73 0.16 0.90
CA GLN B 55 21.70 1.13 0.53
C GLN B 55 21.96 2.45 1.25
N THR B 56 22.32 2.39 2.54
CA THR B 56 22.60 3.61 3.30
C THR B 56 23.57 4.50 2.53
N LYS B 57 24.65 3.90 2.04
CA LYS B 57 25.62 4.66 1.25
C LYS B 57 24.97 5.20 -0.01
N LEU B 58 24.12 4.39 -0.61
CA LEU B 58 23.44 4.78 -1.84
C LEU B 58 22.45 5.93 -1.59
N ILE B 59 22.02 6.12 -0.32
CA ILE B 59 21.11 7.23 -0.01
C ILE B 59 21.88 8.48 0.45
N GLU B 60 23.00 8.27 1.16
CA GLU B 60 23.81 9.39 1.64
C GLU B 60 24.42 10.17 0.46
N GLY B 61 24.86 9.43 -0.55
CA GLY B 61 25.49 10.05 -1.72
C GLY B 61 24.59 9.96 -2.95
N ASP B 62 23.28 10.02 -2.73
CA ASP B 62 22.32 9.93 -3.82
C ASP B 62 22.41 11.14 -4.77
N ALA B 63 23.21 12.12 -4.40
CA ALA B 63 23.36 13.32 -5.23
C ALA B 63 24.37 13.07 -6.34
N GLY B 64 24.50 14.03 -7.26
CA GLY B 64 25.44 13.90 -8.37
C GLY B 64 24.78 14.23 -9.71
N GLU B 65 23.73 13.48 -10.05
CA GLU B 65 23.03 13.70 -11.32
C GLU B 65 22.34 15.07 -11.33
N GLY B 66 21.76 15.45 -10.20
CA GLY B 66 21.07 16.73 -10.11
C GLY B 66 20.91 17.16 -8.66
N LYS B 67 20.42 18.38 -8.47
CA LYS B 67 20.23 18.92 -7.13
C LYS B 67 19.13 18.16 -6.38
N MET B 68 17.88 18.54 -6.66
CA MET B 68 16.72 17.93 -6.01
C MET B 68 16.52 16.47 -6.40
N LYS B 69 16.75 16.13 -7.66
CA LYS B 69 16.54 14.76 -8.14
C LYS B 69 17.62 13.80 -7.64
N VAL B 70 17.22 12.52 -7.52
CA VAL B 70 18.11 11.47 -7.05
C VAL B 70 18.02 10.24 -7.98
N SER B 71 18.89 9.26 -7.76
CA SER B 71 18.88 8.05 -8.59
C SER B 71 17.52 7.37 -8.49
N LEU B 72 16.93 7.04 -9.64
CA LEU B 72 15.60 6.45 -9.66
C LEU B 72 15.59 5.04 -9.04
N VAL B 73 16.65 4.30 -9.35
CA VAL B 73 16.80 2.93 -8.88
C VAL B 73 16.83 2.84 -7.34
N LEU B 74 17.12 3.96 -6.69
CA LEU B 74 17.18 3.96 -5.22
C LEU B 74 15.91 3.40 -4.63
N VAL B 75 14.79 3.75 -5.25
CA VAL B 75 13.49 3.27 -4.81
C VAL B 75 13.40 1.76 -5.04
N HIS B 76 13.88 1.22 -6.27
CA HIS B 76 13.83 -0.21 -6.57
C HIS B 76 14.51 -1.00 -5.46
N ALA B 77 15.68 -0.52 -5.03
CA ALA B 77 16.41 -1.19 -3.96
C ALA B 77 15.69 -1.02 -2.63
N GLN B 78 15.18 0.19 -2.38
CA GLN B 78 14.49 0.47 -1.13
C GLN B 78 13.21 -0.37 -1.04
N LEU B 79 12.44 -0.39 -2.12
CA LEU B 79 11.22 -1.18 -2.14
C LEU B 79 11.49 -2.65 -1.82
N HIS B 80 12.48 -3.23 -2.48
CA HIS B 80 12.80 -4.62 -2.24
C HIS B 80 13.36 -4.83 -0.84
N LEU B 81 14.27 -3.95 -0.44
CA LEU B 81 14.88 -4.06 0.89
C LEU B 81 13.85 -3.85 2.00
N MET B 82 13.00 -2.85 1.86
CA MET B 82 11.98 -2.57 2.87
C MET B 82 11.02 -3.75 3.01
N THR B 83 10.59 -4.28 1.87
CA THR B 83 9.67 -5.41 1.87
C THR B 83 10.32 -6.64 2.50
N SER B 84 11.55 -6.94 2.10
CA SER B 84 12.26 -8.09 2.64
C SER B 84 12.50 -7.97 4.14
N MET B 85 12.97 -6.81 4.58
CA MET B 85 13.24 -6.60 6.01
C MET B 85 11.96 -6.76 6.83
N LEU B 86 10.89 -6.14 6.36
CA LEU B 86 9.61 -6.21 7.06
C LEU B 86 9.11 -7.65 7.12
N ALA B 87 9.17 -8.33 5.98
CA ALA B 87 8.72 -9.71 5.90
C ALA B 87 9.49 -10.58 6.88
N ARG B 88 10.79 -10.44 6.86
CA ARG B 88 11.65 -11.22 7.75
C ARG B 88 11.28 -10.97 9.21
N GLU B 89 11.08 -9.70 9.59
CA GLU B 89 10.75 -9.38 10.97
C GLU B 89 9.43 -10.05 11.37
N LEU B 90 8.44 -9.96 10.50
CA LEU B 90 7.14 -10.56 10.78
C LEU B 90 7.28 -12.08 10.84
N ILE B 91 8.06 -12.63 9.92
CA ILE B 91 8.30 -14.07 9.91
C ILE B 91 8.95 -14.49 11.23
N THR B 92 9.86 -13.66 11.73
CA THR B 92 10.50 -13.96 13.02
C THR B 92 9.43 -14.07 14.09
N GLU B 93 8.49 -13.13 14.09
CA GLU B 93 7.40 -13.15 15.06
C GLU B 93 6.58 -14.43 14.88
N LEU B 94 6.30 -14.77 13.62
CA LEU B 94 5.54 -15.99 13.33
C LEU B 94 6.27 -17.21 13.87
N ILE B 95 7.59 -17.26 13.68
CA ILE B 95 8.36 -18.38 14.19
C ILE B 95 8.28 -18.46 15.71
N GLU B 96 8.36 -17.30 16.37
CA GLU B 96 8.25 -17.27 17.83
C GLU B 96 6.90 -17.85 18.25
N LEU B 97 5.86 -17.54 17.49
CA LEU B 97 4.52 -18.05 17.79
C LEU B 97 4.52 -19.58 17.69
N HIS B 98 5.19 -20.10 16.66
CA HIS B 98 5.27 -21.55 16.50
C HIS B 98 5.89 -22.17 17.75
N GLU B 99 6.90 -21.48 18.28
CA GLU B 99 7.55 -21.95 19.50
C GLU B 99 6.58 -21.94 20.66
N LYS B 100 5.77 -20.88 20.77
CA LYS B 100 4.79 -20.80 21.84
C LYS B 100 3.72 -21.88 21.65
N LEU B 101 3.39 -22.19 20.39
CA LEU B 101 2.42 -23.25 20.11
C LEU B 101 2.96 -24.60 20.58
N LYS B 102 4.13 -24.57 21.21
CA LYS B 102 4.77 -25.78 21.72
C LYS B 102 5.49 -26.51 20.59
N ALA B 103 4.71 -26.92 19.58
CA ALA B 103 5.25 -27.67 18.43
C ALA B 103 6.64 -27.19 18.04
N ALA C 1 11.12 19.25 -2.05
CA ALA C 1 11.16 20.74 -1.98
C ALA C 1 10.96 21.17 -0.54
N GLU C 2 11.18 22.45 -0.27
CA GLU C 2 11.04 23.02 1.08
C GLU C 2 10.10 22.22 1.98
N GLU C 3 8.81 22.51 1.89
CA GLU C 3 7.83 21.81 2.71
C GLU C 3 7.73 20.34 2.34
N LEU C 4 7.37 20.07 1.08
CA LEU C 4 7.24 18.68 0.63
C LEU C 4 8.38 17.80 1.16
N GLU C 5 9.60 18.32 1.11
CA GLU C 5 10.76 17.57 1.58
C GLU C 5 10.74 17.43 3.10
N GLU C 6 10.47 18.53 3.78
CA GLU C 6 10.41 18.52 5.24
C GLU C 6 9.19 17.70 5.68
N VAL C 7 8.12 17.78 4.89
CA VAL C 7 6.90 17.04 5.17
C VAL C 7 7.17 15.53 5.06
N VAL C 8 7.92 15.14 4.03
CA VAL C 8 8.27 13.74 3.83
C VAL C 8 9.06 13.24 5.04
N MET C 9 10.02 14.04 5.50
CA MET C 9 10.80 13.67 6.66
C MET C 9 9.87 13.40 7.84
N GLY C 10 8.88 14.29 8.01
CA GLY C 10 7.91 14.13 9.08
C GLY C 10 7.12 12.84 8.88
N LEU C 11 6.71 12.59 7.65
CA LEU C 11 5.94 11.37 7.33
C LEU C 11 6.79 10.14 7.59
N ILE C 12 8.05 10.18 7.18
CA ILE C 12 8.94 9.04 7.37
C ILE C 12 9.11 8.78 8.87
N ILE C 13 9.32 9.87 9.61
CA ILE C 13 9.47 9.76 11.06
C ILE C 13 8.16 9.23 11.66
N ASN C 14 7.05 9.81 11.22
CA ASN C 14 5.73 9.40 11.72
C ASN C 14 5.50 7.92 11.43
N SER C 15 5.79 7.51 10.19
CA SER C 15 5.63 6.11 9.81
C SER C 15 6.52 5.24 10.68
N GLY C 16 7.76 5.70 10.90
CA GLY C 16 8.70 4.95 11.73
C GLY C 16 8.18 4.84 13.16
N GLN C 17 7.67 5.95 13.70
CA GLN C 17 7.13 5.92 15.06
C GLN C 17 5.95 4.97 15.12
N ALA C 18 5.12 5.01 14.08
CA ALA C 18 3.96 4.14 14.02
C ALA C 18 4.38 2.67 14.15
N ARG C 19 5.36 2.27 13.33
CA ARG C 19 5.84 0.91 13.40
C ARG C 19 6.41 0.63 14.79
N SER C 20 7.21 1.57 15.28
CA SER C 20 7.81 1.41 16.60
C SER C 20 6.73 1.13 17.65
N LEU C 21 5.66 1.92 17.61
CA LEU C 21 4.56 1.74 18.54
C LEU C 21 3.92 0.37 18.33
N ALA C 22 3.73 0.00 17.06
CA ALA C 22 3.13 -1.29 16.73
C ALA C 22 3.96 -2.44 17.33
N TYR C 23 5.27 -2.43 17.07
CA TYR C 23 6.14 -3.47 17.64
C TYR C 23 6.05 -3.45 19.16
N ALA C 24 6.03 -2.24 19.72
CA ALA C 24 5.92 -2.11 21.17
C ALA C 24 4.59 -2.72 21.62
N ALA C 25 3.54 -2.47 20.85
CA ALA C 25 2.23 -3.03 21.16
C ALA C 25 2.31 -4.55 21.21
N LEU C 26 3.01 -5.12 20.24
CA LEU C 26 3.19 -6.57 20.18
C LEU C 26 3.95 -7.05 21.42
N LYS C 27 4.99 -6.31 21.77
CA LYS C 27 5.79 -6.66 22.94
C LYS C 27 4.90 -6.72 24.19
N GLN C 28 3.99 -5.77 24.31
CA GLN C 28 3.06 -5.75 25.44
C GLN C 28 2.26 -7.04 25.47
N ALA C 29 1.82 -7.47 24.27
CA ALA C 29 1.05 -8.70 24.16
C ALA C 29 1.85 -9.89 24.67
N LYS C 30 3.13 -9.94 24.30
CA LYS C 30 3.99 -11.02 24.76
C LYS C 30 4.07 -11.06 26.28
N GLN C 31 3.98 -9.88 26.90
CA GLN C 31 4.04 -9.80 28.36
C GLN C 31 2.67 -10.17 28.96
N GLY C 32 1.71 -10.44 28.08
CA GLY C 32 0.36 -10.83 28.53
C GLY C 32 -0.47 -9.60 28.89
N ASP C 33 -0.04 -8.43 28.44
CA ASP C 33 -0.76 -7.18 28.70
C ASP C 33 -1.63 -6.80 27.51
N PHE C 34 -2.80 -7.41 27.42
CA PHE C 34 -3.71 -7.14 26.31
C PHE C 34 -4.22 -5.70 26.34
N ALA C 35 -4.43 -5.17 27.54
CA ALA C 35 -4.94 -3.81 27.68
C ALA C 35 -3.97 -2.79 27.08
N ALA C 36 -2.71 -2.89 27.47
CA ALA C 36 -1.71 -1.96 26.96
C ALA C 36 -1.50 -2.17 25.47
N ALA C 37 -1.55 -3.42 25.02
CA ALA C 37 -1.38 -3.71 23.60
C ALA C 37 -2.48 -3.00 22.81
N LYS C 38 -3.72 -3.21 23.22
CA LYS C 38 -4.87 -2.59 22.57
C LYS C 38 -4.72 -1.07 22.49
N ALA C 39 -4.32 -0.45 23.61
CA ALA C 39 -4.16 1.00 23.65
C ALA C 39 -3.06 1.46 22.68
N MET C 40 -1.96 0.72 22.64
CA MET C 40 -0.85 1.06 21.77
C MET C 40 -1.25 0.92 20.30
N MET C 41 -2.03 -0.11 19.99
CA MET C 41 -2.48 -0.31 18.61
C MET C 41 -3.35 0.85 18.16
N ASP C 42 -4.25 1.28 19.04
CA ASP C 42 -5.17 2.36 18.72
C ASP C 42 -4.41 3.63 18.38
N GLN C 43 -3.42 3.97 19.21
CA GLN C 43 -2.61 5.16 18.97
C GLN C 43 -1.83 5.03 17.67
N SER C 44 -1.30 3.85 17.42
CA SER C 44 -0.55 3.60 16.19
C SER C 44 -1.44 3.87 14.98
N ARG C 45 -2.67 3.32 15.03
CA ARG C 45 -3.64 3.50 13.96
C ARG C 45 -3.93 4.99 13.72
N MET C 46 -4.14 5.72 14.81
CA MET C 46 -4.43 7.15 14.72
C MET C 46 -3.26 7.89 14.08
N ALA C 47 -2.04 7.51 14.47
CA ALA C 47 -0.84 8.14 13.91
C ALA C 47 -0.78 7.91 12.40
N LEU C 48 -1.08 6.68 11.98
CA LEU C 48 -1.07 6.33 10.57
C LEU C 48 -2.17 7.06 9.82
N ASN C 49 -3.34 7.15 10.45
CA ASN C 49 -4.48 7.81 9.84
C ASN C 49 -4.14 9.27 9.52
N GLU C 50 -3.51 9.95 10.47
CA GLU C 50 -3.11 11.33 10.26
C GLU C 50 -2.06 11.41 9.16
N ALA C 51 -1.13 10.47 9.19
CA ALA C 51 -0.07 10.43 8.18
C ALA C 51 -0.67 10.15 6.80
N HIS C 52 -1.58 9.19 6.74
CA HIS C 52 -2.25 8.85 5.48
C HIS C 52 -3.02 10.05 4.94
N LEU C 53 -3.69 10.78 5.83
CA LEU C 53 -4.47 11.95 5.43
C LEU C 53 -3.56 12.98 4.76
N VAL C 54 -2.39 13.20 5.35
CA VAL C 54 -1.45 14.16 4.80
C VAL C 54 -0.99 13.67 3.43
N GLN C 55 -0.69 12.38 3.32
CA GLN C 55 -0.26 11.82 2.04
C GLN C 55 -1.38 11.99 1.00
N THR C 56 -2.62 11.74 1.41
CA THR C 56 -3.76 11.88 0.48
C THR C 56 -3.70 13.25 -0.19
N LYS C 57 -3.50 14.29 0.60
CA LYS C 57 -3.40 15.64 0.05
C LYS C 57 -2.20 15.73 -0.88
N LEU C 58 -1.11 15.09 -0.49
CA LEU C 58 0.10 15.11 -1.29
C LEU C 58 -0.08 14.35 -2.61
N ILE C 59 -1.09 13.47 -2.70
CA ILE C 59 -1.33 12.76 -3.95
C ILE C 59 -2.40 13.48 -4.79
N GLU C 60 -3.38 14.10 -4.14
CA GLU C 60 -4.43 14.83 -4.87
C GLU C 60 -3.85 16.03 -5.60
N GLY C 61 -2.89 16.71 -4.98
CA GLY C 61 -2.28 17.89 -5.57
C GLY C 61 -0.83 17.62 -5.97
N ASP C 62 -0.56 16.41 -6.41
CA ASP C 62 0.79 16.03 -6.80
C ASP C 62 1.22 16.75 -8.06
N ALA C 63 0.31 17.49 -8.68
CA ALA C 63 0.63 18.24 -9.90
C ALA C 63 1.30 19.56 -9.56
N GLY C 64 1.78 20.26 -10.59
CA GLY C 64 2.43 21.56 -10.39
C GLY C 64 3.77 21.63 -11.13
N GLU C 65 4.69 20.71 -10.81
CA GLU C 65 5.99 20.70 -11.45
C GLU C 65 5.87 20.38 -12.94
N GLY C 66 4.99 19.45 -13.27
CA GLY C 66 4.80 19.05 -14.66
C GLY C 66 3.45 18.36 -14.86
N LYS C 67 3.12 18.09 -16.11
CA LYS C 67 1.85 17.44 -16.43
C LYS C 67 1.83 16.00 -15.92
N MET C 68 2.44 15.10 -16.70
CA MET C 68 2.48 13.68 -16.36
C MET C 68 3.31 13.38 -15.12
N LYS C 69 4.45 14.07 -14.97
CA LYS C 69 5.34 13.83 -13.84
C LYS C 69 4.79 14.36 -12.52
N VAL C 70 5.20 13.71 -11.43
CA VAL C 70 4.76 14.07 -10.08
C VAL C 70 5.96 14.16 -9.13
N SER C 71 5.72 14.64 -7.91
CA SER C 71 6.80 14.75 -6.93
C SER C 71 7.42 13.38 -6.68
N LEU C 72 8.74 13.30 -6.77
CA LEU C 72 9.45 12.03 -6.61
C LEU C 72 9.31 11.48 -5.19
N VAL C 73 9.40 12.39 -4.22
CA VAL C 73 9.33 12.04 -2.80
C VAL C 73 8.00 11.37 -2.44
N LEU C 74 6.99 11.57 -3.26
CA LEU C 74 5.68 10.98 -3.00
C LEU C 74 5.79 9.48 -2.74
N VAL C 75 6.66 8.86 -3.52
CA VAL C 75 6.89 7.43 -3.39
C VAL C 75 7.57 7.15 -2.05
N HIS C 76 8.63 7.98 -1.63
CA HIS C 76 9.32 7.79 -0.37
C HIS C 76 8.32 7.74 0.79
N ALA C 77 7.37 8.67 0.78
CA ALA C 77 6.35 8.70 1.82
C ALA C 77 5.39 7.53 1.68
N GLN C 78 5.03 7.21 0.42
CA GLN C 78 4.10 6.11 0.17
C GLN C 78 4.74 4.79 0.59
N LEU C 79 5.99 4.58 0.19
CA LEU C 79 6.71 3.36 0.55
C LEU C 79 6.75 3.17 2.06
N HIS C 80 7.13 4.21 2.79
CA HIS C 80 7.20 4.12 4.24
C HIS C 80 5.81 3.94 4.85
N LEU C 81 4.87 4.73 4.38
CA LEU C 81 3.50 4.67 4.89
C LEU C 81 2.85 3.31 4.59
N MET C 82 3.01 2.84 3.37
CA MET C 82 2.42 1.55 2.98
C MET C 82 3.01 0.42 3.82
N THR C 83 4.32 0.45 3.99
CA THR C 83 5.00 -0.58 4.76
C THR C 83 4.54 -0.55 6.22
N SER C 84 4.53 0.64 6.80
CA SER C 84 4.12 0.80 8.20
C SER C 84 2.67 0.37 8.42
N MET C 85 1.76 0.84 7.56
CA MET C 85 0.35 0.48 7.70
C MET C 85 0.16 -1.04 7.61
N LEU C 86 0.80 -1.65 6.63
CA LEU C 86 0.70 -3.09 6.43
C LEU C 86 1.24 -3.83 7.65
N ALA C 87 2.42 -3.42 8.10
CA ALA C 87 3.05 -4.04 9.25
C ALA C 87 2.13 -3.96 10.47
N ARG C 88 1.61 -2.77 10.71
CA ARG C 88 0.74 -2.55 11.84
C ARG C 88 -0.50 -3.47 11.77
N GLU C 89 -1.11 -3.56 10.59
CA GLU C 89 -2.29 -4.42 10.44
C GLU C 89 -1.95 -5.88 10.74
N LEU C 90 -0.82 -6.35 10.20
CA LEU C 90 -0.40 -7.72 10.44
C LEU C 90 -0.07 -7.92 11.91
N ILE C 91 0.60 -6.95 12.49
CA ILE C 91 0.95 -7.02 13.90
C ILE C 91 -0.33 -7.12 14.73
N THR C 92 -1.36 -6.39 14.32
CA THR C 92 -2.64 -6.46 15.02
C THR C 92 -3.15 -7.89 14.99
N GLU C 93 -3.06 -8.53 13.83
CA GLU C 93 -3.50 -9.92 13.70
C GLU C 93 -2.66 -10.82 14.62
N LEU C 94 -1.36 -10.56 14.63
CA LEU C 94 -0.45 -11.34 15.47
C LEU C 94 -0.84 -11.20 16.94
N ILE C 95 -1.16 -9.98 17.35
CA ILE C 95 -1.57 -9.73 18.73
C ILE C 95 -2.86 -10.51 19.05
N GLU C 96 -3.80 -10.48 18.12
CA GLU C 96 -5.05 -11.21 18.31
C GLU C 96 -4.75 -12.70 18.53
N LEU C 97 -3.78 -13.21 17.77
CA LEU C 97 -3.39 -14.61 17.91
C LEU C 97 -2.85 -14.87 19.32
N HIS C 98 -2.05 -13.94 19.83
CA HIS C 98 -1.52 -14.09 21.18
C HIS C 98 -2.68 -14.22 22.16
N GLU C 99 -3.73 -13.44 21.92
CA GLU C 99 -4.90 -13.49 22.78
C GLU C 99 -5.57 -14.87 22.68
N LYS C 100 -5.65 -15.41 21.46
CA LYS C 100 -6.25 -16.72 21.29
C LYS C 100 -5.38 -17.78 21.95
N LEU C 101 -4.05 -17.58 21.91
CA LEU C 101 -3.12 -18.52 22.55
C LEU C 101 -3.37 -18.53 24.06
N LYS C 102 -4.36 -17.76 24.51
CA LYS C 102 -4.70 -17.67 25.93
C LYS C 102 -3.78 -16.68 26.63
N ALA C 103 -2.48 -16.99 26.61
CA ALA C 103 -1.45 -16.16 27.26
C ALA C 103 -1.80 -14.67 27.21
N LYS D 1 -19.97 26.95 -1.17
CA LYS D 1 -19.08 26.05 -1.96
C LYS D 1 -19.44 24.59 -1.78
N LYS D 2 -19.77 23.94 -2.87
CA LYS D 2 -20.15 22.54 -2.84
C LYS D 2 -18.93 21.62 -2.88
N HIS D 3 -19.02 20.49 -2.19
CA HIS D 3 -17.93 19.52 -2.13
C HIS D 3 -18.12 18.37 -3.08
N ILE D 4 -17.20 18.26 -4.03
CA ILE D 4 -17.22 17.18 -4.99
C ILE D 4 -16.07 16.24 -4.61
N TYR D 5 -16.39 15.03 -4.18
CA TYR D 5 -15.38 14.06 -3.78
C TYR D 5 -15.33 12.90 -4.76
N LEU D 6 -14.13 12.60 -5.26
CA LEU D 6 -13.90 11.48 -6.19
C LEU D 6 -13.25 10.35 -5.40
N PHE D 7 -13.55 9.09 -5.75
CA PHE D 7 -12.85 7.97 -5.13
C PHE D 7 -12.17 7.07 -6.16
N CYS D 8 -11.02 6.47 -5.74
CA CYS D 8 -10.25 5.48 -6.47
C CYS D 8 -9.49 4.59 -5.49
N SER D 9 -8.60 3.69 -5.88
CA SER D 9 -8.03 2.85 -4.84
C SER D 9 -7.18 3.67 -3.88
N ALA D 10 -6.18 4.44 -4.37
CA ALA D 10 -5.28 5.16 -3.48
C ALA D 10 -5.58 6.64 -3.54
N GLY D 11 -5.83 7.17 -4.74
CA GLY D 11 -6.13 8.57 -4.92
C GLY D 11 -5.11 9.26 -5.81
N MET D 12 -4.47 8.53 -6.74
CA MET D 12 -3.46 9.15 -7.60
C MET D 12 -3.96 9.34 -9.04
N SER D 13 -4.06 8.27 -9.76
CA SER D 13 -4.50 8.38 -11.17
C SER D 13 -5.71 9.30 -11.31
N THR D 14 -6.45 9.50 -10.21
CA THR D 14 -7.61 10.38 -10.31
C THR D 14 -7.21 11.78 -9.89
N SER D 15 -6.09 11.83 -9.22
CA SER D 15 -5.48 13.09 -8.76
C SER D 15 -5.20 14.03 -9.93
N LEU D 16 -4.82 13.46 -11.06
CA LEU D 16 -4.55 14.26 -12.24
C LEU D 16 -5.88 14.86 -12.76
N LEU D 17 -6.96 14.07 -12.72
CA LEU D 17 -8.28 14.55 -13.14
C LEU D 17 -8.75 15.68 -12.19
N VAL D 18 -8.54 15.48 -10.88
CA VAL D 18 -8.91 16.50 -9.89
C VAL D 18 -8.18 17.83 -10.15
N SER D 19 -6.89 17.79 -10.47
CA SER D 19 -6.17 19.03 -10.74
C SER D 19 -6.73 19.77 -11.98
N LYS D 20 -7.12 19.03 -13.02
CA LYS D 20 -7.71 19.66 -14.20
C LYS D 20 -9.12 20.20 -13.91
N MET D 21 -9.87 19.50 -13.07
CA MET D 21 -11.22 20.00 -12.73
C MET D 21 -11.08 21.31 -11.94
N ARG D 22 -10.13 21.39 -11.02
CA ARG D 22 -9.91 22.60 -10.21
C ARG D 22 -9.56 23.79 -11.12
N ALA D 23 -8.79 23.54 -12.18
CA ALA D 23 -8.39 24.59 -13.11
C ALA D 23 -9.63 25.14 -13.81
N GLN D 24 -10.50 24.24 -14.24
CA GLN D 24 -11.72 24.61 -14.91
C GLN D 24 -12.67 25.35 -14.00
N ALA D 25 -12.80 24.88 -12.77
CA ALA D 25 -13.69 25.53 -11.80
C ALA D 25 -13.24 26.96 -11.55
N GLU D 26 -11.93 27.20 -11.60
CA GLU D 26 -11.39 28.54 -11.36
C GLU D 26 -11.65 29.43 -12.57
N LYS D 27 -11.43 28.88 -13.76
CA LYS D 27 -11.63 29.59 -14.99
C LYS D 27 -13.07 30.10 -15.12
N TYR D 28 -14.05 29.29 -14.72
CA TYR D 28 -15.48 29.69 -14.80
C TYR D 28 -16.13 30.10 -13.49
N GLU D 29 -15.33 30.35 -12.46
CA GLU D 29 -15.81 30.78 -11.15
C GLU D 29 -16.89 29.89 -10.51
N VAL D 30 -16.76 28.58 -10.66
CA VAL D 30 -17.70 27.63 -10.08
C VAL D 30 -17.27 27.48 -8.62
N PRO D 31 -18.19 27.73 -7.67
CA PRO D 31 -17.91 27.64 -6.23
C PRO D 31 -17.93 26.21 -5.68
N VAL D 32 -16.88 25.46 -6.01
CA VAL D 32 -16.75 24.08 -5.57
C VAL D 32 -15.38 23.76 -5.01
N ILE D 33 -15.35 22.75 -4.14
CA ILE D 33 -14.13 22.22 -3.55
C ILE D 33 -14.09 20.77 -4.09
N ILE D 34 -12.98 20.40 -4.71
CA ILE D 34 -12.79 19.07 -5.32
C ILE D 34 -11.61 18.31 -4.66
N GLU D 35 -11.86 17.09 -4.18
CA GLU D 35 -10.83 16.27 -3.52
C GLU D 35 -10.93 14.82 -4.00
N ALA D 36 -9.78 14.14 -4.09
CA ALA D 36 -9.71 12.73 -4.50
C ALA D 36 -9.34 11.92 -3.25
N PHE D 37 -9.93 10.74 -3.09
CA PHE D 37 -9.64 9.87 -1.95
C PHE D 37 -9.66 8.44 -2.43
N PRO D 38 -9.08 7.53 -1.64
CA PRO D 38 -9.07 6.11 -2.02
C PRO D 38 -10.49 5.61 -1.70
N GLU D 39 -10.91 4.54 -2.35
CA GLU D 39 -12.24 3.96 -2.13
C GLU D 39 -12.51 3.54 -0.69
N THR D 40 -11.46 3.29 0.09
CA THR D 40 -11.63 2.88 1.48
C THR D 40 -12.26 3.95 2.37
N LEU D 41 -12.19 5.21 1.94
CA LEU D 41 -12.77 6.32 2.70
C LEU D 41 -14.15 6.77 2.20
N ALA D 42 -14.74 6.07 1.21
CA ALA D 42 -16.05 6.45 0.63
C ALA D 42 -17.14 6.64 1.68
N GLY D 43 -17.12 5.80 2.71
CA GLY D 43 -18.13 5.91 3.75
C GLY D 43 -17.81 6.98 4.77
N GLU D 44 -16.53 7.16 5.08
CA GLU D 44 -16.15 8.15 6.07
C GLU D 44 -16.16 9.59 5.49
N LYS D 45 -15.52 9.77 4.34
CA LYS D 45 -15.46 11.08 3.70
C LYS D 45 -16.73 11.45 2.92
N GLY D 46 -17.38 10.46 2.32
CA GLY D 46 -18.60 10.70 1.55
C GLY D 46 -19.69 11.43 2.29
N GLN D 47 -19.77 11.23 3.60
CA GLN D 47 -20.79 11.89 4.43
C GLN D 47 -20.74 13.42 4.34
N ASN D 48 -19.59 13.97 3.95
CA ASN D 48 -19.43 15.41 3.87
C ASN D 48 -19.45 15.95 2.45
N ALA D 49 -19.66 15.08 1.48
CA ALA D 49 -19.67 15.54 0.10
C ALA D 49 -21.06 15.97 -0.30
N ASP D 50 -21.11 16.82 -1.31
CA ASP D 50 -22.38 17.25 -1.83
C ASP D 50 -22.73 16.32 -2.99
N VAL D 51 -21.69 15.73 -3.60
CA VAL D 51 -21.88 14.75 -4.67
C VAL D 51 -20.68 13.78 -4.61
N VAL D 52 -20.98 12.49 -4.70
CA VAL D 52 -19.97 11.44 -4.66
C VAL D 52 -19.78 10.85 -6.06
N LEU D 53 -18.55 10.92 -6.57
CA LEU D 53 -18.24 10.38 -7.88
C LEU D 53 -17.30 9.18 -7.73
N LEU D 54 -17.60 8.08 -8.42
CA LEU D 54 -16.75 6.88 -8.36
C LEU D 54 -15.96 6.73 -9.63
N GLY D 55 -14.69 6.35 -9.51
CA GLY D 55 -13.84 6.18 -10.68
C GLY D 55 -14.39 5.02 -11.49
N PRO D 56 -14.13 4.94 -12.76
CA PRO D 56 -14.66 3.84 -13.62
C PRO D 56 -14.24 2.42 -13.18
N GLN D 57 -13.07 2.31 -12.54
CA GLN D 57 -12.57 1.02 -12.08
C GLN D 57 -13.39 0.49 -10.90
N ILE D 58 -14.04 1.38 -10.15
CA ILE D 58 -14.82 0.94 -9.01
C ILE D 58 -16.34 1.02 -9.23
N ALA D 59 -16.75 0.99 -10.49
CA ALA D 59 -18.17 1.04 -10.83
C ALA D 59 -18.94 -0.11 -10.19
N TYR D 60 -18.34 -1.30 -10.13
CA TYR D 60 -19.04 -2.44 -9.55
C TYR D 60 -19.46 -2.21 -8.09
N MET D 61 -18.84 -1.23 -7.44
CA MET D 61 -19.15 -0.89 -6.05
C MET D 61 -20.33 0.08 -5.87
N LEU D 62 -20.89 0.58 -6.97
CA LEU D 62 -21.99 1.54 -6.90
C LEU D 62 -23.13 1.19 -5.93
N PRO D 63 -23.73 -0.02 -6.05
CA PRO D 63 -24.82 -0.37 -5.12
C PRO D 63 -24.43 -0.30 -3.65
N GLU D 64 -23.22 -0.72 -3.30
CA GLU D 64 -22.77 -0.68 -1.91
C GLU D 64 -22.60 0.74 -1.42
N ILE D 65 -22.02 1.59 -2.25
CA ILE D 65 -21.83 2.99 -1.85
C ILE D 65 -23.16 3.74 -1.71
N GLN D 66 -24.12 3.42 -2.59
CA GLN D 66 -25.46 4.00 -2.52
C GLN D 66 -26.13 3.64 -1.18
N ARG D 67 -26.00 2.39 -0.73
CA ARG D 67 -26.60 1.98 0.55
C ARG D 67 -25.89 2.63 1.74
N LEU D 68 -24.60 2.88 1.59
CA LEU D 68 -23.77 3.49 2.64
C LEU D 68 -24.11 4.97 2.82
N LEU D 69 -24.39 5.65 1.70
CA LEU D 69 -24.73 7.09 1.68
C LEU D 69 -26.11 7.27 1.01
N PRO D 70 -27.20 6.87 1.69
CA PRO D 70 -28.55 6.99 1.13
C PRO D 70 -29.03 8.44 0.93
N ASN D 71 -28.35 9.38 1.56
CA ASN D 71 -28.75 10.79 1.44
C ASN D 71 -27.82 11.63 0.57
N LYS D 72 -27.08 10.99 -0.33
CA LYS D 72 -26.14 11.69 -1.21
C LYS D 72 -26.26 11.20 -2.63
N PRO D 73 -26.13 12.10 -3.63
CA PRO D 73 -26.21 11.62 -5.02
C PRO D 73 -24.85 10.97 -5.27
N VAL D 74 -24.87 9.73 -5.75
CA VAL D 74 -23.64 8.96 -6.02
C VAL D 74 -23.64 8.48 -7.46
N GLU D 75 -22.58 8.72 -8.19
CA GLU D 75 -22.53 8.22 -9.55
C GLU D 75 -21.13 7.95 -10.07
N VAL D 76 -21.06 7.12 -11.10
CA VAL D 76 -19.80 6.72 -11.71
C VAL D 76 -19.40 7.72 -12.78
N ILE D 77 -18.11 8.03 -12.84
CA ILE D 77 -17.58 8.96 -13.83
C ILE D 77 -17.54 8.27 -15.17
N ASP D 78 -17.96 8.97 -16.21
CA ASP D 78 -17.94 8.40 -17.55
C ASP D 78 -16.51 7.95 -17.89
N SER D 79 -16.33 6.69 -18.28
CA SER D 79 -14.99 6.17 -18.58
C SER D 79 -14.18 6.90 -19.65
N LEU D 80 -14.87 7.44 -20.65
CA LEU D 80 -14.19 8.17 -21.73
C LEU D 80 -13.73 9.53 -21.23
N LEU D 81 -14.58 10.18 -20.45
CA LEU D 81 -14.26 11.49 -19.90
C LEU D 81 -13.10 11.33 -18.94
N TYR D 82 -13.10 10.21 -18.22
CA TYR D 82 -12.04 9.90 -17.25
C TYR D 82 -10.71 9.58 -17.95
N GLY D 83 -10.75 8.68 -18.92
CA GLY D 83 -9.54 8.32 -19.64
C GLY D 83 -8.87 9.50 -20.31
N LYS D 84 -9.68 10.37 -20.87
CA LYS D 84 -9.22 11.56 -21.59
C LYS D 84 -8.79 12.70 -20.65
N VAL D 85 -9.07 12.52 -19.35
CA VAL D 85 -8.77 13.52 -18.31
C VAL D 85 -9.47 14.86 -18.61
N ASP D 86 -10.76 14.77 -18.94
CA ASP D 86 -11.57 15.95 -19.28
C ASP D 86 -12.09 16.63 -18.03
N GLY D 87 -11.29 17.56 -17.51
CA GLY D 87 -11.64 18.31 -16.31
C GLY D 87 -12.94 19.07 -16.45
N LEU D 88 -13.16 19.73 -17.60
CA LEU D 88 -14.39 20.49 -17.80
C LEU D 88 -15.63 19.58 -17.87
N GLY D 89 -15.50 18.50 -18.64
CA GLY D 89 -16.59 17.56 -18.81
C GLY D 89 -17.07 16.91 -17.53
N VAL D 90 -16.12 16.49 -16.69
CA VAL D 90 -16.48 15.84 -15.42
C VAL D 90 -17.04 16.88 -14.45
N LEU D 91 -16.47 18.08 -14.49
CA LEU D 91 -16.97 19.15 -13.63
C LEU D 91 -18.46 19.39 -14.00
N LYS D 92 -18.76 19.42 -15.30
CA LYS D 92 -20.15 19.61 -15.75
C LYS D 92 -21.09 18.52 -15.24
N ALA D 93 -20.64 17.27 -15.30
CA ALA D 93 -21.47 16.14 -14.85
C ALA D 93 -21.76 16.21 -13.35
N ALA D 94 -20.78 16.72 -12.60
CA ALA D 94 -20.90 16.82 -11.15
C ALA D 94 -21.90 17.90 -10.75
N VAL D 95 -21.80 19.06 -11.40
CA VAL D 95 -22.72 20.17 -11.13
C VAL D 95 -24.13 19.69 -11.49
N ALA D 96 -24.25 18.98 -12.61
CA ALA D 96 -25.54 18.45 -13.04
C ALA D 96 -26.13 17.51 -11.99
N ALA D 97 -25.33 16.57 -11.49
CA ALA D 97 -25.85 15.64 -10.49
C ALA D 97 -26.36 16.40 -9.26
N ILE D 98 -25.70 17.51 -8.93
CA ILE D 98 -26.12 18.32 -7.78
C ILE D 98 -27.46 19.01 -8.03
N LYS D 99 -27.63 19.58 -9.24
CA LYS D 99 -28.87 20.26 -9.62
C LYS D 99 -30.01 19.26 -9.71
N LYS D 100 -29.80 18.19 -10.45
CA LYS D 100 -30.83 17.18 -10.59
C LYS D 100 -31.20 16.60 -9.22
N ALA D 101 -30.34 16.79 -8.23
CA ALA D 101 -30.58 16.28 -6.88
C ALA D 101 -31.37 17.24 -6.00
N ALA D 102 -31.14 18.54 -6.18
CA ALA D 102 -31.83 19.57 -5.43
C ALA D 102 -33.22 19.88 -6.02
N ALA D 103 -33.60 19.13 -7.06
CA ALA D 103 -34.88 19.29 -7.72
C ALA D 103 -35.05 18.26 -8.85
P PO3 E . -4.76 5.45 -7.18
O1 PO3 E . -5.24 4.04 -6.93
O2 PO3 E . -4.72 6.00 -8.59
O3 PO3 E . -4.13 6.25 -6.06
N ALA A 1 0.74 7.29 -18.60
CA ALA A 1 0.24 7.59 -19.96
C ALA A 1 -1.09 6.86 -20.17
N GLU A 2 -1.77 7.18 -21.26
CA GLU A 2 -3.08 6.58 -21.60
C GLU A 2 -3.28 5.20 -20.95
N GLU A 3 -2.80 4.17 -21.63
CA GLU A 3 -2.95 2.80 -21.13
C GLU A 3 -2.16 2.60 -19.84
N LEU A 4 -0.84 2.78 -19.91
CA LEU A 4 0.01 2.60 -18.74
C LEU A 4 -0.63 3.20 -17.48
N GLU A 5 -1.21 4.38 -17.61
CA GLU A 5 -1.84 5.05 -16.47
C GLU A 5 -3.12 4.34 -16.08
N GLU A 6 -3.94 4.01 -17.07
CA GLU A 6 -5.19 3.30 -16.82
C GLU A 6 -4.88 1.88 -16.34
N VAL A 7 -3.80 1.31 -16.88
CA VAL A 7 -3.37 -0.03 -16.50
C VAL A 7 -2.93 -0.05 -15.03
N VAL A 8 -2.20 0.99 -14.63
CA VAL A 8 -1.73 1.10 -13.25
C VAL A 8 -2.95 1.16 -12.33
N MET A 9 -3.95 1.96 -12.70
CA MET A 9 -5.17 2.06 -11.90
C MET A 9 -5.77 0.67 -11.73
N GLY A 10 -5.81 -0.09 -12.82
CA GLY A 10 -6.34 -1.45 -12.77
C GLY A 10 -5.49 -2.31 -11.83
N LEU A 11 -4.17 -2.17 -11.95
CA LEU A 11 -3.26 -2.93 -11.10
C LEU A 11 -3.45 -2.56 -9.64
N ILE A 12 -3.57 -1.27 -9.37
CA ILE A 12 -3.76 -0.80 -8.00
C ILE A 12 -5.06 -1.36 -7.46
N ILE A 13 -6.11 -1.29 -8.26
CA ILE A 13 -7.40 -1.82 -7.85
C ILE A 13 -7.30 -3.33 -7.65
N ASN A 14 -6.65 -4.01 -8.60
CA ASN A 14 -6.47 -5.45 -8.53
C ASN A 14 -5.71 -5.82 -7.26
N SER A 15 -4.61 -5.11 -7.03
CA SER A 15 -3.81 -5.35 -5.83
C SER A 15 -4.65 -5.14 -4.57
N GLY A 16 -5.44 -4.06 -4.60
CA GLY A 16 -6.32 -3.75 -3.47
C GLY A 16 -7.35 -4.86 -3.26
N GLN A 17 -7.95 -5.32 -4.36
CA GLN A 17 -8.94 -6.40 -4.27
C GLN A 17 -8.27 -7.65 -3.72
N ALA A 18 -7.05 -7.92 -4.18
CA ALA A 18 -6.31 -9.09 -3.72
C ALA A 18 -6.15 -9.04 -2.21
N ARG A 19 -5.70 -7.91 -1.69
CA ARG A 19 -5.55 -7.77 -0.25
C ARG A 19 -6.90 -7.95 0.43
N SER A 20 -7.91 -7.28 -0.11
CA SER A 20 -9.25 -7.36 0.44
C SER A 20 -9.68 -8.83 0.57
N LEU A 21 -9.47 -9.59 -0.49
CA LEU A 21 -9.81 -11.01 -0.48
C LEU A 21 -8.97 -11.74 0.58
N ALA A 22 -7.69 -11.40 0.63
CA ALA A 22 -6.79 -12.03 1.60
C ALA A 22 -7.30 -11.80 3.03
N TYR A 23 -7.59 -10.55 3.38
CA TYR A 23 -8.10 -10.25 4.72
C TYR A 23 -9.41 -11.00 4.93
N ALA A 24 -10.25 -11.03 3.90
CA ALA A 24 -11.51 -11.73 3.99
C ALA A 24 -11.24 -13.22 4.25
N ALA A 25 -10.23 -13.75 3.56
CA ALA A 25 -9.84 -15.14 3.75
C ALA A 25 -9.48 -15.38 5.21
N LEU A 26 -8.72 -14.46 5.78
CA LEU A 26 -8.32 -14.57 7.18
C LEU A 26 -9.56 -14.55 8.07
N LYS A 27 -10.48 -13.64 7.77
CA LYS A 27 -11.71 -13.53 8.54
C LYS A 27 -12.45 -14.87 8.56
N GLN A 28 -12.48 -15.54 7.41
CA GLN A 28 -13.15 -16.84 7.31
C GLN A 28 -12.48 -17.81 8.28
N ALA A 29 -11.15 -17.75 8.35
CA ALA A 29 -10.39 -18.62 9.24
C ALA A 29 -10.80 -18.38 10.69
N LYS A 30 -10.95 -17.12 11.05
CA LYS A 30 -11.36 -16.77 12.41
C LYS A 30 -12.72 -17.37 12.73
N GLN A 31 -13.58 -17.50 11.72
CA GLN A 31 -14.89 -18.08 11.93
C GLN A 31 -14.80 -19.60 11.96
N GLY A 32 -13.60 -20.12 11.77
CA GLY A 32 -13.37 -21.56 11.81
C GLY A 32 -13.71 -22.21 10.47
N ASP A 33 -13.83 -21.40 9.43
CA ASP A 33 -14.15 -21.90 8.09
C ASP A 33 -12.88 -22.06 7.26
N PHE A 34 -12.18 -23.18 7.47
CA PHE A 34 -10.93 -23.42 6.73
C PHE A 34 -11.18 -23.60 5.24
N ALA A 35 -12.31 -24.21 4.89
CA ALA A 35 -12.63 -24.46 3.49
C ALA A 35 -12.77 -23.14 2.72
N ALA A 36 -13.56 -22.23 3.26
CA ALA A 36 -13.76 -20.95 2.60
C ALA A 36 -12.46 -20.14 2.60
N ALA A 37 -11.70 -20.23 3.68
CA ALA A 37 -10.43 -19.52 3.75
C ALA A 37 -9.52 -19.99 2.60
N LYS A 38 -9.36 -21.30 2.49
CA LYS A 38 -8.53 -21.90 1.45
C LYS A 38 -8.96 -21.42 0.06
N ALA A 39 -10.26 -21.45 -0.21
CA ALA A 39 -10.77 -21.03 -1.51
C ALA A 39 -10.47 -19.57 -1.79
N MET A 40 -10.61 -18.74 -0.76
CA MET A 40 -10.36 -17.30 -0.90
C MET A 40 -8.88 -17.03 -1.18
N MET A 41 -7.98 -17.76 -0.50
CA MET A 41 -6.55 -17.56 -0.72
C MET A 41 -6.19 -17.92 -2.15
N ASP A 42 -6.77 -19.01 -2.65
CA ASP A 42 -6.47 -19.48 -3.99
C ASP A 42 -6.83 -18.42 -5.02
N GLN A 43 -8.03 -17.87 -4.88
CA GLN A 43 -8.48 -16.82 -5.80
C GLN A 43 -7.61 -15.59 -5.67
N SER A 44 -7.25 -15.24 -4.44
CA SER A 44 -6.40 -14.08 -4.20
C SER A 44 -5.06 -14.28 -4.91
N ARG A 45 -4.49 -15.47 -4.78
CA ARG A 45 -3.22 -15.82 -5.43
C ARG A 45 -3.32 -15.66 -6.95
N MET A 46 -4.40 -16.18 -7.51
CA MET A 46 -4.63 -16.11 -8.95
C MET A 46 -4.72 -14.65 -9.40
N ALA A 47 -5.41 -13.83 -8.62
CA ALA A 47 -5.56 -12.41 -8.94
C ALA A 47 -4.19 -11.74 -9.00
N LEU A 48 -3.35 -12.05 -8.02
CA LEU A 48 -2.00 -11.49 -7.95
C LEU A 48 -1.15 -11.98 -9.12
N ASN A 49 -1.29 -13.26 -9.41
CA ASN A 49 -0.51 -13.87 -10.48
C ASN A 49 -0.77 -13.15 -11.80
N GLU A 50 -2.04 -12.89 -12.07
CA GLU A 50 -2.41 -12.17 -13.29
C GLU A 50 -1.86 -10.75 -13.23
N ALA A 51 -1.97 -10.13 -12.05
CA ALA A 51 -1.47 -8.77 -11.87
C ALA A 51 0.06 -8.75 -12.05
N HIS A 52 0.73 -9.71 -11.44
CA HIS A 52 2.19 -9.81 -11.54
C HIS A 52 2.61 -10.01 -13.00
N LEU A 53 1.86 -10.83 -13.72
CA LEU A 53 2.16 -11.11 -15.12
C LEU A 53 2.11 -9.82 -15.93
N VAL A 54 1.08 -9.02 -15.68
CA VAL A 54 0.94 -7.75 -16.38
C VAL A 54 2.11 -6.84 -16.04
N GLN A 55 2.46 -6.79 -14.76
CA GLN A 55 3.59 -5.96 -14.34
C GLN A 55 4.88 -6.45 -15.01
N THR A 56 5.08 -7.76 -15.08
CA THR A 56 6.28 -8.32 -15.72
C THR A 56 6.46 -7.71 -17.11
N LYS A 57 5.37 -7.66 -17.88
CA LYS A 57 5.43 -7.06 -19.22
C LYS A 57 5.76 -5.59 -19.10
N LEU A 58 5.18 -4.94 -18.10
CA LEU A 58 5.43 -3.52 -17.90
C LEU A 58 6.87 -3.24 -17.48
N ILE A 59 7.58 -4.25 -16.98
CA ILE A 59 8.99 -4.06 -16.60
C ILE A 59 9.93 -4.47 -17.76
N GLU A 60 9.55 -5.49 -18.53
CA GLU A 60 10.37 -5.95 -19.66
C GLU A 60 10.46 -4.88 -20.74
N GLY A 61 9.34 -4.20 -21.01
CA GLY A 61 9.31 -3.17 -22.03
C GLY A 61 9.20 -1.78 -21.42
N ASP A 62 9.80 -1.60 -20.24
CA ASP A 62 9.75 -0.32 -19.54
C ASP A 62 10.49 0.78 -20.32
N ALA A 63 11.17 0.39 -21.40
CA ALA A 63 11.90 1.36 -22.21
C ALA A 63 10.97 2.06 -23.19
N GLY A 64 11.49 3.07 -23.89
CA GLY A 64 10.68 3.81 -24.86
C GLY A 64 10.81 5.32 -24.66
N GLU A 65 10.45 5.80 -23.47
CA GLU A 65 10.53 7.23 -23.19
C GLU A 65 11.97 7.72 -23.18
N GLY A 66 12.86 6.90 -22.64
CA GLY A 66 14.28 7.27 -22.58
C GLY A 66 15.15 6.04 -22.36
N LYS A 67 16.47 6.25 -22.44
CA LYS A 67 17.41 5.15 -22.27
C LYS A 67 17.39 4.63 -20.82
N MET A 68 18.11 5.32 -19.94
CA MET A 68 18.20 4.93 -18.54
C MET A 68 16.88 5.05 -17.79
N LYS A 69 16.13 6.12 -18.08
CA LYS A 69 14.87 6.35 -17.37
C LYS A 69 13.76 5.39 -17.80
N VAL A 70 12.84 5.14 -16.87
CA VAL A 70 11.71 4.23 -17.10
C VAL A 70 10.41 4.88 -16.65
N SER A 71 9.28 4.23 -16.95
CA SER A 71 7.98 4.77 -16.55
C SER A 71 7.94 4.91 -15.03
N LEU A 72 7.54 6.10 -14.57
CA LEU A 72 7.48 6.40 -13.14
C LEU A 72 6.43 5.55 -12.41
N VAL A 73 5.30 5.39 -13.07
CA VAL A 73 4.18 4.62 -12.52
C VAL A 73 4.55 3.16 -12.22
N LEU A 74 5.64 2.69 -12.79
CA LEU A 74 6.06 1.31 -12.50
C LEU A 74 6.20 1.09 -11.01
N VAL A 75 6.58 2.17 -10.32
CA VAL A 75 6.79 2.13 -8.87
C VAL A 75 5.43 1.98 -8.19
N HIS A 76 4.16 2.93 -8.60
CA HIS A 76 2.80 2.87 -8.04
C HIS A 76 2.27 1.46 -8.14
N ALA A 77 2.63 0.77 -9.23
CA ALA A 77 2.19 -0.61 -9.45
C ALA A 77 3.03 -1.59 -8.64
N GLN A 78 4.37 -1.46 -8.72
CA GLN A 78 5.25 -2.39 -8.02
C GLN A 78 5.01 -2.31 -6.52
N LEU A 79 4.96 -1.09 -6.01
CA LEU A 79 4.72 -0.86 -4.59
C LEU A 79 3.44 -1.54 -4.13
N HIS A 80 2.35 -1.32 -4.85
CA HIS A 80 1.08 -1.91 -4.47
C HIS A 80 1.12 -3.44 -4.62
N LEU A 81 1.65 -3.90 -5.74
CA LEU A 81 1.74 -5.34 -5.99
C LEU A 81 2.64 -6.04 -4.98
N MET A 82 3.80 -5.45 -4.70
CA MET A 82 4.74 -6.05 -3.75
C MET A 82 4.11 -6.14 -2.37
N THR A 83 3.46 -5.05 -1.96
CA THR A 83 2.81 -5.00 -0.65
C THR A 83 1.69 -6.04 -0.56
N SER A 84 0.84 -6.07 -1.58
CA SER A 84 -0.29 -7.01 -1.61
C SER A 84 0.20 -8.46 -1.60
N MET A 85 1.16 -8.78 -2.45
CA MET A 85 1.69 -10.14 -2.51
C MET A 85 2.26 -10.57 -1.18
N LEU A 86 3.07 -9.70 -0.59
CA LEU A 86 3.68 -10.00 0.70
C LEU A 86 2.61 -10.19 1.78
N ALA A 87 1.64 -9.28 1.79
CA ALA A 87 0.56 -9.36 2.76
C ALA A 87 -0.15 -10.70 2.67
N ARG A 88 -0.49 -11.10 1.47
CA ARG A 88 -1.18 -12.37 1.27
C ARG A 88 -0.35 -13.55 1.78
N GLU A 89 0.93 -13.57 1.45
CA GLU A 89 1.77 -14.67 1.88
C GLU A 89 1.79 -14.78 3.39
N LEU A 90 1.95 -13.65 4.06
CA LEU A 90 1.96 -13.64 5.51
C LEU A 90 0.58 -14.03 6.05
N ILE A 91 -0.46 -13.51 5.42
CA ILE A 91 -1.82 -13.85 5.84
C ILE A 91 -2.03 -15.35 5.69
N THR A 92 -1.50 -15.92 4.61
CA THR A 92 -1.60 -17.37 4.40
C THR A 92 -0.98 -18.10 5.59
N GLU A 93 0.20 -17.64 6.01
CA GLU A 93 0.88 -18.23 7.16
C GLU A 93 0.02 -18.08 8.40
N LEU A 94 -0.57 -16.89 8.56
CA LEU A 94 -1.43 -16.62 9.72
C LEU A 94 -2.62 -17.59 9.71
N ILE A 95 -3.20 -17.80 8.55
CA ILE A 95 -4.34 -18.73 8.44
C ILE A 95 -3.90 -20.14 8.83
N GLU A 96 -2.72 -20.56 8.36
CA GLU A 96 -2.22 -21.88 8.71
C GLU A 96 -2.08 -22.00 10.22
N LEU A 97 -1.64 -20.91 10.87
CA LEU A 97 -1.51 -20.92 12.32
C LEU A 97 -2.88 -21.12 12.98
N HIS A 98 -3.89 -20.46 12.44
CA HIS A 98 -5.25 -20.62 12.98
C HIS A 98 -5.63 -22.08 12.92
N GLU A 99 -5.25 -22.75 11.84
CA GLU A 99 -5.55 -24.17 11.68
C GLU A 99 -4.81 -24.98 12.74
N LYS A 100 -3.56 -24.62 13.01
CA LYS A 100 -2.79 -25.32 14.02
C LYS A 100 -3.39 -25.06 15.41
N LEU A 101 -3.92 -23.84 15.61
CA LEU A 101 -4.56 -23.49 16.88
C LEU A 101 -5.80 -24.37 17.09
N LYS A 102 -6.02 -25.30 16.15
CA LYS A 102 -7.18 -26.20 16.21
C LYS A 102 -8.43 -25.52 15.71
N ALA A 103 -8.82 -24.42 16.39
CA ALA A 103 -10.03 -23.67 16.04
C ALA A 103 -10.30 -23.65 14.53
N ALA B 1 22.66 3.11 -13.51
CA ALA B 1 23.97 3.34 -14.19
C ALA B 1 24.86 2.13 -13.94
N GLU B 2 26.00 2.08 -14.64
CA GLU B 2 26.95 0.97 -14.53
C GLU B 2 26.86 0.24 -13.18
N GLU B 3 27.57 0.74 -12.19
CA GLU B 3 27.58 0.13 -10.87
C GLU B 3 26.22 0.21 -10.20
N LEU B 4 25.72 1.44 -10.02
CA LEU B 4 24.42 1.61 -9.38
C LEU B 4 23.38 0.61 -9.91
N GLU B 5 23.37 0.41 -11.22
CA GLU B 5 22.42 -0.52 -11.83
C GLU B 5 22.76 -1.95 -11.47
N GLU B 6 24.03 -2.30 -11.57
CA GLU B 6 24.50 -3.63 -11.23
C GLU B 6 24.38 -3.85 -9.73
N VAL B 7 24.60 -2.79 -8.97
CA VAL B 7 24.51 -2.85 -7.52
C VAL B 7 23.05 -3.11 -7.10
N VAL B 8 22.12 -2.44 -7.77
CA VAL B 8 20.69 -2.63 -7.49
C VAL B 8 20.33 -4.08 -7.74
N MET B 9 20.80 -4.63 -8.86
CA MET B 9 20.52 -6.03 -9.18
C MET B 9 21.01 -6.91 -8.03
N GLY B 10 22.21 -6.62 -7.53
CA GLY B 10 22.75 -7.37 -6.41
C GLY B 10 21.86 -7.21 -5.19
N LEU B 11 21.44 -5.98 -4.93
CA LEU B 11 20.56 -5.70 -3.79
C LEU B 11 19.24 -6.44 -3.93
N ILE B 12 18.67 -6.41 -5.13
CA ILE B 12 17.40 -7.09 -5.38
C ILE B 12 17.57 -8.58 -5.14
N ILE B 13 18.66 -9.12 -5.68
CA ILE B 13 18.94 -10.54 -5.50
C ILE B 13 19.17 -10.83 -4.02
N ASN B 14 19.95 -9.98 -3.36
CA ASN B 14 20.24 -10.16 -1.94
C ASN B 14 18.94 -10.10 -1.13
N SER B 15 18.11 -9.11 -1.42
CA SER B 15 16.83 -8.99 -0.74
C SER B 15 15.98 -10.23 -0.97
N GLY B 16 15.99 -10.71 -2.22
CA GLY B 16 15.23 -11.91 -2.57
C GLY B 16 15.76 -13.12 -1.81
N GLN B 17 17.08 -13.25 -1.75
CA GLN B 17 17.68 -14.37 -1.03
C GLN B 17 17.31 -14.28 0.45
N ALA B 18 17.35 -13.06 0.98
CA ALA B 18 17.00 -12.84 2.37
C ALA B 18 15.60 -13.36 2.66
N ARG B 19 14.64 -12.97 1.84
CA ARG B 19 13.27 -13.44 2.02
C ARG B 19 13.24 -14.96 1.90
N SER B 20 13.90 -15.47 0.86
CA SER B 20 13.94 -16.91 0.64
C SER B 20 14.41 -17.63 1.89
N LEU B 21 15.50 -17.13 2.48
CA LEU B 21 16.04 -17.73 3.71
C LEU B 21 15.01 -17.60 4.83
N ALA B 22 14.37 -16.44 4.93
CA ALA B 22 13.37 -16.20 5.97
C ALA B 22 12.24 -17.23 5.85
N TYR B 23 11.67 -17.38 4.65
CA TYR B 23 10.60 -18.36 4.46
C TYR B 23 11.12 -19.75 4.79
N ALA B 24 12.36 -20.04 4.38
CA ALA B 24 12.95 -21.33 4.67
C ALA B 24 13.06 -21.49 6.19
N ALA B 25 13.43 -20.41 6.87
CA ALA B 25 13.53 -20.43 8.33
C ALA B 25 12.18 -20.80 8.92
N LEU B 26 11.12 -20.21 8.39
CA LEU B 26 9.78 -20.50 8.86
C LEU B 26 9.45 -21.97 8.62
N LYS B 27 9.80 -22.46 7.44
CA LYS B 27 9.55 -23.86 7.11
C LYS B 27 10.21 -24.78 8.14
N GLN B 28 11.43 -24.43 8.54
CA GLN B 28 12.13 -25.23 9.56
C GLN B 28 11.31 -25.26 10.84
N ALA B 29 10.74 -24.11 11.19
CA ALA B 29 9.91 -24.02 12.40
C ALA B 29 8.73 -24.97 12.31
N LYS B 30 8.09 -25.01 11.14
CA LYS B 30 6.95 -25.90 10.94
C LYS B 30 7.36 -27.35 11.16
N GLN B 31 8.62 -27.67 10.83
CA GLN B 31 9.10 -29.04 11.01
C GLN B 31 9.46 -29.28 12.48
N GLY B 32 9.32 -28.24 13.29
CA GLY B 32 9.63 -28.35 14.72
C GLY B 32 11.13 -28.18 14.99
N ASP B 33 11.86 -27.66 14.00
CA ASP B 33 13.29 -27.46 14.14
C ASP B 33 13.60 -26.02 14.53
N PHE B 34 13.47 -25.71 15.81
CA PHE B 34 13.73 -24.34 16.29
C PHE B 34 15.18 -23.94 16.10
N ALA B 35 16.09 -24.90 16.27
CA ALA B 35 17.52 -24.60 16.15
C ALA B 35 17.86 -24.12 14.74
N ALA B 36 17.43 -24.87 13.74
CA ALA B 36 17.71 -24.50 12.36
C ALA B 36 16.98 -23.20 12.01
N ALA B 37 15.77 -23.03 12.51
CA ALA B 37 15.03 -21.80 12.24
C ALA B 37 15.82 -20.61 12.74
N LYS B 38 16.23 -20.68 14.02
CA LYS B 38 17.01 -19.60 14.63
C LYS B 38 18.27 -19.27 13.81
N ALA B 39 18.99 -20.29 13.40
CA ALA B 39 20.21 -20.10 12.61
C ALA B 39 19.91 -19.41 11.28
N MET B 40 18.83 -19.82 10.64
CA MET B 40 18.44 -19.26 9.36
C MET B 40 18.05 -17.78 9.51
N MET B 41 17.32 -17.45 10.57
CA MET B 41 16.92 -16.06 10.78
C MET B 41 18.15 -15.17 10.97
N ASP B 42 19.12 -15.68 11.73
CA ASP B 42 20.33 -14.93 12.01
C ASP B 42 21.06 -14.57 10.73
N GLN B 43 21.21 -15.58 9.86
CA GLN B 43 21.88 -15.36 8.59
C GLN B 43 21.08 -14.40 7.72
N SER B 44 19.76 -14.54 7.73
CA SER B 44 18.91 -13.65 6.95
C SER B 44 19.13 -12.20 7.41
N ARG B 45 19.14 -12.00 8.73
CA ARG B 45 19.35 -10.68 9.30
C ARG B 45 20.69 -10.09 8.83
N MET B 46 21.74 -10.90 8.89
CA MET B 46 23.07 -10.45 8.49
C MET B 46 23.05 -10.04 7.02
N ALA B 47 22.37 -10.84 6.20
CA ALA B 47 22.27 -10.53 4.77
C ALA B 47 21.58 -9.19 4.56
N LEU B 48 20.50 -8.97 5.31
CA LEU B 48 19.75 -7.72 5.21
C LEU B 48 20.59 -6.55 5.72
N ASN B 49 21.30 -6.78 6.81
CA ASN B 49 22.13 -5.75 7.40
C ASN B 49 23.18 -5.26 6.40
N GLU B 50 23.83 -6.19 5.73
CA GLU B 50 24.82 -5.83 4.72
C GLU B 50 24.17 -5.10 3.57
N ALA B 51 23.00 -5.58 3.17
CA ALA B 51 22.25 -4.96 2.08
C ALA B 51 21.83 -3.54 2.48
N HIS B 52 21.32 -3.41 3.70
CA HIS B 52 20.88 -2.11 4.21
C HIS B 52 22.06 -1.13 4.27
N LEU B 53 23.22 -1.64 4.69
CA LEU B 53 24.42 -0.80 4.79
C LEU B 53 24.77 -0.23 3.41
N VAL B 54 24.71 -1.09 2.40
CA VAL B 54 25.03 -0.66 1.04
C VAL B 54 24.01 0.40 0.61
N GLN B 55 22.73 0.16 0.90
CA GLN B 55 21.70 1.13 0.53
C GLN B 55 21.96 2.45 1.25
N THR B 56 22.32 2.39 2.54
CA THR B 56 22.60 3.61 3.30
C THR B 56 23.57 4.50 2.53
N LYS B 57 24.65 3.90 2.04
CA LYS B 57 25.62 4.66 1.25
C LYS B 57 24.97 5.20 -0.01
N LEU B 58 24.12 4.39 -0.61
CA LEU B 58 23.44 4.78 -1.84
C LEU B 58 22.45 5.93 -1.59
N ILE B 59 22.02 6.12 -0.32
CA ILE B 59 21.11 7.23 -0.01
C ILE B 59 21.88 8.48 0.45
N GLU B 60 23.00 8.27 1.16
CA GLU B 60 23.81 9.39 1.64
C GLU B 60 24.42 10.17 0.46
N GLY B 61 24.86 9.43 -0.55
CA GLY B 61 25.49 10.05 -1.72
C GLY B 61 24.59 9.96 -2.95
N ASP B 62 23.28 10.02 -2.73
CA ASP B 62 22.32 9.93 -3.82
C ASP B 62 22.41 11.14 -4.77
N ALA B 63 23.21 12.12 -4.40
CA ALA B 63 23.36 13.32 -5.23
C ALA B 63 24.37 13.07 -6.34
N GLY B 64 24.50 14.03 -7.26
CA GLY B 64 25.44 13.90 -8.37
C GLY B 64 24.78 14.23 -9.71
N GLU B 65 23.73 13.48 -10.05
CA GLU B 65 23.03 13.70 -11.32
C GLU B 65 22.34 15.07 -11.33
N GLY B 66 21.76 15.45 -10.20
CA GLY B 66 21.07 16.73 -10.11
C GLY B 66 20.91 17.16 -8.66
N LYS B 67 20.42 18.38 -8.47
CA LYS B 67 20.23 18.92 -7.13
C LYS B 67 19.13 18.16 -6.38
N MET B 68 17.88 18.54 -6.66
CA MET B 68 16.72 17.93 -6.01
C MET B 68 16.52 16.47 -6.40
N LYS B 69 16.75 16.13 -7.66
CA LYS B 69 16.54 14.76 -8.14
C LYS B 69 17.62 13.80 -7.64
N VAL B 70 17.22 12.52 -7.52
CA VAL B 70 18.11 11.47 -7.05
C VAL B 70 18.02 10.24 -7.98
N SER B 71 18.89 9.26 -7.76
CA SER B 71 18.88 8.05 -8.59
C SER B 71 17.52 7.37 -8.49
N LEU B 72 16.93 7.04 -9.64
CA LEU B 72 15.60 6.45 -9.66
C LEU B 72 15.59 5.04 -9.04
N VAL B 73 16.65 4.30 -9.35
CA VAL B 73 16.80 2.93 -8.88
C VAL B 73 16.83 2.84 -7.34
N LEU B 74 17.06 3.95 -6.66
CA LEU B 74 17.06 3.93 -5.21
C LEU B 74 15.74 3.36 -4.68
N VAL B 75 14.67 3.69 -5.40
CA VAL B 75 13.33 3.23 -5.04
C VAL B 75 13.27 1.71 -5.18
N HIS B 76 13.79 1.10 -6.36
CA HIS B 76 13.77 -0.34 -6.56
C HIS B 76 14.49 -1.05 -5.42
N ALA B 77 15.65 -0.54 -5.03
CA ALA B 77 16.42 -1.14 -3.97
C ALA B 77 15.71 -0.97 -2.62
N GLN B 78 15.17 0.23 -2.39
CA GLN B 78 14.48 0.50 -1.13
C GLN B 78 13.22 -0.35 -1.03
N LEU B 79 12.44 -0.39 -2.12
CA LEU B 79 11.22 -1.18 -2.14
C LEU B 79 11.49 -2.65 -1.82
N HIS B 80 12.48 -3.23 -2.48
CA HIS B 80 12.80 -4.62 -2.24
C HIS B 80 13.36 -4.83 -0.84
N LEU B 81 14.27 -3.95 -0.44
CA LEU B 81 14.88 -4.06 0.89
C LEU B 81 13.85 -3.85 2.00
N MET B 82 13.00 -2.85 1.86
CA MET B 82 11.98 -2.57 2.87
C MET B 82 11.02 -3.75 3.01
N THR B 83 10.59 -4.28 1.87
CA THR B 83 9.67 -5.41 1.87
C THR B 83 10.32 -6.64 2.50
N SER B 84 11.55 -6.94 2.10
CA SER B 84 12.26 -8.09 2.64
C SER B 84 12.50 -7.97 4.14
N MET B 85 12.97 -6.81 4.58
CA MET B 85 13.24 -6.60 6.01
C MET B 85 11.96 -6.76 6.83
N LEU B 86 10.89 -6.14 6.36
CA LEU B 86 9.61 -6.21 7.06
C LEU B 86 9.11 -7.65 7.12
N ALA B 87 9.17 -8.33 5.98
CA ALA B 87 8.72 -9.71 5.90
C ALA B 87 9.49 -10.58 6.88
N ARG B 88 10.79 -10.44 6.86
CA ARG B 88 11.65 -11.22 7.75
C ARG B 88 11.28 -10.97 9.21
N GLU B 89 11.08 -9.70 9.59
CA GLU B 89 10.75 -9.38 10.97
C GLU B 89 9.43 -10.05 11.37
N LEU B 90 8.44 -9.96 10.50
CA LEU B 90 7.14 -10.56 10.78
C LEU B 90 7.28 -12.08 10.84
N ILE B 91 8.06 -12.63 9.92
CA ILE B 91 8.30 -14.07 9.91
C ILE B 91 8.95 -14.49 11.23
N THR B 92 9.86 -13.66 11.73
CA THR B 92 10.50 -13.96 13.02
C THR B 92 9.43 -14.07 14.09
N GLU B 93 8.49 -13.13 14.09
CA GLU B 93 7.40 -13.15 15.06
C GLU B 93 6.58 -14.43 14.88
N LEU B 94 6.30 -14.77 13.62
CA LEU B 94 5.54 -15.99 13.33
C LEU B 94 6.27 -17.21 13.87
N ILE B 95 7.59 -17.26 13.68
CA ILE B 95 8.36 -18.38 14.19
C ILE B 95 8.28 -18.46 15.71
N GLU B 96 8.36 -17.30 16.37
CA GLU B 96 8.25 -17.27 17.83
C GLU B 96 6.90 -17.85 18.25
N LEU B 97 5.86 -17.54 17.49
CA LEU B 97 4.52 -18.05 17.79
C LEU B 97 4.52 -19.58 17.69
N HIS B 98 5.19 -20.10 16.66
CA HIS B 98 5.27 -21.55 16.50
C HIS B 98 5.89 -22.17 17.75
N GLU B 99 6.90 -21.48 18.28
CA GLU B 99 7.55 -21.95 19.50
C GLU B 99 6.58 -21.94 20.66
N LYS B 100 5.77 -20.88 20.77
CA LYS B 100 4.79 -20.80 21.84
C LYS B 100 3.72 -21.88 21.65
N LEU B 101 3.39 -22.19 20.39
CA LEU B 101 2.42 -23.25 20.11
C LEU B 101 2.96 -24.60 20.58
N LYS B 102 4.13 -24.57 21.21
CA LYS B 102 4.77 -25.78 21.72
C LYS B 102 5.49 -26.51 20.59
N ALA B 103 4.71 -26.92 19.58
CA ALA B 103 5.25 -27.67 18.43
C ALA B 103 6.64 -27.19 18.04
N ALA C 1 11.12 19.25 -2.05
CA ALA C 1 11.16 20.74 -1.98
C ALA C 1 10.96 21.17 -0.54
N GLU C 2 11.18 22.45 -0.27
CA GLU C 2 11.04 23.02 1.08
C GLU C 2 10.10 22.22 1.98
N GLU C 3 8.81 22.51 1.89
CA GLU C 3 7.83 21.81 2.71
C GLU C 3 7.73 20.34 2.34
N LEU C 4 7.37 20.07 1.08
CA LEU C 4 7.24 18.68 0.63
C LEU C 4 8.38 17.80 1.16
N GLU C 5 9.60 18.32 1.11
CA GLU C 5 10.76 17.57 1.58
C GLU C 5 10.74 17.43 3.10
N GLU C 6 10.47 18.53 3.78
CA GLU C 6 10.41 18.52 5.24
C GLU C 6 9.19 17.70 5.68
N VAL C 7 8.12 17.78 4.89
CA VAL C 7 6.90 17.04 5.17
C VAL C 7 7.17 15.53 5.06
N VAL C 8 7.92 15.14 4.03
CA VAL C 8 8.27 13.74 3.83
C VAL C 8 9.06 13.24 5.04
N MET C 9 10.02 14.04 5.50
CA MET C 9 10.80 13.67 6.66
C MET C 9 9.87 13.40 7.84
N GLY C 10 8.88 14.29 8.01
CA GLY C 10 7.91 14.13 9.08
C GLY C 10 7.12 12.84 8.88
N LEU C 11 6.71 12.59 7.65
CA LEU C 11 5.94 11.37 7.33
C LEU C 11 6.79 10.14 7.59
N ILE C 12 8.05 10.18 7.18
CA ILE C 12 8.94 9.04 7.37
C ILE C 12 9.11 8.78 8.87
N ILE C 13 9.32 9.87 9.61
CA ILE C 13 9.47 9.76 11.06
C ILE C 13 8.16 9.23 11.66
N ASN C 14 7.05 9.81 11.22
CA ASN C 14 5.73 9.40 11.72
C ASN C 14 5.50 7.92 11.43
N SER C 15 5.79 7.51 10.19
CA SER C 15 5.63 6.11 9.81
C SER C 15 6.52 5.24 10.68
N GLY C 16 7.76 5.70 10.90
CA GLY C 16 8.70 4.95 11.73
C GLY C 16 8.18 4.84 13.16
N GLN C 17 7.67 5.95 13.70
CA GLN C 17 7.13 5.92 15.06
C GLN C 17 5.95 4.97 15.12
N ALA C 18 5.12 5.01 14.08
CA ALA C 18 3.96 4.14 14.02
C ALA C 18 4.38 2.67 14.15
N ARG C 19 5.36 2.27 13.33
CA ARG C 19 5.84 0.91 13.40
C ARG C 19 6.41 0.63 14.79
N SER C 20 7.21 1.57 15.28
CA SER C 20 7.81 1.41 16.60
C SER C 20 6.73 1.13 17.65
N LEU C 21 5.66 1.92 17.61
CA LEU C 21 4.56 1.74 18.54
C LEU C 21 3.92 0.37 18.33
N ALA C 22 3.73 0.00 17.06
CA ALA C 22 3.13 -1.29 16.73
C ALA C 22 3.96 -2.44 17.33
N TYR C 23 5.27 -2.43 17.07
CA TYR C 23 6.14 -3.47 17.64
C TYR C 23 6.05 -3.45 19.16
N ALA C 24 6.03 -2.24 19.72
CA ALA C 24 5.92 -2.11 21.17
C ALA C 24 4.59 -2.72 21.62
N ALA C 25 3.54 -2.47 20.85
CA ALA C 25 2.23 -3.03 21.16
C ALA C 25 2.31 -4.55 21.21
N LEU C 26 3.01 -5.12 20.24
CA LEU C 26 3.19 -6.57 20.18
C LEU C 26 3.95 -7.05 21.42
N LYS C 27 4.99 -6.31 21.77
CA LYS C 27 5.79 -6.66 22.94
C LYS C 27 4.90 -6.72 24.19
N GLN C 28 3.99 -5.77 24.31
CA GLN C 28 3.06 -5.75 25.44
C GLN C 28 2.26 -7.04 25.47
N ALA C 29 1.82 -7.47 24.27
CA ALA C 29 1.05 -8.70 24.16
C ALA C 29 1.85 -9.89 24.67
N LYS C 30 3.13 -9.94 24.30
CA LYS C 30 3.99 -11.02 24.76
C LYS C 30 4.07 -11.06 26.28
N GLN C 31 3.98 -9.88 26.90
CA GLN C 31 4.04 -9.80 28.36
C GLN C 31 2.67 -10.17 28.96
N GLY C 32 1.71 -10.44 28.08
CA GLY C 32 0.36 -10.83 28.53
C GLY C 32 -0.47 -9.60 28.89
N ASP C 33 -0.04 -8.43 28.44
CA ASP C 33 -0.76 -7.18 28.70
C ASP C 33 -1.63 -6.80 27.51
N PHE C 34 -2.80 -7.41 27.42
CA PHE C 34 -3.71 -7.14 26.31
C PHE C 34 -4.22 -5.70 26.34
N ALA C 35 -4.43 -5.17 27.54
CA ALA C 35 -4.94 -3.81 27.68
C ALA C 35 -3.97 -2.79 27.08
N ALA C 36 -2.71 -2.89 27.47
CA ALA C 36 -1.71 -1.96 26.96
C ALA C 36 -1.50 -2.17 25.47
N ALA C 37 -1.55 -3.42 25.02
CA ALA C 37 -1.38 -3.71 23.60
C ALA C 37 -2.48 -3.00 22.81
N LYS C 38 -3.72 -3.21 23.22
CA LYS C 38 -4.87 -2.59 22.57
C LYS C 38 -4.72 -1.07 22.49
N ALA C 39 -4.32 -0.45 23.61
CA ALA C 39 -4.16 1.00 23.65
C ALA C 39 -3.06 1.46 22.68
N MET C 40 -1.96 0.72 22.64
CA MET C 40 -0.85 1.06 21.77
C MET C 40 -1.25 0.92 20.30
N MET C 41 -2.03 -0.11 19.99
CA MET C 41 -2.48 -0.31 18.61
C MET C 41 -3.35 0.85 18.16
N ASP C 42 -4.25 1.28 19.04
CA ASP C 42 -5.17 2.36 18.72
C ASP C 42 -4.41 3.63 18.38
N GLN C 43 -3.42 3.97 19.21
CA GLN C 43 -2.61 5.16 18.97
C GLN C 43 -1.83 5.03 17.67
N SER C 44 -1.30 3.85 17.42
CA SER C 44 -0.55 3.60 16.19
C SER C 44 -1.44 3.87 14.98
N ARG C 45 -2.67 3.32 15.03
CA ARG C 45 -3.64 3.50 13.96
C ARG C 45 -3.93 4.99 13.72
N MET C 46 -4.14 5.72 14.81
CA MET C 46 -4.43 7.15 14.72
C MET C 46 -3.26 7.89 14.08
N ALA C 47 -2.04 7.51 14.47
CA ALA C 47 -0.84 8.14 13.91
C ALA C 47 -0.78 7.91 12.40
N LEU C 48 -1.08 6.68 11.98
CA LEU C 48 -1.07 6.33 10.57
C LEU C 48 -2.17 7.06 9.82
N ASN C 49 -3.34 7.15 10.45
CA ASN C 49 -4.48 7.81 9.84
C ASN C 49 -4.14 9.27 9.52
N GLU C 50 -3.51 9.95 10.47
CA GLU C 50 -3.11 11.33 10.26
C GLU C 50 -2.06 11.41 9.16
N ALA C 51 -1.13 10.47 9.19
CA ALA C 51 -0.07 10.43 8.18
C ALA C 51 -0.67 10.15 6.80
N HIS C 52 -1.58 9.19 6.74
CA HIS C 52 -2.25 8.85 5.48
C HIS C 52 -3.02 10.05 4.94
N LEU C 53 -3.69 10.78 5.83
CA LEU C 53 -4.47 11.95 5.43
C LEU C 53 -3.56 12.98 4.76
N VAL C 54 -2.39 13.20 5.35
CA VAL C 54 -1.45 14.16 4.80
C VAL C 54 -0.99 13.67 3.43
N GLN C 55 -0.69 12.38 3.32
CA GLN C 55 -0.26 11.82 2.04
C GLN C 55 -1.38 11.99 1.00
N THR C 56 -2.62 11.74 1.41
CA THR C 56 -3.76 11.88 0.48
C THR C 56 -3.70 13.25 -0.19
N LYS C 57 -3.50 14.29 0.60
CA LYS C 57 -3.40 15.64 0.05
C LYS C 57 -2.20 15.73 -0.88
N LEU C 58 -1.11 15.09 -0.49
CA LEU C 58 0.10 15.11 -1.29
C LEU C 58 -0.08 14.35 -2.61
N ILE C 59 -1.09 13.47 -2.70
CA ILE C 59 -1.33 12.76 -3.95
C ILE C 59 -2.40 13.48 -4.79
N GLU C 60 -3.38 14.10 -4.14
CA GLU C 60 -4.43 14.83 -4.87
C GLU C 60 -3.85 16.03 -5.60
N GLY C 61 -2.89 16.71 -4.98
CA GLY C 61 -2.28 17.89 -5.57
C GLY C 61 -0.83 17.62 -5.97
N ASP C 62 -0.56 16.41 -6.41
CA ASP C 62 0.79 16.03 -6.80
C ASP C 62 1.22 16.75 -8.06
N ALA C 63 0.31 17.49 -8.68
CA ALA C 63 0.63 18.24 -9.90
C ALA C 63 1.30 19.56 -9.56
N GLY C 64 1.78 20.26 -10.59
CA GLY C 64 2.43 21.56 -10.39
C GLY C 64 3.77 21.63 -11.13
N GLU C 65 4.69 20.71 -10.81
CA GLU C 65 5.99 20.70 -11.45
C GLU C 65 5.87 20.38 -12.94
N GLY C 66 4.99 19.45 -13.27
CA GLY C 66 4.80 19.05 -14.66
C GLY C 66 3.45 18.36 -14.86
N LYS C 67 3.12 18.09 -16.11
CA LYS C 67 1.85 17.44 -16.43
C LYS C 67 1.83 16.00 -15.92
N MET C 68 2.44 15.10 -16.70
CA MET C 68 2.48 13.68 -16.36
C MET C 68 3.31 13.38 -15.12
N LYS C 69 4.45 14.07 -14.97
CA LYS C 69 5.34 13.83 -13.84
C LYS C 69 4.79 14.36 -12.52
N VAL C 70 5.20 13.71 -11.43
CA VAL C 70 4.76 14.07 -10.08
C VAL C 70 5.96 14.16 -9.13
N SER C 71 5.72 14.64 -7.91
CA SER C 71 6.80 14.75 -6.93
C SER C 71 7.42 13.38 -6.68
N LEU C 72 8.74 13.30 -6.77
CA LEU C 72 9.45 12.03 -6.61
C LEU C 72 9.31 11.48 -5.19
N VAL C 73 9.40 12.39 -4.22
CA VAL C 73 9.33 12.04 -2.80
C VAL C 73 8.00 11.37 -2.44
N LEU C 74 6.99 11.50 -3.28
CA LEU C 74 5.72 10.85 -3.00
C LEU C 74 5.92 9.36 -2.78
N VAL C 75 6.85 8.80 -3.54
CA VAL C 75 7.19 7.39 -3.45
C VAL C 75 7.77 7.08 -2.07
N HIS C 76 8.77 7.94 -1.55
CA HIS C 76 9.39 7.71 -0.25
C HIS C 76 8.32 7.70 0.84
N ALA C 77 7.40 8.65 0.78
CA ALA C 77 6.34 8.73 1.77
C ALA C 77 5.38 7.56 1.63
N GLN C 78 5.03 7.22 0.38
CA GLN C 78 4.11 6.11 0.14
C GLN C 78 4.74 4.78 0.58
N LEU C 79 5.99 4.58 0.19
CA LEU C 79 6.71 3.36 0.55
C LEU C 79 6.75 3.17 2.06
N HIS C 80 7.13 4.21 2.79
CA HIS C 80 7.20 4.12 4.24
C HIS C 80 5.81 3.94 4.85
N LEU C 81 4.87 4.73 4.38
CA LEU C 81 3.50 4.67 4.89
C LEU C 81 2.85 3.31 4.59
N MET C 82 3.01 2.84 3.37
CA MET C 82 2.42 1.55 2.98
C MET C 82 3.01 0.42 3.82
N THR C 83 4.32 0.45 3.99
CA THR C 83 5.00 -0.58 4.76
C THR C 83 4.54 -0.55 6.22
N SER C 84 4.53 0.64 6.80
CA SER C 84 4.12 0.80 8.20
C SER C 84 2.67 0.37 8.42
N MET C 85 1.76 0.84 7.56
CA MET C 85 0.35 0.48 7.70
C MET C 85 0.16 -1.04 7.61
N LEU C 86 0.80 -1.65 6.63
CA LEU C 86 0.70 -3.09 6.43
C LEU C 86 1.24 -3.83 7.65
N ALA C 87 2.42 -3.42 8.10
CA ALA C 87 3.05 -4.04 9.25
C ALA C 87 2.13 -3.96 10.47
N ARG C 88 1.61 -2.77 10.71
CA ARG C 88 0.74 -2.55 11.84
C ARG C 88 -0.50 -3.47 11.77
N GLU C 89 -1.11 -3.56 10.59
CA GLU C 89 -2.29 -4.42 10.44
C GLU C 89 -1.95 -5.88 10.74
N LEU C 90 -0.82 -6.35 10.20
CA LEU C 90 -0.40 -7.72 10.44
C LEU C 90 -0.07 -7.92 11.91
N ILE C 91 0.60 -6.95 12.49
CA ILE C 91 0.95 -7.02 13.90
C ILE C 91 -0.33 -7.12 14.73
N THR C 92 -1.36 -6.39 14.32
CA THR C 92 -2.64 -6.46 15.02
C THR C 92 -3.15 -7.89 14.99
N GLU C 93 -3.06 -8.53 13.83
CA GLU C 93 -3.50 -9.92 13.70
C GLU C 93 -2.66 -10.82 14.62
N LEU C 94 -1.36 -10.56 14.63
CA LEU C 94 -0.45 -11.34 15.47
C LEU C 94 -0.84 -11.20 16.94
N ILE C 95 -1.16 -9.98 17.35
CA ILE C 95 -1.57 -9.73 18.73
C ILE C 95 -2.86 -10.51 19.05
N GLU C 96 -3.80 -10.48 18.12
CA GLU C 96 -5.05 -11.21 18.31
C GLU C 96 -4.75 -12.70 18.53
N LEU C 97 -3.78 -13.21 17.77
CA LEU C 97 -3.39 -14.61 17.91
C LEU C 97 -2.85 -14.87 19.32
N HIS C 98 -2.05 -13.94 19.83
CA HIS C 98 -1.52 -14.09 21.18
C HIS C 98 -2.68 -14.22 22.16
N GLU C 99 -3.73 -13.44 21.92
CA GLU C 99 -4.90 -13.49 22.78
C GLU C 99 -5.57 -14.87 22.68
N LYS C 100 -5.65 -15.41 21.46
CA LYS C 100 -6.25 -16.72 21.29
C LYS C 100 -5.38 -17.78 21.95
N LEU C 101 -4.05 -17.58 21.91
CA LEU C 101 -3.12 -18.52 22.55
C LEU C 101 -3.37 -18.53 24.06
N LYS C 102 -4.36 -17.76 24.51
CA LYS C 102 -4.70 -17.67 25.93
C LYS C 102 -3.78 -16.68 26.63
N ALA C 103 -2.48 -16.99 26.61
CA ALA C 103 -1.45 -16.16 27.26
C ALA C 103 -1.80 -14.67 27.21
N LYS D 1 -19.97 26.95 -1.17
CA LYS D 1 -19.08 26.05 -1.96
C LYS D 1 -19.44 24.59 -1.78
N LYS D 2 -19.77 23.94 -2.87
CA LYS D 2 -20.15 22.54 -2.84
C LYS D 2 -18.93 21.62 -2.88
N HIS D 3 -19.02 20.49 -2.19
CA HIS D 3 -17.93 19.52 -2.13
C HIS D 3 -18.12 18.37 -3.08
N ILE D 4 -17.20 18.26 -4.03
CA ILE D 4 -17.22 17.18 -4.99
C ILE D 4 -16.07 16.24 -4.61
N TYR D 5 -16.39 15.03 -4.18
CA TYR D 5 -15.38 14.06 -3.78
C TYR D 5 -15.33 12.90 -4.76
N LEU D 6 -14.13 12.60 -5.26
CA LEU D 6 -13.90 11.48 -6.19
C LEU D 6 -13.25 10.35 -5.40
N PHE D 7 -13.57 9.08 -5.75
CA PHE D 7 -12.87 7.95 -5.12
C PHE D 7 -12.21 7.05 -6.16
N CYS D 8 -11.08 6.42 -5.71
CA CYS D 8 -10.33 5.40 -6.44
C CYS D 8 -9.54 4.56 -5.45
N SER D 9 -8.66 3.65 -5.85
CA SER D 9 -8.05 2.83 -4.81
C SER D 9 -7.19 3.65 -3.87
N ALA D 10 -6.20 4.42 -4.39
CA ALA D 10 -5.30 5.15 -3.51
C ALA D 10 -5.59 6.63 -3.59
N GLY D 11 -6.00 7.12 -4.77
CA GLY D 11 -6.29 8.52 -4.96
C GLY D 11 -5.23 9.20 -5.83
N MET D 12 -4.54 8.48 -6.69
CA MET D 12 -3.52 9.09 -7.54
C MET D 12 -4.01 9.30 -8.98
N SER D 13 -4.09 8.25 -9.72
CA SER D 13 -4.51 8.36 -11.12
C SER D 13 -5.71 9.29 -11.27
N THR D 14 -6.46 9.49 -10.18
CA THR D 14 -7.62 10.37 -10.31
C THR D 14 -7.22 11.77 -9.88
N SER D 15 -6.09 11.83 -9.22
CA SER D 15 -5.48 13.09 -8.76
C SER D 15 -5.20 14.03 -9.93
N LEU D 16 -4.82 13.46 -11.06
CA LEU D 16 -4.55 14.26 -12.24
C LEU D 16 -5.88 14.86 -12.76
N LEU D 17 -6.96 14.07 -12.72
CA LEU D 17 -8.28 14.55 -13.14
C LEU D 17 -8.75 15.68 -12.19
N VAL D 18 -8.54 15.48 -10.88
CA VAL D 18 -8.91 16.50 -9.89
C VAL D 18 -8.18 17.83 -10.15
N SER D 19 -6.89 17.79 -10.47
CA SER D 19 -6.17 19.03 -10.74
C SER D 19 -6.73 19.77 -11.98
N LYS D 20 -7.12 19.03 -13.02
CA LYS D 20 -7.71 19.66 -14.20
C LYS D 20 -9.12 20.20 -13.91
N MET D 21 -9.87 19.50 -13.07
CA MET D 21 -11.22 20.00 -12.73
C MET D 21 -11.08 21.31 -11.94
N ARG D 22 -10.13 21.39 -11.02
CA ARG D 22 -9.91 22.60 -10.21
C ARG D 22 -9.56 23.79 -11.12
N ALA D 23 -8.79 23.54 -12.18
CA ALA D 23 -8.39 24.59 -13.11
C ALA D 23 -9.63 25.14 -13.81
N GLN D 24 -10.50 24.24 -14.24
CA GLN D 24 -11.72 24.61 -14.91
C GLN D 24 -12.67 25.35 -14.00
N ALA D 25 -12.80 24.88 -12.77
CA ALA D 25 -13.69 25.53 -11.80
C ALA D 25 -13.24 26.96 -11.55
N GLU D 26 -11.93 27.20 -11.60
CA GLU D 26 -11.39 28.54 -11.36
C GLU D 26 -11.65 29.43 -12.57
N LYS D 27 -11.43 28.88 -13.76
CA LYS D 27 -11.63 29.59 -14.99
C LYS D 27 -13.07 30.10 -15.12
N TYR D 28 -14.05 29.29 -14.72
CA TYR D 28 -15.48 29.69 -14.80
C TYR D 28 -16.13 30.10 -13.49
N GLU D 29 -15.33 30.35 -12.46
CA GLU D 29 -15.81 30.78 -11.15
C GLU D 29 -16.89 29.89 -10.51
N VAL D 30 -16.76 28.58 -10.66
CA VAL D 30 -17.70 27.63 -10.08
C VAL D 30 -17.27 27.48 -8.62
N PRO D 31 -18.19 27.73 -7.67
CA PRO D 31 -17.91 27.64 -6.23
C PRO D 31 -17.93 26.21 -5.68
N VAL D 32 -16.88 25.46 -6.01
CA VAL D 32 -16.75 24.08 -5.57
C VAL D 32 -15.38 23.76 -5.01
N ILE D 33 -15.35 22.75 -4.14
CA ILE D 33 -14.13 22.22 -3.55
C ILE D 33 -14.09 20.77 -4.09
N ILE D 34 -12.98 20.40 -4.71
CA ILE D 34 -12.79 19.07 -5.32
C ILE D 34 -11.61 18.31 -4.66
N GLU D 35 -11.86 17.09 -4.18
CA GLU D 35 -10.83 16.27 -3.52
C GLU D 35 -10.93 14.82 -4.00
N ALA D 36 -9.78 14.14 -4.09
CA ALA D 36 -9.71 12.73 -4.50
C ALA D 36 -9.34 11.92 -3.25
N PHE D 37 -9.93 10.74 -3.09
CA PHE D 37 -9.64 9.87 -1.95
C PHE D 37 -9.66 8.44 -2.43
N PRO D 38 -9.08 7.53 -1.64
CA PRO D 38 -9.07 6.11 -2.02
C PRO D 38 -10.49 5.61 -1.70
N GLU D 39 -10.91 4.54 -2.35
CA GLU D 39 -12.24 3.96 -2.13
C GLU D 39 -12.51 3.54 -0.69
N THR D 40 -11.46 3.29 0.09
CA THR D 40 -11.63 2.88 1.48
C THR D 40 -12.26 3.95 2.37
N LEU D 41 -12.19 5.21 1.94
CA LEU D 41 -12.77 6.32 2.70
C LEU D 41 -14.15 6.77 2.20
N ALA D 42 -14.74 6.07 1.21
CA ALA D 42 -16.05 6.45 0.63
C ALA D 42 -17.14 6.64 1.68
N GLY D 43 -17.12 5.80 2.71
CA GLY D 43 -18.13 5.91 3.75
C GLY D 43 -17.81 6.98 4.77
N GLU D 44 -16.53 7.16 5.08
CA GLU D 44 -16.15 8.15 6.07
C GLU D 44 -16.16 9.59 5.49
N LYS D 45 -15.52 9.77 4.34
CA LYS D 45 -15.46 11.08 3.70
C LYS D 45 -16.73 11.45 2.92
N GLY D 46 -17.38 10.46 2.32
CA GLY D 46 -18.60 10.70 1.55
C GLY D 46 -19.69 11.43 2.29
N GLN D 47 -19.77 11.23 3.60
CA GLN D 47 -20.79 11.89 4.43
C GLN D 47 -20.74 13.42 4.34
N ASN D 48 -19.59 13.97 3.95
CA ASN D 48 -19.43 15.41 3.87
C ASN D 48 -19.45 15.95 2.45
N ALA D 49 -19.66 15.08 1.48
CA ALA D 49 -19.67 15.54 0.10
C ALA D 49 -21.06 15.97 -0.30
N ASP D 50 -21.11 16.82 -1.31
CA ASP D 50 -22.38 17.25 -1.83
C ASP D 50 -22.73 16.32 -2.99
N VAL D 51 -21.69 15.73 -3.60
CA VAL D 51 -21.88 14.75 -4.67
C VAL D 51 -20.68 13.78 -4.61
N VAL D 52 -20.98 12.49 -4.70
CA VAL D 52 -19.97 11.44 -4.66
C VAL D 52 -19.78 10.85 -6.06
N LEU D 53 -18.55 10.92 -6.57
CA LEU D 53 -18.24 10.38 -7.88
C LEU D 53 -17.30 9.18 -7.73
N LEU D 54 -17.60 8.08 -8.42
CA LEU D 54 -16.75 6.88 -8.36
C LEU D 54 -15.96 6.73 -9.63
N GLY D 55 -14.69 6.35 -9.51
CA GLY D 55 -13.84 6.18 -10.68
C GLY D 55 -14.39 5.02 -11.49
N PRO D 56 -14.13 4.94 -12.76
CA PRO D 56 -14.65 3.83 -13.62
C PRO D 56 -14.23 2.43 -13.16
N GLN D 57 -13.07 2.31 -12.54
CA GLN D 57 -12.57 1.02 -12.08
C GLN D 57 -13.39 0.49 -10.90
N ILE D 58 -14.04 1.38 -10.15
CA ILE D 58 -14.82 0.94 -9.01
C ILE D 58 -16.34 1.02 -9.23
N ALA D 59 -16.75 0.99 -10.49
CA ALA D 59 -18.17 1.04 -10.83
C ALA D 59 -18.94 -0.11 -10.19
N TYR D 60 -18.34 -1.30 -10.13
CA TYR D 60 -19.04 -2.44 -9.55
C TYR D 60 -19.46 -2.21 -8.09
N MET D 61 -18.84 -1.23 -7.44
CA MET D 61 -19.15 -0.89 -6.05
C MET D 61 -20.33 0.08 -5.87
N LEU D 62 -20.89 0.58 -6.97
CA LEU D 62 -21.99 1.54 -6.90
C LEU D 62 -23.13 1.19 -5.93
N PRO D 63 -23.73 -0.02 -6.05
CA PRO D 63 -24.82 -0.37 -5.12
C PRO D 63 -24.43 -0.30 -3.65
N GLU D 64 -23.22 -0.72 -3.30
CA GLU D 64 -22.77 -0.68 -1.91
C GLU D 64 -22.60 0.74 -1.42
N ILE D 65 -22.02 1.59 -2.25
CA ILE D 65 -21.83 2.99 -1.85
C ILE D 65 -23.16 3.74 -1.71
N GLN D 66 -24.12 3.42 -2.59
CA GLN D 66 -25.46 4.00 -2.52
C GLN D 66 -26.13 3.64 -1.18
N ARG D 67 -26.00 2.39 -0.73
CA ARG D 67 -26.60 1.98 0.55
C ARG D 67 -25.89 2.63 1.74
N LEU D 68 -24.60 2.88 1.59
CA LEU D 68 -23.77 3.49 2.64
C LEU D 68 -24.11 4.97 2.82
N LEU D 69 -24.39 5.65 1.70
CA LEU D 69 -24.73 7.09 1.68
C LEU D 69 -26.11 7.27 1.01
N PRO D 70 -27.20 6.87 1.69
CA PRO D 70 -28.55 6.99 1.13
C PRO D 70 -29.03 8.44 0.93
N ASN D 71 -28.35 9.38 1.56
CA ASN D 71 -28.75 10.79 1.44
C ASN D 71 -27.82 11.63 0.57
N LYS D 72 -27.08 10.99 -0.33
CA LYS D 72 -26.14 11.69 -1.21
C LYS D 72 -26.26 11.20 -2.63
N PRO D 73 -26.13 12.10 -3.63
CA PRO D 73 -26.21 11.62 -5.02
C PRO D 73 -24.85 10.97 -5.27
N VAL D 74 -24.87 9.73 -5.75
CA VAL D 74 -23.64 8.96 -6.02
C VAL D 74 -23.64 8.48 -7.46
N GLU D 75 -22.58 8.72 -8.19
CA GLU D 75 -22.53 8.22 -9.55
C GLU D 75 -21.13 7.95 -10.07
N VAL D 76 -21.06 7.12 -11.10
CA VAL D 76 -19.80 6.72 -11.71
C VAL D 76 -19.40 7.72 -12.78
N ILE D 77 -18.11 8.03 -12.84
CA ILE D 77 -17.58 8.96 -13.83
C ILE D 77 -17.54 8.27 -15.17
N ASP D 78 -17.96 8.97 -16.21
CA ASP D 78 -17.94 8.40 -17.55
C ASP D 78 -16.51 7.95 -17.89
N SER D 79 -16.33 6.69 -18.28
CA SER D 79 -14.99 6.17 -18.58
C SER D 79 -14.18 6.90 -19.65
N LEU D 80 -14.87 7.44 -20.65
CA LEU D 80 -14.19 8.17 -21.73
C LEU D 80 -13.73 9.53 -21.23
N LEU D 81 -14.58 10.18 -20.45
CA LEU D 81 -14.26 11.49 -19.90
C LEU D 81 -13.10 11.33 -18.94
N TYR D 82 -13.10 10.21 -18.22
CA TYR D 82 -12.04 9.90 -17.25
C TYR D 82 -10.71 9.58 -17.95
N GLY D 83 -10.75 8.68 -18.92
CA GLY D 83 -9.54 8.32 -19.64
C GLY D 83 -8.87 9.50 -20.31
N LYS D 84 -9.68 10.37 -20.87
CA LYS D 84 -9.22 11.56 -21.59
C LYS D 84 -8.79 12.70 -20.65
N VAL D 85 -9.07 12.52 -19.35
CA VAL D 85 -8.77 13.52 -18.31
C VAL D 85 -9.47 14.86 -18.61
N ASP D 86 -10.76 14.77 -18.94
CA ASP D 86 -11.57 15.95 -19.28
C ASP D 86 -12.09 16.63 -18.03
N GLY D 87 -11.29 17.56 -17.51
CA GLY D 87 -11.64 18.31 -16.31
C GLY D 87 -12.94 19.07 -16.45
N LEU D 88 -13.16 19.73 -17.60
CA LEU D 88 -14.39 20.49 -17.80
C LEU D 88 -15.63 19.58 -17.87
N GLY D 89 -15.50 18.50 -18.64
CA GLY D 89 -16.59 17.56 -18.81
C GLY D 89 -17.07 16.91 -17.53
N VAL D 90 -16.12 16.49 -16.69
CA VAL D 90 -16.48 15.84 -15.42
C VAL D 90 -17.04 16.88 -14.45
N LEU D 91 -16.47 18.08 -14.49
CA LEU D 91 -16.97 19.15 -13.63
C LEU D 91 -18.46 19.39 -14.00
N LYS D 92 -18.76 19.42 -15.30
CA LYS D 92 -20.15 19.61 -15.75
C LYS D 92 -21.09 18.52 -15.24
N ALA D 93 -20.64 17.27 -15.30
CA ALA D 93 -21.47 16.14 -14.85
C ALA D 93 -21.76 16.21 -13.35
N ALA D 94 -20.78 16.72 -12.60
CA ALA D 94 -20.90 16.82 -11.15
C ALA D 94 -21.90 17.90 -10.75
N VAL D 95 -21.80 19.06 -11.40
CA VAL D 95 -22.72 20.17 -11.13
C VAL D 95 -24.13 19.69 -11.49
N ALA D 96 -24.25 18.98 -12.61
CA ALA D 96 -25.54 18.45 -13.04
C ALA D 96 -26.13 17.51 -11.99
N ALA D 97 -25.33 16.57 -11.49
CA ALA D 97 -25.85 15.64 -10.49
C ALA D 97 -26.36 16.40 -9.26
N ILE D 98 -25.70 17.51 -8.93
CA ILE D 98 -26.12 18.32 -7.78
C ILE D 98 -27.46 19.01 -8.03
N LYS D 99 -27.63 19.58 -9.24
CA LYS D 99 -28.87 20.26 -9.62
C LYS D 99 -30.01 19.26 -9.71
N LYS D 100 -29.80 18.19 -10.45
CA LYS D 100 -30.83 17.18 -10.59
C LYS D 100 -31.20 16.60 -9.22
N ALA D 101 -30.34 16.79 -8.23
CA ALA D 101 -30.58 16.28 -6.88
C ALA D 101 -31.37 17.24 -6.00
N ALA D 102 -31.14 18.54 -6.18
CA ALA D 102 -31.83 19.57 -5.43
C ALA D 102 -33.22 19.88 -6.02
N ALA D 103 -33.60 19.13 -7.06
CA ALA D 103 -34.88 19.29 -7.72
C ALA D 103 -35.05 18.26 -8.85
P PO3 E . -4.87 5.42 -7.17
O1 PO3 E . -5.37 4.00 -6.94
O2 PO3 E . -4.80 5.99 -8.57
O3 PO3 E . -4.27 6.21 -6.02
N ALA A 1 0.74 7.29 -18.60
CA ALA A 1 0.24 7.59 -19.96
C ALA A 1 -1.09 6.86 -20.17
N GLU A 2 -1.77 7.18 -21.26
CA GLU A 2 -3.08 6.58 -21.60
C GLU A 2 -3.28 5.20 -20.95
N GLU A 3 -2.80 4.17 -21.63
CA GLU A 3 -2.95 2.80 -21.13
C GLU A 3 -2.16 2.60 -19.84
N LEU A 4 -0.84 2.78 -19.91
CA LEU A 4 0.01 2.60 -18.74
C LEU A 4 -0.63 3.20 -17.48
N GLU A 5 -1.21 4.38 -17.61
CA GLU A 5 -1.84 5.05 -16.47
C GLU A 5 -3.12 4.34 -16.08
N GLU A 6 -3.94 4.01 -17.07
CA GLU A 6 -5.19 3.30 -16.82
C GLU A 6 -4.88 1.88 -16.34
N VAL A 7 -3.80 1.31 -16.88
CA VAL A 7 -3.37 -0.03 -16.50
C VAL A 7 -2.93 -0.05 -15.03
N VAL A 8 -2.20 0.99 -14.63
CA VAL A 8 -1.73 1.10 -13.25
C VAL A 8 -2.95 1.16 -12.33
N MET A 9 -3.95 1.96 -12.70
CA MET A 9 -5.17 2.06 -11.90
C MET A 9 -5.77 0.67 -11.73
N GLY A 10 -5.81 -0.09 -12.82
CA GLY A 10 -6.34 -1.45 -12.77
C GLY A 10 -5.49 -2.31 -11.83
N LEU A 11 -4.17 -2.17 -11.95
CA LEU A 11 -3.26 -2.93 -11.10
C LEU A 11 -3.45 -2.56 -9.64
N ILE A 12 -3.57 -1.27 -9.37
CA ILE A 12 -3.76 -0.80 -8.00
C ILE A 12 -5.06 -1.36 -7.46
N ILE A 13 -6.11 -1.29 -8.26
CA ILE A 13 -7.40 -1.82 -7.85
C ILE A 13 -7.30 -3.33 -7.65
N ASN A 14 -6.65 -4.01 -8.60
CA ASN A 14 -6.47 -5.45 -8.53
C ASN A 14 -5.71 -5.82 -7.26
N SER A 15 -4.61 -5.11 -7.03
CA SER A 15 -3.81 -5.35 -5.83
C SER A 15 -4.65 -5.14 -4.57
N GLY A 16 -5.44 -4.06 -4.60
CA GLY A 16 -6.32 -3.75 -3.47
C GLY A 16 -7.35 -4.86 -3.26
N GLN A 17 -7.95 -5.32 -4.36
CA GLN A 17 -8.94 -6.40 -4.27
C GLN A 17 -8.27 -7.65 -3.72
N ALA A 18 -7.05 -7.92 -4.18
CA ALA A 18 -6.31 -9.09 -3.72
C ALA A 18 -6.15 -9.04 -2.21
N ARG A 19 -5.70 -7.91 -1.69
CA ARG A 19 -5.55 -7.77 -0.25
C ARG A 19 -6.90 -7.95 0.43
N SER A 20 -7.91 -7.28 -0.11
CA SER A 20 -9.25 -7.36 0.44
C SER A 20 -9.68 -8.83 0.57
N LEU A 21 -9.47 -9.59 -0.49
CA LEU A 21 -9.81 -11.01 -0.48
C LEU A 21 -8.97 -11.74 0.58
N ALA A 22 -7.69 -11.40 0.63
CA ALA A 22 -6.79 -12.03 1.60
C ALA A 22 -7.30 -11.80 3.03
N TYR A 23 -7.59 -10.55 3.38
CA TYR A 23 -8.10 -10.25 4.72
C TYR A 23 -9.41 -11.00 4.93
N ALA A 24 -10.25 -11.03 3.90
CA ALA A 24 -11.51 -11.73 3.99
C ALA A 24 -11.24 -13.22 4.25
N ALA A 25 -10.23 -13.75 3.56
CA ALA A 25 -9.84 -15.14 3.75
C ALA A 25 -9.48 -15.38 5.21
N LEU A 26 -8.72 -14.46 5.78
CA LEU A 26 -8.32 -14.57 7.18
C LEU A 26 -9.56 -14.55 8.07
N LYS A 27 -10.48 -13.64 7.77
CA LYS A 27 -11.71 -13.53 8.54
C LYS A 27 -12.45 -14.87 8.56
N GLN A 28 -12.48 -15.54 7.41
CA GLN A 28 -13.15 -16.84 7.31
C GLN A 28 -12.48 -17.81 8.28
N ALA A 29 -11.15 -17.75 8.35
CA ALA A 29 -10.39 -18.62 9.24
C ALA A 29 -10.80 -18.38 10.69
N LYS A 30 -10.95 -17.12 11.05
CA LYS A 30 -11.36 -16.77 12.41
C LYS A 30 -12.72 -17.37 12.73
N GLN A 31 -13.58 -17.50 11.72
CA GLN A 31 -14.89 -18.08 11.93
C GLN A 31 -14.80 -19.60 11.96
N GLY A 32 -13.60 -20.12 11.77
CA GLY A 32 -13.37 -21.56 11.81
C GLY A 32 -13.71 -22.21 10.47
N ASP A 33 -13.83 -21.40 9.43
CA ASP A 33 -14.15 -21.90 8.09
C ASP A 33 -12.88 -22.06 7.26
N PHE A 34 -12.18 -23.18 7.47
CA PHE A 34 -10.93 -23.42 6.73
C PHE A 34 -11.18 -23.60 5.24
N ALA A 35 -12.31 -24.21 4.89
CA ALA A 35 -12.63 -24.46 3.49
C ALA A 35 -12.77 -23.14 2.72
N ALA A 36 -13.56 -22.23 3.26
CA ALA A 36 -13.76 -20.95 2.60
C ALA A 36 -12.46 -20.14 2.60
N ALA A 37 -11.70 -20.23 3.68
CA ALA A 37 -10.43 -19.52 3.75
C ALA A 37 -9.52 -19.99 2.60
N LYS A 38 -9.36 -21.30 2.49
CA LYS A 38 -8.53 -21.90 1.45
C LYS A 38 -8.96 -21.42 0.06
N ALA A 39 -10.26 -21.45 -0.21
CA ALA A 39 -10.77 -21.03 -1.51
C ALA A 39 -10.47 -19.57 -1.79
N MET A 40 -10.61 -18.74 -0.76
CA MET A 40 -10.36 -17.30 -0.90
C MET A 40 -8.88 -17.03 -1.18
N MET A 41 -7.98 -17.76 -0.50
CA MET A 41 -6.55 -17.56 -0.72
C MET A 41 -6.19 -17.92 -2.15
N ASP A 42 -6.77 -19.01 -2.65
CA ASP A 42 -6.47 -19.48 -3.99
C ASP A 42 -6.83 -18.42 -5.02
N GLN A 43 -8.03 -17.87 -4.88
CA GLN A 43 -8.48 -16.82 -5.80
C GLN A 43 -7.61 -15.59 -5.67
N SER A 44 -7.25 -15.24 -4.44
CA SER A 44 -6.40 -14.08 -4.20
C SER A 44 -5.06 -14.28 -4.91
N ARG A 45 -4.49 -15.47 -4.78
CA ARG A 45 -3.22 -15.82 -5.43
C ARG A 45 -3.32 -15.66 -6.95
N MET A 46 -4.40 -16.18 -7.51
CA MET A 46 -4.63 -16.11 -8.95
C MET A 46 -4.72 -14.65 -9.40
N ALA A 47 -5.41 -13.83 -8.62
CA ALA A 47 -5.56 -12.41 -8.94
C ALA A 47 -4.19 -11.74 -9.00
N LEU A 48 -3.35 -12.05 -8.02
CA LEU A 48 -2.00 -11.49 -7.95
C LEU A 48 -1.15 -11.98 -9.12
N ASN A 49 -1.29 -13.26 -9.41
CA ASN A 49 -0.51 -13.87 -10.48
C ASN A 49 -0.77 -13.15 -11.80
N GLU A 50 -2.04 -12.89 -12.07
CA GLU A 50 -2.41 -12.17 -13.29
C GLU A 50 -1.86 -10.75 -13.23
N ALA A 51 -1.97 -10.13 -12.05
CA ALA A 51 -1.47 -8.77 -11.87
C ALA A 51 0.06 -8.75 -12.05
N HIS A 52 0.73 -9.71 -11.44
CA HIS A 52 2.19 -9.81 -11.54
C HIS A 52 2.61 -10.01 -13.00
N LEU A 53 1.86 -10.83 -13.72
CA LEU A 53 2.16 -11.11 -15.12
C LEU A 53 2.11 -9.82 -15.93
N VAL A 54 1.08 -9.02 -15.68
CA VAL A 54 0.94 -7.75 -16.38
C VAL A 54 2.11 -6.84 -16.04
N GLN A 55 2.46 -6.79 -14.76
CA GLN A 55 3.59 -5.96 -14.34
C GLN A 55 4.88 -6.45 -15.01
N THR A 56 5.08 -7.76 -15.08
CA THR A 56 6.28 -8.32 -15.72
C THR A 56 6.46 -7.71 -17.11
N LYS A 57 5.37 -7.66 -17.88
CA LYS A 57 5.43 -7.06 -19.22
C LYS A 57 5.76 -5.59 -19.10
N LEU A 58 5.18 -4.94 -18.10
CA LEU A 58 5.43 -3.52 -17.90
C LEU A 58 6.87 -3.24 -17.48
N ILE A 59 7.58 -4.25 -16.98
CA ILE A 59 8.99 -4.06 -16.60
C ILE A 59 9.93 -4.47 -17.76
N GLU A 60 9.55 -5.49 -18.53
CA GLU A 60 10.37 -5.95 -19.66
C GLU A 60 10.46 -4.88 -20.74
N GLY A 61 9.34 -4.20 -21.01
CA GLY A 61 9.31 -3.17 -22.03
C GLY A 61 9.20 -1.78 -21.42
N ASP A 62 9.80 -1.60 -20.24
CA ASP A 62 9.75 -0.32 -19.54
C ASP A 62 10.49 0.78 -20.32
N ALA A 63 11.17 0.39 -21.40
CA ALA A 63 11.90 1.36 -22.21
C ALA A 63 10.97 2.06 -23.19
N GLY A 64 11.49 3.07 -23.89
CA GLY A 64 10.68 3.81 -24.86
C GLY A 64 10.81 5.32 -24.66
N GLU A 65 10.45 5.80 -23.47
CA GLU A 65 10.53 7.23 -23.19
C GLU A 65 11.97 7.72 -23.18
N GLY A 66 12.86 6.90 -22.64
CA GLY A 66 14.28 7.27 -22.58
C GLY A 66 15.15 6.04 -22.36
N LYS A 67 16.47 6.25 -22.44
CA LYS A 67 17.41 5.15 -22.27
C LYS A 67 17.39 4.63 -20.82
N MET A 68 18.11 5.32 -19.94
CA MET A 68 18.20 4.93 -18.54
C MET A 68 16.88 5.05 -17.79
N LYS A 69 16.13 6.12 -18.08
CA LYS A 69 14.87 6.35 -17.37
C LYS A 69 13.76 5.39 -17.80
N VAL A 70 12.84 5.14 -16.87
CA VAL A 70 11.71 4.23 -17.10
C VAL A 70 10.41 4.88 -16.65
N SER A 71 9.28 4.23 -16.95
CA SER A 71 7.98 4.77 -16.55
C SER A 71 7.94 4.91 -15.03
N LEU A 72 7.54 6.10 -14.57
CA LEU A 72 7.48 6.40 -13.14
C LEU A 72 6.43 5.55 -12.41
N VAL A 73 5.30 5.39 -13.07
CA VAL A 73 4.18 4.62 -12.52
C VAL A 73 4.55 3.16 -12.22
N LEU A 74 5.63 2.69 -12.79
CA LEU A 74 6.06 1.31 -12.51
C LEU A 74 6.20 1.09 -11.01
N VAL A 75 6.59 2.15 -10.33
CA VAL A 75 6.80 2.11 -8.89
C VAL A 75 5.44 1.97 -8.19
N HIS A 76 4.17 2.93 -8.61
CA HIS A 76 2.81 2.87 -8.04
C HIS A 76 2.27 1.46 -8.14
N ALA A 77 2.63 0.77 -9.23
CA ALA A 77 2.18 -0.61 -9.44
C ALA A 77 3.03 -1.59 -8.64
N GLN A 78 4.35 -1.46 -8.72
CA GLN A 78 5.23 -2.40 -8.02
C GLN A 78 5.00 -2.32 -6.51
N LEU A 79 4.96 -1.09 -6.01
CA LEU A 79 4.72 -0.86 -4.59
C LEU A 79 3.44 -1.54 -4.13
N HIS A 80 2.35 -1.32 -4.85
CA HIS A 80 1.08 -1.91 -4.47
C HIS A 80 1.12 -3.44 -4.62
N LEU A 81 1.65 -3.90 -5.74
CA LEU A 81 1.74 -5.34 -5.99
C LEU A 81 2.64 -6.04 -4.98
N MET A 82 3.80 -5.45 -4.70
CA MET A 82 4.74 -6.05 -3.75
C MET A 82 4.11 -6.14 -2.37
N THR A 83 3.46 -5.05 -1.96
CA THR A 83 2.81 -5.00 -0.65
C THR A 83 1.69 -6.04 -0.56
N SER A 84 0.84 -6.07 -1.58
CA SER A 84 -0.29 -7.01 -1.61
C SER A 84 0.20 -8.46 -1.60
N MET A 85 1.16 -8.78 -2.45
CA MET A 85 1.69 -10.14 -2.51
C MET A 85 2.26 -10.57 -1.18
N LEU A 86 3.07 -9.70 -0.59
CA LEU A 86 3.68 -10.00 0.70
C LEU A 86 2.61 -10.19 1.78
N ALA A 87 1.64 -9.28 1.79
CA ALA A 87 0.56 -9.36 2.76
C ALA A 87 -0.15 -10.70 2.67
N ARG A 88 -0.49 -11.10 1.47
CA ARG A 88 -1.18 -12.37 1.27
C ARG A 88 -0.35 -13.55 1.78
N GLU A 89 0.93 -13.57 1.45
CA GLU A 89 1.77 -14.67 1.88
C GLU A 89 1.79 -14.78 3.39
N LEU A 90 1.95 -13.65 4.06
CA LEU A 90 1.96 -13.64 5.51
C LEU A 90 0.58 -14.03 6.05
N ILE A 91 -0.46 -13.51 5.42
CA ILE A 91 -1.82 -13.85 5.84
C ILE A 91 -2.03 -15.35 5.69
N THR A 92 -1.50 -15.92 4.61
CA THR A 92 -1.60 -17.37 4.40
C THR A 92 -0.98 -18.10 5.59
N GLU A 93 0.20 -17.64 6.01
CA GLU A 93 0.88 -18.23 7.16
C GLU A 93 0.02 -18.08 8.40
N LEU A 94 -0.57 -16.89 8.56
CA LEU A 94 -1.43 -16.62 9.72
C LEU A 94 -2.62 -17.59 9.71
N ILE A 95 -3.20 -17.80 8.55
CA ILE A 95 -4.34 -18.73 8.44
C ILE A 95 -3.90 -20.14 8.83
N GLU A 96 -2.72 -20.56 8.36
CA GLU A 96 -2.22 -21.88 8.71
C GLU A 96 -2.08 -22.00 10.22
N LEU A 97 -1.64 -20.91 10.87
CA LEU A 97 -1.51 -20.92 12.32
C LEU A 97 -2.88 -21.12 12.98
N HIS A 98 -3.89 -20.46 12.44
CA HIS A 98 -5.25 -20.62 12.98
C HIS A 98 -5.63 -22.08 12.92
N GLU A 99 -5.25 -22.75 11.84
CA GLU A 99 -5.55 -24.17 11.68
C GLU A 99 -4.81 -24.98 12.74
N LYS A 100 -3.56 -24.62 13.01
CA LYS A 100 -2.79 -25.32 14.02
C LYS A 100 -3.39 -25.06 15.41
N LEU A 101 -3.92 -23.84 15.61
CA LEU A 101 -4.56 -23.49 16.88
C LEU A 101 -5.80 -24.37 17.09
N LYS A 102 -6.02 -25.30 16.15
CA LYS A 102 -7.18 -26.20 16.21
C LYS A 102 -8.43 -25.52 15.71
N ALA A 103 -8.82 -24.42 16.39
CA ALA A 103 -10.03 -23.67 16.04
C ALA A 103 -10.30 -23.65 14.53
N ALA B 1 22.66 3.11 -13.51
CA ALA B 1 23.97 3.34 -14.19
C ALA B 1 24.86 2.13 -13.94
N GLU B 2 26.00 2.08 -14.64
CA GLU B 2 26.95 0.97 -14.53
C GLU B 2 26.86 0.24 -13.18
N GLU B 3 27.57 0.74 -12.19
CA GLU B 3 27.58 0.13 -10.87
C GLU B 3 26.22 0.21 -10.20
N LEU B 4 25.72 1.44 -10.02
CA LEU B 4 24.42 1.61 -9.38
C LEU B 4 23.38 0.61 -9.91
N GLU B 5 23.37 0.41 -11.22
CA GLU B 5 22.42 -0.52 -11.83
C GLU B 5 22.76 -1.95 -11.47
N GLU B 6 24.03 -2.30 -11.57
CA GLU B 6 24.50 -3.63 -11.23
C GLU B 6 24.38 -3.85 -9.73
N VAL B 7 24.60 -2.79 -8.97
CA VAL B 7 24.51 -2.85 -7.52
C VAL B 7 23.05 -3.11 -7.10
N VAL B 8 22.12 -2.44 -7.77
CA VAL B 8 20.69 -2.63 -7.49
C VAL B 8 20.33 -4.08 -7.74
N MET B 9 20.80 -4.63 -8.86
CA MET B 9 20.52 -6.03 -9.18
C MET B 9 21.01 -6.91 -8.03
N GLY B 10 22.21 -6.62 -7.53
CA GLY B 10 22.75 -7.37 -6.41
C GLY B 10 21.86 -7.21 -5.19
N LEU B 11 21.44 -5.98 -4.93
CA LEU B 11 20.56 -5.70 -3.79
C LEU B 11 19.24 -6.44 -3.93
N ILE B 12 18.67 -6.41 -5.13
CA ILE B 12 17.40 -7.09 -5.38
C ILE B 12 17.57 -8.58 -5.14
N ILE B 13 18.66 -9.12 -5.68
CA ILE B 13 18.94 -10.54 -5.50
C ILE B 13 19.17 -10.83 -4.02
N ASN B 14 19.95 -9.98 -3.36
CA ASN B 14 20.24 -10.16 -1.94
C ASN B 14 18.94 -10.10 -1.13
N SER B 15 18.11 -9.11 -1.42
CA SER B 15 16.83 -8.99 -0.74
C SER B 15 15.98 -10.23 -0.97
N GLY B 16 15.99 -10.71 -2.22
CA GLY B 16 15.23 -11.91 -2.57
C GLY B 16 15.76 -13.12 -1.81
N GLN B 17 17.08 -13.25 -1.75
CA GLN B 17 17.68 -14.37 -1.03
C GLN B 17 17.31 -14.28 0.45
N ALA B 18 17.35 -13.06 0.98
CA ALA B 18 17.00 -12.84 2.37
C ALA B 18 15.60 -13.36 2.66
N ARG B 19 14.64 -12.97 1.84
CA ARG B 19 13.27 -13.44 2.02
C ARG B 19 13.24 -14.96 1.90
N SER B 20 13.90 -15.47 0.86
CA SER B 20 13.94 -16.91 0.64
C SER B 20 14.41 -17.63 1.89
N LEU B 21 15.50 -17.13 2.48
CA LEU B 21 16.04 -17.73 3.71
C LEU B 21 15.01 -17.60 4.83
N ALA B 22 14.37 -16.44 4.93
CA ALA B 22 13.37 -16.20 5.97
C ALA B 22 12.24 -17.23 5.85
N TYR B 23 11.67 -17.38 4.65
CA TYR B 23 10.60 -18.36 4.46
C TYR B 23 11.12 -19.75 4.79
N ALA B 24 12.36 -20.04 4.38
CA ALA B 24 12.95 -21.33 4.67
C ALA B 24 13.06 -21.49 6.19
N ALA B 25 13.43 -20.41 6.87
CA ALA B 25 13.53 -20.43 8.33
C ALA B 25 12.18 -20.80 8.92
N LEU B 26 11.12 -20.21 8.39
CA LEU B 26 9.78 -20.50 8.86
C LEU B 26 9.45 -21.97 8.62
N LYS B 27 9.80 -22.46 7.44
CA LYS B 27 9.55 -23.86 7.11
C LYS B 27 10.21 -24.78 8.14
N GLN B 28 11.43 -24.43 8.54
CA GLN B 28 12.13 -25.23 9.56
C GLN B 28 11.31 -25.26 10.84
N ALA B 29 10.74 -24.11 11.19
CA ALA B 29 9.91 -24.02 12.40
C ALA B 29 8.73 -24.97 12.31
N LYS B 30 8.09 -25.01 11.14
CA LYS B 30 6.95 -25.90 10.94
C LYS B 30 7.36 -27.35 11.16
N GLN B 31 8.62 -27.67 10.83
CA GLN B 31 9.10 -29.04 11.01
C GLN B 31 9.46 -29.28 12.48
N GLY B 32 9.32 -28.24 13.29
CA GLY B 32 9.63 -28.35 14.72
C GLY B 32 11.13 -28.18 14.99
N ASP B 33 11.86 -27.66 14.00
CA ASP B 33 13.29 -27.46 14.14
C ASP B 33 13.60 -26.02 14.53
N PHE B 34 13.47 -25.71 15.81
CA PHE B 34 13.73 -24.34 16.29
C PHE B 34 15.18 -23.94 16.10
N ALA B 35 16.09 -24.90 16.27
CA ALA B 35 17.52 -24.60 16.15
C ALA B 35 17.86 -24.12 14.74
N ALA B 36 17.43 -24.87 13.74
CA ALA B 36 17.71 -24.50 12.36
C ALA B 36 16.98 -23.20 12.01
N ALA B 37 15.77 -23.03 12.51
CA ALA B 37 15.03 -21.80 12.24
C ALA B 37 15.82 -20.61 12.74
N LYS B 38 16.23 -20.68 14.02
CA LYS B 38 17.01 -19.60 14.63
C LYS B 38 18.27 -19.27 13.81
N ALA B 39 18.99 -20.29 13.40
CA ALA B 39 20.21 -20.10 12.61
C ALA B 39 19.91 -19.41 11.28
N MET B 40 18.83 -19.82 10.64
CA MET B 40 18.44 -19.26 9.36
C MET B 40 18.05 -17.78 9.51
N MET B 41 17.32 -17.45 10.57
CA MET B 41 16.92 -16.06 10.78
C MET B 41 18.15 -15.17 10.97
N ASP B 42 19.12 -15.68 11.73
CA ASP B 42 20.33 -14.93 12.01
C ASP B 42 21.06 -14.57 10.73
N GLN B 43 21.21 -15.58 9.86
CA GLN B 43 21.88 -15.36 8.59
C GLN B 43 21.08 -14.40 7.72
N SER B 44 19.76 -14.54 7.73
CA SER B 44 18.91 -13.65 6.95
C SER B 44 19.13 -12.20 7.41
N ARG B 45 19.14 -12.00 8.73
CA ARG B 45 19.35 -10.68 9.30
C ARG B 45 20.69 -10.09 8.83
N MET B 46 21.74 -10.90 8.89
CA MET B 46 23.07 -10.45 8.49
C MET B 46 23.05 -10.04 7.02
N ALA B 47 22.37 -10.84 6.20
CA ALA B 47 22.27 -10.53 4.77
C ALA B 47 21.58 -9.19 4.56
N LEU B 48 20.50 -8.97 5.31
CA LEU B 48 19.75 -7.72 5.21
C LEU B 48 20.59 -6.55 5.72
N ASN B 49 21.30 -6.78 6.81
CA ASN B 49 22.13 -5.75 7.40
C ASN B 49 23.18 -5.26 6.40
N GLU B 50 23.83 -6.19 5.73
CA GLU B 50 24.82 -5.83 4.72
C GLU B 50 24.17 -5.10 3.57
N ALA B 51 23.00 -5.58 3.17
CA ALA B 51 22.25 -4.96 2.08
C ALA B 51 21.83 -3.54 2.48
N HIS B 52 21.32 -3.41 3.70
CA HIS B 52 20.88 -2.11 4.21
C HIS B 52 22.06 -1.13 4.27
N LEU B 53 23.22 -1.64 4.69
CA LEU B 53 24.42 -0.80 4.79
C LEU B 53 24.77 -0.23 3.41
N VAL B 54 24.71 -1.09 2.40
CA VAL B 54 25.03 -0.66 1.04
C VAL B 54 24.01 0.40 0.61
N GLN B 55 22.73 0.16 0.90
CA GLN B 55 21.70 1.13 0.53
C GLN B 55 21.96 2.45 1.25
N THR B 56 22.32 2.39 2.54
CA THR B 56 22.60 3.61 3.30
C THR B 56 23.57 4.50 2.53
N LYS B 57 24.65 3.90 2.04
CA LYS B 57 25.62 4.66 1.25
C LYS B 57 24.97 5.20 -0.01
N LEU B 58 24.12 4.39 -0.61
CA LEU B 58 23.44 4.78 -1.84
C LEU B 58 22.45 5.93 -1.59
N ILE B 59 22.02 6.12 -0.32
CA ILE B 59 21.11 7.23 -0.01
C ILE B 59 21.88 8.48 0.45
N GLU B 60 23.00 8.27 1.16
CA GLU B 60 23.81 9.39 1.64
C GLU B 60 24.42 10.17 0.46
N GLY B 61 24.86 9.43 -0.55
CA GLY B 61 25.49 10.05 -1.72
C GLY B 61 24.59 9.96 -2.95
N ASP B 62 23.28 10.02 -2.73
CA ASP B 62 22.32 9.93 -3.82
C ASP B 62 22.41 11.14 -4.77
N ALA B 63 23.21 12.12 -4.40
CA ALA B 63 23.36 13.32 -5.23
C ALA B 63 24.37 13.07 -6.34
N GLY B 64 24.50 14.03 -7.26
CA GLY B 64 25.44 13.90 -8.37
C GLY B 64 24.78 14.23 -9.71
N GLU B 65 23.73 13.48 -10.05
CA GLU B 65 23.03 13.70 -11.32
C GLU B 65 22.34 15.07 -11.33
N GLY B 66 21.76 15.45 -10.20
CA GLY B 66 21.07 16.73 -10.11
C GLY B 66 20.91 17.16 -8.66
N LYS B 67 20.42 18.38 -8.47
CA LYS B 67 20.23 18.92 -7.13
C LYS B 67 19.13 18.16 -6.38
N MET B 68 17.88 18.54 -6.66
CA MET B 68 16.72 17.93 -6.01
C MET B 68 16.52 16.47 -6.40
N LYS B 69 16.75 16.13 -7.66
CA LYS B 69 16.54 14.76 -8.14
C LYS B 69 17.62 13.80 -7.64
N VAL B 70 17.22 12.52 -7.52
CA VAL B 70 18.11 11.47 -7.05
C VAL B 70 18.02 10.24 -7.98
N SER B 71 18.89 9.26 -7.76
CA SER B 71 18.88 8.05 -8.59
C SER B 71 17.52 7.37 -8.49
N LEU B 72 16.93 7.04 -9.64
CA LEU B 72 15.60 6.45 -9.66
C LEU B 72 15.59 5.04 -9.04
N VAL B 73 16.65 4.30 -9.35
CA VAL B 73 16.80 2.93 -8.88
C VAL B 73 16.83 2.84 -7.34
N LEU B 74 17.07 3.96 -6.67
CA LEU B 74 17.06 3.93 -5.20
C LEU B 74 15.75 3.36 -4.68
N VAL B 75 14.67 3.70 -5.37
CA VAL B 75 13.34 3.23 -5.02
C VAL B 75 13.28 1.71 -5.18
N HIS B 76 13.82 1.12 -6.36
CA HIS B 76 13.81 -0.32 -6.60
C HIS B 76 14.51 -1.05 -5.45
N ALA B 77 15.66 -0.53 -5.04
CA ALA B 77 16.42 -1.15 -3.97
C ALA B 77 15.70 -0.98 -2.64
N GLN B 78 15.17 0.22 -2.39
CA GLN B 78 14.48 0.49 -1.13
C GLN B 78 13.22 -0.36 -1.03
N LEU B 79 12.44 -0.39 -2.12
CA LEU B 79 11.22 -1.18 -2.14
C LEU B 79 11.49 -2.65 -1.82
N HIS B 80 12.48 -3.23 -2.48
CA HIS B 80 12.80 -4.62 -2.24
C HIS B 80 13.36 -4.83 -0.84
N LEU B 81 14.27 -3.95 -0.44
CA LEU B 81 14.88 -4.06 0.89
C LEU B 81 13.85 -3.85 2.00
N MET B 82 13.00 -2.85 1.86
CA MET B 82 11.98 -2.57 2.87
C MET B 82 11.02 -3.75 3.01
N THR B 83 10.59 -4.28 1.87
CA THR B 83 9.67 -5.41 1.87
C THR B 83 10.32 -6.64 2.50
N SER B 84 11.55 -6.94 2.10
CA SER B 84 12.26 -8.09 2.64
C SER B 84 12.50 -7.97 4.14
N MET B 85 12.97 -6.81 4.58
CA MET B 85 13.24 -6.60 6.01
C MET B 85 11.96 -6.76 6.83
N LEU B 86 10.89 -6.14 6.36
CA LEU B 86 9.61 -6.21 7.06
C LEU B 86 9.11 -7.65 7.12
N ALA B 87 9.17 -8.33 5.98
CA ALA B 87 8.72 -9.71 5.90
C ALA B 87 9.49 -10.58 6.88
N ARG B 88 10.79 -10.44 6.86
CA ARG B 88 11.65 -11.22 7.75
C ARG B 88 11.28 -10.97 9.21
N GLU B 89 11.08 -9.70 9.59
CA GLU B 89 10.75 -9.38 10.97
C GLU B 89 9.43 -10.05 11.37
N LEU B 90 8.44 -9.96 10.50
CA LEU B 90 7.14 -10.56 10.78
C LEU B 90 7.28 -12.08 10.84
N ILE B 91 8.06 -12.63 9.92
CA ILE B 91 8.30 -14.07 9.91
C ILE B 91 8.95 -14.49 11.23
N THR B 92 9.86 -13.66 11.73
CA THR B 92 10.50 -13.96 13.02
C THR B 92 9.43 -14.07 14.09
N GLU B 93 8.49 -13.13 14.09
CA GLU B 93 7.40 -13.15 15.06
C GLU B 93 6.58 -14.43 14.88
N LEU B 94 6.30 -14.77 13.62
CA LEU B 94 5.54 -15.99 13.33
C LEU B 94 6.27 -17.21 13.87
N ILE B 95 7.59 -17.26 13.68
CA ILE B 95 8.36 -18.38 14.19
C ILE B 95 8.28 -18.46 15.71
N GLU B 96 8.36 -17.30 16.37
CA GLU B 96 8.25 -17.27 17.83
C GLU B 96 6.90 -17.85 18.25
N LEU B 97 5.86 -17.54 17.49
CA LEU B 97 4.52 -18.05 17.79
C LEU B 97 4.52 -19.58 17.69
N HIS B 98 5.19 -20.10 16.66
CA HIS B 98 5.27 -21.55 16.50
C HIS B 98 5.89 -22.17 17.75
N GLU B 99 6.90 -21.48 18.28
CA GLU B 99 7.55 -21.95 19.50
C GLU B 99 6.58 -21.94 20.66
N LYS B 100 5.77 -20.88 20.77
CA LYS B 100 4.79 -20.80 21.84
C LYS B 100 3.72 -21.88 21.65
N LEU B 101 3.39 -22.19 20.39
CA LEU B 101 2.42 -23.25 20.11
C LEU B 101 2.96 -24.60 20.58
N LYS B 102 4.13 -24.57 21.21
CA LYS B 102 4.77 -25.78 21.72
C LYS B 102 5.49 -26.51 20.59
N ALA B 103 4.71 -26.92 19.58
CA ALA B 103 5.25 -27.67 18.43
C ALA B 103 6.64 -27.19 18.04
N ALA C 1 11.12 19.25 -2.05
CA ALA C 1 11.16 20.74 -1.98
C ALA C 1 10.96 21.17 -0.54
N GLU C 2 11.18 22.45 -0.27
CA GLU C 2 11.04 23.02 1.08
C GLU C 2 10.10 22.22 1.98
N GLU C 3 8.81 22.51 1.89
CA GLU C 3 7.83 21.81 2.71
C GLU C 3 7.73 20.34 2.34
N LEU C 4 7.37 20.07 1.08
CA LEU C 4 7.24 18.68 0.63
C LEU C 4 8.38 17.80 1.16
N GLU C 5 9.60 18.32 1.11
CA GLU C 5 10.76 17.57 1.58
C GLU C 5 10.74 17.43 3.10
N GLU C 6 10.47 18.53 3.78
CA GLU C 6 10.41 18.52 5.24
C GLU C 6 9.19 17.70 5.68
N VAL C 7 8.12 17.78 4.89
CA VAL C 7 6.90 17.04 5.17
C VAL C 7 7.17 15.53 5.06
N VAL C 8 7.92 15.14 4.03
CA VAL C 8 8.27 13.74 3.83
C VAL C 8 9.06 13.24 5.04
N MET C 9 10.02 14.04 5.50
CA MET C 9 10.80 13.67 6.66
C MET C 9 9.87 13.40 7.84
N GLY C 10 8.88 14.29 8.01
CA GLY C 10 7.91 14.13 9.08
C GLY C 10 7.12 12.84 8.88
N LEU C 11 6.71 12.59 7.65
CA LEU C 11 5.94 11.37 7.33
C LEU C 11 6.79 10.14 7.59
N ILE C 12 8.05 10.18 7.18
CA ILE C 12 8.94 9.04 7.37
C ILE C 12 9.11 8.78 8.87
N ILE C 13 9.32 9.87 9.61
CA ILE C 13 9.47 9.76 11.06
C ILE C 13 8.16 9.23 11.66
N ASN C 14 7.05 9.81 11.22
CA ASN C 14 5.73 9.40 11.72
C ASN C 14 5.50 7.92 11.43
N SER C 15 5.79 7.51 10.19
CA SER C 15 5.63 6.11 9.81
C SER C 15 6.52 5.24 10.68
N GLY C 16 7.76 5.70 10.90
CA GLY C 16 8.70 4.95 11.73
C GLY C 16 8.18 4.84 13.16
N GLN C 17 7.67 5.95 13.70
CA GLN C 17 7.13 5.92 15.06
C GLN C 17 5.95 4.97 15.12
N ALA C 18 5.12 5.01 14.08
CA ALA C 18 3.96 4.14 14.02
C ALA C 18 4.38 2.67 14.15
N ARG C 19 5.36 2.27 13.33
CA ARG C 19 5.84 0.91 13.40
C ARG C 19 6.41 0.63 14.79
N SER C 20 7.21 1.57 15.28
CA SER C 20 7.81 1.41 16.60
C SER C 20 6.73 1.13 17.65
N LEU C 21 5.66 1.92 17.61
CA LEU C 21 4.56 1.74 18.54
C LEU C 21 3.92 0.37 18.33
N ALA C 22 3.73 0.00 17.06
CA ALA C 22 3.13 -1.29 16.73
C ALA C 22 3.96 -2.44 17.33
N TYR C 23 5.27 -2.43 17.07
CA TYR C 23 6.14 -3.47 17.64
C TYR C 23 6.05 -3.45 19.16
N ALA C 24 6.03 -2.24 19.72
CA ALA C 24 5.92 -2.11 21.17
C ALA C 24 4.59 -2.72 21.62
N ALA C 25 3.54 -2.47 20.85
CA ALA C 25 2.23 -3.03 21.16
C ALA C 25 2.31 -4.55 21.21
N LEU C 26 3.01 -5.12 20.24
CA LEU C 26 3.19 -6.57 20.18
C LEU C 26 3.95 -7.05 21.42
N LYS C 27 4.99 -6.31 21.77
CA LYS C 27 5.79 -6.66 22.94
C LYS C 27 4.90 -6.72 24.19
N GLN C 28 3.99 -5.77 24.31
CA GLN C 28 3.06 -5.75 25.44
C GLN C 28 2.26 -7.04 25.47
N ALA C 29 1.82 -7.47 24.27
CA ALA C 29 1.05 -8.70 24.16
C ALA C 29 1.85 -9.89 24.67
N LYS C 30 3.13 -9.94 24.30
CA LYS C 30 3.99 -11.02 24.76
C LYS C 30 4.07 -11.06 26.28
N GLN C 31 3.98 -9.88 26.90
CA GLN C 31 4.04 -9.80 28.36
C GLN C 31 2.67 -10.17 28.96
N GLY C 32 1.71 -10.44 28.08
CA GLY C 32 0.36 -10.83 28.53
C GLY C 32 -0.47 -9.60 28.89
N ASP C 33 -0.04 -8.43 28.44
CA ASP C 33 -0.76 -7.18 28.70
C ASP C 33 -1.63 -6.80 27.51
N PHE C 34 -2.80 -7.41 27.42
CA PHE C 34 -3.71 -7.14 26.31
C PHE C 34 -4.22 -5.70 26.34
N ALA C 35 -4.43 -5.17 27.54
CA ALA C 35 -4.94 -3.81 27.68
C ALA C 35 -3.97 -2.79 27.08
N ALA C 36 -2.71 -2.89 27.47
CA ALA C 36 -1.71 -1.96 26.96
C ALA C 36 -1.50 -2.17 25.47
N ALA C 37 -1.55 -3.42 25.02
CA ALA C 37 -1.38 -3.71 23.60
C ALA C 37 -2.48 -3.00 22.81
N LYS C 38 -3.72 -3.21 23.22
CA LYS C 38 -4.87 -2.59 22.57
C LYS C 38 -4.72 -1.07 22.49
N ALA C 39 -4.32 -0.45 23.61
CA ALA C 39 -4.16 1.00 23.65
C ALA C 39 -3.06 1.46 22.68
N MET C 40 -1.96 0.72 22.64
CA MET C 40 -0.85 1.06 21.77
C MET C 40 -1.25 0.92 20.30
N MET C 41 -2.03 -0.11 19.99
CA MET C 41 -2.48 -0.31 18.61
C MET C 41 -3.35 0.85 18.16
N ASP C 42 -4.25 1.28 19.04
CA ASP C 42 -5.17 2.36 18.72
C ASP C 42 -4.41 3.63 18.38
N GLN C 43 -3.42 3.97 19.21
CA GLN C 43 -2.61 5.16 18.97
C GLN C 43 -1.83 5.03 17.67
N SER C 44 -1.30 3.85 17.42
CA SER C 44 -0.55 3.60 16.19
C SER C 44 -1.44 3.87 14.98
N ARG C 45 -2.67 3.32 15.03
CA ARG C 45 -3.64 3.50 13.96
C ARG C 45 -3.93 4.99 13.72
N MET C 46 -4.14 5.72 14.81
CA MET C 46 -4.43 7.15 14.72
C MET C 46 -3.26 7.89 14.08
N ALA C 47 -2.04 7.51 14.47
CA ALA C 47 -0.84 8.14 13.91
C ALA C 47 -0.78 7.91 12.40
N LEU C 48 -1.08 6.68 11.98
CA LEU C 48 -1.07 6.33 10.57
C LEU C 48 -2.17 7.06 9.82
N ASN C 49 -3.34 7.15 10.45
CA ASN C 49 -4.48 7.81 9.84
C ASN C 49 -4.14 9.27 9.52
N GLU C 50 -3.51 9.95 10.47
CA GLU C 50 -3.11 11.33 10.26
C GLU C 50 -2.06 11.41 9.16
N ALA C 51 -1.13 10.47 9.19
CA ALA C 51 -0.07 10.43 8.18
C ALA C 51 -0.67 10.15 6.80
N HIS C 52 -1.58 9.19 6.74
CA HIS C 52 -2.25 8.85 5.48
C HIS C 52 -3.02 10.05 4.94
N LEU C 53 -3.69 10.78 5.83
CA LEU C 53 -4.47 11.95 5.43
C LEU C 53 -3.56 12.98 4.76
N VAL C 54 -2.39 13.20 5.35
CA VAL C 54 -1.45 14.16 4.80
C VAL C 54 -0.99 13.67 3.43
N GLN C 55 -0.69 12.38 3.32
CA GLN C 55 -0.26 11.82 2.04
C GLN C 55 -1.38 11.99 1.00
N THR C 56 -2.62 11.74 1.41
CA THR C 56 -3.76 11.88 0.48
C THR C 56 -3.70 13.25 -0.19
N LYS C 57 -3.50 14.29 0.60
CA LYS C 57 -3.40 15.64 0.05
C LYS C 57 -2.20 15.73 -0.88
N LEU C 58 -1.11 15.09 -0.49
CA LEU C 58 0.10 15.11 -1.29
C LEU C 58 -0.08 14.35 -2.61
N ILE C 59 -1.09 13.47 -2.70
CA ILE C 59 -1.33 12.76 -3.95
C ILE C 59 -2.40 13.48 -4.79
N GLU C 60 -3.38 14.10 -4.14
CA GLU C 60 -4.43 14.83 -4.87
C GLU C 60 -3.85 16.03 -5.60
N GLY C 61 -2.89 16.71 -4.98
CA GLY C 61 -2.28 17.89 -5.57
C GLY C 61 -0.83 17.62 -5.97
N ASP C 62 -0.56 16.41 -6.41
CA ASP C 62 0.79 16.03 -6.80
C ASP C 62 1.22 16.75 -8.06
N ALA C 63 0.31 17.49 -8.68
CA ALA C 63 0.63 18.24 -9.90
C ALA C 63 1.30 19.56 -9.56
N GLY C 64 1.78 20.26 -10.59
CA GLY C 64 2.43 21.56 -10.39
C GLY C 64 3.77 21.63 -11.13
N GLU C 65 4.69 20.71 -10.81
CA GLU C 65 5.99 20.70 -11.45
C GLU C 65 5.87 20.38 -12.94
N GLY C 66 4.99 19.45 -13.27
CA GLY C 66 4.80 19.05 -14.66
C GLY C 66 3.45 18.36 -14.86
N LYS C 67 3.12 18.09 -16.11
CA LYS C 67 1.85 17.44 -16.43
C LYS C 67 1.83 16.00 -15.92
N MET C 68 2.44 15.10 -16.70
CA MET C 68 2.48 13.68 -16.36
C MET C 68 3.31 13.38 -15.12
N LYS C 69 4.45 14.07 -14.97
CA LYS C 69 5.34 13.83 -13.84
C LYS C 69 4.79 14.36 -12.52
N VAL C 70 5.20 13.71 -11.43
CA VAL C 70 4.76 14.07 -10.08
C VAL C 70 5.96 14.16 -9.13
N SER C 71 5.72 14.64 -7.91
CA SER C 71 6.80 14.75 -6.93
C SER C 71 7.42 13.38 -6.68
N LEU C 72 8.74 13.30 -6.77
CA LEU C 72 9.45 12.03 -6.61
C LEU C 72 9.31 11.48 -5.19
N VAL C 73 9.40 12.39 -4.22
CA VAL C 73 9.33 12.04 -2.80
C VAL C 73 8.00 11.37 -2.44
N LEU C 74 6.99 11.50 -3.27
CA LEU C 74 5.72 10.85 -3.00
C LEU C 74 5.91 9.36 -2.77
N VAL C 75 6.84 8.79 -3.54
CA VAL C 75 7.16 7.38 -3.44
C VAL C 75 7.76 7.10 -2.06
N HIS C 76 8.76 7.96 -1.57
CA HIS C 76 9.39 7.76 -0.26
C HIS C 76 8.32 7.72 0.83
N ALA C 77 7.39 8.66 0.79
CA ALA C 77 6.33 8.72 1.79
C ALA C 77 5.38 7.54 1.64
N GLN C 78 5.03 7.21 0.40
CA GLN C 78 4.11 6.11 0.16
C GLN C 78 4.74 4.78 0.58
N LEU C 79 5.99 4.58 0.19
CA LEU C 79 6.71 3.36 0.55
C LEU C 79 6.75 3.17 2.06
N HIS C 80 7.13 4.21 2.79
CA HIS C 80 7.20 4.12 4.24
C HIS C 80 5.81 3.94 4.85
N LEU C 81 4.87 4.73 4.38
CA LEU C 81 3.50 4.67 4.89
C LEU C 81 2.85 3.31 4.59
N MET C 82 3.01 2.84 3.37
CA MET C 82 2.42 1.55 2.98
C MET C 82 3.01 0.42 3.82
N THR C 83 4.32 0.45 3.99
CA THR C 83 5.00 -0.58 4.76
C THR C 83 4.54 -0.55 6.22
N SER C 84 4.53 0.64 6.80
CA SER C 84 4.12 0.80 8.20
C SER C 84 2.67 0.37 8.42
N MET C 85 1.76 0.84 7.56
CA MET C 85 0.35 0.48 7.70
C MET C 85 0.16 -1.04 7.61
N LEU C 86 0.80 -1.65 6.63
CA LEU C 86 0.70 -3.09 6.43
C LEU C 86 1.24 -3.83 7.65
N ALA C 87 2.42 -3.42 8.10
CA ALA C 87 3.05 -4.04 9.25
C ALA C 87 2.13 -3.96 10.47
N ARG C 88 1.61 -2.77 10.71
CA ARG C 88 0.74 -2.55 11.84
C ARG C 88 -0.50 -3.47 11.77
N GLU C 89 -1.11 -3.56 10.59
CA GLU C 89 -2.29 -4.42 10.44
C GLU C 89 -1.95 -5.88 10.74
N LEU C 90 -0.82 -6.35 10.20
CA LEU C 90 -0.40 -7.72 10.44
C LEU C 90 -0.07 -7.92 11.91
N ILE C 91 0.60 -6.95 12.49
CA ILE C 91 0.95 -7.02 13.90
C ILE C 91 -0.33 -7.12 14.73
N THR C 92 -1.36 -6.39 14.32
CA THR C 92 -2.64 -6.46 15.02
C THR C 92 -3.15 -7.89 14.99
N GLU C 93 -3.06 -8.53 13.83
CA GLU C 93 -3.50 -9.92 13.70
C GLU C 93 -2.66 -10.82 14.62
N LEU C 94 -1.36 -10.56 14.63
CA LEU C 94 -0.45 -11.34 15.47
C LEU C 94 -0.84 -11.20 16.94
N ILE C 95 -1.16 -9.98 17.35
CA ILE C 95 -1.57 -9.73 18.73
C ILE C 95 -2.86 -10.51 19.05
N GLU C 96 -3.80 -10.48 18.12
CA GLU C 96 -5.05 -11.21 18.31
C GLU C 96 -4.75 -12.70 18.53
N LEU C 97 -3.78 -13.21 17.77
CA LEU C 97 -3.39 -14.61 17.91
C LEU C 97 -2.85 -14.87 19.32
N HIS C 98 -2.05 -13.94 19.83
CA HIS C 98 -1.52 -14.09 21.18
C HIS C 98 -2.68 -14.22 22.16
N GLU C 99 -3.73 -13.44 21.92
CA GLU C 99 -4.90 -13.49 22.78
C GLU C 99 -5.57 -14.87 22.68
N LYS C 100 -5.65 -15.41 21.46
CA LYS C 100 -6.25 -16.72 21.29
C LYS C 100 -5.38 -17.78 21.95
N LEU C 101 -4.05 -17.58 21.91
CA LEU C 101 -3.12 -18.52 22.55
C LEU C 101 -3.37 -18.53 24.06
N LYS C 102 -4.36 -17.76 24.51
CA LYS C 102 -4.70 -17.67 25.93
C LYS C 102 -3.78 -16.68 26.63
N ALA C 103 -2.48 -16.99 26.61
CA ALA C 103 -1.45 -16.16 27.26
C ALA C 103 -1.80 -14.67 27.21
N LYS D 1 -19.97 26.95 -1.17
CA LYS D 1 -19.08 26.05 -1.96
C LYS D 1 -19.44 24.59 -1.78
N LYS D 2 -19.77 23.94 -2.87
CA LYS D 2 -20.15 22.54 -2.84
C LYS D 2 -18.93 21.62 -2.88
N HIS D 3 -19.02 20.49 -2.19
CA HIS D 3 -17.93 19.52 -2.13
C HIS D 3 -18.12 18.37 -3.08
N ILE D 4 -17.20 18.26 -4.03
CA ILE D 4 -17.22 17.18 -4.99
C ILE D 4 -16.07 16.24 -4.61
N TYR D 5 -16.39 15.03 -4.18
CA TYR D 5 -15.38 14.06 -3.78
C TYR D 5 -15.33 12.90 -4.76
N LEU D 6 -14.13 12.60 -5.26
CA LEU D 6 -13.90 11.48 -6.19
C LEU D 6 -13.25 10.35 -5.40
N PHE D 7 -13.57 9.08 -5.75
CA PHE D 7 -12.87 7.96 -5.12
C PHE D 7 -12.21 7.05 -6.15
N CYS D 8 -11.07 6.43 -5.72
CA CYS D 8 -10.31 5.42 -6.45
C CYS D 8 -9.53 4.56 -5.46
N SER D 9 -8.66 3.65 -5.87
CA SER D 9 -8.06 2.81 -4.83
C SER D 9 -7.21 3.64 -3.88
N ALA D 10 -6.23 4.41 -4.39
CA ALA D 10 -5.33 5.13 -3.50
C ALA D 10 -5.62 6.62 -3.57
N GLY D 11 -5.94 7.13 -4.76
CA GLY D 11 -6.24 8.53 -4.95
C GLY D 11 -5.20 9.22 -5.83
N MET D 12 -4.51 8.49 -6.71
CA MET D 12 -3.49 9.11 -7.56
C MET D 12 -3.99 9.31 -9.00
N SER D 13 -4.08 8.26 -9.72
CA SER D 13 -4.51 8.36 -11.12
C SER D 13 -5.72 9.29 -11.27
N THR D 14 -6.46 9.49 -10.18
CA THR D 14 -7.62 10.37 -10.31
C THR D 14 -7.22 11.77 -9.88
N SER D 15 -6.09 11.83 -9.22
CA SER D 15 -5.48 13.09 -8.76
C SER D 15 -5.20 14.03 -9.93
N LEU D 16 -4.82 13.46 -11.06
CA LEU D 16 -4.55 14.26 -12.24
C LEU D 16 -5.88 14.86 -12.76
N LEU D 17 -6.96 14.07 -12.72
CA LEU D 17 -8.28 14.55 -13.14
C LEU D 17 -8.75 15.68 -12.19
N VAL D 18 -8.54 15.48 -10.88
CA VAL D 18 -8.91 16.50 -9.89
C VAL D 18 -8.18 17.83 -10.15
N SER D 19 -6.89 17.79 -10.47
CA SER D 19 -6.17 19.03 -10.74
C SER D 19 -6.73 19.77 -11.98
N LYS D 20 -7.12 19.03 -13.02
CA LYS D 20 -7.71 19.66 -14.20
C LYS D 20 -9.12 20.20 -13.91
N MET D 21 -9.87 19.50 -13.07
CA MET D 21 -11.22 20.00 -12.73
C MET D 21 -11.08 21.31 -11.94
N ARG D 22 -10.13 21.39 -11.02
CA ARG D 22 -9.91 22.60 -10.21
C ARG D 22 -9.56 23.79 -11.12
N ALA D 23 -8.79 23.54 -12.18
CA ALA D 23 -8.39 24.59 -13.11
C ALA D 23 -9.63 25.14 -13.81
N GLN D 24 -10.50 24.24 -14.24
CA GLN D 24 -11.72 24.61 -14.91
C GLN D 24 -12.67 25.35 -14.00
N ALA D 25 -12.80 24.88 -12.77
CA ALA D 25 -13.69 25.53 -11.80
C ALA D 25 -13.24 26.96 -11.55
N GLU D 26 -11.93 27.20 -11.60
CA GLU D 26 -11.39 28.54 -11.36
C GLU D 26 -11.65 29.43 -12.57
N LYS D 27 -11.43 28.88 -13.76
CA LYS D 27 -11.63 29.59 -14.99
C LYS D 27 -13.07 30.10 -15.12
N TYR D 28 -14.05 29.29 -14.72
CA TYR D 28 -15.48 29.69 -14.80
C TYR D 28 -16.13 30.10 -13.49
N GLU D 29 -15.33 30.35 -12.46
CA GLU D 29 -15.81 30.78 -11.15
C GLU D 29 -16.89 29.89 -10.51
N VAL D 30 -16.76 28.58 -10.66
CA VAL D 30 -17.70 27.63 -10.08
C VAL D 30 -17.27 27.48 -8.62
N PRO D 31 -18.19 27.73 -7.67
CA PRO D 31 -17.91 27.64 -6.23
C PRO D 31 -17.93 26.21 -5.68
N VAL D 32 -16.88 25.46 -6.01
CA VAL D 32 -16.75 24.08 -5.57
C VAL D 32 -15.38 23.76 -5.01
N ILE D 33 -15.35 22.75 -4.14
CA ILE D 33 -14.13 22.22 -3.55
C ILE D 33 -14.09 20.77 -4.09
N ILE D 34 -12.98 20.40 -4.71
CA ILE D 34 -12.79 19.07 -5.32
C ILE D 34 -11.61 18.31 -4.66
N GLU D 35 -11.86 17.09 -4.18
CA GLU D 35 -10.83 16.27 -3.52
C GLU D 35 -10.93 14.82 -4.00
N ALA D 36 -9.78 14.14 -4.09
CA ALA D 36 -9.71 12.73 -4.50
C ALA D 36 -9.34 11.92 -3.25
N PHE D 37 -9.93 10.74 -3.09
CA PHE D 37 -9.64 9.87 -1.95
C PHE D 37 -9.66 8.44 -2.43
N PRO D 38 -9.08 7.53 -1.64
CA PRO D 38 -9.07 6.11 -2.02
C PRO D 38 -10.49 5.61 -1.70
N GLU D 39 -10.91 4.54 -2.35
CA GLU D 39 -12.24 3.96 -2.13
C GLU D 39 -12.51 3.54 -0.69
N THR D 40 -11.46 3.29 0.09
CA THR D 40 -11.63 2.88 1.48
C THR D 40 -12.26 3.95 2.37
N LEU D 41 -12.19 5.21 1.94
CA LEU D 41 -12.77 6.32 2.70
C LEU D 41 -14.15 6.77 2.20
N ALA D 42 -14.74 6.07 1.21
CA ALA D 42 -16.05 6.45 0.63
C ALA D 42 -17.14 6.64 1.68
N GLY D 43 -17.12 5.80 2.71
CA GLY D 43 -18.13 5.91 3.75
C GLY D 43 -17.81 6.98 4.77
N GLU D 44 -16.53 7.16 5.08
CA GLU D 44 -16.15 8.15 6.07
C GLU D 44 -16.16 9.59 5.49
N LYS D 45 -15.52 9.77 4.34
CA LYS D 45 -15.46 11.08 3.70
C LYS D 45 -16.73 11.45 2.92
N GLY D 46 -17.38 10.46 2.32
CA GLY D 46 -18.60 10.70 1.55
C GLY D 46 -19.69 11.43 2.29
N GLN D 47 -19.77 11.23 3.60
CA GLN D 47 -20.79 11.89 4.43
C GLN D 47 -20.74 13.42 4.34
N ASN D 48 -19.59 13.97 3.95
CA ASN D 48 -19.43 15.41 3.87
C ASN D 48 -19.45 15.95 2.45
N ALA D 49 -19.66 15.08 1.48
CA ALA D 49 -19.67 15.54 0.10
C ALA D 49 -21.06 15.97 -0.30
N ASP D 50 -21.11 16.82 -1.31
CA ASP D 50 -22.38 17.25 -1.83
C ASP D 50 -22.73 16.32 -2.99
N VAL D 51 -21.69 15.73 -3.60
CA VAL D 51 -21.88 14.75 -4.67
C VAL D 51 -20.68 13.78 -4.61
N VAL D 52 -20.98 12.49 -4.70
CA VAL D 52 -19.97 11.44 -4.66
C VAL D 52 -19.78 10.85 -6.06
N LEU D 53 -18.55 10.92 -6.57
CA LEU D 53 -18.24 10.38 -7.88
C LEU D 53 -17.30 9.18 -7.73
N LEU D 54 -17.60 8.08 -8.42
CA LEU D 54 -16.75 6.88 -8.36
C LEU D 54 -15.96 6.73 -9.63
N GLY D 55 -14.69 6.35 -9.51
CA GLY D 55 -13.84 6.18 -10.68
C GLY D 55 -14.39 5.02 -11.49
N PRO D 56 -14.13 4.94 -12.76
CA PRO D 56 -14.66 3.84 -13.62
C PRO D 56 -14.24 2.42 -13.18
N GLN D 57 -13.07 2.31 -12.54
CA GLN D 57 -12.57 1.02 -12.08
C GLN D 57 -13.39 0.49 -10.90
N ILE D 58 -14.04 1.38 -10.15
CA ILE D 58 -14.82 0.94 -9.01
C ILE D 58 -16.34 1.02 -9.23
N ALA D 59 -16.75 0.99 -10.49
CA ALA D 59 -18.17 1.04 -10.83
C ALA D 59 -18.94 -0.11 -10.19
N TYR D 60 -18.34 -1.30 -10.13
CA TYR D 60 -19.04 -2.44 -9.55
C TYR D 60 -19.46 -2.21 -8.09
N MET D 61 -18.84 -1.23 -7.44
CA MET D 61 -19.15 -0.89 -6.05
C MET D 61 -20.33 0.08 -5.87
N LEU D 62 -20.89 0.58 -6.97
CA LEU D 62 -21.99 1.54 -6.90
C LEU D 62 -23.13 1.19 -5.93
N PRO D 63 -23.73 -0.02 -6.05
CA PRO D 63 -24.82 -0.37 -5.12
C PRO D 63 -24.43 -0.30 -3.65
N GLU D 64 -23.22 -0.72 -3.30
CA GLU D 64 -22.77 -0.68 -1.91
C GLU D 64 -22.60 0.74 -1.42
N ILE D 65 -22.02 1.59 -2.25
CA ILE D 65 -21.83 2.99 -1.85
C ILE D 65 -23.16 3.74 -1.71
N GLN D 66 -24.12 3.42 -2.59
CA GLN D 66 -25.46 4.00 -2.52
C GLN D 66 -26.13 3.64 -1.18
N ARG D 67 -26.00 2.39 -0.73
CA ARG D 67 -26.60 1.98 0.55
C ARG D 67 -25.89 2.63 1.74
N LEU D 68 -24.60 2.88 1.59
CA LEU D 68 -23.77 3.49 2.64
C LEU D 68 -24.11 4.97 2.82
N LEU D 69 -24.39 5.65 1.70
CA LEU D 69 -24.73 7.09 1.68
C LEU D 69 -26.11 7.27 1.01
N PRO D 70 -27.20 6.87 1.69
CA PRO D 70 -28.55 6.99 1.13
C PRO D 70 -29.03 8.44 0.93
N ASN D 71 -28.35 9.38 1.56
CA ASN D 71 -28.75 10.79 1.44
C ASN D 71 -27.82 11.63 0.57
N LYS D 72 -27.08 10.99 -0.33
CA LYS D 72 -26.14 11.69 -1.21
C LYS D 72 -26.26 11.20 -2.63
N PRO D 73 -26.13 12.10 -3.63
CA PRO D 73 -26.21 11.62 -5.02
C PRO D 73 -24.85 10.97 -5.27
N VAL D 74 -24.87 9.73 -5.75
CA VAL D 74 -23.64 8.96 -6.02
C VAL D 74 -23.64 8.48 -7.46
N GLU D 75 -22.58 8.72 -8.19
CA GLU D 75 -22.53 8.22 -9.55
C GLU D 75 -21.13 7.95 -10.07
N VAL D 76 -21.06 7.12 -11.10
CA VAL D 76 -19.80 6.72 -11.71
C VAL D 76 -19.40 7.72 -12.78
N ILE D 77 -18.11 8.03 -12.84
CA ILE D 77 -17.58 8.96 -13.83
C ILE D 77 -17.54 8.27 -15.17
N ASP D 78 -17.96 8.97 -16.21
CA ASP D 78 -17.94 8.40 -17.55
C ASP D 78 -16.51 7.95 -17.89
N SER D 79 -16.33 6.69 -18.28
CA SER D 79 -14.99 6.17 -18.58
C SER D 79 -14.18 6.90 -19.65
N LEU D 80 -14.87 7.44 -20.65
CA LEU D 80 -14.19 8.17 -21.73
C LEU D 80 -13.73 9.53 -21.23
N LEU D 81 -14.58 10.18 -20.45
CA LEU D 81 -14.26 11.49 -19.90
C LEU D 81 -13.10 11.33 -18.94
N TYR D 82 -13.10 10.21 -18.22
CA TYR D 82 -12.04 9.90 -17.25
C TYR D 82 -10.71 9.58 -17.95
N GLY D 83 -10.75 8.68 -18.92
CA GLY D 83 -9.54 8.32 -19.64
C GLY D 83 -8.87 9.50 -20.31
N LYS D 84 -9.68 10.37 -20.87
CA LYS D 84 -9.22 11.56 -21.59
C LYS D 84 -8.79 12.70 -20.65
N VAL D 85 -9.07 12.52 -19.35
CA VAL D 85 -8.77 13.52 -18.31
C VAL D 85 -9.47 14.86 -18.61
N ASP D 86 -10.76 14.77 -18.94
CA ASP D 86 -11.57 15.95 -19.28
C ASP D 86 -12.09 16.63 -18.03
N GLY D 87 -11.29 17.56 -17.51
CA GLY D 87 -11.64 18.31 -16.31
C GLY D 87 -12.94 19.07 -16.45
N LEU D 88 -13.16 19.73 -17.60
CA LEU D 88 -14.39 20.49 -17.80
C LEU D 88 -15.63 19.58 -17.87
N GLY D 89 -15.50 18.50 -18.64
CA GLY D 89 -16.59 17.56 -18.81
C GLY D 89 -17.07 16.91 -17.53
N VAL D 90 -16.12 16.49 -16.69
CA VAL D 90 -16.48 15.84 -15.42
C VAL D 90 -17.04 16.88 -14.45
N LEU D 91 -16.47 18.08 -14.49
CA LEU D 91 -16.97 19.15 -13.63
C LEU D 91 -18.46 19.39 -14.00
N LYS D 92 -18.76 19.42 -15.30
CA LYS D 92 -20.15 19.61 -15.75
C LYS D 92 -21.09 18.52 -15.24
N ALA D 93 -20.64 17.27 -15.30
CA ALA D 93 -21.47 16.14 -14.85
C ALA D 93 -21.76 16.21 -13.35
N ALA D 94 -20.78 16.72 -12.60
CA ALA D 94 -20.90 16.82 -11.15
C ALA D 94 -21.90 17.90 -10.75
N VAL D 95 -21.80 19.06 -11.40
CA VAL D 95 -22.72 20.17 -11.13
C VAL D 95 -24.13 19.69 -11.49
N ALA D 96 -24.25 18.98 -12.61
CA ALA D 96 -25.54 18.45 -13.04
C ALA D 96 -26.13 17.51 -11.99
N ALA D 97 -25.33 16.57 -11.49
CA ALA D 97 -25.85 15.64 -10.49
C ALA D 97 -26.36 16.40 -9.26
N ILE D 98 -25.70 17.51 -8.93
CA ILE D 98 -26.12 18.32 -7.78
C ILE D 98 -27.46 19.01 -8.03
N LYS D 99 -27.63 19.58 -9.24
CA LYS D 99 -28.87 20.26 -9.62
C LYS D 99 -30.01 19.26 -9.71
N LYS D 100 -29.80 18.19 -10.45
CA LYS D 100 -30.83 17.18 -10.59
C LYS D 100 -31.20 16.60 -9.22
N ALA D 101 -30.34 16.79 -8.23
CA ALA D 101 -30.58 16.28 -6.88
C ALA D 101 -31.37 17.24 -6.00
N ALA D 102 -31.14 18.54 -6.18
CA ALA D 102 -31.83 19.57 -5.43
C ALA D 102 -33.22 19.88 -6.02
N ALA D 103 -33.60 19.13 -7.06
CA ALA D 103 -34.88 19.29 -7.72
C ALA D 103 -35.05 18.26 -8.85
P PO3 E . -4.86 5.42 -7.17
O1 PO3 E . -4.24 6.21 -6.03
O2 PO3 E . -5.34 4.00 -6.94
O3 PO3 E . -4.80 5.96 -8.59
N ALA A 1 0.74 7.29 -18.60
CA ALA A 1 0.24 7.59 -19.96
C ALA A 1 -1.09 6.86 -20.17
N GLU A 2 -1.77 7.18 -21.26
CA GLU A 2 -3.08 6.58 -21.60
C GLU A 2 -3.28 5.20 -20.95
N GLU A 3 -2.80 4.17 -21.63
CA GLU A 3 -2.95 2.80 -21.13
C GLU A 3 -2.16 2.60 -19.84
N LEU A 4 -0.84 2.78 -19.91
CA LEU A 4 0.01 2.60 -18.74
C LEU A 4 -0.63 3.20 -17.48
N GLU A 5 -1.21 4.38 -17.61
CA GLU A 5 -1.84 5.05 -16.47
C GLU A 5 -3.12 4.34 -16.08
N GLU A 6 -3.94 4.01 -17.07
CA GLU A 6 -5.19 3.30 -16.82
C GLU A 6 -4.88 1.88 -16.34
N VAL A 7 -3.80 1.31 -16.88
CA VAL A 7 -3.37 -0.03 -16.50
C VAL A 7 -2.93 -0.05 -15.03
N VAL A 8 -2.20 0.99 -14.63
CA VAL A 8 -1.73 1.10 -13.25
C VAL A 8 -2.95 1.16 -12.33
N MET A 9 -3.95 1.96 -12.70
CA MET A 9 -5.17 2.06 -11.90
C MET A 9 -5.77 0.67 -11.73
N GLY A 10 -5.81 -0.09 -12.82
CA GLY A 10 -6.34 -1.45 -12.77
C GLY A 10 -5.49 -2.31 -11.83
N LEU A 11 -4.17 -2.17 -11.95
CA LEU A 11 -3.26 -2.93 -11.10
C LEU A 11 -3.45 -2.56 -9.64
N ILE A 12 -3.57 -1.27 -9.37
CA ILE A 12 -3.76 -0.80 -8.00
C ILE A 12 -5.06 -1.36 -7.46
N ILE A 13 -6.11 -1.29 -8.26
CA ILE A 13 -7.40 -1.82 -7.85
C ILE A 13 -7.30 -3.33 -7.65
N ASN A 14 -6.65 -4.01 -8.60
CA ASN A 14 -6.47 -5.45 -8.53
C ASN A 14 -5.71 -5.82 -7.26
N SER A 15 -4.61 -5.11 -7.03
CA SER A 15 -3.81 -5.35 -5.83
C SER A 15 -4.65 -5.14 -4.57
N GLY A 16 -5.44 -4.06 -4.60
CA GLY A 16 -6.32 -3.75 -3.47
C GLY A 16 -7.35 -4.86 -3.26
N GLN A 17 -7.95 -5.32 -4.36
CA GLN A 17 -8.94 -6.40 -4.27
C GLN A 17 -8.27 -7.65 -3.72
N ALA A 18 -7.05 -7.92 -4.18
CA ALA A 18 -6.31 -9.09 -3.72
C ALA A 18 -6.15 -9.04 -2.21
N ARG A 19 -5.70 -7.91 -1.69
CA ARG A 19 -5.55 -7.77 -0.25
C ARG A 19 -6.90 -7.95 0.43
N SER A 20 -7.91 -7.28 -0.11
CA SER A 20 -9.25 -7.36 0.44
C SER A 20 -9.68 -8.83 0.57
N LEU A 21 -9.47 -9.59 -0.49
CA LEU A 21 -9.81 -11.01 -0.48
C LEU A 21 -8.97 -11.74 0.58
N ALA A 22 -7.69 -11.40 0.63
CA ALA A 22 -6.79 -12.03 1.60
C ALA A 22 -7.30 -11.80 3.03
N TYR A 23 -7.59 -10.55 3.38
CA TYR A 23 -8.10 -10.25 4.72
C TYR A 23 -9.41 -11.00 4.93
N ALA A 24 -10.25 -11.03 3.90
CA ALA A 24 -11.51 -11.73 3.99
C ALA A 24 -11.24 -13.22 4.25
N ALA A 25 -10.23 -13.75 3.56
CA ALA A 25 -9.84 -15.14 3.75
C ALA A 25 -9.48 -15.38 5.21
N LEU A 26 -8.72 -14.46 5.78
CA LEU A 26 -8.32 -14.57 7.18
C LEU A 26 -9.56 -14.55 8.07
N LYS A 27 -10.48 -13.64 7.77
CA LYS A 27 -11.71 -13.53 8.54
C LYS A 27 -12.45 -14.87 8.56
N GLN A 28 -12.48 -15.54 7.41
CA GLN A 28 -13.15 -16.84 7.31
C GLN A 28 -12.48 -17.81 8.28
N ALA A 29 -11.15 -17.75 8.35
CA ALA A 29 -10.39 -18.62 9.24
C ALA A 29 -10.80 -18.38 10.69
N LYS A 30 -10.95 -17.12 11.05
CA LYS A 30 -11.36 -16.77 12.41
C LYS A 30 -12.72 -17.37 12.73
N GLN A 31 -13.58 -17.50 11.72
CA GLN A 31 -14.89 -18.08 11.93
C GLN A 31 -14.80 -19.60 11.96
N GLY A 32 -13.60 -20.12 11.77
CA GLY A 32 -13.37 -21.56 11.81
C GLY A 32 -13.71 -22.21 10.47
N ASP A 33 -13.83 -21.40 9.43
CA ASP A 33 -14.15 -21.90 8.09
C ASP A 33 -12.88 -22.06 7.26
N PHE A 34 -12.18 -23.18 7.47
CA PHE A 34 -10.93 -23.42 6.73
C PHE A 34 -11.18 -23.60 5.24
N ALA A 35 -12.31 -24.21 4.89
CA ALA A 35 -12.63 -24.46 3.49
C ALA A 35 -12.77 -23.14 2.72
N ALA A 36 -13.56 -22.23 3.26
CA ALA A 36 -13.76 -20.95 2.60
C ALA A 36 -12.46 -20.14 2.60
N ALA A 37 -11.70 -20.23 3.68
CA ALA A 37 -10.43 -19.52 3.75
C ALA A 37 -9.52 -19.99 2.60
N LYS A 38 -9.36 -21.30 2.49
CA LYS A 38 -8.53 -21.90 1.45
C LYS A 38 -8.96 -21.42 0.06
N ALA A 39 -10.26 -21.45 -0.21
CA ALA A 39 -10.77 -21.03 -1.51
C ALA A 39 -10.47 -19.57 -1.79
N MET A 40 -10.61 -18.74 -0.76
CA MET A 40 -10.36 -17.30 -0.90
C MET A 40 -8.88 -17.03 -1.18
N MET A 41 -7.98 -17.76 -0.50
CA MET A 41 -6.55 -17.56 -0.72
C MET A 41 -6.19 -17.92 -2.15
N ASP A 42 -6.77 -19.01 -2.65
CA ASP A 42 -6.47 -19.48 -3.99
C ASP A 42 -6.83 -18.42 -5.02
N GLN A 43 -8.03 -17.87 -4.88
CA GLN A 43 -8.48 -16.82 -5.80
C GLN A 43 -7.61 -15.59 -5.67
N SER A 44 -7.25 -15.24 -4.44
CA SER A 44 -6.40 -14.08 -4.20
C SER A 44 -5.06 -14.28 -4.91
N ARG A 45 -4.49 -15.47 -4.78
CA ARG A 45 -3.22 -15.82 -5.43
C ARG A 45 -3.32 -15.66 -6.95
N MET A 46 -4.40 -16.18 -7.51
CA MET A 46 -4.63 -16.11 -8.95
C MET A 46 -4.72 -14.65 -9.40
N ALA A 47 -5.41 -13.83 -8.62
CA ALA A 47 -5.56 -12.41 -8.94
C ALA A 47 -4.19 -11.74 -9.00
N LEU A 48 -3.35 -12.05 -8.02
CA LEU A 48 -2.00 -11.49 -7.95
C LEU A 48 -1.15 -11.98 -9.12
N ASN A 49 -1.29 -13.26 -9.41
CA ASN A 49 -0.51 -13.87 -10.48
C ASN A 49 -0.77 -13.15 -11.80
N GLU A 50 -2.04 -12.89 -12.07
CA GLU A 50 -2.41 -12.17 -13.29
C GLU A 50 -1.86 -10.75 -13.23
N ALA A 51 -1.97 -10.13 -12.05
CA ALA A 51 -1.47 -8.77 -11.87
C ALA A 51 0.06 -8.75 -12.05
N HIS A 52 0.73 -9.71 -11.44
CA HIS A 52 2.19 -9.81 -11.54
C HIS A 52 2.61 -10.01 -13.00
N LEU A 53 1.86 -10.83 -13.72
CA LEU A 53 2.16 -11.11 -15.12
C LEU A 53 2.11 -9.82 -15.93
N VAL A 54 1.08 -9.02 -15.68
CA VAL A 54 0.94 -7.75 -16.38
C VAL A 54 2.11 -6.84 -16.04
N GLN A 55 2.46 -6.79 -14.76
CA GLN A 55 3.59 -5.96 -14.34
C GLN A 55 4.88 -6.45 -15.01
N THR A 56 5.08 -7.76 -15.08
CA THR A 56 6.28 -8.32 -15.72
C THR A 56 6.46 -7.71 -17.11
N LYS A 57 5.37 -7.66 -17.88
CA LYS A 57 5.43 -7.06 -19.22
C LYS A 57 5.76 -5.59 -19.10
N LEU A 58 5.18 -4.94 -18.10
CA LEU A 58 5.43 -3.52 -17.90
C LEU A 58 6.87 -3.24 -17.48
N ILE A 59 7.58 -4.25 -16.98
CA ILE A 59 8.99 -4.06 -16.60
C ILE A 59 9.93 -4.47 -17.76
N GLU A 60 9.55 -5.49 -18.53
CA GLU A 60 10.37 -5.95 -19.66
C GLU A 60 10.46 -4.88 -20.74
N GLY A 61 9.34 -4.20 -21.01
CA GLY A 61 9.31 -3.17 -22.03
C GLY A 61 9.20 -1.78 -21.42
N ASP A 62 9.80 -1.60 -20.24
CA ASP A 62 9.75 -0.32 -19.54
C ASP A 62 10.49 0.78 -20.32
N ALA A 63 11.17 0.39 -21.40
CA ALA A 63 11.90 1.36 -22.21
C ALA A 63 10.97 2.06 -23.19
N GLY A 64 11.49 3.07 -23.89
CA GLY A 64 10.68 3.81 -24.86
C GLY A 64 10.81 5.32 -24.66
N GLU A 65 10.45 5.80 -23.47
CA GLU A 65 10.53 7.23 -23.19
C GLU A 65 11.97 7.72 -23.18
N GLY A 66 12.86 6.90 -22.64
CA GLY A 66 14.28 7.27 -22.58
C GLY A 66 15.15 6.04 -22.36
N LYS A 67 16.47 6.25 -22.44
CA LYS A 67 17.41 5.15 -22.27
C LYS A 67 17.39 4.63 -20.82
N MET A 68 18.11 5.32 -19.94
CA MET A 68 18.20 4.93 -18.54
C MET A 68 16.88 5.05 -17.79
N LYS A 69 16.13 6.12 -18.08
CA LYS A 69 14.87 6.35 -17.37
C LYS A 69 13.76 5.39 -17.80
N VAL A 70 12.84 5.14 -16.87
CA VAL A 70 11.71 4.23 -17.10
C VAL A 70 10.41 4.88 -16.65
N SER A 71 9.28 4.23 -16.95
CA SER A 71 7.98 4.77 -16.55
C SER A 71 7.94 4.91 -15.03
N LEU A 72 7.54 6.10 -14.57
CA LEU A 72 7.48 6.40 -13.14
C LEU A 72 6.43 5.55 -12.41
N VAL A 73 5.30 5.39 -13.07
CA VAL A 73 4.18 4.62 -12.52
C VAL A 73 4.55 3.16 -12.22
N LEU A 74 5.61 2.68 -12.86
CA LEU A 74 6.02 1.30 -12.64
C LEU A 74 6.17 1.00 -11.18
N VAL A 75 6.61 2.01 -10.43
CA VAL A 75 6.84 1.85 -9.01
C VAL A 75 5.49 1.77 -8.29
N HIS A 76 4.27 2.80 -8.69
CA HIS A 76 2.91 2.80 -8.10
C HIS A 76 2.31 1.41 -8.17
N ALA A 77 2.65 0.70 -9.25
CA ALA A 77 2.16 -0.66 -9.44
C ALA A 77 3.02 -1.65 -8.65
N GLN A 78 4.35 -1.50 -8.71
CA GLN A 78 5.24 -2.41 -8.02
C GLN A 78 5.01 -2.32 -6.51
N LEU A 79 4.96 -1.09 -6.01
CA LEU A 79 4.72 -0.86 -4.59
C LEU A 79 3.44 -1.54 -4.13
N HIS A 80 2.35 -1.32 -4.85
CA HIS A 80 1.08 -1.91 -4.47
C HIS A 80 1.12 -3.44 -4.62
N LEU A 81 1.65 -3.90 -5.74
CA LEU A 81 1.74 -5.34 -5.99
C LEU A 81 2.64 -6.04 -4.98
N MET A 82 3.80 -5.45 -4.70
CA MET A 82 4.74 -6.05 -3.75
C MET A 82 4.11 -6.14 -2.37
N THR A 83 3.46 -5.05 -1.96
CA THR A 83 2.81 -5.00 -0.65
C THR A 83 1.69 -6.04 -0.56
N SER A 84 0.84 -6.07 -1.58
CA SER A 84 -0.29 -7.01 -1.61
C SER A 84 0.20 -8.46 -1.60
N MET A 85 1.16 -8.78 -2.45
CA MET A 85 1.69 -10.14 -2.51
C MET A 85 2.26 -10.57 -1.18
N LEU A 86 3.07 -9.70 -0.59
CA LEU A 86 3.68 -10.00 0.70
C LEU A 86 2.61 -10.19 1.78
N ALA A 87 1.64 -9.28 1.79
CA ALA A 87 0.56 -9.36 2.76
C ALA A 87 -0.15 -10.70 2.67
N ARG A 88 -0.49 -11.10 1.47
CA ARG A 88 -1.18 -12.37 1.27
C ARG A 88 -0.35 -13.55 1.78
N GLU A 89 0.93 -13.57 1.45
CA GLU A 89 1.77 -14.67 1.88
C GLU A 89 1.79 -14.78 3.39
N LEU A 90 1.95 -13.65 4.06
CA LEU A 90 1.96 -13.64 5.51
C LEU A 90 0.58 -14.03 6.05
N ILE A 91 -0.46 -13.51 5.42
CA ILE A 91 -1.82 -13.85 5.84
C ILE A 91 -2.03 -15.35 5.69
N THR A 92 -1.50 -15.92 4.61
CA THR A 92 -1.60 -17.37 4.40
C THR A 92 -0.98 -18.10 5.59
N GLU A 93 0.20 -17.64 6.01
CA GLU A 93 0.88 -18.23 7.16
C GLU A 93 0.02 -18.08 8.40
N LEU A 94 -0.57 -16.89 8.56
CA LEU A 94 -1.43 -16.62 9.72
C LEU A 94 -2.62 -17.59 9.71
N ILE A 95 -3.20 -17.80 8.55
CA ILE A 95 -4.34 -18.73 8.44
C ILE A 95 -3.90 -20.14 8.83
N GLU A 96 -2.72 -20.56 8.36
CA GLU A 96 -2.22 -21.88 8.71
C GLU A 96 -2.08 -22.00 10.22
N LEU A 97 -1.64 -20.91 10.87
CA LEU A 97 -1.51 -20.92 12.32
C LEU A 97 -2.88 -21.12 12.98
N HIS A 98 -3.89 -20.46 12.44
CA HIS A 98 -5.25 -20.62 12.98
C HIS A 98 -5.63 -22.08 12.92
N GLU A 99 -5.25 -22.75 11.84
CA GLU A 99 -5.55 -24.17 11.68
C GLU A 99 -4.81 -24.98 12.74
N LYS A 100 -3.56 -24.62 13.01
CA LYS A 100 -2.79 -25.32 14.02
C LYS A 100 -3.39 -25.06 15.41
N LEU A 101 -3.92 -23.84 15.61
CA LEU A 101 -4.56 -23.49 16.88
C LEU A 101 -5.80 -24.37 17.09
N LYS A 102 -6.02 -25.30 16.15
CA LYS A 102 -7.18 -26.20 16.21
C LYS A 102 -8.43 -25.52 15.71
N ALA A 103 -8.82 -24.42 16.39
CA ALA A 103 -10.03 -23.67 16.04
C ALA A 103 -10.30 -23.65 14.53
N ALA B 1 22.66 3.11 -13.51
CA ALA B 1 23.97 3.34 -14.19
C ALA B 1 24.86 2.13 -13.94
N GLU B 2 26.00 2.08 -14.64
CA GLU B 2 26.95 0.97 -14.53
C GLU B 2 26.86 0.24 -13.18
N GLU B 3 27.57 0.74 -12.19
CA GLU B 3 27.58 0.13 -10.87
C GLU B 3 26.22 0.21 -10.20
N LEU B 4 25.72 1.44 -10.02
CA LEU B 4 24.42 1.61 -9.38
C LEU B 4 23.38 0.61 -9.91
N GLU B 5 23.37 0.41 -11.22
CA GLU B 5 22.42 -0.52 -11.83
C GLU B 5 22.76 -1.95 -11.47
N GLU B 6 24.03 -2.30 -11.57
CA GLU B 6 24.50 -3.63 -11.23
C GLU B 6 24.38 -3.85 -9.73
N VAL B 7 24.60 -2.79 -8.97
CA VAL B 7 24.51 -2.85 -7.52
C VAL B 7 23.05 -3.11 -7.10
N VAL B 8 22.12 -2.44 -7.77
CA VAL B 8 20.69 -2.63 -7.49
C VAL B 8 20.33 -4.08 -7.74
N MET B 9 20.80 -4.63 -8.86
CA MET B 9 20.52 -6.03 -9.18
C MET B 9 21.01 -6.91 -8.03
N GLY B 10 22.21 -6.62 -7.53
CA GLY B 10 22.75 -7.37 -6.41
C GLY B 10 21.86 -7.21 -5.19
N LEU B 11 21.44 -5.98 -4.93
CA LEU B 11 20.56 -5.70 -3.79
C LEU B 11 19.24 -6.44 -3.93
N ILE B 12 18.67 -6.41 -5.13
CA ILE B 12 17.40 -7.09 -5.38
C ILE B 12 17.57 -8.58 -5.14
N ILE B 13 18.66 -9.12 -5.68
CA ILE B 13 18.94 -10.54 -5.50
C ILE B 13 19.17 -10.83 -4.02
N ASN B 14 19.95 -9.98 -3.36
CA ASN B 14 20.24 -10.16 -1.94
C ASN B 14 18.94 -10.10 -1.13
N SER B 15 18.11 -9.11 -1.42
CA SER B 15 16.83 -8.99 -0.74
C SER B 15 15.98 -10.23 -0.97
N GLY B 16 15.99 -10.71 -2.22
CA GLY B 16 15.23 -11.91 -2.57
C GLY B 16 15.76 -13.12 -1.81
N GLN B 17 17.08 -13.25 -1.75
CA GLN B 17 17.68 -14.37 -1.03
C GLN B 17 17.31 -14.28 0.45
N ALA B 18 17.35 -13.06 0.98
CA ALA B 18 17.00 -12.84 2.37
C ALA B 18 15.60 -13.36 2.66
N ARG B 19 14.64 -12.97 1.84
CA ARG B 19 13.27 -13.44 2.02
C ARG B 19 13.24 -14.96 1.90
N SER B 20 13.90 -15.47 0.86
CA SER B 20 13.94 -16.91 0.64
C SER B 20 14.41 -17.63 1.89
N LEU B 21 15.50 -17.13 2.48
CA LEU B 21 16.04 -17.73 3.71
C LEU B 21 15.01 -17.60 4.83
N ALA B 22 14.37 -16.44 4.93
CA ALA B 22 13.37 -16.20 5.97
C ALA B 22 12.24 -17.23 5.85
N TYR B 23 11.67 -17.38 4.65
CA TYR B 23 10.60 -18.36 4.46
C TYR B 23 11.12 -19.75 4.79
N ALA B 24 12.36 -20.04 4.38
CA ALA B 24 12.95 -21.33 4.67
C ALA B 24 13.06 -21.49 6.19
N ALA B 25 13.43 -20.41 6.87
CA ALA B 25 13.53 -20.43 8.33
C ALA B 25 12.18 -20.80 8.92
N LEU B 26 11.12 -20.21 8.39
CA LEU B 26 9.78 -20.50 8.86
C LEU B 26 9.45 -21.97 8.62
N LYS B 27 9.80 -22.46 7.44
CA LYS B 27 9.55 -23.86 7.11
C LYS B 27 10.21 -24.78 8.14
N GLN B 28 11.43 -24.43 8.54
CA GLN B 28 12.13 -25.23 9.56
C GLN B 28 11.31 -25.26 10.84
N ALA B 29 10.74 -24.11 11.19
CA ALA B 29 9.91 -24.02 12.40
C ALA B 29 8.73 -24.97 12.31
N LYS B 30 8.09 -25.01 11.14
CA LYS B 30 6.95 -25.90 10.94
C LYS B 30 7.36 -27.35 11.16
N GLN B 31 8.62 -27.67 10.83
CA GLN B 31 9.10 -29.04 11.01
C GLN B 31 9.46 -29.28 12.48
N GLY B 32 9.32 -28.24 13.29
CA GLY B 32 9.63 -28.35 14.72
C GLY B 32 11.13 -28.18 14.99
N ASP B 33 11.86 -27.66 14.00
CA ASP B 33 13.29 -27.46 14.14
C ASP B 33 13.60 -26.02 14.53
N PHE B 34 13.47 -25.71 15.81
CA PHE B 34 13.73 -24.34 16.29
C PHE B 34 15.18 -23.94 16.10
N ALA B 35 16.09 -24.90 16.27
CA ALA B 35 17.52 -24.60 16.15
C ALA B 35 17.86 -24.12 14.74
N ALA B 36 17.43 -24.87 13.74
CA ALA B 36 17.71 -24.50 12.36
C ALA B 36 16.98 -23.20 12.01
N ALA B 37 15.77 -23.03 12.51
CA ALA B 37 15.03 -21.80 12.24
C ALA B 37 15.82 -20.61 12.74
N LYS B 38 16.23 -20.68 14.02
CA LYS B 38 17.01 -19.60 14.63
C LYS B 38 18.27 -19.27 13.81
N ALA B 39 18.99 -20.29 13.40
CA ALA B 39 20.21 -20.10 12.61
C ALA B 39 19.91 -19.41 11.28
N MET B 40 18.83 -19.82 10.64
CA MET B 40 18.44 -19.26 9.36
C MET B 40 18.05 -17.78 9.51
N MET B 41 17.32 -17.45 10.57
CA MET B 41 16.92 -16.06 10.78
C MET B 41 18.15 -15.17 10.97
N ASP B 42 19.12 -15.68 11.73
CA ASP B 42 20.33 -14.93 12.01
C ASP B 42 21.06 -14.57 10.73
N GLN B 43 21.21 -15.58 9.86
CA GLN B 43 21.88 -15.36 8.59
C GLN B 43 21.08 -14.40 7.72
N SER B 44 19.76 -14.54 7.73
CA SER B 44 18.91 -13.65 6.95
C SER B 44 19.13 -12.20 7.41
N ARG B 45 19.14 -12.00 8.73
CA ARG B 45 19.35 -10.68 9.30
C ARG B 45 20.69 -10.09 8.83
N MET B 46 21.74 -10.90 8.89
CA MET B 46 23.07 -10.45 8.49
C MET B 46 23.05 -10.04 7.02
N ALA B 47 22.37 -10.84 6.20
CA ALA B 47 22.27 -10.53 4.77
C ALA B 47 21.58 -9.19 4.56
N LEU B 48 20.50 -8.97 5.31
CA LEU B 48 19.75 -7.72 5.21
C LEU B 48 20.59 -6.55 5.72
N ASN B 49 21.30 -6.78 6.81
CA ASN B 49 22.13 -5.75 7.40
C ASN B 49 23.18 -5.26 6.40
N GLU B 50 23.83 -6.19 5.73
CA GLU B 50 24.82 -5.83 4.72
C GLU B 50 24.17 -5.10 3.57
N ALA B 51 23.00 -5.58 3.17
CA ALA B 51 22.25 -4.96 2.08
C ALA B 51 21.83 -3.54 2.48
N HIS B 52 21.32 -3.41 3.70
CA HIS B 52 20.88 -2.11 4.21
C HIS B 52 22.06 -1.13 4.27
N LEU B 53 23.22 -1.64 4.69
CA LEU B 53 24.42 -0.80 4.79
C LEU B 53 24.77 -0.23 3.41
N VAL B 54 24.71 -1.09 2.40
CA VAL B 54 25.03 -0.66 1.04
C VAL B 54 24.01 0.40 0.61
N GLN B 55 22.73 0.16 0.90
CA GLN B 55 21.70 1.13 0.53
C GLN B 55 21.96 2.45 1.25
N THR B 56 22.32 2.39 2.54
CA THR B 56 22.60 3.61 3.30
C THR B 56 23.57 4.50 2.53
N LYS B 57 24.65 3.90 2.04
CA LYS B 57 25.62 4.66 1.25
C LYS B 57 24.97 5.20 -0.01
N LEU B 58 24.12 4.39 -0.61
CA LEU B 58 23.44 4.78 -1.84
C LEU B 58 22.45 5.93 -1.59
N ILE B 59 22.02 6.12 -0.32
CA ILE B 59 21.11 7.23 -0.01
C ILE B 59 21.88 8.48 0.45
N GLU B 60 23.00 8.27 1.16
CA GLU B 60 23.81 9.39 1.64
C GLU B 60 24.42 10.17 0.46
N GLY B 61 24.86 9.43 -0.55
CA GLY B 61 25.49 10.05 -1.72
C GLY B 61 24.59 9.96 -2.95
N ASP B 62 23.28 10.02 -2.73
CA ASP B 62 22.32 9.93 -3.82
C ASP B 62 22.41 11.14 -4.77
N ALA B 63 23.21 12.12 -4.40
CA ALA B 63 23.36 13.32 -5.23
C ALA B 63 24.37 13.07 -6.34
N GLY B 64 24.50 14.03 -7.26
CA GLY B 64 25.44 13.90 -8.37
C GLY B 64 24.78 14.23 -9.71
N GLU B 65 23.73 13.48 -10.05
CA GLU B 65 23.03 13.70 -11.32
C GLU B 65 22.34 15.07 -11.33
N GLY B 66 21.76 15.45 -10.20
CA GLY B 66 21.07 16.73 -10.11
C GLY B 66 20.91 17.16 -8.66
N LYS B 67 20.42 18.38 -8.47
CA LYS B 67 20.23 18.92 -7.13
C LYS B 67 19.13 18.16 -6.38
N MET B 68 17.88 18.54 -6.66
CA MET B 68 16.72 17.93 -6.01
C MET B 68 16.52 16.47 -6.40
N LYS B 69 16.75 16.13 -7.66
CA LYS B 69 16.54 14.76 -8.14
C LYS B 69 17.62 13.80 -7.64
N VAL B 70 17.22 12.52 -7.52
CA VAL B 70 18.11 11.47 -7.05
C VAL B 70 18.02 10.24 -7.98
N SER B 71 18.89 9.26 -7.76
CA SER B 71 18.88 8.05 -8.59
C SER B 71 17.52 7.37 -8.49
N LEU B 72 16.93 7.04 -9.64
CA LEU B 72 15.60 6.45 -9.66
C LEU B 72 15.59 5.04 -9.04
N VAL B 73 16.65 4.30 -9.35
CA VAL B 73 16.80 2.93 -8.88
C VAL B 73 16.83 2.84 -7.34
N LEU B 74 17.13 3.95 -6.69
CA LEU B 74 17.18 3.96 -5.23
C LEU B 74 15.90 3.41 -4.63
N VAL B 75 14.79 3.77 -5.26
CA VAL B 75 13.49 3.32 -4.80
C VAL B 75 13.37 1.82 -5.01
N HIS B 76 13.83 1.25 -6.24
CA HIS B 76 13.77 -0.18 -6.52
C HIS B 76 14.48 -0.97 -5.41
N ALA B 77 15.66 -0.50 -5.01
CA ALA B 77 16.40 -1.17 -3.96
C ALA B 77 15.70 -0.99 -2.62
N GLN B 78 15.18 0.20 -2.38
CA GLN B 78 14.48 0.50 -1.13
C GLN B 78 13.22 -0.36 -1.03
N LEU B 79 12.44 -0.39 -2.12
CA LEU B 79 11.22 -1.18 -2.14
C LEU B 79 11.49 -2.65 -1.82
N HIS B 80 12.48 -3.23 -2.48
CA HIS B 80 12.80 -4.62 -2.24
C HIS B 80 13.36 -4.83 -0.84
N LEU B 81 14.27 -3.95 -0.44
CA LEU B 81 14.88 -4.06 0.89
C LEU B 81 13.85 -3.85 2.00
N MET B 82 13.00 -2.85 1.86
CA MET B 82 11.98 -2.57 2.87
C MET B 82 11.02 -3.75 3.01
N THR B 83 10.59 -4.28 1.87
CA THR B 83 9.67 -5.41 1.87
C THR B 83 10.32 -6.64 2.50
N SER B 84 11.55 -6.94 2.10
CA SER B 84 12.26 -8.09 2.64
C SER B 84 12.50 -7.97 4.14
N MET B 85 12.97 -6.81 4.58
CA MET B 85 13.24 -6.60 6.01
C MET B 85 11.96 -6.76 6.83
N LEU B 86 10.89 -6.14 6.36
CA LEU B 86 9.61 -6.21 7.06
C LEU B 86 9.11 -7.65 7.12
N ALA B 87 9.17 -8.33 5.98
CA ALA B 87 8.72 -9.71 5.90
C ALA B 87 9.49 -10.58 6.88
N ARG B 88 10.79 -10.44 6.86
CA ARG B 88 11.65 -11.22 7.75
C ARG B 88 11.28 -10.97 9.21
N GLU B 89 11.08 -9.70 9.59
CA GLU B 89 10.75 -9.38 10.97
C GLU B 89 9.43 -10.05 11.37
N LEU B 90 8.44 -9.96 10.50
CA LEU B 90 7.14 -10.56 10.78
C LEU B 90 7.28 -12.08 10.84
N ILE B 91 8.06 -12.63 9.92
CA ILE B 91 8.30 -14.07 9.91
C ILE B 91 8.95 -14.49 11.23
N THR B 92 9.86 -13.66 11.73
CA THR B 92 10.50 -13.96 13.02
C THR B 92 9.43 -14.07 14.09
N GLU B 93 8.49 -13.13 14.09
CA GLU B 93 7.40 -13.15 15.06
C GLU B 93 6.58 -14.43 14.88
N LEU B 94 6.30 -14.77 13.62
CA LEU B 94 5.54 -15.99 13.33
C LEU B 94 6.27 -17.21 13.87
N ILE B 95 7.59 -17.26 13.68
CA ILE B 95 8.36 -18.38 14.19
C ILE B 95 8.28 -18.46 15.71
N GLU B 96 8.36 -17.30 16.37
CA GLU B 96 8.25 -17.27 17.83
C GLU B 96 6.90 -17.85 18.25
N LEU B 97 5.86 -17.54 17.49
CA LEU B 97 4.52 -18.05 17.79
C LEU B 97 4.52 -19.58 17.69
N HIS B 98 5.19 -20.10 16.66
CA HIS B 98 5.27 -21.55 16.50
C HIS B 98 5.89 -22.17 17.75
N GLU B 99 6.90 -21.48 18.28
CA GLU B 99 7.55 -21.95 19.50
C GLU B 99 6.58 -21.94 20.66
N LYS B 100 5.77 -20.88 20.77
CA LYS B 100 4.79 -20.80 21.84
C LYS B 100 3.72 -21.88 21.65
N LEU B 101 3.39 -22.19 20.39
CA LEU B 101 2.42 -23.25 20.11
C LEU B 101 2.96 -24.60 20.58
N LYS B 102 4.13 -24.57 21.21
CA LYS B 102 4.77 -25.78 21.72
C LYS B 102 5.49 -26.51 20.59
N ALA B 103 4.71 -26.92 19.58
CA ALA B 103 5.25 -27.67 18.43
C ALA B 103 6.64 -27.19 18.04
N ALA C 1 11.12 19.25 -2.05
CA ALA C 1 11.16 20.74 -1.98
C ALA C 1 10.96 21.17 -0.54
N GLU C 2 11.18 22.45 -0.27
CA GLU C 2 11.04 23.02 1.08
C GLU C 2 10.10 22.22 1.98
N GLU C 3 8.81 22.51 1.89
CA GLU C 3 7.83 21.81 2.71
C GLU C 3 7.73 20.34 2.34
N LEU C 4 7.37 20.07 1.08
CA LEU C 4 7.24 18.68 0.63
C LEU C 4 8.38 17.80 1.16
N GLU C 5 9.60 18.32 1.11
CA GLU C 5 10.76 17.57 1.58
C GLU C 5 10.74 17.43 3.10
N GLU C 6 10.47 18.53 3.78
CA GLU C 6 10.41 18.52 5.24
C GLU C 6 9.19 17.70 5.68
N VAL C 7 8.12 17.78 4.89
CA VAL C 7 6.90 17.04 5.17
C VAL C 7 7.17 15.53 5.06
N VAL C 8 7.92 15.14 4.03
CA VAL C 8 8.27 13.74 3.83
C VAL C 8 9.06 13.24 5.04
N MET C 9 10.02 14.04 5.50
CA MET C 9 10.80 13.67 6.66
C MET C 9 9.87 13.40 7.84
N GLY C 10 8.88 14.29 8.01
CA GLY C 10 7.91 14.13 9.08
C GLY C 10 7.12 12.84 8.88
N LEU C 11 6.71 12.59 7.65
CA LEU C 11 5.94 11.37 7.33
C LEU C 11 6.79 10.14 7.59
N ILE C 12 8.05 10.18 7.18
CA ILE C 12 8.94 9.04 7.37
C ILE C 12 9.11 8.78 8.87
N ILE C 13 9.32 9.87 9.61
CA ILE C 13 9.47 9.76 11.06
C ILE C 13 8.16 9.23 11.66
N ASN C 14 7.05 9.81 11.22
CA ASN C 14 5.73 9.40 11.72
C ASN C 14 5.50 7.92 11.43
N SER C 15 5.79 7.51 10.19
CA SER C 15 5.63 6.11 9.81
C SER C 15 6.52 5.24 10.68
N GLY C 16 7.76 5.70 10.90
CA GLY C 16 8.70 4.95 11.73
C GLY C 16 8.18 4.84 13.16
N GLN C 17 7.67 5.95 13.70
CA GLN C 17 7.13 5.92 15.06
C GLN C 17 5.95 4.97 15.12
N ALA C 18 5.12 5.01 14.08
CA ALA C 18 3.96 4.14 14.02
C ALA C 18 4.38 2.67 14.15
N ARG C 19 5.36 2.27 13.33
CA ARG C 19 5.84 0.91 13.40
C ARG C 19 6.41 0.63 14.79
N SER C 20 7.21 1.57 15.28
CA SER C 20 7.81 1.41 16.60
C SER C 20 6.73 1.13 17.65
N LEU C 21 5.66 1.92 17.61
CA LEU C 21 4.56 1.74 18.54
C LEU C 21 3.92 0.37 18.33
N ALA C 22 3.73 0.00 17.06
CA ALA C 22 3.13 -1.29 16.73
C ALA C 22 3.96 -2.44 17.33
N TYR C 23 5.27 -2.43 17.07
CA TYR C 23 6.14 -3.47 17.64
C TYR C 23 6.05 -3.45 19.16
N ALA C 24 6.03 -2.24 19.72
CA ALA C 24 5.92 -2.11 21.17
C ALA C 24 4.59 -2.72 21.62
N ALA C 25 3.54 -2.47 20.85
CA ALA C 25 2.23 -3.03 21.16
C ALA C 25 2.31 -4.55 21.21
N LEU C 26 3.01 -5.12 20.24
CA LEU C 26 3.19 -6.57 20.18
C LEU C 26 3.95 -7.05 21.42
N LYS C 27 4.99 -6.31 21.77
CA LYS C 27 5.79 -6.66 22.94
C LYS C 27 4.90 -6.72 24.19
N GLN C 28 3.99 -5.77 24.31
CA GLN C 28 3.06 -5.75 25.44
C GLN C 28 2.26 -7.04 25.47
N ALA C 29 1.82 -7.47 24.27
CA ALA C 29 1.05 -8.70 24.16
C ALA C 29 1.85 -9.89 24.67
N LYS C 30 3.13 -9.94 24.30
CA LYS C 30 3.99 -11.02 24.76
C LYS C 30 4.07 -11.06 26.28
N GLN C 31 3.98 -9.88 26.90
CA GLN C 31 4.04 -9.80 28.36
C GLN C 31 2.67 -10.17 28.96
N GLY C 32 1.71 -10.44 28.08
CA GLY C 32 0.36 -10.83 28.53
C GLY C 32 -0.47 -9.60 28.89
N ASP C 33 -0.04 -8.43 28.44
CA ASP C 33 -0.76 -7.18 28.70
C ASP C 33 -1.63 -6.80 27.51
N PHE C 34 -2.80 -7.41 27.42
CA PHE C 34 -3.71 -7.14 26.31
C PHE C 34 -4.22 -5.70 26.34
N ALA C 35 -4.43 -5.17 27.54
CA ALA C 35 -4.94 -3.81 27.68
C ALA C 35 -3.97 -2.79 27.08
N ALA C 36 -2.71 -2.89 27.47
CA ALA C 36 -1.71 -1.96 26.96
C ALA C 36 -1.50 -2.17 25.47
N ALA C 37 -1.55 -3.42 25.02
CA ALA C 37 -1.38 -3.71 23.60
C ALA C 37 -2.48 -3.00 22.81
N LYS C 38 -3.72 -3.21 23.22
CA LYS C 38 -4.87 -2.59 22.57
C LYS C 38 -4.72 -1.07 22.49
N ALA C 39 -4.32 -0.45 23.61
CA ALA C 39 -4.16 1.00 23.65
C ALA C 39 -3.06 1.46 22.68
N MET C 40 -1.96 0.72 22.64
CA MET C 40 -0.85 1.06 21.77
C MET C 40 -1.25 0.92 20.30
N MET C 41 -2.03 -0.11 19.99
CA MET C 41 -2.48 -0.31 18.61
C MET C 41 -3.35 0.85 18.16
N ASP C 42 -4.25 1.28 19.04
CA ASP C 42 -5.17 2.36 18.72
C ASP C 42 -4.41 3.63 18.38
N GLN C 43 -3.42 3.97 19.21
CA GLN C 43 -2.61 5.16 18.97
C GLN C 43 -1.83 5.03 17.67
N SER C 44 -1.30 3.85 17.42
CA SER C 44 -0.55 3.60 16.19
C SER C 44 -1.44 3.87 14.98
N ARG C 45 -2.67 3.32 15.03
CA ARG C 45 -3.64 3.50 13.96
C ARG C 45 -3.93 4.99 13.72
N MET C 46 -4.14 5.72 14.81
CA MET C 46 -4.43 7.15 14.72
C MET C 46 -3.26 7.89 14.08
N ALA C 47 -2.04 7.51 14.47
CA ALA C 47 -0.84 8.14 13.91
C ALA C 47 -0.78 7.91 12.40
N LEU C 48 -1.08 6.68 11.98
CA LEU C 48 -1.07 6.33 10.57
C LEU C 48 -2.17 7.06 9.82
N ASN C 49 -3.34 7.15 10.45
CA ASN C 49 -4.48 7.81 9.84
C ASN C 49 -4.14 9.27 9.52
N GLU C 50 -3.51 9.95 10.47
CA GLU C 50 -3.11 11.33 10.26
C GLU C 50 -2.06 11.41 9.16
N ALA C 51 -1.13 10.47 9.19
CA ALA C 51 -0.07 10.43 8.18
C ALA C 51 -0.67 10.15 6.80
N HIS C 52 -1.58 9.19 6.74
CA HIS C 52 -2.25 8.85 5.48
C HIS C 52 -3.02 10.05 4.94
N LEU C 53 -3.69 10.78 5.83
CA LEU C 53 -4.47 11.95 5.43
C LEU C 53 -3.56 12.98 4.76
N VAL C 54 -2.39 13.20 5.35
CA VAL C 54 -1.45 14.16 4.80
C VAL C 54 -0.99 13.67 3.43
N GLN C 55 -0.69 12.38 3.32
CA GLN C 55 -0.26 11.82 2.04
C GLN C 55 -1.38 11.99 1.00
N THR C 56 -2.62 11.74 1.41
CA THR C 56 -3.76 11.88 0.48
C THR C 56 -3.70 13.25 -0.19
N LYS C 57 -3.50 14.29 0.60
CA LYS C 57 -3.40 15.64 0.05
C LYS C 57 -2.20 15.73 -0.88
N LEU C 58 -1.11 15.09 -0.49
CA LEU C 58 0.10 15.11 -1.29
C LEU C 58 -0.08 14.35 -2.61
N ILE C 59 -1.09 13.47 -2.70
CA ILE C 59 -1.33 12.76 -3.95
C ILE C 59 -2.40 13.48 -4.79
N GLU C 60 -3.38 14.10 -4.14
CA GLU C 60 -4.43 14.83 -4.87
C GLU C 60 -3.85 16.03 -5.60
N GLY C 61 -2.89 16.71 -4.98
CA GLY C 61 -2.28 17.89 -5.57
C GLY C 61 -0.83 17.62 -5.97
N ASP C 62 -0.56 16.41 -6.41
CA ASP C 62 0.79 16.03 -6.80
C ASP C 62 1.22 16.75 -8.06
N ALA C 63 0.31 17.49 -8.68
CA ALA C 63 0.63 18.24 -9.90
C ALA C 63 1.30 19.56 -9.56
N GLY C 64 1.78 20.26 -10.59
CA GLY C 64 2.43 21.56 -10.39
C GLY C 64 3.77 21.63 -11.13
N GLU C 65 4.69 20.71 -10.81
CA GLU C 65 5.99 20.70 -11.45
C GLU C 65 5.87 20.38 -12.94
N GLY C 66 4.99 19.45 -13.27
CA GLY C 66 4.80 19.05 -14.66
C GLY C 66 3.45 18.36 -14.86
N LYS C 67 3.12 18.09 -16.11
CA LYS C 67 1.85 17.44 -16.43
C LYS C 67 1.83 16.00 -15.92
N MET C 68 2.44 15.10 -16.70
CA MET C 68 2.48 13.68 -16.36
C MET C 68 3.31 13.38 -15.12
N LYS C 69 4.45 14.07 -14.97
CA LYS C 69 5.34 13.83 -13.84
C LYS C 69 4.79 14.36 -12.52
N VAL C 70 5.20 13.71 -11.43
CA VAL C 70 4.76 14.07 -10.08
C VAL C 70 5.96 14.16 -9.13
N SER C 71 5.72 14.64 -7.91
CA SER C 71 6.80 14.75 -6.93
C SER C 71 7.42 13.38 -6.68
N LEU C 72 8.74 13.30 -6.77
CA LEU C 72 9.45 12.03 -6.61
C LEU C 72 9.31 11.48 -5.19
N VAL C 73 9.40 12.39 -4.22
CA VAL C 73 9.33 12.04 -2.80
C VAL C 73 8.00 11.37 -2.44
N LEU C 74 6.99 11.57 -3.26
CA LEU C 74 5.67 10.98 -3.00
C LEU C 74 5.79 9.49 -2.76
N VAL C 75 6.65 8.86 -3.55
CA VAL C 75 6.87 7.43 -3.43
C VAL C 75 7.55 7.13 -2.10
N HIS C 76 8.60 7.95 -1.67
CA HIS C 76 9.29 7.73 -0.40
C HIS C 76 8.29 7.70 0.75
N ALA C 77 7.36 8.65 0.75
CA ALA C 77 6.34 8.70 1.79
C ALA C 77 5.38 7.53 1.65
N GLN C 78 5.02 7.21 0.41
CA GLN C 78 4.11 6.11 0.16
C GLN C 78 4.74 4.78 0.58
N LEU C 79 5.99 4.58 0.19
CA LEU C 79 6.71 3.36 0.55
C LEU C 79 6.75 3.17 2.06
N HIS C 80 7.13 4.21 2.79
CA HIS C 80 7.20 4.12 4.24
C HIS C 80 5.81 3.94 4.85
N LEU C 81 4.87 4.73 4.38
CA LEU C 81 3.50 4.67 4.89
C LEU C 81 2.85 3.31 4.59
N MET C 82 3.01 2.84 3.37
CA MET C 82 2.42 1.55 2.98
C MET C 82 3.01 0.42 3.82
N THR C 83 4.32 0.45 3.99
CA THR C 83 5.00 -0.58 4.76
C THR C 83 4.54 -0.55 6.22
N SER C 84 4.53 0.64 6.80
CA SER C 84 4.12 0.80 8.20
C SER C 84 2.67 0.37 8.42
N MET C 85 1.76 0.84 7.56
CA MET C 85 0.35 0.48 7.70
C MET C 85 0.16 -1.04 7.61
N LEU C 86 0.80 -1.65 6.63
CA LEU C 86 0.70 -3.09 6.43
C LEU C 86 1.24 -3.83 7.65
N ALA C 87 2.42 -3.42 8.10
CA ALA C 87 3.05 -4.04 9.25
C ALA C 87 2.13 -3.96 10.47
N ARG C 88 1.61 -2.77 10.71
CA ARG C 88 0.74 -2.55 11.84
C ARG C 88 -0.50 -3.47 11.77
N GLU C 89 -1.11 -3.56 10.59
CA GLU C 89 -2.29 -4.42 10.44
C GLU C 89 -1.95 -5.88 10.74
N LEU C 90 -0.82 -6.35 10.20
CA LEU C 90 -0.40 -7.72 10.44
C LEU C 90 -0.07 -7.92 11.91
N ILE C 91 0.60 -6.95 12.49
CA ILE C 91 0.95 -7.02 13.90
C ILE C 91 -0.33 -7.12 14.73
N THR C 92 -1.36 -6.39 14.32
CA THR C 92 -2.64 -6.46 15.02
C THR C 92 -3.15 -7.89 14.99
N GLU C 93 -3.06 -8.53 13.83
CA GLU C 93 -3.50 -9.92 13.70
C GLU C 93 -2.66 -10.82 14.62
N LEU C 94 -1.36 -10.56 14.63
CA LEU C 94 -0.45 -11.34 15.47
C LEU C 94 -0.84 -11.20 16.94
N ILE C 95 -1.16 -9.98 17.35
CA ILE C 95 -1.57 -9.73 18.73
C ILE C 95 -2.86 -10.51 19.05
N GLU C 96 -3.80 -10.48 18.12
CA GLU C 96 -5.05 -11.21 18.31
C GLU C 96 -4.75 -12.70 18.53
N LEU C 97 -3.78 -13.21 17.77
CA LEU C 97 -3.39 -14.61 17.91
C LEU C 97 -2.85 -14.87 19.32
N HIS C 98 -2.05 -13.94 19.83
CA HIS C 98 -1.52 -14.09 21.18
C HIS C 98 -2.68 -14.22 22.16
N GLU C 99 -3.73 -13.44 21.92
CA GLU C 99 -4.90 -13.49 22.78
C GLU C 99 -5.57 -14.87 22.68
N LYS C 100 -5.65 -15.41 21.46
CA LYS C 100 -6.25 -16.72 21.29
C LYS C 100 -5.38 -17.78 21.95
N LEU C 101 -4.05 -17.58 21.91
CA LEU C 101 -3.12 -18.52 22.55
C LEU C 101 -3.37 -18.53 24.06
N LYS C 102 -4.36 -17.76 24.51
CA LYS C 102 -4.70 -17.67 25.93
C LYS C 102 -3.78 -16.68 26.63
N ALA C 103 -2.48 -16.99 26.61
CA ALA C 103 -1.45 -16.16 27.26
C ALA C 103 -1.80 -14.67 27.21
N LYS D 1 -19.97 26.95 -1.17
CA LYS D 1 -19.08 26.05 -1.96
C LYS D 1 -19.44 24.59 -1.78
N LYS D 2 -19.77 23.94 -2.87
CA LYS D 2 -20.15 22.54 -2.84
C LYS D 2 -18.93 21.62 -2.88
N HIS D 3 -19.02 20.49 -2.19
CA HIS D 3 -17.93 19.52 -2.13
C HIS D 3 -18.12 18.37 -3.08
N ILE D 4 -17.20 18.26 -4.03
CA ILE D 4 -17.22 17.18 -4.99
C ILE D 4 -16.07 16.24 -4.61
N TYR D 5 -16.39 15.03 -4.18
CA TYR D 5 -15.38 14.06 -3.78
C TYR D 5 -15.33 12.90 -4.76
N LEU D 6 -14.13 12.60 -5.26
CA LEU D 6 -13.90 11.48 -6.19
C LEU D 6 -13.25 10.35 -5.40
N PHE D 7 -13.56 9.09 -5.75
CA PHE D 7 -12.85 7.97 -5.12
C PHE D 7 -12.18 7.07 -6.16
N CYS D 8 -11.03 6.49 -5.72
CA CYS D 8 -10.26 5.49 -6.46
C CYS D 8 -9.52 4.59 -5.47
N SER D 9 -8.62 3.71 -5.85
CA SER D 9 -8.07 2.87 -4.79
C SER D 9 -7.18 3.67 -3.85
N ALA D 10 -6.16 4.42 -4.37
CA ALA D 10 -5.26 5.13 -3.49
C ALA D 10 -5.55 6.61 -3.54
N GLY D 11 -5.80 7.14 -4.73
CA GLY D 11 -6.11 8.55 -4.92
C GLY D 11 -5.08 9.24 -5.81
N MET D 12 -4.44 8.53 -6.74
CA MET D 12 -3.44 9.16 -7.60
C MET D 12 -3.95 9.34 -9.04
N SER D 13 -4.05 8.27 -9.75
CA SER D 13 -4.50 8.36 -11.15
C SER D 13 -5.71 9.29 -11.29
N THR D 14 -6.45 9.50 -10.19
CA THR D 14 -7.61 10.38 -10.31
C THR D 14 -7.21 11.78 -9.89
N SER D 15 -6.09 11.83 -9.22
CA SER D 15 -5.48 13.09 -8.76
C SER D 15 -5.20 14.03 -9.93
N LEU D 16 -4.82 13.46 -11.06
CA LEU D 16 -4.55 14.26 -12.24
C LEU D 16 -5.88 14.86 -12.76
N LEU D 17 -6.96 14.07 -12.72
CA LEU D 17 -8.28 14.55 -13.14
C LEU D 17 -8.75 15.68 -12.19
N VAL D 18 -8.54 15.48 -10.88
CA VAL D 18 -8.91 16.50 -9.89
C VAL D 18 -8.18 17.83 -10.15
N SER D 19 -6.89 17.79 -10.47
CA SER D 19 -6.17 19.03 -10.74
C SER D 19 -6.73 19.77 -11.98
N LYS D 20 -7.12 19.03 -13.02
CA LYS D 20 -7.71 19.66 -14.20
C LYS D 20 -9.12 20.20 -13.91
N MET D 21 -9.87 19.50 -13.07
CA MET D 21 -11.22 20.00 -12.73
C MET D 21 -11.08 21.31 -11.94
N ARG D 22 -10.13 21.39 -11.02
CA ARG D 22 -9.91 22.60 -10.21
C ARG D 22 -9.56 23.79 -11.12
N ALA D 23 -8.79 23.54 -12.18
CA ALA D 23 -8.39 24.59 -13.11
C ALA D 23 -9.63 25.14 -13.81
N GLN D 24 -10.50 24.24 -14.24
CA GLN D 24 -11.72 24.61 -14.91
C GLN D 24 -12.67 25.35 -14.00
N ALA D 25 -12.80 24.88 -12.77
CA ALA D 25 -13.69 25.53 -11.80
C ALA D 25 -13.24 26.96 -11.55
N GLU D 26 -11.93 27.20 -11.60
CA GLU D 26 -11.39 28.54 -11.36
C GLU D 26 -11.65 29.43 -12.57
N LYS D 27 -11.43 28.88 -13.76
CA LYS D 27 -11.63 29.59 -14.99
C LYS D 27 -13.07 30.10 -15.12
N TYR D 28 -14.05 29.29 -14.72
CA TYR D 28 -15.48 29.69 -14.80
C TYR D 28 -16.13 30.10 -13.49
N GLU D 29 -15.33 30.35 -12.46
CA GLU D 29 -15.81 30.78 -11.15
C GLU D 29 -16.89 29.89 -10.51
N VAL D 30 -16.76 28.58 -10.66
CA VAL D 30 -17.70 27.63 -10.08
C VAL D 30 -17.27 27.48 -8.62
N PRO D 31 -18.19 27.73 -7.67
CA PRO D 31 -17.91 27.64 -6.23
C PRO D 31 -17.93 26.21 -5.68
N VAL D 32 -16.88 25.46 -6.01
CA VAL D 32 -16.75 24.08 -5.57
C VAL D 32 -15.38 23.76 -5.01
N ILE D 33 -15.35 22.75 -4.14
CA ILE D 33 -14.13 22.22 -3.55
C ILE D 33 -14.09 20.77 -4.09
N ILE D 34 -12.98 20.40 -4.71
CA ILE D 34 -12.79 19.07 -5.32
C ILE D 34 -11.61 18.31 -4.66
N GLU D 35 -11.86 17.09 -4.18
CA GLU D 35 -10.83 16.27 -3.52
C GLU D 35 -10.93 14.82 -4.00
N ALA D 36 -9.78 14.14 -4.09
CA ALA D 36 -9.71 12.73 -4.50
C ALA D 36 -9.34 11.92 -3.25
N PHE D 37 -9.93 10.74 -3.09
CA PHE D 37 -9.64 9.87 -1.95
C PHE D 37 -9.66 8.44 -2.43
N PRO D 38 -9.08 7.53 -1.64
CA PRO D 38 -9.07 6.11 -2.02
C PRO D 38 -10.49 5.61 -1.70
N GLU D 39 -10.91 4.54 -2.35
CA GLU D 39 -12.24 3.96 -2.13
C GLU D 39 -12.51 3.54 -0.69
N THR D 40 -11.46 3.29 0.09
CA THR D 40 -11.63 2.88 1.48
C THR D 40 -12.26 3.95 2.37
N LEU D 41 -12.19 5.21 1.94
CA LEU D 41 -12.77 6.32 2.70
C LEU D 41 -14.15 6.77 2.20
N ALA D 42 -14.74 6.07 1.21
CA ALA D 42 -16.05 6.45 0.63
C ALA D 42 -17.14 6.64 1.68
N GLY D 43 -17.12 5.80 2.71
CA GLY D 43 -18.13 5.91 3.75
C GLY D 43 -17.81 6.98 4.77
N GLU D 44 -16.53 7.16 5.08
CA GLU D 44 -16.15 8.15 6.07
C GLU D 44 -16.16 9.59 5.49
N LYS D 45 -15.52 9.77 4.34
CA LYS D 45 -15.46 11.08 3.70
C LYS D 45 -16.73 11.45 2.92
N GLY D 46 -17.38 10.46 2.32
CA GLY D 46 -18.60 10.70 1.55
C GLY D 46 -19.69 11.43 2.29
N GLN D 47 -19.77 11.23 3.60
CA GLN D 47 -20.79 11.89 4.43
C GLN D 47 -20.74 13.42 4.34
N ASN D 48 -19.59 13.97 3.95
CA ASN D 48 -19.43 15.41 3.87
C ASN D 48 -19.45 15.95 2.45
N ALA D 49 -19.66 15.08 1.48
CA ALA D 49 -19.67 15.54 0.10
C ALA D 49 -21.06 15.97 -0.30
N ASP D 50 -21.11 16.82 -1.31
CA ASP D 50 -22.38 17.25 -1.83
C ASP D 50 -22.73 16.32 -2.99
N VAL D 51 -21.69 15.73 -3.60
CA VAL D 51 -21.88 14.75 -4.67
C VAL D 51 -20.68 13.78 -4.61
N VAL D 52 -20.98 12.49 -4.70
CA VAL D 52 -19.97 11.44 -4.66
C VAL D 52 -19.78 10.85 -6.06
N LEU D 53 -18.55 10.92 -6.57
CA LEU D 53 -18.24 10.38 -7.88
C LEU D 53 -17.30 9.18 -7.73
N LEU D 54 -17.60 8.08 -8.42
CA LEU D 54 -16.75 6.88 -8.36
C LEU D 54 -15.96 6.73 -9.63
N GLY D 55 -14.69 6.35 -9.51
CA GLY D 55 -13.84 6.18 -10.68
C GLY D 55 -14.39 5.02 -11.49
N PRO D 56 -14.13 4.94 -12.76
CA PRO D 56 -14.66 3.84 -13.62
C PRO D 56 -14.22 2.43 -13.18
N GLN D 57 -13.07 2.31 -12.54
CA GLN D 57 -12.57 1.02 -12.08
C GLN D 57 -13.39 0.49 -10.90
N ILE D 58 -14.04 1.38 -10.15
CA ILE D 58 -14.82 0.94 -9.01
C ILE D 58 -16.34 1.02 -9.23
N ALA D 59 -16.75 0.99 -10.49
CA ALA D 59 -18.17 1.04 -10.83
C ALA D 59 -18.94 -0.11 -10.19
N TYR D 60 -18.34 -1.30 -10.13
CA TYR D 60 -19.04 -2.44 -9.55
C TYR D 60 -19.46 -2.21 -8.09
N MET D 61 -18.84 -1.23 -7.44
CA MET D 61 -19.15 -0.89 -6.05
C MET D 61 -20.33 0.08 -5.87
N LEU D 62 -20.89 0.58 -6.97
CA LEU D 62 -21.99 1.54 -6.90
C LEU D 62 -23.13 1.19 -5.93
N PRO D 63 -23.73 -0.02 -6.05
CA PRO D 63 -24.82 -0.37 -5.12
C PRO D 63 -24.43 -0.30 -3.65
N GLU D 64 -23.22 -0.72 -3.30
CA GLU D 64 -22.77 -0.68 -1.91
C GLU D 64 -22.60 0.74 -1.42
N ILE D 65 -22.02 1.59 -2.25
CA ILE D 65 -21.83 2.99 -1.85
C ILE D 65 -23.16 3.74 -1.71
N GLN D 66 -24.12 3.42 -2.59
CA GLN D 66 -25.46 4.00 -2.52
C GLN D 66 -26.13 3.64 -1.18
N ARG D 67 -26.00 2.39 -0.73
CA ARG D 67 -26.60 1.98 0.55
C ARG D 67 -25.89 2.63 1.74
N LEU D 68 -24.60 2.88 1.59
CA LEU D 68 -23.77 3.49 2.64
C LEU D 68 -24.11 4.97 2.82
N LEU D 69 -24.39 5.65 1.70
CA LEU D 69 -24.73 7.09 1.68
C LEU D 69 -26.11 7.27 1.01
N PRO D 70 -27.20 6.87 1.69
CA PRO D 70 -28.55 6.99 1.13
C PRO D 70 -29.03 8.44 0.93
N ASN D 71 -28.35 9.38 1.56
CA ASN D 71 -28.75 10.79 1.44
C ASN D 71 -27.82 11.63 0.57
N LYS D 72 -27.08 10.99 -0.33
CA LYS D 72 -26.14 11.69 -1.21
C LYS D 72 -26.26 11.20 -2.63
N PRO D 73 -26.13 12.10 -3.63
CA PRO D 73 -26.21 11.62 -5.02
C PRO D 73 -24.85 10.97 -5.27
N VAL D 74 -24.87 9.73 -5.75
CA VAL D 74 -23.64 8.96 -6.02
C VAL D 74 -23.64 8.48 -7.46
N GLU D 75 -22.58 8.72 -8.19
CA GLU D 75 -22.53 8.22 -9.55
C GLU D 75 -21.13 7.95 -10.07
N VAL D 76 -21.06 7.12 -11.10
CA VAL D 76 -19.80 6.72 -11.71
C VAL D 76 -19.40 7.72 -12.78
N ILE D 77 -18.11 8.03 -12.84
CA ILE D 77 -17.58 8.96 -13.83
C ILE D 77 -17.54 8.27 -15.17
N ASP D 78 -17.96 8.97 -16.21
CA ASP D 78 -17.94 8.40 -17.55
C ASP D 78 -16.51 7.95 -17.89
N SER D 79 -16.33 6.69 -18.28
CA SER D 79 -14.99 6.17 -18.58
C SER D 79 -14.18 6.90 -19.65
N LEU D 80 -14.87 7.44 -20.65
CA LEU D 80 -14.19 8.17 -21.73
C LEU D 80 -13.73 9.53 -21.23
N LEU D 81 -14.58 10.18 -20.45
CA LEU D 81 -14.26 11.49 -19.90
C LEU D 81 -13.10 11.33 -18.94
N TYR D 82 -13.10 10.21 -18.22
CA TYR D 82 -12.04 9.90 -17.25
C TYR D 82 -10.71 9.58 -17.95
N GLY D 83 -10.75 8.68 -18.92
CA GLY D 83 -9.54 8.32 -19.64
C GLY D 83 -8.87 9.50 -20.31
N LYS D 84 -9.68 10.37 -20.87
CA LYS D 84 -9.22 11.56 -21.59
C LYS D 84 -8.79 12.70 -20.65
N VAL D 85 -9.07 12.52 -19.35
CA VAL D 85 -8.77 13.52 -18.31
C VAL D 85 -9.47 14.86 -18.61
N ASP D 86 -10.76 14.77 -18.94
CA ASP D 86 -11.57 15.95 -19.28
C ASP D 86 -12.09 16.63 -18.03
N GLY D 87 -11.29 17.56 -17.51
CA GLY D 87 -11.64 18.31 -16.31
C GLY D 87 -12.94 19.07 -16.45
N LEU D 88 -13.16 19.73 -17.60
CA LEU D 88 -14.39 20.49 -17.80
C LEU D 88 -15.63 19.58 -17.87
N GLY D 89 -15.50 18.50 -18.64
CA GLY D 89 -16.59 17.56 -18.81
C GLY D 89 -17.07 16.91 -17.53
N VAL D 90 -16.12 16.49 -16.69
CA VAL D 90 -16.48 15.84 -15.42
C VAL D 90 -17.04 16.88 -14.45
N LEU D 91 -16.47 18.08 -14.49
CA LEU D 91 -16.97 19.15 -13.63
C LEU D 91 -18.46 19.39 -14.00
N LYS D 92 -18.76 19.42 -15.30
CA LYS D 92 -20.15 19.61 -15.75
C LYS D 92 -21.09 18.52 -15.24
N ALA D 93 -20.64 17.27 -15.30
CA ALA D 93 -21.47 16.14 -14.85
C ALA D 93 -21.76 16.21 -13.35
N ALA D 94 -20.78 16.72 -12.60
CA ALA D 94 -20.90 16.82 -11.15
C ALA D 94 -21.90 17.90 -10.75
N VAL D 95 -21.80 19.06 -11.40
CA VAL D 95 -22.72 20.17 -11.13
C VAL D 95 -24.13 19.69 -11.49
N ALA D 96 -24.25 18.98 -12.61
CA ALA D 96 -25.54 18.45 -13.04
C ALA D 96 -26.13 17.51 -11.99
N ALA D 97 -25.33 16.57 -11.49
CA ALA D 97 -25.85 15.64 -10.49
C ALA D 97 -26.36 16.40 -9.26
N ILE D 98 -25.70 17.51 -8.93
CA ILE D 98 -26.12 18.32 -7.78
C ILE D 98 -27.46 19.01 -8.03
N LYS D 99 -27.63 19.58 -9.24
CA LYS D 99 -28.87 20.26 -9.62
C LYS D 99 -30.01 19.26 -9.71
N LYS D 100 -29.80 18.19 -10.45
CA LYS D 100 -30.83 17.18 -10.59
C LYS D 100 -31.20 16.60 -9.22
N ALA D 101 -30.34 16.79 -8.23
CA ALA D 101 -30.58 16.28 -6.88
C ALA D 101 -31.37 17.24 -6.00
N ALA D 102 -31.14 18.54 -6.18
CA ALA D 102 -31.83 19.57 -5.43
C ALA D 102 -33.22 19.88 -6.02
N ALA D 103 -33.60 19.13 -7.06
CA ALA D 103 -34.88 19.29 -7.72
C ALA D 103 -35.05 18.26 -8.85
P PO3 E . -4.73 5.45 -7.18
O1 PO3 E . -4.73 6.00 -8.60
O2 PO3 E . -4.10 6.25 -6.06
O3 PO3 E . -5.20 4.03 -6.92
N ALA A 1 0.74 7.29 -18.60
CA ALA A 1 0.24 7.59 -19.96
C ALA A 1 -1.09 6.86 -20.17
N GLU A 2 -1.77 7.18 -21.26
CA GLU A 2 -3.08 6.58 -21.60
C GLU A 2 -3.28 5.20 -20.95
N GLU A 3 -2.80 4.17 -21.63
CA GLU A 3 -2.95 2.80 -21.13
C GLU A 3 -2.16 2.60 -19.84
N LEU A 4 -0.84 2.78 -19.91
CA LEU A 4 0.01 2.60 -18.74
C LEU A 4 -0.63 3.20 -17.48
N GLU A 5 -1.21 4.38 -17.61
CA GLU A 5 -1.84 5.05 -16.47
C GLU A 5 -3.12 4.34 -16.08
N GLU A 6 -3.94 4.01 -17.07
CA GLU A 6 -5.19 3.30 -16.82
C GLU A 6 -4.88 1.88 -16.34
N VAL A 7 -3.80 1.31 -16.88
CA VAL A 7 -3.37 -0.03 -16.50
C VAL A 7 -2.93 -0.05 -15.03
N VAL A 8 -2.20 0.99 -14.63
CA VAL A 8 -1.73 1.10 -13.25
C VAL A 8 -2.95 1.16 -12.33
N MET A 9 -3.95 1.96 -12.70
CA MET A 9 -5.17 2.06 -11.90
C MET A 9 -5.77 0.67 -11.73
N GLY A 10 -5.81 -0.09 -12.82
CA GLY A 10 -6.34 -1.45 -12.77
C GLY A 10 -5.49 -2.31 -11.83
N LEU A 11 -4.17 -2.17 -11.95
CA LEU A 11 -3.26 -2.93 -11.10
C LEU A 11 -3.45 -2.56 -9.64
N ILE A 12 -3.57 -1.27 -9.37
CA ILE A 12 -3.76 -0.80 -8.00
C ILE A 12 -5.06 -1.36 -7.46
N ILE A 13 -6.11 -1.29 -8.26
CA ILE A 13 -7.40 -1.82 -7.85
C ILE A 13 -7.30 -3.33 -7.65
N ASN A 14 -6.65 -4.01 -8.60
CA ASN A 14 -6.47 -5.45 -8.53
C ASN A 14 -5.71 -5.82 -7.26
N SER A 15 -4.61 -5.11 -7.03
CA SER A 15 -3.81 -5.35 -5.83
C SER A 15 -4.65 -5.14 -4.57
N GLY A 16 -5.44 -4.06 -4.60
CA GLY A 16 -6.32 -3.75 -3.47
C GLY A 16 -7.35 -4.86 -3.26
N GLN A 17 -7.95 -5.32 -4.36
CA GLN A 17 -8.94 -6.40 -4.27
C GLN A 17 -8.27 -7.65 -3.72
N ALA A 18 -7.05 -7.92 -4.18
CA ALA A 18 -6.31 -9.09 -3.72
C ALA A 18 -6.15 -9.04 -2.21
N ARG A 19 -5.70 -7.91 -1.69
CA ARG A 19 -5.55 -7.77 -0.25
C ARG A 19 -6.90 -7.95 0.43
N SER A 20 -7.91 -7.28 -0.11
CA SER A 20 -9.25 -7.36 0.44
C SER A 20 -9.68 -8.83 0.57
N LEU A 21 -9.47 -9.59 -0.49
CA LEU A 21 -9.81 -11.01 -0.48
C LEU A 21 -8.97 -11.74 0.58
N ALA A 22 -7.69 -11.40 0.63
CA ALA A 22 -6.79 -12.03 1.60
C ALA A 22 -7.30 -11.80 3.03
N TYR A 23 -7.59 -10.55 3.38
CA TYR A 23 -8.10 -10.25 4.72
C TYR A 23 -9.41 -11.00 4.93
N ALA A 24 -10.25 -11.03 3.90
CA ALA A 24 -11.51 -11.73 3.99
C ALA A 24 -11.24 -13.22 4.25
N ALA A 25 -10.23 -13.75 3.56
CA ALA A 25 -9.84 -15.14 3.75
C ALA A 25 -9.48 -15.38 5.21
N LEU A 26 -8.72 -14.46 5.78
CA LEU A 26 -8.32 -14.57 7.18
C LEU A 26 -9.56 -14.55 8.07
N LYS A 27 -10.48 -13.64 7.77
CA LYS A 27 -11.71 -13.53 8.54
C LYS A 27 -12.45 -14.87 8.56
N GLN A 28 -12.48 -15.54 7.41
CA GLN A 28 -13.15 -16.84 7.31
C GLN A 28 -12.48 -17.81 8.28
N ALA A 29 -11.15 -17.75 8.35
CA ALA A 29 -10.39 -18.62 9.24
C ALA A 29 -10.80 -18.38 10.69
N LYS A 30 -10.95 -17.12 11.05
CA LYS A 30 -11.36 -16.77 12.41
C LYS A 30 -12.72 -17.37 12.73
N GLN A 31 -13.58 -17.50 11.72
CA GLN A 31 -14.89 -18.08 11.93
C GLN A 31 -14.80 -19.60 11.96
N GLY A 32 -13.60 -20.12 11.77
CA GLY A 32 -13.37 -21.56 11.81
C GLY A 32 -13.71 -22.21 10.47
N ASP A 33 -13.83 -21.40 9.43
CA ASP A 33 -14.15 -21.90 8.09
C ASP A 33 -12.88 -22.06 7.26
N PHE A 34 -12.18 -23.18 7.47
CA PHE A 34 -10.93 -23.42 6.73
C PHE A 34 -11.18 -23.60 5.24
N ALA A 35 -12.31 -24.21 4.89
CA ALA A 35 -12.63 -24.46 3.49
C ALA A 35 -12.77 -23.14 2.72
N ALA A 36 -13.56 -22.23 3.26
CA ALA A 36 -13.76 -20.95 2.60
C ALA A 36 -12.46 -20.14 2.60
N ALA A 37 -11.70 -20.23 3.68
CA ALA A 37 -10.43 -19.52 3.75
C ALA A 37 -9.52 -19.99 2.60
N LYS A 38 -9.36 -21.30 2.49
CA LYS A 38 -8.53 -21.90 1.45
C LYS A 38 -8.96 -21.42 0.06
N ALA A 39 -10.26 -21.45 -0.21
CA ALA A 39 -10.77 -21.03 -1.51
C ALA A 39 -10.47 -19.57 -1.79
N MET A 40 -10.61 -18.74 -0.76
CA MET A 40 -10.36 -17.30 -0.90
C MET A 40 -8.88 -17.03 -1.18
N MET A 41 -7.98 -17.76 -0.50
CA MET A 41 -6.55 -17.56 -0.72
C MET A 41 -6.19 -17.92 -2.15
N ASP A 42 -6.77 -19.01 -2.65
CA ASP A 42 -6.47 -19.48 -3.99
C ASP A 42 -6.83 -18.42 -5.02
N GLN A 43 -8.03 -17.87 -4.88
CA GLN A 43 -8.48 -16.82 -5.80
C GLN A 43 -7.61 -15.59 -5.67
N SER A 44 -7.25 -15.24 -4.44
CA SER A 44 -6.40 -14.08 -4.20
C SER A 44 -5.06 -14.28 -4.91
N ARG A 45 -4.49 -15.47 -4.78
CA ARG A 45 -3.22 -15.82 -5.43
C ARG A 45 -3.32 -15.66 -6.95
N MET A 46 -4.40 -16.18 -7.51
CA MET A 46 -4.63 -16.11 -8.95
C MET A 46 -4.72 -14.65 -9.40
N ALA A 47 -5.41 -13.83 -8.62
CA ALA A 47 -5.56 -12.41 -8.94
C ALA A 47 -4.19 -11.74 -9.00
N LEU A 48 -3.35 -12.05 -8.02
CA LEU A 48 -2.00 -11.49 -7.95
C LEU A 48 -1.15 -11.98 -9.12
N ASN A 49 -1.29 -13.26 -9.41
CA ASN A 49 -0.51 -13.87 -10.48
C ASN A 49 -0.77 -13.15 -11.80
N GLU A 50 -2.04 -12.89 -12.07
CA GLU A 50 -2.41 -12.17 -13.29
C GLU A 50 -1.86 -10.75 -13.23
N ALA A 51 -1.97 -10.13 -12.05
CA ALA A 51 -1.47 -8.77 -11.87
C ALA A 51 0.06 -8.75 -12.05
N HIS A 52 0.73 -9.71 -11.44
CA HIS A 52 2.19 -9.81 -11.54
C HIS A 52 2.61 -10.01 -13.00
N LEU A 53 1.86 -10.83 -13.72
CA LEU A 53 2.16 -11.11 -15.12
C LEU A 53 2.11 -9.82 -15.93
N VAL A 54 1.08 -9.02 -15.68
CA VAL A 54 0.94 -7.75 -16.38
C VAL A 54 2.11 -6.84 -16.04
N GLN A 55 2.46 -6.79 -14.76
CA GLN A 55 3.59 -5.96 -14.34
C GLN A 55 4.88 -6.45 -15.01
N THR A 56 5.08 -7.76 -15.08
CA THR A 56 6.28 -8.32 -15.72
C THR A 56 6.46 -7.71 -17.11
N LYS A 57 5.37 -7.66 -17.88
CA LYS A 57 5.43 -7.06 -19.22
C LYS A 57 5.76 -5.59 -19.10
N LEU A 58 5.18 -4.94 -18.10
CA LEU A 58 5.43 -3.52 -17.90
C LEU A 58 6.87 -3.24 -17.48
N ILE A 59 7.58 -4.25 -16.98
CA ILE A 59 8.99 -4.06 -16.60
C ILE A 59 9.93 -4.47 -17.76
N GLU A 60 9.55 -5.49 -18.53
CA GLU A 60 10.37 -5.95 -19.66
C GLU A 60 10.46 -4.88 -20.74
N GLY A 61 9.34 -4.20 -21.01
CA GLY A 61 9.31 -3.17 -22.03
C GLY A 61 9.20 -1.78 -21.42
N ASP A 62 9.80 -1.60 -20.24
CA ASP A 62 9.75 -0.32 -19.54
C ASP A 62 10.49 0.78 -20.32
N ALA A 63 11.17 0.39 -21.40
CA ALA A 63 11.90 1.36 -22.21
C ALA A 63 10.97 2.06 -23.19
N GLY A 64 11.49 3.07 -23.89
CA GLY A 64 10.68 3.81 -24.86
C GLY A 64 10.81 5.32 -24.66
N GLU A 65 10.45 5.80 -23.47
CA GLU A 65 10.53 7.23 -23.19
C GLU A 65 11.97 7.72 -23.18
N GLY A 66 12.86 6.90 -22.64
CA GLY A 66 14.28 7.27 -22.58
C GLY A 66 15.15 6.04 -22.36
N LYS A 67 16.47 6.25 -22.44
CA LYS A 67 17.41 5.15 -22.27
C LYS A 67 17.39 4.63 -20.82
N MET A 68 18.11 5.32 -19.94
CA MET A 68 18.20 4.93 -18.54
C MET A 68 16.88 5.05 -17.79
N LYS A 69 16.13 6.12 -18.08
CA LYS A 69 14.87 6.35 -17.37
C LYS A 69 13.76 5.39 -17.80
N VAL A 70 12.84 5.14 -16.87
CA VAL A 70 11.71 4.23 -17.10
C VAL A 70 10.41 4.88 -16.65
N SER A 71 9.28 4.23 -16.95
CA SER A 71 7.98 4.77 -16.55
C SER A 71 7.94 4.91 -15.03
N LEU A 72 7.54 6.10 -14.57
CA LEU A 72 7.48 6.40 -13.14
C LEU A 72 6.43 5.55 -12.41
N VAL A 73 5.30 5.39 -13.07
CA VAL A 73 4.18 4.62 -12.52
C VAL A 73 4.55 3.16 -12.22
N LEU A 74 5.61 2.69 -12.85
CA LEU A 74 6.02 1.31 -12.64
C LEU A 74 6.17 1.00 -11.17
N VAL A 75 6.59 2.02 -10.43
CA VAL A 75 6.82 1.86 -8.99
C VAL A 75 5.47 1.78 -8.28
N HIS A 76 4.24 2.81 -8.67
CA HIS A 76 2.89 2.82 -8.08
C HIS A 76 2.29 1.42 -8.16
N ALA A 77 2.63 0.70 -9.24
CA ALA A 77 2.15 -0.66 -9.43
C ALA A 77 3.00 -1.65 -8.64
N GLN A 78 4.34 -1.50 -8.72
CA GLN A 78 5.22 -2.42 -8.02
C GLN A 78 5.00 -2.32 -6.51
N LEU A 79 4.96 -1.09 -6.01
CA LEU A 79 4.72 -0.86 -4.59
C LEU A 79 3.44 -1.54 -4.13
N HIS A 80 2.35 -1.32 -4.85
CA HIS A 80 1.08 -1.91 -4.47
C HIS A 80 1.12 -3.44 -4.62
N LEU A 81 1.65 -3.90 -5.74
CA LEU A 81 1.74 -5.34 -5.99
C LEU A 81 2.64 -6.04 -4.98
N MET A 82 3.80 -5.45 -4.70
CA MET A 82 4.74 -6.05 -3.75
C MET A 82 4.11 -6.14 -2.37
N THR A 83 3.46 -5.05 -1.96
CA THR A 83 2.81 -5.00 -0.65
C THR A 83 1.69 -6.04 -0.56
N SER A 84 0.84 -6.07 -1.58
CA SER A 84 -0.29 -7.01 -1.61
C SER A 84 0.20 -8.46 -1.60
N MET A 85 1.16 -8.78 -2.45
CA MET A 85 1.69 -10.14 -2.51
C MET A 85 2.26 -10.57 -1.18
N LEU A 86 3.07 -9.70 -0.59
CA LEU A 86 3.68 -10.00 0.70
C LEU A 86 2.61 -10.19 1.78
N ALA A 87 1.64 -9.28 1.79
CA ALA A 87 0.56 -9.36 2.76
C ALA A 87 -0.15 -10.70 2.67
N ARG A 88 -0.49 -11.10 1.47
CA ARG A 88 -1.18 -12.37 1.27
C ARG A 88 -0.35 -13.55 1.78
N GLU A 89 0.93 -13.57 1.45
CA GLU A 89 1.77 -14.67 1.88
C GLU A 89 1.79 -14.78 3.39
N LEU A 90 1.95 -13.65 4.06
CA LEU A 90 1.96 -13.64 5.51
C LEU A 90 0.58 -14.03 6.05
N ILE A 91 -0.46 -13.51 5.42
CA ILE A 91 -1.82 -13.85 5.84
C ILE A 91 -2.03 -15.35 5.69
N THR A 92 -1.50 -15.92 4.61
CA THR A 92 -1.60 -17.37 4.40
C THR A 92 -0.98 -18.10 5.59
N GLU A 93 0.20 -17.64 6.01
CA GLU A 93 0.88 -18.23 7.16
C GLU A 93 0.02 -18.08 8.40
N LEU A 94 -0.57 -16.89 8.56
CA LEU A 94 -1.43 -16.62 9.72
C LEU A 94 -2.62 -17.59 9.71
N ILE A 95 -3.20 -17.80 8.55
CA ILE A 95 -4.34 -18.73 8.44
C ILE A 95 -3.90 -20.14 8.83
N GLU A 96 -2.72 -20.56 8.36
CA GLU A 96 -2.22 -21.88 8.71
C GLU A 96 -2.08 -22.00 10.22
N LEU A 97 -1.64 -20.91 10.87
CA LEU A 97 -1.51 -20.92 12.32
C LEU A 97 -2.88 -21.12 12.98
N HIS A 98 -3.89 -20.46 12.44
CA HIS A 98 -5.25 -20.62 12.98
C HIS A 98 -5.63 -22.08 12.92
N GLU A 99 -5.25 -22.75 11.84
CA GLU A 99 -5.55 -24.17 11.68
C GLU A 99 -4.81 -24.98 12.74
N LYS A 100 -3.56 -24.62 13.01
CA LYS A 100 -2.79 -25.32 14.02
C LYS A 100 -3.39 -25.06 15.41
N LEU A 101 -3.92 -23.84 15.61
CA LEU A 101 -4.56 -23.49 16.88
C LEU A 101 -5.80 -24.37 17.09
N LYS A 102 -6.02 -25.30 16.15
CA LYS A 102 -7.18 -26.20 16.21
C LYS A 102 -8.43 -25.52 15.71
N ALA A 103 -8.82 -24.42 16.39
CA ALA A 103 -10.03 -23.67 16.04
C ALA A 103 -10.30 -23.65 14.53
N ALA B 1 22.66 3.11 -13.51
CA ALA B 1 23.97 3.34 -14.19
C ALA B 1 24.86 2.13 -13.94
N GLU B 2 26.00 2.08 -14.64
CA GLU B 2 26.95 0.97 -14.53
C GLU B 2 26.86 0.24 -13.18
N GLU B 3 27.57 0.74 -12.19
CA GLU B 3 27.58 0.13 -10.87
C GLU B 3 26.22 0.21 -10.20
N LEU B 4 25.72 1.44 -10.02
CA LEU B 4 24.42 1.61 -9.38
C LEU B 4 23.38 0.61 -9.91
N GLU B 5 23.37 0.41 -11.22
CA GLU B 5 22.42 -0.52 -11.83
C GLU B 5 22.76 -1.95 -11.47
N GLU B 6 24.03 -2.30 -11.57
CA GLU B 6 24.50 -3.63 -11.23
C GLU B 6 24.38 -3.85 -9.73
N VAL B 7 24.60 -2.79 -8.97
CA VAL B 7 24.51 -2.85 -7.52
C VAL B 7 23.05 -3.11 -7.10
N VAL B 8 22.12 -2.44 -7.77
CA VAL B 8 20.69 -2.63 -7.49
C VAL B 8 20.33 -4.08 -7.74
N MET B 9 20.80 -4.63 -8.86
CA MET B 9 20.52 -6.03 -9.18
C MET B 9 21.01 -6.91 -8.03
N GLY B 10 22.21 -6.62 -7.53
CA GLY B 10 22.75 -7.37 -6.41
C GLY B 10 21.86 -7.21 -5.19
N LEU B 11 21.44 -5.98 -4.93
CA LEU B 11 20.56 -5.70 -3.79
C LEU B 11 19.24 -6.44 -3.93
N ILE B 12 18.67 -6.41 -5.13
CA ILE B 12 17.40 -7.09 -5.38
C ILE B 12 17.57 -8.58 -5.14
N ILE B 13 18.66 -9.12 -5.68
CA ILE B 13 18.94 -10.54 -5.50
C ILE B 13 19.17 -10.83 -4.02
N ASN B 14 19.95 -9.98 -3.36
CA ASN B 14 20.24 -10.16 -1.94
C ASN B 14 18.94 -10.10 -1.13
N SER B 15 18.11 -9.11 -1.42
CA SER B 15 16.83 -8.99 -0.74
C SER B 15 15.98 -10.23 -0.97
N GLY B 16 15.99 -10.71 -2.22
CA GLY B 16 15.23 -11.91 -2.57
C GLY B 16 15.76 -13.12 -1.81
N GLN B 17 17.08 -13.25 -1.75
CA GLN B 17 17.68 -14.37 -1.03
C GLN B 17 17.31 -14.28 0.45
N ALA B 18 17.35 -13.06 0.98
CA ALA B 18 17.00 -12.84 2.37
C ALA B 18 15.60 -13.36 2.66
N ARG B 19 14.64 -12.97 1.84
CA ARG B 19 13.27 -13.44 2.02
C ARG B 19 13.24 -14.96 1.90
N SER B 20 13.90 -15.47 0.86
CA SER B 20 13.94 -16.91 0.64
C SER B 20 14.41 -17.63 1.89
N LEU B 21 15.50 -17.13 2.48
CA LEU B 21 16.04 -17.73 3.71
C LEU B 21 15.01 -17.60 4.83
N ALA B 22 14.37 -16.44 4.93
CA ALA B 22 13.37 -16.20 5.97
C ALA B 22 12.24 -17.23 5.85
N TYR B 23 11.67 -17.38 4.65
CA TYR B 23 10.60 -18.36 4.46
C TYR B 23 11.12 -19.75 4.79
N ALA B 24 12.36 -20.04 4.38
CA ALA B 24 12.95 -21.33 4.67
C ALA B 24 13.06 -21.49 6.19
N ALA B 25 13.43 -20.41 6.87
CA ALA B 25 13.53 -20.43 8.33
C ALA B 25 12.18 -20.80 8.92
N LEU B 26 11.12 -20.21 8.39
CA LEU B 26 9.78 -20.50 8.86
C LEU B 26 9.45 -21.97 8.62
N LYS B 27 9.80 -22.46 7.44
CA LYS B 27 9.55 -23.86 7.11
C LYS B 27 10.21 -24.78 8.14
N GLN B 28 11.43 -24.43 8.54
CA GLN B 28 12.13 -25.23 9.56
C GLN B 28 11.31 -25.26 10.84
N ALA B 29 10.74 -24.11 11.19
CA ALA B 29 9.91 -24.02 12.40
C ALA B 29 8.73 -24.97 12.31
N LYS B 30 8.09 -25.01 11.14
CA LYS B 30 6.95 -25.90 10.94
C LYS B 30 7.36 -27.35 11.16
N GLN B 31 8.62 -27.67 10.83
CA GLN B 31 9.10 -29.04 11.01
C GLN B 31 9.46 -29.28 12.48
N GLY B 32 9.32 -28.24 13.29
CA GLY B 32 9.63 -28.35 14.72
C GLY B 32 11.13 -28.18 14.99
N ASP B 33 11.86 -27.66 14.00
CA ASP B 33 13.29 -27.46 14.14
C ASP B 33 13.60 -26.02 14.53
N PHE B 34 13.47 -25.71 15.81
CA PHE B 34 13.73 -24.34 16.29
C PHE B 34 15.18 -23.94 16.10
N ALA B 35 16.09 -24.90 16.27
CA ALA B 35 17.52 -24.60 16.15
C ALA B 35 17.86 -24.12 14.74
N ALA B 36 17.43 -24.87 13.74
CA ALA B 36 17.71 -24.50 12.36
C ALA B 36 16.98 -23.20 12.01
N ALA B 37 15.77 -23.03 12.51
CA ALA B 37 15.03 -21.80 12.24
C ALA B 37 15.82 -20.61 12.74
N LYS B 38 16.23 -20.68 14.02
CA LYS B 38 17.01 -19.60 14.63
C LYS B 38 18.27 -19.27 13.81
N ALA B 39 18.99 -20.29 13.40
CA ALA B 39 20.21 -20.10 12.61
C ALA B 39 19.91 -19.41 11.28
N MET B 40 18.83 -19.82 10.64
CA MET B 40 18.44 -19.26 9.36
C MET B 40 18.05 -17.78 9.51
N MET B 41 17.32 -17.45 10.57
CA MET B 41 16.92 -16.06 10.78
C MET B 41 18.15 -15.17 10.97
N ASP B 42 19.12 -15.68 11.73
CA ASP B 42 20.33 -14.93 12.01
C ASP B 42 21.06 -14.57 10.73
N GLN B 43 21.21 -15.58 9.86
CA GLN B 43 21.88 -15.36 8.59
C GLN B 43 21.08 -14.40 7.72
N SER B 44 19.76 -14.54 7.73
CA SER B 44 18.91 -13.65 6.95
C SER B 44 19.13 -12.20 7.41
N ARG B 45 19.14 -12.00 8.73
CA ARG B 45 19.35 -10.68 9.30
C ARG B 45 20.69 -10.09 8.83
N MET B 46 21.74 -10.90 8.89
CA MET B 46 23.07 -10.45 8.49
C MET B 46 23.05 -10.04 7.02
N ALA B 47 22.37 -10.84 6.20
CA ALA B 47 22.27 -10.53 4.77
C ALA B 47 21.58 -9.19 4.56
N LEU B 48 20.50 -8.97 5.31
CA LEU B 48 19.75 -7.72 5.21
C LEU B 48 20.59 -6.55 5.72
N ASN B 49 21.30 -6.78 6.81
CA ASN B 49 22.13 -5.75 7.40
C ASN B 49 23.18 -5.26 6.40
N GLU B 50 23.83 -6.19 5.73
CA GLU B 50 24.82 -5.83 4.72
C GLU B 50 24.17 -5.10 3.57
N ALA B 51 23.00 -5.58 3.17
CA ALA B 51 22.25 -4.96 2.08
C ALA B 51 21.83 -3.54 2.48
N HIS B 52 21.32 -3.41 3.70
CA HIS B 52 20.88 -2.11 4.21
C HIS B 52 22.06 -1.13 4.27
N LEU B 53 23.22 -1.64 4.69
CA LEU B 53 24.42 -0.80 4.79
C LEU B 53 24.77 -0.23 3.41
N VAL B 54 24.71 -1.09 2.40
CA VAL B 54 25.03 -0.66 1.04
C VAL B 54 24.01 0.40 0.61
N GLN B 55 22.73 0.16 0.90
CA GLN B 55 21.70 1.13 0.53
C GLN B 55 21.96 2.45 1.25
N THR B 56 22.32 2.39 2.54
CA THR B 56 22.60 3.61 3.30
C THR B 56 23.57 4.50 2.53
N LYS B 57 24.65 3.90 2.04
CA LYS B 57 25.62 4.66 1.25
C LYS B 57 24.97 5.20 -0.01
N LEU B 58 24.12 4.39 -0.61
CA LEU B 58 23.44 4.78 -1.84
C LEU B 58 22.45 5.93 -1.59
N ILE B 59 22.02 6.12 -0.32
CA ILE B 59 21.11 7.23 -0.01
C ILE B 59 21.88 8.48 0.45
N GLU B 60 23.00 8.27 1.16
CA GLU B 60 23.81 9.39 1.64
C GLU B 60 24.42 10.17 0.46
N GLY B 61 24.86 9.43 -0.55
CA GLY B 61 25.49 10.05 -1.72
C GLY B 61 24.59 9.96 -2.95
N ASP B 62 23.28 10.02 -2.73
CA ASP B 62 22.32 9.93 -3.82
C ASP B 62 22.41 11.14 -4.77
N ALA B 63 23.21 12.12 -4.40
CA ALA B 63 23.36 13.32 -5.23
C ALA B 63 24.37 13.07 -6.34
N GLY B 64 24.50 14.03 -7.26
CA GLY B 64 25.44 13.90 -8.37
C GLY B 64 24.78 14.23 -9.71
N GLU B 65 23.73 13.48 -10.05
CA GLU B 65 23.03 13.70 -11.32
C GLU B 65 22.34 15.07 -11.33
N GLY B 66 21.76 15.45 -10.20
CA GLY B 66 21.07 16.73 -10.11
C GLY B 66 20.91 17.16 -8.66
N LYS B 67 20.42 18.38 -8.47
CA LYS B 67 20.23 18.92 -7.13
C LYS B 67 19.13 18.16 -6.38
N MET B 68 17.88 18.54 -6.66
CA MET B 68 16.72 17.93 -6.01
C MET B 68 16.52 16.47 -6.40
N LYS B 69 16.75 16.13 -7.66
CA LYS B 69 16.54 14.76 -8.14
C LYS B 69 17.62 13.80 -7.64
N VAL B 70 17.22 12.52 -7.52
CA VAL B 70 18.11 11.47 -7.05
C VAL B 70 18.02 10.24 -7.98
N SER B 71 18.89 9.26 -7.76
CA SER B 71 18.88 8.05 -8.59
C SER B 71 17.52 7.37 -8.49
N LEU B 72 16.93 7.04 -9.64
CA LEU B 72 15.60 6.45 -9.66
C LEU B 72 15.59 5.04 -9.04
N VAL B 73 16.65 4.30 -9.35
CA VAL B 73 16.80 2.93 -8.88
C VAL B 73 16.83 2.84 -7.34
N LEU B 74 17.12 3.95 -6.69
CA LEU B 74 17.18 3.96 -5.23
C LEU B 74 15.90 3.41 -4.63
N VAL B 75 14.80 3.75 -5.26
CA VAL B 75 13.49 3.30 -4.80
C VAL B 75 13.39 1.79 -5.02
N HIS B 76 13.84 1.22 -6.24
CA HIS B 76 13.78 -0.21 -6.52
C HIS B 76 14.48 -0.99 -5.41
N ALA B 77 15.66 -0.52 -5.02
CA ALA B 77 16.40 -1.18 -3.96
C ALA B 77 15.70 -1.00 -2.62
N GLN B 78 15.18 0.20 -2.38
CA GLN B 78 14.48 0.49 -1.13
C GLN B 78 13.22 -0.36 -1.03
N LEU B 79 12.44 -0.39 -2.12
CA LEU B 79 11.22 -1.18 -2.14
C LEU B 79 11.49 -2.65 -1.82
N HIS B 80 12.48 -3.23 -2.48
CA HIS B 80 12.80 -4.62 -2.24
C HIS B 80 13.36 -4.83 -0.84
N LEU B 81 14.27 -3.95 -0.44
CA LEU B 81 14.88 -4.06 0.89
C LEU B 81 13.85 -3.85 2.00
N MET B 82 13.00 -2.85 1.86
CA MET B 82 11.98 -2.57 2.87
C MET B 82 11.02 -3.75 3.01
N THR B 83 10.59 -4.28 1.87
CA THR B 83 9.67 -5.41 1.87
C THR B 83 10.32 -6.64 2.50
N SER B 84 11.55 -6.94 2.10
CA SER B 84 12.26 -8.09 2.64
C SER B 84 12.50 -7.97 4.14
N MET B 85 12.97 -6.81 4.58
CA MET B 85 13.24 -6.60 6.01
C MET B 85 11.96 -6.76 6.83
N LEU B 86 10.89 -6.14 6.36
CA LEU B 86 9.61 -6.21 7.06
C LEU B 86 9.11 -7.65 7.12
N ALA B 87 9.17 -8.33 5.98
CA ALA B 87 8.72 -9.71 5.90
C ALA B 87 9.49 -10.58 6.88
N ARG B 88 10.79 -10.44 6.86
CA ARG B 88 11.65 -11.22 7.75
C ARG B 88 11.28 -10.97 9.21
N GLU B 89 11.08 -9.70 9.59
CA GLU B 89 10.75 -9.38 10.97
C GLU B 89 9.43 -10.05 11.37
N LEU B 90 8.44 -9.96 10.50
CA LEU B 90 7.14 -10.56 10.78
C LEU B 90 7.28 -12.08 10.84
N ILE B 91 8.06 -12.63 9.92
CA ILE B 91 8.30 -14.07 9.91
C ILE B 91 8.95 -14.49 11.23
N THR B 92 9.86 -13.66 11.73
CA THR B 92 10.50 -13.96 13.02
C THR B 92 9.43 -14.07 14.09
N GLU B 93 8.49 -13.13 14.09
CA GLU B 93 7.40 -13.15 15.06
C GLU B 93 6.58 -14.43 14.88
N LEU B 94 6.30 -14.77 13.62
CA LEU B 94 5.54 -15.99 13.33
C LEU B 94 6.27 -17.21 13.87
N ILE B 95 7.59 -17.26 13.68
CA ILE B 95 8.36 -18.38 14.19
C ILE B 95 8.28 -18.46 15.71
N GLU B 96 8.36 -17.30 16.37
CA GLU B 96 8.25 -17.27 17.83
C GLU B 96 6.90 -17.85 18.25
N LEU B 97 5.86 -17.54 17.49
CA LEU B 97 4.52 -18.05 17.79
C LEU B 97 4.52 -19.58 17.69
N HIS B 98 5.19 -20.10 16.66
CA HIS B 98 5.27 -21.55 16.50
C HIS B 98 5.89 -22.17 17.75
N GLU B 99 6.90 -21.48 18.28
CA GLU B 99 7.55 -21.95 19.50
C GLU B 99 6.58 -21.94 20.66
N LYS B 100 5.77 -20.88 20.77
CA LYS B 100 4.79 -20.80 21.84
C LYS B 100 3.72 -21.88 21.65
N LEU B 101 3.39 -22.19 20.39
CA LEU B 101 2.42 -23.25 20.11
C LEU B 101 2.96 -24.60 20.58
N LYS B 102 4.13 -24.57 21.21
CA LYS B 102 4.77 -25.78 21.72
C LYS B 102 5.49 -26.51 20.59
N ALA B 103 4.71 -26.92 19.58
CA ALA B 103 5.25 -27.67 18.43
C ALA B 103 6.64 -27.19 18.04
N ALA C 1 11.12 19.25 -2.05
CA ALA C 1 11.16 20.74 -1.98
C ALA C 1 10.96 21.17 -0.54
N GLU C 2 11.18 22.45 -0.27
CA GLU C 2 11.04 23.02 1.08
C GLU C 2 10.10 22.22 1.98
N GLU C 3 8.81 22.51 1.89
CA GLU C 3 7.83 21.81 2.71
C GLU C 3 7.73 20.34 2.34
N LEU C 4 7.37 20.07 1.08
CA LEU C 4 7.24 18.68 0.63
C LEU C 4 8.38 17.80 1.16
N GLU C 5 9.60 18.32 1.11
CA GLU C 5 10.76 17.57 1.58
C GLU C 5 10.74 17.43 3.10
N GLU C 6 10.47 18.53 3.78
CA GLU C 6 10.41 18.52 5.24
C GLU C 6 9.19 17.70 5.68
N VAL C 7 8.12 17.78 4.89
CA VAL C 7 6.90 17.04 5.17
C VAL C 7 7.17 15.53 5.06
N VAL C 8 7.92 15.14 4.03
CA VAL C 8 8.27 13.74 3.83
C VAL C 8 9.06 13.24 5.04
N MET C 9 10.02 14.04 5.50
CA MET C 9 10.80 13.67 6.66
C MET C 9 9.87 13.40 7.84
N GLY C 10 8.88 14.29 8.01
CA GLY C 10 7.91 14.13 9.08
C GLY C 10 7.12 12.84 8.88
N LEU C 11 6.71 12.59 7.65
CA LEU C 11 5.94 11.37 7.33
C LEU C 11 6.79 10.14 7.59
N ILE C 12 8.05 10.18 7.18
CA ILE C 12 8.94 9.04 7.37
C ILE C 12 9.11 8.78 8.87
N ILE C 13 9.32 9.87 9.61
CA ILE C 13 9.47 9.76 11.06
C ILE C 13 8.16 9.23 11.66
N ASN C 14 7.05 9.81 11.22
CA ASN C 14 5.73 9.40 11.72
C ASN C 14 5.50 7.92 11.43
N SER C 15 5.79 7.51 10.19
CA SER C 15 5.63 6.11 9.81
C SER C 15 6.52 5.24 10.68
N GLY C 16 7.76 5.70 10.90
CA GLY C 16 8.70 4.95 11.73
C GLY C 16 8.18 4.84 13.16
N GLN C 17 7.67 5.95 13.70
CA GLN C 17 7.13 5.92 15.06
C GLN C 17 5.95 4.97 15.12
N ALA C 18 5.12 5.01 14.08
CA ALA C 18 3.96 4.14 14.02
C ALA C 18 4.38 2.67 14.15
N ARG C 19 5.36 2.27 13.33
CA ARG C 19 5.84 0.91 13.40
C ARG C 19 6.41 0.63 14.79
N SER C 20 7.21 1.57 15.28
CA SER C 20 7.81 1.41 16.60
C SER C 20 6.73 1.13 17.65
N LEU C 21 5.66 1.92 17.61
CA LEU C 21 4.56 1.74 18.54
C LEU C 21 3.92 0.37 18.33
N ALA C 22 3.73 0.00 17.06
CA ALA C 22 3.13 -1.29 16.73
C ALA C 22 3.96 -2.44 17.33
N TYR C 23 5.27 -2.43 17.07
CA TYR C 23 6.14 -3.47 17.64
C TYR C 23 6.05 -3.45 19.16
N ALA C 24 6.03 -2.24 19.72
CA ALA C 24 5.92 -2.11 21.17
C ALA C 24 4.59 -2.72 21.62
N ALA C 25 3.54 -2.47 20.85
CA ALA C 25 2.23 -3.03 21.16
C ALA C 25 2.31 -4.55 21.21
N LEU C 26 3.01 -5.12 20.24
CA LEU C 26 3.19 -6.57 20.18
C LEU C 26 3.95 -7.05 21.42
N LYS C 27 4.99 -6.31 21.77
CA LYS C 27 5.79 -6.66 22.94
C LYS C 27 4.90 -6.72 24.19
N GLN C 28 3.99 -5.77 24.31
CA GLN C 28 3.06 -5.75 25.44
C GLN C 28 2.26 -7.04 25.47
N ALA C 29 1.82 -7.47 24.27
CA ALA C 29 1.05 -8.70 24.16
C ALA C 29 1.85 -9.89 24.67
N LYS C 30 3.13 -9.94 24.30
CA LYS C 30 3.99 -11.02 24.76
C LYS C 30 4.07 -11.06 26.28
N GLN C 31 3.98 -9.88 26.90
CA GLN C 31 4.04 -9.80 28.36
C GLN C 31 2.67 -10.17 28.96
N GLY C 32 1.71 -10.44 28.08
CA GLY C 32 0.36 -10.83 28.53
C GLY C 32 -0.47 -9.60 28.89
N ASP C 33 -0.04 -8.43 28.44
CA ASP C 33 -0.76 -7.18 28.70
C ASP C 33 -1.63 -6.80 27.51
N PHE C 34 -2.80 -7.41 27.42
CA PHE C 34 -3.71 -7.14 26.31
C PHE C 34 -4.22 -5.70 26.34
N ALA C 35 -4.43 -5.17 27.54
CA ALA C 35 -4.94 -3.81 27.68
C ALA C 35 -3.97 -2.79 27.08
N ALA C 36 -2.71 -2.89 27.47
CA ALA C 36 -1.71 -1.96 26.96
C ALA C 36 -1.50 -2.17 25.47
N ALA C 37 -1.55 -3.42 25.02
CA ALA C 37 -1.38 -3.71 23.60
C ALA C 37 -2.48 -3.00 22.81
N LYS C 38 -3.72 -3.21 23.22
CA LYS C 38 -4.87 -2.59 22.57
C LYS C 38 -4.72 -1.07 22.49
N ALA C 39 -4.32 -0.45 23.61
CA ALA C 39 -4.16 1.00 23.65
C ALA C 39 -3.06 1.46 22.68
N MET C 40 -1.96 0.72 22.64
CA MET C 40 -0.85 1.06 21.77
C MET C 40 -1.25 0.92 20.30
N MET C 41 -2.03 -0.11 19.99
CA MET C 41 -2.48 -0.31 18.61
C MET C 41 -3.35 0.85 18.16
N ASP C 42 -4.25 1.28 19.04
CA ASP C 42 -5.17 2.36 18.72
C ASP C 42 -4.41 3.63 18.38
N GLN C 43 -3.42 3.97 19.21
CA GLN C 43 -2.61 5.16 18.97
C GLN C 43 -1.83 5.03 17.67
N SER C 44 -1.30 3.85 17.42
CA SER C 44 -0.55 3.60 16.19
C SER C 44 -1.44 3.87 14.98
N ARG C 45 -2.67 3.32 15.03
CA ARG C 45 -3.64 3.50 13.96
C ARG C 45 -3.93 4.99 13.72
N MET C 46 -4.14 5.72 14.81
CA MET C 46 -4.43 7.15 14.72
C MET C 46 -3.26 7.89 14.08
N ALA C 47 -2.04 7.51 14.47
CA ALA C 47 -0.84 8.14 13.91
C ALA C 47 -0.78 7.91 12.40
N LEU C 48 -1.08 6.68 11.98
CA LEU C 48 -1.07 6.33 10.57
C LEU C 48 -2.17 7.06 9.82
N ASN C 49 -3.34 7.15 10.45
CA ASN C 49 -4.48 7.81 9.84
C ASN C 49 -4.14 9.27 9.52
N GLU C 50 -3.51 9.95 10.47
CA GLU C 50 -3.11 11.33 10.26
C GLU C 50 -2.06 11.41 9.16
N ALA C 51 -1.13 10.47 9.19
CA ALA C 51 -0.07 10.43 8.18
C ALA C 51 -0.67 10.15 6.80
N HIS C 52 -1.58 9.19 6.74
CA HIS C 52 -2.25 8.85 5.48
C HIS C 52 -3.02 10.05 4.94
N LEU C 53 -3.69 10.78 5.83
CA LEU C 53 -4.47 11.95 5.43
C LEU C 53 -3.56 12.98 4.76
N VAL C 54 -2.39 13.20 5.35
CA VAL C 54 -1.45 14.16 4.80
C VAL C 54 -0.99 13.67 3.43
N GLN C 55 -0.69 12.38 3.32
CA GLN C 55 -0.26 11.82 2.04
C GLN C 55 -1.38 11.99 1.00
N THR C 56 -2.62 11.74 1.41
CA THR C 56 -3.76 11.88 0.48
C THR C 56 -3.70 13.25 -0.19
N LYS C 57 -3.50 14.29 0.60
CA LYS C 57 -3.40 15.64 0.05
C LYS C 57 -2.20 15.73 -0.88
N LEU C 58 -1.11 15.09 -0.49
CA LEU C 58 0.10 15.11 -1.29
C LEU C 58 -0.08 14.35 -2.61
N ILE C 59 -1.09 13.47 -2.70
CA ILE C 59 -1.33 12.76 -3.95
C ILE C 59 -2.40 13.48 -4.79
N GLU C 60 -3.38 14.10 -4.14
CA GLU C 60 -4.43 14.83 -4.87
C GLU C 60 -3.85 16.03 -5.60
N GLY C 61 -2.89 16.71 -4.98
CA GLY C 61 -2.28 17.89 -5.57
C GLY C 61 -0.83 17.62 -5.97
N ASP C 62 -0.56 16.41 -6.41
CA ASP C 62 0.79 16.03 -6.80
C ASP C 62 1.22 16.75 -8.06
N ALA C 63 0.31 17.49 -8.68
CA ALA C 63 0.63 18.24 -9.90
C ALA C 63 1.30 19.56 -9.56
N GLY C 64 1.78 20.26 -10.59
CA GLY C 64 2.43 21.56 -10.39
C GLY C 64 3.77 21.63 -11.13
N GLU C 65 4.69 20.71 -10.81
CA GLU C 65 5.99 20.70 -11.45
C GLU C 65 5.87 20.38 -12.94
N GLY C 66 4.99 19.45 -13.27
CA GLY C 66 4.80 19.05 -14.66
C GLY C 66 3.45 18.36 -14.86
N LYS C 67 3.12 18.09 -16.11
CA LYS C 67 1.85 17.44 -16.43
C LYS C 67 1.83 16.00 -15.92
N MET C 68 2.44 15.10 -16.70
CA MET C 68 2.48 13.68 -16.36
C MET C 68 3.31 13.38 -15.12
N LYS C 69 4.45 14.07 -14.97
CA LYS C 69 5.34 13.83 -13.84
C LYS C 69 4.79 14.36 -12.52
N VAL C 70 5.20 13.71 -11.43
CA VAL C 70 4.76 14.07 -10.08
C VAL C 70 5.96 14.16 -9.13
N SER C 71 5.72 14.64 -7.91
CA SER C 71 6.80 14.75 -6.93
C SER C 71 7.42 13.38 -6.68
N LEU C 72 8.74 13.30 -6.77
CA LEU C 72 9.45 12.03 -6.61
C LEU C 72 9.31 11.48 -5.19
N VAL C 73 9.40 12.39 -4.22
CA VAL C 73 9.33 12.04 -2.80
C VAL C 73 8.00 11.37 -2.44
N LEU C 74 6.99 11.57 -3.26
CA LEU C 74 5.68 10.98 -3.00
C LEU C 74 5.80 9.48 -2.75
N VAL C 75 6.66 8.86 -3.53
CA VAL C 75 6.89 7.43 -3.41
C VAL C 75 7.56 7.13 -2.07
N HIS C 76 8.62 7.96 -1.64
CA HIS C 76 9.31 7.74 -0.37
C HIS C 76 8.30 7.71 0.79
N ALA C 77 7.37 8.66 0.78
CA ALA C 77 6.35 8.70 1.80
C ALA C 77 5.38 7.53 1.66
N GLN C 78 5.02 7.21 0.42
CA GLN C 78 4.10 6.10 0.16
C GLN C 78 4.74 4.78 0.59
N LEU C 79 5.99 4.58 0.19
CA LEU C 79 6.71 3.36 0.55
C LEU C 79 6.75 3.17 2.06
N HIS C 80 7.13 4.21 2.79
CA HIS C 80 7.20 4.12 4.24
C HIS C 80 5.81 3.94 4.85
N LEU C 81 4.87 4.73 4.38
CA LEU C 81 3.50 4.67 4.89
C LEU C 81 2.85 3.31 4.59
N MET C 82 3.01 2.84 3.37
CA MET C 82 2.42 1.55 2.98
C MET C 82 3.01 0.42 3.82
N THR C 83 4.32 0.45 3.99
CA THR C 83 5.00 -0.58 4.76
C THR C 83 4.54 -0.55 6.22
N SER C 84 4.53 0.64 6.80
CA SER C 84 4.12 0.80 8.20
C SER C 84 2.67 0.37 8.42
N MET C 85 1.76 0.84 7.56
CA MET C 85 0.35 0.48 7.70
C MET C 85 0.16 -1.04 7.61
N LEU C 86 0.80 -1.65 6.63
CA LEU C 86 0.70 -3.09 6.43
C LEU C 86 1.24 -3.83 7.65
N ALA C 87 2.42 -3.42 8.10
CA ALA C 87 3.05 -4.04 9.25
C ALA C 87 2.13 -3.96 10.47
N ARG C 88 1.61 -2.77 10.71
CA ARG C 88 0.74 -2.55 11.84
C ARG C 88 -0.50 -3.47 11.77
N GLU C 89 -1.11 -3.56 10.59
CA GLU C 89 -2.29 -4.42 10.44
C GLU C 89 -1.95 -5.88 10.74
N LEU C 90 -0.82 -6.35 10.20
CA LEU C 90 -0.40 -7.72 10.44
C LEU C 90 -0.07 -7.92 11.91
N ILE C 91 0.60 -6.95 12.49
CA ILE C 91 0.95 -7.02 13.90
C ILE C 91 -0.33 -7.12 14.73
N THR C 92 -1.36 -6.39 14.32
CA THR C 92 -2.64 -6.46 15.02
C THR C 92 -3.15 -7.89 14.99
N GLU C 93 -3.06 -8.53 13.83
CA GLU C 93 -3.50 -9.92 13.70
C GLU C 93 -2.66 -10.82 14.62
N LEU C 94 -1.36 -10.56 14.63
CA LEU C 94 -0.45 -11.34 15.47
C LEU C 94 -0.84 -11.20 16.94
N ILE C 95 -1.16 -9.98 17.35
CA ILE C 95 -1.57 -9.73 18.73
C ILE C 95 -2.86 -10.51 19.05
N GLU C 96 -3.80 -10.48 18.12
CA GLU C 96 -5.05 -11.21 18.31
C GLU C 96 -4.75 -12.70 18.53
N LEU C 97 -3.78 -13.21 17.77
CA LEU C 97 -3.39 -14.61 17.91
C LEU C 97 -2.85 -14.87 19.32
N HIS C 98 -2.05 -13.94 19.83
CA HIS C 98 -1.52 -14.09 21.18
C HIS C 98 -2.68 -14.22 22.16
N GLU C 99 -3.73 -13.44 21.92
CA GLU C 99 -4.90 -13.49 22.78
C GLU C 99 -5.57 -14.87 22.68
N LYS C 100 -5.65 -15.41 21.46
CA LYS C 100 -6.25 -16.72 21.29
C LYS C 100 -5.38 -17.78 21.95
N LEU C 101 -4.05 -17.58 21.91
CA LEU C 101 -3.12 -18.52 22.55
C LEU C 101 -3.37 -18.53 24.06
N LYS C 102 -4.36 -17.76 24.51
CA LYS C 102 -4.70 -17.67 25.93
C LYS C 102 -3.78 -16.68 26.63
N ALA C 103 -2.48 -16.99 26.61
CA ALA C 103 -1.45 -16.16 27.26
C ALA C 103 -1.80 -14.67 27.21
N LYS D 1 -19.97 26.95 -1.17
CA LYS D 1 -19.08 26.05 -1.96
C LYS D 1 -19.44 24.59 -1.78
N LYS D 2 -19.77 23.94 -2.87
CA LYS D 2 -20.15 22.54 -2.84
C LYS D 2 -18.93 21.62 -2.88
N HIS D 3 -19.02 20.49 -2.19
CA HIS D 3 -17.93 19.52 -2.13
C HIS D 3 -18.12 18.37 -3.08
N ILE D 4 -17.20 18.26 -4.03
CA ILE D 4 -17.22 17.18 -4.99
C ILE D 4 -16.07 16.24 -4.61
N TYR D 5 -16.39 15.03 -4.18
CA TYR D 5 -15.38 14.06 -3.78
C TYR D 5 -15.33 12.90 -4.76
N LEU D 6 -14.13 12.60 -5.26
CA LEU D 6 -13.90 11.48 -6.19
C LEU D 6 -13.25 10.35 -5.40
N PHE D 7 -13.56 9.08 -5.75
CA PHE D 7 -12.86 7.96 -5.12
C PHE D 7 -12.19 7.05 -6.16
N CYS D 8 -11.05 6.45 -5.73
CA CYS D 8 -10.28 5.44 -6.46
C CYS D 8 -9.53 4.56 -5.46
N SER D 9 -8.64 3.65 -5.86
CA SER D 9 -8.07 2.82 -4.80
C SER D 9 -7.19 3.63 -3.87
N ALA D 10 -6.19 4.39 -4.39
CA ALA D 10 -5.28 5.11 -3.50
C ALA D 10 -5.58 6.60 -3.58
N GLY D 11 -5.89 7.11 -4.76
CA GLY D 11 -6.19 8.51 -4.95
C GLY D 11 -5.15 9.20 -5.84
N MET D 12 -4.48 8.48 -6.73
CA MET D 12 -3.47 9.12 -7.59
C MET D 12 -3.97 9.32 -9.01
N SER D 13 -4.07 8.26 -9.75
CA SER D 13 -4.51 8.37 -11.14
C SER D 13 -5.71 9.29 -11.29
N THR D 14 -6.46 9.50 -10.19
CA THR D 14 -7.62 10.37 -10.31
C THR D 14 -7.22 11.77 -9.88
N SER D 15 -6.09 11.83 -9.22
CA SER D 15 -5.48 13.09 -8.76
C SER D 15 -5.20 14.03 -9.93
N LEU D 16 -4.82 13.46 -11.06
CA LEU D 16 -4.55 14.26 -12.24
C LEU D 16 -5.88 14.86 -12.76
N LEU D 17 -6.96 14.07 -12.72
CA LEU D 17 -8.28 14.55 -13.14
C LEU D 17 -8.75 15.68 -12.19
N VAL D 18 -8.54 15.48 -10.88
CA VAL D 18 -8.91 16.50 -9.89
C VAL D 18 -8.18 17.83 -10.15
N SER D 19 -6.89 17.79 -10.47
CA SER D 19 -6.17 19.03 -10.74
C SER D 19 -6.73 19.77 -11.98
N LYS D 20 -7.12 19.03 -13.02
CA LYS D 20 -7.71 19.66 -14.20
C LYS D 20 -9.12 20.20 -13.91
N MET D 21 -9.87 19.50 -13.07
CA MET D 21 -11.22 20.00 -12.73
C MET D 21 -11.08 21.31 -11.94
N ARG D 22 -10.13 21.39 -11.02
CA ARG D 22 -9.91 22.60 -10.21
C ARG D 22 -9.56 23.79 -11.12
N ALA D 23 -8.79 23.54 -12.18
CA ALA D 23 -8.39 24.59 -13.11
C ALA D 23 -9.63 25.14 -13.81
N GLN D 24 -10.50 24.24 -14.24
CA GLN D 24 -11.72 24.61 -14.91
C GLN D 24 -12.67 25.35 -14.00
N ALA D 25 -12.80 24.88 -12.77
CA ALA D 25 -13.69 25.53 -11.80
C ALA D 25 -13.24 26.96 -11.55
N GLU D 26 -11.93 27.20 -11.60
CA GLU D 26 -11.39 28.54 -11.36
C GLU D 26 -11.65 29.43 -12.57
N LYS D 27 -11.43 28.88 -13.76
CA LYS D 27 -11.63 29.59 -14.99
C LYS D 27 -13.07 30.10 -15.12
N TYR D 28 -14.05 29.29 -14.72
CA TYR D 28 -15.48 29.69 -14.80
C TYR D 28 -16.13 30.10 -13.49
N GLU D 29 -15.33 30.35 -12.46
CA GLU D 29 -15.81 30.78 -11.15
C GLU D 29 -16.89 29.89 -10.51
N VAL D 30 -16.76 28.58 -10.66
CA VAL D 30 -17.70 27.63 -10.08
C VAL D 30 -17.27 27.48 -8.62
N PRO D 31 -18.19 27.73 -7.67
CA PRO D 31 -17.91 27.64 -6.23
C PRO D 31 -17.93 26.21 -5.68
N VAL D 32 -16.88 25.46 -6.01
CA VAL D 32 -16.75 24.08 -5.57
C VAL D 32 -15.38 23.76 -5.01
N ILE D 33 -15.35 22.75 -4.14
CA ILE D 33 -14.13 22.22 -3.55
C ILE D 33 -14.09 20.77 -4.09
N ILE D 34 -12.98 20.40 -4.71
CA ILE D 34 -12.79 19.07 -5.32
C ILE D 34 -11.61 18.31 -4.66
N GLU D 35 -11.86 17.09 -4.18
CA GLU D 35 -10.83 16.27 -3.52
C GLU D 35 -10.93 14.82 -4.00
N ALA D 36 -9.78 14.14 -4.09
CA ALA D 36 -9.71 12.73 -4.50
C ALA D 36 -9.34 11.92 -3.25
N PHE D 37 -9.93 10.74 -3.09
CA PHE D 37 -9.64 9.87 -1.95
C PHE D 37 -9.66 8.44 -2.43
N PRO D 38 -9.08 7.53 -1.64
CA PRO D 38 -9.07 6.11 -2.02
C PRO D 38 -10.49 5.61 -1.70
N GLU D 39 -10.91 4.54 -2.35
CA GLU D 39 -12.24 3.96 -2.13
C GLU D 39 -12.51 3.54 -0.69
N THR D 40 -11.46 3.29 0.09
CA THR D 40 -11.63 2.88 1.48
C THR D 40 -12.26 3.95 2.37
N LEU D 41 -12.19 5.21 1.94
CA LEU D 41 -12.77 6.32 2.70
C LEU D 41 -14.15 6.77 2.20
N ALA D 42 -14.74 6.07 1.21
CA ALA D 42 -16.05 6.45 0.63
C ALA D 42 -17.14 6.64 1.68
N GLY D 43 -17.12 5.80 2.71
CA GLY D 43 -18.13 5.91 3.75
C GLY D 43 -17.81 6.98 4.77
N GLU D 44 -16.53 7.16 5.08
CA GLU D 44 -16.15 8.15 6.07
C GLU D 44 -16.16 9.59 5.49
N LYS D 45 -15.52 9.77 4.34
CA LYS D 45 -15.46 11.08 3.70
C LYS D 45 -16.73 11.45 2.92
N GLY D 46 -17.38 10.46 2.32
CA GLY D 46 -18.60 10.70 1.55
C GLY D 46 -19.69 11.43 2.29
N GLN D 47 -19.77 11.23 3.60
CA GLN D 47 -20.79 11.89 4.43
C GLN D 47 -20.74 13.42 4.34
N ASN D 48 -19.59 13.97 3.95
CA ASN D 48 -19.43 15.41 3.87
C ASN D 48 -19.45 15.95 2.45
N ALA D 49 -19.66 15.08 1.48
CA ALA D 49 -19.67 15.54 0.10
C ALA D 49 -21.06 15.97 -0.30
N ASP D 50 -21.11 16.82 -1.31
CA ASP D 50 -22.38 17.25 -1.83
C ASP D 50 -22.73 16.32 -2.99
N VAL D 51 -21.69 15.73 -3.60
CA VAL D 51 -21.88 14.75 -4.67
C VAL D 51 -20.68 13.78 -4.61
N VAL D 52 -20.98 12.49 -4.70
CA VAL D 52 -19.97 11.44 -4.66
C VAL D 52 -19.78 10.85 -6.06
N LEU D 53 -18.55 10.92 -6.57
CA LEU D 53 -18.24 10.38 -7.88
C LEU D 53 -17.30 9.18 -7.73
N LEU D 54 -17.60 8.08 -8.42
CA LEU D 54 -16.75 6.88 -8.36
C LEU D 54 -15.96 6.73 -9.63
N GLY D 55 -14.69 6.35 -9.51
CA GLY D 55 -13.84 6.18 -10.68
C GLY D 55 -14.39 5.02 -11.49
N PRO D 56 -14.13 4.94 -12.76
CA PRO D 56 -14.65 3.83 -13.62
C PRO D 56 -14.23 2.43 -13.16
N GLN D 57 -13.07 2.31 -12.54
CA GLN D 57 -12.57 1.02 -12.08
C GLN D 57 -13.39 0.49 -10.90
N ILE D 58 -14.04 1.38 -10.15
CA ILE D 58 -14.82 0.94 -9.01
C ILE D 58 -16.34 1.02 -9.23
N ALA D 59 -16.75 0.99 -10.49
CA ALA D 59 -18.17 1.04 -10.83
C ALA D 59 -18.94 -0.11 -10.19
N TYR D 60 -18.34 -1.30 -10.13
CA TYR D 60 -19.04 -2.44 -9.55
C TYR D 60 -19.46 -2.21 -8.09
N MET D 61 -18.84 -1.23 -7.44
CA MET D 61 -19.15 -0.89 -6.05
C MET D 61 -20.33 0.08 -5.87
N LEU D 62 -20.89 0.58 -6.97
CA LEU D 62 -21.99 1.54 -6.90
C LEU D 62 -23.13 1.19 -5.93
N PRO D 63 -23.73 -0.02 -6.05
CA PRO D 63 -24.82 -0.37 -5.12
C PRO D 63 -24.43 -0.30 -3.65
N GLU D 64 -23.22 -0.72 -3.30
CA GLU D 64 -22.77 -0.68 -1.91
C GLU D 64 -22.60 0.74 -1.42
N ILE D 65 -22.02 1.59 -2.25
CA ILE D 65 -21.83 2.99 -1.85
C ILE D 65 -23.16 3.74 -1.71
N GLN D 66 -24.12 3.42 -2.59
CA GLN D 66 -25.46 4.00 -2.52
C GLN D 66 -26.13 3.64 -1.18
N ARG D 67 -26.00 2.39 -0.73
CA ARG D 67 -26.60 1.98 0.55
C ARG D 67 -25.89 2.63 1.74
N LEU D 68 -24.60 2.88 1.59
CA LEU D 68 -23.77 3.49 2.64
C LEU D 68 -24.11 4.97 2.82
N LEU D 69 -24.39 5.65 1.70
CA LEU D 69 -24.73 7.09 1.68
C LEU D 69 -26.11 7.27 1.01
N PRO D 70 -27.20 6.87 1.69
CA PRO D 70 -28.55 6.99 1.13
C PRO D 70 -29.03 8.44 0.93
N ASN D 71 -28.35 9.38 1.56
CA ASN D 71 -28.75 10.79 1.44
C ASN D 71 -27.82 11.63 0.57
N LYS D 72 -27.08 10.99 -0.33
CA LYS D 72 -26.14 11.69 -1.21
C LYS D 72 -26.26 11.20 -2.63
N PRO D 73 -26.13 12.10 -3.63
CA PRO D 73 -26.21 11.62 -5.02
C PRO D 73 -24.85 10.97 -5.27
N VAL D 74 -24.87 9.73 -5.75
CA VAL D 74 -23.64 8.96 -6.02
C VAL D 74 -23.64 8.48 -7.46
N GLU D 75 -22.58 8.72 -8.19
CA GLU D 75 -22.53 8.22 -9.55
C GLU D 75 -21.13 7.95 -10.07
N VAL D 76 -21.06 7.12 -11.10
CA VAL D 76 -19.80 6.72 -11.71
C VAL D 76 -19.40 7.72 -12.78
N ILE D 77 -18.11 8.03 -12.84
CA ILE D 77 -17.58 8.96 -13.83
C ILE D 77 -17.54 8.27 -15.17
N ASP D 78 -17.96 8.97 -16.21
CA ASP D 78 -17.94 8.40 -17.55
C ASP D 78 -16.51 7.95 -17.89
N SER D 79 -16.33 6.69 -18.28
CA SER D 79 -14.99 6.17 -18.58
C SER D 79 -14.18 6.90 -19.65
N LEU D 80 -14.87 7.44 -20.65
CA LEU D 80 -14.19 8.17 -21.73
C LEU D 80 -13.73 9.53 -21.23
N LEU D 81 -14.58 10.18 -20.45
CA LEU D 81 -14.26 11.49 -19.90
C LEU D 81 -13.10 11.33 -18.94
N TYR D 82 -13.10 10.21 -18.22
CA TYR D 82 -12.04 9.90 -17.25
C TYR D 82 -10.71 9.58 -17.95
N GLY D 83 -10.75 8.68 -18.92
CA GLY D 83 -9.54 8.32 -19.64
C GLY D 83 -8.87 9.50 -20.31
N LYS D 84 -9.68 10.37 -20.87
CA LYS D 84 -9.22 11.56 -21.59
C LYS D 84 -8.79 12.70 -20.65
N VAL D 85 -9.07 12.52 -19.35
CA VAL D 85 -8.77 13.52 -18.31
C VAL D 85 -9.47 14.86 -18.61
N ASP D 86 -10.76 14.77 -18.94
CA ASP D 86 -11.57 15.95 -19.28
C ASP D 86 -12.09 16.63 -18.03
N GLY D 87 -11.29 17.56 -17.51
CA GLY D 87 -11.64 18.31 -16.31
C GLY D 87 -12.94 19.07 -16.45
N LEU D 88 -13.16 19.73 -17.60
CA LEU D 88 -14.39 20.49 -17.80
C LEU D 88 -15.63 19.58 -17.87
N GLY D 89 -15.50 18.50 -18.64
CA GLY D 89 -16.59 17.56 -18.81
C GLY D 89 -17.07 16.91 -17.53
N VAL D 90 -16.12 16.49 -16.69
CA VAL D 90 -16.48 15.84 -15.42
C VAL D 90 -17.04 16.88 -14.45
N LEU D 91 -16.47 18.08 -14.49
CA LEU D 91 -16.97 19.15 -13.63
C LEU D 91 -18.46 19.39 -14.00
N LYS D 92 -18.76 19.42 -15.30
CA LYS D 92 -20.15 19.61 -15.75
C LYS D 92 -21.09 18.52 -15.24
N ALA D 93 -20.64 17.27 -15.30
CA ALA D 93 -21.47 16.14 -14.85
C ALA D 93 -21.76 16.21 -13.35
N ALA D 94 -20.78 16.72 -12.60
CA ALA D 94 -20.90 16.82 -11.15
C ALA D 94 -21.90 17.90 -10.75
N VAL D 95 -21.80 19.06 -11.40
CA VAL D 95 -22.72 20.17 -11.13
C VAL D 95 -24.13 19.69 -11.49
N ALA D 96 -24.25 18.98 -12.61
CA ALA D 96 -25.54 18.45 -13.04
C ALA D 96 -26.13 17.51 -11.99
N ALA D 97 -25.33 16.57 -11.49
CA ALA D 97 -25.85 15.64 -10.49
C ALA D 97 -26.36 16.40 -9.26
N ILE D 98 -25.70 17.51 -8.93
CA ILE D 98 -26.12 18.32 -7.78
C ILE D 98 -27.46 19.01 -8.03
N LYS D 99 -27.63 19.58 -9.24
CA LYS D 99 -28.87 20.26 -9.62
C LYS D 99 -30.01 19.26 -9.71
N LYS D 100 -29.80 18.19 -10.45
CA LYS D 100 -30.83 17.18 -10.59
C LYS D 100 -31.20 16.60 -9.22
N ALA D 101 -30.34 16.79 -8.23
CA ALA D 101 -30.58 16.28 -6.88
C ALA D 101 -31.37 17.24 -6.00
N ALA D 102 -31.14 18.54 -6.18
CA ALA D 102 -31.83 19.57 -5.43
C ALA D 102 -33.22 19.88 -6.02
N ALA D 103 -33.60 19.13 -7.06
CA ALA D 103 -34.88 19.29 -7.72
C ALA D 103 -35.05 18.26 -8.85
P PO3 E . -4.78 5.43 -7.21
O1 PO3 E . -4.16 6.21 -6.05
O2 PO3 E . -5.24 4.01 -7.00
O3 PO3 E . -4.74 6.00 -8.61
N ALA A 1 0.74 7.29 -18.60
CA ALA A 1 0.24 7.59 -19.96
C ALA A 1 -1.09 6.86 -20.17
N GLU A 2 -1.77 7.18 -21.26
CA GLU A 2 -3.08 6.58 -21.60
C GLU A 2 -3.28 5.20 -20.95
N GLU A 3 -2.80 4.17 -21.63
CA GLU A 3 -2.95 2.80 -21.13
C GLU A 3 -2.16 2.60 -19.84
N LEU A 4 -0.84 2.78 -19.91
CA LEU A 4 0.01 2.60 -18.74
C LEU A 4 -0.63 3.20 -17.48
N GLU A 5 -1.21 4.38 -17.61
CA GLU A 5 -1.84 5.05 -16.47
C GLU A 5 -3.12 4.34 -16.08
N GLU A 6 -3.94 4.01 -17.07
CA GLU A 6 -5.19 3.30 -16.82
C GLU A 6 -4.88 1.88 -16.34
N VAL A 7 -3.80 1.31 -16.88
CA VAL A 7 -3.37 -0.03 -16.50
C VAL A 7 -2.93 -0.05 -15.03
N VAL A 8 -2.20 0.99 -14.63
CA VAL A 8 -1.73 1.10 -13.25
C VAL A 8 -2.95 1.16 -12.33
N MET A 9 -3.95 1.96 -12.70
CA MET A 9 -5.17 2.06 -11.90
C MET A 9 -5.77 0.67 -11.73
N GLY A 10 -5.81 -0.09 -12.82
CA GLY A 10 -6.34 -1.45 -12.77
C GLY A 10 -5.49 -2.31 -11.83
N LEU A 11 -4.17 -2.17 -11.95
CA LEU A 11 -3.26 -2.93 -11.10
C LEU A 11 -3.45 -2.56 -9.64
N ILE A 12 -3.57 -1.27 -9.37
CA ILE A 12 -3.76 -0.80 -8.00
C ILE A 12 -5.06 -1.36 -7.46
N ILE A 13 -6.11 -1.29 -8.26
CA ILE A 13 -7.40 -1.82 -7.85
C ILE A 13 -7.30 -3.33 -7.65
N ASN A 14 -6.65 -4.01 -8.60
CA ASN A 14 -6.47 -5.45 -8.53
C ASN A 14 -5.71 -5.82 -7.26
N SER A 15 -4.61 -5.11 -7.03
CA SER A 15 -3.81 -5.35 -5.83
C SER A 15 -4.65 -5.14 -4.57
N GLY A 16 -5.44 -4.06 -4.60
CA GLY A 16 -6.32 -3.75 -3.47
C GLY A 16 -7.35 -4.86 -3.26
N GLN A 17 -7.95 -5.32 -4.36
CA GLN A 17 -8.94 -6.40 -4.27
C GLN A 17 -8.27 -7.65 -3.72
N ALA A 18 -7.05 -7.92 -4.18
CA ALA A 18 -6.31 -9.09 -3.72
C ALA A 18 -6.15 -9.04 -2.21
N ARG A 19 -5.70 -7.91 -1.69
CA ARG A 19 -5.55 -7.77 -0.25
C ARG A 19 -6.90 -7.95 0.43
N SER A 20 -7.91 -7.28 -0.11
CA SER A 20 -9.25 -7.36 0.44
C SER A 20 -9.68 -8.83 0.57
N LEU A 21 -9.47 -9.59 -0.49
CA LEU A 21 -9.81 -11.01 -0.48
C LEU A 21 -8.97 -11.74 0.58
N ALA A 22 -7.69 -11.40 0.63
CA ALA A 22 -6.79 -12.03 1.60
C ALA A 22 -7.30 -11.80 3.03
N TYR A 23 -7.59 -10.55 3.38
CA TYR A 23 -8.10 -10.25 4.72
C TYR A 23 -9.41 -11.00 4.93
N ALA A 24 -10.25 -11.03 3.90
CA ALA A 24 -11.51 -11.73 3.99
C ALA A 24 -11.24 -13.22 4.25
N ALA A 25 -10.23 -13.75 3.56
CA ALA A 25 -9.84 -15.14 3.75
C ALA A 25 -9.48 -15.38 5.21
N LEU A 26 -8.72 -14.46 5.78
CA LEU A 26 -8.32 -14.57 7.18
C LEU A 26 -9.56 -14.55 8.07
N LYS A 27 -10.48 -13.64 7.77
CA LYS A 27 -11.71 -13.53 8.54
C LYS A 27 -12.45 -14.87 8.56
N GLN A 28 -12.48 -15.54 7.41
CA GLN A 28 -13.15 -16.84 7.31
C GLN A 28 -12.48 -17.81 8.28
N ALA A 29 -11.15 -17.75 8.35
CA ALA A 29 -10.39 -18.62 9.24
C ALA A 29 -10.80 -18.38 10.69
N LYS A 30 -10.95 -17.12 11.05
CA LYS A 30 -11.36 -16.77 12.41
C LYS A 30 -12.72 -17.37 12.73
N GLN A 31 -13.58 -17.50 11.72
CA GLN A 31 -14.89 -18.08 11.93
C GLN A 31 -14.80 -19.60 11.96
N GLY A 32 -13.60 -20.12 11.77
CA GLY A 32 -13.37 -21.56 11.81
C GLY A 32 -13.71 -22.21 10.47
N ASP A 33 -13.83 -21.40 9.43
CA ASP A 33 -14.15 -21.90 8.09
C ASP A 33 -12.88 -22.06 7.26
N PHE A 34 -12.18 -23.18 7.47
CA PHE A 34 -10.93 -23.42 6.73
C PHE A 34 -11.18 -23.60 5.24
N ALA A 35 -12.31 -24.21 4.89
CA ALA A 35 -12.63 -24.46 3.49
C ALA A 35 -12.77 -23.14 2.72
N ALA A 36 -13.56 -22.23 3.26
CA ALA A 36 -13.76 -20.95 2.60
C ALA A 36 -12.46 -20.14 2.60
N ALA A 37 -11.70 -20.23 3.68
CA ALA A 37 -10.43 -19.52 3.75
C ALA A 37 -9.52 -19.99 2.60
N LYS A 38 -9.36 -21.30 2.49
CA LYS A 38 -8.53 -21.90 1.45
C LYS A 38 -8.96 -21.42 0.06
N ALA A 39 -10.26 -21.45 -0.21
CA ALA A 39 -10.77 -21.03 -1.51
C ALA A 39 -10.47 -19.57 -1.79
N MET A 40 -10.61 -18.74 -0.76
CA MET A 40 -10.36 -17.30 -0.90
C MET A 40 -8.88 -17.03 -1.18
N MET A 41 -7.98 -17.76 -0.50
CA MET A 41 -6.55 -17.56 -0.72
C MET A 41 -6.19 -17.92 -2.15
N ASP A 42 -6.77 -19.01 -2.65
CA ASP A 42 -6.47 -19.48 -3.99
C ASP A 42 -6.83 -18.42 -5.02
N GLN A 43 -8.03 -17.87 -4.88
CA GLN A 43 -8.48 -16.82 -5.80
C GLN A 43 -7.61 -15.59 -5.67
N SER A 44 -7.25 -15.24 -4.44
CA SER A 44 -6.40 -14.08 -4.20
C SER A 44 -5.06 -14.28 -4.91
N ARG A 45 -4.49 -15.47 -4.78
CA ARG A 45 -3.22 -15.82 -5.43
C ARG A 45 -3.32 -15.66 -6.95
N MET A 46 -4.40 -16.18 -7.51
CA MET A 46 -4.63 -16.11 -8.95
C MET A 46 -4.72 -14.65 -9.40
N ALA A 47 -5.41 -13.83 -8.62
CA ALA A 47 -5.56 -12.41 -8.94
C ALA A 47 -4.19 -11.74 -9.00
N LEU A 48 -3.35 -12.05 -8.02
CA LEU A 48 -2.00 -11.49 -7.95
C LEU A 48 -1.15 -11.98 -9.12
N ASN A 49 -1.29 -13.26 -9.41
CA ASN A 49 -0.51 -13.87 -10.48
C ASN A 49 -0.77 -13.15 -11.80
N GLU A 50 -2.04 -12.89 -12.07
CA GLU A 50 -2.41 -12.17 -13.29
C GLU A 50 -1.86 -10.75 -13.23
N ALA A 51 -1.97 -10.13 -12.05
CA ALA A 51 -1.47 -8.77 -11.87
C ALA A 51 0.06 -8.75 -12.05
N HIS A 52 0.73 -9.71 -11.44
CA HIS A 52 2.19 -9.81 -11.54
C HIS A 52 2.61 -10.01 -13.00
N LEU A 53 1.86 -10.83 -13.72
CA LEU A 53 2.16 -11.11 -15.12
C LEU A 53 2.11 -9.82 -15.93
N VAL A 54 1.08 -9.02 -15.68
CA VAL A 54 0.94 -7.75 -16.38
C VAL A 54 2.11 -6.84 -16.04
N GLN A 55 2.46 -6.79 -14.76
CA GLN A 55 3.59 -5.96 -14.34
C GLN A 55 4.88 -6.45 -15.01
N THR A 56 5.08 -7.76 -15.08
CA THR A 56 6.28 -8.32 -15.72
C THR A 56 6.46 -7.71 -17.11
N LYS A 57 5.37 -7.66 -17.88
CA LYS A 57 5.43 -7.06 -19.22
C LYS A 57 5.76 -5.59 -19.10
N LEU A 58 5.18 -4.94 -18.10
CA LEU A 58 5.43 -3.52 -17.90
C LEU A 58 6.87 -3.24 -17.48
N ILE A 59 7.58 -4.25 -16.98
CA ILE A 59 8.99 -4.06 -16.60
C ILE A 59 9.93 -4.47 -17.76
N GLU A 60 9.55 -5.49 -18.53
CA GLU A 60 10.37 -5.95 -19.66
C GLU A 60 10.46 -4.88 -20.74
N GLY A 61 9.34 -4.20 -21.01
CA GLY A 61 9.31 -3.17 -22.03
C GLY A 61 9.20 -1.78 -21.42
N ASP A 62 9.80 -1.60 -20.24
CA ASP A 62 9.75 -0.32 -19.54
C ASP A 62 10.49 0.78 -20.32
N ALA A 63 11.17 0.39 -21.40
CA ALA A 63 11.90 1.36 -22.21
C ALA A 63 10.97 2.06 -23.19
N GLY A 64 11.49 3.07 -23.89
CA GLY A 64 10.68 3.81 -24.86
C GLY A 64 10.81 5.32 -24.66
N GLU A 65 10.45 5.80 -23.47
CA GLU A 65 10.53 7.23 -23.19
C GLU A 65 11.97 7.72 -23.18
N GLY A 66 12.86 6.90 -22.64
CA GLY A 66 14.28 7.27 -22.58
C GLY A 66 15.15 6.04 -22.36
N LYS A 67 16.47 6.25 -22.44
CA LYS A 67 17.41 5.15 -22.27
C LYS A 67 17.39 4.63 -20.82
N MET A 68 18.11 5.32 -19.94
CA MET A 68 18.20 4.93 -18.54
C MET A 68 16.88 5.05 -17.79
N LYS A 69 16.13 6.12 -18.08
CA LYS A 69 14.87 6.35 -17.37
C LYS A 69 13.76 5.39 -17.80
N VAL A 70 12.84 5.14 -16.87
CA VAL A 70 11.71 4.23 -17.10
C VAL A 70 10.41 4.88 -16.65
N SER A 71 9.28 4.23 -16.95
CA SER A 71 7.98 4.77 -16.55
C SER A 71 7.94 4.91 -15.03
N LEU A 72 7.54 6.10 -14.57
CA LEU A 72 7.48 6.40 -13.14
C LEU A 72 6.43 5.55 -12.41
N VAL A 73 5.30 5.39 -13.07
CA VAL A 73 4.18 4.62 -12.52
C VAL A 73 4.55 3.16 -12.22
N LEU A 74 5.65 2.70 -12.79
CA LEU A 74 6.07 1.32 -12.52
C LEU A 74 6.21 1.09 -11.03
N VAL A 75 6.57 2.17 -10.32
CA VAL A 75 6.77 2.11 -8.88
C VAL A 75 5.43 1.96 -8.20
N HIS A 76 4.16 2.93 -8.60
CA HIS A 76 2.79 2.86 -8.03
C HIS A 76 2.26 1.45 -8.14
N ALA A 77 2.63 0.76 -9.23
CA ALA A 77 2.19 -0.61 -9.45
C ALA A 77 3.04 -1.59 -8.64
N GLN A 78 4.36 -1.47 -8.72
CA GLN A 78 5.25 -2.39 -8.02
C GLN A 78 5.01 -2.31 -6.52
N LEU A 79 4.96 -1.09 -6.01
CA LEU A 79 4.72 -0.86 -4.59
C LEU A 79 3.44 -1.54 -4.13
N HIS A 80 2.35 -1.32 -4.85
CA HIS A 80 1.08 -1.91 -4.47
C HIS A 80 1.12 -3.44 -4.62
N LEU A 81 1.65 -3.90 -5.74
CA LEU A 81 1.74 -5.34 -5.99
C LEU A 81 2.64 -6.04 -4.98
N MET A 82 3.80 -5.45 -4.70
CA MET A 82 4.74 -6.05 -3.75
C MET A 82 4.11 -6.14 -2.37
N THR A 83 3.46 -5.05 -1.96
CA THR A 83 2.81 -5.00 -0.65
C THR A 83 1.69 -6.04 -0.56
N SER A 84 0.84 -6.07 -1.58
CA SER A 84 -0.29 -7.01 -1.61
C SER A 84 0.20 -8.46 -1.60
N MET A 85 1.16 -8.78 -2.45
CA MET A 85 1.69 -10.14 -2.51
C MET A 85 2.26 -10.57 -1.18
N LEU A 86 3.07 -9.70 -0.59
CA LEU A 86 3.68 -10.00 0.70
C LEU A 86 2.61 -10.19 1.78
N ALA A 87 1.64 -9.28 1.79
CA ALA A 87 0.56 -9.36 2.76
C ALA A 87 -0.15 -10.70 2.67
N ARG A 88 -0.49 -11.10 1.47
CA ARG A 88 -1.18 -12.37 1.27
C ARG A 88 -0.35 -13.55 1.78
N GLU A 89 0.93 -13.57 1.45
CA GLU A 89 1.77 -14.67 1.88
C GLU A 89 1.79 -14.78 3.39
N LEU A 90 1.95 -13.65 4.06
CA LEU A 90 1.96 -13.64 5.51
C LEU A 90 0.58 -14.03 6.05
N ILE A 91 -0.46 -13.51 5.42
CA ILE A 91 -1.82 -13.85 5.84
C ILE A 91 -2.03 -15.35 5.69
N THR A 92 -1.50 -15.92 4.61
CA THR A 92 -1.60 -17.37 4.40
C THR A 92 -0.98 -18.10 5.59
N GLU A 93 0.20 -17.64 6.01
CA GLU A 93 0.88 -18.23 7.16
C GLU A 93 0.02 -18.08 8.40
N LEU A 94 -0.57 -16.89 8.56
CA LEU A 94 -1.43 -16.62 9.72
C LEU A 94 -2.62 -17.59 9.71
N ILE A 95 -3.20 -17.80 8.55
CA ILE A 95 -4.34 -18.73 8.44
C ILE A 95 -3.90 -20.14 8.83
N GLU A 96 -2.72 -20.56 8.36
CA GLU A 96 -2.22 -21.88 8.71
C GLU A 96 -2.08 -22.00 10.22
N LEU A 97 -1.64 -20.91 10.87
CA LEU A 97 -1.51 -20.92 12.32
C LEU A 97 -2.88 -21.12 12.98
N HIS A 98 -3.89 -20.46 12.44
CA HIS A 98 -5.25 -20.62 12.98
C HIS A 98 -5.63 -22.08 12.92
N GLU A 99 -5.25 -22.75 11.84
CA GLU A 99 -5.55 -24.17 11.68
C GLU A 99 -4.81 -24.98 12.74
N LYS A 100 -3.56 -24.62 13.01
CA LYS A 100 -2.79 -25.32 14.02
C LYS A 100 -3.39 -25.06 15.41
N LEU A 101 -3.92 -23.84 15.61
CA LEU A 101 -4.56 -23.49 16.88
C LEU A 101 -5.80 -24.37 17.09
N LYS A 102 -6.02 -25.30 16.15
CA LYS A 102 -7.18 -26.20 16.21
C LYS A 102 -8.43 -25.52 15.71
N ALA A 103 -8.82 -24.42 16.39
CA ALA A 103 -10.03 -23.67 16.04
C ALA A 103 -10.30 -23.65 14.53
N ALA B 1 22.66 3.11 -13.51
CA ALA B 1 23.97 3.34 -14.19
C ALA B 1 24.86 2.13 -13.94
N GLU B 2 26.00 2.08 -14.64
CA GLU B 2 26.95 0.97 -14.53
C GLU B 2 26.86 0.24 -13.18
N GLU B 3 27.57 0.74 -12.19
CA GLU B 3 27.58 0.13 -10.87
C GLU B 3 26.22 0.21 -10.20
N LEU B 4 25.72 1.44 -10.02
CA LEU B 4 24.42 1.61 -9.38
C LEU B 4 23.38 0.61 -9.91
N GLU B 5 23.37 0.41 -11.22
CA GLU B 5 22.42 -0.52 -11.83
C GLU B 5 22.76 -1.95 -11.47
N GLU B 6 24.03 -2.30 -11.57
CA GLU B 6 24.50 -3.63 -11.23
C GLU B 6 24.38 -3.85 -9.73
N VAL B 7 24.60 -2.79 -8.97
CA VAL B 7 24.51 -2.85 -7.52
C VAL B 7 23.05 -3.11 -7.10
N VAL B 8 22.12 -2.44 -7.77
CA VAL B 8 20.69 -2.63 -7.49
C VAL B 8 20.33 -4.08 -7.74
N MET B 9 20.80 -4.63 -8.86
CA MET B 9 20.52 -6.03 -9.18
C MET B 9 21.01 -6.91 -8.03
N GLY B 10 22.21 -6.62 -7.53
CA GLY B 10 22.75 -7.37 -6.41
C GLY B 10 21.86 -7.21 -5.19
N LEU B 11 21.44 -5.98 -4.93
CA LEU B 11 20.56 -5.70 -3.79
C LEU B 11 19.24 -6.44 -3.93
N ILE B 12 18.67 -6.41 -5.13
CA ILE B 12 17.40 -7.09 -5.38
C ILE B 12 17.57 -8.58 -5.14
N ILE B 13 18.66 -9.12 -5.68
CA ILE B 13 18.94 -10.54 -5.50
C ILE B 13 19.17 -10.83 -4.02
N ASN B 14 19.95 -9.98 -3.36
CA ASN B 14 20.24 -10.16 -1.94
C ASN B 14 18.94 -10.10 -1.13
N SER B 15 18.11 -9.11 -1.42
CA SER B 15 16.83 -8.99 -0.74
C SER B 15 15.98 -10.23 -0.97
N GLY B 16 15.99 -10.71 -2.22
CA GLY B 16 15.23 -11.91 -2.57
C GLY B 16 15.76 -13.12 -1.81
N GLN B 17 17.08 -13.25 -1.75
CA GLN B 17 17.68 -14.37 -1.03
C GLN B 17 17.31 -14.28 0.45
N ALA B 18 17.35 -13.06 0.98
CA ALA B 18 17.00 -12.84 2.37
C ALA B 18 15.60 -13.36 2.66
N ARG B 19 14.64 -12.97 1.84
CA ARG B 19 13.27 -13.44 2.02
C ARG B 19 13.24 -14.96 1.90
N SER B 20 13.90 -15.47 0.86
CA SER B 20 13.94 -16.91 0.64
C SER B 20 14.41 -17.63 1.89
N LEU B 21 15.50 -17.13 2.48
CA LEU B 21 16.04 -17.73 3.71
C LEU B 21 15.01 -17.60 4.83
N ALA B 22 14.37 -16.44 4.93
CA ALA B 22 13.37 -16.20 5.97
C ALA B 22 12.24 -17.23 5.85
N TYR B 23 11.67 -17.38 4.65
CA TYR B 23 10.60 -18.36 4.46
C TYR B 23 11.12 -19.75 4.79
N ALA B 24 12.36 -20.04 4.38
CA ALA B 24 12.95 -21.33 4.67
C ALA B 24 13.06 -21.49 6.19
N ALA B 25 13.43 -20.41 6.87
CA ALA B 25 13.53 -20.43 8.33
C ALA B 25 12.18 -20.80 8.92
N LEU B 26 11.12 -20.21 8.39
CA LEU B 26 9.78 -20.50 8.86
C LEU B 26 9.45 -21.97 8.62
N LYS B 27 9.80 -22.46 7.44
CA LYS B 27 9.55 -23.86 7.11
C LYS B 27 10.21 -24.78 8.14
N GLN B 28 11.43 -24.43 8.54
CA GLN B 28 12.13 -25.23 9.56
C GLN B 28 11.31 -25.26 10.84
N ALA B 29 10.74 -24.11 11.19
CA ALA B 29 9.91 -24.02 12.40
C ALA B 29 8.73 -24.97 12.31
N LYS B 30 8.09 -25.01 11.14
CA LYS B 30 6.95 -25.90 10.94
C LYS B 30 7.36 -27.35 11.16
N GLN B 31 8.62 -27.67 10.83
CA GLN B 31 9.10 -29.04 11.01
C GLN B 31 9.46 -29.28 12.48
N GLY B 32 9.32 -28.24 13.29
CA GLY B 32 9.63 -28.35 14.72
C GLY B 32 11.13 -28.18 14.99
N ASP B 33 11.86 -27.66 14.00
CA ASP B 33 13.29 -27.46 14.14
C ASP B 33 13.60 -26.02 14.53
N PHE B 34 13.47 -25.71 15.81
CA PHE B 34 13.73 -24.34 16.29
C PHE B 34 15.18 -23.94 16.10
N ALA B 35 16.09 -24.90 16.27
CA ALA B 35 17.52 -24.60 16.15
C ALA B 35 17.86 -24.12 14.74
N ALA B 36 17.43 -24.87 13.74
CA ALA B 36 17.71 -24.50 12.36
C ALA B 36 16.98 -23.20 12.01
N ALA B 37 15.77 -23.03 12.51
CA ALA B 37 15.03 -21.80 12.24
C ALA B 37 15.82 -20.61 12.74
N LYS B 38 16.23 -20.68 14.02
CA LYS B 38 17.01 -19.60 14.63
C LYS B 38 18.27 -19.27 13.81
N ALA B 39 18.99 -20.29 13.40
CA ALA B 39 20.21 -20.10 12.61
C ALA B 39 19.91 -19.41 11.28
N MET B 40 18.83 -19.82 10.64
CA MET B 40 18.44 -19.26 9.36
C MET B 40 18.05 -17.78 9.51
N MET B 41 17.32 -17.45 10.57
CA MET B 41 16.92 -16.06 10.78
C MET B 41 18.15 -15.17 10.97
N ASP B 42 19.12 -15.68 11.73
CA ASP B 42 20.33 -14.93 12.01
C ASP B 42 21.06 -14.57 10.73
N GLN B 43 21.21 -15.58 9.86
CA GLN B 43 21.88 -15.36 8.59
C GLN B 43 21.08 -14.40 7.72
N SER B 44 19.76 -14.54 7.73
CA SER B 44 18.91 -13.65 6.95
C SER B 44 19.13 -12.20 7.41
N ARG B 45 19.14 -12.00 8.73
CA ARG B 45 19.35 -10.68 9.30
C ARG B 45 20.69 -10.09 8.83
N MET B 46 21.74 -10.90 8.89
CA MET B 46 23.07 -10.45 8.49
C MET B 46 23.05 -10.04 7.02
N ALA B 47 22.37 -10.84 6.20
CA ALA B 47 22.27 -10.53 4.77
C ALA B 47 21.58 -9.19 4.56
N LEU B 48 20.50 -8.97 5.31
CA LEU B 48 19.75 -7.72 5.21
C LEU B 48 20.59 -6.55 5.72
N ASN B 49 21.30 -6.78 6.81
CA ASN B 49 22.13 -5.75 7.40
C ASN B 49 23.18 -5.26 6.40
N GLU B 50 23.83 -6.19 5.73
CA GLU B 50 24.82 -5.83 4.72
C GLU B 50 24.17 -5.10 3.57
N ALA B 51 23.00 -5.58 3.17
CA ALA B 51 22.25 -4.96 2.08
C ALA B 51 21.83 -3.54 2.48
N HIS B 52 21.32 -3.41 3.70
CA HIS B 52 20.88 -2.11 4.21
C HIS B 52 22.06 -1.13 4.27
N LEU B 53 23.22 -1.64 4.69
CA LEU B 53 24.42 -0.80 4.79
C LEU B 53 24.77 -0.23 3.41
N VAL B 54 24.71 -1.09 2.40
CA VAL B 54 25.03 -0.66 1.04
C VAL B 54 24.01 0.40 0.61
N GLN B 55 22.73 0.16 0.90
CA GLN B 55 21.70 1.13 0.53
C GLN B 55 21.96 2.45 1.25
N THR B 56 22.32 2.39 2.54
CA THR B 56 22.60 3.61 3.30
C THR B 56 23.57 4.50 2.53
N LYS B 57 24.65 3.90 2.04
CA LYS B 57 25.62 4.66 1.25
C LYS B 57 24.97 5.20 -0.01
N LEU B 58 24.12 4.39 -0.61
CA LEU B 58 23.44 4.78 -1.84
C LEU B 58 22.45 5.93 -1.59
N ILE B 59 22.02 6.12 -0.32
CA ILE B 59 21.11 7.23 -0.01
C ILE B 59 21.88 8.48 0.45
N GLU B 60 23.00 8.27 1.16
CA GLU B 60 23.81 9.39 1.64
C GLU B 60 24.42 10.17 0.46
N GLY B 61 24.86 9.43 -0.55
CA GLY B 61 25.49 10.05 -1.72
C GLY B 61 24.59 9.96 -2.95
N ASP B 62 23.28 10.02 -2.73
CA ASP B 62 22.32 9.93 -3.82
C ASP B 62 22.41 11.14 -4.77
N ALA B 63 23.21 12.12 -4.40
CA ALA B 63 23.36 13.32 -5.23
C ALA B 63 24.37 13.07 -6.34
N GLY B 64 24.50 14.03 -7.26
CA GLY B 64 25.44 13.90 -8.37
C GLY B 64 24.78 14.23 -9.71
N GLU B 65 23.73 13.48 -10.05
CA GLU B 65 23.03 13.70 -11.32
C GLU B 65 22.34 15.07 -11.33
N GLY B 66 21.76 15.45 -10.20
CA GLY B 66 21.07 16.73 -10.11
C GLY B 66 20.91 17.16 -8.66
N LYS B 67 20.42 18.38 -8.47
CA LYS B 67 20.23 18.92 -7.13
C LYS B 67 19.13 18.16 -6.38
N MET B 68 17.88 18.54 -6.66
CA MET B 68 16.72 17.93 -6.01
C MET B 68 16.52 16.47 -6.40
N LYS B 69 16.75 16.13 -7.66
CA LYS B 69 16.54 14.76 -8.14
C LYS B 69 17.62 13.80 -7.64
N VAL B 70 17.22 12.52 -7.52
CA VAL B 70 18.11 11.47 -7.05
C VAL B 70 18.02 10.24 -7.98
N SER B 71 18.89 9.26 -7.76
CA SER B 71 18.88 8.05 -8.59
C SER B 71 17.52 7.37 -8.49
N LEU B 72 16.93 7.04 -9.64
CA LEU B 72 15.60 6.45 -9.66
C LEU B 72 15.59 5.04 -9.04
N VAL B 73 16.65 4.30 -9.35
CA VAL B 73 16.80 2.93 -8.88
C VAL B 73 16.83 2.84 -7.34
N LEU B 74 17.06 3.95 -6.67
CA LEU B 74 17.05 3.94 -5.22
C LEU B 74 15.75 3.37 -4.69
N VAL B 75 14.67 3.70 -5.39
CA VAL B 75 13.34 3.22 -5.02
C VAL B 75 13.29 1.70 -5.16
N HIS B 76 13.81 1.10 -6.35
CA HIS B 76 13.81 -0.34 -6.56
C HIS B 76 14.52 -1.05 -5.40
N ALA B 77 15.67 -0.54 -5.02
CA ALA B 77 16.44 -1.14 -3.95
C ALA B 77 15.72 -0.97 -2.61
N GLN B 78 15.17 0.23 -2.38
CA GLN B 78 14.48 0.50 -1.13
C GLN B 78 13.21 -0.35 -1.04
N LEU B 79 12.44 -0.39 -2.12
CA LEU B 79 11.22 -1.18 -2.14
C LEU B 79 11.49 -2.65 -1.82
N HIS B 80 12.48 -3.23 -2.48
CA HIS B 80 12.80 -4.62 -2.24
C HIS B 80 13.36 -4.83 -0.84
N LEU B 81 14.27 -3.95 -0.44
CA LEU B 81 14.88 -4.06 0.89
C LEU B 81 13.85 -3.85 2.00
N MET B 82 13.00 -2.85 1.86
CA MET B 82 11.98 -2.57 2.87
C MET B 82 11.02 -3.75 3.01
N THR B 83 10.59 -4.28 1.87
CA THR B 83 9.67 -5.41 1.87
C THR B 83 10.32 -6.64 2.50
N SER B 84 11.55 -6.94 2.10
CA SER B 84 12.26 -8.09 2.64
C SER B 84 12.50 -7.97 4.14
N MET B 85 12.97 -6.81 4.58
CA MET B 85 13.24 -6.60 6.01
C MET B 85 11.96 -6.76 6.83
N LEU B 86 10.89 -6.14 6.36
CA LEU B 86 9.61 -6.21 7.06
C LEU B 86 9.11 -7.65 7.12
N ALA B 87 9.17 -8.33 5.98
CA ALA B 87 8.72 -9.71 5.90
C ALA B 87 9.49 -10.58 6.88
N ARG B 88 10.79 -10.44 6.86
CA ARG B 88 11.65 -11.22 7.75
C ARG B 88 11.28 -10.97 9.21
N GLU B 89 11.08 -9.70 9.59
CA GLU B 89 10.75 -9.38 10.97
C GLU B 89 9.43 -10.05 11.37
N LEU B 90 8.44 -9.96 10.50
CA LEU B 90 7.14 -10.56 10.78
C LEU B 90 7.28 -12.08 10.84
N ILE B 91 8.06 -12.63 9.92
CA ILE B 91 8.30 -14.07 9.91
C ILE B 91 8.95 -14.49 11.23
N THR B 92 9.86 -13.66 11.73
CA THR B 92 10.50 -13.96 13.02
C THR B 92 9.43 -14.07 14.09
N GLU B 93 8.49 -13.13 14.09
CA GLU B 93 7.40 -13.15 15.06
C GLU B 93 6.58 -14.43 14.88
N LEU B 94 6.30 -14.77 13.62
CA LEU B 94 5.54 -15.99 13.33
C LEU B 94 6.27 -17.21 13.87
N ILE B 95 7.59 -17.26 13.68
CA ILE B 95 8.36 -18.38 14.19
C ILE B 95 8.28 -18.46 15.71
N GLU B 96 8.36 -17.30 16.37
CA GLU B 96 8.25 -17.27 17.83
C GLU B 96 6.90 -17.85 18.25
N LEU B 97 5.86 -17.54 17.49
CA LEU B 97 4.52 -18.05 17.79
C LEU B 97 4.52 -19.58 17.69
N HIS B 98 5.19 -20.10 16.66
CA HIS B 98 5.27 -21.55 16.50
C HIS B 98 5.89 -22.17 17.75
N GLU B 99 6.90 -21.48 18.28
CA GLU B 99 7.55 -21.95 19.50
C GLU B 99 6.58 -21.94 20.66
N LYS B 100 5.77 -20.88 20.77
CA LYS B 100 4.79 -20.80 21.84
C LYS B 100 3.72 -21.88 21.65
N LEU B 101 3.39 -22.19 20.39
CA LEU B 101 2.42 -23.25 20.11
C LEU B 101 2.96 -24.60 20.58
N LYS B 102 4.13 -24.57 21.21
CA LYS B 102 4.77 -25.78 21.72
C LYS B 102 5.49 -26.51 20.59
N ALA B 103 4.71 -26.92 19.58
CA ALA B 103 5.25 -27.67 18.43
C ALA B 103 6.64 -27.19 18.04
N ALA C 1 11.12 19.25 -2.05
CA ALA C 1 11.16 20.74 -1.98
C ALA C 1 10.96 21.17 -0.54
N GLU C 2 11.18 22.45 -0.27
CA GLU C 2 11.04 23.02 1.08
C GLU C 2 10.10 22.22 1.98
N GLU C 3 8.81 22.51 1.89
CA GLU C 3 7.83 21.81 2.71
C GLU C 3 7.73 20.34 2.34
N LEU C 4 7.37 20.07 1.08
CA LEU C 4 7.24 18.68 0.63
C LEU C 4 8.38 17.80 1.16
N GLU C 5 9.60 18.32 1.11
CA GLU C 5 10.76 17.57 1.58
C GLU C 5 10.74 17.43 3.10
N GLU C 6 10.47 18.53 3.78
CA GLU C 6 10.41 18.52 5.24
C GLU C 6 9.19 17.70 5.68
N VAL C 7 8.12 17.78 4.89
CA VAL C 7 6.90 17.04 5.17
C VAL C 7 7.17 15.53 5.06
N VAL C 8 7.92 15.14 4.03
CA VAL C 8 8.27 13.74 3.83
C VAL C 8 9.06 13.24 5.04
N MET C 9 10.02 14.04 5.50
CA MET C 9 10.80 13.67 6.66
C MET C 9 9.87 13.40 7.84
N GLY C 10 8.88 14.29 8.01
CA GLY C 10 7.91 14.13 9.08
C GLY C 10 7.12 12.84 8.88
N LEU C 11 6.71 12.59 7.65
CA LEU C 11 5.94 11.37 7.33
C LEU C 11 6.79 10.14 7.59
N ILE C 12 8.05 10.18 7.18
CA ILE C 12 8.94 9.04 7.37
C ILE C 12 9.11 8.78 8.87
N ILE C 13 9.32 9.87 9.61
CA ILE C 13 9.47 9.76 11.06
C ILE C 13 8.16 9.23 11.66
N ASN C 14 7.05 9.81 11.22
CA ASN C 14 5.73 9.40 11.72
C ASN C 14 5.50 7.92 11.43
N SER C 15 5.79 7.51 10.19
CA SER C 15 5.63 6.11 9.81
C SER C 15 6.52 5.24 10.68
N GLY C 16 7.76 5.70 10.90
CA GLY C 16 8.70 4.95 11.73
C GLY C 16 8.18 4.84 13.16
N GLN C 17 7.67 5.95 13.70
CA GLN C 17 7.13 5.92 15.06
C GLN C 17 5.95 4.97 15.12
N ALA C 18 5.12 5.01 14.08
CA ALA C 18 3.96 4.14 14.02
C ALA C 18 4.38 2.67 14.15
N ARG C 19 5.36 2.27 13.33
CA ARG C 19 5.84 0.91 13.40
C ARG C 19 6.41 0.63 14.79
N SER C 20 7.21 1.57 15.28
CA SER C 20 7.81 1.41 16.60
C SER C 20 6.73 1.13 17.65
N LEU C 21 5.66 1.92 17.61
CA LEU C 21 4.56 1.74 18.54
C LEU C 21 3.92 0.37 18.33
N ALA C 22 3.73 0.00 17.06
CA ALA C 22 3.13 -1.29 16.73
C ALA C 22 3.96 -2.44 17.33
N TYR C 23 5.27 -2.43 17.07
CA TYR C 23 6.14 -3.47 17.64
C TYR C 23 6.05 -3.45 19.16
N ALA C 24 6.03 -2.24 19.72
CA ALA C 24 5.92 -2.11 21.17
C ALA C 24 4.59 -2.72 21.62
N ALA C 25 3.54 -2.47 20.85
CA ALA C 25 2.23 -3.03 21.16
C ALA C 25 2.31 -4.55 21.21
N LEU C 26 3.01 -5.12 20.24
CA LEU C 26 3.19 -6.57 20.18
C LEU C 26 3.95 -7.05 21.42
N LYS C 27 4.99 -6.31 21.77
CA LYS C 27 5.79 -6.66 22.94
C LYS C 27 4.90 -6.72 24.19
N GLN C 28 3.99 -5.77 24.31
CA GLN C 28 3.06 -5.75 25.44
C GLN C 28 2.26 -7.04 25.47
N ALA C 29 1.82 -7.47 24.27
CA ALA C 29 1.05 -8.70 24.16
C ALA C 29 1.85 -9.89 24.67
N LYS C 30 3.13 -9.94 24.30
CA LYS C 30 3.99 -11.02 24.76
C LYS C 30 4.07 -11.06 26.28
N GLN C 31 3.98 -9.88 26.90
CA GLN C 31 4.04 -9.80 28.36
C GLN C 31 2.67 -10.17 28.96
N GLY C 32 1.71 -10.44 28.08
CA GLY C 32 0.36 -10.83 28.53
C GLY C 32 -0.47 -9.60 28.89
N ASP C 33 -0.04 -8.43 28.44
CA ASP C 33 -0.76 -7.18 28.70
C ASP C 33 -1.63 -6.80 27.51
N PHE C 34 -2.80 -7.41 27.42
CA PHE C 34 -3.71 -7.14 26.31
C PHE C 34 -4.22 -5.70 26.34
N ALA C 35 -4.43 -5.17 27.54
CA ALA C 35 -4.94 -3.81 27.68
C ALA C 35 -3.97 -2.79 27.08
N ALA C 36 -2.71 -2.89 27.47
CA ALA C 36 -1.71 -1.96 26.96
C ALA C 36 -1.50 -2.17 25.47
N ALA C 37 -1.55 -3.42 25.02
CA ALA C 37 -1.38 -3.71 23.60
C ALA C 37 -2.48 -3.00 22.81
N LYS C 38 -3.72 -3.21 23.22
CA LYS C 38 -4.87 -2.59 22.57
C LYS C 38 -4.72 -1.07 22.49
N ALA C 39 -4.32 -0.45 23.61
CA ALA C 39 -4.16 1.00 23.65
C ALA C 39 -3.06 1.46 22.68
N MET C 40 -1.96 0.72 22.64
CA MET C 40 -0.85 1.06 21.77
C MET C 40 -1.25 0.92 20.30
N MET C 41 -2.03 -0.11 19.99
CA MET C 41 -2.48 -0.31 18.61
C MET C 41 -3.35 0.85 18.16
N ASP C 42 -4.25 1.28 19.04
CA ASP C 42 -5.17 2.36 18.72
C ASP C 42 -4.41 3.63 18.38
N GLN C 43 -3.42 3.97 19.21
CA GLN C 43 -2.61 5.16 18.97
C GLN C 43 -1.83 5.03 17.67
N SER C 44 -1.30 3.85 17.42
CA SER C 44 -0.55 3.60 16.19
C SER C 44 -1.44 3.87 14.98
N ARG C 45 -2.67 3.32 15.03
CA ARG C 45 -3.64 3.50 13.96
C ARG C 45 -3.93 4.99 13.72
N MET C 46 -4.14 5.72 14.81
CA MET C 46 -4.43 7.15 14.72
C MET C 46 -3.26 7.89 14.08
N ALA C 47 -2.04 7.51 14.47
CA ALA C 47 -0.84 8.14 13.91
C ALA C 47 -0.78 7.91 12.40
N LEU C 48 -1.08 6.68 11.98
CA LEU C 48 -1.07 6.33 10.57
C LEU C 48 -2.17 7.06 9.82
N ASN C 49 -3.34 7.15 10.45
CA ASN C 49 -4.48 7.81 9.84
C ASN C 49 -4.14 9.27 9.52
N GLU C 50 -3.51 9.95 10.47
CA GLU C 50 -3.11 11.33 10.26
C GLU C 50 -2.06 11.41 9.16
N ALA C 51 -1.13 10.47 9.19
CA ALA C 51 -0.07 10.43 8.18
C ALA C 51 -0.67 10.15 6.80
N HIS C 52 -1.58 9.19 6.74
CA HIS C 52 -2.25 8.85 5.48
C HIS C 52 -3.02 10.05 4.94
N LEU C 53 -3.69 10.78 5.83
CA LEU C 53 -4.47 11.95 5.43
C LEU C 53 -3.56 12.98 4.76
N VAL C 54 -2.39 13.20 5.35
CA VAL C 54 -1.45 14.16 4.80
C VAL C 54 -0.99 13.67 3.43
N GLN C 55 -0.69 12.38 3.32
CA GLN C 55 -0.26 11.82 2.04
C GLN C 55 -1.38 11.99 1.00
N THR C 56 -2.62 11.74 1.41
CA THR C 56 -3.76 11.88 0.48
C THR C 56 -3.70 13.25 -0.19
N LYS C 57 -3.50 14.29 0.60
CA LYS C 57 -3.40 15.64 0.05
C LYS C 57 -2.20 15.73 -0.88
N LEU C 58 -1.11 15.09 -0.49
CA LEU C 58 0.10 15.11 -1.29
C LEU C 58 -0.08 14.35 -2.61
N ILE C 59 -1.09 13.47 -2.70
CA ILE C 59 -1.33 12.76 -3.95
C ILE C 59 -2.40 13.48 -4.79
N GLU C 60 -3.38 14.10 -4.14
CA GLU C 60 -4.43 14.83 -4.87
C GLU C 60 -3.85 16.03 -5.60
N GLY C 61 -2.89 16.71 -4.98
CA GLY C 61 -2.28 17.89 -5.57
C GLY C 61 -0.83 17.62 -5.97
N ASP C 62 -0.56 16.41 -6.41
CA ASP C 62 0.79 16.03 -6.80
C ASP C 62 1.22 16.75 -8.06
N ALA C 63 0.31 17.49 -8.68
CA ALA C 63 0.63 18.24 -9.90
C ALA C 63 1.30 19.56 -9.56
N GLY C 64 1.78 20.26 -10.59
CA GLY C 64 2.43 21.56 -10.39
C GLY C 64 3.77 21.63 -11.13
N GLU C 65 4.69 20.71 -10.81
CA GLU C 65 5.99 20.70 -11.45
C GLU C 65 5.87 20.38 -12.94
N GLY C 66 4.99 19.45 -13.27
CA GLY C 66 4.80 19.05 -14.66
C GLY C 66 3.45 18.36 -14.86
N LYS C 67 3.12 18.09 -16.11
CA LYS C 67 1.85 17.44 -16.43
C LYS C 67 1.83 16.00 -15.92
N MET C 68 2.44 15.10 -16.70
CA MET C 68 2.48 13.68 -16.36
C MET C 68 3.31 13.38 -15.12
N LYS C 69 4.45 14.07 -14.97
CA LYS C 69 5.34 13.83 -13.84
C LYS C 69 4.79 14.36 -12.52
N VAL C 70 5.20 13.71 -11.43
CA VAL C 70 4.76 14.07 -10.08
C VAL C 70 5.96 14.16 -9.13
N SER C 71 5.72 14.64 -7.91
CA SER C 71 6.80 14.75 -6.93
C SER C 71 7.42 13.38 -6.68
N LEU C 72 8.74 13.30 -6.77
CA LEU C 72 9.45 12.03 -6.61
C LEU C 72 9.31 11.48 -5.19
N VAL C 73 9.40 12.39 -4.22
CA VAL C 73 9.33 12.04 -2.80
C VAL C 73 8.00 11.37 -2.44
N LEU C 74 6.99 11.51 -3.28
CA LEU C 74 5.71 10.85 -3.01
C LEU C 74 5.91 9.37 -2.78
N VAL C 75 6.84 8.80 -3.54
CA VAL C 75 7.17 7.39 -3.44
C VAL C 75 7.76 7.10 -2.06
N HIS C 76 8.76 7.96 -1.55
CA HIS C 76 9.37 7.76 -0.24
C HIS C 76 8.30 7.73 0.85
N ALA C 77 7.38 8.66 0.78
CA ALA C 77 6.32 8.73 1.77
C ALA C 77 5.37 7.55 1.62
N GLN C 78 5.02 7.21 0.39
CA GLN C 78 4.10 6.11 0.14
C GLN C 78 4.74 4.78 0.58
N LEU C 79 5.99 4.58 0.19
CA LEU C 79 6.71 3.36 0.55
C LEU C 79 6.75 3.17 2.06
N HIS C 80 7.13 4.21 2.79
CA HIS C 80 7.20 4.12 4.24
C HIS C 80 5.81 3.94 4.85
N LEU C 81 4.87 4.73 4.38
CA LEU C 81 3.50 4.67 4.89
C LEU C 81 2.85 3.31 4.59
N MET C 82 3.01 2.84 3.37
CA MET C 82 2.42 1.55 2.98
C MET C 82 3.01 0.42 3.82
N THR C 83 4.32 0.45 3.99
CA THR C 83 5.00 -0.58 4.76
C THR C 83 4.54 -0.55 6.22
N SER C 84 4.53 0.64 6.80
CA SER C 84 4.12 0.80 8.20
C SER C 84 2.67 0.37 8.42
N MET C 85 1.76 0.84 7.56
CA MET C 85 0.35 0.48 7.70
C MET C 85 0.16 -1.04 7.61
N LEU C 86 0.80 -1.65 6.63
CA LEU C 86 0.70 -3.09 6.43
C LEU C 86 1.24 -3.83 7.65
N ALA C 87 2.42 -3.42 8.10
CA ALA C 87 3.05 -4.04 9.25
C ALA C 87 2.13 -3.96 10.47
N ARG C 88 1.61 -2.77 10.71
CA ARG C 88 0.74 -2.55 11.84
C ARG C 88 -0.50 -3.47 11.77
N GLU C 89 -1.11 -3.56 10.59
CA GLU C 89 -2.29 -4.42 10.44
C GLU C 89 -1.95 -5.88 10.74
N LEU C 90 -0.82 -6.35 10.20
CA LEU C 90 -0.40 -7.72 10.44
C LEU C 90 -0.07 -7.92 11.91
N ILE C 91 0.60 -6.95 12.49
CA ILE C 91 0.95 -7.02 13.90
C ILE C 91 -0.33 -7.12 14.73
N THR C 92 -1.36 -6.39 14.32
CA THR C 92 -2.64 -6.46 15.02
C THR C 92 -3.15 -7.89 14.99
N GLU C 93 -3.06 -8.53 13.83
CA GLU C 93 -3.50 -9.92 13.70
C GLU C 93 -2.66 -10.82 14.62
N LEU C 94 -1.36 -10.56 14.63
CA LEU C 94 -0.45 -11.34 15.47
C LEU C 94 -0.84 -11.20 16.94
N ILE C 95 -1.16 -9.98 17.35
CA ILE C 95 -1.57 -9.73 18.73
C ILE C 95 -2.86 -10.51 19.05
N GLU C 96 -3.80 -10.48 18.12
CA GLU C 96 -5.05 -11.21 18.31
C GLU C 96 -4.75 -12.70 18.53
N LEU C 97 -3.78 -13.21 17.77
CA LEU C 97 -3.39 -14.61 17.91
C LEU C 97 -2.85 -14.87 19.32
N HIS C 98 -2.05 -13.94 19.83
CA HIS C 98 -1.52 -14.09 21.18
C HIS C 98 -2.68 -14.22 22.16
N GLU C 99 -3.73 -13.44 21.92
CA GLU C 99 -4.90 -13.49 22.78
C GLU C 99 -5.57 -14.87 22.68
N LYS C 100 -5.65 -15.41 21.46
CA LYS C 100 -6.25 -16.72 21.29
C LYS C 100 -5.38 -17.78 21.95
N LEU C 101 -4.05 -17.58 21.91
CA LEU C 101 -3.12 -18.52 22.55
C LEU C 101 -3.37 -18.53 24.06
N LYS C 102 -4.36 -17.76 24.51
CA LYS C 102 -4.70 -17.67 25.93
C LYS C 102 -3.78 -16.68 26.63
N ALA C 103 -2.48 -16.99 26.61
CA ALA C 103 -1.45 -16.16 27.26
C ALA C 103 -1.80 -14.67 27.21
N LYS D 1 -19.97 26.95 -1.17
CA LYS D 1 -19.08 26.05 -1.96
C LYS D 1 -19.44 24.59 -1.78
N LYS D 2 -19.77 23.94 -2.87
CA LYS D 2 -20.15 22.54 -2.84
C LYS D 2 -18.93 21.62 -2.88
N HIS D 3 -19.02 20.49 -2.19
CA HIS D 3 -17.93 19.52 -2.13
C HIS D 3 -18.12 18.37 -3.08
N ILE D 4 -17.20 18.26 -4.03
CA ILE D 4 -17.22 17.18 -4.99
C ILE D 4 -16.07 16.24 -4.61
N TYR D 5 -16.39 15.03 -4.18
CA TYR D 5 -15.38 14.06 -3.78
C TYR D 5 -15.33 12.90 -4.76
N LEU D 6 -14.13 12.60 -5.26
CA LEU D 6 -13.90 11.48 -6.19
C LEU D 6 -13.25 10.35 -5.40
N PHE D 7 -13.57 9.08 -5.74
CA PHE D 7 -12.88 7.95 -5.11
C PHE D 7 -12.23 7.04 -6.15
N CYS D 8 -11.11 6.42 -5.72
CA CYS D 8 -10.35 5.40 -6.43
C CYS D 8 -9.57 4.54 -5.44
N SER D 9 -8.66 3.67 -5.82
CA SER D 9 -8.08 2.83 -4.76
C SER D 9 -7.17 3.64 -3.86
N ALA D 10 -6.17 4.38 -4.39
CA ALA D 10 -5.24 5.09 -3.53
C ALA D 10 -5.47 6.59 -3.64
N GLY D 11 -6.02 7.05 -4.76
CA GLY D 11 -6.31 8.47 -4.94
C GLY D 11 -5.25 9.15 -5.81
N MET D 12 -4.56 8.41 -6.68
CA MET D 12 -3.52 9.03 -7.51
C MET D 12 -4.01 9.27 -8.95
N SER D 13 -4.09 8.22 -9.71
CA SER D 13 -4.50 8.36 -11.11
C SER D 13 -5.71 9.30 -11.26
N THR D 14 -6.45 9.50 -10.18
CA THR D 14 -7.62 10.37 -10.29
C THR D 14 -7.22 11.77 -9.88
N SER D 15 -6.09 11.83 -9.22
CA SER D 15 -5.48 13.09 -8.76
C SER D 15 -5.20 14.03 -9.93
N LEU D 16 -4.82 13.46 -11.06
CA LEU D 16 -4.55 14.26 -12.24
C LEU D 16 -5.88 14.86 -12.76
N LEU D 17 -6.96 14.07 -12.72
CA LEU D 17 -8.28 14.55 -13.14
C LEU D 17 -8.75 15.68 -12.19
N VAL D 18 -8.54 15.48 -10.88
CA VAL D 18 -8.91 16.50 -9.89
C VAL D 18 -8.18 17.83 -10.15
N SER D 19 -6.89 17.79 -10.47
CA SER D 19 -6.17 19.03 -10.74
C SER D 19 -6.73 19.77 -11.98
N LYS D 20 -7.12 19.03 -13.02
CA LYS D 20 -7.71 19.66 -14.20
C LYS D 20 -9.12 20.20 -13.91
N MET D 21 -9.87 19.50 -13.07
CA MET D 21 -11.22 20.00 -12.73
C MET D 21 -11.08 21.31 -11.94
N ARG D 22 -10.13 21.39 -11.02
CA ARG D 22 -9.91 22.60 -10.21
C ARG D 22 -9.56 23.79 -11.12
N ALA D 23 -8.79 23.54 -12.18
CA ALA D 23 -8.39 24.59 -13.11
C ALA D 23 -9.63 25.14 -13.81
N GLN D 24 -10.50 24.24 -14.24
CA GLN D 24 -11.72 24.61 -14.91
C GLN D 24 -12.67 25.35 -14.00
N ALA D 25 -12.80 24.88 -12.77
CA ALA D 25 -13.69 25.53 -11.80
C ALA D 25 -13.24 26.96 -11.55
N GLU D 26 -11.93 27.20 -11.60
CA GLU D 26 -11.39 28.54 -11.36
C GLU D 26 -11.65 29.43 -12.57
N LYS D 27 -11.43 28.88 -13.76
CA LYS D 27 -11.63 29.59 -14.99
C LYS D 27 -13.07 30.10 -15.12
N TYR D 28 -14.05 29.29 -14.72
CA TYR D 28 -15.48 29.69 -14.80
C TYR D 28 -16.13 30.10 -13.49
N GLU D 29 -15.33 30.35 -12.46
CA GLU D 29 -15.81 30.78 -11.15
C GLU D 29 -16.89 29.89 -10.51
N VAL D 30 -16.76 28.58 -10.66
CA VAL D 30 -17.70 27.63 -10.08
C VAL D 30 -17.27 27.48 -8.62
N PRO D 31 -18.19 27.73 -7.67
CA PRO D 31 -17.91 27.64 -6.23
C PRO D 31 -17.93 26.21 -5.68
N VAL D 32 -16.88 25.46 -6.01
CA VAL D 32 -16.75 24.08 -5.57
C VAL D 32 -15.38 23.76 -5.01
N ILE D 33 -15.35 22.75 -4.14
CA ILE D 33 -14.13 22.22 -3.55
C ILE D 33 -14.09 20.77 -4.09
N ILE D 34 -12.98 20.40 -4.71
CA ILE D 34 -12.79 19.07 -5.32
C ILE D 34 -11.61 18.31 -4.66
N GLU D 35 -11.86 17.09 -4.18
CA GLU D 35 -10.83 16.27 -3.52
C GLU D 35 -10.93 14.82 -4.00
N ALA D 36 -9.78 14.14 -4.09
CA ALA D 36 -9.71 12.73 -4.50
C ALA D 36 -9.34 11.92 -3.25
N PHE D 37 -9.93 10.74 -3.09
CA PHE D 37 -9.64 9.87 -1.95
C PHE D 37 -9.66 8.44 -2.43
N PRO D 38 -9.08 7.53 -1.64
CA PRO D 38 -9.07 6.11 -2.02
C PRO D 38 -10.49 5.61 -1.70
N GLU D 39 -10.91 4.54 -2.35
CA GLU D 39 -12.24 3.96 -2.13
C GLU D 39 -12.51 3.54 -0.69
N THR D 40 -11.46 3.29 0.09
CA THR D 40 -11.63 2.88 1.48
C THR D 40 -12.26 3.95 2.37
N LEU D 41 -12.19 5.21 1.94
CA LEU D 41 -12.77 6.32 2.70
C LEU D 41 -14.15 6.77 2.20
N ALA D 42 -14.74 6.07 1.21
CA ALA D 42 -16.05 6.45 0.63
C ALA D 42 -17.14 6.64 1.68
N GLY D 43 -17.12 5.80 2.71
CA GLY D 43 -18.13 5.91 3.75
C GLY D 43 -17.81 6.98 4.77
N GLU D 44 -16.53 7.16 5.08
CA GLU D 44 -16.15 8.15 6.07
C GLU D 44 -16.16 9.59 5.49
N LYS D 45 -15.52 9.77 4.34
CA LYS D 45 -15.46 11.08 3.70
C LYS D 45 -16.73 11.45 2.92
N GLY D 46 -17.38 10.46 2.32
CA GLY D 46 -18.60 10.70 1.55
C GLY D 46 -19.69 11.43 2.29
N GLN D 47 -19.77 11.23 3.60
CA GLN D 47 -20.79 11.89 4.43
C GLN D 47 -20.74 13.42 4.34
N ASN D 48 -19.59 13.97 3.95
CA ASN D 48 -19.43 15.41 3.87
C ASN D 48 -19.45 15.95 2.45
N ALA D 49 -19.66 15.08 1.48
CA ALA D 49 -19.67 15.54 0.10
C ALA D 49 -21.06 15.97 -0.30
N ASP D 50 -21.11 16.82 -1.31
CA ASP D 50 -22.38 17.25 -1.83
C ASP D 50 -22.73 16.32 -2.99
N VAL D 51 -21.69 15.73 -3.60
CA VAL D 51 -21.88 14.75 -4.67
C VAL D 51 -20.68 13.78 -4.61
N VAL D 52 -20.98 12.49 -4.70
CA VAL D 52 -19.97 11.44 -4.66
C VAL D 52 -19.78 10.85 -6.06
N LEU D 53 -18.55 10.92 -6.57
CA LEU D 53 -18.24 10.38 -7.88
C LEU D 53 -17.30 9.18 -7.73
N LEU D 54 -17.60 8.08 -8.42
CA LEU D 54 -16.75 6.88 -8.36
C LEU D 54 -15.96 6.73 -9.63
N GLY D 55 -14.69 6.35 -9.51
CA GLY D 55 -13.84 6.18 -10.68
C GLY D 55 -14.39 5.02 -11.49
N PRO D 56 -14.13 4.94 -12.76
CA PRO D 56 -14.66 3.84 -13.62
C PRO D 56 -14.24 2.42 -13.18
N GLN D 57 -13.07 2.31 -12.54
CA GLN D 57 -12.57 1.02 -12.08
C GLN D 57 -13.39 0.49 -10.90
N ILE D 58 -14.04 1.38 -10.15
CA ILE D 58 -14.82 0.94 -9.01
C ILE D 58 -16.34 1.02 -9.23
N ALA D 59 -16.75 0.99 -10.49
CA ALA D 59 -18.17 1.04 -10.83
C ALA D 59 -18.94 -0.11 -10.19
N TYR D 60 -18.34 -1.30 -10.13
CA TYR D 60 -19.04 -2.44 -9.55
C TYR D 60 -19.46 -2.21 -8.09
N MET D 61 -18.84 -1.23 -7.44
CA MET D 61 -19.15 -0.89 -6.05
C MET D 61 -20.33 0.08 -5.87
N LEU D 62 -20.89 0.58 -6.97
CA LEU D 62 -21.99 1.54 -6.90
C LEU D 62 -23.13 1.19 -5.93
N PRO D 63 -23.73 -0.02 -6.05
CA PRO D 63 -24.82 -0.37 -5.12
C PRO D 63 -24.43 -0.30 -3.65
N GLU D 64 -23.22 -0.72 -3.30
CA GLU D 64 -22.77 -0.68 -1.91
C GLU D 64 -22.60 0.74 -1.42
N ILE D 65 -22.02 1.59 -2.25
CA ILE D 65 -21.83 2.99 -1.85
C ILE D 65 -23.16 3.74 -1.71
N GLN D 66 -24.12 3.42 -2.59
CA GLN D 66 -25.46 4.00 -2.52
C GLN D 66 -26.13 3.64 -1.18
N ARG D 67 -26.00 2.39 -0.73
CA ARG D 67 -26.60 1.98 0.55
C ARG D 67 -25.89 2.63 1.74
N LEU D 68 -24.60 2.88 1.59
CA LEU D 68 -23.77 3.49 2.64
C LEU D 68 -24.11 4.97 2.82
N LEU D 69 -24.39 5.65 1.70
CA LEU D 69 -24.73 7.09 1.68
C LEU D 69 -26.11 7.27 1.01
N PRO D 70 -27.20 6.87 1.69
CA PRO D 70 -28.55 6.99 1.13
C PRO D 70 -29.03 8.44 0.93
N ASN D 71 -28.35 9.38 1.56
CA ASN D 71 -28.75 10.79 1.44
C ASN D 71 -27.82 11.63 0.57
N LYS D 72 -27.08 10.99 -0.33
CA LYS D 72 -26.14 11.69 -1.21
C LYS D 72 -26.26 11.20 -2.63
N PRO D 73 -26.13 12.10 -3.63
CA PRO D 73 -26.21 11.62 -5.02
C PRO D 73 -24.85 10.97 -5.27
N VAL D 74 -24.87 9.73 -5.75
CA VAL D 74 -23.64 8.96 -6.02
C VAL D 74 -23.64 8.48 -7.46
N GLU D 75 -22.58 8.72 -8.19
CA GLU D 75 -22.53 8.22 -9.55
C GLU D 75 -21.13 7.95 -10.07
N VAL D 76 -21.06 7.12 -11.10
CA VAL D 76 -19.80 6.72 -11.71
C VAL D 76 -19.40 7.72 -12.78
N ILE D 77 -18.11 8.03 -12.84
CA ILE D 77 -17.58 8.96 -13.83
C ILE D 77 -17.54 8.27 -15.17
N ASP D 78 -17.96 8.97 -16.21
CA ASP D 78 -17.94 8.40 -17.55
C ASP D 78 -16.51 7.95 -17.89
N SER D 79 -16.33 6.69 -18.28
CA SER D 79 -14.99 6.17 -18.58
C SER D 79 -14.18 6.90 -19.65
N LEU D 80 -14.87 7.44 -20.65
CA LEU D 80 -14.19 8.17 -21.73
C LEU D 80 -13.73 9.53 -21.23
N LEU D 81 -14.58 10.18 -20.45
CA LEU D 81 -14.26 11.49 -19.90
C LEU D 81 -13.10 11.33 -18.94
N TYR D 82 -13.10 10.21 -18.22
CA TYR D 82 -12.04 9.90 -17.25
C TYR D 82 -10.71 9.58 -17.95
N GLY D 83 -10.75 8.68 -18.92
CA GLY D 83 -9.54 8.32 -19.64
C GLY D 83 -8.87 9.50 -20.31
N LYS D 84 -9.68 10.37 -20.87
CA LYS D 84 -9.22 11.56 -21.59
C LYS D 84 -8.79 12.70 -20.65
N VAL D 85 -9.07 12.52 -19.35
CA VAL D 85 -8.77 13.52 -18.31
C VAL D 85 -9.47 14.86 -18.61
N ASP D 86 -10.76 14.77 -18.94
CA ASP D 86 -11.57 15.95 -19.28
C ASP D 86 -12.09 16.63 -18.03
N GLY D 87 -11.29 17.56 -17.51
CA GLY D 87 -11.64 18.31 -16.31
C GLY D 87 -12.94 19.07 -16.45
N LEU D 88 -13.16 19.73 -17.60
CA LEU D 88 -14.39 20.49 -17.80
C LEU D 88 -15.63 19.58 -17.87
N GLY D 89 -15.50 18.50 -18.64
CA GLY D 89 -16.59 17.56 -18.81
C GLY D 89 -17.07 16.91 -17.53
N VAL D 90 -16.12 16.49 -16.69
CA VAL D 90 -16.48 15.84 -15.42
C VAL D 90 -17.04 16.88 -14.45
N LEU D 91 -16.47 18.08 -14.49
CA LEU D 91 -16.97 19.15 -13.63
C LEU D 91 -18.46 19.39 -14.00
N LYS D 92 -18.76 19.42 -15.30
CA LYS D 92 -20.15 19.61 -15.75
C LYS D 92 -21.09 18.52 -15.24
N ALA D 93 -20.64 17.27 -15.30
CA ALA D 93 -21.47 16.14 -14.85
C ALA D 93 -21.76 16.21 -13.35
N ALA D 94 -20.78 16.72 -12.60
CA ALA D 94 -20.90 16.82 -11.15
C ALA D 94 -21.90 17.90 -10.75
N VAL D 95 -21.80 19.06 -11.40
CA VAL D 95 -22.72 20.17 -11.13
C VAL D 95 -24.13 19.69 -11.49
N ALA D 96 -24.25 18.98 -12.61
CA ALA D 96 -25.54 18.45 -13.04
C ALA D 96 -26.13 17.51 -11.99
N ALA D 97 -25.33 16.57 -11.49
CA ALA D 97 -25.85 15.64 -10.49
C ALA D 97 -26.36 16.40 -9.26
N ILE D 98 -25.70 17.51 -8.93
CA ILE D 98 -26.12 18.32 -7.78
C ILE D 98 -27.46 19.01 -8.03
N LYS D 99 -27.63 19.58 -9.24
CA LYS D 99 -28.87 20.26 -9.62
C LYS D 99 -30.01 19.26 -9.71
N LYS D 100 -29.80 18.19 -10.45
CA LYS D 100 -30.83 17.18 -10.59
C LYS D 100 -31.20 16.60 -9.22
N ALA D 101 -30.34 16.79 -8.23
CA ALA D 101 -30.58 16.28 -6.88
C ALA D 101 -31.37 17.24 -6.00
N ALA D 102 -31.14 18.54 -6.18
CA ALA D 102 -31.83 19.57 -5.43
C ALA D 102 -33.22 19.88 -6.02
N ALA D 103 -33.60 19.13 -7.06
CA ALA D 103 -34.88 19.29 -7.72
C ALA D 103 -35.05 18.26 -8.85
P PO3 E . -4.88 5.40 -7.15
O1 PO3 E . -4.31 6.16 -5.96
O2 PO3 E . -5.37 3.99 -6.99
O3 PO3 E . -4.79 6.01 -8.54
N ALA A 1 0.74 7.29 -18.60
CA ALA A 1 0.24 7.59 -19.96
C ALA A 1 -1.09 6.86 -20.17
N GLU A 2 -1.77 7.18 -21.26
CA GLU A 2 -3.08 6.58 -21.60
C GLU A 2 -3.28 5.20 -20.95
N GLU A 3 -2.80 4.17 -21.63
CA GLU A 3 -2.95 2.80 -21.13
C GLU A 3 -2.16 2.60 -19.84
N LEU A 4 -0.84 2.78 -19.91
CA LEU A 4 0.01 2.60 -18.74
C LEU A 4 -0.63 3.20 -17.48
N GLU A 5 -1.21 4.38 -17.61
CA GLU A 5 -1.84 5.05 -16.47
C GLU A 5 -3.12 4.34 -16.08
N GLU A 6 -3.94 4.01 -17.07
CA GLU A 6 -5.19 3.30 -16.82
C GLU A 6 -4.88 1.88 -16.34
N VAL A 7 -3.80 1.31 -16.88
CA VAL A 7 -3.37 -0.03 -16.50
C VAL A 7 -2.93 -0.05 -15.03
N VAL A 8 -2.20 0.99 -14.63
CA VAL A 8 -1.73 1.10 -13.25
C VAL A 8 -2.95 1.16 -12.33
N MET A 9 -3.95 1.96 -12.70
CA MET A 9 -5.17 2.06 -11.90
C MET A 9 -5.77 0.67 -11.73
N GLY A 10 -5.81 -0.09 -12.82
CA GLY A 10 -6.34 -1.45 -12.77
C GLY A 10 -5.49 -2.31 -11.83
N LEU A 11 -4.17 -2.17 -11.95
CA LEU A 11 -3.26 -2.93 -11.10
C LEU A 11 -3.45 -2.56 -9.64
N ILE A 12 -3.57 -1.27 -9.37
CA ILE A 12 -3.76 -0.80 -8.00
C ILE A 12 -5.06 -1.36 -7.46
N ILE A 13 -6.11 -1.29 -8.26
CA ILE A 13 -7.40 -1.82 -7.85
C ILE A 13 -7.30 -3.33 -7.65
N ASN A 14 -6.65 -4.01 -8.60
CA ASN A 14 -6.47 -5.45 -8.53
C ASN A 14 -5.71 -5.82 -7.26
N SER A 15 -4.61 -5.11 -7.03
CA SER A 15 -3.81 -5.35 -5.83
C SER A 15 -4.65 -5.14 -4.57
N GLY A 16 -5.44 -4.06 -4.60
CA GLY A 16 -6.32 -3.75 -3.47
C GLY A 16 -7.35 -4.86 -3.26
N GLN A 17 -7.95 -5.32 -4.36
CA GLN A 17 -8.94 -6.40 -4.27
C GLN A 17 -8.27 -7.65 -3.72
N ALA A 18 -7.05 -7.92 -4.18
CA ALA A 18 -6.31 -9.09 -3.72
C ALA A 18 -6.15 -9.04 -2.21
N ARG A 19 -5.70 -7.91 -1.69
CA ARG A 19 -5.55 -7.77 -0.25
C ARG A 19 -6.90 -7.95 0.43
N SER A 20 -7.91 -7.28 -0.11
CA SER A 20 -9.25 -7.36 0.44
C SER A 20 -9.68 -8.83 0.57
N LEU A 21 -9.47 -9.59 -0.49
CA LEU A 21 -9.81 -11.01 -0.48
C LEU A 21 -8.97 -11.74 0.58
N ALA A 22 -7.69 -11.40 0.63
CA ALA A 22 -6.79 -12.03 1.60
C ALA A 22 -7.30 -11.80 3.03
N TYR A 23 -7.59 -10.55 3.38
CA TYR A 23 -8.10 -10.25 4.72
C TYR A 23 -9.41 -11.00 4.93
N ALA A 24 -10.25 -11.03 3.90
CA ALA A 24 -11.51 -11.73 3.99
C ALA A 24 -11.24 -13.22 4.25
N ALA A 25 -10.23 -13.75 3.56
CA ALA A 25 -9.84 -15.14 3.75
C ALA A 25 -9.48 -15.38 5.21
N LEU A 26 -8.72 -14.46 5.78
CA LEU A 26 -8.32 -14.57 7.18
C LEU A 26 -9.56 -14.55 8.07
N LYS A 27 -10.48 -13.64 7.77
CA LYS A 27 -11.71 -13.53 8.54
C LYS A 27 -12.45 -14.87 8.56
N GLN A 28 -12.48 -15.54 7.41
CA GLN A 28 -13.15 -16.84 7.31
C GLN A 28 -12.48 -17.81 8.28
N ALA A 29 -11.15 -17.75 8.35
CA ALA A 29 -10.39 -18.62 9.24
C ALA A 29 -10.80 -18.38 10.69
N LYS A 30 -10.95 -17.12 11.05
CA LYS A 30 -11.36 -16.77 12.41
C LYS A 30 -12.72 -17.37 12.73
N GLN A 31 -13.58 -17.50 11.72
CA GLN A 31 -14.89 -18.08 11.93
C GLN A 31 -14.80 -19.60 11.96
N GLY A 32 -13.60 -20.12 11.77
CA GLY A 32 -13.37 -21.56 11.81
C GLY A 32 -13.71 -22.21 10.47
N ASP A 33 -13.83 -21.40 9.43
CA ASP A 33 -14.15 -21.90 8.09
C ASP A 33 -12.88 -22.06 7.26
N PHE A 34 -12.18 -23.18 7.47
CA PHE A 34 -10.93 -23.42 6.73
C PHE A 34 -11.18 -23.60 5.24
N ALA A 35 -12.31 -24.21 4.89
CA ALA A 35 -12.63 -24.46 3.49
C ALA A 35 -12.77 -23.14 2.72
N ALA A 36 -13.56 -22.23 3.26
CA ALA A 36 -13.76 -20.95 2.60
C ALA A 36 -12.46 -20.14 2.60
N ALA A 37 -11.70 -20.23 3.68
CA ALA A 37 -10.43 -19.52 3.75
C ALA A 37 -9.52 -19.99 2.60
N LYS A 38 -9.36 -21.30 2.49
CA LYS A 38 -8.53 -21.90 1.45
C LYS A 38 -8.96 -21.42 0.06
N ALA A 39 -10.26 -21.45 -0.21
CA ALA A 39 -10.77 -21.03 -1.51
C ALA A 39 -10.47 -19.57 -1.79
N MET A 40 -10.61 -18.74 -0.76
CA MET A 40 -10.36 -17.30 -0.90
C MET A 40 -8.88 -17.03 -1.18
N MET A 41 -7.98 -17.76 -0.50
CA MET A 41 -6.55 -17.56 -0.72
C MET A 41 -6.19 -17.92 -2.15
N ASP A 42 -6.77 -19.01 -2.65
CA ASP A 42 -6.47 -19.48 -3.99
C ASP A 42 -6.83 -18.42 -5.02
N GLN A 43 -8.03 -17.87 -4.88
CA GLN A 43 -8.48 -16.82 -5.80
C GLN A 43 -7.61 -15.59 -5.67
N SER A 44 -7.25 -15.24 -4.44
CA SER A 44 -6.40 -14.08 -4.20
C SER A 44 -5.06 -14.28 -4.91
N ARG A 45 -4.49 -15.47 -4.78
CA ARG A 45 -3.22 -15.82 -5.43
C ARG A 45 -3.32 -15.66 -6.95
N MET A 46 -4.40 -16.18 -7.51
CA MET A 46 -4.63 -16.11 -8.95
C MET A 46 -4.72 -14.65 -9.40
N ALA A 47 -5.41 -13.83 -8.62
CA ALA A 47 -5.56 -12.41 -8.94
C ALA A 47 -4.19 -11.74 -9.00
N LEU A 48 -3.35 -12.05 -8.02
CA LEU A 48 -2.00 -11.49 -7.95
C LEU A 48 -1.15 -11.98 -9.12
N ASN A 49 -1.29 -13.26 -9.41
CA ASN A 49 -0.51 -13.87 -10.48
C ASN A 49 -0.77 -13.15 -11.80
N GLU A 50 -2.04 -12.89 -12.07
CA GLU A 50 -2.41 -12.17 -13.29
C GLU A 50 -1.86 -10.75 -13.23
N ALA A 51 -1.97 -10.13 -12.05
CA ALA A 51 -1.47 -8.77 -11.87
C ALA A 51 0.06 -8.75 -12.05
N HIS A 52 0.73 -9.71 -11.44
CA HIS A 52 2.19 -9.81 -11.54
C HIS A 52 2.61 -10.01 -13.00
N LEU A 53 1.86 -10.83 -13.72
CA LEU A 53 2.16 -11.11 -15.12
C LEU A 53 2.11 -9.82 -15.93
N VAL A 54 1.08 -9.02 -15.68
CA VAL A 54 0.94 -7.75 -16.38
C VAL A 54 2.11 -6.84 -16.04
N GLN A 55 2.46 -6.79 -14.76
CA GLN A 55 3.59 -5.96 -14.34
C GLN A 55 4.88 -6.45 -15.01
N THR A 56 5.08 -7.76 -15.08
CA THR A 56 6.28 -8.32 -15.72
C THR A 56 6.46 -7.71 -17.11
N LYS A 57 5.37 -7.66 -17.88
CA LYS A 57 5.43 -7.06 -19.22
C LYS A 57 5.76 -5.59 -19.10
N LEU A 58 5.18 -4.94 -18.10
CA LEU A 58 5.43 -3.52 -17.90
C LEU A 58 6.87 -3.24 -17.48
N ILE A 59 7.58 -4.25 -16.98
CA ILE A 59 8.99 -4.06 -16.60
C ILE A 59 9.93 -4.47 -17.76
N GLU A 60 9.55 -5.49 -18.53
CA GLU A 60 10.37 -5.95 -19.66
C GLU A 60 10.46 -4.88 -20.74
N GLY A 61 9.34 -4.20 -21.01
CA GLY A 61 9.31 -3.17 -22.03
C GLY A 61 9.20 -1.78 -21.42
N ASP A 62 9.80 -1.60 -20.24
CA ASP A 62 9.75 -0.32 -19.54
C ASP A 62 10.49 0.78 -20.32
N ALA A 63 11.17 0.39 -21.40
CA ALA A 63 11.90 1.36 -22.21
C ALA A 63 10.97 2.06 -23.19
N GLY A 64 11.49 3.07 -23.89
CA GLY A 64 10.68 3.81 -24.86
C GLY A 64 10.81 5.32 -24.66
N GLU A 65 10.45 5.80 -23.47
CA GLU A 65 10.53 7.23 -23.19
C GLU A 65 11.97 7.72 -23.18
N GLY A 66 12.86 6.90 -22.64
CA GLY A 66 14.28 7.27 -22.58
C GLY A 66 15.15 6.04 -22.36
N LYS A 67 16.47 6.25 -22.44
CA LYS A 67 17.41 5.15 -22.27
C LYS A 67 17.39 4.63 -20.82
N MET A 68 18.11 5.32 -19.94
CA MET A 68 18.20 4.93 -18.54
C MET A 68 16.88 5.05 -17.79
N LYS A 69 16.13 6.12 -18.08
CA LYS A 69 14.87 6.35 -17.37
C LYS A 69 13.76 5.39 -17.80
N VAL A 70 12.84 5.14 -16.87
CA VAL A 70 11.71 4.23 -17.10
C VAL A 70 10.41 4.88 -16.65
N SER A 71 9.28 4.23 -16.95
CA SER A 71 7.98 4.77 -16.55
C SER A 71 7.94 4.91 -15.03
N LEU A 72 7.54 6.10 -14.57
CA LEU A 72 7.48 6.40 -13.14
C LEU A 72 6.43 5.55 -12.41
N VAL A 73 5.30 5.39 -13.07
CA VAL A 73 4.18 4.62 -12.52
C VAL A 73 4.55 3.16 -12.22
N LEU A 74 5.60 2.68 -12.85
CA LEU A 74 6.03 1.30 -12.64
C LEU A 74 6.17 1.00 -11.17
N VAL A 75 6.58 2.02 -10.41
CA VAL A 75 6.80 1.86 -8.98
C VAL A 75 5.45 1.78 -8.28
N HIS A 76 4.24 2.81 -8.66
CA HIS A 76 2.88 2.82 -8.08
C HIS A 76 2.28 1.42 -8.14
N ALA A 77 2.61 0.71 -9.23
CA ALA A 77 2.13 -0.66 -9.42
C ALA A 77 2.99 -1.65 -8.63
N GLN A 78 4.31 -1.50 -8.72
CA GLN A 78 5.21 -2.42 -8.02
C GLN A 78 5.00 -2.31 -6.51
N LEU A 79 4.96 -1.09 -6.01
CA LEU A 79 4.72 -0.86 -4.59
C LEU A 79 3.44 -1.54 -4.13
N HIS A 80 2.35 -1.32 -4.85
CA HIS A 80 1.08 -1.91 -4.47
C HIS A 80 1.12 -3.44 -4.62
N LEU A 81 1.65 -3.90 -5.74
CA LEU A 81 1.74 -5.34 -5.99
C LEU A 81 2.64 -6.04 -4.98
N MET A 82 3.80 -5.45 -4.70
CA MET A 82 4.74 -6.05 -3.75
C MET A 82 4.11 -6.14 -2.37
N THR A 83 3.46 -5.05 -1.96
CA THR A 83 2.81 -5.00 -0.65
C THR A 83 1.69 -6.04 -0.56
N SER A 84 0.84 -6.07 -1.58
CA SER A 84 -0.29 -7.01 -1.61
C SER A 84 0.20 -8.46 -1.60
N MET A 85 1.16 -8.78 -2.45
CA MET A 85 1.69 -10.14 -2.51
C MET A 85 2.26 -10.57 -1.18
N LEU A 86 3.07 -9.70 -0.59
CA LEU A 86 3.68 -10.00 0.70
C LEU A 86 2.61 -10.19 1.78
N ALA A 87 1.64 -9.28 1.79
CA ALA A 87 0.56 -9.36 2.76
C ALA A 87 -0.15 -10.70 2.67
N ARG A 88 -0.49 -11.10 1.47
CA ARG A 88 -1.18 -12.37 1.27
C ARG A 88 -0.35 -13.55 1.78
N GLU A 89 0.93 -13.57 1.45
CA GLU A 89 1.77 -14.67 1.88
C GLU A 89 1.79 -14.78 3.39
N LEU A 90 1.95 -13.65 4.06
CA LEU A 90 1.96 -13.64 5.51
C LEU A 90 0.58 -14.03 6.05
N ILE A 91 -0.46 -13.51 5.42
CA ILE A 91 -1.82 -13.85 5.84
C ILE A 91 -2.03 -15.35 5.69
N THR A 92 -1.50 -15.92 4.61
CA THR A 92 -1.60 -17.37 4.40
C THR A 92 -0.98 -18.10 5.59
N GLU A 93 0.20 -17.64 6.01
CA GLU A 93 0.88 -18.23 7.16
C GLU A 93 0.02 -18.08 8.40
N LEU A 94 -0.57 -16.89 8.56
CA LEU A 94 -1.43 -16.62 9.72
C LEU A 94 -2.62 -17.59 9.71
N ILE A 95 -3.20 -17.80 8.55
CA ILE A 95 -4.34 -18.73 8.44
C ILE A 95 -3.90 -20.14 8.83
N GLU A 96 -2.72 -20.56 8.36
CA GLU A 96 -2.22 -21.88 8.71
C GLU A 96 -2.08 -22.00 10.22
N LEU A 97 -1.64 -20.91 10.87
CA LEU A 97 -1.51 -20.92 12.32
C LEU A 97 -2.88 -21.12 12.98
N HIS A 98 -3.89 -20.46 12.44
CA HIS A 98 -5.25 -20.62 12.98
C HIS A 98 -5.63 -22.08 12.92
N GLU A 99 -5.25 -22.75 11.84
CA GLU A 99 -5.55 -24.17 11.68
C GLU A 99 -4.81 -24.98 12.74
N LYS A 100 -3.56 -24.62 13.01
CA LYS A 100 -2.79 -25.32 14.02
C LYS A 100 -3.39 -25.06 15.41
N LEU A 101 -3.92 -23.84 15.61
CA LEU A 101 -4.56 -23.49 16.88
C LEU A 101 -5.80 -24.37 17.09
N LYS A 102 -6.02 -25.30 16.15
CA LYS A 102 -7.18 -26.20 16.21
C LYS A 102 -8.43 -25.52 15.71
N ALA A 103 -8.82 -24.42 16.39
CA ALA A 103 -10.03 -23.67 16.04
C ALA A 103 -10.30 -23.65 14.53
N ALA B 1 22.66 3.11 -13.51
CA ALA B 1 23.97 3.34 -14.19
C ALA B 1 24.86 2.13 -13.94
N GLU B 2 26.00 2.08 -14.64
CA GLU B 2 26.95 0.97 -14.53
C GLU B 2 26.86 0.24 -13.18
N GLU B 3 27.57 0.74 -12.19
CA GLU B 3 27.58 0.13 -10.87
C GLU B 3 26.22 0.21 -10.20
N LEU B 4 25.72 1.44 -10.02
CA LEU B 4 24.42 1.61 -9.38
C LEU B 4 23.38 0.61 -9.91
N GLU B 5 23.37 0.41 -11.22
CA GLU B 5 22.42 -0.52 -11.83
C GLU B 5 22.76 -1.95 -11.47
N GLU B 6 24.03 -2.30 -11.57
CA GLU B 6 24.50 -3.63 -11.23
C GLU B 6 24.38 -3.85 -9.73
N VAL B 7 24.60 -2.79 -8.97
CA VAL B 7 24.51 -2.85 -7.52
C VAL B 7 23.05 -3.11 -7.10
N VAL B 8 22.12 -2.44 -7.77
CA VAL B 8 20.69 -2.63 -7.49
C VAL B 8 20.33 -4.08 -7.74
N MET B 9 20.80 -4.63 -8.86
CA MET B 9 20.52 -6.03 -9.18
C MET B 9 21.01 -6.91 -8.03
N GLY B 10 22.21 -6.62 -7.53
CA GLY B 10 22.75 -7.37 -6.41
C GLY B 10 21.86 -7.21 -5.19
N LEU B 11 21.44 -5.98 -4.93
CA LEU B 11 20.56 -5.70 -3.79
C LEU B 11 19.24 -6.44 -3.93
N ILE B 12 18.67 -6.41 -5.13
CA ILE B 12 17.40 -7.09 -5.38
C ILE B 12 17.57 -8.58 -5.14
N ILE B 13 18.66 -9.12 -5.68
CA ILE B 13 18.94 -10.54 -5.50
C ILE B 13 19.17 -10.83 -4.02
N ASN B 14 19.95 -9.98 -3.36
CA ASN B 14 20.24 -10.16 -1.94
C ASN B 14 18.94 -10.10 -1.13
N SER B 15 18.11 -9.11 -1.42
CA SER B 15 16.83 -8.99 -0.74
C SER B 15 15.98 -10.23 -0.97
N GLY B 16 15.99 -10.71 -2.22
CA GLY B 16 15.23 -11.91 -2.57
C GLY B 16 15.76 -13.12 -1.81
N GLN B 17 17.08 -13.25 -1.75
CA GLN B 17 17.68 -14.37 -1.03
C GLN B 17 17.31 -14.28 0.45
N ALA B 18 17.35 -13.06 0.98
CA ALA B 18 17.00 -12.84 2.37
C ALA B 18 15.60 -13.36 2.66
N ARG B 19 14.64 -12.97 1.84
CA ARG B 19 13.27 -13.44 2.02
C ARG B 19 13.24 -14.96 1.90
N SER B 20 13.90 -15.47 0.86
CA SER B 20 13.94 -16.91 0.64
C SER B 20 14.41 -17.63 1.89
N LEU B 21 15.50 -17.13 2.48
CA LEU B 21 16.04 -17.73 3.71
C LEU B 21 15.01 -17.60 4.83
N ALA B 22 14.37 -16.44 4.93
CA ALA B 22 13.37 -16.20 5.97
C ALA B 22 12.24 -17.23 5.85
N TYR B 23 11.67 -17.38 4.65
CA TYR B 23 10.60 -18.36 4.46
C TYR B 23 11.12 -19.75 4.79
N ALA B 24 12.36 -20.04 4.38
CA ALA B 24 12.95 -21.33 4.67
C ALA B 24 13.06 -21.49 6.19
N ALA B 25 13.43 -20.41 6.87
CA ALA B 25 13.53 -20.43 8.33
C ALA B 25 12.18 -20.80 8.92
N LEU B 26 11.12 -20.21 8.39
CA LEU B 26 9.78 -20.50 8.86
C LEU B 26 9.45 -21.97 8.62
N LYS B 27 9.80 -22.46 7.44
CA LYS B 27 9.55 -23.86 7.11
C LYS B 27 10.21 -24.78 8.14
N GLN B 28 11.43 -24.43 8.54
CA GLN B 28 12.13 -25.23 9.56
C GLN B 28 11.31 -25.26 10.84
N ALA B 29 10.74 -24.11 11.19
CA ALA B 29 9.91 -24.02 12.40
C ALA B 29 8.73 -24.97 12.31
N LYS B 30 8.09 -25.01 11.14
CA LYS B 30 6.95 -25.90 10.94
C LYS B 30 7.36 -27.35 11.16
N GLN B 31 8.62 -27.67 10.83
CA GLN B 31 9.10 -29.04 11.01
C GLN B 31 9.46 -29.28 12.48
N GLY B 32 9.32 -28.24 13.29
CA GLY B 32 9.63 -28.35 14.72
C GLY B 32 11.13 -28.18 14.99
N ASP B 33 11.86 -27.66 14.00
CA ASP B 33 13.29 -27.46 14.14
C ASP B 33 13.60 -26.02 14.53
N PHE B 34 13.47 -25.71 15.81
CA PHE B 34 13.73 -24.34 16.29
C PHE B 34 15.18 -23.94 16.10
N ALA B 35 16.09 -24.90 16.27
CA ALA B 35 17.52 -24.60 16.15
C ALA B 35 17.86 -24.12 14.74
N ALA B 36 17.43 -24.87 13.74
CA ALA B 36 17.71 -24.50 12.36
C ALA B 36 16.98 -23.20 12.01
N ALA B 37 15.77 -23.03 12.51
CA ALA B 37 15.03 -21.80 12.24
C ALA B 37 15.82 -20.61 12.74
N LYS B 38 16.23 -20.68 14.02
CA LYS B 38 17.01 -19.60 14.63
C LYS B 38 18.27 -19.27 13.81
N ALA B 39 18.99 -20.29 13.40
CA ALA B 39 20.21 -20.10 12.61
C ALA B 39 19.91 -19.41 11.28
N MET B 40 18.83 -19.82 10.64
CA MET B 40 18.44 -19.26 9.36
C MET B 40 18.05 -17.78 9.51
N MET B 41 17.32 -17.45 10.57
CA MET B 41 16.92 -16.06 10.78
C MET B 41 18.15 -15.17 10.97
N ASP B 42 19.12 -15.68 11.73
CA ASP B 42 20.33 -14.93 12.01
C ASP B 42 21.06 -14.57 10.73
N GLN B 43 21.21 -15.58 9.86
CA GLN B 43 21.88 -15.36 8.59
C GLN B 43 21.08 -14.40 7.72
N SER B 44 19.76 -14.54 7.73
CA SER B 44 18.91 -13.65 6.95
C SER B 44 19.13 -12.20 7.41
N ARG B 45 19.14 -12.00 8.73
CA ARG B 45 19.35 -10.68 9.30
C ARG B 45 20.69 -10.09 8.83
N MET B 46 21.74 -10.90 8.89
CA MET B 46 23.07 -10.45 8.49
C MET B 46 23.05 -10.04 7.02
N ALA B 47 22.37 -10.84 6.20
CA ALA B 47 22.27 -10.53 4.77
C ALA B 47 21.58 -9.19 4.56
N LEU B 48 20.50 -8.97 5.31
CA LEU B 48 19.75 -7.72 5.21
C LEU B 48 20.59 -6.55 5.72
N ASN B 49 21.30 -6.78 6.81
CA ASN B 49 22.13 -5.75 7.40
C ASN B 49 23.18 -5.26 6.40
N GLU B 50 23.83 -6.19 5.73
CA GLU B 50 24.82 -5.83 4.72
C GLU B 50 24.17 -5.10 3.57
N ALA B 51 23.00 -5.58 3.17
CA ALA B 51 22.25 -4.96 2.08
C ALA B 51 21.83 -3.54 2.48
N HIS B 52 21.32 -3.41 3.70
CA HIS B 52 20.88 -2.11 4.21
C HIS B 52 22.06 -1.13 4.27
N LEU B 53 23.22 -1.64 4.69
CA LEU B 53 24.42 -0.80 4.79
C LEU B 53 24.77 -0.23 3.41
N VAL B 54 24.71 -1.09 2.40
CA VAL B 54 25.03 -0.66 1.04
C VAL B 54 24.01 0.40 0.61
N GLN B 55 22.73 0.16 0.90
CA GLN B 55 21.70 1.13 0.53
C GLN B 55 21.96 2.45 1.25
N THR B 56 22.32 2.39 2.54
CA THR B 56 22.60 3.61 3.30
C THR B 56 23.57 4.50 2.53
N LYS B 57 24.65 3.90 2.04
CA LYS B 57 25.62 4.66 1.25
C LYS B 57 24.97 5.20 -0.01
N LEU B 58 24.12 4.39 -0.61
CA LEU B 58 23.44 4.78 -1.84
C LEU B 58 22.45 5.93 -1.59
N ILE B 59 22.02 6.12 -0.32
CA ILE B 59 21.11 7.23 -0.01
C ILE B 59 21.88 8.48 0.45
N GLU B 60 23.00 8.27 1.16
CA GLU B 60 23.81 9.39 1.64
C GLU B 60 24.42 10.17 0.46
N GLY B 61 24.86 9.43 -0.55
CA GLY B 61 25.49 10.05 -1.72
C GLY B 61 24.59 9.96 -2.95
N ASP B 62 23.28 10.02 -2.73
CA ASP B 62 22.32 9.93 -3.82
C ASP B 62 22.41 11.14 -4.77
N ALA B 63 23.21 12.12 -4.40
CA ALA B 63 23.36 13.32 -5.23
C ALA B 63 24.37 13.07 -6.34
N GLY B 64 24.50 14.03 -7.26
CA GLY B 64 25.44 13.90 -8.37
C GLY B 64 24.78 14.23 -9.71
N GLU B 65 23.73 13.48 -10.05
CA GLU B 65 23.03 13.70 -11.32
C GLU B 65 22.34 15.07 -11.33
N GLY B 66 21.76 15.45 -10.20
CA GLY B 66 21.07 16.73 -10.11
C GLY B 66 20.91 17.16 -8.66
N LYS B 67 20.42 18.38 -8.47
CA LYS B 67 20.23 18.92 -7.13
C LYS B 67 19.13 18.16 -6.38
N MET B 68 17.88 18.54 -6.66
CA MET B 68 16.72 17.93 -6.01
C MET B 68 16.52 16.47 -6.40
N LYS B 69 16.75 16.13 -7.66
CA LYS B 69 16.54 14.76 -8.14
C LYS B 69 17.62 13.80 -7.64
N VAL B 70 17.22 12.52 -7.52
CA VAL B 70 18.11 11.47 -7.05
C VAL B 70 18.02 10.24 -7.98
N SER B 71 18.89 9.26 -7.76
CA SER B 71 18.88 8.05 -8.59
C SER B 71 17.52 7.37 -8.49
N LEU B 72 16.93 7.04 -9.64
CA LEU B 72 15.60 6.45 -9.66
C LEU B 72 15.59 5.04 -9.04
N VAL B 73 16.65 4.30 -9.35
CA VAL B 73 16.80 2.93 -8.88
C VAL B 73 16.83 2.84 -7.34
N LEU B 74 17.13 3.95 -6.69
CA LEU B 74 17.17 3.96 -5.22
C LEU B 74 15.90 3.39 -4.63
N VAL B 75 14.79 3.74 -5.25
CA VAL B 75 13.49 3.26 -4.81
C VAL B 75 13.39 1.75 -5.04
N HIS B 76 13.88 1.21 -6.27
CA HIS B 76 13.83 -0.22 -6.57
C HIS B 76 14.50 -1.01 -5.46
N ALA B 77 15.67 -0.54 -5.03
CA ALA B 77 16.40 -1.21 -3.96
C ALA B 77 15.69 -1.03 -2.63
N GLN B 78 15.19 0.18 -2.39
CA GLN B 78 14.49 0.48 -1.14
C GLN B 78 13.22 -0.36 -1.03
N LEU B 79 12.44 -0.39 -2.12
CA LEU B 79 11.22 -1.18 -2.14
C LEU B 79 11.49 -2.65 -1.82
N HIS B 80 12.48 -3.23 -2.48
CA HIS B 80 12.80 -4.62 -2.24
C HIS B 80 13.36 -4.83 -0.84
N LEU B 81 14.27 -3.95 -0.44
CA LEU B 81 14.88 -4.06 0.89
C LEU B 81 13.85 -3.85 2.00
N MET B 82 13.00 -2.85 1.86
CA MET B 82 11.98 -2.57 2.87
C MET B 82 11.02 -3.75 3.01
N THR B 83 10.59 -4.28 1.87
CA THR B 83 9.67 -5.41 1.87
C THR B 83 10.32 -6.64 2.50
N SER B 84 11.55 -6.94 2.10
CA SER B 84 12.26 -8.09 2.64
C SER B 84 12.50 -7.97 4.14
N MET B 85 12.97 -6.81 4.58
CA MET B 85 13.24 -6.60 6.01
C MET B 85 11.96 -6.76 6.83
N LEU B 86 10.89 -6.14 6.36
CA LEU B 86 9.61 -6.21 7.06
C LEU B 86 9.11 -7.65 7.12
N ALA B 87 9.17 -8.33 5.98
CA ALA B 87 8.72 -9.71 5.90
C ALA B 87 9.49 -10.58 6.88
N ARG B 88 10.79 -10.44 6.86
CA ARG B 88 11.65 -11.22 7.75
C ARG B 88 11.28 -10.97 9.21
N GLU B 89 11.08 -9.70 9.59
CA GLU B 89 10.75 -9.38 10.97
C GLU B 89 9.43 -10.05 11.37
N LEU B 90 8.44 -9.96 10.50
CA LEU B 90 7.14 -10.56 10.78
C LEU B 90 7.28 -12.08 10.84
N ILE B 91 8.06 -12.63 9.92
CA ILE B 91 8.30 -14.07 9.91
C ILE B 91 8.95 -14.49 11.23
N THR B 92 9.86 -13.66 11.73
CA THR B 92 10.50 -13.96 13.02
C THR B 92 9.43 -14.07 14.09
N GLU B 93 8.49 -13.13 14.09
CA GLU B 93 7.40 -13.15 15.06
C GLU B 93 6.58 -14.43 14.88
N LEU B 94 6.30 -14.77 13.62
CA LEU B 94 5.54 -15.99 13.33
C LEU B 94 6.27 -17.21 13.87
N ILE B 95 7.59 -17.26 13.68
CA ILE B 95 8.36 -18.38 14.19
C ILE B 95 8.28 -18.46 15.71
N GLU B 96 8.36 -17.30 16.37
CA GLU B 96 8.25 -17.27 17.83
C GLU B 96 6.90 -17.85 18.25
N LEU B 97 5.86 -17.54 17.49
CA LEU B 97 4.52 -18.05 17.79
C LEU B 97 4.52 -19.58 17.69
N HIS B 98 5.19 -20.10 16.66
CA HIS B 98 5.27 -21.55 16.50
C HIS B 98 5.89 -22.17 17.75
N GLU B 99 6.90 -21.48 18.28
CA GLU B 99 7.55 -21.95 19.50
C GLU B 99 6.58 -21.94 20.66
N LYS B 100 5.77 -20.88 20.77
CA LYS B 100 4.79 -20.80 21.84
C LYS B 100 3.72 -21.88 21.65
N LEU B 101 3.39 -22.19 20.39
CA LEU B 101 2.42 -23.25 20.11
C LEU B 101 2.96 -24.60 20.58
N LYS B 102 4.13 -24.57 21.21
CA LYS B 102 4.77 -25.78 21.72
C LYS B 102 5.49 -26.51 20.59
N ALA B 103 4.71 -26.92 19.58
CA ALA B 103 5.25 -27.67 18.43
C ALA B 103 6.64 -27.19 18.04
N ALA C 1 11.12 19.25 -2.05
CA ALA C 1 11.16 20.74 -1.98
C ALA C 1 10.96 21.17 -0.54
N GLU C 2 11.18 22.45 -0.27
CA GLU C 2 11.04 23.02 1.08
C GLU C 2 10.10 22.22 1.98
N GLU C 3 8.81 22.51 1.89
CA GLU C 3 7.83 21.81 2.71
C GLU C 3 7.73 20.34 2.34
N LEU C 4 7.37 20.07 1.08
CA LEU C 4 7.24 18.68 0.63
C LEU C 4 8.38 17.80 1.16
N GLU C 5 9.60 18.32 1.11
CA GLU C 5 10.76 17.57 1.58
C GLU C 5 10.74 17.43 3.10
N GLU C 6 10.47 18.53 3.78
CA GLU C 6 10.41 18.52 5.24
C GLU C 6 9.19 17.70 5.68
N VAL C 7 8.12 17.78 4.89
CA VAL C 7 6.90 17.04 5.17
C VAL C 7 7.17 15.53 5.06
N VAL C 8 7.92 15.14 4.03
CA VAL C 8 8.27 13.74 3.83
C VAL C 8 9.06 13.24 5.04
N MET C 9 10.02 14.04 5.50
CA MET C 9 10.80 13.67 6.66
C MET C 9 9.87 13.40 7.84
N GLY C 10 8.88 14.29 8.01
CA GLY C 10 7.91 14.13 9.08
C GLY C 10 7.12 12.84 8.88
N LEU C 11 6.71 12.59 7.65
CA LEU C 11 5.94 11.37 7.33
C LEU C 11 6.79 10.14 7.59
N ILE C 12 8.05 10.18 7.18
CA ILE C 12 8.94 9.04 7.37
C ILE C 12 9.11 8.78 8.87
N ILE C 13 9.32 9.87 9.61
CA ILE C 13 9.47 9.76 11.06
C ILE C 13 8.16 9.23 11.66
N ASN C 14 7.05 9.81 11.22
CA ASN C 14 5.73 9.40 11.72
C ASN C 14 5.50 7.92 11.43
N SER C 15 5.79 7.51 10.19
CA SER C 15 5.63 6.11 9.81
C SER C 15 6.52 5.24 10.68
N GLY C 16 7.76 5.70 10.90
CA GLY C 16 8.70 4.95 11.73
C GLY C 16 8.18 4.84 13.16
N GLN C 17 7.67 5.95 13.70
CA GLN C 17 7.13 5.92 15.06
C GLN C 17 5.95 4.97 15.12
N ALA C 18 5.12 5.01 14.08
CA ALA C 18 3.96 4.14 14.02
C ALA C 18 4.38 2.67 14.15
N ARG C 19 5.36 2.27 13.33
CA ARG C 19 5.84 0.91 13.40
C ARG C 19 6.41 0.63 14.79
N SER C 20 7.21 1.57 15.28
CA SER C 20 7.81 1.41 16.60
C SER C 20 6.73 1.13 17.65
N LEU C 21 5.66 1.92 17.61
CA LEU C 21 4.56 1.74 18.54
C LEU C 21 3.92 0.37 18.33
N ALA C 22 3.73 0.00 17.06
CA ALA C 22 3.13 -1.29 16.73
C ALA C 22 3.96 -2.44 17.33
N TYR C 23 5.27 -2.43 17.07
CA TYR C 23 6.14 -3.47 17.64
C TYR C 23 6.05 -3.45 19.16
N ALA C 24 6.03 -2.24 19.72
CA ALA C 24 5.92 -2.11 21.17
C ALA C 24 4.59 -2.72 21.62
N ALA C 25 3.54 -2.47 20.85
CA ALA C 25 2.23 -3.03 21.16
C ALA C 25 2.31 -4.55 21.21
N LEU C 26 3.01 -5.12 20.24
CA LEU C 26 3.19 -6.57 20.18
C LEU C 26 3.95 -7.05 21.42
N LYS C 27 4.99 -6.31 21.77
CA LYS C 27 5.79 -6.66 22.94
C LYS C 27 4.90 -6.72 24.19
N GLN C 28 3.99 -5.77 24.31
CA GLN C 28 3.06 -5.75 25.44
C GLN C 28 2.26 -7.04 25.47
N ALA C 29 1.82 -7.47 24.27
CA ALA C 29 1.05 -8.70 24.16
C ALA C 29 1.85 -9.89 24.67
N LYS C 30 3.13 -9.94 24.30
CA LYS C 30 3.99 -11.02 24.76
C LYS C 30 4.07 -11.06 26.28
N GLN C 31 3.98 -9.88 26.90
CA GLN C 31 4.04 -9.80 28.36
C GLN C 31 2.67 -10.17 28.96
N GLY C 32 1.71 -10.44 28.08
CA GLY C 32 0.36 -10.83 28.53
C GLY C 32 -0.47 -9.60 28.89
N ASP C 33 -0.04 -8.43 28.44
CA ASP C 33 -0.76 -7.18 28.70
C ASP C 33 -1.63 -6.80 27.51
N PHE C 34 -2.80 -7.41 27.42
CA PHE C 34 -3.71 -7.14 26.31
C PHE C 34 -4.22 -5.70 26.34
N ALA C 35 -4.43 -5.17 27.54
CA ALA C 35 -4.94 -3.81 27.68
C ALA C 35 -3.97 -2.79 27.08
N ALA C 36 -2.71 -2.89 27.47
CA ALA C 36 -1.71 -1.96 26.96
C ALA C 36 -1.50 -2.17 25.47
N ALA C 37 -1.55 -3.42 25.02
CA ALA C 37 -1.38 -3.71 23.60
C ALA C 37 -2.48 -3.00 22.81
N LYS C 38 -3.72 -3.21 23.22
CA LYS C 38 -4.87 -2.59 22.57
C LYS C 38 -4.72 -1.07 22.49
N ALA C 39 -4.32 -0.45 23.61
CA ALA C 39 -4.16 1.00 23.65
C ALA C 39 -3.06 1.46 22.68
N MET C 40 -1.96 0.72 22.64
CA MET C 40 -0.85 1.06 21.77
C MET C 40 -1.25 0.92 20.30
N MET C 41 -2.03 -0.11 19.99
CA MET C 41 -2.48 -0.31 18.61
C MET C 41 -3.35 0.85 18.16
N ASP C 42 -4.25 1.28 19.04
CA ASP C 42 -5.17 2.36 18.72
C ASP C 42 -4.41 3.63 18.38
N GLN C 43 -3.42 3.97 19.21
CA GLN C 43 -2.61 5.16 18.97
C GLN C 43 -1.83 5.03 17.67
N SER C 44 -1.30 3.85 17.42
CA SER C 44 -0.55 3.60 16.19
C SER C 44 -1.44 3.87 14.98
N ARG C 45 -2.67 3.32 15.03
CA ARG C 45 -3.64 3.50 13.96
C ARG C 45 -3.93 4.99 13.72
N MET C 46 -4.14 5.72 14.81
CA MET C 46 -4.43 7.15 14.72
C MET C 46 -3.26 7.89 14.08
N ALA C 47 -2.04 7.51 14.47
CA ALA C 47 -0.84 8.14 13.91
C ALA C 47 -0.78 7.91 12.40
N LEU C 48 -1.08 6.68 11.98
CA LEU C 48 -1.07 6.33 10.57
C LEU C 48 -2.17 7.06 9.82
N ASN C 49 -3.34 7.15 10.45
CA ASN C 49 -4.48 7.81 9.84
C ASN C 49 -4.14 9.27 9.52
N GLU C 50 -3.51 9.95 10.47
CA GLU C 50 -3.11 11.33 10.26
C GLU C 50 -2.06 11.41 9.16
N ALA C 51 -1.13 10.47 9.19
CA ALA C 51 -0.07 10.43 8.18
C ALA C 51 -0.67 10.15 6.80
N HIS C 52 -1.58 9.19 6.74
CA HIS C 52 -2.25 8.85 5.48
C HIS C 52 -3.02 10.05 4.94
N LEU C 53 -3.69 10.78 5.83
CA LEU C 53 -4.47 11.95 5.43
C LEU C 53 -3.56 12.98 4.76
N VAL C 54 -2.39 13.20 5.35
CA VAL C 54 -1.45 14.16 4.80
C VAL C 54 -0.99 13.67 3.43
N GLN C 55 -0.69 12.38 3.32
CA GLN C 55 -0.26 11.82 2.04
C GLN C 55 -1.38 11.99 1.00
N THR C 56 -2.62 11.74 1.41
CA THR C 56 -3.76 11.88 0.48
C THR C 56 -3.70 13.25 -0.19
N LYS C 57 -3.50 14.29 0.60
CA LYS C 57 -3.40 15.64 0.05
C LYS C 57 -2.20 15.73 -0.88
N LEU C 58 -1.11 15.09 -0.49
CA LEU C 58 0.10 15.11 -1.29
C LEU C 58 -0.08 14.35 -2.61
N ILE C 59 -1.09 13.47 -2.70
CA ILE C 59 -1.33 12.76 -3.95
C ILE C 59 -2.40 13.48 -4.79
N GLU C 60 -3.38 14.10 -4.14
CA GLU C 60 -4.43 14.83 -4.87
C GLU C 60 -3.85 16.03 -5.60
N GLY C 61 -2.89 16.71 -4.98
CA GLY C 61 -2.28 17.89 -5.57
C GLY C 61 -0.83 17.62 -5.97
N ASP C 62 -0.56 16.41 -6.41
CA ASP C 62 0.79 16.03 -6.80
C ASP C 62 1.22 16.75 -8.06
N ALA C 63 0.31 17.49 -8.68
CA ALA C 63 0.63 18.24 -9.90
C ALA C 63 1.30 19.56 -9.56
N GLY C 64 1.78 20.26 -10.59
CA GLY C 64 2.43 21.56 -10.39
C GLY C 64 3.77 21.63 -11.13
N GLU C 65 4.69 20.71 -10.81
CA GLU C 65 5.99 20.70 -11.45
C GLU C 65 5.87 20.38 -12.94
N GLY C 66 4.99 19.45 -13.27
CA GLY C 66 4.80 19.05 -14.66
C GLY C 66 3.45 18.36 -14.86
N LYS C 67 3.12 18.09 -16.11
CA LYS C 67 1.85 17.44 -16.43
C LYS C 67 1.83 16.00 -15.92
N MET C 68 2.44 15.10 -16.70
CA MET C 68 2.48 13.68 -16.36
C MET C 68 3.31 13.38 -15.12
N LYS C 69 4.45 14.07 -14.97
CA LYS C 69 5.34 13.83 -13.84
C LYS C 69 4.79 14.36 -12.52
N VAL C 70 5.20 13.71 -11.43
CA VAL C 70 4.76 14.07 -10.08
C VAL C 70 5.96 14.16 -9.13
N SER C 71 5.72 14.64 -7.91
CA SER C 71 6.80 14.75 -6.93
C SER C 71 7.42 13.38 -6.68
N LEU C 72 8.74 13.30 -6.77
CA LEU C 72 9.45 12.03 -6.61
C LEU C 72 9.31 11.48 -5.19
N VAL C 73 9.40 12.39 -4.22
CA VAL C 73 9.33 12.04 -2.80
C VAL C 73 8.00 11.37 -2.44
N LEU C 74 6.99 11.56 -3.26
CA LEU C 74 5.67 10.97 -2.99
C LEU C 74 5.79 9.48 -2.74
N VAL C 75 6.67 8.86 -3.52
CA VAL C 75 6.89 7.42 -3.39
C VAL C 75 7.59 7.14 -2.05
N HIS C 76 8.64 7.99 -1.63
CA HIS C 76 9.34 7.79 -0.36
C HIS C 76 8.34 7.74 0.79
N ALA C 77 7.39 8.66 0.79
CA ALA C 77 6.37 8.69 1.82
C ALA C 77 5.42 7.52 1.68
N GLN C 78 5.04 7.22 0.43
CA GLN C 78 4.12 6.12 0.17
C GLN C 78 4.74 4.79 0.59
N LEU C 79 5.99 4.58 0.19
CA LEU C 79 6.71 3.36 0.55
C LEU C 79 6.75 3.17 2.06
N HIS C 80 7.13 4.21 2.79
CA HIS C 80 7.20 4.12 4.24
C HIS C 80 5.81 3.94 4.85
N LEU C 81 4.87 4.73 4.38
CA LEU C 81 3.50 4.67 4.89
C LEU C 81 2.85 3.31 4.59
N MET C 82 3.01 2.84 3.37
CA MET C 82 2.42 1.55 2.98
C MET C 82 3.01 0.42 3.82
N THR C 83 4.32 0.45 3.99
CA THR C 83 5.00 -0.58 4.76
C THR C 83 4.54 -0.55 6.22
N SER C 84 4.53 0.64 6.80
CA SER C 84 4.12 0.80 8.20
C SER C 84 2.67 0.37 8.42
N MET C 85 1.76 0.84 7.56
CA MET C 85 0.35 0.48 7.70
C MET C 85 0.16 -1.04 7.61
N LEU C 86 0.80 -1.65 6.63
CA LEU C 86 0.70 -3.09 6.43
C LEU C 86 1.24 -3.83 7.65
N ALA C 87 2.42 -3.42 8.10
CA ALA C 87 3.05 -4.04 9.25
C ALA C 87 2.13 -3.96 10.47
N ARG C 88 1.61 -2.77 10.71
CA ARG C 88 0.74 -2.55 11.84
C ARG C 88 -0.50 -3.47 11.77
N GLU C 89 -1.11 -3.56 10.59
CA GLU C 89 -2.29 -4.42 10.44
C GLU C 89 -1.95 -5.88 10.74
N LEU C 90 -0.82 -6.35 10.20
CA LEU C 90 -0.40 -7.72 10.44
C LEU C 90 -0.07 -7.92 11.91
N ILE C 91 0.60 -6.95 12.49
CA ILE C 91 0.95 -7.02 13.90
C ILE C 91 -0.33 -7.12 14.73
N THR C 92 -1.36 -6.39 14.32
CA THR C 92 -2.64 -6.46 15.02
C THR C 92 -3.15 -7.89 14.99
N GLU C 93 -3.06 -8.53 13.83
CA GLU C 93 -3.50 -9.92 13.70
C GLU C 93 -2.66 -10.82 14.62
N LEU C 94 -1.36 -10.56 14.63
CA LEU C 94 -0.45 -11.34 15.47
C LEU C 94 -0.84 -11.20 16.94
N ILE C 95 -1.16 -9.98 17.35
CA ILE C 95 -1.57 -9.73 18.73
C ILE C 95 -2.86 -10.51 19.05
N GLU C 96 -3.80 -10.48 18.12
CA GLU C 96 -5.05 -11.21 18.31
C GLU C 96 -4.75 -12.70 18.53
N LEU C 97 -3.78 -13.21 17.77
CA LEU C 97 -3.39 -14.61 17.91
C LEU C 97 -2.85 -14.87 19.32
N HIS C 98 -2.05 -13.94 19.83
CA HIS C 98 -1.52 -14.09 21.18
C HIS C 98 -2.68 -14.22 22.16
N GLU C 99 -3.73 -13.44 21.92
CA GLU C 99 -4.90 -13.49 22.78
C GLU C 99 -5.57 -14.87 22.68
N LYS C 100 -5.65 -15.41 21.46
CA LYS C 100 -6.25 -16.72 21.29
C LYS C 100 -5.38 -17.78 21.95
N LEU C 101 -4.05 -17.58 21.91
CA LEU C 101 -3.12 -18.52 22.55
C LEU C 101 -3.37 -18.53 24.06
N LYS C 102 -4.36 -17.76 24.51
CA LYS C 102 -4.70 -17.67 25.93
C LYS C 102 -3.78 -16.68 26.63
N ALA C 103 -2.48 -16.99 26.61
CA ALA C 103 -1.45 -16.16 27.26
C ALA C 103 -1.80 -14.67 27.21
N LYS D 1 -19.97 26.95 -1.17
CA LYS D 1 -19.08 26.05 -1.96
C LYS D 1 -19.44 24.59 -1.78
N LYS D 2 -19.77 23.94 -2.87
CA LYS D 2 -20.15 22.54 -2.84
C LYS D 2 -18.93 21.62 -2.88
N HIS D 3 -19.02 20.49 -2.19
CA HIS D 3 -17.93 19.52 -2.13
C HIS D 3 -18.12 18.37 -3.08
N ILE D 4 -17.20 18.26 -4.03
CA ILE D 4 -17.22 17.18 -4.99
C ILE D 4 -16.07 16.24 -4.61
N TYR D 5 -16.39 15.03 -4.18
CA TYR D 5 -15.38 14.06 -3.78
C TYR D 5 -15.33 12.90 -4.76
N LEU D 6 -14.13 12.60 -5.26
CA LEU D 6 -13.90 11.48 -6.19
C LEU D 6 -13.25 10.35 -5.40
N PHE D 7 -13.55 9.09 -5.74
CA PHE D 7 -12.85 7.97 -5.12
C PHE D 7 -12.17 7.07 -6.15
N CYS D 8 -11.02 6.47 -5.72
CA CYS D 8 -10.25 5.48 -6.46
C CYS D 8 -9.49 4.58 -5.48
N SER D 9 -8.61 3.69 -5.87
CA SER D 9 -8.02 2.85 -4.82
C SER D 9 -7.17 3.67 -3.88
N ALA D 10 -6.18 4.44 -4.39
CA ALA D 10 -5.28 5.17 -3.49
C ALA D 10 -5.59 6.65 -3.54
N GLY D 11 -5.85 7.17 -4.74
CA GLY D 11 -6.15 8.58 -4.92
C GLY D 11 -5.11 9.27 -5.81
N MET D 12 -4.48 8.55 -6.75
CA MET D 12 -3.47 9.16 -7.60
C MET D 12 -3.96 9.35 -9.04
N SER D 13 -4.06 8.27 -9.76
CA SER D 13 -4.51 8.37 -11.15
C SER D 13 -5.72 9.30 -11.30
N THR D 14 -6.45 9.50 -10.20
CA THR D 14 -7.62 10.38 -10.32
C THR D 14 -7.21 11.78 -9.89
N SER D 15 -6.09 11.83 -9.22
CA SER D 15 -5.48 13.09 -8.76
C SER D 15 -5.20 14.03 -9.93
N LEU D 16 -4.82 13.46 -11.06
CA LEU D 16 -4.55 14.26 -12.24
C LEU D 16 -5.88 14.86 -12.76
N LEU D 17 -6.96 14.07 -12.72
CA LEU D 17 -8.28 14.55 -13.14
C LEU D 17 -8.75 15.68 -12.19
N VAL D 18 -8.54 15.48 -10.88
CA VAL D 18 -8.91 16.50 -9.89
C VAL D 18 -8.18 17.83 -10.15
N SER D 19 -6.89 17.79 -10.47
CA SER D 19 -6.17 19.03 -10.74
C SER D 19 -6.73 19.77 -11.98
N LYS D 20 -7.12 19.03 -13.02
CA LYS D 20 -7.71 19.66 -14.20
C LYS D 20 -9.12 20.20 -13.91
N MET D 21 -9.87 19.50 -13.07
CA MET D 21 -11.22 20.00 -12.73
C MET D 21 -11.08 21.31 -11.94
N ARG D 22 -10.13 21.39 -11.02
CA ARG D 22 -9.91 22.60 -10.21
C ARG D 22 -9.56 23.79 -11.12
N ALA D 23 -8.79 23.54 -12.18
CA ALA D 23 -8.39 24.59 -13.11
C ALA D 23 -9.63 25.14 -13.81
N GLN D 24 -10.50 24.24 -14.24
CA GLN D 24 -11.72 24.61 -14.91
C GLN D 24 -12.67 25.35 -14.00
N ALA D 25 -12.80 24.88 -12.77
CA ALA D 25 -13.69 25.53 -11.80
C ALA D 25 -13.24 26.96 -11.55
N GLU D 26 -11.93 27.20 -11.60
CA GLU D 26 -11.39 28.54 -11.36
C GLU D 26 -11.65 29.43 -12.57
N LYS D 27 -11.43 28.88 -13.76
CA LYS D 27 -11.63 29.59 -14.99
C LYS D 27 -13.07 30.10 -15.12
N TYR D 28 -14.05 29.29 -14.72
CA TYR D 28 -15.48 29.69 -14.80
C TYR D 28 -16.13 30.10 -13.49
N GLU D 29 -15.33 30.35 -12.46
CA GLU D 29 -15.81 30.78 -11.15
C GLU D 29 -16.89 29.89 -10.51
N VAL D 30 -16.76 28.58 -10.66
CA VAL D 30 -17.70 27.63 -10.08
C VAL D 30 -17.27 27.48 -8.62
N PRO D 31 -18.19 27.73 -7.67
CA PRO D 31 -17.91 27.64 -6.23
C PRO D 31 -17.93 26.21 -5.68
N VAL D 32 -16.88 25.46 -6.01
CA VAL D 32 -16.75 24.08 -5.57
C VAL D 32 -15.38 23.76 -5.01
N ILE D 33 -15.35 22.75 -4.14
CA ILE D 33 -14.13 22.22 -3.55
C ILE D 33 -14.09 20.77 -4.09
N ILE D 34 -12.98 20.40 -4.71
CA ILE D 34 -12.79 19.07 -5.32
C ILE D 34 -11.61 18.31 -4.66
N GLU D 35 -11.86 17.09 -4.18
CA GLU D 35 -10.83 16.27 -3.52
C GLU D 35 -10.93 14.82 -4.00
N ALA D 36 -9.78 14.14 -4.09
CA ALA D 36 -9.71 12.73 -4.50
C ALA D 36 -9.34 11.92 -3.25
N PHE D 37 -9.93 10.74 -3.09
CA PHE D 37 -9.64 9.87 -1.95
C PHE D 37 -9.66 8.44 -2.43
N PRO D 38 -9.08 7.53 -1.64
CA PRO D 38 -9.07 6.11 -2.02
C PRO D 38 -10.49 5.61 -1.70
N GLU D 39 -10.91 4.54 -2.35
CA GLU D 39 -12.24 3.96 -2.13
C GLU D 39 -12.51 3.54 -0.69
N THR D 40 -11.46 3.29 0.09
CA THR D 40 -11.63 2.88 1.48
C THR D 40 -12.26 3.95 2.37
N LEU D 41 -12.19 5.21 1.94
CA LEU D 41 -12.77 6.32 2.70
C LEU D 41 -14.15 6.77 2.20
N ALA D 42 -14.74 6.07 1.21
CA ALA D 42 -16.05 6.45 0.63
C ALA D 42 -17.14 6.64 1.68
N GLY D 43 -17.12 5.80 2.71
CA GLY D 43 -18.13 5.91 3.75
C GLY D 43 -17.81 6.98 4.77
N GLU D 44 -16.53 7.16 5.08
CA GLU D 44 -16.15 8.15 6.07
C GLU D 44 -16.16 9.59 5.49
N LYS D 45 -15.52 9.77 4.34
CA LYS D 45 -15.46 11.08 3.70
C LYS D 45 -16.73 11.45 2.92
N GLY D 46 -17.38 10.46 2.32
CA GLY D 46 -18.60 10.70 1.55
C GLY D 46 -19.69 11.43 2.29
N GLN D 47 -19.77 11.23 3.60
CA GLN D 47 -20.79 11.89 4.43
C GLN D 47 -20.74 13.42 4.34
N ASN D 48 -19.59 13.97 3.95
CA ASN D 48 -19.43 15.41 3.87
C ASN D 48 -19.45 15.95 2.45
N ALA D 49 -19.66 15.08 1.48
CA ALA D 49 -19.67 15.54 0.10
C ALA D 49 -21.06 15.97 -0.30
N ASP D 50 -21.11 16.82 -1.31
CA ASP D 50 -22.38 17.25 -1.83
C ASP D 50 -22.73 16.32 -2.99
N VAL D 51 -21.69 15.73 -3.60
CA VAL D 51 -21.88 14.75 -4.67
C VAL D 51 -20.68 13.78 -4.61
N VAL D 52 -20.98 12.49 -4.70
CA VAL D 52 -19.97 11.44 -4.66
C VAL D 52 -19.78 10.85 -6.06
N LEU D 53 -18.55 10.92 -6.57
CA LEU D 53 -18.24 10.38 -7.88
C LEU D 53 -17.30 9.18 -7.73
N LEU D 54 -17.60 8.08 -8.42
CA LEU D 54 -16.75 6.88 -8.36
C LEU D 54 -15.96 6.73 -9.63
N GLY D 55 -14.69 6.35 -9.51
CA GLY D 55 -13.84 6.18 -10.68
C GLY D 55 -14.39 5.02 -11.49
N PRO D 56 -14.13 4.94 -12.76
CA PRO D 56 -14.66 3.84 -13.62
C PRO D 56 -14.24 2.42 -13.18
N GLN D 57 -13.07 2.31 -12.54
CA GLN D 57 -12.57 1.02 -12.08
C GLN D 57 -13.39 0.49 -10.90
N ILE D 58 -14.04 1.38 -10.15
CA ILE D 58 -14.82 0.94 -9.01
C ILE D 58 -16.34 1.02 -9.23
N ALA D 59 -16.75 0.99 -10.49
CA ALA D 59 -18.17 1.04 -10.83
C ALA D 59 -18.94 -0.11 -10.19
N TYR D 60 -18.34 -1.30 -10.13
CA TYR D 60 -19.04 -2.44 -9.55
C TYR D 60 -19.46 -2.21 -8.09
N MET D 61 -18.84 -1.23 -7.44
CA MET D 61 -19.15 -0.89 -6.05
C MET D 61 -20.33 0.08 -5.87
N LEU D 62 -20.89 0.58 -6.97
CA LEU D 62 -21.99 1.54 -6.90
C LEU D 62 -23.13 1.19 -5.93
N PRO D 63 -23.73 -0.02 -6.05
CA PRO D 63 -24.82 -0.37 -5.12
C PRO D 63 -24.43 -0.30 -3.65
N GLU D 64 -23.22 -0.72 -3.30
CA GLU D 64 -22.77 -0.68 -1.91
C GLU D 64 -22.60 0.74 -1.42
N ILE D 65 -22.02 1.59 -2.25
CA ILE D 65 -21.83 2.99 -1.85
C ILE D 65 -23.16 3.74 -1.71
N GLN D 66 -24.12 3.42 -2.59
CA GLN D 66 -25.46 4.00 -2.52
C GLN D 66 -26.13 3.64 -1.18
N ARG D 67 -26.00 2.39 -0.73
CA ARG D 67 -26.60 1.98 0.55
C ARG D 67 -25.89 2.63 1.74
N LEU D 68 -24.60 2.88 1.59
CA LEU D 68 -23.77 3.49 2.64
C LEU D 68 -24.11 4.97 2.82
N LEU D 69 -24.39 5.65 1.70
CA LEU D 69 -24.73 7.09 1.68
C LEU D 69 -26.11 7.27 1.01
N PRO D 70 -27.20 6.87 1.69
CA PRO D 70 -28.55 6.99 1.13
C PRO D 70 -29.03 8.44 0.93
N ASN D 71 -28.35 9.38 1.56
CA ASN D 71 -28.75 10.79 1.44
C ASN D 71 -27.82 11.63 0.57
N LYS D 72 -27.08 10.99 -0.33
CA LYS D 72 -26.14 11.69 -1.21
C LYS D 72 -26.26 11.20 -2.63
N PRO D 73 -26.13 12.10 -3.63
CA PRO D 73 -26.21 11.62 -5.02
C PRO D 73 -24.85 10.97 -5.27
N VAL D 74 -24.87 9.73 -5.75
CA VAL D 74 -23.64 8.96 -6.02
C VAL D 74 -23.64 8.48 -7.46
N GLU D 75 -22.58 8.72 -8.19
CA GLU D 75 -22.53 8.22 -9.55
C GLU D 75 -21.13 7.95 -10.07
N VAL D 76 -21.06 7.12 -11.10
CA VAL D 76 -19.80 6.72 -11.71
C VAL D 76 -19.40 7.72 -12.78
N ILE D 77 -18.11 8.03 -12.84
CA ILE D 77 -17.58 8.96 -13.83
C ILE D 77 -17.54 8.27 -15.17
N ASP D 78 -17.96 8.97 -16.21
CA ASP D 78 -17.94 8.40 -17.55
C ASP D 78 -16.51 7.95 -17.89
N SER D 79 -16.33 6.69 -18.28
CA SER D 79 -14.99 6.17 -18.58
C SER D 79 -14.18 6.90 -19.65
N LEU D 80 -14.87 7.44 -20.65
CA LEU D 80 -14.19 8.17 -21.73
C LEU D 80 -13.73 9.53 -21.23
N LEU D 81 -14.58 10.18 -20.45
CA LEU D 81 -14.26 11.49 -19.90
C LEU D 81 -13.10 11.33 -18.94
N TYR D 82 -13.10 10.21 -18.22
CA TYR D 82 -12.04 9.90 -17.25
C TYR D 82 -10.71 9.58 -17.95
N GLY D 83 -10.75 8.68 -18.92
CA GLY D 83 -9.54 8.32 -19.64
C GLY D 83 -8.87 9.50 -20.31
N LYS D 84 -9.68 10.37 -20.87
CA LYS D 84 -9.22 11.56 -21.59
C LYS D 84 -8.79 12.70 -20.65
N VAL D 85 -9.07 12.52 -19.35
CA VAL D 85 -8.77 13.52 -18.31
C VAL D 85 -9.47 14.86 -18.61
N ASP D 86 -10.76 14.77 -18.94
CA ASP D 86 -11.57 15.95 -19.28
C ASP D 86 -12.09 16.63 -18.03
N GLY D 87 -11.29 17.56 -17.51
CA GLY D 87 -11.64 18.31 -16.31
C GLY D 87 -12.94 19.07 -16.45
N LEU D 88 -13.16 19.73 -17.60
CA LEU D 88 -14.39 20.49 -17.80
C LEU D 88 -15.63 19.58 -17.87
N GLY D 89 -15.50 18.50 -18.64
CA GLY D 89 -16.59 17.56 -18.81
C GLY D 89 -17.07 16.91 -17.53
N VAL D 90 -16.12 16.49 -16.69
CA VAL D 90 -16.48 15.84 -15.42
C VAL D 90 -17.04 16.88 -14.45
N LEU D 91 -16.47 18.08 -14.49
CA LEU D 91 -16.97 19.15 -13.63
C LEU D 91 -18.46 19.39 -14.00
N LYS D 92 -18.76 19.42 -15.30
CA LYS D 92 -20.15 19.61 -15.75
C LYS D 92 -21.09 18.52 -15.24
N ALA D 93 -20.64 17.27 -15.30
CA ALA D 93 -21.47 16.14 -14.85
C ALA D 93 -21.76 16.21 -13.35
N ALA D 94 -20.78 16.72 -12.60
CA ALA D 94 -20.90 16.82 -11.15
C ALA D 94 -21.90 17.90 -10.75
N VAL D 95 -21.80 19.06 -11.40
CA VAL D 95 -22.72 20.17 -11.13
C VAL D 95 -24.13 19.69 -11.49
N ALA D 96 -24.25 18.98 -12.61
CA ALA D 96 -25.54 18.45 -13.04
C ALA D 96 -26.13 17.51 -11.99
N ALA D 97 -25.33 16.57 -11.49
CA ALA D 97 -25.85 15.64 -10.49
C ALA D 97 -26.36 16.40 -9.26
N ILE D 98 -25.70 17.51 -8.93
CA ILE D 98 -26.12 18.32 -7.78
C ILE D 98 -27.46 19.01 -8.03
N LYS D 99 -27.63 19.58 -9.24
CA LYS D 99 -28.87 20.26 -9.62
C LYS D 99 -30.01 19.26 -9.71
N LYS D 100 -29.80 18.19 -10.45
CA LYS D 100 -30.83 17.18 -10.59
C LYS D 100 -31.20 16.60 -9.22
N ALA D 101 -30.34 16.79 -8.23
CA ALA D 101 -30.58 16.28 -6.88
C ALA D 101 -31.37 17.24 -6.00
N ALA D 102 -31.14 18.54 -6.18
CA ALA D 102 -31.83 19.57 -5.43
C ALA D 102 -33.22 19.88 -6.02
N ALA D 103 -33.60 19.13 -7.06
CA ALA D 103 -34.88 19.29 -7.72
C ALA D 103 -35.05 18.26 -8.85
P PO3 E . -4.77 5.47 -7.19
O1 PO3 E . -4.14 6.27 -6.07
O2 PO3 E . -5.24 4.05 -6.94
O3 PO3 E . -4.75 6.00 -8.61
N ALA A 1 0.74 7.29 -18.60
CA ALA A 1 0.24 7.59 -19.96
C ALA A 1 -1.09 6.86 -20.17
N GLU A 2 -1.77 7.18 -21.26
CA GLU A 2 -3.08 6.58 -21.60
C GLU A 2 -3.28 5.20 -20.95
N GLU A 3 -2.80 4.17 -21.63
CA GLU A 3 -2.95 2.80 -21.13
C GLU A 3 -2.16 2.60 -19.84
N LEU A 4 -0.84 2.78 -19.91
CA LEU A 4 0.01 2.60 -18.74
C LEU A 4 -0.63 3.20 -17.48
N GLU A 5 -1.21 4.38 -17.61
CA GLU A 5 -1.84 5.05 -16.47
C GLU A 5 -3.12 4.34 -16.08
N GLU A 6 -3.94 4.01 -17.07
CA GLU A 6 -5.19 3.30 -16.82
C GLU A 6 -4.88 1.88 -16.34
N VAL A 7 -3.80 1.31 -16.88
CA VAL A 7 -3.37 -0.03 -16.50
C VAL A 7 -2.93 -0.05 -15.03
N VAL A 8 -2.20 0.99 -14.63
CA VAL A 8 -1.73 1.10 -13.25
C VAL A 8 -2.95 1.16 -12.33
N MET A 9 -3.95 1.96 -12.70
CA MET A 9 -5.17 2.06 -11.90
C MET A 9 -5.77 0.67 -11.73
N GLY A 10 -5.81 -0.09 -12.82
CA GLY A 10 -6.34 -1.45 -12.77
C GLY A 10 -5.49 -2.31 -11.83
N LEU A 11 -4.17 -2.17 -11.95
CA LEU A 11 -3.26 -2.93 -11.10
C LEU A 11 -3.45 -2.56 -9.64
N ILE A 12 -3.57 -1.27 -9.37
CA ILE A 12 -3.76 -0.80 -8.00
C ILE A 12 -5.06 -1.36 -7.46
N ILE A 13 -6.11 -1.29 -8.26
CA ILE A 13 -7.40 -1.82 -7.85
C ILE A 13 -7.30 -3.33 -7.65
N ASN A 14 -6.65 -4.01 -8.60
CA ASN A 14 -6.47 -5.45 -8.53
C ASN A 14 -5.71 -5.82 -7.26
N SER A 15 -4.61 -5.11 -7.03
CA SER A 15 -3.81 -5.35 -5.83
C SER A 15 -4.65 -5.14 -4.57
N GLY A 16 -5.44 -4.06 -4.60
CA GLY A 16 -6.32 -3.75 -3.47
C GLY A 16 -7.35 -4.86 -3.26
N GLN A 17 -7.95 -5.32 -4.36
CA GLN A 17 -8.94 -6.40 -4.27
C GLN A 17 -8.27 -7.65 -3.72
N ALA A 18 -7.05 -7.92 -4.18
CA ALA A 18 -6.31 -9.09 -3.72
C ALA A 18 -6.15 -9.04 -2.21
N ARG A 19 -5.70 -7.91 -1.69
CA ARG A 19 -5.55 -7.77 -0.25
C ARG A 19 -6.90 -7.95 0.43
N SER A 20 -7.91 -7.28 -0.11
CA SER A 20 -9.25 -7.36 0.44
C SER A 20 -9.68 -8.83 0.57
N LEU A 21 -9.47 -9.59 -0.49
CA LEU A 21 -9.81 -11.01 -0.48
C LEU A 21 -8.97 -11.74 0.58
N ALA A 22 -7.69 -11.40 0.63
CA ALA A 22 -6.79 -12.03 1.60
C ALA A 22 -7.30 -11.80 3.03
N TYR A 23 -7.59 -10.55 3.38
CA TYR A 23 -8.10 -10.25 4.72
C TYR A 23 -9.41 -11.00 4.93
N ALA A 24 -10.25 -11.03 3.90
CA ALA A 24 -11.51 -11.73 3.99
C ALA A 24 -11.24 -13.22 4.25
N ALA A 25 -10.23 -13.75 3.56
CA ALA A 25 -9.84 -15.14 3.75
C ALA A 25 -9.48 -15.38 5.21
N LEU A 26 -8.72 -14.46 5.78
CA LEU A 26 -8.32 -14.57 7.18
C LEU A 26 -9.56 -14.55 8.07
N LYS A 27 -10.48 -13.64 7.77
CA LYS A 27 -11.71 -13.53 8.54
C LYS A 27 -12.45 -14.87 8.56
N GLN A 28 -12.48 -15.54 7.41
CA GLN A 28 -13.15 -16.84 7.31
C GLN A 28 -12.48 -17.81 8.28
N ALA A 29 -11.15 -17.75 8.35
CA ALA A 29 -10.39 -18.62 9.24
C ALA A 29 -10.80 -18.38 10.69
N LYS A 30 -10.95 -17.12 11.05
CA LYS A 30 -11.36 -16.77 12.41
C LYS A 30 -12.72 -17.37 12.73
N GLN A 31 -13.58 -17.50 11.72
CA GLN A 31 -14.89 -18.08 11.93
C GLN A 31 -14.80 -19.60 11.96
N GLY A 32 -13.60 -20.12 11.77
CA GLY A 32 -13.37 -21.56 11.81
C GLY A 32 -13.71 -22.21 10.47
N ASP A 33 -13.83 -21.40 9.43
CA ASP A 33 -14.15 -21.90 8.09
C ASP A 33 -12.88 -22.06 7.26
N PHE A 34 -12.18 -23.18 7.47
CA PHE A 34 -10.93 -23.42 6.73
C PHE A 34 -11.18 -23.60 5.24
N ALA A 35 -12.31 -24.21 4.89
CA ALA A 35 -12.63 -24.46 3.49
C ALA A 35 -12.77 -23.14 2.72
N ALA A 36 -13.56 -22.23 3.26
CA ALA A 36 -13.76 -20.95 2.60
C ALA A 36 -12.46 -20.14 2.60
N ALA A 37 -11.70 -20.23 3.68
CA ALA A 37 -10.43 -19.52 3.75
C ALA A 37 -9.52 -19.99 2.60
N LYS A 38 -9.36 -21.30 2.49
CA LYS A 38 -8.53 -21.90 1.45
C LYS A 38 -8.96 -21.42 0.06
N ALA A 39 -10.26 -21.45 -0.21
CA ALA A 39 -10.77 -21.03 -1.51
C ALA A 39 -10.47 -19.57 -1.79
N MET A 40 -10.61 -18.74 -0.76
CA MET A 40 -10.36 -17.30 -0.90
C MET A 40 -8.88 -17.03 -1.18
N MET A 41 -7.98 -17.76 -0.50
CA MET A 41 -6.55 -17.56 -0.72
C MET A 41 -6.19 -17.92 -2.15
N ASP A 42 -6.77 -19.01 -2.65
CA ASP A 42 -6.47 -19.48 -3.99
C ASP A 42 -6.83 -18.42 -5.02
N GLN A 43 -8.03 -17.87 -4.88
CA GLN A 43 -8.48 -16.82 -5.80
C GLN A 43 -7.61 -15.59 -5.67
N SER A 44 -7.25 -15.24 -4.44
CA SER A 44 -6.40 -14.08 -4.20
C SER A 44 -5.06 -14.28 -4.91
N ARG A 45 -4.49 -15.47 -4.78
CA ARG A 45 -3.22 -15.82 -5.43
C ARG A 45 -3.32 -15.66 -6.95
N MET A 46 -4.40 -16.18 -7.51
CA MET A 46 -4.63 -16.11 -8.95
C MET A 46 -4.72 -14.65 -9.40
N ALA A 47 -5.41 -13.83 -8.62
CA ALA A 47 -5.56 -12.41 -8.94
C ALA A 47 -4.19 -11.74 -9.00
N LEU A 48 -3.35 -12.05 -8.02
CA LEU A 48 -2.00 -11.49 -7.95
C LEU A 48 -1.15 -11.98 -9.12
N ASN A 49 -1.29 -13.26 -9.41
CA ASN A 49 -0.51 -13.87 -10.48
C ASN A 49 -0.77 -13.15 -11.80
N GLU A 50 -2.04 -12.89 -12.07
CA GLU A 50 -2.41 -12.17 -13.29
C GLU A 50 -1.86 -10.75 -13.23
N ALA A 51 -1.97 -10.13 -12.05
CA ALA A 51 -1.47 -8.77 -11.87
C ALA A 51 0.06 -8.75 -12.05
N HIS A 52 0.73 -9.71 -11.44
CA HIS A 52 2.19 -9.81 -11.54
C HIS A 52 2.61 -10.01 -13.00
N LEU A 53 1.86 -10.83 -13.72
CA LEU A 53 2.16 -11.11 -15.12
C LEU A 53 2.11 -9.82 -15.93
N VAL A 54 1.08 -9.02 -15.68
CA VAL A 54 0.94 -7.75 -16.38
C VAL A 54 2.11 -6.84 -16.04
N GLN A 55 2.46 -6.79 -14.76
CA GLN A 55 3.59 -5.96 -14.34
C GLN A 55 4.88 -6.45 -15.01
N THR A 56 5.08 -7.76 -15.08
CA THR A 56 6.28 -8.32 -15.72
C THR A 56 6.46 -7.71 -17.11
N LYS A 57 5.37 -7.66 -17.88
CA LYS A 57 5.43 -7.06 -19.22
C LYS A 57 5.76 -5.59 -19.10
N LEU A 58 5.18 -4.94 -18.10
CA LEU A 58 5.43 -3.52 -17.90
C LEU A 58 6.87 -3.24 -17.48
N ILE A 59 7.58 -4.25 -16.98
CA ILE A 59 8.99 -4.06 -16.60
C ILE A 59 9.93 -4.47 -17.76
N GLU A 60 9.55 -5.49 -18.53
CA GLU A 60 10.37 -5.95 -19.66
C GLU A 60 10.46 -4.88 -20.74
N GLY A 61 9.34 -4.20 -21.01
CA GLY A 61 9.31 -3.17 -22.03
C GLY A 61 9.20 -1.78 -21.42
N ASP A 62 9.80 -1.60 -20.24
CA ASP A 62 9.75 -0.32 -19.54
C ASP A 62 10.49 0.78 -20.32
N ALA A 63 11.17 0.39 -21.40
CA ALA A 63 11.90 1.36 -22.21
C ALA A 63 10.97 2.06 -23.19
N GLY A 64 11.49 3.07 -23.89
CA GLY A 64 10.68 3.81 -24.86
C GLY A 64 10.81 5.32 -24.66
N GLU A 65 10.45 5.80 -23.47
CA GLU A 65 10.53 7.23 -23.19
C GLU A 65 11.97 7.72 -23.18
N GLY A 66 12.86 6.90 -22.64
CA GLY A 66 14.28 7.27 -22.58
C GLY A 66 15.15 6.04 -22.36
N LYS A 67 16.47 6.25 -22.44
CA LYS A 67 17.41 5.15 -22.27
C LYS A 67 17.39 4.63 -20.82
N MET A 68 18.11 5.32 -19.94
CA MET A 68 18.20 4.93 -18.54
C MET A 68 16.88 5.05 -17.79
N LYS A 69 16.13 6.12 -18.08
CA LYS A 69 14.87 6.35 -17.37
C LYS A 69 13.76 5.39 -17.80
N VAL A 70 12.84 5.14 -16.87
CA VAL A 70 11.71 4.23 -17.10
C VAL A 70 10.41 4.88 -16.65
N SER A 71 9.28 4.23 -16.95
CA SER A 71 7.98 4.77 -16.55
C SER A 71 7.94 4.91 -15.03
N LEU A 72 7.54 6.10 -14.57
CA LEU A 72 7.48 6.40 -13.14
C LEU A 72 6.43 5.55 -12.41
N VAL A 73 5.30 5.39 -13.07
CA VAL A 73 4.18 4.62 -12.52
C VAL A 73 4.55 3.16 -12.22
N LEU A 74 5.61 2.69 -12.86
CA LEU A 74 6.02 1.31 -12.64
C LEU A 74 6.17 1.00 -11.17
N VAL A 75 6.58 2.03 -10.42
CA VAL A 75 6.80 1.87 -8.99
C VAL A 75 5.45 1.78 -8.28
N HIS A 76 4.23 2.81 -8.67
CA HIS A 76 2.87 2.81 -8.08
C HIS A 76 2.28 1.41 -8.16
N ALA A 77 2.61 0.70 -9.23
CA ALA A 77 2.14 -0.67 -9.42
C ALA A 77 3.00 -1.65 -8.63
N GLN A 78 4.34 -1.49 -8.72
CA GLN A 78 5.24 -2.40 -8.02
C GLN A 78 5.00 -2.32 -6.51
N LEU A 79 4.96 -1.09 -6.01
CA LEU A 79 4.72 -0.86 -4.59
C LEU A 79 3.44 -1.54 -4.13
N HIS A 80 2.35 -1.32 -4.85
CA HIS A 80 1.08 -1.91 -4.47
C HIS A 80 1.12 -3.44 -4.62
N LEU A 81 1.65 -3.90 -5.74
CA LEU A 81 1.74 -5.34 -5.99
C LEU A 81 2.64 -6.04 -4.98
N MET A 82 3.80 -5.45 -4.70
CA MET A 82 4.74 -6.05 -3.75
C MET A 82 4.11 -6.14 -2.37
N THR A 83 3.46 -5.05 -1.96
CA THR A 83 2.81 -5.00 -0.65
C THR A 83 1.69 -6.04 -0.56
N SER A 84 0.84 -6.07 -1.58
CA SER A 84 -0.29 -7.01 -1.61
C SER A 84 0.20 -8.46 -1.60
N MET A 85 1.16 -8.78 -2.45
CA MET A 85 1.69 -10.14 -2.51
C MET A 85 2.26 -10.57 -1.18
N LEU A 86 3.07 -9.70 -0.59
CA LEU A 86 3.68 -10.00 0.70
C LEU A 86 2.61 -10.19 1.78
N ALA A 87 1.64 -9.28 1.79
CA ALA A 87 0.56 -9.36 2.76
C ALA A 87 -0.15 -10.70 2.67
N ARG A 88 -0.49 -11.10 1.47
CA ARG A 88 -1.18 -12.37 1.27
C ARG A 88 -0.35 -13.55 1.78
N GLU A 89 0.93 -13.57 1.45
CA GLU A 89 1.77 -14.67 1.88
C GLU A 89 1.79 -14.78 3.39
N LEU A 90 1.95 -13.65 4.06
CA LEU A 90 1.96 -13.64 5.51
C LEU A 90 0.58 -14.03 6.05
N ILE A 91 -0.46 -13.51 5.42
CA ILE A 91 -1.82 -13.85 5.84
C ILE A 91 -2.03 -15.35 5.69
N THR A 92 -1.50 -15.92 4.61
CA THR A 92 -1.60 -17.37 4.40
C THR A 92 -0.98 -18.10 5.59
N GLU A 93 0.20 -17.64 6.01
CA GLU A 93 0.88 -18.23 7.16
C GLU A 93 0.02 -18.08 8.40
N LEU A 94 -0.57 -16.89 8.56
CA LEU A 94 -1.43 -16.62 9.72
C LEU A 94 -2.62 -17.59 9.71
N ILE A 95 -3.20 -17.80 8.55
CA ILE A 95 -4.34 -18.73 8.44
C ILE A 95 -3.90 -20.14 8.83
N GLU A 96 -2.72 -20.56 8.36
CA GLU A 96 -2.22 -21.88 8.71
C GLU A 96 -2.08 -22.00 10.22
N LEU A 97 -1.64 -20.91 10.87
CA LEU A 97 -1.51 -20.92 12.32
C LEU A 97 -2.88 -21.12 12.98
N HIS A 98 -3.89 -20.46 12.44
CA HIS A 98 -5.25 -20.62 12.98
C HIS A 98 -5.63 -22.08 12.92
N GLU A 99 -5.25 -22.75 11.84
CA GLU A 99 -5.55 -24.17 11.68
C GLU A 99 -4.81 -24.98 12.74
N LYS A 100 -3.56 -24.62 13.01
CA LYS A 100 -2.79 -25.32 14.02
C LYS A 100 -3.39 -25.06 15.41
N LEU A 101 -3.92 -23.84 15.61
CA LEU A 101 -4.56 -23.49 16.88
C LEU A 101 -5.80 -24.37 17.09
N LYS A 102 -6.02 -25.30 16.15
CA LYS A 102 -7.18 -26.20 16.21
C LYS A 102 -8.43 -25.52 15.71
N ALA A 103 -8.82 -24.42 16.39
CA ALA A 103 -10.03 -23.67 16.04
C ALA A 103 -10.30 -23.65 14.53
N ALA B 1 22.66 3.11 -13.51
CA ALA B 1 23.97 3.34 -14.19
C ALA B 1 24.86 2.13 -13.94
N GLU B 2 26.00 2.08 -14.64
CA GLU B 2 26.95 0.97 -14.53
C GLU B 2 26.86 0.24 -13.18
N GLU B 3 27.57 0.74 -12.19
CA GLU B 3 27.58 0.13 -10.87
C GLU B 3 26.22 0.21 -10.20
N LEU B 4 25.72 1.44 -10.02
CA LEU B 4 24.42 1.61 -9.38
C LEU B 4 23.38 0.61 -9.91
N GLU B 5 23.37 0.41 -11.22
CA GLU B 5 22.42 -0.52 -11.83
C GLU B 5 22.76 -1.95 -11.47
N GLU B 6 24.03 -2.30 -11.57
CA GLU B 6 24.50 -3.63 -11.23
C GLU B 6 24.38 -3.85 -9.73
N VAL B 7 24.60 -2.79 -8.97
CA VAL B 7 24.51 -2.85 -7.52
C VAL B 7 23.05 -3.11 -7.10
N VAL B 8 22.12 -2.44 -7.77
CA VAL B 8 20.69 -2.63 -7.49
C VAL B 8 20.33 -4.08 -7.74
N MET B 9 20.80 -4.63 -8.86
CA MET B 9 20.52 -6.03 -9.18
C MET B 9 21.01 -6.91 -8.03
N GLY B 10 22.21 -6.62 -7.53
CA GLY B 10 22.75 -7.37 -6.41
C GLY B 10 21.86 -7.21 -5.19
N LEU B 11 21.44 -5.98 -4.93
CA LEU B 11 20.56 -5.70 -3.79
C LEU B 11 19.24 -6.44 -3.93
N ILE B 12 18.67 -6.41 -5.13
CA ILE B 12 17.40 -7.09 -5.38
C ILE B 12 17.57 -8.58 -5.14
N ILE B 13 18.66 -9.12 -5.68
CA ILE B 13 18.94 -10.54 -5.50
C ILE B 13 19.17 -10.83 -4.02
N ASN B 14 19.95 -9.98 -3.36
CA ASN B 14 20.24 -10.16 -1.94
C ASN B 14 18.94 -10.10 -1.13
N SER B 15 18.11 -9.11 -1.42
CA SER B 15 16.83 -8.99 -0.74
C SER B 15 15.98 -10.23 -0.97
N GLY B 16 15.99 -10.71 -2.22
CA GLY B 16 15.23 -11.91 -2.57
C GLY B 16 15.76 -13.12 -1.81
N GLN B 17 17.08 -13.25 -1.75
CA GLN B 17 17.68 -14.37 -1.03
C GLN B 17 17.31 -14.28 0.45
N ALA B 18 17.35 -13.06 0.98
CA ALA B 18 17.00 -12.84 2.37
C ALA B 18 15.60 -13.36 2.66
N ARG B 19 14.64 -12.97 1.84
CA ARG B 19 13.27 -13.44 2.02
C ARG B 19 13.24 -14.96 1.90
N SER B 20 13.90 -15.47 0.86
CA SER B 20 13.94 -16.91 0.64
C SER B 20 14.41 -17.63 1.89
N LEU B 21 15.50 -17.13 2.48
CA LEU B 21 16.04 -17.73 3.71
C LEU B 21 15.01 -17.60 4.83
N ALA B 22 14.37 -16.44 4.93
CA ALA B 22 13.37 -16.20 5.97
C ALA B 22 12.24 -17.23 5.85
N TYR B 23 11.67 -17.38 4.65
CA TYR B 23 10.60 -18.36 4.46
C TYR B 23 11.12 -19.75 4.79
N ALA B 24 12.36 -20.04 4.38
CA ALA B 24 12.95 -21.33 4.67
C ALA B 24 13.06 -21.49 6.19
N ALA B 25 13.43 -20.41 6.87
CA ALA B 25 13.53 -20.43 8.33
C ALA B 25 12.18 -20.80 8.92
N LEU B 26 11.12 -20.21 8.39
CA LEU B 26 9.78 -20.50 8.86
C LEU B 26 9.45 -21.97 8.62
N LYS B 27 9.80 -22.46 7.44
CA LYS B 27 9.55 -23.86 7.11
C LYS B 27 10.21 -24.78 8.14
N GLN B 28 11.43 -24.43 8.54
CA GLN B 28 12.13 -25.23 9.56
C GLN B 28 11.31 -25.26 10.84
N ALA B 29 10.74 -24.11 11.19
CA ALA B 29 9.91 -24.02 12.40
C ALA B 29 8.73 -24.97 12.31
N LYS B 30 8.09 -25.01 11.14
CA LYS B 30 6.95 -25.90 10.94
C LYS B 30 7.36 -27.35 11.16
N GLN B 31 8.62 -27.67 10.83
CA GLN B 31 9.10 -29.04 11.01
C GLN B 31 9.46 -29.28 12.48
N GLY B 32 9.32 -28.24 13.29
CA GLY B 32 9.63 -28.35 14.72
C GLY B 32 11.13 -28.18 14.99
N ASP B 33 11.86 -27.66 14.00
CA ASP B 33 13.29 -27.46 14.14
C ASP B 33 13.60 -26.02 14.53
N PHE B 34 13.47 -25.71 15.81
CA PHE B 34 13.73 -24.34 16.29
C PHE B 34 15.18 -23.94 16.10
N ALA B 35 16.09 -24.90 16.27
CA ALA B 35 17.52 -24.60 16.15
C ALA B 35 17.86 -24.12 14.74
N ALA B 36 17.43 -24.87 13.74
CA ALA B 36 17.71 -24.50 12.36
C ALA B 36 16.98 -23.20 12.01
N ALA B 37 15.77 -23.03 12.51
CA ALA B 37 15.03 -21.80 12.24
C ALA B 37 15.82 -20.61 12.74
N LYS B 38 16.23 -20.68 14.02
CA LYS B 38 17.01 -19.60 14.63
C LYS B 38 18.27 -19.27 13.81
N ALA B 39 18.99 -20.29 13.40
CA ALA B 39 20.21 -20.10 12.61
C ALA B 39 19.91 -19.41 11.28
N MET B 40 18.83 -19.82 10.64
CA MET B 40 18.44 -19.26 9.36
C MET B 40 18.05 -17.78 9.51
N MET B 41 17.32 -17.45 10.57
CA MET B 41 16.92 -16.06 10.78
C MET B 41 18.15 -15.17 10.97
N ASP B 42 19.12 -15.68 11.73
CA ASP B 42 20.33 -14.93 12.01
C ASP B 42 21.06 -14.57 10.73
N GLN B 43 21.21 -15.58 9.86
CA GLN B 43 21.88 -15.36 8.59
C GLN B 43 21.08 -14.40 7.72
N SER B 44 19.76 -14.54 7.73
CA SER B 44 18.91 -13.65 6.95
C SER B 44 19.13 -12.20 7.41
N ARG B 45 19.14 -12.00 8.73
CA ARG B 45 19.35 -10.68 9.30
C ARG B 45 20.69 -10.09 8.83
N MET B 46 21.74 -10.90 8.89
CA MET B 46 23.07 -10.45 8.49
C MET B 46 23.05 -10.04 7.02
N ALA B 47 22.37 -10.84 6.20
CA ALA B 47 22.27 -10.53 4.77
C ALA B 47 21.58 -9.19 4.56
N LEU B 48 20.50 -8.97 5.31
CA LEU B 48 19.75 -7.72 5.21
C LEU B 48 20.59 -6.55 5.72
N ASN B 49 21.30 -6.78 6.81
CA ASN B 49 22.13 -5.75 7.40
C ASN B 49 23.18 -5.26 6.40
N GLU B 50 23.83 -6.19 5.73
CA GLU B 50 24.82 -5.83 4.72
C GLU B 50 24.17 -5.10 3.57
N ALA B 51 23.00 -5.58 3.17
CA ALA B 51 22.25 -4.96 2.08
C ALA B 51 21.83 -3.54 2.48
N HIS B 52 21.32 -3.41 3.70
CA HIS B 52 20.88 -2.11 4.21
C HIS B 52 22.06 -1.13 4.27
N LEU B 53 23.22 -1.64 4.69
CA LEU B 53 24.42 -0.80 4.79
C LEU B 53 24.77 -0.23 3.41
N VAL B 54 24.71 -1.09 2.40
CA VAL B 54 25.03 -0.66 1.04
C VAL B 54 24.01 0.40 0.61
N GLN B 55 22.73 0.16 0.90
CA GLN B 55 21.70 1.13 0.53
C GLN B 55 21.96 2.45 1.25
N THR B 56 22.32 2.39 2.54
CA THR B 56 22.60 3.61 3.30
C THR B 56 23.57 4.50 2.53
N LYS B 57 24.65 3.90 2.04
CA LYS B 57 25.62 4.66 1.25
C LYS B 57 24.97 5.20 -0.01
N LEU B 58 24.12 4.39 -0.61
CA LEU B 58 23.44 4.78 -1.84
C LEU B 58 22.45 5.93 -1.59
N ILE B 59 22.02 6.12 -0.32
CA ILE B 59 21.11 7.23 -0.01
C ILE B 59 21.88 8.48 0.45
N GLU B 60 23.00 8.27 1.16
CA GLU B 60 23.81 9.39 1.64
C GLU B 60 24.42 10.17 0.46
N GLY B 61 24.86 9.43 -0.55
CA GLY B 61 25.49 10.05 -1.72
C GLY B 61 24.59 9.96 -2.95
N ASP B 62 23.28 10.02 -2.73
CA ASP B 62 22.32 9.93 -3.82
C ASP B 62 22.41 11.14 -4.77
N ALA B 63 23.21 12.12 -4.40
CA ALA B 63 23.36 13.32 -5.23
C ALA B 63 24.37 13.07 -6.34
N GLY B 64 24.50 14.03 -7.26
CA GLY B 64 25.44 13.90 -8.37
C GLY B 64 24.78 14.23 -9.71
N GLU B 65 23.73 13.48 -10.05
CA GLU B 65 23.03 13.70 -11.32
C GLU B 65 22.34 15.07 -11.33
N GLY B 66 21.76 15.45 -10.20
CA GLY B 66 21.07 16.73 -10.11
C GLY B 66 20.91 17.16 -8.66
N LYS B 67 20.42 18.38 -8.47
CA LYS B 67 20.23 18.92 -7.13
C LYS B 67 19.13 18.16 -6.38
N MET B 68 17.88 18.54 -6.66
CA MET B 68 16.72 17.93 -6.01
C MET B 68 16.52 16.47 -6.40
N LYS B 69 16.75 16.13 -7.66
CA LYS B 69 16.54 14.76 -8.14
C LYS B 69 17.62 13.80 -7.64
N VAL B 70 17.22 12.52 -7.52
CA VAL B 70 18.11 11.47 -7.05
C VAL B 70 18.02 10.24 -7.98
N SER B 71 18.89 9.26 -7.76
CA SER B 71 18.88 8.05 -8.59
C SER B 71 17.52 7.37 -8.49
N LEU B 72 16.93 7.04 -9.64
CA LEU B 72 15.60 6.45 -9.66
C LEU B 72 15.59 5.04 -9.04
N VAL B 73 16.65 4.30 -9.35
CA VAL B 73 16.80 2.93 -8.88
C VAL B 73 16.83 2.84 -7.34
N LEU B 74 17.12 3.96 -6.69
CA LEU B 74 17.19 3.97 -5.23
C LEU B 74 15.91 3.41 -4.62
N VAL B 75 14.80 3.75 -5.26
CA VAL B 75 13.49 3.29 -4.81
C VAL B 75 13.39 1.78 -5.01
N HIS B 76 13.85 1.22 -6.24
CA HIS B 76 13.80 -0.21 -6.52
C HIS B 76 14.50 -0.99 -5.40
N ALA B 77 15.67 -0.53 -5.01
CA ALA B 77 16.40 -1.19 -3.95
C ALA B 77 15.69 -1.01 -2.62
N GLN B 78 15.18 0.20 -2.38
CA GLN B 78 14.48 0.50 -1.13
C GLN B 78 13.22 -0.36 -1.03
N LEU B 79 12.44 -0.39 -2.12
CA LEU B 79 11.22 -1.18 -2.14
C LEU B 79 11.49 -2.65 -1.82
N HIS B 80 12.48 -3.23 -2.48
CA HIS B 80 12.80 -4.62 -2.24
C HIS B 80 13.36 -4.83 -0.84
N LEU B 81 14.27 -3.95 -0.44
CA LEU B 81 14.88 -4.06 0.89
C LEU B 81 13.85 -3.85 2.00
N MET B 82 13.00 -2.85 1.86
CA MET B 82 11.98 -2.57 2.87
C MET B 82 11.02 -3.75 3.01
N THR B 83 10.59 -4.28 1.87
CA THR B 83 9.67 -5.41 1.87
C THR B 83 10.32 -6.64 2.50
N SER B 84 11.55 -6.94 2.10
CA SER B 84 12.26 -8.09 2.64
C SER B 84 12.50 -7.97 4.14
N MET B 85 12.97 -6.81 4.58
CA MET B 85 13.24 -6.60 6.01
C MET B 85 11.96 -6.76 6.83
N LEU B 86 10.89 -6.14 6.36
CA LEU B 86 9.61 -6.21 7.06
C LEU B 86 9.11 -7.65 7.12
N ALA B 87 9.17 -8.33 5.98
CA ALA B 87 8.72 -9.71 5.90
C ALA B 87 9.49 -10.58 6.88
N ARG B 88 10.79 -10.44 6.86
CA ARG B 88 11.65 -11.22 7.75
C ARG B 88 11.28 -10.97 9.21
N GLU B 89 11.08 -9.70 9.59
CA GLU B 89 10.75 -9.38 10.97
C GLU B 89 9.43 -10.05 11.37
N LEU B 90 8.44 -9.96 10.50
CA LEU B 90 7.14 -10.56 10.78
C LEU B 90 7.28 -12.08 10.84
N ILE B 91 8.06 -12.63 9.92
CA ILE B 91 8.30 -14.07 9.91
C ILE B 91 8.95 -14.49 11.23
N THR B 92 9.86 -13.66 11.73
CA THR B 92 10.50 -13.96 13.02
C THR B 92 9.43 -14.07 14.09
N GLU B 93 8.49 -13.13 14.09
CA GLU B 93 7.40 -13.15 15.06
C GLU B 93 6.58 -14.43 14.88
N LEU B 94 6.30 -14.77 13.62
CA LEU B 94 5.54 -15.99 13.33
C LEU B 94 6.27 -17.21 13.87
N ILE B 95 7.59 -17.26 13.68
CA ILE B 95 8.36 -18.38 14.19
C ILE B 95 8.28 -18.46 15.71
N GLU B 96 8.36 -17.30 16.37
CA GLU B 96 8.25 -17.27 17.83
C GLU B 96 6.90 -17.85 18.25
N LEU B 97 5.86 -17.54 17.49
CA LEU B 97 4.52 -18.05 17.79
C LEU B 97 4.52 -19.58 17.69
N HIS B 98 5.19 -20.10 16.66
CA HIS B 98 5.27 -21.55 16.50
C HIS B 98 5.89 -22.17 17.75
N GLU B 99 6.90 -21.48 18.28
CA GLU B 99 7.55 -21.95 19.50
C GLU B 99 6.58 -21.94 20.66
N LYS B 100 5.77 -20.88 20.77
CA LYS B 100 4.79 -20.80 21.84
C LYS B 100 3.72 -21.88 21.65
N LEU B 101 3.39 -22.19 20.39
CA LEU B 101 2.42 -23.25 20.11
C LEU B 101 2.96 -24.60 20.58
N LYS B 102 4.13 -24.57 21.21
CA LYS B 102 4.77 -25.78 21.72
C LYS B 102 5.49 -26.51 20.59
N ALA B 103 4.71 -26.92 19.58
CA ALA B 103 5.25 -27.67 18.43
C ALA B 103 6.64 -27.19 18.04
N ALA C 1 11.12 19.25 -2.05
CA ALA C 1 11.16 20.74 -1.98
C ALA C 1 10.96 21.17 -0.54
N GLU C 2 11.18 22.45 -0.27
CA GLU C 2 11.04 23.02 1.08
C GLU C 2 10.10 22.22 1.98
N GLU C 3 8.81 22.51 1.89
CA GLU C 3 7.83 21.81 2.71
C GLU C 3 7.73 20.34 2.34
N LEU C 4 7.37 20.07 1.08
CA LEU C 4 7.24 18.68 0.63
C LEU C 4 8.38 17.80 1.16
N GLU C 5 9.60 18.32 1.11
CA GLU C 5 10.76 17.57 1.58
C GLU C 5 10.74 17.43 3.10
N GLU C 6 10.47 18.53 3.78
CA GLU C 6 10.41 18.52 5.24
C GLU C 6 9.19 17.70 5.68
N VAL C 7 8.12 17.78 4.89
CA VAL C 7 6.90 17.04 5.17
C VAL C 7 7.17 15.53 5.06
N VAL C 8 7.92 15.14 4.03
CA VAL C 8 8.27 13.74 3.83
C VAL C 8 9.06 13.24 5.04
N MET C 9 10.02 14.04 5.50
CA MET C 9 10.80 13.67 6.66
C MET C 9 9.87 13.40 7.84
N GLY C 10 8.88 14.29 8.01
CA GLY C 10 7.91 14.13 9.08
C GLY C 10 7.12 12.84 8.88
N LEU C 11 6.71 12.59 7.65
CA LEU C 11 5.94 11.37 7.33
C LEU C 11 6.79 10.14 7.59
N ILE C 12 8.05 10.18 7.18
CA ILE C 12 8.94 9.04 7.37
C ILE C 12 9.11 8.78 8.87
N ILE C 13 9.32 9.87 9.61
CA ILE C 13 9.47 9.76 11.06
C ILE C 13 8.16 9.23 11.66
N ASN C 14 7.05 9.81 11.22
CA ASN C 14 5.73 9.40 11.72
C ASN C 14 5.50 7.92 11.43
N SER C 15 5.79 7.51 10.19
CA SER C 15 5.63 6.11 9.81
C SER C 15 6.52 5.24 10.68
N GLY C 16 7.76 5.70 10.90
CA GLY C 16 8.70 4.95 11.73
C GLY C 16 8.18 4.84 13.16
N GLN C 17 7.67 5.95 13.70
CA GLN C 17 7.13 5.92 15.06
C GLN C 17 5.95 4.97 15.12
N ALA C 18 5.12 5.01 14.08
CA ALA C 18 3.96 4.14 14.02
C ALA C 18 4.38 2.67 14.15
N ARG C 19 5.36 2.27 13.33
CA ARG C 19 5.84 0.91 13.40
C ARG C 19 6.41 0.63 14.79
N SER C 20 7.21 1.57 15.28
CA SER C 20 7.81 1.41 16.60
C SER C 20 6.73 1.13 17.65
N LEU C 21 5.66 1.92 17.61
CA LEU C 21 4.56 1.74 18.54
C LEU C 21 3.92 0.37 18.33
N ALA C 22 3.73 0.00 17.06
CA ALA C 22 3.13 -1.29 16.73
C ALA C 22 3.96 -2.44 17.33
N TYR C 23 5.27 -2.43 17.07
CA TYR C 23 6.14 -3.47 17.64
C TYR C 23 6.05 -3.45 19.16
N ALA C 24 6.03 -2.24 19.72
CA ALA C 24 5.92 -2.11 21.17
C ALA C 24 4.59 -2.72 21.62
N ALA C 25 3.54 -2.47 20.85
CA ALA C 25 2.23 -3.03 21.16
C ALA C 25 2.31 -4.55 21.21
N LEU C 26 3.01 -5.12 20.24
CA LEU C 26 3.19 -6.57 20.18
C LEU C 26 3.95 -7.05 21.42
N LYS C 27 4.99 -6.31 21.77
CA LYS C 27 5.79 -6.66 22.94
C LYS C 27 4.90 -6.72 24.19
N GLN C 28 3.99 -5.77 24.31
CA GLN C 28 3.06 -5.75 25.44
C GLN C 28 2.26 -7.04 25.47
N ALA C 29 1.82 -7.47 24.27
CA ALA C 29 1.05 -8.70 24.16
C ALA C 29 1.85 -9.89 24.67
N LYS C 30 3.13 -9.94 24.30
CA LYS C 30 3.99 -11.02 24.76
C LYS C 30 4.07 -11.06 26.28
N GLN C 31 3.98 -9.88 26.90
CA GLN C 31 4.04 -9.80 28.36
C GLN C 31 2.67 -10.17 28.96
N GLY C 32 1.71 -10.44 28.08
CA GLY C 32 0.36 -10.83 28.53
C GLY C 32 -0.47 -9.60 28.89
N ASP C 33 -0.04 -8.43 28.44
CA ASP C 33 -0.76 -7.18 28.70
C ASP C 33 -1.63 -6.80 27.51
N PHE C 34 -2.80 -7.41 27.42
CA PHE C 34 -3.71 -7.14 26.31
C PHE C 34 -4.22 -5.70 26.34
N ALA C 35 -4.43 -5.17 27.54
CA ALA C 35 -4.94 -3.81 27.68
C ALA C 35 -3.97 -2.79 27.08
N ALA C 36 -2.71 -2.89 27.47
CA ALA C 36 -1.71 -1.96 26.96
C ALA C 36 -1.50 -2.17 25.47
N ALA C 37 -1.55 -3.42 25.02
CA ALA C 37 -1.38 -3.71 23.60
C ALA C 37 -2.48 -3.00 22.81
N LYS C 38 -3.72 -3.21 23.22
CA LYS C 38 -4.87 -2.59 22.57
C LYS C 38 -4.72 -1.07 22.49
N ALA C 39 -4.32 -0.45 23.61
CA ALA C 39 -4.16 1.00 23.65
C ALA C 39 -3.06 1.46 22.68
N MET C 40 -1.96 0.72 22.64
CA MET C 40 -0.85 1.06 21.77
C MET C 40 -1.25 0.92 20.30
N MET C 41 -2.03 -0.11 19.99
CA MET C 41 -2.48 -0.31 18.61
C MET C 41 -3.35 0.85 18.16
N ASP C 42 -4.25 1.28 19.04
CA ASP C 42 -5.17 2.36 18.72
C ASP C 42 -4.41 3.63 18.38
N GLN C 43 -3.42 3.97 19.21
CA GLN C 43 -2.61 5.16 18.97
C GLN C 43 -1.83 5.03 17.67
N SER C 44 -1.30 3.85 17.42
CA SER C 44 -0.55 3.60 16.19
C SER C 44 -1.44 3.87 14.98
N ARG C 45 -2.67 3.32 15.03
CA ARG C 45 -3.64 3.50 13.96
C ARG C 45 -3.93 4.99 13.72
N MET C 46 -4.14 5.72 14.81
CA MET C 46 -4.43 7.15 14.72
C MET C 46 -3.26 7.89 14.08
N ALA C 47 -2.04 7.51 14.47
CA ALA C 47 -0.84 8.14 13.91
C ALA C 47 -0.78 7.91 12.40
N LEU C 48 -1.08 6.68 11.98
CA LEU C 48 -1.07 6.33 10.57
C LEU C 48 -2.17 7.06 9.82
N ASN C 49 -3.34 7.15 10.45
CA ASN C 49 -4.48 7.81 9.84
C ASN C 49 -4.14 9.27 9.52
N GLU C 50 -3.51 9.95 10.47
CA GLU C 50 -3.11 11.33 10.26
C GLU C 50 -2.06 11.41 9.16
N ALA C 51 -1.13 10.47 9.19
CA ALA C 51 -0.07 10.43 8.18
C ALA C 51 -0.67 10.15 6.80
N HIS C 52 -1.58 9.19 6.74
CA HIS C 52 -2.25 8.85 5.48
C HIS C 52 -3.02 10.05 4.94
N LEU C 53 -3.69 10.78 5.83
CA LEU C 53 -4.47 11.95 5.43
C LEU C 53 -3.56 12.98 4.76
N VAL C 54 -2.39 13.20 5.35
CA VAL C 54 -1.45 14.16 4.80
C VAL C 54 -0.99 13.67 3.43
N GLN C 55 -0.69 12.38 3.32
CA GLN C 55 -0.26 11.82 2.04
C GLN C 55 -1.38 11.99 1.00
N THR C 56 -2.62 11.74 1.41
CA THR C 56 -3.76 11.88 0.48
C THR C 56 -3.70 13.25 -0.19
N LYS C 57 -3.50 14.29 0.60
CA LYS C 57 -3.40 15.64 0.05
C LYS C 57 -2.20 15.73 -0.88
N LEU C 58 -1.11 15.09 -0.49
CA LEU C 58 0.10 15.11 -1.29
C LEU C 58 -0.08 14.35 -2.61
N ILE C 59 -1.09 13.47 -2.70
CA ILE C 59 -1.33 12.76 -3.95
C ILE C 59 -2.40 13.48 -4.79
N GLU C 60 -3.38 14.10 -4.14
CA GLU C 60 -4.43 14.83 -4.87
C GLU C 60 -3.85 16.03 -5.60
N GLY C 61 -2.89 16.71 -4.98
CA GLY C 61 -2.28 17.89 -5.57
C GLY C 61 -0.83 17.62 -5.97
N ASP C 62 -0.56 16.41 -6.41
CA ASP C 62 0.79 16.03 -6.80
C ASP C 62 1.22 16.75 -8.06
N ALA C 63 0.31 17.49 -8.68
CA ALA C 63 0.63 18.24 -9.90
C ALA C 63 1.30 19.56 -9.56
N GLY C 64 1.78 20.26 -10.59
CA GLY C 64 2.43 21.56 -10.39
C GLY C 64 3.77 21.63 -11.13
N GLU C 65 4.69 20.71 -10.81
CA GLU C 65 5.99 20.70 -11.45
C GLU C 65 5.87 20.38 -12.94
N GLY C 66 4.99 19.45 -13.27
CA GLY C 66 4.80 19.05 -14.66
C GLY C 66 3.45 18.36 -14.86
N LYS C 67 3.12 18.09 -16.11
CA LYS C 67 1.85 17.44 -16.43
C LYS C 67 1.83 16.00 -15.92
N MET C 68 2.44 15.10 -16.70
CA MET C 68 2.48 13.68 -16.36
C MET C 68 3.31 13.38 -15.12
N LYS C 69 4.45 14.07 -14.97
CA LYS C 69 5.34 13.83 -13.84
C LYS C 69 4.79 14.36 -12.52
N VAL C 70 5.20 13.71 -11.43
CA VAL C 70 4.76 14.07 -10.08
C VAL C 70 5.96 14.16 -9.13
N SER C 71 5.72 14.64 -7.91
CA SER C 71 6.80 14.75 -6.93
C SER C 71 7.42 13.38 -6.68
N LEU C 72 8.74 13.30 -6.77
CA LEU C 72 9.45 12.03 -6.61
C LEU C 72 9.31 11.48 -5.19
N VAL C 73 9.40 12.39 -4.22
CA VAL C 73 9.33 12.04 -2.80
C VAL C 73 8.00 11.37 -2.44
N LEU C 74 6.99 11.57 -3.26
CA LEU C 74 5.68 10.98 -3.00
C LEU C 74 5.79 9.49 -2.75
N VAL C 75 6.66 8.86 -3.53
CA VAL C 75 6.89 7.43 -3.41
C VAL C 75 7.56 7.13 -2.06
N HIS C 76 8.62 7.96 -1.63
CA HIS C 76 9.30 7.74 -0.36
C HIS C 76 8.30 7.70 0.78
N ALA C 77 7.36 8.66 0.78
CA ALA C 77 6.34 8.69 1.82
C ALA C 77 5.37 7.52 1.67
N GLN C 78 5.02 7.21 0.42
CA GLN C 78 4.11 6.11 0.15
C GLN C 78 4.74 4.78 0.58
N LEU C 79 5.99 4.58 0.19
CA LEU C 79 6.71 3.36 0.55
C LEU C 79 6.75 3.17 2.06
N HIS C 80 7.13 4.21 2.79
CA HIS C 80 7.20 4.12 4.24
C HIS C 80 5.81 3.94 4.85
N LEU C 81 4.87 4.73 4.38
CA LEU C 81 3.50 4.67 4.89
C LEU C 81 2.85 3.31 4.59
N MET C 82 3.01 2.84 3.37
CA MET C 82 2.42 1.55 2.98
C MET C 82 3.01 0.42 3.82
N THR C 83 4.32 0.45 3.99
CA THR C 83 5.00 -0.58 4.76
C THR C 83 4.54 -0.55 6.22
N SER C 84 4.53 0.64 6.80
CA SER C 84 4.12 0.80 8.20
C SER C 84 2.67 0.37 8.42
N MET C 85 1.76 0.84 7.56
CA MET C 85 0.35 0.48 7.70
C MET C 85 0.16 -1.04 7.61
N LEU C 86 0.80 -1.65 6.63
CA LEU C 86 0.70 -3.09 6.43
C LEU C 86 1.24 -3.83 7.65
N ALA C 87 2.42 -3.42 8.10
CA ALA C 87 3.05 -4.04 9.25
C ALA C 87 2.13 -3.96 10.47
N ARG C 88 1.61 -2.77 10.71
CA ARG C 88 0.74 -2.55 11.84
C ARG C 88 -0.50 -3.47 11.77
N GLU C 89 -1.11 -3.56 10.59
CA GLU C 89 -2.29 -4.42 10.44
C GLU C 89 -1.95 -5.88 10.74
N LEU C 90 -0.82 -6.35 10.20
CA LEU C 90 -0.40 -7.72 10.44
C LEU C 90 -0.07 -7.92 11.91
N ILE C 91 0.60 -6.95 12.49
CA ILE C 91 0.95 -7.02 13.90
C ILE C 91 -0.33 -7.12 14.73
N THR C 92 -1.36 -6.39 14.32
CA THR C 92 -2.64 -6.46 15.02
C THR C 92 -3.15 -7.89 14.99
N GLU C 93 -3.06 -8.53 13.83
CA GLU C 93 -3.50 -9.92 13.70
C GLU C 93 -2.66 -10.82 14.62
N LEU C 94 -1.36 -10.56 14.63
CA LEU C 94 -0.45 -11.34 15.47
C LEU C 94 -0.84 -11.20 16.94
N ILE C 95 -1.16 -9.98 17.35
CA ILE C 95 -1.57 -9.73 18.73
C ILE C 95 -2.86 -10.51 19.05
N GLU C 96 -3.80 -10.48 18.12
CA GLU C 96 -5.05 -11.21 18.31
C GLU C 96 -4.75 -12.70 18.53
N LEU C 97 -3.78 -13.21 17.77
CA LEU C 97 -3.39 -14.61 17.91
C LEU C 97 -2.85 -14.87 19.32
N HIS C 98 -2.05 -13.94 19.83
CA HIS C 98 -1.52 -14.09 21.18
C HIS C 98 -2.68 -14.22 22.16
N GLU C 99 -3.73 -13.44 21.92
CA GLU C 99 -4.90 -13.49 22.78
C GLU C 99 -5.57 -14.87 22.68
N LYS C 100 -5.65 -15.41 21.46
CA LYS C 100 -6.25 -16.72 21.29
C LYS C 100 -5.38 -17.78 21.95
N LEU C 101 -4.05 -17.58 21.91
CA LEU C 101 -3.12 -18.52 22.55
C LEU C 101 -3.37 -18.53 24.06
N LYS C 102 -4.36 -17.76 24.51
CA LYS C 102 -4.70 -17.67 25.93
C LYS C 102 -3.78 -16.68 26.63
N ALA C 103 -2.48 -16.99 26.61
CA ALA C 103 -1.45 -16.16 27.26
C ALA C 103 -1.80 -14.67 27.21
N LYS D 1 -19.97 26.95 -1.17
CA LYS D 1 -19.08 26.05 -1.96
C LYS D 1 -19.44 24.59 -1.78
N LYS D 2 -19.77 23.94 -2.87
CA LYS D 2 -20.15 22.54 -2.84
C LYS D 2 -18.93 21.62 -2.88
N HIS D 3 -19.02 20.49 -2.19
CA HIS D 3 -17.93 19.52 -2.13
C HIS D 3 -18.12 18.37 -3.08
N ILE D 4 -17.20 18.26 -4.03
CA ILE D 4 -17.22 17.18 -4.99
C ILE D 4 -16.07 16.24 -4.61
N TYR D 5 -16.39 15.03 -4.18
CA TYR D 5 -15.38 14.06 -3.78
C TYR D 5 -15.33 12.90 -4.76
N LEU D 6 -14.13 12.60 -5.26
CA LEU D 6 -13.90 11.48 -6.19
C LEU D 6 -13.25 10.35 -5.40
N PHE D 7 -13.56 9.08 -5.75
CA PHE D 7 -12.86 7.96 -5.12
C PHE D 7 -12.19 7.05 -6.16
N CYS D 8 -11.04 6.45 -5.73
CA CYS D 8 -10.29 5.43 -6.46
C CYS D 8 -9.52 4.56 -5.48
N SER D 9 -8.66 3.64 -5.88
CA SER D 9 -8.06 2.80 -4.84
C SER D 9 -7.20 3.63 -3.89
N ALA D 10 -6.22 4.39 -4.40
CA ALA D 10 -5.34 5.13 -3.50
C ALA D 10 -5.66 6.60 -3.56
N GLY D 11 -5.94 7.13 -4.76
CA GLY D 11 -6.26 8.53 -4.94
C GLY D 11 -5.22 9.24 -5.82
N MET D 12 -4.54 8.52 -6.70
CA MET D 12 -3.52 9.15 -7.54
C MET D 12 -4.00 9.34 -8.99
N SER D 13 -4.09 8.25 -9.71
CA SER D 13 -4.51 8.34 -11.11
C SER D 13 -5.71 9.29 -11.27
N THR D 14 -6.46 9.49 -10.18
CA THR D 14 -7.62 10.37 -10.31
C THR D 14 -7.22 11.77 -9.88
N SER D 15 -6.09 11.83 -9.22
CA SER D 15 -5.48 13.09 -8.76
C SER D 15 -5.20 14.03 -9.93
N LEU D 16 -4.82 13.46 -11.06
CA LEU D 16 -4.55 14.26 -12.24
C LEU D 16 -5.88 14.86 -12.76
N LEU D 17 -6.96 14.07 -12.72
CA LEU D 17 -8.28 14.55 -13.14
C LEU D 17 -8.75 15.68 -12.19
N VAL D 18 -8.54 15.48 -10.88
CA VAL D 18 -8.91 16.50 -9.89
C VAL D 18 -8.18 17.83 -10.15
N SER D 19 -6.89 17.79 -10.47
CA SER D 19 -6.17 19.03 -10.74
C SER D 19 -6.73 19.77 -11.98
N LYS D 20 -7.12 19.03 -13.02
CA LYS D 20 -7.71 19.66 -14.20
C LYS D 20 -9.12 20.20 -13.91
N MET D 21 -9.87 19.50 -13.07
CA MET D 21 -11.22 20.00 -12.73
C MET D 21 -11.08 21.31 -11.94
N ARG D 22 -10.13 21.39 -11.02
CA ARG D 22 -9.91 22.60 -10.21
C ARG D 22 -9.56 23.79 -11.12
N ALA D 23 -8.79 23.54 -12.18
CA ALA D 23 -8.39 24.59 -13.11
C ALA D 23 -9.63 25.14 -13.81
N GLN D 24 -10.50 24.24 -14.24
CA GLN D 24 -11.72 24.61 -14.91
C GLN D 24 -12.67 25.35 -14.00
N ALA D 25 -12.80 24.88 -12.77
CA ALA D 25 -13.69 25.53 -11.80
C ALA D 25 -13.24 26.96 -11.55
N GLU D 26 -11.93 27.20 -11.60
CA GLU D 26 -11.39 28.54 -11.36
C GLU D 26 -11.65 29.43 -12.57
N LYS D 27 -11.43 28.88 -13.76
CA LYS D 27 -11.63 29.59 -14.99
C LYS D 27 -13.07 30.10 -15.12
N TYR D 28 -14.05 29.29 -14.72
CA TYR D 28 -15.48 29.69 -14.80
C TYR D 28 -16.13 30.10 -13.49
N GLU D 29 -15.33 30.35 -12.46
CA GLU D 29 -15.81 30.78 -11.15
C GLU D 29 -16.89 29.89 -10.51
N VAL D 30 -16.76 28.58 -10.66
CA VAL D 30 -17.70 27.63 -10.08
C VAL D 30 -17.27 27.48 -8.62
N PRO D 31 -18.19 27.73 -7.67
CA PRO D 31 -17.91 27.64 -6.23
C PRO D 31 -17.93 26.21 -5.68
N VAL D 32 -16.88 25.46 -6.01
CA VAL D 32 -16.75 24.08 -5.57
C VAL D 32 -15.38 23.76 -5.01
N ILE D 33 -15.35 22.75 -4.14
CA ILE D 33 -14.13 22.22 -3.55
C ILE D 33 -14.09 20.77 -4.09
N ILE D 34 -12.98 20.40 -4.71
CA ILE D 34 -12.79 19.07 -5.32
C ILE D 34 -11.61 18.31 -4.66
N GLU D 35 -11.86 17.09 -4.18
CA GLU D 35 -10.83 16.27 -3.52
C GLU D 35 -10.93 14.82 -4.00
N ALA D 36 -9.78 14.14 -4.09
CA ALA D 36 -9.71 12.73 -4.50
C ALA D 36 -9.34 11.92 -3.25
N PHE D 37 -9.93 10.74 -3.09
CA PHE D 37 -9.64 9.87 -1.95
C PHE D 37 -9.66 8.44 -2.43
N PRO D 38 -9.08 7.53 -1.64
CA PRO D 38 -9.07 6.11 -2.02
C PRO D 38 -10.49 5.61 -1.70
N GLU D 39 -10.91 4.54 -2.35
CA GLU D 39 -12.24 3.96 -2.13
C GLU D 39 -12.51 3.54 -0.69
N THR D 40 -11.46 3.29 0.09
CA THR D 40 -11.63 2.88 1.48
C THR D 40 -12.26 3.95 2.37
N LEU D 41 -12.19 5.21 1.94
CA LEU D 41 -12.77 6.32 2.70
C LEU D 41 -14.15 6.77 2.20
N ALA D 42 -14.74 6.07 1.21
CA ALA D 42 -16.05 6.45 0.63
C ALA D 42 -17.14 6.64 1.68
N GLY D 43 -17.12 5.80 2.71
CA GLY D 43 -18.13 5.91 3.75
C GLY D 43 -17.81 6.98 4.77
N GLU D 44 -16.53 7.16 5.08
CA GLU D 44 -16.15 8.15 6.07
C GLU D 44 -16.16 9.59 5.49
N LYS D 45 -15.52 9.77 4.34
CA LYS D 45 -15.46 11.08 3.70
C LYS D 45 -16.73 11.45 2.92
N GLY D 46 -17.38 10.46 2.32
CA GLY D 46 -18.60 10.70 1.55
C GLY D 46 -19.69 11.43 2.29
N GLN D 47 -19.77 11.23 3.60
CA GLN D 47 -20.79 11.89 4.43
C GLN D 47 -20.74 13.42 4.34
N ASN D 48 -19.59 13.97 3.95
CA ASN D 48 -19.43 15.41 3.87
C ASN D 48 -19.45 15.95 2.45
N ALA D 49 -19.66 15.08 1.48
CA ALA D 49 -19.67 15.54 0.10
C ALA D 49 -21.06 15.97 -0.30
N ASP D 50 -21.11 16.82 -1.31
CA ASP D 50 -22.38 17.25 -1.83
C ASP D 50 -22.73 16.32 -2.99
N VAL D 51 -21.69 15.73 -3.60
CA VAL D 51 -21.88 14.75 -4.67
C VAL D 51 -20.68 13.78 -4.61
N VAL D 52 -20.98 12.49 -4.70
CA VAL D 52 -19.97 11.44 -4.66
C VAL D 52 -19.78 10.85 -6.06
N LEU D 53 -18.55 10.92 -6.57
CA LEU D 53 -18.24 10.38 -7.88
C LEU D 53 -17.30 9.18 -7.73
N LEU D 54 -17.60 8.08 -8.42
CA LEU D 54 -16.75 6.88 -8.36
C LEU D 54 -15.96 6.73 -9.63
N GLY D 55 -14.69 6.35 -9.51
CA GLY D 55 -13.84 6.18 -10.68
C GLY D 55 -14.39 5.02 -11.49
N PRO D 56 -14.13 4.94 -12.76
CA PRO D 56 -14.65 3.83 -13.62
C PRO D 56 -14.23 2.43 -13.16
N GLN D 57 -13.07 2.31 -12.54
CA GLN D 57 -12.57 1.02 -12.08
C GLN D 57 -13.39 0.49 -10.90
N ILE D 58 -14.04 1.38 -10.15
CA ILE D 58 -14.82 0.94 -9.01
C ILE D 58 -16.34 1.02 -9.23
N ALA D 59 -16.75 0.99 -10.49
CA ALA D 59 -18.17 1.04 -10.83
C ALA D 59 -18.94 -0.11 -10.19
N TYR D 60 -18.34 -1.30 -10.13
CA TYR D 60 -19.04 -2.44 -9.55
C TYR D 60 -19.46 -2.21 -8.09
N MET D 61 -18.84 -1.23 -7.44
CA MET D 61 -19.15 -0.89 -6.05
C MET D 61 -20.33 0.08 -5.87
N LEU D 62 -20.89 0.58 -6.97
CA LEU D 62 -21.99 1.54 -6.90
C LEU D 62 -23.13 1.19 -5.93
N PRO D 63 -23.73 -0.02 -6.05
CA PRO D 63 -24.82 -0.37 -5.12
C PRO D 63 -24.43 -0.30 -3.65
N GLU D 64 -23.22 -0.72 -3.30
CA GLU D 64 -22.77 -0.68 -1.91
C GLU D 64 -22.60 0.74 -1.42
N ILE D 65 -22.02 1.59 -2.25
CA ILE D 65 -21.83 2.99 -1.85
C ILE D 65 -23.16 3.74 -1.71
N GLN D 66 -24.12 3.42 -2.59
CA GLN D 66 -25.46 4.00 -2.52
C GLN D 66 -26.13 3.64 -1.18
N ARG D 67 -26.00 2.39 -0.73
CA ARG D 67 -26.60 1.98 0.55
C ARG D 67 -25.89 2.63 1.74
N LEU D 68 -24.60 2.88 1.59
CA LEU D 68 -23.77 3.49 2.64
C LEU D 68 -24.11 4.97 2.82
N LEU D 69 -24.39 5.65 1.70
CA LEU D 69 -24.73 7.09 1.68
C LEU D 69 -26.11 7.27 1.01
N PRO D 70 -27.20 6.87 1.69
CA PRO D 70 -28.55 6.99 1.13
C PRO D 70 -29.03 8.44 0.93
N ASN D 71 -28.35 9.38 1.56
CA ASN D 71 -28.75 10.79 1.44
C ASN D 71 -27.82 11.63 0.57
N LYS D 72 -27.08 10.99 -0.33
CA LYS D 72 -26.14 11.69 -1.21
C LYS D 72 -26.26 11.20 -2.63
N PRO D 73 -26.13 12.10 -3.63
CA PRO D 73 -26.21 11.62 -5.02
C PRO D 73 -24.85 10.97 -5.27
N VAL D 74 -24.87 9.73 -5.75
CA VAL D 74 -23.64 8.96 -6.02
C VAL D 74 -23.64 8.48 -7.46
N GLU D 75 -22.58 8.72 -8.19
CA GLU D 75 -22.53 8.22 -9.55
C GLU D 75 -21.13 7.95 -10.07
N VAL D 76 -21.06 7.12 -11.10
CA VAL D 76 -19.80 6.72 -11.71
C VAL D 76 -19.40 7.72 -12.78
N ILE D 77 -18.11 8.03 -12.84
CA ILE D 77 -17.58 8.96 -13.83
C ILE D 77 -17.54 8.27 -15.17
N ASP D 78 -17.96 8.97 -16.21
CA ASP D 78 -17.94 8.40 -17.55
C ASP D 78 -16.51 7.95 -17.89
N SER D 79 -16.33 6.69 -18.28
CA SER D 79 -14.99 6.17 -18.58
C SER D 79 -14.18 6.90 -19.65
N LEU D 80 -14.87 7.44 -20.65
CA LEU D 80 -14.19 8.17 -21.73
C LEU D 80 -13.73 9.53 -21.23
N LEU D 81 -14.58 10.18 -20.45
CA LEU D 81 -14.26 11.49 -19.90
C LEU D 81 -13.10 11.33 -18.94
N TYR D 82 -13.10 10.21 -18.22
CA TYR D 82 -12.04 9.90 -17.25
C TYR D 82 -10.71 9.58 -17.95
N GLY D 83 -10.75 8.68 -18.92
CA GLY D 83 -9.54 8.32 -19.64
C GLY D 83 -8.87 9.50 -20.31
N LYS D 84 -9.68 10.37 -20.87
CA LYS D 84 -9.22 11.56 -21.59
C LYS D 84 -8.79 12.70 -20.65
N VAL D 85 -9.07 12.52 -19.35
CA VAL D 85 -8.77 13.52 -18.31
C VAL D 85 -9.47 14.86 -18.61
N ASP D 86 -10.76 14.77 -18.94
CA ASP D 86 -11.57 15.95 -19.28
C ASP D 86 -12.09 16.63 -18.03
N GLY D 87 -11.29 17.56 -17.51
CA GLY D 87 -11.64 18.31 -16.31
C GLY D 87 -12.94 19.07 -16.45
N LEU D 88 -13.16 19.73 -17.60
CA LEU D 88 -14.39 20.49 -17.80
C LEU D 88 -15.63 19.58 -17.87
N GLY D 89 -15.50 18.50 -18.64
CA GLY D 89 -16.59 17.56 -18.81
C GLY D 89 -17.07 16.91 -17.53
N VAL D 90 -16.12 16.49 -16.69
CA VAL D 90 -16.48 15.84 -15.42
C VAL D 90 -17.04 16.88 -14.45
N LEU D 91 -16.47 18.08 -14.49
CA LEU D 91 -16.97 19.15 -13.63
C LEU D 91 -18.46 19.39 -14.00
N LYS D 92 -18.76 19.42 -15.30
CA LYS D 92 -20.15 19.61 -15.75
C LYS D 92 -21.09 18.52 -15.24
N ALA D 93 -20.64 17.27 -15.30
CA ALA D 93 -21.47 16.14 -14.85
C ALA D 93 -21.76 16.21 -13.35
N ALA D 94 -20.78 16.72 -12.60
CA ALA D 94 -20.90 16.82 -11.15
C ALA D 94 -21.90 17.90 -10.75
N VAL D 95 -21.80 19.06 -11.40
CA VAL D 95 -22.72 20.17 -11.13
C VAL D 95 -24.13 19.69 -11.49
N ALA D 96 -24.25 18.98 -12.61
CA ALA D 96 -25.54 18.45 -13.04
C ALA D 96 -26.13 17.51 -11.99
N ALA D 97 -25.33 16.57 -11.49
CA ALA D 97 -25.85 15.64 -10.49
C ALA D 97 -26.36 16.40 -9.26
N ILE D 98 -25.70 17.51 -8.93
CA ILE D 98 -26.12 18.32 -7.78
C ILE D 98 -27.46 19.01 -8.03
N LYS D 99 -27.63 19.58 -9.24
CA LYS D 99 -28.87 20.26 -9.62
C LYS D 99 -30.01 19.26 -9.71
N LYS D 100 -29.80 18.19 -10.45
CA LYS D 100 -30.83 17.18 -10.59
C LYS D 100 -31.20 16.60 -9.22
N ALA D 101 -30.34 16.79 -8.23
CA ALA D 101 -30.58 16.28 -6.88
C ALA D 101 -31.37 17.24 -6.00
N ALA D 102 -31.14 18.54 -6.18
CA ALA D 102 -31.83 19.57 -5.43
C ALA D 102 -33.22 19.88 -6.02
N ALA D 103 -33.60 19.13 -7.06
CA ALA D 103 -34.88 19.29 -7.72
C ALA D 103 -35.05 18.26 -8.85
P PO3 E . -4.80 5.44 -7.22
O1 PO3 E . -4.17 6.26 -6.09
O2 PO3 E . -5.27 4.02 -6.96
O3 PO3 E . -4.76 5.97 -8.63
N ALA A 1 0.74 7.29 -18.60
CA ALA A 1 0.24 7.59 -19.96
C ALA A 1 -1.09 6.86 -20.17
N GLU A 2 -1.77 7.18 -21.26
CA GLU A 2 -3.08 6.58 -21.60
C GLU A 2 -3.28 5.20 -20.95
N GLU A 3 -2.80 4.17 -21.63
CA GLU A 3 -2.95 2.80 -21.13
C GLU A 3 -2.16 2.60 -19.84
N LEU A 4 -0.84 2.78 -19.91
CA LEU A 4 0.01 2.60 -18.74
C LEU A 4 -0.63 3.20 -17.48
N GLU A 5 -1.21 4.38 -17.61
CA GLU A 5 -1.84 5.05 -16.47
C GLU A 5 -3.12 4.34 -16.08
N GLU A 6 -3.94 4.01 -17.07
CA GLU A 6 -5.19 3.30 -16.82
C GLU A 6 -4.88 1.88 -16.34
N VAL A 7 -3.80 1.31 -16.88
CA VAL A 7 -3.37 -0.03 -16.50
C VAL A 7 -2.93 -0.05 -15.03
N VAL A 8 -2.20 0.99 -14.63
CA VAL A 8 -1.73 1.10 -13.25
C VAL A 8 -2.95 1.16 -12.33
N MET A 9 -3.95 1.96 -12.70
CA MET A 9 -5.17 2.06 -11.90
C MET A 9 -5.77 0.67 -11.73
N GLY A 10 -5.81 -0.09 -12.82
CA GLY A 10 -6.34 -1.45 -12.77
C GLY A 10 -5.49 -2.31 -11.83
N LEU A 11 -4.17 -2.17 -11.95
CA LEU A 11 -3.26 -2.93 -11.10
C LEU A 11 -3.45 -2.56 -9.64
N ILE A 12 -3.57 -1.27 -9.37
CA ILE A 12 -3.76 -0.80 -8.00
C ILE A 12 -5.06 -1.36 -7.46
N ILE A 13 -6.11 -1.29 -8.26
CA ILE A 13 -7.40 -1.82 -7.85
C ILE A 13 -7.30 -3.33 -7.65
N ASN A 14 -6.65 -4.01 -8.60
CA ASN A 14 -6.47 -5.45 -8.53
C ASN A 14 -5.71 -5.82 -7.26
N SER A 15 -4.61 -5.11 -7.03
CA SER A 15 -3.81 -5.35 -5.83
C SER A 15 -4.65 -5.14 -4.57
N GLY A 16 -5.44 -4.06 -4.60
CA GLY A 16 -6.32 -3.75 -3.47
C GLY A 16 -7.35 -4.86 -3.26
N GLN A 17 -7.95 -5.32 -4.36
CA GLN A 17 -8.94 -6.40 -4.27
C GLN A 17 -8.27 -7.65 -3.72
N ALA A 18 -7.05 -7.92 -4.18
CA ALA A 18 -6.31 -9.09 -3.72
C ALA A 18 -6.15 -9.04 -2.21
N ARG A 19 -5.70 -7.91 -1.69
CA ARG A 19 -5.55 -7.77 -0.25
C ARG A 19 -6.90 -7.95 0.43
N SER A 20 -7.91 -7.28 -0.11
CA SER A 20 -9.25 -7.36 0.44
C SER A 20 -9.68 -8.83 0.57
N LEU A 21 -9.47 -9.59 -0.49
CA LEU A 21 -9.81 -11.01 -0.48
C LEU A 21 -8.97 -11.74 0.58
N ALA A 22 -7.69 -11.40 0.63
CA ALA A 22 -6.79 -12.03 1.60
C ALA A 22 -7.30 -11.80 3.03
N TYR A 23 -7.59 -10.55 3.38
CA TYR A 23 -8.10 -10.25 4.72
C TYR A 23 -9.41 -11.00 4.93
N ALA A 24 -10.25 -11.03 3.90
CA ALA A 24 -11.51 -11.73 3.99
C ALA A 24 -11.24 -13.22 4.25
N ALA A 25 -10.23 -13.75 3.56
CA ALA A 25 -9.84 -15.14 3.75
C ALA A 25 -9.48 -15.38 5.21
N LEU A 26 -8.72 -14.46 5.78
CA LEU A 26 -8.32 -14.57 7.18
C LEU A 26 -9.56 -14.55 8.07
N LYS A 27 -10.48 -13.64 7.77
CA LYS A 27 -11.71 -13.53 8.54
C LYS A 27 -12.45 -14.87 8.56
N GLN A 28 -12.48 -15.54 7.41
CA GLN A 28 -13.15 -16.84 7.31
C GLN A 28 -12.48 -17.81 8.28
N ALA A 29 -11.15 -17.75 8.35
CA ALA A 29 -10.39 -18.62 9.24
C ALA A 29 -10.80 -18.38 10.69
N LYS A 30 -10.95 -17.12 11.05
CA LYS A 30 -11.36 -16.77 12.41
C LYS A 30 -12.72 -17.37 12.73
N GLN A 31 -13.58 -17.50 11.72
CA GLN A 31 -14.89 -18.08 11.93
C GLN A 31 -14.80 -19.60 11.96
N GLY A 32 -13.60 -20.12 11.77
CA GLY A 32 -13.37 -21.56 11.81
C GLY A 32 -13.71 -22.21 10.47
N ASP A 33 -13.83 -21.40 9.43
CA ASP A 33 -14.15 -21.90 8.09
C ASP A 33 -12.88 -22.06 7.26
N PHE A 34 -12.18 -23.18 7.47
CA PHE A 34 -10.93 -23.42 6.73
C PHE A 34 -11.18 -23.60 5.24
N ALA A 35 -12.31 -24.21 4.89
CA ALA A 35 -12.63 -24.46 3.49
C ALA A 35 -12.77 -23.14 2.72
N ALA A 36 -13.56 -22.23 3.26
CA ALA A 36 -13.76 -20.95 2.60
C ALA A 36 -12.46 -20.14 2.60
N ALA A 37 -11.70 -20.23 3.68
CA ALA A 37 -10.43 -19.52 3.75
C ALA A 37 -9.52 -19.99 2.60
N LYS A 38 -9.36 -21.30 2.49
CA LYS A 38 -8.53 -21.90 1.45
C LYS A 38 -8.96 -21.42 0.06
N ALA A 39 -10.26 -21.45 -0.21
CA ALA A 39 -10.77 -21.03 -1.51
C ALA A 39 -10.47 -19.57 -1.79
N MET A 40 -10.61 -18.74 -0.76
CA MET A 40 -10.36 -17.30 -0.90
C MET A 40 -8.88 -17.03 -1.18
N MET A 41 -7.98 -17.76 -0.50
CA MET A 41 -6.55 -17.56 -0.72
C MET A 41 -6.19 -17.92 -2.15
N ASP A 42 -6.77 -19.01 -2.65
CA ASP A 42 -6.47 -19.48 -3.99
C ASP A 42 -6.83 -18.42 -5.02
N GLN A 43 -8.03 -17.87 -4.88
CA GLN A 43 -8.48 -16.82 -5.80
C GLN A 43 -7.61 -15.59 -5.67
N SER A 44 -7.25 -15.24 -4.44
CA SER A 44 -6.40 -14.08 -4.20
C SER A 44 -5.06 -14.28 -4.91
N ARG A 45 -4.49 -15.47 -4.78
CA ARG A 45 -3.22 -15.82 -5.43
C ARG A 45 -3.32 -15.66 -6.95
N MET A 46 -4.40 -16.18 -7.51
CA MET A 46 -4.63 -16.11 -8.95
C MET A 46 -4.72 -14.65 -9.40
N ALA A 47 -5.41 -13.83 -8.62
CA ALA A 47 -5.56 -12.41 -8.94
C ALA A 47 -4.19 -11.74 -9.00
N LEU A 48 -3.35 -12.05 -8.02
CA LEU A 48 -2.00 -11.49 -7.95
C LEU A 48 -1.15 -11.98 -9.12
N ASN A 49 -1.29 -13.26 -9.41
CA ASN A 49 -0.51 -13.87 -10.48
C ASN A 49 -0.77 -13.15 -11.80
N GLU A 50 -2.04 -12.89 -12.07
CA GLU A 50 -2.41 -12.17 -13.29
C GLU A 50 -1.86 -10.75 -13.23
N ALA A 51 -1.97 -10.13 -12.05
CA ALA A 51 -1.47 -8.77 -11.87
C ALA A 51 0.06 -8.75 -12.05
N HIS A 52 0.73 -9.71 -11.44
CA HIS A 52 2.19 -9.81 -11.54
C HIS A 52 2.61 -10.01 -13.00
N LEU A 53 1.86 -10.83 -13.72
CA LEU A 53 2.16 -11.11 -15.12
C LEU A 53 2.11 -9.82 -15.93
N VAL A 54 1.08 -9.02 -15.68
CA VAL A 54 0.94 -7.75 -16.38
C VAL A 54 2.11 -6.84 -16.04
N GLN A 55 2.46 -6.79 -14.76
CA GLN A 55 3.59 -5.96 -14.34
C GLN A 55 4.88 -6.45 -15.01
N THR A 56 5.08 -7.76 -15.08
CA THR A 56 6.28 -8.32 -15.72
C THR A 56 6.46 -7.71 -17.11
N LYS A 57 5.37 -7.66 -17.88
CA LYS A 57 5.43 -7.06 -19.22
C LYS A 57 5.76 -5.59 -19.10
N LEU A 58 5.18 -4.94 -18.10
CA LEU A 58 5.43 -3.52 -17.90
C LEU A 58 6.87 -3.24 -17.48
N ILE A 59 7.58 -4.25 -16.98
CA ILE A 59 8.99 -4.06 -16.60
C ILE A 59 9.93 -4.47 -17.76
N GLU A 60 9.55 -5.49 -18.53
CA GLU A 60 10.37 -5.95 -19.66
C GLU A 60 10.46 -4.88 -20.74
N GLY A 61 9.34 -4.20 -21.01
CA GLY A 61 9.31 -3.17 -22.03
C GLY A 61 9.20 -1.78 -21.42
N ASP A 62 9.80 -1.60 -20.24
CA ASP A 62 9.75 -0.32 -19.54
C ASP A 62 10.49 0.78 -20.32
N ALA A 63 11.17 0.39 -21.40
CA ALA A 63 11.90 1.36 -22.21
C ALA A 63 10.97 2.06 -23.19
N GLY A 64 11.49 3.07 -23.89
CA GLY A 64 10.68 3.81 -24.86
C GLY A 64 10.81 5.32 -24.66
N GLU A 65 10.45 5.80 -23.47
CA GLU A 65 10.53 7.23 -23.19
C GLU A 65 11.97 7.72 -23.18
N GLY A 66 12.86 6.90 -22.64
CA GLY A 66 14.28 7.27 -22.58
C GLY A 66 15.15 6.04 -22.36
N LYS A 67 16.47 6.25 -22.44
CA LYS A 67 17.41 5.15 -22.27
C LYS A 67 17.39 4.63 -20.82
N MET A 68 18.11 5.32 -19.94
CA MET A 68 18.20 4.93 -18.54
C MET A 68 16.88 5.05 -17.79
N LYS A 69 16.13 6.12 -18.08
CA LYS A 69 14.87 6.35 -17.37
C LYS A 69 13.76 5.39 -17.80
N VAL A 70 12.84 5.14 -16.87
CA VAL A 70 11.71 4.23 -17.10
C VAL A 70 10.41 4.88 -16.65
N SER A 71 9.28 4.23 -16.95
CA SER A 71 7.98 4.77 -16.55
C SER A 71 7.94 4.91 -15.03
N LEU A 72 7.54 6.10 -14.57
CA LEU A 72 7.48 6.40 -13.14
C LEU A 72 6.43 5.55 -12.41
N VAL A 73 5.30 5.39 -13.07
CA VAL A 73 4.18 4.62 -12.52
C VAL A 73 4.55 3.16 -12.22
N LEU A 74 5.60 2.68 -12.85
CA LEU A 74 6.03 1.30 -12.64
C LEU A 74 6.17 1.00 -11.16
N VAL A 75 6.58 2.02 -10.41
CA VAL A 75 6.80 1.86 -8.98
C VAL A 75 5.45 1.77 -8.28
N HIS A 76 4.23 2.81 -8.67
CA HIS A 76 2.87 2.81 -8.07
C HIS A 76 2.27 1.42 -8.16
N ALA A 77 2.62 0.70 -9.24
CA ALA A 77 2.14 -0.67 -9.42
C ALA A 77 3.01 -1.65 -8.64
N GLN A 78 4.34 -1.50 -8.72
CA GLN A 78 5.24 -2.40 -8.02
C GLN A 78 5.01 -2.32 -6.51
N LEU A 79 4.96 -1.09 -6.01
CA LEU A 79 4.72 -0.86 -4.59
C LEU A 79 3.44 -1.54 -4.13
N HIS A 80 2.35 -1.32 -4.85
CA HIS A 80 1.08 -1.91 -4.47
C HIS A 80 1.12 -3.44 -4.62
N LEU A 81 1.65 -3.90 -5.74
CA LEU A 81 1.74 -5.34 -5.99
C LEU A 81 2.64 -6.04 -4.98
N MET A 82 3.80 -5.45 -4.70
CA MET A 82 4.74 -6.05 -3.75
C MET A 82 4.11 -6.14 -2.37
N THR A 83 3.46 -5.05 -1.96
CA THR A 83 2.81 -5.00 -0.65
C THR A 83 1.69 -6.04 -0.56
N SER A 84 0.84 -6.07 -1.58
CA SER A 84 -0.29 -7.01 -1.61
C SER A 84 0.20 -8.46 -1.60
N MET A 85 1.16 -8.78 -2.45
CA MET A 85 1.69 -10.14 -2.51
C MET A 85 2.26 -10.57 -1.18
N LEU A 86 3.07 -9.70 -0.59
CA LEU A 86 3.68 -10.00 0.70
C LEU A 86 2.61 -10.19 1.78
N ALA A 87 1.64 -9.28 1.79
CA ALA A 87 0.56 -9.36 2.76
C ALA A 87 -0.15 -10.70 2.67
N ARG A 88 -0.49 -11.10 1.47
CA ARG A 88 -1.18 -12.37 1.27
C ARG A 88 -0.35 -13.55 1.78
N GLU A 89 0.93 -13.57 1.45
CA GLU A 89 1.77 -14.67 1.88
C GLU A 89 1.79 -14.78 3.39
N LEU A 90 1.95 -13.65 4.06
CA LEU A 90 1.96 -13.64 5.51
C LEU A 90 0.58 -14.03 6.05
N ILE A 91 -0.46 -13.51 5.42
CA ILE A 91 -1.82 -13.85 5.84
C ILE A 91 -2.03 -15.35 5.69
N THR A 92 -1.50 -15.92 4.61
CA THR A 92 -1.60 -17.37 4.40
C THR A 92 -0.98 -18.10 5.59
N GLU A 93 0.20 -17.64 6.01
CA GLU A 93 0.88 -18.23 7.16
C GLU A 93 0.02 -18.08 8.40
N LEU A 94 -0.57 -16.89 8.56
CA LEU A 94 -1.43 -16.62 9.72
C LEU A 94 -2.62 -17.59 9.71
N ILE A 95 -3.20 -17.80 8.55
CA ILE A 95 -4.34 -18.73 8.44
C ILE A 95 -3.90 -20.14 8.83
N GLU A 96 -2.72 -20.56 8.36
CA GLU A 96 -2.22 -21.88 8.71
C GLU A 96 -2.08 -22.00 10.22
N LEU A 97 -1.64 -20.91 10.87
CA LEU A 97 -1.51 -20.92 12.32
C LEU A 97 -2.88 -21.12 12.98
N HIS A 98 -3.89 -20.46 12.44
CA HIS A 98 -5.25 -20.62 12.98
C HIS A 98 -5.63 -22.08 12.92
N GLU A 99 -5.25 -22.75 11.84
CA GLU A 99 -5.55 -24.17 11.68
C GLU A 99 -4.81 -24.98 12.74
N LYS A 100 -3.56 -24.62 13.01
CA LYS A 100 -2.79 -25.32 14.02
C LYS A 100 -3.39 -25.06 15.41
N LEU A 101 -3.92 -23.84 15.61
CA LEU A 101 -4.56 -23.49 16.88
C LEU A 101 -5.80 -24.37 17.09
N LYS A 102 -6.02 -25.30 16.15
CA LYS A 102 -7.18 -26.20 16.21
C LYS A 102 -8.43 -25.52 15.71
N ALA A 103 -8.82 -24.42 16.39
CA ALA A 103 -10.03 -23.67 16.04
C ALA A 103 -10.30 -23.65 14.53
N ALA B 1 22.66 3.11 -13.51
CA ALA B 1 23.97 3.34 -14.19
C ALA B 1 24.86 2.13 -13.94
N GLU B 2 26.00 2.08 -14.64
CA GLU B 2 26.95 0.97 -14.53
C GLU B 2 26.86 0.24 -13.18
N GLU B 3 27.57 0.74 -12.19
CA GLU B 3 27.58 0.13 -10.87
C GLU B 3 26.22 0.21 -10.20
N LEU B 4 25.72 1.44 -10.02
CA LEU B 4 24.42 1.61 -9.38
C LEU B 4 23.38 0.61 -9.91
N GLU B 5 23.37 0.41 -11.22
CA GLU B 5 22.42 -0.52 -11.83
C GLU B 5 22.76 -1.95 -11.47
N GLU B 6 24.03 -2.30 -11.57
CA GLU B 6 24.50 -3.63 -11.23
C GLU B 6 24.38 -3.85 -9.73
N VAL B 7 24.60 -2.79 -8.97
CA VAL B 7 24.51 -2.85 -7.52
C VAL B 7 23.05 -3.11 -7.10
N VAL B 8 22.12 -2.44 -7.77
CA VAL B 8 20.69 -2.63 -7.49
C VAL B 8 20.33 -4.08 -7.74
N MET B 9 20.80 -4.63 -8.86
CA MET B 9 20.52 -6.03 -9.18
C MET B 9 21.01 -6.91 -8.03
N GLY B 10 22.21 -6.62 -7.53
CA GLY B 10 22.75 -7.37 -6.41
C GLY B 10 21.86 -7.21 -5.19
N LEU B 11 21.44 -5.98 -4.93
CA LEU B 11 20.56 -5.70 -3.79
C LEU B 11 19.24 -6.44 -3.93
N ILE B 12 18.67 -6.41 -5.13
CA ILE B 12 17.40 -7.09 -5.38
C ILE B 12 17.57 -8.58 -5.14
N ILE B 13 18.66 -9.12 -5.68
CA ILE B 13 18.94 -10.54 -5.50
C ILE B 13 19.17 -10.83 -4.02
N ASN B 14 19.95 -9.98 -3.36
CA ASN B 14 20.24 -10.16 -1.94
C ASN B 14 18.94 -10.10 -1.13
N SER B 15 18.11 -9.11 -1.42
CA SER B 15 16.83 -8.99 -0.74
C SER B 15 15.98 -10.23 -0.97
N GLY B 16 15.99 -10.71 -2.22
CA GLY B 16 15.23 -11.91 -2.57
C GLY B 16 15.76 -13.12 -1.81
N GLN B 17 17.08 -13.25 -1.75
CA GLN B 17 17.68 -14.37 -1.03
C GLN B 17 17.31 -14.28 0.45
N ALA B 18 17.35 -13.06 0.98
CA ALA B 18 17.00 -12.84 2.37
C ALA B 18 15.60 -13.36 2.66
N ARG B 19 14.64 -12.97 1.84
CA ARG B 19 13.27 -13.44 2.02
C ARG B 19 13.24 -14.96 1.90
N SER B 20 13.90 -15.47 0.86
CA SER B 20 13.94 -16.91 0.64
C SER B 20 14.41 -17.63 1.89
N LEU B 21 15.50 -17.13 2.48
CA LEU B 21 16.04 -17.73 3.71
C LEU B 21 15.01 -17.60 4.83
N ALA B 22 14.37 -16.44 4.93
CA ALA B 22 13.37 -16.20 5.97
C ALA B 22 12.24 -17.23 5.85
N TYR B 23 11.67 -17.38 4.65
CA TYR B 23 10.60 -18.36 4.46
C TYR B 23 11.12 -19.75 4.79
N ALA B 24 12.36 -20.04 4.38
CA ALA B 24 12.95 -21.33 4.67
C ALA B 24 13.06 -21.49 6.19
N ALA B 25 13.43 -20.41 6.87
CA ALA B 25 13.53 -20.43 8.33
C ALA B 25 12.18 -20.80 8.92
N LEU B 26 11.12 -20.21 8.39
CA LEU B 26 9.78 -20.50 8.86
C LEU B 26 9.45 -21.97 8.62
N LYS B 27 9.80 -22.46 7.44
CA LYS B 27 9.55 -23.86 7.11
C LYS B 27 10.21 -24.78 8.14
N GLN B 28 11.43 -24.43 8.54
CA GLN B 28 12.13 -25.23 9.56
C GLN B 28 11.31 -25.26 10.84
N ALA B 29 10.74 -24.11 11.19
CA ALA B 29 9.91 -24.02 12.40
C ALA B 29 8.73 -24.97 12.31
N LYS B 30 8.09 -25.01 11.14
CA LYS B 30 6.95 -25.90 10.94
C LYS B 30 7.36 -27.35 11.16
N GLN B 31 8.62 -27.67 10.83
CA GLN B 31 9.10 -29.04 11.01
C GLN B 31 9.46 -29.28 12.48
N GLY B 32 9.32 -28.24 13.29
CA GLY B 32 9.63 -28.35 14.72
C GLY B 32 11.13 -28.18 14.99
N ASP B 33 11.86 -27.66 14.00
CA ASP B 33 13.29 -27.46 14.14
C ASP B 33 13.60 -26.02 14.53
N PHE B 34 13.47 -25.71 15.81
CA PHE B 34 13.73 -24.34 16.29
C PHE B 34 15.18 -23.94 16.10
N ALA B 35 16.09 -24.90 16.27
CA ALA B 35 17.52 -24.60 16.15
C ALA B 35 17.86 -24.12 14.74
N ALA B 36 17.43 -24.87 13.74
CA ALA B 36 17.71 -24.50 12.36
C ALA B 36 16.98 -23.20 12.01
N ALA B 37 15.77 -23.03 12.51
CA ALA B 37 15.03 -21.80 12.24
C ALA B 37 15.82 -20.61 12.74
N LYS B 38 16.23 -20.68 14.02
CA LYS B 38 17.01 -19.60 14.63
C LYS B 38 18.27 -19.27 13.81
N ALA B 39 18.99 -20.29 13.40
CA ALA B 39 20.21 -20.10 12.61
C ALA B 39 19.91 -19.41 11.28
N MET B 40 18.83 -19.82 10.64
CA MET B 40 18.44 -19.26 9.36
C MET B 40 18.05 -17.78 9.51
N MET B 41 17.32 -17.45 10.57
CA MET B 41 16.92 -16.06 10.78
C MET B 41 18.15 -15.17 10.97
N ASP B 42 19.12 -15.68 11.73
CA ASP B 42 20.33 -14.93 12.01
C ASP B 42 21.06 -14.57 10.73
N GLN B 43 21.21 -15.58 9.86
CA GLN B 43 21.88 -15.36 8.59
C GLN B 43 21.08 -14.40 7.72
N SER B 44 19.76 -14.54 7.73
CA SER B 44 18.91 -13.65 6.95
C SER B 44 19.13 -12.20 7.41
N ARG B 45 19.14 -12.00 8.73
CA ARG B 45 19.35 -10.68 9.30
C ARG B 45 20.69 -10.09 8.83
N MET B 46 21.74 -10.90 8.89
CA MET B 46 23.07 -10.45 8.49
C MET B 46 23.05 -10.04 7.02
N ALA B 47 22.37 -10.84 6.20
CA ALA B 47 22.27 -10.53 4.77
C ALA B 47 21.58 -9.19 4.56
N LEU B 48 20.50 -8.97 5.31
CA LEU B 48 19.75 -7.72 5.21
C LEU B 48 20.59 -6.55 5.72
N ASN B 49 21.30 -6.78 6.81
CA ASN B 49 22.13 -5.75 7.40
C ASN B 49 23.18 -5.26 6.40
N GLU B 50 23.83 -6.19 5.73
CA GLU B 50 24.82 -5.83 4.72
C GLU B 50 24.17 -5.10 3.57
N ALA B 51 23.00 -5.58 3.17
CA ALA B 51 22.25 -4.96 2.08
C ALA B 51 21.83 -3.54 2.48
N HIS B 52 21.32 -3.41 3.70
CA HIS B 52 20.88 -2.11 4.21
C HIS B 52 22.06 -1.13 4.27
N LEU B 53 23.22 -1.64 4.69
CA LEU B 53 24.42 -0.80 4.79
C LEU B 53 24.77 -0.23 3.41
N VAL B 54 24.71 -1.09 2.40
CA VAL B 54 25.03 -0.66 1.04
C VAL B 54 24.01 0.40 0.61
N GLN B 55 22.73 0.16 0.90
CA GLN B 55 21.70 1.13 0.53
C GLN B 55 21.96 2.45 1.25
N THR B 56 22.32 2.39 2.54
CA THR B 56 22.60 3.61 3.30
C THR B 56 23.57 4.50 2.53
N LYS B 57 24.65 3.90 2.04
CA LYS B 57 25.62 4.66 1.25
C LYS B 57 24.97 5.20 -0.01
N LEU B 58 24.12 4.39 -0.61
CA LEU B 58 23.44 4.78 -1.84
C LEU B 58 22.45 5.93 -1.59
N ILE B 59 22.02 6.12 -0.32
CA ILE B 59 21.11 7.23 -0.01
C ILE B 59 21.88 8.48 0.45
N GLU B 60 23.00 8.27 1.16
CA GLU B 60 23.81 9.39 1.64
C GLU B 60 24.42 10.17 0.46
N GLY B 61 24.86 9.43 -0.55
CA GLY B 61 25.49 10.05 -1.72
C GLY B 61 24.59 9.96 -2.95
N ASP B 62 23.28 10.02 -2.73
CA ASP B 62 22.32 9.93 -3.82
C ASP B 62 22.41 11.14 -4.77
N ALA B 63 23.21 12.12 -4.40
CA ALA B 63 23.36 13.32 -5.23
C ALA B 63 24.37 13.07 -6.34
N GLY B 64 24.50 14.03 -7.26
CA GLY B 64 25.44 13.90 -8.37
C GLY B 64 24.78 14.23 -9.71
N GLU B 65 23.73 13.48 -10.05
CA GLU B 65 23.03 13.70 -11.32
C GLU B 65 22.34 15.07 -11.33
N GLY B 66 21.76 15.45 -10.20
CA GLY B 66 21.07 16.73 -10.11
C GLY B 66 20.91 17.16 -8.66
N LYS B 67 20.42 18.38 -8.47
CA LYS B 67 20.23 18.92 -7.13
C LYS B 67 19.13 18.16 -6.38
N MET B 68 17.88 18.54 -6.66
CA MET B 68 16.72 17.93 -6.01
C MET B 68 16.52 16.47 -6.40
N LYS B 69 16.75 16.13 -7.66
CA LYS B 69 16.54 14.76 -8.14
C LYS B 69 17.62 13.80 -7.64
N VAL B 70 17.22 12.52 -7.52
CA VAL B 70 18.11 11.47 -7.05
C VAL B 70 18.02 10.24 -7.98
N SER B 71 18.89 9.26 -7.76
CA SER B 71 18.88 8.05 -8.59
C SER B 71 17.52 7.37 -8.49
N LEU B 72 16.93 7.04 -9.64
CA LEU B 72 15.60 6.45 -9.66
C LEU B 72 15.59 5.04 -9.04
N VAL B 73 16.65 4.30 -9.35
CA VAL B 73 16.80 2.93 -8.88
C VAL B 73 16.83 2.84 -7.34
N LEU B 74 17.13 3.95 -6.69
CA LEU B 74 17.18 3.96 -5.22
C LEU B 74 15.90 3.39 -4.63
N VAL B 75 14.79 3.73 -5.26
CA VAL B 75 13.49 3.26 -4.81
C VAL B 75 13.40 1.75 -5.03
N HIS B 76 13.87 1.20 -6.25
CA HIS B 76 13.83 -0.24 -6.53
C HIS B 76 14.52 -1.02 -5.42
N ALA B 77 15.68 -0.54 -5.01
CA ALA B 77 16.42 -1.19 -3.93
C ALA B 77 15.70 -1.00 -2.60
N GLN B 78 15.19 0.20 -2.38
CA GLN B 78 14.48 0.50 -1.13
C GLN B 78 13.22 -0.36 -1.03
N LEU B 79 12.44 -0.39 -2.12
CA LEU B 79 11.22 -1.18 -2.14
C LEU B 79 11.49 -2.65 -1.82
N HIS B 80 12.48 -3.23 -2.48
CA HIS B 80 12.80 -4.62 -2.24
C HIS B 80 13.36 -4.83 -0.84
N LEU B 81 14.27 -3.95 -0.44
CA LEU B 81 14.88 -4.06 0.89
C LEU B 81 13.85 -3.85 2.00
N MET B 82 13.00 -2.85 1.86
CA MET B 82 11.98 -2.57 2.87
C MET B 82 11.02 -3.75 3.01
N THR B 83 10.59 -4.28 1.87
CA THR B 83 9.67 -5.41 1.87
C THR B 83 10.32 -6.64 2.50
N SER B 84 11.55 -6.94 2.10
CA SER B 84 12.26 -8.09 2.64
C SER B 84 12.50 -7.97 4.14
N MET B 85 12.97 -6.81 4.58
CA MET B 85 13.24 -6.60 6.01
C MET B 85 11.96 -6.76 6.83
N LEU B 86 10.89 -6.14 6.36
CA LEU B 86 9.61 -6.21 7.06
C LEU B 86 9.11 -7.65 7.12
N ALA B 87 9.17 -8.33 5.98
CA ALA B 87 8.72 -9.71 5.90
C ALA B 87 9.49 -10.58 6.88
N ARG B 88 10.79 -10.44 6.86
CA ARG B 88 11.65 -11.22 7.75
C ARG B 88 11.28 -10.97 9.21
N GLU B 89 11.08 -9.70 9.59
CA GLU B 89 10.75 -9.38 10.97
C GLU B 89 9.43 -10.05 11.37
N LEU B 90 8.44 -9.96 10.50
CA LEU B 90 7.14 -10.56 10.78
C LEU B 90 7.28 -12.08 10.84
N ILE B 91 8.06 -12.63 9.92
CA ILE B 91 8.30 -14.07 9.91
C ILE B 91 8.95 -14.49 11.23
N THR B 92 9.86 -13.66 11.73
CA THR B 92 10.50 -13.96 13.02
C THR B 92 9.43 -14.07 14.09
N GLU B 93 8.49 -13.13 14.09
CA GLU B 93 7.40 -13.15 15.06
C GLU B 93 6.58 -14.43 14.88
N LEU B 94 6.30 -14.77 13.62
CA LEU B 94 5.54 -15.99 13.33
C LEU B 94 6.27 -17.21 13.87
N ILE B 95 7.59 -17.26 13.68
CA ILE B 95 8.36 -18.38 14.19
C ILE B 95 8.28 -18.46 15.71
N GLU B 96 8.36 -17.30 16.37
CA GLU B 96 8.25 -17.27 17.83
C GLU B 96 6.90 -17.85 18.25
N LEU B 97 5.86 -17.54 17.49
CA LEU B 97 4.52 -18.05 17.79
C LEU B 97 4.52 -19.58 17.69
N HIS B 98 5.19 -20.10 16.66
CA HIS B 98 5.27 -21.55 16.50
C HIS B 98 5.89 -22.17 17.75
N GLU B 99 6.90 -21.48 18.28
CA GLU B 99 7.55 -21.95 19.50
C GLU B 99 6.58 -21.94 20.66
N LYS B 100 5.77 -20.88 20.77
CA LYS B 100 4.79 -20.80 21.84
C LYS B 100 3.72 -21.88 21.65
N LEU B 101 3.39 -22.19 20.39
CA LEU B 101 2.42 -23.25 20.11
C LEU B 101 2.96 -24.60 20.58
N LYS B 102 4.13 -24.57 21.21
CA LYS B 102 4.77 -25.78 21.72
C LYS B 102 5.49 -26.51 20.59
N ALA B 103 4.71 -26.92 19.58
CA ALA B 103 5.25 -27.67 18.43
C ALA B 103 6.64 -27.19 18.04
N ALA C 1 11.12 19.25 -2.05
CA ALA C 1 11.16 20.74 -1.98
C ALA C 1 10.96 21.17 -0.54
N GLU C 2 11.18 22.45 -0.27
CA GLU C 2 11.04 23.02 1.08
C GLU C 2 10.10 22.22 1.98
N GLU C 3 8.81 22.51 1.89
CA GLU C 3 7.83 21.81 2.71
C GLU C 3 7.73 20.34 2.34
N LEU C 4 7.37 20.07 1.08
CA LEU C 4 7.24 18.68 0.63
C LEU C 4 8.38 17.80 1.16
N GLU C 5 9.60 18.32 1.11
CA GLU C 5 10.76 17.57 1.58
C GLU C 5 10.74 17.43 3.10
N GLU C 6 10.47 18.53 3.78
CA GLU C 6 10.41 18.52 5.24
C GLU C 6 9.19 17.70 5.68
N VAL C 7 8.12 17.78 4.89
CA VAL C 7 6.90 17.04 5.17
C VAL C 7 7.17 15.53 5.06
N VAL C 8 7.92 15.14 4.03
CA VAL C 8 8.27 13.74 3.83
C VAL C 8 9.06 13.24 5.04
N MET C 9 10.02 14.04 5.50
CA MET C 9 10.80 13.67 6.66
C MET C 9 9.87 13.40 7.84
N GLY C 10 8.88 14.29 8.01
CA GLY C 10 7.91 14.13 9.08
C GLY C 10 7.12 12.84 8.88
N LEU C 11 6.71 12.59 7.65
CA LEU C 11 5.94 11.37 7.33
C LEU C 11 6.79 10.14 7.59
N ILE C 12 8.05 10.18 7.18
CA ILE C 12 8.94 9.04 7.37
C ILE C 12 9.11 8.78 8.87
N ILE C 13 9.32 9.87 9.61
CA ILE C 13 9.47 9.76 11.06
C ILE C 13 8.16 9.23 11.66
N ASN C 14 7.05 9.81 11.22
CA ASN C 14 5.73 9.40 11.72
C ASN C 14 5.50 7.92 11.43
N SER C 15 5.79 7.51 10.19
CA SER C 15 5.63 6.11 9.81
C SER C 15 6.52 5.24 10.68
N GLY C 16 7.76 5.70 10.90
CA GLY C 16 8.70 4.95 11.73
C GLY C 16 8.18 4.84 13.16
N GLN C 17 7.67 5.95 13.70
CA GLN C 17 7.13 5.92 15.06
C GLN C 17 5.95 4.97 15.12
N ALA C 18 5.12 5.01 14.08
CA ALA C 18 3.96 4.14 14.02
C ALA C 18 4.38 2.67 14.15
N ARG C 19 5.36 2.27 13.33
CA ARG C 19 5.84 0.91 13.40
C ARG C 19 6.41 0.63 14.79
N SER C 20 7.21 1.57 15.28
CA SER C 20 7.81 1.41 16.60
C SER C 20 6.73 1.13 17.65
N LEU C 21 5.66 1.92 17.61
CA LEU C 21 4.56 1.74 18.54
C LEU C 21 3.92 0.37 18.33
N ALA C 22 3.73 0.00 17.06
CA ALA C 22 3.13 -1.29 16.73
C ALA C 22 3.96 -2.44 17.33
N TYR C 23 5.27 -2.43 17.07
CA TYR C 23 6.14 -3.47 17.64
C TYR C 23 6.05 -3.45 19.16
N ALA C 24 6.03 -2.24 19.72
CA ALA C 24 5.92 -2.11 21.17
C ALA C 24 4.59 -2.72 21.62
N ALA C 25 3.54 -2.47 20.85
CA ALA C 25 2.23 -3.03 21.16
C ALA C 25 2.31 -4.55 21.21
N LEU C 26 3.01 -5.12 20.24
CA LEU C 26 3.19 -6.57 20.18
C LEU C 26 3.95 -7.05 21.42
N LYS C 27 4.99 -6.31 21.77
CA LYS C 27 5.79 -6.66 22.94
C LYS C 27 4.90 -6.72 24.19
N GLN C 28 3.99 -5.77 24.31
CA GLN C 28 3.06 -5.75 25.44
C GLN C 28 2.26 -7.04 25.47
N ALA C 29 1.82 -7.47 24.27
CA ALA C 29 1.05 -8.70 24.16
C ALA C 29 1.85 -9.89 24.67
N LYS C 30 3.13 -9.94 24.30
CA LYS C 30 3.99 -11.02 24.76
C LYS C 30 4.07 -11.06 26.28
N GLN C 31 3.98 -9.88 26.90
CA GLN C 31 4.04 -9.80 28.36
C GLN C 31 2.67 -10.17 28.96
N GLY C 32 1.71 -10.44 28.08
CA GLY C 32 0.36 -10.83 28.53
C GLY C 32 -0.47 -9.60 28.89
N ASP C 33 -0.04 -8.43 28.44
CA ASP C 33 -0.76 -7.18 28.70
C ASP C 33 -1.63 -6.80 27.51
N PHE C 34 -2.80 -7.41 27.42
CA PHE C 34 -3.71 -7.14 26.31
C PHE C 34 -4.22 -5.70 26.34
N ALA C 35 -4.43 -5.17 27.54
CA ALA C 35 -4.94 -3.81 27.68
C ALA C 35 -3.97 -2.79 27.08
N ALA C 36 -2.71 -2.89 27.47
CA ALA C 36 -1.71 -1.96 26.96
C ALA C 36 -1.50 -2.17 25.47
N ALA C 37 -1.55 -3.42 25.02
CA ALA C 37 -1.38 -3.71 23.60
C ALA C 37 -2.48 -3.00 22.81
N LYS C 38 -3.72 -3.21 23.22
CA LYS C 38 -4.87 -2.59 22.57
C LYS C 38 -4.72 -1.07 22.49
N ALA C 39 -4.32 -0.45 23.61
CA ALA C 39 -4.16 1.00 23.65
C ALA C 39 -3.06 1.46 22.68
N MET C 40 -1.96 0.72 22.64
CA MET C 40 -0.85 1.06 21.77
C MET C 40 -1.25 0.92 20.30
N MET C 41 -2.03 -0.11 19.99
CA MET C 41 -2.48 -0.31 18.61
C MET C 41 -3.35 0.85 18.16
N ASP C 42 -4.25 1.28 19.04
CA ASP C 42 -5.17 2.36 18.72
C ASP C 42 -4.41 3.63 18.38
N GLN C 43 -3.42 3.97 19.21
CA GLN C 43 -2.61 5.16 18.97
C GLN C 43 -1.83 5.03 17.67
N SER C 44 -1.30 3.85 17.42
CA SER C 44 -0.55 3.60 16.19
C SER C 44 -1.44 3.87 14.98
N ARG C 45 -2.67 3.32 15.03
CA ARG C 45 -3.64 3.50 13.96
C ARG C 45 -3.93 4.99 13.72
N MET C 46 -4.14 5.72 14.81
CA MET C 46 -4.43 7.15 14.72
C MET C 46 -3.26 7.89 14.08
N ALA C 47 -2.04 7.51 14.47
CA ALA C 47 -0.84 8.14 13.91
C ALA C 47 -0.78 7.91 12.40
N LEU C 48 -1.08 6.68 11.98
CA LEU C 48 -1.07 6.33 10.57
C LEU C 48 -2.17 7.06 9.82
N ASN C 49 -3.34 7.15 10.45
CA ASN C 49 -4.48 7.81 9.84
C ASN C 49 -4.14 9.27 9.52
N GLU C 50 -3.51 9.95 10.47
CA GLU C 50 -3.11 11.33 10.26
C GLU C 50 -2.06 11.41 9.16
N ALA C 51 -1.13 10.47 9.19
CA ALA C 51 -0.07 10.43 8.18
C ALA C 51 -0.67 10.15 6.80
N HIS C 52 -1.58 9.19 6.74
CA HIS C 52 -2.25 8.85 5.48
C HIS C 52 -3.02 10.05 4.94
N LEU C 53 -3.69 10.78 5.83
CA LEU C 53 -4.47 11.95 5.43
C LEU C 53 -3.56 12.98 4.76
N VAL C 54 -2.39 13.20 5.35
CA VAL C 54 -1.45 14.16 4.80
C VAL C 54 -0.99 13.67 3.43
N GLN C 55 -0.69 12.38 3.32
CA GLN C 55 -0.26 11.82 2.04
C GLN C 55 -1.38 11.99 1.00
N THR C 56 -2.62 11.74 1.41
CA THR C 56 -3.76 11.88 0.48
C THR C 56 -3.70 13.25 -0.19
N LYS C 57 -3.50 14.29 0.60
CA LYS C 57 -3.40 15.64 0.05
C LYS C 57 -2.20 15.73 -0.88
N LEU C 58 -1.11 15.09 -0.49
CA LEU C 58 0.10 15.11 -1.29
C LEU C 58 -0.08 14.35 -2.61
N ILE C 59 -1.09 13.47 -2.70
CA ILE C 59 -1.33 12.76 -3.95
C ILE C 59 -2.40 13.48 -4.79
N GLU C 60 -3.38 14.10 -4.14
CA GLU C 60 -4.43 14.83 -4.87
C GLU C 60 -3.85 16.03 -5.60
N GLY C 61 -2.89 16.71 -4.98
CA GLY C 61 -2.28 17.89 -5.57
C GLY C 61 -0.83 17.62 -5.97
N ASP C 62 -0.56 16.41 -6.41
CA ASP C 62 0.79 16.03 -6.80
C ASP C 62 1.22 16.75 -8.06
N ALA C 63 0.31 17.49 -8.68
CA ALA C 63 0.63 18.24 -9.90
C ALA C 63 1.30 19.56 -9.56
N GLY C 64 1.78 20.26 -10.59
CA GLY C 64 2.43 21.56 -10.39
C GLY C 64 3.77 21.63 -11.13
N GLU C 65 4.69 20.71 -10.81
CA GLU C 65 5.99 20.70 -11.45
C GLU C 65 5.87 20.38 -12.94
N GLY C 66 4.99 19.45 -13.27
CA GLY C 66 4.80 19.05 -14.66
C GLY C 66 3.45 18.36 -14.86
N LYS C 67 3.12 18.09 -16.11
CA LYS C 67 1.85 17.44 -16.43
C LYS C 67 1.83 16.00 -15.92
N MET C 68 2.44 15.10 -16.70
CA MET C 68 2.48 13.68 -16.36
C MET C 68 3.31 13.38 -15.12
N LYS C 69 4.45 14.07 -14.97
CA LYS C 69 5.34 13.83 -13.84
C LYS C 69 4.79 14.36 -12.52
N VAL C 70 5.20 13.71 -11.43
CA VAL C 70 4.76 14.07 -10.08
C VAL C 70 5.96 14.16 -9.13
N SER C 71 5.72 14.64 -7.91
CA SER C 71 6.80 14.75 -6.93
C SER C 71 7.42 13.38 -6.68
N LEU C 72 8.74 13.30 -6.77
CA LEU C 72 9.45 12.03 -6.61
C LEU C 72 9.31 11.48 -5.19
N VAL C 73 9.40 12.39 -4.22
CA VAL C 73 9.33 12.04 -2.80
C VAL C 73 8.00 11.37 -2.44
N LEU C 74 6.99 11.57 -3.26
CA LEU C 74 5.68 10.98 -3.00
C LEU C 74 5.80 9.48 -2.74
N VAL C 75 6.68 8.85 -3.51
CA VAL C 75 6.91 7.43 -3.38
C VAL C 75 7.57 7.14 -2.03
N HIS C 76 8.63 7.97 -1.60
CA HIS C 76 9.31 7.77 -0.33
C HIS C 76 8.29 7.72 0.82
N ALA C 77 7.36 8.66 0.81
CA ALA C 77 6.32 8.70 1.82
C ALA C 77 5.36 7.53 1.67
N GLN C 78 5.02 7.21 0.42
CA GLN C 78 4.11 6.11 0.15
C GLN C 78 4.75 4.78 0.58
N LEU C 79 5.99 4.58 0.19
CA LEU C 79 6.71 3.36 0.55
C LEU C 79 6.75 3.17 2.06
N HIS C 80 7.13 4.21 2.79
CA HIS C 80 7.20 4.12 4.24
C HIS C 80 5.81 3.94 4.85
N LEU C 81 4.87 4.73 4.38
CA LEU C 81 3.50 4.67 4.89
C LEU C 81 2.85 3.31 4.59
N MET C 82 3.01 2.84 3.37
CA MET C 82 2.42 1.55 2.98
C MET C 82 3.01 0.42 3.82
N THR C 83 4.32 0.45 3.99
CA THR C 83 5.00 -0.58 4.76
C THR C 83 4.54 -0.55 6.22
N SER C 84 4.53 0.64 6.80
CA SER C 84 4.12 0.80 8.20
C SER C 84 2.67 0.37 8.42
N MET C 85 1.76 0.84 7.56
CA MET C 85 0.35 0.48 7.70
C MET C 85 0.16 -1.04 7.61
N LEU C 86 0.80 -1.65 6.63
CA LEU C 86 0.70 -3.09 6.43
C LEU C 86 1.24 -3.83 7.65
N ALA C 87 2.42 -3.42 8.10
CA ALA C 87 3.05 -4.04 9.25
C ALA C 87 2.13 -3.96 10.47
N ARG C 88 1.61 -2.77 10.71
CA ARG C 88 0.74 -2.55 11.84
C ARG C 88 -0.50 -3.47 11.77
N GLU C 89 -1.11 -3.56 10.59
CA GLU C 89 -2.29 -4.42 10.44
C GLU C 89 -1.95 -5.88 10.74
N LEU C 90 -0.82 -6.35 10.20
CA LEU C 90 -0.40 -7.72 10.44
C LEU C 90 -0.07 -7.92 11.91
N ILE C 91 0.60 -6.95 12.49
CA ILE C 91 0.95 -7.02 13.90
C ILE C 91 -0.33 -7.12 14.73
N THR C 92 -1.36 -6.39 14.32
CA THR C 92 -2.64 -6.46 15.02
C THR C 92 -3.15 -7.89 14.99
N GLU C 93 -3.06 -8.53 13.83
CA GLU C 93 -3.50 -9.92 13.70
C GLU C 93 -2.66 -10.82 14.62
N LEU C 94 -1.36 -10.56 14.63
CA LEU C 94 -0.45 -11.34 15.47
C LEU C 94 -0.84 -11.20 16.94
N ILE C 95 -1.16 -9.98 17.35
CA ILE C 95 -1.57 -9.73 18.73
C ILE C 95 -2.86 -10.51 19.05
N GLU C 96 -3.80 -10.48 18.12
CA GLU C 96 -5.05 -11.21 18.31
C GLU C 96 -4.75 -12.70 18.53
N LEU C 97 -3.78 -13.21 17.77
CA LEU C 97 -3.39 -14.61 17.91
C LEU C 97 -2.85 -14.87 19.32
N HIS C 98 -2.05 -13.94 19.83
CA HIS C 98 -1.52 -14.09 21.18
C HIS C 98 -2.68 -14.22 22.16
N GLU C 99 -3.73 -13.44 21.92
CA GLU C 99 -4.90 -13.49 22.78
C GLU C 99 -5.57 -14.87 22.68
N LYS C 100 -5.65 -15.41 21.46
CA LYS C 100 -6.25 -16.72 21.29
C LYS C 100 -5.38 -17.78 21.95
N LEU C 101 -4.05 -17.58 21.91
CA LEU C 101 -3.12 -18.52 22.55
C LEU C 101 -3.37 -18.53 24.06
N LYS C 102 -4.36 -17.76 24.51
CA LYS C 102 -4.70 -17.67 25.93
C LYS C 102 -3.78 -16.68 26.63
N ALA C 103 -2.48 -16.99 26.61
CA ALA C 103 -1.45 -16.16 27.26
C ALA C 103 -1.80 -14.67 27.21
N LYS D 1 -19.97 26.95 -1.17
CA LYS D 1 -19.08 26.05 -1.96
C LYS D 1 -19.44 24.59 -1.78
N LYS D 2 -19.77 23.94 -2.87
CA LYS D 2 -20.15 22.54 -2.84
C LYS D 2 -18.93 21.62 -2.88
N HIS D 3 -19.02 20.49 -2.19
CA HIS D 3 -17.93 19.52 -2.13
C HIS D 3 -18.12 18.37 -3.08
N ILE D 4 -17.20 18.26 -4.03
CA ILE D 4 -17.22 17.18 -4.99
C ILE D 4 -16.07 16.24 -4.61
N TYR D 5 -16.39 15.03 -4.18
CA TYR D 5 -15.38 14.06 -3.78
C TYR D 5 -15.33 12.90 -4.76
N LEU D 6 -14.13 12.60 -5.26
CA LEU D 6 -13.90 11.48 -6.19
C LEU D 6 -13.25 10.35 -5.40
N PHE D 7 -13.56 9.08 -5.75
CA PHE D 7 -12.86 7.96 -5.12
C PHE D 7 -12.19 7.05 -6.16
N CYS D 8 -11.05 6.45 -5.73
CA CYS D 8 -10.28 5.44 -6.47
C CYS D 8 -9.52 4.56 -5.48
N SER D 9 -8.66 3.65 -5.88
CA SER D 9 -8.06 2.81 -4.83
C SER D 9 -7.20 3.64 -3.89
N ALA D 10 -6.21 4.40 -4.40
CA ALA D 10 -5.31 5.12 -3.51
C ALA D 10 -5.61 6.60 -3.56
N GLY D 11 -5.89 7.11 -4.76
CA GLY D 11 -6.18 8.52 -4.95
C GLY D 11 -5.16 9.21 -5.83
N MET D 12 -4.47 8.49 -6.73
CA MET D 12 -3.47 9.12 -7.59
C MET D 12 -3.97 9.31 -9.02
N SER D 13 -4.07 8.26 -9.75
CA SER D 13 -4.51 8.37 -11.14
C SER D 13 -5.72 9.29 -11.28
N THR D 14 -6.46 9.49 -10.18
CA THR D 14 -7.63 10.38 -10.31
C THR D 14 -7.22 11.77 -9.88
N SER D 15 -6.09 11.83 -9.22
CA SER D 15 -5.48 13.09 -8.76
C SER D 15 -5.20 14.03 -9.93
N LEU D 16 -4.82 13.46 -11.06
CA LEU D 16 -4.55 14.26 -12.24
C LEU D 16 -5.88 14.86 -12.76
N LEU D 17 -6.96 14.07 -12.72
CA LEU D 17 -8.28 14.55 -13.14
C LEU D 17 -8.75 15.68 -12.19
N VAL D 18 -8.54 15.48 -10.88
CA VAL D 18 -8.91 16.50 -9.89
C VAL D 18 -8.18 17.83 -10.15
N SER D 19 -6.89 17.79 -10.47
CA SER D 19 -6.17 19.03 -10.74
C SER D 19 -6.73 19.77 -11.98
N LYS D 20 -7.12 19.03 -13.02
CA LYS D 20 -7.71 19.66 -14.20
C LYS D 20 -9.12 20.20 -13.91
N MET D 21 -9.87 19.50 -13.07
CA MET D 21 -11.22 20.00 -12.73
C MET D 21 -11.08 21.31 -11.94
N ARG D 22 -10.13 21.39 -11.02
CA ARG D 22 -9.91 22.60 -10.21
C ARG D 22 -9.56 23.79 -11.12
N ALA D 23 -8.79 23.54 -12.18
CA ALA D 23 -8.39 24.59 -13.11
C ALA D 23 -9.63 25.14 -13.81
N GLN D 24 -10.50 24.24 -14.24
CA GLN D 24 -11.72 24.61 -14.91
C GLN D 24 -12.67 25.35 -14.00
N ALA D 25 -12.80 24.88 -12.77
CA ALA D 25 -13.69 25.53 -11.80
C ALA D 25 -13.24 26.96 -11.55
N GLU D 26 -11.93 27.20 -11.60
CA GLU D 26 -11.39 28.54 -11.36
C GLU D 26 -11.65 29.43 -12.57
N LYS D 27 -11.43 28.88 -13.76
CA LYS D 27 -11.63 29.59 -14.99
C LYS D 27 -13.07 30.10 -15.12
N TYR D 28 -14.05 29.29 -14.72
CA TYR D 28 -15.48 29.69 -14.80
C TYR D 28 -16.13 30.10 -13.49
N GLU D 29 -15.33 30.35 -12.46
CA GLU D 29 -15.81 30.78 -11.15
C GLU D 29 -16.89 29.89 -10.51
N VAL D 30 -16.76 28.58 -10.66
CA VAL D 30 -17.70 27.63 -10.08
C VAL D 30 -17.27 27.48 -8.62
N PRO D 31 -18.19 27.73 -7.67
CA PRO D 31 -17.91 27.64 -6.23
C PRO D 31 -17.93 26.21 -5.68
N VAL D 32 -16.88 25.46 -6.01
CA VAL D 32 -16.75 24.08 -5.57
C VAL D 32 -15.38 23.76 -5.01
N ILE D 33 -15.35 22.75 -4.14
CA ILE D 33 -14.13 22.22 -3.55
C ILE D 33 -14.09 20.77 -4.09
N ILE D 34 -12.98 20.40 -4.71
CA ILE D 34 -12.79 19.07 -5.32
C ILE D 34 -11.61 18.31 -4.66
N GLU D 35 -11.86 17.09 -4.18
CA GLU D 35 -10.83 16.27 -3.52
C GLU D 35 -10.93 14.82 -4.00
N ALA D 36 -9.78 14.14 -4.09
CA ALA D 36 -9.71 12.73 -4.50
C ALA D 36 -9.34 11.92 -3.25
N PHE D 37 -9.93 10.74 -3.09
CA PHE D 37 -9.64 9.87 -1.95
C PHE D 37 -9.66 8.44 -2.43
N PRO D 38 -9.08 7.53 -1.64
CA PRO D 38 -9.07 6.11 -2.02
C PRO D 38 -10.49 5.61 -1.70
N GLU D 39 -10.91 4.54 -2.35
CA GLU D 39 -12.24 3.96 -2.13
C GLU D 39 -12.51 3.54 -0.69
N THR D 40 -11.46 3.29 0.09
CA THR D 40 -11.63 2.88 1.48
C THR D 40 -12.26 3.95 2.37
N LEU D 41 -12.19 5.21 1.94
CA LEU D 41 -12.77 6.32 2.70
C LEU D 41 -14.15 6.77 2.20
N ALA D 42 -14.74 6.07 1.21
CA ALA D 42 -16.05 6.45 0.63
C ALA D 42 -17.14 6.64 1.68
N GLY D 43 -17.12 5.80 2.71
CA GLY D 43 -18.13 5.91 3.75
C GLY D 43 -17.81 6.98 4.77
N GLU D 44 -16.53 7.16 5.08
CA GLU D 44 -16.15 8.15 6.07
C GLU D 44 -16.16 9.59 5.49
N LYS D 45 -15.52 9.77 4.34
CA LYS D 45 -15.46 11.08 3.70
C LYS D 45 -16.73 11.45 2.92
N GLY D 46 -17.38 10.46 2.32
CA GLY D 46 -18.60 10.70 1.55
C GLY D 46 -19.69 11.43 2.29
N GLN D 47 -19.77 11.23 3.60
CA GLN D 47 -20.79 11.89 4.43
C GLN D 47 -20.74 13.42 4.34
N ASN D 48 -19.59 13.97 3.95
CA ASN D 48 -19.43 15.41 3.87
C ASN D 48 -19.45 15.95 2.45
N ALA D 49 -19.66 15.08 1.48
CA ALA D 49 -19.67 15.54 0.10
C ALA D 49 -21.06 15.97 -0.30
N ASP D 50 -21.11 16.82 -1.31
CA ASP D 50 -22.38 17.25 -1.83
C ASP D 50 -22.73 16.32 -2.99
N VAL D 51 -21.69 15.73 -3.60
CA VAL D 51 -21.88 14.75 -4.67
C VAL D 51 -20.68 13.78 -4.61
N VAL D 52 -20.98 12.49 -4.70
CA VAL D 52 -19.97 11.44 -4.66
C VAL D 52 -19.78 10.85 -6.06
N LEU D 53 -18.55 10.92 -6.57
CA LEU D 53 -18.24 10.38 -7.88
C LEU D 53 -17.30 9.18 -7.73
N LEU D 54 -17.60 8.08 -8.42
CA LEU D 54 -16.75 6.88 -8.36
C LEU D 54 -15.96 6.73 -9.63
N GLY D 55 -14.69 6.35 -9.51
CA GLY D 55 -13.84 6.18 -10.68
C GLY D 55 -14.39 5.02 -11.49
N PRO D 56 -14.13 4.94 -12.76
CA PRO D 56 -14.66 3.84 -13.62
C PRO D 56 -14.24 2.42 -13.18
N GLN D 57 -13.07 2.31 -12.54
CA GLN D 57 -12.57 1.02 -12.08
C GLN D 57 -13.39 0.49 -10.90
N ILE D 58 -14.04 1.38 -10.15
CA ILE D 58 -14.82 0.94 -9.01
C ILE D 58 -16.34 1.02 -9.23
N ALA D 59 -16.75 0.99 -10.49
CA ALA D 59 -18.17 1.04 -10.83
C ALA D 59 -18.94 -0.11 -10.19
N TYR D 60 -18.34 -1.30 -10.13
CA TYR D 60 -19.04 -2.44 -9.55
C TYR D 60 -19.46 -2.21 -8.09
N MET D 61 -18.84 -1.23 -7.44
CA MET D 61 -19.15 -0.89 -6.05
C MET D 61 -20.33 0.08 -5.87
N LEU D 62 -20.89 0.58 -6.97
CA LEU D 62 -21.99 1.54 -6.90
C LEU D 62 -23.13 1.19 -5.93
N PRO D 63 -23.73 -0.02 -6.05
CA PRO D 63 -24.82 -0.37 -5.12
C PRO D 63 -24.43 -0.30 -3.65
N GLU D 64 -23.22 -0.72 -3.30
CA GLU D 64 -22.77 -0.68 -1.91
C GLU D 64 -22.60 0.74 -1.42
N ILE D 65 -22.02 1.59 -2.25
CA ILE D 65 -21.83 2.99 -1.85
C ILE D 65 -23.16 3.74 -1.71
N GLN D 66 -24.12 3.42 -2.59
CA GLN D 66 -25.46 4.00 -2.52
C GLN D 66 -26.13 3.64 -1.18
N ARG D 67 -26.00 2.39 -0.73
CA ARG D 67 -26.60 1.98 0.55
C ARG D 67 -25.89 2.63 1.74
N LEU D 68 -24.60 2.88 1.59
CA LEU D 68 -23.77 3.49 2.64
C LEU D 68 -24.11 4.97 2.82
N LEU D 69 -24.39 5.65 1.70
CA LEU D 69 -24.73 7.09 1.68
C LEU D 69 -26.11 7.27 1.01
N PRO D 70 -27.20 6.87 1.69
CA PRO D 70 -28.55 6.99 1.13
C PRO D 70 -29.03 8.44 0.93
N ASN D 71 -28.35 9.38 1.56
CA ASN D 71 -28.75 10.79 1.44
C ASN D 71 -27.82 11.63 0.57
N LYS D 72 -27.08 10.99 -0.33
CA LYS D 72 -26.14 11.69 -1.21
C LYS D 72 -26.26 11.20 -2.63
N PRO D 73 -26.13 12.10 -3.63
CA PRO D 73 -26.21 11.62 -5.02
C PRO D 73 -24.85 10.97 -5.27
N VAL D 74 -24.87 9.73 -5.75
CA VAL D 74 -23.64 8.96 -6.02
C VAL D 74 -23.64 8.48 -7.46
N GLU D 75 -22.58 8.72 -8.19
CA GLU D 75 -22.53 8.22 -9.55
C GLU D 75 -21.13 7.95 -10.07
N VAL D 76 -21.06 7.12 -11.10
CA VAL D 76 -19.80 6.72 -11.71
C VAL D 76 -19.40 7.72 -12.78
N ILE D 77 -18.11 8.03 -12.84
CA ILE D 77 -17.58 8.96 -13.83
C ILE D 77 -17.54 8.27 -15.17
N ASP D 78 -17.96 8.97 -16.21
CA ASP D 78 -17.94 8.40 -17.55
C ASP D 78 -16.51 7.95 -17.89
N SER D 79 -16.33 6.69 -18.28
CA SER D 79 -14.99 6.17 -18.58
C SER D 79 -14.18 6.90 -19.65
N LEU D 80 -14.87 7.44 -20.65
CA LEU D 80 -14.19 8.17 -21.73
C LEU D 80 -13.73 9.53 -21.23
N LEU D 81 -14.58 10.18 -20.45
CA LEU D 81 -14.26 11.49 -19.90
C LEU D 81 -13.10 11.33 -18.94
N TYR D 82 -13.10 10.21 -18.22
CA TYR D 82 -12.04 9.90 -17.25
C TYR D 82 -10.71 9.58 -17.95
N GLY D 83 -10.75 8.68 -18.92
CA GLY D 83 -9.54 8.32 -19.64
C GLY D 83 -8.87 9.50 -20.31
N LYS D 84 -9.68 10.37 -20.87
CA LYS D 84 -9.22 11.56 -21.59
C LYS D 84 -8.79 12.70 -20.65
N VAL D 85 -9.07 12.52 -19.35
CA VAL D 85 -8.77 13.52 -18.31
C VAL D 85 -9.47 14.86 -18.61
N ASP D 86 -10.76 14.77 -18.94
CA ASP D 86 -11.57 15.95 -19.28
C ASP D 86 -12.09 16.63 -18.03
N GLY D 87 -11.29 17.56 -17.51
CA GLY D 87 -11.64 18.31 -16.31
C GLY D 87 -12.94 19.07 -16.45
N LEU D 88 -13.16 19.73 -17.60
CA LEU D 88 -14.39 20.49 -17.80
C LEU D 88 -15.63 19.58 -17.87
N GLY D 89 -15.50 18.50 -18.64
CA GLY D 89 -16.59 17.56 -18.81
C GLY D 89 -17.07 16.91 -17.53
N VAL D 90 -16.12 16.49 -16.69
CA VAL D 90 -16.48 15.84 -15.42
C VAL D 90 -17.04 16.88 -14.45
N LEU D 91 -16.47 18.08 -14.49
CA LEU D 91 -16.97 19.15 -13.63
C LEU D 91 -18.46 19.39 -14.00
N LYS D 92 -18.76 19.42 -15.30
CA LYS D 92 -20.15 19.61 -15.75
C LYS D 92 -21.09 18.52 -15.24
N ALA D 93 -20.64 17.27 -15.30
CA ALA D 93 -21.47 16.14 -14.85
C ALA D 93 -21.76 16.21 -13.35
N ALA D 94 -20.78 16.72 -12.60
CA ALA D 94 -20.90 16.82 -11.15
C ALA D 94 -21.90 17.90 -10.75
N VAL D 95 -21.80 19.06 -11.40
CA VAL D 95 -22.72 20.17 -11.13
C VAL D 95 -24.13 19.69 -11.49
N ALA D 96 -24.25 18.98 -12.61
CA ALA D 96 -25.54 18.45 -13.04
C ALA D 96 -26.13 17.51 -11.99
N ALA D 97 -25.33 16.57 -11.49
CA ALA D 97 -25.85 15.64 -10.49
C ALA D 97 -26.36 16.40 -9.26
N ILE D 98 -25.70 17.51 -8.93
CA ILE D 98 -26.12 18.32 -7.78
C ILE D 98 -27.46 19.01 -8.03
N LYS D 99 -27.63 19.58 -9.24
CA LYS D 99 -28.87 20.26 -9.62
C LYS D 99 -30.01 19.26 -9.71
N LYS D 100 -29.80 18.19 -10.45
CA LYS D 100 -30.83 17.18 -10.59
C LYS D 100 -31.20 16.60 -9.22
N ALA D 101 -30.34 16.79 -8.23
CA ALA D 101 -30.58 16.28 -6.88
C ALA D 101 -31.37 17.24 -6.00
N ALA D 102 -31.14 18.54 -6.18
CA ALA D 102 -31.83 19.57 -5.43
C ALA D 102 -33.22 19.88 -6.02
N ALA D 103 -33.60 19.13 -7.06
CA ALA D 103 -34.88 19.29 -7.72
C ALA D 103 -35.05 18.26 -8.85
P PO3 E . -4.79 5.44 -7.21
O1 PO3 E . -5.27 4.01 -6.99
O2 PO3 E . -4.75 6.00 -8.61
O3 PO3 E . -4.17 6.22 -6.07
N ALA A 1 0.74 7.29 -18.60
CA ALA A 1 0.24 7.59 -19.96
C ALA A 1 -1.09 6.86 -20.17
N GLU A 2 -1.77 7.18 -21.26
CA GLU A 2 -3.08 6.58 -21.60
C GLU A 2 -3.28 5.20 -20.95
N GLU A 3 -2.80 4.17 -21.63
CA GLU A 3 -2.95 2.80 -21.13
C GLU A 3 -2.16 2.60 -19.84
N LEU A 4 -0.84 2.78 -19.91
CA LEU A 4 0.01 2.60 -18.74
C LEU A 4 -0.63 3.20 -17.48
N GLU A 5 -1.21 4.38 -17.61
CA GLU A 5 -1.84 5.05 -16.47
C GLU A 5 -3.12 4.34 -16.08
N GLU A 6 -3.94 4.01 -17.07
CA GLU A 6 -5.19 3.30 -16.82
C GLU A 6 -4.88 1.88 -16.34
N VAL A 7 -3.80 1.31 -16.88
CA VAL A 7 -3.37 -0.03 -16.50
C VAL A 7 -2.93 -0.05 -15.03
N VAL A 8 -2.20 0.99 -14.63
CA VAL A 8 -1.73 1.10 -13.25
C VAL A 8 -2.95 1.16 -12.33
N MET A 9 -3.95 1.96 -12.70
CA MET A 9 -5.17 2.06 -11.90
C MET A 9 -5.77 0.67 -11.73
N GLY A 10 -5.81 -0.09 -12.82
CA GLY A 10 -6.34 -1.45 -12.77
C GLY A 10 -5.49 -2.31 -11.83
N LEU A 11 -4.17 -2.17 -11.95
CA LEU A 11 -3.26 -2.93 -11.10
C LEU A 11 -3.45 -2.56 -9.64
N ILE A 12 -3.57 -1.27 -9.37
CA ILE A 12 -3.76 -0.80 -8.00
C ILE A 12 -5.06 -1.36 -7.46
N ILE A 13 -6.11 -1.29 -8.26
CA ILE A 13 -7.40 -1.82 -7.85
C ILE A 13 -7.30 -3.33 -7.65
N ASN A 14 -6.65 -4.01 -8.60
CA ASN A 14 -6.47 -5.45 -8.53
C ASN A 14 -5.71 -5.82 -7.26
N SER A 15 -4.61 -5.11 -7.03
CA SER A 15 -3.81 -5.35 -5.83
C SER A 15 -4.65 -5.14 -4.57
N GLY A 16 -5.44 -4.06 -4.60
CA GLY A 16 -6.32 -3.75 -3.47
C GLY A 16 -7.35 -4.86 -3.26
N GLN A 17 -7.95 -5.32 -4.36
CA GLN A 17 -8.94 -6.40 -4.27
C GLN A 17 -8.27 -7.65 -3.72
N ALA A 18 -7.05 -7.92 -4.18
CA ALA A 18 -6.31 -9.09 -3.72
C ALA A 18 -6.15 -9.04 -2.21
N ARG A 19 -5.70 -7.91 -1.69
CA ARG A 19 -5.55 -7.77 -0.25
C ARG A 19 -6.90 -7.95 0.43
N SER A 20 -7.91 -7.28 -0.11
CA SER A 20 -9.25 -7.36 0.44
C SER A 20 -9.68 -8.83 0.57
N LEU A 21 -9.47 -9.59 -0.49
CA LEU A 21 -9.81 -11.01 -0.48
C LEU A 21 -8.97 -11.74 0.58
N ALA A 22 -7.69 -11.40 0.63
CA ALA A 22 -6.79 -12.03 1.60
C ALA A 22 -7.30 -11.80 3.03
N TYR A 23 -7.59 -10.55 3.38
CA TYR A 23 -8.10 -10.25 4.72
C TYR A 23 -9.41 -11.00 4.93
N ALA A 24 -10.25 -11.03 3.90
CA ALA A 24 -11.51 -11.73 3.99
C ALA A 24 -11.24 -13.22 4.25
N ALA A 25 -10.23 -13.75 3.56
CA ALA A 25 -9.84 -15.14 3.75
C ALA A 25 -9.48 -15.38 5.21
N LEU A 26 -8.72 -14.46 5.78
CA LEU A 26 -8.32 -14.57 7.18
C LEU A 26 -9.56 -14.55 8.07
N LYS A 27 -10.48 -13.64 7.77
CA LYS A 27 -11.71 -13.53 8.54
C LYS A 27 -12.45 -14.87 8.56
N GLN A 28 -12.48 -15.54 7.41
CA GLN A 28 -13.15 -16.84 7.31
C GLN A 28 -12.48 -17.81 8.28
N ALA A 29 -11.15 -17.75 8.35
CA ALA A 29 -10.39 -18.62 9.24
C ALA A 29 -10.80 -18.38 10.69
N LYS A 30 -10.95 -17.12 11.05
CA LYS A 30 -11.36 -16.77 12.41
C LYS A 30 -12.72 -17.37 12.73
N GLN A 31 -13.58 -17.50 11.72
CA GLN A 31 -14.89 -18.08 11.93
C GLN A 31 -14.80 -19.60 11.96
N GLY A 32 -13.60 -20.12 11.77
CA GLY A 32 -13.37 -21.56 11.81
C GLY A 32 -13.71 -22.21 10.47
N ASP A 33 -13.83 -21.40 9.43
CA ASP A 33 -14.15 -21.90 8.09
C ASP A 33 -12.88 -22.06 7.26
N PHE A 34 -12.18 -23.18 7.47
CA PHE A 34 -10.93 -23.42 6.73
C PHE A 34 -11.18 -23.60 5.24
N ALA A 35 -12.31 -24.21 4.89
CA ALA A 35 -12.63 -24.46 3.49
C ALA A 35 -12.77 -23.14 2.72
N ALA A 36 -13.56 -22.23 3.26
CA ALA A 36 -13.76 -20.95 2.60
C ALA A 36 -12.46 -20.14 2.60
N ALA A 37 -11.70 -20.23 3.68
CA ALA A 37 -10.43 -19.52 3.75
C ALA A 37 -9.52 -19.99 2.60
N LYS A 38 -9.36 -21.30 2.49
CA LYS A 38 -8.53 -21.90 1.45
C LYS A 38 -8.96 -21.42 0.06
N ALA A 39 -10.26 -21.45 -0.21
CA ALA A 39 -10.77 -21.03 -1.51
C ALA A 39 -10.47 -19.57 -1.79
N MET A 40 -10.61 -18.74 -0.76
CA MET A 40 -10.36 -17.30 -0.90
C MET A 40 -8.88 -17.03 -1.18
N MET A 41 -7.98 -17.76 -0.50
CA MET A 41 -6.55 -17.56 -0.72
C MET A 41 -6.19 -17.92 -2.15
N ASP A 42 -6.77 -19.01 -2.65
CA ASP A 42 -6.47 -19.48 -3.99
C ASP A 42 -6.83 -18.42 -5.02
N GLN A 43 -8.03 -17.87 -4.88
CA GLN A 43 -8.48 -16.82 -5.80
C GLN A 43 -7.61 -15.59 -5.67
N SER A 44 -7.25 -15.24 -4.44
CA SER A 44 -6.40 -14.08 -4.20
C SER A 44 -5.06 -14.28 -4.91
N ARG A 45 -4.49 -15.47 -4.78
CA ARG A 45 -3.22 -15.82 -5.43
C ARG A 45 -3.32 -15.66 -6.95
N MET A 46 -4.40 -16.18 -7.51
CA MET A 46 -4.63 -16.11 -8.95
C MET A 46 -4.72 -14.65 -9.40
N ALA A 47 -5.41 -13.83 -8.62
CA ALA A 47 -5.56 -12.41 -8.94
C ALA A 47 -4.19 -11.74 -9.00
N LEU A 48 -3.35 -12.05 -8.02
CA LEU A 48 -2.00 -11.49 -7.95
C LEU A 48 -1.15 -11.98 -9.12
N ASN A 49 -1.29 -13.26 -9.41
CA ASN A 49 -0.51 -13.87 -10.48
C ASN A 49 -0.77 -13.15 -11.80
N GLU A 50 -2.04 -12.89 -12.07
CA GLU A 50 -2.41 -12.17 -13.29
C GLU A 50 -1.86 -10.75 -13.23
N ALA A 51 -1.97 -10.13 -12.05
CA ALA A 51 -1.47 -8.77 -11.87
C ALA A 51 0.06 -8.75 -12.05
N HIS A 52 0.73 -9.71 -11.44
CA HIS A 52 2.19 -9.81 -11.54
C HIS A 52 2.61 -10.01 -13.00
N LEU A 53 1.86 -10.83 -13.72
CA LEU A 53 2.16 -11.11 -15.12
C LEU A 53 2.11 -9.82 -15.93
N VAL A 54 1.08 -9.02 -15.68
CA VAL A 54 0.94 -7.75 -16.38
C VAL A 54 2.11 -6.84 -16.04
N GLN A 55 2.46 -6.79 -14.76
CA GLN A 55 3.59 -5.96 -14.34
C GLN A 55 4.88 -6.45 -15.01
N THR A 56 5.08 -7.76 -15.08
CA THR A 56 6.28 -8.32 -15.72
C THR A 56 6.46 -7.71 -17.11
N LYS A 57 5.37 -7.66 -17.88
CA LYS A 57 5.43 -7.06 -19.22
C LYS A 57 5.76 -5.59 -19.10
N LEU A 58 5.18 -4.94 -18.10
CA LEU A 58 5.43 -3.52 -17.90
C LEU A 58 6.87 -3.24 -17.48
N ILE A 59 7.58 -4.25 -16.98
CA ILE A 59 8.99 -4.06 -16.60
C ILE A 59 9.93 -4.47 -17.76
N GLU A 60 9.55 -5.49 -18.53
CA GLU A 60 10.37 -5.95 -19.66
C GLU A 60 10.46 -4.88 -20.74
N GLY A 61 9.34 -4.20 -21.01
CA GLY A 61 9.31 -3.17 -22.03
C GLY A 61 9.20 -1.78 -21.42
N ASP A 62 9.80 -1.60 -20.24
CA ASP A 62 9.75 -0.32 -19.54
C ASP A 62 10.49 0.78 -20.32
N ALA A 63 11.17 0.39 -21.40
CA ALA A 63 11.90 1.36 -22.21
C ALA A 63 10.97 2.06 -23.19
N GLY A 64 11.49 3.07 -23.89
CA GLY A 64 10.68 3.81 -24.86
C GLY A 64 10.81 5.32 -24.66
N GLU A 65 10.45 5.80 -23.47
CA GLU A 65 10.53 7.23 -23.19
C GLU A 65 11.97 7.72 -23.18
N GLY A 66 12.86 6.90 -22.64
CA GLY A 66 14.28 7.27 -22.58
C GLY A 66 15.15 6.04 -22.36
N LYS A 67 16.47 6.25 -22.44
CA LYS A 67 17.41 5.15 -22.27
C LYS A 67 17.39 4.63 -20.82
N MET A 68 18.11 5.32 -19.94
CA MET A 68 18.20 4.93 -18.54
C MET A 68 16.88 5.05 -17.79
N LYS A 69 16.13 6.12 -18.08
CA LYS A 69 14.87 6.35 -17.37
C LYS A 69 13.76 5.39 -17.80
N VAL A 70 12.84 5.14 -16.87
CA VAL A 70 11.71 4.23 -17.10
C VAL A 70 10.41 4.88 -16.65
N SER A 71 9.28 4.23 -16.95
CA SER A 71 7.98 4.77 -16.55
C SER A 71 7.94 4.91 -15.03
N LEU A 72 7.54 6.10 -14.57
CA LEU A 72 7.48 6.40 -13.14
C LEU A 72 6.43 5.55 -12.41
N VAL A 73 5.30 5.39 -13.07
CA VAL A 73 4.18 4.62 -12.52
C VAL A 73 4.55 3.16 -12.22
N LEU A 74 5.61 2.69 -12.84
CA LEU A 74 6.04 1.30 -12.61
C LEU A 74 6.21 1.02 -11.13
N VAL A 75 6.63 2.07 -10.40
CA VAL A 75 6.87 1.93 -8.97
C VAL A 75 5.53 1.85 -8.24
N HIS A 76 4.28 2.83 -8.66
CA HIS A 76 2.92 2.82 -8.07
C HIS A 76 2.33 1.42 -8.15
N ALA A 77 2.66 0.73 -9.23
CA ALA A 77 2.17 -0.63 -9.44
C ALA A 77 3.01 -1.64 -8.66
N GLN A 78 4.34 -1.48 -8.71
CA GLN A 78 5.23 -2.42 -8.03
C GLN A 78 5.00 -2.32 -6.51
N LEU A 79 4.96 -1.09 -6.01
CA LEU A 79 4.72 -0.86 -4.59
C LEU A 79 3.44 -1.54 -4.13
N HIS A 80 2.35 -1.32 -4.85
CA HIS A 80 1.08 -1.91 -4.47
C HIS A 80 1.12 -3.44 -4.62
N LEU A 81 1.65 -3.90 -5.74
CA LEU A 81 1.74 -5.34 -5.99
C LEU A 81 2.64 -6.04 -4.98
N MET A 82 3.80 -5.45 -4.70
CA MET A 82 4.74 -6.05 -3.75
C MET A 82 4.11 -6.14 -2.37
N THR A 83 3.46 -5.05 -1.96
CA THR A 83 2.81 -5.00 -0.65
C THR A 83 1.69 -6.04 -0.56
N SER A 84 0.84 -6.07 -1.58
CA SER A 84 -0.29 -7.01 -1.61
C SER A 84 0.20 -8.46 -1.60
N MET A 85 1.16 -8.78 -2.45
CA MET A 85 1.69 -10.14 -2.51
C MET A 85 2.26 -10.57 -1.18
N LEU A 86 3.07 -9.70 -0.59
CA LEU A 86 3.68 -10.00 0.70
C LEU A 86 2.61 -10.19 1.78
N ALA A 87 1.64 -9.28 1.79
CA ALA A 87 0.56 -9.36 2.76
C ALA A 87 -0.15 -10.70 2.67
N ARG A 88 -0.49 -11.10 1.47
CA ARG A 88 -1.18 -12.37 1.27
C ARG A 88 -0.35 -13.55 1.78
N GLU A 89 0.93 -13.57 1.45
CA GLU A 89 1.77 -14.67 1.88
C GLU A 89 1.79 -14.78 3.39
N LEU A 90 1.95 -13.65 4.06
CA LEU A 90 1.96 -13.64 5.51
C LEU A 90 0.58 -14.03 6.05
N ILE A 91 -0.46 -13.51 5.42
CA ILE A 91 -1.82 -13.85 5.84
C ILE A 91 -2.03 -15.35 5.69
N THR A 92 -1.50 -15.92 4.61
CA THR A 92 -1.60 -17.37 4.40
C THR A 92 -0.98 -18.10 5.59
N GLU A 93 0.20 -17.64 6.01
CA GLU A 93 0.88 -18.23 7.16
C GLU A 93 0.02 -18.08 8.40
N LEU A 94 -0.57 -16.89 8.56
CA LEU A 94 -1.43 -16.62 9.72
C LEU A 94 -2.62 -17.59 9.71
N ILE A 95 -3.20 -17.80 8.55
CA ILE A 95 -4.34 -18.73 8.44
C ILE A 95 -3.90 -20.14 8.83
N GLU A 96 -2.72 -20.56 8.36
CA GLU A 96 -2.22 -21.88 8.71
C GLU A 96 -2.08 -22.00 10.22
N LEU A 97 -1.64 -20.91 10.87
CA LEU A 97 -1.51 -20.92 12.32
C LEU A 97 -2.88 -21.12 12.98
N HIS A 98 -3.89 -20.46 12.44
CA HIS A 98 -5.25 -20.62 12.98
C HIS A 98 -5.63 -22.08 12.92
N GLU A 99 -5.25 -22.75 11.84
CA GLU A 99 -5.55 -24.17 11.68
C GLU A 99 -4.81 -24.98 12.74
N LYS A 100 -3.56 -24.62 13.01
CA LYS A 100 -2.79 -25.32 14.02
C LYS A 100 -3.39 -25.06 15.41
N LEU A 101 -3.92 -23.84 15.61
CA LEU A 101 -4.56 -23.49 16.88
C LEU A 101 -5.80 -24.37 17.09
N LYS A 102 -6.02 -25.30 16.15
CA LYS A 102 -7.18 -26.20 16.21
C LYS A 102 -8.43 -25.52 15.71
N ALA A 103 -8.82 -24.42 16.39
CA ALA A 103 -10.03 -23.67 16.04
C ALA A 103 -10.30 -23.65 14.53
N ALA B 1 22.66 3.11 -13.51
CA ALA B 1 23.97 3.34 -14.19
C ALA B 1 24.86 2.13 -13.94
N GLU B 2 26.00 2.08 -14.64
CA GLU B 2 26.95 0.97 -14.53
C GLU B 2 26.86 0.24 -13.18
N GLU B 3 27.57 0.74 -12.19
CA GLU B 3 27.58 0.13 -10.87
C GLU B 3 26.22 0.21 -10.20
N LEU B 4 25.72 1.44 -10.02
CA LEU B 4 24.42 1.61 -9.38
C LEU B 4 23.38 0.61 -9.91
N GLU B 5 23.37 0.41 -11.22
CA GLU B 5 22.42 -0.52 -11.83
C GLU B 5 22.76 -1.95 -11.47
N GLU B 6 24.03 -2.30 -11.57
CA GLU B 6 24.50 -3.63 -11.23
C GLU B 6 24.38 -3.85 -9.73
N VAL B 7 24.60 -2.79 -8.97
CA VAL B 7 24.51 -2.85 -7.52
C VAL B 7 23.05 -3.11 -7.10
N VAL B 8 22.12 -2.44 -7.77
CA VAL B 8 20.69 -2.63 -7.49
C VAL B 8 20.33 -4.08 -7.74
N MET B 9 20.80 -4.63 -8.86
CA MET B 9 20.52 -6.03 -9.18
C MET B 9 21.01 -6.91 -8.03
N GLY B 10 22.21 -6.62 -7.53
CA GLY B 10 22.75 -7.37 -6.41
C GLY B 10 21.86 -7.21 -5.19
N LEU B 11 21.44 -5.98 -4.93
CA LEU B 11 20.56 -5.70 -3.79
C LEU B 11 19.24 -6.44 -3.93
N ILE B 12 18.67 -6.41 -5.13
CA ILE B 12 17.40 -7.09 -5.38
C ILE B 12 17.57 -8.58 -5.14
N ILE B 13 18.66 -9.12 -5.68
CA ILE B 13 18.94 -10.54 -5.50
C ILE B 13 19.17 -10.83 -4.02
N ASN B 14 19.95 -9.98 -3.36
CA ASN B 14 20.24 -10.16 -1.94
C ASN B 14 18.94 -10.10 -1.13
N SER B 15 18.11 -9.11 -1.42
CA SER B 15 16.83 -8.99 -0.74
C SER B 15 15.98 -10.23 -0.97
N GLY B 16 15.99 -10.71 -2.22
CA GLY B 16 15.23 -11.91 -2.57
C GLY B 16 15.76 -13.12 -1.81
N GLN B 17 17.08 -13.25 -1.75
CA GLN B 17 17.68 -14.37 -1.03
C GLN B 17 17.31 -14.28 0.45
N ALA B 18 17.35 -13.06 0.98
CA ALA B 18 17.00 -12.84 2.37
C ALA B 18 15.60 -13.36 2.66
N ARG B 19 14.64 -12.97 1.84
CA ARG B 19 13.27 -13.44 2.02
C ARG B 19 13.24 -14.96 1.90
N SER B 20 13.90 -15.47 0.86
CA SER B 20 13.94 -16.91 0.64
C SER B 20 14.41 -17.63 1.89
N LEU B 21 15.50 -17.13 2.48
CA LEU B 21 16.04 -17.73 3.71
C LEU B 21 15.01 -17.60 4.83
N ALA B 22 14.37 -16.44 4.93
CA ALA B 22 13.37 -16.20 5.97
C ALA B 22 12.24 -17.23 5.85
N TYR B 23 11.67 -17.38 4.65
CA TYR B 23 10.60 -18.36 4.46
C TYR B 23 11.12 -19.75 4.79
N ALA B 24 12.36 -20.04 4.38
CA ALA B 24 12.95 -21.33 4.67
C ALA B 24 13.06 -21.49 6.19
N ALA B 25 13.43 -20.41 6.87
CA ALA B 25 13.53 -20.43 8.33
C ALA B 25 12.18 -20.80 8.92
N LEU B 26 11.12 -20.21 8.39
CA LEU B 26 9.78 -20.50 8.86
C LEU B 26 9.45 -21.97 8.62
N LYS B 27 9.80 -22.46 7.44
CA LYS B 27 9.55 -23.86 7.11
C LYS B 27 10.21 -24.78 8.14
N GLN B 28 11.43 -24.43 8.54
CA GLN B 28 12.13 -25.23 9.56
C GLN B 28 11.31 -25.26 10.84
N ALA B 29 10.74 -24.11 11.19
CA ALA B 29 9.91 -24.02 12.40
C ALA B 29 8.73 -24.97 12.31
N LYS B 30 8.09 -25.01 11.14
CA LYS B 30 6.95 -25.90 10.94
C LYS B 30 7.36 -27.35 11.16
N GLN B 31 8.62 -27.67 10.83
CA GLN B 31 9.10 -29.04 11.01
C GLN B 31 9.46 -29.28 12.48
N GLY B 32 9.32 -28.24 13.29
CA GLY B 32 9.63 -28.35 14.72
C GLY B 32 11.13 -28.18 14.99
N ASP B 33 11.86 -27.66 14.00
CA ASP B 33 13.29 -27.46 14.14
C ASP B 33 13.60 -26.02 14.53
N PHE B 34 13.47 -25.71 15.81
CA PHE B 34 13.73 -24.34 16.29
C PHE B 34 15.18 -23.94 16.10
N ALA B 35 16.09 -24.90 16.27
CA ALA B 35 17.52 -24.60 16.15
C ALA B 35 17.86 -24.12 14.74
N ALA B 36 17.43 -24.87 13.74
CA ALA B 36 17.71 -24.50 12.36
C ALA B 36 16.98 -23.20 12.01
N ALA B 37 15.77 -23.03 12.51
CA ALA B 37 15.03 -21.80 12.24
C ALA B 37 15.82 -20.61 12.74
N LYS B 38 16.23 -20.68 14.02
CA LYS B 38 17.01 -19.60 14.63
C LYS B 38 18.27 -19.27 13.81
N ALA B 39 18.99 -20.29 13.40
CA ALA B 39 20.21 -20.10 12.61
C ALA B 39 19.91 -19.41 11.28
N MET B 40 18.83 -19.82 10.64
CA MET B 40 18.44 -19.26 9.36
C MET B 40 18.05 -17.78 9.51
N MET B 41 17.32 -17.45 10.57
CA MET B 41 16.92 -16.06 10.78
C MET B 41 18.15 -15.17 10.97
N ASP B 42 19.12 -15.68 11.73
CA ASP B 42 20.33 -14.93 12.01
C ASP B 42 21.06 -14.57 10.73
N GLN B 43 21.21 -15.58 9.86
CA GLN B 43 21.88 -15.36 8.59
C GLN B 43 21.08 -14.40 7.72
N SER B 44 19.76 -14.54 7.73
CA SER B 44 18.91 -13.65 6.95
C SER B 44 19.13 -12.20 7.41
N ARG B 45 19.14 -12.00 8.73
CA ARG B 45 19.35 -10.68 9.30
C ARG B 45 20.69 -10.09 8.83
N MET B 46 21.74 -10.90 8.89
CA MET B 46 23.07 -10.45 8.49
C MET B 46 23.05 -10.04 7.02
N ALA B 47 22.37 -10.84 6.20
CA ALA B 47 22.27 -10.53 4.77
C ALA B 47 21.58 -9.19 4.56
N LEU B 48 20.50 -8.97 5.31
CA LEU B 48 19.75 -7.72 5.21
C LEU B 48 20.59 -6.55 5.72
N ASN B 49 21.30 -6.78 6.81
CA ASN B 49 22.13 -5.75 7.40
C ASN B 49 23.18 -5.26 6.40
N GLU B 50 23.83 -6.19 5.73
CA GLU B 50 24.82 -5.83 4.72
C GLU B 50 24.17 -5.10 3.57
N ALA B 51 23.00 -5.58 3.17
CA ALA B 51 22.25 -4.96 2.08
C ALA B 51 21.83 -3.54 2.48
N HIS B 52 21.32 -3.41 3.70
CA HIS B 52 20.88 -2.11 4.21
C HIS B 52 22.06 -1.13 4.27
N LEU B 53 23.22 -1.64 4.69
CA LEU B 53 24.42 -0.80 4.79
C LEU B 53 24.77 -0.23 3.41
N VAL B 54 24.71 -1.09 2.40
CA VAL B 54 25.03 -0.66 1.04
C VAL B 54 24.01 0.40 0.61
N GLN B 55 22.73 0.16 0.90
CA GLN B 55 21.70 1.13 0.53
C GLN B 55 21.96 2.45 1.25
N THR B 56 22.32 2.39 2.54
CA THR B 56 22.60 3.61 3.30
C THR B 56 23.57 4.50 2.53
N LYS B 57 24.65 3.90 2.04
CA LYS B 57 25.62 4.66 1.25
C LYS B 57 24.97 5.20 -0.01
N LEU B 58 24.12 4.39 -0.61
CA LEU B 58 23.44 4.78 -1.84
C LEU B 58 22.45 5.93 -1.59
N ILE B 59 22.02 6.12 -0.32
CA ILE B 59 21.11 7.23 -0.01
C ILE B 59 21.88 8.48 0.45
N GLU B 60 23.00 8.27 1.16
CA GLU B 60 23.81 9.39 1.64
C GLU B 60 24.42 10.17 0.46
N GLY B 61 24.86 9.43 -0.55
CA GLY B 61 25.49 10.05 -1.72
C GLY B 61 24.59 9.96 -2.95
N ASP B 62 23.28 10.02 -2.73
CA ASP B 62 22.32 9.93 -3.82
C ASP B 62 22.41 11.14 -4.77
N ALA B 63 23.21 12.12 -4.40
CA ALA B 63 23.36 13.32 -5.23
C ALA B 63 24.37 13.07 -6.34
N GLY B 64 24.50 14.03 -7.26
CA GLY B 64 25.44 13.90 -8.37
C GLY B 64 24.78 14.23 -9.71
N GLU B 65 23.73 13.48 -10.05
CA GLU B 65 23.03 13.70 -11.32
C GLU B 65 22.34 15.07 -11.33
N GLY B 66 21.76 15.45 -10.20
CA GLY B 66 21.07 16.73 -10.11
C GLY B 66 20.91 17.16 -8.66
N LYS B 67 20.42 18.38 -8.47
CA LYS B 67 20.23 18.92 -7.13
C LYS B 67 19.13 18.16 -6.38
N MET B 68 17.88 18.54 -6.66
CA MET B 68 16.72 17.93 -6.01
C MET B 68 16.52 16.47 -6.40
N LYS B 69 16.75 16.13 -7.66
CA LYS B 69 16.54 14.76 -8.14
C LYS B 69 17.62 13.80 -7.64
N VAL B 70 17.22 12.52 -7.52
CA VAL B 70 18.11 11.47 -7.05
C VAL B 70 18.02 10.24 -7.98
N SER B 71 18.89 9.26 -7.76
CA SER B 71 18.88 8.05 -8.59
C SER B 71 17.52 7.37 -8.49
N LEU B 72 16.93 7.04 -9.64
CA LEU B 72 15.60 6.45 -9.66
C LEU B 72 15.59 5.04 -9.04
N VAL B 73 16.65 4.30 -9.35
CA VAL B 73 16.80 2.93 -8.88
C VAL B 73 16.83 2.84 -7.34
N LEU B 74 17.10 3.95 -6.68
CA LEU B 74 17.13 3.96 -5.22
C LEU B 74 15.84 3.42 -4.64
N VAL B 75 14.74 3.78 -5.28
CA VAL B 75 13.42 3.35 -4.84
C VAL B 75 13.31 1.83 -5.05
N HIS B 76 13.79 1.26 -6.26
CA HIS B 76 13.72 -0.17 -6.54
C HIS B 76 14.44 -0.95 -5.44
N ALA B 77 15.62 -0.48 -5.05
CA ALA B 77 16.38 -1.15 -4.01
C ALA B 77 15.69 -0.99 -2.66
N GLN B 78 15.17 0.21 -2.41
CA GLN B 78 14.49 0.49 -1.14
C GLN B 78 13.22 -0.36 -1.03
N LEU B 79 12.44 -0.39 -2.12
CA LEU B 79 11.22 -1.18 -2.14
C LEU B 79 11.49 -2.65 -1.82
N HIS B 80 12.48 -3.23 -2.48
CA HIS B 80 12.80 -4.62 -2.24
C HIS B 80 13.36 -4.83 -0.84
N LEU B 81 14.27 -3.95 -0.44
CA LEU B 81 14.88 -4.06 0.89
C LEU B 81 13.85 -3.85 2.00
N MET B 82 13.00 -2.85 1.86
CA MET B 82 11.98 -2.57 2.87
C MET B 82 11.02 -3.75 3.01
N THR B 83 10.59 -4.28 1.87
CA THR B 83 9.67 -5.41 1.87
C THR B 83 10.32 -6.64 2.50
N SER B 84 11.55 -6.94 2.10
CA SER B 84 12.26 -8.09 2.64
C SER B 84 12.50 -7.97 4.14
N MET B 85 12.97 -6.81 4.58
CA MET B 85 13.24 -6.60 6.01
C MET B 85 11.96 -6.76 6.83
N LEU B 86 10.89 -6.14 6.36
CA LEU B 86 9.61 -6.21 7.06
C LEU B 86 9.11 -7.65 7.12
N ALA B 87 9.17 -8.33 5.98
CA ALA B 87 8.72 -9.71 5.90
C ALA B 87 9.49 -10.58 6.88
N ARG B 88 10.79 -10.44 6.86
CA ARG B 88 11.65 -11.22 7.75
C ARG B 88 11.28 -10.97 9.21
N GLU B 89 11.08 -9.70 9.59
CA GLU B 89 10.75 -9.38 10.97
C GLU B 89 9.43 -10.05 11.37
N LEU B 90 8.44 -9.96 10.50
CA LEU B 90 7.14 -10.56 10.78
C LEU B 90 7.28 -12.08 10.84
N ILE B 91 8.06 -12.63 9.92
CA ILE B 91 8.30 -14.07 9.91
C ILE B 91 8.95 -14.49 11.23
N THR B 92 9.86 -13.66 11.73
CA THR B 92 10.50 -13.96 13.02
C THR B 92 9.43 -14.07 14.09
N GLU B 93 8.49 -13.13 14.09
CA GLU B 93 7.40 -13.15 15.06
C GLU B 93 6.58 -14.43 14.88
N LEU B 94 6.30 -14.77 13.62
CA LEU B 94 5.54 -15.99 13.33
C LEU B 94 6.27 -17.21 13.87
N ILE B 95 7.59 -17.26 13.68
CA ILE B 95 8.36 -18.38 14.19
C ILE B 95 8.28 -18.46 15.71
N GLU B 96 8.36 -17.30 16.37
CA GLU B 96 8.25 -17.27 17.83
C GLU B 96 6.90 -17.85 18.25
N LEU B 97 5.86 -17.54 17.49
CA LEU B 97 4.52 -18.05 17.79
C LEU B 97 4.52 -19.58 17.69
N HIS B 98 5.19 -20.10 16.66
CA HIS B 98 5.27 -21.55 16.50
C HIS B 98 5.89 -22.17 17.75
N GLU B 99 6.90 -21.48 18.28
CA GLU B 99 7.55 -21.95 19.50
C GLU B 99 6.58 -21.94 20.66
N LYS B 100 5.77 -20.88 20.77
CA LYS B 100 4.79 -20.80 21.84
C LYS B 100 3.72 -21.88 21.65
N LEU B 101 3.39 -22.19 20.39
CA LEU B 101 2.42 -23.25 20.11
C LEU B 101 2.96 -24.60 20.58
N LYS B 102 4.13 -24.57 21.21
CA LYS B 102 4.77 -25.78 21.72
C LYS B 102 5.49 -26.51 20.59
N ALA B 103 4.71 -26.92 19.58
CA ALA B 103 5.25 -27.67 18.43
C ALA B 103 6.64 -27.19 18.04
N ALA C 1 11.12 19.25 -2.05
CA ALA C 1 11.16 20.74 -1.98
C ALA C 1 10.96 21.17 -0.54
N GLU C 2 11.18 22.45 -0.27
CA GLU C 2 11.04 23.02 1.08
C GLU C 2 10.10 22.22 1.98
N GLU C 3 8.81 22.51 1.89
CA GLU C 3 7.83 21.81 2.71
C GLU C 3 7.73 20.34 2.34
N LEU C 4 7.37 20.07 1.08
CA LEU C 4 7.24 18.68 0.63
C LEU C 4 8.38 17.80 1.16
N GLU C 5 9.60 18.32 1.11
CA GLU C 5 10.76 17.57 1.58
C GLU C 5 10.74 17.43 3.10
N GLU C 6 10.47 18.53 3.78
CA GLU C 6 10.41 18.52 5.24
C GLU C 6 9.19 17.70 5.68
N VAL C 7 8.12 17.78 4.89
CA VAL C 7 6.90 17.04 5.17
C VAL C 7 7.17 15.53 5.06
N VAL C 8 7.92 15.14 4.03
CA VAL C 8 8.27 13.74 3.83
C VAL C 8 9.06 13.24 5.04
N MET C 9 10.02 14.04 5.50
CA MET C 9 10.80 13.67 6.66
C MET C 9 9.87 13.40 7.84
N GLY C 10 8.88 14.29 8.01
CA GLY C 10 7.91 14.13 9.08
C GLY C 10 7.12 12.84 8.88
N LEU C 11 6.71 12.59 7.65
CA LEU C 11 5.94 11.37 7.33
C LEU C 11 6.79 10.14 7.59
N ILE C 12 8.05 10.18 7.18
CA ILE C 12 8.94 9.04 7.37
C ILE C 12 9.11 8.78 8.87
N ILE C 13 9.32 9.87 9.61
CA ILE C 13 9.47 9.76 11.06
C ILE C 13 8.16 9.23 11.66
N ASN C 14 7.05 9.81 11.22
CA ASN C 14 5.73 9.40 11.72
C ASN C 14 5.50 7.92 11.43
N SER C 15 5.79 7.51 10.19
CA SER C 15 5.63 6.11 9.81
C SER C 15 6.52 5.24 10.68
N GLY C 16 7.76 5.70 10.90
CA GLY C 16 8.70 4.95 11.73
C GLY C 16 8.18 4.84 13.16
N GLN C 17 7.67 5.95 13.70
CA GLN C 17 7.13 5.92 15.06
C GLN C 17 5.95 4.97 15.12
N ALA C 18 5.12 5.01 14.08
CA ALA C 18 3.96 4.14 14.02
C ALA C 18 4.38 2.67 14.15
N ARG C 19 5.36 2.27 13.33
CA ARG C 19 5.84 0.91 13.40
C ARG C 19 6.41 0.63 14.79
N SER C 20 7.21 1.57 15.28
CA SER C 20 7.81 1.41 16.60
C SER C 20 6.73 1.13 17.65
N LEU C 21 5.66 1.92 17.61
CA LEU C 21 4.56 1.74 18.54
C LEU C 21 3.92 0.37 18.33
N ALA C 22 3.73 0.00 17.06
CA ALA C 22 3.13 -1.29 16.73
C ALA C 22 3.96 -2.44 17.33
N TYR C 23 5.27 -2.43 17.07
CA TYR C 23 6.14 -3.47 17.64
C TYR C 23 6.05 -3.45 19.16
N ALA C 24 6.03 -2.24 19.72
CA ALA C 24 5.92 -2.11 21.17
C ALA C 24 4.59 -2.72 21.62
N ALA C 25 3.54 -2.47 20.85
CA ALA C 25 2.23 -3.03 21.16
C ALA C 25 2.31 -4.55 21.21
N LEU C 26 3.01 -5.12 20.24
CA LEU C 26 3.19 -6.57 20.18
C LEU C 26 3.95 -7.05 21.42
N LYS C 27 4.99 -6.31 21.77
CA LYS C 27 5.79 -6.66 22.94
C LYS C 27 4.90 -6.72 24.19
N GLN C 28 3.99 -5.77 24.31
CA GLN C 28 3.06 -5.75 25.44
C GLN C 28 2.26 -7.04 25.47
N ALA C 29 1.82 -7.47 24.27
CA ALA C 29 1.05 -8.70 24.16
C ALA C 29 1.85 -9.89 24.67
N LYS C 30 3.13 -9.94 24.30
CA LYS C 30 3.99 -11.02 24.76
C LYS C 30 4.07 -11.06 26.28
N GLN C 31 3.98 -9.88 26.90
CA GLN C 31 4.04 -9.80 28.36
C GLN C 31 2.67 -10.17 28.96
N GLY C 32 1.71 -10.44 28.08
CA GLY C 32 0.36 -10.83 28.53
C GLY C 32 -0.47 -9.60 28.89
N ASP C 33 -0.04 -8.43 28.44
CA ASP C 33 -0.76 -7.18 28.70
C ASP C 33 -1.63 -6.80 27.51
N PHE C 34 -2.80 -7.41 27.42
CA PHE C 34 -3.71 -7.14 26.31
C PHE C 34 -4.22 -5.70 26.34
N ALA C 35 -4.43 -5.17 27.54
CA ALA C 35 -4.94 -3.81 27.68
C ALA C 35 -3.97 -2.79 27.08
N ALA C 36 -2.71 -2.89 27.47
CA ALA C 36 -1.71 -1.96 26.96
C ALA C 36 -1.50 -2.17 25.47
N ALA C 37 -1.55 -3.42 25.02
CA ALA C 37 -1.38 -3.71 23.60
C ALA C 37 -2.48 -3.00 22.81
N LYS C 38 -3.72 -3.21 23.22
CA LYS C 38 -4.87 -2.59 22.57
C LYS C 38 -4.72 -1.07 22.49
N ALA C 39 -4.32 -0.45 23.61
CA ALA C 39 -4.16 1.00 23.65
C ALA C 39 -3.06 1.46 22.68
N MET C 40 -1.96 0.72 22.64
CA MET C 40 -0.85 1.06 21.77
C MET C 40 -1.25 0.92 20.30
N MET C 41 -2.03 -0.11 19.99
CA MET C 41 -2.48 -0.31 18.61
C MET C 41 -3.35 0.85 18.16
N ASP C 42 -4.25 1.28 19.04
CA ASP C 42 -5.17 2.36 18.72
C ASP C 42 -4.41 3.63 18.38
N GLN C 43 -3.42 3.97 19.21
CA GLN C 43 -2.61 5.16 18.97
C GLN C 43 -1.83 5.03 17.67
N SER C 44 -1.30 3.85 17.42
CA SER C 44 -0.55 3.60 16.19
C SER C 44 -1.44 3.87 14.98
N ARG C 45 -2.67 3.32 15.03
CA ARG C 45 -3.64 3.50 13.96
C ARG C 45 -3.93 4.99 13.72
N MET C 46 -4.14 5.72 14.81
CA MET C 46 -4.43 7.15 14.72
C MET C 46 -3.26 7.89 14.08
N ALA C 47 -2.04 7.51 14.47
CA ALA C 47 -0.84 8.14 13.91
C ALA C 47 -0.78 7.91 12.40
N LEU C 48 -1.08 6.68 11.98
CA LEU C 48 -1.07 6.33 10.57
C LEU C 48 -2.17 7.06 9.82
N ASN C 49 -3.34 7.15 10.45
CA ASN C 49 -4.48 7.81 9.84
C ASN C 49 -4.14 9.27 9.52
N GLU C 50 -3.51 9.95 10.47
CA GLU C 50 -3.11 11.33 10.26
C GLU C 50 -2.06 11.41 9.16
N ALA C 51 -1.13 10.47 9.19
CA ALA C 51 -0.07 10.43 8.18
C ALA C 51 -0.67 10.15 6.80
N HIS C 52 -1.58 9.19 6.74
CA HIS C 52 -2.25 8.85 5.48
C HIS C 52 -3.02 10.05 4.94
N LEU C 53 -3.69 10.78 5.83
CA LEU C 53 -4.47 11.95 5.43
C LEU C 53 -3.56 12.98 4.76
N VAL C 54 -2.39 13.20 5.35
CA VAL C 54 -1.45 14.16 4.80
C VAL C 54 -0.99 13.67 3.43
N GLN C 55 -0.69 12.38 3.32
CA GLN C 55 -0.26 11.82 2.04
C GLN C 55 -1.38 11.99 1.00
N THR C 56 -2.62 11.74 1.41
CA THR C 56 -3.76 11.88 0.48
C THR C 56 -3.70 13.25 -0.19
N LYS C 57 -3.50 14.29 0.60
CA LYS C 57 -3.40 15.64 0.05
C LYS C 57 -2.20 15.73 -0.88
N LEU C 58 -1.11 15.09 -0.49
CA LEU C 58 0.10 15.11 -1.29
C LEU C 58 -0.08 14.35 -2.61
N ILE C 59 -1.09 13.47 -2.70
CA ILE C 59 -1.33 12.76 -3.95
C ILE C 59 -2.40 13.48 -4.79
N GLU C 60 -3.38 14.10 -4.14
CA GLU C 60 -4.43 14.83 -4.87
C GLU C 60 -3.85 16.03 -5.60
N GLY C 61 -2.89 16.71 -4.98
CA GLY C 61 -2.28 17.89 -5.57
C GLY C 61 -0.83 17.62 -5.97
N ASP C 62 -0.56 16.41 -6.41
CA ASP C 62 0.79 16.03 -6.80
C ASP C 62 1.22 16.75 -8.06
N ALA C 63 0.31 17.49 -8.68
CA ALA C 63 0.63 18.24 -9.90
C ALA C 63 1.30 19.56 -9.56
N GLY C 64 1.78 20.26 -10.59
CA GLY C 64 2.43 21.56 -10.39
C GLY C 64 3.77 21.63 -11.13
N GLU C 65 4.69 20.71 -10.81
CA GLU C 65 5.99 20.70 -11.45
C GLU C 65 5.87 20.38 -12.94
N GLY C 66 4.99 19.45 -13.27
CA GLY C 66 4.80 19.05 -14.66
C GLY C 66 3.45 18.36 -14.86
N LYS C 67 3.12 18.09 -16.11
CA LYS C 67 1.85 17.44 -16.43
C LYS C 67 1.83 16.00 -15.92
N MET C 68 2.44 15.10 -16.70
CA MET C 68 2.48 13.68 -16.36
C MET C 68 3.31 13.38 -15.12
N LYS C 69 4.45 14.07 -14.97
CA LYS C 69 5.34 13.83 -13.84
C LYS C 69 4.79 14.36 -12.52
N VAL C 70 5.20 13.71 -11.43
CA VAL C 70 4.76 14.07 -10.08
C VAL C 70 5.96 14.16 -9.13
N SER C 71 5.72 14.64 -7.91
CA SER C 71 6.80 14.75 -6.93
C SER C 71 7.42 13.38 -6.68
N LEU C 72 8.74 13.30 -6.77
CA LEU C 72 9.45 12.03 -6.61
C LEU C 72 9.31 11.48 -5.19
N VAL C 73 9.40 12.39 -4.22
CA VAL C 73 9.33 12.04 -2.80
C VAL C 73 8.00 11.37 -2.44
N LEU C 74 6.99 11.55 -3.28
CA LEU C 74 5.69 10.93 -3.01
C LEU C 74 5.82 9.44 -2.79
N VAL C 75 6.70 8.84 -3.58
CA VAL C 75 6.93 7.41 -3.48
C VAL C 75 7.60 7.09 -2.15
N HIS C 76 8.65 7.92 -1.69
CA HIS C 76 9.32 7.69 -0.42
C HIS C 76 8.32 7.67 0.72
N ALA C 77 7.41 8.63 0.73
CA ALA C 77 6.40 8.70 1.77
C ALA C 77 5.41 7.54 1.64
N GLN C 78 5.05 7.22 0.40
CA GLN C 78 4.11 6.12 0.16
C GLN C 78 4.74 4.79 0.59
N LEU C 79 5.99 4.58 0.19
CA LEU C 79 6.71 3.36 0.55
C LEU C 79 6.75 3.17 2.06
N HIS C 80 7.13 4.21 2.79
CA HIS C 80 7.20 4.12 4.24
C HIS C 80 5.81 3.94 4.85
N LEU C 81 4.87 4.73 4.38
CA LEU C 81 3.50 4.67 4.89
C LEU C 81 2.85 3.31 4.59
N MET C 82 3.01 2.84 3.37
CA MET C 82 2.42 1.55 2.98
C MET C 82 3.01 0.42 3.82
N THR C 83 4.32 0.45 3.99
CA THR C 83 5.00 -0.58 4.76
C THR C 83 4.54 -0.55 6.22
N SER C 84 4.53 0.64 6.80
CA SER C 84 4.12 0.80 8.20
C SER C 84 2.67 0.37 8.42
N MET C 85 1.76 0.84 7.56
CA MET C 85 0.35 0.48 7.70
C MET C 85 0.16 -1.04 7.61
N LEU C 86 0.80 -1.65 6.63
CA LEU C 86 0.70 -3.09 6.43
C LEU C 86 1.24 -3.83 7.65
N ALA C 87 2.42 -3.42 8.10
CA ALA C 87 3.05 -4.04 9.25
C ALA C 87 2.13 -3.96 10.47
N ARG C 88 1.61 -2.77 10.71
CA ARG C 88 0.74 -2.55 11.84
C ARG C 88 -0.50 -3.47 11.77
N GLU C 89 -1.11 -3.56 10.59
CA GLU C 89 -2.29 -4.42 10.44
C GLU C 89 -1.95 -5.88 10.74
N LEU C 90 -0.82 -6.35 10.20
CA LEU C 90 -0.40 -7.72 10.44
C LEU C 90 -0.07 -7.92 11.91
N ILE C 91 0.60 -6.95 12.49
CA ILE C 91 0.95 -7.02 13.90
C ILE C 91 -0.33 -7.12 14.73
N THR C 92 -1.36 -6.39 14.32
CA THR C 92 -2.64 -6.46 15.02
C THR C 92 -3.15 -7.89 14.99
N GLU C 93 -3.06 -8.53 13.83
CA GLU C 93 -3.50 -9.92 13.70
C GLU C 93 -2.66 -10.82 14.62
N LEU C 94 -1.36 -10.56 14.63
CA LEU C 94 -0.45 -11.34 15.47
C LEU C 94 -0.84 -11.20 16.94
N ILE C 95 -1.16 -9.98 17.35
CA ILE C 95 -1.57 -9.73 18.73
C ILE C 95 -2.86 -10.51 19.05
N GLU C 96 -3.80 -10.48 18.12
CA GLU C 96 -5.05 -11.21 18.31
C GLU C 96 -4.75 -12.70 18.53
N LEU C 97 -3.78 -13.21 17.77
CA LEU C 97 -3.39 -14.61 17.91
C LEU C 97 -2.85 -14.87 19.32
N HIS C 98 -2.05 -13.94 19.83
CA HIS C 98 -1.52 -14.09 21.18
C HIS C 98 -2.68 -14.22 22.16
N GLU C 99 -3.73 -13.44 21.92
CA GLU C 99 -4.90 -13.49 22.78
C GLU C 99 -5.57 -14.87 22.68
N LYS C 100 -5.65 -15.41 21.46
CA LYS C 100 -6.25 -16.72 21.29
C LYS C 100 -5.38 -17.78 21.95
N LEU C 101 -4.05 -17.58 21.91
CA LEU C 101 -3.12 -18.52 22.55
C LEU C 101 -3.37 -18.53 24.06
N LYS C 102 -4.36 -17.76 24.51
CA LYS C 102 -4.70 -17.67 25.93
C LYS C 102 -3.78 -16.68 26.63
N ALA C 103 -2.48 -16.99 26.61
CA ALA C 103 -1.45 -16.16 27.26
C ALA C 103 -1.80 -14.67 27.21
N LYS D 1 -19.97 26.95 -1.17
CA LYS D 1 -19.08 26.05 -1.96
C LYS D 1 -19.44 24.59 -1.78
N LYS D 2 -19.77 23.94 -2.87
CA LYS D 2 -20.15 22.54 -2.84
C LYS D 2 -18.93 21.62 -2.88
N HIS D 3 -19.02 20.49 -2.19
CA HIS D 3 -17.93 19.52 -2.13
C HIS D 3 -18.12 18.37 -3.08
N ILE D 4 -17.20 18.26 -4.03
CA ILE D 4 -17.22 17.18 -4.99
C ILE D 4 -16.07 16.24 -4.61
N TYR D 5 -16.39 15.03 -4.18
CA TYR D 5 -15.38 14.06 -3.78
C TYR D 5 -15.33 12.90 -4.76
N LEU D 6 -14.13 12.60 -5.26
CA LEU D 6 -13.90 11.48 -6.19
C LEU D 6 -13.25 10.35 -5.40
N PHE D 7 -13.56 9.08 -5.76
CA PHE D 7 -12.85 7.96 -5.13
C PHE D 7 -12.19 7.07 -6.17
N CYS D 8 -11.04 6.48 -5.76
CA CYS D 8 -10.27 5.48 -6.50
C CYS D 8 -9.60 4.52 -5.53
N SER D 9 -8.55 3.78 -5.87
CA SER D 9 -8.04 2.90 -4.81
C SER D 9 -7.16 3.67 -3.84
N ALA D 10 -6.13 4.40 -4.33
CA ALA D 10 -5.22 5.10 -3.43
C ALA D 10 -5.48 6.59 -3.50
N GLY D 11 -5.83 7.09 -4.68
CA GLY D 11 -6.13 8.50 -4.88
C GLY D 11 -5.11 9.18 -5.78
N MET D 12 -4.44 8.46 -6.69
CA MET D 12 -3.45 9.09 -7.55
C MET D 12 -3.96 9.30 -8.98
N SER D 13 -4.04 8.25 -9.73
CA SER D 13 -4.48 8.36 -11.12
C SER D 13 -5.69 9.29 -11.26
N THR D 14 -6.44 9.50 -10.17
CA THR D 14 -7.60 10.36 -10.30
C THR D 14 -7.21 11.77 -9.87
N SER D 15 -6.09 11.83 -9.22
CA SER D 15 -5.48 13.09 -8.76
C SER D 15 -5.20 14.03 -9.93
N LEU D 16 -4.82 13.46 -11.06
CA LEU D 16 -4.55 14.26 -12.24
C LEU D 16 -5.88 14.86 -12.76
N LEU D 17 -6.96 14.07 -12.72
CA LEU D 17 -8.28 14.55 -13.14
C LEU D 17 -8.75 15.68 -12.19
N VAL D 18 -8.54 15.48 -10.88
CA VAL D 18 -8.91 16.50 -9.89
C VAL D 18 -8.18 17.83 -10.15
N SER D 19 -6.89 17.79 -10.47
CA SER D 19 -6.17 19.03 -10.74
C SER D 19 -6.73 19.77 -11.98
N LYS D 20 -7.12 19.03 -13.02
CA LYS D 20 -7.71 19.66 -14.20
C LYS D 20 -9.12 20.20 -13.91
N MET D 21 -9.87 19.50 -13.07
CA MET D 21 -11.22 20.00 -12.73
C MET D 21 -11.08 21.31 -11.94
N ARG D 22 -10.13 21.39 -11.02
CA ARG D 22 -9.91 22.60 -10.21
C ARG D 22 -9.56 23.79 -11.12
N ALA D 23 -8.79 23.54 -12.18
CA ALA D 23 -8.39 24.59 -13.11
C ALA D 23 -9.63 25.14 -13.81
N GLN D 24 -10.50 24.24 -14.24
CA GLN D 24 -11.72 24.61 -14.91
C GLN D 24 -12.67 25.35 -14.00
N ALA D 25 -12.80 24.88 -12.77
CA ALA D 25 -13.69 25.53 -11.80
C ALA D 25 -13.24 26.96 -11.55
N GLU D 26 -11.93 27.20 -11.60
CA GLU D 26 -11.39 28.54 -11.36
C GLU D 26 -11.65 29.43 -12.57
N LYS D 27 -11.43 28.88 -13.76
CA LYS D 27 -11.63 29.59 -14.99
C LYS D 27 -13.07 30.10 -15.12
N TYR D 28 -14.05 29.29 -14.72
CA TYR D 28 -15.48 29.69 -14.80
C TYR D 28 -16.13 30.10 -13.49
N GLU D 29 -15.33 30.35 -12.46
CA GLU D 29 -15.81 30.78 -11.15
C GLU D 29 -16.89 29.89 -10.51
N VAL D 30 -16.76 28.58 -10.66
CA VAL D 30 -17.70 27.63 -10.08
C VAL D 30 -17.27 27.48 -8.62
N PRO D 31 -18.19 27.73 -7.67
CA PRO D 31 -17.91 27.64 -6.23
C PRO D 31 -17.93 26.21 -5.68
N VAL D 32 -16.88 25.46 -6.01
CA VAL D 32 -16.75 24.08 -5.57
C VAL D 32 -15.38 23.76 -5.01
N ILE D 33 -15.35 22.75 -4.14
CA ILE D 33 -14.13 22.22 -3.55
C ILE D 33 -14.09 20.77 -4.09
N ILE D 34 -12.98 20.40 -4.71
CA ILE D 34 -12.79 19.07 -5.32
C ILE D 34 -11.61 18.31 -4.66
N GLU D 35 -11.86 17.09 -4.18
CA GLU D 35 -10.83 16.27 -3.52
C GLU D 35 -10.93 14.82 -4.00
N ALA D 36 -9.78 14.14 -4.09
CA ALA D 36 -9.71 12.73 -4.50
C ALA D 36 -9.34 11.92 -3.25
N PHE D 37 -9.93 10.74 -3.09
CA PHE D 37 -9.64 9.87 -1.95
C PHE D 37 -9.66 8.44 -2.43
N PRO D 38 -9.08 7.53 -1.64
CA PRO D 38 -9.07 6.11 -2.02
C PRO D 38 -10.49 5.61 -1.70
N GLU D 39 -10.91 4.54 -2.35
CA GLU D 39 -12.24 3.96 -2.13
C GLU D 39 -12.51 3.54 -0.69
N THR D 40 -11.46 3.29 0.09
CA THR D 40 -11.63 2.88 1.48
C THR D 40 -12.26 3.95 2.37
N LEU D 41 -12.19 5.21 1.94
CA LEU D 41 -12.77 6.32 2.70
C LEU D 41 -14.15 6.77 2.20
N ALA D 42 -14.74 6.07 1.21
CA ALA D 42 -16.05 6.45 0.63
C ALA D 42 -17.14 6.64 1.68
N GLY D 43 -17.12 5.80 2.71
CA GLY D 43 -18.13 5.91 3.75
C GLY D 43 -17.81 6.98 4.77
N GLU D 44 -16.53 7.16 5.08
CA GLU D 44 -16.15 8.15 6.07
C GLU D 44 -16.16 9.59 5.49
N LYS D 45 -15.52 9.77 4.34
CA LYS D 45 -15.46 11.08 3.70
C LYS D 45 -16.73 11.45 2.92
N GLY D 46 -17.38 10.46 2.32
CA GLY D 46 -18.60 10.70 1.55
C GLY D 46 -19.69 11.43 2.29
N GLN D 47 -19.77 11.23 3.60
CA GLN D 47 -20.79 11.89 4.43
C GLN D 47 -20.74 13.42 4.34
N ASN D 48 -19.59 13.97 3.95
CA ASN D 48 -19.43 15.41 3.87
C ASN D 48 -19.45 15.95 2.45
N ALA D 49 -19.66 15.08 1.48
CA ALA D 49 -19.67 15.54 0.10
C ALA D 49 -21.06 15.97 -0.30
N ASP D 50 -21.11 16.82 -1.31
CA ASP D 50 -22.38 17.25 -1.83
C ASP D 50 -22.73 16.32 -2.99
N VAL D 51 -21.69 15.73 -3.60
CA VAL D 51 -21.88 14.75 -4.67
C VAL D 51 -20.68 13.78 -4.61
N VAL D 52 -20.98 12.49 -4.70
CA VAL D 52 -19.97 11.44 -4.66
C VAL D 52 -19.78 10.85 -6.06
N LEU D 53 -18.55 10.92 -6.57
CA LEU D 53 -18.24 10.38 -7.88
C LEU D 53 -17.30 9.18 -7.73
N LEU D 54 -17.60 8.08 -8.42
CA LEU D 54 -16.75 6.88 -8.36
C LEU D 54 -15.96 6.73 -9.63
N GLY D 55 -14.69 6.35 -9.51
CA GLY D 55 -13.84 6.18 -10.68
C GLY D 55 -14.39 5.02 -11.49
N PRO D 56 -14.13 4.94 -12.76
CA PRO D 56 -14.65 3.83 -13.62
C PRO D 56 -14.23 2.43 -13.16
N GLN D 57 -13.07 2.31 -12.54
CA GLN D 57 -12.57 1.02 -12.08
C GLN D 57 -13.39 0.49 -10.90
N ILE D 58 -14.04 1.38 -10.15
CA ILE D 58 -14.82 0.94 -9.01
C ILE D 58 -16.34 1.02 -9.23
N ALA D 59 -16.75 0.99 -10.49
CA ALA D 59 -18.17 1.04 -10.83
C ALA D 59 -18.94 -0.11 -10.19
N TYR D 60 -18.34 -1.30 -10.13
CA TYR D 60 -19.04 -2.44 -9.55
C TYR D 60 -19.46 -2.21 -8.09
N MET D 61 -18.84 -1.23 -7.44
CA MET D 61 -19.15 -0.89 -6.05
C MET D 61 -20.33 0.08 -5.87
N LEU D 62 -20.89 0.58 -6.97
CA LEU D 62 -21.99 1.54 -6.90
C LEU D 62 -23.13 1.19 -5.93
N PRO D 63 -23.73 -0.02 -6.05
CA PRO D 63 -24.82 -0.37 -5.12
C PRO D 63 -24.43 -0.30 -3.65
N GLU D 64 -23.22 -0.72 -3.30
CA GLU D 64 -22.77 -0.68 -1.91
C GLU D 64 -22.60 0.74 -1.42
N ILE D 65 -22.02 1.59 -2.25
CA ILE D 65 -21.83 2.99 -1.85
C ILE D 65 -23.16 3.74 -1.71
N GLN D 66 -24.12 3.42 -2.59
CA GLN D 66 -25.46 4.00 -2.52
C GLN D 66 -26.13 3.64 -1.18
N ARG D 67 -26.00 2.39 -0.73
CA ARG D 67 -26.60 1.98 0.55
C ARG D 67 -25.89 2.63 1.74
N LEU D 68 -24.60 2.88 1.59
CA LEU D 68 -23.77 3.49 2.64
C LEU D 68 -24.11 4.97 2.82
N LEU D 69 -24.39 5.65 1.70
CA LEU D 69 -24.73 7.09 1.68
C LEU D 69 -26.11 7.27 1.01
N PRO D 70 -27.20 6.87 1.69
CA PRO D 70 -28.55 6.99 1.13
C PRO D 70 -29.03 8.44 0.93
N ASN D 71 -28.35 9.38 1.56
CA ASN D 71 -28.75 10.79 1.44
C ASN D 71 -27.82 11.63 0.57
N LYS D 72 -27.08 10.99 -0.33
CA LYS D 72 -26.14 11.69 -1.21
C LYS D 72 -26.26 11.20 -2.63
N PRO D 73 -26.13 12.10 -3.63
CA PRO D 73 -26.21 11.62 -5.02
C PRO D 73 -24.85 10.97 -5.27
N VAL D 74 -24.87 9.73 -5.75
CA VAL D 74 -23.64 8.96 -6.02
C VAL D 74 -23.64 8.48 -7.46
N GLU D 75 -22.58 8.72 -8.19
CA GLU D 75 -22.53 8.22 -9.55
C GLU D 75 -21.13 7.95 -10.07
N VAL D 76 -21.06 7.12 -11.10
CA VAL D 76 -19.80 6.72 -11.71
C VAL D 76 -19.40 7.72 -12.78
N ILE D 77 -18.11 8.03 -12.84
CA ILE D 77 -17.58 8.96 -13.83
C ILE D 77 -17.54 8.27 -15.17
N ASP D 78 -17.96 8.97 -16.21
CA ASP D 78 -17.94 8.40 -17.55
C ASP D 78 -16.51 7.95 -17.89
N SER D 79 -16.33 6.69 -18.28
CA SER D 79 -14.99 6.17 -18.58
C SER D 79 -14.18 6.90 -19.65
N LEU D 80 -14.87 7.44 -20.65
CA LEU D 80 -14.19 8.17 -21.73
C LEU D 80 -13.73 9.53 -21.23
N LEU D 81 -14.58 10.18 -20.45
CA LEU D 81 -14.26 11.49 -19.90
C LEU D 81 -13.10 11.33 -18.94
N TYR D 82 -13.10 10.21 -18.22
CA TYR D 82 -12.04 9.90 -17.25
C TYR D 82 -10.71 9.58 -17.95
N GLY D 83 -10.75 8.68 -18.92
CA GLY D 83 -9.54 8.32 -19.64
C GLY D 83 -8.87 9.50 -20.31
N LYS D 84 -9.68 10.37 -20.87
CA LYS D 84 -9.22 11.56 -21.59
C LYS D 84 -8.79 12.70 -20.65
N VAL D 85 -9.07 12.52 -19.35
CA VAL D 85 -8.77 13.52 -18.31
C VAL D 85 -9.47 14.86 -18.61
N ASP D 86 -10.76 14.77 -18.94
CA ASP D 86 -11.57 15.95 -19.28
C ASP D 86 -12.09 16.63 -18.03
N GLY D 87 -11.29 17.56 -17.51
CA GLY D 87 -11.64 18.31 -16.31
C GLY D 87 -12.94 19.07 -16.45
N LEU D 88 -13.16 19.73 -17.60
CA LEU D 88 -14.39 20.49 -17.80
C LEU D 88 -15.63 19.58 -17.87
N GLY D 89 -15.50 18.50 -18.64
CA GLY D 89 -16.59 17.56 -18.81
C GLY D 89 -17.07 16.91 -17.53
N VAL D 90 -16.12 16.49 -16.69
CA VAL D 90 -16.48 15.84 -15.42
C VAL D 90 -17.04 16.88 -14.45
N LEU D 91 -16.47 18.08 -14.49
CA LEU D 91 -16.97 19.15 -13.63
C LEU D 91 -18.46 19.39 -14.00
N LYS D 92 -18.76 19.42 -15.30
CA LYS D 92 -20.15 19.61 -15.75
C LYS D 92 -21.09 18.52 -15.24
N ALA D 93 -20.64 17.27 -15.30
CA ALA D 93 -21.47 16.14 -14.85
C ALA D 93 -21.76 16.21 -13.35
N ALA D 94 -20.78 16.72 -12.60
CA ALA D 94 -20.90 16.82 -11.15
C ALA D 94 -21.90 17.90 -10.75
N VAL D 95 -21.80 19.06 -11.40
CA VAL D 95 -22.72 20.17 -11.13
C VAL D 95 -24.13 19.69 -11.49
N ALA D 96 -24.25 18.98 -12.61
CA ALA D 96 -25.54 18.45 -13.04
C ALA D 96 -26.13 17.51 -11.99
N ALA D 97 -25.33 16.57 -11.49
CA ALA D 97 -25.85 15.64 -10.49
C ALA D 97 -26.36 16.40 -9.26
N ILE D 98 -25.70 17.51 -8.93
CA ILE D 98 -26.12 18.32 -7.78
C ILE D 98 -27.46 19.01 -8.03
N LYS D 99 -27.63 19.58 -9.24
CA LYS D 99 -28.87 20.26 -9.62
C LYS D 99 -30.01 19.26 -9.71
N LYS D 100 -29.80 18.19 -10.45
CA LYS D 100 -30.83 17.18 -10.59
C LYS D 100 -31.20 16.60 -9.22
N ALA D 101 -30.34 16.79 -8.23
CA ALA D 101 -30.58 16.28 -6.88
C ALA D 101 -31.37 17.24 -6.00
N ALA D 102 -31.14 18.54 -6.18
CA ALA D 102 -31.83 19.57 -5.43
C ALA D 102 -33.22 19.88 -6.02
N ALA D 103 -33.60 19.13 -7.06
CA ALA D 103 -34.88 19.29 -7.72
C ALA D 103 -35.05 18.26 -8.85
P PO3 E . -4.74 5.40 -7.12
O1 PO3 E . -5.22 3.98 -6.90
O2 PO3 E . -4.71 6.00 -8.51
O3 PO3 E . -4.11 6.18 -5.98
N ALA A 1 0.74 7.29 -18.60
CA ALA A 1 0.24 7.59 -19.96
C ALA A 1 -1.09 6.86 -20.17
N GLU A 2 -1.77 7.18 -21.26
CA GLU A 2 -3.08 6.58 -21.60
C GLU A 2 -3.28 5.20 -20.95
N GLU A 3 -2.80 4.17 -21.63
CA GLU A 3 -2.95 2.80 -21.13
C GLU A 3 -2.16 2.60 -19.84
N LEU A 4 -0.84 2.78 -19.91
CA LEU A 4 0.01 2.60 -18.74
C LEU A 4 -0.63 3.20 -17.48
N GLU A 5 -1.21 4.38 -17.61
CA GLU A 5 -1.84 5.05 -16.47
C GLU A 5 -3.12 4.34 -16.08
N GLU A 6 -3.94 4.01 -17.07
CA GLU A 6 -5.19 3.30 -16.82
C GLU A 6 -4.88 1.88 -16.34
N VAL A 7 -3.80 1.31 -16.88
CA VAL A 7 -3.37 -0.03 -16.50
C VAL A 7 -2.93 -0.05 -15.03
N VAL A 8 -2.20 0.99 -14.63
CA VAL A 8 -1.73 1.10 -13.25
C VAL A 8 -2.95 1.16 -12.33
N MET A 9 -3.95 1.96 -12.70
CA MET A 9 -5.17 2.06 -11.90
C MET A 9 -5.77 0.67 -11.73
N GLY A 10 -5.81 -0.09 -12.82
CA GLY A 10 -6.34 -1.45 -12.77
C GLY A 10 -5.49 -2.31 -11.83
N LEU A 11 -4.17 -2.17 -11.95
CA LEU A 11 -3.26 -2.93 -11.10
C LEU A 11 -3.45 -2.56 -9.64
N ILE A 12 -3.57 -1.27 -9.37
CA ILE A 12 -3.76 -0.80 -8.00
C ILE A 12 -5.06 -1.36 -7.46
N ILE A 13 -6.11 -1.29 -8.26
CA ILE A 13 -7.40 -1.82 -7.85
C ILE A 13 -7.30 -3.33 -7.65
N ASN A 14 -6.65 -4.01 -8.60
CA ASN A 14 -6.47 -5.45 -8.53
C ASN A 14 -5.71 -5.82 -7.26
N SER A 15 -4.61 -5.11 -7.03
CA SER A 15 -3.81 -5.35 -5.83
C SER A 15 -4.65 -5.14 -4.57
N GLY A 16 -5.44 -4.06 -4.60
CA GLY A 16 -6.32 -3.75 -3.47
C GLY A 16 -7.35 -4.86 -3.26
N GLN A 17 -7.95 -5.32 -4.36
CA GLN A 17 -8.94 -6.40 -4.27
C GLN A 17 -8.27 -7.65 -3.72
N ALA A 18 -7.05 -7.92 -4.18
CA ALA A 18 -6.31 -9.09 -3.72
C ALA A 18 -6.15 -9.04 -2.21
N ARG A 19 -5.70 -7.91 -1.69
CA ARG A 19 -5.55 -7.77 -0.25
C ARG A 19 -6.90 -7.95 0.43
N SER A 20 -7.91 -7.28 -0.11
CA SER A 20 -9.25 -7.36 0.44
C SER A 20 -9.68 -8.83 0.57
N LEU A 21 -9.47 -9.59 -0.49
CA LEU A 21 -9.81 -11.01 -0.48
C LEU A 21 -8.97 -11.74 0.58
N ALA A 22 -7.69 -11.40 0.63
CA ALA A 22 -6.79 -12.03 1.60
C ALA A 22 -7.30 -11.80 3.03
N TYR A 23 -7.59 -10.55 3.38
CA TYR A 23 -8.10 -10.25 4.72
C TYR A 23 -9.41 -11.00 4.93
N ALA A 24 -10.25 -11.03 3.90
CA ALA A 24 -11.51 -11.73 3.99
C ALA A 24 -11.24 -13.22 4.25
N ALA A 25 -10.23 -13.75 3.56
CA ALA A 25 -9.84 -15.14 3.75
C ALA A 25 -9.48 -15.38 5.21
N LEU A 26 -8.72 -14.46 5.78
CA LEU A 26 -8.32 -14.57 7.18
C LEU A 26 -9.56 -14.55 8.07
N LYS A 27 -10.48 -13.64 7.77
CA LYS A 27 -11.71 -13.53 8.54
C LYS A 27 -12.45 -14.87 8.56
N GLN A 28 -12.48 -15.54 7.41
CA GLN A 28 -13.15 -16.84 7.31
C GLN A 28 -12.48 -17.81 8.28
N ALA A 29 -11.15 -17.75 8.35
CA ALA A 29 -10.39 -18.62 9.24
C ALA A 29 -10.80 -18.38 10.69
N LYS A 30 -10.95 -17.12 11.05
CA LYS A 30 -11.36 -16.77 12.41
C LYS A 30 -12.72 -17.37 12.73
N GLN A 31 -13.58 -17.50 11.72
CA GLN A 31 -14.89 -18.08 11.93
C GLN A 31 -14.80 -19.60 11.96
N GLY A 32 -13.60 -20.12 11.77
CA GLY A 32 -13.37 -21.56 11.81
C GLY A 32 -13.71 -22.21 10.47
N ASP A 33 -13.83 -21.40 9.43
CA ASP A 33 -14.15 -21.90 8.09
C ASP A 33 -12.88 -22.06 7.26
N PHE A 34 -12.18 -23.18 7.47
CA PHE A 34 -10.93 -23.42 6.73
C PHE A 34 -11.18 -23.60 5.24
N ALA A 35 -12.31 -24.21 4.89
CA ALA A 35 -12.63 -24.46 3.49
C ALA A 35 -12.77 -23.14 2.72
N ALA A 36 -13.56 -22.23 3.26
CA ALA A 36 -13.76 -20.95 2.60
C ALA A 36 -12.46 -20.14 2.60
N ALA A 37 -11.70 -20.23 3.68
CA ALA A 37 -10.43 -19.52 3.75
C ALA A 37 -9.52 -19.99 2.60
N LYS A 38 -9.36 -21.30 2.49
CA LYS A 38 -8.53 -21.90 1.45
C LYS A 38 -8.96 -21.42 0.06
N ALA A 39 -10.26 -21.45 -0.21
CA ALA A 39 -10.77 -21.03 -1.51
C ALA A 39 -10.47 -19.57 -1.79
N MET A 40 -10.61 -18.74 -0.76
CA MET A 40 -10.36 -17.30 -0.90
C MET A 40 -8.88 -17.03 -1.18
N MET A 41 -7.98 -17.76 -0.50
CA MET A 41 -6.55 -17.56 -0.72
C MET A 41 -6.19 -17.92 -2.15
N ASP A 42 -6.77 -19.01 -2.65
CA ASP A 42 -6.47 -19.48 -3.99
C ASP A 42 -6.83 -18.42 -5.02
N GLN A 43 -8.03 -17.87 -4.88
CA GLN A 43 -8.48 -16.82 -5.80
C GLN A 43 -7.61 -15.59 -5.67
N SER A 44 -7.25 -15.24 -4.44
CA SER A 44 -6.40 -14.08 -4.20
C SER A 44 -5.06 -14.28 -4.91
N ARG A 45 -4.49 -15.47 -4.78
CA ARG A 45 -3.22 -15.82 -5.43
C ARG A 45 -3.32 -15.66 -6.95
N MET A 46 -4.40 -16.18 -7.51
CA MET A 46 -4.63 -16.11 -8.95
C MET A 46 -4.72 -14.65 -9.40
N ALA A 47 -5.41 -13.83 -8.62
CA ALA A 47 -5.56 -12.41 -8.94
C ALA A 47 -4.19 -11.74 -9.00
N LEU A 48 -3.35 -12.05 -8.02
CA LEU A 48 -2.00 -11.49 -7.95
C LEU A 48 -1.15 -11.98 -9.12
N ASN A 49 -1.29 -13.26 -9.41
CA ASN A 49 -0.51 -13.87 -10.48
C ASN A 49 -0.77 -13.15 -11.80
N GLU A 50 -2.04 -12.89 -12.07
CA GLU A 50 -2.41 -12.17 -13.29
C GLU A 50 -1.86 -10.75 -13.23
N ALA A 51 -1.97 -10.13 -12.05
CA ALA A 51 -1.47 -8.77 -11.87
C ALA A 51 0.06 -8.75 -12.05
N HIS A 52 0.73 -9.71 -11.44
CA HIS A 52 2.19 -9.81 -11.54
C HIS A 52 2.61 -10.01 -13.00
N LEU A 53 1.86 -10.83 -13.72
CA LEU A 53 2.16 -11.11 -15.12
C LEU A 53 2.11 -9.82 -15.93
N VAL A 54 1.08 -9.02 -15.68
CA VAL A 54 0.94 -7.75 -16.38
C VAL A 54 2.11 -6.84 -16.04
N GLN A 55 2.46 -6.79 -14.76
CA GLN A 55 3.59 -5.96 -14.34
C GLN A 55 4.88 -6.45 -15.01
N THR A 56 5.08 -7.76 -15.08
CA THR A 56 6.28 -8.32 -15.72
C THR A 56 6.46 -7.71 -17.11
N LYS A 57 5.37 -7.66 -17.88
CA LYS A 57 5.43 -7.06 -19.22
C LYS A 57 5.76 -5.59 -19.10
N LEU A 58 5.18 -4.94 -18.10
CA LEU A 58 5.43 -3.52 -17.90
C LEU A 58 6.87 -3.24 -17.48
N ILE A 59 7.58 -4.25 -16.98
CA ILE A 59 8.99 -4.06 -16.60
C ILE A 59 9.93 -4.47 -17.76
N GLU A 60 9.55 -5.49 -18.53
CA GLU A 60 10.37 -5.95 -19.66
C GLU A 60 10.46 -4.88 -20.74
N GLY A 61 9.34 -4.20 -21.01
CA GLY A 61 9.31 -3.17 -22.03
C GLY A 61 9.20 -1.78 -21.42
N ASP A 62 9.80 -1.60 -20.24
CA ASP A 62 9.75 -0.32 -19.54
C ASP A 62 10.49 0.78 -20.32
N ALA A 63 11.17 0.39 -21.40
CA ALA A 63 11.90 1.36 -22.21
C ALA A 63 10.97 2.06 -23.19
N GLY A 64 11.49 3.07 -23.89
CA GLY A 64 10.68 3.81 -24.86
C GLY A 64 10.81 5.32 -24.66
N GLU A 65 10.45 5.80 -23.47
CA GLU A 65 10.53 7.23 -23.19
C GLU A 65 11.97 7.72 -23.18
N GLY A 66 12.86 6.90 -22.64
CA GLY A 66 14.28 7.27 -22.58
C GLY A 66 15.15 6.04 -22.36
N LYS A 67 16.47 6.25 -22.44
CA LYS A 67 17.41 5.15 -22.27
C LYS A 67 17.39 4.63 -20.82
N MET A 68 18.11 5.32 -19.94
CA MET A 68 18.20 4.93 -18.54
C MET A 68 16.88 5.05 -17.79
N LYS A 69 16.13 6.12 -18.08
CA LYS A 69 14.87 6.35 -17.37
C LYS A 69 13.76 5.39 -17.80
N VAL A 70 12.84 5.14 -16.87
CA VAL A 70 11.71 4.23 -17.10
C VAL A 70 10.41 4.88 -16.65
N SER A 71 9.28 4.23 -16.95
CA SER A 71 7.98 4.77 -16.55
C SER A 71 7.94 4.91 -15.03
N LEU A 72 7.54 6.10 -14.57
CA LEU A 72 7.48 6.40 -13.14
C LEU A 72 6.43 5.55 -12.41
N VAL A 73 5.30 5.39 -13.07
CA VAL A 73 4.18 4.62 -12.52
C VAL A 73 4.55 3.16 -12.22
N LEU A 74 5.63 2.69 -12.80
CA LEU A 74 6.07 1.31 -12.52
C LEU A 74 6.20 1.08 -11.03
N VAL A 75 6.59 2.15 -10.33
CA VAL A 75 6.79 2.10 -8.89
C VAL A 75 5.44 1.96 -8.20
N HIS A 76 4.17 2.92 -8.61
CA HIS A 76 2.80 2.85 -8.04
C HIS A 76 2.27 1.44 -8.15
N ALA A 77 2.64 0.75 -9.24
CA ALA A 77 2.19 -0.62 -9.45
C ALA A 77 3.03 -1.60 -8.64
N GLN A 78 4.37 -1.47 -8.72
CA GLN A 78 5.25 -2.40 -8.02
C GLN A 78 5.02 -2.31 -6.51
N LEU A 79 4.96 -1.09 -6.01
CA LEU A 79 4.72 -0.86 -4.59
C LEU A 79 3.44 -1.54 -4.13
N HIS A 80 2.35 -1.32 -4.85
CA HIS A 80 1.08 -1.91 -4.47
C HIS A 80 1.12 -3.44 -4.62
N LEU A 81 1.65 -3.90 -5.74
CA LEU A 81 1.74 -5.34 -5.99
C LEU A 81 2.64 -6.04 -4.98
N MET A 82 3.80 -5.45 -4.70
CA MET A 82 4.74 -6.05 -3.75
C MET A 82 4.11 -6.14 -2.37
N THR A 83 3.46 -5.05 -1.96
CA THR A 83 2.81 -5.00 -0.65
C THR A 83 1.69 -6.04 -0.56
N SER A 84 0.84 -6.07 -1.58
CA SER A 84 -0.29 -7.01 -1.61
C SER A 84 0.20 -8.46 -1.60
N MET A 85 1.16 -8.78 -2.45
CA MET A 85 1.69 -10.14 -2.51
C MET A 85 2.26 -10.57 -1.18
N LEU A 86 3.07 -9.70 -0.59
CA LEU A 86 3.68 -10.00 0.70
C LEU A 86 2.61 -10.19 1.78
N ALA A 87 1.64 -9.28 1.79
CA ALA A 87 0.56 -9.36 2.76
C ALA A 87 -0.15 -10.70 2.67
N ARG A 88 -0.49 -11.10 1.47
CA ARG A 88 -1.18 -12.37 1.27
C ARG A 88 -0.35 -13.55 1.78
N GLU A 89 0.93 -13.57 1.45
CA GLU A 89 1.77 -14.67 1.88
C GLU A 89 1.79 -14.78 3.39
N LEU A 90 1.95 -13.65 4.06
CA LEU A 90 1.96 -13.64 5.51
C LEU A 90 0.58 -14.03 6.05
N ILE A 91 -0.46 -13.51 5.42
CA ILE A 91 -1.82 -13.85 5.84
C ILE A 91 -2.03 -15.35 5.69
N THR A 92 -1.50 -15.92 4.61
CA THR A 92 -1.60 -17.37 4.40
C THR A 92 -0.98 -18.10 5.59
N GLU A 93 0.20 -17.64 6.01
CA GLU A 93 0.88 -18.23 7.16
C GLU A 93 0.02 -18.08 8.40
N LEU A 94 -0.57 -16.89 8.56
CA LEU A 94 -1.43 -16.62 9.72
C LEU A 94 -2.62 -17.59 9.71
N ILE A 95 -3.20 -17.80 8.55
CA ILE A 95 -4.34 -18.73 8.44
C ILE A 95 -3.90 -20.14 8.83
N GLU A 96 -2.72 -20.56 8.36
CA GLU A 96 -2.22 -21.88 8.71
C GLU A 96 -2.08 -22.00 10.22
N LEU A 97 -1.64 -20.91 10.87
CA LEU A 97 -1.51 -20.92 12.32
C LEU A 97 -2.88 -21.12 12.98
N HIS A 98 -3.89 -20.46 12.44
CA HIS A 98 -5.25 -20.62 12.98
C HIS A 98 -5.63 -22.08 12.92
N GLU A 99 -5.25 -22.75 11.84
CA GLU A 99 -5.55 -24.17 11.68
C GLU A 99 -4.81 -24.98 12.74
N LYS A 100 -3.56 -24.62 13.01
CA LYS A 100 -2.79 -25.32 14.02
C LYS A 100 -3.39 -25.06 15.41
N LEU A 101 -3.92 -23.84 15.61
CA LEU A 101 -4.56 -23.49 16.88
C LEU A 101 -5.80 -24.37 17.09
N LYS A 102 -6.02 -25.30 16.15
CA LYS A 102 -7.18 -26.20 16.21
C LYS A 102 -8.43 -25.52 15.71
N ALA A 103 -8.82 -24.42 16.39
CA ALA A 103 -10.03 -23.67 16.04
C ALA A 103 -10.30 -23.65 14.53
N ALA B 1 22.66 3.11 -13.51
CA ALA B 1 23.97 3.34 -14.19
C ALA B 1 24.86 2.13 -13.94
N GLU B 2 26.00 2.08 -14.64
CA GLU B 2 26.95 0.97 -14.53
C GLU B 2 26.86 0.24 -13.18
N GLU B 3 27.57 0.74 -12.19
CA GLU B 3 27.58 0.13 -10.87
C GLU B 3 26.22 0.21 -10.20
N LEU B 4 25.72 1.44 -10.02
CA LEU B 4 24.42 1.61 -9.38
C LEU B 4 23.38 0.61 -9.91
N GLU B 5 23.37 0.41 -11.22
CA GLU B 5 22.42 -0.52 -11.83
C GLU B 5 22.76 -1.95 -11.47
N GLU B 6 24.03 -2.30 -11.57
CA GLU B 6 24.50 -3.63 -11.23
C GLU B 6 24.38 -3.85 -9.73
N VAL B 7 24.60 -2.79 -8.97
CA VAL B 7 24.51 -2.85 -7.52
C VAL B 7 23.05 -3.11 -7.10
N VAL B 8 22.12 -2.44 -7.77
CA VAL B 8 20.69 -2.63 -7.49
C VAL B 8 20.33 -4.08 -7.74
N MET B 9 20.80 -4.63 -8.86
CA MET B 9 20.52 -6.03 -9.18
C MET B 9 21.01 -6.91 -8.03
N GLY B 10 22.21 -6.62 -7.53
CA GLY B 10 22.75 -7.37 -6.41
C GLY B 10 21.86 -7.21 -5.19
N LEU B 11 21.44 -5.98 -4.93
CA LEU B 11 20.56 -5.70 -3.79
C LEU B 11 19.24 -6.44 -3.93
N ILE B 12 18.67 -6.41 -5.13
CA ILE B 12 17.40 -7.09 -5.38
C ILE B 12 17.57 -8.58 -5.14
N ILE B 13 18.66 -9.12 -5.68
CA ILE B 13 18.94 -10.54 -5.50
C ILE B 13 19.17 -10.83 -4.02
N ASN B 14 19.95 -9.98 -3.36
CA ASN B 14 20.24 -10.16 -1.94
C ASN B 14 18.94 -10.10 -1.13
N SER B 15 18.11 -9.11 -1.42
CA SER B 15 16.83 -8.99 -0.74
C SER B 15 15.98 -10.23 -0.97
N GLY B 16 15.99 -10.71 -2.22
CA GLY B 16 15.23 -11.91 -2.57
C GLY B 16 15.76 -13.12 -1.81
N GLN B 17 17.08 -13.25 -1.75
CA GLN B 17 17.68 -14.37 -1.03
C GLN B 17 17.31 -14.28 0.45
N ALA B 18 17.35 -13.06 0.98
CA ALA B 18 17.00 -12.84 2.37
C ALA B 18 15.60 -13.36 2.66
N ARG B 19 14.64 -12.97 1.84
CA ARG B 19 13.27 -13.44 2.02
C ARG B 19 13.24 -14.96 1.90
N SER B 20 13.90 -15.47 0.86
CA SER B 20 13.94 -16.91 0.64
C SER B 20 14.41 -17.63 1.89
N LEU B 21 15.50 -17.13 2.48
CA LEU B 21 16.04 -17.73 3.71
C LEU B 21 15.01 -17.60 4.83
N ALA B 22 14.37 -16.44 4.93
CA ALA B 22 13.37 -16.20 5.97
C ALA B 22 12.24 -17.23 5.85
N TYR B 23 11.67 -17.38 4.65
CA TYR B 23 10.60 -18.36 4.46
C TYR B 23 11.12 -19.75 4.79
N ALA B 24 12.36 -20.04 4.38
CA ALA B 24 12.95 -21.33 4.67
C ALA B 24 13.06 -21.49 6.19
N ALA B 25 13.43 -20.41 6.87
CA ALA B 25 13.53 -20.43 8.33
C ALA B 25 12.18 -20.80 8.92
N LEU B 26 11.12 -20.21 8.39
CA LEU B 26 9.78 -20.50 8.86
C LEU B 26 9.45 -21.97 8.62
N LYS B 27 9.80 -22.46 7.44
CA LYS B 27 9.55 -23.86 7.11
C LYS B 27 10.21 -24.78 8.14
N GLN B 28 11.43 -24.43 8.54
CA GLN B 28 12.13 -25.23 9.56
C GLN B 28 11.31 -25.26 10.84
N ALA B 29 10.74 -24.11 11.19
CA ALA B 29 9.91 -24.02 12.40
C ALA B 29 8.73 -24.97 12.31
N LYS B 30 8.09 -25.01 11.14
CA LYS B 30 6.95 -25.90 10.94
C LYS B 30 7.36 -27.35 11.16
N GLN B 31 8.62 -27.67 10.83
CA GLN B 31 9.10 -29.04 11.01
C GLN B 31 9.46 -29.28 12.48
N GLY B 32 9.32 -28.24 13.29
CA GLY B 32 9.63 -28.35 14.72
C GLY B 32 11.13 -28.18 14.99
N ASP B 33 11.86 -27.66 14.00
CA ASP B 33 13.29 -27.46 14.14
C ASP B 33 13.60 -26.02 14.53
N PHE B 34 13.47 -25.71 15.81
CA PHE B 34 13.73 -24.34 16.29
C PHE B 34 15.18 -23.94 16.10
N ALA B 35 16.09 -24.90 16.27
CA ALA B 35 17.52 -24.60 16.15
C ALA B 35 17.86 -24.12 14.74
N ALA B 36 17.43 -24.87 13.74
CA ALA B 36 17.71 -24.50 12.36
C ALA B 36 16.98 -23.20 12.01
N ALA B 37 15.77 -23.03 12.51
CA ALA B 37 15.03 -21.80 12.24
C ALA B 37 15.82 -20.61 12.74
N LYS B 38 16.23 -20.68 14.02
CA LYS B 38 17.01 -19.60 14.63
C LYS B 38 18.27 -19.27 13.81
N ALA B 39 18.99 -20.29 13.40
CA ALA B 39 20.21 -20.10 12.61
C ALA B 39 19.91 -19.41 11.28
N MET B 40 18.83 -19.82 10.64
CA MET B 40 18.44 -19.26 9.36
C MET B 40 18.05 -17.78 9.51
N MET B 41 17.32 -17.45 10.57
CA MET B 41 16.92 -16.06 10.78
C MET B 41 18.15 -15.17 10.97
N ASP B 42 19.12 -15.68 11.73
CA ASP B 42 20.33 -14.93 12.01
C ASP B 42 21.06 -14.57 10.73
N GLN B 43 21.21 -15.58 9.86
CA GLN B 43 21.88 -15.36 8.59
C GLN B 43 21.08 -14.40 7.72
N SER B 44 19.76 -14.54 7.73
CA SER B 44 18.91 -13.65 6.95
C SER B 44 19.13 -12.20 7.41
N ARG B 45 19.14 -12.00 8.73
CA ARG B 45 19.35 -10.68 9.30
C ARG B 45 20.69 -10.09 8.83
N MET B 46 21.74 -10.90 8.89
CA MET B 46 23.07 -10.45 8.49
C MET B 46 23.05 -10.04 7.02
N ALA B 47 22.37 -10.84 6.20
CA ALA B 47 22.27 -10.53 4.77
C ALA B 47 21.58 -9.19 4.56
N LEU B 48 20.50 -8.97 5.31
CA LEU B 48 19.75 -7.72 5.21
C LEU B 48 20.59 -6.55 5.72
N ASN B 49 21.30 -6.78 6.81
CA ASN B 49 22.13 -5.75 7.40
C ASN B 49 23.18 -5.26 6.40
N GLU B 50 23.83 -6.19 5.73
CA GLU B 50 24.82 -5.83 4.72
C GLU B 50 24.17 -5.10 3.57
N ALA B 51 23.00 -5.58 3.17
CA ALA B 51 22.25 -4.96 2.08
C ALA B 51 21.83 -3.54 2.48
N HIS B 52 21.32 -3.41 3.70
CA HIS B 52 20.88 -2.11 4.21
C HIS B 52 22.06 -1.13 4.27
N LEU B 53 23.22 -1.64 4.69
CA LEU B 53 24.42 -0.80 4.79
C LEU B 53 24.77 -0.23 3.41
N VAL B 54 24.71 -1.09 2.40
CA VAL B 54 25.03 -0.66 1.04
C VAL B 54 24.01 0.40 0.61
N GLN B 55 22.73 0.16 0.90
CA GLN B 55 21.70 1.13 0.53
C GLN B 55 21.96 2.45 1.25
N THR B 56 22.32 2.39 2.54
CA THR B 56 22.60 3.61 3.30
C THR B 56 23.57 4.50 2.53
N LYS B 57 24.65 3.90 2.04
CA LYS B 57 25.62 4.66 1.25
C LYS B 57 24.97 5.20 -0.01
N LEU B 58 24.12 4.39 -0.61
CA LEU B 58 23.44 4.78 -1.84
C LEU B 58 22.45 5.93 -1.59
N ILE B 59 22.02 6.12 -0.32
CA ILE B 59 21.11 7.23 -0.01
C ILE B 59 21.88 8.48 0.45
N GLU B 60 23.00 8.27 1.16
CA GLU B 60 23.81 9.39 1.64
C GLU B 60 24.42 10.17 0.46
N GLY B 61 24.86 9.43 -0.55
CA GLY B 61 25.49 10.05 -1.72
C GLY B 61 24.59 9.96 -2.95
N ASP B 62 23.28 10.02 -2.73
CA ASP B 62 22.32 9.93 -3.82
C ASP B 62 22.41 11.14 -4.77
N ALA B 63 23.21 12.12 -4.40
CA ALA B 63 23.36 13.32 -5.23
C ALA B 63 24.37 13.07 -6.34
N GLY B 64 24.50 14.03 -7.26
CA GLY B 64 25.44 13.90 -8.37
C GLY B 64 24.78 14.23 -9.71
N GLU B 65 23.73 13.48 -10.05
CA GLU B 65 23.03 13.70 -11.32
C GLU B 65 22.34 15.07 -11.33
N GLY B 66 21.76 15.45 -10.20
CA GLY B 66 21.07 16.73 -10.11
C GLY B 66 20.91 17.16 -8.66
N LYS B 67 20.42 18.38 -8.47
CA LYS B 67 20.23 18.92 -7.13
C LYS B 67 19.13 18.16 -6.38
N MET B 68 17.88 18.54 -6.66
CA MET B 68 16.72 17.93 -6.01
C MET B 68 16.52 16.47 -6.40
N LYS B 69 16.75 16.13 -7.66
CA LYS B 69 16.54 14.76 -8.14
C LYS B 69 17.62 13.80 -7.64
N VAL B 70 17.22 12.52 -7.52
CA VAL B 70 18.11 11.47 -7.05
C VAL B 70 18.02 10.24 -7.98
N SER B 71 18.89 9.26 -7.76
CA SER B 71 18.88 8.05 -8.59
C SER B 71 17.52 7.37 -8.49
N LEU B 72 16.93 7.04 -9.64
CA LEU B 72 15.60 6.45 -9.66
C LEU B 72 15.59 5.04 -9.04
N VAL B 73 16.65 4.30 -9.35
CA VAL B 73 16.80 2.93 -8.88
C VAL B 73 16.83 2.84 -7.34
N LEU B 74 17.06 3.95 -6.67
CA LEU B 74 17.06 3.94 -5.21
C LEU B 74 15.76 3.37 -4.67
N VAL B 75 14.67 3.69 -5.39
CA VAL B 75 13.35 3.22 -5.02
C VAL B 75 13.30 1.70 -5.17
N HIS B 76 13.83 1.11 -6.35
CA HIS B 76 13.83 -0.33 -6.57
C HIS B 76 14.53 -1.05 -5.42
N ALA B 77 15.68 -0.53 -5.02
CA ALA B 77 16.44 -1.15 -3.93
C ALA B 77 15.71 -0.97 -2.61
N GLN B 78 15.17 0.23 -2.38
CA GLN B 78 14.47 0.51 -1.13
C GLN B 78 13.21 -0.35 -1.04
N LEU B 79 12.44 -0.39 -2.12
CA LEU B 79 11.22 -1.18 -2.14
C LEU B 79 11.49 -2.65 -1.82
N HIS B 80 12.48 -3.23 -2.48
CA HIS B 80 12.80 -4.62 -2.24
C HIS B 80 13.36 -4.83 -0.84
N LEU B 81 14.27 -3.95 -0.44
CA LEU B 81 14.88 -4.06 0.89
C LEU B 81 13.85 -3.85 2.00
N MET B 82 13.00 -2.85 1.86
CA MET B 82 11.98 -2.57 2.87
C MET B 82 11.02 -3.75 3.01
N THR B 83 10.59 -4.28 1.87
CA THR B 83 9.67 -5.41 1.87
C THR B 83 10.32 -6.64 2.50
N SER B 84 11.55 -6.94 2.10
CA SER B 84 12.26 -8.09 2.64
C SER B 84 12.50 -7.97 4.14
N MET B 85 12.97 -6.81 4.58
CA MET B 85 13.24 -6.60 6.01
C MET B 85 11.96 -6.76 6.83
N LEU B 86 10.89 -6.14 6.36
CA LEU B 86 9.61 -6.21 7.06
C LEU B 86 9.11 -7.65 7.12
N ALA B 87 9.17 -8.33 5.98
CA ALA B 87 8.72 -9.71 5.90
C ALA B 87 9.49 -10.58 6.88
N ARG B 88 10.79 -10.44 6.86
CA ARG B 88 11.65 -11.22 7.75
C ARG B 88 11.28 -10.97 9.21
N GLU B 89 11.08 -9.70 9.59
CA GLU B 89 10.75 -9.38 10.97
C GLU B 89 9.43 -10.05 11.37
N LEU B 90 8.44 -9.96 10.50
CA LEU B 90 7.14 -10.56 10.78
C LEU B 90 7.28 -12.08 10.84
N ILE B 91 8.06 -12.63 9.92
CA ILE B 91 8.30 -14.07 9.91
C ILE B 91 8.95 -14.49 11.23
N THR B 92 9.86 -13.66 11.73
CA THR B 92 10.50 -13.96 13.02
C THR B 92 9.43 -14.07 14.09
N GLU B 93 8.49 -13.13 14.09
CA GLU B 93 7.40 -13.15 15.06
C GLU B 93 6.58 -14.43 14.88
N LEU B 94 6.30 -14.77 13.62
CA LEU B 94 5.54 -15.99 13.33
C LEU B 94 6.27 -17.21 13.87
N ILE B 95 7.59 -17.26 13.68
CA ILE B 95 8.36 -18.38 14.19
C ILE B 95 8.28 -18.46 15.71
N GLU B 96 8.36 -17.30 16.37
CA GLU B 96 8.25 -17.27 17.83
C GLU B 96 6.90 -17.85 18.25
N LEU B 97 5.86 -17.54 17.49
CA LEU B 97 4.52 -18.05 17.79
C LEU B 97 4.52 -19.58 17.69
N HIS B 98 5.19 -20.10 16.66
CA HIS B 98 5.27 -21.55 16.50
C HIS B 98 5.89 -22.17 17.75
N GLU B 99 6.90 -21.48 18.28
CA GLU B 99 7.55 -21.95 19.50
C GLU B 99 6.58 -21.94 20.66
N LYS B 100 5.77 -20.88 20.77
CA LYS B 100 4.79 -20.80 21.84
C LYS B 100 3.72 -21.88 21.65
N LEU B 101 3.39 -22.19 20.39
CA LEU B 101 2.42 -23.25 20.11
C LEU B 101 2.96 -24.60 20.58
N LYS B 102 4.13 -24.57 21.21
CA LYS B 102 4.77 -25.78 21.72
C LYS B 102 5.49 -26.51 20.59
N ALA B 103 4.71 -26.92 19.58
CA ALA B 103 5.25 -27.67 18.43
C ALA B 103 6.64 -27.19 18.04
N ALA C 1 11.12 19.25 -2.05
CA ALA C 1 11.16 20.74 -1.98
C ALA C 1 10.96 21.17 -0.54
N GLU C 2 11.18 22.45 -0.27
CA GLU C 2 11.04 23.02 1.08
C GLU C 2 10.10 22.22 1.98
N GLU C 3 8.81 22.51 1.89
CA GLU C 3 7.83 21.81 2.71
C GLU C 3 7.73 20.34 2.34
N LEU C 4 7.37 20.07 1.08
CA LEU C 4 7.24 18.68 0.63
C LEU C 4 8.38 17.80 1.16
N GLU C 5 9.60 18.32 1.11
CA GLU C 5 10.76 17.57 1.58
C GLU C 5 10.74 17.43 3.10
N GLU C 6 10.47 18.53 3.78
CA GLU C 6 10.41 18.52 5.24
C GLU C 6 9.19 17.70 5.68
N VAL C 7 8.12 17.78 4.89
CA VAL C 7 6.90 17.04 5.17
C VAL C 7 7.17 15.53 5.06
N VAL C 8 7.92 15.14 4.03
CA VAL C 8 8.27 13.74 3.83
C VAL C 8 9.06 13.24 5.04
N MET C 9 10.02 14.04 5.50
CA MET C 9 10.80 13.67 6.66
C MET C 9 9.87 13.40 7.84
N GLY C 10 8.88 14.29 8.01
CA GLY C 10 7.91 14.13 9.08
C GLY C 10 7.12 12.84 8.88
N LEU C 11 6.71 12.59 7.65
CA LEU C 11 5.94 11.37 7.33
C LEU C 11 6.79 10.14 7.59
N ILE C 12 8.05 10.18 7.18
CA ILE C 12 8.94 9.04 7.37
C ILE C 12 9.11 8.78 8.87
N ILE C 13 9.32 9.87 9.61
CA ILE C 13 9.47 9.76 11.06
C ILE C 13 8.16 9.23 11.66
N ASN C 14 7.05 9.81 11.22
CA ASN C 14 5.73 9.40 11.72
C ASN C 14 5.50 7.92 11.43
N SER C 15 5.79 7.51 10.19
CA SER C 15 5.63 6.11 9.81
C SER C 15 6.52 5.24 10.68
N GLY C 16 7.76 5.70 10.90
CA GLY C 16 8.70 4.95 11.73
C GLY C 16 8.18 4.84 13.16
N GLN C 17 7.67 5.95 13.70
CA GLN C 17 7.13 5.92 15.06
C GLN C 17 5.95 4.97 15.12
N ALA C 18 5.12 5.01 14.08
CA ALA C 18 3.96 4.14 14.02
C ALA C 18 4.38 2.67 14.15
N ARG C 19 5.36 2.27 13.33
CA ARG C 19 5.84 0.91 13.40
C ARG C 19 6.41 0.63 14.79
N SER C 20 7.21 1.57 15.28
CA SER C 20 7.81 1.41 16.60
C SER C 20 6.73 1.13 17.65
N LEU C 21 5.66 1.92 17.61
CA LEU C 21 4.56 1.74 18.54
C LEU C 21 3.92 0.37 18.33
N ALA C 22 3.73 0.00 17.06
CA ALA C 22 3.13 -1.29 16.73
C ALA C 22 3.96 -2.44 17.33
N TYR C 23 5.27 -2.43 17.07
CA TYR C 23 6.14 -3.47 17.64
C TYR C 23 6.05 -3.45 19.16
N ALA C 24 6.03 -2.24 19.72
CA ALA C 24 5.92 -2.11 21.17
C ALA C 24 4.59 -2.72 21.62
N ALA C 25 3.54 -2.47 20.85
CA ALA C 25 2.23 -3.03 21.16
C ALA C 25 2.31 -4.55 21.21
N LEU C 26 3.01 -5.12 20.24
CA LEU C 26 3.19 -6.57 20.18
C LEU C 26 3.95 -7.05 21.42
N LYS C 27 4.99 -6.31 21.77
CA LYS C 27 5.79 -6.66 22.94
C LYS C 27 4.90 -6.72 24.19
N GLN C 28 3.99 -5.77 24.31
CA GLN C 28 3.06 -5.75 25.44
C GLN C 28 2.26 -7.04 25.47
N ALA C 29 1.82 -7.47 24.27
CA ALA C 29 1.05 -8.70 24.16
C ALA C 29 1.85 -9.89 24.67
N LYS C 30 3.13 -9.94 24.30
CA LYS C 30 3.99 -11.02 24.76
C LYS C 30 4.07 -11.06 26.28
N GLN C 31 3.98 -9.88 26.90
CA GLN C 31 4.04 -9.80 28.36
C GLN C 31 2.67 -10.17 28.96
N GLY C 32 1.71 -10.44 28.08
CA GLY C 32 0.36 -10.83 28.53
C GLY C 32 -0.47 -9.60 28.89
N ASP C 33 -0.04 -8.43 28.44
CA ASP C 33 -0.76 -7.18 28.70
C ASP C 33 -1.63 -6.80 27.51
N PHE C 34 -2.80 -7.41 27.42
CA PHE C 34 -3.71 -7.14 26.31
C PHE C 34 -4.22 -5.70 26.34
N ALA C 35 -4.43 -5.17 27.54
CA ALA C 35 -4.94 -3.81 27.68
C ALA C 35 -3.97 -2.79 27.08
N ALA C 36 -2.71 -2.89 27.47
CA ALA C 36 -1.71 -1.96 26.96
C ALA C 36 -1.50 -2.17 25.47
N ALA C 37 -1.55 -3.42 25.02
CA ALA C 37 -1.38 -3.71 23.60
C ALA C 37 -2.48 -3.00 22.81
N LYS C 38 -3.72 -3.21 23.22
CA LYS C 38 -4.87 -2.59 22.57
C LYS C 38 -4.72 -1.07 22.49
N ALA C 39 -4.32 -0.45 23.61
CA ALA C 39 -4.16 1.00 23.65
C ALA C 39 -3.06 1.46 22.68
N MET C 40 -1.96 0.72 22.64
CA MET C 40 -0.85 1.06 21.77
C MET C 40 -1.25 0.92 20.30
N MET C 41 -2.03 -0.11 19.99
CA MET C 41 -2.48 -0.31 18.61
C MET C 41 -3.35 0.85 18.16
N ASP C 42 -4.25 1.28 19.04
CA ASP C 42 -5.17 2.36 18.72
C ASP C 42 -4.41 3.63 18.38
N GLN C 43 -3.42 3.97 19.21
CA GLN C 43 -2.61 5.16 18.97
C GLN C 43 -1.83 5.03 17.67
N SER C 44 -1.30 3.85 17.42
CA SER C 44 -0.55 3.60 16.19
C SER C 44 -1.44 3.87 14.98
N ARG C 45 -2.67 3.32 15.03
CA ARG C 45 -3.64 3.50 13.96
C ARG C 45 -3.93 4.99 13.72
N MET C 46 -4.14 5.72 14.81
CA MET C 46 -4.43 7.15 14.72
C MET C 46 -3.26 7.89 14.08
N ALA C 47 -2.04 7.51 14.47
CA ALA C 47 -0.84 8.14 13.91
C ALA C 47 -0.78 7.91 12.40
N LEU C 48 -1.08 6.68 11.98
CA LEU C 48 -1.07 6.33 10.57
C LEU C 48 -2.17 7.06 9.82
N ASN C 49 -3.34 7.15 10.45
CA ASN C 49 -4.48 7.81 9.84
C ASN C 49 -4.14 9.27 9.52
N GLU C 50 -3.51 9.95 10.47
CA GLU C 50 -3.11 11.33 10.26
C GLU C 50 -2.06 11.41 9.16
N ALA C 51 -1.13 10.47 9.19
CA ALA C 51 -0.07 10.43 8.18
C ALA C 51 -0.67 10.15 6.80
N HIS C 52 -1.58 9.19 6.74
CA HIS C 52 -2.25 8.85 5.48
C HIS C 52 -3.02 10.05 4.94
N LEU C 53 -3.69 10.78 5.83
CA LEU C 53 -4.47 11.95 5.43
C LEU C 53 -3.56 12.98 4.76
N VAL C 54 -2.39 13.20 5.35
CA VAL C 54 -1.45 14.16 4.80
C VAL C 54 -0.99 13.67 3.43
N GLN C 55 -0.69 12.38 3.32
CA GLN C 55 -0.26 11.82 2.04
C GLN C 55 -1.38 11.99 1.00
N THR C 56 -2.62 11.74 1.41
CA THR C 56 -3.76 11.88 0.48
C THR C 56 -3.70 13.25 -0.19
N LYS C 57 -3.50 14.29 0.60
CA LYS C 57 -3.40 15.64 0.05
C LYS C 57 -2.20 15.73 -0.88
N LEU C 58 -1.11 15.09 -0.49
CA LEU C 58 0.10 15.11 -1.29
C LEU C 58 -0.08 14.35 -2.61
N ILE C 59 -1.09 13.47 -2.70
CA ILE C 59 -1.33 12.76 -3.95
C ILE C 59 -2.40 13.48 -4.79
N GLU C 60 -3.38 14.10 -4.14
CA GLU C 60 -4.43 14.83 -4.87
C GLU C 60 -3.85 16.03 -5.60
N GLY C 61 -2.89 16.71 -4.98
CA GLY C 61 -2.28 17.89 -5.57
C GLY C 61 -0.83 17.62 -5.97
N ASP C 62 -0.56 16.41 -6.41
CA ASP C 62 0.79 16.03 -6.80
C ASP C 62 1.22 16.75 -8.06
N ALA C 63 0.31 17.49 -8.68
CA ALA C 63 0.63 18.24 -9.90
C ALA C 63 1.30 19.56 -9.56
N GLY C 64 1.78 20.26 -10.59
CA GLY C 64 2.43 21.56 -10.39
C GLY C 64 3.77 21.63 -11.13
N GLU C 65 4.69 20.71 -10.81
CA GLU C 65 5.99 20.70 -11.45
C GLU C 65 5.87 20.38 -12.94
N GLY C 66 4.99 19.45 -13.27
CA GLY C 66 4.80 19.05 -14.66
C GLY C 66 3.45 18.36 -14.86
N LYS C 67 3.12 18.09 -16.11
CA LYS C 67 1.85 17.44 -16.43
C LYS C 67 1.83 16.00 -15.92
N MET C 68 2.44 15.10 -16.70
CA MET C 68 2.48 13.68 -16.36
C MET C 68 3.31 13.38 -15.12
N LYS C 69 4.45 14.07 -14.97
CA LYS C 69 5.34 13.83 -13.84
C LYS C 69 4.79 14.36 -12.52
N VAL C 70 5.20 13.71 -11.43
CA VAL C 70 4.76 14.07 -10.08
C VAL C 70 5.96 14.16 -9.13
N SER C 71 5.72 14.64 -7.91
CA SER C 71 6.80 14.75 -6.93
C SER C 71 7.42 13.38 -6.68
N LEU C 72 8.74 13.30 -6.77
CA LEU C 72 9.45 12.03 -6.61
C LEU C 72 9.31 11.48 -5.19
N VAL C 73 9.40 12.39 -4.22
CA VAL C 73 9.33 12.04 -2.80
C VAL C 73 8.00 11.37 -2.44
N LEU C 74 6.99 11.51 -3.28
CA LEU C 74 5.72 10.86 -3.01
C LEU C 74 5.91 9.37 -2.77
N VAL C 75 6.84 8.80 -3.53
CA VAL C 75 7.16 7.39 -3.43
C VAL C 75 7.75 7.09 -2.06
N HIS C 76 8.75 7.95 -1.55
CA HIS C 76 9.36 7.74 -0.24
C HIS C 76 8.30 7.72 0.85
N ALA C 77 7.37 8.67 0.78
CA ALA C 77 6.31 8.73 1.78
C ALA C 77 5.36 7.55 1.63
N GLN C 78 5.02 7.21 0.39
CA GLN C 78 4.10 6.10 0.13
C GLN C 78 4.74 4.78 0.58
N LEU C 79 5.99 4.58 0.19
CA LEU C 79 6.71 3.36 0.55
C LEU C 79 6.75 3.17 2.06
N HIS C 80 7.13 4.21 2.79
CA HIS C 80 7.20 4.12 4.24
C HIS C 80 5.81 3.94 4.85
N LEU C 81 4.87 4.73 4.38
CA LEU C 81 3.50 4.67 4.89
C LEU C 81 2.85 3.31 4.59
N MET C 82 3.01 2.84 3.37
CA MET C 82 2.42 1.55 2.98
C MET C 82 3.01 0.42 3.82
N THR C 83 4.32 0.45 3.99
CA THR C 83 5.00 -0.58 4.76
C THR C 83 4.54 -0.55 6.22
N SER C 84 4.53 0.64 6.80
CA SER C 84 4.12 0.80 8.20
C SER C 84 2.67 0.37 8.42
N MET C 85 1.76 0.84 7.56
CA MET C 85 0.35 0.48 7.70
C MET C 85 0.16 -1.04 7.61
N LEU C 86 0.80 -1.65 6.63
CA LEU C 86 0.70 -3.09 6.43
C LEU C 86 1.24 -3.83 7.65
N ALA C 87 2.42 -3.42 8.10
CA ALA C 87 3.05 -4.04 9.25
C ALA C 87 2.13 -3.96 10.47
N ARG C 88 1.61 -2.77 10.71
CA ARG C 88 0.74 -2.55 11.84
C ARG C 88 -0.50 -3.47 11.77
N GLU C 89 -1.11 -3.56 10.59
CA GLU C 89 -2.29 -4.42 10.44
C GLU C 89 -1.95 -5.88 10.74
N LEU C 90 -0.82 -6.35 10.20
CA LEU C 90 -0.40 -7.72 10.44
C LEU C 90 -0.07 -7.92 11.91
N ILE C 91 0.60 -6.95 12.49
CA ILE C 91 0.95 -7.02 13.90
C ILE C 91 -0.33 -7.12 14.73
N THR C 92 -1.36 -6.39 14.32
CA THR C 92 -2.64 -6.46 15.02
C THR C 92 -3.15 -7.89 14.99
N GLU C 93 -3.06 -8.53 13.83
CA GLU C 93 -3.50 -9.92 13.70
C GLU C 93 -2.66 -10.82 14.62
N LEU C 94 -1.36 -10.56 14.63
CA LEU C 94 -0.45 -11.34 15.47
C LEU C 94 -0.84 -11.20 16.94
N ILE C 95 -1.16 -9.98 17.35
CA ILE C 95 -1.57 -9.73 18.73
C ILE C 95 -2.86 -10.51 19.05
N GLU C 96 -3.80 -10.48 18.12
CA GLU C 96 -5.05 -11.21 18.31
C GLU C 96 -4.75 -12.70 18.53
N LEU C 97 -3.78 -13.21 17.77
CA LEU C 97 -3.39 -14.61 17.91
C LEU C 97 -2.85 -14.87 19.32
N HIS C 98 -2.05 -13.94 19.83
CA HIS C 98 -1.52 -14.09 21.18
C HIS C 98 -2.68 -14.22 22.16
N GLU C 99 -3.73 -13.44 21.92
CA GLU C 99 -4.90 -13.49 22.78
C GLU C 99 -5.57 -14.87 22.68
N LYS C 100 -5.65 -15.41 21.46
CA LYS C 100 -6.25 -16.72 21.29
C LYS C 100 -5.38 -17.78 21.95
N LEU C 101 -4.05 -17.58 21.91
CA LEU C 101 -3.12 -18.52 22.55
C LEU C 101 -3.37 -18.53 24.06
N LYS C 102 -4.36 -17.76 24.51
CA LYS C 102 -4.70 -17.67 25.93
C LYS C 102 -3.78 -16.68 26.63
N ALA C 103 -2.48 -16.99 26.61
CA ALA C 103 -1.45 -16.16 27.26
C ALA C 103 -1.80 -14.67 27.21
N LYS D 1 -19.97 26.95 -1.17
CA LYS D 1 -19.08 26.05 -1.96
C LYS D 1 -19.44 24.59 -1.78
N LYS D 2 -19.77 23.94 -2.87
CA LYS D 2 -20.15 22.54 -2.84
C LYS D 2 -18.93 21.62 -2.88
N HIS D 3 -19.02 20.49 -2.19
CA HIS D 3 -17.93 19.52 -2.13
C HIS D 3 -18.12 18.37 -3.08
N ILE D 4 -17.20 18.26 -4.03
CA ILE D 4 -17.22 17.18 -4.99
C ILE D 4 -16.07 16.24 -4.61
N TYR D 5 -16.39 15.03 -4.18
CA TYR D 5 -15.38 14.06 -3.78
C TYR D 5 -15.33 12.90 -4.76
N LEU D 6 -14.13 12.60 -5.26
CA LEU D 6 -13.90 11.48 -6.19
C LEU D 6 -13.25 10.35 -5.40
N PHE D 7 -13.57 9.08 -5.75
CA PHE D 7 -12.87 7.96 -5.12
C PHE D 7 -12.21 7.05 -6.15
N CYS D 8 -11.07 6.43 -5.72
CA CYS D 8 -10.31 5.41 -6.44
C CYS D 8 -9.53 4.55 -5.46
N SER D 9 -8.66 3.65 -5.86
CA SER D 9 -8.05 2.82 -4.81
C SER D 9 -7.19 3.65 -3.87
N ALA D 10 -6.20 4.42 -4.39
CA ALA D 10 -5.30 5.14 -3.51
C ALA D 10 -5.58 6.63 -3.59
N GLY D 11 -5.96 7.10 -4.77
CA GLY D 11 -6.25 8.52 -4.96
C GLY D 11 -5.22 9.20 -5.84
N MET D 12 -4.52 8.46 -6.71
CA MET D 12 -3.49 9.09 -7.56
C MET D 12 -3.99 9.30 -8.99
N SER D 13 -4.07 8.25 -9.74
CA SER D 13 -4.50 8.37 -11.14
C SER D 13 -5.71 9.29 -11.29
N THR D 14 -6.46 9.50 -10.19
CA THR D 14 -7.62 10.38 -10.30
C THR D 14 -7.22 11.77 -9.88
N SER D 15 -6.09 11.83 -9.22
CA SER D 15 -5.48 13.09 -8.76
C SER D 15 -5.20 14.03 -9.93
N LEU D 16 -4.82 13.46 -11.06
CA LEU D 16 -4.55 14.26 -12.24
C LEU D 16 -5.88 14.86 -12.76
N LEU D 17 -6.96 14.07 -12.72
CA LEU D 17 -8.28 14.55 -13.14
C LEU D 17 -8.75 15.68 -12.19
N VAL D 18 -8.54 15.48 -10.88
CA VAL D 18 -8.91 16.50 -9.89
C VAL D 18 -8.18 17.83 -10.15
N SER D 19 -6.89 17.79 -10.47
CA SER D 19 -6.17 19.03 -10.74
C SER D 19 -6.73 19.77 -11.98
N LYS D 20 -7.12 19.03 -13.02
CA LYS D 20 -7.71 19.66 -14.20
C LYS D 20 -9.12 20.20 -13.91
N MET D 21 -9.87 19.50 -13.07
CA MET D 21 -11.22 20.00 -12.73
C MET D 21 -11.08 21.31 -11.94
N ARG D 22 -10.13 21.39 -11.02
CA ARG D 22 -9.91 22.60 -10.21
C ARG D 22 -9.56 23.79 -11.12
N ALA D 23 -8.79 23.54 -12.18
CA ALA D 23 -8.39 24.59 -13.11
C ALA D 23 -9.63 25.14 -13.81
N GLN D 24 -10.50 24.24 -14.24
CA GLN D 24 -11.72 24.61 -14.91
C GLN D 24 -12.67 25.35 -14.00
N ALA D 25 -12.80 24.88 -12.77
CA ALA D 25 -13.69 25.53 -11.80
C ALA D 25 -13.24 26.96 -11.55
N GLU D 26 -11.93 27.20 -11.60
CA GLU D 26 -11.39 28.54 -11.36
C GLU D 26 -11.65 29.43 -12.57
N LYS D 27 -11.43 28.88 -13.76
CA LYS D 27 -11.63 29.59 -14.99
C LYS D 27 -13.07 30.10 -15.12
N TYR D 28 -14.05 29.29 -14.72
CA TYR D 28 -15.48 29.69 -14.80
C TYR D 28 -16.13 30.10 -13.49
N GLU D 29 -15.33 30.35 -12.46
CA GLU D 29 -15.81 30.78 -11.15
C GLU D 29 -16.89 29.89 -10.51
N VAL D 30 -16.76 28.58 -10.66
CA VAL D 30 -17.70 27.63 -10.08
C VAL D 30 -17.27 27.48 -8.62
N PRO D 31 -18.19 27.73 -7.67
CA PRO D 31 -17.91 27.64 -6.23
C PRO D 31 -17.93 26.21 -5.68
N VAL D 32 -16.88 25.46 -6.01
CA VAL D 32 -16.75 24.08 -5.57
C VAL D 32 -15.38 23.76 -5.01
N ILE D 33 -15.35 22.75 -4.14
CA ILE D 33 -14.13 22.22 -3.55
C ILE D 33 -14.09 20.77 -4.09
N ILE D 34 -12.98 20.40 -4.71
CA ILE D 34 -12.79 19.07 -5.32
C ILE D 34 -11.61 18.31 -4.66
N GLU D 35 -11.86 17.09 -4.18
CA GLU D 35 -10.83 16.27 -3.52
C GLU D 35 -10.93 14.82 -4.00
N ALA D 36 -9.78 14.14 -4.09
CA ALA D 36 -9.71 12.73 -4.50
C ALA D 36 -9.34 11.92 -3.25
N PHE D 37 -9.93 10.74 -3.09
CA PHE D 37 -9.64 9.87 -1.95
C PHE D 37 -9.66 8.44 -2.43
N PRO D 38 -9.08 7.53 -1.64
CA PRO D 38 -9.07 6.11 -2.02
C PRO D 38 -10.49 5.61 -1.70
N GLU D 39 -10.91 4.54 -2.35
CA GLU D 39 -12.24 3.96 -2.13
C GLU D 39 -12.51 3.54 -0.69
N THR D 40 -11.46 3.29 0.09
CA THR D 40 -11.63 2.88 1.48
C THR D 40 -12.26 3.95 2.37
N LEU D 41 -12.19 5.21 1.94
CA LEU D 41 -12.77 6.32 2.70
C LEU D 41 -14.15 6.77 2.20
N ALA D 42 -14.74 6.07 1.21
CA ALA D 42 -16.05 6.45 0.63
C ALA D 42 -17.14 6.64 1.68
N GLY D 43 -17.12 5.80 2.71
CA GLY D 43 -18.13 5.91 3.75
C GLY D 43 -17.81 6.98 4.77
N GLU D 44 -16.53 7.16 5.08
CA GLU D 44 -16.15 8.15 6.07
C GLU D 44 -16.16 9.59 5.49
N LYS D 45 -15.52 9.77 4.34
CA LYS D 45 -15.46 11.08 3.70
C LYS D 45 -16.73 11.45 2.92
N GLY D 46 -17.38 10.46 2.32
CA GLY D 46 -18.60 10.70 1.55
C GLY D 46 -19.69 11.43 2.29
N GLN D 47 -19.77 11.23 3.60
CA GLN D 47 -20.79 11.89 4.43
C GLN D 47 -20.74 13.42 4.34
N ASN D 48 -19.59 13.97 3.95
CA ASN D 48 -19.43 15.41 3.87
C ASN D 48 -19.45 15.95 2.45
N ALA D 49 -19.66 15.08 1.48
CA ALA D 49 -19.67 15.54 0.10
C ALA D 49 -21.06 15.97 -0.30
N ASP D 50 -21.11 16.82 -1.31
CA ASP D 50 -22.38 17.25 -1.83
C ASP D 50 -22.73 16.32 -2.99
N VAL D 51 -21.69 15.73 -3.60
CA VAL D 51 -21.88 14.75 -4.67
C VAL D 51 -20.68 13.78 -4.61
N VAL D 52 -20.98 12.49 -4.70
CA VAL D 52 -19.97 11.44 -4.66
C VAL D 52 -19.78 10.85 -6.06
N LEU D 53 -18.55 10.92 -6.57
CA LEU D 53 -18.24 10.38 -7.88
C LEU D 53 -17.30 9.18 -7.73
N LEU D 54 -17.60 8.08 -8.42
CA LEU D 54 -16.75 6.88 -8.36
C LEU D 54 -15.96 6.73 -9.63
N GLY D 55 -14.69 6.35 -9.51
CA GLY D 55 -13.84 6.18 -10.68
C GLY D 55 -14.39 5.02 -11.49
N PRO D 56 -14.13 4.94 -12.76
CA PRO D 56 -14.66 3.84 -13.62
C PRO D 56 -14.24 2.42 -13.18
N GLN D 57 -13.07 2.31 -12.54
CA GLN D 57 -12.57 1.02 -12.08
C GLN D 57 -13.39 0.49 -10.90
N ILE D 58 -14.04 1.38 -10.15
CA ILE D 58 -14.82 0.94 -9.01
C ILE D 58 -16.34 1.02 -9.23
N ALA D 59 -16.75 0.99 -10.49
CA ALA D 59 -18.17 1.04 -10.83
C ALA D 59 -18.94 -0.11 -10.19
N TYR D 60 -18.34 -1.30 -10.13
CA TYR D 60 -19.04 -2.44 -9.55
C TYR D 60 -19.46 -2.21 -8.09
N MET D 61 -18.84 -1.23 -7.44
CA MET D 61 -19.15 -0.89 -6.05
C MET D 61 -20.33 0.08 -5.87
N LEU D 62 -20.89 0.58 -6.97
CA LEU D 62 -21.99 1.54 -6.90
C LEU D 62 -23.13 1.19 -5.93
N PRO D 63 -23.73 -0.02 -6.05
CA PRO D 63 -24.82 -0.37 -5.12
C PRO D 63 -24.43 -0.30 -3.65
N GLU D 64 -23.22 -0.72 -3.30
CA GLU D 64 -22.77 -0.68 -1.91
C GLU D 64 -22.60 0.74 -1.42
N ILE D 65 -22.02 1.59 -2.25
CA ILE D 65 -21.83 2.99 -1.85
C ILE D 65 -23.16 3.74 -1.71
N GLN D 66 -24.12 3.42 -2.59
CA GLN D 66 -25.46 4.00 -2.52
C GLN D 66 -26.13 3.64 -1.18
N ARG D 67 -26.00 2.39 -0.73
CA ARG D 67 -26.60 1.98 0.55
C ARG D 67 -25.89 2.63 1.74
N LEU D 68 -24.60 2.88 1.59
CA LEU D 68 -23.77 3.49 2.64
C LEU D 68 -24.11 4.97 2.82
N LEU D 69 -24.39 5.65 1.70
CA LEU D 69 -24.73 7.09 1.68
C LEU D 69 -26.11 7.27 1.01
N PRO D 70 -27.20 6.87 1.69
CA PRO D 70 -28.55 6.99 1.13
C PRO D 70 -29.03 8.44 0.93
N ASN D 71 -28.35 9.38 1.56
CA ASN D 71 -28.75 10.79 1.44
C ASN D 71 -27.82 11.63 0.57
N LYS D 72 -27.08 10.99 -0.33
CA LYS D 72 -26.14 11.69 -1.21
C LYS D 72 -26.26 11.20 -2.63
N PRO D 73 -26.13 12.10 -3.63
CA PRO D 73 -26.21 11.62 -5.02
C PRO D 73 -24.85 10.97 -5.27
N VAL D 74 -24.87 9.73 -5.75
CA VAL D 74 -23.64 8.96 -6.02
C VAL D 74 -23.64 8.48 -7.46
N GLU D 75 -22.58 8.72 -8.19
CA GLU D 75 -22.53 8.22 -9.55
C GLU D 75 -21.13 7.95 -10.07
N VAL D 76 -21.06 7.12 -11.10
CA VAL D 76 -19.80 6.72 -11.71
C VAL D 76 -19.40 7.72 -12.78
N ILE D 77 -18.11 8.03 -12.84
CA ILE D 77 -17.58 8.96 -13.83
C ILE D 77 -17.54 8.27 -15.17
N ASP D 78 -17.96 8.97 -16.21
CA ASP D 78 -17.94 8.40 -17.55
C ASP D 78 -16.51 7.95 -17.89
N SER D 79 -16.33 6.69 -18.28
CA SER D 79 -14.99 6.17 -18.58
C SER D 79 -14.18 6.90 -19.65
N LEU D 80 -14.87 7.44 -20.65
CA LEU D 80 -14.19 8.17 -21.73
C LEU D 80 -13.73 9.53 -21.23
N LEU D 81 -14.58 10.18 -20.45
CA LEU D 81 -14.26 11.49 -19.90
C LEU D 81 -13.10 11.33 -18.94
N TYR D 82 -13.10 10.21 -18.22
CA TYR D 82 -12.04 9.90 -17.25
C TYR D 82 -10.71 9.58 -17.95
N GLY D 83 -10.75 8.68 -18.92
CA GLY D 83 -9.54 8.32 -19.64
C GLY D 83 -8.87 9.50 -20.31
N LYS D 84 -9.68 10.37 -20.87
CA LYS D 84 -9.22 11.56 -21.59
C LYS D 84 -8.79 12.70 -20.65
N VAL D 85 -9.07 12.52 -19.35
CA VAL D 85 -8.77 13.52 -18.31
C VAL D 85 -9.47 14.86 -18.61
N ASP D 86 -10.76 14.77 -18.94
CA ASP D 86 -11.57 15.95 -19.28
C ASP D 86 -12.09 16.63 -18.03
N GLY D 87 -11.29 17.56 -17.51
CA GLY D 87 -11.64 18.31 -16.31
C GLY D 87 -12.94 19.07 -16.45
N LEU D 88 -13.16 19.73 -17.60
CA LEU D 88 -14.39 20.49 -17.80
C LEU D 88 -15.63 19.58 -17.87
N GLY D 89 -15.50 18.50 -18.64
CA GLY D 89 -16.59 17.56 -18.81
C GLY D 89 -17.07 16.91 -17.53
N VAL D 90 -16.12 16.49 -16.69
CA VAL D 90 -16.48 15.84 -15.42
C VAL D 90 -17.04 16.88 -14.45
N LEU D 91 -16.47 18.08 -14.49
CA LEU D 91 -16.97 19.15 -13.63
C LEU D 91 -18.46 19.39 -14.00
N LYS D 92 -18.76 19.42 -15.30
CA LYS D 92 -20.15 19.61 -15.75
C LYS D 92 -21.09 18.52 -15.24
N ALA D 93 -20.64 17.27 -15.30
CA ALA D 93 -21.47 16.14 -14.85
C ALA D 93 -21.76 16.21 -13.35
N ALA D 94 -20.78 16.72 -12.60
CA ALA D 94 -20.90 16.82 -11.15
C ALA D 94 -21.90 17.90 -10.75
N VAL D 95 -21.80 19.06 -11.40
CA VAL D 95 -22.72 20.17 -11.13
C VAL D 95 -24.13 19.69 -11.49
N ALA D 96 -24.25 18.98 -12.61
CA ALA D 96 -25.54 18.45 -13.04
C ALA D 96 -26.13 17.51 -11.99
N ALA D 97 -25.33 16.57 -11.49
CA ALA D 97 -25.85 15.64 -10.49
C ALA D 97 -26.36 16.40 -9.26
N ILE D 98 -25.70 17.51 -8.93
CA ILE D 98 -26.12 18.32 -7.78
C ILE D 98 -27.46 19.01 -8.03
N LYS D 99 -27.63 19.58 -9.24
CA LYS D 99 -28.87 20.26 -9.62
C LYS D 99 -30.01 19.26 -9.71
N LYS D 100 -29.80 18.19 -10.45
CA LYS D 100 -30.83 17.18 -10.59
C LYS D 100 -31.20 16.60 -9.22
N ALA D 101 -30.34 16.79 -8.23
CA ALA D 101 -30.58 16.28 -6.88
C ALA D 101 -31.37 17.24 -6.00
N ALA D 102 -31.14 18.54 -6.18
CA ALA D 102 -31.83 19.57 -5.43
C ALA D 102 -33.22 19.88 -6.02
N ALA D 103 -33.60 19.13 -7.06
CA ALA D 103 -34.88 19.29 -7.72
C ALA D 103 -35.05 18.26 -8.85
P PO3 E . -4.86 5.41 -7.17
O1 PO3 E . -4.80 5.96 -8.59
O2 PO3 E . -4.26 6.20 -6.02
O3 PO3 E . -5.35 3.99 -6.93
N ALA A 1 0.74 7.29 -18.60
CA ALA A 1 0.24 7.59 -19.96
C ALA A 1 -1.09 6.86 -20.17
N GLU A 2 -1.77 7.18 -21.26
CA GLU A 2 -3.08 6.58 -21.60
C GLU A 2 -3.28 5.20 -20.95
N GLU A 3 -2.80 4.17 -21.63
CA GLU A 3 -2.95 2.80 -21.13
C GLU A 3 -2.16 2.60 -19.84
N LEU A 4 -0.84 2.78 -19.91
CA LEU A 4 0.01 2.60 -18.74
C LEU A 4 -0.63 3.20 -17.48
N GLU A 5 -1.21 4.38 -17.61
CA GLU A 5 -1.84 5.05 -16.47
C GLU A 5 -3.12 4.34 -16.08
N GLU A 6 -3.94 4.01 -17.07
CA GLU A 6 -5.19 3.30 -16.82
C GLU A 6 -4.88 1.88 -16.34
N VAL A 7 -3.80 1.31 -16.88
CA VAL A 7 -3.37 -0.03 -16.50
C VAL A 7 -2.93 -0.05 -15.03
N VAL A 8 -2.20 0.99 -14.63
CA VAL A 8 -1.73 1.10 -13.25
C VAL A 8 -2.95 1.16 -12.33
N MET A 9 -3.95 1.96 -12.70
CA MET A 9 -5.17 2.06 -11.90
C MET A 9 -5.77 0.67 -11.73
N GLY A 10 -5.81 -0.09 -12.82
CA GLY A 10 -6.34 -1.45 -12.77
C GLY A 10 -5.49 -2.31 -11.83
N LEU A 11 -4.17 -2.17 -11.95
CA LEU A 11 -3.26 -2.93 -11.10
C LEU A 11 -3.45 -2.56 -9.64
N ILE A 12 -3.57 -1.27 -9.37
CA ILE A 12 -3.76 -0.80 -8.00
C ILE A 12 -5.06 -1.36 -7.46
N ILE A 13 -6.11 -1.29 -8.26
CA ILE A 13 -7.40 -1.82 -7.85
C ILE A 13 -7.30 -3.33 -7.65
N ASN A 14 -6.65 -4.01 -8.60
CA ASN A 14 -6.47 -5.45 -8.53
C ASN A 14 -5.71 -5.82 -7.26
N SER A 15 -4.61 -5.11 -7.03
CA SER A 15 -3.81 -5.35 -5.83
C SER A 15 -4.65 -5.14 -4.57
N GLY A 16 -5.44 -4.06 -4.60
CA GLY A 16 -6.32 -3.75 -3.47
C GLY A 16 -7.35 -4.86 -3.26
N GLN A 17 -7.95 -5.32 -4.36
CA GLN A 17 -8.94 -6.40 -4.27
C GLN A 17 -8.27 -7.65 -3.72
N ALA A 18 -7.05 -7.92 -4.18
CA ALA A 18 -6.31 -9.09 -3.72
C ALA A 18 -6.15 -9.04 -2.21
N ARG A 19 -5.70 -7.91 -1.69
CA ARG A 19 -5.55 -7.77 -0.25
C ARG A 19 -6.90 -7.95 0.43
N SER A 20 -7.91 -7.28 -0.11
CA SER A 20 -9.25 -7.36 0.44
C SER A 20 -9.68 -8.83 0.57
N LEU A 21 -9.47 -9.59 -0.49
CA LEU A 21 -9.81 -11.01 -0.48
C LEU A 21 -8.97 -11.74 0.58
N ALA A 22 -7.69 -11.40 0.63
CA ALA A 22 -6.79 -12.03 1.60
C ALA A 22 -7.30 -11.80 3.03
N TYR A 23 -7.59 -10.55 3.38
CA TYR A 23 -8.10 -10.25 4.72
C TYR A 23 -9.41 -11.00 4.93
N ALA A 24 -10.25 -11.03 3.90
CA ALA A 24 -11.51 -11.73 3.99
C ALA A 24 -11.24 -13.22 4.25
N ALA A 25 -10.23 -13.75 3.56
CA ALA A 25 -9.84 -15.14 3.75
C ALA A 25 -9.48 -15.38 5.21
N LEU A 26 -8.72 -14.46 5.78
CA LEU A 26 -8.32 -14.57 7.18
C LEU A 26 -9.56 -14.55 8.07
N LYS A 27 -10.48 -13.64 7.77
CA LYS A 27 -11.71 -13.53 8.54
C LYS A 27 -12.45 -14.87 8.56
N GLN A 28 -12.48 -15.54 7.41
CA GLN A 28 -13.15 -16.84 7.31
C GLN A 28 -12.48 -17.81 8.28
N ALA A 29 -11.15 -17.75 8.35
CA ALA A 29 -10.39 -18.62 9.24
C ALA A 29 -10.80 -18.38 10.69
N LYS A 30 -10.95 -17.12 11.05
CA LYS A 30 -11.36 -16.77 12.41
C LYS A 30 -12.72 -17.37 12.73
N GLN A 31 -13.58 -17.50 11.72
CA GLN A 31 -14.89 -18.08 11.93
C GLN A 31 -14.80 -19.60 11.96
N GLY A 32 -13.60 -20.12 11.77
CA GLY A 32 -13.37 -21.56 11.81
C GLY A 32 -13.71 -22.21 10.47
N ASP A 33 -13.83 -21.40 9.43
CA ASP A 33 -14.15 -21.90 8.09
C ASP A 33 -12.88 -22.06 7.26
N PHE A 34 -12.18 -23.18 7.47
CA PHE A 34 -10.93 -23.42 6.73
C PHE A 34 -11.18 -23.60 5.24
N ALA A 35 -12.31 -24.21 4.89
CA ALA A 35 -12.63 -24.46 3.49
C ALA A 35 -12.77 -23.14 2.72
N ALA A 36 -13.56 -22.23 3.26
CA ALA A 36 -13.76 -20.95 2.60
C ALA A 36 -12.46 -20.14 2.60
N ALA A 37 -11.70 -20.23 3.68
CA ALA A 37 -10.43 -19.52 3.75
C ALA A 37 -9.52 -19.99 2.60
N LYS A 38 -9.36 -21.30 2.49
CA LYS A 38 -8.53 -21.90 1.45
C LYS A 38 -8.96 -21.42 0.06
N ALA A 39 -10.26 -21.45 -0.21
CA ALA A 39 -10.77 -21.03 -1.51
C ALA A 39 -10.47 -19.57 -1.79
N MET A 40 -10.61 -18.74 -0.76
CA MET A 40 -10.36 -17.30 -0.90
C MET A 40 -8.88 -17.03 -1.18
N MET A 41 -7.98 -17.76 -0.50
CA MET A 41 -6.55 -17.56 -0.72
C MET A 41 -6.19 -17.92 -2.15
N ASP A 42 -6.77 -19.01 -2.65
CA ASP A 42 -6.47 -19.48 -3.99
C ASP A 42 -6.83 -18.42 -5.02
N GLN A 43 -8.03 -17.87 -4.88
CA GLN A 43 -8.48 -16.82 -5.80
C GLN A 43 -7.61 -15.59 -5.67
N SER A 44 -7.25 -15.24 -4.44
CA SER A 44 -6.40 -14.08 -4.20
C SER A 44 -5.06 -14.28 -4.91
N ARG A 45 -4.49 -15.47 -4.78
CA ARG A 45 -3.22 -15.82 -5.43
C ARG A 45 -3.32 -15.66 -6.95
N MET A 46 -4.40 -16.18 -7.51
CA MET A 46 -4.63 -16.11 -8.95
C MET A 46 -4.72 -14.65 -9.40
N ALA A 47 -5.41 -13.83 -8.62
CA ALA A 47 -5.56 -12.41 -8.94
C ALA A 47 -4.19 -11.74 -9.00
N LEU A 48 -3.35 -12.05 -8.02
CA LEU A 48 -2.00 -11.49 -7.95
C LEU A 48 -1.15 -11.98 -9.12
N ASN A 49 -1.29 -13.26 -9.41
CA ASN A 49 -0.51 -13.87 -10.48
C ASN A 49 -0.77 -13.15 -11.80
N GLU A 50 -2.04 -12.89 -12.07
CA GLU A 50 -2.41 -12.17 -13.29
C GLU A 50 -1.86 -10.75 -13.23
N ALA A 51 -1.97 -10.13 -12.05
CA ALA A 51 -1.47 -8.77 -11.87
C ALA A 51 0.06 -8.75 -12.05
N HIS A 52 0.73 -9.71 -11.44
CA HIS A 52 2.19 -9.81 -11.54
C HIS A 52 2.61 -10.01 -13.00
N LEU A 53 1.86 -10.83 -13.72
CA LEU A 53 2.16 -11.11 -15.12
C LEU A 53 2.11 -9.82 -15.93
N VAL A 54 1.08 -9.02 -15.68
CA VAL A 54 0.94 -7.75 -16.38
C VAL A 54 2.11 -6.84 -16.04
N GLN A 55 2.46 -6.79 -14.76
CA GLN A 55 3.59 -5.96 -14.34
C GLN A 55 4.88 -6.45 -15.01
N THR A 56 5.08 -7.76 -15.08
CA THR A 56 6.28 -8.32 -15.72
C THR A 56 6.46 -7.71 -17.11
N LYS A 57 5.37 -7.66 -17.88
CA LYS A 57 5.43 -7.06 -19.22
C LYS A 57 5.76 -5.59 -19.10
N LEU A 58 5.18 -4.94 -18.10
CA LEU A 58 5.43 -3.52 -17.90
C LEU A 58 6.87 -3.24 -17.48
N ILE A 59 7.58 -4.25 -16.98
CA ILE A 59 8.99 -4.06 -16.60
C ILE A 59 9.93 -4.47 -17.76
N GLU A 60 9.55 -5.49 -18.53
CA GLU A 60 10.37 -5.95 -19.66
C GLU A 60 10.46 -4.88 -20.74
N GLY A 61 9.34 -4.20 -21.01
CA GLY A 61 9.31 -3.17 -22.03
C GLY A 61 9.20 -1.78 -21.42
N ASP A 62 9.80 -1.60 -20.24
CA ASP A 62 9.75 -0.32 -19.54
C ASP A 62 10.49 0.78 -20.32
N ALA A 63 11.17 0.39 -21.40
CA ALA A 63 11.90 1.36 -22.21
C ALA A 63 10.97 2.06 -23.19
N GLY A 64 11.49 3.07 -23.89
CA GLY A 64 10.68 3.81 -24.86
C GLY A 64 10.81 5.32 -24.66
N GLU A 65 10.45 5.80 -23.47
CA GLU A 65 10.53 7.23 -23.19
C GLU A 65 11.97 7.72 -23.18
N GLY A 66 12.86 6.90 -22.64
CA GLY A 66 14.28 7.27 -22.58
C GLY A 66 15.15 6.04 -22.36
N LYS A 67 16.47 6.25 -22.44
CA LYS A 67 17.41 5.15 -22.27
C LYS A 67 17.39 4.63 -20.82
N MET A 68 18.11 5.32 -19.94
CA MET A 68 18.20 4.93 -18.54
C MET A 68 16.88 5.05 -17.79
N LYS A 69 16.13 6.12 -18.08
CA LYS A 69 14.87 6.35 -17.37
C LYS A 69 13.76 5.39 -17.80
N VAL A 70 12.84 5.14 -16.87
CA VAL A 70 11.71 4.23 -17.10
C VAL A 70 10.41 4.88 -16.65
N SER A 71 9.28 4.23 -16.95
CA SER A 71 7.98 4.77 -16.55
C SER A 71 7.94 4.91 -15.03
N LEU A 72 7.54 6.10 -14.57
CA LEU A 72 7.48 6.40 -13.14
C LEU A 72 6.43 5.55 -12.41
N VAL A 73 5.30 5.39 -13.07
CA VAL A 73 4.18 4.62 -12.52
C VAL A 73 4.55 3.16 -12.22
N LEU A 74 5.60 2.68 -12.85
CA LEU A 74 6.02 1.30 -12.64
C LEU A 74 6.17 1.00 -11.17
N VAL A 75 6.57 2.02 -10.41
CA VAL A 75 6.79 1.87 -8.98
C VAL A 75 5.44 1.77 -8.28
N HIS A 76 4.21 2.79 -8.68
CA HIS A 76 2.85 2.78 -8.10
C HIS A 76 2.26 1.38 -8.17
N ALA A 77 2.61 0.67 -9.25
CA ALA A 77 2.15 -0.70 -9.44
C ALA A 77 3.00 -1.68 -8.65
N GLN A 78 4.33 -1.51 -8.71
CA GLN A 78 5.24 -2.41 -8.02
C GLN A 78 5.01 -2.32 -6.51
N LEU A 79 4.96 -1.09 -6.01
CA LEU A 79 4.72 -0.86 -4.59
C LEU A 79 3.44 -1.54 -4.13
N HIS A 80 2.35 -1.32 -4.85
CA HIS A 80 1.08 -1.91 -4.47
C HIS A 80 1.12 -3.44 -4.62
N LEU A 81 1.65 -3.90 -5.74
CA LEU A 81 1.74 -5.34 -5.99
C LEU A 81 2.64 -6.04 -4.98
N MET A 82 3.80 -5.45 -4.70
CA MET A 82 4.74 -6.05 -3.75
C MET A 82 4.11 -6.14 -2.37
N THR A 83 3.46 -5.05 -1.96
CA THR A 83 2.81 -5.00 -0.65
C THR A 83 1.69 -6.04 -0.56
N SER A 84 0.84 -6.07 -1.58
CA SER A 84 -0.29 -7.01 -1.61
C SER A 84 0.20 -8.46 -1.60
N MET A 85 1.16 -8.78 -2.45
CA MET A 85 1.69 -10.14 -2.51
C MET A 85 2.26 -10.57 -1.18
N LEU A 86 3.07 -9.70 -0.59
CA LEU A 86 3.68 -10.00 0.70
C LEU A 86 2.61 -10.19 1.78
N ALA A 87 1.64 -9.28 1.79
CA ALA A 87 0.56 -9.36 2.76
C ALA A 87 -0.15 -10.70 2.67
N ARG A 88 -0.49 -11.10 1.47
CA ARG A 88 -1.18 -12.37 1.27
C ARG A 88 -0.35 -13.55 1.78
N GLU A 89 0.93 -13.57 1.45
CA GLU A 89 1.77 -14.67 1.88
C GLU A 89 1.79 -14.78 3.39
N LEU A 90 1.95 -13.65 4.06
CA LEU A 90 1.96 -13.64 5.51
C LEU A 90 0.58 -14.03 6.05
N ILE A 91 -0.46 -13.51 5.42
CA ILE A 91 -1.82 -13.85 5.84
C ILE A 91 -2.03 -15.35 5.69
N THR A 92 -1.50 -15.92 4.61
CA THR A 92 -1.60 -17.37 4.40
C THR A 92 -0.98 -18.10 5.59
N GLU A 93 0.20 -17.64 6.01
CA GLU A 93 0.88 -18.23 7.16
C GLU A 93 0.02 -18.08 8.40
N LEU A 94 -0.57 -16.89 8.56
CA LEU A 94 -1.43 -16.62 9.72
C LEU A 94 -2.62 -17.59 9.71
N ILE A 95 -3.20 -17.80 8.55
CA ILE A 95 -4.34 -18.73 8.44
C ILE A 95 -3.90 -20.14 8.83
N GLU A 96 -2.72 -20.56 8.36
CA GLU A 96 -2.22 -21.88 8.71
C GLU A 96 -2.08 -22.00 10.22
N LEU A 97 -1.64 -20.91 10.87
CA LEU A 97 -1.51 -20.92 12.32
C LEU A 97 -2.88 -21.12 12.98
N HIS A 98 -3.89 -20.46 12.44
CA HIS A 98 -5.25 -20.62 12.98
C HIS A 98 -5.63 -22.08 12.92
N GLU A 99 -5.25 -22.75 11.84
CA GLU A 99 -5.55 -24.17 11.68
C GLU A 99 -4.81 -24.98 12.74
N LYS A 100 -3.56 -24.62 13.01
CA LYS A 100 -2.79 -25.32 14.02
C LYS A 100 -3.39 -25.06 15.41
N LEU A 101 -3.92 -23.84 15.61
CA LEU A 101 -4.56 -23.49 16.88
C LEU A 101 -5.80 -24.37 17.09
N LYS A 102 -6.02 -25.30 16.15
CA LYS A 102 -7.18 -26.20 16.21
C LYS A 102 -8.43 -25.52 15.71
N ALA A 103 -8.82 -24.42 16.39
CA ALA A 103 -10.03 -23.67 16.04
C ALA A 103 -10.30 -23.65 14.53
N ALA B 1 22.66 3.11 -13.51
CA ALA B 1 23.97 3.34 -14.19
C ALA B 1 24.86 2.13 -13.94
N GLU B 2 26.00 2.08 -14.64
CA GLU B 2 26.95 0.97 -14.53
C GLU B 2 26.86 0.24 -13.18
N GLU B 3 27.57 0.74 -12.19
CA GLU B 3 27.58 0.13 -10.87
C GLU B 3 26.22 0.21 -10.20
N LEU B 4 25.72 1.44 -10.02
CA LEU B 4 24.42 1.61 -9.38
C LEU B 4 23.38 0.61 -9.91
N GLU B 5 23.37 0.41 -11.22
CA GLU B 5 22.42 -0.52 -11.83
C GLU B 5 22.76 -1.95 -11.47
N GLU B 6 24.03 -2.30 -11.57
CA GLU B 6 24.50 -3.63 -11.23
C GLU B 6 24.38 -3.85 -9.73
N VAL B 7 24.60 -2.79 -8.97
CA VAL B 7 24.51 -2.85 -7.52
C VAL B 7 23.05 -3.11 -7.10
N VAL B 8 22.12 -2.44 -7.77
CA VAL B 8 20.69 -2.63 -7.49
C VAL B 8 20.33 -4.08 -7.74
N MET B 9 20.80 -4.63 -8.86
CA MET B 9 20.52 -6.03 -9.18
C MET B 9 21.01 -6.91 -8.03
N GLY B 10 22.21 -6.62 -7.53
CA GLY B 10 22.75 -7.37 -6.41
C GLY B 10 21.86 -7.21 -5.19
N LEU B 11 21.44 -5.98 -4.93
CA LEU B 11 20.56 -5.70 -3.79
C LEU B 11 19.24 -6.44 -3.93
N ILE B 12 18.67 -6.41 -5.13
CA ILE B 12 17.40 -7.09 -5.38
C ILE B 12 17.57 -8.58 -5.14
N ILE B 13 18.66 -9.12 -5.68
CA ILE B 13 18.94 -10.54 -5.50
C ILE B 13 19.17 -10.83 -4.02
N ASN B 14 19.95 -9.98 -3.36
CA ASN B 14 20.24 -10.16 -1.94
C ASN B 14 18.94 -10.10 -1.13
N SER B 15 18.11 -9.11 -1.42
CA SER B 15 16.83 -8.99 -0.74
C SER B 15 15.98 -10.23 -0.97
N GLY B 16 15.99 -10.71 -2.22
CA GLY B 16 15.23 -11.91 -2.57
C GLY B 16 15.76 -13.12 -1.81
N GLN B 17 17.08 -13.25 -1.75
CA GLN B 17 17.68 -14.37 -1.03
C GLN B 17 17.31 -14.28 0.45
N ALA B 18 17.35 -13.06 0.98
CA ALA B 18 17.00 -12.84 2.37
C ALA B 18 15.60 -13.36 2.66
N ARG B 19 14.64 -12.97 1.84
CA ARG B 19 13.27 -13.44 2.02
C ARG B 19 13.24 -14.96 1.90
N SER B 20 13.90 -15.47 0.86
CA SER B 20 13.94 -16.91 0.64
C SER B 20 14.41 -17.63 1.89
N LEU B 21 15.50 -17.13 2.48
CA LEU B 21 16.04 -17.73 3.71
C LEU B 21 15.01 -17.60 4.83
N ALA B 22 14.37 -16.44 4.93
CA ALA B 22 13.37 -16.20 5.97
C ALA B 22 12.24 -17.23 5.85
N TYR B 23 11.67 -17.38 4.65
CA TYR B 23 10.60 -18.36 4.46
C TYR B 23 11.12 -19.75 4.79
N ALA B 24 12.36 -20.04 4.38
CA ALA B 24 12.95 -21.33 4.67
C ALA B 24 13.06 -21.49 6.19
N ALA B 25 13.43 -20.41 6.87
CA ALA B 25 13.53 -20.43 8.33
C ALA B 25 12.18 -20.80 8.92
N LEU B 26 11.12 -20.21 8.39
CA LEU B 26 9.78 -20.50 8.86
C LEU B 26 9.45 -21.97 8.62
N LYS B 27 9.80 -22.46 7.44
CA LYS B 27 9.55 -23.86 7.11
C LYS B 27 10.21 -24.78 8.14
N GLN B 28 11.43 -24.43 8.54
CA GLN B 28 12.13 -25.23 9.56
C GLN B 28 11.31 -25.26 10.84
N ALA B 29 10.74 -24.11 11.19
CA ALA B 29 9.91 -24.02 12.40
C ALA B 29 8.73 -24.97 12.31
N LYS B 30 8.09 -25.01 11.14
CA LYS B 30 6.95 -25.90 10.94
C LYS B 30 7.36 -27.35 11.16
N GLN B 31 8.62 -27.67 10.83
CA GLN B 31 9.10 -29.04 11.01
C GLN B 31 9.46 -29.28 12.48
N GLY B 32 9.32 -28.24 13.29
CA GLY B 32 9.63 -28.35 14.72
C GLY B 32 11.13 -28.18 14.99
N ASP B 33 11.86 -27.66 14.00
CA ASP B 33 13.29 -27.46 14.14
C ASP B 33 13.60 -26.02 14.53
N PHE B 34 13.47 -25.71 15.81
CA PHE B 34 13.73 -24.34 16.29
C PHE B 34 15.18 -23.94 16.10
N ALA B 35 16.09 -24.90 16.27
CA ALA B 35 17.52 -24.60 16.15
C ALA B 35 17.86 -24.12 14.74
N ALA B 36 17.43 -24.87 13.74
CA ALA B 36 17.71 -24.50 12.36
C ALA B 36 16.98 -23.20 12.01
N ALA B 37 15.77 -23.03 12.51
CA ALA B 37 15.03 -21.80 12.24
C ALA B 37 15.82 -20.61 12.74
N LYS B 38 16.23 -20.68 14.02
CA LYS B 38 17.01 -19.60 14.63
C LYS B 38 18.27 -19.27 13.81
N ALA B 39 18.99 -20.29 13.40
CA ALA B 39 20.21 -20.10 12.61
C ALA B 39 19.91 -19.41 11.28
N MET B 40 18.83 -19.82 10.64
CA MET B 40 18.44 -19.26 9.36
C MET B 40 18.05 -17.78 9.51
N MET B 41 17.32 -17.45 10.57
CA MET B 41 16.92 -16.06 10.78
C MET B 41 18.15 -15.17 10.97
N ASP B 42 19.12 -15.68 11.73
CA ASP B 42 20.33 -14.93 12.01
C ASP B 42 21.06 -14.57 10.73
N GLN B 43 21.21 -15.58 9.86
CA GLN B 43 21.88 -15.36 8.59
C GLN B 43 21.08 -14.40 7.72
N SER B 44 19.76 -14.54 7.73
CA SER B 44 18.91 -13.65 6.95
C SER B 44 19.13 -12.20 7.41
N ARG B 45 19.14 -12.00 8.73
CA ARG B 45 19.35 -10.68 9.30
C ARG B 45 20.69 -10.09 8.83
N MET B 46 21.74 -10.90 8.89
CA MET B 46 23.07 -10.45 8.49
C MET B 46 23.05 -10.04 7.02
N ALA B 47 22.37 -10.84 6.20
CA ALA B 47 22.27 -10.53 4.77
C ALA B 47 21.58 -9.19 4.56
N LEU B 48 20.50 -8.97 5.31
CA LEU B 48 19.75 -7.72 5.21
C LEU B 48 20.59 -6.55 5.72
N ASN B 49 21.30 -6.78 6.81
CA ASN B 49 22.13 -5.75 7.40
C ASN B 49 23.18 -5.26 6.40
N GLU B 50 23.83 -6.19 5.73
CA GLU B 50 24.82 -5.83 4.72
C GLU B 50 24.17 -5.10 3.57
N ALA B 51 23.00 -5.58 3.17
CA ALA B 51 22.25 -4.96 2.08
C ALA B 51 21.83 -3.54 2.48
N HIS B 52 21.32 -3.41 3.70
CA HIS B 52 20.88 -2.11 4.21
C HIS B 52 22.06 -1.13 4.27
N LEU B 53 23.22 -1.64 4.69
CA LEU B 53 24.42 -0.80 4.79
C LEU B 53 24.77 -0.23 3.41
N VAL B 54 24.71 -1.09 2.40
CA VAL B 54 25.03 -0.66 1.04
C VAL B 54 24.01 0.40 0.61
N GLN B 55 22.73 0.16 0.90
CA GLN B 55 21.70 1.13 0.53
C GLN B 55 21.96 2.45 1.25
N THR B 56 22.32 2.39 2.54
CA THR B 56 22.60 3.61 3.30
C THR B 56 23.57 4.50 2.53
N LYS B 57 24.65 3.90 2.04
CA LYS B 57 25.62 4.66 1.25
C LYS B 57 24.97 5.20 -0.01
N LEU B 58 24.12 4.39 -0.61
CA LEU B 58 23.44 4.78 -1.84
C LEU B 58 22.45 5.93 -1.59
N ILE B 59 22.02 6.12 -0.32
CA ILE B 59 21.11 7.23 -0.01
C ILE B 59 21.88 8.48 0.45
N GLU B 60 23.00 8.27 1.16
CA GLU B 60 23.81 9.39 1.64
C GLU B 60 24.42 10.17 0.46
N GLY B 61 24.86 9.43 -0.55
CA GLY B 61 25.49 10.05 -1.72
C GLY B 61 24.59 9.96 -2.95
N ASP B 62 23.28 10.02 -2.73
CA ASP B 62 22.32 9.93 -3.82
C ASP B 62 22.41 11.14 -4.77
N ALA B 63 23.21 12.12 -4.40
CA ALA B 63 23.36 13.32 -5.23
C ALA B 63 24.37 13.07 -6.34
N GLY B 64 24.50 14.03 -7.26
CA GLY B 64 25.44 13.90 -8.37
C GLY B 64 24.78 14.23 -9.71
N GLU B 65 23.73 13.48 -10.05
CA GLU B 65 23.03 13.70 -11.32
C GLU B 65 22.34 15.07 -11.33
N GLY B 66 21.76 15.45 -10.20
CA GLY B 66 21.07 16.73 -10.11
C GLY B 66 20.91 17.16 -8.66
N LYS B 67 20.42 18.38 -8.47
CA LYS B 67 20.23 18.92 -7.13
C LYS B 67 19.13 18.16 -6.38
N MET B 68 17.88 18.54 -6.66
CA MET B 68 16.72 17.93 -6.01
C MET B 68 16.52 16.47 -6.40
N LYS B 69 16.75 16.13 -7.66
CA LYS B 69 16.54 14.76 -8.14
C LYS B 69 17.62 13.80 -7.64
N VAL B 70 17.22 12.52 -7.52
CA VAL B 70 18.11 11.47 -7.05
C VAL B 70 18.02 10.24 -7.98
N SER B 71 18.89 9.26 -7.76
CA SER B 71 18.88 8.05 -8.59
C SER B 71 17.52 7.37 -8.49
N LEU B 72 16.93 7.04 -9.64
CA LEU B 72 15.60 6.45 -9.66
C LEU B 72 15.59 5.04 -9.04
N VAL B 73 16.65 4.30 -9.35
CA VAL B 73 16.80 2.93 -8.88
C VAL B 73 16.83 2.84 -7.34
N LEU B 74 17.12 3.95 -6.69
CA LEU B 74 17.18 3.96 -5.22
C LEU B 74 15.91 3.40 -4.63
N VAL B 75 14.79 3.73 -5.27
CA VAL B 75 13.49 3.26 -4.82
C VAL B 75 13.40 1.75 -5.04
N HIS B 76 13.88 1.19 -6.25
CA HIS B 76 13.84 -0.24 -6.54
C HIS B 76 14.52 -1.02 -5.42
N ALA B 77 15.69 -0.55 -5.01
CA ALA B 77 16.42 -1.19 -3.93
C ALA B 77 15.70 -1.00 -2.60
N GLN B 78 15.19 0.20 -2.38
CA GLN B 78 14.48 0.50 -1.13
C GLN B 78 13.22 -0.36 -1.03
N LEU B 79 12.44 -0.39 -2.12
CA LEU B 79 11.22 -1.18 -2.14
C LEU B 79 11.49 -2.65 -1.82
N HIS B 80 12.48 -3.23 -2.48
CA HIS B 80 12.80 -4.62 -2.24
C HIS B 80 13.36 -4.83 -0.84
N LEU B 81 14.27 -3.95 -0.44
CA LEU B 81 14.88 -4.06 0.89
C LEU B 81 13.85 -3.85 2.00
N MET B 82 13.00 -2.85 1.86
CA MET B 82 11.98 -2.57 2.87
C MET B 82 11.02 -3.75 3.01
N THR B 83 10.59 -4.28 1.87
CA THR B 83 9.67 -5.41 1.87
C THR B 83 10.32 -6.64 2.50
N SER B 84 11.55 -6.94 2.10
CA SER B 84 12.26 -8.09 2.64
C SER B 84 12.50 -7.97 4.14
N MET B 85 12.97 -6.81 4.58
CA MET B 85 13.24 -6.60 6.01
C MET B 85 11.96 -6.76 6.83
N LEU B 86 10.89 -6.14 6.36
CA LEU B 86 9.61 -6.21 7.06
C LEU B 86 9.11 -7.65 7.12
N ALA B 87 9.17 -8.33 5.98
CA ALA B 87 8.72 -9.71 5.90
C ALA B 87 9.49 -10.58 6.88
N ARG B 88 10.79 -10.44 6.86
CA ARG B 88 11.65 -11.22 7.75
C ARG B 88 11.28 -10.97 9.21
N GLU B 89 11.08 -9.70 9.59
CA GLU B 89 10.75 -9.38 10.97
C GLU B 89 9.43 -10.05 11.37
N LEU B 90 8.44 -9.96 10.50
CA LEU B 90 7.14 -10.56 10.78
C LEU B 90 7.28 -12.08 10.84
N ILE B 91 8.06 -12.63 9.92
CA ILE B 91 8.30 -14.07 9.91
C ILE B 91 8.95 -14.49 11.23
N THR B 92 9.86 -13.66 11.73
CA THR B 92 10.50 -13.96 13.02
C THR B 92 9.43 -14.07 14.09
N GLU B 93 8.49 -13.13 14.09
CA GLU B 93 7.40 -13.15 15.06
C GLU B 93 6.58 -14.43 14.88
N LEU B 94 6.30 -14.77 13.62
CA LEU B 94 5.54 -15.99 13.33
C LEU B 94 6.27 -17.21 13.87
N ILE B 95 7.59 -17.26 13.68
CA ILE B 95 8.36 -18.38 14.19
C ILE B 95 8.28 -18.46 15.71
N GLU B 96 8.36 -17.30 16.37
CA GLU B 96 8.25 -17.27 17.83
C GLU B 96 6.90 -17.85 18.25
N LEU B 97 5.86 -17.54 17.49
CA LEU B 97 4.52 -18.05 17.79
C LEU B 97 4.52 -19.58 17.69
N HIS B 98 5.19 -20.10 16.66
CA HIS B 98 5.27 -21.55 16.50
C HIS B 98 5.89 -22.17 17.75
N GLU B 99 6.90 -21.48 18.28
CA GLU B 99 7.55 -21.95 19.50
C GLU B 99 6.58 -21.94 20.66
N LYS B 100 5.77 -20.88 20.77
CA LYS B 100 4.79 -20.80 21.84
C LYS B 100 3.72 -21.88 21.65
N LEU B 101 3.39 -22.19 20.39
CA LEU B 101 2.42 -23.25 20.11
C LEU B 101 2.96 -24.60 20.58
N LYS B 102 4.13 -24.57 21.21
CA LYS B 102 4.77 -25.78 21.72
C LYS B 102 5.49 -26.51 20.59
N ALA B 103 4.71 -26.92 19.58
CA ALA B 103 5.25 -27.67 18.43
C ALA B 103 6.64 -27.19 18.04
N ALA C 1 11.12 19.25 -2.05
CA ALA C 1 11.16 20.74 -1.98
C ALA C 1 10.96 21.17 -0.54
N GLU C 2 11.18 22.45 -0.27
CA GLU C 2 11.04 23.02 1.08
C GLU C 2 10.10 22.22 1.98
N GLU C 3 8.81 22.51 1.89
CA GLU C 3 7.83 21.81 2.71
C GLU C 3 7.73 20.34 2.34
N LEU C 4 7.37 20.07 1.08
CA LEU C 4 7.24 18.68 0.63
C LEU C 4 8.38 17.80 1.16
N GLU C 5 9.60 18.32 1.11
CA GLU C 5 10.76 17.57 1.58
C GLU C 5 10.74 17.43 3.10
N GLU C 6 10.47 18.53 3.78
CA GLU C 6 10.41 18.52 5.24
C GLU C 6 9.19 17.70 5.68
N VAL C 7 8.12 17.78 4.89
CA VAL C 7 6.90 17.04 5.17
C VAL C 7 7.17 15.53 5.06
N VAL C 8 7.92 15.14 4.03
CA VAL C 8 8.27 13.74 3.83
C VAL C 8 9.06 13.24 5.04
N MET C 9 10.02 14.04 5.50
CA MET C 9 10.80 13.67 6.66
C MET C 9 9.87 13.40 7.84
N GLY C 10 8.88 14.29 8.01
CA GLY C 10 7.91 14.13 9.08
C GLY C 10 7.12 12.84 8.88
N LEU C 11 6.71 12.59 7.65
CA LEU C 11 5.94 11.37 7.33
C LEU C 11 6.79 10.14 7.59
N ILE C 12 8.05 10.18 7.18
CA ILE C 12 8.94 9.04 7.37
C ILE C 12 9.11 8.78 8.87
N ILE C 13 9.32 9.87 9.61
CA ILE C 13 9.47 9.76 11.06
C ILE C 13 8.16 9.23 11.66
N ASN C 14 7.05 9.81 11.22
CA ASN C 14 5.73 9.40 11.72
C ASN C 14 5.50 7.92 11.43
N SER C 15 5.79 7.51 10.19
CA SER C 15 5.63 6.11 9.81
C SER C 15 6.52 5.24 10.68
N GLY C 16 7.76 5.70 10.90
CA GLY C 16 8.70 4.95 11.73
C GLY C 16 8.18 4.84 13.16
N GLN C 17 7.67 5.95 13.70
CA GLN C 17 7.13 5.92 15.06
C GLN C 17 5.95 4.97 15.12
N ALA C 18 5.12 5.01 14.08
CA ALA C 18 3.96 4.14 14.02
C ALA C 18 4.38 2.67 14.15
N ARG C 19 5.36 2.27 13.33
CA ARG C 19 5.84 0.91 13.40
C ARG C 19 6.41 0.63 14.79
N SER C 20 7.21 1.57 15.28
CA SER C 20 7.81 1.41 16.60
C SER C 20 6.73 1.13 17.65
N LEU C 21 5.66 1.92 17.61
CA LEU C 21 4.56 1.74 18.54
C LEU C 21 3.92 0.37 18.33
N ALA C 22 3.73 0.00 17.06
CA ALA C 22 3.13 -1.29 16.73
C ALA C 22 3.96 -2.44 17.33
N TYR C 23 5.27 -2.43 17.07
CA TYR C 23 6.14 -3.47 17.64
C TYR C 23 6.05 -3.45 19.16
N ALA C 24 6.03 -2.24 19.72
CA ALA C 24 5.92 -2.11 21.17
C ALA C 24 4.59 -2.72 21.62
N ALA C 25 3.54 -2.47 20.85
CA ALA C 25 2.23 -3.03 21.16
C ALA C 25 2.31 -4.55 21.21
N LEU C 26 3.01 -5.12 20.24
CA LEU C 26 3.19 -6.57 20.18
C LEU C 26 3.95 -7.05 21.42
N LYS C 27 4.99 -6.31 21.77
CA LYS C 27 5.79 -6.66 22.94
C LYS C 27 4.90 -6.72 24.19
N GLN C 28 3.99 -5.77 24.31
CA GLN C 28 3.06 -5.75 25.44
C GLN C 28 2.26 -7.04 25.47
N ALA C 29 1.82 -7.47 24.27
CA ALA C 29 1.05 -8.70 24.16
C ALA C 29 1.85 -9.89 24.67
N LYS C 30 3.13 -9.94 24.30
CA LYS C 30 3.99 -11.02 24.76
C LYS C 30 4.07 -11.06 26.28
N GLN C 31 3.98 -9.88 26.90
CA GLN C 31 4.04 -9.80 28.36
C GLN C 31 2.67 -10.17 28.96
N GLY C 32 1.71 -10.44 28.08
CA GLY C 32 0.36 -10.83 28.53
C GLY C 32 -0.47 -9.60 28.89
N ASP C 33 -0.04 -8.43 28.44
CA ASP C 33 -0.76 -7.18 28.70
C ASP C 33 -1.63 -6.80 27.51
N PHE C 34 -2.80 -7.41 27.42
CA PHE C 34 -3.71 -7.14 26.31
C PHE C 34 -4.22 -5.70 26.34
N ALA C 35 -4.43 -5.17 27.54
CA ALA C 35 -4.94 -3.81 27.68
C ALA C 35 -3.97 -2.79 27.08
N ALA C 36 -2.71 -2.89 27.47
CA ALA C 36 -1.71 -1.96 26.96
C ALA C 36 -1.50 -2.17 25.47
N ALA C 37 -1.55 -3.42 25.02
CA ALA C 37 -1.38 -3.71 23.60
C ALA C 37 -2.48 -3.00 22.81
N LYS C 38 -3.72 -3.21 23.22
CA LYS C 38 -4.87 -2.59 22.57
C LYS C 38 -4.72 -1.07 22.49
N ALA C 39 -4.32 -0.45 23.61
CA ALA C 39 -4.16 1.00 23.65
C ALA C 39 -3.06 1.46 22.68
N MET C 40 -1.96 0.72 22.64
CA MET C 40 -0.85 1.06 21.77
C MET C 40 -1.25 0.92 20.30
N MET C 41 -2.03 -0.11 19.99
CA MET C 41 -2.48 -0.31 18.61
C MET C 41 -3.35 0.85 18.16
N ASP C 42 -4.25 1.28 19.04
CA ASP C 42 -5.17 2.36 18.72
C ASP C 42 -4.41 3.63 18.38
N GLN C 43 -3.42 3.97 19.21
CA GLN C 43 -2.61 5.16 18.97
C GLN C 43 -1.83 5.03 17.67
N SER C 44 -1.30 3.85 17.42
CA SER C 44 -0.55 3.60 16.19
C SER C 44 -1.44 3.87 14.98
N ARG C 45 -2.67 3.32 15.03
CA ARG C 45 -3.64 3.50 13.96
C ARG C 45 -3.93 4.99 13.72
N MET C 46 -4.14 5.72 14.81
CA MET C 46 -4.43 7.15 14.72
C MET C 46 -3.26 7.89 14.08
N ALA C 47 -2.04 7.51 14.47
CA ALA C 47 -0.84 8.14 13.91
C ALA C 47 -0.78 7.91 12.40
N LEU C 48 -1.08 6.68 11.98
CA LEU C 48 -1.07 6.33 10.57
C LEU C 48 -2.17 7.06 9.82
N ASN C 49 -3.34 7.15 10.45
CA ASN C 49 -4.48 7.81 9.84
C ASN C 49 -4.14 9.27 9.52
N GLU C 50 -3.51 9.95 10.47
CA GLU C 50 -3.11 11.33 10.26
C GLU C 50 -2.06 11.41 9.16
N ALA C 51 -1.13 10.47 9.19
CA ALA C 51 -0.07 10.43 8.18
C ALA C 51 -0.67 10.15 6.80
N HIS C 52 -1.58 9.19 6.74
CA HIS C 52 -2.25 8.85 5.48
C HIS C 52 -3.02 10.05 4.94
N LEU C 53 -3.69 10.78 5.83
CA LEU C 53 -4.47 11.95 5.43
C LEU C 53 -3.56 12.98 4.76
N VAL C 54 -2.39 13.20 5.35
CA VAL C 54 -1.45 14.16 4.80
C VAL C 54 -0.99 13.67 3.43
N GLN C 55 -0.69 12.38 3.32
CA GLN C 55 -0.26 11.82 2.04
C GLN C 55 -1.38 11.99 1.00
N THR C 56 -2.62 11.74 1.41
CA THR C 56 -3.76 11.88 0.48
C THR C 56 -3.70 13.25 -0.19
N LYS C 57 -3.50 14.29 0.60
CA LYS C 57 -3.40 15.64 0.05
C LYS C 57 -2.20 15.73 -0.88
N LEU C 58 -1.11 15.09 -0.49
CA LEU C 58 0.10 15.11 -1.29
C LEU C 58 -0.08 14.35 -2.61
N ILE C 59 -1.09 13.47 -2.70
CA ILE C 59 -1.33 12.76 -3.95
C ILE C 59 -2.40 13.48 -4.79
N GLU C 60 -3.38 14.10 -4.14
CA GLU C 60 -4.43 14.83 -4.87
C GLU C 60 -3.85 16.03 -5.60
N GLY C 61 -2.89 16.71 -4.98
CA GLY C 61 -2.28 17.89 -5.57
C GLY C 61 -0.83 17.62 -5.97
N ASP C 62 -0.56 16.41 -6.41
CA ASP C 62 0.79 16.03 -6.80
C ASP C 62 1.22 16.75 -8.06
N ALA C 63 0.31 17.49 -8.68
CA ALA C 63 0.63 18.24 -9.90
C ALA C 63 1.30 19.56 -9.56
N GLY C 64 1.78 20.26 -10.59
CA GLY C 64 2.43 21.56 -10.39
C GLY C 64 3.77 21.63 -11.13
N GLU C 65 4.69 20.71 -10.81
CA GLU C 65 5.99 20.70 -11.45
C GLU C 65 5.87 20.38 -12.94
N GLY C 66 4.99 19.45 -13.27
CA GLY C 66 4.80 19.05 -14.66
C GLY C 66 3.45 18.36 -14.86
N LYS C 67 3.12 18.09 -16.11
CA LYS C 67 1.85 17.44 -16.43
C LYS C 67 1.83 16.00 -15.92
N MET C 68 2.44 15.10 -16.70
CA MET C 68 2.48 13.68 -16.36
C MET C 68 3.31 13.38 -15.12
N LYS C 69 4.45 14.07 -14.97
CA LYS C 69 5.34 13.83 -13.84
C LYS C 69 4.79 14.36 -12.52
N VAL C 70 5.20 13.71 -11.43
CA VAL C 70 4.76 14.07 -10.08
C VAL C 70 5.96 14.16 -9.13
N SER C 71 5.72 14.64 -7.91
CA SER C 71 6.80 14.75 -6.93
C SER C 71 7.42 13.38 -6.68
N LEU C 72 8.74 13.30 -6.77
CA LEU C 72 9.45 12.03 -6.61
C LEU C 72 9.31 11.48 -5.19
N VAL C 73 9.40 12.39 -4.22
CA VAL C 73 9.33 12.04 -2.80
C VAL C 73 8.00 11.37 -2.44
N LEU C 74 6.99 11.57 -3.26
CA LEU C 74 5.68 10.98 -3.00
C LEU C 74 5.79 9.48 -2.74
N VAL C 75 6.67 8.87 -3.51
CA VAL C 75 6.91 7.43 -3.39
C VAL C 75 7.58 7.15 -2.04
N HIS C 76 8.63 7.99 -1.61
CA HIS C 76 9.31 7.80 -0.34
C HIS C 76 8.29 7.73 0.81
N ALA C 77 7.36 8.66 0.81
CA ALA C 77 6.33 8.70 1.83
C ALA C 77 5.37 7.52 1.67
N GLN C 78 5.02 7.21 0.42
CA GLN C 78 4.11 6.11 0.15
C GLN C 78 4.74 4.78 0.58
N LEU C 79 5.99 4.58 0.19
CA LEU C 79 6.71 3.36 0.55
C LEU C 79 6.75 3.17 2.06
N HIS C 80 7.13 4.21 2.79
CA HIS C 80 7.20 4.12 4.24
C HIS C 80 5.81 3.94 4.85
N LEU C 81 4.87 4.73 4.38
CA LEU C 81 3.50 4.67 4.89
C LEU C 81 2.85 3.31 4.59
N MET C 82 3.01 2.84 3.37
CA MET C 82 2.42 1.55 2.98
C MET C 82 3.01 0.42 3.82
N THR C 83 4.32 0.45 3.99
CA THR C 83 5.00 -0.58 4.76
C THR C 83 4.54 -0.55 6.22
N SER C 84 4.53 0.64 6.80
CA SER C 84 4.12 0.80 8.20
C SER C 84 2.67 0.37 8.42
N MET C 85 1.76 0.84 7.56
CA MET C 85 0.35 0.48 7.70
C MET C 85 0.16 -1.04 7.61
N LEU C 86 0.80 -1.65 6.63
CA LEU C 86 0.70 -3.09 6.43
C LEU C 86 1.24 -3.83 7.65
N ALA C 87 2.42 -3.42 8.10
CA ALA C 87 3.05 -4.04 9.25
C ALA C 87 2.13 -3.96 10.47
N ARG C 88 1.61 -2.77 10.71
CA ARG C 88 0.74 -2.55 11.84
C ARG C 88 -0.50 -3.47 11.77
N GLU C 89 -1.11 -3.56 10.59
CA GLU C 89 -2.29 -4.42 10.44
C GLU C 89 -1.95 -5.88 10.74
N LEU C 90 -0.82 -6.35 10.20
CA LEU C 90 -0.40 -7.72 10.44
C LEU C 90 -0.07 -7.92 11.91
N ILE C 91 0.60 -6.95 12.49
CA ILE C 91 0.95 -7.02 13.90
C ILE C 91 -0.33 -7.12 14.73
N THR C 92 -1.36 -6.39 14.32
CA THR C 92 -2.64 -6.46 15.02
C THR C 92 -3.15 -7.89 14.99
N GLU C 93 -3.06 -8.53 13.83
CA GLU C 93 -3.50 -9.92 13.70
C GLU C 93 -2.66 -10.82 14.62
N LEU C 94 -1.36 -10.56 14.63
CA LEU C 94 -0.45 -11.34 15.47
C LEU C 94 -0.84 -11.20 16.94
N ILE C 95 -1.16 -9.98 17.35
CA ILE C 95 -1.57 -9.73 18.73
C ILE C 95 -2.86 -10.51 19.05
N GLU C 96 -3.80 -10.48 18.12
CA GLU C 96 -5.05 -11.21 18.31
C GLU C 96 -4.75 -12.70 18.53
N LEU C 97 -3.78 -13.21 17.77
CA LEU C 97 -3.39 -14.61 17.91
C LEU C 97 -2.85 -14.87 19.32
N HIS C 98 -2.05 -13.94 19.83
CA HIS C 98 -1.52 -14.09 21.18
C HIS C 98 -2.68 -14.22 22.16
N GLU C 99 -3.73 -13.44 21.92
CA GLU C 99 -4.90 -13.49 22.78
C GLU C 99 -5.57 -14.87 22.68
N LYS C 100 -5.65 -15.41 21.46
CA LYS C 100 -6.25 -16.72 21.29
C LYS C 100 -5.38 -17.78 21.95
N LEU C 101 -4.05 -17.58 21.91
CA LEU C 101 -3.12 -18.52 22.55
C LEU C 101 -3.37 -18.53 24.06
N LYS C 102 -4.36 -17.76 24.51
CA LYS C 102 -4.70 -17.67 25.93
C LYS C 102 -3.78 -16.68 26.63
N ALA C 103 -2.48 -16.99 26.61
CA ALA C 103 -1.45 -16.16 27.26
C ALA C 103 -1.80 -14.67 27.21
N LYS D 1 -19.97 26.95 -1.17
CA LYS D 1 -19.08 26.05 -1.96
C LYS D 1 -19.44 24.59 -1.78
N LYS D 2 -19.77 23.94 -2.87
CA LYS D 2 -20.15 22.54 -2.84
C LYS D 2 -18.93 21.62 -2.88
N HIS D 3 -19.02 20.49 -2.19
CA HIS D 3 -17.93 19.52 -2.13
C HIS D 3 -18.12 18.37 -3.08
N ILE D 4 -17.20 18.26 -4.03
CA ILE D 4 -17.22 17.18 -4.99
C ILE D 4 -16.07 16.24 -4.61
N TYR D 5 -16.39 15.03 -4.18
CA TYR D 5 -15.38 14.06 -3.78
C TYR D 5 -15.33 12.90 -4.76
N LEU D 6 -14.13 12.60 -5.26
CA LEU D 6 -13.90 11.48 -6.19
C LEU D 6 -13.25 10.35 -5.40
N PHE D 7 -13.55 9.08 -5.75
CA PHE D 7 -12.86 7.96 -5.12
C PHE D 7 -12.18 7.05 -6.15
N CYS D 8 -11.04 6.43 -5.72
CA CYS D 8 -10.29 5.42 -6.46
C CYS D 8 -9.52 4.55 -5.47
N SER D 9 -8.66 3.62 -5.88
CA SER D 9 -8.06 2.79 -4.83
C SER D 9 -7.20 3.62 -3.89
N ALA D 10 -6.21 4.39 -4.40
CA ALA D 10 -5.31 5.12 -3.52
C ALA D 10 -5.61 6.60 -3.58
N GLY D 11 -5.89 7.10 -4.78
CA GLY D 11 -6.20 8.50 -4.97
C GLY D 11 -5.17 9.20 -5.85
N MET D 12 -4.49 8.47 -6.74
CA MET D 12 -3.48 9.10 -7.58
C MET D 12 -3.96 9.31 -9.01
N SER D 13 -4.06 8.25 -9.76
CA SER D 13 -4.50 8.36 -11.15
C SER D 13 -5.71 9.29 -11.29
N THR D 14 -6.45 9.49 -10.19
CA THR D 14 -7.62 10.37 -10.31
C THR D 14 -7.22 11.77 -9.88
N SER D 15 -6.09 11.83 -9.22
CA SER D 15 -5.48 13.09 -8.76
C SER D 15 -5.20 14.03 -9.93
N LEU D 16 -4.82 13.46 -11.06
CA LEU D 16 -4.55 14.26 -12.24
C LEU D 16 -5.88 14.86 -12.76
N LEU D 17 -6.96 14.07 -12.72
CA LEU D 17 -8.28 14.55 -13.14
C LEU D 17 -8.75 15.68 -12.19
N VAL D 18 -8.54 15.48 -10.88
CA VAL D 18 -8.91 16.50 -9.89
C VAL D 18 -8.18 17.83 -10.15
N SER D 19 -6.89 17.79 -10.47
CA SER D 19 -6.17 19.03 -10.74
C SER D 19 -6.73 19.77 -11.98
N LYS D 20 -7.12 19.03 -13.02
CA LYS D 20 -7.71 19.66 -14.20
C LYS D 20 -9.12 20.20 -13.91
N MET D 21 -9.87 19.50 -13.07
CA MET D 21 -11.22 20.00 -12.73
C MET D 21 -11.08 21.31 -11.94
N ARG D 22 -10.13 21.39 -11.02
CA ARG D 22 -9.91 22.60 -10.21
C ARG D 22 -9.56 23.79 -11.12
N ALA D 23 -8.79 23.54 -12.18
CA ALA D 23 -8.39 24.59 -13.11
C ALA D 23 -9.63 25.14 -13.81
N GLN D 24 -10.50 24.24 -14.24
CA GLN D 24 -11.72 24.61 -14.91
C GLN D 24 -12.67 25.35 -14.00
N ALA D 25 -12.80 24.88 -12.77
CA ALA D 25 -13.69 25.53 -11.80
C ALA D 25 -13.24 26.96 -11.55
N GLU D 26 -11.93 27.20 -11.60
CA GLU D 26 -11.39 28.54 -11.36
C GLU D 26 -11.65 29.43 -12.57
N LYS D 27 -11.43 28.88 -13.76
CA LYS D 27 -11.63 29.59 -14.99
C LYS D 27 -13.07 30.10 -15.12
N TYR D 28 -14.05 29.29 -14.72
CA TYR D 28 -15.48 29.69 -14.80
C TYR D 28 -16.13 30.10 -13.49
N GLU D 29 -15.33 30.35 -12.46
CA GLU D 29 -15.81 30.78 -11.15
C GLU D 29 -16.89 29.89 -10.51
N VAL D 30 -16.76 28.58 -10.66
CA VAL D 30 -17.70 27.63 -10.08
C VAL D 30 -17.27 27.48 -8.62
N PRO D 31 -18.19 27.73 -7.67
CA PRO D 31 -17.91 27.64 -6.23
C PRO D 31 -17.93 26.21 -5.68
N VAL D 32 -16.88 25.46 -6.01
CA VAL D 32 -16.75 24.08 -5.57
C VAL D 32 -15.38 23.76 -5.01
N ILE D 33 -15.35 22.75 -4.14
CA ILE D 33 -14.13 22.22 -3.55
C ILE D 33 -14.09 20.77 -4.09
N ILE D 34 -12.98 20.40 -4.71
CA ILE D 34 -12.79 19.07 -5.32
C ILE D 34 -11.61 18.31 -4.66
N GLU D 35 -11.86 17.09 -4.18
CA GLU D 35 -10.83 16.27 -3.52
C GLU D 35 -10.93 14.82 -4.00
N ALA D 36 -9.78 14.14 -4.09
CA ALA D 36 -9.71 12.73 -4.50
C ALA D 36 -9.34 11.92 -3.25
N PHE D 37 -9.93 10.74 -3.09
CA PHE D 37 -9.64 9.87 -1.95
C PHE D 37 -9.66 8.44 -2.43
N PRO D 38 -9.08 7.53 -1.64
CA PRO D 38 -9.07 6.11 -2.02
C PRO D 38 -10.49 5.61 -1.70
N GLU D 39 -10.91 4.54 -2.35
CA GLU D 39 -12.24 3.96 -2.13
C GLU D 39 -12.51 3.54 -0.69
N THR D 40 -11.46 3.29 0.09
CA THR D 40 -11.63 2.88 1.48
C THR D 40 -12.26 3.95 2.37
N LEU D 41 -12.19 5.21 1.94
CA LEU D 41 -12.77 6.32 2.70
C LEU D 41 -14.15 6.77 2.20
N ALA D 42 -14.74 6.07 1.21
CA ALA D 42 -16.05 6.45 0.63
C ALA D 42 -17.14 6.64 1.68
N GLY D 43 -17.12 5.80 2.71
CA GLY D 43 -18.13 5.91 3.75
C GLY D 43 -17.81 6.98 4.77
N GLU D 44 -16.53 7.16 5.08
CA GLU D 44 -16.15 8.15 6.07
C GLU D 44 -16.16 9.59 5.49
N LYS D 45 -15.52 9.77 4.34
CA LYS D 45 -15.46 11.08 3.70
C LYS D 45 -16.73 11.45 2.92
N GLY D 46 -17.38 10.46 2.32
CA GLY D 46 -18.60 10.70 1.55
C GLY D 46 -19.69 11.43 2.29
N GLN D 47 -19.77 11.23 3.60
CA GLN D 47 -20.79 11.89 4.43
C GLN D 47 -20.74 13.42 4.34
N ASN D 48 -19.59 13.97 3.95
CA ASN D 48 -19.43 15.41 3.87
C ASN D 48 -19.45 15.95 2.45
N ALA D 49 -19.66 15.08 1.48
CA ALA D 49 -19.67 15.54 0.10
C ALA D 49 -21.06 15.97 -0.30
N ASP D 50 -21.11 16.82 -1.31
CA ASP D 50 -22.38 17.25 -1.83
C ASP D 50 -22.73 16.32 -2.99
N VAL D 51 -21.69 15.73 -3.60
CA VAL D 51 -21.88 14.75 -4.67
C VAL D 51 -20.68 13.78 -4.61
N VAL D 52 -20.98 12.49 -4.70
CA VAL D 52 -19.97 11.44 -4.66
C VAL D 52 -19.78 10.85 -6.06
N LEU D 53 -18.55 10.92 -6.57
CA LEU D 53 -18.24 10.38 -7.88
C LEU D 53 -17.30 9.18 -7.73
N LEU D 54 -17.60 8.08 -8.42
CA LEU D 54 -16.75 6.88 -8.36
C LEU D 54 -15.96 6.73 -9.63
N GLY D 55 -14.69 6.35 -9.51
CA GLY D 55 -13.84 6.18 -10.68
C GLY D 55 -14.39 5.02 -11.49
N PRO D 56 -14.13 4.94 -12.76
CA PRO D 56 -14.66 3.84 -13.62
C PRO D 56 -14.24 2.42 -13.18
N GLN D 57 -13.07 2.31 -12.54
CA GLN D 57 -12.57 1.02 -12.08
C GLN D 57 -13.39 0.49 -10.90
N ILE D 58 -14.04 1.38 -10.15
CA ILE D 58 -14.82 0.94 -9.01
C ILE D 58 -16.34 1.02 -9.23
N ALA D 59 -16.75 0.99 -10.49
CA ALA D 59 -18.17 1.04 -10.83
C ALA D 59 -18.94 -0.11 -10.19
N TYR D 60 -18.34 -1.30 -10.13
CA TYR D 60 -19.04 -2.44 -9.55
C TYR D 60 -19.46 -2.21 -8.09
N MET D 61 -18.84 -1.23 -7.44
CA MET D 61 -19.15 -0.89 -6.05
C MET D 61 -20.33 0.08 -5.87
N LEU D 62 -20.89 0.58 -6.97
CA LEU D 62 -21.99 1.54 -6.90
C LEU D 62 -23.13 1.19 -5.93
N PRO D 63 -23.73 -0.02 -6.05
CA PRO D 63 -24.82 -0.37 -5.12
C PRO D 63 -24.43 -0.30 -3.65
N GLU D 64 -23.22 -0.72 -3.30
CA GLU D 64 -22.77 -0.68 -1.91
C GLU D 64 -22.60 0.74 -1.42
N ILE D 65 -22.02 1.59 -2.25
CA ILE D 65 -21.83 2.99 -1.85
C ILE D 65 -23.16 3.74 -1.71
N GLN D 66 -24.12 3.42 -2.59
CA GLN D 66 -25.46 4.00 -2.52
C GLN D 66 -26.13 3.64 -1.18
N ARG D 67 -26.00 2.39 -0.73
CA ARG D 67 -26.60 1.98 0.55
C ARG D 67 -25.89 2.63 1.74
N LEU D 68 -24.60 2.88 1.59
CA LEU D 68 -23.77 3.49 2.64
C LEU D 68 -24.11 4.97 2.82
N LEU D 69 -24.39 5.65 1.70
CA LEU D 69 -24.73 7.09 1.68
C LEU D 69 -26.11 7.27 1.01
N PRO D 70 -27.20 6.87 1.69
CA PRO D 70 -28.55 6.99 1.13
C PRO D 70 -29.03 8.44 0.93
N ASN D 71 -28.35 9.38 1.56
CA ASN D 71 -28.75 10.79 1.44
C ASN D 71 -27.82 11.63 0.57
N LYS D 72 -27.08 10.99 -0.33
CA LYS D 72 -26.14 11.69 -1.21
C LYS D 72 -26.26 11.20 -2.63
N PRO D 73 -26.13 12.10 -3.63
CA PRO D 73 -26.21 11.62 -5.02
C PRO D 73 -24.85 10.97 -5.27
N VAL D 74 -24.87 9.73 -5.75
CA VAL D 74 -23.64 8.96 -6.02
C VAL D 74 -23.64 8.48 -7.46
N GLU D 75 -22.58 8.72 -8.19
CA GLU D 75 -22.53 8.22 -9.55
C GLU D 75 -21.13 7.95 -10.07
N VAL D 76 -21.06 7.12 -11.10
CA VAL D 76 -19.80 6.72 -11.71
C VAL D 76 -19.40 7.72 -12.78
N ILE D 77 -18.11 8.03 -12.84
CA ILE D 77 -17.58 8.96 -13.83
C ILE D 77 -17.54 8.27 -15.17
N ASP D 78 -17.96 8.97 -16.21
CA ASP D 78 -17.94 8.40 -17.55
C ASP D 78 -16.51 7.95 -17.89
N SER D 79 -16.33 6.69 -18.28
CA SER D 79 -14.99 6.17 -18.58
C SER D 79 -14.18 6.90 -19.65
N LEU D 80 -14.87 7.44 -20.65
CA LEU D 80 -14.19 8.17 -21.73
C LEU D 80 -13.73 9.53 -21.23
N LEU D 81 -14.58 10.18 -20.45
CA LEU D 81 -14.26 11.49 -19.90
C LEU D 81 -13.10 11.33 -18.94
N TYR D 82 -13.10 10.21 -18.22
CA TYR D 82 -12.04 9.90 -17.25
C TYR D 82 -10.71 9.58 -17.95
N GLY D 83 -10.75 8.68 -18.92
CA GLY D 83 -9.54 8.32 -19.64
C GLY D 83 -8.87 9.50 -20.31
N LYS D 84 -9.68 10.37 -20.87
CA LYS D 84 -9.22 11.56 -21.59
C LYS D 84 -8.79 12.70 -20.65
N VAL D 85 -9.07 12.52 -19.35
CA VAL D 85 -8.77 13.52 -18.31
C VAL D 85 -9.47 14.86 -18.61
N ASP D 86 -10.76 14.77 -18.94
CA ASP D 86 -11.57 15.95 -19.28
C ASP D 86 -12.09 16.63 -18.03
N GLY D 87 -11.29 17.56 -17.51
CA GLY D 87 -11.64 18.31 -16.31
C GLY D 87 -12.94 19.07 -16.45
N LEU D 88 -13.16 19.73 -17.60
CA LEU D 88 -14.39 20.49 -17.80
C LEU D 88 -15.63 19.58 -17.87
N GLY D 89 -15.50 18.50 -18.64
CA GLY D 89 -16.59 17.56 -18.81
C GLY D 89 -17.07 16.91 -17.53
N VAL D 90 -16.12 16.49 -16.69
CA VAL D 90 -16.48 15.84 -15.42
C VAL D 90 -17.04 16.88 -14.45
N LEU D 91 -16.47 18.08 -14.49
CA LEU D 91 -16.97 19.15 -13.63
C LEU D 91 -18.46 19.39 -14.00
N LYS D 92 -18.76 19.42 -15.30
CA LYS D 92 -20.15 19.61 -15.75
C LYS D 92 -21.09 18.52 -15.24
N ALA D 93 -20.64 17.27 -15.30
CA ALA D 93 -21.47 16.14 -14.85
C ALA D 93 -21.76 16.21 -13.35
N ALA D 94 -20.78 16.72 -12.60
CA ALA D 94 -20.90 16.82 -11.15
C ALA D 94 -21.90 17.90 -10.75
N VAL D 95 -21.80 19.06 -11.40
CA VAL D 95 -22.72 20.17 -11.13
C VAL D 95 -24.13 19.69 -11.49
N ALA D 96 -24.25 18.98 -12.61
CA ALA D 96 -25.54 18.45 -13.04
C ALA D 96 -26.13 17.51 -11.99
N ALA D 97 -25.33 16.57 -11.49
CA ALA D 97 -25.85 15.64 -10.49
C ALA D 97 -26.36 16.40 -9.26
N ILE D 98 -25.70 17.51 -8.93
CA ILE D 98 -26.12 18.32 -7.78
C ILE D 98 -27.46 19.01 -8.03
N LYS D 99 -27.63 19.58 -9.24
CA LYS D 99 -28.87 20.26 -9.62
C LYS D 99 -30.01 19.26 -9.71
N LYS D 100 -29.80 18.19 -10.45
CA LYS D 100 -30.83 17.18 -10.59
C LYS D 100 -31.20 16.60 -9.22
N ALA D 101 -30.34 16.79 -8.23
CA ALA D 101 -30.58 16.28 -6.88
C ALA D 101 -31.37 17.24 -6.00
N ALA D 102 -31.14 18.54 -6.18
CA ALA D 102 -31.83 19.57 -5.43
C ALA D 102 -33.22 19.88 -6.02
N ALA D 103 -33.60 19.13 -7.06
CA ALA D 103 -34.88 19.29 -7.72
C ALA D 103 -35.05 18.26 -8.85
P PO3 E . -4.82 5.38 -7.22
O1 PO3 E . -4.80 5.91 -8.64
O2 PO3 E . -4.19 6.18 -6.10
O3 PO3 E . -5.28 3.97 -6.95
N ALA A 1 0.74 7.29 -18.60
CA ALA A 1 0.24 7.59 -19.96
C ALA A 1 -1.09 6.86 -20.17
N GLU A 2 -1.77 7.18 -21.26
CA GLU A 2 -3.08 6.58 -21.60
C GLU A 2 -3.28 5.20 -20.95
N GLU A 3 -2.80 4.17 -21.63
CA GLU A 3 -2.95 2.80 -21.13
C GLU A 3 -2.16 2.60 -19.84
N LEU A 4 -0.84 2.78 -19.91
CA LEU A 4 0.01 2.60 -18.74
C LEU A 4 -0.63 3.20 -17.48
N GLU A 5 -1.21 4.38 -17.61
CA GLU A 5 -1.84 5.05 -16.47
C GLU A 5 -3.12 4.34 -16.08
N GLU A 6 -3.94 4.01 -17.07
CA GLU A 6 -5.19 3.30 -16.82
C GLU A 6 -4.88 1.88 -16.34
N VAL A 7 -3.80 1.31 -16.88
CA VAL A 7 -3.37 -0.03 -16.50
C VAL A 7 -2.93 -0.05 -15.03
N VAL A 8 -2.20 0.99 -14.63
CA VAL A 8 -1.73 1.10 -13.25
C VAL A 8 -2.95 1.16 -12.33
N MET A 9 -3.95 1.96 -12.70
CA MET A 9 -5.17 2.06 -11.90
C MET A 9 -5.77 0.67 -11.73
N GLY A 10 -5.81 -0.09 -12.82
CA GLY A 10 -6.34 -1.45 -12.77
C GLY A 10 -5.49 -2.31 -11.83
N LEU A 11 -4.17 -2.17 -11.95
CA LEU A 11 -3.26 -2.93 -11.10
C LEU A 11 -3.45 -2.56 -9.64
N ILE A 12 -3.57 -1.27 -9.37
CA ILE A 12 -3.76 -0.80 -8.00
C ILE A 12 -5.06 -1.36 -7.46
N ILE A 13 -6.11 -1.29 -8.26
CA ILE A 13 -7.40 -1.82 -7.85
C ILE A 13 -7.30 -3.33 -7.65
N ASN A 14 -6.65 -4.01 -8.60
CA ASN A 14 -6.47 -5.45 -8.53
C ASN A 14 -5.71 -5.82 -7.26
N SER A 15 -4.61 -5.11 -7.03
CA SER A 15 -3.81 -5.35 -5.83
C SER A 15 -4.65 -5.14 -4.57
N GLY A 16 -5.44 -4.06 -4.60
CA GLY A 16 -6.32 -3.75 -3.47
C GLY A 16 -7.35 -4.86 -3.26
N GLN A 17 -7.95 -5.32 -4.36
CA GLN A 17 -8.94 -6.40 -4.27
C GLN A 17 -8.27 -7.65 -3.72
N ALA A 18 -7.05 -7.92 -4.18
CA ALA A 18 -6.31 -9.09 -3.72
C ALA A 18 -6.15 -9.04 -2.21
N ARG A 19 -5.70 -7.91 -1.69
CA ARG A 19 -5.55 -7.77 -0.25
C ARG A 19 -6.90 -7.95 0.43
N SER A 20 -7.91 -7.28 -0.11
CA SER A 20 -9.25 -7.36 0.44
C SER A 20 -9.68 -8.83 0.57
N LEU A 21 -9.47 -9.59 -0.49
CA LEU A 21 -9.81 -11.01 -0.48
C LEU A 21 -8.97 -11.74 0.58
N ALA A 22 -7.69 -11.40 0.63
CA ALA A 22 -6.79 -12.03 1.60
C ALA A 22 -7.30 -11.80 3.03
N TYR A 23 -7.59 -10.55 3.38
CA TYR A 23 -8.10 -10.25 4.72
C TYR A 23 -9.41 -11.00 4.93
N ALA A 24 -10.25 -11.03 3.90
CA ALA A 24 -11.51 -11.73 3.99
C ALA A 24 -11.24 -13.22 4.25
N ALA A 25 -10.23 -13.75 3.56
CA ALA A 25 -9.84 -15.14 3.75
C ALA A 25 -9.48 -15.38 5.21
N LEU A 26 -8.72 -14.46 5.78
CA LEU A 26 -8.32 -14.57 7.18
C LEU A 26 -9.56 -14.55 8.07
N LYS A 27 -10.48 -13.64 7.77
CA LYS A 27 -11.71 -13.53 8.54
C LYS A 27 -12.45 -14.87 8.56
N GLN A 28 -12.48 -15.54 7.41
CA GLN A 28 -13.15 -16.84 7.31
C GLN A 28 -12.48 -17.81 8.28
N ALA A 29 -11.15 -17.75 8.35
CA ALA A 29 -10.39 -18.62 9.24
C ALA A 29 -10.80 -18.38 10.69
N LYS A 30 -10.95 -17.12 11.05
CA LYS A 30 -11.36 -16.77 12.41
C LYS A 30 -12.72 -17.37 12.73
N GLN A 31 -13.58 -17.50 11.72
CA GLN A 31 -14.89 -18.08 11.93
C GLN A 31 -14.80 -19.60 11.96
N GLY A 32 -13.60 -20.12 11.77
CA GLY A 32 -13.37 -21.56 11.81
C GLY A 32 -13.71 -22.21 10.47
N ASP A 33 -13.83 -21.40 9.43
CA ASP A 33 -14.15 -21.90 8.09
C ASP A 33 -12.88 -22.06 7.26
N PHE A 34 -12.18 -23.18 7.47
CA PHE A 34 -10.93 -23.42 6.73
C PHE A 34 -11.18 -23.60 5.24
N ALA A 35 -12.31 -24.21 4.89
CA ALA A 35 -12.63 -24.46 3.49
C ALA A 35 -12.77 -23.14 2.72
N ALA A 36 -13.56 -22.23 3.26
CA ALA A 36 -13.76 -20.95 2.60
C ALA A 36 -12.46 -20.14 2.60
N ALA A 37 -11.70 -20.23 3.68
CA ALA A 37 -10.43 -19.52 3.75
C ALA A 37 -9.52 -19.99 2.60
N LYS A 38 -9.36 -21.30 2.49
CA LYS A 38 -8.53 -21.90 1.45
C LYS A 38 -8.96 -21.42 0.06
N ALA A 39 -10.26 -21.45 -0.21
CA ALA A 39 -10.77 -21.03 -1.51
C ALA A 39 -10.47 -19.57 -1.79
N MET A 40 -10.61 -18.74 -0.76
CA MET A 40 -10.36 -17.30 -0.90
C MET A 40 -8.88 -17.03 -1.18
N MET A 41 -7.98 -17.76 -0.50
CA MET A 41 -6.55 -17.56 -0.72
C MET A 41 -6.19 -17.92 -2.15
N ASP A 42 -6.77 -19.01 -2.65
CA ASP A 42 -6.47 -19.48 -3.99
C ASP A 42 -6.83 -18.42 -5.02
N GLN A 43 -8.03 -17.87 -4.88
CA GLN A 43 -8.48 -16.82 -5.80
C GLN A 43 -7.61 -15.59 -5.67
N SER A 44 -7.25 -15.24 -4.44
CA SER A 44 -6.40 -14.08 -4.20
C SER A 44 -5.06 -14.28 -4.91
N ARG A 45 -4.49 -15.47 -4.78
CA ARG A 45 -3.22 -15.82 -5.43
C ARG A 45 -3.32 -15.66 -6.95
N MET A 46 -4.40 -16.18 -7.51
CA MET A 46 -4.63 -16.11 -8.95
C MET A 46 -4.72 -14.65 -9.40
N ALA A 47 -5.41 -13.83 -8.62
CA ALA A 47 -5.56 -12.41 -8.94
C ALA A 47 -4.19 -11.74 -9.00
N LEU A 48 -3.35 -12.05 -8.02
CA LEU A 48 -2.00 -11.49 -7.95
C LEU A 48 -1.15 -11.98 -9.12
N ASN A 49 -1.29 -13.26 -9.41
CA ASN A 49 -0.51 -13.87 -10.48
C ASN A 49 -0.77 -13.15 -11.80
N GLU A 50 -2.04 -12.89 -12.07
CA GLU A 50 -2.41 -12.17 -13.29
C GLU A 50 -1.86 -10.75 -13.23
N ALA A 51 -1.97 -10.13 -12.05
CA ALA A 51 -1.47 -8.77 -11.87
C ALA A 51 0.06 -8.75 -12.05
N HIS A 52 0.73 -9.71 -11.44
CA HIS A 52 2.19 -9.81 -11.54
C HIS A 52 2.61 -10.01 -13.00
N LEU A 53 1.86 -10.83 -13.72
CA LEU A 53 2.16 -11.11 -15.12
C LEU A 53 2.11 -9.82 -15.93
N VAL A 54 1.08 -9.02 -15.68
CA VAL A 54 0.94 -7.75 -16.38
C VAL A 54 2.11 -6.84 -16.04
N GLN A 55 2.46 -6.79 -14.76
CA GLN A 55 3.59 -5.96 -14.34
C GLN A 55 4.88 -6.45 -15.01
N THR A 56 5.08 -7.76 -15.08
CA THR A 56 6.28 -8.32 -15.72
C THR A 56 6.46 -7.71 -17.11
N LYS A 57 5.37 -7.66 -17.88
CA LYS A 57 5.43 -7.06 -19.22
C LYS A 57 5.76 -5.59 -19.10
N LEU A 58 5.18 -4.94 -18.10
CA LEU A 58 5.43 -3.52 -17.90
C LEU A 58 6.87 -3.24 -17.48
N ILE A 59 7.58 -4.25 -16.98
CA ILE A 59 8.99 -4.06 -16.60
C ILE A 59 9.93 -4.47 -17.76
N GLU A 60 9.55 -5.49 -18.53
CA GLU A 60 10.37 -5.95 -19.66
C GLU A 60 10.46 -4.88 -20.74
N GLY A 61 9.34 -4.20 -21.01
CA GLY A 61 9.31 -3.17 -22.03
C GLY A 61 9.20 -1.78 -21.42
N ASP A 62 9.80 -1.60 -20.24
CA ASP A 62 9.75 -0.32 -19.54
C ASP A 62 10.49 0.78 -20.32
N ALA A 63 11.17 0.39 -21.40
CA ALA A 63 11.90 1.36 -22.21
C ALA A 63 10.97 2.06 -23.19
N GLY A 64 11.49 3.07 -23.89
CA GLY A 64 10.68 3.81 -24.86
C GLY A 64 10.81 5.32 -24.66
N GLU A 65 10.45 5.80 -23.47
CA GLU A 65 10.53 7.23 -23.19
C GLU A 65 11.97 7.72 -23.18
N GLY A 66 12.86 6.90 -22.64
CA GLY A 66 14.28 7.27 -22.58
C GLY A 66 15.15 6.04 -22.36
N LYS A 67 16.47 6.25 -22.44
CA LYS A 67 17.41 5.15 -22.27
C LYS A 67 17.39 4.63 -20.82
N MET A 68 18.11 5.32 -19.94
CA MET A 68 18.20 4.93 -18.54
C MET A 68 16.88 5.05 -17.79
N LYS A 69 16.13 6.12 -18.08
CA LYS A 69 14.87 6.35 -17.37
C LYS A 69 13.76 5.39 -17.80
N VAL A 70 12.84 5.14 -16.87
CA VAL A 70 11.71 4.23 -17.10
C VAL A 70 10.41 4.88 -16.65
N SER A 71 9.28 4.23 -16.95
CA SER A 71 7.98 4.77 -16.55
C SER A 71 7.94 4.91 -15.03
N LEU A 72 7.54 6.10 -14.57
CA LEU A 72 7.48 6.40 -13.14
C LEU A 72 6.43 5.55 -12.41
N VAL A 73 5.30 5.39 -13.07
CA VAL A 73 4.18 4.62 -12.52
C VAL A 73 4.55 3.16 -12.22
N LEU A 74 5.63 2.69 -12.80
CA LEU A 74 6.07 1.32 -12.52
C LEU A 74 6.21 1.09 -11.02
N VAL A 75 6.62 2.16 -10.33
CA VAL A 75 6.82 2.11 -8.88
C VAL A 75 5.46 1.96 -8.20
N HIS A 76 4.19 2.92 -8.62
CA HIS A 76 2.82 2.85 -8.06
C HIS A 76 2.28 1.44 -8.16
N ALA A 77 2.65 0.74 -9.25
CA ALA A 77 2.21 -0.62 -9.47
C ALA A 77 3.05 -1.60 -8.66
N GLN A 78 4.38 -1.47 -8.72
CA GLN A 78 5.26 -2.41 -8.02
C GLN A 78 5.02 -2.31 -6.51
N LEU A 79 4.96 -1.09 -6.01
CA LEU A 79 4.72 -0.86 -4.59
C LEU A 79 3.44 -1.54 -4.13
N HIS A 80 2.35 -1.32 -4.85
CA HIS A 80 1.08 -1.91 -4.47
C HIS A 80 1.12 -3.44 -4.62
N LEU A 81 1.65 -3.90 -5.74
CA LEU A 81 1.74 -5.34 -5.99
C LEU A 81 2.64 -6.04 -4.98
N MET A 82 3.80 -5.45 -4.70
CA MET A 82 4.74 -6.05 -3.75
C MET A 82 4.11 -6.14 -2.37
N THR A 83 3.46 -5.05 -1.96
CA THR A 83 2.81 -5.00 -0.65
C THR A 83 1.69 -6.04 -0.56
N SER A 84 0.84 -6.07 -1.58
CA SER A 84 -0.29 -7.01 -1.61
C SER A 84 0.20 -8.46 -1.60
N MET A 85 1.16 -8.78 -2.45
CA MET A 85 1.69 -10.14 -2.51
C MET A 85 2.26 -10.57 -1.18
N LEU A 86 3.07 -9.70 -0.59
CA LEU A 86 3.68 -10.00 0.70
C LEU A 86 2.61 -10.19 1.78
N ALA A 87 1.64 -9.28 1.79
CA ALA A 87 0.56 -9.36 2.76
C ALA A 87 -0.15 -10.70 2.67
N ARG A 88 -0.49 -11.10 1.47
CA ARG A 88 -1.18 -12.37 1.27
C ARG A 88 -0.35 -13.55 1.78
N GLU A 89 0.93 -13.57 1.45
CA GLU A 89 1.77 -14.67 1.88
C GLU A 89 1.79 -14.78 3.39
N LEU A 90 1.95 -13.65 4.06
CA LEU A 90 1.96 -13.64 5.51
C LEU A 90 0.58 -14.03 6.05
N ILE A 91 -0.46 -13.51 5.42
CA ILE A 91 -1.82 -13.85 5.84
C ILE A 91 -2.03 -15.35 5.69
N THR A 92 -1.50 -15.92 4.61
CA THR A 92 -1.60 -17.37 4.40
C THR A 92 -0.98 -18.10 5.59
N GLU A 93 0.20 -17.64 6.01
CA GLU A 93 0.88 -18.23 7.16
C GLU A 93 0.02 -18.08 8.40
N LEU A 94 -0.57 -16.89 8.56
CA LEU A 94 -1.43 -16.62 9.72
C LEU A 94 -2.62 -17.59 9.71
N ILE A 95 -3.20 -17.80 8.55
CA ILE A 95 -4.34 -18.73 8.44
C ILE A 95 -3.90 -20.14 8.83
N GLU A 96 -2.72 -20.56 8.36
CA GLU A 96 -2.22 -21.88 8.71
C GLU A 96 -2.08 -22.00 10.22
N LEU A 97 -1.64 -20.91 10.87
CA LEU A 97 -1.51 -20.92 12.32
C LEU A 97 -2.88 -21.12 12.98
N HIS A 98 -3.89 -20.46 12.44
CA HIS A 98 -5.25 -20.62 12.98
C HIS A 98 -5.63 -22.08 12.92
N GLU A 99 -5.25 -22.75 11.84
CA GLU A 99 -5.55 -24.17 11.68
C GLU A 99 -4.81 -24.98 12.74
N LYS A 100 -3.56 -24.62 13.01
CA LYS A 100 -2.79 -25.32 14.02
C LYS A 100 -3.39 -25.06 15.41
N LEU A 101 -3.92 -23.84 15.61
CA LEU A 101 -4.56 -23.49 16.88
C LEU A 101 -5.80 -24.37 17.09
N LYS A 102 -6.02 -25.30 16.15
CA LYS A 102 -7.18 -26.20 16.21
C LYS A 102 -8.43 -25.52 15.71
N ALA A 103 -8.82 -24.42 16.39
CA ALA A 103 -10.03 -23.67 16.04
C ALA A 103 -10.30 -23.65 14.53
N ALA B 1 22.66 3.11 -13.51
CA ALA B 1 23.97 3.34 -14.19
C ALA B 1 24.86 2.13 -13.94
N GLU B 2 26.00 2.08 -14.64
CA GLU B 2 26.95 0.97 -14.53
C GLU B 2 26.86 0.24 -13.18
N GLU B 3 27.57 0.74 -12.19
CA GLU B 3 27.58 0.13 -10.87
C GLU B 3 26.22 0.21 -10.20
N LEU B 4 25.72 1.44 -10.02
CA LEU B 4 24.42 1.61 -9.38
C LEU B 4 23.38 0.61 -9.91
N GLU B 5 23.37 0.41 -11.22
CA GLU B 5 22.42 -0.52 -11.83
C GLU B 5 22.76 -1.95 -11.47
N GLU B 6 24.03 -2.30 -11.57
CA GLU B 6 24.50 -3.63 -11.23
C GLU B 6 24.38 -3.85 -9.73
N VAL B 7 24.60 -2.79 -8.97
CA VAL B 7 24.51 -2.85 -7.52
C VAL B 7 23.05 -3.11 -7.10
N VAL B 8 22.12 -2.44 -7.77
CA VAL B 8 20.69 -2.63 -7.49
C VAL B 8 20.33 -4.08 -7.74
N MET B 9 20.80 -4.63 -8.86
CA MET B 9 20.52 -6.03 -9.18
C MET B 9 21.01 -6.91 -8.03
N GLY B 10 22.21 -6.62 -7.53
CA GLY B 10 22.75 -7.37 -6.41
C GLY B 10 21.86 -7.21 -5.19
N LEU B 11 21.44 -5.98 -4.93
CA LEU B 11 20.56 -5.70 -3.79
C LEU B 11 19.24 -6.44 -3.93
N ILE B 12 18.67 -6.41 -5.13
CA ILE B 12 17.40 -7.09 -5.38
C ILE B 12 17.57 -8.58 -5.14
N ILE B 13 18.66 -9.12 -5.68
CA ILE B 13 18.94 -10.54 -5.50
C ILE B 13 19.17 -10.83 -4.02
N ASN B 14 19.95 -9.98 -3.36
CA ASN B 14 20.24 -10.16 -1.94
C ASN B 14 18.94 -10.10 -1.13
N SER B 15 18.11 -9.11 -1.42
CA SER B 15 16.83 -8.99 -0.74
C SER B 15 15.98 -10.23 -0.97
N GLY B 16 15.99 -10.71 -2.22
CA GLY B 16 15.23 -11.91 -2.57
C GLY B 16 15.76 -13.12 -1.81
N GLN B 17 17.08 -13.25 -1.75
CA GLN B 17 17.68 -14.37 -1.03
C GLN B 17 17.31 -14.28 0.45
N ALA B 18 17.35 -13.06 0.98
CA ALA B 18 17.00 -12.84 2.37
C ALA B 18 15.60 -13.36 2.66
N ARG B 19 14.64 -12.97 1.84
CA ARG B 19 13.27 -13.44 2.02
C ARG B 19 13.24 -14.96 1.90
N SER B 20 13.90 -15.47 0.86
CA SER B 20 13.94 -16.91 0.64
C SER B 20 14.41 -17.63 1.89
N LEU B 21 15.50 -17.13 2.48
CA LEU B 21 16.04 -17.73 3.71
C LEU B 21 15.01 -17.60 4.83
N ALA B 22 14.37 -16.44 4.93
CA ALA B 22 13.37 -16.20 5.97
C ALA B 22 12.24 -17.23 5.85
N TYR B 23 11.67 -17.38 4.65
CA TYR B 23 10.60 -18.36 4.46
C TYR B 23 11.12 -19.75 4.79
N ALA B 24 12.36 -20.04 4.38
CA ALA B 24 12.95 -21.33 4.67
C ALA B 24 13.06 -21.49 6.19
N ALA B 25 13.43 -20.41 6.87
CA ALA B 25 13.53 -20.43 8.33
C ALA B 25 12.18 -20.80 8.92
N LEU B 26 11.12 -20.21 8.39
CA LEU B 26 9.78 -20.50 8.86
C LEU B 26 9.45 -21.97 8.62
N LYS B 27 9.80 -22.46 7.44
CA LYS B 27 9.55 -23.86 7.11
C LYS B 27 10.21 -24.78 8.14
N GLN B 28 11.43 -24.43 8.54
CA GLN B 28 12.13 -25.23 9.56
C GLN B 28 11.31 -25.26 10.84
N ALA B 29 10.74 -24.11 11.19
CA ALA B 29 9.91 -24.02 12.40
C ALA B 29 8.73 -24.97 12.31
N LYS B 30 8.09 -25.01 11.14
CA LYS B 30 6.95 -25.90 10.94
C LYS B 30 7.36 -27.35 11.16
N GLN B 31 8.62 -27.67 10.83
CA GLN B 31 9.10 -29.04 11.01
C GLN B 31 9.46 -29.28 12.48
N GLY B 32 9.32 -28.24 13.29
CA GLY B 32 9.63 -28.35 14.72
C GLY B 32 11.13 -28.18 14.99
N ASP B 33 11.86 -27.66 14.00
CA ASP B 33 13.29 -27.46 14.14
C ASP B 33 13.60 -26.02 14.53
N PHE B 34 13.47 -25.71 15.81
CA PHE B 34 13.73 -24.34 16.29
C PHE B 34 15.18 -23.94 16.10
N ALA B 35 16.09 -24.90 16.27
CA ALA B 35 17.52 -24.60 16.15
C ALA B 35 17.86 -24.12 14.74
N ALA B 36 17.43 -24.87 13.74
CA ALA B 36 17.71 -24.50 12.36
C ALA B 36 16.98 -23.20 12.01
N ALA B 37 15.77 -23.03 12.51
CA ALA B 37 15.03 -21.80 12.24
C ALA B 37 15.82 -20.61 12.74
N LYS B 38 16.23 -20.68 14.02
CA LYS B 38 17.01 -19.60 14.63
C LYS B 38 18.27 -19.27 13.81
N ALA B 39 18.99 -20.29 13.40
CA ALA B 39 20.21 -20.10 12.61
C ALA B 39 19.91 -19.41 11.28
N MET B 40 18.83 -19.82 10.64
CA MET B 40 18.44 -19.26 9.36
C MET B 40 18.05 -17.78 9.51
N MET B 41 17.32 -17.45 10.57
CA MET B 41 16.92 -16.06 10.78
C MET B 41 18.15 -15.17 10.97
N ASP B 42 19.12 -15.68 11.73
CA ASP B 42 20.33 -14.93 12.01
C ASP B 42 21.06 -14.57 10.73
N GLN B 43 21.21 -15.58 9.86
CA GLN B 43 21.88 -15.36 8.59
C GLN B 43 21.08 -14.40 7.72
N SER B 44 19.76 -14.54 7.73
CA SER B 44 18.91 -13.65 6.95
C SER B 44 19.13 -12.20 7.41
N ARG B 45 19.14 -12.00 8.73
CA ARG B 45 19.35 -10.68 9.30
C ARG B 45 20.69 -10.09 8.83
N MET B 46 21.74 -10.90 8.89
CA MET B 46 23.07 -10.45 8.49
C MET B 46 23.05 -10.04 7.02
N ALA B 47 22.37 -10.84 6.20
CA ALA B 47 22.27 -10.53 4.77
C ALA B 47 21.58 -9.19 4.56
N LEU B 48 20.50 -8.97 5.31
CA LEU B 48 19.75 -7.72 5.21
C LEU B 48 20.59 -6.55 5.72
N ASN B 49 21.30 -6.78 6.81
CA ASN B 49 22.13 -5.75 7.40
C ASN B 49 23.18 -5.26 6.40
N GLU B 50 23.83 -6.19 5.73
CA GLU B 50 24.82 -5.83 4.72
C GLU B 50 24.17 -5.10 3.57
N ALA B 51 23.00 -5.58 3.17
CA ALA B 51 22.25 -4.96 2.08
C ALA B 51 21.83 -3.54 2.48
N HIS B 52 21.32 -3.41 3.70
CA HIS B 52 20.88 -2.11 4.21
C HIS B 52 22.06 -1.13 4.27
N LEU B 53 23.22 -1.64 4.69
CA LEU B 53 24.42 -0.80 4.79
C LEU B 53 24.77 -0.23 3.41
N VAL B 54 24.71 -1.09 2.40
CA VAL B 54 25.03 -0.66 1.04
C VAL B 54 24.01 0.40 0.61
N GLN B 55 22.73 0.16 0.90
CA GLN B 55 21.70 1.13 0.53
C GLN B 55 21.96 2.45 1.25
N THR B 56 22.32 2.39 2.54
CA THR B 56 22.60 3.61 3.30
C THR B 56 23.57 4.50 2.53
N LYS B 57 24.65 3.90 2.04
CA LYS B 57 25.62 4.66 1.25
C LYS B 57 24.97 5.20 -0.01
N LEU B 58 24.12 4.39 -0.61
CA LEU B 58 23.44 4.78 -1.84
C LEU B 58 22.45 5.93 -1.59
N ILE B 59 22.02 6.12 -0.32
CA ILE B 59 21.11 7.23 -0.01
C ILE B 59 21.88 8.48 0.45
N GLU B 60 23.00 8.27 1.16
CA GLU B 60 23.81 9.39 1.64
C GLU B 60 24.42 10.17 0.46
N GLY B 61 24.86 9.43 -0.55
CA GLY B 61 25.49 10.05 -1.72
C GLY B 61 24.59 9.96 -2.95
N ASP B 62 23.28 10.02 -2.73
CA ASP B 62 22.32 9.93 -3.82
C ASP B 62 22.41 11.14 -4.77
N ALA B 63 23.21 12.12 -4.40
CA ALA B 63 23.36 13.32 -5.23
C ALA B 63 24.37 13.07 -6.34
N GLY B 64 24.50 14.03 -7.26
CA GLY B 64 25.44 13.90 -8.37
C GLY B 64 24.78 14.23 -9.71
N GLU B 65 23.73 13.48 -10.05
CA GLU B 65 23.03 13.70 -11.32
C GLU B 65 22.34 15.07 -11.33
N GLY B 66 21.76 15.45 -10.20
CA GLY B 66 21.07 16.73 -10.11
C GLY B 66 20.91 17.16 -8.66
N LYS B 67 20.42 18.38 -8.47
CA LYS B 67 20.23 18.92 -7.13
C LYS B 67 19.13 18.16 -6.38
N MET B 68 17.88 18.54 -6.66
CA MET B 68 16.72 17.93 -6.01
C MET B 68 16.52 16.47 -6.40
N LYS B 69 16.75 16.13 -7.66
CA LYS B 69 16.54 14.76 -8.14
C LYS B 69 17.62 13.80 -7.64
N VAL B 70 17.22 12.52 -7.52
CA VAL B 70 18.11 11.47 -7.05
C VAL B 70 18.02 10.24 -7.98
N SER B 71 18.89 9.26 -7.76
CA SER B 71 18.88 8.05 -8.59
C SER B 71 17.52 7.37 -8.49
N LEU B 72 16.93 7.04 -9.64
CA LEU B 72 15.60 6.45 -9.66
C LEU B 72 15.59 5.04 -9.04
N VAL B 73 16.65 4.30 -9.35
CA VAL B 73 16.80 2.93 -8.88
C VAL B 73 16.83 2.84 -7.34
N LEU B 74 17.06 3.95 -6.67
CA LEU B 74 17.05 3.94 -5.21
C LEU B 74 15.74 3.37 -4.68
N VAL B 75 14.67 3.71 -5.39
CA VAL B 75 13.34 3.24 -5.02
C VAL B 75 13.28 1.73 -5.16
N HIS B 76 13.81 1.12 -6.33
CA HIS B 76 13.80 -0.33 -6.55
C HIS B 76 14.51 -1.04 -5.40
N ALA B 77 15.68 -0.51 -5.02
CA ALA B 77 16.44 -1.12 -3.94
C ALA B 77 15.72 -0.96 -2.60
N GLN B 78 15.17 0.24 -2.37
CA GLN B 78 14.48 0.51 -1.12
C GLN B 78 13.21 -0.35 -1.03
N LEU B 79 12.44 -0.39 -2.12
CA LEU B 79 11.22 -1.18 -2.14
C LEU B 79 11.49 -2.65 -1.82
N HIS B 80 12.48 -3.23 -2.48
CA HIS B 80 12.80 -4.62 -2.24
C HIS B 80 13.36 -4.83 -0.84
N LEU B 81 14.27 -3.95 -0.44
CA LEU B 81 14.88 -4.06 0.89
C LEU B 81 13.85 -3.85 2.00
N MET B 82 13.00 -2.85 1.86
CA MET B 82 11.98 -2.57 2.87
C MET B 82 11.02 -3.75 3.01
N THR B 83 10.59 -4.28 1.87
CA THR B 83 9.67 -5.41 1.87
C THR B 83 10.32 -6.64 2.50
N SER B 84 11.55 -6.94 2.10
CA SER B 84 12.26 -8.09 2.64
C SER B 84 12.50 -7.97 4.14
N MET B 85 12.97 -6.81 4.58
CA MET B 85 13.24 -6.60 6.01
C MET B 85 11.96 -6.76 6.83
N LEU B 86 10.89 -6.14 6.36
CA LEU B 86 9.61 -6.21 7.06
C LEU B 86 9.11 -7.65 7.12
N ALA B 87 9.17 -8.33 5.98
CA ALA B 87 8.72 -9.71 5.90
C ALA B 87 9.49 -10.58 6.88
N ARG B 88 10.79 -10.44 6.86
CA ARG B 88 11.65 -11.22 7.75
C ARG B 88 11.28 -10.97 9.21
N GLU B 89 11.08 -9.70 9.59
CA GLU B 89 10.75 -9.38 10.97
C GLU B 89 9.43 -10.05 11.37
N LEU B 90 8.44 -9.96 10.50
CA LEU B 90 7.14 -10.56 10.78
C LEU B 90 7.28 -12.08 10.84
N ILE B 91 8.06 -12.63 9.92
CA ILE B 91 8.30 -14.07 9.91
C ILE B 91 8.95 -14.49 11.23
N THR B 92 9.86 -13.66 11.73
CA THR B 92 10.50 -13.96 13.02
C THR B 92 9.43 -14.07 14.09
N GLU B 93 8.49 -13.13 14.09
CA GLU B 93 7.40 -13.15 15.06
C GLU B 93 6.58 -14.43 14.88
N LEU B 94 6.30 -14.77 13.62
CA LEU B 94 5.54 -15.99 13.33
C LEU B 94 6.27 -17.21 13.87
N ILE B 95 7.59 -17.26 13.68
CA ILE B 95 8.36 -18.38 14.19
C ILE B 95 8.28 -18.46 15.71
N GLU B 96 8.36 -17.30 16.37
CA GLU B 96 8.25 -17.27 17.83
C GLU B 96 6.90 -17.85 18.25
N LEU B 97 5.86 -17.54 17.49
CA LEU B 97 4.52 -18.05 17.79
C LEU B 97 4.52 -19.58 17.69
N HIS B 98 5.19 -20.10 16.66
CA HIS B 98 5.27 -21.55 16.50
C HIS B 98 5.89 -22.17 17.75
N GLU B 99 6.90 -21.48 18.28
CA GLU B 99 7.55 -21.95 19.50
C GLU B 99 6.58 -21.94 20.66
N LYS B 100 5.77 -20.88 20.77
CA LYS B 100 4.79 -20.80 21.84
C LYS B 100 3.72 -21.88 21.65
N LEU B 101 3.39 -22.19 20.39
CA LEU B 101 2.42 -23.25 20.11
C LEU B 101 2.96 -24.60 20.58
N LYS B 102 4.13 -24.57 21.21
CA LYS B 102 4.77 -25.78 21.72
C LYS B 102 5.49 -26.51 20.59
N ALA B 103 4.71 -26.92 19.58
CA ALA B 103 5.25 -27.67 18.43
C ALA B 103 6.64 -27.19 18.04
N ALA C 1 11.12 19.25 -2.05
CA ALA C 1 11.16 20.74 -1.98
C ALA C 1 10.96 21.17 -0.54
N GLU C 2 11.18 22.45 -0.27
CA GLU C 2 11.04 23.02 1.08
C GLU C 2 10.10 22.22 1.98
N GLU C 3 8.81 22.51 1.89
CA GLU C 3 7.83 21.81 2.71
C GLU C 3 7.73 20.34 2.34
N LEU C 4 7.37 20.07 1.08
CA LEU C 4 7.24 18.68 0.63
C LEU C 4 8.38 17.80 1.16
N GLU C 5 9.60 18.32 1.11
CA GLU C 5 10.76 17.57 1.58
C GLU C 5 10.74 17.43 3.10
N GLU C 6 10.47 18.53 3.78
CA GLU C 6 10.41 18.52 5.24
C GLU C 6 9.19 17.70 5.68
N VAL C 7 8.12 17.78 4.89
CA VAL C 7 6.90 17.04 5.17
C VAL C 7 7.17 15.53 5.06
N VAL C 8 7.92 15.14 4.03
CA VAL C 8 8.27 13.74 3.83
C VAL C 8 9.06 13.24 5.04
N MET C 9 10.02 14.04 5.50
CA MET C 9 10.80 13.67 6.66
C MET C 9 9.87 13.40 7.84
N GLY C 10 8.88 14.29 8.01
CA GLY C 10 7.91 14.13 9.08
C GLY C 10 7.12 12.84 8.88
N LEU C 11 6.71 12.59 7.65
CA LEU C 11 5.94 11.37 7.33
C LEU C 11 6.79 10.14 7.59
N ILE C 12 8.05 10.18 7.18
CA ILE C 12 8.94 9.04 7.37
C ILE C 12 9.11 8.78 8.87
N ILE C 13 9.32 9.87 9.61
CA ILE C 13 9.47 9.76 11.06
C ILE C 13 8.16 9.23 11.66
N ASN C 14 7.05 9.81 11.22
CA ASN C 14 5.73 9.40 11.72
C ASN C 14 5.50 7.92 11.43
N SER C 15 5.79 7.51 10.19
CA SER C 15 5.63 6.11 9.81
C SER C 15 6.52 5.24 10.68
N GLY C 16 7.76 5.70 10.90
CA GLY C 16 8.70 4.95 11.73
C GLY C 16 8.18 4.84 13.16
N GLN C 17 7.67 5.95 13.70
CA GLN C 17 7.13 5.92 15.06
C GLN C 17 5.95 4.97 15.12
N ALA C 18 5.12 5.01 14.08
CA ALA C 18 3.96 4.14 14.02
C ALA C 18 4.38 2.67 14.15
N ARG C 19 5.36 2.27 13.33
CA ARG C 19 5.84 0.91 13.40
C ARG C 19 6.41 0.63 14.79
N SER C 20 7.21 1.57 15.28
CA SER C 20 7.81 1.41 16.60
C SER C 20 6.73 1.13 17.65
N LEU C 21 5.66 1.92 17.61
CA LEU C 21 4.56 1.74 18.54
C LEU C 21 3.92 0.37 18.33
N ALA C 22 3.73 0.00 17.06
CA ALA C 22 3.13 -1.29 16.73
C ALA C 22 3.96 -2.44 17.33
N TYR C 23 5.27 -2.43 17.07
CA TYR C 23 6.14 -3.47 17.64
C TYR C 23 6.05 -3.45 19.16
N ALA C 24 6.03 -2.24 19.72
CA ALA C 24 5.92 -2.11 21.17
C ALA C 24 4.59 -2.72 21.62
N ALA C 25 3.54 -2.47 20.85
CA ALA C 25 2.23 -3.03 21.16
C ALA C 25 2.31 -4.55 21.21
N LEU C 26 3.01 -5.12 20.24
CA LEU C 26 3.19 -6.57 20.18
C LEU C 26 3.95 -7.05 21.42
N LYS C 27 4.99 -6.31 21.77
CA LYS C 27 5.79 -6.66 22.94
C LYS C 27 4.90 -6.72 24.19
N GLN C 28 3.99 -5.77 24.31
CA GLN C 28 3.06 -5.75 25.44
C GLN C 28 2.26 -7.04 25.47
N ALA C 29 1.82 -7.47 24.27
CA ALA C 29 1.05 -8.70 24.16
C ALA C 29 1.85 -9.89 24.67
N LYS C 30 3.13 -9.94 24.30
CA LYS C 30 3.99 -11.02 24.76
C LYS C 30 4.07 -11.06 26.28
N GLN C 31 3.98 -9.88 26.90
CA GLN C 31 4.04 -9.80 28.36
C GLN C 31 2.67 -10.17 28.96
N GLY C 32 1.71 -10.44 28.08
CA GLY C 32 0.36 -10.83 28.53
C GLY C 32 -0.47 -9.60 28.89
N ASP C 33 -0.04 -8.43 28.44
CA ASP C 33 -0.76 -7.18 28.70
C ASP C 33 -1.63 -6.80 27.51
N PHE C 34 -2.80 -7.41 27.42
CA PHE C 34 -3.71 -7.14 26.31
C PHE C 34 -4.22 -5.70 26.34
N ALA C 35 -4.43 -5.17 27.54
CA ALA C 35 -4.94 -3.81 27.68
C ALA C 35 -3.97 -2.79 27.08
N ALA C 36 -2.71 -2.89 27.47
CA ALA C 36 -1.71 -1.96 26.96
C ALA C 36 -1.50 -2.17 25.47
N ALA C 37 -1.55 -3.42 25.02
CA ALA C 37 -1.38 -3.71 23.60
C ALA C 37 -2.48 -3.00 22.81
N LYS C 38 -3.72 -3.21 23.22
CA LYS C 38 -4.87 -2.59 22.57
C LYS C 38 -4.72 -1.07 22.49
N ALA C 39 -4.32 -0.45 23.61
CA ALA C 39 -4.16 1.00 23.65
C ALA C 39 -3.06 1.46 22.68
N MET C 40 -1.96 0.72 22.64
CA MET C 40 -0.85 1.06 21.77
C MET C 40 -1.25 0.92 20.30
N MET C 41 -2.03 -0.11 19.99
CA MET C 41 -2.48 -0.31 18.61
C MET C 41 -3.35 0.85 18.16
N ASP C 42 -4.25 1.28 19.04
CA ASP C 42 -5.17 2.36 18.72
C ASP C 42 -4.41 3.63 18.38
N GLN C 43 -3.42 3.97 19.21
CA GLN C 43 -2.61 5.16 18.97
C GLN C 43 -1.83 5.03 17.67
N SER C 44 -1.30 3.85 17.42
CA SER C 44 -0.55 3.60 16.19
C SER C 44 -1.44 3.87 14.98
N ARG C 45 -2.67 3.32 15.03
CA ARG C 45 -3.64 3.50 13.96
C ARG C 45 -3.93 4.99 13.72
N MET C 46 -4.14 5.72 14.81
CA MET C 46 -4.43 7.15 14.72
C MET C 46 -3.26 7.89 14.08
N ALA C 47 -2.04 7.51 14.47
CA ALA C 47 -0.84 8.14 13.91
C ALA C 47 -0.78 7.91 12.40
N LEU C 48 -1.08 6.68 11.98
CA LEU C 48 -1.07 6.33 10.57
C LEU C 48 -2.17 7.06 9.82
N ASN C 49 -3.34 7.15 10.45
CA ASN C 49 -4.48 7.81 9.84
C ASN C 49 -4.14 9.27 9.52
N GLU C 50 -3.51 9.95 10.47
CA GLU C 50 -3.11 11.33 10.26
C GLU C 50 -2.06 11.41 9.16
N ALA C 51 -1.13 10.47 9.19
CA ALA C 51 -0.07 10.43 8.18
C ALA C 51 -0.67 10.15 6.80
N HIS C 52 -1.58 9.19 6.74
CA HIS C 52 -2.25 8.85 5.48
C HIS C 52 -3.02 10.05 4.94
N LEU C 53 -3.69 10.78 5.83
CA LEU C 53 -4.47 11.95 5.43
C LEU C 53 -3.56 12.98 4.76
N VAL C 54 -2.39 13.20 5.35
CA VAL C 54 -1.45 14.16 4.80
C VAL C 54 -0.99 13.67 3.43
N GLN C 55 -0.69 12.38 3.32
CA GLN C 55 -0.26 11.82 2.04
C GLN C 55 -1.38 11.99 1.00
N THR C 56 -2.62 11.74 1.41
CA THR C 56 -3.76 11.88 0.48
C THR C 56 -3.70 13.25 -0.19
N LYS C 57 -3.50 14.29 0.60
CA LYS C 57 -3.40 15.64 0.05
C LYS C 57 -2.20 15.73 -0.88
N LEU C 58 -1.11 15.09 -0.49
CA LEU C 58 0.10 15.11 -1.29
C LEU C 58 -0.08 14.35 -2.61
N ILE C 59 -1.09 13.47 -2.70
CA ILE C 59 -1.33 12.76 -3.95
C ILE C 59 -2.40 13.48 -4.79
N GLU C 60 -3.38 14.10 -4.14
CA GLU C 60 -4.43 14.83 -4.87
C GLU C 60 -3.85 16.03 -5.60
N GLY C 61 -2.89 16.71 -4.98
CA GLY C 61 -2.28 17.89 -5.57
C GLY C 61 -0.83 17.62 -5.97
N ASP C 62 -0.56 16.41 -6.41
CA ASP C 62 0.79 16.03 -6.80
C ASP C 62 1.22 16.75 -8.06
N ALA C 63 0.31 17.49 -8.68
CA ALA C 63 0.63 18.24 -9.90
C ALA C 63 1.30 19.56 -9.56
N GLY C 64 1.78 20.26 -10.59
CA GLY C 64 2.43 21.56 -10.39
C GLY C 64 3.77 21.63 -11.13
N GLU C 65 4.69 20.71 -10.81
CA GLU C 65 5.99 20.70 -11.45
C GLU C 65 5.87 20.38 -12.94
N GLY C 66 4.99 19.45 -13.27
CA GLY C 66 4.80 19.05 -14.66
C GLY C 66 3.45 18.36 -14.86
N LYS C 67 3.12 18.09 -16.11
CA LYS C 67 1.85 17.44 -16.43
C LYS C 67 1.83 16.00 -15.92
N MET C 68 2.44 15.10 -16.70
CA MET C 68 2.48 13.68 -16.36
C MET C 68 3.31 13.38 -15.12
N LYS C 69 4.45 14.07 -14.97
CA LYS C 69 5.34 13.83 -13.84
C LYS C 69 4.79 14.36 -12.52
N VAL C 70 5.20 13.71 -11.43
CA VAL C 70 4.76 14.07 -10.08
C VAL C 70 5.96 14.16 -9.13
N SER C 71 5.72 14.64 -7.91
CA SER C 71 6.80 14.75 -6.93
C SER C 71 7.42 13.38 -6.68
N LEU C 72 8.74 13.30 -6.77
CA LEU C 72 9.45 12.03 -6.61
C LEU C 72 9.31 11.48 -5.19
N VAL C 73 9.40 12.39 -4.22
CA VAL C 73 9.33 12.04 -2.80
C VAL C 73 8.00 11.37 -2.44
N LEU C 74 6.99 11.51 -3.28
CA LEU C 74 5.71 10.85 -3.01
C LEU C 74 5.91 9.36 -2.78
N VAL C 75 6.83 8.80 -3.56
CA VAL C 75 7.16 7.38 -3.45
C VAL C 75 7.74 7.09 -2.08
N HIS C 76 8.75 7.95 -1.56
CA HIS C 76 9.36 7.74 -0.25
C HIS C 76 8.28 7.73 0.84
N ALA C 77 7.36 8.66 0.76
CA ALA C 77 6.30 8.74 1.76
C ALA C 77 5.35 7.56 1.62
N GLN C 78 5.01 7.20 0.38
CA GLN C 78 4.10 6.10 0.14
C GLN C 78 4.74 4.78 0.58
N LEU C 79 5.99 4.58 0.19
CA LEU C 79 6.71 3.36 0.55
C LEU C 79 6.75 3.17 2.06
N HIS C 80 7.13 4.21 2.79
CA HIS C 80 7.20 4.12 4.24
C HIS C 80 5.81 3.94 4.85
N LEU C 81 4.87 4.73 4.38
CA LEU C 81 3.50 4.67 4.89
C LEU C 81 2.85 3.31 4.59
N MET C 82 3.01 2.84 3.37
CA MET C 82 2.42 1.55 2.98
C MET C 82 3.01 0.42 3.82
N THR C 83 4.32 0.45 3.99
CA THR C 83 5.00 -0.58 4.76
C THR C 83 4.54 -0.55 6.22
N SER C 84 4.53 0.64 6.80
CA SER C 84 4.12 0.80 8.20
C SER C 84 2.67 0.37 8.42
N MET C 85 1.76 0.84 7.56
CA MET C 85 0.35 0.48 7.70
C MET C 85 0.16 -1.04 7.61
N LEU C 86 0.80 -1.65 6.63
CA LEU C 86 0.70 -3.09 6.43
C LEU C 86 1.24 -3.83 7.65
N ALA C 87 2.42 -3.42 8.10
CA ALA C 87 3.05 -4.04 9.25
C ALA C 87 2.13 -3.96 10.47
N ARG C 88 1.61 -2.77 10.71
CA ARG C 88 0.74 -2.55 11.84
C ARG C 88 -0.50 -3.47 11.77
N GLU C 89 -1.11 -3.56 10.59
CA GLU C 89 -2.29 -4.42 10.44
C GLU C 89 -1.95 -5.88 10.74
N LEU C 90 -0.82 -6.35 10.20
CA LEU C 90 -0.40 -7.72 10.44
C LEU C 90 -0.07 -7.92 11.91
N ILE C 91 0.60 -6.95 12.49
CA ILE C 91 0.95 -7.02 13.90
C ILE C 91 -0.33 -7.12 14.73
N THR C 92 -1.36 -6.39 14.32
CA THR C 92 -2.64 -6.46 15.02
C THR C 92 -3.15 -7.89 14.99
N GLU C 93 -3.06 -8.53 13.83
CA GLU C 93 -3.50 -9.92 13.70
C GLU C 93 -2.66 -10.82 14.62
N LEU C 94 -1.36 -10.56 14.63
CA LEU C 94 -0.45 -11.34 15.47
C LEU C 94 -0.84 -11.20 16.94
N ILE C 95 -1.16 -9.98 17.35
CA ILE C 95 -1.57 -9.73 18.73
C ILE C 95 -2.86 -10.51 19.05
N GLU C 96 -3.80 -10.48 18.12
CA GLU C 96 -5.05 -11.21 18.31
C GLU C 96 -4.75 -12.70 18.53
N LEU C 97 -3.78 -13.21 17.77
CA LEU C 97 -3.39 -14.61 17.91
C LEU C 97 -2.85 -14.87 19.32
N HIS C 98 -2.05 -13.94 19.83
CA HIS C 98 -1.52 -14.09 21.18
C HIS C 98 -2.68 -14.22 22.16
N GLU C 99 -3.73 -13.44 21.92
CA GLU C 99 -4.90 -13.49 22.78
C GLU C 99 -5.57 -14.87 22.68
N LYS C 100 -5.65 -15.41 21.46
CA LYS C 100 -6.25 -16.72 21.29
C LYS C 100 -5.38 -17.78 21.95
N LEU C 101 -4.05 -17.58 21.91
CA LEU C 101 -3.12 -18.52 22.55
C LEU C 101 -3.37 -18.53 24.06
N LYS C 102 -4.36 -17.76 24.51
CA LYS C 102 -4.70 -17.67 25.93
C LYS C 102 -3.78 -16.68 26.63
N ALA C 103 -2.48 -16.99 26.61
CA ALA C 103 -1.45 -16.16 27.26
C ALA C 103 -1.80 -14.67 27.21
N LYS D 1 -19.97 26.95 -1.17
CA LYS D 1 -19.08 26.05 -1.96
C LYS D 1 -19.44 24.59 -1.78
N LYS D 2 -19.77 23.94 -2.87
CA LYS D 2 -20.15 22.54 -2.84
C LYS D 2 -18.93 21.62 -2.88
N HIS D 3 -19.02 20.49 -2.19
CA HIS D 3 -17.93 19.52 -2.13
C HIS D 3 -18.12 18.37 -3.08
N ILE D 4 -17.20 18.26 -4.03
CA ILE D 4 -17.22 17.18 -4.99
C ILE D 4 -16.07 16.24 -4.61
N TYR D 5 -16.39 15.03 -4.18
CA TYR D 5 -15.38 14.06 -3.78
C TYR D 5 -15.33 12.90 -4.76
N LEU D 6 -14.13 12.60 -5.26
CA LEU D 6 -13.90 11.48 -6.19
C LEU D 6 -13.25 10.35 -5.40
N PHE D 7 -13.57 9.08 -5.75
CA PHE D 7 -12.87 7.96 -5.12
C PHE D 7 -12.21 7.05 -6.15
N CYS D 8 -11.07 6.43 -5.72
CA CYS D 8 -10.31 5.42 -6.44
C CYS D 8 -9.55 4.54 -5.46
N SER D 9 -8.66 3.65 -5.85
CA SER D 9 -8.08 2.82 -4.79
C SER D 9 -7.20 3.64 -3.87
N ALA D 10 -6.20 4.39 -4.38
CA ALA D 10 -5.29 5.11 -3.51
C ALA D 10 -5.57 6.60 -3.58
N GLY D 11 -5.92 7.10 -4.77
CA GLY D 11 -6.21 8.50 -4.97
C GLY D 11 -5.17 9.19 -5.84
N MET D 12 -4.49 8.47 -6.72
CA MET D 12 -3.47 9.09 -7.57
C MET D 12 -3.98 9.30 -9.00
N SER D 13 -4.08 8.25 -9.74
CA SER D 13 -4.51 8.37 -11.14
C SER D 13 -5.72 9.29 -11.28
N THR D 14 -6.46 9.50 -10.19
CA THR D 14 -7.62 10.37 -10.31
C THR D 14 -7.22 11.77 -9.88
N SER D 15 -6.09 11.83 -9.22
CA SER D 15 -5.48 13.09 -8.76
C SER D 15 -5.20 14.03 -9.93
N LEU D 16 -4.82 13.46 -11.06
CA LEU D 16 -4.55 14.26 -12.24
C LEU D 16 -5.88 14.86 -12.76
N LEU D 17 -6.96 14.07 -12.72
CA LEU D 17 -8.28 14.55 -13.14
C LEU D 17 -8.75 15.68 -12.19
N VAL D 18 -8.54 15.48 -10.88
CA VAL D 18 -8.91 16.50 -9.89
C VAL D 18 -8.18 17.83 -10.15
N SER D 19 -6.89 17.79 -10.47
CA SER D 19 -6.17 19.03 -10.74
C SER D 19 -6.73 19.77 -11.98
N LYS D 20 -7.12 19.03 -13.02
CA LYS D 20 -7.71 19.66 -14.20
C LYS D 20 -9.12 20.20 -13.91
N MET D 21 -9.87 19.50 -13.07
CA MET D 21 -11.22 20.00 -12.73
C MET D 21 -11.08 21.31 -11.94
N ARG D 22 -10.13 21.39 -11.02
CA ARG D 22 -9.91 22.60 -10.21
C ARG D 22 -9.56 23.79 -11.12
N ALA D 23 -8.79 23.54 -12.18
CA ALA D 23 -8.39 24.59 -13.11
C ALA D 23 -9.63 25.14 -13.81
N GLN D 24 -10.50 24.24 -14.24
CA GLN D 24 -11.72 24.61 -14.91
C GLN D 24 -12.67 25.35 -14.00
N ALA D 25 -12.80 24.88 -12.77
CA ALA D 25 -13.69 25.53 -11.80
C ALA D 25 -13.24 26.96 -11.55
N GLU D 26 -11.93 27.20 -11.60
CA GLU D 26 -11.39 28.54 -11.36
C GLU D 26 -11.65 29.43 -12.57
N LYS D 27 -11.43 28.88 -13.76
CA LYS D 27 -11.63 29.59 -14.99
C LYS D 27 -13.07 30.10 -15.12
N TYR D 28 -14.05 29.29 -14.72
CA TYR D 28 -15.48 29.69 -14.80
C TYR D 28 -16.13 30.10 -13.49
N GLU D 29 -15.33 30.35 -12.46
CA GLU D 29 -15.81 30.78 -11.15
C GLU D 29 -16.89 29.89 -10.51
N VAL D 30 -16.76 28.58 -10.66
CA VAL D 30 -17.70 27.63 -10.08
C VAL D 30 -17.27 27.48 -8.62
N PRO D 31 -18.19 27.73 -7.67
CA PRO D 31 -17.91 27.64 -6.23
C PRO D 31 -17.93 26.21 -5.68
N VAL D 32 -16.88 25.46 -6.01
CA VAL D 32 -16.75 24.08 -5.57
C VAL D 32 -15.38 23.76 -5.01
N ILE D 33 -15.35 22.75 -4.14
CA ILE D 33 -14.13 22.22 -3.55
C ILE D 33 -14.09 20.77 -4.09
N ILE D 34 -12.98 20.40 -4.71
CA ILE D 34 -12.79 19.07 -5.32
C ILE D 34 -11.61 18.31 -4.66
N GLU D 35 -11.86 17.09 -4.18
CA GLU D 35 -10.83 16.27 -3.52
C GLU D 35 -10.93 14.82 -4.00
N ALA D 36 -9.78 14.14 -4.09
CA ALA D 36 -9.71 12.73 -4.50
C ALA D 36 -9.34 11.92 -3.25
N PHE D 37 -9.93 10.74 -3.09
CA PHE D 37 -9.64 9.87 -1.95
C PHE D 37 -9.66 8.44 -2.43
N PRO D 38 -9.08 7.53 -1.64
CA PRO D 38 -9.07 6.11 -2.02
C PRO D 38 -10.49 5.61 -1.70
N GLU D 39 -10.91 4.54 -2.35
CA GLU D 39 -12.24 3.96 -2.13
C GLU D 39 -12.51 3.54 -0.69
N THR D 40 -11.46 3.29 0.09
CA THR D 40 -11.63 2.88 1.48
C THR D 40 -12.26 3.95 2.37
N LEU D 41 -12.19 5.21 1.94
CA LEU D 41 -12.77 6.32 2.70
C LEU D 41 -14.15 6.77 2.20
N ALA D 42 -14.74 6.07 1.21
CA ALA D 42 -16.05 6.45 0.63
C ALA D 42 -17.14 6.64 1.68
N GLY D 43 -17.12 5.80 2.71
CA GLY D 43 -18.13 5.91 3.75
C GLY D 43 -17.81 6.98 4.77
N GLU D 44 -16.53 7.16 5.08
CA GLU D 44 -16.15 8.15 6.07
C GLU D 44 -16.16 9.59 5.49
N LYS D 45 -15.52 9.77 4.34
CA LYS D 45 -15.46 11.08 3.70
C LYS D 45 -16.73 11.45 2.92
N GLY D 46 -17.38 10.46 2.32
CA GLY D 46 -18.60 10.70 1.55
C GLY D 46 -19.69 11.43 2.29
N GLN D 47 -19.77 11.23 3.60
CA GLN D 47 -20.79 11.89 4.43
C GLN D 47 -20.74 13.42 4.34
N ASN D 48 -19.59 13.97 3.95
CA ASN D 48 -19.43 15.41 3.87
C ASN D 48 -19.45 15.95 2.45
N ALA D 49 -19.66 15.08 1.48
CA ALA D 49 -19.67 15.54 0.10
C ALA D 49 -21.06 15.97 -0.30
N ASP D 50 -21.11 16.82 -1.31
CA ASP D 50 -22.38 17.25 -1.83
C ASP D 50 -22.73 16.32 -2.99
N VAL D 51 -21.69 15.73 -3.60
CA VAL D 51 -21.88 14.75 -4.67
C VAL D 51 -20.68 13.78 -4.61
N VAL D 52 -20.98 12.49 -4.70
CA VAL D 52 -19.97 11.44 -4.66
C VAL D 52 -19.78 10.85 -6.06
N LEU D 53 -18.55 10.92 -6.57
CA LEU D 53 -18.24 10.38 -7.88
C LEU D 53 -17.30 9.18 -7.73
N LEU D 54 -17.60 8.08 -8.42
CA LEU D 54 -16.75 6.88 -8.36
C LEU D 54 -15.96 6.73 -9.63
N GLY D 55 -14.69 6.35 -9.51
CA GLY D 55 -13.84 6.18 -10.68
C GLY D 55 -14.39 5.02 -11.49
N PRO D 56 -14.13 4.94 -12.76
CA PRO D 56 -14.66 3.84 -13.62
C PRO D 56 -14.22 2.43 -13.18
N GLN D 57 -13.07 2.31 -12.54
CA GLN D 57 -12.57 1.02 -12.08
C GLN D 57 -13.39 0.49 -10.90
N ILE D 58 -14.04 1.38 -10.15
CA ILE D 58 -14.82 0.94 -9.01
C ILE D 58 -16.34 1.02 -9.23
N ALA D 59 -16.75 0.99 -10.49
CA ALA D 59 -18.17 1.04 -10.83
C ALA D 59 -18.94 -0.11 -10.19
N TYR D 60 -18.34 -1.30 -10.13
CA TYR D 60 -19.04 -2.44 -9.55
C TYR D 60 -19.46 -2.21 -8.09
N MET D 61 -18.84 -1.23 -7.44
CA MET D 61 -19.15 -0.89 -6.05
C MET D 61 -20.33 0.08 -5.87
N LEU D 62 -20.89 0.58 -6.97
CA LEU D 62 -21.99 1.54 -6.90
C LEU D 62 -23.13 1.19 -5.93
N PRO D 63 -23.73 -0.02 -6.05
CA PRO D 63 -24.82 -0.37 -5.12
C PRO D 63 -24.43 -0.30 -3.65
N GLU D 64 -23.22 -0.72 -3.30
CA GLU D 64 -22.77 -0.68 -1.91
C GLU D 64 -22.60 0.74 -1.42
N ILE D 65 -22.02 1.59 -2.25
CA ILE D 65 -21.83 2.99 -1.85
C ILE D 65 -23.16 3.74 -1.71
N GLN D 66 -24.12 3.42 -2.59
CA GLN D 66 -25.46 4.00 -2.52
C GLN D 66 -26.13 3.64 -1.18
N ARG D 67 -26.00 2.39 -0.73
CA ARG D 67 -26.60 1.98 0.55
C ARG D 67 -25.89 2.63 1.74
N LEU D 68 -24.60 2.88 1.59
CA LEU D 68 -23.77 3.49 2.64
C LEU D 68 -24.11 4.97 2.82
N LEU D 69 -24.39 5.65 1.70
CA LEU D 69 -24.73 7.09 1.68
C LEU D 69 -26.11 7.27 1.01
N PRO D 70 -27.20 6.87 1.69
CA PRO D 70 -28.55 6.99 1.13
C PRO D 70 -29.03 8.44 0.93
N ASN D 71 -28.35 9.38 1.56
CA ASN D 71 -28.75 10.79 1.44
C ASN D 71 -27.82 11.63 0.57
N LYS D 72 -27.08 10.99 -0.33
CA LYS D 72 -26.14 11.69 -1.21
C LYS D 72 -26.26 11.20 -2.63
N PRO D 73 -26.13 12.10 -3.63
CA PRO D 73 -26.21 11.62 -5.02
C PRO D 73 -24.85 10.97 -5.27
N VAL D 74 -24.87 9.73 -5.75
CA VAL D 74 -23.64 8.96 -6.02
C VAL D 74 -23.64 8.48 -7.46
N GLU D 75 -22.58 8.72 -8.19
CA GLU D 75 -22.53 8.22 -9.55
C GLU D 75 -21.13 7.95 -10.07
N VAL D 76 -21.06 7.12 -11.10
CA VAL D 76 -19.80 6.72 -11.71
C VAL D 76 -19.40 7.72 -12.78
N ILE D 77 -18.11 8.03 -12.84
CA ILE D 77 -17.58 8.96 -13.83
C ILE D 77 -17.54 8.27 -15.17
N ASP D 78 -17.96 8.97 -16.21
CA ASP D 78 -17.94 8.40 -17.55
C ASP D 78 -16.51 7.95 -17.89
N SER D 79 -16.33 6.69 -18.28
CA SER D 79 -14.99 6.17 -18.58
C SER D 79 -14.18 6.90 -19.65
N LEU D 80 -14.87 7.44 -20.65
CA LEU D 80 -14.19 8.17 -21.73
C LEU D 80 -13.73 9.53 -21.23
N LEU D 81 -14.58 10.18 -20.45
CA LEU D 81 -14.26 11.49 -19.90
C LEU D 81 -13.10 11.33 -18.94
N TYR D 82 -13.10 10.21 -18.22
CA TYR D 82 -12.04 9.90 -17.25
C TYR D 82 -10.71 9.58 -17.95
N GLY D 83 -10.75 8.68 -18.92
CA GLY D 83 -9.54 8.32 -19.64
C GLY D 83 -8.87 9.50 -20.31
N LYS D 84 -9.68 10.37 -20.87
CA LYS D 84 -9.22 11.56 -21.59
C LYS D 84 -8.79 12.70 -20.65
N VAL D 85 -9.07 12.52 -19.35
CA VAL D 85 -8.77 13.52 -18.31
C VAL D 85 -9.47 14.86 -18.61
N ASP D 86 -10.76 14.77 -18.94
CA ASP D 86 -11.57 15.95 -19.28
C ASP D 86 -12.09 16.63 -18.03
N GLY D 87 -11.29 17.56 -17.51
CA GLY D 87 -11.64 18.31 -16.31
C GLY D 87 -12.94 19.07 -16.45
N LEU D 88 -13.16 19.73 -17.60
CA LEU D 88 -14.39 20.49 -17.80
C LEU D 88 -15.63 19.58 -17.87
N GLY D 89 -15.50 18.50 -18.64
CA GLY D 89 -16.59 17.56 -18.81
C GLY D 89 -17.07 16.91 -17.53
N VAL D 90 -16.12 16.49 -16.69
CA VAL D 90 -16.48 15.84 -15.42
C VAL D 90 -17.04 16.88 -14.45
N LEU D 91 -16.47 18.08 -14.49
CA LEU D 91 -16.97 19.15 -13.63
C LEU D 91 -18.46 19.39 -14.00
N LYS D 92 -18.76 19.42 -15.30
CA LYS D 92 -20.15 19.61 -15.75
C LYS D 92 -21.09 18.52 -15.24
N ALA D 93 -20.64 17.27 -15.30
CA ALA D 93 -21.47 16.14 -14.85
C ALA D 93 -21.76 16.21 -13.35
N ALA D 94 -20.78 16.72 -12.60
CA ALA D 94 -20.90 16.82 -11.15
C ALA D 94 -21.90 17.90 -10.75
N VAL D 95 -21.80 19.06 -11.40
CA VAL D 95 -22.72 20.17 -11.13
C VAL D 95 -24.13 19.69 -11.49
N ALA D 96 -24.25 18.98 -12.61
CA ALA D 96 -25.54 18.45 -13.04
C ALA D 96 -26.13 17.51 -11.99
N ALA D 97 -25.33 16.57 -11.49
CA ALA D 97 -25.85 15.64 -10.49
C ALA D 97 -26.36 16.40 -9.26
N ILE D 98 -25.70 17.51 -8.93
CA ILE D 98 -26.12 18.32 -7.78
C ILE D 98 -27.46 19.01 -8.03
N LYS D 99 -27.63 19.58 -9.24
CA LYS D 99 -28.87 20.26 -9.62
C LYS D 99 -30.01 19.26 -9.71
N LYS D 100 -29.80 18.19 -10.45
CA LYS D 100 -30.83 17.18 -10.59
C LYS D 100 -31.20 16.60 -9.22
N ALA D 101 -30.34 16.79 -8.23
CA ALA D 101 -30.58 16.28 -6.88
C ALA D 101 -31.37 17.24 -6.00
N ALA D 102 -31.14 18.54 -6.18
CA ALA D 102 -31.83 19.57 -5.43
C ALA D 102 -33.22 19.88 -6.02
N ALA D 103 -33.60 19.13 -7.06
CA ALA D 103 -34.88 19.29 -7.72
C ALA D 103 -35.05 18.26 -8.85
P PO3 E . -4.84 5.41 -7.18
O1 PO3 E . -5.32 3.99 -6.94
O2 PO3 E . -4.78 5.98 -8.57
O3 PO3 E . -4.23 6.19 -6.03
N ALA A 1 0.74 7.29 -18.60
CA ALA A 1 0.24 7.59 -19.96
C ALA A 1 -1.09 6.86 -20.17
N GLU A 2 -1.77 7.18 -21.26
CA GLU A 2 -3.08 6.58 -21.60
C GLU A 2 -3.28 5.20 -20.95
N GLU A 3 -2.80 4.17 -21.63
CA GLU A 3 -2.95 2.80 -21.13
C GLU A 3 -2.16 2.60 -19.84
N LEU A 4 -0.84 2.78 -19.91
CA LEU A 4 0.01 2.60 -18.74
C LEU A 4 -0.63 3.20 -17.48
N GLU A 5 -1.21 4.38 -17.61
CA GLU A 5 -1.84 5.05 -16.47
C GLU A 5 -3.12 4.34 -16.08
N GLU A 6 -3.94 4.01 -17.07
CA GLU A 6 -5.19 3.30 -16.82
C GLU A 6 -4.88 1.88 -16.34
N VAL A 7 -3.80 1.31 -16.88
CA VAL A 7 -3.37 -0.03 -16.50
C VAL A 7 -2.93 -0.05 -15.03
N VAL A 8 -2.20 0.99 -14.63
CA VAL A 8 -1.73 1.10 -13.25
C VAL A 8 -2.95 1.16 -12.33
N MET A 9 -3.95 1.96 -12.70
CA MET A 9 -5.17 2.06 -11.90
C MET A 9 -5.77 0.67 -11.73
N GLY A 10 -5.81 -0.09 -12.82
CA GLY A 10 -6.34 -1.45 -12.77
C GLY A 10 -5.49 -2.31 -11.83
N LEU A 11 -4.17 -2.17 -11.95
CA LEU A 11 -3.26 -2.93 -11.10
C LEU A 11 -3.45 -2.56 -9.64
N ILE A 12 -3.57 -1.27 -9.37
CA ILE A 12 -3.76 -0.80 -8.00
C ILE A 12 -5.06 -1.36 -7.46
N ILE A 13 -6.11 -1.29 -8.26
CA ILE A 13 -7.40 -1.82 -7.85
C ILE A 13 -7.30 -3.33 -7.65
N ASN A 14 -6.65 -4.01 -8.60
CA ASN A 14 -6.47 -5.45 -8.53
C ASN A 14 -5.71 -5.82 -7.26
N SER A 15 -4.61 -5.11 -7.03
CA SER A 15 -3.81 -5.35 -5.83
C SER A 15 -4.65 -5.14 -4.57
N GLY A 16 -5.44 -4.06 -4.60
CA GLY A 16 -6.32 -3.75 -3.47
C GLY A 16 -7.35 -4.86 -3.26
N GLN A 17 -7.95 -5.32 -4.36
CA GLN A 17 -8.94 -6.40 -4.27
C GLN A 17 -8.27 -7.65 -3.72
N ALA A 18 -7.05 -7.92 -4.18
CA ALA A 18 -6.31 -9.09 -3.72
C ALA A 18 -6.15 -9.04 -2.21
N ARG A 19 -5.70 -7.91 -1.69
CA ARG A 19 -5.55 -7.77 -0.25
C ARG A 19 -6.90 -7.95 0.43
N SER A 20 -7.91 -7.28 -0.11
CA SER A 20 -9.25 -7.36 0.44
C SER A 20 -9.68 -8.83 0.57
N LEU A 21 -9.47 -9.59 -0.49
CA LEU A 21 -9.81 -11.01 -0.48
C LEU A 21 -8.97 -11.74 0.58
N ALA A 22 -7.69 -11.40 0.63
CA ALA A 22 -6.79 -12.03 1.60
C ALA A 22 -7.30 -11.80 3.03
N TYR A 23 -7.59 -10.55 3.38
CA TYR A 23 -8.10 -10.25 4.72
C TYR A 23 -9.41 -11.00 4.93
N ALA A 24 -10.25 -11.03 3.90
CA ALA A 24 -11.51 -11.73 3.99
C ALA A 24 -11.24 -13.22 4.25
N ALA A 25 -10.23 -13.75 3.56
CA ALA A 25 -9.84 -15.14 3.75
C ALA A 25 -9.48 -15.38 5.21
N LEU A 26 -8.72 -14.46 5.78
CA LEU A 26 -8.32 -14.57 7.18
C LEU A 26 -9.56 -14.55 8.07
N LYS A 27 -10.48 -13.64 7.77
CA LYS A 27 -11.71 -13.53 8.54
C LYS A 27 -12.45 -14.87 8.56
N GLN A 28 -12.48 -15.54 7.41
CA GLN A 28 -13.15 -16.84 7.31
C GLN A 28 -12.48 -17.81 8.28
N ALA A 29 -11.15 -17.75 8.35
CA ALA A 29 -10.39 -18.62 9.24
C ALA A 29 -10.80 -18.38 10.69
N LYS A 30 -10.95 -17.12 11.05
CA LYS A 30 -11.36 -16.77 12.41
C LYS A 30 -12.72 -17.37 12.73
N GLN A 31 -13.58 -17.50 11.72
CA GLN A 31 -14.89 -18.08 11.93
C GLN A 31 -14.80 -19.60 11.96
N GLY A 32 -13.60 -20.12 11.77
CA GLY A 32 -13.37 -21.56 11.81
C GLY A 32 -13.71 -22.21 10.47
N ASP A 33 -13.83 -21.40 9.43
CA ASP A 33 -14.15 -21.90 8.09
C ASP A 33 -12.88 -22.06 7.26
N PHE A 34 -12.18 -23.18 7.47
CA PHE A 34 -10.93 -23.42 6.73
C PHE A 34 -11.18 -23.60 5.24
N ALA A 35 -12.31 -24.21 4.89
CA ALA A 35 -12.63 -24.46 3.49
C ALA A 35 -12.77 -23.14 2.72
N ALA A 36 -13.56 -22.23 3.26
CA ALA A 36 -13.76 -20.95 2.60
C ALA A 36 -12.46 -20.14 2.60
N ALA A 37 -11.70 -20.23 3.68
CA ALA A 37 -10.43 -19.52 3.75
C ALA A 37 -9.52 -19.99 2.60
N LYS A 38 -9.36 -21.30 2.49
CA LYS A 38 -8.53 -21.90 1.45
C LYS A 38 -8.96 -21.42 0.06
N ALA A 39 -10.26 -21.45 -0.21
CA ALA A 39 -10.77 -21.03 -1.51
C ALA A 39 -10.47 -19.57 -1.79
N MET A 40 -10.61 -18.74 -0.76
CA MET A 40 -10.36 -17.30 -0.90
C MET A 40 -8.88 -17.03 -1.18
N MET A 41 -7.98 -17.76 -0.50
CA MET A 41 -6.55 -17.56 -0.72
C MET A 41 -6.19 -17.92 -2.15
N ASP A 42 -6.77 -19.01 -2.65
CA ASP A 42 -6.47 -19.48 -3.99
C ASP A 42 -6.83 -18.42 -5.02
N GLN A 43 -8.03 -17.87 -4.88
CA GLN A 43 -8.48 -16.82 -5.80
C GLN A 43 -7.61 -15.59 -5.67
N SER A 44 -7.25 -15.24 -4.44
CA SER A 44 -6.40 -14.08 -4.20
C SER A 44 -5.06 -14.28 -4.91
N ARG A 45 -4.49 -15.47 -4.78
CA ARG A 45 -3.22 -15.82 -5.43
C ARG A 45 -3.32 -15.66 -6.95
N MET A 46 -4.40 -16.18 -7.51
CA MET A 46 -4.63 -16.11 -8.95
C MET A 46 -4.72 -14.65 -9.40
N ALA A 47 -5.41 -13.83 -8.62
CA ALA A 47 -5.56 -12.41 -8.94
C ALA A 47 -4.19 -11.74 -9.00
N LEU A 48 -3.35 -12.05 -8.02
CA LEU A 48 -2.00 -11.49 -7.95
C LEU A 48 -1.15 -11.98 -9.12
N ASN A 49 -1.29 -13.26 -9.41
CA ASN A 49 -0.51 -13.87 -10.48
C ASN A 49 -0.77 -13.15 -11.80
N GLU A 50 -2.04 -12.89 -12.07
CA GLU A 50 -2.41 -12.17 -13.29
C GLU A 50 -1.86 -10.75 -13.23
N ALA A 51 -1.97 -10.13 -12.05
CA ALA A 51 -1.47 -8.77 -11.87
C ALA A 51 0.06 -8.75 -12.05
N HIS A 52 0.73 -9.71 -11.44
CA HIS A 52 2.19 -9.81 -11.54
C HIS A 52 2.61 -10.01 -13.00
N LEU A 53 1.86 -10.83 -13.72
CA LEU A 53 2.16 -11.11 -15.12
C LEU A 53 2.11 -9.82 -15.93
N VAL A 54 1.08 -9.02 -15.68
CA VAL A 54 0.94 -7.75 -16.38
C VAL A 54 2.11 -6.84 -16.04
N GLN A 55 2.46 -6.79 -14.76
CA GLN A 55 3.59 -5.96 -14.34
C GLN A 55 4.88 -6.45 -15.01
N THR A 56 5.08 -7.76 -15.08
CA THR A 56 6.28 -8.32 -15.72
C THR A 56 6.46 -7.71 -17.11
N LYS A 57 5.37 -7.66 -17.88
CA LYS A 57 5.43 -7.06 -19.22
C LYS A 57 5.76 -5.59 -19.10
N LEU A 58 5.18 -4.94 -18.10
CA LEU A 58 5.43 -3.52 -17.90
C LEU A 58 6.87 -3.24 -17.48
N ILE A 59 7.58 -4.25 -16.98
CA ILE A 59 8.99 -4.06 -16.60
C ILE A 59 9.93 -4.47 -17.76
N GLU A 60 9.55 -5.49 -18.53
CA GLU A 60 10.37 -5.95 -19.66
C GLU A 60 10.46 -4.88 -20.74
N GLY A 61 9.34 -4.20 -21.01
CA GLY A 61 9.31 -3.17 -22.03
C GLY A 61 9.20 -1.78 -21.42
N ASP A 62 9.80 -1.60 -20.24
CA ASP A 62 9.75 -0.32 -19.54
C ASP A 62 10.49 0.78 -20.32
N ALA A 63 11.17 0.39 -21.40
CA ALA A 63 11.90 1.36 -22.21
C ALA A 63 10.97 2.06 -23.19
N GLY A 64 11.49 3.07 -23.89
CA GLY A 64 10.68 3.81 -24.86
C GLY A 64 10.81 5.32 -24.66
N GLU A 65 10.45 5.80 -23.47
CA GLU A 65 10.53 7.23 -23.19
C GLU A 65 11.97 7.72 -23.18
N GLY A 66 12.86 6.90 -22.64
CA GLY A 66 14.28 7.27 -22.58
C GLY A 66 15.15 6.04 -22.36
N LYS A 67 16.47 6.25 -22.44
CA LYS A 67 17.41 5.15 -22.27
C LYS A 67 17.39 4.63 -20.82
N MET A 68 18.11 5.32 -19.94
CA MET A 68 18.20 4.93 -18.54
C MET A 68 16.88 5.05 -17.79
N LYS A 69 16.13 6.12 -18.08
CA LYS A 69 14.87 6.35 -17.37
C LYS A 69 13.76 5.39 -17.80
N VAL A 70 12.84 5.14 -16.87
CA VAL A 70 11.71 4.23 -17.10
C VAL A 70 10.41 4.88 -16.65
N SER A 71 9.28 4.23 -16.95
CA SER A 71 7.98 4.77 -16.55
C SER A 71 7.94 4.91 -15.03
N LEU A 72 7.54 6.10 -14.57
CA LEU A 72 7.48 6.40 -13.14
C LEU A 72 6.43 5.55 -12.41
N VAL A 73 5.30 5.39 -13.07
CA VAL A 73 4.18 4.62 -12.52
C VAL A 73 4.55 3.16 -12.22
N LEU A 74 5.60 2.68 -12.85
CA LEU A 74 6.02 1.30 -12.64
C LEU A 74 6.16 0.99 -11.16
N VAL A 75 6.58 2.01 -10.42
CA VAL A 75 6.80 1.86 -8.99
C VAL A 75 5.45 1.77 -8.28
N HIS A 76 4.24 2.81 -8.66
CA HIS A 76 2.87 2.81 -8.08
C HIS A 76 2.27 1.42 -8.16
N ALA A 77 2.61 0.70 -9.23
CA ALA A 77 2.13 -0.66 -9.42
C ALA A 77 2.99 -1.65 -8.64
N GLN A 78 4.32 -1.50 -8.71
CA GLN A 78 5.22 -2.41 -8.01
C GLN A 78 5.00 -2.32 -6.51
N LEU A 79 4.96 -1.09 -6.01
CA LEU A 79 4.72 -0.86 -4.59
C LEU A 79 3.44 -1.54 -4.13
N HIS A 80 2.35 -1.32 -4.85
CA HIS A 80 1.08 -1.91 -4.47
C HIS A 80 1.12 -3.44 -4.62
N LEU A 81 1.65 -3.90 -5.74
CA LEU A 81 1.74 -5.34 -5.99
C LEU A 81 2.64 -6.04 -4.98
N MET A 82 3.80 -5.45 -4.70
CA MET A 82 4.74 -6.05 -3.75
C MET A 82 4.11 -6.14 -2.37
N THR A 83 3.46 -5.05 -1.96
CA THR A 83 2.81 -5.00 -0.65
C THR A 83 1.69 -6.04 -0.56
N SER A 84 0.84 -6.07 -1.58
CA SER A 84 -0.29 -7.01 -1.61
C SER A 84 0.20 -8.46 -1.60
N MET A 85 1.16 -8.78 -2.45
CA MET A 85 1.69 -10.14 -2.51
C MET A 85 2.26 -10.57 -1.18
N LEU A 86 3.07 -9.70 -0.59
CA LEU A 86 3.68 -10.00 0.70
C LEU A 86 2.61 -10.19 1.78
N ALA A 87 1.64 -9.28 1.79
CA ALA A 87 0.56 -9.36 2.76
C ALA A 87 -0.15 -10.70 2.67
N ARG A 88 -0.49 -11.10 1.47
CA ARG A 88 -1.18 -12.37 1.27
C ARG A 88 -0.35 -13.55 1.78
N GLU A 89 0.93 -13.57 1.45
CA GLU A 89 1.77 -14.67 1.88
C GLU A 89 1.79 -14.78 3.39
N LEU A 90 1.95 -13.65 4.06
CA LEU A 90 1.96 -13.64 5.51
C LEU A 90 0.58 -14.03 6.05
N ILE A 91 -0.46 -13.51 5.42
CA ILE A 91 -1.82 -13.85 5.84
C ILE A 91 -2.03 -15.35 5.69
N THR A 92 -1.50 -15.92 4.61
CA THR A 92 -1.60 -17.37 4.40
C THR A 92 -0.98 -18.10 5.59
N GLU A 93 0.20 -17.64 6.01
CA GLU A 93 0.88 -18.23 7.16
C GLU A 93 0.02 -18.08 8.40
N LEU A 94 -0.57 -16.89 8.56
CA LEU A 94 -1.43 -16.62 9.72
C LEU A 94 -2.62 -17.59 9.71
N ILE A 95 -3.20 -17.80 8.55
CA ILE A 95 -4.34 -18.73 8.44
C ILE A 95 -3.90 -20.14 8.83
N GLU A 96 -2.72 -20.56 8.36
CA GLU A 96 -2.22 -21.88 8.71
C GLU A 96 -2.08 -22.00 10.22
N LEU A 97 -1.64 -20.91 10.87
CA LEU A 97 -1.51 -20.92 12.32
C LEU A 97 -2.88 -21.12 12.98
N HIS A 98 -3.89 -20.46 12.44
CA HIS A 98 -5.25 -20.62 12.98
C HIS A 98 -5.63 -22.08 12.92
N GLU A 99 -5.25 -22.75 11.84
CA GLU A 99 -5.55 -24.17 11.68
C GLU A 99 -4.81 -24.98 12.74
N LYS A 100 -3.56 -24.62 13.01
CA LYS A 100 -2.79 -25.32 14.02
C LYS A 100 -3.39 -25.06 15.41
N LEU A 101 -3.92 -23.84 15.61
CA LEU A 101 -4.56 -23.49 16.88
C LEU A 101 -5.80 -24.37 17.09
N LYS A 102 -6.02 -25.30 16.15
CA LYS A 102 -7.18 -26.20 16.21
C LYS A 102 -8.43 -25.52 15.71
N ALA A 103 -8.82 -24.42 16.39
CA ALA A 103 -10.03 -23.67 16.04
C ALA A 103 -10.30 -23.65 14.53
N ALA B 1 22.66 3.11 -13.51
CA ALA B 1 23.97 3.34 -14.19
C ALA B 1 24.86 2.13 -13.94
N GLU B 2 26.00 2.08 -14.64
CA GLU B 2 26.95 0.97 -14.53
C GLU B 2 26.86 0.24 -13.18
N GLU B 3 27.57 0.74 -12.19
CA GLU B 3 27.58 0.13 -10.87
C GLU B 3 26.22 0.21 -10.20
N LEU B 4 25.72 1.44 -10.02
CA LEU B 4 24.42 1.61 -9.38
C LEU B 4 23.38 0.61 -9.91
N GLU B 5 23.37 0.41 -11.22
CA GLU B 5 22.42 -0.52 -11.83
C GLU B 5 22.76 -1.95 -11.47
N GLU B 6 24.03 -2.30 -11.57
CA GLU B 6 24.50 -3.63 -11.23
C GLU B 6 24.38 -3.85 -9.73
N VAL B 7 24.60 -2.79 -8.97
CA VAL B 7 24.51 -2.85 -7.52
C VAL B 7 23.05 -3.11 -7.10
N VAL B 8 22.12 -2.44 -7.77
CA VAL B 8 20.69 -2.63 -7.49
C VAL B 8 20.33 -4.08 -7.74
N MET B 9 20.80 -4.63 -8.86
CA MET B 9 20.52 -6.03 -9.18
C MET B 9 21.01 -6.91 -8.03
N GLY B 10 22.21 -6.62 -7.53
CA GLY B 10 22.75 -7.37 -6.41
C GLY B 10 21.86 -7.21 -5.19
N LEU B 11 21.44 -5.98 -4.93
CA LEU B 11 20.56 -5.70 -3.79
C LEU B 11 19.24 -6.44 -3.93
N ILE B 12 18.67 -6.41 -5.13
CA ILE B 12 17.40 -7.09 -5.38
C ILE B 12 17.57 -8.58 -5.14
N ILE B 13 18.66 -9.12 -5.68
CA ILE B 13 18.94 -10.54 -5.50
C ILE B 13 19.17 -10.83 -4.02
N ASN B 14 19.95 -9.98 -3.36
CA ASN B 14 20.24 -10.16 -1.94
C ASN B 14 18.94 -10.10 -1.13
N SER B 15 18.11 -9.11 -1.42
CA SER B 15 16.83 -8.99 -0.74
C SER B 15 15.98 -10.23 -0.97
N GLY B 16 15.99 -10.71 -2.22
CA GLY B 16 15.23 -11.91 -2.57
C GLY B 16 15.76 -13.12 -1.81
N GLN B 17 17.08 -13.25 -1.75
CA GLN B 17 17.68 -14.37 -1.03
C GLN B 17 17.31 -14.28 0.45
N ALA B 18 17.35 -13.06 0.98
CA ALA B 18 17.00 -12.84 2.37
C ALA B 18 15.60 -13.36 2.66
N ARG B 19 14.64 -12.97 1.84
CA ARG B 19 13.27 -13.44 2.02
C ARG B 19 13.24 -14.96 1.90
N SER B 20 13.90 -15.47 0.86
CA SER B 20 13.94 -16.91 0.64
C SER B 20 14.41 -17.63 1.89
N LEU B 21 15.50 -17.13 2.48
CA LEU B 21 16.04 -17.73 3.71
C LEU B 21 15.01 -17.60 4.83
N ALA B 22 14.37 -16.44 4.93
CA ALA B 22 13.37 -16.20 5.97
C ALA B 22 12.24 -17.23 5.85
N TYR B 23 11.67 -17.38 4.65
CA TYR B 23 10.60 -18.36 4.46
C TYR B 23 11.12 -19.75 4.79
N ALA B 24 12.36 -20.04 4.38
CA ALA B 24 12.95 -21.33 4.67
C ALA B 24 13.06 -21.49 6.19
N ALA B 25 13.43 -20.41 6.87
CA ALA B 25 13.53 -20.43 8.33
C ALA B 25 12.18 -20.80 8.92
N LEU B 26 11.12 -20.21 8.39
CA LEU B 26 9.78 -20.50 8.86
C LEU B 26 9.45 -21.97 8.62
N LYS B 27 9.80 -22.46 7.44
CA LYS B 27 9.55 -23.86 7.11
C LYS B 27 10.21 -24.78 8.14
N GLN B 28 11.43 -24.43 8.54
CA GLN B 28 12.13 -25.23 9.56
C GLN B 28 11.31 -25.26 10.84
N ALA B 29 10.74 -24.11 11.19
CA ALA B 29 9.91 -24.02 12.40
C ALA B 29 8.73 -24.97 12.31
N LYS B 30 8.09 -25.01 11.14
CA LYS B 30 6.95 -25.90 10.94
C LYS B 30 7.36 -27.35 11.16
N GLN B 31 8.62 -27.67 10.83
CA GLN B 31 9.10 -29.04 11.01
C GLN B 31 9.46 -29.28 12.48
N GLY B 32 9.32 -28.24 13.29
CA GLY B 32 9.63 -28.35 14.72
C GLY B 32 11.13 -28.18 14.99
N ASP B 33 11.86 -27.66 14.00
CA ASP B 33 13.29 -27.46 14.14
C ASP B 33 13.60 -26.02 14.53
N PHE B 34 13.47 -25.71 15.81
CA PHE B 34 13.73 -24.34 16.29
C PHE B 34 15.18 -23.94 16.10
N ALA B 35 16.09 -24.90 16.27
CA ALA B 35 17.52 -24.60 16.15
C ALA B 35 17.86 -24.12 14.74
N ALA B 36 17.43 -24.87 13.74
CA ALA B 36 17.71 -24.50 12.36
C ALA B 36 16.98 -23.20 12.01
N ALA B 37 15.77 -23.03 12.51
CA ALA B 37 15.03 -21.80 12.24
C ALA B 37 15.82 -20.61 12.74
N LYS B 38 16.23 -20.68 14.02
CA LYS B 38 17.01 -19.60 14.63
C LYS B 38 18.27 -19.27 13.81
N ALA B 39 18.99 -20.29 13.40
CA ALA B 39 20.21 -20.10 12.61
C ALA B 39 19.91 -19.41 11.28
N MET B 40 18.83 -19.82 10.64
CA MET B 40 18.44 -19.26 9.36
C MET B 40 18.05 -17.78 9.51
N MET B 41 17.32 -17.45 10.57
CA MET B 41 16.92 -16.06 10.78
C MET B 41 18.15 -15.17 10.97
N ASP B 42 19.12 -15.68 11.73
CA ASP B 42 20.33 -14.93 12.01
C ASP B 42 21.06 -14.57 10.73
N GLN B 43 21.21 -15.58 9.86
CA GLN B 43 21.88 -15.36 8.59
C GLN B 43 21.08 -14.40 7.72
N SER B 44 19.76 -14.54 7.73
CA SER B 44 18.91 -13.65 6.95
C SER B 44 19.13 -12.20 7.41
N ARG B 45 19.14 -12.00 8.73
CA ARG B 45 19.35 -10.68 9.30
C ARG B 45 20.69 -10.09 8.83
N MET B 46 21.74 -10.90 8.89
CA MET B 46 23.07 -10.45 8.49
C MET B 46 23.05 -10.04 7.02
N ALA B 47 22.37 -10.84 6.20
CA ALA B 47 22.27 -10.53 4.77
C ALA B 47 21.58 -9.19 4.56
N LEU B 48 20.50 -8.97 5.31
CA LEU B 48 19.75 -7.72 5.21
C LEU B 48 20.59 -6.55 5.72
N ASN B 49 21.30 -6.78 6.81
CA ASN B 49 22.13 -5.75 7.40
C ASN B 49 23.18 -5.26 6.40
N GLU B 50 23.83 -6.19 5.73
CA GLU B 50 24.82 -5.83 4.72
C GLU B 50 24.17 -5.10 3.57
N ALA B 51 23.00 -5.58 3.17
CA ALA B 51 22.25 -4.96 2.08
C ALA B 51 21.83 -3.54 2.48
N HIS B 52 21.32 -3.41 3.70
CA HIS B 52 20.88 -2.11 4.21
C HIS B 52 22.06 -1.13 4.27
N LEU B 53 23.22 -1.64 4.69
CA LEU B 53 24.42 -0.80 4.79
C LEU B 53 24.77 -0.23 3.41
N VAL B 54 24.71 -1.09 2.40
CA VAL B 54 25.03 -0.66 1.04
C VAL B 54 24.01 0.40 0.61
N GLN B 55 22.73 0.16 0.90
CA GLN B 55 21.70 1.13 0.53
C GLN B 55 21.96 2.45 1.25
N THR B 56 22.32 2.39 2.54
CA THR B 56 22.60 3.61 3.30
C THR B 56 23.57 4.50 2.53
N LYS B 57 24.65 3.90 2.04
CA LYS B 57 25.62 4.66 1.25
C LYS B 57 24.97 5.20 -0.01
N LEU B 58 24.12 4.39 -0.61
CA LEU B 58 23.44 4.78 -1.84
C LEU B 58 22.45 5.93 -1.59
N ILE B 59 22.02 6.12 -0.32
CA ILE B 59 21.11 7.23 -0.01
C ILE B 59 21.88 8.48 0.45
N GLU B 60 23.00 8.27 1.16
CA GLU B 60 23.81 9.39 1.64
C GLU B 60 24.42 10.17 0.46
N GLY B 61 24.86 9.43 -0.55
CA GLY B 61 25.49 10.05 -1.72
C GLY B 61 24.59 9.96 -2.95
N ASP B 62 23.28 10.02 -2.73
CA ASP B 62 22.32 9.93 -3.82
C ASP B 62 22.41 11.14 -4.77
N ALA B 63 23.21 12.12 -4.40
CA ALA B 63 23.36 13.32 -5.23
C ALA B 63 24.37 13.07 -6.34
N GLY B 64 24.50 14.03 -7.26
CA GLY B 64 25.44 13.90 -8.37
C GLY B 64 24.78 14.23 -9.71
N GLU B 65 23.73 13.48 -10.05
CA GLU B 65 23.03 13.70 -11.32
C GLU B 65 22.34 15.07 -11.33
N GLY B 66 21.76 15.45 -10.20
CA GLY B 66 21.07 16.73 -10.11
C GLY B 66 20.91 17.16 -8.66
N LYS B 67 20.42 18.38 -8.47
CA LYS B 67 20.23 18.92 -7.13
C LYS B 67 19.13 18.16 -6.38
N MET B 68 17.88 18.54 -6.66
CA MET B 68 16.72 17.93 -6.01
C MET B 68 16.52 16.47 -6.40
N LYS B 69 16.75 16.13 -7.66
CA LYS B 69 16.54 14.76 -8.14
C LYS B 69 17.62 13.80 -7.64
N VAL B 70 17.22 12.52 -7.52
CA VAL B 70 18.11 11.47 -7.05
C VAL B 70 18.02 10.24 -7.98
N SER B 71 18.89 9.26 -7.76
CA SER B 71 18.88 8.05 -8.59
C SER B 71 17.52 7.37 -8.49
N LEU B 72 16.93 7.04 -9.64
CA LEU B 72 15.60 6.45 -9.66
C LEU B 72 15.59 5.04 -9.04
N VAL B 73 16.65 4.30 -9.35
CA VAL B 73 16.80 2.93 -8.88
C VAL B 73 16.83 2.84 -7.34
N LEU B 74 17.13 3.95 -6.69
CA LEU B 74 17.17 3.96 -5.22
C LEU B 74 15.90 3.40 -4.63
N VAL B 75 14.78 3.73 -5.26
CA VAL B 75 13.49 3.26 -4.81
C VAL B 75 13.39 1.76 -5.02
N HIS B 76 13.86 1.20 -6.25
CA HIS B 76 13.81 -0.23 -6.54
C HIS B 76 14.50 -1.01 -5.42
N ALA B 77 15.68 -0.54 -5.02
CA ALA B 77 16.41 -1.20 -3.95
C ALA B 77 15.70 -1.02 -2.62
N GLN B 78 15.18 0.19 -2.38
CA GLN B 78 14.48 0.49 -1.13
C GLN B 78 13.22 -0.36 -1.03
N LEU B 79 12.44 -0.39 -2.12
CA LEU B 79 11.22 -1.18 -2.14
C LEU B 79 11.49 -2.65 -1.82
N HIS B 80 12.48 -3.23 -2.48
CA HIS B 80 12.80 -4.62 -2.24
C HIS B 80 13.36 -4.83 -0.84
N LEU B 81 14.27 -3.95 -0.44
CA LEU B 81 14.88 -4.06 0.89
C LEU B 81 13.85 -3.85 2.00
N MET B 82 13.00 -2.85 1.86
CA MET B 82 11.98 -2.57 2.87
C MET B 82 11.02 -3.75 3.01
N THR B 83 10.59 -4.28 1.87
CA THR B 83 9.67 -5.41 1.87
C THR B 83 10.32 -6.64 2.50
N SER B 84 11.55 -6.94 2.10
CA SER B 84 12.26 -8.09 2.64
C SER B 84 12.50 -7.97 4.14
N MET B 85 12.97 -6.81 4.58
CA MET B 85 13.24 -6.60 6.01
C MET B 85 11.96 -6.76 6.83
N LEU B 86 10.89 -6.14 6.36
CA LEU B 86 9.61 -6.21 7.06
C LEU B 86 9.11 -7.65 7.12
N ALA B 87 9.17 -8.33 5.98
CA ALA B 87 8.72 -9.71 5.90
C ALA B 87 9.49 -10.58 6.88
N ARG B 88 10.79 -10.44 6.86
CA ARG B 88 11.65 -11.22 7.75
C ARG B 88 11.28 -10.97 9.21
N GLU B 89 11.08 -9.70 9.59
CA GLU B 89 10.75 -9.38 10.97
C GLU B 89 9.43 -10.05 11.37
N LEU B 90 8.44 -9.96 10.50
CA LEU B 90 7.14 -10.56 10.78
C LEU B 90 7.28 -12.08 10.84
N ILE B 91 8.06 -12.63 9.92
CA ILE B 91 8.30 -14.07 9.91
C ILE B 91 8.95 -14.49 11.23
N THR B 92 9.86 -13.66 11.73
CA THR B 92 10.50 -13.96 13.02
C THR B 92 9.43 -14.07 14.09
N GLU B 93 8.49 -13.13 14.09
CA GLU B 93 7.40 -13.15 15.06
C GLU B 93 6.58 -14.43 14.88
N LEU B 94 6.30 -14.77 13.62
CA LEU B 94 5.54 -15.99 13.33
C LEU B 94 6.27 -17.21 13.87
N ILE B 95 7.59 -17.26 13.68
CA ILE B 95 8.36 -18.38 14.19
C ILE B 95 8.28 -18.46 15.71
N GLU B 96 8.36 -17.30 16.37
CA GLU B 96 8.25 -17.27 17.83
C GLU B 96 6.90 -17.85 18.25
N LEU B 97 5.86 -17.54 17.49
CA LEU B 97 4.52 -18.05 17.79
C LEU B 97 4.52 -19.58 17.69
N HIS B 98 5.19 -20.10 16.66
CA HIS B 98 5.27 -21.55 16.50
C HIS B 98 5.89 -22.17 17.75
N GLU B 99 6.90 -21.48 18.28
CA GLU B 99 7.55 -21.95 19.50
C GLU B 99 6.58 -21.94 20.66
N LYS B 100 5.77 -20.88 20.77
CA LYS B 100 4.79 -20.80 21.84
C LYS B 100 3.72 -21.88 21.65
N LEU B 101 3.39 -22.19 20.39
CA LEU B 101 2.42 -23.25 20.11
C LEU B 101 2.96 -24.60 20.58
N LYS B 102 4.13 -24.57 21.21
CA LYS B 102 4.77 -25.78 21.72
C LYS B 102 5.49 -26.51 20.59
N ALA B 103 4.71 -26.92 19.58
CA ALA B 103 5.25 -27.67 18.43
C ALA B 103 6.64 -27.19 18.04
N ALA C 1 11.12 19.25 -2.05
CA ALA C 1 11.16 20.74 -1.98
C ALA C 1 10.96 21.17 -0.54
N GLU C 2 11.18 22.45 -0.27
CA GLU C 2 11.04 23.02 1.08
C GLU C 2 10.10 22.22 1.98
N GLU C 3 8.81 22.51 1.89
CA GLU C 3 7.83 21.81 2.71
C GLU C 3 7.73 20.34 2.34
N LEU C 4 7.37 20.07 1.08
CA LEU C 4 7.24 18.68 0.63
C LEU C 4 8.38 17.80 1.16
N GLU C 5 9.60 18.32 1.11
CA GLU C 5 10.76 17.57 1.58
C GLU C 5 10.74 17.43 3.10
N GLU C 6 10.47 18.53 3.78
CA GLU C 6 10.41 18.52 5.24
C GLU C 6 9.19 17.70 5.68
N VAL C 7 8.12 17.78 4.89
CA VAL C 7 6.90 17.04 5.17
C VAL C 7 7.17 15.53 5.06
N VAL C 8 7.92 15.14 4.03
CA VAL C 8 8.27 13.74 3.83
C VAL C 8 9.06 13.24 5.04
N MET C 9 10.02 14.04 5.50
CA MET C 9 10.80 13.67 6.66
C MET C 9 9.87 13.40 7.84
N GLY C 10 8.88 14.29 8.01
CA GLY C 10 7.91 14.13 9.08
C GLY C 10 7.12 12.84 8.88
N LEU C 11 6.71 12.59 7.65
CA LEU C 11 5.94 11.37 7.33
C LEU C 11 6.79 10.14 7.59
N ILE C 12 8.05 10.18 7.18
CA ILE C 12 8.94 9.04 7.37
C ILE C 12 9.11 8.78 8.87
N ILE C 13 9.32 9.87 9.61
CA ILE C 13 9.47 9.76 11.06
C ILE C 13 8.16 9.23 11.66
N ASN C 14 7.05 9.81 11.22
CA ASN C 14 5.73 9.40 11.72
C ASN C 14 5.50 7.92 11.43
N SER C 15 5.79 7.51 10.19
CA SER C 15 5.63 6.11 9.81
C SER C 15 6.52 5.24 10.68
N GLY C 16 7.76 5.70 10.90
CA GLY C 16 8.70 4.95 11.73
C GLY C 16 8.18 4.84 13.16
N GLN C 17 7.67 5.95 13.70
CA GLN C 17 7.13 5.92 15.06
C GLN C 17 5.95 4.97 15.12
N ALA C 18 5.12 5.01 14.08
CA ALA C 18 3.96 4.14 14.02
C ALA C 18 4.38 2.67 14.15
N ARG C 19 5.36 2.27 13.33
CA ARG C 19 5.84 0.91 13.40
C ARG C 19 6.41 0.63 14.79
N SER C 20 7.21 1.57 15.28
CA SER C 20 7.81 1.41 16.60
C SER C 20 6.73 1.13 17.65
N LEU C 21 5.66 1.92 17.61
CA LEU C 21 4.56 1.74 18.54
C LEU C 21 3.92 0.37 18.33
N ALA C 22 3.73 0.00 17.06
CA ALA C 22 3.13 -1.29 16.73
C ALA C 22 3.96 -2.44 17.33
N TYR C 23 5.27 -2.43 17.07
CA TYR C 23 6.14 -3.47 17.64
C TYR C 23 6.05 -3.45 19.16
N ALA C 24 6.03 -2.24 19.72
CA ALA C 24 5.92 -2.11 21.17
C ALA C 24 4.59 -2.72 21.62
N ALA C 25 3.54 -2.47 20.85
CA ALA C 25 2.23 -3.03 21.16
C ALA C 25 2.31 -4.55 21.21
N LEU C 26 3.01 -5.12 20.24
CA LEU C 26 3.19 -6.57 20.18
C LEU C 26 3.95 -7.05 21.42
N LYS C 27 4.99 -6.31 21.77
CA LYS C 27 5.79 -6.66 22.94
C LYS C 27 4.90 -6.72 24.19
N GLN C 28 3.99 -5.77 24.31
CA GLN C 28 3.06 -5.75 25.44
C GLN C 28 2.26 -7.04 25.47
N ALA C 29 1.82 -7.47 24.27
CA ALA C 29 1.05 -8.70 24.16
C ALA C 29 1.85 -9.89 24.67
N LYS C 30 3.13 -9.94 24.30
CA LYS C 30 3.99 -11.02 24.76
C LYS C 30 4.07 -11.06 26.28
N GLN C 31 3.98 -9.88 26.90
CA GLN C 31 4.04 -9.80 28.36
C GLN C 31 2.67 -10.17 28.96
N GLY C 32 1.71 -10.44 28.08
CA GLY C 32 0.36 -10.83 28.53
C GLY C 32 -0.47 -9.60 28.89
N ASP C 33 -0.04 -8.43 28.44
CA ASP C 33 -0.76 -7.18 28.70
C ASP C 33 -1.63 -6.80 27.51
N PHE C 34 -2.80 -7.41 27.42
CA PHE C 34 -3.71 -7.14 26.31
C PHE C 34 -4.22 -5.70 26.34
N ALA C 35 -4.43 -5.17 27.54
CA ALA C 35 -4.94 -3.81 27.68
C ALA C 35 -3.97 -2.79 27.08
N ALA C 36 -2.71 -2.89 27.47
CA ALA C 36 -1.71 -1.96 26.96
C ALA C 36 -1.50 -2.17 25.47
N ALA C 37 -1.55 -3.42 25.02
CA ALA C 37 -1.38 -3.71 23.60
C ALA C 37 -2.48 -3.00 22.81
N LYS C 38 -3.72 -3.21 23.22
CA LYS C 38 -4.87 -2.59 22.57
C LYS C 38 -4.72 -1.07 22.49
N ALA C 39 -4.32 -0.45 23.61
CA ALA C 39 -4.16 1.00 23.65
C ALA C 39 -3.06 1.46 22.68
N MET C 40 -1.96 0.72 22.64
CA MET C 40 -0.85 1.06 21.77
C MET C 40 -1.25 0.92 20.30
N MET C 41 -2.03 -0.11 19.99
CA MET C 41 -2.48 -0.31 18.61
C MET C 41 -3.35 0.85 18.16
N ASP C 42 -4.25 1.28 19.04
CA ASP C 42 -5.17 2.36 18.72
C ASP C 42 -4.41 3.63 18.38
N GLN C 43 -3.42 3.97 19.21
CA GLN C 43 -2.61 5.16 18.97
C GLN C 43 -1.83 5.03 17.67
N SER C 44 -1.30 3.85 17.42
CA SER C 44 -0.55 3.60 16.19
C SER C 44 -1.44 3.87 14.98
N ARG C 45 -2.67 3.32 15.03
CA ARG C 45 -3.64 3.50 13.96
C ARG C 45 -3.93 4.99 13.72
N MET C 46 -4.14 5.72 14.81
CA MET C 46 -4.43 7.15 14.72
C MET C 46 -3.26 7.89 14.08
N ALA C 47 -2.04 7.51 14.47
CA ALA C 47 -0.84 8.14 13.91
C ALA C 47 -0.78 7.91 12.40
N LEU C 48 -1.08 6.68 11.98
CA LEU C 48 -1.07 6.33 10.57
C LEU C 48 -2.17 7.06 9.82
N ASN C 49 -3.34 7.15 10.45
CA ASN C 49 -4.48 7.81 9.84
C ASN C 49 -4.14 9.27 9.52
N GLU C 50 -3.51 9.95 10.47
CA GLU C 50 -3.11 11.33 10.26
C GLU C 50 -2.06 11.41 9.16
N ALA C 51 -1.13 10.47 9.19
CA ALA C 51 -0.07 10.43 8.18
C ALA C 51 -0.67 10.15 6.80
N HIS C 52 -1.58 9.19 6.74
CA HIS C 52 -2.25 8.85 5.48
C HIS C 52 -3.02 10.05 4.94
N LEU C 53 -3.69 10.78 5.83
CA LEU C 53 -4.47 11.95 5.43
C LEU C 53 -3.56 12.98 4.76
N VAL C 54 -2.39 13.20 5.35
CA VAL C 54 -1.45 14.16 4.80
C VAL C 54 -0.99 13.67 3.43
N GLN C 55 -0.69 12.38 3.32
CA GLN C 55 -0.26 11.82 2.04
C GLN C 55 -1.38 11.99 1.00
N THR C 56 -2.62 11.74 1.41
CA THR C 56 -3.76 11.88 0.48
C THR C 56 -3.70 13.25 -0.19
N LYS C 57 -3.50 14.29 0.60
CA LYS C 57 -3.40 15.64 0.05
C LYS C 57 -2.20 15.73 -0.88
N LEU C 58 -1.11 15.09 -0.49
CA LEU C 58 0.10 15.11 -1.29
C LEU C 58 -0.08 14.35 -2.61
N ILE C 59 -1.09 13.47 -2.70
CA ILE C 59 -1.33 12.76 -3.95
C ILE C 59 -2.40 13.48 -4.79
N GLU C 60 -3.38 14.10 -4.14
CA GLU C 60 -4.43 14.83 -4.87
C GLU C 60 -3.85 16.03 -5.60
N GLY C 61 -2.89 16.71 -4.98
CA GLY C 61 -2.28 17.89 -5.57
C GLY C 61 -0.83 17.62 -5.97
N ASP C 62 -0.56 16.41 -6.41
CA ASP C 62 0.79 16.03 -6.80
C ASP C 62 1.22 16.75 -8.06
N ALA C 63 0.31 17.49 -8.68
CA ALA C 63 0.63 18.24 -9.90
C ALA C 63 1.30 19.56 -9.56
N GLY C 64 1.78 20.26 -10.59
CA GLY C 64 2.43 21.56 -10.39
C GLY C 64 3.77 21.63 -11.13
N GLU C 65 4.69 20.71 -10.81
CA GLU C 65 5.99 20.70 -11.45
C GLU C 65 5.87 20.38 -12.94
N GLY C 66 4.99 19.45 -13.27
CA GLY C 66 4.80 19.05 -14.66
C GLY C 66 3.45 18.36 -14.86
N LYS C 67 3.12 18.09 -16.11
CA LYS C 67 1.85 17.44 -16.43
C LYS C 67 1.83 16.00 -15.92
N MET C 68 2.44 15.10 -16.70
CA MET C 68 2.48 13.68 -16.36
C MET C 68 3.31 13.38 -15.12
N LYS C 69 4.45 14.07 -14.97
CA LYS C 69 5.34 13.83 -13.84
C LYS C 69 4.79 14.36 -12.52
N VAL C 70 5.20 13.71 -11.43
CA VAL C 70 4.76 14.07 -10.08
C VAL C 70 5.96 14.16 -9.13
N SER C 71 5.72 14.64 -7.91
CA SER C 71 6.80 14.75 -6.93
C SER C 71 7.42 13.38 -6.68
N LEU C 72 8.74 13.30 -6.77
CA LEU C 72 9.45 12.03 -6.61
C LEU C 72 9.31 11.48 -5.19
N VAL C 73 9.40 12.39 -4.22
CA VAL C 73 9.33 12.04 -2.80
C VAL C 73 8.00 11.37 -2.44
N LEU C 74 6.99 11.57 -3.26
CA LEU C 74 5.68 10.98 -3.00
C LEU C 74 5.80 9.49 -2.74
N VAL C 75 6.67 8.86 -3.52
CA VAL C 75 6.89 7.42 -3.39
C VAL C 75 7.57 7.14 -2.04
N HIS C 76 8.63 7.98 -1.62
CA HIS C 76 9.32 7.78 -0.35
C HIS C 76 8.31 7.73 0.80
N ALA C 77 7.37 8.66 0.79
CA ALA C 77 6.35 8.70 1.82
C ALA C 77 5.39 7.52 1.67
N GLN C 78 5.03 7.21 0.42
CA GLN C 78 4.11 6.11 0.16
C GLN C 78 4.74 4.79 0.59
N LEU C 79 5.99 4.58 0.19
CA LEU C 79 6.71 3.36 0.55
C LEU C 79 6.75 3.17 2.06
N HIS C 80 7.13 4.21 2.79
CA HIS C 80 7.20 4.12 4.24
C HIS C 80 5.81 3.94 4.85
N LEU C 81 4.87 4.73 4.38
CA LEU C 81 3.50 4.67 4.89
C LEU C 81 2.85 3.31 4.59
N MET C 82 3.01 2.84 3.37
CA MET C 82 2.42 1.55 2.98
C MET C 82 3.01 0.42 3.82
N THR C 83 4.32 0.45 3.99
CA THR C 83 5.00 -0.58 4.76
C THR C 83 4.54 -0.55 6.22
N SER C 84 4.53 0.64 6.80
CA SER C 84 4.12 0.80 8.20
C SER C 84 2.67 0.37 8.42
N MET C 85 1.76 0.84 7.56
CA MET C 85 0.35 0.48 7.70
C MET C 85 0.16 -1.04 7.61
N LEU C 86 0.80 -1.65 6.63
CA LEU C 86 0.70 -3.09 6.43
C LEU C 86 1.24 -3.83 7.65
N ALA C 87 2.42 -3.42 8.10
CA ALA C 87 3.05 -4.04 9.25
C ALA C 87 2.13 -3.96 10.47
N ARG C 88 1.61 -2.77 10.71
CA ARG C 88 0.74 -2.55 11.84
C ARG C 88 -0.50 -3.47 11.77
N GLU C 89 -1.11 -3.56 10.59
CA GLU C 89 -2.29 -4.42 10.44
C GLU C 89 -1.95 -5.88 10.74
N LEU C 90 -0.82 -6.35 10.20
CA LEU C 90 -0.40 -7.72 10.44
C LEU C 90 -0.07 -7.92 11.91
N ILE C 91 0.60 -6.95 12.49
CA ILE C 91 0.95 -7.02 13.90
C ILE C 91 -0.33 -7.12 14.73
N THR C 92 -1.36 -6.39 14.32
CA THR C 92 -2.64 -6.46 15.02
C THR C 92 -3.15 -7.89 14.99
N GLU C 93 -3.06 -8.53 13.83
CA GLU C 93 -3.50 -9.92 13.70
C GLU C 93 -2.66 -10.82 14.62
N LEU C 94 -1.36 -10.56 14.63
CA LEU C 94 -0.45 -11.34 15.47
C LEU C 94 -0.84 -11.20 16.94
N ILE C 95 -1.16 -9.98 17.35
CA ILE C 95 -1.57 -9.73 18.73
C ILE C 95 -2.86 -10.51 19.05
N GLU C 96 -3.80 -10.48 18.12
CA GLU C 96 -5.05 -11.21 18.31
C GLU C 96 -4.75 -12.70 18.53
N LEU C 97 -3.78 -13.21 17.77
CA LEU C 97 -3.39 -14.61 17.91
C LEU C 97 -2.85 -14.87 19.32
N HIS C 98 -2.05 -13.94 19.83
CA HIS C 98 -1.52 -14.09 21.18
C HIS C 98 -2.68 -14.22 22.16
N GLU C 99 -3.73 -13.44 21.92
CA GLU C 99 -4.90 -13.49 22.78
C GLU C 99 -5.57 -14.87 22.68
N LYS C 100 -5.65 -15.41 21.46
CA LYS C 100 -6.25 -16.72 21.29
C LYS C 100 -5.38 -17.78 21.95
N LEU C 101 -4.05 -17.58 21.91
CA LEU C 101 -3.12 -18.52 22.55
C LEU C 101 -3.37 -18.53 24.06
N LYS C 102 -4.36 -17.76 24.51
CA LYS C 102 -4.70 -17.67 25.93
C LYS C 102 -3.78 -16.68 26.63
N ALA C 103 -2.48 -16.99 26.61
CA ALA C 103 -1.45 -16.16 27.26
C ALA C 103 -1.80 -14.67 27.21
N LYS D 1 -19.97 26.95 -1.17
CA LYS D 1 -19.08 26.05 -1.96
C LYS D 1 -19.44 24.59 -1.78
N LYS D 2 -19.77 23.94 -2.87
CA LYS D 2 -20.15 22.54 -2.84
C LYS D 2 -18.93 21.62 -2.88
N HIS D 3 -19.02 20.49 -2.19
CA HIS D 3 -17.93 19.52 -2.13
C HIS D 3 -18.12 18.37 -3.08
N ILE D 4 -17.20 18.26 -4.03
CA ILE D 4 -17.22 17.18 -4.99
C ILE D 4 -16.07 16.24 -4.61
N TYR D 5 -16.39 15.03 -4.18
CA TYR D 5 -15.38 14.06 -3.78
C TYR D 5 -15.33 12.90 -4.76
N LEU D 6 -14.13 12.60 -5.26
CA LEU D 6 -13.90 11.48 -6.19
C LEU D 6 -13.25 10.35 -5.40
N PHE D 7 -13.57 9.08 -5.75
CA PHE D 7 -12.86 7.96 -5.12
C PHE D 7 -12.20 7.05 -6.16
N CYS D 8 -11.06 6.44 -5.73
CA CYS D 8 -10.30 5.42 -6.46
C CYS D 8 -9.54 4.55 -5.47
N SER D 9 -8.66 3.65 -5.86
CA SER D 9 -8.08 2.81 -4.81
C SER D 9 -7.20 3.62 -3.88
N ALA D 10 -6.21 4.39 -4.40
CA ALA D 10 -5.30 5.10 -3.51
C ALA D 10 -5.59 6.59 -3.58
N GLY D 11 -5.91 7.09 -4.78
CA GLY D 11 -6.22 8.50 -4.97
C GLY D 11 -5.19 9.19 -5.84
N MET D 12 -4.50 8.46 -6.72
CA MET D 12 -3.48 9.09 -7.56
C MET D 12 -3.97 9.31 -9.00
N SER D 13 -4.05 8.25 -9.74
CA SER D 13 -4.49 8.37 -11.14
C SER D 13 -5.70 9.30 -11.28
N THR D 14 -6.43 9.50 -10.19
CA THR D 14 -7.61 10.37 -10.31
C THR D 14 -7.21 11.78 -9.89
N SER D 15 -6.09 11.83 -9.22
CA SER D 15 -5.48 13.09 -8.76
C SER D 15 -5.20 14.03 -9.93
N LEU D 16 -4.82 13.46 -11.06
CA LEU D 16 -4.55 14.26 -12.24
C LEU D 16 -5.88 14.86 -12.76
N LEU D 17 -6.96 14.07 -12.72
CA LEU D 17 -8.28 14.55 -13.14
C LEU D 17 -8.75 15.68 -12.19
N VAL D 18 -8.54 15.48 -10.88
CA VAL D 18 -8.91 16.50 -9.89
C VAL D 18 -8.18 17.83 -10.15
N SER D 19 -6.89 17.79 -10.47
CA SER D 19 -6.17 19.03 -10.74
C SER D 19 -6.73 19.77 -11.98
N LYS D 20 -7.12 19.03 -13.02
CA LYS D 20 -7.71 19.66 -14.20
C LYS D 20 -9.12 20.20 -13.91
N MET D 21 -9.87 19.50 -13.07
CA MET D 21 -11.22 20.00 -12.73
C MET D 21 -11.08 21.31 -11.94
N ARG D 22 -10.13 21.39 -11.02
CA ARG D 22 -9.91 22.60 -10.21
C ARG D 22 -9.56 23.79 -11.12
N ALA D 23 -8.79 23.54 -12.18
CA ALA D 23 -8.39 24.59 -13.11
C ALA D 23 -9.63 25.14 -13.81
N GLN D 24 -10.50 24.24 -14.24
CA GLN D 24 -11.72 24.61 -14.91
C GLN D 24 -12.67 25.35 -14.00
N ALA D 25 -12.80 24.88 -12.77
CA ALA D 25 -13.69 25.53 -11.80
C ALA D 25 -13.24 26.96 -11.55
N GLU D 26 -11.93 27.20 -11.60
CA GLU D 26 -11.39 28.54 -11.36
C GLU D 26 -11.65 29.43 -12.57
N LYS D 27 -11.43 28.88 -13.76
CA LYS D 27 -11.63 29.59 -14.99
C LYS D 27 -13.07 30.10 -15.12
N TYR D 28 -14.05 29.29 -14.72
CA TYR D 28 -15.48 29.69 -14.80
C TYR D 28 -16.13 30.10 -13.49
N GLU D 29 -15.33 30.35 -12.46
CA GLU D 29 -15.81 30.78 -11.15
C GLU D 29 -16.89 29.89 -10.51
N VAL D 30 -16.76 28.58 -10.66
CA VAL D 30 -17.70 27.63 -10.08
C VAL D 30 -17.27 27.48 -8.62
N PRO D 31 -18.19 27.73 -7.67
CA PRO D 31 -17.91 27.64 -6.23
C PRO D 31 -17.93 26.21 -5.68
N VAL D 32 -16.88 25.46 -6.01
CA VAL D 32 -16.75 24.08 -5.57
C VAL D 32 -15.38 23.76 -5.01
N ILE D 33 -15.35 22.75 -4.14
CA ILE D 33 -14.13 22.22 -3.55
C ILE D 33 -14.09 20.77 -4.09
N ILE D 34 -12.98 20.40 -4.71
CA ILE D 34 -12.79 19.07 -5.32
C ILE D 34 -11.61 18.31 -4.66
N GLU D 35 -11.86 17.09 -4.18
CA GLU D 35 -10.83 16.27 -3.52
C GLU D 35 -10.93 14.82 -4.00
N ALA D 36 -9.78 14.14 -4.09
CA ALA D 36 -9.71 12.73 -4.50
C ALA D 36 -9.34 11.92 -3.25
N PHE D 37 -9.93 10.74 -3.09
CA PHE D 37 -9.64 9.87 -1.95
C PHE D 37 -9.66 8.44 -2.43
N PRO D 38 -9.08 7.53 -1.64
CA PRO D 38 -9.07 6.11 -2.02
C PRO D 38 -10.49 5.61 -1.70
N GLU D 39 -10.91 4.54 -2.35
CA GLU D 39 -12.24 3.96 -2.13
C GLU D 39 -12.51 3.54 -0.69
N THR D 40 -11.46 3.29 0.09
CA THR D 40 -11.63 2.88 1.48
C THR D 40 -12.26 3.95 2.37
N LEU D 41 -12.19 5.21 1.94
CA LEU D 41 -12.77 6.32 2.70
C LEU D 41 -14.15 6.77 2.20
N ALA D 42 -14.74 6.07 1.21
CA ALA D 42 -16.05 6.45 0.63
C ALA D 42 -17.14 6.64 1.68
N GLY D 43 -17.12 5.80 2.71
CA GLY D 43 -18.13 5.91 3.75
C GLY D 43 -17.81 6.98 4.77
N GLU D 44 -16.53 7.16 5.08
CA GLU D 44 -16.15 8.15 6.07
C GLU D 44 -16.16 9.59 5.49
N LYS D 45 -15.52 9.77 4.34
CA LYS D 45 -15.46 11.08 3.70
C LYS D 45 -16.73 11.45 2.92
N GLY D 46 -17.38 10.46 2.32
CA GLY D 46 -18.60 10.70 1.55
C GLY D 46 -19.69 11.43 2.29
N GLN D 47 -19.77 11.23 3.60
CA GLN D 47 -20.79 11.89 4.43
C GLN D 47 -20.74 13.42 4.34
N ASN D 48 -19.59 13.97 3.95
CA ASN D 48 -19.43 15.41 3.87
C ASN D 48 -19.45 15.95 2.45
N ALA D 49 -19.66 15.08 1.48
CA ALA D 49 -19.67 15.54 0.10
C ALA D 49 -21.06 15.97 -0.30
N ASP D 50 -21.11 16.82 -1.31
CA ASP D 50 -22.38 17.25 -1.83
C ASP D 50 -22.73 16.32 -2.99
N VAL D 51 -21.69 15.73 -3.60
CA VAL D 51 -21.88 14.75 -4.67
C VAL D 51 -20.68 13.78 -4.61
N VAL D 52 -20.98 12.49 -4.70
CA VAL D 52 -19.97 11.44 -4.66
C VAL D 52 -19.78 10.85 -6.06
N LEU D 53 -18.55 10.92 -6.57
CA LEU D 53 -18.24 10.38 -7.88
C LEU D 53 -17.30 9.18 -7.73
N LEU D 54 -17.60 8.08 -8.42
CA LEU D 54 -16.75 6.88 -8.36
C LEU D 54 -15.96 6.73 -9.63
N GLY D 55 -14.69 6.35 -9.51
CA GLY D 55 -13.84 6.18 -10.68
C GLY D 55 -14.39 5.02 -11.49
N PRO D 56 -14.13 4.94 -12.76
CA PRO D 56 -14.66 3.84 -13.62
C PRO D 56 -14.24 2.42 -13.18
N GLN D 57 -13.07 2.31 -12.54
CA GLN D 57 -12.57 1.02 -12.08
C GLN D 57 -13.39 0.49 -10.90
N ILE D 58 -14.04 1.38 -10.15
CA ILE D 58 -14.82 0.94 -9.01
C ILE D 58 -16.34 1.02 -9.23
N ALA D 59 -16.75 0.99 -10.49
CA ALA D 59 -18.17 1.04 -10.83
C ALA D 59 -18.94 -0.11 -10.19
N TYR D 60 -18.34 -1.30 -10.13
CA TYR D 60 -19.04 -2.44 -9.55
C TYR D 60 -19.46 -2.21 -8.09
N MET D 61 -18.84 -1.23 -7.44
CA MET D 61 -19.15 -0.89 -6.05
C MET D 61 -20.33 0.08 -5.87
N LEU D 62 -20.89 0.58 -6.97
CA LEU D 62 -21.99 1.54 -6.90
C LEU D 62 -23.13 1.19 -5.93
N PRO D 63 -23.73 -0.02 -6.05
CA PRO D 63 -24.82 -0.37 -5.12
C PRO D 63 -24.43 -0.30 -3.65
N GLU D 64 -23.22 -0.72 -3.30
CA GLU D 64 -22.77 -0.68 -1.91
C GLU D 64 -22.60 0.74 -1.42
N ILE D 65 -22.02 1.59 -2.25
CA ILE D 65 -21.83 2.99 -1.85
C ILE D 65 -23.16 3.74 -1.71
N GLN D 66 -24.12 3.42 -2.59
CA GLN D 66 -25.46 4.00 -2.52
C GLN D 66 -26.13 3.64 -1.18
N ARG D 67 -26.00 2.39 -0.73
CA ARG D 67 -26.60 1.98 0.55
C ARG D 67 -25.89 2.63 1.74
N LEU D 68 -24.60 2.88 1.59
CA LEU D 68 -23.77 3.49 2.64
C LEU D 68 -24.11 4.97 2.82
N LEU D 69 -24.39 5.65 1.70
CA LEU D 69 -24.73 7.09 1.68
C LEU D 69 -26.11 7.27 1.01
N PRO D 70 -27.20 6.87 1.69
CA PRO D 70 -28.55 6.99 1.13
C PRO D 70 -29.03 8.44 0.93
N ASN D 71 -28.35 9.38 1.56
CA ASN D 71 -28.75 10.79 1.44
C ASN D 71 -27.82 11.63 0.57
N LYS D 72 -27.08 10.99 -0.33
CA LYS D 72 -26.14 11.69 -1.21
C LYS D 72 -26.26 11.20 -2.63
N PRO D 73 -26.13 12.10 -3.63
CA PRO D 73 -26.21 11.62 -5.02
C PRO D 73 -24.85 10.97 -5.27
N VAL D 74 -24.87 9.73 -5.75
CA VAL D 74 -23.64 8.96 -6.02
C VAL D 74 -23.64 8.48 -7.46
N GLU D 75 -22.58 8.72 -8.19
CA GLU D 75 -22.53 8.22 -9.55
C GLU D 75 -21.13 7.95 -10.07
N VAL D 76 -21.06 7.12 -11.10
CA VAL D 76 -19.80 6.72 -11.71
C VAL D 76 -19.40 7.72 -12.78
N ILE D 77 -18.11 8.03 -12.84
CA ILE D 77 -17.58 8.96 -13.83
C ILE D 77 -17.54 8.27 -15.17
N ASP D 78 -17.96 8.97 -16.21
CA ASP D 78 -17.94 8.40 -17.55
C ASP D 78 -16.51 7.95 -17.89
N SER D 79 -16.33 6.69 -18.28
CA SER D 79 -14.99 6.17 -18.58
C SER D 79 -14.18 6.90 -19.65
N LEU D 80 -14.87 7.44 -20.65
CA LEU D 80 -14.19 8.17 -21.73
C LEU D 80 -13.73 9.53 -21.23
N LEU D 81 -14.58 10.18 -20.45
CA LEU D 81 -14.26 11.49 -19.90
C LEU D 81 -13.10 11.33 -18.94
N TYR D 82 -13.10 10.21 -18.22
CA TYR D 82 -12.04 9.90 -17.25
C TYR D 82 -10.71 9.58 -17.95
N GLY D 83 -10.75 8.68 -18.92
CA GLY D 83 -9.54 8.32 -19.64
C GLY D 83 -8.87 9.50 -20.31
N LYS D 84 -9.68 10.37 -20.87
CA LYS D 84 -9.22 11.56 -21.59
C LYS D 84 -8.79 12.70 -20.65
N VAL D 85 -9.07 12.52 -19.35
CA VAL D 85 -8.77 13.52 -18.31
C VAL D 85 -9.47 14.86 -18.61
N ASP D 86 -10.76 14.77 -18.94
CA ASP D 86 -11.57 15.95 -19.28
C ASP D 86 -12.09 16.63 -18.03
N GLY D 87 -11.29 17.56 -17.51
CA GLY D 87 -11.64 18.31 -16.31
C GLY D 87 -12.94 19.07 -16.45
N LEU D 88 -13.16 19.73 -17.60
CA LEU D 88 -14.39 20.49 -17.80
C LEU D 88 -15.63 19.58 -17.87
N GLY D 89 -15.50 18.50 -18.64
CA GLY D 89 -16.59 17.56 -18.81
C GLY D 89 -17.07 16.91 -17.53
N VAL D 90 -16.12 16.49 -16.69
CA VAL D 90 -16.48 15.84 -15.42
C VAL D 90 -17.04 16.88 -14.45
N LEU D 91 -16.47 18.08 -14.49
CA LEU D 91 -16.97 19.15 -13.63
C LEU D 91 -18.46 19.39 -14.00
N LYS D 92 -18.76 19.42 -15.30
CA LYS D 92 -20.15 19.61 -15.75
C LYS D 92 -21.09 18.52 -15.24
N ALA D 93 -20.64 17.27 -15.30
CA ALA D 93 -21.47 16.14 -14.85
C ALA D 93 -21.76 16.21 -13.35
N ALA D 94 -20.78 16.72 -12.60
CA ALA D 94 -20.90 16.82 -11.15
C ALA D 94 -21.90 17.90 -10.75
N VAL D 95 -21.80 19.06 -11.40
CA VAL D 95 -22.72 20.17 -11.13
C VAL D 95 -24.13 19.69 -11.49
N ALA D 96 -24.25 18.98 -12.61
CA ALA D 96 -25.54 18.45 -13.04
C ALA D 96 -26.13 17.51 -11.99
N ALA D 97 -25.33 16.57 -11.49
CA ALA D 97 -25.85 15.64 -10.49
C ALA D 97 -26.36 16.40 -9.26
N ILE D 98 -25.70 17.51 -8.93
CA ILE D 98 -26.12 18.32 -7.78
C ILE D 98 -27.46 19.01 -8.03
N LYS D 99 -27.63 19.58 -9.24
CA LYS D 99 -28.87 20.26 -9.62
C LYS D 99 -30.01 19.26 -9.71
N LYS D 100 -29.80 18.19 -10.45
CA LYS D 100 -30.83 17.18 -10.59
C LYS D 100 -31.20 16.60 -9.22
N ALA D 101 -30.34 16.79 -8.23
CA ALA D 101 -30.58 16.28 -6.88
C ALA D 101 -31.37 17.24 -6.00
N ALA D 102 -31.14 18.54 -6.18
CA ALA D 102 -31.83 19.57 -5.43
C ALA D 102 -33.22 19.88 -6.02
N ALA D 103 -33.60 19.13 -7.06
CA ALA D 103 -34.88 19.29 -7.72
C ALA D 103 -35.05 18.26 -8.85
P PO3 E . -4.79 5.43 -7.22
O1 PO3 E . -5.26 4.00 -7.02
O2 PO3 E . -4.74 6.02 -8.60
O3 PO3 E . -4.19 6.20 -6.06
N ALA A 1 0.74 7.29 -18.60
CA ALA A 1 0.24 7.59 -19.96
C ALA A 1 -1.09 6.86 -20.17
N GLU A 2 -1.77 7.18 -21.26
CA GLU A 2 -3.08 6.58 -21.60
C GLU A 2 -3.28 5.20 -20.95
N GLU A 3 -2.80 4.17 -21.63
CA GLU A 3 -2.95 2.80 -21.13
C GLU A 3 -2.16 2.60 -19.84
N LEU A 4 -0.84 2.78 -19.91
CA LEU A 4 0.01 2.60 -18.74
C LEU A 4 -0.63 3.20 -17.48
N GLU A 5 -1.21 4.38 -17.61
CA GLU A 5 -1.84 5.05 -16.47
C GLU A 5 -3.12 4.34 -16.08
N GLU A 6 -3.94 4.01 -17.07
CA GLU A 6 -5.19 3.30 -16.82
C GLU A 6 -4.88 1.88 -16.34
N VAL A 7 -3.80 1.31 -16.88
CA VAL A 7 -3.37 -0.03 -16.50
C VAL A 7 -2.93 -0.05 -15.03
N VAL A 8 -2.20 0.99 -14.63
CA VAL A 8 -1.73 1.10 -13.25
C VAL A 8 -2.95 1.16 -12.33
N MET A 9 -3.95 1.96 -12.70
CA MET A 9 -5.17 2.06 -11.90
C MET A 9 -5.77 0.67 -11.73
N GLY A 10 -5.81 -0.09 -12.82
CA GLY A 10 -6.34 -1.45 -12.77
C GLY A 10 -5.49 -2.31 -11.83
N LEU A 11 -4.17 -2.17 -11.95
CA LEU A 11 -3.26 -2.93 -11.10
C LEU A 11 -3.45 -2.56 -9.64
N ILE A 12 -3.57 -1.27 -9.37
CA ILE A 12 -3.76 -0.80 -8.00
C ILE A 12 -5.06 -1.36 -7.46
N ILE A 13 -6.11 -1.29 -8.26
CA ILE A 13 -7.40 -1.82 -7.85
C ILE A 13 -7.30 -3.33 -7.65
N ASN A 14 -6.65 -4.01 -8.60
CA ASN A 14 -6.47 -5.45 -8.53
C ASN A 14 -5.71 -5.82 -7.26
N SER A 15 -4.61 -5.11 -7.03
CA SER A 15 -3.81 -5.35 -5.83
C SER A 15 -4.65 -5.14 -4.57
N GLY A 16 -5.44 -4.06 -4.60
CA GLY A 16 -6.32 -3.75 -3.47
C GLY A 16 -7.35 -4.86 -3.26
N GLN A 17 -7.95 -5.32 -4.36
CA GLN A 17 -8.94 -6.40 -4.27
C GLN A 17 -8.27 -7.65 -3.72
N ALA A 18 -7.05 -7.92 -4.18
CA ALA A 18 -6.31 -9.09 -3.72
C ALA A 18 -6.15 -9.04 -2.21
N ARG A 19 -5.70 -7.91 -1.69
CA ARG A 19 -5.55 -7.77 -0.25
C ARG A 19 -6.90 -7.95 0.43
N SER A 20 -7.91 -7.28 -0.11
CA SER A 20 -9.25 -7.36 0.44
C SER A 20 -9.68 -8.83 0.57
N LEU A 21 -9.47 -9.59 -0.49
CA LEU A 21 -9.81 -11.01 -0.48
C LEU A 21 -8.97 -11.74 0.58
N ALA A 22 -7.69 -11.40 0.63
CA ALA A 22 -6.79 -12.03 1.60
C ALA A 22 -7.30 -11.80 3.03
N TYR A 23 -7.59 -10.55 3.38
CA TYR A 23 -8.10 -10.25 4.72
C TYR A 23 -9.41 -11.00 4.93
N ALA A 24 -10.25 -11.03 3.90
CA ALA A 24 -11.51 -11.73 3.99
C ALA A 24 -11.24 -13.22 4.25
N ALA A 25 -10.23 -13.75 3.56
CA ALA A 25 -9.84 -15.14 3.75
C ALA A 25 -9.48 -15.38 5.21
N LEU A 26 -8.72 -14.46 5.78
CA LEU A 26 -8.32 -14.57 7.18
C LEU A 26 -9.56 -14.55 8.07
N LYS A 27 -10.48 -13.64 7.77
CA LYS A 27 -11.71 -13.53 8.54
C LYS A 27 -12.45 -14.87 8.56
N GLN A 28 -12.48 -15.54 7.41
CA GLN A 28 -13.15 -16.84 7.31
C GLN A 28 -12.48 -17.81 8.28
N ALA A 29 -11.15 -17.75 8.35
CA ALA A 29 -10.39 -18.62 9.24
C ALA A 29 -10.80 -18.38 10.69
N LYS A 30 -10.95 -17.12 11.05
CA LYS A 30 -11.36 -16.77 12.41
C LYS A 30 -12.72 -17.37 12.73
N GLN A 31 -13.58 -17.50 11.72
CA GLN A 31 -14.89 -18.08 11.93
C GLN A 31 -14.80 -19.60 11.96
N GLY A 32 -13.60 -20.12 11.77
CA GLY A 32 -13.37 -21.56 11.81
C GLY A 32 -13.71 -22.21 10.47
N ASP A 33 -13.83 -21.40 9.43
CA ASP A 33 -14.15 -21.90 8.09
C ASP A 33 -12.88 -22.06 7.26
N PHE A 34 -12.18 -23.18 7.47
CA PHE A 34 -10.93 -23.42 6.73
C PHE A 34 -11.18 -23.60 5.24
N ALA A 35 -12.31 -24.21 4.89
CA ALA A 35 -12.63 -24.46 3.49
C ALA A 35 -12.77 -23.14 2.72
N ALA A 36 -13.56 -22.23 3.26
CA ALA A 36 -13.76 -20.95 2.60
C ALA A 36 -12.46 -20.14 2.60
N ALA A 37 -11.70 -20.23 3.68
CA ALA A 37 -10.43 -19.52 3.75
C ALA A 37 -9.52 -19.99 2.60
N LYS A 38 -9.36 -21.30 2.49
CA LYS A 38 -8.53 -21.90 1.45
C LYS A 38 -8.96 -21.42 0.06
N ALA A 39 -10.26 -21.45 -0.21
CA ALA A 39 -10.77 -21.03 -1.51
C ALA A 39 -10.47 -19.57 -1.79
N MET A 40 -10.61 -18.74 -0.76
CA MET A 40 -10.36 -17.30 -0.90
C MET A 40 -8.88 -17.03 -1.18
N MET A 41 -7.98 -17.76 -0.50
CA MET A 41 -6.55 -17.56 -0.72
C MET A 41 -6.19 -17.92 -2.15
N ASP A 42 -6.77 -19.01 -2.65
CA ASP A 42 -6.47 -19.48 -3.99
C ASP A 42 -6.83 -18.42 -5.02
N GLN A 43 -8.03 -17.87 -4.88
CA GLN A 43 -8.48 -16.82 -5.80
C GLN A 43 -7.61 -15.59 -5.67
N SER A 44 -7.25 -15.24 -4.44
CA SER A 44 -6.40 -14.08 -4.20
C SER A 44 -5.06 -14.28 -4.91
N ARG A 45 -4.49 -15.47 -4.78
CA ARG A 45 -3.22 -15.82 -5.43
C ARG A 45 -3.32 -15.66 -6.95
N MET A 46 -4.40 -16.18 -7.51
CA MET A 46 -4.63 -16.11 -8.95
C MET A 46 -4.72 -14.65 -9.40
N ALA A 47 -5.41 -13.83 -8.62
CA ALA A 47 -5.56 -12.41 -8.94
C ALA A 47 -4.19 -11.74 -9.00
N LEU A 48 -3.35 -12.05 -8.02
CA LEU A 48 -2.00 -11.49 -7.95
C LEU A 48 -1.15 -11.98 -9.12
N ASN A 49 -1.29 -13.26 -9.41
CA ASN A 49 -0.51 -13.87 -10.48
C ASN A 49 -0.77 -13.15 -11.80
N GLU A 50 -2.04 -12.89 -12.07
CA GLU A 50 -2.41 -12.17 -13.29
C GLU A 50 -1.86 -10.75 -13.23
N ALA A 51 -1.97 -10.13 -12.05
CA ALA A 51 -1.47 -8.77 -11.87
C ALA A 51 0.06 -8.75 -12.05
N HIS A 52 0.73 -9.71 -11.44
CA HIS A 52 2.19 -9.81 -11.54
C HIS A 52 2.61 -10.01 -13.00
N LEU A 53 1.86 -10.83 -13.72
CA LEU A 53 2.16 -11.11 -15.12
C LEU A 53 2.11 -9.82 -15.93
N VAL A 54 1.08 -9.02 -15.68
CA VAL A 54 0.94 -7.75 -16.38
C VAL A 54 2.11 -6.84 -16.04
N GLN A 55 2.46 -6.79 -14.76
CA GLN A 55 3.59 -5.96 -14.34
C GLN A 55 4.88 -6.45 -15.01
N THR A 56 5.08 -7.76 -15.08
CA THR A 56 6.28 -8.32 -15.72
C THR A 56 6.46 -7.71 -17.11
N LYS A 57 5.37 -7.66 -17.88
CA LYS A 57 5.43 -7.06 -19.22
C LYS A 57 5.76 -5.59 -19.10
N LEU A 58 5.18 -4.94 -18.10
CA LEU A 58 5.43 -3.52 -17.90
C LEU A 58 6.87 -3.24 -17.48
N ILE A 59 7.58 -4.25 -16.98
CA ILE A 59 8.99 -4.06 -16.60
C ILE A 59 9.93 -4.47 -17.76
N GLU A 60 9.55 -5.49 -18.53
CA GLU A 60 10.37 -5.95 -19.66
C GLU A 60 10.46 -4.88 -20.74
N GLY A 61 9.34 -4.20 -21.01
CA GLY A 61 9.31 -3.17 -22.03
C GLY A 61 9.20 -1.78 -21.42
N ASP A 62 9.80 -1.60 -20.24
CA ASP A 62 9.75 -0.32 -19.54
C ASP A 62 10.49 0.78 -20.32
N ALA A 63 11.17 0.39 -21.40
CA ALA A 63 11.90 1.36 -22.21
C ALA A 63 10.97 2.06 -23.19
N GLY A 64 11.49 3.07 -23.89
CA GLY A 64 10.68 3.81 -24.86
C GLY A 64 10.81 5.32 -24.66
N GLU A 65 10.45 5.80 -23.47
CA GLU A 65 10.53 7.23 -23.19
C GLU A 65 11.97 7.72 -23.18
N GLY A 66 12.86 6.90 -22.64
CA GLY A 66 14.28 7.27 -22.58
C GLY A 66 15.15 6.04 -22.36
N LYS A 67 16.47 6.25 -22.44
CA LYS A 67 17.41 5.15 -22.27
C LYS A 67 17.39 4.63 -20.82
N MET A 68 18.11 5.32 -19.94
CA MET A 68 18.20 4.93 -18.54
C MET A 68 16.88 5.05 -17.79
N LYS A 69 16.13 6.12 -18.08
CA LYS A 69 14.87 6.35 -17.37
C LYS A 69 13.76 5.39 -17.80
N VAL A 70 12.84 5.14 -16.87
CA VAL A 70 11.71 4.23 -17.10
C VAL A 70 10.41 4.88 -16.65
N SER A 71 9.28 4.23 -16.95
CA SER A 71 7.98 4.77 -16.55
C SER A 71 7.94 4.91 -15.03
N LEU A 72 7.54 6.10 -14.57
CA LEU A 72 7.48 6.40 -13.14
C LEU A 72 6.43 5.55 -12.41
N VAL A 73 5.30 5.39 -13.07
CA VAL A 73 4.18 4.62 -12.52
C VAL A 73 4.55 3.16 -12.22
N LEU A 74 5.63 2.68 -12.80
CA LEU A 74 6.06 1.31 -12.52
C LEU A 74 6.20 1.09 -11.03
N VAL A 75 6.62 2.14 -10.34
CA VAL A 75 6.81 2.09 -8.89
C VAL A 75 5.45 1.95 -8.21
N HIS A 76 4.19 2.92 -8.62
CA HIS A 76 2.82 2.86 -8.05
C HIS A 76 2.29 1.45 -8.16
N ALA A 77 2.65 0.74 -9.25
CA ALA A 77 2.20 -0.62 -9.46
C ALA A 77 3.04 -1.60 -8.66
N GLN A 78 4.37 -1.47 -8.72
CA GLN A 78 5.25 -2.40 -8.02
C GLN A 78 5.02 -2.31 -6.51
N LEU A 79 4.96 -1.09 -6.01
CA LEU A 79 4.72 -0.86 -4.59
C LEU A 79 3.44 -1.54 -4.13
N HIS A 80 2.35 -1.32 -4.85
CA HIS A 80 1.08 -1.91 -4.47
C HIS A 80 1.12 -3.44 -4.62
N LEU A 81 1.65 -3.90 -5.74
CA LEU A 81 1.74 -5.34 -5.99
C LEU A 81 2.64 -6.04 -4.98
N MET A 82 3.80 -5.45 -4.70
CA MET A 82 4.74 -6.05 -3.75
C MET A 82 4.11 -6.14 -2.37
N THR A 83 3.46 -5.05 -1.96
CA THR A 83 2.81 -5.00 -0.65
C THR A 83 1.69 -6.04 -0.56
N SER A 84 0.84 -6.07 -1.58
CA SER A 84 -0.29 -7.01 -1.61
C SER A 84 0.20 -8.46 -1.60
N MET A 85 1.16 -8.78 -2.45
CA MET A 85 1.69 -10.14 -2.51
C MET A 85 2.26 -10.57 -1.18
N LEU A 86 3.07 -9.70 -0.59
CA LEU A 86 3.68 -10.00 0.70
C LEU A 86 2.61 -10.19 1.78
N ALA A 87 1.64 -9.28 1.79
CA ALA A 87 0.56 -9.36 2.76
C ALA A 87 -0.15 -10.70 2.67
N ARG A 88 -0.49 -11.10 1.47
CA ARG A 88 -1.18 -12.37 1.27
C ARG A 88 -0.35 -13.55 1.78
N GLU A 89 0.93 -13.57 1.45
CA GLU A 89 1.77 -14.67 1.88
C GLU A 89 1.79 -14.78 3.39
N LEU A 90 1.95 -13.65 4.06
CA LEU A 90 1.96 -13.64 5.51
C LEU A 90 0.58 -14.03 6.05
N ILE A 91 -0.46 -13.51 5.42
CA ILE A 91 -1.82 -13.85 5.84
C ILE A 91 -2.03 -15.35 5.69
N THR A 92 -1.50 -15.92 4.61
CA THR A 92 -1.60 -17.37 4.40
C THR A 92 -0.98 -18.10 5.59
N GLU A 93 0.20 -17.64 6.01
CA GLU A 93 0.88 -18.23 7.16
C GLU A 93 0.02 -18.08 8.40
N LEU A 94 -0.57 -16.89 8.56
CA LEU A 94 -1.43 -16.62 9.72
C LEU A 94 -2.62 -17.59 9.71
N ILE A 95 -3.20 -17.80 8.55
CA ILE A 95 -4.34 -18.73 8.44
C ILE A 95 -3.90 -20.14 8.83
N GLU A 96 -2.72 -20.56 8.36
CA GLU A 96 -2.22 -21.88 8.71
C GLU A 96 -2.08 -22.00 10.22
N LEU A 97 -1.64 -20.91 10.87
CA LEU A 97 -1.51 -20.92 12.32
C LEU A 97 -2.88 -21.12 12.98
N HIS A 98 -3.89 -20.46 12.44
CA HIS A 98 -5.25 -20.62 12.98
C HIS A 98 -5.63 -22.08 12.92
N GLU A 99 -5.25 -22.75 11.84
CA GLU A 99 -5.55 -24.17 11.68
C GLU A 99 -4.81 -24.98 12.74
N LYS A 100 -3.56 -24.62 13.01
CA LYS A 100 -2.79 -25.32 14.02
C LYS A 100 -3.39 -25.06 15.41
N LEU A 101 -3.92 -23.84 15.61
CA LEU A 101 -4.56 -23.49 16.88
C LEU A 101 -5.80 -24.37 17.09
N LYS A 102 -6.02 -25.30 16.15
CA LYS A 102 -7.18 -26.20 16.21
C LYS A 102 -8.43 -25.52 15.71
N ALA A 103 -8.82 -24.42 16.39
CA ALA A 103 -10.03 -23.67 16.04
C ALA A 103 -10.30 -23.65 14.53
N ALA B 1 22.66 3.11 -13.51
CA ALA B 1 23.97 3.34 -14.19
C ALA B 1 24.86 2.13 -13.94
N GLU B 2 26.00 2.08 -14.64
CA GLU B 2 26.95 0.97 -14.53
C GLU B 2 26.86 0.24 -13.18
N GLU B 3 27.57 0.74 -12.19
CA GLU B 3 27.58 0.13 -10.87
C GLU B 3 26.22 0.21 -10.20
N LEU B 4 25.72 1.44 -10.02
CA LEU B 4 24.42 1.61 -9.38
C LEU B 4 23.38 0.61 -9.91
N GLU B 5 23.37 0.41 -11.22
CA GLU B 5 22.42 -0.52 -11.83
C GLU B 5 22.76 -1.95 -11.47
N GLU B 6 24.03 -2.30 -11.57
CA GLU B 6 24.50 -3.63 -11.23
C GLU B 6 24.38 -3.85 -9.73
N VAL B 7 24.60 -2.79 -8.97
CA VAL B 7 24.51 -2.85 -7.52
C VAL B 7 23.05 -3.11 -7.10
N VAL B 8 22.12 -2.44 -7.77
CA VAL B 8 20.69 -2.63 -7.49
C VAL B 8 20.33 -4.08 -7.74
N MET B 9 20.80 -4.63 -8.86
CA MET B 9 20.52 -6.03 -9.18
C MET B 9 21.01 -6.91 -8.03
N GLY B 10 22.21 -6.62 -7.53
CA GLY B 10 22.75 -7.37 -6.41
C GLY B 10 21.86 -7.21 -5.19
N LEU B 11 21.44 -5.98 -4.93
CA LEU B 11 20.56 -5.70 -3.79
C LEU B 11 19.24 -6.44 -3.93
N ILE B 12 18.67 -6.41 -5.13
CA ILE B 12 17.40 -7.09 -5.38
C ILE B 12 17.57 -8.58 -5.14
N ILE B 13 18.66 -9.12 -5.68
CA ILE B 13 18.94 -10.54 -5.50
C ILE B 13 19.17 -10.83 -4.02
N ASN B 14 19.95 -9.98 -3.36
CA ASN B 14 20.24 -10.16 -1.94
C ASN B 14 18.94 -10.10 -1.13
N SER B 15 18.11 -9.11 -1.42
CA SER B 15 16.83 -8.99 -0.74
C SER B 15 15.98 -10.23 -0.97
N GLY B 16 15.99 -10.71 -2.22
CA GLY B 16 15.23 -11.91 -2.57
C GLY B 16 15.76 -13.12 -1.81
N GLN B 17 17.08 -13.25 -1.75
CA GLN B 17 17.68 -14.37 -1.03
C GLN B 17 17.31 -14.28 0.45
N ALA B 18 17.35 -13.06 0.98
CA ALA B 18 17.00 -12.84 2.37
C ALA B 18 15.60 -13.36 2.66
N ARG B 19 14.64 -12.97 1.84
CA ARG B 19 13.27 -13.44 2.02
C ARG B 19 13.24 -14.96 1.90
N SER B 20 13.90 -15.47 0.86
CA SER B 20 13.94 -16.91 0.64
C SER B 20 14.41 -17.63 1.89
N LEU B 21 15.50 -17.13 2.48
CA LEU B 21 16.04 -17.73 3.71
C LEU B 21 15.01 -17.60 4.83
N ALA B 22 14.37 -16.44 4.93
CA ALA B 22 13.37 -16.20 5.97
C ALA B 22 12.24 -17.23 5.85
N TYR B 23 11.67 -17.38 4.65
CA TYR B 23 10.60 -18.36 4.46
C TYR B 23 11.12 -19.75 4.79
N ALA B 24 12.36 -20.04 4.38
CA ALA B 24 12.95 -21.33 4.67
C ALA B 24 13.06 -21.49 6.19
N ALA B 25 13.43 -20.41 6.87
CA ALA B 25 13.53 -20.43 8.33
C ALA B 25 12.18 -20.80 8.92
N LEU B 26 11.12 -20.21 8.39
CA LEU B 26 9.78 -20.50 8.86
C LEU B 26 9.45 -21.97 8.62
N LYS B 27 9.80 -22.46 7.44
CA LYS B 27 9.55 -23.86 7.11
C LYS B 27 10.21 -24.78 8.14
N GLN B 28 11.43 -24.43 8.54
CA GLN B 28 12.13 -25.23 9.56
C GLN B 28 11.31 -25.26 10.84
N ALA B 29 10.74 -24.11 11.19
CA ALA B 29 9.91 -24.02 12.40
C ALA B 29 8.73 -24.97 12.31
N LYS B 30 8.09 -25.01 11.14
CA LYS B 30 6.95 -25.90 10.94
C LYS B 30 7.36 -27.35 11.16
N GLN B 31 8.62 -27.67 10.83
CA GLN B 31 9.10 -29.04 11.01
C GLN B 31 9.46 -29.28 12.48
N GLY B 32 9.32 -28.24 13.29
CA GLY B 32 9.63 -28.35 14.72
C GLY B 32 11.13 -28.18 14.99
N ASP B 33 11.86 -27.66 14.00
CA ASP B 33 13.29 -27.46 14.14
C ASP B 33 13.60 -26.02 14.53
N PHE B 34 13.47 -25.71 15.81
CA PHE B 34 13.73 -24.34 16.29
C PHE B 34 15.18 -23.94 16.10
N ALA B 35 16.09 -24.90 16.27
CA ALA B 35 17.52 -24.60 16.15
C ALA B 35 17.86 -24.12 14.74
N ALA B 36 17.43 -24.87 13.74
CA ALA B 36 17.71 -24.50 12.36
C ALA B 36 16.98 -23.20 12.01
N ALA B 37 15.77 -23.03 12.51
CA ALA B 37 15.03 -21.80 12.24
C ALA B 37 15.82 -20.61 12.74
N LYS B 38 16.23 -20.68 14.02
CA LYS B 38 17.01 -19.60 14.63
C LYS B 38 18.27 -19.27 13.81
N ALA B 39 18.99 -20.29 13.40
CA ALA B 39 20.21 -20.10 12.61
C ALA B 39 19.91 -19.41 11.28
N MET B 40 18.83 -19.82 10.64
CA MET B 40 18.44 -19.26 9.36
C MET B 40 18.05 -17.78 9.51
N MET B 41 17.32 -17.45 10.57
CA MET B 41 16.92 -16.06 10.78
C MET B 41 18.15 -15.17 10.97
N ASP B 42 19.12 -15.68 11.73
CA ASP B 42 20.33 -14.93 12.01
C ASP B 42 21.06 -14.57 10.73
N GLN B 43 21.21 -15.58 9.86
CA GLN B 43 21.88 -15.36 8.59
C GLN B 43 21.08 -14.40 7.72
N SER B 44 19.76 -14.54 7.73
CA SER B 44 18.91 -13.65 6.95
C SER B 44 19.13 -12.20 7.41
N ARG B 45 19.14 -12.00 8.73
CA ARG B 45 19.35 -10.68 9.30
C ARG B 45 20.69 -10.09 8.83
N MET B 46 21.74 -10.90 8.89
CA MET B 46 23.07 -10.45 8.49
C MET B 46 23.05 -10.04 7.02
N ALA B 47 22.37 -10.84 6.20
CA ALA B 47 22.27 -10.53 4.77
C ALA B 47 21.58 -9.19 4.56
N LEU B 48 20.50 -8.97 5.31
CA LEU B 48 19.75 -7.72 5.21
C LEU B 48 20.59 -6.55 5.72
N ASN B 49 21.30 -6.78 6.81
CA ASN B 49 22.13 -5.75 7.40
C ASN B 49 23.18 -5.26 6.40
N GLU B 50 23.83 -6.19 5.73
CA GLU B 50 24.82 -5.83 4.72
C GLU B 50 24.17 -5.10 3.57
N ALA B 51 23.00 -5.58 3.17
CA ALA B 51 22.25 -4.96 2.08
C ALA B 51 21.83 -3.54 2.48
N HIS B 52 21.32 -3.41 3.70
CA HIS B 52 20.88 -2.11 4.21
C HIS B 52 22.06 -1.13 4.27
N LEU B 53 23.22 -1.64 4.69
CA LEU B 53 24.42 -0.80 4.79
C LEU B 53 24.77 -0.23 3.41
N VAL B 54 24.71 -1.09 2.40
CA VAL B 54 25.03 -0.66 1.04
C VAL B 54 24.01 0.40 0.61
N GLN B 55 22.73 0.16 0.90
CA GLN B 55 21.70 1.13 0.53
C GLN B 55 21.96 2.45 1.25
N THR B 56 22.32 2.39 2.54
CA THR B 56 22.60 3.61 3.30
C THR B 56 23.57 4.50 2.53
N LYS B 57 24.65 3.90 2.04
CA LYS B 57 25.62 4.66 1.25
C LYS B 57 24.97 5.20 -0.01
N LEU B 58 24.12 4.39 -0.61
CA LEU B 58 23.44 4.78 -1.84
C LEU B 58 22.45 5.93 -1.59
N ILE B 59 22.02 6.12 -0.32
CA ILE B 59 21.11 7.23 -0.01
C ILE B 59 21.88 8.48 0.45
N GLU B 60 23.00 8.27 1.16
CA GLU B 60 23.81 9.39 1.64
C GLU B 60 24.42 10.17 0.46
N GLY B 61 24.86 9.43 -0.55
CA GLY B 61 25.49 10.05 -1.72
C GLY B 61 24.59 9.96 -2.95
N ASP B 62 23.28 10.02 -2.73
CA ASP B 62 22.32 9.93 -3.82
C ASP B 62 22.41 11.14 -4.77
N ALA B 63 23.21 12.12 -4.40
CA ALA B 63 23.36 13.32 -5.23
C ALA B 63 24.37 13.07 -6.34
N GLY B 64 24.50 14.03 -7.26
CA GLY B 64 25.44 13.90 -8.37
C GLY B 64 24.78 14.23 -9.71
N GLU B 65 23.73 13.48 -10.05
CA GLU B 65 23.03 13.70 -11.32
C GLU B 65 22.34 15.07 -11.33
N GLY B 66 21.76 15.45 -10.20
CA GLY B 66 21.07 16.73 -10.11
C GLY B 66 20.91 17.16 -8.66
N LYS B 67 20.42 18.38 -8.47
CA LYS B 67 20.23 18.92 -7.13
C LYS B 67 19.13 18.16 -6.38
N MET B 68 17.88 18.54 -6.66
CA MET B 68 16.72 17.93 -6.01
C MET B 68 16.52 16.47 -6.40
N LYS B 69 16.75 16.13 -7.66
CA LYS B 69 16.54 14.76 -8.14
C LYS B 69 17.62 13.80 -7.64
N VAL B 70 17.22 12.52 -7.52
CA VAL B 70 18.11 11.47 -7.05
C VAL B 70 18.02 10.24 -7.98
N SER B 71 18.89 9.26 -7.76
CA SER B 71 18.88 8.05 -8.59
C SER B 71 17.52 7.37 -8.49
N LEU B 72 16.93 7.04 -9.64
CA LEU B 72 15.60 6.45 -9.66
C LEU B 72 15.59 5.04 -9.04
N VAL B 73 16.65 4.30 -9.35
CA VAL B 73 16.80 2.93 -8.88
C VAL B 73 16.83 2.84 -7.34
N LEU B 74 17.06 3.95 -6.67
CA LEU B 74 17.06 3.94 -5.21
C LEU B 74 15.77 3.37 -4.68
N VAL B 75 14.68 3.71 -5.37
CA VAL B 75 13.35 3.25 -5.00
C VAL B 75 13.29 1.72 -5.15
N HIS B 76 13.82 1.12 -6.34
CA HIS B 76 13.79 -0.32 -6.56
C HIS B 76 14.52 -1.04 -5.42
N ALA B 77 15.67 -0.51 -5.02
CA ALA B 77 16.43 -1.13 -3.95
C ALA B 77 15.71 -0.96 -2.62
N GLN B 78 15.17 0.23 -2.38
CA GLN B 78 14.48 0.51 -1.12
C GLN B 78 13.21 -0.35 -1.04
N LEU B 79 12.44 -0.39 -2.12
CA LEU B 79 11.22 -1.18 -2.14
C LEU B 79 11.49 -2.65 -1.82
N HIS B 80 12.48 -3.23 -2.48
CA HIS B 80 12.80 -4.62 -2.24
C HIS B 80 13.36 -4.83 -0.84
N LEU B 81 14.27 -3.95 -0.44
CA LEU B 81 14.88 -4.06 0.89
C LEU B 81 13.85 -3.85 2.00
N MET B 82 13.00 -2.85 1.86
CA MET B 82 11.98 -2.57 2.87
C MET B 82 11.02 -3.75 3.01
N THR B 83 10.59 -4.28 1.87
CA THR B 83 9.67 -5.41 1.87
C THR B 83 10.32 -6.64 2.50
N SER B 84 11.55 -6.94 2.10
CA SER B 84 12.26 -8.09 2.64
C SER B 84 12.50 -7.97 4.14
N MET B 85 12.97 -6.81 4.58
CA MET B 85 13.24 -6.60 6.01
C MET B 85 11.96 -6.76 6.83
N LEU B 86 10.89 -6.14 6.36
CA LEU B 86 9.61 -6.21 7.06
C LEU B 86 9.11 -7.65 7.12
N ALA B 87 9.17 -8.33 5.98
CA ALA B 87 8.72 -9.71 5.90
C ALA B 87 9.49 -10.58 6.88
N ARG B 88 10.79 -10.44 6.86
CA ARG B 88 11.65 -11.22 7.75
C ARG B 88 11.28 -10.97 9.21
N GLU B 89 11.08 -9.70 9.59
CA GLU B 89 10.75 -9.38 10.97
C GLU B 89 9.43 -10.05 11.37
N LEU B 90 8.44 -9.96 10.50
CA LEU B 90 7.14 -10.56 10.78
C LEU B 90 7.28 -12.08 10.84
N ILE B 91 8.06 -12.63 9.92
CA ILE B 91 8.30 -14.07 9.91
C ILE B 91 8.95 -14.49 11.23
N THR B 92 9.86 -13.66 11.73
CA THR B 92 10.50 -13.96 13.02
C THR B 92 9.43 -14.07 14.09
N GLU B 93 8.49 -13.13 14.09
CA GLU B 93 7.40 -13.15 15.06
C GLU B 93 6.58 -14.43 14.88
N LEU B 94 6.30 -14.77 13.62
CA LEU B 94 5.54 -15.99 13.33
C LEU B 94 6.27 -17.21 13.87
N ILE B 95 7.59 -17.26 13.68
CA ILE B 95 8.36 -18.38 14.19
C ILE B 95 8.28 -18.46 15.71
N GLU B 96 8.36 -17.30 16.37
CA GLU B 96 8.25 -17.27 17.83
C GLU B 96 6.90 -17.85 18.25
N LEU B 97 5.86 -17.54 17.49
CA LEU B 97 4.52 -18.05 17.79
C LEU B 97 4.52 -19.58 17.69
N HIS B 98 5.19 -20.10 16.66
CA HIS B 98 5.27 -21.55 16.50
C HIS B 98 5.89 -22.17 17.75
N GLU B 99 6.90 -21.48 18.28
CA GLU B 99 7.55 -21.95 19.50
C GLU B 99 6.58 -21.94 20.66
N LYS B 100 5.77 -20.88 20.77
CA LYS B 100 4.79 -20.80 21.84
C LYS B 100 3.72 -21.88 21.65
N LEU B 101 3.39 -22.19 20.39
CA LEU B 101 2.42 -23.25 20.11
C LEU B 101 2.96 -24.60 20.58
N LYS B 102 4.13 -24.57 21.21
CA LYS B 102 4.77 -25.78 21.72
C LYS B 102 5.49 -26.51 20.59
N ALA B 103 4.71 -26.92 19.58
CA ALA B 103 5.25 -27.67 18.43
C ALA B 103 6.64 -27.19 18.04
N ALA C 1 11.12 19.25 -2.05
CA ALA C 1 11.16 20.74 -1.98
C ALA C 1 10.96 21.17 -0.54
N GLU C 2 11.18 22.45 -0.27
CA GLU C 2 11.04 23.02 1.08
C GLU C 2 10.10 22.22 1.98
N GLU C 3 8.81 22.51 1.89
CA GLU C 3 7.83 21.81 2.71
C GLU C 3 7.73 20.34 2.34
N LEU C 4 7.37 20.07 1.08
CA LEU C 4 7.24 18.68 0.63
C LEU C 4 8.38 17.80 1.16
N GLU C 5 9.60 18.32 1.11
CA GLU C 5 10.76 17.57 1.58
C GLU C 5 10.74 17.43 3.10
N GLU C 6 10.47 18.53 3.78
CA GLU C 6 10.41 18.52 5.24
C GLU C 6 9.19 17.70 5.68
N VAL C 7 8.12 17.78 4.89
CA VAL C 7 6.90 17.04 5.17
C VAL C 7 7.17 15.53 5.06
N VAL C 8 7.92 15.14 4.03
CA VAL C 8 8.27 13.74 3.83
C VAL C 8 9.06 13.24 5.04
N MET C 9 10.02 14.04 5.50
CA MET C 9 10.80 13.67 6.66
C MET C 9 9.87 13.40 7.84
N GLY C 10 8.88 14.29 8.01
CA GLY C 10 7.91 14.13 9.08
C GLY C 10 7.12 12.84 8.88
N LEU C 11 6.71 12.59 7.65
CA LEU C 11 5.94 11.37 7.33
C LEU C 11 6.79 10.14 7.59
N ILE C 12 8.05 10.18 7.18
CA ILE C 12 8.94 9.04 7.37
C ILE C 12 9.11 8.78 8.87
N ILE C 13 9.32 9.87 9.61
CA ILE C 13 9.47 9.76 11.06
C ILE C 13 8.16 9.23 11.66
N ASN C 14 7.05 9.81 11.22
CA ASN C 14 5.73 9.40 11.72
C ASN C 14 5.50 7.92 11.43
N SER C 15 5.79 7.51 10.19
CA SER C 15 5.63 6.11 9.81
C SER C 15 6.52 5.24 10.68
N GLY C 16 7.76 5.70 10.90
CA GLY C 16 8.70 4.95 11.73
C GLY C 16 8.18 4.84 13.16
N GLN C 17 7.67 5.95 13.70
CA GLN C 17 7.13 5.92 15.06
C GLN C 17 5.95 4.97 15.12
N ALA C 18 5.12 5.01 14.08
CA ALA C 18 3.96 4.14 14.02
C ALA C 18 4.38 2.67 14.15
N ARG C 19 5.36 2.27 13.33
CA ARG C 19 5.84 0.91 13.40
C ARG C 19 6.41 0.63 14.79
N SER C 20 7.21 1.57 15.28
CA SER C 20 7.81 1.41 16.60
C SER C 20 6.73 1.13 17.65
N LEU C 21 5.66 1.92 17.61
CA LEU C 21 4.56 1.74 18.54
C LEU C 21 3.92 0.37 18.33
N ALA C 22 3.73 0.00 17.06
CA ALA C 22 3.13 -1.29 16.73
C ALA C 22 3.96 -2.44 17.33
N TYR C 23 5.27 -2.43 17.07
CA TYR C 23 6.14 -3.47 17.64
C TYR C 23 6.05 -3.45 19.16
N ALA C 24 6.03 -2.24 19.72
CA ALA C 24 5.92 -2.11 21.17
C ALA C 24 4.59 -2.72 21.62
N ALA C 25 3.54 -2.47 20.85
CA ALA C 25 2.23 -3.03 21.16
C ALA C 25 2.31 -4.55 21.21
N LEU C 26 3.01 -5.12 20.24
CA LEU C 26 3.19 -6.57 20.18
C LEU C 26 3.95 -7.05 21.42
N LYS C 27 4.99 -6.31 21.77
CA LYS C 27 5.79 -6.66 22.94
C LYS C 27 4.90 -6.72 24.19
N GLN C 28 3.99 -5.77 24.31
CA GLN C 28 3.06 -5.75 25.44
C GLN C 28 2.26 -7.04 25.47
N ALA C 29 1.82 -7.47 24.27
CA ALA C 29 1.05 -8.70 24.16
C ALA C 29 1.85 -9.89 24.67
N LYS C 30 3.13 -9.94 24.30
CA LYS C 30 3.99 -11.02 24.76
C LYS C 30 4.07 -11.06 26.28
N GLN C 31 3.98 -9.88 26.90
CA GLN C 31 4.04 -9.80 28.36
C GLN C 31 2.67 -10.17 28.96
N GLY C 32 1.71 -10.44 28.08
CA GLY C 32 0.36 -10.83 28.53
C GLY C 32 -0.47 -9.60 28.89
N ASP C 33 -0.04 -8.43 28.44
CA ASP C 33 -0.76 -7.18 28.70
C ASP C 33 -1.63 -6.80 27.51
N PHE C 34 -2.80 -7.41 27.42
CA PHE C 34 -3.71 -7.14 26.31
C PHE C 34 -4.22 -5.70 26.34
N ALA C 35 -4.43 -5.17 27.54
CA ALA C 35 -4.94 -3.81 27.68
C ALA C 35 -3.97 -2.79 27.08
N ALA C 36 -2.71 -2.89 27.47
CA ALA C 36 -1.71 -1.96 26.96
C ALA C 36 -1.50 -2.17 25.47
N ALA C 37 -1.55 -3.42 25.02
CA ALA C 37 -1.38 -3.71 23.60
C ALA C 37 -2.48 -3.00 22.81
N LYS C 38 -3.72 -3.21 23.22
CA LYS C 38 -4.87 -2.59 22.57
C LYS C 38 -4.72 -1.07 22.49
N ALA C 39 -4.32 -0.45 23.61
CA ALA C 39 -4.16 1.00 23.65
C ALA C 39 -3.06 1.46 22.68
N MET C 40 -1.96 0.72 22.64
CA MET C 40 -0.85 1.06 21.77
C MET C 40 -1.25 0.92 20.30
N MET C 41 -2.03 -0.11 19.99
CA MET C 41 -2.48 -0.31 18.61
C MET C 41 -3.35 0.85 18.16
N ASP C 42 -4.25 1.28 19.04
CA ASP C 42 -5.17 2.36 18.72
C ASP C 42 -4.41 3.63 18.38
N GLN C 43 -3.42 3.97 19.21
CA GLN C 43 -2.61 5.16 18.97
C GLN C 43 -1.83 5.03 17.67
N SER C 44 -1.30 3.85 17.42
CA SER C 44 -0.55 3.60 16.19
C SER C 44 -1.44 3.87 14.98
N ARG C 45 -2.67 3.32 15.03
CA ARG C 45 -3.64 3.50 13.96
C ARG C 45 -3.93 4.99 13.72
N MET C 46 -4.14 5.72 14.81
CA MET C 46 -4.43 7.15 14.72
C MET C 46 -3.26 7.89 14.08
N ALA C 47 -2.04 7.51 14.47
CA ALA C 47 -0.84 8.14 13.91
C ALA C 47 -0.78 7.91 12.40
N LEU C 48 -1.08 6.68 11.98
CA LEU C 48 -1.07 6.33 10.57
C LEU C 48 -2.17 7.06 9.82
N ASN C 49 -3.34 7.15 10.45
CA ASN C 49 -4.48 7.81 9.84
C ASN C 49 -4.14 9.27 9.52
N GLU C 50 -3.51 9.95 10.47
CA GLU C 50 -3.11 11.33 10.26
C GLU C 50 -2.06 11.41 9.16
N ALA C 51 -1.13 10.47 9.19
CA ALA C 51 -0.07 10.43 8.18
C ALA C 51 -0.67 10.15 6.80
N HIS C 52 -1.58 9.19 6.74
CA HIS C 52 -2.25 8.85 5.48
C HIS C 52 -3.02 10.05 4.94
N LEU C 53 -3.69 10.78 5.83
CA LEU C 53 -4.47 11.95 5.43
C LEU C 53 -3.56 12.98 4.76
N VAL C 54 -2.39 13.20 5.35
CA VAL C 54 -1.45 14.16 4.80
C VAL C 54 -0.99 13.67 3.43
N GLN C 55 -0.69 12.38 3.32
CA GLN C 55 -0.26 11.82 2.04
C GLN C 55 -1.38 11.99 1.00
N THR C 56 -2.62 11.74 1.41
CA THR C 56 -3.76 11.88 0.48
C THR C 56 -3.70 13.25 -0.19
N LYS C 57 -3.50 14.29 0.60
CA LYS C 57 -3.40 15.64 0.05
C LYS C 57 -2.20 15.73 -0.88
N LEU C 58 -1.11 15.09 -0.49
CA LEU C 58 0.10 15.11 -1.29
C LEU C 58 -0.08 14.35 -2.61
N ILE C 59 -1.09 13.47 -2.70
CA ILE C 59 -1.33 12.76 -3.95
C ILE C 59 -2.40 13.48 -4.79
N GLU C 60 -3.38 14.10 -4.14
CA GLU C 60 -4.43 14.83 -4.87
C GLU C 60 -3.85 16.03 -5.60
N GLY C 61 -2.89 16.71 -4.98
CA GLY C 61 -2.28 17.89 -5.57
C GLY C 61 -0.83 17.62 -5.97
N ASP C 62 -0.56 16.41 -6.41
CA ASP C 62 0.79 16.03 -6.80
C ASP C 62 1.22 16.75 -8.06
N ALA C 63 0.31 17.49 -8.68
CA ALA C 63 0.63 18.24 -9.90
C ALA C 63 1.30 19.56 -9.56
N GLY C 64 1.78 20.26 -10.59
CA GLY C 64 2.43 21.56 -10.39
C GLY C 64 3.77 21.63 -11.13
N GLU C 65 4.69 20.71 -10.81
CA GLU C 65 5.99 20.70 -11.45
C GLU C 65 5.87 20.38 -12.94
N GLY C 66 4.99 19.45 -13.27
CA GLY C 66 4.80 19.05 -14.66
C GLY C 66 3.45 18.36 -14.86
N LYS C 67 3.12 18.09 -16.11
CA LYS C 67 1.85 17.44 -16.43
C LYS C 67 1.83 16.00 -15.92
N MET C 68 2.44 15.10 -16.70
CA MET C 68 2.48 13.68 -16.36
C MET C 68 3.31 13.38 -15.12
N LYS C 69 4.45 14.07 -14.97
CA LYS C 69 5.34 13.83 -13.84
C LYS C 69 4.79 14.36 -12.52
N VAL C 70 5.20 13.71 -11.43
CA VAL C 70 4.76 14.07 -10.08
C VAL C 70 5.96 14.16 -9.13
N SER C 71 5.72 14.64 -7.91
CA SER C 71 6.80 14.75 -6.93
C SER C 71 7.42 13.38 -6.68
N LEU C 72 8.74 13.30 -6.77
CA LEU C 72 9.45 12.03 -6.61
C LEU C 72 9.31 11.48 -5.19
N VAL C 73 9.40 12.39 -4.22
CA VAL C 73 9.33 12.04 -2.80
C VAL C 73 8.00 11.37 -2.44
N LEU C 74 6.99 11.51 -3.28
CA LEU C 74 5.72 10.86 -3.01
C LEU C 74 5.90 9.37 -2.77
N VAL C 75 6.82 8.80 -3.55
CA VAL C 75 7.14 7.39 -3.45
C VAL C 75 7.74 7.10 -2.07
N HIS C 76 8.75 7.95 -1.57
CA HIS C 76 9.37 7.75 -0.27
C HIS C 76 8.30 7.72 0.82
N ALA C 77 7.37 8.67 0.77
CA ALA C 77 6.31 8.74 1.76
C ALA C 77 5.36 7.55 1.62
N GLN C 78 5.02 7.21 0.39
CA GLN C 78 4.10 6.10 0.14
C GLN C 78 4.74 4.78 0.58
N LEU C 79 5.99 4.58 0.19
CA LEU C 79 6.71 3.36 0.55
C LEU C 79 6.75 3.17 2.06
N HIS C 80 7.13 4.21 2.79
CA HIS C 80 7.20 4.12 4.24
C HIS C 80 5.81 3.94 4.85
N LEU C 81 4.87 4.73 4.38
CA LEU C 81 3.50 4.67 4.89
C LEU C 81 2.85 3.31 4.59
N MET C 82 3.01 2.84 3.37
CA MET C 82 2.42 1.55 2.98
C MET C 82 3.01 0.42 3.82
N THR C 83 4.32 0.45 3.99
CA THR C 83 5.00 -0.58 4.76
C THR C 83 4.54 -0.55 6.22
N SER C 84 4.53 0.64 6.80
CA SER C 84 4.12 0.80 8.20
C SER C 84 2.67 0.37 8.42
N MET C 85 1.76 0.84 7.56
CA MET C 85 0.35 0.48 7.70
C MET C 85 0.16 -1.04 7.61
N LEU C 86 0.80 -1.65 6.63
CA LEU C 86 0.70 -3.09 6.43
C LEU C 86 1.24 -3.83 7.65
N ALA C 87 2.42 -3.42 8.10
CA ALA C 87 3.05 -4.04 9.25
C ALA C 87 2.13 -3.96 10.47
N ARG C 88 1.61 -2.77 10.71
CA ARG C 88 0.74 -2.55 11.84
C ARG C 88 -0.50 -3.47 11.77
N GLU C 89 -1.11 -3.56 10.59
CA GLU C 89 -2.29 -4.42 10.44
C GLU C 89 -1.95 -5.88 10.74
N LEU C 90 -0.82 -6.35 10.20
CA LEU C 90 -0.40 -7.72 10.44
C LEU C 90 -0.07 -7.92 11.91
N ILE C 91 0.60 -6.95 12.49
CA ILE C 91 0.95 -7.02 13.90
C ILE C 91 -0.33 -7.12 14.73
N THR C 92 -1.36 -6.39 14.32
CA THR C 92 -2.64 -6.46 15.02
C THR C 92 -3.15 -7.89 14.99
N GLU C 93 -3.06 -8.53 13.83
CA GLU C 93 -3.50 -9.92 13.70
C GLU C 93 -2.66 -10.82 14.62
N LEU C 94 -1.36 -10.56 14.63
CA LEU C 94 -0.45 -11.34 15.47
C LEU C 94 -0.84 -11.20 16.94
N ILE C 95 -1.16 -9.98 17.35
CA ILE C 95 -1.57 -9.73 18.73
C ILE C 95 -2.86 -10.51 19.05
N GLU C 96 -3.80 -10.48 18.12
CA GLU C 96 -5.05 -11.21 18.31
C GLU C 96 -4.75 -12.70 18.53
N LEU C 97 -3.78 -13.21 17.77
CA LEU C 97 -3.39 -14.61 17.91
C LEU C 97 -2.85 -14.87 19.32
N HIS C 98 -2.05 -13.94 19.83
CA HIS C 98 -1.52 -14.09 21.18
C HIS C 98 -2.68 -14.22 22.16
N GLU C 99 -3.73 -13.44 21.92
CA GLU C 99 -4.90 -13.49 22.78
C GLU C 99 -5.57 -14.87 22.68
N LYS C 100 -5.65 -15.41 21.46
CA LYS C 100 -6.25 -16.72 21.29
C LYS C 100 -5.38 -17.78 21.95
N LEU C 101 -4.05 -17.58 21.91
CA LEU C 101 -3.12 -18.52 22.55
C LEU C 101 -3.37 -18.53 24.06
N LYS C 102 -4.36 -17.76 24.51
CA LYS C 102 -4.70 -17.67 25.93
C LYS C 102 -3.78 -16.68 26.63
N ALA C 103 -2.48 -16.99 26.61
CA ALA C 103 -1.45 -16.16 27.26
C ALA C 103 -1.80 -14.67 27.21
N LYS D 1 -19.97 26.95 -1.17
CA LYS D 1 -19.08 26.05 -1.96
C LYS D 1 -19.44 24.59 -1.78
N LYS D 2 -19.77 23.94 -2.87
CA LYS D 2 -20.15 22.54 -2.84
C LYS D 2 -18.93 21.62 -2.88
N HIS D 3 -19.02 20.49 -2.19
CA HIS D 3 -17.93 19.52 -2.13
C HIS D 3 -18.12 18.37 -3.08
N ILE D 4 -17.20 18.26 -4.03
CA ILE D 4 -17.22 17.18 -4.99
C ILE D 4 -16.07 16.24 -4.61
N TYR D 5 -16.39 15.03 -4.18
CA TYR D 5 -15.38 14.06 -3.78
C TYR D 5 -15.33 12.90 -4.76
N LEU D 6 -14.13 12.60 -5.26
CA LEU D 6 -13.90 11.48 -6.19
C LEU D 6 -13.25 10.35 -5.40
N PHE D 7 -13.56 9.09 -5.75
CA PHE D 7 -12.87 7.96 -5.12
C PHE D 7 -12.20 7.06 -6.16
N CYS D 8 -11.07 6.44 -5.73
CA CYS D 8 -10.31 5.44 -6.45
C CYS D 8 -9.54 4.56 -5.46
N SER D 9 -8.65 3.67 -5.85
CA SER D 9 -8.07 2.84 -4.79
C SER D 9 -7.20 3.65 -3.86
N ALA D 10 -6.20 4.41 -4.38
CA ALA D 10 -5.28 5.13 -3.50
C ALA D 10 -5.55 6.62 -3.57
N GLY D 11 -5.93 7.11 -4.76
CA GLY D 11 -6.22 8.52 -4.95
C GLY D 11 -5.18 9.21 -5.82
N MET D 12 -4.49 8.49 -6.70
CA MET D 12 -3.49 9.11 -7.55
C MET D 12 -3.99 9.31 -8.99
N SER D 13 -4.07 8.25 -9.72
CA SER D 13 -4.51 8.35 -11.12
C SER D 13 -5.71 9.29 -11.27
N THR D 14 -6.45 9.49 -10.18
CA THR D 14 -7.62 10.37 -10.31
C THR D 14 -7.22 11.77 -9.88
N SER D 15 -6.09 11.83 -9.22
CA SER D 15 -5.48 13.09 -8.76
C SER D 15 -5.20 14.03 -9.93
N LEU D 16 -4.82 13.46 -11.06
CA LEU D 16 -4.55 14.26 -12.24
C LEU D 16 -5.88 14.86 -12.76
N LEU D 17 -6.96 14.07 -12.72
CA LEU D 17 -8.28 14.55 -13.14
C LEU D 17 -8.75 15.68 -12.19
N VAL D 18 -8.54 15.48 -10.88
CA VAL D 18 -8.91 16.50 -9.89
C VAL D 18 -8.18 17.83 -10.15
N SER D 19 -6.89 17.79 -10.47
CA SER D 19 -6.17 19.03 -10.74
C SER D 19 -6.73 19.77 -11.98
N LYS D 20 -7.12 19.03 -13.02
CA LYS D 20 -7.71 19.66 -14.20
C LYS D 20 -9.12 20.20 -13.91
N MET D 21 -9.87 19.50 -13.07
CA MET D 21 -11.22 20.00 -12.73
C MET D 21 -11.08 21.31 -11.94
N ARG D 22 -10.13 21.39 -11.02
CA ARG D 22 -9.91 22.60 -10.21
C ARG D 22 -9.56 23.79 -11.12
N ALA D 23 -8.79 23.54 -12.18
CA ALA D 23 -8.39 24.59 -13.11
C ALA D 23 -9.63 25.14 -13.81
N GLN D 24 -10.50 24.24 -14.24
CA GLN D 24 -11.72 24.61 -14.91
C GLN D 24 -12.67 25.35 -14.00
N ALA D 25 -12.80 24.88 -12.77
CA ALA D 25 -13.69 25.53 -11.80
C ALA D 25 -13.24 26.96 -11.55
N GLU D 26 -11.93 27.20 -11.60
CA GLU D 26 -11.39 28.54 -11.36
C GLU D 26 -11.65 29.43 -12.57
N LYS D 27 -11.43 28.88 -13.76
CA LYS D 27 -11.63 29.59 -14.99
C LYS D 27 -13.07 30.10 -15.12
N TYR D 28 -14.05 29.29 -14.72
CA TYR D 28 -15.48 29.69 -14.80
C TYR D 28 -16.13 30.10 -13.49
N GLU D 29 -15.33 30.35 -12.46
CA GLU D 29 -15.81 30.78 -11.15
C GLU D 29 -16.89 29.89 -10.51
N VAL D 30 -16.76 28.58 -10.66
CA VAL D 30 -17.70 27.63 -10.08
C VAL D 30 -17.27 27.48 -8.62
N PRO D 31 -18.19 27.73 -7.67
CA PRO D 31 -17.91 27.64 -6.23
C PRO D 31 -17.93 26.21 -5.68
N VAL D 32 -16.88 25.46 -6.01
CA VAL D 32 -16.75 24.08 -5.57
C VAL D 32 -15.38 23.76 -5.01
N ILE D 33 -15.35 22.75 -4.14
CA ILE D 33 -14.13 22.22 -3.55
C ILE D 33 -14.09 20.77 -4.09
N ILE D 34 -12.98 20.40 -4.71
CA ILE D 34 -12.79 19.07 -5.32
C ILE D 34 -11.61 18.31 -4.66
N GLU D 35 -11.86 17.09 -4.18
CA GLU D 35 -10.83 16.27 -3.52
C GLU D 35 -10.93 14.82 -4.00
N ALA D 36 -9.78 14.14 -4.09
CA ALA D 36 -9.71 12.73 -4.50
C ALA D 36 -9.34 11.92 -3.25
N PHE D 37 -9.93 10.74 -3.09
CA PHE D 37 -9.64 9.87 -1.95
C PHE D 37 -9.66 8.44 -2.43
N PRO D 38 -9.08 7.53 -1.64
CA PRO D 38 -9.07 6.11 -2.02
C PRO D 38 -10.49 5.61 -1.70
N GLU D 39 -10.91 4.54 -2.35
CA GLU D 39 -12.24 3.96 -2.13
C GLU D 39 -12.51 3.54 -0.69
N THR D 40 -11.46 3.29 0.09
CA THR D 40 -11.63 2.88 1.48
C THR D 40 -12.26 3.95 2.37
N LEU D 41 -12.19 5.21 1.94
CA LEU D 41 -12.77 6.32 2.70
C LEU D 41 -14.15 6.77 2.20
N ALA D 42 -14.74 6.07 1.21
CA ALA D 42 -16.05 6.45 0.63
C ALA D 42 -17.14 6.64 1.68
N GLY D 43 -17.12 5.80 2.71
CA GLY D 43 -18.13 5.91 3.75
C GLY D 43 -17.81 6.98 4.77
N GLU D 44 -16.53 7.16 5.08
CA GLU D 44 -16.15 8.15 6.07
C GLU D 44 -16.16 9.59 5.49
N LYS D 45 -15.52 9.77 4.34
CA LYS D 45 -15.46 11.08 3.70
C LYS D 45 -16.73 11.45 2.92
N GLY D 46 -17.38 10.46 2.32
CA GLY D 46 -18.60 10.70 1.55
C GLY D 46 -19.69 11.43 2.29
N GLN D 47 -19.77 11.23 3.60
CA GLN D 47 -20.79 11.89 4.43
C GLN D 47 -20.74 13.42 4.34
N ASN D 48 -19.59 13.97 3.95
CA ASN D 48 -19.43 15.41 3.87
C ASN D 48 -19.45 15.95 2.45
N ALA D 49 -19.66 15.08 1.48
CA ALA D 49 -19.67 15.54 0.10
C ALA D 49 -21.06 15.97 -0.30
N ASP D 50 -21.11 16.82 -1.31
CA ASP D 50 -22.38 17.25 -1.83
C ASP D 50 -22.73 16.32 -2.99
N VAL D 51 -21.69 15.73 -3.60
CA VAL D 51 -21.88 14.75 -4.67
C VAL D 51 -20.68 13.78 -4.61
N VAL D 52 -20.98 12.49 -4.70
CA VAL D 52 -19.97 11.44 -4.66
C VAL D 52 -19.78 10.85 -6.06
N LEU D 53 -18.55 10.92 -6.57
CA LEU D 53 -18.24 10.38 -7.88
C LEU D 53 -17.30 9.18 -7.73
N LEU D 54 -17.60 8.08 -8.42
CA LEU D 54 -16.75 6.88 -8.36
C LEU D 54 -15.96 6.73 -9.63
N GLY D 55 -14.69 6.35 -9.51
CA GLY D 55 -13.84 6.18 -10.68
C GLY D 55 -14.39 5.02 -11.49
N PRO D 56 -14.13 4.94 -12.76
CA PRO D 56 -14.66 3.84 -13.62
C PRO D 56 -14.24 2.42 -13.18
N GLN D 57 -13.07 2.31 -12.54
CA GLN D 57 -12.57 1.02 -12.08
C GLN D 57 -13.39 0.49 -10.90
N ILE D 58 -14.04 1.38 -10.15
CA ILE D 58 -14.82 0.94 -9.01
C ILE D 58 -16.34 1.02 -9.23
N ALA D 59 -16.75 0.99 -10.49
CA ALA D 59 -18.17 1.04 -10.83
C ALA D 59 -18.94 -0.11 -10.19
N TYR D 60 -18.34 -1.30 -10.13
CA TYR D 60 -19.04 -2.44 -9.55
C TYR D 60 -19.46 -2.21 -8.09
N MET D 61 -18.84 -1.23 -7.44
CA MET D 61 -19.15 -0.89 -6.05
C MET D 61 -20.33 0.08 -5.87
N LEU D 62 -20.89 0.58 -6.97
CA LEU D 62 -21.99 1.54 -6.90
C LEU D 62 -23.13 1.19 -5.93
N PRO D 63 -23.73 -0.02 -6.05
CA PRO D 63 -24.82 -0.37 -5.12
C PRO D 63 -24.43 -0.30 -3.65
N GLU D 64 -23.22 -0.72 -3.30
CA GLU D 64 -22.77 -0.68 -1.91
C GLU D 64 -22.60 0.74 -1.42
N ILE D 65 -22.02 1.59 -2.25
CA ILE D 65 -21.83 2.99 -1.85
C ILE D 65 -23.16 3.74 -1.71
N GLN D 66 -24.12 3.42 -2.59
CA GLN D 66 -25.46 4.00 -2.52
C GLN D 66 -26.13 3.64 -1.18
N ARG D 67 -26.00 2.39 -0.73
CA ARG D 67 -26.60 1.98 0.55
C ARG D 67 -25.89 2.63 1.74
N LEU D 68 -24.60 2.88 1.59
CA LEU D 68 -23.77 3.49 2.64
C LEU D 68 -24.11 4.97 2.82
N LEU D 69 -24.39 5.65 1.70
CA LEU D 69 -24.73 7.09 1.68
C LEU D 69 -26.11 7.27 1.01
N PRO D 70 -27.20 6.87 1.69
CA PRO D 70 -28.55 6.99 1.13
C PRO D 70 -29.03 8.44 0.93
N ASN D 71 -28.35 9.38 1.56
CA ASN D 71 -28.75 10.79 1.44
C ASN D 71 -27.82 11.63 0.57
N LYS D 72 -27.08 10.99 -0.33
CA LYS D 72 -26.14 11.69 -1.21
C LYS D 72 -26.26 11.20 -2.63
N PRO D 73 -26.13 12.10 -3.63
CA PRO D 73 -26.21 11.62 -5.02
C PRO D 73 -24.85 10.97 -5.27
N VAL D 74 -24.87 9.73 -5.75
CA VAL D 74 -23.64 8.96 -6.02
C VAL D 74 -23.64 8.48 -7.46
N GLU D 75 -22.58 8.72 -8.19
CA GLU D 75 -22.53 8.22 -9.55
C GLU D 75 -21.13 7.95 -10.07
N VAL D 76 -21.06 7.12 -11.10
CA VAL D 76 -19.80 6.72 -11.71
C VAL D 76 -19.40 7.72 -12.78
N ILE D 77 -18.11 8.03 -12.84
CA ILE D 77 -17.58 8.96 -13.83
C ILE D 77 -17.54 8.27 -15.17
N ASP D 78 -17.96 8.97 -16.21
CA ASP D 78 -17.94 8.40 -17.55
C ASP D 78 -16.51 7.95 -17.89
N SER D 79 -16.33 6.69 -18.28
CA SER D 79 -14.99 6.17 -18.58
C SER D 79 -14.18 6.90 -19.65
N LEU D 80 -14.87 7.44 -20.65
CA LEU D 80 -14.19 8.17 -21.73
C LEU D 80 -13.73 9.53 -21.23
N LEU D 81 -14.58 10.18 -20.45
CA LEU D 81 -14.26 11.49 -19.90
C LEU D 81 -13.10 11.33 -18.94
N TYR D 82 -13.10 10.21 -18.22
CA TYR D 82 -12.04 9.90 -17.25
C TYR D 82 -10.71 9.58 -17.95
N GLY D 83 -10.75 8.68 -18.92
CA GLY D 83 -9.54 8.32 -19.64
C GLY D 83 -8.87 9.50 -20.31
N LYS D 84 -9.68 10.37 -20.87
CA LYS D 84 -9.22 11.56 -21.59
C LYS D 84 -8.79 12.70 -20.65
N VAL D 85 -9.07 12.52 -19.35
CA VAL D 85 -8.77 13.52 -18.31
C VAL D 85 -9.47 14.86 -18.61
N ASP D 86 -10.76 14.77 -18.94
CA ASP D 86 -11.57 15.95 -19.28
C ASP D 86 -12.09 16.63 -18.03
N GLY D 87 -11.29 17.56 -17.51
CA GLY D 87 -11.64 18.31 -16.31
C GLY D 87 -12.94 19.07 -16.45
N LEU D 88 -13.16 19.73 -17.60
CA LEU D 88 -14.39 20.49 -17.80
C LEU D 88 -15.63 19.58 -17.87
N GLY D 89 -15.50 18.50 -18.64
CA GLY D 89 -16.59 17.56 -18.81
C GLY D 89 -17.07 16.91 -17.53
N VAL D 90 -16.12 16.49 -16.69
CA VAL D 90 -16.48 15.84 -15.42
C VAL D 90 -17.04 16.88 -14.45
N LEU D 91 -16.47 18.08 -14.49
CA LEU D 91 -16.97 19.15 -13.63
C LEU D 91 -18.46 19.39 -14.00
N LYS D 92 -18.76 19.42 -15.30
CA LYS D 92 -20.15 19.61 -15.75
C LYS D 92 -21.09 18.52 -15.24
N ALA D 93 -20.64 17.27 -15.30
CA ALA D 93 -21.47 16.14 -14.85
C ALA D 93 -21.76 16.21 -13.35
N ALA D 94 -20.78 16.72 -12.60
CA ALA D 94 -20.90 16.82 -11.15
C ALA D 94 -21.90 17.90 -10.75
N VAL D 95 -21.80 19.06 -11.40
CA VAL D 95 -22.72 20.17 -11.13
C VAL D 95 -24.13 19.69 -11.49
N ALA D 96 -24.25 18.98 -12.61
CA ALA D 96 -25.54 18.45 -13.04
C ALA D 96 -26.13 17.51 -11.99
N ALA D 97 -25.33 16.57 -11.49
CA ALA D 97 -25.85 15.64 -10.49
C ALA D 97 -26.36 16.40 -9.26
N ILE D 98 -25.70 17.51 -8.93
CA ILE D 98 -26.12 18.32 -7.78
C ILE D 98 -27.46 19.01 -8.03
N LYS D 99 -27.63 19.58 -9.24
CA LYS D 99 -28.87 20.26 -9.62
C LYS D 99 -30.01 19.26 -9.71
N LYS D 100 -29.80 18.19 -10.45
CA LYS D 100 -30.83 17.18 -10.59
C LYS D 100 -31.20 16.60 -9.22
N ALA D 101 -30.34 16.79 -8.23
CA ALA D 101 -30.58 16.28 -6.88
C ALA D 101 -31.37 17.24 -6.00
N ALA D 102 -31.14 18.54 -6.18
CA ALA D 102 -31.83 19.57 -5.43
C ALA D 102 -33.22 19.88 -6.02
N ALA D 103 -33.60 19.13 -7.06
CA ALA D 103 -34.88 19.29 -7.72
C ALA D 103 -35.05 18.26 -8.85
P PO3 E . -4.83 5.44 -7.16
O1 PO3 E . -4.22 6.22 -6.01
O2 PO3 E . -5.32 4.02 -6.95
O3 PO3 E . -4.78 6.00 -8.57
N ALA A 1 0.74 7.29 -18.60
CA ALA A 1 0.24 7.59 -19.96
C ALA A 1 -1.09 6.86 -20.17
N GLU A 2 -1.77 7.18 -21.26
CA GLU A 2 -3.08 6.58 -21.60
C GLU A 2 -3.28 5.20 -20.95
N GLU A 3 -2.80 4.17 -21.63
CA GLU A 3 -2.95 2.80 -21.13
C GLU A 3 -2.16 2.60 -19.84
N LEU A 4 -0.84 2.78 -19.91
CA LEU A 4 0.01 2.60 -18.74
C LEU A 4 -0.63 3.20 -17.48
N GLU A 5 -1.21 4.38 -17.61
CA GLU A 5 -1.84 5.05 -16.47
C GLU A 5 -3.12 4.34 -16.08
N GLU A 6 -3.94 4.01 -17.07
CA GLU A 6 -5.19 3.30 -16.82
C GLU A 6 -4.88 1.88 -16.34
N VAL A 7 -3.80 1.31 -16.88
CA VAL A 7 -3.37 -0.03 -16.50
C VAL A 7 -2.93 -0.05 -15.03
N VAL A 8 -2.20 0.99 -14.63
CA VAL A 8 -1.73 1.10 -13.25
C VAL A 8 -2.95 1.16 -12.33
N MET A 9 -3.95 1.96 -12.70
CA MET A 9 -5.17 2.06 -11.90
C MET A 9 -5.77 0.67 -11.73
N GLY A 10 -5.81 -0.09 -12.82
CA GLY A 10 -6.34 -1.45 -12.77
C GLY A 10 -5.49 -2.31 -11.83
N LEU A 11 -4.17 -2.17 -11.95
CA LEU A 11 -3.26 -2.93 -11.10
C LEU A 11 -3.45 -2.56 -9.64
N ILE A 12 -3.57 -1.27 -9.37
CA ILE A 12 -3.76 -0.80 -8.00
C ILE A 12 -5.06 -1.36 -7.46
N ILE A 13 -6.11 -1.29 -8.26
CA ILE A 13 -7.40 -1.82 -7.85
C ILE A 13 -7.30 -3.33 -7.65
N ASN A 14 -6.65 -4.01 -8.60
CA ASN A 14 -6.47 -5.45 -8.53
C ASN A 14 -5.71 -5.82 -7.26
N SER A 15 -4.61 -5.11 -7.03
CA SER A 15 -3.81 -5.35 -5.83
C SER A 15 -4.65 -5.14 -4.57
N GLY A 16 -5.44 -4.06 -4.60
CA GLY A 16 -6.32 -3.75 -3.47
C GLY A 16 -7.35 -4.86 -3.26
N GLN A 17 -7.95 -5.32 -4.36
CA GLN A 17 -8.94 -6.40 -4.27
C GLN A 17 -8.27 -7.65 -3.72
N ALA A 18 -7.05 -7.92 -4.18
CA ALA A 18 -6.31 -9.09 -3.72
C ALA A 18 -6.15 -9.04 -2.21
N ARG A 19 -5.70 -7.91 -1.69
CA ARG A 19 -5.55 -7.77 -0.25
C ARG A 19 -6.90 -7.95 0.43
N SER A 20 -7.91 -7.28 -0.11
CA SER A 20 -9.25 -7.36 0.44
C SER A 20 -9.68 -8.83 0.57
N LEU A 21 -9.47 -9.59 -0.49
CA LEU A 21 -9.81 -11.01 -0.48
C LEU A 21 -8.97 -11.74 0.58
N ALA A 22 -7.69 -11.40 0.63
CA ALA A 22 -6.79 -12.03 1.60
C ALA A 22 -7.30 -11.80 3.03
N TYR A 23 -7.59 -10.55 3.38
CA TYR A 23 -8.10 -10.25 4.72
C TYR A 23 -9.41 -11.00 4.93
N ALA A 24 -10.25 -11.03 3.90
CA ALA A 24 -11.51 -11.73 3.99
C ALA A 24 -11.24 -13.22 4.25
N ALA A 25 -10.23 -13.75 3.56
CA ALA A 25 -9.84 -15.14 3.75
C ALA A 25 -9.48 -15.38 5.21
N LEU A 26 -8.72 -14.46 5.78
CA LEU A 26 -8.32 -14.57 7.18
C LEU A 26 -9.56 -14.55 8.07
N LYS A 27 -10.48 -13.64 7.77
CA LYS A 27 -11.71 -13.53 8.54
C LYS A 27 -12.45 -14.87 8.56
N GLN A 28 -12.48 -15.54 7.41
CA GLN A 28 -13.15 -16.84 7.31
C GLN A 28 -12.48 -17.81 8.28
N ALA A 29 -11.15 -17.75 8.35
CA ALA A 29 -10.39 -18.62 9.24
C ALA A 29 -10.80 -18.38 10.69
N LYS A 30 -10.95 -17.12 11.05
CA LYS A 30 -11.36 -16.77 12.41
C LYS A 30 -12.72 -17.37 12.73
N GLN A 31 -13.58 -17.50 11.72
CA GLN A 31 -14.89 -18.08 11.93
C GLN A 31 -14.80 -19.60 11.96
N GLY A 32 -13.60 -20.12 11.77
CA GLY A 32 -13.37 -21.56 11.81
C GLY A 32 -13.71 -22.21 10.47
N ASP A 33 -13.83 -21.40 9.43
CA ASP A 33 -14.15 -21.90 8.09
C ASP A 33 -12.88 -22.06 7.26
N PHE A 34 -12.18 -23.18 7.47
CA PHE A 34 -10.93 -23.42 6.73
C PHE A 34 -11.18 -23.60 5.24
N ALA A 35 -12.31 -24.21 4.89
CA ALA A 35 -12.63 -24.46 3.49
C ALA A 35 -12.77 -23.14 2.72
N ALA A 36 -13.56 -22.23 3.26
CA ALA A 36 -13.76 -20.95 2.60
C ALA A 36 -12.46 -20.14 2.60
N ALA A 37 -11.70 -20.23 3.68
CA ALA A 37 -10.43 -19.52 3.75
C ALA A 37 -9.52 -19.99 2.60
N LYS A 38 -9.36 -21.30 2.49
CA LYS A 38 -8.53 -21.90 1.45
C LYS A 38 -8.96 -21.42 0.06
N ALA A 39 -10.26 -21.45 -0.21
CA ALA A 39 -10.77 -21.03 -1.51
C ALA A 39 -10.47 -19.57 -1.79
N MET A 40 -10.61 -18.74 -0.76
CA MET A 40 -10.36 -17.30 -0.90
C MET A 40 -8.88 -17.03 -1.18
N MET A 41 -7.98 -17.76 -0.50
CA MET A 41 -6.55 -17.56 -0.72
C MET A 41 -6.19 -17.92 -2.15
N ASP A 42 -6.77 -19.01 -2.65
CA ASP A 42 -6.47 -19.48 -3.99
C ASP A 42 -6.83 -18.42 -5.02
N GLN A 43 -8.03 -17.87 -4.88
CA GLN A 43 -8.48 -16.82 -5.80
C GLN A 43 -7.61 -15.59 -5.67
N SER A 44 -7.25 -15.24 -4.44
CA SER A 44 -6.40 -14.08 -4.20
C SER A 44 -5.06 -14.28 -4.91
N ARG A 45 -4.49 -15.47 -4.78
CA ARG A 45 -3.22 -15.82 -5.43
C ARG A 45 -3.32 -15.66 -6.95
N MET A 46 -4.40 -16.18 -7.51
CA MET A 46 -4.63 -16.11 -8.95
C MET A 46 -4.72 -14.65 -9.40
N ALA A 47 -5.41 -13.83 -8.62
CA ALA A 47 -5.56 -12.41 -8.94
C ALA A 47 -4.19 -11.74 -9.00
N LEU A 48 -3.35 -12.05 -8.02
CA LEU A 48 -2.00 -11.49 -7.95
C LEU A 48 -1.15 -11.98 -9.12
N ASN A 49 -1.29 -13.26 -9.41
CA ASN A 49 -0.51 -13.87 -10.48
C ASN A 49 -0.77 -13.15 -11.80
N GLU A 50 -2.04 -12.89 -12.07
CA GLU A 50 -2.41 -12.17 -13.29
C GLU A 50 -1.86 -10.75 -13.23
N ALA A 51 -1.97 -10.13 -12.05
CA ALA A 51 -1.47 -8.77 -11.87
C ALA A 51 0.06 -8.75 -12.05
N HIS A 52 0.73 -9.71 -11.44
CA HIS A 52 2.19 -9.81 -11.54
C HIS A 52 2.61 -10.01 -13.00
N LEU A 53 1.86 -10.83 -13.72
CA LEU A 53 2.16 -11.11 -15.12
C LEU A 53 2.11 -9.82 -15.93
N VAL A 54 1.08 -9.02 -15.68
CA VAL A 54 0.94 -7.75 -16.38
C VAL A 54 2.11 -6.84 -16.04
N GLN A 55 2.46 -6.79 -14.76
CA GLN A 55 3.59 -5.96 -14.34
C GLN A 55 4.88 -6.45 -15.01
N THR A 56 5.08 -7.76 -15.08
CA THR A 56 6.28 -8.32 -15.72
C THR A 56 6.46 -7.71 -17.11
N LYS A 57 5.37 -7.66 -17.88
CA LYS A 57 5.43 -7.06 -19.22
C LYS A 57 5.76 -5.59 -19.10
N LEU A 58 5.18 -4.94 -18.10
CA LEU A 58 5.43 -3.52 -17.90
C LEU A 58 6.87 -3.24 -17.48
N ILE A 59 7.58 -4.25 -16.98
CA ILE A 59 8.99 -4.06 -16.60
C ILE A 59 9.93 -4.47 -17.76
N GLU A 60 9.55 -5.49 -18.53
CA GLU A 60 10.37 -5.95 -19.66
C GLU A 60 10.46 -4.88 -20.74
N GLY A 61 9.34 -4.20 -21.01
CA GLY A 61 9.31 -3.17 -22.03
C GLY A 61 9.20 -1.78 -21.42
N ASP A 62 9.80 -1.60 -20.24
CA ASP A 62 9.75 -0.32 -19.54
C ASP A 62 10.49 0.78 -20.32
N ALA A 63 11.17 0.39 -21.40
CA ALA A 63 11.90 1.36 -22.21
C ALA A 63 10.97 2.06 -23.19
N GLY A 64 11.49 3.07 -23.89
CA GLY A 64 10.68 3.81 -24.86
C GLY A 64 10.81 5.32 -24.66
N GLU A 65 10.45 5.80 -23.47
CA GLU A 65 10.53 7.23 -23.19
C GLU A 65 11.97 7.72 -23.18
N GLY A 66 12.86 6.90 -22.64
CA GLY A 66 14.28 7.27 -22.58
C GLY A 66 15.15 6.04 -22.36
N LYS A 67 16.47 6.25 -22.44
CA LYS A 67 17.41 5.15 -22.27
C LYS A 67 17.39 4.63 -20.82
N MET A 68 18.11 5.32 -19.94
CA MET A 68 18.20 4.93 -18.54
C MET A 68 16.88 5.05 -17.79
N LYS A 69 16.13 6.12 -18.08
CA LYS A 69 14.87 6.35 -17.37
C LYS A 69 13.76 5.39 -17.80
N VAL A 70 12.84 5.14 -16.87
CA VAL A 70 11.71 4.23 -17.10
C VAL A 70 10.41 4.88 -16.65
N SER A 71 9.28 4.23 -16.95
CA SER A 71 7.98 4.77 -16.55
C SER A 71 7.94 4.91 -15.03
N LEU A 72 7.54 6.10 -14.57
CA LEU A 72 7.48 6.40 -13.14
C LEU A 72 6.43 5.55 -12.41
N VAL A 73 5.30 5.39 -13.07
CA VAL A 73 4.18 4.62 -12.52
C VAL A 73 4.55 3.16 -12.22
N LEU A 74 5.60 2.68 -12.85
CA LEU A 74 6.03 1.30 -12.64
C LEU A 74 6.18 1.00 -11.16
N VAL A 75 6.59 2.02 -10.42
CA VAL A 75 6.81 1.86 -8.98
C VAL A 75 5.45 1.78 -8.28
N HIS A 76 4.24 2.81 -8.66
CA HIS A 76 2.87 2.81 -8.08
C HIS A 76 2.28 1.41 -8.16
N ALA A 77 2.62 0.70 -9.24
CA ALA A 77 2.14 -0.66 -9.42
C ALA A 77 3.00 -1.65 -8.63
N GLN A 78 4.34 -1.50 -8.72
CA GLN A 78 5.23 -2.41 -8.02
C GLN A 78 5.00 -2.32 -6.51
N LEU A 79 4.96 -1.09 -6.01
CA LEU A 79 4.72 -0.86 -4.59
C LEU A 79 3.44 -1.54 -4.13
N HIS A 80 2.35 -1.32 -4.85
CA HIS A 80 1.08 -1.91 -4.47
C HIS A 80 1.12 -3.44 -4.62
N LEU A 81 1.65 -3.90 -5.74
CA LEU A 81 1.74 -5.34 -5.99
C LEU A 81 2.64 -6.04 -4.98
N MET A 82 3.80 -5.45 -4.70
CA MET A 82 4.74 -6.05 -3.75
C MET A 82 4.11 -6.14 -2.37
N THR A 83 3.46 -5.05 -1.96
CA THR A 83 2.81 -5.00 -0.65
C THR A 83 1.69 -6.04 -0.56
N SER A 84 0.84 -6.07 -1.58
CA SER A 84 -0.29 -7.01 -1.61
C SER A 84 0.20 -8.46 -1.60
N MET A 85 1.16 -8.78 -2.45
CA MET A 85 1.69 -10.14 -2.51
C MET A 85 2.26 -10.57 -1.18
N LEU A 86 3.07 -9.70 -0.59
CA LEU A 86 3.68 -10.00 0.70
C LEU A 86 2.61 -10.19 1.78
N ALA A 87 1.64 -9.28 1.79
CA ALA A 87 0.56 -9.36 2.76
C ALA A 87 -0.15 -10.70 2.67
N ARG A 88 -0.49 -11.10 1.47
CA ARG A 88 -1.18 -12.37 1.27
C ARG A 88 -0.35 -13.55 1.78
N GLU A 89 0.93 -13.57 1.45
CA GLU A 89 1.77 -14.67 1.88
C GLU A 89 1.79 -14.78 3.39
N LEU A 90 1.95 -13.65 4.06
CA LEU A 90 1.96 -13.64 5.51
C LEU A 90 0.58 -14.03 6.05
N ILE A 91 -0.46 -13.51 5.42
CA ILE A 91 -1.82 -13.85 5.84
C ILE A 91 -2.03 -15.35 5.69
N THR A 92 -1.50 -15.92 4.61
CA THR A 92 -1.60 -17.37 4.40
C THR A 92 -0.98 -18.10 5.59
N GLU A 93 0.20 -17.64 6.01
CA GLU A 93 0.88 -18.23 7.16
C GLU A 93 0.02 -18.08 8.40
N LEU A 94 -0.57 -16.89 8.56
CA LEU A 94 -1.43 -16.62 9.72
C LEU A 94 -2.62 -17.59 9.71
N ILE A 95 -3.20 -17.80 8.55
CA ILE A 95 -4.34 -18.73 8.44
C ILE A 95 -3.90 -20.14 8.83
N GLU A 96 -2.72 -20.56 8.36
CA GLU A 96 -2.22 -21.88 8.71
C GLU A 96 -2.08 -22.00 10.22
N LEU A 97 -1.64 -20.91 10.87
CA LEU A 97 -1.51 -20.92 12.32
C LEU A 97 -2.88 -21.12 12.98
N HIS A 98 -3.89 -20.46 12.44
CA HIS A 98 -5.25 -20.62 12.98
C HIS A 98 -5.63 -22.08 12.92
N GLU A 99 -5.25 -22.75 11.84
CA GLU A 99 -5.55 -24.17 11.68
C GLU A 99 -4.81 -24.98 12.74
N LYS A 100 -3.56 -24.62 13.01
CA LYS A 100 -2.79 -25.32 14.02
C LYS A 100 -3.39 -25.06 15.41
N LEU A 101 -3.92 -23.84 15.61
CA LEU A 101 -4.56 -23.49 16.88
C LEU A 101 -5.80 -24.37 17.09
N LYS A 102 -6.02 -25.30 16.15
CA LYS A 102 -7.18 -26.20 16.21
C LYS A 102 -8.43 -25.52 15.71
N ALA A 103 -8.82 -24.42 16.39
CA ALA A 103 -10.03 -23.67 16.04
C ALA A 103 -10.30 -23.65 14.53
N ALA B 1 22.66 3.11 -13.51
CA ALA B 1 23.97 3.34 -14.19
C ALA B 1 24.86 2.13 -13.94
N GLU B 2 26.00 2.08 -14.64
CA GLU B 2 26.95 0.97 -14.53
C GLU B 2 26.86 0.24 -13.18
N GLU B 3 27.57 0.74 -12.19
CA GLU B 3 27.58 0.13 -10.87
C GLU B 3 26.22 0.21 -10.20
N LEU B 4 25.72 1.44 -10.02
CA LEU B 4 24.42 1.61 -9.38
C LEU B 4 23.38 0.61 -9.91
N GLU B 5 23.37 0.41 -11.22
CA GLU B 5 22.42 -0.52 -11.83
C GLU B 5 22.76 -1.95 -11.47
N GLU B 6 24.03 -2.30 -11.57
CA GLU B 6 24.50 -3.63 -11.23
C GLU B 6 24.38 -3.85 -9.73
N VAL B 7 24.60 -2.79 -8.97
CA VAL B 7 24.51 -2.85 -7.52
C VAL B 7 23.05 -3.11 -7.10
N VAL B 8 22.12 -2.44 -7.77
CA VAL B 8 20.69 -2.63 -7.49
C VAL B 8 20.33 -4.08 -7.74
N MET B 9 20.80 -4.63 -8.86
CA MET B 9 20.52 -6.03 -9.18
C MET B 9 21.01 -6.91 -8.03
N GLY B 10 22.21 -6.62 -7.53
CA GLY B 10 22.75 -7.37 -6.41
C GLY B 10 21.86 -7.21 -5.19
N LEU B 11 21.44 -5.98 -4.93
CA LEU B 11 20.56 -5.70 -3.79
C LEU B 11 19.24 -6.44 -3.93
N ILE B 12 18.67 -6.41 -5.13
CA ILE B 12 17.40 -7.09 -5.38
C ILE B 12 17.57 -8.58 -5.14
N ILE B 13 18.66 -9.12 -5.68
CA ILE B 13 18.94 -10.54 -5.50
C ILE B 13 19.17 -10.83 -4.02
N ASN B 14 19.95 -9.98 -3.36
CA ASN B 14 20.24 -10.16 -1.94
C ASN B 14 18.94 -10.10 -1.13
N SER B 15 18.11 -9.11 -1.42
CA SER B 15 16.83 -8.99 -0.74
C SER B 15 15.98 -10.23 -0.97
N GLY B 16 15.99 -10.71 -2.22
CA GLY B 16 15.23 -11.91 -2.57
C GLY B 16 15.76 -13.12 -1.81
N GLN B 17 17.08 -13.25 -1.75
CA GLN B 17 17.68 -14.37 -1.03
C GLN B 17 17.31 -14.28 0.45
N ALA B 18 17.35 -13.06 0.98
CA ALA B 18 17.00 -12.84 2.37
C ALA B 18 15.60 -13.36 2.66
N ARG B 19 14.64 -12.97 1.84
CA ARG B 19 13.27 -13.44 2.02
C ARG B 19 13.24 -14.96 1.90
N SER B 20 13.90 -15.47 0.86
CA SER B 20 13.94 -16.91 0.64
C SER B 20 14.41 -17.63 1.89
N LEU B 21 15.50 -17.13 2.48
CA LEU B 21 16.04 -17.73 3.71
C LEU B 21 15.01 -17.60 4.83
N ALA B 22 14.37 -16.44 4.93
CA ALA B 22 13.37 -16.20 5.97
C ALA B 22 12.24 -17.23 5.85
N TYR B 23 11.67 -17.38 4.65
CA TYR B 23 10.60 -18.36 4.46
C TYR B 23 11.12 -19.75 4.79
N ALA B 24 12.36 -20.04 4.38
CA ALA B 24 12.95 -21.33 4.67
C ALA B 24 13.06 -21.49 6.19
N ALA B 25 13.43 -20.41 6.87
CA ALA B 25 13.53 -20.43 8.33
C ALA B 25 12.18 -20.80 8.92
N LEU B 26 11.12 -20.21 8.39
CA LEU B 26 9.78 -20.50 8.86
C LEU B 26 9.45 -21.97 8.62
N LYS B 27 9.80 -22.46 7.44
CA LYS B 27 9.55 -23.86 7.11
C LYS B 27 10.21 -24.78 8.14
N GLN B 28 11.43 -24.43 8.54
CA GLN B 28 12.13 -25.23 9.56
C GLN B 28 11.31 -25.26 10.84
N ALA B 29 10.74 -24.11 11.19
CA ALA B 29 9.91 -24.02 12.40
C ALA B 29 8.73 -24.97 12.31
N LYS B 30 8.09 -25.01 11.14
CA LYS B 30 6.95 -25.90 10.94
C LYS B 30 7.36 -27.35 11.16
N GLN B 31 8.62 -27.67 10.83
CA GLN B 31 9.10 -29.04 11.01
C GLN B 31 9.46 -29.28 12.48
N GLY B 32 9.32 -28.24 13.29
CA GLY B 32 9.63 -28.35 14.72
C GLY B 32 11.13 -28.18 14.99
N ASP B 33 11.86 -27.66 14.00
CA ASP B 33 13.29 -27.46 14.14
C ASP B 33 13.60 -26.02 14.53
N PHE B 34 13.47 -25.71 15.81
CA PHE B 34 13.73 -24.34 16.29
C PHE B 34 15.18 -23.94 16.10
N ALA B 35 16.09 -24.90 16.27
CA ALA B 35 17.52 -24.60 16.15
C ALA B 35 17.86 -24.12 14.74
N ALA B 36 17.43 -24.87 13.74
CA ALA B 36 17.71 -24.50 12.36
C ALA B 36 16.98 -23.20 12.01
N ALA B 37 15.77 -23.03 12.51
CA ALA B 37 15.03 -21.80 12.24
C ALA B 37 15.82 -20.61 12.74
N LYS B 38 16.23 -20.68 14.02
CA LYS B 38 17.01 -19.60 14.63
C LYS B 38 18.27 -19.27 13.81
N ALA B 39 18.99 -20.29 13.40
CA ALA B 39 20.21 -20.10 12.61
C ALA B 39 19.91 -19.41 11.28
N MET B 40 18.83 -19.82 10.64
CA MET B 40 18.44 -19.26 9.36
C MET B 40 18.05 -17.78 9.51
N MET B 41 17.32 -17.45 10.57
CA MET B 41 16.92 -16.06 10.78
C MET B 41 18.15 -15.17 10.97
N ASP B 42 19.12 -15.68 11.73
CA ASP B 42 20.33 -14.93 12.01
C ASP B 42 21.06 -14.57 10.73
N GLN B 43 21.21 -15.58 9.86
CA GLN B 43 21.88 -15.36 8.59
C GLN B 43 21.08 -14.40 7.72
N SER B 44 19.76 -14.54 7.73
CA SER B 44 18.91 -13.65 6.95
C SER B 44 19.13 -12.20 7.41
N ARG B 45 19.14 -12.00 8.73
CA ARG B 45 19.35 -10.68 9.30
C ARG B 45 20.69 -10.09 8.83
N MET B 46 21.74 -10.90 8.89
CA MET B 46 23.07 -10.45 8.49
C MET B 46 23.05 -10.04 7.02
N ALA B 47 22.37 -10.84 6.20
CA ALA B 47 22.27 -10.53 4.77
C ALA B 47 21.58 -9.19 4.56
N LEU B 48 20.50 -8.97 5.31
CA LEU B 48 19.75 -7.72 5.21
C LEU B 48 20.59 -6.55 5.72
N ASN B 49 21.30 -6.78 6.81
CA ASN B 49 22.13 -5.75 7.40
C ASN B 49 23.18 -5.26 6.40
N GLU B 50 23.83 -6.19 5.73
CA GLU B 50 24.82 -5.83 4.72
C GLU B 50 24.17 -5.10 3.57
N ALA B 51 23.00 -5.58 3.17
CA ALA B 51 22.25 -4.96 2.08
C ALA B 51 21.83 -3.54 2.48
N HIS B 52 21.32 -3.41 3.70
CA HIS B 52 20.88 -2.11 4.21
C HIS B 52 22.06 -1.13 4.27
N LEU B 53 23.22 -1.64 4.69
CA LEU B 53 24.42 -0.80 4.79
C LEU B 53 24.77 -0.23 3.41
N VAL B 54 24.71 -1.09 2.40
CA VAL B 54 25.03 -0.66 1.04
C VAL B 54 24.01 0.40 0.61
N GLN B 55 22.73 0.16 0.90
CA GLN B 55 21.70 1.13 0.53
C GLN B 55 21.96 2.45 1.25
N THR B 56 22.32 2.39 2.54
CA THR B 56 22.60 3.61 3.30
C THR B 56 23.57 4.50 2.53
N LYS B 57 24.65 3.90 2.04
CA LYS B 57 25.62 4.66 1.25
C LYS B 57 24.97 5.20 -0.01
N LEU B 58 24.12 4.39 -0.61
CA LEU B 58 23.44 4.78 -1.84
C LEU B 58 22.45 5.93 -1.59
N ILE B 59 22.02 6.12 -0.32
CA ILE B 59 21.11 7.23 -0.01
C ILE B 59 21.88 8.48 0.45
N GLU B 60 23.00 8.27 1.16
CA GLU B 60 23.81 9.39 1.64
C GLU B 60 24.42 10.17 0.46
N GLY B 61 24.86 9.43 -0.55
CA GLY B 61 25.49 10.05 -1.72
C GLY B 61 24.59 9.96 -2.95
N ASP B 62 23.28 10.02 -2.73
CA ASP B 62 22.32 9.93 -3.82
C ASP B 62 22.41 11.14 -4.77
N ALA B 63 23.21 12.12 -4.40
CA ALA B 63 23.36 13.32 -5.23
C ALA B 63 24.37 13.07 -6.34
N GLY B 64 24.50 14.03 -7.26
CA GLY B 64 25.44 13.90 -8.37
C GLY B 64 24.78 14.23 -9.71
N GLU B 65 23.73 13.48 -10.05
CA GLU B 65 23.03 13.70 -11.32
C GLU B 65 22.34 15.07 -11.33
N GLY B 66 21.76 15.45 -10.20
CA GLY B 66 21.07 16.73 -10.11
C GLY B 66 20.91 17.16 -8.66
N LYS B 67 20.42 18.38 -8.47
CA LYS B 67 20.23 18.92 -7.13
C LYS B 67 19.13 18.16 -6.38
N MET B 68 17.88 18.54 -6.66
CA MET B 68 16.72 17.93 -6.01
C MET B 68 16.52 16.47 -6.40
N LYS B 69 16.75 16.13 -7.66
CA LYS B 69 16.54 14.76 -8.14
C LYS B 69 17.62 13.80 -7.64
N VAL B 70 17.22 12.52 -7.52
CA VAL B 70 18.11 11.47 -7.05
C VAL B 70 18.02 10.24 -7.98
N SER B 71 18.89 9.26 -7.76
CA SER B 71 18.88 8.05 -8.59
C SER B 71 17.52 7.37 -8.49
N LEU B 72 16.93 7.04 -9.64
CA LEU B 72 15.60 6.45 -9.66
C LEU B 72 15.59 5.04 -9.04
N VAL B 73 16.65 4.30 -9.35
CA VAL B 73 16.80 2.93 -8.88
C VAL B 73 16.83 2.84 -7.34
N LEU B 74 17.12 3.96 -6.69
CA LEU B 74 17.18 3.96 -5.23
C LEU B 74 15.91 3.40 -4.63
N VAL B 75 14.79 3.75 -5.25
CA VAL B 75 13.50 3.27 -4.79
C VAL B 75 13.40 1.76 -5.03
N HIS B 76 13.88 1.22 -6.26
CA HIS B 76 13.83 -0.21 -6.56
C HIS B 76 14.51 -1.01 -5.44
N ALA B 77 15.68 -0.54 -5.02
CA ALA B 77 16.41 -1.21 -3.94
C ALA B 77 15.69 -1.02 -2.62
N GLN B 78 15.18 0.19 -2.38
CA GLN B 78 14.48 0.49 -1.13
C GLN B 78 13.22 -0.36 -1.03
N LEU B 79 12.44 -0.39 -2.12
CA LEU B 79 11.22 -1.18 -2.14
C LEU B 79 11.49 -2.65 -1.82
N HIS B 80 12.48 -3.23 -2.48
CA HIS B 80 12.80 -4.62 -2.24
C HIS B 80 13.36 -4.83 -0.84
N LEU B 81 14.27 -3.95 -0.44
CA LEU B 81 14.88 -4.06 0.89
C LEU B 81 13.85 -3.85 2.00
N MET B 82 13.00 -2.85 1.86
CA MET B 82 11.98 -2.57 2.87
C MET B 82 11.02 -3.75 3.01
N THR B 83 10.59 -4.28 1.87
CA THR B 83 9.67 -5.41 1.87
C THR B 83 10.32 -6.64 2.50
N SER B 84 11.55 -6.94 2.10
CA SER B 84 12.26 -8.09 2.64
C SER B 84 12.50 -7.97 4.14
N MET B 85 12.97 -6.81 4.58
CA MET B 85 13.24 -6.60 6.01
C MET B 85 11.96 -6.76 6.83
N LEU B 86 10.89 -6.14 6.36
CA LEU B 86 9.61 -6.21 7.06
C LEU B 86 9.11 -7.65 7.12
N ALA B 87 9.17 -8.33 5.98
CA ALA B 87 8.72 -9.71 5.90
C ALA B 87 9.49 -10.58 6.88
N ARG B 88 10.79 -10.44 6.86
CA ARG B 88 11.65 -11.22 7.75
C ARG B 88 11.28 -10.97 9.21
N GLU B 89 11.08 -9.70 9.59
CA GLU B 89 10.75 -9.38 10.97
C GLU B 89 9.43 -10.05 11.37
N LEU B 90 8.44 -9.96 10.50
CA LEU B 90 7.14 -10.56 10.78
C LEU B 90 7.28 -12.08 10.84
N ILE B 91 8.06 -12.63 9.92
CA ILE B 91 8.30 -14.07 9.91
C ILE B 91 8.95 -14.49 11.23
N THR B 92 9.86 -13.66 11.73
CA THR B 92 10.50 -13.96 13.02
C THR B 92 9.43 -14.07 14.09
N GLU B 93 8.49 -13.13 14.09
CA GLU B 93 7.40 -13.15 15.06
C GLU B 93 6.58 -14.43 14.88
N LEU B 94 6.30 -14.77 13.62
CA LEU B 94 5.54 -15.99 13.33
C LEU B 94 6.27 -17.21 13.87
N ILE B 95 7.59 -17.26 13.68
CA ILE B 95 8.36 -18.38 14.19
C ILE B 95 8.28 -18.46 15.71
N GLU B 96 8.36 -17.30 16.37
CA GLU B 96 8.25 -17.27 17.83
C GLU B 96 6.90 -17.85 18.25
N LEU B 97 5.86 -17.54 17.49
CA LEU B 97 4.52 -18.05 17.79
C LEU B 97 4.52 -19.58 17.69
N HIS B 98 5.19 -20.10 16.66
CA HIS B 98 5.27 -21.55 16.50
C HIS B 98 5.89 -22.17 17.75
N GLU B 99 6.90 -21.48 18.28
CA GLU B 99 7.55 -21.95 19.50
C GLU B 99 6.58 -21.94 20.66
N LYS B 100 5.77 -20.88 20.77
CA LYS B 100 4.79 -20.80 21.84
C LYS B 100 3.72 -21.88 21.65
N LEU B 101 3.39 -22.19 20.39
CA LEU B 101 2.42 -23.25 20.11
C LEU B 101 2.96 -24.60 20.58
N LYS B 102 4.13 -24.57 21.21
CA LYS B 102 4.77 -25.78 21.72
C LYS B 102 5.49 -26.51 20.59
N ALA B 103 4.71 -26.92 19.58
CA ALA B 103 5.25 -27.67 18.43
C ALA B 103 6.64 -27.19 18.04
N ALA C 1 11.12 19.25 -2.05
CA ALA C 1 11.16 20.74 -1.98
C ALA C 1 10.96 21.17 -0.54
N GLU C 2 11.18 22.45 -0.27
CA GLU C 2 11.04 23.02 1.08
C GLU C 2 10.10 22.22 1.98
N GLU C 3 8.81 22.51 1.89
CA GLU C 3 7.83 21.81 2.71
C GLU C 3 7.73 20.34 2.34
N LEU C 4 7.37 20.07 1.08
CA LEU C 4 7.24 18.68 0.63
C LEU C 4 8.38 17.80 1.16
N GLU C 5 9.60 18.32 1.11
CA GLU C 5 10.76 17.57 1.58
C GLU C 5 10.74 17.43 3.10
N GLU C 6 10.47 18.53 3.78
CA GLU C 6 10.41 18.52 5.24
C GLU C 6 9.19 17.70 5.68
N VAL C 7 8.12 17.78 4.89
CA VAL C 7 6.90 17.04 5.17
C VAL C 7 7.17 15.53 5.06
N VAL C 8 7.92 15.14 4.03
CA VAL C 8 8.27 13.74 3.83
C VAL C 8 9.06 13.24 5.04
N MET C 9 10.02 14.04 5.50
CA MET C 9 10.80 13.67 6.66
C MET C 9 9.87 13.40 7.84
N GLY C 10 8.88 14.29 8.01
CA GLY C 10 7.91 14.13 9.08
C GLY C 10 7.12 12.84 8.88
N LEU C 11 6.71 12.59 7.65
CA LEU C 11 5.94 11.37 7.33
C LEU C 11 6.79 10.14 7.59
N ILE C 12 8.05 10.18 7.18
CA ILE C 12 8.94 9.04 7.37
C ILE C 12 9.11 8.78 8.87
N ILE C 13 9.32 9.87 9.61
CA ILE C 13 9.47 9.76 11.06
C ILE C 13 8.16 9.23 11.66
N ASN C 14 7.05 9.81 11.22
CA ASN C 14 5.73 9.40 11.72
C ASN C 14 5.50 7.92 11.43
N SER C 15 5.79 7.51 10.19
CA SER C 15 5.63 6.11 9.81
C SER C 15 6.52 5.24 10.68
N GLY C 16 7.76 5.70 10.90
CA GLY C 16 8.70 4.95 11.73
C GLY C 16 8.18 4.84 13.16
N GLN C 17 7.67 5.95 13.70
CA GLN C 17 7.13 5.92 15.06
C GLN C 17 5.95 4.97 15.12
N ALA C 18 5.12 5.01 14.08
CA ALA C 18 3.96 4.14 14.02
C ALA C 18 4.38 2.67 14.15
N ARG C 19 5.36 2.27 13.33
CA ARG C 19 5.84 0.91 13.40
C ARG C 19 6.41 0.63 14.79
N SER C 20 7.21 1.57 15.28
CA SER C 20 7.81 1.41 16.60
C SER C 20 6.73 1.13 17.65
N LEU C 21 5.66 1.92 17.61
CA LEU C 21 4.56 1.74 18.54
C LEU C 21 3.92 0.37 18.33
N ALA C 22 3.73 0.00 17.06
CA ALA C 22 3.13 -1.29 16.73
C ALA C 22 3.96 -2.44 17.33
N TYR C 23 5.27 -2.43 17.07
CA TYR C 23 6.14 -3.47 17.64
C TYR C 23 6.05 -3.45 19.16
N ALA C 24 6.03 -2.24 19.72
CA ALA C 24 5.92 -2.11 21.17
C ALA C 24 4.59 -2.72 21.62
N ALA C 25 3.54 -2.47 20.85
CA ALA C 25 2.23 -3.03 21.16
C ALA C 25 2.31 -4.55 21.21
N LEU C 26 3.01 -5.12 20.24
CA LEU C 26 3.19 -6.57 20.18
C LEU C 26 3.95 -7.05 21.42
N LYS C 27 4.99 -6.31 21.77
CA LYS C 27 5.79 -6.66 22.94
C LYS C 27 4.90 -6.72 24.19
N GLN C 28 3.99 -5.77 24.31
CA GLN C 28 3.06 -5.75 25.44
C GLN C 28 2.26 -7.04 25.47
N ALA C 29 1.82 -7.47 24.27
CA ALA C 29 1.05 -8.70 24.16
C ALA C 29 1.85 -9.89 24.67
N LYS C 30 3.13 -9.94 24.30
CA LYS C 30 3.99 -11.02 24.76
C LYS C 30 4.07 -11.06 26.28
N GLN C 31 3.98 -9.88 26.90
CA GLN C 31 4.04 -9.80 28.36
C GLN C 31 2.67 -10.17 28.96
N GLY C 32 1.71 -10.44 28.08
CA GLY C 32 0.36 -10.83 28.53
C GLY C 32 -0.47 -9.60 28.89
N ASP C 33 -0.04 -8.43 28.44
CA ASP C 33 -0.76 -7.18 28.70
C ASP C 33 -1.63 -6.80 27.51
N PHE C 34 -2.80 -7.41 27.42
CA PHE C 34 -3.71 -7.14 26.31
C PHE C 34 -4.22 -5.70 26.34
N ALA C 35 -4.43 -5.17 27.54
CA ALA C 35 -4.94 -3.81 27.68
C ALA C 35 -3.97 -2.79 27.08
N ALA C 36 -2.71 -2.89 27.47
CA ALA C 36 -1.71 -1.96 26.96
C ALA C 36 -1.50 -2.17 25.47
N ALA C 37 -1.55 -3.42 25.02
CA ALA C 37 -1.38 -3.71 23.60
C ALA C 37 -2.48 -3.00 22.81
N LYS C 38 -3.72 -3.21 23.22
CA LYS C 38 -4.87 -2.59 22.57
C LYS C 38 -4.72 -1.07 22.49
N ALA C 39 -4.32 -0.45 23.61
CA ALA C 39 -4.16 1.00 23.65
C ALA C 39 -3.06 1.46 22.68
N MET C 40 -1.96 0.72 22.64
CA MET C 40 -0.85 1.06 21.77
C MET C 40 -1.25 0.92 20.30
N MET C 41 -2.03 -0.11 19.99
CA MET C 41 -2.48 -0.31 18.61
C MET C 41 -3.35 0.85 18.16
N ASP C 42 -4.25 1.28 19.04
CA ASP C 42 -5.17 2.36 18.72
C ASP C 42 -4.41 3.63 18.38
N GLN C 43 -3.42 3.97 19.21
CA GLN C 43 -2.61 5.16 18.97
C GLN C 43 -1.83 5.03 17.67
N SER C 44 -1.30 3.85 17.42
CA SER C 44 -0.55 3.60 16.19
C SER C 44 -1.44 3.87 14.98
N ARG C 45 -2.67 3.32 15.03
CA ARG C 45 -3.64 3.50 13.96
C ARG C 45 -3.93 4.99 13.72
N MET C 46 -4.14 5.72 14.81
CA MET C 46 -4.43 7.15 14.72
C MET C 46 -3.26 7.89 14.08
N ALA C 47 -2.04 7.51 14.47
CA ALA C 47 -0.84 8.14 13.91
C ALA C 47 -0.78 7.91 12.40
N LEU C 48 -1.08 6.68 11.98
CA LEU C 48 -1.07 6.33 10.57
C LEU C 48 -2.17 7.06 9.82
N ASN C 49 -3.34 7.15 10.45
CA ASN C 49 -4.48 7.81 9.84
C ASN C 49 -4.14 9.27 9.52
N GLU C 50 -3.51 9.95 10.47
CA GLU C 50 -3.11 11.33 10.26
C GLU C 50 -2.06 11.41 9.16
N ALA C 51 -1.13 10.47 9.19
CA ALA C 51 -0.07 10.43 8.18
C ALA C 51 -0.67 10.15 6.80
N HIS C 52 -1.58 9.19 6.74
CA HIS C 52 -2.25 8.85 5.48
C HIS C 52 -3.02 10.05 4.94
N LEU C 53 -3.69 10.78 5.83
CA LEU C 53 -4.47 11.95 5.43
C LEU C 53 -3.56 12.98 4.76
N VAL C 54 -2.39 13.20 5.35
CA VAL C 54 -1.45 14.16 4.80
C VAL C 54 -0.99 13.67 3.43
N GLN C 55 -0.69 12.38 3.32
CA GLN C 55 -0.26 11.82 2.04
C GLN C 55 -1.38 11.99 1.00
N THR C 56 -2.62 11.74 1.41
CA THR C 56 -3.76 11.88 0.48
C THR C 56 -3.70 13.25 -0.19
N LYS C 57 -3.50 14.29 0.60
CA LYS C 57 -3.40 15.64 0.05
C LYS C 57 -2.20 15.73 -0.88
N LEU C 58 -1.11 15.09 -0.49
CA LEU C 58 0.10 15.11 -1.29
C LEU C 58 -0.08 14.35 -2.61
N ILE C 59 -1.09 13.47 -2.70
CA ILE C 59 -1.33 12.76 -3.95
C ILE C 59 -2.40 13.48 -4.79
N GLU C 60 -3.38 14.10 -4.14
CA GLU C 60 -4.43 14.83 -4.87
C GLU C 60 -3.85 16.03 -5.60
N GLY C 61 -2.89 16.71 -4.98
CA GLY C 61 -2.28 17.89 -5.57
C GLY C 61 -0.83 17.62 -5.97
N ASP C 62 -0.56 16.41 -6.41
CA ASP C 62 0.79 16.03 -6.80
C ASP C 62 1.22 16.75 -8.06
N ALA C 63 0.31 17.49 -8.68
CA ALA C 63 0.63 18.24 -9.90
C ALA C 63 1.30 19.56 -9.56
N GLY C 64 1.78 20.26 -10.59
CA GLY C 64 2.43 21.56 -10.39
C GLY C 64 3.77 21.63 -11.13
N GLU C 65 4.69 20.71 -10.81
CA GLU C 65 5.99 20.70 -11.45
C GLU C 65 5.87 20.38 -12.94
N GLY C 66 4.99 19.45 -13.27
CA GLY C 66 4.80 19.05 -14.66
C GLY C 66 3.45 18.36 -14.86
N LYS C 67 3.12 18.09 -16.11
CA LYS C 67 1.85 17.44 -16.43
C LYS C 67 1.83 16.00 -15.92
N MET C 68 2.44 15.10 -16.70
CA MET C 68 2.48 13.68 -16.36
C MET C 68 3.31 13.38 -15.12
N LYS C 69 4.45 14.07 -14.97
CA LYS C 69 5.34 13.83 -13.84
C LYS C 69 4.79 14.36 -12.52
N VAL C 70 5.20 13.71 -11.43
CA VAL C 70 4.76 14.07 -10.08
C VAL C 70 5.96 14.16 -9.13
N SER C 71 5.72 14.64 -7.91
CA SER C 71 6.80 14.75 -6.93
C SER C 71 7.42 13.38 -6.68
N LEU C 72 8.74 13.30 -6.77
CA LEU C 72 9.45 12.03 -6.61
C LEU C 72 9.31 11.48 -5.19
N VAL C 73 9.40 12.39 -4.22
CA VAL C 73 9.33 12.04 -2.80
C VAL C 73 8.00 11.37 -2.44
N LEU C 74 6.99 11.57 -3.26
CA LEU C 74 5.68 10.98 -3.00
C LEU C 74 5.79 9.48 -2.74
N VAL C 75 6.67 8.86 -3.52
CA VAL C 75 6.89 7.43 -3.39
C VAL C 75 7.56 7.14 -2.05
N HIS C 76 8.62 7.96 -1.63
CA HIS C 76 9.31 7.76 -0.35
C HIS C 76 8.30 7.72 0.79
N ALA C 77 7.37 8.66 0.79
CA ALA C 77 6.35 8.69 1.82
C ALA C 77 5.38 7.52 1.67
N GLN C 78 5.03 7.21 0.42
CA GLN C 78 4.11 6.11 0.16
C GLN C 78 4.74 4.78 0.58
N LEU C 79 5.99 4.58 0.19
CA LEU C 79 6.71 3.36 0.55
C LEU C 79 6.75 3.17 2.06
N HIS C 80 7.13 4.21 2.79
CA HIS C 80 7.20 4.12 4.24
C HIS C 80 5.81 3.94 4.85
N LEU C 81 4.87 4.73 4.38
CA LEU C 81 3.50 4.67 4.89
C LEU C 81 2.85 3.31 4.59
N MET C 82 3.01 2.84 3.37
CA MET C 82 2.42 1.55 2.98
C MET C 82 3.01 0.42 3.82
N THR C 83 4.32 0.45 3.99
CA THR C 83 5.00 -0.58 4.76
C THR C 83 4.54 -0.55 6.22
N SER C 84 4.53 0.64 6.80
CA SER C 84 4.12 0.80 8.20
C SER C 84 2.67 0.37 8.42
N MET C 85 1.76 0.84 7.56
CA MET C 85 0.35 0.48 7.70
C MET C 85 0.16 -1.04 7.61
N LEU C 86 0.80 -1.65 6.63
CA LEU C 86 0.70 -3.09 6.43
C LEU C 86 1.24 -3.83 7.65
N ALA C 87 2.42 -3.42 8.10
CA ALA C 87 3.05 -4.04 9.25
C ALA C 87 2.13 -3.96 10.47
N ARG C 88 1.61 -2.77 10.71
CA ARG C 88 0.74 -2.55 11.84
C ARG C 88 -0.50 -3.47 11.77
N GLU C 89 -1.11 -3.56 10.59
CA GLU C 89 -2.29 -4.42 10.44
C GLU C 89 -1.95 -5.88 10.74
N LEU C 90 -0.82 -6.35 10.20
CA LEU C 90 -0.40 -7.72 10.44
C LEU C 90 -0.07 -7.92 11.91
N ILE C 91 0.60 -6.95 12.49
CA ILE C 91 0.95 -7.02 13.90
C ILE C 91 -0.33 -7.12 14.73
N THR C 92 -1.36 -6.39 14.32
CA THR C 92 -2.64 -6.46 15.02
C THR C 92 -3.15 -7.89 14.99
N GLU C 93 -3.06 -8.53 13.83
CA GLU C 93 -3.50 -9.92 13.70
C GLU C 93 -2.66 -10.82 14.62
N LEU C 94 -1.36 -10.56 14.63
CA LEU C 94 -0.45 -11.34 15.47
C LEU C 94 -0.84 -11.20 16.94
N ILE C 95 -1.16 -9.98 17.35
CA ILE C 95 -1.57 -9.73 18.73
C ILE C 95 -2.86 -10.51 19.05
N GLU C 96 -3.80 -10.48 18.12
CA GLU C 96 -5.05 -11.21 18.31
C GLU C 96 -4.75 -12.70 18.53
N LEU C 97 -3.78 -13.21 17.77
CA LEU C 97 -3.39 -14.61 17.91
C LEU C 97 -2.85 -14.87 19.32
N HIS C 98 -2.05 -13.94 19.83
CA HIS C 98 -1.52 -14.09 21.18
C HIS C 98 -2.68 -14.22 22.16
N GLU C 99 -3.73 -13.44 21.92
CA GLU C 99 -4.90 -13.49 22.78
C GLU C 99 -5.57 -14.87 22.68
N LYS C 100 -5.65 -15.41 21.46
CA LYS C 100 -6.25 -16.72 21.29
C LYS C 100 -5.38 -17.78 21.95
N LEU C 101 -4.05 -17.58 21.91
CA LEU C 101 -3.12 -18.52 22.55
C LEU C 101 -3.37 -18.53 24.06
N LYS C 102 -4.36 -17.76 24.51
CA LYS C 102 -4.70 -17.67 25.93
C LYS C 102 -3.78 -16.68 26.63
N ALA C 103 -2.48 -16.99 26.61
CA ALA C 103 -1.45 -16.16 27.26
C ALA C 103 -1.80 -14.67 27.21
N LYS D 1 -19.97 26.95 -1.17
CA LYS D 1 -19.08 26.05 -1.96
C LYS D 1 -19.44 24.59 -1.78
N LYS D 2 -19.77 23.94 -2.87
CA LYS D 2 -20.15 22.54 -2.84
C LYS D 2 -18.93 21.62 -2.88
N HIS D 3 -19.02 20.49 -2.19
CA HIS D 3 -17.93 19.52 -2.13
C HIS D 3 -18.12 18.37 -3.08
N ILE D 4 -17.20 18.26 -4.03
CA ILE D 4 -17.22 17.18 -4.99
C ILE D 4 -16.07 16.24 -4.61
N TYR D 5 -16.39 15.03 -4.18
CA TYR D 5 -15.38 14.06 -3.78
C TYR D 5 -15.33 12.90 -4.76
N LEU D 6 -14.13 12.60 -5.26
CA LEU D 6 -13.90 11.48 -6.19
C LEU D 6 -13.25 10.35 -5.40
N PHE D 7 -13.56 9.09 -5.76
CA PHE D 7 -12.86 7.96 -5.12
C PHE D 7 -12.18 7.06 -6.16
N CYS D 8 -11.03 6.47 -5.74
CA CYS D 8 -10.27 5.47 -6.47
C CYS D 8 -9.50 4.59 -5.48
N SER D 9 -8.63 3.68 -5.89
CA SER D 9 -8.04 2.84 -4.83
C SER D 9 -7.19 3.67 -3.89
N ALA D 10 -6.19 4.44 -4.39
CA ALA D 10 -5.30 5.17 -3.49
C ALA D 10 -5.62 6.65 -3.56
N GLY D 11 -5.87 7.17 -4.74
CA GLY D 11 -6.17 8.58 -4.92
C GLY D 11 -5.14 9.28 -5.80
N MET D 12 -4.50 8.55 -6.73
CA MET D 12 -3.49 9.19 -7.59
C MET D 12 -3.97 9.36 -9.03
N SER D 13 -4.06 8.28 -9.74
CA SER D 13 -4.49 8.37 -11.13
C SER D 13 -5.70 9.29 -11.29
N THR D 14 -6.44 9.49 -10.20
CA THR D 14 -7.62 10.37 -10.31
C THR D 14 -7.21 11.78 -9.89
N SER D 15 -6.09 11.83 -9.22
CA SER D 15 -5.48 13.09 -8.76
C SER D 15 -5.20 14.03 -9.93
N LEU D 16 -4.82 13.46 -11.06
CA LEU D 16 -4.55 14.26 -12.24
C LEU D 16 -5.88 14.86 -12.76
N LEU D 17 -6.96 14.07 -12.72
CA LEU D 17 -8.28 14.55 -13.14
C LEU D 17 -8.75 15.68 -12.19
N VAL D 18 -8.54 15.48 -10.88
CA VAL D 18 -8.91 16.50 -9.89
C VAL D 18 -8.18 17.83 -10.15
N SER D 19 -6.89 17.79 -10.47
CA SER D 19 -6.17 19.03 -10.74
C SER D 19 -6.73 19.77 -11.98
N LYS D 20 -7.12 19.03 -13.02
CA LYS D 20 -7.71 19.66 -14.20
C LYS D 20 -9.12 20.20 -13.91
N MET D 21 -9.87 19.50 -13.07
CA MET D 21 -11.22 20.00 -12.73
C MET D 21 -11.08 21.31 -11.94
N ARG D 22 -10.13 21.39 -11.02
CA ARG D 22 -9.91 22.60 -10.21
C ARG D 22 -9.56 23.79 -11.12
N ALA D 23 -8.79 23.54 -12.18
CA ALA D 23 -8.39 24.59 -13.11
C ALA D 23 -9.63 25.14 -13.81
N GLN D 24 -10.50 24.24 -14.24
CA GLN D 24 -11.72 24.61 -14.91
C GLN D 24 -12.67 25.35 -14.00
N ALA D 25 -12.80 24.88 -12.77
CA ALA D 25 -13.69 25.53 -11.80
C ALA D 25 -13.24 26.96 -11.55
N GLU D 26 -11.93 27.20 -11.60
CA GLU D 26 -11.39 28.54 -11.36
C GLU D 26 -11.65 29.43 -12.57
N LYS D 27 -11.43 28.88 -13.76
CA LYS D 27 -11.63 29.59 -14.99
C LYS D 27 -13.07 30.10 -15.12
N TYR D 28 -14.05 29.29 -14.72
CA TYR D 28 -15.48 29.69 -14.80
C TYR D 28 -16.13 30.10 -13.49
N GLU D 29 -15.33 30.35 -12.46
CA GLU D 29 -15.81 30.78 -11.15
C GLU D 29 -16.89 29.89 -10.51
N VAL D 30 -16.76 28.58 -10.66
CA VAL D 30 -17.70 27.63 -10.08
C VAL D 30 -17.27 27.48 -8.62
N PRO D 31 -18.19 27.73 -7.67
CA PRO D 31 -17.91 27.64 -6.23
C PRO D 31 -17.93 26.21 -5.68
N VAL D 32 -16.88 25.46 -6.01
CA VAL D 32 -16.75 24.08 -5.57
C VAL D 32 -15.38 23.76 -5.01
N ILE D 33 -15.35 22.75 -4.14
CA ILE D 33 -14.13 22.22 -3.55
C ILE D 33 -14.09 20.77 -4.09
N ILE D 34 -12.98 20.40 -4.71
CA ILE D 34 -12.79 19.07 -5.32
C ILE D 34 -11.61 18.31 -4.66
N GLU D 35 -11.86 17.09 -4.18
CA GLU D 35 -10.83 16.27 -3.52
C GLU D 35 -10.93 14.82 -4.00
N ALA D 36 -9.78 14.14 -4.09
CA ALA D 36 -9.71 12.73 -4.50
C ALA D 36 -9.34 11.92 -3.25
N PHE D 37 -9.93 10.74 -3.09
CA PHE D 37 -9.64 9.87 -1.95
C PHE D 37 -9.66 8.44 -2.43
N PRO D 38 -9.08 7.53 -1.64
CA PRO D 38 -9.07 6.11 -2.02
C PRO D 38 -10.49 5.61 -1.70
N GLU D 39 -10.91 4.54 -2.35
CA GLU D 39 -12.24 3.96 -2.13
C GLU D 39 -12.51 3.54 -0.69
N THR D 40 -11.46 3.29 0.09
CA THR D 40 -11.63 2.88 1.48
C THR D 40 -12.26 3.95 2.37
N LEU D 41 -12.19 5.21 1.94
CA LEU D 41 -12.77 6.32 2.70
C LEU D 41 -14.15 6.77 2.20
N ALA D 42 -14.74 6.07 1.21
CA ALA D 42 -16.05 6.45 0.63
C ALA D 42 -17.14 6.64 1.68
N GLY D 43 -17.12 5.80 2.71
CA GLY D 43 -18.13 5.91 3.75
C GLY D 43 -17.81 6.98 4.77
N GLU D 44 -16.53 7.16 5.08
CA GLU D 44 -16.15 8.15 6.07
C GLU D 44 -16.16 9.59 5.49
N LYS D 45 -15.52 9.77 4.34
CA LYS D 45 -15.46 11.08 3.70
C LYS D 45 -16.73 11.45 2.92
N GLY D 46 -17.38 10.46 2.32
CA GLY D 46 -18.60 10.70 1.55
C GLY D 46 -19.69 11.43 2.29
N GLN D 47 -19.77 11.23 3.60
CA GLN D 47 -20.79 11.89 4.43
C GLN D 47 -20.74 13.42 4.34
N ASN D 48 -19.59 13.97 3.95
CA ASN D 48 -19.43 15.41 3.87
C ASN D 48 -19.45 15.95 2.45
N ALA D 49 -19.66 15.08 1.48
CA ALA D 49 -19.67 15.54 0.10
C ALA D 49 -21.06 15.97 -0.30
N ASP D 50 -21.11 16.82 -1.31
CA ASP D 50 -22.38 17.25 -1.83
C ASP D 50 -22.73 16.32 -2.99
N VAL D 51 -21.69 15.73 -3.60
CA VAL D 51 -21.88 14.75 -4.67
C VAL D 51 -20.68 13.78 -4.61
N VAL D 52 -20.98 12.49 -4.70
CA VAL D 52 -19.97 11.44 -4.66
C VAL D 52 -19.78 10.85 -6.06
N LEU D 53 -18.55 10.92 -6.57
CA LEU D 53 -18.24 10.38 -7.88
C LEU D 53 -17.30 9.18 -7.73
N LEU D 54 -17.60 8.08 -8.42
CA LEU D 54 -16.75 6.88 -8.36
C LEU D 54 -15.96 6.73 -9.63
N GLY D 55 -14.69 6.35 -9.51
CA GLY D 55 -13.84 6.18 -10.68
C GLY D 55 -14.39 5.02 -11.49
N PRO D 56 -14.13 4.94 -12.76
CA PRO D 56 -14.66 3.84 -13.62
C PRO D 56 -14.24 2.42 -13.18
N GLN D 57 -13.07 2.31 -12.54
CA GLN D 57 -12.57 1.02 -12.08
C GLN D 57 -13.39 0.49 -10.90
N ILE D 58 -14.04 1.38 -10.15
CA ILE D 58 -14.82 0.94 -9.01
C ILE D 58 -16.34 1.02 -9.23
N ALA D 59 -16.75 0.99 -10.49
CA ALA D 59 -18.17 1.04 -10.83
C ALA D 59 -18.94 -0.11 -10.19
N TYR D 60 -18.34 -1.30 -10.13
CA TYR D 60 -19.04 -2.44 -9.55
C TYR D 60 -19.46 -2.21 -8.09
N MET D 61 -18.84 -1.23 -7.44
CA MET D 61 -19.15 -0.89 -6.05
C MET D 61 -20.33 0.08 -5.87
N LEU D 62 -20.89 0.58 -6.97
CA LEU D 62 -21.99 1.54 -6.90
C LEU D 62 -23.13 1.19 -5.93
N PRO D 63 -23.73 -0.02 -6.05
CA PRO D 63 -24.82 -0.37 -5.12
C PRO D 63 -24.43 -0.30 -3.65
N GLU D 64 -23.22 -0.72 -3.30
CA GLU D 64 -22.77 -0.68 -1.91
C GLU D 64 -22.60 0.74 -1.42
N ILE D 65 -22.02 1.59 -2.25
CA ILE D 65 -21.83 2.99 -1.85
C ILE D 65 -23.16 3.74 -1.71
N GLN D 66 -24.12 3.42 -2.59
CA GLN D 66 -25.46 4.00 -2.52
C GLN D 66 -26.13 3.64 -1.18
N ARG D 67 -26.00 2.39 -0.73
CA ARG D 67 -26.60 1.98 0.55
C ARG D 67 -25.89 2.63 1.74
N LEU D 68 -24.60 2.88 1.59
CA LEU D 68 -23.77 3.49 2.64
C LEU D 68 -24.11 4.97 2.82
N LEU D 69 -24.39 5.65 1.70
CA LEU D 69 -24.73 7.09 1.68
C LEU D 69 -26.11 7.27 1.01
N PRO D 70 -27.20 6.87 1.69
CA PRO D 70 -28.55 6.99 1.13
C PRO D 70 -29.03 8.44 0.93
N ASN D 71 -28.35 9.38 1.56
CA ASN D 71 -28.75 10.79 1.44
C ASN D 71 -27.82 11.63 0.57
N LYS D 72 -27.08 10.99 -0.33
CA LYS D 72 -26.14 11.69 -1.21
C LYS D 72 -26.26 11.20 -2.63
N PRO D 73 -26.13 12.10 -3.63
CA PRO D 73 -26.21 11.62 -5.02
C PRO D 73 -24.85 10.97 -5.27
N VAL D 74 -24.87 9.73 -5.75
CA VAL D 74 -23.64 8.96 -6.02
C VAL D 74 -23.64 8.48 -7.46
N GLU D 75 -22.58 8.72 -8.19
CA GLU D 75 -22.53 8.22 -9.55
C GLU D 75 -21.13 7.95 -10.07
N VAL D 76 -21.06 7.12 -11.10
CA VAL D 76 -19.80 6.72 -11.71
C VAL D 76 -19.40 7.72 -12.78
N ILE D 77 -18.11 8.03 -12.84
CA ILE D 77 -17.58 8.96 -13.83
C ILE D 77 -17.54 8.27 -15.17
N ASP D 78 -17.96 8.97 -16.21
CA ASP D 78 -17.94 8.40 -17.55
C ASP D 78 -16.51 7.95 -17.89
N SER D 79 -16.33 6.69 -18.28
CA SER D 79 -14.99 6.17 -18.58
C SER D 79 -14.18 6.90 -19.65
N LEU D 80 -14.87 7.44 -20.65
CA LEU D 80 -14.19 8.17 -21.73
C LEU D 80 -13.73 9.53 -21.23
N LEU D 81 -14.58 10.18 -20.45
CA LEU D 81 -14.26 11.49 -19.90
C LEU D 81 -13.10 11.33 -18.94
N TYR D 82 -13.10 10.21 -18.22
CA TYR D 82 -12.04 9.90 -17.25
C TYR D 82 -10.71 9.58 -17.95
N GLY D 83 -10.75 8.68 -18.92
CA GLY D 83 -9.54 8.32 -19.64
C GLY D 83 -8.87 9.50 -20.31
N LYS D 84 -9.68 10.37 -20.87
CA LYS D 84 -9.22 11.56 -21.59
C LYS D 84 -8.79 12.70 -20.65
N VAL D 85 -9.07 12.52 -19.35
CA VAL D 85 -8.77 13.52 -18.31
C VAL D 85 -9.47 14.86 -18.61
N ASP D 86 -10.76 14.77 -18.94
CA ASP D 86 -11.57 15.95 -19.28
C ASP D 86 -12.09 16.63 -18.03
N GLY D 87 -11.29 17.56 -17.51
CA GLY D 87 -11.64 18.31 -16.31
C GLY D 87 -12.94 19.07 -16.45
N LEU D 88 -13.16 19.73 -17.60
CA LEU D 88 -14.39 20.49 -17.80
C LEU D 88 -15.63 19.58 -17.87
N GLY D 89 -15.50 18.50 -18.64
CA GLY D 89 -16.59 17.56 -18.81
C GLY D 89 -17.07 16.91 -17.53
N VAL D 90 -16.12 16.49 -16.69
CA VAL D 90 -16.48 15.84 -15.42
C VAL D 90 -17.04 16.88 -14.45
N LEU D 91 -16.47 18.08 -14.49
CA LEU D 91 -16.97 19.15 -13.63
C LEU D 91 -18.46 19.39 -14.00
N LYS D 92 -18.76 19.42 -15.30
CA LYS D 92 -20.15 19.61 -15.75
C LYS D 92 -21.09 18.52 -15.24
N ALA D 93 -20.64 17.27 -15.30
CA ALA D 93 -21.47 16.14 -14.85
C ALA D 93 -21.76 16.21 -13.35
N ALA D 94 -20.78 16.72 -12.60
CA ALA D 94 -20.90 16.82 -11.15
C ALA D 94 -21.90 17.90 -10.75
N VAL D 95 -21.80 19.06 -11.40
CA VAL D 95 -22.72 20.17 -11.13
C VAL D 95 -24.13 19.69 -11.49
N ALA D 96 -24.25 18.98 -12.61
CA ALA D 96 -25.54 18.45 -13.04
C ALA D 96 -26.13 17.51 -11.99
N ALA D 97 -25.33 16.57 -11.49
CA ALA D 97 -25.85 15.64 -10.49
C ALA D 97 -26.36 16.40 -9.26
N ILE D 98 -25.70 17.51 -8.93
CA ILE D 98 -26.12 18.32 -7.78
C ILE D 98 -27.46 19.01 -8.03
N LYS D 99 -27.63 19.58 -9.24
CA LYS D 99 -28.87 20.26 -9.62
C LYS D 99 -30.01 19.26 -9.71
N LYS D 100 -29.80 18.19 -10.45
CA LYS D 100 -30.83 17.18 -10.59
C LYS D 100 -31.20 16.60 -9.22
N ALA D 101 -30.34 16.79 -8.23
CA ALA D 101 -30.58 16.28 -6.88
C ALA D 101 -31.37 17.24 -6.00
N ALA D 102 -31.14 18.54 -6.18
CA ALA D 102 -31.83 19.57 -5.43
C ALA D 102 -33.22 19.88 -6.02
N ALA D 103 -33.60 19.13 -7.06
CA ALA D 103 -34.88 19.29 -7.72
C ALA D 103 -35.05 18.26 -8.85
P PO3 E . -4.77 5.47 -7.19
O1 PO3 E . -5.25 4.04 -6.93
O2 PO3 E . -4.75 6.00 -8.61
O3 PO3 E . -4.15 6.27 -6.07
N ALA A 1 0.74 7.29 -18.60
CA ALA A 1 0.24 7.59 -19.96
C ALA A 1 -1.09 6.86 -20.17
N GLU A 2 -1.77 7.18 -21.26
CA GLU A 2 -3.08 6.58 -21.60
C GLU A 2 -3.28 5.20 -20.95
N GLU A 3 -2.80 4.17 -21.63
CA GLU A 3 -2.95 2.80 -21.13
C GLU A 3 -2.16 2.60 -19.84
N LEU A 4 -0.84 2.78 -19.91
CA LEU A 4 0.01 2.60 -18.74
C LEU A 4 -0.63 3.20 -17.48
N GLU A 5 -1.21 4.38 -17.61
CA GLU A 5 -1.84 5.05 -16.47
C GLU A 5 -3.12 4.34 -16.08
N GLU A 6 -3.94 4.01 -17.07
CA GLU A 6 -5.19 3.30 -16.82
C GLU A 6 -4.88 1.88 -16.34
N VAL A 7 -3.80 1.31 -16.88
CA VAL A 7 -3.37 -0.03 -16.50
C VAL A 7 -2.93 -0.05 -15.03
N VAL A 8 -2.20 0.99 -14.63
CA VAL A 8 -1.73 1.10 -13.25
C VAL A 8 -2.95 1.16 -12.33
N MET A 9 -3.95 1.96 -12.70
CA MET A 9 -5.17 2.06 -11.90
C MET A 9 -5.77 0.67 -11.73
N GLY A 10 -5.81 -0.09 -12.82
CA GLY A 10 -6.34 -1.45 -12.77
C GLY A 10 -5.49 -2.31 -11.83
N LEU A 11 -4.17 -2.17 -11.95
CA LEU A 11 -3.26 -2.93 -11.10
C LEU A 11 -3.45 -2.56 -9.64
N ILE A 12 -3.57 -1.27 -9.37
CA ILE A 12 -3.76 -0.80 -8.00
C ILE A 12 -5.06 -1.36 -7.46
N ILE A 13 -6.11 -1.29 -8.26
CA ILE A 13 -7.40 -1.82 -7.85
C ILE A 13 -7.30 -3.33 -7.65
N ASN A 14 -6.65 -4.01 -8.60
CA ASN A 14 -6.47 -5.45 -8.53
C ASN A 14 -5.71 -5.82 -7.26
N SER A 15 -4.61 -5.11 -7.03
CA SER A 15 -3.81 -5.35 -5.83
C SER A 15 -4.65 -5.14 -4.57
N GLY A 16 -5.44 -4.06 -4.60
CA GLY A 16 -6.32 -3.75 -3.47
C GLY A 16 -7.35 -4.86 -3.26
N GLN A 17 -7.95 -5.32 -4.36
CA GLN A 17 -8.94 -6.40 -4.27
C GLN A 17 -8.27 -7.65 -3.72
N ALA A 18 -7.05 -7.92 -4.18
CA ALA A 18 -6.31 -9.09 -3.72
C ALA A 18 -6.15 -9.04 -2.21
N ARG A 19 -5.70 -7.91 -1.69
CA ARG A 19 -5.55 -7.77 -0.25
C ARG A 19 -6.90 -7.95 0.43
N SER A 20 -7.91 -7.28 -0.11
CA SER A 20 -9.25 -7.36 0.44
C SER A 20 -9.68 -8.83 0.57
N LEU A 21 -9.47 -9.59 -0.49
CA LEU A 21 -9.81 -11.01 -0.48
C LEU A 21 -8.97 -11.74 0.58
N ALA A 22 -7.69 -11.40 0.63
CA ALA A 22 -6.79 -12.03 1.60
C ALA A 22 -7.30 -11.80 3.03
N TYR A 23 -7.59 -10.55 3.38
CA TYR A 23 -8.10 -10.25 4.72
C TYR A 23 -9.41 -11.00 4.93
N ALA A 24 -10.25 -11.03 3.90
CA ALA A 24 -11.51 -11.73 3.99
C ALA A 24 -11.24 -13.22 4.25
N ALA A 25 -10.23 -13.75 3.56
CA ALA A 25 -9.84 -15.14 3.75
C ALA A 25 -9.48 -15.38 5.21
N LEU A 26 -8.72 -14.46 5.78
CA LEU A 26 -8.32 -14.57 7.18
C LEU A 26 -9.56 -14.55 8.07
N LYS A 27 -10.48 -13.64 7.77
CA LYS A 27 -11.71 -13.53 8.54
C LYS A 27 -12.45 -14.87 8.56
N GLN A 28 -12.48 -15.54 7.41
CA GLN A 28 -13.15 -16.84 7.31
C GLN A 28 -12.48 -17.81 8.28
N ALA A 29 -11.15 -17.75 8.35
CA ALA A 29 -10.39 -18.62 9.24
C ALA A 29 -10.80 -18.38 10.69
N LYS A 30 -10.95 -17.12 11.05
CA LYS A 30 -11.36 -16.77 12.41
C LYS A 30 -12.72 -17.37 12.73
N GLN A 31 -13.58 -17.50 11.72
CA GLN A 31 -14.89 -18.08 11.93
C GLN A 31 -14.80 -19.60 11.96
N GLY A 32 -13.60 -20.12 11.77
CA GLY A 32 -13.37 -21.56 11.81
C GLY A 32 -13.71 -22.21 10.47
N ASP A 33 -13.83 -21.40 9.43
CA ASP A 33 -14.15 -21.90 8.09
C ASP A 33 -12.88 -22.06 7.26
N PHE A 34 -12.18 -23.18 7.47
CA PHE A 34 -10.93 -23.42 6.73
C PHE A 34 -11.18 -23.60 5.24
N ALA A 35 -12.31 -24.21 4.89
CA ALA A 35 -12.63 -24.46 3.49
C ALA A 35 -12.77 -23.14 2.72
N ALA A 36 -13.56 -22.23 3.26
CA ALA A 36 -13.76 -20.95 2.60
C ALA A 36 -12.46 -20.14 2.60
N ALA A 37 -11.70 -20.23 3.68
CA ALA A 37 -10.43 -19.52 3.75
C ALA A 37 -9.52 -19.99 2.60
N LYS A 38 -9.36 -21.30 2.49
CA LYS A 38 -8.53 -21.90 1.45
C LYS A 38 -8.96 -21.42 0.06
N ALA A 39 -10.26 -21.45 -0.21
CA ALA A 39 -10.77 -21.03 -1.51
C ALA A 39 -10.47 -19.57 -1.79
N MET A 40 -10.61 -18.74 -0.76
CA MET A 40 -10.36 -17.30 -0.90
C MET A 40 -8.88 -17.03 -1.18
N MET A 41 -7.98 -17.76 -0.50
CA MET A 41 -6.55 -17.56 -0.72
C MET A 41 -6.19 -17.92 -2.15
N ASP A 42 -6.77 -19.01 -2.65
CA ASP A 42 -6.47 -19.48 -3.99
C ASP A 42 -6.83 -18.42 -5.02
N GLN A 43 -8.03 -17.87 -4.88
CA GLN A 43 -8.48 -16.82 -5.80
C GLN A 43 -7.61 -15.59 -5.67
N SER A 44 -7.25 -15.24 -4.44
CA SER A 44 -6.40 -14.08 -4.20
C SER A 44 -5.06 -14.28 -4.91
N ARG A 45 -4.49 -15.47 -4.78
CA ARG A 45 -3.22 -15.82 -5.43
C ARG A 45 -3.32 -15.66 -6.95
N MET A 46 -4.40 -16.18 -7.51
CA MET A 46 -4.63 -16.11 -8.95
C MET A 46 -4.72 -14.65 -9.40
N ALA A 47 -5.41 -13.83 -8.62
CA ALA A 47 -5.56 -12.41 -8.94
C ALA A 47 -4.19 -11.74 -9.00
N LEU A 48 -3.35 -12.05 -8.02
CA LEU A 48 -2.00 -11.49 -7.95
C LEU A 48 -1.15 -11.98 -9.12
N ASN A 49 -1.29 -13.26 -9.41
CA ASN A 49 -0.51 -13.87 -10.48
C ASN A 49 -0.77 -13.15 -11.80
N GLU A 50 -2.04 -12.89 -12.07
CA GLU A 50 -2.41 -12.17 -13.29
C GLU A 50 -1.86 -10.75 -13.23
N ALA A 51 -1.97 -10.13 -12.05
CA ALA A 51 -1.47 -8.77 -11.87
C ALA A 51 0.06 -8.75 -12.05
N HIS A 52 0.73 -9.71 -11.44
CA HIS A 52 2.19 -9.81 -11.54
C HIS A 52 2.61 -10.01 -13.00
N LEU A 53 1.86 -10.83 -13.72
CA LEU A 53 2.16 -11.11 -15.12
C LEU A 53 2.11 -9.82 -15.93
N VAL A 54 1.08 -9.02 -15.68
CA VAL A 54 0.94 -7.75 -16.38
C VAL A 54 2.11 -6.84 -16.04
N GLN A 55 2.46 -6.79 -14.76
CA GLN A 55 3.59 -5.96 -14.34
C GLN A 55 4.88 -6.45 -15.01
N THR A 56 5.08 -7.76 -15.08
CA THR A 56 6.28 -8.32 -15.72
C THR A 56 6.46 -7.71 -17.11
N LYS A 57 5.37 -7.66 -17.88
CA LYS A 57 5.43 -7.06 -19.22
C LYS A 57 5.76 -5.59 -19.10
N LEU A 58 5.18 -4.94 -18.10
CA LEU A 58 5.43 -3.52 -17.90
C LEU A 58 6.87 -3.24 -17.48
N ILE A 59 7.58 -4.25 -16.98
CA ILE A 59 8.99 -4.06 -16.60
C ILE A 59 9.93 -4.47 -17.76
N GLU A 60 9.55 -5.49 -18.53
CA GLU A 60 10.37 -5.95 -19.66
C GLU A 60 10.46 -4.88 -20.74
N GLY A 61 9.34 -4.20 -21.01
CA GLY A 61 9.31 -3.17 -22.03
C GLY A 61 9.20 -1.78 -21.42
N ASP A 62 9.80 -1.60 -20.24
CA ASP A 62 9.75 -0.32 -19.54
C ASP A 62 10.49 0.78 -20.32
N ALA A 63 11.17 0.39 -21.40
CA ALA A 63 11.90 1.36 -22.21
C ALA A 63 10.97 2.06 -23.19
N GLY A 64 11.49 3.07 -23.89
CA GLY A 64 10.68 3.81 -24.86
C GLY A 64 10.81 5.32 -24.66
N GLU A 65 10.45 5.80 -23.47
CA GLU A 65 10.53 7.23 -23.19
C GLU A 65 11.97 7.72 -23.18
N GLY A 66 12.86 6.90 -22.64
CA GLY A 66 14.28 7.27 -22.58
C GLY A 66 15.15 6.04 -22.36
N LYS A 67 16.47 6.25 -22.44
CA LYS A 67 17.41 5.15 -22.27
C LYS A 67 17.39 4.63 -20.82
N MET A 68 18.11 5.32 -19.94
CA MET A 68 18.20 4.93 -18.54
C MET A 68 16.88 5.05 -17.79
N LYS A 69 16.13 6.12 -18.08
CA LYS A 69 14.87 6.35 -17.37
C LYS A 69 13.76 5.39 -17.80
N VAL A 70 12.84 5.14 -16.87
CA VAL A 70 11.71 4.23 -17.10
C VAL A 70 10.41 4.88 -16.65
N SER A 71 9.28 4.23 -16.95
CA SER A 71 7.98 4.77 -16.55
C SER A 71 7.94 4.91 -15.03
N LEU A 72 7.54 6.10 -14.57
CA LEU A 72 7.48 6.40 -13.14
C LEU A 72 6.43 5.55 -12.41
N VAL A 73 5.30 5.39 -13.07
CA VAL A 73 4.18 4.62 -12.52
C VAL A 73 4.55 3.16 -12.22
N LEU A 74 5.61 2.69 -12.84
CA LEU A 74 6.05 1.31 -12.61
C LEU A 74 6.20 1.03 -11.13
N VAL A 75 6.60 2.06 -10.39
CA VAL A 75 6.83 1.93 -8.96
C VAL A 75 5.49 1.84 -8.24
N HIS A 76 4.25 2.85 -8.66
CA HIS A 76 2.89 2.84 -8.07
C HIS A 76 2.30 1.45 -8.14
N ALA A 77 2.64 0.74 -9.22
CA ALA A 77 2.15 -0.62 -9.42
C ALA A 77 3.00 -1.62 -8.64
N GLN A 78 4.33 -1.48 -8.72
CA GLN A 78 5.21 -2.42 -8.02
C GLN A 78 5.00 -2.31 -6.51
N LEU A 79 4.96 -1.09 -6.01
CA LEU A 79 4.72 -0.86 -4.59
C LEU A 79 3.44 -1.54 -4.13
N HIS A 80 2.35 -1.32 -4.85
CA HIS A 80 1.08 -1.91 -4.47
C HIS A 80 1.12 -3.44 -4.62
N LEU A 81 1.65 -3.90 -5.74
CA LEU A 81 1.74 -5.34 -5.99
C LEU A 81 2.64 -6.04 -4.98
N MET A 82 3.80 -5.45 -4.70
CA MET A 82 4.74 -6.05 -3.75
C MET A 82 4.11 -6.14 -2.37
N THR A 83 3.46 -5.05 -1.96
CA THR A 83 2.81 -5.00 -0.65
C THR A 83 1.69 -6.04 -0.56
N SER A 84 0.84 -6.07 -1.58
CA SER A 84 -0.29 -7.01 -1.61
C SER A 84 0.20 -8.46 -1.60
N MET A 85 1.16 -8.78 -2.45
CA MET A 85 1.69 -10.14 -2.51
C MET A 85 2.26 -10.57 -1.18
N LEU A 86 3.07 -9.70 -0.59
CA LEU A 86 3.68 -10.00 0.70
C LEU A 86 2.61 -10.19 1.78
N ALA A 87 1.64 -9.28 1.79
CA ALA A 87 0.56 -9.36 2.76
C ALA A 87 -0.15 -10.70 2.67
N ARG A 88 -0.49 -11.10 1.47
CA ARG A 88 -1.18 -12.37 1.27
C ARG A 88 -0.35 -13.55 1.78
N GLU A 89 0.93 -13.57 1.45
CA GLU A 89 1.77 -14.67 1.88
C GLU A 89 1.79 -14.78 3.39
N LEU A 90 1.95 -13.65 4.06
CA LEU A 90 1.96 -13.64 5.51
C LEU A 90 0.58 -14.03 6.05
N ILE A 91 -0.46 -13.51 5.42
CA ILE A 91 -1.82 -13.85 5.84
C ILE A 91 -2.03 -15.35 5.69
N THR A 92 -1.50 -15.92 4.61
CA THR A 92 -1.60 -17.37 4.40
C THR A 92 -0.98 -18.10 5.59
N GLU A 93 0.20 -17.64 6.01
CA GLU A 93 0.88 -18.23 7.16
C GLU A 93 0.02 -18.08 8.40
N LEU A 94 -0.57 -16.89 8.56
CA LEU A 94 -1.43 -16.62 9.72
C LEU A 94 -2.62 -17.59 9.71
N ILE A 95 -3.20 -17.80 8.55
CA ILE A 95 -4.34 -18.73 8.44
C ILE A 95 -3.90 -20.14 8.83
N GLU A 96 -2.72 -20.56 8.36
CA GLU A 96 -2.22 -21.88 8.71
C GLU A 96 -2.08 -22.00 10.22
N LEU A 97 -1.64 -20.91 10.87
CA LEU A 97 -1.51 -20.92 12.32
C LEU A 97 -2.88 -21.12 12.98
N HIS A 98 -3.89 -20.46 12.44
CA HIS A 98 -5.25 -20.62 12.98
C HIS A 98 -5.63 -22.08 12.92
N GLU A 99 -5.25 -22.75 11.84
CA GLU A 99 -5.55 -24.17 11.68
C GLU A 99 -4.81 -24.98 12.74
N LYS A 100 -3.56 -24.62 13.01
CA LYS A 100 -2.79 -25.32 14.02
C LYS A 100 -3.39 -25.06 15.41
N LEU A 101 -3.92 -23.84 15.61
CA LEU A 101 -4.56 -23.49 16.88
C LEU A 101 -5.80 -24.37 17.09
N LYS A 102 -6.02 -25.30 16.15
CA LYS A 102 -7.18 -26.20 16.21
C LYS A 102 -8.43 -25.52 15.71
N ALA A 103 -8.82 -24.42 16.39
CA ALA A 103 -10.03 -23.67 16.04
C ALA A 103 -10.30 -23.65 14.53
N ALA B 1 22.66 3.11 -13.51
CA ALA B 1 23.97 3.34 -14.19
C ALA B 1 24.86 2.13 -13.94
N GLU B 2 26.00 2.08 -14.64
CA GLU B 2 26.95 0.97 -14.53
C GLU B 2 26.86 0.24 -13.18
N GLU B 3 27.57 0.74 -12.19
CA GLU B 3 27.58 0.13 -10.87
C GLU B 3 26.22 0.21 -10.20
N LEU B 4 25.72 1.44 -10.02
CA LEU B 4 24.42 1.61 -9.38
C LEU B 4 23.38 0.61 -9.91
N GLU B 5 23.37 0.41 -11.22
CA GLU B 5 22.42 -0.52 -11.83
C GLU B 5 22.76 -1.95 -11.47
N GLU B 6 24.03 -2.30 -11.57
CA GLU B 6 24.50 -3.63 -11.23
C GLU B 6 24.38 -3.85 -9.73
N VAL B 7 24.60 -2.79 -8.97
CA VAL B 7 24.51 -2.85 -7.52
C VAL B 7 23.05 -3.11 -7.10
N VAL B 8 22.12 -2.44 -7.77
CA VAL B 8 20.69 -2.63 -7.49
C VAL B 8 20.33 -4.08 -7.74
N MET B 9 20.80 -4.63 -8.86
CA MET B 9 20.52 -6.03 -9.18
C MET B 9 21.01 -6.91 -8.03
N GLY B 10 22.21 -6.62 -7.53
CA GLY B 10 22.75 -7.37 -6.41
C GLY B 10 21.86 -7.21 -5.19
N LEU B 11 21.44 -5.98 -4.93
CA LEU B 11 20.56 -5.70 -3.79
C LEU B 11 19.24 -6.44 -3.93
N ILE B 12 18.67 -6.41 -5.13
CA ILE B 12 17.40 -7.09 -5.38
C ILE B 12 17.57 -8.58 -5.14
N ILE B 13 18.66 -9.12 -5.68
CA ILE B 13 18.94 -10.54 -5.50
C ILE B 13 19.17 -10.83 -4.02
N ASN B 14 19.95 -9.98 -3.36
CA ASN B 14 20.24 -10.16 -1.94
C ASN B 14 18.94 -10.10 -1.13
N SER B 15 18.11 -9.11 -1.42
CA SER B 15 16.83 -8.99 -0.74
C SER B 15 15.98 -10.23 -0.97
N GLY B 16 15.99 -10.71 -2.22
CA GLY B 16 15.23 -11.91 -2.57
C GLY B 16 15.76 -13.12 -1.81
N GLN B 17 17.08 -13.25 -1.75
CA GLN B 17 17.68 -14.37 -1.03
C GLN B 17 17.31 -14.28 0.45
N ALA B 18 17.35 -13.06 0.98
CA ALA B 18 17.00 -12.84 2.37
C ALA B 18 15.60 -13.36 2.66
N ARG B 19 14.64 -12.97 1.84
CA ARG B 19 13.27 -13.44 2.02
C ARG B 19 13.24 -14.96 1.90
N SER B 20 13.90 -15.47 0.86
CA SER B 20 13.94 -16.91 0.64
C SER B 20 14.41 -17.63 1.89
N LEU B 21 15.50 -17.13 2.48
CA LEU B 21 16.04 -17.73 3.71
C LEU B 21 15.01 -17.60 4.83
N ALA B 22 14.37 -16.44 4.93
CA ALA B 22 13.37 -16.20 5.97
C ALA B 22 12.24 -17.23 5.85
N TYR B 23 11.67 -17.38 4.65
CA TYR B 23 10.60 -18.36 4.46
C TYR B 23 11.12 -19.75 4.79
N ALA B 24 12.36 -20.04 4.38
CA ALA B 24 12.95 -21.33 4.67
C ALA B 24 13.06 -21.49 6.19
N ALA B 25 13.43 -20.41 6.87
CA ALA B 25 13.53 -20.43 8.33
C ALA B 25 12.18 -20.80 8.92
N LEU B 26 11.12 -20.21 8.39
CA LEU B 26 9.78 -20.50 8.86
C LEU B 26 9.45 -21.97 8.62
N LYS B 27 9.80 -22.46 7.44
CA LYS B 27 9.55 -23.86 7.11
C LYS B 27 10.21 -24.78 8.14
N GLN B 28 11.43 -24.43 8.54
CA GLN B 28 12.13 -25.23 9.56
C GLN B 28 11.31 -25.26 10.84
N ALA B 29 10.74 -24.11 11.19
CA ALA B 29 9.91 -24.02 12.40
C ALA B 29 8.73 -24.97 12.31
N LYS B 30 8.09 -25.01 11.14
CA LYS B 30 6.95 -25.90 10.94
C LYS B 30 7.36 -27.35 11.16
N GLN B 31 8.62 -27.67 10.83
CA GLN B 31 9.10 -29.04 11.01
C GLN B 31 9.46 -29.28 12.48
N GLY B 32 9.32 -28.24 13.29
CA GLY B 32 9.63 -28.35 14.72
C GLY B 32 11.13 -28.18 14.99
N ASP B 33 11.86 -27.66 14.00
CA ASP B 33 13.29 -27.46 14.14
C ASP B 33 13.60 -26.02 14.53
N PHE B 34 13.47 -25.71 15.81
CA PHE B 34 13.73 -24.34 16.29
C PHE B 34 15.18 -23.94 16.10
N ALA B 35 16.09 -24.90 16.27
CA ALA B 35 17.52 -24.60 16.15
C ALA B 35 17.86 -24.12 14.74
N ALA B 36 17.43 -24.87 13.74
CA ALA B 36 17.71 -24.50 12.36
C ALA B 36 16.98 -23.20 12.01
N ALA B 37 15.77 -23.03 12.51
CA ALA B 37 15.03 -21.80 12.24
C ALA B 37 15.82 -20.61 12.74
N LYS B 38 16.23 -20.68 14.02
CA LYS B 38 17.01 -19.60 14.63
C LYS B 38 18.27 -19.27 13.81
N ALA B 39 18.99 -20.29 13.40
CA ALA B 39 20.21 -20.10 12.61
C ALA B 39 19.91 -19.41 11.28
N MET B 40 18.83 -19.82 10.64
CA MET B 40 18.44 -19.26 9.36
C MET B 40 18.05 -17.78 9.51
N MET B 41 17.32 -17.45 10.57
CA MET B 41 16.92 -16.06 10.78
C MET B 41 18.15 -15.17 10.97
N ASP B 42 19.12 -15.68 11.73
CA ASP B 42 20.33 -14.93 12.01
C ASP B 42 21.06 -14.57 10.73
N GLN B 43 21.21 -15.58 9.86
CA GLN B 43 21.88 -15.36 8.59
C GLN B 43 21.08 -14.40 7.72
N SER B 44 19.76 -14.54 7.73
CA SER B 44 18.91 -13.65 6.95
C SER B 44 19.13 -12.20 7.41
N ARG B 45 19.14 -12.00 8.73
CA ARG B 45 19.35 -10.68 9.30
C ARG B 45 20.69 -10.09 8.83
N MET B 46 21.74 -10.90 8.89
CA MET B 46 23.07 -10.45 8.49
C MET B 46 23.05 -10.04 7.02
N ALA B 47 22.37 -10.84 6.20
CA ALA B 47 22.27 -10.53 4.77
C ALA B 47 21.58 -9.19 4.56
N LEU B 48 20.50 -8.97 5.31
CA LEU B 48 19.75 -7.72 5.21
C LEU B 48 20.59 -6.55 5.72
N ASN B 49 21.30 -6.78 6.81
CA ASN B 49 22.13 -5.75 7.40
C ASN B 49 23.18 -5.26 6.40
N GLU B 50 23.83 -6.19 5.73
CA GLU B 50 24.82 -5.83 4.72
C GLU B 50 24.17 -5.10 3.57
N ALA B 51 23.00 -5.58 3.17
CA ALA B 51 22.25 -4.96 2.08
C ALA B 51 21.83 -3.54 2.48
N HIS B 52 21.32 -3.41 3.70
CA HIS B 52 20.88 -2.11 4.21
C HIS B 52 22.06 -1.13 4.27
N LEU B 53 23.22 -1.64 4.69
CA LEU B 53 24.42 -0.80 4.79
C LEU B 53 24.77 -0.23 3.41
N VAL B 54 24.71 -1.09 2.40
CA VAL B 54 25.03 -0.66 1.04
C VAL B 54 24.01 0.40 0.61
N GLN B 55 22.73 0.16 0.90
CA GLN B 55 21.70 1.13 0.53
C GLN B 55 21.96 2.45 1.25
N THR B 56 22.32 2.39 2.54
CA THR B 56 22.60 3.61 3.30
C THR B 56 23.57 4.50 2.53
N LYS B 57 24.65 3.90 2.04
CA LYS B 57 25.62 4.66 1.25
C LYS B 57 24.97 5.20 -0.01
N LEU B 58 24.12 4.39 -0.61
CA LEU B 58 23.44 4.78 -1.84
C LEU B 58 22.45 5.93 -1.59
N ILE B 59 22.02 6.12 -0.32
CA ILE B 59 21.11 7.23 -0.01
C ILE B 59 21.88 8.48 0.45
N GLU B 60 23.00 8.27 1.16
CA GLU B 60 23.81 9.39 1.64
C GLU B 60 24.42 10.17 0.46
N GLY B 61 24.86 9.43 -0.55
CA GLY B 61 25.49 10.05 -1.72
C GLY B 61 24.59 9.96 -2.95
N ASP B 62 23.28 10.02 -2.73
CA ASP B 62 22.32 9.93 -3.82
C ASP B 62 22.41 11.14 -4.77
N ALA B 63 23.21 12.12 -4.40
CA ALA B 63 23.36 13.32 -5.23
C ALA B 63 24.37 13.07 -6.34
N GLY B 64 24.50 14.03 -7.26
CA GLY B 64 25.44 13.90 -8.37
C GLY B 64 24.78 14.23 -9.71
N GLU B 65 23.73 13.48 -10.05
CA GLU B 65 23.03 13.70 -11.32
C GLU B 65 22.34 15.07 -11.33
N GLY B 66 21.76 15.45 -10.20
CA GLY B 66 21.07 16.73 -10.11
C GLY B 66 20.91 17.16 -8.66
N LYS B 67 20.42 18.38 -8.47
CA LYS B 67 20.23 18.92 -7.13
C LYS B 67 19.13 18.16 -6.38
N MET B 68 17.88 18.54 -6.66
CA MET B 68 16.72 17.93 -6.01
C MET B 68 16.52 16.47 -6.40
N LYS B 69 16.75 16.13 -7.66
CA LYS B 69 16.54 14.76 -8.14
C LYS B 69 17.62 13.80 -7.64
N VAL B 70 17.22 12.52 -7.52
CA VAL B 70 18.11 11.47 -7.05
C VAL B 70 18.02 10.24 -7.98
N SER B 71 18.89 9.26 -7.76
CA SER B 71 18.88 8.05 -8.59
C SER B 71 17.52 7.37 -8.49
N LEU B 72 16.93 7.04 -9.64
CA LEU B 72 15.60 6.45 -9.66
C LEU B 72 15.59 5.04 -9.04
N VAL B 73 16.65 4.30 -9.35
CA VAL B 73 16.80 2.93 -8.88
C VAL B 73 16.83 2.84 -7.34
N LEU B 74 17.10 3.95 -6.69
CA LEU B 74 17.13 3.96 -5.22
C LEU B 74 15.85 3.42 -4.64
N VAL B 75 14.74 3.77 -5.27
CA VAL B 75 13.43 3.32 -4.84
C VAL B 75 13.33 1.81 -5.05
N HIS B 76 13.81 1.25 -6.28
CA HIS B 76 13.76 -0.19 -6.56
C HIS B 76 14.45 -0.96 -5.44
N ALA B 77 15.63 -0.51 -5.05
CA ALA B 77 16.39 -1.17 -3.99
C ALA B 77 15.69 -1.00 -2.65
N GLN B 78 15.17 0.20 -2.40
CA GLN B 78 14.49 0.47 -1.13
C GLN B 78 13.21 -0.37 -1.04
N LEU B 79 12.44 -0.39 -2.12
CA LEU B 79 11.22 -1.18 -2.14
C LEU B 79 11.49 -2.65 -1.82
N HIS B 80 12.48 -3.23 -2.48
CA HIS B 80 12.80 -4.62 -2.24
C HIS B 80 13.36 -4.83 -0.84
N LEU B 81 14.27 -3.95 -0.44
CA LEU B 81 14.88 -4.06 0.89
C LEU B 81 13.85 -3.85 2.00
N MET B 82 13.00 -2.85 1.86
CA MET B 82 11.98 -2.57 2.87
C MET B 82 11.02 -3.75 3.01
N THR B 83 10.59 -4.28 1.87
CA THR B 83 9.67 -5.41 1.87
C THR B 83 10.32 -6.64 2.50
N SER B 84 11.55 -6.94 2.10
CA SER B 84 12.26 -8.09 2.64
C SER B 84 12.50 -7.97 4.14
N MET B 85 12.97 -6.81 4.58
CA MET B 85 13.24 -6.60 6.01
C MET B 85 11.96 -6.76 6.83
N LEU B 86 10.89 -6.14 6.36
CA LEU B 86 9.61 -6.21 7.06
C LEU B 86 9.11 -7.65 7.12
N ALA B 87 9.17 -8.33 5.98
CA ALA B 87 8.72 -9.71 5.90
C ALA B 87 9.49 -10.58 6.88
N ARG B 88 10.79 -10.44 6.86
CA ARG B 88 11.65 -11.22 7.75
C ARG B 88 11.28 -10.97 9.21
N GLU B 89 11.08 -9.70 9.59
CA GLU B 89 10.75 -9.38 10.97
C GLU B 89 9.43 -10.05 11.37
N LEU B 90 8.44 -9.96 10.50
CA LEU B 90 7.14 -10.56 10.78
C LEU B 90 7.28 -12.08 10.84
N ILE B 91 8.06 -12.63 9.92
CA ILE B 91 8.30 -14.07 9.91
C ILE B 91 8.95 -14.49 11.23
N THR B 92 9.86 -13.66 11.73
CA THR B 92 10.50 -13.96 13.02
C THR B 92 9.43 -14.07 14.09
N GLU B 93 8.49 -13.13 14.09
CA GLU B 93 7.40 -13.15 15.06
C GLU B 93 6.58 -14.43 14.88
N LEU B 94 6.30 -14.77 13.62
CA LEU B 94 5.54 -15.99 13.33
C LEU B 94 6.27 -17.21 13.87
N ILE B 95 7.59 -17.26 13.68
CA ILE B 95 8.36 -18.38 14.19
C ILE B 95 8.28 -18.46 15.71
N GLU B 96 8.36 -17.30 16.37
CA GLU B 96 8.25 -17.27 17.83
C GLU B 96 6.90 -17.85 18.25
N LEU B 97 5.86 -17.54 17.49
CA LEU B 97 4.52 -18.05 17.79
C LEU B 97 4.52 -19.58 17.69
N HIS B 98 5.19 -20.10 16.66
CA HIS B 98 5.27 -21.55 16.50
C HIS B 98 5.89 -22.17 17.75
N GLU B 99 6.90 -21.48 18.28
CA GLU B 99 7.55 -21.95 19.50
C GLU B 99 6.58 -21.94 20.66
N LYS B 100 5.77 -20.88 20.77
CA LYS B 100 4.79 -20.80 21.84
C LYS B 100 3.72 -21.88 21.65
N LEU B 101 3.39 -22.19 20.39
CA LEU B 101 2.42 -23.25 20.11
C LEU B 101 2.96 -24.60 20.58
N LYS B 102 4.13 -24.57 21.21
CA LYS B 102 4.77 -25.78 21.72
C LYS B 102 5.49 -26.51 20.59
N ALA B 103 4.71 -26.92 19.58
CA ALA B 103 5.25 -27.67 18.43
C ALA B 103 6.64 -27.19 18.04
N ALA C 1 11.12 19.25 -2.05
CA ALA C 1 11.16 20.74 -1.98
C ALA C 1 10.96 21.17 -0.54
N GLU C 2 11.18 22.45 -0.27
CA GLU C 2 11.04 23.02 1.08
C GLU C 2 10.10 22.22 1.98
N GLU C 3 8.81 22.51 1.89
CA GLU C 3 7.83 21.81 2.71
C GLU C 3 7.73 20.34 2.34
N LEU C 4 7.37 20.07 1.08
CA LEU C 4 7.24 18.68 0.63
C LEU C 4 8.38 17.80 1.16
N GLU C 5 9.60 18.32 1.11
CA GLU C 5 10.76 17.57 1.58
C GLU C 5 10.74 17.43 3.10
N GLU C 6 10.47 18.53 3.78
CA GLU C 6 10.41 18.52 5.24
C GLU C 6 9.19 17.70 5.68
N VAL C 7 8.12 17.78 4.89
CA VAL C 7 6.90 17.04 5.17
C VAL C 7 7.17 15.53 5.06
N VAL C 8 7.92 15.14 4.03
CA VAL C 8 8.27 13.74 3.83
C VAL C 8 9.06 13.24 5.04
N MET C 9 10.02 14.04 5.50
CA MET C 9 10.80 13.67 6.66
C MET C 9 9.87 13.40 7.84
N GLY C 10 8.88 14.29 8.01
CA GLY C 10 7.91 14.13 9.08
C GLY C 10 7.12 12.84 8.88
N LEU C 11 6.71 12.59 7.65
CA LEU C 11 5.94 11.37 7.33
C LEU C 11 6.79 10.14 7.59
N ILE C 12 8.05 10.18 7.18
CA ILE C 12 8.94 9.04 7.37
C ILE C 12 9.11 8.78 8.87
N ILE C 13 9.32 9.87 9.61
CA ILE C 13 9.47 9.76 11.06
C ILE C 13 8.16 9.23 11.66
N ASN C 14 7.05 9.81 11.22
CA ASN C 14 5.73 9.40 11.72
C ASN C 14 5.50 7.92 11.43
N SER C 15 5.79 7.51 10.19
CA SER C 15 5.63 6.11 9.81
C SER C 15 6.52 5.24 10.68
N GLY C 16 7.76 5.70 10.90
CA GLY C 16 8.70 4.95 11.73
C GLY C 16 8.18 4.84 13.16
N GLN C 17 7.67 5.95 13.70
CA GLN C 17 7.13 5.92 15.06
C GLN C 17 5.95 4.97 15.12
N ALA C 18 5.12 5.01 14.08
CA ALA C 18 3.96 4.14 14.02
C ALA C 18 4.38 2.67 14.15
N ARG C 19 5.36 2.27 13.33
CA ARG C 19 5.84 0.91 13.40
C ARG C 19 6.41 0.63 14.79
N SER C 20 7.21 1.57 15.28
CA SER C 20 7.81 1.41 16.60
C SER C 20 6.73 1.13 17.65
N LEU C 21 5.66 1.92 17.61
CA LEU C 21 4.56 1.74 18.54
C LEU C 21 3.92 0.37 18.33
N ALA C 22 3.73 0.00 17.06
CA ALA C 22 3.13 -1.29 16.73
C ALA C 22 3.96 -2.44 17.33
N TYR C 23 5.27 -2.43 17.07
CA TYR C 23 6.14 -3.47 17.64
C TYR C 23 6.05 -3.45 19.16
N ALA C 24 6.03 -2.24 19.72
CA ALA C 24 5.92 -2.11 21.17
C ALA C 24 4.59 -2.72 21.62
N ALA C 25 3.54 -2.47 20.85
CA ALA C 25 2.23 -3.03 21.16
C ALA C 25 2.31 -4.55 21.21
N LEU C 26 3.01 -5.12 20.24
CA LEU C 26 3.19 -6.57 20.18
C LEU C 26 3.95 -7.05 21.42
N LYS C 27 4.99 -6.31 21.77
CA LYS C 27 5.79 -6.66 22.94
C LYS C 27 4.90 -6.72 24.19
N GLN C 28 3.99 -5.77 24.31
CA GLN C 28 3.06 -5.75 25.44
C GLN C 28 2.26 -7.04 25.47
N ALA C 29 1.82 -7.47 24.27
CA ALA C 29 1.05 -8.70 24.16
C ALA C 29 1.85 -9.89 24.67
N LYS C 30 3.13 -9.94 24.30
CA LYS C 30 3.99 -11.02 24.76
C LYS C 30 4.07 -11.06 26.28
N GLN C 31 3.98 -9.88 26.90
CA GLN C 31 4.04 -9.80 28.36
C GLN C 31 2.67 -10.17 28.96
N GLY C 32 1.71 -10.44 28.08
CA GLY C 32 0.36 -10.83 28.53
C GLY C 32 -0.47 -9.60 28.89
N ASP C 33 -0.04 -8.43 28.44
CA ASP C 33 -0.76 -7.18 28.70
C ASP C 33 -1.63 -6.80 27.51
N PHE C 34 -2.80 -7.41 27.42
CA PHE C 34 -3.71 -7.14 26.31
C PHE C 34 -4.22 -5.70 26.34
N ALA C 35 -4.43 -5.17 27.54
CA ALA C 35 -4.94 -3.81 27.68
C ALA C 35 -3.97 -2.79 27.08
N ALA C 36 -2.71 -2.89 27.47
CA ALA C 36 -1.71 -1.96 26.96
C ALA C 36 -1.50 -2.17 25.47
N ALA C 37 -1.55 -3.42 25.02
CA ALA C 37 -1.38 -3.71 23.60
C ALA C 37 -2.48 -3.00 22.81
N LYS C 38 -3.72 -3.21 23.22
CA LYS C 38 -4.87 -2.59 22.57
C LYS C 38 -4.72 -1.07 22.49
N ALA C 39 -4.32 -0.45 23.61
CA ALA C 39 -4.16 1.00 23.65
C ALA C 39 -3.06 1.46 22.68
N MET C 40 -1.96 0.72 22.64
CA MET C 40 -0.85 1.06 21.77
C MET C 40 -1.25 0.92 20.30
N MET C 41 -2.03 -0.11 19.99
CA MET C 41 -2.48 -0.31 18.61
C MET C 41 -3.35 0.85 18.16
N ASP C 42 -4.25 1.28 19.04
CA ASP C 42 -5.17 2.36 18.72
C ASP C 42 -4.41 3.63 18.38
N GLN C 43 -3.42 3.97 19.21
CA GLN C 43 -2.61 5.16 18.97
C GLN C 43 -1.83 5.03 17.67
N SER C 44 -1.30 3.85 17.42
CA SER C 44 -0.55 3.60 16.19
C SER C 44 -1.44 3.87 14.98
N ARG C 45 -2.67 3.32 15.03
CA ARG C 45 -3.64 3.50 13.96
C ARG C 45 -3.93 4.99 13.72
N MET C 46 -4.14 5.72 14.81
CA MET C 46 -4.43 7.15 14.72
C MET C 46 -3.26 7.89 14.08
N ALA C 47 -2.04 7.51 14.47
CA ALA C 47 -0.84 8.14 13.91
C ALA C 47 -0.78 7.91 12.40
N LEU C 48 -1.08 6.68 11.98
CA LEU C 48 -1.07 6.33 10.57
C LEU C 48 -2.17 7.06 9.82
N ASN C 49 -3.34 7.15 10.45
CA ASN C 49 -4.48 7.81 9.84
C ASN C 49 -4.14 9.27 9.52
N GLU C 50 -3.51 9.95 10.47
CA GLU C 50 -3.11 11.33 10.26
C GLU C 50 -2.06 11.41 9.16
N ALA C 51 -1.13 10.47 9.19
CA ALA C 51 -0.07 10.43 8.18
C ALA C 51 -0.67 10.15 6.80
N HIS C 52 -1.58 9.19 6.74
CA HIS C 52 -2.25 8.85 5.48
C HIS C 52 -3.02 10.05 4.94
N LEU C 53 -3.69 10.78 5.83
CA LEU C 53 -4.47 11.95 5.43
C LEU C 53 -3.56 12.98 4.76
N VAL C 54 -2.39 13.20 5.35
CA VAL C 54 -1.45 14.16 4.80
C VAL C 54 -0.99 13.67 3.43
N GLN C 55 -0.69 12.38 3.32
CA GLN C 55 -0.26 11.82 2.04
C GLN C 55 -1.38 11.99 1.00
N THR C 56 -2.62 11.74 1.41
CA THR C 56 -3.76 11.88 0.48
C THR C 56 -3.70 13.25 -0.19
N LYS C 57 -3.50 14.29 0.60
CA LYS C 57 -3.40 15.64 0.05
C LYS C 57 -2.20 15.73 -0.88
N LEU C 58 -1.11 15.09 -0.49
CA LEU C 58 0.10 15.11 -1.29
C LEU C 58 -0.08 14.35 -2.61
N ILE C 59 -1.09 13.47 -2.70
CA ILE C 59 -1.33 12.76 -3.95
C ILE C 59 -2.40 13.48 -4.79
N GLU C 60 -3.38 14.10 -4.14
CA GLU C 60 -4.43 14.83 -4.87
C GLU C 60 -3.85 16.03 -5.60
N GLY C 61 -2.89 16.71 -4.98
CA GLY C 61 -2.28 17.89 -5.57
C GLY C 61 -0.83 17.62 -5.97
N ASP C 62 -0.56 16.41 -6.41
CA ASP C 62 0.79 16.03 -6.80
C ASP C 62 1.22 16.75 -8.06
N ALA C 63 0.31 17.49 -8.68
CA ALA C 63 0.63 18.24 -9.90
C ALA C 63 1.30 19.56 -9.56
N GLY C 64 1.78 20.26 -10.59
CA GLY C 64 2.43 21.56 -10.39
C GLY C 64 3.77 21.63 -11.13
N GLU C 65 4.69 20.71 -10.81
CA GLU C 65 5.99 20.70 -11.45
C GLU C 65 5.87 20.38 -12.94
N GLY C 66 4.99 19.45 -13.27
CA GLY C 66 4.80 19.05 -14.66
C GLY C 66 3.45 18.36 -14.86
N LYS C 67 3.12 18.09 -16.11
CA LYS C 67 1.85 17.44 -16.43
C LYS C 67 1.83 16.00 -15.92
N MET C 68 2.44 15.10 -16.70
CA MET C 68 2.48 13.68 -16.36
C MET C 68 3.31 13.38 -15.12
N LYS C 69 4.45 14.07 -14.97
CA LYS C 69 5.34 13.83 -13.84
C LYS C 69 4.79 14.36 -12.52
N VAL C 70 5.20 13.71 -11.43
CA VAL C 70 4.76 14.07 -10.08
C VAL C 70 5.96 14.16 -9.13
N SER C 71 5.72 14.64 -7.91
CA SER C 71 6.80 14.75 -6.93
C SER C 71 7.42 13.38 -6.68
N LEU C 72 8.74 13.30 -6.77
CA LEU C 72 9.45 12.03 -6.61
C LEU C 72 9.31 11.48 -5.19
N VAL C 73 9.40 12.39 -4.22
CA VAL C 73 9.33 12.04 -2.80
C VAL C 73 8.00 11.37 -2.44
N LEU C 74 6.99 11.55 -3.28
CA LEU C 74 5.69 10.93 -3.01
C LEU C 74 5.83 9.44 -2.78
N VAL C 75 6.69 8.83 -3.56
CA VAL C 75 6.94 7.40 -3.46
C VAL C 75 7.62 7.11 -2.12
N HIS C 76 8.65 7.94 -1.67
CA HIS C 76 9.33 7.73 -0.40
C HIS C 76 8.32 7.70 0.74
N ALA C 77 7.40 8.65 0.74
CA ALA C 77 6.38 8.70 1.78
C ALA C 77 5.41 7.53 1.65
N GLN C 78 5.04 7.22 0.41
CA GLN C 78 4.11 6.11 0.17
C GLN C 78 4.74 4.79 0.59
N LEU C 79 5.99 4.58 0.19
CA LEU C 79 6.71 3.36 0.55
C LEU C 79 6.75 3.17 2.06
N HIS C 80 7.13 4.21 2.79
CA HIS C 80 7.20 4.12 4.24
C HIS C 80 5.81 3.94 4.85
N LEU C 81 4.87 4.73 4.38
CA LEU C 81 3.50 4.67 4.89
C LEU C 81 2.85 3.31 4.59
N MET C 82 3.01 2.84 3.37
CA MET C 82 2.42 1.55 2.98
C MET C 82 3.01 0.42 3.82
N THR C 83 4.32 0.45 3.99
CA THR C 83 5.00 -0.58 4.76
C THR C 83 4.54 -0.55 6.22
N SER C 84 4.53 0.64 6.80
CA SER C 84 4.12 0.80 8.20
C SER C 84 2.67 0.37 8.42
N MET C 85 1.76 0.84 7.56
CA MET C 85 0.35 0.48 7.70
C MET C 85 0.16 -1.04 7.61
N LEU C 86 0.80 -1.65 6.63
CA LEU C 86 0.70 -3.09 6.43
C LEU C 86 1.24 -3.83 7.65
N ALA C 87 2.42 -3.42 8.10
CA ALA C 87 3.05 -4.04 9.25
C ALA C 87 2.13 -3.96 10.47
N ARG C 88 1.61 -2.77 10.71
CA ARG C 88 0.74 -2.55 11.84
C ARG C 88 -0.50 -3.47 11.77
N GLU C 89 -1.11 -3.56 10.59
CA GLU C 89 -2.29 -4.42 10.44
C GLU C 89 -1.95 -5.88 10.74
N LEU C 90 -0.82 -6.35 10.20
CA LEU C 90 -0.40 -7.72 10.44
C LEU C 90 -0.07 -7.92 11.91
N ILE C 91 0.60 -6.95 12.49
CA ILE C 91 0.95 -7.02 13.90
C ILE C 91 -0.33 -7.12 14.73
N THR C 92 -1.36 -6.39 14.32
CA THR C 92 -2.64 -6.46 15.02
C THR C 92 -3.15 -7.89 14.99
N GLU C 93 -3.06 -8.53 13.83
CA GLU C 93 -3.50 -9.92 13.70
C GLU C 93 -2.66 -10.82 14.62
N LEU C 94 -1.36 -10.56 14.63
CA LEU C 94 -0.45 -11.34 15.47
C LEU C 94 -0.84 -11.20 16.94
N ILE C 95 -1.16 -9.98 17.35
CA ILE C 95 -1.57 -9.73 18.73
C ILE C 95 -2.86 -10.51 19.05
N GLU C 96 -3.80 -10.48 18.12
CA GLU C 96 -5.05 -11.21 18.31
C GLU C 96 -4.75 -12.70 18.53
N LEU C 97 -3.78 -13.21 17.77
CA LEU C 97 -3.39 -14.61 17.91
C LEU C 97 -2.85 -14.87 19.32
N HIS C 98 -2.05 -13.94 19.83
CA HIS C 98 -1.52 -14.09 21.18
C HIS C 98 -2.68 -14.22 22.16
N GLU C 99 -3.73 -13.44 21.92
CA GLU C 99 -4.90 -13.49 22.78
C GLU C 99 -5.57 -14.87 22.68
N LYS C 100 -5.65 -15.41 21.46
CA LYS C 100 -6.25 -16.72 21.29
C LYS C 100 -5.38 -17.78 21.95
N LEU C 101 -4.05 -17.58 21.91
CA LEU C 101 -3.12 -18.52 22.55
C LEU C 101 -3.37 -18.53 24.06
N LYS C 102 -4.36 -17.76 24.51
CA LYS C 102 -4.70 -17.67 25.93
C LYS C 102 -3.78 -16.68 26.63
N ALA C 103 -2.48 -16.99 26.61
CA ALA C 103 -1.45 -16.16 27.26
C ALA C 103 -1.80 -14.67 27.21
N LYS D 1 -19.97 26.95 -1.17
CA LYS D 1 -19.08 26.05 -1.96
C LYS D 1 -19.44 24.59 -1.78
N LYS D 2 -19.77 23.94 -2.87
CA LYS D 2 -20.15 22.54 -2.84
C LYS D 2 -18.93 21.62 -2.88
N HIS D 3 -19.02 20.49 -2.19
CA HIS D 3 -17.93 19.52 -2.13
C HIS D 3 -18.12 18.37 -3.08
N ILE D 4 -17.20 18.26 -4.03
CA ILE D 4 -17.22 17.18 -4.99
C ILE D 4 -16.07 16.24 -4.61
N TYR D 5 -16.39 15.03 -4.18
CA TYR D 5 -15.38 14.06 -3.78
C TYR D 5 -15.33 12.90 -4.76
N LEU D 6 -14.13 12.60 -5.26
CA LEU D 6 -13.90 11.48 -6.19
C LEU D 6 -13.25 10.35 -5.40
N PHE D 7 -13.56 9.08 -5.75
CA PHE D 7 -12.86 7.96 -5.12
C PHE D 7 -12.19 7.05 -6.16
N CYS D 8 -11.04 6.45 -5.73
CA CYS D 8 -10.28 5.44 -6.47
C CYS D 8 -9.50 4.57 -5.48
N SER D 9 -8.64 3.65 -5.89
CA SER D 9 -8.06 2.81 -4.83
C SER D 9 -7.20 3.64 -3.90
N ALA D 10 -6.20 4.40 -4.40
CA ALA D 10 -5.32 5.13 -3.52
C ALA D 10 -5.64 6.62 -3.57
N GLY D 11 -5.92 7.13 -4.76
CA GLY D 11 -6.24 8.54 -4.94
C GLY D 11 -5.21 9.25 -5.82
N MET D 12 -4.53 8.54 -6.71
CA MET D 12 -3.52 9.17 -7.56
C MET D 12 -4.00 9.34 -9.00
N SER D 13 -4.07 8.26 -9.72
CA SER D 13 -4.50 8.36 -11.13
C SER D 13 -5.70 9.29 -11.28
N THR D 14 -6.45 9.50 -10.20
CA THR D 14 -7.62 10.37 -10.31
C THR D 14 -7.21 11.78 -9.89
N SER D 15 -6.09 11.83 -9.22
CA SER D 15 -5.48 13.09 -8.76
C SER D 15 -5.20 14.03 -9.93
N LEU D 16 -4.82 13.46 -11.06
CA LEU D 16 -4.55 14.26 -12.24
C LEU D 16 -5.88 14.86 -12.76
N LEU D 17 -6.96 14.07 -12.72
CA LEU D 17 -8.28 14.55 -13.14
C LEU D 17 -8.75 15.68 -12.19
N VAL D 18 -8.54 15.48 -10.88
CA VAL D 18 -8.91 16.50 -9.89
C VAL D 18 -8.18 17.83 -10.15
N SER D 19 -6.89 17.79 -10.47
CA SER D 19 -6.17 19.03 -10.74
C SER D 19 -6.73 19.77 -11.98
N LYS D 20 -7.12 19.03 -13.02
CA LYS D 20 -7.71 19.66 -14.20
C LYS D 20 -9.12 20.20 -13.91
N MET D 21 -9.87 19.50 -13.07
CA MET D 21 -11.22 20.00 -12.73
C MET D 21 -11.08 21.31 -11.94
N ARG D 22 -10.13 21.39 -11.02
CA ARG D 22 -9.91 22.60 -10.21
C ARG D 22 -9.56 23.79 -11.12
N ALA D 23 -8.79 23.54 -12.18
CA ALA D 23 -8.39 24.59 -13.11
C ALA D 23 -9.63 25.14 -13.81
N GLN D 24 -10.50 24.24 -14.24
CA GLN D 24 -11.72 24.61 -14.91
C GLN D 24 -12.67 25.35 -14.00
N ALA D 25 -12.80 24.88 -12.77
CA ALA D 25 -13.69 25.53 -11.80
C ALA D 25 -13.24 26.96 -11.55
N GLU D 26 -11.93 27.20 -11.60
CA GLU D 26 -11.39 28.54 -11.36
C GLU D 26 -11.65 29.43 -12.57
N LYS D 27 -11.43 28.88 -13.76
CA LYS D 27 -11.63 29.59 -14.99
C LYS D 27 -13.07 30.10 -15.12
N TYR D 28 -14.05 29.29 -14.72
CA TYR D 28 -15.48 29.69 -14.80
C TYR D 28 -16.13 30.10 -13.49
N GLU D 29 -15.33 30.35 -12.46
CA GLU D 29 -15.81 30.78 -11.15
C GLU D 29 -16.89 29.89 -10.51
N VAL D 30 -16.76 28.58 -10.66
CA VAL D 30 -17.70 27.63 -10.08
C VAL D 30 -17.27 27.48 -8.62
N PRO D 31 -18.19 27.73 -7.67
CA PRO D 31 -17.91 27.64 -6.23
C PRO D 31 -17.93 26.21 -5.68
N VAL D 32 -16.88 25.46 -6.01
CA VAL D 32 -16.75 24.08 -5.57
C VAL D 32 -15.38 23.76 -5.01
N ILE D 33 -15.35 22.75 -4.14
CA ILE D 33 -14.13 22.22 -3.55
C ILE D 33 -14.09 20.77 -4.09
N ILE D 34 -12.98 20.40 -4.71
CA ILE D 34 -12.79 19.07 -5.32
C ILE D 34 -11.61 18.31 -4.66
N GLU D 35 -11.86 17.09 -4.18
CA GLU D 35 -10.83 16.27 -3.52
C GLU D 35 -10.93 14.82 -4.00
N ALA D 36 -9.78 14.14 -4.09
CA ALA D 36 -9.71 12.73 -4.50
C ALA D 36 -9.34 11.92 -3.25
N PHE D 37 -9.93 10.74 -3.09
CA PHE D 37 -9.64 9.87 -1.95
C PHE D 37 -9.66 8.44 -2.43
N PRO D 38 -9.08 7.53 -1.64
CA PRO D 38 -9.07 6.11 -2.02
C PRO D 38 -10.49 5.61 -1.70
N GLU D 39 -10.91 4.54 -2.35
CA GLU D 39 -12.24 3.96 -2.13
C GLU D 39 -12.51 3.54 -0.69
N THR D 40 -11.46 3.29 0.09
CA THR D 40 -11.63 2.88 1.48
C THR D 40 -12.26 3.95 2.37
N LEU D 41 -12.19 5.21 1.94
CA LEU D 41 -12.77 6.32 2.70
C LEU D 41 -14.15 6.77 2.20
N ALA D 42 -14.74 6.07 1.21
CA ALA D 42 -16.05 6.45 0.63
C ALA D 42 -17.14 6.64 1.68
N GLY D 43 -17.12 5.80 2.71
CA GLY D 43 -18.13 5.91 3.75
C GLY D 43 -17.81 6.98 4.77
N GLU D 44 -16.53 7.16 5.08
CA GLU D 44 -16.15 8.15 6.07
C GLU D 44 -16.16 9.59 5.49
N LYS D 45 -15.52 9.77 4.34
CA LYS D 45 -15.46 11.08 3.70
C LYS D 45 -16.73 11.45 2.92
N GLY D 46 -17.38 10.46 2.32
CA GLY D 46 -18.60 10.70 1.55
C GLY D 46 -19.69 11.43 2.29
N GLN D 47 -19.77 11.23 3.60
CA GLN D 47 -20.79 11.89 4.43
C GLN D 47 -20.74 13.42 4.34
N ASN D 48 -19.59 13.97 3.95
CA ASN D 48 -19.43 15.41 3.87
C ASN D 48 -19.45 15.95 2.45
N ALA D 49 -19.66 15.08 1.48
CA ALA D 49 -19.67 15.54 0.10
C ALA D 49 -21.06 15.97 -0.30
N ASP D 50 -21.11 16.82 -1.31
CA ASP D 50 -22.38 17.25 -1.83
C ASP D 50 -22.73 16.32 -2.99
N VAL D 51 -21.69 15.73 -3.60
CA VAL D 51 -21.88 14.75 -4.67
C VAL D 51 -20.68 13.78 -4.61
N VAL D 52 -20.98 12.49 -4.70
CA VAL D 52 -19.97 11.44 -4.66
C VAL D 52 -19.78 10.85 -6.06
N LEU D 53 -18.55 10.92 -6.57
CA LEU D 53 -18.24 10.38 -7.88
C LEU D 53 -17.30 9.18 -7.73
N LEU D 54 -17.60 8.08 -8.42
CA LEU D 54 -16.75 6.88 -8.36
C LEU D 54 -15.96 6.73 -9.63
N GLY D 55 -14.69 6.35 -9.51
CA GLY D 55 -13.84 6.18 -10.68
C GLY D 55 -14.39 5.02 -11.49
N PRO D 56 -14.13 4.94 -12.76
CA PRO D 56 -14.65 3.83 -13.62
C PRO D 56 -14.23 2.43 -13.16
N GLN D 57 -13.07 2.31 -12.54
CA GLN D 57 -12.57 1.02 -12.08
C GLN D 57 -13.39 0.49 -10.90
N ILE D 58 -14.04 1.38 -10.15
CA ILE D 58 -14.82 0.94 -9.01
C ILE D 58 -16.34 1.02 -9.23
N ALA D 59 -16.75 0.99 -10.49
CA ALA D 59 -18.17 1.04 -10.83
C ALA D 59 -18.94 -0.11 -10.19
N TYR D 60 -18.34 -1.30 -10.13
CA TYR D 60 -19.04 -2.44 -9.55
C TYR D 60 -19.46 -2.21 -8.09
N MET D 61 -18.84 -1.23 -7.44
CA MET D 61 -19.15 -0.89 -6.05
C MET D 61 -20.33 0.08 -5.87
N LEU D 62 -20.89 0.58 -6.97
CA LEU D 62 -21.99 1.54 -6.90
C LEU D 62 -23.13 1.19 -5.93
N PRO D 63 -23.73 -0.02 -6.05
CA PRO D 63 -24.82 -0.37 -5.12
C PRO D 63 -24.43 -0.30 -3.65
N GLU D 64 -23.22 -0.72 -3.30
CA GLU D 64 -22.77 -0.68 -1.91
C GLU D 64 -22.60 0.74 -1.42
N ILE D 65 -22.02 1.59 -2.25
CA ILE D 65 -21.83 2.99 -1.85
C ILE D 65 -23.16 3.74 -1.71
N GLN D 66 -24.12 3.42 -2.59
CA GLN D 66 -25.46 4.00 -2.52
C GLN D 66 -26.13 3.64 -1.18
N ARG D 67 -26.00 2.39 -0.73
CA ARG D 67 -26.60 1.98 0.55
C ARG D 67 -25.89 2.63 1.74
N LEU D 68 -24.60 2.88 1.59
CA LEU D 68 -23.77 3.49 2.64
C LEU D 68 -24.11 4.97 2.82
N LEU D 69 -24.39 5.65 1.70
CA LEU D 69 -24.73 7.09 1.68
C LEU D 69 -26.11 7.27 1.01
N PRO D 70 -27.20 6.87 1.69
CA PRO D 70 -28.55 6.99 1.13
C PRO D 70 -29.03 8.44 0.93
N ASN D 71 -28.35 9.38 1.56
CA ASN D 71 -28.75 10.79 1.44
C ASN D 71 -27.82 11.63 0.57
N LYS D 72 -27.08 10.99 -0.33
CA LYS D 72 -26.14 11.69 -1.21
C LYS D 72 -26.26 11.20 -2.63
N PRO D 73 -26.13 12.10 -3.63
CA PRO D 73 -26.21 11.62 -5.02
C PRO D 73 -24.85 10.97 -5.27
N VAL D 74 -24.87 9.73 -5.75
CA VAL D 74 -23.64 8.96 -6.02
C VAL D 74 -23.64 8.48 -7.46
N GLU D 75 -22.58 8.72 -8.19
CA GLU D 75 -22.53 8.22 -9.55
C GLU D 75 -21.13 7.95 -10.07
N VAL D 76 -21.06 7.12 -11.10
CA VAL D 76 -19.80 6.72 -11.71
C VAL D 76 -19.40 7.72 -12.78
N ILE D 77 -18.11 8.03 -12.84
CA ILE D 77 -17.58 8.96 -13.83
C ILE D 77 -17.54 8.27 -15.17
N ASP D 78 -17.96 8.97 -16.21
CA ASP D 78 -17.94 8.40 -17.55
C ASP D 78 -16.51 7.95 -17.89
N SER D 79 -16.33 6.69 -18.28
CA SER D 79 -14.99 6.17 -18.58
C SER D 79 -14.18 6.90 -19.65
N LEU D 80 -14.87 7.44 -20.65
CA LEU D 80 -14.19 8.17 -21.73
C LEU D 80 -13.73 9.53 -21.23
N LEU D 81 -14.58 10.18 -20.45
CA LEU D 81 -14.26 11.49 -19.90
C LEU D 81 -13.10 11.33 -18.94
N TYR D 82 -13.10 10.21 -18.22
CA TYR D 82 -12.04 9.90 -17.25
C TYR D 82 -10.71 9.58 -17.95
N GLY D 83 -10.75 8.68 -18.92
CA GLY D 83 -9.54 8.32 -19.64
C GLY D 83 -8.87 9.50 -20.31
N LYS D 84 -9.68 10.37 -20.87
CA LYS D 84 -9.22 11.56 -21.59
C LYS D 84 -8.79 12.70 -20.65
N VAL D 85 -9.07 12.52 -19.35
CA VAL D 85 -8.77 13.52 -18.31
C VAL D 85 -9.47 14.86 -18.61
N ASP D 86 -10.76 14.77 -18.94
CA ASP D 86 -11.57 15.95 -19.28
C ASP D 86 -12.09 16.63 -18.03
N GLY D 87 -11.29 17.56 -17.51
CA GLY D 87 -11.64 18.31 -16.31
C GLY D 87 -12.94 19.07 -16.45
N LEU D 88 -13.16 19.73 -17.60
CA LEU D 88 -14.39 20.49 -17.80
C LEU D 88 -15.63 19.58 -17.87
N GLY D 89 -15.50 18.50 -18.64
CA GLY D 89 -16.59 17.56 -18.81
C GLY D 89 -17.07 16.91 -17.53
N VAL D 90 -16.12 16.49 -16.69
CA VAL D 90 -16.48 15.84 -15.42
C VAL D 90 -17.04 16.88 -14.45
N LEU D 91 -16.47 18.08 -14.49
CA LEU D 91 -16.97 19.15 -13.63
C LEU D 91 -18.46 19.39 -14.00
N LYS D 92 -18.76 19.42 -15.30
CA LYS D 92 -20.15 19.61 -15.75
C LYS D 92 -21.09 18.52 -15.24
N ALA D 93 -20.64 17.27 -15.30
CA ALA D 93 -21.47 16.14 -14.85
C ALA D 93 -21.76 16.21 -13.35
N ALA D 94 -20.78 16.72 -12.60
CA ALA D 94 -20.90 16.82 -11.15
C ALA D 94 -21.90 17.90 -10.75
N VAL D 95 -21.80 19.06 -11.40
CA VAL D 95 -22.72 20.17 -11.13
C VAL D 95 -24.13 19.69 -11.49
N ALA D 96 -24.25 18.98 -12.61
CA ALA D 96 -25.54 18.45 -13.04
C ALA D 96 -26.13 17.51 -11.99
N ALA D 97 -25.33 16.57 -11.49
CA ALA D 97 -25.85 15.64 -10.49
C ALA D 97 -26.36 16.40 -9.26
N ILE D 98 -25.70 17.51 -8.93
CA ILE D 98 -26.12 18.32 -7.78
C ILE D 98 -27.46 19.01 -8.03
N LYS D 99 -27.63 19.58 -9.24
CA LYS D 99 -28.87 20.26 -9.62
C LYS D 99 -30.01 19.26 -9.71
N LYS D 100 -29.80 18.19 -10.45
CA LYS D 100 -30.83 17.18 -10.59
C LYS D 100 -31.20 16.60 -9.22
N ALA D 101 -30.34 16.79 -8.23
CA ALA D 101 -30.58 16.28 -6.88
C ALA D 101 -31.37 17.24 -6.00
N ALA D 102 -31.14 18.54 -6.18
CA ALA D 102 -31.83 19.57 -5.43
C ALA D 102 -33.22 19.88 -6.02
N ALA D 103 -33.60 19.13 -7.06
CA ALA D 103 -34.88 19.29 -7.72
C ALA D 103 -35.05 18.26 -8.85
P PO3 E . -4.78 5.44 -7.21
O1 PO3 E . -5.25 4.03 -6.96
O2 PO3 E . -4.75 6.00 -8.62
O3 PO3 E . -4.17 6.25 -6.09
N ALA A 1 0.74 7.29 -18.60
CA ALA A 1 0.24 7.59 -19.96
C ALA A 1 -1.09 6.86 -20.17
N GLU A 2 -1.77 7.18 -21.26
CA GLU A 2 -3.08 6.58 -21.60
C GLU A 2 -3.28 5.20 -20.95
N GLU A 3 -2.80 4.17 -21.63
CA GLU A 3 -2.95 2.80 -21.13
C GLU A 3 -2.16 2.60 -19.84
N LEU A 4 -0.84 2.78 -19.91
CA LEU A 4 0.01 2.60 -18.74
C LEU A 4 -0.63 3.20 -17.48
N GLU A 5 -1.21 4.38 -17.61
CA GLU A 5 -1.84 5.05 -16.47
C GLU A 5 -3.12 4.34 -16.08
N GLU A 6 -3.94 4.01 -17.07
CA GLU A 6 -5.19 3.30 -16.82
C GLU A 6 -4.88 1.88 -16.34
N VAL A 7 -3.80 1.31 -16.88
CA VAL A 7 -3.37 -0.03 -16.50
C VAL A 7 -2.93 -0.05 -15.03
N VAL A 8 -2.20 0.99 -14.63
CA VAL A 8 -1.73 1.10 -13.25
C VAL A 8 -2.95 1.16 -12.33
N MET A 9 -3.95 1.96 -12.70
CA MET A 9 -5.17 2.06 -11.90
C MET A 9 -5.77 0.67 -11.73
N GLY A 10 -5.81 -0.09 -12.82
CA GLY A 10 -6.34 -1.45 -12.77
C GLY A 10 -5.49 -2.31 -11.83
N LEU A 11 -4.17 -2.17 -11.95
CA LEU A 11 -3.26 -2.93 -11.10
C LEU A 11 -3.45 -2.56 -9.64
N ILE A 12 -3.57 -1.27 -9.37
CA ILE A 12 -3.76 -0.80 -8.00
C ILE A 12 -5.06 -1.36 -7.46
N ILE A 13 -6.11 -1.29 -8.26
CA ILE A 13 -7.40 -1.82 -7.85
C ILE A 13 -7.30 -3.33 -7.65
N ASN A 14 -6.65 -4.01 -8.60
CA ASN A 14 -6.47 -5.45 -8.53
C ASN A 14 -5.71 -5.82 -7.26
N SER A 15 -4.61 -5.11 -7.03
CA SER A 15 -3.81 -5.35 -5.83
C SER A 15 -4.65 -5.14 -4.57
N GLY A 16 -5.44 -4.06 -4.60
CA GLY A 16 -6.32 -3.75 -3.47
C GLY A 16 -7.35 -4.86 -3.26
N GLN A 17 -7.95 -5.32 -4.36
CA GLN A 17 -8.94 -6.40 -4.27
C GLN A 17 -8.27 -7.65 -3.72
N ALA A 18 -7.05 -7.92 -4.18
CA ALA A 18 -6.31 -9.09 -3.72
C ALA A 18 -6.15 -9.04 -2.21
N ARG A 19 -5.70 -7.91 -1.69
CA ARG A 19 -5.55 -7.77 -0.25
C ARG A 19 -6.90 -7.95 0.43
N SER A 20 -7.91 -7.28 -0.11
CA SER A 20 -9.25 -7.36 0.44
C SER A 20 -9.68 -8.83 0.57
N LEU A 21 -9.47 -9.59 -0.49
CA LEU A 21 -9.81 -11.01 -0.48
C LEU A 21 -8.97 -11.74 0.58
N ALA A 22 -7.69 -11.40 0.63
CA ALA A 22 -6.79 -12.03 1.60
C ALA A 22 -7.30 -11.80 3.03
N TYR A 23 -7.59 -10.55 3.38
CA TYR A 23 -8.10 -10.25 4.72
C TYR A 23 -9.41 -11.00 4.93
N ALA A 24 -10.25 -11.03 3.90
CA ALA A 24 -11.51 -11.73 3.99
C ALA A 24 -11.24 -13.22 4.25
N ALA A 25 -10.23 -13.75 3.56
CA ALA A 25 -9.84 -15.14 3.75
C ALA A 25 -9.48 -15.38 5.21
N LEU A 26 -8.72 -14.46 5.78
CA LEU A 26 -8.32 -14.57 7.18
C LEU A 26 -9.56 -14.55 8.07
N LYS A 27 -10.48 -13.64 7.77
CA LYS A 27 -11.71 -13.53 8.54
C LYS A 27 -12.45 -14.87 8.56
N GLN A 28 -12.48 -15.54 7.41
CA GLN A 28 -13.15 -16.84 7.31
C GLN A 28 -12.48 -17.81 8.28
N ALA A 29 -11.15 -17.75 8.35
CA ALA A 29 -10.39 -18.62 9.24
C ALA A 29 -10.80 -18.38 10.69
N LYS A 30 -10.95 -17.12 11.05
CA LYS A 30 -11.36 -16.77 12.41
C LYS A 30 -12.72 -17.37 12.73
N GLN A 31 -13.58 -17.50 11.72
CA GLN A 31 -14.89 -18.08 11.93
C GLN A 31 -14.80 -19.60 11.96
N GLY A 32 -13.60 -20.12 11.77
CA GLY A 32 -13.37 -21.56 11.81
C GLY A 32 -13.71 -22.21 10.47
N ASP A 33 -13.83 -21.40 9.43
CA ASP A 33 -14.15 -21.90 8.09
C ASP A 33 -12.88 -22.06 7.26
N PHE A 34 -12.18 -23.18 7.47
CA PHE A 34 -10.93 -23.42 6.73
C PHE A 34 -11.18 -23.60 5.24
N ALA A 35 -12.31 -24.21 4.89
CA ALA A 35 -12.63 -24.46 3.49
C ALA A 35 -12.77 -23.14 2.72
N ALA A 36 -13.56 -22.23 3.26
CA ALA A 36 -13.76 -20.95 2.60
C ALA A 36 -12.46 -20.14 2.60
N ALA A 37 -11.70 -20.23 3.68
CA ALA A 37 -10.43 -19.52 3.75
C ALA A 37 -9.52 -19.99 2.60
N LYS A 38 -9.36 -21.30 2.49
CA LYS A 38 -8.53 -21.90 1.45
C LYS A 38 -8.96 -21.42 0.06
N ALA A 39 -10.26 -21.45 -0.21
CA ALA A 39 -10.77 -21.03 -1.51
C ALA A 39 -10.47 -19.57 -1.79
N MET A 40 -10.61 -18.74 -0.76
CA MET A 40 -10.36 -17.30 -0.90
C MET A 40 -8.88 -17.03 -1.18
N MET A 41 -7.98 -17.76 -0.50
CA MET A 41 -6.55 -17.56 -0.72
C MET A 41 -6.19 -17.92 -2.15
N ASP A 42 -6.77 -19.01 -2.65
CA ASP A 42 -6.47 -19.48 -3.99
C ASP A 42 -6.83 -18.42 -5.02
N GLN A 43 -8.03 -17.87 -4.88
CA GLN A 43 -8.48 -16.82 -5.80
C GLN A 43 -7.61 -15.59 -5.67
N SER A 44 -7.25 -15.24 -4.44
CA SER A 44 -6.40 -14.08 -4.20
C SER A 44 -5.06 -14.28 -4.91
N ARG A 45 -4.49 -15.47 -4.78
CA ARG A 45 -3.22 -15.82 -5.43
C ARG A 45 -3.32 -15.66 -6.95
N MET A 46 -4.40 -16.18 -7.51
CA MET A 46 -4.63 -16.11 -8.95
C MET A 46 -4.72 -14.65 -9.40
N ALA A 47 -5.41 -13.83 -8.62
CA ALA A 47 -5.56 -12.41 -8.94
C ALA A 47 -4.19 -11.74 -9.00
N LEU A 48 -3.35 -12.05 -8.02
CA LEU A 48 -2.00 -11.49 -7.95
C LEU A 48 -1.15 -11.98 -9.12
N ASN A 49 -1.29 -13.26 -9.41
CA ASN A 49 -0.51 -13.87 -10.48
C ASN A 49 -0.77 -13.15 -11.80
N GLU A 50 -2.04 -12.89 -12.07
CA GLU A 50 -2.41 -12.17 -13.29
C GLU A 50 -1.86 -10.75 -13.23
N ALA A 51 -1.97 -10.13 -12.05
CA ALA A 51 -1.47 -8.77 -11.87
C ALA A 51 0.06 -8.75 -12.05
N HIS A 52 0.73 -9.71 -11.44
CA HIS A 52 2.19 -9.81 -11.54
C HIS A 52 2.61 -10.01 -13.00
N LEU A 53 1.86 -10.83 -13.72
CA LEU A 53 2.16 -11.11 -15.12
C LEU A 53 2.11 -9.82 -15.93
N VAL A 54 1.08 -9.02 -15.68
CA VAL A 54 0.94 -7.75 -16.38
C VAL A 54 2.11 -6.84 -16.04
N GLN A 55 2.46 -6.79 -14.76
CA GLN A 55 3.59 -5.96 -14.34
C GLN A 55 4.88 -6.45 -15.01
N THR A 56 5.08 -7.76 -15.08
CA THR A 56 6.28 -8.32 -15.72
C THR A 56 6.46 -7.71 -17.11
N LYS A 57 5.37 -7.66 -17.88
CA LYS A 57 5.43 -7.06 -19.22
C LYS A 57 5.76 -5.59 -19.10
N LEU A 58 5.18 -4.94 -18.10
CA LEU A 58 5.43 -3.52 -17.90
C LEU A 58 6.87 -3.24 -17.48
N ILE A 59 7.58 -4.25 -16.98
CA ILE A 59 8.99 -4.06 -16.60
C ILE A 59 9.93 -4.47 -17.76
N GLU A 60 9.55 -5.49 -18.53
CA GLU A 60 10.37 -5.95 -19.66
C GLU A 60 10.46 -4.88 -20.74
N GLY A 61 9.34 -4.20 -21.01
CA GLY A 61 9.31 -3.17 -22.03
C GLY A 61 9.20 -1.78 -21.42
N ASP A 62 9.80 -1.60 -20.24
CA ASP A 62 9.75 -0.32 -19.54
C ASP A 62 10.49 0.78 -20.32
N ALA A 63 11.17 0.39 -21.40
CA ALA A 63 11.90 1.36 -22.21
C ALA A 63 10.97 2.06 -23.19
N GLY A 64 11.49 3.07 -23.89
CA GLY A 64 10.68 3.81 -24.86
C GLY A 64 10.81 5.32 -24.66
N GLU A 65 10.45 5.80 -23.47
CA GLU A 65 10.53 7.23 -23.19
C GLU A 65 11.97 7.72 -23.18
N GLY A 66 12.86 6.90 -22.64
CA GLY A 66 14.28 7.27 -22.58
C GLY A 66 15.15 6.04 -22.36
N LYS A 67 16.47 6.25 -22.44
CA LYS A 67 17.41 5.15 -22.27
C LYS A 67 17.39 4.63 -20.82
N MET A 68 18.11 5.32 -19.94
CA MET A 68 18.20 4.93 -18.54
C MET A 68 16.88 5.05 -17.79
N LYS A 69 16.13 6.12 -18.08
CA LYS A 69 14.87 6.35 -17.37
C LYS A 69 13.76 5.39 -17.80
N VAL A 70 12.84 5.14 -16.87
CA VAL A 70 11.71 4.23 -17.10
C VAL A 70 10.41 4.88 -16.65
N SER A 71 9.28 4.23 -16.95
CA SER A 71 7.98 4.77 -16.55
C SER A 71 7.94 4.91 -15.03
N LEU A 72 7.54 6.10 -14.57
CA LEU A 72 7.48 6.40 -13.14
C LEU A 72 6.43 5.55 -12.41
N VAL A 73 5.30 5.39 -13.07
CA VAL A 73 4.18 4.62 -12.52
C VAL A 73 4.55 3.16 -12.22
N LEU A 74 5.60 2.69 -12.86
CA LEU A 74 6.02 1.30 -12.65
C LEU A 74 6.19 0.99 -11.18
N VAL A 75 6.63 2.01 -10.45
CA VAL A 75 6.85 1.86 -9.02
C VAL A 75 5.51 1.77 -8.30
N HIS A 76 4.27 2.79 -8.71
CA HIS A 76 2.92 2.79 -8.10
C HIS A 76 2.32 1.40 -8.18
N ALA A 77 2.66 0.68 -9.27
CA ALA A 77 2.18 -0.67 -9.46
C ALA A 77 3.02 -1.67 -8.67
N GLN A 78 4.35 -1.52 -8.72
CA GLN A 78 5.24 -2.43 -8.01
C GLN A 78 5.01 -2.32 -6.51
N LEU A 79 4.96 -1.09 -6.01
CA LEU A 79 4.72 -0.86 -4.59
C LEU A 79 3.44 -1.54 -4.13
N HIS A 80 2.35 -1.32 -4.85
CA HIS A 80 1.08 -1.91 -4.47
C HIS A 80 1.12 -3.44 -4.62
N LEU A 81 1.65 -3.90 -5.74
CA LEU A 81 1.74 -5.34 -5.99
C LEU A 81 2.64 -6.04 -4.98
N MET A 82 3.80 -5.45 -4.70
CA MET A 82 4.74 -6.05 -3.75
C MET A 82 4.11 -6.14 -2.37
N THR A 83 3.46 -5.05 -1.96
CA THR A 83 2.81 -5.00 -0.65
C THR A 83 1.69 -6.04 -0.56
N SER A 84 0.84 -6.07 -1.58
CA SER A 84 -0.29 -7.01 -1.61
C SER A 84 0.20 -8.46 -1.60
N MET A 85 1.16 -8.78 -2.45
CA MET A 85 1.69 -10.14 -2.51
C MET A 85 2.26 -10.57 -1.18
N LEU A 86 3.07 -9.70 -0.59
CA LEU A 86 3.68 -10.00 0.70
C LEU A 86 2.61 -10.19 1.78
N ALA A 87 1.64 -9.28 1.79
CA ALA A 87 0.56 -9.36 2.76
C ALA A 87 -0.15 -10.70 2.67
N ARG A 88 -0.49 -11.10 1.47
CA ARG A 88 -1.18 -12.37 1.27
C ARG A 88 -0.35 -13.55 1.78
N GLU A 89 0.93 -13.57 1.45
CA GLU A 89 1.77 -14.67 1.88
C GLU A 89 1.79 -14.78 3.39
N LEU A 90 1.95 -13.65 4.06
CA LEU A 90 1.96 -13.64 5.51
C LEU A 90 0.58 -14.03 6.05
N ILE A 91 -0.46 -13.51 5.42
CA ILE A 91 -1.82 -13.85 5.84
C ILE A 91 -2.03 -15.35 5.69
N THR A 92 -1.50 -15.92 4.61
CA THR A 92 -1.60 -17.37 4.40
C THR A 92 -0.98 -18.10 5.59
N GLU A 93 0.20 -17.64 6.01
CA GLU A 93 0.88 -18.23 7.16
C GLU A 93 0.02 -18.08 8.40
N LEU A 94 -0.57 -16.89 8.56
CA LEU A 94 -1.43 -16.62 9.72
C LEU A 94 -2.62 -17.59 9.71
N ILE A 95 -3.20 -17.80 8.55
CA ILE A 95 -4.34 -18.73 8.44
C ILE A 95 -3.90 -20.14 8.83
N GLU A 96 -2.72 -20.56 8.36
CA GLU A 96 -2.22 -21.88 8.71
C GLU A 96 -2.08 -22.00 10.22
N LEU A 97 -1.64 -20.91 10.87
CA LEU A 97 -1.51 -20.92 12.32
C LEU A 97 -2.88 -21.12 12.98
N HIS A 98 -3.89 -20.46 12.44
CA HIS A 98 -5.25 -20.62 12.98
C HIS A 98 -5.63 -22.08 12.92
N GLU A 99 -5.25 -22.75 11.84
CA GLU A 99 -5.55 -24.17 11.68
C GLU A 99 -4.81 -24.98 12.74
N LYS A 100 -3.56 -24.62 13.01
CA LYS A 100 -2.79 -25.32 14.02
C LYS A 100 -3.39 -25.06 15.41
N LEU A 101 -3.92 -23.84 15.61
CA LEU A 101 -4.56 -23.49 16.88
C LEU A 101 -5.80 -24.37 17.09
N LYS A 102 -6.02 -25.30 16.15
CA LYS A 102 -7.18 -26.20 16.21
C LYS A 102 -8.43 -25.52 15.71
N ALA A 103 -8.82 -24.42 16.39
CA ALA A 103 -10.03 -23.67 16.04
C ALA A 103 -10.30 -23.65 14.53
N ALA B 1 22.66 3.11 -13.51
CA ALA B 1 23.97 3.34 -14.19
C ALA B 1 24.86 2.13 -13.94
N GLU B 2 26.00 2.08 -14.64
CA GLU B 2 26.95 0.97 -14.53
C GLU B 2 26.86 0.24 -13.18
N GLU B 3 27.57 0.74 -12.19
CA GLU B 3 27.58 0.13 -10.87
C GLU B 3 26.22 0.21 -10.20
N LEU B 4 25.72 1.44 -10.02
CA LEU B 4 24.42 1.61 -9.38
C LEU B 4 23.38 0.61 -9.91
N GLU B 5 23.37 0.41 -11.22
CA GLU B 5 22.42 -0.52 -11.83
C GLU B 5 22.76 -1.95 -11.47
N GLU B 6 24.03 -2.30 -11.57
CA GLU B 6 24.50 -3.63 -11.23
C GLU B 6 24.38 -3.85 -9.73
N VAL B 7 24.60 -2.79 -8.97
CA VAL B 7 24.51 -2.85 -7.52
C VAL B 7 23.05 -3.11 -7.10
N VAL B 8 22.12 -2.44 -7.77
CA VAL B 8 20.69 -2.63 -7.49
C VAL B 8 20.33 -4.08 -7.74
N MET B 9 20.80 -4.63 -8.86
CA MET B 9 20.52 -6.03 -9.18
C MET B 9 21.01 -6.91 -8.03
N GLY B 10 22.21 -6.62 -7.53
CA GLY B 10 22.75 -7.37 -6.41
C GLY B 10 21.86 -7.21 -5.19
N LEU B 11 21.44 -5.98 -4.93
CA LEU B 11 20.56 -5.70 -3.79
C LEU B 11 19.24 -6.44 -3.93
N ILE B 12 18.67 -6.41 -5.13
CA ILE B 12 17.40 -7.09 -5.38
C ILE B 12 17.57 -8.58 -5.14
N ILE B 13 18.66 -9.12 -5.68
CA ILE B 13 18.94 -10.54 -5.50
C ILE B 13 19.17 -10.83 -4.02
N ASN B 14 19.95 -9.98 -3.36
CA ASN B 14 20.24 -10.16 -1.94
C ASN B 14 18.94 -10.10 -1.13
N SER B 15 18.11 -9.11 -1.42
CA SER B 15 16.83 -8.99 -0.74
C SER B 15 15.98 -10.23 -0.97
N GLY B 16 15.99 -10.71 -2.22
CA GLY B 16 15.23 -11.91 -2.57
C GLY B 16 15.76 -13.12 -1.81
N GLN B 17 17.08 -13.25 -1.75
CA GLN B 17 17.68 -14.37 -1.03
C GLN B 17 17.31 -14.28 0.45
N ALA B 18 17.35 -13.06 0.98
CA ALA B 18 17.00 -12.84 2.37
C ALA B 18 15.60 -13.36 2.66
N ARG B 19 14.64 -12.97 1.84
CA ARG B 19 13.27 -13.44 2.02
C ARG B 19 13.24 -14.96 1.90
N SER B 20 13.90 -15.47 0.86
CA SER B 20 13.94 -16.91 0.64
C SER B 20 14.41 -17.63 1.89
N LEU B 21 15.50 -17.13 2.48
CA LEU B 21 16.04 -17.73 3.71
C LEU B 21 15.01 -17.60 4.83
N ALA B 22 14.37 -16.44 4.93
CA ALA B 22 13.37 -16.20 5.97
C ALA B 22 12.24 -17.23 5.85
N TYR B 23 11.67 -17.38 4.65
CA TYR B 23 10.60 -18.36 4.46
C TYR B 23 11.12 -19.75 4.79
N ALA B 24 12.36 -20.04 4.38
CA ALA B 24 12.95 -21.33 4.67
C ALA B 24 13.06 -21.49 6.19
N ALA B 25 13.43 -20.41 6.87
CA ALA B 25 13.53 -20.43 8.33
C ALA B 25 12.18 -20.80 8.92
N LEU B 26 11.12 -20.21 8.39
CA LEU B 26 9.78 -20.50 8.86
C LEU B 26 9.45 -21.97 8.62
N LYS B 27 9.80 -22.46 7.44
CA LYS B 27 9.55 -23.86 7.11
C LYS B 27 10.21 -24.78 8.14
N GLN B 28 11.43 -24.43 8.54
CA GLN B 28 12.13 -25.23 9.56
C GLN B 28 11.31 -25.26 10.84
N ALA B 29 10.74 -24.11 11.19
CA ALA B 29 9.91 -24.02 12.40
C ALA B 29 8.73 -24.97 12.31
N LYS B 30 8.09 -25.01 11.14
CA LYS B 30 6.95 -25.90 10.94
C LYS B 30 7.36 -27.35 11.16
N GLN B 31 8.62 -27.67 10.83
CA GLN B 31 9.10 -29.04 11.01
C GLN B 31 9.46 -29.28 12.48
N GLY B 32 9.32 -28.24 13.29
CA GLY B 32 9.63 -28.35 14.72
C GLY B 32 11.13 -28.18 14.99
N ASP B 33 11.86 -27.66 14.00
CA ASP B 33 13.29 -27.46 14.14
C ASP B 33 13.60 -26.02 14.53
N PHE B 34 13.47 -25.71 15.81
CA PHE B 34 13.73 -24.34 16.29
C PHE B 34 15.18 -23.94 16.10
N ALA B 35 16.09 -24.90 16.27
CA ALA B 35 17.52 -24.60 16.15
C ALA B 35 17.86 -24.12 14.74
N ALA B 36 17.43 -24.87 13.74
CA ALA B 36 17.71 -24.50 12.36
C ALA B 36 16.98 -23.20 12.01
N ALA B 37 15.77 -23.03 12.51
CA ALA B 37 15.03 -21.80 12.24
C ALA B 37 15.82 -20.61 12.74
N LYS B 38 16.23 -20.68 14.02
CA LYS B 38 17.01 -19.60 14.63
C LYS B 38 18.27 -19.27 13.81
N ALA B 39 18.99 -20.29 13.40
CA ALA B 39 20.21 -20.10 12.61
C ALA B 39 19.91 -19.41 11.28
N MET B 40 18.83 -19.82 10.64
CA MET B 40 18.44 -19.26 9.36
C MET B 40 18.05 -17.78 9.51
N MET B 41 17.32 -17.45 10.57
CA MET B 41 16.92 -16.06 10.78
C MET B 41 18.15 -15.17 10.97
N ASP B 42 19.12 -15.68 11.73
CA ASP B 42 20.33 -14.93 12.01
C ASP B 42 21.06 -14.57 10.73
N GLN B 43 21.21 -15.58 9.86
CA GLN B 43 21.88 -15.36 8.59
C GLN B 43 21.08 -14.40 7.72
N SER B 44 19.76 -14.54 7.73
CA SER B 44 18.91 -13.65 6.95
C SER B 44 19.13 -12.20 7.41
N ARG B 45 19.14 -12.00 8.73
CA ARG B 45 19.35 -10.68 9.30
C ARG B 45 20.69 -10.09 8.83
N MET B 46 21.74 -10.90 8.89
CA MET B 46 23.07 -10.45 8.49
C MET B 46 23.05 -10.04 7.02
N ALA B 47 22.37 -10.84 6.20
CA ALA B 47 22.27 -10.53 4.77
C ALA B 47 21.58 -9.19 4.56
N LEU B 48 20.50 -8.97 5.31
CA LEU B 48 19.75 -7.72 5.21
C LEU B 48 20.59 -6.55 5.72
N ASN B 49 21.30 -6.78 6.81
CA ASN B 49 22.13 -5.75 7.40
C ASN B 49 23.18 -5.26 6.40
N GLU B 50 23.83 -6.19 5.73
CA GLU B 50 24.82 -5.83 4.72
C GLU B 50 24.17 -5.10 3.57
N ALA B 51 23.00 -5.58 3.17
CA ALA B 51 22.25 -4.96 2.08
C ALA B 51 21.83 -3.54 2.48
N HIS B 52 21.32 -3.41 3.70
CA HIS B 52 20.88 -2.11 4.21
C HIS B 52 22.06 -1.13 4.27
N LEU B 53 23.22 -1.64 4.69
CA LEU B 53 24.42 -0.80 4.79
C LEU B 53 24.77 -0.23 3.41
N VAL B 54 24.71 -1.09 2.40
CA VAL B 54 25.03 -0.66 1.04
C VAL B 54 24.01 0.40 0.61
N GLN B 55 22.73 0.16 0.90
CA GLN B 55 21.70 1.13 0.53
C GLN B 55 21.96 2.45 1.25
N THR B 56 22.32 2.39 2.54
CA THR B 56 22.60 3.61 3.30
C THR B 56 23.57 4.50 2.53
N LYS B 57 24.65 3.90 2.04
CA LYS B 57 25.62 4.66 1.25
C LYS B 57 24.97 5.20 -0.01
N LEU B 58 24.12 4.39 -0.61
CA LEU B 58 23.44 4.78 -1.84
C LEU B 58 22.45 5.93 -1.59
N ILE B 59 22.02 6.12 -0.32
CA ILE B 59 21.11 7.23 -0.01
C ILE B 59 21.88 8.48 0.45
N GLU B 60 23.00 8.27 1.16
CA GLU B 60 23.81 9.39 1.64
C GLU B 60 24.42 10.17 0.46
N GLY B 61 24.86 9.43 -0.55
CA GLY B 61 25.49 10.05 -1.72
C GLY B 61 24.59 9.96 -2.95
N ASP B 62 23.28 10.02 -2.73
CA ASP B 62 22.32 9.93 -3.82
C ASP B 62 22.41 11.14 -4.77
N ALA B 63 23.21 12.12 -4.40
CA ALA B 63 23.36 13.32 -5.23
C ALA B 63 24.37 13.07 -6.34
N GLY B 64 24.50 14.03 -7.26
CA GLY B 64 25.44 13.90 -8.37
C GLY B 64 24.78 14.23 -9.71
N GLU B 65 23.73 13.48 -10.05
CA GLU B 65 23.03 13.70 -11.32
C GLU B 65 22.34 15.07 -11.33
N GLY B 66 21.76 15.45 -10.20
CA GLY B 66 21.07 16.73 -10.11
C GLY B 66 20.91 17.16 -8.66
N LYS B 67 20.42 18.38 -8.47
CA LYS B 67 20.23 18.92 -7.13
C LYS B 67 19.13 18.16 -6.38
N MET B 68 17.88 18.54 -6.66
CA MET B 68 16.72 17.93 -6.01
C MET B 68 16.52 16.47 -6.40
N LYS B 69 16.75 16.13 -7.66
CA LYS B 69 16.54 14.76 -8.14
C LYS B 69 17.62 13.80 -7.64
N VAL B 70 17.22 12.52 -7.52
CA VAL B 70 18.11 11.47 -7.05
C VAL B 70 18.02 10.24 -7.98
N SER B 71 18.89 9.26 -7.76
CA SER B 71 18.88 8.05 -8.59
C SER B 71 17.52 7.37 -8.49
N LEU B 72 16.93 7.04 -9.64
CA LEU B 72 15.60 6.45 -9.66
C LEU B 72 15.59 5.04 -9.04
N VAL B 73 16.65 4.30 -9.35
CA VAL B 73 16.80 2.93 -8.88
C VAL B 73 16.83 2.84 -7.34
N LEU B 74 17.12 3.96 -6.69
CA LEU B 74 17.19 3.97 -5.23
C LEU B 74 15.91 3.43 -4.62
N VAL B 75 14.80 3.79 -5.25
CA VAL B 75 13.49 3.35 -4.79
C VAL B 75 13.37 1.84 -5.01
N HIS B 76 13.82 1.27 -6.24
CA HIS B 76 13.75 -0.16 -6.51
C HIS B 76 14.46 -0.94 -5.41
N ALA B 77 15.64 -0.48 -5.03
CA ALA B 77 16.39 -1.15 -3.98
C ALA B 77 15.70 -0.98 -2.63
N GLN B 78 15.17 0.22 -2.38
CA GLN B 78 14.48 0.49 -1.12
C GLN B 78 13.21 -0.36 -1.03
N LEU B 79 12.44 -0.39 -2.12
CA LEU B 79 11.22 -1.18 -2.14
C LEU B 79 11.49 -2.65 -1.82
N HIS B 80 12.48 -3.23 -2.48
CA HIS B 80 12.80 -4.62 -2.24
C HIS B 80 13.36 -4.83 -0.84
N LEU B 81 14.27 -3.95 -0.44
CA LEU B 81 14.88 -4.06 0.89
C LEU B 81 13.85 -3.85 2.00
N MET B 82 13.00 -2.85 1.86
CA MET B 82 11.98 -2.57 2.87
C MET B 82 11.02 -3.75 3.01
N THR B 83 10.59 -4.28 1.87
CA THR B 83 9.67 -5.41 1.87
C THR B 83 10.32 -6.64 2.50
N SER B 84 11.55 -6.94 2.10
CA SER B 84 12.26 -8.09 2.64
C SER B 84 12.50 -7.97 4.14
N MET B 85 12.97 -6.81 4.58
CA MET B 85 13.24 -6.60 6.01
C MET B 85 11.96 -6.76 6.83
N LEU B 86 10.89 -6.14 6.36
CA LEU B 86 9.61 -6.21 7.06
C LEU B 86 9.11 -7.65 7.12
N ALA B 87 9.17 -8.33 5.98
CA ALA B 87 8.72 -9.71 5.90
C ALA B 87 9.49 -10.58 6.88
N ARG B 88 10.79 -10.44 6.86
CA ARG B 88 11.65 -11.22 7.75
C ARG B 88 11.28 -10.97 9.21
N GLU B 89 11.08 -9.70 9.59
CA GLU B 89 10.75 -9.38 10.97
C GLU B 89 9.43 -10.05 11.37
N LEU B 90 8.44 -9.96 10.50
CA LEU B 90 7.14 -10.56 10.78
C LEU B 90 7.28 -12.08 10.84
N ILE B 91 8.06 -12.63 9.92
CA ILE B 91 8.30 -14.07 9.91
C ILE B 91 8.95 -14.49 11.23
N THR B 92 9.86 -13.66 11.73
CA THR B 92 10.50 -13.96 13.02
C THR B 92 9.43 -14.07 14.09
N GLU B 93 8.49 -13.13 14.09
CA GLU B 93 7.40 -13.15 15.06
C GLU B 93 6.58 -14.43 14.88
N LEU B 94 6.30 -14.77 13.62
CA LEU B 94 5.54 -15.99 13.33
C LEU B 94 6.27 -17.21 13.87
N ILE B 95 7.59 -17.26 13.68
CA ILE B 95 8.36 -18.38 14.19
C ILE B 95 8.28 -18.46 15.71
N GLU B 96 8.36 -17.30 16.37
CA GLU B 96 8.25 -17.27 17.83
C GLU B 96 6.90 -17.85 18.25
N LEU B 97 5.86 -17.54 17.49
CA LEU B 97 4.52 -18.05 17.79
C LEU B 97 4.52 -19.58 17.69
N HIS B 98 5.19 -20.10 16.66
CA HIS B 98 5.27 -21.55 16.50
C HIS B 98 5.89 -22.17 17.75
N GLU B 99 6.90 -21.48 18.28
CA GLU B 99 7.55 -21.95 19.50
C GLU B 99 6.58 -21.94 20.66
N LYS B 100 5.77 -20.88 20.77
CA LYS B 100 4.79 -20.80 21.84
C LYS B 100 3.72 -21.88 21.65
N LEU B 101 3.39 -22.19 20.39
CA LEU B 101 2.42 -23.25 20.11
C LEU B 101 2.96 -24.60 20.58
N LYS B 102 4.13 -24.57 21.21
CA LYS B 102 4.77 -25.78 21.72
C LYS B 102 5.49 -26.51 20.59
N ALA B 103 4.71 -26.92 19.58
CA ALA B 103 5.25 -27.67 18.43
C ALA B 103 6.64 -27.19 18.04
N ALA C 1 11.12 19.25 -2.05
CA ALA C 1 11.16 20.74 -1.98
C ALA C 1 10.96 21.17 -0.54
N GLU C 2 11.18 22.45 -0.27
CA GLU C 2 11.04 23.02 1.08
C GLU C 2 10.10 22.22 1.98
N GLU C 3 8.81 22.51 1.89
CA GLU C 3 7.83 21.81 2.71
C GLU C 3 7.73 20.34 2.34
N LEU C 4 7.37 20.07 1.08
CA LEU C 4 7.24 18.68 0.63
C LEU C 4 8.38 17.80 1.16
N GLU C 5 9.60 18.32 1.11
CA GLU C 5 10.76 17.57 1.58
C GLU C 5 10.74 17.43 3.10
N GLU C 6 10.47 18.53 3.78
CA GLU C 6 10.41 18.52 5.24
C GLU C 6 9.19 17.70 5.68
N VAL C 7 8.12 17.78 4.89
CA VAL C 7 6.90 17.04 5.17
C VAL C 7 7.17 15.53 5.06
N VAL C 8 7.92 15.14 4.03
CA VAL C 8 8.27 13.74 3.83
C VAL C 8 9.06 13.24 5.04
N MET C 9 10.02 14.04 5.50
CA MET C 9 10.80 13.67 6.66
C MET C 9 9.87 13.40 7.84
N GLY C 10 8.88 14.29 8.01
CA GLY C 10 7.91 14.13 9.08
C GLY C 10 7.12 12.84 8.88
N LEU C 11 6.71 12.59 7.65
CA LEU C 11 5.94 11.37 7.33
C LEU C 11 6.79 10.14 7.59
N ILE C 12 8.05 10.18 7.18
CA ILE C 12 8.94 9.04 7.37
C ILE C 12 9.11 8.78 8.87
N ILE C 13 9.32 9.87 9.61
CA ILE C 13 9.47 9.76 11.06
C ILE C 13 8.16 9.23 11.66
N ASN C 14 7.05 9.81 11.22
CA ASN C 14 5.73 9.40 11.72
C ASN C 14 5.50 7.92 11.43
N SER C 15 5.79 7.51 10.19
CA SER C 15 5.63 6.11 9.81
C SER C 15 6.52 5.24 10.68
N GLY C 16 7.76 5.70 10.90
CA GLY C 16 8.70 4.95 11.73
C GLY C 16 8.18 4.84 13.16
N GLN C 17 7.67 5.95 13.70
CA GLN C 17 7.13 5.92 15.06
C GLN C 17 5.95 4.97 15.12
N ALA C 18 5.12 5.01 14.08
CA ALA C 18 3.96 4.14 14.02
C ALA C 18 4.38 2.67 14.15
N ARG C 19 5.36 2.27 13.33
CA ARG C 19 5.84 0.91 13.40
C ARG C 19 6.41 0.63 14.79
N SER C 20 7.21 1.57 15.28
CA SER C 20 7.81 1.41 16.60
C SER C 20 6.73 1.13 17.65
N LEU C 21 5.66 1.92 17.61
CA LEU C 21 4.56 1.74 18.54
C LEU C 21 3.92 0.37 18.33
N ALA C 22 3.73 0.00 17.06
CA ALA C 22 3.13 -1.29 16.73
C ALA C 22 3.96 -2.44 17.33
N TYR C 23 5.27 -2.43 17.07
CA TYR C 23 6.14 -3.47 17.64
C TYR C 23 6.05 -3.45 19.16
N ALA C 24 6.03 -2.24 19.72
CA ALA C 24 5.92 -2.11 21.17
C ALA C 24 4.59 -2.72 21.62
N ALA C 25 3.54 -2.47 20.85
CA ALA C 25 2.23 -3.03 21.16
C ALA C 25 2.31 -4.55 21.21
N LEU C 26 3.01 -5.12 20.24
CA LEU C 26 3.19 -6.57 20.18
C LEU C 26 3.95 -7.05 21.42
N LYS C 27 4.99 -6.31 21.77
CA LYS C 27 5.79 -6.66 22.94
C LYS C 27 4.90 -6.72 24.19
N GLN C 28 3.99 -5.77 24.31
CA GLN C 28 3.06 -5.75 25.44
C GLN C 28 2.26 -7.04 25.47
N ALA C 29 1.82 -7.47 24.27
CA ALA C 29 1.05 -8.70 24.16
C ALA C 29 1.85 -9.89 24.67
N LYS C 30 3.13 -9.94 24.30
CA LYS C 30 3.99 -11.02 24.76
C LYS C 30 4.07 -11.06 26.28
N GLN C 31 3.98 -9.88 26.90
CA GLN C 31 4.04 -9.80 28.36
C GLN C 31 2.67 -10.17 28.96
N GLY C 32 1.71 -10.44 28.08
CA GLY C 32 0.36 -10.83 28.53
C GLY C 32 -0.47 -9.60 28.89
N ASP C 33 -0.04 -8.43 28.44
CA ASP C 33 -0.76 -7.18 28.70
C ASP C 33 -1.63 -6.80 27.51
N PHE C 34 -2.80 -7.41 27.42
CA PHE C 34 -3.71 -7.14 26.31
C PHE C 34 -4.22 -5.70 26.34
N ALA C 35 -4.43 -5.17 27.54
CA ALA C 35 -4.94 -3.81 27.68
C ALA C 35 -3.97 -2.79 27.08
N ALA C 36 -2.71 -2.89 27.47
CA ALA C 36 -1.71 -1.96 26.96
C ALA C 36 -1.50 -2.17 25.47
N ALA C 37 -1.55 -3.42 25.02
CA ALA C 37 -1.38 -3.71 23.60
C ALA C 37 -2.48 -3.00 22.81
N LYS C 38 -3.72 -3.21 23.22
CA LYS C 38 -4.87 -2.59 22.57
C LYS C 38 -4.72 -1.07 22.49
N ALA C 39 -4.32 -0.45 23.61
CA ALA C 39 -4.16 1.00 23.65
C ALA C 39 -3.06 1.46 22.68
N MET C 40 -1.96 0.72 22.64
CA MET C 40 -0.85 1.06 21.77
C MET C 40 -1.25 0.92 20.30
N MET C 41 -2.03 -0.11 19.99
CA MET C 41 -2.48 -0.31 18.61
C MET C 41 -3.35 0.85 18.16
N ASP C 42 -4.25 1.28 19.04
CA ASP C 42 -5.17 2.36 18.72
C ASP C 42 -4.41 3.63 18.38
N GLN C 43 -3.42 3.97 19.21
CA GLN C 43 -2.61 5.16 18.97
C GLN C 43 -1.83 5.03 17.67
N SER C 44 -1.30 3.85 17.42
CA SER C 44 -0.55 3.60 16.19
C SER C 44 -1.44 3.87 14.98
N ARG C 45 -2.67 3.32 15.03
CA ARG C 45 -3.64 3.50 13.96
C ARG C 45 -3.93 4.99 13.72
N MET C 46 -4.14 5.72 14.81
CA MET C 46 -4.43 7.15 14.72
C MET C 46 -3.26 7.89 14.08
N ALA C 47 -2.04 7.51 14.47
CA ALA C 47 -0.84 8.14 13.91
C ALA C 47 -0.78 7.91 12.40
N LEU C 48 -1.08 6.68 11.98
CA LEU C 48 -1.07 6.33 10.57
C LEU C 48 -2.17 7.06 9.82
N ASN C 49 -3.34 7.15 10.45
CA ASN C 49 -4.48 7.81 9.84
C ASN C 49 -4.14 9.27 9.52
N GLU C 50 -3.51 9.95 10.47
CA GLU C 50 -3.11 11.33 10.26
C GLU C 50 -2.06 11.41 9.16
N ALA C 51 -1.13 10.47 9.19
CA ALA C 51 -0.07 10.43 8.18
C ALA C 51 -0.67 10.15 6.80
N HIS C 52 -1.58 9.19 6.74
CA HIS C 52 -2.25 8.85 5.48
C HIS C 52 -3.02 10.05 4.94
N LEU C 53 -3.69 10.78 5.83
CA LEU C 53 -4.47 11.95 5.43
C LEU C 53 -3.56 12.98 4.76
N VAL C 54 -2.39 13.20 5.35
CA VAL C 54 -1.45 14.16 4.80
C VAL C 54 -0.99 13.67 3.43
N GLN C 55 -0.69 12.38 3.32
CA GLN C 55 -0.26 11.82 2.04
C GLN C 55 -1.38 11.99 1.00
N THR C 56 -2.62 11.74 1.41
CA THR C 56 -3.76 11.88 0.48
C THR C 56 -3.70 13.25 -0.19
N LYS C 57 -3.50 14.29 0.60
CA LYS C 57 -3.40 15.64 0.05
C LYS C 57 -2.20 15.73 -0.88
N LEU C 58 -1.11 15.09 -0.49
CA LEU C 58 0.10 15.11 -1.29
C LEU C 58 -0.08 14.35 -2.61
N ILE C 59 -1.09 13.47 -2.70
CA ILE C 59 -1.33 12.76 -3.95
C ILE C 59 -2.40 13.48 -4.79
N GLU C 60 -3.38 14.10 -4.14
CA GLU C 60 -4.43 14.83 -4.87
C GLU C 60 -3.85 16.03 -5.60
N GLY C 61 -2.89 16.71 -4.98
CA GLY C 61 -2.28 17.89 -5.57
C GLY C 61 -0.83 17.62 -5.97
N ASP C 62 -0.56 16.41 -6.41
CA ASP C 62 0.79 16.03 -6.80
C ASP C 62 1.22 16.75 -8.06
N ALA C 63 0.31 17.49 -8.68
CA ALA C 63 0.63 18.24 -9.90
C ALA C 63 1.30 19.56 -9.56
N GLY C 64 1.78 20.26 -10.59
CA GLY C 64 2.43 21.56 -10.39
C GLY C 64 3.77 21.63 -11.13
N GLU C 65 4.69 20.71 -10.81
CA GLU C 65 5.99 20.70 -11.45
C GLU C 65 5.87 20.38 -12.94
N GLY C 66 4.99 19.45 -13.27
CA GLY C 66 4.80 19.05 -14.66
C GLY C 66 3.45 18.36 -14.86
N LYS C 67 3.12 18.09 -16.11
CA LYS C 67 1.85 17.44 -16.43
C LYS C 67 1.83 16.00 -15.92
N MET C 68 2.44 15.10 -16.70
CA MET C 68 2.48 13.68 -16.36
C MET C 68 3.31 13.38 -15.12
N LYS C 69 4.45 14.07 -14.97
CA LYS C 69 5.34 13.83 -13.84
C LYS C 69 4.79 14.36 -12.52
N VAL C 70 5.20 13.71 -11.43
CA VAL C 70 4.76 14.07 -10.08
C VAL C 70 5.96 14.16 -9.13
N SER C 71 5.72 14.64 -7.91
CA SER C 71 6.80 14.75 -6.93
C SER C 71 7.42 13.38 -6.68
N LEU C 72 8.74 13.30 -6.77
CA LEU C 72 9.45 12.03 -6.61
C LEU C 72 9.31 11.48 -5.19
N VAL C 73 9.40 12.39 -4.22
CA VAL C 73 9.33 12.04 -2.80
C VAL C 73 8.00 11.37 -2.44
N LEU C 74 6.99 11.57 -3.26
CA LEU C 74 5.67 10.99 -3.00
C LEU C 74 5.78 9.49 -2.77
N VAL C 75 6.64 8.87 -3.56
CA VAL C 75 6.86 7.43 -3.46
C VAL C 75 7.53 7.12 -2.12
N HIS C 76 8.59 7.93 -1.68
CA HIS C 76 9.28 7.70 -0.41
C HIS C 76 8.27 7.68 0.74
N ALA C 77 7.37 8.65 0.74
CA ALA C 77 6.34 8.70 1.77
C ALA C 77 5.38 7.54 1.65
N GLN C 78 5.02 7.20 0.41
CA GLN C 78 4.10 6.10 0.16
C GLN C 78 4.73 4.78 0.59
N LEU C 79 5.99 4.58 0.19
CA LEU C 79 6.71 3.36 0.55
C LEU C 79 6.75 3.17 2.06
N HIS C 80 7.13 4.21 2.79
CA HIS C 80 7.20 4.12 4.24
C HIS C 80 5.81 3.94 4.85
N LEU C 81 4.87 4.73 4.38
CA LEU C 81 3.50 4.67 4.89
C LEU C 81 2.85 3.31 4.59
N MET C 82 3.01 2.84 3.37
CA MET C 82 2.42 1.55 2.98
C MET C 82 3.01 0.42 3.82
N THR C 83 4.32 0.45 3.99
CA THR C 83 5.00 -0.58 4.76
C THR C 83 4.54 -0.55 6.22
N SER C 84 4.53 0.64 6.80
CA SER C 84 4.12 0.80 8.20
C SER C 84 2.67 0.37 8.42
N MET C 85 1.76 0.84 7.56
CA MET C 85 0.35 0.48 7.70
C MET C 85 0.16 -1.04 7.61
N LEU C 86 0.80 -1.65 6.63
CA LEU C 86 0.70 -3.09 6.43
C LEU C 86 1.24 -3.83 7.65
N ALA C 87 2.42 -3.42 8.10
CA ALA C 87 3.05 -4.04 9.25
C ALA C 87 2.13 -3.96 10.47
N ARG C 88 1.61 -2.77 10.71
CA ARG C 88 0.74 -2.55 11.84
C ARG C 88 -0.50 -3.47 11.77
N GLU C 89 -1.11 -3.56 10.59
CA GLU C 89 -2.29 -4.42 10.44
C GLU C 89 -1.95 -5.88 10.74
N LEU C 90 -0.82 -6.35 10.20
CA LEU C 90 -0.40 -7.72 10.44
C LEU C 90 -0.07 -7.92 11.91
N ILE C 91 0.60 -6.95 12.49
CA ILE C 91 0.95 -7.02 13.90
C ILE C 91 -0.33 -7.12 14.73
N THR C 92 -1.36 -6.39 14.32
CA THR C 92 -2.64 -6.46 15.02
C THR C 92 -3.15 -7.89 14.99
N GLU C 93 -3.06 -8.53 13.83
CA GLU C 93 -3.50 -9.92 13.70
C GLU C 93 -2.66 -10.82 14.62
N LEU C 94 -1.36 -10.56 14.63
CA LEU C 94 -0.45 -11.34 15.47
C LEU C 94 -0.84 -11.20 16.94
N ILE C 95 -1.16 -9.98 17.35
CA ILE C 95 -1.57 -9.73 18.73
C ILE C 95 -2.86 -10.51 19.05
N GLU C 96 -3.80 -10.48 18.12
CA GLU C 96 -5.05 -11.21 18.31
C GLU C 96 -4.75 -12.70 18.53
N LEU C 97 -3.78 -13.21 17.77
CA LEU C 97 -3.39 -14.61 17.91
C LEU C 97 -2.85 -14.87 19.32
N HIS C 98 -2.05 -13.94 19.83
CA HIS C 98 -1.52 -14.09 21.18
C HIS C 98 -2.68 -14.22 22.16
N GLU C 99 -3.73 -13.44 21.92
CA GLU C 99 -4.90 -13.49 22.78
C GLU C 99 -5.57 -14.87 22.68
N LYS C 100 -5.65 -15.41 21.46
CA LYS C 100 -6.25 -16.72 21.29
C LYS C 100 -5.38 -17.78 21.95
N LEU C 101 -4.05 -17.58 21.91
CA LEU C 101 -3.12 -18.52 22.55
C LEU C 101 -3.37 -18.53 24.06
N LYS C 102 -4.36 -17.76 24.51
CA LYS C 102 -4.70 -17.67 25.93
C LYS C 102 -3.78 -16.68 26.63
N ALA C 103 -2.48 -16.99 26.61
CA ALA C 103 -1.45 -16.16 27.26
C ALA C 103 -1.80 -14.67 27.21
N LYS D 1 -19.97 26.95 -1.17
CA LYS D 1 -19.08 26.05 -1.96
C LYS D 1 -19.44 24.59 -1.78
N LYS D 2 -19.77 23.94 -2.87
CA LYS D 2 -20.15 22.54 -2.84
C LYS D 2 -18.93 21.62 -2.88
N HIS D 3 -19.02 20.49 -2.19
CA HIS D 3 -17.93 19.52 -2.13
C HIS D 3 -18.12 18.37 -3.08
N ILE D 4 -17.20 18.26 -4.03
CA ILE D 4 -17.22 17.18 -4.99
C ILE D 4 -16.07 16.24 -4.61
N TYR D 5 -16.39 15.03 -4.18
CA TYR D 5 -15.38 14.06 -3.78
C TYR D 5 -15.33 12.90 -4.76
N LEU D 6 -14.13 12.60 -5.26
CA LEU D 6 -13.90 11.48 -6.19
C LEU D 6 -13.25 10.35 -5.40
N PHE D 7 -13.55 9.08 -5.75
CA PHE D 7 -12.84 7.96 -5.12
C PHE D 7 -12.17 7.06 -6.17
N CYS D 8 -11.03 6.45 -5.74
CA CYS D 8 -10.25 5.45 -6.46
C CYS D 8 -9.52 4.55 -5.47
N SER D 9 -8.62 3.66 -5.86
CA SER D 9 -8.06 2.82 -4.80
C SER D 9 -7.18 3.62 -3.87
N ALA D 10 -6.17 4.37 -4.38
CA ALA D 10 -5.27 5.09 -3.49
C ALA D 10 -5.56 6.57 -3.55
N GLY D 11 -5.83 7.09 -4.75
CA GLY D 11 -6.12 8.50 -4.93
C GLY D 11 -5.10 9.18 -5.82
N MET D 12 -4.45 8.46 -6.73
CA MET D 12 -3.44 9.10 -7.59
C MET D 12 -3.96 9.31 -9.02
N SER D 13 -4.06 8.25 -9.76
CA SER D 13 -4.51 8.37 -11.15
C SER D 13 -5.71 9.29 -11.29
N THR D 14 -6.46 9.50 -10.19
CA THR D 14 -7.62 10.37 -10.31
C THR D 14 -7.22 11.77 -9.88
N SER D 15 -6.09 11.83 -9.22
CA SER D 15 -5.48 13.09 -8.76
C SER D 15 -5.20 14.03 -9.93
N LEU D 16 -4.82 13.46 -11.06
CA LEU D 16 -4.55 14.26 -12.24
C LEU D 16 -5.88 14.86 -12.76
N LEU D 17 -6.96 14.07 -12.72
CA LEU D 17 -8.28 14.55 -13.14
C LEU D 17 -8.75 15.68 -12.19
N VAL D 18 -8.54 15.48 -10.88
CA VAL D 18 -8.91 16.50 -9.89
C VAL D 18 -8.18 17.83 -10.15
N SER D 19 -6.89 17.79 -10.47
CA SER D 19 -6.17 19.03 -10.74
C SER D 19 -6.73 19.77 -11.98
N LYS D 20 -7.12 19.03 -13.02
CA LYS D 20 -7.71 19.66 -14.20
C LYS D 20 -9.12 20.20 -13.91
N MET D 21 -9.87 19.50 -13.07
CA MET D 21 -11.22 20.00 -12.73
C MET D 21 -11.08 21.31 -11.94
N ARG D 22 -10.13 21.39 -11.02
CA ARG D 22 -9.91 22.60 -10.21
C ARG D 22 -9.56 23.79 -11.12
N ALA D 23 -8.79 23.54 -12.18
CA ALA D 23 -8.39 24.59 -13.11
C ALA D 23 -9.63 25.14 -13.81
N GLN D 24 -10.50 24.24 -14.24
CA GLN D 24 -11.72 24.61 -14.91
C GLN D 24 -12.67 25.35 -14.00
N ALA D 25 -12.80 24.88 -12.77
CA ALA D 25 -13.69 25.53 -11.80
C ALA D 25 -13.24 26.96 -11.55
N GLU D 26 -11.93 27.20 -11.60
CA GLU D 26 -11.39 28.54 -11.36
C GLU D 26 -11.65 29.43 -12.57
N LYS D 27 -11.43 28.88 -13.76
CA LYS D 27 -11.63 29.59 -14.99
C LYS D 27 -13.07 30.10 -15.12
N TYR D 28 -14.05 29.29 -14.72
CA TYR D 28 -15.48 29.69 -14.80
C TYR D 28 -16.13 30.10 -13.49
N GLU D 29 -15.33 30.35 -12.46
CA GLU D 29 -15.81 30.78 -11.15
C GLU D 29 -16.89 29.89 -10.51
N VAL D 30 -16.76 28.58 -10.66
CA VAL D 30 -17.70 27.63 -10.08
C VAL D 30 -17.27 27.48 -8.62
N PRO D 31 -18.19 27.73 -7.67
CA PRO D 31 -17.91 27.64 -6.23
C PRO D 31 -17.93 26.21 -5.68
N VAL D 32 -16.88 25.46 -6.01
CA VAL D 32 -16.75 24.08 -5.57
C VAL D 32 -15.38 23.76 -5.01
N ILE D 33 -15.35 22.75 -4.14
CA ILE D 33 -14.13 22.22 -3.55
C ILE D 33 -14.09 20.77 -4.09
N ILE D 34 -12.98 20.40 -4.71
CA ILE D 34 -12.79 19.07 -5.32
C ILE D 34 -11.61 18.31 -4.66
N GLU D 35 -11.86 17.09 -4.18
CA GLU D 35 -10.83 16.27 -3.52
C GLU D 35 -10.93 14.82 -4.00
N ALA D 36 -9.78 14.14 -4.09
CA ALA D 36 -9.71 12.73 -4.50
C ALA D 36 -9.34 11.92 -3.25
N PHE D 37 -9.93 10.74 -3.09
CA PHE D 37 -9.64 9.87 -1.95
C PHE D 37 -9.66 8.44 -2.43
N PRO D 38 -9.08 7.53 -1.64
CA PRO D 38 -9.07 6.11 -2.02
C PRO D 38 -10.49 5.61 -1.70
N GLU D 39 -10.91 4.54 -2.35
CA GLU D 39 -12.24 3.96 -2.13
C GLU D 39 -12.51 3.54 -0.69
N THR D 40 -11.46 3.29 0.09
CA THR D 40 -11.63 2.88 1.48
C THR D 40 -12.26 3.95 2.37
N LEU D 41 -12.19 5.21 1.94
CA LEU D 41 -12.77 6.32 2.70
C LEU D 41 -14.15 6.77 2.20
N ALA D 42 -14.74 6.07 1.21
CA ALA D 42 -16.05 6.45 0.63
C ALA D 42 -17.14 6.64 1.68
N GLY D 43 -17.12 5.80 2.71
CA GLY D 43 -18.13 5.91 3.75
C GLY D 43 -17.81 6.98 4.77
N GLU D 44 -16.53 7.16 5.08
CA GLU D 44 -16.15 8.15 6.07
C GLU D 44 -16.16 9.59 5.49
N LYS D 45 -15.52 9.77 4.34
CA LYS D 45 -15.46 11.08 3.70
C LYS D 45 -16.73 11.45 2.92
N GLY D 46 -17.38 10.46 2.32
CA GLY D 46 -18.60 10.70 1.55
C GLY D 46 -19.69 11.43 2.29
N GLN D 47 -19.77 11.23 3.60
CA GLN D 47 -20.79 11.89 4.43
C GLN D 47 -20.74 13.42 4.34
N ASN D 48 -19.59 13.97 3.95
CA ASN D 48 -19.43 15.41 3.87
C ASN D 48 -19.45 15.95 2.45
N ALA D 49 -19.66 15.08 1.48
CA ALA D 49 -19.67 15.54 0.10
C ALA D 49 -21.06 15.97 -0.30
N ASP D 50 -21.11 16.82 -1.31
CA ASP D 50 -22.38 17.25 -1.83
C ASP D 50 -22.73 16.32 -2.99
N VAL D 51 -21.69 15.73 -3.60
CA VAL D 51 -21.88 14.75 -4.67
C VAL D 51 -20.68 13.78 -4.61
N VAL D 52 -20.98 12.49 -4.70
CA VAL D 52 -19.97 11.44 -4.66
C VAL D 52 -19.78 10.85 -6.06
N LEU D 53 -18.55 10.92 -6.57
CA LEU D 53 -18.24 10.38 -7.88
C LEU D 53 -17.30 9.18 -7.73
N LEU D 54 -17.60 8.08 -8.42
CA LEU D 54 -16.75 6.88 -8.36
C LEU D 54 -15.96 6.73 -9.63
N GLY D 55 -14.69 6.35 -9.51
CA GLY D 55 -13.84 6.18 -10.68
C GLY D 55 -14.39 5.02 -11.49
N PRO D 56 -14.13 4.94 -12.76
CA PRO D 56 -14.66 3.84 -13.62
C PRO D 56 -14.24 2.42 -13.18
N GLN D 57 -13.07 2.31 -12.54
CA GLN D 57 -12.57 1.02 -12.08
C GLN D 57 -13.39 0.49 -10.90
N ILE D 58 -14.04 1.38 -10.15
CA ILE D 58 -14.82 0.94 -9.01
C ILE D 58 -16.34 1.02 -9.23
N ALA D 59 -16.75 0.99 -10.49
CA ALA D 59 -18.17 1.04 -10.83
C ALA D 59 -18.94 -0.11 -10.19
N TYR D 60 -18.34 -1.30 -10.13
CA TYR D 60 -19.04 -2.44 -9.55
C TYR D 60 -19.46 -2.21 -8.09
N MET D 61 -18.84 -1.23 -7.44
CA MET D 61 -19.15 -0.89 -6.05
C MET D 61 -20.33 0.08 -5.87
N LEU D 62 -20.89 0.58 -6.97
CA LEU D 62 -21.99 1.54 -6.90
C LEU D 62 -23.13 1.19 -5.93
N PRO D 63 -23.73 -0.02 -6.05
CA PRO D 63 -24.82 -0.37 -5.12
C PRO D 63 -24.43 -0.30 -3.65
N GLU D 64 -23.22 -0.72 -3.30
CA GLU D 64 -22.77 -0.68 -1.91
C GLU D 64 -22.60 0.74 -1.42
N ILE D 65 -22.02 1.59 -2.25
CA ILE D 65 -21.83 2.99 -1.85
C ILE D 65 -23.16 3.74 -1.71
N GLN D 66 -24.12 3.42 -2.59
CA GLN D 66 -25.46 4.00 -2.52
C GLN D 66 -26.13 3.64 -1.18
N ARG D 67 -26.00 2.39 -0.73
CA ARG D 67 -26.60 1.98 0.55
C ARG D 67 -25.89 2.63 1.74
N LEU D 68 -24.60 2.88 1.59
CA LEU D 68 -23.77 3.49 2.64
C LEU D 68 -24.11 4.97 2.82
N LEU D 69 -24.39 5.65 1.70
CA LEU D 69 -24.73 7.09 1.68
C LEU D 69 -26.11 7.27 1.01
N PRO D 70 -27.20 6.87 1.69
CA PRO D 70 -28.55 6.99 1.13
C PRO D 70 -29.03 8.44 0.93
N ASN D 71 -28.35 9.38 1.56
CA ASN D 71 -28.75 10.79 1.44
C ASN D 71 -27.82 11.63 0.57
N LYS D 72 -27.08 10.99 -0.33
CA LYS D 72 -26.14 11.69 -1.21
C LYS D 72 -26.26 11.20 -2.63
N PRO D 73 -26.13 12.10 -3.63
CA PRO D 73 -26.21 11.62 -5.02
C PRO D 73 -24.85 10.97 -5.27
N VAL D 74 -24.87 9.73 -5.75
CA VAL D 74 -23.64 8.96 -6.02
C VAL D 74 -23.64 8.48 -7.46
N GLU D 75 -22.58 8.72 -8.19
CA GLU D 75 -22.53 8.22 -9.55
C GLU D 75 -21.13 7.95 -10.07
N VAL D 76 -21.06 7.12 -11.10
CA VAL D 76 -19.80 6.72 -11.71
C VAL D 76 -19.40 7.72 -12.78
N ILE D 77 -18.11 8.03 -12.84
CA ILE D 77 -17.58 8.96 -13.83
C ILE D 77 -17.54 8.27 -15.17
N ASP D 78 -17.96 8.97 -16.21
CA ASP D 78 -17.94 8.40 -17.55
C ASP D 78 -16.51 7.95 -17.89
N SER D 79 -16.33 6.69 -18.28
CA SER D 79 -14.99 6.17 -18.58
C SER D 79 -14.18 6.90 -19.65
N LEU D 80 -14.87 7.44 -20.65
CA LEU D 80 -14.19 8.17 -21.73
C LEU D 80 -13.73 9.53 -21.23
N LEU D 81 -14.58 10.18 -20.45
CA LEU D 81 -14.26 11.49 -19.90
C LEU D 81 -13.10 11.33 -18.94
N TYR D 82 -13.10 10.21 -18.22
CA TYR D 82 -12.04 9.90 -17.25
C TYR D 82 -10.71 9.58 -17.95
N GLY D 83 -10.75 8.68 -18.92
CA GLY D 83 -9.54 8.32 -19.64
C GLY D 83 -8.87 9.50 -20.31
N LYS D 84 -9.68 10.37 -20.87
CA LYS D 84 -9.22 11.56 -21.59
C LYS D 84 -8.79 12.70 -20.65
N VAL D 85 -9.07 12.52 -19.35
CA VAL D 85 -8.77 13.52 -18.31
C VAL D 85 -9.47 14.86 -18.61
N ASP D 86 -10.76 14.77 -18.94
CA ASP D 86 -11.57 15.95 -19.28
C ASP D 86 -12.09 16.63 -18.03
N GLY D 87 -11.29 17.56 -17.51
CA GLY D 87 -11.64 18.31 -16.31
C GLY D 87 -12.94 19.07 -16.45
N LEU D 88 -13.16 19.73 -17.60
CA LEU D 88 -14.39 20.49 -17.80
C LEU D 88 -15.63 19.58 -17.87
N GLY D 89 -15.50 18.50 -18.64
CA GLY D 89 -16.59 17.56 -18.81
C GLY D 89 -17.07 16.91 -17.53
N VAL D 90 -16.12 16.49 -16.69
CA VAL D 90 -16.48 15.84 -15.42
C VAL D 90 -17.04 16.88 -14.45
N LEU D 91 -16.47 18.08 -14.49
CA LEU D 91 -16.97 19.15 -13.63
C LEU D 91 -18.46 19.39 -14.00
N LYS D 92 -18.76 19.42 -15.30
CA LYS D 92 -20.15 19.61 -15.75
C LYS D 92 -21.09 18.52 -15.24
N ALA D 93 -20.64 17.27 -15.30
CA ALA D 93 -21.47 16.14 -14.85
C ALA D 93 -21.76 16.21 -13.35
N ALA D 94 -20.78 16.72 -12.60
CA ALA D 94 -20.90 16.82 -11.15
C ALA D 94 -21.90 17.90 -10.75
N VAL D 95 -21.80 19.06 -11.40
CA VAL D 95 -22.72 20.17 -11.13
C VAL D 95 -24.13 19.69 -11.49
N ALA D 96 -24.25 18.98 -12.61
CA ALA D 96 -25.54 18.45 -13.04
C ALA D 96 -26.13 17.51 -11.99
N ALA D 97 -25.33 16.57 -11.49
CA ALA D 97 -25.85 15.64 -10.49
C ALA D 97 -26.36 16.40 -9.26
N ILE D 98 -25.70 17.51 -8.93
CA ILE D 98 -26.12 18.32 -7.78
C ILE D 98 -27.46 19.01 -8.03
N LYS D 99 -27.63 19.58 -9.24
CA LYS D 99 -28.87 20.26 -9.62
C LYS D 99 -30.01 19.26 -9.71
N LYS D 100 -29.80 18.19 -10.45
CA LYS D 100 -30.83 17.18 -10.59
C LYS D 100 -31.20 16.60 -9.22
N ALA D 101 -30.34 16.79 -8.23
CA ALA D 101 -30.58 16.28 -6.88
C ALA D 101 -31.37 17.24 -6.00
N ALA D 102 -31.14 18.54 -6.18
CA ALA D 102 -31.83 19.57 -5.43
C ALA D 102 -33.22 19.88 -6.02
N ALA D 103 -33.60 19.13 -7.06
CA ALA D 103 -34.88 19.29 -7.72
C ALA D 103 -35.05 18.26 -8.85
P PO3 E . -4.74 5.39 -7.20
O1 PO3 E . -4.11 6.18 -6.08
O2 PO3 E . -5.21 3.97 -6.96
O3 PO3 E . -4.73 5.93 -8.61
N ALA A 1 0.74 7.29 -18.60
CA ALA A 1 0.24 7.59 -19.96
C ALA A 1 -1.09 6.86 -20.17
N GLU A 2 -1.77 7.18 -21.26
CA GLU A 2 -3.08 6.58 -21.60
C GLU A 2 -3.28 5.20 -20.95
N GLU A 3 -2.80 4.17 -21.63
CA GLU A 3 -2.95 2.80 -21.13
C GLU A 3 -2.16 2.60 -19.84
N LEU A 4 -0.84 2.78 -19.91
CA LEU A 4 0.01 2.60 -18.74
C LEU A 4 -0.63 3.20 -17.48
N GLU A 5 -1.21 4.38 -17.61
CA GLU A 5 -1.84 5.05 -16.47
C GLU A 5 -3.12 4.34 -16.08
N GLU A 6 -3.94 4.01 -17.07
CA GLU A 6 -5.19 3.30 -16.82
C GLU A 6 -4.88 1.88 -16.34
N VAL A 7 -3.80 1.31 -16.88
CA VAL A 7 -3.37 -0.03 -16.50
C VAL A 7 -2.93 -0.05 -15.03
N VAL A 8 -2.20 0.99 -14.63
CA VAL A 8 -1.73 1.10 -13.25
C VAL A 8 -2.95 1.16 -12.33
N MET A 9 -3.95 1.96 -12.70
CA MET A 9 -5.17 2.06 -11.90
C MET A 9 -5.77 0.67 -11.73
N GLY A 10 -5.81 -0.09 -12.82
CA GLY A 10 -6.34 -1.45 -12.77
C GLY A 10 -5.49 -2.31 -11.83
N LEU A 11 -4.17 -2.17 -11.95
CA LEU A 11 -3.26 -2.93 -11.10
C LEU A 11 -3.45 -2.56 -9.64
N ILE A 12 -3.57 -1.27 -9.37
CA ILE A 12 -3.76 -0.80 -8.00
C ILE A 12 -5.06 -1.36 -7.46
N ILE A 13 -6.11 -1.29 -8.26
CA ILE A 13 -7.40 -1.82 -7.85
C ILE A 13 -7.30 -3.33 -7.65
N ASN A 14 -6.65 -4.01 -8.60
CA ASN A 14 -6.47 -5.45 -8.53
C ASN A 14 -5.71 -5.82 -7.26
N SER A 15 -4.61 -5.11 -7.03
CA SER A 15 -3.81 -5.35 -5.83
C SER A 15 -4.65 -5.14 -4.57
N GLY A 16 -5.44 -4.06 -4.60
CA GLY A 16 -6.32 -3.75 -3.47
C GLY A 16 -7.35 -4.86 -3.26
N GLN A 17 -7.95 -5.32 -4.36
CA GLN A 17 -8.94 -6.40 -4.27
C GLN A 17 -8.27 -7.65 -3.72
N ALA A 18 -7.05 -7.92 -4.18
CA ALA A 18 -6.31 -9.09 -3.72
C ALA A 18 -6.15 -9.04 -2.21
N ARG A 19 -5.70 -7.91 -1.69
CA ARG A 19 -5.55 -7.77 -0.25
C ARG A 19 -6.90 -7.95 0.43
N SER A 20 -7.91 -7.28 -0.11
CA SER A 20 -9.25 -7.36 0.44
C SER A 20 -9.68 -8.83 0.57
N LEU A 21 -9.47 -9.59 -0.49
CA LEU A 21 -9.81 -11.01 -0.48
C LEU A 21 -8.97 -11.74 0.58
N ALA A 22 -7.69 -11.40 0.63
CA ALA A 22 -6.79 -12.03 1.60
C ALA A 22 -7.30 -11.80 3.03
N TYR A 23 -7.59 -10.55 3.38
CA TYR A 23 -8.10 -10.25 4.72
C TYR A 23 -9.41 -11.00 4.93
N ALA A 24 -10.25 -11.03 3.90
CA ALA A 24 -11.51 -11.73 3.99
C ALA A 24 -11.24 -13.22 4.25
N ALA A 25 -10.23 -13.75 3.56
CA ALA A 25 -9.84 -15.14 3.75
C ALA A 25 -9.48 -15.38 5.21
N LEU A 26 -8.72 -14.46 5.78
CA LEU A 26 -8.32 -14.57 7.18
C LEU A 26 -9.56 -14.55 8.07
N LYS A 27 -10.48 -13.64 7.77
CA LYS A 27 -11.71 -13.53 8.54
C LYS A 27 -12.45 -14.87 8.56
N GLN A 28 -12.48 -15.54 7.41
CA GLN A 28 -13.15 -16.84 7.31
C GLN A 28 -12.48 -17.81 8.28
N ALA A 29 -11.15 -17.75 8.35
CA ALA A 29 -10.39 -18.62 9.24
C ALA A 29 -10.80 -18.38 10.69
N LYS A 30 -10.95 -17.12 11.05
CA LYS A 30 -11.36 -16.77 12.41
C LYS A 30 -12.72 -17.37 12.73
N GLN A 31 -13.58 -17.50 11.72
CA GLN A 31 -14.89 -18.08 11.93
C GLN A 31 -14.80 -19.60 11.96
N GLY A 32 -13.60 -20.12 11.77
CA GLY A 32 -13.37 -21.56 11.81
C GLY A 32 -13.71 -22.21 10.47
N ASP A 33 -13.83 -21.40 9.43
CA ASP A 33 -14.15 -21.90 8.09
C ASP A 33 -12.88 -22.06 7.26
N PHE A 34 -12.18 -23.18 7.47
CA PHE A 34 -10.93 -23.42 6.73
C PHE A 34 -11.18 -23.60 5.24
N ALA A 35 -12.31 -24.21 4.89
CA ALA A 35 -12.63 -24.46 3.49
C ALA A 35 -12.77 -23.14 2.72
N ALA A 36 -13.56 -22.23 3.26
CA ALA A 36 -13.76 -20.95 2.60
C ALA A 36 -12.46 -20.14 2.60
N ALA A 37 -11.70 -20.23 3.68
CA ALA A 37 -10.43 -19.52 3.75
C ALA A 37 -9.52 -19.99 2.60
N LYS A 38 -9.36 -21.30 2.49
CA LYS A 38 -8.53 -21.90 1.45
C LYS A 38 -8.96 -21.42 0.06
N ALA A 39 -10.26 -21.45 -0.21
CA ALA A 39 -10.77 -21.03 -1.51
C ALA A 39 -10.47 -19.57 -1.79
N MET A 40 -10.61 -18.74 -0.76
CA MET A 40 -10.36 -17.30 -0.90
C MET A 40 -8.88 -17.03 -1.18
N MET A 41 -7.98 -17.76 -0.50
CA MET A 41 -6.55 -17.56 -0.72
C MET A 41 -6.19 -17.92 -2.15
N ASP A 42 -6.77 -19.01 -2.65
CA ASP A 42 -6.47 -19.48 -3.99
C ASP A 42 -6.83 -18.42 -5.02
N GLN A 43 -8.03 -17.87 -4.88
CA GLN A 43 -8.48 -16.82 -5.80
C GLN A 43 -7.61 -15.59 -5.67
N SER A 44 -7.25 -15.24 -4.44
CA SER A 44 -6.40 -14.08 -4.20
C SER A 44 -5.06 -14.28 -4.91
N ARG A 45 -4.49 -15.47 -4.78
CA ARG A 45 -3.22 -15.82 -5.43
C ARG A 45 -3.32 -15.66 -6.95
N MET A 46 -4.40 -16.18 -7.51
CA MET A 46 -4.63 -16.11 -8.95
C MET A 46 -4.72 -14.65 -9.40
N ALA A 47 -5.41 -13.83 -8.62
CA ALA A 47 -5.56 -12.41 -8.94
C ALA A 47 -4.19 -11.74 -9.00
N LEU A 48 -3.35 -12.05 -8.02
CA LEU A 48 -2.00 -11.49 -7.95
C LEU A 48 -1.15 -11.98 -9.12
N ASN A 49 -1.29 -13.26 -9.41
CA ASN A 49 -0.51 -13.87 -10.48
C ASN A 49 -0.77 -13.15 -11.80
N GLU A 50 -2.04 -12.89 -12.07
CA GLU A 50 -2.41 -12.17 -13.29
C GLU A 50 -1.86 -10.75 -13.23
N ALA A 51 -1.97 -10.13 -12.05
CA ALA A 51 -1.47 -8.77 -11.87
C ALA A 51 0.06 -8.75 -12.05
N HIS A 52 0.73 -9.71 -11.44
CA HIS A 52 2.19 -9.81 -11.54
C HIS A 52 2.61 -10.01 -13.00
N LEU A 53 1.86 -10.83 -13.72
CA LEU A 53 2.16 -11.11 -15.12
C LEU A 53 2.11 -9.82 -15.93
N VAL A 54 1.08 -9.02 -15.68
CA VAL A 54 0.94 -7.75 -16.38
C VAL A 54 2.11 -6.84 -16.04
N GLN A 55 2.46 -6.79 -14.76
CA GLN A 55 3.59 -5.96 -14.34
C GLN A 55 4.88 -6.45 -15.01
N THR A 56 5.08 -7.76 -15.08
CA THR A 56 6.28 -8.32 -15.72
C THR A 56 6.46 -7.71 -17.11
N LYS A 57 5.37 -7.66 -17.88
CA LYS A 57 5.43 -7.06 -19.22
C LYS A 57 5.76 -5.59 -19.10
N LEU A 58 5.18 -4.94 -18.10
CA LEU A 58 5.43 -3.52 -17.90
C LEU A 58 6.87 -3.24 -17.48
N ILE A 59 7.58 -4.25 -16.98
CA ILE A 59 8.99 -4.06 -16.60
C ILE A 59 9.93 -4.47 -17.76
N GLU A 60 9.55 -5.49 -18.53
CA GLU A 60 10.37 -5.95 -19.66
C GLU A 60 10.46 -4.88 -20.74
N GLY A 61 9.34 -4.20 -21.01
CA GLY A 61 9.31 -3.17 -22.03
C GLY A 61 9.20 -1.78 -21.42
N ASP A 62 9.80 -1.60 -20.24
CA ASP A 62 9.75 -0.32 -19.54
C ASP A 62 10.49 0.78 -20.32
N ALA A 63 11.17 0.39 -21.40
CA ALA A 63 11.90 1.36 -22.21
C ALA A 63 10.97 2.06 -23.19
N GLY A 64 11.49 3.07 -23.89
CA GLY A 64 10.68 3.81 -24.86
C GLY A 64 10.81 5.32 -24.66
N GLU A 65 10.45 5.80 -23.47
CA GLU A 65 10.53 7.23 -23.19
C GLU A 65 11.97 7.72 -23.18
N GLY A 66 12.86 6.90 -22.64
CA GLY A 66 14.28 7.27 -22.58
C GLY A 66 15.15 6.04 -22.36
N LYS A 67 16.47 6.25 -22.44
CA LYS A 67 17.41 5.15 -22.27
C LYS A 67 17.39 4.63 -20.82
N MET A 68 18.11 5.32 -19.94
CA MET A 68 18.20 4.93 -18.54
C MET A 68 16.88 5.05 -17.79
N LYS A 69 16.13 6.12 -18.08
CA LYS A 69 14.87 6.35 -17.37
C LYS A 69 13.76 5.39 -17.80
N VAL A 70 12.84 5.14 -16.87
CA VAL A 70 11.71 4.23 -17.10
C VAL A 70 10.41 4.88 -16.65
N SER A 71 9.28 4.23 -16.95
CA SER A 71 7.98 4.77 -16.55
C SER A 71 7.94 4.91 -15.03
N LEU A 72 7.54 6.10 -14.57
CA LEU A 72 7.48 6.40 -13.14
C LEU A 72 6.43 5.55 -12.41
N VAL A 73 5.30 5.39 -13.07
CA VAL A 73 4.18 4.62 -12.52
C VAL A 73 4.55 3.16 -12.22
N LEU A 74 5.63 2.69 -12.79
CA LEU A 74 6.06 1.31 -12.51
C LEU A 74 6.19 1.09 -11.02
N VAL A 75 6.60 2.16 -10.32
CA VAL A 75 6.80 2.10 -8.88
C VAL A 75 5.45 1.95 -8.20
N HIS A 76 4.18 2.92 -8.62
CA HIS A 76 2.81 2.85 -8.05
C HIS A 76 2.27 1.44 -8.16
N ALA A 77 2.64 0.75 -9.25
CA ALA A 77 2.19 -0.62 -9.47
C ALA A 77 3.04 -1.60 -8.66
N GLN A 78 4.37 -1.47 -8.72
CA GLN A 78 5.25 -2.40 -8.02
C GLN A 78 5.02 -2.31 -6.51
N LEU A 79 4.96 -1.09 -6.01
CA LEU A 79 4.72 -0.86 -4.59
C LEU A 79 3.44 -1.54 -4.13
N HIS A 80 2.35 -1.32 -4.85
CA HIS A 80 1.08 -1.91 -4.47
C HIS A 80 1.12 -3.44 -4.62
N LEU A 81 1.65 -3.90 -5.74
CA LEU A 81 1.74 -5.34 -5.99
C LEU A 81 2.64 -6.04 -4.98
N MET A 82 3.80 -5.45 -4.70
CA MET A 82 4.74 -6.05 -3.75
C MET A 82 4.11 -6.14 -2.37
N THR A 83 3.46 -5.05 -1.96
CA THR A 83 2.81 -5.00 -0.65
C THR A 83 1.69 -6.04 -0.56
N SER A 84 0.84 -6.07 -1.58
CA SER A 84 -0.29 -7.01 -1.61
C SER A 84 0.20 -8.46 -1.60
N MET A 85 1.16 -8.78 -2.45
CA MET A 85 1.69 -10.14 -2.51
C MET A 85 2.26 -10.57 -1.18
N LEU A 86 3.07 -9.70 -0.59
CA LEU A 86 3.68 -10.00 0.70
C LEU A 86 2.61 -10.19 1.78
N ALA A 87 1.64 -9.28 1.79
CA ALA A 87 0.56 -9.36 2.76
C ALA A 87 -0.15 -10.70 2.67
N ARG A 88 -0.49 -11.10 1.47
CA ARG A 88 -1.18 -12.37 1.27
C ARG A 88 -0.35 -13.55 1.78
N GLU A 89 0.93 -13.57 1.45
CA GLU A 89 1.77 -14.67 1.88
C GLU A 89 1.79 -14.78 3.39
N LEU A 90 1.95 -13.65 4.06
CA LEU A 90 1.96 -13.64 5.51
C LEU A 90 0.58 -14.03 6.05
N ILE A 91 -0.46 -13.51 5.42
CA ILE A 91 -1.82 -13.85 5.84
C ILE A 91 -2.03 -15.35 5.69
N THR A 92 -1.50 -15.92 4.61
CA THR A 92 -1.60 -17.37 4.40
C THR A 92 -0.98 -18.10 5.59
N GLU A 93 0.20 -17.64 6.01
CA GLU A 93 0.88 -18.23 7.16
C GLU A 93 0.02 -18.08 8.40
N LEU A 94 -0.57 -16.89 8.56
CA LEU A 94 -1.43 -16.62 9.72
C LEU A 94 -2.62 -17.59 9.71
N ILE A 95 -3.20 -17.80 8.55
CA ILE A 95 -4.34 -18.73 8.44
C ILE A 95 -3.90 -20.14 8.83
N GLU A 96 -2.72 -20.56 8.36
CA GLU A 96 -2.22 -21.88 8.71
C GLU A 96 -2.08 -22.00 10.22
N LEU A 97 -1.64 -20.91 10.87
CA LEU A 97 -1.51 -20.92 12.32
C LEU A 97 -2.88 -21.12 12.98
N HIS A 98 -3.89 -20.46 12.44
CA HIS A 98 -5.25 -20.62 12.98
C HIS A 98 -5.63 -22.08 12.92
N GLU A 99 -5.25 -22.75 11.84
CA GLU A 99 -5.55 -24.17 11.68
C GLU A 99 -4.81 -24.98 12.74
N LYS A 100 -3.56 -24.62 13.01
CA LYS A 100 -2.79 -25.32 14.02
C LYS A 100 -3.39 -25.06 15.41
N LEU A 101 -3.92 -23.84 15.61
CA LEU A 101 -4.56 -23.49 16.88
C LEU A 101 -5.80 -24.37 17.09
N LYS A 102 -6.02 -25.30 16.15
CA LYS A 102 -7.18 -26.20 16.21
C LYS A 102 -8.43 -25.52 15.71
N ALA A 103 -8.82 -24.42 16.39
CA ALA A 103 -10.03 -23.67 16.04
C ALA A 103 -10.30 -23.65 14.53
N ALA B 1 22.66 3.11 -13.51
CA ALA B 1 23.97 3.34 -14.19
C ALA B 1 24.86 2.13 -13.94
N GLU B 2 26.00 2.08 -14.64
CA GLU B 2 26.95 0.97 -14.53
C GLU B 2 26.86 0.24 -13.18
N GLU B 3 27.57 0.74 -12.19
CA GLU B 3 27.58 0.13 -10.87
C GLU B 3 26.22 0.21 -10.20
N LEU B 4 25.72 1.44 -10.02
CA LEU B 4 24.42 1.61 -9.38
C LEU B 4 23.38 0.61 -9.91
N GLU B 5 23.37 0.41 -11.22
CA GLU B 5 22.42 -0.52 -11.83
C GLU B 5 22.76 -1.95 -11.47
N GLU B 6 24.03 -2.30 -11.57
CA GLU B 6 24.50 -3.63 -11.23
C GLU B 6 24.38 -3.85 -9.73
N VAL B 7 24.60 -2.79 -8.97
CA VAL B 7 24.51 -2.85 -7.52
C VAL B 7 23.05 -3.11 -7.10
N VAL B 8 22.12 -2.44 -7.77
CA VAL B 8 20.69 -2.63 -7.49
C VAL B 8 20.33 -4.08 -7.74
N MET B 9 20.80 -4.63 -8.86
CA MET B 9 20.52 -6.03 -9.18
C MET B 9 21.01 -6.91 -8.03
N GLY B 10 22.21 -6.62 -7.53
CA GLY B 10 22.75 -7.37 -6.41
C GLY B 10 21.86 -7.21 -5.19
N LEU B 11 21.44 -5.98 -4.93
CA LEU B 11 20.56 -5.70 -3.79
C LEU B 11 19.24 -6.44 -3.93
N ILE B 12 18.67 -6.41 -5.13
CA ILE B 12 17.40 -7.09 -5.38
C ILE B 12 17.57 -8.58 -5.14
N ILE B 13 18.66 -9.12 -5.68
CA ILE B 13 18.94 -10.54 -5.50
C ILE B 13 19.17 -10.83 -4.02
N ASN B 14 19.95 -9.98 -3.36
CA ASN B 14 20.24 -10.16 -1.94
C ASN B 14 18.94 -10.10 -1.13
N SER B 15 18.11 -9.11 -1.42
CA SER B 15 16.83 -8.99 -0.74
C SER B 15 15.98 -10.23 -0.97
N GLY B 16 15.99 -10.71 -2.22
CA GLY B 16 15.23 -11.91 -2.57
C GLY B 16 15.76 -13.12 -1.81
N GLN B 17 17.08 -13.25 -1.75
CA GLN B 17 17.68 -14.37 -1.03
C GLN B 17 17.31 -14.28 0.45
N ALA B 18 17.35 -13.06 0.98
CA ALA B 18 17.00 -12.84 2.37
C ALA B 18 15.60 -13.36 2.66
N ARG B 19 14.64 -12.97 1.84
CA ARG B 19 13.27 -13.44 2.02
C ARG B 19 13.24 -14.96 1.90
N SER B 20 13.90 -15.47 0.86
CA SER B 20 13.94 -16.91 0.64
C SER B 20 14.41 -17.63 1.89
N LEU B 21 15.50 -17.13 2.48
CA LEU B 21 16.04 -17.73 3.71
C LEU B 21 15.01 -17.60 4.83
N ALA B 22 14.37 -16.44 4.93
CA ALA B 22 13.37 -16.20 5.97
C ALA B 22 12.24 -17.23 5.85
N TYR B 23 11.67 -17.38 4.65
CA TYR B 23 10.60 -18.36 4.46
C TYR B 23 11.12 -19.75 4.79
N ALA B 24 12.36 -20.04 4.38
CA ALA B 24 12.95 -21.33 4.67
C ALA B 24 13.06 -21.49 6.19
N ALA B 25 13.43 -20.41 6.87
CA ALA B 25 13.53 -20.43 8.33
C ALA B 25 12.18 -20.80 8.92
N LEU B 26 11.12 -20.21 8.39
CA LEU B 26 9.78 -20.50 8.86
C LEU B 26 9.45 -21.97 8.62
N LYS B 27 9.80 -22.46 7.44
CA LYS B 27 9.55 -23.86 7.11
C LYS B 27 10.21 -24.78 8.14
N GLN B 28 11.43 -24.43 8.54
CA GLN B 28 12.13 -25.23 9.56
C GLN B 28 11.31 -25.26 10.84
N ALA B 29 10.74 -24.11 11.19
CA ALA B 29 9.91 -24.02 12.40
C ALA B 29 8.73 -24.97 12.31
N LYS B 30 8.09 -25.01 11.14
CA LYS B 30 6.95 -25.90 10.94
C LYS B 30 7.36 -27.35 11.16
N GLN B 31 8.62 -27.67 10.83
CA GLN B 31 9.10 -29.04 11.01
C GLN B 31 9.46 -29.28 12.48
N GLY B 32 9.32 -28.24 13.29
CA GLY B 32 9.63 -28.35 14.72
C GLY B 32 11.13 -28.18 14.99
N ASP B 33 11.86 -27.66 14.00
CA ASP B 33 13.29 -27.46 14.14
C ASP B 33 13.60 -26.02 14.53
N PHE B 34 13.47 -25.71 15.81
CA PHE B 34 13.73 -24.34 16.29
C PHE B 34 15.18 -23.94 16.10
N ALA B 35 16.09 -24.90 16.27
CA ALA B 35 17.52 -24.60 16.15
C ALA B 35 17.86 -24.12 14.74
N ALA B 36 17.43 -24.87 13.74
CA ALA B 36 17.71 -24.50 12.36
C ALA B 36 16.98 -23.20 12.01
N ALA B 37 15.77 -23.03 12.51
CA ALA B 37 15.03 -21.80 12.24
C ALA B 37 15.82 -20.61 12.74
N LYS B 38 16.23 -20.68 14.02
CA LYS B 38 17.01 -19.60 14.63
C LYS B 38 18.27 -19.27 13.81
N ALA B 39 18.99 -20.29 13.40
CA ALA B 39 20.21 -20.10 12.61
C ALA B 39 19.91 -19.41 11.28
N MET B 40 18.83 -19.82 10.64
CA MET B 40 18.44 -19.26 9.36
C MET B 40 18.05 -17.78 9.51
N MET B 41 17.32 -17.45 10.57
CA MET B 41 16.92 -16.06 10.78
C MET B 41 18.15 -15.17 10.97
N ASP B 42 19.12 -15.68 11.73
CA ASP B 42 20.33 -14.93 12.01
C ASP B 42 21.06 -14.57 10.73
N GLN B 43 21.21 -15.58 9.86
CA GLN B 43 21.88 -15.36 8.59
C GLN B 43 21.08 -14.40 7.72
N SER B 44 19.76 -14.54 7.73
CA SER B 44 18.91 -13.65 6.95
C SER B 44 19.13 -12.20 7.41
N ARG B 45 19.14 -12.00 8.73
CA ARG B 45 19.35 -10.68 9.30
C ARG B 45 20.69 -10.09 8.83
N MET B 46 21.74 -10.90 8.89
CA MET B 46 23.07 -10.45 8.49
C MET B 46 23.05 -10.04 7.02
N ALA B 47 22.37 -10.84 6.20
CA ALA B 47 22.27 -10.53 4.77
C ALA B 47 21.58 -9.19 4.56
N LEU B 48 20.50 -8.97 5.31
CA LEU B 48 19.75 -7.72 5.21
C LEU B 48 20.59 -6.55 5.72
N ASN B 49 21.30 -6.78 6.81
CA ASN B 49 22.13 -5.75 7.40
C ASN B 49 23.18 -5.26 6.40
N GLU B 50 23.83 -6.19 5.73
CA GLU B 50 24.82 -5.83 4.72
C GLU B 50 24.17 -5.10 3.57
N ALA B 51 23.00 -5.58 3.17
CA ALA B 51 22.25 -4.96 2.08
C ALA B 51 21.83 -3.54 2.48
N HIS B 52 21.32 -3.41 3.70
CA HIS B 52 20.88 -2.11 4.21
C HIS B 52 22.06 -1.13 4.27
N LEU B 53 23.22 -1.64 4.69
CA LEU B 53 24.42 -0.80 4.79
C LEU B 53 24.77 -0.23 3.41
N VAL B 54 24.71 -1.09 2.40
CA VAL B 54 25.03 -0.66 1.04
C VAL B 54 24.01 0.40 0.61
N GLN B 55 22.73 0.16 0.90
CA GLN B 55 21.70 1.13 0.53
C GLN B 55 21.96 2.45 1.25
N THR B 56 22.32 2.39 2.54
CA THR B 56 22.60 3.61 3.30
C THR B 56 23.57 4.50 2.53
N LYS B 57 24.65 3.90 2.04
CA LYS B 57 25.62 4.66 1.25
C LYS B 57 24.97 5.20 -0.01
N LEU B 58 24.12 4.39 -0.61
CA LEU B 58 23.44 4.78 -1.84
C LEU B 58 22.45 5.93 -1.59
N ILE B 59 22.02 6.12 -0.32
CA ILE B 59 21.11 7.23 -0.01
C ILE B 59 21.88 8.48 0.45
N GLU B 60 23.00 8.27 1.16
CA GLU B 60 23.81 9.39 1.64
C GLU B 60 24.42 10.17 0.46
N GLY B 61 24.86 9.43 -0.55
CA GLY B 61 25.49 10.05 -1.72
C GLY B 61 24.59 9.96 -2.95
N ASP B 62 23.28 10.02 -2.73
CA ASP B 62 22.32 9.93 -3.82
C ASP B 62 22.41 11.14 -4.77
N ALA B 63 23.21 12.12 -4.40
CA ALA B 63 23.36 13.32 -5.23
C ALA B 63 24.37 13.07 -6.34
N GLY B 64 24.50 14.03 -7.26
CA GLY B 64 25.44 13.90 -8.37
C GLY B 64 24.78 14.23 -9.71
N GLU B 65 23.73 13.48 -10.05
CA GLU B 65 23.03 13.70 -11.32
C GLU B 65 22.34 15.07 -11.33
N GLY B 66 21.76 15.45 -10.20
CA GLY B 66 21.07 16.73 -10.11
C GLY B 66 20.91 17.16 -8.66
N LYS B 67 20.42 18.38 -8.47
CA LYS B 67 20.23 18.92 -7.13
C LYS B 67 19.13 18.16 -6.38
N MET B 68 17.88 18.54 -6.66
CA MET B 68 16.72 17.93 -6.01
C MET B 68 16.52 16.47 -6.40
N LYS B 69 16.75 16.13 -7.66
CA LYS B 69 16.54 14.76 -8.14
C LYS B 69 17.62 13.80 -7.64
N VAL B 70 17.22 12.52 -7.52
CA VAL B 70 18.11 11.47 -7.05
C VAL B 70 18.02 10.24 -7.98
N SER B 71 18.89 9.26 -7.76
CA SER B 71 18.88 8.05 -8.59
C SER B 71 17.52 7.37 -8.49
N LEU B 72 16.93 7.04 -9.64
CA LEU B 72 15.60 6.45 -9.66
C LEU B 72 15.59 5.04 -9.04
N VAL B 73 16.65 4.30 -9.35
CA VAL B 73 16.80 2.93 -8.88
C VAL B 73 16.83 2.84 -7.34
N LEU B 74 17.06 3.95 -6.67
CA LEU B 74 17.06 3.93 -5.21
C LEU B 74 15.75 3.36 -4.68
N VAL B 75 14.67 3.69 -5.39
CA VAL B 75 13.34 3.23 -5.02
C VAL B 75 13.29 1.71 -5.18
N HIS B 76 13.82 1.11 -6.36
CA HIS B 76 13.82 -0.33 -6.58
C HIS B 76 14.52 -1.05 -5.43
N ALA B 77 15.67 -0.53 -5.03
CA ALA B 77 16.44 -1.14 -3.95
C ALA B 77 15.71 -0.96 -2.62
N GLN B 78 15.17 0.23 -2.39
CA GLN B 78 14.48 0.50 -1.13
C GLN B 78 13.21 -0.35 -1.04
N LEU B 79 12.44 -0.39 -2.12
CA LEU B 79 11.22 -1.18 -2.14
C LEU B 79 11.49 -2.65 -1.82
N HIS B 80 12.48 -3.23 -2.48
CA HIS B 80 12.80 -4.62 -2.24
C HIS B 80 13.36 -4.83 -0.84
N LEU B 81 14.27 -3.95 -0.44
CA LEU B 81 14.88 -4.06 0.89
C LEU B 81 13.85 -3.85 2.00
N MET B 82 13.00 -2.85 1.86
CA MET B 82 11.98 -2.57 2.87
C MET B 82 11.02 -3.75 3.01
N THR B 83 10.59 -4.28 1.87
CA THR B 83 9.67 -5.41 1.87
C THR B 83 10.32 -6.64 2.50
N SER B 84 11.55 -6.94 2.10
CA SER B 84 12.26 -8.09 2.64
C SER B 84 12.50 -7.97 4.14
N MET B 85 12.97 -6.81 4.58
CA MET B 85 13.24 -6.60 6.01
C MET B 85 11.96 -6.76 6.83
N LEU B 86 10.89 -6.14 6.36
CA LEU B 86 9.61 -6.21 7.06
C LEU B 86 9.11 -7.65 7.12
N ALA B 87 9.17 -8.33 5.98
CA ALA B 87 8.72 -9.71 5.90
C ALA B 87 9.49 -10.58 6.88
N ARG B 88 10.79 -10.44 6.86
CA ARG B 88 11.65 -11.22 7.75
C ARG B 88 11.28 -10.97 9.21
N GLU B 89 11.08 -9.70 9.59
CA GLU B 89 10.75 -9.38 10.97
C GLU B 89 9.43 -10.05 11.37
N LEU B 90 8.44 -9.96 10.50
CA LEU B 90 7.14 -10.56 10.78
C LEU B 90 7.28 -12.08 10.84
N ILE B 91 8.06 -12.63 9.92
CA ILE B 91 8.30 -14.07 9.91
C ILE B 91 8.95 -14.49 11.23
N THR B 92 9.86 -13.66 11.73
CA THR B 92 10.50 -13.96 13.02
C THR B 92 9.43 -14.07 14.09
N GLU B 93 8.49 -13.13 14.09
CA GLU B 93 7.40 -13.15 15.06
C GLU B 93 6.58 -14.43 14.88
N LEU B 94 6.30 -14.77 13.62
CA LEU B 94 5.54 -15.99 13.33
C LEU B 94 6.27 -17.21 13.87
N ILE B 95 7.59 -17.26 13.68
CA ILE B 95 8.36 -18.38 14.19
C ILE B 95 8.28 -18.46 15.71
N GLU B 96 8.36 -17.30 16.37
CA GLU B 96 8.25 -17.27 17.83
C GLU B 96 6.90 -17.85 18.25
N LEU B 97 5.86 -17.54 17.49
CA LEU B 97 4.52 -18.05 17.79
C LEU B 97 4.52 -19.58 17.69
N HIS B 98 5.19 -20.10 16.66
CA HIS B 98 5.27 -21.55 16.50
C HIS B 98 5.89 -22.17 17.75
N GLU B 99 6.90 -21.48 18.28
CA GLU B 99 7.55 -21.95 19.50
C GLU B 99 6.58 -21.94 20.66
N LYS B 100 5.77 -20.88 20.77
CA LYS B 100 4.79 -20.80 21.84
C LYS B 100 3.72 -21.88 21.65
N LEU B 101 3.39 -22.19 20.39
CA LEU B 101 2.42 -23.25 20.11
C LEU B 101 2.96 -24.60 20.58
N LYS B 102 4.13 -24.57 21.21
CA LYS B 102 4.77 -25.78 21.72
C LYS B 102 5.49 -26.51 20.59
N ALA B 103 4.71 -26.92 19.58
CA ALA B 103 5.25 -27.67 18.43
C ALA B 103 6.64 -27.19 18.04
N ALA C 1 11.12 19.25 -2.05
CA ALA C 1 11.16 20.74 -1.98
C ALA C 1 10.96 21.17 -0.54
N GLU C 2 11.18 22.45 -0.27
CA GLU C 2 11.04 23.02 1.08
C GLU C 2 10.10 22.22 1.98
N GLU C 3 8.81 22.51 1.89
CA GLU C 3 7.83 21.81 2.71
C GLU C 3 7.73 20.34 2.34
N LEU C 4 7.37 20.07 1.08
CA LEU C 4 7.24 18.68 0.63
C LEU C 4 8.38 17.80 1.16
N GLU C 5 9.60 18.32 1.11
CA GLU C 5 10.76 17.57 1.58
C GLU C 5 10.74 17.43 3.10
N GLU C 6 10.47 18.53 3.78
CA GLU C 6 10.41 18.52 5.24
C GLU C 6 9.19 17.70 5.68
N VAL C 7 8.12 17.78 4.89
CA VAL C 7 6.90 17.04 5.17
C VAL C 7 7.17 15.53 5.06
N VAL C 8 7.92 15.14 4.03
CA VAL C 8 8.27 13.74 3.83
C VAL C 8 9.06 13.24 5.04
N MET C 9 10.02 14.04 5.50
CA MET C 9 10.80 13.67 6.66
C MET C 9 9.87 13.40 7.84
N GLY C 10 8.88 14.29 8.01
CA GLY C 10 7.91 14.13 9.08
C GLY C 10 7.12 12.84 8.88
N LEU C 11 6.71 12.59 7.65
CA LEU C 11 5.94 11.37 7.33
C LEU C 11 6.79 10.14 7.59
N ILE C 12 8.05 10.18 7.18
CA ILE C 12 8.94 9.04 7.37
C ILE C 12 9.11 8.78 8.87
N ILE C 13 9.32 9.87 9.61
CA ILE C 13 9.47 9.76 11.06
C ILE C 13 8.16 9.23 11.66
N ASN C 14 7.05 9.81 11.22
CA ASN C 14 5.73 9.40 11.72
C ASN C 14 5.50 7.92 11.43
N SER C 15 5.79 7.51 10.19
CA SER C 15 5.63 6.11 9.81
C SER C 15 6.52 5.24 10.68
N GLY C 16 7.76 5.70 10.90
CA GLY C 16 8.70 4.95 11.73
C GLY C 16 8.18 4.84 13.16
N GLN C 17 7.67 5.95 13.70
CA GLN C 17 7.13 5.92 15.06
C GLN C 17 5.95 4.97 15.12
N ALA C 18 5.12 5.01 14.08
CA ALA C 18 3.96 4.14 14.02
C ALA C 18 4.38 2.67 14.15
N ARG C 19 5.36 2.27 13.33
CA ARG C 19 5.84 0.91 13.40
C ARG C 19 6.41 0.63 14.79
N SER C 20 7.21 1.57 15.28
CA SER C 20 7.81 1.41 16.60
C SER C 20 6.73 1.13 17.65
N LEU C 21 5.66 1.92 17.61
CA LEU C 21 4.56 1.74 18.54
C LEU C 21 3.92 0.37 18.33
N ALA C 22 3.73 0.00 17.06
CA ALA C 22 3.13 -1.29 16.73
C ALA C 22 3.96 -2.44 17.33
N TYR C 23 5.27 -2.43 17.07
CA TYR C 23 6.14 -3.47 17.64
C TYR C 23 6.05 -3.45 19.16
N ALA C 24 6.03 -2.24 19.72
CA ALA C 24 5.92 -2.11 21.17
C ALA C 24 4.59 -2.72 21.62
N ALA C 25 3.54 -2.47 20.85
CA ALA C 25 2.23 -3.03 21.16
C ALA C 25 2.31 -4.55 21.21
N LEU C 26 3.01 -5.12 20.24
CA LEU C 26 3.19 -6.57 20.18
C LEU C 26 3.95 -7.05 21.42
N LYS C 27 4.99 -6.31 21.77
CA LYS C 27 5.79 -6.66 22.94
C LYS C 27 4.90 -6.72 24.19
N GLN C 28 3.99 -5.77 24.31
CA GLN C 28 3.06 -5.75 25.44
C GLN C 28 2.26 -7.04 25.47
N ALA C 29 1.82 -7.47 24.27
CA ALA C 29 1.05 -8.70 24.16
C ALA C 29 1.85 -9.89 24.67
N LYS C 30 3.13 -9.94 24.30
CA LYS C 30 3.99 -11.02 24.76
C LYS C 30 4.07 -11.06 26.28
N GLN C 31 3.98 -9.88 26.90
CA GLN C 31 4.04 -9.80 28.36
C GLN C 31 2.67 -10.17 28.96
N GLY C 32 1.71 -10.44 28.08
CA GLY C 32 0.36 -10.83 28.53
C GLY C 32 -0.47 -9.60 28.89
N ASP C 33 -0.04 -8.43 28.44
CA ASP C 33 -0.76 -7.18 28.70
C ASP C 33 -1.63 -6.80 27.51
N PHE C 34 -2.80 -7.41 27.42
CA PHE C 34 -3.71 -7.14 26.31
C PHE C 34 -4.22 -5.70 26.34
N ALA C 35 -4.43 -5.17 27.54
CA ALA C 35 -4.94 -3.81 27.68
C ALA C 35 -3.97 -2.79 27.08
N ALA C 36 -2.71 -2.89 27.47
CA ALA C 36 -1.71 -1.96 26.96
C ALA C 36 -1.50 -2.17 25.47
N ALA C 37 -1.55 -3.42 25.02
CA ALA C 37 -1.38 -3.71 23.60
C ALA C 37 -2.48 -3.00 22.81
N LYS C 38 -3.72 -3.21 23.22
CA LYS C 38 -4.87 -2.59 22.57
C LYS C 38 -4.72 -1.07 22.49
N ALA C 39 -4.32 -0.45 23.61
CA ALA C 39 -4.16 1.00 23.65
C ALA C 39 -3.06 1.46 22.68
N MET C 40 -1.96 0.72 22.64
CA MET C 40 -0.85 1.06 21.77
C MET C 40 -1.25 0.92 20.30
N MET C 41 -2.03 -0.11 19.99
CA MET C 41 -2.48 -0.31 18.61
C MET C 41 -3.35 0.85 18.16
N ASP C 42 -4.25 1.28 19.04
CA ASP C 42 -5.17 2.36 18.72
C ASP C 42 -4.41 3.63 18.38
N GLN C 43 -3.42 3.97 19.21
CA GLN C 43 -2.61 5.16 18.97
C GLN C 43 -1.83 5.03 17.67
N SER C 44 -1.30 3.85 17.42
CA SER C 44 -0.55 3.60 16.19
C SER C 44 -1.44 3.87 14.98
N ARG C 45 -2.67 3.32 15.03
CA ARG C 45 -3.64 3.50 13.96
C ARG C 45 -3.93 4.99 13.72
N MET C 46 -4.14 5.72 14.81
CA MET C 46 -4.43 7.15 14.72
C MET C 46 -3.26 7.89 14.08
N ALA C 47 -2.04 7.51 14.47
CA ALA C 47 -0.84 8.14 13.91
C ALA C 47 -0.78 7.91 12.40
N LEU C 48 -1.08 6.68 11.98
CA LEU C 48 -1.07 6.33 10.57
C LEU C 48 -2.17 7.06 9.82
N ASN C 49 -3.34 7.15 10.45
CA ASN C 49 -4.48 7.81 9.84
C ASN C 49 -4.14 9.27 9.52
N GLU C 50 -3.51 9.95 10.47
CA GLU C 50 -3.11 11.33 10.26
C GLU C 50 -2.06 11.41 9.16
N ALA C 51 -1.13 10.47 9.19
CA ALA C 51 -0.07 10.43 8.18
C ALA C 51 -0.67 10.15 6.80
N HIS C 52 -1.58 9.19 6.74
CA HIS C 52 -2.25 8.85 5.48
C HIS C 52 -3.02 10.05 4.94
N LEU C 53 -3.69 10.78 5.83
CA LEU C 53 -4.47 11.95 5.43
C LEU C 53 -3.56 12.98 4.76
N VAL C 54 -2.39 13.20 5.35
CA VAL C 54 -1.45 14.16 4.80
C VAL C 54 -0.99 13.67 3.43
N GLN C 55 -0.69 12.38 3.32
CA GLN C 55 -0.26 11.82 2.04
C GLN C 55 -1.38 11.99 1.00
N THR C 56 -2.62 11.74 1.41
CA THR C 56 -3.76 11.88 0.48
C THR C 56 -3.70 13.25 -0.19
N LYS C 57 -3.50 14.29 0.60
CA LYS C 57 -3.40 15.64 0.05
C LYS C 57 -2.20 15.73 -0.88
N LEU C 58 -1.11 15.09 -0.49
CA LEU C 58 0.10 15.11 -1.29
C LEU C 58 -0.08 14.35 -2.61
N ILE C 59 -1.09 13.47 -2.70
CA ILE C 59 -1.33 12.76 -3.95
C ILE C 59 -2.40 13.48 -4.79
N GLU C 60 -3.38 14.10 -4.14
CA GLU C 60 -4.43 14.83 -4.87
C GLU C 60 -3.85 16.03 -5.60
N GLY C 61 -2.89 16.71 -4.98
CA GLY C 61 -2.28 17.89 -5.57
C GLY C 61 -0.83 17.62 -5.97
N ASP C 62 -0.56 16.41 -6.41
CA ASP C 62 0.79 16.03 -6.80
C ASP C 62 1.22 16.75 -8.06
N ALA C 63 0.31 17.49 -8.68
CA ALA C 63 0.63 18.24 -9.90
C ALA C 63 1.30 19.56 -9.56
N GLY C 64 1.78 20.26 -10.59
CA GLY C 64 2.43 21.56 -10.39
C GLY C 64 3.77 21.63 -11.13
N GLU C 65 4.69 20.71 -10.81
CA GLU C 65 5.99 20.70 -11.45
C GLU C 65 5.87 20.38 -12.94
N GLY C 66 4.99 19.45 -13.27
CA GLY C 66 4.80 19.05 -14.66
C GLY C 66 3.45 18.36 -14.86
N LYS C 67 3.12 18.09 -16.11
CA LYS C 67 1.85 17.44 -16.43
C LYS C 67 1.83 16.00 -15.92
N MET C 68 2.44 15.10 -16.70
CA MET C 68 2.48 13.68 -16.36
C MET C 68 3.31 13.38 -15.12
N LYS C 69 4.45 14.07 -14.97
CA LYS C 69 5.34 13.83 -13.84
C LYS C 69 4.79 14.36 -12.52
N VAL C 70 5.20 13.71 -11.43
CA VAL C 70 4.76 14.07 -10.08
C VAL C 70 5.96 14.16 -9.13
N SER C 71 5.72 14.64 -7.91
CA SER C 71 6.80 14.75 -6.93
C SER C 71 7.42 13.38 -6.68
N LEU C 72 8.74 13.30 -6.77
CA LEU C 72 9.45 12.03 -6.61
C LEU C 72 9.31 11.48 -5.19
N VAL C 73 9.40 12.39 -4.22
CA VAL C 73 9.33 12.04 -2.80
C VAL C 73 8.00 11.37 -2.44
N LEU C 74 6.99 11.51 -3.28
CA LEU C 74 5.72 10.85 -3.00
C LEU C 74 5.91 9.36 -2.77
N VAL C 75 6.84 8.79 -3.54
CA VAL C 75 7.16 7.38 -3.44
C VAL C 75 7.75 7.10 -2.06
N HIS C 76 8.75 7.94 -1.55
CA HIS C 76 9.36 7.74 -0.25
C HIS C 76 8.30 7.71 0.84
N ALA C 77 7.37 8.67 0.78
CA ALA C 77 6.31 8.74 1.77
C ALA C 77 5.36 7.55 1.63
N GLN C 78 5.02 7.21 0.39
CA GLN C 78 4.10 6.10 0.14
C GLN C 78 4.74 4.78 0.58
N LEU C 79 5.99 4.58 0.19
CA LEU C 79 6.71 3.36 0.55
C LEU C 79 6.75 3.17 2.06
N HIS C 80 7.13 4.21 2.79
CA HIS C 80 7.20 4.12 4.24
C HIS C 80 5.81 3.94 4.85
N LEU C 81 4.87 4.73 4.38
CA LEU C 81 3.50 4.67 4.89
C LEU C 81 2.85 3.31 4.59
N MET C 82 3.01 2.84 3.37
CA MET C 82 2.42 1.55 2.98
C MET C 82 3.01 0.42 3.82
N THR C 83 4.32 0.45 3.99
CA THR C 83 5.00 -0.58 4.76
C THR C 83 4.54 -0.55 6.22
N SER C 84 4.53 0.64 6.80
CA SER C 84 4.12 0.80 8.20
C SER C 84 2.67 0.37 8.42
N MET C 85 1.76 0.84 7.56
CA MET C 85 0.35 0.48 7.70
C MET C 85 0.16 -1.04 7.61
N LEU C 86 0.80 -1.65 6.63
CA LEU C 86 0.70 -3.09 6.43
C LEU C 86 1.24 -3.83 7.65
N ALA C 87 2.42 -3.42 8.10
CA ALA C 87 3.05 -4.04 9.25
C ALA C 87 2.13 -3.96 10.47
N ARG C 88 1.61 -2.77 10.71
CA ARG C 88 0.74 -2.55 11.84
C ARG C 88 -0.50 -3.47 11.77
N GLU C 89 -1.11 -3.56 10.59
CA GLU C 89 -2.29 -4.42 10.44
C GLU C 89 -1.95 -5.88 10.74
N LEU C 90 -0.82 -6.35 10.20
CA LEU C 90 -0.40 -7.72 10.44
C LEU C 90 -0.07 -7.92 11.91
N ILE C 91 0.60 -6.95 12.49
CA ILE C 91 0.95 -7.02 13.90
C ILE C 91 -0.33 -7.12 14.73
N THR C 92 -1.36 -6.39 14.32
CA THR C 92 -2.64 -6.46 15.02
C THR C 92 -3.15 -7.89 14.99
N GLU C 93 -3.06 -8.53 13.83
CA GLU C 93 -3.50 -9.92 13.70
C GLU C 93 -2.66 -10.82 14.62
N LEU C 94 -1.36 -10.56 14.63
CA LEU C 94 -0.45 -11.34 15.47
C LEU C 94 -0.84 -11.20 16.94
N ILE C 95 -1.16 -9.98 17.35
CA ILE C 95 -1.57 -9.73 18.73
C ILE C 95 -2.86 -10.51 19.05
N GLU C 96 -3.80 -10.48 18.12
CA GLU C 96 -5.05 -11.21 18.31
C GLU C 96 -4.75 -12.70 18.53
N LEU C 97 -3.78 -13.21 17.77
CA LEU C 97 -3.39 -14.61 17.91
C LEU C 97 -2.85 -14.87 19.32
N HIS C 98 -2.05 -13.94 19.83
CA HIS C 98 -1.52 -14.09 21.18
C HIS C 98 -2.68 -14.22 22.16
N GLU C 99 -3.73 -13.44 21.92
CA GLU C 99 -4.90 -13.49 22.78
C GLU C 99 -5.57 -14.87 22.68
N LYS C 100 -5.65 -15.41 21.46
CA LYS C 100 -6.25 -16.72 21.29
C LYS C 100 -5.38 -17.78 21.95
N LEU C 101 -4.05 -17.58 21.91
CA LEU C 101 -3.12 -18.52 22.55
C LEU C 101 -3.37 -18.53 24.06
N LYS C 102 -4.36 -17.76 24.51
CA LYS C 102 -4.70 -17.67 25.93
C LYS C 102 -3.78 -16.68 26.63
N ALA C 103 -2.48 -16.99 26.61
CA ALA C 103 -1.45 -16.16 27.26
C ALA C 103 -1.80 -14.67 27.21
N LYS D 1 -19.97 26.95 -1.17
CA LYS D 1 -19.08 26.05 -1.96
C LYS D 1 -19.44 24.59 -1.78
N LYS D 2 -19.77 23.94 -2.87
CA LYS D 2 -20.15 22.54 -2.84
C LYS D 2 -18.93 21.62 -2.88
N HIS D 3 -19.02 20.49 -2.19
CA HIS D 3 -17.93 19.52 -2.13
C HIS D 3 -18.12 18.37 -3.08
N ILE D 4 -17.20 18.26 -4.03
CA ILE D 4 -17.22 17.18 -4.99
C ILE D 4 -16.07 16.24 -4.61
N TYR D 5 -16.39 15.03 -4.18
CA TYR D 5 -15.38 14.06 -3.78
C TYR D 5 -15.33 12.90 -4.76
N LEU D 6 -14.13 12.60 -5.26
CA LEU D 6 -13.90 11.48 -6.19
C LEU D 6 -13.25 10.35 -5.40
N PHE D 7 -13.57 9.08 -5.75
CA PHE D 7 -12.88 7.96 -5.11
C PHE D 7 -12.21 7.04 -6.14
N CYS D 8 -11.07 6.44 -5.72
CA CYS D 8 -10.32 5.42 -6.44
C CYS D 8 -9.54 4.56 -5.46
N SER D 9 -8.64 3.68 -5.86
CA SER D 9 -8.06 2.86 -4.79
C SER D 9 -7.18 3.68 -3.87
N ALA D 10 -6.17 4.43 -4.39
CA ALA D 10 -5.26 5.14 -3.51
C ALA D 10 -5.50 6.63 -3.59
N GLY D 11 -5.96 7.11 -4.75
CA GLY D 11 -6.24 8.51 -4.96
C GLY D 11 -5.20 9.19 -5.83
N MET D 12 -4.52 8.46 -6.71
CA MET D 12 -3.49 9.08 -7.56
C MET D 12 -3.98 9.31 -8.99
N SER D 13 -4.07 8.26 -9.74
CA SER D 13 -4.49 8.37 -11.13
C SER D 13 -5.70 9.30 -11.28
N THR D 14 -6.45 9.49 -10.19
CA THR D 14 -7.62 10.37 -10.31
C THR D 14 -7.22 11.77 -9.88
N SER D 15 -6.09 11.83 -9.22
CA SER D 15 -5.48 13.09 -8.76
C SER D 15 -5.20 14.03 -9.93
N LEU D 16 -4.82 13.46 -11.06
CA LEU D 16 -4.55 14.26 -12.24
C LEU D 16 -5.88 14.86 -12.76
N LEU D 17 -6.96 14.07 -12.72
CA LEU D 17 -8.28 14.55 -13.14
C LEU D 17 -8.75 15.68 -12.19
N VAL D 18 -8.54 15.48 -10.88
CA VAL D 18 -8.91 16.50 -9.89
C VAL D 18 -8.18 17.83 -10.15
N SER D 19 -6.89 17.79 -10.47
CA SER D 19 -6.17 19.03 -10.74
C SER D 19 -6.73 19.77 -11.98
N LYS D 20 -7.12 19.03 -13.02
CA LYS D 20 -7.71 19.66 -14.20
C LYS D 20 -9.12 20.20 -13.91
N MET D 21 -9.87 19.50 -13.07
CA MET D 21 -11.22 20.00 -12.73
C MET D 21 -11.08 21.31 -11.94
N ARG D 22 -10.13 21.39 -11.02
CA ARG D 22 -9.91 22.60 -10.21
C ARG D 22 -9.56 23.79 -11.12
N ALA D 23 -8.79 23.54 -12.18
CA ALA D 23 -8.39 24.59 -13.11
C ALA D 23 -9.63 25.14 -13.81
N GLN D 24 -10.50 24.24 -14.24
CA GLN D 24 -11.72 24.61 -14.91
C GLN D 24 -12.67 25.35 -14.00
N ALA D 25 -12.80 24.88 -12.77
CA ALA D 25 -13.69 25.53 -11.80
C ALA D 25 -13.24 26.96 -11.55
N GLU D 26 -11.93 27.20 -11.60
CA GLU D 26 -11.39 28.54 -11.36
C GLU D 26 -11.65 29.43 -12.57
N LYS D 27 -11.43 28.88 -13.76
CA LYS D 27 -11.63 29.59 -14.99
C LYS D 27 -13.07 30.10 -15.12
N TYR D 28 -14.05 29.29 -14.72
CA TYR D 28 -15.48 29.69 -14.80
C TYR D 28 -16.13 30.10 -13.49
N GLU D 29 -15.33 30.35 -12.46
CA GLU D 29 -15.81 30.78 -11.15
C GLU D 29 -16.89 29.89 -10.51
N VAL D 30 -16.76 28.58 -10.66
CA VAL D 30 -17.70 27.63 -10.08
C VAL D 30 -17.27 27.48 -8.62
N PRO D 31 -18.19 27.73 -7.67
CA PRO D 31 -17.91 27.64 -6.23
C PRO D 31 -17.93 26.21 -5.68
N VAL D 32 -16.88 25.46 -6.01
CA VAL D 32 -16.75 24.08 -5.57
C VAL D 32 -15.38 23.76 -5.01
N ILE D 33 -15.35 22.75 -4.14
CA ILE D 33 -14.13 22.22 -3.55
C ILE D 33 -14.09 20.77 -4.09
N ILE D 34 -12.98 20.40 -4.71
CA ILE D 34 -12.79 19.07 -5.32
C ILE D 34 -11.61 18.31 -4.66
N GLU D 35 -11.86 17.09 -4.18
CA GLU D 35 -10.83 16.27 -3.52
C GLU D 35 -10.93 14.82 -4.00
N ALA D 36 -9.78 14.14 -4.09
CA ALA D 36 -9.71 12.73 -4.50
C ALA D 36 -9.34 11.92 -3.25
N PHE D 37 -9.93 10.74 -3.09
CA PHE D 37 -9.64 9.87 -1.95
C PHE D 37 -9.66 8.44 -2.43
N PRO D 38 -9.08 7.53 -1.64
CA PRO D 38 -9.07 6.11 -2.02
C PRO D 38 -10.49 5.61 -1.70
N GLU D 39 -10.91 4.54 -2.35
CA GLU D 39 -12.24 3.96 -2.13
C GLU D 39 -12.51 3.54 -0.69
N THR D 40 -11.46 3.29 0.09
CA THR D 40 -11.63 2.88 1.48
C THR D 40 -12.26 3.95 2.37
N LEU D 41 -12.19 5.21 1.94
CA LEU D 41 -12.77 6.32 2.70
C LEU D 41 -14.15 6.77 2.20
N ALA D 42 -14.74 6.07 1.21
CA ALA D 42 -16.05 6.45 0.63
C ALA D 42 -17.14 6.64 1.68
N GLY D 43 -17.12 5.80 2.71
CA GLY D 43 -18.13 5.91 3.75
C GLY D 43 -17.81 6.98 4.77
N GLU D 44 -16.53 7.16 5.08
CA GLU D 44 -16.15 8.15 6.07
C GLU D 44 -16.16 9.59 5.49
N LYS D 45 -15.52 9.77 4.34
CA LYS D 45 -15.46 11.08 3.70
C LYS D 45 -16.73 11.45 2.92
N GLY D 46 -17.38 10.46 2.32
CA GLY D 46 -18.60 10.70 1.55
C GLY D 46 -19.69 11.43 2.29
N GLN D 47 -19.77 11.23 3.60
CA GLN D 47 -20.79 11.89 4.43
C GLN D 47 -20.74 13.42 4.34
N ASN D 48 -19.59 13.97 3.95
CA ASN D 48 -19.43 15.41 3.87
C ASN D 48 -19.45 15.95 2.45
N ALA D 49 -19.66 15.08 1.48
CA ALA D 49 -19.67 15.54 0.10
C ALA D 49 -21.06 15.97 -0.30
N ASP D 50 -21.11 16.82 -1.31
CA ASP D 50 -22.38 17.25 -1.83
C ASP D 50 -22.73 16.32 -2.99
N VAL D 51 -21.69 15.73 -3.60
CA VAL D 51 -21.88 14.75 -4.67
C VAL D 51 -20.68 13.78 -4.61
N VAL D 52 -20.98 12.49 -4.70
CA VAL D 52 -19.97 11.44 -4.66
C VAL D 52 -19.78 10.85 -6.06
N LEU D 53 -18.55 10.92 -6.57
CA LEU D 53 -18.24 10.38 -7.88
C LEU D 53 -17.30 9.18 -7.73
N LEU D 54 -17.60 8.08 -8.42
CA LEU D 54 -16.75 6.88 -8.36
C LEU D 54 -15.96 6.73 -9.63
N GLY D 55 -14.69 6.35 -9.51
CA GLY D 55 -13.84 6.18 -10.68
C GLY D 55 -14.39 5.02 -11.49
N PRO D 56 -14.13 4.94 -12.76
CA PRO D 56 -14.66 3.84 -13.62
C PRO D 56 -14.24 2.42 -13.18
N GLN D 57 -13.07 2.31 -12.54
CA GLN D 57 -12.57 1.02 -12.08
C GLN D 57 -13.39 0.49 -10.90
N ILE D 58 -14.04 1.38 -10.15
CA ILE D 58 -14.82 0.94 -9.01
C ILE D 58 -16.34 1.02 -9.23
N ALA D 59 -16.75 0.99 -10.49
CA ALA D 59 -18.17 1.04 -10.83
C ALA D 59 -18.94 -0.11 -10.19
N TYR D 60 -18.34 -1.30 -10.13
CA TYR D 60 -19.04 -2.44 -9.55
C TYR D 60 -19.46 -2.21 -8.09
N MET D 61 -18.84 -1.23 -7.44
CA MET D 61 -19.15 -0.89 -6.05
C MET D 61 -20.33 0.08 -5.87
N LEU D 62 -20.89 0.58 -6.97
CA LEU D 62 -21.99 1.54 -6.90
C LEU D 62 -23.13 1.19 -5.93
N PRO D 63 -23.73 -0.02 -6.05
CA PRO D 63 -24.82 -0.37 -5.12
C PRO D 63 -24.43 -0.30 -3.65
N GLU D 64 -23.22 -0.72 -3.30
CA GLU D 64 -22.77 -0.68 -1.91
C GLU D 64 -22.60 0.74 -1.42
N ILE D 65 -22.02 1.59 -2.25
CA ILE D 65 -21.83 2.99 -1.85
C ILE D 65 -23.16 3.74 -1.71
N GLN D 66 -24.12 3.42 -2.59
CA GLN D 66 -25.46 4.00 -2.52
C GLN D 66 -26.13 3.64 -1.18
N ARG D 67 -26.00 2.39 -0.73
CA ARG D 67 -26.60 1.98 0.55
C ARG D 67 -25.89 2.63 1.74
N LEU D 68 -24.60 2.88 1.59
CA LEU D 68 -23.77 3.49 2.64
C LEU D 68 -24.11 4.97 2.82
N LEU D 69 -24.39 5.65 1.70
CA LEU D 69 -24.73 7.09 1.68
C LEU D 69 -26.11 7.27 1.01
N PRO D 70 -27.20 6.87 1.69
CA PRO D 70 -28.55 6.99 1.13
C PRO D 70 -29.03 8.44 0.93
N ASN D 71 -28.35 9.38 1.56
CA ASN D 71 -28.75 10.79 1.44
C ASN D 71 -27.82 11.63 0.57
N LYS D 72 -27.08 10.99 -0.33
CA LYS D 72 -26.14 11.69 -1.21
C LYS D 72 -26.26 11.20 -2.63
N PRO D 73 -26.13 12.10 -3.63
CA PRO D 73 -26.21 11.62 -5.02
C PRO D 73 -24.85 10.97 -5.27
N VAL D 74 -24.87 9.73 -5.75
CA VAL D 74 -23.64 8.96 -6.02
C VAL D 74 -23.64 8.48 -7.46
N GLU D 75 -22.58 8.72 -8.19
CA GLU D 75 -22.53 8.22 -9.55
C GLU D 75 -21.13 7.95 -10.07
N VAL D 76 -21.06 7.12 -11.10
CA VAL D 76 -19.80 6.72 -11.71
C VAL D 76 -19.40 7.72 -12.78
N ILE D 77 -18.11 8.03 -12.84
CA ILE D 77 -17.58 8.96 -13.83
C ILE D 77 -17.54 8.27 -15.17
N ASP D 78 -17.96 8.97 -16.21
CA ASP D 78 -17.94 8.40 -17.55
C ASP D 78 -16.51 7.95 -17.89
N SER D 79 -16.33 6.69 -18.28
CA SER D 79 -14.99 6.17 -18.58
C SER D 79 -14.18 6.90 -19.65
N LEU D 80 -14.87 7.44 -20.65
CA LEU D 80 -14.19 8.17 -21.73
C LEU D 80 -13.73 9.53 -21.23
N LEU D 81 -14.58 10.18 -20.45
CA LEU D 81 -14.26 11.49 -19.90
C LEU D 81 -13.10 11.33 -18.94
N TYR D 82 -13.10 10.21 -18.22
CA TYR D 82 -12.04 9.90 -17.25
C TYR D 82 -10.71 9.58 -17.95
N GLY D 83 -10.75 8.68 -18.92
CA GLY D 83 -9.54 8.32 -19.64
C GLY D 83 -8.87 9.50 -20.31
N LYS D 84 -9.68 10.37 -20.87
CA LYS D 84 -9.22 11.56 -21.59
C LYS D 84 -8.79 12.70 -20.65
N VAL D 85 -9.07 12.52 -19.35
CA VAL D 85 -8.77 13.52 -18.31
C VAL D 85 -9.47 14.86 -18.61
N ASP D 86 -10.76 14.77 -18.94
CA ASP D 86 -11.57 15.95 -19.28
C ASP D 86 -12.09 16.63 -18.03
N GLY D 87 -11.29 17.56 -17.51
CA GLY D 87 -11.64 18.31 -16.31
C GLY D 87 -12.94 19.07 -16.45
N LEU D 88 -13.16 19.73 -17.60
CA LEU D 88 -14.39 20.49 -17.80
C LEU D 88 -15.63 19.58 -17.87
N GLY D 89 -15.50 18.50 -18.64
CA GLY D 89 -16.59 17.56 -18.81
C GLY D 89 -17.07 16.91 -17.53
N VAL D 90 -16.12 16.49 -16.69
CA VAL D 90 -16.48 15.84 -15.42
C VAL D 90 -17.04 16.88 -14.45
N LEU D 91 -16.47 18.08 -14.49
CA LEU D 91 -16.97 19.15 -13.63
C LEU D 91 -18.46 19.39 -14.00
N LYS D 92 -18.76 19.42 -15.30
CA LYS D 92 -20.15 19.61 -15.75
C LYS D 92 -21.09 18.52 -15.24
N ALA D 93 -20.64 17.27 -15.30
CA ALA D 93 -21.47 16.14 -14.85
C ALA D 93 -21.76 16.21 -13.35
N ALA D 94 -20.78 16.72 -12.60
CA ALA D 94 -20.90 16.82 -11.15
C ALA D 94 -21.90 17.90 -10.75
N VAL D 95 -21.80 19.06 -11.40
CA VAL D 95 -22.72 20.17 -11.13
C VAL D 95 -24.13 19.69 -11.49
N ALA D 96 -24.25 18.98 -12.61
CA ALA D 96 -25.54 18.45 -13.04
C ALA D 96 -26.13 17.51 -11.99
N ALA D 97 -25.33 16.57 -11.49
CA ALA D 97 -25.85 15.64 -10.49
C ALA D 97 -26.36 16.40 -9.26
N ILE D 98 -25.70 17.51 -8.93
CA ILE D 98 -26.12 18.32 -7.78
C ILE D 98 -27.46 19.01 -8.03
N LYS D 99 -27.63 19.58 -9.24
CA LYS D 99 -28.87 20.26 -9.62
C LYS D 99 -30.01 19.26 -9.71
N LYS D 100 -29.80 18.19 -10.45
CA LYS D 100 -30.83 17.18 -10.59
C LYS D 100 -31.20 16.60 -9.22
N ALA D 101 -30.34 16.79 -8.23
CA ALA D 101 -30.58 16.28 -6.88
C ALA D 101 -31.37 17.24 -6.00
N ALA D 102 -31.14 18.54 -6.18
CA ALA D 102 -31.83 19.57 -5.43
C ALA D 102 -33.22 19.88 -6.02
N ALA D 103 -33.60 19.13 -7.06
CA ALA D 103 -34.88 19.29 -7.72
C ALA D 103 -35.05 18.26 -8.85
P PO3 E . -4.85 5.43 -7.16
O1 PO3 E . -5.35 4.01 -6.95
O2 PO3 E . -4.77 6.01 -8.55
O3 PO3 E . -4.24 6.20 -6.00
N ALA A 1 0.74 7.29 -18.60
CA ALA A 1 0.24 7.59 -19.96
C ALA A 1 -1.09 6.86 -20.17
N GLU A 2 -1.77 7.18 -21.26
CA GLU A 2 -3.08 6.58 -21.60
C GLU A 2 -3.28 5.20 -20.95
N GLU A 3 -2.80 4.17 -21.63
CA GLU A 3 -2.95 2.80 -21.13
C GLU A 3 -2.16 2.60 -19.84
N LEU A 4 -0.84 2.78 -19.91
CA LEU A 4 0.01 2.60 -18.74
C LEU A 4 -0.63 3.20 -17.48
N GLU A 5 -1.21 4.38 -17.61
CA GLU A 5 -1.84 5.05 -16.47
C GLU A 5 -3.12 4.34 -16.08
N GLU A 6 -3.94 4.01 -17.07
CA GLU A 6 -5.19 3.30 -16.82
C GLU A 6 -4.88 1.88 -16.34
N VAL A 7 -3.80 1.31 -16.88
CA VAL A 7 -3.37 -0.03 -16.50
C VAL A 7 -2.93 -0.05 -15.03
N VAL A 8 -2.20 0.99 -14.63
CA VAL A 8 -1.73 1.10 -13.25
C VAL A 8 -2.95 1.16 -12.33
N MET A 9 -3.95 1.96 -12.70
CA MET A 9 -5.17 2.06 -11.90
C MET A 9 -5.77 0.67 -11.73
N GLY A 10 -5.81 -0.09 -12.82
CA GLY A 10 -6.34 -1.45 -12.77
C GLY A 10 -5.49 -2.31 -11.83
N LEU A 11 -4.17 -2.17 -11.95
CA LEU A 11 -3.26 -2.93 -11.10
C LEU A 11 -3.45 -2.56 -9.64
N ILE A 12 -3.57 -1.27 -9.37
CA ILE A 12 -3.76 -0.80 -8.00
C ILE A 12 -5.06 -1.36 -7.46
N ILE A 13 -6.11 -1.29 -8.26
CA ILE A 13 -7.40 -1.82 -7.85
C ILE A 13 -7.30 -3.33 -7.65
N ASN A 14 -6.65 -4.01 -8.60
CA ASN A 14 -6.47 -5.45 -8.53
C ASN A 14 -5.71 -5.82 -7.26
N SER A 15 -4.61 -5.11 -7.03
CA SER A 15 -3.81 -5.35 -5.83
C SER A 15 -4.65 -5.14 -4.57
N GLY A 16 -5.44 -4.06 -4.60
CA GLY A 16 -6.32 -3.75 -3.47
C GLY A 16 -7.35 -4.86 -3.26
N GLN A 17 -7.95 -5.32 -4.36
CA GLN A 17 -8.94 -6.40 -4.27
C GLN A 17 -8.27 -7.65 -3.72
N ALA A 18 -7.05 -7.92 -4.18
CA ALA A 18 -6.31 -9.09 -3.72
C ALA A 18 -6.15 -9.04 -2.21
N ARG A 19 -5.70 -7.91 -1.69
CA ARG A 19 -5.55 -7.77 -0.25
C ARG A 19 -6.90 -7.95 0.43
N SER A 20 -7.91 -7.28 -0.11
CA SER A 20 -9.25 -7.36 0.44
C SER A 20 -9.68 -8.83 0.57
N LEU A 21 -9.47 -9.59 -0.49
CA LEU A 21 -9.81 -11.01 -0.48
C LEU A 21 -8.97 -11.74 0.58
N ALA A 22 -7.69 -11.40 0.63
CA ALA A 22 -6.79 -12.03 1.60
C ALA A 22 -7.30 -11.80 3.03
N TYR A 23 -7.59 -10.55 3.38
CA TYR A 23 -8.10 -10.25 4.72
C TYR A 23 -9.41 -11.00 4.93
N ALA A 24 -10.25 -11.03 3.90
CA ALA A 24 -11.51 -11.73 3.99
C ALA A 24 -11.24 -13.22 4.25
N ALA A 25 -10.23 -13.75 3.56
CA ALA A 25 -9.84 -15.14 3.75
C ALA A 25 -9.48 -15.38 5.21
N LEU A 26 -8.72 -14.46 5.78
CA LEU A 26 -8.32 -14.57 7.18
C LEU A 26 -9.56 -14.55 8.07
N LYS A 27 -10.48 -13.64 7.77
CA LYS A 27 -11.71 -13.53 8.54
C LYS A 27 -12.45 -14.87 8.56
N GLN A 28 -12.48 -15.54 7.41
CA GLN A 28 -13.15 -16.84 7.31
C GLN A 28 -12.48 -17.81 8.28
N ALA A 29 -11.15 -17.75 8.35
CA ALA A 29 -10.39 -18.62 9.24
C ALA A 29 -10.80 -18.38 10.69
N LYS A 30 -10.95 -17.12 11.05
CA LYS A 30 -11.36 -16.77 12.41
C LYS A 30 -12.72 -17.37 12.73
N GLN A 31 -13.58 -17.50 11.72
CA GLN A 31 -14.89 -18.08 11.93
C GLN A 31 -14.80 -19.60 11.96
N GLY A 32 -13.60 -20.12 11.77
CA GLY A 32 -13.37 -21.56 11.81
C GLY A 32 -13.71 -22.21 10.47
N ASP A 33 -13.83 -21.40 9.43
CA ASP A 33 -14.15 -21.90 8.09
C ASP A 33 -12.88 -22.06 7.26
N PHE A 34 -12.18 -23.18 7.47
CA PHE A 34 -10.93 -23.42 6.73
C PHE A 34 -11.18 -23.60 5.24
N ALA A 35 -12.31 -24.21 4.89
CA ALA A 35 -12.63 -24.46 3.49
C ALA A 35 -12.77 -23.14 2.72
N ALA A 36 -13.56 -22.23 3.26
CA ALA A 36 -13.76 -20.95 2.60
C ALA A 36 -12.46 -20.14 2.60
N ALA A 37 -11.70 -20.23 3.68
CA ALA A 37 -10.43 -19.52 3.75
C ALA A 37 -9.52 -19.99 2.60
N LYS A 38 -9.36 -21.30 2.49
CA LYS A 38 -8.53 -21.90 1.45
C LYS A 38 -8.96 -21.42 0.06
N ALA A 39 -10.26 -21.45 -0.21
CA ALA A 39 -10.77 -21.03 -1.51
C ALA A 39 -10.47 -19.57 -1.79
N MET A 40 -10.61 -18.74 -0.76
CA MET A 40 -10.36 -17.30 -0.90
C MET A 40 -8.88 -17.03 -1.18
N MET A 41 -7.98 -17.76 -0.50
CA MET A 41 -6.55 -17.56 -0.72
C MET A 41 -6.19 -17.92 -2.15
N ASP A 42 -6.77 -19.01 -2.65
CA ASP A 42 -6.47 -19.48 -3.99
C ASP A 42 -6.83 -18.42 -5.02
N GLN A 43 -8.03 -17.87 -4.88
CA GLN A 43 -8.48 -16.82 -5.80
C GLN A 43 -7.61 -15.59 -5.67
N SER A 44 -7.25 -15.24 -4.44
CA SER A 44 -6.40 -14.08 -4.20
C SER A 44 -5.06 -14.28 -4.91
N ARG A 45 -4.49 -15.47 -4.78
CA ARG A 45 -3.22 -15.82 -5.43
C ARG A 45 -3.32 -15.66 -6.95
N MET A 46 -4.40 -16.18 -7.51
CA MET A 46 -4.63 -16.11 -8.95
C MET A 46 -4.72 -14.65 -9.40
N ALA A 47 -5.41 -13.83 -8.62
CA ALA A 47 -5.56 -12.41 -8.94
C ALA A 47 -4.19 -11.74 -9.00
N LEU A 48 -3.35 -12.05 -8.02
CA LEU A 48 -2.00 -11.49 -7.95
C LEU A 48 -1.15 -11.98 -9.12
N ASN A 49 -1.29 -13.26 -9.41
CA ASN A 49 -0.51 -13.87 -10.48
C ASN A 49 -0.77 -13.15 -11.80
N GLU A 50 -2.04 -12.89 -12.07
CA GLU A 50 -2.41 -12.17 -13.29
C GLU A 50 -1.86 -10.75 -13.23
N ALA A 51 -1.97 -10.13 -12.05
CA ALA A 51 -1.47 -8.77 -11.87
C ALA A 51 0.06 -8.75 -12.05
N HIS A 52 0.73 -9.71 -11.44
CA HIS A 52 2.19 -9.81 -11.54
C HIS A 52 2.61 -10.01 -13.00
N LEU A 53 1.86 -10.83 -13.72
CA LEU A 53 2.16 -11.11 -15.12
C LEU A 53 2.11 -9.82 -15.93
N VAL A 54 1.08 -9.02 -15.68
CA VAL A 54 0.94 -7.75 -16.38
C VAL A 54 2.11 -6.84 -16.04
N GLN A 55 2.46 -6.79 -14.76
CA GLN A 55 3.59 -5.96 -14.34
C GLN A 55 4.88 -6.45 -15.01
N THR A 56 5.08 -7.76 -15.08
CA THR A 56 6.28 -8.32 -15.72
C THR A 56 6.46 -7.71 -17.11
N LYS A 57 5.37 -7.66 -17.88
CA LYS A 57 5.43 -7.06 -19.22
C LYS A 57 5.76 -5.59 -19.10
N LEU A 58 5.18 -4.94 -18.10
CA LEU A 58 5.43 -3.52 -17.90
C LEU A 58 6.87 -3.24 -17.48
N ILE A 59 7.58 -4.25 -16.98
CA ILE A 59 8.99 -4.06 -16.60
C ILE A 59 9.93 -4.47 -17.76
N GLU A 60 9.55 -5.49 -18.53
CA GLU A 60 10.37 -5.95 -19.66
C GLU A 60 10.46 -4.88 -20.74
N GLY A 61 9.34 -4.20 -21.01
CA GLY A 61 9.31 -3.17 -22.03
C GLY A 61 9.20 -1.78 -21.42
N ASP A 62 9.80 -1.60 -20.24
CA ASP A 62 9.75 -0.32 -19.54
C ASP A 62 10.49 0.78 -20.32
N ALA A 63 11.17 0.39 -21.40
CA ALA A 63 11.90 1.36 -22.21
C ALA A 63 10.97 2.06 -23.19
N GLY A 64 11.49 3.07 -23.89
CA GLY A 64 10.68 3.81 -24.86
C GLY A 64 10.81 5.32 -24.66
N GLU A 65 10.45 5.80 -23.47
CA GLU A 65 10.53 7.23 -23.19
C GLU A 65 11.97 7.72 -23.18
N GLY A 66 12.86 6.90 -22.64
CA GLY A 66 14.28 7.27 -22.58
C GLY A 66 15.15 6.04 -22.36
N LYS A 67 16.47 6.25 -22.44
CA LYS A 67 17.41 5.15 -22.27
C LYS A 67 17.39 4.63 -20.82
N MET A 68 18.11 5.32 -19.94
CA MET A 68 18.20 4.93 -18.54
C MET A 68 16.88 5.05 -17.79
N LYS A 69 16.13 6.12 -18.08
CA LYS A 69 14.87 6.35 -17.37
C LYS A 69 13.76 5.39 -17.80
N VAL A 70 12.84 5.14 -16.87
CA VAL A 70 11.71 4.23 -17.10
C VAL A 70 10.41 4.88 -16.65
N SER A 71 9.28 4.23 -16.95
CA SER A 71 7.98 4.77 -16.55
C SER A 71 7.94 4.91 -15.03
N LEU A 72 7.54 6.10 -14.57
CA LEU A 72 7.48 6.40 -13.14
C LEU A 72 6.43 5.55 -12.41
N VAL A 73 5.30 5.39 -13.07
CA VAL A 73 4.18 4.62 -12.52
C VAL A 73 4.55 3.16 -12.22
N LEU A 74 5.61 2.69 -12.84
CA LEU A 74 6.04 1.30 -12.61
C LEU A 74 6.21 1.02 -11.12
N VAL A 75 6.62 2.06 -10.40
CA VAL A 75 6.85 1.93 -8.97
C VAL A 75 5.50 1.85 -8.24
N HIS A 76 4.27 2.84 -8.67
CA HIS A 76 2.91 2.85 -8.07
C HIS A 76 2.32 1.45 -8.14
N ALA A 77 2.65 0.74 -9.23
CA ALA A 77 2.16 -0.62 -9.43
C ALA A 77 3.00 -1.62 -8.64
N GLN A 78 4.34 -1.48 -8.71
CA GLN A 78 5.22 -2.42 -8.02
C GLN A 78 5.00 -2.32 -6.51
N LEU A 79 4.96 -1.09 -6.01
CA LEU A 79 4.72 -0.86 -4.59
C LEU A 79 3.44 -1.54 -4.13
N HIS A 80 2.35 -1.32 -4.85
CA HIS A 80 1.08 -1.91 -4.47
C HIS A 80 1.12 -3.44 -4.62
N LEU A 81 1.65 -3.90 -5.74
CA LEU A 81 1.74 -5.34 -5.99
C LEU A 81 2.64 -6.04 -4.98
N MET A 82 3.80 -5.45 -4.70
CA MET A 82 4.74 -6.05 -3.75
C MET A 82 4.11 -6.14 -2.37
N THR A 83 3.46 -5.05 -1.96
CA THR A 83 2.81 -5.00 -0.65
C THR A 83 1.69 -6.04 -0.56
N SER A 84 0.84 -6.07 -1.58
CA SER A 84 -0.29 -7.01 -1.61
C SER A 84 0.20 -8.46 -1.60
N MET A 85 1.16 -8.78 -2.45
CA MET A 85 1.69 -10.14 -2.51
C MET A 85 2.26 -10.57 -1.18
N LEU A 86 3.07 -9.70 -0.59
CA LEU A 86 3.68 -10.00 0.70
C LEU A 86 2.61 -10.19 1.78
N ALA A 87 1.64 -9.28 1.79
CA ALA A 87 0.56 -9.36 2.76
C ALA A 87 -0.15 -10.70 2.67
N ARG A 88 -0.49 -11.10 1.47
CA ARG A 88 -1.18 -12.37 1.27
C ARG A 88 -0.35 -13.55 1.78
N GLU A 89 0.93 -13.57 1.45
CA GLU A 89 1.77 -14.67 1.88
C GLU A 89 1.79 -14.78 3.39
N LEU A 90 1.95 -13.65 4.06
CA LEU A 90 1.96 -13.64 5.51
C LEU A 90 0.58 -14.03 6.05
N ILE A 91 -0.46 -13.51 5.42
CA ILE A 91 -1.82 -13.85 5.84
C ILE A 91 -2.03 -15.35 5.69
N THR A 92 -1.50 -15.92 4.61
CA THR A 92 -1.60 -17.37 4.40
C THR A 92 -0.98 -18.10 5.59
N GLU A 93 0.20 -17.64 6.01
CA GLU A 93 0.88 -18.23 7.16
C GLU A 93 0.02 -18.08 8.40
N LEU A 94 -0.57 -16.89 8.56
CA LEU A 94 -1.43 -16.62 9.72
C LEU A 94 -2.62 -17.59 9.71
N ILE A 95 -3.20 -17.80 8.55
CA ILE A 95 -4.34 -18.73 8.44
C ILE A 95 -3.90 -20.14 8.83
N GLU A 96 -2.72 -20.56 8.36
CA GLU A 96 -2.22 -21.88 8.71
C GLU A 96 -2.08 -22.00 10.22
N LEU A 97 -1.64 -20.91 10.87
CA LEU A 97 -1.51 -20.92 12.32
C LEU A 97 -2.88 -21.12 12.98
N HIS A 98 -3.89 -20.46 12.44
CA HIS A 98 -5.25 -20.62 12.98
C HIS A 98 -5.63 -22.08 12.92
N GLU A 99 -5.25 -22.75 11.84
CA GLU A 99 -5.55 -24.17 11.68
C GLU A 99 -4.81 -24.98 12.74
N LYS A 100 -3.56 -24.62 13.01
CA LYS A 100 -2.79 -25.32 14.02
C LYS A 100 -3.39 -25.06 15.41
N LEU A 101 -3.92 -23.84 15.61
CA LEU A 101 -4.56 -23.49 16.88
C LEU A 101 -5.80 -24.37 17.09
N LYS A 102 -6.02 -25.30 16.15
CA LYS A 102 -7.18 -26.20 16.21
C LYS A 102 -8.43 -25.52 15.71
N ALA A 103 -8.82 -24.42 16.39
CA ALA A 103 -10.03 -23.67 16.04
C ALA A 103 -10.30 -23.65 14.53
N ALA B 1 22.66 3.11 -13.51
CA ALA B 1 23.97 3.34 -14.19
C ALA B 1 24.86 2.13 -13.94
N GLU B 2 26.00 2.08 -14.64
CA GLU B 2 26.95 0.97 -14.53
C GLU B 2 26.86 0.24 -13.18
N GLU B 3 27.57 0.74 -12.19
CA GLU B 3 27.58 0.13 -10.87
C GLU B 3 26.22 0.21 -10.20
N LEU B 4 25.72 1.44 -10.02
CA LEU B 4 24.42 1.61 -9.38
C LEU B 4 23.38 0.61 -9.91
N GLU B 5 23.37 0.41 -11.22
CA GLU B 5 22.42 -0.52 -11.83
C GLU B 5 22.76 -1.95 -11.47
N GLU B 6 24.03 -2.30 -11.57
CA GLU B 6 24.50 -3.63 -11.23
C GLU B 6 24.38 -3.85 -9.73
N VAL B 7 24.60 -2.79 -8.97
CA VAL B 7 24.51 -2.85 -7.52
C VAL B 7 23.05 -3.11 -7.10
N VAL B 8 22.12 -2.44 -7.77
CA VAL B 8 20.69 -2.63 -7.49
C VAL B 8 20.33 -4.08 -7.74
N MET B 9 20.80 -4.63 -8.86
CA MET B 9 20.52 -6.03 -9.18
C MET B 9 21.01 -6.91 -8.03
N GLY B 10 22.21 -6.62 -7.53
CA GLY B 10 22.75 -7.37 -6.41
C GLY B 10 21.86 -7.21 -5.19
N LEU B 11 21.44 -5.98 -4.93
CA LEU B 11 20.56 -5.70 -3.79
C LEU B 11 19.24 -6.44 -3.93
N ILE B 12 18.67 -6.41 -5.13
CA ILE B 12 17.40 -7.09 -5.38
C ILE B 12 17.57 -8.58 -5.14
N ILE B 13 18.66 -9.12 -5.68
CA ILE B 13 18.94 -10.54 -5.50
C ILE B 13 19.17 -10.83 -4.02
N ASN B 14 19.95 -9.98 -3.36
CA ASN B 14 20.24 -10.16 -1.94
C ASN B 14 18.94 -10.10 -1.13
N SER B 15 18.11 -9.11 -1.42
CA SER B 15 16.83 -8.99 -0.74
C SER B 15 15.98 -10.23 -0.97
N GLY B 16 15.99 -10.71 -2.22
CA GLY B 16 15.23 -11.91 -2.57
C GLY B 16 15.76 -13.12 -1.81
N GLN B 17 17.08 -13.25 -1.75
CA GLN B 17 17.68 -14.37 -1.03
C GLN B 17 17.31 -14.28 0.45
N ALA B 18 17.35 -13.06 0.98
CA ALA B 18 17.00 -12.84 2.37
C ALA B 18 15.60 -13.36 2.66
N ARG B 19 14.64 -12.97 1.84
CA ARG B 19 13.27 -13.44 2.02
C ARG B 19 13.24 -14.96 1.90
N SER B 20 13.90 -15.47 0.86
CA SER B 20 13.94 -16.91 0.64
C SER B 20 14.41 -17.63 1.89
N LEU B 21 15.50 -17.13 2.48
CA LEU B 21 16.04 -17.73 3.71
C LEU B 21 15.01 -17.60 4.83
N ALA B 22 14.37 -16.44 4.93
CA ALA B 22 13.37 -16.20 5.97
C ALA B 22 12.24 -17.23 5.85
N TYR B 23 11.67 -17.38 4.65
CA TYR B 23 10.60 -18.36 4.46
C TYR B 23 11.12 -19.75 4.79
N ALA B 24 12.36 -20.04 4.38
CA ALA B 24 12.95 -21.33 4.67
C ALA B 24 13.06 -21.49 6.19
N ALA B 25 13.43 -20.41 6.87
CA ALA B 25 13.53 -20.43 8.33
C ALA B 25 12.18 -20.80 8.92
N LEU B 26 11.12 -20.21 8.39
CA LEU B 26 9.78 -20.50 8.86
C LEU B 26 9.45 -21.97 8.62
N LYS B 27 9.80 -22.46 7.44
CA LYS B 27 9.55 -23.86 7.11
C LYS B 27 10.21 -24.78 8.14
N GLN B 28 11.43 -24.43 8.54
CA GLN B 28 12.13 -25.23 9.56
C GLN B 28 11.31 -25.26 10.84
N ALA B 29 10.74 -24.11 11.19
CA ALA B 29 9.91 -24.02 12.40
C ALA B 29 8.73 -24.97 12.31
N LYS B 30 8.09 -25.01 11.14
CA LYS B 30 6.95 -25.90 10.94
C LYS B 30 7.36 -27.35 11.16
N GLN B 31 8.62 -27.67 10.83
CA GLN B 31 9.10 -29.04 11.01
C GLN B 31 9.46 -29.28 12.48
N GLY B 32 9.32 -28.24 13.29
CA GLY B 32 9.63 -28.35 14.72
C GLY B 32 11.13 -28.18 14.99
N ASP B 33 11.86 -27.66 14.00
CA ASP B 33 13.29 -27.46 14.14
C ASP B 33 13.60 -26.02 14.53
N PHE B 34 13.47 -25.71 15.81
CA PHE B 34 13.73 -24.34 16.29
C PHE B 34 15.18 -23.94 16.10
N ALA B 35 16.09 -24.90 16.27
CA ALA B 35 17.52 -24.60 16.15
C ALA B 35 17.86 -24.12 14.74
N ALA B 36 17.43 -24.87 13.74
CA ALA B 36 17.71 -24.50 12.36
C ALA B 36 16.98 -23.20 12.01
N ALA B 37 15.77 -23.03 12.51
CA ALA B 37 15.03 -21.80 12.24
C ALA B 37 15.82 -20.61 12.74
N LYS B 38 16.23 -20.68 14.02
CA LYS B 38 17.01 -19.60 14.63
C LYS B 38 18.27 -19.27 13.81
N ALA B 39 18.99 -20.29 13.40
CA ALA B 39 20.21 -20.10 12.61
C ALA B 39 19.91 -19.41 11.28
N MET B 40 18.83 -19.82 10.64
CA MET B 40 18.44 -19.26 9.36
C MET B 40 18.05 -17.78 9.51
N MET B 41 17.32 -17.45 10.57
CA MET B 41 16.92 -16.06 10.78
C MET B 41 18.15 -15.17 10.97
N ASP B 42 19.12 -15.68 11.73
CA ASP B 42 20.33 -14.93 12.01
C ASP B 42 21.06 -14.57 10.73
N GLN B 43 21.21 -15.58 9.86
CA GLN B 43 21.88 -15.36 8.59
C GLN B 43 21.08 -14.40 7.72
N SER B 44 19.76 -14.54 7.73
CA SER B 44 18.91 -13.65 6.95
C SER B 44 19.13 -12.20 7.41
N ARG B 45 19.14 -12.00 8.73
CA ARG B 45 19.35 -10.68 9.30
C ARG B 45 20.69 -10.09 8.83
N MET B 46 21.74 -10.90 8.89
CA MET B 46 23.07 -10.45 8.49
C MET B 46 23.05 -10.04 7.02
N ALA B 47 22.37 -10.84 6.20
CA ALA B 47 22.27 -10.53 4.77
C ALA B 47 21.58 -9.19 4.56
N LEU B 48 20.50 -8.97 5.31
CA LEU B 48 19.75 -7.72 5.21
C LEU B 48 20.59 -6.55 5.72
N ASN B 49 21.30 -6.78 6.81
CA ASN B 49 22.13 -5.75 7.40
C ASN B 49 23.18 -5.26 6.40
N GLU B 50 23.83 -6.19 5.73
CA GLU B 50 24.82 -5.83 4.72
C GLU B 50 24.17 -5.10 3.57
N ALA B 51 23.00 -5.58 3.17
CA ALA B 51 22.25 -4.96 2.08
C ALA B 51 21.83 -3.54 2.48
N HIS B 52 21.32 -3.41 3.70
CA HIS B 52 20.88 -2.11 4.21
C HIS B 52 22.06 -1.13 4.27
N LEU B 53 23.22 -1.64 4.69
CA LEU B 53 24.42 -0.80 4.79
C LEU B 53 24.77 -0.23 3.41
N VAL B 54 24.71 -1.09 2.40
CA VAL B 54 25.03 -0.66 1.04
C VAL B 54 24.01 0.40 0.61
N GLN B 55 22.73 0.16 0.90
CA GLN B 55 21.70 1.13 0.53
C GLN B 55 21.96 2.45 1.25
N THR B 56 22.32 2.39 2.54
CA THR B 56 22.60 3.61 3.30
C THR B 56 23.57 4.50 2.53
N LYS B 57 24.65 3.90 2.04
CA LYS B 57 25.62 4.66 1.25
C LYS B 57 24.97 5.20 -0.01
N LEU B 58 24.12 4.39 -0.61
CA LEU B 58 23.44 4.78 -1.84
C LEU B 58 22.45 5.93 -1.59
N ILE B 59 22.02 6.12 -0.32
CA ILE B 59 21.11 7.23 -0.01
C ILE B 59 21.88 8.48 0.45
N GLU B 60 23.00 8.27 1.16
CA GLU B 60 23.81 9.39 1.64
C GLU B 60 24.42 10.17 0.46
N GLY B 61 24.86 9.43 -0.55
CA GLY B 61 25.49 10.05 -1.72
C GLY B 61 24.59 9.96 -2.95
N ASP B 62 23.28 10.02 -2.73
CA ASP B 62 22.32 9.93 -3.82
C ASP B 62 22.41 11.14 -4.77
N ALA B 63 23.21 12.12 -4.40
CA ALA B 63 23.36 13.32 -5.23
C ALA B 63 24.37 13.07 -6.34
N GLY B 64 24.50 14.03 -7.26
CA GLY B 64 25.44 13.90 -8.37
C GLY B 64 24.78 14.23 -9.71
N GLU B 65 23.73 13.48 -10.05
CA GLU B 65 23.03 13.70 -11.32
C GLU B 65 22.34 15.07 -11.33
N GLY B 66 21.76 15.45 -10.20
CA GLY B 66 21.07 16.73 -10.11
C GLY B 66 20.91 17.16 -8.66
N LYS B 67 20.42 18.38 -8.47
CA LYS B 67 20.23 18.92 -7.13
C LYS B 67 19.13 18.16 -6.38
N MET B 68 17.88 18.54 -6.66
CA MET B 68 16.72 17.93 -6.01
C MET B 68 16.52 16.47 -6.40
N LYS B 69 16.75 16.13 -7.66
CA LYS B 69 16.54 14.76 -8.14
C LYS B 69 17.62 13.80 -7.64
N VAL B 70 17.22 12.52 -7.52
CA VAL B 70 18.11 11.47 -7.05
C VAL B 70 18.02 10.24 -7.98
N SER B 71 18.89 9.26 -7.76
CA SER B 71 18.88 8.05 -8.59
C SER B 71 17.52 7.37 -8.49
N LEU B 72 16.93 7.04 -9.64
CA LEU B 72 15.60 6.45 -9.66
C LEU B 72 15.59 5.04 -9.04
N VAL B 73 16.65 4.30 -9.35
CA VAL B 73 16.80 2.93 -8.88
C VAL B 73 16.83 2.84 -7.34
N LEU B 74 17.10 3.95 -6.68
CA LEU B 74 17.14 3.96 -5.22
C LEU B 74 15.84 3.42 -4.64
N VAL B 75 14.74 3.78 -5.27
CA VAL B 75 13.43 3.34 -4.84
C VAL B 75 13.32 1.82 -5.05
N HIS B 76 13.79 1.27 -6.27
CA HIS B 76 13.74 -0.16 -6.54
C HIS B 76 14.44 -0.95 -5.44
N ALA B 77 15.62 -0.49 -5.05
CA ALA B 77 16.38 -1.15 -4.00
C ALA B 77 15.68 -0.99 -2.65
N GLN B 78 15.17 0.21 -2.40
CA GLN B 78 14.49 0.47 -1.13
C GLN B 78 13.22 -0.36 -1.03
N LEU B 79 12.44 -0.39 -2.12
CA LEU B 79 11.22 -1.18 -2.14
C LEU B 79 11.49 -2.65 -1.82
N HIS B 80 12.48 -3.23 -2.48
CA HIS B 80 12.80 -4.62 -2.24
C HIS B 80 13.36 -4.83 -0.84
N LEU B 81 14.27 -3.95 -0.44
CA LEU B 81 14.88 -4.06 0.89
C LEU B 81 13.85 -3.85 2.00
N MET B 82 13.00 -2.85 1.86
CA MET B 82 11.98 -2.57 2.87
C MET B 82 11.02 -3.75 3.01
N THR B 83 10.59 -4.28 1.87
CA THR B 83 9.67 -5.41 1.87
C THR B 83 10.32 -6.64 2.50
N SER B 84 11.55 -6.94 2.10
CA SER B 84 12.26 -8.09 2.64
C SER B 84 12.50 -7.97 4.14
N MET B 85 12.97 -6.81 4.58
CA MET B 85 13.24 -6.60 6.01
C MET B 85 11.96 -6.76 6.83
N LEU B 86 10.89 -6.14 6.36
CA LEU B 86 9.61 -6.21 7.06
C LEU B 86 9.11 -7.65 7.12
N ALA B 87 9.17 -8.33 5.98
CA ALA B 87 8.72 -9.71 5.90
C ALA B 87 9.49 -10.58 6.88
N ARG B 88 10.79 -10.44 6.86
CA ARG B 88 11.65 -11.22 7.75
C ARG B 88 11.28 -10.97 9.21
N GLU B 89 11.08 -9.70 9.59
CA GLU B 89 10.75 -9.38 10.97
C GLU B 89 9.43 -10.05 11.37
N LEU B 90 8.44 -9.96 10.50
CA LEU B 90 7.14 -10.56 10.78
C LEU B 90 7.28 -12.08 10.84
N ILE B 91 8.06 -12.63 9.92
CA ILE B 91 8.30 -14.07 9.91
C ILE B 91 8.95 -14.49 11.23
N THR B 92 9.86 -13.66 11.73
CA THR B 92 10.50 -13.96 13.02
C THR B 92 9.43 -14.07 14.09
N GLU B 93 8.49 -13.13 14.09
CA GLU B 93 7.40 -13.15 15.06
C GLU B 93 6.58 -14.43 14.88
N LEU B 94 6.30 -14.77 13.62
CA LEU B 94 5.54 -15.99 13.33
C LEU B 94 6.27 -17.21 13.87
N ILE B 95 7.59 -17.26 13.68
CA ILE B 95 8.36 -18.38 14.19
C ILE B 95 8.28 -18.46 15.71
N GLU B 96 8.36 -17.30 16.37
CA GLU B 96 8.25 -17.27 17.83
C GLU B 96 6.90 -17.85 18.25
N LEU B 97 5.86 -17.54 17.49
CA LEU B 97 4.52 -18.05 17.79
C LEU B 97 4.52 -19.58 17.69
N HIS B 98 5.19 -20.10 16.66
CA HIS B 98 5.27 -21.55 16.50
C HIS B 98 5.89 -22.17 17.75
N GLU B 99 6.90 -21.48 18.28
CA GLU B 99 7.55 -21.95 19.50
C GLU B 99 6.58 -21.94 20.66
N LYS B 100 5.77 -20.88 20.77
CA LYS B 100 4.79 -20.80 21.84
C LYS B 100 3.72 -21.88 21.65
N LEU B 101 3.39 -22.19 20.39
CA LEU B 101 2.42 -23.25 20.11
C LEU B 101 2.96 -24.60 20.58
N LYS B 102 4.13 -24.57 21.21
CA LYS B 102 4.77 -25.78 21.72
C LYS B 102 5.49 -26.51 20.59
N ALA B 103 4.71 -26.92 19.58
CA ALA B 103 5.25 -27.67 18.43
C ALA B 103 6.64 -27.19 18.04
N ALA C 1 11.12 19.25 -2.05
CA ALA C 1 11.16 20.74 -1.98
C ALA C 1 10.96 21.17 -0.54
N GLU C 2 11.18 22.45 -0.27
CA GLU C 2 11.04 23.02 1.08
C GLU C 2 10.10 22.22 1.98
N GLU C 3 8.81 22.51 1.89
CA GLU C 3 7.83 21.81 2.71
C GLU C 3 7.73 20.34 2.34
N LEU C 4 7.37 20.07 1.08
CA LEU C 4 7.24 18.68 0.63
C LEU C 4 8.38 17.80 1.16
N GLU C 5 9.60 18.32 1.11
CA GLU C 5 10.76 17.57 1.58
C GLU C 5 10.74 17.43 3.10
N GLU C 6 10.47 18.53 3.78
CA GLU C 6 10.41 18.52 5.24
C GLU C 6 9.19 17.70 5.68
N VAL C 7 8.12 17.78 4.89
CA VAL C 7 6.90 17.04 5.17
C VAL C 7 7.17 15.53 5.06
N VAL C 8 7.92 15.14 4.03
CA VAL C 8 8.27 13.74 3.83
C VAL C 8 9.06 13.24 5.04
N MET C 9 10.02 14.04 5.50
CA MET C 9 10.80 13.67 6.66
C MET C 9 9.87 13.40 7.84
N GLY C 10 8.88 14.29 8.01
CA GLY C 10 7.91 14.13 9.08
C GLY C 10 7.12 12.84 8.88
N LEU C 11 6.71 12.59 7.65
CA LEU C 11 5.94 11.37 7.33
C LEU C 11 6.79 10.14 7.59
N ILE C 12 8.05 10.18 7.18
CA ILE C 12 8.94 9.04 7.37
C ILE C 12 9.11 8.78 8.87
N ILE C 13 9.32 9.87 9.61
CA ILE C 13 9.47 9.76 11.06
C ILE C 13 8.16 9.23 11.66
N ASN C 14 7.05 9.81 11.22
CA ASN C 14 5.73 9.40 11.72
C ASN C 14 5.50 7.92 11.43
N SER C 15 5.79 7.51 10.19
CA SER C 15 5.63 6.11 9.81
C SER C 15 6.52 5.24 10.68
N GLY C 16 7.76 5.70 10.90
CA GLY C 16 8.70 4.95 11.73
C GLY C 16 8.18 4.84 13.16
N GLN C 17 7.67 5.95 13.70
CA GLN C 17 7.13 5.92 15.06
C GLN C 17 5.95 4.97 15.12
N ALA C 18 5.12 5.01 14.08
CA ALA C 18 3.96 4.14 14.02
C ALA C 18 4.38 2.67 14.15
N ARG C 19 5.36 2.27 13.33
CA ARG C 19 5.84 0.91 13.40
C ARG C 19 6.41 0.63 14.79
N SER C 20 7.21 1.57 15.28
CA SER C 20 7.81 1.41 16.60
C SER C 20 6.73 1.13 17.65
N LEU C 21 5.66 1.92 17.61
CA LEU C 21 4.56 1.74 18.54
C LEU C 21 3.92 0.37 18.33
N ALA C 22 3.73 0.00 17.06
CA ALA C 22 3.13 -1.29 16.73
C ALA C 22 3.96 -2.44 17.33
N TYR C 23 5.27 -2.43 17.07
CA TYR C 23 6.14 -3.47 17.64
C TYR C 23 6.05 -3.45 19.16
N ALA C 24 6.03 -2.24 19.72
CA ALA C 24 5.92 -2.11 21.17
C ALA C 24 4.59 -2.72 21.62
N ALA C 25 3.54 -2.47 20.85
CA ALA C 25 2.23 -3.03 21.16
C ALA C 25 2.31 -4.55 21.21
N LEU C 26 3.01 -5.12 20.24
CA LEU C 26 3.19 -6.57 20.18
C LEU C 26 3.95 -7.05 21.42
N LYS C 27 4.99 -6.31 21.77
CA LYS C 27 5.79 -6.66 22.94
C LYS C 27 4.90 -6.72 24.19
N GLN C 28 3.99 -5.77 24.31
CA GLN C 28 3.06 -5.75 25.44
C GLN C 28 2.26 -7.04 25.47
N ALA C 29 1.82 -7.47 24.27
CA ALA C 29 1.05 -8.70 24.16
C ALA C 29 1.85 -9.89 24.67
N LYS C 30 3.13 -9.94 24.30
CA LYS C 30 3.99 -11.02 24.76
C LYS C 30 4.07 -11.06 26.28
N GLN C 31 3.98 -9.88 26.90
CA GLN C 31 4.04 -9.80 28.36
C GLN C 31 2.67 -10.17 28.96
N GLY C 32 1.71 -10.44 28.08
CA GLY C 32 0.36 -10.83 28.53
C GLY C 32 -0.47 -9.60 28.89
N ASP C 33 -0.04 -8.43 28.44
CA ASP C 33 -0.76 -7.18 28.70
C ASP C 33 -1.63 -6.80 27.51
N PHE C 34 -2.80 -7.41 27.42
CA PHE C 34 -3.71 -7.14 26.31
C PHE C 34 -4.22 -5.70 26.34
N ALA C 35 -4.43 -5.17 27.54
CA ALA C 35 -4.94 -3.81 27.68
C ALA C 35 -3.97 -2.79 27.08
N ALA C 36 -2.71 -2.89 27.47
CA ALA C 36 -1.71 -1.96 26.96
C ALA C 36 -1.50 -2.17 25.47
N ALA C 37 -1.55 -3.42 25.02
CA ALA C 37 -1.38 -3.71 23.60
C ALA C 37 -2.48 -3.00 22.81
N LYS C 38 -3.72 -3.21 23.22
CA LYS C 38 -4.87 -2.59 22.57
C LYS C 38 -4.72 -1.07 22.49
N ALA C 39 -4.32 -0.45 23.61
CA ALA C 39 -4.16 1.00 23.65
C ALA C 39 -3.06 1.46 22.68
N MET C 40 -1.96 0.72 22.64
CA MET C 40 -0.85 1.06 21.77
C MET C 40 -1.25 0.92 20.30
N MET C 41 -2.03 -0.11 19.99
CA MET C 41 -2.48 -0.31 18.61
C MET C 41 -3.35 0.85 18.16
N ASP C 42 -4.25 1.28 19.04
CA ASP C 42 -5.17 2.36 18.72
C ASP C 42 -4.41 3.63 18.38
N GLN C 43 -3.42 3.97 19.21
CA GLN C 43 -2.61 5.16 18.97
C GLN C 43 -1.83 5.03 17.67
N SER C 44 -1.30 3.85 17.42
CA SER C 44 -0.55 3.60 16.19
C SER C 44 -1.44 3.87 14.98
N ARG C 45 -2.67 3.32 15.03
CA ARG C 45 -3.64 3.50 13.96
C ARG C 45 -3.93 4.99 13.72
N MET C 46 -4.14 5.72 14.81
CA MET C 46 -4.43 7.15 14.72
C MET C 46 -3.26 7.89 14.08
N ALA C 47 -2.04 7.51 14.47
CA ALA C 47 -0.84 8.14 13.91
C ALA C 47 -0.78 7.91 12.40
N LEU C 48 -1.08 6.68 11.98
CA LEU C 48 -1.07 6.33 10.57
C LEU C 48 -2.17 7.06 9.82
N ASN C 49 -3.34 7.15 10.45
CA ASN C 49 -4.48 7.81 9.84
C ASN C 49 -4.14 9.27 9.52
N GLU C 50 -3.51 9.95 10.47
CA GLU C 50 -3.11 11.33 10.26
C GLU C 50 -2.06 11.41 9.16
N ALA C 51 -1.13 10.47 9.19
CA ALA C 51 -0.07 10.43 8.18
C ALA C 51 -0.67 10.15 6.80
N HIS C 52 -1.58 9.19 6.74
CA HIS C 52 -2.25 8.85 5.48
C HIS C 52 -3.02 10.05 4.94
N LEU C 53 -3.69 10.78 5.83
CA LEU C 53 -4.47 11.95 5.43
C LEU C 53 -3.56 12.98 4.76
N VAL C 54 -2.39 13.20 5.35
CA VAL C 54 -1.45 14.16 4.80
C VAL C 54 -0.99 13.67 3.43
N GLN C 55 -0.69 12.38 3.32
CA GLN C 55 -0.26 11.82 2.04
C GLN C 55 -1.38 11.99 1.00
N THR C 56 -2.62 11.74 1.41
CA THR C 56 -3.76 11.88 0.48
C THR C 56 -3.70 13.25 -0.19
N LYS C 57 -3.50 14.29 0.60
CA LYS C 57 -3.40 15.64 0.05
C LYS C 57 -2.20 15.73 -0.88
N LEU C 58 -1.11 15.09 -0.49
CA LEU C 58 0.10 15.11 -1.29
C LEU C 58 -0.08 14.35 -2.61
N ILE C 59 -1.09 13.47 -2.70
CA ILE C 59 -1.33 12.76 -3.95
C ILE C 59 -2.40 13.48 -4.79
N GLU C 60 -3.38 14.10 -4.14
CA GLU C 60 -4.43 14.83 -4.87
C GLU C 60 -3.85 16.03 -5.60
N GLY C 61 -2.89 16.71 -4.98
CA GLY C 61 -2.28 17.89 -5.57
C GLY C 61 -0.83 17.62 -5.97
N ASP C 62 -0.56 16.41 -6.41
CA ASP C 62 0.79 16.03 -6.80
C ASP C 62 1.22 16.75 -8.06
N ALA C 63 0.31 17.49 -8.68
CA ALA C 63 0.63 18.24 -9.90
C ALA C 63 1.30 19.56 -9.56
N GLY C 64 1.78 20.26 -10.59
CA GLY C 64 2.43 21.56 -10.39
C GLY C 64 3.77 21.63 -11.13
N GLU C 65 4.69 20.71 -10.81
CA GLU C 65 5.99 20.70 -11.45
C GLU C 65 5.87 20.38 -12.94
N GLY C 66 4.99 19.45 -13.27
CA GLY C 66 4.80 19.05 -14.66
C GLY C 66 3.45 18.36 -14.86
N LYS C 67 3.12 18.09 -16.11
CA LYS C 67 1.85 17.44 -16.43
C LYS C 67 1.83 16.00 -15.92
N MET C 68 2.44 15.10 -16.70
CA MET C 68 2.48 13.68 -16.36
C MET C 68 3.31 13.38 -15.12
N LYS C 69 4.45 14.07 -14.97
CA LYS C 69 5.34 13.83 -13.84
C LYS C 69 4.79 14.36 -12.52
N VAL C 70 5.20 13.71 -11.43
CA VAL C 70 4.76 14.07 -10.08
C VAL C 70 5.96 14.16 -9.13
N SER C 71 5.72 14.64 -7.91
CA SER C 71 6.80 14.75 -6.93
C SER C 71 7.42 13.38 -6.68
N LEU C 72 8.74 13.30 -6.77
CA LEU C 72 9.45 12.03 -6.61
C LEU C 72 9.31 11.48 -5.19
N VAL C 73 9.40 12.39 -4.22
CA VAL C 73 9.33 12.04 -2.80
C VAL C 73 8.00 11.37 -2.44
N LEU C 74 7.00 11.55 -3.27
CA LEU C 74 5.69 10.93 -3.00
C LEU C 74 5.82 9.44 -2.79
N VAL C 75 6.69 8.84 -3.58
CA VAL C 75 6.93 7.40 -3.49
C VAL C 75 7.59 7.09 -2.14
N HIS C 76 8.64 7.92 -1.69
CA HIS C 76 9.33 7.70 -0.42
C HIS C 76 8.32 7.67 0.72
N ALA C 77 7.41 8.64 0.72
CA ALA C 77 6.39 8.70 1.77
C ALA C 77 5.41 7.53 1.64
N GLN C 78 5.03 7.21 0.40
CA GLN C 78 4.10 6.11 0.17
C GLN C 78 4.74 4.79 0.59
N LEU C 79 5.99 4.58 0.19
CA LEU C 79 6.71 3.36 0.55
C LEU C 79 6.75 3.17 2.06
N HIS C 80 7.13 4.21 2.79
CA HIS C 80 7.20 4.12 4.24
C HIS C 80 5.81 3.94 4.85
N LEU C 81 4.87 4.73 4.38
CA LEU C 81 3.50 4.67 4.89
C LEU C 81 2.85 3.31 4.59
N MET C 82 3.01 2.84 3.37
CA MET C 82 2.42 1.55 2.98
C MET C 82 3.01 0.42 3.82
N THR C 83 4.32 0.45 3.99
CA THR C 83 5.00 -0.58 4.76
C THR C 83 4.54 -0.55 6.22
N SER C 84 4.53 0.64 6.80
CA SER C 84 4.12 0.80 8.20
C SER C 84 2.67 0.37 8.42
N MET C 85 1.76 0.84 7.56
CA MET C 85 0.35 0.48 7.70
C MET C 85 0.16 -1.04 7.61
N LEU C 86 0.80 -1.65 6.63
CA LEU C 86 0.70 -3.09 6.43
C LEU C 86 1.24 -3.83 7.65
N ALA C 87 2.42 -3.42 8.10
CA ALA C 87 3.05 -4.04 9.25
C ALA C 87 2.13 -3.96 10.47
N ARG C 88 1.61 -2.77 10.71
CA ARG C 88 0.74 -2.55 11.84
C ARG C 88 -0.50 -3.47 11.77
N GLU C 89 -1.11 -3.56 10.59
CA GLU C 89 -2.29 -4.42 10.44
C GLU C 89 -1.95 -5.88 10.74
N LEU C 90 -0.82 -6.35 10.20
CA LEU C 90 -0.40 -7.72 10.44
C LEU C 90 -0.07 -7.92 11.91
N ILE C 91 0.60 -6.95 12.49
CA ILE C 91 0.95 -7.02 13.90
C ILE C 91 -0.33 -7.12 14.73
N THR C 92 -1.36 -6.39 14.32
CA THR C 92 -2.64 -6.46 15.02
C THR C 92 -3.15 -7.89 14.99
N GLU C 93 -3.06 -8.53 13.83
CA GLU C 93 -3.50 -9.92 13.70
C GLU C 93 -2.66 -10.82 14.62
N LEU C 94 -1.36 -10.56 14.63
CA LEU C 94 -0.45 -11.34 15.47
C LEU C 94 -0.84 -11.20 16.94
N ILE C 95 -1.16 -9.98 17.35
CA ILE C 95 -1.57 -9.73 18.73
C ILE C 95 -2.86 -10.51 19.05
N GLU C 96 -3.80 -10.48 18.12
CA GLU C 96 -5.05 -11.21 18.31
C GLU C 96 -4.75 -12.70 18.53
N LEU C 97 -3.78 -13.21 17.77
CA LEU C 97 -3.39 -14.61 17.91
C LEU C 97 -2.85 -14.87 19.32
N HIS C 98 -2.05 -13.94 19.83
CA HIS C 98 -1.52 -14.09 21.18
C HIS C 98 -2.68 -14.22 22.16
N GLU C 99 -3.73 -13.44 21.92
CA GLU C 99 -4.90 -13.49 22.78
C GLU C 99 -5.57 -14.87 22.68
N LYS C 100 -5.65 -15.41 21.46
CA LYS C 100 -6.25 -16.72 21.29
C LYS C 100 -5.38 -17.78 21.95
N LEU C 101 -4.05 -17.58 21.91
CA LEU C 101 -3.12 -18.52 22.55
C LEU C 101 -3.37 -18.53 24.06
N LYS C 102 -4.36 -17.76 24.51
CA LYS C 102 -4.70 -17.67 25.93
C LYS C 102 -3.78 -16.68 26.63
N ALA C 103 -2.48 -16.99 26.61
CA ALA C 103 -1.45 -16.16 27.26
C ALA C 103 -1.80 -14.67 27.21
N LYS D 1 -19.97 26.95 -1.17
CA LYS D 1 -19.08 26.05 -1.96
C LYS D 1 -19.44 24.59 -1.78
N LYS D 2 -19.77 23.94 -2.87
CA LYS D 2 -20.15 22.54 -2.84
C LYS D 2 -18.93 21.62 -2.88
N HIS D 3 -19.02 20.49 -2.19
CA HIS D 3 -17.93 19.52 -2.13
C HIS D 3 -18.12 18.37 -3.08
N ILE D 4 -17.20 18.26 -4.03
CA ILE D 4 -17.22 17.18 -4.99
C ILE D 4 -16.07 16.24 -4.61
N TYR D 5 -16.39 15.03 -4.18
CA TYR D 5 -15.38 14.06 -3.78
C TYR D 5 -15.33 12.90 -4.76
N LEU D 6 -14.13 12.60 -5.26
CA LEU D 6 -13.90 11.48 -6.19
C LEU D 6 -13.25 10.35 -5.40
N PHE D 7 -13.55 9.09 -5.75
CA PHE D 7 -12.86 7.96 -5.12
C PHE D 7 -12.18 7.06 -6.16
N CYS D 8 -11.04 6.46 -5.73
CA CYS D 8 -10.27 5.45 -6.47
C CYS D 8 -9.50 4.57 -5.48
N SER D 9 -8.64 3.66 -5.88
CA SER D 9 -8.06 2.81 -4.83
C SER D 9 -7.19 3.63 -3.89
N ALA D 10 -6.20 4.39 -4.39
CA ALA D 10 -5.31 5.12 -3.50
C ALA D 10 -5.60 6.60 -3.57
N GLY D 11 -5.87 7.12 -4.76
CA GLY D 11 -6.18 8.52 -4.95
C GLY D 11 -5.15 9.22 -5.83
N MET D 12 -4.47 8.49 -6.73
CA MET D 12 -3.47 9.12 -7.58
C MET D 12 -3.98 9.33 -9.02
N SER D 13 -4.07 8.26 -9.75
CA SER D 13 -4.50 8.36 -11.15
C SER D 13 -5.71 9.29 -11.29
N THR D 14 -6.45 9.50 -10.20
CA THR D 14 -7.62 10.37 -10.31
C THR D 14 -7.22 11.77 -9.88
N SER D 15 -6.09 11.83 -9.22
CA SER D 15 -5.48 13.09 -8.76
C SER D 15 -5.20 14.03 -9.93
N LEU D 16 -4.82 13.46 -11.06
CA LEU D 16 -4.55 14.26 -12.24
C LEU D 16 -5.88 14.86 -12.76
N LEU D 17 -6.96 14.07 -12.72
CA LEU D 17 -8.28 14.55 -13.14
C LEU D 17 -8.75 15.68 -12.19
N VAL D 18 -8.54 15.48 -10.88
CA VAL D 18 -8.91 16.50 -9.89
C VAL D 18 -8.18 17.83 -10.15
N SER D 19 -6.89 17.79 -10.47
CA SER D 19 -6.17 19.03 -10.74
C SER D 19 -6.73 19.77 -11.98
N LYS D 20 -7.12 19.03 -13.02
CA LYS D 20 -7.71 19.66 -14.20
C LYS D 20 -9.12 20.20 -13.91
N MET D 21 -9.87 19.50 -13.07
CA MET D 21 -11.22 20.00 -12.73
C MET D 21 -11.08 21.31 -11.94
N ARG D 22 -10.13 21.39 -11.02
CA ARG D 22 -9.91 22.60 -10.21
C ARG D 22 -9.56 23.79 -11.12
N ALA D 23 -8.79 23.54 -12.18
CA ALA D 23 -8.39 24.59 -13.11
C ALA D 23 -9.63 25.14 -13.81
N GLN D 24 -10.50 24.24 -14.24
CA GLN D 24 -11.72 24.61 -14.91
C GLN D 24 -12.67 25.35 -14.00
N ALA D 25 -12.80 24.88 -12.77
CA ALA D 25 -13.69 25.53 -11.80
C ALA D 25 -13.24 26.96 -11.55
N GLU D 26 -11.93 27.20 -11.60
CA GLU D 26 -11.39 28.54 -11.36
C GLU D 26 -11.65 29.43 -12.57
N LYS D 27 -11.43 28.88 -13.76
CA LYS D 27 -11.63 29.59 -14.99
C LYS D 27 -13.07 30.10 -15.12
N TYR D 28 -14.05 29.29 -14.72
CA TYR D 28 -15.48 29.69 -14.80
C TYR D 28 -16.13 30.10 -13.49
N GLU D 29 -15.33 30.35 -12.46
CA GLU D 29 -15.81 30.78 -11.15
C GLU D 29 -16.89 29.89 -10.51
N VAL D 30 -16.76 28.58 -10.66
CA VAL D 30 -17.70 27.63 -10.08
C VAL D 30 -17.27 27.48 -8.62
N PRO D 31 -18.19 27.73 -7.67
CA PRO D 31 -17.91 27.64 -6.23
C PRO D 31 -17.93 26.21 -5.68
N VAL D 32 -16.88 25.46 -6.01
CA VAL D 32 -16.75 24.08 -5.57
C VAL D 32 -15.38 23.76 -5.01
N ILE D 33 -15.35 22.75 -4.14
CA ILE D 33 -14.13 22.22 -3.55
C ILE D 33 -14.09 20.77 -4.09
N ILE D 34 -12.98 20.40 -4.71
CA ILE D 34 -12.79 19.07 -5.32
C ILE D 34 -11.61 18.31 -4.66
N GLU D 35 -11.86 17.09 -4.18
CA GLU D 35 -10.83 16.27 -3.52
C GLU D 35 -10.93 14.82 -4.00
N ALA D 36 -9.78 14.14 -4.09
CA ALA D 36 -9.71 12.73 -4.50
C ALA D 36 -9.34 11.92 -3.25
N PHE D 37 -9.93 10.74 -3.09
CA PHE D 37 -9.64 9.87 -1.95
C PHE D 37 -9.66 8.44 -2.43
N PRO D 38 -9.08 7.53 -1.64
CA PRO D 38 -9.07 6.11 -2.02
C PRO D 38 -10.49 5.61 -1.70
N GLU D 39 -10.91 4.54 -2.35
CA GLU D 39 -12.24 3.96 -2.13
C GLU D 39 -12.51 3.54 -0.69
N THR D 40 -11.46 3.29 0.09
CA THR D 40 -11.63 2.88 1.48
C THR D 40 -12.26 3.95 2.37
N LEU D 41 -12.19 5.21 1.94
CA LEU D 41 -12.77 6.32 2.70
C LEU D 41 -14.15 6.77 2.20
N ALA D 42 -14.74 6.07 1.21
CA ALA D 42 -16.05 6.45 0.63
C ALA D 42 -17.14 6.64 1.68
N GLY D 43 -17.12 5.80 2.71
CA GLY D 43 -18.13 5.91 3.75
C GLY D 43 -17.81 6.98 4.77
N GLU D 44 -16.53 7.16 5.08
CA GLU D 44 -16.15 8.15 6.07
C GLU D 44 -16.16 9.59 5.49
N LYS D 45 -15.52 9.77 4.34
CA LYS D 45 -15.46 11.08 3.70
C LYS D 45 -16.73 11.45 2.92
N GLY D 46 -17.38 10.46 2.32
CA GLY D 46 -18.60 10.70 1.55
C GLY D 46 -19.69 11.43 2.29
N GLN D 47 -19.77 11.23 3.60
CA GLN D 47 -20.79 11.89 4.43
C GLN D 47 -20.74 13.42 4.34
N ASN D 48 -19.59 13.97 3.95
CA ASN D 48 -19.43 15.41 3.87
C ASN D 48 -19.45 15.95 2.45
N ALA D 49 -19.66 15.08 1.48
CA ALA D 49 -19.67 15.54 0.10
C ALA D 49 -21.06 15.97 -0.30
N ASP D 50 -21.11 16.82 -1.31
CA ASP D 50 -22.38 17.25 -1.83
C ASP D 50 -22.73 16.32 -2.99
N VAL D 51 -21.69 15.73 -3.60
CA VAL D 51 -21.88 14.75 -4.67
C VAL D 51 -20.68 13.78 -4.61
N VAL D 52 -20.98 12.49 -4.70
CA VAL D 52 -19.97 11.44 -4.66
C VAL D 52 -19.78 10.85 -6.06
N LEU D 53 -18.55 10.92 -6.57
CA LEU D 53 -18.24 10.38 -7.88
C LEU D 53 -17.30 9.18 -7.73
N LEU D 54 -17.60 8.08 -8.42
CA LEU D 54 -16.75 6.88 -8.36
C LEU D 54 -15.96 6.73 -9.63
N GLY D 55 -14.69 6.35 -9.51
CA GLY D 55 -13.84 6.18 -10.68
C GLY D 55 -14.39 5.02 -11.49
N PRO D 56 -14.13 4.94 -12.76
CA PRO D 56 -14.66 3.84 -13.62
C PRO D 56 -14.24 2.42 -13.18
N GLN D 57 -13.07 2.31 -12.54
CA GLN D 57 -12.57 1.02 -12.08
C GLN D 57 -13.39 0.49 -10.90
N ILE D 58 -14.04 1.38 -10.15
CA ILE D 58 -14.82 0.94 -9.01
C ILE D 58 -16.34 1.02 -9.23
N ALA D 59 -16.75 0.99 -10.49
CA ALA D 59 -18.17 1.04 -10.83
C ALA D 59 -18.94 -0.11 -10.19
N TYR D 60 -18.34 -1.30 -10.13
CA TYR D 60 -19.04 -2.44 -9.55
C TYR D 60 -19.46 -2.21 -8.09
N MET D 61 -18.84 -1.23 -7.44
CA MET D 61 -19.15 -0.89 -6.05
C MET D 61 -20.33 0.08 -5.87
N LEU D 62 -20.89 0.58 -6.97
CA LEU D 62 -21.99 1.54 -6.90
C LEU D 62 -23.13 1.19 -5.93
N PRO D 63 -23.73 -0.02 -6.05
CA PRO D 63 -24.82 -0.37 -5.12
C PRO D 63 -24.43 -0.30 -3.65
N GLU D 64 -23.22 -0.72 -3.30
CA GLU D 64 -22.77 -0.68 -1.91
C GLU D 64 -22.60 0.74 -1.42
N ILE D 65 -22.02 1.59 -2.25
CA ILE D 65 -21.83 2.99 -1.85
C ILE D 65 -23.16 3.74 -1.71
N GLN D 66 -24.12 3.42 -2.59
CA GLN D 66 -25.46 4.00 -2.52
C GLN D 66 -26.13 3.64 -1.18
N ARG D 67 -26.00 2.39 -0.73
CA ARG D 67 -26.60 1.98 0.55
C ARG D 67 -25.89 2.63 1.74
N LEU D 68 -24.60 2.88 1.59
CA LEU D 68 -23.77 3.49 2.64
C LEU D 68 -24.11 4.97 2.82
N LEU D 69 -24.39 5.65 1.70
CA LEU D 69 -24.73 7.09 1.68
C LEU D 69 -26.11 7.27 1.01
N PRO D 70 -27.20 6.87 1.69
CA PRO D 70 -28.55 6.99 1.13
C PRO D 70 -29.03 8.44 0.93
N ASN D 71 -28.35 9.38 1.56
CA ASN D 71 -28.75 10.79 1.44
C ASN D 71 -27.82 11.63 0.57
N LYS D 72 -27.08 10.99 -0.33
CA LYS D 72 -26.14 11.69 -1.21
C LYS D 72 -26.26 11.20 -2.63
N PRO D 73 -26.13 12.10 -3.63
CA PRO D 73 -26.21 11.62 -5.02
C PRO D 73 -24.85 10.97 -5.27
N VAL D 74 -24.87 9.73 -5.75
CA VAL D 74 -23.64 8.96 -6.02
C VAL D 74 -23.64 8.48 -7.46
N GLU D 75 -22.58 8.72 -8.19
CA GLU D 75 -22.53 8.22 -9.55
C GLU D 75 -21.13 7.95 -10.07
N VAL D 76 -21.06 7.12 -11.10
CA VAL D 76 -19.80 6.72 -11.71
C VAL D 76 -19.40 7.72 -12.78
N ILE D 77 -18.11 8.03 -12.84
CA ILE D 77 -17.58 8.96 -13.83
C ILE D 77 -17.54 8.27 -15.17
N ASP D 78 -17.96 8.97 -16.21
CA ASP D 78 -17.94 8.40 -17.55
C ASP D 78 -16.51 7.95 -17.89
N SER D 79 -16.33 6.69 -18.28
CA SER D 79 -14.99 6.17 -18.58
C SER D 79 -14.18 6.90 -19.65
N LEU D 80 -14.87 7.44 -20.65
CA LEU D 80 -14.19 8.17 -21.73
C LEU D 80 -13.73 9.53 -21.23
N LEU D 81 -14.58 10.18 -20.45
CA LEU D 81 -14.26 11.49 -19.90
C LEU D 81 -13.10 11.33 -18.94
N TYR D 82 -13.10 10.21 -18.22
CA TYR D 82 -12.04 9.90 -17.25
C TYR D 82 -10.71 9.58 -17.95
N GLY D 83 -10.75 8.68 -18.92
CA GLY D 83 -9.54 8.32 -19.64
C GLY D 83 -8.87 9.50 -20.31
N LYS D 84 -9.68 10.37 -20.87
CA LYS D 84 -9.22 11.56 -21.59
C LYS D 84 -8.79 12.70 -20.65
N VAL D 85 -9.07 12.52 -19.35
CA VAL D 85 -8.77 13.52 -18.31
C VAL D 85 -9.47 14.86 -18.61
N ASP D 86 -10.76 14.77 -18.94
CA ASP D 86 -11.57 15.95 -19.28
C ASP D 86 -12.09 16.63 -18.03
N GLY D 87 -11.29 17.56 -17.51
CA GLY D 87 -11.64 18.31 -16.31
C GLY D 87 -12.94 19.07 -16.45
N LEU D 88 -13.16 19.73 -17.60
CA LEU D 88 -14.39 20.49 -17.80
C LEU D 88 -15.63 19.58 -17.87
N GLY D 89 -15.50 18.50 -18.64
CA GLY D 89 -16.59 17.56 -18.81
C GLY D 89 -17.07 16.91 -17.53
N VAL D 90 -16.12 16.49 -16.69
CA VAL D 90 -16.48 15.84 -15.42
C VAL D 90 -17.04 16.88 -14.45
N LEU D 91 -16.47 18.08 -14.49
CA LEU D 91 -16.97 19.15 -13.63
C LEU D 91 -18.46 19.39 -14.00
N LYS D 92 -18.76 19.42 -15.30
CA LYS D 92 -20.15 19.61 -15.75
C LYS D 92 -21.09 18.52 -15.24
N ALA D 93 -20.64 17.27 -15.30
CA ALA D 93 -21.47 16.14 -14.85
C ALA D 93 -21.76 16.21 -13.35
N ALA D 94 -20.78 16.72 -12.60
CA ALA D 94 -20.90 16.82 -11.15
C ALA D 94 -21.90 17.90 -10.75
N VAL D 95 -21.80 19.06 -11.40
CA VAL D 95 -22.72 20.17 -11.13
C VAL D 95 -24.13 19.69 -11.49
N ALA D 96 -24.25 18.98 -12.61
CA ALA D 96 -25.54 18.45 -13.04
C ALA D 96 -26.13 17.51 -11.99
N ALA D 97 -25.33 16.57 -11.49
CA ALA D 97 -25.85 15.64 -10.49
C ALA D 97 -26.36 16.40 -9.26
N ILE D 98 -25.70 17.51 -8.93
CA ILE D 98 -26.12 18.32 -7.78
C ILE D 98 -27.46 19.01 -8.03
N LYS D 99 -27.63 19.58 -9.24
CA LYS D 99 -28.87 20.26 -9.62
C LYS D 99 -30.01 19.26 -9.71
N LYS D 100 -29.80 18.19 -10.45
CA LYS D 100 -30.83 17.18 -10.59
C LYS D 100 -31.20 16.60 -9.22
N ALA D 101 -30.34 16.79 -8.23
CA ALA D 101 -30.58 16.28 -6.88
C ALA D 101 -31.37 17.24 -6.00
N ALA D 102 -31.14 18.54 -6.18
CA ALA D 102 -31.83 19.57 -5.43
C ALA D 102 -33.22 19.88 -6.02
N ALA D 103 -33.60 19.13 -7.06
CA ALA D 103 -34.88 19.29 -7.72
C ALA D 103 -35.05 18.26 -8.85
P PO3 E . -4.76 5.44 -7.21
O1 PO3 E . -4.72 6.00 -8.62
O2 PO3 E . -4.15 6.21 -6.07
O3 PO3 E . -5.24 4.02 -6.97
N ALA A 1 0.74 7.29 -18.60
CA ALA A 1 0.24 7.59 -19.96
C ALA A 1 -1.09 6.86 -20.17
N GLU A 2 -1.77 7.18 -21.26
CA GLU A 2 -3.08 6.58 -21.60
C GLU A 2 -3.28 5.20 -20.95
N GLU A 3 -2.80 4.17 -21.63
CA GLU A 3 -2.95 2.80 -21.13
C GLU A 3 -2.16 2.60 -19.84
N LEU A 4 -0.84 2.78 -19.91
CA LEU A 4 0.01 2.60 -18.74
C LEU A 4 -0.63 3.20 -17.48
N GLU A 5 -1.21 4.38 -17.61
CA GLU A 5 -1.84 5.05 -16.47
C GLU A 5 -3.12 4.34 -16.08
N GLU A 6 -3.94 4.01 -17.07
CA GLU A 6 -5.19 3.30 -16.82
C GLU A 6 -4.88 1.88 -16.34
N VAL A 7 -3.80 1.31 -16.88
CA VAL A 7 -3.37 -0.03 -16.50
C VAL A 7 -2.93 -0.05 -15.03
N VAL A 8 -2.20 0.99 -14.63
CA VAL A 8 -1.73 1.10 -13.25
C VAL A 8 -2.95 1.16 -12.33
N MET A 9 -3.95 1.96 -12.70
CA MET A 9 -5.17 2.06 -11.90
C MET A 9 -5.77 0.67 -11.73
N GLY A 10 -5.81 -0.09 -12.82
CA GLY A 10 -6.34 -1.45 -12.77
C GLY A 10 -5.49 -2.31 -11.83
N LEU A 11 -4.17 -2.17 -11.95
CA LEU A 11 -3.26 -2.93 -11.10
C LEU A 11 -3.45 -2.56 -9.64
N ILE A 12 -3.57 -1.27 -9.37
CA ILE A 12 -3.76 -0.80 -8.00
C ILE A 12 -5.06 -1.36 -7.46
N ILE A 13 -6.11 -1.29 -8.26
CA ILE A 13 -7.40 -1.82 -7.85
C ILE A 13 -7.30 -3.33 -7.65
N ASN A 14 -6.65 -4.01 -8.60
CA ASN A 14 -6.47 -5.45 -8.53
C ASN A 14 -5.71 -5.82 -7.26
N SER A 15 -4.61 -5.11 -7.03
CA SER A 15 -3.81 -5.35 -5.83
C SER A 15 -4.65 -5.14 -4.57
N GLY A 16 -5.44 -4.06 -4.60
CA GLY A 16 -6.32 -3.75 -3.47
C GLY A 16 -7.35 -4.86 -3.26
N GLN A 17 -7.95 -5.32 -4.36
CA GLN A 17 -8.94 -6.40 -4.27
C GLN A 17 -8.27 -7.65 -3.72
N ALA A 18 -7.05 -7.92 -4.18
CA ALA A 18 -6.31 -9.09 -3.72
C ALA A 18 -6.15 -9.04 -2.21
N ARG A 19 -5.70 -7.91 -1.69
CA ARG A 19 -5.55 -7.77 -0.25
C ARG A 19 -6.90 -7.95 0.43
N SER A 20 -7.91 -7.28 -0.11
CA SER A 20 -9.25 -7.36 0.44
C SER A 20 -9.68 -8.83 0.57
N LEU A 21 -9.47 -9.59 -0.49
CA LEU A 21 -9.81 -11.01 -0.48
C LEU A 21 -8.97 -11.74 0.58
N ALA A 22 -7.69 -11.40 0.63
CA ALA A 22 -6.79 -12.03 1.60
C ALA A 22 -7.30 -11.80 3.03
N TYR A 23 -7.59 -10.55 3.38
CA TYR A 23 -8.10 -10.25 4.72
C TYR A 23 -9.41 -11.00 4.93
N ALA A 24 -10.25 -11.03 3.90
CA ALA A 24 -11.51 -11.73 3.99
C ALA A 24 -11.24 -13.22 4.25
N ALA A 25 -10.23 -13.75 3.56
CA ALA A 25 -9.84 -15.14 3.75
C ALA A 25 -9.48 -15.38 5.21
N LEU A 26 -8.72 -14.46 5.78
CA LEU A 26 -8.32 -14.57 7.18
C LEU A 26 -9.56 -14.55 8.07
N LYS A 27 -10.48 -13.64 7.77
CA LYS A 27 -11.71 -13.53 8.54
C LYS A 27 -12.45 -14.87 8.56
N GLN A 28 -12.48 -15.54 7.41
CA GLN A 28 -13.15 -16.84 7.31
C GLN A 28 -12.48 -17.81 8.28
N ALA A 29 -11.15 -17.75 8.35
CA ALA A 29 -10.39 -18.62 9.24
C ALA A 29 -10.80 -18.38 10.69
N LYS A 30 -10.95 -17.12 11.05
CA LYS A 30 -11.36 -16.77 12.41
C LYS A 30 -12.72 -17.37 12.73
N GLN A 31 -13.58 -17.50 11.72
CA GLN A 31 -14.89 -18.08 11.93
C GLN A 31 -14.80 -19.60 11.96
N GLY A 32 -13.60 -20.12 11.77
CA GLY A 32 -13.37 -21.56 11.81
C GLY A 32 -13.71 -22.21 10.47
N ASP A 33 -13.83 -21.40 9.43
CA ASP A 33 -14.15 -21.90 8.09
C ASP A 33 -12.88 -22.06 7.26
N PHE A 34 -12.18 -23.18 7.47
CA PHE A 34 -10.93 -23.42 6.73
C PHE A 34 -11.18 -23.60 5.24
N ALA A 35 -12.31 -24.21 4.89
CA ALA A 35 -12.63 -24.46 3.49
C ALA A 35 -12.77 -23.14 2.72
N ALA A 36 -13.56 -22.23 3.26
CA ALA A 36 -13.76 -20.95 2.60
C ALA A 36 -12.46 -20.14 2.60
N ALA A 37 -11.70 -20.23 3.68
CA ALA A 37 -10.43 -19.52 3.75
C ALA A 37 -9.52 -19.99 2.60
N LYS A 38 -9.36 -21.30 2.49
CA LYS A 38 -8.53 -21.90 1.45
C LYS A 38 -8.96 -21.42 0.06
N ALA A 39 -10.26 -21.45 -0.21
CA ALA A 39 -10.77 -21.03 -1.51
C ALA A 39 -10.47 -19.57 -1.79
N MET A 40 -10.61 -18.74 -0.76
CA MET A 40 -10.36 -17.30 -0.90
C MET A 40 -8.88 -17.03 -1.18
N MET A 41 -7.98 -17.76 -0.50
CA MET A 41 -6.55 -17.56 -0.72
C MET A 41 -6.19 -17.92 -2.15
N ASP A 42 -6.77 -19.01 -2.65
CA ASP A 42 -6.47 -19.48 -3.99
C ASP A 42 -6.83 -18.42 -5.02
N GLN A 43 -8.03 -17.87 -4.88
CA GLN A 43 -8.48 -16.82 -5.80
C GLN A 43 -7.61 -15.59 -5.67
N SER A 44 -7.25 -15.24 -4.44
CA SER A 44 -6.40 -14.08 -4.20
C SER A 44 -5.06 -14.28 -4.91
N ARG A 45 -4.49 -15.47 -4.78
CA ARG A 45 -3.22 -15.82 -5.43
C ARG A 45 -3.32 -15.66 -6.95
N MET A 46 -4.40 -16.18 -7.51
CA MET A 46 -4.63 -16.11 -8.95
C MET A 46 -4.72 -14.65 -9.40
N ALA A 47 -5.41 -13.83 -8.62
CA ALA A 47 -5.56 -12.41 -8.94
C ALA A 47 -4.19 -11.74 -9.00
N LEU A 48 -3.35 -12.05 -8.02
CA LEU A 48 -2.00 -11.49 -7.95
C LEU A 48 -1.15 -11.98 -9.12
N ASN A 49 -1.29 -13.26 -9.41
CA ASN A 49 -0.51 -13.87 -10.48
C ASN A 49 -0.77 -13.15 -11.80
N GLU A 50 -2.04 -12.89 -12.07
CA GLU A 50 -2.41 -12.17 -13.29
C GLU A 50 -1.86 -10.75 -13.23
N ALA A 51 -1.97 -10.13 -12.05
CA ALA A 51 -1.47 -8.77 -11.87
C ALA A 51 0.06 -8.75 -12.05
N HIS A 52 0.73 -9.71 -11.44
CA HIS A 52 2.19 -9.81 -11.54
C HIS A 52 2.61 -10.01 -13.00
N LEU A 53 1.86 -10.83 -13.72
CA LEU A 53 2.16 -11.11 -15.12
C LEU A 53 2.11 -9.82 -15.93
N VAL A 54 1.08 -9.02 -15.68
CA VAL A 54 0.94 -7.75 -16.38
C VAL A 54 2.11 -6.84 -16.04
N GLN A 55 2.46 -6.79 -14.76
CA GLN A 55 3.59 -5.96 -14.34
C GLN A 55 4.88 -6.45 -15.01
N THR A 56 5.08 -7.76 -15.08
CA THR A 56 6.28 -8.32 -15.72
C THR A 56 6.46 -7.71 -17.11
N LYS A 57 5.37 -7.66 -17.88
CA LYS A 57 5.43 -7.06 -19.22
C LYS A 57 5.76 -5.59 -19.10
N LEU A 58 5.18 -4.94 -18.10
CA LEU A 58 5.43 -3.52 -17.90
C LEU A 58 6.87 -3.24 -17.48
N ILE A 59 7.58 -4.25 -16.98
CA ILE A 59 8.99 -4.06 -16.60
C ILE A 59 9.93 -4.47 -17.76
N GLU A 60 9.55 -5.49 -18.53
CA GLU A 60 10.37 -5.95 -19.66
C GLU A 60 10.46 -4.88 -20.74
N GLY A 61 9.34 -4.20 -21.01
CA GLY A 61 9.31 -3.17 -22.03
C GLY A 61 9.20 -1.78 -21.42
N ASP A 62 9.80 -1.60 -20.24
CA ASP A 62 9.75 -0.32 -19.54
C ASP A 62 10.49 0.78 -20.32
N ALA A 63 11.17 0.39 -21.40
CA ALA A 63 11.90 1.36 -22.21
C ALA A 63 10.97 2.06 -23.19
N GLY A 64 11.49 3.07 -23.89
CA GLY A 64 10.68 3.81 -24.86
C GLY A 64 10.81 5.32 -24.66
N GLU A 65 10.45 5.80 -23.47
CA GLU A 65 10.53 7.23 -23.19
C GLU A 65 11.97 7.72 -23.18
N GLY A 66 12.86 6.90 -22.64
CA GLY A 66 14.28 7.27 -22.58
C GLY A 66 15.15 6.04 -22.36
N LYS A 67 16.47 6.25 -22.44
CA LYS A 67 17.41 5.15 -22.27
C LYS A 67 17.39 4.63 -20.82
N MET A 68 18.11 5.32 -19.94
CA MET A 68 18.20 4.93 -18.54
C MET A 68 16.88 5.05 -17.79
N LYS A 69 16.13 6.12 -18.08
CA LYS A 69 14.87 6.35 -17.37
C LYS A 69 13.76 5.39 -17.80
N VAL A 70 12.84 5.14 -16.87
CA VAL A 70 11.71 4.23 -17.10
C VAL A 70 10.41 4.88 -16.65
N SER A 71 9.28 4.23 -16.95
CA SER A 71 7.98 4.77 -16.55
C SER A 71 7.94 4.91 -15.03
N LEU A 72 7.54 6.10 -14.57
CA LEU A 72 7.48 6.40 -13.14
C LEU A 72 6.43 5.55 -12.41
N VAL A 73 5.30 5.39 -13.07
CA VAL A 73 4.18 4.62 -12.52
C VAL A 73 4.55 3.16 -12.22
N LEU A 74 5.65 2.70 -12.79
CA LEU A 74 6.07 1.32 -12.52
C LEU A 74 6.21 1.09 -11.02
N VAL A 75 6.59 2.17 -10.33
CA VAL A 75 6.78 2.11 -8.88
C VAL A 75 5.43 1.96 -8.20
N HIS A 76 4.16 2.93 -8.60
CA HIS A 76 2.80 2.87 -8.04
C HIS A 76 2.26 1.46 -8.14
N ALA A 77 2.63 0.76 -9.23
CA ALA A 77 2.18 -0.61 -9.44
C ALA A 77 3.03 -1.58 -8.64
N GLN A 78 4.36 -1.47 -8.72
CA GLN A 78 5.24 -2.40 -8.03
C GLN A 78 5.01 -2.31 -6.52
N LEU A 79 4.96 -1.09 -6.01
CA LEU A 79 4.72 -0.86 -4.59
C LEU A 79 3.44 -1.54 -4.13
N HIS A 80 2.35 -1.32 -4.85
CA HIS A 80 1.08 -1.91 -4.47
C HIS A 80 1.12 -3.44 -4.62
N LEU A 81 1.65 -3.90 -5.74
CA LEU A 81 1.74 -5.34 -5.99
C LEU A 81 2.64 -6.04 -4.98
N MET A 82 3.80 -5.45 -4.70
CA MET A 82 4.74 -6.05 -3.75
C MET A 82 4.11 -6.14 -2.37
N THR A 83 3.46 -5.05 -1.96
CA THR A 83 2.81 -5.00 -0.65
C THR A 83 1.69 -6.04 -0.56
N SER A 84 0.84 -6.07 -1.58
CA SER A 84 -0.29 -7.01 -1.61
C SER A 84 0.20 -8.46 -1.60
N MET A 85 1.16 -8.78 -2.45
CA MET A 85 1.69 -10.14 -2.51
C MET A 85 2.26 -10.57 -1.18
N LEU A 86 3.07 -9.70 -0.59
CA LEU A 86 3.68 -10.00 0.70
C LEU A 86 2.61 -10.19 1.78
N ALA A 87 1.64 -9.28 1.79
CA ALA A 87 0.56 -9.36 2.76
C ALA A 87 -0.15 -10.70 2.67
N ARG A 88 -0.49 -11.10 1.47
CA ARG A 88 -1.18 -12.37 1.27
C ARG A 88 -0.35 -13.55 1.78
N GLU A 89 0.93 -13.57 1.45
CA GLU A 89 1.77 -14.67 1.88
C GLU A 89 1.79 -14.78 3.39
N LEU A 90 1.95 -13.65 4.06
CA LEU A 90 1.96 -13.64 5.51
C LEU A 90 0.58 -14.03 6.05
N ILE A 91 -0.46 -13.51 5.42
CA ILE A 91 -1.82 -13.85 5.84
C ILE A 91 -2.03 -15.35 5.69
N THR A 92 -1.50 -15.92 4.61
CA THR A 92 -1.60 -17.37 4.40
C THR A 92 -0.98 -18.10 5.59
N GLU A 93 0.20 -17.64 6.01
CA GLU A 93 0.88 -18.23 7.16
C GLU A 93 0.02 -18.08 8.40
N LEU A 94 -0.57 -16.89 8.56
CA LEU A 94 -1.43 -16.62 9.72
C LEU A 94 -2.62 -17.59 9.71
N ILE A 95 -3.20 -17.80 8.55
CA ILE A 95 -4.34 -18.73 8.44
C ILE A 95 -3.90 -20.14 8.83
N GLU A 96 -2.72 -20.56 8.36
CA GLU A 96 -2.22 -21.88 8.71
C GLU A 96 -2.08 -22.00 10.22
N LEU A 97 -1.64 -20.91 10.87
CA LEU A 97 -1.51 -20.92 12.32
C LEU A 97 -2.88 -21.12 12.98
N HIS A 98 -3.89 -20.46 12.44
CA HIS A 98 -5.25 -20.62 12.98
C HIS A 98 -5.63 -22.08 12.92
N GLU A 99 -5.25 -22.75 11.84
CA GLU A 99 -5.55 -24.17 11.68
C GLU A 99 -4.81 -24.98 12.74
N LYS A 100 -3.56 -24.62 13.01
CA LYS A 100 -2.79 -25.32 14.02
C LYS A 100 -3.39 -25.06 15.41
N LEU A 101 -3.92 -23.84 15.61
CA LEU A 101 -4.56 -23.49 16.88
C LEU A 101 -5.80 -24.37 17.09
N LYS A 102 -6.02 -25.30 16.15
CA LYS A 102 -7.18 -26.20 16.21
C LYS A 102 -8.43 -25.52 15.71
N ALA A 103 -8.82 -24.42 16.39
CA ALA A 103 -10.03 -23.67 16.04
C ALA A 103 -10.30 -23.65 14.53
N ALA B 1 22.66 3.11 -13.51
CA ALA B 1 23.97 3.34 -14.19
C ALA B 1 24.86 2.13 -13.94
N GLU B 2 26.00 2.08 -14.64
CA GLU B 2 26.95 0.97 -14.53
C GLU B 2 26.86 0.24 -13.18
N GLU B 3 27.57 0.74 -12.19
CA GLU B 3 27.58 0.13 -10.87
C GLU B 3 26.22 0.21 -10.20
N LEU B 4 25.72 1.44 -10.02
CA LEU B 4 24.42 1.61 -9.38
C LEU B 4 23.38 0.61 -9.91
N GLU B 5 23.37 0.41 -11.22
CA GLU B 5 22.42 -0.52 -11.83
C GLU B 5 22.76 -1.95 -11.47
N GLU B 6 24.03 -2.30 -11.57
CA GLU B 6 24.50 -3.63 -11.23
C GLU B 6 24.38 -3.85 -9.73
N VAL B 7 24.60 -2.79 -8.97
CA VAL B 7 24.51 -2.85 -7.52
C VAL B 7 23.05 -3.11 -7.10
N VAL B 8 22.12 -2.44 -7.77
CA VAL B 8 20.69 -2.63 -7.49
C VAL B 8 20.33 -4.08 -7.74
N MET B 9 20.80 -4.63 -8.86
CA MET B 9 20.52 -6.03 -9.18
C MET B 9 21.01 -6.91 -8.03
N GLY B 10 22.21 -6.62 -7.53
CA GLY B 10 22.75 -7.37 -6.41
C GLY B 10 21.86 -7.21 -5.19
N LEU B 11 21.44 -5.98 -4.93
CA LEU B 11 20.56 -5.70 -3.79
C LEU B 11 19.24 -6.44 -3.93
N ILE B 12 18.67 -6.41 -5.13
CA ILE B 12 17.40 -7.09 -5.38
C ILE B 12 17.57 -8.58 -5.14
N ILE B 13 18.66 -9.12 -5.68
CA ILE B 13 18.94 -10.54 -5.50
C ILE B 13 19.17 -10.83 -4.02
N ASN B 14 19.95 -9.98 -3.36
CA ASN B 14 20.24 -10.16 -1.94
C ASN B 14 18.94 -10.10 -1.13
N SER B 15 18.11 -9.11 -1.42
CA SER B 15 16.83 -8.99 -0.74
C SER B 15 15.98 -10.23 -0.97
N GLY B 16 15.99 -10.71 -2.22
CA GLY B 16 15.23 -11.91 -2.57
C GLY B 16 15.76 -13.12 -1.81
N GLN B 17 17.08 -13.25 -1.75
CA GLN B 17 17.68 -14.37 -1.03
C GLN B 17 17.31 -14.28 0.45
N ALA B 18 17.35 -13.06 0.98
CA ALA B 18 17.00 -12.84 2.37
C ALA B 18 15.60 -13.36 2.66
N ARG B 19 14.64 -12.97 1.84
CA ARG B 19 13.27 -13.44 2.02
C ARG B 19 13.24 -14.96 1.90
N SER B 20 13.90 -15.47 0.86
CA SER B 20 13.94 -16.91 0.64
C SER B 20 14.41 -17.63 1.89
N LEU B 21 15.50 -17.13 2.48
CA LEU B 21 16.04 -17.73 3.71
C LEU B 21 15.01 -17.60 4.83
N ALA B 22 14.37 -16.44 4.93
CA ALA B 22 13.37 -16.20 5.97
C ALA B 22 12.24 -17.23 5.85
N TYR B 23 11.67 -17.38 4.65
CA TYR B 23 10.60 -18.36 4.46
C TYR B 23 11.12 -19.75 4.79
N ALA B 24 12.36 -20.04 4.38
CA ALA B 24 12.95 -21.33 4.67
C ALA B 24 13.06 -21.49 6.19
N ALA B 25 13.43 -20.41 6.87
CA ALA B 25 13.53 -20.43 8.33
C ALA B 25 12.18 -20.80 8.92
N LEU B 26 11.12 -20.21 8.39
CA LEU B 26 9.78 -20.50 8.86
C LEU B 26 9.45 -21.97 8.62
N LYS B 27 9.80 -22.46 7.44
CA LYS B 27 9.55 -23.86 7.11
C LYS B 27 10.21 -24.78 8.14
N GLN B 28 11.43 -24.43 8.54
CA GLN B 28 12.13 -25.23 9.56
C GLN B 28 11.31 -25.26 10.84
N ALA B 29 10.74 -24.11 11.19
CA ALA B 29 9.91 -24.02 12.40
C ALA B 29 8.73 -24.97 12.31
N LYS B 30 8.09 -25.01 11.14
CA LYS B 30 6.95 -25.90 10.94
C LYS B 30 7.36 -27.35 11.16
N GLN B 31 8.62 -27.67 10.83
CA GLN B 31 9.10 -29.04 11.01
C GLN B 31 9.46 -29.28 12.48
N GLY B 32 9.32 -28.24 13.29
CA GLY B 32 9.63 -28.35 14.72
C GLY B 32 11.13 -28.18 14.99
N ASP B 33 11.86 -27.66 14.00
CA ASP B 33 13.29 -27.46 14.14
C ASP B 33 13.60 -26.02 14.53
N PHE B 34 13.47 -25.71 15.81
CA PHE B 34 13.73 -24.34 16.29
C PHE B 34 15.18 -23.94 16.10
N ALA B 35 16.09 -24.90 16.27
CA ALA B 35 17.52 -24.60 16.15
C ALA B 35 17.86 -24.12 14.74
N ALA B 36 17.43 -24.87 13.74
CA ALA B 36 17.71 -24.50 12.36
C ALA B 36 16.98 -23.20 12.01
N ALA B 37 15.77 -23.03 12.51
CA ALA B 37 15.03 -21.80 12.24
C ALA B 37 15.82 -20.61 12.74
N LYS B 38 16.23 -20.68 14.02
CA LYS B 38 17.01 -19.60 14.63
C LYS B 38 18.27 -19.27 13.81
N ALA B 39 18.99 -20.29 13.40
CA ALA B 39 20.21 -20.10 12.61
C ALA B 39 19.91 -19.41 11.28
N MET B 40 18.83 -19.82 10.64
CA MET B 40 18.44 -19.26 9.36
C MET B 40 18.05 -17.78 9.51
N MET B 41 17.32 -17.45 10.57
CA MET B 41 16.92 -16.06 10.78
C MET B 41 18.15 -15.17 10.97
N ASP B 42 19.12 -15.68 11.73
CA ASP B 42 20.33 -14.93 12.01
C ASP B 42 21.06 -14.57 10.73
N GLN B 43 21.21 -15.58 9.86
CA GLN B 43 21.88 -15.36 8.59
C GLN B 43 21.08 -14.40 7.72
N SER B 44 19.76 -14.54 7.73
CA SER B 44 18.91 -13.65 6.95
C SER B 44 19.13 -12.20 7.41
N ARG B 45 19.14 -12.00 8.73
CA ARG B 45 19.35 -10.68 9.30
C ARG B 45 20.69 -10.09 8.83
N MET B 46 21.74 -10.90 8.89
CA MET B 46 23.07 -10.45 8.49
C MET B 46 23.05 -10.04 7.02
N ALA B 47 22.37 -10.84 6.20
CA ALA B 47 22.27 -10.53 4.77
C ALA B 47 21.58 -9.19 4.56
N LEU B 48 20.50 -8.97 5.31
CA LEU B 48 19.75 -7.72 5.21
C LEU B 48 20.59 -6.55 5.72
N ASN B 49 21.30 -6.78 6.81
CA ASN B 49 22.13 -5.75 7.40
C ASN B 49 23.18 -5.26 6.40
N GLU B 50 23.83 -6.19 5.73
CA GLU B 50 24.82 -5.83 4.72
C GLU B 50 24.17 -5.10 3.57
N ALA B 51 23.00 -5.58 3.17
CA ALA B 51 22.25 -4.96 2.08
C ALA B 51 21.83 -3.54 2.48
N HIS B 52 21.32 -3.41 3.70
CA HIS B 52 20.88 -2.11 4.21
C HIS B 52 22.06 -1.13 4.27
N LEU B 53 23.22 -1.64 4.69
CA LEU B 53 24.42 -0.80 4.79
C LEU B 53 24.77 -0.23 3.41
N VAL B 54 24.71 -1.09 2.40
CA VAL B 54 25.03 -0.66 1.04
C VAL B 54 24.01 0.40 0.61
N GLN B 55 22.73 0.16 0.90
CA GLN B 55 21.70 1.13 0.53
C GLN B 55 21.96 2.45 1.25
N THR B 56 22.32 2.39 2.54
CA THR B 56 22.60 3.61 3.30
C THR B 56 23.57 4.50 2.53
N LYS B 57 24.65 3.90 2.04
CA LYS B 57 25.62 4.66 1.25
C LYS B 57 24.97 5.20 -0.01
N LEU B 58 24.12 4.39 -0.61
CA LEU B 58 23.44 4.78 -1.84
C LEU B 58 22.45 5.93 -1.59
N ILE B 59 22.02 6.12 -0.32
CA ILE B 59 21.11 7.23 -0.01
C ILE B 59 21.88 8.48 0.45
N GLU B 60 23.00 8.27 1.16
CA GLU B 60 23.81 9.39 1.64
C GLU B 60 24.42 10.17 0.46
N GLY B 61 24.86 9.43 -0.55
CA GLY B 61 25.49 10.05 -1.72
C GLY B 61 24.59 9.96 -2.95
N ASP B 62 23.28 10.02 -2.73
CA ASP B 62 22.32 9.93 -3.82
C ASP B 62 22.41 11.14 -4.77
N ALA B 63 23.21 12.12 -4.40
CA ALA B 63 23.36 13.32 -5.23
C ALA B 63 24.37 13.07 -6.34
N GLY B 64 24.50 14.03 -7.26
CA GLY B 64 25.44 13.90 -8.37
C GLY B 64 24.78 14.23 -9.71
N GLU B 65 23.73 13.48 -10.05
CA GLU B 65 23.03 13.70 -11.32
C GLU B 65 22.34 15.07 -11.33
N GLY B 66 21.76 15.45 -10.20
CA GLY B 66 21.07 16.73 -10.11
C GLY B 66 20.91 17.16 -8.66
N LYS B 67 20.42 18.38 -8.47
CA LYS B 67 20.23 18.92 -7.13
C LYS B 67 19.13 18.16 -6.38
N MET B 68 17.88 18.54 -6.66
CA MET B 68 16.72 17.93 -6.01
C MET B 68 16.52 16.47 -6.40
N LYS B 69 16.75 16.13 -7.66
CA LYS B 69 16.54 14.76 -8.14
C LYS B 69 17.62 13.80 -7.64
N VAL B 70 17.22 12.52 -7.52
CA VAL B 70 18.11 11.47 -7.05
C VAL B 70 18.02 10.24 -7.98
N SER B 71 18.89 9.26 -7.76
CA SER B 71 18.88 8.05 -8.59
C SER B 71 17.52 7.37 -8.49
N LEU B 72 16.93 7.04 -9.64
CA LEU B 72 15.60 6.45 -9.66
C LEU B 72 15.59 5.04 -9.04
N VAL B 73 16.65 4.30 -9.35
CA VAL B 73 16.80 2.93 -8.88
C VAL B 73 16.83 2.84 -7.34
N LEU B 74 17.06 3.95 -6.67
CA LEU B 74 17.05 3.94 -5.21
C LEU B 74 15.75 3.37 -4.67
N VAL B 75 14.67 3.70 -5.39
CA VAL B 75 13.34 3.22 -5.02
C VAL B 75 13.29 1.71 -5.17
N HIS B 76 13.81 1.10 -6.35
CA HIS B 76 13.79 -0.34 -6.55
C HIS B 76 14.50 -1.06 -5.40
N ALA B 77 15.67 -0.54 -5.03
CA ALA B 77 16.43 -1.15 -3.94
C ALA B 77 15.71 -0.97 -2.61
N GLN B 78 15.18 0.23 -2.38
CA GLN B 78 14.47 0.50 -1.13
C GLN B 78 13.22 -0.36 -1.03
N LEU B 79 12.44 -0.39 -2.12
CA LEU B 79 11.22 -1.18 -2.14
C LEU B 79 11.49 -2.65 -1.82
N HIS B 80 12.48 -3.23 -2.48
CA HIS B 80 12.80 -4.62 -2.24
C HIS B 80 13.36 -4.83 -0.84
N LEU B 81 14.27 -3.95 -0.44
CA LEU B 81 14.88 -4.06 0.89
C LEU B 81 13.85 -3.85 2.00
N MET B 82 13.00 -2.85 1.86
CA MET B 82 11.98 -2.57 2.87
C MET B 82 11.02 -3.75 3.01
N THR B 83 10.59 -4.28 1.87
CA THR B 83 9.67 -5.41 1.87
C THR B 83 10.32 -6.64 2.50
N SER B 84 11.55 -6.94 2.10
CA SER B 84 12.26 -8.09 2.64
C SER B 84 12.50 -7.97 4.14
N MET B 85 12.97 -6.81 4.58
CA MET B 85 13.24 -6.60 6.01
C MET B 85 11.96 -6.76 6.83
N LEU B 86 10.89 -6.14 6.36
CA LEU B 86 9.61 -6.21 7.06
C LEU B 86 9.11 -7.65 7.12
N ALA B 87 9.17 -8.33 5.98
CA ALA B 87 8.72 -9.71 5.90
C ALA B 87 9.49 -10.58 6.88
N ARG B 88 10.79 -10.44 6.86
CA ARG B 88 11.65 -11.22 7.75
C ARG B 88 11.28 -10.97 9.21
N GLU B 89 11.08 -9.70 9.59
CA GLU B 89 10.75 -9.38 10.97
C GLU B 89 9.43 -10.05 11.37
N LEU B 90 8.44 -9.96 10.50
CA LEU B 90 7.14 -10.56 10.78
C LEU B 90 7.28 -12.08 10.84
N ILE B 91 8.06 -12.63 9.92
CA ILE B 91 8.30 -14.07 9.91
C ILE B 91 8.95 -14.49 11.23
N THR B 92 9.86 -13.66 11.73
CA THR B 92 10.50 -13.96 13.02
C THR B 92 9.43 -14.07 14.09
N GLU B 93 8.49 -13.13 14.09
CA GLU B 93 7.40 -13.15 15.06
C GLU B 93 6.58 -14.43 14.88
N LEU B 94 6.30 -14.77 13.62
CA LEU B 94 5.54 -15.99 13.33
C LEU B 94 6.27 -17.21 13.87
N ILE B 95 7.59 -17.26 13.68
CA ILE B 95 8.36 -18.38 14.19
C ILE B 95 8.28 -18.46 15.71
N GLU B 96 8.36 -17.30 16.37
CA GLU B 96 8.25 -17.27 17.83
C GLU B 96 6.90 -17.85 18.25
N LEU B 97 5.86 -17.54 17.49
CA LEU B 97 4.52 -18.05 17.79
C LEU B 97 4.52 -19.58 17.69
N HIS B 98 5.19 -20.10 16.66
CA HIS B 98 5.27 -21.55 16.50
C HIS B 98 5.89 -22.17 17.75
N GLU B 99 6.90 -21.48 18.28
CA GLU B 99 7.55 -21.95 19.50
C GLU B 99 6.58 -21.94 20.66
N LYS B 100 5.77 -20.88 20.77
CA LYS B 100 4.79 -20.80 21.84
C LYS B 100 3.72 -21.88 21.65
N LEU B 101 3.39 -22.19 20.39
CA LEU B 101 2.42 -23.25 20.11
C LEU B 101 2.96 -24.60 20.58
N LYS B 102 4.13 -24.57 21.21
CA LYS B 102 4.77 -25.78 21.72
C LYS B 102 5.49 -26.51 20.59
N ALA B 103 4.71 -26.92 19.58
CA ALA B 103 5.25 -27.67 18.43
C ALA B 103 6.64 -27.19 18.04
N ALA C 1 11.12 19.25 -2.05
CA ALA C 1 11.16 20.74 -1.98
C ALA C 1 10.96 21.17 -0.54
N GLU C 2 11.18 22.45 -0.27
CA GLU C 2 11.04 23.02 1.08
C GLU C 2 10.10 22.22 1.98
N GLU C 3 8.81 22.51 1.89
CA GLU C 3 7.83 21.81 2.71
C GLU C 3 7.73 20.34 2.34
N LEU C 4 7.37 20.07 1.08
CA LEU C 4 7.24 18.68 0.63
C LEU C 4 8.38 17.80 1.16
N GLU C 5 9.60 18.32 1.11
CA GLU C 5 10.76 17.57 1.58
C GLU C 5 10.74 17.43 3.10
N GLU C 6 10.47 18.53 3.78
CA GLU C 6 10.41 18.52 5.24
C GLU C 6 9.19 17.70 5.68
N VAL C 7 8.12 17.78 4.89
CA VAL C 7 6.90 17.04 5.17
C VAL C 7 7.17 15.53 5.06
N VAL C 8 7.92 15.14 4.03
CA VAL C 8 8.27 13.74 3.83
C VAL C 8 9.06 13.24 5.04
N MET C 9 10.02 14.04 5.50
CA MET C 9 10.80 13.67 6.66
C MET C 9 9.87 13.40 7.84
N GLY C 10 8.88 14.29 8.01
CA GLY C 10 7.91 14.13 9.08
C GLY C 10 7.12 12.84 8.88
N LEU C 11 6.71 12.59 7.65
CA LEU C 11 5.94 11.37 7.33
C LEU C 11 6.79 10.14 7.59
N ILE C 12 8.05 10.18 7.18
CA ILE C 12 8.94 9.04 7.37
C ILE C 12 9.11 8.78 8.87
N ILE C 13 9.32 9.87 9.61
CA ILE C 13 9.47 9.76 11.06
C ILE C 13 8.16 9.23 11.66
N ASN C 14 7.05 9.81 11.22
CA ASN C 14 5.73 9.40 11.72
C ASN C 14 5.50 7.92 11.43
N SER C 15 5.79 7.51 10.19
CA SER C 15 5.63 6.11 9.81
C SER C 15 6.52 5.24 10.68
N GLY C 16 7.76 5.70 10.90
CA GLY C 16 8.70 4.95 11.73
C GLY C 16 8.18 4.84 13.16
N GLN C 17 7.67 5.95 13.70
CA GLN C 17 7.13 5.92 15.06
C GLN C 17 5.95 4.97 15.12
N ALA C 18 5.12 5.01 14.08
CA ALA C 18 3.96 4.14 14.02
C ALA C 18 4.38 2.67 14.15
N ARG C 19 5.36 2.27 13.33
CA ARG C 19 5.84 0.91 13.40
C ARG C 19 6.41 0.63 14.79
N SER C 20 7.21 1.57 15.28
CA SER C 20 7.81 1.41 16.60
C SER C 20 6.73 1.13 17.65
N LEU C 21 5.66 1.92 17.61
CA LEU C 21 4.56 1.74 18.54
C LEU C 21 3.92 0.37 18.33
N ALA C 22 3.73 0.00 17.06
CA ALA C 22 3.13 -1.29 16.73
C ALA C 22 3.96 -2.44 17.33
N TYR C 23 5.27 -2.43 17.07
CA TYR C 23 6.14 -3.47 17.64
C TYR C 23 6.05 -3.45 19.16
N ALA C 24 6.03 -2.24 19.72
CA ALA C 24 5.92 -2.11 21.17
C ALA C 24 4.59 -2.72 21.62
N ALA C 25 3.54 -2.47 20.85
CA ALA C 25 2.23 -3.03 21.16
C ALA C 25 2.31 -4.55 21.21
N LEU C 26 3.01 -5.12 20.24
CA LEU C 26 3.19 -6.57 20.18
C LEU C 26 3.95 -7.05 21.42
N LYS C 27 4.99 -6.31 21.77
CA LYS C 27 5.79 -6.66 22.94
C LYS C 27 4.90 -6.72 24.19
N GLN C 28 3.99 -5.77 24.31
CA GLN C 28 3.06 -5.75 25.44
C GLN C 28 2.26 -7.04 25.47
N ALA C 29 1.82 -7.47 24.27
CA ALA C 29 1.05 -8.70 24.16
C ALA C 29 1.85 -9.89 24.67
N LYS C 30 3.13 -9.94 24.30
CA LYS C 30 3.99 -11.02 24.76
C LYS C 30 4.07 -11.06 26.28
N GLN C 31 3.98 -9.88 26.90
CA GLN C 31 4.04 -9.80 28.36
C GLN C 31 2.67 -10.17 28.96
N GLY C 32 1.71 -10.44 28.08
CA GLY C 32 0.36 -10.83 28.53
C GLY C 32 -0.47 -9.60 28.89
N ASP C 33 -0.04 -8.43 28.44
CA ASP C 33 -0.76 -7.18 28.70
C ASP C 33 -1.63 -6.80 27.51
N PHE C 34 -2.80 -7.41 27.42
CA PHE C 34 -3.71 -7.14 26.31
C PHE C 34 -4.22 -5.70 26.34
N ALA C 35 -4.43 -5.17 27.54
CA ALA C 35 -4.94 -3.81 27.68
C ALA C 35 -3.97 -2.79 27.08
N ALA C 36 -2.71 -2.89 27.47
CA ALA C 36 -1.71 -1.96 26.96
C ALA C 36 -1.50 -2.17 25.47
N ALA C 37 -1.55 -3.42 25.02
CA ALA C 37 -1.38 -3.71 23.60
C ALA C 37 -2.48 -3.00 22.81
N LYS C 38 -3.72 -3.21 23.22
CA LYS C 38 -4.87 -2.59 22.57
C LYS C 38 -4.72 -1.07 22.49
N ALA C 39 -4.32 -0.45 23.61
CA ALA C 39 -4.16 1.00 23.65
C ALA C 39 -3.06 1.46 22.68
N MET C 40 -1.96 0.72 22.64
CA MET C 40 -0.85 1.06 21.77
C MET C 40 -1.25 0.92 20.30
N MET C 41 -2.03 -0.11 19.99
CA MET C 41 -2.48 -0.31 18.61
C MET C 41 -3.35 0.85 18.16
N ASP C 42 -4.25 1.28 19.04
CA ASP C 42 -5.17 2.36 18.72
C ASP C 42 -4.41 3.63 18.38
N GLN C 43 -3.42 3.97 19.21
CA GLN C 43 -2.61 5.16 18.97
C GLN C 43 -1.83 5.03 17.67
N SER C 44 -1.30 3.85 17.42
CA SER C 44 -0.55 3.60 16.19
C SER C 44 -1.44 3.87 14.98
N ARG C 45 -2.67 3.32 15.03
CA ARG C 45 -3.64 3.50 13.96
C ARG C 45 -3.93 4.99 13.72
N MET C 46 -4.14 5.72 14.81
CA MET C 46 -4.43 7.15 14.72
C MET C 46 -3.26 7.89 14.08
N ALA C 47 -2.04 7.51 14.47
CA ALA C 47 -0.84 8.14 13.91
C ALA C 47 -0.78 7.91 12.40
N LEU C 48 -1.08 6.68 11.98
CA LEU C 48 -1.07 6.33 10.57
C LEU C 48 -2.17 7.06 9.82
N ASN C 49 -3.34 7.15 10.45
CA ASN C 49 -4.48 7.81 9.84
C ASN C 49 -4.14 9.27 9.52
N GLU C 50 -3.51 9.95 10.47
CA GLU C 50 -3.11 11.33 10.26
C GLU C 50 -2.06 11.41 9.16
N ALA C 51 -1.13 10.47 9.19
CA ALA C 51 -0.07 10.43 8.18
C ALA C 51 -0.67 10.15 6.80
N HIS C 52 -1.58 9.19 6.74
CA HIS C 52 -2.25 8.85 5.48
C HIS C 52 -3.02 10.05 4.94
N LEU C 53 -3.69 10.78 5.83
CA LEU C 53 -4.47 11.95 5.43
C LEU C 53 -3.56 12.98 4.76
N VAL C 54 -2.39 13.20 5.35
CA VAL C 54 -1.45 14.16 4.80
C VAL C 54 -0.99 13.67 3.43
N GLN C 55 -0.69 12.38 3.32
CA GLN C 55 -0.26 11.82 2.04
C GLN C 55 -1.38 11.99 1.00
N THR C 56 -2.62 11.74 1.41
CA THR C 56 -3.76 11.88 0.48
C THR C 56 -3.70 13.25 -0.19
N LYS C 57 -3.50 14.29 0.60
CA LYS C 57 -3.40 15.64 0.05
C LYS C 57 -2.20 15.73 -0.88
N LEU C 58 -1.11 15.09 -0.49
CA LEU C 58 0.10 15.11 -1.29
C LEU C 58 -0.08 14.35 -2.61
N ILE C 59 -1.09 13.47 -2.70
CA ILE C 59 -1.33 12.76 -3.95
C ILE C 59 -2.40 13.48 -4.79
N GLU C 60 -3.38 14.10 -4.14
CA GLU C 60 -4.43 14.83 -4.87
C GLU C 60 -3.85 16.03 -5.60
N GLY C 61 -2.89 16.71 -4.98
CA GLY C 61 -2.28 17.89 -5.57
C GLY C 61 -0.83 17.62 -5.97
N ASP C 62 -0.56 16.41 -6.41
CA ASP C 62 0.79 16.03 -6.80
C ASP C 62 1.22 16.75 -8.06
N ALA C 63 0.31 17.49 -8.68
CA ALA C 63 0.63 18.24 -9.90
C ALA C 63 1.30 19.56 -9.56
N GLY C 64 1.78 20.26 -10.59
CA GLY C 64 2.43 21.56 -10.39
C GLY C 64 3.77 21.63 -11.13
N GLU C 65 4.69 20.71 -10.81
CA GLU C 65 5.99 20.70 -11.45
C GLU C 65 5.87 20.38 -12.94
N GLY C 66 4.99 19.45 -13.27
CA GLY C 66 4.80 19.05 -14.66
C GLY C 66 3.45 18.36 -14.86
N LYS C 67 3.12 18.09 -16.11
CA LYS C 67 1.85 17.44 -16.43
C LYS C 67 1.83 16.00 -15.92
N MET C 68 2.44 15.10 -16.70
CA MET C 68 2.48 13.68 -16.36
C MET C 68 3.31 13.38 -15.12
N LYS C 69 4.45 14.07 -14.97
CA LYS C 69 5.34 13.83 -13.84
C LYS C 69 4.79 14.36 -12.52
N VAL C 70 5.20 13.71 -11.43
CA VAL C 70 4.76 14.07 -10.08
C VAL C 70 5.96 14.16 -9.13
N SER C 71 5.72 14.64 -7.91
CA SER C 71 6.80 14.75 -6.93
C SER C 71 7.42 13.38 -6.68
N LEU C 72 8.74 13.30 -6.77
CA LEU C 72 9.45 12.03 -6.61
C LEU C 72 9.31 11.48 -5.19
N VAL C 73 9.40 12.39 -4.22
CA VAL C 73 9.33 12.04 -2.80
C VAL C 73 8.00 11.37 -2.44
N LEU C 74 6.99 11.51 -3.28
CA LEU C 74 5.71 10.85 -3.01
C LEU C 74 5.91 9.36 -2.78
N VAL C 75 6.85 8.80 -3.54
CA VAL C 75 7.18 7.38 -3.43
C VAL C 75 7.77 7.11 -2.05
N HIS C 76 8.76 7.97 -1.55
CA HIS C 76 9.39 7.77 -0.24
C HIS C 76 8.32 7.74 0.85
N ALA C 77 7.38 8.67 0.79
CA ALA C 77 6.31 8.73 1.78
C ALA C 77 5.37 7.54 1.64
N GLN C 78 5.03 7.21 0.39
CA GLN C 78 4.11 6.11 0.15
C GLN C 78 4.74 4.78 0.58
N LEU C 79 5.99 4.58 0.19
CA LEU C 79 6.71 3.36 0.55
C LEU C 79 6.75 3.17 2.06
N HIS C 80 7.13 4.21 2.79
CA HIS C 80 7.20 4.12 4.24
C HIS C 80 5.81 3.94 4.85
N LEU C 81 4.87 4.73 4.38
CA LEU C 81 3.50 4.67 4.89
C LEU C 81 2.85 3.31 4.59
N MET C 82 3.01 2.84 3.37
CA MET C 82 2.42 1.55 2.98
C MET C 82 3.01 0.42 3.82
N THR C 83 4.32 0.45 3.99
CA THR C 83 5.00 -0.58 4.76
C THR C 83 4.54 -0.55 6.22
N SER C 84 4.53 0.64 6.80
CA SER C 84 4.12 0.80 8.20
C SER C 84 2.67 0.37 8.42
N MET C 85 1.76 0.84 7.56
CA MET C 85 0.35 0.48 7.70
C MET C 85 0.16 -1.04 7.61
N LEU C 86 0.80 -1.65 6.63
CA LEU C 86 0.70 -3.09 6.43
C LEU C 86 1.24 -3.83 7.65
N ALA C 87 2.42 -3.42 8.10
CA ALA C 87 3.05 -4.04 9.25
C ALA C 87 2.13 -3.96 10.47
N ARG C 88 1.61 -2.77 10.71
CA ARG C 88 0.74 -2.55 11.84
C ARG C 88 -0.50 -3.47 11.77
N GLU C 89 -1.11 -3.56 10.59
CA GLU C 89 -2.29 -4.42 10.44
C GLU C 89 -1.95 -5.88 10.74
N LEU C 90 -0.82 -6.35 10.20
CA LEU C 90 -0.40 -7.72 10.44
C LEU C 90 -0.07 -7.92 11.91
N ILE C 91 0.60 -6.95 12.49
CA ILE C 91 0.95 -7.02 13.90
C ILE C 91 -0.33 -7.12 14.73
N THR C 92 -1.36 -6.39 14.32
CA THR C 92 -2.64 -6.46 15.02
C THR C 92 -3.15 -7.89 14.99
N GLU C 93 -3.06 -8.53 13.83
CA GLU C 93 -3.50 -9.92 13.70
C GLU C 93 -2.66 -10.82 14.62
N LEU C 94 -1.36 -10.56 14.63
CA LEU C 94 -0.45 -11.34 15.47
C LEU C 94 -0.84 -11.20 16.94
N ILE C 95 -1.16 -9.98 17.35
CA ILE C 95 -1.57 -9.73 18.73
C ILE C 95 -2.86 -10.51 19.05
N GLU C 96 -3.80 -10.48 18.12
CA GLU C 96 -5.05 -11.21 18.31
C GLU C 96 -4.75 -12.70 18.53
N LEU C 97 -3.78 -13.21 17.77
CA LEU C 97 -3.39 -14.61 17.91
C LEU C 97 -2.85 -14.87 19.32
N HIS C 98 -2.05 -13.94 19.83
CA HIS C 98 -1.52 -14.09 21.18
C HIS C 98 -2.68 -14.22 22.16
N GLU C 99 -3.73 -13.44 21.92
CA GLU C 99 -4.90 -13.49 22.78
C GLU C 99 -5.57 -14.87 22.68
N LYS C 100 -5.65 -15.41 21.46
CA LYS C 100 -6.25 -16.72 21.29
C LYS C 100 -5.38 -17.78 21.95
N LEU C 101 -4.05 -17.58 21.91
CA LEU C 101 -3.12 -18.52 22.55
C LEU C 101 -3.37 -18.53 24.06
N LYS C 102 -4.36 -17.76 24.51
CA LYS C 102 -4.70 -17.67 25.93
C LYS C 102 -3.78 -16.68 26.63
N ALA C 103 -2.48 -16.99 26.61
CA ALA C 103 -1.45 -16.16 27.26
C ALA C 103 -1.80 -14.67 27.21
N LYS D 1 -19.97 26.95 -1.17
CA LYS D 1 -19.08 26.05 -1.96
C LYS D 1 -19.44 24.59 -1.78
N LYS D 2 -19.77 23.94 -2.87
CA LYS D 2 -20.15 22.54 -2.84
C LYS D 2 -18.93 21.62 -2.88
N HIS D 3 -19.02 20.49 -2.19
CA HIS D 3 -17.93 19.52 -2.13
C HIS D 3 -18.12 18.37 -3.08
N ILE D 4 -17.20 18.26 -4.03
CA ILE D 4 -17.22 17.18 -4.99
C ILE D 4 -16.07 16.24 -4.61
N TYR D 5 -16.39 15.03 -4.18
CA TYR D 5 -15.38 14.06 -3.78
C TYR D 5 -15.33 12.90 -4.76
N LEU D 6 -14.13 12.60 -5.26
CA LEU D 6 -13.90 11.48 -6.19
C LEU D 6 -13.25 10.35 -5.40
N PHE D 7 -13.57 9.08 -5.75
CA PHE D 7 -12.87 7.96 -5.11
C PHE D 7 -12.21 7.04 -6.14
N CYS D 8 -11.07 6.43 -5.71
CA CYS D 8 -10.33 5.41 -6.44
C CYS D 8 -9.53 4.56 -5.46
N SER D 9 -8.67 3.64 -5.86
CA SER D 9 -8.07 2.81 -4.82
C SER D 9 -7.21 3.65 -3.88
N ALA D 10 -6.23 4.43 -4.39
CA ALA D 10 -5.33 5.15 -3.51
C ALA D 10 -5.61 6.64 -3.58
N GLY D 11 -5.97 7.13 -4.77
CA GLY D 11 -6.29 8.53 -4.97
C GLY D 11 -5.25 9.23 -5.83
N MET D 12 -4.55 8.50 -6.71
CA MET D 12 -3.52 9.12 -7.55
C MET D 12 -4.01 9.32 -8.99
N SER D 13 -4.09 8.25 -9.73
CA SER D 13 -4.50 8.36 -11.13
C SER D 13 -5.71 9.29 -11.27
N THR D 14 -6.46 9.49 -10.18
CA THR D 14 -7.62 10.37 -10.31
C THR D 14 -7.22 11.77 -9.88
N SER D 15 -6.09 11.83 -9.22
CA SER D 15 -5.48 13.09 -8.76
C SER D 15 -5.20 14.03 -9.93
N LEU D 16 -4.82 13.46 -11.06
CA LEU D 16 -4.55 14.26 -12.24
C LEU D 16 -5.88 14.86 -12.76
N LEU D 17 -6.96 14.07 -12.72
CA LEU D 17 -8.28 14.55 -13.14
C LEU D 17 -8.75 15.68 -12.19
N VAL D 18 -8.54 15.48 -10.88
CA VAL D 18 -8.91 16.50 -9.89
C VAL D 18 -8.18 17.83 -10.15
N SER D 19 -6.89 17.79 -10.47
CA SER D 19 -6.17 19.03 -10.74
C SER D 19 -6.73 19.77 -11.98
N LYS D 20 -7.12 19.03 -13.02
CA LYS D 20 -7.71 19.66 -14.20
C LYS D 20 -9.12 20.20 -13.91
N MET D 21 -9.87 19.50 -13.07
CA MET D 21 -11.22 20.00 -12.73
C MET D 21 -11.08 21.31 -11.94
N ARG D 22 -10.13 21.39 -11.02
CA ARG D 22 -9.91 22.60 -10.21
C ARG D 22 -9.56 23.79 -11.12
N ALA D 23 -8.79 23.54 -12.18
CA ALA D 23 -8.39 24.59 -13.11
C ALA D 23 -9.63 25.14 -13.81
N GLN D 24 -10.50 24.24 -14.24
CA GLN D 24 -11.72 24.61 -14.91
C GLN D 24 -12.67 25.35 -14.00
N ALA D 25 -12.80 24.88 -12.77
CA ALA D 25 -13.69 25.53 -11.80
C ALA D 25 -13.24 26.96 -11.55
N GLU D 26 -11.93 27.20 -11.60
CA GLU D 26 -11.39 28.54 -11.36
C GLU D 26 -11.65 29.43 -12.57
N LYS D 27 -11.43 28.88 -13.76
CA LYS D 27 -11.63 29.59 -14.99
C LYS D 27 -13.07 30.10 -15.12
N TYR D 28 -14.05 29.29 -14.72
CA TYR D 28 -15.48 29.69 -14.80
C TYR D 28 -16.13 30.10 -13.49
N GLU D 29 -15.33 30.35 -12.46
CA GLU D 29 -15.81 30.78 -11.15
C GLU D 29 -16.89 29.89 -10.51
N VAL D 30 -16.76 28.58 -10.66
CA VAL D 30 -17.70 27.63 -10.08
C VAL D 30 -17.27 27.48 -8.62
N PRO D 31 -18.19 27.73 -7.67
CA PRO D 31 -17.91 27.64 -6.23
C PRO D 31 -17.93 26.21 -5.68
N VAL D 32 -16.88 25.46 -6.01
CA VAL D 32 -16.75 24.08 -5.57
C VAL D 32 -15.38 23.76 -5.01
N ILE D 33 -15.35 22.75 -4.14
CA ILE D 33 -14.13 22.22 -3.55
C ILE D 33 -14.09 20.77 -4.09
N ILE D 34 -12.98 20.40 -4.71
CA ILE D 34 -12.79 19.07 -5.32
C ILE D 34 -11.61 18.31 -4.66
N GLU D 35 -11.86 17.09 -4.18
CA GLU D 35 -10.83 16.27 -3.52
C GLU D 35 -10.93 14.82 -4.00
N ALA D 36 -9.78 14.14 -4.09
CA ALA D 36 -9.71 12.73 -4.50
C ALA D 36 -9.34 11.92 -3.25
N PHE D 37 -9.93 10.74 -3.09
CA PHE D 37 -9.64 9.87 -1.95
C PHE D 37 -9.66 8.44 -2.43
N PRO D 38 -9.08 7.53 -1.64
CA PRO D 38 -9.07 6.11 -2.02
C PRO D 38 -10.49 5.61 -1.70
N GLU D 39 -10.91 4.54 -2.35
CA GLU D 39 -12.24 3.96 -2.13
C GLU D 39 -12.51 3.54 -0.69
N THR D 40 -11.46 3.29 0.09
CA THR D 40 -11.63 2.88 1.48
C THR D 40 -12.26 3.95 2.37
N LEU D 41 -12.19 5.21 1.94
CA LEU D 41 -12.77 6.32 2.70
C LEU D 41 -14.15 6.77 2.20
N ALA D 42 -14.74 6.07 1.21
CA ALA D 42 -16.05 6.45 0.63
C ALA D 42 -17.14 6.64 1.68
N GLY D 43 -17.12 5.80 2.71
CA GLY D 43 -18.13 5.91 3.75
C GLY D 43 -17.81 6.98 4.77
N GLU D 44 -16.53 7.16 5.08
CA GLU D 44 -16.15 8.15 6.07
C GLU D 44 -16.16 9.59 5.49
N LYS D 45 -15.52 9.77 4.34
CA LYS D 45 -15.46 11.08 3.70
C LYS D 45 -16.73 11.45 2.92
N GLY D 46 -17.38 10.46 2.32
CA GLY D 46 -18.60 10.70 1.55
C GLY D 46 -19.69 11.43 2.29
N GLN D 47 -19.77 11.23 3.60
CA GLN D 47 -20.79 11.89 4.43
C GLN D 47 -20.74 13.42 4.34
N ASN D 48 -19.59 13.97 3.95
CA ASN D 48 -19.43 15.41 3.87
C ASN D 48 -19.45 15.95 2.45
N ALA D 49 -19.66 15.08 1.48
CA ALA D 49 -19.67 15.54 0.10
C ALA D 49 -21.06 15.97 -0.30
N ASP D 50 -21.11 16.82 -1.31
CA ASP D 50 -22.38 17.25 -1.83
C ASP D 50 -22.73 16.32 -2.99
N VAL D 51 -21.69 15.73 -3.60
CA VAL D 51 -21.88 14.75 -4.67
C VAL D 51 -20.68 13.78 -4.61
N VAL D 52 -20.98 12.49 -4.70
CA VAL D 52 -19.97 11.44 -4.66
C VAL D 52 -19.78 10.85 -6.06
N LEU D 53 -18.55 10.92 -6.57
CA LEU D 53 -18.24 10.38 -7.88
C LEU D 53 -17.30 9.18 -7.73
N LEU D 54 -17.60 8.08 -8.42
CA LEU D 54 -16.75 6.88 -8.36
C LEU D 54 -15.96 6.73 -9.63
N GLY D 55 -14.69 6.35 -9.51
CA GLY D 55 -13.84 6.18 -10.68
C GLY D 55 -14.39 5.02 -11.49
N PRO D 56 -14.13 4.94 -12.76
CA PRO D 56 -14.66 3.84 -13.62
C PRO D 56 -14.24 2.42 -13.18
N GLN D 57 -13.07 2.31 -12.54
CA GLN D 57 -12.57 1.02 -12.08
C GLN D 57 -13.39 0.49 -10.90
N ILE D 58 -14.04 1.38 -10.15
CA ILE D 58 -14.82 0.94 -9.01
C ILE D 58 -16.34 1.02 -9.23
N ALA D 59 -16.75 0.99 -10.49
CA ALA D 59 -18.17 1.04 -10.83
C ALA D 59 -18.94 -0.11 -10.19
N TYR D 60 -18.34 -1.30 -10.13
CA TYR D 60 -19.04 -2.44 -9.55
C TYR D 60 -19.46 -2.21 -8.09
N MET D 61 -18.84 -1.23 -7.44
CA MET D 61 -19.15 -0.89 -6.05
C MET D 61 -20.33 0.08 -5.87
N LEU D 62 -20.89 0.58 -6.97
CA LEU D 62 -21.99 1.54 -6.90
C LEU D 62 -23.13 1.19 -5.93
N PRO D 63 -23.73 -0.02 -6.05
CA PRO D 63 -24.82 -0.37 -5.12
C PRO D 63 -24.43 -0.30 -3.65
N GLU D 64 -23.22 -0.72 -3.30
CA GLU D 64 -22.77 -0.68 -1.91
C GLU D 64 -22.60 0.74 -1.42
N ILE D 65 -22.02 1.59 -2.25
CA ILE D 65 -21.83 2.99 -1.85
C ILE D 65 -23.16 3.74 -1.71
N GLN D 66 -24.12 3.42 -2.59
CA GLN D 66 -25.46 4.00 -2.52
C GLN D 66 -26.13 3.64 -1.18
N ARG D 67 -26.00 2.39 -0.73
CA ARG D 67 -26.60 1.98 0.55
C ARG D 67 -25.89 2.63 1.74
N LEU D 68 -24.60 2.88 1.59
CA LEU D 68 -23.77 3.49 2.64
C LEU D 68 -24.11 4.97 2.82
N LEU D 69 -24.39 5.65 1.70
CA LEU D 69 -24.73 7.09 1.68
C LEU D 69 -26.11 7.27 1.01
N PRO D 70 -27.20 6.87 1.69
CA PRO D 70 -28.55 6.99 1.13
C PRO D 70 -29.03 8.44 0.93
N ASN D 71 -28.35 9.38 1.56
CA ASN D 71 -28.75 10.79 1.44
C ASN D 71 -27.82 11.63 0.57
N LYS D 72 -27.08 10.99 -0.33
CA LYS D 72 -26.14 11.69 -1.21
C LYS D 72 -26.26 11.20 -2.63
N PRO D 73 -26.13 12.10 -3.63
CA PRO D 73 -26.21 11.62 -5.02
C PRO D 73 -24.85 10.97 -5.27
N VAL D 74 -24.87 9.73 -5.75
CA VAL D 74 -23.64 8.96 -6.02
C VAL D 74 -23.64 8.48 -7.46
N GLU D 75 -22.58 8.72 -8.19
CA GLU D 75 -22.53 8.22 -9.55
C GLU D 75 -21.13 7.95 -10.07
N VAL D 76 -21.06 7.12 -11.10
CA VAL D 76 -19.80 6.72 -11.71
C VAL D 76 -19.40 7.72 -12.78
N ILE D 77 -18.11 8.03 -12.84
CA ILE D 77 -17.58 8.96 -13.83
C ILE D 77 -17.54 8.27 -15.17
N ASP D 78 -17.96 8.97 -16.21
CA ASP D 78 -17.94 8.40 -17.55
C ASP D 78 -16.51 7.95 -17.89
N SER D 79 -16.33 6.69 -18.28
CA SER D 79 -14.99 6.17 -18.58
C SER D 79 -14.18 6.90 -19.65
N LEU D 80 -14.87 7.44 -20.65
CA LEU D 80 -14.19 8.17 -21.73
C LEU D 80 -13.73 9.53 -21.23
N LEU D 81 -14.58 10.18 -20.45
CA LEU D 81 -14.26 11.49 -19.90
C LEU D 81 -13.10 11.33 -18.94
N TYR D 82 -13.10 10.21 -18.22
CA TYR D 82 -12.04 9.90 -17.25
C TYR D 82 -10.71 9.58 -17.95
N GLY D 83 -10.75 8.68 -18.92
CA GLY D 83 -9.54 8.32 -19.64
C GLY D 83 -8.87 9.50 -20.31
N LYS D 84 -9.68 10.37 -20.87
CA LYS D 84 -9.22 11.56 -21.59
C LYS D 84 -8.79 12.70 -20.65
N VAL D 85 -9.07 12.52 -19.35
CA VAL D 85 -8.77 13.52 -18.31
C VAL D 85 -9.47 14.86 -18.61
N ASP D 86 -10.76 14.77 -18.94
CA ASP D 86 -11.57 15.95 -19.28
C ASP D 86 -12.09 16.63 -18.03
N GLY D 87 -11.29 17.56 -17.51
CA GLY D 87 -11.64 18.31 -16.31
C GLY D 87 -12.94 19.07 -16.45
N LEU D 88 -13.16 19.73 -17.60
CA LEU D 88 -14.39 20.49 -17.80
C LEU D 88 -15.63 19.58 -17.87
N GLY D 89 -15.50 18.50 -18.64
CA GLY D 89 -16.59 17.56 -18.81
C GLY D 89 -17.07 16.91 -17.53
N VAL D 90 -16.12 16.49 -16.69
CA VAL D 90 -16.48 15.84 -15.42
C VAL D 90 -17.04 16.88 -14.45
N LEU D 91 -16.47 18.08 -14.49
CA LEU D 91 -16.97 19.15 -13.63
C LEU D 91 -18.46 19.39 -14.00
N LYS D 92 -18.76 19.42 -15.30
CA LYS D 92 -20.15 19.61 -15.75
C LYS D 92 -21.09 18.52 -15.24
N ALA D 93 -20.64 17.27 -15.30
CA ALA D 93 -21.47 16.14 -14.85
C ALA D 93 -21.76 16.21 -13.35
N ALA D 94 -20.78 16.72 -12.60
CA ALA D 94 -20.90 16.82 -11.15
C ALA D 94 -21.90 17.90 -10.75
N VAL D 95 -21.80 19.06 -11.40
CA VAL D 95 -22.72 20.17 -11.13
C VAL D 95 -24.13 19.69 -11.49
N ALA D 96 -24.25 18.98 -12.61
CA ALA D 96 -25.54 18.45 -13.04
C ALA D 96 -26.13 17.51 -11.99
N ALA D 97 -25.33 16.57 -11.49
CA ALA D 97 -25.85 15.64 -10.49
C ALA D 97 -26.36 16.40 -9.26
N ILE D 98 -25.70 17.51 -8.93
CA ILE D 98 -26.12 18.32 -7.78
C ILE D 98 -27.46 19.01 -8.03
N LYS D 99 -27.63 19.58 -9.24
CA LYS D 99 -28.87 20.26 -9.62
C LYS D 99 -30.01 19.26 -9.71
N LYS D 100 -29.80 18.19 -10.45
CA LYS D 100 -30.83 17.18 -10.59
C LYS D 100 -31.20 16.60 -9.22
N ALA D 101 -30.34 16.79 -8.23
CA ALA D 101 -30.58 16.28 -6.88
C ALA D 101 -31.37 17.24 -6.00
N ALA D 102 -31.14 18.54 -6.18
CA ALA D 102 -31.83 19.57 -5.43
C ALA D 102 -33.22 19.88 -6.02
N ALA D 103 -33.60 19.13 -7.06
CA ALA D 103 -34.88 19.29 -7.72
C ALA D 103 -35.05 18.26 -8.85
P PO3 E . -4.87 5.42 -7.17
O1 PO3 E . -5.36 4.01 -6.94
O2 PO3 E . -4.81 5.98 -8.58
O3 PO3 E . -4.27 6.22 -6.03
N ALA A 1 0.74 7.29 -18.60
CA ALA A 1 0.24 7.59 -19.96
C ALA A 1 -1.09 6.86 -20.17
N GLU A 2 -1.77 7.18 -21.26
CA GLU A 2 -3.08 6.58 -21.60
C GLU A 2 -3.28 5.20 -20.95
N GLU A 3 -2.80 4.17 -21.63
CA GLU A 3 -2.95 2.80 -21.13
C GLU A 3 -2.16 2.60 -19.84
N LEU A 4 -0.84 2.78 -19.91
CA LEU A 4 0.01 2.60 -18.74
C LEU A 4 -0.63 3.20 -17.48
N GLU A 5 -1.21 4.38 -17.61
CA GLU A 5 -1.84 5.05 -16.47
C GLU A 5 -3.12 4.34 -16.08
N GLU A 6 -3.94 4.01 -17.07
CA GLU A 6 -5.19 3.30 -16.82
C GLU A 6 -4.88 1.88 -16.34
N VAL A 7 -3.80 1.31 -16.88
CA VAL A 7 -3.37 -0.03 -16.50
C VAL A 7 -2.93 -0.05 -15.03
N VAL A 8 -2.20 0.99 -14.63
CA VAL A 8 -1.73 1.10 -13.25
C VAL A 8 -2.95 1.16 -12.33
N MET A 9 -3.95 1.96 -12.70
CA MET A 9 -5.17 2.06 -11.90
C MET A 9 -5.77 0.67 -11.73
N GLY A 10 -5.81 -0.09 -12.82
CA GLY A 10 -6.34 -1.45 -12.77
C GLY A 10 -5.49 -2.31 -11.83
N LEU A 11 -4.17 -2.17 -11.95
CA LEU A 11 -3.26 -2.93 -11.10
C LEU A 11 -3.45 -2.56 -9.64
N ILE A 12 -3.57 -1.27 -9.37
CA ILE A 12 -3.76 -0.80 -8.00
C ILE A 12 -5.06 -1.36 -7.46
N ILE A 13 -6.11 -1.29 -8.26
CA ILE A 13 -7.40 -1.82 -7.85
C ILE A 13 -7.30 -3.33 -7.65
N ASN A 14 -6.65 -4.01 -8.60
CA ASN A 14 -6.47 -5.45 -8.53
C ASN A 14 -5.71 -5.82 -7.26
N SER A 15 -4.61 -5.11 -7.03
CA SER A 15 -3.81 -5.35 -5.83
C SER A 15 -4.65 -5.14 -4.57
N GLY A 16 -5.44 -4.06 -4.60
CA GLY A 16 -6.32 -3.75 -3.47
C GLY A 16 -7.35 -4.86 -3.26
N GLN A 17 -7.95 -5.32 -4.36
CA GLN A 17 -8.94 -6.40 -4.27
C GLN A 17 -8.27 -7.65 -3.72
N ALA A 18 -7.05 -7.92 -4.18
CA ALA A 18 -6.31 -9.09 -3.72
C ALA A 18 -6.15 -9.04 -2.21
N ARG A 19 -5.70 -7.91 -1.69
CA ARG A 19 -5.55 -7.77 -0.25
C ARG A 19 -6.90 -7.95 0.43
N SER A 20 -7.91 -7.28 -0.11
CA SER A 20 -9.25 -7.36 0.44
C SER A 20 -9.68 -8.83 0.57
N LEU A 21 -9.47 -9.59 -0.49
CA LEU A 21 -9.81 -11.01 -0.48
C LEU A 21 -8.97 -11.74 0.58
N ALA A 22 -7.69 -11.40 0.63
CA ALA A 22 -6.79 -12.03 1.60
C ALA A 22 -7.30 -11.80 3.03
N TYR A 23 -7.59 -10.55 3.38
CA TYR A 23 -8.10 -10.25 4.72
C TYR A 23 -9.41 -11.00 4.93
N ALA A 24 -10.25 -11.03 3.90
CA ALA A 24 -11.51 -11.73 3.99
C ALA A 24 -11.24 -13.22 4.25
N ALA A 25 -10.23 -13.75 3.56
CA ALA A 25 -9.84 -15.14 3.75
C ALA A 25 -9.48 -15.38 5.21
N LEU A 26 -8.72 -14.46 5.78
CA LEU A 26 -8.32 -14.57 7.18
C LEU A 26 -9.56 -14.55 8.07
N LYS A 27 -10.48 -13.64 7.77
CA LYS A 27 -11.71 -13.53 8.54
C LYS A 27 -12.45 -14.87 8.56
N GLN A 28 -12.48 -15.54 7.41
CA GLN A 28 -13.15 -16.84 7.31
C GLN A 28 -12.48 -17.81 8.28
N ALA A 29 -11.15 -17.75 8.35
CA ALA A 29 -10.39 -18.62 9.24
C ALA A 29 -10.80 -18.38 10.69
N LYS A 30 -10.95 -17.12 11.05
CA LYS A 30 -11.36 -16.77 12.41
C LYS A 30 -12.72 -17.37 12.73
N GLN A 31 -13.58 -17.50 11.72
CA GLN A 31 -14.89 -18.08 11.93
C GLN A 31 -14.80 -19.60 11.96
N GLY A 32 -13.60 -20.12 11.77
CA GLY A 32 -13.37 -21.56 11.81
C GLY A 32 -13.71 -22.21 10.47
N ASP A 33 -13.83 -21.40 9.43
CA ASP A 33 -14.15 -21.90 8.09
C ASP A 33 -12.88 -22.06 7.26
N PHE A 34 -12.18 -23.18 7.47
CA PHE A 34 -10.93 -23.42 6.73
C PHE A 34 -11.18 -23.60 5.24
N ALA A 35 -12.31 -24.21 4.89
CA ALA A 35 -12.63 -24.46 3.49
C ALA A 35 -12.77 -23.14 2.72
N ALA A 36 -13.56 -22.23 3.26
CA ALA A 36 -13.76 -20.95 2.60
C ALA A 36 -12.46 -20.14 2.60
N ALA A 37 -11.70 -20.23 3.68
CA ALA A 37 -10.43 -19.52 3.75
C ALA A 37 -9.52 -19.99 2.60
N LYS A 38 -9.36 -21.30 2.49
CA LYS A 38 -8.53 -21.90 1.45
C LYS A 38 -8.96 -21.42 0.06
N ALA A 39 -10.26 -21.45 -0.21
CA ALA A 39 -10.77 -21.03 -1.51
C ALA A 39 -10.47 -19.57 -1.79
N MET A 40 -10.61 -18.74 -0.76
CA MET A 40 -10.36 -17.30 -0.90
C MET A 40 -8.88 -17.03 -1.18
N MET A 41 -7.98 -17.76 -0.50
CA MET A 41 -6.55 -17.56 -0.72
C MET A 41 -6.19 -17.92 -2.15
N ASP A 42 -6.77 -19.01 -2.65
CA ASP A 42 -6.47 -19.48 -3.99
C ASP A 42 -6.83 -18.42 -5.02
N GLN A 43 -8.03 -17.87 -4.88
CA GLN A 43 -8.48 -16.82 -5.80
C GLN A 43 -7.61 -15.59 -5.67
N SER A 44 -7.25 -15.24 -4.44
CA SER A 44 -6.40 -14.08 -4.20
C SER A 44 -5.06 -14.28 -4.91
N ARG A 45 -4.49 -15.47 -4.78
CA ARG A 45 -3.22 -15.82 -5.43
C ARG A 45 -3.32 -15.66 -6.95
N MET A 46 -4.40 -16.18 -7.51
CA MET A 46 -4.63 -16.11 -8.95
C MET A 46 -4.72 -14.65 -9.40
N ALA A 47 -5.41 -13.83 -8.62
CA ALA A 47 -5.56 -12.41 -8.94
C ALA A 47 -4.19 -11.74 -9.00
N LEU A 48 -3.35 -12.05 -8.02
CA LEU A 48 -2.00 -11.49 -7.95
C LEU A 48 -1.15 -11.98 -9.12
N ASN A 49 -1.29 -13.26 -9.41
CA ASN A 49 -0.51 -13.87 -10.48
C ASN A 49 -0.77 -13.15 -11.80
N GLU A 50 -2.04 -12.89 -12.07
CA GLU A 50 -2.41 -12.17 -13.29
C GLU A 50 -1.86 -10.75 -13.23
N ALA A 51 -1.97 -10.13 -12.05
CA ALA A 51 -1.47 -8.77 -11.87
C ALA A 51 0.06 -8.75 -12.05
N HIS A 52 0.73 -9.71 -11.44
CA HIS A 52 2.19 -9.81 -11.54
C HIS A 52 2.61 -10.01 -13.00
N LEU A 53 1.86 -10.83 -13.72
CA LEU A 53 2.16 -11.11 -15.12
C LEU A 53 2.11 -9.82 -15.93
N VAL A 54 1.08 -9.02 -15.68
CA VAL A 54 0.94 -7.75 -16.38
C VAL A 54 2.11 -6.84 -16.04
N GLN A 55 2.46 -6.79 -14.76
CA GLN A 55 3.59 -5.96 -14.34
C GLN A 55 4.88 -6.45 -15.01
N THR A 56 5.08 -7.76 -15.08
CA THR A 56 6.28 -8.32 -15.72
C THR A 56 6.46 -7.71 -17.11
N LYS A 57 5.37 -7.66 -17.88
CA LYS A 57 5.43 -7.06 -19.22
C LYS A 57 5.76 -5.59 -19.10
N LEU A 58 5.18 -4.94 -18.10
CA LEU A 58 5.43 -3.52 -17.90
C LEU A 58 6.87 -3.24 -17.48
N ILE A 59 7.58 -4.25 -16.98
CA ILE A 59 8.99 -4.06 -16.60
C ILE A 59 9.93 -4.47 -17.76
N GLU A 60 9.55 -5.49 -18.53
CA GLU A 60 10.37 -5.95 -19.66
C GLU A 60 10.46 -4.88 -20.74
N GLY A 61 9.34 -4.20 -21.01
CA GLY A 61 9.31 -3.17 -22.03
C GLY A 61 9.20 -1.78 -21.42
N ASP A 62 9.80 -1.60 -20.24
CA ASP A 62 9.75 -0.32 -19.54
C ASP A 62 10.49 0.78 -20.32
N ALA A 63 11.17 0.39 -21.40
CA ALA A 63 11.90 1.36 -22.21
C ALA A 63 10.97 2.06 -23.19
N GLY A 64 11.49 3.07 -23.89
CA GLY A 64 10.68 3.81 -24.86
C GLY A 64 10.81 5.32 -24.66
N GLU A 65 10.45 5.80 -23.47
CA GLU A 65 10.53 7.23 -23.19
C GLU A 65 11.97 7.72 -23.18
N GLY A 66 12.86 6.90 -22.64
CA GLY A 66 14.28 7.27 -22.58
C GLY A 66 15.15 6.04 -22.36
N LYS A 67 16.47 6.25 -22.44
CA LYS A 67 17.41 5.15 -22.27
C LYS A 67 17.39 4.63 -20.82
N MET A 68 18.11 5.32 -19.94
CA MET A 68 18.20 4.93 -18.54
C MET A 68 16.88 5.05 -17.79
N LYS A 69 16.13 6.12 -18.08
CA LYS A 69 14.87 6.35 -17.37
C LYS A 69 13.76 5.39 -17.80
N VAL A 70 12.84 5.14 -16.87
CA VAL A 70 11.71 4.23 -17.10
C VAL A 70 10.41 4.88 -16.65
N SER A 71 9.28 4.23 -16.95
CA SER A 71 7.98 4.77 -16.55
C SER A 71 7.94 4.91 -15.03
N LEU A 72 7.54 6.10 -14.57
CA LEU A 72 7.48 6.40 -13.14
C LEU A 72 6.43 5.55 -12.41
N VAL A 73 5.30 5.39 -13.07
CA VAL A 73 4.18 4.62 -12.52
C VAL A 73 4.55 3.16 -12.22
N LEU A 74 5.60 2.68 -12.85
CA LEU A 74 6.03 1.30 -12.64
C LEU A 74 6.18 1.01 -11.16
N VAL A 75 6.59 2.03 -10.42
CA VAL A 75 6.81 1.87 -8.98
C VAL A 75 5.46 1.79 -8.27
N HIS A 76 4.24 2.82 -8.67
CA HIS A 76 2.88 2.82 -8.09
C HIS A 76 2.28 1.42 -8.17
N ALA A 77 2.62 0.71 -9.24
CA ALA A 77 2.15 -0.66 -9.44
C ALA A 77 3.00 -1.64 -8.64
N GLN A 78 4.33 -1.50 -8.72
CA GLN A 78 5.22 -2.42 -8.02
C GLN A 78 5.00 -2.32 -6.51
N LEU A 79 4.96 -1.09 -6.01
CA LEU A 79 4.72 -0.86 -4.59
C LEU A 79 3.44 -1.54 -4.13
N HIS A 80 2.35 -1.32 -4.85
CA HIS A 80 1.08 -1.91 -4.47
C HIS A 80 1.12 -3.44 -4.62
N LEU A 81 1.65 -3.90 -5.74
CA LEU A 81 1.74 -5.34 -5.99
C LEU A 81 2.64 -6.04 -4.98
N MET A 82 3.80 -5.45 -4.70
CA MET A 82 4.74 -6.05 -3.75
C MET A 82 4.11 -6.14 -2.37
N THR A 83 3.46 -5.05 -1.96
CA THR A 83 2.81 -5.00 -0.65
C THR A 83 1.69 -6.04 -0.56
N SER A 84 0.84 -6.07 -1.58
CA SER A 84 -0.29 -7.01 -1.61
C SER A 84 0.20 -8.46 -1.60
N MET A 85 1.16 -8.78 -2.45
CA MET A 85 1.69 -10.14 -2.51
C MET A 85 2.26 -10.57 -1.18
N LEU A 86 3.07 -9.70 -0.59
CA LEU A 86 3.68 -10.00 0.70
C LEU A 86 2.61 -10.19 1.78
N ALA A 87 1.64 -9.28 1.79
CA ALA A 87 0.56 -9.36 2.76
C ALA A 87 -0.15 -10.70 2.67
N ARG A 88 -0.49 -11.10 1.47
CA ARG A 88 -1.18 -12.37 1.27
C ARG A 88 -0.35 -13.55 1.78
N GLU A 89 0.93 -13.57 1.45
CA GLU A 89 1.77 -14.67 1.88
C GLU A 89 1.79 -14.78 3.39
N LEU A 90 1.95 -13.65 4.06
CA LEU A 90 1.96 -13.64 5.51
C LEU A 90 0.58 -14.03 6.05
N ILE A 91 -0.46 -13.51 5.42
CA ILE A 91 -1.82 -13.85 5.84
C ILE A 91 -2.03 -15.35 5.69
N THR A 92 -1.50 -15.92 4.61
CA THR A 92 -1.60 -17.37 4.40
C THR A 92 -0.98 -18.10 5.59
N GLU A 93 0.20 -17.64 6.01
CA GLU A 93 0.88 -18.23 7.16
C GLU A 93 0.02 -18.08 8.40
N LEU A 94 -0.57 -16.89 8.56
CA LEU A 94 -1.43 -16.62 9.72
C LEU A 94 -2.62 -17.59 9.71
N ILE A 95 -3.20 -17.80 8.55
CA ILE A 95 -4.34 -18.73 8.44
C ILE A 95 -3.90 -20.14 8.83
N GLU A 96 -2.72 -20.56 8.36
CA GLU A 96 -2.22 -21.88 8.71
C GLU A 96 -2.08 -22.00 10.22
N LEU A 97 -1.64 -20.91 10.87
CA LEU A 97 -1.51 -20.92 12.32
C LEU A 97 -2.88 -21.12 12.98
N HIS A 98 -3.89 -20.46 12.44
CA HIS A 98 -5.25 -20.62 12.98
C HIS A 98 -5.63 -22.08 12.92
N GLU A 99 -5.25 -22.75 11.84
CA GLU A 99 -5.55 -24.17 11.68
C GLU A 99 -4.81 -24.98 12.74
N LYS A 100 -3.56 -24.62 13.01
CA LYS A 100 -2.79 -25.32 14.02
C LYS A 100 -3.39 -25.06 15.41
N LEU A 101 -3.92 -23.84 15.61
CA LEU A 101 -4.56 -23.49 16.88
C LEU A 101 -5.80 -24.37 17.09
N LYS A 102 -6.02 -25.30 16.15
CA LYS A 102 -7.18 -26.20 16.21
C LYS A 102 -8.43 -25.52 15.71
N ALA A 103 -8.82 -24.42 16.39
CA ALA A 103 -10.03 -23.67 16.04
C ALA A 103 -10.30 -23.65 14.53
N ALA B 1 22.66 3.11 -13.51
CA ALA B 1 23.97 3.34 -14.19
C ALA B 1 24.86 2.13 -13.94
N GLU B 2 26.00 2.08 -14.64
CA GLU B 2 26.95 0.97 -14.53
C GLU B 2 26.86 0.24 -13.18
N GLU B 3 27.57 0.74 -12.19
CA GLU B 3 27.58 0.13 -10.87
C GLU B 3 26.22 0.21 -10.20
N LEU B 4 25.72 1.44 -10.02
CA LEU B 4 24.42 1.61 -9.38
C LEU B 4 23.38 0.61 -9.91
N GLU B 5 23.37 0.41 -11.22
CA GLU B 5 22.42 -0.52 -11.83
C GLU B 5 22.76 -1.95 -11.47
N GLU B 6 24.03 -2.30 -11.57
CA GLU B 6 24.50 -3.63 -11.23
C GLU B 6 24.38 -3.85 -9.73
N VAL B 7 24.60 -2.79 -8.97
CA VAL B 7 24.51 -2.85 -7.52
C VAL B 7 23.05 -3.11 -7.10
N VAL B 8 22.12 -2.44 -7.77
CA VAL B 8 20.69 -2.63 -7.49
C VAL B 8 20.33 -4.08 -7.74
N MET B 9 20.80 -4.63 -8.86
CA MET B 9 20.52 -6.03 -9.18
C MET B 9 21.01 -6.91 -8.03
N GLY B 10 22.21 -6.62 -7.53
CA GLY B 10 22.75 -7.37 -6.41
C GLY B 10 21.86 -7.21 -5.19
N LEU B 11 21.44 -5.98 -4.93
CA LEU B 11 20.56 -5.70 -3.79
C LEU B 11 19.24 -6.44 -3.93
N ILE B 12 18.67 -6.41 -5.13
CA ILE B 12 17.40 -7.09 -5.38
C ILE B 12 17.57 -8.58 -5.14
N ILE B 13 18.66 -9.12 -5.68
CA ILE B 13 18.94 -10.54 -5.50
C ILE B 13 19.17 -10.83 -4.02
N ASN B 14 19.95 -9.98 -3.36
CA ASN B 14 20.24 -10.16 -1.94
C ASN B 14 18.94 -10.10 -1.13
N SER B 15 18.11 -9.11 -1.42
CA SER B 15 16.83 -8.99 -0.74
C SER B 15 15.98 -10.23 -0.97
N GLY B 16 15.99 -10.71 -2.22
CA GLY B 16 15.23 -11.91 -2.57
C GLY B 16 15.76 -13.12 -1.81
N GLN B 17 17.08 -13.25 -1.75
CA GLN B 17 17.68 -14.37 -1.03
C GLN B 17 17.31 -14.28 0.45
N ALA B 18 17.35 -13.06 0.98
CA ALA B 18 17.00 -12.84 2.37
C ALA B 18 15.60 -13.36 2.66
N ARG B 19 14.64 -12.97 1.84
CA ARG B 19 13.27 -13.44 2.02
C ARG B 19 13.24 -14.96 1.90
N SER B 20 13.90 -15.47 0.86
CA SER B 20 13.94 -16.91 0.64
C SER B 20 14.41 -17.63 1.89
N LEU B 21 15.50 -17.13 2.48
CA LEU B 21 16.04 -17.73 3.71
C LEU B 21 15.01 -17.60 4.83
N ALA B 22 14.37 -16.44 4.93
CA ALA B 22 13.37 -16.20 5.97
C ALA B 22 12.24 -17.23 5.85
N TYR B 23 11.67 -17.38 4.65
CA TYR B 23 10.60 -18.36 4.46
C TYR B 23 11.12 -19.75 4.79
N ALA B 24 12.36 -20.04 4.38
CA ALA B 24 12.95 -21.33 4.67
C ALA B 24 13.06 -21.49 6.19
N ALA B 25 13.43 -20.41 6.87
CA ALA B 25 13.53 -20.43 8.33
C ALA B 25 12.18 -20.80 8.92
N LEU B 26 11.12 -20.21 8.39
CA LEU B 26 9.78 -20.50 8.86
C LEU B 26 9.45 -21.97 8.62
N LYS B 27 9.80 -22.46 7.44
CA LYS B 27 9.55 -23.86 7.11
C LYS B 27 10.21 -24.78 8.14
N GLN B 28 11.43 -24.43 8.54
CA GLN B 28 12.13 -25.23 9.56
C GLN B 28 11.31 -25.26 10.84
N ALA B 29 10.74 -24.11 11.19
CA ALA B 29 9.91 -24.02 12.40
C ALA B 29 8.73 -24.97 12.31
N LYS B 30 8.09 -25.01 11.14
CA LYS B 30 6.95 -25.90 10.94
C LYS B 30 7.36 -27.35 11.16
N GLN B 31 8.62 -27.67 10.83
CA GLN B 31 9.10 -29.04 11.01
C GLN B 31 9.46 -29.28 12.48
N GLY B 32 9.32 -28.24 13.29
CA GLY B 32 9.63 -28.35 14.72
C GLY B 32 11.13 -28.18 14.99
N ASP B 33 11.86 -27.66 14.00
CA ASP B 33 13.29 -27.46 14.14
C ASP B 33 13.60 -26.02 14.53
N PHE B 34 13.47 -25.71 15.81
CA PHE B 34 13.73 -24.34 16.29
C PHE B 34 15.18 -23.94 16.10
N ALA B 35 16.09 -24.90 16.27
CA ALA B 35 17.52 -24.60 16.15
C ALA B 35 17.86 -24.12 14.74
N ALA B 36 17.43 -24.87 13.74
CA ALA B 36 17.71 -24.50 12.36
C ALA B 36 16.98 -23.20 12.01
N ALA B 37 15.77 -23.03 12.51
CA ALA B 37 15.03 -21.80 12.24
C ALA B 37 15.82 -20.61 12.74
N LYS B 38 16.23 -20.68 14.02
CA LYS B 38 17.01 -19.60 14.63
C LYS B 38 18.27 -19.27 13.81
N ALA B 39 18.99 -20.29 13.40
CA ALA B 39 20.21 -20.10 12.61
C ALA B 39 19.91 -19.41 11.28
N MET B 40 18.83 -19.82 10.64
CA MET B 40 18.44 -19.26 9.36
C MET B 40 18.05 -17.78 9.51
N MET B 41 17.32 -17.45 10.57
CA MET B 41 16.92 -16.06 10.78
C MET B 41 18.15 -15.17 10.97
N ASP B 42 19.12 -15.68 11.73
CA ASP B 42 20.33 -14.93 12.01
C ASP B 42 21.06 -14.57 10.73
N GLN B 43 21.21 -15.58 9.86
CA GLN B 43 21.88 -15.36 8.59
C GLN B 43 21.08 -14.40 7.72
N SER B 44 19.76 -14.54 7.73
CA SER B 44 18.91 -13.65 6.95
C SER B 44 19.13 -12.20 7.41
N ARG B 45 19.14 -12.00 8.73
CA ARG B 45 19.35 -10.68 9.30
C ARG B 45 20.69 -10.09 8.83
N MET B 46 21.74 -10.90 8.89
CA MET B 46 23.07 -10.45 8.49
C MET B 46 23.05 -10.04 7.02
N ALA B 47 22.37 -10.84 6.20
CA ALA B 47 22.27 -10.53 4.77
C ALA B 47 21.58 -9.19 4.56
N LEU B 48 20.50 -8.97 5.31
CA LEU B 48 19.75 -7.72 5.21
C LEU B 48 20.59 -6.55 5.72
N ASN B 49 21.30 -6.78 6.81
CA ASN B 49 22.13 -5.75 7.40
C ASN B 49 23.18 -5.26 6.40
N GLU B 50 23.83 -6.19 5.73
CA GLU B 50 24.82 -5.83 4.72
C GLU B 50 24.17 -5.10 3.57
N ALA B 51 23.00 -5.58 3.17
CA ALA B 51 22.25 -4.96 2.08
C ALA B 51 21.83 -3.54 2.48
N HIS B 52 21.32 -3.41 3.70
CA HIS B 52 20.88 -2.11 4.21
C HIS B 52 22.06 -1.13 4.27
N LEU B 53 23.22 -1.64 4.69
CA LEU B 53 24.42 -0.80 4.79
C LEU B 53 24.77 -0.23 3.41
N VAL B 54 24.71 -1.09 2.40
CA VAL B 54 25.03 -0.66 1.04
C VAL B 54 24.01 0.40 0.61
N GLN B 55 22.73 0.16 0.90
CA GLN B 55 21.70 1.13 0.53
C GLN B 55 21.96 2.45 1.25
N THR B 56 22.32 2.39 2.54
CA THR B 56 22.60 3.61 3.30
C THR B 56 23.57 4.50 2.53
N LYS B 57 24.65 3.90 2.04
CA LYS B 57 25.62 4.66 1.25
C LYS B 57 24.97 5.20 -0.01
N LEU B 58 24.12 4.39 -0.61
CA LEU B 58 23.44 4.78 -1.84
C LEU B 58 22.45 5.93 -1.59
N ILE B 59 22.02 6.12 -0.32
CA ILE B 59 21.11 7.23 -0.01
C ILE B 59 21.88 8.48 0.45
N GLU B 60 23.00 8.27 1.16
CA GLU B 60 23.81 9.39 1.64
C GLU B 60 24.42 10.17 0.46
N GLY B 61 24.86 9.43 -0.55
CA GLY B 61 25.49 10.05 -1.72
C GLY B 61 24.59 9.96 -2.95
N ASP B 62 23.28 10.02 -2.73
CA ASP B 62 22.32 9.93 -3.82
C ASP B 62 22.41 11.14 -4.77
N ALA B 63 23.21 12.12 -4.40
CA ALA B 63 23.36 13.32 -5.23
C ALA B 63 24.37 13.07 -6.34
N GLY B 64 24.50 14.03 -7.26
CA GLY B 64 25.44 13.90 -8.37
C GLY B 64 24.78 14.23 -9.71
N GLU B 65 23.73 13.48 -10.05
CA GLU B 65 23.03 13.70 -11.32
C GLU B 65 22.34 15.07 -11.33
N GLY B 66 21.76 15.45 -10.20
CA GLY B 66 21.07 16.73 -10.11
C GLY B 66 20.91 17.16 -8.66
N LYS B 67 20.42 18.38 -8.47
CA LYS B 67 20.23 18.92 -7.13
C LYS B 67 19.13 18.16 -6.38
N MET B 68 17.88 18.54 -6.66
CA MET B 68 16.72 17.93 -6.01
C MET B 68 16.52 16.47 -6.40
N LYS B 69 16.75 16.13 -7.66
CA LYS B 69 16.54 14.76 -8.14
C LYS B 69 17.62 13.80 -7.64
N VAL B 70 17.22 12.52 -7.52
CA VAL B 70 18.11 11.47 -7.05
C VAL B 70 18.02 10.24 -7.98
N SER B 71 18.89 9.26 -7.76
CA SER B 71 18.88 8.05 -8.59
C SER B 71 17.52 7.37 -8.49
N LEU B 72 16.93 7.04 -9.64
CA LEU B 72 15.60 6.45 -9.66
C LEU B 72 15.59 5.04 -9.04
N VAL B 73 16.65 4.30 -9.35
CA VAL B 73 16.80 2.93 -8.88
C VAL B 73 16.83 2.84 -7.34
N LEU B 74 17.12 3.96 -6.69
CA LEU B 74 17.18 3.96 -5.22
C LEU B 74 15.91 3.40 -4.63
N VAL B 75 14.79 3.75 -5.25
CA VAL B 75 13.49 3.28 -4.79
C VAL B 75 13.39 1.77 -5.03
N HIS B 76 13.85 1.23 -6.26
CA HIS B 76 13.80 -0.20 -6.55
C HIS B 76 14.49 -0.99 -5.44
N ALA B 77 15.66 -0.53 -5.03
CA ALA B 77 16.40 -1.19 -3.96
C ALA B 77 15.69 -1.02 -2.63
N GLN B 78 15.18 0.19 -2.38
CA GLN B 78 14.49 0.47 -1.13
C GLN B 78 13.22 -0.37 -1.03
N LEU B 79 12.44 -0.39 -2.12
CA LEU B 79 11.22 -1.18 -2.14
C LEU B 79 11.49 -2.65 -1.82
N HIS B 80 12.48 -3.23 -2.48
CA HIS B 80 12.80 -4.62 -2.24
C HIS B 80 13.36 -4.83 -0.84
N LEU B 81 14.27 -3.95 -0.44
CA LEU B 81 14.88 -4.06 0.89
C LEU B 81 13.85 -3.85 2.00
N MET B 82 13.00 -2.85 1.86
CA MET B 82 11.98 -2.57 2.87
C MET B 82 11.02 -3.75 3.01
N THR B 83 10.59 -4.28 1.87
CA THR B 83 9.67 -5.41 1.87
C THR B 83 10.32 -6.64 2.50
N SER B 84 11.55 -6.94 2.10
CA SER B 84 12.26 -8.09 2.64
C SER B 84 12.50 -7.97 4.14
N MET B 85 12.97 -6.81 4.58
CA MET B 85 13.24 -6.60 6.01
C MET B 85 11.96 -6.76 6.83
N LEU B 86 10.89 -6.14 6.36
CA LEU B 86 9.61 -6.21 7.06
C LEU B 86 9.11 -7.65 7.12
N ALA B 87 9.17 -8.33 5.98
CA ALA B 87 8.72 -9.71 5.90
C ALA B 87 9.49 -10.58 6.88
N ARG B 88 10.79 -10.44 6.86
CA ARG B 88 11.65 -11.22 7.75
C ARG B 88 11.28 -10.97 9.21
N GLU B 89 11.08 -9.70 9.59
CA GLU B 89 10.75 -9.38 10.97
C GLU B 89 9.43 -10.05 11.37
N LEU B 90 8.44 -9.96 10.50
CA LEU B 90 7.14 -10.56 10.78
C LEU B 90 7.28 -12.08 10.84
N ILE B 91 8.06 -12.63 9.92
CA ILE B 91 8.30 -14.07 9.91
C ILE B 91 8.95 -14.49 11.23
N THR B 92 9.86 -13.66 11.73
CA THR B 92 10.50 -13.96 13.02
C THR B 92 9.43 -14.07 14.09
N GLU B 93 8.49 -13.13 14.09
CA GLU B 93 7.40 -13.15 15.06
C GLU B 93 6.58 -14.43 14.88
N LEU B 94 6.30 -14.77 13.62
CA LEU B 94 5.54 -15.99 13.33
C LEU B 94 6.27 -17.21 13.87
N ILE B 95 7.59 -17.26 13.68
CA ILE B 95 8.36 -18.38 14.19
C ILE B 95 8.28 -18.46 15.71
N GLU B 96 8.36 -17.30 16.37
CA GLU B 96 8.25 -17.27 17.83
C GLU B 96 6.90 -17.85 18.25
N LEU B 97 5.86 -17.54 17.49
CA LEU B 97 4.52 -18.05 17.79
C LEU B 97 4.52 -19.58 17.69
N HIS B 98 5.19 -20.10 16.66
CA HIS B 98 5.27 -21.55 16.50
C HIS B 98 5.89 -22.17 17.75
N GLU B 99 6.90 -21.48 18.28
CA GLU B 99 7.55 -21.95 19.50
C GLU B 99 6.58 -21.94 20.66
N LYS B 100 5.77 -20.88 20.77
CA LYS B 100 4.79 -20.80 21.84
C LYS B 100 3.72 -21.88 21.65
N LEU B 101 3.39 -22.19 20.39
CA LEU B 101 2.42 -23.25 20.11
C LEU B 101 2.96 -24.60 20.58
N LYS B 102 4.13 -24.57 21.21
CA LYS B 102 4.77 -25.78 21.72
C LYS B 102 5.49 -26.51 20.59
N ALA B 103 4.71 -26.92 19.58
CA ALA B 103 5.25 -27.67 18.43
C ALA B 103 6.64 -27.19 18.04
N ALA C 1 11.12 19.25 -2.05
CA ALA C 1 11.16 20.74 -1.98
C ALA C 1 10.96 21.17 -0.54
N GLU C 2 11.18 22.45 -0.27
CA GLU C 2 11.04 23.02 1.08
C GLU C 2 10.10 22.22 1.98
N GLU C 3 8.81 22.51 1.89
CA GLU C 3 7.83 21.81 2.71
C GLU C 3 7.73 20.34 2.34
N LEU C 4 7.37 20.07 1.08
CA LEU C 4 7.24 18.68 0.63
C LEU C 4 8.38 17.80 1.16
N GLU C 5 9.60 18.32 1.11
CA GLU C 5 10.76 17.57 1.58
C GLU C 5 10.74 17.43 3.10
N GLU C 6 10.47 18.53 3.78
CA GLU C 6 10.41 18.52 5.24
C GLU C 6 9.19 17.70 5.68
N VAL C 7 8.12 17.78 4.89
CA VAL C 7 6.90 17.04 5.17
C VAL C 7 7.17 15.53 5.06
N VAL C 8 7.92 15.14 4.03
CA VAL C 8 8.27 13.74 3.83
C VAL C 8 9.06 13.24 5.04
N MET C 9 10.02 14.04 5.50
CA MET C 9 10.80 13.67 6.66
C MET C 9 9.87 13.40 7.84
N GLY C 10 8.88 14.29 8.01
CA GLY C 10 7.91 14.13 9.08
C GLY C 10 7.12 12.84 8.88
N LEU C 11 6.71 12.59 7.65
CA LEU C 11 5.94 11.37 7.33
C LEU C 11 6.79 10.14 7.59
N ILE C 12 8.05 10.18 7.18
CA ILE C 12 8.94 9.04 7.37
C ILE C 12 9.11 8.78 8.87
N ILE C 13 9.32 9.87 9.61
CA ILE C 13 9.47 9.76 11.06
C ILE C 13 8.16 9.23 11.66
N ASN C 14 7.05 9.81 11.22
CA ASN C 14 5.73 9.40 11.72
C ASN C 14 5.50 7.92 11.43
N SER C 15 5.79 7.51 10.19
CA SER C 15 5.63 6.11 9.81
C SER C 15 6.52 5.24 10.68
N GLY C 16 7.76 5.70 10.90
CA GLY C 16 8.70 4.95 11.73
C GLY C 16 8.18 4.84 13.16
N GLN C 17 7.67 5.95 13.70
CA GLN C 17 7.13 5.92 15.06
C GLN C 17 5.95 4.97 15.12
N ALA C 18 5.12 5.01 14.08
CA ALA C 18 3.96 4.14 14.02
C ALA C 18 4.38 2.67 14.15
N ARG C 19 5.36 2.27 13.33
CA ARG C 19 5.84 0.91 13.40
C ARG C 19 6.41 0.63 14.79
N SER C 20 7.21 1.57 15.28
CA SER C 20 7.81 1.41 16.60
C SER C 20 6.73 1.13 17.65
N LEU C 21 5.66 1.92 17.61
CA LEU C 21 4.56 1.74 18.54
C LEU C 21 3.92 0.37 18.33
N ALA C 22 3.73 0.00 17.06
CA ALA C 22 3.13 -1.29 16.73
C ALA C 22 3.96 -2.44 17.33
N TYR C 23 5.27 -2.43 17.07
CA TYR C 23 6.14 -3.47 17.64
C TYR C 23 6.05 -3.45 19.16
N ALA C 24 6.03 -2.24 19.72
CA ALA C 24 5.92 -2.11 21.17
C ALA C 24 4.59 -2.72 21.62
N ALA C 25 3.54 -2.47 20.85
CA ALA C 25 2.23 -3.03 21.16
C ALA C 25 2.31 -4.55 21.21
N LEU C 26 3.01 -5.12 20.24
CA LEU C 26 3.19 -6.57 20.18
C LEU C 26 3.95 -7.05 21.42
N LYS C 27 4.99 -6.31 21.77
CA LYS C 27 5.79 -6.66 22.94
C LYS C 27 4.90 -6.72 24.19
N GLN C 28 3.99 -5.77 24.31
CA GLN C 28 3.06 -5.75 25.44
C GLN C 28 2.26 -7.04 25.47
N ALA C 29 1.82 -7.47 24.27
CA ALA C 29 1.05 -8.70 24.16
C ALA C 29 1.85 -9.89 24.67
N LYS C 30 3.13 -9.94 24.30
CA LYS C 30 3.99 -11.02 24.76
C LYS C 30 4.07 -11.06 26.28
N GLN C 31 3.98 -9.88 26.90
CA GLN C 31 4.04 -9.80 28.36
C GLN C 31 2.67 -10.17 28.96
N GLY C 32 1.71 -10.44 28.08
CA GLY C 32 0.36 -10.83 28.53
C GLY C 32 -0.47 -9.60 28.89
N ASP C 33 -0.04 -8.43 28.44
CA ASP C 33 -0.76 -7.18 28.70
C ASP C 33 -1.63 -6.80 27.51
N PHE C 34 -2.80 -7.41 27.42
CA PHE C 34 -3.71 -7.14 26.31
C PHE C 34 -4.22 -5.70 26.34
N ALA C 35 -4.43 -5.17 27.54
CA ALA C 35 -4.94 -3.81 27.68
C ALA C 35 -3.97 -2.79 27.08
N ALA C 36 -2.71 -2.89 27.47
CA ALA C 36 -1.71 -1.96 26.96
C ALA C 36 -1.50 -2.17 25.47
N ALA C 37 -1.55 -3.42 25.02
CA ALA C 37 -1.38 -3.71 23.60
C ALA C 37 -2.48 -3.00 22.81
N LYS C 38 -3.72 -3.21 23.22
CA LYS C 38 -4.87 -2.59 22.57
C LYS C 38 -4.72 -1.07 22.49
N ALA C 39 -4.32 -0.45 23.61
CA ALA C 39 -4.16 1.00 23.65
C ALA C 39 -3.06 1.46 22.68
N MET C 40 -1.96 0.72 22.64
CA MET C 40 -0.85 1.06 21.77
C MET C 40 -1.25 0.92 20.30
N MET C 41 -2.03 -0.11 19.99
CA MET C 41 -2.48 -0.31 18.61
C MET C 41 -3.35 0.85 18.16
N ASP C 42 -4.25 1.28 19.04
CA ASP C 42 -5.17 2.36 18.72
C ASP C 42 -4.41 3.63 18.38
N GLN C 43 -3.42 3.97 19.21
CA GLN C 43 -2.61 5.16 18.97
C GLN C 43 -1.83 5.03 17.67
N SER C 44 -1.30 3.85 17.42
CA SER C 44 -0.55 3.60 16.19
C SER C 44 -1.44 3.87 14.98
N ARG C 45 -2.67 3.32 15.03
CA ARG C 45 -3.64 3.50 13.96
C ARG C 45 -3.93 4.99 13.72
N MET C 46 -4.14 5.72 14.81
CA MET C 46 -4.43 7.15 14.72
C MET C 46 -3.26 7.89 14.08
N ALA C 47 -2.04 7.51 14.47
CA ALA C 47 -0.84 8.14 13.91
C ALA C 47 -0.78 7.91 12.40
N LEU C 48 -1.08 6.68 11.98
CA LEU C 48 -1.07 6.33 10.57
C LEU C 48 -2.17 7.06 9.82
N ASN C 49 -3.34 7.15 10.45
CA ASN C 49 -4.48 7.81 9.84
C ASN C 49 -4.14 9.27 9.52
N GLU C 50 -3.51 9.95 10.47
CA GLU C 50 -3.11 11.33 10.26
C GLU C 50 -2.06 11.41 9.16
N ALA C 51 -1.13 10.47 9.19
CA ALA C 51 -0.07 10.43 8.18
C ALA C 51 -0.67 10.15 6.80
N HIS C 52 -1.58 9.19 6.74
CA HIS C 52 -2.25 8.85 5.48
C HIS C 52 -3.02 10.05 4.94
N LEU C 53 -3.69 10.78 5.83
CA LEU C 53 -4.47 11.95 5.43
C LEU C 53 -3.56 12.98 4.76
N VAL C 54 -2.39 13.20 5.35
CA VAL C 54 -1.45 14.16 4.80
C VAL C 54 -0.99 13.67 3.43
N GLN C 55 -0.69 12.38 3.32
CA GLN C 55 -0.26 11.82 2.04
C GLN C 55 -1.38 11.99 1.00
N THR C 56 -2.62 11.74 1.41
CA THR C 56 -3.76 11.88 0.48
C THR C 56 -3.70 13.25 -0.19
N LYS C 57 -3.50 14.29 0.60
CA LYS C 57 -3.40 15.64 0.05
C LYS C 57 -2.20 15.73 -0.88
N LEU C 58 -1.11 15.09 -0.49
CA LEU C 58 0.10 15.11 -1.29
C LEU C 58 -0.08 14.35 -2.61
N ILE C 59 -1.09 13.47 -2.70
CA ILE C 59 -1.33 12.76 -3.95
C ILE C 59 -2.40 13.48 -4.79
N GLU C 60 -3.38 14.10 -4.14
CA GLU C 60 -4.43 14.83 -4.87
C GLU C 60 -3.85 16.03 -5.60
N GLY C 61 -2.89 16.71 -4.98
CA GLY C 61 -2.28 17.89 -5.57
C GLY C 61 -0.83 17.62 -5.97
N ASP C 62 -0.56 16.41 -6.41
CA ASP C 62 0.79 16.03 -6.80
C ASP C 62 1.22 16.75 -8.06
N ALA C 63 0.31 17.49 -8.68
CA ALA C 63 0.63 18.24 -9.90
C ALA C 63 1.30 19.56 -9.56
N GLY C 64 1.78 20.26 -10.59
CA GLY C 64 2.43 21.56 -10.39
C GLY C 64 3.77 21.63 -11.13
N GLU C 65 4.69 20.71 -10.81
CA GLU C 65 5.99 20.70 -11.45
C GLU C 65 5.87 20.38 -12.94
N GLY C 66 4.99 19.45 -13.27
CA GLY C 66 4.80 19.05 -14.66
C GLY C 66 3.45 18.36 -14.86
N LYS C 67 3.12 18.09 -16.11
CA LYS C 67 1.85 17.44 -16.43
C LYS C 67 1.83 16.00 -15.92
N MET C 68 2.44 15.10 -16.70
CA MET C 68 2.48 13.68 -16.36
C MET C 68 3.31 13.38 -15.12
N LYS C 69 4.45 14.07 -14.97
CA LYS C 69 5.34 13.83 -13.84
C LYS C 69 4.79 14.36 -12.52
N VAL C 70 5.20 13.71 -11.43
CA VAL C 70 4.76 14.07 -10.08
C VAL C 70 5.96 14.16 -9.13
N SER C 71 5.72 14.64 -7.91
CA SER C 71 6.80 14.75 -6.93
C SER C 71 7.42 13.38 -6.68
N LEU C 72 8.74 13.30 -6.77
CA LEU C 72 9.45 12.03 -6.61
C LEU C 72 9.31 11.48 -5.19
N VAL C 73 9.40 12.39 -4.22
CA VAL C 73 9.33 12.04 -2.80
C VAL C 73 8.00 11.37 -2.44
N LEU C 74 6.99 11.57 -3.26
CA LEU C 74 5.68 10.98 -3.00
C LEU C 74 5.80 9.48 -2.75
N VAL C 75 6.66 8.86 -3.53
CA VAL C 75 6.89 7.43 -3.40
C VAL C 75 7.57 7.14 -2.07
N HIS C 76 8.62 7.97 -1.63
CA HIS C 76 9.32 7.78 -0.37
C HIS C 76 8.32 7.73 0.79
N ALA C 77 7.37 8.67 0.78
CA ALA C 77 6.35 8.70 1.82
C ALA C 77 5.40 7.53 1.67
N GLN C 78 5.03 7.21 0.42
CA GLN C 78 4.10 6.11 0.17
C GLN C 78 4.74 4.79 0.59
N LEU C 79 5.99 4.58 0.19
CA LEU C 79 6.71 3.36 0.55
C LEU C 79 6.75 3.17 2.06
N HIS C 80 7.13 4.21 2.79
CA HIS C 80 7.20 4.12 4.24
C HIS C 80 5.81 3.94 4.85
N LEU C 81 4.87 4.73 4.38
CA LEU C 81 3.50 4.67 4.89
C LEU C 81 2.85 3.31 4.59
N MET C 82 3.01 2.84 3.37
CA MET C 82 2.42 1.55 2.98
C MET C 82 3.01 0.42 3.82
N THR C 83 4.32 0.45 3.99
CA THR C 83 5.00 -0.58 4.76
C THR C 83 4.54 -0.55 6.22
N SER C 84 4.53 0.64 6.80
CA SER C 84 4.12 0.80 8.20
C SER C 84 2.67 0.37 8.42
N MET C 85 1.76 0.84 7.56
CA MET C 85 0.35 0.48 7.70
C MET C 85 0.16 -1.04 7.61
N LEU C 86 0.80 -1.65 6.63
CA LEU C 86 0.70 -3.09 6.43
C LEU C 86 1.24 -3.83 7.65
N ALA C 87 2.42 -3.42 8.10
CA ALA C 87 3.05 -4.04 9.25
C ALA C 87 2.13 -3.96 10.47
N ARG C 88 1.61 -2.77 10.71
CA ARG C 88 0.74 -2.55 11.84
C ARG C 88 -0.50 -3.47 11.77
N GLU C 89 -1.11 -3.56 10.59
CA GLU C 89 -2.29 -4.42 10.44
C GLU C 89 -1.95 -5.88 10.74
N LEU C 90 -0.82 -6.35 10.20
CA LEU C 90 -0.40 -7.72 10.44
C LEU C 90 -0.07 -7.92 11.91
N ILE C 91 0.60 -6.95 12.49
CA ILE C 91 0.95 -7.02 13.90
C ILE C 91 -0.33 -7.12 14.73
N THR C 92 -1.36 -6.39 14.32
CA THR C 92 -2.64 -6.46 15.02
C THR C 92 -3.15 -7.89 14.99
N GLU C 93 -3.06 -8.53 13.83
CA GLU C 93 -3.50 -9.92 13.70
C GLU C 93 -2.66 -10.82 14.62
N LEU C 94 -1.36 -10.56 14.63
CA LEU C 94 -0.45 -11.34 15.47
C LEU C 94 -0.84 -11.20 16.94
N ILE C 95 -1.16 -9.98 17.35
CA ILE C 95 -1.57 -9.73 18.73
C ILE C 95 -2.86 -10.51 19.05
N GLU C 96 -3.80 -10.48 18.12
CA GLU C 96 -5.05 -11.21 18.31
C GLU C 96 -4.75 -12.70 18.53
N LEU C 97 -3.78 -13.21 17.77
CA LEU C 97 -3.39 -14.61 17.91
C LEU C 97 -2.85 -14.87 19.32
N HIS C 98 -2.05 -13.94 19.83
CA HIS C 98 -1.52 -14.09 21.18
C HIS C 98 -2.68 -14.22 22.16
N GLU C 99 -3.73 -13.44 21.92
CA GLU C 99 -4.90 -13.49 22.78
C GLU C 99 -5.57 -14.87 22.68
N LYS C 100 -5.65 -15.41 21.46
CA LYS C 100 -6.25 -16.72 21.29
C LYS C 100 -5.38 -17.78 21.95
N LEU C 101 -4.05 -17.58 21.91
CA LEU C 101 -3.12 -18.52 22.55
C LEU C 101 -3.37 -18.53 24.06
N LYS C 102 -4.36 -17.76 24.51
CA LYS C 102 -4.70 -17.67 25.93
C LYS C 102 -3.78 -16.68 26.63
N ALA C 103 -2.48 -16.99 26.61
CA ALA C 103 -1.45 -16.16 27.26
C ALA C 103 -1.80 -14.67 27.21
N LYS D 1 -19.97 26.95 -1.17
CA LYS D 1 -19.08 26.05 -1.96
C LYS D 1 -19.44 24.59 -1.78
N LYS D 2 -19.77 23.94 -2.87
CA LYS D 2 -20.15 22.54 -2.84
C LYS D 2 -18.93 21.62 -2.88
N HIS D 3 -19.02 20.49 -2.19
CA HIS D 3 -17.93 19.52 -2.13
C HIS D 3 -18.12 18.37 -3.08
N ILE D 4 -17.20 18.26 -4.03
CA ILE D 4 -17.22 17.18 -4.99
C ILE D 4 -16.07 16.24 -4.61
N TYR D 5 -16.39 15.03 -4.18
CA TYR D 5 -15.38 14.06 -3.78
C TYR D 5 -15.33 12.90 -4.76
N LEU D 6 -14.13 12.60 -5.26
CA LEU D 6 -13.90 11.48 -6.19
C LEU D 6 -13.25 10.35 -5.40
N PHE D 7 -13.56 9.08 -5.76
CA PHE D 7 -12.86 7.96 -5.13
C PHE D 7 -12.19 7.06 -6.17
N CYS D 8 -11.05 6.45 -5.74
CA CYS D 8 -10.29 5.44 -6.47
C CYS D 8 -9.53 4.57 -5.49
N SER D 9 -8.67 3.65 -5.89
CA SER D 9 -8.08 2.81 -4.84
C SER D 9 -7.21 3.63 -3.90
N ALA D 10 -6.22 4.39 -4.40
CA ALA D 10 -5.33 5.13 -3.51
C ALA D 10 -5.63 6.61 -3.58
N GLY D 11 -5.90 7.12 -4.78
CA GLY D 11 -6.21 8.53 -4.96
C GLY D 11 -5.18 9.23 -5.84
N MET D 12 -4.50 8.50 -6.74
CA MET D 12 -3.48 9.13 -7.58
C MET D 12 -3.97 9.33 -9.03
N SER D 13 -4.07 8.26 -9.74
CA SER D 13 -4.51 8.37 -11.14
C SER D 13 -5.72 9.30 -11.29
N THR D 14 -6.45 9.50 -10.20
CA THR D 14 -7.63 10.38 -10.32
C THR D 14 -7.22 11.77 -9.88
N SER D 15 -6.09 11.83 -9.22
CA SER D 15 -5.48 13.09 -8.76
C SER D 15 -5.20 14.03 -9.93
N LEU D 16 -4.82 13.46 -11.06
CA LEU D 16 -4.55 14.26 -12.24
C LEU D 16 -5.88 14.86 -12.76
N LEU D 17 -6.96 14.07 -12.72
CA LEU D 17 -8.28 14.55 -13.14
C LEU D 17 -8.75 15.68 -12.19
N VAL D 18 -8.54 15.48 -10.88
CA VAL D 18 -8.91 16.50 -9.89
C VAL D 18 -8.18 17.83 -10.15
N SER D 19 -6.89 17.79 -10.47
CA SER D 19 -6.17 19.03 -10.74
C SER D 19 -6.73 19.77 -11.98
N LYS D 20 -7.12 19.03 -13.02
CA LYS D 20 -7.71 19.66 -14.20
C LYS D 20 -9.12 20.20 -13.91
N MET D 21 -9.87 19.50 -13.07
CA MET D 21 -11.22 20.00 -12.73
C MET D 21 -11.08 21.31 -11.94
N ARG D 22 -10.13 21.39 -11.02
CA ARG D 22 -9.91 22.60 -10.21
C ARG D 22 -9.56 23.79 -11.12
N ALA D 23 -8.79 23.54 -12.18
CA ALA D 23 -8.39 24.59 -13.11
C ALA D 23 -9.63 25.14 -13.81
N GLN D 24 -10.50 24.24 -14.24
CA GLN D 24 -11.72 24.61 -14.91
C GLN D 24 -12.67 25.35 -14.00
N ALA D 25 -12.80 24.88 -12.77
CA ALA D 25 -13.69 25.53 -11.80
C ALA D 25 -13.24 26.96 -11.55
N GLU D 26 -11.93 27.20 -11.60
CA GLU D 26 -11.39 28.54 -11.36
C GLU D 26 -11.65 29.43 -12.57
N LYS D 27 -11.43 28.88 -13.76
CA LYS D 27 -11.63 29.59 -14.99
C LYS D 27 -13.07 30.10 -15.12
N TYR D 28 -14.05 29.29 -14.72
CA TYR D 28 -15.48 29.69 -14.80
C TYR D 28 -16.13 30.10 -13.49
N GLU D 29 -15.33 30.35 -12.46
CA GLU D 29 -15.81 30.78 -11.15
C GLU D 29 -16.89 29.89 -10.51
N VAL D 30 -16.76 28.58 -10.66
CA VAL D 30 -17.70 27.63 -10.08
C VAL D 30 -17.27 27.48 -8.62
N PRO D 31 -18.19 27.73 -7.67
CA PRO D 31 -17.91 27.64 -6.23
C PRO D 31 -17.93 26.21 -5.68
N VAL D 32 -16.88 25.46 -6.01
CA VAL D 32 -16.75 24.08 -5.57
C VAL D 32 -15.38 23.76 -5.01
N ILE D 33 -15.35 22.75 -4.14
CA ILE D 33 -14.13 22.22 -3.55
C ILE D 33 -14.09 20.77 -4.09
N ILE D 34 -12.98 20.40 -4.71
CA ILE D 34 -12.79 19.07 -5.32
C ILE D 34 -11.61 18.31 -4.66
N GLU D 35 -11.86 17.09 -4.18
CA GLU D 35 -10.83 16.27 -3.52
C GLU D 35 -10.93 14.82 -4.00
N ALA D 36 -9.78 14.14 -4.09
CA ALA D 36 -9.71 12.73 -4.50
C ALA D 36 -9.34 11.92 -3.25
N PHE D 37 -9.93 10.74 -3.09
CA PHE D 37 -9.64 9.87 -1.95
C PHE D 37 -9.66 8.44 -2.43
N PRO D 38 -9.08 7.53 -1.64
CA PRO D 38 -9.07 6.11 -2.02
C PRO D 38 -10.49 5.61 -1.70
N GLU D 39 -10.91 4.54 -2.35
CA GLU D 39 -12.24 3.96 -2.13
C GLU D 39 -12.51 3.54 -0.69
N THR D 40 -11.46 3.29 0.09
CA THR D 40 -11.63 2.88 1.48
C THR D 40 -12.26 3.95 2.37
N LEU D 41 -12.19 5.21 1.94
CA LEU D 41 -12.77 6.32 2.70
C LEU D 41 -14.15 6.77 2.20
N ALA D 42 -14.74 6.07 1.21
CA ALA D 42 -16.05 6.45 0.63
C ALA D 42 -17.14 6.64 1.68
N GLY D 43 -17.12 5.80 2.71
CA GLY D 43 -18.13 5.91 3.75
C GLY D 43 -17.81 6.98 4.77
N GLU D 44 -16.53 7.16 5.08
CA GLU D 44 -16.15 8.15 6.07
C GLU D 44 -16.16 9.59 5.49
N LYS D 45 -15.52 9.77 4.34
CA LYS D 45 -15.46 11.08 3.70
C LYS D 45 -16.73 11.45 2.92
N GLY D 46 -17.38 10.46 2.32
CA GLY D 46 -18.60 10.70 1.55
C GLY D 46 -19.69 11.43 2.29
N GLN D 47 -19.77 11.23 3.60
CA GLN D 47 -20.79 11.89 4.43
C GLN D 47 -20.74 13.42 4.34
N ASN D 48 -19.59 13.97 3.95
CA ASN D 48 -19.43 15.41 3.87
C ASN D 48 -19.45 15.95 2.45
N ALA D 49 -19.66 15.08 1.48
CA ALA D 49 -19.67 15.54 0.10
C ALA D 49 -21.06 15.97 -0.30
N ASP D 50 -21.11 16.82 -1.31
CA ASP D 50 -22.38 17.25 -1.83
C ASP D 50 -22.73 16.32 -2.99
N VAL D 51 -21.69 15.73 -3.60
CA VAL D 51 -21.88 14.75 -4.67
C VAL D 51 -20.68 13.78 -4.61
N VAL D 52 -20.98 12.49 -4.70
CA VAL D 52 -19.97 11.44 -4.66
C VAL D 52 -19.78 10.85 -6.06
N LEU D 53 -18.55 10.92 -6.57
CA LEU D 53 -18.24 10.38 -7.88
C LEU D 53 -17.30 9.18 -7.73
N LEU D 54 -17.60 8.08 -8.42
CA LEU D 54 -16.75 6.88 -8.36
C LEU D 54 -15.96 6.73 -9.63
N GLY D 55 -14.69 6.35 -9.51
CA GLY D 55 -13.84 6.18 -10.68
C GLY D 55 -14.39 5.02 -11.49
N PRO D 56 -14.13 4.94 -12.76
CA PRO D 56 -14.66 3.84 -13.62
C PRO D 56 -14.24 2.42 -13.18
N GLN D 57 -13.07 2.31 -12.54
CA GLN D 57 -12.57 1.02 -12.08
C GLN D 57 -13.39 0.49 -10.90
N ILE D 58 -14.04 1.38 -10.15
CA ILE D 58 -14.82 0.94 -9.01
C ILE D 58 -16.34 1.02 -9.23
N ALA D 59 -16.75 0.99 -10.49
CA ALA D 59 -18.17 1.04 -10.83
C ALA D 59 -18.94 -0.11 -10.19
N TYR D 60 -18.34 -1.30 -10.13
CA TYR D 60 -19.04 -2.44 -9.55
C TYR D 60 -19.46 -2.21 -8.09
N MET D 61 -18.84 -1.23 -7.44
CA MET D 61 -19.15 -0.89 -6.05
C MET D 61 -20.33 0.08 -5.87
N LEU D 62 -20.89 0.58 -6.97
CA LEU D 62 -21.99 1.54 -6.90
C LEU D 62 -23.13 1.19 -5.93
N PRO D 63 -23.73 -0.02 -6.05
CA PRO D 63 -24.82 -0.37 -5.12
C PRO D 63 -24.43 -0.30 -3.65
N GLU D 64 -23.22 -0.72 -3.30
CA GLU D 64 -22.77 -0.68 -1.91
C GLU D 64 -22.60 0.74 -1.42
N ILE D 65 -22.02 1.59 -2.25
CA ILE D 65 -21.83 2.99 -1.85
C ILE D 65 -23.16 3.74 -1.71
N GLN D 66 -24.12 3.42 -2.59
CA GLN D 66 -25.46 4.00 -2.52
C GLN D 66 -26.13 3.64 -1.18
N ARG D 67 -26.00 2.39 -0.73
CA ARG D 67 -26.60 1.98 0.55
C ARG D 67 -25.89 2.63 1.74
N LEU D 68 -24.60 2.88 1.59
CA LEU D 68 -23.77 3.49 2.64
C LEU D 68 -24.11 4.97 2.82
N LEU D 69 -24.39 5.65 1.70
CA LEU D 69 -24.73 7.09 1.68
C LEU D 69 -26.11 7.27 1.01
N PRO D 70 -27.20 6.87 1.69
CA PRO D 70 -28.55 6.99 1.13
C PRO D 70 -29.03 8.44 0.93
N ASN D 71 -28.35 9.38 1.56
CA ASN D 71 -28.75 10.79 1.44
C ASN D 71 -27.82 11.63 0.57
N LYS D 72 -27.08 10.99 -0.33
CA LYS D 72 -26.14 11.69 -1.21
C LYS D 72 -26.26 11.20 -2.63
N PRO D 73 -26.13 12.10 -3.63
CA PRO D 73 -26.21 11.62 -5.02
C PRO D 73 -24.85 10.97 -5.27
N VAL D 74 -24.87 9.73 -5.75
CA VAL D 74 -23.64 8.96 -6.02
C VAL D 74 -23.64 8.48 -7.46
N GLU D 75 -22.58 8.72 -8.19
CA GLU D 75 -22.53 8.22 -9.55
C GLU D 75 -21.13 7.95 -10.07
N VAL D 76 -21.06 7.12 -11.10
CA VAL D 76 -19.80 6.72 -11.71
C VAL D 76 -19.40 7.72 -12.78
N ILE D 77 -18.11 8.03 -12.84
CA ILE D 77 -17.58 8.96 -13.83
C ILE D 77 -17.54 8.27 -15.17
N ASP D 78 -17.96 8.97 -16.21
CA ASP D 78 -17.94 8.40 -17.55
C ASP D 78 -16.51 7.95 -17.89
N SER D 79 -16.33 6.69 -18.28
CA SER D 79 -14.99 6.17 -18.58
C SER D 79 -14.18 6.90 -19.65
N LEU D 80 -14.87 7.44 -20.65
CA LEU D 80 -14.19 8.17 -21.73
C LEU D 80 -13.73 9.53 -21.23
N LEU D 81 -14.58 10.18 -20.45
CA LEU D 81 -14.26 11.49 -19.90
C LEU D 81 -13.10 11.33 -18.94
N TYR D 82 -13.10 10.21 -18.22
CA TYR D 82 -12.04 9.90 -17.25
C TYR D 82 -10.71 9.58 -17.95
N GLY D 83 -10.75 8.68 -18.92
CA GLY D 83 -9.54 8.32 -19.64
C GLY D 83 -8.87 9.50 -20.31
N LYS D 84 -9.68 10.37 -20.87
CA LYS D 84 -9.22 11.56 -21.59
C LYS D 84 -8.79 12.70 -20.65
N VAL D 85 -9.07 12.52 -19.35
CA VAL D 85 -8.77 13.52 -18.31
C VAL D 85 -9.47 14.86 -18.61
N ASP D 86 -10.76 14.77 -18.94
CA ASP D 86 -11.57 15.95 -19.28
C ASP D 86 -12.09 16.63 -18.03
N GLY D 87 -11.29 17.56 -17.51
CA GLY D 87 -11.64 18.31 -16.31
C GLY D 87 -12.94 19.07 -16.45
N LEU D 88 -13.16 19.73 -17.60
CA LEU D 88 -14.39 20.49 -17.80
C LEU D 88 -15.63 19.58 -17.87
N GLY D 89 -15.50 18.50 -18.64
CA GLY D 89 -16.59 17.56 -18.81
C GLY D 89 -17.07 16.91 -17.53
N VAL D 90 -16.12 16.49 -16.69
CA VAL D 90 -16.48 15.84 -15.42
C VAL D 90 -17.04 16.88 -14.45
N LEU D 91 -16.47 18.08 -14.49
CA LEU D 91 -16.97 19.15 -13.63
C LEU D 91 -18.46 19.39 -14.00
N LYS D 92 -18.76 19.42 -15.30
CA LYS D 92 -20.15 19.61 -15.75
C LYS D 92 -21.09 18.52 -15.24
N ALA D 93 -20.64 17.27 -15.30
CA ALA D 93 -21.47 16.14 -14.85
C ALA D 93 -21.76 16.21 -13.35
N ALA D 94 -20.78 16.72 -12.60
CA ALA D 94 -20.90 16.82 -11.15
C ALA D 94 -21.90 17.90 -10.75
N VAL D 95 -21.80 19.06 -11.40
CA VAL D 95 -22.72 20.17 -11.13
C VAL D 95 -24.13 19.69 -11.49
N ALA D 96 -24.25 18.98 -12.61
CA ALA D 96 -25.54 18.45 -13.04
C ALA D 96 -26.13 17.51 -11.99
N ALA D 97 -25.33 16.57 -11.49
CA ALA D 97 -25.85 15.64 -10.49
C ALA D 97 -26.36 16.40 -9.26
N ILE D 98 -25.70 17.51 -8.93
CA ILE D 98 -26.12 18.32 -7.78
C ILE D 98 -27.46 19.01 -8.03
N LYS D 99 -27.63 19.58 -9.24
CA LYS D 99 -28.87 20.26 -9.62
C LYS D 99 -30.01 19.26 -9.71
N LYS D 100 -29.80 18.19 -10.45
CA LYS D 100 -30.83 17.18 -10.59
C LYS D 100 -31.20 16.60 -9.22
N ALA D 101 -30.34 16.79 -8.23
CA ALA D 101 -30.58 16.28 -6.88
C ALA D 101 -31.37 17.24 -6.00
N ALA D 102 -31.14 18.54 -6.18
CA ALA D 102 -31.83 19.57 -5.43
C ALA D 102 -33.22 19.88 -6.02
N ALA D 103 -33.60 19.13 -7.06
CA ALA D 103 -34.88 19.29 -7.72
C ALA D 103 -35.05 18.26 -8.85
P PO3 E . -4.78 5.44 -7.22
O1 PO3 E . -5.26 4.01 -7.00
O2 PO3 E . -4.75 6.01 -8.62
O3 PO3 E . -4.18 6.22 -6.08
N ALA A 1 0.74 7.29 -18.60
CA ALA A 1 0.24 7.59 -19.96
C ALA A 1 -1.09 6.86 -20.17
N GLU A 2 -1.77 7.18 -21.26
CA GLU A 2 -3.08 6.58 -21.60
C GLU A 2 -3.28 5.20 -20.95
N GLU A 3 -2.80 4.17 -21.63
CA GLU A 3 -2.95 2.80 -21.13
C GLU A 3 -2.16 2.60 -19.84
N LEU A 4 -0.84 2.78 -19.91
CA LEU A 4 0.01 2.60 -18.74
C LEU A 4 -0.63 3.20 -17.48
N GLU A 5 -1.21 4.38 -17.61
CA GLU A 5 -1.84 5.05 -16.47
C GLU A 5 -3.12 4.34 -16.08
N GLU A 6 -3.94 4.01 -17.07
CA GLU A 6 -5.19 3.30 -16.82
C GLU A 6 -4.88 1.88 -16.34
N VAL A 7 -3.80 1.31 -16.88
CA VAL A 7 -3.37 -0.03 -16.50
C VAL A 7 -2.93 -0.05 -15.03
N VAL A 8 -2.20 0.99 -14.63
CA VAL A 8 -1.73 1.10 -13.25
C VAL A 8 -2.95 1.16 -12.33
N MET A 9 -3.95 1.96 -12.70
CA MET A 9 -5.17 2.06 -11.90
C MET A 9 -5.77 0.67 -11.73
N GLY A 10 -5.81 -0.09 -12.82
CA GLY A 10 -6.34 -1.45 -12.77
C GLY A 10 -5.49 -2.31 -11.83
N LEU A 11 -4.17 -2.17 -11.95
CA LEU A 11 -3.26 -2.93 -11.10
C LEU A 11 -3.45 -2.56 -9.64
N ILE A 12 -3.57 -1.27 -9.37
CA ILE A 12 -3.76 -0.80 -8.00
C ILE A 12 -5.06 -1.36 -7.46
N ILE A 13 -6.11 -1.29 -8.26
CA ILE A 13 -7.40 -1.82 -7.85
C ILE A 13 -7.30 -3.33 -7.65
N ASN A 14 -6.65 -4.01 -8.60
CA ASN A 14 -6.47 -5.45 -8.53
C ASN A 14 -5.71 -5.82 -7.26
N SER A 15 -4.61 -5.11 -7.03
CA SER A 15 -3.81 -5.35 -5.83
C SER A 15 -4.65 -5.14 -4.57
N GLY A 16 -5.44 -4.06 -4.60
CA GLY A 16 -6.32 -3.75 -3.47
C GLY A 16 -7.35 -4.86 -3.26
N GLN A 17 -7.95 -5.32 -4.36
CA GLN A 17 -8.94 -6.40 -4.27
C GLN A 17 -8.27 -7.65 -3.72
N ALA A 18 -7.05 -7.92 -4.18
CA ALA A 18 -6.31 -9.09 -3.72
C ALA A 18 -6.15 -9.04 -2.21
N ARG A 19 -5.70 -7.91 -1.69
CA ARG A 19 -5.55 -7.77 -0.25
C ARG A 19 -6.90 -7.95 0.43
N SER A 20 -7.91 -7.28 -0.11
CA SER A 20 -9.25 -7.36 0.44
C SER A 20 -9.68 -8.83 0.57
N LEU A 21 -9.47 -9.59 -0.49
CA LEU A 21 -9.81 -11.01 -0.48
C LEU A 21 -8.97 -11.74 0.58
N ALA A 22 -7.69 -11.40 0.63
CA ALA A 22 -6.79 -12.03 1.60
C ALA A 22 -7.30 -11.80 3.03
N TYR A 23 -7.59 -10.55 3.38
CA TYR A 23 -8.10 -10.25 4.72
C TYR A 23 -9.41 -11.00 4.93
N ALA A 24 -10.25 -11.03 3.90
CA ALA A 24 -11.51 -11.73 3.99
C ALA A 24 -11.24 -13.22 4.25
N ALA A 25 -10.23 -13.75 3.56
CA ALA A 25 -9.84 -15.14 3.75
C ALA A 25 -9.48 -15.38 5.21
N LEU A 26 -8.72 -14.46 5.78
CA LEU A 26 -8.32 -14.57 7.18
C LEU A 26 -9.56 -14.55 8.07
N LYS A 27 -10.48 -13.64 7.77
CA LYS A 27 -11.71 -13.53 8.54
C LYS A 27 -12.45 -14.87 8.56
N GLN A 28 -12.48 -15.54 7.41
CA GLN A 28 -13.15 -16.84 7.31
C GLN A 28 -12.48 -17.81 8.28
N ALA A 29 -11.15 -17.75 8.35
CA ALA A 29 -10.39 -18.62 9.24
C ALA A 29 -10.80 -18.38 10.69
N LYS A 30 -10.95 -17.12 11.05
CA LYS A 30 -11.36 -16.77 12.41
C LYS A 30 -12.72 -17.37 12.73
N GLN A 31 -13.58 -17.50 11.72
CA GLN A 31 -14.89 -18.08 11.93
C GLN A 31 -14.80 -19.60 11.96
N GLY A 32 -13.60 -20.12 11.77
CA GLY A 32 -13.37 -21.56 11.81
C GLY A 32 -13.71 -22.21 10.47
N ASP A 33 -13.83 -21.40 9.43
CA ASP A 33 -14.15 -21.90 8.09
C ASP A 33 -12.88 -22.06 7.26
N PHE A 34 -12.18 -23.18 7.47
CA PHE A 34 -10.93 -23.42 6.73
C PHE A 34 -11.18 -23.60 5.24
N ALA A 35 -12.31 -24.21 4.89
CA ALA A 35 -12.63 -24.46 3.49
C ALA A 35 -12.77 -23.14 2.72
N ALA A 36 -13.56 -22.23 3.26
CA ALA A 36 -13.76 -20.95 2.60
C ALA A 36 -12.46 -20.14 2.60
N ALA A 37 -11.70 -20.23 3.68
CA ALA A 37 -10.43 -19.52 3.75
C ALA A 37 -9.52 -19.99 2.60
N LYS A 38 -9.36 -21.30 2.49
CA LYS A 38 -8.53 -21.90 1.45
C LYS A 38 -8.96 -21.42 0.06
N ALA A 39 -10.26 -21.45 -0.21
CA ALA A 39 -10.77 -21.03 -1.51
C ALA A 39 -10.47 -19.57 -1.79
N MET A 40 -10.61 -18.74 -0.76
CA MET A 40 -10.36 -17.30 -0.90
C MET A 40 -8.88 -17.03 -1.18
N MET A 41 -7.98 -17.76 -0.50
CA MET A 41 -6.55 -17.56 -0.72
C MET A 41 -6.19 -17.92 -2.15
N ASP A 42 -6.77 -19.01 -2.65
CA ASP A 42 -6.47 -19.48 -3.99
C ASP A 42 -6.83 -18.42 -5.02
N GLN A 43 -8.03 -17.87 -4.88
CA GLN A 43 -8.48 -16.82 -5.80
C GLN A 43 -7.61 -15.59 -5.67
N SER A 44 -7.25 -15.24 -4.44
CA SER A 44 -6.40 -14.08 -4.20
C SER A 44 -5.06 -14.28 -4.91
N ARG A 45 -4.49 -15.47 -4.78
CA ARG A 45 -3.22 -15.82 -5.43
C ARG A 45 -3.32 -15.66 -6.95
N MET A 46 -4.40 -16.18 -7.51
CA MET A 46 -4.63 -16.11 -8.95
C MET A 46 -4.72 -14.65 -9.40
N ALA A 47 -5.41 -13.83 -8.62
CA ALA A 47 -5.56 -12.41 -8.94
C ALA A 47 -4.19 -11.74 -9.00
N LEU A 48 -3.35 -12.05 -8.02
CA LEU A 48 -2.00 -11.49 -7.95
C LEU A 48 -1.15 -11.98 -9.12
N ASN A 49 -1.29 -13.26 -9.41
CA ASN A 49 -0.51 -13.87 -10.48
C ASN A 49 -0.77 -13.15 -11.80
N GLU A 50 -2.04 -12.89 -12.07
CA GLU A 50 -2.41 -12.17 -13.29
C GLU A 50 -1.86 -10.75 -13.23
N ALA A 51 -1.97 -10.13 -12.05
CA ALA A 51 -1.47 -8.77 -11.87
C ALA A 51 0.06 -8.75 -12.05
N HIS A 52 0.73 -9.71 -11.44
CA HIS A 52 2.19 -9.81 -11.54
C HIS A 52 2.61 -10.01 -13.00
N LEU A 53 1.86 -10.83 -13.72
CA LEU A 53 2.16 -11.11 -15.12
C LEU A 53 2.11 -9.82 -15.93
N VAL A 54 1.08 -9.02 -15.68
CA VAL A 54 0.94 -7.75 -16.38
C VAL A 54 2.11 -6.84 -16.04
N GLN A 55 2.46 -6.79 -14.76
CA GLN A 55 3.59 -5.96 -14.34
C GLN A 55 4.88 -6.45 -15.01
N THR A 56 5.08 -7.76 -15.08
CA THR A 56 6.28 -8.32 -15.72
C THR A 56 6.46 -7.71 -17.11
N LYS A 57 5.37 -7.66 -17.88
CA LYS A 57 5.43 -7.06 -19.22
C LYS A 57 5.76 -5.59 -19.10
N LEU A 58 5.18 -4.94 -18.10
CA LEU A 58 5.43 -3.52 -17.90
C LEU A 58 6.87 -3.24 -17.48
N ILE A 59 7.58 -4.25 -16.98
CA ILE A 59 8.99 -4.06 -16.60
C ILE A 59 9.93 -4.47 -17.76
N GLU A 60 9.55 -5.49 -18.53
CA GLU A 60 10.37 -5.95 -19.66
C GLU A 60 10.46 -4.88 -20.74
N GLY A 61 9.34 -4.20 -21.01
CA GLY A 61 9.31 -3.17 -22.03
C GLY A 61 9.20 -1.78 -21.42
N ASP A 62 9.80 -1.60 -20.24
CA ASP A 62 9.75 -0.32 -19.54
C ASP A 62 10.49 0.78 -20.32
N ALA A 63 11.17 0.39 -21.40
CA ALA A 63 11.90 1.36 -22.21
C ALA A 63 10.97 2.06 -23.19
N GLY A 64 11.49 3.07 -23.89
CA GLY A 64 10.68 3.81 -24.86
C GLY A 64 10.81 5.32 -24.66
N GLU A 65 10.45 5.80 -23.47
CA GLU A 65 10.53 7.23 -23.19
C GLU A 65 11.97 7.72 -23.18
N GLY A 66 12.86 6.90 -22.64
CA GLY A 66 14.28 7.27 -22.58
C GLY A 66 15.15 6.04 -22.36
N LYS A 67 16.47 6.25 -22.44
CA LYS A 67 17.41 5.15 -22.27
C LYS A 67 17.39 4.63 -20.82
N MET A 68 18.11 5.32 -19.94
CA MET A 68 18.20 4.93 -18.54
C MET A 68 16.88 5.05 -17.79
N LYS A 69 16.13 6.12 -18.08
CA LYS A 69 14.87 6.35 -17.37
C LYS A 69 13.76 5.39 -17.80
N VAL A 70 12.84 5.14 -16.87
CA VAL A 70 11.71 4.23 -17.10
C VAL A 70 10.41 4.88 -16.65
N SER A 71 9.28 4.23 -16.95
CA SER A 71 7.98 4.77 -16.55
C SER A 71 7.94 4.91 -15.03
N LEU A 72 7.54 6.10 -14.57
CA LEU A 72 7.48 6.40 -13.14
C LEU A 72 6.43 5.55 -12.41
N VAL A 73 5.30 5.39 -13.07
CA VAL A 73 4.18 4.62 -12.52
C VAL A 73 4.55 3.16 -12.22
N LEU A 74 5.60 2.68 -12.85
CA LEU A 74 6.03 1.30 -12.63
C LEU A 74 6.16 0.99 -11.16
N VAL A 75 6.58 2.02 -10.41
CA VAL A 75 6.80 1.85 -8.98
C VAL A 75 5.45 1.77 -8.27
N HIS A 76 4.22 2.81 -8.66
CA HIS A 76 2.87 2.81 -8.07
C HIS A 76 2.27 1.41 -8.16
N ALA A 77 2.62 0.70 -9.24
CA ALA A 77 2.14 -0.67 -9.42
C ALA A 77 3.00 -1.65 -8.64
N GLN A 78 4.34 -1.50 -8.72
CA GLN A 78 5.24 -2.41 -8.02
C GLN A 78 5.00 -2.32 -6.51
N LEU A 79 4.96 -1.09 -6.01
CA LEU A 79 4.72 -0.86 -4.59
C LEU A 79 3.44 -1.54 -4.13
N HIS A 80 2.35 -1.32 -4.85
CA HIS A 80 1.08 -1.91 -4.47
C HIS A 80 1.12 -3.44 -4.62
N LEU A 81 1.65 -3.90 -5.74
CA LEU A 81 1.74 -5.34 -5.99
C LEU A 81 2.64 -6.04 -4.98
N MET A 82 3.80 -5.45 -4.70
CA MET A 82 4.74 -6.05 -3.75
C MET A 82 4.11 -6.14 -2.37
N THR A 83 3.46 -5.05 -1.96
CA THR A 83 2.81 -5.00 -0.65
C THR A 83 1.69 -6.04 -0.56
N SER A 84 0.84 -6.07 -1.58
CA SER A 84 -0.29 -7.01 -1.61
C SER A 84 0.20 -8.46 -1.60
N MET A 85 1.16 -8.78 -2.45
CA MET A 85 1.69 -10.14 -2.51
C MET A 85 2.26 -10.57 -1.18
N LEU A 86 3.07 -9.70 -0.59
CA LEU A 86 3.68 -10.00 0.70
C LEU A 86 2.61 -10.19 1.78
N ALA A 87 1.64 -9.28 1.79
CA ALA A 87 0.56 -9.36 2.76
C ALA A 87 -0.15 -10.70 2.67
N ARG A 88 -0.49 -11.10 1.47
CA ARG A 88 -1.18 -12.37 1.27
C ARG A 88 -0.35 -13.55 1.78
N GLU A 89 0.93 -13.57 1.45
CA GLU A 89 1.77 -14.67 1.88
C GLU A 89 1.79 -14.78 3.39
N LEU A 90 1.95 -13.65 4.06
CA LEU A 90 1.96 -13.64 5.51
C LEU A 90 0.58 -14.03 6.05
N ILE A 91 -0.46 -13.51 5.42
CA ILE A 91 -1.82 -13.85 5.84
C ILE A 91 -2.03 -15.35 5.69
N THR A 92 -1.50 -15.92 4.61
CA THR A 92 -1.60 -17.37 4.40
C THR A 92 -0.98 -18.10 5.59
N GLU A 93 0.20 -17.64 6.01
CA GLU A 93 0.88 -18.23 7.16
C GLU A 93 0.02 -18.08 8.40
N LEU A 94 -0.57 -16.89 8.56
CA LEU A 94 -1.43 -16.62 9.72
C LEU A 94 -2.62 -17.59 9.71
N ILE A 95 -3.20 -17.80 8.55
CA ILE A 95 -4.34 -18.73 8.44
C ILE A 95 -3.90 -20.14 8.83
N GLU A 96 -2.72 -20.56 8.36
CA GLU A 96 -2.22 -21.88 8.71
C GLU A 96 -2.08 -22.00 10.22
N LEU A 97 -1.64 -20.91 10.87
CA LEU A 97 -1.51 -20.92 12.32
C LEU A 97 -2.88 -21.12 12.98
N HIS A 98 -3.89 -20.46 12.44
CA HIS A 98 -5.25 -20.62 12.98
C HIS A 98 -5.63 -22.08 12.92
N GLU A 99 -5.25 -22.75 11.84
CA GLU A 99 -5.55 -24.17 11.68
C GLU A 99 -4.81 -24.98 12.74
N LYS A 100 -3.56 -24.62 13.01
CA LYS A 100 -2.79 -25.32 14.02
C LYS A 100 -3.39 -25.06 15.41
N LEU A 101 -3.92 -23.84 15.61
CA LEU A 101 -4.56 -23.49 16.88
C LEU A 101 -5.80 -24.37 17.09
N LYS A 102 -6.02 -25.30 16.15
CA LYS A 102 -7.18 -26.20 16.21
C LYS A 102 -8.43 -25.52 15.71
N ALA A 103 -8.82 -24.42 16.39
CA ALA A 103 -10.03 -23.67 16.04
C ALA A 103 -10.30 -23.65 14.53
N ALA B 1 22.66 3.11 -13.51
CA ALA B 1 23.97 3.34 -14.19
C ALA B 1 24.86 2.13 -13.94
N GLU B 2 26.00 2.08 -14.64
CA GLU B 2 26.95 0.97 -14.53
C GLU B 2 26.86 0.24 -13.18
N GLU B 3 27.57 0.74 -12.19
CA GLU B 3 27.58 0.13 -10.87
C GLU B 3 26.22 0.21 -10.20
N LEU B 4 25.72 1.44 -10.02
CA LEU B 4 24.42 1.61 -9.38
C LEU B 4 23.38 0.61 -9.91
N GLU B 5 23.37 0.41 -11.22
CA GLU B 5 22.42 -0.52 -11.83
C GLU B 5 22.76 -1.95 -11.47
N GLU B 6 24.03 -2.30 -11.57
CA GLU B 6 24.50 -3.63 -11.23
C GLU B 6 24.38 -3.85 -9.73
N VAL B 7 24.60 -2.79 -8.97
CA VAL B 7 24.51 -2.85 -7.52
C VAL B 7 23.05 -3.11 -7.10
N VAL B 8 22.12 -2.44 -7.77
CA VAL B 8 20.69 -2.63 -7.49
C VAL B 8 20.33 -4.08 -7.74
N MET B 9 20.80 -4.63 -8.86
CA MET B 9 20.52 -6.03 -9.18
C MET B 9 21.01 -6.91 -8.03
N GLY B 10 22.21 -6.62 -7.53
CA GLY B 10 22.75 -7.37 -6.41
C GLY B 10 21.86 -7.21 -5.19
N LEU B 11 21.44 -5.98 -4.93
CA LEU B 11 20.56 -5.70 -3.79
C LEU B 11 19.24 -6.44 -3.93
N ILE B 12 18.67 -6.41 -5.13
CA ILE B 12 17.40 -7.09 -5.38
C ILE B 12 17.57 -8.58 -5.14
N ILE B 13 18.66 -9.12 -5.68
CA ILE B 13 18.94 -10.54 -5.50
C ILE B 13 19.17 -10.83 -4.02
N ASN B 14 19.95 -9.98 -3.36
CA ASN B 14 20.24 -10.16 -1.94
C ASN B 14 18.94 -10.10 -1.13
N SER B 15 18.11 -9.11 -1.42
CA SER B 15 16.83 -8.99 -0.74
C SER B 15 15.98 -10.23 -0.97
N GLY B 16 15.99 -10.71 -2.22
CA GLY B 16 15.23 -11.91 -2.57
C GLY B 16 15.76 -13.12 -1.81
N GLN B 17 17.08 -13.25 -1.75
CA GLN B 17 17.68 -14.37 -1.03
C GLN B 17 17.31 -14.28 0.45
N ALA B 18 17.35 -13.06 0.98
CA ALA B 18 17.00 -12.84 2.37
C ALA B 18 15.60 -13.36 2.66
N ARG B 19 14.64 -12.97 1.84
CA ARG B 19 13.27 -13.44 2.02
C ARG B 19 13.24 -14.96 1.90
N SER B 20 13.90 -15.47 0.86
CA SER B 20 13.94 -16.91 0.64
C SER B 20 14.41 -17.63 1.89
N LEU B 21 15.50 -17.13 2.48
CA LEU B 21 16.04 -17.73 3.71
C LEU B 21 15.01 -17.60 4.83
N ALA B 22 14.37 -16.44 4.93
CA ALA B 22 13.37 -16.20 5.97
C ALA B 22 12.24 -17.23 5.85
N TYR B 23 11.67 -17.38 4.65
CA TYR B 23 10.60 -18.36 4.46
C TYR B 23 11.12 -19.75 4.79
N ALA B 24 12.36 -20.04 4.38
CA ALA B 24 12.95 -21.33 4.67
C ALA B 24 13.06 -21.49 6.19
N ALA B 25 13.43 -20.41 6.87
CA ALA B 25 13.53 -20.43 8.33
C ALA B 25 12.18 -20.80 8.92
N LEU B 26 11.12 -20.21 8.39
CA LEU B 26 9.78 -20.50 8.86
C LEU B 26 9.45 -21.97 8.62
N LYS B 27 9.80 -22.46 7.44
CA LYS B 27 9.55 -23.86 7.11
C LYS B 27 10.21 -24.78 8.14
N GLN B 28 11.43 -24.43 8.54
CA GLN B 28 12.13 -25.23 9.56
C GLN B 28 11.31 -25.26 10.84
N ALA B 29 10.74 -24.11 11.19
CA ALA B 29 9.91 -24.02 12.40
C ALA B 29 8.73 -24.97 12.31
N LYS B 30 8.09 -25.01 11.14
CA LYS B 30 6.95 -25.90 10.94
C LYS B 30 7.36 -27.35 11.16
N GLN B 31 8.62 -27.67 10.83
CA GLN B 31 9.10 -29.04 11.01
C GLN B 31 9.46 -29.28 12.48
N GLY B 32 9.32 -28.24 13.29
CA GLY B 32 9.63 -28.35 14.72
C GLY B 32 11.13 -28.18 14.99
N ASP B 33 11.86 -27.66 14.00
CA ASP B 33 13.29 -27.46 14.14
C ASP B 33 13.60 -26.02 14.53
N PHE B 34 13.47 -25.71 15.81
CA PHE B 34 13.73 -24.34 16.29
C PHE B 34 15.18 -23.94 16.10
N ALA B 35 16.09 -24.90 16.27
CA ALA B 35 17.52 -24.60 16.15
C ALA B 35 17.86 -24.12 14.74
N ALA B 36 17.43 -24.87 13.74
CA ALA B 36 17.71 -24.50 12.36
C ALA B 36 16.98 -23.20 12.01
N ALA B 37 15.77 -23.03 12.51
CA ALA B 37 15.03 -21.80 12.24
C ALA B 37 15.82 -20.61 12.74
N LYS B 38 16.23 -20.68 14.02
CA LYS B 38 17.01 -19.60 14.63
C LYS B 38 18.27 -19.27 13.81
N ALA B 39 18.99 -20.29 13.40
CA ALA B 39 20.21 -20.10 12.61
C ALA B 39 19.91 -19.41 11.28
N MET B 40 18.83 -19.82 10.64
CA MET B 40 18.44 -19.26 9.36
C MET B 40 18.05 -17.78 9.51
N MET B 41 17.32 -17.45 10.57
CA MET B 41 16.92 -16.06 10.78
C MET B 41 18.15 -15.17 10.97
N ASP B 42 19.12 -15.68 11.73
CA ASP B 42 20.33 -14.93 12.01
C ASP B 42 21.06 -14.57 10.73
N GLN B 43 21.21 -15.58 9.86
CA GLN B 43 21.88 -15.36 8.59
C GLN B 43 21.08 -14.40 7.72
N SER B 44 19.76 -14.54 7.73
CA SER B 44 18.91 -13.65 6.95
C SER B 44 19.13 -12.20 7.41
N ARG B 45 19.14 -12.00 8.73
CA ARG B 45 19.35 -10.68 9.30
C ARG B 45 20.69 -10.09 8.83
N MET B 46 21.74 -10.90 8.89
CA MET B 46 23.07 -10.45 8.49
C MET B 46 23.05 -10.04 7.02
N ALA B 47 22.37 -10.84 6.20
CA ALA B 47 22.27 -10.53 4.77
C ALA B 47 21.58 -9.19 4.56
N LEU B 48 20.50 -8.97 5.31
CA LEU B 48 19.75 -7.72 5.21
C LEU B 48 20.59 -6.55 5.72
N ASN B 49 21.30 -6.78 6.81
CA ASN B 49 22.13 -5.75 7.40
C ASN B 49 23.18 -5.26 6.40
N GLU B 50 23.83 -6.19 5.73
CA GLU B 50 24.82 -5.83 4.72
C GLU B 50 24.17 -5.10 3.57
N ALA B 51 23.00 -5.58 3.17
CA ALA B 51 22.25 -4.96 2.08
C ALA B 51 21.83 -3.54 2.48
N HIS B 52 21.32 -3.41 3.70
CA HIS B 52 20.88 -2.11 4.21
C HIS B 52 22.06 -1.13 4.27
N LEU B 53 23.22 -1.64 4.69
CA LEU B 53 24.42 -0.80 4.79
C LEU B 53 24.77 -0.23 3.41
N VAL B 54 24.71 -1.09 2.40
CA VAL B 54 25.03 -0.66 1.04
C VAL B 54 24.01 0.40 0.61
N GLN B 55 22.73 0.16 0.90
CA GLN B 55 21.70 1.13 0.53
C GLN B 55 21.96 2.45 1.25
N THR B 56 22.32 2.39 2.54
CA THR B 56 22.60 3.61 3.30
C THR B 56 23.57 4.50 2.53
N LYS B 57 24.65 3.90 2.04
CA LYS B 57 25.62 4.66 1.25
C LYS B 57 24.97 5.20 -0.01
N LEU B 58 24.12 4.39 -0.61
CA LEU B 58 23.44 4.78 -1.84
C LEU B 58 22.45 5.93 -1.59
N ILE B 59 22.02 6.12 -0.32
CA ILE B 59 21.11 7.23 -0.01
C ILE B 59 21.88 8.48 0.45
N GLU B 60 23.00 8.27 1.16
CA GLU B 60 23.81 9.39 1.64
C GLU B 60 24.42 10.17 0.46
N GLY B 61 24.86 9.43 -0.55
CA GLY B 61 25.49 10.05 -1.72
C GLY B 61 24.59 9.96 -2.95
N ASP B 62 23.28 10.02 -2.73
CA ASP B 62 22.32 9.93 -3.82
C ASP B 62 22.41 11.14 -4.77
N ALA B 63 23.21 12.12 -4.40
CA ALA B 63 23.36 13.32 -5.23
C ALA B 63 24.37 13.07 -6.34
N GLY B 64 24.50 14.03 -7.26
CA GLY B 64 25.44 13.90 -8.37
C GLY B 64 24.78 14.23 -9.71
N GLU B 65 23.73 13.48 -10.05
CA GLU B 65 23.03 13.70 -11.32
C GLU B 65 22.34 15.07 -11.33
N GLY B 66 21.76 15.45 -10.20
CA GLY B 66 21.07 16.73 -10.11
C GLY B 66 20.91 17.16 -8.66
N LYS B 67 20.42 18.38 -8.47
CA LYS B 67 20.23 18.92 -7.13
C LYS B 67 19.13 18.16 -6.38
N MET B 68 17.88 18.54 -6.66
CA MET B 68 16.72 17.93 -6.01
C MET B 68 16.52 16.47 -6.40
N LYS B 69 16.75 16.13 -7.66
CA LYS B 69 16.54 14.76 -8.14
C LYS B 69 17.62 13.80 -7.64
N VAL B 70 17.22 12.52 -7.52
CA VAL B 70 18.11 11.47 -7.05
C VAL B 70 18.02 10.24 -7.98
N SER B 71 18.89 9.26 -7.76
CA SER B 71 18.88 8.05 -8.59
C SER B 71 17.52 7.37 -8.49
N LEU B 72 16.93 7.04 -9.64
CA LEU B 72 15.60 6.45 -9.66
C LEU B 72 15.59 5.04 -9.04
N VAL B 73 16.65 4.30 -9.35
CA VAL B 73 16.80 2.93 -8.88
C VAL B 73 16.83 2.84 -7.34
N LEU B 74 17.13 3.95 -6.69
CA LEU B 74 17.18 3.96 -5.22
C LEU B 74 15.90 3.39 -4.63
N VAL B 75 14.79 3.73 -5.26
CA VAL B 75 13.48 3.26 -4.80
C VAL B 75 13.40 1.76 -5.03
N HIS B 76 13.86 1.21 -6.26
CA HIS B 76 13.81 -0.22 -6.55
C HIS B 76 14.51 -1.01 -5.43
N ALA B 77 15.68 -0.53 -5.02
CA ALA B 77 16.40 -1.19 -3.95
C ALA B 77 15.69 -1.01 -2.62
N GLN B 78 15.18 0.20 -2.38
CA GLN B 78 14.48 0.49 -1.14
C GLN B 78 13.22 -0.36 -1.03
N LEU B 79 12.44 -0.39 -2.12
CA LEU B 79 11.22 -1.18 -2.14
C LEU B 79 11.49 -2.65 -1.82
N HIS B 80 12.48 -3.23 -2.48
CA HIS B 80 12.80 -4.62 -2.24
C HIS B 80 13.36 -4.83 -0.84
N LEU B 81 14.27 -3.95 -0.44
CA LEU B 81 14.88 -4.06 0.89
C LEU B 81 13.85 -3.85 2.00
N MET B 82 13.00 -2.85 1.86
CA MET B 82 11.98 -2.57 2.87
C MET B 82 11.02 -3.75 3.01
N THR B 83 10.59 -4.28 1.87
CA THR B 83 9.67 -5.41 1.87
C THR B 83 10.32 -6.64 2.50
N SER B 84 11.55 -6.94 2.10
CA SER B 84 12.26 -8.09 2.64
C SER B 84 12.50 -7.97 4.14
N MET B 85 12.97 -6.81 4.58
CA MET B 85 13.24 -6.60 6.01
C MET B 85 11.96 -6.76 6.83
N LEU B 86 10.89 -6.14 6.36
CA LEU B 86 9.61 -6.21 7.06
C LEU B 86 9.11 -7.65 7.12
N ALA B 87 9.17 -8.33 5.98
CA ALA B 87 8.72 -9.71 5.90
C ALA B 87 9.49 -10.58 6.88
N ARG B 88 10.79 -10.44 6.86
CA ARG B 88 11.65 -11.22 7.75
C ARG B 88 11.28 -10.97 9.21
N GLU B 89 11.08 -9.70 9.59
CA GLU B 89 10.75 -9.38 10.97
C GLU B 89 9.43 -10.05 11.37
N LEU B 90 8.44 -9.96 10.50
CA LEU B 90 7.14 -10.56 10.78
C LEU B 90 7.28 -12.08 10.84
N ILE B 91 8.06 -12.63 9.92
CA ILE B 91 8.30 -14.07 9.91
C ILE B 91 8.95 -14.49 11.23
N THR B 92 9.86 -13.66 11.73
CA THR B 92 10.50 -13.96 13.02
C THR B 92 9.43 -14.07 14.09
N GLU B 93 8.49 -13.13 14.09
CA GLU B 93 7.40 -13.15 15.06
C GLU B 93 6.58 -14.43 14.88
N LEU B 94 6.30 -14.77 13.62
CA LEU B 94 5.54 -15.99 13.33
C LEU B 94 6.27 -17.21 13.87
N ILE B 95 7.59 -17.26 13.68
CA ILE B 95 8.36 -18.38 14.19
C ILE B 95 8.28 -18.46 15.71
N GLU B 96 8.36 -17.30 16.37
CA GLU B 96 8.25 -17.27 17.83
C GLU B 96 6.90 -17.85 18.25
N LEU B 97 5.86 -17.54 17.49
CA LEU B 97 4.52 -18.05 17.79
C LEU B 97 4.52 -19.58 17.69
N HIS B 98 5.19 -20.10 16.66
CA HIS B 98 5.27 -21.55 16.50
C HIS B 98 5.89 -22.17 17.75
N GLU B 99 6.90 -21.48 18.28
CA GLU B 99 7.55 -21.95 19.50
C GLU B 99 6.58 -21.94 20.66
N LYS B 100 5.77 -20.88 20.77
CA LYS B 100 4.79 -20.80 21.84
C LYS B 100 3.72 -21.88 21.65
N LEU B 101 3.39 -22.19 20.39
CA LEU B 101 2.42 -23.25 20.11
C LEU B 101 2.96 -24.60 20.58
N LYS B 102 4.13 -24.57 21.21
CA LYS B 102 4.77 -25.78 21.72
C LYS B 102 5.49 -26.51 20.59
N ALA B 103 4.71 -26.92 19.58
CA ALA B 103 5.25 -27.67 18.43
C ALA B 103 6.64 -27.19 18.04
N ALA C 1 11.12 19.25 -2.05
CA ALA C 1 11.16 20.74 -1.98
C ALA C 1 10.96 21.17 -0.54
N GLU C 2 11.18 22.45 -0.27
CA GLU C 2 11.04 23.02 1.08
C GLU C 2 10.10 22.22 1.98
N GLU C 3 8.81 22.51 1.89
CA GLU C 3 7.83 21.81 2.71
C GLU C 3 7.73 20.34 2.34
N LEU C 4 7.37 20.07 1.08
CA LEU C 4 7.24 18.68 0.63
C LEU C 4 8.38 17.80 1.16
N GLU C 5 9.60 18.32 1.11
CA GLU C 5 10.76 17.57 1.58
C GLU C 5 10.74 17.43 3.10
N GLU C 6 10.47 18.53 3.78
CA GLU C 6 10.41 18.52 5.24
C GLU C 6 9.19 17.70 5.68
N VAL C 7 8.12 17.78 4.89
CA VAL C 7 6.90 17.04 5.17
C VAL C 7 7.17 15.53 5.06
N VAL C 8 7.92 15.14 4.03
CA VAL C 8 8.27 13.74 3.83
C VAL C 8 9.06 13.24 5.04
N MET C 9 10.02 14.04 5.50
CA MET C 9 10.80 13.67 6.66
C MET C 9 9.87 13.40 7.84
N GLY C 10 8.88 14.29 8.01
CA GLY C 10 7.91 14.13 9.08
C GLY C 10 7.12 12.84 8.88
N LEU C 11 6.71 12.59 7.65
CA LEU C 11 5.94 11.37 7.33
C LEU C 11 6.79 10.14 7.59
N ILE C 12 8.05 10.18 7.18
CA ILE C 12 8.94 9.04 7.37
C ILE C 12 9.11 8.78 8.87
N ILE C 13 9.32 9.87 9.61
CA ILE C 13 9.47 9.76 11.06
C ILE C 13 8.16 9.23 11.66
N ASN C 14 7.05 9.81 11.22
CA ASN C 14 5.73 9.40 11.72
C ASN C 14 5.50 7.92 11.43
N SER C 15 5.79 7.51 10.19
CA SER C 15 5.63 6.11 9.81
C SER C 15 6.52 5.24 10.68
N GLY C 16 7.76 5.70 10.90
CA GLY C 16 8.70 4.95 11.73
C GLY C 16 8.18 4.84 13.16
N GLN C 17 7.67 5.95 13.70
CA GLN C 17 7.13 5.92 15.06
C GLN C 17 5.95 4.97 15.12
N ALA C 18 5.12 5.01 14.08
CA ALA C 18 3.96 4.14 14.02
C ALA C 18 4.38 2.67 14.15
N ARG C 19 5.36 2.27 13.33
CA ARG C 19 5.84 0.91 13.40
C ARG C 19 6.41 0.63 14.79
N SER C 20 7.21 1.57 15.28
CA SER C 20 7.81 1.41 16.60
C SER C 20 6.73 1.13 17.65
N LEU C 21 5.66 1.92 17.61
CA LEU C 21 4.56 1.74 18.54
C LEU C 21 3.92 0.37 18.33
N ALA C 22 3.73 0.00 17.06
CA ALA C 22 3.13 -1.29 16.73
C ALA C 22 3.96 -2.44 17.33
N TYR C 23 5.27 -2.43 17.07
CA TYR C 23 6.14 -3.47 17.64
C TYR C 23 6.05 -3.45 19.16
N ALA C 24 6.03 -2.24 19.72
CA ALA C 24 5.92 -2.11 21.17
C ALA C 24 4.59 -2.72 21.62
N ALA C 25 3.54 -2.47 20.85
CA ALA C 25 2.23 -3.03 21.16
C ALA C 25 2.31 -4.55 21.21
N LEU C 26 3.01 -5.12 20.24
CA LEU C 26 3.19 -6.57 20.18
C LEU C 26 3.95 -7.05 21.42
N LYS C 27 4.99 -6.31 21.77
CA LYS C 27 5.79 -6.66 22.94
C LYS C 27 4.90 -6.72 24.19
N GLN C 28 3.99 -5.77 24.31
CA GLN C 28 3.06 -5.75 25.44
C GLN C 28 2.26 -7.04 25.47
N ALA C 29 1.82 -7.47 24.27
CA ALA C 29 1.05 -8.70 24.16
C ALA C 29 1.85 -9.89 24.67
N LYS C 30 3.13 -9.94 24.30
CA LYS C 30 3.99 -11.02 24.76
C LYS C 30 4.07 -11.06 26.28
N GLN C 31 3.98 -9.88 26.90
CA GLN C 31 4.04 -9.80 28.36
C GLN C 31 2.67 -10.17 28.96
N GLY C 32 1.71 -10.44 28.08
CA GLY C 32 0.36 -10.83 28.53
C GLY C 32 -0.47 -9.60 28.89
N ASP C 33 -0.04 -8.43 28.44
CA ASP C 33 -0.76 -7.18 28.70
C ASP C 33 -1.63 -6.80 27.51
N PHE C 34 -2.80 -7.41 27.42
CA PHE C 34 -3.71 -7.14 26.31
C PHE C 34 -4.22 -5.70 26.34
N ALA C 35 -4.43 -5.17 27.54
CA ALA C 35 -4.94 -3.81 27.68
C ALA C 35 -3.97 -2.79 27.08
N ALA C 36 -2.71 -2.89 27.47
CA ALA C 36 -1.71 -1.96 26.96
C ALA C 36 -1.50 -2.17 25.47
N ALA C 37 -1.55 -3.42 25.02
CA ALA C 37 -1.38 -3.71 23.60
C ALA C 37 -2.48 -3.00 22.81
N LYS C 38 -3.72 -3.21 23.22
CA LYS C 38 -4.87 -2.59 22.57
C LYS C 38 -4.72 -1.07 22.49
N ALA C 39 -4.32 -0.45 23.61
CA ALA C 39 -4.16 1.00 23.65
C ALA C 39 -3.06 1.46 22.68
N MET C 40 -1.96 0.72 22.64
CA MET C 40 -0.85 1.06 21.77
C MET C 40 -1.25 0.92 20.30
N MET C 41 -2.03 -0.11 19.99
CA MET C 41 -2.48 -0.31 18.61
C MET C 41 -3.35 0.85 18.16
N ASP C 42 -4.25 1.28 19.04
CA ASP C 42 -5.17 2.36 18.72
C ASP C 42 -4.41 3.63 18.38
N GLN C 43 -3.42 3.97 19.21
CA GLN C 43 -2.61 5.16 18.97
C GLN C 43 -1.83 5.03 17.67
N SER C 44 -1.30 3.85 17.42
CA SER C 44 -0.55 3.60 16.19
C SER C 44 -1.44 3.87 14.98
N ARG C 45 -2.67 3.32 15.03
CA ARG C 45 -3.64 3.50 13.96
C ARG C 45 -3.93 4.99 13.72
N MET C 46 -4.14 5.72 14.81
CA MET C 46 -4.43 7.15 14.72
C MET C 46 -3.26 7.89 14.08
N ALA C 47 -2.04 7.51 14.47
CA ALA C 47 -0.84 8.14 13.91
C ALA C 47 -0.78 7.91 12.40
N LEU C 48 -1.08 6.68 11.98
CA LEU C 48 -1.07 6.33 10.57
C LEU C 48 -2.17 7.06 9.82
N ASN C 49 -3.34 7.15 10.45
CA ASN C 49 -4.48 7.81 9.84
C ASN C 49 -4.14 9.27 9.52
N GLU C 50 -3.51 9.95 10.47
CA GLU C 50 -3.11 11.33 10.26
C GLU C 50 -2.06 11.41 9.16
N ALA C 51 -1.13 10.47 9.19
CA ALA C 51 -0.07 10.43 8.18
C ALA C 51 -0.67 10.15 6.80
N HIS C 52 -1.58 9.19 6.74
CA HIS C 52 -2.25 8.85 5.48
C HIS C 52 -3.02 10.05 4.94
N LEU C 53 -3.69 10.78 5.83
CA LEU C 53 -4.47 11.95 5.43
C LEU C 53 -3.56 12.98 4.76
N VAL C 54 -2.39 13.20 5.35
CA VAL C 54 -1.45 14.16 4.80
C VAL C 54 -0.99 13.67 3.43
N GLN C 55 -0.69 12.38 3.32
CA GLN C 55 -0.26 11.82 2.04
C GLN C 55 -1.38 11.99 1.00
N THR C 56 -2.62 11.74 1.41
CA THR C 56 -3.76 11.88 0.48
C THR C 56 -3.70 13.25 -0.19
N LYS C 57 -3.50 14.29 0.60
CA LYS C 57 -3.40 15.64 0.05
C LYS C 57 -2.20 15.73 -0.88
N LEU C 58 -1.11 15.09 -0.49
CA LEU C 58 0.10 15.11 -1.29
C LEU C 58 -0.08 14.35 -2.61
N ILE C 59 -1.09 13.47 -2.70
CA ILE C 59 -1.33 12.76 -3.95
C ILE C 59 -2.40 13.48 -4.79
N GLU C 60 -3.38 14.10 -4.14
CA GLU C 60 -4.43 14.83 -4.87
C GLU C 60 -3.85 16.03 -5.60
N GLY C 61 -2.89 16.71 -4.98
CA GLY C 61 -2.28 17.89 -5.57
C GLY C 61 -0.83 17.62 -5.97
N ASP C 62 -0.56 16.41 -6.41
CA ASP C 62 0.79 16.03 -6.80
C ASP C 62 1.22 16.75 -8.06
N ALA C 63 0.31 17.49 -8.68
CA ALA C 63 0.63 18.24 -9.90
C ALA C 63 1.30 19.56 -9.56
N GLY C 64 1.78 20.26 -10.59
CA GLY C 64 2.43 21.56 -10.39
C GLY C 64 3.77 21.63 -11.13
N GLU C 65 4.69 20.71 -10.81
CA GLU C 65 5.99 20.70 -11.45
C GLU C 65 5.87 20.38 -12.94
N GLY C 66 4.99 19.45 -13.27
CA GLY C 66 4.80 19.05 -14.66
C GLY C 66 3.45 18.36 -14.86
N LYS C 67 3.12 18.09 -16.11
CA LYS C 67 1.85 17.44 -16.43
C LYS C 67 1.83 16.00 -15.92
N MET C 68 2.44 15.10 -16.70
CA MET C 68 2.48 13.68 -16.36
C MET C 68 3.31 13.38 -15.12
N LYS C 69 4.45 14.07 -14.97
CA LYS C 69 5.34 13.83 -13.84
C LYS C 69 4.79 14.36 -12.52
N VAL C 70 5.20 13.71 -11.43
CA VAL C 70 4.76 14.07 -10.08
C VAL C 70 5.96 14.16 -9.13
N SER C 71 5.72 14.64 -7.91
CA SER C 71 6.80 14.75 -6.93
C SER C 71 7.42 13.38 -6.68
N LEU C 72 8.74 13.30 -6.77
CA LEU C 72 9.45 12.03 -6.61
C LEU C 72 9.31 11.48 -5.19
N VAL C 73 9.40 12.39 -4.22
CA VAL C 73 9.33 12.04 -2.80
C VAL C 73 8.00 11.37 -2.44
N LEU C 74 6.99 11.56 -3.26
CA LEU C 74 5.67 10.97 -2.99
C LEU C 74 5.80 9.48 -2.74
N VAL C 75 6.67 8.85 -3.50
CA VAL C 75 6.90 7.42 -3.37
C VAL C 75 7.57 7.14 -2.03
N HIS C 76 8.62 7.97 -1.61
CA HIS C 76 9.31 7.77 -0.33
C HIS C 76 8.29 7.73 0.81
N ALA C 77 7.36 8.66 0.80
CA ALA C 77 6.33 8.70 1.83
C ALA C 77 5.37 7.52 1.67
N GLN C 78 5.02 7.21 0.42
CA GLN C 78 4.11 6.11 0.16
C GLN C 78 4.74 4.78 0.58
N LEU C 79 5.99 4.58 0.19
CA LEU C 79 6.71 3.36 0.55
C LEU C 79 6.75 3.17 2.06
N HIS C 80 7.13 4.21 2.79
CA HIS C 80 7.20 4.12 4.24
C HIS C 80 5.81 3.94 4.85
N LEU C 81 4.87 4.73 4.38
CA LEU C 81 3.50 4.67 4.89
C LEU C 81 2.85 3.31 4.59
N MET C 82 3.01 2.84 3.37
CA MET C 82 2.42 1.55 2.98
C MET C 82 3.01 0.42 3.82
N THR C 83 4.32 0.45 3.99
CA THR C 83 5.00 -0.58 4.76
C THR C 83 4.54 -0.55 6.22
N SER C 84 4.53 0.64 6.80
CA SER C 84 4.12 0.80 8.20
C SER C 84 2.67 0.37 8.42
N MET C 85 1.76 0.84 7.56
CA MET C 85 0.35 0.48 7.70
C MET C 85 0.16 -1.04 7.61
N LEU C 86 0.80 -1.65 6.63
CA LEU C 86 0.70 -3.09 6.43
C LEU C 86 1.24 -3.83 7.65
N ALA C 87 2.42 -3.42 8.10
CA ALA C 87 3.05 -4.04 9.25
C ALA C 87 2.13 -3.96 10.47
N ARG C 88 1.61 -2.77 10.71
CA ARG C 88 0.74 -2.55 11.84
C ARG C 88 -0.50 -3.47 11.77
N GLU C 89 -1.11 -3.56 10.59
CA GLU C 89 -2.29 -4.42 10.44
C GLU C 89 -1.95 -5.88 10.74
N LEU C 90 -0.82 -6.35 10.20
CA LEU C 90 -0.40 -7.72 10.44
C LEU C 90 -0.07 -7.92 11.91
N ILE C 91 0.60 -6.95 12.49
CA ILE C 91 0.95 -7.02 13.90
C ILE C 91 -0.33 -7.12 14.73
N THR C 92 -1.36 -6.39 14.32
CA THR C 92 -2.64 -6.46 15.02
C THR C 92 -3.15 -7.89 14.99
N GLU C 93 -3.06 -8.53 13.83
CA GLU C 93 -3.50 -9.92 13.70
C GLU C 93 -2.66 -10.82 14.62
N LEU C 94 -1.36 -10.56 14.63
CA LEU C 94 -0.45 -11.34 15.47
C LEU C 94 -0.84 -11.20 16.94
N ILE C 95 -1.16 -9.98 17.35
CA ILE C 95 -1.57 -9.73 18.73
C ILE C 95 -2.86 -10.51 19.05
N GLU C 96 -3.80 -10.48 18.12
CA GLU C 96 -5.05 -11.21 18.31
C GLU C 96 -4.75 -12.70 18.53
N LEU C 97 -3.78 -13.21 17.77
CA LEU C 97 -3.39 -14.61 17.91
C LEU C 97 -2.85 -14.87 19.32
N HIS C 98 -2.05 -13.94 19.83
CA HIS C 98 -1.52 -14.09 21.18
C HIS C 98 -2.68 -14.22 22.16
N GLU C 99 -3.73 -13.44 21.92
CA GLU C 99 -4.90 -13.49 22.78
C GLU C 99 -5.57 -14.87 22.68
N LYS C 100 -5.65 -15.41 21.46
CA LYS C 100 -6.25 -16.72 21.29
C LYS C 100 -5.38 -17.78 21.95
N LEU C 101 -4.05 -17.58 21.91
CA LEU C 101 -3.12 -18.52 22.55
C LEU C 101 -3.37 -18.53 24.06
N LYS C 102 -4.36 -17.76 24.51
CA LYS C 102 -4.70 -17.67 25.93
C LYS C 102 -3.78 -16.68 26.63
N ALA C 103 -2.48 -16.99 26.61
CA ALA C 103 -1.45 -16.16 27.26
C ALA C 103 -1.80 -14.67 27.21
N LYS D 1 -19.97 26.95 -1.17
CA LYS D 1 -19.08 26.05 -1.96
C LYS D 1 -19.44 24.59 -1.78
N LYS D 2 -19.77 23.94 -2.87
CA LYS D 2 -20.15 22.54 -2.84
C LYS D 2 -18.93 21.62 -2.88
N HIS D 3 -19.02 20.49 -2.19
CA HIS D 3 -17.93 19.52 -2.13
C HIS D 3 -18.12 18.37 -3.08
N ILE D 4 -17.20 18.26 -4.03
CA ILE D 4 -17.22 17.18 -4.99
C ILE D 4 -16.07 16.24 -4.61
N TYR D 5 -16.39 15.03 -4.18
CA TYR D 5 -15.38 14.06 -3.78
C TYR D 5 -15.33 12.90 -4.76
N LEU D 6 -14.13 12.60 -5.26
CA LEU D 6 -13.90 11.48 -6.19
C LEU D 6 -13.25 10.35 -5.40
N PHE D 7 -13.55 9.08 -5.75
CA PHE D 7 -12.86 7.96 -5.12
C PHE D 7 -12.19 7.05 -6.16
N CYS D 8 -11.04 6.45 -5.73
CA CYS D 8 -10.27 5.45 -6.47
C CYS D 8 -9.51 4.57 -5.49
N SER D 9 -8.64 3.66 -5.88
CA SER D 9 -8.05 2.82 -4.84
C SER D 9 -7.20 3.64 -3.90
N ALA D 10 -6.20 4.39 -4.39
CA ALA D 10 -5.31 5.13 -3.50
C ALA D 10 -5.63 6.61 -3.57
N GLY D 11 -5.90 7.13 -4.76
CA GLY D 11 -6.19 8.54 -4.95
C GLY D 11 -5.17 9.23 -5.84
N MET D 12 -4.48 8.50 -6.73
CA MET D 12 -3.47 9.15 -7.58
C MET D 12 -3.97 9.34 -9.02
N SER D 13 -4.06 8.27 -9.73
CA SER D 13 -4.51 8.36 -11.13
C SER D 13 -5.72 9.29 -11.28
N THR D 14 -6.46 9.49 -10.18
CA THR D 14 -7.62 10.37 -10.31
C THR D 14 -7.23 11.78 -9.89
N SER D 15 -6.09 11.83 -9.22
CA SER D 15 -5.48 13.09 -8.76
C SER D 15 -5.20 14.03 -9.93
N LEU D 16 -4.82 13.46 -11.06
CA LEU D 16 -4.55 14.26 -12.24
C LEU D 16 -5.88 14.86 -12.76
N LEU D 17 -6.96 14.07 -12.72
CA LEU D 17 -8.28 14.55 -13.14
C LEU D 17 -8.75 15.68 -12.19
N VAL D 18 -8.54 15.48 -10.88
CA VAL D 18 -8.91 16.50 -9.89
C VAL D 18 -8.18 17.83 -10.15
N SER D 19 -6.89 17.79 -10.47
CA SER D 19 -6.17 19.03 -10.74
C SER D 19 -6.73 19.77 -11.98
N LYS D 20 -7.12 19.03 -13.02
CA LYS D 20 -7.71 19.66 -14.20
C LYS D 20 -9.12 20.20 -13.91
N MET D 21 -9.87 19.50 -13.07
CA MET D 21 -11.22 20.00 -12.73
C MET D 21 -11.08 21.31 -11.94
N ARG D 22 -10.13 21.39 -11.02
CA ARG D 22 -9.91 22.60 -10.21
C ARG D 22 -9.56 23.79 -11.12
N ALA D 23 -8.79 23.54 -12.18
CA ALA D 23 -8.39 24.59 -13.11
C ALA D 23 -9.63 25.14 -13.81
N GLN D 24 -10.50 24.24 -14.24
CA GLN D 24 -11.72 24.61 -14.91
C GLN D 24 -12.67 25.35 -14.00
N ALA D 25 -12.80 24.88 -12.77
CA ALA D 25 -13.69 25.53 -11.80
C ALA D 25 -13.24 26.96 -11.55
N GLU D 26 -11.93 27.20 -11.60
CA GLU D 26 -11.39 28.54 -11.36
C GLU D 26 -11.65 29.43 -12.57
N LYS D 27 -11.43 28.88 -13.76
CA LYS D 27 -11.63 29.59 -14.99
C LYS D 27 -13.07 30.10 -15.12
N TYR D 28 -14.05 29.29 -14.72
CA TYR D 28 -15.48 29.69 -14.80
C TYR D 28 -16.13 30.10 -13.49
N GLU D 29 -15.33 30.35 -12.46
CA GLU D 29 -15.81 30.78 -11.15
C GLU D 29 -16.89 29.89 -10.51
N VAL D 30 -16.76 28.58 -10.66
CA VAL D 30 -17.70 27.63 -10.08
C VAL D 30 -17.27 27.48 -8.62
N PRO D 31 -18.19 27.73 -7.67
CA PRO D 31 -17.91 27.64 -6.23
C PRO D 31 -17.93 26.21 -5.68
N VAL D 32 -16.88 25.46 -6.01
CA VAL D 32 -16.75 24.08 -5.57
C VAL D 32 -15.38 23.76 -5.01
N ILE D 33 -15.35 22.75 -4.14
CA ILE D 33 -14.13 22.22 -3.55
C ILE D 33 -14.09 20.77 -4.09
N ILE D 34 -12.98 20.40 -4.71
CA ILE D 34 -12.79 19.07 -5.32
C ILE D 34 -11.61 18.31 -4.66
N GLU D 35 -11.86 17.09 -4.18
CA GLU D 35 -10.83 16.27 -3.52
C GLU D 35 -10.93 14.82 -4.00
N ALA D 36 -9.78 14.14 -4.09
CA ALA D 36 -9.71 12.73 -4.50
C ALA D 36 -9.34 11.92 -3.25
N PHE D 37 -9.93 10.74 -3.09
CA PHE D 37 -9.64 9.87 -1.95
C PHE D 37 -9.66 8.44 -2.43
N PRO D 38 -9.08 7.53 -1.64
CA PRO D 38 -9.07 6.11 -2.02
C PRO D 38 -10.49 5.61 -1.70
N GLU D 39 -10.91 4.54 -2.35
CA GLU D 39 -12.24 3.96 -2.13
C GLU D 39 -12.51 3.54 -0.69
N THR D 40 -11.46 3.29 0.09
CA THR D 40 -11.63 2.88 1.48
C THR D 40 -12.26 3.95 2.37
N LEU D 41 -12.19 5.21 1.94
CA LEU D 41 -12.77 6.32 2.70
C LEU D 41 -14.15 6.77 2.20
N ALA D 42 -14.74 6.07 1.21
CA ALA D 42 -16.05 6.45 0.63
C ALA D 42 -17.14 6.64 1.68
N GLY D 43 -17.12 5.80 2.71
CA GLY D 43 -18.13 5.91 3.75
C GLY D 43 -17.81 6.98 4.77
N GLU D 44 -16.53 7.16 5.08
CA GLU D 44 -16.15 8.15 6.07
C GLU D 44 -16.16 9.59 5.49
N LYS D 45 -15.52 9.77 4.34
CA LYS D 45 -15.46 11.08 3.70
C LYS D 45 -16.73 11.45 2.92
N GLY D 46 -17.38 10.46 2.32
CA GLY D 46 -18.60 10.70 1.55
C GLY D 46 -19.69 11.43 2.29
N GLN D 47 -19.77 11.23 3.60
CA GLN D 47 -20.79 11.89 4.43
C GLN D 47 -20.74 13.42 4.34
N ASN D 48 -19.59 13.97 3.95
CA ASN D 48 -19.43 15.41 3.87
C ASN D 48 -19.45 15.95 2.45
N ALA D 49 -19.66 15.08 1.48
CA ALA D 49 -19.67 15.54 0.10
C ALA D 49 -21.06 15.97 -0.30
N ASP D 50 -21.11 16.82 -1.31
CA ASP D 50 -22.38 17.25 -1.83
C ASP D 50 -22.73 16.32 -2.99
N VAL D 51 -21.69 15.73 -3.60
CA VAL D 51 -21.88 14.75 -4.67
C VAL D 51 -20.68 13.78 -4.61
N VAL D 52 -20.98 12.49 -4.70
CA VAL D 52 -19.97 11.44 -4.66
C VAL D 52 -19.78 10.85 -6.06
N LEU D 53 -18.55 10.92 -6.57
CA LEU D 53 -18.24 10.38 -7.88
C LEU D 53 -17.30 9.18 -7.73
N LEU D 54 -17.60 8.08 -8.42
CA LEU D 54 -16.75 6.88 -8.36
C LEU D 54 -15.96 6.73 -9.63
N GLY D 55 -14.69 6.35 -9.51
CA GLY D 55 -13.84 6.18 -10.68
C GLY D 55 -14.39 5.02 -11.49
N PRO D 56 -14.13 4.94 -12.76
CA PRO D 56 -14.66 3.84 -13.62
C PRO D 56 -14.24 2.42 -13.18
N GLN D 57 -13.07 2.31 -12.54
CA GLN D 57 -12.57 1.02 -12.08
C GLN D 57 -13.39 0.49 -10.90
N ILE D 58 -14.04 1.38 -10.15
CA ILE D 58 -14.82 0.94 -9.01
C ILE D 58 -16.34 1.02 -9.23
N ALA D 59 -16.75 0.99 -10.49
CA ALA D 59 -18.17 1.04 -10.83
C ALA D 59 -18.94 -0.11 -10.19
N TYR D 60 -18.34 -1.30 -10.13
CA TYR D 60 -19.04 -2.44 -9.55
C TYR D 60 -19.46 -2.21 -8.09
N MET D 61 -18.84 -1.23 -7.44
CA MET D 61 -19.15 -0.89 -6.05
C MET D 61 -20.33 0.08 -5.87
N LEU D 62 -20.89 0.58 -6.97
CA LEU D 62 -21.99 1.54 -6.90
C LEU D 62 -23.13 1.19 -5.93
N PRO D 63 -23.73 -0.02 -6.05
CA PRO D 63 -24.82 -0.37 -5.12
C PRO D 63 -24.43 -0.30 -3.65
N GLU D 64 -23.22 -0.72 -3.30
CA GLU D 64 -22.77 -0.68 -1.91
C GLU D 64 -22.60 0.74 -1.42
N ILE D 65 -22.02 1.59 -2.25
CA ILE D 65 -21.83 2.99 -1.85
C ILE D 65 -23.16 3.74 -1.71
N GLN D 66 -24.12 3.42 -2.59
CA GLN D 66 -25.46 4.00 -2.52
C GLN D 66 -26.13 3.64 -1.18
N ARG D 67 -26.00 2.39 -0.73
CA ARG D 67 -26.60 1.98 0.55
C ARG D 67 -25.89 2.63 1.74
N LEU D 68 -24.60 2.88 1.59
CA LEU D 68 -23.77 3.49 2.64
C LEU D 68 -24.11 4.97 2.82
N LEU D 69 -24.39 5.65 1.70
CA LEU D 69 -24.73 7.09 1.68
C LEU D 69 -26.11 7.27 1.01
N PRO D 70 -27.20 6.87 1.69
CA PRO D 70 -28.55 6.99 1.13
C PRO D 70 -29.03 8.44 0.93
N ASN D 71 -28.35 9.38 1.56
CA ASN D 71 -28.75 10.79 1.44
C ASN D 71 -27.82 11.63 0.57
N LYS D 72 -27.08 10.99 -0.33
CA LYS D 72 -26.14 11.69 -1.21
C LYS D 72 -26.26 11.20 -2.63
N PRO D 73 -26.13 12.10 -3.63
CA PRO D 73 -26.21 11.62 -5.02
C PRO D 73 -24.85 10.97 -5.27
N VAL D 74 -24.87 9.73 -5.75
CA VAL D 74 -23.64 8.96 -6.02
C VAL D 74 -23.64 8.48 -7.46
N GLU D 75 -22.58 8.72 -8.19
CA GLU D 75 -22.53 8.22 -9.55
C GLU D 75 -21.13 7.95 -10.07
N VAL D 76 -21.06 7.12 -11.10
CA VAL D 76 -19.80 6.72 -11.71
C VAL D 76 -19.40 7.72 -12.78
N ILE D 77 -18.11 8.03 -12.84
CA ILE D 77 -17.58 8.96 -13.83
C ILE D 77 -17.54 8.27 -15.17
N ASP D 78 -17.96 8.97 -16.21
CA ASP D 78 -17.94 8.40 -17.55
C ASP D 78 -16.51 7.95 -17.89
N SER D 79 -16.33 6.69 -18.28
CA SER D 79 -14.99 6.17 -18.58
C SER D 79 -14.18 6.90 -19.65
N LEU D 80 -14.87 7.44 -20.65
CA LEU D 80 -14.19 8.17 -21.73
C LEU D 80 -13.73 9.53 -21.23
N LEU D 81 -14.58 10.18 -20.45
CA LEU D 81 -14.26 11.49 -19.90
C LEU D 81 -13.10 11.33 -18.94
N TYR D 82 -13.10 10.21 -18.22
CA TYR D 82 -12.04 9.90 -17.25
C TYR D 82 -10.71 9.58 -17.95
N GLY D 83 -10.75 8.68 -18.92
CA GLY D 83 -9.54 8.32 -19.64
C GLY D 83 -8.87 9.50 -20.31
N LYS D 84 -9.68 10.37 -20.87
CA LYS D 84 -9.22 11.56 -21.59
C LYS D 84 -8.79 12.70 -20.65
N VAL D 85 -9.07 12.52 -19.35
CA VAL D 85 -8.77 13.52 -18.31
C VAL D 85 -9.47 14.86 -18.61
N ASP D 86 -10.76 14.77 -18.94
CA ASP D 86 -11.57 15.95 -19.28
C ASP D 86 -12.09 16.63 -18.03
N GLY D 87 -11.29 17.56 -17.51
CA GLY D 87 -11.64 18.31 -16.31
C GLY D 87 -12.94 19.07 -16.45
N LEU D 88 -13.16 19.73 -17.60
CA LEU D 88 -14.39 20.49 -17.80
C LEU D 88 -15.63 19.58 -17.87
N GLY D 89 -15.50 18.50 -18.64
CA GLY D 89 -16.59 17.56 -18.81
C GLY D 89 -17.07 16.91 -17.53
N VAL D 90 -16.12 16.49 -16.69
CA VAL D 90 -16.48 15.84 -15.42
C VAL D 90 -17.04 16.88 -14.45
N LEU D 91 -16.47 18.08 -14.49
CA LEU D 91 -16.97 19.15 -13.63
C LEU D 91 -18.46 19.39 -14.00
N LYS D 92 -18.76 19.42 -15.30
CA LYS D 92 -20.15 19.61 -15.75
C LYS D 92 -21.09 18.52 -15.24
N ALA D 93 -20.64 17.27 -15.30
CA ALA D 93 -21.47 16.14 -14.85
C ALA D 93 -21.76 16.21 -13.35
N ALA D 94 -20.78 16.72 -12.60
CA ALA D 94 -20.90 16.82 -11.15
C ALA D 94 -21.90 17.90 -10.75
N VAL D 95 -21.80 19.06 -11.40
CA VAL D 95 -22.72 20.17 -11.13
C VAL D 95 -24.13 19.69 -11.49
N ALA D 96 -24.25 18.98 -12.61
CA ALA D 96 -25.54 18.45 -13.04
C ALA D 96 -26.13 17.51 -11.99
N ALA D 97 -25.33 16.57 -11.49
CA ALA D 97 -25.85 15.64 -10.49
C ALA D 97 -26.36 16.40 -9.26
N ILE D 98 -25.70 17.51 -8.93
CA ILE D 98 -26.12 18.32 -7.78
C ILE D 98 -27.46 19.01 -8.03
N LYS D 99 -27.63 19.58 -9.24
CA LYS D 99 -28.87 20.26 -9.62
C LYS D 99 -30.01 19.26 -9.71
N LYS D 100 -29.80 18.19 -10.45
CA LYS D 100 -30.83 17.18 -10.59
C LYS D 100 -31.20 16.60 -9.22
N ALA D 101 -30.34 16.79 -8.23
CA ALA D 101 -30.58 16.28 -6.88
C ALA D 101 -31.37 17.24 -6.00
N ALA D 102 -31.14 18.54 -6.18
CA ALA D 102 -31.83 19.57 -5.43
C ALA D 102 -33.22 19.88 -6.02
N ALA D 103 -33.60 19.13 -7.06
CA ALA D 103 -34.88 19.29 -7.72
C ALA D 103 -35.05 18.26 -8.85
P PO3 E . -4.78 5.44 -7.21
O1 PO3 E . -4.16 6.24 -6.07
O2 PO3 E . -5.26 4.02 -6.97
O3 PO3 E . -4.75 5.99 -8.62
#